data_8FJK
#
_entry.id   8FJK
#
loop_
_entity.id
_entity.type
_entity.pdbx_description
1 polymer 'RNA-directed RNA polymerase VP2'
2 polymer 'Microtubule-associated protein VP5'
3 polymer 'Major inner capsid protein VP3'
4 polymer 'Major inner capsid protein VP3'
5 polymer 'Clamp protein VP6'
6 polymer 'Outer capsid protein VP1'
7 polymer 'RNA (52-MER)'
8 polymer 'RNA (60-MER)'
9 polymer 'RNA (40-MER)'
10 polymer 'RNA (18-MER)'
11 polymer 'RNA (38-MER)'
12 polymer 'RNA (30-MER)'
13 non-polymer 'ZINC ION'
#
loop_
_entity_poly.entity_id
_entity_poly.type
_entity_poly.pdbx_seq_one_letter_code
_entity_poly.pdbx_strand_id
1 'polypeptide(L)'
;EELFNALPQPLQQLSLALAGEIPLTDHIFEQAASTWHVQPRSLTYKLLDHIPFSTPVVVPPSIYHSLDWSKCFAVNQDRV
ERVPTIDDPDDVYVPNSDIGPLLTSLHTIPDYGFLHPAIENDATTLRAERARCASTFYKIASSQARQVKLDPIRMLGFLL
LVQARPRVPSGLVTDQPTRRDPTQSPALHAIWQVMQYYKVAGVYYAPALVVPSGAIWWIPPPGKRNVVSVQYLLTDLINL
AILAHMTDMSPTLELTGVLMYLRAASSHSHAYTLLQMKSVFPALSLRSMYRNKGFGGKAPAIEWTEPRSKYKFRWTGVTQ
LHDGLRPRSPSMDVPTLEVLTKYELVDIGHIIIRERNAHPRHNHDSVRFVRDVMALTSGMYLVRQPTMSVLREYSQVPDI
KDPIPPSAWTGPIGNVRYLLPSVQGPARHLYDTWRAAARQIAQDPQWHDPLNQAIMRAQYVTARGGSSASLKFALKVTGI
VLPEYDDSKVKKSSKIYQAAQIARIAFMLLIAAIHAEVTMGIRNQVQRRARSIMPLNVIQQAISAPHTLVANYINKHMNL
STTSGSVVTDKVIPLILYASTPPNTVVNVDIKACDASITYNYFLSVICGAMHEGFEVGNADAAFMGVPSTIVSDRRSSVA
PYSRPISGLQTMVQHLADLYAAGFRYSVSDAFSSGNKFSFPTSTFPSGSTATSTEHTANNSTMMEYFLNVHAPSHVKSAS
LKRILTDMTIQRNYVCQGDDGILLLPHEAASKISADDMNELLTCLRDYGQLFGWNYDIDWSDTAEYLKLYALMGCRIPNT
SRHPPVGKEYAAPQTDEIWPSLIDIVIGHHLNGVTDVLNWREWLRFSWAFACYSSRGGYTNPKGQSFSAQYPWWTFVYLG
IPPILLPGQTPFIHSCYMPPGDQGMFSILNGWRDWLISHASTTLPPLRHNHPVWGLSDVPSLLSQFGVYAGYHAAQHYRR
PKPAPETASSDSINQITSDLTEYLFYDSALKARVMKGRYNWERLSSSLSLNVGSRVPSLFDVPGKWVAAGRDAEKPPPSS
VEDMFTSLNRCIRRPTHSFSRLLELYLRVHVTLGESIPLAIDPDVPQVAGADPANDDHWFKYTCLGDIPSATRNYFGESL
FVGRVVSGLDVEAVDATLLRLKILGAPPEAFIAVLNGIGMSDSEAHQIAGRISLANAQLVQIARVVHLSIPSSWMTLNTG
PYIHHHAYDFKPGITQPSAKSRDKSIWMSPILKLLCTSYAMTVAGPVRTSIVTEIDGSAAALSGNLRVWMRDV
;
A
2 'polypeptide(L)'
;MITIVVIPTAHFSWTDTNFLNSVDYRLTSQPKIRDRFAVYAPGWLRRQLDEFSASLTASELLQALQTIPIPVKARCLLLP
KPKRFAQWLLDVPSANIWHIPVTTLRATVASKHPSSDVYNYIPDHVPPSAEFDTVTRRVAAGRDIYVRSTKVLGAPLCLA
APAKYYAGYLSTHQLDGVYPDNWAPDNFHKREFCLTILPSLLGPRTFLLDVDADRDASYPLSVLWPQLRVLALKSRLLLP
PVALLRRVVDPGLKPTWSADSDAAFRALRLSRPSSASKPTGFDFSALPVVDIICLFESEPDDHGRVAPGTRLTIHSVPTD
LLTSLSIQEGVRYPLRQESGMFVPWVLLALLMSDDVTISGTRRSVKLETAHASARPFVHITVERCASARVVDVRGSPAMY
ANAVCLTLPKGSYKSTIIDTLPAMFSDLSILEQAAVIDSDALGDSLRPSFETQFLERLENLDPKLLDRAVASILSPASDT
SDDAVTTVLDVFNALYREVMTPAQRSRLPLLTQQGRVLAFAHSDYELLSANIPIQVVRGSIPIDHVVNLLARRNRVGGTA
LQVLLDYCYRTQASPLAPTPAGRLYKQLFGPWLMVPRLSDPLIKLRLVASAPAKVLRAAGWTIDGDPPLEVSCLCAYVTD
RAMAAALIERRLDSRALVNVGGDQLMFVEYAPPLPLVSIPRTFLLPVTYVVHWVSPQRVLLNGGNVSFTSGLEWTFDD
;
B
3 'polypeptide(L)'
;DIITRPTSDSIAAVANATKPAAVVSDPQSMKVTPIVNPSSYVCNVCNARFSTMSALSEHLRSDHRDDASTLLATPMINNA
IRSFLTAWDGIRILSPDVSSKHLSAYLDSAVANGPELIVEDTGLCTSFMLLDNIPSAHLTKELIGFTWFMQMYQMTPPLP
EGAVNRIVCMTNWASLGDEGRGLEVRLPPPTDSSVHAYKTVLSRGYIDNAQFNPLALRSNVLLMLLQFTLSNLKINKSST
FTSDVTTITSGRMIRAFEGRPELLALAYPGRAVLPTQTKNAQFLSTAIADRIGRLDRANLIGGEVSAMVECMELCDALTL
HIRETYVMLLRSMHQDPTQIVQIVNECANNLLNSTIPISLRPTILCPWFASSEDLRLQQVMHLVNISSNTAAALPLVEAL
STLLRSVTPLVLDPTVLTNAITTISESTTQTISPISEILRLLQPMGNDYAAFWKCIASWAYNGLVTTVLSEDAFPDSSQS
ITHLPSMWKCLFLTLAGPMTSDPHSPVKVFMALANLLAQPEPIAIGVPGMHQTTPASQFSHPGVWPPGFLNPQLINPQQA
PLLRAFAEHIRANWPQPSEFGYGSTLQGSANLFIPPNRMVYPWPNQPLPRLTVAPTYDSAMSNWISTTIAFFIRVVNSVN
MTATVNDLTRRTMTGVMTAMRQVKTMTPFYIQHMCPTELSVLASVTVTPPFQVPFTRLVQNDVITNVLVARVDPAQRGDA
AVDIRATHATFAAALPVDPAAIVVAMLCGQTETNLIPSHHYGKAFAPLFASNAMFTRNQRAVITREAFVCARSAVAQCQD
AGFLVPRPLDALRQFDVTSAAAAEIMHAVNDAFKTAFDLDGALLDGLALYGDPRIADLSAAYLQYGGNVVREHVPPGPSH
IHRTLQQVESTFMAEMNLFNVARGNLYLVQTATNGNWSPMAPVAAPPFVRGGPNVRVVGRFGTIVPRPDGLEPQLIDDGN
VPRDIAGDWVYPSDVLQVSVAVFCDYVWPMVKAGRTRVLVELGHYVYTLHYYDPQISLDEAPILEEWLSKINPAGIPPVP
FCIPIPQVYPCITARRVHYAFTSENNNDSLFSTNAASIDTAFGENAAVSPLRWPGLVDPNYRVGTNDLPNRITLYNSLYR
YNFTYPTLDGIMYVRSAT
;
C,D,E,F,G,H,I,J,K,L
4 'polypeptide(L)'
;TASPADTNVVPAKDAPTTNSPPSTTSPNQAAADANQQQAGIVSSQSGPNAVGDSAPSTSVNNDGDIITRPTSDSIAAVAN
ATKPAAVVSDPQSM
;
M,N,k,l,m
5 'polypeptide(L)'
;AQRQFFGLTYNFYGQPAPLFDLNDLQELAGCYARPWTSRFSHLAISTGSLPVWSARYPSVASRNIIVNTLLGAHLNPFAG
GQVTSHQGITWRDPVLSSLAPVPAIQPPPVWAVAENVPLDSNNYPTYVLNLSSMWPINQDVHIMTMWALSDQGPIYHLEV
PVDPMPAATTAALMAYIGVPIAHLAQTAYRFAGQLPQSPDSTMVSTIRWLSAIWFGSLTGRLNRSRTCNGFYFEFAKPAL
NPDQAVLKWNDGARAAPPAAAQSSYMRCISPHWQHQIVEVAGALMSQSVTAVTGLPALIDEATLPAWSQGVANLTGNGQG
VVPCLDYNPVPMAAARHLQWRQDGLITAAQEAQLNNDYTAYALTIERHLTAMLVANPIAAGRMPIQPFNAADFGQAGQTA
AAVALAQAMFV
;
V,W,X,a,b,d,e,g,h,n
6 'polypeptide(L)'
;AAVFGIQLVPKLNTSTTRRTFLPLRFDLLLDRLQSTNLHGVLYRALDFNPVDRSATVIQTYPPLNAWSPHPAFIENPLDY
RDWTEFIHDRALAFVGVLTQRYPLTQNAQRYTNPLVLGAAFGDFLNARSIDIFLDRLFYGPTQESPITSITKFPYQWTID
FNVTADSVRTPAGCKYITLYGYDPSRPSTPATYGKHRPTYATVFYYSTLPARSRLLANLAAGPTVLEHFDSPTYGPHLLL
PQTGDVLGYSSSLISQAALLMVESVMDALRDNANASASTAVTRLDQSYHPVTSFDPSTFNTLLQRATNLALLAVQGVQSE
SAIPAIPTMSDVRSFVARLMAEGDPQQWFPYRVDQILYWPESPFVPPIGPFYAPFRPVNFPFTTGSYTVVPDASRPLRLL
PQYRNATITVQQADDAYEDTALSPLITTHGFCVTGGVSTSIYDISGDPTAYPPAQLVDTPNDYFDRERMARRDLFRRLRA
PADRSAIKDRAVFDFLASLVNPTTANPVLDTSFSMAYLGASSAHANADEPVILADIRSGSIPGLPIPRRIVQFGYDVVHG
SLLDLSRAVPTGTFGLVYADLDQVEDAGTDMPAANRAAIAMLGTALQMTTAGGVSVLKVNFPTRAFWTQVFNLYATHATT
LHLVKPTIVNSSEVFLVFGGRQSNGALRSTTALQRALLSLYARNAAIDRAVTHIPFFGVPDDGTSDLGIDAVRLFDPMFS
DAVANLPSNALASLVSRVVPSSIMFTRVPSNGPVSTTIYGKRTFLSNRRRARLRDVPMLITTTLVHQRRFTTPPTFTLFS
SEAVPVTTLVAAGYNSFISEQTRNPNLAHLLDLGTGPECRILSLIPPTLQVTMSDARPCAELMASFDPALTAYVQGDYST
AAFWNGIRCDSATAIFTLGAAAAAAGTDLIAFVQQLIPRIVAAGGTRMWLQLNTPLYEVSSLPDLIDIDLRDRVYRFNGG
ERVEPYADPVPLQQAIAALLPAAALSWHTLSPTCDWLPYIIGVGSPLNLSDINTAISYSRLTPILHIDTTTPPLRVNPVP
TPLNQQCAIRITSLDPAAVLSVQHNGVEVIGGTPGNVISVAGAAALQYILANQEFLLQFTPTLPGIFDVFLTTLGQPPVP
RGSFTITPPPTTVVLNMPPPGQLDFTDVGNDARITCDPYYQLAVCIFKDGQYVRVNPEKASVVTNAPNRDLHFVLDLADN
HVLLYLCDVTPSGLGDRIAFPIVDIYRIAFPRNTPVRASLPYTGGGAHLTSGGNPFMSLTTPPAVLPAGVALAALSTSVA
TQYPTYTLPAGVYEYVI
;
Y,Z,c,f,i
7 'polyribonucleotide' UAUAUAUAUAUAUAUAUAUAUAUAUAUAUAUAUAUAUAUAUAUAUAUAUAUA a1,b1
8 'polyribonucleotide' UAUAUAUAUAUAUAUAUAUAUAUAUAUAUAUAUAUAUAUAUAUAUAUAUAUAUAUAUAUA a2,b2
9 'polyribonucleotide' UAUAUAUAUAUAUAUAUAUAUAUAUAUAUAUAUAUAUAUA a3,b3
10 'polyribonucleotide' UAUAUAUAUAUAUAUAUA a4,b4
11 'polyribonucleotide' UAUAUAUAUAUAUAUAUAUAUAUAUAUAUAUAUAUAUA a5,b5
12 'polyribonucleotide' UAUAUAUAUAUAUAUAUAUAUAUAUAUAUA a6,b6
#
# COMPACT_ATOMS: atom_id res chain seq x y z
N GLU A 1 -50.97 -15.50 -60.33
CA GLU A 1 -50.84 -14.14 -60.81
C GLU A 1 -50.28 -14.12 -62.23
N GLU A 2 -51.16 -13.89 -63.19
CA GLU A 2 -50.75 -13.93 -64.59
C GLU A 2 -49.68 -12.90 -64.89
N LEU A 3 -49.63 -11.81 -64.11
CA LEU A 3 -48.58 -10.82 -64.30
C LEU A 3 -47.22 -11.46 -64.14
N PHE A 4 -47.06 -12.29 -63.11
CA PHE A 4 -45.80 -13.00 -62.92
C PHE A 4 -45.45 -13.80 -64.17
N ASN A 5 -46.45 -14.39 -64.83
CA ASN A 5 -46.20 -15.09 -66.06
C ASN A 5 -45.78 -14.14 -67.17
N ALA A 6 -46.28 -12.90 -67.14
CA ALA A 6 -45.94 -11.96 -68.19
C ALA A 6 -44.47 -11.55 -68.15
N LEU A 7 -43.86 -11.60 -66.98
CA LEU A 7 -42.47 -11.18 -66.87
C LEU A 7 -41.56 -12.12 -67.67
N PRO A 8 -40.49 -11.59 -68.26
CA PRO A 8 -39.51 -12.45 -68.89
C PRO A 8 -38.80 -13.32 -67.85
N GLN A 9 -38.21 -14.40 -68.33
CA GLN A 9 -37.62 -15.40 -67.45
C GLN A 9 -36.63 -14.82 -66.44
N PRO A 10 -35.63 -14.03 -66.84
CA PRO A 10 -34.71 -13.49 -65.83
C PRO A 10 -35.42 -12.66 -64.77
N LEU A 11 -36.39 -11.86 -65.16
CA LEU A 11 -37.09 -11.04 -64.18
C LEU A 11 -37.94 -11.90 -63.26
N GLN A 12 -38.53 -12.96 -63.80
CA GLN A 12 -39.24 -13.91 -62.93
C GLN A 12 -38.31 -14.49 -61.89
N GLN A 13 -37.09 -14.85 -62.30
CA GLN A 13 -36.11 -15.34 -61.35
C GLN A 13 -35.81 -14.29 -60.30
N LEU A 14 -35.59 -13.05 -60.73
CA LEU A 14 -35.28 -11.99 -59.77
C LEU A 14 -36.42 -11.79 -58.79
N SER A 15 -37.65 -11.80 -59.30
CA SER A 15 -38.80 -11.64 -58.41
C SER A 15 -38.84 -12.76 -57.38
N LEU A 16 -38.53 -13.98 -57.80
CA LEU A 16 -38.47 -15.08 -56.85
C LEU A 16 -37.40 -14.84 -55.81
N ALA A 17 -36.23 -14.34 -56.23
CA ALA A 17 -35.18 -14.05 -55.27
C ALA A 17 -35.62 -12.97 -54.30
N LEU A 18 -36.23 -11.90 -54.81
CA LEU A 18 -36.68 -10.84 -53.92
C LEU A 18 -37.77 -11.32 -52.98
N ALA A 19 -38.64 -12.21 -53.43
CA ALA A 19 -39.66 -12.75 -52.56
C ALA A 19 -39.10 -13.65 -51.47
N GLY A 20 -37.81 -13.97 -51.53
CA GLY A 20 -37.21 -14.87 -50.58
C GLY A 20 -37.29 -16.33 -50.95
N GLU A 21 -37.72 -16.64 -52.17
CA GLU A 21 -37.82 -18.04 -52.58
C GLU A 21 -36.46 -18.70 -52.67
N ILE A 22 -35.47 -17.99 -53.20
CA ILE A 22 -34.16 -18.59 -53.48
C ILE A 22 -33.06 -17.62 -53.09
N PRO A 23 -31.90 -18.14 -52.74
CA PRO A 23 -30.75 -17.26 -52.49
C PRO A 23 -30.32 -16.57 -53.76
N LEU A 24 -30.04 -15.28 -53.64
CA LEU A 24 -29.64 -14.51 -54.80
C LEU A 24 -28.24 -14.89 -55.24
N THR A 25 -28.00 -14.79 -56.55
CA THR A 25 -26.70 -15.14 -57.11
C THR A 25 -26.32 -14.16 -58.19
N ASP A 26 -25.02 -14.04 -58.44
CA ASP A 26 -24.52 -13.12 -59.45
C ASP A 26 -25.12 -13.42 -60.82
N HIS A 27 -25.34 -14.70 -61.11
CA HIS A 27 -25.84 -15.09 -62.42
C HIS A 27 -27.15 -14.37 -62.71
N ILE A 28 -28.19 -14.70 -61.94
CA ILE A 28 -29.48 -14.06 -62.15
C ILE A 28 -29.38 -12.56 -61.94
N PHE A 29 -28.44 -12.12 -61.09
CA PHE A 29 -28.26 -10.70 -60.86
C PHE A 29 -27.88 -9.99 -62.16
N GLU A 30 -27.02 -10.62 -62.96
CA GLU A 30 -26.66 -10.02 -64.24
C GLU A 30 -27.80 -10.13 -65.24
N GLN A 31 -28.42 -11.30 -65.34
CA GLN A 31 -29.44 -11.50 -66.36
C GLN A 31 -30.55 -10.47 -66.26
N ALA A 32 -31.00 -10.21 -65.03
CA ALA A 32 -32.02 -9.19 -64.83
C ALA A 32 -31.49 -7.80 -65.21
N ALA A 33 -30.29 -7.47 -64.72
CA ALA A 33 -29.75 -6.15 -64.99
C ALA A 33 -29.55 -5.94 -66.48
N SER A 34 -29.01 -6.95 -67.17
CA SER A 34 -28.74 -6.81 -68.59
C SER A 34 -30.05 -6.61 -69.37
N THR A 35 -31.05 -7.44 -69.11
CA THR A 35 -32.26 -7.39 -69.91
C THR A 35 -33.02 -6.09 -69.71
N TRP A 36 -32.91 -5.47 -68.53
CA TRP A 36 -33.54 -4.19 -68.33
C TRP A 36 -32.92 -3.11 -69.21
N HIS A 37 -31.62 -3.21 -69.46
CA HIS A 37 -30.94 -2.20 -70.25
C HIS A 37 -31.17 -2.35 -71.74
N VAL A 38 -31.82 -3.42 -72.19
CA VAL A 38 -31.99 -3.66 -73.60
C VAL A 38 -33.43 -3.60 -74.06
N GLN A 39 -34.38 -3.75 -73.19
CA GLN A 39 -35.73 -3.73 -73.73
C GLN A 39 -36.33 -2.33 -73.63
N PRO A 40 -37.21 -1.96 -74.55
CA PRO A 40 -37.78 -0.61 -74.52
C PRO A 40 -38.63 -0.40 -73.27
N ARG A 41 -38.61 0.85 -72.78
CA ARG A 41 -39.27 1.15 -71.52
C ARG A 41 -40.78 1.03 -71.60
N SER A 42 -41.35 1.13 -72.80
CA SER A 42 -42.81 1.09 -72.92
C SER A 42 -43.39 -0.23 -72.43
N LEU A 43 -42.58 -1.30 -72.49
CA LEU A 43 -43.09 -2.61 -72.07
C LEU A 43 -43.52 -2.61 -70.62
N THR A 44 -42.91 -1.76 -69.80
CA THR A 44 -43.34 -1.66 -68.40
C THR A 44 -44.80 -1.24 -68.32
N TYR A 45 -45.19 -0.24 -69.12
CA TYR A 45 -46.60 0.11 -69.21
C TYR A 45 -47.41 -1.04 -69.75
N LYS A 46 -46.85 -1.77 -70.72
CA LYS A 46 -47.56 -2.91 -71.30
C LYS A 46 -47.93 -3.92 -70.23
N LEU A 47 -47.14 -4.02 -69.17
CA LEU A 47 -47.43 -4.99 -68.11
C LEU A 47 -48.77 -4.70 -67.44
N LEU A 48 -49.21 -3.44 -67.45
CA LEU A 48 -50.41 -3.07 -66.71
C LEU A 48 -51.66 -3.72 -67.26
N ASP A 49 -51.60 -4.31 -68.45
CA ASP A 49 -52.80 -4.91 -69.03
C ASP A 49 -53.33 -6.04 -68.18
N HIS A 50 -52.47 -6.70 -67.41
CA HIS A 50 -52.83 -7.91 -66.70
C HIS A 50 -53.23 -7.65 -65.25
N ILE A 51 -53.85 -6.50 -64.98
CA ILE A 51 -54.31 -6.20 -63.63
C ILE A 51 -55.81 -5.92 -63.66
N PRO A 52 -56.64 -6.82 -63.17
CA PRO A 52 -58.07 -6.56 -63.13
C PRO A 52 -58.44 -5.55 -62.06
N PHE A 53 -58.30 -4.27 -62.37
CA PHE A 53 -58.58 -3.21 -61.40
C PHE A 53 -60.05 -3.23 -61.00
N SER A 54 -60.30 -2.86 -59.74
CA SER A 54 -61.65 -2.78 -59.21
C SER A 54 -61.80 -1.54 -58.35
N THR A 55 -61.27 -0.41 -58.81
CA THR A 55 -61.33 0.79 -58.00
C THR A 55 -62.21 1.86 -58.64
N PRO A 56 -62.90 2.65 -57.84
CA PRO A 56 -63.81 3.68 -58.38
C PRO A 56 -63.08 4.98 -58.73
N VAL A 57 -62.33 4.94 -59.82
CA VAL A 57 -61.60 6.11 -60.31
C VAL A 57 -61.91 6.29 -61.78
N VAL A 58 -62.19 7.53 -62.19
CA VAL A 58 -62.42 7.86 -63.58
C VAL A 58 -61.50 9.01 -63.95
N VAL A 59 -60.81 8.88 -65.07
CA VAL A 59 -59.91 9.92 -65.53
C VAL A 59 -60.68 10.80 -66.50
N PRO A 60 -61.06 12.01 -66.12
CA PRO A 60 -61.83 12.86 -67.02
C PRO A 60 -61.00 13.21 -68.24
N PRO A 61 -61.64 13.34 -69.40
CA PRO A 61 -60.92 13.81 -70.58
C PRO A 61 -60.50 15.27 -70.48
N SER A 62 -60.83 15.94 -69.38
CA SER A 62 -60.47 17.34 -69.21
C SER A 62 -58.96 17.54 -69.23
N ILE A 63 -58.19 16.49 -69.00
CA ILE A 63 -56.74 16.61 -68.98
C ILE A 63 -56.22 17.08 -70.33
N TYR A 64 -56.73 16.50 -71.40
CA TYR A 64 -56.20 16.78 -72.74
C TYR A 64 -56.84 18.04 -73.32
N HIS A 65 -56.56 19.16 -72.66
CA HIS A 65 -57.09 20.47 -73.07
C HIS A 65 -55.96 21.49 -73.12
N SER A 66 -54.89 21.14 -73.83
CA SER A 66 -53.71 21.98 -73.95
C SER A 66 -54.06 23.43 -74.19
N LEU A 67 -53.59 24.30 -73.30
CA LEU A 67 -53.70 25.73 -73.48
C LEU A 67 -52.50 26.21 -74.30
N ASP A 68 -52.76 27.08 -75.26
CA ASP A 68 -51.70 27.50 -76.17
C ASP A 68 -50.56 28.16 -75.41
N TRP A 69 -49.33 27.73 -75.71
CA TRP A 69 -48.17 28.26 -75.02
C TRP A 69 -47.86 29.68 -75.46
N SER A 70 -48.21 30.04 -76.70
CA SER A 70 -47.80 31.31 -77.26
C SER A 70 -48.29 32.48 -76.41
N LYS A 71 -49.44 32.33 -75.76
CA LYS A 71 -49.96 33.37 -74.90
C LYS A 71 -49.42 33.30 -73.48
N CYS A 72 -48.59 32.30 -73.18
CA CYS A 72 -48.01 32.16 -71.85
C CYS A 72 -46.58 32.68 -71.78
N PHE A 73 -46.11 33.38 -72.80
CA PHE A 73 -44.76 33.89 -72.78
C PHE A 73 -44.70 35.18 -73.59
N ALA A 74 -43.80 36.07 -73.17
CA ALA A 74 -43.57 37.32 -73.88
C ALA A 74 -42.22 37.85 -73.46
N VAL A 75 -41.68 38.77 -74.26
CA VAL A 75 -40.40 39.40 -73.98
C VAL A 75 -40.61 40.91 -73.94
N ASN A 76 -40.13 41.53 -72.87
CA ASN A 76 -40.14 42.98 -72.75
C ASN A 76 -38.88 43.39 -72.02
N GLN A 77 -38.33 44.54 -72.40
CA GLN A 77 -37.03 44.98 -71.93
C GLN A 77 -35.97 43.91 -72.20
N ASP A 78 -36.17 43.17 -73.28
CA ASP A 78 -35.28 42.09 -73.71
C ASP A 78 -35.05 41.08 -72.57
N ARG A 79 -36.16 40.53 -72.08
CA ARG A 79 -36.11 39.39 -71.19
C ARG A 79 -37.41 38.61 -71.34
N VAL A 80 -37.29 37.29 -71.39
CA VAL A 80 -38.44 36.43 -71.62
C VAL A 80 -39.14 36.20 -70.28
N GLU A 81 -40.32 36.78 -70.12
CA GLU A 81 -41.08 36.63 -68.89
C GLU A 81 -42.16 35.57 -69.08
N ARG A 82 -43.01 35.41 -68.06
CA ARG A 82 -44.00 34.35 -68.04
C ARG A 82 -45.43 34.84 -68.25
N VAL A 83 -45.69 36.13 -68.07
CA VAL A 83 -47.00 36.76 -68.33
C VAL A 83 -48.13 35.88 -67.80
N PRO A 84 -48.36 35.87 -66.50
CA PRO A 84 -49.32 34.91 -65.93
C PRO A 84 -50.71 35.06 -66.53
N THR A 85 -51.39 33.92 -66.65
CA THR A 85 -52.74 33.92 -67.22
C THR A 85 -53.72 34.57 -66.27
N ILE A 86 -53.86 34.02 -65.07
CA ILE A 86 -54.74 34.62 -64.08
C ILE A 86 -54.18 35.96 -63.61
N ASP A 87 -55.05 36.77 -63.02
CA ASP A 87 -54.64 38.06 -62.51
C ASP A 87 -53.64 37.94 -61.37
N ASP A 88 -53.51 36.76 -60.79
CA ASP A 88 -52.51 36.55 -59.75
C ASP A 88 -51.11 36.66 -60.32
N PRO A 89 -50.30 37.59 -59.78
CA PRO A 89 -48.95 37.77 -60.33
C PRO A 89 -48.00 36.63 -60.01
N ASP A 90 -48.43 35.61 -59.28
CA ASP A 90 -47.56 34.50 -58.92
C ASP A 90 -47.69 33.31 -59.85
N ASP A 91 -48.61 33.35 -60.82
CA ASP A 91 -48.74 32.24 -61.75
C ASP A 91 -47.59 32.27 -62.75
N VAL A 92 -46.39 31.99 -62.27
CA VAL A 92 -45.20 32.10 -63.10
C VAL A 92 -44.60 30.73 -63.39
N TYR A 93 -45.38 29.67 -63.27
CA TYR A 93 -44.86 28.33 -63.42
C TYR A 93 -45.17 27.78 -64.81
N VAL A 94 -44.77 26.54 -65.04
CA VAL A 94 -44.95 25.93 -66.36
C VAL A 94 -46.42 25.81 -66.68
N PRO A 95 -46.88 26.26 -67.83
CA PRO A 95 -48.30 26.15 -68.18
C PRO A 95 -48.63 24.74 -68.64
N ASN A 96 -49.89 24.54 -68.99
CA ASN A 96 -50.37 23.27 -69.54
C ASN A 96 -50.56 23.47 -71.04
N SER A 97 -49.56 23.05 -71.81
CA SER A 97 -49.57 23.26 -73.25
C SER A 97 -49.16 21.99 -73.97
N ASP A 98 -49.53 21.91 -75.24
CA ASP A 98 -49.12 20.81 -76.10
C ASP A 98 -47.78 21.15 -76.73
N ILE A 99 -46.75 20.38 -76.35
CA ILE A 99 -45.41 20.65 -76.84
C ILE A 99 -45.24 20.25 -78.29
N GLY A 100 -46.11 19.39 -78.81
CA GLY A 100 -45.96 18.78 -80.11
C GLY A 100 -45.41 19.63 -81.23
N PRO A 101 -46.04 20.77 -81.52
CA PRO A 101 -45.65 21.54 -82.73
C PRO A 101 -44.19 21.95 -82.77
N LEU A 102 -43.46 21.84 -81.66
CA LEU A 102 -42.07 22.29 -81.60
C LEU A 102 -41.09 21.14 -81.76
N LEU A 103 -41.50 20.04 -82.37
CA LEU A 103 -40.72 18.81 -82.37
C LEU A 103 -40.29 18.44 -83.78
N THR A 104 -39.05 17.96 -83.89
CA THR A 104 -38.55 17.26 -85.06
C THR A 104 -38.55 15.76 -84.75
N SER A 105 -37.92 14.97 -85.60
CA SER A 105 -37.79 13.54 -85.37
C SER A 105 -36.32 13.16 -85.24
N LEU A 106 -36.04 12.20 -84.38
CA LEU A 106 -34.68 11.72 -84.21
C LEU A 106 -34.34 10.65 -85.24
N HIS A 107 -33.07 10.61 -85.62
CA HIS A 107 -32.61 9.57 -86.53
C HIS A 107 -32.45 8.23 -85.82
N THR A 108 -32.08 8.24 -84.55
CA THR A 108 -31.94 6.99 -83.82
C THR A 108 -33.29 6.37 -83.51
N ILE A 109 -34.14 7.11 -82.80
CA ILE A 109 -35.49 6.66 -82.55
C ILE A 109 -36.45 7.59 -83.29
N PRO A 110 -36.97 7.17 -84.44
CA PRO A 110 -37.79 8.09 -85.26
C PRO A 110 -39.08 8.51 -84.58
N ASP A 111 -39.56 7.75 -83.59
CA ASP A 111 -40.87 8.06 -83.03
C ASP A 111 -40.82 9.29 -82.14
N TYR A 112 -39.77 9.44 -81.35
CA TYR A 112 -39.67 10.57 -80.45
C TYR A 112 -38.92 11.72 -81.12
N GLY A 113 -39.05 12.90 -80.52
CA GLY A 113 -38.54 14.11 -81.14
C GLY A 113 -37.87 15.03 -80.14
N PHE A 114 -37.22 16.06 -80.69
CA PHE A 114 -36.61 17.11 -79.91
C PHE A 114 -36.88 18.43 -80.62
N LEU A 115 -36.31 19.50 -80.08
CA LEU A 115 -36.60 20.84 -80.58
C LEU A 115 -36.08 21.02 -82.01
N HIS A 116 -36.76 21.88 -82.77
CA HIS A 116 -36.32 22.18 -84.11
C HIS A 116 -34.96 22.87 -84.07
N PRO A 117 -33.99 22.41 -84.87
CA PRO A 117 -32.74 23.17 -84.97
C PRO A 117 -32.96 24.56 -85.52
N ALA A 118 -33.97 24.74 -86.36
CA ALA A 118 -34.28 26.07 -86.88
C ALA A 118 -34.65 27.03 -85.76
N ILE A 119 -35.48 26.57 -84.83
CA ILE A 119 -35.97 27.45 -83.77
C ILE A 119 -34.81 27.93 -82.91
N GLU A 120 -33.98 27.01 -82.44
CA GLU A 120 -32.88 27.39 -81.56
C GLU A 120 -31.88 28.27 -82.29
N ASN A 121 -31.66 28.01 -83.58
CA ASN A 121 -30.74 28.85 -84.34
C ASN A 121 -31.25 30.28 -84.42
N ASP A 122 -32.52 30.45 -84.78
CA ASP A 122 -33.07 31.79 -84.91
C ASP A 122 -33.08 32.52 -83.57
N ALA A 123 -33.45 31.81 -82.50
CA ALA A 123 -33.41 32.41 -81.17
C ALA A 123 -31.97 32.81 -80.82
N THR A 124 -31.01 31.98 -81.19
CA THR A 124 -29.61 32.31 -80.91
C THR A 124 -29.12 33.44 -81.80
N THR A 125 -29.27 33.28 -83.11
CA THR A 125 -28.67 34.23 -84.04
C THR A 125 -29.53 35.48 -84.21
N LEU A 126 -30.78 35.28 -84.61
CA LEU A 126 -31.66 36.42 -84.88
C LEU A 126 -32.26 37.00 -83.62
N ARG A 127 -32.18 36.30 -82.49
CA ARG A 127 -32.85 36.72 -81.26
C ARG A 127 -34.34 36.94 -81.50
N ALA A 128 -34.91 36.14 -82.40
CA ALA A 128 -36.32 36.26 -82.73
C ALA A 128 -37.17 35.95 -81.51
N GLU A 129 -38.20 36.79 -81.28
CA GLU A 129 -38.99 36.67 -80.08
C GLU A 129 -39.65 35.31 -79.97
N ARG A 130 -40.49 34.97 -80.94
CA ARG A 130 -41.23 33.71 -80.86
C ARG A 130 -40.28 32.53 -80.79
N ALA A 131 -39.15 32.61 -81.49
CA ALA A 131 -38.13 31.57 -81.38
C ALA A 131 -37.62 31.47 -79.95
N ARG A 132 -37.31 32.60 -79.33
CA ARG A 132 -36.82 32.59 -77.97
C ARG A 132 -37.88 32.07 -77.01
N CYS A 133 -39.12 32.54 -77.17
CA CYS A 133 -40.19 32.10 -76.27
C CYS A 133 -40.38 30.60 -76.37
N ALA A 134 -40.40 30.07 -77.59
CA ALA A 134 -40.52 28.63 -77.76
C ALA A 134 -39.36 27.91 -77.11
N SER A 135 -38.14 28.40 -77.32
CA SER A 135 -36.97 27.77 -76.74
C SER A 135 -37.06 27.75 -75.23
N THR A 136 -37.36 28.89 -74.62
CA THR A 136 -37.46 28.97 -73.17
C THR A 136 -38.51 28.00 -72.65
N PHE A 137 -39.67 27.97 -73.31
CA PHE A 137 -40.73 27.06 -72.90
C PHE A 137 -40.27 25.61 -73.01
N TYR A 138 -39.61 25.27 -74.11
CA TYR A 138 -39.14 23.90 -74.28
C TYR A 138 -38.12 23.53 -73.20
N LYS A 139 -37.18 24.44 -72.93
CA LYS A 139 -36.13 24.14 -71.98
C LYS A 139 -36.70 23.86 -70.59
N ILE A 140 -37.54 24.75 -70.10
CA ILE A 140 -38.05 24.59 -68.73
C ILE A 140 -38.98 23.38 -68.66
N ALA A 141 -39.81 23.17 -69.67
CA ALA A 141 -40.70 22.02 -69.66
C ALA A 141 -39.90 20.73 -69.60
N SER A 142 -38.83 20.66 -70.38
CA SER A 142 -37.96 19.50 -70.29
C SER A 142 -37.32 19.39 -68.91
N SER A 143 -36.87 20.52 -68.36
CA SER A 143 -36.21 20.49 -67.06
C SER A 143 -37.13 19.98 -65.98
N GLN A 144 -38.39 20.42 -65.99
CA GLN A 144 -39.32 19.97 -64.97
C GLN A 144 -39.48 18.46 -65.00
N ALA A 145 -39.51 17.88 -66.20
CA ALA A 145 -39.59 16.44 -66.30
C ALA A 145 -38.33 15.76 -65.81
N ARG A 146 -37.21 16.46 -65.82
CA ARG A 146 -35.93 15.84 -65.48
C ARG A 146 -35.71 15.72 -63.99
N GLN A 147 -36.59 16.27 -63.17
CA GLN A 147 -36.37 16.33 -61.72
C GLN A 147 -36.64 14.99 -61.06
N VAL A 148 -35.93 13.97 -61.53
CA VAL A 148 -36.06 12.62 -61.00
C VAL A 148 -34.69 11.98 -60.93
N LYS A 149 -34.50 11.13 -59.92
CA LYS A 149 -33.20 10.46 -59.78
C LYS A 149 -32.93 9.52 -60.95
N LEU A 150 -33.97 8.93 -61.52
CA LEU A 150 -33.85 8.21 -62.79
C LEU A 150 -35.24 8.16 -63.41
N ASP A 151 -35.34 7.49 -64.54
CA ASP A 151 -36.58 7.49 -65.30
C ASP A 151 -37.70 6.88 -64.46
N PRO A 152 -38.85 7.54 -64.36
CA PRO A 152 -39.93 7.01 -63.51
C PRO A 152 -40.40 5.63 -63.92
N ILE A 153 -40.35 5.32 -65.21
CA ILE A 153 -40.82 4.01 -65.67
C ILE A 153 -40.04 2.90 -64.99
N ARG A 154 -38.73 3.09 -64.85
CA ARG A 154 -37.90 2.09 -64.17
C ARG A 154 -38.40 1.85 -62.75
N MET A 155 -38.71 2.93 -62.03
CA MET A 155 -39.25 2.78 -60.68
C MET A 155 -40.55 2.01 -60.70
N LEU A 156 -41.43 2.33 -61.66
CA LEU A 156 -42.67 1.58 -61.79
C LEU A 156 -42.39 0.10 -62.03
N GLY A 157 -41.41 -0.18 -62.89
CA GLY A 157 -41.01 -1.57 -63.11
C GLY A 157 -40.56 -2.22 -61.82
N PHE A 158 -39.83 -1.49 -60.99
CA PHE A 158 -39.41 -2.04 -59.71
C PHE A 158 -40.63 -2.40 -58.86
N LEU A 159 -41.59 -1.48 -58.77
CA LEU A 159 -42.76 -1.72 -57.93
C LEU A 159 -43.53 -2.93 -58.38
N LEU A 160 -43.74 -3.07 -59.70
CA LEU A 160 -44.45 -4.23 -60.20
C LEU A 160 -43.69 -5.50 -59.89
N LEU A 161 -42.36 -5.47 -60.04
CA LEU A 161 -41.57 -6.68 -59.85
C LEU A 161 -41.69 -7.18 -58.41
N VAL A 162 -41.55 -6.29 -57.43
CA VAL A 162 -41.63 -6.71 -56.05
C VAL A 162 -43.06 -7.11 -55.70
N GLN A 163 -44.04 -6.39 -56.24
CA GLN A 163 -45.43 -6.66 -55.91
C GLN A 163 -46.01 -7.80 -56.73
N ALA A 164 -45.21 -8.43 -57.59
CA ALA A 164 -45.71 -9.52 -58.40
C ALA A 164 -45.90 -10.80 -57.62
N ARG A 165 -45.30 -10.93 -56.45
CA ARG A 165 -45.38 -12.18 -55.72
C ARG A 165 -45.26 -11.92 -54.22
N PRO A 166 -46.13 -12.51 -53.41
CA PRO A 166 -46.04 -12.28 -51.96
C PRO A 166 -44.76 -12.86 -51.39
N ARG A 167 -44.18 -12.12 -50.45
CA ARG A 167 -42.94 -12.57 -49.82
C ARG A 167 -43.20 -13.77 -48.93
N VAL A 168 -42.22 -14.66 -48.85
CA VAL A 168 -42.37 -15.84 -48.00
C VAL A 168 -42.31 -15.41 -46.54
N PRO A 169 -43.11 -15.99 -45.66
CA PRO A 169 -43.03 -15.63 -44.24
C PRO A 169 -41.74 -16.14 -43.63
N SER A 170 -41.20 -15.35 -42.70
CA SER A 170 -40.13 -15.83 -41.86
C SER A 170 -40.72 -16.62 -40.70
N GLY A 171 -39.86 -17.15 -39.84
CA GLY A 171 -40.36 -17.84 -38.68
C GLY A 171 -40.78 -16.96 -37.53
N LEU A 172 -40.65 -15.65 -37.67
CA LEU A 172 -40.90 -14.74 -36.57
C LEU A 172 -42.39 -14.61 -36.30
N VAL A 173 -42.73 -14.59 -35.00
CA VAL A 173 -44.12 -14.51 -34.60
C VAL A 173 -44.75 -13.15 -34.88
N THR A 174 -43.95 -12.14 -35.20
CA THR A 174 -44.46 -10.81 -35.49
C THR A 174 -44.44 -10.48 -36.97
N ASP A 175 -44.12 -11.44 -37.82
CA ASP A 175 -43.98 -11.19 -39.25
C ASP A 175 -45.36 -11.22 -39.90
N GLN A 176 -46.07 -10.11 -39.78
CA GLN A 176 -47.39 -10.02 -40.38
C GLN A 176 -47.26 -9.90 -41.90
N PRO A 177 -47.95 -10.71 -42.67
CA PRO A 177 -47.97 -10.52 -44.12
C PRO A 177 -48.70 -9.23 -44.48
N THR A 178 -48.40 -8.72 -45.67
CA THR A 178 -48.97 -7.47 -46.11
C THR A 178 -50.49 -7.55 -46.15
N ARG A 179 -51.14 -6.52 -45.60
CA ARG A 179 -52.59 -6.44 -45.65
C ARG A 179 -53.06 -5.86 -46.97
N ARG A 180 -52.33 -4.90 -47.52
CA ARG A 180 -52.71 -4.30 -48.78
C ARG A 180 -52.38 -5.24 -49.93
N ASP A 181 -53.12 -5.10 -51.01
CA ASP A 181 -52.96 -5.94 -52.18
C ASP A 181 -53.18 -5.11 -53.44
N PRO A 182 -52.62 -5.52 -54.57
CA PRO A 182 -52.92 -4.84 -55.83
C PRO A 182 -54.37 -5.03 -56.23
N THR A 183 -54.75 -4.50 -57.38
CA THR A 183 -56.12 -4.46 -57.88
C THR A 183 -57.02 -3.61 -57.01
N GLN A 184 -56.48 -3.03 -55.93
CA GLN A 184 -57.22 -2.14 -55.07
C GLN A 184 -56.60 -0.76 -54.99
N SER A 185 -55.45 -0.55 -55.62
CA SER A 185 -54.77 0.74 -55.55
C SER A 185 -55.32 1.68 -56.61
N PRO A 186 -55.96 2.78 -56.21
CA PRO A 186 -56.45 3.73 -57.21
C PRO A 186 -55.36 4.28 -58.09
N ALA A 187 -54.13 4.42 -57.56
CA ALA A 187 -53.07 5.02 -58.36
C ALA A 187 -52.79 4.21 -59.61
N LEU A 188 -52.58 2.91 -59.46
CA LEU A 188 -52.26 2.08 -60.61
C LEU A 188 -53.39 2.08 -61.62
N HIS A 189 -54.63 1.98 -61.15
CA HIS A 189 -55.77 2.03 -62.05
C HIS A 189 -55.81 3.37 -62.77
N ALA A 190 -55.53 4.46 -62.06
CA ALA A 190 -55.49 5.77 -62.68
C ALA A 190 -54.42 5.80 -63.77
N ILE A 191 -53.25 5.25 -63.48
CA ILE A 191 -52.18 5.20 -64.48
C ILE A 191 -52.65 4.43 -65.70
N TRP A 192 -53.34 3.32 -65.49
CA TRP A 192 -53.86 2.54 -66.60
C TRP A 192 -54.79 3.39 -67.47
N GLN A 193 -55.76 4.04 -66.85
CA GLN A 193 -56.76 4.77 -67.62
C GLN A 193 -56.12 5.89 -68.42
N VAL A 194 -55.25 6.68 -67.77
CA VAL A 194 -54.65 7.81 -68.46
C VAL A 194 -53.75 7.34 -69.58
N MET A 195 -53.06 6.22 -69.37
CA MET A 195 -52.14 5.74 -70.40
C MET A 195 -52.87 5.15 -71.59
N GLN A 196 -54.16 4.82 -71.43
CA GLN A 196 -54.92 4.31 -72.56
C GLN A 196 -54.96 5.29 -73.72
N TYR A 197 -54.77 6.58 -73.43
CA TYR A 197 -54.79 7.59 -74.48
C TYR A 197 -53.53 7.54 -75.35
N TYR A 198 -52.46 6.92 -74.87
CA TYR A 198 -51.17 6.99 -75.53
C TYR A 198 -50.80 5.70 -76.26
N LYS A 199 -51.80 4.99 -76.78
CA LYS A 199 -51.54 3.77 -77.54
C LYS A 199 -52.18 3.90 -78.91
N VAL A 200 -51.46 3.44 -79.93
CA VAL A 200 -51.94 3.49 -81.30
C VAL A 200 -52.19 2.09 -81.86
N ALA A 201 -51.31 1.14 -81.56
CA ALA A 201 -51.48 -0.24 -81.98
C ALA A 201 -51.11 -1.16 -80.82
N GLY A 202 -51.57 -0.82 -79.63
CA GLY A 202 -51.20 -1.57 -78.45
C GLY A 202 -49.72 -1.48 -78.17
N VAL A 203 -49.18 -0.26 -78.23
CA VAL A 203 -47.74 -0.08 -78.12
C VAL A 203 -47.40 0.75 -76.89
N TYR A 204 -48.34 1.58 -76.43
CA TYR A 204 -48.18 2.36 -75.20
C TYR A 204 -46.94 3.25 -75.27
N TYR A 205 -47.00 4.21 -76.19
CA TYR A 205 -45.91 5.18 -76.31
C TYR A 205 -45.84 6.05 -75.06
N ALA A 206 -44.67 6.12 -74.46
CA ALA A 206 -44.49 6.95 -73.29
C ALA A 206 -44.62 8.42 -73.67
N PRO A 207 -45.28 9.24 -72.85
CA PRO A 207 -45.41 10.65 -73.17
C PRO A 207 -44.07 11.38 -73.24
N ALA A 208 -43.05 10.88 -72.56
CA ALA A 208 -41.73 11.51 -72.59
C ALA A 208 -40.70 10.51 -72.14
N LEU A 209 -39.44 10.83 -72.41
CA LEU A 209 -38.31 10.00 -72.00
C LEU A 209 -37.19 10.90 -71.52
N VAL A 210 -36.69 10.64 -70.31
CA VAL A 210 -35.61 11.44 -69.76
C VAL A 210 -34.28 10.94 -70.27
N VAL A 211 -33.36 11.86 -70.51
CA VAL A 211 -32.04 11.55 -71.04
C VAL A 211 -31.02 12.36 -70.23
N PRO A 212 -29.72 12.08 -70.35
CA PRO A 212 -28.76 12.90 -69.61
C PRO A 212 -28.85 14.38 -69.92
N SER A 213 -29.26 14.74 -71.14
CA SER A 213 -29.35 16.14 -71.53
C SER A 213 -30.75 16.70 -71.33
N GLY A 214 -31.59 16.02 -70.58
CA GLY A 214 -32.94 16.48 -70.35
C GLY A 214 -33.97 15.43 -70.65
N ALA A 215 -34.97 15.78 -71.47
CA ALA A 215 -36.04 14.84 -71.80
C ALA A 215 -36.48 15.06 -73.23
N ILE A 216 -36.87 13.97 -73.87
CA ILE A 216 -37.38 14.00 -75.23
C ILE A 216 -38.87 13.69 -75.19
N TRP A 217 -39.54 13.96 -76.29
CA TRP A 217 -40.98 13.80 -76.40
C TRP A 217 -41.32 13.07 -77.68
N TRP A 218 -42.52 12.50 -77.73
CA TRP A 218 -42.98 11.72 -78.87
C TRP A 218 -43.89 12.58 -79.73
N ILE A 219 -43.66 12.55 -81.04
CA ILE A 219 -44.47 13.33 -81.97
C ILE A 219 -45.87 12.73 -82.00
N PRO A 220 -46.91 13.50 -81.71
CA PRO A 220 -48.27 12.98 -81.76
C PRO A 220 -48.76 12.90 -83.20
N PRO A 221 -49.59 11.92 -83.50
CA PRO A 221 -50.24 11.87 -84.82
C PRO A 221 -51.14 13.07 -85.00
N PRO A 222 -51.67 13.29 -86.22
CA PRO A 222 -52.51 14.47 -86.42
C PRO A 222 -53.71 14.55 -85.50
N GLY A 223 -54.27 13.40 -85.11
CA GLY A 223 -55.45 13.43 -84.26
C GLY A 223 -55.15 13.89 -82.84
N LYS A 224 -54.07 13.38 -82.25
CA LYS A 224 -53.81 13.57 -80.85
C LYS A 224 -52.80 14.70 -80.62
N ARG A 225 -52.59 15.02 -79.34
CA ARG A 225 -51.63 16.03 -78.93
C ARG A 225 -51.28 15.75 -77.47
N ASN A 226 -50.01 15.94 -77.13
CA ASN A 226 -49.51 15.60 -75.79
C ASN A 226 -49.30 16.87 -74.98
N VAL A 227 -49.97 16.95 -73.84
CA VAL A 227 -49.80 18.05 -72.91
C VAL A 227 -48.71 17.66 -71.91
N VAL A 228 -47.77 18.59 -71.68
CA VAL A 228 -46.63 18.29 -70.83
C VAL A 228 -47.06 17.92 -69.42
N SER A 229 -48.22 18.44 -68.96
CA SER A 229 -48.66 18.15 -67.61
C SER A 229 -48.88 16.66 -67.40
N VAL A 230 -49.23 15.94 -68.45
CA VAL A 230 -49.51 14.51 -68.31
C VAL A 230 -48.30 13.79 -67.76
N GLN A 231 -47.11 14.11 -68.29
CA GLN A 231 -45.90 13.48 -67.79
C GLN A 231 -45.73 13.72 -66.31
N TYR A 232 -45.95 14.96 -65.87
CA TYR A 232 -45.84 15.27 -64.45
C TYR A 232 -46.85 14.46 -63.65
N LEU A 233 -48.08 14.36 -64.16
CA LEU A 233 -49.10 13.60 -63.47
C LEU A 233 -48.68 12.16 -63.29
N LEU A 234 -48.08 11.57 -64.32
CA LEU A 234 -47.63 10.18 -64.21
C LEU A 234 -46.61 10.03 -63.10
N THR A 235 -45.64 10.94 -63.02
CA THR A 235 -44.62 10.85 -62.00
C THR A 235 -45.23 10.91 -60.61
N ASP A 236 -46.16 11.85 -60.40
CA ASP A 236 -46.82 11.95 -59.10
C ASP A 236 -47.58 10.66 -58.79
N LEU A 237 -48.29 10.12 -59.78
CA LEU A 237 -49.03 8.89 -59.56
C LEU A 237 -48.09 7.75 -59.20
N ILE A 238 -47.02 7.59 -59.96
CA ILE A 238 -46.06 6.52 -59.67
C ILE A 238 -45.49 6.71 -58.28
N ASN A 239 -45.08 7.94 -57.96
CA ASN A 239 -44.50 8.20 -56.65
C ASN A 239 -45.49 7.90 -55.55
N LEU A 240 -46.74 8.32 -55.72
CA LEU A 240 -47.76 8.03 -54.72
C LEU A 240 -48.00 6.54 -54.58
N ALA A 241 -48.05 5.83 -55.70
CA ALA A 241 -48.28 4.39 -55.64
C ALA A 241 -47.20 3.69 -54.85
N ILE A 242 -45.95 4.03 -55.12
CA ILE A 242 -44.84 3.44 -54.37
C ILE A 242 -44.96 3.77 -52.89
N LEU A 243 -45.18 5.04 -52.59
CA LEU A 243 -45.22 5.47 -51.20
C LEU A 243 -46.38 4.81 -50.46
N ALA A 244 -47.55 4.73 -51.10
CA ALA A 244 -48.69 4.13 -50.45
C ALA A 244 -48.42 2.67 -50.10
N HIS A 245 -47.78 1.94 -51.01
CA HIS A 245 -47.46 0.56 -50.73
C HIS A 245 -46.50 0.45 -49.55
N MET A 246 -45.43 1.23 -49.58
CA MET A 246 -44.44 1.16 -48.50
C MET A 246 -45.03 1.59 -47.17
N THR A 247 -45.83 2.65 -47.17
CA THR A 247 -46.46 3.08 -45.93
C THR A 247 -47.64 2.21 -45.54
N ASP A 248 -48.14 1.38 -46.45
CA ASP A 248 -49.23 0.45 -46.18
C ASP A 248 -50.47 1.20 -45.67
N MET A 249 -51.02 2.03 -46.54
CA MET A 249 -52.18 2.84 -46.23
C MET A 249 -53.43 2.21 -46.83
N SER A 250 -54.58 2.64 -46.30
CA SER A 250 -55.85 2.18 -46.84
C SER A 250 -56.06 2.72 -48.24
N PRO A 251 -56.74 1.96 -49.11
CA PRO A 251 -56.96 2.45 -50.47
C PRO A 251 -57.77 3.73 -50.50
N THR A 252 -58.60 3.97 -49.49
CA THR A 252 -59.43 5.17 -49.47
C THR A 252 -58.56 6.42 -49.48
N LEU A 253 -57.52 6.44 -48.66
CA LEU A 253 -56.64 7.60 -48.63
C LEU A 253 -55.93 7.78 -49.96
N GLU A 254 -55.45 6.68 -50.53
CA GLU A 254 -54.82 6.77 -51.86
C GLU A 254 -55.83 7.29 -52.88
N LEU A 255 -57.07 6.88 -52.77
CA LEU A 255 -58.11 7.39 -53.66
C LEU A 255 -58.19 8.90 -53.60
N THR A 256 -58.16 9.45 -52.38
CA THR A 256 -58.22 10.90 -52.22
C THR A 256 -57.03 11.56 -52.89
N GLY A 257 -55.83 11.00 -52.72
CA GLY A 257 -54.66 11.58 -53.35
C GLY A 257 -54.76 11.57 -54.86
N VAL A 258 -55.31 10.49 -55.42
CA VAL A 258 -55.48 10.44 -56.87
C VAL A 258 -56.41 11.54 -57.34
N LEU A 259 -57.56 11.68 -56.68
CA LEU A 259 -58.47 12.77 -57.01
C LEU A 259 -57.77 14.11 -56.82
N MET A 260 -56.95 14.22 -55.78
CA MET A 260 -56.19 15.45 -55.56
C MET A 260 -55.33 15.78 -56.77
N TYR A 261 -54.55 14.82 -57.24
CA TYR A 261 -53.67 15.08 -58.37
C TYR A 261 -54.47 15.33 -59.65
N LEU A 262 -55.52 14.56 -59.87
CA LEU A 262 -56.30 14.70 -61.10
C LEU A 262 -56.89 16.10 -61.20
N ARG A 263 -57.49 16.59 -60.12
CA ARG A 263 -58.06 17.94 -60.15
C ARG A 263 -56.99 18.96 -60.45
N ALA A 264 -55.81 18.81 -59.85
CA ALA A 264 -54.72 19.74 -60.14
C ALA A 264 -54.30 19.66 -61.59
N ALA A 265 -54.18 18.44 -62.13
CA ALA A 265 -53.73 18.30 -63.50
C ALA A 265 -54.75 18.82 -64.49
N SER A 266 -56.04 18.73 -64.15
CA SER A 266 -57.08 19.16 -65.08
C SER A 266 -56.94 20.63 -65.43
N SER A 267 -56.70 21.47 -64.43
CA SER A 267 -56.58 22.90 -64.69
C SER A 267 -55.20 23.22 -65.25
N HIS A 268 -55.07 24.45 -65.74
CA HIS A 268 -53.80 24.94 -66.25
C HIS A 268 -52.79 25.05 -65.10
N SER A 269 -51.51 25.11 -65.48
CA SER A 269 -50.42 25.34 -64.54
C SER A 269 -50.48 24.33 -63.38
N HIS A 270 -50.27 23.07 -63.76
CA HIS A 270 -50.33 21.96 -62.81
C HIS A 270 -49.51 22.26 -61.56
N ALA A 271 -48.32 22.80 -61.75
CA ALA A 271 -47.48 23.15 -60.60
C ALA A 271 -48.14 24.20 -59.75
N TYR A 272 -48.61 25.29 -60.36
CA TYR A 272 -49.20 26.38 -59.59
C TYR A 272 -50.43 25.90 -58.83
N THR A 273 -51.27 25.10 -59.48
CA THR A 273 -52.48 24.61 -58.84
C THR A 273 -52.13 23.78 -57.61
N LEU A 274 -51.15 22.88 -57.74
CA LEU A 274 -50.71 22.10 -56.59
C LEU A 274 -50.16 23.00 -55.50
N LEU A 275 -49.36 24.00 -55.88
CA LEU A 275 -48.72 24.86 -54.90
C LEU A 275 -49.74 25.61 -54.07
N GLN A 276 -50.82 26.07 -54.71
CA GLN A 276 -51.82 26.86 -53.99
C GLN A 276 -52.41 26.06 -52.85
N MET A 277 -52.92 24.87 -53.13
CA MET A 277 -53.51 24.02 -52.11
C MET A 277 -52.49 22.97 -51.66
N LYS A 278 -51.44 23.47 -51.03
CA LYS A 278 -50.36 22.61 -50.55
C LYS A 278 -50.64 22.09 -49.14
N SER A 279 -50.89 23.00 -48.20
CA SER A 279 -50.97 22.66 -46.79
C SER A 279 -52.30 22.04 -46.40
N VAL A 280 -53.10 21.60 -47.37
CA VAL A 280 -54.44 21.11 -47.04
C VAL A 280 -54.34 19.84 -46.20
N PHE A 281 -53.51 18.89 -46.61
CA PHE A 281 -53.43 17.62 -45.89
C PHE A 281 -52.94 17.79 -44.46
N PRO A 282 -51.80 18.43 -44.18
CA PRO A 282 -51.39 18.56 -42.77
C PRO A 282 -52.40 19.29 -41.93
N ALA A 283 -53.04 20.31 -42.48
CA ALA A 283 -54.05 21.04 -41.72
C ALA A 283 -55.23 20.15 -41.40
N LEU A 284 -55.66 19.32 -42.35
CA LEU A 284 -56.81 18.46 -42.11
C LEU A 284 -56.51 17.41 -41.06
N SER A 285 -55.26 16.97 -40.95
CA SER A 285 -54.93 15.84 -40.09
C SER A 285 -54.06 16.25 -38.91
N LEU A 286 -52.88 16.80 -39.16
CA LEU A 286 -51.94 17.03 -38.08
C LEU A 286 -52.42 18.16 -37.16
N ARG A 287 -52.92 19.24 -37.75
CA ARG A 287 -53.29 20.40 -36.96
C ARG A 287 -54.55 20.18 -36.13
N SER A 288 -55.33 19.15 -36.43
CA SER A 288 -56.60 18.93 -35.73
C SER A 288 -56.82 17.43 -35.61
N MET A 289 -56.49 16.88 -34.44
CA MET A 289 -56.64 15.44 -34.20
C MET A 289 -57.56 15.12 -33.05
N TYR A 290 -57.37 15.75 -31.90
CA TYR A 290 -58.01 15.32 -30.66
C TYR A 290 -58.95 16.39 -30.13
N ARG A 291 -59.72 17.01 -31.02
CA ARG A 291 -60.70 18.02 -30.60
C ARG A 291 -62.07 17.39 -30.41
N ASN A 292 -62.13 16.46 -29.46
CA ASN A 292 -63.37 15.73 -29.23
C ASN A 292 -63.46 15.40 -27.75
N LYS A 293 -64.35 14.48 -27.41
CA LYS A 293 -64.66 14.13 -26.03
C LYS A 293 -63.93 12.87 -25.56
N GLY A 294 -63.99 11.80 -26.36
CA GLY A 294 -63.38 10.55 -25.95
C GLY A 294 -61.87 10.53 -26.10
N PHE A 295 -61.20 11.47 -25.44
CA PHE A 295 -59.76 11.58 -25.55
C PHE A 295 -59.08 10.81 -24.41
N GLY A 296 -57.92 10.25 -24.72
CA GLY A 296 -57.17 9.51 -23.73
C GLY A 296 -56.07 8.70 -24.37
N GLY A 297 -55.26 8.10 -23.51
CA GLY A 297 -54.14 7.29 -23.92
C GLY A 297 -52.94 7.57 -23.04
N LYS A 298 -51.78 7.12 -23.50
CA LYS A 298 -50.53 7.29 -22.78
C LYS A 298 -49.62 8.24 -23.56
N ALA A 299 -48.85 9.03 -22.82
CA ALA A 299 -47.96 10.01 -23.43
C ALA A 299 -46.63 10.02 -22.70
N PRO A 300 -45.55 10.37 -23.39
CA PRO A 300 -44.24 10.43 -22.73
C PRO A 300 -44.22 11.49 -21.64
N ALA A 301 -43.40 11.23 -20.62
CA ALA A 301 -43.12 12.20 -19.57
C ALA A 301 -41.65 12.58 -19.69
N ILE A 302 -41.40 13.75 -20.25
CA ILE A 302 -40.05 14.23 -20.52
C ILE A 302 -39.77 15.43 -19.63
N GLU A 303 -38.57 15.47 -19.07
CA GLU A 303 -38.16 16.56 -18.21
C GLU A 303 -36.92 17.23 -18.77
N TRP A 304 -36.89 18.56 -18.70
CA TRP A 304 -35.77 19.36 -19.16
C TRP A 304 -34.90 19.72 -17.97
N THR A 305 -33.64 19.28 -18.01
CA THR A 305 -32.75 19.46 -16.89
C THR A 305 -32.56 20.94 -16.58
N GLU A 306 -32.07 21.22 -15.37
CA GLU A 306 -31.96 22.60 -14.90
C GLU A 306 -31.06 23.46 -15.79
N PRO A 307 -29.82 23.05 -16.12
CA PRO A 307 -29.02 23.91 -16.99
C PRO A 307 -29.55 23.88 -18.41
N ARG A 308 -30.67 24.59 -18.62
CA ARG A 308 -31.41 24.47 -19.88
C ARG A 308 -30.55 24.84 -21.07
N SER A 309 -29.52 25.64 -20.87
CA SER A 309 -28.63 25.99 -21.97
C SER A 309 -28.01 24.76 -22.60
N LYS A 310 -27.77 23.72 -21.80
CA LYS A 310 -27.16 22.50 -22.33
C LYS A 310 -28.10 21.69 -23.20
N TYR A 311 -29.41 21.98 -23.18
CA TYR A 311 -30.43 21.22 -23.92
C TYR A 311 -30.42 19.73 -23.54
N LYS A 312 -30.33 19.41 -22.24
CA LYS A 312 -30.32 18.04 -21.75
C LYS A 312 -31.71 17.67 -21.26
N PHE A 313 -32.21 16.53 -21.70
CA PHE A 313 -33.55 16.09 -21.36
C PHE A 313 -33.49 14.68 -20.78
N ARG A 314 -34.49 14.38 -19.95
CA ARG A 314 -34.58 13.09 -19.28
C ARG A 314 -35.96 12.50 -19.49
N TRP A 315 -36.00 11.27 -19.97
CA TRP A 315 -37.25 10.52 -19.95
C TRP A 315 -37.53 10.06 -18.53
N THR A 316 -38.71 10.36 -18.03
CA THR A 316 -39.04 10.05 -16.64
C THR A 316 -40.44 9.49 -16.51
N GLY A 317 -40.78 8.53 -17.34
CA GLY A 317 -42.05 7.83 -17.21
C GLY A 317 -43.06 8.24 -18.26
N VAL A 318 -44.33 7.97 -17.94
CA VAL A 318 -45.44 8.22 -18.84
C VAL A 318 -46.54 8.96 -18.08
N THR A 319 -47.42 9.58 -18.84
CA THR A 319 -48.53 10.35 -18.27
C THR A 319 -49.83 9.88 -18.90
N GLN A 320 -50.84 9.65 -18.05
CA GLN A 320 -52.15 9.29 -18.55
C GLN A 320 -52.82 10.50 -19.19
N LEU A 321 -53.45 10.29 -20.34
CA LEU A 321 -54.16 11.35 -21.03
C LEU A 321 -55.62 11.39 -20.60
N HIS A 322 -56.17 12.59 -20.56
CA HIS A 322 -57.58 12.77 -20.23
C HIS A 322 -58.07 14.05 -20.89
N ASP A 323 -59.37 14.31 -20.73
CA ASP A 323 -60.01 15.38 -21.47
C ASP A 323 -59.43 16.75 -21.12
N GLY A 324 -59.10 16.96 -19.84
CA GLY A 324 -58.51 18.22 -19.45
C GLY A 324 -57.24 18.56 -20.18
N LEU A 325 -56.57 17.55 -20.74
CA LEU A 325 -55.33 17.76 -21.47
C LEU A 325 -55.52 17.88 -22.96
N ARG A 326 -56.74 17.77 -23.48
CA ARG A 326 -56.93 17.76 -24.91
C ARG A 326 -56.58 19.13 -25.49
N PRO A 327 -56.19 19.18 -26.75
CA PRO A 327 -55.72 20.44 -27.34
C PRO A 327 -56.78 21.54 -27.25
N ARG A 328 -56.31 22.76 -27.07
CA ARG A 328 -57.19 23.91 -26.87
C ARG A 328 -57.43 24.73 -28.13
N SER A 329 -56.49 24.74 -29.06
CA SER A 329 -56.59 25.60 -30.22
C SER A 329 -57.78 25.17 -31.09
N PRO A 330 -58.36 26.11 -31.83
CA PRO A 330 -59.44 25.74 -32.75
C PRO A 330 -58.93 24.80 -33.83
N SER A 331 -59.82 23.97 -34.33
CA SER A 331 -59.47 23.07 -35.42
C SER A 331 -59.19 23.86 -36.69
N MET A 332 -58.78 23.14 -37.74
CA MET A 332 -58.47 23.75 -39.02
C MET A 332 -59.44 23.34 -40.11
N ASP A 333 -60.55 22.71 -39.75
CA ASP A 333 -61.46 22.18 -40.77
C ASP A 333 -62.10 23.28 -41.59
N VAL A 334 -62.59 24.33 -40.93
CA VAL A 334 -63.34 25.37 -41.63
C VAL A 334 -62.51 26.05 -42.72
N PRO A 335 -61.31 26.56 -42.45
CA PRO A 335 -60.56 27.22 -43.54
C PRO A 335 -60.22 26.28 -44.67
N THR A 336 -59.81 25.05 -44.34
CA THR A 336 -59.44 24.09 -45.38
C THR A 336 -60.63 23.75 -46.26
N LEU A 337 -61.78 23.48 -45.64
CA LEU A 337 -62.97 23.17 -46.42
C LEU A 337 -63.34 24.35 -47.30
N GLU A 338 -63.25 25.57 -46.75
CA GLU A 338 -63.54 26.75 -47.54
C GLU A 338 -62.61 26.83 -48.75
N VAL A 339 -61.33 26.54 -48.56
CA VAL A 339 -60.41 26.54 -49.69
C VAL A 339 -60.78 25.45 -50.69
N LEU A 340 -61.08 24.25 -50.17
CA LEU A 340 -61.38 23.13 -51.07
C LEU A 340 -62.63 23.40 -51.90
N THR A 341 -63.59 24.16 -51.36
CA THR A 341 -64.76 24.51 -52.13
C THR A 341 -64.39 25.21 -53.42
N LYS A 342 -63.30 25.99 -53.40
CA LYS A 342 -62.87 26.69 -54.60
C LYS A 342 -62.57 25.70 -55.72
N TYR A 343 -61.90 24.60 -55.40
CA TYR A 343 -61.59 23.59 -56.39
C TYR A 343 -62.56 22.41 -56.34
N GLU A 344 -63.74 22.62 -55.79
CA GLU A 344 -64.81 21.63 -55.69
C GLU A 344 -64.24 20.24 -55.34
N LEU A 345 -63.49 20.21 -54.24
CA LEU A 345 -62.93 18.98 -53.72
C LEU A 345 -63.38 18.72 -52.29
N VAL A 346 -64.58 19.20 -51.95
CA VAL A 346 -65.07 19.08 -50.59
C VAL A 346 -65.23 17.63 -50.18
N ASP A 347 -65.41 16.74 -51.16
CA ASP A 347 -65.52 15.32 -50.85
C ASP A 347 -64.26 14.82 -50.17
N ILE A 348 -63.10 15.27 -50.64
CA ILE A 348 -61.84 14.84 -50.04
C ILE A 348 -61.83 15.20 -48.56
N GLY A 349 -62.22 16.44 -48.23
CA GLY A 349 -62.26 16.83 -46.84
C GLY A 349 -63.23 16.00 -46.04
N HIS A 350 -64.42 15.74 -46.59
CA HIS A 350 -65.40 14.92 -45.88
C HIS A 350 -64.86 13.52 -45.63
N ILE A 351 -64.21 12.93 -46.63
CA ILE A 351 -63.64 11.60 -46.46
C ILE A 351 -62.58 11.62 -45.38
N ILE A 352 -61.66 12.59 -45.45
CA ILE A 352 -60.57 12.65 -44.48
C ILE A 352 -61.13 12.86 -43.08
N ILE A 353 -62.04 13.81 -42.93
CA ILE A 353 -62.58 14.12 -41.61
C ILE A 353 -63.28 12.91 -41.03
N ARG A 354 -64.13 12.27 -41.82
CA ARG A 354 -64.85 11.10 -41.33
C ARG A 354 -63.89 10.02 -40.90
N GLU A 355 -62.86 9.75 -41.70
CA GLU A 355 -61.88 8.76 -41.33
C GLU A 355 -61.13 9.17 -40.08
N ARG A 356 -60.80 10.45 -39.96
CA ARG A 356 -60.07 10.92 -38.79
C ARG A 356 -60.89 10.71 -37.52
N ASN A 357 -62.19 10.94 -37.59
CA ASN A 357 -63.04 10.80 -36.41
C ASN A 357 -63.03 9.41 -35.82
N ALA A 358 -62.43 8.44 -36.51
CA ALA A 358 -62.34 7.08 -35.99
C ALA A 358 -61.17 6.88 -35.04
N HIS A 359 -60.41 7.92 -34.73
CA HIS A 359 -59.27 7.84 -33.84
C HIS A 359 -59.41 8.88 -32.74
N PRO A 360 -60.30 8.64 -31.77
CA PRO A 360 -60.45 9.61 -30.68
C PRO A 360 -59.36 9.55 -29.65
N ARG A 361 -58.64 8.45 -29.54
CA ARG A 361 -57.62 8.27 -28.52
C ARG A 361 -56.24 8.13 -29.15
N HIS A 362 -55.25 8.68 -28.47
CA HIS A 362 -53.87 8.72 -28.95
C HIS A 362 -53.23 7.35 -28.75
N ASN A 363 -52.87 6.69 -29.85
CA ASN A 363 -52.17 5.41 -29.80
C ASN A 363 -51.41 5.23 -31.10
N HIS A 364 -50.92 4.02 -31.34
CA HIS A 364 -50.18 3.74 -32.57
C HIS A 364 -51.04 3.96 -33.79
N ASP A 365 -52.30 3.51 -33.75
CA ASP A 365 -53.15 3.63 -34.92
C ASP A 365 -53.35 5.09 -35.30
N SER A 366 -53.58 5.95 -34.31
CA SER A 366 -53.82 7.36 -34.59
C SER A 366 -52.64 7.98 -35.31
N VAL A 367 -51.44 7.81 -34.75
CA VAL A 367 -50.26 8.43 -35.36
C VAL A 367 -49.98 7.79 -36.71
N ARG A 368 -50.19 6.48 -36.83
CA ARG A 368 -49.98 5.83 -38.11
C ARG A 368 -50.90 6.41 -39.16
N PHE A 369 -52.16 6.65 -38.79
CA PHE A 369 -53.08 7.32 -39.70
C PHE A 369 -52.55 8.69 -40.09
N VAL A 370 -52.07 9.45 -39.10
CA VAL A 370 -51.55 10.78 -39.38
C VAL A 370 -50.37 10.70 -40.32
N ARG A 371 -49.46 9.76 -40.08
CA ARG A 371 -48.30 9.61 -40.95
C ARG A 371 -48.74 9.34 -42.38
N ASP A 372 -49.71 8.45 -42.56
CA ASP A 372 -50.12 8.06 -43.90
C ASP A 372 -50.78 9.22 -44.64
N VAL A 373 -51.74 9.89 -43.99
CA VAL A 373 -52.46 10.96 -44.67
C VAL A 373 -51.50 12.10 -45.02
N MET A 374 -50.59 12.43 -44.11
CA MET A 374 -49.64 13.50 -44.40
C MET A 374 -48.70 13.12 -45.52
N ALA A 375 -48.57 11.83 -45.82
CA ALA A 375 -47.73 11.37 -46.91
C ALA A 375 -48.41 11.53 -48.27
N LEU A 376 -49.53 12.23 -48.33
CA LEU A 376 -50.25 12.36 -49.60
C LEU A 376 -49.88 13.59 -50.39
N THR A 377 -49.26 14.58 -49.76
CA THR A 377 -48.91 15.80 -50.48
C THR A 377 -47.92 15.48 -51.61
N SER A 378 -48.00 16.25 -52.68
CA SER A 378 -47.18 15.99 -53.85
C SER A 378 -45.70 16.08 -53.52
N GLY A 379 -44.92 15.15 -54.07
CA GLY A 379 -43.50 15.12 -53.81
C GLY A 379 -42.66 15.65 -54.95
N MET A 380 -43.27 16.40 -55.86
CA MET A 380 -42.56 16.87 -57.03
C MET A 380 -41.65 18.04 -56.67
N TYR A 381 -40.42 17.99 -57.18
CA TYR A 381 -39.52 19.14 -57.13
C TYR A 381 -40.02 20.15 -58.15
N LEU A 382 -40.73 21.17 -57.68
CA LEU A 382 -41.22 22.21 -58.59
C LEU A 382 -40.05 23.05 -59.10
N VAL A 383 -40.12 23.44 -60.37
CA VAL A 383 -39.12 24.31 -60.96
C VAL A 383 -39.83 25.31 -61.86
N ARG A 384 -39.36 26.56 -61.81
CA ARG A 384 -39.87 27.63 -62.66
C ARG A 384 -38.68 28.34 -63.29
N GLN A 385 -38.99 29.24 -64.20
CA GLN A 385 -37.93 29.98 -64.87
C GLN A 385 -37.16 30.82 -63.84
N PRO A 386 -35.84 30.69 -63.79
CA PRO A 386 -35.09 31.47 -62.79
C PRO A 386 -35.31 32.95 -62.90
N THR A 387 -35.48 33.46 -64.13
CA THR A 387 -35.74 34.88 -64.33
C THR A 387 -36.98 35.31 -63.59
N MET A 388 -38.07 34.56 -63.71
CA MET A 388 -39.27 34.89 -62.96
C MET A 388 -39.03 34.77 -61.47
N SER A 389 -38.31 33.73 -61.05
CA SER A 389 -38.05 33.53 -59.63
C SER A 389 -37.32 34.72 -59.05
N VAL A 390 -36.21 35.14 -59.67
CA VAL A 390 -35.44 36.25 -59.15
C VAL A 390 -36.25 37.53 -59.21
N LEU A 391 -37.08 37.68 -60.25
CA LEU A 391 -37.88 38.89 -60.37
C LEU A 391 -39.01 38.93 -59.35
N ARG A 392 -39.49 37.77 -58.93
CA ARG A 392 -40.62 37.76 -58.01
C ARG A 392 -40.20 37.82 -56.56
N GLU A 393 -39.04 37.27 -56.21
CA GLU A 393 -38.64 37.23 -54.81
C GLU A 393 -37.96 38.51 -54.35
N TYR A 394 -37.04 39.04 -55.15
CA TYR A 394 -36.26 40.18 -54.71
C TYR A 394 -36.95 41.49 -54.97
N SER A 395 -38.14 41.46 -55.57
CA SER A 395 -38.92 42.67 -55.81
C SER A 395 -39.69 43.13 -54.59
N GLN A 396 -39.40 42.56 -53.42
CA GLN A 396 -40.12 42.90 -52.21
C GLN A 396 -39.26 43.78 -51.31
N VAL A 397 -39.88 44.78 -50.71
CA VAL A 397 -39.21 45.62 -49.72
C VAL A 397 -40.06 45.66 -48.47
N PRO A 398 -39.47 45.58 -47.29
CA PRO A 398 -40.28 45.60 -46.06
C PRO A 398 -40.99 46.93 -45.89
N ASP A 399 -42.14 46.88 -45.23
CA ASP A 399 -42.95 48.05 -44.95
C ASP A 399 -42.88 48.34 -43.45
N ILE A 400 -42.24 49.44 -43.10
CA ILE A 400 -42.05 49.82 -41.69
C ILE A 400 -43.19 50.73 -41.27
N LYS A 401 -43.85 50.37 -40.18
CA LYS A 401 -45.00 51.13 -39.72
C LYS A 401 -44.63 52.34 -38.86
N ASP A 402 -43.38 52.44 -38.40
CA ASP A 402 -42.93 53.61 -37.65
C ASP A 402 -41.45 53.82 -37.91
N PRO A 403 -41.09 54.43 -39.03
CA PRO A 403 -39.68 54.60 -39.36
C PRO A 403 -38.98 55.50 -38.37
N ILE A 404 -37.67 55.27 -38.23
CA ILE A 404 -36.84 56.11 -37.39
C ILE A 404 -36.77 57.50 -38.01
N PRO A 405 -37.17 58.54 -37.29
CA PRO A 405 -37.14 59.87 -37.88
C PRO A 405 -35.72 60.31 -38.16
N PRO A 406 -35.50 61.12 -39.20
CA PRO A 406 -34.14 61.56 -39.51
C PRO A 406 -33.51 62.35 -38.38
N SER A 407 -34.31 63.06 -37.59
CA SER A 407 -33.78 63.82 -36.47
C SER A 407 -33.28 62.96 -35.34
N ALA A 408 -33.36 61.64 -35.44
CA ALA A 408 -32.93 60.75 -34.38
C ALA A 408 -31.46 60.39 -34.48
N TRP A 409 -30.73 60.95 -35.44
CA TRP A 409 -29.33 60.61 -35.64
C TRP A 409 -28.44 61.79 -35.32
N THR A 410 -27.20 61.48 -34.99
CA THR A 410 -26.20 62.51 -34.74
C THR A 410 -25.60 62.98 -36.05
N GLY A 411 -24.55 63.78 -35.98
CA GLY A 411 -23.81 64.15 -37.16
C GLY A 411 -23.06 62.94 -37.70
N PRO A 412 -22.70 62.99 -38.98
CA PRO A 412 -22.01 61.85 -39.58
C PRO A 412 -20.58 61.71 -39.07
N ILE A 413 -20.08 60.48 -39.19
CA ILE A 413 -18.71 60.14 -38.82
C ILE A 413 -18.01 59.69 -40.10
N GLY A 414 -18.32 60.36 -41.20
CA GLY A 414 -17.81 59.97 -42.49
C GLY A 414 -18.80 59.13 -43.26
N ASN A 415 -19.28 58.06 -42.68
CA ASN A 415 -20.38 57.36 -43.32
C ASN A 415 -21.51 57.04 -42.37
N VAL A 416 -21.21 56.73 -41.12
CA VAL A 416 -22.20 56.24 -40.19
C VAL A 416 -22.70 57.38 -39.33
N ARG A 417 -23.84 57.15 -38.67
CA ARG A 417 -24.41 58.09 -37.71
C ARG A 417 -24.73 57.34 -36.43
N TYR A 418 -24.36 57.92 -35.31
CA TYR A 418 -24.69 57.30 -34.04
C TYR A 418 -26.12 57.66 -33.64
N LEU A 419 -26.71 56.81 -32.80
CA LEU A 419 -28.09 56.97 -32.39
C LEU A 419 -28.18 57.86 -31.15
N LEU A 420 -29.11 58.81 -31.18
CA LEU A 420 -29.25 59.73 -30.07
C LEU A 420 -29.73 59.00 -28.82
N PRO A 421 -29.19 59.35 -27.65
CA PRO A 421 -29.62 58.66 -26.42
C PRO A 421 -31.09 58.80 -26.13
N SER A 422 -31.70 59.93 -26.51
CA SER A 422 -33.09 60.19 -26.17
C SER A 422 -34.06 59.24 -26.85
N VAL A 423 -33.61 58.49 -27.84
CA VAL A 423 -34.49 57.60 -28.58
C VAL A 423 -34.65 56.29 -27.83
N GLN A 424 -35.89 55.85 -27.66
CA GLN A 424 -36.20 54.61 -26.99
C GLN A 424 -36.94 53.70 -27.97
N GLY A 425 -37.44 52.58 -27.44
CA GLY A 425 -38.17 51.63 -28.24
C GLY A 425 -37.32 50.46 -28.66
N PRO A 426 -37.88 49.58 -29.48
CA PRO A 426 -37.13 48.39 -29.88
C PRO A 426 -35.82 48.71 -30.56
N ALA A 427 -35.78 49.79 -31.36
CA ALA A 427 -34.54 50.16 -32.02
C ALA A 427 -33.44 50.44 -31.00
N ARG A 428 -33.78 51.15 -29.93
CA ARG A 428 -32.80 51.39 -28.87
C ARG A 428 -32.30 50.07 -28.30
N HIS A 429 -33.21 49.13 -28.05
CA HIS A 429 -32.82 47.82 -27.56
C HIS A 429 -31.85 47.15 -28.52
N LEU A 430 -32.18 47.16 -29.81
CA LEU A 430 -31.31 46.55 -30.80
C LEU A 430 -29.96 47.24 -30.82
N TYR A 431 -29.96 48.57 -30.77
CA TYR A 431 -28.71 49.32 -30.83
C TYR A 431 -27.81 48.95 -29.65
N ASP A 432 -28.36 48.93 -28.44
CA ASP A 432 -27.56 48.63 -27.27
C ASP A 432 -26.99 47.23 -27.34
N THR A 433 -27.81 46.26 -27.75
CA THR A 433 -27.37 44.87 -27.78
C THR A 433 -26.16 44.71 -28.70
N TRP A 434 -26.27 45.20 -29.93
CA TRP A 434 -25.15 45.08 -30.85
C TRP A 434 -23.94 45.87 -30.35
N ARG A 435 -24.18 47.05 -29.80
CA ARG A 435 -23.07 47.85 -29.28
C ARG A 435 -22.34 47.10 -28.18
N ALA A 436 -23.10 46.50 -27.25
CA ALA A 436 -22.46 45.77 -26.16
C ALA A 436 -21.63 44.62 -26.70
N ALA A 437 -22.16 43.88 -27.66
CA ALA A 437 -21.40 42.78 -28.25
C ALA A 437 -20.15 43.31 -28.95
N ALA A 438 -20.29 44.44 -29.66
CA ALA A 438 -19.13 45.01 -30.32
C ALA A 438 -18.05 45.36 -29.32
N ARG A 439 -18.43 45.90 -28.17
CA ARG A 439 -17.46 46.20 -27.13
C ARG A 439 -16.71 44.95 -26.72
N GLN A 440 -17.43 43.86 -26.47
CA GLN A 440 -16.77 42.62 -26.06
C GLN A 440 -15.82 42.13 -27.15
N ILE A 441 -16.22 42.25 -28.41
CA ILE A 441 -15.34 41.86 -29.50
C ILE A 441 -14.12 42.77 -29.54
N ALA A 442 -14.29 44.05 -29.22
CA ALA A 442 -13.25 45.04 -29.42
C ALA A 442 -11.94 44.61 -28.79
N GLN A 443 -11.93 44.43 -27.47
CA GLN A 443 -10.74 43.95 -26.79
C GLN A 443 -10.86 42.43 -26.67
N ASP A 444 -10.07 41.72 -27.47
CA ASP A 444 -10.12 40.27 -27.43
C ASP A 444 -8.87 39.67 -28.05
N PRO A 445 -7.84 39.42 -27.27
CA PRO A 445 -6.60 38.87 -27.83
C PRO A 445 -6.76 37.48 -28.43
N GLN A 446 -7.98 36.93 -28.39
CA GLN A 446 -8.24 35.71 -29.13
C GLN A 446 -7.91 35.89 -30.60
N TRP A 447 -8.30 37.03 -31.16
CA TRP A 447 -7.79 37.42 -32.46
C TRP A 447 -6.42 38.05 -32.31
N HIS A 448 -5.77 38.28 -33.44
CA HIS A 448 -4.35 38.60 -33.55
C HIS A 448 -3.49 37.41 -33.17
N ASP A 449 -4.09 36.32 -32.73
CA ASP A 449 -3.40 35.05 -32.64
C ASP A 449 -3.19 34.53 -34.06
N PRO A 450 -1.96 34.30 -34.49
CA PRO A 450 -1.74 33.94 -35.90
C PRO A 450 -2.50 32.70 -36.32
N LEU A 451 -2.64 31.73 -35.43
CA LEU A 451 -3.40 30.53 -35.77
C LEU A 451 -4.84 30.88 -36.09
N ASN A 452 -5.49 31.66 -35.23
CA ASN A 452 -6.87 32.04 -35.47
C ASN A 452 -7.02 32.79 -36.79
N GLN A 453 -6.07 33.68 -37.08
CA GLN A 453 -6.09 34.38 -38.36
C GLN A 453 -6.04 33.40 -39.52
N ALA A 454 -5.27 32.34 -39.37
CA ALA A 454 -5.23 31.31 -40.41
C ALA A 454 -6.60 30.66 -40.59
N ILE A 455 -7.29 30.41 -39.47
CA ILE A 455 -8.59 29.75 -39.56
C ILE A 455 -9.55 30.59 -40.39
N MET A 456 -9.59 31.90 -40.13
CA MET A 456 -10.54 32.76 -40.83
C MET A 456 -10.24 32.80 -42.33
N ARG A 457 -8.97 33.02 -42.68
CA ARG A 457 -8.61 33.05 -44.10
C ARG A 457 -8.91 31.72 -44.77
N ALA A 458 -8.59 30.62 -44.10
CA ALA A 458 -8.86 29.31 -44.68
C ALA A 458 -10.34 29.05 -44.78
N GLN A 459 -11.14 29.59 -43.86
CA GLN A 459 -12.57 29.36 -43.91
C GLN A 459 -13.19 29.92 -45.19
N TYR A 460 -12.53 30.87 -45.83
CA TYR A 460 -13.11 31.56 -46.97
C TYR A 460 -12.99 30.75 -48.26
N VAL A 461 -12.22 29.68 -48.29
CA VAL A 461 -11.94 28.97 -49.54
C VAL A 461 -12.69 27.65 -49.53
N THR A 462 -13.39 27.38 -50.64
CA THR A 462 -14.06 26.10 -50.86
C THR A 462 -13.90 25.74 -52.33
N ALA A 463 -14.29 24.51 -52.67
CA ALA A 463 -14.20 24.08 -54.05
C ALA A 463 -15.14 24.88 -54.95
N ARG A 464 -16.31 25.23 -54.46
CA ARG A 464 -17.26 26.02 -55.22
C ARG A 464 -16.86 27.49 -55.16
N GLY A 465 -17.74 28.36 -55.63
CA GLY A 465 -17.46 29.79 -55.63
C GLY A 465 -18.26 30.47 -56.71
N GLY A 466 -17.90 31.73 -56.94
CA GLY A 466 -18.57 32.50 -57.97
C GLY A 466 -18.01 33.91 -58.03
N SER A 467 -18.56 34.68 -58.97
CA SER A 467 -18.26 36.09 -59.16
C SER A 467 -16.82 36.34 -59.58
N SER A 468 -16.11 35.31 -60.05
CA SER A 468 -14.72 35.48 -60.41
C SER A 468 -14.56 36.46 -61.56
N ALA A 469 -15.47 36.41 -62.52
CA ALA A 469 -15.40 37.34 -63.65
C ALA A 469 -15.50 38.78 -63.17
N SER A 470 -16.45 39.06 -62.28
CA SER A 470 -16.56 40.40 -61.71
C SER A 470 -15.27 40.79 -61.02
N LEU A 471 -14.66 39.85 -60.30
CA LEU A 471 -13.40 40.14 -59.63
C LEU A 471 -12.32 40.51 -60.63
N LYS A 472 -12.13 39.70 -61.66
CA LYS A 472 -11.07 39.98 -62.62
C LYS A 472 -11.29 41.31 -63.30
N PHE A 473 -12.53 41.64 -63.65
CA PHE A 473 -12.82 42.92 -64.27
C PHE A 473 -12.47 44.07 -63.34
N ALA A 474 -12.98 44.03 -62.11
CA ALA A 474 -12.83 45.17 -61.21
C ALA A 474 -11.38 45.47 -60.93
N LEU A 475 -10.57 44.43 -60.70
CA LEU A 475 -9.16 44.66 -60.40
C LEU A 475 -8.39 45.08 -61.65
N LYS A 476 -8.65 44.42 -62.78
CA LYS A 476 -8.08 44.87 -64.04
C LYS A 476 -8.45 46.32 -64.32
N VAL A 477 -9.66 46.70 -63.92
CA VAL A 477 -10.10 48.08 -64.10
C VAL A 477 -9.20 49.03 -63.32
N THR A 478 -8.85 48.67 -62.09
CA THR A 478 -7.99 49.50 -61.27
C THR A 478 -6.50 49.31 -61.55
N GLY A 479 -6.16 48.68 -62.68
CA GLY A 479 -4.77 48.53 -63.06
C GLY A 479 -4.03 47.40 -62.39
N ILE A 480 -4.73 46.51 -61.70
CA ILE A 480 -4.09 45.40 -61.00
C ILE A 480 -4.02 44.22 -61.95
N VAL A 481 -2.80 43.76 -62.25
CA VAL A 481 -2.58 42.65 -63.16
C VAL A 481 -2.51 41.37 -62.33
N LEU A 482 -3.59 40.63 -62.27
CA LEU A 482 -3.63 39.40 -61.51
C LEU A 482 -2.91 38.28 -62.24
N PRO A 483 -2.38 37.31 -61.51
CA PRO A 483 -1.78 36.14 -62.14
C PRO A 483 -2.85 35.22 -62.70
N GLU A 484 -2.41 34.27 -63.53
CA GLU A 484 -3.29 33.25 -64.08
C GLU A 484 -2.60 31.91 -64.06
N TYR A 485 -3.39 30.85 -63.90
CA TYR A 485 -2.87 29.50 -63.79
C TYR A 485 -3.76 28.53 -64.57
N ASP A 486 -4.15 28.91 -65.77
CA ASP A 486 -5.12 28.12 -66.53
C ASP A 486 -4.57 26.73 -66.84
N ASP A 487 -3.29 26.63 -67.18
CA ASP A 487 -2.70 25.33 -67.48
C ASP A 487 -2.91 24.36 -66.33
N SER A 488 -2.79 24.84 -65.09
CA SER A 488 -3.33 24.07 -63.98
C SER A 488 -4.84 24.00 -64.14
N LYS A 489 -5.34 22.83 -64.50
CA LYS A 489 -6.72 22.68 -64.97
C LYS A 489 -7.66 22.79 -63.79
N VAL A 490 -8.01 24.02 -63.43
CA VAL A 490 -8.90 24.30 -62.32
C VAL A 490 -9.83 25.45 -62.72
N LYS A 491 -11.10 25.34 -62.32
CA LYS A 491 -12.11 26.32 -62.71
C LYS A 491 -11.77 27.70 -62.17
N LYS A 492 -11.90 28.71 -63.03
CA LYS A 492 -11.62 30.09 -62.61
C LYS A 492 -12.62 30.57 -61.58
N SER A 493 -13.89 30.19 -61.73
CA SER A 493 -14.92 30.66 -60.82
C SER A 493 -14.83 30.02 -59.44
N SER A 494 -14.00 29.00 -59.27
CA SER A 494 -13.80 28.43 -57.95
C SER A 494 -13.24 29.50 -57.01
N LYS A 495 -13.76 29.52 -55.78
CA LYS A 495 -13.25 30.46 -54.80
C LYS A 495 -11.76 30.24 -54.54
N ILE A 496 -11.29 29.02 -54.74
CA ILE A 496 -9.87 28.74 -54.61
C ILE A 496 -9.06 29.56 -55.62
N TYR A 497 -9.52 29.55 -56.87
CA TYR A 497 -8.75 30.18 -57.94
C TYR A 497 -8.54 31.66 -57.66
N GLN A 498 -9.61 32.37 -57.35
CA GLN A 498 -9.50 33.80 -57.08
C GLN A 498 -8.63 34.06 -55.86
N ALA A 499 -8.73 33.20 -54.85
CA ALA A 499 -7.93 33.37 -53.65
C ALA A 499 -6.44 33.31 -53.98
N ALA A 500 -6.05 32.38 -54.84
CA ALA A 500 -4.64 32.29 -55.22
C ALA A 500 -4.16 33.56 -55.90
N GLN A 501 -5.00 34.16 -56.74
CA GLN A 501 -4.61 35.38 -57.42
C GLN A 501 -4.35 36.51 -56.43
N ILE A 502 -5.07 36.54 -55.32
CA ILE A 502 -4.99 37.65 -54.39
C ILE A 502 -3.76 37.61 -53.50
N ALA A 503 -3.13 36.43 -53.36
CA ALA A 503 -2.22 36.17 -52.25
C ALA A 503 -1.17 37.26 -52.08
N ARG A 504 -0.56 37.70 -53.18
CA ARG A 504 0.57 38.61 -53.07
C ARG A 504 0.15 40.05 -52.76
N ILE A 505 -1.04 40.46 -53.17
CA ILE A 505 -1.36 41.87 -53.24
C ILE A 505 -1.56 42.44 -51.84
N ALA A 506 -1.08 43.67 -51.65
CA ALA A 506 -1.41 44.42 -50.44
C ALA A 506 -2.91 44.65 -50.37
N PHE A 507 -3.49 44.40 -49.20
CA PHE A 507 -4.94 44.30 -49.10
C PHE A 507 -5.64 45.61 -49.43
N MET A 508 -5.12 46.73 -48.94
CA MET A 508 -5.81 48.00 -49.10
C MET A 508 -5.99 48.36 -50.58
N LEU A 509 -5.09 47.87 -51.44
CA LEU A 509 -5.23 48.13 -52.86
C LEU A 509 -6.51 47.53 -53.41
N LEU A 510 -7.03 46.49 -52.78
CA LEU A 510 -8.19 45.77 -53.27
C LEU A 510 -9.51 46.40 -52.84
N ILE A 511 -9.47 47.49 -52.08
CA ILE A 511 -10.68 47.98 -51.42
C ILE A 511 -11.73 48.39 -52.45
N ALA A 512 -11.29 48.93 -53.59
CA ALA A 512 -12.24 49.37 -54.59
C ALA A 512 -13.03 48.22 -55.20
N ALA A 513 -12.53 47.00 -55.08
CA ALA A 513 -13.16 45.86 -55.74
C ALA A 513 -14.34 45.31 -54.96
N ILE A 514 -14.53 45.69 -53.70
CA ILE A 514 -15.62 45.13 -52.93
C ILE A 514 -16.97 45.56 -53.49
N HIS A 515 -17.02 46.72 -54.15
CA HIS A 515 -18.26 47.21 -54.75
C HIS A 515 -18.39 46.66 -56.18
N ALA A 516 -18.47 45.34 -56.27
CA ALA A 516 -18.52 44.66 -57.55
C ALA A 516 -19.71 43.71 -57.60
N GLU A 517 -20.05 43.30 -58.82
CA GLU A 517 -21.21 42.44 -59.03
C GLU A 517 -20.99 41.05 -58.43
N VAL A 518 -22.09 40.42 -58.04
CA VAL A 518 -22.08 39.08 -57.48
C VAL A 518 -23.01 38.21 -58.31
N THR A 519 -22.50 37.06 -58.76
CA THR A 519 -23.33 36.12 -59.49
C THR A 519 -24.28 35.42 -58.53
N MET A 520 -25.18 34.61 -59.09
CA MET A 520 -26.21 33.98 -58.28
C MET A 520 -26.55 32.61 -58.85
N GLY A 521 -27.20 31.80 -58.00
CA GLY A 521 -27.65 30.48 -58.38
C GLY A 521 -28.96 30.16 -57.70
N ILE A 522 -29.61 29.11 -58.17
CA ILE A 522 -30.92 28.71 -57.71
C ILE A 522 -30.93 27.21 -57.43
N ARG A 523 -31.54 26.82 -56.31
CA ARG A 523 -31.71 25.42 -55.95
C ARG A 523 -33.19 25.16 -55.69
N ASN A 524 -33.77 24.22 -56.41
CA ASN A 524 -35.21 23.96 -56.33
C ASN A 524 -35.56 23.23 -55.04
N GLN A 525 -36.85 23.24 -54.72
CA GLN A 525 -37.36 22.67 -53.48
C GLN A 525 -38.56 21.79 -53.77
N VAL A 526 -39.01 21.07 -52.74
CA VAL A 526 -40.09 20.10 -52.90
C VAL A 526 -41.45 20.71 -52.59
N GLN A 527 -41.54 21.53 -51.54
CA GLN A 527 -42.83 22.03 -51.09
C GLN A 527 -42.85 23.56 -50.99
N ARG A 528 -41.98 24.26 -51.70
CA ARG A 528 -41.92 25.71 -51.61
C ARG A 528 -41.18 26.26 -52.81
N ARG A 529 -41.04 27.58 -52.84
CA ARG A 529 -40.22 28.23 -53.85
C ARG A 529 -38.79 27.76 -53.75
N ALA A 530 -38.08 27.84 -54.86
CA ALA A 530 -36.68 27.44 -54.89
C ALA A 530 -35.83 28.35 -54.02
N ARG A 531 -34.78 27.79 -53.45
CA ARG A 531 -33.86 28.57 -52.63
C ARG A 531 -32.87 29.32 -53.51
N SER A 532 -32.12 30.22 -52.88
CA SER A 532 -31.15 31.07 -53.57
C SER A 532 -29.77 30.86 -52.98
N ILE A 533 -28.75 30.88 -53.84
CA ILE A 533 -27.36 30.80 -53.44
C ILE A 533 -26.65 32.03 -54.00
N MET A 534 -26.08 32.85 -53.12
CA MET A 534 -25.48 34.12 -53.48
C MET A 534 -24.07 34.18 -52.93
N PRO A 535 -23.11 33.55 -53.61
CA PRO A 535 -21.73 33.49 -53.09
C PRO A 535 -20.99 34.81 -53.34
N LEU A 536 -20.57 35.44 -52.25
CA LEU A 536 -19.74 36.64 -52.35
C LEU A 536 -18.35 36.27 -52.84
N ASN A 537 -17.62 37.28 -53.33
CA ASN A 537 -16.22 37.02 -53.64
C ASN A 537 -15.41 36.97 -52.35
N VAL A 538 -14.18 36.49 -52.47
CA VAL A 538 -13.36 36.26 -51.28
C VAL A 538 -13.11 37.58 -50.56
N ILE A 539 -12.91 38.67 -51.30
CA ILE A 539 -12.63 39.96 -50.67
C ILE A 539 -13.83 40.44 -49.88
N GLN A 540 -15.01 40.40 -50.48
CA GLN A 540 -16.21 40.82 -49.78
C GLN A 540 -16.43 39.96 -48.54
N GLN A 541 -16.24 38.65 -48.68
CA GLN A 541 -16.39 37.77 -47.54
C GLN A 541 -15.41 38.13 -46.44
N ALA A 542 -14.21 38.60 -46.80
CA ALA A 542 -13.26 39.01 -45.79
C ALA A 542 -13.69 40.29 -45.10
N ILE A 543 -14.22 41.26 -45.85
CA ILE A 543 -14.60 42.53 -45.28
C ILE A 543 -15.72 42.36 -44.26
N SER A 544 -16.68 41.51 -44.56
CA SER A 544 -17.83 41.35 -43.68
C SER A 544 -17.49 40.60 -42.41
N ALA A 545 -16.23 40.33 -42.13
CA ALA A 545 -15.86 39.56 -40.94
C ALA A 545 -16.41 40.13 -39.65
N PRO A 546 -16.31 41.43 -39.35
CA PRO A 546 -16.83 41.91 -38.06
C PRO A 546 -18.29 41.60 -37.85
N HIS A 547 -19.09 41.69 -38.92
CA HIS A 547 -20.50 41.38 -38.81
C HIS A 547 -20.70 39.96 -38.33
N THR A 548 -19.96 39.01 -38.90
CA THR A 548 -20.08 37.62 -38.48
C THR A 548 -19.60 37.44 -37.05
N LEU A 549 -18.47 38.04 -36.71
CA LEU A 549 -17.89 37.83 -35.39
C LEU A 549 -18.83 38.30 -34.29
N VAL A 550 -19.37 39.50 -34.44
CA VAL A 550 -20.29 40.02 -33.44
C VAL A 550 -21.51 39.13 -33.34
N ALA A 551 -22.05 38.72 -34.49
CA ALA A 551 -23.21 37.84 -34.49
C ALA A 551 -22.91 36.55 -33.74
N ASN A 552 -21.73 35.97 -33.97
CA ASN A 552 -21.37 34.75 -33.28
C ASN A 552 -21.35 34.96 -31.78
N TYR A 553 -20.75 36.06 -31.33
CA TYR A 553 -20.69 36.32 -29.91
C TYR A 553 -22.08 36.48 -29.32
N ILE A 554 -22.97 37.17 -30.04
CA ILE A 554 -24.34 37.32 -29.58
C ILE A 554 -24.99 35.96 -29.40
N ASN A 555 -24.84 35.09 -30.39
CA ASN A 555 -25.41 33.76 -30.35
C ASN A 555 -24.77 32.95 -29.22
N LYS A 556 -23.47 32.71 -29.27
CA LYS A 556 -22.79 31.83 -28.30
C LYS A 556 -22.87 32.34 -26.87
N HIS A 557 -23.15 33.62 -26.64
CA HIS A 557 -23.19 34.18 -25.29
C HIS A 557 -24.57 34.75 -24.96
N MET A 558 -25.60 34.37 -25.73
CA MET A 558 -26.96 34.71 -25.38
C MET A 558 -27.86 33.68 -26.05
N ASN A 559 -28.54 32.88 -25.23
CA ASN A 559 -29.34 31.74 -25.65
C ASN A 559 -28.53 30.62 -26.34
N LEU A 560 -27.21 30.58 -26.13
CA LEU A 560 -26.26 29.61 -26.67
C LEU A 560 -26.56 29.25 -28.12
N SER A 561 -26.66 30.27 -28.96
CA SER A 561 -26.94 30.20 -30.39
C SER A 561 -28.23 29.49 -30.73
N THR A 562 -29.08 29.15 -29.76
CA THR A 562 -30.31 28.40 -29.99
C THR A 562 -30.08 27.21 -30.89
N THR A 563 -29.14 26.34 -30.50
CA THR A 563 -28.71 25.13 -31.25
C THR A 563 -27.96 25.35 -32.57
N SER A 564 -27.77 26.60 -33.03
CA SER A 564 -26.97 26.91 -34.22
C SER A 564 -25.51 26.48 -34.14
N GLY A 565 -25.09 25.91 -33.02
CA GLY A 565 -23.78 25.30 -32.98
C GLY A 565 -23.88 24.06 -33.88
N SER A 566 -25.09 23.50 -34.07
CA SER A 566 -25.32 22.35 -34.98
C SER A 566 -24.39 21.15 -34.77
N VAL A 567 -23.97 20.93 -33.54
CA VAL A 567 -22.99 19.87 -33.23
C VAL A 567 -23.39 18.46 -33.63
N VAL A 568 -24.57 18.05 -33.23
CA VAL A 568 -25.31 16.96 -33.86
C VAL A 568 -26.74 17.47 -34.02
N THR A 569 -27.34 17.31 -35.20
CA THR A 569 -28.68 17.87 -35.44
C THR A 569 -29.74 17.22 -34.55
N ASP A 570 -29.51 15.99 -34.10
CA ASP A 570 -30.44 15.24 -33.26
C ASP A 570 -30.79 15.93 -31.93
N LYS A 571 -30.03 16.93 -31.42
CA LYS A 571 -30.42 17.69 -30.21
C LYS A 571 -31.76 18.37 -30.32
N VAL A 572 -32.24 18.68 -31.52
CA VAL A 572 -33.58 19.22 -31.66
C VAL A 572 -34.65 18.16 -31.50
N ILE A 573 -34.36 16.87 -31.70
CA ILE A 573 -35.33 15.80 -31.57
C ILE A 573 -35.93 15.80 -30.17
N PRO A 574 -35.17 15.61 -29.07
CA PRO A 574 -35.81 15.63 -27.76
C PRO A 574 -36.47 16.96 -27.45
N LEU A 575 -35.94 18.07 -27.99
CA LEU A 575 -36.49 19.38 -27.71
C LEU A 575 -37.93 19.47 -28.18
N ILE A 576 -38.20 19.12 -29.44
CA ILE A 576 -39.57 19.22 -29.94
C ILE A 576 -40.45 18.19 -29.27
N LEU A 577 -39.91 17.01 -28.96
CA LEU A 577 -40.68 16.01 -28.23
C LEU A 577 -41.14 16.57 -26.90
N TYR A 578 -40.23 17.19 -26.15
CA TYR A 578 -40.62 17.82 -24.90
C TYR A 578 -41.60 18.95 -25.15
N ALA A 579 -41.40 19.73 -26.20
CA ALA A 579 -42.26 20.85 -26.48
C ALA A 579 -43.68 20.44 -26.85
N SER A 580 -43.87 19.20 -27.29
CA SER A 580 -45.18 18.74 -27.71
C SER A 580 -45.92 17.95 -26.64
N THR A 581 -45.32 17.77 -25.47
CA THR A 581 -45.97 17.03 -24.42
C THR A 581 -47.19 17.78 -23.91
N PRO A 582 -48.17 17.07 -23.37
CA PRO A 582 -49.43 17.70 -22.94
C PRO A 582 -49.21 18.84 -21.95
N PRO A 583 -48.34 18.70 -20.95
CA PRO A 583 -48.23 19.78 -19.95
C PRO A 583 -47.76 21.10 -20.52
N ASN A 584 -47.16 21.10 -21.71
CA ASN A 584 -46.59 22.30 -22.28
C ASN A 584 -47.42 22.80 -23.45
N THR A 585 -47.49 24.12 -23.60
CA THR A 585 -48.12 24.76 -24.74
C THR A 585 -47.03 25.41 -25.58
N VAL A 586 -47.05 25.15 -26.88
CA VAL A 586 -46.00 25.60 -27.78
C VAL A 586 -46.62 26.35 -28.94
N VAL A 587 -45.89 27.34 -29.44
CA VAL A 587 -46.31 28.15 -30.57
C VAL A 587 -45.19 28.19 -31.60
N ASN A 588 -45.53 27.93 -32.85
CA ASN A 588 -44.57 27.91 -33.94
C ASN A 588 -44.55 29.28 -34.62
N VAL A 589 -43.36 29.86 -34.73
CA VAL A 589 -43.19 31.17 -35.36
C VAL A 589 -42.01 31.11 -36.32
N ASP A 590 -42.02 32.01 -37.30
CA ASP A 590 -40.92 32.14 -38.23
C ASP A 590 -41.11 33.40 -39.06
N ILE A 591 -40.00 34.12 -39.29
CA ILE A 591 -40.07 35.33 -40.10
C ILE A 591 -40.51 34.97 -41.51
N LYS A 592 -41.39 35.79 -42.07
CA LYS A 592 -41.95 35.49 -43.39
C LYS A 592 -40.85 35.40 -44.43
N ALA A 593 -39.99 36.41 -44.50
CA ALA A 593 -38.79 36.32 -45.34
C ALA A 593 -37.72 37.17 -44.67
N CYS A 594 -36.93 36.52 -43.80
CA CYS A 594 -35.91 37.26 -43.07
C CYS A 594 -34.86 37.82 -44.01
N ASP A 595 -34.50 37.04 -45.03
CA ASP A 595 -33.53 37.51 -46.02
C ASP A 595 -34.03 38.76 -46.72
N ALA A 596 -35.33 38.81 -47.04
CA ALA A 596 -35.87 39.94 -47.76
C ALA A 596 -36.27 41.10 -46.86
N SER A 597 -36.35 40.88 -45.56
CA SER A 597 -36.80 41.93 -44.64
C SER A 597 -35.66 42.66 -43.95
N ILE A 598 -34.53 41.98 -43.71
CA ILE A 598 -33.35 42.67 -43.24
C ILE A 598 -32.89 43.63 -44.32
N THR A 599 -32.64 44.88 -43.93
CA THR A 599 -32.36 45.92 -44.91
C THR A 599 -31.58 47.03 -44.23
N TYR A 600 -31.09 47.97 -45.05
CA TYR A 600 -30.21 49.00 -44.50
C TYR A 600 -30.98 50.18 -43.91
N ASN A 601 -32.08 50.58 -44.55
CA ASN A 601 -32.75 51.81 -44.14
C ASN A 601 -33.17 51.74 -42.68
N TYR A 602 -33.67 50.58 -42.24
CA TYR A 602 -34.02 50.41 -40.83
C TYR A 602 -32.98 49.61 -40.05
N PHE A 603 -32.70 48.38 -40.48
CA PHE A 603 -31.91 47.48 -39.64
C PHE A 603 -30.43 47.76 -39.73
N LEU A 604 -29.84 47.60 -40.92
CA LEU A 604 -28.39 47.56 -41.03
C LEU A 604 -27.76 48.87 -40.59
N SER A 605 -28.42 49.99 -40.83
CA SER A 605 -27.88 51.27 -40.40
C SER A 605 -27.69 51.28 -38.89
N VAL A 606 -28.69 50.79 -38.15
CA VAL A 606 -28.58 50.74 -36.70
C VAL A 606 -27.41 49.85 -36.30
N ILE A 607 -27.30 48.68 -36.92
CA ILE A 607 -26.24 47.75 -36.57
C ILE A 607 -24.88 48.36 -36.88
N CYS A 608 -24.75 48.97 -38.07
CA CYS A 608 -23.47 49.56 -38.44
C CYS A 608 -23.05 50.64 -37.44
N GLY A 609 -24.00 51.51 -37.07
CA GLY A 609 -23.68 52.54 -36.10
C GLY A 609 -23.27 51.95 -34.76
N ALA A 610 -24.02 50.95 -34.29
CA ALA A 610 -23.71 50.34 -33.01
C ALA A 610 -22.34 49.68 -33.04
N MET A 611 -22.05 48.94 -34.11
CA MET A 611 -20.73 48.30 -34.22
C MET A 611 -19.62 49.32 -34.27
N HIS A 612 -19.81 50.38 -35.06
CA HIS A 612 -18.77 51.39 -35.17
C HIS A 612 -18.55 52.08 -33.83
N GLU A 613 -19.63 52.41 -33.13
CA GLU A 613 -19.47 52.97 -31.79
C GLU A 613 -18.91 51.95 -30.82
N GLY A 614 -19.38 50.70 -30.92
CA GLY A 614 -18.90 49.68 -29.99
C GLY A 614 -17.42 49.41 -30.11
N PHE A 615 -16.85 49.69 -31.28
CA PHE A 615 -15.42 49.49 -31.46
C PHE A 615 -14.60 50.68 -31.00
N GLU A 616 -15.24 51.76 -30.56
CA GLU A 616 -14.48 52.92 -30.10
C GLU A 616 -13.57 52.58 -28.94
N VAL A 617 -14.00 51.66 -28.08
CA VAL A 617 -13.17 51.23 -26.96
C VAL A 617 -12.10 50.31 -27.54
N GLY A 618 -10.91 50.85 -27.71
CA GLY A 618 -9.82 50.11 -28.31
C GLY A 618 -8.82 51.05 -28.94
N ASN A 619 -7.63 50.52 -29.16
CA ASN A 619 -6.55 51.34 -29.71
C ASN A 619 -6.94 51.86 -31.08
N ALA A 620 -6.99 53.18 -31.20
CA ALA A 620 -7.42 53.80 -32.47
C ALA A 620 -6.48 53.43 -33.61
N ASP A 621 -5.24 53.09 -33.29
CA ASP A 621 -4.26 52.70 -34.30
C ASP A 621 -3.92 51.23 -34.06
N ALA A 622 -4.72 50.34 -34.64
CA ALA A 622 -4.49 48.91 -34.51
C ALA A 622 -5.07 48.25 -35.75
N ALA A 623 -4.20 47.90 -36.69
CA ALA A 623 -4.65 47.26 -37.91
C ALA A 623 -5.26 45.90 -37.60
N PHE A 624 -6.27 45.54 -38.37
CA PHE A 624 -6.96 44.26 -38.21
C PHE A 624 -7.05 43.58 -39.56
N MET A 625 -6.53 42.36 -39.65
CA MET A 625 -6.55 41.58 -40.88
C MET A 625 -5.99 42.39 -42.05
N GLY A 626 -4.89 43.08 -41.79
CA GLY A 626 -4.23 43.85 -42.81
C GLY A 626 -4.90 45.16 -43.17
N VAL A 627 -5.96 45.53 -42.47
CA VAL A 627 -6.66 46.79 -42.73
C VAL A 627 -6.13 47.82 -41.74
N PRO A 628 -5.37 48.81 -42.17
CA PRO A 628 -4.78 49.76 -41.23
C PRO A 628 -5.80 50.80 -40.78
N SER A 629 -5.45 51.46 -39.68
CA SER A 629 -6.25 52.58 -39.19
C SER A 629 -6.13 53.76 -40.14
N THR A 630 -7.18 54.57 -40.18
CA THR A 630 -7.21 55.72 -41.08
C THR A 630 -7.82 56.92 -40.36
N ILE A 631 -7.74 58.07 -41.03
CA ILE A 631 -8.26 59.33 -40.51
C ILE A 631 -9.63 59.58 -41.12
N VAL A 632 -10.61 59.88 -40.29
CA VAL A 632 -11.96 60.18 -40.74
C VAL A 632 -12.41 61.48 -40.10
N SER A 633 -13.28 62.20 -40.80
CA SER A 633 -13.80 63.46 -40.31
C SER A 633 -14.99 63.23 -39.38
N ASP A 634 -14.94 63.82 -38.21
CA ASP A 634 -16.03 63.74 -37.24
C ASP A 634 -16.83 65.02 -37.29
N ARG A 635 -18.13 64.91 -37.50
CA ARG A 635 -19.00 66.08 -37.65
C ARG A 635 -20.15 66.05 -36.66
N ARG A 636 -19.97 65.36 -35.53
CA ARG A 636 -21.02 65.34 -34.52
C ARG A 636 -21.27 66.73 -33.97
N SER A 637 -20.22 67.52 -33.80
CA SER A 637 -20.33 68.88 -33.29
C SER A 637 -20.32 69.85 -34.46
N SER A 638 -21.41 70.58 -34.63
CA SER A 638 -21.48 71.59 -35.68
C SER A 638 -20.52 72.73 -35.40
N VAL A 639 -20.23 72.99 -34.12
CA VAL A 639 -19.34 74.09 -33.77
C VAL A 639 -17.88 73.66 -33.79
N ALA A 640 -17.59 72.40 -33.51
CA ALA A 640 -16.21 71.91 -33.44
C ALA A 640 -16.07 70.61 -34.23
N PRO A 641 -16.15 70.67 -35.54
CA PRO A 641 -15.82 69.50 -36.35
C PRO A 641 -14.32 69.32 -36.45
N TYR A 642 -13.91 68.10 -36.76
CA TYR A 642 -12.50 67.76 -36.82
C TYR A 642 -12.36 66.37 -37.42
N SER A 643 -11.13 65.86 -37.43
CA SER A 643 -10.82 64.53 -37.92
C SER A 643 -9.96 63.80 -36.90
N ARG A 644 -10.19 62.51 -36.75
CA ARG A 644 -9.48 61.70 -35.78
C ARG A 644 -9.25 60.32 -36.37
N PRO A 645 -8.24 59.60 -35.90
CA PRO A 645 -8.00 58.24 -36.40
C PRO A 645 -9.05 57.27 -35.90
N ILE A 646 -9.23 56.20 -36.67
CA ILE A 646 -10.15 55.12 -36.31
C ILE A 646 -9.48 53.79 -36.61
N SER A 647 -9.73 52.80 -35.78
CA SER A 647 -9.09 51.51 -35.91
C SER A 647 -9.55 50.79 -37.18
N GLY A 648 -8.79 49.76 -37.56
CA GLY A 648 -9.11 49.04 -38.78
C GLY A 648 -10.52 48.45 -38.76
N LEU A 649 -10.94 47.94 -37.60
CA LEU A 649 -12.30 47.43 -37.48
C LEU A 649 -13.31 48.48 -37.91
N GLN A 650 -13.13 49.71 -37.44
CA GLN A 650 -14.07 50.76 -37.81
C GLN A 650 -13.98 51.07 -39.29
N THR A 651 -12.78 51.04 -39.87
CA THR A 651 -12.65 51.24 -41.30
C THR A 651 -13.43 50.19 -42.07
N MET A 652 -13.36 48.93 -41.62
CA MET A 652 -14.17 47.89 -42.23
C MET A 652 -15.65 48.26 -42.18
N VAL A 653 -16.11 48.73 -41.02
CA VAL A 653 -17.50 49.12 -40.89
C VAL A 653 -17.84 50.25 -41.85
N GLN A 654 -16.94 51.23 -41.95
CA GLN A 654 -17.16 52.36 -42.86
C GLN A 654 -17.46 51.87 -44.27
N HIS A 655 -16.62 50.95 -44.77
CA HIS A 655 -16.88 50.41 -46.09
C HIS A 655 -18.10 49.50 -46.09
N LEU A 656 -18.25 48.68 -45.06
CA LEU A 656 -19.36 47.75 -45.03
C LEU A 656 -20.69 48.47 -45.07
N ALA A 657 -20.82 49.55 -44.29
CA ALA A 657 -22.04 50.35 -44.33
C ALA A 657 -22.25 50.94 -45.71
N ASP A 658 -21.18 51.42 -46.33
CA ASP A 658 -21.29 51.97 -47.68
C ASP A 658 -21.85 50.92 -48.64
N LEU A 659 -21.32 49.70 -48.56
CA LEU A 659 -21.81 48.64 -49.44
C LEU A 659 -23.28 48.35 -49.18
N TYR A 660 -23.66 48.20 -47.91
CA TYR A 660 -25.04 47.90 -47.58
C TYR A 660 -25.98 48.99 -48.06
N ALA A 661 -25.60 50.25 -47.83
CA ALA A 661 -26.43 51.36 -48.31
C ALA A 661 -26.55 51.33 -49.82
N ALA A 662 -25.47 51.01 -50.51
CA ALA A 662 -25.53 50.91 -51.97
C ALA A 662 -26.39 49.74 -52.42
N GLY A 663 -26.56 48.72 -51.58
CA GLY A 663 -27.34 47.57 -51.95
C GLY A 663 -26.57 46.58 -52.80
N PHE A 664 -26.88 45.30 -52.65
CA PHE A 664 -26.18 44.27 -53.41
C PHE A 664 -26.54 44.37 -54.88
N ARG A 665 -25.56 44.14 -55.75
CA ARG A 665 -25.74 44.21 -57.20
C ARG A 665 -25.52 42.81 -57.75
N TYR A 666 -26.61 42.12 -58.08
CA TYR A 666 -26.53 40.77 -58.61
C TYR A 666 -26.56 40.79 -60.13
N SER A 667 -26.11 39.70 -60.73
CA SER A 667 -26.11 39.53 -62.17
C SER A 667 -26.64 38.13 -62.48
N VAL A 668 -27.78 38.07 -63.15
CA VAL A 668 -28.43 36.80 -63.45
C VAL A 668 -28.03 36.34 -64.84
N SER A 669 -27.75 35.05 -64.96
CA SER A 669 -27.33 34.46 -66.23
C SER A 669 -27.98 33.10 -66.43
N ASP A 670 -29.30 33.02 -66.22
CA ASP A 670 -29.98 31.74 -66.27
C ASP A 670 -29.80 31.08 -67.62
N ALA A 671 -29.56 29.76 -67.58
CA ALA A 671 -29.31 29.01 -68.80
C ALA A 671 -30.58 28.45 -69.41
N PHE A 672 -31.59 28.15 -68.59
CA PHE A 672 -32.83 27.60 -69.14
C PHE A 672 -33.50 28.60 -70.07
N SER A 673 -33.53 29.87 -69.70
CA SER A 673 -34.00 30.88 -70.62
C SER A 673 -32.94 31.14 -71.69
N SER A 674 -33.33 31.92 -72.70
CA SER A 674 -32.50 32.11 -73.89
C SER A 674 -32.04 33.55 -73.97
N GLY A 675 -30.72 33.74 -73.98
CA GLY A 675 -30.09 35.03 -74.23
C GLY A 675 -30.71 36.20 -73.49
N ASN A 676 -30.74 36.13 -72.16
CA ASN A 676 -31.45 37.13 -71.38
C ASN A 676 -30.72 37.50 -70.10
N LYS A 677 -29.39 37.50 -70.11
CA LYS A 677 -28.65 37.86 -68.91
C LYS A 677 -28.74 39.36 -68.67
N PHE A 678 -28.80 39.72 -67.39
CA PHE A 678 -28.85 41.12 -67.00
C PHE A 678 -28.47 41.21 -65.53
N SER A 679 -28.39 42.46 -65.05
CA SER A 679 -28.03 42.73 -63.67
C SER A 679 -28.97 43.76 -63.08
N PHE A 680 -29.33 43.58 -61.81
CA PHE A 680 -30.15 44.55 -61.13
C PHE A 680 -29.85 44.46 -59.64
N PRO A 681 -29.86 45.58 -58.94
CA PRO A 681 -29.55 45.58 -57.52
C PRO A 681 -30.77 45.30 -56.66
N THR A 682 -30.50 44.94 -55.41
CA THR A 682 -31.57 44.71 -54.45
C THR A 682 -30.98 44.81 -53.05
N SER A 683 -31.86 45.09 -52.09
CA SER A 683 -31.48 45.11 -50.69
C SER A 683 -31.54 43.73 -50.05
N THR A 684 -31.96 42.72 -50.79
CA THR A 684 -32.07 41.37 -50.23
C THR A 684 -30.71 40.88 -49.77
N PHE A 685 -30.65 40.41 -48.53
CA PHE A 685 -29.42 39.88 -47.99
C PHE A 685 -29.03 38.61 -48.76
N PRO A 686 -27.73 38.34 -48.90
CA PRO A 686 -27.31 37.18 -49.70
C PRO A 686 -27.91 35.88 -49.20
N SER A 687 -27.62 35.52 -47.96
CA SER A 687 -28.23 34.36 -47.30
C SER A 687 -28.12 33.10 -48.15
N GLY A 688 -26.92 32.87 -48.68
CA GLY A 688 -26.69 31.71 -49.52
C GLY A 688 -26.27 30.45 -48.81
N SER A 689 -25.84 30.55 -47.56
CA SER A 689 -25.40 29.39 -46.79
C SER A 689 -25.51 29.71 -45.32
N THR A 690 -25.04 28.78 -44.47
CA THR A 690 -25.12 28.88 -43.00
C THR A 690 -24.47 30.15 -42.44
N ALA A 691 -23.60 30.82 -43.23
CA ALA A 691 -22.95 32.03 -42.74
C ALA A 691 -23.95 33.15 -42.47
N THR A 692 -25.16 33.07 -43.02
CA THR A 692 -26.18 34.08 -42.77
C THR A 692 -27.04 33.76 -41.56
N SER A 693 -27.06 32.50 -41.12
CA SER A 693 -27.93 32.08 -40.03
C SER A 693 -27.56 32.84 -38.77
N THR A 694 -26.30 33.17 -38.58
CA THR A 694 -25.82 33.86 -37.39
C THR A 694 -26.48 35.22 -37.22
N GLU A 695 -26.46 36.05 -38.26
CA GLU A 695 -27.02 37.39 -38.20
C GLU A 695 -28.52 37.35 -37.97
N HIS A 696 -29.23 36.56 -38.75
CA HIS A 696 -30.68 36.51 -38.63
C HIS A 696 -31.09 35.94 -37.27
N THR A 697 -30.39 34.91 -36.78
CA THR A 697 -30.68 34.33 -35.46
C THR A 697 -30.44 35.35 -34.37
N ALA A 698 -29.41 36.18 -34.50
CA ALA A 698 -29.14 37.19 -33.50
C ALA A 698 -30.26 38.23 -33.46
N ASN A 699 -30.60 38.78 -34.62
CA ASN A 699 -31.69 39.75 -34.66
C ASN A 699 -33.00 39.12 -34.24
N ASN A 700 -33.25 37.88 -34.67
CA ASN A 700 -34.45 37.17 -34.27
C ASN A 700 -34.56 37.12 -32.75
N SER A 701 -33.49 36.71 -32.08
CA SER A 701 -33.52 36.61 -30.63
C SER A 701 -33.74 37.98 -30.00
N THR A 702 -33.06 39.00 -30.52
CA THR A 702 -33.12 40.32 -29.91
C THR A 702 -34.55 40.86 -29.91
N MET A 703 -35.18 40.87 -31.07
CA MET A 703 -36.53 41.43 -31.17
C MET A 703 -37.50 40.65 -30.28
N MET A 704 -37.38 39.33 -30.26
CA MET A 704 -38.26 38.52 -29.42
C MET A 704 -38.09 38.88 -27.95
N GLU A 705 -36.85 39.06 -27.51
CA GLU A 705 -36.61 39.37 -26.11
C GLU A 705 -37.24 40.70 -25.74
N TYR A 706 -37.06 41.72 -26.57
CA TYR A 706 -37.66 43.01 -26.28
C TYR A 706 -39.18 42.91 -26.25
N PHE A 707 -39.75 42.13 -27.17
CA PHE A 707 -41.20 41.97 -27.19
C PHE A 707 -41.70 41.37 -25.89
N LEU A 708 -41.04 40.31 -25.42
CA LEU A 708 -41.49 39.62 -24.22
C LEU A 708 -41.39 40.52 -22.99
N ASN A 709 -40.26 41.20 -22.83
CA ASN A 709 -39.99 41.90 -21.58
C ASN A 709 -40.55 43.30 -21.53
N VAL A 710 -40.75 43.94 -22.69
CA VAL A 710 -41.11 45.35 -22.67
C VAL A 710 -42.44 45.58 -23.38
N HIS A 711 -42.48 45.26 -24.67
CA HIS A 711 -43.63 45.67 -25.48
C HIS A 711 -44.90 44.99 -25.01
N ALA A 712 -44.87 43.68 -24.87
CA ALA A 712 -46.09 42.94 -24.53
C ALA A 712 -46.67 43.37 -23.19
N PRO A 713 -45.91 43.41 -22.08
CA PRO A 713 -46.54 43.81 -20.82
C PRO A 713 -47.15 45.19 -20.86
N SER A 714 -46.55 46.11 -21.61
CA SER A 714 -47.06 47.47 -21.68
C SER A 714 -48.32 47.58 -22.52
N HIS A 715 -48.68 46.53 -23.25
CA HIS A 715 -49.68 46.69 -24.29
C HIS A 715 -50.82 45.70 -24.17
N VAL A 716 -50.55 44.52 -23.62
CA VAL A 716 -51.57 43.50 -23.48
C VAL A 716 -52.61 43.93 -22.44
N LYS A 717 -53.77 43.31 -22.48
CA LYS A 717 -54.89 43.67 -21.61
C LYS A 717 -55.17 42.65 -20.51
N SER A 718 -55.20 41.36 -20.84
CA SER A 718 -55.60 40.35 -19.86
C SER A 718 -54.64 40.33 -18.68
N ALA A 719 -55.19 40.54 -17.48
CA ALA A 719 -54.38 40.50 -16.28
C ALA A 719 -53.76 39.13 -16.09
N SER A 720 -54.54 38.07 -16.33
CA SER A 720 -53.99 36.72 -16.24
C SER A 720 -52.84 36.54 -17.22
N LEU A 721 -52.99 37.06 -18.44
CA LEU A 721 -51.91 36.96 -19.41
C LEU A 721 -50.67 37.69 -18.90
N LYS A 722 -50.85 38.89 -18.37
CA LYS A 722 -49.72 39.61 -17.79
C LYS A 722 -49.05 38.79 -16.71
N ARG A 723 -49.86 38.16 -15.85
CA ARG A 723 -49.31 37.38 -14.76
C ARG A 723 -48.45 36.25 -15.28
N ILE A 724 -48.89 35.58 -16.34
CA ILE A 724 -48.12 34.47 -16.88
C ILE A 724 -47.07 34.94 -17.88
N LEU A 725 -47.32 36.06 -18.57
CA LEU A 725 -46.33 36.56 -19.52
C LEU A 725 -45.07 37.00 -18.79
N THR A 726 -45.21 37.64 -17.64
CA THR A 726 -44.07 37.94 -16.80
C THR A 726 -43.44 36.63 -16.31
N ASP A 727 -42.27 36.76 -15.69
CA ASP A 727 -41.50 35.61 -15.22
C ASP A 727 -41.19 34.67 -16.38
N MET A 728 -40.88 35.23 -17.53
CA MET A 728 -40.60 34.45 -18.73
C MET A 728 -39.46 35.11 -19.49
N THR A 729 -38.51 34.31 -19.96
CA THR A 729 -37.35 34.86 -20.64
C THR A 729 -36.92 33.92 -21.75
N ILE A 730 -36.22 34.49 -22.73
CA ILE A 730 -35.91 33.76 -23.96
C ILE A 730 -34.99 32.59 -23.67
N GLN A 731 -34.06 32.74 -22.72
CA GLN A 731 -33.06 31.71 -22.49
C GLN A 731 -33.68 30.41 -22.01
N ARG A 732 -34.92 30.44 -21.53
CA ARG A 732 -35.60 29.23 -21.11
C ARG A 732 -37.02 29.17 -21.67
N ASN A 733 -37.34 29.98 -22.67
CA ASN A 733 -38.66 29.92 -23.27
C ASN A 733 -38.68 30.07 -24.79
N TYR A 734 -37.52 30.30 -25.42
CA TYR A 734 -37.53 30.58 -26.85
C TYR A 734 -36.25 30.07 -27.49
N VAL A 735 -36.36 29.45 -28.66
CA VAL A 735 -35.22 29.07 -29.50
C VAL A 735 -35.49 29.41 -30.95
N CYS A 736 -34.45 29.50 -31.78
CA CYS A 736 -34.58 29.88 -33.16
C CYS A 736 -33.37 29.48 -33.98
N GLN A 737 -33.49 29.50 -35.30
CA GLN A 737 -32.36 29.36 -36.18
C GLN A 737 -32.72 29.95 -37.53
N GLY A 738 -32.02 31.02 -37.89
CA GLY A 738 -32.45 31.87 -39.00
C GLY A 738 -33.85 32.39 -38.72
N ASP A 739 -34.74 32.23 -39.69
CA ASP A 739 -36.13 32.66 -39.55
C ASP A 739 -36.92 31.77 -38.60
N ASP A 740 -36.62 30.48 -38.58
CA ASP A 740 -37.41 29.54 -37.80
C ASP A 740 -37.26 29.80 -36.30
N GLY A 741 -38.33 29.56 -35.55
CA GLY A 741 -38.32 29.80 -34.12
C GLY A 741 -39.41 29.02 -33.42
N ILE A 742 -39.16 28.73 -32.15
CA ILE A 742 -40.11 28.01 -31.29
C ILE A 742 -40.29 28.80 -30.00
N LEU A 743 -41.55 29.00 -29.62
CA LEU A 743 -41.88 29.66 -28.36
C LEU A 743 -42.78 28.75 -27.55
N LEU A 744 -42.40 28.50 -26.31
CA LEU A 744 -43.14 27.61 -25.43
C LEU A 744 -43.47 28.33 -24.13
N LEU A 745 -44.65 28.13 -23.67
CA LEU A 745 -45.15 28.85 -22.52
C LEU A 745 -44.82 28.13 -21.23
N PRO A 746 -44.70 28.86 -20.12
CA PRO A 746 -44.54 28.21 -18.82
C PRO A 746 -45.75 27.36 -18.52
N HIS A 747 -45.51 26.26 -17.80
CA HIS A 747 -46.58 25.32 -17.53
C HIS A 747 -47.69 25.97 -16.74
N GLU A 748 -48.84 26.19 -17.38
CA GLU A 748 -50.01 26.66 -16.65
C GLU A 748 -50.40 25.60 -15.64
N ALA A 749 -50.69 26.04 -14.41
CA ALA A 749 -50.80 25.12 -13.30
C ALA A 749 -51.95 24.15 -13.50
N ALA A 750 -51.61 22.90 -13.86
CA ALA A 750 -52.59 21.83 -14.08
C ALA A 750 -53.69 22.25 -15.05
N SER A 751 -53.44 23.28 -15.86
CA SER A 751 -54.48 23.87 -16.69
C SER A 751 -53.85 24.37 -17.98
N LYS A 752 -54.67 24.99 -18.81
CA LYS A 752 -54.22 25.58 -20.06
C LYS A 752 -54.75 26.99 -20.18
N ILE A 753 -53.98 27.84 -20.87
CA ILE A 753 -54.35 29.23 -21.04
C ILE A 753 -55.59 29.32 -21.93
N SER A 754 -56.45 30.30 -21.64
CA SER A 754 -57.61 30.52 -22.47
C SER A 754 -57.20 30.84 -23.89
N ALA A 755 -57.89 30.22 -24.85
CA ALA A 755 -57.66 30.57 -26.25
C ALA A 755 -57.89 32.05 -26.48
N ASP A 756 -58.78 32.66 -25.70
CA ASP A 756 -59.00 34.10 -25.81
C ASP A 756 -57.70 34.86 -25.55
N ASP A 757 -57.01 34.54 -24.47
CA ASP A 757 -55.73 35.19 -24.19
C ASP A 757 -54.72 34.89 -25.28
N MET A 758 -54.69 33.64 -25.75
CA MET A 758 -53.80 33.29 -26.85
C MET A 758 -54.03 34.19 -28.05
N ASN A 759 -55.30 34.34 -28.44
CA ASN A 759 -55.61 35.21 -29.57
C ASN A 759 -55.14 36.63 -29.31
N GLU A 760 -55.37 37.13 -28.10
CA GLU A 760 -54.86 38.44 -27.75
C GLU A 760 -53.34 38.48 -27.86
N LEU A 761 -52.68 37.46 -27.33
CA LEU A 761 -51.22 37.44 -27.37
C LEU A 761 -50.73 37.37 -28.81
N LEU A 762 -51.26 36.43 -29.60
CA LEU A 762 -50.78 36.27 -30.96
C LEU A 762 -51.03 37.52 -31.79
N THR A 763 -52.18 38.17 -31.57
CA THR A 763 -52.49 39.38 -32.32
C THR A 763 -51.45 40.46 -32.04
N CYS A 764 -51.12 40.68 -30.76
CA CYS A 764 -50.18 41.73 -30.42
C CYS A 764 -48.81 41.46 -31.04
N LEU A 765 -48.40 40.19 -31.05
CA LEU A 765 -47.13 39.85 -31.65
C LEU A 765 -47.10 40.22 -33.14
N ARG A 766 -48.19 39.93 -33.85
CA ARG A 766 -48.26 40.30 -35.26
C ARG A 766 -48.06 41.79 -35.44
N ASP A 767 -48.76 42.59 -34.63
CA ASP A 767 -48.60 44.03 -34.72
C ASP A 767 -47.17 44.44 -34.39
N TYR A 768 -46.58 43.82 -33.38
CA TYR A 768 -45.21 44.16 -33.00
C TYR A 768 -44.26 43.93 -34.15
N GLY A 769 -44.40 42.80 -34.85
CA GLY A 769 -43.58 42.56 -36.02
C GLY A 769 -43.89 43.54 -37.14
N GLN A 770 -45.16 43.92 -37.28
CA GLN A 770 -45.55 44.87 -38.30
C GLN A 770 -44.87 46.21 -38.11
N LEU A 771 -44.51 46.55 -36.87
CA LEU A 771 -43.93 47.85 -36.58
C LEU A 771 -42.70 48.10 -37.43
N PHE A 772 -41.74 47.18 -37.38
CA PHE A 772 -40.50 47.31 -38.13
C PHE A 772 -40.49 46.42 -39.37
N GLY A 773 -41.66 46.03 -39.86
CA GLY A 773 -41.74 45.35 -41.14
C GLY A 773 -41.36 43.90 -41.13
N TRP A 774 -41.69 43.17 -40.08
CA TRP A 774 -41.50 41.73 -40.04
C TRP A 774 -42.87 41.07 -39.99
N ASN A 775 -43.19 40.30 -41.02
CA ASN A 775 -44.39 39.47 -40.99
C ASN A 775 -44.06 38.18 -40.26
N TYR A 776 -44.71 37.97 -39.11
CA TYR A 776 -44.28 36.92 -38.20
C TYR A 776 -44.83 35.55 -38.54
N ASP A 777 -45.94 35.47 -39.28
CA ASP A 777 -46.42 34.20 -39.82
C ASP A 777 -46.56 33.14 -38.74
N ILE A 778 -47.12 33.53 -37.60
CA ILE A 778 -47.21 32.63 -36.45
C ILE A 778 -48.41 31.70 -36.61
N ASP A 779 -48.41 30.64 -35.80
CA ASP A 779 -49.55 29.72 -35.75
C ASP A 779 -49.53 29.01 -34.42
N TRP A 780 -50.70 28.52 -34.02
CA TRP A 780 -50.87 27.81 -32.75
C TRP A 780 -51.75 26.60 -33.00
N SER A 781 -51.14 25.41 -33.04
CA SER A 781 -51.92 24.19 -33.26
C SER A 781 -51.47 23.07 -32.34
N ASP A 782 -50.76 23.38 -31.26
CA ASP A 782 -50.32 22.37 -30.29
C ASP A 782 -49.50 21.27 -30.96
N THR A 783 -48.64 21.67 -31.89
CA THR A 783 -47.71 20.77 -32.55
C THR A 783 -46.35 21.46 -32.62
N ALA A 784 -45.33 20.72 -33.06
CA ALA A 784 -43.97 21.22 -33.07
C ALA A 784 -43.41 21.14 -34.48
N GLU A 785 -43.22 22.30 -35.10
CA GLU A 785 -42.51 22.42 -36.36
C GLU A 785 -41.24 23.20 -36.12
N TYR A 786 -40.09 22.54 -36.27
CA TYR A 786 -38.80 23.18 -36.11
C TYR A 786 -37.81 22.46 -36.99
N LEU A 787 -37.10 23.19 -37.85
CA LEU A 787 -36.16 22.62 -38.80
C LEU A 787 -36.76 21.44 -39.58
N LYS A 788 -38.03 21.56 -40.02
CA LYS A 788 -38.71 20.52 -40.78
C LYS A 788 -38.79 19.21 -40.01
N LEU A 789 -39.07 19.26 -38.73
CA LEU A 789 -39.38 18.07 -37.94
C LEU A 789 -40.72 18.29 -37.27
N TYR A 790 -41.49 17.21 -37.17
CA TYR A 790 -42.88 17.25 -36.72
C TYR A 790 -43.06 16.30 -35.55
N ALA A 791 -43.60 16.82 -34.45
CA ALA A 791 -43.86 16.02 -33.26
C ALA A 791 -45.29 16.28 -32.81
N LEU A 792 -45.96 15.22 -32.37
CA LEU A 792 -47.32 15.30 -31.87
C LEU A 792 -47.40 14.52 -30.57
N MET A 793 -47.66 15.23 -29.47
CA MET A 793 -47.78 14.61 -28.16
C MET A 793 -46.56 13.76 -27.84
N GLY A 794 -45.38 14.30 -28.12
CA GLY A 794 -44.16 13.59 -27.81
C GLY A 794 -43.83 12.45 -28.73
N CYS A 795 -44.51 12.32 -29.87
CA CYS A 795 -44.20 11.30 -30.86
C CYS A 795 -43.76 11.98 -32.14
N ARG A 796 -42.63 11.55 -32.69
CA ARG A 796 -42.11 12.15 -33.90
C ARG A 796 -42.85 11.61 -35.11
N ILE A 797 -43.16 12.50 -36.05
CA ILE A 797 -43.90 12.14 -37.26
C ILE A 797 -42.98 12.40 -38.45
N PRO A 798 -42.49 11.36 -39.12
CA PRO A 798 -41.66 11.57 -40.32
C PRO A 798 -42.53 12.03 -41.48
N ASN A 799 -42.23 13.22 -41.99
CA ASN A 799 -42.95 13.77 -43.15
C ASN A 799 -42.32 13.17 -44.40
N THR A 800 -42.81 11.99 -44.77
CA THR A 800 -42.18 11.25 -45.86
C THR A 800 -42.27 11.98 -47.19
N SER A 801 -43.30 12.79 -47.39
CA SER A 801 -43.49 13.44 -48.67
C SER A 801 -42.30 14.33 -49.04
N ARG A 802 -41.57 14.81 -48.03
CA ARG A 802 -40.40 15.63 -48.30
C ARG A 802 -39.22 14.82 -48.82
N HIS A 803 -39.35 13.50 -48.89
CA HIS A 803 -38.33 12.63 -49.47
C HIS A 803 -38.98 11.71 -50.50
N PRO A 804 -39.39 12.27 -51.63
CA PRO A 804 -40.11 11.47 -52.63
C PRO A 804 -39.22 10.35 -53.15
N PRO A 805 -39.77 9.15 -53.30
CA PRO A 805 -38.94 8.04 -53.82
C PRO A 805 -38.35 8.30 -55.18
N VAL A 806 -39.04 9.05 -56.04
CA VAL A 806 -38.58 9.18 -57.42
C VAL A 806 -37.93 10.53 -57.66
N GLY A 807 -38.31 11.53 -56.87
CA GLY A 807 -37.88 12.88 -57.17
C GLY A 807 -36.44 13.14 -56.78
N LYS A 808 -35.78 13.99 -57.56
CA LYS A 808 -34.44 14.45 -57.22
C LYS A 808 -34.20 15.78 -57.92
N GLU A 809 -33.58 16.71 -57.20
CA GLU A 809 -33.33 18.02 -57.76
C GLU A 809 -32.19 17.97 -58.79
N TYR A 810 -32.35 18.73 -59.86
CA TYR A 810 -31.28 18.98 -60.82
C TYR A 810 -31.36 20.43 -61.25
N ALA A 811 -30.32 21.20 -60.95
CA ALA A 811 -30.36 22.64 -61.11
C ALA A 811 -29.83 23.12 -62.46
N ALA A 812 -29.47 22.21 -63.36
CA ALA A 812 -28.88 22.57 -64.63
C ALA A 812 -29.60 21.82 -65.74
N PRO A 813 -29.54 22.32 -66.98
CA PRO A 813 -30.20 21.61 -68.08
C PRO A 813 -29.66 20.22 -68.32
N GLN A 814 -28.46 19.91 -67.84
CA GLN A 814 -27.85 18.60 -68.05
C GLN A 814 -27.59 17.95 -66.70
N THR A 815 -27.75 16.63 -66.66
CA THR A 815 -27.48 15.92 -65.42
C THR A 815 -26.00 15.97 -65.07
N ASP A 816 -25.14 15.92 -66.07
CA ASP A 816 -23.69 16.07 -65.91
C ASP A 816 -23.15 15.14 -64.82
N GLU A 817 -23.30 13.83 -65.06
CA GLU A 817 -22.76 12.85 -64.14
C GLU A 817 -22.52 11.55 -64.88
N ILE A 818 -21.73 10.68 -64.25
CA ILE A 818 -21.30 9.44 -64.86
C ILE A 818 -21.97 8.28 -64.13
N TRP A 819 -22.06 7.14 -64.82
CA TRP A 819 -22.88 6.02 -64.37
C TRP A 819 -22.58 5.56 -62.95
N PRO A 820 -21.34 5.35 -62.52
CA PRO A 820 -21.12 4.78 -61.19
C PRO A 820 -21.72 5.61 -60.07
N SER A 821 -21.93 6.91 -60.29
CA SER A 821 -22.53 7.75 -59.26
C SER A 821 -23.91 7.27 -58.86
N LEU A 822 -24.61 6.57 -59.76
CA LEU A 822 -25.94 6.09 -59.45
C LEU A 822 -25.94 5.19 -58.22
N ILE A 823 -24.86 4.46 -58.00
CA ILE A 823 -24.78 3.58 -56.85
C ILE A 823 -24.92 4.38 -55.56
N ASP A 824 -24.15 5.45 -55.43
CA ASP A 824 -24.24 6.29 -54.24
C ASP A 824 -25.64 6.85 -54.08
N ILE A 825 -26.29 7.17 -55.21
CA ILE A 825 -27.67 7.62 -55.15
C ILE A 825 -28.54 6.55 -54.53
N VAL A 826 -28.34 5.30 -54.93
CA VAL A 826 -29.13 4.21 -54.38
C VAL A 826 -28.90 4.10 -52.87
N ILE A 827 -27.64 4.16 -52.46
CA ILE A 827 -27.32 4.02 -51.03
C ILE A 827 -28.00 5.12 -50.24
N GLY A 828 -27.83 6.37 -50.69
CA GLY A 828 -28.51 7.46 -50.00
C GLY A 828 -30.01 7.32 -50.04
N HIS A 829 -30.55 6.83 -51.16
CA HIS A 829 -31.98 6.62 -51.26
C HIS A 829 -32.47 5.62 -50.21
N HIS A 830 -31.75 4.53 -50.07
CA HIS A 830 -32.19 3.48 -49.14
C HIS A 830 -32.20 3.98 -47.71
N LEU A 831 -31.20 4.77 -47.33
CA LEU A 831 -31.08 5.21 -45.95
C LEU A 831 -32.27 6.04 -45.52
N ASN A 832 -32.76 6.91 -46.41
CA ASN A 832 -33.94 7.71 -46.09
C ASN A 832 -35.10 6.81 -45.71
N GLY A 833 -35.30 5.73 -46.45
CA GLY A 833 -36.34 4.78 -46.10
C GLY A 833 -36.12 4.08 -44.78
N VAL A 834 -34.91 4.19 -44.21
CA VAL A 834 -34.67 3.70 -42.86
C VAL A 834 -34.86 4.81 -41.85
N THR A 835 -34.30 5.99 -42.14
CA THR A 835 -34.48 7.15 -41.28
C THR A 835 -35.97 7.41 -41.07
N ASP A 836 -36.67 7.71 -42.14
CA ASP A 836 -38.12 7.59 -42.10
C ASP A 836 -38.47 6.12 -41.92
N VAL A 837 -39.38 5.83 -40.99
CA VAL A 837 -39.72 4.46 -40.66
C VAL A 837 -40.78 3.99 -41.65
N LEU A 838 -40.35 3.21 -42.62
CA LEU A 838 -41.25 2.56 -43.56
C LEU A 838 -41.37 1.08 -43.20
N ASN A 839 -42.21 0.38 -43.95
CA ASN A 839 -42.30 -1.06 -43.75
C ASN A 839 -40.95 -1.68 -44.11
N TRP A 840 -40.20 -2.08 -43.10
CA TRP A 840 -38.79 -2.40 -43.32
C TRP A 840 -38.61 -3.59 -44.23
N ARG A 841 -39.53 -4.56 -44.19
CA ARG A 841 -39.38 -5.72 -45.06
C ARG A 841 -39.61 -5.35 -46.51
N GLU A 842 -40.70 -4.64 -46.81
CA GLU A 842 -40.98 -4.31 -48.20
C GLU A 842 -40.00 -3.29 -48.74
N TRP A 843 -39.60 -2.32 -47.90
CA TRP A 843 -38.63 -1.34 -48.35
C TRP A 843 -37.33 -2.00 -48.77
N LEU A 844 -36.90 -3.02 -48.02
CA LEU A 844 -35.69 -3.73 -48.39
C LEU A 844 -35.82 -4.38 -49.75
N ARG A 845 -36.98 -5.01 -50.01
CA ARG A 845 -37.18 -5.66 -51.31
C ARG A 845 -37.06 -4.65 -52.44
N PHE A 846 -37.74 -3.52 -52.31
CA PHE A 846 -37.66 -2.51 -53.35
C PHE A 846 -36.24 -2.02 -53.53
N SER A 847 -35.52 -1.87 -52.41
CA SER A 847 -34.16 -1.34 -52.49
C SER A 847 -33.26 -2.23 -53.33
N TRP A 848 -33.35 -3.55 -53.14
CA TRP A 848 -32.50 -4.45 -53.91
C TRP A 848 -32.80 -4.36 -55.39
N ALA A 849 -34.07 -4.27 -55.76
CA ALA A 849 -34.42 -4.12 -57.17
C ALA A 849 -33.77 -2.87 -57.75
N PHE A 850 -33.85 -1.76 -57.02
CA PHE A 850 -33.16 -0.55 -57.44
C PHE A 850 -31.67 -0.81 -57.59
N ALA A 851 -31.08 -1.53 -56.65
CA ALA A 851 -29.65 -1.82 -56.73
C ALA A 851 -29.33 -2.63 -57.97
N CYS A 852 -30.16 -3.63 -58.27
CA CYS A 852 -29.87 -4.51 -59.40
C CYS A 852 -29.79 -3.72 -60.70
N TYR A 853 -30.74 -2.83 -60.93
CA TYR A 853 -30.69 -1.99 -62.12
C TYR A 853 -29.45 -1.12 -62.13
N SER A 854 -29.10 -0.55 -60.97
CA SER A 854 -27.96 0.33 -60.92
C SER A 854 -26.64 -0.41 -61.06
N SER A 855 -26.64 -1.73 -60.85
CA SER A 855 -25.39 -2.48 -60.77
C SER A 855 -24.61 -2.49 -62.07
N ARG A 856 -25.22 -2.09 -63.18
CA ARG A 856 -24.64 -2.27 -64.50
C ARG A 856 -24.62 -0.93 -65.23
N GLY A 857 -23.58 -0.74 -66.05
CA GLY A 857 -23.48 0.49 -66.80
C GLY A 857 -22.38 0.42 -67.83
N GLY A 858 -22.31 1.46 -68.65
CA GLY A 858 -21.33 1.51 -69.71
C GLY A 858 -21.04 2.94 -70.12
N TYR A 859 -20.13 3.08 -71.08
CA TYR A 859 -19.72 4.39 -71.57
C TYR A 859 -19.15 4.24 -72.96
N THR A 860 -19.20 5.31 -73.73
CA THR A 860 -18.66 5.34 -75.08
C THR A 860 -17.74 6.54 -75.24
N ASN A 861 -16.62 6.32 -75.93
CA ASN A 861 -15.70 7.39 -76.25
C ASN A 861 -16.40 8.42 -77.12
N PRO A 862 -16.01 9.70 -77.03
CA PRO A 862 -16.63 10.72 -77.89
C PRO A 862 -16.64 10.35 -79.36
N LYS A 863 -15.64 9.61 -79.80
CA LYS A 863 -15.62 9.09 -81.17
C LYS A 863 -15.37 7.59 -81.21
N GLY A 864 -14.58 7.07 -80.28
CA GLY A 864 -14.09 5.72 -80.41
C GLY A 864 -14.90 4.65 -79.71
N GLN A 865 -14.25 3.91 -78.83
CA GLN A 865 -14.77 2.66 -78.33
C GLN A 865 -15.86 2.87 -77.28
N SER A 866 -16.53 1.78 -76.97
CA SER A 866 -17.46 1.67 -75.84
C SER A 866 -16.79 0.90 -74.71
N PHE A 867 -17.35 1.05 -73.51
CA PHE A 867 -16.86 0.36 -72.34
C PHE A 867 -18.03 -0.05 -71.49
N SER A 868 -17.85 -1.11 -70.69
CA SER A 868 -18.93 -1.63 -69.89
C SER A 868 -18.38 -2.36 -68.68
N ALA A 869 -19.23 -2.51 -67.67
CA ALA A 869 -18.88 -3.20 -66.43
C ALA A 869 -20.14 -3.33 -65.59
N GLN A 870 -20.05 -4.20 -64.58
CA GLN A 870 -21.11 -4.30 -63.58
C GLN A 870 -20.57 -5.01 -62.35
N TYR A 871 -21.17 -4.71 -61.22
CA TYR A 871 -20.67 -5.19 -59.94
C TYR A 871 -21.33 -6.49 -59.54
N PRO A 872 -20.62 -7.34 -58.81
CA PRO A 872 -21.28 -8.43 -58.10
C PRO A 872 -22.11 -7.87 -56.96
N TRP A 873 -23.23 -8.54 -56.68
CA TRP A 873 -24.21 -7.99 -55.75
C TRP A 873 -23.64 -7.82 -54.34
N TRP A 874 -22.59 -8.55 -54.00
CA TRP A 874 -22.03 -8.45 -52.65
C TRP A 874 -21.50 -7.06 -52.34
N THR A 875 -21.22 -6.26 -53.37
CA THR A 875 -20.80 -4.88 -53.14
C THR A 875 -21.79 -4.15 -52.27
N PHE A 876 -23.07 -4.24 -52.63
CA PHE A 876 -24.09 -3.48 -51.91
C PHE A 876 -24.20 -3.93 -50.47
N VAL A 877 -23.90 -5.19 -50.18
CA VAL A 877 -23.83 -5.62 -48.80
C VAL A 877 -22.77 -4.84 -48.06
N TYR A 878 -21.58 -4.74 -48.66
CA TYR A 878 -20.52 -3.96 -48.04
C TYR A 878 -20.90 -2.50 -47.94
N LEU A 879 -21.65 -1.99 -48.90
CA LEU A 879 -22.08 -0.60 -48.88
C LEU A 879 -23.16 -0.34 -47.84
N GLY A 880 -23.79 -1.39 -47.30
CA GLY A 880 -24.68 -1.20 -46.17
C GLY A 880 -26.12 -1.64 -46.39
N ILE A 881 -26.35 -2.54 -47.32
CA ILE A 881 -27.70 -3.04 -47.58
C ILE A 881 -27.76 -4.48 -47.10
N PRO A 882 -28.66 -4.81 -46.17
CA PRO A 882 -28.71 -6.18 -45.67
C PRO A 882 -29.08 -7.15 -46.76
N PRO A 883 -28.51 -8.36 -46.73
CA PRO A 883 -28.96 -9.40 -47.64
C PRO A 883 -30.32 -9.93 -47.23
N ILE A 884 -31.09 -10.37 -48.21
CA ILE A 884 -32.41 -10.90 -47.91
C ILE A 884 -32.33 -12.35 -47.46
N LEU A 885 -31.51 -13.15 -48.12
CA LEU A 885 -31.46 -14.58 -47.81
C LEU A 885 -30.10 -15.13 -48.21
N LEU A 886 -29.39 -15.69 -47.27
CA LEU A 886 -28.15 -16.37 -47.57
C LEU A 886 -28.40 -17.87 -47.75
N PRO A 887 -27.56 -18.55 -48.53
CA PRO A 887 -27.72 -20.00 -48.67
C PRO A 887 -27.55 -20.69 -47.34
N GLY A 888 -28.53 -21.53 -46.99
CA GLY A 888 -28.54 -22.23 -45.74
C GLY A 888 -29.27 -21.52 -44.61
N GLN A 889 -29.62 -20.26 -44.79
CA GLN A 889 -30.30 -19.49 -43.77
C GLN A 889 -31.79 -19.35 -44.12
N THR A 890 -32.48 -18.51 -43.36
CA THR A 890 -33.89 -18.19 -43.52
C THR A 890 -34.04 -16.72 -43.88
N PRO A 891 -34.91 -16.37 -44.82
CA PRO A 891 -34.97 -14.98 -45.29
C PRO A 891 -35.41 -14.02 -44.20
N PHE A 892 -34.97 -12.77 -44.35
CA PHE A 892 -35.42 -11.65 -43.51
C PHE A 892 -35.00 -11.82 -42.06
N ILE A 893 -33.74 -12.18 -41.81
CA ILE A 893 -33.23 -12.26 -40.46
C ILE A 893 -32.24 -11.16 -40.14
N HIS A 894 -31.94 -10.28 -41.08
CA HIS A 894 -30.98 -9.21 -40.89
C HIS A 894 -31.69 -7.88 -40.83
N SER A 895 -31.43 -7.12 -39.77
CA SER A 895 -32.10 -5.85 -39.58
C SER A 895 -31.45 -4.75 -40.42
N CYS A 896 -32.23 -3.73 -40.72
CA CYS A 896 -31.71 -2.60 -41.48
C CYS A 896 -30.63 -1.85 -40.73
N TYR A 897 -30.61 -1.96 -39.41
CA TYR A 897 -29.59 -1.26 -38.64
C TYR A 897 -28.25 -1.90 -38.72
N MET A 898 -28.07 -2.85 -39.63
CA MET A 898 -26.78 -3.49 -39.81
C MET A 898 -25.76 -2.46 -40.27
N PRO A 899 -24.59 -2.37 -39.62
CA PRO A 899 -23.67 -1.30 -39.94
C PRO A 899 -23.02 -1.52 -41.30
N PRO A 900 -22.61 -0.48 -41.98
CA PRO A 900 -21.91 -0.66 -43.25
C PRO A 900 -20.47 -1.09 -43.02
N GLY A 901 -19.74 -1.30 -44.11
CA GLY A 901 -18.32 -1.55 -44.01
C GLY A 901 -17.98 -2.87 -43.34
N ASP A 902 -16.75 -2.92 -42.81
CA ASP A 902 -16.23 -4.15 -42.25
C ASP A 902 -17.12 -4.69 -41.14
N GLN A 903 -17.72 -3.80 -40.35
CA GLN A 903 -18.55 -4.24 -39.24
C GLN A 903 -19.70 -5.09 -39.74
N GLY A 904 -20.39 -4.63 -40.79
CA GLY A 904 -21.46 -5.43 -41.34
C GLY A 904 -20.98 -6.79 -41.83
N MET A 905 -19.84 -6.80 -42.51
CA MET A 905 -19.28 -8.06 -42.97
C MET A 905 -19.02 -8.98 -41.78
N PHE A 906 -18.34 -8.48 -40.75
CA PHE A 906 -17.98 -9.31 -39.63
C PHE A 906 -19.21 -9.89 -38.96
N SER A 907 -20.22 -9.06 -38.71
CA SER A 907 -21.42 -9.55 -38.06
C SER A 907 -22.10 -10.63 -38.89
N ILE A 908 -22.19 -10.42 -40.20
CA ILE A 908 -22.80 -11.42 -41.07
C ILE A 908 -22.04 -12.73 -40.99
N LEU A 909 -20.72 -12.66 -41.13
CA LEU A 909 -19.92 -13.87 -41.09
C LEU A 909 -20.03 -14.55 -39.74
N ASN A 910 -20.06 -13.76 -38.67
CA ASN A 910 -20.11 -14.34 -37.33
C ASN A 910 -21.36 -15.19 -37.16
N GLY A 911 -22.51 -14.69 -37.60
CA GLY A 911 -23.71 -15.49 -37.57
C GLY A 911 -23.65 -16.66 -38.52
N TRP A 912 -23.02 -16.46 -39.68
CA TRP A 912 -22.97 -17.45 -40.73
C TRP A 912 -21.84 -18.46 -40.54
N ARG A 913 -21.08 -18.35 -39.44
CA ARG A 913 -19.83 -19.08 -39.31
C ARG A 913 -20.02 -20.58 -39.40
N ASP A 914 -20.80 -21.15 -38.48
CA ASP A 914 -20.84 -22.60 -38.33
C ASP A 914 -21.32 -23.29 -39.59
N TRP A 915 -22.38 -22.76 -40.22
CA TRP A 915 -22.88 -23.39 -41.42
C TRP A 915 -21.82 -23.43 -42.51
N LEU A 916 -21.10 -22.32 -42.68
CA LEU A 916 -20.06 -22.28 -43.69
C LEU A 916 -19.00 -23.33 -43.43
N ILE A 917 -18.53 -23.43 -42.19
CA ILE A 917 -17.44 -24.35 -41.89
C ILE A 917 -17.86 -25.79 -42.16
N SER A 918 -19.02 -26.17 -41.62
CA SER A 918 -19.49 -27.55 -41.81
C SER A 918 -19.74 -27.84 -43.29
N HIS A 919 -20.41 -26.92 -43.97
CA HIS A 919 -20.74 -27.14 -45.38
C HIS A 919 -19.48 -27.26 -46.22
N ALA A 920 -18.49 -26.41 -45.95
CA ALA A 920 -17.25 -26.47 -46.70
C ALA A 920 -16.57 -27.82 -46.54
N SER A 921 -16.63 -28.39 -45.34
CA SER A 921 -16.00 -29.69 -45.11
C SER A 921 -16.62 -30.76 -45.98
N THR A 922 -17.95 -30.77 -46.08
CA THR A 922 -18.61 -31.78 -46.91
C THR A 922 -18.31 -31.58 -48.39
N THR A 923 -18.37 -30.34 -48.85
CA THR A 923 -18.32 -30.06 -50.28
C THR A 923 -16.92 -30.10 -50.86
N LEU A 924 -15.90 -29.70 -50.11
CA LEU A 924 -14.59 -29.45 -50.66
C LEU A 924 -13.52 -30.22 -49.91
N PRO A 925 -12.41 -30.53 -50.56
CA PRO A 925 -11.29 -31.16 -49.86
C PRO A 925 -10.66 -30.18 -48.88
N PRO A 926 -10.02 -30.68 -47.83
CA PRO A 926 -9.41 -29.77 -46.85
C PRO A 926 -8.22 -29.03 -47.43
N LEU A 927 -7.96 -27.85 -46.88
CA LEU A 927 -6.78 -27.10 -47.27
C LEU A 927 -5.53 -27.73 -46.65
N ARG A 928 -4.37 -27.29 -47.13
CA ARG A 928 -3.14 -28.04 -46.93
C ARG A 928 -2.47 -27.81 -45.58
N HIS A 929 -2.78 -26.72 -44.89
CA HIS A 929 -2.17 -26.52 -43.58
C HIS A 929 -3.06 -25.61 -42.75
N ASN A 930 -3.01 -25.80 -41.43
CA ASN A 930 -4.03 -25.26 -40.53
C ASN A 930 -4.19 -23.76 -40.67
N HIS A 931 -5.41 -23.30 -40.39
CA HIS A 931 -5.82 -21.91 -40.49
C HIS A 931 -6.14 -21.35 -39.11
N PRO A 932 -5.88 -20.07 -38.87
CA PRO A 932 -6.17 -19.49 -37.55
C PRO A 932 -7.64 -19.57 -37.18
N VAL A 933 -8.52 -19.01 -38.00
CA VAL A 933 -9.94 -19.01 -37.67
C VAL A 933 -10.65 -20.25 -38.20
N TRP A 934 -10.37 -20.62 -39.44
CA TRP A 934 -11.01 -21.80 -39.99
C TRP A 934 -10.27 -23.05 -39.55
N GLY A 935 -10.99 -24.17 -39.56
CA GLY A 935 -10.34 -25.45 -39.48
C GLY A 935 -9.68 -25.77 -40.80
N LEU A 936 -9.57 -27.04 -41.14
CA LEU A 936 -9.05 -27.39 -42.45
C LEU A 936 -10.13 -27.36 -43.52
N SER A 937 -11.35 -26.97 -43.18
CA SER A 937 -12.50 -27.12 -44.07
C SER A 937 -12.48 -26.17 -45.27
N ASP A 938 -11.65 -25.13 -45.25
CA ASP A 938 -11.44 -24.27 -46.41
C ASP A 938 -12.75 -23.63 -46.88
N VAL A 939 -13.27 -22.76 -46.03
CA VAL A 939 -14.38 -21.89 -46.44
C VAL A 939 -13.95 -20.82 -47.44
N PRO A 940 -12.71 -20.30 -47.45
CA PRO A 940 -12.41 -19.19 -48.38
C PRO A 940 -12.72 -19.54 -49.83
N SER A 941 -12.43 -20.77 -50.24
CA SER A 941 -12.78 -21.18 -51.60
C SER A 941 -14.29 -21.08 -51.80
N LEU A 942 -15.07 -21.47 -50.80
CA LEU A 942 -16.51 -21.37 -50.89
C LEU A 942 -16.95 -19.92 -51.04
N LEU A 943 -16.34 -19.01 -50.27
CA LEU A 943 -16.66 -17.60 -50.39
C LEU A 943 -16.35 -17.09 -51.79
N SER A 944 -15.20 -17.47 -52.33
CA SER A 944 -14.87 -17.10 -53.71
C SER A 944 -15.90 -17.66 -54.67
N GLN A 945 -16.35 -18.89 -54.43
CA GLN A 945 -17.42 -19.45 -55.24
C GLN A 945 -18.68 -18.60 -55.15
N PHE A 946 -18.93 -17.98 -54.01
CA PHE A 946 -20.01 -17.03 -53.88
C PHE A 946 -19.65 -15.64 -54.37
N GLY A 947 -18.42 -15.44 -54.83
CA GLY A 947 -18.02 -14.13 -55.29
C GLY A 947 -17.97 -13.07 -54.22
N VAL A 948 -17.85 -13.48 -52.96
CA VAL A 948 -17.83 -12.52 -51.86
C VAL A 948 -16.63 -11.59 -51.99
N TYR A 949 -15.46 -12.16 -52.26
CA TYR A 949 -14.26 -11.33 -52.35
C TYR A 949 -14.40 -10.30 -53.46
N ALA A 950 -14.96 -10.72 -54.60
CA ALA A 950 -15.14 -9.79 -55.71
C ALA A 950 -15.94 -8.57 -55.27
N GLY A 951 -17.10 -8.80 -54.66
CA GLY A 951 -17.89 -7.69 -54.17
C GLY A 951 -17.18 -6.89 -53.11
N TYR A 952 -16.48 -7.59 -52.20
CA TYR A 952 -15.81 -6.92 -51.10
C TYR A 952 -14.76 -5.94 -51.60
N HIS A 953 -13.99 -6.34 -52.61
CA HIS A 953 -12.97 -5.45 -53.13
C HIS A 953 -13.52 -4.47 -54.15
N ALA A 954 -14.57 -4.84 -54.87
CA ALA A 954 -15.13 -3.93 -55.85
C ALA A 954 -15.67 -2.67 -55.19
N ALA A 955 -16.35 -2.83 -54.06
CA ALA A 955 -16.88 -1.68 -53.36
C ALA A 955 -15.77 -0.72 -52.91
N GLN A 956 -14.55 -1.22 -52.76
CA GLN A 956 -13.44 -0.36 -52.35
C GLN A 956 -12.99 0.55 -53.48
N HIS A 957 -13.31 0.22 -54.72
CA HIS A 957 -12.78 0.97 -55.85
C HIS A 957 -13.46 2.33 -55.97
N TYR A 958 -12.70 3.33 -56.38
CA TYR A 958 -13.24 4.68 -56.53
C TYR A 958 -14.22 4.73 -57.69
N ARG A 959 -15.07 5.76 -57.67
CA ARG A 959 -16.14 5.87 -58.66
C ARG A 959 -16.19 7.20 -59.39
N ARG A 960 -15.22 8.10 -59.18
CA ARG A 960 -15.17 9.29 -59.99
C ARG A 960 -13.80 9.39 -60.67
N PRO A 961 -13.76 9.73 -61.96
CA PRO A 961 -12.49 9.72 -62.68
C PRO A 961 -11.51 10.75 -62.13
N LYS A 962 -10.24 10.56 -62.45
CA LYS A 962 -9.18 11.41 -61.96
C LYS A 962 -8.62 12.25 -63.08
N PRO A 963 -8.45 13.56 -62.89
CA PRO A 963 -7.79 14.39 -63.90
C PRO A 963 -6.28 14.20 -63.88
N ALA A 964 -5.65 14.49 -65.06
CA ALA A 964 -4.23 14.24 -65.28
C ALA A 964 -3.40 15.52 -65.12
N PRO A 965 -2.13 15.38 -64.70
CA PRO A 965 -1.28 16.58 -64.52
C PRO A 965 -0.47 16.94 -65.75
N GLU A 966 0.32 18.01 -65.66
CA GLU A 966 1.24 18.41 -66.71
C GLU A 966 2.32 19.30 -66.11
N THR A 967 3.49 19.34 -66.79
CA THR A 967 4.69 19.92 -66.19
C THR A 967 4.72 21.44 -66.28
N ALA A 968 4.44 22.01 -67.44
CA ALA A 968 4.27 23.46 -67.52
C ALA A 968 3.08 23.89 -66.68
N SER A 969 2.01 23.10 -66.71
CA SER A 969 0.93 23.26 -65.75
C SER A 969 1.41 23.06 -64.33
N SER A 970 2.45 22.23 -64.13
CA SER A 970 3.01 22.08 -62.79
C SER A 970 3.71 23.35 -62.34
N ASP A 971 4.32 24.09 -63.26
CA ASP A 971 4.77 25.44 -62.94
C ASP A 971 3.61 26.27 -62.44
N SER A 972 2.42 26.10 -63.04
CA SER A 972 1.23 26.71 -62.48
C SER A 972 0.78 26.01 -61.21
N ILE A 973 0.94 24.69 -61.14
CA ILE A 973 0.67 23.97 -59.89
C ILE A 973 1.51 24.56 -58.78
N ASN A 974 2.80 24.72 -59.03
CA ASN A 974 3.67 25.39 -58.07
C ASN A 974 3.20 26.82 -57.84
N GLN A 975 2.90 27.54 -58.92
CA GLN A 975 2.37 28.89 -58.78
C GLN A 975 1.08 28.88 -57.97
N ILE A 976 0.18 27.95 -58.28
CA ILE A 976 -1.02 27.78 -57.46
C ILE A 976 -0.63 27.43 -56.03
N THR A 977 0.25 26.45 -55.88
CA THR A 977 0.69 26.06 -54.55
C THR A 977 1.28 27.25 -53.82
N SER A 978 2.37 27.79 -54.35
CA SER A 978 3.05 28.91 -53.73
C SER A 978 2.07 29.96 -53.23
N ASP A 979 1.13 30.34 -54.08
CA ASP A 979 0.20 31.40 -53.69
C ASP A 979 -0.76 30.93 -52.62
N LEU A 980 -1.24 29.69 -52.75
CA LEU A 980 -2.11 29.17 -51.70
C LEU A 980 -1.37 29.11 -50.37
N THR A 981 -0.15 28.60 -50.39
CA THR A 981 0.67 28.64 -49.17
C THR A 981 0.88 30.06 -48.71
N GLU A 982 1.15 30.97 -49.66
CA GLU A 982 1.34 32.37 -49.31
C GLU A 982 0.08 32.94 -48.67
N TYR A 983 -1.08 32.65 -49.25
CA TYR A 983 -2.32 33.08 -48.65
C TYR A 983 -2.53 32.43 -47.29
N LEU A 984 -2.19 31.15 -47.18
CA LEU A 984 -2.31 30.46 -45.89
C LEU A 984 -1.33 31.03 -44.88
N PHE A 985 -0.05 31.11 -45.26
CA PHE A 985 1.00 31.55 -44.34
C PHE A 985 1.27 33.03 -44.55
N TYR A 986 0.32 33.85 -44.09
CA TYR A 986 0.50 35.29 -44.16
C TYR A 986 1.69 35.73 -43.33
N ASP A 987 1.85 35.18 -42.13
CA ASP A 987 2.96 35.50 -41.27
C ASP A 987 4.10 34.52 -41.53
N SER A 988 5.09 34.51 -40.64
CA SER A 988 6.21 33.59 -40.72
C SER A 988 6.25 32.58 -39.59
N ALA A 989 5.69 32.89 -38.43
CA ALA A 989 5.79 32.00 -37.28
C ALA A 989 5.15 30.66 -37.58
N LEU A 990 3.98 30.67 -38.21
CA LEU A 990 3.31 29.42 -38.55
C LEU A 990 4.17 28.58 -39.47
N LYS A 991 4.75 29.20 -40.50
CA LYS A 991 5.60 28.47 -41.42
C LYS A 991 6.79 27.86 -40.68
N ALA A 992 7.39 28.60 -39.77
CA ALA A 992 8.49 28.05 -38.98
C ALA A 992 8.01 26.89 -38.13
N ARG A 993 6.84 27.02 -37.51
CA ARG A 993 6.31 25.93 -36.69
C ARG A 993 6.11 24.67 -37.50
N VAL A 994 5.42 24.79 -38.63
CA VAL A 994 5.11 23.61 -39.43
C VAL A 994 6.38 22.96 -39.94
N MET A 995 7.31 23.77 -40.44
CA MET A 995 8.55 23.22 -40.98
C MET A 995 9.33 22.47 -39.91
N LYS A 996 9.43 23.06 -38.72
CA LYS A 996 10.10 22.37 -37.62
C LYS A 996 9.40 21.07 -37.28
N GLY A 997 8.06 21.11 -37.20
CA GLY A 997 7.33 19.91 -36.87
C GLY A 997 7.52 18.81 -37.90
N ARG A 998 7.43 19.17 -39.18
CA ARG A 998 7.61 18.18 -40.23
C ARG A 998 9.02 17.60 -40.19
N TYR A 999 10.03 18.46 -40.05
CA TYR A 999 11.40 17.99 -40.03
C TYR A 999 11.62 17.03 -38.87
N ASN A 1000 11.16 17.41 -37.68
CA ASN A 1000 11.32 16.53 -36.52
C ASN A 1000 10.55 15.24 -36.71
N TRP A 1001 9.35 15.32 -37.28
CA TRP A 1001 8.50 14.14 -37.39
C TRP A 1001 9.16 13.05 -38.21
N GLU A 1002 9.48 13.37 -39.47
CA GLU A 1002 10.09 12.36 -40.33
C GLU A 1002 11.39 11.85 -39.73
N ARG A 1003 12.15 12.73 -39.08
CA ARG A 1003 13.37 12.30 -38.42
C ARG A 1003 13.06 11.27 -37.34
N LEU A 1004 12.05 11.54 -36.52
CA LEU A 1004 11.68 10.61 -35.46
C LEU A 1004 11.10 9.33 -36.04
N SER A 1005 10.16 9.46 -36.97
CA SER A 1005 9.44 8.28 -37.46
C SER A 1005 10.41 7.29 -38.09
N SER A 1006 11.42 7.78 -38.80
CA SER A 1006 12.40 6.90 -39.42
C SER A 1006 13.41 6.38 -38.39
N SER A 1007 14.00 7.28 -37.61
CA SER A 1007 15.03 6.88 -36.67
C SER A 1007 14.48 5.96 -35.59
N LEU A 1008 13.39 6.37 -34.94
CA LEU A 1008 12.73 5.48 -34.00
C LEU A 1008 12.16 4.26 -34.71
N SER A 1009 12.01 4.33 -36.03
CA SER A 1009 11.58 3.20 -36.84
C SER A 1009 10.17 2.75 -36.46
N LEU A 1010 9.32 3.71 -36.09
CA LEU A 1010 7.89 3.44 -36.01
C LEU A 1010 7.41 2.93 -37.37
N ASN A 1011 7.49 3.77 -38.38
CA ASN A 1011 7.33 3.37 -39.77
C ASN A 1011 7.81 4.53 -40.64
N VAL A 1012 7.71 4.37 -41.95
CA VAL A 1012 7.98 5.43 -42.90
C VAL A 1012 6.81 5.50 -43.88
N GLY A 1013 6.58 6.70 -44.41
CA GLY A 1013 5.46 6.92 -45.29
C GLY A 1013 4.15 7.21 -44.60
N SER A 1014 4.16 7.46 -43.29
CA SER A 1014 2.93 7.78 -42.57
C SER A 1014 2.41 9.14 -43.02
N ARG A 1015 1.28 9.14 -43.71
CA ARG A 1015 0.67 10.40 -44.12
C ARG A 1015 0.01 11.06 -42.92
N VAL A 1016 0.78 11.87 -42.19
CA VAL A 1016 0.28 12.55 -41.01
C VAL A 1016 -0.35 13.88 -41.43
N PRO A 1017 -1.52 14.22 -40.92
CA PRO A 1017 -2.10 15.54 -41.24
C PRO A 1017 -1.14 16.66 -40.84
N SER A 1018 -0.88 17.55 -41.78
CA SER A 1018 -0.02 18.70 -41.54
C SER A 1018 -0.44 19.82 -42.46
N LEU A 1019 -0.10 21.05 -42.05
CA LEU A 1019 -0.55 22.22 -42.79
C LEU A 1019 0.05 22.28 -44.18
N PHE A 1020 1.27 21.78 -44.35
CA PHE A 1020 1.91 21.83 -45.65
C PHE A 1020 1.12 21.10 -46.72
N ASP A 1021 0.27 20.16 -46.32
CA ASP A 1021 -0.54 19.42 -47.28
C ASP A 1021 -1.91 20.03 -47.51
N VAL A 1022 -2.31 21.00 -46.69
CA VAL A 1022 -3.61 21.66 -46.89
C VAL A 1022 -3.72 22.30 -48.27
N PRO A 1023 -2.73 23.08 -48.73
CA PRO A 1023 -2.83 23.58 -50.11
C PRO A 1023 -2.93 22.47 -51.13
N GLY A 1024 -2.21 21.36 -50.91
CA GLY A 1024 -2.32 20.24 -51.81
C GLY A 1024 -3.72 19.69 -51.88
N LYS A 1025 -4.38 19.57 -50.71
CA LYS A 1025 -5.76 19.15 -50.70
C LYS A 1025 -6.65 20.12 -51.46
N TRP A 1026 -6.43 21.42 -51.27
CA TRP A 1026 -7.19 22.42 -52.00
C TRP A 1026 -7.00 22.26 -53.49
N VAL A 1027 -5.76 22.10 -53.94
CA VAL A 1027 -5.48 21.98 -55.36
C VAL A 1027 -6.20 20.77 -55.93
N ALA A 1028 -6.12 19.64 -55.24
CA ALA A 1028 -6.80 18.44 -55.71
C ALA A 1028 -8.30 18.66 -55.82
N ALA A 1029 -8.88 19.31 -54.81
CA ALA A 1029 -10.30 19.61 -54.86
C ALA A 1029 -10.62 20.52 -56.03
N GLY A 1030 -9.80 21.53 -56.26
CA GLY A 1030 -10.06 22.45 -57.37
C GLY A 1030 -10.00 21.75 -58.71
N ARG A 1031 -8.96 20.94 -58.93
CA ARG A 1031 -8.86 20.20 -60.17
C ARG A 1031 -9.98 19.18 -60.31
N ASP A 1032 -10.42 18.60 -59.19
CA ASP A 1032 -11.48 17.59 -59.24
C ASP A 1032 -12.81 18.19 -59.68
N ALA A 1033 -13.05 19.47 -59.38
CA ALA A 1033 -14.33 20.08 -59.70
C ALA A 1033 -14.56 20.20 -61.21
N GLU A 1034 -13.55 19.91 -62.02
CA GLU A 1034 -13.65 20.02 -63.46
C GLU A 1034 -14.22 18.75 -64.08
N LYS A 1035 -14.89 18.93 -65.22
CA LYS A 1035 -15.38 17.79 -65.99
C LYS A 1035 -14.21 16.97 -66.50
N PRO A 1036 -14.14 15.67 -66.19
CA PRO A 1036 -12.96 14.87 -66.54
C PRO A 1036 -12.88 14.62 -68.03
N PRO A 1037 -11.69 14.38 -68.55
CA PRO A 1037 -11.54 13.98 -69.95
C PRO A 1037 -11.89 12.51 -70.13
N PRO A 1038 -12.20 12.09 -71.36
CA PRO A 1038 -12.64 10.70 -71.55
C PRO A 1038 -11.60 9.67 -71.15
N SER A 1039 -10.31 9.97 -71.33
CA SER A 1039 -9.28 9.01 -71.01
C SER A 1039 -9.38 8.55 -69.57
N SER A 1040 -9.65 9.47 -68.65
CA SER A 1040 -9.83 9.11 -67.26
C SER A 1040 -10.98 8.12 -67.10
N VAL A 1041 -12.07 8.32 -67.84
CA VAL A 1041 -13.20 7.40 -67.77
C VAL A 1041 -12.75 6.01 -68.20
N GLU A 1042 -12.01 5.94 -69.30
CA GLU A 1042 -11.55 4.65 -69.80
C GLU A 1042 -10.64 3.96 -68.78
N ASP A 1043 -9.78 4.75 -68.12
CA ASP A 1043 -8.95 4.18 -67.07
C ASP A 1043 -9.80 3.60 -65.95
N MET A 1044 -10.86 4.30 -65.58
CA MET A 1044 -11.73 3.81 -64.51
C MET A 1044 -12.32 2.45 -64.85
N PHE A 1045 -12.92 2.34 -66.03
CA PHE A 1045 -13.56 1.08 -66.40
C PHE A 1045 -12.55 -0.06 -66.44
N THR A 1046 -11.40 0.18 -67.06
CA THR A 1046 -10.38 -0.86 -67.14
C THR A 1046 -9.90 -1.25 -65.76
N SER A 1047 -9.60 -0.26 -64.92
CA SER A 1047 -9.12 -0.56 -63.58
C SER A 1047 -10.18 -1.31 -62.79
N LEU A 1048 -11.43 -0.88 -62.89
CA LEU A 1048 -12.51 -1.54 -62.16
C LEU A 1048 -12.64 -3.00 -62.58
N ASN A 1049 -12.63 -3.25 -63.89
CA ASN A 1049 -12.76 -4.62 -64.36
C ASN A 1049 -11.61 -5.48 -63.86
N ARG A 1050 -10.40 -4.96 -63.96
CA ARG A 1050 -9.24 -5.72 -63.47
C ARG A 1050 -9.37 -6.01 -61.98
N CYS A 1051 -9.81 -5.02 -61.20
CA CYS A 1051 -10.05 -5.26 -59.78
C CYS A 1051 -11.12 -6.33 -59.57
N ILE A 1052 -12.11 -6.38 -60.45
CA ILE A 1052 -13.13 -7.42 -60.36
C ILE A 1052 -12.55 -8.78 -60.73
N ARG A 1053 -11.78 -8.83 -61.81
CA ARG A 1053 -11.32 -10.11 -62.32
C ARG A 1053 -10.18 -10.69 -61.50
N ARG A 1054 -9.42 -9.86 -60.79
CA ARG A 1054 -8.26 -10.36 -60.07
C ARG A 1054 -8.68 -11.32 -58.98
N PRO A 1055 -8.20 -12.55 -58.98
CA PRO A 1055 -8.60 -13.53 -57.96
C PRO A 1055 -7.87 -13.29 -56.66
N THR A 1056 -8.60 -12.79 -55.67
CA THR A 1056 -8.08 -12.56 -54.33
C THR A 1056 -8.95 -13.27 -53.32
N HIS A 1057 -8.33 -13.77 -52.26
CA HIS A 1057 -9.03 -14.57 -51.26
C HIS A 1057 -8.69 -14.08 -49.86
N SER A 1058 -8.75 -12.78 -49.66
CA SER A 1058 -8.47 -12.22 -48.34
C SER A 1058 -9.14 -10.86 -48.21
N PHE A 1059 -9.65 -10.58 -47.02
CA PHE A 1059 -10.18 -9.27 -46.72
C PHE A 1059 -9.07 -8.39 -46.20
N SER A 1060 -9.41 -7.21 -45.70
CA SER A 1060 -8.42 -6.37 -45.07
C SER A 1060 -7.92 -7.02 -43.79
N ARG A 1061 -6.71 -6.63 -43.38
CA ARG A 1061 -6.10 -7.23 -42.20
C ARG A 1061 -7.00 -7.09 -40.98
N LEU A 1062 -7.65 -5.95 -40.84
CA LEU A 1062 -8.53 -5.74 -39.69
C LEU A 1062 -9.67 -6.77 -39.69
N LEU A 1063 -10.36 -6.92 -40.81
CA LEU A 1063 -11.46 -7.86 -40.87
C LEU A 1063 -10.97 -9.28 -40.63
N GLU A 1064 -9.80 -9.63 -41.16
CA GLU A 1064 -9.23 -10.94 -40.90
C GLU A 1064 -9.08 -11.18 -39.41
N LEU A 1065 -8.54 -10.21 -38.68
CA LEU A 1065 -8.39 -10.36 -37.25
C LEU A 1065 -9.74 -10.36 -36.56
N TYR A 1066 -10.68 -9.53 -37.03
CA TYR A 1066 -11.98 -9.45 -36.37
C TYR A 1066 -12.70 -10.79 -36.40
N LEU A 1067 -12.48 -11.59 -37.44
CA LEU A 1067 -13.14 -12.88 -37.52
C LEU A 1067 -12.69 -13.82 -36.42
N ARG A 1068 -11.59 -13.51 -35.74
CA ARG A 1068 -11.10 -14.39 -34.69
C ARG A 1068 -11.98 -14.37 -33.45
N VAL A 1069 -12.94 -13.47 -33.37
CA VAL A 1069 -13.76 -13.30 -32.18
C VAL A 1069 -15.08 -14.02 -32.37
N HIS A 1070 -15.56 -14.67 -31.32
CA HIS A 1070 -16.86 -15.32 -31.31
C HIS A 1070 -17.78 -14.57 -30.37
N VAL A 1071 -18.96 -14.20 -30.86
CA VAL A 1071 -19.92 -13.41 -30.12
C VAL A 1071 -21.25 -14.14 -30.11
N THR A 1072 -21.92 -14.14 -28.96
CA THR A 1072 -23.23 -14.73 -28.82
C THR A 1072 -24.18 -13.75 -28.17
N LEU A 1073 -25.48 -13.98 -28.38
CA LEU A 1073 -26.53 -13.10 -27.89
C LEU A 1073 -27.34 -13.80 -26.81
N GLY A 1074 -27.53 -13.13 -25.69
CA GLY A 1074 -28.29 -13.70 -24.59
C GLY A 1074 -29.76 -13.34 -24.65
N GLU A 1075 -30.33 -12.99 -23.51
CA GLU A 1075 -31.74 -12.61 -23.46
C GLU A 1075 -31.90 -11.15 -23.87
N SER A 1076 -33.16 -10.71 -23.93
CA SER A 1076 -33.43 -9.32 -24.23
C SER A 1076 -33.08 -8.43 -23.03
N ILE A 1077 -32.64 -7.22 -23.33
CA ILE A 1077 -32.30 -6.25 -22.30
C ILE A 1077 -33.61 -5.75 -21.67
N PRO A 1078 -33.57 -5.20 -20.46
CA PRO A 1078 -34.77 -4.58 -19.90
C PRO A 1078 -35.21 -3.41 -20.75
N LEU A 1079 -36.52 -3.23 -20.83
CA LEU A 1079 -37.09 -2.24 -21.73
C LEU A 1079 -36.75 -0.83 -21.29
N ALA A 1080 -36.68 0.07 -22.27
CA ALA A 1080 -36.43 1.47 -21.97
C ALA A 1080 -37.72 2.17 -21.54
N ILE A 1081 -38.79 2.00 -22.31
CA ILE A 1081 -40.05 2.68 -22.07
C ILE A 1081 -41.18 1.66 -22.20
N ASP A 1082 -42.40 2.13 -21.95
CA ASP A 1082 -43.57 1.28 -22.13
C ASP A 1082 -43.80 1.06 -23.62
N PRO A 1083 -43.91 -0.18 -24.08
CA PRO A 1083 -44.20 -0.42 -25.50
C PRO A 1083 -45.50 0.20 -25.96
N ASP A 1084 -46.45 0.43 -25.07
CA ASP A 1084 -47.71 1.03 -25.49
C ASP A 1084 -47.48 2.43 -26.06
N VAL A 1085 -46.64 3.22 -25.40
CA VAL A 1085 -46.45 4.61 -25.80
C VAL A 1085 -45.78 4.66 -27.17
N PRO A 1086 -46.38 5.31 -28.15
CA PRO A 1086 -45.70 5.50 -29.43
C PRO A 1086 -44.67 6.61 -29.33
N GLN A 1087 -43.54 6.40 -29.98
CA GLN A 1087 -42.47 7.40 -30.02
C GLN A 1087 -42.17 7.87 -31.43
N VAL A 1088 -42.20 6.96 -32.41
CA VAL A 1088 -42.08 7.33 -33.82
C VAL A 1088 -43.23 6.69 -34.56
N ALA A 1089 -43.96 7.50 -35.33
CA ALA A 1089 -45.06 6.97 -36.11
C ALA A 1089 -44.56 5.92 -37.08
N GLY A 1090 -45.28 4.80 -37.15
CA GLY A 1090 -44.90 3.70 -37.99
C GLY A 1090 -43.99 2.69 -37.35
N ALA A 1091 -43.37 3.02 -36.21
CA ALA A 1091 -42.55 2.07 -35.48
C ALA A 1091 -43.43 1.35 -34.45
N ASP A 1092 -44.33 0.54 -34.97
CA ASP A 1092 -45.39 -0.10 -34.21
C ASP A 1092 -45.27 -1.60 -34.37
N PRO A 1093 -46.04 -2.38 -33.59
CA PRO A 1093 -45.99 -3.84 -33.74
C PRO A 1093 -46.17 -4.33 -35.17
N ALA A 1094 -46.84 -3.56 -36.03
CA ALA A 1094 -46.90 -3.94 -37.43
C ALA A 1094 -45.52 -3.88 -38.06
N ASN A 1095 -44.81 -2.78 -37.88
CA ASN A 1095 -43.43 -2.66 -38.37
C ASN A 1095 -42.48 -3.08 -37.25
N ASP A 1096 -42.40 -4.40 -37.08
CA ASP A 1096 -41.92 -4.96 -35.82
C ASP A 1096 -40.49 -4.54 -35.49
N ASP A 1097 -39.58 -4.66 -36.46
CA ASP A 1097 -38.16 -4.52 -36.13
C ASP A 1097 -37.85 -3.12 -35.63
N HIS A 1098 -38.34 -2.09 -36.33
CA HIS A 1098 -38.21 -0.74 -35.82
C HIS A 1098 -38.84 -0.63 -34.45
N TRP A 1099 -40.03 -1.19 -34.31
CA TRP A 1099 -40.74 -1.16 -33.04
C TRP A 1099 -39.92 -1.82 -31.94
N PHE A 1100 -39.26 -2.94 -32.26
CA PHE A 1100 -38.37 -3.56 -31.30
C PHE A 1100 -37.20 -2.66 -30.96
N LYS A 1101 -36.49 -2.20 -31.98
CA LYS A 1101 -35.23 -1.49 -31.77
C LYS A 1101 -35.46 -0.23 -30.95
N TYR A 1102 -36.48 0.54 -31.30
CA TYR A 1102 -36.75 1.77 -30.55
C TYR A 1102 -37.18 1.46 -29.13
N THR A 1103 -38.05 0.47 -28.95
CA THR A 1103 -38.58 0.19 -27.62
C THR A 1103 -37.48 -0.25 -26.67
N CYS A 1104 -36.58 -1.12 -27.14
CA CYS A 1104 -35.53 -1.63 -26.26
C CYS A 1104 -34.57 -0.52 -25.84
N LEU A 1105 -34.11 0.26 -26.81
CA LEU A 1105 -33.06 1.23 -26.53
C LEU A 1105 -33.57 2.59 -26.09
N GLY A 1106 -34.75 2.99 -26.55
CA GLY A 1106 -35.22 4.33 -26.26
C GLY A 1106 -34.58 5.33 -27.20
N ASP A 1107 -35.36 6.32 -27.64
CA ASP A 1107 -34.89 7.22 -28.68
C ASP A 1107 -34.02 8.33 -28.10
N ILE A 1108 -34.47 8.95 -27.01
CA ILE A 1108 -33.84 10.14 -26.44
C ILE A 1108 -32.36 9.88 -26.19
N PRO A 1109 -31.46 10.51 -26.95
CA PRO A 1109 -30.04 10.40 -26.62
C PRO A 1109 -29.78 10.98 -25.25
N SER A 1110 -29.32 10.12 -24.35
CA SER A 1110 -29.22 10.44 -22.93
C SER A 1110 -27.85 10.02 -22.39
N ALA A 1111 -26.79 10.42 -23.09
CA ALA A 1111 -25.42 10.09 -22.69
C ALA A 1111 -25.04 10.93 -21.47
N THR A 1112 -25.49 10.45 -20.30
CA THR A 1112 -25.21 11.17 -19.06
C THR A 1112 -23.76 11.04 -18.61
N ARG A 1113 -23.06 9.99 -19.06
CA ARG A 1113 -21.67 9.78 -18.70
C ARG A 1113 -20.75 9.58 -19.89
N ASN A 1114 -21.28 9.42 -21.09
CA ASN A 1114 -20.49 9.10 -22.28
C ASN A 1114 -20.11 10.33 -23.09
N TYR A 1115 -21.07 11.22 -23.34
CA TYR A 1115 -20.89 12.45 -24.13
C TYR A 1115 -20.54 12.16 -25.58
N PHE A 1116 -20.66 10.90 -26.02
CA PHE A 1116 -20.42 10.44 -27.40
C PHE A 1116 -19.11 10.97 -28.01
N GLY A 1117 -18.09 11.23 -27.17
CA GLY A 1117 -16.76 11.57 -27.66
C GLY A 1117 -16.60 12.95 -28.27
N GLU A 1118 -17.55 13.85 -28.07
CA GLU A 1118 -17.48 15.18 -28.66
C GLU A 1118 -16.35 16.04 -28.06
N SER A 1119 -15.73 15.59 -26.97
CA SER A 1119 -14.63 16.32 -26.35
C SER A 1119 -13.31 15.99 -27.04
N LEU A 1120 -13.21 16.37 -28.30
CA LEU A 1120 -11.95 16.22 -29.02
C LEU A 1120 -10.90 17.16 -28.43
N PHE A 1121 -9.66 16.68 -28.36
CA PHE A 1121 -8.61 17.47 -27.74
C PHE A 1121 -8.37 18.78 -28.47
N VAL A 1122 -8.33 18.73 -29.80
CA VAL A 1122 -8.03 19.91 -30.61
C VAL A 1122 -9.35 20.59 -30.93
N GLY A 1123 -9.75 21.53 -30.08
CA GLY A 1123 -10.96 22.28 -30.34
C GLY A 1123 -10.83 23.20 -31.54
N ARG A 1124 -9.67 23.85 -31.69
CA ARG A 1124 -9.43 24.80 -32.77
C ARG A 1124 -8.53 24.15 -33.81
N VAL A 1125 -9.03 24.06 -35.04
CA VAL A 1125 -8.29 23.48 -36.16
C VAL A 1125 -8.57 24.29 -37.41
N VAL A 1126 -7.71 24.10 -38.40
CA VAL A 1126 -7.88 24.74 -39.69
C VAL A 1126 -8.71 23.84 -40.59
N SER A 1127 -9.34 24.44 -41.60
CA SER A 1127 -10.10 23.67 -42.56
C SER A 1127 -9.18 22.78 -43.39
N GLY A 1128 -9.77 21.80 -44.04
CA GLY A 1128 -9.01 20.86 -44.85
C GLY A 1128 -8.56 19.62 -44.11
N LEU A 1129 -7.86 19.80 -43.00
CA LEU A 1129 -7.48 18.66 -42.18
C LEU A 1129 -8.69 18.10 -41.46
N ASP A 1130 -8.59 16.83 -41.06
CA ASP A 1130 -9.67 16.13 -40.40
C ASP A 1130 -9.32 15.93 -38.93
N VAL A 1131 -10.20 16.38 -38.04
CA VAL A 1131 -10.01 16.16 -36.63
C VAL A 1131 -10.03 14.66 -36.33
N GLU A 1132 -10.92 13.93 -36.99
CA GLU A 1132 -11.04 12.50 -36.73
C GLU A 1132 -9.78 11.75 -37.15
N ALA A 1133 -9.02 12.30 -38.08
CA ALA A 1133 -7.72 11.72 -38.38
C ALA A 1133 -6.70 12.07 -37.30
N VAL A 1134 -6.77 13.30 -36.79
CA VAL A 1134 -5.76 13.77 -35.86
C VAL A 1134 -5.82 12.99 -34.55
N ASP A 1135 -7.01 12.91 -33.95
CA ASP A 1135 -7.11 12.22 -32.67
C ASP A 1135 -6.83 10.74 -32.82
N ALA A 1136 -7.21 10.16 -33.96
CA ALA A 1136 -6.90 8.75 -34.19
C ALA A 1136 -5.41 8.52 -34.19
N THR A 1137 -4.66 9.38 -34.87
CA THR A 1137 -3.21 9.26 -34.86
C THR A 1137 -2.65 9.45 -33.46
N LEU A 1138 -3.15 10.44 -32.73
CA LEU A 1138 -2.63 10.71 -31.40
C LEU A 1138 -2.86 9.53 -30.47
N LEU A 1139 -4.07 9.00 -30.45
CA LEU A 1139 -4.35 7.83 -29.61
C LEU A 1139 -3.50 6.66 -30.05
N ARG A 1140 -3.37 6.46 -31.36
CA ARG A 1140 -2.55 5.36 -31.87
C ARG A 1140 -1.12 5.50 -31.38
N LEU A 1141 -0.57 6.71 -31.43
CA LEU A 1141 0.76 6.94 -30.89
C LEU A 1141 0.80 6.62 -29.41
N LYS A 1142 -0.21 7.07 -28.67
CA LYS A 1142 -0.22 6.84 -27.23
C LYS A 1142 -0.25 5.36 -26.90
N ILE A 1143 -1.06 4.60 -27.63
CA ILE A 1143 -1.08 3.16 -27.42
C ILE A 1143 0.26 2.54 -27.77
N LEU A 1144 0.89 3.02 -28.85
CA LEU A 1144 2.20 2.52 -29.22
C LEU A 1144 3.29 2.94 -28.24
N GLY A 1145 2.97 3.84 -27.30
CA GLY A 1145 3.96 4.27 -26.33
C GLY A 1145 5.09 5.09 -26.93
N ALA A 1146 4.76 5.98 -27.87
CA ALA A 1146 5.78 6.82 -28.46
C ALA A 1146 6.31 7.82 -27.42
N PRO A 1147 7.56 8.25 -27.57
CA PRO A 1147 8.10 9.24 -26.65
C PRO A 1147 7.40 10.57 -26.83
N PRO A 1148 7.42 11.44 -25.80
CA PRO A 1148 6.63 12.68 -25.88
C PRO A 1148 6.97 13.55 -27.07
N GLU A 1149 8.25 13.62 -27.46
CA GLU A 1149 8.63 14.50 -28.55
C GLU A 1149 7.92 14.11 -29.84
N ALA A 1150 7.55 12.84 -29.99
CA ALA A 1150 6.75 12.44 -31.15
C ALA A 1150 5.43 13.18 -31.16
N PHE A 1151 4.75 13.23 -30.02
CA PHE A 1151 3.53 14.02 -29.92
C PHE A 1151 3.80 15.48 -30.21
N ILE A 1152 4.92 16.00 -29.69
CA ILE A 1152 5.25 17.41 -29.88
C ILE A 1152 5.39 17.71 -31.37
N ALA A 1153 6.10 16.84 -32.09
CA ALA A 1153 6.29 17.07 -33.52
C ALA A 1153 4.95 17.03 -34.25
N VAL A 1154 4.10 16.07 -33.91
CA VAL A 1154 2.80 15.95 -34.58
C VAL A 1154 1.96 17.18 -34.32
N LEU A 1155 1.88 17.59 -33.05
CA LEU A 1155 1.09 18.78 -32.72
C LEU A 1155 1.66 20.02 -33.36
N ASN A 1156 2.98 20.17 -33.32
CA ASN A 1156 3.61 21.32 -33.97
C ASN A 1156 3.39 21.27 -35.48
N GLY A 1157 3.15 20.10 -36.04
CA GLY A 1157 2.90 20.00 -37.46
C GLY A 1157 1.59 20.61 -37.90
N ILE A 1158 0.71 20.97 -36.97
CA ILE A 1158 -0.55 21.59 -37.33
C ILE A 1158 -0.65 22.95 -36.66
N GLY A 1159 0.51 23.58 -36.41
CA GLY A 1159 0.56 24.95 -35.99
C GLY A 1159 0.55 25.19 -34.50
N MET A 1160 0.32 24.16 -33.69
CA MET A 1160 0.32 24.35 -32.25
C MET A 1160 1.70 24.74 -31.77
N SER A 1161 1.77 25.80 -30.96
CA SER A 1161 3.05 26.21 -30.41
C SER A 1161 3.54 25.18 -29.40
N ASP A 1162 4.84 25.24 -29.12
CA ASP A 1162 5.47 24.23 -28.28
C ASP A 1162 4.81 24.16 -26.91
N SER A 1163 4.55 25.32 -26.30
CA SER A 1163 3.97 25.35 -24.97
C SER A 1163 2.60 24.67 -24.95
N GLU A 1164 1.71 25.11 -25.85
CA GLU A 1164 0.40 24.48 -25.91
C GLU A 1164 0.51 23.05 -26.40
N ALA A 1165 1.50 22.75 -27.24
CA ALA A 1165 1.71 21.37 -27.68
C ALA A 1165 1.97 20.47 -26.49
N HIS A 1166 2.87 20.88 -25.61
CA HIS A 1166 3.09 20.12 -24.38
C HIS A 1166 1.81 20.04 -23.56
N GLN A 1167 1.09 21.16 -23.46
CA GLN A 1167 -0.15 21.16 -22.71
C GLN A 1167 -1.15 20.17 -23.29
N ILE A 1168 -1.30 20.18 -24.61
CA ILE A 1168 -2.22 19.25 -25.25
C ILE A 1168 -1.73 17.82 -25.09
N ALA A 1169 -0.44 17.59 -25.33
CA ALA A 1169 0.10 16.24 -25.29
C ALA A 1169 -0.11 15.61 -23.92
N GLY A 1170 -0.01 16.39 -22.86
CA GLY A 1170 -0.20 15.85 -21.53
C GLY A 1170 -1.61 15.34 -21.33
N ARG A 1171 -2.61 16.02 -21.91
CA ARG A 1171 -3.99 15.61 -21.73
C ARG A 1171 -4.27 14.23 -22.28
N ILE A 1172 -3.46 13.76 -23.22
CA ILE A 1172 -3.73 12.49 -23.88
C ILE A 1172 -3.58 11.35 -22.88
N SER A 1173 -4.66 10.59 -22.69
CA SER A 1173 -4.63 9.47 -21.76
C SER A 1173 -5.71 8.49 -22.15
N LEU A 1174 -5.47 7.21 -21.86
CA LEU A 1174 -6.45 6.18 -22.16
C LEU A 1174 -7.63 6.21 -21.22
N ALA A 1175 -7.54 6.94 -20.10
CA ALA A 1175 -8.60 6.90 -19.10
C ALA A 1175 -9.77 7.79 -19.51
N ASN A 1176 -9.51 9.08 -19.67
CA ASN A 1176 -10.58 10.02 -19.97
C ASN A 1176 -11.21 9.79 -21.34
N ALA A 1177 -10.55 9.04 -22.21
CA ALA A 1177 -11.11 8.79 -23.53
C ALA A 1177 -12.39 7.98 -23.42
N GLN A 1178 -13.32 8.23 -24.33
CA GLN A 1178 -14.59 7.54 -24.36
C GLN A 1178 -14.50 6.29 -25.22
N LEU A 1179 -15.50 5.43 -25.08
CA LEU A 1179 -15.50 4.15 -25.80
C LEU A 1179 -15.37 4.38 -27.30
N VAL A 1180 -16.23 5.24 -27.85
CA VAL A 1180 -16.17 5.50 -29.29
C VAL A 1180 -14.90 6.26 -29.64
N GLN A 1181 -14.45 7.15 -28.74
CA GLN A 1181 -13.26 7.95 -29.02
C GLN A 1181 -12.06 7.05 -29.26
N ILE A 1182 -11.90 6.01 -28.44
CA ILE A 1182 -10.77 5.12 -28.59
C ILE A 1182 -11.02 4.08 -29.67
N ALA A 1183 -12.26 3.63 -29.80
CA ALA A 1183 -12.57 2.61 -30.80
C ALA A 1183 -12.39 3.11 -32.22
N ARG A 1184 -12.50 4.42 -32.44
CA ARG A 1184 -12.32 4.95 -33.78
C ARG A 1184 -10.89 4.82 -34.28
N VAL A 1185 -9.94 4.52 -33.38
CA VAL A 1185 -8.56 4.41 -33.80
C VAL A 1185 -8.37 3.30 -34.81
N VAL A 1186 -9.32 2.38 -34.91
CA VAL A 1186 -9.24 1.32 -35.91
C VAL A 1186 -10.46 1.41 -36.82
N HIS A 1187 -10.98 2.62 -36.98
CA HIS A 1187 -12.06 2.93 -37.90
C HIS A 1187 -13.36 2.24 -37.54
N LEU A 1188 -13.51 1.83 -36.28
CA LEU A 1188 -14.78 1.30 -35.80
C LEU A 1188 -15.63 2.49 -35.36
N SER A 1189 -16.63 2.83 -36.15
CA SER A 1189 -17.46 4.00 -35.89
C SER A 1189 -18.91 3.59 -35.70
N ILE A 1190 -19.72 4.56 -35.32
CA ILE A 1190 -21.15 4.36 -35.13
C ILE A 1190 -21.88 4.65 -36.43
N PRO A 1191 -22.70 3.74 -36.92
CA PRO A 1191 -23.46 4.01 -38.14
C PRO A 1191 -24.38 5.20 -37.94
N SER A 1192 -24.58 5.96 -39.02
CA SER A 1192 -25.48 7.10 -38.96
C SER A 1192 -26.88 6.67 -38.57
N SER A 1193 -27.28 5.47 -38.98
CA SER A 1193 -28.62 4.98 -38.65
C SER A 1193 -28.85 4.89 -37.15
N TRP A 1194 -27.79 4.77 -36.36
CA TRP A 1194 -27.93 4.65 -34.92
C TRP A 1194 -28.06 6.00 -34.23
N MET A 1195 -27.82 7.10 -34.92
CA MET A 1195 -27.75 8.43 -34.29
C MET A 1195 -29.05 8.83 -33.62
N THR A 1196 -30.15 8.13 -33.89
CA THR A 1196 -31.44 8.43 -33.28
C THR A 1196 -31.76 7.53 -32.11
N LEU A 1197 -30.79 6.76 -31.61
CA LEU A 1197 -31.03 5.80 -30.55
C LEU A 1197 -30.07 6.03 -29.40
N ASN A 1198 -30.49 5.61 -28.21
CA ASN A 1198 -29.72 5.83 -26.99
C ASN A 1198 -28.81 4.63 -26.74
N THR A 1199 -27.81 4.50 -27.61
CA THR A 1199 -26.93 3.33 -27.58
C THR A 1199 -25.86 3.41 -26.51
N GLY A 1200 -25.65 4.58 -25.91
CA GLY A 1200 -24.59 4.76 -24.94
C GLY A 1200 -24.61 3.72 -23.83
N PRO A 1201 -25.66 3.73 -23.00
CA PRO A 1201 -25.69 2.80 -21.86
C PRO A 1201 -25.58 1.34 -22.26
N TYR A 1202 -26.16 0.95 -23.39
CA TYR A 1202 -26.03 -0.43 -23.82
C TYR A 1202 -24.57 -0.79 -24.04
N ILE A 1203 -23.86 0.02 -24.82
CA ILE A 1203 -22.45 -0.24 -25.06
C ILE A 1203 -21.69 -0.21 -23.75
N HIS A 1204 -22.15 0.59 -22.80
CA HIS A 1204 -21.41 0.72 -21.54
C HIS A 1204 -21.55 -0.52 -20.69
N HIS A 1205 -22.77 -0.97 -20.43
CA HIS A 1205 -22.98 -2.01 -19.43
C HIS A 1205 -23.98 -3.05 -19.92
N HIS A 1206 -23.94 -3.37 -21.21
CA HIS A 1206 -24.72 -4.49 -21.72
C HIS A 1206 -23.97 -5.36 -22.71
N ALA A 1207 -22.82 -4.94 -23.20
CA ALA A 1207 -22.00 -5.74 -24.11
C ALA A 1207 -20.83 -6.28 -23.30
N TYR A 1208 -21.02 -7.45 -22.70
CA TYR A 1208 -19.98 -8.04 -21.87
C TYR A 1208 -18.84 -8.54 -22.74
N ASP A 1209 -17.69 -7.91 -22.61
CA ASP A 1209 -16.49 -8.42 -23.27
C ASP A 1209 -15.89 -9.60 -22.51
N PHE A 1210 -16.16 -9.72 -21.22
CA PHE A 1210 -15.67 -10.88 -20.46
C PHE A 1210 -16.68 -11.17 -19.35
N LYS A 1211 -17.61 -12.04 -19.63
CA LYS A 1211 -18.45 -12.59 -18.57
C LYS A 1211 -17.75 -13.77 -17.93
N PRO A 1212 -17.56 -13.76 -16.60
CA PRO A 1212 -16.75 -14.81 -15.98
C PRO A 1212 -17.26 -16.22 -16.24
N GLY A 1213 -18.57 -16.42 -16.18
CA GLY A 1213 -19.08 -17.77 -16.27
C GLY A 1213 -19.25 -18.33 -17.66
N ILE A 1214 -18.99 -17.53 -18.70
CA ILE A 1214 -19.25 -17.93 -20.07
C ILE A 1214 -17.97 -17.92 -20.91
N THR A 1215 -17.23 -16.82 -20.85
CA THR A 1215 -16.05 -16.67 -21.69
C THR A 1215 -15.02 -17.76 -21.41
N GLN A 1216 -14.37 -18.20 -22.45
CA GLN A 1216 -13.21 -19.05 -22.23
C GLN A 1216 -12.04 -18.19 -21.72
N PRO A 1217 -11.24 -18.71 -20.80
CA PRO A 1217 -10.15 -17.90 -20.25
C PRO A 1217 -9.14 -17.48 -21.29
N SER A 1218 -9.07 -18.19 -22.42
CA SER A 1218 -8.15 -17.81 -23.48
C SER A 1218 -8.44 -16.41 -24.00
N ALA A 1219 -9.68 -15.96 -23.88
CA ALA A 1219 -10.08 -14.66 -24.40
C ALA A 1219 -9.88 -13.53 -23.39
N LYS A 1220 -9.30 -13.83 -22.23
CA LYS A 1220 -9.12 -12.80 -21.20
C LYS A 1220 -8.11 -11.76 -21.67
N SER A 1221 -8.57 -10.52 -21.81
CA SER A 1221 -7.73 -9.49 -22.40
C SER A 1221 -6.58 -9.08 -21.50
N ARG A 1222 -6.73 -9.27 -20.19
CA ARG A 1222 -5.68 -8.95 -19.22
C ARG A 1222 -5.43 -7.43 -19.28
N ASP A 1223 -4.19 -7.00 -19.05
CA ASP A 1223 -3.93 -5.58 -18.81
C ASP A 1223 -4.27 -4.71 -20.00
N LYS A 1224 -4.12 -5.23 -21.22
CA LYS A 1224 -4.44 -4.42 -22.39
C LYS A 1224 -5.92 -4.11 -22.51
N SER A 1225 -6.75 -4.63 -21.59
CA SER A 1225 -8.18 -4.41 -21.66
C SER A 1225 -8.52 -2.93 -21.69
N ILE A 1226 -7.65 -2.09 -21.14
CA ILE A 1226 -7.92 -0.66 -21.09
C ILE A 1226 -8.23 -0.12 -22.47
N TRP A 1227 -7.58 -0.69 -23.50
CA TRP A 1227 -7.87 -0.31 -24.87
C TRP A 1227 -8.39 -1.46 -25.71
N MET A 1228 -8.46 -2.67 -25.16
CA MET A 1228 -9.02 -3.78 -25.91
C MET A 1228 -10.53 -3.88 -25.74
N SER A 1229 -11.01 -3.72 -24.51
CA SER A 1229 -12.43 -3.86 -24.24
C SER A 1229 -13.32 -2.98 -25.11
N PRO A 1230 -13.02 -1.69 -25.33
CA PRO A 1230 -13.91 -0.92 -26.21
C PRO A 1230 -14.05 -1.53 -27.59
N ILE A 1231 -12.97 -2.06 -28.15
CA ILE A 1231 -13.04 -2.65 -29.47
C ILE A 1231 -13.99 -3.83 -29.47
N LEU A 1232 -13.85 -4.71 -28.48
CA LEU A 1232 -14.72 -5.88 -28.42
C LEU A 1232 -16.17 -5.46 -28.24
N LYS A 1233 -16.42 -4.48 -27.37
CA LYS A 1233 -17.78 -4.01 -27.17
C LYS A 1233 -18.38 -3.48 -28.47
N LEU A 1234 -17.61 -2.71 -29.23
CA LEU A 1234 -18.11 -2.20 -30.49
C LEU A 1234 -18.46 -3.33 -31.45
N LEU A 1235 -17.60 -4.34 -31.52
CA LEU A 1235 -17.91 -5.48 -32.36
C LEU A 1235 -19.16 -6.19 -31.87
N CYS A 1236 -19.28 -6.38 -30.56
CA CYS A 1236 -20.44 -7.08 -30.01
C CYS A 1236 -21.72 -6.34 -30.34
N THR A 1237 -21.78 -5.05 -30.04
CA THR A 1237 -23.01 -4.31 -30.28
C THR A 1237 -23.34 -4.25 -31.76
N SER A 1238 -22.32 -4.22 -32.61
CA SER A 1238 -22.59 -4.23 -34.05
C SER A 1238 -23.29 -5.51 -34.46
N TYR A 1239 -22.83 -6.64 -33.96
CA TYR A 1239 -23.49 -7.91 -34.28
C TYR A 1239 -24.90 -7.95 -33.72
N ALA A 1240 -25.08 -7.46 -32.49
CA ALA A 1240 -26.40 -7.46 -31.89
C ALA A 1240 -27.38 -6.62 -32.69
N MET A 1241 -26.93 -5.44 -33.13
CA MET A 1241 -27.80 -4.60 -33.95
C MET A 1241 -28.06 -5.20 -35.33
N THR A 1242 -27.24 -6.16 -35.76
CA THR A 1242 -27.40 -6.71 -37.10
C THR A 1242 -28.66 -7.55 -37.20
N VAL A 1243 -28.88 -8.44 -36.24
CA VAL A 1243 -30.00 -9.36 -36.33
C VAL A 1243 -31.30 -8.62 -36.11
N ALA A 1244 -32.38 -9.18 -36.64
CA ALA A 1244 -33.70 -8.61 -36.43
C ALA A 1244 -34.21 -8.97 -35.03
N GLY A 1245 -35.35 -8.40 -34.67
CA GLY A 1245 -35.98 -8.70 -33.41
C GLY A 1245 -35.47 -7.84 -32.28
N PRO A 1246 -35.86 -8.17 -31.06
CA PRO A 1246 -35.49 -7.35 -29.90
C PRO A 1246 -33.99 -7.36 -29.66
N VAL A 1247 -33.51 -6.28 -29.05
CA VAL A 1247 -32.10 -6.18 -28.72
C VAL A 1247 -31.76 -7.13 -27.58
N ARG A 1248 -30.69 -7.90 -27.76
CA ARG A 1248 -30.27 -8.87 -26.76
C ARG A 1248 -28.88 -8.52 -26.25
N THR A 1249 -28.56 -9.05 -25.07
CA THR A 1249 -27.24 -8.85 -24.51
C THR A 1249 -26.20 -9.56 -25.36
N SER A 1250 -25.09 -8.88 -25.61
CA SER A 1250 -24.01 -9.40 -26.44
C SER A 1250 -22.83 -9.78 -25.57
N ILE A 1251 -22.28 -10.96 -25.82
CA ILE A 1251 -21.20 -11.51 -25.01
C ILE A 1251 -20.13 -12.09 -25.91
N VAL A 1252 -18.88 -11.67 -25.70
CA VAL A 1252 -17.76 -12.40 -26.29
C VAL A 1252 -17.66 -13.75 -25.62
N THR A 1253 -17.63 -14.81 -26.41
CA THR A 1253 -17.50 -16.14 -25.83
C THR A 1253 -16.14 -16.77 -26.05
N GLU A 1254 -15.45 -16.43 -27.13
CA GLU A 1254 -14.18 -17.08 -27.41
C GLU A 1254 -13.44 -16.34 -28.51
N ILE A 1255 -12.12 -16.32 -28.40
CA ILE A 1255 -11.22 -15.92 -29.48
C ILE A 1255 -10.38 -17.13 -29.84
N ASP A 1256 -10.38 -17.50 -31.12
CA ASP A 1256 -9.66 -18.71 -31.53
C ASP A 1256 -8.19 -18.61 -31.14
N GLY A 1257 -7.52 -17.53 -31.51
CA GLY A 1257 -6.23 -17.25 -30.95
C GLY A 1257 -6.36 -16.64 -29.58
N SER A 1258 -5.26 -16.62 -28.85
CA SER A 1258 -5.27 -15.97 -27.54
C SER A 1258 -5.52 -14.48 -27.72
N ALA A 1259 -6.17 -13.89 -26.72
CA ALA A 1259 -6.38 -12.44 -26.74
C ALA A 1259 -5.05 -11.70 -26.86
N ALA A 1260 -4.00 -12.25 -26.27
CA ALA A 1260 -2.68 -11.64 -26.39
C ALA A 1260 -2.24 -11.59 -27.84
N ALA A 1261 -2.42 -12.69 -28.57
CA ALA A 1261 -2.04 -12.71 -29.98
C ALA A 1261 -2.83 -11.68 -30.75
N LEU A 1262 -4.12 -11.55 -30.46
CA LEU A 1262 -4.93 -10.54 -31.14
C LEU A 1262 -4.40 -9.14 -30.86
N SER A 1263 -4.11 -8.85 -29.59
CA SER A 1263 -3.60 -7.53 -29.25
C SER A 1263 -2.27 -7.27 -29.94
N GLY A 1264 -1.39 -8.28 -29.97
CA GLY A 1264 -0.10 -8.09 -30.61
C GLY A 1264 -0.23 -7.74 -32.08
N ASN A 1265 -1.06 -8.50 -32.80
CA ASN A 1265 -1.25 -8.22 -34.22
C ASN A 1265 -1.83 -6.83 -34.43
N LEU A 1266 -2.79 -6.45 -33.58
CA LEU A 1266 -3.36 -5.12 -33.70
C LEU A 1266 -2.29 -4.05 -33.51
N ARG A 1267 -1.42 -4.22 -32.52
CA ARG A 1267 -0.36 -3.25 -32.30
C ARG A 1267 0.54 -3.18 -33.52
N VAL A 1268 0.82 -4.32 -34.15
CA VAL A 1268 1.63 -4.33 -35.36
C VAL A 1268 0.94 -3.51 -36.44
N TRP A 1269 -0.33 -3.79 -36.69
CA TRP A 1269 -1.06 -3.04 -37.73
C TRP A 1269 -1.10 -1.56 -37.40
N MET A 1270 -1.34 -1.24 -36.13
CA MET A 1270 -1.34 0.17 -35.73
C MET A 1270 0.02 0.80 -36.02
N ARG A 1271 1.10 0.08 -35.75
CA ARG A 1271 2.42 0.62 -36.06
C ARG A 1271 2.64 0.72 -37.56
N ASP A 1272 2.07 -0.19 -38.34
CA ASP A 1272 2.30 -0.19 -39.78
C ASP A 1272 1.70 1.05 -40.43
N VAL A 1273 0.44 1.32 -40.15
CA VAL A 1273 -0.26 2.42 -40.81
C VAL A 1273 0.25 3.76 -40.29
N MET B 1 18.88 75.61 -47.08
CA MET B 1 17.82 74.74 -47.59
C MET B 1 16.80 74.44 -46.51
N ILE B 2 15.75 75.23 -46.45
CA ILE B 2 14.65 74.97 -45.54
C ILE B 2 13.77 73.88 -46.13
N THR B 3 13.34 72.96 -45.27
CA THR B 3 12.50 71.85 -45.69
C THR B 3 11.08 72.05 -45.20
N ILE B 4 10.12 71.70 -46.06
CA ILE B 4 8.71 71.74 -45.71
C ILE B 4 8.15 70.35 -45.89
N VAL B 5 7.69 69.75 -44.80
CA VAL B 5 7.06 68.45 -44.87
C VAL B 5 5.62 68.62 -45.29
N VAL B 6 5.17 67.77 -46.20
CA VAL B 6 3.86 67.89 -46.83
C VAL B 6 3.08 66.61 -46.65
N ILE B 7 1.82 66.74 -46.24
CA ILE B 7 0.88 65.63 -46.16
C ILE B 7 -0.22 65.90 -47.18
N PRO B 8 -0.46 65.01 -48.13
CA PRO B 8 -1.43 65.30 -49.19
C PRO B 8 -2.85 65.42 -48.66
N THR B 9 -3.65 66.19 -49.37
CA THR B 9 -5.03 66.44 -48.99
C THR B 9 -5.95 65.44 -49.66
N ALA B 10 -7.25 65.69 -49.56
CA ALA B 10 -8.25 64.64 -49.78
C ALA B 10 -8.15 64.03 -51.17
N HIS B 11 -8.01 64.85 -52.20
CA HIS B 11 -7.98 64.32 -53.56
C HIS B 11 -6.72 64.77 -54.27
N PHE B 12 -5.60 64.68 -53.56
CA PHE B 12 -4.30 65.07 -54.08
C PHE B 12 -4.00 64.35 -55.38
N SER B 13 -3.69 65.12 -56.42
CA SER B 13 -3.35 64.54 -57.71
C SER B 13 -1.93 63.98 -57.64
N TRP B 14 -1.78 62.70 -57.96
CA TRP B 14 -0.50 62.02 -57.84
C TRP B 14 0.19 61.80 -59.18
N THR B 15 -0.54 61.44 -60.20
CA THR B 15 0.07 61.21 -61.52
C THR B 15 0.43 62.49 -62.20
N ASP B 16 0.33 63.63 -61.51
CA ASP B 16 0.68 64.90 -62.11
C ASP B 16 2.14 64.89 -62.53
N THR B 17 2.42 65.68 -63.58
CA THR B 17 3.80 65.82 -64.04
C THR B 17 4.71 66.25 -62.90
N ASN B 18 4.25 67.21 -62.10
CA ASN B 18 5.01 67.67 -60.94
C ASN B 18 4.11 67.61 -59.72
N PHE B 19 4.56 66.87 -58.71
CA PHE B 19 3.96 66.85 -57.38
C PHE B 19 3.73 68.27 -56.89
N LEU B 20 4.60 69.19 -57.29
CA LEU B 20 4.53 70.57 -56.84
C LEU B 20 3.19 71.20 -57.15
N ASN B 21 2.63 70.90 -58.33
CA ASN B 21 1.41 71.56 -58.75
C ASN B 21 0.26 71.26 -57.80
N SER B 22 0.12 70.00 -57.39
CA SER B 22 -0.97 69.63 -56.50
C SER B 22 -0.89 70.33 -55.17
N VAL B 23 0.28 70.83 -54.80
CA VAL B 23 0.41 71.58 -53.55
C VAL B 23 -0.28 72.94 -53.69
N ASP B 24 0.22 73.77 -54.59
CA ASP B 24 -0.44 75.03 -54.93
C ASP B 24 0.11 75.47 -56.27
N TYR B 25 -0.76 75.54 -57.28
CA TYR B 25 -0.27 75.78 -58.63
C TYR B 25 0.28 77.18 -58.83
N ARG B 26 0.03 78.10 -57.90
CA ARG B 26 0.61 79.44 -58.03
C ARG B 26 2.13 79.37 -58.04
N LEU B 27 2.72 78.38 -57.38
CA LEU B 27 4.16 78.26 -57.33
C LEU B 27 4.77 78.03 -58.71
N THR B 28 3.99 77.54 -59.66
CA THR B 28 4.47 77.31 -61.00
C THR B 28 4.30 78.51 -61.92
N SER B 29 3.61 79.56 -61.47
CA SER B 29 3.30 80.68 -62.33
C SER B 29 4.57 81.38 -62.80
N GLN B 30 5.50 81.63 -61.90
CA GLN B 30 6.68 82.39 -62.27
C GLN B 30 7.91 81.51 -62.32
N PRO B 31 8.75 81.67 -63.34
CA PRO B 31 10.06 81.01 -63.28
C PRO B 31 10.84 81.43 -62.06
N LYS B 32 10.80 82.72 -61.72
CA LYS B 32 11.52 83.23 -60.57
C LYS B 32 11.10 82.54 -59.29
N ILE B 33 9.90 81.95 -59.26
CA ILE B 33 9.42 81.26 -58.08
C ILE B 33 9.73 79.78 -58.13
N ARG B 34 9.38 79.11 -59.22
CA ARG B 34 9.52 77.67 -59.29
C ARG B 34 10.96 77.21 -59.17
N ASP B 35 11.92 78.10 -59.40
CA ASP B 35 13.32 77.72 -59.32
C ASP B 35 13.83 77.60 -57.90
N ARG B 36 13.01 77.95 -56.91
CA ARG B 36 13.45 77.98 -55.53
C ARG B 36 13.13 76.71 -54.76
N PHE B 37 12.61 75.68 -55.43
CA PHE B 37 12.07 74.52 -54.73
C PHE B 37 12.63 73.22 -55.29
N ALA B 38 12.94 72.30 -54.38
CA ALA B 38 13.18 70.91 -54.68
C ALA B 38 12.05 70.08 -54.10
N VAL B 39 11.94 68.82 -54.54
CA VAL B 39 10.75 68.04 -54.25
C VAL B 39 11.07 66.73 -53.54
N TYR B 40 12.06 66.00 -54.05
CA TYR B 40 12.39 64.66 -53.56
C TYR B 40 11.13 63.80 -53.67
N ALA B 41 10.68 63.17 -52.59
CA ALA B 41 9.49 62.31 -52.60
C ALA B 41 9.58 61.23 -53.68
N PRO B 42 10.55 60.33 -53.58
CA PRO B 42 10.76 59.35 -54.67
C PRO B 42 9.69 58.26 -54.65
N GLY B 43 9.54 57.64 -55.81
CA GLY B 43 8.52 56.61 -55.96
C GLY B 43 8.81 55.35 -55.16
N TRP B 44 10.08 54.94 -55.13
CA TRP B 44 10.43 53.71 -54.42
C TRP B 44 10.01 53.80 -52.96
N LEU B 45 10.23 54.96 -52.34
CA LEU B 45 9.79 55.15 -50.97
C LEU B 45 8.28 55.07 -50.88
N ARG B 46 7.59 55.65 -51.86
CA ARG B 46 6.14 55.61 -51.89
C ARG B 46 5.64 54.17 -51.85
N ARG B 47 6.23 53.31 -52.69
CA ARG B 47 5.80 51.91 -52.72
C ARG B 47 6.06 51.21 -51.39
N GLN B 48 7.20 51.47 -50.77
CA GLN B 48 7.49 50.84 -49.49
C GLN B 48 6.44 51.22 -48.45
N LEU B 49 6.09 52.51 -48.40
CA LEU B 49 5.08 52.95 -47.46
C LEU B 49 3.74 52.28 -47.73
N ASP B 50 3.39 52.12 -49.01
CA ASP B 50 2.14 51.46 -49.35
C ASP B 50 2.07 50.07 -48.75
N GLU B 51 3.20 49.38 -48.69
CA GLU B 51 3.20 48.01 -48.18
C GLU B 51 3.16 47.99 -46.65
N PHE B 52 4.09 48.69 -46.01
CA PHE B 52 4.21 48.62 -44.56
C PHE B 52 3.04 49.26 -43.84
N SER B 53 2.17 49.98 -44.56
CA SER B 53 1.08 50.71 -43.92
C SER B 53 0.24 49.81 -43.02
N ALA B 54 0.07 48.56 -43.40
CA ALA B 54 -0.80 47.66 -42.68
C ALA B 54 -0.12 46.96 -41.52
N SER B 55 1.08 47.37 -41.14
CA SER B 55 1.85 46.58 -40.17
C SER B 55 2.53 47.41 -39.09
N LEU B 56 2.31 48.72 -39.03
CA LEU B 56 2.95 49.55 -38.02
C LEU B 56 1.96 50.59 -37.51
N THR B 57 2.03 50.87 -36.21
CA THR B 57 1.22 51.95 -35.66
C THR B 57 1.79 53.29 -36.08
N ALA B 58 0.96 54.32 -35.97
CA ALA B 58 1.38 55.66 -36.35
C ALA B 58 2.61 56.09 -35.56
N SER B 59 2.58 55.89 -34.25
CA SER B 59 3.70 56.31 -33.41
C SER B 59 4.98 55.60 -33.81
N GLU B 60 4.90 54.28 -34.00
CA GLU B 60 6.07 53.53 -34.44
C GLU B 60 6.57 54.05 -35.78
N LEU B 61 5.66 54.21 -36.73
CA LEU B 61 6.05 54.62 -38.07
C LEU B 61 6.73 55.98 -38.05
N LEU B 62 6.15 56.93 -37.33
CA LEU B 62 6.77 58.24 -37.20
C LEU B 62 8.12 58.13 -36.52
N GLN B 63 8.19 57.36 -35.43
CA GLN B 63 9.45 57.18 -34.73
C GLN B 63 10.51 56.59 -35.64
N ALA B 64 10.11 55.66 -36.51
CA ALA B 64 11.08 55.02 -37.39
C ALA B 64 11.56 55.97 -38.47
N LEU B 65 10.65 56.70 -39.11
CA LEU B 65 11.00 57.47 -40.30
C LEU B 65 11.72 58.76 -39.97
N GLN B 66 11.48 59.33 -38.79
CA GLN B 66 11.81 60.73 -38.56
C GLN B 66 13.30 61.03 -38.68
N THR B 67 14.16 60.02 -38.57
CA THR B 67 15.59 60.25 -38.52
C THR B 67 16.26 60.22 -39.88
N ILE B 68 15.55 59.90 -40.95
CA ILE B 68 16.18 59.64 -42.24
C ILE B 68 16.64 60.95 -42.87
N PRO B 69 17.87 61.02 -43.38
CA PRO B 69 18.31 62.24 -44.08
C PRO B 69 17.60 62.39 -45.40
N ILE B 70 17.70 63.61 -45.96
CA ILE B 70 16.88 63.99 -47.10
C ILE B 70 17.20 63.12 -48.32
N PRO B 71 18.41 63.16 -48.90
CA PRO B 71 18.69 62.23 -49.99
C PRO B 71 19.19 60.91 -49.44
N VAL B 72 18.46 59.84 -49.69
CA VAL B 72 18.81 58.53 -49.15
C VAL B 72 19.93 57.95 -50.01
N LYS B 73 21.14 57.94 -49.46
CA LYS B 73 22.31 57.44 -50.20
C LYS B 73 22.50 55.94 -50.08
N ALA B 74 21.80 55.29 -49.16
CA ALA B 74 22.00 53.86 -48.92
C ALA B 74 21.12 53.03 -49.83
N ARG B 75 21.45 51.74 -49.90
CA ARG B 75 20.63 50.76 -50.60
C ARG B 75 20.49 49.52 -49.75
N CYS B 76 19.40 48.80 -49.96
CA CYS B 76 19.23 47.48 -49.40
C CYS B 76 19.61 46.45 -50.46
N LEU B 77 20.57 45.60 -50.12
CA LEU B 77 21.14 44.65 -51.06
C LEU B 77 20.68 43.25 -50.64
N LEU B 78 19.71 42.72 -51.38
CA LEU B 78 19.15 41.42 -51.07
C LEU B 78 20.13 40.31 -51.43
N LEU B 79 20.26 39.33 -50.53
CA LEU B 79 21.14 38.22 -50.80
C LEU B 79 20.35 37.01 -51.27
N PRO B 80 20.91 36.23 -52.22
CA PRO B 80 20.17 35.02 -52.59
C PRO B 80 20.36 33.91 -51.58
N LYS B 81 19.57 32.86 -51.70
CA LYS B 81 19.63 31.75 -50.75
C LYS B 81 21.04 31.16 -50.73
N PRO B 82 21.47 30.61 -49.58
CA PRO B 82 22.89 30.24 -49.45
C PRO B 82 23.44 29.36 -50.56
N LYS B 83 22.66 28.37 -51.01
CA LYS B 83 23.12 27.52 -52.10
C LYS B 83 23.36 28.33 -53.36
N ARG B 84 22.44 29.23 -53.68
CA ARG B 84 22.63 30.12 -54.82
C ARG B 84 23.72 31.14 -54.54
N PHE B 85 23.66 31.78 -53.36
CA PHE B 85 24.53 32.91 -53.06
C PHE B 85 25.99 32.48 -53.03
N ALA B 86 26.28 31.29 -52.51
CA ALA B 86 27.65 30.85 -52.35
C ALA B 86 28.39 30.78 -53.68
N GLN B 87 27.69 30.42 -54.76
CA GLN B 87 28.34 30.26 -56.05
C GLN B 87 28.90 31.59 -56.56
N TRP B 88 28.32 32.71 -56.12
CA TRP B 88 28.73 34.02 -56.61
C TRP B 88 30.18 34.32 -56.25
N LEU B 89 30.59 33.97 -55.03
CA LEU B 89 31.95 34.28 -54.58
C LEU B 89 33.01 33.48 -55.31
N LEU B 90 32.62 32.44 -56.05
CA LEU B 90 33.54 31.69 -56.90
C LEU B 90 33.38 32.01 -58.38
N ASP B 91 32.17 32.37 -58.81
CA ASP B 91 31.99 32.84 -60.18
C ASP B 91 32.87 34.06 -60.44
N VAL B 92 32.99 34.94 -59.45
CA VAL B 92 34.01 35.98 -59.45
C VAL B 92 34.75 35.88 -58.12
N PRO B 93 35.97 35.32 -58.11
CA PRO B 93 36.67 35.16 -56.82
C PRO B 93 36.90 36.46 -56.08
N SER B 94 37.17 37.55 -56.80
CA SER B 94 37.36 38.84 -56.15
C SER B 94 36.09 39.36 -55.50
N ALA B 95 34.93 38.85 -55.91
CA ALA B 95 33.67 39.22 -55.27
C ALA B 95 33.54 38.65 -53.87
N ASN B 96 34.39 37.68 -53.49
CA ASN B 96 34.42 37.16 -52.14
C ASN B 96 35.14 38.15 -51.21
N ILE B 97 34.55 39.35 -51.12
CA ILE B 97 35.19 40.44 -50.41
C ILE B 97 35.26 40.18 -48.92
N TRP B 98 34.43 39.28 -48.40
CA TRP B 98 34.59 38.80 -47.03
C TRP B 98 35.53 37.61 -46.95
N HIS B 99 35.90 37.02 -48.09
CA HIS B 99 36.88 35.95 -48.16
C HIS B 99 36.43 34.73 -47.36
N ILE B 100 35.18 34.33 -47.60
CA ILE B 100 34.64 33.10 -47.03
C ILE B 100 35.38 31.90 -47.62
N PRO B 101 35.78 30.92 -46.81
CA PRO B 101 36.65 29.85 -47.33
C PRO B 101 36.04 29.10 -48.50
N VAL B 102 36.91 28.73 -49.45
CA VAL B 102 36.47 27.94 -50.60
C VAL B 102 35.91 26.60 -50.14
N THR B 103 36.55 25.98 -49.15
CA THR B 103 36.05 24.72 -48.63
C THR B 103 34.62 24.86 -48.12
N THR B 104 34.35 25.90 -47.34
CA THR B 104 33.00 26.13 -46.85
C THR B 104 32.03 26.36 -48.00
N LEU B 105 32.48 27.08 -49.04
CA LEU B 105 31.61 27.36 -50.18
C LEU B 105 31.18 26.07 -50.86
N ARG B 106 32.13 25.19 -51.17
CA ARG B 106 31.79 23.94 -51.83
C ARG B 106 31.20 22.91 -50.88
N ALA B 107 31.47 23.02 -49.58
CA ALA B 107 30.73 22.23 -48.61
C ALA B 107 29.25 22.60 -48.66
N THR B 108 28.96 23.90 -48.78
CA THR B 108 27.58 24.33 -48.95
C THR B 108 27.00 23.79 -50.24
N VAL B 109 27.78 23.78 -51.32
CA VAL B 109 27.33 23.23 -52.59
C VAL B 109 27.01 21.75 -52.45
N ALA B 110 27.73 21.06 -51.57
CA ALA B 110 27.50 19.63 -51.40
C ALA B 110 26.34 19.32 -50.47
N SER B 111 26.09 20.17 -49.48
CA SER B 111 25.15 19.84 -48.43
C SER B 111 23.72 19.82 -48.95
N LYS B 112 22.93 18.86 -48.44
CA LYS B 112 21.50 18.85 -48.71
C LYS B 112 20.79 20.02 -48.05
N HIS B 113 21.33 20.51 -46.94
CA HIS B 113 20.75 21.60 -46.16
C HIS B 113 21.80 22.70 -46.02
N PRO B 114 21.99 23.51 -47.07
CA PRO B 114 22.97 24.60 -46.98
C PRO B 114 22.61 25.57 -45.87
N SER B 115 23.53 25.76 -44.93
CA SER B 115 23.27 26.53 -43.74
C SER B 115 23.45 28.02 -43.99
N SER B 116 23.13 28.81 -42.98
CA SER B 116 23.34 30.26 -43.01
C SER B 116 24.80 30.64 -42.89
N ASP B 117 25.71 29.68 -42.87
CA ASP B 117 27.13 29.96 -42.66
C ASP B 117 27.65 30.99 -43.64
N VAL B 118 27.19 30.92 -44.90
CA VAL B 118 27.64 31.88 -45.89
C VAL B 118 27.23 33.30 -45.50
N TYR B 119 26.07 33.45 -44.85
CA TYR B 119 25.68 34.74 -44.30
C TYR B 119 26.43 35.06 -43.02
N ASN B 120 26.78 34.03 -42.25
CA ASN B 120 27.30 34.23 -40.90
C ASN B 120 28.56 35.09 -40.92
N TYR B 121 28.62 36.04 -40.00
CA TYR B 121 29.74 36.94 -39.75
C TYR B 121 29.93 37.96 -40.86
N ILE B 122 29.07 37.98 -41.88
CA ILE B 122 29.12 39.04 -42.88
C ILE B 122 28.64 40.32 -42.19
N PRO B 123 29.43 41.39 -42.19
CA PRO B 123 29.04 42.60 -41.49
C PRO B 123 27.75 43.17 -42.03
N ASP B 124 26.92 43.69 -41.11
CA ASP B 124 25.65 44.34 -41.46
C ASP B 124 24.75 43.42 -42.28
N HIS B 125 24.76 42.13 -41.96
CA HIS B 125 23.78 41.23 -42.53
C HIS B 125 22.50 41.28 -41.72
N VAL B 126 21.37 41.40 -42.41
CA VAL B 126 20.06 41.50 -41.77
C VAL B 126 19.33 40.18 -42.02
N PRO B 127 19.18 39.33 -41.02
CA PRO B 127 18.44 38.08 -41.21
C PRO B 127 16.95 38.34 -41.22
N PRO B 128 16.14 37.38 -41.64
CA PRO B 128 14.68 37.54 -41.53
C PRO B 128 14.22 37.76 -40.11
N SER B 129 14.99 37.30 -39.13
CA SER B 129 14.70 37.55 -37.72
C SER B 129 15.17 38.95 -37.32
N ALA B 130 14.61 39.94 -38.00
CA ALA B 130 14.96 41.33 -37.74
C ALA B 130 13.70 42.18 -37.83
N GLU B 131 13.84 43.46 -37.50
CA GLU B 131 12.72 44.37 -37.41
C GLU B 131 12.98 45.60 -38.26
N PHE B 132 11.90 46.35 -38.51
CA PHE B 132 11.96 47.51 -39.39
C PHE B 132 13.02 48.51 -38.94
N ASP B 133 13.05 48.82 -37.64
CA ASP B 133 13.94 49.88 -37.16
C ASP B 133 15.40 49.51 -37.39
N THR B 134 15.72 48.21 -37.35
CA THR B 134 17.09 47.78 -37.60
C THR B 134 17.60 48.32 -38.92
N VAL B 135 16.74 48.30 -39.95
CA VAL B 135 17.14 48.86 -41.24
C VAL B 135 17.30 50.37 -41.12
N THR B 136 16.33 51.04 -40.51
CA THR B 136 16.34 52.50 -40.48
C THR B 136 17.58 53.03 -39.77
N ARG B 137 17.98 52.37 -38.68
CA ARG B 137 19.17 52.81 -37.97
C ARG B 137 20.39 52.78 -38.86
N ARG B 138 20.52 51.72 -39.66
CA ARG B 138 21.64 51.66 -40.61
C ARG B 138 21.48 52.66 -41.74
N VAL B 139 20.23 53.02 -42.07
CA VAL B 139 20.00 53.97 -43.16
C VAL B 139 20.67 55.30 -42.85
N ALA B 140 20.65 55.71 -41.58
CA ALA B 140 21.28 56.96 -41.19
C ALA B 140 22.79 56.95 -41.46
N ALA B 141 23.39 55.78 -41.60
CA ALA B 141 24.82 55.70 -41.89
C ALA B 141 25.14 55.92 -43.36
N GLY B 142 24.15 55.87 -44.24
CA GLY B 142 24.36 56.11 -45.66
C GLY B 142 24.93 54.95 -46.44
N ARG B 143 25.61 54.00 -45.79
CA ARG B 143 26.16 52.87 -46.48
C ARG B 143 25.07 51.87 -46.85
N ASP B 144 25.34 51.06 -47.88
CA ASP B 144 24.40 50.05 -48.30
C ASP B 144 24.30 48.94 -47.25
N ILE B 145 23.19 48.21 -47.29
CA ILE B 145 22.88 47.19 -46.30
C ILE B 145 22.55 45.90 -47.03
N TYR B 146 22.92 44.78 -46.41
CA TYR B 146 22.64 43.46 -46.95
C TYR B 146 21.52 42.80 -46.14
N VAL B 147 20.51 42.32 -46.84
CA VAL B 147 19.28 41.85 -46.21
C VAL B 147 18.92 40.49 -46.78
N ARG B 148 18.03 39.80 -46.06
CA ARG B 148 17.57 38.48 -46.46
C ARG B 148 16.05 38.44 -46.66
N SER B 149 15.42 39.58 -46.92
CA SER B 149 13.98 39.61 -47.14
C SER B 149 13.65 40.84 -47.96
N THR B 150 12.51 40.78 -48.64
CA THR B 150 12.07 41.92 -49.46
C THR B 150 11.32 42.95 -48.63
N LYS B 151 10.60 42.54 -47.60
CA LYS B 151 9.82 43.47 -46.81
C LYS B 151 10.74 44.32 -45.94
N VAL B 152 11.27 45.40 -46.52
CA VAL B 152 12.16 46.31 -45.81
C VAL B 152 11.70 47.74 -46.06
N LEU B 153 12.12 48.64 -45.19
CA LEU B 153 11.62 50.00 -45.20
C LEU B 153 12.75 50.98 -44.97
N GLY B 154 12.79 52.04 -45.77
CA GLY B 154 13.69 53.15 -45.56
C GLY B 154 14.66 53.41 -46.69
N ALA B 155 15.03 52.40 -47.47
CA ALA B 155 16.02 52.57 -48.52
C ALA B 155 15.58 51.78 -49.73
N PRO B 156 15.98 52.21 -50.93
CA PRO B 156 15.66 51.42 -52.12
C PRO B 156 16.28 50.04 -52.03
N LEU B 157 15.52 49.03 -52.44
CA LEU B 157 15.91 47.63 -52.31
C LEU B 157 16.26 47.07 -53.68
N CYS B 158 17.51 46.64 -53.82
CA CYS B 158 18.01 46.12 -55.08
C CYS B 158 18.79 44.84 -54.83
N LEU B 159 18.91 44.04 -55.89
CA LEU B 159 19.67 42.79 -55.80
C LEU B 159 21.14 43.08 -55.56
N ALA B 160 21.76 42.26 -54.70
CA ALA B 160 23.20 42.35 -54.54
C ALA B 160 23.93 41.75 -55.72
N ALA B 161 23.46 40.61 -56.21
CA ALA B 161 24.10 39.82 -57.24
C ALA B 161 23.31 39.86 -58.55
N PRO B 162 23.88 39.34 -59.63
CA PRO B 162 23.09 39.16 -60.86
C PRO B 162 21.84 38.31 -60.61
N ALA B 163 20.89 38.44 -61.52
CA ALA B 163 19.57 37.86 -61.31
C ALA B 163 19.58 36.33 -61.31
N LYS B 164 20.67 35.70 -61.78
CA LYS B 164 20.66 34.27 -61.95
C LYS B 164 20.52 33.53 -60.63
N TYR B 165 21.13 34.06 -59.56
CA TYR B 165 21.01 33.41 -58.26
C TYR B 165 19.61 33.59 -57.68
N TYR B 166 19.02 34.76 -57.84
CA TYR B 166 17.71 35.03 -57.28
C TYR B 166 16.62 34.33 -58.06
N ALA B 167 16.82 34.10 -59.35
CA ALA B 167 15.87 33.32 -60.12
C ALA B 167 15.72 31.93 -59.53
N GLY B 168 14.48 31.45 -59.49
CA GLY B 168 14.15 30.21 -58.81
C GLY B 168 13.96 30.42 -57.33
N TYR B 169 14.90 31.16 -56.70
CA TYR B 169 14.70 31.62 -55.34
C TYR B 169 13.58 32.65 -55.24
N LEU B 170 13.29 33.35 -56.34
CA LEU B 170 12.20 34.31 -56.40
C LEU B 170 11.53 34.20 -57.76
N SER B 171 10.37 34.83 -57.90
CA SER B 171 9.53 34.72 -59.08
C SER B 171 9.53 36.02 -59.87
N THR B 172 8.90 35.95 -61.05
CA THR B 172 9.05 36.99 -62.07
C THR B 172 8.74 38.38 -61.54
N HIS B 173 7.51 38.58 -61.04
CA HIS B 173 7.12 39.89 -60.56
C HIS B 173 8.00 40.34 -59.41
N GLN B 174 8.37 39.41 -58.53
CA GLN B 174 9.33 39.73 -57.47
C GLN B 174 10.68 40.14 -58.06
N LEU B 175 11.17 39.35 -59.03
CA LEU B 175 12.43 39.70 -59.69
C LEU B 175 12.32 41.02 -60.43
N ASP B 176 11.11 41.38 -60.86
CA ASP B 176 10.93 42.63 -61.60
C ASP B 176 10.96 43.84 -60.67
N GLY B 177 10.37 43.72 -59.48
CA GLY B 177 10.11 44.89 -58.66
C GLY B 177 11.34 45.66 -58.24
N VAL B 178 12.53 45.03 -58.28
CA VAL B 178 13.74 45.67 -57.80
C VAL B 178 14.49 46.42 -58.89
N TYR B 179 14.01 46.37 -60.14
CA TYR B 179 14.81 46.90 -61.23
C TYR B 179 15.16 48.38 -61.08
N PRO B 180 14.25 49.30 -60.71
CA PRO B 180 14.69 50.70 -60.58
C PRO B 180 15.73 50.89 -59.50
N ASP B 181 15.63 50.11 -58.42
CA ASP B 181 16.61 50.21 -57.34
C ASP B 181 17.96 49.67 -57.76
N ASN B 182 17.99 48.70 -58.68
CA ASN B 182 19.26 48.18 -59.17
C ASN B 182 20.13 49.28 -59.76
N TRP B 183 19.52 50.37 -60.22
CA TRP B 183 20.23 51.57 -60.67
C TRP B 183 19.54 52.79 -60.09
N ALA B 184 19.30 52.75 -58.77
CA ALA B 184 18.43 53.72 -58.11
C ALA B 184 18.87 55.18 -58.19
N PRO B 185 20.13 55.54 -57.90
CA PRO B 185 20.40 56.89 -57.40
C PRO B 185 20.06 58.00 -58.39
N ASP B 186 19.68 59.15 -57.82
CA ASP B 186 19.57 60.41 -58.54
C ASP B 186 19.93 61.54 -57.59
N ASN B 187 20.42 62.64 -58.13
CA ASN B 187 20.97 63.71 -57.31
C ASN B 187 19.87 64.56 -56.69
N PHE B 188 20.23 65.23 -55.60
CA PHE B 188 19.36 66.18 -54.90
C PHE B 188 20.11 67.49 -54.76
N HIS B 189 19.39 68.60 -54.91
CA HIS B 189 20.01 69.88 -55.19
C HIS B 189 19.68 70.90 -54.11
N LYS B 190 20.57 71.87 -53.96
CA LYS B 190 20.57 72.78 -52.82
C LYS B 190 19.95 74.12 -53.20
N ARG B 191 18.64 74.11 -53.35
CA ARG B 191 17.88 75.33 -53.57
C ARG B 191 17.45 75.92 -52.23
N GLU B 192 16.70 77.02 -52.29
CA GLU B 192 16.25 77.66 -51.06
C GLU B 192 15.35 76.74 -50.25
N PHE B 193 14.36 76.14 -50.91
CA PHE B 193 13.40 75.30 -50.24
C PHE B 193 13.39 73.91 -50.87
N CYS B 194 13.00 72.93 -50.09
CA CYS B 194 12.79 71.58 -50.59
C CYS B 194 11.57 70.99 -49.91
N LEU B 195 10.53 70.72 -50.68
CA LEU B 195 9.38 70.02 -50.14
C LEU B 195 9.71 68.56 -49.97
N THR B 196 8.93 67.88 -49.16
CA THR B 196 9.15 66.45 -48.92
C THR B 196 7.91 65.83 -48.33
N ILE B 197 7.61 64.61 -48.77
CA ILE B 197 6.59 63.81 -48.10
C ILE B 197 7.18 63.06 -46.92
N LEU B 198 8.50 62.96 -46.85
CA LEU B 198 9.13 62.29 -45.73
C LEU B 198 9.04 63.17 -44.50
N PRO B 199 8.53 62.68 -43.38
CA PRO B 199 8.53 63.47 -42.15
C PRO B 199 9.95 63.80 -41.69
N SER B 200 10.06 64.63 -40.66
CA SER B 200 11.37 64.98 -40.11
C SER B 200 11.14 65.64 -38.76
N LEU B 201 12.23 65.79 -38.02
CA LEU B 201 12.16 66.53 -36.77
C LEU B 201 11.80 67.97 -37.05
N LEU B 202 10.63 68.39 -36.58
CA LEU B 202 10.24 69.79 -36.71
C LEU B 202 11.18 70.66 -35.90
N GLY B 203 11.64 71.74 -36.49
CA GLY B 203 12.61 72.60 -35.85
C GLY B 203 12.72 73.94 -36.53
N PRO B 204 13.76 74.69 -36.19
CA PRO B 204 13.89 76.06 -36.72
C PRO B 204 13.99 76.11 -38.23
N ARG B 205 14.43 75.04 -38.89
CA ARG B 205 14.56 75.03 -40.33
C ARG B 205 13.65 74.01 -41.01
N THR B 206 12.68 73.46 -40.29
CA THR B 206 11.72 72.52 -40.85
C THR B 206 10.32 72.95 -40.47
N PHE B 207 9.41 72.92 -41.43
CA PHE B 207 8.07 73.45 -41.25
C PHE B 207 7.01 72.48 -41.75
N LEU B 208 5.84 72.57 -41.16
CA LEU B 208 4.69 71.76 -41.54
C LEU B 208 3.73 72.62 -42.33
N LEU B 209 3.39 72.18 -43.54
CA LEU B 209 2.51 72.95 -44.40
C LEU B 209 1.05 72.69 -44.01
N ASP B 210 0.31 73.76 -43.77
CA ASP B 210 -1.10 73.66 -43.41
C ASP B 210 -1.93 74.16 -44.59
N VAL B 211 -2.81 73.30 -45.09
CA VAL B 211 -3.65 73.62 -46.24
C VAL B 211 -5.10 73.85 -45.85
N ASP B 212 -5.51 73.50 -44.63
CA ASP B 212 -6.87 73.68 -44.15
C ASP B 212 -7.85 72.87 -45.02
N ALA B 213 -7.59 71.57 -45.07
CA ALA B 213 -8.47 70.62 -45.74
C ALA B 213 -8.18 69.24 -45.18
N ASP B 214 -9.14 68.33 -45.36
CA ASP B 214 -8.97 66.98 -44.86
C ASP B 214 -7.89 66.25 -45.65
N ARG B 215 -7.19 65.34 -44.96
CA ARG B 215 -6.10 64.60 -45.56
C ARG B 215 -6.64 63.63 -46.61
N ASP B 216 -5.71 63.08 -47.39
CA ASP B 216 -6.01 61.93 -48.24
C ASP B 216 -6.21 60.72 -47.35
N ALA B 217 -7.45 60.24 -47.27
CA ALA B 217 -7.73 59.09 -46.42
C ALA B 217 -6.97 57.86 -46.87
N SER B 218 -6.75 57.71 -48.17
CA SER B 218 -6.02 56.55 -48.69
C SER B 218 -4.52 56.65 -48.50
N TYR B 219 -4.00 57.85 -48.37
CA TYR B 219 -2.55 58.02 -48.23
C TYR B 219 -2.09 57.43 -46.90
N PRO B 220 -1.09 56.54 -46.91
CA PRO B 220 -0.81 55.74 -45.71
C PRO B 220 -0.33 56.55 -44.52
N LEU B 221 0.22 57.74 -44.70
CA LEU B 221 0.78 58.48 -43.59
C LEU B 221 -0.16 59.53 -43.02
N SER B 222 -1.41 59.58 -43.50
CA SER B 222 -2.33 60.58 -42.99
C SER B 222 -2.56 60.43 -41.49
N VAL B 223 -2.36 59.22 -40.96
CA VAL B 223 -2.56 59.00 -39.54
C VAL B 223 -1.59 59.81 -38.71
N LEU B 224 -0.45 60.22 -39.28
CA LEU B 224 0.50 61.02 -38.53
C LEU B 224 0.04 62.46 -38.38
N TRP B 225 -0.94 62.89 -39.17
CA TRP B 225 -1.31 64.31 -39.20
C TRP B 225 -1.61 64.90 -37.84
N PRO B 226 -2.40 64.28 -36.96
CA PRO B 226 -2.66 64.92 -35.67
C PRO B 226 -1.42 65.18 -34.85
N GLN B 227 -0.58 64.16 -34.66
CA GLN B 227 0.61 64.33 -33.83
C GLN B 227 1.52 65.39 -34.41
N LEU B 228 1.73 65.37 -35.73
CA LEU B 228 2.55 66.39 -36.36
C LEU B 228 1.95 67.77 -36.17
N ARG B 229 0.65 67.90 -36.40
CA ARG B 229 0.02 69.20 -36.34
C ARG B 229 0.13 69.80 -34.95
N VAL B 230 -0.15 69.00 -33.92
CA VAL B 230 -0.13 69.54 -32.57
C VAL B 230 1.27 69.96 -32.16
N LEU B 231 2.27 69.18 -32.55
CA LEU B 231 3.64 69.55 -32.24
C LEU B 231 4.00 70.86 -32.92
N ALA B 232 3.62 71.01 -34.19
CA ALA B 232 3.85 72.28 -34.87
C ALA B 232 3.06 73.39 -34.23
N LEU B 233 1.81 73.10 -33.84
CA LEU B 233 0.96 74.14 -33.26
C LEU B 233 1.57 74.68 -31.98
N LYS B 234 2.06 73.79 -31.11
CA LYS B 234 2.60 74.22 -29.83
C LYS B 234 3.89 75.00 -29.98
N SER B 235 4.51 75.00 -31.16
CA SER B 235 5.73 75.75 -31.38
C SER B 235 5.59 76.77 -32.50
N ARG B 236 4.38 76.98 -33.02
CA ARG B 236 4.13 77.94 -34.09
C ARG B 236 5.00 77.65 -35.30
N LEU B 237 4.79 76.47 -35.87
CA LEU B 237 5.54 76.04 -37.03
C LEU B 237 4.68 75.79 -38.25
N LEU B 238 3.36 75.96 -38.16
CA LEU B 238 2.51 75.82 -39.32
C LEU B 238 2.81 76.92 -40.32
N LEU B 239 2.65 76.60 -41.60
CA LEU B 239 2.79 77.57 -42.67
C LEU B 239 1.55 77.55 -43.53
N PRO B 240 0.78 78.64 -43.60
CA PRO B 240 -0.25 78.73 -44.62
C PRO B 240 0.38 78.75 -46.00
N PRO B 241 -0.31 78.21 -47.00
CA PRO B 241 0.32 78.09 -48.32
C PRO B 241 0.76 79.42 -48.91
N VAL B 242 0.04 80.50 -48.58
CA VAL B 242 0.37 81.80 -49.16
C VAL B 242 1.77 82.24 -48.73
N ALA B 243 2.22 81.83 -47.55
CA ALA B 243 3.52 82.25 -47.06
C ALA B 243 4.64 81.84 -48.01
N LEU B 244 4.45 80.73 -48.73
CA LEU B 244 5.49 80.24 -49.61
C LEU B 244 5.82 81.23 -50.72
N LEU B 245 4.85 82.04 -51.14
CA LEU B 245 5.07 82.95 -52.25
C LEU B 245 5.94 84.13 -51.88
N ARG B 246 6.04 84.47 -50.60
CA ARG B 246 6.82 85.62 -50.19
C ARG B 246 8.31 85.34 -50.39
N ARG B 247 9.08 86.42 -50.46
CA ARG B 247 10.53 86.28 -50.64
C ARG B 247 11.18 85.64 -49.43
N VAL B 248 10.69 85.94 -48.23
CA VAL B 248 11.20 85.36 -46.99
C VAL B 248 10.03 84.76 -46.23
N VAL B 249 10.26 83.62 -45.60
CA VAL B 249 9.19 82.85 -44.99
C VAL B 249 8.84 83.44 -43.63
N ASP B 250 7.53 83.47 -43.33
CA ASP B 250 7.04 83.79 -42.00
C ASP B 250 5.64 83.21 -41.86
N PRO B 251 5.30 82.65 -40.72
CA PRO B 251 3.92 82.16 -40.52
C PRO B 251 3.01 83.34 -40.20
N GLY B 252 2.16 83.69 -41.16
CA GLY B 252 1.21 84.74 -40.91
C GLY B 252 0.50 85.29 -42.13
N LEU B 253 -0.60 85.99 -41.89
CA LEU B 253 -1.37 86.63 -42.93
C LEU B 253 -1.37 88.13 -42.68
N LYS B 254 -1.38 88.90 -43.75
CA LYS B 254 -1.31 90.35 -43.67
C LYS B 254 -0.07 90.78 -42.87
N PRO B 255 1.14 90.46 -43.34
CA PRO B 255 2.33 90.92 -42.63
C PRO B 255 2.54 92.41 -42.86
N THR B 256 3.29 93.01 -41.94
CA THR B 256 3.59 94.44 -42.06
C THR B 256 4.44 94.72 -43.29
N TRP B 257 5.56 94.01 -43.40
CA TRP B 257 6.57 94.32 -44.40
C TRP B 257 6.14 94.00 -45.82
N SER B 258 5.03 93.30 -46.02
CA SER B 258 4.56 92.97 -47.35
C SER B 258 3.07 93.26 -47.47
N ALA B 259 2.69 93.92 -48.55
CA ALA B 259 1.27 94.12 -48.83
C ALA B 259 0.63 92.91 -49.48
N ASP B 260 1.42 91.94 -49.93
CA ASP B 260 0.91 90.74 -50.60
C ASP B 260 0.03 91.08 -51.78
N SER B 261 0.34 92.19 -52.45
CA SER B 261 -0.42 92.65 -53.61
C SER B 261 0.49 92.50 -54.82
N ASP B 262 0.41 91.34 -55.47
CA ASP B 262 1.23 91.08 -56.64
C ASP B 262 0.52 90.04 -57.50
N ALA B 263 0.88 90.02 -58.79
CA ALA B 263 0.28 89.07 -59.71
C ALA B 263 0.47 87.64 -59.26
N ALA B 264 1.57 87.36 -58.56
CA ALA B 264 1.82 86.00 -58.08
C ALA B 264 0.72 85.57 -57.10
N PHE B 265 0.27 86.48 -56.25
CA PHE B 265 -0.74 86.12 -55.26
C PHE B 265 -2.09 85.87 -55.90
N ARG B 266 -2.41 86.57 -56.99
CA ARG B 266 -3.73 86.49 -57.60
C ARG B 266 -3.86 85.17 -58.33
N ALA B 267 -4.54 84.21 -57.71
CA ALA B 267 -4.69 82.90 -58.31
C ALA B 267 -5.63 82.91 -59.50
N LEU B 268 -6.48 83.93 -59.62
CA LEU B 268 -7.42 83.97 -60.73
C LEU B 268 -6.72 84.09 -62.08
N ARG B 269 -5.49 84.59 -62.10
CA ARG B 269 -4.76 84.73 -63.35
C ARG B 269 -4.02 83.43 -63.67
N LEU B 270 -4.81 82.43 -64.06
CA LEU B 270 -4.25 81.17 -64.50
C LEU B 270 -3.78 81.31 -65.94
N SER B 271 -2.51 81.01 -66.19
CA SER B 271 -1.91 81.19 -67.50
C SER B 271 -1.12 79.96 -67.89
N ARG B 272 -1.14 79.64 -69.18
CA ARG B 272 -0.48 78.45 -69.72
C ARG B 272 0.18 78.79 -71.04
N PRO B 273 1.29 79.53 -71.01
CA PRO B 273 1.95 79.91 -72.28
C PRO B 273 2.89 78.84 -72.83
N SER B 274 3.48 78.04 -71.95
CA SER B 274 4.49 77.08 -72.38
C SER B 274 3.84 75.83 -72.96
N SER B 275 4.65 75.04 -73.68
CA SER B 275 4.18 73.83 -74.32
C SER B 275 5.36 72.89 -74.55
N ALA B 276 5.05 71.60 -74.72
CA ALA B 276 6.08 70.60 -74.97
C ALA B 276 5.65 69.55 -76.00
N SER B 277 4.56 69.79 -76.73
CA SER B 277 4.03 68.83 -77.71
C SER B 277 3.73 67.47 -77.07
N LYS B 278 3.44 67.48 -75.79
CA LYS B 278 3.25 66.25 -75.04
C LYS B 278 1.89 65.63 -75.36
N PRO B 279 1.74 64.31 -75.13
CA PRO B 279 0.45 63.66 -75.42
C PRO B 279 -0.71 64.32 -74.69
N THR B 280 -0.48 64.78 -73.48
CA THR B 280 -1.53 65.52 -72.78
C THR B 280 -1.67 66.89 -73.39
N GLY B 281 -2.19 66.96 -74.62
CA GLY B 281 -2.68 68.23 -75.13
C GLY B 281 -3.62 68.86 -74.13
N PHE B 282 -4.36 68.02 -73.41
CA PHE B 282 -4.86 68.38 -72.10
C PHE B 282 -5.11 67.11 -71.31
N ASP B 283 -4.87 67.19 -70.01
CA ASP B 283 -5.22 66.12 -69.08
C ASP B 283 -6.53 66.54 -68.43
N PHE B 284 -7.62 66.10 -68.99
CA PHE B 284 -8.92 66.53 -68.49
C PHE B 284 -9.29 65.87 -67.19
N SER B 285 -8.41 65.12 -66.56
CA SER B 285 -8.68 64.60 -65.23
C SER B 285 -8.13 65.51 -64.13
N ALA B 286 -7.18 66.37 -64.45
CA ALA B 286 -6.62 67.29 -63.49
C ALA B 286 -7.35 68.62 -63.57
N LEU B 287 -7.86 69.09 -62.43
CA LEU B 287 -8.71 70.28 -62.40
C LEU B 287 -8.16 71.25 -61.36
N PRO B 288 -7.85 72.48 -61.73
CA PRO B 288 -7.43 73.48 -60.74
C PRO B 288 -8.64 74.12 -60.07
N VAL B 289 -8.59 74.19 -58.74
CA VAL B 289 -9.66 74.80 -57.95
C VAL B 289 -9.03 75.75 -56.95
N VAL B 290 -9.87 76.56 -56.32
CA VAL B 290 -9.42 77.57 -55.36
C VAL B 290 -10.35 77.61 -54.16
N ASP B 291 -9.80 77.97 -53.02
CA ASP B 291 -10.55 78.35 -51.84
C ASP B 291 -10.46 79.86 -51.69
N ILE B 292 -11.61 80.52 -51.61
CA ILE B 292 -11.66 81.97 -51.66
C ILE B 292 -12.41 82.51 -50.46
N ILE B 293 -12.07 83.75 -50.10
CA ILE B 293 -12.70 84.45 -49.00
C ILE B 293 -13.44 85.65 -49.59
N CYS B 294 -14.74 85.70 -49.35
CA CYS B 294 -15.61 86.68 -50.01
C CYS B 294 -16.35 87.49 -48.96
N LEU B 295 -16.44 88.80 -49.19
CA LEU B 295 -17.09 89.72 -48.27
C LEU B 295 -18.47 90.06 -48.79
N PHE B 296 -19.46 90.02 -47.90
CA PHE B 296 -20.85 90.26 -48.25
C PHE B 296 -21.35 91.49 -47.50
N GLU B 297 -22.12 92.32 -48.17
CA GLU B 297 -22.57 93.59 -47.61
C GLU B 297 -24.01 93.85 -47.99
N SER B 298 -24.71 94.59 -47.13
CA SER B 298 -26.09 94.96 -47.33
C SER B 298 -26.17 96.40 -47.83
N GLU B 299 -27.39 96.92 -47.94
CA GLU B 299 -27.57 98.27 -48.44
C GLU B 299 -26.96 99.28 -47.47
N PRO B 300 -26.44 100.39 -47.98
CA PRO B 300 -25.90 101.42 -47.09
C PRO B 300 -27.00 102.11 -46.32
N ASP B 301 -26.59 102.86 -45.31
CA ASP B 301 -27.55 103.58 -44.48
C ASP B 301 -28.00 104.85 -45.18
N ASP B 302 -28.80 105.65 -44.47
CA ASP B 302 -29.36 106.86 -45.04
C ASP B 302 -28.31 107.91 -45.38
N HIS B 303 -27.08 107.76 -44.90
CA HIS B 303 -26.04 108.75 -45.14
C HIS B 303 -24.87 108.16 -45.91
N GLY B 304 -25.09 107.06 -46.65
CA GLY B 304 -24.07 106.47 -47.48
C GLY B 304 -23.10 105.57 -46.74
N ARG B 305 -23.13 105.53 -45.42
CA ARG B 305 -22.29 104.63 -44.67
C ARG B 305 -22.83 103.20 -44.78
N VAL B 306 -21.97 102.23 -44.49
CA VAL B 306 -22.33 100.83 -44.64
C VAL B 306 -21.82 100.04 -43.44
N ALA B 307 -22.53 98.96 -43.13
CA ALA B 307 -22.19 98.12 -41.99
C ALA B 307 -20.88 97.39 -42.25
N PRO B 308 -20.22 96.89 -41.19
CA PRO B 308 -18.96 96.16 -41.38
C PRO B 308 -19.09 94.95 -42.28
N GLY B 309 -20.25 94.31 -42.33
CA GLY B 309 -20.43 93.16 -43.20
C GLY B 309 -19.76 91.91 -42.65
N THR B 310 -19.89 90.83 -43.41
CA THR B 310 -19.37 89.53 -43.03
C THR B 310 -18.63 88.91 -44.20
N ARG B 311 -17.58 88.16 -43.88
CA ARG B 311 -16.79 87.47 -44.88
C ARG B 311 -16.84 85.97 -44.65
N LEU B 312 -17.07 85.22 -45.72
CA LEU B 312 -17.19 83.78 -45.66
C LEU B 312 -16.16 83.13 -46.56
N THR B 313 -15.88 81.86 -46.30
CA THR B 313 -14.93 81.09 -47.07
C THR B 313 -15.67 80.08 -47.93
N ILE B 314 -15.43 80.12 -49.23
CA ILE B 314 -15.97 79.15 -50.16
C ILE B 314 -14.86 78.19 -50.55
N HIS B 315 -15.16 76.90 -50.54
CA HIS B 315 -14.14 75.87 -50.67
C HIS B 315 -14.15 75.26 -52.06
N SER B 316 -12.97 75.25 -52.69
CA SER B 316 -12.70 74.42 -53.87
C SER B 316 -13.65 74.71 -55.02
N VAL B 317 -13.93 75.98 -55.25
CA VAL B 317 -14.65 76.34 -56.48
C VAL B 317 -13.68 76.21 -57.66
N PRO B 318 -14.07 75.57 -58.76
CA PRO B 318 -13.17 75.46 -59.90
C PRO B 318 -12.81 76.84 -60.44
N THR B 319 -11.52 77.03 -60.71
CA THR B 319 -11.04 78.36 -61.05
C THR B 319 -11.48 78.79 -62.45
N ASP B 320 -11.50 77.85 -63.40
CA ASP B 320 -11.87 78.21 -64.76
C ASP B 320 -13.27 78.81 -64.82
N LEU B 321 -14.16 78.37 -63.94
CA LEU B 321 -15.48 78.97 -63.85
C LEU B 321 -15.39 80.46 -63.63
N LEU B 322 -14.55 80.88 -62.69
CA LEU B 322 -14.41 82.31 -62.42
C LEU B 322 -13.68 83.02 -63.57
N THR B 323 -12.61 82.43 -64.07
CA THR B 323 -11.83 83.07 -65.12
C THR B 323 -12.68 83.28 -66.37
N SER B 324 -13.38 82.23 -66.79
CA SER B 324 -14.21 82.33 -67.99
C SER B 324 -15.28 83.40 -67.84
N LEU B 325 -15.71 83.68 -66.60
CA LEU B 325 -16.68 84.71 -66.34
C LEU B 325 -16.04 86.06 -66.07
N SER B 326 -14.72 86.17 -66.24
CA SER B 326 -13.99 87.43 -66.09
C SER B 326 -14.12 87.99 -64.68
N ILE B 327 -14.27 87.12 -63.69
CA ILE B 327 -14.31 87.56 -62.30
C ILE B 327 -12.92 88.02 -61.89
N GLN B 328 -12.86 89.13 -61.15
CA GLN B 328 -11.58 89.68 -60.72
C GLN B 328 -11.65 90.06 -59.25
N GLU B 329 -10.50 89.99 -58.60
CA GLU B 329 -10.43 90.31 -57.19
C GLU B 329 -10.57 91.80 -56.96
N GLY B 330 -10.99 92.17 -55.75
CA GLY B 330 -11.08 93.56 -55.39
C GLY B 330 -12.13 94.34 -56.13
N VAL B 331 -13.15 93.68 -56.67
CA VAL B 331 -14.22 94.32 -57.40
C VAL B 331 -15.53 94.00 -56.70
N ARG B 332 -16.30 95.04 -56.37
CA ARG B 332 -17.56 94.84 -55.65
C ARG B 332 -18.68 94.67 -56.66
N TYR B 333 -18.96 93.42 -57.01
CA TYR B 333 -20.02 93.12 -57.94
C TYR B 333 -21.38 93.17 -57.27
N PRO B 334 -22.44 93.44 -58.04
CA PRO B 334 -23.78 93.34 -57.48
C PRO B 334 -24.17 91.88 -57.28
N LEU B 335 -24.81 91.61 -56.15
CA LEU B 335 -25.12 90.23 -55.78
C LEU B 335 -26.52 89.80 -56.20
N ARG B 336 -27.47 90.71 -56.16
CA ARG B 336 -28.89 90.37 -56.32
C ARG B 336 -29.37 90.71 -57.72
N GLN B 337 -30.25 89.87 -58.25
CA GLN B 337 -30.82 90.09 -59.56
C GLN B 337 -31.99 91.06 -59.46
N GLU B 338 -32.64 91.31 -60.60
CA GLU B 338 -33.78 92.22 -60.63
C GLU B 338 -34.90 91.71 -59.75
N SER B 339 -35.17 90.41 -59.79
CA SER B 339 -36.22 89.80 -58.99
C SER B 339 -35.75 89.45 -57.59
N GLY B 340 -34.54 89.87 -57.20
CA GLY B 340 -34.04 89.62 -55.89
C GLY B 340 -33.29 88.31 -55.72
N MET B 341 -33.36 87.42 -56.70
CA MET B 341 -32.58 86.20 -56.63
C MET B 341 -31.11 86.50 -56.87
N PHE B 342 -30.27 85.53 -56.53
CA PHE B 342 -28.84 85.68 -56.76
C PHE B 342 -28.55 85.76 -58.26
N VAL B 343 -27.50 86.49 -58.60
CA VAL B 343 -27.02 86.53 -59.97
C VAL B 343 -26.52 85.13 -60.30
N PRO B 344 -26.65 84.67 -61.55
CA PRO B 344 -26.39 83.25 -61.84
C PRO B 344 -25.00 82.77 -61.47
N TRP B 345 -23.98 83.59 -61.71
CA TRP B 345 -22.61 83.09 -61.54
C TRP B 345 -22.32 82.77 -60.09
N VAL B 346 -22.86 83.56 -59.16
CA VAL B 346 -22.69 83.26 -57.75
C VAL B 346 -23.30 81.91 -57.42
N LEU B 347 -24.50 81.64 -57.94
CA LEU B 347 -25.14 80.37 -57.69
C LEU B 347 -24.28 79.22 -58.19
N LEU B 348 -23.68 79.38 -59.38
CA LEU B 348 -22.79 78.36 -59.89
C LEU B 348 -21.61 78.14 -58.96
N ALA B 349 -21.04 79.22 -58.44
CA ALA B 349 -19.92 79.09 -57.52
C ALA B 349 -20.32 78.29 -56.29
N LEU B 350 -21.49 78.59 -55.73
CA LEU B 350 -21.97 77.86 -54.58
C LEU B 350 -22.21 76.39 -54.92
N LEU B 351 -22.85 76.14 -56.07
CA LEU B 351 -23.22 74.78 -56.42
C LEU B 351 -22.00 73.89 -56.61
N MET B 352 -20.96 74.41 -57.26
CA MET B 352 -19.78 73.60 -57.55
C MET B 352 -18.78 73.61 -56.41
N SER B 353 -19.01 74.39 -55.36
CA SER B 353 -18.11 74.39 -54.23
C SER B 353 -18.31 73.13 -53.40
N ASP B 354 -17.40 72.92 -52.45
CA ASP B 354 -17.54 71.80 -51.52
C ASP B 354 -18.20 72.20 -50.22
N ASP B 355 -17.86 73.37 -49.68
CA ASP B 355 -18.41 73.78 -48.40
C ASP B 355 -18.25 75.29 -48.24
N VAL B 356 -19.10 75.86 -47.39
CA VAL B 356 -19.08 77.27 -47.06
C VAL B 356 -19.03 77.41 -45.55
N THR B 357 -18.08 78.18 -45.06
CA THR B 357 -17.90 78.37 -43.63
C THR B 357 -17.66 79.83 -43.32
N ILE B 358 -17.83 80.19 -42.05
CA ILE B 358 -17.35 81.48 -41.58
C ILE B 358 -15.85 81.53 -41.79
N SER B 359 -15.36 82.70 -42.18
CA SER B 359 -13.96 82.82 -42.58
C SER B 359 -13.02 82.43 -41.44
N GLY B 360 -13.22 83.01 -40.27
CA GLY B 360 -12.34 82.74 -39.15
C GLY B 360 -12.49 81.33 -38.60
N THR B 361 -13.65 81.04 -38.03
CA THR B 361 -13.85 79.75 -37.39
C THR B 361 -14.04 78.66 -38.45
N ARG B 362 -14.40 77.48 -37.98
CA ARG B 362 -14.58 76.32 -38.83
C ARG B 362 -16.02 75.83 -38.76
N ARG B 363 -16.97 76.75 -38.71
CA ARG B 363 -18.38 76.41 -38.66
C ARG B 363 -18.98 76.53 -40.05
N SER B 364 -19.54 75.43 -40.55
CA SER B 364 -20.16 75.42 -41.87
C SER B 364 -21.58 75.95 -41.77
N VAL B 365 -21.97 76.74 -42.76
CA VAL B 365 -23.27 77.39 -42.77
C VAL B 365 -23.97 77.09 -44.10
N LYS B 366 -25.29 76.91 -44.04
CA LYS B 366 -26.09 76.80 -45.25
C LYS B 366 -26.67 78.17 -45.56
N LEU B 367 -26.26 78.72 -46.70
CA LEU B 367 -26.61 80.09 -47.04
C LEU B 367 -28.04 80.18 -47.54
N GLU B 368 -28.75 81.23 -47.11
CA GLU B 368 -30.08 81.52 -47.64
C GLU B 368 -29.96 82.37 -48.88
N THR B 369 -30.92 82.20 -49.78
CA THR B 369 -30.91 82.92 -51.05
C THR B 369 -32.32 83.39 -51.40
N ALA B 370 -33.03 83.92 -50.42
CA ALA B 370 -34.39 84.38 -50.65
C ALA B 370 -34.61 85.64 -49.83
N HIS B 371 -35.88 86.04 -49.68
CA HIS B 371 -36.23 87.26 -48.99
C HIS B 371 -36.39 87.06 -47.49
N ALA B 372 -35.85 85.98 -46.94
CA ALA B 372 -36.05 85.69 -45.52
C ALA B 372 -35.31 86.67 -44.64
N SER B 373 -33.99 86.75 -44.79
CA SER B 373 -33.18 87.54 -43.87
C SER B 373 -33.46 89.04 -44.04
N ALA B 374 -33.54 89.75 -42.93
CA ALA B 374 -33.52 91.19 -42.97
C ALA B 374 -32.11 91.69 -43.28
N ARG B 375 -32.01 92.98 -43.59
CA ARG B 375 -30.81 93.63 -44.09
C ARG B 375 -30.02 92.66 -44.99
N PRO B 376 -30.65 92.15 -46.04
CA PRO B 376 -29.99 91.12 -46.85
C PRO B 376 -28.82 91.69 -47.65
N PHE B 377 -27.91 90.80 -48.03
CA PHE B 377 -26.73 91.23 -48.76
C PHE B 377 -27.10 91.63 -50.18
N VAL B 378 -26.43 92.67 -50.66
CA VAL B 378 -26.60 93.12 -52.04
C VAL B 378 -25.30 93.22 -52.81
N HIS B 379 -24.15 93.24 -52.14
CA HIS B 379 -22.87 93.34 -52.81
C HIS B 379 -21.97 92.22 -52.33
N ILE B 380 -21.06 91.80 -53.21
CA ILE B 380 -20.11 90.74 -52.91
C ILE B 380 -18.76 91.15 -53.47
N THR B 381 -17.71 90.80 -52.73
CA THR B 381 -16.33 91.06 -53.17
C THR B 381 -15.46 89.88 -52.78
N VAL B 382 -14.72 89.36 -53.72
CA VAL B 382 -13.72 88.33 -53.44
C VAL B 382 -12.44 89.03 -53.01
N GLU B 383 -11.86 88.58 -51.90
CA GLU B 383 -10.76 89.29 -51.28
C GLU B 383 -9.41 88.64 -51.55
N ARG B 384 -9.32 87.32 -51.36
CA ARG B 384 -8.06 86.64 -51.59
C ARG B 384 -8.33 85.15 -51.72
N CYS B 385 -7.36 84.45 -52.30
CA CYS B 385 -7.44 83.00 -52.48
C CYS B 385 -6.64 82.34 -51.37
N ALA B 386 -7.35 81.72 -50.43
CA ALA B 386 -6.67 81.02 -49.34
C ALA B 386 -5.81 79.89 -49.86
N SER B 387 -6.25 79.20 -50.90
CA SER B 387 -5.48 78.13 -51.50
C SER B 387 -5.88 78.00 -52.95
N ALA B 388 -4.97 77.45 -53.75
CA ALA B 388 -5.20 77.31 -55.19
C ALA B 388 -4.38 76.12 -55.66
N ARG B 389 -5.03 74.99 -55.89
CA ARG B 389 -4.34 73.76 -56.21
C ARG B 389 -5.11 73.00 -57.27
N VAL B 390 -4.41 72.13 -57.95
CA VAL B 390 -5.02 71.22 -58.91
C VAL B 390 -5.44 69.96 -58.18
N VAL B 391 -6.52 69.35 -58.63
CA VAL B 391 -7.10 68.20 -57.95
C VAL B 391 -7.48 67.15 -58.99
N ASP B 392 -7.34 65.88 -58.62
CA ASP B 392 -7.66 64.79 -59.53
C ASP B 392 -9.16 64.54 -59.51
N VAL B 393 -9.74 64.36 -60.68
CA VAL B 393 -11.18 64.23 -60.84
C VAL B 393 -11.59 62.85 -61.32
N ARG B 394 -10.70 62.11 -61.97
CA ARG B 394 -11.05 60.88 -62.67
C ARG B 394 -11.81 59.90 -61.78
N GLY B 395 -13.06 59.64 -62.14
CA GLY B 395 -13.86 58.61 -61.50
C GLY B 395 -14.04 58.78 -60.01
N SER B 396 -13.95 60.00 -59.49
CA SER B 396 -13.96 60.15 -58.05
C SER B 396 -15.36 59.94 -57.46
N PRO B 397 -16.37 60.78 -57.80
CA PRO B 397 -17.69 60.56 -57.19
C PRO B 397 -18.48 59.47 -57.87
N ALA B 398 -18.32 59.34 -59.19
CA ALA B 398 -19.08 58.38 -59.98
C ALA B 398 -18.12 57.48 -60.73
N MET B 399 -18.59 56.27 -61.06
CA MET B 399 -17.70 55.21 -61.51
C MET B 399 -17.96 54.71 -62.92
N TYR B 400 -19.16 54.86 -63.45
CA TYR B 400 -19.51 54.23 -64.71
C TYR B 400 -19.92 55.26 -65.76
N ALA B 401 -19.48 55.03 -66.99
CA ALA B 401 -19.84 55.90 -68.09
C ALA B 401 -21.31 55.78 -68.46
N ASN B 402 -21.98 54.72 -68.00
CA ASN B 402 -23.36 54.49 -68.40
C ASN B 402 -24.26 55.63 -67.93
N ALA B 403 -24.40 55.78 -66.62
CA ALA B 403 -25.29 56.78 -66.05
C ALA B 403 -24.97 56.94 -64.58
N VAL B 404 -25.57 57.97 -63.98
CA VAL B 404 -25.42 58.23 -62.56
C VAL B 404 -26.60 59.06 -62.10
N CYS B 405 -27.11 58.78 -60.91
CA CYS B 405 -28.23 59.50 -60.34
C CYS B 405 -27.79 60.26 -59.11
N LEU B 406 -28.15 61.54 -59.05
CA LEU B 406 -27.82 62.41 -57.93
C LEU B 406 -29.09 62.72 -57.15
N THR B 407 -29.05 62.50 -55.84
CA THR B 407 -30.18 62.77 -54.98
C THR B 407 -29.99 64.11 -54.30
N LEU B 408 -30.99 64.98 -54.39
CA LEU B 408 -30.95 66.27 -53.74
C LEU B 408 -32.30 66.53 -53.09
N PRO B 409 -32.34 67.31 -52.02
CA PRO B 409 -33.62 67.68 -51.43
C PRO B 409 -34.40 68.56 -52.38
N LYS B 410 -35.72 68.51 -52.24
CA LYS B 410 -36.59 69.32 -53.06
C LYS B 410 -36.28 70.80 -52.86
N GLY B 411 -36.36 71.57 -53.95
CA GLY B 411 -36.07 72.98 -53.88
C GLY B 411 -34.66 73.36 -54.26
N SER B 412 -33.83 72.40 -54.68
CA SER B 412 -32.49 72.72 -55.12
C SER B 412 -32.53 73.46 -56.46
N TYR B 413 -31.41 74.05 -56.81
CA TYR B 413 -31.29 74.88 -58.01
C TYR B 413 -30.75 74.10 -59.21
N LYS B 414 -31.09 72.82 -59.31
CA LYS B 414 -30.57 72.00 -60.39
C LYS B 414 -30.86 72.60 -61.76
N SER B 415 -31.98 73.32 -61.88
CA SER B 415 -32.36 73.90 -63.16
C SER B 415 -31.28 74.87 -63.65
N THR B 416 -30.71 75.64 -62.74
CA THR B 416 -29.70 76.63 -63.14
C THR B 416 -28.51 75.96 -63.80
N ILE B 417 -27.95 74.94 -63.15
CA ILE B 417 -26.72 74.35 -63.65
C ILE B 417 -26.97 73.58 -64.94
N ILE B 418 -28.16 72.99 -65.10
CA ILE B 418 -28.42 72.19 -66.28
C ILE B 418 -28.88 73.01 -67.48
N ASP B 419 -29.35 74.24 -67.26
CA ASP B 419 -29.83 75.08 -68.35
C ASP B 419 -28.94 76.30 -68.57
N THR B 420 -28.76 77.11 -67.53
CA THR B 420 -28.04 78.38 -67.72
C THR B 420 -26.59 78.14 -68.11
N LEU B 421 -25.93 77.18 -67.45
CA LEU B 421 -24.51 76.95 -67.73
C LEU B 421 -24.27 76.53 -69.17
N PRO B 422 -24.91 75.48 -69.70
CA PRO B 422 -24.72 75.20 -71.13
C PRO B 422 -25.22 76.31 -72.02
N ALA B 423 -26.29 77.00 -71.61
CA ALA B 423 -26.78 78.13 -72.40
C ALA B 423 -25.77 79.27 -72.40
N MET B 424 -25.01 79.42 -71.31
CA MET B 424 -24.01 80.47 -71.26
C MET B 424 -22.93 80.27 -72.31
N PHE B 425 -22.82 79.06 -72.86
CA PHE B 425 -21.90 78.78 -73.96
C PHE B 425 -22.63 78.49 -75.25
N SER B 426 -23.50 77.47 -75.25
CA SER B 426 -24.39 77.19 -76.38
C SER B 426 -23.65 77.12 -77.71
N ASP B 427 -22.37 76.76 -77.68
CA ASP B 427 -21.58 76.71 -78.91
C ASP B 427 -20.86 75.39 -79.03
N LEU B 428 -20.57 74.76 -77.89
CA LEU B 428 -19.91 73.46 -77.85
C LEU B 428 -20.87 72.46 -77.22
N SER B 429 -20.97 71.28 -77.83
CA SER B 429 -21.91 70.27 -77.36
C SER B 429 -21.55 69.81 -75.95
N ILE B 430 -22.39 70.15 -74.98
CA ILE B 430 -22.20 69.72 -73.61
C ILE B 430 -23.09 68.53 -73.28
N LEU B 431 -24.36 68.60 -73.63
CA LEU B 431 -25.32 67.59 -73.23
C LEU B 431 -26.56 67.73 -74.11
N GLU B 432 -27.46 66.78 -73.97
CA GLU B 432 -28.76 66.83 -74.63
C GLU B 432 -29.84 66.82 -73.55
N GLN B 433 -30.70 67.83 -73.57
CA GLN B 433 -31.72 67.95 -72.53
C GLN B 433 -32.65 66.75 -72.55
N ALA B 434 -32.76 66.07 -73.68
CA ALA B 434 -33.56 64.85 -73.74
C ALA B 434 -32.96 63.71 -72.93
N ALA B 435 -31.71 63.84 -72.50
CA ALA B 435 -31.06 62.77 -71.75
C ALA B 435 -31.08 63.00 -70.25
N VAL B 436 -31.09 64.24 -69.79
CA VAL B 436 -31.20 64.50 -68.37
C VAL B 436 -32.60 64.16 -67.90
N ILE B 437 -32.69 63.57 -66.71
CA ILE B 437 -33.97 63.10 -66.18
C ILE B 437 -34.30 63.94 -64.96
N ASP B 438 -35.30 64.81 -65.10
CA ASP B 438 -35.77 65.58 -63.96
C ASP B 438 -36.38 64.63 -62.92
N SER B 439 -36.12 64.94 -61.65
CA SER B 439 -36.64 64.10 -60.58
C SER B 439 -38.16 64.07 -60.56
N ASP B 440 -38.80 65.10 -61.11
CA ASP B 440 -40.25 65.18 -61.10
C ASP B 440 -40.90 64.43 -62.25
N ALA B 441 -40.11 63.87 -63.17
CA ALA B 441 -40.67 63.33 -64.40
C ALA B 441 -41.72 62.26 -64.13
N LEU B 442 -41.38 61.27 -63.31
CA LEU B 442 -42.33 60.18 -63.08
C LEU B 442 -43.57 60.67 -62.36
N GLY B 443 -43.41 61.59 -61.41
CA GLY B 443 -44.57 62.16 -60.74
C GLY B 443 -45.50 62.87 -61.70
N ASP B 444 -44.94 63.46 -62.76
CA ASP B 444 -45.75 64.10 -63.78
C ASP B 444 -46.36 63.12 -64.76
N SER B 445 -45.90 61.87 -64.75
CA SER B 445 -46.35 60.91 -65.76
C SER B 445 -47.75 60.41 -65.49
N LEU B 446 -48.14 60.24 -64.23
CA LEU B 446 -49.46 59.72 -63.92
C LEU B 446 -50.54 60.67 -64.42
N ARG B 447 -51.65 60.10 -64.89
CA ARG B 447 -52.70 60.92 -65.50
C ARG B 447 -53.23 61.96 -64.53
N PRO B 448 -53.65 61.62 -63.31
CA PRO B 448 -53.62 62.63 -62.25
C PRO B 448 -52.24 62.61 -61.60
N SER B 449 -51.56 63.75 -61.58
CA SER B 449 -50.18 63.77 -61.13
C SER B 449 -50.09 63.25 -59.69
N PHE B 450 -48.93 62.67 -59.37
CA PHE B 450 -48.73 62.12 -58.04
C PHE B 450 -49.03 63.13 -56.96
N GLU B 451 -48.72 64.41 -57.22
CA GLU B 451 -49.02 65.46 -56.25
C GLU B 451 -50.52 65.63 -56.10
N THR B 452 -51.24 65.68 -57.23
CA THR B 452 -52.69 65.84 -57.17
C THR B 452 -53.33 64.69 -56.42
N GLN B 453 -52.92 63.46 -56.75
CA GLN B 453 -53.48 62.30 -56.07
C GLN B 453 -53.19 62.35 -54.58
N PHE B 454 -51.96 62.72 -54.21
CA PHE B 454 -51.63 62.84 -52.79
C PHE B 454 -52.49 63.90 -52.13
N LEU B 455 -52.65 65.04 -52.80
CA LEU B 455 -53.51 66.08 -52.27
C LEU B 455 -54.94 65.57 -52.10
N GLU B 456 -55.44 64.86 -53.11
CA GLU B 456 -56.83 64.41 -53.06
C GLU B 456 -57.05 63.44 -51.91
N ARG B 457 -56.12 62.51 -51.71
CA ARG B 457 -56.23 61.62 -50.55
C ARG B 457 -56.10 62.43 -49.26
N LEU B 458 -55.19 63.39 -49.24
CA LEU B 458 -54.84 64.06 -47.99
C LEU B 458 -56.00 64.86 -47.43
N GLU B 459 -56.78 65.51 -48.30
CA GLU B 459 -57.83 66.40 -47.82
C GLU B 459 -58.91 65.65 -47.05
N ASN B 460 -59.02 64.34 -47.21
CA ASN B 460 -60.03 63.59 -46.48
C ASN B 460 -59.84 63.68 -44.97
N LEU B 461 -58.62 63.98 -44.52
CA LEU B 461 -58.36 64.11 -43.10
C LEU B 461 -58.92 65.42 -42.56
N ASP B 462 -59.04 65.49 -41.24
CA ASP B 462 -59.49 66.71 -40.60
C ASP B 462 -58.48 67.83 -40.83
N PRO B 463 -58.93 69.04 -41.14
CA PRO B 463 -57.98 70.14 -41.37
C PRO B 463 -57.09 70.44 -40.18
N LYS B 464 -57.62 70.34 -38.96
CA LYS B 464 -56.81 70.67 -37.78
C LYS B 464 -55.62 69.75 -37.68
N LEU B 465 -55.81 68.46 -37.96
CA LEU B 465 -54.70 67.52 -37.92
C LEU B 465 -53.63 67.92 -38.91
N LEU B 466 -54.03 68.29 -40.13
CA LEU B 466 -53.07 68.74 -41.11
C LEU B 466 -52.37 70.01 -40.64
N ASP B 467 -53.13 70.95 -40.09
CA ASP B 467 -52.55 72.18 -39.59
C ASP B 467 -51.52 71.90 -38.51
N ARG B 468 -51.86 70.98 -37.60
CA ARG B 468 -50.92 70.63 -36.53
C ARG B 468 -49.65 70.01 -37.11
N ALA B 469 -49.79 69.19 -38.14
CA ALA B 469 -48.62 68.56 -38.74
C ALA B 469 -47.70 69.59 -39.37
N VAL B 470 -48.25 70.51 -40.15
CA VAL B 470 -47.43 71.48 -40.84
C VAL B 470 -46.66 72.33 -39.85
N ALA B 471 -47.36 72.81 -38.81
CA ALA B 471 -46.70 73.63 -37.81
C ALA B 471 -45.57 72.86 -37.12
N SER B 472 -45.81 71.59 -36.82
CA SER B 472 -44.78 70.79 -36.16
C SER B 472 -43.54 70.66 -37.03
N ILE B 473 -43.73 70.45 -38.33
CA ILE B 473 -42.59 70.30 -39.23
C ILE B 473 -41.77 71.59 -39.27
N LEU B 474 -42.44 72.73 -39.33
CA LEU B 474 -41.73 74.00 -39.35
C LEU B 474 -41.03 74.25 -38.02
N SER B 475 -41.75 74.10 -36.92
CA SER B 475 -41.19 74.36 -35.60
C SER B 475 -40.13 73.33 -35.27
N PRO B 476 -38.85 73.70 -35.23
CA PRO B 476 -37.81 72.68 -35.00
C PRO B 476 -37.93 71.99 -33.66
N ALA B 477 -38.36 72.70 -32.62
CA ALA B 477 -38.42 72.11 -31.28
C ALA B 477 -39.55 71.10 -31.13
N SER B 478 -40.48 71.05 -32.07
CA SER B 478 -41.62 70.14 -31.97
C SER B 478 -41.14 68.73 -32.27
N ASP B 479 -40.64 68.07 -31.23
CA ASP B 479 -40.13 66.72 -31.38
C ASP B 479 -41.27 65.76 -31.70
N THR B 480 -41.13 65.03 -32.81
CA THR B 480 -42.06 63.98 -33.21
C THR B 480 -43.45 64.53 -33.50
N SER B 481 -44.18 64.94 -32.46
CA SER B 481 -45.59 65.30 -32.57
C SER B 481 -46.34 64.22 -33.34
N ASP B 482 -46.16 62.98 -32.86
CA ASP B 482 -46.48 61.77 -33.62
C ASP B 482 -47.79 61.86 -34.38
N ASP B 483 -48.88 62.10 -33.66
CA ASP B 483 -50.23 62.02 -34.22
C ASP B 483 -50.33 62.67 -35.60
N ALA B 484 -50.04 63.96 -35.66
CA ALA B 484 -50.30 64.71 -36.88
C ALA B 484 -49.41 64.23 -38.03
N VAL B 485 -48.10 64.17 -37.79
CA VAL B 485 -47.19 63.87 -38.89
C VAL B 485 -47.29 62.41 -39.31
N THR B 486 -47.38 61.49 -38.35
CA THR B 486 -47.37 60.07 -38.68
C THR B 486 -48.55 59.71 -39.57
N THR B 487 -49.72 60.27 -39.28
CA THR B 487 -50.88 60.04 -40.12
C THR B 487 -50.61 60.42 -41.56
N VAL B 488 -50.02 61.60 -41.76
CA VAL B 488 -49.68 62.04 -43.11
C VAL B 488 -48.68 61.10 -43.74
N LEU B 489 -47.68 60.69 -42.97
CA LEU B 489 -46.65 59.80 -43.49
C LEU B 489 -47.25 58.50 -43.99
N ASP B 490 -48.22 57.95 -43.23
CA ASP B 490 -48.85 56.71 -43.65
C ASP B 490 -49.53 56.86 -44.99
N VAL B 491 -50.26 57.96 -45.19
CA VAL B 491 -50.89 58.21 -46.47
C VAL B 491 -49.85 58.32 -47.57
N PHE B 492 -48.78 59.07 -47.30
CA PHE B 492 -47.72 59.22 -48.28
C PHE B 492 -47.10 57.87 -48.62
N ASN B 493 -46.71 57.11 -47.61
CA ASN B 493 -46.08 55.82 -47.87
C ASN B 493 -47.02 54.89 -48.61
N ALA B 494 -48.28 54.83 -48.18
CA ALA B 494 -49.23 53.94 -48.82
C ALA B 494 -49.40 54.30 -50.29
N LEU B 495 -49.56 55.58 -50.58
CA LEU B 495 -49.75 56.00 -51.97
C LEU B 495 -48.50 55.70 -52.79
N TYR B 496 -47.34 56.13 -52.30
CA TYR B 496 -46.11 55.96 -53.08
C TYR B 496 -45.86 54.51 -53.40
N ARG B 497 -45.93 53.65 -52.39
CA ARG B 497 -45.74 52.22 -52.61
C ARG B 497 -46.76 51.70 -53.61
N GLU B 498 -47.96 52.25 -53.59
CA GLU B 498 -49.03 51.71 -54.41
C GLU B 498 -48.85 52.03 -55.90
N VAL B 499 -48.48 53.27 -56.23
CA VAL B 499 -48.54 53.76 -57.60
C VAL B 499 -47.14 54.06 -58.15
N MET B 500 -46.29 54.69 -57.36
CA MET B 500 -45.03 55.18 -57.89
C MET B 500 -44.09 54.04 -58.26
N THR B 501 -44.02 53.01 -57.42
CA THR B 501 -43.06 51.93 -57.67
C THR B 501 -43.30 51.23 -59.00
N PRO B 502 -44.51 50.75 -59.33
CA PRO B 502 -44.67 50.11 -60.65
C PRO B 502 -44.40 51.07 -61.78
N ALA B 503 -44.83 52.32 -61.66
CA ALA B 503 -44.57 53.29 -62.71
C ALA B 503 -43.07 53.50 -62.88
N GLN B 504 -42.34 53.60 -61.77
CA GLN B 504 -40.89 53.74 -61.86
C GLN B 504 -40.28 52.51 -62.51
N ARG B 505 -40.68 51.33 -62.07
CA ARG B 505 -40.10 50.11 -62.61
C ARG B 505 -40.38 49.95 -64.10
N SER B 506 -41.39 50.65 -64.62
CA SER B 506 -41.74 50.57 -66.03
C SER B 506 -40.88 51.46 -66.90
N ARG B 507 -39.95 52.21 -66.33
CA ARG B 507 -39.10 53.11 -67.10
C ARG B 507 -37.63 52.71 -67.05
N LEU B 508 -37.35 51.44 -66.78
CA LEU B 508 -35.98 50.98 -66.55
C LEU B 508 -35.02 51.36 -67.67
N PRO B 509 -35.29 51.06 -68.93
CA PRO B 509 -34.32 51.42 -69.98
C PRO B 509 -34.15 52.92 -70.11
N LEU B 510 -35.20 53.70 -69.87
CA LEU B 510 -35.12 55.14 -70.01
C LEU B 510 -34.10 55.73 -69.06
N LEU B 511 -33.92 55.12 -67.90
CA LEU B 511 -33.01 55.68 -66.90
C LEU B 511 -31.56 55.31 -67.19
N THR B 512 -31.31 54.12 -67.72
CA THR B 512 -29.96 53.63 -67.83
C THR B 512 -29.52 53.31 -69.26
N GLN B 513 -30.41 52.74 -70.08
CA GLN B 513 -30.01 52.14 -71.33
C GLN B 513 -29.97 53.14 -72.48
N GLN B 514 -29.84 54.43 -72.20
CA GLN B 514 -29.60 55.39 -73.25
C GLN B 514 -28.09 55.60 -73.40
N GLY B 515 -27.70 56.58 -74.21
CA GLY B 515 -26.29 56.86 -74.43
C GLY B 515 -25.54 57.13 -73.15
N ARG B 516 -25.87 58.23 -72.49
CA ARG B 516 -25.34 58.51 -71.15
C ARG B 516 -26.35 59.39 -70.43
N VAL B 517 -26.82 58.93 -69.28
CA VAL B 517 -27.94 59.56 -68.59
C VAL B 517 -27.44 60.21 -67.31
N LEU B 518 -27.91 61.43 -67.07
CA LEU B 518 -27.77 62.09 -65.78
C LEU B 518 -29.16 62.24 -65.21
N ALA B 519 -29.36 61.75 -63.99
CA ALA B 519 -30.68 61.66 -63.41
C ALA B 519 -30.70 62.25 -62.01
N PHE B 520 -31.86 62.78 -61.62
CA PHE B 520 -32.09 63.33 -60.30
C PHE B 520 -33.20 62.55 -59.61
N ALA B 521 -33.09 62.44 -58.30
CA ALA B 521 -34.12 61.77 -57.50
C ALA B 521 -34.20 62.45 -56.14
N HIS B 522 -35.34 62.31 -55.50
CA HIS B 522 -35.53 62.89 -54.19
C HIS B 522 -35.01 62.00 -53.07
N SER B 523 -34.73 60.74 -53.34
CA SER B 523 -34.19 59.85 -52.33
C SER B 523 -33.67 58.60 -53.03
N ASP B 524 -32.61 58.02 -52.45
CA ASP B 524 -32.08 56.77 -52.97
C ASP B 524 -33.14 55.67 -52.96
N TYR B 525 -34.06 55.71 -52.00
CA TYR B 525 -35.11 54.71 -51.93
C TYR B 525 -35.92 54.66 -53.21
N GLU B 526 -36.06 55.78 -53.90
CA GLU B 526 -36.82 55.79 -55.15
C GLU B 526 -36.25 54.82 -56.17
N LEU B 527 -34.95 54.57 -56.10
CA LEU B 527 -34.31 53.66 -57.04
C LEU B 527 -34.20 52.25 -56.47
N LEU B 528 -33.75 52.13 -55.22
CA LEU B 528 -33.53 50.82 -54.63
C LEU B 528 -34.82 50.02 -54.59
N SER B 529 -35.92 50.68 -54.25
CA SER B 529 -37.21 49.99 -54.21
C SER B 529 -37.66 49.53 -55.59
N ALA B 530 -37.02 50.01 -56.66
CA ALA B 530 -37.37 49.62 -58.01
C ALA B 530 -36.33 48.74 -58.69
N ASN B 531 -35.19 48.52 -58.06
CA ASN B 531 -34.13 47.66 -58.61
C ASN B 531 -33.66 48.19 -59.97
N ILE B 532 -33.09 49.39 -59.94
CA ILE B 532 -32.58 50.03 -61.15
C ILE B 532 -31.05 50.03 -61.06
N PRO B 533 -30.35 49.31 -61.91
CA PRO B 533 -28.89 49.24 -61.80
C PRO B 533 -28.20 50.52 -62.20
N ILE B 534 -28.26 51.54 -61.34
CA ILE B 534 -27.59 52.80 -61.58
C ILE B 534 -26.94 53.26 -60.29
N GLN B 535 -25.70 53.72 -60.37
CA GLN B 535 -25.04 54.27 -59.19
C GLN B 535 -25.78 55.51 -58.71
N VAL B 536 -25.95 55.60 -57.39
CA VAL B 536 -26.66 56.71 -56.76
C VAL B 536 -25.68 57.44 -55.86
N VAL B 537 -25.64 58.76 -55.99
CA VAL B 537 -24.76 59.60 -55.19
C VAL B 537 -25.63 60.50 -54.33
N ARG B 538 -25.45 60.40 -53.02
CA ARG B 538 -26.25 61.18 -52.06
C ARG B 538 -25.57 62.53 -51.87
N GLY B 539 -26.05 63.53 -52.61
CA GLY B 539 -25.44 64.84 -52.61
C GLY B 539 -26.10 65.79 -51.63
N SER B 540 -25.48 66.97 -51.50
CA SER B 540 -26.01 68.03 -50.66
C SER B 540 -25.45 69.35 -51.16
N ILE B 541 -26.22 70.42 -50.99
CA ILE B 541 -25.82 71.74 -51.44
C ILE B 541 -25.71 72.66 -50.23
N PRO B 542 -24.79 73.60 -50.23
CA PRO B 542 -24.60 74.49 -49.07
C PRO B 542 -25.53 75.70 -49.07
N ILE B 543 -26.80 75.46 -49.37
CA ILE B 543 -27.81 76.51 -49.33
C ILE B 543 -29.08 75.93 -48.71
N ASP B 544 -29.80 76.79 -47.99
CA ASP B 544 -31.03 76.36 -47.33
C ASP B 544 -32.12 76.21 -48.37
N HIS B 545 -32.58 74.97 -48.57
CA HIS B 545 -33.62 74.72 -49.56
C HIS B 545 -35.01 75.02 -49.01
N VAL B 546 -35.22 74.83 -47.71
CA VAL B 546 -36.56 75.00 -47.14
C VAL B 546 -37.06 76.41 -47.42
N VAL B 547 -36.26 77.40 -47.08
CA VAL B 547 -36.65 78.78 -47.34
C VAL B 547 -36.78 79.00 -48.83
N ASN B 548 -35.94 78.35 -49.63
CA ASN B 548 -35.96 78.56 -51.06
C ASN B 548 -37.29 78.15 -51.67
N LEU B 549 -37.75 76.95 -51.36
CA LEU B 549 -39.03 76.51 -51.89
C LEU B 549 -40.19 77.29 -51.29
N LEU B 550 -39.99 77.91 -50.13
CA LEU B 550 -41.03 78.76 -49.57
C LEU B 550 -41.30 80.00 -50.40
N ALA B 551 -40.42 80.33 -51.34
CA ALA B 551 -40.64 81.46 -52.21
C ALA B 551 -41.32 81.09 -53.52
N ARG B 552 -41.31 79.81 -53.89
CA ARG B 552 -41.98 79.36 -55.11
C ARG B 552 -43.47 79.20 -54.81
N ARG B 553 -44.26 80.15 -55.29
CA ARG B 553 -45.69 80.17 -54.96
C ARG B 553 -46.57 79.57 -56.06
N ASN B 554 -46.11 79.58 -57.31
CA ASN B 554 -46.92 79.08 -58.42
C ASN B 554 -46.73 77.58 -58.53
N ARG B 555 -47.48 76.85 -57.72
CA ARG B 555 -47.43 75.39 -57.72
C ARG B 555 -48.84 74.86 -57.50
N VAL B 556 -48.97 73.54 -57.61
CA VAL B 556 -50.26 72.90 -57.35
C VAL B 556 -50.68 73.12 -55.90
N GLY B 557 -49.75 72.96 -54.97
CA GLY B 557 -50.01 73.21 -53.57
C GLY B 557 -49.60 74.64 -53.19
N GLY B 558 -50.29 75.18 -52.20
CA GLY B 558 -50.02 76.54 -51.77
C GLY B 558 -48.82 76.63 -50.86
N THR B 559 -47.68 76.11 -51.32
CA THR B 559 -46.41 76.18 -50.60
C THR B 559 -46.44 75.33 -49.33
N ALA B 560 -47.61 74.79 -49.00
CA ALA B 560 -47.73 73.91 -47.85
C ALA B 560 -47.59 72.45 -48.25
N LEU B 561 -48.16 72.08 -49.40
CA LEU B 561 -47.96 70.73 -49.90
C LEU B 561 -46.48 70.48 -50.18
N GLN B 562 -45.77 71.52 -50.62
CA GLN B 562 -44.36 71.35 -50.94
C GLN B 562 -43.56 70.94 -49.72
N VAL B 563 -43.72 71.66 -48.62
CA VAL B 563 -42.95 71.33 -47.43
C VAL B 563 -43.33 69.96 -46.91
N LEU B 564 -44.61 69.60 -47.04
CA LEU B 564 -45.03 68.25 -46.65
C LEU B 564 -44.30 67.20 -47.48
N LEU B 565 -44.31 67.37 -48.80
CA LEU B 565 -43.58 66.44 -49.64
C LEU B 565 -42.10 66.41 -49.29
N ASP B 566 -41.53 67.58 -49.04
CA ASP B 566 -40.12 67.66 -48.69
C ASP B 566 -39.83 66.81 -47.46
N TYR B 567 -40.66 66.97 -46.42
CA TYR B 567 -40.42 66.19 -45.21
C TYR B 567 -40.59 64.71 -45.47
N CYS B 568 -41.60 64.34 -46.27
CA CYS B 568 -41.83 62.92 -46.55
C CYS B 568 -40.63 62.31 -47.24
N TYR B 569 -40.11 62.96 -48.28
CA TYR B 569 -38.95 62.45 -48.97
C TYR B 569 -37.76 62.33 -48.03
N ARG B 570 -37.52 63.36 -47.22
CA ARG B 570 -36.40 63.31 -46.30
C ARG B 570 -36.58 62.16 -45.30
N THR B 571 -37.80 61.97 -44.82
CA THR B 571 -38.07 60.82 -43.97
C THR B 571 -37.82 59.52 -44.73
N GLN B 572 -38.23 59.49 -45.99
CA GLN B 572 -38.07 58.28 -46.79
C GLN B 572 -36.60 57.99 -47.08
N ALA B 573 -35.78 59.02 -47.20
CA ALA B 573 -34.38 58.82 -47.55
C ALA B 573 -33.65 58.01 -46.48
N SER B 574 -32.70 57.20 -46.93
CA SER B 574 -31.96 56.35 -46.02
C SER B 574 -30.95 57.16 -45.22
N PRO B 575 -30.70 56.81 -43.96
CA PRO B 575 -29.71 57.54 -43.16
C PRO B 575 -28.30 57.16 -43.57
N LEU B 576 -27.57 58.16 -44.05
CA LEU B 576 -26.17 57.96 -44.44
C LEU B 576 -25.54 59.33 -44.56
N ALA B 577 -24.23 59.36 -44.51
CA ALA B 577 -23.52 60.61 -44.68
C ALA B 577 -23.60 61.05 -46.13
N PRO B 578 -24.18 62.20 -46.43
CA PRO B 578 -24.22 62.68 -47.81
C PRO B 578 -22.98 63.49 -48.16
N THR B 579 -22.67 63.47 -49.44
CA THR B 579 -21.50 64.14 -49.97
C THR B 579 -21.88 65.49 -50.55
N PRO B 580 -20.91 66.38 -50.73
CA PRO B 580 -21.19 67.64 -51.42
C PRO B 580 -21.47 67.38 -52.90
N ALA B 581 -22.61 67.87 -53.38
CA ALA B 581 -22.96 67.69 -54.78
C ALA B 581 -21.98 68.39 -55.71
N GLY B 582 -21.25 69.38 -55.21
CA GLY B 582 -20.30 70.09 -56.06
C GLY B 582 -19.25 69.18 -56.62
N ARG B 583 -18.84 68.17 -55.87
CA ARG B 583 -17.83 67.24 -56.37
C ARG B 583 -18.31 66.52 -57.61
N LEU B 584 -19.56 66.05 -57.59
CA LEU B 584 -20.11 65.41 -58.78
C LEU B 584 -20.17 66.40 -59.94
N TYR B 585 -20.65 67.61 -59.67
CA TYR B 585 -20.68 68.64 -60.72
C TYR B 585 -19.29 68.89 -61.26
N LYS B 586 -18.29 68.92 -60.37
CA LYS B 586 -16.92 69.10 -60.83
C LYS B 586 -16.50 67.95 -61.73
N GLN B 587 -16.90 66.72 -61.40
CA GLN B 587 -16.51 65.59 -62.23
C GLN B 587 -17.15 65.68 -63.62
N LEU B 588 -18.39 66.16 -63.69
CA LEU B 588 -19.09 66.20 -64.97
C LEU B 588 -18.69 67.42 -65.77
N PHE B 589 -18.95 68.60 -65.23
CA PHE B 589 -18.78 69.82 -66.01
C PHE B 589 -17.36 70.38 -65.94
N GLY B 590 -16.65 70.10 -64.86
CA GLY B 590 -15.31 70.61 -64.66
C GLY B 590 -14.44 70.59 -65.90
N PRO B 591 -14.25 69.41 -66.49
CA PRO B 591 -13.39 69.34 -67.68
C PRO B 591 -13.83 70.25 -68.81
N TRP B 592 -15.15 70.38 -69.00
CA TRP B 592 -15.64 71.24 -70.08
C TRP B 592 -15.27 72.69 -69.83
N LEU B 593 -15.29 73.12 -68.57
CA LEU B 593 -14.96 74.50 -68.27
C LEU B 593 -13.55 74.87 -68.70
N MET B 594 -12.67 73.89 -68.83
CA MET B 594 -11.31 74.18 -69.26
C MET B 594 -11.17 74.27 -70.77
N VAL B 595 -12.24 73.99 -71.52
CA VAL B 595 -12.16 74.03 -72.98
C VAL B 595 -11.72 75.39 -73.51
N PRO B 596 -12.33 76.51 -73.13
CA PRO B 596 -11.94 77.79 -73.74
C PRO B 596 -10.49 78.16 -73.49
N ARG B 597 -9.89 77.64 -72.41
CA ARG B 597 -8.48 77.92 -72.15
C ARG B 597 -7.57 77.23 -73.16
N LEU B 598 -8.06 76.24 -73.88
CA LEU B 598 -7.21 75.50 -74.81
C LEU B 598 -6.77 76.40 -75.96
N SER B 599 -5.65 76.00 -76.57
CA SER B 599 -5.06 76.75 -77.67
C SER B 599 -5.29 76.12 -79.03
N ASP B 600 -5.45 74.81 -79.10
CA ASP B 600 -5.64 74.09 -80.34
C ASP B 600 -7.03 73.47 -80.41
N PRO B 601 -7.55 73.21 -81.61
CA PRO B 601 -8.91 72.69 -81.73
C PRO B 601 -9.02 71.26 -81.23
N LEU B 602 -10.25 70.85 -81.01
CA LEU B 602 -10.56 69.51 -80.53
C LEU B 602 -10.64 68.53 -81.69
N ILE B 603 -10.66 67.25 -81.35
CA ILE B 603 -10.82 66.17 -82.31
C ILE B 603 -11.87 65.21 -81.76
N LYS B 604 -12.87 64.89 -82.57
CA LYS B 604 -13.97 64.06 -82.13
C LYS B 604 -13.63 62.57 -82.29
N LEU B 605 -14.32 61.75 -81.52
CA LEU B 605 -14.13 60.30 -81.53
C LEU B 605 -15.46 59.63 -81.21
N ARG B 606 -15.47 58.31 -81.28
CA ARG B 606 -16.61 57.50 -80.88
C ARG B 606 -16.20 56.04 -80.92
N LEU B 607 -17.05 55.19 -80.37
CA LEU B 607 -16.76 53.77 -80.24
C LEU B 607 -17.87 52.94 -80.87
N VAL B 608 -18.23 53.29 -82.10
CA VAL B 608 -19.39 52.70 -82.76
C VAL B 608 -19.36 51.18 -82.66
N ALA B 609 -20.54 50.59 -82.56
CA ALA B 609 -20.71 49.14 -82.50
C ALA B 609 -21.45 48.68 -83.75
N SER B 610 -20.96 47.60 -84.35
CA SER B 610 -21.50 47.13 -85.61
C SER B 610 -22.87 46.46 -85.43
N ALA B 611 -23.54 46.25 -86.55
CA ALA B 611 -24.85 45.62 -86.58
C ALA B 611 -25.02 44.86 -87.90
N PRO B 612 -25.04 43.53 -87.87
CA PRO B 612 -25.18 42.78 -89.12
C PRO B 612 -26.52 43.07 -89.79
N ALA B 613 -26.49 43.18 -91.12
CA ALA B 613 -27.70 43.49 -91.86
C ALA B 613 -28.68 42.33 -91.88
N LYS B 614 -28.22 41.12 -91.60
CA LYS B 614 -29.09 39.96 -91.67
C LYS B 614 -30.27 40.09 -90.70
N VAL B 615 -29.96 40.38 -89.43
CA VAL B 615 -31.01 40.45 -88.42
C VAL B 615 -31.95 41.61 -88.72
N LEU B 616 -31.41 42.71 -89.24
CA LEU B 616 -32.25 43.85 -89.57
C LEU B 616 -33.25 43.48 -90.66
N ARG B 617 -32.77 42.89 -91.74
CA ARG B 617 -33.69 42.43 -92.79
C ARG B 617 -34.63 41.37 -92.25
N ALA B 618 -34.10 40.43 -91.46
CA ALA B 618 -34.95 39.40 -90.87
C ALA B 618 -36.05 40.00 -90.01
N ALA B 619 -35.79 41.16 -89.41
CA ALA B 619 -36.80 41.85 -88.63
C ALA B 619 -37.70 42.73 -89.48
N GLY B 620 -37.63 42.60 -90.80
CA GLY B 620 -38.48 43.37 -91.69
C GLY B 620 -37.97 44.75 -92.03
N TRP B 621 -36.75 45.10 -91.63
CA TRP B 621 -36.20 46.40 -91.97
C TRP B 621 -35.73 46.42 -93.41
N THR B 622 -35.94 47.56 -94.07
CA THR B 622 -35.48 47.77 -95.44
C THR B 622 -34.21 48.59 -95.40
N ILE B 623 -33.09 47.98 -95.78
CA ILE B 623 -31.78 48.60 -95.66
C ILE B 623 -31.02 48.40 -96.97
N ASP B 624 -30.35 49.46 -97.41
CA ASP B 624 -29.51 49.38 -98.59
C ASP B 624 -28.10 48.94 -98.21
N GLY B 625 -27.43 48.28 -99.14
CA GLY B 625 -26.04 47.93 -98.97
C GLY B 625 -25.83 46.74 -98.06
N ASP B 626 -24.84 45.92 -98.39
CA ASP B 626 -24.46 44.78 -97.57
C ASP B 626 -23.68 45.10 -96.29
N PRO B 627 -22.84 46.14 -96.21
CA PRO B 627 -21.93 46.26 -95.07
C PRO B 627 -22.71 46.39 -93.78
N PRO B 628 -22.24 45.78 -92.70
CA PRO B 628 -22.99 45.82 -91.44
C PRO B 628 -23.17 47.25 -90.96
N LEU B 629 -24.36 47.54 -90.46
CA LEU B 629 -24.62 48.86 -89.91
C LEU B 629 -23.87 49.03 -88.60
N GLU B 630 -23.65 50.29 -88.23
CA GLU B 630 -22.95 50.61 -87.01
C GLU B 630 -23.62 51.82 -86.36
N VAL B 631 -23.54 51.88 -85.04
CA VAL B 631 -24.25 52.87 -84.27
C VAL B 631 -23.30 53.50 -83.26
N SER B 632 -23.34 54.82 -83.15
CA SER B 632 -22.46 55.54 -82.23
C SER B 632 -23.01 55.42 -80.82
N CYS B 633 -22.23 54.85 -79.91
CA CYS B 633 -22.65 54.68 -78.54
C CYS B 633 -22.29 55.88 -77.68
N LEU B 634 -21.13 56.47 -77.89
CA LEU B 634 -20.67 57.59 -77.08
C LEU B 634 -19.51 58.31 -77.77
N CYS B 635 -19.59 59.62 -77.87
CA CYS B 635 -18.55 60.41 -78.52
C CYS B 635 -17.59 60.95 -77.47
N ALA B 636 -16.33 61.10 -77.88
CA ALA B 636 -15.28 61.62 -77.01
C ALA B 636 -14.49 62.68 -77.75
N TYR B 637 -13.63 63.38 -77.00
CA TYR B 637 -12.83 64.45 -77.58
C TYR B 637 -11.40 64.34 -77.10
N VAL B 638 -10.47 64.62 -78.01
CA VAL B 638 -9.05 64.73 -77.72
C VAL B 638 -8.50 65.90 -78.53
N THR B 639 -7.20 66.13 -78.41
CA THR B 639 -6.56 67.13 -79.26
C THR B 639 -5.24 66.68 -79.88
N ASP B 640 -4.53 65.70 -79.32
CA ASP B 640 -3.31 65.19 -79.95
C ASP B 640 -3.69 63.96 -80.75
N ARG B 641 -3.78 64.11 -82.08
CA ARG B 641 -4.13 62.99 -82.92
C ARG B 641 -3.13 61.86 -82.80
N ALA B 642 -1.85 62.18 -82.61
CA ALA B 642 -0.81 61.17 -82.56
C ALA B 642 -1.07 60.16 -81.46
N MET B 643 -1.02 60.61 -80.20
CA MET B 643 -1.22 59.69 -79.10
C MET B 643 -2.64 59.12 -79.10
N ALA B 644 -3.62 59.92 -79.53
CA ALA B 644 -4.99 59.43 -79.57
C ALA B 644 -5.09 58.19 -80.45
N ALA B 645 -4.52 58.26 -81.64
CA ALA B 645 -4.45 57.08 -82.49
C ALA B 645 -3.65 55.99 -81.81
N ALA B 646 -2.58 56.36 -81.12
CA ALA B 646 -1.74 55.37 -80.45
C ALA B 646 -2.51 54.64 -79.35
N LEU B 647 -3.52 55.28 -78.79
CA LEU B 647 -4.31 54.67 -77.72
C LEU B 647 -5.58 54.01 -78.22
N ILE B 648 -5.83 54.03 -79.53
CA ILE B 648 -7.10 53.55 -80.07
C ILE B 648 -7.08 52.06 -80.37
N GLU B 649 -5.94 51.40 -80.20
CA GLU B 649 -5.80 49.99 -80.54
C GLU B 649 -6.27 49.05 -79.44
N ARG B 650 -6.65 49.57 -78.29
CA ARG B 650 -7.13 48.70 -77.22
C ARG B 650 -8.52 48.17 -77.56
N ARG B 651 -8.73 46.90 -77.25
CA ARG B 651 -10.02 46.25 -77.48
C ARG B 651 -10.76 46.16 -76.15
N LEU B 652 -11.77 47.00 -75.99
CA LEU B 652 -12.53 47.02 -74.75
C LEU B 652 -13.20 45.67 -74.53
N ASP B 653 -13.07 45.13 -73.33
CA ASP B 653 -13.69 43.86 -72.98
C ASP B 653 -15.09 44.08 -72.41
N SER B 654 -15.90 44.83 -73.16
CA SER B 654 -17.27 45.12 -72.76
C SER B 654 -18.14 45.04 -74.00
N ARG B 655 -19.00 44.03 -74.07
CA ARG B 655 -19.92 43.90 -75.18
C ARG B 655 -21.08 44.89 -75.03
N ALA B 656 -21.76 45.15 -76.14
CA ALA B 656 -22.94 46.00 -76.15
C ALA B 656 -24.15 45.18 -76.55
N LEU B 657 -25.24 45.35 -75.81
CA LEU B 657 -26.49 44.65 -76.09
C LEU B 657 -27.46 45.71 -76.63
N VAL B 658 -27.39 45.94 -77.92
CA VAL B 658 -28.18 46.99 -78.55
C VAL B 658 -29.62 46.51 -78.71
N ASN B 659 -30.55 47.38 -78.38
CA ASN B 659 -31.97 47.11 -78.56
C ASN B 659 -32.63 48.35 -79.13
N VAL B 660 -33.51 48.16 -80.11
CA VAL B 660 -34.21 49.27 -80.74
C VAL B 660 -35.59 48.81 -81.17
N GLY B 661 -36.60 49.64 -80.89
CA GLY B 661 -37.94 49.34 -81.31
C GLY B 661 -38.25 49.84 -82.70
N GLY B 662 -39.42 49.47 -83.20
CA GLY B 662 -39.85 49.93 -84.51
C GLY B 662 -40.00 51.43 -84.58
N ASP B 663 -40.33 52.06 -83.46
CA ASP B 663 -40.44 53.51 -83.34
C ASP B 663 -39.10 54.21 -83.29
N GLN B 664 -38.02 53.49 -83.57
CA GLN B 664 -36.65 53.98 -83.58
C GLN B 664 -36.16 54.42 -82.21
N LEU B 665 -36.87 54.08 -81.14
CA LEU B 665 -36.36 54.29 -79.80
C LEU B 665 -35.22 53.31 -79.55
N MET B 666 -34.00 53.82 -79.47
CA MET B 666 -32.80 53.01 -79.48
C MET B 666 -32.20 52.95 -78.09
N PHE B 667 -31.69 51.77 -77.71
CA PHE B 667 -31.16 51.56 -76.38
C PHE B 667 -29.88 50.74 -76.45
N VAL B 668 -29.02 50.93 -75.45
CA VAL B 668 -27.72 50.28 -75.39
C VAL B 668 -27.52 49.72 -73.99
N GLU B 669 -26.77 48.63 -73.90
CA GLU B 669 -26.44 48.03 -72.62
C GLU B 669 -25.08 47.34 -72.70
N TYR B 670 -24.20 47.60 -71.74
CA TYR B 670 -22.87 47.03 -71.71
C TYR B 670 -22.87 45.87 -70.71
N ALA B 671 -22.70 44.64 -71.24
CA ALA B 671 -22.77 43.47 -70.36
C ALA B 671 -21.72 43.52 -69.26
N PRO B 672 -20.44 43.75 -69.54
CA PRO B 672 -19.55 44.20 -68.48
C PRO B 672 -19.63 45.71 -68.36
N PRO B 673 -20.01 46.23 -67.19
CA PRO B 673 -20.21 47.67 -67.06
C PRO B 673 -18.94 48.43 -67.43
N LEU B 674 -19.12 49.56 -68.10
CA LEU B 674 -18.00 50.35 -68.57
C LEU B 674 -17.60 51.34 -67.50
N PRO B 675 -16.43 51.20 -66.88
CA PRO B 675 -16.04 52.11 -65.81
C PRO B 675 -15.29 53.33 -66.33
N LEU B 676 -15.52 54.46 -65.66
CA LEU B 676 -14.94 55.71 -66.13
C LEU B 676 -13.42 55.69 -66.05
N VAL B 677 -12.86 55.07 -65.01
CA VAL B 677 -11.41 55.07 -64.85
C VAL B 677 -10.74 54.35 -66.02
N SER B 678 -11.46 53.43 -66.66
CA SER B 678 -10.92 52.77 -67.83
C SER B 678 -10.70 53.74 -68.98
N ILE B 679 -11.43 54.85 -69.01
CA ILE B 679 -11.21 55.86 -70.05
C ILE B 679 -9.86 56.52 -69.83
N PRO B 680 -9.00 56.61 -70.85
CA PRO B 680 -7.73 57.32 -70.66
C PRO B 680 -7.99 58.78 -70.32
N ARG B 681 -7.21 59.29 -69.38
CA ARG B 681 -7.50 60.60 -68.80
C ARG B 681 -7.27 61.74 -69.78
N THR B 682 -6.69 61.48 -70.95
CA THR B 682 -6.60 62.51 -71.97
C THR B 682 -7.90 62.71 -72.72
N PHE B 683 -8.88 61.82 -72.55
CA PHE B 683 -10.13 61.93 -73.27
C PHE B 683 -11.00 63.02 -72.64
N LEU B 684 -12.21 63.17 -73.18
CA LEU B 684 -13.17 64.14 -72.65
C LEU B 684 -14.55 63.70 -73.10
N LEU B 685 -15.47 63.54 -72.15
CA LEU B 685 -16.78 63.04 -72.48
C LEU B 685 -17.84 64.12 -72.28
N PRO B 686 -18.92 64.09 -73.05
CA PRO B 686 -20.05 64.96 -72.76
C PRO B 686 -20.77 64.52 -71.50
N VAL B 687 -21.46 65.47 -70.88
CA VAL B 687 -22.18 65.16 -69.65
C VAL B 687 -23.23 64.09 -69.93
N THR B 688 -24.03 64.28 -70.96
CA THR B 688 -25.00 63.28 -71.39
C THR B 688 -24.84 63.07 -72.89
N TYR B 689 -25.36 61.93 -73.36
CA TYR B 689 -25.27 61.61 -74.77
C TYR B 689 -26.42 60.68 -75.13
N VAL B 690 -26.80 60.70 -76.40
CA VAL B 690 -27.89 59.88 -76.91
C VAL B 690 -27.35 59.03 -78.05
N VAL B 691 -27.58 57.72 -77.95
CA VAL B 691 -27.16 56.81 -78.99
C VAL B 691 -27.98 57.06 -80.25
N HIS B 692 -27.34 56.89 -81.40
CA HIS B 692 -28.02 57.14 -82.67
C HIS B 692 -27.27 56.46 -83.80
N TRP B 693 -27.98 56.21 -84.89
CA TRP B 693 -27.34 55.70 -86.09
C TRP B 693 -26.29 56.67 -86.58
N VAL B 694 -25.15 56.14 -87.03
CA VAL B 694 -24.12 56.99 -87.60
C VAL B 694 -24.54 57.51 -88.97
N SER B 695 -25.41 56.79 -89.67
CA SER B 695 -25.85 57.16 -91.02
C SER B 695 -27.30 56.76 -91.17
N PRO B 696 -28.22 57.63 -90.76
CA PRO B 696 -29.64 57.27 -90.81
C PRO B 696 -30.16 57.03 -92.21
N GLN B 697 -29.48 57.53 -93.24
CA GLN B 697 -29.96 57.33 -94.60
C GLN B 697 -29.77 55.91 -95.10
N ARG B 698 -28.95 55.11 -94.42
CA ARG B 698 -28.79 53.72 -94.83
C ARG B 698 -30.09 52.95 -94.74
N VAL B 699 -30.85 53.17 -93.67
CA VAL B 699 -32.11 52.46 -93.51
C VAL B 699 -33.18 53.11 -94.37
N LEU B 700 -34.08 52.28 -94.89
CA LEU B 700 -35.18 52.73 -95.73
C LEU B 700 -36.55 52.46 -95.13
N LEU B 701 -36.66 51.55 -94.18
CA LEU B 701 -37.92 51.29 -93.50
C LEU B 701 -37.65 50.56 -92.20
N ASN B 702 -38.25 51.04 -91.12
CA ASN B 702 -38.12 50.39 -89.83
C ASN B 702 -39.07 49.21 -89.77
N GLY B 703 -38.51 48.01 -89.66
CA GLY B 703 -39.33 46.84 -89.45
C GLY B 703 -39.77 46.75 -88.00
N GLY B 704 -39.82 45.54 -87.45
CA GLY B 704 -40.16 45.38 -86.06
C GLY B 704 -39.00 45.77 -85.17
N ASN B 705 -39.20 45.59 -83.86
CA ASN B 705 -38.14 45.86 -82.91
C ASN B 705 -36.99 44.89 -83.09
N VAL B 706 -35.80 45.32 -82.71
CA VAL B 706 -34.57 44.60 -83.02
C VAL B 706 -33.67 44.59 -81.79
N SER B 707 -32.96 43.47 -81.59
CA SER B 707 -31.91 43.39 -80.60
C SER B 707 -30.76 42.58 -81.16
N PHE B 708 -29.55 42.91 -80.74
CA PHE B 708 -28.35 42.21 -81.18
C PHE B 708 -27.20 42.60 -80.26
N THR B 709 -26.10 41.85 -80.38
CA THR B 709 -24.92 42.07 -79.59
C THR B 709 -23.72 42.29 -80.51
N SER B 710 -22.78 43.12 -80.05
CA SER B 710 -21.60 43.42 -80.84
C SER B 710 -20.50 43.92 -79.92
N GLY B 711 -19.28 43.93 -80.46
CA GLY B 711 -18.16 44.48 -79.75
C GLY B 711 -18.09 45.99 -79.87
N LEU B 712 -17.15 46.57 -79.14
CA LEU B 712 -16.98 48.02 -79.09
C LEU B 712 -15.58 48.37 -79.56
N GLU B 713 -15.47 49.48 -80.29
CA GLU B 713 -14.20 49.85 -80.90
C GLU B 713 -14.16 51.36 -81.08
N TRP B 714 -13.26 52.01 -80.34
CA TRP B 714 -13.03 53.44 -80.54
C TRP B 714 -12.56 53.70 -81.96
N THR B 715 -13.11 54.75 -82.57
CA THR B 715 -12.74 55.08 -83.94
C THR B 715 -12.84 56.57 -84.15
N PHE B 716 -12.10 57.06 -85.14
CA PHE B 716 -12.18 58.46 -85.52
C PHE B 716 -13.47 58.71 -86.27
N ASP B 717 -13.67 59.97 -86.65
CA ASP B 717 -14.84 60.35 -87.44
C ASP B 717 -14.53 61.64 -88.17
N ASP B 718 -15.25 61.87 -89.26
CA ASP B 718 -15.07 63.07 -90.06
C ASP B 718 -16.41 63.59 -90.57
N ASP C 63 1.02 -30.34 -40.13
CA ASP C 63 -0.26 -29.65 -40.02
C ASP C 63 -0.08 -28.16 -39.74
N HIS C 64 0.67 -27.84 -38.70
CA HIS C 64 1.03 -26.46 -38.41
C HIS C 64 2.26 -26.06 -39.20
N ARG C 65 2.29 -24.80 -39.64
CA ARG C 65 3.48 -24.29 -40.30
C ARG C 65 4.05 -23.06 -39.58
N ASP C 66 3.20 -22.07 -39.30
CA ASP C 66 3.67 -20.84 -38.65
C ASP C 66 2.69 -20.33 -37.60
N ASP C 67 1.87 -21.20 -37.03
CA ASP C 67 0.78 -20.76 -36.15
C ASP C 67 1.27 -20.24 -34.80
N ALA C 68 2.55 -20.42 -34.48
CA ALA C 68 3.11 -19.94 -33.23
C ALA C 68 3.82 -18.59 -33.36
N SER C 69 3.74 -17.96 -34.51
CA SER C 69 4.56 -16.78 -34.81
C SER C 69 3.83 -15.51 -34.38
N THR C 70 4.45 -14.77 -33.46
CA THR C 70 4.05 -13.41 -33.11
C THR C 70 5.32 -12.61 -32.83
N LEU C 71 5.15 -11.39 -32.34
CA LEU C 71 6.25 -10.71 -31.68
C LEU C 71 6.39 -11.31 -30.28
N LEU C 72 7.63 -11.62 -29.89
CA LEU C 72 7.87 -12.41 -28.69
C LEU C 72 8.71 -11.67 -27.67
N ALA C 73 8.80 -10.34 -27.78
CA ALA C 73 9.51 -9.53 -26.80
C ALA C 73 8.94 -8.12 -26.83
N THR C 74 9.18 -7.38 -25.76
CA THR C 74 8.66 -6.02 -25.67
C THR C 74 9.35 -5.15 -26.70
N PRO C 75 8.61 -4.58 -27.65
CA PRO C 75 9.27 -3.74 -28.67
C PRO C 75 9.91 -2.49 -28.10
N MET C 76 9.32 -1.91 -27.04
CA MET C 76 9.86 -0.69 -26.48
C MET C 76 11.29 -0.90 -26.00
N ILE C 77 11.53 -1.99 -25.25
CA ILE C 77 12.86 -2.26 -24.75
C ILE C 77 13.82 -2.49 -25.92
N ASN C 78 13.41 -3.32 -26.88
CA ASN C 78 14.28 -3.61 -28.01
C ASN C 78 14.56 -2.36 -28.83
N ASN C 79 13.54 -1.53 -29.05
CA ASN C 79 13.75 -0.28 -29.77
C ASN C 79 14.74 0.60 -29.02
N ALA C 80 14.55 0.74 -27.70
CA ALA C 80 15.48 1.53 -26.90
C ALA C 80 16.87 0.94 -26.98
N ILE C 81 16.98 -0.38 -26.86
CA ILE C 81 18.28 -1.04 -26.95
C ILE C 81 18.88 -0.80 -28.32
N ARG C 82 18.11 -1.08 -29.38
CA ARG C 82 18.66 -0.99 -30.72
C ARG C 82 19.14 0.42 -31.01
N SER C 83 18.35 1.43 -30.66
CA SER C 83 18.75 2.80 -30.89
C SER C 83 20.03 3.13 -30.12
N PHE C 84 20.11 2.69 -28.87
CA PHE C 84 21.28 2.99 -28.05
C PHE C 84 22.55 2.43 -28.67
N LEU C 85 22.51 1.15 -29.08
CA LEU C 85 23.69 0.54 -29.64
C LEU C 85 24.11 1.25 -30.92
N THR C 86 23.14 1.57 -31.77
CA THR C 86 23.45 2.27 -33.02
C THR C 86 24.07 3.63 -32.74
N ALA C 87 23.53 4.35 -31.75
CA ALA C 87 24.04 5.69 -31.46
C ALA C 87 25.50 5.63 -31.04
N TRP C 88 25.86 4.69 -30.18
CA TRP C 88 27.23 4.53 -29.73
C TRP C 88 28.02 3.60 -30.62
N ASP C 89 27.53 3.33 -31.83
CA ASP C 89 28.28 2.48 -32.74
C ASP C 89 29.57 3.13 -33.22
N GLY C 90 29.65 4.45 -33.21
CA GLY C 90 30.85 5.11 -33.67
C GLY C 90 32.04 4.93 -32.76
N ILE C 91 31.81 4.51 -31.51
CA ILE C 91 32.88 4.39 -30.53
C ILE C 91 33.70 3.13 -30.69
N ARG C 92 33.37 2.29 -31.66
CA ARG C 92 33.91 0.94 -31.71
C ARG C 92 35.40 0.96 -32.06
N ILE C 93 36.02 -0.21 -31.90
CA ILE C 93 37.48 -0.33 -31.92
C ILE C 93 37.98 -0.33 -33.37
N LEU C 94 39.25 0.00 -33.52
CA LEU C 94 39.95 -0.07 -34.79
C LEU C 94 40.48 -1.47 -35.05
N SER C 95 40.68 -1.77 -36.33
CA SER C 95 41.29 -3.04 -36.70
C SER C 95 42.80 -2.98 -36.51
N PRO C 96 43.44 -4.13 -36.27
CA PRO C 96 44.91 -4.12 -36.16
C PRO C 96 45.60 -3.62 -37.41
N ASP C 97 45.02 -3.88 -38.58
CA ASP C 97 45.56 -3.34 -39.83
C ASP C 97 45.54 -1.82 -39.80
N VAL C 98 44.40 -1.23 -39.46
CA VAL C 98 44.29 0.22 -39.38
C VAL C 98 45.21 0.75 -38.29
N SER C 99 45.23 0.09 -37.13
CA SER C 99 46.03 0.57 -36.01
C SER C 99 47.52 0.58 -36.36
N SER C 100 48.04 -0.56 -36.83
CA SER C 100 49.44 -0.63 -37.18
C SER C 100 49.79 0.36 -38.26
N LYS C 101 48.87 0.58 -39.21
CA LYS C 101 49.09 1.59 -40.22
C LYS C 101 49.18 2.97 -39.60
N HIS C 102 48.18 3.34 -38.79
CA HIS C 102 48.17 4.66 -38.17
C HIS C 102 49.47 4.93 -37.43
N LEU C 103 49.94 3.95 -36.67
CA LEU C 103 51.18 4.11 -35.94
C LEU C 103 52.35 4.31 -36.89
N SER C 104 52.60 3.32 -37.75
CA SER C 104 53.76 3.37 -38.62
C SER C 104 53.70 4.57 -39.57
N ALA C 105 52.51 4.86 -40.09
CA ALA C 105 52.38 5.97 -41.04
C ALA C 105 52.77 7.29 -40.39
N TYR C 106 52.32 7.52 -39.16
CA TYR C 106 52.69 8.75 -38.46
C TYR C 106 54.19 8.82 -38.26
N LEU C 107 54.78 7.74 -37.76
CA LEU C 107 56.23 7.73 -37.56
C LEU C 107 56.95 7.95 -38.87
N ASP C 108 56.50 7.30 -39.93
CA ASP C 108 57.12 7.47 -41.23
C ASP C 108 56.97 8.90 -41.73
N SER C 109 55.79 9.49 -41.54
CA SER C 109 55.52 10.81 -42.09
C SER C 109 56.10 11.94 -41.25
N ALA C 110 56.54 11.65 -40.03
CA ALA C 110 56.92 12.72 -39.11
C ALA C 110 58.27 13.34 -39.42
N VAL C 111 59.05 12.75 -40.33
CA VAL C 111 60.45 13.14 -40.50
C VAL C 111 60.50 14.38 -41.41
N ALA C 112 60.72 15.54 -40.80
CA ALA C 112 61.18 16.69 -41.56
C ALA C 112 62.64 16.50 -41.96
N ASN C 113 63.10 17.32 -42.90
CA ASN C 113 64.39 17.06 -43.53
C ASN C 113 65.53 17.11 -42.51
N GLY C 114 65.55 18.14 -41.67
CA GLY C 114 66.64 18.31 -40.75
C GLY C 114 67.84 18.94 -41.42
N PRO C 115 68.75 19.50 -40.63
CA PRO C 115 69.84 20.28 -41.21
C PRO C 115 70.83 19.42 -41.95
N GLU C 116 71.52 20.06 -42.88
CA GLU C 116 72.60 19.44 -43.64
C GLU C 116 73.89 19.63 -42.86
N LEU C 117 74.36 18.58 -42.21
CA LEU C 117 75.53 18.66 -41.34
C LEU C 117 76.80 18.16 -42.00
N ILE C 118 76.78 16.93 -42.52
CA ILE C 118 78.00 16.32 -43.06
C ILE C 118 78.28 16.93 -44.42
N VAL C 119 79.30 17.78 -44.49
CA VAL C 119 79.76 18.37 -45.74
C VAL C 119 81.27 18.22 -45.77
N GLU C 120 81.76 17.34 -46.64
CA GLU C 120 83.17 17.04 -46.70
C GLU C 120 83.81 17.72 -47.91
N ASP C 121 85.10 18.03 -47.78
CA ASP C 121 85.86 18.64 -48.85
C ASP C 121 87.23 18.00 -48.93
N THR C 122 87.66 17.68 -50.13
CA THR C 122 88.96 17.07 -50.37
C THR C 122 89.95 18.03 -51.00
N GLY C 123 89.55 19.26 -51.26
CA GLY C 123 90.43 20.20 -51.92
C GLY C 123 91.45 20.81 -50.98
N LEU C 124 91.65 22.11 -51.08
CA LEU C 124 92.63 22.81 -50.26
C LEU C 124 91.90 23.72 -49.29
N CYS C 125 92.25 23.62 -48.01
CA CYS C 125 91.64 24.47 -47.00
C CYS C 125 92.18 25.88 -47.12
N THR C 126 91.80 26.59 -48.18
CA THR C 126 92.23 27.95 -48.38
C THR C 126 91.06 28.79 -48.88
N SER C 127 91.09 30.07 -48.54
CA SER C 127 90.05 31.00 -48.96
C SER C 127 90.59 32.22 -49.69
N PHE C 128 91.90 32.43 -49.69
CA PHE C 128 92.50 33.55 -50.40
C PHE C 128 93.28 33.00 -51.59
N MET C 129 93.10 33.62 -52.74
CA MET C 129 93.68 33.15 -53.98
C MET C 129 94.70 34.17 -54.48
N LEU C 130 95.88 33.69 -54.86
CA LEU C 130 96.87 34.55 -55.47
C LEU C 130 96.45 34.84 -56.91
N LEU C 131 96.42 36.11 -57.27
CA LEU C 131 95.89 36.53 -58.55
C LEU C 131 96.95 37.24 -59.38
N ASP C 132 96.78 37.15 -60.69
CA ASP C 132 97.65 37.81 -61.66
C ASP C 132 96.91 39.02 -62.20
N ASN C 133 97.10 40.17 -61.55
CA ASN C 133 96.32 41.35 -61.90
C ASN C 133 96.75 41.93 -63.23
N ILE C 134 98.00 42.35 -63.33
CA ILE C 134 98.54 42.98 -64.53
C ILE C 134 99.48 41.98 -65.20
N PRO C 135 99.17 41.51 -66.40
CA PRO C 135 100.03 40.51 -67.03
C PRO C 135 101.40 41.08 -67.38
N SER C 136 102.39 40.19 -67.38
CA SER C 136 103.72 40.59 -67.79
C SER C 136 103.77 40.81 -69.30
N ALA C 137 104.78 41.59 -69.72
CA ALA C 137 104.92 41.95 -71.12
C ALA C 137 105.76 40.93 -71.86
N HIS C 138 105.30 40.56 -73.06
CA HIS C 138 106.05 39.66 -73.93
C HIS C 138 106.95 40.49 -74.83
N LEU C 139 108.26 40.30 -74.71
CA LEU C 139 109.24 41.04 -75.48
C LEU C 139 110.03 40.09 -76.36
N THR C 140 110.15 40.45 -77.64
CA THR C 140 110.88 39.61 -78.58
C THR C 140 111.78 40.38 -79.53
N LYS C 141 111.81 41.71 -79.46
CA LYS C 141 112.64 42.52 -80.34
C LYS C 141 113.78 43.20 -79.60
N GLU C 142 113.49 43.77 -78.44
CA GLU C 142 114.50 44.37 -77.59
C GLU C 142 114.24 43.91 -76.16
N LEU C 143 115.29 43.95 -75.34
CA LEU C 143 115.23 43.53 -73.94
C LEU C 143 114.95 42.04 -73.81
N ILE C 144 115.44 41.25 -74.77
CA ILE C 144 115.23 39.81 -74.71
C ILE C 144 115.98 39.24 -73.51
N GLY C 145 115.31 38.36 -72.79
CA GLY C 145 115.90 37.68 -71.66
C GLY C 145 115.53 38.24 -70.30
N PHE C 146 114.84 39.37 -70.25
CA PHE C 146 114.46 39.93 -68.97
C PHE C 146 113.30 39.18 -68.34
N THR C 147 112.45 38.54 -69.15
CA THR C 147 111.27 37.85 -68.66
C THR C 147 111.34 36.39 -69.07
N TRP C 148 110.92 35.51 -68.17
CA TRP C 148 110.99 34.06 -68.38
C TRP C 148 109.70 33.43 -67.89
N PHE C 149 108.86 33.00 -68.82
CA PHE C 149 107.61 32.32 -68.47
C PHE C 149 107.85 30.82 -68.35
N MET C 150 107.21 30.21 -67.35
CA MET C 150 107.28 28.77 -67.21
C MET C 150 106.62 28.03 -68.36
N GLN C 151 105.84 28.72 -69.18
CA GLN C 151 105.15 28.05 -70.28
C GLN C 151 106.14 27.44 -71.25
N MET C 152 107.22 28.16 -71.56
CA MET C 152 108.18 27.64 -72.55
C MET C 152 108.76 26.32 -72.12
N TYR C 153 108.81 26.05 -70.82
CA TYR C 153 109.22 24.75 -70.32
C TYR C 153 108.04 23.82 -70.07
N GLN C 154 106.83 24.25 -70.41
CA GLN C 154 105.62 23.43 -70.27
C GLN C 154 105.38 23.05 -68.83
N MET C 155 105.40 24.05 -67.95
CA MET C 155 105.14 23.85 -66.54
C MET C 155 104.13 24.88 -66.05
N THR C 156 103.40 24.52 -65.01
CA THR C 156 102.47 25.45 -64.39
C THR C 156 103.15 26.06 -63.18
N PRO C 157 103.42 27.37 -63.18
CA PRO C 157 104.12 27.98 -62.06
C PRO C 157 103.30 27.86 -60.78
N PRO C 158 103.96 27.65 -59.64
CA PRO C 158 103.22 27.59 -58.38
C PRO C 158 102.78 28.95 -57.89
N LEU C 159 103.43 30.02 -58.33
CA LEU C 159 103.08 31.36 -57.96
C LEU C 159 102.68 32.15 -59.20
N PRO C 160 101.75 33.10 -59.07
CA PRO C 160 101.37 33.89 -60.24
C PRO C 160 102.56 34.70 -60.73
N GLU C 161 102.62 34.86 -62.05
CA GLU C 161 103.72 35.58 -62.70
C GLU C 161 103.13 36.71 -63.52
N GLY C 162 103.25 37.94 -63.01
CA GLY C 162 102.75 39.09 -63.71
C GLY C 162 103.45 40.35 -63.26
N ALA C 163 103.13 41.44 -63.93
CA ALA C 163 103.69 42.73 -63.53
C ALA C 163 103.26 43.09 -62.13
N VAL C 164 101.99 42.90 -61.80
CA VAL C 164 101.46 43.17 -60.48
C VAL C 164 100.59 41.99 -60.06
N ASN C 165 100.87 41.43 -58.89
CA ASN C 165 100.16 40.26 -58.39
C ASN C 165 99.52 40.60 -57.06
N ARG C 166 98.24 40.24 -56.91
CA ARG C 166 97.45 40.61 -55.76
C ARG C 166 96.94 39.39 -55.03
N ILE C 167 96.55 39.58 -53.78
CA ILE C 167 95.88 38.57 -52.98
C ILE C 167 94.43 39.02 -52.79
N VAL C 168 93.49 38.14 -53.15
CA VAL C 168 92.08 38.44 -53.07
C VAL C 168 91.37 37.31 -52.35
N CYS C 169 90.16 37.60 -51.90
CA CYS C 169 89.35 36.66 -51.14
C CYS C 169 88.33 36.01 -52.07
N MET C 170 88.48 34.72 -52.30
CA MET C 170 87.55 33.95 -53.13
C MET C 170 87.33 32.61 -52.43
N THR C 171 86.25 32.51 -51.67
CA THR C 171 85.99 31.33 -50.88
C THR C 171 85.86 30.09 -51.75
N ASN C 172 86.51 29.01 -51.33
CA ASN C 172 86.39 27.70 -51.98
C ASN C 172 86.81 27.75 -53.44
N TRP C 173 87.75 28.64 -53.77
CA TRP C 173 88.25 28.65 -55.14
C TRP C 173 88.94 27.35 -55.48
N ALA C 174 89.75 26.83 -54.55
CA ALA C 174 90.38 25.52 -54.72
C ALA C 174 89.62 24.45 -53.96
N SER C 175 88.34 24.31 -54.30
CA SER C 175 87.47 23.37 -53.61
C SER C 175 87.24 22.14 -54.48
N LEU C 176 87.22 20.97 -53.83
CA LEU C 176 87.03 19.71 -54.53
C LEU C 176 86.09 18.79 -53.76
N GLY C 177 85.14 19.35 -53.03
CA GLY C 177 84.24 18.55 -52.23
C GLY C 177 82.98 18.16 -52.96
N ASP C 178 81.83 18.63 -52.47
CA ASP C 178 80.55 18.26 -53.07
C ASP C 178 79.57 19.40 -52.83
N GLU C 179 79.39 20.25 -53.84
CA GLU C 179 78.33 21.24 -53.94
C GLU C 179 78.43 22.36 -52.91
N GLY C 180 79.37 22.31 -51.97
CA GLY C 180 79.50 23.35 -50.98
C GLY C 180 78.23 23.63 -50.21
N ARG C 181 78.16 24.79 -49.56
CA ARG C 181 76.97 25.14 -48.80
C ARG C 181 75.89 25.74 -49.71
N GLY C 182 76.26 26.72 -50.51
CA GLY C 182 75.30 27.36 -51.39
C GLY C 182 75.43 28.87 -51.42
N LEU C 183 76.38 29.40 -50.65
CA LEU C 183 76.63 30.83 -50.63
C LEU C 183 78.14 31.06 -50.52
N GLU C 184 78.64 32.04 -51.26
CA GLU C 184 80.08 32.28 -51.32
C GLU C 184 80.35 33.77 -51.26
N VAL C 185 81.63 34.09 -51.18
CA VAL C 185 82.10 35.47 -51.16
C VAL C 185 83.25 35.54 -52.16
N ARG C 186 82.96 36.02 -53.36
CA ARG C 186 83.95 36.14 -54.43
C ARG C 186 84.20 37.61 -54.68
N LEU C 187 85.38 38.08 -54.37
CA LEU C 187 85.70 39.48 -54.59
C LEU C 187 86.52 39.64 -55.84
N PRO C 188 86.19 40.59 -56.70
CA PRO C 188 87.01 40.84 -57.88
C PRO C 188 88.31 41.52 -57.48
N PRO C 189 89.30 41.55 -58.36
CA PRO C 189 90.55 42.23 -58.05
C PRO C 189 90.32 43.71 -57.81
N PRO C 190 91.21 44.36 -57.06
CA PRO C 190 90.98 45.77 -56.71
C PRO C 190 90.89 46.70 -57.90
N THR C 191 91.15 46.23 -59.11
CA THR C 191 91.00 47.06 -60.29
C THR C 191 89.55 47.17 -60.75
N ASP C 192 88.60 46.65 -59.97
CA ASP C 192 87.18 46.73 -60.32
C ASP C 192 86.43 47.36 -59.16
N SER C 193 85.11 47.44 -59.32
CA SER C 193 84.27 48.10 -58.33
C SER C 193 84.25 47.33 -57.02
N SER C 194 83.82 46.08 -57.06
CA SER C 194 83.68 45.20 -55.90
C SER C 194 82.66 45.72 -54.90
N VAL C 195 81.96 46.82 -55.19
CA VAL C 195 80.99 47.35 -54.24
C VAL C 195 79.82 46.41 -54.06
N HIS C 196 79.54 45.55 -55.04
CA HIS C 196 78.37 44.70 -54.98
C HIS C 196 78.43 43.72 -53.81
N ALA C 197 79.60 43.51 -53.23
CA ALA C 197 79.72 42.61 -52.10
C ALA C 197 79.33 43.26 -50.78
N TYR C 198 79.08 44.56 -50.76
CA TYR C 198 78.73 45.27 -49.54
C TYR C 198 77.37 45.93 -49.67
N LYS C 199 76.43 45.27 -50.33
CA LYS C 199 75.10 45.81 -50.53
C LYS C 199 74.05 44.84 -50.03
N THR C 200 74.32 44.20 -48.90
CA THR C 200 73.37 43.23 -48.38
C THR C 200 72.12 43.90 -47.84
N VAL C 201 72.27 44.99 -47.09
CA VAL C 201 71.15 45.65 -46.45
C VAL C 201 71.27 47.16 -46.62
N LEU C 202 70.14 47.84 -46.44
CA LEU C 202 70.08 49.29 -46.44
C LEU C 202 70.63 49.88 -47.74
N SER C 203 70.61 49.10 -48.81
CA SER C 203 71.17 49.55 -50.06
C SER C 203 70.34 49.16 -51.27
N ARG C 204 69.22 48.48 -51.09
CA ARG C 204 68.45 47.94 -52.20
C ARG C 204 68.00 49.03 -53.16
N GLY C 205 67.13 49.92 -52.69
CA GLY C 205 66.60 50.95 -53.57
C GLY C 205 66.92 52.34 -53.07
N TYR C 206 68.05 52.48 -52.37
CA TYR C 206 68.42 53.73 -51.76
C TYR C 206 69.64 54.38 -52.40
N ILE C 207 70.62 53.59 -52.82
CA ILE C 207 71.84 54.12 -53.41
C ILE C 207 71.92 53.66 -54.86
N ASP C 208 72.81 54.29 -55.60
CA ASP C 208 73.01 53.95 -57.00
C ASP C 208 73.73 52.60 -57.12
N ASN C 209 73.64 52.04 -58.33
CA ASN C 209 74.32 50.78 -58.61
C ASN C 209 75.83 50.90 -58.52
N ALA C 210 76.37 52.11 -58.65
CA ALA C 210 77.80 52.32 -58.66
C ALA C 210 78.33 52.90 -57.35
N GLN C 211 77.48 53.05 -56.35
CA GLN C 211 77.90 53.62 -55.07
C GLN C 211 77.78 52.58 -53.97
N PHE C 212 78.29 52.94 -52.80
CA PHE C 212 78.12 52.13 -51.60
C PHE C 212 77.74 53.04 -50.46
N ASN C 213 76.88 52.57 -49.58
CA ASN C 213 76.40 53.39 -48.48
C ASN C 213 77.51 53.53 -47.45
N PRO C 214 78.04 54.73 -47.21
CA PRO C 214 79.07 54.88 -46.20
C PRO C 214 78.53 54.91 -44.79
N LEU C 215 77.24 55.13 -44.60
CA LEU C 215 76.66 55.23 -43.28
C LEU C 215 76.17 53.89 -42.76
N ALA C 216 76.22 52.83 -43.57
CA ALA C 216 75.84 51.49 -43.14
C ALA C 216 76.98 50.51 -43.31
N LEU C 217 78.21 51.00 -43.32
CA LEU C 217 79.34 50.15 -43.67
C LEU C 217 79.51 49.00 -42.68
N ARG C 218 79.38 49.29 -41.38
CA ARG C 218 79.65 48.27 -40.38
C ARG C 218 78.74 47.08 -40.55
N SER C 219 77.44 47.33 -40.73
CA SER C 219 76.49 46.23 -40.85
C SER C 219 76.82 45.37 -42.07
N ASN C 220 77.05 46.01 -43.22
CA ASN C 220 77.32 45.26 -44.43
C ASN C 220 78.59 44.43 -44.29
N VAL C 221 79.62 45.01 -43.69
CA VAL C 221 80.86 44.26 -43.47
C VAL C 221 80.57 43.06 -42.58
N LEU C 222 79.82 43.27 -41.50
CA LEU C 222 79.53 42.18 -40.59
C LEU C 222 78.81 41.05 -41.31
N LEU C 223 77.80 41.40 -42.10
CA LEU C 223 77.08 40.37 -42.84
C LEU C 223 77.98 39.65 -43.81
N MET C 224 78.85 40.39 -44.50
CA MET C 224 79.76 39.76 -45.45
C MET C 224 80.66 38.75 -44.75
N LEU C 225 81.20 39.13 -43.59
CA LEU C 225 82.02 38.18 -42.84
C LEU C 225 81.22 36.97 -42.42
N LEU C 226 79.97 37.19 -42.01
CA LEU C 226 79.13 36.07 -41.60
C LEU C 226 78.97 35.07 -42.74
N GLN C 227 78.72 35.57 -43.95
CA GLN C 227 78.65 34.68 -45.10
C GLN C 227 79.98 33.99 -45.33
N PHE C 228 81.08 34.73 -45.19
CA PHE C 228 82.40 34.14 -45.31
C PHE C 228 82.56 32.98 -44.34
N THR C 229 82.12 33.18 -43.09
CA THR C 229 82.24 32.14 -42.09
C THR C 229 81.39 30.93 -42.45
N LEU C 230 80.12 31.15 -42.75
CA LEU C 230 79.23 30.04 -43.03
C LEU C 230 79.68 29.24 -44.24
N SER C 231 80.35 29.89 -45.19
CA SER C 231 80.75 29.20 -46.40
C SER C 231 81.83 28.17 -46.15
N ASN C 232 82.58 28.28 -45.06
CA ASN C 232 83.71 27.39 -44.81
C ASN C 232 83.38 26.28 -43.83
N LEU C 233 82.12 26.14 -43.43
CA LEU C 233 81.78 25.08 -42.49
C LEU C 233 81.82 23.72 -43.20
N LYS C 234 82.98 23.07 -43.13
CA LYS C 234 83.20 21.82 -43.84
C LYS C 234 84.06 20.91 -43.00
N ILE C 235 84.26 19.70 -43.50
CA ILE C 235 85.17 18.73 -42.90
C ILE C 235 86.31 18.51 -43.87
N ASN C 236 87.54 18.76 -43.41
CA ASN C 236 88.70 18.53 -44.25
C ASN C 236 88.95 17.03 -44.35
N LYS C 237 88.39 16.43 -45.39
CA LYS C 237 88.51 15.00 -45.57
C LYS C 237 89.90 14.64 -46.08
N SER C 238 90.32 13.41 -45.76
CA SER C 238 91.59 12.90 -46.26
C SER C 238 91.46 12.53 -47.73
N SER C 239 92.57 12.10 -48.31
CA SER C 239 92.60 11.68 -49.71
C SER C 239 93.65 10.59 -49.85
N THR C 240 94.02 10.29 -51.10
CA THR C 240 94.98 9.24 -51.40
C THR C 240 96.38 9.82 -51.39
N PHE C 241 97.14 9.50 -50.35
CA PHE C 241 98.54 9.88 -50.31
C PHE C 241 99.39 8.89 -51.09
N THR C 242 100.46 9.40 -51.70
CA THR C 242 101.36 8.55 -52.46
C THR C 242 102.74 9.19 -52.48
N SER C 243 103.73 8.36 -52.80
CA SER C 243 105.09 8.81 -52.96
C SER C 243 105.38 9.09 -54.43
N ASP C 244 106.45 9.82 -54.68
CA ASP C 244 106.88 10.17 -56.02
C ASP C 244 108.22 9.52 -56.30
N VAL C 245 108.34 8.90 -57.47
CA VAL C 245 109.60 8.25 -57.85
C VAL C 245 110.47 9.26 -58.57
N THR C 246 110.00 10.50 -58.64
CA THR C 246 110.74 11.55 -59.33
C THR C 246 111.94 11.99 -58.51
N THR C 247 112.97 12.48 -59.20
CA THR C 247 114.19 12.91 -58.52
C THR C 247 113.96 14.12 -57.65
N ILE C 248 112.85 14.83 -57.80
CA ILE C 248 112.58 16.01 -56.99
C ILE C 248 111.93 15.60 -55.67
N THR C 249 111.93 14.30 -55.40
CA THR C 249 111.33 13.79 -54.18
C THR C 249 112.06 14.34 -52.96
N SER C 250 111.43 14.15 -51.79
CA SER C 250 112.04 14.54 -50.53
C SER C 250 111.85 13.50 -49.45
N GLY C 251 111.44 12.28 -49.81
CA GLY C 251 111.24 11.22 -48.85
C GLY C 251 109.82 11.09 -48.35
N ARG C 252 109.10 12.21 -48.21
CA ARG C 252 107.74 12.14 -47.71
C ARG C 252 106.78 11.84 -48.85
N MET C 253 105.56 11.47 -48.49
CA MET C 253 104.50 11.22 -49.46
C MET C 253 103.61 12.45 -49.58
N ILE C 254 103.01 12.61 -50.75
CA ILE C 254 102.17 13.76 -51.03
C ILE C 254 100.86 13.28 -51.63
N ARG C 255 99.86 14.17 -51.58
CA ARG C 255 98.55 13.85 -52.13
C ARG C 255 98.58 13.90 -53.65
N ALA C 256 97.98 12.91 -54.28
CA ALA C 256 98.04 12.80 -55.74
C ALA C 256 97.12 13.79 -56.44
N PHE C 257 96.01 14.16 -55.81
CA PHE C 257 95.00 15.00 -56.44
C PHE C 257 94.56 14.39 -57.77
N GLU C 258 93.92 13.23 -57.67
CA GLU C 258 93.40 12.56 -58.85
C GLU C 258 92.42 13.48 -59.56
N GLY C 259 92.80 13.92 -60.76
CA GLY C 259 92.05 14.98 -61.40
C GLY C 259 92.48 16.34 -60.92
N ARG C 260 92.36 17.31 -61.81
CA ARG C 260 92.81 18.67 -61.55
C ARG C 260 94.28 18.68 -61.15
N PRO C 261 95.19 18.33 -62.05
CA PRO C 261 96.63 18.37 -61.71
C PRO C 261 97.09 19.75 -61.31
N GLU C 262 96.46 20.81 -61.82
CA GLU C 262 96.84 22.16 -61.43
C GLU C 262 96.75 22.34 -59.92
N LEU C 263 95.82 21.64 -59.27
CA LEU C 263 95.78 21.66 -57.82
C LEU C 263 97.08 21.11 -57.25
N LEU C 264 97.60 20.02 -57.83
CA LEU C 264 98.87 19.48 -57.38
C LEU C 264 99.98 20.51 -57.57
N ALA C 265 100.00 21.19 -58.72
CA ALA C 265 101.04 22.18 -58.95
C ALA C 265 100.96 23.30 -57.93
N LEU C 266 99.75 23.73 -57.59
CA LEU C 266 99.58 24.83 -56.65
C LEU C 266 99.82 24.40 -55.21
N ALA C 267 99.49 23.15 -54.88
CA ALA C 267 99.50 22.73 -53.47
C ALA C 267 100.90 22.79 -52.87
N TYR C 268 101.91 22.36 -53.62
CA TYR C 268 103.27 22.24 -53.09
C TYR C 268 104.19 23.15 -53.90
N PRO C 269 104.35 24.40 -53.50
CA PRO C 269 105.32 25.26 -54.18
C PRO C 269 106.73 24.72 -54.14
N GLY C 270 107.08 23.97 -53.09
CA GLY C 270 108.43 23.49 -52.94
C GLY C 270 108.88 22.56 -54.03
N ARG C 271 107.94 21.99 -54.80
CA ARG C 271 108.29 21.05 -55.86
C ARG C 271 108.55 21.73 -57.19
N ALA C 272 108.78 23.04 -57.18
CA ALA C 272 109.01 23.74 -58.43
C ALA C 272 110.38 23.44 -59.00
N VAL C 273 110.56 23.77 -60.28
CA VAL C 273 111.85 23.73 -60.94
C VAL C 273 112.20 25.15 -61.35
N LEU C 274 113.46 25.53 -61.13
CA LEU C 274 113.90 26.92 -61.27
C LEU C 274 115.01 26.99 -62.30
N PRO C 275 114.70 27.17 -63.57
CA PRO C 275 115.74 27.31 -64.58
C PRO C 275 116.53 28.60 -64.42
N THR C 276 115.82 29.72 -64.25
CA THR C 276 116.45 31.03 -64.24
C THR C 276 116.11 31.77 -62.96
N GLN C 277 117.00 32.67 -62.56
CA GLN C 277 116.90 33.36 -61.27
C GLN C 277 115.96 34.55 -61.43
N THR C 278 114.66 34.26 -61.41
CA THR C 278 113.66 35.30 -61.39
C THR C 278 113.39 35.74 -59.96
N LYS C 279 112.53 36.73 -59.80
CA LYS C 279 112.13 37.15 -58.47
C LYS C 279 111.44 36.02 -57.73
N ASN C 280 110.60 35.26 -58.43
CA ASN C 280 110.00 34.08 -57.83
C ASN C 280 111.08 33.08 -57.41
N ALA C 281 112.07 32.87 -58.28
CA ALA C 281 113.13 31.91 -57.97
C ALA C 281 113.89 32.33 -56.72
N GLN C 282 114.18 33.62 -56.59
CA GLN C 282 114.90 34.10 -55.42
C GLN C 282 114.19 33.74 -54.14
N PHE C 283 112.87 33.64 -54.18
CA PHE C 283 112.12 33.22 -53.01
C PHE C 283 112.03 31.71 -52.90
N LEU C 284 111.53 31.07 -53.96
CA LEU C 284 111.28 29.62 -53.91
C LEU C 284 112.55 28.85 -53.60
N SER C 285 113.70 29.36 -54.02
CA SER C 285 114.95 28.66 -53.75
C SER C 285 115.23 28.51 -52.27
N THR C 286 114.57 29.31 -51.44
CA THR C 286 114.78 29.27 -50.00
C THR C 286 113.91 28.24 -49.29
N ALA C 287 113.03 27.56 -50.01
CA ALA C 287 112.09 26.65 -49.35
C ALA C 287 112.82 25.47 -48.74
N ILE C 288 112.40 25.10 -47.54
CA ILE C 288 112.96 23.92 -46.88
C ILE C 288 112.50 22.66 -47.59
N ALA C 289 113.40 21.69 -47.73
CA ALA C 289 113.12 20.55 -48.59
C ALA C 289 112.05 19.63 -48.00
N ASP C 290 112.09 19.38 -46.70
CA ASP C 290 111.29 18.34 -46.08
C ASP C 290 110.05 18.88 -45.38
N ARG C 291 109.47 19.95 -45.89
CA ARG C 291 108.26 20.54 -45.33
C ARG C 291 107.05 20.26 -46.21
N ILE C 292 107.01 19.07 -46.80
CA ILE C 292 106.02 18.74 -47.82
C ILE C 292 105.30 17.47 -47.44
N GLY C 293 103.98 17.48 -47.59
CA GLY C 293 103.22 16.25 -47.56
C GLY C 293 102.90 15.75 -46.16
N ARG C 294 102.62 14.45 -46.09
CA ARG C 294 102.19 13.84 -44.84
C ARG C 294 103.28 13.92 -43.79
N LEU C 295 102.86 14.18 -42.55
CA LEU C 295 103.77 14.15 -41.42
C LEU C 295 103.56 12.94 -40.53
N ASP C 296 102.30 12.63 -40.20
CA ASP C 296 102.00 11.49 -39.35
C ASP C 296 100.56 11.06 -39.62
N ARG C 297 100.29 9.79 -39.35
CA ARG C 297 98.97 9.22 -39.56
C ARG C 297 98.62 8.30 -38.41
N ALA C 298 97.32 8.14 -38.17
CA ALA C 298 96.80 7.17 -37.21
C ALA C 298 96.40 5.93 -38.01
N ASN C 299 97.16 4.85 -37.82
CA ASN C 299 96.97 3.62 -38.59
C ASN C 299 96.52 2.54 -37.62
N LEU C 300 95.22 2.29 -37.57
CA LEU C 300 94.64 1.37 -36.59
C LEU C 300 94.50 -0.04 -37.14
N ILE C 301 93.88 -0.18 -38.31
CA ILE C 301 93.57 -1.49 -38.88
C ILE C 301 94.48 -1.72 -40.06
N GLY C 302 95.16 -2.86 -40.07
CA GLY C 302 96.03 -3.20 -41.17
C GLY C 302 95.29 -3.28 -42.48
N GLY C 303 95.83 -2.66 -43.52
CA GLY C 303 95.24 -2.70 -44.83
C GLY C 303 94.10 -1.73 -45.05
N GLU C 304 93.76 -0.91 -44.06
CA GLU C 304 92.69 0.05 -44.17
C GLU C 304 93.25 1.46 -44.29
N VAL C 305 92.40 2.37 -44.78
CA VAL C 305 92.80 3.77 -44.86
C VAL C 305 92.96 4.31 -43.45
N SER C 306 93.87 5.27 -43.30
CA SER C 306 94.16 5.82 -41.99
C SER C 306 92.93 6.51 -41.42
N ALA C 307 92.73 6.35 -40.11
CA ALA C 307 91.60 7.02 -39.46
C ALA C 307 91.74 8.53 -39.53
N MET C 308 92.93 9.04 -39.28
CA MET C 308 93.16 10.48 -39.24
C MET C 308 94.63 10.72 -39.55
N VAL C 309 94.90 11.75 -40.35
CA VAL C 309 96.24 11.95 -40.90
C VAL C 309 96.67 13.39 -40.67
N GLU C 310 97.99 13.59 -40.65
CA GLU C 310 98.59 14.89 -40.51
C GLU C 310 99.42 15.20 -41.74
N CYS C 311 99.16 16.35 -42.36
CA CYS C 311 99.93 16.78 -43.52
C CYS C 311 100.01 18.30 -43.52
N MET C 312 101.01 18.82 -44.21
CA MET C 312 101.17 20.25 -44.38
C MET C 312 101.19 20.58 -45.87
N GLU C 313 100.47 21.63 -46.23
CA GLU C 313 100.31 22.03 -47.62
C GLU C 313 99.84 23.47 -47.65
N LEU C 314 99.42 23.94 -48.82
CA LEU C 314 98.92 25.29 -48.95
C LEU C 314 97.58 25.42 -48.23
N CYS C 315 97.53 26.30 -47.24
CA CYS C 315 96.30 26.52 -46.49
C CYS C 315 96.45 27.76 -45.63
N ASP C 316 95.42 28.60 -45.63
CA ASP C 316 95.42 29.77 -44.78
C ASP C 316 94.99 29.40 -43.37
N ALA C 317 95.56 30.10 -42.40
CA ALA C 317 95.26 29.80 -41.00
C ALA C 317 93.79 30.04 -40.69
N LEU C 318 93.22 31.13 -41.21
CA LEU C 318 91.87 31.53 -40.83
C LEU C 318 90.87 30.43 -41.19
N THR C 319 90.88 29.98 -42.44
CA THR C 319 89.96 28.92 -42.83
C THR C 319 90.21 27.67 -42.03
N LEU C 320 91.48 27.35 -41.77
CA LEU C 320 91.81 26.19 -40.96
C LEU C 320 91.18 26.32 -39.58
N HIS C 321 91.30 27.50 -38.96
CA HIS C 321 90.71 27.69 -37.64
C HIS C 321 89.22 27.46 -37.67
N ILE C 322 88.55 27.94 -38.71
CA ILE C 322 87.11 27.77 -38.82
C ILE C 322 86.74 26.31 -38.87
N ARG C 323 87.38 25.57 -39.78
CA ARG C 323 86.96 24.19 -40.02
C ARG C 323 87.22 23.31 -38.81
N GLU C 324 88.35 23.52 -38.13
CA GLU C 324 88.60 22.75 -36.92
C GLU C 324 87.55 23.02 -35.88
N THR C 325 87.12 24.28 -35.76
CA THR C 325 86.03 24.59 -34.84
C THR C 325 84.77 23.84 -35.23
N TYR C 326 84.47 23.79 -36.53
CA TYR C 326 83.27 23.10 -36.97
C TYR C 326 83.32 21.62 -36.59
N VAL C 327 84.49 21.00 -36.75
CA VAL C 327 84.65 19.62 -36.31
C VAL C 327 84.43 19.52 -34.81
N MET C 328 85.02 20.45 -34.06
CA MET C 328 84.85 20.45 -32.61
C MET C 328 83.37 20.49 -32.26
N LEU C 329 82.59 21.29 -32.99
CA LEU C 329 81.16 21.34 -32.76
C LEU C 329 80.51 19.98 -32.98
N LEU C 330 80.88 19.31 -34.08
CA LEU C 330 80.26 18.03 -34.39
C LEU C 330 80.55 17.01 -33.29
N ARG C 331 81.81 16.95 -32.83
CA ARG C 331 82.14 16.03 -31.75
C ARG C 331 81.30 16.31 -30.52
N SER C 332 80.99 17.58 -30.28
CA SER C 332 80.24 17.95 -29.09
C SER C 332 78.88 17.30 -29.03
N MET C 333 78.30 16.93 -30.16
CA MET C 333 76.98 16.34 -30.18
C MET C 333 77.00 14.89 -30.64
N HIS C 334 78.11 14.19 -30.40
CA HIS C 334 78.22 12.77 -30.67
C HIS C 334 78.37 12.00 -29.37
N GLN C 335 77.77 10.82 -29.33
CA GLN C 335 77.91 9.94 -28.17
C GLN C 335 78.16 8.52 -28.65
N ASP C 336 78.90 7.76 -27.85
CA ASP C 336 79.30 6.42 -28.22
C ASP C 336 78.12 5.46 -28.14
N PRO C 337 78.23 4.29 -28.78
CA PRO C 337 77.08 3.38 -28.86
C PRO C 337 76.47 3.01 -27.52
N THR C 338 77.29 2.76 -26.50
CA THR C 338 76.74 2.34 -25.21
C THR C 338 75.74 3.35 -24.70
N GLN C 339 76.07 4.64 -24.81
CA GLN C 339 75.11 5.66 -24.46
C GLN C 339 73.88 5.60 -25.35
N ILE C 340 74.10 5.38 -26.66
CA ILE C 340 72.99 5.42 -27.60
C ILE C 340 71.98 4.34 -27.28
N VAL C 341 72.45 3.10 -27.13
CA VAL C 341 71.54 1.99 -26.88
C VAL C 341 70.82 2.21 -25.55
N GLN C 342 71.53 2.72 -24.55
CA GLN C 342 70.89 3.02 -23.28
C GLN C 342 69.81 4.07 -23.46
N ILE C 343 70.09 5.10 -24.26
CA ILE C 343 69.10 6.14 -24.49
C ILE C 343 67.87 5.54 -25.15
N VAL C 344 68.07 4.74 -26.19
CA VAL C 344 66.94 4.16 -26.90
C VAL C 344 66.12 3.28 -25.98
N ASN C 345 66.80 2.45 -25.17
CA ASN C 345 66.08 1.57 -24.25
C ASN C 345 65.25 2.37 -23.27
N GLU C 346 65.83 3.42 -22.70
CA GLU C 346 65.10 4.21 -21.73
C GLU C 346 63.89 4.89 -22.36
N CYS C 347 64.07 5.46 -23.56
CA CYS C 347 62.95 6.10 -24.23
C CYS C 347 61.81 5.13 -24.46
N ALA C 348 62.13 3.86 -24.70
CA ALA C 348 61.13 2.83 -24.83
C ALA C 348 60.64 2.31 -23.49
N ASN C 349 60.92 3.05 -22.42
CA ASN C 349 60.53 2.65 -21.07
C ASN C 349 61.07 1.28 -20.73
N ASN C 350 62.26 0.96 -21.24
CA ASN C 350 62.96 -0.29 -20.98
C ASN C 350 62.16 -1.50 -21.41
N LEU C 351 61.25 -1.33 -22.37
CA LEU C 351 60.81 -2.45 -23.16
C LEU C 351 61.72 -2.59 -24.37
N LEU C 352 61.66 -3.76 -25.02
CA LEU C 352 62.38 -3.97 -26.27
C LEU C 352 63.87 -3.68 -26.12
N ASN C 353 64.44 -4.08 -25.00
CA ASN C 353 65.83 -3.76 -24.73
C ASN C 353 66.74 -4.44 -25.73
N SER C 354 67.60 -3.66 -26.36
CA SER C 354 68.61 -4.17 -27.28
C SER C 354 69.99 -3.92 -26.72
N THR C 355 70.99 -4.42 -27.44
CA THR C 355 72.38 -4.22 -27.05
C THR C 355 73.23 -4.09 -28.30
N ILE C 356 74.53 -3.99 -28.10
CA ILE C 356 75.46 -3.70 -29.19
C ILE C 356 76.51 -4.79 -29.28
N PRO C 357 77.06 -5.05 -30.46
CA PRO C 357 78.22 -5.95 -30.54
C PRO C 357 79.44 -5.29 -29.94
N ILE C 358 80.37 -6.11 -29.46
CA ILE C 358 81.60 -5.63 -28.84
C ILE C 358 82.73 -5.89 -29.80
N SER C 359 83.22 -4.85 -30.45
CA SER C 359 84.32 -4.94 -31.41
C SER C 359 84.82 -3.54 -31.69
N LEU C 360 85.86 -3.46 -32.51
CA LEU C 360 86.44 -2.16 -32.84
C LEU C 360 85.55 -1.42 -33.83
N ARG C 361 85.27 -0.17 -33.53
CA ARG C 361 84.51 0.72 -34.41
C ARG C 361 85.37 1.96 -34.61
N PRO C 362 86.25 1.93 -35.59
CA PRO C 362 87.32 2.93 -35.66
C PRO C 362 86.87 4.38 -35.78
N THR C 363 86.08 4.70 -36.81
CA THR C 363 85.87 6.09 -37.18
C THR C 363 84.39 6.43 -37.29
N ILE C 364 83.60 6.01 -36.33
CA ILE C 364 82.17 6.33 -36.38
C ILE C 364 81.96 7.75 -35.86
N LEU C 365 80.83 8.33 -36.26
CA LEU C 365 80.43 9.66 -35.80
C LEU C 365 78.93 9.80 -35.96
N CYS C 366 78.25 10.09 -34.86
CA CYS C 366 76.78 10.16 -34.84
C CYS C 366 76.36 11.47 -34.19
N PRO C 367 76.40 12.56 -34.92
CA PRO C 367 76.02 13.85 -34.35
C PRO C 367 74.51 13.94 -34.16
N TRP C 368 74.00 13.40 -33.06
CA TRP C 368 72.57 13.22 -32.90
C TRP C 368 71.98 13.82 -31.63
N PHE C 369 72.78 14.35 -30.71
CA PHE C 369 72.28 14.68 -29.39
C PHE C 369 72.63 16.10 -29.01
N ALA C 370 71.64 16.83 -28.49
CA ALA C 370 71.81 18.19 -28.00
C ALA C 370 71.55 18.22 -26.50
N SER C 371 71.73 19.40 -25.91
CA SER C 371 71.50 19.58 -24.49
C SER C 371 70.05 19.97 -24.22
N SER C 372 69.68 19.93 -22.94
CA SER C 372 68.32 20.30 -22.57
C SER C 372 68.03 21.75 -22.94
N GLU C 373 69.00 22.63 -22.77
CA GLU C 373 68.80 24.04 -23.09
C GLU C 373 68.39 24.21 -24.54
N ASP C 374 69.07 23.48 -25.43
CA ASP C 374 68.71 23.54 -26.84
C ASP C 374 67.26 23.11 -27.04
N LEU C 375 66.87 22.00 -26.41
CA LEU C 375 65.49 21.54 -26.51
C LEU C 375 64.55 22.59 -25.93
N ARG C 376 64.89 23.12 -24.77
CA ARG C 376 64.04 24.16 -24.16
C ARG C 376 63.94 25.36 -25.09
N LEU C 377 65.07 25.79 -25.64
CA LEU C 377 65.06 26.94 -26.53
C LEU C 377 64.18 26.68 -27.75
N GLN C 378 64.35 25.51 -28.37
CA GLN C 378 63.56 25.20 -29.55
C GLN C 378 62.08 25.15 -29.22
N GLN C 379 61.74 24.51 -28.09
CA GLN C 379 60.34 24.40 -27.70
C GLN C 379 59.71 25.77 -27.57
N VAL C 380 60.40 26.68 -26.88
CA VAL C 380 59.89 28.03 -26.74
C VAL C 380 59.77 28.69 -28.11
N MET C 381 60.82 28.56 -28.92
CA MET C 381 60.78 29.17 -30.25
C MET C 381 59.63 28.60 -31.06
N HIS C 382 59.41 27.29 -30.98
CA HIS C 382 58.31 26.68 -31.71
C HIS C 382 56.97 27.20 -31.23
N LEU C 383 56.81 27.35 -29.91
CA LEU C 383 55.56 27.88 -29.39
C LEU C 383 55.32 29.30 -29.89
N VAL C 384 56.37 30.12 -29.90
CA VAL C 384 56.22 31.50 -30.37
C VAL C 384 55.79 31.53 -31.82
N ASN C 385 56.37 30.66 -32.64
CA ASN C 385 56.09 30.69 -34.08
C ASN C 385 54.62 30.42 -34.37
N ILE C 386 54.04 29.44 -33.69
CA ILE C 386 52.65 29.08 -33.96
C ILE C 386 51.72 30.07 -33.27
N SER C 387 50.49 30.13 -33.78
CA SER C 387 49.47 30.96 -33.16
C SER C 387 49.05 30.36 -31.83
N SER C 388 48.66 31.23 -30.90
CA SER C 388 48.21 30.81 -29.58
C SER C 388 46.73 30.51 -29.53
N ASN C 389 46.01 30.70 -30.64
CA ASN C 389 44.58 30.47 -30.63
C ASN C 389 44.27 28.98 -30.60
N THR C 390 42.99 28.67 -30.33
CA THR C 390 42.59 27.29 -30.18
C THR C 390 42.79 26.48 -31.46
N ALA C 391 42.77 27.14 -32.62
CA ALA C 391 42.92 26.42 -33.87
C ALA C 391 44.25 25.70 -33.94
N ALA C 392 45.31 26.28 -33.38
CA ALA C 392 46.61 25.63 -33.44
C ALA C 392 46.70 24.44 -32.50
N ALA C 393 46.01 24.49 -31.35
CA ALA C 393 46.15 23.44 -30.36
C ALA C 393 45.45 22.16 -30.81
N LEU C 394 44.30 22.27 -31.46
CA LEU C 394 43.47 21.12 -31.78
C LEU C 394 44.23 20.01 -32.51
N PRO C 395 45.02 20.27 -33.55
CA PRO C 395 45.73 19.15 -34.19
C PRO C 395 46.70 18.45 -33.26
N LEU C 396 47.31 19.18 -32.32
CA LEU C 396 48.26 18.54 -31.41
C LEU C 396 47.60 17.45 -30.59
N VAL C 397 46.50 17.79 -29.92
CA VAL C 397 45.83 16.80 -29.10
C VAL C 397 45.24 15.70 -29.97
N GLU C 398 44.77 16.05 -31.15
CA GLU C 398 44.17 15.06 -32.03
C GLU C 398 45.19 13.99 -32.42
N ALA C 399 46.39 14.42 -32.79
CA ALA C 399 47.42 13.46 -33.19
C ALA C 399 47.72 12.50 -32.05
N LEU C 400 47.90 13.02 -30.85
CA LEU C 400 48.20 12.16 -29.71
C LEU C 400 47.05 11.22 -29.42
N SER C 401 45.81 11.71 -29.55
CA SER C 401 44.66 10.89 -29.23
C SER C 401 44.61 9.67 -30.14
N THR C 402 44.83 9.86 -31.43
CA THR C 402 44.82 8.73 -32.35
C THR C 402 45.89 7.72 -31.99
N LEU C 403 47.09 8.20 -31.66
CA LEU C 403 48.18 7.29 -31.31
C LEU C 403 47.77 6.42 -30.12
N LEU C 404 47.20 7.03 -29.08
CA LEU C 404 46.75 6.25 -27.94
C LEU C 404 45.79 5.16 -28.35
N ARG C 405 44.75 5.56 -29.09
CA ARG C 405 43.78 4.56 -29.57
C ARG C 405 44.47 3.54 -30.46
N SER C 406 45.44 3.98 -31.24
CA SER C 406 46.12 3.08 -32.17
C SER C 406 47.02 2.08 -31.46
N VAL C 407 47.25 2.23 -30.17
CA VAL C 407 48.21 1.37 -29.48
C VAL C 407 47.66 0.73 -28.21
N THR C 408 46.60 1.26 -27.61
CA THR C 408 46.19 0.78 -26.30
C THR C 408 45.56 -0.60 -26.40
N PRO C 409 45.70 -1.43 -25.35
CA PRO C 409 44.97 -2.69 -25.31
C PRO C 409 43.54 -2.57 -24.81
N LEU C 410 43.18 -1.42 -24.25
CA LEU C 410 41.84 -1.26 -23.71
C LEU C 410 40.80 -1.27 -24.83
N VAL C 411 39.63 -1.85 -24.53
CA VAL C 411 38.55 -1.98 -25.50
C VAL C 411 37.27 -1.48 -24.86
N LEU C 412 36.49 -0.72 -25.62
CA LEU C 412 35.23 -0.16 -25.16
C LEU C 412 34.09 -0.90 -25.84
N ASP C 413 33.21 -1.50 -25.04
CA ASP C 413 32.09 -2.29 -25.55
C ASP C 413 30.80 -1.77 -24.94
N PRO C 414 29.98 -1.06 -25.71
CA PRO C 414 28.73 -0.53 -25.15
C PRO C 414 27.78 -1.61 -24.66
N THR C 415 27.83 -2.81 -25.24
CA THR C 415 26.83 -3.82 -24.93
C THR C 415 26.85 -4.21 -23.46
N VAL C 416 28.00 -4.13 -22.82
CA VAL C 416 28.10 -4.55 -21.42
C VAL C 416 27.16 -3.71 -20.56
N LEU C 417 27.05 -2.41 -20.86
CA LEU C 417 26.17 -1.55 -20.10
C LEU C 417 24.72 -1.98 -20.26
N THR C 418 24.31 -2.27 -21.49
CA THR C 418 22.94 -2.70 -21.73
C THR C 418 22.65 -4.00 -21.01
N ASN C 419 23.57 -4.96 -21.09
CA ASN C 419 23.37 -6.23 -20.40
C ASN C 419 23.18 -6.02 -18.92
N ALA C 420 24.00 -5.16 -18.31
CA ALA C 420 23.87 -4.91 -16.89
C ALA C 420 22.55 -4.23 -16.57
N ILE C 421 22.09 -3.33 -17.42
CA ILE C 421 20.90 -2.55 -17.12
C ILE C 421 19.63 -3.27 -17.54
N THR C 422 19.58 -3.74 -18.78
CA THR C 422 18.34 -4.27 -19.32
C THR C 422 17.87 -5.53 -18.62
N THR C 423 18.71 -6.15 -17.79
CA THR C 423 18.30 -7.33 -17.07
C THR C 423 17.42 -7.01 -15.87
N ILE C 424 17.24 -5.73 -15.53
CA ILE C 424 16.42 -5.36 -14.38
C ILE C 424 14.95 -5.40 -14.77
N SER C 425 14.16 -6.10 -13.97
CA SER C 425 12.73 -6.20 -14.20
C SER C 425 12.01 -5.00 -13.60
N GLU C 426 10.88 -4.65 -14.21
CA GLU C 426 10.06 -3.55 -13.72
C GLU C 426 8.63 -3.75 -14.16
N SER C 427 7.72 -3.06 -13.50
CA SER C 427 6.31 -3.12 -13.87
C SER C 427 6.09 -2.41 -15.19
N THR C 428 5.18 -2.95 -16.00
CA THR C 428 4.80 -2.34 -17.26
C THR C 428 3.56 -1.48 -17.12
N THR C 429 3.01 -1.32 -15.91
CA THR C 429 1.79 -0.56 -15.69
C THR C 429 2.07 0.86 -15.22
N GLN C 430 3.26 1.37 -15.50
CA GLN C 430 3.64 2.72 -15.13
C GLN C 430 3.74 3.59 -16.37
N THR C 431 3.77 4.90 -16.14
CA THR C 431 3.83 5.84 -17.25
C THR C 431 5.24 6.13 -17.71
N ILE C 432 6.21 6.13 -16.79
CA ILE C 432 7.59 6.44 -17.12
C ILE C 432 8.45 5.24 -16.73
N SER C 433 9.32 4.82 -17.64
CA SER C 433 10.26 3.75 -17.35
C SER C 433 11.65 4.33 -17.20
N PRO C 434 12.22 4.33 -16.01
CA PRO C 434 13.57 4.89 -15.85
C PRO C 434 14.58 4.24 -16.76
N ILE C 435 14.43 2.94 -17.01
CA ILE C 435 15.35 2.23 -17.91
C ILE C 435 15.32 2.87 -19.30
N SER C 436 14.11 3.12 -19.81
CA SER C 436 14.01 3.77 -21.11
C SER C 436 14.60 5.16 -21.07
N GLU C 437 14.36 5.90 -19.99
CA GLU C 437 14.85 7.27 -19.89
C GLU C 437 16.37 7.31 -19.94
N ILE C 438 17.03 6.49 -19.11
CA ILE C 438 18.47 6.55 -19.04
C ILE C 438 19.08 6.08 -20.35
N LEU C 439 18.49 5.06 -20.98
CA LEU C 439 18.97 4.63 -22.28
C LEU C 439 18.84 5.74 -23.31
N ARG C 440 17.82 6.59 -23.17
CA ARG C 440 17.61 7.67 -24.11
C ARG C 440 18.44 8.90 -23.78
N LEU C 441 18.93 9.02 -22.55
CA LEU C 441 19.71 10.19 -22.16
C LEU C 441 21.20 9.99 -22.32
N LEU C 442 21.64 8.80 -22.73
CA LEU C 442 23.07 8.53 -22.92
C LEU C 442 23.48 8.61 -24.38
N GLN C 443 22.75 9.36 -25.19
CA GLN C 443 23.15 9.52 -26.58
C GLN C 443 24.40 10.39 -26.69
N PRO C 444 25.18 10.23 -27.74
CA PRO C 444 26.40 11.03 -27.87
C PRO C 444 26.15 12.53 -27.89
N MET C 445 25.03 12.99 -28.44
CA MET C 445 24.75 14.41 -28.57
C MET C 445 25.87 15.10 -29.34
N GLY C 446 25.98 14.72 -30.61
CA GLY C 446 27.06 15.20 -31.46
C GLY C 446 27.78 14.05 -32.13
N ASN C 447 29.09 14.18 -32.28
CA ASN C 447 29.86 13.09 -32.89
C ASN C 447 31.21 12.87 -32.22
N ASP C 448 31.46 13.45 -31.04
CA ASP C 448 32.76 13.33 -30.40
C ASP C 448 32.83 12.04 -29.59
N TYR C 449 32.75 10.91 -30.31
CA TYR C 449 32.79 9.61 -29.64
C TYR C 449 34.08 9.40 -28.88
N ALA C 450 35.17 10.05 -29.30
CA ALA C 450 36.48 9.85 -28.70
C ALA C 450 36.80 10.88 -27.64
N ALA C 451 35.79 11.45 -26.99
CA ALA C 451 36.05 12.46 -25.97
C ALA C 451 36.94 11.92 -24.87
N PHE C 452 36.78 10.64 -24.54
CA PHE C 452 37.62 10.04 -23.52
C PHE C 452 39.09 10.15 -23.87
N TRP C 453 39.45 9.72 -25.07
CA TRP C 453 40.84 9.83 -25.50
C TRP C 453 41.26 11.28 -25.60
N LYS C 454 40.35 12.14 -26.06
CA LYS C 454 40.67 13.55 -26.15
C LYS C 454 41.04 14.11 -24.78
N CYS C 455 40.32 13.70 -23.74
CA CYS C 455 40.65 14.17 -22.40
C CYS C 455 42.04 13.72 -21.98
N ILE C 456 42.35 12.45 -22.18
CA ILE C 456 43.64 11.93 -21.76
C ILE C 456 44.77 12.66 -22.47
N ALA C 457 44.65 12.78 -23.80
CA ALA C 457 45.69 13.46 -24.56
C ALA C 457 45.83 14.91 -24.13
N SER C 458 44.75 15.52 -23.63
CA SER C 458 44.83 16.90 -23.18
C SER C 458 45.82 17.05 -22.04
N TRP C 459 45.91 16.04 -21.18
CA TRP C 459 46.77 16.15 -20.01
C TRP C 459 48.22 16.41 -20.40
N ALA C 460 48.66 15.87 -21.53
CA ALA C 460 50.03 16.07 -21.96
C ALA C 460 50.33 17.52 -22.32
N TYR C 461 49.30 18.34 -22.52
CA TYR C 461 49.49 19.73 -22.89
C TYR C 461 48.61 20.65 -22.04
N ASN C 462 48.37 20.27 -20.78
CA ASN C 462 47.50 21.07 -19.94
C ASN C 462 48.03 22.49 -19.76
N GLY C 463 49.32 22.69 -19.93
CA GLY C 463 49.86 24.02 -19.89
C GLY C 463 49.61 24.82 -21.14
N LEU C 464 48.86 24.26 -22.09
CA LEU C 464 48.59 24.92 -23.35
C LEU C 464 47.13 24.94 -23.75
N VAL C 465 46.32 23.97 -23.30
CA VAL C 465 44.93 23.87 -23.71
C VAL C 465 44.17 23.19 -22.58
N THR C 466 42.89 23.51 -22.46
CA THR C 466 42.06 23.00 -21.38
C THR C 466 40.86 22.25 -21.95
N THR C 467 40.55 21.11 -21.36
CA THR C 467 39.30 20.42 -21.66
C THR C 467 38.23 20.88 -20.68
N VAL C 468 37.07 21.23 -21.23
CA VAL C 468 36.00 21.82 -20.45
C VAL C 468 34.72 21.05 -20.70
N LEU C 469 33.92 20.85 -19.66
CA LEU C 469 32.60 20.27 -19.82
C LEU C 469 31.77 21.15 -20.73
N SER C 470 31.09 20.52 -21.70
CA SER C 470 30.29 21.27 -22.64
C SER C 470 29.13 21.95 -21.93
N GLU C 471 28.85 23.18 -22.32
CA GLU C 471 27.77 23.93 -21.68
C GLU C 471 26.42 23.28 -21.93
N ASP C 472 26.23 22.73 -23.13
CA ASP C 472 24.94 22.15 -23.48
C ASP C 472 24.58 21.00 -22.56
N ALA C 473 25.54 20.16 -22.23
CA ALA C 473 25.25 19.03 -21.37
C ALA C 473 25.19 19.45 -19.91
N PHE C 474 24.35 20.44 -19.61
CA PHE C 474 24.12 20.88 -18.25
C PHE C 474 22.63 20.85 -17.96
N PRO C 475 22.24 20.47 -16.75
CA PRO C 475 20.82 20.56 -16.39
C PRO C 475 20.37 22.01 -16.43
N ASP C 476 19.19 22.23 -16.98
CA ASP C 476 18.66 23.58 -17.08
C ASP C 476 18.49 24.18 -15.70
N SER C 477 18.96 25.42 -15.53
CA SER C 477 18.87 26.07 -14.23
C SER C 477 17.49 26.69 -14.05
N SER C 478 16.45 25.92 -14.35
CA SER C 478 15.09 26.32 -14.03
C SER C 478 14.25 25.15 -13.57
N GLN C 479 14.79 23.94 -13.55
CA GLN C 479 14.06 22.75 -13.16
C GLN C 479 14.34 22.41 -11.71
N SER C 480 13.44 21.64 -11.12
CA SER C 480 13.64 21.16 -9.76
C SER C 480 14.34 19.80 -9.79
N ILE C 481 14.81 19.38 -8.62
CA ILE C 481 15.46 18.07 -8.52
C ILE C 481 14.49 16.96 -8.89
N THR C 482 13.19 17.20 -8.73
CA THR C 482 12.21 16.20 -9.07
C THR C 482 12.20 15.86 -10.56
N HIS C 483 12.74 16.74 -11.39
CA HIS C 483 12.81 16.47 -12.82
C HIS C 483 13.85 15.40 -13.05
N LEU C 484 13.40 14.15 -13.21
CA LEU C 484 14.31 13.01 -13.31
C LEU C 484 15.38 13.16 -14.39
N PRO C 485 15.06 13.57 -15.62
CA PRO C 485 16.13 13.72 -16.62
C PRO C 485 17.23 14.66 -16.16
N SER C 486 16.86 15.74 -15.47
CA SER C 486 17.87 16.63 -14.92
C SER C 486 18.75 15.89 -13.94
N MET C 487 18.16 15.06 -13.10
CA MET C 487 18.93 14.32 -12.12
C MET C 487 19.95 13.42 -12.81
N TRP C 488 19.53 12.74 -13.87
CA TRP C 488 20.48 11.89 -14.60
C TRP C 488 21.61 12.71 -15.19
N LYS C 489 21.28 13.87 -15.77
CA LYS C 489 22.32 14.74 -16.30
C LYS C 489 23.28 15.16 -15.20
N CYS C 490 22.75 15.49 -14.02
CA CYS C 490 23.61 15.87 -12.92
C CYS C 490 24.54 14.73 -12.53
N LEU C 491 24.01 13.51 -12.51
CA LEU C 491 24.85 12.35 -12.20
C LEU C 491 25.96 12.20 -13.23
N PHE C 492 25.62 12.31 -14.51
CA PHE C 492 26.63 12.15 -15.55
C PHE C 492 27.71 13.21 -15.43
N LEU C 493 27.31 14.45 -15.15
CA LEU C 493 28.29 15.50 -14.93
C LEU C 493 29.22 15.14 -13.80
N THR C 494 28.67 14.67 -12.70
CA THR C 494 29.50 14.35 -11.54
C THR C 494 30.49 13.25 -11.85
N LEU C 495 30.04 12.20 -12.54
CA LEU C 495 30.93 11.08 -12.82
C LEU C 495 32.09 11.50 -13.70
N ALA C 496 31.83 12.33 -14.71
CA ALA C 496 32.86 12.72 -15.66
C ALA C 496 33.64 13.95 -15.22
N GLY C 497 33.52 14.34 -13.96
CA GLY C 497 34.17 15.53 -13.47
C GLY C 497 35.68 15.49 -13.58
N PRO C 498 36.32 14.60 -12.81
CA PRO C 498 37.79 14.65 -12.69
C PRO C 498 38.52 14.43 -13.99
N MET C 499 37.88 13.84 -15.00
CA MET C 499 38.59 13.55 -16.24
C MET C 499 39.02 14.82 -16.96
N THR C 500 38.31 15.92 -16.76
CA THR C 500 38.65 17.16 -17.45
C THR C 500 39.80 17.87 -16.74
N SER C 501 40.47 18.74 -17.49
CA SER C 501 41.59 19.50 -16.97
C SER C 501 41.18 20.87 -16.43
N ASP C 502 39.92 21.25 -16.56
CA ASP C 502 39.49 22.57 -16.11
C ASP C 502 39.62 22.65 -14.59
N PRO C 503 40.40 23.60 -14.08
CA PRO C 503 40.46 23.75 -12.62
C PRO C 503 39.13 24.04 -11.99
N HIS C 504 38.22 24.67 -12.72
CA HIS C 504 36.91 25.04 -12.19
C HIS C 504 35.92 23.90 -12.27
N SER C 505 36.32 22.73 -12.73
CA SER C 505 35.39 21.59 -12.80
C SER C 505 34.72 21.29 -11.46
N PRO C 506 35.43 21.19 -10.34
CA PRO C 506 34.73 20.84 -9.09
C PRO C 506 33.63 21.81 -8.73
N VAL C 507 33.92 23.11 -8.70
CA VAL C 507 32.91 24.07 -8.30
C VAL C 507 31.73 24.04 -9.27
N LYS C 508 32.02 23.86 -10.56
CA LYS C 508 30.94 23.75 -11.53
C LYS C 508 30.06 22.56 -11.23
N VAL C 509 30.67 21.41 -10.93
CA VAL C 509 29.89 20.23 -10.58
C VAL C 509 29.05 20.50 -9.36
N PHE C 510 29.66 21.13 -8.35
CA PHE C 510 28.94 21.44 -7.13
C PHE C 510 27.75 22.35 -7.41
N MET C 511 27.98 23.43 -8.15
CA MET C 511 26.89 24.36 -8.43
C MET C 511 25.80 23.71 -9.26
N ALA C 512 26.17 22.74 -10.11
CA ALA C 512 25.18 22.11 -10.96
C ALA C 512 24.05 21.52 -10.14
N LEU C 513 24.40 20.76 -9.11
CA LEU C 513 23.37 20.22 -8.23
C LEU C 513 22.71 21.34 -7.42
N ALA C 514 23.50 22.34 -7.02
CA ALA C 514 22.96 23.43 -6.21
C ALA C 514 21.82 24.13 -6.91
N ASN C 515 21.87 24.21 -8.24
CA ASN C 515 20.77 24.81 -8.99
C ASN C 515 19.48 24.04 -8.76
N LEU C 516 19.56 22.70 -8.79
CA LEU C 516 18.35 21.91 -8.68
C LEU C 516 17.75 21.97 -7.28
N LEU C 517 18.57 22.25 -6.28
CA LEU C 517 18.12 22.26 -4.90
C LEU C 517 17.94 23.68 -4.36
N ALA C 518 17.84 24.67 -5.25
CA ALA C 518 17.69 26.05 -4.79
C ALA C 518 16.41 26.24 -3.98
N GLN C 519 15.38 25.47 -4.28
CA GLN C 519 14.12 25.64 -3.57
C GLN C 519 14.20 25.09 -2.15
N PRO C 520 14.55 23.81 -1.93
CA PRO C 520 14.48 23.28 -0.56
C PRO C 520 15.70 23.59 0.29
N GLU C 521 16.88 23.71 -0.32
CA GLU C 521 18.12 23.85 0.42
C GLU C 521 18.90 25.05 -0.07
N PRO C 522 18.78 26.20 0.59
CA PRO C 522 19.52 27.39 0.17
C PRO C 522 20.90 27.48 0.79
N ILE C 523 21.82 28.08 0.04
CA ILE C 523 23.17 28.35 0.49
C ILE C 523 23.56 29.76 0.07
N ALA C 524 24.68 30.22 0.60
CA ALA C 524 25.14 31.58 0.34
C ALA C 524 26.11 31.61 -0.83
N ILE C 525 25.99 32.65 -1.66
CA ILE C 525 26.88 32.89 -2.78
C ILE C 525 27.63 34.18 -2.50
N GLY C 526 28.96 34.12 -2.53
CA GLY C 526 29.77 35.23 -2.09
C GLY C 526 29.59 36.53 -2.87
N VAL C 527 30.04 36.54 -4.12
CA VAL C 527 30.02 37.80 -4.88
C VAL C 527 28.59 38.22 -5.13
N PRO C 528 28.27 39.51 -4.98
CA PRO C 528 26.92 39.97 -5.31
C PRO C 528 26.66 39.85 -6.80
N GLY C 529 25.38 39.80 -7.14
CA GLY C 529 24.97 39.64 -8.52
C GLY C 529 24.92 38.21 -9.01
N MET C 530 25.23 37.25 -8.16
CA MET C 530 25.13 35.84 -8.51
C MET C 530 24.24 35.13 -7.52
N HIS C 531 23.39 34.25 -8.01
CA HIS C 531 22.41 33.57 -7.18
C HIS C 531 22.52 32.07 -7.38
N GLN C 532 21.90 31.33 -6.45
CA GLN C 532 21.98 29.88 -6.51
C GLN C 532 21.37 29.31 -7.79
N THR C 533 20.54 30.09 -8.47
CA THR C 533 19.94 29.65 -9.72
C THR C 533 20.72 30.11 -10.94
N THR C 534 21.85 30.76 -10.74
CA THR C 534 22.70 31.13 -11.86
C THR C 534 23.17 29.86 -12.57
N PRO C 535 23.20 29.85 -13.90
CA PRO C 535 23.70 28.67 -14.62
C PRO C 535 25.09 28.29 -14.13
N ALA C 536 25.23 27.01 -13.78
CA ALA C 536 26.46 26.57 -13.13
C ALA C 536 27.67 26.77 -14.02
N SER C 537 27.49 26.73 -15.33
CA SER C 537 28.62 26.88 -16.24
C SER C 537 29.28 28.24 -16.16
N GLN C 538 28.62 29.23 -15.55
CA GLN C 538 29.22 30.55 -15.47
C GLN C 538 30.27 30.66 -14.38
N PHE C 539 30.28 29.74 -13.41
CA PHE C 539 31.25 29.79 -12.33
C PHE C 539 32.61 29.37 -12.86
N SER C 540 33.29 30.32 -13.49
CA SER C 540 34.58 30.09 -14.13
C SER C 540 35.58 31.15 -13.71
N HIS C 541 35.66 31.40 -12.41
CA HIS C 541 36.59 32.38 -11.91
C HIS C 541 36.90 32.04 -10.46
N PRO C 542 38.18 32.01 -10.09
CA PRO C 542 38.52 31.60 -8.72
C PRO C 542 37.87 32.46 -7.66
N GLY C 543 37.58 33.71 -7.98
CA GLY C 543 37.01 34.60 -6.99
C GLY C 543 35.54 34.42 -6.71
N VAL C 544 34.87 33.51 -7.40
CA VAL C 544 33.43 33.33 -7.23
C VAL C 544 33.09 31.98 -6.62
N TRP C 545 34.07 31.27 -6.09
CA TRP C 545 33.78 30.00 -5.43
C TRP C 545 32.94 30.26 -4.20
N PRO C 546 31.83 29.55 -4.02
CA PRO C 546 30.95 29.81 -2.88
C PRO C 546 31.69 29.57 -1.57
N PRO C 547 31.45 30.40 -0.56
CA PRO C 547 32.13 30.20 0.73
C PRO C 547 31.86 28.83 1.32
N GLY C 548 30.63 28.32 1.18
CA GLY C 548 30.33 27.00 1.70
C GLY C 548 31.17 25.93 1.04
N PHE C 549 31.40 26.06 -0.26
CA PHE C 549 32.22 25.09 -0.96
C PHE C 549 33.65 25.11 -0.45
N LEU C 550 34.14 26.28 -0.05
CA LEU C 550 35.49 26.36 0.50
C LEU C 550 35.56 25.74 1.89
N ASN C 551 34.49 25.89 2.68
CA ASN C 551 34.47 25.39 4.05
C ASN C 551 33.09 24.82 4.32
N PRO C 552 32.92 23.50 4.21
CA PRO C 552 31.58 22.91 4.35
C PRO C 552 30.96 23.16 5.71
N GLN C 553 31.74 23.48 6.73
CA GLN C 553 31.18 23.69 8.05
C GLN C 553 30.24 24.88 8.10
N LEU C 554 30.36 25.81 7.15
CA LEU C 554 29.44 26.94 7.13
C LEU C 554 28.01 26.49 6.86
N ILE C 555 27.84 25.43 6.09
CA ILE C 555 26.51 24.94 5.75
C ILE C 555 25.92 24.24 6.95
N ASN C 556 24.81 24.77 7.45
CA ASN C 556 24.16 24.15 8.59
C ASN C 556 23.51 22.83 8.16
N PRO C 557 23.77 21.74 8.86
CA PRO C 557 23.21 20.45 8.44
C PRO C 557 21.69 20.45 8.38
N GLN C 558 21.04 21.13 9.32
CA GLN C 558 19.58 21.10 9.40
C GLN C 558 18.92 21.95 8.34
N GLN C 559 19.67 22.77 7.62
CA GLN C 559 19.11 23.58 6.55
C GLN C 559 19.35 22.99 5.17
N ALA C 560 20.55 22.49 4.90
CA ALA C 560 20.89 21.92 3.61
C ALA C 560 21.65 20.61 3.82
N PRO C 561 20.96 19.56 4.26
CA PRO C 561 21.68 18.31 4.54
C PRO C 561 22.42 17.76 3.32
N LEU C 562 21.76 17.75 2.17
CA LEU C 562 22.36 17.14 0.99
C LEU C 562 23.56 17.94 0.51
N LEU C 563 23.40 19.25 0.39
CA LEU C 563 24.47 20.07 -0.17
C LEU C 563 25.73 19.99 0.68
N ARG C 564 25.58 20.02 2.01
CA ARG C 564 26.74 19.84 2.87
C ARG C 564 27.38 18.49 2.62
N ALA C 565 26.56 17.44 2.52
CA ALA C 565 27.10 16.12 2.23
C ALA C 565 27.80 16.12 0.88
N PHE C 566 27.21 16.76 -0.12
CA PHE C 566 27.81 16.79 -1.44
C PHE C 566 29.16 17.49 -1.40
N ALA C 567 29.22 18.64 -0.72
CA ALA C 567 30.48 19.36 -0.63
C ALA C 567 31.54 18.52 0.06
N GLU C 568 31.17 17.85 1.14
CA GLU C 568 32.12 17.00 1.84
C GLU C 568 32.59 15.86 0.95
N HIS C 569 31.66 15.26 0.19
CA HIS C 569 32.04 14.17 -0.70
C HIS C 569 33.04 14.63 -1.73
N ILE C 570 32.83 15.80 -2.32
CA ILE C 570 33.73 16.28 -3.36
C ILE C 570 35.11 16.57 -2.79
N ARG C 571 35.15 17.31 -1.68
CA ARG C 571 36.44 17.69 -1.11
C ARG C 571 37.22 16.47 -0.62
N ALA C 572 36.53 15.36 -0.34
CA ALA C 572 37.20 14.20 0.23
C ALA C 572 37.62 13.18 -0.81
N ASN C 573 36.89 13.04 -1.91
CA ASN C 573 37.13 11.97 -2.85
C ASN C 573 37.65 12.43 -4.20
N TRP C 574 37.88 13.72 -4.38
CA TRP C 574 38.46 14.18 -5.63
C TRP C 574 39.88 13.63 -5.75
N PRO C 575 40.27 13.10 -6.89
CA PRO C 575 41.53 12.38 -6.99
C PRO C 575 42.73 13.27 -6.70
N GLN C 576 43.86 12.62 -6.45
CA GLN C 576 45.08 13.30 -6.06
C GLN C 576 46.07 13.28 -7.21
N PRO C 577 46.56 14.44 -7.65
CA PRO C 577 47.58 14.45 -8.71
C PRO C 577 48.84 13.71 -8.29
N SER C 578 49.50 13.12 -9.27
CA SER C 578 50.72 12.35 -9.04
C SER C 578 51.70 12.67 -10.16
N GLU C 579 52.74 11.85 -10.29
CA GLU C 579 53.85 12.18 -11.16
C GLU C 579 54.52 10.91 -11.64
N PHE C 580 55.26 11.03 -12.74
CA PHE C 580 56.12 9.94 -13.22
C PHE C 580 57.15 10.52 -14.17
N GLY C 581 58.14 9.70 -14.49
CA GLY C 581 59.23 10.11 -15.35
C GLY C 581 59.07 9.59 -16.78
N TYR C 582 59.83 10.20 -17.69
CA TYR C 582 59.77 9.83 -19.09
C TYR C 582 61.08 10.22 -19.75
N GLY C 583 61.30 9.68 -20.94
CA GLY C 583 62.49 10.02 -21.67
C GLY C 583 63.75 9.49 -21.01
N SER C 584 64.87 10.08 -21.39
CA SER C 584 66.17 9.68 -20.87
C SER C 584 66.93 10.92 -20.43
N THR C 585 67.48 10.88 -19.21
CA THR C 585 68.28 12.00 -18.72
C THR C 585 69.51 12.23 -19.59
N LEU C 586 70.08 11.16 -20.15
CA LEU C 586 71.25 11.34 -21.01
C LEU C 586 70.93 12.19 -22.22
N GLN C 587 69.69 12.16 -22.69
CA GLN C 587 69.29 12.93 -23.85
C GLN C 587 68.83 14.33 -23.51
N GLY C 588 68.45 14.57 -22.26
CA GLY C 588 67.85 15.84 -21.89
C GLY C 588 66.37 15.85 -22.09
N SER C 589 65.76 16.99 -21.77
CA SER C 589 64.31 17.12 -21.86
C SER C 589 63.95 18.55 -22.21
N ALA C 590 62.75 18.73 -22.75
CA ALA C 590 62.26 20.02 -23.17
C ALA C 590 61.29 20.64 -22.17
N ASN C 591 61.21 20.09 -20.96
CA ASN C 591 60.31 20.64 -19.96
C ASN C 591 60.71 22.07 -19.61
N LEU C 592 59.71 22.92 -19.40
CA LEU C 592 59.96 24.29 -18.97
C LEU C 592 59.69 24.48 -17.48
N PHE C 593 58.47 24.25 -17.04
CA PHE C 593 58.13 24.45 -15.64
C PHE C 593 58.35 23.19 -14.82
N ILE C 594 57.90 22.05 -15.33
CA ILE C 594 58.11 20.77 -14.67
C ILE C 594 59.60 20.46 -14.72
N PRO C 595 60.17 19.81 -13.70
CA PRO C 595 61.55 19.37 -13.80
C PRO C 595 61.73 18.44 -14.98
N PRO C 596 62.90 18.45 -15.60
CA PRO C 596 63.07 17.71 -16.86
C PRO C 596 62.84 16.22 -16.67
N ASN C 597 62.37 15.59 -17.74
CA ASN C 597 62.14 14.15 -17.82
C ASN C 597 61.09 13.67 -16.83
N ARG C 598 60.25 14.58 -16.35
CA ARG C 598 59.15 14.22 -15.47
C ARG C 598 57.84 14.70 -16.08
N MET C 599 56.75 14.05 -15.67
CA MET C 599 55.42 14.44 -16.12
C MET C 599 54.45 14.38 -14.95
N VAL C 600 53.55 15.34 -14.89
CA VAL C 600 52.52 15.37 -13.87
C VAL C 600 51.30 14.63 -14.38
N TYR C 601 50.46 14.19 -13.45
CA TYR C 601 49.37 13.32 -13.79
C TYR C 601 48.21 13.55 -12.83
N PRO C 602 47.00 13.81 -13.34
CA PRO C 602 45.90 14.16 -12.44
C PRO C 602 45.54 13.09 -11.44
N TRP C 603 45.68 11.83 -11.80
CA TRP C 603 45.31 10.72 -10.93
C TRP C 603 46.54 10.16 -10.25
N PRO C 604 46.35 9.38 -9.18
CA PRO C 604 47.46 8.57 -8.67
C PRO C 604 47.86 7.53 -9.69
N ASN C 605 49.12 7.14 -9.65
CA ASN C 605 49.66 6.22 -10.63
C ASN C 605 50.54 5.19 -9.94
N GLN C 606 50.81 4.11 -10.66
CA GLN C 606 51.61 3.00 -10.15
C GLN C 606 52.50 2.49 -11.26
N PRO C 607 53.59 1.81 -10.91
CA PRO C 607 54.39 1.15 -11.95
C PRO C 607 53.59 0.06 -12.62
N LEU C 608 54.07 -0.35 -13.79
CA LEU C 608 53.36 -1.36 -14.56
C LEU C 608 53.33 -2.67 -13.78
N PRO C 609 52.20 -3.35 -13.73
CA PRO C 609 52.12 -4.62 -12.99
C PRO C 609 53.03 -5.67 -13.61
N ARG C 610 53.20 -6.77 -12.87
CA ARG C 610 54.13 -7.80 -13.29
C ARG C 610 53.44 -8.91 -14.07
N LEU C 611 52.48 -9.59 -13.46
CA LEU C 611 51.76 -10.68 -14.09
C LEU C 611 50.47 -10.17 -14.73
N THR C 612 49.58 -11.08 -15.09
CA THR C 612 48.36 -10.71 -15.81
C THR C 612 47.52 -9.73 -15.01
N VAL C 613 46.80 -8.88 -15.75
CA VAL C 613 45.93 -7.86 -15.16
C VAL C 613 44.58 -8.47 -14.81
N ALA C 614 43.79 -7.72 -14.05
CA ALA C 614 42.43 -8.11 -13.70
C ALA C 614 41.69 -6.88 -13.18
N PRO C 615 40.38 -6.83 -13.30
CA PRO C 615 39.64 -5.70 -12.72
C PRO C 615 39.87 -5.63 -11.22
N THR C 616 39.99 -4.40 -10.72
CA THR C 616 40.21 -4.17 -9.30
C THR C 616 39.22 -3.12 -8.82
N TYR C 617 39.19 -2.93 -7.50
CA TYR C 617 38.16 -2.10 -6.90
C TYR C 617 38.70 -1.13 -5.86
N ASP C 618 40.01 -0.94 -5.79
CA ASP C 618 40.61 -0.01 -4.85
C ASP C 618 41.29 1.16 -5.54
N SER C 619 41.20 1.27 -6.86
CA SER C 619 41.78 2.40 -7.54
C SER C 619 41.03 3.67 -7.16
N ALA C 620 41.68 4.81 -7.40
CA ALA C 620 41.07 6.09 -7.07
C ALA C 620 39.76 6.27 -7.82
N MET C 621 39.77 5.96 -9.12
CA MET C 621 38.57 6.18 -9.93
C MET C 621 37.43 5.30 -9.45
N SER C 622 37.70 4.02 -9.20
CA SER C 622 36.66 3.13 -8.72
C SER C 622 36.07 3.65 -7.42
N ASN C 623 36.93 4.14 -6.53
CA ASN C 623 36.44 4.73 -5.29
C ASN C 623 35.56 5.94 -5.59
N TRP C 624 35.99 6.80 -6.51
CA TRP C 624 35.20 7.97 -6.83
C TRP C 624 33.84 7.57 -7.38
N ILE C 625 33.80 6.55 -8.22
CA ILE C 625 32.54 6.08 -8.79
C ILE C 625 31.61 5.60 -7.69
N SER C 626 32.12 4.72 -6.84
CA SER C 626 31.27 4.10 -5.82
C SER C 626 30.66 5.15 -4.90
N THR C 627 31.49 6.07 -4.41
CA THR C 627 30.98 7.09 -3.50
C THR C 627 29.95 7.96 -4.19
N THR C 628 30.22 8.35 -5.43
CA THR C 628 29.26 9.20 -6.16
C THR C 628 27.92 8.51 -6.30
N ILE C 629 27.93 7.24 -6.69
CA ILE C 629 26.68 6.49 -6.81
C ILE C 629 25.99 6.41 -5.46
N ALA C 630 26.76 6.11 -4.41
CA ALA C 630 26.17 6.01 -3.09
C ALA C 630 25.50 7.32 -2.69
N PHE C 631 26.15 8.45 -2.99
CA PHE C 631 25.58 9.73 -2.63
C PHE C 631 24.25 9.97 -3.36
N PHE C 632 24.24 9.77 -4.68
CA PHE C 632 23.02 10.02 -5.43
C PHE C 632 21.90 9.11 -4.97
N ILE C 633 22.23 7.87 -4.62
CA ILE C 633 21.23 6.97 -4.06
C ILE C 633 20.64 7.58 -2.80
N ARG C 634 21.49 8.15 -1.95
CA ARG C 634 20.98 8.86 -0.79
C ARG C 634 20.08 10.02 -1.20
N VAL C 635 20.45 10.70 -2.29
CA VAL C 635 19.65 11.85 -2.74
C VAL C 635 18.26 11.40 -3.17
N VAL C 636 18.20 10.38 -4.03
CA VAL C 636 16.90 9.97 -4.55
C VAL C 636 16.02 9.43 -3.43
N ASN C 637 16.62 8.88 -2.39
CA ASN C 637 15.84 8.40 -1.25
C ASN C 637 15.54 9.49 -0.24
N SER C 638 15.98 10.72 -0.49
CA SER C 638 15.70 11.79 0.45
C SER C 638 14.22 12.13 0.44
N VAL C 639 13.82 12.87 1.47
CA VAL C 639 12.41 13.24 1.62
C VAL C 639 11.95 14.09 0.46
N ASN C 640 12.85 14.88 -0.13
CA ASN C 640 12.46 15.79 -1.20
C ASN C 640 11.86 15.07 -2.38
N MET C 641 12.27 13.84 -2.63
CA MET C 641 11.75 13.07 -3.75
C MET C 641 10.57 12.18 -3.38
N THR C 642 10.51 11.70 -2.14
CA THR C 642 9.44 10.80 -1.75
C THR C 642 8.08 11.45 -1.86
N ALA C 643 8.02 12.78 -1.72
CA ALA C 643 6.74 13.47 -1.74
C ALA C 643 6.05 13.33 -3.10
N THR C 644 6.83 13.42 -4.18
CA THR C 644 6.25 13.45 -5.52
C THR C 644 6.60 12.26 -6.38
N VAL C 645 7.68 11.54 -6.10
CA VAL C 645 8.10 10.43 -6.93
C VAL C 645 7.50 9.15 -6.40
N ASN C 646 6.89 8.37 -7.30
CA ASN C 646 6.30 7.10 -6.92
C ASN C 646 7.38 6.16 -6.38
N ASP C 647 6.98 5.36 -5.38
CA ASP C 647 7.95 4.48 -4.73
C ASP C 647 8.50 3.45 -5.70
N LEU C 648 7.65 2.89 -6.56
CA LEU C 648 8.12 1.88 -7.50
C LEU C 648 9.21 2.45 -8.40
N THR C 649 8.97 3.62 -8.97
CA THR C 649 9.99 4.28 -9.76
C THR C 649 11.22 4.56 -8.92
N ARG C 650 11.02 5.04 -7.70
CA ARG C 650 12.14 5.25 -6.80
C ARG C 650 12.90 3.96 -6.57
N ARG C 651 12.18 2.86 -6.37
CA ARG C 651 12.83 1.57 -6.24
C ARG C 651 13.57 1.19 -7.51
N THR C 652 12.96 1.48 -8.66
CA THR C 652 13.62 1.14 -9.91
C THR C 652 14.88 1.96 -10.11
N MET C 653 14.79 3.28 -9.85
CA MET C 653 15.93 4.14 -10.13
C MET C 653 17.12 3.81 -9.26
N THR C 654 16.88 3.50 -7.98
CA THR C 654 18.00 3.08 -7.15
C THR C 654 18.53 1.74 -7.60
N GLY C 655 17.69 0.92 -8.21
CA GLY C 655 18.15 -0.36 -8.73
C GLY C 655 19.16 -0.19 -9.84
N VAL C 656 18.82 0.60 -10.85
CA VAL C 656 19.71 0.76 -11.99
C VAL C 656 21.01 1.41 -11.56
N MET C 657 20.93 2.40 -10.67
CA MET C 657 22.15 3.02 -10.16
C MET C 657 23.01 1.99 -9.46
N THR C 658 22.40 1.11 -8.67
CA THR C 658 23.15 0.05 -8.03
C THR C 658 23.83 -0.83 -9.06
N ALA C 659 23.12 -1.15 -10.15
CA ALA C 659 23.68 -2.01 -11.17
C ALA C 659 24.94 -1.39 -11.76
N MET C 660 24.91 -0.09 -12.03
CA MET C 660 26.06 0.56 -12.62
C MET C 660 27.26 0.47 -11.69
N ARG C 661 27.05 0.67 -10.39
CA ARG C 661 28.16 0.63 -9.46
C ARG C 661 28.79 -0.75 -9.36
N GLN C 662 28.10 -1.79 -9.80
CA GLN C 662 28.60 -3.15 -9.69
C GLN C 662 29.24 -3.67 -10.96
N VAL C 663 29.26 -2.87 -12.03
CA VAL C 663 29.88 -3.32 -13.27
C VAL C 663 31.38 -3.45 -13.05
N LYS C 664 31.93 -4.61 -13.41
CA LYS C 664 33.36 -4.85 -13.24
C LYS C 664 34.13 -4.27 -14.43
N THR C 665 34.13 -2.94 -14.49
CA THR C 665 34.83 -2.26 -15.58
C THR C 665 36.33 -2.36 -15.39
N MET C 666 37.05 -2.35 -16.52
CA MET C 666 38.50 -2.41 -16.51
C MET C 666 39.14 -1.04 -16.45
N THR C 667 38.44 0.00 -16.89
CA THR C 667 39.03 1.33 -17.03
C THR C 667 39.75 1.83 -15.80
N PRO C 668 39.17 1.76 -14.59
CA PRO C 668 39.88 2.32 -13.43
C PRO C 668 41.26 1.73 -13.23
N PHE C 669 41.41 0.43 -13.45
CA PHE C 669 42.72 -0.17 -13.36
C PHE C 669 43.64 0.39 -14.43
N TYR C 670 43.14 0.53 -15.65
CA TYR C 670 43.97 0.99 -16.76
C TYR C 670 44.51 2.39 -16.49
N ILE C 671 43.67 3.26 -15.93
CA ILE C 671 44.11 4.62 -15.66
C ILE C 671 45.28 4.63 -14.68
N GLN C 672 45.18 3.83 -13.62
CA GLN C 672 46.17 3.90 -12.56
C GLN C 672 47.47 3.21 -12.93
N HIS C 673 47.42 2.17 -13.74
CA HIS C 673 48.59 1.32 -13.91
C HIS C 673 49.17 1.30 -15.32
N MET C 674 48.34 1.46 -16.35
CA MET C 674 48.82 1.24 -17.70
C MET C 674 48.88 2.51 -18.53
N CYS C 675 47.87 3.37 -18.44
CA CYS C 675 47.90 4.62 -19.18
C CYS C 675 49.17 5.43 -18.98
N PRO C 676 49.70 5.59 -17.77
CA PRO C 676 50.94 6.37 -17.63
C PRO C 676 52.08 5.85 -18.50
N THR C 677 52.20 4.54 -18.63
CA THR C 677 53.26 3.99 -19.47
C THR C 677 53.09 4.43 -20.91
N GLU C 678 51.86 4.33 -21.43
CA GLU C 678 51.62 4.72 -22.82
C GLU C 678 51.99 6.18 -23.05
N LEU C 679 51.60 7.05 -22.12
CA LEU C 679 51.96 8.45 -22.25
C LEU C 679 53.47 8.63 -22.21
N SER C 680 54.13 7.96 -21.28
CA SER C 680 55.57 8.15 -21.11
C SER C 680 56.32 7.78 -22.39
N VAL C 681 55.89 6.70 -23.04
CA VAL C 681 56.54 6.30 -24.27
C VAL C 681 56.22 7.27 -25.40
N LEU C 682 54.93 7.57 -25.60
CA LEU C 682 54.55 8.43 -26.71
C LEU C 682 55.10 9.83 -26.57
N ALA C 683 55.49 10.23 -25.35
CA ALA C 683 56.07 11.55 -25.16
C ALA C 683 57.33 11.72 -26.00
N SER C 684 58.03 10.64 -26.30
CA SER C 684 59.24 10.69 -27.09
C SER C 684 58.98 10.58 -28.58
N VAL C 685 57.73 10.48 -29.00
CA VAL C 685 57.38 10.21 -30.39
C VAL C 685 56.75 11.42 -31.05
N THR C 686 55.79 12.05 -30.38
CA THR C 686 55.08 13.17 -30.99
C THR C 686 56.06 14.26 -31.38
N VAL C 687 55.80 14.89 -32.53
CA VAL C 687 56.71 15.90 -33.05
C VAL C 687 56.84 17.06 -32.08
N THR C 688 55.83 17.30 -31.26
CA THR C 688 55.90 18.33 -30.23
C THR C 688 55.99 17.67 -28.87
N PRO C 689 57.04 17.92 -28.12
CA PRO C 689 57.16 17.32 -26.79
C PRO C 689 56.05 17.80 -25.88
N PRO C 690 55.74 17.05 -24.82
CA PRO C 690 54.69 17.48 -23.90
C PRO C 690 55.04 18.80 -23.26
N PHE C 691 54.01 19.58 -22.93
CA PHE C 691 54.17 20.93 -22.39
C PHE C 691 53.16 21.10 -21.26
N GLN C 692 53.58 20.79 -20.05
CA GLN C 692 52.68 20.69 -18.91
C GLN C 692 52.88 21.85 -17.95
N VAL C 693 51.97 21.91 -16.98
CA VAL C 693 52.02 22.86 -15.88
C VAL C 693 51.39 22.13 -14.70
N PRO C 694 51.81 22.39 -13.46
CA PRO C 694 51.38 21.53 -12.35
C PRO C 694 49.87 21.47 -12.21
N PHE C 695 49.37 20.27 -11.92
CA PHE C 695 47.96 20.08 -11.59
C PHE C 695 47.73 20.52 -10.15
N THR C 696 46.95 21.58 -9.97
CA THR C 696 46.49 21.93 -8.63
C THR C 696 45.16 21.25 -8.36
N ARG C 697 44.74 21.27 -7.10
CA ARG C 697 43.55 20.52 -6.70
C ARG C 697 42.87 21.27 -5.57
N LEU C 698 41.76 21.92 -5.87
CA LEU C 698 40.88 22.53 -4.88
C LEU C 698 41.55 23.61 -4.06
N VAL C 699 42.76 24.02 -4.41
CA VAL C 699 43.44 25.09 -3.70
C VAL C 699 43.13 26.40 -4.42
N GLN C 700 42.30 27.24 -3.80
CA GLN C 700 41.83 28.44 -4.47
C GLN C 700 42.99 29.36 -4.82
N ASN C 701 43.93 29.55 -3.89
CA ASN C 701 45.03 30.47 -4.15
C ASN C 701 45.99 29.95 -5.20
N ASP C 702 45.97 28.65 -5.51
CA ASP C 702 46.92 28.08 -6.44
C ASP C 702 46.35 27.86 -7.83
N VAL C 703 45.10 28.25 -8.07
CA VAL C 703 44.54 28.09 -9.41
C VAL C 703 45.36 28.90 -10.39
N ILE C 704 45.83 28.25 -11.45
CA ILE C 704 46.66 28.90 -12.45
C ILE C 704 45.74 29.60 -13.43
N THR C 705 45.68 30.93 -13.34
CA THR C 705 44.81 31.68 -14.23
C THR C 705 45.38 31.76 -15.64
N ASN C 706 46.67 31.99 -15.76
CA ASN C 706 47.27 32.23 -17.06
C ASN C 706 48.64 31.57 -17.13
N VAL C 707 48.99 31.10 -18.32
CA VAL C 707 50.34 30.66 -18.64
C VAL C 707 50.87 31.57 -19.73
N LEU C 708 52.07 32.11 -19.52
CA LEU C 708 52.51 33.27 -20.28
C LEU C 708 53.85 32.99 -20.95
N VAL C 709 54.13 33.79 -21.99
CA VAL C 709 55.38 33.74 -22.72
C VAL C 709 55.62 35.12 -23.31
N ALA C 710 56.89 35.52 -23.39
CA ALA C 710 57.26 36.84 -23.85
C ALA C 710 58.34 36.74 -24.92
N ARG C 711 58.14 37.44 -26.03
CA ARG C 711 59.16 37.55 -27.06
C ARG C 711 60.20 38.60 -26.73
N VAL C 712 59.92 39.47 -25.79
CA VAL C 712 60.70 40.68 -25.57
C VAL C 712 61.13 40.76 -24.12
N ASP C 713 62.32 41.30 -23.89
CA ASP C 713 62.80 41.51 -22.54
C ASP C 713 62.06 42.71 -21.93
N PRO C 714 61.32 42.52 -20.85
CA PRO C 714 60.63 43.67 -20.23
C PRO C 714 61.58 44.63 -19.55
N ALA C 715 62.83 44.24 -19.30
CA ALA C 715 63.74 45.10 -18.57
C ALA C 715 64.12 46.33 -19.40
N GLN C 716 64.40 46.14 -20.68
CA GLN C 716 64.91 47.24 -21.50
C GLN C 716 63.89 48.38 -21.56
N ARG C 717 62.67 48.06 -21.98
CA ARG C 717 61.62 49.05 -21.88
C ARG C 717 61.23 49.23 -20.42
N GLY C 718 60.57 50.34 -20.12
CA GLY C 718 60.23 50.65 -18.75
C GLY C 718 59.15 49.77 -18.17
N ASP C 719 59.37 48.46 -18.17
CA ASP C 719 58.41 47.50 -17.64
C ASP C 719 59.07 46.59 -16.61
N ALA C 720 59.83 47.19 -15.71
CA ALA C 720 60.54 46.39 -14.71
C ALA C 720 59.60 45.86 -13.64
N ALA C 721 58.64 46.67 -13.21
CA ALA C 721 57.82 46.36 -12.05
C ALA C 721 56.35 46.55 -12.36
N VAL C 722 55.91 45.98 -13.47
CA VAL C 722 54.51 46.07 -13.88
C VAL C 722 53.93 44.66 -13.88
N ASP C 723 52.61 44.58 -14.04
CA ASP C 723 51.92 43.30 -14.01
C ASP C 723 52.47 42.36 -15.06
N ILE C 724 52.62 41.10 -14.69
CA ILE C 724 53.15 40.11 -15.61
C ILE C 724 52.20 39.92 -16.79
N ARG C 725 50.89 40.00 -16.53
CA ARG C 725 49.92 39.82 -17.60
C ARG C 725 50.04 40.90 -18.67
N ALA C 726 50.64 42.04 -18.34
CA ALA C 726 50.78 43.13 -19.28
C ALA C 726 52.09 43.08 -20.05
N THR C 727 52.91 42.06 -19.84
CA THR C 727 54.20 41.96 -20.51
C THR C 727 54.36 40.70 -21.34
N HIS C 728 53.73 39.61 -20.94
CA HIS C 728 53.90 38.33 -21.62
C HIS C 728 52.60 37.94 -22.31
N ALA C 729 52.70 37.43 -23.52
CA ALA C 729 51.53 36.93 -24.22
C ALA C 729 50.99 35.70 -23.51
N THR C 730 49.68 35.55 -23.57
CA THR C 730 48.99 34.45 -22.91
C THR C 730 48.42 33.49 -23.94
N PHE C 731 48.27 32.24 -23.53
CA PHE C 731 47.61 31.24 -24.35
C PHE C 731 46.11 31.24 -24.06
N ALA C 732 45.34 30.84 -25.06
CA ALA C 732 43.88 30.80 -24.92
C ALA C 732 43.36 29.71 -25.85
N ALA C 733 43.05 28.56 -25.29
CA ALA C 733 42.56 27.43 -26.08
C ALA C 733 41.83 26.48 -25.17
N ALA C 734 40.60 26.13 -25.53
CA ALA C 734 39.80 25.22 -24.73
C ALA C 734 39.01 24.29 -25.65
N LEU C 735 38.83 23.05 -25.19
CA LEU C 735 38.11 22.05 -25.95
C LEU C 735 36.91 21.59 -25.16
N PRO C 736 35.68 21.85 -25.62
CA PRO C 736 34.52 21.29 -24.96
C PRO C 736 34.47 19.78 -25.14
N VAL C 737 34.09 19.07 -24.09
CA VAL C 737 33.99 17.62 -24.13
C VAL C 737 32.62 17.22 -23.61
N ASP C 738 32.12 16.10 -24.14
CA ASP C 738 30.79 15.64 -23.79
C ASP C 738 30.85 14.67 -22.64
N PRO C 739 30.15 14.92 -21.53
CA PRO C 739 30.23 14.00 -20.39
C PRO C 739 29.77 12.59 -20.72
N ALA C 740 28.74 12.45 -21.55
CA ALA C 740 28.16 11.12 -21.77
C ALA C 740 29.20 10.17 -22.35
N ALA C 741 29.98 10.65 -23.32
CA ALA C 741 31.03 9.82 -23.89
C ALA C 741 32.03 9.41 -22.82
N ILE C 742 32.38 10.34 -21.93
CA ILE C 742 33.30 10.02 -20.84
C ILE C 742 32.73 8.92 -19.97
N VAL C 743 31.46 9.05 -19.61
CA VAL C 743 30.83 8.08 -18.73
C VAL C 743 30.80 6.70 -19.39
N VAL C 744 30.41 6.66 -20.66
CA VAL C 744 30.32 5.38 -21.36
C VAL C 744 31.68 4.71 -21.39
N ALA C 745 32.72 5.46 -21.76
CA ALA C 745 34.06 4.91 -21.77
C ALA C 745 34.49 4.47 -20.38
N MET C 746 34.12 5.24 -19.37
CA MET C 746 34.52 4.91 -18.01
C MET C 746 33.95 3.59 -17.56
N LEU C 747 32.69 3.31 -17.93
CA LEU C 747 32.03 2.11 -17.44
C LEU C 747 32.17 0.92 -18.37
N CYS C 748 32.26 1.15 -19.68
CA CYS C 748 32.26 0.05 -20.64
C CYS C 748 33.66 -0.33 -21.09
N GLY C 749 34.65 -0.19 -20.21
CA GLY C 749 36.01 -0.56 -20.53
C GLY C 749 36.26 -2.03 -20.29
N GLN C 750 37.02 -2.64 -21.20
CA GLN C 750 37.19 -4.09 -21.15
C GLN C 750 38.46 -4.46 -21.90
N THR C 751 39.00 -5.63 -21.56
CA THR C 751 40.20 -6.17 -22.18
C THR C 751 40.03 -7.67 -22.38
N GLU C 752 41.00 -8.27 -23.06
CA GLU C 752 41.02 -9.71 -23.18
C GLU C 752 41.41 -10.34 -21.85
N THR C 753 41.32 -11.67 -21.79
CA THR C 753 41.28 -12.36 -20.51
C THR C 753 42.64 -12.42 -19.83
N ASN C 754 43.65 -12.94 -20.51
CA ASN C 754 44.93 -13.20 -19.86
C ASN C 754 46.01 -12.27 -20.39
N LEU C 755 45.67 -11.00 -20.55
CA LEU C 755 46.62 -10.03 -21.08
C LEU C 755 47.79 -9.84 -20.13
N ILE C 756 48.99 -9.82 -20.71
CA ILE C 756 50.21 -9.44 -19.99
C ILE C 756 50.70 -8.14 -20.62
N PRO C 757 50.62 -7.01 -19.91
CA PRO C 757 50.87 -5.72 -20.58
C PRO C 757 52.24 -5.62 -21.22
N SER C 758 53.27 -6.12 -20.55
CA SER C 758 54.63 -5.92 -21.05
C SER C 758 54.79 -6.51 -22.44
N HIS C 759 54.31 -7.74 -22.62
CA HIS C 759 54.40 -8.36 -23.94
C HIS C 759 53.60 -7.57 -24.97
N HIS C 760 52.39 -7.16 -24.61
CA HIS C 760 51.54 -6.45 -25.57
C HIS C 760 52.19 -5.16 -26.03
N TYR C 761 52.63 -4.33 -25.08
CA TYR C 761 53.24 -3.07 -25.45
C TYR C 761 54.52 -3.27 -26.26
N GLY C 762 55.35 -4.22 -25.83
CA GLY C 762 56.57 -4.48 -26.57
C GLY C 762 56.32 -4.84 -28.01
N LYS C 763 55.31 -5.68 -28.24
CA LYS C 763 54.92 -5.98 -29.61
C LYS C 763 54.39 -4.73 -30.31
N ALA C 764 53.65 -3.90 -29.57
CA ALA C 764 53.04 -2.72 -30.19
C ALA C 764 54.08 -1.65 -30.50
N PHE C 765 55.06 -1.46 -29.60
CA PHE C 765 55.99 -0.35 -29.73
C PHE C 765 57.16 -0.64 -30.64
N ALA C 766 57.27 -1.86 -31.16
CA ALA C 766 58.42 -2.21 -31.99
C ALA C 766 58.66 -1.25 -33.15
N PRO C 767 57.67 -0.85 -33.94
CA PRO C 767 57.98 -0.02 -35.12
C PRO C 767 58.62 1.31 -34.78
N LEU C 768 58.34 1.88 -33.62
CA LEU C 768 58.74 3.25 -33.34
C LEU C 768 60.25 3.42 -33.36
N PHE C 769 60.95 2.59 -32.60
CA PHE C 769 62.36 2.84 -32.31
C PHE C 769 63.25 2.10 -33.30
N ALA C 770 63.04 2.46 -34.57
CA ALA C 770 63.88 1.99 -35.67
C ALA C 770 64.10 3.11 -36.68
N SER C 771 64.15 4.36 -36.22
CA SER C 771 64.26 5.49 -37.13
C SER C 771 65.01 6.62 -36.45
N ASN C 772 65.49 7.56 -37.26
CA ASN C 772 66.26 8.70 -36.77
C ASN C 772 65.38 9.90 -36.45
N ALA C 773 64.06 9.77 -36.55
CA ALA C 773 63.19 10.91 -36.39
C ALA C 773 63.40 11.59 -35.05
N MET C 774 63.67 10.81 -34.01
CA MET C 774 63.92 11.39 -32.69
C MET C 774 65.17 12.26 -32.68
N PHE C 775 66.10 12.03 -33.59
CA PHE C 775 67.37 12.73 -33.56
C PHE C 775 67.38 13.99 -34.43
N THR C 776 66.65 13.99 -35.54
CA THR C 776 66.60 15.17 -36.38
C THR C 776 66.12 16.38 -35.60
N ARG C 777 65.22 16.17 -34.65
CA ARG C 777 64.78 17.27 -33.80
C ARG C 777 65.95 17.88 -33.04
N ASN C 778 66.81 17.02 -32.48
CA ASN C 778 67.99 17.53 -31.78
C ASN C 778 68.87 18.32 -32.74
N GLN C 779 69.06 17.81 -33.95
CA GLN C 779 69.90 18.51 -34.92
C GLN C 779 69.31 19.87 -35.27
N ARG C 780 67.99 19.94 -35.43
CA ARG C 780 67.37 21.24 -35.66
C ARG C 780 67.60 22.17 -34.48
N ALA C 781 67.50 21.64 -33.26
CA ALA C 781 67.67 22.48 -32.10
C ALA C 781 69.06 23.11 -32.06
N VAL C 782 70.09 22.33 -32.38
CA VAL C 782 71.45 22.86 -32.32
C VAL C 782 71.61 24.02 -33.28
N ILE C 783 71.14 23.85 -34.52
CA ILE C 783 71.20 24.93 -35.48
C ILE C 783 70.41 26.12 -34.98
N THR C 784 69.26 25.86 -34.37
CA THR C 784 68.42 26.94 -33.85
C THR C 784 69.19 27.78 -32.85
N ARG C 785 69.92 27.13 -31.94
CA ARG C 785 70.68 27.86 -30.94
C ARG C 785 71.71 28.75 -31.61
N GLU C 786 72.54 28.18 -32.49
CA GLU C 786 73.59 28.95 -33.11
C GLU C 786 73.02 30.12 -33.91
N ALA C 787 71.94 29.87 -34.65
CA ALA C 787 71.30 30.96 -35.38
C ALA C 787 70.84 32.07 -34.45
N PHE C 788 70.21 31.68 -33.34
CA PHE C 788 69.68 32.68 -32.42
C PHE C 788 70.81 33.51 -31.81
N VAL C 789 71.89 32.85 -31.39
CA VAL C 789 72.99 33.57 -30.77
C VAL C 789 73.63 34.53 -31.77
N CYS C 790 73.93 34.03 -32.96
CA CYS C 790 74.57 34.87 -33.95
C CYS C 790 73.68 36.06 -34.32
N ALA C 791 72.38 35.82 -34.49
CA ALA C 791 71.47 36.90 -34.84
C ALA C 791 71.48 37.97 -33.76
N ARG C 792 71.39 37.55 -32.50
CA ARG C 792 71.46 38.51 -31.41
C ARG C 792 72.78 39.26 -31.44
N SER C 793 73.87 38.53 -31.64
CA SER C 793 75.19 39.17 -31.66
C SER C 793 75.28 40.19 -32.78
N ALA C 794 74.80 39.81 -33.97
CA ALA C 794 74.90 40.71 -35.11
C ALA C 794 74.12 42.00 -34.87
N VAL C 795 72.87 41.86 -34.42
CA VAL C 795 72.05 43.04 -34.19
C VAL C 795 72.66 43.92 -33.12
N ALA C 796 73.14 43.31 -32.03
CA ALA C 796 73.68 44.09 -30.93
C ALA C 796 74.88 44.93 -31.39
N GLN C 797 75.75 44.35 -32.20
CA GLN C 797 76.93 45.09 -32.63
C GLN C 797 76.59 46.27 -33.51
N CYS C 798 75.44 46.23 -34.19
CA CYS C 798 75.00 47.39 -34.95
C CYS C 798 74.36 48.44 -34.06
N GLN C 799 73.84 48.04 -32.90
CA GLN C 799 73.43 49.00 -31.90
C GLN C 799 74.67 49.52 -31.19
N ASP C 800 74.49 50.21 -30.07
CA ASP C 800 75.62 50.81 -29.38
C ASP C 800 75.99 50.12 -28.08
N ALA C 801 75.06 49.47 -27.40
CA ALA C 801 75.36 48.95 -26.07
C ALA C 801 74.74 47.62 -25.71
N GLY C 802 74.20 46.86 -26.66
CA GLY C 802 73.29 45.78 -26.29
C GLY C 802 74.00 44.55 -25.76
N PHE C 803 73.40 43.96 -24.72
CA PHE C 803 73.55 42.56 -24.36
C PHE C 803 74.98 42.13 -24.03
N LEU C 804 75.86 43.07 -23.70
CA LEU C 804 77.22 42.74 -23.27
C LEU C 804 77.94 41.87 -24.30
N VAL C 805 77.83 42.26 -25.57
CA VAL C 805 78.54 41.54 -26.61
C VAL C 805 79.84 42.28 -26.90
N PRO C 806 80.92 41.60 -27.24
CA PRO C 806 82.13 42.30 -27.65
C PRO C 806 81.91 43.03 -28.96
N ARG C 807 82.65 44.11 -29.14
CA ARG C 807 82.46 45.02 -30.27
C ARG C 807 83.79 45.26 -30.96
N PRO C 808 84.35 44.23 -31.61
CA PRO C 808 85.62 44.42 -32.33
C PRO C 808 85.51 45.36 -33.50
N LEU C 809 84.34 45.44 -34.13
CA LEU C 809 84.15 46.24 -35.33
C LEU C 809 83.62 47.63 -35.04
N ASP C 810 83.66 48.06 -33.78
CA ASP C 810 83.07 49.35 -33.43
C ASP C 810 83.77 50.51 -34.11
N ALA C 811 84.99 50.32 -34.60
CA ALA C 811 85.70 51.40 -35.26
C ALA C 811 85.05 51.83 -36.56
N LEU C 812 84.16 51.03 -37.11
CA LEU C 812 83.50 51.38 -38.36
C LEU C 812 82.34 52.34 -38.08
N ARG C 813 81.61 52.69 -39.13
CA ARG C 813 80.51 53.62 -39.04
C ARG C 813 79.18 52.88 -39.20
N GLN C 814 78.18 53.34 -38.44
CA GLN C 814 76.82 52.81 -38.56
C GLN C 814 75.89 53.89 -38.03
N PHE C 815 75.19 54.56 -38.94
CA PHE C 815 74.34 55.67 -38.51
C PHE C 815 72.96 55.21 -38.10
N ASP C 816 72.25 54.50 -38.97
CA ASP C 816 70.87 54.13 -38.71
C ASP C 816 70.83 53.01 -37.67
N VAL C 817 69.99 53.19 -36.66
CA VAL C 817 69.83 52.20 -35.60
C VAL C 817 68.35 51.96 -35.35
N THR C 818 67.51 52.36 -36.31
CA THR C 818 66.08 52.19 -36.14
C THR C 818 65.71 50.71 -36.10
N SER C 819 64.51 50.44 -35.60
CA SER C 819 64.02 49.08 -35.58
C SER C 819 63.98 48.48 -36.97
N ALA C 820 63.65 49.31 -37.97
CA ALA C 820 63.60 48.82 -39.34
C ALA C 820 64.95 48.26 -39.77
N ALA C 821 66.02 48.98 -39.44
CA ALA C 821 67.35 48.48 -39.77
C ALA C 821 67.63 47.15 -39.08
N ALA C 822 67.30 47.06 -37.80
CA ALA C 822 67.54 45.83 -37.06
C ALA C 822 66.73 44.68 -37.65
N ALA C 823 65.47 44.95 -37.99
CA ALA C 823 64.65 43.90 -38.57
C ALA C 823 65.25 43.39 -39.87
N GLU C 824 65.73 44.30 -40.71
CA GLU C 824 66.34 43.88 -41.96
C GLU C 824 67.58 43.04 -41.71
N ILE C 825 68.39 43.44 -40.73
CA ILE C 825 69.58 42.68 -40.41
C ILE C 825 69.22 41.27 -39.97
N MET C 826 68.23 41.15 -39.09
CA MET C 826 67.84 39.84 -38.60
C MET C 826 67.36 38.96 -39.73
N HIS C 827 66.58 39.52 -40.65
CA HIS C 827 66.12 38.74 -41.79
C HIS C 827 67.28 38.22 -42.61
N ALA C 828 68.26 39.08 -42.89
CA ALA C 828 69.41 38.64 -43.66
C ALA C 828 70.14 37.51 -42.97
N VAL C 829 70.34 37.63 -41.66
CA VAL C 829 70.99 36.56 -40.91
C VAL C 829 70.15 35.29 -40.98
N ASN C 830 68.84 35.42 -40.80
CA ASN C 830 67.98 34.24 -40.83
C ASN C 830 68.06 33.55 -42.17
N ASP C 831 68.01 34.33 -43.25
CA ASP C 831 68.13 33.74 -44.58
C ASP C 831 69.47 33.09 -44.79
N ALA C 832 70.53 33.70 -44.25
CA ALA C 832 71.87 33.14 -44.42
C ALA C 832 71.95 31.72 -43.88
N PHE C 833 71.48 31.52 -42.65
CA PHE C 833 71.52 30.18 -42.07
C PHE C 833 70.64 29.22 -42.85
N LYS C 834 69.44 29.66 -43.23
CA LYS C 834 68.54 28.80 -43.98
C LYS C 834 69.21 28.28 -45.24
N THR C 835 69.83 29.18 -46.00
CA THR C 835 70.54 28.76 -47.19
C THR C 835 71.72 27.86 -46.83
N ALA C 836 72.45 28.21 -45.78
CA ALA C 836 73.68 27.49 -45.46
C ALA C 836 73.40 26.05 -45.08
N PHE C 837 72.40 25.82 -44.24
CA PHE C 837 72.13 24.48 -43.74
C PHE C 837 70.95 23.81 -44.42
N ASP C 838 70.45 24.40 -45.51
CA ASP C 838 69.42 23.78 -46.33
C ASP C 838 68.16 23.48 -45.53
N LEU C 839 67.80 24.38 -44.63
CA LEU C 839 66.56 24.25 -43.90
C LEU C 839 65.41 24.86 -44.69
N ASP C 840 64.19 24.52 -44.27
CA ASP C 840 63.01 25.00 -44.99
C ASP C 840 61.96 25.57 -44.04
N GLY C 841 61.95 25.10 -42.79
CA GLY C 841 60.93 25.51 -41.85
C GLY C 841 61.04 26.94 -41.40
N ALA C 842 60.27 27.32 -40.38
CA ALA C 842 60.29 28.68 -39.87
C ALA C 842 61.37 28.78 -38.80
N LEU C 843 62.61 28.88 -39.27
CA LEU C 843 63.74 29.06 -38.36
C LEU C 843 63.84 30.51 -37.93
N LEU C 844 63.92 30.72 -36.62
CA LEU C 844 64.20 32.02 -36.02
C LEU C 844 63.16 33.08 -36.37
N ASP C 845 62.05 32.69 -37.00
CA ASP C 845 61.03 33.65 -37.34
C ASP C 845 60.17 33.94 -36.11
N GLY C 846 59.18 34.81 -36.29
CA GLY C 846 58.27 35.17 -35.22
C GLY C 846 58.87 36.02 -34.13
N LEU C 847 60.20 36.07 -34.01
CA LEU C 847 60.82 36.94 -33.02
C LEU C 847 60.49 38.38 -33.30
N ALA C 848 60.52 38.79 -34.56
CA ALA C 848 60.25 40.16 -34.95
C ALA C 848 58.76 40.40 -35.15
N LEU C 849 57.90 39.59 -34.54
CA LEU C 849 56.47 39.77 -34.70
C LEU C 849 56.03 41.15 -34.25
N TYR C 850 56.52 41.59 -33.10
CA TYR C 850 56.26 42.96 -32.66
C TYR C 850 57.08 43.98 -33.44
N GLY C 851 58.15 43.55 -34.09
CA GLY C 851 58.87 44.41 -35.00
C GLY C 851 60.06 45.14 -34.45
N ASP C 852 60.50 44.79 -33.24
CA ASP C 852 61.68 45.42 -32.67
C ASP C 852 62.67 44.37 -32.13
N PRO C 853 63.42 43.73 -33.03
CA PRO C 853 64.34 42.67 -32.59
C PRO C 853 65.43 43.17 -31.66
N ARG C 854 65.61 44.48 -31.53
CA ARG C 854 66.66 44.99 -30.65
C ARG C 854 66.48 44.54 -29.21
N ILE C 855 65.27 44.14 -28.84
CA ILE C 855 64.97 43.72 -27.48
C ILE C 855 64.50 42.27 -27.45
N ALA C 856 64.88 41.48 -28.45
CA ALA C 856 64.41 40.10 -28.52
C ALA C 856 65.00 39.29 -27.37
N ASP C 857 64.12 38.73 -26.55
CA ASP C 857 64.54 37.83 -25.49
C ASP C 857 63.37 36.95 -25.09
N LEU C 858 63.65 35.67 -24.90
CA LEU C 858 62.61 34.70 -24.62
C LEU C 858 62.47 34.48 -23.12
N SER C 859 61.23 34.26 -22.69
CA SER C 859 60.94 33.95 -21.30
C SER C 859 59.53 33.39 -21.22
N ALA C 860 59.26 32.66 -20.14
CA ALA C 860 57.97 32.05 -19.92
C ALA C 860 57.62 32.11 -18.45
N ALA C 861 56.32 32.11 -18.16
CA ALA C 861 55.85 32.19 -16.78
C ALA C 861 54.38 31.80 -16.76
N TYR C 862 53.89 31.55 -15.55
CA TYR C 862 52.46 31.36 -15.33
C TYR C 862 52.06 32.02 -14.03
N LEU C 863 50.80 32.41 -13.94
CA LEU C 863 50.29 33.21 -12.85
C LEU C 863 49.26 32.42 -12.05
N GLN C 864 49.37 32.48 -10.73
CA GLN C 864 48.42 31.85 -9.84
C GLN C 864 47.49 32.90 -9.26
N TYR C 865 46.27 32.47 -8.95
CA TYR C 865 45.27 33.39 -8.43
C TYR C 865 45.71 34.02 -7.13
N GLY C 866 46.55 33.33 -6.36
CA GLY C 866 47.06 33.91 -5.13
C GLY C 866 47.98 35.08 -5.34
N GLY C 867 48.38 35.36 -6.57
CA GLY C 867 49.29 36.43 -6.86
C GLY C 867 50.73 36.01 -7.05
N ASN C 868 51.01 34.71 -6.99
CA ASN C 868 52.36 34.21 -7.15
C ASN C 868 52.66 33.92 -8.62
N VAL C 869 53.91 34.15 -9.01
CA VAL C 869 54.39 33.90 -10.36
C VAL C 869 55.64 33.03 -10.28
N VAL C 870 56.06 32.54 -11.43
CA VAL C 870 57.23 31.66 -11.53
C VAL C 870 58.35 32.32 -12.33
N ARG C 871 58.07 32.67 -13.59
CA ARG C 871 58.99 33.47 -14.40
C ARG C 871 60.35 32.78 -14.57
N GLU C 872 60.32 31.67 -15.29
CA GLU C 872 61.55 30.98 -15.65
C GLU C 872 62.14 31.59 -16.92
N HIS C 873 63.45 31.78 -16.92
CA HIS C 873 64.16 32.33 -18.06
C HIS C 873 64.64 31.22 -18.98
N VAL C 874 64.85 31.57 -20.24
CA VAL C 874 65.37 30.63 -21.23
C VAL C 874 66.53 31.28 -21.97
N PRO C 875 67.72 31.37 -21.37
CA PRO C 875 68.85 31.95 -22.06
C PRO C 875 69.48 30.93 -23.00
N PRO C 876 70.19 31.37 -24.03
CA PRO C 876 70.88 30.44 -24.91
C PRO C 876 72.08 29.82 -24.22
N GLY C 877 72.52 28.69 -24.76
CA GLY C 877 73.69 28.02 -24.28
C GLY C 877 74.95 28.51 -24.96
N PRO C 878 76.09 27.92 -24.65
CA PRO C 878 77.33 28.31 -25.30
C PRO C 878 77.28 27.98 -26.79
N SER C 879 77.97 28.79 -27.58
CA SER C 879 77.96 28.65 -29.03
C SER C 879 79.39 28.57 -29.55
N HIS C 880 79.58 27.72 -30.55
CA HIS C 880 80.88 27.64 -31.21
C HIS C 880 81.01 28.67 -32.33
N ILE C 881 79.96 28.82 -33.15
CA ILE C 881 80.03 29.76 -34.26
C ILE C 881 80.20 31.18 -33.75
N HIS C 882 79.48 31.53 -32.68
CA HIS C 882 79.58 32.86 -32.11
C HIS C 882 81.03 33.22 -31.79
N ARG C 883 81.75 32.28 -31.17
CA ARG C 883 83.17 32.48 -30.90
C ARG C 883 83.93 32.68 -32.19
N THR C 884 83.68 31.83 -33.18
CA THR C 884 84.42 31.90 -34.43
C THR C 884 84.19 33.24 -35.11
N LEU C 885 82.93 33.68 -35.17
CA LEU C 885 82.63 34.95 -35.80
C LEU C 885 83.36 36.09 -35.13
N GLN C 886 83.48 36.03 -33.81
CA GLN C 886 84.27 37.04 -33.11
C GLN C 886 85.72 37.01 -33.57
N GLN C 887 86.27 35.81 -33.71
CA GLN C 887 87.67 35.70 -34.11
C GLN C 887 87.91 36.30 -35.48
N VAL C 888 87.06 35.96 -36.45
CA VAL C 888 87.28 36.45 -37.81
C VAL C 888 87.09 37.96 -37.86
N GLU C 889 86.14 38.48 -37.08
CA GLU C 889 85.98 39.93 -37.01
C GLU C 889 87.25 40.59 -36.51
N SER C 890 87.81 40.06 -35.44
CA SER C 890 89.06 40.62 -34.91
C SER C 890 90.16 40.54 -35.95
N THR C 891 90.20 39.45 -36.71
CA THR C 891 91.21 39.31 -37.75
C THR C 891 91.00 40.31 -38.88
N PHE C 892 89.76 40.63 -39.20
CA PHE C 892 89.49 41.52 -40.32
C PHE C 892 90.13 42.87 -40.13
N MET C 893 90.08 43.40 -38.90
CA MET C 893 90.63 44.73 -38.65
C MET C 893 92.11 44.79 -38.93
N ALA C 894 92.80 43.65 -38.97
CA ALA C 894 94.22 43.64 -39.27
C ALA C 894 94.53 43.40 -40.74
N GLU C 895 93.59 42.83 -41.50
CA GLU C 895 93.86 42.46 -42.89
C GLU C 895 92.76 42.97 -43.81
N MET C 896 92.19 44.13 -43.50
CA MET C 896 91.05 44.60 -44.27
C MET C 896 91.40 44.90 -45.72
N ASN C 897 92.67 45.22 -46.00
CA ASN C 897 93.06 45.50 -47.37
C ASN C 897 92.81 44.31 -48.27
N LEU C 898 92.85 43.09 -47.71
CA LEU C 898 92.59 41.90 -48.51
C LEU C 898 91.18 41.88 -49.05
N PHE C 899 90.28 42.65 -48.47
CA PHE C 899 88.89 42.69 -48.92
C PHE C 899 88.57 44.00 -49.63
N ASN C 900 89.58 44.61 -50.25
CA ASN C 900 89.42 45.84 -51.01
C ASN C 900 88.91 46.98 -50.14
N VAL C 901 89.22 46.96 -48.85
CA VAL C 901 88.79 47.98 -47.92
C VAL C 901 90.03 48.63 -47.33
N ALA C 902 90.01 49.97 -47.27
CA ALA C 902 91.13 50.74 -46.77
C ALA C 902 90.66 51.63 -45.62
N ARG C 903 91.61 52.01 -44.78
CA ARG C 903 91.36 52.86 -43.63
C ARG C 903 92.14 54.16 -43.78
N GLY C 904 91.96 55.06 -42.82
CA GLY C 904 92.68 56.32 -42.84
C GLY C 904 91.87 57.44 -43.46
N ASN C 905 92.54 58.39 -44.09
CA ASN C 905 91.89 59.52 -44.73
C ASN C 905 92.40 59.66 -46.15
N LEU C 906 91.93 60.70 -46.83
CA LEU C 906 92.29 60.94 -48.21
C LEU C 906 92.83 62.36 -48.37
N TYR C 907 93.90 62.48 -49.16
CA TYR C 907 94.55 63.76 -49.40
C TYR C 907 94.42 64.12 -50.87
N LEU C 908 94.05 65.36 -51.14
CA LEU C 908 93.97 65.89 -52.50
C LEU C 908 94.98 67.03 -52.61
N VAL C 909 96.12 66.75 -53.23
CA VAL C 909 97.16 67.76 -53.43
C VAL C 909 97.71 67.60 -54.84
N GLN C 910 97.82 68.70 -55.57
CA GLN C 910 98.43 68.66 -56.88
C GLN C 910 99.89 68.28 -56.76
N THR C 911 100.28 67.21 -57.45
CA THR C 911 101.65 66.72 -57.41
C THR C 911 102.10 66.42 -58.82
N ALA C 912 103.18 67.06 -59.24
CA ALA C 912 103.76 66.85 -60.56
C ALA C 912 105.07 66.09 -60.36
N THR C 913 104.97 64.76 -60.30
CA THR C 913 106.13 63.93 -60.08
C THR C 913 106.64 63.35 -61.40
N ASN C 914 107.89 62.90 -61.36
CA ASN C 914 108.50 62.26 -62.51
C ASN C 914 109.09 60.91 -62.18
N GLY C 915 109.28 60.58 -60.92
CA GLY C 915 109.78 59.29 -60.47
C GLY C 915 108.68 58.36 -60.05
N ASN C 916 108.98 57.51 -59.07
CA ASN C 916 107.99 56.57 -58.58
C ASN C 916 106.88 57.30 -57.86
N TRP C 917 105.67 56.73 -57.95
CA TRP C 917 104.48 57.31 -57.34
C TRP C 917 103.67 56.19 -56.72
N SER C 918 103.71 56.06 -55.40
CA SER C 918 103.01 55.01 -54.68
C SER C 918 101.99 55.64 -53.76
N PRO C 919 100.75 55.81 -54.21
CA PRO C 919 99.76 56.50 -53.36
C PRO C 919 99.37 55.69 -52.14
N MET C 920 99.17 54.39 -52.30
CA MET C 920 98.65 53.59 -51.19
C MET C 920 99.70 53.28 -50.14
N ALA C 921 100.96 53.58 -50.38
CA ALA C 921 102.03 53.40 -49.41
C ALA C 921 102.93 54.63 -49.40
N PRO C 922 102.42 55.76 -48.93
CA PRO C 922 103.23 56.97 -48.90
C PRO C 922 104.42 56.80 -47.96
N VAL C 923 105.53 57.42 -48.33
CA VAL C 923 106.76 57.34 -47.54
C VAL C 923 106.93 58.56 -46.65
N ALA C 924 106.59 59.75 -47.16
CA ALA C 924 106.71 60.96 -46.38
C ALA C 924 105.54 61.07 -45.40
N ALA C 925 105.76 61.88 -44.36
CA ALA C 925 104.72 62.10 -43.37
C ALA C 925 103.55 62.86 -44.00
N PRO C 926 102.32 62.59 -43.56
CA PRO C 926 101.17 63.31 -44.09
C PRO C 926 101.27 64.79 -43.77
N PRO C 927 100.85 65.65 -44.69
CA PRO C 927 100.89 67.09 -44.42
C PRO C 927 99.63 67.58 -43.71
N PHE C 928 99.82 68.66 -42.95
CA PHE C 928 98.77 69.40 -42.26
C PHE C 928 97.70 68.50 -41.65
N VAL C 929 98.10 67.67 -40.68
CA VAL C 929 97.11 66.88 -39.95
C VAL C 929 96.08 67.82 -39.33
N ARG C 930 94.89 67.28 -39.08
CA ARG C 930 93.81 68.07 -38.52
C ARG C 930 94.22 68.72 -37.21
N GLY C 931 93.86 69.98 -37.05
CA GLY C 931 94.25 70.74 -35.88
C GLY C 931 95.59 71.43 -35.99
N GLY C 932 96.28 71.27 -37.11
CA GLY C 932 97.57 71.89 -37.30
C GLY C 932 97.46 73.39 -37.52
N PRO C 933 98.59 74.03 -37.82
CA PRO C 933 98.55 75.48 -38.05
C PRO C 933 97.80 75.83 -39.32
N ASN C 934 96.97 76.86 -39.23
CA ASN C 934 96.29 77.47 -40.36
C ASN C 934 95.36 76.52 -41.10
N VAL C 935 95.03 75.38 -40.51
CA VAL C 935 94.11 74.46 -41.14
C VAL C 935 92.68 74.84 -40.72
N ARG C 936 91.77 74.82 -41.68
CA ARG C 936 90.39 75.21 -41.43
C ARG C 936 89.47 74.03 -41.66
N VAL C 937 88.46 73.91 -40.81
CA VAL C 937 87.47 72.85 -40.90
C VAL C 937 86.15 73.48 -41.32
N VAL C 938 85.58 72.96 -42.41
CA VAL C 938 84.35 73.54 -42.94
C VAL C 938 83.20 73.31 -41.96
N GLY C 939 82.20 74.17 -42.05
CA GLY C 939 81.02 74.04 -41.22
C GLY C 939 80.14 72.89 -41.67
N ARG C 940 79.15 72.59 -40.83
CA ARG C 940 78.25 71.47 -41.09
C ARG C 940 77.28 71.75 -42.23
N PHE C 941 77.28 72.94 -42.79
CA PHE C 941 76.46 73.23 -43.96
C PHE C 941 77.25 73.30 -45.26
N GLY C 942 78.56 73.50 -45.20
CA GLY C 942 79.34 73.61 -46.42
C GLY C 942 78.97 74.80 -47.27
N THR C 943 78.28 75.79 -46.70
CA THR C 943 77.84 76.93 -47.49
C THR C 943 79.00 77.84 -47.82
N ILE C 944 78.89 78.50 -48.96
CA ILE C 944 79.89 79.45 -49.45
C ILE C 944 79.20 80.79 -49.66
N VAL C 945 79.96 81.86 -49.49
CA VAL C 945 79.38 83.19 -49.63
C VAL C 945 80.16 83.99 -50.67
N PRO C 946 79.48 84.75 -51.52
CA PRO C 946 80.17 85.56 -52.51
C PRO C 946 80.60 86.90 -51.92
N ARG C 947 81.33 87.66 -52.73
CA ARG C 947 81.79 88.98 -52.37
C ARG C 947 81.74 89.86 -53.61
N PRO C 948 81.56 91.16 -53.47
CA PRO C 948 81.41 92.03 -54.63
C PRO C 948 82.73 92.57 -55.15
N ASP C 949 82.71 92.94 -56.42
CA ASP C 949 83.72 93.80 -57.03
C ASP C 949 85.14 93.30 -56.79
N GLY C 950 85.43 92.12 -57.32
CA GLY C 950 86.78 91.61 -57.36
C GLY C 950 87.22 90.84 -56.14
N LEU C 951 86.49 90.94 -55.03
CA LEU C 951 86.82 90.12 -53.87
C LEU C 951 86.37 88.69 -54.13
N GLU C 952 87.30 87.78 -54.22
CA GLU C 952 86.94 86.42 -54.50
C GLU C 952 86.25 85.79 -53.28
N PRO C 953 85.40 84.78 -53.49
CA PRO C 953 84.48 84.36 -52.42
C PRO C 953 85.15 83.80 -51.17
N GLN C 954 84.34 83.48 -50.17
CA GLN C 954 84.82 82.95 -48.91
C GLN C 954 83.94 81.78 -48.50
N LEU C 955 84.50 80.93 -47.64
CA LEU C 955 83.85 79.70 -47.20
C LEU C 955 83.63 79.74 -45.70
N ILE C 956 82.51 79.18 -45.26
CA ILE C 956 82.15 79.17 -43.85
C ILE C 956 82.81 77.98 -43.19
N ASP C 957 83.56 78.24 -42.12
CA ASP C 957 84.22 77.17 -41.38
C ASP C 957 83.30 76.65 -40.29
N ASP C 958 83.81 75.69 -39.52
CA ASP C 958 83.03 75.15 -38.41
C ASP C 958 82.80 76.20 -37.32
N GLY C 959 83.57 77.28 -37.32
CA GLY C 959 83.32 78.36 -36.40
C GLY C 959 82.26 79.33 -36.84
N ASN C 960 81.51 78.98 -37.89
CA ASN C 960 80.50 79.85 -38.48
C ASN C 960 81.12 81.20 -38.84
N VAL C 961 82.28 81.14 -39.47
CA VAL C 961 83.00 82.33 -39.89
C VAL C 961 83.47 82.15 -41.32
N PRO C 962 83.20 83.10 -42.21
CA PRO C 962 83.76 83.01 -43.57
C PRO C 962 85.28 83.03 -43.53
N ARG C 963 85.89 82.23 -44.39
CA ARG C 963 87.33 82.11 -44.47
C ARG C 963 87.76 82.14 -45.93
N ASP C 964 89.03 82.43 -46.14
CA ASP C 964 89.58 82.47 -47.49
C ASP C 964 89.87 81.06 -47.98
N ILE C 965 89.58 80.83 -49.25
CA ILE C 965 89.67 79.48 -49.81
C ILE C 965 91.12 79.01 -49.87
N ALA C 966 92.01 79.86 -50.39
CA ALA C 966 93.39 79.46 -50.56
C ALA C 966 94.00 79.07 -49.23
N GLY C 967 94.65 77.91 -49.19
CA GLY C 967 95.21 77.40 -47.96
C GLY C 967 94.95 75.93 -47.78
N ASP C 968 94.66 75.51 -46.55
CA ASP C 968 94.38 74.11 -46.25
C ASP C 968 92.98 73.99 -45.68
N TRP C 969 92.36 72.84 -45.94
CA TRP C 969 91.00 72.60 -45.49
C TRP C 969 90.80 71.14 -45.18
N VAL C 970 89.80 70.87 -44.34
CA VAL C 970 89.45 69.51 -43.94
C VAL C 970 87.96 69.34 -44.12
N TYR C 971 87.56 68.33 -44.88
CA TYR C 971 86.16 68.07 -45.17
C TYR C 971 85.72 66.78 -44.52
N PRO C 972 84.77 66.81 -43.59
CA PRO C 972 84.06 65.58 -43.24
C PRO C 972 83.28 65.09 -44.44
N SER C 973 83.34 63.78 -44.69
CA SER C 973 82.69 63.23 -45.87
C SER C 973 81.20 63.55 -45.89
N ASP C 974 80.58 63.64 -44.72
CA ASP C 974 79.17 63.97 -44.65
C ASP C 974 78.91 65.33 -45.27
N VAL C 975 79.76 66.31 -44.96
CA VAL C 975 79.59 67.63 -45.54
C VAL C 975 79.74 67.56 -47.06
N LEU C 976 80.72 66.81 -47.53
CA LEU C 976 80.93 66.72 -48.97
C LEU C 976 79.74 66.09 -49.66
N GLN C 977 79.07 65.15 -49.01
CA GLN C 977 77.94 64.48 -49.64
C GLN C 977 76.77 65.40 -49.89
N VAL C 978 76.71 66.55 -49.21
CA VAL C 978 75.57 67.45 -49.35
C VAL C 978 75.93 68.74 -50.06
N SER C 979 77.20 69.01 -50.32
CA SER C 979 77.58 70.26 -50.96
C SER C 979 78.64 70.02 -52.03
N VAL C 980 78.58 68.88 -52.71
CA VAL C 980 79.62 68.56 -53.68
C VAL C 980 79.64 69.58 -54.81
N ALA C 981 78.46 70.08 -55.20
CA ALA C 981 78.39 71.01 -56.30
C ALA C 981 79.20 72.27 -56.00
N VAL C 982 79.05 72.81 -54.80
CA VAL C 982 79.82 73.98 -54.42
C VAL C 982 81.30 73.67 -54.48
N PHE C 983 81.68 72.49 -53.97
CA PHE C 983 83.09 72.12 -53.95
C PHE C 983 83.68 72.09 -55.35
N CYS C 984 83.04 71.34 -56.25
CA CYS C 984 83.57 71.20 -57.59
C CYS C 984 83.48 72.50 -58.37
N ASP C 985 82.69 73.46 -57.90
CA ASP C 985 82.57 74.73 -58.61
C ASP C 985 83.60 75.75 -58.16
N TYR C 986 83.96 75.77 -56.89
CA TYR C 986 84.86 76.80 -56.39
C TYR C 986 86.14 76.22 -55.83
N VAL C 987 86.06 75.23 -54.95
CA VAL C 987 87.26 74.74 -54.29
C VAL C 987 88.12 73.94 -55.24
N TRP C 988 87.52 72.99 -55.95
CA TRP C 988 88.28 72.10 -56.82
C TRP C 988 89.17 72.81 -57.80
N PRO C 989 88.73 73.86 -58.51
CA PRO C 989 89.66 74.55 -59.40
C PRO C 989 90.88 75.09 -58.69
N MET C 990 90.70 75.65 -57.49
CA MET C 990 91.85 76.13 -56.74
C MET C 990 92.80 75.00 -56.41
N VAL C 991 92.26 73.81 -56.16
CA VAL C 991 93.10 72.64 -55.96
C VAL C 991 93.93 72.37 -57.19
N LYS C 992 93.29 72.38 -58.37
CA LYS C 992 94.02 72.13 -59.60
C LYS C 992 95.06 73.22 -59.86
N ALA C 993 94.85 74.41 -59.29
CA ALA C 993 95.84 75.46 -59.43
C ALA C 993 97.00 75.29 -58.46
N GLY C 994 96.92 74.34 -57.54
CA GLY C 994 97.98 74.15 -56.58
C GLY C 994 98.03 75.18 -55.49
N ARG C 995 97.02 76.04 -55.38
CA ARG C 995 96.99 77.06 -54.34
C ARG C 995 96.27 76.61 -53.09
N THR C 996 95.82 75.37 -53.03
CA THR C 996 95.15 74.88 -51.82
C THR C 996 95.27 73.37 -51.76
N ARG C 997 95.12 72.85 -50.55
CA ARG C 997 95.18 71.42 -50.28
C ARG C 997 94.00 71.02 -49.41
N VAL C 998 93.40 69.89 -49.75
CA VAL C 998 92.17 69.45 -49.11
C VAL C 998 92.38 68.08 -48.50
N LEU C 999 91.93 67.90 -47.27
CA LEU C 999 91.90 66.62 -46.59
C LEU C 999 90.46 66.16 -46.49
N VAL C 1000 90.19 64.95 -46.94
CA VAL C 1000 88.86 64.37 -46.86
C VAL C 1000 88.88 63.31 -45.77
N GLU C 1001 88.03 63.49 -44.77
CA GLU C 1001 87.99 62.59 -43.62
C GLU C 1001 86.89 61.56 -43.83
N LEU C 1002 87.27 60.28 -43.76
CA LEU C 1002 86.30 59.20 -43.80
C LEU C 1002 87.02 57.96 -43.27
N GLY C 1003 86.49 57.38 -42.20
CA GLY C 1003 87.17 56.31 -41.49
C GLY C 1003 87.68 55.20 -42.39
N HIS C 1004 86.77 54.50 -43.03
CA HIS C 1004 87.12 53.41 -43.93
C HIS C 1004 86.31 53.54 -45.20
N TYR C 1005 86.83 52.99 -46.29
CA TYR C 1005 86.18 53.16 -47.58
C TYR C 1005 86.60 52.04 -48.51
N VAL C 1006 85.79 51.83 -49.53
CA VAL C 1006 86.10 50.89 -50.59
C VAL C 1006 86.89 51.62 -51.66
N TYR C 1007 88.04 51.08 -52.03
CA TYR C 1007 88.92 51.71 -53.00
C TYR C 1007 88.99 50.88 -54.27
N THR C 1008 89.37 51.52 -55.35
CA THR C 1008 89.62 50.85 -56.61
C THR C 1008 90.89 51.41 -57.23
N LEU C 1009 91.54 50.61 -58.06
CA LEU C 1009 92.82 50.95 -58.63
C LEU C 1009 92.72 51.11 -60.13
N HIS C 1010 93.77 51.72 -60.71
CA HIS C 1010 93.85 51.90 -62.15
C HIS C 1010 95.32 52.00 -62.51
N TYR C 1011 95.88 50.91 -63.01
CA TYR C 1011 97.29 50.89 -63.39
C TYR C 1011 97.47 51.52 -64.76
N TYR C 1012 98.51 52.34 -64.89
CA TYR C 1012 98.81 53.03 -66.12
C TYR C 1012 100.24 52.76 -66.55
N ASP C 1013 100.60 53.28 -67.71
CA ASP C 1013 101.95 53.13 -68.24
C ASP C 1013 102.75 54.38 -67.97
N PRO C 1014 103.87 54.31 -67.25
CA PRO C 1014 104.62 55.51 -66.89
C PRO C 1014 105.43 56.12 -68.02
N GLN C 1015 105.31 55.64 -69.25
CA GLN C 1015 106.10 56.16 -70.35
C GLN C 1015 105.38 57.22 -71.17
N ILE C 1016 104.11 57.50 -70.86
CA ILE C 1016 103.32 58.44 -71.64
C ILE C 1016 102.68 59.45 -70.70
N SER C 1017 102.33 60.60 -71.25
CA SER C 1017 101.75 61.67 -70.45
C SER C 1017 100.41 61.22 -69.88
N LEU C 1018 100.12 61.69 -68.67
CA LEU C 1018 98.88 61.33 -68.00
C LEU C 1018 98.47 62.43 -67.04
N ASP C 1019 97.17 62.70 -66.97
CA ASP C 1019 96.62 63.65 -66.01
C ASP C 1019 95.47 62.97 -65.29
N GLU C 1020 95.51 63.02 -63.96
CA GLU C 1020 94.53 62.31 -63.15
C GLU C 1020 93.25 63.11 -62.95
N ALA C 1021 93.20 64.36 -63.39
CA ALA C 1021 92.03 65.20 -63.14
C ALA C 1021 90.74 64.59 -63.65
N PRO C 1022 90.65 64.08 -64.89
CA PRO C 1022 89.36 63.57 -65.36
C PRO C 1022 88.78 62.48 -64.48
N ILE C 1023 89.62 61.59 -63.97
CA ILE C 1023 89.12 60.49 -63.14
C ILE C 1023 88.53 61.05 -61.85
N LEU C 1024 89.26 61.97 -61.21
CA LEU C 1024 88.75 62.56 -59.97
C LEU C 1024 87.47 63.33 -60.22
N GLU C 1025 87.41 64.10 -61.30
CA GLU C 1025 86.19 64.81 -61.64
C GLU C 1025 85.04 63.83 -61.83
N GLU C 1026 85.31 62.71 -62.47
CA GLU C 1026 84.30 61.68 -62.60
C GLU C 1026 83.83 61.20 -61.24
N TRP C 1027 84.78 60.94 -60.34
CA TRP C 1027 84.43 60.48 -59.00
C TRP C 1027 83.62 61.53 -58.27
N LEU C 1028 83.98 62.80 -58.43
CA LEU C 1028 83.21 63.87 -57.81
C LEU C 1028 81.79 63.90 -58.36
N SER C 1029 81.64 63.62 -59.64
CA SER C 1029 80.36 63.78 -60.31
C SER C 1029 79.38 62.68 -60.00
N LYS C 1030 79.65 61.83 -59.01
CA LYS C 1030 78.73 60.74 -58.70
C LYS C 1030 78.49 60.64 -57.20
N ILE C 1031 78.61 61.73 -56.48
CA ILE C 1031 78.44 61.74 -55.04
C ILE C 1031 77.08 62.36 -54.73
N ASN C 1032 76.21 61.58 -54.11
CA ASN C 1032 74.91 62.01 -53.67
C ASN C 1032 74.82 62.02 -52.17
N PRO C 1033 73.80 62.64 -51.60
CA PRO C 1033 73.56 62.47 -50.16
C PRO C 1033 73.39 61.02 -49.77
N ALA C 1034 72.90 60.19 -50.70
CA ALA C 1034 72.70 58.78 -50.38
C ALA C 1034 74.03 58.07 -50.14
N GLY C 1035 74.89 58.06 -51.15
CA GLY C 1035 76.14 57.33 -51.03
C GLY C 1035 77.16 57.84 -52.02
N ILE C 1036 78.34 57.22 -51.97
CA ILE C 1036 79.47 57.65 -52.80
C ILE C 1036 80.03 56.42 -53.52
N PRO C 1037 80.69 56.63 -54.65
CA PRO C 1037 81.36 55.52 -55.33
C PRO C 1037 82.71 55.24 -54.70
N PRO C 1038 83.33 54.12 -55.03
CA PRO C 1038 84.62 53.79 -54.41
C PRO C 1038 85.70 54.77 -54.83
N VAL C 1039 86.70 54.90 -53.97
CA VAL C 1039 87.78 55.86 -54.20
C VAL C 1039 88.73 55.29 -55.25
N PRO C 1040 89.08 56.06 -56.27
CA PRO C 1040 90.02 55.58 -57.29
C PRO C 1040 91.46 55.97 -56.95
N PHE C 1041 92.38 55.30 -57.65
CA PHE C 1041 93.80 55.61 -57.55
C PHE C 1041 94.48 55.20 -58.85
N CYS C 1042 95.57 55.89 -59.17
CA CYS C 1042 96.37 55.60 -60.36
C CYS C 1042 97.77 55.21 -59.93
N ILE C 1043 98.26 54.10 -60.48
CA ILE C 1043 99.57 53.57 -60.09
C ILE C 1043 100.36 53.23 -61.36
N PRO C 1044 101.63 53.60 -61.43
CA PRO C 1044 102.44 53.20 -62.59
C PRO C 1044 102.78 51.73 -62.54
N ILE C 1045 102.74 51.10 -63.71
CA ILE C 1045 103.11 49.69 -63.82
C ILE C 1045 104.63 49.57 -63.68
N PRO C 1046 105.14 48.74 -62.78
CA PRO C 1046 106.59 48.62 -62.62
C PRO C 1046 107.23 48.08 -63.89
N GLN C 1047 108.41 48.61 -64.20
CA GLN C 1047 109.13 48.23 -65.41
C GLN C 1047 110.40 47.48 -65.05
N VAL C 1048 110.94 46.78 -66.03
CA VAL C 1048 112.09 45.91 -65.83
C VAL C 1048 113.38 46.50 -66.35
N TYR C 1049 113.34 47.71 -66.89
CA TYR C 1049 114.51 48.35 -67.44
C TYR C 1049 114.46 49.83 -67.11
N PRO C 1050 115.60 50.50 -67.02
CA PRO C 1050 115.58 51.95 -66.76
C PRO C 1050 114.95 52.68 -67.93
N CYS C 1051 113.77 53.22 -67.71
CA CYS C 1051 113.00 53.87 -68.76
C CYS C 1051 113.02 55.38 -68.56
N ILE C 1052 112.42 56.09 -69.51
CA ILE C 1052 112.28 57.53 -69.46
C ILE C 1052 110.80 57.83 -69.25
N THR C 1053 110.47 58.37 -68.09
CA THR C 1053 109.09 58.60 -67.71
C THR C 1053 108.70 60.04 -67.95
N ALA C 1054 107.49 60.25 -68.45
CA ALA C 1054 106.96 61.59 -68.60
C ALA C 1054 106.48 62.12 -67.26
N ARG C 1055 106.61 63.42 -67.07
CA ARG C 1055 106.12 64.04 -65.84
C ARG C 1055 104.60 63.93 -65.80
N ARG C 1056 104.07 63.47 -64.68
CA ARG C 1056 102.65 63.21 -64.54
C ARG C 1056 102.06 64.06 -63.42
N VAL C 1057 100.75 64.23 -63.48
CA VAL C 1057 100.01 65.02 -62.51
C VAL C 1057 99.14 64.09 -61.69
N HIS C 1058 99.36 64.09 -60.37
CA HIS C 1058 98.59 63.26 -59.46
C HIS C 1058 97.96 64.14 -58.39
N TYR C 1059 96.84 63.70 -57.88
CA TYR C 1059 96.13 64.46 -56.87
C TYR C 1059 95.79 63.65 -55.62
N ALA C 1060 95.47 62.37 -55.78
CA ALA C 1060 94.95 61.56 -54.69
C ALA C 1060 96.04 60.65 -54.14
N PHE C 1061 96.08 60.51 -52.83
CA PHE C 1061 96.96 59.57 -52.15
C PHE C 1061 96.51 59.48 -50.70
N THR C 1062 96.53 58.25 -50.17
CA THR C 1062 95.98 58.02 -48.84
C THR C 1062 96.91 58.58 -47.77
N SER C 1063 96.53 58.34 -46.51
CA SER C 1063 97.28 58.82 -45.37
C SER C 1063 97.98 57.72 -44.59
N GLU C 1064 97.73 56.45 -44.92
CA GLU C 1064 98.38 55.35 -44.22
C GLU C 1064 98.92 54.33 -45.22
N ASN C 1065 99.44 53.22 -44.72
CA ASN C 1065 100.03 52.18 -45.58
C ASN C 1065 98.99 51.09 -45.80
N ASN C 1066 98.06 51.36 -46.70
CA ASN C 1066 97.04 50.38 -47.07
C ASN C 1066 97.49 49.65 -48.34
N ASN C 1067 98.53 48.83 -48.19
CA ASN C 1067 99.16 48.18 -49.32
C ASN C 1067 99.37 46.68 -49.08
N ASP C 1068 98.70 46.12 -48.09
CA ASP C 1068 98.99 44.74 -47.70
C ASP C 1068 98.55 43.72 -48.74
N SER C 1069 97.54 44.04 -49.56
CA SER C 1069 97.06 43.07 -50.53
C SER C 1069 98.02 42.87 -51.69
N LEU C 1070 99.05 43.70 -51.81
CA LEU C 1070 100.02 43.52 -52.88
C LEU C 1070 100.90 42.31 -52.58
N PHE C 1071 100.98 41.40 -53.54
CA PHE C 1071 101.75 40.18 -53.31
C PHE C 1071 103.16 40.28 -53.88
N SER C 1072 103.29 40.58 -55.16
CA SER C 1072 104.61 40.65 -55.79
C SER C 1072 104.50 41.46 -57.07
N THR C 1073 105.67 41.90 -57.56
CA THR C 1073 105.76 42.69 -58.78
C THR C 1073 106.82 42.10 -59.69
N ASN C 1074 106.52 42.06 -60.99
CA ASN C 1074 107.45 41.55 -61.99
C ASN C 1074 107.93 40.15 -61.64
N ALA C 1075 106.98 39.30 -61.22
CA ALA C 1075 107.34 37.97 -60.74
C ALA C 1075 108.09 37.17 -61.79
N ALA C 1076 107.68 37.29 -63.05
CA ALA C 1076 108.28 36.48 -64.11
C ALA C 1076 109.62 37.01 -64.58
N SER C 1077 110.00 38.23 -64.20
CA SER C 1077 111.23 38.83 -64.68
C SER C 1077 112.35 38.60 -63.67
N ILE C 1078 113.52 39.16 -63.96
CA ILE C 1078 114.67 38.98 -63.09
C ILE C 1078 114.81 40.09 -62.05
N ASP C 1079 114.26 41.27 -62.31
CA ASP C 1079 114.42 42.39 -61.40
C ASP C 1079 113.52 43.52 -61.85
N THR C 1080 113.11 44.36 -60.89
CA THR C 1080 112.29 45.53 -61.15
C THR C 1080 113.20 46.76 -61.16
N ALA C 1081 113.22 47.46 -62.28
CA ALA C 1081 114.18 48.54 -62.45
C ALA C 1081 113.65 49.88 -61.97
N PHE C 1082 112.40 50.22 -62.32
CA PHE C 1082 111.87 51.54 -62.03
C PHE C 1082 110.77 51.52 -60.98
N GLY C 1083 109.73 50.72 -61.19
CA GLY C 1083 108.56 50.79 -60.34
C GLY C 1083 108.76 50.30 -58.93
N GLU C 1084 107.66 49.99 -58.24
CA GLU C 1084 107.72 49.49 -56.88
C GLU C 1084 108.32 48.09 -56.87
N ASN C 1085 109.46 47.93 -56.22
CA ASN C 1085 110.20 46.67 -56.24
C ASN C 1085 109.73 45.78 -55.07
N ALA C 1086 108.49 45.35 -55.16
CA ALA C 1086 107.94 44.44 -54.17
C ALA C 1086 108.44 43.02 -54.41
N ALA C 1087 108.65 42.30 -53.32
CA ALA C 1087 109.09 40.92 -53.37
C ALA C 1087 108.29 40.09 -52.37
N VAL C 1088 108.32 38.77 -52.55
CA VAL C 1088 107.55 37.90 -51.69
C VAL C 1088 108.01 38.04 -50.26
N SER C 1089 107.06 38.26 -49.35
CA SER C 1089 107.40 38.49 -47.95
C SER C 1089 107.49 37.18 -47.21
N PRO C 1090 108.64 36.81 -46.66
CA PRO C 1090 108.72 35.60 -45.83
C PRO C 1090 107.94 35.72 -44.53
N LEU C 1091 107.40 36.88 -44.20
CA LEU C 1091 106.59 37.00 -43.00
C LEU C 1091 105.35 36.12 -43.08
N ARG C 1092 104.73 36.04 -44.25
CA ARG C 1092 103.75 34.99 -44.46
C ARG C 1092 104.48 33.68 -44.67
N TRP C 1093 103.73 32.58 -44.56
CA TRP C 1093 104.17 31.20 -44.67
C TRP C 1093 105.60 30.97 -44.21
N PRO C 1094 105.93 31.26 -42.94
CA PRO C 1094 107.24 30.85 -42.44
C PRO C 1094 107.41 29.35 -42.43
N GLY C 1095 106.30 28.61 -42.36
CA GLY C 1095 106.37 27.17 -42.34
C GLY C 1095 107.00 26.58 -43.59
N LEU C 1096 107.10 27.37 -44.64
CA LEU C 1096 107.76 26.93 -45.86
C LEU C 1096 109.23 27.30 -45.92
N VAL C 1097 109.63 28.40 -45.27
CA VAL C 1097 110.99 28.90 -45.41
C VAL C 1097 111.70 29.13 -44.09
N ASP C 1098 111.01 29.32 -42.98
CA ASP C 1098 111.68 29.65 -41.73
C ASP C 1098 112.36 28.42 -41.16
N PRO C 1099 113.67 28.46 -40.92
CA PRO C 1099 114.33 27.33 -40.25
C PRO C 1099 113.79 27.08 -38.86
N ASN C 1100 113.36 28.13 -38.15
CA ASN C 1100 112.94 27.99 -36.77
C ASN C 1100 111.45 27.68 -36.64
N TYR C 1101 110.74 27.49 -37.74
CA TYR C 1101 109.31 27.22 -37.66
C TYR C 1101 109.05 25.93 -36.91
N ARG C 1102 108.23 26.02 -35.87
CA ARG C 1102 107.77 24.85 -35.14
C ARG C 1102 106.35 24.53 -35.58
N VAL C 1103 106.08 23.24 -35.77
CA VAL C 1103 104.75 22.82 -36.18
C VAL C 1103 103.74 23.19 -35.11
N GLY C 1104 102.60 23.71 -35.53
CA GLY C 1104 101.53 24.03 -34.62
C GLY C 1104 101.48 25.47 -34.15
N THR C 1105 102.13 26.39 -34.86
CA THR C 1105 102.12 27.79 -34.51
C THR C 1105 101.43 28.60 -35.59
N ASN C 1106 101.09 29.84 -35.27
CA ASN C 1106 100.44 30.74 -36.22
C ASN C 1106 100.49 32.15 -35.65
N ASP C 1107 100.15 33.11 -36.51
CA ASP C 1107 100.02 34.52 -36.14
C ASP C 1107 98.59 34.99 -36.30
N LEU C 1108 97.64 34.11 -36.01
CA LEU C 1108 96.27 34.27 -36.48
C LEU C 1108 95.63 35.63 -36.19
N PRO C 1109 95.67 36.15 -34.96
CA PRO C 1109 94.95 37.41 -34.71
C PRO C 1109 95.58 38.61 -35.39
N ASN C 1110 96.78 38.50 -35.90
CA ASN C 1110 97.49 39.64 -36.47
C ASN C 1110 97.89 39.47 -37.92
N ARG C 1111 98.29 38.27 -38.33
CA ARG C 1111 98.77 38.06 -39.69
C ARG C 1111 98.34 36.68 -40.15
N ILE C 1112 98.01 36.58 -41.43
CA ILE C 1112 97.54 35.33 -42.01
C ILE C 1112 98.70 34.66 -42.72
N THR C 1113 99.03 33.45 -42.31
CA THR C 1113 99.97 32.62 -43.04
C THR C 1113 99.22 31.74 -44.03
N LEU C 1114 99.93 31.30 -45.06
CA LEU C 1114 99.29 30.64 -46.19
C LEU C 1114 99.74 29.20 -46.39
N TYR C 1115 100.74 28.73 -45.65
CA TYR C 1115 101.25 27.37 -45.84
C TYR C 1115 101.52 26.79 -44.46
N ASN C 1116 100.67 25.87 -44.03
CA ASN C 1116 100.70 25.38 -42.65
C ASN C 1116 100.43 23.88 -42.64
N SER C 1117 100.35 23.33 -41.45
CA SER C 1117 100.06 21.91 -41.24
C SER C 1117 98.66 21.76 -40.66
N LEU C 1118 97.95 20.74 -41.11
CA LEU C 1118 96.56 20.57 -40.71
C LEU C 1118 96.23 19.08 -40.68
N TYR C 1119 95.17 18.76 -39.95
CA TYR C 1119 94.67 17.40 -39.86
C TYR C 1119 93.61 17.15 -40.93
N ARG C 1120 93.44 15.88 -41.27
CA ARG C 1120 92.35 15.45 -42.14
C ARG C 1120 91.76 14.18 -41.57
N TYR C 1121 90.49 13.94 -41.88
CA TYR C 1121 89.72 12.90 -41.21
C TYR C 1121 89.10 11.94 -42.22
N ASN C 1122 88.68 10.79 -41.70
CA ASN C 1122 88.01 9.76 -42.49
C ASN C 1122 86.83 9.21 -41.71
N PHE C 1123 85.98 10.09 -41.21
CA PHE C 1123 84.83 9.65 -40.43
C PHE C 1123 83.90 8.78 -41.26
N THR C 1124 83.14 7.94 -40.56
CA THR C 1124 82.08 7.15 -41.15
C THR C 1124 80.80 7.42 -40.39
N TYR C 1125 79.67 7.25 -41.06
CA TYR C 1125 78.37 7.71 -40.56
C TYR C 1125 77.41 6.53 -40.55
N PRO C 1126 77.50 5.67 -39.55
CA PRO C 1126 76.60 4.52 -39.49
C PRO C 1126 75.17 4.94 -39.18
N THR C 1127 74.24 4.12 -39.65
CA THR C 1127 72.84 4.30 -39.31
C THR C 1127 72.55 3.66 -37.96
N LEU C 1128 71.42 4.05 -37.37
CA LEU C 1128 71.04 3.52 -36.06
C LEU C 1128 71.10 2.01 -36.03
N ASP C 1129 70.50 1.36 -37.02
CA ASP C 1129 70.54 -0.09 -37.06
C ASP C 1129 71.93 -0.63 -37.35
N GLY C 1130 72.85 0.20 -37.84
CA GLY C 1130 74.23 -0.22 -37.91
C GLY C 1130 74.92 -0.12 -36.57
N ILE C 1131 74.46 0.79 -35.71
CA ILE C 1131 75.06 0.93 -34.39
C ILE C 1131 74.70 -0.26 -33.51
N MET C 1132 73.42 -0.58 -33.44
CA MET C 1132 72.92 -1.55 -32.48
C MET C 1132 72.16 -2.65 -33.21
N TYR C 1133 71.80 -3.68 -32.46
CA TYR C 1133 71.07 -4.81 -32.99
C TYR C 1133 69.59 -4.48 -33.05
N VAL C 1134 69.07 -4.30 -34.27
CA VAL C 1134 67.66 -3.98 -34.45
C VAL C 1134 66.84 -5.24 -34.21
N ARG C 1135 65.52 -5.07 -34.10
CA ARG C 1135 64.64 -6.21 -33.91
C ARG C 1135 64.73 -7.16 -35.10
N SER C 1136 64.63 -8.45 -34.81
CA SER C 1136 64.66 -9.48 -35.85
C SER C 1136 63.31 -9.57 -36.56
N ALA C 1137 62.92 -8.46 -37.16
CA ALA C 1137 61.64 -8.37 -37.86
C ALA C 1137 61.63 -7.17 -38.79
N ASP D 1 97.47 105.05 -97.26
CA ASP D 1 97.76 104.12 -98.35
C ASP D 1 99.00 103.27 -98.05
N ILE D 2 99.00 102.03 -98.53
CA ILE D 2 100.08 101.07 -98.26
C ILE D 2 100.53 100.42 -99.56
N ILE D 3 101.73 99.85 -99.52
CA ILE D 3 102.31 99.09 -100.64
C ILE D 3 103.10 97.93 -100.05
N THR D 4 103.59 97.05 -100.93
CA THR D 4 104.39 95.90 -100.50
C THR D 4 105.34 95.54 -101.64
N ARG D 5 106.59 95.97 -101.54
CA ARG D 5 107.61 95.52 -102.47
C ARG D 5 108.02 94.11 -102.08
N PRO D 6 107.83 93.11 -102.95
CA PRO D 6 108.13 91.73 -102.56
C PRO D 6 109.61 91.52 -102.30
N THR D 7 109.91 90.62 -101.37
CA THR D 7 111.28 90.34 -101.01
C THR D 7 112.00 89.59 -102.13
N SER D 8 113.33 89.67 -102.10
CA SER D 8 114.13 89.01 -103.13
C SER D 8 113.96 87.51 -103.06
N ASP D 9 114.12 86.86 -104.22
CA ASP D 9 113.93 85.42 -104.29
C ASP D 9 114.91 84.69 -103.40
N SER D 10 116.17 85.13 -103.37
CA SER D 10 117.20 84.39 -102.65
C SER D 10 116.86 84.28 -101.17
N ILE D 11 116.60 85.41 -100.52
CA ILE D 11 116.36 85.38 -99.08
C ILE D 11 115.10 84.61 -98.76
N ALA D 12 114.11 84.66 -99.64
CA ALA D 12 112.90 83.89 -99.41
C ALA D 12 113.20 82.40 -99.39
N ALA D 13 114.06 81.95 -100.29
CA ALA D 13 114.42 80.53 -100.33
C ALA D 13 115.07 80.10 -99.02
N VAL D 14 116.01 80.91 -98.52
CA VAL D 14 116.68 80.58 -97.27
C VAL D 14 115.69 80.53 -96.14
N ALA D 15 114.83 81.54 -96.04
CA ALA D 15 113.90 81.62 -94.93
C ALA D 15 112.95 80.42 -94.92
N ASN D 16 112.41 80.08 -96.07
CA ASN D 16 111.49 78.95 -96.13
C ASN D 16 112.21 77.64 -95.85
N ALA D 17 113.51 77.58 -96.13
CA ALA D 17 114.25 76.35 -95.88
C ALA D 17 114.24 75.98 -94.41
N THR D 18 114.44 76.97 -93.53
CA THR D 18 114.52 76.73 -92.10
C THR D 18 113.17 77.08 -91.48
N LYS D 19 112.36 76.06 -91.24
CA LYS D 19 111.06 76.27 -90.62
C LYS D 19 110.63 75.03 -89.85
N PRO D 20 111.13 74.84 -88.63
CA PRO D 20 110.72 73.67 -87.84
C PRO D 20 109.25 73.74 -87.50
N ALA D 21 108.65 72.57 -87.36
CA ALA D 21 107.24 72.49 -87.01
C ALA D 21 107.02 73.00 -85.60
N ALA D 22 106.05 73.89 -85.44
CA ALA D 22 105.78 74.49 -84.14
C ALA D 22 104.94 73.58 -83.24
N VAL D 23 104.30 72.56 -83.79
CA VAL D 23 103.45 71.66 -83.03
C VAL D 23 103.85 70.24 -83.42
N VAL D 24 104.69 69.61 -82.62
CA VAL D 24 105.10 68.23 -82.85
C VAL D 24 104.37 67.34 -81.85
N SER D 25 104.06 66.13 -82.28
CA SER D 25 103.35 65.17 -81.44
C SER D 25 104.33 64.15 -80.90
N ASP D 26 104.40 64.04 -79.58
CA ASP D 26 105.20 63.03 -78.92
C ASP D 26 104.45 62.51 -77.70
N PRO D 27 104.70 61.28 -77.27
CA PRO D 27 103.92 60.70 -76.19
C PRO D 27 104.22 61.29 -74.82
N GLN D 28 105.40 61.89 -74.65
CA GLN D 28 105.82 62.42 -73.35
C GLN D 28 105.75 63.93 -73.42
N SER D 29 104.57 64.48 -73.08
CA SER D 29 104.29 65.87 -73.35
C SER D 29 103.84 66.67 -72.15
N MET D 30 103.73 66.07 -70.96
CA MET D 30 103.34 66.78 -69.74
C MET D 30 101.97 67.43 -69.94
N LYS D 31 100.97 66.56 -70.09
CA LYS D 31 99.61 67.04 -70.31
C LYS D 31 99.04 67.65 -69.03
N VAL D 32 98.30 68.74 -69.20
CA VAL D 32 97.66 69.44 -68.08
C VAL D 32 96.27 69.89 -68.53
N THR D 33 95.24 69.41 -67.84
CA THR D 33 93.88 69.76 -68.18
C THR D 33 93.58 71.21 -67.77
N PRO D 34 92.55 71.81 -68.34
CA PRO D 34 92.21 73.19 -67.99
C PRO D 34 91.87 73.33 -66.51
N ILE D 35 92.24 74.47 -65.94
CA ILE D 35 91.97 74.73 -64.53
C ILE D 35 90.47 74.80 -64.28
N VAL D 36 89.76 75.51 -65.15
CA VAL D 36 88.31 75.67 -65.03
C VAL D 36 87.66 74.82 -66.11
N ASN D 37 86.59 74.13 -65.76
CA ASN D 37 85.94 73.25 -66.70
C ASN D 37 85.30 74.07 -67.82
N PRO D 38 85.67 73.85 -69.07
CA PRO D 38 85.07 74.63 -70.16
C PRO D 38 83.69 74.16 -70.56
N SER D 39 83.21 73.04 -70.04
CA SER D 39 81.93 72.50 -70.47
C SER D 39 80.78 73.36 -69.98
N SER D 40 80.64 73.49 -68.66
CA SER D 40 79.51 74.18 -68.07
C SER D 40 79.90 75.60 -67.69
N TYR D 41 78.90 76.48 -67.70
CA TYR D 41 79.08 77.86 -67.29
C TYR D 41 78.03 78.18 -66.23
N VAL D 42 78.48 78.65 -65.08
CA VAL D 42 77.62 78.84 -63.90
C VAL D 42 77.38 80.32 -63.68
N CYS D 43 76.12 80.69 -63.48
CA CYS D 43 75.78 82.06 -63.13
C CYS D 43 76.28 82.34 -61.71
N ASN D 44 77.27 83.22 -61.59
CA ASN D 44 77.91 83.42 -60.30
C ASN D 44 76.98 83.98 -59.24
N VAL D 45 75.83 84.52 -59.61
CA VAL D 45 74.90 85.10 -58.64
C VAL D 45 73.78 84.14 -58.28
N CYS D 46 73.15 83.51 -59.27
CA CYS D 46 72.04 82.60 -58.99
C CYS D 46 72.41 81.14 -59.21
N ASN D 47 73.69 80.85 -59.48
CA ASN D 47 74.21 79.50 -59.64
C ASN D 47 73.47 78.71 -60.72
N ALA D 48 72.79 79.39 -61.63
CA ALA D 48 72.19 78.71 -62.77
C ALA D 48 73.28 78.39 -63.78
N ARG D 49 73.31 77.14 -64.23
CA ARG D 49 74.36 76.68 -65.13
C ARG D 49 73.84 76.61 -66.56
N PHE D 50 74.77 76.70 -67.50
CA PHE D 50 74.42 76.70 -68.92
C PHE D 50 75.51 75.95 -69.68
N SER D 51 75.46 76.07 -70.99
CA SER D 51 76.38 75.37 -71.88
C SER D 51 77.26 76.29 -72.71
N THR D 52 76.78 77.47 -73.06
CA THR D 52 77.53 78.40 -73.89
C THR D 52 77.64 79.74 -73.19
N MET D 53 78.75 80.42 -73.43
CA MET D 53 78.96 81.73 -72.82
C MET D 53 77.89 82.71 -73.25
N SER D 54 77.40 82.57 -74.48
CA SER D 54 76.33 83.45 -74.94
C SER D 54 75.09 83.32 -74.08
N ALA D 55 74.67 82.08 -73.81
CA ALA D 55 73.47 81.85 -73.02
C ALA D 55 73.60 82.46 -71.63
N LEU D 56 74.75 82.25 -70.99
CA LEU D 56 74.96 82.83 -69.67
C LEU D 56 74.92 84.34 -69.74
N SER D 57 75.51 84.93 -70.79
CA SER D 57 75.51 86.37 -70.91
C SER D 57 74.11 86.93 -70.97
N GLU D 58 73.22 86.27 -71.72
CA GLU D 58 71.85 86.75 -71.81
C GLU D 58 71.13 86.60 -70.49
N HIS D 59 71.40 85.51 -69.77
CA HIS D 59 70.79 85.31 -68.46
C HIS D 59 71.10 86.49 -67.54
N LEU D 60 72.37 86.88 -67.48
CA LEU D 60 72.73 88.08 -66.73
C LEU D 60 72.07 89.32 -67.32
N ARG D 61 72.05 89.41 -68.64
CA ARG D 61 71.48 90.57 -69.31
C ARG D 61 69.98 90.69 -69.10
N SER D 62 69.33 89.67 -68.58
CA SER D 62 67.89 89.68 -68.36
C SER D 62 67.53 89.61 -66.89
N ASP D 63 68.09 88.65 -66.16
CA ASP D 63 67.68 88.40 -64.78
C ASP D 63 68.51 89.15 -63.76
N HIS D 64 69.67 89.69 -64.14
CA HIS D 64 70.57 90.25 -63.15
C HIS D 64 71.10 91.61 -63.55
N ARG D 65 70.29 92.39 -64.27
CA ARG D 65 70.55 93.82 -64.43
C ARG D 65 69.43 94.57 -63.71
N ASP D 66 69.82 95.43 -62.78
CA ASP D 66 68.89 95.97 -61.79
C ASP D 66 68.56 97.44 -62.00
N ASP D 67 69.55 98.28 -62.28
CA ASP D 67 69.27 99.68 -62.52
C ASP D 67 68.80 99.96 -63.94
N ALA D 68 68.77 98.93 -64.79
CA ALA D 68 68.37 99.11 -66.18
C ALA D 68 66.89 99.42 -66.30
N SER D 69 66.55 100.22 -67.31
CA SER D 69 65.16 100.57 -67.64
C SER D 69 64.47 101.20 -66.43
N THR D 70 65.15 102.15 -65.80
CA THR D 70 64.62 102.75 -64.58
C THR D 70 63.64 103.89 -64.87
N LEU D 71 63.98 104.78 -65.80
CA LEU D 71 63.24 106.02 -65.97
C LEU D 71 61.97 105.84 -66.80
N LEU D 72 61.08 104.94 -66.36
CA LEU D 72 59.81 104.75 -67.03
C LEU D 72 58.84 104.11 -66.05
N ALA D 73 57.54 104.26 -66.35
CA ALA D 73 56.52 103.63 -65.53
C ALA D 73 56.63 102.11 -65.62
N THR D 74 56.61 101.45 -64.46
CA THR D 74 56.92 100.03 -64.36
C THR D 74 55.87 99.34 -63.50
N PRO D 75 54.87 98.71 -64.12
CA PRO D 75 53.84 98.01 -63.33
C PRO D 75 54.19 96.59 -62.97
N MET D 76 55.18 95.98 -63.64
CA MET D 76 55.44 94.55 -63.45
C MET D 76 56.20 94.27 -62.17
N ILE D 77 55.67 94.72 -61.03
CA ILE D 77 56.28 94.41 -59.75
C ILE D 77 55.93 92.98 -59.37
N ASN D 78 56.94 92.17 -59.11
CA ASN D 78 56.74 90.77 -58.77
C ASN D 78 56.75 90.62 -57.25
N ASN D 79 56.73 89.39 -56.77
CA ASN D 79 56.80 89.14 -55.35
C ASN D 79 58.24 89.21 -54.87
N ALA D 80 58.44 89.06 -53.56
CA ALA D 80 59.78 89.17 -53.00
C ALA D 80 60.67 88.04 -53.51
N ILE D 81 60.21 86.80 -53.38
CA ILE D 81 61.03 85.65 -53.71
C ILE D 81 60.75 85.26 -55.16
N ARG D 82 61.79 85.21 -55.97
CA ARG D 82 61.61 84.71 -57.33
C ARG D 82 61.86 83.22 -57.41
N SER D 83 62.96 82.75 -56.82
CA SER D 83 63.28 81.33 -56.90
C SER D 83 64.31 80.97 -55.84
N PHE D 84 64.41 79.67 -55.58
CA PHE D 84 65.44 79.12 -54.71
C PHE D 84 66.11 77.96 -55.42
N LEU D 85 67.38 77.74 -55.08
CA LEU D 85 68.16 76.63 -55.60
C LEU D 85 68.64 75.77 -54.44
N THR D 86 68.37 74.47 -54.51
CA THR D 86 68.82 73.57 -53.48
C THR D 86 70.19 73.07 -53.88
N ALA D 87 71.18 73.26 -53.02
CA ALA D 87 72.56 72.92 -53.37
C ALA D 87 72.77 71.42 -53.44
N TRP D 88 72.16 70.67 -52.52
CA TRP D 88 72.48 69.26 -52.41
C TRP D 88 72.07 68.47 -53.65
N ASP D 89 71.07 68.95 -54.37
CA ASP D 89 70.61 68.28 -55.58
C ASP D 89 70.68 69.14 -56.83
N GLY D 90 70.74 70.45 -56.70
CA GLY D 90 70.80 71.31 -57.86
C GLY D 90 69.48 71.62 -58.51
N ILE D 91 68.37 71.28 -57.88
CA ILE D 91 67.06 71.56 -58.42
C ILE D 91 66.64 72.97 -58.01
N ARG D 92 66.07 73.72 -58.95
CA ARG D 92 65.60 75.06 -58.69
C ARG D 92 64.09 75.05 -58.47
N ILE D 93 63.65 75.80 -57.46
CA ILE D 93 62.23 75.92 -57.14
C ILE D 93 61.80 77.33 -57.47
N LEU D 94 60.73 77.45 -58.26
CA LEU D 94 60.17 78.75 -58.59
C LEU D 94 59.01 79.06 -57.67
N SER D 95 58.93 80.32 -57.25
CA SER D 95 57.84 80.75 -56.40
C SER D 95 56.52 80.62 -57.16
N PRO D 96 55.47 80.08 -56.54
CA PRO D 96 54.17 80.02 -57.21
C PRO D 96 53.64 81.42 -57.43
N ASP D 97 52.90 81.58 -58.53
CA ASP D 97 52.26 82.84 -58.87
C ASP D 97 50.75 82.68 -58.69
N VAL D 98 50.16 83.50 -57.83
CA VAL D 98 48.74 83.42 -57.57
C VAL D 98 47.99 84.25 -58.60
N SER D 99 47.19 83.58 -59.43
CA SER D 99 46.30 84.25 -60.36
C SER D 99 44.95 83.56 -60.33
N SER D 100 43.93 84.30 -60.73
CA SER D 100 42.55 83.92 -60.46
C SER D 100 42.03 82.79 -61.34
N LYS D 101 42.87 82.12 -62.11
CA LYS D 101 42.42 80.90 -62.78
C LYS D 101 41.97 79.87 -61.76
N HIS D 102 42.53 79.93 -60.55
CA HIS D 102 42.08 79.12 -59.43
C HIS D 102 41.89 80.00 -58.22
N LEU D 103 40.75 79.86 -57.56
CA LEU D 103 40.50 80.49 -56.27
C LEU D 103 39.81 79.47 -55.37
N SER D 104 40.22 78.20 -55.49
CA SER D 104 39.45 77.08 -54.98
C SER D 104 39.73 76.88 -53.49
N ALA D 105 39.28 77.84 -52.70
CA ALA D 105 39.37 77.72 -51.26
C ALA D 105 38.33 76.74 -50.74
N TYR D 106 38.71 75.95 -49.75
CA TYR D 106 37.80 74.97 -49.17
C TYR D 106 36.76 75.68 -48.29
N LEU D 107 35.49 75.35 -48.53
CA LEU D 107 34.37 75.88 -47.73
C LEU D 107 34.36 77.40 -47.82
N ASP D 108 33.87 78.05 -46.77
CA ASP D 108 33.67 79.50 -46.75
C ASP D 108 34.99 80.19 -46.41
N SER D 109 35.89 80.17 -47.37
CA SER D 109 37.19 80.81 -47.22
C SER D 109 37.61 81.38 -48.56
N ALA D 110 38.76 82.04 -48.57
CA ALA D 110 39.29 82.62 -49.80
C ALA D 110 40.81 82.58 -49.74
N VAL D 111 41.42 82.70 -50.91
CA VAL D 111 42.87 82.73 -51.03
C VAL D 111 43.31 84.18 -50.98
N ALA D 112 44.15 84.52 -50.00
CA ALA D 112 44.56 85.91 -49.81
C ALA D 112 45.49 86.35 -50.93
N ASN D 113 45.35 87.60 -51.33
CA ASN D 113 46.20 88.22 -52.33
C ASN D 113 46.80 89.49 -51.76
N GLY D 114 47.92 89.91 -52.34
CA GLY D 114 48.60 91.10 -51.91
C GLY D 114 47.90 92.36 -52.40
N PRO D 115 47.84 93.39 -51.55
CA PRO D 115 47.24 94.65 -51.97
C PRO D 115 48.08 95.34 -53.02
N GLU D 116 47.40 96.11 -53.87
CA GLU D 116 48.07 96.84 -54.94
C GLU D 116 48.71 98.09 -54.34
N LEU D 117 50.00 98.01 -54.04
CA LEU D 117 50.70 99.08 -53.36
C LEU D 117 51.39 100.03 -54.32
N ILE D 118 52.15 99.48 -55.27
CA ILE D 118 53.02 100.29 -56.12
C ILE D 118 52.17 100.89 -57.24
N VAL D 119 51.77 102.14 -57.07
CA VAL D 119 51.09 102.91 -58.10
C VAL D 119 51.79 104.25 -58.24
N GLU D 120 52.16 104.61 -59.46
CA GLU D 120 53.01 105.76 -59.68
C GLU D 120 52.43 106.66 -60.77
N ASP D 121 52.73 107.94 -60.68
CA ASP D 121 52.23 108.94 -61.61
C ASP D 121 53.38 109.80 -62.11
N THR D 122 53.31 110.19 -63.37
CA THR D 122 54.31 111.05 -63.98
C THR D 122 53.73 112.36 -64.47
N GLY D 123 52.44 112.60 -64.29
CA GLY D 123 51.85 113.85 -64.71
C GLY D 123 52.12 114.96 -63.72
N LEU D 124 51.10 115.75 -63.41
CA LEU D 124 51.22 116.85 -62.46
C LEU D 124 50.48 116.49 -61.18
N CYS D 125 51.15 116.66 -60.05
CA CYS D 125 50.58 116.32 -58.75
C CYS D 125 49.56 117.39 -58.38
N THR D 126 48.37 117.26 -58.96
CA THR D 126 47.30 118.19 -58.64
C THR D 126 45.96 117.53 -58.90
N SER D 127 44.93 118.08 -58.26
CA SER D 127 43.57 117.61 -58.45
C SER D 127 42.59 118.75 -58.60
N PHE D 128 43.05 119.99 -58.60
CA PHE D 128 42.21 121.15 -58.86
C PHE D 128 42.58 121.72 -60.22
N MET D 129 41.56 122.13 -60.98
CA MET D 129 41.77 122.60 -62.33
C MET D 129 41.29 124.02 -62.48
N LEU D 130 41.96 124.75 -63.37
CA LEU D 130 41.63 126.13 -63.70
C LEU D 130 40.94 126.14 -65.04
N LEU D 131 39.74 126.73 -65.09
CA LEU D 131 39.00 126.74 -66.35
C LEU D 131 38.18 128.01 -66.45
N ASP D 132 37.84 128.37 -67.69
CA ASP D 132 36.99 129.51 -67.97
C ASP D 132 35.54 129.03 -67.96
N ASN D 133 34.81 129.42 -66.93
CA ASN D 133 33.40 129.05 -66.87
C ASN D 133 32.62 129.69 -68.02
N ILE D 134 32.90 130.96 -68.30
CA ILE D 134 32.18 131.72 -69.31
C ILE D 134 33.17 132.10 -70.39
N PRO D 135 32.89 131.82 -71.67
CA PRO D 135 33.84 132.15 -72.73
C PRO D 135 34.07 133.64 -72.82
N SER D 136 35.16 134.00 -73.50
CA SER D 136 35.51 135.39 -73.71
C SER D 136 34.63 136.00 -74.80
N ALA D 137 34.81 137.29 -75.04
CA ALA D 137 34.07 138.00 -76.06
C ALA D 137 34.81 138.09 -77.38
N HIS D 138 35.96 137.41 -77.49
CA HIS D 138 36.74 137.37 -78.73
C HIS D 138 37.17 138.77 -79.15
N LEU D 139 38.02 139.36 -78.32
CA LEU D 139 38.56 140.67 -78.59
C LEU D 139 39.71 140.59 -79.60
N THR D 140 40.06 141.75 -80.15
CA THR D 140 41.22 141.84 -81.03
C THR D 140 42.49 141.57 -80.23
N LYS D 141 43.48 141.00 -80.91
CA LYS D 141 44.66 140.51 -80.20
C LYS D 141 45.65 141.63 -79.89
N GLU D 142 45.95 142.48 -80.87
CA GLU D 142 46.85 143.62 -80.77
C GLU D 142 48.31 143.22 -80.60
N LEU D 143 48.62 141.92 -80.47
CA LEU D 143 50.01 141.46 -80.36
C LEU D 143 50.07 139.95 -80.57
N ILE D 144 50.90 139.50 -81.51
CA ILE D 144 50.81 138.13 -81.99
C ILE D 144 51.72 137.19 -81.21
N GLY D 145 53.02 137.40 -81.31
CA GLY D 145 53.95 136.48 -80.67
C GLY D 145 55.39 136.84 -80.96
N PHE D 146 56.28 135.97 -80.52
CA PHE D 146 57.71 136.21 -80.64
C PHE D 146 58.17 136.00 -82.07
N THR D 147 59.25 136.68 -82.42
CA THR D 147 59.87 136.54 -83.73
C THR D 147 61.34 136.21 -83.56
N TRP D 148 61.83 135.30 -84.41
CA TRP D 148 63.19 134.79 -84.34
C TRP D 148 63.73 134.84 -85.76
N PHE D 149 64.58 135.85 -86.02
CA PHE D 149 64.94 136.20 -87.38
C PHE D 149 63.67 136.47 -88.17
N MET D 150 63.42 135.64 -89.19
CA MET D 150 62.17 135.75 -89.93
C MET D 150 61.09 134.79 -89.42
N GLN D 151 61.43 133.93 -88.48
CA GLN D 151 60.49 132.95 -87.96
C GLN D 151 59.71 133.52 -86.77
N MET D 152 58.51 132.99 -86.57
CA MET D 152 57.64 133.41 -85.49
C MET D 152 57.22 132.21 -84.65
N TYR D 153 57.17 132.40 -83.34
CA TYR D 153 56.67 131.39 -82.41
C TYR D 153 55.59 132.00 -81.53
N GLN D 154 54.76 131.13 -80.96
CA GLN D 154 53.72 131.59 -80.04
C GLN D 154 53.36 130.44 -79.10
N MET D 155 53.93 130.46 -77.90
CA MET D 155 53.59 129.45 -76.90
C MET D 155 52.18 129.72 -76.36
N THR D 156 51.44 128.65 -76.13
CA THR D 156 50.06 128.79 -75.68
C THR D 156 50.01 129.29 -74.24
N PRO D 157 49.03 130.12 -73.90
CA PRO D 157 48.98 130.71 -72.56
C PRO D 157 48.81 129.65 -71.49
N PRO D 158 49.43 129.85 -70.31
CA PRO D 158 49.30 128.86 -69.24
C PRO D 158 48.06 129.01 -68.39
N LEU D 159 47.34 130.11 -68.50
CA LEU D 159 46.21 130.36 -67.61
C LEU D 159 44.92 130.43 -68.39
N PRO D 160 43.79 130.06 -67.77
CA PRO D 160 42.51 130.11 -68.49
C PRO D 160 42.15 131.53 -68.84
N GLU D 161 41.42 131.68 -69.94
CA GLU D 161 41.00 132.99 -70.41
C GLU D 161 39.53 132.96 -70.75
N GLY D 162 38.80 133.97 -70.30
CA GLY D 162 37.37 134.03 -70.52
C GLY D 162 36.78 135.09 -69.62
N ALA D 163 35.46 135.22 -69.73
CA ALA D 163 34.77 136.19 -68.88
C ALA D 163 34.93 135.85 -67.41
N VAL D 164 34.75 134.57 -67.06
CA VAL D 164 34.81 134.13 -65.68
C VAL D 164 35.67 132.88 -65.61
N ASN D 165 36.59 132.84 -64.66
CA ASN D 165 37.45 131.68 -64.45
C ASN D 165 37.33 131.24 -63.00
N ARG D 166 37.16 129.95 -62.79
CA ARG D 166 36.89 129.41 -61.46
C ARG D 166 37.77 128.20 -61.19
N ILE D 167 37.86 127.85 -59.91
CA ILE D 167 38.56 126.66 -59.45
C ILE D 167 37.53 125.55 -59.29
N VAL D 168 37.87 124.36 -59.78
CA VAL D 168 37.02 123.20 -59.61
C VAL D 168 37.88 122.03 -59.14
N CYS D 169 37.23 121.08 -58.48
CA CYS D 169 37.91 119.87 -58.02
C CYS D 169 37.61 118.72 -58.96
N MET D 170 38.66 118.10 -59.48
CA MET D 170 38.51 116.93 -60.33
C MET D 170 39.77 116.10 -60.21
N THR D 171 39.66 114.91 -59.64
CA THR D 171 40.82 114.11 -59.32
C THR D 171 41.59 113.72 -60.58
N ASN D 172 42.89 113.94 -60.55
CA ASN D 172 43.81 113.42 -61.56
C ASN D 172 43.47 113.92 -62.96
N TRP D 173 42.97 115.14 -63.07
CA TRP D 173 42.69 115.68 -64.41
C TRP D 173 43.96 115.79 -65.22
N ALA D 174 45.06 116.18 -64.58
CA ALA D 174 46.35 116.32 -65.24
C ALA D 174 47.24 115.10 -65.01
N SER D 175 46.64 113.93 -64.84
CA SER D 175 47.43 112.73 -64.60
C SER D 175 48.05 112.21 -65.89
N LEU D 176 49.15 111.48 -65.73
CA LEU D 176 49.82 110.84 -66.86
C LEU D 176 50.70 109.74 -66.32
N GLY D 177 50.40 108.50 -66.69
CA GLY D 177 51.20 107.38 -66.23
C GLY D 177 50.39 106.13 -66.00
N ASP D 178 50.48 105.58 -64.79
CA ASP D 178 49.81 104.33 -64.48
C ASP D 178 48.30 104.53 -64.47
N GLU D 179 47.57 103.41 -64.46
CA GLU D 179 46.12 103.46 -64.55
C GLU D 179 45.51 104.13 -63.34
N GLY D 180 45.99 103.81 -62.14
CA GLY D 180 45.53 104.47 -60.94
C GLY D 180 44.34 103.77 -60.29
N ARG D 181 44.13 104.11 -59.03
CA ARG D 181 43.01 103.55 -58.28
C ARG D 181 41.70 103.93 -58.94
N GLY D 182 40.77 102.98 -58.99
CA GLY D 182 39.50 103.23 -59.64
C GLY D 182 38.52 104.01 -58.79
N LEU D 183 38.87 105.27 -58.49
CA LEU D 183 38.01 106.14 -57.70
C LEU D 183 38.22 107.57 -58.14
N GLU D 184 37.13 108.29 -58.39
CA GLU D 184 37.22 109.65 -58.89
C GLU D 184 36.27 110.56 -58.13
N VAL D 185 36.61 111.84 -58.10
CA VAL D 185 35.74 112.89 -57.56
C VAL D 185 35.77 114.02 -58.59
N ARG D 186 34.80 114.03 -59.49
CA ARG D 186 34.73 115.01 -60.56
C ARG D 186 33.53 115.92 -60.32
N LEU D 187 33.79 117.17 -59.98
CA LEU D 187 32.72 118.11 -59.73
C LEU D 187 32.53 119.02 -60.93
N PRO D 188 31.32 119.14 -61.46
CA PRO D 188 31.09 120.06 -62.56
C PRO D 188 31.21 121.49 -62.08
N PRO D 189 31.40 122.44 -62.98
CA PRO D 189 31.47 123.84 -62.59
C PRO D 189 30.17 124.29 -61.94
N PRO D 190 30.21 125.33 -61.12
CA PRO D 190 29.01 125.71 -60.35
C PRO D 190 27.80 126.03 -61.21
N THR D 191 27.99 126.26 -62.51
CA THR D 191 26.87 126.50 -63.39
C THR D 191 25.99 125.27 -63.57
N ASP D 192 26.43 124.11 -63.12
CA ASP D 192 25.64 122.89 -63.19
C ASP D 192 25.31 122.42 -61.77
N SER D 193 24.63 121.28 -61.70
CA SER D 193 24.19 120.70 -60.44
C SER D 193 25.17 119.61 -60.04
N SER D 194 25.94 119.86 -58.99
CA SER D 194 26.89 118.88 -58.47
C SER D 194 26.30 118.02 -57.37
N VAL D 195 24.97 117.87 -57.36
CA VAL D 195 24.32 117.16 -56.26
C VAL D 195 24.64 115.68 -56.26
N HIS D 196 25.02 115.12 -57.41
CA HIS D 196 25.27 113.69 -57.49
C HIS D 196 26.39 113.23 -56.58
N ALA D 197 27.27 114.14 -56.19
CA ALA D 197 28.41 113.76 -55.36
C ALA D 197 28.07 113.64 -53.89
N TYR D 198 26.83 113.92 -53.50
CA TYR D 198 26.45 113.93 -52.09
C TYR D 198 25.31 112.96 -51.81
N LYS D 199 25.16 111.92 -52.63
CA LYS D 199 24.16 110.88 -52.43
C LYS D 199 24.82 109.54 -52.12
N THR D 200 26.00 109.58 -51.52
CA THR D 200 26.76 108.35 -51.32
C THR D 200 26.03 107.39 -50.40
N VAL D 201 25.48 107.88 -49.30
CA VAL D 201 24.81 107.03 -48.33
C VAL D 201 23.51 107.69 -47.87
N LEU D 202 22.61 106.85 -47.35
CA LEU D 202 21.37 107.30 -46.73
C LEU D 202 20.52 108.12 -47.67
N SER D 203 20.68 107.95 -48.97
CA SER D 203 19.95 108.76 -49.92
C SER D 203 19.29 107.92 -51.00
N ARG D 204 19.88 106.78 -51.33
CA ARG D 204 19.37 105.95 -52.40
C ARG D 204 17.97 105.46 -52.07
N GLY D 205 17.05 105.63 -53.02
CA GLY D 205 15.72 105.09 -52.88
C GLY D 205 14.62 106.13 -52.78
N TYR D 206 14.86 107.20 -52.04
CA TYR D 206 13.83 108.19 -51.81
C TYR D 206 14.20 109.58 -52.32
N ILE D 207 15.48 109.94 -52.32
CA ILE D 207 15.86 111.29 -52.72
C ILE D 207 15.54 111.48 -54.20
N ASP D 208 15.18 112.70 -54.56
CA ASP D 208 14.98 113.02 -55.95
C ASP D 208 16.31 113.08 -56.67
N ASN D 209 16.26 112.93 -58.00
CA ASN D 209 17.47 113.00 -58.80
C ASN D 209 18.14 114.36 -58.74
N ALA D 210 17.42 115.39 -58.29
CA ALA D 210 17.98 116.74 -58.24
C ALA D 210 17.98 117.33 -56.83
N GLN D 211 17.81 116.50 -55.80
CA GLN D 211 17.80 116.99 -54.43
C GLN D 211 18.95 116.37 -53.64
N PHE D 212 19.30 117.03 -52.55
CA PHE D 212 20.17 116.45 -51.53
C PHE D 212 19.50 116.61 -50.18
N ASN D 213 19.76 115.66 -49.28
CA ASN D 213 19.18 115.70 -47.95
C ASN D 213 20.10 116.49 -47.04
N PRO D 214 19.69 117.65 -46.54
CA PRO D 214 20.57 118.40 -45.63
C PRO D 214 20.90 117.64 -44.36
N LEU D 215 20.00 116.76 -43.90
CA LEU D 215 20.23 116.09 -42.62
C LEU D 215 21.36 115.09 -42.68
N ALA D 216 21.73 114.63 -43.88
CA ALA D 216 22.82 113.68 -44.04
C ALA D 216 24.06 114.32 -44.62
N LEU D 217 24.18 115.65 -44.49
CA LEU D 217 25.23 116.37 -45.22
C LEU D 217 26.61 115.97 -44.72
N ARG D 218 26.80 115.94 -43.40
CA ARG D 218 28.13 115.71 -42.86
C ARG D 218 28.69 114.37 -43.32
N SER D 219 27.89 113.31 -43.18
CA SER D 219 28.36 111.99 -43.59
C SER D 219 28.67 111.96 -45.07
N ASN D 220 27.79 112.54 -45.90
CA ASN D 220 28.03 112.53 -47.34
C ASN D 220 29.30 113.29 -47.69
N VAL D 221 29.49 114.46 -47.07
CA VAL D 221 30.73 115.20 -47.29
C VAL D 221 31.92 114.37 -46.83
N LEU D 222 31.78 113.75 -45.66
CA LEU D 222 32.87 112.96 -45.09
C LEU D 222 33.30 111.87 -46.07
N LEU D 223 32.35 111.11 -46.58
CA LEU D 223 32.69 110.04 -47.52
C LEU D 223 33.26 110.63 -48.81
N MET D 224 32.72 111.75 -49.26
CA MET D 224 33.23 112.36 -50.49
C MET D 224 34.70 112.70 -50.34
N LEU D 225 35.07 113.30 -49.20
CA LEU D 225 36.48 113.59 -48.97
C LEU D 225 37.30 112.33 -48.90
N LEU D 226 36.76 111.28 -48.28
CA LEU D 226 37.49 110.02 -48.19
C LEU D 226 37.82 109.49 -49.56
N GLN D 227 36.84 109.47 -50.46
CA GLN D 227 37.11 109.05 -51.82
C GLN D 227 38.13 109.95 -52.48
N PHE D 228 38.01 111.25 -52.26
CA PHE D 228 39.02 112.18 -52.76
C PHE D 228 40.40 111.81 -52.25
N THR D 229 40.50 111.47 -50.97
CA THR D 229 41.78 111.09 -50.40
C THR D 229 42.32 109.82 -51.04
N LEU D 230 41.48 108.78 -51.09
CA LEU D 230 41.94 107.51 -51.62
C LEU D 230 42.38 107.64 -53.07
N SER D 231 41.68 108.47 -53.84
CA SER D 231 41.96 108.56 -55.26
C SER D 231 43.37 109.06 -55.55
N ASN D 232 44.01 109.74 -54.60
CA ASN D 232 45.31 110.34 -54.84
C ASN D 232 46.47 109.53 -54.27
N LEU D 233 46.19 108.36 -53.71
CA LEU D 233 47.26 107.57 -53.07
C LEU D 233 48.11 106.93 -54.16
N LYS D 234 49.14 107.66 -54.58
CA LYS D 234 50.04 107.17 -55.61
C LYS D 234 51.37 107.88 -55.48
N ILE D 235 52.38 107.31 -56.11
CA ILE D 235 53.76 107.77 -55.98
C ILE D 235 54.07 108.79 -57.04
N ASN D 236 54.86 109.81 -56.68
CA ASN D 236 55.29 110.83 -57.62
C ASN D 236 56.57 110.37 -58.30
N LYS D 237 56.40 109.75 -59.46
CA LYS D 237 57.53 109.27 -60.25
C LYS D 237 58.31 110.45 -60.83
N SER D 238 59.58 110.21 -61.12
CA SER D 238 60.43 111.17 -61.80
C SER D 238 60.46 110.88 -63.29
N SER D 239 60.43 111.92 -64.10
CA SER D 239 60.45 111.81 -65.55
C SER D 239 61.83 112.19 -66.10
N THR D 240 61.93 112.30 -67.42
CA THR D 240 63.11 112.82 -68.06
C THR D 240 63.15 114.34 -67.95
N PHE D 241 64.25 114.94 -68.40
CA PHE D 241 64.42 116.37 -68.31
C PHE D 241 65.06 116.90 -69.58
N THR D 242 64.85 118.19 -69.82
CA THR D 242 65.52 118.92 -70.88
C THR D 242 66.03 120.24 -70.32
N SER D 243 67.01 120.81 -71.01
CA SER D 243 67.58 122.08 -70.62
C SER D 243 66.90 123.21 -71.39
N ASP D 244 66.48 124.24 -70.69
CA ASP D 244 65.79 125.36 -71.30
C ASP D 244 66.78 126.43 -71.74
N VAL D 245 66.55 126.97 -72.92
CA VAL D 245 67.35 128.06 -73.47
C VAL D 245 66.48 129.25 -73.84
N THR D 246 65.24 129.29 -73.38
CA THR D 246 64.29 130.29 -73.82
C THR D 246 64.38 131.50 -72.89
N THR D 247 65.08 132.53 -73.34
CA THR D 247 65.13 133.85 -72.69
C THR D 247 65.45 133.76 -71.21
N ILE D 248 64.57 134.33 -70.38
CA ILE D 248 64.89 134.54 -68.97
C ILE D 248 65.12 133.22 -68.25
N THR D 249 64.41 132.17 -68.64
CA THR D 249 64.53 130.88 -67.99
C THR D 249 65.66 130.04 -68.58
N SER D 250 66.45 130.60 -69.49
CA SER D 250 67.57 129.85 -70.05
C SER D 250 68.51 129.41 -68.94
N GLY D 251 68.95 128.16 -69.03
CA GLY D 251 69.82 127.56 -68.05
C GLY D 251 69.12 126.69 -67.04
N ARG D 252 67.82 126.85 -66.86
CA ARG D 252 67.10 125.98 -65.96
C ARG D 252 66.82 124.64 -66.64
N MET D 253 66.40 123.67 -65.84
CA MET D 253 66.05 122.34 -66.33
C MET D 253 64.60 122.04 -66.01
N ILE D 254 63.88 121.51 -66.99
CA ILE D 254 62.45 121.27 -66.87
C ILE D 254 62.13 119.85 -67.34
N ARG D 255 60.99 119.35 -66.90
CA ARG D 255 60.58 118.00 -67.24
C ARG D 255 60.08 117.94 -68.68
N ALA D 256 59.80 116.72 -69.14
CA ALA D 256 59.50 116.47 -70.53
C ALA D 256 58.00 116.34 -70.82
N PHE D 257 57.29 115.52 -70.05
CA PHE D 257 55.89 115.21 -70.30
C PHE D 257 55.70 114.67 -71.72
N GLU D 258 56.32 113.52 -71.95
CA GLU D 258 56.29 112.92 -73.28
C GLU D 258 54.91 112.39 -73.64
N GLY D 259 54.14 111.93 -72.65
CA GLY D 259 52.86 111.31 -72.95
C GLY D 259 51.92 112.24 -73.67
N ARG D 260 51.76 113.47 -73.17
CA ARG D 260 50.99 114.48 -73.87
C ARG D 260 51.63 115.83 -73.66
N PRO D 261 52.23 116.41 -74.69
CA PRO D 261 53.11 117.57 -74.49
C PRO D 261 52.42 118.84 -74.04
N GLU D 262 51.09 118.93 -74.19
CA GLU D 262 50.42 120.18 -73.82
C GLU D 262 50.60 120.50 -72.35
N LEU D 263 50.90 119.49 -71.53
CA LEU D 263 51.14 119.73 -70.11
C LEU D 263 52.33 120.66 -69.91
N LEU D 264 53.26 120.68 -70.87
CA LEU D 264 54.48 121.46 -70.71
C LEU D 264 54.16 122.93 -70.48
N ALA D 265 53.20 123.46 -71.22
CA ALA D 265 52.81 124.85 -71.02
C ALA D 265 52.21 125.06 -69.63
N LEU D 266 51.42 124.11 -69.15
CA LEU D 266 50.80 124.26 -67.84
C LEU D 266 51.79 124.07 -66.71
N ALA D 267 52.77 123.19 -66.87
CA ALA D 267 53.64 122.82 -65.77
C ALA D 267 54.43 124.00 -65.25
N TYR D 268 54.83 124.91 -66.12
CA TYR D 268 55.71 126.02 -65.74
C TYR D 268 55.11 127.33 -66.23
N PRO D 269 54.11 127.84 -65.53
CA PRO D 269 53.59 129.17 -65.88
C PRO D 269 54.67 130.22 -65.70
N GLY D 270 54.67 131.21 -66.59
CA GLY D 270 55.62 132.29 -66.48
C GLY D 270 56.73 132.25 -67.51
N ARG D 271 57.26 131.07 -67.80
CA ARG D 271 58.33 130.98 -68.78
C ARG D 271 57.81 131.36 -70.15
N ALA D 272 58.60 132.17 -70.86
CA ALA D 272 58.27 132.59 -72.23
C ALA D 272 56.89 133.23 -72.30
N VAL D 273 56.61 134.14 -71.37
CA VAL D 273 55.35 134.85 -71.37
C VAL D 273 55.46 136.07 -72.27
N LEU D 274 54.42 136.31 -73.05
CA LEU D 274 54.41 137.47 -73.94
C LEU D 274 54.33 138.75 -73.14
N PRO D 275 54.95 139.82 -73.61
CA PRO D 275 54.94 141.09 -72.87
C PRO D 275 53.64 141.85 -73.02
N THR D 276 52.59 141.19 -73.52
CA THR D 276 51.29 141.85 -73.64
C THR D 276 50.81 142.32 -72.28
N GLN D 277 49.79 143.17 -72.30
CA GLN D 277 49.25 143.77 -71.09
C GLN D 277 47.86 143.20 -70.84
N THR D 278 47.82 142.06 -70.17
CA THR D 278 46.56 141.44 -69.76
C THR D 278 46.68 141.07 -68.29
N LYS D 279 45.53 140.85 -67.66
CA LYS D 279 45.51 140.58 -66.23
C LYS D 279 46.43 139.42 -65.86
N ASN D 280 46.28 138.29 -66.56
CA ASN D 280 47.14 137.16 -66.29
C ASN D 280 48.59 137.48 -66.66
N ALA D 281 48.80 138.17 -67.79
CA ALA D 281 50.15 138.52 -68.18
C ALA D 281 50.80 139.41 -67.14
N GLN D 282 50.07 140.40 -66.63
CA GLN D 282 50.63 141.28 -65.61
C GLN D 282 51.03 140.49 -64.38
N PHE D 283 50.19 139.53 -63.97
CA PHE D 283 50.54 138.70 -62.83
C PHE D 283 51.78 137.87 -63.12
N LEU D 284 51.77 137.15 -64.25
CA LEU D 284 52.90 136.27 -64.57
C LEU D 284 54.20 137.03 -64.71
N SER D 285 54.14 138.33 -64.99
CA SER D 285 55.36 139.12 -65.12
C SER D 285 56.13 139.18 -63.82
N THR D 286 55.51 138.84 -62.69
CA THR D 286 56.14 138.92 -61.39
C THR D 286 56.81 137.62 -60.97
N ALA D 287 56.71 136.56 -61.77
CA ALA D 287 57.30 135.29 -61.38
C ALA D 287 58.82 135.39 -61.30
N ILE D 288 59.41 134.59 -60.42
CA ILE D 288 60.84 134.57 -60.22
C ILE D 288 61.43 133.38 -60.94
N ALA D 289 62.44 133.64 -61.78
CA ALA D 289 62.95 132.60 -62.69
C ALA D 289 63.59 131.44 -61.94
N ASP D 290 64.19 131.71 -60.78
CA ASP D 290 64.94 130.67 -60.09
C ASP D 290 64.05 129.53 -59.62
N ARG D 291 62.75 129.73 -59.58
CA ARG D 291 61.83 128.73 -59.04
C ARG D 291 61.08 128.00 -60.15
N ILE D 292 61.71 127.83 -61.29
CA ILE D 292 61.18 127.01 -62.37
C ILE D 292 61.97 125.73 -62.43
N GLY D 293 61.28 124.61 -62.62
CA GLY D 293 61.98 123.35 -62.80
C GLY D 293 62.58 122.83 -61.50
N ARG D 294 63.69 122.12 -61.63
CA ARG D 294 64.32 121.52 -60.47
C ARG D 294 65.15 122.54 -59.72
N LEU D 295 65.47 122.20 -58.47
CA LEU D 295 66.13 123.13 -57.56
C LEU D 295 67.55 122.72 -57.18
N ASP D 296 67.91 121.46 -57.35
CA ASP D 296 69.17 120.95 -56.84
C ASP D 296 69.98 120.34 -57.97
N ARG D 297 71.28 120.25 -57.73
CA ARG D 297 72.15 119.50 -58.64
C ARG D 297 71.86 118.01 -58.49
N ALA D 298 72.23 117.26 -59.52
CA ALA D 298 71.94 115.83 -59.52
C ALA D 298 72.61 115.14 -58.34
N ASN D 299 71.88 114.21 -57.73
CA ASN D 299 72.37 113.50 -56.56
C ASN D 299 72.14 112.01 -56.74
N LEU D 300 73.02 111.22 -56.13
CA LEU D 300 72.85 109.78 -56.03
C LEU D 300 72.60 109.17 -57.41
N ILE D 301 73.50 109.47 -58.32
CA ILE D 301 73.30 109.12 -59.72
C ILE D 301 73.65 107.66 -59.96
N GLY D 302 72.78 106.96 -60.67
CA GLY D 302 73.14 105.68 -61.25
C GLY D 302 73.12 105.79 -62.76
N GLY D 303 74.28 105.74 -63.39
CA GLY D 303 74.35 105.96 -64.82
C GLY D 303 73.88 107.34 -65.22
N GLU D 304 72.74 107.41 -65.89
CA GLU D 304 72.18 108.70 -66.28
C GLU D 304 71.18 109.25 -65.29
N VAL D 305 70.54 108.39 -64.50
CA VAL D 305 69.40 108.78 -63.68
C VAL D 305 69.86 109.19 -62.29
N SER D 306 69.12 110.11 -61.69
CA SER D 306 69.28 110.47 -60.30
C SER D 306 68.29 109.69 -59.45
N ALA D 307 68.65 109.44 -58.20
CA ALA D 307 67.78 108.66 -57.33
C ALA D 307 66.49 109.41 -57.02
N MET D 308 66.61 110.66 -56.59
CA MET D 308 65.45 111.49 -56.33
C MET D 308 65.81 112.93 -56.65
N VAL D 309 64.81 113.72 -57.00
CA VAL D 309 65.01 115.10 -57.42
C VAL D 309 64.02 116.00 -56.69
N GLU D 310 64.33 117.28 -56.67
CA GLU D 310 63.53 118.29 -56.01
C GLU D 310 63.18 119.37 -57.01
N CYS D 311 61.88 119.64 -57.17
CA CYS D 311 61.42 120.50 -58.26
C CYS D 311 60.35 121.46 -57.76
N MET D 312 60.25 122.59 -58.47
CA MET D 312 59.11 123.47 -58.39
C MET D 312 58.30 123.31 -59.67
N GLU D 313 56.99 123.08 -59.52
CA GLU D 313 56.15 122.91 -60.69
C GLU D 313 54.71 123.14 -60.27
N LEU D 314 53.85 123.25 -61.27
CA LEU D 314 52.42 123.37 -61.01
C LEU D 314 51.96 122.19 -60.18
N CYS D 315 51.27 122.49 -59.09
CA CYS D 315 50.89 121.49 -58.11
C CYS D 315 49.83 122.11 -57.21
N ASP D 316 49.47 121.39 -56.16
CA ASP D 316 48.68 121.99 -55.10
C ASP D 316 49.05 121.32 -53.80
N ALA D 317 49.07 122.11 -52.72
CA ALA D 317 49.57 121.61 -51.44
C ALA D 317 48.78 120.40 -50.98
N LEU D 318 47.46 120.41 -51.18
CA LEU D 318 46.64 119.33 -50.65
C LEU D 318 46.99 118.00 -51.28
N THR D 319 47.00 117.94 -52.61
CA THR D 319 47.37 116.68 -53.27
C THR D 319 48.77 116.28 -52.87
N LEU D 320 49.69 117.24 -52.83
CA LEU D 320 51.06 116.95 -52.42
C LEU D 320 51.09 116.38 -51.01
N HIS D 321 50.35 117.00 -50.10
CA HIS D 321 50.34 116.52 -48.72
C HIS D 321 49.85 115.09 -48.65
N ILE D 322 48.85 114.74 -49.45
CA ILE D 322 48.34 113.38 -49.44
C ILE D 322 49.42 112.41 -49.88
N ARG D 323 50.05 112.68 -51.02
CA ARG D 323 50.98 111.71 -51.58
C ARG D 323 52.23 111.60 -50.72
N GLU D 324 52.66 112.71 -50.12
CA GLU D 324 53.78 112.63 -49.19
C GLU D 324 53.45 111.69 -48.04
N THR D 325 52.22 111.78 -47.52
CA THR D 325 51.80 110.83 -46.51
C THR D 325 51.86 109.41 -47.02
N TYR D 326 51.40 109.19 -48.26
CA TYR D 326 51.42 107.85 -48.83
C TYR D 326 52.84 107.31 -48.88
N VAL D 327 53.79 108.14 -49.30
CA VAL D 327 55.18 107.70 -49.34
C VAL D 327 55.66 107.34 -47.95
N MET D 328 55.35 108.17 -46.96
CA MET D 328 55.73 107.88 -45.60
C MET D 328 55.21 106.52 -45.17
N LEU D 329 53.97 106.20 -45.57
CA LEU D 329 53.41 104.90 -45.23
C LEU D 329 54.22 103.78 -45.87
N LEU D 330 54.49 103.89 -47.17
CA LEU D 330 55.23 102.84 -47.85
C LEU D 330 56.58 102.61 -47.21
N ARG D 331 57.30 103.70 -46.93
CA ARG D 331 58.60 103.58 -46.29
C ARG D 331 58.46 102.97 -44.90
N SER D 332 57.36 103.26 -44.22
CA SER D 332 57.14 102.65 -42.91
C SER D 332 57.06 101.14 -43.01
N MET D 333 56.58 100.62 -44.14
CA MET D 333 56.52 99.19 -44.33
C MET D 333 57.82 98.62 -44.87
N HIS D 334 58.83 99.45 -45.11
CA HIS D 334 60.05 98.96 -45.73
C HIS D 334 60.74 97.94 -44.83
N GLN D 335 61.42 97.00 -45.47
CA GLN D 335 62.15 95.95 -44.78
C GLN D 335 63.57 95.89 -45.32
N ASP D 336 64.53 95.73 -44.41
CA ASP D 336 65.91 95.58 -44.85
C ASP D 336 66.10 94.21 -45.46
N PRO D 337 66.43 94.10 -46.75
CA PRO D 337 66.52 92.77 -47.36
C PRO D 337 67.62 91.91 -46.80
N THR D 338 68.70 92.51 -46.29
CA THR D 338 69.83 91.70 -45.82
C THR D 338 69.41 90.76 -44.70
N GLN D 339 68.37 91.10 -43.97
CA GLN D 339 67.95 90.29 -42.83
C GLN D 339 67.14 89.08 -43.23
N ILE D 340 66.78 88.95 -44.51
CA ILE D 340 65.89 87.87 -44.92
C ILE D 340 66.50 86.52 -44.61
N VAL D 341 67.80 86.35 -44.89
CA VAL D 341 68.43 85.05 -44.72
C VAL D 341 68.35 84.61 -43.27
N GLN D 342 68.51 85.55 -42.33
CA GLN D 342 68.37 85.19 -40.93
C GLN D 342 66.94 84.81 -40.61
N ILE D 343 65.97 85.54 -41.16
CA ILE D 343 64.57 85.20 -40.94
C ILE D 343 64.29 83.78 -41.40
N VAL D 344 64.80 83.42 -42.57
CA VAL D 344 64.61 82.07 -43.08
C VAL D 344 65.28 81.05 -42.17
N ASN D 345 66.52 81.32 -41.79
CA ASN D 345 67.27 80.35 -40.98
C ASN D 345 66.58 80.10 -39.65
N GLU D 346 66.14 81.17 -38.99
CA GLU D 346 65.46 80.99 -37.71
C GLU D 346 64.13 80.28 -37.89
N CYS D 347 63.34 80.71 -38.87
CA CYS D 347 62.06 80.07 -39.11
C CYS D 347 62.21 78.60 -39.49
N ALA D 348 63.37 78.22 -39.99
CA ALA D 348 63.67 76.83 -40.30
C ALA D 348 64.31 76.10 -39.14
N ASN D 349 64.42 76.74 -37.98
CA ASN D 349 65.08 76.15 -36.81
C ASN D 349 66.49 75.73 -37.16
N ASN D 350 67.11 76.43 -38.09
CA ASN D 350 68.45 76.13 -38.59
C ASN D 350 68.55 74.74 -39.17
N LEU D 351 67.42 74.16 -39.59
CA LEU D 351 67.50 72.98 -40.43
C LEU D 351 67.97 73.33 -41.84
N LEU D 352 67.83 74.59 -42.23
CA LEU D 352 68.31 75.08 -43.51
C LEU D 352 69.22 76.26 -43.28
N ASN D 353 70.25 76.37 -44.11
CA ASN D 353 71.09 77.55 -44.17
C ASN D 353 71.07 78.07 -45.59
N SER D 354 70.95 79.39 -45.73
CA SER D 354 70.66 79.98 -47.02
C SER D 354 71.51 81.22 -47.24
N THR D 355 71.65 81.60 -48.50
CA THR D 355 72.33 82.83 -48.87
C THR D 355 71.55 83.51 -49.98
N ILE D 356 71.45 84.84 -49.89
CA ILE D 356 70.70 85.63 -50.86
C ILE D 356 71.47 86.91 -51.14
N PRO D 357 72.22 86.99 -52.23
CA PRO D 357 72.90 88.23 -52.57
C PRO D 357 71.92 89.30 -53.03
N ILE D 358 72.25 90.55 -52.73
CA ILE D 358 71.45 91.67 -53.20
C ILE D 358 72.32 92.91 -53.30
N SER D 359 72.09 93.71 -54.34
CA SER D 359 72.76 94.98 -54.48
C SER D 359 72.04 96.05 -53.67
N LEU D 360 72.81 96.98 -53.13
CA LEU D 360 72.27 98.02 -52.24
C LEU D 360 72.33 99.35 -52.98
N ARG D 361 71.23 99.69 -53.63
CA ARG D 361 71.11 101.00 -54.24
C ARG D 361 70.51 101.98 -53.25
N PRO D 362 70.78 103.29 -53.42
CA PRO D 362 70.24 104.26 -52.47
C PRO D 362 68.72 104.24 -52.41
N THR D 363 68.07 104.04 -53.54
CA THR D 363 66.61 104.14 -53.64
C THR D 363 66.07 102.73 -53.82
N ILE D 364 65.76 102.09 -52.70
CA ILE D 364 65.34 100.70 -52.70
C ILE D 364 64.14 100.55 -51.76
N LEU D 365 63.15 99.78 -52.19
CA LEU D 365 61.92 99.63 -51.42
C LEU D 365 61.51 98.18 -51.38
N CYS D 366 61.31 97.66 -50.16
CA CYS D 366 60.89 96.28 -49.95
C CYS D 366 59.83 96.26 -48.88
N PRO D 367 58.61 96.61 -49.22
CA PRO D 367 57.56 96.76 -48.20
C PRO D 367 57.07 95.42 -47.68
N TRP D 368 57.83 94.80 -46.78
CA TRP D 368 57.50 93.47 -46.29
C TRP D 368 57.45 93.39 -44.77
N PHE D 369 57.45 94.52 -44.07
CA PHE D 369 57.51 94.52 -42.62
C PHE D 369 56.21 95.02 -42.01
N ALA D 370 55.87 94.45 -40.85
CA ALA D 370 54.72 94.88 -40.08
C ALA D 370 55.04 94.73 -38.60
N SER D 371 54.52 95.64 -37.80
CA SER D 371 54.75 95.59 -36.37
C SER D 371 53.88 94.54 -35.71
N SER D 372 54.22 94.21 -34.46
CA SER D 372 53.42 93.25 -33.71
C SER D 372 52.00 93.76 -33.50
N GLU D 373 51.85 95.05 -33.25
CA GLU D 373 50.52 95.61 -33.01
C GLU D 373 49.63 95.38 -34.23
N ASP D 374 50.17 95.58 -35.43
CA ASP D 374 49.39 95.33 -36.63
C ASP D 374 48.94 93.88 -36.69
N LEU D 375 49.86 92.95 -36.43
CA LEU D 375 49.50 91.54 -36.48
C LEU D 375 48.44 91.22 -35.45
N ARG D 376 48.60 91.71 -34.23
CA ARG D 376 47.61 91.46 -33.19
C ARG D 376 46.26 92.04 -33.59
N LEU D 377 46.26 93.25 -34.11
CA LEU D 377 45.00 93.83 -34.57
C LEU D 377 44.40 92.99 -35.70
N GLN D 378 45.23 92.56 -36.64
CA GLN D 378 44.73 91.73 -37.72
C GLN D 378 44.14 90.45 -37.20
N GLN D 379 44.80 89.83 -36.22
CA GLN D 379 44.32 88.56 -35.70
C GLN D 379 42.93 88.70 -35.10
N VAL D 380 42.71 89.75 -34.31
CA VAL D 380 41.40 89.97 -33.72
C VAL D 380 40.36 90.17 -34.81
N MET D 381 40.72 90.92 -35.85
CA MET D 381 39.78 91.19 -36.93
C MET D 381 39.28 89.89 -37.54
N HIS D 382 40.14 88.87 -37.60
CA HIS D 382 39.69 87.57 -38.05
C HIS D 382 38.59 87.03 -37.16
N LEU D 383 38.75 87.19 -35.84
CA LEU D 383 37.71 86.72 -34.92
C LEU D 383 36.39 87.42 -35.19
N VAL D 384 36.44 88.71 -35.52
CA VAL D 384 35.22 89.43 -35.87
C VAL D 384 34.62 88.83 -37.12
N ASN D 385 35.44 88.60 -38.14
CA ASN D 385 34.90 88.12 -39.41
C ASN D 385 34.44 86.68 -39.30
N ILE D 386 35.15 85.85 -38.54
CA ILE D 386 34.70 84.47 -38.38
C ILE D 386 33.43 84.42 -37.56
N SER D 387 33.28 85.33 -36.59
CA SER D 387 32.18 85.25 -35.63
C SER D 387 32.10 83.86 -35.04
N SER D 388 30.91 83.31 -34.94
CA SER D 388 30.71 81.96 -34.44
C SER D 388 30.50 80.95 -35.56
N ASN D 389 30.71 81.35 -36.81
CA ASN D 389 30.44 80.46 -37.94
C ASN D 389 31.51 79.38 -37.98
N THR D 390 31.16 78.19 -37.48
CA THR D 390 32.11 77.08 -37.48
C THR D 390 32.57 76.74 -38.89
N ALA D 391 31.67 76.89 -39.87
CA ALA D 391 31.99 76.44 -41.22
C ALA D 391 33.21 77.16 -41.78
N ALA D 392 33.31 78.46 -41.53
CA ALA D 392 34.45 79.20 -42.05
C ALA D 392 35.70 79.05 -41.21
N ALA D 393 35.62 78.41 -40.04
CA ALA D 393 36.79 78.18 -39.23
C ALA D 393 37.48 76.87 -39.57
N LEU D 394 36.70 75.87 -39.97
CA LEU D 394 37.25 74.56 -40.32
C LEU D 394 38.40 74.60 -41.33
N PRO D 395 38.33 75.39 -42.41
CA PRO D 395 39.39 75.28 -43.43
C PRO D 395 40.79 75.49 -42.90
N LEU D 396 40.96 76.37 -41.90
CA LEU D 396 42.29 76.60 -41.35
C LEU D 396 42.90 75.31 -40.84
N VAL D 397 42.17 74.58 -40.01
CA VAL D 397 42.66 73.29 -39.53
C VAL D 397 42.88 72.36 -40.71
N GLU D 398 41.99 72.40 -41.69
CA GLU D 398 42.14 71.52 -42.85
C GLU D 398 43.45 71.79 -43.57
N ALA D 399 43.75 73.06 -43.82
CA ALA D 399 44.97 73.39 -44.55
C ALA D 399 46.20 72.97 -43.75
N LEU D 400 46.22 73.29 -42.46
CA LEU D 400 47.38 72.98 -41.65
C LEU D 400 47.63 71.48 -41.60
N SER D 401 46.56 70.70 -41.43
CA SER D 401 46.70 69.25 -41.45
C SER D 401 47.25 68.77 -42.77
N THR D 402 46.77 69.35 -43.88
CA THR D 402 47.26 68.97 -45.19
C THR D 402 48.75 69.20 -45.29
N LEU D 403 49.22 70.36 -44.85
CA LEU D 403 50.65 70.62 -44.87
C LEU D 403 51.40 69.61 -44.02
N LEU D 404 50.87 69.32 -42.83
CA LEU D 404 51.54 68.37 -41.94
C LEU D 404 51.75 67.04 -42.62
N ARG D 405 50.71 66.51 -43.25
CA ARG D 405 50.84 65.23 -43.93
C ARG D 405 51.85 65.32 -45.06
N SER D 406 51.83 66.40 -45.81
CA SER D 406 52.77 66.56 -46.91
C SER D 406 54.21 66.67 -46.44
N VAL D 407 54.44 66.88 -45.16
CA VAL D 407 55.76 67.20 -44.63
C VAL D 407 56.31 66.07 -43.77
N THR D 408 55.48 65.44 -42.96
CA THR D 408 55.97 64.54 -41.93
C THR D 408 56.69 63.34 -42.55
N PRO D 409 57.71 62.82 -41.88
CA PRO D 409 58.31 61.55 -42.29
C PRO D 409 57.62 60.33 -41.74
N LEU D 410 56.70 60.51 -40.79
CA LEU D 410 56.03 59.39 -40.17
C LEU D 410 55.17 58.66 -41.18
N VAL D 411 55.13 57.34 -41.07
CA VAL D 411 54.34 56.48 -41.95
C VAL D 411 53.41 55.64 -41.10
N LEU D 412 52.15 55.59 -41.50
CA LEU D 412 51.13 54.83 -40.78
C LEU D 412 50.82 53.55 -41.55
N ASP D 413 50.94 52.42 -40.86
CA ASP D 413 50.70 51.14 -41.50
C ASP D 413 50.28 50.10 -40.47
N PRO D 414 49.04 49.63 -40.51
CA PRO D 414 48.56 48.67 -39.50
C PRO D 414 48.91 47.23 -39.79
N THR D 415 49.81 46.96 -40.74
CA THR D 415 50.06 45.58 -41.15
C THR D 415 50.62 44.77 -39.99
N VAL D 416 51.57 45.34 -39.24
CA VAL D 416 52.16 44.62 -38.12
C VAL D 416 51.11 44.40 -37.05
N LEU D 417 50.35 45.44 -36.74
CA LEU D 417 49.27 45.31 -35.77
C LEU D 417 48.30 44.22 -36.20
N THR D 418 47.98 44.16 -37.49
CA THR D 418 47.09 43.13 -37.98
C THR D 418 47.64 41.74 -37.70
N ASN D 419 48.92 41.53 -38.02
CA ASN D 419 49.52 40.22 -37.80
C ASN D 419 49.49 39.84 -36.34
N ALA D 420 49.84 40.78 -35.46
CA ALA D 420 49.81 40.49 -34.03
C ALA D 420 48.41 40.12 -33.58
N ILE D 421 47.40 40.85 -34.06
CA ILE D 421 46.03 40.54 -33.69
C ILE D 421 45.60 39.20 -34.23
N THR D 422 45.87 38.96 -35.52
CA THR D 422 45.30 37.79 -36.19
C THR D 422 45.83 36.49 -35.60
N THR D 423 47.08 36.48 -35.15
CA THR D 423 47.63 35.24 -34.61
C THR D 423 47.10 34.96 -33.20
N ILE D 424 46.89 35.99 -32.39
CA ILE D 424 46.38 35.78 -31.05
C ILE D 424 44.87 35.56 -31.07
N SER D 425 44.17 36.36 -31.86
CA SER D 425 42.80 36.01 -32.18
C SER D 425 42.80 34.76 -33.04
N GLU D 426 41.63 34.13 -33.14
CA GLU D 426 41.53 32.95 -33.99
C GLU D 426 41.23 33.29 -35.44
N SER D 427 40.77 34.51 -35.72
CA SER D 427 40.59 35.01 -37.09
C SER D 427 39.77 34.02 -37.93
N THR D 428 38.64 33.59 -37.36
CA THR D 428 37.87 32.48 -37.90
C THR D 428 36.61 32.90 -38.64
N THR D 429 36.37 34.21 -38.81
CA THR D 429 35.02 34.70 -39.12
C THR D 429 34.02 34.16 -38.10
N GLN D 430 34.52 34.00 -36.88
CA GLN D 430 33.74 33.57 -35.72
C GLN D 430 34.28 34.43 -34.56
N THR D 431 33.98 34.03 -33.32
CA THR D 431 34.29 34.84 -32.14
C THR D 431 33.61 36.21 -32.27
N ILE D 432 32.28 36.15 -32.28
CA ILE D 432 31.45 37.34 -32.36
C ILE D 432 31.69 38.28 -31.18
N SER D 433 32.32 37.78 -30.12
CA SER D 433 32.85 38.60 -29.04
C SER D 433 33.85 39.59 -29.64
N PRO D 434 34.31 40.61 -28.87
CA PRO D 434 34.87 41.82 -29.51
C PRO D 434 35.96 41.63 -30.55
N ILE D 435 36.46 40.41 -30.74
CA ILE D 435 37.26 40.14 -31.94
C ILE D 435 36.51 40.65 -33.17
N SER D 436 35.19 40.44 -33.17
CA SER D 436 34.34 41.10 -34.17
C SER D 436 34.52 42.61 -34.12
N GLU D 437 34.43 43.19 -32.94
CA GLU D 437 34.45 44.64 -32.81
C GLU D 437 35.79 45.22 -33.26
N ILE D 438 36.88 44.71 -32.67
CA ILE D 438 38.18 45.32 -32.93
C ILE D 438 38.58 45.12 -34.39
N LEU D 439 38.20 43.97 -34.96
CA LEU D 439 38.41 43.77 -36.39
C LEU D 439 37.65 44.81 -37.20
N ARG D 440 36.42 45.11 -36.78
CA ARG D 440 35.63 46.13 -37.47
C ARG D 440 36.36 47.46 -37.51
N LEU D 441 37.14 47.76 -36.48
CA LEU D 441 37.94 48.98 -36.47
C LEU D 441 39.32 48.77 -37.04
N LEU D 442 39.84 47.55 -37.02
CA LEU D 442 41.18 47.29 -37.53
C LEU D 442 41.24 47.35 -39.05
N GLN D 443 40.17 46.93 -39.73
CA GLN D 443 40.21 46.79 -41.17
C GLN D 443 40.52 48.14 -41.83
N PRO D 444 41.18 48.14 -42.99
CA PRO D 444 41.78 49.37 -43.51
C PRO D 444 40.75 50.46 -43.80
N MET D 445 41.19 51.70 -43.65
CA MET D 445 40.39 52.88 -43.90
C MET D 445 41.03 53.71 -45.00
N GLY D 446 40.22 54.17 -45.94
CA GLY D 446 40.69 55.01 -47.01
C GLY D 446 40.76 56.48 -46.69
N ASN D 447 40.50 56.86 -45.44
CA ASN D 447 40.46 58.25 -45.03
C ASN D 447 41.83 58.83 -44.73
N ASP D 448 42.90 58.05 -44.89
CA ASP D 448 44.25 58.51 -44.58
C ASP D 448 44.38 58.94 -43.13
N TYR D 449 43.52 58.39 -42.27
CA TYR D 449 43.53 58.71 -40.85
C TYR D 449 43.46 60.22 -40.63
N ALA D 450 42.58 60.88 -41.39
CA ALA D 450 42.49 62.33 -41.33
C ALA D 450 42.18 62.80 -39.92
N ALA D 451 41.40 62.01 -39.17
CA ALA D 451 41.07 62.40 -37.80
C ALA D 451 42.31 62.63 -36.98
N PHE D 452 43.30 61.75 -37.11
CA PHE D 452 44.53 61.89 -36.35
C PHE D 452 45.20 63.22 -36.63
N TRP D 453 45.35 63.57 -37.90
CA TRP D 453 46.02 64.80 -38.25
C TRP D 453 45.20 66.01 -37.82
N LYS D 454 43.87 65.91 -37.89
CA LYS D 454 43.04 67.02 -37.49
C LYS D 454 43.30 67.41 -36.04
N CYS D 455 43.46 66.42 -35.17
CA CYS D 455 43.75 66.70 -33.76
C CYS D 455 45.02 67.52 -33.64
N ILE D 456 46.10 67.07 -34.29
CA ILE D 456 47.37 67.76 -34.18
C ILE D 456 47.24 69.18 -34.68
N ALA D 457 46.57 69.37 -35.81
CA ALA D 457 46.38 70.71 -36.35
C ALA D 457 45.59 71.58 -35.38
N SER D 458 44.55 71.01 -34.77
CA SER D 458 43.71 71.79 -33.88
C SER D 458 44.49 72.33 -32.69
N TRP D 459 45.56 71.63 -32.29
CA TRP D 459 46.37 72.12 -31.18
C TRP D 459 46.89 73.52 -31.45
N ALA D 460 47.35 73.77 -32.68
CA ALA D 460 47.88 75.07 -33.02
C ALA D 460 46.81 76.13 -33.11
N TYR D 461 45.53 75.75 -33.08
CA TYR D 461 44.45 76.72 -33.19
C TYR D 461 43.42 76.58 -32.08
N ASN D 462 43.78 75.95 -30.98
CA ASN D 462 42.84 75.85 -29.87
C ASN D 462 42.46 77.23 -29.39
N GLY D 463 41.25 77.35 -28.88
CA GLY D 463 40.66 78.64 -28.60
C GLY D 463 39.92 79.22 -29.78
N LEU D 464 40.16 78.72 -30.97
CA LEU D 464 39.35 79.01 -32.14
C LEU D 464 38.50 77.84 -32.58
N VAL D 465 38.99 76.62 -32.36
CA VAL D 465 38.23 75.41 -32.65
C VAL D 465 38.80 74.30 -31.80
N THR D 466 37.93 73.45 -31.27
CA THR D 466 38.33 72.38 -30.38
C THR D 466 37.85 71.05 -30.93
N THR D 467 38.75 70.07 -30.98
CA THR D 467 38.37 68.72 -31.31
C THR D 467 37.71 68.06 -30.11
N VAL D 468 36.64 67.33 -30.36
CA VAL D 468 35.93 66.62 -29.31
C VAL D 468 35.69 65.20 -29.75
N LEU D 469 35.61 64.30 -28.77
CA LEU D 469 35.23 62.93 -29.06
C LEU D 469 33.82 62.91 -29.62
N SER D 470 33.65 62.23 -30.75
CA SER D 470 32.35 62.21 -31.41
C SER D 470 31.29 61.62 -30.50
N GLU D 471 30.11 62.22 -30.51
CA GLU D 471 29.04 61.81 -29.60
C GLU D 471 28.73 60.33 -29.74
N ASP D 472 28.68 59.83 -30.96
CA ASP D 472 28.32 58.44 -31.19
C ASP D 472 29.35 57.46 -30.65
N ALA D 473 30.58 57.92 -30.37
CA ALA D 473 31.61 57.01 -29.93
C ALA D 473 31.37 56.50 -28.51
N PHE D 474 30.66 57.25 -27.69
CA PHE D 474 30.44 56.84 -26.31
C PHE D 474 29.50 55.64 -26.26
N PRO D 475 29.64 54.80 -25.25
CA PRO D 475 28.65 53.76 -25.01
C PRO D 475 27.38 54.34 -24.39
N ASP D 476 26.30 53.60 -24.54
CA ASP D 476 25.05 53.99 -23.91
C ASP D 476 25.22 53.98 -22.39
N SER D 477 24.86 55.11 -21.77
CA SER D 477 25.03 55.23 -20.33
C SER D 477 24.15 54.26 -19.56
N SER D 478 23.09 53.75 -20.18
CA SER D 478 22.28 52.73 -19.52
C SER D 478 22.87 51.33 -19.65
N GLN D 479 23.87 51.16 -20.50
CA GLN D 479 24.45 49.85 -20.73
C GLN D 479 25.35 49.45 -19.56
N SER D 480 25.48 48.15 -19.36
CA SER D 480 26.33 47.63 -18.28
C SER D 480 27.73 47.36 -18.80
N ILE D 481 28.67 47.28 -17.85
CA ILE D 481 30.06 46.99 -18.18
C ILE D 481 30.20 45.60 -18.80
N THR D 482 29.28 44.69 -18.50
CA THR D 482 29.38 43.34 -19.03
C THR D 482 29.25 43.32 -20.55
N HIS D 483 28.54 44.29 -21.12
CA HIS D 483 28.35 44.33 -22.56
C HIS D 483 29.68 44.66 -23.21
N LEU D 484 30.36 43.63 -23.70
CA LEU D 484 31.75 43.74 -24.12
C LEU D 484 32.02 44.86 -25.11
N PRO D 485 31.23 45.05 -26.16
CA PRO D 485 31.53 46.16 -27.08
C PRO D 485 31.58 47.51 -26.39
N SER D 486 30.73 47.72 -25.39
CA SER D 486 30.81 48.95 -24.63
C SER D 486 32.15 49.08 -23.93
N MET D 487 32.64 47.98 -23.35
CA MET D 487 33.92 48.02 -22.67
C MET D 487 35.04 48.44 -23.61
N TRP D 488 35.05 47.87 -24.82
CA TRP D 488 36.10 48.22 -25.76
C TRP D 488 35.98 49.68 -26.20
N LYS D 489 34.76 50.19 -26.28
CA LYS D 489 34.59 51.60 -26.60
C LYS D 489 35.26 52.47 -25.54
N CYS D 490 35.04 52.15 -24.28
CA CYS D 490 35.70 52.91 -23.21
C CYS D 490 37.21 52.80 -23.32
N LEU D 491 37.71 51.63 -23.70
CA LEU D 491 39.14 51.48 -23.89
C LEU D 491 39.65 52.45 -24.95
N PHE D 492 38.96 52.51 -26.08
CA PHE D 492 39.39 53.41 -27.15
C PHE D 492 39.32 54.87 -26.69
N LEU D 493 38.22 55.23 -26.02
CA LEU D 493 38.07 56.61 -25.56
C LEU D 493 39.20 56.98 -24.61
N THR D 494 39.51 56.10 -23.67
CA THR D 494 40.57 56.39 -22.72
C THR D 494 41.90 56.56 -23.42
N LEU D 495 42.18 55.71 -24.41
CA LEU D 495 43.43 55.85 -25.14
C LEU D 495 43.50 57.16 -25.91
N ALA D 496 42.41 57.53 -26.57
CA ALA D 496 42.44 58.68 -27.46
C ALA D 496 42.25 60.00 -26.73
N GLY D 497 41.85 59.97 -25.47
CA GLY D 497 41.52 61.16 -24.72
C GLY D 497 42.51 62.30 -24.87
N PRO D 498 43.77 62.06 -24.49
CA PRO D 498 44.73 63.17 -24.48
C PRO D 498 44.96 63.80 -25.84
N MET D 499 44.62 63.13 -26.93
CA MET D 499 44.85 63.71 -28.25
C MET D 499 43.93 64.91 -28.50
N THR D 500 42.71 64.88 -27.97
CA THR D 500 41.77 65.96 -28.24
C THR D 500 42.18 67.24 -27.51
N SER D 501 41.72 68.36 -28.06
CA SER D 501 41.98 69.67 -27.47
C SER D 501 40.93 70.09 -26.46
N ASP D 502 39.84 69.33 -26.33
CA ASP D 502 38.78 69.67 -25.40
C ASP D 502 39.32 69.60 -23.97
N PRO D 503 39.27 70.69 -23.20
CA PRO D 503 39.75 70.62 -21.82
C PRO D 503 38.94 69.67 -20.95
N HIS D 504 37.72 69.34 -21.32
CA HIS D 504 36.88 68.49 -20.50
C HIS D 504 37.05 67.01 -20.81
N SER D 505 37.94 66.67 -21.74
CA SER D 505 38.17 65.26 -22.06
C SER D 505 38.50 64.41 -20.84
N PRO D 506 39.36 64.84 -19.91
CA PRO D 506 39.61 64.01 -18.72
C PRO D 506 38.33 63.61 -18.00
N VAL D 507 37.46 64.56 -17.69
CA VAL D 507 36.23 64.24 -16.99
C VAL D 507 35.37 63.29 -17.82
N LYS D 508 35.20 63.62 -19.10
CA LYS D 508 34.37 62.79 -19.96
C LYS D 508 34.87 61.36 -20.00
N VAL D 509 36.18 61.20 -20.14
CA VAL D 509 36.76 59.86 -20.15
C VAL D 509 36.44 59.15 -18.85
N PHE D 510 36.60 59.85 -17.73
CA PHE D 510 36.33 59.23 -16.44
C PHE D 510 34.88 58.81 -16.33
N MET D 511 33.95 59.69 -16.72
CA MET D 511 32.54 59.41 -16.53
C MET D 511 32.09 58.22 -17.36
N ALA D 512 32.69 58.01 -18.54
CA ALA D 512 32.30 56.90 -19.38
C ALA D 512 32.42 55.59 -18.62
N LEU D 513 33.57 55.35 -18.00
CA LEU D 513 33.74 54.14 -17.21
C LEU D 513 32.78 54.14 -16.02
N ALA D 514 32.62 55.30 -15.38
CA ALA D 514 31.72 55.39 -14.24
C ALA D 514 30.31 54.99 -14.63
N ASN D 515 29.88 55.35 -15.84
CA ASN D 515 28.55 54.98 -16.31
C ASN D 515 28.41 53.47 -16.40
N LEU D 516 29.38 52.80 -17.03
CA LEU D 516 29.30 51.36 -17.16
C LEU D 516 29.39 50.66 -15.81
N LEU D 517 29.96 51.32 -14.81
CA LEU D 517 30.09 50.75 -13.48
C LEU D 517 29.02 51.28 -12.53
N ALA D 518 27.93 51.80 -13.05
CA ALA D 518 26.92 52.40 -12.19
C ALA D 518 26.36 51.38 -11.21
N GLN D 519 26.04 50.19 -11.69
CA GLN D 519 25.45 49.17 -10.83
C GLN D 519 26.50 48.55 -9.90
N PRO D 520 27.62 48.03 -10.41
CA PRO D 520 28.57 47.39 -9.50
C PRO D 520 29.34 48.37 -8.63
N GLU D 521 29.40 49.64 -9.00
CA GLU D 521 30.15 50.65 -8.25
C GLU D 521 29.29 51.88 -8.04
N PRO D 522 28.35 51.84 -7.12
CA PRO D 522 27.46 52.98 -6.89
C PRO D 522 28.09 54.07 -6.02
N ILE D 523 28.87 54.93 -6.65
CA ILE D 523 29.45 56.07 -5.95
C ILE D 523 28.45 57.22 -5.95
N ALA D 524 28.70 58.23 -5.12
CA ALA D 524 27.86 59.41 -5.03
C ALA D 524 28.56 60.57 -5.70
N ILE D 525 27.86 61.26 -6.60
CA ILE D 525 28.40 62.40 -7.31
C ILE D 525 27.87 63.66 -6.65
N GLY D 526 28.77 64.47 -6.10
CA GLY D 526 28.38 65.65 -5.36
C GLY D 526 28.01 66.83 -6.24
N VAL D 527 27.28 66.58 -7.31
CA VAL D 527 26.84 67.66 -8.20
C VAL D 527 25.32 67.61 -8.30
N PRO D 528 24.61 68.58 -7.75
CA PRO D 528 23.15 68.58 -7.87
C PRO D 528 22.74 68.63 -9.33
N GLY D 529 21.69 67.88 -9.66
CA GLY D 529 21.20 67.80 -11.02
C GLY D 529 21.93 66.80 -11.89
N MET D 530 22.85 66.01 -11.35
CA MET D 530 23.58 65.01 -12.11
C MET D 530 23.52 63.69 -11.39
N HIS D 531 23.81 62.62 -12.13
CA HIS D 531 23.78 61.28 -11.56
C HIS D 531 24.85 60.43 -12.24
N GLN D 532 25.21 59.34 -11.59
CA GLN D 532 26.22 58.45 -12.15
C GLN D 532 25.78 57.86 -13.48
N THR D 533 24.48 57.84 -13.75
CA THR D 533 23.97 57.33 -15.02
C THR D 533 23.86 58.40 -16.09
N THR D 534 24.23 59.64 -15.79
CA THR D 534 24.16 60.69 -16.78
C THR D 534 25.12 60.40 -17.92
N PRO D 535 24.71 60.64 -19.17
CA PRO D 535 25.62 60.42 -20.29
C PRO D 535 26.93 61.20 -20.11
N ALA D 536 28.04 60.51 -20.38
CA ALA D 536 29.34 61.09 -20.10
C ALA D 536 29.61 62.32 -20.96
N SER D 537 29.22 62.26 -22.23
CA SER D 537 29.51 63.35 -23.15
C SER D 537 28.83 64.65 -22.77
N GLN D 538 27.89 64.61 -21.82
CA GLN D 538 27.12 65.78 -21.46
C GLN D 538 27.82 66.71 -20.49
N PHE D 539 28.89 66.27 -19.84
CA PHE D 539 29.37 66.98 -18.66
C PHE D 539 29.95 68.35 -19.01
N SER D 540 31.01 68.38 -19.80
CA SER D 540 31.55 69.64 -20.31
C SER D 540 31.92 70.62 -19.21
N HIS D 541 31.09 71.65 -19.01
CA HIS D 541 31.36 72.82 -18.17
C HIS D 541 32.06 72.47 -16.87
N PRO D 542 33.08 73.24 -16.47
CA PRO D 542 33.88 72.85 -15.30
C PRO D 542 33.10 72.77 -14.02
N GLY D 543 32.00 73.52 -13.91
CA GLY D 543 31.26 73.56 -12.67
C GLY D 543 30.68 72.22 -12.25
N VAL D 544 30.56 71.28 -13.18
CA VAL D 544 29.96 69.99 -12.87
C VAL D 544 31.02 68.90 -12.76
N TRP D 545 32.28 69.26 -12.57
CA TRP D 545 33.29 68.25 -12.35
C TRP D 545 33.02 67.55 -11.03
N PRO D 546 32.86 66.22 -11.02
CA PRO D 546 32.55 65.52 -9.79
C PRO D 546 33.63 65.75 -8.75
N PRO D 547 33.25 66.04 -7.51
CA PRO D 547 34.26 66.26 -6.46
C PRO D 547 35.17 65.07 -6.27
N GLY D 548 34.63 63.85 -6.37
CA GLY D 548 35.48 62.68 -6.28
C GLY D 548 36.56 62.66 -7.34
N PHE D 549 36.21 63.09 -8.56
CA PHE D 549 37.23 63.22 -9.59
C PHE D 549 38.25 64.29 -9.21
N LEU D 550 37.79 65.39 -8.60
CA LEU D 550 38.71 66.41 -8.16
C LEU D 550 39.63 65.88 -7.07
N ASN D 551 39.10 65.07 -6.16
CA ASN D 551 39.87 64.50 -5.07
C ASN D 551 39.52 63.02 -4.95
N PRO D 552 40.40 62.14 -5.44
CA PRO D 552 40.07 60.70 -5.44
C PRO D 552 39.95 60.12 -4.04
N GLN D 553 40.42 60.80 -3.02
CA GLN D 553 40.32 60.26 -1.66
C GLN D 553 38.89 60.16 -1.17
N LEU D 554 37.94 60.77 -1.87
CA LEU D 554 36.54 60.68 -1.49
C LEU D 554 35.90 59.37 -1.91
N ILE D 555 36.65 58.46 -2.52
CA ILE D 555 36.12 57.19 -3.00
C ILE D 555 36.73 56.08 -2.16
N ASN D 556 35.89 55.33 -1.47
CA ASN D 556 36.39 54.27 -0.59
C ASN D 556 37.02 53.17 -1.43
N PRO D 557 38.26 52.79 -1.14
CA PRO D 557 38.90 51.74 -1.95
C PRO D 557 38.17 50.42 -1.88
N GLN D 558 37.79 49.97 -0.69
CA GLN D 558 37.14 48.69 -0.53
C GLN D 558 35.77 48.66 -1.18
N GLN D 559 35.14 49.82 -1.35
CA GLN D 559 33.80 49.84 -1.91
C GLN D 559 33.80 50.02 -3.41
N ALA D 560 34.66 50.89 -3.94
CA ALA D 560 34.75 51.16 -5.37
C ALA D 560 36.21 51.10 -5.78
N PRO D 561 36.81 49.91 -5.80
CA PRO D 561 38.25 49.83 -6.11
C PRO D 561 38.58 50.31 -7.50
N LEU D 562 37.87 49.83 -8.52
CA LEU D 562 38.21 50.16 -9.89
C LEU D 562 38.13 51.65 -10.13
N LEU D 563 37.05 52.29 -9.67
CA LEU D 563 36.90 53.71 -9.90
C LEU D 563 38.01 54.51 -9.23
N ARG D 564 38.35 54.16 -7.99
CA ARG D 564 39.41 54.88 -7.30
C ARG D 564 40.73 54.72 -8.05
N ALA D 565 41.04 53.51 -8.48
CA ALA D 565 42.28 53.30 -9.24
C ALA D 565 42.25 54.10 -10.52
N PHE D 566 41.12 54.10 -11.23
CA PHE D 566 41.04 54.80 -12.50
C PHE D 566 41.29 56.29 -12.32
N ALA D 567 40.67 56.88 -11.30
CA ALA D 567 40.88 58.30 -11.04
C ALA D 567 42.34 58.59 -10.74
N GLU D 568 42.95 57.79 -9.85
CA GLU D 568 44.35 58.00 -9.53
C GLU D 568 45.22 57.80 -10.76
N HIS D 569 44.89 56.82 -11.59
CA HIS D 569 45.64 56.61 -12.82
C HIS D 569 45.57 57.85 -13.70
N ILE D 570 44.38 58.42 -13.85
CA ILE D 570 44.23 59.60 -14.69
C ILE D 570 45.02 60.76 -14.11
N ARG D 571 44.86 61.02 -12.81
CA ARG D 571 45.52 62.16 -12.20
C ARG D 571 47.04 62.00 -12.20
N ALA D 572 47.54 60.78 -12.35
CA ALA D 572 48.97 60.55 -12.29
C ALA D 572 49.63 60.48 -13.67
N ASN D 573 48.90 60.06 -14.69
CA ASN D 573 49.51 59.78 -15.98
C ASN D 573 49.07 60.73 -17.09
N TRP D 574 48.04 61.54 -16.88
CA TRP D 574 47.64 62.46 -17.92
C TRP D 574 48.78 63.45 -18.19
N PRO D 575 49.15 63.67 -19.45
CA PRO D 575 50.39 64.37 -19.74
C PRO D 575 50.38 65.81 -19.28
N GLN D 576 51.57 66.32 -19.01
CA GLN D 576 51.80 67.70 -18.61
C GLN D 576 52.07 68.56 -19.84
N PRO D 577 51.32 69.64 -20.03
CA PRO D 577 51.58 70.52 -21.18
C PRO D 577 52.90 71.24 -21.04
N SER D 578 53.45 71.63 -22.19
CA SER D 578 54.71 72.35 -22.23
C SER D 578 54.60 73.43 -23.30
N GLU D 579 55.75 74.02 -23.66
CA GLU D 579 55.76 75.09 -24.63
C GLU D 579 57.11 75.13 -25.32
N PHE D 580 57.16 75.86 -26.43
CA PHE D 580 58.40 76.02 -27.17
C PHE D 580 58.28 77.23 -28.08
N GLY D 581 59.43 77.81 -28.41
CA GLY D 581 59.45 78.99 -29.25
C GLY D 581 59.31 78.66 -30.72
N TYR D 582 59.18 79.71 -31.52
CA TYR D 582 59.01 79.57 -32.96
C TYR D 582 59.29 80.92 -33.60
N GLY D 583 59.18 80.96 -34.92
CA GLY D 583 59.30 82.21 -35.63
C GLY D 583 60.69 82.81 -35.53
N SER D 584 60.74 84.12 -35.77
CA SER D 584 62.00 84.86 -35.72
C SER D 584 61.79 86.15 -34.95
N THR D 585 62.78 86.52 -34.14
CA THR D 585 62.69 87.74 -33.37
C THR D 585 62.69 88.98 -34.25
N LEU D 586 63.02 88.85 -35.53
CA LEU D 586 63.04 89.99 -36.44
C LEU D 586 61.66 90.35 -36.95
N GLN D 587 60.61 89.67 -36.48
CA GLN D 587 59.26 89.90 -36.99
C GLN D 587 58.30 90.06 -35.83
N GLY D 588 57.12 90.60 -36.14
CA GLY D 588 56.07 90.71 -35.16
C GLY D 588 55.58 89.35 -34.71
N SER D 589 55.00 89.33 -33.51
CA SER D 589 54.65 88.05 -32.89
C SER D 589 53.24 87.59 -33.24
N ALA D 590 52.27 88.50 -33.26
CA ALA D 590 50.87 88.23 -33.52
C ALA D 590 50.19 87.43 -32.42
N ASN D 591 50.89 87.09 -31.35
CA ASN D 591 50.26 86.36 -30.26
C ASN D 591 49.45 87.31 -29.38
N LEU D 592 48.34 86.80 -28.85
CA LEU D 592 47.44 87.58 -28.03
C LEU D 592 47.59 87.27 -26.54
N PHE D 593 47.45 86.01 -26.18
CA PHE D 593 47.46 85.60 -24.78
C PHE D 593 48.80 85.02 -24.35
N ILE D 594 49.31 84.04 -25.08
CA ILE D 594 50.58 83.40 -24.76
C ILE D 594 51.69 84.41 -25.02
N PRO D 595 52.86 84.26 -24.40
CA PRO D 595 53.95 85.21 -24.60
C PRO D 595 54.36 85.27 -26.06
N PRO D 596 54.95 86.37 -26.50
CA PRO D 596 55.31 86.52 -27.91
C PRO D 596 56.32 85.48 -28.34
N ASN D 597 56.19 85.04 -29.60
CA ASN D 597 57.10 84.08 -30.22
C ASN D 597 57.21 82.79 -29.42
N ARG D 598 56.09 82.36 -28.84
CA ARG D 598 56.03 81.14 -28.06
C ARG D 598 54.75 80.39 -28.42
N MET D 599 54.77 79.09 -28.20
CA MET D 599 53.61 78.25 -28.47
C MET D 599 53.47 77.19 -27.40
N VAL D 600 52.24 76.92 -27.00
CA VAL D 600 51.97 75.90 -26.00
C VAL D 600 51.81 74.56 -26.69
N TYR D 601 51.90 73.48 -25.91
CA TYR D 601 51.89 72.15 -26.47
C TYR D 601 51.32 71.17 -25.46
N PRO D 602 50.33 70.38 -25.84
CA PRO D 602 49.70 69.48 -24.85
C PRO D 602 50.66 68.50 -24.23
N TRP D 603 51.64 68.04 -24.98
CA TRP D 603 52.58 67.04 -24.50
C TRP D 603 53.93 67.69 -24.18
N PRO D 604 54.72 67.07 -23.31
CA PRO D 604 56.08 67.56 -23.10
C PRO D 604 56.91 67.40 -24.37
N ASN D 605 57.80 68.35 -24.60
CA ASN D 605 58.64 68.36 -25.78
C ASN D 605 60.10 68.41 -25.38
N GLN D 606 60.93 67.71 -26.14
CA GLN D 606 62.36 67.65 -25.91
C GLN D 606 63.07 67.71 -27.24
N PRO D 607 64.35 68.09 -27.25
CA PRO D 607 65.11 68.09 -28.50
C PRO D 607 65.15 66.71 -29.12
N LEU D 608 65.61 66.66 -30.37
CA LEU D 608 65.63 65.42 -31.12
C LEU D 608 66.89 64.63 -30.78
N PRO D 609 66.78 63.50 -30.11
CA PRO D 609 67.98 62.74 -29.75
C PRO D 609 68.35 61.73 -30.81
N ARG D 610 69.39 60.95 -30.55
CA ARG D 610 69.70 59.81 -31.40
C ARG D 610 68.57 58.79 -31.30
N LEU D 611 68.23 58.17 -32.43
CA LEU D 611 67.10 57.28 -32.46
C LEU D 611 67.46 55.88 -31.95
N THR D 612 68.08 55.81 -30.78
CA THR D 612 68.41 54.51 -30.21
C THR D 612 67.18 53.97 -29.49
N VAL D 613 67.36 52.88 -28.74
CA VAL D 613 66.20 52.18 -28.20
C VAL D 613 65.67 52.85 -26.94
N ALA D 614 66.55 53.43 -26.13
CA ALA D 614 66.09 54.03 -24.88
C ALA D 614 65.05 55.12 -25.10
N PRO D 615 65.23 56.09 -26.00
CA PRO D 615 64.19 57.10 -26.24
C PRO D 615 63.08 56.60 -27.14
N THR D 616 62.58 55.40 -26.87
CA THR D 616 61.53 54.82 -27.68
C THR D 616 60.38 54.35 -26.81
N TYR D 617 60.68 53.95 -25.58
CA TYR D 617 59.66 53.44 -24.68
C TYR D 617 59.57 54.28 -23.41
N ASP D 618 60.07 55.50 -23.45
CA ASP D 618 60.09 56.38 -22.30
C ASP D 618 59.23 57.62 -22.46
N SER D 619 58.69 57.85 -23.64
CA SER D 619 57.87 59.03 -23.87
C SER D 619 56.63 58.99 -22.96
N ALA D 620 56.19 60.18 -22.56
CA ALA D 620 54.99 60.27 -21.74
C ALA D 620 53.82 59.56 -22.39
N MET D 621 53.71 59.68 -23.72
CA MET D 621 52.62 59.03 -24.43
C MET D 621 52.71 57.52 -24.28
N SER D 622 53.92 56.97 -24.47
CA SER D 622 54.09 55.53 -24.28
C SER D 622 53.72 55.13 -22.88
N ASN D 623 54.13 55.93 -21.89
CA ASN D 623 53.73 55.66 -20.52
C ASN D 623 52.22 55.67 -20.38
N TRP D 624 51.56 56.65 -21.00
CA TRP D 624 50.12 56.72 -20.93
C TRP D 624 49.48 55.47 -21.51
N ILE D 625 49.97 55.02 -22.67
CA ILE D 625 49.41 53.84 -23.31
C ILE D 625 49.62 52.61 -22.44
N SER D 626 50.84 52.43 -21.94
CA SER D 626 51.16 51.23 -21.18
C SER D 626 50.32 51.14 -19.93
N THR D 627 50.24 52.23 -19.17
CA THR D 627 49.45 52.21 -17.95
C THR D 627 47.98 51.97 -18.24
N THR D 628 47.45 52.62 -19.28
CA THR D 628 46.04 52.46 -19.60
C THR D 628 45.73 51.00 -19.93
N ILE D 629 46.52 50.39 -20.80
CA ILE D 629 46.28 49.00 -21.16
C ILE D 629 46.38 48.12 -19.93
N ALA D 630 47.40 48.34 -19.12
CA ALA D 630 47.57 47.54 -17.91
C ALA D 630 46.34 47.64 -17.02
N PHE D 631 45.82 48.86 -16.86
CA PHE D 631 44.64 49.04 -16.02
C PHE D 631 43.46 48.27 -16.58
N PHE D 632 43.23 48.36 -17.88
CA PHE D 632 42.07 47.70 -18.46
C PHE D 632 42.20 46.18 -18.37
N ILE D 633 43.42 45.66 -18.51
CA ILE D 633 43.63 44.23 -18.33
C ILE D 633 43.21 43.81 -16.93
N ARG D 634 43.52 44.65 -15.94
CA ARG D 634 43.04 44.38 -14.60
C ARG D 634 41.52 44.39 -14.54
N VAL D 635 40.90 45.32 -15.26
CA VAL D 635 39.44 45.44 -15.24
C VAL D 635 38.79 44.19 -15.81
N VAL D 636 39.23 43.78 -17.00
CA VAL D 636 38.58 42.68 -17.68
C VAL D 636 38.68 41.39 -16.89
N ASN D 637 39.68 41.27 -16.01
CA ASN D 637 39.81 40.10 -15.17
C ASN D 637 39.05 40.23 -13.86
N SER D 638 38.21 41.24 -13.73
CA SER D 638 37.45 41.39 -12.50
C SER D 638 36.35 40.34 -12.43
N VAL D 639 35.91 40.08 -11.19
CA VAL D 639 34.85 39.10 -10.97
C VAL D 639 33.52 39.56 -11.55
N ASN D 640 33.37 40.85 -11.80
CA ASN D 640 32.08 41.34 -12.27
C ASN D 640 31.78 40.90 -13.69
N MET D 641 32.81 40.69 -14.50
CA MET D 641 32.63 40.34 -15.90
C MET D 641 32.21 38.90 -16.11
N THR D 642 32.16 38.09 -15.05
CA THR D 642 31.86 36.68 -15.20
C THR D 642 30.47 36.43 -15.75
N ALA D 643 29.60 37.44 -15.73
CA ALA D 643 28.25 37.25 -16.25
C ALA D 643 28.27 36.82 -17.69
N THR D 644 29.24 37.28 -18.48
CA THR D 644 29.28 36.92 -19.88
C THR D 644 30.69 36.64 -20.38
N VAL D 645 31.65 36.38 -19.51
CA VAL D 645 33.03 36.16 -19.90
C VAL D 645 33.51 34.89 -19.21
N ASN D 646 33.46 33.77 -19.93
CA ASN D 646 34.05 32.55 -19.42
C ASN D 646 35.58 32.66 -19.48
N ASP D 647 36.26 31.61 -19.02
CA ASP D 647 37.70 31.65 -18.93
C ASP D 647 38.33 31.84 -20.30
N LEU D 648 37.84 31.10 -21.30
CA LEU D 648 38.43 31.19 -22.62
C LEU D 648 38.35 32.61 -23.16
N THR D 649 37.17 33.23 -23.04
CA THR D 649 37.04 34.62 -23.47
C THR D 649 37.98 35.51 -22.67
N ARG D 650 38.06 35.28 -21.36
CA ARG D 650 38.87 36.14 -20.51
C ARG D 650 40.32 36.15 -20.98
N ARG D 651 40.87 34.96 -21.27
CA ARG D 651 42.23 34.90 -21.76
C ARG D 651 42.35 35.55 -23.13
N THR D 652 41.37 35.31 -23.99
CA THR D 652 41.42 35.89 -25.33
C THR D 652 41.48 37.40 -25.26
N MET D 653 40.62 38.01 -24.46
CA MET D 653 40.66 39.46 -24.29
C MET D 653 42.01 39.89 -23.76
N THR D 654 42.53 39.18 -22.76
CA THR D 654 43.82 39.53 -22.20
C THR D 654 44.91 39.44 -23.25
N GLY D 655 44.89 38.39 -24.07
CA GLY D 655 45.88 38.26 -25.11
C GLY D 655 45.82 39.39 -26.10
N VAL D 656 44.62 39.80 -26.50
CA VAL D 656 44.49 40.89 -27.45
C VAL D 656 45.03 42.18 -26.86
N MET D 657 44.65 42.48 -25.62
CA MET D 657 45.07 43.73 -25.02
C MET D 657 46.58 43.80 -24.90
N THR D 658 47.20 42.74 -24.38
CA THR D 658 48.66 42.77 -24.25
C THR D 658 49.31 42.82 -25.62
N ALA D 659 48.67 42.26 -26.64
CA ALA D 659 49.20 42.38 -27.99
C ALA D 659 49.22 43.84 -28.41
N MET D 660 48.15 44.57 -28.12
CA MET D 660 48.13 46.00 -28.45
C MET D 660 49.21 46.74 -27.70
N ARG D 661 49.42 46.38 -26.43
CA ARG D 661 50.42 47.07 -25.64
C ARG D 661 51.84 46.78 -26.13
N GLN D 662 52.08 45.59 -26.64
CA GLN D 662 53.45 45.18 -26.93
C GLN D 662 53.94 45.65 -28.29
N VAL D 663 53.05 45.85 -29.25
CA VAL D 663 53.49 46.16 -30.60
C VAL D 663 54.21 47.50 -30.60
N LYS D 664 55.34 47.55 -31.32
CA LYS D 664 56.16 48.76 -31.38
C LYS D 664 55.51 49.80 -32.28
N THR D 665 55.65 51.06 -31.88
CA THR D 665 55.13 52.17 -32.68
C THR D 665 56.02 53.38 -32.48
N MET D 666 56.30 54.09 -33.57
CA MET D 666 57.12 55.29 -33.50
C MET D 666 56.33 56.54 -33.14
N THR D 667 54.99 56.45 -33.17
CA THR D 667 54.16 57.64 -32.96
C THR D 667 54.50 58.40 -31.69
N PRO D 668 54.63 57.78 -30.52
CA PRO D 668 54.98 58.57 -29.34
C PRO D 668 56.31 59.28 -29.47
N PHE D 669 57.30 58.61 -30.07
CA PHE D 669 58.59 59.26 -30.25
C PHE D 669 58.48 60.46 -31.18
N TYR D 670 57.70 60.32 -32.25
CA TYR D 670 57.53 61.42 -33.18
C TYR D 670 56.90 62.62 -32.49
N ILE D 671 55.90 62.37 -31.64
CA ILE D 671 55.18 63.46 -31.01
C ILE D 671 56.08 64.20 -30.02
N GLN D 672 56.85 63.47 -29.23
CA GLN D 672 57.64 64.12 -28.21
C GLN D 672 58.87 64.80 -28.77
N HIS D 673 59.43 64.29 -29.86
CA HIS D 673 60.73 64.76 -30.32
C HIS D 673 60.74 65.37 -31.71
N MET D 674 59.76 65.08 -32.55
CA MET D 674 59.80 65.55 -33.93
C MET D 674 58.67 66.51 -34.26
N CYS D 675 57.44 66.16 -33.89
CA CYS D 675 56.28 66.97 -34.25
C CYS D 675 56.42 68.44 -33.85
N PRO D 676 56.89 68.80 -32.64
CA PRO D 676 57.00 70.23 -32.33
C PRO D 676 57.87 71.00 -33.30
N THR D 677 58.94 70.37 -33.81
CA THR D 677 59.77 71.05 -34.79
C THR D 677 58.96 71.42 -36.03
N GLU D 678 58.19 70.47 -36.54
CA GLU D 678 57.39 70.74 -37.72
C GLU D 678 56.35 71.81 -37.45
N LEU D 679 55.69 71.74 -36.30
CA LEU D 679 54.67 72.73 -35.98
C LEU D 679 55.29 74.13 -35.91
N SER D 680 56.44 74.26 -35.27
CA SER D 680 57.08 75.56 -35.17
C SER D 680 57.40 76.12 -36.55
N VAL D 681 57.88 75.27 -37.44
CA VAL D 681 58.22 75.73 -38.79
C VAL D 681 56.95 76.14 -39.52
N LEU D 682 55.92 75.30 -39.49
CA LEU D 682 54.71 75.61 -40.24
C LEU D 682 54.02 76.84 -39.68
N ALA D 683 54.20 77.13 -38.39
CA ALA D 683 53.53 78.27 -37.80
C ALA D 683 53.99 79.59 -38.37
N SER D 684 55.10 79.62 -39.10
CA SER D 684 55.67 80.86 -39.59
C SER D 684 55.43 81.10 -41.07
N VAL D 685 54.75 80.18 -41.77
CA VAL D 685 54.55 80.31 -43.20
C VAL D 685 53.11 80.59 -43.57
N THR D 686 52.15 80.16 -42.75
CA THR D 686 50.74 80.40 -43.07
C THR D 686 50.42 81.88 -42.97
N VAL D 687 49.46 82.31 -43.79
CA VAL D 687 48.98 83.69 -43.71
C VAL D 687 48.38 83.96 -42.34
N THR D 688 47.58 83.01 -41.84
CA THR D 688 46.95 83.17 -40.55
C THR D 688 47.85 82.58 -39.47
N PRO D 689 48.41 83.38 -38.59
CA PRO D 689 49.27 82.84 -37.53
C PRO D 689 48.45 82.06 -36.52
N PRO D 690 49.06 81.14 -35.79
CA PRO D 690 48.31 80.34 -34.83
C PRO D 690 47.66 81.20 -33.76
N PHE D 691 46.46 80.80 -33.36
CA PHE D 691 45.72 81.45 -32.28
C PHE D 691 45.50 80.42 -31.18
N GLN D 692 46.07 80.67 -30.01
CA GLN D 692 46.12 79.68 -28.95
C GLN D 692 45.70 80.27 -27.62
N VAL D 693 45.27 79.39 -26.73
CA VAL D 693 45.02 79.73 -25.33
C VAL D 693 45.75 78.69 -24.49
N PRO D 694 46.18 79.03 -23.28
CA PRO D 694 47.00 78.09 -22.51
C PRO D 694 46.23 76.84 -22.14
N PHE D 695 46.87 75.68 -22.35
CA PHE D 695 46.31 74.44 -21.85
C PHE D 695 46.37 74.42 -20.33
N THR D 696 45.40 73.74 -19.72
CA THR D 696 45.22 73.83 -18.28
C THR D 696 45.31 72.51 -17.54
N ARG D 697 45.36 71.38 -18.25
CA ARG D 697 45.36 70.06 -17.63
C ARG D 697 44.18 69.92 -16.68
N LEU D 698 44.46 69.77 -15.39
CA LEU D 698 43.43 69.39 -14.42
C LEU D 698 43.15 70.46 -13.37
N VAL D 699 43.72 71.65 -13.52
CA VAL D 699 43.49 72.71 -12.54
C VAL D 699 42.10 73.27 -12.80
N GLN D 700 41.14 72.92 -11.94
CA GLN D 700 39.75 73.32 -12.18
C GLN D 700 39.60 74.82 -12.18
N ASN D 701 40.25 75.51 -11.25
CA ASN D 701 40.09 76.95 -11.16
C ASN D 701 40.66 77.70 -12.35
N ASP D 702 41.47 77.03 -13.18
CA ASP D 702 42.08 77.67 -14.35
C ASP D 702 41.40 77.28 -15.65
N VAL D 703 40.31 76.53 -15.60
CA VAL D 703 39.64 76.13 -16.83
C VAL D 703 38.96 77.33 -17.45
N ILE D 704 39.06 77.44 -18.76
CA ILE D 704 38.45 78.52 -19.52
C ILE D 704 37.00 78.17 -19.81
N THR D 705 36.11 79.13 -19.61
CA THR D 705 34.71 78.94 -19.92
C THR D 705 34.25 79.67 -21.18
N ASN D 706 34.86 80.80 -21.51
CA ASN D 706 34.42 81.57 -22.66
C ASN D 706 35.59 82.32 -23.26
N VAL D 707 35.49 82.60 -24.56
CA VAL D 707 36.41 83.46 -25.27
C VAL D 707 35.58 84.45 -26.07
N LEU D 708 35.75 85.74 -25.77
CA LEU D 708 34.84 86.75 -26.32
C LEU D 708 35.63 87.93 -26.85
N VAL D 709 35.04 88.58 -27.86
CA VAL D 709 35.61 89.77 -28.48
C VAL D 709 34.76 90.96 -28.09
N ALA D 710 35.41 92.01 -27.59
CA ALA D 710 34.72 93.21 -27.13
C ALA D 710 34.99 94.34 -28.11
N ARG D 711 33.93 94.83 -28.75
CA ARG D 711 34.07 96.02 -29.58
C ARG D 711 34.23 97.27 -28.75
N VAL D 712 33.69 97.29 -27.55
CA VAL D 712 33.84 98.39 -26.61
C VAL D 712 34.09 97.78 -25.23
N ASP D 713 34.98 98.40 -24.47
CA ASP D 713 35.20 97.97 -23.10
C ASP D 713 33.87 98.02 -22.36
N PRO D 714 33.48 96.96 -21.64
CA PRO D 714 32.10 96.86 -21.16
C PRO D 714 31.67 98.02 -20.29
N ALA D 715 32.59 98.64 -19.56
CA ALA D 715 32.21 99.78 -18.74
C ALA D 715 31.66 100.93 -19.58
N GLN D 716 32.10 101.04 -20.84
CA GLN D 716 31.65 102.11 -21.72
C GLN D 716 30.49 101.70 -22.61
N ARG D 717 30.10 100.44 -22.60
CA ARG D 717 29.10 99.96 -23.55
C ARG D 717 27.74 100.57 -23.25
N GLY D 718 27.02 100.92 -24.32
CA GLY D 718 25.68 101.47 -24.15
C GLY D 718 24.72 100.46 -23.55
N ASP D 719 24.76 99.22 -24.04
CA ASP D 719 23.98 98.13 -23.48
C ASP D 719 24.85 96.88 -23.50
N ALA D 720 24.31 95.80 -22.92
CA ALA D 720 25.08 94.57 -22.75
C ALA D 720 25.71 94.14 -24.08
N ALA D 721 24.87 93.84 -25.07
CA ALA D 721 25.31 93.58 -26.44
C ALA D 721 26.53 92.67 -26.48
N VAL D 722 26.47 91.59 -25.70
CA VAL D 722 27.61 90.71 -25.52
C VAL D 722 27.82 89.88 -26.79
N ASP D 723 28.98 89.24 -26.90
CA ASP D 723 29.31 88.45 -28.06
C ASP D 723 28.32 87.31 -28.25
N ILE D 724 27.96 87.06 -29.50
CA ILE D 724 27.04 85.98 -29.84
C ILE D 724 27.59 84.63 -29.42
N ARG D 725 28.92 84.51 -29.33
CA ARG D 725 29.54 83.23 -29.00
C ARG D 725 29.08 82.71 -27.66
N ALA D 726 28.65 83.60 -26.76
CA ALA D 726 28.25 83.17 -25.43
C ALA D 726 27.08 82.20 -25.45
N THR D 727 26.33 82.15 -26.54
CA THR D 727 25.19 81.25 -26.64
C THR D 727 25.59 79.81 -26.89
N HIS D 728 26.89 79.54 -27.08
CA HIS D 728 27.33 78.20 -27.44
C HIS D 728 27.81 77.44 -26.21
N ALA D 729 27.63 76.12 -26.26
CA ALA D 729 27.97 75.28 -25.12
C ALA D 729 29.47 75.28 -24.86
N THR D 730 30.28 75.28 -25.91
CA THR D 730 31.73 75.28 -25.78
C THR D 730 32.27 76.64 -26.21
N PHE D 731 33.40 77.02 -25.62
CA PHE D 731 33.96 78.33 -25.89
C PHE D 731 34.47 78.48 -27.31
N ALA D 732 34.64 77.40 -28.05
CA ALA D 732 35.10 77.46 -29.43
C ALA D 732 34.31 76.48 -30.26
N ALA D 733 34.46 76.58 -31.58
CA ALA D 733 33.78 75.69 -32.48
C ALA D 733 34.19 74.24 -32.21
N ALA D 734 33.23 73.33 -32.32
CA ALA D 734 33.42 71.94 -31.96
C ALA D 734 33.62 71.10 -33.21
N LEU D 735 34.65 70.28 -33.21
CA LEU D 735 34.94 69.37 -34.32
C LEU D 735 34.95 67.94 -33.82
N PRO D 736 33.88 67.18 -34.03
CA PRO D 736 33.86 65.80 -33.55
C PRO D 736 34.83 64.94 -34.32
N VAL D 737 35.47 64.01 -33.63
CA VAL D 737 36.41 63.08 -34.23
C VAL D 737 36.17 61.69 -33.66
N ASP D 738 36.53 60.68 -34.45
CA ASP D 738 36.32 59.30 -34.05
C ASP D 738 37.56 58.78 -33.34
N PRO D 739 37.44 58.29 -32.10
CA PRO D 739 38.64 57.80 -31.40
C PRO D 739 39.30 56.63 -32.08
N ALA D 740 38.52 55.74 -32.70
CA ALA D 740 39.10 54.52 -33.24
C ALA D 740 40.15 54.82 -34.29
N ALA D 741 39.86 55.75 -35.19
CA ALA D 741 40.84 56.15 -36.19
C ALA D 741 42.09 56.70 -35.52
N ILE D 742 41.90 57.53 -34.49
CA ILE D 742 43.03 58.08 -33.77
C ILE D 742 43.85 56.98 -33.14
N VAL D 743 43.18 56.01 -32.53
CA VAL D 743 43.89 54.92 -31.86
C VAL D 743 44.75 54.16 -32.85
N VAL D 744 44.19 53.84 -34.01
CA VAL D 744 44.94 53.10 -35.02
C VAL D 744 46.22 53.83 -35.36
N ALA D 745 46.12 55.13 -35.64
CA ALA D 745 47.30 55.90 -35.98
C ALA D 745 48.32 55.88 -34.85
N MET D 746 47.85 55.92 -33.60
CA MET D 746 48.75 55.85 -32.47
C MET D 746 49.51 54.53 -32.46
N LEU D 747 48.82 53.43 -32.71
CA LEU D 747 49.41 52.12 -32.50
C LEU D 747 50.35 51.69 -33.61
N CYS D 748 50.21 52.23 -34.81
CA CYS D 748 51.06 51.83 -35.93
C CYS D 748 51.71 53.07 -36.53
N GLY D 749 52.90 53.39 -36.03
CA GLY D 749 53.70 54.47 -36.58
C GLY D 749 55.08 53.97 -36.93
N GLN D 750 55.47 54.12 -38.20
CA GLN D 750 56.70 53.53 -38.69
C GLN D 750 57.51 54.56 -39.45
N THR D 751 58.75 54.19 -39.76
CA THR D 751 59.70 55.07 -40.43
C THR D 751 60.37 54.32 -41.56
N GLU D 752 60.92 55.09 -42.50
CA GLU D 752 61.68 54.49 -43.57
C GLU D 752 63.03 53.99 -43.06
N THR D 753 63.73 53.23 -43.91
CA THR D 753 64.91 52.51 -43.46
C THR D 753 66.16 53.37 -43.41
N ASN D 754 66.17 54.55 -44.02
CA ASN D 754 67.35 55.39 -44.06
C ASN D 754 67.03 56.81 -43.68
N LEU D 755 66.15 56.98 -42.70
CA LEU D 755 65.67 58.31 -42.34
C LEU D 755 66.79 59.09 -41.68
N ILE D 756 67.37 60.02 -42.44
CA ILE D 756 68.28 61.03 -41.88
C ILE D 756 67.45 62.29 -41.64
N PRO D 757 67.23 62.68 -40.39
CA PRO D 757 66.32 63.80 -40.12
C PRO D 757 66.68 65.07 -40.86
N SER D 758 67.97 65.38 -40.95
CA SER D 758 68.39 66.60 -41.64
C SER D 758 67.99 66.54 -43.10
N HIS D 759 68.30 65.45 -43.78
CA HIS D 759 68.02 65.35 -45.20
C HIS D 759 66.53 65.44 -45.48
N HIS D 760 65.73 64.71 -44.70
CA HIS D 760 64.30 64.70 -44.93
C HIS D 760 63.69 66.08 -44.73
N TYR D 761 64.01 66.71 -43.61
CA TYR D 761 63.39 67.99 -43.29
C TYR D 761 63.87 69.09 -44.23
N GLY D 762 65.16 69.14 -44.52
CA GLY D 762 65.66 70.14 -45.43
C GLY D 762 65.00 70.04 -46.79
N LYS D 763 64.85 68.82 -47.30
CA LYS D 763 64.16 68.64 -48.56
C LYS D 763 62.68 69.00 -48.44
N ALA D 764 62.06 68.70 -47.30
CA ALA D 764 60.64 68.95 -47.15
C ALA D 764 60.32 70.42 -46.98
N PHE D 765 61.14 71.14 -46.23
CA PHE D 765 60.80 72.53 -45.89
C PHE D 765 61.12 73.51 -47.00
N ALA D 766 62.05 73.18 -47.89
CA ALA D 766 62.45 74.14 -48.91
C ALA D 766 61.31 74.67 -49.74
N PRO D 767 60.40 73.86 -50.27
CA PRO D 767 59.34 74.42 -51.13
C PRO D 767 58.48 75.45 -50.42
N LEU D 768 58.26 75.30 -49.11
CA LEU D 768 57.40 76.22 -48.40
C LEU D 768 57.95 77.63 -48.45
N PHE D 769 59.26 77.78 -48.27
CA PHE D 769 59.84 79.11 -48.26
C PHE D 769 59.90 79.74 -49.64
N ALA D 770 59.57 78.99 -50.70
CA ALA D 770 59.39 79.61 -51.99
C ALA D 770 58.10 80.42 -52.08
N SER D 771 57.25 80.33 -51.08
CA SER D 771 56.01 81.11 -51.09
C SER D 771 56.29 82.56 -50.72
N ASN D 772 55.26 83.39 -50.88
CA ASN D 772 55.31 84.77 -50.45
C ASN D 772 54.23 85.09 -49.43
N ALA D 773 53.55 84.07 -48.90
CA ALA D 773 52.50 84.30 -47.92
C ALA D 773 53.03 85.06 -46.72
N MET D 774 54.30 84.82 -46.36
CA MET D 774 54.88 85.48 -45.20
C MET D 774 54.80 87.00 -45.32
N PHE D 775 54.89 87.52 -46.53
CA PHE D 775 54.89 88.97 -46.71
C PHE D 775 53.49 89.52 -46.94
N THR D 776 52.69 88.83 -47.75
CA THR D 776 51.31 89.24 -47.96
C THR D 776 50.58 89.36 -46.63
N ARG D 777 50.93 88.48 -45.68
CA ARG D 777 50.37 88.59 -44.34
C ARG D 777 50.65 89.95 -43.75
N ASN D 778 51.90 90.40 -43.82
CA ASN D 778 52.25 91.70 -43.26
C ASN D 778 51.53 92.81 -44.02
N GLN D 779 51.51 92.73 -45.34
CA GLN D 779 50.90 93.81 -46.13
C GLN D 779 49.42 93.93 -45.84
N ARG D 780 48.71 92.81 -45.81
CA ARG D 780 47.29 92.87 -45.53
C ARG D 780 47.03 93.41 -44.14
N ALA D 781 47.85 93.02 -43.17
CA ALA D 781 47.67 93.50 -41.81
C ALA D 781 47.79 95.02 -41.76
N VAL D 782 48.78 95.58 -42.45
CA VAL D 782 48.96 97.02 -42.43
C VAL D 782 47.75 97.71 -43.03
N ILE D 783 47.30 97.23 -44.18
CA ILE D 783 46.12 97.83 -44.81
C ILE D 783 44.92 97.74 -43.87
N THR D 784 44.77 96.60 -43.21
CA THR D 784 43.66 96.44 -42.28
C THR D 784 43.69 97.51 -41.19
N ARG D 785 44.88 97.79 -40.65
CA ARG D 785 44.99 98.82 -39.64
C ARG D 785 44.51 100.15 -40.16
N GLU D 786 44.99 100.56 -41.34
CA GLU D 786 44.61 101.86 -41.88
C GLU D 786 43.12 101.95 -42.12
N ALA D 787 42.54 100.90 -42.69
CA ALA D 787 41.10 100.90 -42.92
C ALA D 787 40.34 100.97 -41.60
N PHE D 788 40.79 100.19 -40.61
CA PHE D 788 40.11 100.19 -39.32
C PHE D 788 40.10 101.57 -38.70
N VAL D 789 41.27 102.21 -38.65
CA VAL D 789 41.36 103.53 -38.01
C VAL D 789 40.45 104.52 -38.71
N CYS D 790 40.50 104.55 -40.04
CA CYS D 790 39.68 105.48 -40.79
C CYS D 790 38.20 105.20 -40.57
N ALA D 791 37.80 103.93 -40.65
CA ALA D 791 36.39 103.58 -40.50
C ALA D 791 35.89 103.97 -39.12
N ARG D 792 36.66 103.66 -38.08
CA ARG D 792 36.25 104.04 -36.73
C ARG D 792 36.14 105.55 -36.61
N SER D 793 37.10 106.28 -37.18
CA SER D 793 37.07 107.73 -37.09
C SER D 793 35.82 108.28 -37.76
N ALA D 794 35.47 107.74 -38.94
CA ALA D 794 34.34 108.27 -39.68
C ALA D 794 33.05 108.14 -38.87
N VAL D 795 32.79 106.95 -38.34
CA VAL D 795 31.56 106.73 -37.57
C VAL D 795 31.55 107.63 -36.35
N ALA D 796 32.69 107.76 -35.67
CA ALA D 796 32.76 108.59 -34.49
C ALA D 796 32.39 110.03 -34.81
N GLN D 797 32.85 110.54 -35.95
CA GLN D 797 32.53 111.91 -36.30
C GLN D 797 31.05 112.10 -36.59
N CYS D 798 30.34 111.04 -36.96
CA CYS D 798 28.94 111.20 -37.32
C CYS D 798 28.01 111.19 -36.10
N GLN D 799 28.25 110.28 -35.15
CA GLN D 799 27.40 110.26 -33.97
C GLN D 799 27.72 111.46 -33.08
N ASP D 800 26.69 111.92 -32.37
CA ASP D 800 26.81 113.15 -31.60
C ASP D 800 27.90 113.05 -30.54
N ALA D 801 28.10 111.87 -29.98
CA ALA D 801 29.17 111.65 -29.01
C ALA D 801 29.62 110.20 -29.11
N GLY D 802 30.88 109.97 -28.81
CA GLY D 802 31.43 108.63 -28.90
C GLY D 802 32.92 108.56 -28.69
N PHE D 803 33.58 107.70 -29.44
CA PHE D 803 35.03 107.56 -29.32
C PHE D 803 35.72 108.88 -29.60
N LEU D 804 36.73 109.19 -28.79
CA LEU D 804 37.32 110.51 -28.82
C LEU D 804 38.18 110.69 -30.06
N VAL D 805 37.73 111.54 -30.98
CA VAL D 805 38.44 111.84 -32.23
C VAL D 805 38.28 113.33 -32.51
N PRO D 806 39.26 113.98 -33.14
CA PRO D 806 39.04 115.36 -33.58
C PRO D 806 37.85 115.47 -34.51
N ARG D 807 37.11 116.57 -34.41
CA ARG D 807 35.85 116.75 -35.11
C ARG D 807 35.87 118.06 -35.87
N PRO D 808 36.65 118.14 -36.95
CA PRO D 808 36.69 119.37 -37.74
C PRO D 808 35.39 119.69 -38.43
N LEU D 809 34.59 118.70 -38.81
CA LEU D 809 33.37 118.91 -39.55
C LEU D 809 32.14 119.04 -38.65
N ASP D 810 32.34 119.21 -37.34
CA ASP D 810 31.21 119.17 -36.42
C ASP D 810 30.22 120.29 -36.69
N ALA D 811 30.63 121.35 -37.37
CA ALA D 811 29.71 122.44 -37.66
C ALA D 811 28.60 122.04 -38.62
N LEU D 812 28.82 120.99 -39.41
CA LEU D 812 27.83 120.57 -40.39
C LEU D 812 26.67 119.85 -39.73
N ARG D 813 25.50 119.96 -40.36
CA ARG D 813 24.30 119.37 -39.81
C ARG D 813 24.25 117.88 -40.09
N GLN D 814 23.89 117.11 -39.06
CA GLN D 814 23.88 115.65 -39.18
C GLN D 814 23.05 115.09 -38.03
N PHE D 815 21.98 114.38 -38.34
CA PHE D 815 21.23 113.73 -37.29
C PHE D 815 22.07 112.63 -36.66
N ASP D 816 21.86 112.43 -35.35
CA ASP D 816 22.65 111.44 -34.64
C ASP D 816 22.37 110.05 -35.19
N VAL D 817 23.44 109.35 -35.58
CA VAL D 817 23.29 108.08 -36.27
C VAL D 817 23.04 106.98 -35.26
N THR D 818 21.99 106.19 -35.50
CA THR D 818 21.78 104.98 -34.75
C THR D 818 22.70 103.88 -35.28
N SER D 819 22.59 102.69 -34.69
CA SER D 819 23.46 101.60 -35.10
C SER D 819 23.24 101.23 -36.56
N ALA D 820 21.98 101.20 -37.00
CA ALA D 820 21.69 100.81 -38.37
C ALA D 820 22.37 101.76 -39.36
N ALA D 821 22.29 103.06 -39.10
CA ALA D 821 22.93 104.03 -39.98
C ALA D 821 24.44 103.82 -39.99
N ALA D 822 25.02 103.57 -38.81
CA ALA D 822 26.46 103.36 -38.73
C ALA D 822 26.90 102.22 -39.64
N ALA D 823 26.09 101.17 -39.72
CA ALA D 823 26.42 100.05 -40.60
C ALA D 823 26.53 100.52 -42.05
N GLU D 824 25.63 101.39 -42.47
CA GLU D 824 25.68 101.90 -43.82
C GLU D 824 26.98 102.67 -44.06
N ILE D 825 27.37 103.51 -43.10
CA ILE D 825 28.59 104.29 -43.26
C ILE D 825 29.79 103.36 -43.35
N MET D 826 29.87 102.40 -42.43
CA MET D 826 31.01 101.50 -42.43
C MET D 826 31.05 100.69 -43.71
N HIS D 827 29.90 100.24 -44.19
CA HIS D 827 29.86 99.51 -45.45
C HIS D 827 30.44 100.34 -46.58
N ALA D 828 30.08 101.62 -46.62
CA ALA D 828 30.63 102.49 -47.66
C ALA D 828 32.14 102.58 -47.55
N VAL D 829 32.65 102.80 -46.33
CA VAL D 829 34.09 102.91 -46.14
C VAL D 829 34.77 101.60 -46.51
N ASN D 830 34.22 100.48 -46.04
CA ASN D 830 34.82 99.19 -46.30
C ASN D 830 34.88 98.92 -47.80
N ASP D 831 33.80 99.22 -48.51
CA ASP D 831 33.80 99.03 -49.96
C ASP D 831 34.81 99.93 -50.63
N ALA D 832 34.93 101.17 -50.16
CA ALA D 832 35.85 102.11 -50.77
C ALA D 832 37.28 101.60 -50.71
N PHE D 833 37.70 101.11 -49.54
CA PHE D 833 39.05 100.60 -49.40
C PHE D 833 39.28 99.39 -50.28
N LYS D 834 38.32 98.45 -50.27
CA LYS D 834 38.50 97.23 -51.05
C LYS D 834 38.65 97.57 -52.53
N THR D 835 37.83 98.49 -53.04
CA THR D 835 37.98 98.92 -54.42
C THR D 835 39.32 99.61 -54.63
N ALA D 836 39.72 100.45 -53.67
CA ALA D 836 40.96 101.22 -53.84
C ALA D 836 42.17 100.32 -53.91
N PHE D 837 42.31 99.42 -52.96
CA PHE D 837 43.48 98.55 -52.91
C PHE D 837 43.26 97.21 -53.59
N ASP D 838 42.11 97.03 -54.25
CA ASP D 838 41.88 95.86 -55.09
C ASP D 838 42.05 94.57 -54.30
N LEU D 839 41.51 94.54 -53.09
CA LEU D 839 41.63 93.36 -52.25
C LEU D 839 40.42 92.45 -52.43
N ASP D 840 40.60 91.21 -52.02
CA ASP D 840 39.50 90.27 -51.86
C ASP D 840 39.64 89.60 -50.50
N GLY D 841 38.53 89.10 -49.99
CA GLY D 841 38.47 88.60 -48.65
C GLY D 841 37.48 89.38 -47.81
N ALA D 842 37.72 89.37 -46.50
CA ALA D 842 36.75 89.95 -45.58
C ALA D 842 37.04 91.42 -45.27
N LEU D 843 38.25 91.72 -44.82
CA LEU D 843 38.63 93.07 -44.35
C LEU D 843 37.72 93.42 -43.19
N LEU D 844 36.92 94.46 -43.25
CA LEU D 844 36.11 94.91 -42.12
C LEU D 844 34.68 94.42 -42.17
N ASP D 845 34.40 93.38 -42.95
CA ASP D 845 33.03 92.94 -43.19
C ASP D 845 32.26 92.71 -41.90
N GLY D 846 32.85 91.98 -40.96
CA GLY D 846 32.11 91.57 -39.78
C GLY D 846 31.58 92.73 -38.96
N LEU D 847 32.34 93.82 -38.90
CA LEU D 847 31.94 94.94 -38.05
C LEU D 847 30.60 95.50 -38.48
N ALA D 848 30.36 95.59 -39.79
CA ALA D 848 29.10 96.16 -40.26
C ALA D 848 28.00 95.14 -40.30
N LEU D 849 28.31 93.88 -40.59
CA LEU D 849 27.26 92.90 -40.86
C LEU D 849 26.48 92.53 -39.61
N TYR D 850 27.10 92.60 -38.44
CA TYR D 850 26.39 92.24 -37.23
C TYR D 850 27.03 92.97 -36.05
N GLY D 851 26.29 93.06 -34.96
CA GLY D 851 26.74 93.78 -33.80
C GLY D 851 26.65 95.28 -34.04
N ASP D 852 27.06 96.04 -33.04
CA ASP D 852 27.04 97.49 -33.13
C ASP D 852 28.28 97.97 -33.87
N PRO D 853 28.12 98.67 -35.01
CA PRO D 853 29.29 99.20 -35.71
C PRO D 853 29.98 100.35 -34.99
N ARG D 854 29.32 100.98 -34.01
CA ARG D 854 29.88 102.15 -33.35
C ARG D 854 30.97 101.73 -32.36
N ILE D 855 32.03 101.18 -32.91
CA ILE D 855 33.10 100.58 -32.10
C ILE D 855 34.01 101.67 -31.55
N ALA D 856 34.74 101.32 -30.48
CA ALA D 856 35.69 102.24 -29.88
C ALA D 856 37.12 101.71 -29.91
N ASP D 857 37.37 100.54 -29.35
CA ASP D 857 38.73 100.01 -29.26
C ASP D 857 38.65 98.52 -29.00
N LEU D 858 39.06 97.72 -29.98
CA LEU D 858 38.87 96.29 -29.90
C LEU D 858 39.75 95.67 -28.81
N SER D 859 39.24 94.60 -28.21
CA SER D 859 39.99 93.84 -27.23
C SER D 859 39.39 92.45 -27.13
N ALA D 860 40.23 91.48 -26.79
CA ALA D 860 39.79 90.10 -26.63
C ALA D 860 40.05 89.67 -25.20
N ALA D 861 39.26 88.70 -24.74
CA ALA D 861 39.40 88.24 -23.37
C ALA D 861 38.88 86.82 -23.26
N TYR D 862 39.34 86.12 -22.22
CA TYR D 862 38.84 84.81 -21.87
C TYR D 862 38.62 84.75 -20.38
N LEU D 863 37.63 83.98 -19.96
CA LEU D 863 37.21 83.93 -18.57
C LEU D 863 37.53 82.56 -17.98
N GLN D 864 38.08 82.55 -16.78
CA GLN D 864 38.40 81.33 -16.07
C GLN D 864 37.34 81.01 -15.04
N TYR D 865 37.19 79.72 -14.75
CA TYR D 865 36.18 79.29 -13.78
C TYR D 865 36.41 79.88 -12.41
N GLY D 866 37.65 80.25 -12.08
CA GLY D 866 37.91 80.89 -10.82
C GLY D 866 37.45 82.32 -10.74
N GLY D 867 36.75 82.79 -11.77
CA GLY D 867 36.26 84.14 -11.81
C GLY D 867 37.23 85.15 -12.40
N ASN D 868 38.49 84.80 -12.50
CA ASN D 868 39.46 85.71 -13.09
C ASN D 868 39.24 85.83 -14.58
N VAL D 869 39.41 87.04 -15.11
CA VAL D 869 39.26 87.31 -16.52
C VAL D 869 40.53 87.97 -17.03
N VAL D 870 41.04 87.48 -18.16
CA VAL D 870 42.25 88.01 -18.78
C VAL D 870 41.85 88.72 -20.05
N ARG D 871 42.16 90.01 -20.15
CA ARG D 871 41.78 90.82 -21.30
C ARG D 871 43.02 91.40 -21.96
N GLU D 872 43.02 91.39 -23.28
CA GLU D 872 44.12 91.92 -24.08
C GLU D 872 43.57 92.96 -25.04
N HIS D 873 44.05 94.19 -24.93
CA HIS D 873 43.67 95.25 -25.83
C HIS D 873 44.57 95.26 -27.05
N VAL D 874 44.01 95.70 -28.17
CA VAL D 874 44.80 95.82 -29.40
C VAL D 874 44.60 97.22 -29.98
N PRO D 875 45.06 98.26 -29.31
CA PRO D 875 44.95 99.60 -29.87
C PRO D 875 45.78 99.71 -31.14
N PRO D 876 45.27 100.35 -32.17
CA PRO D 876 46.02 100.46 -33.42
C PRO D 876 47.27 101.31 -33.22
N GLY D 877 48.32 100.95 -33.96
CA GLY D 877 49.57 101.67 -33.89
C GLY D 877 49.49 103.00 -34.61
N PRO D 878 50.64 103.59 -34.90
CA PRO D 878 50.65 104.87 -35.60
C PRO D 878 50.06 104.77 -36.99
N SER D 879 48.91 105.40 -37.22
CA SER D 879 48.31 105.42 -38.55
C SER D 879 48.82 106.62 -39.33
N HIS D 880 48.70 106.54 -40.65
CA HIS D 880 49.12 107.62 -41.52
C HIS D 880 47.97 108.24 -42.29
N ILE D 881 47.14 107.42 -42.92
CA ILE D 881 46.06 107.94 -43.75
C ILE D 881 45.13 108.82 -42.93
N HIS D 882 44.82 108.39 -41.71
CA HIS D 882 43.91 109.16 -40.88
C HIS D 882 44.46 110.56 -40.62
N ARG D 883 45.77 110.67 -40.40
CA ARG D 883 46.36 111.96 -40.09
C ARG D 883 46.14 112.95 -41.22
N THR D 884 46.41 112.54 -42.45
CA THR D 884 46.22 113.47 -43.57
C THR D 884 44.74 113.70 -43.85
N LEU D 885 43.90 112.70 -43.58
CA LEU D 885 42.47 112.90 -43.78
C LEU D 885 41.94 113.99 -42.86
N GLN D 886 42.41 114.02 -41.62
CA GLN D 886 42.05 115.11 -40.72
C GLN D 886 42.42 116.45 -41.32
N GLN D 887 43.60 116.52 -41.94
CA GLN D 887 43.99 117.77 -42.59
C GLN D 887 43.04 118.11 -43.72
N VAL D 888 42.63 117.11 -44.50
CA VAL D 888 41.72 117.36 -45.61
C VAL D 888 40.42 117.96 -45.11
N GLU D 889 39.85 117.38 -44.06
CA GLU D 889 38.61 117.90 -43.52
C GLU D 889 38.80 119.31 -42.99
N SER D 890 39.92 119.55 -42.30
CA SER D 890 40.16 120.87 -41.74
C SER D 890 40.22 121.92 -42.83
N THR D 891 40.92 121.62 -43.93
CA THR D 891 41.03 122.61 -44.99
C THR D 891 39.74 122.72 -45.79
N PHE D 892 38.97 121.65 -45.88
CA PHE D 892 37.68 121.74 -46.56
C PHE D 892 36.78 122.74 -45.85
N MET D 893 36.80 122.73 -44.52
CA MET D 893 35.96 123.62 -43.76
C MET D 893 36.29 125.08 -44.04
N ALA D 894 37.46 125.35 -44.60
CA ALA D 894 37.83 126.69 -45.01
C ALA D 894 37.72 126.93 -46.51
N GLU D 895 37.64 125.86 -47.32
CA GLU D 895 37.59 126.00 -48.77
C GLU D 895 36.34 125.37 -49.36
N MET D 896 35.26 125.28 -48.59
CA MET D 896 34.05 124.60 -49.05
C MET D 896 33.50 125.25 -50.30
N ASN D 897 33.75 126.54 -50.50
CA ASN D 897 33.26 127.20 -51.70
C ASN D 897 33.80 126.54 -52.96
N LEU D 898 35.01 126.00 -52.90
CA LEU D 898 35.58 125.34 -54.06
C LEU D 898 34.87 124.04 -54.40
N PHE D 899 34.06 123.52 -53.48
CA PHE D 899 33.32 122.28 -53.73
C PHE D 899 31.85 122.54 -53.99
N ASN D 900 31.51 123.74 -54.45
CA ASN D 900 30.13 124.11 -54.75
C ASN D 900 29.25 123.99 -53.52
N VAL D 901 29.80 124.34 -52.36
CA VAL D 901 29.05 124.36 -51.12
C VAL D 901 29.27 125.71 -50.45
N ALA D 902 28.18 126.33 -50.00
CA ALA D 902 28.22 127.64 -49.39
C ALA D 902 27.72 127.58 -47.95
N ARG D 903 28.23 128.49 -47.13
CA ARG D 903 27.84 128.60 -45.74
C ARG D 903 26.99 129.84 -45.53
N GLY D 904 26.37 129.91 -44.36
CA GLY D 904 25.55 131.06 -44.02
C GLY D 904 24.10 130.90 -44.42
N ASN D 905 23.32 131.92 -44.10
CA ASN D 905 21.89 131.90 -44.31
C ASN D 905 21.56 132.43 -45.70
N LEU D 906 20.27 132.65 -45.96
CA LEU D 906 19.81 133.10 -47.27
C LEU D 906 18.73 134.15 -47.08
N TYR D 907 18.95 135.33 -47.62
CA TYR D 907 17.93 136.37 -47.62
C TYR D 907 17.11 136.29 -48.90
N LEU D 908 15.92 136.87 -48.85
CA LEU D 908 15.00 136.84 -49.98
C LEU D 908 14.33 138.19 -50.18
N VAL D 909 15.09 139.26 -50.11
CA VAL D 909 14.53 140.59 -50.32
C VAL D 909 14.31 140.80 -51.81
N GLN D 910 13.18 141.40 -52.16
CA GLN D 910 12.87 141.73 -53.56
C GLN D 910 13.63 142.99 -53.93
N THR D 911 14.74 142.82 -54.64
CA THR D 911 15.55 143.95 -55.08
C THR D 911 15.35 144.17 -56.57
N ALA D 912 15.05 145.41 -56.94
CA ALA D 912 14.78 145.76 -58.32
C ALA D 912 15.76 146.80 -58.81
N THR D 913 17.04 146.58 -58.53
CA THR D 913 18.07 147.58 -58.83
C THR D 913 18.36 147.60 -60.32
N ASN D 914 19.36 148.39 -60.70
CA ASN D 914 19.79 148.51 -62.09
C ASN D 914 21.30 148.51 -62.24
N GLY D 915 22.06 148.35 -61.15
CA GLY D 915 23.50 148.41 -61.22
C GLY D 915 24.18 147.08 -60.99
N ASN D 916 25.30 147.09 -60.29
CA ASN D 916 26.06 145.87 -60.05
C ASN D 916 25.30 144.94 -59.12
N TRP D 917 25.73 143.68 -59.10
CA TRP D 917 25.07 142.67 -58.28
C TRP D 917 26.04 141.51 -58.07
N SER D 918 26.45 141.30 -56.83
CA SER D 918 27.38 140.23 -56.46
C SER D 918 26.76 139.44 -55.33
N PRO D 919 25.76 138.62 -55.63
CA PRO D 919 25.05 137.92 -54.55
C PRO D 919 25.93 137.04 -53.70
N MET D 920 26.96 136.44 -54.29
CA MET D 920 27.84 135.57 -53.51
C MET D 920 28.71 136.33 -52.54
N ALA D 921 28.75 137.65 -52.63
CA ALA D 921 29.52 138.46 -51.69
C ALA D 921 28.90 139.84 -51.58
N PRO D 922 27.72 139.97 -50.97
CA PRO D 922 27.09 141.28 -50.86
C PRO D 922 27.92 142.23 -50.03
N VAL D 923 27.84 143.51 -50.37
CA VAL D 923 28.61 144.54 -49.68
C VAL D 923 27.68 145.32 -48.76
N ALA D 924 26.41 145.43 -49.14
CA ALA D 924 25.46 146.15 -48.33
C ALA D 924 25.17 145.41 -47.03
N ALA D 925 24.75 146.16 -46.02
CA ALA D 925 24.42 145.55 -44.74
C ALA D 925 23.21 144.64 -44.90
N PRO D 926 23.16 143.52 -44.18
CA PRO D 926 22.00 142.65 -44.29
C PRO D 926 20.76 143.37 -43.83
N PRO D 927 19.61 143.08 -44.46
CA PRO D 927 18.38 143.82 -44.10
C PRO D 927 17.99 143.67 -42.65
N PHE D 928 18.18 142.49 -42.07
CA PHE D 928 17.83 142.26 -40.67
C PHE D 928 18.46 140.95 -40.23
N VAL D 929 18.39 140.69 -38.94
CA VAL D 929 18.92 139.48 -38.33
C VAL D 929 17.87 138.89 -37.39
N ARG D 930 18.22 137.75 -36.80
CA ARG D 930 17.24 137.02 -36.00
C ARG D 930 16.77 137.83 -34.79
N GLY D 931 17.70 138.49 -34.11
CA GLY D 931 17.34 139.26 -32.93
C GLY D 931 16.88 140.66 -33.20
N GLY D 932 16.79 141.07 -34.47
CA GLY D 932 16.46 142.43 -34.82
C GLY D 932 15.06 142.83 -34.39
N PRO D 933 14.83 144.13 -34.25
CA PRO D 933 13.50 144.60 -33.86
C PRO D 933 12.46 144.25 -34.91
N ASN D 934 11.24 143.99 -34.44
CA ASN D 934 10.09 143.73 -35.28
C ASN D 934 10.28 142.53 -36.20
N VAL D 935 11.17 141.62 -35.84
CA VAL D 935 11.44 140.44 -36.64
C VAL D 935 10.70 139.26 -36.02
N ARG D 936 9.83 138.63 -36.79
CA ARG D 936 9.08 137.49 -36.32
C ARG D 936 9.72 136.19 -36.80
N VAL D 937 9.50 135.13 -36.05
CA VAL D 937 10.03 133.81 -36.36
C VAL D 937 8.85 132.86 -36.54
N VAL D 938 8.84 132.14 -37.66
CA VAL D 938 7.71 131.29 -37.99
C VAL D 938 7.60 130.14 -36.99
N GLY D 939 6.39 129.67 -36.76
CA GLY D 939 6.16 128.57 -35.86
C GLY D 939 6.65 127.25 -36.43
N ARG D 940 6.54 126.21 -35.60
CA ARG D 940 7.13 124.92 -35.94
C ARG D 940 6.50 124.32 -37.19
N PHE D 941 5.24 124.63 -37.48
CA PHE D 941 4.55 124.04 -38.60
C PHE D 941 4.38 124.99 -39.79
N GLY D 942 4.56 126.29 -39.59
CA GLY D 942 4.32 127.22 -40.67
C GLY D 942 2.87 127.31 -41.10
N THR D 943 1.94 126.99 -40.22
CA THR D 943 0.53 127.05 -40.54
C THR D 943 0.08 128.50 -40.68
N ILE D 944 -0.87 128.72 -41.60
CA ILE D 944 -1.47 130.04 -41.77
C ILE D 944 -2.93 129.97 -41.35
N VAL D 945 -3.48 131.13 -41.05
CA VAL D 945 -4.82 131.26 -40.49
C VAL D 945 -5.65 132.13 -41.41
N PRO D 946 -6.53 131.56 -42.21
CA PRO D 946 -7.51 132.37 -42.93
C PRO D 946 -8.49 133.00 -41.95
N ARG D 947 -9.02 134.15 -42.34
CA ARG D 947 -10.00 134.83 -41.52
C ARG D 947 -11.20 135.24 -42.36
N PRO D 948 -12.41 135.10 -41.84
CA PRO D 948 -13.60 135.09 -42.70
C PRO D 948 -14.00 136.44 -43.28
N ASP D 949 -14.05 137.47 -42.46
CA ASP D 949 -14.72 138.71 -42.86
C ASP D 949 -13.78 139.66 -43.59
N GLY D 950 -13.14 139.17 -44.65
CA GLY D 950 -12.30 140.00 -45.47
C GLY D 950 -10.96 140.36 -44.87
N LEU D 951 -10.68 139.94 -43.64
CA LEU D 951 -9.37 140.18 -43.05
C LEU D 951 -8.32 139.36 -43.78
N GLU D 952 -7.12 139.92 -43.87
CA GLU D 952 -6.04 139.21 -44.53
C GLU D 952 -5.63 138.00 -43.68
N PRO D 953 -5.10 136.96 -44.32
CA PRO D 953 -4.64 135.79 -43.57
C PRO D 953 -3.48 136.16 -42.65
N GLN D 954 -3.20 135.27 -41.71
CA GLN D 954 -2.16 135.51 -40.74
C GLN D 954 -1.32 134.25 -40.56
N LEU D 955 -0.06 134.46 -40.16
CA LEU D 955 0.92 133.42 -40.00
C LEU D 955 1.19 133.17 -38.53
N ILE D 956 1.42 131.90 -38.18
CA ILE D 956 1.58 131.51 -36.79
C ILE D 956 2.99 131.84 -36.33
N ASP D 957 3.10 132.76 -35.39
CA ASP D 957 4.38 133.05 -34.76
C ASP D 957 4.86 131.82 -34.00
N ASP D 958 6.15 131.81 -33.67
CA ASP D 958 6.67 130.71 -32.88
C ASP D 958 6.11 130.68 -31.48
N GLY D 959 5.41 131.73 -31.06
CA GLY D 959 4.72 131.73 -29.79
C GLY D 959 3.28 131.31 -29.94
N ASN D 960 2.96 130.65 -31.05
CA ASN D 960 1.62 130.18 -31.36
C ASN D 960 0.62 131.33 -31.43
N VAL D 961 1.09 132.50 -31.83
CA VAL D 961 0.25 133.68 -31.96
C VAL D 961 0.20 134.07 -33.43
N PRO D 962 -0.98 134.09 -34.06
CA PRO D 962 -1.04 134.50 -35.46
C PRO D 962 -0.56 135.93 -35.64
N ARG D 963 0.16 136.17 -36.73
CA ARG D 963 0.72 137.48 -37.02
C ARG D 963 0.50 137.80 -38.49
N ASP D 964 0.59 139.09 -38.81
CA ASP D 964 0.41 139.53 -40.18
C ASP D 964 1.56 139.08 -41.06
N ILE D 965 1.26 138.84 -42.33
CA ILE D 965 2.28 138.36 -43.26
C ILE D 965 3.30 139.45 -43.54
N ALA D 966 2.84 140.68 -43.73
CA ALA D 966 3.74 141.76 -44.11
C ALA D 966 4.76 142.02 -43.00
N GLY D 967 6.00 142.28 -43.41
CA GLY D 967 7.06 142.55 -42.47
C GLY D 967 8.29 141.73 -42.73
N ASP D 968 8.97 141.30 -41.66
CA ASP D 968 10.17 140.50 -41.75
C ASP D 968 9.97 139.19 -41.01
N TRP D 969 10.53 138.12 -41.55
CA TRP D 969 10.32 136.79 -41.00
C TRP D 969 11.59 135.98 -41.10
N VAL D 970 11.74 135.02 -40.20
CA VAL D 970 12.87 134.11 -40.17
C VAL D 970 12.33 132.70 -40.33
N TYR D 971 12.84 131.98 -41.31
CA TYR D 971 12.39 130.62 -41.60
C TYR D 971 13.51 129.63 -41.32
N PRO D 972 13.42 128.84 -40.27
CA PRO D 972 14.27 127.65 -40.19
C PRO D 972 13.99 126.76 -41.40
N SER D 973 15.06 126.21 -41.97
CA SER D 973 14.91 125.43 -43.19
C SER D 973 13.96 124.27 -42.99
N ASP D 974 13.86 123.78 -41.76
CA ASP D 974 12.93 122.69 -41.47
C ASP D 974 11.50 123.09 -41.77
N VAL D 975 11.10 124.28 -41.31
CA VAL D 975 9.73 124.72 -41.52
C VAL D 975 9.44 124.86 -43.00
N LEU D 976 10.39 125.43 -43.76
CA LEU D 976 10.17 125.62 -45.19
C LEU D 976 9.96 124.29 -45.89
N GLN D 977 10.79 123.29 -45.56
CA GLN D 977 10.68 121.99 -46.21
C GLN D 977 9.35 121.33 -45.92
N VAL D 978 8.64 121.77 -44.89
CA VAL D 978 7.38 121.14 -44.53
C VAL D 978 6.20 121.85 -45.17
N SER D 979 6.22 123.18 -45.18
CA SER D 979 5.06 123.97 -45.58
C SER D 979 5.35 124.77 -46.84
N VAL D 980 5.99 124.14 -47.82
CA VAL D 980 6.39 124.89 -49.01
C VAL D 980 5.18 125.36 -49.80
N ALA D 981 4.19 124.47 -49.97
CA ALA D 981 3.06 124.80 -50.85
C ALA D 981 2.34 126.05 -50.37
N VAL D 982 1.96 126.07 -49.08
CA VAL D 982 1.30 127.24 -48.54
C VAL D 982 2.24 128.44 -48.61
N PHE D 983 3.53 128.22 -48.36
CA PHE D 983 4.50 129.30 -48.48
C PHE D 983 4.54 129.85 -49.89
N CYS D 984 4.52 128.96 -50.89
CA CYS D 984 4.53 129.39 -52.26
C CYS D 984 3.26 130.16 -52.63
N ASP D 985 2.17 129.94 -51.91
CA ASP D 985 0.89 130.49 -52.29
C ASP D 985 0.45 131.69 -51.46
N TYR D 986 1.11 131.95 -50.32
CA TYR D 986 0.63 133.03 -49.47
C TYR D 986 1.75 133.97 -49.06
N VAL D 987 2.97 133.45 -48.94
CA VAL D 987 4.10 134.26 -48.52
C VAL D 987 4.92 134.72 -49.70
N TRP D 988 5.31 133.79 -50.56
CA TRP D 988 6.14 134.14 -51.70
C TRP D 988 5.57 135.26 -52.55
N PRO D 989 4.27 135.29 -52.88
CA PRO D 989 3.75 136.45 -53.61
C PRO D 989 3.99 137.76 -52.88
N MET D 990 3.75 137.78 -51.57
CA MET D 990 4.01 139.00 -50.80
C MET D 990 5.47 139.37 -50.86
N VAL D 991 6.36 138.39 -51.02
CA VAL D 991 7.77 138.70 -51.19
C VAL D 991 8.01 139.34 -52.54
N LYS D 992 7.34 138.83 -53.59
CA LYS D 992 7.54 139.40 -54.91
C LYS D 992 7.15 140.87 -54.94
N ALA D 993 6.04 141.22 -54.31
CA ALA D 993 5.76 142.62 -54.07
C ALA D 993 6.68 143.14 -52.98
N GLY D 994 6.95 144.45 -53.02
CA GLY D 994 7.82 145.04 -52.03
C GLY D 994 7.17 145.19 -50.68
N ARG D 995 6.79 144.08 -50.05
CA ARG D 995 6.13 144.13 -48.76
C ARG D 995 6.67 143.17 -47.73
N THR D 996 7.37 142.12 -48.13
CA THR D 996 7.84 141.10 -47.20
C THR D 996 9.27 140.74 -47.51
N ARG D 997 10.06 140.53 -46.45
CA ARG D 997 11.46 140.14 -46.57
C ARG D 997 11.67 138.87 -45.75
N VAL D 998 12.34 137.89 -46.35
CA VAL D 998 12.46 136.56 -45.77
C VAL D 998 13.92 136.22 -45.56
N LEU D 999 14.24 135.68 -44.39
CA LEU D 999 15.56 135.17 -44.08
C LEU D 999 15.43 133.68 -43.79
N VAL D 1000 16.04 132.86 -44.62
CA VAL D 1000 15.99 131.41 -44.47
C VAL D 1000 17.29 130.94 -43.83
N GLU D 1001 17.17 130.18 -42.75
CA GLU D 1001 18.34 129.71 -42.01
C GLU D 1001 18.78 128.37 -42.58
N LEU D 1002 19.89 128.37 -43.32
CA LEU D 1002 20.55 127.18 -43.77
C LEU D 1002 21.94 127.14 -43.14
N GLY D 1003 22.29 126.01 -42.54
CA GLY D 1003 23.63 125.86 -42.03
C GLY D 1003 24.62 125.91 -43.17
N HIS D 1004 24.52 124.93 -44.06
CA HIS D 1004 25.32 124.90 -45.28
C HIS D 1004 24.49 124.27 -46.37
N TYR D 1005 24.84 124.55 -47.62
CA TYR D 1005 24.02 124.07 -48.71
C TYR D 1005 24.83 124.05 -50.00
N VAL D 1006 24.35 123.27 -50.95
CA VAL D 1006 24.91 123.22 -52.29
C VAL D 1006 24.28 124.33 -53.11
N TYR D 1007 25.11 125.11 -53.78
CA TYR D 1007 24.64 126.26 -54.55
C TYR D 1007 25.00 126.09 -56.02
N THR D 1008 24.14 126.64 -56.87
CA THR D 1008 24.43 126.77 -58.29
C THR D 1008 24.05 128.18 -58.72
N LEU D 1009 24.63 128.61 -59.84
CA LEU D 1009 24.45 129.99 -60.25
C LEU D 1009 24.31 130.06 -61.76
N HIS D 1010 23.68 131.15 -62.21
CA HIS D 1010 23.50 131.44 -63.62
C HIS D 1010 24.12 132.79 -63.94
N TYR D 1011 24.64 132.91 -65.16
CA TYR D 1011 25.19 134.16 -65.66
C TYR D 1011 24.24 134.72 -66.71
N TYR D 1012 23.94 136.00 -66.59
CA TYR D 1012 23.04 136.66 -67.51
C TYR D 1012 23.76 137.81 -68.21
N ASP D 1013 23.05 138.44 -69.12
CA ASP D 1013 23.59 139.53 -69.92
C ASP D 1013 23.15 140.85 -69.33
N PRO D 1014 24.07 141.75 -68.97
CA PRO D 1014 23.68 143.01 -68.34
C PRO D 1014 22.77 143.87 -69.19
N GLN D 1015 22.73 143.67 -70.50
CA GLN D 1015 21.94 144.52 -71.38
C GLN D 1015 20.54 143.99 -71.64
N ILE D 1016 20.10 142.96 -70.91
CA ILE D 1016 18.81 142.36 -71.13
C ILE D 1016 18.00 142.46 -69.85
N SER D 1017 16.86 143.14 -69.92
CA SER D 1017 15.97 143.21 -68.78
C SER D 1017 15.28 141.88 -68.57
N LEU D 1018 15.05 141.54 -67.30
CA LEU D 1018 14.42 140.26 -66.98
C LEU D 1018 13.91 140.31 -65.54
N ASP D 1019 13.01 139.40 -65.22
CA ASP D 1019 12.59 139.12 -63.86
C ASP D 1019 13.01 137.71 -63.51
N GLU D 1020 13.72 137.56 -62.40
CA GLU D 1020 14.29 136.28 -62.01
C GLU D 1020 13.33 135.44 -61.18
N ALA D 1021 12.11 135.90 -60.99
CA ALA D 1021 11.13 135.15 -60.22
C ALA D 1021 10.94 133.71 -60.70
N PRO D 1022 10.82 133.41 -62.00
CA PRO D 1022 10.58 132.01 -62.40
C PRO D 1022 11.63 131.05 -61.89
N ILE D 1023 12.90 131.47 -61.86
CA ILE D 1023 13.95 130.57 -61.40
C ILE D 1023 13.68 130.16 -59.97
N LEU D 1024 13.37 131.13 -59.11
CA LEU D 1024 13.09 130.81 -57.72
C LEU D 1024 11.85 129.95 -57.59
N GLU D 1025 10.79 130.32 -58.30
CA GLU D 1025 9.55 129.55 -58.24
C GLU D 1025 9.80 128.11 -58.68
N GLU D 1026 10.67 127.93 -59.66
CA GLU D 1026 11.11 126.59 -60.00
C GLU D 1026 11.84 125.94 -58.84
N TRP D 1027 12.73 126.70 -58.19
CA TRP D 1027 13.48 126.14 -57.07
C TRP D 1027 12.55 125.75 -55.94
N LEU D 1028 11.54 126.59 -55.67
CA LEU D 1028 10.55 126.25 -54.66
C LEU D 1028 9.83 124.97 -55.00
N SER D 1029 9.60 124.73 -56.29
CA SER D 1029 8.75 123.65 -56.73
C SER D 1029 9.34 122.27 -56.47
N LYS D 1030 10.58 122.18 -56.04
CA LYS D 1030 11.21 120.88 -55.83
C LYS D 1030 11.71 120.70 -54.40
N ILE D 1031 11.15 121.44 -53.47
CA ILE D 1031 11.48 121.29 -52.06
C ILE D 1031 10.45 120.38 -51.42
N ASN D 1032 10.91 119.46 -50.58
CA ASN D 1032 10.01 118.58 -49.85
C ASN D 1032 10.68 118.22 -48.54
N PRO D 1033 9.95 117.59 -47.61
CA PRO D 1033 10.55 117.24 -46.32
C PRO D 1033 11.77 116.35 -46.43
N ALA D 1034 12.02 115.75 -47.59
CA ALA D 1034 13.14 114.83 -47.73
C ALA D 1034 14.43 115.49 -48.19
N GLY D 1035 14.33 116.51 -49.03
CA GLY D 1035 15.54 117.15 -49.54
C GLY D 1035 15.19 118.37 -50.35
N ILE D 1036 16.23 119.10 -50.76
CA ILE D 1036 16.07 120.33 -51.51
C ILE D 1036 17.02 120.33 -52.69
N PRO D 1037 16.71 121.05 -53.76
CA PRO D 1037 17.65 121.21 -54.86
C PRO D 1037 18.65 122.29 -54.55
N PRO D 1038 19.74 122.40 -55.32
CA PRO D 1038 20.72 123.44 -55.05
C PRO D 1038 20.12 124.82 -55.16
N VAL D 1039 20.64 125.73 -54.34
CA VAL D 1039 20.13 127.10 -54.34
C VAL D 1039 20.63 127.82 -55.59
N PRO D 1040 19.76 128.48 -56.34
CA PRO D 1040 20.19 129.18 -57.55
C PRO D 1040 20.64 130.60 -57.26
N PHE D 1041 21.34 131.16 -58.24
CA PHE D 1041 21.78 132.55 -58.19
C PHE D 1041 21.95 133.08 -59.60
N CYS D 1042 21.95 134.40 -59.72
CA CYS D 1042 22.12 135.07 -61.01
C CYS D 1042 23.23 136.11 -60.88
N ILE D 1043 24.18 136.09 -61.82
CA ILE D 1043 25.31 137.01 -61.78
C ILE D 1043 25.49 137.62 -63.16
N PRO D 1044 25.69 138.93 -63.25
CA PRO D 1044 25.94 139.54 -64.56
C PRO D 1044 27.30 139.13 -65.11
N ILE D 1045 27.34 138.90 -66.40
CA ILE D 1045 28.61 138.62 -67.06
C ILE D 1045 29.43 139.90 -67.12
N PRO D 1046 30.67 139.90 -66.63
CA PRO D 1046 31.47 141.12 -66.67
C PRO D 1046 31.71 141.58 -68.11
N GLN D 1047 31.74 142.90 -68.28
CA GLN D 1047 31.90 143.51 -69.58
C GLN D 1047 33.23 144.24 -69.68
N VAL D 1048 33.74 144.35 -70.91
CA VAL D 1048 35.03 144.97 -71.15
C VAL D 1048 34.83 146.42 -71.56
N TYR D 1049 33.74 146.69 -72.24
CA TYR D 1049 33.45 148.06 -72.64
C TYR D 1049 32.26 148.61 -71.87
N PRO D 1050 32.20 149.92 -71.66
CA PRO D 1050 31.03 150.50 -70.98
C PRO D 1050 29.77 150.22 -71.79
N CYS D 1051 28.69 149.97 -71.06
CA CYS D 1051 27.42 149.65 -71.70
C CYS D 1051 26.29 150.23 -70.87
N ILE D 1052 25.08 150.16 -71.42
CA ILE D 1052 23.89 150.64 -70.76
C ILE D 1052 23.16 149.43 -70.20
N THR D 1053 23.07 149.37 -68.87
CA THR D 1053 22.44 148.23 -68.23
C THR D 1053 20.93 148.36 -68.24
N ALA D 1054 20.26 147.22 -68.29
CA ALA D 1054 18.80 147.16 -68.31
C ALA D 1054 18.28 146.89 -66.91
N ARG D 1055 17.05 147.31 -66.65
CA ARG D 1055 16.42 147.05 -65.36
C ARG D 1055 16.36 145.56 -65.10
N ARG D 1056 16.66 145.17 -63.88
CA ARG D 1056 16.71 143.76 -63.53
C ARG D 1056 16.18 143.58 -62.11
N VAL D 1057 15.63 142.41 -61.85
CA VAL D 1057 15.00 142.10 -60.57
C VAL D 1057 15.74 140.93 -59.93
N HIS D 1058 16.17 141.11 -58.70
CA HIS D 1058 16.87 140.09 -57.95
C HIS D 1058 16.11 139.74 -56.69
N TYR D 1059 16.26 138.50 -56.23
CA TYR D 1059 15.53 138.05 -55.05
C TYR D 1059 16.43 137.38 -54.03
N ALA D 1060 17.50 136.74 -54.46
CA ALA D 1060 18.29 135.88 -53.60
C ALA D 1060 19.72 136.36 -53.49
N PHE D 1061 20.26 136.34 -52.26
CA PHE D 1061 21.66 136.61 -52.03
C PHE D 1061 22.04 136.03 -50.68
N THR D 1062 23.32 135.68 -50.54
CA THR D 1062 23.78 135.02 -49.33
C THR D 1062 24.02 136.04 -48.22
N SER D 1063 24.24 135.52 -47.02
CA SER D 1063 24.42 136.34 -45.83
C SER D 1063 25.89 136.62 -45.51
N GLU D 1064 26.82 135.95 -46.18
CA GLU D 1064 28.23 136.18 -45.91
C GLU D 1064 29.05 135.71 -47.11
N ASN D 1065 30.30 136.13 -47.14
CA ASN D 1065 31.14 135.90 -48.31
C ASN D 1065 31.23 134.42 -48.64
N ASN D 1066 31.01 134.10 -49.92
CA ASN D 1066 31.09 132.71 -50.37
C ASN D 1066 31.69 132.56 -51.77
N ASN D 1067 32.34 133.59 -52.31
CA ASN D 1067 32.85 133.54 -53.68
C ASN D 1067 34.35 133.28 -53.73
N ASP D 1068 34.86 132.47 -52.83
CA ASP D 1068 36.30 132.21 -52.79
C ASP D 1068 36.78 131.53 -54.06
N SER D 1069 35.93 130.69 -54.67
CA SER D 1069 36.36 129.91 -55.82
C SER D 1069 36.59 130.75 -57.07
N LEU D 1070 36.20 132.02 -57.05
CA LEU D 1070 36.42 132.87 -58.21
C LEU D 1070 37.92 133.08 -58.41
N PHE D 1071 38.38 132.87 -59.64
CA PHE D 1071 39.79 133.02 -59.94
C PHE D 1071 40.12 134.37 -60.59
N SER D 1072 39.48 134.69 -61.71
CA SER D 1072 39.75 135.94 -62.40
C SER D 1072 38.62 136.22 -63.36
N THR D 1073 38.50 137.49 -63.75
CA THR D 1073 37.48 137.95 -64.67
C THR D 1073 38.12 138.75 -65.80
N ASN D 1074 37.69 138.46 -67.02
CA ASN D 1074 38.20 139.14 -68.21
C ASN D 1074 39.73 139.09 -68.25
N ALA D 1075 40.27 137.91 -67.97
CA ALA D 1075 41.72 137.77 -67.84
C ALA D 1075 42.43 138.17 -69.12
N ALA D 1076 41.83 137.84 -70.28
CA ALA D 1076 42.46 138.17 -71.54
C ALA D 1076 42.50 139.67 -71.82
N SER D 1077 41.64 140.44 -71.17
CA SER D 1077 41.65 141.88 -71.35
C SER D 1077 42.62 142.53 -70.37
N ILE D 1078 42.61 143.85 -70.33
CA ILE D 1078 43.51 144.59 -69.46
C ILE D 1078 42.76 145.02 -68.20
N ASP D 1079 41.45 145.21 -68.32
CA ASP D 1079 40.65 145.64 -67.18
C ASP D 1079 39.19 145.32 -67.45
N THR D 1080 38.35 145.59 -66.47
CA THR D 1080 36.91 145.36 -66.58
C THR D 1080 36.18 146.70 -66.55
N ALA D 1081 35.12 146.79 -67.35
CA ALA D 1081 34.37 148.04 -67.43
C ALA D 1081 33.23 148.09 -66.42
N PHE D 1082 32.35 147.10 -66.43
CA PHE D 1082 31.15 147.15 -65.62
C PHE D 1082 31.08 146.05 -64.57
N GLY D 1083 31.38 144.80 -64.95
CA GLY D 1083 31.19 143.69 -64.04
C GLY D 1083 32.10 143.68 -62.84
N GLU D 1084 32.19 142.55 -62.16
CA GLU D 1084 33.02 142.43 -60.97
C GLU D 1084 34.47 142.24 -61.40
N ASN D 1085 35.27 143.28 -61.23
CA ASN D 1085 36.69 143.17 -61.53
C ASN D 1085 37.38 142.30 -60.49
N ALA D 1086 38.24 141.40 -60.96
CA ALA D 1086 38.94 140.50 -60.06
C ALA D 1086 40.21 140.02 -60.73
N ALA D 1087 41.36 140.51 -60.27
CA ALA D 1087 42.64 140.09 -60.79
C ALA D 1087 43.07 138.77 -60.16
N VAL D 1088 44.24 138.30 -60.54
CA VAL D 1088 44.80 137.07 -59.98
C VAL D 1088 45.57 137.43 -58.71
N SER D 1089 45.27 136.72 -57.64
CA SER D 1089 45.84 137.09 -56.34
C SER D 1089 47.20 136.44 -56.16
N PRO D 1090 48.23 137.21 -55.80
CA PRO D 1090 49.46 136.61 -55.28
C PRO D 1090 49.28 135.99 -53.92
N LEU D 1091 48.09 136.12 -53.32
CA LEU D 1091 47.83 135.55 -52.00
C LEU D 1091 47.91 134.04 -52.04
N ARG D 1092 47.48 133.42 -53.13
CA ARG D 1092 47.78 132.02 -53.36
C ARG D 1092 49.20 131.90 -53.92
N TRP D 1093 49.67 130.66 -54.06
CA TRP D 1093 50.96 130.27 -54.62
C TRP D 1093 52.05 131.32 -54.42
N PRO D 1094 52.36 131.68 -53.18
CA PRO D 1094 53.48 132.61 -52.95
C PRO D 1094 54.80 132.02 -53.41
N GLY D 1095 54.92 130.70 -53.45
CA GLY D 1095 56.15 130.07 -53.86
C GLY D 1095 56.56 130.42 -55.28
N LEU D 1096 55.62 130.90 -56.09
CA LEU D 1096 55.95 131.35 -57.43
C LEU D 1096 56.37 132.81 -57.47
N VAL D 1097 56.06 133.58 -56.44
CA VAL D 1097 56.24 135.02 -56.50
C VAL D 1097 57.07 135.54 -55.34
N ASP D 1098 56.68 135.20 -54.12
CA ASP D 1098 57.25 135.83 -52.94
C ASP D 1098 58.74 135.57 -52.83
N PRO D 1099 59.58 136.60 -52.79
CA PRO D 1099 61.01 136.37 -52.52
C PRO D 1099 61.26 135.74 -51.17
N ASN D 1100 60.41 136.00 -50.19
CA ASN D 1100 60.60 135.47 -48.85
C ASN D 1100 60.07 134.06 -48.69
N TYR D 1101 59.59 133.45 -49.77
CA TYR D 1101 59.06 132.10 -49.69
C TYR D 1101 60.11 131.13 -49.20
N ARG D 1102 59.68 130.16 -48.41
CA ARG D 1102 60.56 129.13 -47.87
C ARG D 1102 60.17 127.78 -48.47
N VAL D 1103 61.17 127.02 -48.87
CA VAL D 1103 60.92 125.76 -49.58
C VAL D 1103 60.13 124.82 -48.68
N GLY D 1104 59.04 124.28 -49.22
CA GLY D 1104 58.28 123.26 -48.54
C GLY D 1104 57.19 123.78 -47.62
N THR D 1105 57.16 125.07 -47.33
CA THR D 1105 56.16 125.60 -46.42
C THR D 1105 54.83 125.82 -47.14
N ASN D 1106 53.77 125.92 -46.34
CA ASN D 1106 52.43 126.18 -46.86
C ASN D 1106 51.54 126.60 -45.70
N ASP D 1107 50.35 127.07 -46.05
CA ASP D 1107 49.34 127.43 -45.06
C ASP D 1107 48.14 126.53 -45.24
N LEU D 1108 48.40 125.23 -45.39
CA LEU D 1108 47.37 124.29 -45.82
C LEU D 1108 46.07 124.35 -45.03
N PRO D 1109 46.05 124.46 -43.70
CA PRO D 1109 44.76 124.48 -43.00
C PRO D 1109 43.87 125.64 -43.40
N ASN D 1110 44.43 126.71 -43.95
CA ASN D 1110 43.66 127.91 -44.25
C ASN D 1110 43.46 128.15 -45.74
N ARG D 1111 44.42 127.80 -46.58
CA ARG D 1111 44.34 128.19 -47.98
C ARG D 1111 45.18 127.24 -48.82
N ILE D 1112 44.67 126.89 -49.99
CA ILE D 1112 45.37 126.02 -50.92
C ILE D 1112 46.25 126.86 -51.82
N THR D 1113 47.53 126.52 -51.88
CA THR D 1113 48.44 127.12 -52.85
C THR D 1113 48.60 126.19 -54.04
N LEU D 1114 48.98 126.78 -55.17
CA LEU D 1114 48.92 126.07 -56.45
C LEU D 1114 50.27 125.97 -57.15
N TYR D 1115 51.36 126.20 -56.44
CA TYR D 1115 52.69 126.04 -57.03
C TYR D 1115 53.67 125.82 -55.89
N ASN D 1116 54.23 124.62 -55.82
CA ASN D 1116 54.92 124.19 -54.62
C ASN D 1116 56.20 123.45 -54.97
N SER D 1117 57.03 123.25 -53.95
CA SER D 1117 58.20 122.39 -54.06
C SER D 1117 57.81 120.97 -53.69
N LEU D 1118 58.46 120.00 -54.32
CA LEU D 1118 58.17 118.60 -54.05
C LEU D 1118 59.35 117.76 -54.51
N TYR D 1119 59.33 116.49 -54.09
CA TYR D 1119 60.31 115.51 -54.51
C TYR D 1119 59.65 114.47 -55.40
N ARG D 1120 60.37 114.07 -56.44
CA ARG D 1120 59.97 112.96 -57.29
C ARG D 1120 61.00 111.85 -57.15
N TYR D 1121 60.52 110.61 -57.11
CA TYR D 1121 61.34 109.49 -56.70
C TYR D 1121 61.50 108.50 -57.84
N ASN D 1122 62.54 107.69 -57.74
CA ASN D 1122 62.75 106.53 -58.61
C ASN D 1122 63.08 105.36 -57.69
N PHE D 1123 62.04 104.72 -57.17
CA PHE D 1123 62.26 103.61 -56.26
C PHE D 1123 62.52 102.33 -57.02
N THR D 1124 63.31 101.46 -56.41
CA THR D 1124 63.70 100.20 -57.03
C THR D 1124 63.12 99.05 -56.22
N TYR D 1125 62.68 98.01 -56.92
CA TYR D 1125 61.95 96.90 -56.33
C TYR D 1125 62.70 95.61 -56.60
N PRO D 1126 63.55 95.18 -55.68
CA PRO D 1126 64.35 93.97 -55.93
C PRO D 1126 63.50 92.71 -55.84
N THR D 1127 64.03 91.64 -56.42
CA THR D 1127 63.51 90.30 -56.23
C THR D 1127 64.66 89.40 -55.86
N LEU D 1128 64.37 88.36 -55.09
CA LEU D 1128 65.40 87.53 -54.48
C LEU D 1128 65.47 86.17 -55.14
N ASP D 1129 66.69 85.72 -55.41
CA ASP D 1129 66.98 84.36 -55.81
C ASP D 1129 68.04 83.82 -54.87
N GLY D 1130 67.70 82.76 -54.13
CA GLY D 1130 68.55 82.27 -53.07
C GLY D 1130 69.02 80.85 -53.30
N ILE D 1131 69.97 80.44 -52.48
CA ILE D 1131 70.54 79.10 -52.50
C ILE D 1131 70.48 78.55 -51.09
N MET D 1132 69.99 77.33 -50.95
CA MET D 1132 69.78 76.72 -49.64
C MET D 1132 70.73 75.55 -49.45
N TYR D 1133 71.18 75.38 -48.20
CA TYR D 1133 72.05 74.28 -47.82
C TYR D 1133 71.43 73.52 -46.67
N VAL D 1134 71.54 72.21 -46.70
CA VAL D 1134 71.02 71.34 -45.65
C VAL D 1134 72.17 70.98 -44.73
N ARG D 1135 71.86 70.83 -43.44
CA ARG D 1135 72.88 70.44 -42.47
C ARG D 1135 73.33 69.01 -42.73
N SER D 1136 74.62 68.77 -42.54
CA SER D 1136 75.19 67.46 -42.80
C SER D 1136 74.56 66.41 -41.90
N ALA D 1137 74.85 65.14 -42.22
CA ALA D 1137 74.29 64.05 -41.43
C ALA D 1137 74.78 64.10 -39.99
N THR D 1138 76.05 64.43 -39.79
CA THR D 1138 76.60 64.54 -38.45
C THR D 1138 77.39 65.82 -38.29
N VAL E 32 -23.57 87.85 -70.14
CA VAL E 32 -22.44 88.47 -69.45
C VAL E 32 -22.83 88.80 -68.02
N THR E 33 -21.86 88.73 -67.11
CA THR E 33 -22.14 89.00 -65.71
C THR E 33 -22.47 90.47 -65.51
N PRO E 34 -23.46 90.79 -64.68
CA PRO E 34 -23.79 92.19 -64.40
C PRO E 34 -22.68 92.84 -63.60
N ILE E 35 -22.58 94.16 -63.74
CA ILE E 35 -21.60 94.96 -63.02
C ILE E 35 -22.22 96.15 -62.32
N VAL E 36 -23.52 96.39 -62.51
CA VAL E 36 -24.21 97.49 -61.86
C VAL E 36 -25.42 96.94 -61.14
N ASN E 37 -25.65 97.38 -59.90
CA ASN E 37 -26.77 96.90 -59.13
C ASN E 37 -28.08 97.36 -59.76
N PRO E 38 -29.17 96.61 -59.55
CA PRO E 38 -30.47 97.06 -60.07
C PRO E 38 -30.88 98.40 -59.48
N SER E 39 -31.50 99.23 -60.30
CA SER E 39 -32.02 100.50 -59.80
C SER E 39 -33.21 100.28 -58.87
N SER E 40 -33.98 99.22 -59.11
CA SER E 40 -35.11 98.90 -58.26
C SER E 40 -35.36 97.40 -58.35
N TYR E 41 -36.14 96.89 -57.41
CA TYR E 41 -36.42 95.48 -57.33
C TYR E 41 -37.92 95.24 -57.49
N VAL E 42 -38.25 94.10 -58.08
CA VAL E 42 -39.60 93.83 -58.58
C VAL E 42 -40.14 92.57 -57.96
N CYS E 43 -41.38 92.62 -57.49
CA CYS E 43 -42.09 91.40 -57.12
C CYS E 43 -42.85 90.87 -58.33
N ASN E 44 -43.11 89.57 -58.30
CA ASN E 44 -43.56 88.89 -59.52
C ASN E 44 -44.96 89.31 -59.94
N VAL E 45 -45.90 89.36 -59.00
CA VAL E 45 -47.30 89.54 -59.34
C VAL E 45 -47.85 90.89 -58.92
N CYS E 46 -47.34 91.48 -57.83
CA CYS E 46 -47.94 92.68 -57.30
C CYS E 46 -47.54 93.93 -58.08
N ASN E 47 -46.58 93.82 -59.00
CA ASN E 47 -46.07 94.94 -59.80
C ASN E 47 -45.52 96.06 -58.93
N ALA E 48 -45.30 95.81 -57.65
CA ALA E 48 -44.77 96.84 -56.75
C ALA E 48 -43.26 96.91 -56.92
N ARG E 49 -42.75 98.11 -57.14
CA ARG E 49 -41.32 98.34 -57.28
C ARG E 49 -40.78 98.94 -56.00
N PHE E 50 -39.58 98.51 -55.63
CA PHE E 50 -39.00 98.88 -54.35
C PHE E 50 -37.61 99.45 -54.57
N SER E 51 -37.29 100.52 -53.84
CA SER E 51 -35.97 101.11 -53.93
C SER E 51 -34.91 100.24 -53.28
N THR E 52 -35.29 99.44 -52.29
CA THR E 52 -34.36 98.55 -51.61
C THR E 52 -34.89 97.13 -51.64
N MET E 53 -33.98 96.17 -51.74
CA MET E 53 -34.39 94.77 -51.70
C MET E 53 -34.94 94.42 -50.33
N SER E 54 -34.47 95.10 -49.28
CA SER E 54 -35.01 94.85 -47.95
C SER E 54 -36.49 95.15 -47.89
N ALA E 55 -36.90 96.29 -48.45
CA ALA E 55 -38.31 96.63 -48.49
C ALA E 55 -39.09 95.60 -49.29
N LEU E 56 -38.56 95.20 -50.44
CA LEU E 56 -39.19 94.14 -51.21
C LEU E 56 -39.26 92.85 -50.40
N SER E 57 -38.19 92.55 -49.67
CA SER E 57 -38.17 91.33 -48.86
C SER E 57 -39.29 91.35 -47.83
N GLU E 58 -39.50 92.48 -47.17
CA GLU E 58 -40.58 92.57 -46.21
C GLU E 58 -41.93 92.39 -46.87
N HIS E 59 -42.11 93.00 -48.05
CA HIS E 59 -43.39 92.87 -48.76
C HIS E 59 -43.68 91.41 -49.08
N LEU E 60 -42.68 90.69 -49.60
CA LEU E 60 -42.85 89.25 -49.80
C LEU E 60 -43.04 88.54 -48.47
N ARG E 61 -42.32 89.00 -47.44
CA ARG E 61 -42.41 88.34 -46.14
C ARG E 61 -43.79 88.49 -45.52
N SER E 62 -44.50 89.57 -45.83
CA SER E 62 -45.76 89.85 -45.17
C SER E 62 -46.96 89.85 -46.11
N ASP E 63 -46.97 90.69 -47.14
CA ASP E 63 -48.21 90.94 -47.87
C ASP E 63 -48.59 89.78 -48.77
N HIS E 64 -47.60 89.10 -49.35
CA HIS E 64 -47.89 88.02 -50.28
C HIS E 64 -48.47 86.79 -49.60
N ARG E 65 -48.49 86.74 -48.27
CA ARG E 65 -48.65 85.45 -47.60
C ARG E 65 -49.87 85.37 -46.70
N ASP E 66 -51.05 85.75 -47.20
CA ASP E 66 -52.30 85.39 -46.55
C ASP E 66 -53.12 84.45 -47.43
N ASP E 67 -53.52 84.89 -48.61
CA ASP E 67 -53.90 84.06 -49.76
C ASP E 67 -54.62 82.77 -49.35
N ALA E 68 -55.76 82.93 -48.68
CA ALA E 68 -56.56 81.77 -48.28
C ALA E 68 -57.44 81.37 -49.47
N SER E 69 -56.94 80.46 -50.30
CA SER E 69 -57.64 80.08 -51.51
C SER E 69 -57.63 78.58 -51.83
N THR E 70 -56.96 77.76 -51.05
CA THR E 70 -56.81 76.34 -51.39
C THR E 70 -57.45 75.48 -50.31
N LEU E 71 -57.28 74.17 -50.46
CA LEU E 71 -57.86 73.22 -49.52
C LEU E 71 -57.18 73.25 -48.15
N LEU E 72 -55.97 73.80 -48.08
CA LEU E 72 -55.25 73.82 -46.82
C LEU E 72 -54.60 75.17 -46.51
N ALA E 73 -54.79 76.18 -47.33
CA ALA E 73 -54.18 77.48 -47.08
C ALA E 73 -54.88 78.19 -45.92
N THR E 74 -54.77 77.62 -44.73
CA THR E 74 -55.43 78.19 -43.56
C THR E 74 -54.61 79.37 -43.01
N PRO E 75 -55.27 80.30 -42.33
CA PRO E 75 -54.51 81.42 -41.74
C PRO E 75 -53.49 80.98 -40.72
N MET E 76 -53.77 79.91 -39.96
CA MET E 76 -52.87 79.54 -38.89
C MET E 76 -51.52 79.07 -39.43
N ILE E 77 -51.53 78.28 -40.52
CA ILE E 77 -50.27 77.84 -41.09
C ILE E 77 -49.54 79.03 -41.69
N ASN E 78 -50.27 80.00 -42.23
CA ASN E 78 -49.63 81.22 -42.69
C ASN E 78 -48.87 81.90 -41.56
N ASN E 79 -49.46 81.92 -40.36
CA ASN E 79 -48.74 82.43 -39.20
C ASN E 79 -47.51 81.59 -38.90
N ALA E 80 -47.64 80.27 -39.00
CA ALA E 80 -46.49 79.40 -38.75
C ALA E 80 -45.38 79.69 -39.74
N ILE E 81 -45.74 79.81 -41.02
CA ILE E 81 -44.74 80.14 -42.04
C ILE E 81 -44.13 81.49 -41.76
N ARG E 82 -44.98 82.47 -41.45
CA ARG E 82 -44.50 83.83 -41.20
C ARG E 82 -43.52 83.84 -40.03
N SER E 83 -43.86 83.13 -38.95
CA SER E 83 -42.97 83.06 -37.81
C SER E 83 -41.65 82.40 -38.19
N PHE E 84 -41.73 81.31 -38.94
CA PHE E 84 -40.50 80.62 -39.35
C PHE E 84 -39.61 81.53 -40.17
N LEU E 85 -40.21 82.29 -41.08
CA LEU E 85 -39.44 83.22 -41.89
C LEU E 85 -38.70 84.22 -41.02
N THR E 86 -39.42 84.84 -40.08
CA THR E 86 -38.79 85.85 -39.23
C THR E 86 -37.74 85.25 -38.32
N ALA E 87 -37.91 84.00 -37.92
CA ALA E 87 -37.02 83.39 -36.96
C ALA E 87 -35.74 82.82 -37.58
N TRP E 88 -35.59 82.91 -38.89
CA TRP E 88 -34.44 82.28 -39.53
C TRP E 88 -33.17 83.06 -39.26
N ASP E 89 -32.10 82.35 -38.89
CA ASP E 89 -30.76 82.92 -38.87
C ASP E 89 -29.77 81.76 -38.93
N GLY E 90 -29.10 81.61 -40.06
CA GLY E 90 -28.20 80.48 -40.24
C GLY E 90 -26.74 80.83 -40.34
N ILE E 91 -26.37 82.04 -39.93
CA ILE E 91 -24.98 82.47 -40.05
C ILE E 91 -24.46 83.00 -38.71
N ARG E 92 -25.02 82.52 -37.62
CA ARG E 92 -24.51 82.89 -36.31
C ARG E 92 -23.27 82.07 -35.97
N ILE E 93 -22.29 82.73 -35.35
CA ILE E 93 -21.15 82.00 -34.83
C ILE E 93 -21.56 81.16 -33.64
N LEU E 94 -22.08 81.81 -32.60
CA LEU E 94 -22.65 81.12 -31.47
C LEU E 94 -24.10 80.76 -31.76
N SER E 95 -24.53 79.60 -31.27
CA SER E 95 -25.91 79.15 -31.41
C SER E 95 -26.29 78.35 -30.18
N PRO E 96 -26.36 79.00 -29.02
CA PRO E 96 -26.66 78.26 -27.78
C PRO E 96 -28.03 77.62 -27.78
N ASP E 97 -28.96 78.12 -28.60
CA ASP E 97 -30.29 77.52 -28.65
C ASP E 97 -30.24 76.09 -29.17
N VAL E 98 -29.55 75.88 -30.28
CA VAL E 98 -29.50 74.55 -30.88
C VAL E 98 -28.42 73.68 -30.26
N SER E 99 -27.41 74.28 -29.64
CA SER E 99 -26.37 73.49 -28.98
C SER E 99 -26.89 72.75 -27.76
N SER E 100 -28.08 73.10 -27.27
CA SER E 100 -28.64 72.40 -26.13
C SER E 100 -28.88 70.94 -26.48
N LYS E 101 -28.72 70.08 -25.47
CA LYS E 101 -28.88 68.63 -25.59
C LYS E 101 -27.86 68.00 -26.53
N HIS E 102 -26.76 68.69 -26.81
CA HIS E 102 -25.68 68.12 -27.60
C HIS E 102 -24.77 67.30 -26.69
N LEU E 103 -25.33 66.20 -26.19
CA LEU E 103 -24.58 65.28 -25.35
C LEU E 103 -23.41 64.72 -26.13
N SER E 104 -22.19 65.01 -25.68
CA SER E 104 -20.97 64.61 -26.36
C SER E 104 -20.14 63.72 -25.45
N ALA E 105 -19.74 62.57 -25.97
CA ALA E 105 -18.96 61.62 -25.19
C ALA E 105 -17.49 62.02 -25.16
N TYR E 106 -16.84 61.78 -24.02
CA TYR E 106 -15.43 62.05 -23.89
C TYR E 106 -14.64 61.09 -24.78
N LEU E 107 -13.71 61.63 -25.56
CA LEU E 107 -12.87 60.84 -26.45
C LEU E 107 -11.41 61.09 -26.12
N ASP E 108 -10.63 60.01 -26.12
CA ASP E 108 -9.22 60.12 -25.78
C ASP E 108 -8.43 60.90 -26.82
N SER E 109 -8.68 60.62 -28.11
CA SER E 109 -7.93 61.31 -29.15
C SER E 109 -8.36 62.75 -29.29
N ALA E 110 -9.62 63.07 -28.96
CA ALA E 110 -10.11 64.42 -29.15
C ALA E 110 -9.33 65.43 -28.32
N VAL E 111 -9.02 65.07 -27.06
CA VAL E 111 -8.30 65.98 -26.19
C VAL E 111 -6.83 66.07 -26.51
N ALA E 112 -6.37 65.38 -27.56
CA ALA E 112 -4.95 65.36 -27.91
C ALA E 112 -4.58 66.45 -28.90
N ASN E 113 -5.26 67.58 -28.87
CA ASN E 113 -5.00 68.69 -29.79
C ASN E 113 -4.25 69.84 -29.15
N GLY E 114 -4.60 70.22 -27.93
CA GLY E 114 -3.99 71.36 -27.28
C GLY E 114 -4.56 72.66 -27.79
N PRO E 115 -4.78 73.60 -26.88
CA PRO E 115 -5.32 74.90 -27.29
C PRO E 115 -4.31 75.70 -28.08
N GLU E 116 -4.83 76.65 -28.85
CA GLU E 116 -4.02 77.54 -29.66
C GLU E 116 -3.64 78.74 -28.82
N LEU E 117 -2.53 78.62 -28.09
CA LEU E 117 -2.14 79.67 -27.17
C LEU E 117 -1.40 80.79 -27.87
N ILE E 118 -0.47 80.45 -28.76
CA ILE E 118 0.43 81.44 -29.34
C ILE E 118 -0.30 82.15 -30.46
N VAL E 119 -0.79 83.36 -30.18
CA VAL E 119 -1.34 84.25 -31.20
C VAL E 119 -0.70 85.61 -31.00
N GLU E 120 0.02 86.08 -32.01
CA GLU E 120 0.80 87.31 -31.89
C GLU E 120 0.39 88.29 -32.96
N ASP E 121 0.28 89.56 -32.57
CA ASP E 121 -0.18 90.64 -33.43
C ASP E 121 0.92 91.69 -33.55
N THR E 122 1.16 92.15 -34.77
CA THR E 122 2.10 93.22 -35.01
C THR E 122 1.44 94.55 -35.32
N GLY E 123 0.11 94.56 -35.42
CA GLY E 123 -0.60 95.79 -35.71
C GLY E 123 -0.66 96.73 -34.53
N LEU E 124 -1.60 97.67 -34.57
CA LEU E 124 -1.77 98.60 -33.46
C LEU E 124 -2.63 97.97 -32.38
N CYS E 125 -2.16 98.05 -31.14
CA CYS E 125 -2.90 97.51 -30.00
C CYS E 125 -4.06 98.46 -29.70
N THR E 126 -5.12 98.34 -30.48
CA THR E 126 -6.29 99.17 -30.28
C THR E 126 -7.54 98.41 -30.66
N SER E 127 -8.66 98.86 -30.14
CA SER E 127 -9.94 98.24 -30.43
C SER E 127 -11.04 99.25 -30.74
N PHE E 128 -10.74 100.53 -30.77
CA PHE E 128 -11.71 101.55 -31.09
C PHE E 128 -11.25 102.32 -32.32
N MET E 129 -12.21 102.77 -33.11
CA MET E 129 -11.94 103.44 -34.37
C MET E 129 -12.62 104.80 -34.39
N LEU E 130 -11.94 105.79 -34.95
CA LEU E 130 -12.54 107.08 -35.21
C LEU E 130 -13.18 107.06 -36.59
N LEU E 131 -14.34 107.69 -36.70
CA LEU E 131 -15.17 107.51 -37.89
C LEU E 131 -15.52 108.85 -38.51
N ASP E 132 -16.15 108.77 -39.67
CA ASP E 132 -16.48 109.90 -40.52
C ASP E 132 -17.99 110.06 -40.68
N ASN E 133 -18.72 109.93 -39.57
CA ASN E 133 -20.14 109.61 -39.64
C ASN E 133 -20.90 110.50 -40.59
N ILE E 134 -20.60 111.79 -40.60
CA ILE E 134 -21.22 112.73 -41.53
C ILE E 134 -20.11 113.41 -42.32
N PRO E 135 -20.02 113.19 -43.62
CA PRO E 135 -18.94 113.79 -44.41
C PRO E 135 -19.09 115.30 -44.50
N SER E 136 -17.96 115.96 -44.64
CA SER E 136 -17.94 117.40 -44.85
C SER E 136 -18.29 117.72 -46.29
N ALA E 137 -18.95 118.87 -46.50
CA ALA E 137 -19.41 119.25 -47.82
C ALA E 137 -18.29 119.87 -48.64
N HIS E 138 -18.38 119.69 -49.95
CA HIS E 138 -17.40 120.25 -50.89
C HIS E 138 -17.98 121.53 -51.47
N LEU E 139 -17.53 122.66 -50.96
CA LEU E 139 -17.99 123.96 -51.44
C LEU E 139 -17.06 124.45 -52.55
N THR E 140 -17.67 124.96 -53.62
CA THR E 140 -16.89 125.43 -54.76
C THR E 140 -17.32 126.78 -55.31
N LYS E 141 -18.47 127.31 -54.91
CA LYS E 141 -18.95 128.59 -55.44
C LYS E 141 -18.97 129.67 -54.37
N GLU E 142 -19.65 129.42 -53.26
CA GLU E 142 -19.64 130.31 -52.11
C GLU E 142 -19.09 129.55 -50.92
N LEU E 143 -18.56 130.28 -49.95
CA LEU E 143 -17.92 129.72 -48.76
C LEU E 143 -16.64 128.98 -49.12
N ILE E 144 -15.92 129.48 -50.11
CA ILE E 144 -14.67 128.87 -50.52
C ILE E 144 -13.59 129.17 -49.50
N GLY E 145 -12.87 128.13 -49.09
CA GLY E 145 -11.80 128.27 -48.13
C GLY E 145 -12.14 127.83 -46.73
N PHE E 146 -13.42 127.68 -46.41
CA PHE E 146 -13.81 127.25 -45.08
C PHE E 146 -13.46 125.80 -44.80
N THR E 147 -13.08 125.03 -45.82
CA THR E 147 -12.76 123.63 -45.65
C THR E 147 -11.47 123.31 -46.39
N TRP E 148 -10.69 122.40 -45.82
CA TRP E 148 -9.38 122.04 -46.37
C TRP E 148 -9.19 120.54 -46.21
N PHE E 149 -9.31 119.81 -47.30
CA PHE E 149 -9.10 118.37 -47.28
C PHE E 149 -7.64 118.05 -47.50
N MET E 150 -7.07 117.20 -46.65
CA MET E 150 -5.67 116.82 -46.80
C MET E 150 -5.41 116.13 -48.13
N GLN E 151 -6.45 115.57 -48.76
CA GLN E 151 -6.27 114.98 -50.08
C GLN E 151 -5.76 116.01 -51.07
N MET E 152 -6.13 117.28 -50.88
CA MET E 152 -5.64 118.33 -51.77
C MET E 152 -4.13 118.39 -51.80
N TYR E 153 -3.47 117.99 -50.71
CA TYR E 153 -2.03 117.94 -50.66
C TYR E 153 -1.50 116.52 -50.78
N GLN E 154 -2.35 115.57 -51.17
CA GLN E 154 -1.95 114.18 -51.33
C GLN E 154 -1.39 113.61 -50.03
N MET E 155 -2.18 113.76 -48.97
CA MET E 155 -1.78 113.28 -47.65
C MET E 155 -2.97 112.61 -47.00
N THR E 156 -2.70 111.51 -46.30
CA THR E 156 -3.73 110.83 -45.53
C THR E 156 -3.84 111.47 -44.17
N PRO E 157 -4.99 112.02 -43.80
CA PRO E 157 -5.09 112.70 -42.51
C PRO E 157 -4.94 111.72 -41.37
N PRO E 158 -4.32 112.13 -40.26
CA PRO E 158 -4.23 111.25 -39.10
C PRO E 158 -5.52 111.12 -38.32
N LEU E 159 -6.47 112.01 -38.56
CA LEU E 159 -7.75 112.02 -37.86
C LEU E 159 -8.88 112.12 -38.86
N PRO E 160 -10.07 111.65 -38.51
CA PRO E 160 -11.21 111.85 -39.41
C PRO E 160 -11.48 113.33 -39.59
N GLU E 161 -11.86 113.70 -40.80
CA GLU E 161 -12.13 115.09 -41.14
C GLU E 161 -13.54 115.24 -41.69
N GLY E 162 -14.48 114.51 -41.13
CA GLY E 162 -15.88 114.68 -41.49
C GLY E 162 -16.54 115.78 -40.70
N ALA E 163 -17.77 116.09 -41.09
CA ALA E 163 -18.53 117.10 -40.36
C ALA E 163 -18.82 116.64 -38.94
N VAL E 164 -19.13 115.37 -38.76
CA VAL E 164 -19.39 114.78 -37.45
C VAL E 164 -18.61 113.49 -37.35
N ASN E 165 -17.81 113.35 -36.28
CA ASN E 165 -16.94 112.21 -36.11
C ASN E 165 -17.26 111.49 -34.80
N ARG E 166 -17.25 110.18 -34.84
CA ARG E 166 -17.67 109.35 -33.72
C ARG E 166 -16.56 108.37 -33.35
N ILE E 167 -16.67 107.84 -32.13
CA ILE E 167 -15.82 106.76 -31.67
C ILE E 167 -16.68 105.52 -31.55
N VAL E 168 -16.23 104.41 -32.16
CA VAL E 168 -16.98 103.17 -32.14
C VAL E 168 -16.03 102.02 -31.82
N CYS E 169 -16.63 100.90 -31.43
CA CYS E 169 -15.88 99.72 -31.02
C CYS E 169 -15.82 98.75 -32.21
N MET E 170 -14.61 98.56 -32.74
CA MET E 170 -14.37 97.61 -33.82
C MET E 170 -13.07 96.86 -33.48
N THR E 171 -13.23 95.70 -32.87
CA THR E 171 -12.07 94.95 -32.40
C THR E 171 -11.18 94.54 -33.56
N ASN E 172 -9.87 94.66 -33.34
CA ASN E 172 -8.86 94.22 -34.30
C ASN E 172 -9.00 94.93 -35.64
N TRP E 173 -9.53 96.14 -35.64
CA TRP E 173 -9.66 96.87 -36.90
C TRP E 173 -8.28 97.23 -37.45
N ALA E 174 -7.28 97.36 -36.60
CA ALA E 174 -5.92 97.60 -37.03
C ALA E 174 -5.01 96.40 -36.80
N SER E 175 -5.58 95.21 -36.71
CA SER E 175 -4.78 94.02 -36.44
C SER E 175 -3.90 93.69 -37.64
N LEU E 176 -2.85 92.92 -37.38
CA LEU E 176 -1.88 92.62 -38.41
C LEU E 176 -1.00 91.45 -37.96
N GLY E 177 -0.70 90.57 -38.89
CA GLY E 177 0.26 89.51 -38.63
C GLY E 177 -0.25 88.09 -38.76
N ASP E 178 -1.43 87.80 -38.24
CA ASP E 178 -2.02 86.47 -38.42
C ASP E 178 -3.51 86.56 -38.15
N GLU E 179 -4.19 85.43 -38.33
CA GLU E 179 -5.64 85.44 -38.52
C GLU E 179 -6.39 85.93 -37.30
N GLY E 180 -5.98 85.51 -36.11
CA GLY E 180 -6.69 85.91 -34.91
C GLY E 180 -7.68 84.87 -34.44
N ARG E 181 -8.36 85.20 -33.34
CA ARG E 181 -9.18 84.22 -32.64
C ARG E 181 -10.37 83.77 -33.46
N GLY E 182 -10.92 84.63 -34.31
CA GLY E 182 -12.02 84.25 -35.15
C GLY E 182 -13.39 84.67 -34.67
N LEU E 183 -13.49 85.36 -33.54
CA LEU E 183 -14.74 85.97 -33.13
C LEU E 183 -14.45 87.42 -32.75
N GLU E 184 -15.27 88.34 -33.25
CA GLU E 184 -14.99 89.76 -33.10
C GLU E 184 -16.28 90.51 -32.82
N VAL E 185 -16.11 91.76 -32.37
CA VAL E 185 -17.22 92.66 -32.11
C VAL E 185 -17.05 93.89 -32.97
N ARG E 186 -18.08 94.21 -33.75
CA ARG E 186 -18.03 95.33 -34.69
C ARG E 186 -19.35 96.07 -34.60
N LEU E 187 -19.29 97.33 -34.18
CA LEU E 187 -20.53 98.08 -34.11
C LEU E 187 -20.59 99.12 -35.22
N PRO E 188 -21.72 99.25 -35.89
CA PRO E 188 -21.87 100.31 -36.88
C PRO E 188 -22.00 101.65 -36.19
N PRO E 189 -21.83 102.75 -36.92
CA PRO E 189 -22.03 104.06 -36.32
C PRO E 189 -23.46 104.21 -35.85
N PRO E 190 -23.69 105.02 -34.80
CA PRO E 190 -25.03 105.11 -34.22
C PRO E 190 -26.09 105.60 -35.18
N THR E 191 -25.72 106.04 -36.38
CA THR E 191 -26.71 106.33 -37.40
C THR E 191 -27.42 105.06 -37.87
N ASP E 192 -26.90 103.89 -37.55
CA ASP E 192 -27.54 102.62 -37.84
C ASP E 192 -28.06 102.00 -36.55
N SER E 193 -28.88 100.96 -36.71
CA SER E 193 -29.56 100.34 -35.59
C SER E 193 -28.56 99.74 -34.59
N SER E 194 -27.64 98.90 -35.09
CA SER E 194 -26.68 98.19 -34.26
C SER E 194 -27.33 97.27 -33.25
N VAL E 195 -28.59 96.91 -33.46
CA VAL E 195 -29.29 96.08 -32.49
C VAL E 195 -28.72 94.67 -32.49
N HIS E 196 -28.33 94.17 -33.65
CA HIS E 196 -27.95 92.77 -33.80
C HIS E 196 -26.83 92.36 -32.85
N ALA E 197 -26.02 93.32 -32.40
CA ALA E 197 -24.94 92.98 -31.49
C ALA E 197 -25.43 92.49 -30.14
N TYR E 198 -26.70 92.72 -29.81
CA TYR E 198 -27.22 92.38 -28.50
C TYR E 198 -28.32 91.33 -28.57
N LYS E 199 -28.24 90.44 -29.53
CA LYS E 199 -29.21 89.36 -29.69
C LYS E 199 -28.53 88.00 -29.51
N THR E 200 -27.54 87.95 -28.62
CA THR E 200 -26.83 86.70 -28.41
C THR E 200 -27.74 85.63 -27.83
N VAL E 201 -28.59 86.00 -26.87
CA VAL E 201 -29.43 85.04 -26.17
C VAL E 201 -30.83 85.61 -25.98
N LEU E 202 -31.76 84.70 -25.70
CA LEU E 202 -33.12 85.06 -25.27
C LEU E 202 -33.81 85.97 -26.27
N SER E 203 -33.43 85.88 -27.54
CA SER E 203 -33.95 86.83 -28.51
C SER E 203 -34.48 86.18 -29.77
N ARG E 204 -33.90 85.03 -30.16
CA ARG E 204 -34.02 84.57 -31.54
C ARG E 204 -35.48 84.41 -31.96
N GLY E 205 -36.20 83.49 -31.33
CA GLY E 205 -37.55 83.22 -31.77
C GLY E 205 -38.58 84.05 -31.06
N TYR E 206 -38.16 85.14 -30.44
CA TYR E 206 -39.05 85.82 -29.52
C TYR E 206 -39.30 87.27 -29.87
N ILE E 207 -38.31 87.98 -30.39
CA ILE E 207 -38.47 89.39 -30.71
C ILE E 207 -38.25 89.60 -32.20
N ASP E 208 -38.81 90.70 -32.70
CA ASP E 208 -38.67 91.02 -34.10
C ASP E 208 -37.24 91.41 -34.43
N ASN E 209 -36.92 91.36 -35.73
CA ASN E 209 -35.58 91.72 -36.19
C ASN E 209 -35.23 93.15 -35.79
N ALA E 210 -36.19 94.06 -35.87
CA ALA E 210 -35.91 95.47 -35.60
C ALA E 210 -35.87 95.80 -34.11
N GLN E 211 -36.36 94.93 -33.25
CA GLN E 211 -36.43 95.24 -31.83
C GLN E 211 -35.21 94.69 -31.09
N PHE E 212 -35.06 95.13 -29.85
CA PHE E 212 -34.15 94.50 -28.91
C PHE E 212 -34.93 94.20 -27.63
N ASN E 213 -34.49 93.18 -26.91
CA ASN E 213 -35.18 92.75 -25.71
C ASN E 213 -34.73 93.58 -24.52
N PRO E 214 -35.55 94.53 -24.05
CA PRO E 214 -35.13 95.35 -22.92
C PRO E 214 -35.06 94.58 -21.61
N LEU E 215 -35.71 93.42 -21.53
CA LEU E 215 -35.75 92.69 -20.27
C LEU E 215 -34.61 91.70 -20.11
N ALA E 216 -33.83 91.46 -21.16
CA ALA E 216 -32.69 90.57 -21.10
C ALA E 216 -31.40 91.32 -21.40
N LEU E 217 -31.37 92.61 -21.07
CA LEU E 217 -30.26 93.44 -21.51
C LEU E 217 -28.96 93.07 -20.83
N ARG E 218 -29.00 92.85 -19.51
CA ARG E 218 -27.76 92.64 -18.76
C ARG E 218 -27.02 91.41 -19.28
N SER E 219 -27.75 90.33 -19.54
CA SER E 219 -27.10 89.12 -20.03
C SER E 219 -26.48 89.35 -21.39
N ASN E 220 -27.23 89.94 -22.32
CA ASN E 220 -26.71 90.15 -23.67
C ASN E 220 -25.50 91.07 -23.65
N VAL E 221 -25.56 92.13 -22.85
CA VAL E 221 -24.40 93.01 -22.74
C VAL E 221 -23.20 92.25 -22.24
N LEU E 222 -23.40 91.45 -21.19
CA LEU E 222 -22.29 90.72 -20.60
C LEU E 222 -21.66 89.78 -21.62
N LEU E 223 -22.48 89.05 -22.36
CA LEU E 223 -21.93 88.13 -23.35
C LEU E 223 -21.16 88.87 -24.43
N MET E 224 -21.65 90.04 -24.84
CA MET E 224 -20.94 90.81 -25.85
C MET E 224 -19.55 91.20 -25.34
N LEU E 225 -19.47 91.66 -24.10
CA LEU E 225 -18.18 92.02 -23.55
C LEU E 225 -17.25 90.83 -23.47
N LEU E 226 -17.80 89.65 -23.19
CA LEU E 226 -16.97 88.46 -23.13
C LEU E 226 -16.27 88.23 -24.45
N GLN E 227 -17.01 88.31 -25.56
CA GLN E 227 -16.40 88.15 -26.87
C GLN E 227 -15.35 89.22 -27.10
N PHE E 228 -15.63 90.45 -26.69
CA PHE E 228 -14.64 91.51 -26.77
C PHE E 228 -13.35 91.10 -26.08
N THR E 229 -13.48 90.53 -24.88
CA THR E 229 -12.31 90.12 -24.13
C THR E 229 -11.55 89.03 -24.88
N LEU E 230 -12.25 87.98 -25.29
CA LEU E 230 -11.58 86.85 -25.93
C LEU E 230 -10.88 87.28 -27.22
N SER E 231 -11.50 88.19 -27.96
CA SER E 231 -10.95 88.59 -29.25
C SER E 231 -9.62 89.30 -29.13
N ASN E 232 -9.22 89.73 -27.93
CA ASN E 232 -8.00 90.50 -27.76
C ASN E 232 -6.90 89.73 -27.06
N LEU E 233 -7.09 88.43 -26.82
CA LEU E 233 -6.07 87.64 -26.15
C LEU E 233 -4.98 87.34 -27.16
N LYS E 234 -4.02 88.25 -27.27
CA LYS E 234 -2.93 88.12 -28.24
C LYS E 234 -1.63 88.57 -27.57
N ILE E 235 -0.57 88.62 -28.36
CA ILE E 235 0.74 89.07 -27.90
C ILE E 235 1.19 90.21 -28.80
N ASN E 236 1.63 91.30 -28.19
CA ASN E 236 2.10 92.47 -28.94
C ASN E 236 3.55 92.24 -29.33
N LYS E 237 3.73 91.51 -30.42
CA LYS E 237 5.08 91.27 -30.92
C LYS E 237 5.68 92.56 -31.46
N SER E 238 7.00 92.64 -31.42
CA SER E 238 7.70 93.83 -31.90
C SER E 238 7.72 93.82 -33.43
N SER E 239 8.43 94.79 -34.00
CA SER E 239 8.55 94.90 -35.45
C SER E 239 9.78 95.75 -35.75
N THR E 240 9.99 96.03 -37.03
CA THR E 240 11.17 96.75 -37.45
C THR E 240 11.05 98.23 -37.12
N PHE E 241 12.04 98.74 -36.39
CA PHE E 241 12.15 100.17 -36.12
C PHE E 241 13.22 100.77 -37.04
N THR E 242 12.97 102.00 -37.47
CA THR E 242 13.96 102.74 -38.23
C THR E 242 13.99 104.18 -37.75
N SER E 243 15.13 104.83 -37.98
CA SER E 243 15.19 106.26 -37.77
C SER E 243 14.45 106.99 -38.87
N ASP E 244 14.07 108.24 -38.59
CA ASP E 244 13.38 109.08 -39.54
C ASP E 244 14.37 110.10 -40.08
N VAL E 245 14.67 109.99 -41.38
CA VAL E 245 15.63 110.88 -42.00
C VAL E 245 14.98 112.11 -42.61
N THR E 246 13.69 112.29 -42.44
CA THR E 246 13.01 113.43 -43.02
C THR E 246 13.01 114.61 -42.07
N THR E 247 12.56 115.76 -42.58
CA THR E 247 12.50 116.97 -41.79
C THR E 247 11.51 116.85 -40.64
N ILE E 248 10.51 116.00 -40.77
CA ILE E 248 9.43 115.95 -39.78
C ILE E 248 9.99 115.72 -38.38
N THR E 249 10.90 114.76 -38.24
CA THR E 249 11.71 114.68 -37.03
C THR E 249 12.93 113.80 -37.26
N SER E 250 14.09 114.28 -36.83
CA SER E 250 15.28 113.45 -36.82
C SER E 250 15.50 112.78 -35.48
N GLY E 251 14.90 113.30 -34.42
CA GLY E 251 15.24 112.95 -33.06
C GLY E 251 14.66 111.67 -32.53
N ARG E 252 13.92 110.92 -33.33
CA ARG E 252 13.30 109.70 -32.83
C ARG E 252 13.37 108.60 -33.89
N MET E 253 13.17 107.37 -33.44
CA MET E 253 13.14 106.18 -34.27
C MET E 253 11.78 105.51 -34.10
N ILE E 254 11.15 105.15 -35.21
CA ILE E 254 9.76 104.73 -35.20
C ILE E 254 9.62 103.41 -35.95
N ARG E 255 8.43 102.84 -35.87
CA ARG E 255 8.11 101.60 -36.58
C ARG E 255 7.71 101.92 -38.00
N ALA E 256 8.47 101.40 -38.96
CA ALA E 256 8.13 101.53 -40.37
C ALA E 256 7.25 100.35 -40.76
N PHE E 257 5.95 100.59 -40.89
CA PHE E 257 5.06 99.49 -41.22
C PHE E 257 5.30 98.96 -42.62
N GLU E 258 5.89 99.76 -43.50
CA GLU E 258 6.59 99.26 -44.68
C GLU E 258 5.71 98.35 -45.51
N GLY E 259 4.63 98.92 -46.03
CA GLY E 259 3.68 98.14 -46.80
C GLY E 259 2.26 98.53 -46.47
N ARG E 260 2.08 99.22 -45.36
CA ARG E 260 0.78 99.76 -44.96
C ARG E 260 0.93 101.24 -44.65
N PRO E 261 1.32 102.05 -45.64
CA PRO E 261 1.58 103.46 -45.35
C PRO E 261 0.37 104.18 -44.78
N GLU E 262 -0.83 103.85 -45.26
CA GLU E 262 -2.04 104.42 -44.69
C GLU E 262 -2.14 104.11 -43.20
N LEU E 263 -1.70 102.92 -42.80
CA LEU E 263 -1.71 102.58 -41.39
C LEU E 263 -0.71 103.42 -40.62
N LEU E 264 0.46 103.66 -41.21
CA LEU E 264 1.46 104.48 -40.55
C LEU E 264 0.93 105.87 -40.29
N ALA E 265 0.17 106.42 -41.23
CA ALA E 265 -0.40 107.76 -41.04
C ALA E 265 -1.23 107.81 -39.77
N LEU E 266 -1.98 106.75 -39.48
CA LEU E 266 -2.80 106.72 -38.28
C LEU E 266 -1.98 106.48 -37.03
N ALA E 267 -0.91 105.69 -37.14
CA ALA E 267 -0.21 105.24 -35.94
C ALA E 267 0.46 106.39 -35.20
N TYR E 268 0.97 107.37 -35.92
CA TYR E 268 1.72 108.47 -35.32
C TYR E 268 1.10 109.78 -35.73
N PRO E 269 0.07 110.22 -35.02
CA PRO E 269 -0.54 111.52 -35.33
C PRO E 269 0.42 112.68 -35.21
N GLY E 270 1.45 112.55 -34.38
CA GLY E 270 2.37 113.66 -34.17
C GLY E 270 3.14 114.06 -35.41
N ARG E 271 3.22 113.19 -36.41
CA ARG E 271 3.99 113.46 -37.61
C ARG E 271 3.18 114.19 -38.67
N ALA E 272 2.09 114.84 -38.30
CA ALA E 272 1.23 115.47 -39.29
C ALA E 272 1.89 116.72 -39.87
N VAL E 273 1.39 117.13 -41.03
CA VAL E 273 1.71 118.41 -41.63
C VAL E 273 0.45 119.27 -41.61
N LEU E 274 0.61 120.53 -41.24
CA LEU E 274 -0.53 121.38 -40.90
C LEU E 274 -0.49 122.65 -41.74
N PRO E 275 -1.04 122.62 -42.95
CA PRO E 275 -1.06 123.83 -43.78
C PRO E 275 -1.91 124.94 -43.20
N THR E 276 -3.17 124.66 -42.90
CA THR E 276 -4.11 125.68 -42.48
C THR E 276 -4.67 125.35 -41.10
N GLN E 277 -5.07 126.40 -40.38
CA GLN E 277 -5.48 126.28 -38.98
C GLN E 277 -6.93 125.78 -38.92
N THR E 278 -7.09 124.48 -39.13
CA THR E 278 -8.38 123.85 -38.94
C THR E 278 -8.49 123.33 -37.52
N LYS E 279 -9.69 122.85 -37.17
CA LYS E 279 -9.91 122.35 -35.82
C LYS E 279 -8.99 121.18 -35.52
N ASN E 280 -8.78 120.29 -36.50
CA ASN E 280 -7.80 119.23 -36.33
C ASN E 280 -6.41 119.82 -36.11
N ALA E 281 -6.06 120.83 -36.90
CA ALA E 281 -4.75 121.45 -36.75
C ALA E 281 -4.61 122.10 -35.38
N GLN E 282 -5.66 122.78 -34.93
CA GLN E 282 -5.61 123.44 -33.62
C GLN E 282 -5.28 122.45 -32.52
N PHE E 283 -5.71 121.19 -32.68
CA PHE E 283 -5.37 120.18 -31.68
C PHE E 283 -3.99 119.60 -31.92
N LEU E 284 -3.72 119.16 -33.15
CA LEU E 284 -2.47 118.48 -33.43
C LEU E 284 -1.27 119.39 -33.19
N SER E 285 -1.43 120.69 -33.39
CA SER E 285 -0.31 121.61 -33.24
C SER E 285 0.22 121.61 -31.82
N THR E 286 -0.54 121.12 -30.85
CA THR E 286 -0.13 121.09 -29.47
C THR E 286 0.69 119.86 -29.10
N ALA E 287 0.88 118.93 -30.03
CA ALA E 287 1.52 117.67 -29.70
C ALA E 287 2.97 117.88 -29.26
N ILE E 288 3.36 117.17 -28.20
CA ILE E 288 4.74 117.24 -27.74
C ILE E 288 5.64 116.57 -28.75
N ALA E 289 6.86 117.11 -28.89
CA ALA E 289 7.71 116.76 -30.02
C ALA E 289 8.17 115.30 -29.98
N ASP E 290 8.55 114.80 -28.82
CA ASP E 290 9.26 113.53 -28.74
C ASP E 290 8.42 112.39 -28.17
N ARG E 291 7.14 112.62 -27.89
CA ARG E 291 6.29 111.57 -27.35
C ARG E 291 5.90 110.59 -28.46
N ILE E 292 6.91 109.92 -29.02
CA ILE E 292 6.70 109.11 -30.20
C ILE E 292 7.86 108.14 -30.36
N GLY E 293 7.56 106.94 -30.85
CA GLY E 293 8.59 106.02 -31.25
C GLY E 293 9.15 105.20 -30.10
N ARG E 294 10.33 104.65 -30.34
CA ARG E 294 10.97 103.77 -29.37
C ARG E 294 11.48 104.58 -28.19
N LEU E 295 11.07 104.19 -26.99
CA LEU E 295 11.56 104.83 -25.78
C LEU E 295 12.80 104.14 -25.24
N ASP E 296 12.71 102.83 -25.03
CA ASP E 296 13.84 102.07 -24.52
C ASP E 296 13.79 100.67 -25.09
N ARG E 297 14.97 100.06 -25.21
CA ARG E 297 15.13 98.74 -25.81
C ARG E 297 16.02 97.89 -24.93
N ALA E 298 15.61 96.65 -24.69
CA ALA E 298 16.41 95.71 -23.92
C ALA E 298 17.26 94.91 -24.90
N ASN E 299 18.53 95.29 -25.03
CA ASN E 299 19.42 94.71 -26.02
C ASN E 299 20.48 93.90 -25.29
N LEU E 300 20.49 92.58 -25.55
CA LEU E 300 21.31 91.66 -24.76
C LEU E 300 22.57 91.23 -25.48
N ILE E 301 22.46 90.83 -26.74
CA ILE E 301 23.55 90.21 -27.47
C ILE E 301 23.69 90.90 -28.82
N GLY E 302 24.93 91.24 -29.18
CA GLY E 302 25.16 91.81 -30.49
C GLY E 302 24.79 90.84 -31.58
N GLY E 303 24.23 91.37 -32.67
CA GLY E 303 23.76 90.53 -33.75
C GLY E 303 22.65 89.58 -33.33
N GLU E 304 21.83 90.00 -32.39
CA GLU E 304 20.76 89.17 -31.86
C GLU E 304 19.54 90.05 -31.61
N VAL E 305 18.36 89.44 -31.70
CA VAL E 305 17.13 90.20 -31.51
C VAL E 305 17.08 90.75 -30.10
N SER E 306 16.62 91.99 -29.96
CA SER E 306 16.35 92.53 -28.65
C SER E 306 15.14 91.82 -28.06
N ALA E 307 15.26 91.38 -26.81
CA ALA E 307 14.22 90.55 -26.22
C ALA E 307 12.89 91.28 -26.15
N MET E 308 12.93 92.55 -25.75
CA MET E 308 11.71 93.34 -25.66
C MET E 308 12.07 94.80 -25.89
N VAL E 309 11.07 95.57 -26.30
CA VAL E 309 11.25 96.99 -26.61
C VAL E 309 10.03 97.75 -26.12
N GLU E 310 10.26 98.95 -25.63
CA GLU E 310 9.19 99.81 -25.15
C GLU E 310 9.06 101.02 -26.07
N CYS E 311 7.83 101.33 -26.46
CA CYS E 311 7.56 102.45 -27.34
C CYS E 311 6.20 103.01 -27.01
N MET E 312 5.87 104.14 -27.61
CA MET E 312 4.55 104.73 -27.48
C MET E 312 4.01 105.05 -28.85
N GLU E 313 2.71 104.82 -29.02
CA GLU E 313 2.03 104.93 -30.30
C GLU E 313 0.54 104.95 -30.03
N LEU E 314 -0.26 104.87 -31.09
CA LEU E 314 -1.71 104.82 -30.94
C LEU E 314 -2.08 103.48 -30.29
N CYS E 315 -2.59 103.54 -29.07
CA CYS E 315 -2.95 102.31 -28.35
C CYS E 315 -3.87 102.67 -27.21
N ASP E 316 -5.06 102.08 -27.19
CA ASP E 316 -5.97 102.34 -26.10
C ASP E 316 -5.54 101.55 -24.86
N ALA E 317 -5.94 102.07 -23.69
CA ALA E 317 -5.52 101.45 -22.45
C ALA E 317 -6.20 100.10 -22.24
N LEU E 318 -7.48 100.00 -22.57
CA LEU E 318 -8.23 98.79 -22.23
C LEU E 318 -7.65 97.57 -22.91
N THR E 319 -7.44 97.65 -24.23
CA THR E 319 -6.81 96.54 -24.92
C THR E 319 -5.42 96.28 -24.36
N LEU E 320 -4.70 97.34 -24.01
CA LEU E 320 -3.39 97.17 -23.42
C LEU E 320 -3.47 96.38 -22.12
N HIS E 321 -4.43 96.70 -21.27
CA HIS E 321 -4.58 95.98 -20.01
C HIS E 321 -4.86 94.51 -20.27
N ILE E 322 -5.70 94.22 -21.26
CA ILE E 322 -6.04 92.83 -21.55
C ILE E 322 -4.80 92.06 -21.97
N ARG E 323 -4.10 92.58 -22.99
CA ARG E 323 -3.01 91.82 -23.57
C ARG E 323 -1.87 91.65 -22.58
N GLU E 324 -1.60 92.68 -21.77
CA GLU E 324 -0.59 92.53 -20.74
C GLU E 324 -0.98 91.42 -19.77
N THR E 325 -2.25 91.36 -19.40
CA THR E 325 -2.71 90.26 -18.55
C THR E 325 -2.49 88.92 -19.24
N TYR E 326 -2.80 88.85 -20.53
CA TYR E 326 -2.66 87.59 -21.25
C TYR E 326 -1.22 87.10 -21.22
N VAL E 327 -0.27 88.00 -21.47
CA VAL E 327 1.13 87.63 -21.39
C VAL E 327 1.46 87.16 -19.99
N MET E 328 1.00 87.91 -18.98
CA MET E 328 1.23 87.52 -17.60
C MET E 328 0.74 86.10 -17.35
N LEU E 329 -0.40 85.75 -17.93
CA LEU E 329 -0.89 84.38 -17.80
C LEU E 329 0.08 83.39 -18.40
N LEU E 330 0.58 83.68 -19.59
CA LEU E 330 1.50 82.75 -20.26
C LEU E 330 2.75 82.53 -19.41
N ARG E 331 3.30 83.61 -18.88
CA ARG E 331 4.46 83.48 -18.01
C ARG E 331 4.16 82.57 -16.83
N SER E 332 2.92 82.64 -16.33
CA SER E 332 2.56 81.87 -15.14
C SER E 332 2.71 80.38 -15.34
N MET E 333 2.71 79.90 -16.58
CA MET E 333 2.86 78.48 -16.84
C MET E 333 4.13 78.15 -17.62
N HIS E 334 5.13 79.02 -17.55
CA HIS E 334 6.42 78.75 -18.13
C HIS E 334 7.43 78.41 -17.04
N GLN E 335 8.36 77.53 -17.37
CA GLN E 335 9.44 77.18 -16.45
C GLN E 335 10.74 77.03 -17.22
N ASP E 336 11.85 77.25 -16.54
CA ASP E 336 13.16 77.23 -17.15
C ASP E 336 13.59 75.79 -17.44
N PRO E 337 14.59 75.62 -18.31
CA PRO E 337 14.99 74.24 -18.68
C PRO E 337 15.39 73.38 -17.50
N THR E 338 16.09 73.92 -16.52
CA THR E 338 16.55 73.10 -15.39
C THR E 338 15.37 72.39 -14.74
N GLN E 339 14.29 73.12 -14.51
CA GLN E 339 13.08 72.49 -14.01
C GLN E 339 12.54 71.47 -14.99
N ILE E 340 12.53 71.82 -16.27
CA ILE E 340 11.93 70.94 -17.27
C ILE E 340 12.67 69.62 -17.31
N VAL E 341 14.00 69.67 -17.41
CA VAL E 341 14.77 68.43 -17.52
C VAL E 341 14.63 67.62 -16.25
N GLN E 342 14.58 68.28 -15.10
CA GLN E 342 14.40 67.55 -13.86
C GLN E 342 13.05 66.86 -13.82
N ILE E 343 12.01 67.53 -14.30
CA ILE E 343 10.68 66.93 -14.31
C ILE E 343 10.70 65.65 -15.13
N VAL E 344 11.30 65.70 -16.31
CA VAL E 344 11.34 64.53 -17.17
C VAL E 344 12.08 63.39 -16.49
N ASN E 345 13.23 63.70 -15.89
CA ASN E 345 14.01 62.66 -15.23
C ASN E 345 13.21 62.01 -14.11
N GLU E 346 12.54 62.81 -13.29
CA GLU E 346 11.73 62.26 -12.22
C GLU E 346 10.57 61.45 -12.76
N CYS E 347 9.93 61.94 -13.82
CA CYS E 347 8.83 61.20 -14.42
C CYS E 347 9.24 59.79 -14.80
N ALA E 348 10.49 59.61 -15.21
CA ALA E 348 11.00 58.30 -15.59
C ALA E 348 11.68 57.58 -14.43
N ASN E 349 11.32 57.92 -13.19
CA ASN E 349 11.92 57.31 -12.01
C ASN E 349 13.44 57.38 -12.08
N ASN E 350 13.95 58.54 -12.48
CA ASN E 350 15.37 58.82 -12.61
C ASN E 350 16.07 57.93 -13.63
N LEU E 351 15.32 57.15 -14.41
CA LEU E 351 15.93 56.53 -15.56
C LEU E 351 16.03 57.56 -16.69
N LEU E 352 16.86 57.26 -17.67
CA LEU E 352 17.05 58.16 -18.80
C LEU E 352 17.52 59.54 -18.33
N ASN E 353 18.45 59.56 -17.40
CA ASN E 353 18.95 60.83 -16.89
C ASN E 353 19.53 61.67 -18.02
N SER E 354 19.22 62.96 -18.01
CA SER E 354 19.68 63.86 -19.04
C SER E 354 19.89 65.23 -18.42
N THR E 355 20.56 66.10 -19.16
CA THR E 355 20.85 67.44 -18.67
C THR E 355 20.89 68.40 -19.84
N ILE E 356 21.05 69.68 -19.51
CA ILE E 356 21.01 70.75 -20.49
C ILE E 356 22.39 71.37 -20.63
N PRO E 357 22.69 72.03 -21.75
CA PRO E 357 23.91 72.80 -21.84
C PRO E 357 23.83 74.05 -20.98
N ILE E 358 24.97 74.71 -20.82
CA ILE E 358 25.06 75.92 -20.01
C ILE E 358 25.47 77.06 -20.92
N SER E 359 24.49 77.82 -21.39
CA SER E 359 24.75 78.99 -22.22
C SER E 359 23.52 79.86 -22.21
N LEU E 360 23.66 81.06 -22.77
CA LEU E 360 22.57 82.02 -22.75
C LEU E 360 21.43 81.56 -23.66
N ARG E 361 20.21 81.61 -23.12
CA ARG E 361 19.00 81.32 -23.88
C ARG E 361 18.09 82.52 -23.73
N PRO E 362 18.16 83.49 -24.64
CA PRO E 362 17.57 84.80 -24.36
C PRO E 362 16.05 84.82 -24.23
N THR E 363 15.33 84.36 -25.26
CA THR E 363 13.91 84.69 -25.38
C THR E 363 13.02 83.46 -25.45
N ILE E 364 13.33 82.43 -24.70
CA ILE E 364 12.54 81.21 -24.75
C ILE E 364 11.26 81.38 -23.95
N LEU E 365 10.25 80.59 -24.30
CA LEU E 365 8.98 80.58 -23.60
C LEU E 365 8.31 79.25 -23.84
N CYS E 366 8.01 78.52 -22.77
CA CYS E 366 7.46 77.16 -22.86
C CYS E 366 6.27 77.04 -21.94
N PRO E 367 5.13 77.56 -22.34
CA PRO E 367 3.95 77.49 -21.48
C PRO E 367 3.35 76.10 -21.43
N TRP E 368 3.92 75.21 -20.61
CA TRP E 368 3.59 73.79 -20.68
C TRP E 368 3.12 73.21 -19.36
N PHE E 369 2.71 74.03 -18.40
CA PHE E 369 2.52 73.51 -17.05
C PHE E 369 1.29 74.13 -16.40
N ALA E 370 0.87 73.50 -15.30
CA ALA E 370 -0.32 73.93 -14.58
C ALA E 370 -0.23 73.39 -13.16
N SER E 371 -1.06 73.96 -12.29
CA SER E 371 -1.09 73.52 -10.90
C SER E 371 -1.88 72.23 -10.77
N SER E 372 -1.73 71.60 -9.60
CA SER E 372 -2.48 70.38 -9.33
C SER E 372 -3.97 70.65 -9.35
N GLU E 373 -4.39 71.80 -8.82
CA GLU E 373 -5.80 72.13 -8.81
C GLU E 373 -6.37 72.12 -10.21
N ASP E 374 -5.62 72.66 -11.16
CA ASP E 374 -6.03 72.55 -12.56
C ASP E 374 -6.18 71.09 -12.96
N LEU E 375 -5.16 70.28 -12.65
CA LEU E 375 -5.23 68.86 -12.98
C LEU E 375 -6.39 68.19 -12.25
N ARG E 376 -6.53 68.49 -10.96
CA ARG E 376 -7.65 67.92 -10.20
C ARG E 376 -8.97 68.32 -10.82
N LEU E 377 -9.11 69.60 -11.18
CA LEU E 377 -10.34 70.06 -11.79
C LEU E 377 -10.61 69.34 -13.11
N GLN E 378 -9.57 69.23 -13.95
CA GLN E 378 -9.76 68.58 -15.23
C GLN E 378 -10.13 67.12 -15.06
N GLN E 379 -9.48 66.44 -14.11
CA GLN E 379 -9.79 65.04 -13.88
C GLN E 379 -11.25 64.87 -13.49
N VAL E 380 -11.74 65.71 -12.60
CA VAL E 380 -13.14 65.64 -12.19
C VAL E 380 -14.04 65.91 -13.38
N MET E 381 -13.73 66.94 -14.15
CA MET E 381 -14.52 67.26 -15.34
C MET E 381 -14.54 66.08 -16.28
N HIS E 382 -13.38 65.45 -16.48
CA HIS E 382 -13.32 64.27 -17.34
C HIS E 382 -14.26 63.18 -16.83
N LEU E 383 -14.33 63.00 -15.52
CA LEU E 383 -15.22 61.98 -14.97
C LEU E 383 -16.69 62.35 -15.12
N VAL E 384 -16.99 63.64 -15.34
CA VAL E 384 -18.38 64.05 -15.49
C VAL E 384 -18.91 63.77 -16.88
N ASN E 385 -18.04 63.74 -17.88
CA ASN E 385 -18.46 63.66 -19.28
C ASN E 385 -18.41 62.23 -19.81
N ILE E 386 -18.77 61.26 -18.98
CA ILE E 386 -18.76 59.85 -19.38
C ILE E 386 -20.01 59.17 -18.84
N SER E 387 -20.37 58.06 -19.47
CA SER E 387 -21.37 57.17 -18.92
C SER E 387 -20.72 56.28 -17.86
N SER E 388 -21.21 56.36 -16.63
CA SER E 388 -20.51 55.74 -15.52
C SER E 388 -20.58 54.24 -15.53
N ASN E 389 -21.08 53.63 -16.60
CA ASN E 389 -21.07 52.18 -16.70
C ASN E 389 -19.70 51.73 -17.18
N THR E 390 -19.60 50.44 -17.55
CA THR E 390 -18.31 49.89 -17.96
C THR E 390 -17.75 50.60 -19.18
N ALA E 391 -18.61 51.23 -19.98
CA ALA E 391 -18.14 51.88 -21.19
C ALA E 391 -17.06 52.91 -20.91
N ALA E 392 -17.12 53.55 -19.75
CA ALA E 392 -16.09 54.53 -19.40
C ALA E 392 -14.78 53.84 -19.07
N ALA E 393 -14.82 52.78 -18.27
CA ALA E 393 -13.59 52.21 -17.74
C ALA E 393 -12.81 51.47 -18.81
N LEU E 394 -13.49 50.72 -19.66
CA LEU E 394 -12.82 49.79 -20.57
C LEU E 394 -11.70 50.40 -21.38
N PRO E 395 -11.87 51.56 -22.04
CA PRO E 395 -10.73 52.11 -22.80
C PRO E 395 -9.53 52.39 -21.93
N LEU E 396 -9.73 52.85 -20.70
CA LEU E 396 -8.62 53.14 -19.81
C LEU E 396 -7.83 51.88 -19.51
N VAL E 397 -8.53 50.83 -19.06
CA VAL E 397 -7.85 49.58 -18.74
C VAL E 397 -7.19 49.00 -19.98
N GLU E 398 -7.89 49.03 -21.11
CA GLU E 398 -7.34 48.45 -22.32
C GLU E 398 -6.06 49.17 -22.74
N ALA E 399 -6.09 50.50 -22.73
CA ALA E 399 -4.91 51.25 -23.13
C ALA E 399 -3.74 50.94 -22.21
N LEU E 400 -3.97 50.99 -20.89
CA LEU E 400 -2.89 50.74 -19.96
C LEU E 400 -2.36 49.32 -20.10
N SER E 401 -3.24 48.35 -20.27
CA SER E 401 -2.80 46.97 -20.43
C SER E 401 -1.93 46.81 -21.66
N THR E 402 -2.32 47.43 -22.76
CA THR E 402 -1.51 47.36 -23.98
C THR E 402 -0.13 47.94 -23.74
N LEU E 403 -0.07 49.09 -23.07
CA LEU E 403 1.21 49.68 -22.76
C LEU E 403 2.04 48.75 -21.89
N LEU E 404 1.41 48.16 -20.87
CA LEU E 404 2.14 47.24 -20.00
C LEU E 404 2.73 46.09 -20.80
N ARG E 405 1.91 45.42 -21.59
CA ARG E 405 2.41 44.31 -22.38
C ARG E 405 3.45 44.77 -23.39
N SER E 406 3.35 46.02 -23.84
CA SER E 406 4.31 46.52 -24.81
C SER E 406 5.72 46.54 -24.24
N VAL E 407 5.88 47.01 -23.01
CA VAL E 407 7.18 47.11 -22.37
C VAL E 407 7.14 46.28 -21.11
N THR E 408 7.82 45.14 -21.13
CA THR E 408 7.94 44.28 -19.96
C THR E 408 8.98 43.21 -20.22
N PRO E 409 9.79 42.90 -19.23
CA PRO E 409 10.78 41.83 -19.42
C PRO E 409 10.19 40.46 -19.14
N LEU E 410 9.08 40.44 -18.40
CA LEU E 410 8.48 39.17 -18.03
C LEU E 410 7.89 38.48 -19.25
N VAL E 411 8.07 37.17 -19.32
CA VAL E 411 7.53 36.35 -20.40
C VAL E 411 6.79 35.18 -19.78
N LEU E 412 5.55 34.99 -20.19
CA LEU E 412 4.73 33.91 -19.66
C LEU E 412 4.92 32.67 -20.52
N ASP E 413 5.34 31.59 -19.90
CA ASP E 413 5.58 30.35 -20.62
C ASP E 413 5.28 29.15 -19.73
N PRO E 414 4.22 28.41 -20.01
CA PRO E 414 3.84 27.29 -19.15
C PRO E 414 4.57 25.99 -19.44
N THR E 415 5.56 26.00 -20.33
CA THR E 415 6.17 24.74 -20.74
C THR E 415 6.84 24.03 -19.57
N VAL E 416 7.51 24.78 -18.70
CA VAL E 416 8.21 24.15 -17.59
C VAL E 416 7.23 23.56 -16.61
N LEU E 417 6.11 24.23 -16.38
CA LEU E 417 5.11 23.72 -15.46
C LEU E 417 4.57 22.39 -15.94
N THR E 418 4.10 22.34 -17.20
CA THR E 418 3.59 21.10 -17.75
C THR E 418 4.67 20.03 -17.75
N ASN E 419 5.89 20.41 -18.14
CA ASN E 419 6.98 19.45 -18.13
C ASN E 419 7.20 18.88 -16.74
N ALA E 420 7.08 19.73 -15.72
CA ALA E 420 7.24 19.25 -14.35
C ALA E 420 6.02 18.45 -13.88
N ILE E 421 4.88 18.61 -14.52
CA ILE E 421 3.68 17.90 -14.10
C ILE E 421 3.59 16.53 -14.77
N THR E 422 3.79 16.49 -16.08
CA THR E 422 3.64 15.24 -16.82
C THR E 422 4.70 14.22 -16.48
N THR E 423 5.75 14.59 -15.77
CA THR E 423 6.79 13.64 -15.39
C THR E 423 6.43 12.83 -14.17
N ILE E 424 5.27 13.07 -13.58
CA ILE E 424 4.84 12.31 -12.40
C ILE E 424 4.35 10.94 -12.84
N SER E 425 4.86 9.90 -12.17
CA SER E 425 4.47 8.55 -12.52
C SER E 425 3.19 8.15 -11.79
N GLU E 426 2.34 7.39 -12.50
CA GLU E 426 1.13 6.87 -11.90
C GLU E 426 0.73 5.60 -12.64
N SER E 427 -0.07 4.78 -11.97
CA SER E 427 -0.54 3.55 -12.58
C SER E 427 -1.45 3.86 -13.77
N THR E 428 -1.35 3.02 -14.79
CA THR E 428 -2.20 3.15 -15.97
C THR E 428 -3.41 2.22 -15.90
N THR E 429 -3.58 1.49 -14.81
CA THR E 429 -4.70 0.57 -14.67
C THR E 429 -5.87 1.18 -13.91
N GLN E 430 -5.78 2.45 -13.53
CA GLN E 430 -6.86 3.12 -12.84
C GLN E 430 -7.85 3.72 -13.83
N THR E 431 -9.03 4.03 -13.35
CA THR E 431 -10.08 4.58 -14.18
C THR E 431 -10.07 6.10 -14.23
N ILE E 432 -9.34 6.76 -13.33
CA ILE E 432 -9.27 8.22 -13.29
C ILE E 432 -7.81 8.63 -13.16
N SER E 433 -7.37 9.52 -14.04
CA SER E 433 -6.03 10.09 -13.95
C SER E 433 -6.16 11.57 -13.63
N PRO E 434 -5.90 11.99 -12.40
CA PRO E 434 -6.06 13.41 -12.07
C PRO E 434 -5.17 14.33 -12.88
N ILE E 435 -4.08 13.81 -13.44
CA ILE E 435 -3.25 14.63 -14.31
C ILE E 435 -4.04 15.16 -15.48
N SER E 436 -4.82 14.27 -16.13
CA SER E 436 -5.65 14.71 -17.24
C SER E 436 -6.67 15.72 -16.78
N GLU E 437 -7.26 15.52 -15.60
CA GLU E 437 -8.23 16.48 -15.08
C GLU E 437 -7.59 17.85 -14.93
N ILE E 438 -6.38 17.89 -14.38
CA ILE E 438 -5.67 19.16 -14.23
C ILE E 438 -5.44 19.78 -15.60
N LEU E 439 -4.87 19.01 -16.52
CA LEU E 439 -4.47 19.57 -17.79
C LEU E 439 -5.67 19.92 -18.65
N ARG E 440 -6.81 19.28 -18.40
CA ARG E 440 -8.04 19.73 -19.05
C ARG E 440 -8.40 21.13 -18.60
N LEU E 441 -8.24 21.40 -17.30
CA LEU E 441 -8.23 22.77 -16.85
C LEU E 441 -6.92 23.43 -17.25
N LEU E 442 -6.73 24.68 -16.82
CA LEU E 442 -5.56 25.46 -17.22
C LEU E 442 -5.45 25.54 -18.73
N GLN E 443 -6.57 25.45 -19.42
CA GLN E 443 -6.55 25.42 -20.87
C GLN E 443 -6.08 26.78 -21.39
N PRO E 444 -4.99 26.84 -22.14
CA PRO E 444 -4.54 28.13 -22.69
C PRO E 444 -5.43 28.59 -23.82
N MET E 445 -6.23 29.61 -23.56
CA MET E 445 -7.19 30.08 -24.55
C MET E 445 -6.54 30.79 -25.72
N GLY E 446 -5.21 30.84 -25.77
CA GLY E 446 -4.51 31.47 -26.88
C GLY E 446 -4.47 32.98 -26.82
N ASN E 447 -5.15 33.60 -25.86
CA ASN E 447 -5.16 35.05 -25.72
C ASN E 447 -3.92 35.56 -25.01
N ASP E 448 -2.95 34.68 -24.72
CA ASP E 448 -1.75 35.06 -23.98
C ASP E 448 -2.10 35.67 -22.63
N TYR E 449 -3.15 35.15 -22.01
CA TYR E 449 -3.49 35.46 -20.63
C TYR E 449 -3.76 36.95 -20.46
N ALA E 450 -4.74 37.44 -21.20
CA ALA E 450 -5.13 38.83 -21.09
C ALA E 450 -5.62 39.16 -19.69
N ALA E 451 -6.17 38.17 -19.00
CA ALA E 451 -6.72 38.42 -17.67
C ALA E 451 -5.65 38.96 -16.72
N PHE E 452 -4.45 38.39 -16.78
CA PHE E 452 -3.39 38.81 -15.87
C PHE E 452 -3.08 40.28 -16.04
N TRP E 453 -2.81 40.71 -17.27
CA TRP E 453 -2.55 42.12 -17.50
C TRP E 453 -3.78 42.95 -17.21
N LYS E 454 -4.97 42.42 -17.48
CA LYS E 454 -6.19 43.15 -17.17
C LYS E 454 -6.29 43.43 -15.69
N CYS E 455 -5.98 42.42 -14.86
CA CYS E 455 -6.04 42.63 -13.41
C CYS E 455 -5.05 43.69 -12.97
N ILE E 456 -3.84 43.67 -13.52
CA ILE E 456 -2.83 44.65 -13.13
C ILE E 456 -3.29 46.05 -13.49
N ALA E 457 -3.81 46.22 -14.71
CA ALA E 457 -4.23 47.54 -15.14
C ALA E 457 -5.35 48.07 -14.27
N SER E 458 -6.24 47.19 -13.83
CA SER E 458 -7.39 47.63 -13.05
C SER E 458 -6.97 48.31 -11.76
N TRP E 459 -5.79 47.95 -11.23
CA TRP E 459 -5.35 48.55 -9.98
C TRP E 459 -5.20 50.06 -10.13
N ALA E 460 -4.71 50.51 -11.26
CA ALA E 460 -4.51 51.95 -11.46
C ALA E 460 -5.80 52.73 -11.37
N TYR E 461 -6.92 52.09 -11.69
CA TYR E 461 -8.22 52.75 -11.66
C TYR E 461 -9.18 52.03 -10.73
N ASN E 462 -8.67 51.49 -9.62
CA ASN E 462 -9.52 50.74 -8.71
C ASN E 462 -10.64 51.61 -8.16
N GLY E 463 -10.42 52.92 -8.08
CA GLY E 463 -11.47 53.80 -7.61
C GLY E 463 -12.60 53.99 -8.58
N LEU E 464 -12.45 53.49 -9.80
CA LEU E 464 -13.48 53.60 -10.81
C LEU E 464 -14.09 52.26 -11.19
N VAL E 465 -13.27 51.22 -11.33
CA VAL E 465 -13.73 49.91 -11.76
C VAL E 465 -13.06 48.86 -10.89
N THR E 466 -13.77 47.76 -10.65
CA THR E 466 -13.27 46.65 -9.87
C THR E 466 -13.34 45.37 -10.68
N THR E 467 -12.33 44.52 -10.54
CA THR E 467 -12.31 43.23 -11.19
C THR E 467 -12.86 42.18 -10.25
N VAL E 468 -13.76 41.35 -10.76
CA VAL E 468 -14.39 40.31 -9.97
C VAL E 468 -14.16 38.97 -10.64
N LEU E 469 -14.20 37.92 -9.84
CA LEU E 469 -14.09 36.58 -10.39
C LEU E 469 -15.40 36.19 -11.07
N SER E 470 -15.29 35.58 -12.24
CA SER E 470 -16.48 35.24 -13.00
C SER E 470 -17.31 34.21 -12.27
N GLU E 471 -18.63 34.36 -12.33
CA GLU E 471 -19.53 33.45 -11.61
C GLU E 471 -19.37 32.03 -12.10
N ASP E 472 -19.25 31.84 -13.41
CA ASP E 472 -19.14 30.50 -13.97
C ASP E 472 -17.94 29.76 -13.39
N ALA E 473 -16.86 30.47 -13.10
CA ALA E 473 -15.66 29.86 -12.56
C ALA E 473 -15.80 29.65 -11.05
N PHE E 474 -16.83 28.88 -10.70
CA PHE E 474 -17.07 28.48 -9.32
C PHE E 474 -17.46 27.02 -9.29
N PRO E 475 -17.17 26.33 -8.20
CA PRO E 475 -17.70 24.98 -8.03
C PRO E 475 -19.18 25.05 -7.71
N ASP E 476 -19.95 24.18 -8.36
CA ASP E 476 -21.38 24.12 -8.08
C ASP E 476 -21.61 23.76 -6.62
N SER E 477 -22.53 24.47 -5.99
CA SER E 477 -22.81 24.24 -4.57
C SER E 477 -23.39 22.87 -4.29
N SER E 478 -23.86 22.16 -5.32
CA SER E 478 -24.43 20.85 -5.12
C SER E 478 -23.39 19.76 -4.99
N GLN E 479 -22.12 20.05 -5.23
CA GLN E 479 -21.09 19.02 -5.29
C GLN E 479 -20.50 18.75 -3.91
N SER E 480 -19.77 17.65 -3.83
CA SER E 480 -19.03 17.29 -2.63
C SER E 480 -17.54 17.51 -2.86
N ILE E 481 -16.80 17.54 -1.75
CA ILE E 481 -15.36 17.77 -1.85
C ILE E 481 -14.68 16.68 -2.65
N THR E 482 -15.25 15.47 -2.65
CA THR E 482 -14.63 14.37 -3.37
C THR E 482 -14.78 14.48 -4.87
N HIS E 483 -15.63 15.37 -5.37
CA HIS E 483 -15.76 15.58 -6.81
C HIS E 483 -14.54 16.36 -7.26
N LEU E 484 -13.59 15.67 -7.87
CA LEU E 484 -12.28 16.25 -8.15
C LEU E 484 -12.33 17.56 -8.91
N PRO E 485 -13.07 17.69 -10.01
CA PRO E 485 -13.08 18.98 -10.72
C PRO E 485 -13.50 20.13 -9.82
N SER E 486 -14.47 19.90 -8.94
CA SER E 486 -14.87 20.94 -8.00
C SER E 486 -13.71 21.33 -7.10
N MET E 487 -12.98 20.34 -6.61
CA MET E 487 -11.86 20.64 -5.71
C MET E 487 -10.80 21.47 -6.41
N TRP E 488 -10.47 21.11 -7.66
CA TRP E 488 -9.48 21.88 -8.39
C TRP E 488 -9.94 23.31 -8.62
N LYS E 489 -11.21 23.47 -8.97
CA LYS E 489 -11.75 24.82 -9.14
C LYS E 489 -11.55 25.64 -7.89
N CYS E 490 -11.94 25.09 -6.75
CA CYS E 490 -11.79 25.81 -5.49
C CYS E 490 -10.33 26.18 -5.25
N LEU E 491 -9.42 25.27 -5.59
CA LEU E 491 -8.00 25.57 -5.43
C LEU E 491 -7.60 26.78 -6.25
N PHE E 492 -8.04 26.83 -7.51
CA PHE E 492 -7.68 27.95 -8.36
C PHE E 492 -8.24 29.25 -7.83
N LEU E 493 -9.48 29.23 -7.34
CA LEU E 493 -10.07 30.44 -6.78
C LEU E 493 -9.24 30.93 -5.60
N THR E 494 -8.82 30.00 -4.74
CA THR E 494 -8.00 30.40 -3.60
C THR E 494 -6.69 31.04 -4.06
N LEU E 495 -6.05 30.44 -5.06
CA LEU E 495 -4.78 30.99 -5.52
C LEU E 495 -4.95 32.37 -6.13
N ALA E 496 -5.97 32.55 -6.95
CA ALA E 496 -6.12 33.78 -7.72
C ALA E 496 -6.83 34.88 -6.96
N GLY E 497 -7.31 34.60 -5.75
CA GLY E 497 -8.06 35.56 -4.98
C GLY E 497 -7.44 36.93 -4.87
N PRO E 498 -6.23 37.01 -4.30
CA PRO E 498 -5.63 38.32 -4.04
C PRO E 498 -5.42 39.16 -5.28
N MET E 499 -5.30 38.56 -6.45
CA MET E 499 -4.99 39.33 -7.65
C MET E 499 -6.12 40.27 -8.05
N THR E 500 -7.33 40.07 -7.55
CA THR E 500 -8.45 40.91 -7.91
C THR E 500 -8.61 42.06 -6.92
N SER E 501 -9.30 43.09 -7.37
CA SER E 501 -9.54 44.28 -6.56
C SER E 501 -10.86 44.24 -5.81
N ASP E 502 -11.65 43.19 -5.98
CA ASP E 502 -12.95 43.13 -5.34
C ASP E 502 -12.77 43.01 -3.84
N PRO E 503 -13.34 43.91 -3.04
CA PRO E 503 -13.26 43.76 -1.59
C PRO E 503 -13.87 42.47 -1.08
N HIS E 504 -14.90 41.96 -1.75
CA HIS E 504 -15.59 40.77 -1.27
C HIS E 504 -14.88 39.48 -1.65
N SER E 505 -13.80 39.54 -2.41
CA SER E 505 -13.15 38.32 -2.86
C SER E 505 -12.78 37.36 -1.73
N PRO E 506 -12.21 37.80 -0.60
CA PRO E 506 -11.86 36.81 0.42
C PRO E 506 -13.05 36.01 0.90
N VAL E 507 -14.17 36.67 1.17
CA VAL E 507 -15.36 35.94 1.62
C VAL E 507 -15.81 34.97 0.55
N LYS E 508 -15.83 35.42 -0.70
CA LYS E 508 -16.20 34.53 -1.79
C LYS E 508 -15.29 33.32 -1.85
N VAL E 509 -14.00 33.52 -1.64
CA VAL E 509 -13.08 32.39 -1.59
C VAL E 509 -13.44 31.47 -0.43
N PHE E 510 -13.67 32.06 0.74
CA PHE E 510 -13.94 31.24 1.92
C PHE E 510 -15.22 30.44 1.73
N MET E 511 -16.28 31.08 1.23
CA MET E 511 -17.54 30.36 1.06
C MET E 511 -17.43 29.30 -0.02
N ALA E 512 -16.56 29.51 -1.01
CA ALA E 512 -16.42 28.53 -2.08
C ALA E 512 -16.06 27.17 -1.51
N LEU E 513 -15.14 27.13 -0.56
CA LEU E 513 -14.83 25.88 0.11
C LEU E 513 -15.95 25.46 1.05
N ALA E 514 -16.56 26.43 1.73
CA ALA E 514 -17.61 26.10 2.69
C ALA E 514 -18.77 25.40 2.03
N ASN E 515 -19.06 25.73 0.77
CA ASN E 515 -20.12 25.03 0.05
C ASN E 515 -19.82 23.54 -0.06
N LEU E 516 -18.57 23.19 -0.34
CA LEU E 516 -18.22 21.80 -0.55
C LEU E 516 -18.24 21.02 0.76
N LEU E 517 -18.03 21.69 1.89
CA LEU E 517 -17.96 21.04 3.18
C LEU E 517 -19.21 21.21 4.01
N ALA E 518 -20.32 21.60 3.38
CA ALA E 518 -21.55 21.82 4.14
C ALA E 518 -22.02 20.55 4.81
N GLN E 519 -21.72 19.40 4.23
CA GLN E 519 -22.18 18.15 4.81
C GLN E 519 -21.39 17.79 6.07
N PRO E 520 -20.06 17.66 6.02
CA PRO E 520 -19.35 17.19 7.20
C PRO E 520 -19.04 18.27 8.23
N GLU E 521 -18.86 19.51 7.78
CA GLU E 521 -18.43 20.59 8.66
C GLU E 521 -19.36 21.79 8.54
N PRO E 522 -20.35 21.90 9.41
CA PRO E 522 -21.26 23.05 9.37
C PRO E 522 -20.72 24.25 10.13
N ILE E 523 -21.12 25.43 9.67
CA ILE E 523 -20.81 26.70 10.32
C ILE E 523 -22.06 27.57 10.31
N ALA E 524 -21.98 28.69 11.04
CA ALA E 524 -23.11 29.58 11.18
C ALA E 524 -23.04 30.70 10.14
N ILE E 525 -24.20 31.02 9.56
CA ILE E 525 -24.34 32.13 8.63
C ILE E 525 -25.23 33.17 9.30
N GLY E 526 -24.73 34.41 9.39
CA GLY E 526 -25.42 35.42 10.16
C GLY E 526 -26.80 35.79 9.68
N VAL E 527 -26.89 36.42 8.52
CA VAL E 527 -28.19 36.95 8.06
C VAL E 527 -29.14 35.80 7.76
N PRO E 528 -30.40 35.87 8.18
CA PRO E 528 -31.33 34.81 7.83
C PRO E 528 -31.61 34.79 6.34
N GLY E 529 -32.03 33.62 5.87
CA GLY E 529 -32.28 33.42 4.46
C GLY E 529 -31.09 33.00 3.64
N MET E 530 -29.92 32.88 4.25
CA MET E 530 -28.72 32.42 3.57
C MET E 530 -28.20 31.18 4.27
N HIS E 531 -27.79 30.19 3.47
CA HIS E 531 -27.35 28.92 4.00
C HIS E 531 -25.97 28.59 3.47
N GLN E 532 -25.33 27.61 4.12
CA GLN E 532 -23.96 27.26 3.76
C GLN E 532 -23.87 26.74 2.33
N THR E 533 -24.97 26.31 1.74
CA THR E 533 -24.99 25.86 0.35
C THR E 533 -25.39 26.96 -0.62
N THR E 534 -25.56 28.18 -0.14
CA THR E 534 -25.83 29.28 -1.04
C THR E 534 -24.65 29.47 -1.98
N PRO E 535 -24.89 29.76 -3.26
CA PRO E 535 -23.77 30.00 -4.18
C PRO E 535 -22.84 31.06 -3.63
N ALA E 536 -21.54 30.74 -3.59
CA ALA E 536 -20.58 31.62 -2.95
C ALA E 536 -20.54 32.98 -3.60
N SER E 537 -20.78 33.05 -4.90
CA SER E 537 -20.69 34.32 -5.62
C SER E 537 -21.73 35.32 -5.16
N GLN E 538 -22.74 34.90 -4.41
CA GLN E 538 -23.76 35.82 -3.94
C GLN E 538 -23.30 36.64 -2.76
N PHE E 539 -22.27 36.21 -2.04
CA PHE E 539 -21.79 36.94 -0.87
C PHE E 539 -21.05 38.18 -1.35
N SER E 540 -21.82 39.22 -1.67
CA SER E 540 -21.29 40.47 -2.19
C SER E 540 -21.87 41.65 -1.44
N HIS E 541 -21.86 41.56 -0.11
CA HIS E 541 -22.37 42.62 0.70
C HIS E 541 -21.62 42.58 2.03
N PRO E 542 -21.12 43.71 2.52
CA PRO E 542 -20.37 43.67 3.78
C PRO E 542 -21.16 43.13 4.94
N GLY E 543 -22.47 43.25 4.92
CA GLY E 543 -23.27 42.78 6.01
C GLY E 543 -23.54 41.29 6.03
N VAL E 544 -23.07 40.54 5.03
CA VAL E 544 -23.34 39.12 4.96
C VAL E 544 -22.11 38.28 5.30
N TRP E 545 -21.04 38.90 5.76
CA TRP E 545 -19.85 38.15 6.09
C TRP E 545 -20.13 37.22 7.25
N PRO E 546 -19.84 35.93 7.13
CA PRO E 546 -20.15 34.98 8.20
C PRO E 546 -19.44 35.37 9.48
N PRO E 547 -20.11 35.21 10.63
CA PRO E 547 -19.46 35.59 11.89
C PRO E 547 -18.17 34.82 12.14
N GLY E 548 -18.14 33.54 11.78
CA GLY E 548 -16.92 32.78 11.95
C GLY E 548 -15.77 33.35 11.15
N PHE E 549 -16.06 33.85 9.95
CA PHE E 549 -15.01 34.45 9.14
C PHE E 549 -14.46 35.70 9.79
N LEU E 550 -15.30 36.45 10.51
CA LEU E 550 -14.80 37.63 11.20
C LEU E 550 -13.97 37.24 12.42
N ASN E 551 -14.31 36.14 13.07
CA ASN E 551 -13.61 35.70 14.28
C ASN E 551 -13.51 34.19 14.24
N PRO E 552 -12.37 33.64 13.82
CA PRO E 552 -12.26 32.19 13.68
C PRO E 552 -12.46 31.43 14.97
N GLN E 553 -12.29 32.09 16.12
CA GLN E 553 -12.43 31.39 17.39
C GLN E 553 -13.84 30.85 17.61
N LEU E 554 -14.84 31.41 16.93
CA LEU E 554 -16.18 30.89 17.06
C LEU E 554 -16.29 29.47 16.53
N ILE E 555 -15.50 29.15 15.51
CA ILE E 555 -15.56 27.82 14.90
C ILE E 555 -14.88 26.83 15.83
N ASN E 556 -15.65 25.87 16.35
CA ASN E 556 -15.08 24.87 17.22
C ASN E 556 -14.18 23.95 16.43
N PRO E 557 -12.94 23.71 16.87
CA PRO E 557 -12.04 22.84 16.10
C PRO E 557 -12.58 21.44 15.91
N GLN E 558 -13.26 20.89 16.91
CA GLN E 558 -13.72 19.51 16.85
C GLN E 558 -14.93 19.34 15.95
N GLN E 559 -15.58 20.42 15.53
CA GLN E 559 -16.71 20.34 14.62
C GLN E 559 -16.34 20.62 13.18
N ALA E 560 -15.54 21.66 12.94
CA ALA E 560 -15.13 22.03 11.58
C ALA E 560 -13.64 22.31 11.57
N PRO E 561 -12.82 21.27 11.68
CA PRO E 561 -11.36 21.50 11.71
C PRO E 561 -10.85 22.24 10.48
N LEU E 562 -11.21 21.77 9.30
CA LEU E 562 -10.67 22.36 8.08
C LEU E 562 -11.08 23.81 7.93
N LEU E 563 -12.38 24.09 8.12
CA LEU E 563 -12.85 25.44 7.89
C LEU E 563 -12.19 26.44 8.82
N ARG E 564 -12.03 26.07 10.09
CA ARG E 564 -11.33 26.95 11.02
C ARG E 564 -9.90 27.19 10.54
N ALA E 565 -9.22 26.13 10.11
CA ALA E 565 -7.88 26.29 9.57
C ALA E 565 -7.90 27.19 8.35
N PHE E 566 -8.87 27.00 7.46
CA PHE E 566 -8.94 27.81 6.26
C PHE E 566 -9.13 29.28 6.60
N ALA E 567 -10.02 29.58 7.54
CA ALA E 567 -10.24 30.95 7.92
C ALA E 567 -8.98 31.58 8.48
N GLU E 568 -8.29 30.85 9.35
CA GLU E 568 -7.04 31.37 9.91
C GLU E 568 -6.01 31.60 8.82
N HIS E 569 -5.89 30.64 7.89
CA HIS E 569 -4.95 30.81 6.79
C HIS E 569 -5.22 32.07 6.00
N ILE E 570 -6.50 32.32 5.68
CA ILE E 570 -6.84 33.50 4.89
C ILE E 570 -6.53 34.77 5.67
N ARG E 571 -6.99 34.85 6.92
CA ARG E 571 -6.78 36.05 7.70
C ARG E 571 -5.31 36.32 7.96
N ALA E 572 -4.47 35.31 7.92
CA ALA E 572 -3.08 35.48 8.27
C ALA E 572 -2.19 35.77 7.06
N ASN E 573 -2.53 35.24 5.90
CA ASN E 573 -1.62 35.28 4.76
C ASN E 573 -2.13 36.14 3.62
N TRP E 574 -3.26 36.80 3.78
CA TRP E 574 -3.72 37.69 2.72
C TRP E 574 -2.77 38.87 2.62
N PRO E 575 -2.36 39.26 1.42
CA PRO E 575 -1.28 40.25 1.28
C PRO E 575 -1.63 41.58 1.91
N GLN E 576 -0.60 42.39 2.10
CA GLN E 576 -0.71 43.68 2.77
C GLN E 576 -0.58 44.80 1.74
N PRO E 577 -1.56 45.67 1.60
CA PRO E 577 -1.42 46.80 0.68
C PRO E 577 -0.23 47.67 1.06
N SER E 578 0.37 48.28 0.04
CA SER E 578 1.53 49.14 0.23
C SER E 578 1.37 50.35 -0.69
N GLU E 579 2.44 51.10 -0.88
CA GLU E 579 2.34 52.42 -1.50
C GLU E 579 3.67 52.77 -2.16
N PHE E 580 3.60 53.63 -3.16
CA PHE E 580 4.79 54.20 -3.79
C PHE E 580 4.42 55.50 -4.46
N GLY E 581 5.45 56.27 -4.81
CA GLY E 581 5.27 57.55 -5.46
C GLY E 581 5.44 57.49 -6.96
N TYR E 582 5.02 58.54 -7.63
CA TYR E 582 5.10 58.62 -9.09
C TYR E 582 5.08 60.07 -9.50
N GLY E 583 5.43 60.31 -10.76
CA GLY E 583 5.40 61.65 -11.30
C GLY E 583 6.43 62.54 -10.66
N SER E 584 6.20 63.84 -10.77
CA SER E 584 7.09 64.85 -10.18
C SER E 584 6.27 65.87 -9.42
N THR E 585 6.70 66.17 -8.20
CA THR E 585 6.01 67.19 -7.41
C THR E 585 6.10 68.55 -8.08
N LEU E 586 7.14 68.79 -8.87
CA LEU E 586 7.25 70.07 -9.57
C LEU E 586 6.08 70.28 -10.52
N GLN E 587 5.59 69.21 -11.14
CA GLN E 587 4.50 69.32 -12.10
C GLN E 587 3.13 69.20 -11.45
N GLY E 588 3.06 68.82 -10.18
CA GLY E 588 1.78 68.59 -9.56
C GLY E 588 1.22 67.23 -9.91
N SER E 589 0.01 66.96 -9.41
CA SER E 589 -0.62 65.68 -9.61
C SER E 589 -2.13 65.85 -9.63
N ALA E 590 -2.81 64.88 -10.23
CA ALA E 590 -4.26 64.91 -10.36
C ALA E 590 -4.95 63.99 -9.36
N ASN E 591 -4.23 63.50 -8.36
CA ASN E 591 -4.85 62.63 -7.36
C ASN E 591 -5.96 63.36 -6.63
N LEU E 592 -7.07 62.67 -6.42
CA LEU E 592 -8.20 63.22 -5.68
C LEU E 592 -8.19 62.79 -4.21
N PHE E 593 -8.27 61.49 -3.96
CA PHE E 593 -8.31 61.01 -2.59
C PHE E 593 -6.92 60.66 -2.06
N ILE E 594 -6.11 60.00 -2.87
CA ILE E 594 -4.73 59.69 -2.49
C ILE E 594 -3.96 61.00 -2.42
N PRO E 595 -3.01 61.15 -1.51
CA PRO E 595 -2.14 62.32 -1.55
C PRO E 595 -1.41 62.40 -2.87
N PRO E 596 -1.16 63.61 -3.36
CA PRO E 596 -0.66 63.76 -4.73
C PRO E 596 0.68 63.07 -4.94
N ASN E 597 0.89 62.63 -6.17
CA ASN E 597 2.12 61.97 -6.61
C ASN E 597 2.38 60.67 -5.88
N ARG E 598 1.34 60.07 -5.30
CA ARG E 598 1.46 58.79 -4.62
C ARG E 598 0.46 57.82 -5.22
N MET E 599 0.80 56.52 -5.16
CA MET E 599 -0.09 55.48 -5.64
C MET E 599 -0.14 54.35 -4.61
N VAL E 600 -1.30 53.75 -4.49
CA VAL E 600 -1.49 52.62 -3.59
C VAL E 600 -1.33 51.33 -4.40
N TYR E 601 -1.06 50.25 -3.68
CA TYR E 601 -0.65 49.02 -4.31
C TYR E 601 -1.12 47.84 -3.45
N PRO E 602 -1.86 46.90 -4.02
CA PRO E 602 -2.43 45.83 -3.20
C PRO E 602 -1.39 44.95 -2.51
N TRP E 603 -0.22 44.80 -3.09
CA TRP E 603 0.83 43.97 -2.53
C TRP E 603 1.89 44.84 -1.87
N PRO E 604 2.74 44.24 -1.04
CA PRO E 604 3.95 44.94 -0.60
C PRO E 604 4.87 45.16 -1.78
N ASN E 605 5.69 46.21 -1.68
CA ASN E 605 6.55 46.60 -2.80
C ASN E 605 7.92 46.99 -2.28
N GLN E 606 8.88 47.01 -3.19
CA GLN E 606 10.27 47.33 -2.89
C GLN E 606 10.81 48.21 -4.00
N PRO E 607 11.88 48.95 -3.73
CA PRO E 607 12.55 49.69 -4.80
C PRO E 607 13.17 48.73 -5.80
N LEU E 608 13.51 49.27 -6.97
CA LEU E 608 14.04 48.45 -8.04
C LEU E 608 15.37 47.83 -7.61
N PRO E 609 15.60 46.55 -7.90
CA PRO E 609 16.85 45.91 -7.50
C PRO E 609 18.04 46.53 -8.22
N ARG E 610 19.23 46.26 -7.68
CA ARG E 610 20.44 46.86 -8.23
C ARG E 610 21.08 45.98 -9.30
N LEU E 611 21.49 44.78 -8.92
CA LEU E 611 22.17 43.88 -9.84
C LEU E 611 21.13 42.95 -10.50
N THR E 612 21.60 41.88 -11.14
CA THR E 612 20.72 40.98 -11.87
C THR E 612 19.64 40.40 -10.97
N VAL E 613 18.50 40.10 -11.57
CA VAL E 613 17.36 39.49 -10.88
C VAL E 613 17.54 37.99 -10.80
N ALA E 614 16.70 37.34 -10.00
CA ALA E 614 16.66 35.89 -9.90
C ALA E 614 15.37 35.48 -9.18
N PRO E 615 14.85 34.29 -9.41
CA PRO E 615 13.67 33.84 -8.67
C PRO E 615 13.96 33.80 -7.18
N THR E 616 12.97 34.21 -6.40
CA THR E 616 13.10 34.22 -4.95
C THR E 616 11.90 33.52 -4.35
N TYR E 617 11.94 33.35 -3.02
CA TYR E 617 10.90 32.57 -2.36
C TYR E 617 10.41 33.22 -1.08
N ASP E 618 10.74 34.48 -0.82
CA ASP E 618 10.28 35.17 0.36
C ASP E 618 9.31 36.29 0.05
N SER E 619 8.93 36.46 -1.22
CA SER E 619 7.95 37.46 -1.56
C SER E 619 6.60 37.10 -0.97
N ALA E 620 5.73 38.10 -0.84
CA ALA E 620 4.41 37.86 -0.28
C ALA E 620 3.65 36.84 -1.11
N MET E 621 3.69 36.99 -2.44
CA MET E 621 2.93 36.10 -3.30
C MET E 621 3.43 34.67 -3.18
N SER E 622 4.75 34.49 -3.17
CA SER E 622 5.29 33.14 -3.03
C SER E 622 4.84 32.53 -1.72
N ASN E 623 4.87 33.31 -0.64
CA ASN E 623 4.39 32.80 0.64
C ASN E 623 2.92 32.42 0.54
N TRP E 624 2.12 33.26 -0.09
CA TRP E 624 0.70 32.95 -0.24
C TRP E 624 0.52 31.64 -1.00
N ILE E 625 1.32 31.44 -2.04
CA ILE E 625 1.20 30.21 -2.83
C ILE E 625 1.53 29.00 -1.99
N SER E 626 2.66 29.03 -1.29
CA SER E 626 3.11 27.87 -0.55
C SER E 626 2.10 27.47 0.51
N THR E 627 1.64 28.43 1.30
CA THR E 627 0.69 28.13 2.36
C THR E 627 -0.61 27.57 1.79
N THR E 628 -1.08 28.16 0.69
CA THR E 628 -2.31 27.69 0.06
C THR E 628 -2.17 26.23 -0.35
N ILE E 629 -1.07 25.91 -1.04
CA ILE E 629 -0.84 24.52 -1.44
C ILE E 629 -0.77 23.62 -0.22
N ALA E 630 -0.04 24.07 0.81
CA ALA E 630 0.08 23.26 2.01
C ALA E 630 -1.27 22.96 2.61
N PHE E 631 -2.16 23.94 2.62
CA PHE E 631 -3.49 23.73 3.19
C PHE E 631 -4.25 22.67 2.41
N PHE E 632 -4.29 22.79 1.08
CA PHE E 632 -5.07 21.85 0.29
C PHE E 632 -4.53 20.44 0.42
N ILE E 633 -3.21 20.30 0.48
CA ILE E 633 -2.62 18.99 0.73
C ILE E 633 -3.18 18.42 2.02
N ARG E 634 -3.25 19.25 3.06
CA ARG E 634 -3.87 18.81 4.30
C ARG E 634 -5.32 18.40 4.08
N VAL E 635 -6.03 19.14 3.22
CA VAL E 635 -7.42 18.79 2.93
C VAL E 635 -7.50 17.42 2.28
N VAL E 636 -6.64 17.17 1.30
CA VAL E 636 -6.70 15.91 0.56
C VAL E 636 -6.48 14.73 1.48
N ASN E 637 -5.62 14.88 2.47
CA ASN E 637 -5.35 13.80 3.41
C ASN E 637 -6.37 13.73 4.54
N SER E 638 -7.35 14.62 4.56
CA SER E 638 -8.35 14.57 5.61
C SER E 638 -9.20 13.32 5.48
N VAL E 639 -9.84 12.95 6.59
CA VAL E 639 -10.60 11.71 6.64
C VAL E 639 -11.71 11.70 5.59
N ASN E 640 -12.26 12.87 5.27
CA ASN E 640 -13.38 12.93 4.34
C ASN E 640 -13.00 12.34 2.98
N MET E 641 -11.78 12.62 2.52
CA MET E 641 -11.35 12.08 1.24
C MET E 641 -11.01 10.61 1.34
N THR E 642 -10.40 10.19 2.44
CA THR E 642 -9.90 8.82 2.55
C THR E 642 -11.01 7.79 2.40
N ALA E 643 -12.21 8.11 2.89
CA ALA E 643 -13.30 7.15 2.84
C ALA E 643 -13.79 6.88 1.43
N THR E 644 -13.42 7.71 0.46
CA THR E 644 -14.05 7.64 -0.85
C THR E 644 -13.04 7.60 -1.98
N VAL E 645 -11.86 8.16 -1.75
CA VAL E 645 -10.85 8.32 -2.79
C VAL E 645 -9.79 7.25 -2.61
N ASN E 646 -9.56 6.47 -3.66
CA ASN E 646 -8.48 5.49 -3.64
C ASN E 646 -7.15 6.18 -3.37
N ASP E 647 -6.36 5.60 -2.48
CA ASP E 647 -5.16 6.28 -2.00
C ASP E 647 -4.18 6.53 -3.15
N LEU E 648 -4.11 5.60 -4.11
CA LEU E 648 -3.21 5.79 -5.24
C LEU E 648 -3.47 7.12 -5.92
N THR E 649 -4.74 7.39 -6.23
CA THR E 649 -5.09 8.69 -6.79
C THR E 649 -4.77 9.80 -5.80
N ARG E 650 -5.09 9.59 -4.53
CA ARG E 650 -4.76 10.59 -3.52
C ARG E 650 -3.27 10.85 -3.49
N ARG E 651 -2.47 9.78 -3.56
CA ARG E 651 -1.02 9.94 -3.63
C ARG E 651 -0.63 10.76 -4.85
N THR E 652 -1.32 10.54 -5.97
CA THR E 652 -1.01 11.32 -7.17
C THR E 652 -1.38 12.78 -6.98
N MET E 653 -2.56 13.05 -6.43
CA MET E 653 -3.04 14.41 -6.32
C MET E 653 -2.13 15.25 -5.43
N THR E 654 -1.71 14.69 -4.29
CA THR E 654 -0.78 15.43 -3.46
C THR E 654 0.56 15.61 -4.17
N GLY E 655 0.91 14.68 -5.06
CA GLY E 655 2.13 14.82 -5.81
C GLY E 655 2.11 16.01 -6.73
N VAL E 656 1.07 16.12 -7.55
CA VAL E 656 1.02 17.20 -8.53
C VAL E 656 0.95 18.55 -7.83
N MET E 657 0.19 18.62 -6.73
CA MET E 657 0.17 19.86 -5.96
C MET E 657 1.55 20.18 -5.43
N THR E 658 2.29 19.17 -4.97
CA THR E 658 3.65 19.41 -4.53
C THR E 658 4.51 19.97 -5.66
N ALA E 659 4.36 19.41 -6.86
CA ALA E 659 5.15 19.89 -7.98
C ALA E 659 4.89 21.35 -8.26
N MET E 660 3.62 21.76 -8.22
CA MET E 660 3.29 23.16 -8.46
C MET E 660 3.96 24.06 -7.44
N ARG E 661 4.01 23.62 -6.18
CA ARG E 661 4.61 24.44 -5.14
C ARG E 661 6.11 24.62 -5.35
N GLN E 662 6.74 23.77 -6.13
CA GLN E 662 8.19 23.81 -6.28
C GLN E 662 8.66 24.47 -7.56
N VAL E 663 7.74 24.93 -8.41
CA VAL E 663 8.16 25.55 -9.67
C VAL E 663 8.81 26.89 -9.36
N LYS E 664 9.99 27.11 -9.94
CA LYS E 664 10.74 28.34 -9.71
C LYS E 664 10.24 29.43 -10.67
N THR E 665 9.03 29.91 -10.40
CA THR E 665 8.45 30.97 -11.20
C THR E 665 9.09 32.31 -10.87
N MET E 666 9.05 33.22 -11.84
CA MET E 666 9.60 34.54 -11.67
C MET E 666 8.56 35.58 -11.24
N THR E 667 7.29 35.30 -11.49
CA THR E 667 6.23 36.30 -11.26
C THR E 667 6.24 36.90 -9.86
N PRO E 668 6.33 36.13 -8.77
CA PRO E 668 6.24 36.77 -7.45
C PRO E 668 7.29 37.84 -7.24
N PHE E 669 8.52 37.60 -7.71
CA PHE E 669 9.53 38.63 -7.61
C PHE E 669 9.17 39.85 -8.44
N TYR E 670 8.68 39.62 -9.65
CA TYR E 670 8.34 40.73 -10.54
C TYR E 670 7.27 41.60 -9.92
N ILE E 671 6.26 40.99 -9.28
CA ILE E 671 5.20 41.76 -8.65
C ILE E 671 5.75 42.68 -7.59
N GLN E 672 6.65 42.16 -6.75
CA GLN E 672 7.10 42.91 -5.60
C GLN E 672 8.11 44.00 -5.96
N HIS E 673 8.90 43.81 -7.00
CA HIS E 673 10.04 44.68 -7.24
C HIS E 673 9.98 45.46 -8.53
N MET E 674 9.47 44.88 -9.61
CA MET E 674 9.58 45.51 -10.92
C MET E 674 8.28 46.11 -11.42
N CYS E 675 7.17 45.42 -11.23
CA CYS E 675 5.88 45.94 -11.68
C CYS E 675 5.58 47.34 -11.16
N PRO E 676 5.80 47.68 -9.88
CA PRO E 676 5.49 49.04 -9.43
C PRO E 676 6.20 50.11 -10.25
N THR E 677 7.45 49.86 -10.64
CA THR E 677 8.17 50.83 -11.46
C THR E 677 7.45 51.06 -12.78
N GLU E 678 7.02 49.96 -13.42
CA GLU E 678 6.33 50.10 -14.69
C GLU E 678 5.06 50.93 -14.54
N LEU E 679 4.30 50.68 -13.48
CA LEU E 679 3.10 51.49 -13.23
C LEU E 679 3.47 52.94 -13.00
N SER E 680 4.50 53.18 -12.18
CA SER E 680 4.86 54.56 -11.82
C SER E 680 5.22 55.35 -13.06
N VAL E 681 5.93 54.74 -14.00
CA VAL E 681 6.29 55.43 -15.22
C VAL E 681 5.07 55.65 -16.09
N LEU E 682 4.31 54.59 -16.36
CA LEU E 682 3.20 54.69 -17.29
C LEU E 682 2.12 55.63 -16.79
N ALA E 683 2.05 55.87 -15.49
CA ALA E 683 1.05 56.80 -14.97
C ALA E 683 1.20 58.19 -15.54
N SER E 684 2.37 58.54 -16.03
CA SER E 684 2.60 59.83 -16.65
C SER E 684 2.38 59.82 -18.15
N VAL E 685 1.97 58.70 -18.72
CA VAL E 685 1.86 58.54 -20.15
C VAL E 685 0.41 58.44 -20.62
N THR E 686 -0.40 57.68 -19.90
CA THR E 686 -1.78 57.47 -20.32
C THR E 686 -2.52 58.81 -20.38
N VAL E 687 -3.42 58.92 -21.35
CA VAL E 687 -4.19 60.14 -21.52
C VAL E 687 -5.03 60.44 -20.29
N THR E 688 -5.34 59.43 -19.49
CA THR E 688 -6.11 59.62 -18.26
C THR E 688 -5.23 59.26 -17.07
N PRO E 689 -4.96 60.18 -16.17
CA PRO E 689 -4.12 59.87 -15.01
C PRO E 689 -4.79 58.83 -14.13
N PRO E 690 -4.03 58.13 -13.31
CA PRO E 690 -4.62 57.12 -12.43
C PRO E 690 -5.62 57.74 -11.47
N PHE E 691 -6.61 56.93 -11.10
CA PHE E 691 -7.72 57.38 -10.25
C PHE E 691 -7.97 56.29 -9.24
N GLN E 692 -7.43 56.44 -8.03
CA GLN E 692 -7.39 55.37 -7.06
C GLN E 692 -8.16 55.73 -5.80
N VAL E 693 -8.40 54.70 -4.99
CA VAL E 693 -9.08 54.82 -3.71
C VAL E 693 -8.44 53.77 -2.81
N PRO E 694 -8.32 53.99 -1.49
CA PRO E 694 -7.47 53.13 -0.67
C PRO E 694 -7.87 51.66 -0.73
N PHE E 695 -6.86 50.80 -0.74
CA PHE E 695 -7.06 49.35 -0.68
C PHE E 695 -7.30 48.96 0.77
N THR E 696 -8.53 48.66 1.10
CA THR E 696 -8.82 48.09 2.40
C THR E 696 -8.62 46.58 2.37
N ARG E 697 -8.39 46.00 3.55
CA ARG E 697 -8.02 44.59 3.65
C ARG E 697 -8.72 44.00 4.86
N LEU E 698 -9.78 43.23 4.62
CA LEU E 698 -10.45 42.41 5.62
C LEU E 698 -11.07 43.21 6.75
N VAL E 699 -11.09 44.54 6.65
CA VAL E 699 -11.70 45.37 7.67
C VAL E 699 -13.14 45.62 7.25
N GLN E 700 -14.07 44.99 7.95
CA GLN E 700 -15.47 45.03 7.52
C GLN E 700 -16.01 46.45 7.50
N ASN E 701 -15.71 47.23 8.54
CA ASN E 701 -16.23 48.58 8.61
C ASN E 701 -15.60 49.52 7.59
N ASP E 702 -14.49 49.14 6.98
CA ASP E 702 -13.80 50.01 6.05
C ASP E 702 -14.04 49.65 4.60
N VAL E 703 -14.91 48.67 4.32
CA VAL E 703 -15.17 48.30 2.94
C VAL E 703 -15.81 49.48 2.23
N ILE E 704 -15.21 49.90 1.12
CA ILE E 704 -15.71 51.03 0.35
C ILE E 704 -16.83 50.52 -0.54
N THR E 705 -18.06 50.97 -0.26
CA THR E 705 -19.20 50.49 -1.03
C THR E 705 -19.46 51.33 -2.27
N ASN E 706 -19.15 52.63 -2.22
CA ASN E 706 -19.51 53.51 -3.32
C ASN E 706 -18.43 54.57 -3.51
N VAL E 707 -18.19 54.91 -4.76
CA VAL E 707 -17.40 56.08 -5.13
C VAL E 707 -18.33 57.06 -5.79
N LEU E 708 -18.33 58.30 -5.31
CA LEU E 708 -19.39 59.24 -5.65
C LEU E 708 -18.82 60.52 -6.23
N VAL E 709 -19.67 61.20 -6.99
CA VAL E 709 -19.33 62.49 -7.60
C VAL E 709 -20.62 63.28 -7.75
N ALA E 710 -20.53 64.59 -7.54
CA ALA E 710 -21.70 65.46 -7.59
C ALA E 710 -21.48 66.59 -8.57
N ARG E 711 -22.51 66.88 -9.37
CA ARG E 711 -22.45 67.98 -10.32
C ARG E 711 -22.95 69.29 -9.74
N VAL E 712 -23.65 69.26 -8.61
CA VAL E 712 -24.26 70.46 -8.05
C VAL E 712 -23.99 70.51 -6.55
N ASP E 713 -24.13 71.70 -5.99
CA ASP E 713 -23.95 71.90 -4.57
C ASP E 713 -25.22 71.51 -3.82
N PRO E 714 -25.18 70.48 -2.99
CA PRO E 714 -26.39 70.08 -2.26
C PRO E 714 -26.89 71.14 -1.30
N ALA E 715 -26.02 72.01 -0.81
CA ALA E 715 -26.45 73.04 0.12
C ALA E 715 -27.49 73.95 -0.52
N GLN E 716 -27.34 74.24 -1.81
CA GLN E 716 -28.34 75.04 -2.49
C GLN E 716 -29.69 74.35 -2.51
N ARG E 717 -29.70 73.04 -2.79
CA ARG E 717 -30.94 72.28 -2.78
C ARG E 717 -31.48 72.06 -1.39
N GLY E 718 -30.73 72.39 -0.34
CA GLY E 718 -31.15 72.07 1.00
C GLY E 718 -30.94 70.63 1.38
N ASP E 719 -30.15 69.88 0.61
CA ASP E 719 -29.86 68.48 0.89
C ASP E 719 -28.72 68.30 1.87
N ALA E 720 -28.43 69.32 2.68
CA ALA E 720 -27.21 69.31 3.48
C ALA E 720 -27.16 68.13 4.45
N ALA E 721 -28.31 67.66 4.92
CA ALA E 721 -28.36 66.64 5.95
C ALA E 721 -28.69 65.25 5.41
N VAL E 722 -28.67 65.06 4.10
CA VAL E 722 -29.18 63.85 3.49
C VAL E 722 -28.05 62.84 3.33
N ASP E 723 -28.43 61.57 3.17
CA ASP E 723 -27.50 60.52 2.80
C ASP E 723 -26.70 60.95 1.57
N ILE E 724 -25.40 60.70 1.62
CA ILE E 724 -24.54 61.12 0.52
C ILE E 724 -24.95 60.44 -0.78
N ARG E 725 -25.38 59.18 -0.69
CA ARG E 725 -25.77 58.46 -1.90
C ARG E 725 -26.94 59.13 -2.60
N ALA E 726 -27.79 59.82 -1.85
CA ALA E 726 -28.93 60.50 -2.44
C ALA E 726 -28.54 61.78 -3.16
N THR E 727 -27.31 62.26 -3.00
CA THR E 727 -26.90 63.54 -3.54
C THR E 727 -25.80 63.46 -4.58
N HIS E 728 -25.07 62.36 -4.67
CA HIS E 728 -23.95 62.23 -5.58
C HIS E 728 -24.15 61.05 -6.52
N ALA E 729 -23.67 61.20 -7.74
CA ALA E 729 -23.73 60.10 -8.69
C ALA E 729 -22.77 59.00 -8.28
N THR E 730 -23.00 57.81 -8.81
CA THR E 730 -22.25 56.62 -8.44
C THR E 730 -21.61 56.00 -9.67
N PHE E 731 -20.40 55.48 -9.51
CA PHE E 731 -19.75 54.70 -10.55
C PHE E 731 -20.10 53.23 -10.36
N ALA E 732 -20.25 52.52 -11.48
CA ALA E 732 -20.63 51.11 -11.43
C ALA E 732 -20.03 50.43 -12.66
N ALA E 733 -18.90 49.74 -12.46
CA ALA E 733 -18.26 49.00 -13.53
C ALA E 733 -17.49 47.84 -12.93
N ALA E 734 -17.62 46.66 -13.54
CA ALA E 734 -16.98 45.47 -13.03
C ALA E 734 -16.54 44.59 -14.19
N LEU E 735 -15.42 43.89 -14.00
CA LEU E 735 -14.82 43.08 -15.04
C LEU E 735 -14.68 41.65 -14.58
N PRO E 736 -15.32 40.69 -15.25
CA PRO E 736 -15.26 39.29 -14.81
C PRO E 736 -14.04 38.54 -15.30
N VAL E 737 -12.93 38.60 -14.56
CA VAL E 737 -11.72 37.89 -14.95
C VAL E 737 -11.83 36.41 -14.67
N ASP E 738 -10.90 35.62 -15.23
CA ASP E 738 -10.91 34.17 -15.11
C ASP E 738 -9.77 33.72 -14.20
N PRO E 739 -10.06 32.94 -13.16
CA PRO E 739 -8.99 32.46 -12.29
C PRO E 739 -7.93 31.64 -13.01
N ALA E 740 -8.33 30.82 -13.98
CA ALA E 740 -7.39 29.88 -14.58
C ALA E 740 -6.23 30.61 -15.23
N ALA E 741 -6.51 31.66 -15.99
CA ALA E 741 -5.45 32.43 -16.61
C ALA E 741 -4.56 33.05 -15.55
N ILE E 742 -5.15 33.56 -14.47
CA ILE E 742 -4.37 34.17 -13.40
C ILE E 742 -3.41 33.15 -12.80
N VAL E 743 -3.90 31.96 -12.53
CA VAL E 743 -3.07 30.94 -11.90
C VAL E 743 -1.89 30.59 -12.80
N VAL E 744 -2.16 30.37 -14.09
CA VAL E 744 -1.08 30.02 -15.00
C VAL E 744 -0.05 31.12 -15.07
N ALA E 745 -0.52 32.37 -15.13
CA ALA E 745 0.41 33.49 -15.22
C ALA E 745 1.32 33.55 -14.01
N MET E 746 0.74 33.45 -12.81
CA MET E 746 1.56 33.59 -11.62
C MET E 746 2.44 32.36 -11.39
N LEU E 747 2.19 31.26 -12.08
CA LEU E 747 2.99 30.06 -11.90
C LEU E 747 3.94 29.79 -13.05
N CYS E 748 3.94 30.62 -14.09
CA CYS E 748 4.76 30.33 -15.26
C CYS E 748 5.52 31.56 -15.72
N GLY E 749 5.84 32.47 -14.79
CA GLY E 749 6.58 33.66 -15.15
C GLY E 749 8.06 33.37 -15.21
N GLN E 750 8.71 33.83 -16.28
CA GLN E 750 10.14 33.65 -16.43
C GLN E 750 10.69 34.76 -17.30
N THR E 751 12.00 34.99 -17.20
CA THR E 751 12.68 36.04 -17.93
C THR E 751 13.98 35.49 -18.47
N GLU E 752 14.68 36.32 -19.24
CA GLU E 752 16.01 35.96 -19.70
C GLU E 752 16.94 35.83 -18.50
N THR E 753 17.97 34.99 -18.65
CA THR E 753 18.81 34.60 -17.53
C THR E 753 19.51 35.81 -16.91
N ASN E 754 20.40 36.46 -17.65
CA ASN E 754 21.22 37.54 -17.12
C ASN E 754 20.58 38.88 -17.50
N LEU E 755 19.57 39.25 -16.73
CA LEU E 755 18.79 40.45 -17.01
C LEU E 755 19.14 41.54 -16.01
N ILE E 756 19.42 42.73 -16.53
CA ILE E 756 19.59 43.93 -15.72
C ILE E 756 18.36 44.79 -15.92
N PRO E 757 17.50 44.96 -14.91
CA PRO E 757 16.26 45.70 -15.13
C PRO E 757 16.48 47.11 -15.61
N SER E 758 17.49 47.80 -15.07
CA SER E 758 17.67 49.20 -15.40
C SER E 758 17.92 49.40 -16.88
N HIS E 759 18.83 48.60 -17.45
CA HIS E 759 19.14 48.74 -18.86
C HIS E 759 17.91 48.46 -19.72
N HIS E 760 17.21 47.37 -19.42
CA HIS E 760 16.06 47.00 -20.23
C HIS E 760 14.97 48.06 -20.16
N TYR E 761 14.62 48.49 -18.96
CA TYR E 761 13.57 49.49 -18.81
C TYR E 761 13.97 50.79 -19.48
N GLY E 762 15.21 51.23 -19.26
CA GLY E 762 15.65 52.48 -19.86
C GLY E 762 15.59 52.42 -21.38
N LYS E 763 16.11 51.34 -21.95
CA LYS E 763 16.07 51.19 -23.40
C LYS E 763 14.64 51.14 -23.91
N ALA E 764 13.72 50.64 -23.09
CA ALA E 764 12.33 50.53 -23.54
C ALA E 764 11.58 51.85 -23.36
N PHE E 765 11.87 52.58 -22.28
CA PHE E 765 11.14 53.81 -22.00
C PHE E 765 11.63 54.99 -22.82
N ALA E 766 12.77 54.88 -23.48
CA ALA E 766 13.35 56.03 -24.19
C ALA E 766 12.39 56.66 -25.19
N PRO E 767 11.72 55.92 -26.08
CA PRO E 767 10.88 56.59 -27.08
C PRO E 767 9.68 57.31 -26.50
N LEU E 768 9.26 56.99 -25.28
CA LEU E 768 8.03 57.57 -24.76
C LEU E 768 8.19 59.05 -24.46
N PHE E 769 9.27 59.41 -23.77
CA PHE E 769 9.46 60.80 -23.35
C PHE E 769 10.28 61.59 -24.35
N ALA E 770 9.83 61.63 -25.60
CA ALA E 770 10.62 62.20 -26.68
C ALA E 770 10.06 63.49 -27.24
N SER E 771 8.90 63.95 -26.76
CA SER E 771 8.27 65.12 -27.37
C SER E 771 7.45 65.87 -26.35
N ASN E 772 6.97 67.04 -26.77
CA ASN E 772 6.12 67.87 -25.93
C ASN E 772 4.74 67.27 -25.71
N ALA E 773 4.40 66.20 -26.43
CA ALA E 773 3.05 65.65 -26.34
C ALA E 773 2.66 65.32 -24.92
N MET E 774 3.62 64.99 -24.09
CA MET E 774 3.33 64.68 -22.69
C MET E 774 2.91 65.90 -21.90
N PHE E 775 2.77 67.07 -22.50
CA PHE E 775 2.39 68.27 -21.77
C PHE E 775 1.10 68.89 -22.26
N THR E 776 0.44 68.28 -23.24
CA THR E 776 -0.78 68.86 -23.77
C THR E 776 -1.85 68.97 -22.70
N ARG E 777 -1.98 67.95 -21.86
CA ARG E 777 -3.04 67.96 -20.85
C ARG E 777 -2.92 69.16 -19.93
N ASN E 778 -1.70 69.60 -19.65
CA ASN E 778 -1.52 70.77 -18.80
C ASN E 778 -2.20 71.98 -19.40
N GLN E 779 -1.94 72.24 -20.69
CA GLN E 779 -2.53 73.40 -21.33
C GLN E 779 -4.04 73.32 -21.36
N ARG E 780 -4.57 72.15 -21.72
CA ARG E 780 -6.02 72.00 -21.78
C ARG E 780 -6.63 72.20 -20.40
N ALA E 781 -5.96 71.73 -19.37
CA ALA E 781 -6.45 71.95 -18.02
C ALA E 781 -6.54 73.44 -17.70
N VAL E 782 -5.53 74.20 -18.11
CA VAL E 782 -5.53 75.63 -17.84
C VAL E 782 -6.74 76.28 -18.48
N ILE E 783 -6.96 76.00 -19.77
CA ILE E 783 -8.13 76.56 -20.44
C ILE E 783 -9.40 76.10 -19.75
N THR E 784 -9.44 74.84 -19.33
CA THR E 784 -10.60 74.33 -18.63
C THR E 784 -10.93 75.18 -17.42
N ARG E 785 -9.90 75.55 -16.65
CA ARG E 785 -10.12 76.35 -15.46
C ARG E 785 -10.73 77.70 -15.82
N GLU E 786 -10.09 78.42 -16.73
CA GLU E 786 -10.56 79.75 -17.08
C GLU E 786 -11.98 79.69 -17.64
N ALA E 787 -12.24 78.71 -18.50
CA ALA E 787 -13.59 78.55 -19.02
C ALA E 787 -14.59 78.29 -17.90
N PHE E 788 -14.23 77.43 -16.95
CA PHE E 788 -15.14 77.10 -15.88
C PHE E 788 -15.48 78.32 -15.04
N VAL E 789 -14.47 79.06 -14.62
CA VAL E 789 -14.70 80.20 -13.74
C VAL E 789 -15.56 81.23 -14.44
N CYS E 790 -15.22 81.56 -15.69
CA CYS E 790 -15.97 82.58 -16.42
C CYS E 790 -17.42 82.16 -16.56
N ALA E 791 -17.66 80.89 -16.88
CA ALA E 791 -19.03 80.42 -17.01
C ALA E 791 -19.79 80.60 -15.71
N ARG E 792 -19.18 80.19 -14.59
CA ARG E 792 -19.84 80.37 -13.30
C ARG E 792 -20.11 81.83 -13.03
N SER E 793 -19.13 82.69 -13.31
CA SER E 793 -19.30 84.12 -13.08
C SER E 793 -20.47 84.65 -13.91
N ALA E 794 -20.50 84.31 -15.20
CA ALA E 794 -21.54 84.84 -16.06
C ALA E 794 -22.92 84.40 -15.59
N VAL E 795 -23.08 83.12 -15.29
CA VAL E 795 -24.37 82.63 -14.85
C VAL E 795 -24.78 83.30 -13.55
N ALA E 796 -23.83 83.47 -12.64
CA ALA E 796 -24.15 84.09 -11.36
C ALA E 796 -24.61 85.53 -11.53
N GLN E 797 -23.92 86.30 -12.38
CA GLN E 797 -24.25 87.71 -12.50
C GLN E 797 -25.66 87.91 -13.03
N CYS E 798 -26.14 87.02 -13.89
CA CYS E 798 -27.51 87.15 -14.38
C CYS E 798 -28.51 86.82 -13.28
N GLN E 799 -28.13 85.98 -12.33
CA GLN E 799 -28.98 85.71 -11.18
C GLN E 799 -28.95 86.90 -10.23
N ASP E 800 -29.69 86.79 -9.13
CA ASP E 800 -29.68 87.79 -8.08
C ASP E 800 -28.82 87.28 -6.93
N ALA E 801 -27.65 87.90 -6.75
CA ALA E 801 -26.75 87.60 -5.64
C ALA E 801 -26.35 86.12 -5.61
N GLY E 802 -26.21 85.51 -6.78
CA GLY E 802 -25.76 84.13 -6.82
C GLY E 802 -24.31 83.98 -6.43
N PHE E 803 -24.00 82.84 -5.81
CA PHE E 803 -22.66 82.54 -5.31
C PHE E 803 -22.06 83.74 -4.58
N LEU E 804 -20.81 84.07 -4.89
CA LEU E 804 -20.12 85.13 -4.19
C LEU E 804 -19.30 85.98 -5.17
N VAL E 805 -19.91 86.32 -6.30
CA VAL E 805 -19.19 87.03 -7.35
C VAL E 805 -19.48 88.53 -7.29
N PRO E 806 -18.57 89.38 -7.74
CA PRO E 806 -18.89 90.80 -7.85
C PRO E 806 -19.91 91.04 -8.94
N ARG E 807 -20.68 92.12 -8.78
CA ARG E 807 -21.81 92.42 -9.67
C ARG E 807 -21.73 93.87 -10.11
N PRO E 808 -20.79 94.20 -11.00
CA PRO E 808 -20.68 95.60 -11.45
C PRO E 808 -21.84 96.02 -12.34
N LEU E 809 -22.40 95.11 -13.12
CA LEU E 809 -23.45 95.46 -14.08
C LEU E 809 -24.84 95.39 -13.48
N ASP E 810 -24.95 95.31 -12.16
CA ASP E 810 -26.24 95.01 -11.54
C ASP E 810 -27.28 96.06 -11.84
N ALA E 811 -26.87 97.25 -12.27
CA ALA E 811 -27.85 98.29 -12.60
C ALA E 811 -28.73 97.88 -13.78
N LEU E 812 -28.20 97.07 -14.68
CA LEU E 812 -28.95 96.69 -15.87
C LEU E 812 -30.02 95.66 -15.52
N ARG E 813 -31.15 95.75 -16.24
CA ARG E 813 -32.26 94.87 -15.98
C ARG E 813 -32.01 93.47 -16.53
N GLN E 814 -32.52 92.48 -15.80
CA GLN E 814 -32.49 91.10 -16.25
C GLN E 814 -33.69 90.41 -15.60
N PHE E 815 -34.79 90.30 -16.35
CA PHE E 815 -36.02 89.83 -15.74
C PHE E 815 -36.00 88.31 -15.56
N ASP E 816 -35.72 87.57 -16.63
CA ASP E 816 -35.80 86.12 -16.57
C ASP E 816 -34.57 85.55 -15.89
N VAL E 817 -34.79 84.63 -14.96
CA VAL E 817 -33.71 84.00 -14.21
C VAL E 817 -33.92 82.48 -14.20
N THR E 818 -34.76 81.98 -15.09
CA THR E 818 -35.08 80.57 -15.10
C THR E 818 -33.86 79.74 -15.45
N SER E 819 -33.92 78.46 -15.08
CA SER E 819 -32.82 77.55 -15.39
C SER E 819 -32.56 77.48 -16.88
N ALA E 820 -33.61 77.62 -17.69
CA ALA E 820 -33.42 77.58 -19.14
C ALA E 820 -32.49 78.69 -19.60
N ALA E 821 -32.67 79.90 -19.06
CA ALA E 821 -31.78 81.00 -19.40
C ALA E 821 -30.36 80.68 -19.00
N ALA E 822 -30.17 80.12 -17.80
CA ALA E 822 -28.82 79.77 -17.35
C ALA E 822 -28.17 78.78 -18.29
N ALA E 823 -28.93 77.76 -18.72
CA ALA E 823 -28.37 76.78 -19.65
C ALA E 823 -27.94 77.45 -20.94
N GLU E 824 -28.77 78.35 -21.46
CA GLU E 824 -28.42 79.02 -22.70
C GLU E 824 -27.17 79.86 -22.54
N ILE E 825 -27.04 80.54 -21.40
CA ILE E 825 -25.83 81.33 -21.15
C ILE E 825 -24.62 80.42 -21.10
N MET E 826 -24.72 79.31 -20.38
CA MET E 826 -23.56 78.43 -20.24
C MET E 826 -23.14 77.87 -21.60
N HIS E 827 -24.12 77.49 -22.43
CA HIS E 827 -23.79 77.04 -23.77
C HIS E 827 -23.09 78.12 -24.56
N ALA E 828 -23.56 79.36 -24.44
CA ALA E 828 -22.92 80.46 -25.14
C ALA E 828 -21.46 80.58 -24.74
N VAL E 829 -21.18 80.57 -23.44
CA VAL E 829 -19.80 80.66 -22.98
C VAL E 829 -19.01 79.46 -23.47
N ASN E 830 -19.59 78.26 -23.37
CA ASN E 830 -18.87 77.07 -23.77
C ASN E 830 -18.51 77.13 -25.25
N ASP E 831 -19.45 77.56 -26.09
CA ASP E 831 -19.14 77.71 -27.50
C ASP E 831 -18.07 78.77 -27.72
N ALA E 832 -18.16 79.87 -27.00
CA ALA E 832 -17.20 80.96 -27.19
C ALA E 832 -15.78 80.48 -26.96
N PHE E 833 -15.54 79.80 -25.84
CA PHE E 833 -14.19 79.34 -25.54
C PHE E 833 -13.72 78.33 -26.57
N LYS E 834 -14.58 77.38 -26.93
CA LYS E 834 -14.22 76.39 -27.94
C LYS E 834 -13.81 77.07 -29.23
N THR E 835 -14.52 78.13 -29.61
CA THR E 835 -14.17 78.86 -30.82
C THR E 835 -12.86 79.61 -30.65
N ALA E 836 -12.72 80.34 -29.54
CA ALA E 836 -11.57 81.24 -29.39
C ALA E 836 -10.27 80.47 -29.37
N PHE E 837 -10.23 79.36 -28.64
CA PHE E 837 -9.00 78.58 -28.50
C PHE E 837 -8.99 77.34 -29.36
N ASP E 838 -9.99 77.17 -30.23
CA ASP E 838 -10.01 76.07 -31.19
C ASP E 838 -9.91 74.71 -30.48
N LEU E 839 -10.71 74.54 -29.45
CA LEU E 839 -10.73 73.26 -28.76
C LEU E 839 -11.46 72.22 -29.60
N ASP E 840 -11.23 70.96 -29.26
CA ASP E 840 -11.79 69.85 -30.03
C ASP E 840 -12.75 69.00 -29.22
N GLY E 841 -12.32 68.45 -28.10
CA GLY E 841 -13.14 67.53 -27.34
C GLY E 841 -14.20 68.23 -26.52
N ALA E 842 -14.96 67.43 -25.78
CA ALA E 842 -15.97 67.97 -24.89
C ALA E 842 -15.30 68.85 -23.84
N LEU E 843 -15.84 70.04 -23.64
CA LEU E 843 -15.31 70.97 -22.65
C LEU E 843 -16.48 71.63 -21.94
N LEU E 844 -16.47 71.59 -20.62
CA LEU E 844 -17.48 72.20 -19.78
C LEU E 844 -18.87 71.61 -20.01
N ASP E 845 -18.97 70.54 -20.80
CA ASP E 845 -20.23 69.87 -21.00
C ASP E 845 -20.56 68.99 -19.81
N GLY E 846 -21.76 68.43 -19.83
CA GLY E 846 -22.14 67.51 -18.78
C GLY E 846 -22.56 68.18 -17.49
N LEU E 847 -22.13 69.44 -17.30
CA LEU E 847 -22.62 70.18 -16.14
C LEU E 847 -24.11 70.41 -16.26
N ALA E 848 -24.61 70.60 -17.46
CA ALA E 848 -26.04 70.77 -17.70
C ALA E 848 -26.76 69.44 -17.80
N LEU E 849 -26.15 68.34 -17.34
CA LEU E 849 -26.79 67.05 -17.46
C LEU E 849 -28.14 67.04 -16.75
N TYR E 850 -28.18 67.58 -15.54
CA TYR E 850 -29.44 67.71 -14.84
C TYR E 850 -30.21 68.96 -15.22
N GLY E 851 -29.59 69.86 -15.98
CA GLY E 851 -30.31 70.98 -16.55
C GLY E 851 -30.55 72.16 -15.65
N ASP E 852 -29.64 72.44 -14.72
CA ASP E 852 -29.72 73.65 -13.90
C ASP E 852 -28.32 74.09 -13.52
N PRO E 853 -27.65 74.83 -14.40
CA PRO E 853 -26.31 75.32 -14.09
C PRO E 853 -26.26 76.28 -12.92
N ARG E 854 -27.41 76.79 -12.47
CA ARG E 854 -27.41 77.82 -11.43
C ARG E 854 -26.79 77.33 -10.13
N ILE E 855 -26.70 76.02 -9.94
CA ILE E 855 -26.15 75.49 -8.70
C ILE E 855 -25.00 74.53 -9.01
N ALA E 856 -24.38 74.71 -10.16
CA ALA E 856 -23.33 73.79 -10.59
C ALA E 856 -22.12 73.92 -9.69
N ASP E 857 -21.65 72.79 -9.17
CA ASP E 857 -20.44 72.76 -8.37
C ASP E 857 -19.92 71.33 -8.31
N LEU E 858 -18.60 71.19 -8.29
CA LEU E 858 -17.97 69.89 -8.37
C LEU E 858 -17.53 69.40 -6.99
N SER E 859 -17.69 68.10 -6.77
CA SER E 859 -17.28 67.46 -5.54
C SER E 859 -17.27 65.95 -5.73
N ALA E 860 -16.40 65.27 -5.00
CA ALA E 860 -16.28 63.83 -5.07
C ALA E 860 -16.15 63.26 -3.67
N ALA E 861 -16.58 62.01 -3.51
CA ALA E 861 -16.55 61.37 -2.21
C ALA E 861 -16.70 59.87 -2.39
N TYR E 862 -16.36 59.14 -1.33
CA TYR E 862 -16.62 57.71 -1.27
C TYR E 862 -17.07 57.35 0.13
N LEU E 863 -17.83 56.28 0.23
CA LEU E 863 -18.47 55.88 1.47
C LEU E 863 -18.00 54.50 1.88
N GLN E 864 -17.85 54.30 3.20
CA GLN E 864 -17.46 53.02 3.75
C GLN E 864 -18.62 52.41 4.52
N TYR E 865 -18.62 51.08 4.59
CA TYR E 865 -19.70 50.36 5.26
C TYR E 865 -19.83 50.75 6.72
N GLY E 866 -18.76 51.23 7.34
CA GLY E 866 -18.85 51.70 8.70
C GLY E 866 -19.60 52.99 8.88
N GLY E 867 -20.01 53.64 7.79
CA GLY E 867 -20.71 54.90 7.87
C GLY E 867 -19.83 56.12 7.73
N ASN E 868 -18.53 55.94 7.49
CA ASN E 868 -17.64 57.07 7.37
C ASN E 868 -17.64 57.60 5.94
N VAL E 869 -17.46 58.93 5.82
CA VAL E 869 -17.46 59.61 4.54
C VAL E 869 -16.20 60.46 4.44
N VAL E 870 -15.82 60.79 3.21
CA VAL E 870 -14.64 61.60 2.95
C VAL E 870 -15.00 62.99 2.44
N ARG E 871 -15.79 63.06 1.36
CA ARG E 871 -16.37 64.32 0.87
C ARG E 871 -15.27 65.33 0.52
N GLU E 872 -14.53 64.99 -0.52
CA GLU E 872 -13.47 65.86 -1.01
C GLU E 872 -14.04 66.93 -1.93
N HIS E 873 -13.65 68.18 -1.69
CA HIS E 873 -14.08 69.30 -2.51
C HIS E 873 -13.05 69.62 -3.58
N VAL E 874 -13.53 70.18 -4.68
CA VAL E 874 -12.65 70.55 -5.80
C VAL E 874 -12.95 71.98 -6.23
N PRO E 875 -12.55 72.98 -5.47
CA PRO E 875 -12.79 74.36 -5.89
C PRO E 875 -11.80 74.78 -6.97
N PRO E 876 -12.17 75.71 -7.83
CA PRO E 876 -11.24 76.18 -8.86
C PRO E 876 -10.15 77.05 -8.28
N GLY E 877 -9.02 77.08 -8.96
CA GLY E 877 -7.93 77.95 -8.58
C GLY E 877 -8.14 79.37 -9.08
N PRO E 878 -7.18 80.22 -8.78
CA PRO E 878 -7.27 81.62 -9.25
C PRO E 878 -7.19 81.68 -10.77
N SER E 879 -7.83 82.69 -11.31
CA SER E 879 -7.94 82.84 -12.76
C SER E 879 -7.63 84.27 -13.16
N HIS E 880 -7.04 84.43 -14.34
CA HIS E 880 -6.70 85.75 -14.83
C HIS E 880 -7.82 86.38 -15.63
N ILE E 881 -8.40 85.61 -16.56
CA ILE E 881 -9.42 86.15 -17.44
C ILE E 881 -10.60 86.67 -16.63
N HIS E 882 -11.02 85.90 -15.62
CA HIS E 882 -12.13 86.31 -14.78
C HIS E 882 -11.88 87.69 -14.19
N ARG E 883 -10.68 87.90 -13.64
CA ARG E 883 -10.36 89.21 -13.09
C ARG E 883 -10.33 90.26 -14.19
N THR E 884 -9.81 89.92 -15.36
CA THR E 884 -9.81 90.86 -16.47
C THR E 884 -11.22 91.27 -16.83
N LEU E 885 -12.13 90.30 -16.89
CA LEU E 885 -13.50 90.60 -17.30
C LEU E 885 -14.14 91.62 -16.37
N GLN E 886 -13.82 91.54 -15.08
CA GLN E 886 -14.37 92.51 -14.14
C GLN E 886 -13.97 93.92 -14.51
N GLN E 887 -12.70 94.12 -14.87
CA GLN E 887 -12.26 95.44 -15.26
C GLN E 887 -13.00 95.92 -16.49
N VAL E 888 -13.22 95.04 -17.46
CA VAL E 888 -13.97 95.41 -18.65
C VAL E 888 -15.37 95.85 -18.26
N GLU E 889 -16.05 95.05 -17.43
CA GLU E 889 -17.40 95.40 -17.03
C GLU E 889 -17.43 96.73 -16.29
N SER E 890 -16.49 96.93 -15.37
CA SER E 890 -16.44 98.19 -14.64
C SER E 890 -16.23 99.35 -15.59
N THR E 891 -15.32 99.19 -16.55
CA THR E 891 -15.07 100.25 -17.52
C THR E 891 -16.30 100.52 -18.37
N PHE E 892 -17.01 99.46 -18.76
CA PHE E 892 -18.15 99.62 -19.64
C PHE E 892 -19.19 100.55 -19.05
N MET E 893 -19.44 100.43 -17.75
CA MET E 893 -20.44 101.27 -17.11
C MET E 893 -20.09 102.75 -17.20
N ALA E 894 -18.82 103.08 -17.44
CA ALA E 894 -18.42 104.47 -17.57
C ALA E 894 -18.31 104.92 -19.02
N GLU E 895 -18.25 103.99 -19.97
CA GLU E 895 -18.05 104.34 -21.37
C GLU E 895 -19.09 103.69 -22.26
N MET E 896 -20.29 103.42 -21.73
CA MET E 896 -21.28 102.67 -22.47
C MET E 896 -21.70 103.40 -23.74
N ASN E 897 -21.62 104.72 -23.76
CA ASN E 897 -22.04 105.46 -24.95
C ASN E 897 -21.29 105.00 -26.17
N LEU E 898 -20.03 104.61 -26.02
CA LEU E 898 -19.25 104.12 -27.15
C LEU E 898 -19.79 102.83 -27.72
N PHE E 899 -20.69 102.15 -27.00
CA PHE E 899 -21.32 100.94 -27.49
C PHE E 899 -22.77 101.18 -27.87
N ASN E 900 -23.09 102.43 -28.24
CA ASN E 900 -24.43 102.81 -28.67
C ASN E 900 -25.48 102.55 -27.61
N VAL E 901 -25.11 102.58 -26.33
CA VAL E 901 -26.04 102.38 -25.24
C VAL E 901 -26.07 103.63 -24.39
N ALA E 902 -27.27 104.09 -24.07
CA ALA E 902 -27.47 105.26 -23.24
C ALA E 902 -28.15 104.87 -21.94
N ARG E 903 -28.07 105.77 -20.97
CA ARG E 903 -28.66 105.55 -19.65
C ARG E 903 -29.61 106.70 -19.34
N GLY E 904 -30.47 106.47 -18.35
CA GLY E 904 -31.44 107.48 -17.96
C GLY E 904 -32.75 107.32 -18.70
N ASN E 905 -33.69 108.19 -18.37
CA ASN E 905 -35.03 108.11 -18.91
C ASN E 905 -35.13 108.91 -20.20
N LEU E 906 -36.32 108.89 -20.80
CA LEU E 906 -36.61 109.59 -22.04
C LEU E 906 -37.79 110.52 -21.84
N TYR E 907 -37.68 111.73 -22.37
CA TYR E 907 -38.72 112.73 -22.28
C TYR E 907 -39.38 112.92 -23.63
N LEU E 908 -40.62 113.42 -23.59
CA LEU E 908 -41.39 113.69 -24.80
C LEU E 908 -42.16 114.98 -24.56
N VAL E 909 -41.64 116.09 -25.07
CA VAL E 909 -42.27 117.39 -24.93
C VAL E 909 -42.21 118.10 -26.26
N GLN E 910 -43.33 118.65 -26.71
CA GLN E 910 -43.34 119.41 -27.95
C GLN E 910 -42.47 120.65 -27.80
N THR E 911 -41.37 120.68 -28.55
CA THR E 911 -40.45 121.82 -28.53
C THR E 911 -40.27 122.31 -29.95
N ALA E 912 -40.57 123.59 -30.17
CA ALA E 912 -40.43 124.22 -31.47
C ALA E 912 -39.29 125.23 -31.37
N THR E 913 -38.08 124.77 -31.65
CA THR E 913 -36.90 125.59 -31.54
C THR E 913 -36.52 126.16 -32.90
N ASN E 914 -35.88 127.33 -32.87
CA ASN E 914 -35.34 127.95 -34.06
C ASN E 914 -33.83 127.93 -34.10
N GLY E 915 -33.18 127.92 -32.94
CA GLY E 915 -31.73 127.88 -32.88
C GLY E 915 -31.18 126.48 -32.72
N ASN E 916 -30.17 126.34 -31.87
CA ASN E 916 -29.49 125.06 -31.72
C ASN E 916 -30.36 124.06 -30.98
N TRP E 917 -30.03 122.78 -31.15
CA TRP E 917 -30.75 121.70 -30.50
C TRP E 917 -29.77 120.56 -30.24
N SER E 918 -29.83 119.98 -29.05
CA SER E 918 -28.87 118.96 -28.63
C SER E 918 -29.56 117.97 -27.71
N PRO E 919 -30.31 117.03 -28.27
CA PRO E 919 -31.07 116.11 -27.41
C PRO E 919 -30.21 115.22 -26.55
N MET E 920 -29.02 114.84 -27.01
CA MET E 920 -28.19 113.90 -26.28
C MET E 920 -27.38 114.56 -25.17
N ALA E 921 -27.43 115.88 -25.07
CA ALA E 921 -26.70 116.60 -24.03
C ALA E 921 -27.52 117.83 -23.63
N PRO E 922 -28.61 117.63 -22.91
CA PRO E 922 -29.43 118.77 -22.51
C PRO E 922 -28.67 119.67 -21.55
N VAL E 923 -28.99 120.95 -21.60
CA VAL E 923 -28.33 121.96 -20.78
C VAL E 923 -29.19 122.35 -19.58
N ALA E 924 -30.50 122.42 -19.75
CA ALA E 924 -31.39 122.78 -18.66
C ALA E 924 -31.83 121.52 -17.91
N ALA E 925 -32.16 121.71 -16.63
CA ALA E 925 -32.60 120.58 -15.83
C ALA E 925 -33.91 120.02 -16.39
N PRO E 926 -34.08 118.70 -16.41
CA PRO E 926 -35.29 118.13 -16.96
C PRO E 926 -36.49 118.51 -16.11
N PRO E 927 -37.65 118.74 -16.71
CA PRO E 927 -38.83 119.12 -15.94
C PRO E 927 -39.50 117.91 -15.31
N PHE E 928 -40.37 118.21 -14.36
CA PHE E 928 -41.25 117.26 -13.68
C PHE E 928 -40.57 115.91 -13.43
N VAL E 929 -39.47 115.98 -12.67
CA VAL E 929 -38.86 114.74 -12.18
C VAL E 929 -39.91 113.95 -11.41
N ARG E 930 -39.76 112.63 -11.40
CA ARG E 930 -40.73 111.77 -10.74
C ARG E 930 -40.92 112.17 -9.28
N GLY E 931 -42.16 112.17 -8.84
CA GLY E 931 -42.48 112.61 -7.50
C GLY E 931 -42.68 114.10 -7.37
N GLY E 932 -42.52 114.86 -8.44
CA GLY E 932 -42.73 116.29 -8.40
C GLY E 932 -44.20 116.64 -8.28
N PRO E 933 -44.49 117.92 -8.10
CA PRO E 933 -45.89 118.35 -7.96
C PRO E 933 -46.67 118.03 -9.22
N ASN E 934 -47.91 117.57 -9.02
CA ASN E 934 -48.86 117.32 -10.11
C ASN E 934 -48.33 116.33 -11.13
N VAL E 935 -47.38 115.49 -10.75
CA VAL E 935 -46.83 114.48 -11.64
C VAL E 935 -47.51 113.16 -11.32
N ARG E 936 -48.09 112.54 -12.35
CA ARG E 936 -48.85 111.31 -12.17
C ARG E 936 -48.13 110.16 -12.88
N VAL E 937 -48.14 109.00 -12.24
CA VAL E 937 -47.58 107.79 -12.81
C VAL E 937 -48.74 106.88 -13.20
N VAL E 938 -48.62 106.28 -14.39
CA VAL E 938 -49.71 105.47 -14.91
C VAL E 938 -49.94 104.25 -14.02
N GLY E 939 -51.14 103.71 -14.09
CA GLY E 939 -51.44 102.46 -13.42
C GLY E 939 -50.72 101.30 -14.07
N ARG E 940 -50.68 100.18 -13.36
CA ARG E 940 -49.93 99.03 -13.82
C ARG E 940 -50.57 98.37 -15.04
N PHE E 941 -51.85 98.65 -15.30
CA PHE E 941 -52.51 98.11 -16.48
C PHE E 941 -52.51 99.07 -17.66
N GLY E 942 -52.26 100.35 -17.43
CA GLY E 942 -52.31 101.31 -18.51
C GLY E 942 -53.66 101.40 -19.17
N THR E 943 -54.73 101.14 -18.43
CA THR E 943 -56.07 101.20 -19.01
C THR E 943 -56.58 102.63 -19.00
N ILE E 944 -57.63 102.85 -19.80
CA ILE E 944 -58.25 104.15 -19.95
C ILE E 944 -59.76 103.99 -19.87
N VAL E 945 -60.45 105.05 -19.49
CA VAL E 945 -61.90 104.96 -19.33
C VAL E 945 -62.59 106.10 -20.08
N PRO E 946 -63.63 105.81 -20.82
CA PRO E 946 -64.37 106.88 -21.52
C PRO E 946 -65.42 107.49 -20.61
N ARG E 947 -65.89 108.66 -21.02
CA ARG E 947 -66.94 109.40 -20.32
C ARG E 947 -67.95 109.88 -21.34
N PRO E 948 -69.19 110.08 -20.92
CA PRO E 948 -70.25 110.47 -21.86
C PRO E 948 -70.37 111.98 -22.03
N ASP E 949 -70.95 112.36 -23.16
CA ASP E 949 -71.50 113.69 -23.40
C ASP E 949 -70.50 114.80 -23.08
N GLY E 950 -69.43 114.81 -23.87
CA GLY E 950 -68.49 115.92 -23.82
C GLY E 950 -67.30 115.68 -22.91
N LEU E 951 -67.52 115.01 -21.78
CA LEU E 951 -66.43 114.73 -20.87
C LEU E 951 -65.38 113.87 -21.55
N GLU E 952 -64.15 114.33 -21.53
CA GLU E 952 -63.10 113.60 -22.21
C GLU E 952 -62.58 112.47 -21.34
N PRO E 953 -61.98 111.45 -21.95
CA PRO E 953 -61.58 110.25 -21.18
C PRO E 953 -60.60 110.58 -20.08
N GLN E 954 -60.37 109.58 -19.23
CA GLN E 954 -59.46 109.72 -18.11
C GLN E 954 -58.57 108.48 -18.02
N LEU E 955 -57.40 108.67 -17.43
CA LEU E 955 -56.40 107.62 -17.33
C LEU E 955 -56.27 107.15 -15.88
N ILE E 956 -56.02 105.86 -15.72
CA ILE E 956 -55.93 105.24 -14.41
C ILE E 956 -54.48 105.28 -13.93
N ASP E 957 -54.25 105.91 -12.79
CA ASP E 957 -52.91 106.00 -12.23
C ASP E 957 -52.63 104.77 -11.37
N ASP E 958 -51.45 104.75 -10.76
CA ASP E 958 -51.09 103.63 -9.89
C ASP E 958 -52.03 103.51 -8.72
N GLY E 959 -52.57 104.63 -8.25
CA GLY E 959 -53.53 104.60 -7.17
C GLY E 959 -54.89 104.07 -7.56
N ASN E 960 -55.01 103.50 -8.76
CA ASN E 960 -56.27 102.98 -9.27
C ASN E 960 -57.35 104.06 -9.26
N VAL E 961 -56.98 105.24 -9.75
CA VAL E 961 -57.88 106.38 -9.81
C VAL E 961 -57.83 106.99 -11.21
N PRO E 962 -58.98 107.19 -11.86
CA PRO E 962 -58.96 107.89 -13.14
C PRO E 962 -58.47 109.32 -12.97
N ARG E 963 -57.64 109.76 -13.90
CA ARG E 963 -57.04 111.08 -13.84
C ARG E 963 -57.18 111.75 -15.19
N ASP E 964 -57.17 113.08 -15.18
CA ASP E 964 -57.26 113.84 -16.41
C ASP E 964 -55.97 113.70 -17.21
N ILE E 965 -56.12 113.52 -18.52
CA ILE E 965 -54.98 113.21 -19.37
C ILE E 965 -54.00 114.38 -19.41
N ALA E 966 -54.52 115.60 -19.53
CA ALA E 966 -53.65 116.76 -19.65
C ALA E 966 -52.78 116.90 -18.41
N GLY E 967 -51.55 117.37 -18.61
CA GLY E 967 -50.61 117.56 -17.54
C GLY E 967 -49.33 116.78 -17.77
N ASP E 968 -48.73 116.31 -16.68
CA ASP E 968 -47.50 115.55 -16.73
C ASP E 968 -47.77 114.10 -16.34
N TRP E 969 -47.10 113.18 -17.02
CA TRP E 969 -47.32 111.77 -16.80
C TRP E 969 -46.01 111.01 -16.92
N VAL E 970 -45.97 109.85 -16.27
CA VAL E 970 -44.79 108.99 -16.26
C VAL E 970 -45.19 107.60 -16.69
N TYR E 971 -44.49 107.05 -17.67
CA TYR E 971 -44.80 105.72 -18.20
C TYR E 971 -43.65 104.77 -17.94
N PRO E 972 -43.80 103.80 -17.04
CA PRO E 972 -42.86 102.67 -17.03
C PRO E 972 -42.92 101.95 -18.37
N SER E 973 -41.75 101.53 -18.84
CA SER E 973 -41.66 100.98 -20.19
C SER E 973 -42.59 99.79 -20.37
N ASP E 974 -42.70 98.94 -19.36
CA ASP E 974 -43.51 97.74 -19.48
C ASP E 974 -44.96 98.10 -19.73
N VAL E 975 -45.48 99.09 -19.00
CA VAL E 975 -46.86 99.52 -19.23
C VAL E 975 -47.02 99.98 -20.67
N LEU E 976 -46.03 100.70 -21.19
CA LEU E 976 -46.09 101.11 -22.58
C LEU E 976 -46.09 99.91 -23.51
N GLN E 977 -45.27 98.90 -23.20
CA GLN E 977 -45.17 97.75 -24.09
C GLN E 977 -46.47 96.99 -24.23
N VAL E 978 -47.39 97.13 -23.26
CA VAL E 978 -48.67 96.43 -23.30
C VAL E 978 -49.81 97.37 -23.59
N SER E 979 -49.57 98.67 -23.71
CA SER E 979 -50.64 99.61 -23.95
C SER E 979 -50.25 100.66 -24.99
N VAL E 980 -49.36 100.32 -25.92
CA VAL E 980 -48.94 101.31 -26.90
C VAL E 980 -50.12 101.77 -27.74
N ALA E 981 -51.06 100.88 -28.02
CA ALA E 981 -52.19 101.22 -28.88
C ALA E 981 -53.00 102.36 -28.27
N VAL E 982 -53.45 102.19 -27.03
CA VAL E 982 -54.27 103.23 -26.41
C VAL E 982 -53.46 104.51 -26.26
N PHE E 983 -52.17 104.37 -25.93
CA PHE E 983 -51.30 105.54 -25.88
C PHE E 983 -51.29 106.24 -27.23
N CYS E 984 -51.07 105.49 -28.30
CA CYS E 984 -51.01 106.07 -29.63
C CYS E 984 -52.34 106.71 -30.01
N ASP E 985 -53.44 106.29 -29.41
CA ASP E 985 -54.75 106.77 -29.82
C ASP E 985 -55.24 107.94 -28.99
N TYR E 986 -54.82 108.05 -27.74
CA TYR E 986 -55.34 109.10 -26.87
C TYR E 986 -54.27 110.04 -26.36
N VAL E 987 -53.20 109.51 -25.79
CA VAL E 987 -52.21 110.36 -25.15
C VAL E 987 -51.37 111.10 -26.19
N TRP E 988 -50.84 110.37 -27.16
CA TRP E 988 -49.94 110.96 -28.14
C TRP E 988 -50.50 112.20 -28.82
N PRO E 989 -51.76 112.22 -29.28
CA PRO E 989 -52.27 113.47 -29.86
C PRO E 989 -52.19 114.65 -28.92
N MET E 990 -52.48 114.44 -27.63
CA MET E 990 -52.39 115.53 -26.68
C MET E 990 -50.96 116.02 -26.57
N VAL E 991 -49.99 115.12 -26.65
CA VAL E 991 -48.59 115.54 -26.64
C VAL E 991 -48.31 116.44 -27.83
N LYS E 992 -48.74 116.03 -29.01
CA LYS E 992 -48.52 116.85 -30.19
C LYS E 992 -49.19 118.21 -30.06
N ALA E 993 -50.28 118.27 -29.29
CA ALA E 993 -50.92 119.55 -29.03
C ALA E 993 -50.16 120.37 -27.99
N GLY E 994 -49.14 119.80 -27.36
CA GLY E 994 -48.42 120.53 -26.34
C GLY E 994 -49.18 120.74 -25.07
N ARG E 995 -50.25 119.98 -24.85
CA ARG E 995 -51.04 120.10 -23.65
C ARG E 995 -50.63 119.09 -22.57
N THR E 996 -49.61 118.29 -22.84
CA THR E 996 -49.16 117.31 -21.85
C THR E 996 -47.72 116.93 -22.12
N ARG E 997 -47.08 116.41 -21.08
CA ARG E 997 -45.68 115.99 -21.15
C ARG E 997 -45.53 114.61 -20.54
N VAL E 998 -44.71 113.78 -21.16
CA VAL E 998 -44.58 112.38 -20.79
C VAL E 998 -43.11 112.06 -20.52
N LEU E 999 -42.87 111.36 -19.43
CA LEU E 999 -41.55 110.83 -19.12
C LEU E 999 -41.62 109.32 -19.24
N VAL E 1000 -40.78 108.76 -20.10
CA VAL E 1000 -40.71 107.31 -20.27
C VAL E 1000 -39.56 106.79 -19.41
N GLU E 1001 -39.88 105.92 -18.46
CA GLU E 1001 -38.89 105.37 -17.57
C GLU E 1001 -38.29 104.11 -18.18
N LEU E 1002 -36.97 104.13 -18.36
CA LEU E 1002 -36.26 102.96 -18.87
C LEU E 1002 -34.79 103.15 -18.52
N GLY E 1003 -34.25 102.26 -17.70
CA GLY E 1003 -32.91 102.43 -17.17
C GLY E 1003 -31.85 102.65 -18.23
N HIS E 1004 -31.73 101.71 -19.16
CA HIS E 1004 -30.76 101.81 -20.23
C HIS E 1004 -31.40 101.31 -21.51
N TYR E 1005 -30.85 101.73 -22.64
CA TYR E 1005 -31.45 101.39 -23.91
C TYR E 1005 -30.45 101.64 -25.03
N VAL E 1006 -30.71 101.00 -26.16
CA VAL E 1006 -29.96 101.27 -27.37
C VAL E 1006 -30.59 102.46 -28.08
N TYR E 1007 -29.76 103.42 -28.46
CA TYR E 1007 -30.23 104.60 -29.16
C TYR E 1007 -29.74 104.58 -30.60
N THR E 1008 -30.34 105.43 -31.41
CA THR E 1008 -29.88 105.63 -32.78
C THR E 1008 -30.13 107.07 -33.16
N LEU E 1009 -29.33 107.56 -34.10
CA LEU E 1009 -29.34 108.96 -34.45
C LEU E 1009 -29.80 109.14 -35.90
N HIS E 1010 -30.30 110.34 -36.17
CA HIS E 1010 -30.70 110.72 -37.53
C HIS E 1010 -30.37 112.19 -37.70
N TYR E 1011 -29.43 112.49 -38.57
CA TYR E 1011 -29.02 113.87 -38.79
C TYR E 1011 -29.84 114.51 -39.90
N TYR E 1012 -29.96 115.83 -39.84
CA TYR E 1012 -30.76 116.57 -40.79
C TYR E 1012 -30.14 117.94 -41.03
N ASP E 1013 -30.50 118.53 -42.15
CA ASP E 1013 -30.05 119.87 -42.47
C ASP E 1013 -30.84 120.87 -41.64
N PRO E 1014 -30.19 121.70 -40.83
CA PRO E 1014 -30.92 122.67 -40.01
C PRO E 1014 -31.58 123.76 -40.83
N GLN E 1015 -31.35 123.83 -42.13
CA GLN E 1015 -31.89 124.94 -42.91
C GLN E 1015 -33.34 124.70 -43.31
N ILE E 1016 -33.62 123.55 -43.93
CA ILE E 1016 -34.95 123.27 -44.44
C ILE E 1016 -35.88 122.91 -43.28
N SER E 1017 -37.19 122.94 -43.54
CA SER E 1017 -38.16 122.63 -42.51
C SER E 1017 -38.12 121.14 -42.18
N LEU E 1018 -38.66 120.81 -41.00
CA LEU E 1018 -38.66 119.43 -40.54
C LEU E 1018 -39.73 119.26 -39.47
N ASP E 1019 -40.24 118.04 -39.36
CA ASP E 1019 -41.15 117.66 -38.29
C ASP E 1019 -40.75 116.29 -37.79
N GLU E 1020 -40.47 116.19 -36.49
CA GLU E 1020 -39.98 114.95 -35.92
C GLU E 1020 -41.08 113.94 -35.64
N ALA E 1021 -42.34 114.36 -35.68
CA ALA E 1021 -43.43 113.48 -35.28
C ALA E 1021 -43.47 112.16 -36.05
N PRO E 1022 -43.35 112.13 -37.38
CA PRO E 1022 -43.50 110.84 -38.08
C PRO E 1022 -42.51 109.80 -37.61
N ILE E 1023 -41.27 110.19 -37.33
CA ILE E 1023 -40.27 109.23 -36.88
C ILE E 1023 -40.71 108.58 -35.58
N LEU E 1024 -41.18 109.39 -34.63
CA LEU E 1024 -41.67 108.86 -33.38
C LEU E 1024 -42.87 107.97 -33.60
N GLU E 1025 -43.80 108.41 -34.44
CA GLU E 1025 -45.00 107.63 -34.68
C GLU E 1025 -44.66 106.27 -35.28
N GLU E 1026 -43.66 106.23 -36.15
CA GLU E 1026 -43.17 104.94 -36.63
C GLU E 1026 -42.57 104.14 -35.48
N TRP E 1027 -41.75 104.77 -34.65
CA TRP E 1027 -41.11 104.05 -33.56
C TRP E 1027 -42.13 103.47 -32.61
N LEU E 1028 -43.21 104.21 -32.34
CA LEU E 1028 -44.28 103.67 -31.51
C LEU E 1028 -44.92 102.46 -32.16
N SER E 1029 -45.11 102.51 -33.48
CA SER E 1029 -45.82 101.46 -34.18
C SER E 1029 -45.13 100.11 -34.06
N LYS E 1030 -43.83 100.09 -33.77
CA LYS E 1030 -43.08 98.85 -33.73
C LYS E 1030 -42.87 98.32 -32.32
N ILE E 1031 -43.45 98.96 -31.31
CA ILE E 1031 -43.37 98.46 -29.95
C ILE E 1031 -44.44 97.39 -29.75
N ASN E 1032 -44.08 96.32 -29.06
CA ASN E 1032 -45.04 95.29 -28.73
C ASN E 1032 -44.68 94.71 -27.36
N PRO E 1033 -45.47 93.80 -26.80
CA PRO E 1033 -45.09 93.22 -25.51
C PRO E 1033 -43.74 92.54 -25.50
N ALA E 1034 -43.25 92.09 -26.66
CA ALA E 1034 -41.98 91.39 -26.69
C ALA E 1034 -40.80 92.34 -26.52
N GLY E 1035 -40.67 93.30 -27.43
CA GLY E 1035 -39.50 94.17 -27.39
C GLY E 1035 -39.79 95.50 -28.04
N ILE E 1036 -38.76 96.33 -28.11
CA ILE E 1036 -38.87 97.69 -28.62
C ILE E 1036 -37.71 97.96 -29.57
N PRO E 1037 -37.90 98.91 -30.49
CA PRO E 1037 -36.79 99.32 -31.34
C PRO E 1037 -35.92 100.33 -30.63
N PRO E 1038 -34.69 100.54 -31.09
CA PRO E 1038 -33.83 101.52 -30.44
C PRO E 1038 -34.42 102.92 -30.54
N VAL E 1039 -34.11 103.72 -29.53
CA VAL E 1039 -34.69 105.07 -29.46
C VAL E 1039 -34.05 105.95 -30.53
N PRO E 1040 -34.84 106.66 -31.32
CA PRO E 1040 -34.28 107.55 -32.34
C PRO E 1040 -34.08 108.96 -31.79
N PHE E 1041 -33.28 109.73 -32.53
CA PHE E 1041 -33.07 111.14 -32.23
C PHE E 1041 -32.73 111.88 -33.50
N CYS E 1042 -33.14 113.15 -33.56
CA CYS E 1042 -32.84 114.02 -34.69
C CYS E 1042 -31.89 115.10 -34.23
N ILE E 1043 -30.78 115.26 -34.97
CA ILE E 1043 -29.75 116.23 -34.60
C ILE E 1043 -29.39 117.07 -35.83
N PRO E 1044 -29.40 118.38 -35.72
CA PRO E 1044 -29.01 119.21 -36.87
C PRO E 1044 -27.53 119.05 -37.17
N ILE E 1045 -27.21 119.11 -38.46
CA ILE E 1045 -25.82 119.02 -38.89
C ILE E 1045 -25.15 120.36 -38.66
N PRO E 1046 -24.05 120.42 -37.90
CA PRO E 1046 -23.41 121.71 -37.63
C PRO E 1046 -22.88 122.33 -38.92
N GLN E 1047 -22.98 123.66 -38.98
CA GLN E 1047 -22.59 124.40 -40.18
C GLN E 1047 -21.41 125.31 -39.89
N VAL E 1048 -20.76 125.73 -40.96
CA VAL E 1048 -19.54 126.54 -40.86
C VAL E 1048 -19.79 128.01 -41.04
N TYR E 1049 -21.03 128.42 -41.29
CA TYR E 1049 -21.34 129.82 -41.52
C TYR E 1049 -22.67 130.16 -40.85
N PRO E 1050 -22.87 131.41 -40.47
CA PRO E 1050 -24.11 131.77 -39.75
C PRO E 1050 -25.32 131.70 -40.66
N CYS E 1051 -25.85 130.51 -40.85
CA CYS E 1051 -26.94 130.29 -41.79
C CYS E 1051 -28.26 130.76 -41.18
N ILE E 1052 -29.35 130.45 -41.87
CA ILE E 1052 -30.71 130.77 -41.42
C ILE E 1052 -31.44 129.46 -41.23
N THR E 1053 -31.93 129.23 -40.01
CA THR E 1053 -32.59 127.98 -39.68
C THR E 1053 -34.10 128.15 -39.75
N ALA E 1054 -34.78 127.11 -40.20
CA ALA E 1054 -36.24 127.07 -40.19
C ALA E 1054 -36.70 126.50 -38.87
N ARG E 1055 -37.66 127.16 -38.24
CA ARG E 1055 -38.22 126.66 -36.98
C ARG E 1055 -38.81 125.28 -37.19
N ARG E 1056 -38.37 124.31 -36.40
CA ARG E 1056 -38.88 122.95 -36.50
C ARG E 1056 -39.20 122.44 -35.11
N VAL E 1057 -40.00 121.37 -35.07
CA VAL E 1057 -40.56 120.86 -33.83
C VAL E 1057 -39.86 119.56 -33.46
N HIS E 1058 -39.42 119.47 -32.21
CA HIS E 1058 -38.77 118.27 -31.69
C HIS E 1058 -39.52 117.79 -30.45
N TYR E 1059 -39.41 116.51 -30.18
CA TYR E 1059 -40.11 115.92 -29.04
C TYR E 1059 -39.20 115.17 -28.09
N ALA E 1060 -38.21 114.45 -28.60
CA ALA E 1060 -37.42 113.56 -27.79
C ALA E 1060 -36.13 114.21 -27.34
N PHE E 1061 -35.71 113.91 -26.11
CA PHE E 1061 -34.42 114.31 -25.59
C PHE E 1061 -34.16 113.55 -24.30
N THR E 1062 -32.89 113.34 -23.99
CA THR E 1062 -32.53 112.50 -22.86
C THR E 1062 -32.58 113.27 -21.56
N SER E 1063 -32.44 112.53 -20.46
CA SER E 1063 -32.39 113.13 -19.13
C SER E 1063 -30.96 113.41 -18.69
N GLU E 1064 -30.04 112.49 -18.97
CA GLU E 1064 -28.64 112.66 -18.63
C GLU E 1064 -27.87 113.09 -19.87
N ASN E 1065 -26.54 113.15 -19.73
CA ASN E 1065 -25.66 113.55 -20.82
C ASN E 1065 -25.06 112.29 -21.43
N ASN E 1066 -25.77 111.72 -22.39
CA ASN E 1066 -25.27 110.55 -23.12
C ASN E 1066 -24.69 111.02 -24.46
N ASN E 1067 -23.49 111.61 -24.36
CA ASN E 1067 -22.88 112.21 -25.54
C ASN E 1067 -21.39 111.91 -25.64
N ASP E 1068 -20.88 110.93 -24.90
CA ASP E 1068 -19.43 110.75 -24.81
C ASP E 1068 -18.82 110.25 -26.11
N SER E 1069 -19.60 109.62 -26.98
CA SER E 1069 -19.04 109.06 -28.20
C SER E 1069 -18.74 110.10 -29.26
N LEU E 1070 -19.19 111.34 -29.08
CA LEU E 1070 -18.93 112.38 -30.06
C LEU E 1070 -17.47 112.77 -30.00
N PHE E 1071 -16.78 112.71 -31.14
CA PHE E 1071 -15.36 113.02 -31.18
C PHE E 1071 -15.11 114.48 -31.48
N SER E 1072 -15.62 114.98 -32.60
CA SER E 1072 -15.40 116.37 -32.99
C SER E 1072 -16.39 116.72 -34.10
N THR E 1073 -16.48 118.01 -34.39
CA THR E 1073 -17.39 118.51 -35.42
C THR E 1073 -16.64 119.46 -36.34
N ASN E 1074 -16.96 119.38 -37.63
CA ASN E 1074 -16.35 120.23 -38.66
C ASN E 1074 -14.82 120.16 -38.58
N ALA E 1075 -14.31 118.93 -38.51
CA ALA E 1075 -12.88 118.74 -38.28
C ALA E 1075 -12.04 119.40 -39.35
N ALA E 1076 -12.49 119.38 -40.60
CA ALA E 1076 -11.73 119.90 -41.72
C ALA E 1076 -11.99 121.38 -41.98
N SER E 1077 -12.56 122.08 -41.01
CA SER E 1077 -12.93 123.48 -41.21
C SER E 1077 -12.19 124.36 -40.21
N ILE E 1078 -12.25 125.67 -40.47
CA ILE E 1078 -11.58 126.61 -39.58
C ILE E 1078 -12.41 126.93 -38.35
N ASP E 1079 -13.71 126.66 -38.38
CA ASP E 1079 -14.56 126.96 -37.24
C ASP E 1079 -15.92 126.31 -37.44
N THR E 1080 -16.65 126.16 -36.34
CA THR E 1080 -18.05 125.77 -36.35
C THR E 1080 -18.88 127.01 -36.02
N ALA E 1081 -19.78 127.38 -36.93
CA ALA E 1081 -20.50 128.63 -36.75
C ALA E 1081 -21.82 128.43 -35.99
N PHE E 1082 -22.64 127.48 -36.42
CA PHE E 1082 -23.98 127.34 -35.87
C PHE E 1082 -24.12 126.16 -34.93
N GLY E 1083 -23.82 124.95 -35.40
CA GLY E 1083 -24.13 123.76 -34.64
C GLY E 1083 -23.31 123.55 -33.40
N GLU E 1084 -23.33 122.34 -32.85
CA GLU E 1084 -22.56 122.05 -31.66
C GLU E 1084 -21.08 122.15 -31.97
N ASN E 1085 -20.40 123.08 -31.30
CA ASN E 1085 -18.97 123.31 -31.53
C ASN E 1085 -18.18 122.40 -30.61
N ALA E 1086 -17.95 121.18 -31.10
CA ALA E 1086 -17.20 120.18 -30.36
C ALA E 1086 -15.78 120.14 -30.88
N ALA E 1087 -14.82 120.43 -30.01
CA ALA E 1087 -13.41 120.31 -30.32
C ALA E 1087 -12.85 119.02 -29.72
N VAL E 1088 -11.67 118.64 -30.20
CA VAL E 1088 -11.07 117.39 -29.74
C VAL E 1088 -10.65 117.54 -28.29
N SER E 1089 -11.03 116.55 -27.48
CA SER E 1089 -10.71 116.60 -26.05
C SER E 1089 -9.29 116.13 -25.81
N PRO E 1090 -8.46 116.94 -25.16
CA PRO E 1090 -7.11 116.46 -24.80
C PRO E 1090 -7.13 115.30 -23.83
N LEU E 1091 -8.21 115.15 -23.05
CA LEU E 1091 -8.24 114.15 -22.01
C LEU E 1091 -8.07 112.74 -22.58
N ARG E 1092 -8.47 112.54 -23.83
CA ARG E 1092 -8.19 111.26 -24.47
C ARG E 1092 -6.71 111.08 -24.78
N TRP E 1093 -5.92 112.16 -24.75
CA TRP E 1093 -4.55 112.06 -25.22
C TRP E 1093 -3.53 112.75 -24.33
N PRO E 1094 -3.54 112.55 -23.01
CA PRO E 1094 -2.51 113.20 -22.20
C PRO E 1094 -1.11 112.78 -22.58
N GLY E 1095 -0.93 111.52 -22.97
CA GLY E 1095 0.39 111.07 -23.38
C GLY E 1095 0.89 111.79 -24.61
N LEU E 1096 -0.02 112.31 -25.43
CA LEU E 1096 0.39 112.99 -26.65
C LEU E 1096 0.55 114.49 -26.48
N VAL E 1097 -0.21 115.11 -25.58
CA VAL E 1097 -0.21 116.57 -25.50
C VAL E 1097 0.07 117.10 -24.10
N ASP E 1098 -0.14 116.33 -23.03
CA ASP E 1098 0.05 116.87 -21.70
C ASP E 1098 1.53 117.04 -21.39
N PRO E 1099 2.00 118.25 -21.07
CA PRO E 1099 3.40 118.39 -20.64
C PRO E 1099 3.71 117.62 -19.38
N ASN E 1100 2.73 117.46 -18.49
CA ASN E 1100 2.96 116.81 -17.21
C ASN E 1100 2.75 115.31 -17.25
N TYR E 1101 2.46 114.75 -18.42
CA TYR E 1101 2.23 113.31 -18.53
C TYR E 1101 3.47 112.55 -18.12
N ARG E 1102 3.33 111.68 -17.13
CA ARG E 1102 4.39 110.78 -16.72
C ARG E 1102 4.14 109.42 -17.36
N VAL E 1103 5.20 108.82 -17.91
CA VAL E 1103 5.06 107.50 -18.51
C VAL E 1103 4.61 106.51 -17.45
N GLY E 1104 3.72 105.61 -17.84
CA GLY E 1104 3.25 104.59 -16.93
C GLY E 1104 1.98 104.95 -16.18
N THR E 1105 1.25 105.95 -16.63
CA THR E 1105 0.04 106.39 -15.95
C THR E 1105 -1.16 106.21 -16.85
N ASN E 1106 -2.34 106.12 -16.23
CA ASN E 1106 -3.60 106.05 -16.95
C ASN E 1106 -4.72 106.36 -15.97
N ASP E 1107 -5.94 106.40 -16.49
CA ASP E 1107 -7.15 106.55 -15.69
C ASP E 1107 -8.17 105.51 -16.10
N LEU E 1108 -7.71 104.26 -16.20
CA LEU E 1108 -8.47 103.20 -16.85
C LEU E 1108 -9.88 103.01 -16.31
N PRO E 1109 -10.13 102.91 -15.01
CA PRO E 1109 -11.49 102.62 -14.55
C PRO E 1109 -12.50 103.70 -14.89
N ASN E 1110 -12.05 104.90 -15.22
CA ASN E 1110 -12.97 106.01 -15.45
C ASN E 1110 -12.94 106.56 -16.87
N ARG E 1111 -11.82 106.43 -17.58
CA ARG E 1111 -11.73 106.99 -18.91
C ARG E 1111 -10.70 106.21 -19.71
N ILE E 1112 -10.93 106.10 -21.00
CA ILE E 1112 -10.03 105.38 -21.90
C ILE E 1112 -9.21 106.40 -22.67
N THR E 1113 -7.89 106.33 -22.53
CA THR E 1113 -7.01 107.09 -23.39
C THR E 1113 -6.66 106.27 -24.62
N LEU E 1114 -6.24 106.96 -25.68
CA LEU E 1114 -6.05 106.32 -26.97
C LEU E 1114 -4.59 106.23 -27.39
N TYR E 1115 -3.69 106.96 -26.76
CA TYR E 1115 -2.30 107.04 -27.18
C TYR E 1115 -1.43 106.86 -25.95
N ASN E 1116 -0.74 105.73 -25.88
CA ASN E 1116 -0.03 105.36 -24.66
C ASN E 1116 1.26 104.66 -25.01
N SER E 1117 2.05 104.36 -23.98
CA SER E 1117 3.30 103.65 -24.12
C SER E 1117 3.12 102.19 -23.72
N LEU E 1118 3.89 101.31 -24.35
CA LEU E 1118 3.72 99.89 -24.13
C LEU E 1118 5.00 99.17 -24.51
N TYR E 1119 5.09 97.92 -24.07
CA TYR E 1119 6.19 97.03 -24.43
C TYR E 1119 5.78 96.11 -25.56
N ARG E 1120 6.77 95.63 -26.29
CA ARG E 1120 6.57 94.62 -27.32
C ARG E 1120 7.62 93.54 -27.16
N TYR E 1121 7.25 92.30 -27.46
CA TYR E 1121 8.07 91.15 -27.12
C TYR E 1121 8.56 90.43 -28.37
N ASN E 1122 9.60 89.61 -28.17
CA ASN E 1122 10.20 88.82 -29.24
C ASN E 1122 10.48 87.41 -28.75
N PHE E 1123 9.47 86.78 -28.15
CA PHE E 1123 9.67 85.43 -27.63
C PHE E 1123 9.97 84.44 -28.74
N THR E 1124 10.55 83.31 -28.34
CA THR E 1124 10.77 82.19 -29.22
C THR E 1124 10.25 80.93 -28.53
N TYR E 1125 9.77 79.98 -29.32
CA TYR E 1125 9.01 78.85 -28.81
C TYR E 1125 9.73 77.57 -29.21
N PRO E 1126 10.81 77.23 -28.54
CA PRO E 1126 11.60 76.07 -28.95
C PRO E 1126 10.87 74.77 -28.67
N THR E 1127 11.21 73.76 -29.46
CA THR E 1127 10.73 72.42 -29.21
C THR E 1127 11.52 71.79 -28.06
N LEU E 1128 11.07 70.60 -27.65
CA LEU E 1128 11.71 69.92 -26.52
C LEU E 1128 13.18 69.71 -26.76
N ASP E 1129 13.54 69.14 -27.92
CA ASP E 1129 14.94 68.91 -28.24
C ASP E 1129 15.71 70.22 -28.31
N GLY E 1130 15.04 71.30 -28.70
CA GLY E 1130 15.70 72.60 -28.63
C GLY E 1130 16.03 73.02 -27.22
N ILE E 1131 15.29 72.52 -26.24
CA ILE E 1131 15.56 72.86 -24.85
C ILE E 1131 16.67 72.01 -24.28
N MET E 1132 16.58 70.70 -24.49
CA MET E 1132 17.50 69.75 -23.88
C MET E 1132 17.91 68.72 -24.91
N TYR E 1133 19.04 68.09 -24.67
CA TYR E 1133 19.52 67.04 -25.57
C TYR E 1133 18.74 65.76 -25.28
N VAL E 1134 17.80 65.43 -26.16
CA VAL E 1134 17.04 64.21 -25.98
C VAL E 1134 17.92 63.01 -26.27
N ARG E 1135 17.50 61.86 -25.74
CA ARG E 1135 18.25 60.61 -25.91
C ARG E 1135 17.86 60.01 -27.26
N SER E 1136 18.57 60.41 -28.30
CA SER E 1136 18.24 59.99 -29.65
C SER E 1136 18.46 58.49 -29.83
N ALA E 1137 17.60 57.88 -30.63
CA ALA E 1137 17.70 56.47 -31.01
C ALA E 1137 17.69 55.53 -29.81
N ASP F 1 -82.83 134.85 -61.80
CA ASP F 1 -81.70 135.21 -60.93
C ASP F 1 -81.58 136.72 -60.80
N ILE F 2 -80.46 137.16 -60.23
CA ILE F 2 -80.18 138.58 -60.04
C ILE F 2 -79.18 139.03 -61.10
N ILE F 3 -79.32 140.27 -61.57
CA ILE F 3 -78.45 140.78 -62.62
C ILE F 3 -77.01 140.87 -62.11
N THR F 4 -76.06 140.70 -63.04
CA THR F 4 -74.64 140.70 -62.74
C THR F 4 -73.89 141.58 -63.75
N ARG F 5 -74.34 142.83 -63.90
CA ARG F 5 -73.69 143.79 -64.78
C ARG F 5 -72.18 143.75 -64.57
N PRO F 6 -71.39 143.32 -65.55
CA PRO F 6 -69.94 143.28 -65.37
C PRO F 6 -69.36 144.67 -65.20
N THR F 7 -68.27 144.73 -64.45
CA THR F 7 -67.66 146.02 -64.12
C THR F 7 -66.84 146.53 -65.29
N SER F 8 -66.33 147.75 -65.13
CA SER F 8 -65.54 148.39 -66.17
C SER F 8 -64.21 147.65 -66.37
N ASP F 9 -63.71 147.70 -67.60
CA ASP F 9 -62.49 146.97 -67.92
C ASP F 9 -61.30 147.50 -67.15
N SER F 10 -61.16 148.82 -67.07
CA SER F 10 -59.98 149.41 -66.45
C SER F 10 -59.86 148.96 -65.00
N ILE F 11 -60.97 149.00 -64.27
CA ILE F 11 -60.96 148.53 -62.89
C ILE F 11 -60.57 147.06 -62.83
N ALA F 12 -61.14 146.25 -63.72
CA ALA F 12 -60.78 144.84 -63.75
C ALA F 12 -59.31 144.66 -64.05
N ALA F 13 -58.78 145.42 -65.00
CA ALA F 13 -57.36 145.32 -65.33
C ALA F 13 -56.49 145.68 -64.12
N VAL F 14 -56.84 146.76 -63.44
CA VAL F 14 -56.07 147.18 -62.27
C VAL F 14 -56.13 146.10 -61.20
N ALA F 15 -57.32 145.58 -60.94
CA ALA F 15 -57.47 144.55 -59.92
C ALA F 15 -56.67 143.31 -60.27
N ASN F 16 -56.77 142.87 -61.53
CA ASN F 16 -56.05 141.67 -61.93
C ASN F 16 -54.54 141.90 -61.93
N ALA F 17 -54.11 143.14 -62.08
CA ALA F 17 -52.68 143.42 -62.05
C ALA F 17 -52.09 143.07 -60.69
N THR F 18 -52.80 143.39 -59.62
CA THR F 18 -52.32 143.15 -58.25
C THR F 18 -52.98 141.88 -57.74
N LYS F 19 -52.30 140.76 -57.92
CA LYS F 19 -52.79 139.46 -57.45
C LYS F 19 -51.62 138.58 -57.09
N PRO F 20 -51.08 138.75 -55.89
CA PRO F 20 -49.99 137.87 -55.44
C PRO F 20 -50.50 136.46 -55.24
N ALA F 21 -49.57 135.51 -55.35
CA ALA F 21 -49.92 134.10 -55.15
C ALA F 21 -50.35 133.87 -53.71
N ALA F 22 -51.18 132.84 -53.52
CA ALA F 22 -51.65 132.49 -52.20
C ALA F 22 -50.70 131.56 -51.47
N VAL F 23 -50.16 130.56 -52.16
CA VAL F 23 -49.23 129.61 -51.57
C VAL F 23 -47.98 129.57 -52.42
N VAL F 24 -46.82 129.50 -51.76
CA VAL F 24 -45.53 129.46 -52.45
C VAL F 24 -44.74 128.28 -51.91
N SER F 25 -43.70 127.91 -52.67
CA SER F 25 -42.84 126.81 -52.28
C SER F 25 -41.62 127.34 -51.55
N ASP F 26 -41.74 127.46 -50.24
CA ASP F 26 -40.66 127.98 -49.40
C ASP F 26 -40.04 126.83 -48.63
N PRO F 27 -38.73 126.58 -48.81
CA PRO F 27 -38.16 125.51 -47.97
C PRO F 27 -38.54 125.69 -46.52
N GLN F 28 -38.12 126.80 -45.92
CA GLN F 28 -38.50 127.08 -44.55
C GLN F 28 -40.01 127.09 -44.51
N SER F 29 -40.61 126.24 -43.69
CA SER F 29 -42.06 126.15 -43.69
C SER F 29 -42.65 125.93 -42.31
N MET F 30 -41.79 125.71 -41.32
CA MET F 30 -42.29 125.43 -39.97
C MET F 30 -43.45 124.46 -40.09
N LYS F 31 -43.32 123.48 -40.99
CA LYS F 31 -44.38 122.52 -41.19
C LYS F 31 -44.81 121.88 -39.89
N VAL F 32 -46.07 121.48 -39.83
CA VAL F 32 -46.63 120.80 -38.65
C VAL F 32 -47.58 119.71 -39.13
N THR F 33 -47.37 118.49 -38.64
CA THR F 33 -48.23 117.39 -38.99
C THR F 33 -49.58 117.52 -38.29
N PRO F 34 -50.61 116.86 -38.81
CA PRO F 34 -51.92 116.91 -38.14
C PRO F 34 -51.86 116.34 -36.74
N ILE F 35 -52.65 116.93 -35.84
CA ILE F 35 -52.68 116.47 -34.46
C ILE F 35 -53.23 115.06 -34.37
N VAL F 36 -54.33 114.79 -35.06
CA VAL F 36 -54.98 113.49 -35.04
C VAL F 36 -54.64 112.75 -36.31
N ASN F 37 -54.33 111.48 -36.19
CA ASN F 37 -53.98 110.69 -37.35
C ASN F 37 -55.16 110.61 -38.30
N PRO F 38 -55.03 111.06 -39.54
CA PRO F 38 -56.14 110.99 -40.49
C PRO F 38 -56.20 109.70 -41.29
N SER F 39 -55.28 108.76 -41.05
CA SER F 39 -55.19 107.56 -41.87
C SER F 39 -56.07 106.43 -41.37
N SER F 40 -56.50 106.46 -40.10
CA SER F 40 -57.34 105.41 -39.57
C SER F 40 -58.42 106.03 -38.71
N TYR F 41 -59.55 105.34 -38.63
CA TYR F 41 -60.70 105.80 -37.85
C TYR F 41 -61.16 104.68 -36.94
N VAL F 42 -61.35 104.99 -35.67
CA VAL F 42 -61.65 104.01 -34.63
C VAL F 42 -63.04 104.28 -34.08
N CYS F 43 -63.78 103.21 -33.83
CA CYS F 43 -65.07 103.34 -33.18
C CYS F 43 -64.86 103.67 -31.72
N ASN F 44 -65.40 104.80 -31.27
CA ASN F 44 -65.09 105.27 -29.93
C ASN F 44 -65.65 104.39 -28.83
N VAL F 45 -66.52 103.45 -29.15
CA VAL F 45 -67.11 102.58 -28.14
C VAL F 45 -66.62 101.14 -28.24
N CYS F 46 -66.24 100.67 -29.42
CA CYS F 46 -65.72 99.32 -29.58
C CYS F 46 -64.33 99.28 -30.18
N ASN F 47 -63.76 100.43 -30.54
CA ASN F 47 -62.38 100.54 -31.01
C ASN F 47 -62.12 99.70 -32.25
N ALA F 48 -63.12 99.53 -33.09
CA ALA F 48 -62.90 98.91 -34.39
C ALA F 48 -62.26 99.93 -35.32
N ARG F 49 -61.16 99.53 -35.95
CA ARG F 49 -60.48 100.41 -36.89
C ARG F 49 -61.22 100.46 -38.22
N PHE F 50 -61.06 101.56 -38.93
CA PHE F 50 -61.69 101.71 -40.23
C PHE F 50 -60.82 102.58 -41.12
N SER F 51 -61.04 102.45 -42.43
CA SER F 51 -60.23 103.14 -43.41
C SER F 51 -60.81 104.48 -43.83
N THR F 52 -62.10 104.71 -43.61
CA THR F 52 -62.73 105.95 -44.05
C THR F 52 -63.80 106.36 -43.05
N MET F 53 -64.13 107.65 -43.06
CA MET F 53 -65.15 108.15 -42.17
C MET F 53 -66.50 107.53 -42.46
N SER F 54 -66.81 107.32 -43.74
CA SER F 54 -68.09 106.72 -44.11
C SER F 54 -68.24 105.34 -43.48
N ALA F 55 -67.21 104.50 -43.58
CA ALA F 55 -67.29 103.15 -43.03
C ALA F 55 -67.51 103.20 -41.53
N LEU F 56 -66.78 104.07 -40.83
CA LEU F 56 -66.95 104.20 -39.39
C LEU F 56 -68.36 104.68 -39.05
N SER F 57 -68.87 105.64 -39.82
CA SER F 57 -70.21 106.16 -39.54
C SER F 57 -71.26 105.07 -39.64
N GLU F 58 -71.14 104.19 -40.63
CA GLU F 58 -72.12 103.12 -40.77
C GLU F 58 -72.00 102.10 -39.64
N HIS F 59 -70.77 101.79 -39.23
CA HIS F 59 -70.58 100.79 -38.18
C HIS F 59 -71.29 101.19 -36.91
N LEU F 60 -71.10 102.43 -36.46
CA LEU F 60 -71.85 102.91 -35.31
C LEU F 60 -73.33 103.05 -35.62
N ARG F 61 -73.66 103.30 -36.89
CA ARG F 61 -75.05 103.34 -37.31
C ARG F 61 -75.68 101.97 -37.36
N SER F 62 -74.90 100.91 -37.16
CA SER F 62 -75.45 99.56 -37.05
C SER F 62 -75.12 98.93 -35.70
N ASP F 63 -73.84 98.84 -35.33
CA ASP F 63 -73.45 98.07 -34.18
C ASP F 63 -73.73 98.76 -32.85
N HIS F 64 -73.88 100.08 -32.86
CA HIS F 64 -74.02 100.84 -31.63
C HIS F 64 -75.27 101.71 -31.69
N ARG F 65 -76.37 101.11 -32.13
CA ARG F 65 -77.66 101.76 -32.20
C ARG F 65 -78.47 101.38 -30.96
N ASP F 66 -78.67 102.35 -30.06
CA ASP F 66 -79.45 102.14 -28.85
C ASP F 66 -80.93 102.44 -29.05
N ASP F 67 -81.42 102.30 -30.28
CA ASP F 67 -82.80 102.64 -30.59
C ASP F 67 -83.77 101.71 -29.87
N ALA F 68 -84.85 102.28 -29.35
CA ALA F 68 -86.06 101.52 -29.06
C ALA F 68 -86.81 101.30 -30.38
N SER F 69 -86.14 100.57 -31.26
CA SER F 69 -86.39 100.68 -32.70
C SER F 69 -87.79 100.25 -33.07
N THR F 70 -88.25 99.12 -32.55
CA THR F 70 -89.44 98.44 -33.08
C THR F 70 -90.54 98.40 -32.05
N LEU F 71 -91.73 98.88 -32.44
CA LEU F 71 -92.92 98.64 -31.64
C LEU F 71 -93.44 97.23 -31.81
N LEU F 72 -93.04 96.54 -32.88
CA LEU F 72 -93.31 95.12 -33.02
C LEU F 72 -92.28 94.32 -32.23
N ALA F 73 -92.61 93.06 -31.98
CA ALA F 73 -91.74 92.20 -31.20
C ALA F 73 -90.41 91.98 -31.92
N THR F 74 -89.33 91.97 -31.16
CA THR F 74 -88.02 91.73 -31.75
C THR F 74 -87.89 90.26 -32.14
N PRO F 75 -87.40 89.95 -33.34
CA PRO F 75 -87.29 88.55 -33.75
C PRO F 75 -86.26 87.76 -32.95
N MET F 76 -85.30 88.43 -32.30
CA MET F 76 -84.21 87.72 -31.66
C MET F 76 -83.82 88.41 -30.37
N ILE F 77 -83.12 87.67 -29.52
CA ILE F 77 -82.49 88.22 -28.31
C ILE F 77 -81.06 87.69 -28.27
N ASN F 78 -80.11 88.59 -28.09
CA ASN F 78 -78.72 88.20 -28.08
C ASN F 78 -78.25 87.88 -26.67
N ASN F 79 -77.12 87.19 -26.59
CA ASN F 79 -76.50 86.88 -25.31
C ASN F 79 -75.80 88.12 -24.77
N ALA F 80 -75.25 87.99 -23.57
CA ALA F 80 -74.64 89.13 -22.90
C ALA F 80 -73.45 89.66 -23.68
N ILE F 81 -72.51 88.79 -24.01
CA ILE F 81 -71.25 89.21 -24.60
C ILE F 81 -71.33 89.06 -26.11
N ARG F 82 -70.99 90.13 -26.83
CA ARG F 82 -70.85 90.04 -28.27
C ARG F 82 -69.40 89.89 -28.71
N SER F 83 -68.50 90.73 -28.18
CA SER F 83 -67.12 90.66 -28.61
C SER F 83 -66.23 91.31 -27.56
N PHE F 84 -64.95 90.98 -27.64
CA PHE F 84 -63.91 91.59 -26.82
C PHE F 84 -62.74 92.00 -27.69
N LEU F 85 -62.03 93.03 -27.25
CA LEU F 85 -60.83 93.49 -27.93
C LEU F 85 -59.65 93.42 -26.98
N THR F 86 -58.60 92.73 -27.38
CA THR F 86 -57.38 92.63 -26.60
C THR F 86 -56.52 93.83 -26.93
N ALA F 87 -56.31 94.70 -25.93
CA ALA F 87 -55.62 95.96 -26.19
C ALA F 87 -54.18 95.73 -26.61
N TRP F 88 -53.49 94.77 -25.99
CA TRP F 88 -52.06 94.65 -26.18
C TRP F 88 -51.68 94.29 -27.60
N ASP F 89 -52.61 93.76 -28.41
CA ASP F 89 -52.29 93.47 -29.79
C ASP F 89 -53.42 93.79 -30.75
N GLY F 90 -54.49 94.43 -30.29
CA GLY F 90 -55.54 94.85 -31.19
C GLY F 90 -56.25 93.73 -31.91
N ILE F 91 -56.46 92.60 -31.24
CA ILE F 91 -57.18 91.47 -31.82
C ILE F 91 -58.56 91.42 -31.18
N ARG F 92 -59.59 91.35 -32.02
CA ARG F 92 -60.96 91.27 -31.56
C ARG F 92 -61.40 89.81 -31.51
N ILE F 93 -62.03 89.42 -30.41
CA ILE F 93 -62.52 88.06 -30.23
C ILE F 93 -64.03 88.11 -30.25
N LEU F 94 -64.64 87.19 -31.00
CA LEU F 94 -66.08 87.11 -31.14
C LEU F 94 -66.62 85.98 -30.27
N SER F 95 -67.75 86.24 -29.62
CA SER F 95 -68.38 85.21 -28.83
C SER F 95 -68.71 84.02 -29.72
N PRO F 96 -68.38 82.80 -29.32
CA PRO F 96 -68.72 81.63 -30.15
C PRO F 96 -70.18 81.59 -30.50
N ASP F 97 -71.01 82.22 -29.66
CA ASP F 97 -72.44 82.32 -29.92
C ASP F 97 -73.09 83.47 -29.13
N VAL F 98 -73.53 84.52 -29.82
CA VAL F 98 -74.21 85.63 -29.16
C VAL F 98 -75.71 85.55 -29.33
N SER F 99 -76.21 84.64 -30.16
CA SER F 99 -77.63 84.57 -30.49
C SER F 99 -78.29 83.29 -29.99
N SER F 100 -77.80 82.12 -30.39
CA SER F 100 -78.47 80.88 -30.05
C SER F 100 -77.91 80.28 -28.77
N LYS F 101 -78.66 79.36 -28.19
CA LYS F 101 -78.37 78.81 -26.88
C LYS F 101 -77.83 77.39 -27.02
N HIS F 102 -76.76 77.11 -26.28
CA HIS F 102 -76.14 75.79 -26.30
C HIS F 102 -75.34 75.62 -25.01
N LEU F 103 -75.05 74.37 -24.68
CA LEU F 103 -74.34 74.05 -23.44
C LEU F 103 -73.24 73.04 -23.75
N SER F 104 -72.02 73.53 -23.92
CA SER F 104 -70.87 72.67 -24.12
C SER F 104 -70.43 72.08 -22.79
N ALA F 105 -70.00 70.81 -22.83
CA ALA F 105 -69.53 70.09 -21.65
C ALA F 105 -70.58 70.00 -20.55
N TYR F 106 -71.85 69.92 -20.94
CA TYR F 106 -72.91 69.80 -19.96
C TYR F 106 -72.92 68.40 -19.35
N LEU F 107 -73.64 68.27 -18.24
CA LEU F 107 -73.59 67.07 -17.42
C LEU F 107 -74.02 65.82 -18.18
N ASP F 108 -75.29 65.74 -18.56
CA ASP F 108 -75.76 64.56 -19.28
C ASP F 108 -75.08 64.43 -20.64
N SER F 109 -75.12 65.50 -21.42
CA SER F 109 -74.47 65.57 -22.72
C SER F 109 -74.59 67.01 -23.20
N ALA F 110 -73.71 67.37 -24.13
CA ALA F 110 -73.69 68.75 -24.64
C ALA F 110 -74.92 69.11 -25.46
N VAL F 111 -75.90 68.21 -25.58
CA VAL F 111 -77.12 68.51 -26.31
C VAL F 111 -77.92 69.61 -25.63
N ALA F 112 -77.71 69.83 -24.34
CA ALA F 112 -78.51 70.79 -23.60
C ALA F 112 -78.22 72.21 -24.08
N ASN F 113 -79.18 73.10 -23.81
CA ASN F 113 -79.11 74.48 -24.29
C ASN F 113 -79.82 75.38 -23.29
N GLY F 114 -79.87 76.67 -23.62
CA GLY F 114 -80.52 77.64 -22.77
C GLY F 114 -82.01 77.75 -23.06
N PRO F 115 -82.75 78.34 -22.14
CA PRO F 115 -84.20 78.43 -22.29
C PRO F 115 -84.61 79.57 -23.20
N GLU F 116 -85.86 79.50 -23.64
CA GLU F 116 -86.49 80.55 -24.44
C GLU F 116 -87.43 81.30 -23.52
N LEU F 117 -87.04 82.52 -23.14
CA LEU F 117 -87.71 83.21 -22.05
C LEU F 117 -88.05 84.67 -22.36
N ILE F 118 -87.86 85.12 -23.59
CA ILE F 118 -88.30 86.45 -23.99
C ILE F 118 -89.36 86.25 -25.07
N VAL F 119 -90.62 86.38 -24.68
CA VAL F 119 -91.75 86.27 -25.60
C VAL F 119 -92.62 87.49 -25.41
N GLU F 120 -92.94 88.17 -26.51
CA GLU F 120 -93.67 89.42 -26.45
C GLU F 120 -94.99 89.30 -27.21
N ASP F 121 -96.03 89.90 -26.64
CA ASP F 121 -97.35 89.88 -27.24
C ASP F 121 -97.88 91.30 -27.37
N THR F 122 -98.50 91.58 -28.51
CA THR F 122 -99.14 92.87 -28.73
C THR F 122 -100.64 92.76 -28.85
N GLY F 123 -101.19 91.55 -28.88
CA GLY F 123 -102.62 91.38 -28.94
C GLY F 123 -103.29 91.73 -27.64
N LEU F 124 -104.54 91.31 -27.52
CA LEU F 124 -105.31 91.55 -26.30
C LEU F 124 -104.98 90.48 -25.27
N CYS F 125 -104.66 90.92 -24.06
CA CYS F 125 -104.28 90.02 -22.98
C CYS F 125 -105.55 89.40 -22.40
N THR F 126 -106.01 88.34 -23.05
CA THR F 126 -107.17 87.62 -22.56
C THR F 126 -107.13 86.19 -23.05
N SER F 127 -107.92 85.34 -22.40
CA SER F 127 -108.00 83.94 -22.78
C SER F 127 -109.45 83.44 -22.72
N PHE F 128 -110.42 84.33 -22.68
CA PHE F 128 -111.83 83.95 -22.58
C PHE F 128 -112.61 84.66 -23.68
N MET F 129 -112.95 83.91 -24.72
CA MET F 129 -113.76 84.46 -25.80
C MET F 129 -115.23 84.44 -25.42
N LEU F 130 -115.97 85.40 -25.95
CA LEU F 130 -117.41 85.49 -25.76
C LEU F 130 -118.06 85.19 -27.10
N LEU F 131 -118.34 83.92 -27.35
CA LEU F 131 -118.96 83.50 -28.59
C LEU F 131 -120.44 83.22 -28.36
N ASP F 132 -121.13 82.89 -29.44
CA ASP F 132 -122.56 82.58 -29.39
C ASP F 132 -122.77 81.16 -29.87
N ASN F 133 -123.37 80.32 -29.02
CA ASN F 133 -123.66 78.95 -29.44
C ASN F 133 -124.83 78.91 -30.41
N ILE F 134 -125.89 79.66 -30.13
CA ILE F 134 -127.12 79.57 -30.90
C ILE F 134 -127.27 80.86 -31.70
N PRO F 135 -127.16 80.82 -33.02
CA PRO F 135 -127.37 82.03 -33.81
C PRO F 135 -128.79 82.54 -33.63
N SER F 136 -128.93 83.85 -33.61
CA SER F 136 -130.26 84.43 -33.56
C SER F 136 -130.99 84.15 -34.86
N ALA F 137 -132.31 84.23 -34.80
CA ALA F 137 -133.09 84.20 -36.02
C ALA F 137 -132.78 85.43 -36.86
N HIS F 138 -132.97 85.31 -38.16
CA HIS F 138 -132.88 86.48 -39.01
C HIS F 138 -133.88 87.53 -38.55
N LEU F 139 -133.45 88.78 -38.50
CA LEU F 139 -134.25 89.79 -37.83
C LEU F 139 -133.90 91.15 -38.41
N THR F 140 -134.90 91.84 -38.97
CA THR F 140 -134.68 93.17 -39.49
C THR F 140 -134.41 94.15 -38.35
N LYS F 141 -133.67 95.21 -38.67
CA LYS F 141 -133.35 96.25 -37.71
C LYS F 141 -133.94 97.57 -38.16
N GLU F 142 -134.25 98.42 -37.18
CA GLU F 142 -135.09 99.59 -37.42
C GLU F 142 -134.31 100.86 -37.70
N LEU F 143 -133.02 100.91 -37.35
CA LEU F 143 -132.10 101.89 -37.93
C LEU F 143 -130.70 101.30 -37.83
N ILE F 144 -129.84 101.70 -38.76
CA ILE F 144 -128.69 100.85 -39.10
C ILE F 144 -127.34 101.49 -38.90
N GLY F 145 -127.18 102.82 -38.96
CA GLY F 145 -125.81 103.33 -38.88
C GLY F 145 -125.75 104.83 -38.70
N PHE F 146 -124.54 105.28 -38.43
CA PHE F 146 -124.27 106.70 -38.28
C PHE F 146 -124.19 107.38 -39.64
N THR F 147 -124.54 108.65 -39.67
CA THR F 147 -124.55 109.43 -40.90
C THR F 147 -123.63 110.63 -40.76
N TRP F 148 -122.85 110.89 -41.79
CA TRP F 148 -121.83 111.94 -41.79
C TRP F 148 -121.99 112.68 -43.12
N PHE F 149 -122.65 113.83 -43.08
CA PHE F 149 -123.13 114.47 -44.30
C PHE F 149 -123.95 113.47 -45.09
N MET F 150 -123.56 113.20 -46.32
CA MET F 150 -124.20 112.13 -47.08
C MET F 150 -123.57 110.77 -46.83
N GLN F 151 -122.41 110.74 -46.20
CA GLN F 151 -121.72 109.48 -45.95
C GLN F 151 -122.37 108.73 -44.80
N MET F 152 -122.25 107.41 -44.83
CA MET F 152 -122.75 106.54 -43.78
C MET F 152 -121.63 105.66 -43.26
N TYR F 153 -121.62 105.44 -41.95
CA TYR F 153 -120.64 104.57 -41.31
C TYR F 153 -121.37 103.55 -40.46
N GLN F 154 -120.68 102.45 -40.16
CA GLN F 154 -121.23 101.44 -39.26
C GLN F 154 -120.07 100.63 -38.68
N MET F 155 -120.20 100.27 -37.40
CA MET F 155 -119.18 99.51 -36.70
C MET F 155 -119.77 98.19 -36.24
N THR F 156 -118.93 97.16 -36.23
CA THR F 156 -119.36 95.86 -35.76
C THR F 156 -119.52 95.88 -34.24
N PRO F 157 -120.54 95.22 -33.70
CA PRO F 157 -120.77 95.25 -32.25
C PRO F 157 -119.64 94.56 -31.51
N PRO F 158 -119.27 95.07 -30.34
CA PRO F 158 -118.17 94.44 -29.57
C PRO F 158 -118.57 93.16 -28.88
N LEU F 159 -119.84 92.77 -28.90
CA LEU F 159 -120.30 91.64 -28.12
C LEU F 159 -121.03 90.65 -29.01
N PRO F 160 -121.06 89.38 -28.64
CA PRO F 160 -121.80 88.40 -29.44
C PRO F 160 -123.29 88.71 -29.44
N GLU F 161 -123.94 88.36 -30.54
CA GLU F 161 -125.35 88.68 -30.74
C GLU F 161 -126.18 87.44 -31.04
N GLY F 162 -125.73 86.29 -30.58
CA GLY F 162 -126.50 85.08 -30.80
C GLY F 162 -127.70 85.01 -29.86
N ALA F 163 -128.55 84.02 -30.12
CA ALA F 163 -129.66 83.77 -29.22
C ALA F 163 -129.17 83.38 -27.85
N VAL F 164 -128.05 82.66 -27.78
CA VAL F 164 -127.42 82.29 -26.51
C VAL F 164 -125.93 82.57 -26.64
N ASN F 165 -125.36 83.22 -25.65
CA ASN F 165 -123.95 83.58 -25.66
C ASN F 165 -123.25 83.03 -24.43
N ARG F 166 -122.05 82.52 -24.62
CA ARG F 166 -121.32 81.80 -23.58
C ARG F 166 -119.93 82.40 -23.41
N ILE F 167 -119.27 81.95 -22.35
CA ILE F 167 -117.87 82.24 -22.10
C ILE F 167 -117.11 80.92 -22.15
N VAL F 168 -116.03 80.88 -22.93
CA VAL F 168 -115.22 79.68 -23.06
C VAL F 168 -113.76 80.02 -22.87
N CYS F 169 -112.96 78.99 -22.63
CA CYS F 169 -111.53 79.13 -22.39
C CYS F 169 -110.78 78.82 -23.68
N MET F 170 -110.17 79.83 -24.28
CA MET F 170 -109.37 79.68 -25.48
C MET F 170 -108.13 80.55 -25.32
N THR F 171 -107.00 79.92 -25.00
CA THR F 171 -105.79 80.66 -24.73
C THR F 171 -105.29 81.36 -25.99
N ASN F 172 -104.85 82.61 -25.82
CA ASN F 172 -104.20 83.37 -26.89
C ASN F 172 -105.09 83.51 -28.11
N TRP F 173 -106.41 83.49 -27.93
CA TRP F 173 -107.30 83.60 -29.08
C TRP F 173 -107.19 84.96 -29.73
N ALA F 174 -106.84 85.99 -28.97
CA ALA F 174 -106.68 87.33 -29.49
C ALA F 174 -105.22 87.80 -29.44
N SER F 175 -104.29 86.85 -29.45
CA SER F 175 -102.89 87.21 -29.37
C SER F 175 -102.38 87.75 -30.69
N LEU F 176 -101.23 88.41 -30.63
CA LEU F 176 -100.61 88.97 -31.82
C LEU F 176 -99.14 89.24 -31.55
N GLY F 177 -98.28 88.84 -32.49
CA GLY F 177 -96.86 89.04 -32.32
C GLY F 177 -96.07 87.74 -32.43
N ASP F 178 -95.34 87.40 -31.38
CA ASP F 178 -94.52 86.20 -31.40
C ASP F 178 -95.40 84.95 -31.51
N GLU F 179 -94.78 83.87 -32.00
CA GLU F 179 -95.50 82.61 -32.10
C GLU F 179 -95.78 82.01 -30.73
N GLY F 180 -94.88 82.22 -29.77
CA GLY F 180 -95.15 81.85 -28.41
C GLY F 180 -95.00 80.36 -28.15
N ARG F 181 -95.45 79.97 -26.96
CA ARG F 181 -95.28 78.61 -26.47
C ARG F 181 -96.09 77.64 -27.31
N GLY F 182 -95.67 76.37 -27.29
CA GLY F 182 -96.44 75.33 -27.94
C GLY F 182 -97.67 74.89 -27.20
N LEU F 183 -97.82 75.29 -25.94
CA LEU F 183 -98.98 74.93 -25.15
C LEU F 183 -100.15 75.84 -25.49
N GLU F 184 -101.34 75.26 -25.56
CA GLU F 184 -102.56 76.05 -25.64
C GLU F 184 -103.72 75.22 -25.13
N VAL F 185 -104.72 75.89 -24.60
CA VAL F 185 -105.94 75.25 -24.12
C VAL F 185 -107.10 75.85 -24.87
N ARG F 186 -107.84 75.02 -25.59
CA ARG F 186 -108.94 75.46 -26.45
C ARG F 186 -110.15 74.60 -26.13
N LEU F 187 -110.95 75.04 -25.16
CA LEU F 187 -112.10 74.21 -24.88
C LEU F 187 -113.26 74.54 -25.81
N PRO F 188 -113.96 73.54 -26.30
CA PRO F 188 -115.15 73.80 -27.12
C PRO F 188 -116.29 74.28 -26.25
N PRO F 189 -117.35 74.83 -26.86
CA PRO F 189 -118.50 75.25 -26.08
C PRO F 189 -119.19 74.06 -25.46
N PRO F 190 -120.01 74.28 -24.42
CA PRO F 190 -120.65 73.14 -23.73
C PRO F 190 -121.53 72.30 -24.62
N THR F 191 -121.78 72.70 -25.86
CA THR F 191 -122.57 71.90 -26.78
C THR F 191 -121.81 70.70 -27.32
N ASP F 192 -120.51 70.61 -27.04
CA ASP F 192 -119.69 69.51 -27.53
C ASP F 192 -118.93 68.88 -26.38
N SER F 193 -118.67 67.58 -26.51
CA SER F 193 -117.92 66.86 -25.49
C SER F 193 -116.50 67.39 -25.40
N SER F 194 -116.10 67.81 -24.21
CA SER F 194 -114.77 68.37 -23.98
C SER F 194 -113.91 67.48 -23.10
N VAL F 195 -114.20 66.18 -23.07
CA VAL F 195 -113.46 65.28 -22.20
C VAL F 195 -112.00 65.18 -22.62
N HIS F 196 -111.71 65.44 -23.90
CA HIS F 196 -110.36 65.26 -24.39
C HIS F 196 -109.35 66.12 -23.64
N ALA F 197 -109.81 67.20 -23.01
CA ALA F 197 -108.91 68.02 -22.22
C ALA F 197 -108.61 67.42 -20.85
N TYR F 198 -109.38 66.44 -20.42
CA TYR F 198 -109.23 65.89 -19.07
C TYR F 198 -108.70 64.46 -19.10
N LYS F 199 -107.85 64.15 -20.06
CA LYS F 199 -107.26 62.82 -20.17
C LYS F 199 -105.76 62.94 -20.33
N THR F 200 -105.16 63.90 -19.63
CA THR F 200 -103.72 64.12 -19.76
C THR F 200 -102.94 62.93 -19.24
N VAL F 201 -103.31 62.39 -18.08
CA VAL F 201 -102.57 61.32 -17.44
C VAL F 201 -103.53 60.26 -16.94
N LEU F 202 -102.98 59.08 -16.67
CA LEU F 202 -103.71 57.98 -16.03
C LEU F 202 -104.94 57.57 -16.83
N SER F 203 -105.04 58.00 -18.09
CA SER F 203 -106.22 57.74 -18.89
C SER F 203 -105.91 56.97 -20.16
N ARG F 204 -104.94 57.43 -20.95
CA ARG F 204 -104.72 56.86 -22.26
C ARG F 204 -104.25 55.42 -22.15
N GLY F 205 -104.71 54.58 -23.08
CA GLY F 205 -104.38 53.18 -23.14
C GLY F 205 -105.53 52.28 -22.75
N TYR F 206 -106.47 52.77 -21.95
CA TYR F 206 -107.59 51.91 -21.56
C TYR F 206 -108.94 52.61 -21.70
N ILE F 207 -108.97 53.92 -21.56
CA ILE F 207 -110.26 54.62 -21.51
C ILE F 207 -110.73 54.92 -22.92
N ASP F 208 -112.05 54.94 -23.09
CA ASP F 208 -112.63 55.21 -24.40
C ASP F 208 -112.56 56.71 -24.70
N ASN F 209 -112.68 57.03 -25.98
CA ASN F 209 -112.60 58.41 -26.42
C ASN F 209 -113.71 59.27 -25.85
N ALA F 210 -114.83 58.67 -25.45
CA ALA F 210 -116.00 59.42 -25.02
C ALA F 210 -116.16 59.45 -23.51
N GLN F 211 -115.16 59.01 -22.75
CA GLN F 211 -115.29 58.93 -21.30
C GLN F 211 -114.13 59.66 -20.63
N PHE F 212 -114.36 60.05 -19.38
CA PHE F 212 -113.33 60.58 -18.51
C PHE F 212 -113.40 59.87 -17.18
N ASN F 213 -112.25 59.55 -16.61
CA ASN F 213 -112.21 58.80 -15.37
C ASN F 213 -112.38 59.75 -14.19
N PRO F 214 -113.45 59.61 -13.43
CA PRO F 214 -113.64 60.49 -12.26
C PRO F 214 -112.55 60.34 -11.21
N LEU F 215 -111.99 59.15 -11.06
CA LEU F 215 -111.04 58.94 -9.98
C LEU F 215 -109.73 59.70 -10.18
N ALA F 216 -109.44 60.12 -11.41
CA ALA F 216 -108.26 60.91 -11.69
C ALA F 216 -108.62 62.37 -11.96
N LEU F 217 -109.79 62.81 -11.50
CA LEU F 217 -110.28 64.14 -11.85
C LEU F 217 -109.35 65.22 -11.34
N ARG F 218 -108.97 65.14 -10.07
CA ARG F 218 -108.16 66.20 -9.47
C ARG F 218 -106.84 66.35 -10.20
N SER F 219 -106.18 65.22 -10.49
CA SER F 219 -104.89 65.28 -11.19
C SER F 219 -105.04 65.90 -12.57
N ASN F 220 -105.97 65.38 -13.37
CA ASN F 220 -106.12 65.86 -14.74
C ASN F 220 -106.50 67.34 -14.75
N VAL F 221 -107.39 67.74 -13.85
CA VAL F 221 -107.75 69.15 -13.76
C VAL F 221 -106.51 69.98 -13.44
N LEU F 222 -105.71 69.50 -12.49
CA LEU F 222 -104.52 70.25 -12.09
C LEU F 222 -103.58 70.43 -13.27
N LEU F 223 -103.34 69.36 -14.03
CA LEU F 223 -102.44 69.48 -15.17
C LEU F 223 -103.01 70.41 -16.23
N MET F 224 -104.32 70.35 -16.45
CA MET F 224 -104.95 71.25 -17.41
C MET F 224 -104.69 72.69 -17.02
N LEU F 225 -104.91 73.02 -15.75
CA LEU F 225 -104.64 74.38 -15.30
C LEU F 225 -103.17 74.71 -15.44
N LEU F 226 -102.29 73.74 -15.18
CA LEU F 226 -100.87 73.98 -15.36
C LEU F 226 -100.57 74.38 -16.79
N GLN F 227 -101.02 73.58 -17.75
CA GLN F 227 -100.82 73.94 -19.15
C GLN F 227 -101.41 75.29 -19.46
N PHE F 228 -102.58 75.58 -18.89
CA PHE F 228 -103.16 76.91 -19.05
C PHE F 228 -102.21 77.98 -18.58
N THR F 229 -101.58 77.78 -17.43
CA THR F 229 -100.66 78.77 -16.90
C THR F 229 -99.47 78.98 -17.82
N LEU F 230 -98.84 77.88 -18.24
CA LEU F 230 -97.68 78.00 -19.11
C LEU F 230 -98.04 78.68 -20.42
N SER F 231 -99.18 78.30 -20.98
CA SER F 231 -99.57 78.83 -22.28
C SER F 231 -99.79 80.33 -22.26
N ASN F 232 -99.98 80.93 -21.08
CA ASN F 232 -100.36 82.33 -21.00
C ASN F 232 -99.23 83.26 -20.62
N LEU F 233 -98.11 82.75 -20.13
CA LEU F 233 -97.05 83.62 -19.62
C LEU F 233 -96.23 84.16 -20.79
N LYS F 234 -96.15 85.48 -20.88
CA LYS F 234 -95.38 86.20 -21.89
C LYS F 234 -95.43 87.67 -21.50
N ILE F 235 -94.81 88.51 -22.32
CA ILE F 235 -94.67 89.92 -22.01
C ILE F 235 -95.69 90.72 -22.80
N ASN F 236 -96.40 91.60 -22.12
CA ASN F 236 -97.36 92.51 -22.76
C ASN F 236 -96.60 93.73 -23.25
N LYS F 237 -96.14 93.67 -24.49
CA LYS F 237 -95.42 94.79 -25.05
C LYS F 237 -96.39 95.92 -25.41
N SER F 238 -95.87 97.14 -25.43
CA SER F 238 -96.64 98.28 -25.89
C SER F 238 -96.77 98.21 -27.41
N SER F 239 -97.37 99.25 -28.00
CA SER F 239 -97.58 99.28 -29.44
C SER F 239 -97.77 100.73 -29.86
N THR F 240 -98.14 100.92 -31.13
CA THR F 240 -98.43 102.25 -31.64
C THR F 240 -99.79 102.71 -31.14
N PHE F 241 -100.03 104.01 -31.27
CA PHE F 241 -101.27 104.60 -30.79
C PHE F 241 -101.79 105.61 -31.80
N THR F 242 -103.11 105.83 -31.74
CA THR F 242 -103.75 106.89 -32.50
C THR F 242 -104.70 107.64 -31.59
N SER F 243 -104.86 108.93 -31.86
CA SER F 243 -105.77 109.75 -31.08
C SER F 243 -107.18 109.60 -31.63
N ASP F 244 -108.11 109.24 -30.75
CA ASP F 244 -109.49 109.06 -31.18
C ASP F 244 -110.20 110.40 -31.22
N VAL F 245 -111.07 110.56 -32.21
CA VAL F 245 -111.76 111.82 -32.45
C VAL F 245 -113.23 111.54 -32.68
N THR F 246 -113.64 110.27 -32.54
CA THR F 246 -114.99 109.85 -32.90
C THR F 246 -115.91 110.07 -31.71
N THR F 247 -116.52 111.25 -31.65
CA THR F 247 -117.63 111.59 -30.75
C THR F 247 -117.17 111.46 -29.31
N ILE F 248 -117.78 110.57 -28.50
CA ILE F 248 -117.61 110.63 -27.05
C ILE F 248 -116.15 110.47 -26.67
N THR F 249 -115.47 109.52 -27.28
CA THR F 249 -114.10 109.21 -26.92
C THR F 249 -113.09 110.16 -27.55
N SER F 250 -113.53 111.32 -28.05
CA SER F 250 -112.59 112.27 -28.63
C SER F 250 -111.58 112.70 -27.59
N GLY F 251 -110.31 112.67 -27.97
CA GLY F 251 -109.22 113.02 -27.09
C GLY F 251 -108.54 111.84 -26.44
N ARG F 252 -109.21 110.69 -26.37
CA ARG F 252 -108.57 109.50 -25.82
C ARG F 252 -107.57 108.93 -26.83
N MET F 253 -106.57 108.23 -26.31
CA MET F 253 -105.57 107.58 -27.13
C MET F 253 -105.76 106.07 -27.06
N ILE F 254 -105.76 105.40 -28.22
CA ILE F 254 -105.99 103.97 -28.29
C ILE F 254 -104.94 103.35 -29.21
N ARG F 255 -104.84 102.03 -29.15
CA ARG F 255 -103.81 101.30 -29.87
C ARG F 255 -104.28 101.01 -31.30
N ALA F 256 -103.44 100.29 -32.05
CA ALA F 256 -103.59 100.21 -33.50
C ALA F 256 -104.00 98.81 -33.98
N PHE F 257 -103.24 97.78 -33.63
CA PHE F 257 -103.51 96.41 -34.07
C PHE F 257 -103.42 96.27 -35.59
N GLU F 258 -102.27 96.65 -36.14
CA GLU F 258 -102.01 96.40 -37.55
C GLU F 258 -101.86 94.89 -37.78
N GLY F 259 -102.49 94.40 -38.84
CA GLY F 259 -102.50 92.99 -39.14
C GLY F 259 -103.67 92.24 -38.54
N ARG F 260 -104.29 92.78 -37.50
CA ARG F 260 -105.55 92.25 -36.97
C ARG F 260 -106.48 93.41 -36.70
N PRO F 261 -106.85 94.16 -37.75
CA PRO F 261 -107.58 95.41 -37.53
C PRO F 261 -108.91 95.22 -36.83
N GLU F 262 -109.57 94.07 -37.03
CA GLU F 262 -110.86 93.85 -36.41
C GLU F 262 -110.77 93.85 -34.89
N LEU F 263 -109.59 93.58 -34.34
CA LEU F 263 -109.44 93.60 -32.89
C LEU F 263 -109.80 94.95 -32.31
N LEU F 264 -109.62 96.02 -33.09
CA LEU F 264 -109.92 97.36 -32.61
C LEU F 264 -111.35 97.44 -32.09
N ALA F 265 -112.29 96.79 -32.77
CA ALA F 265 -113.67 96.81 -32.30
C ALA F 265 -113.80 96.12 -30.95
N LEU F 266 -113.10 94.99 -30.77
CA LEU F 266 -113.23 94.26 -29.52
C LEU F 266 -112.47 94.93 -28.38
N ALA F 267 -111.39 95.63 -28.70
CA ALA F 267 -110.49 96.13 -27.65
C ALA F 267 -111.19 97.12 -26.73
N TYR F 268 -112.09 97.94 -27.28
CA TYR F 268 -112.72 99.00 -26.51
C TYR F 268 -114.23 98.93 -26.68
N PRO F 269 -114.89 98.06 -25.92
CA PRO F 269 -116.36 98.03 -25.95
C PRO F 269 -116.92 99.37 -25.52
N GLY F 270 -118.03 99.75 -26.12
CA GLY F 270 -118.64 101.02 -25.80
C GLY F 270 -117.93 102.22 -26.38
N ARG F 271 -116.95 102.02 -27.25
CA ARG F 271 -116.28 103.16 -27.86
C ARG F 271 -117.26 104.01 -28.67
N ALA F 272 -118.13 103.36 -29.43
CA ALA F 272 -119.15 104.07 -30.18
C ALA F 272 -120.28 103.08 -30.47
N VAL F 273 -121.49 103.42 -30.07
CA VAL F 273 -122.61 102.50 -30.15
C VAL F 273 -123.81 103.20 -30.75
N LEU F 274 -124.53 102.49 -31.61
CA LEU F 274 -125.82 102.97 -32.06
C LEU F 274 -126.80 102.96 -30.90
N PRO F 275 -127.62 104.00 -30.75
CA PRO F 275 -128.54 104.04 -29.61
C PRO F 275 -129.72 103.11 -29.73
N THR F 276 -129.72 102.24 -30.75
CA THR F 276 -130.77 101.25 -30.92
C THR F 276 -130.84 100.36 -29.69
N GLN F 277 -131.91 100.48 -28.91
CA GLN F 277 -131.93 99.92 -27.56
C GLN F 277 -132.13 98.41 -27.58
N THR F 278 -131.18 97.72 -28.20
CA THR F 278 -131.06 96.29 -27.98
C THR F 278 -130.30 96.04 -26.68
N LYS F 279 -130.31 94.79 -26.24
CA LYS F 279 -129.75 94.44 -24.93
C LYS F 279 -128.33 94.96 -24.77
N ASN F 280 -127.49 94.73 -25.77
CA ASN F 280 -126.11 95.20 -25.69
C ASN F 280 -126.05 96.70 -25.55
N ALA F 281 -126.82 97.43 -26.36
CA ALA F 281 -126.78 98.88 -26.32
C ALA F 281 -127.23 99.39 -24.96
N GLN F 282 -128.28 98.80 -24.40
CA GLN F 282 -128.73 99.19 -23.08
C GLN F 282 -127.59 99.13 -22.08
N PHE F 283 -126.86 98.02 -22.08
CA PHE F 283 -125.73 97.89 -21.16
C PHE F 283 -124.60 98.84 -21.54
N LEU F 284 -124.20 98.84 -22.81
CA LEU F 284 -123.02 99.60 -23.20
C LEU F 284 -123.21 101.09 -23.05
N SER F 285 -124.46 101.56 -22.98
CA SER F 285 -124.69 102.98 -22.79
C SER F 285 -124.16 103.48 -21.45
N THR F 286 -123.88 102.57 -20.53
CA THR F 286 -123.47 102.93 -19.18
C THR F 286 -121.97 103.05 -19.02
N ALA F 287 -121.19 102.87 -20.08
CA ALA F 287 -119.75 102.92 -19.96
C ALA F 287 -119.29 104.34 -19.65
N ILE F 288 -118.17 104.43 -18.94
CA ILE F 288 -117.55 105.72 -18.60
C ILE F 288 -116.47 106.00 -19.62
N ALA F 289 -116.52 107.19 -20.22
CA ALA F 289 -115.59 107.52 -21.29
C ALA F 289 -114.15 107.52 -20.81
N ASP F 290 -113.91 107.97 -19.59
CA ASP F 290 -112.54 108.08 -19.09
C ASP F 290 -111.91 106.75 -18.79
N ARG F 291 -112.56 105.63 -19.08
CA ARG F 291 -112.00 104.32 -18.83
C ARG F 291 -111.53 103.65 -20.12
N ILE F 292 -111.18 104.46 -21.12
CA ILE F 292 -110.78 103.96 -22.43
C ILE F 292 -109.35 104.40 -22.70
N GLY F 293 -108.56 103.49 -23.23
CA GLY F 293 -107.21 103.82 -23.65
C GLY F 293 -106.25 103.99 -22.48
N ARG F 294 -105.18 104.73 -22.73
CA ARG F 294 -104.17 104.94 -21.71
C ARG F 294 -104.64 105.96 -20.69
N LEU F 295 -104.27 105.73 -19.43
CA LEU F 295 -104.65 106.61 -18.34
C LEU F 295 -103.58 107.63 -18.01
N ASP F 296 -102.33 107.33 -18.32
CA ASP F 296 -101.22 108.18 -17.97
C ASP F 296 -100.94 109.18 -19.08
N ARG F 297 -100.11 110.17 -18.76
CA ARG F 297 -99.44 110.93 -19.79
C ARG F 297 -98.15 110.23 -20.16
N ALA F 298 -97.56 110.64 -21.28
CA ALA F 298 -96.33 110.02 -21.73
C ALA F 298 -95.24 110.17 -20.67
N ASN F 299 -94.54 109.08 -20.40
CA ASN F 299 -93.49 109.05 -19.39
C ASN F 299 -92.26 108.36 -19.94
N LEU F 300 -91.10 108.78 -19.44
CA LEU F 300 -89.84 108.13 -19.73
C LEU F 300 -89.64 107.94 -21.23
N ILE F 301 -89.87 109.02 -21.97
CA ILE F 301 -89.84 108.96 -23.41
C ILE F 301 -88.43 108.72 -23.89
N GLY F 302 -88.22 107.59 -24.56
CA GLY F 302 -86.95 107.33 -25.20
C GLY F 302 -86.83 108.08 -26.50
N GLY F 303 -86.87 109.41 -26.43
CA GLY F 303 -86.83 110.23 -27.62
C GLY F 303 -88.18 110.35 -28.29
N GLU F 304 -88.66 109.24 -28.86
CA GLU F 304 -89.95 109.20 -29.53
C GLU F 304 -91.01 108.44 -28.76
N VAL F 305 -90.61 107.40 -28.02
CA VAL F 305 -91.54 106.40 -27.50
C VAL F 305 -91.34 106.26 -26.00
N SER F 306 -92.44 106.03 -25.30
CA SER F 306 -92.41 105.85 -23.85
C SER F 306 -91.86 104.49 -23.47
N ALA F 307 -91.28 104.42 -22.27
CA ALA F 307 -90.70 103.17 -21.79
C ALA F 307 -91.77 102.20 -21.28
N MET F 308 -92.83 102.71 -20.68
CA MET F 308 -93.94 101.86 -20.27
C MET F 308 -95.18 102.74 -20.16
N VAL F 309 -96.34 102.14 -20.39
CA VAL F 309 -97.60 102.87 -20.40
C VAL F 309 -98.59 102.14 -19.52
N GLU F 310 -99.59 102.91 -19.07
CA GLU F 310 -100.65 102.40 -18.21
C GLU F 310 -101.98 102.65 -18.91
N CYS F 311 -102.63 101.56 -19.32
CA CYS F 311 -103.82 101.68 -20.14
C CYS F 311 -104.87 100.68 -19.66
N MET F 312 -106.10 100.90 -20.11
CA MET F 312 -107.23 100.04 -19.76
C MET F 312 -107.87 99.55 -21.05
N GLU F 313 -108.09 98.24 -21.12
CA GLU F 313 -108.62 97.64 -22.34
C GLU F 313 -109.23 96.30 -21.98
N LEU F 314 -109.83 95.66 -22.99
CA LEU F 314 -110.42 94.34 -22.79
C LEU F 314 -109.35 93.36 -22.32
N CYS F 315 -109.45 92.91 -21.08
CA CYS F 315 -108.43 92.05 -20.49
C CYS F 315 -108.95 91.39 -19.24
N ASP F 316 -108.85 90.06 -19.15
CA ASP F 316 -109.33 89.35 -17.99
C ASP F 316 -108.26 89.34 -16.91
N ALA F 317 -108.72 89.39 -15.65
CA ALA F 317 -107.79 89.52 -14.54
C ALA F 317 -106.85 88.33 -14.46
N LEU F 318 -107.38 87.13 -14.67
CA LEU F 318 -106.58 85.92 -14.47
C LEU F 318 -105.35 85.90 -15.37
N THR F 319 -105.57 86.11 -16.67
CA THR F 319 -104.43 86.17 -17.58
C THR F 319 -103.47 87.29 -17.18
N LEU F 320 -104.03 88.45 -16.81
CA LEU F 320 -103.19 89.55 -16.37
C LEU F 320 -102.34 89.14 -15.17
N HIS F 321 -102.94 88.43 -14.22
CA HIS F 321 -102.20 88.01 -13.05
C HIS F 321 -101.02 87.13 -13.45
N ILE F 322 -101.24 86.23 -14.40
CA ILE F 322 -100.14 85.39 -14.87
C ILE F 322 -99.07 86.24 -15.50
N ARG F 323 -99.46 87.15 -16.41
CA ARG F 323 -98.48 87.94 -17.13
C ARG F 323 -97.63 88.76 -16.18
N GLU F 324 -98.25 89.37 -15.17
CA GLU F 324 -97.51 90.20 -14.24
C GLU F 324 -96.47 89.38 -13.49
N THR F 325 -96.85 88.20 -13.01
CA THR F 325 -95.91 87.36 -12.30
C THR F 325 -94.73 86.99 -13.18
N TYR F 326 -95.01 86.66 -14.45
CA TYR F 326 -93.92 86.33 -15.36
C TYR F 326 -92.93 87.48 -15.46
N VAL F 327 -93.45 88.71 -15.53
CA VAL F 327 -92.57 89.87 -15.52
C VAL F 327 -91.77 89.91 -14.23
N MET F 328 -92.45 89.70 -13.11
CA MET F 328 -91.75 89.71 -11.83
C MET F 328 -90.65 88.66 -11.82
N LEU F 329 -90.90 87.50 -12.41
CA LEU F 329 -89.87 86.47 -12.50
C LEU F 329 -88.67 86.98 -13.27
N LEU F 330 -88.91 87.57 -14.44
CA LEU F 330 -87.80 88.05 -15.26
C LEU F 330 -87.00 89.11 -14.51
N ARG F 331 -87.69 90.09 -13.94
CA ARG F 331 -86.99 91.15 -13.21
C ARG F 331 -86.22 90.58 -12.03
N SER F 332 -86.71 89.50 -11.43
CA SER F 332 -85.95 88.85 -10.38
C SER F 332 -84.62 88.32 -10.89
N MET F 333 -84.55 87.97 -12.17
CA MET F 333 -83.32 87.51 -12.76
C MET F 333 -82.43 88.65 -13.25
N HIS F 334 -82.88 89.89 -13.12
CA HIS F 334 -82.14 91.00 -13.70
C HIS F 334 -80.80 91.19 -13.00
N GLN F 335 -79.80 91.52 -13.79
CA GLN F 335 -78.45 91.79 -13.31
C GLN F 335 -78.06 93.19 -13.73
N ASP F 336 -77.44 93.93 -12.82
CA ASP F 336 -76.95 95.25 -13.19
C ASP F 336 -75.74 95.07 -14.11
N PRO F 337 -75.78 95.58 -15.34
CA PRO F 337 -74.66 95.37 -16.26
C PRO F 337 -73.37 95.99 -15.79
N THR F 338 -73.42 97.10 -15.07
CA THR F 338 -72.19 97.80 -14.70
C THR F 338 -71.27 96.91 -13.89
N GLN F 339 -71.84 95.96 -13.15
CA GLN F 339 -71.03 95.10 -12.29
C GLN F 339 -70.25 94.06 -13.06
N ILE F 340 -70.50 93.92 -14.37
CA ILE F 340 -69.85 92.85 -15.12
C ILE F 340 -68.34 92.99 -15.06
N VAL F 341 -67.82 94.21 -15.23
CA VAL F 341 -66.37 94.39 -15.30
C VAL F 341 -65.72 93.91 -14.01
N GLN F 342 -66.33 94.21 -12.86
CA GLN F 342 -65.79 93.72 -11.60
C GLN F 342 -65.85 92.20 -11.55
N ILE F 343 -66.95 91.62 -12.03
CA ILE F 343 -67.06 90.17 -12.06
C ILE F 343 -65.92 89.58 -12.88
N VAL F 344 -65.65 90.18 -14.04
CA VAL F 344 -64.57 89.68 -14.88
C VAL F 344 -63.24 89.82 -14.16
N ASN F 345 -62.97 91.00 -13.61
CA ASN F 345 -61.68 91.22 -12.97
C ASN F 345 -61.46 90.27 -11.81
N GLU F 346 -62.50 90.05 -11.00
CA GLU F 346 -62.37 89.11 -9.89
C GLU F 346 -62.17 87.69 -10.40
N CYS F 347 -62.99 87.27 -11.35
CA CYS F 347 -62.86 85.91 -11.87
C CYS F 347 -61.50 85.69 -12.50
N ALA F 348 -60.90 86.73 -13.06
CA ALA F 348 -59.56 86.64 -13.62
C ALA F 348 -58.48 86.71 -12.57
N ASN F 349 -58.84 86.71 -11.28
CA ASN F 349 -57.88 86.85 -10.19
C ASN F 349 -57.04 88.10 -10.37
N ASN F 350 -57.65 89.15 -10.91
CA ASN F 350 -56.99 90.43 -11.17
C ASN F 350 -55.85 90.30 -12.16
N LEU F 351 -55.81 89.21 -12.93
CA LEU F 351 -54.85 89.12 -14.02
C LEU F 351 -55.27 89.93 -15.24
N LEU F 352 -56.55 90.29 -15.32
CA LEU F 352 -57.07 91.10 -16.41
C LEU F 352 -57.81 92.30 -15.84
N ASN F 353 -57.72 93.41 -16.55
CA ASN F 353 -58.51 94.58 -16.26
C ASN F 353 -59.27 94.97 -17.51
N SER F 354 -60.56 95.27 -17.36
CA SER F 354 -61.44 95.42 -18.50
C SER F 354 -62.38 96.59 -18.31
N THR F 355 -62.89 97.09 -19.44
CA THR F 355 -63.87 98.17 -19.45
C THR F 355 -64.99 97.80 -20.41
N ILE F 356 -66.23 97.98 -19.96
CA ILE F 356 -67.39 97.69 -20.79
C ILE F 356 -68.37 98.85 -20.70
N PRO F 357 -68.32 99.81 -21.61
CA PRO F 357 -69.28 100.91 -21.57
C PRO F 357 -70.68 100.43 -21.88
N ILE F 358 -71.67 101.10 -21.31
CA ILE F 358 -73.06 100.77 -21.56
C ILE F 358 -73.93 101.98 -21.27
N SER F 359 -74.93 102.19 -22.11
CA SER F 359 -75.91 103.23 -21.89
C SER F 359 -76.96 102.76 -20.89
N LEU F 360 -77.43 103.67 -20.05
CA LEU F 360 -78.39 103.35 -19.00
C LEU F 360 -79.74 103.94 -19.36
N ARG F 361 -80.59 103.11 -19.92
CA ARG F 361 -81.95 103.50 -20.24
C ARG F 361 -82.89 103.06 -19.12
N PRO F 362 -84.05 103.69 -18.99
CA PRO F 362 -84.96 103.31 -17.90
C PRO F 362 -85.34 101.84 -17.92
N THR F 363 -85.91 101.37 -19.02
CA THR F 363 -86.29 99.96 -19.14
C THR F 363 -85.15 99.22 -19.80
N ILE F 364 -84.50 98.34 -19.04
CA ILE F 364 -83.33 97.61 -19.51
C ILE F 364 -83.28 96.29 -18.76
N LEU F 365 -83.13 95.20 -19.49
CA LEU F 365 -83.28 93.87 -18.92
C LEU F 365 -82.09 93.01 -19.27
N CYS F 366 -81.45 92.45 -18.25
CA CYS F 366 -80.31 91.55 -18.42
C CYS F 366 -80.51 90.33 -17.53
N PRO F 367 -81.38 89.43 -17.93
CA PRO F 367 -81.71 88.30 -17.06
C PRO F 367 -80.58 87.29 -16.97
N TRP F 368 -79.58 87.59 -16.16
CA TRP F 368 -78.40 86.75 -16.06
C TRP F 368 -78.07 86.31 -14.65
N PHE F 369 -78.73 86.84 -13.63
CA PHE F 369 -78.37 86.55 -12.26
C PHE F 369 -79.09 85.31 -11.76
N ALA F 370 -78.46 84.63 -10.80
CA ALA F 370 -79.06 83.48 -10.15
C ALA F 370 -78.54 83.41 -8.72
N SER F 371 -79.43 83.18 -7.77
CA SER F 371 -79.04 83.10 -6.37
C SER F 371 -78.26 81.83 -6.11
N SER F 372 -77.54 81.82 -4.99
CA SER F 372 -76.79 80.63 -4.60
C SER F 372 -77.71 79.44 -4.41
N GLU F 373 -78.94 79.68 -3.93
CA GLU F 373 -79.87 78.59 -3.72
C GLU F 373 -80.18 77.87 -5.03
N ASP F 374 -80.39 78.63 -6.10
CA ASP F 374 -80.68 78.02 -7.38
C ASP F 374 -79.55 77.13 -7.83
N LEU F 375 -78.31 77.63 -7.74
CA LEU F 375 -77.17 76.83 -8.14
C LEU F 375 -77.03 75.59 -7.26
N ARG F 376 -77.18 75.76 -5.96
CA ARG F 376 -77.07 74.62 -5.06
C ARG F 376 -78.13 73.58 -5.38
N LEU F 377 -79.37 74.03 -5.60
CA LEU F 377 -80.40 73.11 -6.03
C LEU F 377 -80.04 72.46 -7.36
N GLN F 378 -79.49 73.24 -8.28
CA GLN F 378 -79.10 72.70 -9.58
C GLN F 378 -78.06 71.60 -9.41
N GLN F 379 -77.08 71.83 -8.54
CA GLN F 379 -76.05 70.82 -8.31
C GLN F 379 -76.67 69.52 -7.81
N VAL F 380 -77.57 69.62 -6.84
CA VAL F 380 -78.23 68.42 -6.33
C VAL F 380 -78.98 67.73 -7.45
N MET F 381 -79.64 68.50 -8.31
CA MET F 381 -80.36 67.90 -9.43
C MET F 381 -79.42 67.12 -10.31
N HIS F 382 -78.19 67.61 -10.49
CA HIS F 382 -77.21 66.88 -11.29
C HIS F 382 -76.96 65.50 -10.71
N LEU F 383 -76.78 65.42 -9.39
CA LEU F 383 -76.54 64.13 -8.77
C LEU F 383 -77.70 63.18 -9.03
N VAL F 384 -78.92 63.69 -8.94
CA VAL F 384 -80.09 62.84 -9.12
C VAL F 384 -80.13 62.27 -10.53
N ASN F 385 -79.99 63.13 -11.53
CA ASN F 385 -80.05 62.66 -12.90
C ASN F 385 -78.91 61.69 -13.21
N ILE F 386 -77.78 61.84 -12.54
CA ILE F 386 -76.66 60.94 -12.75
C ILE F 386 -76.87 59.59 -12.08
N SER F 387 -77.73 59.53 -11.06
CA SER F 387 -77.71 58.43 -10.09
C SER F 387 -77.77 57.05 -10.75
N SER F 388 -78.50 56.93 -11.86
CA SER F 388 -78.61 55.61 -12.49
C SER F 388 -77.29 55.12 -13.06
N ASN F 389 -76.41 56.03 -13.49
CA ASN F 389 -75.14 55.63 -14.09
C ASN F 389 -74.09 56.66 -13.67
N THR F 390 -73.36 56.34 -12.61
CA THR F 390 -72.38 57.28 -12.08
C THR F 390 -71.25 57.52 -13.07
N ALA F 391 -70.96 56.55 -13.93
CA ALA F 391 -69.85 56.69 -14.87
C ALA F 391 -70.06 57.84 -15.84
N ALA F 392 -71.30 58.33 -15.97
CA ALA F 392 -71.59 59.40 -16.91
C ALA F 392 -70.94 60.72 -16.52
N ALA F 393 -70.38 60.82 -15.31
CA ALA F 393 -69.76 62.07 -14.88
C ALA F 393 -68.35 62.25 -15.43
N LEU F 394 -67.75 61.19 -15.97
CA LEU F 394 -66.38 61.28 -16.43
C LEU F 394 -66.11 62.40 -17.43
N PRO F 395 -66.96 62.67 -18.41
CA PRO F 395 -66.65 63.74 -19.37
C PRO F 395 -66.35 65.08 -18.73
N LEU F 396 -66.92 65.35 -17.56
CA LEU F 396 -66.57 66.57 -16.84
C LEU F 396 -65.06 66.66 -16.64
N VAL F 397 -64.46 65.56 -16.19
CA VAL F 397 -63.02 65.54 -15.97
C VAL F 397 -62.29 65.74 -17.29
N GLU F 398 -62.77 65.08 -18.35
CA GLU F 398 -62.11 65.19 -19.64
C GLU F 398 -62.08 66.63 -20.12
N ALA F 399 -63.22 67.31 -20.08
CA ALA F 399 -63.28 68.69 -20.55
C ALA F 399 -62.35 69.57 -19.75
N LEU F 400 -62.37 69.43 -18.42
CA LEU F 400 -61.51 70.25 -17.58
C LEU F 400 -60.05 69.98 -17.88
N SER F 401 -59.69 68.69 -18.03
CA SER F 401 -58.30 68.35 -18.32
C SER F 401 -57.85 68.94 -19.64
N THR F 402 -58.70 68.87 -20.67
CA THR F 402 -58.35 69.46 -21.95
C THR F 402 -58.12 70.96 -21.83
N LEU F 403 -59.00 71.64 -21.08
CA LEU F 403 -58.82 73.07 -20.89
C LEU F 403 -57.51 73.36 -20.20
N LEU F 404 -57.20 72.61 -19.14
CA LEU F 404 -55.96 72.85 -18.41
C LEU F 404 -54.76 72.68 -19.32
N ARG F 405 -54.73 71.60 -20.09
CA ARG F 405 -53.61 71.37 -20.99
C ARG F 405 -53.52 72.48 -22.03
N SER F 406 -54.66 72.99 -22.47
CA SER F 406 -54.68 74.04 -23.48
C SER F 406 -54.31 75.41 -22.92
N VAL F 407 -54.28 75.58 -21.62
CA VAL F 407 -54.11 76.90 -21.02
C VAL F 407 -52.85 77.02 -20.18
N THR F 408 -52.25 75.92 -19.78
CA THR F 408 -51.11 76.04 -18.89
C THR F 408 -49.84 76.39 -19.65
N PRO F 409 -48.89 77.07 -18.99
CA PRO F 409 -47.58 77.28 -19.61
C PRO F 409 -46.62 76.13 -19.41
N LEU F 410 -46.99 75.13 -18.60
CA LEU F 410 -46.08 74.02 -18.33
C LEU F 410 -45.84 73.22 -19.61
N VAL F 411 -44.63 72.67 -19.72
CA VAL F 411 -44.25 71.84 -20.86
C VAL F 411 -43.68 70.53 -20.34
N LEU F 412 -44.21 69.42 -20.83
CA LEU F 412 -43.76 68.09 -20.44
C LEU F 412 -42.84 67.54 -21.51
N ASP F 413 -41.58 67.30 -21.15
CA ASP F 413 -40.61 66.78 -22.09
C ASP F 413 -39.65 65.83 -21.39
N PRO F 414 -39.76 64.54 -21.65
CA PRO F 414 -38.90 63.54 -20.99
C PRO F 414 -37.58 63.36 -21.71
N THR F 415 -36.90 64.47 -22.00
CA THR F 415 -35.63 64.38 -22.71
C THR F 415 -34.46 64.33 -21.73
N VAL F 416 -34.34 65.33 -20.88
CA VAL F 416 -33.23 65.37 -19.93
C VAL F 416 -33.26 64.14 -19.05
N LEU F 417 -34.46 63.70 -18.65
CA LEU F 417 -34.58 62.52 -17.81
C LEU F 417 -34.02 61.31 -18.53
N THR F 418 -34.36 61.14 -19.81
CA THR F 418 -33.84 60.01 -20.56
C THR F 418 -32.33 60.06 -20.66
N ASN F 419 -31.79 61.25 -20.94
CA ASN F 419 -30.35 61.38 -21.07
C ASN F 419 -29.64 60.99 -19.79
N ALA F 420 -30.15 61.47 -18.66
CA ALA F 420 -29.52 61.15 -17.38
C ALA F 420 -29.54 59.66 -17.11
N ILE F 421 -30.69 59.03 -17.33
CA ILE F 421 -30.82 57.61 -17.02
C ILE F 421 -29.92 56.79 -17.94
N THR F 422 -29.90 57.12 -19.22
CA THR F 422 -29.14 56.32 -20.18
C THR F 422 -27.64 56.35 -19.91
N THR F 423 -27.16 57.33 -19.14
CA THR F 423 -25.75 57.31 -18.75
C THR F 423 -25.45 56.17 -17.81
N ILE F 424 -26.45 55.51 -17.25
CA ILE F 424 -26.28 54.44 -16.30
C ILE F 424 -26.67 53.10 -16.89
N SER F 425 -27.86 53.01 -17.46
CA SER F 425 -28.42 51.74 -17.89
C SER F 425 -27.96 51.40 -19.31
N GLU F 426 -28.18 50.14 -19.68
CA GLU F 426 -27.98 49.69 -21.05
C GLU F 426 -28.93 48.53 -21.32
N SER F 427 -29.59 48.56 -22.48
CA SER F 427 -30.58 47.54 -22.83
C SER F 427 -29.87 46.36 -23.48
N THR F 428 -29.38 45.47 -22.63
CA THR F 428 -28.72 44.28 -23.13
C THR F 428 -29.32 43.04 -22.50
N THR F 429 -29.09 41.89 -23.10
CA THR F 429 -29.66 40.64 -22.60
C THR F 429 -29.27 40.40 -21.16
N GLN F 430 -28.06 40.79 -20.79
CA GLN F 430 -27.67 40.85 -19.39
C GLN F 430 -28.06 42.21 -18.85
N THR F 431 -28.54 42.23 -17.60
CA THR F 431 -29.05 43.45 -16.98
C THR F 431 -30.23 44.00 -17.78
N ILE F 432 -31.27 43.17 -17.88
CA ILE F 432 -32.53 43.56 -18.52
C ILE F 432 -33.70 43.44 -17.54
N SER F 433 -33.82 42.29 -16.88
CA SER F 433 -34.80 42.17 -15.81
C SER F 433 -34.63 43.22 -14.73
N PRO F 434 -33.41 43.57 -14.28
CA PRO F 434 -33.31 44.65 -13.29
C PRO F 434 -33.88 45.97 -13.78
N ILE F 435 -33.80 46.23 -15.09
CA ILE F 435 -34.15 47.54 -15.63
C ILE F 435 -35.39 47.50 -16.50
N SER F 436 -36.08 46.35 -16.56
CA SER F 436 -37.22 46.24 -17.46
C SER F 436 -38.26 47.30 -17.16
N GLU F 437 -38.56 47.51 -15.89
CA GLU F 437 -39.55 48.53 -15.53
C GLU F 437 -39.11 49.91 -15.96
N ILE F 438 -37.82 50.20 -15.82
CA ILE F 438 -37.31 51.50 -16.25
C ILE F 438 -37.56 51.69 -17.73
N LEU F 439 -37.29 50.66 -18.53
CA LEU F 439 -37.55 50.75 -19.96
C LEU F 439 -39.03 51.00 -20.22
N ARG F 440 -39.90 50.31 -19.48
CA ARG F 440 -41.32 50.58 -19.59
C ARG F 440 -41.62 52.04 -19.26
N LEU F 441 -40.98 52.56 -18.22
CA LEU F 441 -41.19 53.96 -17.84
C LEU F 441 -40.80 54.89 -18.97
N LEU F 442 -39.60 54.71 -19.53
CA LEU F 442 -39.11 55.62 -20.54
C LEU F 442 -39.70 55.37 -21.91
N GLN F 443 -40.48 54.31 -22.08
CA GLN F 443 -41.08 54.04 -23.37
C GLN F 443 -41.99 55.20 -23.76
N PRO F 444 -41.93 55.66 -25.00
CA PRO F 444 -42.78 56.78 -25.41
C PRO F 444 -44.24 56.41 -25.41
N MET F 445 -45.01 56.99 -24.48
CA MET F 445 -46.43 56.70 -24.37
C MET F 445 -47.28 57.50 -25.34
N GLY F 446 -46.68 58.40 -26.11
CA GLY F 446 -47.42 59.19 -27.06
C GLY F 446 -47.49 60.67 -26.77
N ASN F 447 -46.68 61.17 -25.84
CA ASN F 447 -46.65 62.61 -25.50
C ASN F 447 -48.03 63.11 -25.12
N ASP F 448 -48.80 62.25 -24.44
CA ASP F 448 -50.17 62.55 -24.08
C ASP F 448 -50.30 63.01 -22.63
N TYR F 449 -49.81 62.20 -21.69
CA TYR F 449 -49.85 62.53 -20.27
C TYR F 449 -51.27 62.82 -19.80
N ALA F 450 -52.22 62.02 -20.29
CA ALA F 450 -53.61 62.21 -19.91
C ALA F 450 -53.79 62.01 -18.41
N ALA F 451 -53.11 61.01 -17.85
CA ALA F 451 -53.31 60.68 -16.44
C ALA F 451 -52.99 61.86 -15.55
N PHE F 452 -51.88 62.54 -15.83
CA PHE F 452 -51.47 63.66 -14.98
C PHE F 452 -52.54 64.73 -14.95
N TRP F 453 -53.02 65.15 -16.12
CA TRP F 453 -54.06 66.15 -16.16
C TRP F 453 -55.36 65.62 -15.57
N LYS F 454 -55.63 64.33 -15.76
CA LYS F 454 -56.84 63.74 -15.19
C LYS F 454 -56.85 63.89 -13.68
N CYS F 455 -55.72 63.59 -13.03
CA CYS F 455 -55.65 63.71 -11.59
C CYS F 455 -55.92 65.13 -11.14
N ILE F 456 -55.29 66.10 -11.79
CA ILE F 456 -55.48 67.49 -11.41
C ILE F 456 -56.94 67.88 -11.58
N ALA F 457 -57.53 67.48 -12.70
CA ALA F 457 -58.94 67.80 -12.93
C ALA F 457 -59.82 67.14 -11.88
N SER F 458 -59.54 65.88 -11.53
CA SER F 458 -60.37 65.17 -10.58
C SER F 458 -60.40 65.88 -9.23
N TRP F 459 -59.33 66.59 -8.88
CA TRP F 459 -59.29 67.29 -7.60
C TRP F 459 -60.49 68.21 -7.46
N ALA F 460 -60.84 68.92 -8.53
CA ALA F 460 -61.97 69.84 -8.47
C ALA F 460 -63.31 69.11 -8.43
N TYR F 461 -63.33 67.79 -8.63
CA TYR F 461 -64.58 67.05 -8.65
C TYR F 461 -64.55 65.84 -7.74
N ASN F 462 -63.70 65.85 -6.72
CA ASN F 462 -63.76 64.77 -5.73
C ASN F 462 -65.11 64.82 -5.04
N GLY F 463 -65.60 63.66 -4.65
CA GLY F 463 -66.97 63.53 -4.25
C GLY F 463 -67.92 63.30 -5.40
N LEU F 464 -67.45 63.39 -6.61
CA LEU F 464 -68.18 62.98 -7.80
C LEU F 464 -67.40 61.98 -8.61
N VAL F 465 -66.09 62.16 -8.74
CA VAL F 465 -65.19 61.21 -9.37
C VAL F 465 -63.92 61.15 -8.54
N THR F 466 -63.39 59.95 -8.34
CA THR F 466 -62.15 59.77 -7.59
C THR F 466 -61.15 59.00 -8.44
N THR F 467 -59.97 59.56 -8.61
CA THR F 467 -58.89 58.85 -9.28
C THR F 467 -58.27 57.84 -8.34
N VAL F 468 -58.03 56.64 -8.86
CA VAL F 468 -57.43 55.58 -8.06
C VAL F 468 -56.26 54.99 -8.84
N LEU F 469 -55.29 54.48 -8.10
CA LEU F 469 -54.17 53.80 -8.72
C LEU F 469 -54.66 52.53 -9.39
N SER F 470 -54.18 52.27 -10.59
CA SER F 470 -54.59 51.08 -11.33
C SER F 470 -54.36 49.83 -10.51
N GLU F 471 -55.36 48.96 -10.48
CA GLU F 471 -55.24 47.76 -9.66
C GLU F 471 -54.11 46.87 -10.15
N ASP F 472 -53.94 46.78 -11.45
CA ASP F 472 -52.90 45.91 -12.01
C ASP F 472 -51.52 46.55 -11.95
N ALA F 473 -51.41 47.81 -11.55
CA ALA F 473 -50.10 48.42 -11.37
C ALA F 473 -49.43 47.98 -10.09
N PHE F 474 -50.18 47.41 -9.16
CA PHE F 474 -49.59 46.92 -7.92
C PHE F 474 -48.75 45.68 -8.19
N PRO F 475 -47.69 45.48 -7.41
CA PRO F 475 -46.98 44.21 -7.48
C PRO F 475 -47.87 43.09 -6.97
N ASP F 476 -47.67 41.90 -7.52
CA ASP F 476 -48.46 40.75 -7.09
C ASP F 476 -48.19 40.45 -5.62
N SER F 477 -49.25 40.11 -4.90
CA SER F 477 -49.13 39.91 -3.46
C SER F 477 -48.19 38.76 -3.13
N SER F 478 -48.25 37.68 -3.89
CA SER F 478 -47.38 36.53 -3.63
C SER F 478 -45.92 36.86 -3.85
N GLN F 479 -45.62 37.90 -4.63
CA GLN F 479 -44.25 38.18 -5.00
C GLN F 479 -43.45 38.65 -3.79
N SER F 480 -42.13 38.59 -3.91
CA SER F 480 -41.23 38.96 -2.84
C SER F 480 -40.43 40.20 -3.23
N ILE F 481 -39.85 40.83 -2.21
CA ILE F 481 -39.10 42.07 -2.42
C ILE F 481 -37.91 41.85 -3.32
N THR F 482 -37.34 40.65 -3.30
CA THR F 482 -36.15 40.38 -4.10
C THR F 482 -36.44 40.41 -5.60
N HIS F 483 -37.70 40.39 -6.01
CA HIS F 483 -38.04 40.44 -7.42
C HIS F 483 -38.01 41.88 -7.86
N LEU F 484 -36.91 42.28 -8.50
CA LEU F 484 -36.68 43.68 -8.83
C LEU F 484 -37.82 44.34 -9.60
N PRO F 485 -38.41 43.74 -10.64
CA PRO F 485 -39.50 44.43 -11.34
C PRO F 485 -40.62 44.80 -10.40
N SER F 486 -40.93 43.95 -9.43
CA SER F 486 -41.93 44.30 -8.43
C SER F 486 -41.46 45.48 -7.60
N MET F 487 -40.18 45.53 -7.26
CA MET F 487 -39.67 46.61 -6.43
C MET F 487 -39.87 47.95 -7.12
N TRP F 488 -39.59 48.02 -8.41
CA TRP F 488 -39.78 49.26 -9.15
C TRP F 488 -41.23 49.68 -9.12
N LYS F 489 -42.15 48.73 -9.32
CA LYS F 489 -43.57 49.04 -9.26
C LYS F 489 -43.91 49.72 -7.95
N CYS F 490 -43.39 49.19 -6.85
CA CYS F 490 -43.68 49.79 -5.55
C CYS F 490 -43.14 51.21 -5.48
N LEU F 491 -41.94 51.45 -6.03
CA LEU F 491 -41.38 52.79 -6.02
C LEU F 491 -42.27 53.76 -6.78
N PHE F 492 -42.62 53.41 -8.02
CA PHE F 492 -43.48 54.28 -8.81
C PHE F 492 -44.83 54.45 -8.12
N LEU F 493 -45.35 53.37 -7.54
CA LEU F 493 -46.60 53.47 -6.82
C LEU F 493 -46.51 54.49 -5.69
N THR F 494 -45.39 54.49 -4.97
CA THR F 494 -45.22 55.42 -3.87
C THR F 494 -45.19 56.86 -4.36
N LEU F 495 -44.43 57.12 -5.44
CA LEU F 495 -44.25 58.48 -5.90
C LEU F 495 -45.58 59.09 -6.32
N ALA F 496 -46.39 58.34 -7.05
CA ALA F 496 -47.65 58.87 -7.58
C ALA F 496 -48.78 58.83 -6.57
N GLY F 497 -48.48 58.55 -5.31
CA GLY F 497 -49.50 58.45 -4.29
C GLY F 497 -50.32 59.72 -4.14
N PRO F 498 -49.68 60.78 -3.64
CA PRO F 498 -50.44 61.99 -3.31
C PRO F 498 -51.16 62.63 -4.47
N MET F 499 -50.85 62.26 -5.71
CA MET F 499 -51.53 62.87 -6.84
C MET F 499 -52.99 62.45 -6.92
N THR F 500 -53.31 61.22 -6.55
CA THR F 500 -54.68 60.76 -6.66
C THR F 500 -55.55 61.39 -5.58
N SER F 501 -56.86 61.23 -5.72
CA SER F 501 -57.82 61.81 -4.79
C SER F 501 -58.43 60.78 -3.84
N ASP F 502 -58.12 59.51 -3.99
CA ASP F 502 -58.68 58.49 -3.11
C ASP F 502 -58.17 58.71 -1.69
N PRO F 503 -59.07 58.87 -0.71
CA PRO F 503 -58.60 59.02 0.67
C PRO F 503 -57.83 57.82 1.18
N HIS F 504 -58.10 56.63 0.66
CA HIS F 504 -57.40 55.45 1.11
C HIS F 504 -56.03 55.29 0.47
N SER F 505 -55.66 56.19 -0.43
CA SER F 505 -54.37 56.07 -1.12
C SER F 505 -53.19 55.92 -0.17
N PRO F 506 -53.05 56.68 0.92
CA PRO F 506 -51.88 56.46 1.79
C PRO F 506 -51.79 55.05 2.33
N VAL F 507 -52.90 54.49 2.80
CA VAL F 507 -52.87 53.13 3.34
C VAL F 507 -52.48 52.15 2.25
N LYS F 508 -53.06 52.30 1.06
CA LYS F 508 -52.74 51.40 -0.03
C LYS F 508 -51.25 51.43 -0.35
N VAL F 509 -50.67 52.63 -0.38
CA VAL F 509 -49.25 52.75 -0.62
C VAL F 509 -48.47 51.99 0.45
N PHE F 510 -48.87 52.18 1.70
CA PHE F 510 -48.17 51.51 2.80
C PHE F 510 -48.24 50.00 2.65
N MET F 511 -49.44 49.46 2.43
CA MET F 511 -49.60 48.02 2.39
C MET F 511 -48.82 47.41 1.24
N ALA F 512 -48.73 48.13 0.12
CA ALA F 512 -48.04 47.59 -1.05
C ALA F 512 -46.64 47.13 -0.68
N LEU F 513 -45.89 47.98 0.02
CA LEU F 513 -44.58 47.56 0.50
C LEU F 513 -44.72 46.44 1.51
N ALA F 514 -45.72 46.51 2.38
CA ALA F 514 -45.89 45.48 3.40
C ALA F 514 -46.06 44.10 2.76
N ASN F 515 -46.76 44.05 1.64
CA ASN F 515 -46.92 42.77 0.94
C ASN F 515 -45.57 42.22 0.52
N LEU F 516 -44.71 43.07 -0.03
CA LEU F 516 -43.42 42.60 -0.52
C LEU F 516 -42.49 42.17 0.60
N LEU F 517 -42.71 42.65 1.81
CA LEU F 517 -41.83 42.36 2.93
C LEU F 517 -42.45 41.38 3.92
N ALA F 518 -43.40 40.57 3.46
CA ALA F 518 -44.05 39.62 4.36
C ALA F 518 -43.06 38.63 4.94
N GLN F 519 -42.15 38.13 4.13
CA GLN F 519 -41.20 37.15 4.62
C GLN F 519 -40.12 37.80 5.48
N PRO F 520 -39.39 38.80 4.99
CA PRO F 520 -38.27 39.31 5.80
C PRO F 520 -38.72 40.08 7.02
N GLU F 521 -39.81 40.84 6.93
CA GLU F 521 -40.30 41.66 8.04
C GLU F 521 -41.77 41.36 8.27
N PRO F 522 -42.09 40.22 8.88
CA PRO F 522 -43.47 39.94 9.24
C PRO F 522 -43.91 40.77 10.43
N ILE F 523 -45.13 41.30 10.36
CA ILE F 523 -45.73 42.06 11.45
C ILE F 523 -47.18 41.62 11.62
N ALA F 524 -47.75 41.98 12.76
CA ALA F 524 -49.13 41.64 13.08
C ALA F 524 -50.03 42.79 12.63
N ILE F 525 -50.85 42.53 11.61
CA ILE F 525 -51.86 43.50 11.19
C ILE F 525 -53.08 43.29 12.07
N GLY F 526 -53.30 44.21 13.00
CA GLY F 526 -54.37 44.03 13.97
C GLY F 526 -55.75 44.28 13.42
N VAL F 527 -56.07 43.65 12.30
CA VAL F 527 -57.42 43.76 11.73
C VAL F 527 -57.96 42.36 11.49
N PRO F 528 -59.00 41.94 12.19
CA PRO F 528 -59.55 40.60 11.98
C PRO F 528 -60.11 40.46 10.58
N GLY F 529 -59.64 39.45 9.86
CA GLY F 529 -60.03 39.22 8.48
C GLY F 529 -59.04 39.67 7.45
N MET F 530 -57.91 40.25 7.86
CA MET F 530 -56.89 40.70 6.93
C MET F 530 -55.56 40.08 7.30
N HIS F 531 -54.64 40.07 6.33
CA HIS F 531 -53.31 39.54 6.56
C HIS F 531 -52.30 40.39 5.80
N GLN F 532 -51.04 40.27 6.18
CA GLN F 532 -50.00 41.04 5.52
C GLN F 532 -49.90 40.69 4.04
N THR F 533 -50.43 39.55 3.63
CA THR F 533 -50.41 39.14 2.23
C THR F 533 -51.72 39.41 1.51
N THR F 534 -52.67 40.06 2.17
CA THR F 534 -53.86 40.49 1.47
C THR F 534 -53.47 41.50 0.39
N PRO F 535 -54.01 41.40 -0.82
CA PRO F 535 -53.62 42.35 -1.87
C PRO F 535 -53.86 43.79 -1.42
N ALA F 536 -52.82 44.60 -1.56
CA ALA F 536 -52.85 45.94 -0.98
C ALA F 536 -53.99 46.77 -1.55
N SER F 537 -54.27 46.61 -2.84
CA SER F 537 -55.29 47.44 -3.48
C SER F 537 -56.66 47.24 -2.84
N GLN F 538 -56.87 46.14 -2.12
CA GLN F 538 -58.17 45.87 -1.54
C GLN F 538 -58.40 46.60 -0.23
N PHE F 539 -57.37 47.16 0.38
CA PHE F 539 -57.54 47.94 1.61
C PHE F 539 -58.20 49.26 1.21
N SER F 540 -59.52 49.23 1.09
CA SER F 540 -60.26 50.32 0.48
C SER F 540 -61.40 50.77 1.38
N HIS F 541 -61.13 50.91 2.67
CA HIS F 541 -62.16 51.33 3.61
C HIS F 541 -61.52 51.80 4.90
N PRO F 542 -62.11 52.76 5.60
CA PRO F 542 -61.69 53.01 6.97
C PRO F 542 -62.05 51.81 7.82
N GLY F 543 -61.41 51.71 8.98
CA GLY F 543 -61.62 50.58 9.85
C GLY F 543 -60.84 49.35 9.49
N VAL F 544 -60.42 49.20 8.23
CA VAL F 544 -59.43 48.19 7.89
C VAL F 544 -58.03 48.79 7.83
N TRP F 545 -57.86 50.02 8.27
CA TRP F 545 -56.55 50.61 8.36
C TRP F 545 -55.77 49.92 9.48
N PRO F 546 -54.61 49.35 9.20
CA PRO F 546 -53.85 48.66 10.24
C PRO F 546 -53.53 49.60 11.39
N PRO F 547 -53.70 49.14 12.62
CA PRO F 547 -53.40 50.00 13.77
C PRO F 547 -51.96 50.48 13.80
N GLY F 548 -51.03 49.63 13.37
CA GLY F 548 -49.64 50.06 13.29
C GLY F 548 -49.45 51.25 12.38
N PHE F 549 -50.19 51.28 11.27
CA PHE F 549 -50.15 52.44 10.41
C PHE F 549 -50.70 53.68 11.10
N LEU F 550 -51.72 53.51 11.93
CA LEU F 550 -52.23 54.63 12.71
C LEU F 550 -51.21 55.06 13.76
N ASN F 551 -50.48 54.11 14.34
CA ASN F 551 -49.51 54.41 15.39
C ASN F 551 -48.26 53.59 15.12
N PRO F 552 -47.27 54.17 14.45
CA PRO F 552 -46.07 53.40 14.09
C PRO F 552 -45.28 52.91 15.29
N GLN F 553 -45.54 53.43 16.49
CA GLN F 553 -44.83 52.94 17.67
C GLN F 553 -45.11 51.48 17.95
N LEU F 554 -46.18 50.93 17.37
CA LEU F 554 -46.51 49.53 17.56
C LEU F 554 -45.63 48.60 16.75
N ILE F 555 -44.69 49.13 15.98
CA ILE F 555 -43.78 48.32 15.18
C ILE F 555 -42.41 48.38 15.83
N ASN F 556 -41.87 47.23 16.19
CA ASN F 556 -40.59 47.21 16.88
C ASN F 556 -39.48 47.58 15.91
N PRO F 557 -38.72 48.63 16.17
CA PRO F 557 -37.67 49.03 15.22
C PRO F 557 -36.66 47.93 14.96
N GLN F 558 -36.27 47.18 15.99
CA GLN F 558 -35.31 46.11 15.79
C GLN F 558 -35.89 45.02 14.91
N GLN F 559 -37.16 44.67 15.12
CA GLN F 559 -37.74 43.52 14.44
C GLN F 559 -38.03 43.81 12.98
N ALA F 560 -38.52 45.01 12.66
CA ALA F 560 -38.92 45.36 11.31
C ALA F 560 -38.54 46.81 11.03
N PRO F 561 -37.25 47.07 10.81
CA PRO F 561 -36.81 48.46 10.65
C PRO F 561 -37.43 49.16 9.46
N LEU F 562 -37.44 48.50 8.29
CA LEU F 562 -37.90 49.18 7.08
C LEU F 562 -39.34 49.62 7.21
N LEU F 563 -40.22 48.74 7.68
CA LEU F 563 -41.63 49.08 7.75
C LEU F 563 -41.87 50.25 8.70
N ARG F 564 -41.21 50.24 9.86
CA ARG F 564 -41.38 51.34 10.80
C ARG F 564 -40.91 52.65 10.17
N ALA F 565 -39.73 52.63 9.56
CA ALA F 565 -39.24 53.84 8.91
C ALA F 565 -40.20 54.29 7.82
N PHE F 566 -40.71 53.34 7.03
CA PHE F 566 -41.62 53.69 5.95
C PHE F 566 -42.87 54.37 6.50
N ALA F 567 -43.47 53.79 7.55
CA ALA F 567 -44.67 54.36 8.12
C ALA F 567 -44.42 55.77 8.64
N GLU F 568 -43.32 55.94 9.39
CA GLU F 568 -42.99 57.26 9.90
C GLU F 568 -42.75 58.23 8.76
N HIS F 569 -42.14 57.75 7.67
CA HIS F 569 -41.92 58.61 6.52
C HIS F 569 -43.24 59.11 5.96
N ILE F 570 -44.24 58.24 5.86
CA ILE F 570 -45.53 58.65 5.31
C ILE F 570 -46.17 59.70 6.19
N ARG F 571 -46.26 59.43 7.49
CA ARG F 571 -46.90 60.37 8.39
C ARG F 571 -46.16 61.69 8.43
N ALA F 572 -44.85 61.66 8.26
CA ALA F 572 -44.07 62.89 8.32
C ALA F 572 -44.19 63.72 7.06
N ASN F 573 -44.30 63.09 5.90
CA ASN F 573 -44.11 63.79 4.64
C ASN F 573 -45.33 63.85 3.74
N TRP F 574 -46.41 63.14 4.05
CA TRP F 574 -47.58 63.22 3.21
C TRP F 574 -48.13 64.64 3.24
N PRO F 575 -48.42 65.25 2.10
CA PRO F 575 -48.67 66.70 2.07
C PRO F 575 -49.91 67.10 2.84
N GLN F 576 -49.89 68.33 3.31
CA GLN F 576 -51.00 68.95 4.01
C GLN F 576 -51.93 69.65 3.02
N PRO F 577 -53.22 69.34 3.04
CA PRO F 577 -54.14 70.04 2.14
C PRO F 577 -54.37 71.47 2.59
N SER F 578 -54.91 72.26 1.68
CA SER F 578 -55.20 73.66 1.96
C SER F 578 -56.38 74.08 1.11
N GLU F 579 -56.62 75.39 1.05
CA GLU F 579 -57.78 75.91 0.35
C GLU F 579 -57.45 77.29 -0.21
N PHE F 580 -58.32 77.78 -1.09
CA PHE F 580 -58.17 79.11 -1.65
C PHE F 580 -59.50 79.54 -2.23
N GLY F 581 -59.69 80.85 -2.31
CA GLY F 581 -60.92 81.39 -2.85
C GLY F 581 -60.94 81.34 -4.36
N TYR F 582 -62.14 81.55 -4.91
CA TYR F 582 -62.33 81.55 -6.34
C TYR F 582 -63.64 82.27 -6.65
N GLY F 583 -63.81 82.61 -7.92
CA GLY F 583 -65.04 83.24 -8.36
C GLY F 583 -65.17 84.65 -7.83
N SER F 584 -66.31 85.25 -8.15
CA SER F 584 -66.61 86.62 -7.75
C SER F 584 -67.62 86.62 -6.62
N THR F 585 -67.42 87.54 -5.67
CA THR F 585 -68.35 87.68 -4.57
C THR F 585 -69.71 88.20 -5.02
N LEU F 586 -69.82 88.69 -6.24
CA LEU F 586 -71.07 89.22 -6.76
C LEU F 586 -71.98 88.15 -7.35
N GLN F 587 -71.54 86.90 -7.39
CA GLN F 587 -72.28 85.84 -8.04
C GLN F 587 -72.73 84.81 -7.01
N GLY F 588 -73.42 83.77 -7.51
CA GLY F 588 -73.88 82.70 -6.67
C GLY F 588 -72.74 81.81 -6.22
N SER F 589 -73.07 80.90 -5.30
CA SER F 589 -72.06 80.04 -4.69
C SER F 589 -71.90 78.72 -5.42
N ALA F 590 -72.99 77.96 -5.54
CA ALA F 590 -73.00 76.61 -6.10
C ALA F 590 -72.14 75.65 -5.29
N ASN F 591 -71.79 75.99 -4.07
CA ASN F 591 -71.00 75.12 -3.20
C ASN F 591 -71.92 74.45 -2.20
N LEU F 592 -71.76 73.14 -2.04
CA LEU F 592 -72.63 72.39 -1.14
C LEU F 592 -72.03 72.28 0.25
N PHE F 593 -70.84 71.68 0.36
CA PHE F 593 -70.23 71.44 1.65
C PHE F 593 -69.14 72.44 1.98
N ILE F 594 -68.32 72.79 1.01
CA ILE F 594 -67.25 73.77 1.20
C ILE F 594 -67.89 75.14 1.29
N PRO F 595 -67.38 76.04 2.13
CA PRO F 595 -67.96 77.39 2.22
C PRO F 595 -67.99 78.07 0.87
N PRO F 596 -68.89 79.05 0.69
CA PRO F 596 -69.05 79.66 -0.63
C PRO F 596 -67.78 80.38 -1.08
N ASN F 597 -67.60 80.42 -2.40
CA ASN F 597 -66.46 81.08 -3.02
C ASN F 597 -65.15 80.56 -2.44
N ARG F 598 -65.07 79.25 -2.32
CA ARG F 598 -63.90 78.62 -1.71
C ARG F 598 -63.67 77.28 -2.40
N MET F 599 -62.43 76.81 -2.34
CA MET F 599 -62.08 75.55 -2.97
C MET F 599 -60.94 74.92 -2.19
N VAL F 600 -60.99 73.60 -2.05
CA VAL F 600 -59.98 72.88 -1.28
C VAL F 600 -58.97 72.28 -2.24
N TYR F 601 -57.80 71.93 -1.70
CA TYR F 601 -56.66 71.61 -2.53
C TYR F 601 -55.74 70.63 -1.81
N PRO F 602 -55.36 69.53 -2.46
CA PRO F 602 -54.57 68.51 -1.75
C PRO F 602 -53.23 69.01 -1.24
N TRP F 603 -52.62 69.97 -1.90
CA TRP F 603 -51.31 70.46 -1.54
C TRP F 603 -51.39 71.85 -0.94
N PRO F 604 -50.37 72.26 -0.19
CA PRO F 604 -50.30 73.66 0.22
C PRO F 604 -50.08 74.56 -0.98
N ASN F 605 -50.59 75.78 -0.89
CA ASN F 605 -50.50 76.72 -1.99
C ASN F 605 -50.05 78.07 -1.46
N GLN F 606 -49.30 78.79 -2.30
CA GLN F 606 -48.76 80.08 -1.96
C GLN F 606 -48.82 80.98 -3.18
N PRO F 607 -48.75 82.29 -2.99
CA PRO F 607 -48.71 83.20 -4.14
C PRO F 607 -47.53 82.90 -5.05
N LEU F 608 -47.54 83.54 -6.21
CA LEU F 608 -46.52 83.28 -7.22
C LEU F 608 -45.30 84.16 -6.96
N PRO F 609 -44.17 83.59 -6.59
CA PRO F 609 -42.99 84.41 -6.32
C PRO F 609 -42.14 84.60 -7.56
N ARG F 610 -41.02 85.32 -7.40
CA ARG F 610 -40.01 85.35 -8.46
C ARG F 610 -39.46 83.95 -8.67
N LEU F 611 -39.22 83.60 -9.93
CA LEU F 611 -38.83 82.24 -10.26
C LEU F 611 -37.34 81.99 -10.02
N THR F 612 -36.88 82.24 -8.80
CA THR F 612 -35.47 82.05 -8.49
C THR F 612 -35.23 80.63 -7.97
N VAL F 613 -34.02 80.38 -7.46
CA VAL F 613 -33.61 79.01 -7.18
C VAL F 613 -34.35 78.44 -5.97
N ALA F 614 -34.51 79.24 -4.91
CA ALA F 614 -35.08 78.69 -3.68
C ALA F 614 -36.47 78.12 -3.87
N PRO F 615 -37.44 78.83 -4.46
CA PRO F 615 -38.74 78.20 -4.67
C PRO F 615 -38.70 77.02 -5.61
N THR F 616 -37.64 76.89 -6.42
CA THR F 616 -37.56 75.77 -7.34
C THR F 616 -37.44 74.44 -6.61
N TYR F 617 -36.83 74.43 -5.43
CA TYR F 617 -36.52 73.18 -4.75
C TYR F 617 -37.13 73.05 -3.36
N ASP F 618 -37.82 74.06 -2.86
CA ASP F 618 -38.36 74.02 -1.51
C ASP F 618 -39.79 73.52 -1.45
N SER F 619 -40.40 73.22 -2.58
CA SER F 619 -41.82 72.90 -2.61
C SER F 619 -42.09 71.59 -1.89
N ALA F 620 -43.32 71.46 -1.37
CA ALA F 620 -43.68 70.27 -0.64
C ALA F 620 -43.58 69.03 -1.51
N MET F 621 -44.04 69.12 -2.75
CA MET F 621 -43.95 67.97 -3.65
C MET F 621 -42.50 67.55 -3.86
N SER F 622 -41.61 68.53 -4.05
CA SER F 622 -40.19 68.21 -4.17
C SER F 622 -39.69 67.51 -2.92
N ASN F 623 -40.13 67.98 -1.75
CA ASN F 623 -39.75 67.30 -0.52
C ASN F 623 -40.24 65.86 -0.53
N TRP F 624 -41.47 65.64 -0.98
CA TRP F 624 -42.01 64.29 -1.02
C TRP F 624 -41.16 63.40 -1.92
N ILE F 625 -40.77 63.92 -3.08
CA ILE F 625 -39.94 63.14 -3.99
C ILE F 625 -38.60 62.84 -3.37
N SER F 626 -37.94 63.86 -2.81
CA SER F 626 -36.59 63.69 -2.30
C SER F 626 -36.56 62.66 -1.19
N THR F 627 -37.45 62.78 -0.22
CA THR F 627 -37.48 61.83 0.89
C THR F 627 -37.78 60.43 0.41
N THR F 628 -38.75 60.30 -0.50
CA THR F 628 -39.15 58.98 -0.97
C THR F 628 -37.98 58.25 -1.63
N ILE F 629 -37.33 58.91 -2.58
CA ILE F 629 -36.21 58.27 -3.26
C ILE F 629 -35.09 57.99 -2.27
N ALA F 630 -34.86 58.91 -1.34
CA ALA F 630 -33.87 58.66 -0.30
C ALA F 630 -34.20 57.39 0.46
N PHE F 631 -35.48 57.17 0.73
CA PHE F 631 -35.88 55.97 1.47
C PHE F 631 -35.62 54.71 0.67
N PHE F 632 -36.05 54.68 -0.59
CA PHE F 632 -35.89 53.46 -1.37
C PHE F 632 -34.42 53.15 -1.59
N ILE F 633 -33.55 54.15 -1.55
CA ILE F 633 -32.13 53.90 -1.75
C ILE F 633 -31.59 53.00 -0.65
N ARG F 634 -31.89 53.34 0.61
CA ARG F 634 -31.46 52.46 1.69
C ARG F 634 -32.22 51.15 1.66
N VAL F 635 -33.36 51.10 0.98
CA VAL F 635 -34.07 49.83 0.83
C VAL F 635 -33.28 48.89 -0.06
N VAL F 636 -32.94 49.35 -1.27
CA VAL F 636 -32.26 48.48 -2.23
C VAL F 636 -30.88 48.10 -1.71
N ASN F 637 -30.29 48.91 -0.86
CA ASN F 637 -28.99 48.60 -0.28
C ASN F 637 -29.11 47.75 0.97
N SER F 638 -30.31 47.37 1.36
CA SER F 638 -30.47 46.53 2.54
C SER F 638 -29.85 45.17 2.29
N VAL F 639 -29.50 44.50 3.40
CA VAL F 639 -28.81 43.22 3.32
C VAL F 639 -29.68 42.17 2.65
N ASN F 640 -31.00 42.31 2.74
CA ASN F 640 -31.89 41.26 2.28
C ASN F 640 -31.88 41.10 0.77
N MET F 641 -31.50 42.13 0.02
CA MET F 641 -31.56 42.06 -1.43
C MET F 641 -30.45 41.19 -2.03
N THR F 642 -29.60 40.60 -1.20
CA THR F 642 -28.42 39.91 -1.71
C THR F 642 -28.77 38.73 -2.59
N ALA F 643 -29.95 38.14 -2.40
CA ALA F 643 -30.30 36.95 -3.16
C ALA F 643 -30.34 37.22 -4.65
N THR F 644 -30.62 38.45 -5.04
CA THR F 644 -30.69 38.82 -6.44
C THR F 644 -29.69 39.90 -6.82
N VAL F 645 -29.36 40.80 -5.92
CA VAL F 645 -28.63 42.02 -6.26
C VAL F 645 -27.18 41.81 -5.87
N ASN F 646 -26.32 41.59 -6.86
CA ASN F 646 -24.89 41.64 -6.63
C ASN F 646 -24.44 43.08 -6.48
N ASP F 647 -23.15 43.26 -6.22
CA ASP F 647 -22.63 44.60 -6.02
C ASP F 647 -22.84 45.46 -7.26
N LEU F 648 -22.52 44.92 -8.43
CA LEU F 648 -22.64 45.71 -9.66
C LEU F 648 -24.07 46.18 -9.87
N THR F 649 -25.02 45.27 -9.72
CA THR F 649 -26.42 45.67 -9.82
C THR F 649 -26.78 46.66 -8.74
N ARG F 650 -26.28 46.44 -7.52
CA ARG F 650 -26.62 47.33 -6.41
C ARG F 650 -26.22 48.76 -6.72
N ARG F 651 -25.00 48.96 -7.21
CA ARG F 651 -24.59 50.29 -7.61
C ARG F 651 -25.41 50.78 -8.78
N THR F 652 -25.70 49.89 -9.74
CA THR F 652 -26.46 50.30 -10.92
C THR F 652 -27.83 50.82 -10.53
N MET F 653 -28.55 50.06 -9.68
CA MET F 653 -29.84 50.52 -9.21
C MET F 653 -29.69 51.84 -8.47
N THR F 654 -28.68 51.95 -7.62
CA THR F 654 -28.46 53.17 -6.85
C THR F 654 -28.26 54.35 -7.78
N GLY F 655 -27.44 54.17 -8.81
CA GLY F 655 -27.20 55.27 -9.74
C GLY F 655 -28.47 55.73 -10.42
N VAL F 656 -29.35 54.80 -10.76
CA VAL F 656 -30.60 55.17 -11.40
C VAL F 656 -31.46 56.02 -10.48
N MET F 657 -31.61 55.57 -9.23
CA MET F 657 -32.48 56.29 -8.31
C MET F 657 -31.96 57.69 -8.05
N THR F 658 -30.66 57.81 -7.77
CA THR F 658 -30.12 59.14 -7.48
C THR F 658 -30.22 60.04 -8.69
N ALA F 659 -30.08 59.47 -9.90
CA ALA F 659 -30.26 60.26 -11.10
C ALA F 659 -31.68 60.78 -11.18
N MET F 660 -32.66 59.93 -10.89
CA MET F 660 -34.05 60.37 -10.87
C MET F 660 -34.25 61.48 -9.85
N ARG F 661 -33.54 61.41 -8.73
CA ARG F 661 -33.72 62.40 -7.69
C ARG F 661 -33.08 63.73 -8.07
N GLN F 662 -32.01 63.71 -8.84
CA GLN F 662 -31.24 64.93 -9.04
C GLN F 662 -31.79 65.80 -10.16
N VAL F 663 -32.45 65.22 -11.15
CA VAL F 663 -32.82 65.98 -12.33
C VAL F 663 -33.81 67.08 -11.98
N LYS F 664 -33.61 68.26 -12.56
CA LYS F 664 -34.50 69.38 -12.32
C LYS F 664 -35.86 69.13 -12.94
N THR F 665 -36.90 69.60 -12.26
CA THR F 665 -38.24 69.58 -12.80
C THR F 665 -39.01 70.76 -12.21
N MET F 666 -39.78 71.44 -13.05
CA MET F 666 -40.57 72.56 -12.57
C MET F 666 -41.97 72.14 -12.12
N THR F 667 -42.33 70.88 -12.32
CA THR F 667 -43.66 70.42 -11.93
C THR F 667 -44.01 70.73 -10.50
N PRO F 668 -43.17 70.44 -9.50
CA PRO F 668 -43.56 70.78 -8.12
C PRO F 668 -43.82 72.26 -7.93
N PHE F 669 -42.99 73.10 -8.55
CA PHE F 669 -43.23 74.53 -8.44
C PHE F 669 -44.56 74.92 -9.06
N TYR F 670 -44.87 74.34 -10.22
CA TYR F 670 -46.12 74.64 -10.88
C TYR F 670 -47.31 74.26 -10.01
N ILE F 671 -47.23 73.11 -9.35
CA ILE F 671 -48.31 72.67 -8.49
C ILE F 671 -48.52 73.64 -7.35
N GLN F 672 -47.43 74.07 -6.71
CA GLN F 672 -47.54 74.83 -5.48
C GLN F 672 -47.83 76.30 -5.70
N HIS F 673 -47.49 76.86 -6.85
CA HIS F 673 -47.59 78.30 -7.04
C HIS F 673 -48.35 78.74 -8.27
N MET F 674 -48.61 77.88 -9.23
CA MET F 674 -49.27 78.31 -10.45
C MET F 674 -50.56 77.57 -10.73
N CYS F 675 -50.58 76.26 -10.51
CA CYS F 675 -51.79 75.47 -10.76
C CYS F 675 -53.02 76.01 -10.03
N PRO F 676 -52.96 76.38 -8.74
CA PRO F 676 -54.17 76.88 -8.09
C PRO F 676 -54.77 78.09 -8.80
N THR F 677 -53.94 78.96 -9.35
CA THR F 677 -54.47 80.09 -10.10
C THR F 677 -55.27 79.61 -11.30
N GLU F 678 -54.74 78.65 -12.04
CA GLU F 678 -55.45 78.15 -13.21
C GLU F 678 -56.76 77.49 -12.83
N LEU F 679 -56.76 76.69 -11.77
CA LEU F 679 -57.99 76.07 -11.33
C LEU F 679 -59.02 77.12 -10.93
N SER F 680 -58.58 78.15 -10.21
CA SER F 680 -59.50 79.16 -9.71
C SER F 680 -60.23 79.84 -10.86
N VAL F 681 -59.50 80.26 -11.88
CA VAL F 681 -60.13 80.98 -12.97
C VAL F 681 -61.02 80.04 -13.79
N LEU F 682 -60.54 78.82 -14.05
CA LEU F 682 -61.33 77.91 -14.87
C LEU F 682 -62.66 77.57 -14.21
N ALA F 683 -62.65 77.38 -12.90
CA ALA F 683 -63.89 77.05 -12.20
C ALA F 683 -64.92 78.15 -12.37
N SER F 684 -64.49 79.39 -12.59
CA SER F 684 -65.42 80.49 -12.71
C SER F 684 -66.11 80.55 -14.06
N VAL F 685 -65.67 79.76 -15.03
CA VAL F 685 -66.23 79.83 -16.37
C VAL F 685 -66.79 78.50 -16.87
N THR F 686 -66.38 77.37 -16.30
CA THR F 686 -66.94 76.10 -16.74
C THR F 686 -68.42 76.05 -16.43
N VAL F 687 -69.19 75.41 -17.31
CA VAL F 687 -70.64 75.42 -17.16
C VAL F 687 -71.05 74.63 -15.92
N THR F 688 -70.26 73.64 -15.52
CA THR F 688 -70.58 72.88 -14.33
C THR F 688 -69.65 73.28 -13.20
N PRO F 689 -70.16 73.90 -12.14
CA PRO F 689 -69.29 74.37 -11.06
C PRO F 689 -68.64 73.20 -10.36
N PRO F 690 -67.53 73.43 -9.66
CA PRO F 690 -66.84 72.32 -8.99
C PRO F 690 -67.70 71.68 -7.92
N PHE F 691 -67.48 70.39 -7.72
CA PHE F 691 -68.19 69.60 -6.71
C PHE F 691 -67.13 68.94 -5.85
N GLN F 692 -67.05 69.32 -4.58
CA GLN F 692 -65.92 68.92 -3.75
C GLN F 692 -66.40 68.44 -2.38
N VAL F 693 -65.57 67.60 -1.78
CA VAL F 693 -65.69 67.22 -0.37
C VAL F 693 -64.31 67.36 0.25
N PRO F 694 -64.21 67.67 1.54
CA PRO F 694 -62.91 68.02 2.11
C PRO F 694 -61.93 66.86 2.09
N PHE F 695 -60.65 67.20 1.92
CA PHE F 695 -59.57 66.25 2.09
C PHE F 695 -59.27 66.07 3.57
N THR F 696 -58.65 64.94 3.91
CA THR F 696 -58.53 64.56 5.31
C THR F 696 -57.17 64.00 5.73
N ARG F 697 -56.22 63.83 4.82
CA ARG F 697 -54.97 63.16 5.13
C ARG F 697 -55.20 61.86 5.87
N LEU F 698 -54.80 61.80 7.15
CA LEU F 698 -54.77 60.55 7.89
C LEU F 698 -55.70 60.54 9.10
N VAL F 699 -56.60 61.50 9.22
CA VAL F 699 -57.53 61.53 10.34
C VAL F 699 -58.59 60.48 10.07
N GLN F 700 -58.45 59.31 10.70
CA GLN F 700 -59.31 58.17 10.35
C GLN F 700 -60.77 58.48 10.58
N ASN F 701 -61.10 59.10 11.72
CA ASN F 701 -62.49 59.34 12.04
C ASN F 701 -63.18 60.25 11.03
N ASP F 702 -62.43 61.07 10.33
CA ASP F 702 -63.01 62.01 9.39
C ASP F 702 -63.14 61.47 7.98
N VAL F 703 -62.65 60.25 7.72
CA VAL F 703 -62.73 59.70 6.39
C VAL F 703 -64.19 59.55 5.97
N ILE F 704 -64.49 59.99 4.76
CA ILE F 704 -65.84 59.89 4.22
C ILE F 704 -66.05 58.49 3.70
N THR F 705 -67.17 57.87 4.08
CA THR F 705 -67.52 56.55 3.61
C THR F 705 -68.60 56.55 2.55
N ASN F 706 -69.50 57.52 2.55
CA ASN F 706 -70.60 57.52 1.60
C ASN F 706 -71.01 58.95 1.29
N VAL F 707 -71.54 59.13 0.09
CA VAL F 707 -72.18 60.38 -0.32
C VAL F 707 -73.56 60.03 -0.83
N LEU F 708 -74.59 60.57 -0.19
CA LEU F 708 -75.96 60.17 -0.50
C LEU F 708 -76.83 61.40 -0.66
N VAL F 709 -77.80 61.30 -1.57
CA VAL F 709 -78.82 62.32 -1.76
C VAL F 709 -80.15 61.75 -1.30
N ALA F 710 -80.87 62.52 -0.49
CA ALA F 710 -82.13 62.07 0.08
C ALA F 710 -83.25 62.94 -0.44
N ARG F 711 -84.26 62.30 -1.02
CA ARG F 711 -85.44 63.03 -1.45
C ARG F 711 -86.30 63.43 -0.27
N VAL F 712 -86.30 62.64 0.79
CA VAL F 712 -86.94 62.98 2.05
C VAL F 712 -85.99 62.61 3.18
N ASP F 713 -85.86 63.50 4.15
CA ASP F 713 -84.99 63.21 5.28
C ASP F 713 -85.47 61.93 5.97
N PRO F 714 -84.55 61.10 6.46
CA PRO F 714 -84.95 59.74 6.89
C PRO F 714 -85.99 59.72 7.98
N ALA F 715 -86.03 60.75 8.82
CA ALA F 715 -87.01 60.76 9.90
C ALA F 715 -88.44 60.74 9.37
N GLN F 716 -88.66 61.33 8.20
CA GLN F 716 -89.99 61.36 7.60
C GLN F 716 -90.17 60.31 6.51
N ARG F 717 -89.09 59.65 6.09
CA ARG F 717 -89.19 58.69 5.01
C ARG F 717 -90.11 57.54 5.41
N GLY F 718 -91.02 57.17 4.51
CA GLY F 718 -91.95 56.11 4.81
C GLY F 718 -91.27 54.80 5.11
N ASP F 719 -90.25 54.46 4.34
CA ASP F 719 -89.44 53.28 4.57
C ASP F 719 -87.99 53.64 4.35
N ALA F 720 -87.09 52.76 4.78
CA ALA F 720 -85.67 53.06 4.70
C ALA F 720 -85.12 52.82 3.30
N ALA F 721 -85.77 53.38 2.29
CA ALA F 721 -85.17 53.40 0.96
C ALA F 721 -84.05 54.41 0.95
N VAL F 722 -82.92 54.04 0.34
CA VAL F 722 -81.73 54.87 0.34
C VAL F 722 -81.21 54.98 -1.09
N ASP F 723 -80.30 55.94 -1.27
CA ASP F 723 -79.69 56.15 -2.58
C ASP F 723 -78.97 54.89 -3.04
N ILE F 724 -79.10 54.62 -4.35
CA ILE F 724 -78.45 53.46 -4.95
C ILE F 724 -76.94 53.52 -4.79
N ARG F 725 -76.39 54.71 -4.54
CA ARG F 725 -74.96 54.89 -4.35
C ARG F 725 -74.41 53.90 -3.35
N ALA F 726 -75.18 53.64 -2.29
CA ALA F 726 -74.72 52.79 -1.21
C ALA F 726 -74.41 51.37 -1.68
N THR F 727 -74.90 50.97 -2.84
CA THR F 727 -74.57 49.65 -3.36
C THR F 727 -73.12 49.56 -3.79
N HIS F 728 -72.54 50.67 -4.24
CA HIS F 728 -71.21 50.62 -4.84
C HIS F 728 -70.13 50.57 -3.76
N ALA F 729 -68.95 50.10 -4.18
CA ALA F 729 -67.85 49.93 -3.24
C ALA F 729 -67.23 51.25 -2.81
N THR F 730 -67.33 52.29 -3.64
CA THR F 730 -66.72 53.58 -3.34
C THR F 730 -67.76 54.68 -3.49
N PHE F 731 -67.62 55.73 -2.68
CA PHE F 731 -68.61 56.79 -2.66
C PHE F 731 -68.64 57.60 -3.94
N ALA F 732 -67.67 57.44 -4.83
CA ALA F 732 -67.66 58.17 -6.08
C ALA F 732 -67.27 57.24 -7.21
N ALA F 733 -67.53 57.68 -8.43
CA ALA F 733 -67.14 56.90 -9.60
C ALA F 733 -65.63 56.75 -9.65
N ALA F 734 -65.16 55.54 -9.87
CA ALA F 734 -63.74 55.26 -9.91
C ALA F 734 -63.15 55.59 -11.28
N LEU F 735 -61.90 56.02 -11.27
CA LEU F 735 -61.19 56.35 -12.50
C LEU F 735 -59.74 55.91 -12.34
N PRO F 736 -59.41 54.72 -12.81
CA PRO F 736 -58.04 54.22 -12.64
C PRO F 736 -57.06 55.03 -13.46
N VAL F 737 -55.84 55.15 -12.94
CA VAL F 737 -54.75 55.82 -13.61
C VAL F 737 -53.49 54.99 -13.46
N ASP F 738 -52.53 55.23 -14.35
CA ASP F 738 -51.29 54.48 -14.34
C ASP F 738 -50.22 55.32 -13.66
N PRO F 739 -49.69 54.88 -12.51
CA PRO F 739 -48.63 55.65 -11.85
C PRO F 739 -47.41 55.84 -12.73
N ALA F 740 -47.09 54.85 -13.57
CA ALA F 740 -45.91 54.97 -14.42
C ALA F 740 -45.98 56.20 -15.30
N ALA F 741 -47.18 56.53 -15.79
CA ALA F 741 -47.32 57.74 -16.60
C ALA F 741 -47.25 58.99 -15.75
N ILE F 742 -47.87 58.96 -14.57
CA ILE F 742 -47.90 60.15 -13.73
C ILE F 742 -46.50 60.54 -13.30
N VAL F 743 -45.69 59.56 -12.92
CA VAL F 743 -44.36 59.85 -12.42
C VAL F 743 -43.55 60.61 -13.46
N VAL F 744 -43.67 60.22 -14.73
CA VAL F 744 -42.92 60.90 -15.79
C VAL F 744 -43.25 62.39 -15.78
N ALA F 745 -44.54 62.71 -15.79
CA ALA F 745 -44.95 64.11 -15.76
C ALA F 745 -44.41 64.79 -14.51
N MET F 746 -44.38 64.08 -13.39
CA MET F 746 -43.85 64.66 -12.16
C MET F 746 -42.37 65.02 -12.33
N LEU F 747 -41.64 64.27 -13.14
CA LEU F 747 -40.20 64.43 -13.20
C LEU F 747 -39.72 65.24 -14.38
N CYS F 748 -40.52 65.42 -15.42
CA CYS F 748 -40.12 66.23 -16.57
C CYS F 748 -41.05 67.43 -16.66
N GLY F 749 -40.60 68.56 -16.14
CA GLY F 749 -41.43 69.74 -16.03
C GLY F 749 -40.86 70.96 -16.73
N GLN F 750 -40.31 70.79 -17.93
CA GLN F 750 -39.67 71.89 -18.62
C GLN F 750 -40.60 73.09 -18.76
N THR F 751 -40.01 74.27 -18.83
CA THR F 751 -40.76 75.50 -19.01
C THR F 751 -40.15 76.28 -20.16
N GLU F 752 -40.88 77.28 -20.64
CA GLU F 752 -40.46 78.05 -21.78
C GLU F 752 -39.33 78.99 -21.39
N THR F 753 -38.71 79.60 -22.41
CA THR F 753 -37.55 80.45 -22.20
C THR F 753 -37.96 81.82 -21.65
N ASN F 754 -38.70 82.59 -22.43
CA ASN F 754 -39.11 83.94 -22.02
C ASN F 754 -40.53 83.85 -21.47
N LEU F 755 -40.62 83.36 -20.24
CA LEU F 755 -41.91 83.15 -19.59
C LEU F 755 -42.22 84.33 -18.69
N ILE F 756 -43.21 85.11 -19.07
CA ILE F 756 -43.74 86.20 -18.25
C ILE F 756 -45.14 85.78 -17.81
N PRO F 757 -45.33 85.41 -16.55
CA PRO F 757 -46.64 84.88 -16.14
C PRO F 757 -47.80 85.81 -16.44
N SER F 758 -47.62 87.11 -16.26
CA SER F 758 -48.70 88.05 -16.52
C SER F 758 -49.11 88.01 -17.97
N HIS F 759 -48.13 88.11 -18.88
CA HIS F 759 -48.44 88.09 -20.30
C HIS F 759 -49.13 86.79 -20.69
N HIS F 760 -48.52 85.67 -20.32
CA HIS F 760 -49.03 84.37 -20.77
C HIS F 760 -50.44 84.13 -20.26
N TYR F 761 -50.67 84.38 -18.97
CA TYR F 761 -51.99 84.12 -18.40
C TYR F 761 -53.04 85.01 -19.05
N GLY F 762 -52.76 86.31 -19.16
CA GLY F 762 -53.72 87.20 -19.76
C GLY F 762 -54.04 86.81 -21.18
N LYS F 763 -53.01 86.46 -21.95
CA LYS F 763 -53.23 86.03 -23.32
C LYS F 763 -54.09 84.78 -23.36
N ALA F 764 -53.82 83.81 -22.48
CA ALA F 764 -54.54 82.55 -22.51
C ALA F 764 -55.95 82.67 -21.95
N PHE F 765 -56.15 83.54 -20.96
CA PHE F 765 -57.46 83.63 -20.32
C PHE F 765 -58.44 84.50 -21.07
N ALA F 766 -57.96 85.44 -21.87
CA ALA F 766 -58.85 86.35 -22.58
C ALA F 766 -59.92 85.64 -23.40
N PRO F 767 -59.61 84.62 -24.21
CA PRO F 767 -60.68 83.97 -24.97
C PRO F 767 -61.73 83.33 -24.08
N LEU F 768 -61.34 82.89 -22.89
CA LEU F 768 -62.27 82.15 -22.04
C LEU F 768 -63.48 82.98 -21.65
N PHE F 769 -63.32 84.29 -21.60
CA PHE F 769 -64.42 85.16 -21.20
C PHE F 769 -65.27 85.61 -22.39
N ALA F 770 -64.94 85.17 -23.59
CA ALA F 770 -65.79 85.46 -24.74
C ALA F 770 -67.05 84.61 -24.76
N SER F 771 -67.16 83.62 -23.89
CA SER F 771 -68.31 82.74 -23.88
C SER F 771 -69.48 83.37 -23.13
N ASN F 772 -70.67 82.83 -23.39
CA ASN F 772 -71.87 83.19 -22.66
C ASN F 772 -72.43 82.03 -21.86
N ALA F 773 -71.74 80.89 -21.83
CA ALA F 773 -72.26 79.72 -21.13
C ALA F 773 -72.49 80.02 -19.66
N MET F 774 -71.67 80.90 -19.08
CA MET F 774 -71.82 81.24 -17.68
C MET F 774 -73.21 81.76 -17.39
N PHE F 775 -73.76 82.56 -18.29
CA PHE F 775 -75.09 83.12 -18.04
C PHE F 775 -76.18 82.12 -18.33
N THR F 776 -76.08 81.40 -19.45
CA THR F 776 -77.07 80.39 -19.77
C THR F 776 -77.21 79.38 -18.64
N ARG F 777 -76.10 79.06 -18.00
CA ARG F 777 -76.14 78.18 -16.83
C ARG F 777 -77.08 78.75 -15.78
N ASN F 778 -76.96 80.03 -15.48
CA ASN F 778 -77.82 80.65 -14.48
C ASN F 778 -79.28 80.56 -14.90
N GLN F 779 -79.55 80.86 -16.17
CA GLN F 779 -80.94 80.83 -16.64
C GLN F 779 -81.53 79.44 -16.50
N ARG F 780 -80.78 78.42 -16.92
CA ARG F 780 -81.30 77.06 -16.84
C ARG F 780 -81.55 76.66 -15.40
N ALA F 781 -80.67 77.09 -14.49
CA ALA F 781 -80.87 76.79 -13.08
C ALA F 781 -82.16 77.40 -12.57
N VAL F 782 -82.44 78.64 -12.97
CA VAL F 782 -83.66 79.30 -12.53
C VAL F 782 -84.88 78.51 -12.99
N ILE F 783 -84.88 78.10 -14.26
CA ILE F 783 -85.99 77.33 -14.78
C ILE F 783 -86.12 76.02 -14.01
N THR F 784 -84.98 75.39 -13.69
CA THR F 784 -85.02 74.17 -12.91
C THR F 784 -85.75 74.38 -11.60
N ARG F 785 -85.49 75.51 -10.93
CA ARG F 785 -86.15 75.78 -9.65
C ARG F 785 -87.65 75.84 -9.81
N GLU F 786 -88.13 76.65 -10.75
CA GLU F 786 -89.57 76.80 -10.92
C GLU F 786 -90.21 75.48 -11.29
N ALA F 787 -89.56 74.71 -12.17
CA ALA F 787 -90.08 73.40 -12.53
C ALA F 787 -90.15 72.50 -11.30
N PHE F 788 -89.10 72.50 -10.49
CA PHE F 788 -89.09 71.64 -9.32
C PHE F 788 -90.21 71.99 -8.36
N VAL F 789 -90.37 73.27 -8.06
CA VAL F 789 -91.36 73.69 -7.06
C VAL F 789 -92.76 73.30 -7.52
N CYS F 790 -93.08 73.61 -8.78
CA CYS F 790 -94.40 73.29 -9.29
C CYS F 790 -94.62 71.78 -9.31
N ALA F 791 -93.61 71.03 -9.74
CA ALA F 791 -93.75 69.58 -9.77
C ALA F 791 -93.98 69.02 -8.37
N ARG F 792 -93.22 69.52 -7.39
CA ARG F 792 -93.40 69.05 -6.03
C ARG F 792 -94.80 69.36 -5.54
N SER F 793 -95.29 70.56 -5.81
CA SER F 793 -96.63 70.93 -5.37
C SER F 793 -97.68 70.01 -5.99
N ALA F 794 -97.54 69.71 -7.28
CA ALA F 794 -98.55 68.91 -7.95
C ALA F 794 -98.68 67.54 -7.33
N VAL F 795 -97.55 66.85 -7.13
CA VAL F 795 -97.59 65.52 -6.54
C VAL F 795 -98.16 65.58 -5.13
N ALA F 796 -97.74 66.58 -4.35
CA ALA F 796 -98.23 66.69 -2.98
C ALA F 796 -99.74 66.82 -2.93
N GLN F 797 -100.33 67.49 -3.91
CA GLN F 797 -101.77 67.72 -3.89
C GLN F 797 -102.57 66.51 -4.35
N CYS F 798 -101.91 65.46 -4.84
CA CYS F 798 -102.62 64.27 -5.26
C CYS F 798 -102.52 63.12 -4.25
N GLN F 799 -101.48 63.09 -3.44
CA GLN F 799 -101.41 62.17 -2.31
C GLN F 799 -101.88 62.93 -1.08
N ASP F 800 -103.02 62.53 -0.53
CA ASP F 800 -103.57 63.31 0.57
C ASP F 800 -102.95 62.96 1.91
N ALA F 801 -101.63 62.83 1.94
CA ALA F 801 -100.90 62.82 3.21
C ALA F 801 -99.51 63.43 3.08
N GLY F 802 -99.20 64.08 1.96
CA GLY F 802 -97.83 64.35 1.57
C GLY F 802 -97.26 65.65 2.09
N PHE F 803 -96.28 66.16 1.36
CA PHE F 803 -95.59 67.38 1.73
C PHE F 803 -96.58 68.54 1.82
N LEU F 804 -96.36 69.42 2.79
CA LEU F 804 -97.37 70.41 3.16
C LEU F 804 -97.44 71.52 2.11
N VAL F 805 -98.58 71.62 1.45
CA VAL F 805 -98.86 72.65 0.44
C VAL F 805 -100.31 73.08 0.62
N PRO F 806 -100.65 74.34 0.34
CA PRO F 806 -102.07 74.71 0.28
C PRO F 806 -102.82 73.84 -0.71
N ARG F 807 -104.04 73.48 -0.35
CA ARG F 807 -104.81 72.45 -1.07
C ARG F 807 -106.17 73.00 -1.46
N PRO F 808 -106.23 73.83 -2.51
CA PRO F 808 -107.51 74.37 -2.94
C PRO F 808 -108.38 73.36 -3.67
N LEU F 809 -107.81 72.28 -4.21
CA LEU F 809 -108.55 71.35 -5.04
C LEU F 809 -108.92 70.07 -4.29
N ASP F 810 -108.84 70.06 -2.97
CA ASP F 810 -109.16 68.86 -2.22
C ASP F 810 -110.62 68.45 -2.37
N ALA F 811 -111.49 69.37 -2.78
CA ALA F 811 -112.88 69.02 -3.01
C ALA F 811 -113.03 68.02 -4.15
N LEU F 812 -112.03 67.91 -5.01
CA LEU F 812 -112.12 67.00 -6.15
C LEU F 812 -111.72 65.59 -5.75
N ARG F 813 -112.40 64.62 -6.36
CA ARG F 813 -112.12 63.21 -6.08
C ARG F 813 -110.78 62.81 -6.68
N GLN F 814 -110.03 62.01 -5.93
CA GLN F 814 -108.74 61.52 -6.40
C GLN F 814 -108.26 60.36 -5.54
N PHE F 815 -107.95 59.23 -6.16
CA PHE F 815 -107.36 58.13 -5.41
C PHE F 815 -105.92 58.49 -5.08
N ASP F 816 -105.49 58.11 -3.88
CA ASP F 816 -104.14 58.46 -3.44
C ASP F 816 -103.11 57.81 -4.34
N VAL F 817 -102.14 58.60 -4.77
CA VAL F 817 -101.19 58.16 -5.78
C VAL F 817 -100.10 57.32 -5.12
N THR F 818 -99.79 56.18 -5.72
CA THR F 818 -98.68 55.36 -5.28
C THR F 818 -97.39 55.93 -5.86
N SER F 819 -96.28 55.22 -5.66
CA SER F 819 -95.02 55.65 -6.24
C SER F 819 -95.09 55.68 -7.75
N ALA F 820 -95.65 54.64 -8.35
CA ALA F 820 -95.74 54.57 -9.81
C ALA F 820 -96.63 55.67 -10.35
N ALA F 821 -97.76 55.91 -9.70
CA ALA F 821 -98.70 56.92 -10.18
C ALA F 821 -98.06 58.30 -10.21
N ALA F 822 -97.35 58.66 -9.15
CA ALA F 822 -96.75 59.98 -9.09
C ALA F 822 -95.74 60.17 -10.20
N ALA F 823 -95.09 59.10 -10.65
CA ALA F 823 -94.11 59.23 -11.71
C ALA F 823 -94.73 59.79 -12.97
N GLU F 824 -95.93 59.34 -13.30
CA GLU F 824 -96.61 59.87 -14.49
C GLU F 824 -96.89 61.36 -14.33
N ILE F 825 -97.30 61.78 -13.13
CA ILE F 825 -97.50 63.20 -12.88
C ILE F 825 -96.20 63.95 -13.07
N MET F 826 -95.11 63.40 -12.51
CA MET F 826 -93.81 64.05 -12.63
C MET F 826 -93.42 64.20 -14.08
N HIS F 827 -93.63 63.15 -14.86
CA HIS F 827 -93.27 63.19 -16.28
C HIS F 827 -94.04 64.29 -17.00
N ALA F 828 -95.35 64.35 -16.79
CA ALA F 828 -96.17 65.30 -17.53
C ALA F 828 -95.74 66.72 -17.24
N VAL F 829 -95.52 67.04 -15.96
CA VAL F 829 -95.03 68.37 -15.61
C VAL F 829 -93.69 68.62 -16.27
N ASN F 830 -92.81 67.62 -16.22
CA ASN F 830 -91.50 67.77 -16.85
C ASN F 830 -91.67 68.11 -18.33
N ASP F 831 -92.47 67.32 -19.03
CA ASP F 831 -92.64 67.55 -20.46
C ASP F 831 -93.25 68.91 -20.74
N ALA F 832 -94.23 69.30 -19.94
CA ALA F 832 -94.89 70.59 -20.16
C ALA F 832 -93.89 71.72 -20.07
N PHE F 833 -93.01 71.68 -19.08
CA PHE F 833 -92.01 72.73 -18.93
C PHE F 833 -91.05 72.74 -20.10
N LYS F 834 -90.50 71.58 -20.45
CA LYS F 834 -89.53 71.53 -21.54
C LYS F 834 -90.15 71.99 -22.83
N THR F 835 -91.43 71.67 -23.05
CA THR F 835 -92.12 72.19 -24.23
C THR F 835 -92.27 73.70 -24.14
N ALA F 836 -92.69 74.20 -22.98
CA ALA F 836 -92.97 75.62 -22.85
C ALA F 836 -91.71 76.46 -23.05
N PHE F 837 -90.59 76.04 -22.48
CA PHE F 837 -89.36 76.80 -22.55
C PHE F 837 -88.40 76.28 -23.59
N ASP F 838 -88.78 75.25 -24.36
CA ASP F 838 -87.97 74.75 -25.46
C ASP F 838 -86.57 74.37 -24.97
N LEU F 839 -86.54 73.35 -24.13
CA LEU F 839 -85.31 72.89 -23.51
C LEU F 839 -84.96 71.50 -23.99
N ASP F 840 -83.71 71.31 -24.36
CA ASP F 840 -83.17 70.00 -24.65
C ASP F 840 -82.34 69.50 -23.47
N GLY F 841 -82.18 68.19 -23.40
CA GLY F 841 -81.47 67.57 -22.30
C GLY F 841 -82.36 67.38 -21.08
N ALA F 842 -81.84 66.62 -20.13
CA ALA F 842 -82.60 66.31 -18.93
C ALA F 842 -82.84 67.57 -18.10
N LEU F 843 -84.05 67.68 -17.55
CA LEU F 843 -84.39 68.80 -16.70
C LEU F 843 -84.83 68.33 -15.32
N LEU F 844 -85.72 67.34 -15.30
CA LEU F 844 -86.25 66.84 -14.03
C LEU F 844 -86.42 65.32 -14.07
N ASP F 845 -85.86 64.64 -15.06
CA ASP F 845 -86.23 63.26 -15.34
C ASP F 845 -85.86 62.32 -14.20
N GLY F 846 -84.70 62.54 -13.58
CA GLY F 846 -84.25 61.62 -12.55
C GLY F 846 -85.26 61.42 -11.43
N LEU F 847 -86.05 62.45 -11.14
CA LEU F 847 -87.06 62.33 -10.11
C LEU F 847 -88.14 61.33 -10.51
N ALA F 848 -88.44 61.23 -11.79
CA ALA F 848 -89.46 60.30 -12.25
C ALA F 848 -88.89 58.92 -12.54
N LEU F 849 -87.72 58.87 -13.17
CA LEU F 849 -87.19 57.59 -13.63
C LEU F 849 -86.70 56.72 -12.49
N TYR F 850 -86.11 57.31 -11.45
CA TYR F 850 -85.54 56.53 -10.36
C TYR F 850 -86.11 57.04 -9.05
N GLY F 851 -86.14 56.16 -8.06
CA GLY F 851 -86.56 56.53 -6.73
C GLY F 851 -88.03 56.88 -6.65
N ASP F 852 -88.43 57.31 -5.47
CA ASP F 852 -89.81 57.69 -5.24
C ASP F 852 -90.03 59.13 -5.67
N PRO F 853 -90.98 59.40 -6.56
CA PRO F 853 -91.25 60.81 -6.92
C PRO F 853 -91.86 61.61 -5.81
N ARG F 854 -92.40 60.99 -4.77
CA ARG F 854 -93.05 61.76 -3.72
C ARG F 854 -92.02 62.51 -2.90
N ILE F 855 -91.46 63.56 -3.46
CA ILE F 855 -90.39 64.31 -2.80
C ILE F 855 -90.99 65.31 -1.81
N ALA F 856 -90.18 65.67 -0.82
CA ALA F 856 -90.56 66.71 0.13
C ALA F 856 -89.58 67.88 0.11
N ASP F 857 -88.29 67.62 0.29
CA ASP F 857 -87.30 68.69 0.30
C ASP F 857 -85.94 68.03 0.11
N LEU F 858 -85.28 68.33 -1.00
CA LEU F 858 -84.06 67.63 -1.35
C LEU F 858 -82.95 67.93 -0.36
N SER F 859 -82.05 66.95 -0.20
CA SER F 859 -80.95 67.08 0.73
C SER F 859 -79.86 66.10 0.32
N ALA F 860 -78.62 66.53 0.53
CA ALA F 860 -77.46 65.69 0.27
C ALA F 860 -76.59 65.65 1.51
N ALA F 861 -75.90 64.53 1.70
CA ALA F 861 -75.12 64.35 2.91
C ALA F 861 -73.99 63.37 2.65
N TYR F 862 -72.97 63.43 3.51
CA TYR F 862 -71.90 62.46 3.49
C TYR F 862 -71.67 61.95 4.90
N LEU F 863 -71.22 60.69 4.99
CA LEU F 863 -71.05 60.01 6.27
C LEU F 863 -69.59 59.82 6.57
N GLN F 864 -69.16 60.25 7.74
CA GLN F 864 -67.79 60.08 8.18
C GLN F 864 -67.67 58.83 9.02
N TYR F 865 -66.48 58.22 8.97
CA TYR F 865 -66.25 56.98 9.70
C TYR F 865 -66.44 57.16 11.19
N GLY F 866 -66.21 58.37 11.70
CA GLY F 866 -66.43 58.64 13.10
C GLY F 866 -67.87 58.67 13.52
N GLY F 867 -68.78 58.33 12.63
CA GLY F 867 -70.19 58.36 12.93
C GLY F 867 -70.85 59.70 12.76
N ASN F 868 -70.10 60.74 12.47
CA ASN F 868 -70.68 62.05 12.26
C ASN F 868 -71.31 62.14 10.88
N VAL F 869 -72.45 62.82 10.81
CA VAL F 869 -73.21 62.99 9.57
C VAL F 869 -73.26 64.46 9.25
N VAL F 870 -72.87 64.81 8.03
CA VAL F 870 -72.93 66.19 7.54
C VAL F 870 -74.00 66.24 6.48
N ARG F 871 -75.08 66.95 6.76
CA ARG F 871 -76.22 67.04 5.85
C ARG F 871 -76.44 68.48 5.45
N GLU F 872 -76.67 68.72 4.16
CA GLU F 872 -76.88 70.05 3.61
C GLU F 872 -78.24 70.07 2.91
N HIS F 873 -79.18 70.81 3.47
CA HIS F 873 -80.47 70.98 2.82
C HIS F 873 -80.39 72.02 1.71
N VAL F 874 -81.29 71.90 0.75
CA VAL F 874 -81.38 72.87 -0.33
C VAL F 874 -82.82 73.31 -0.52
N PRO F 875 -83.42 74.00 0.44
CA PRO F 875 -84.76 74.52 0.22
C PRO F 875 -84.77 75.52 -0.92
N PRO F 876 -85.75 75.45 -1.80
CA PRO F 876 -85.76 76.35 -2.96
C PRO F 876 -86.02 77.79 -2.54
N GLY F 877 -85.53 78.71 -3.36
CA GLY F 877 -85.81 80.10 -3.16
C GLY F 877 -87.24 80.44 -3.53
N PRO F 878 -87.59 81.71 -3.40
CA PRO F 878 -88.97 82.12 -3.69
C PRO F 878 -89.35 81.86 -5.13
N SER F 879 -90.28 80.94 -5.36
CA SER F 879 -90.82 80.74 -6.68
C SER F 879 -91.87 81.80 -6.99
N HIS F 880 -92.10 82.00 -8.27
CA HIS F 880 -93.16 82.90 -8.72
C HIS F 880 -94.29 82.17 -9.41
N ILE F 881 -93.98 81.18 -10.25
CA ILE F 881 -95.02 80.45 -10.96
C ILE F 881 -95.91 79.73 -9.96
N HIS F 882 -95.33 79.18 -8.90
CA HIS F 882 -96.11 78.44 -7.93
C HIS F 882 -97.20 79.32 -7.32
N ARG F 883 -96.88 80.58 -7.02
CA ARG F 883 -97.87 81.46 -6.42
C ARG F 883 -99.07 81.64 -7.34
N THR F 884 -98.82 82.06 -8.58
CA THR F 884 -99.93 82.32 -9.49
C THR F 884 -100.68 81.04 -9.82
N LEU F 885 -99.99 79.91 -9.85
CA LEU F 885 -100.66 78.64 -10.08
C LEU F 885 -101.66 78.35 -8.97
N GLN F 886 -101.23 78.50 -7.71
CA GLN F 886 -102.14 78.32 -6.59
C GLN F 886 -103.32 79.27 -6.69
N GLN F 887 -103.07 80.49 -7.14
CA GLN F 887 -104.16 81.43 -7.35
C GLN F 887 -105.13 80.90 -8.40
N VAL F 888 -104.60 80.36 -9.49
CA VAL F 888 -105.45 79.84 -10.55
C VAL F 888 -106.32 78.71 -10.03
N GLU F 889 -105.72 77.81 -9.24
CA GLU F 889 -106.49 76.73 -8.65
C GLU F 889 -107.62 77.28 -7.79
N SER F 890 -107.32 78.27 -6.95
CA SER F 890 -108.32 78.79 -6.04
C SER F 890 -109.50 79.37 -6.79
N THR F 891 -109.23 80.16 -7.83
CA THR F 891 -110.33 80.78 -8.57
C THR F 891 -111.08 79.76 -9.41
N PHE F 892 -110.43 78.65 -9.77
CA PHE F 892 -111.13 77.63 -10.56
C PHE F 892 -112.31 77.08 -9.79
N MET F 893 -112.16 76.89 -8.48
CA MET F 893 -113.24 76.34 -7.68
C MET F 893 -114.48 77.22 -7.71
N ALA F 894 -114.33 78.50 -8.03
CA ALA F 894 -115.48 79.40 -8.10
C ALA F 894 -116.02 79.57 -9.50
N GLU F 895 -115.24 79.22 -10.53
CA GLU F 895 -115.67 79.40 -11.91
C GLU F 895 -115.50 78.11 -12.71
N MET F 896 -115.74 76.97 -12.07
CA MET F 896 -115.52 75.69 -12.74
C MET F 896 -116.43 75.52 -13.95
N ASN F 897 -117.60 76.14 -13.94
CA ASN F 897 -118.54 75.96 -15.04
C ASN F 897 -117.96 76.46 -16.35
N LEU F 898 -117.12 77.49 -16.30
CA LEU F 898 -116.52 78.02 -17.52
C LEU F 898 -115.68 76.98 -18.23
N PHE F 899 -115.24 75.95 -17.52
CA PHE F 899 -114.47 74.86 -18.12
C PHE F 899 -115.32 73.61 -18.32
N ASN F 900 -116.63 73.79 -18.49
CA ASN F 900 -117.55 72.68 -18.76
C ASN F 900 -117.51 71.65 -17.63
N VAL F 901 -117.42 72.12 -16.40
CA VAL F 901 -117.44 71.26 -15.23
C VAL F 901 -118.49 71.77 -14.26
N ALA F 902 -119.39 70.90 -13.84
CA ALA F 902 -120.43 71.24 -12.88
C ALA F 902 -120.09 70.62 -11.53
N ARG F 903 -120.96 70.91 -10.55
CA ARG F 903 -120.77 70.40 -9.20
C ARG F 903 -122.10 69.91 -8.67
N GLY F 904 -122.04 69.02 -7.69
CA GLY F 904 -123.21 68.53 -7.01
C GLY F 904 -123.78 67.28 -7.65
N ASN F 905 -124.78 66.72 -6.97
CA ASN F 905 -125.37 65.46 -7.39
C ASN F 905 -126.30 65.70 -8.57
N LEU F 906 -127.00 64.65 -8.99
CA LEU F 906 -127.84 64.69 -10.17
C LEU F 906 -129.12 63.91 -9.91
N TYR F 907 -130.26 64.56 -10.14
CA TYR F 907 -131.55 63.88 -10.02
C TYR F 907 -131.99 63.35 -11.37
N LEU F 908 -132.92 62.39 -11.32
CA LEU F 908 -133.42 61.74 -12.52
C LEU F 908 -134.92 61.55 -12.45
N VAL F 909 -135.63 62.58 -12.04
CA VAL F 909 -137.08 62.52 -11.97
C VAL F 909 -137.66 62.64 -13.38
N GLN F 910 -138.68 61.85 -13.66
CA GLN F 910 -139.36 61.89 -14.95
C GLN F 910 -140.35 63.06 -14.93
N THR F 911 -139.96 64.16 -15.55
CA THR F 911 -140.77 65.37 -15.59
C THR F 911 -141.38 65.53 -16.97
N ALA F 912 -142.70 65.73 -17.01
CA ALA F 912 -143.42 65.85 -18.28
C ALA F 912 -144.11 67.20 -18.38
N THR F 913 -143.40 68.26 -18.04
CA THR F 913 -144.00 69.59 -18.01
C THR F 913 -144.21 70.11 -19.43
N ASN F 914 -144.67 71.35 -19.50
CA ASN F 914 -144.89 72.02 -20.78
C ASN F 914 -144.44 73.46 -20.77
N GLY F 915 -143.96 73.99 -19.64
CA GLY F 915 -143.53 75.37 -19.53
C GLY F 915 -142.02 75.51 -19.64
N ASN F 916 -141.49 76.51 -18.95
CA ASN F 916 -140.05 76.74 -18.97
C ASN F 916 -139.31 75.59 -18.29
N TRP F 917 -138.02 75.51 -18.59
CA TRP F 917 -137.20 74.40 -18.09
C TRP F 917 -135.75 74.83 -18.13
N SER F 918 -135.15 75.01 -16.96
CA SER F 918 -133.77 75.47 -16.83
C SER F 918 -133.04 74.51 -15.89
N PRO F 919 -132.69 73.32 -16.37
CA PRO F 919 -132.11 72.31 -15.48
C PRO F 919 -130.82 72.73 -14.83
N MET F 920 -130.06 73.62 -15.44
CA MET F 920 -128.80 74.05 -14.85
C MET F 920 -128.99 74.99 -13.67
N ALA F 921 -130.21 75.45 -13.44
CA ALA F 921 -130.48 76.31 -12.30
C ALA F 921 -131.93 76.16 -11.87
N PRO F 922 -132.32 74.99 -11.38
CA PRO F 922 -133.71 74.78 -11.00
C PRO F 922 -134.11 75.67 -9.84
N VAL F 923 -135.39 76.04 -9.82
CA VAL F 923 -135.94 76.82 -8.72
C VAL F 923 -136.88 76.01 -7.86
N ALA F 924 -137.45 74.92 -8.38
CA ALA F 924 -138.32 74.08 -7.57
C ALA F 924 -137.51 73.35 -6.51
N ALA F 925 -138.18 72.99 -5.42
CA ALA F 925 -137.51 72.30 -4.35
C ALA F 925 -137.01 70.94 -4.82
N PRO F 926 -135.85 70.48 -4.35
CA PRO F 926 -135.39 69.15 -4.74
C PRO F 926 -136.37 68.09 -4.30
N PRO F 927 -136.53 67.03 -5.08
CA PRO F 927 -137.54 66.02 -4.72
C PRO F 927 -137.27 65.35 -3.39
N PHE F 928 -136.01 65.11 -3.04
CA PHE F 928 -135.69 64.45 -1.79
C PHE F 928 -134.20 64.60 -1.54
N VAL F 929 -133.79 64.29 -0.31
CA VAL F 929 -132.40 64.35 0.12
C VAL F 929 -132.04 62.99 0.68
N ARG F 930 -130.72 62.79 0.88
CA ARG F 930 -130.23 61.49 1.31
C ARG F 930 -130.87 61.04 2.61
N GLY F 931 -131.04 61.96 3.56
CA GLY F 931 -131.64 61.64 4.82
C GLY F 931 -133.15 61.70 4.87
N GLY F 932 -133.80 61.94 3.74
CA GLY F 932 -135.23 62.14 3.70
C GLY F 932 -136.00 60.87 4.03
N PRO F 933 -137.28 61.03 4.37
CA PRO F 933 -138.11 59.87 4.68
C PRO F 933 -138.26 58.95 3.48
N ASN F 934 -138.31 57.65 3.76
CA ASN F 934 -138.57 56.63 2.74
C ASN F 934 -137.54 56.66 1.61
N VAL F 935 -136.34 57.12 1.91
CA VAL F 935 -135.28 57.20 0.92
C VAL F 935 -134.31 56.05 1.18
N ARG F 936 -134.15 55.18 0.19
CA ARG F 936 -133.27 54.03 0.33
C ARG F 936 -131.97 54.26 -0.41
N VAL F 937 -130.91 53.64 0.07
CA VAL F 937 -129.59 53.72 -0.53
C VAL F 937 -129.19 52.33 -0.97
N VAL F 938 -128.78 52.19 -2.22
CA VAL F 938 -128.44 50.88 -2.75
C VAL F 938 -127.12 50.40 -2.14
N GLY F 939 -126.94 49.08 -2.14
CA GLY F 939 -125.74 48.48 -1.57
C GLY F 939 -124.53 48.62 -2.47
N ARG F 940 -123.42 48.06 -1.98
CA ARG F 940 -122.15 48.19 -2.70
C ARG F 940 -122.24 47.61 -4.09
N PHE F 941 -122.92 46.48 -4.24
CA PHE F 941 -123.20 45.91 -5.54
C PHE F 941 -124.65 46.19 -5.92
N GLY F 942 -124.87 46.54 -7.19
CA GLY F 942 -126.21 46.84 -7.63
C GLY F 942 -127.02 45.60 -7.95
N THR F 943 -126.94 44.58 -7.09
CA THR F 943 -127.65 43.34 -7.33
C THR F 943 -129.16 43.55 -7.22
N ILE F 944 -129.89 42.97 -8.16
CA ILE F 944 -131.32 42.83 -8.04
C ILE F 944 -131.64 41.40 -7.65
N VAL F 945 -132.85 41.16 -7.17
CA VAL F 945 -133.25 39.83 -6.75
C VAL F 945 -134.52 39.42 -7.47
N PRO F 946 -134.42 38.70 -8.58
CA PRO F 946 -135.63 38.14 -9.19
C PRO F 946 -136.26 37.13 -8.25
N ARG F 947 -137.58 37.05 -8.31
CA ARG F 947 -138.31 36.13 -7.46
C ARG F 947 -139.30 35.32 -8.28
N PRO F 948 -139.54 34.09 -7.90
CA PRO F 948 -140.47 33.25 -8.66
C PRO F 948 -141.91 33.57 -8.30
N ASP F 949 -142.82 32.86 -8.98
CA ASP F 949 -144.24 32.88 -8.66
C ASP F 949 -144.86 34.26 -8.84
N GLY F 950 -144.38 35.03 -9.81
CA GLY F 950 -145.04 36.26 -10.17
C GLY F 950 -144.78 37.45 -9.26
N LEU F 951 -143.96 37.30 -8.23
CA LEU F 951 -143.58 38.44 -7.42
C LEU F 951 -142.60 39.30 -8.21
N GLU F 952 -142.87 40.60 -8.26
CA GLU F 952 -142.03 41.46 -9.07
C GLU F 952 -140.70 41.71 -8.35
N PRO F 953 -139.63 41.97 -9.11
CA PRO F 953 -138.28 41.90 -8.53
C PRO F 953 -138.00 42.93 -7.46
N GLN F 954 -136.82 42.84 -6.84
CA GLN F 954 -136.43 43.70 -5.74
C GLN F 954 -134.96 44.06 -5.86
N LEU F 955 -134.57 45.07 -5.08
CA LEU F 955 -133.22 45.62 -5.12
C LEU F 955 -132.62 45.58 -3.72
N ILE F 956 -131.30 45.44 -3.68
CA ILE F 956 -130.59 45.22 -2.42
C ILE F 956 -130.32 46.57 -1.76
N ASP F 957 -130.97 46.81 -0.63
CA ASP F 957 -130.66 47.96 0.19
C ASP F 957 -129.27 47.81 0.78
N ASP F 958 -128.62 48.95 1.05
CA ASP F 958 -127.27 48.91 1.60
C ASP F 958 -127.22 48.28 2.97
N GLY F 959 -128.36 48.13 3.63
CA GLY F 959 -128.43 47.34 4.84
C GLY F 959 -128.54 45.85 4.59
N ASN F 960 -128.29 45.43 3.35
CA ASN F 960 -128.35 44.03 2.95
C ASN F 960 -129.74 43.46 3.23
N VAL F 961 -130.74 44.10 2.64
CA VAL F 961 -132.12 43.62 2.69
C VAL F 961 -132.82 44.05 1.41
N PRO F 962 -133.38 43.12 0.65
CA PRO F 962 -134.04 43.50 -0.60
C PRO F 962 -135.20 44.45 -0.32
N ARG F 963 -135.36 45.42 -1.21
CA ARG F 963 -136.44 46.39 -1.12
C ARG F 963 -137.13 46.49 -2.46
N ASP F 964 -138.34 47.03 -2.43
CA ASP F 964 -139.10 47.20 -3.67
C ASP F 964 -138.48 48.30 -4.52
N ILE F 965 -138.55 48.11 -5.84
CA ILE F 965 -137.96 49.07 -6.76
C ILE F 965 -138.66 50.42 -6.65
N ALA F 966 -139.98 50.41 -6.60
CA ALA F 966 -140.74 51.65 -6.60
C ALA F 966 -140.40 52.49 -5.37
N GLY F 967 -140.35 53.81 -5.57
CA GLY F 967 -140.06 54.71 -4.47
C GLY F 967 -138.97 55.70 -4.79
N ASP F 968 -138.10 55.97 -3.81
CA ASP F 968 -136.98 56.86 -3.98
C ASP F 968 -135.69 56.13 -3.68
N TRP F 969 -134.62 56.55 -4.36
CA TRP F 969 -133.35 55.84 -4.24
C TRP F 969 -132.20 56.82 -4.38
N VAL F 970 -131.07 56.45 -3.79
CA VAL F 970 -129.84 57.23 -3.87
C VAL F 970 -128.74 56.32 -4.37
N TYR F 971 -128.12 56.69 -5.47
CA TYR F 971 -127.06 55.87 -6.06
C TYR F 971 -125.73 56.58 -5.94
N PRO F 972 -124.78 56.06 -5.18
CA PRO F 972 -123.40 56.52 -5.32
C PRO F 972 -122.90 56.24 -6.73
N SER F 973 -122.01 57.10 -7.21
CA SER F 973 -121.51 56.95 -8.57
C SER F 973 -120.93 55.57 -8.80
N ASP F 974 -120.29 55.01 -7.77
CA ASP F 974 -119.56 53.76 -7.95
C ASP F 974 -120.50 52.62 -8.30
N VAL F 975 -121.58 52.45 -7.55
CA VAL F 975 -122.47 51.32 -7.78
C VAL F 975 -123.08 51.41 -9.17
N LEU F 976 -123.36 52.63 -9.63
CA LEU F 976 -123.89 52.79 -10.98
C LEU F 976 -122.88 52.35 -12.02
N GLN F 977 -121.61 52.73 -11.83
CA GLN F 977 -120.60 52.38 -12.81
C GLN F 977 -120.39 50.89 -12.93
N VAL F 978 -120.71 50.14 -11.87
CA VAL F 978 -120.48 48.70 -11.89
C VAL F 978 -121.76 47.91 -12.17
N SER F 979 -122.92 48.54 -12.11
CA SER F 979 -124.18 47.83 -12.28
C SER F 979 -125.07 48.48 -13.34
N VAL F 980 -124.48 49.25 -14.25
CA VAL F 980 -125.28 49.95 -15.25
C VAL F 980 -126.07 48.96 -16.09
N ALA F 981 -125.50 47.79 -16.36
CA ALA F 981 -126.18 46.82 -17.21
C ALA F 981 -127.54 46.44 -16.65
N VAL F 982 -127.61 46.20 -15.35
CA VAL F 982 -128.91 45.89 -14.74
C VAL F 982 -129.75 47.14 -14.63
N PHE F 983 -129.15 48.24 -14.20
CA PHE F 983 -129.90 49.49 -14.03
C PHE F 983 -130.63 49.87 -15.30
N CYS F 984 -130.00 49.63 -16.46
CA CYS F 984 -130.62 49.96 -17.72
C CYS F 984 -131.85 49.13 -18.01
N ASP F 985 -132.03 48.02 -17.31
CA ASP F 985 -133.10 47.09 -17.63
C ASP F 985 -134.18 46.98 -16.56
N TYR F 986 -133.87 47.30 -15.32
CA TYR F 986 -134.83 47.11 -14.24
C TYR F 986 -135.15 48.37 -13.47
N VAL F 987 -134.26 49.34 -13.45
CA VAL F 987 -134.51 50.56 -12.69
C VAL F 987 -134.92 51.68 -13.64
N TRP F 988 -134.07 51.92 -14.64
CA TRP F 988 -134.35 52.97 -15.61
C TRP F 988 -135.74 52.90 -16.21
N PRO F 989 -136.24 51.72 -16.64
CA PRO F 989 -137.63 51.69 -17.11
C PRO F 989 -138.62 52.15 -16.07
N MET F 990 -138.43 51.75 -14.81
CA MET F 990 -139.31 52.23 -13.76
C MET F 990 -139.22 53.74 -13.61
N VAL F 991 -138.06 54.31 -13.92
CA VAL F 991 -137.91 55.75 -13.88
C VAL F 991 -138.70 56.40 -15.01
N LYS F 992 -138.70 55.78 -16.19
CA LYS F 992 -139.43 56.33 -17.30
C LYS F 992 -140.92 56.44 -16.96
N ALA F 993 -141.47 55.41 -16.34
CA ALA F 993 -142.80 55.55 -15.77
C ALA F 993 -142.72 56.38 -14.51
N GLY F 994 -143.83 57.04 -14.19
CA GLY F 994 -143.84 57.87 -13.00
C GLY F 994 -143.94 57.05 -11.73
N ARG F 995 -142.91 56.25 -11.44
CA ARG F 995 -142.94 55.37 -10.29
C ARG F 995 -141.67 55.39 -9.45
N THR F 996 -140.57 55.91 -9.96
CA THR F 996 -139.33 55.96 -9.20
C THR F 996 -138.62 57.29 -9.47
N ARG F 997 -137.83 57.72 -8.47
CA ARG F 997 -137.01 58.90 -8.60
C ARG F 997 -135.63 58.57 -8.06
N VAL F 998 -134.59 58.92 -8.83
CA VAL F 998 -133.23 58.49 -8.55
C VAL F 998 -132.36 59.72 -8.34
N LEU F 999 -131.55 59.68 -7.30
CA LEU F 999 -130.52 60.69 -7.05
C LEU F 999 -129.16 60.03 -7.20
N VAL F 1000 -128.30 60.62 -8.03
CA VAL F 1000 -126.98 60.10 -8.30
C VAL F 1000 -125.96 61.01 -7.65
N GLU F 1001 -125.17 60.45 -6.74
CA GLU F 1001 -124.17 61.24 -6.02
C GLU F 1001 -122.94 61.39 -6.89
N LEU F 1002 -122.66 62.62 -7.30
CA LEU F 1002 -121.47 62.94 -8.07
C LEU F 1002 -120.87 64.21 -7.49
N GLY F 1003 -119.59 64.15 -7.11
CA GLY F 1003 -118.92 65.33 -6.60
C GLY F 1003 -118.84 66.41 -7.65
N HIS F 1004 -118.09 66.13 -8.71
CA HIS F 1004 -117.98 67.04 -9.84
C HIS F 1004 -117.92 66.20 -11.10
N TYR F 1005 -118.32 66.81 -12.22
CA TYR F 1005 -118.39 66.06 -13.46
C TYR F 1005 -118.38 67.01 -14.64
N VAL F 1006 -118.06 66.46 -15.80
CA VAL F 1006 -118.11 67.19 -17.05
C VAL F 1006 -119.53 67.09 -17.62
N TYR F 1007 -120.08 68.22 -18.04
CA TYR F 1007 -121.44 68.28 -18.54
C TYR F 1007 -121.45 68.79 -19.97
N THR F 1008 -122.40 68.29 -20.74
CA THR F 1008 -122.71 68.83 -22.04
C THR F 1008 -124.21 69.08 -22.11
N LEU F 1009 -124.61 69.99 -22.99
CA LEU F 1009 -126.01 70.38 -23.05
C LEU F 1009 -126.46 70.51 -24.49
N HIS F 1010 -127.76 70.33 -24.71
CA HIS F 1010 -128.37 70.44 -26.03
C HIS F 1010 -129.46 71.48 -26.00
N TYR F 1011 -129.68 72.10 -27.15
CA TYR F 1011 -130.72 73.11 -27.30
C TYR F 1011 -131.77 72.62 -28.26
N TYR F 1012 -133.03 72.89 -27.94
CA TYR F 1012 -134.15 72.44 -28.75
C TYR F 1012 -135.13 73.59 -28.93
N ASP F 1013 -136.02 73.41 -29.89
CA ASP F 1013 -137.09 74.36 -30.15
C ASP F 1013 -138.27 74.07 -29.25
N PRO F 1014 -138.78 75.06 -28.52
CA PRO F 1014 -139.92 74.80 -27.63
C PRO F 1014 -141.18 74.35 -28.34
N GLN F 1015 -141.30 74.59 -29.64
CA GLN F 1015 -142.51 74.29 -30.37
C GLN F 1015 -142.53 72.89 -30.95
N ILE F 1016 -141.54 72.06 -30.63
CA ILE F 1016 -141.45 70.70 -31.15
C ILE F 1016 -141.55 69.74 -29.98
N SER F 1017 -142.60 68.92 -29.97
CA SER F 1017 -142.72 67.89 -28.95
C SER F 1017 -141.70 66.79 -29.18
N LEU F 1018 -141.14 66.29 -28.09
CA LEU F 1018 -140.12 65.24 -28.19
C LEU F 1018 -140.04 64.48 -26.89
N ASP F 1019 -139.46 63.29 -26.96
CA ASP F 1019 -139.15 62.49 -25.79
C ASP F 1019 -137.64 62.36 -25.69
N GLU F 1020 -137.08 62.78 -24.56
CA GLU F 1020 -135.64 62.87 -24.40
C GLU F 1020 -135.03 61.60 -23.85
N ALA F 1021 -135.82 60.55 -23.64
CA ALA F 1021 -135.29 59.29 -23.14
C ALA F 1021 -134.13 58.74 -23.96
N PRO F 1022 -134.14 58.75 -25.30
CA PRO F 1022 -133.01 58.17 -26.03
C PRO F 1022 -131.67 58.79 -25.66
N ILE F 1023 -131.65 60.09 -25.39
CA ILE F 1023 -130.39 60.74 -25.03
C ILE F 1023 -129.81 60.11 -23.78
N LEU F 1024 -130.63 59.97 -22.74
CA LEU F 1024 -130.13 59.39 -21.50
C LEU F 1024 -129.72 57.93 -21.71
N GLU F 1025 -130.52 57.17 -22.46
CA GLU F 1025 -130.15 55.79 -22.75
C GLU F 1025 -128.81 55.73 -23.45
N GLU F 1026 -128.58 56.65 -24.38
CA GLU F 1026 -127.26 56.73 -25.00
C GLU F 1026 -126.19 57.02 -23.96
N TRP F 1027 -126.47 57.94 -23.05
CA TRP F 1027 -125.51 58.25 -21.99
C TRP F 1027 -125.25 57.03 -21.12
N LEU F 1028 -126.30 56.28 -20.80
CA LEU F 1028 -126.12 55.07 -20.00
C LEU F 1028 -125.31 54.02 -20.74
N SER F 1029 -125.47 53.95 -22.06
CA SER F 1029 -124.87 52.87 -22.83
C SER F 1029 -123.36 52.92 -22.89
N LYS F 1030 -122.72 53.88 -22.25
CA LYS F 1030 -121.27 54.03 -22.32
C LYS F 1030 -120.69 54.31 -20.95
N ILE F 1031 -121.12 53.52 -19.97
CA ILE F 1031 -120.65 53.64 -18.60
C ILE F 1031 -120.04 52.32 -18.17
N ASN F 1032 -118.91 52.39 -17.47
CA ASN F 1032 -118.21 51.21 -17.02
C ASN F 1032 -117.30 51.63 -15.87
N PRO F 1033 -116.78 50.68 -15.09
CA PRO F 1033 -115.90 51.03 -13.96
C PRO F 1033 -114.71 51.90 -14.36
N ALA F 1034 -114.48 52.05 -15.66
CA ALA F 1034 -113.39 52.90 -16.11
C ALA F 1034 -113.77 54.37 -16.09
N GLY F 1035 -114.78 54.76 -16.85
CA GLY F 1035 -115.14 56.15 -16.93
C GLY F 1035 -116.55 56.32 -17.46
N ILE F 1036 -116.98 57.58 -17.52
CA ILE F 1036 -118.33 57.91 -17.95
C ILE F 1036 -118.25 59.06 -18.94
N PRO F 1037 -119.25 59.19 -19.80
CA PRO F 1037 -119.29 60.31 -20.72
C PRO F 1037 -119.88 61.53 -20.06
N PRO F 1038 -119.79 62.71 -20.68
CA PRO F 1038 -120.37 63.91 -20.07
C PRO F 1038 -121.87 63.76 -19.86
N VAL F 1039 -122.35 64.38 -18.80
CA VAL F 1039 -123.78 64.33 -18.49
C VAL F 1039 -124.52 65.25 -19.47
N PRO F 1040 -125.52 64.75 -20.17
CA PRO F 1040 -126.26 65.59 -21.12
C PRO F 1040 -127.37 66.39 -20.47
N PHE F 1041 -127.77 67.45 -21.15
CA PHE F 1041 -128.91 68.26 -20.73
C PHE F 1041 -129.59 68.83 -21.95
N CYS F 1042 -130.88 69.13 -21.81
CA CYS F 1042 -131.68 69.71 -22.87
C CYS F 1042 -132.25 71.03 -22.40
N ILE F 1043 -132.12 72.07 -23.22
CA ILE F 1043 -132.56 73.41 -22.85
C ILE F 1043 -133.31 74.02 -24.03
N PRO F 1044 -134.48 74.61 -23.80
CA PRO F 1044 -135.19 75.27 -24.90
C PRO F 1044 -134.45 76.53 -25.35
N ILE F 1045 -134.56 76.82 -26.63
CA ILE F 1045 -133.97 78.03 -27.20
C ILE F 1045 -134.87 79.21 -26.88
N PRO F 1046 -134.35 80.26 -26.25
CA PRO F 1046 -135.22 81.39 -25.86
C PRO F 1046 -135.77 82.11 -27.08
N GLN F 1047 -137.09 82.26 -27.11
CA GLN F 1047 -137.77 82.87 -28.24
C GLN F 1047 -137.96 84.36 -28.03
N VAL F 1048 -138.03 85.09 -29.14
CA VAL F 1048 -138.22 86.53 -29.08
C VAL F 1048 -139.68 86.93 -29.15
N TYR F 1049 -140.49 86.19 -29.88
CA TYR F 1049 -141.91 86.45 -29.95
C TYR F 1049 -142.68 85.40 -29.16
N PRO F 1050 -143.86 85.73 -28.66
CA PRO F 1050 -144.66 84.72 -27.94
C PRO F 1050 -144.98 83.55 -28.85
N CYS F 1051 -145.01 82.37 -28.27
CA CYS F 1051 -145.19 81.14 -29.02
C CYS F 1051 -146.04 80.16 -28.24
N ILE F 1052 -146.39 79.05 -28.89
CA ILE F 1052 -147.17 77.98 -28.29
C ILE F 1052 -146.23 76.82 -28.05
N THR F 1053 -145.99 76.50 -26.78
CA THR F 1053 -145.05 75.44 -26.44
C THR F 1053 -145.68 74.07 -26.66
N ALA F 1054 -144.84 73.12 -27.06
CA ALA F 1054 -145.25 71.74 -27.25
C ALA F 1054 -144.94 70.92 -26.00
N ARG F 1055 -145.63 69.80 -25.87
CA ARG F 1055 -145.38 68.90 -24.75
C ARG F 1055 -143.97 68.35 -24.83
N ARG F 1056 -143.29 68.34 -23.69
CA ARG F 1056 -141.91 67.88 -23.64
C ARG F 1056 -141.68 67.16 -22.32
N VAL F 1057 -140.85 66.13 -22.35
CA VAL F 1057 -140.52 65.36 -21.16
C VAL F 1057 -139.04 65.47 -20.89
N HIS F 1058 -138.68 65.75 -19.64
CA HIS F 1058 -137.29 65.86 -19.23
C HIS F 1058 -136.99 64.84 -18.15
N TYR F 1059 -135.72 64.58 -17.96
CA TYR F 1059 -135.32 63.62 -16.93
C TYR F 1059 -134.24 64.15 -16.01
N ALA F 1060 -133.31 64.94 -16.52
CA ALA F 1060 -132.13 65.34 -15.77
C ALA F 1060 -132.19 66.81 -15.38
N PHE F 1061 -131.64 67.10 -14.20
CA PHE F 1061 -131.47 68.48 -13.74
C PHE F 1061 -130.56 68.48 -12.53
N THR F 1062 -129.76 69.52 -12.41
CA THR F 1062 -128.72 69.58 -11.38
C THR F 1062 -129.34 69.80 -10.00
N SER F 1063 -128.50 69.59 -8.98
CA SER F 1063 -128.92 69.79 -7.60
C SER F 1063 -128.65 71.20 -7.09
N GLU F 1064 -127.92 72.02 -7.83
CA GLU F 1064 -127.68 73.40 -7.42
C GLU F 1064 -127.26 74.21 -8.65
N ASN F 1065 -127.07 75.50 -8.43
CA ASN F 1065 -126.78 76.42 -9.53
C ASN F 1065 -125.46 76.04 -10.21
N ASN F 1066 -125.50 75.97 -11.54
CA ASN F 1066 -124.29 75.67 -12.30
C ASN F 1066 -124.19 76.43 -13.63
N ASN F 1067 -125.08 77.38 -13.89
CA ASN F 1067 -125.23 77.90 -15.25
C ASN F 1067 -124.53 79.24 -15.47
N ASP F 1068 -123.63 79.64 -14.57
CA ASP F 1068 -123.08 80.98 -14.65
C ASP F 1068 -122.18 81.21 -15.85
N SER F 1069 -121.80 80.16 -16.60
CA SER F 1069 -121.06 80.39 -17.83
C SER F 1069 -121.92 81.06 -18.90
N LEU F 1070 -123.23 81.10 -18.71
CA LEU F 1070 -124.10 81.81 -19.64
C LEU F 1070 -123.82 83.29 -19.58
N PHE F 1071 -123.68 83.92 -20.74
CA PHE F 1071 -123.40 85.35 -20.80
C PHE F 1071 -124.65 86.19 -21.02
N SER F 1072 -125.42 85.90 -22.07
CA SER F 1072 -126.63 86.65 -22.35
C SER F 1072 -127.48 85.85 -23.33
N THR F 1073 -128.75 86.24 -23.42
CA THR F 1073 -129.70 85.59 -24.31
C THR F 1073 -130.38 86.64 -25.18
N ASN F 1074 -130.52 86.33 -26.47
CA ASN F 1074 -131.17 87.22 -27.43
C ASN F 1074 -130.54 88.61 -27.37
N ALA F 1075 -129.21 88.64 -27.49
CA ALA F 1075 -128.49 89.89 -27.34
C ALA F 1075 -128.97 90.94 -28.32
N ALA F 1076 -129.29 90.54 -29.54
CA ALA F 1076 -129.66 91.48 -30.59
C ALA F 1076 -131.08 92.00 -30.45
N SER F 1077 -131.85 91.50 -29.49
CA SER F 1077 -133.24 91.88 -29.35
C SER F 1077 -133.39 92.96 -28.27
N ILE F 1078 -134.63 93.39 -28.06
CA ILE F 1078 -134.94 94.28 -26.97
C ILE F 1078 -135.12 93.50 -25.67
N ASP F 1079 -135.80 92.36 -25.75
CA ASP F 1079 -136.09 91.56 -24.56
C ASP F 1079 -136.19 90.11 -24.99
N THR F 1080 -136.79 89.28 -24.14
CA THR F 1080 -137.00 87.87 -24.45
C THR F 1080 -138.44 87.51 -24.10
N ALA F 1081 -139.08 86.74 -24.97
CA ALA F 1081 -140.49 86.42 -24.79
C ALA F 1081 -140.73 85.19 -23.93
N PHE F 1082 -140.05 84.09 -24.21
CA PHE F 1082 -140.39 82.82 -23.56
C PHE F 1082 -139.28 82.28 -22.68
N GLY F 1083 -138.10 82.03 -23.22
CA GLY F 1083 -137.09 81.25 -22.53
C GLY F 1083 -136.36 82.02 -21.45
N GLU F 1084 -135.11 81.66 -21.24
CA GLU F 1084 -134.27 82.38 -20.29
C GLU F 1084 -134.05 83.82 -20.79
N ASN F 1085 -133.96 84.74 -19.84
CA ASN F 1085 -133.90 86.16 -20.14
C ASN F 1085 -132.69 86.80 -19.46
N ALA F 1086 -131.52 86.20 -19.62
CA ALA F 1086 -130.32 86.74 -19.03
C ALA F 1086 -129.88 88.01 -19.76
N ALA F 1087 -129.61 89.06 -18.99
CA ALA F 1087 -129.03 90.29 -19.52
C ALA F 1087 -127.54 90.33 -19.22
N VAL F 1088 -126.88 91.35 -19.76
CA VAL F 1088 -125.45 91.50 -19.53
C VAL F 1088 -125.22 91.94 -18.10
N SER F 1089 -124.49 91.14 -17.35
CA SER F 1089 -124.29 91.41 -15.93
C SER F 1089 -123.15 92.40 -15.72
N PRO F 1090 -123.38 93.51 -15.02
CA PRO F 1090 -122.29 94.44 -14.74
C PRO F 1090 -121.20 93.86 -13.85
N LEU F 1091 -121.49 92.77 -13.15
CA LEU F 1091 -120.54 92.24 -12.17
C LEU F 1091 -119.20 91.91 -12.80
N ARG F 1092 -119.20 91.52 -14.06
CA ARG F 1092 -117.96 91.17 -14.73
C ARG F 1092 -117.28 92.37 -15.37
N TRP F 1093 -117.85 93.57 -15.23
CA TRP F 1093 -117.28 94.77 -15.84
C TRP F 1093 -117.16 95.92 -14.86
N PRO F 1094 -116.64 95.69 -13.65
CA PRO F 1094 -116.53 96.80 -12.70
C PRO F 1094 -115.61 97.90 -13.19
N GLY F 1095 -114.52 97.53 -13.85
CA GLY F 1095 -113.59 98.54 -14.32
C GLY F 1095 -114.13 99.41 -15.43
N LEU F 1096 -115.30 99.08 -15.95
CA LEU F 1096 -115.88 99.84 -17.05
C LEU F 1096 -117.12 100.62 -16.67
N VAL F 1097 -117.90 100.14 -15.71
CA VAL F 1097 -119.17 100.78 -15.41
C VAL F 1097 -119.34 101.07 -13.92
N ASP F 1098 -118.23 101.20 -13.21
CA ASP F 1098 -118.30 101.51 -11.78
C ASP F 1098 -117.63 102.83 -11.48
N PRO F 1099 -118.35 103.81 -10.93
CA PRO F 1099 -117.70 105.06 -10.52
C PRO F 1099 -116.78 104.92 -9.33
N ASN F 1100 -116.85 103.82 -8.59
CA ASN F 1100 -116.04 103.62 -7.40
C ASN F 1100 -114.98 102.55 -7.63
N TYR F 1101 -114.40 102.53 -8.83
CA TYR F 1101 -113.45 101.51 -9.22
C TYR F 1101 -112.04 102.06 -9.04
N ARG F 1102 -111.29 101.44 -8.13
CA ARG F 1102 -109.89 101.78 -8.00
C ARG F 1102 -109.10 101.15 -9.15
N VAL F 1103 -107.95 101.72 -9.44
CA VAL F 1103 -107.13 101.25 -10.54
C VAL F 1103 -106.42 99.96 -10.14
N GLY F 1104 -106.54 98.93 -10.98
CA GLY F 1104 -105.81 97.70 -10.80
C GLY F 1104 -106.42 96.74 -9.81
N THR F 1105 -107.45 97.13 -9.08
CA THR F 1105 -108.06 96.24 -8.12
C THR F 1105 -108.95 95.22 -8.81
N ASN F 1106 -109.19 94.11 -8.13
CA ASN F 1106 -110.04 93.04 -8.65
C ASN F 1106 -110.28 92.00 -7.56
N ASP F 1107 -111.43 91.35 -7.64
CA ASP F 1107 -111.76 90.25 -6.73
C ASP F 1107 -111.49 88.91 -7.44
N LEU F 1108 -110.20 88.65 -7.65
CA LEU F 1108 -109.82 87.46 -8.41
C LEU F 1108 -110.34 86.15 -7.82
N PRO F 1109 -110.21 85.89 -6.52
CA PRO F 1109 -110.58 84.55 -6.03
C PRO F 1109 -112.06 84.22 -6.20
N ASN F 1110 -112.93 85.21 -6.34
CA ASN F 1110 -114.37 84.95 -6.38
C ASN F 1110 -114.95 84.95 -7.78
N ARG F 1111 -114.49 85.83 -8.66
CA ARG F 1111 -115.00 85.84 -10.02
C ARG F 1111 -113.97 86.53 -10.91
N ILE F 1112 -114.23 86.48 -12.21
CA ILE F 1112 -113.30 86.98 -13.22
C ILE F 1112 -113.92 88.19 -13.88
N THR F 1113 -113.20 89.32 -13.86
CA THR F 1113 -113.60 90.49 -14.60
C THR F 1113 -112.93 90.50 -15.96
N LEU F 1114 -113.58 91.13 -16.92
CA LEU F 1114 -113.14 91.06 -18.31
C LEU F 1114 -112.47 92.33 -18.80
N TYR F 1115 -112.62 93.45 -18.11
CA TYR F 1115 -112.07 94.72 -18.54
C TYR F 1115 -111.28 95.30 -17.38
N ASN F 1116 -109.99 95.52 -17.60
CA ASN F 1116 -109.09 95.88 -16.50
C ASN F 1116 -108.01 96.82 -17.00
N SER F 1117 -107.29 97.40 -16.05
CA SER F 1117 -106.16 98.27 -16.33
C SER F 1117 -104.87 97.50 -16.12
N LEU F 1118 -103.87 97.79 -16.97
CA LEU F 1118 -102.63 97.04 -16.93
C LEU F 1118 -101.51 97.91 -17.47
N TYR F 1119 -100.28 97.41 -17.30
CA TYR F 1119 -99.09 98.07 -17.83
C TYR F 1119 -98.55 97.27 -19.00
N ARG F 1120 -98.24 97.97 -20.08
CA ARG F 1120 -97.53 97.39 -21.21
C ARG F 1120 -96.11 97.95 -21.24
N TYR F 1121 -95.14 97.05 -21.36
CA TYR F 1121 -93.74 97.40 -21.19
C TYR F 1121 -93.01 97.48 -22.52
N ASN F 1122 -91.83 98.08 -22.48
CA ASN F 1122 -91.03 98.31 -23.68
C ASN F 1122 -89.55 98.06 -23.39
N PHE F 1123 -89.25 96.92 -22.76
CA PHE F 1123 -87.90 96.65 -22.29
C PHE F 1123 -86.88 96.70 -23.42
N THR F 1124 -85.63 96.89 -23.02
CA THR F 1124 -84.49 96.92 -23.94
C THR F 1124 -83.49 95.86 -23.52
N TYR F 1125 -82.83 95.25 -24.51
CA TYR F 1125 -81.97 94.09 -24.29
C TYR F 1125 -80.58 94.43 -24.80
N PRO F 1126 -79.69 94.91 -23.93
CA PRO F 1126 -78.37 95.35 -24.39
C PRO F 1126 -77.47 94.18 -24.74
N THR F 1127 -76.41 94.51 -25.48
CA THR F 1127 -75.31 93.60 -25.73
C THR F 1127 -74.01 94.31 -25.39
N LEU F 1128 -73.00 93.54 -25.02
CA LEU F 1128 -71.79 94.10 -24.46
C LEU F 1128 -70.60 93.85 -25.38
N ASP F 1129 -69.84 94.91 -25.63
CA ASP F 1129 -68.54 94.83 -26.28
C ASP F 1129 -67.54 95.52 -25.37
N GLY F 1130 -66.43 94.84 -25.07
CA GLY F 1130 -65.51 95.33 -24.07
C GLY F 1130 -64.07 95.24 -24.54
N ILE F 1131 -63.21 95.90 -23.77
CA ILE F 1131 -61.77 95.87 -23.99
C ILE F 1131 -61.11 95.43 -22.69
N MET F 1132 -60.16 94.51 -22.80
CA MET F 1132 -59.46 94.00 -21.64
C MET F 1132 -57.97 94.29 -21.77
N TYR F 1133 -57.36 94.68 -20.66
CA TYR F 1133 -55.95 95.04 -20.62
C TYR F 1133 -55.21 94.07 -19.71
N VAL F 1134 -54.01 93.69 -20.12
CA VAL F 1134 -53.20 92.75 -19.37
C VAL F 1134 -52.24 93.54 -18.48
N ARG F 1135 -51.91 92.95 -17.34
CA ARG F 1135 -51.01 93.61 -16.40
C ARG F 1135 -49.58 93.63 -16.95
N SER F 1136 -48.88 94.71 -16.64
CA SER F 1136 -47.49 94.86 -17.09
C SER F 1136 -46.61 93.79 -16.44
N ALA F 1137 -45.44 93.60 -17.03
CA ALA F 1137 -44.50 92.60 -16.53
C ALA F 1137 -44.09 92.92 -15.10
N THR F 1138 -43.44 94.05 -14.89
CA THR F 1138 -43.05 94.47 -13.56
C THR F 1138 -44.23 95.09 -12.84
N SER G 40 -34.98 -27.85 -53.79
CA SER G 40 -35.46 -28.35 -52.51
C SER G 40 -34.58 -27.87 -51.37
N TYR G 41 -35.11 -27.93 -50.15
CA TYR G 41 -34.42 -27.40 -48.99
C TYR G 41 -34.43 -28.44 -47.87
N VAL G 42 -33.37 -28.44 -47.07
CA VAL G 42 -33.18 -29.38 -45.99
C VAL G 42 -33.18 -28.64 -44.67
N CYS G 43 -33.87 -29.20 -43.68
CA CYS G 43 -33.75 -28.74 -42.30
C CYS G 43 -32.44 -29.29 -41.75
N ASN G 44 -31.44 -28.45 -41.62
CA ASN G 44 -30.09 -28.92 -41.30
C ASN G 44 -29.97 -29.50 -39.91
N VAL G 45 -31.07 -29.65 -39.16
CA VAL G 45 -31.06 -30.32 -37.86
C VAL G 45 -31.68 -31.70 -37.94
N CYS G 46 -32.97 -31.77 -38.29
CA CYS G 46 -33.63 -33.07 -38.41
C CYS G 46 -33.45 -33.69 -39.78
N ASN G 47 -32.78 -33.00 -40.70
CA ASN G 47 -32.44 -33.50 -42.03
C ASN G 47 -33.66 -33.80 -42.89
N ALA G 48 -34.82 -33.29 -42.52
CA ALA G 48 -35.98 -33.43 -43.40
C ALA G 48 -35.86 -32.50 -44.60
N ARG G 49 -36.54 -32.86 -45.68
CA ARG G 49 -36.51 -32.08 -46.90
C ARG G 49 -37.86 -31.43 -47.14
N PHE G 50 -37.84 -30.27 -47.80
CA PHE G 50 -39.04 -29.49 -48.01
C PHE G 50 -39.00 -28.89 -49.41
N SER G 51 -40.20 -28.65 -49.96
CA SER G 51 -40.31 -28.13 -51.30
C SER G 51 -40.20 -26.61 -51.34
N THR G 52 -40.58 -25.92 -50.27
CA THR G 52 -40.60 -24.47 -50.25
C THR G 52 -39.94 -23.96 -48.98
N MET G 53 -39.38 -22.76 -49.07
CA MET G 53 -38.87 -22.11 -47.88
C MET G 53 -39.97 -21.88 -46.85
N SER G 54 -41.20 -21.62 -47.32
CA SER G 54 -42.30 -21.46 -46.39
C SER G 54 -42.50 -22.71 -45.54
N ALA G 55 -42.59 -23.86 -46.19
CA ALA G 55 -42.79 -25.11 -45.45
C ALA G 55 -41.64 -25.36 -44.49
N LEU G 56 -40.40 -25.09 -44.93
CA LEU G 56 -39.26 -25.26 -44.06
C LEU G 56 -39.35 -24.31 -42.86
N SER G 57 -39.70 -23.05 -43.11
CA SER G 57 -39.78 -22.09 -42.02
C SER G 57 -40.84 -22.48 -41.01
N GLU G 58 -42.01 -22.90 -41.49
CA GLU G 58 -43.07 -23.35 -40.58
C GLU G 58 -42.60 -24.54 -39.75
N HIS G 59 -41.90 -25.48 -40.38
CA HIS G 59 -41.37 -26.61 -39.64
C HIS G 59 -40.38 -26.16 -38.57
N LEU G 60 -39.51 -25.21 -38.92
CA LEU G 60 -38.54 -24.72 -37.94
C LEU G 60 -39.24 -24.06 -36.76
N ARG G 61 -40.22 -23.20 -37.03
CA ARG G 61 -40.94 -22.55 -35.94
C ARG G 61 -41.70 -23.55 -35.09
N SER G 62 -42.32 -24.54 -35.73
CA SER G 62 -43.17 -25.48 -35.01
C SER G 62 -42.35 -26.56 -34.32
N ASP G 63 -41.59 -27.33 -35.10
CA ASP G 63 -40.92 -28.50 -34.55
C ASP G 63 -39.79 -28.11 -33.62
N HIS G 64 -38.79 -27.42 -34.15
CA HIS G 64 -37.61 -27.08 -33.36
C HIS G 64 -37.85 -25.82 -32.55
N ARG G 65 -38.94 -25.78 -31.79
CA ARG G 65 -39.33 -24.57 -31.10
C ARG G 65 -38.41 -24.22 -29.95
N ASP G 66 -37.69 -25.20 -29.40
CA ASP G 66 -36.86 -24.97 -28.22
C ASP G 66 -35.42 -25.44 -28.41
N ASP G 67 -35.01 -25.75 -29.63
CA ASP G 67 -33.65 -26.20 -29.86
C ASP G 67 -32.66 -25.03 -29.77
N ALA G 68 -31.39 -25.37 -29.60
CA ALA G 68 -30.35 -24.37 -29.43
C ALA G 68 -29.19 -24.56 -30.40
N SER G 69 -29.40 -25.30 -31.48
CA SER G 69 -28.34 -25.51 -32.46
C SER G 69 -27.98 -24.20 -33.13
N THR G 70 -26.67 -23.93 -33.25
CA THR G 70 -26.23 -22.67 -33.84
C THR G 70 -26.64 -22.54 -35.29
N LEU G 71 -26.83 -23.67 -35.98
CA LEU G 71 -27.23 -23.61 -37.38
C LEU G 71 -28.62 -23.00 -37.57
N LEU G 72 -29.41 -22.92 -36.51
CA LEU G 72 -30.73 -22.33 -36.57
C LEU G 72 -30.74 -21.02 -35.81
N ALA G 73 -31.39 -20.01 -36.40
CA ALA G 73 -31.52 -18.71 -35.76
C ALA G 73 -32.93 -18.44 -35.27
N THR G 74 -33.93 -18.65 -36.12
CA THR G 74 -35.28 -18.18 -35.82
C THR G 74 -35.84 -18.67 -34.49
N PRO G 75 -35.65 -19.92 -34.04
CA PRO G 75 -36.21 -20.29 -32.74
C PRO G 75 -35.66 -19.43 -31.61
N MET G 76 -34.39 -19.06 -31.68
CA MET G 76 -33.81 -18.23 -30.64
C MET G 76 -34.46 -16.86 -30.60
N ILE G 77 -34.65 -16.24 -31.77
CA ILE G 77 -35.26 -14.92 -31.80
C ILE G 77 -36.67 -14.98 -31.24
N ASN G 78 -37.45 -15.98 -31.66
CA ASN G 78 -38.78 -16.15 -31.10
C ASN G 78 -38.71 -16.33 -29.60
N ASN G 79 -37.72 -17.08 -29.12
CA ASN G 79 -37.54 -17.21 -27.69
C ASN G 79 -37.25 -15.88 -27.04
N ALA G 80 -36.39 -15.07 -27.66
CA ALA G 80 -36.12 -13.74 -27.13
C ALA G 80 -37.38 -12.90 -27.07
N ILE G 81 -38.21 -12.99 -28.11
CA ILE G 81 -39.46 -12.25 -28.12
C ILE G 81 -40.33 -12.65 -26.94
N ARG G 82 -40.36 -13.95 -26.65
CA ARG G 82 -41.14 -14.40 -25.50
C ARG G 82 -40.62 -13.76 -24.21
N SER G 83 -39.30 -13.70 -24.06
CA SER G 83 -38.73 -12.98 -22.93
C SER G 83 -39.14 -11.52 -22.95
N PHE G 84 -39.13 -10.91 -24.13
CA PHE G 84 -39.55 -9.53 -24.27
C PHE G 84 -40.95 -9.32 -23.70
N LEU G 85 -41.87 -10.22 -24.04
CA LEU G 85 -43.24 -10.09 -23.55
C LEU G 85 -43.30 -10.21 -22.04
N THR G 86 -42.54 -11.15 -21.48
CA THR G 86 -42.57 -11.32 -20.02
C THR G 86 -42.13 -10.05 -19.32
N ALA G 87 -41.10 -9.39 -19.84
CA ALA G 87 -40.72 -8.09 -19.30
C ALA G 87 -41.87 -7.09 -19.44
N TRP G 88 -42.58 -7.13 -20.56
CA TRP G 88 -43.69 -6.22 -20.76
C TRP G 88 -44.75 -6.41 -19.69
N ASP G 89 -44.99 -7.65 -19.28
CA ASP G 89 -45.90 -7.89 -18.17
C ASP G 89 -45.40 -7.23 -16.90
N GLY G 90 -44.09 -7.31 -16.64
CA GLY G 90 -43.55 -6.70 -15.45
C GLY G 90 -43.77 -5.21 -15.40
N ILE G 91 -43.96 -4.58 -16.57
CA ILE G 91 -44.16 -3.14 -16.59
C ILE G 91 -45.53 -2.79 -16.02
N ARG G 92 -46.59 -3.23 -16.69
CA ARG G 92 -47.91 -2.80 -16.30
C ARG G 92 -48.41 -3.47 -15.03
N ILE G 93 -47.78 -4.57 -14.62
CA ILE G 93 -48.23 -5.24 -13.41
C ILE G 93 -48.06 -4.34 -12.20
N LEU G 94 -47.10 -3.42 -12.25
CA LEU G 94 -46.95 -2.39 -11.23
C LEU G 94 -47.30 -1.01 -11.76
N SER G 95 -48.00 -0.95 -12.88
CA SER G 95 -48.47 0.32 -13.44
C SER G 95 -49.63 0.05 -14.37
N PRO G 96 -50.81 -0.25 -13.84
CA PRO G 96 -51.94 -0.58 -14.70
C PRO G 96 -52.50 0.63 -15.41
N ASP G 97 -53.59 0.44 -16.14
CA ASP G 97 -54.23 1.50 -16.91
C ASP G 97 -55.59 1.80 -16.31
N VAL G 98 -55.86 3.07 -16.08
CA VAL G 98 -57.15 3.49 -15.56
C VAL G 98 -58.04 3.91 -16.73
N SER G 99 -59.34 3.85 -16.51
CA SER G 99 -60.27 4.36 -17.50
C SER G 99 -60.13 5.87 -17.60
N SER G 100 -59.93 6.37 -18.82
CA SER G 100 -59.86 7.80 -19.02
C SER G 100 -61.11 8.49 -18.50
N LYS G 101 -62.25 7.82 -18.60
CA LYS G 101 -63.49 8.37 -18.06
C LYS G 101 -63.36 8.63 -16.57
N HIS G 102 -62.95 7.60 -15.81
CA HIS G 102 -62.81 7.76 -14.37
C HIS G 102 -61.78 8.81 -14.03
N LEU G 103 -60.63 8.76 -14.71
CA LEU G 103 -59.57 9.72 -14.41
C LEU G 103 -60.03 11.14 -14.71
N SER G 104 -60.66 11.35 -15.87
CA SER G 104 -61.19 12.66 -16.19
C SER G 104 -62.24 13.09 -15.19
N ALA G 105 -63.09 12.14 -14.78
CA ALA G 105 -64.11 12.47 -13.78
C ALA G 105 -63.47 12.90 -12.47
N TYR G 106 -62.51 12.12 -11.98
CA TYR G 106 -61.91 12.41 -10.68
C TYR G 106 -61.07 13.68 -10.70
N LEU G 107 -60.61 14.12 -11.86
CA LEU G 107 -59.69 15.25 -11.91
C LEU G 107 -60.39 16.59 -12.03
N ASP G 108 -61.53 16.64 -12.70
CA ASP G 108 -62.25 17.90 -12.89
C ASP G 108 -63.60 17.80 -12.17
N SER G 109 -63.82 18.67 -11.21
CA SER G 109 -65.09 18.76 -10.51
C SER G 109 -66.07 19.69 -11.18
N ALA G 110 -65.64 20.46 -12.18
CA ALA G 110 -66.52 21.40 -12.86
C ALA G 110 -67.34 20.69 -13.93
N VAL G 111 -68.03 19.62 -13.54
CA VAL G 111 -68.84 18.84 -14.45
C VAL G 111 -70.33 19.11 -14.23
N ALA G 112 -70.66 20.24 -13.60
CA ALA G 112 -72.04 20.57 -13.25
C ALA G 112 -72.68 19.43 -12.50
N ASN G 113 -73.80 18.91 -13.01
CA ASN G 113 -74.51 17.79 -12.39
C ASN G 113 -74.87 18.09 -10.94
N GLY G 114 -75.14 19.36 -10.64
CA GLY G 114 -75.57 19.73 -9.32
C GLY G 114 -77.07 19.68 -9.21
N PRO G 115 -77.58 19.40 -8.01
CA PRO G 115 -79.03 19.34 -7.82
C PRO G 115 -79.67 20.68 -8.16
N GLU G 116 -80.85 20.60 -8.77
CA GLU G 116 -81.56 21.78 -9.24
C GLU G 116 -82.31 22.39 -8.06
N LEU G 117 -81.68 23.35 -7.39
CA LEU G 117 -82.25 23.91 -6.17
C LEU G 117 -83.19 25.07 -6.44
N ILE G 118 -82.80 25.98 -7.33
CA ILE G 118 -83.55 27.21 -7.53
C ILE G 118 -84.65 26.97 -8.55
N VAL G 119 -85.89 26.92 -8.07
CA VAL G 119 -87.07 26.88 -8.92
C VAL G 119 -88.05 27.91 -8.38
N GLU G 120 -88.57 28.75 -9.27
CA GLU G 120 -89.37 29.89 -8.84
C GLU G 120 -90.73 29.88 -9.53
N ASP G 121 -91.76 30.25 -8.77
CA ASP G 121 -93.11 30.30 -9.28
C ASP G 121 -93.64 31.71 -9.13
N THR G 122 -94.26 32.23 -10.20
CA THR G 122 -94.93 33.51 -10.17
C THR G 122 -96.44 33.39 -10.24
N GLY G 123 -96.96 32.17 -10.32
CA GLY G 123 -98.40 31.99 -10.39
C GLY G 123 -99.04 32.06 -9.03
N LEU G 124 -99.91 31.10 -8.73
CA LEU G 124 -100.63 31.07 -7.47
C LEU G 124 -100.18 29.89 -6.65
N CYS G 125 -99.92 30.12 -5.37
CA CYS G 125 -99.48 29.06 -4.47
C CYS G 125 -100.69 28.25 -4.01
N THR G 126 -101.19 27.44 -4.93
CA THR G 126 -102.31 26.56 -4.64
C THR G 126 -102.13 25.25 -5.36
N SER G 127 -102.73 24.20 -4.80
CA SER G 127 -102.65 22.88 -5.40
C SER G 127 -104.02 22.24 -5.60
N PHE G 128 -105.09 22.94 -5.24
CA PHE G 128 -106.45 22.44 -5.41
C PHE G 128 -107.21 23.37 -6.33
N MET G 129 -107.92 22.79 -7.30
CA MET G 129 -108.65 23.56 -8.29
C MET G 129 -110.14 23.37 -8.07
N LEU G 130 -110.87 24.46 -8.02
CA LEU G 130 -112.32 24.38 -8.05
C LEU G 130 -112.76 23.98 -9.45
N LEU G 131 -113.66 23.00 -9.52
CA LEU G 131 -113.96 22.35 -10.79
C LEU G 131 -115.45 22.26 -11.00
N ASP G 132 -115.91 22.74 -12.15
CA ASP G 132 -117.28 22.50 -12.58
C ASP G 132 -117.37 21.08 -13.10
N ASN G 133 -118.07 20.23 -12.36
CA ASN G 133 -118.20 18.84 -12.77
C ASN G 133 -119.39 18.62 -13.68
N ILE G 134 -120.57 19.01 -13.22
CA ILE G 134 -121.81 18.84 -13.99
C ILE G 134 -122.24 20.21 -14.48
N PRO G 135 -122.27 20.46 -15.79
CA PRO G 135 -122.63 21.78 -16.28
C PRO G 135 -124.08 22.11 -15.98
N SER G 136 -124.33 23.40 -15.82
CA SER G 136 -125.70 23.88 -15.65
C SER G 136 -126.40 23.99 -17.00
N ALA G 137 -127.69 23.68 -17.01
CA ALA G 137 -128.44 23.65 -18.26
C ALA G 137 -128.83 25.06 -18.69
N HIS G 138 -128.91 25.25 -20.00
CA HIS G 138 -129.36 26.51 -20.57
C HIS G 138 -130.85 26.43 -20.86
N LEU G 139 -131.62 27.32 -20.25
CA LEU G 139 -133.06 27.36 -20.41
C LEU G 139 -133.43 28.56 -21.24
N THR G 140 -134.26 28.35 -22.27
CA THR G 140 -134.63 29.41 -23.19
C THR G 140 -136.12 29.47 -23.51
N LYS G 141 -136.90 28.46 -23.13
CA LYS G 141 -138.34 28.47 -23.36
C LYS G 141 -139.12 28.59 -22.06
N GLU G 142 -138.87 27.70 -21.10
CA GLU G 142 -139.52 27.73 -19.81
C GLU G 142 -138.46 27.85 -18.73
N LEU G 143 -138.87 28.38 -17.57
CA LEU G 143 -137.99 28.61 -16.43
C LEU G 143 -136.93 29.66 -16.74
N ILE G 144 -137.29 30.61 -17.62
CA ILE G 144 -136.35 31.67 -17.99
C ILE G 144 -136.03 32.53 -16.78
N GLY G 145 -134.74 32.83 -16.60
CA GLY G 145 -134.30 33.69 -15.54
C GLY G 145 -133.87 32.98 -14.27
N PHE G 146 -134.08 31.66 -14.18
CA PHE G 146 -133.68 30.95 -12.97
C PHE G 146 -132.17 30.83 -12.85
N THR G 147 -131.44 30.89 -13.94
CA THR G 147 -129.99 30.82 -13.91
C THR G 147 -129.41 32.00 -14.68
N TRP G 148 -128.20 32.38 -14.31
CA TRP G 148 -127.53 33.51 -14.93
C TRP G 148 -126.06 33.19 -15.10
N PHE G 149 -125.55 33.39 -16.31
CA PHE G 149 -124.14 33.15 -16.61
C PHE G 149 -123.39 34.47 -16.69
N MET G 150 -122.17 34.48 -16.16
CA MET G 150 -121.32 35.65 -16.35
C MET G 150 -120.93 35.84 -17.81
N GLN G 151 -121.12 34.81 -18.63
CA GLN G 151 -120.75 34.91 -20.03
C GLN G 151 -121.52 36.03 -20.72
N MET G 152 -122.82 36.14 -20.46
CA MET G 152 -123.61 37.17 -21.10
C MET G 152 -123.19 38.57 -20.68
N TYR G 153 -122.39 38.71 -19.63
CA TYR G 153 -121.83 39.98 -19.23
C TYR G 153 -120.36 40.12 -19.61
N GLN G 154 -119.85 39.20 -20.43
CA GLN G 154 -118.45 39.22 -20.87
C GLN G 154 -117.50 39.26 -19.68
N MET G 155 -117.80 38.42 -18.69
CA MET G 155 -116.97 38.36 -17.49
C MET G 155 -116.67 36.91 -17.16
N THR G 156 -115.46 36.67 -16.67
CA THR G 156 -115.06 35.35 -16.25
C THR G 156 -115.38 35.17 -14.77
N PRO G 157 -116.27 34.26 -14.40
CA PRO G 157 -116.67 34.12 -13.01
C PRO G 157 -115.48 33.70 -12.15
N PRO G 158 -115.34 34.29 -10.97
CA PRO G 158 -114.26 33.87 -10.07
C PRO G 158 -114.45 32.47 -9.52
N LEU G 159 -115.66 31.93 -9.59
CA LEU G 159 -115.96 30.62 -9.05
C LEU G 159 -116.63 29.77 -10.11
N PRO G 160 -116.50 28.44 -10.03
CA PRO G 160 -117.22 27.57 -10.97
C PRO G 160 -118.71 27.75 -10.80
N GLU G 161 -119.43 27.61 -11.90
CA GLU G 161 -120.87 27.88 -11.91
C GLU G 161 -121.68 26.74 -12.49
N GLY G 162 -121.14 25.52 -12.46
CA GLY G 162 -121.88 24.38 -12.93
C GLY G 162 -122.94 23.96 -11.93
N ALA G 163 -123.73 22.96 -12.34
CA ALA G 163 -124.77 22.44 -11.45
C ALA G 163 -124.17 21.84 -10.20
N VAL G 164 -123.05 21.12 -10.34
CA VAL G 164 -122.35 20.52 -9.22
C VAL G 164 -120.87 20.86 -9.34
N ASN G 165 -120.29 21.35 -8.25
CA ASN G 165 -118.90 21.81 -8.25
C ASN G 165 -118.10 21.03 -7.22
N ARG G 166 -116.84 20.77 -7.55
CA ARG G 166 -115.99 19.91 -6.75
C ARG G 166 -114.63 20.54 -6.52
N ILE G 167 -114.00 20.16 -5.42
CA ILE G 167 -112.61 20.49 -5.14
C ILE G 167 -111.78 19.25 -5.42
N VAL G 168 -110.77 19.38 -6.28
CA VAL G 168 -109.91 18.27 -6.62
C VAL G 168 -108.46 18.70 -6.55
N CYS G 169 -107.58 17.73 -6.34
CA CYS G 169 -106.15 17.99 -6.20
C CYS G 169 -105.49 18.00 -7.58
N MET G 170 -104.88 19.13 -7.94
CA MET G 170 -104.12 19.22 -9.18
C MET G 170 -102.92 20.10 -8.91
N THR G 171 -101.74 19.49 -8.84
CA THR G 171 -100.53 20.23 -8.51
C THR G 171 -100.17 21.20 -9.62
N ASN G 172 -99.80 22.41 -9.23
CA ASN G 172 -99.24 23.40 -10.14
C ASN G 172 -100.18 23.75 -11.28
N TRP G 173 -101.48 23.63 -11.06
CA TRP G 173 -102.42 23.94 -12.12
C TRP G 173 -102.42 25.42 -12.48
N ALA G 174 -101.96 26.27 -11.57
CA ALA G 174 -101.86 27.70 -11.84
C ALA G 174 -100.43 28.19 -11.80
N SER G 175 -99.46 27.31 -12.03
CA SER G 175 -98.05 27.65 -11.85
C SER G 175 -97.53 28.37 -13.09
N LEU G 176 -97.78 29.67 -13.12
CA LEU G 176 -97.13 30.52 -14.11
C LEU G 176 -95.69 30.75 -13.73
N GLY G 177 -94.81 30.76 -14.72
CA GLY G 177 -93.42 31.06 -14.48
C GLY G 177 -92.46 29.99 -14.95
N ASP G 178 -91.53 29.61 -14.07
CA ASP G 178 -90.48 28.68 -14.44
C ASP G 178 -91.04 27.29 -14.71
N GLU G 179 -90.24 26.47 -15.38
CA GLU G 179 -90.65 25.10 -15.65
C GLU G 179 -90.67 24.28 -14.36
N GLY G 180 -91.58 23.33 -14.30
CA GLY G 180 -91.83 22.57 -13.09
C GLY G 180 -90.76 21.55 -12.80
N ARG G 181 -90.92 20.88 -11.66
CA ARG G 181 -89.98 19.85 -11.25
C ARG G 181 -89.96 18.68 -12.23
N GLY G 182 -91.07 18.43 -12.89
CA GLY G 182 -91.17 17.33 -13.82
C GLY G 182 -91.99 16.14 -13.36
N LEU G 183 -92.63 16.23 -12.20
CA LEU G 183 -93.54 15.19 -11.74
C LEU G 183 -94.73 15.86 -11.10
N GLU G 184 -95.93 15.34 -11.39
CA GLU G 184 -97.16 16.02 -11.02
C GLU G 184 -98.16 15.01 -10.45
N VAL G 185 -99.19 15.54 -9.83
CA VAL G 185 -100.33 14.77 -9.34
C VAL G 185 -101.59 15.44 -9.84
N ARG G 186 -102.38 14.73 -10.63
CA ARG G 186 -103.56 15.32 -11.29
C ARG G 186 -104.71 14.32 -11.18
N LEU G 187 -105.50 14.46 -10.14
CA LEU G 187 -106.67 13.60 -10.01
C LEU G 187 -107.77 14.07 -10.94
N PRO G 188 -108.45 13.16 -11.62
CA PRO G 188 -109.64 13.53 -12.38
C PRO G 188 -110.82 13.73 -11.46
N PRO G 189 -111.88 14.37 -11.93
CA PRO G 189 -113.05 14.55 -11.08
C PRO G 189 -113.65 13.20 -10.71
N PRO G 190 -114.33 13.12 -9.57
CA PRO G 190 -114.75 11.82 -9.04
C PRO G 190 -115.75 11.08 -9.92
N THR G 191 -116.14 11.68 -11.04
CA THR G 191 -116.96 10.98 -12.00
C THR G 191 -116.17 10.03 -12.89
N ASP G 192 -114.88 9.88 -12.62
CA ASP G 192 -114.01 9.02 -13.41
C ASP G 192 -113.31 8.02 -12.50
N SER G 193 -112.37 7.27 -13.08
CA SER G 193 -111.72 6.19 -12.34
C SER G 193 -110.82 6.74 -11.25
N SER G 194 -109.80 7.51 -11.63
CA SER G 194 -108.81 8.04 -10.69
C SER G 194 -108.12 6.91 -9.93
N VAL G 195 -107.84 5.81 -10.62
CA VAL G 195 -107.19 4.68 -9.98
C VAL G 195 -105.73 4.66 -10.39
N HIS G 196 -105.42 5.22 -11.56
CA HIS G 196 -104.05 5.23 -12.03
C HIS G 196 -103.13 5.99 -11.09
N ALA G 197 -103.68 6.90 -10.29
CA ALA G 197 -102.87 7.63 -9.32
C ALA G 197 -102.46 6.79 -8.13
N TYR G 198 -102.83 5.51 -8.09
CA TYR G 198 -102.54 4.68 -6.93
C TYR G 198 -101.94 3.34 -7.35
N LYS G 199 -101.27 3.30 -8.49
CA LYS G 199 -100.66 2.09 -8.99
C LYS G 199 -99.15 2.25 -9.08
N THR G 200 -98.58 3.00 -8.15
CA THR G 200 -97.14 3.21 -8.17
C THR G 200 -96.37 1.92 -7.92
N VAL G 201 -96.86 1.10 -6.98
CA VAL G 201 -96.17 -0.14 -6.61
C VAL G 201 -97.17 -1.27 -6.47
N LEU G 202 -96.64 -2.49 -6.56
CA LEU G 202 -97.39 -3.70 -6.23
C LEU G 202 -98.66 -3.81 -7.06
N SER G 203 -98.64 -3.26 -8.27
CA SER G 203 -99.84 -3.24 -9.07
C SER G 203 -99.60 -3.68 -10.51
N ARG G 204 -98.37 -3.49 -10.99
CA ARG G 204 -98.09 -3.51 -12.42
C ARG G 204 -98.55 -4.81 -13.09
N GLY G 205 -97.93 -5.92 -12.75
CA GLY G 205 -98.31 -7.16 -13.37
C GLY G 205 -99.36 -7.94 -12.64
N TYR G 206 -100.00 -7.33 -11.64
CA TYR G 206 -100.83 -8.09 -10.70
C TYR G 206 -102.31 -7.79 -10.85
N ILE G 207 -102.71 -6.53 -10.70
CA ILE G 207 -104.13 -6.18 -10.76
C ILE G 207 -104.50 -5.78 -12.18
N ASP G 208 -105.78 -5.76 -12.47
CA ASP G 208 -106.27 -5.36 -13.78
C ASP G 208 -106.17 -3.84 -13.95
N ASN G 209 -106.22 -3.40 -15.20
CA ASN G 209 -106.15 -1.99 -15.52
C ASN G 209 -107.23 -1.17 -14.83
N ALA G 210 -108.40 -1.77 -14.58
CA ALA G 210 -109.54 -1.03 -14.04
C ALA G 210 -109.80 -1.38 -12.58
N GLN G 211 -108.77 -1.69 -11.82
CA GLN G 211 -108.91 -2.03 -10.41
C GLN G 211 -107.92 -1.22 -9.59
N PHE G 212 -107.95 -1.45 -8.29
CA PHE G 212 -106.89 -0.97 -7.40
C PHE G 212 -106.63 -2.04 -6.35
N ASN G 213 -105.41 -2.08 -5.85
CA ASN G 213 -105.01 -3.10 -4.90
C ASN G 213 -105.41 -2.69 -3.49
N PRO G 214 -106.49 -3.24 -2.94
CA PRO G 214 -106.93 -2.82 -1.61
C PRO G 214 -105.97 -3.23 -0.52
N LEU G 215 -105.12 -4.23 -0.74
CA LEU G 215 -104.22 -4.70 0.29
C LEU G 215 -102.91 -3.93 0.33
N ALA G 216 -102.66 -3.05 -0.63
CA ALA G 216 -101.44 -2.26 -0.67
C ALA G 216 -101.76 -0.76 -0.69
N LEU G 217 -102.91 -0.40 -0.13
CA LEU G 217 -103.37 0.97 -0.23
C LEU G 217 -102.42 1.94 0.47
N ARG G 218 -101.95 1.58 1.65
CA ARG G 218 -101.17 2.53 2.46
C ARG G 218 -99.92 2.96 1.72
N SER G 219 -99.20 2.01 1.13
CA SER G 219 -97.95 2.36 0.47
C SER G 219 -98.19 3.29 -0.71
N ASN G 220 -99.16 2.95 -1.56
CA ASN G 220 -99.41 3.78 -2.73
C ASN G 220 -99.84 5.19 -2.33
N VAL G 221 -100.70 5.29 -1.32
CA VAL G 221 -101.11 6.61 -0.85
C VAL G 221 -99.90 7.40 -0.39
N LEU G 222 -99.02 6.76 0.37
CA LEU G 222 -97.85 7.45 0.89
C LEU G 222 -96.99 7.98 -0.25
N LEU G 223 -96.72 7.14 -1.24
CA LEU G 223 -95.89 7.57 -2.36
C LEU G 223 -96.53 8.73 -3.11
N MET G 224 -97.83 8.66 -3.34
CA MET G 224 -98.51 9.75 -4.03
C MET G 224 -98.36 11.05 -3.27
N LEU G 225 -98.52 11.00 -1.95
CA LEU G 225 -98.30 12.18 -1.14
C LEU G 225 -96.87 12.66 -1.26
N LEU G 226 -95.91 11.73 -1.32
CA LEU G 226 -94.52 12.11 -1.51
C LEU G 226 -94.34 12.88 -2.81
N GLN G 227 -94.92 12.35 -3.90
CA GLN G 227 -94.84 13.06 -5.16
C GLN G 227 -95.49 14.43 -5.06
N PHE G 228 -96.64 14.49 -4.38
CA PHE G 228 -97.30 15.77 -4.14
C PHE G 228 -96.34 16.73 -3.46
N THR G 229 -95.65 16.26 -2.43
CA THR G 229 -94.73 17.13 -1.71
C THR G 229 -93.61 17.63 -2.59
N LEU G 230 -92.96 16.71 -3.31
CA LEU G 230 -91.81 17.10 -4.12
C LEU G 230 -92.21 18.10 -5.20
N SER G 231 -93.35 17.87 -5.84
CA SER G 231 -93.80 18.75 -6.90
C SER G 231 -94.03 20.17 -6.41
N ASN G 232 -94.31 20.36 -5.13
CA ASN G 232 -94.62 21.67 -4.60
C ASN G 232 -93.40 22.42 -4.08
N LEU G 233 -92.21 21.87 -4.27
CA LEU G 233 -90.99 22.49 -3.74
C LEU G 233 -90.54 23.57 -4.70
N LYS G 234 -91.10 24.77 -4.52
CA LYS G 234 -90.74 25.92 -5.33
C LYS G 234 -90.57 27.13 -4.43
N ILE G 235 -90.15 28.24 -5.02
CA ILE G 235 -89.98 29.50 -4.33
C ILE G 235 -91.08 30.44 -4.77
N ASN G 236 -91.81 31.01 -3.82
CA ASN G 236 -92.88 31.95 -4.13
C ASN G 236 -92.24 33.28 -4.51
N LYS G 237 -91.97 33.44 -5.79
CA LYS G 237 -91.33 34.65 -6.27
C LYS G 237 -92.31 35.80 -6.30
N SER G 238 -91.80 36.99 -6.04
CA SER G 238 -92.60 38.19 -6.14
C SER G 238 -92.87 38.54 -7.61
N SER G 239 -93.74 39.51 -7.81
CA SER G 239 -94.03 40.03 -9.13
C SER G 239 -94.49 41.46 -9.00
N THR G 240 -94.49 42.17 -10.12
CA THR G 240 -94.81 43.59 -10.09
C THR G 240 -96.24 43.81 -9.62
N PHE G 241 -96.40 44.71 -8.67
CA PHE G 241 -97.72 45.12 -8.19
C PHE G 241 -98.11 46.43 -8.82
N THR G 242 -99.41 46.73 -8.75
CA THR G 242 -99.92 47.98 -9.26
C THR G 242 -101.28 48.25 -8.65
N SER G 243 -101.67 49.51 -8.65
CA SER G 243 -103.00 49.91 -8.24
C SER G 243 -103.94 49.85 -9.43
N ASP G 244 -105.23 49.72 -9.14
CA ASP G 244 -106.26 49.72 -10.16
C ASP G 244 -107.01 51.04 -10.11
N VAL G 245 -107.17 51.66 -11.27
CA VAL G 245 -107.81 52.98 -11.34
C VAL G 245 -109.29 52.79 -11.63
N THR G 246 -109.77 51.55 -11.50
CA THR G 246 -111.17 51.27 -11.76
C THR G 246 -112.01 51.59 -10.53
N THR G 247 -113.31 51.43 -10.68
CA THR G 247 -114.25 51.76 -9.62
C THR G 247 -114.22 50.76 -8.47
N ILE G 248 -113.81 49.53 -8.73
CA ILE G 248 -113.91 48.48 -7.72
C ILE G 248 -112.62 48.43 -6.92
N THR G 249 -111.84 49.50 -6.96
CA THR G 249 -110.59 49.55 -6.23
C THR G 249 -110.86 49.53 -4.72
N SER G 250 -109.90 48.97 -3.99
CA SER G 250 -109.96 48.92 -2.54
C SER G 250 -108.91 49.81 -1.89
N GLY G 251 -108.16 50.56 -2.68
CA GLY G 251 -107.07 51.37 -2.16
C GLY G 251 -105.74 50.66 -2.07
N ARG G 252 -105.73 49.35 -2.21
CA ARG G 252 -104.50 48.58 -2.18
C ARG G 252 -104.07 48.21 -3.60
N MET G 253 -102.78 47.97 -3.76
CA MET G 253 -102.26 47.52 -5.04
C MET G 253 -102.37 46.01 -5.14
N ILE G 254 -102.53 45.52 -6.37
CA ILE G 254 -102.74 44.11 -6.62
C ILE G 254 -101.70 43.63 -7.62
N ARG G 255 -101.62 42.32 -7.76
CA ARG G 255 -100.61 41.68 -8.60
C ARG G 255 -101.24 41.40 -9.96
N ALA G 256 -100.89 42.22 -10.94
CA ALA G 256 -101.45 42.09 -12.28
C ALA G 256 -100.74 40.98 -13.03
N PHE G 257 -101.47 39.94 -13.39
CA PHE G 257 -100.91 38.81 -14.12
C PHE G 257 -100.97 39.12 -15.61
N GLU G 258 -100.03 39.93 -16.06
CA GLU G 258 -99.98 40.29 -17.46
C GLU G 258 -99.83 39.05 -18.32
N GLY G 259 -100.62 38.96 -19.38
CA GLY G 259 -100.61 37.82 -20.25
C GLY G 259 -101.44 36.64 -19.78
N ARG G 260 -101.90 36.65 -18.54
CA ARG G 260 -102.74 35.59 -18.01
C ARG G 260 -103.95 36.20 -17.30
N PRO G 261 -104.83 36.87 -18.05
CA PRO G 261 -105.94 37.59 -17.40
C PRO G 261 -106.83 36.68 -16.57
N GLU G 262 -107.05 35.45 -17.02
CA GLU G 262 -107.88 34.52 -16.26
C GLU G 262 -107.32 34.30 -14.86
N LEU G 263 -105.99 34.32 -14.74
CA LEU G 263 -105.40 34.25 -13.41
C LEU G 263 -105.83 35.44 -12.57
N LEU G 264 -105.83 36.63 -13.16
CA LEU G 264 -106.25 37.82 -12.44
C LEU G 264 -107.69 37.68 -11.95
N ALA G 265 -108.57 37.17 -12.80
CA ALA G 265 -109.95 36.98 -12.38
C ALA G 265 -110.05 35.98 -11.24
N LEU G 266 -109.28 34.89 -11.33
CA LEU G 266 -109.36 33.87 -10.30
C LEU G 266 -108.70 34.31 -9.01
N ALA G 267 -107.65 35.11 -9.09
CA ALA G 267 -106.83 35.38 -7.91
C ALA G 267 -107.60 36.14 -6.85
N TYR G 268 -108.46 37.08 -7.24
CA TYR G 268 -109.13 37.98 -6.30
C TYR G 268 -110.63 37.87 -6.50
N PRO G 269 -111.27 36.91 -5.83
CA PRO G 269 -112.74 36.84 -5.90
C PRO G 269 -113.42 38.08 -5.38
N GLY G 270 -112.75 38.85 -4.52
CA GLY G 270 -113.35 40.08 -4.01
C GLY G 270 -113.65 41.10 -5.09
N ARG G 271 -112.95 41.05 -6.22
CA ARG G 271 -113.15 42.00 -7.29
C ARG G 271 -114.28 41.61 -8.22
N ALA G 272 -115.15 40.71 -7.79
CA ALA G 272 -116.24 40.27 -8.65
C ALA G 272 -117.25 41.38 -8.87
N VAL G 273 -117.93 41.33 -10.01
CA VAL G 273 -119.07 42.20 -10.31
C VAL G 273 -120.32 41.33 -10.27
N LEU G 274 -121.26 41.69 -9.42
CA LEU G 274 -122.37 40.80 -9.10
C LEU G 274 -123.68 41.40 -9.57
N PRO G 275 -124.26 40.91 -10.65
CA PRO G 275 -125.70 41.12 -10.86
C PRO G 275 -126.53 39.92 -10.43
N THR G 276 -127.79 40.16 -10.07
CA THR G 276 -128.85 39.16 -10.07
C THR G 276 -128.71 38.08 -9.00
N GLN G 277 -127.91 38.30 -7.96
CA GLN G 277 -128.04 37.57 -6.69
C GLN G 277 -128.18 36.06 -6.89
N THR G 278 -127.16 35.45 -7.47
CA THR G 278 -127.14 33.99 -7.55
C THR G 278 -126.52 33.41 -6.29
N LYS G 279 -126.50 32.09 -6.20
CA LYS G 279 -125.92 31.44 -5.03
C LYS G 279 -124.46 31.85 -4.87
N ASN G 280 -123.73 32.01 -5.97
CA ASN G 280 -122.39 32.55 -5.90
C ASN G 280 -122.41 33.96 -5.32
N ALA G 281 -123.33 34.80 -5.81
CA ALA G 281 -123.40 36.17 -5.35
C ALA G 281 -123.74 36.23 -3.86
N GLN G 282 -124.64 35.36 -3.41
CA GLN G 282 -125.01 35.36 -2.00
C GLN G 282 -123.83 35.08 -1.10
N PHE G 283 -122.78 34.46 -1.62
CA PHE G 283 -121.57 34.25 -0.85
C PHE G 283 -120.57 35.38 -1.05
N LEU G 284 -120.28 35.71 -2.30
CA LEU G 284 -119.28 36.73 -2.59
C LEU G 284 -119.66 38.09 -2.03
N SER G 285 -120.96 38.35 -1.92
CA SER G 285 -121.41 39.66 -1.44
C SER G 285 -120.99 39.92 -0.01
N THR G 286 -120.55 38.90 0.71
CA THR G 286 -120.09 39.07 2.08
C THR G 286 -118.59 39.33 2.17
N ALA G 287 -117.89 39.43 1.05
CA ALA G 287 -116.44 39.57 1.09
C ALA G 287 -116.05 40.90 1.72
N ILE G 288 -115.06 40.85 2.61
CA ILE G 288 -114.53 42.07 3.20
C ILE G 288 -113.78 42.85 2.13
N ALA G 289 -113.87 44.18 2.20
CA ALA G 289 -113.46 45.02 1.08
C ALA G 289 -111.97 44.93 0.81
N ASP G 290 -111.14 45.14 1.83
CA ASP G 290 -109.73 45.38 1.62
C ASP G 290 -108.86 44.15 1.82
N ARG G 291 -109.45 42.96 1.94
CA ARG G 291 -108.68 41.75 2.13
C ARG G 291 -108.13 41.27 0.79
N ILE G 292 -107.19 42.05 0.26
CA ILE G 292 -106.74 41.82 -1.11
C ILE G 292 -105.43 42.55 -1.33
N GLY G 293 -104.56 41.94 -2.14
CA GLY G 293 -103.40 42.64 -2.64
C GLY G 293 -102.28 42.77 -1.63
N ARG G 294 -101.35 43.67 -1.96
CA ARG G 294 -100.18 43.89 -1.12
C ARG G 294 -100.57 44.35 0.28
N LEU G 295 -99.92 43.77 1.28
CA LEU G 295 -100.10 44.17 2.65
C LEU G 295 -98.91 44.92 3.22
N ASP G 296 -97.69 44.46 2.95
CA ASP G 296 -96.50 45.16 3.39
C ASP G 296 -95.33 44.69 2.53
N ARG G 297 -94.24 45.46 2.60
CA ARG G 297 -93.08 45.20 1.78
C ARG G 297 -91.84 45.72 2.48
N ALA G 298 -90.69 45.21 2.06
CA ALA G 298 -89.39 45.66 2.54
C ALA G 298 -88.74 46.46 1.41
N ASN G 299 -88.83 47.78 1.51
CA ASN G 299 -88.30 48.68 0.48
C ASN G 299 -86.96 49.21 0.96
N LEU G 300 -85.88 48.60 0.47
CA LEU G 300 -84.54 48.90 0.96
C LEU G 300 -83.84 49.97 0.15
N ILE G 301 -83.93 49.91 -1.17
CA ILE G 301 -83.20 50.81 -2.05
C ILE G 301 -84.19 51.63 -2.86
N GLY G 302 -83.94 52.93 -2.96
CA GLY G 302 -84.81 53.81 -3.69
C GLY G 302 -84.97 53.41 -5.14
N GLY G 303 -86.21 53.29 -5.59
CA GLY G 303 -86.49 52.92 -6.96
C GLY G 303 -86.23 51.48 -7.31
N GLU G 304 -85.78 50.67 -6.36
CA GLU G 304 -85.53 49.26 -6.61
C GLU G 304 -86.78 48.44 -6.35
N VAL G 305 -86.78 47.21 -6.85
CA VAL G 305 -87.85 46.28 -6.56
C VAL G 305 -87.76 45.86 -5.09
N SER G 306 -88.92 45.77 -4.44
CA SER G 306 -88.95 45.37 -3.04
C SER G 306 -88.29 44.01 -2.87
N ALA G 307 -87.39 43.92 -1.89
CA ALA G 307 -86.70 42.66 -1.65
C ALA G 307 -87.67 41.57 -1.24
N MET G 308 -88.63 41.90 -0.38
CA MET G 308 -89.62 40.93 0.08
C MET G 308 -90.93 41.65 0.28
N VAL G 309 -92.02 40.95 -0.04
CA VAL G 309 -93.35 41.54 0.01
C VAL G 309 -94.31 40.54 0.65
N GLU G 310 -95.29 41.05 1.38
CA GLU G 310 -96.34 40.25 1.95
C GLU G 310 -97.68 40.71 1.40
N CYS G 311 -98.48 39.75 0.94
CA CYS G 311 -99.78 40.04 0.34
C CYS G 311 -100.71 38.89 0.68
N MET G 312 -101.98 39.07 0.34
CA MET G 312 -102.96 38.00 0.47
C MET G 312 -103.71 37.85 -0.84
N GLU G 313 -103.94 36.60 -1.21
CA GLU G 313 -104.58 36.26 -2.48
C GLU G 313 -105.09 34.82 -2.36
N LEU G 314 -105.54 34.27 -3.47
CA LEU G 314 -105.98 32.89 -3.48
C LEU G 314 -104.79 31.97 -3.24
N CYS G 315 -104.79 31.28 -2.11
CA CYS G 315 -103.67 30.42 -1.75
C CYS G 315 -104.10 29.48 -0.64
N ASP G 316 -103.91 28.18 -0.86
CA ASP G 316 -104.24 27.23 0.18
C ASP G 316 -103.14 27.15 1.22
N ALA G 317 -103.49 26.65 2.40
CA ALA G 317 -102.53 26.63 3.50
C ALA G 317 -101.46 25.58 3.28
N LEU G 318 -101.86 24.39 2.84
CA LEU G 318 -100.92 23.26 2.82
C LEU G 318 -99.74 23.55 1.90
N THR G 319 -100.01 23.95 0.66
CA THR G 319 -98.92 24.27 -0.25
C THR G 319 -98.08 25.42 0.31
N LEU G 320 -98.74 26.40 0.92
CA LEU G 320 -98.00 27.50 1.53
C LEU G 320 -97.05 26.99 2.59
N HIS G 321 -97.50 26.06 3.43
CA HIS G 321 -96.63 25.51 4.45
C HIS G 321 -95.44 24.80 3.83
N ILE G 322 -95.67 24.06 2.74
CA ILE G 322 -94.59 23.33 2.10
C ILE G 322 -93.53 24.30 1.61
N ARG G 323 -93.94 25.30 0.82
CA ARG G 323 -92.98 26.16 0.18
C ARG G 323 -92.21 26.99 1.20
N GLU G 324 -92.89 27.43 2.26
CA GLU G 324 -92.19 28.19 3.28
C GLU G 324 -91.14 27.34 3.98
N THR G 325 -91.41 26.04 4.14
CA THR G 325 -90.37 25.17 4.66
C THR G 325 -89.22 25.07 3.67
N TYR G 326 -89.53 25.01 2.38
CA TYR G 326 -88.49 24.83 1.38
C TYR G 326 -87.48 25.96 1.41
N VAL G 327 -87.97 27.20 1.49
CA VAL G 327 -87.06 28.33 1.58
C VAL G 327 -86.32 28.30 2.91
N MET G 328 -87.00 27.87 3.97
CA MET G 328 -86.34 27.73 5.26
C MET G 328 -85.16 26.79 5.15
N LEU G 329 -85.31 25.70 4.40
CA LEU G 329 -84.19 24.81 4.17
C LEU G 329 -83.07 25.51 3.43
N LEU G 330 -83.42 26.29 2.39
CA LEU G 330 -82.40 26.95 1.60
C LEU G 330 -81.62 27.94 2.45
N ARG G 331 -82.30 28.71 3.30
CA ARG G 331 -81.61 29.60 4.19
C ARG G 331 -80.62 28.86 5.07
N SER G 332 -80.96 27.62 5.44
CA SER G 332 -80.13 26.87 6.36
C SER G 332 -78.75 26.56 5.80
N MET G 333 -78.60 26.57 4.48
CA MET G 333 -77.32 26.25 3.86
C MET G 333 -76.67 27.48 3.24
N HIS G 334 -76.83 28.63 3.89
CA HIS G 334 -76.32 29.88 3.39
C HIS G 334 -75.53 30.59 4.49
N GLN G 335 -74.45 31.27 4.10
CA GLN G 335 -73.60 31.97 5.05
C GLN G 335 -73.22 33.33 4.47
N ASP G 336 -72.80 34.22 5.36
CA ASP G 336 -72.44 35.56 4.95
C ASP G 336 -71.16 35.54 4.11
N PRO G 337 -70.98 36.54 3.25
CA PRO G 337 -69.75 36.60 2.44
C PRO G 337 -68.49 36.56 3.27
N THR G 338 -68.49 37.21 4.44
CA THR G 338 -67.33 37.15 5.32
C THR G 338 -66.97 35.71 5.65
N GLN G 339 -67.98 34.89 5.92
CA GLN G 339 -67.72 33.47 6.13
C GLN G 339 -67.14 32.83 4.90
N ILE G 340 -67.70 33.14 3.73
CA ILE G 340 -67.28 32.50 2.50
C ILE G 340 -65.81 32.78 2.25
N VAL G 341 -65.42 34.06 2.32
CA VAL G 341 -64.04 34.41 2.03
C VAL G 341 -63.11 33.78 3.05
N GLN G 342 -63.53 33.75 4.32
CA GLN G 342 -62.71 33.10 5.33
C GLN G 342 -62.54 31.62 5.04
N ILE G 343 -63.62 30.96 4.62
CA ILE G 343 -63.55 29.54 4.29
C ILE G 343 -62.56 29.31 3.16
N VAL G 344 -62.68 30.12 2.10
CA VAL G 344 -61.80 29.94 0.95
C VAL G 344 -60.35 30.17 1.35
N ASN G 345 -60.11 31.22 2.13
CA ASN G 345 -58.74 31.50 2.56
C ASN G 345 -58.18 30.34 3.37
N GLU G 346 -59.00 29.77 4.27
CA GLU G 346 -58.51 28.66 5.07
C GLU G 346 -58.20 27.45 4.21
N CYS G 347 -59.04 27.17 3.22
CA CYS G 347 -58.82 26.00 2.36
C CYS G 347 -57.46 26.10 1.68
N ALA G 348 -57.04 27.30 1.32
CA ALA G 348 -55.74 27.50 0.70
C ALA G 348 -54.62 27.68 1.71
N ASN G 349 -54.81 27.20 2.94
CA ASN G 349 -53.82 27.31 3.99
C ASN G 349 -53.35 28.76 4.15
N ASN G 350 -54.31 29.68 4.09
CA ASN G 350 -54.08 31.10 4.27
C ASN G 350 -53.15 31.67 3.21
N LEU G 351 -52.85 30.89 2.18
CA LEU G 351 -52.31 31.48 0.98
C LEU G 351 -53.45 32.11 0.18
N LEU G 352 -53.09 33.00 -0.74
CA LEU G 352 -54.06 33.61 -1.64
C LEU G 352 -55.17 34.31 -0.85
N ASN G 353 -54.76 35.14 0.11
CA ASN G 353 -55.72 35.78 1.00
C ASN G 353 -56.50 36.87 0.30
N SER G 354 -57.67 36.54 -0.23
CA SER G 354 -58.52 37.54 -0.85
C SER G 354 -59.44 38.15 0.21
N THR G 355 -60.28 39.09 -0.22
CA THR G 355 -61.22 39.73 0.68
C THR G 355 -62.46 40.15 -0.12
N ILE G 356 -63.32 40.94 0.51
CA ILE G 356 -64.61 41.28 -0.07
C ILE G 356 -64.83 42.78 -0.04
N PRO G 357 -65.62 43.33 -0.95
CA PRO G 357 -66.02 44.72 -0.85
C PRO G 357 -67.04 44.91 0.27
N ILE G 358 -67.17 46.15 0.72
CA ILE G 358 -68.05 46.49 1.82
C ILE G 358 -69.11 47.43 1.28
N SER G 359 -70.32 46.92 1.08
CA SER G 359 -71.45 47.73 0.64
C SER G 359 -72.70 46.91 0.84
N LEU G 360 -73.84 47.54 0.59
CA LEU G 360 -75.11 46.86 0.75
C LEU G 360 -75.27 45.77 -0.29
N ARG G 361 -75.59 44.56 0.16
CA ARG G 361 -75.90 43.43 -0.70
C ARG G 361 -77.30 42.99 -0.31
N PRO G 362 -78.33 43.57 -0.92
CA PRO G 362 -79.68 43.44 -0.39
C PRO G 362 -80.20 42.02 -0.25
N THR G 363 -80.23 41.27 -1.35
CA THR G 363 -81.00 40.03 -1.38
C THR G 363 -80.21 38.89 -2.01
N ILE G 364 -78.98 38.69 -1.55
CA ILE G 364 -78.18 37.59 -2.06
C ILE G 364 -78.58 36.29 -1.35
N LEU G 365 -78.20 35.17 -1.96
CA LEU G 365 -78.47 33.86 -1.39
C LEU G 365 -77.51 32.87 -2.02
N CYS G 366 -76.69 32.21 -1.19
CA CYS G 366 -75.65 31.30 -1.67
C CYS G 366 -75.78 29.96 -1.00
N PRO G 367 -76.70 29.13 -1.47
CA PRO G 367 -76.88 27.81 -0.86
C PRO G 367 -75.74 26.87 -1.23
N TRP G 368 -74.60 27.00 -0.55
CA TRP G 368 -73.39 26.30 -0.96
C TRP G 368 -72.78 25.46 0.14
N PHE G 369 -73.47 25.26 1.26
CA PHE G 369 -72.82 24.65 2.41
C PHE G 369 -73.72 23.60 3.04
N ALA G 370 -73.14 22.84 3.95
CA ALA G 370 -73.83 21.77 4.66
C ALA G 370 -73.11 21.52 5.97
N SER G 371 -73.46 20.43 6.64
CA SER G 371 -72.83 20.05 7.90
C SER G 371 -71.89 18.88 7.67
N SER G 372 -71.02 18.65 8.66
CA SER G 372 -70.09 17.53 8.57
C SER G 372 -70.85 16.20 8.51
N GLU G 373 -71.91 16.08 9.30
CA GLU G 373 -72.68 14.84 9.31
C GLU G 373 -73.15 14.49 7.91
N ASP G 374 -73.66 15.49 7.18
CA ASP G 374 -74.03 15.26 5.80
C ASP G 374 -72.82 14.85 4.97
N LEU G 375 -71.68 15.51 5.19
CA LEU G 375 -70.48 15.14 4.47
C LEU G 375 -70.07 13.71 4.80
N ARG G 376 -70.09 13.36 6.08
CA ARG G 376 -69.77 11.98 6.47
C ARG G 376 -70.75 11.01 5.84
N LEU G 377 -72.05 11.35 5.87
CA LEU G 377 -73.05 10.46 5.30
C LEU G 377 -72.81 10.25 3.81
N GLN G 378 -72.57 11.35 3.08
CA GLN G 378 -72.31 11.22 1.66
C GLN G 378 -71.04 10.42 1.40
N GLN G 379 -70.01 10.66 2.19
CA GLN G 379 -68.76 9.94 2.02
C GLN G 379 -68.97 8.44 2.16
N VAL G 380 -69.67 8.03 3.21
CA VAL G 380 -69.93 6.61 3.42
C VAL G 380 -70.79 6.06 2.29
N MET G 381 -71.83 6.80 1.92
CA MET G 381 -72.72 6.35 0.87
C MET G 381 -71.95 6.17 -0.43
N HIS G 382 -71.06 7.11 -0.74
CA HIS G 382 -70.27 7.01 -1.96
C HIS G 382 -69.41 5.76 -1.94
N LEU G 383 -68.80 5.45 -0.80
CA LEU G 383 -68.00 4.24 -0.69
C LEU G 383 -68.84 3.01 -0.93
N VAL G 384 -70.05 2.98 -0.38
CA VAL G 384 -70.93 1.84 -0.56
C VAL G 384 -71.27 1.64 -2.03
N ASN G 385 -71.44 2.74 -2.76
CA ASN G 385 -71.83 2.63 -4.17
C ASN G 385 -70.76 1.96 -5.00
N ILE G 386 -69.49 2.29 -4.77
CA ILE G 386 -68.43 1.77 -5.61
C ILE G 386 -68.02 0.38 -5.15
N SER G 387 -67.35 -0.35 -6.04
CA SER G 387 -66.80 -1.64 -5.70
C SER G 387 -65.61 -1.46 -4.74
N SER G 388 -65.33 -2.50 -3.97
CA SER G 388 -64.33 -2.46 -2.92
C SER G 388 -63.10 -3.30 -3.25
N ASN G 389 -62.71 -3.32 -4.53
CA ASN G 389 -61.55 -4.06 -4.97
C ASN G 389 -60.45 -3.10 -5.40
N THR G 390 -59.27 -3.66 -5.64
CA THR G 390 -58.12 -2.85 -6.01
C THR G 390 -58.34 -2.12 -7.33
N ALA G 391 -59.24 -2.61 -8.18
CA ALA G 391 -59.49 -1.97 -9.45
C ALA G 391 -60.33 -0.70 -9.31
N ALA G 392 -60.88 -0.44 -8.14
CA ALA G 392 -61.69 0.75 -7.92
C ALA G 392 -60.90 1.90 -7.31
N ALA G 393 -60.01 1.61 -6.37
CA ALA G 393 -59.23 2.66 -5.74
C ALA G 393 -58.11 3.16 -6.63
N LEU G 394 -57.72 2.38 -7.64
CA LEU G 394 -56.59 2.79 -8.47
C LEU G 394 -56.80 4.14 -9.13
N PRO G 395 -57.91 4.42 -9.80
CA PRO G 395 -58.10 5.77 -10.33
C PRO G 395 -58.11 6.83 -9.24
N LEU G 396 -58.63 6.48 -8.06
CA LEU G 396 -58.68 7.44 -6.98
C LEU G 396 -57.29 7.92 -6.61
N VAL G 397 -56.36 6.99 -6.43
CA VAL G 397 -54.98 7.37 -6.15
C VAL G 397 -54.37 8.07 -7.36
N GLU G 398 -54.66 7.57 -8.55
CA GLU G 398 -54.04 8.13 -9.75
C GLU G 398 -54.38 9.59 -9.92
N ALA G 399 -55.64 9.96 -9.66
CA ALA G 399 -56.04 11.36 -9.81
C ALA G 399 -55.20 12.26 -8.93
N LEU G 400 -55.08 11.92 -7.65
CA LEU G 400 -54.31 12.76 -6.75
C LEU G 400 -52.86 12.82 -7.17
N SER G 401 -52.28 11.68 -7.54
CA SER G 401 -50.86 11.66 -7.89
C SER G 401 -50.58 12.59 -9.06
N THR G 402 -51.34 12.45 -10.15
CA THR G 402 -51.12 13.32 -11.30
C THR G 402 -51.34 14.77 -10.93
N LEU G 403 -52.41 15.06 -10.19
CA LEU G 403 -52.66 16.42 -9.76
C LEU G 403 -51.53 16.92 -8.88
N LEU G 404 -51.07 16.08 -7.96
CA LEU G 404 -49.97 16.47 -7.09
C LEU G 404 -48.72 16.78 -7.89
N ARG G 405 -48.39 15.92 -8.85
CA ARG G 405 -47.15 16.09 -9.58
C ARG G 405 -47.15 17.38 -10.40
N SER G 406 -48.32 17.94 -10.67
CA SER G 406 -48.38 19.16 -11.46
C SER G 406 -47.87 20.36 -10.67
N VAL G 407 -48.23 20.44 -9.38
CA VAL G 407 -47.99 21.66 -8.62
C VAL G 407 -46.67 21.67 -7.88
N THR G 408 -46.00 20.54 -7.77
CA THR G 408 -44.86 20.51 -6.87
C THR G 408 -43.66 21.25 -7.46
N PRO G 409 -42.85 21.86 -6.61
CA PRO G 409 -41.59 22.47 -7.07
C PRO G 409 -40.44 21.48 -7.13
N LEU G 410 -40.63 20.25 -6.67
CA LEU G 410 -39.55 19.28 -6.66
C LEU G 410 -39.38 18.66 -8.04
N VAL G 411 -38.14 18.47 -8.45
CA VAL G 411 -37.82 17.84 -9.71
C VAL G 411 -36.79 16.74 -9.47
N LEU G 412 -36.95 15.63 -10.19
CA LEU G 412 -36.09 14.47 -10.05
C LEU G 412 -35.10 14.44 -11.21
N ASP G 413 -33.88 14.01 -10.92
CA ASP G 413 -32.83 13.98 -11.94
C ASP G 413 -31.83 12.88 -11.58
N PRO G 414 -31.91 11.72 -12.25
CA PRO G 414 -30.98 10.63 -11.92
C PRO G 414 -29.53 10.97 -12.21
N THR G 415 -29.28 11.97 -13.06
CA THR G 415 -27.92 12.23 -13.52
C THR G 415 -26.98 12.51 -12.36
N VAL G 416 -27.43 13.32 -11.39
CA VAL G 416 -26.56 13.73 -10.30
C VAL G 416 -26.03 12.51 -9.55
N LEU G 417 -26.89 11.51 -9.36
CA LEU G 417 -26.44 10.30 -8.67
C LEU G 417 -25.40 9.56 -9.50
N THR G 418 -25.65 9.41 -10.80
CA THR G 418 -24.73 8.66 -11.65
C THR G 418 -23.35 9.30 -11.64
N ASN G 419 -23.28 10.61 -11.71
CA ASN G 419 -21.99 11.29 -11.65
C ASN G 419 -21.27 10.95 -10.37
N ALA G 420 -21.98 11.01 -9.24
CA ALA G 420 -21.37 10.66 -7.97
C ALA G 420 -20.87 9.22 -8.00
N ILE G 421 -21.60 8.33 -8.67
CA ILE G 421 -21.17 6.95 -8.78
C ILE G 421 -19.93 6.85 -9.65
N THR G 422 -20.05 7.27 -10.91
CA THR G 422 -19.00 7.03 -11.89
C THR G 422 -17.70 7.72 -11.53
N THR G 423 -17.74 8.79 -10.74
CA THR G 423 -16.51 9.46 -10.36
C THR G 423 -15.63 8.62 -9.44
N ILE G 424 -16.14 7.50 -8.93
CA ILE G 424 -15.34 6.64 -8.09
C ILE G 424 -14.24 6.01 -8.94
N SER G 425 -13.00 6.11 -8.46
CA SER G 425 -11.88 5.45 -9.12
C SER G 425 -11.85 3.98 -8.77
N GLU G 426 -11.39 3.16 -9.71
CA GLU G 426 -11.28 1.74 -9.48
C GLU G 426 -10.21 1.17 -10.40
N SER G 427 -9.78 -0.05 -10.08
CA SER G 427 -8.83 -0.77 -10.90
C SER G 427 -9.54 -1.50 -12.03
N THR G 428 -8.83 -1.65 -13.15
CA THR G 428 -9.36 -2.32 -14.33
C THR G 428 -8.93 -3.77 -14.41
N THR G 429 -8.24 -4.29 -13.40
CA THR G 429 -7.72 -5.65 -13.41
C THR G 429 -8.61 -6.62 -12.65
N GLN G 430 -9.81 -6.20 -12.28
CA GLN G 430 -10.73 -7.05 -11.53
C GLN G 430 -11.74 -7.69 -12.46
N THR G 431 -12.14 -8.91 -12.12
CA THR G 431 -13.07 -9.66 -12.94
C THR G 431 -14.50 -9.14 -12.83
N ILE G 432 -14.85 -8.47 -11.73
CA ILE G 432 -16.19 -7.96 -11.52
C ILE G 432 -16.11 -6.48 -11.14
N SER G 433 -17.01 -5.68 -11.69
CA SER G 433 -17.06 -4.26 -11.38
C SER G 433 -18.34 -3.96 -10.62
N PRO G 434 -18.27 -3.66 -9.32
CA PRO G 434 -19.49 -3.29 -8.60
C PRO G 434 -20.18 -2.09 -9.20
N ILE G 435 -19.41 -1.17 -9.79
CA ILE G 435 -20.01 0.03 -10.38
C ILE G 435 -21.03 -0.35 -11.45
N SER G 436 -20.64 -1.23 -12.37
CA SER G 436 -21.54 -1.62 -13.44
C SER G 436 -22.78 -2.29 -12.88
N GLU G 437 -22.61 -3.12 -11.86
CA GLU G 437 -23.74 -3.85 -11.30
C GLU G 437 -24.78 -2.90 -10.73
N ILE G 438 -24.34 -2.00 -9.85
CA ILE G 438 -25.30 -1.13 -9.17
C ILE G 438 -25.96 -0.20 -10.17
N LEU G 439 -25.21 0.28 -11.15
CA LEU G 439 -25.80 1.10 -12.19
C LEU G 439 -26.88 0.32 -12.94
N ARG G 440 -26.58 -0.92 -13.28
CA ARG G 440 -27.57 -1.75 -13.96
C ARG G 440 -28.79 -1.98 -13.09
N LEU G 441 -28.57 -2.26 -11.81
CA LEU G 441 -29.69 -2.46 -10.90
C LEU G 441 -30.45 -1.16 -10.65
N LEU G 442 -29.75 -0.03 -10.70
CA LEU G 442 -30.37 1.22 -10.27
C LEU G 442 -31.47 1.66 -11.21
N GLN G 443 -31.35 1.36 -12.49
CA GLN G 443 -32.36 1.79 -13.45
C GLN G 443 -33.66 1.04 -13.19
N PRO G 444 -34.79 1.74 -13.08
CA PRO G 444 -36.05 1.07 -12.74
C PRO G 444 -36.55 0.17 -13.85
N MET G 445 -37.72 -0.43 -13.65
CA MET G 445 -38.26 -1.41 -14.60
C MET G 445 -38.32 -0.82 -15.99
N GLY G 446 -39.16 0.21 -16.16
CA GLY G 446 -38.98 1.18 -17.21
C GLY G 446 -38.28 2.39 -16.65
N ASN G 447 -38.02 3.37 -17.52
CA ASN G 447 -37.53 4.66 -17.04
C ASN G 447 -38.72 5.44 -16.49
N ASP G 448 -39.28 4.91 -15.40
CA ASP G 448 -40.60 5.34 -14.92
C ASP G 448 -40.49 6.43 -13.87
N TYR G 449 -39.89 6.11 -12.73
CA TYR G 449 -39.71 7.06 -11.63
C TYR G 449 -41.04 7.68 -11.17
N ALA G 450 -42.14 6.96 -11.35
CA ALA G 450 -43.45 7.49 -10.97
C ALA G 450 -43.96 6.93 -9.65
N ALA G 451 -43.37 5.83 -9.16
CA ALA G 451 -43.88 5.19 -7.96
C ALA G 451 -43.80 6.12 -6.75
N PHE G 452 -42.84 7.04 -6.75
CA PHE G 452 -42.67 7.92 -5.60
C PHE G 452 -43.94 8.71 -5.34
N TRP G 453 -44.48 9.36 -6.36
CA TRP G 453 -45.72 10.10 -6.19
C TRP G 453 -46.86 9.18 -5.83
N LYS G 454 -46.84 7.95 -6.36
CA LYS G 454 -47.88 7.00 -6.02
C LYS G 454 -47.88 6.72 -4.53
N CYS G 455 -46.70 6.60 -3.92
CA CYS G 455 -46.64 6.39 -2.48
C CYS G 455 -47.20 7.58 -1.72
N ILE G 456 -46.87 8.79 -2.15
CA ILE G 456 -47.38 9.98 -1.46
C ILE G 456 -48.90 10.00 -1.50
N ALA G 457 -49.47 9.77 -2.68
CA ALA G 457 -50.91 9.83 -2.83
C ALA G 457 -51.60 8.80 -1.96
N SER G 458 -51.01 7.63 -1.82
CA SER G 458 -51.66 6.54 -1.09
C SER G 458 -51.92 6.93 0.36
N TRP G 459 -51.06 7.76 0.94
CA TRP G 459 -51.22 8.12 2.35
C TRP G 459 -52.56 8.78 2.61
N ALA G 460 -53.06 9.56 1.66
CA ALA G 460 -54.35 10.20 1.84
C ALA G 460 -55.50 9.22 1.83
N TYR G 461 -55.27 7.98 1.43
CA TYR G 461 -56.35 7.00 1.37
C TYR G 461 -55.91 5.65 1.91
N ASN G 462 -55.06 5.66 2.95
CA ASN G 462 -54.57 4.40 3.49
C ASN G 462 -55.70 3.52 4.01
N GLY G 463 -56.85 4.12 4.34
CA GLY G 463 -57.99 3.33 4.71
C GLY G 463 -58.50 2.47 3.58
N LEU G 464 -58.38 2.94 2.34
CA LEU G 464 -58.86 2.19 1.20
C LEU G 464 -57.83 1.22 0.65
N VAL G 465 -56.59 1.68 0.49
CA VAL G 465 -55.58 0.91 -0.22
C VAL G 465 -54.26 1.10 0.50
N THR G 466 -53.40 0.08 0.43
CA THR G 466 -52.08 0.12 1.03
C THR G 466 -51.04 -0.19 -0.03
N THR G 467 -50.04 0.68 -0.15
CA THR G 467 -48.88 0.34 -0.95
C THR G 467 -48.10 -0.79 -0.31
N VAL G 468 -47.50 -1.61 -1.15
CA VAL G 468 -46.68 -2.72 -0.69
C VAL G 468 -45.47 -2.85 -1.60
N LEU G 469 -44.34 -3.20 -1.01
CA LEU G 469 -43.13 -3.43 -1.80
C LEU G 469 -43.38 -4.52 -2.82
N SER G 470 -42.98 -4.27 -4.05
CA SER G 470 -43.15 -5.26 -5.11
C SER G 470 -42.44 -6.55 -4.73
N GLU G 471 -43.15 -7.67 -4.87
CA GLU G 471 -42.61 -8.94 -4.43
C GLU G 471 -41.37 -9.33 -5.21
N ASP G 472 -41.31 -8.97 -6.49
CA ASP G 472 -40.18 -9.37 -7.33
C ASP G 472 -38.89 -8.67 -6.95
N ALA G 473 -38.95 -7.59 -6.17
CA ALA G 473 -37.73 -6.88 -5.81
C ALA G 473 -36.96 -7.55 -4.69
N PHE G 474 -37.56 -8.50 -4.00
CA PHE G 474 -36.87 -9.13 -2.88
C PHE G 474 -35.71 -9.98 -3.39
N PRO G 475 -34.60 -10.02 -2.67
CA PRO G 475 -33.51 -10.91 -3.05
C PRO G 475 -33.93 -12.36 -2.86
N ASP G 476 -33.40 -13.23 -3.70
CA ASP G 476 -33.73 -14.64 -3.62
C ASP G 476 -33.25 -15.22 -2.30
N SER G 477 -34.12 -15.95 -1.62
CA SER G 477 -33.79 -16.49 -0.30
C SER G 477 -32.67 -17.50 -0.36
N SER G 478 -32.47 -18.15 -1.50
CA SER G 478 -31.42 -19.16 -1.58
C SER G 478 -30.02 -18.55 -1.62
N GLN G 479 -29.90 -17.26 -1.89
CA GLN G 479 -28.59 -16.64 -2.03
C GLN G 479 -27.96 -16.42 -0.67
N SER G 480 -26.72 -15.95 -0.69
CA SER G 480 -25.99 -15.60 0.53
C SER G 480 -25.49 -14.17 0.41
N ILE G 481 -25.09 -13.62 1.55
CA ILE G 481 -24.78 -12.19 1.63
C ILE G 481 -23.65 -11.82 0.68
N THR G 482 -22.75 -12.76 0.39
CA THR G 482 -21.63 -12.47 -0.49
C THR G 482 -22.05 -12.27 -1.93
N HIS G 483 -23.26 -12.66 -2.30
CA HIS G 483 -23.73 -12.48 -3.67
C HIS G 483 -24.12 -11.01 -3.84
N LEU G 484 -23.24 -10.23 -4.46
CA LEU G 484 -23.39 -8.77 -4.50
C LEU G 484 -24.74 -8.30 -5.00
N PRO G 485 -25.27 -8.77 -6.13
CA PRO G 485 -26.57 -8.26 -6.58
C PRO G 485 -27.66 -8.45 -5.55
N SER G 486 -27.64 -9.59 -4.84
CA SER G 486 -28.58 -9.79 -3.76
C SER G 486 -28.36 -8.76 -2.64
N MET G 487 -27.10 -8.48 -2.33
CA MET G 487 -26.80 -7.53 -1.27
C MET G 487 -27.37 -6.16 -1.61
N TRP G 488 -27.16 -5.70 -2.85
CA TRP G 488 -27.66 -4.40 -3.24
C TRP G 488 -29.17 -4.32 -3.12
N LYS G 489 -29.87 -5.35 -3.57
CA LYS G 489 -31.32 -5.37 -3.46
C LYS G 489 -31.76 -5.19 -2.02
N CYS G 490 -31.05 -5.86 -1.09
CA CYS G 490 -31.40 -5.71 0.31
C CYS G 490 -31.24 -4.27 0.76
N LEU G 491 -30.19 -3.60 0.29
CA LEU G 491 -29.99 -2.21 0.65
C LEU G 491 -31.12 -1.33 0.16
N PHE G 492 -31.56 -1.55 -1.08
CA PHE G 492 -32.63 -0.72 -1.63
C PHE G 492 -33.94 -0.95 -0.87
N LEU G 493 -34.18 -2.20 -0.46
CA LEU G 493 -35.40 -2.49 0.29
C LEU G 493 -35.46 -1.67 1.57
N THR G 494 -34.40 -1.75 2.38
CA THR G 494 -34.43 -1.07 3.67
C THR G 494 -34.49 0.44 3.50
N LEU G 495 -33.93 0.97 2.42
CA LEU G 495 -34.03 2.41 2.19
C LEU G 495 -35.46 2.82 1.89
N ALA G 496 -36.12 2.10 0.99
CA ALA G 496 -37.45 2.49 0.55
C ALA G 496 -38.54 2.09 1.52
N GLY G 497 -38.23 1.24 2.49
CA GLY G 497 -39.20 0.69 3.41
C GLY G 497 -40.20 1.69 3.95
N PRO G 498 -39.72 2.72 4.65
CA PRO G 498 -40.65 3.64 5.33
C PRO G 498 -41.62 4.34 4.40
N MET G 499 -41.32 4.45 3.11
CA MET G 499 -42.24 5.13 2.21
C MET G 499 -43.55 4.38 2.06
N THR G 500 -43.52 3.05 2.10
CA THR G 500 -44.75 2.29 1.93
C THR G 500 -45.66 2.42 3.15
N SER G 501 -46.94 2.16 2.94
CA SER G 501 -47.94 2.22 3.99
C SER G 501 -48.30 0.86 4.56
N ASP G 502 -47.71 -0.21 4.05
CA ASP G 502 -47.99 -1.54 4.57
C ASP G 502 -47.51 -1.63 6.01
N PRO G 503 -48.37 -2.00 6.96
CA PRO G 503 -47.90 -2.16 8.34
C PRO G 503 -46.79 -3.19 8.48
N HIS G 504 -46.78 -4.20 7.62
CA HIS G 504 -45.79 -5.27 7.75
C HIS G 504 -44.45 -4.91 7.12
N SER G 505 -44.32 -3.73 6.52
CA SER G 505 -43.06 -3.37 5.85
C SER G 505 -41.85 -3.52 6.75
N PRO G 506 -41.83 -3.03 7.99
CA PRO G 506 -40.60 -3.20 8.79
C PRO G 506 -40.17 -4.64 8.95
N VAL G 507 -41.12 -5.54 9.22
CA VAL G 507 -40.77 -6.95 9.41
C VAL G 507 -40.18 -7.51 8.13
N LYS G 508 -40.82 -7.22 7.00
CA LYS G 508 -40.33 -7.74 5.73
C LYS G 508 -38.91 -7.26 5.48
N VAL G 509 -38.65 -5.99 5.74
CA VAL G 509 -37.30 -5.47 5.60
C VAL G 509 -36.34 -6.26 6.48
N PHE G 510 -36.74 -6.48 7.73
CA PHE G 510 -35.89 -7.22 8.65
C PHE G 510 -35.64 -8.62 8.16
N MET G 511 -36.70 -9.32 7.75
CA MET G 511 -36.54 -10.71 7.31
C MET G 511 -35.72 -10.79 6.04
N ALA G 512 -35.78 -9.76 5.20
CA ALA G 512 -35.02 -9.78 3.95
C ALA G 512 -33.54 -10.03 4.22
N LEU G 513 -32.97 -9.26 5.14
CA LEU G 513 -31.58 -9.49 5.52
C LEU G 513 -31.43 -10.83 6.22
N ALA G 514 -32.40 -11.19 7.07
CA ALA G 514 -32.30 -12.43 7.81
C ALA G 514 -32.18 -13.63 6.88
N ASN G 515 -32.81 -13.57 5.71
CA ASN G 515 -32.68 -14.66 4.75
C ASN G 515 -31.24 -14.84 4.32
N LEU G 516 -30.53 -13.73 4.07
CA LEU G 516 -29.18 -13.83 3.56
C LEU G 516 -28.20 -14.30 4.62
N LEU G 517 -28.52 -14.13 5.89
CA LEU G 517 -27.62 -14.49 6.97
C LEU G 517 -28.07 -15.75 7.69
N ALA G 518 -28.94 -16.55 7.08
CA ALA G 518 -29.42 -17.75 7.74
C ALA G 518 -28.28 -18.72 8.05
N GLN G 519 -27.23 -18.71 7.23
CA GLN G 519 -26.12 -19.62 7.46
C GLN G 519 -25.29 -19.20 8.67
N PRO G 520 -24.71 -18.01 8.71
CA PRO G 520 -23.81 -17.70 9.83
C PRO G 520 -24.52 -17.27 11.10
N GLU G 521 -25.66 -16.59 10.97
CA GLU G 521 -26.33 -15.97 12.11
C GLU G 521 -27.77 -16.45 12.19
N PRO G 522 -28.04 -17.49 12.97
CA PRO G 522 -29.40 -17.99 13.12
C PRO G 522 -30.18 -17.25 14.19
N ILE G 523 -31.50 -17.20 13.99
CA ILE G 523 -32.43 -16.61 14.95
C ILE G 523 -33.67 -17.49 15.03
N ALA G 524 -34.49 -17.24 16.04
CA ALA G 524 -35.68 -18.03 16.27
C ALA G 524 -36.88 -17.44 15.55
N ILE G 525 -37.71 -18.31 14.98
CA ILE G 525 -38.95 -17.93 14.34
C ILE G 525 -40.09 -18.52 15.13
N GLY G 526 -41.05 -17.67 15.52
CA GLY G 526 -42.08 -18.09 16.43
C GLY G 526 -42.99 -19.20 15.95
N VAL G 527 -43.82 -18.91 14.96
CA VAL G 527 -44.83 -19.89 14.54
C VAL G 527 -44.13 -21.09 13.90
N PRO G 528 -44.53 -22.31 14.21
CA PRO G 528 -43.95 -23.47 13.53
C PRO G 528 -44.31 -23.48 12.06
N GLY G 529 -43.48 -24.16 11.29
CA GLY G 529 -43.67 -24.24 9.86
C GLY G 529 -43.03 -23.13 9.07
N MET G 530 -42.41 -22.16 9.73
CA MET G 530 -41.71 -21.08 9.06
C MET G 530 -40.25 -21.09 9.49
N HIS G 531 -39.36 -20.85 8.54
CA HIS G 531 -37.94 -20.93 8.80
C HIS G 531 -37.27 -19.65 8.34
N GLN G 532 -36.03 -19.45 8.80
CA GLN G 532 -35.30 -18.24 8.49
C GLN G 532 -35.09 -18.07 7.00
N THR G 533 -35.20 -19.13 6.22
CA THR G 533 -35.05 -19.06 4.77
C THR G 533 -36.39 -18.90 4.06
N THR G 534 -37.49 -18.79 4.79
CA THR G 534 -38.76 -18.53 4.15
C THR G 534 -38.69 -17.20 3.41
N PRO G 535 -39.25 -17.10 2.20
CA PRO G 535 -39.25 -15.82 1.49
C PRO G 535 -39.84 -14.72 2.35
N ALA G 536 -39.09 -13.61 2.44
CA ALA G 536 -39.46 -12.56 3.39
C ALA G 536 -40.83 -11.98 3.07
N SER G 537 -41.22 -11.99 1.81
CA SER G 537 -42.50 -11.39 1.43
C SER G 537 -43.69 -12.12 2.03
N GLN G 538 -43.50 -13.34 2.54
CA GLN G 538 -44.62 -14.06 3.12
C GLN G 538 -44.99 -13.56 4.51
N PHE G 539 -44.09 -12.86 5.19
CA PHE G 539 -44.36 -12.37 6.53
C PHE G 539 -45.34 -11.21 6.43
N SER G 540 -46.62 -11.54 6.36
CA SER G 540 -47.69 -10.56 6.21
C SER G 540 -48.82 -10.87 7.17
N HIS G 541 -48.47 -11.09 8.44
CA HIS G 541 -49.47 -11.39 9.44
C HIS G 541 -48.91 -10.95 10.78
N PRO G 542 -49.67 -10.20 11.57
CA PRO G 542 -49.12 -9.73 12.85
C PRO G 542 -48.67 -10.83 13.76
N GLY G 543 -49.27 -12.01 13.65
CA GLY G 543 -48.92 -13.10 14.53
C GLY G 543 -47.66 -13.84 14.17
N VAL G 544 -46.97 -13.46 13.10
CA VAL G 544 -45.77 -14.17 12.68
C VAL G 544 -44.53 -13.31 12.83
N TRP G 545 -44.61 -12.22 13.55
CA TRP G 545 -43.43 -11.40 13.78
C TRP G 545 -42.45 -12.17 14.66
N PRO G 546 -41.20 -12.30 14.27
CA PRO G 546 -40.23 -13.08 15.05
C PRO G 546 -40.07 -12.49 16.44
N PRO G 547 -39.94 -13.33 17.46
CA PRO G 547 -39.79 -12.79 18.82
C PRO G 547 -38.59 -11.88 18.97
N GLY G 548 -37.48 -12.21 18.31
CA GLY G 548 -36.32 -11.36 18.40
C GLY G 548 -36.60 -9.96 17.87
N PHE G 549 -37.37 -9.87 16.80
CA PHE G 549 -37.72 -8.57 16.26
C PHE G 549 -38.56 -7.76 17.25
N LEU G 550 -39.39 -8.45 18.04
CA LEU G 550 -40.17 -7.75 19.06
C LEU G 550 -39.29 -7.27 20.21
N ASN G 551 -38.27 -8.05 20.57
CA ASN G 551 -37.39 -7.73 21.69
C ASN G 551 -35.97 -8.09 21.29
N PRO G 552 -35.17 -7.12 20.87
CA PRO G 552 -33.81 -7.44 20.40
C PRO G 552 -32.94 -8.08 21.45
N GLN G 553 -33.27 -7.91 22.74
CA GLN G 553 -32.43 -8.49 23.77
C GLN G 553 -32.42 -10.01 23.73
N LEU G 554 -33.40 -10.62 23.08
CA LEU G 554 -33.38 -12.08 22.95
C LEU G 554 -32.22 -12.54 22.08
N ILE G 555 -31.82 -11.73 21.11
CA ILE G 555 -30.75 -12.11 20.20
C ILE G 555 -29.41 -11.97 20.92
N ASN G 556 -28.71 -13.06 21.10
CA ASN G 556 -27.42 -13.02 21.76
C ASN G 556 -26.40 -12.33 20.85
N PRO G 557 -25.68 -11.32 21.34
CA PRO G 557 -24.72 -10.62 20.48
C PRO G 557 -23.66 -11.54 19.90
N GLN G 558 -23.18 -12.51 20.68
CA GLN G 558 -22.08 -13.34 20.23
C GLN G 558 -22.52 -14.39 19.21
N GLN G 559 -23.81 -14.57 18.99
CA GLN G 559 -24.28 -15.52 18.00
C GLN G 559 -24.70 -14.86 16.70
N ALA G 560 -25.39 -13.72 16.78
CA ALA G 560 -25.86 -13.01 15.60
C ALA G 560 -25.64 -11.51 15.78
N PRO G 561 -24.38 -11.06 15.74
CA PRO G 561 -24.11 -9.64 16.00
C PRO G 561 -24.84 -8.71 15.06
N LEU G 562 -24.88 -9.03 13.77
CA LEU G 562 -25.44 -8.09 12.81
C LEU G 562 -26.95 -7.99 12.96
N LEU G 563 -27.64 -9.12 13.05
CA LEU G 563 -29.09 -9.09 13.10
C LEU G 563 -29.59 -8.33 14.31
N ARG G 564 -28.93 -8.51 15.46
CA ARG G 564 -29.30 -7.74 16.64
C ARG G 564 -29.12 -6.25 16.37
N ALA G 565 -27.98 -5.89 15.78
CA ALA G 565 -27.76 -4.49 15.44
C ALA G 565 -28.80 -3.99 14.45
N PHE G 566 -29.12 -4.81 13.46
CA PHE G 566 -30.12 -4.41 12.47
C PHE G 566 -31.46 -4.18 13.13
N ALA G 567 -31.89 -5.10 13.99
CA ALA G 567 -33.17 -4.95 14.67
C ALA G 567 -33.18 -3.69 15.52
N GLU G 568 -32.10 -3.45 16.25
CA GLU G 568 -32.00 -2.24 17.05
C GLU G 568 -32.08 -1.01 16.17
N HIS G 569 -31.39 -1.02 15.02
CA HIS G 569 -31.44 0.10 14.11
C HIS G 569 -32.86 0.38 13.66
N ILE G 570 -33.59 -0.67 13.29
CA ILE G 570 -34.95 -0.49 12.80
C ILE G 570 -35.84 0.09 13.88
N ARG G 571 -35.83 -0.53 15.06
CA ARG G 571 -36.71 -0.08 16.13
C ARG G 571 -36.37 1.33 16.58
N ALA G 572 -35.15 1.79 16.34
CA ALA G 572 -34.73 3.08 16.83
C ALA G 572 -34.93 4.20 15.82
N ASN G 573 -34.78 3.91 14.53
CA ASN G 573 -34.75 4.95 13.52
C ASN G 573 -35.94 4.95 12.59
N TRP G 574 -36.90 4.05 12.76
CA TRP G 574 -38.08 4.08 11.92
C TRP G 574 -38.86 5.35 12.22
N PRO G 575 -39.32 6.07 11.20
CA PRO G 575 -39.90 7.40 11.42
C PRO G 575 -41.12 7.37 12.32
N GLN G 576 -41.49 8.56 12.80
CA GLN G 576 -42.59 8.72 13.73
C GLN G 576 -43.76 9.38 13.04
N PRO G 577 -44.95 8.79 13.08
CA PRO G 577 -46.12 9.46 12.50
C PRO G 577 -46.42 10.77 13.18
N SER G 578 -46.98 11.69 12.42
CA SER G 578 -47.35 13.01 12.92
C SER G 578 -48.69 13.40 12.30
N GLU G 579 -49.04 14.68 12.40
CA GLU G 579 -50.39 15.10 12.09
C GLU G 579 -50.37 16.56 11.65
N PHE G 580 -51.41 16.96 10.93
CA PHE G 580 -51.62 18.35 10.57
C PHE G 580 -53.09 18.56 10.23
N GLY G 581 -53.49 19.82 10.14
CA GLY G 581 -54.85 20.18 9.83
C GLY G 581 -55.04 20.53 8.37
N TYR G 582 -56.31 20.59 7.96
CA TYR G 582 -56.65 20.91 6.58
C TYR G 582 -58.09 21.40 6.53
N GLY G 583 -58.43 22.02 5.42
CA GLY G 583 -59.79 22.46 5.23
C GLY G 583 -60.15 23.61 6.16
N SER G 584 -61.46 23.80 6.33
CA SER G 584 -61.98 24.86 7.18
C SER G 584 -63.03 24.29 8.13
N THR G 585 -62.90 24.61 9.41
CA THR G 585 -63.88 24.16 10.38
C THR G 585 -65.26 24.74 10.09
N LEU G 586 -65.31 25.96 9.57
CA LEU G 586 -66.59 26.56 9.25
C LEU G 586 -67.36 25.73 8.22
N GLN G 587 -66.64 25.04 7.34
CA GLN G 587 -67.28 24.23 6.31
C GLN G 587 -67.55 22.81 6.79
N GLY G 588 -66.88 22.36 7.83
CA GLY G 588 -66.99 20.98 8.24
C GLY G 588 -66.01 20.09 7.51
N SER G 589 -66.09 18.80 7.81
CA SER G 589 -65.17 17.83 7.23
C SER G 589 -65.87 16.48 7.12
N ALA G 590 -65.38 15.66 6.21
CA ALA G 590 -65.93 14.33 5.97
C ALA G 590 -65.13 13.24 6.65
N ASN G 591 -64.20 13.60 7.53
CA ASN G 591 -63.41 12.61 8.23
C ASN G 591 -64.30 11.66 9.02
N LEU G 592 -64.01 10.36 8.94
CA LEU G 592 -64.74 9.38 9.73
C LEU G 592 -64.02 9.05 11.02
N PHE G 593 -62.83 8.45 10.93
CA PHE G 593 -62.14 8.01 12.13
C PHE G 593 -61.25 9.09 12.71
N ILE G 594 -60.52 9.80 11.85
CA ILE G 594 -59.69 10.92 12.28
C ILE G 594 -60.63 12.04 12.73
N PRO G 595 -60.26 12.83 13.73
CA PRO G 595 -61.05 14.01 14.05
C PRO G 595 -61.14 14.93 12.85
N PRO G 596 -62.26 15.63 12.69
CA PRO G 596 -62.49 16.37 11.44
C PRO G 596 -61.44 17.46 11.21
N ASN G 597 -61.18 17.71 9.93
CA ASN G 597 -60.25 18.74 9.48
C ASN G 597 -58.82 18.45 9.89
N ARG G 598 -58.50 17.20 10.21
CA ARG G 598 -57.15 16.79 10.54
C ARG G 598 -56.73 15.64 9.64
N MET G 599 -55.42 15.53 9.43
CA MET G 599 -54.87 14.44 8.64
C MET G 599 -53.64 13.88 9.33
N VAL G 600 -53.46 12.57 9.24
CA VAL G 600 -52.30 11.91 9.81
C VAL G 600 -51.23 11.82 8.74
N TYR G 601 -49.99 11.63 9.18
CA TYR G 601 -48.86 11.72 8.30
C TYR G 601 -47.77 10.79 8.79
N PRO G 602 -47.25 9.90 7.95
CA PRO G 602 -46.30 8.89 8.44
C PRO G 602 -45.02 9.47 9.01
N TRP G 603 -44.57 10.59 8.50
CA TRP G 603 -43.34 11.23 8.94
C TRP G 603 -43.63 12.38 9.87
N PRO G 604 -42.63 12.86 10.60
CA PRO G 604 -42.79 14.14 11.31
C PRO G 604 -42.93 15.26 10.29
N ASN G 605 -43.60 16.33 10.72
CA ASN G 605 -43.87 17.44 9.82
C ASN G 605 -43.65 18.76 10.55
N GLN G 606 -43.51 19.82 9.77
CA GLN G 606 -43.26 21.15 10.27
C GLN G 606 -44.11 22.14 9.48
N PRO G 607 -44.37 23.32 10.04
CA PRO G 607 -45.02 24.36 9.25
C PRO G 607 -44.14 24.80 8.10
N LEU G 608 -44.75 25.48 7.14
CA LEU G 608 -44.02 25.92 5.96
C LEU G 608 -42.92 26.89 6.36
N PRO G 609 -41.72 26.75 5.79
CA PRO G 609 -40.63 27.66 6.15
C PRO G 609 -40.92 29.08 5.69
N ARG G 610 -40.15 30.02 6.23
CA ARG G 610 -40.39 31.44 5.97
C ARG G 610 -39.59 31.94 4.77
N LEU G 611 -38.28 31.89 4.86
CA LEU G 611 -37.39 32.38 3.81
C LEU G 611 -37.01 31.23 2.87
N THR G 612 -35.99 31.46 2.04
CA THR G 612 -35.58 30.47 1.04
C THR G 612 -35.24 29.13 1.67
N VAL G 613 -35.48 28.07 0.92
CA VAL G 613 -35.19 26.71 1.34
C VAL G 613 -33.72 26.39 1.07
N ALA G 614 -33.26 25.27 1.60
CA ALA G 614 -31.93 24.75 1.33
C ALA G 614 -31.88 23.30 1.80
N PRO G 615 -31.03 22.46 1.22
CA PRO G 615 -30.90 21.09 1.72
C PRO G 615 -30.46 21.09 3.17
N THR G 616 -31.02 20.19 3.94
CA THR G 616 -30.69 20.07 5.36
C THR G 616 -30.35 18.63 5.67
N TYR G 617 -29.92 18.39 6.91
CA TYR G 617 -29.38 17.08 7.26
C TYR G 617 -29.85 16.59 8.62
N ASP G 618 -30.90 17.19 9.18
CA ASP G 618 -31.44 16.76 10.45
C ASP G 618 -32.86 16.25 10.33
N SER G 619 -33.38 16.14 9.12
CA SER G 619 -34.72 15.60 8.93
C SER G 619 -34.74 14.12 9.29
N ALA G 620 -35.94 13.62 9.55
CA ALA G 620 -36.08 12.21 9.89
C ALA G 620 -35.58 11.33 8.76
N MET G 621 -35.96 11.66 7.52
CA MET G 621 -35.55 10.82 6.39
C MET G 621 -34.04 10.83 6.22
N SER G 622 -33.43 12.01 6.29
CA SER G 622 -31.98 12.10 6.16
C SER G 622 -31.31 11.27 7.23
N ASN G 623 -31.80 11.35 8.47
CA ASN G 623 -31.26 10.52 9.53
C ASN G 623 -31.44 9.05 9.21
N TRP G 624 -32.62 8.67 8.70
CA TRP G 624 -32.85 7.28 8.34
C TRP G 624 -31.85 6.83 7.28
N ILE G 625 -31.61 7.67 6.29
CA ILE G 625 -30.69 7.31 5.20
C ILE G 625 -29.29 7.09 5.75
N SER G 626 -28.78 8.08 6.48
CA SER G 626 -27.38 8.04 6.91
C SER G 626 -27.14 6.83 7.81
N THR G 627 -28.02 6.61 8.78
CA THR G 627 -27.86 5.48 9.68
C THR G 627 -27.91 4.16 8.92
N THR G 628 -28.84 4.05 7.97
CA THR G 628 -28.95 2.82 7.20
C THR G 628 -27.66 2.53 6.45
N ILE G 629 -27.12 3.53 5.77
CA ILE G 629 -25.86 3.35 5.07
C ILE G 629 -24.76 2.96 6.04
N ALA G 630 -24.71 3.65 7.19
CA ALA G 630 -23.70 3.33 8.20
C ALA G 630 -23.77 1.86 8.59
N PHE G 631 -24.97 1.34 8.77
CA PHE G 631 -25.12 -0.06 9.13
C PHE G 631 -24.57 -0.96 8.04
N PHE G 632 -24.93 -0.69 6.79
CA PHE G 632 -24.49 -1.57 5.71
C PHE G 632 -22.98 -1.53 5.53
N ILE G 633 -22.38 -0.35 5.75
CA ILE G 633 -20.93 -0.27 5.73
C ILE G 633 -20.34 -1.22 6.76
N ARG G 634 -20.92 -1.22 7.95
CA ARG G 634 -20.49 -2.16 8.97
C ARG G 634 -20.66 -3.59 8.50
N VAL G 635 -21.73 -3.87 7.76
CA VAL G 635 -21.95 -5.23 7.26
C VAL G 635 -20.84 -5.62 6.30
N VAL G 636 -20.52 -4.73 5.36
CA VAL G 636 -19.54 -5.07 4.34
C VAL G 636 -18.18 -5.34 4.95
N ASN G 637 -17.87 -4.69 6.06
CA ASN G 637 -16.60 -4.92 6.74
C ASN G 637 -16.68 -6.05 7.75
N SER G 638 -17.82 -6.72 7.86
CA SER G 638 -17.91 -7.84 8.79
C SER G 638 -17.06 -9.00 8.31
N VAL G 639 -16.79 -9.93 9.24
CA VAL G 639 -15.90 -11.04 8.94
C VAL G 639 -16.44 -11.87 7.79
N ASN G 640 -17.76 -11.98 7.67
CA ASN G 640 -18.35 -12.84 6.65
C ASN G 640 -17.92 -12.40 5.26
N MET G 641 -17.92 -11.10 5.00
CA MET G 641 -17.50 -10.63 3.69
C MET G 641 -15.99 -10.76 3.50
N THR G 642 -15.22 -10.49 4.56
CA THR G 642 -13.77 -10.51 4.43
C THR G 642 -13.26 -11.88 4.03
N ALA G 643 -13.98 -12.94 4.40
CA ALA G 643 -13.54 -14.28 4.05
C ALA G 643 -13.57 -14.53 2.56
N THR G 644 -14.38 -13.81 1.81
CA THR G 644 -14.56 -14.13 0.40
C THR G 644 -14.34 -12.93 -0.51
N VAL G 645 -14.77 -11.76 -0.11
CA VAL G 645 -14.75 -10.59 -0.98
C VAL G 645 -13.36 -9.97 -0.93
N ASN G 646 -12.72 -9.88 -2.08
CA ASN G 646 -11.42 -9.23 -2.16
C ASN G 646 -11.51 -7.79 -1.68
N ASP G 647 -10.53 -7.38 -0.89
CA ASP G 647 -10.61 -6.09 -0.20
C ASP G 647 -10.68 -4.93 -1.17
N LEU G 648 -10.01 -5.04 -2.33
CA LEU G 648 -10.08 -3.98 -3.32
C LEU G 648 -11.53 -3.70 -3.70
N THR G 649 -12.26 -4.75 -4.06
CA THR G 649 -13.69 -4.59 -4.29
C THR G 649 -14.38 -4.14 -3.01
N ARG G 650 -14.01 -4.74 -1.88
CA ARG G 650 -14.62 -4.35 -0.62
C ARG G 650 -14.39 -2.88 -0.34
N ARG G 651 -13.19 -2.39 -0.63
CA ARG G 651 -12.92 -0.96 -0.51
C ARG G 651 -13.79 -0.17 -1.46
N THR G 652 -13.99 -0.68 -2.68
CA THR G 652 -14.84 0.04 -3.63
C THR G 652 -16.28 0.11 -3.13
N MET G 653 -16.80 -0.99 -2.59
CA MET G 653 -18.19 -1.02 -2.19
C MET G 653 -18.47 0.00 -1.09
N THR G 654 -17.63 0.03 -0.07
CA THR G 654 -17.85 1.01 0.99
C THR G 654 -17.67 2.42 0.45
N GLY G 655 -16.83 2.60 -0.57
CA GLY G 655 -16.66 3.90 -1.17
C GLY G 655 -17.94 4.38 -1.83
N VAL G 656 -18.52 3.55 -2.69
CA VAL G 656 -19.71 3.98 -3.41
C VAL G 656 -20.87 4.20 -2.45
N MET G 657 -20.97 3.35 -1.42
CA MET G 657 -22.00 3.57 -0.42
C MET G 657 -21.80 4.89 0.29
N THR G 658 -20.55 5.23 0.60
CA THR G 658 -20.27 6.52 1.23
C THR G 658 -20.71 7.66 0.33
N ALA G 659 -20.47 7.52 -0.97
CA ALA G 659 -20.84 8.60 -1.90
C ALA G 659 -22.33 8.86 -1.83
N MET G 660 -23.15 7.80 -1.79
CA MET G 660 -24.59 7.99 -1.73
C MET G 660 -24.99 8.75 -0.48
N ARG G 661 -24.37 8.42 0.65
CA ARG G 661 -24.71 9.11 1.89
C ARG G 661 -24.34 10.58 1.86
N GLN G 662 -23.47 11.00 0.94
CA GLN G 662 -23.01 12.38 0.90
C GLN G 662 -23.75 13.26 -0.10
N VAL G 663 -24.66 12.69 -0.89
CA VAL G 663 -25.36 13.49 -1.89
C VAL G 663 -26.30 14.46 -1.19
N LYS G 664 -26.22 15.73 -1.56
CA LYS G 664 -27.04 16.77 -0.96
C LYS G 664 -28.39 16.84 -1.66
N THR G 665 -29.19 15.81 -1.42
CA THR G 665 -30.53 15.76 -2.01
C THR G 665 -31.47 16.71 -1.27
N MET G 666 -32.51 17.12 -1.98
CA MET G 666 -33.51 18.02 -1.42
C MET G 666 -34.71 17.28 -0.84
N THR G 667 -34.95 16.05 -1.28
CA THR G 667 -36.16 15.33 -0.92
C THR G 667 -36.45 15.28 0.58
N PRO G 668 -35.49 14.95 1.46
CA PRO G 668 -35.84 14.84 2.88
C PRO G 668 -36.42 16.13 3.43
N PHE G 669 -35.89 17.28 3.03
CA PHE G 669 -36.45 18.53 3.47
C PHE G 669 -37.88 18.70 2.95
N TYR G 670 -38.09 18.37 1.68
CA TYR G 670 -39.40 18.56 1.08
C TYR G 670 -40.45 17.73 1.80
N ILE G 671 -40.10 16.50 2.17
CA ILE G 671 -41.04 15.63 2.86
C ILE G 671 -41.47 16.25 4.18
N GLN G 672 -40.52 16.81 4.92
CA GLN G 672 -40.81 17.28 6.26
C GLN G 672 -41.55 18.61 6.28
N HIS G 673 -41.31 19.48 5.30
CA HIS G 673 -41.78 20.85 5.40
C HIS G 673 -42.78 21.26 4.34
N MET G 674 -42.66 20.75 3.12
CA MET G 674 -43.45 21.27 2.00
C MET G 674 -44.53 20.32 1.54
N CYS G 675 -44.24 19.03 1.46
CA CYS G 675 -45.26 18.06 1.05
C CYS G 675 -46.54 18.14 1.87
N PRO G 676 -46.51 18.27 3.21
CA PRO G 676 -47.78 18.36 3.94
C PRO G 676 -48.68 19.48 3.48
N THR G 677 -48.11 20.63 3.13
CA THR G 677 -48.92 21.74 2.66
C THR G 677 -49.64 21.35 1.37
N GLU G 678 -48.92 20.73 0.44
CA GLU G 678 -49.54 20.36 -0.83
C GLU G 678 -50.69 19.41 -0.61
N LEU G 679 -50.52 18.44 0.28
CA LEU G 679 -51.62 17.53 0.60
C LEU G 679 -52.79 18.30 1.21
N SER G 680 -52.48 19.18 2.17
CA SER G 680 -53.55 19.87 2.88
C SER G 680 -54.41 20.68 1.92
N VAL G 681 -53.78 21.31 0.94
CA VAL G 681 -54.55 22.08 -0.03
C VAL G 681 -55.33 21.15 -0.96
N LEU G 682 -54.66 20.17 -1.54
CA LEU G 682 -55.32 19.32 -2.52
C LEU G 682 -56.46 18.53 -1.91
N ALA G 683 -56.44 18.34 -0.59
CA ALA G 683 -57.51 17.60 0.06
C ALA G 683 -58.87 18.25 -0.19
N SER G 684 -58.88 19.55 -0.44
CA SER G 684 -60.12 20.26 -0.71
C SER G 684 -60.49 20.28 -2.17
N VAL G 685 -59.71 19.64 -3.04
CA VAL G 685 -59.89 19.74 -4.48
C VAL G 685 -60.38 18.43 -5.07
N THR G 686 -59.84 17.30 -4.65
CA THR G 686 -60.22 16.03 -5.23
C THR G 686 -61.71 15.78 -5.05
N VAL G 687 -62.31 15.14 -6.05
CA VAL G 687 -63.74 14.84 -5.99
C VAL G 687 -64.06 13.96 -4.80
N THR G 688 -63.08 13.23 -4.28
CA THR G 688 -63.27 12.36 -3.13
C THR G 688 -62.42 12.85 -1.98
N PRO G 689 -63.00 13.21 -0.84
CA PRO G 689 -62.21 13.69 0.28
C PRO G 689 -61.28 12.61 0.79
N PRO G 690 -60.23 12.98 1.53
CA PRO G 690 -59.31 11.96 2.05
C PRO G 690 -60.01 11.03 3.01
N PHE G 691 -59.51 9.80 3.08
CA PHE G 691 -60.09 8.74 3.89
C PHE G 691 -58.95 8.02 4.58
N GLN G 692 -58.71 8.33 5.85
CA GLN G 692 -57.51 7.88 6.54
C GLN G 692 -57.87 7.06 7.77
N VAL G 693 -56.86 6.39 8.29
CA VAL G 693 -56.96 5.57 9.49
C VAL G 693 -55.60 5.66 10.17
N PRO G 694 -55.52 5.65 11.50
CA PRO G 694 -54.26 6.02 12.17
C PRO G 694 -53.07 5.19 11.73
N PHE G 695 -51.93 5.86 11.57
CA PHE G 695 -50.67 5.20 11.25
C PHE G 695 -50.10 4.60 12.52
N THR G 696 -50.17 3.29 12.65
CA THR G 696 -49.47 2.62 13.74
C THR G 696 -48.04 2.33 13.33
N ARG G 697 -47.17 2.19 14.32
CA ARG G 697 -45.74 2.05 14.09
C ARG G 697 -45.19 1.00 15.04
N LEU G 698 -44.92 -0.19 14.51
CA LEU G 698 -44.21 -1.25 15.21
C LEU G 698 -44.94 -1.78 16.42
N VAL G 699 -46.16 -1.33 16.68
CA VAL G 699 -46.94 -1.82 17.81
C VAL G 699 -47.74 -3.02 17.33
N GLN G 700 -47.35 -4.21 17.78
CA GLN G 700 -47.94 -5.43 17.25
C GLN G 700 -49.44 -5.48 17.54
N ASN G 701 -49.84 -5.13 18.76
CA ASN G 701 -51.25 -5.22 19.11
C ASN G 701 -52.09 -4.18 18.41
N ASP G 702 -51.48 -3.11 17.90
CA ASP G 702 -52.22 -2.03 17.28
C ASP G 702 -52.27 -2.13 15.77
N VAL G 703 -51.67 -3.15 15.18
CA VAL G 703 -51.73 -3.30 13.73
C VAL G 703 -53.17 -3.48 13.30
N ILE G 704 -53.61 -2.66 12.35
CA ILE G 704 -54.97 -2.72 11.85
C ILE G 704 -55.04 -3.78 10.76
N THR G 705 -55.91 -4.75 10.93
CA THR G 705 -56.05 -5.83 9.97
C THR G 705 -57.15 -5.61 8.96
N ASN G 706 -58.20 -4.89 9.34
CA ASN G 706 -59.35 -4.74 8.46
C ASN G 706 -59.99 -3.37 8.66
N VAL G 707 -60.46 -2.80 7.56
CA VAL G 707 -61.32 -1.61 7.58
C VAL G 707 -62.64 -2.00 6.96
N LEU G 708 -63.73 -1.75 7.68
CA LEU G 708 -64.99 -2.39 7.36
C LEU G 708 -66.12 -1.40 7.38
N VAL G 709 -67.16 -1.70 6.61
CA VAL G 709 -68.36 -0.89 6.50
C VAL G 709 -69.57 -1.81 6.46
N ALA G 710 -70.68 -1.34 6.98
CA ALA G 710 -71.91 -2.12 7.04
C ALA G 710 -73.05 -1.39 6.36
N ARG G 711 -73.80 -2.12 5.55
CA ARG G 711 -75.01 -1.60 4.93
C ARG G 711 -76.26 -1.88 5.75
N VAL G 712 -76.15 -2.63 6.83
CA VAL G 712 -77.31 -3.11 7.56
C VAL G 712 -77.01 -3.10 9.05
N ASP G 713 -77.98 -2.71 9.85
CA ASP G 713 -77.83 -2.74 11.29
C ASP G 713 -77.75 -4.18 11.76
N PRO G 714 -76.67 -4.58 12.42
CA PRO G 714 -76.58 -5.96 12.94
C PRO G 714 -77.47 -6.20 14.14
N ALA G 715 -78.08 -5.16 14.70
CA ALA G 715 -78.95 -5.37 15.86
C ALA G 715 -80.27 -6.01 15.46
N GLN G 716 -80.80 -5.63 14.30
CA GLN G 716 -82.07 -6.19 13.86
C GLN G 716 -81.99 -7.70 13.74
N ARG G 717 -81.14 -8.19 12.85
CA ARG G 717 -80.85 -9.61 12.84
C ARG G 717 -80.07 -9.97 14.10
N GLY G 718 -80.04 -11.27 14.40
CA GLY G 718 -79.45 -11.71 15.64
C GLY G 718 -77.94 -11.71 15.64
N ASP G 719 -77.33 -10.57 15.33
CA ASP G 719 -75.88 -10.48 15.26
C ASP G 719 -75.34 -9.42 16.22
N ALA G 720 -75.84 -9.43 17.46
CA ALA G 720 -75.42 -8.41 18.41
C ALA G 720 -73.99 -8.64 18.90
N ALA G 721 -73.60 -9.89 19.07
CA ALA G 721 -72.31 -10.19 19.71
C ALA G 721 -71.46 -11.08 18.82
N VAL G 722 -71.32 -10.72 17.55
CA VAL G 722 -70.63 -11.54 16.57
C VAL G 722 -69.34 -10.83 16.17
N ASP G 723 -68.40 -11.60 15.63
CA ASP G 723 -67.16 -11.04 15.10
C ASP G 723 -67.49 -9.92 14.12
N ILE G 724 -66.75 -8.82 14.24
CA ILE G 724 -67.01 -7.66 13.40
C ILE G 724 -66.86 -8.03 11.94
N ARG G 725 -65.90 -8.90 11.62
CA ARG G 725 -65.69 -9.29 10.24
C ARG G 725 -66.90 -10.03 9.67
N ALA G 726 -67.66 -10.69 10.52
CA ALA G 726 -68.83 -11.41 10.04
C ALA G 726 -70.03 -10.49 9.83
N THR G 727 -69.92 -9.22 10.20
CA THR G 727 -71.05 -8.29 10.12
C THR G 727 -70.81 -7.10 9.22
N HIS G 728 -69.56 -6.73 8.96
CA HIS G 728 -69.24 -5.61 8.09
C HIS G 728 -68.40 -6.10 6.92
N ALA G 729 -68.62 -5.49 5.76
CA ALA G 729 -67.81 -5.81 4.59
C ALA G 729 -66.48 -5.06 4.67
N THR G 730 -65.41 -5.74 4.27
CA THR G 730 -64.06 -5.20 4.39
C THR G 730 -63.52 -4.83 3.01
N PHE G 731 -62.63 -3.84 3.01
CA PHE G 731 -61.97 -3.42 1.79
C PHE G 731 -60.79 -4.33 1.49
N ALA G 732 -60.32 -4.26 0.24
CA ALA G 732 -59.17 -5.06 -0.18
C ALA G 732 -58.56 -4.40 -1.40
N ALA G 733 -57.38 -3.81 -1.23
CA ALA G 733 -56.68 -3.17 -2.34
C ALA G 733 -55.21 -3.02 -1.97
N ALA G 734 -54.36 -3.11 -2.99
CA ALA G 734 -52.92 -3.00 -2.77
C ALA G 734 -52.25 -2.58 -4.06
N LEU G 735 -51.17 -1.81 -3.92
CA LEU G 735 -50.42 -1.30 -5.06
C LEU G 735 -48.96 -1.71 -4.93
N PRO G 736 -48.45 -2.54 -5.82
CA PRO G 736 -47.04 -2.97 -5.73
C PRO G 736 -46.11 -1.91 -6.28
N VAL G 737 -45.29 -1.34 -5.42
CA VAL G 737 -44.37 -0.28 -5.81
C VAL G 737 -42.97 -0.86 -5.92
N ASP G 738 -42.17 -0.25 -6.80
CA ASP G 738 -40.82 -0.72 -7.05
C ASP G 738 -39.84 0.03 -6.16
N PRO G 739 -39.06 -0.65 -5.32
CA PRO G 739 -38.10 0.05 -4.47
C PRO G 739 -37.11 0.90 -5.24
N ALA G 740 -36.68 0.45 -6.41
CA ALA G 740 -35.63 1.16 -7.15
C ALA G 740 -36.07 2.58 -7.47
N ALA G 741 -37.30 2.74 -7.96
CA ALA G 741 -37.79 4.07 -8.27
C ALA G 741 -37.81 4.95 -7.03
N ILE G 742 -38.23 4.39 -5.90
CA ILE G 742 -38.30 5.17 -4.67
C ILE G 742 -36.92 5.68 -4.28
N VAL G 743 -35.92 4.79 -4.33
CA VAL G 743 -34.58 5.17 -3.89
C VAL G 743 -34.05 6.32 -4.73
N VAL G 744 -34.21 6.23 -6.05
CA VAL G 744 -33.72 7.28 -6.93
C VAL G 744 -34.39 8.60 -6.58
N ALA G 745 -35.71 8.57 -6.37
CA ALA G 745 -36.41 9.79 -6.03
C ALA G 745 -35.89 10.37 -4.73
N MET G 746 -35.61 9.52 -3.75
CA MET G 746 -35.10 10.02 -2.47
C MET G 746 -33.76 10.70 -2.66
N LEU G 747 -32.88 10.11 -3.45
CA LEU G 747 -31.52 10.61 -3.58
C LEU G 747 -31.33 11.63 -4.68
N CYS G 748 -32.29 11.76 -5.59
CA CYS G 748 -32.15 12.67 -6.73
C CYS G 748 -33.18 13.79 -6.67
N GLY G 749 -33.40 14.34 -5.48
CA GLY G 749 -34.33 15.44 -5.30
C GLY G 749 -33.57 16.76 -5.26
N GLN G 750 -34.02 17.70 -6.09
CA GLN G 750 -33.41 19.02 -6.14
C GLN G 750 -34.46 20.02 -6.61
N THR G 751 -34.20 21.30 -6.34
CA THR G 751 -35.13 22.36 -6.66
C THR G 751 -34.35 23.56 -7.19
N GLU G 752 -35.07 24.65 -7.42
CA GLU G 752 -34.46 25.89 -7.88
C GLU G 752 -33.56 26.46 -6.80
N THR G 753 -32.57 27.25 -7.24
CA THR G 753 -31.52 27.70 -6.34
C THR G 753 -32.06 28.54 -5.18
N ASN G 754 -32.97 29.46 -5.46
CA ASN G 754 -33.42 30.43 -4.47
C ASN G 754 -34.93 30.41 -4.37
N LEU G 755 -35.50 29.22 -4.23
CA LEU G 755 -36.94 29.08 -4.19
C LEU G 755 -37.53 29.70 -2.94
N ILE G 756 -38.64 30.41 -3.10
CA ILE G 756 -39.49 30.87 -2.00
C ILE G 756 -40.77 30.05 -2.06
N PRO G 757 -40.97 29.10 -1.14
CA PRO G 757 -42.13 28.20 -1.26
C PRO G 757 -43.45 28.94 -1.29
N SER G 758 -43.60 29.94 -0.42
CA SER G 758 -44.88 30.65 -0.35
C SER G 758 -45.22 31.28 -1.69
N HIS G 759 -44.24 31.88 -2.34
CA HIS G 759 -44.48 32.46 -3.65
C HIS G 759 -44.85 31.39 -4.67
N HIS G 760 -44.07 30.30 -4.71
CA HIS G 760 -44.30 29.28 -5.73
C HIS G 760 -45.69 28.70 -5.61
N TYR G 761 -46.07 28.29 -4.39
CA TYR G 761 -47.40 27.76 -4.19
C TYR G 761 -48.46 28.81 -4.44
N GLY G 762 -48.14 30.08 -4.22
CA GLY G 762 -49.09 31.13 -4.52
C GLY G 762 -49.50 31.12 -5.98
N LYS G 763 -48.52 31.03 -6.88
CA LYS G 763 -48.82 30.92 -8.30
C LYS G 763 -49.52 29.60 -8.60
N ALA G 764 -49.04 28.51 -8.00
CA ALA G 764 -49.50 27.18 -8.39
C ALA G 764 -50.99 27.01 -8.12
N PHE G 765 -51.43 27.43 -6.93
CA PHE G 765 -52.79 27.16 -6.51
C PHE G 765 -53.80 28.17 -7.02
N ALA G 766 -53.36 29.24 -7.68
CA ALA G 766 -54.26 30.30 -8.09
C ALA G 766 -55.45 29.83 -8.90
N PRO G 767 -55.30 29.01 -9.96
CA PRO G 767 -56.47 28.66 -10.77
C PRO G 767 -57.42 27.68 -10.10
N LEU G 768 -57.04 27.07 -8.98
CA LEU G 768 -57.83 25.99 -8.43
C LEU G 768 -58.99 26.44 -7.57
N PHE G 769 -59.11 27.74 -7.29
CA PHE G 769 -60.16 28.25 -6.42
C PHE G 769 -60.92 29.36 -7.09
N ALA G 770 -61.33 29.14 -8.33
CA ALA G 770 -61.99 30.16 -9.13
C ALA G 770 -63.46 29.88 -9.37
N SER G 771 -63.99 28.76 -8.90
CA SER G 771 -65.35 28.37 -9.26
C SER G 771 -66.03 27.70 -8.08
N ASN G 772 -67.32 27.43 -8.26
CA ASN G 772 -68.17 26.80 -7.26
C ASN G 772 -68.00 25.30 -7.20
N ALA G 773 -66.90 24.77 -7.73
CA ALA G 773 -66.74 23.33 -7.84
C ALA G 773 -66.87 22.65 -6.48
N MET G 774 -66.23 23.22 -5.45
CA MET G 774 -66.25 22.59 -4.14
C MET G 774 -67.65 22.57 -3.54
N PHE G 775 -68.55 23.42 -4.01
CA PHE G 775 -69.83 23.57 -3.35
C PHE G 775 -70.89 22.61 -3.88
N THR G 776 -70.71 22.11 -5.10
CA THR G 776 -71.68 21.17 -5.63
C THR G 776 -71.76 19.92 -4.77
N ARG G 777 -70.61 19.43 -4.30
CA ARG G 777 -70.62 18.26 -3.44
C ARG G 777 -71.39 18.53 -2.16
N ASN G 778 -71.30 19.75 -1.64
CA ASN G 778 -72.09 20.10 -0.47
C ASN G 778 -73.57 19.98 -0.77
N GLN G 779 -73.98 20.52 -1.92
CA GLN G 779 -75.39 20.46 -2.28
C GLN G 779 -75.85 19.02 -2.47
N ARG G 780 -75.03 18.20 -3.13
CA ARG G 780 -75.39 16.79 -3.30
C ARG G 780 -75.52 16.11 -1.96
N ALA G 781 -74.63 16.43 -1.02
CA ALA G 781 -74.71 15.80 0.30
C ALA G 781 -76.04 16.10 0.96
N VAL G 782 -76.51 17.35 0.86
CA VAL G 782 -77.78 17.70 1.48
C VAL G 782 -78.91 16.90 0.87
N ILE G 783 -78.98 16.87 -0.46
CA ILE G 783 -80.03 16.11 -1.13
C ILE G 783 -79.95 14.64 -0.72
N THR G 784 -78.74 14.10 -0.65
CA THR G 784 -78.57 12.73 -0.21
C THR G 784 -79.16 12.54 1.18
N ARG G 785 -78.91 13.48 2.08
CA ARG G 785 -79.45 13.37 3.43
C ARG G 785 -80.97 13.32 3.41
N GLU G 786 -81.60 14.24 2.70
CA GLU G 786 -83.05 14.26 2.64
C GLU G 786 -83.58 12.98 2.03
N ALA G 787 -82.97 12.54 0.92
CA ALA G 787 -83.44 11.33 0.27
C ALA G 787 -83.34 10.13 1.20
N PHE G 788 -82.23 10.02 1.91
CA PHE G 788 -82.04 8.86 2.78
C PHE G 788 -83.09 8.83 3.88
N VAL G 789 -83.34 9.95 4.53
CA VAL G 789 -84.29 9.98 5.63
C VAL G 789 -85.69 9.62 5.13
N CYS G 790 -86.10 10.24 4.03
CA CYS G 790 -87.44 9.99 3.51
C CYS G 790 -87.61 8.52 3.14
N ALA G 791 -86.59 7.94 2.50
CA ALA G 791 -86.68 6.53 2.11
C ALA G 791 -86.84 5.65 3.35
N ARG G 792 -86.04 5.91 4.37
CA ARG G 792 -86.18 5.14 5.61
C ARG G 792 -87.57 5.34 6.21
N SER G 793 -88.04 6.58 6.22
CA SER G 793 -89.36 6.86 6.77
C SER G 793 -90.43 6.11 5.99
N ALA G 794 -90.33 6.11 4.67
CA ALA G 794 -91.35 5.45 3.85
C ALA G 794 -91.40 3.95 4.14
N VAL G 795 -90.25 3.29 4.12
CA VAL G 795 -90.22 1.85 4.31
C VAL G 795 -90.77 1.49 5.69
N ALA G 796 -90.34 2.24 6.71
CA ALA G 796 -90.75 1.91 8.07
C ALA G 796 -92.26 1.98 8.22
N GLN G 797 -92.88 3.00 7.63
CA GLN G 797 -94.32 3.14 7.78
C GLN G 797 -95.09 2.04 7.07
N CYS G 798 -94.46 1.30 6.17
CA CYS G 798 -95.13 0.17 5.55
C CYS G 798 -95.00 -1.10 6.36
N GLN G 799 -93.92 -1.24 7.13
CA GLN G 799 -93.83 -2.34 8.07
C GLN G 799 -94.80 -2.09 9.23
N ASP G 800 -95.04 -3.14 10.01
CA ASP G 800 -95.86 -2.98 11.21
C ASP G 800 -95.20 -2.03 12.19
N ALA G 801 -93.88 -2.11 12.32
CA ALA G 801 -93.11 -1.20 13.15
C ALA G 801 -91.68 -1.20 12.64
N GLY G 802 -90.91 -0.23 13.08
CA GLY G 802 -89.53 -0.13 12.65
C GLY G 802 -88.76 0.91 13.42
N PHE G 803 -87.75 1.48 12.76
CA PHE G 803 -87.04 2.62 13.31
C PHE G 803 -88.08 3.62 13.79
N LEU G 804 -88.11 3.88 15.10
CA LEU G 804 -89.29 4.50 15.68
C LEU G 804 -89.58 5.83 14.99
N VAL G 805 -90.69 5.85 14.27
CA VAL G 805 -91.06 6.96 13.39
C VAL G 805 -92.57 7.11 13.49
N PRO G 806 -93.10 8.33 13.45
CA PRO G 806 -94.56 8.49 13.53
C PRO G 806 -95.26 7.77 12.39
N ARG G 807 -96.47 7.27 12.68
CA ARG G 807 -97.23 6.46 11.76
C ARG G 807 -98.65 7.01 11.64
N PRO G 808 -98.80 8.21 11.08
CA PRO G 808 -100.16 8.78 10.96
C PRO G 808 -101.08 7.97 10.07
N LEU G 809 -100.56 7.33 9.03
CA LEU G 809 -101.38 6.61 8.07
C LEU G 809 -101.68 5.18 8.52
N ASP G 810 -101.38 4.83 9.76
CA ASP G 810 -101.42 3.43 10.16
C ASP G 810 -102.81 2.83 10.03
N ALA G 811 -103.85 3.64 9.97
CA ALA G 811 -105.20 3.11 9.83
C ALA G 811 -105.41 2.43 8.49
N LEU G 812 -104.65 2.79 7.47
CA LEU G 812 -104.81 2.16 6.17
C LEU G 812 -104.26 0.75 6.19
N ARG G 813 -104.64 -0.03 5.17
CA ARG G 813 -104.23 -1.42 5.07
C ARG G 813 -102.91 -1.54 4.30
N GLN G 814 -102.06 -2.46 4.76
CA GLN G 814 -100.82 -2.78 4.06
C GLN G 814 -100.49 -4.22 4.43
N PHE G 815 -100.82 -5.15 3.54
CA PHE G 815 -100.65 -6.56 3.86
C PHE G 815 -99.24 -7.05 3.56
N ASP G 816 -98.76 -6.84 2.35
CA ASP G 816 -97.46 -7.36 1.97
C ASP G 816 -96.36 -6.55 2.63
N VAL G 817 -95.50 -7.22 3.38
CA VAL G 817 -94.42 -6.57 4.10
C VAL G 817 -93.11 -7.28 3.78
N THR G 818 -93.13 -8.11 2.75
CA THR G 818 -91.93 -8.84 2.38
C THR G 818 -90.85 -7.86 1.90
N SER G 819 -89.60 -8.32 1.96
CA SER G 819 -88.50 -7.47 1.57
C SER G 819 -88.62 -7.03 0.11
N ALA G 820 -89.25 -7.86 -0.73
CA ALA G 820 -89.45 -7.47 -2.12
C ALA G 820 -90.25 -6.19 -2.22
N ALA G 821 -91.31 -6.08 -1.41
CA ALA G 821 -92.10 -4.85 -1.40
C ALA G 821 -91.25 -3.67 -0.98
N ALA G 822 -90.42 -3.86 0.05
CA ALA G 822 -89.58 -2.78 0.52
C ALA G 822 -88.63 -2.32 -0.56
N ALA G 823 -88.02 -3.26 -1.27
CA ALA G 823 -87.10 -2.89 -2.35
C ALA G 823 -87.81 -2.08 -3.41
N GLU G 824 -89.03 -2.50 -3.78
CA GLU G 824 -89.80 -1.75 -4.76
C GLU G 824 -90.11 -0.35 -4.26
N ILE G 825 -90.50 -0.23 -2.99
CA ILE G 825 -90.78 1.08 -2.44
C ILE G 825 -89.54 1.96 -2.47
N MET G 826 -88.41 1.40 -2.04
CA MET G 826 -87.19 2.21 -1.96
C MET G 826 -86.80 2.71 -3.34
N HIS G 827 -86.89 1.84 -4.36
CA HIS G 827 -86.58 2.28 -5.71
C HIS G 827 -87.51 3.40 -6.14
N ALA G 828 -88.80 3.27 -5.83
CA ALA G 828 -89.74 4.32 -6.19
C ALA G 828 -89.33 5.65 -5.58
N VAL G 829 -88.99 5.65 -4.29
CA VAL G 829 -88.58 6.87 -3.64
C VAL G 829 -87.31 7.41 -4.27
N ASN G 830 -86.33 6.53 -4.50
CA ASN G 830 -85.06 6.96 -5.05
C ASN G 830 -85.26 7.58 -6.43
N ASP G 831 -86.06 6.95 -7.27
CA ASP G 831 -86.32 7.49 -8.59
C ASP G 831 -87.05 8.82 -8.51
N ALA G 832 -88.00 8.93 -7.56
CA ALA G 832 -88.74 10.17 -7.42
C ALA G 832 -87.83 11.33 -7.11
N PHE G 833 -86.90 11.13 -6.16
CA PHE G 833 -85.96 12.19 -5.83
C PHE G 833 -85.08 12.53 -7.02
N LYS G 834 -84.59 11.52 -7.73
CA LYS G 834 -83.76 11.75 -8.90
C LYS G 834 -84.48 12.64 -9.90
N THR G 835 -85.76 12.36 -10.16
CA THR G 835 -86.52 13.17 -11.09
C THR G 835 -86.69 14.59 -10.56
N ALA G 836 -87.07 14.73 -9.29
CA ALA G 836 -87.42 16.03 -8.76
C ALA G 836 -86.23 16.97 -8.77
N PHE G 837 -85.06 16.50 -8.34
CA PHE G 837 -83.89 17.34 -8.27
C PHE G 837 -82.94 17.18 -9.44
N ASP G 838 -83.34 16.39 -10.44
CA ASP G 838 -82.59 16.27 -11.69
C ASP G 838 -81.15 15.83 -11.42
N LEU G 839 -81.03 14.63 -10.86
CA LEU G 839 -79.73 14.01 -10.64
C LEU G 839 -79.56 12.87 -11.62
N ASP G 840 -78.31 12.51 -11.84
CA ASP G 840 -78.00 11.47 -12.81
C ASP G 840 -77.17 10.34 -12.24
N GLY G 841 -76.26 10.65 -11.32
CA GLY G 841 -75.40 9.63 -10.74
C GLY G 841 -76.18 8.66 -9.87
N ALA G 842 -75.43 7.85 -9.14
CA ALA G 842 -76.01 6.86 -8.25
C ALA G 842 -76.36 7.51 -6.93
N LEU G 843 -77.65 7.68 -6.67
CA LEU G 843 -78.13 8.23 -5.42
C LEU G 843 -78.86 7.15 -4.65
N LEU G 844 -78.48 6.96 -3.38
CA LEU G 844 -79.18 6.07 -2.47
C LEU G 844 -79.13 4.61 -2.93
N ASP G 845 -78.40 4.36 -4.01
CA ASP G 845 -78.25 3.00 -4.51
C ASP G 845 -77.25 2.24 -3.64
N GLY G 846 -77.11 0.95 -3.91
CA GLY G 846 -76.15 0.16 -3.18
C GLY G 846 -76.65 -0.26 -1.80
N LEU G 847 -77.57 0.54 -1.23
CA LEU G 847 -78.19 0.13 0.02
C LEU G 847 -78.94 -1.18 -0.17
N ALA G 848 -79.59 -1.35 -1.31
CA ALA G 848 -80.32 -2.57 -1.61
C ALA G 848 -79.42 -3.68 -2.13
N LEU G 849 -78.10 -3.57 -1.93
CA LEU G 849 -77.20 -4.59 -2.45
C LEU G 849 -77.52 -5.96 -1.87
N TYR G 850 -77.77 -6.03 -0.58
CA TYR G 850 -78.12 -7.30 0.04
C TYR G 850 -79.60 -7.63 -0.12
N GLY G 851 -80.39 -6.74 -0.71
CA GLY G 851 -81.75 -7.06 -1.07
C GLY G 851 -82.76 -6.97 0.03
N ASP G 852 -82.44 -6.31 1.15
CA ASP G 852 -83.39 -6.14 2.24
C ASP G 852 -83.25 -4.74 2.82
N PRO G 853 -83.93 -3.76 2.23
CA PRO G 853 -83.86 -2.40 2.77
C PRO G 853 -84.51 -2.25 4.13
N ARG G 854 -85.28 -3.23 4.59
CA ARG G 854 -86.02 -3.08 5.83
C ARG G 854 -85.12 -2.83 7.03
N ILE G 855 -83.85 -3.17 6.93
CA ILE G 855 -82.94 -3.05 8.06
C ILE G 855 -81.68 -2.30 7.62
N ALA G 856 -81.82 -1.48 6.59
CA ALA G 856 -80.68 -0.75 6.07
C ALA G 856 -80.19 0.27 7.10
N ASP G 857 -78.88 0.25 7.37
CA ASP G 857 -78.28 1.23 8.25
C ASP G 857 -76.78 1.25 8.01
N LEU G 858 -76.18 2.43 8.16
CA LEU G 858 -74.79 2.63 7.83
C LEU G 858 -73.94 2.67 9.09
N SER G 859 -72.74 2.08 8.99
CA SER G 859 -71.76 2.13 10.06
C SER G 859 -70.41 1.73 9.49
N ALA G 860 -69.35 2.14 10.16
CA ALA G 860 -67.99 1.84 9.76
C ALA G 860 -67.16 1.50 10.98
N ALA G 861 -66.09 0.74 10.76
CA ALA G 861 -65.22 0.31 11.84
C ALA G 861 -63.95 -0.26 11.25
N TYR G 862 -62.90 -0.29 12.08
CA TYR G 862 -61.68 -1.00 11.73
C TYR G 862 -61.23 -1.84 12.91
N LEU G 863 -60.54 -2.93 12.60
CA LEU G 863 -60.20 -3.96 13.57
C LEU G 863 -58.70 -4.01 13.76
N GLN G 864 -58.26 -4.01 15.02
CA GLN G 864 -56.85 -4.11 15.35
C GLN G 864 -56.51 -5.53 15.79
N TYR G 865 -55.26 -5.92 15.58
CA TYR G 865 -54.83 -7.27 15.89
C TYR G 865 -54.98 -7.58 17.37
N GLY G 866 -54.94 -6.57 18.22
CA GLY G 866 -55.09 -6.79 19.64
C GLY G 866 -56.53 -7.02 20.04
N GLY G 867 -57.41 -7.10 19.05
CA GLY G 867 -58.83 -7.29 19.31
C GLY G 867 -59.59 -6.03 19.61
N ASN G 868 -58.98 -4.87 19.44
CA ASN G 868 -59.67 -3.61 19.68
C ASN G 868 -60.49 -3.21 18.46
N VAL G 869 -61.64 -2.60 18.72
CA VAL G 869 -62.57 -2.17 17.69
C VAL G 869 -62.99 -0.73 17.97
N VAL G 870 -63.33 0.00 16.90
CA VAL G 870 -63.77 1.39 17.02
C VAL G 870 -65.29 1.50 16.85
N ARG G 871 -65.81 1.06 15.70
CA ARG G 871 -67.25 0.94 15.49
C ARG G 871 -67.95 2.30 15.63
N GLU G 872 -67.65 3.19 14.68
CA GLU G 872 -68.32 4.46 14.62
C GLU G 872 -69.66 4.35 13.91
N HIS G 873 -70.61 5.18 14.33
CA HIS G 873 -71.95 5.22 13.77
C HIS G 873 -72.13 6.46 12.91
N VAL G 874 -73.00 6.36 11.92
CA VAL G 874 -73.26 7.47 11.01
C VAL G 874 -74.76 7.70 10.91
N PRO G 875 -75.40 8.24 11.95
CA PRO G 875 -76.83 8.53 11.84
C PRO G 875 -77.06 9.77 10.99
N PRO G 876 -78.21 9.87 10.34
CA PRO G 876 -78.50 11.06 9.55
C PRO G 876 -78.81 12.25 10.44
N GLY G 877 -78.62 13.43 9.86
CA GLY G 877 -78.93 14.67 10.55
C GLY G 877 -80.39 15.02 10.43
N PRO G 878 -80.76 16.11 11.08
CA PRO G 878 -82.17 16.53 11.07
C PRO G 878 -82.61 17.07 9.72
N SER G 879 -83.45 16.32 9.03
CA SER G 879 -83.94 16.73 7.72
C SER G 879 -85.10 17.72 7.88
N HIS G 880 -85.47 18.35 6.77
CA HIS G 880 -86.63 19.22 6.72
C HIS G 880 -87.82 18.56 6.04
N ILE G 881 -87.58 17.96 4.88
CA ILE G 881 -88.67 17.39 4.09
C ILE G 881 -89.41 16.34 4.91
N HIS G 882 -88.69 15.52 5.66
CA HIS G 882 -89.30 14.46 6.43
C HIS G 882 -90.39 14.99 7.35
N ARG G 883 -90.15 16.14 7.98
CA ARG G 883 -91.15 16.72 8.86
C ARG G 883 -92.36 17.18 8.06
N THR G 884 -92.15 17.83 6.92
CA THR G 884 -93.26 18.28 6.10
C THR G 884 -94.11 17.10 5.67
N LEU G 885 -93.47 16.03 5.22
CA LEU G 885 -94.22 14.86 4.77
C LEU G 885 -95.10 14.33 5.88
N GLN G 886 -94.60 14.32 7.11
CA GLN G 886 -95.43 13.95 8.25
C GLN G 886 -96.64 14.87 8.35
N GLN G 887 -96.42 16.17 8.18
CA GLN G 887 -97.53 17.11 8.26
C GLN G 887 -98.53 16.86 7.15
N VAL G 888 -98.05 16.54 5.95
CA VAL G 888 -98.95 16.26 4.84
C VAL G 888 -99.83 15.07 5.17
N GLU G 889 -99.22 13.98 5.62
CA GLU G 889 -99.99 12.79 5.92
C GLU G 889 -101.02 13.06 7.00
N SER G 890 -100.64 13.82 8.02
CA SER G 890 -101.60 14.19 9.04
C SER G 890 -102.79 14.93 8.43
N THR G 891 -102.50 15.87 7.54
CA THR G 891 -103.57 16.60 6.88
C THR G 891 -104.42 15.66 6.02
N PHE G 892 -103.77 14.74 5.31
CA PHE G 892 -104.51 13.86 4.41
C PHE G 892 -105.53 13.03 5.18
N MET G 893 -105.13 12.52 6.35
CA MET G 893 -106.03 11.68 7.14
C MET G 893 -107.33 12.41 7.49
N ALA G 894 -107.40 13.70 7.29
CA ALA G 894 -108.62 14.46 7.50
C ALA G 894 -109.30 14.88 6.20
N GLU G 895 -108.52 15.22 5.17
CA GLU G 895 -109.07 15.70 3.91
C GLU G 895 -108.98 14.67 2.79
N MET G 896 -109.10 13.39 3.14
CA MET G 896 -108.92 12.34 2.14
C MET G 896 -109.99 12.42 1.05
N ASN G 897 -111.17 12.94 1.37
CA ASN G 897 -112.22 13.03 0.37
C ASN G 897 -111.79 13.85 -0.83
N LEU G 898 -110.85 14.77 -0.66
CA LEU G 898 -110.39 15.57 -1.79
C LEU G 898 -109.55 14.77 -2.76
N PHE G 899 -109.17 13.54 -2.40
CA PHE G 899 -108.40 12.68 -3.29
C PHE G 899 -109.22 11.52 -3.80
N ASN G 900 -110.54 11.67 -3.84
CA ASN G 900 -111.45 10.62 -4.30
C ASN G 900 -111.31 9.35 -3.46
N VAL G 901 -110.97 9.52 -2.19
CA VAL G 901 -110.81 8.39 -1.27
C VAL G 901 -111.75 8.61 -0.09
N ALA G 902 -112.51 7.58 0.24
CA ALA G 902 -113.48 7.63 1.32
C ALA G 902 -113.03 6.70 2.46
N ARG G 903 -113.82 6.69 3.52
CA ARG G 903 -113.54 5.87 4.68
C ARG G 903 -114.86 5.32 5.21
N GLY G 904 -114.76 4.23 5.96
CA GLY G 904 -115.93 3.58 6.52
C GLY G 904 -116.42 2.45 5.64
N ASN G 905 -117.48 1.81 6.12
CA ASN G 905 -118.01 0.64 5.47
C ASN G 905 -118.99 1.02 4.36
N LEU G 906 -119.53 0.01 3.70
CA LEU G 906 -120.48 0.20 2.60
C LEU G 906 -121.70 -0.66 2.85
N TYR G 907 -122.87 -0.07 2.72
CA TYR G 907 -124.13 -0.77 2.91
C TYR G 907 -124.79 -1.08 1.58
N LEU G 908 -125.65 -2.10 1.59
CA LEU G 908 -126.42 -2.50 0.42
C LEU G 908 -127.82 -2.85 0.88
N VAL G 909 -128.75 -1.94 0.71
CA VAL G 909 -130.14 -2.15 1.09
C VAL G 909 -131.03 -1.65 -0.03
N GLN G 910 -132.00 -2.48 -0.43
CA GLN G 910 -132.98 -2.04 -1.41
C GLN G 910 -133.80 -0.88 -0.83
N THR G 911 -133.89 0.20 -1.59
CA THR G 911 -134.61 1.39 -1.14
C THR G 911 -135.28 2.04 -2.34
N ALA G 912 -136.60 2.04 -2.34
CA ALA G 912 -137.37 2.64 -3.44
C ALA G 912 -137.77 4.06 -3.07
N THR G 913 -136.78 4.93 -3.02
CA THR G 913 -137.02 6.32 -2.67
C THR G 913 -137.65 7.07 -3.83
N ASN G 914 -138.38 8.13 -3.50
CA ASN G 914 -138.99 8.99 -4.49
C ASN G 914 -138.54 10.43 -4.38
N GLY G 915 -137.91 10.82 -3.27
CA GLY G 915 -137.46 12.18 -3.09
C GLY G 915 -135.95 12.31 -3.13
N ASN G 916 -135.41 13.19 -2.30
CA ASN G 916 -133.97 13.41 -2.28
C ASN G 916 -133.25 12.17 -1.78
N TRP G 917 -132.06 11.94 -2.32
CA TRP G 917 -131.27 10.75 -1.99
C TRP G 917 -129.80 11.13 -2.01
N SER G 918 -129.16 11.10 -0.85
CA SER G 918 -127.74 11.45 -0.73
C SER G 918 -126.98 10.27 -0.14
N PRO G 919 -126.32 9.46 -0.98
CA PRO G 919 -125.62 8.30 -0.43
C PRO G 919 -124.35 8.67 0.32
N MET G 920 -123.67 9.74 -0.07
CA MET G 920 -122.42 10.11 0.56
C MET G 920 -122.61 10.77 1.91
N ALA G 921 -123.81 11.27 2.22
CA ALA G 921 -124.08 11.95 3.48
C ALA G 921 -125.40 11.46 4.04
N PRO G 922 -125.43 10.21 4.52
CA PRO G 922 -126.67 9.68 5.11
C PRO G 922 -127.07 10.49 6.33
N VAL G 923 -128.37 10.69 6.50
CA VAL G 923 -128.86 11.44 7.64
C VAL G 923 -129.26 10.53 8.80
N ALA G 924 -129.70 9.31 8.49
CA ALA G 924 -130.11 8.36 9.53
C ALA G 924 -128.92 7.55 10.00
N ALA G 925 -129.07 6.99 11.20
CA ALA G 925 -128.04 6.12 11.74
C ALA G 925 -127.93 4.86 10.90
N PRO G 926 -126.73 4.32 10.74
CA PRO G 926 -126.56 3.10 9.96
C PRO G 926 -127.32 1.95 10.59
N PRO G 927 -127.94 1.10 9.79
CA PRO G 927 -128.65 -0.04 10.36
C PRO G 927 -127.72 -1.20 10.65
N PHE G 928 -128.11 -1.98 11.66
CA PHE G 928 -127.44 -3.22 12.06
C PHE G 928 -125.93 -3.10 12.01
N VAL G 929 -125.41 -2.20 12.86
CA VAL G 929 -123.97 -2.15 13.05
C VAL G 929 -123.47 -3.52 13.50
N ARG G 930 -122.21 -3.82 13.19
CA ARG G 930 -121.64 -5.12 13.51
C ARG G 930 -121.75 -5.38 15.01
N GLY G 931 -122.14 -6.62 15.36
CA GLY G 931 -122.38 -6.98 16.73
C GLY G 931 -123.77 -6.72 17.22
N GLY G 932 -124.65 -6.19 16.37
CA GLY G 932 -126.01 -5.94 16.76
C GLY G 932 -126.81 -7.23 16.87
N PRO G 933 -128.10 -7.09 17.13
CA PRO G 933 -128.95 -8.27 17.25
C PRO G 933 -129.17 -8.94 15.91
N ASN G 934 -129.08 -10.26 15.91
CA ASN G 934 -129.41 -11.11 14.76
C ASN G 934 -128.53 -10.86 13.56
N VAL G 935 -127.45 -10.11 13.70
CA VAL G 935 -126.54 -9.87 12.59
C VAL G 935 -125.52 -10.99 12.55
N ARG G 936 -125.27 -11.52 11.36
CA ARG G 936 -124.37 -12.64 11.19
C ARG G 936 -123.14 -12.21 10.41
N VAL G 937 -122.00 -12.81 10.74
CA VAL G 937 -120.74 -12.54 10.07
C VAL G 937 -120.38 -13.78 9.25
N VAL G 938 -120.17 -13.59 7.95
CA VAL G 938 -119.90 -14.71 7.09
C VAL G 938 -118.63 -15.44 7.52
N GLY G 939 -118.56 -16.72 7.18
CA GLY G 939 -117.35 -17.48 7.44
C GLY G 939 -116.18 -16.97 6.63
N ARG G 940 -114.99 -17.39 7.04
CA ARG G 940 -113.77 -16.93 6.40
C ARG G 940 -113.50 -17.62 5.08
N PHE G 941 -114.28 -18.65 4.73
CA PHE G 941 -114.18 -19.28 3.43
C PHE G 941 -115.26 -18.82 2.47
N GLY G 942 -116.34 -18.21 2.96
CA GLY G 942 -117.42 -17.82 2.09
C GLY G 942 -118.15 -18.99 1.46
N THR G 943 -118.04 -20.17 2.05
CA THR G 943 -118.66 -21.35 1.48
C THR G 943 -120.16 -21.40 1.77
N ILE G 944 -120.90 -22.01 0.86
CA ILE G 944 -122.34 -22.18 0.98
C ILE G 944 -122.65 -23.66 0.87
N VAL G 945 -123.78 -24.06 1.44
CA VAL G 945 -124.17 -25.46 1.40
C VAL G 945 -125.61 -25.59 0.92
N PRO G 946 -125.91 -26.53 0.06
CA PRO G 946 -127.28 -26.72 -0.41
C PRO G 946 -128.07 -27.58 0.58
N ARG G 947 -129.35 -27.76 0.27
CA ARG G 947 -130.25 -28.59 1.06
C ARG G 947 -131.20 -29.29 0.12
N PRO G 948 -131.71 -30.46 0.48
CA PRO G 948 -132.57 -31.22 -0.44
C PRO G 948 -134.04 -30.85 -0.32
N ASP G 949 -134.75 -31.09 -1.42
CA ASP G 949 -136.20 -31.17 -1.44
C ASP G 949 -136.87 -29.94 -0.82
N GLY G 950 -136.64 -28.81 -1.48
CA GLY G 950 -137.36 -27.60 -1.18
C GLY G 950 -136.74 -26.72 -0.12
N LEU G 951 -135.82 -27.26 0.68
CA LEU G 951 -135.14 -26.43 1.66
C LEU G 951 -134.14 -25.54 0.94
N GLU G 952 -134.35 -24.24 1.03
CA GLU G 952 -133.43 -23.34 0.35
C GLU G 952 -132.11 -23.28 1.11
N PRO G 953 -131.00 -23.00 0.41
CA PRO G 953 -129.67 -23.26 0.98
C PRO G 953 -129.32 -22.44 2.21
N GLN G 954 -128.14 -22.71 2.76
CA GLN G 954 -127.67 -22.04 3.96
C GLN G 954 -126.22 -21.64 3.79
N LEU G 955 -125.81 -20.63 4.53
CA LEU G 955 -124.48 -20.04 4.43
C LEU G 955 -123.70 -20.27 5.72
N ILE G 956 -122.42 -20.58 5.58
CA ILE G 956 -121.57 -20.83 6.73
C ILE G 956 -121.13 -19.49 7.32
N ASP G 957 -121.30 -19.34 8.63
CA ASP G 957 -120.90 -18.12 9.32
C ASP G 957 -119.47 -18.26 9.84
N ASP G 958 -119.00 -17.20 10.51
CA ASP G 958 -117.67 -17.25 11.10
C ASP G 958 -117.55 -18.32 12.17
N GLY G 959 -118.65 -18.70 12.80
CA GLY G 959 -118.63 -19.75 13.78
C GLY G 959 -118.66 -21.13 13.18
N ASN G 960 -118.44 -21.24 11.88
CA ASN G 960 -118.46 -22.51 11.16
C ASN G 960 -119.80 -23.21 11.36
N VAL G 961 -120.88 -22.44 11.19
CA VAL G 961 -122.23 -22.94 11.33
C VAL G 961 -123.06 -22.47 10.15
N PRO G 962 -123.78 -23.36 9.46
CA PRO G 962 -124.69 -22.90 8.42
C PRO G 962 -125.79 -22.02 9.01
N ARG G 963 -126.13 -20.97 8.28
CA ARG G 963 -127.16 -20.03 8.71
C ARG G 963 -128.09 -19.74 7.54
N ASP G 964 -129.24 -19.17 7.86
CA ASP G 964 -130.23 -18.83 6.86
C ASP G 964 -129.86 -17.50 6.20
N ILE G 965 -130.01 -17.44 4.88
CA ILE G 965 -129.57 -16.28 4.13
C ILE G 965 -130.39 -15.06 4.52
N ALA G 966 -131.72 -15.21 4.56
CA ALA G 966 -132.59 -14.07 4.82
C ALA G 966 -132.24 -13.41 6.15
N GLY G 967 -132.03 -12.11 6.12
CA GLY G 967 -131.66 -11.39 7.31
C GLY G 967 -130.57 -10.37 7.07
N ASP G 968 -129.66 -10.22 8.02
CA ASP G 968 -128.57 -9.26 7.92
C ASP G 968 -127.24 -9.99 7.95
N TRP G 969 -126.29 -9.52 7.15
CA TRP G 969 -125.01 -10.18 7.03
C TRP G 969 -123.90 -9.14 6.92
N VAL G 970 -122.70 -9.54 7.31
CA VAL G 970 -121.52 -8.70 7.25
C VAL G 970 -120.44 -9.43 6.47
N TYR G 971 -119.91 -8.77 5.45
CA TYR G 971 -118.86 -9.36 4.61
C TYR G 971 -117.57 -8.57 4.74
N PRO G 972 -116.51 -9.15 5.27
CA PRO G 972 -115.18 -8.56 5.06
C PRO G 972 -114.87 -8.56 3.57
N SER G 973 -114.16 -7.51 3.13
CA SER G 973 -113.86 -7.40 1.72
C SER G 973 -113.06 -8.60 1.22
N ASP G 974 -112.25 -9.19 2.08
CA ASP G 974 -111.40 -10.30 1.66
C ASP G 974 -112.23 -11.48 1.18
N VAL G 975 -113.18 -11.94 2.01
CA VAL G 975 -113.96 -13.11 1.64
C VAL G 975 -114.79 -12.83 0.40
N LEU G 976 -115.22 -11.58 0.22
CA LEU G 976 -115.93 -11.23 -0.99
C LEU G 976 -115.03 -11.38 -2.21
N GLN G 977 -113.76 -11.01 -2.08
CA GLN G 977 -112.84 -11.13 -3.20
C GLN G 977 -112.67 -12.58 -3.62
N VAL G 978 -112.61 -13.49 -2.66
CA VAL G 978 -112.35 -14.88 -2.98
C VAL G 978 -113.61 -15.67 -3.30
N SER G 979 -114.78 -15.15 -2.98
CA SER G 979 -116.03 -15.87 -3.20
C SER G 979 -117.09 -14.96 -3.77
N VAL G 980 -116.70 -14.12 -4.73
CA VAL G 980 -117.67 -13.19 -5.31
C VAL G 980 -118.75 -13.95 -6.07
N ALA G 981 -118.36 -15.05 -6.72
CA ALA G 981 -119.30 -15.77 -7.59
C ALA G 981 -120.49 -16.28 -6.80
N VAL G 982 -120.24 -16.99 -5.70
CA VAL G 982 -121.34 -17.55 -4.91
C VAL G 982 -122.25 -16.43 -4.42
N PHE G 983 -121.65 -15.28 -4.08
CA PHE G 983 -122.46 -14.17 -3.60
C PHE G 983 -123.42 -13.68 -4.67
N CYS G 984 -122.90 -13.39 -5.86
CA CYS G 984 -123.75 -12.85 -6.91
C CYS G 984 -124.76 -13.87 -7.40
N ASP G 985 -124.55 -15.15 -7.09
CA ASP G 985 -125.47 -16.18 -7.53
C ASP G 985 -126.55 -16.48 -6.51
N TYR G 986 -126.27 -16.28 -5.23
CA TYR G 986 -127.22 -16.64 -4.19
C TYR G 986 -127.65 -15.48 -3.32
N VAL G 987 -126.72 -14.68 -2.83
CA VAL G 987 -127.08 -13.63 -1.88
C VAL G 987 -127.67 -12.43 -2.60
N TRP G 988 -127.00 -11.98 -3.66
CA TRP G 988 -127.44 -10.79 -4.37
C TRP G 988 -128.90 -10.86 -4.79
N PRO G 989 -129.43 -11.97 -5.32
CA PRO G 989 -130.87 -11.98 -5.64
C PRO G 989 -131.75 -11.70 -4.43
N MET G 990 -131.40 -12.24 -3.27
CA MET G 990 -132.20 -11.97 -2.08
C MET G 990 -132.15 -10.50 -1.72
N VAL G 991 -130.98 -9.87 -1.92
CA VAL G 991 -130.87 -8.43 -1.69
C VAL G 991 -131.83 -7.67 -2.59
N LYS G 992 -131.83 -8.02 -3.88
CA LYS G 992 -132.74 -7.37 -4.81
C LYS G 992 -134.19 -7.66 -4.45
N ALA G 993 -134.44 -8.74 -3.73
CA ALA G 993 -135.78 -9.07 -3.30
C ALA G 993 -136.18 -8.37 -2.02
N GLY G 994 -135.29 -7.59 -1.42
CA GLY G 994 -135.62 -6.90 -0.20
C GLY G 994 -135.76 -7.80 1.01
N ARG G 995 -135.06 -8.93 1.01
CA ARG G 995 -135.10 -9.86 2.14
C ARG G 995 -133.79 -9.90 2.91
N THR G 996 -132.73 -9.29 2.39
CA THR G 996 -131.42 -9.35 3.02
C THR G 996 -130.78 -7.97 2.98
N ARG G 997 -129.93 -7.72 3.97
CA ARG G 997 -129.17 -6.49 4.05
C ARG G 997 -127.71 -6.82 4.33
N VAL G 998 -126.81 -6.26 3.54
CA VAL G 998 -125.42 -6.64 3.55
C VAL G 998 -124.56 -5.45 3.97
N LEU G 999 -123.59 -5.71 4.83
CA LEU G 999 -122.61 -4.71 5.23
C LEU G 999 -121.24 -5.20 4.76
N VAL G 1000 -120.72 -4.57 3.72
CA VAL G 1000 -119.39 -4.89 3.24
C VAL G 1000 -118.37 -4.09 4.03
N GLU G 1001 -117.48 -4.78 4.72
CA GLU G 1001 -116.48 -4.13 5.56
C GLU G 1001 -115.24 -3.84 4.73
N LEU G 1002 -114.83 -2.58 4.69
CA LEU G 1002 -113.59 -2.17 4.05
C LEU G 1002 -113.24 -0.80 4.59
N GLY G 1003 -112.05 -0.68 5.17
CA GLY G 1003 -111.71 0.54 5.89
C GLY G 1003 -111.70 1.76 5.00
N HIS G 1004 -111.04 1.66 3.85
CA HIS G 1004 -110.95 2.77 2.93
C HIS G 1004 -110.98 2.24 1.52
N TYR G 1005 -111.31 3.11 0.58
CA TYR G 1005 -111.47 2.69 -0.81
C TYR G 1005 -111.53 3.93 -1.68
N VAL G 1006 -111.51 3.69 -2.99
CA VAL G 1006 -111.67 4.74 -3.99
C VAL G 1006 -113.09 4.64 -4.53
N TYR G 1007 -113.79 5.76 -4.57
CA TYR G 1007 -115.17 5.78 -4.99
C TYR G 1007 -115.30 6.43 -6.36
N THR G 1008 -116.45 6.23 -6.98
CA THR G 1008 -116.77 6.83 -8.26
C THR G 1008 -118.24 7.21 -8.29
N LEU G 1009 -118.52 8.37 -8.86
CA LEU G 1009 -119.87 8.90 -8.89
C LEU G 1009 -120.47 8.78 -10.28
N HIS G 1010 -121.80 8.79 -10.33
CA HIS G 1010 -122.50 8.75 -11.61
C HIS G 1010 -123.83 9.47 -11.42
N TYR G 1011 -123.89 10.72 -11.85
CA TYR G 1011 -125.08 11.53 -11.67
C TYR G 1011 -126.17 11.11 -12.65
N TYR G 1012 -127.42 11.38 -12.26
CA TYR G 1012 -128.56 10.97 -13.07
C TYR G 1012 -129.69 11.97 -12.90
N ASP G 1013 -130.55 12.03 -13.91
CA ASP G 1013 -131.70 12.92 -13.87
C ASP G 1013 -132.78 12.32 -12.99
N PRO G 1014 -133.25 13.02 -11.96
CA PRO G 1014 -134.32 12.50 -11.11
C PRO G 1014 -135.71 12.54 -11.74
N GLN G 1015 -135.83 12.87 -13.02
CA GLN G 1015 -137.13 12.95 -13.66
C GLN G 1015 -137.50 11.72 -14.47
N ILE G 1016 -136.63 10.71 -14.51
CA ILE G 1016 -136.88 9.53 -15.32
C ILE G 1016 -136.62 8.28 -14.49
N SER G 1017 -137.17 7.17 -14.95
CA SER G 1017 -137.00 5.91 -14.24
C SER G 1017 -135.55 5.48 -14.22
N LEU G 1018 -135.16 4.78 -13.16
CA LEU G 1018 -133.78 4.34 -13.02
C LEU G 1018 -133.74 3.17 -12.06
N ASP G 1019 -132.80 2.26 -12.30
CA ASP G 1019 -132.48 1.19 -11.36
C ASP G 1019 -130.97 1.09 -11.24
N GLU G 1020 -130.48 1.04 -10.02
CA GLU G 1020 -129.05 0.99 -9.78
C GLU G 1020 -128.47 -0.42 -9.89
N ALA G 1021 -129.34 -1.43 -10.01
CA ALA G 1021 -128.86 -2.81 -10.03
C ALA G 1021 -127.84 -3.08 -11.13
N PRO G 1022 -128.04 -2.68 -12.38
CA PRO G 1022 -127.05 -3.03 -13.41
C PRO G 1022 -125.66 -2.52 -13.08
N ILE G 1023 -125.56 -1.31 -12.54
CA ILE G 1023 -124.25 -0.76 -12.21
C ILE G 1023 -123.56 -1.62 -11.17
N LEU G 1024 -124.29 -1.99 -10.10
CA LEU G 1024 -123.70 -2.83 -9.07
C LEU G 1024 -123.31 -4.18 -9.62
N GLU G 1025 -124.18 -4.79 -10.42
CA GLU G 1025 -123.86 -6.08 -11.00
C GLU G 1025 -122.61 -6.00 -11.85
N GLU G 1026 -122.48 -4.93 -12.63
CA GLU G 1026 -121.24 -4.73 -13.38
C GLU G 1026 -120.06 -4.60 -12.43
N TRP G 1027 -120.25 -3.87 -11.33
CA TRP G 1027 -119.17 -3.70 -10.37
C TRP G 1027 -118.75 -5.04 -9.78
N LEU G 1028 -119.71 -5.89 -9.44
CA LEU G 1028 -119.38 -7.20 -8.93
C LEU G 1028 -118.66 -8.04 -9.97
N SER G 1029 -118.97 -7.83 -11.24
CA SER G 1029 -118.39 -8.65 -12.30
C SER G 1029 -116.91 -8.38 -12.50
N LYS G 1030 -116.29 -7.52 -11.70
CA LYS G 1030 -114.88 -7.20 -11.87
C LYS G 1030 -114.09 -7.36 -10.60
N ILE G 1031 -114.57 -8.15 -9.65
CA ILE G 1031 -113.88 -8.37 -8.39
C ILE G 1031 -113.10 -9.67 -8.49
N ASN G 1032 -111.80 -9.58 -8.28
CA ASN G 1032 -110.93 -10.75 -8.35
C ASN G 1032 -110.26 -10.94 -7.01
N PRO G 1033 -109.63 -12.10 -6.78
CA PRO G 1033 -108.72 -12.18 -5.64
C PRO G 1033 -107.60 -11.16 -5.70
N ALA G 1034 -107.24 -10.73 -6.91
CA ALA G 1034 -106.16 -9.76 -7.05
C ALA G 1034 -106.57 -8.38 -6.55
N GLY G 1035 -107.74 -7.90 -6.96
CA GLY G 1035 -108.12 -6.56 -6.61
C GLY G 1035 -109.57 -6.28 -6.98
N ILE G 1036 -109.98 -5.04 -6.74
CA ILE G 1036 -111.36 -4.63 -6.97
C ILE G 1036 -111.39 -3.29 -7.68
N PRO G 1037 -112.47 -3.00 -8.39
CA PRO G 1037 -112.64 -1.68 -8.99
C PRO G 1037 -113.20 -0.70 -7.99
N PRO G 1038 -113.17 0.60 -8.29
CA PRO G 1038 -113.68 1.59 -7.33
C PRO G 1038 -115.17 1.43 -7.09
N VAL G 1039 -115.60 1.86 -5.91
CA VAL G 1039 -117.02 1.75 -5.55
C VAL G 1039 -117.81 2.79 -6.32
N PRO G 1040 -118.91 2.41 -6.97
CA PRO G 1040 -119.74 3.39 -7.67
C PRO G 1040 -120.86 3.93 -6.80
N PHE G 1041 -121.35 5.11 -7.18
CA PHE G 1041 -122.48 5.73 -6.53
C PHE G 1041 -123.29 6.50 -7.56
N CYS G 1042 -124.57 6.71 -7.23
CA CYS G 1042 -125.48 7.45 -8.09
C CYS G 1042 -126.11 8.58 -7.30
N ILE G 1043 -126.09 9.78 -7.87
CA ILE G 1043 -126.61 10.97 -7.20
C ILE G 1043 -127.48 11.75 -8.18
N PRO G 1044 -128.67 12.16 -7.80
CA PRO G 1044 -129.50 12.96 -8.71
C PRO G 1044 -128.97 14.37 -8.85
N ILE G 1045 -129.06 14.90 -10.07
CA ILE G 1045 -128.65 16.29 -10.30
C ILE G 1045 -129.64 17.22 -9.61
N PRO G 1046 -129.18 18.14 -8.76
CA PRO G 1046 -130.11 19.08 -8.14
C PRO G 1046 -130.79 19.95 -9.18
N GLN G 1047 -132.06 20.27 -8.93
CA GLN G 1047 -132.87 21.03 -9.86
C GLN G 1047 -133.27 22.37 -9.24
N VAL G 1048 -133.57 23.32 -10.11
CA VAL G 1048 -133.87 24.69 -9.69
C VAL G 1048 -135.36 24.95 -9.61
N TYR G 1049 -136.20 23.95 -9.82
CA TYR G 1049 -137.64 24.12 -9.77
C TYR G 1049 -138.26 22.88 -9.15
N PRO G 1050 -139.42 23.01 -8.52
CA PRO G 1050 -140.08 21.83 -7.98
C PRO G 1050 -140.52 20.90 -9.09
N CYS G 1051 -139.88 19.74 -9.19
CA CYS G 1051 -140.13 18.81 -10.27
C CYS G 1051 -140.85 17.57 -9.76
N ILE G 1052 -141.34 16.79 -10.70
CA ILE G 1052 -141.97 15.50 -10.41
C ILE G 1052 -140.93 14.42 -10.59
N THR G 1053 -140.64 13.70 -9.52
CA THR G 1053 -139.56 12.72 -9.51
C THR G 1053 -140.13 11.32 -9.66
N ALA G 1054 -139.52 10.53 -10.54
CA ALA G 1054 -139.91 9.14 -10.68
C ALA G 1054 -139.31 8.32 -9.53
N ARG G 1055 -140.15 7.53 -8.88
CA ARG G 1055 -139.66 6.67 -7.81
C ARG G 1055 -138.66 5.67 -8.35
N ARG G 1056 -137.41 5.79 -7.95
CA ARG G 1056 -136.35 4.89 -8.41
C ARG G 1056 -135.68 4.23 -7.22
N VAL G 1057 -134.99 3.13 -7.50
CA VAL G 1057 -134.45 2.25 -6.47
C VAL G 1057 -132.95 2.43 -6.38
N HIS G 1058 -132.44 2.50 -5.16
CA HIS G 1058 -131.01 2.58 -4.89
C HIS G 1058 -130.62 1.49 -3.92
N TYR G 1059 -129.34 1.13 -3.96
CA TYR G 1059 -128.83 0.08 -3.09
C TYR G 1059 -127.66 0.52 -2.23
N ALA G 1060 -126.72 1.28 -2.78
CA ALA G 1060 -125.45 1.54 -2.12
C ALA G 1060 -125.47 2.89 -1.41
N PHE G 1061 -124.86 2.94 -0.24
CA PHE G 1061 -124.66 4.19 0.49
C PHE G 1061 -123.62 3.94 1.57
N THR G 1062 -122.98 5.02 2.00
CA THR G 1062 -121.87 4.93 2.94
C THR G 1062 -122.39 4.92 4.38
N SER G 1063 -121.46 4.67 5.31
CA SER G 1063 -121.76 4.68 6.73
C SER G 1063 -121.37 5.98 7.40
N GLU G 1064 -120.58 6.83 6.74
CA GLU G 1064 -120.15 8.08 7.31
C GLU G 1064 -120.46 9.24 6.37
N ASN G 1065 -119.98 10.42 6.69
CA ASN G 1065 -120.16 11.60 5.85
C ASN G 1065 -118.85 11.82 5.10
N ASN G 1066 -118.75 11.21 3.92
CA ASN G 1066 -117.57 11.35 3.06
C ASN G 1066 -117.78 12.38 1.98
N ASN G 1067 -118.48 13.46 2.28
CA ASN G 1067 -118.95 14.41 1.27
C ASN G 1067 -118.18 15.73 1.32
N ASP G 1068 -116.92 15.70 1.74
CA ASP G 1068 -116.19 16.95 1.92
C ASP G 1068 -115.78 17.58 0.60
N SER G 1069 -115.55 16.77 -0.44
CA SER G 1069 -115.09 17.33 -1.70
C SER G 1069 -116.14 18.15 -2.41
N LEU G 1070 -117.39 18.09 -1.98
CA LEU G 1070 -118.44 18.87 -2.61
C LEU G 1070 -118.27 20.35 -2.31
N PHE G 1071 -118.34 21.18 -3.34
CA PHE G 1071 -118.13 22.61 -3.18
C PHE G 1071 -119.45 23.38 -3.12
N SER G 1072 -120.27 23.26 -4.17
CA SER G 1072 -121.52 24.00 -4.24
C SER G 1072 -122.40 23.37 -5.30
N THR G 1073 -123.68 23.73 -5.28
CA THR G 1073 -124.65 23.21 -6.22
C THR G 1073 -125.48 24.34 -6.79
N ASN G 1074 -125.77 24.24 -8.10
CA ASN G 1074 -126.57 25.24 -8.80
C ASN G 1074 -126.01 26.64 -8.57
N ALA G 1075 -124.68 26.77 -8.69
CA ALA G 1075 -124.02 28.01 -8.32
C ALA G 1075 -124.56 29.20 -9.10
N ALA G 1076 -124.85 29.00 -10.39
CA ALA G 1076 -125.30 30.08 -11.25
C ALA G 1076 -126.81 30.29 -11.18
N SER G 1077 -127.47 29.82 -10.13
CA SER G 1077 -128.91 29.89 -10.03
C SER G 1077 -129.32 30.68 -8.79
N ILE G 1078 -130.58 31.10 -8.79
CA ILE G 1078 -131.09 31.86 -7.65
C ILE G 1078 -131.23 30.98 -6.43
N ASP G 1079 -131.61 29.72 -6.60
CA ASP G 1079 -131.84 28.84 -5.46
C ASP G 1079 -132.02 27.41 -5.96
N THR G 1080 -131.64 26.45 -5.12
CA THR G 1080 -131.80 25.03 -5.43
C THR G 1080 -133.13 24.54 -4.86
N ALA G 1081 -134.03 24.12 -5.75
CA ALA G 1081 -135.38 23.78 -5.32
C ALA G 1081 -135.45 22.36 -4.77
N PHE G 1082 -135.18 21.37 -5.61
CA PHE G 1082 -135.43 19.98 -5.22
C PHE G 1082 -134.20 19.30 -4.64
N GLY G 1083 -133.12 19.23 -5.42
CA GLY G 1083 -131.96 18.45 -5.02
C GLY G 1083 -131.30 18.96 -3.76
N GLU G 1084 -130.28 18.23 -3.29
CA GLU G 1084 -129.55 18.67 -2.12
C GLU G 1084 -128.95 20.04 -2.37
N ASN G 1085 -129.05 20.91 -1.36
CA ASN G 1085 -128.75 22.33 -1.51
C ASN G 1085 -127.47 22.68 -0.75
N ALA G 1086 -126.36 22.67 -1.46
CA ALA G 1086 -125.06 22.99 -0.88
C ALA G 1086 -124.67 24.42 -1.28
N ALA G 1087 -124.43 25.26 -0.28
CA ALA G 1087 -123.91 26.59 -0.48
C ALA G 1087 -122.44 26.64 -0.11
N VAL G 1088 -121.76 27.68 -0.56
CA VAL G 1088 -120.34 27.83 -0.30
C VAL G 1088 -120.14 28.02 1.21
N SER G 1089 -119.47 27.06 1.83
CA SER G 1089 -119.28 27.11 3.27
C SER G 1089 -118.22 28.15 3.62
N PRO G 1090 -118.53 29.10 4.50
CA PRO G 1090 -117.53 30.14 4.84
C PRO G 1090 -116.30 29.59 5.52
N LEU G 1091 -116.37 28.40 6.12
CA LEU G 1091 -115.28 27.90 6.94
C LEU G 1091 -113.99 27.79 6.14
N ARG G 1092 -114.06 27.52 4.85
CA ARG G 1092 -112.86 27.41 4.05
C ARG G 1092 -112.34 28.77 3.58
N TRP G 1093 -113.02 29.86 3.91
CA TRP G 1093 -112.60 31.19 3.49
C TRP G 1093 -112.60 32.18 4.65
N PRO G 1094 -111.95 31.83 5.76
CA PRO G 1094 -111.97 32.75 6.91
C PRO G 1094 -111.33 34.08 6.61
N GLY G 1095 -110.30 34.09 5.77
CA GLY G 1095 -109.58 35.32 5.51
C GLY G 1095 -110.24 36.16 4.45
N LEU G 1096 -111.49 35.84 4.11
CA LEU G 1096 -112.18 36.58 3.07
C LEU G 1096 -113.51 37.11 3.56
N VAL G 1097 -114.13 36.40 4.50
CA VAL G 1097 -115.45 36.79 4.98
C VAL G 1097 -115.53 36.95 6.49
N ASP G 1098 -114.58 36.42 7.25
CA ASP G 1098 -114.68 36.50 8.70
C ASP G 1098 -114.30 37.89 9.19
N PRO G 1099 -115.17 38.59 9.90
CA PRO G 1099 -114.77 39.88 10.48
C PRO G 1099 -113.68 39.76 11.51
N ASN G 1100 -113.57 38.61 12.20
CA ASN G 1100 -112.60 38.43 13.26
C ASN G 1100 -111.36 37.70 12.78
N TYR G 1101 -111.11 37.68 11.49
CA TYR G 1101 -109.92 37.03 10.95
C TYR G 1101 -108.68 37.85 11.28
N ARG G 1102 -107.63 37.17 11.73
CA ARG G 1102 -106.35 37.80 11.99
C ARG G 1102 -105.31 37.25 11.02
N VAL G 1103 -104.47 38.14 10.50
CA VAL G 1103 -103.42 37.72 9.59
C VAL G 1103 -102.47 36.78 10.31
N GLY G 1104 -102.12 35.69 9.65
CA GLY G 1104 -101.17 34.74 10.21
C GLY G 1104 -101.78 33.59 10.97
N THR G 1105 -103.05 33.28 10.73
CA THR G 1105 -103.72 32.18 11.40
C THR G 1105 -104.19 31.15 10.37
N ASN G 1106 -104.46 29.94 10.86
CA ASN G 1106 -104.99 28.88 10.02
C ASN G 1106 -105.45 27.75 10.93
N ASP G 1107 -105.95 26.68 10.31
CA ASP G 1107 -106.30 25.44 10.98
C ASP G 1107 -105.76 24.26 10.20
N LEU G 1108 -104.50 24.36 9.81
CA LEU G 1108 -103.91 23.47 8.82
C LEU G 1108 -104.08 21.98 9.14
N PRO G 1109 -103.77 21.49 10.33
CA PRO G 1109 -103.85 20.03 10.53
C PRO G 1109 -105.25 19.47 10.41
N ASN G 1110 -106.28 20.29 10.55
CA ASN G 1110 -107.66 19.82 10.53
C ASN G 1110 -108.42 20.21 9.28
N ARG G 1111 -108.25 21.43 8.80
CA ARG G 1111 -109.00 21.91 7.65
C ARG G 1111 -108.07 22.73 6.78
N ILE G 1112 -108.43 22.86 5.51
CA ILE G 1112 -107.65 23.60 4.54
C ILE G 1112 -108.42 24.86 4.16
N THR G 1113 -107.78 26.01 4.29
CA THR G 1113 -108.35 27.28 3.90
C THR G 1113 -107.73 27.72 2.58
N LEU G 1114 -108.57 28.21 1.67
CA LEU G 1114 -108.14 28.49 0.32
C LEU G 1114 -107.68 29.92 0.09
N TYR G 1115 -107.98 30.83 1.01
CA TYR G 1115 -107.63 32.23 0.86
C TYR G 1115 -106.83 32.67 2.09
N ASN G 1116 -105.56 32.98 1.90
CA ASN G 1116 -104.66 33.27 3.01
C ASN G 1116 -103.76 34.43 2.62
N SER G 1117 -102.79 34.70 3.48
CA SER G 1117 -101.77 35.70 3.24
C SER G 1117 -100.41 35.04 3.24
N LEU G 1118 -99.51 35.51 2.39
CA LEU G 1118 -98.25 34.84 2.18
C LEU G 1118 -97.17 35.87 1.84
N TYR G 1119 -95.93 35.41 1.88
CA TYR G 1119 -94.78 36.21 1.50
C TYR G 1119 -94.27 35.82 0.12
N ARG G 1120 -93.59 36.75 -0.52
CA ARG G 1120 -92.91 36.49 -1.77
C ARG G 1120 -91.55 37.17 -1.74
N TYR G 1121 -90.62 36.63 -2.51
CA TYR G 1121 -89.22 37.02 -2.41
C TYR G 1121 -88.65 37.39 -3.76
N ASN G 1122 -87.48 38.03 -3.72
CA ASN G 1122 -86.75 38.44 -4.92
C ASN G 1122 -85.27 38.14 -4.75
N PHE G 1123 -84.96 36.91 -4.36
CA PHE G 1123 -83.57 36.53 -4.15
C PHE G 1123 -82.78 36.64 -5.45
N THR G 1124 -81.52 37.08 -5.32
CA THR G 1124 -80.56 37.01 -6.40
C THR G 1124 -79.50 35.99 -6.02
N TYR G 1125 -78.84 35.44 -7.04
CA TYR G 1125 -77.94 34.31 -6.87
C TYR G 1125 -76.57 34.67 -7.44
N PRO G 1126 -75.82 35.49 -6.73
CA PRO G 1126 -74.52 35.91 -7.22
C PRO G 1126 -73.58 34.73 -7.36
N THR G 1127 -72.75 34.77 -8.38
CA THR G 1127 -71.70 33.77 -8.53
C THR G 1127 -70.59 34.04 -7.52
N LEU G 1128 -69.69 33.07 -7.39
CA LEU G 1128 -68.60 33.19 -6.43
C LEU G 1128 -67.78 34.45 -6.68
N ASP G 1129 -67.37 34.66 -7.93
CA ASP G 1129 -66.61 35.86 -8.25
C ASP G 1129 -67.42 37.12 -8.01
N GLY G 1130 -68.74 37.03 -8.02
CA GLY G 1130 -69.54 38.18 -7.65
C GLY G 1130 -69.51 38.51 -6.18
N ILE G 1131 -68.95 37.61 -5.36
CA ILE G 1131 -68.88 37.85 -3.92
C ILE G 1131 -67.60 38.56 -3.54
N MET G 1132 -66.48 38.19 -4.16
CA MET G 1132 -65.17 38.61 -3.71
C MET G 1132 -64.33 39.03 -4.90
N TYR G 1133 -63.16 39.61 -4.60
CA TYR G 1133 -62.17 39.86 -5.62
C TYR G 1133 -61.51 38.54 -6.00
N VAL G 1134 -61.86 38.03 -7.18
CA VAL G 1134 -61.53 36.65 -7.54
C VAL G 1134 -60.08 36.45 -7.91
N ARG G 1135 -59.36 37.52 -8.25
CA ARG G 1135 -58.06 37.39 -8.87
C ARG G 1135 -57.02 36.90 -7.85
N SER G 1136 -55.76 36.85 -8.31
CA SER G 1136 -54.67 36.35 -7.50
C SER G 1136 -54.53 37.14 -6.21
N ALA G 1137 -54.18 36.45 -5.14
CA ALA G 1137 -54.04 37.07 -3.83
C ALA G 1137 -52.84 36.52 -3.09
N ASP H 9 -176.27 -6.19 -34.42
CA ASP H 9 -175.03 -6.48 -33.70
C ASP H 9 -174.06 -5.31 -33.84
N SER H 10 -174.52 -4.13 -33.44
CA SER H 10 -173.69 -2.93 -33.44
C SER H 10 -172.97 -2.72 -32.12
N ILE H 11 -173.13 -3.65 -31.18
CA ILE H 11 -172.44 -3.54 -29.89
C ILE H 11 -170.94 -3.46 -30.12
N ALA H 12 -170.44 -4.17 -31.13
CA ALA H 12 -169.02 -4.11 -31.44
C ALA H 12 -168.57 -2.69 -31.73
N ALA H 13 -169.44 -1.87 -32.31
CA ALA H 13 -169.07 -0.50 -32.62
C ALA H 13 -168.73 0.27 -31.35
N VAL H 14 -169.64 0.27 -30.38
CA VAL H 14 -169.37 1.00 -29.15
C VAL H 14 -168.25 0.34 -28.38
N ALA H 15 -168.18 -0.99 -28.40
CA ALA H 15 -167.09 -1.68 -27.72
C ALA H 15 -165.74 -1.25 -28.27
N ASN H 16 -165.59 -1.28 -29.60
CA ASN H 16 -164.34 -0.85 -30.19
C ASN H 16 -164.08 0.62 -29.94
N ALA H 17 -165.13 1.41 -29.74
CA ALA H 17 -164.95 2.83 -29.49
C ALA H 17 -164.21 3.09 -28.19
N THR H 18 -164.17 2.12 -27.30
CA THR H 18 -163.54 2.27 -25.99
C THR H 18 -162.52 1.15 -25.83
N LYS H 19 -161.27 1.42 -26.20
CA LYS H 19 -160.18 0.45 -26.04
C LYS H 19 -158.89 1.21 -25.81
N PRO H 20 -158.66 1.69 -24.59
CA PRO H 20 -157.42 2.40 -24.29
C PRO H 20 -156.23 1.49 -24.46
N ALA H 21 -155.11 2.08 -24.85
CA ALA H 21 -153.88 1.31 -25.03
C ALA H 21 -153.48 0.66 -23.71
N ALA H 22 -153.14 -0.62 -23.77
CA ALA H 22 -152.78 -1.34 -22.56
C ALA H 22 -151.37 -1.02 -22.08
N VAL H 23 -150.49 -0.58 -22.97
CA VAL H 23 -149.10 -0.30 -22.63
C VAL H 23 -148.74 1.06 -23.19
N VAL H 24 -148.55 2.04 -22.32
CA VAL H 24 -148.09 3.35 -22.72
C VAL H 24 -146.60 3.45 -22.43
N SER H 25 -145.96 4.49 -22.95
CA SER H 25 -144.54 4.71 -22.76
C SER H 25 -144.33 6.10 -22.17
N ASP H 26 -144.07 6.14 -20.86
CA ASP H 26 -143.78 7.40 -20.20
C ASP H 26 -142.43 7.32 -19.50
N PRO H 27 -141.72 8.44 -19.38
CA PRO H 27 -140.38 8.41 -18.78
C PRO H 27 -140.37 8.03 -17.30
N GLN H 28 -141.50 8.14 -16.62
CA GLN H 28 -141.58 7.87 -15.19
C GLN H 28 -142.42 6.62 -15.02
N SER H 29 -141.77 5.48 -14.78
CA SER H 29 -142.49 4.22 -14.77
C SER H 29 -142.04 3.24 -13.70
N MET H 30 -141.11 3.61 -12.81
CA MET H 30 -140.67 2.71 -11.75
C MET H 30 -140.14 1.40 -12.32
N LYS H 31 -139.06 1.53 -13.07
CA LYS H 31 -138.46 0.38 -13.74
C LYS H 31 -137.68 -0.47 -12.74
N VAL H 32 -137.98 -1.75 -12.68
CA VAL H 32 -137.34 -2.68 -11.76
C VAL H 32 -136.79 -3.85 -12.56
N THR H 33 -135.51 -4.15 -12.33
CA THR H 33 -134.86 -5.24 -13.02
C THR H 33 -135.36 -6.59 -12.49
N PRO H 34 -135.20 -7.66 -13.26
CA PRO H 34 -135.59 -8.97 -12.76
C PRO H 34 -134.79 -9.37 -11.53
N ILE H 35 -135.42 -10.14 -10.66
CA ILE H 35 -134.75 -10.60 -9.45
C ILE H 35 -133.62 -11.56 -9.80
N VAL H 36 -133.95 -12.63 -10.49
CA VAL H 36 -132.97 -13.62 -10.89
C VAL H 36 -132.45 -13.26 -12.27
N ASN H 37 -131.15 -13.45 -12.46
CA ASN H 37 -130.54 -13.07 -13.73
C ASN H 37 -131.01 -14.02 -14.82
N PRO H 38 -131.64 -13.52 -15.89
CA PRO H 38 -132.09 -14.40 -16.97
C PRO H 38 -131.05 -14.65 -18.04
N SER H 39 -129.90 -13.95 -17.99
CA SER H 39 -128.91 -14.09 -19.05
C SER H 39 -128.24 -15.46 -19.02
N SER H 40 -127.94 -15.96 -17.83
CA SER H 40 -127.21 -17.21 -17.68
C SER H 40 -127.98 -18.14 -16.75
N TYR H 41 -127.84 -19.44 -17.00
CA TYR H 41 -128.43 -20.48 -16.17
C TYR H 41 -127.31 -21.36 -15.63
N VAL H 42 -127.37 -21.64 -14.33
CA VAL H 42 -126.31 -22.35 -13.62
C VAL H 42 -126.90 -23.62 -13.03
N CYS H 43 -126.20 -24.74 -13.23
CA CYS H 43 -126.62 -25.99 -12.61
C CYS H 43 -126.52 -25.87 -11.10
N ASN H 44 -127.47 -26.48 -10.39
CA ASN H 44 -127.53 -26.34 -8.95
C ASN H 44 -126.70 -27.39 -8.21
N VAL H 45 -126.28 -28.45 -8.87
CA VAL H 45 -125.53 -29.51 -8.21
C VAL H 45 -124.05 -29.48 -8.57
N CYS H 46 -123.70 -29.10 -9.80
CA CYS H 46 -122.31 -28.99 -10.19
C CYS H 46 -121.89 -27.56 -10.48
N ASN H 47 -122.79 -26.60 -10.32
CA ASN H 47 -122.51 -25.18 -10.57
C ASN H 47 -121.96 -24.95 -11.96
N ALA H 48 -122.38 -25.76 -12.92
CA ALA H 48 -122.00 -25.52 -14.31
C ALA H 48 -122.95 -24.47 -14.90
N ARG H 49 -122.38 -23.43 -15.48
CA ARG H 49 -123.17 -22.34 -16.04
C ARG H 49 -123.46 -22.61 -17.50
N PHE H 50 -124.68 -22.30 -17.91
CA PHE H 50 -125.13 -22.51 -19.28
C PHE H 50 -125.83 -21.26 -19.80
N SER H 51 -125.81 -21.11 -21.13
CA SER H 51 -126.36 -19.92 -21.76
C SER H 51 -127.87 -20.02 -21.89
N THR H 52 -128.36 -21.01 -22.62
CA THR H 52 -129.78 -21.16 -22.86
C THR H 52 -130.40 -22.15 -21.89
N MET H 53 -131.67 -21.95 -21.58
CA MET H 53 -132.35 -22.78 -20.60
C MET H 53 -132.42 -24.23 -21.05
N SER H 54 -132.68 -24.46 -22.33
CA SER H 54 -132.82 -25.82 -22.82
C SER H 54 -131.52 -26.61 -22.61
N ALA H 55 -130.37 -25.96 -22.81
CA ALA H 55 -129.10 -26.64 -22.63
C ALA H 55 -128.95 -27.11 -21.19
N LEU H 56 -129.29 -26.25 -20.23
CA LEU H 56 -129.20 -26.64 -18.83
C LEU H 56 -130.12 -27.81 -18.53
N SER H 57 -131.35 -27.75 -19.05
CA SER H 57 -132.31 -28.82 -18.80
C SER H 57 -131.79 -30.16 -19.33
N GLU H 58 -131.20 -30.15 -20.52
CA GLU H 58 -130.66 -31.39 -21.06
C GLU H 58 -129.44 -31.85 -20.28
N HIS H 59 -128.56 -30.93 -19.89
CA HIS H 59 -127.39 -31.31 -19.11
C HIS H 59 -127.78 -32.00 -17.82
N LEU H 60 -128.68 -31.37 -17.05
CA LEU H 60 -129.13 -31.99 -15.82
C LEU H 60 -129.95 -33.24 -16.06
N ARG H 61 -130.40 -33.46 -17.29
CA ARG H 61 -131.09 -34.69 -17.67
C ARG H 61 -130.11 -35.74 -18.19
N SER H 62 -128.82 -35.45 -18.22
CA SER H 62 -127.86 -36.45 -18.65
C SER H 62 -126.67 -36.55 -17.71
N ASP H 63 -126.36 -35.46 -17.02
CA ASP H 63 -125.11 -35.41 -16.25
C ASP H 63 -125.26 -36.00 -14.85
N HIS H 64 -126.32 -35.65 -14.15
CA HIS H 64 -126.54 -36.10 -12.77
C HIS H 64 -127.77 -36.99 -12.75
N ARG H 65 -127.57 -38.27 -13.04
CA ARG H 65 -128.67 -39.21 -13.24
C ARG H 65 -128.76 -40.20 -12.09
N ASP H 66 -129.98 -40.39 -11.59
CA ASP H 66 -130.28 -41.47 -10.66
C ASP H 66 -131.69 -41.95 -10.98
N ASP H 67 -132.09 -43.01 -10.28
CA ASP H 67 -133.38 -43.67 -10.48
C ASP H 67 -133.45 -44.37 -11.83
N ALA H 68 -132.41 -44.21 -12.67
CA ALA H 68 -132.41 -44.87 -13.97
C ALA H 68 -131.91 -46.32 -13.83
N SER H 69 -130.64 -46.49 -13.47
CA SER H 69 -130.07 -47.76 -13.03
C SER H 69 -130.52 -48.93 -13.90
N THR H 70 -130.13 -48.95 -15.17
CA THR H 70 -130.52 -50.03 -16.06
C THR H 70 -130.14 -51.38 -15.47
N LEU H 71 -131.11 -52.30 -15.44
CA LEU H 71 -130.92 -53.55 -14.74
C LEU H 71 -129.84 -54.42 -15.37
N LEU H 72 -129.59 -54.24 -16.66
CA LEU H 72 -128.56 -55.02 -17.33
C LEU H 72 -127.20 -54.71 -16.76
N ALA H 73 -126.31 -55.70 -16.82
CA ALA H 73 -124.96 -55.53 -16.29
C ALA H 73 -124.28 -54.34 -16.93
N THR H 74 -123.70 -53.47 -16.10
CA THR H 74 -123.16 -52.20 -16.58
C THR H 74 -121.64 -52.24 -16.59
N PRO H 75 -121.00 -52.15 -17.75
CA PRO H 75 -119.56 -51.92 -17.80
C PRO H 75 -119.14 -50.46 -17.75
N MET H 76 -120.08 -49.53 -17.52
CA MET H 76 -119.81 -48.11 -17.50
C MET H 76 -119.25 -47.62 -16.18
N ILE H 77 -118.69 -48.52 -15.36
CA ILE H 77 -118.14 -48.11 -14.08
C ILE H 77 -116.97 -47.14 -14.31
N ASN H 78 -116.83 -46.20 -13.38
CA ASN H 78 -115.75 -45.22 -13.43
C ASN H 78 -115.29 -44.91 -12.02
N ASN H 79 -114.25 -44.09 -11.93
CA ASN H 79 -113.65 -43.79 -10.63
C ASN H 79 -114.55 -42.86 -9.83
N ALA H 80 -114.06 -42.50 -8.64
CA ALA H 80 -114.88 -41.74 -7.70
C ALA H 80 -115.09 -40.30 -8.18
N ILE H 81 -114.01 -39.55 -8.28
CA ILE H 81 -114.11 -38.12 -8.55
C ILE H 81 -114.24 -37.90 -10.05
N ARG H 82 -115.24 -37.13 -10.45
CA ARG H 82 -115.38 -36.76 -11.84
C ARG H 82 -114.79 -35.39 -12.15
N SER H 83 -115.06 -34.39 -11.32
CA SER H 83 -114.56 -33.05 -11.59
C SER H 83 -114.66 -32.21 -10.32
N PHE H 84 -113.96 -31.08 -10.34
CA PHE H 84 -114.04 -30.09 -9.28
C PHE H 84 -114.16 -28.71 -9.90
N LEU H 85 -114.72 -27.78 -9.14
CA LEU H 85 -114.89 -26.41 -9.56
C LEU H 85 -114.32 -25.48 -8.51
N THR H 86 -113.29 -24.72 -8.88
CA THR H 86 -112.68 -23.75 -7.97
C THR H 86 -113.59 -22.53 -7.88
N ALA H 87 -114.17 -22.32 -6.70
CA ALA H 87 -115.16 -21.25 -6.56
C ALA H 87 -114.49 -19.91 -6.33
N TRP H 88 -113.50 -19.56 -7.16
CA TRP H 88 -112.99 -18.21 -7.18
C TRP H 88 -112.72 -17.71 -8.58
N ASP H 89 -112.71 -18.58 -9.59
CA ASP H 89 -112.53 -18.15 -10.97
C ASP H 89 -113.44 -18.89 -11.94
N GLY H 90 -114.29 -19.78 -11.46
CA GLY H 90 -115.18 -20.51 -12.34
C GLY H 90 -114.51 -21.57 -13.18
N ILE H 91 -113.26 -21.91 -12.90
CA ILE H 91 -112.54 -22.89 -13.70
C ILE H 91 -112.98 -24.29 -13.28
N ARG H 92 -113.45 -25.06 -14.24
CA ARG H 92 -113.83 -26.45 -14.01
C ARG H 92 -112.63 -27.34 -14.28
N ILE H 93 -112.32 -28.22 -13.33
CA ILE H 93 -111.18 -29.12 -13.43
C ILE H 93 -111.71 -30.53 -13.60
N LEU H 94 -111.31 -31.19 -14.67
CA LEU H 94 -111.71 -32.56 -14.95
C LEU H 94 -110.67 -33.53 -14.42
N SER H 95 -111.15 -34.61 -13.82
CA SER H 95 -110.24 -35.64 -13.34
C SER H 95 -109.50 -36.25 -14.53
N PRO H 96 -108.16 -36.33 -14.47
CA PRO H 96 -107.43 -36.87 -15.63
C PRO H 96 -107.85 -38.27 -16.00
N ASP H 97 -108.16 -39.12 -15.03
CA ASP H 97 -108.56 -40.50 -15.27
C ASP H 97 -109.83 -40.78 -14.47
N VAL H 98 -110.98 -40.48 -15.07
CA VAL H 98 -112.25 -40.78 -14.41
C VAL H 98 -112.61 -42.25 -14.60
N SER H 99 -112.24 -42.83 -15.73
CA SER H 99 -112.50 -44.24 -16.00
C SER H 99 -111.24 -45.08 -16.11
N SER H 100 -110.12 -44.48 -16.50
CA SER H 100 -108.86 -45.21 -16.55
C SER H 100 -108.39 -45.56 -15.14
N LYS H 101 -107.80 -46.76 -15.01
CA LYS H 101 -107.32 -47.25 -13.72
C LYS H 101 -105.80 -47.34 -13.68
N HIS H 102 -105.10 -46.48 -14.40
CA HIS H 102 -103.65 -46.52 -14.43
C HIS H 102 -103.07 -45.97 -13.14
N LEU H 103 -101.82 -46.32 -12.87
CA LEU H 103 -101.10 -45.88 -11.68
C LEU H 103 -99.81 -45.18 -12.10
N SER H 104 -99.48 -44.10 -11.39
CA SER H 104 -98.31 -43.30 -11.69
C SER H 104 -97.27 -43.45 -10.59
N ALA H 105 -96.01 -43.53 -10.99
CA ALA H 105 -94.88 -43.60 -10.06
C ALA H 105 -95.04 -44.75 -9.07
N TYR H 106 -95.39 -45.93 -9.60
CA TYR H 106 -95.58 -47.11 -8.77
C TYR H 106 -94.33 -47.97 -8.86
N LEU H 107 -93.33 -47.59 -8.07
CA LEU H 107 -92.07 -48.33 -7.99
C LEU H 107 -91.47 -48.54 -9.37
N ASP H 108 -90.99 -49.75 -9.64
CA ASP H 108 -90.37 -50.06 -10.92
C ASP H 108 -91.36 -50.26 -12.05
N SER H 109 -92.58 -50.70 -11.74
CA SER H 109 -93.54 -51.13 -12.74
C SER H 109 -94.54 -50.00 -12.99
N ALA H 110 -94.25 -49.18 -13.99
CA ALA H 110 -95.17 -48.11 -14.38
C ALA H 110 -96.45 -48.65 -15.00
N VAL H 111 -96.50 -49.94 -15.33
CA VAL H 111 -97.67 -50.55 -15.96
C VAL H 111 -98.75 -50.80 -14.92
N ALA H 112 -98.47 -50.44 -13.67
CA ALA H 112 -99.39 -50.74 -12.57
C ALA H 112 -100.76 -50.11 -12.83
N ASN H 113 -101.81 -50.87 -12.51
CA ASN H 113 -103.17 -50.45 -12.78
C ASN H 113 -104.05 -50.83 -11.60
N GLY H 114 -105.29 -50.32 -11.62
CA GLY H 114 -106.26 -50.65 -10.60
C GLY H 114 -106.95 -51.96 -10.91
N PRO H 115 -107.41 -52.65 -9.87
CA PRO H 115 -108.09 -53.94 -10.07
C PRO H 115 -109.46 -53.76 -10.70
N GLU H 116 -109.90 -54.82 -11.36
CA GLU H 116 -111.25 -54.88 -11.92
C GLU H 116 -112.05 -55.80 -11.03
N LEU H 117 -113.00 -55.22 -10.29
CA LEU H 117 -113.71 -55.98 -9.27
C LEU H 117 -115.21 -55.96 -9.38
N ILE H 118 -115.80 -55.01 -10.11
CA ILE H 118 -117.24 -54.95 -10.26
C ILE H 118 -117.61 -55.87 -11.43
N VAL H 119 -118.09 -57.06 -11.10
CA VAL H 119 -118.55 -58.02 -12.09
C VAL H 119 -119.94 -58.45 -11.72
N GLU H 120 -120.89 -58.24 -12.62
CA GLU H 120 -122.29 -58.53 -12.36
C GLU H 120 -122.75 -59.64 -13.28
N ASP H 121 -123.49 -60.59 -12.71
CA ASP H 121 -124.05 -61.71 -13.45
C ASP H 121 -125.56 -61.74 -13.27
N THR H 122 -126.26 -62.02 -14.36
CA THR H 122 -127.71 -62.17 -14.33
C THR H 122 -128.15 -63.60 -14.62
N GLY H 123 -127.22 -64.49 -14.93
CA GLY H 123 -127.57 -65.87 -15.21
C GLY H 123 -127.88 -66.65 -13.95
N LEU H 124 -127.63 -67.95 -13.97
CA LEU H 124 -127.89 -68.82 -12.84
C LEU H 124 -126.61 -69.03 -12.06
N CYS H 125 -126.68 -68.86 -10.74
CA CYS H 125 -125.53 -69.02 -9.87
C CYS H 125 -125.32 -70.51 -9.61
N THR H 126 -124.65 -71.16 -10.55
CA THR H 126 -124.31 -72.56 -10.37
C THR H 126 -123.04 -72.88 -11.16
N SER H 127 -122.34 -73.91 -10.70
CA SER H 127 -121.14 -74.38 -11.38
C SER H 127 -121.20 -75.85 -11.74
N PHE H 128 -122.31 -76.52 -11.44
CA PHE H 128 -122.47 -77.93 -11.77
C PHE H 128 -123.59 -78.07 -12.78
N MET H 129 -123.38 -78.95 -13.76
CA MET H 129 -124.30 -79.13 -14.87
C MET H 129 -124.76 -80.57 -14.91
N LEU H 130 -126.07 -80.77 -15.00
CA LEU H 130 -126.65 -82.09 -15.12
C LEU H 130 -126.75 -82.44 -16.60
N LEU H 131 -126.03 -83.49 -17.00
CA LEU H 131 -126.01 -83.91 -18.38
C LEU H 131 -126.07 -85.42 -18.44
N ASP H 132 -126.43 -85.93 -19.61
CA ASP H 132 -126.42 -87.36 -19.85
C ASP H 132 -125.15 -87.77 -20.59
N ASN H 133 -124.53 -88.85 -20.14
CA ASN H 133 -123.37 -89.38 -20.83
C ASN H 133 -123.74 -90.45 -21.83
N ILE H 134 -124.81 -91.18 -21.58
CA ILE H 134 -125.27 -92.21 -22.51
C ILE H 134 -126.69 -91.87 -22.95
N PRO H 135 -126.90 -91.48 -24.19
CA PRO H 135 -128.26 -91.17 -24.65
C PRO H 135 -129.14 -92.41 -24.56
N SER H 136 -130.41 -92.18 -24.26
CA SER H 136 -131.36 -93.27 -24.21
C SER H 136 -131.67 -93.76 -25.63
N ALA H 137 -132.16 -94.99 -25.71
CA ALA H 137 -132.76 -95.44 -26.94
C ALA H 137 -134.05 -94.66 -27.19
N HIS H 138 -134.47 -94.62 -28.46
CA HIS H 138 -135.72 -93.94 -28.77
C HIS H 138 -136.90 -94.67 -28.15
N LEU H 139 -137.85 -93.90 -27.64
CA LEU H 139 -139.05 -94.46 -27.04
C LEU H 139 -140.25 -93.62 -27.45
N THR H 140 -141.33 -94.30 -27.82
CA THR H 140 -142.55 -93.59 -28.19
C THR H 140 -143.21 -93.03 -26.94
N LYS H 141 -143.45 -91.72 -26.93
CA LYS H 141 -144.11 -91.09 -25.80
C LYS H 141 -145.59 -91.44 -25.79
N GLU H 142 -146.09 -91.85 -24.63
CA GLU H 142 -147.50 -92.16 -24.47
C GLU H 142 -148.33 -90.94 -24.07
N LEU H 143 -147.68 -89.80 -23.86
CA LEU H 143 -148.33 -88.52 -23.61
C LEU H 143 -147.39 -87.43 -24.08
N ILE H 144 -147.92 -86.42 -24.75
CA ILE H 144 -147.09 -85.52 -25.53
C ILE H 144 -147.15 -84.06 -25.10
N GLY H 145 -148.20 -83.60 -24.44
CA GLY H 145 -148.19 -82.23 -24.00
C GLY H 145 -149.56 -81.73 -23.59
N PHE H 146 -149.58 -80.49 -23.11
CA PHE H 146 -150.80 -79.84 -22.67
C PHE H 146 -151.59 -79.36 -23.87
N THR H 147 -152.88 -79.13 -23.64
CA THR H 147 -153.77 -78.59 -24.65
C THR H 147 -154.56 -77.42 -24.07
N TRP H 148 -154.80 -76.43 -24.93
CA TRP H 148 -155.44 -75.17 -24.53
C TRP H 148 -156.46 -74.85 -25.62
N PHE H 149 -157.73 -75.13 -25.32
CA PHE H 149 -158.77 -75.12 -26.34
C PHE H 149 -158.37 -76.05 -27.48
N MET H 150 -157.99 -75.50 -28.62
CA MET H 150 -157.52 -76.30 -29.73
C MET H 150 -156.01 -76.39 -29.80
N GLN H 151 -155.29 -75.47 -29.17
CA GLN H 151 -153.84 -75.47 -29.28
C GLN H 151 -153.22 -76.54 -28.41
N MET H 152 -151.96 -76.84 -28.69
CA MET H 152 -151.16 -77.74 -27.88
C MET H 152 -149.89 -77.03 -27.45
N TYR H 153 -149.51 -77.25 -26.19
CA TYR H 153 -148.29 -76.69 -25.64
C TYR H 153 -147.43 -77.81 -25.09
N GLN H 154 -146.11 -77.61 -25.14
CA GLN H 154 -145.17 -78.55 -24.59
C GLN H 154 -143.88 -77.82 -24.25
N MET H 155 -143.23 -78.26 -23.18
CA MET H 155 -142.01 -77.62 -22.71
C MET H 155 -140.91 -78.65 -22.58
N THR H 156 -139.68 -78.20 -22.75
CA THR H 156 -138.53 -79.07 -22.59
C THR H 156 -138.37 -79.45 -21.12
N PRO H 157 -138.04 -80.70 -20.83
CA PRO H 157 -137.93 -81.11 -19.43
C PRO H 157 -136.79 -80.40 -18.74
N PRO H 158 -136.92 -80.12 -17.44
CA PRO H 158 -135.80 -79.47 -16.73
C PRO H 158 -134.64 -80.41 -16.50
N LEU H 159 -134.92 -81.60 -16.10
CA LEU H 159 -133.87 -82.55 -15.79
C LEU H 159 -133.35 -83.24 -17.05
N PRO H 160 -132.10 -83.66 -17.06
CA PRO H 160 -131.58 -84.37 -18.22
C PRO H 160 -132.26 -85.72 -18.39
N GLU H 161 -132.31 -86.19 -19.63
CA GLU H 161 -132.90 -87.47 -19.95
C GLU H 161 -131.91 -88.30 -20.74
N GLY H 162 -131.85 -89.58 -20.43
CA GLY H 162 -130.92 -90.47 -21.09
C GLY H 162 -130.71 -91.71 -20.25
N ALA H 163 -129.91 -92.62 -20.81
CA ALA H 163 -129.61 -93.85 -20.09
C ALA H 163 -128.84 -93.58 -18.81
N VAL H 164 -127.88 -92.67 -18.87
CA VAL H 164 -127.02 -92.36 -17.73
C VAL H 164 -126.90 -90.85 -17.61
N ASN H 165 -127.08 -90.34 -16.40
CA ASN H 165 -126.99 -88.90 -16.13
C ASN H 165 -126.05 -88.68 -14.96
N ARG H 166 -125.14 -87.72 -15.10
CA ARG H 166 -124.12 -87.48 -14.09
C ARG H 166 -123.98 -85.99 -13.83
N ILE H 167 -123.27 -85.68 -12.75
CA ILE H 167 -122.99 -84.31 -12.35
C ILE H 167 -121.54 -84.00 -12.68
N VAL H 168 -121.29 -82.86 -13.31
CA VAL H 168 -119.95 -82.45 -13.67
C VAL H 168 -119.74 -81.00 -13.26
N CYS H 169 -118.47 -80.61 -13.19
CA CYS H 169 -118.09 -79.26 -12.80
C CYS H 169 -117.81 -78.46 -14.07
N MET H 170 -118.66 -77.47 -14.33
CA MET H 170 -118.49 -76.57 -15.47
C MET H 170 -118.78 -75.16 -14.99
N THR H 171 -117.72 -74.43 -14.64
CA THR H 171 -117.88 -73.10 -14.08
C THR H 171 -118.55 -72.17 -15.08
N ASN H 172 -119.50 -71.37 -14.58
CA ASN H 172 -120.17 -70.36 -15.37
C ASN H 172 -120.83 -70.94 -16.61
N TRP H 173 -121.33 -72.17 -16.51
CA TRP H 173 -122.01 -72.75 -17.65
C TRP H 173 -123.36 -72.12 -17.91
N ALA H 174 -123.87 -71.32 -16.98
CA ALA H 174 -125.17 -70.66 -17.14
C ALA H 174 -125.07 -69.18 -16.87
N SER H 175 -123.90 -68.59 -17.10
CA SER H 175 -123.74 -67.16 -16.90
C SER H 175 -124.46 -66.39 -18.00
N LEU H 176 -124.88 -65.17 -17.65
CA LEU H 176 -125.56 -64.31 -18.62
C LEU H 176 -125.06 -62.87 -18.63
N GLY H 177 -124.42 -62.39 -17.58
CA GLY H 177 -124.00 -61.01 -17.52
C GLY H 177 -122.72 -60.75 -18.28
N ASP H 178 -121.80 -60.01 -17.67
CA ASP H 178 -120.54 -59.66 -18.30
C ASP H 178 -119.72 -60.92 -18.58
N GLU H 179 -118.63 -60.72 -19.32
CA GLU H 179 -117.75 -61.82 -19.67
C GLU H 179 -117.06 -62.42 -18.45
N GLY H 180 -116.94 -61.65 -17.38
CA GLY H 180 -116.40 -62.17 -16.15
C GLY H 180 -114.90 -62.39 -16.22
N ARG H 181 -114.38 -63.00 -15.16
CA ARG H 181 -112.96 -63.28 -15.08
C ARG H 181 -112.55 -64.22 -16.20
N GLY H 182 -111.41 -63.91 -16.82
CA GLY H 182 -110.90 -64.76 -17.87
C GLY H 182 -110.31 -66.03 -17.32
N LEU H 183 -111.17 -66.89 -16.75
CA LEU H 183 -110.71 -68.08 -16.06
C LEU H 183 -111.90 -68.99 -15.83
N GLU H 184 -111.68 -70.29 -15.91
CA GLU H 184 -112.76 -71.26 -15.76
C GLU H 184 -112.17 -72.63 -15.49
N VAL H 185 -113.02 -73.54 -15.03
CA VAL H 185 -112.65 -74.92 -14.78
C VAL H 185 -113.75 -75.79 -15.37
N ARG H 186 -113.52 -76.32 -16.56
CA ARG H 186 -114.46 -77.19 -17.23
C ARG H 186 -113.88 -78.60 -17.29
N LEU H 187 -114.66 -79.58 -16.85
CA LEU H 187 -114.18 -80.94 -16.82
C LEU H 187 -115.04 -81.83 -17.70
N PRO H 188 -114.43 -82.73 -18.46
CA PRO H 188 -115.21 -83.69 -19.24
C PRO H 188 -115.87 -84.71 -18.33
N PRO H 189 -116.91 -85.38 -18.80
CA PRO H 189 -117.55 -86.42 -18.00
C PRO H 189 -116.60 -87.58 -17.77
N PRO H 190 -116.93 -88.49 -16.86
CA PRO H 190 -116.01 -89.61 -16.57
C PRO H 190 -115.70 -90.48 -17.75
N THR H 191 -116.53 -90.44 -18.80
CA THR H 191 -116.25 -91.24 -19.98
C THR H 191 -115.02 -90.77 -20.72
N ASP H 192 -114.47 -89.61 -20.37
CA ASP H 192 -113.29 -89.08 -21.03
C ASP H 192 -112.22 -88.78 -19.99
N SER H 193 -110.98 -88.69 -20.46
CA SER H 193 -109.83 -88.48 -19.58
C SER H 193 -109.77 -87.01 -19.19
N SER H 194 -110.01 -86.72 -17.91
CA SER H 194 -109.90 -85.36 -17.38
C SER H 194 -108.55 -85.09 -16.76
N VAL H 195 -107.51 -85.83 -17.17
CA VAL H 195 -106.21 -85.73 -16.53
C VAL H 195 -105.58 -84.36 -16.74
N HIS H 196 -105.96 -83.65 -17.80
CA HIS H 196 -105.30 -82.40 -18.13
C HIS H 196 -105.51 -81.34 -17.06
N ALA H 197 -106.50 -81.50 -16.19
CA ALA H 197 -106.78 -80.49 -15.20
C ALA H 197 -105.89 -80.56 -13.98
N TYR H 198 -105.02 -81.56 -13.88
CA TYR H 198 -104.21 -81.77 -12.70
C TYR H 198 -102.71 -81.70 -13.02
N LYS H 199 -102.34 -80.89 -14.00
CA LYS H 199 -100.95 -80.71 -14.37
C LYS H 199 -100.51 -79.26 -14.15
N THR H 200 -101.14 -78.57 -13.21
CA THR H 200 -100.91 -77.15 -13.06
C THR H 200 -99.45 -76.85 -12.72
N VAL H 201 -98.87 -77.63 -11.81
CA VAL H 201 -97.50 -77.39 -11.36
C VAL H 201 -96.74 -78.71 -11.31
N LEU H 202 -95.41 -78.59 -11.33
CA LEU H 202 -94.51 -79.70 -11.10
C LEU H 202 -94.72 -80.84 -12.07
N SER H 203 -95.46 -80.62 -13.15
CA SER H 203 -95.79 -81.69 -14.08
C SER H 203 -95.30 -81.42 -15.49
N ARG H 204 -95.65 -80.27 -16.07
CA ARG H 204 -95.36 -80.05 -17.48
C ARG H 204 -93.87 -79.91 -17.69
N GLY H 205 -93.35 -80.63 -18.68
CA GLY H 205 -91.94 -80.65 -18.96
C GLY H 205 -91.40 -82.07 -19.03
N TYR H 206 -91.95 -82.96 -18.20
CA TYR H 206 -91.52 -84.34 -18.20
C TYR H 206 -92.71 -85.29 -18.26
N ILE H 207 -93.84 -84.88 -17.69
CA ILE H 207 -94.99 -85.78 -17.62
C ILE H 207 -95.52 -86.04 -19.02
N ASP H 208 -96.03 -87.25 -19.22
CA ASP H 208 -96.62 -87.58 -20.50
C ASP H 208 -97.95 -86.87 -20.65
N ASN H 209 -98.42 -86.80 -21.90
CA ASN H 209 -99.65 -86.10 -22.21
C ASN H 209 -100.89 -86.78 -21.62
N ALA H 210 -100.77 -88.01 -21.15
CA ALA H 210 -101.92 -88.74 -20.62
C ALA H 210 -101.58 -89.38 -19.29
N GLN H 211 -100.91 -88.65 -18.42
CA GLN H 211 -100.56 -89.16 -17.09
C GLN H 211 -100.74 -88.05 -16.08
N PHE H 212 -100.60 -88.41 -14.80
CA PHE H 212 -100.57 -87.43 -13.74
C PHE H 212 -99.69 -87.98 -12.62
N ASN H 213 -98.90 -87.10 -12.01
CA ASN H 213 -97.99 -87.54 -10.98
C ASN H 213 -98.74 -87.67 -9.66
N PRO H 214 -98.84 -88.88 -9.12
CA PRO H 214 -99.53 -89.05 -7.84
C PRO H 214 -98.85 -88.33 -6.69
N LEU H 215 -97.54 -88.06 -6.79
CA LEU H 215 -96.83 -87.45 -5.68
C LEU H 215 -97.17 -85.98 -5.51
N ALA H 216 -97.68 -85.33 -6.55
CA ALA H 216 -98.04 -83.92 -6.49
C ALA H 216 -99.55 -83.72 -6.48
N LEU H 217 -100.30 -84.75 -6.10
CA LEU H 217 -101.74 -84.69 -6.25
C LEU H 217 -102.35 -83.58 -5.42
N ARG H 218 -101.92 -83.45 -4.17
CA ARG H 218 -102.54 -82.47 -3.27
C ARG H 218 -102.37 -81.06 -3.81
N SER H 219 -101.15 -80.72 -4.24
CA SER H 219 -100.90 -79.38 -4.73
C SER H 219 -101.74 -79.08 -5.96
N ASN H 220 -101.77 -80.00 -6.92
CA ASN H 220 -102.52 -79.77 -8.14
C ASN H 220 -104.02 -79.63 -7.84
N VAL H 221 -104.53 -80.49 -6.96
CA VAL H 221 -105.92 -80.37 -6.54
C VAL H 221 -106.16 -79.01 -5.92
N LEU H 222 -105.25 -78.61 -5.04
CA LEU H 222 -105.40 -77.33 -4.35
C LEU H 222 -105.47 -76.19 -5.35
N LEU H 223 -104.54 -76.16 -6.30
CA LEU H 223 -104.54 -75.09 -7.28
C LEU H 223 -105.79 -75.14 -8.14
N MET H 224 -106.21 -76.33 -8.54
CA MET H 224 -107.40 -76.44 -9.36
C MET H 224 -108.62 -75.86 -8.65
N LEU H 225 -108.77 -76.17 -7.37
CA LEU H 225 -109.87 -75.58 -6.61
C LEU H 225 -109.72 -74.08 -6.53
N LEU H 226 -108.48 -73.60 -6.37
CA LEU H 226 -108.27 -72.16 -6.31
C LEU H 226 -108.77 -71.49 -7.57
N GLN H 227 -108.40 -72.04 -8.73
CA GLN H 227 -108.90 -71.49 -9.98
C GLN H 227 -110.42 -71.56 -10.03
N PHE H 228 -110.97 -72.68 -9.57
CA PHE H 228 -112.43 -72.80 -9.49
C PHE H 228 -113.01 -71.66 -8.67
N THR H 229 -112.42 -71.40 -7.50
CA THR H 229 -112.94 -70.35 -6.64
C THR H 229 -112.84 -68.99 -7.31
N LEU H 230 -111.69 -68.70 -7.92
CA LEU H 230 -111.49 -67.38 -8.51
C LEU H 230 -112.48 -67.13 -9.64
N SER H 231 -112.77 -68.14 -10.43
CA SER H 231 -113.65 -67.95 -11.57
C SER H 231 -115.08 -67.70 -11.18
N ASN H 232 -115.43 -67.58 -9.90
CA ASN H 232 -116.81 -67.36 -9.51
C ASN H 232 -117.02 -66.05 -8.75
N LEU H 233 -115.98 -65.27 -8.54
CA LEU H 233 -116.09 -64.05 -7.76
C LEU H 233 -116.83 -63.00 -8.58
N LYS H 234 -118.14 -62.90 -8.38
CA LYS H 234 -118.95 -61.94 -9.08
C LYS H 234 -120.24 -61.73 -8.31
N ILE H 235 -120.98 -60.70 -8.70
CA ILE H 235 -122.17 -60.25 -7.99
C ILE H 235 -123.41 -60.80 -8.67
N ASN H 236 -124.40 -61.19 -7.87
CA ASN H 236 -125.66 -61.72 -8.38
C ASN H 236 -126.60 -60.54 -8.63
N LYS H 237 -126.52 -60.00 -9.84
CA LYS H 237 -127.39 -58.90 -10.23
C LYS H 237 -128.84 -59.36 -10.33
N SER H 238 -129.76 -58.44 -10.07
CA SER H 238 -131.17 -58.72 -10.20
C SER H 238 -131.64 -58.40 -11.61
N SER H 239 -132.50 -59.26 -12.15
CA SER H 239 -133.04 -59.11 -13.49
C SER H 239 -134.48 -58.61 -13.41
N THR H 240 -135.16 -58.60 -14.56
CA THR H 240 -136.58 -58.32 -14.58
C THR H 240 -137.37 -59.56 -14.19
N PHE H 241 -138.66 -59.35 -13.96
CA PHE H 241 -139.56 -60.41 -13.52
C PHE H 241 -140.84 -60.40 -14.33
N THR H 242 -141.49 -61.55 -14.37
CA THR H 242 -142.81 -61.68 -14.96
C THR H 242 -143.69 -62.48 -14.00
N SER H 243 -144.99 -62.19 -14.03
CA SER H 243 -145.94 -62.93 -13.21
C SER H 243 -146.35 -64.20 -13.95
N ASP H 244 -146.29 -65.32 -13.24
CA ASP H 244 -146.66 -66.59 -13.82
C ASP H 244 -148.12 -66.88 -13.58
N VAL H 245 -148.76 -67.49 -14.57
CA VAL H 245 -150.19 -67.81 -14.51
C VAL H 245 -150.39 -69.27 -14.91
N THR H 246 -149.31 -70.02 -14.97
CA THR H 246 -149.34 -71.38 -15.53
C THR H 246 -149.65 -72.38 -14.43
N THR H 247 -150.92 -72.77 -14.33
CA THR H 247 -151.38 -73.91 -13.52
C THR H 247 -150.99 -73.67 -12.06
N ILE H 248 -150.32 -74.61 -11.40
CA ILE H 248 -150.16 -74.56 -9.95
C ILE H 248 -149.34 -73.34 -9.54
N THR H 249 -148.34 -73.00 -10.33
CA THR H 249 -147.48 -71.88 -10.00
C THR H 249 -148.12 -70.53 -10.29
N SER H 250 -149.41 -70.50 -10.62
CA SER H 250 -150.07 -69.23 -10.90
C SER H 250 -149.97 -68.32 -9.70
N GLY H 251 -149.62 -67.05 -9.96
CA GLY H 251 -149.45 -66.06 -8.93
C GLY H 251 -148.02 -65.87 -8.47
N ARG H 252 -147.15 -66.85 -8.71
CA ARG H 252 -145.75 -66.68 -8.37
C ARG H 252 -145.10 -65.72 -9.35
N MET H 253 -143.96 -65.16 -8.93
CA MET H 253 -143.19 -64.24 -9.75
C MET H 253 -141.83 -64.86 -10.05
N ILE H 254 -141.44 -64.84 -11.32
CA ILE H 254 -140.21 -65.49 -11.76
C ILE H 254 -139.40 -64.53 -12.62
N ARG H 255 -138.12 -64.84 -12.76
CA ARG H 255 -137.20 -63.97 -13.48
C ARG H 255 -137.35 -64.17 -14.99
N ALA H 256 -136.65 -63.34 -15.74
CA ALA H 256 -136.87 -63.21 -17.19
C ALA H 256 -135.89 -64.04 -18.02
N PHE H 257 -134.59 -63.82 -17.83
CA PHE H 257 -133.56 -64.44 -18.67
C PHE H 257 -133.77 -64.09 -20.15
N GLU H 258 -133.91 -62.79 -20.41
CA GLU H 258 -134.12 -62.34 -21.78
C GLU H 258 -132.93 -62.66 -22.67
N GLY H 259 -131.74 -62.83 -22.09
CA GLY H 259 -130.55 -63.10 -22.86
C GLY H 259 -130.69 -64.34 -23.74
N ARG H 260 -130.76 -65.51 -23.11
CA ARG H 260 -131.11 -66.74 -23.82
C ARG H 260 -132.30 -67.38 -23.12
N PRO H 261 -133.47 -67.40 -23.74
CA PRO H 261 -134.68 -67.77 -23.00
C PRO H 261 -134.72 -69.20 -22.52
N GLU H 262 -133.94 -70.11 -23.11
CA GLU H 262 -134.03 -71.51 -22.72
C GLU H 262 -133.66 -71.73 -21.26
N LEU H 263 -132.93 -70.78 -20.65
CA LEU H 263 -132.62 -70.90 -19.24
C LEU H 263 -133.87 -70.98 -18.39
N LEU H 264 -134.96 -70.36 -18.85
CA LEU H 264 -136.19 -70.35 -18.09
C LEU H 264 -136.65 -71.76 -17.74
N ALA H 265 -136.48 -72.69 -18.68
CA ALA H 265 -136.84 -74.07 -18.40
C ALA H 265 -136.00 -74.65 -17.27
N LEU H 266 -134.70 -74.36 -17.27
CA LEU H 266 -133.82 -74.94 -16.27
C LEU H 266 -133.97 -74.25 -14.92
N ALA H 267 -134.33 -72.97 -14.92
CA ALA H 267 -134.27 -72.19 -13.69
C ALA H 267 -135.22 -72.73 -12.63
N TYR H 268 -136.43 -73.12 -13.03
CA TYR H 268 -137.47 -73.50 -12.09
C TYR H 268 -138.00 -74.88 -12.42
N PRO H 269 -137.23 -75.92 -12.11
CA PRO H 269 -137.76 -77.28 -12.25
C PRO H 269 -138.95 -77.49 -11.33
N GLY H 270 -140.02 -78.03 -11.88
CA GLY H 270 -141.24 -78.30 -11.15
C GLY H 270 -142.45 -77.54 -11.68
N ARG H 271 -142.24 -76.36 -12.23
CA ARG H 271 -143.36 -75.60 -12.77
C ARG H 271 -143.79 -76.19 -14.09
N ALA H 272 -145.10 -76.38 -14.24
CA ALA H 272 -145.70 -76.83 -15.49
C ALA H 272 -145.03 -78.12 -15.99
N VAL H 273 -145.14 -79.16 -15.18
CA VAL H 273 -144.56 -80.46 -15.52
C VAL H 273 -145.66 -81.39 -15.98
N LEU H 274 -145.43 -82.07 -17.09
CA LEU H 274 -146.40 -83.02 -17.60
C LEU H 274 -146.55 -84.18 -16.63
N PRO H 275 -147.76 -84.67 -16.40
CA PRO H 275 -147.93 -85.78 -15.47
C PRO H 275 -147.66 -87.12 -16.14
N THR H 276 -146.59 -87.20 -16.91
CA THR H 276 -146.14 -88.50 -17.38
C THR H 276 -145.47 -89.24 -16.23
N GLN H 277 -145.24 -90.54 -16.43
CA GLN H 277 -144.76 -91.38 -15.35
C GLN H 277 -143.28 -91.73 -15.49
N THR H 278 -142.51 -90.86 -16.15
CA THR H 278 -141.07 -91.05 -16.17
C THR H 278 -140.50 -90.75 -14.80
N LYS H 279 -139.32 -91.32 -14.54
CA LYS H 279 -138.71 -91.23 -13.21
C LYS H 279 -138.60 -89.78 -12.75
N ASN H 280 -138.02 -88.93 -13.59
CA ASN H 280 -137.88 -87.53 -13.21
C ASN H 280 -139.24 -86.89 -12.98
N ALA H 281 -140.23 -87.25 -13.81
CA ALA H 281 -141.57 -86.73 -13.60
C ALA H 281 -142.12 -87.16 -12.25
N GLN H 282 -141.90 -88.41 -11.88
CA GLN H 282 -142.33 -88.88 -10.57
C GLN H 282 -141.74 -88.02 -9.47
N PHE H 283 -140.43 -87.75 -9.55
CA PHE H 283 -139.78 -86.94 -8.54
C PHE H 283 -140.29 -85.51 -8.58
N LEU H 284 -140.33 -84.90 -9.76
CA LEU H 284 -140.72 -83.51 -9.86
C LEU H 284 -142.15 -83.28 -9.38
N SER H 285 -142.96 -84.33 -9.33
CA SER H 285 -144.32 -84.19 -8.84
C SER H 285 -144.37 -83.75 -7.39
N THR H 286 -143.27 -83.89 -6.66
CA THR H 286 -143.22 -83.59 -5.24
C THR H 286 -142.81 -82.17 -4.94
N ALA H 287 -142.62 -81.33 -5.95
CA ALA H 287 -142.12 -79.98 -5.70
C ALA H 287 -143.13 -79.17 -4.90
N ILE H 288 -142.60 -78.31 -4.04
CA ILE H 288 -143.43 -77.41 -3.24
C ILE H 288 -143.61 -76.12 -4.02
N ALA H 289 -144.86 -75.83 -4.40
CA ALA H 289 -145.12 -74.79 -5.39
C ALA H 289 -144.65 -73.42 -4.92
N ASP H 290 -144.92 -73.09 -3.66
CA ASP H 290 -144.66 -71.74 -3.20
C ASP H 290 -143.16 -71.41 -3.11
N ARG H 291 -142.29 -72.39 -3.29
CA ARG H 291 -140.86 -72.15 -3.28
C ARG H 291 -140.31 -71.90 -4.68
N ILE H 292 -141.15 -71.46 -5.60
CA ILE H 292 -140.73 -71.08 -6.95
C ILE H 292 -140.71 -69.56 -7.02
N GLY H 293 -139.63 -69.02 -7.55
CA GLY H 293 -139.55 -67.58 -7.74
C GLY H 293 -139.10 -66.85 -6.48
N ARG H 294 -139.57 -65.61 -6.33
CA ARG H 294 -139.15 -64.78 -5.22
C ARG H 294 -140.02 -65.05 -4.00
N LEU H 295 -139.43 -64.79 -2.83
CA LEU H 295 -140.05 -65.14 -1.57
C LEU H 295 -140.60 -63.96 -0.80
N ASP H 296 -140.37 -62.74 -1.27
CA ASP H 296 -140.69 -61.54 -0.50
C ASP H 296 -141.68 -60.68 -1.26
N ARG H 297 -142.08 -59.60 -0.63
CA ARG H 297 -142.71 -58.48 -1.32
C ARG H 297 -141.64 -57.45 -1.64
N ALA H 298 -141.94 -56.61 -2.62
CA ALA H 298 -140.97 -55.63 -3.07
C ALA H 298 -140.55 -54.73 -1.91
N ASN H 299 -139.24 -54.47 -1.82
CA ASN H 299 -138.68 -53.69 -0.74
C ASN H 299 -137.75 -52.63 -1.29
N LEU H 300 -137.66 -51.51 -0.59
CA LEU H 300 -136.70 -50.46 -0.88
C LEU H 300 -136.76 -50.05 -2.36
N ILE H 301 -137.99 -49.84 -2.83
CA ILE H 301 -138.21 -49.58 -4.24
C ILE H 301 -137.75 -48.18 -4.59
N GLY H 302 -137.04 -48.08 -5.71
CA GLY H 302 -136.83 -46.80 -6.35
C GLY H 302 -137.51 -46.80 -7.69
N GLY H 303 -138.60 -46.05 -7.83
CA GLY H 303 -139.36 -46.08 -9.06
C GLY H 303 -139.97 -47.45 -9.34
N GLU H 304 -139.49 -48.10 -10.39
CA GLU H 304 -140.03 -49.39 -10.80
C GLU H 304 -139.30 -50.57 -10.19
N VAL H 305 -138.15 -50.36 -9.54
CA VAL H 305 -137.22 -51.42 -9.21
C VAL H 305 -136.94 -51.42 -7.72
N SER H 306 -136.93 -52.61 -7.12
CA SER H 306 -136.55 -52.80 -5.73
C SER H 306 -135.03 -52.87 -5.61
N ALA H 307 -134.54 -52.53 -4.43
CA ALA H 307 -133.09 -52.48 -4.22
C ALA H 307 -132.48 -53.87 -4.23
N MET H 308 -133.06 -54.80 -3.48
CA MET H 308 -132.54 -56.16 -3.42
C MET H 308 -133.70 -57.13 -3.29
N VAL H 309 -133.47 -58.35 -3.75
CA VAL H 309 -134.52 -59.36 -3.82
C VAL H 309 -134.01 -60.67 -3.23
N GLU H 310 -134.93 -61.44 -2.68
CA GLU H 310 -134.65 -62.75 -2.12
C GLU H 310 -135.56 -63.77 -2.80
N CYS H 311 -134.97 -64.84 -3.32
CA CYS H 311 -135.71 -65.72 -4.21
C CYS H 311 -135.11 -67.12 -4.17
N MET H 312 -135.87 -68.08 -4.70
CA MET H 312 -135.44 -69.44 -4.90
C MET H 312 -135.25 -69.69 -6.38
N GLU H 313 -134.20 -70.44 -6.73
CA GLU H 313 -133.98 -70.87 -8.10
C GLU H 313 -132.88 -71.93 -8.09
N LEU H 314 -132.67 -72.53 -9.25
CA LEU H 314 -131.61 -73.52 -9.41
C LEU H 314 -130.26 -72.89 -9.09
N CYS H 315 -129.65 -73.32 -7.99
CA CYS H 315 -128.39 -72.72 -7.55
C CYS H 315 -127.73 -73.66 -6.55
N ASP H 316 -126.51 -74.07 -6.84
CA ASP H 316 -125.80 -74.96 -5.92
C ASP H 316 -125.24 -74.15 -4.77
N ALA H 317 -125.26 -74.75 -3.58
CA ALA H 317 -124.87 -74.03 -2.37
C ALA H 317 -123.41 -73.58 -2.45
N LEU H 318 -122.54 -74.43 -3.01
CA LEU H 318 -121.12 -74.11 -3.00
C LEU H 318 -120.83 -72.84 -3.78
N THR H 319 -121.33 -72.75 -5.01
CA THR H 319 -121.14 -71.53 -5.79
C THR H 319 -121.74 -70.33 -5.06
N LEU H 320 -122.91 -70.52 -4.47
CA LEU H 320 -123.54 -69.44 -3.73
C LEU H 320 -122.66 -68.97 -2.58
N HIS H 321 -122.09 -69.93 -1.84
CA HIS H 321 -121.26 -69.56 -0.70
C HIS H 321 -120.09 -68.68 -1.13
N ILE H 322 -119.50 -68.99 -2.28
CA ILE H 322 -118.38 -68.18 -2.78
C ILE H 322 -118.83 -66.75 -3.01
N ARG H 323 -119.86 -66.58 -3.83
CA ARG H 323 -120.28 -65.24 -4.22
C ARG H 323 -120.73 -64.42 -3.03
N GLU H 324 -121.35 -65.07 -2.03
CA GLU H 324 -121.76 -64.34 -0.84
C GLU H 324 -120.55 -63.73 -0.15
N THR H 325 -119.48 -64.50 0.02
CA THR H 325 -118.28 -63.96 0.62
C THR H 325 -117.71 -62.83 -0.21
N TYR H 326 -117.79 -62.97 -1.53
CA TYR H 326 -117.30 -61.91 -2.40
C TYR H 326 -118.02 -60.61 -2.14
N VAL H 327 -119.34 -60.67 -1.97
CA VAL H 327 -120.11 -59.48 -1.62
C VAL H 327 -119.64 -58.94 -0.28
N MET H 328 -119.48 -59.82 0.70
CA MET H 328 -119.00 -59.38 2.01
C MET H 328 -117.66 -58.66 1.88
N LEU H 329 -116.78 -59.19 1.02
CA LEU H 329 -115.50 -58.52 0.80
C LEU H 329 -115.70 -57.11 0.28
N LEU H 330 -116.54 -56.95 -0.74
CA LEU H 330 -116.75 -55.63 -1.31
C LEU H 330 -117.35 -54.69 -0.27
N ARG H 331 -118.35 -55.16 0.46
CA ARG H 331 -118.96 -54.31 1.49
C ARG H 331 -117.95 -53.93 2.55
N SER H 332 -117.05 -54.84 2.90
CA SER H 332 -115.98 -54.51 3.83
C SER H 332 -115.10 -53.40 3.28
N MET H 333 -115.01 -53.29 1.97
CA MET H 333 -114.22 -52.25 1.33
C MET H 333 -114.99 -50.96 1.16
N HIS H 334 -116.26 -50.93 1.54
CA HIS H 334 -117.08 -49.75 1.30
C HIS H 334 -116.64 -48.59 2.18
N GLN H 335 -116.69 -47.39 1.61
CA GLN H 335 -116.40 -46.16 2.31
C GLN H 335 -117.64 -45.28 2.28
N ASP H 336 -117.96 -44.67 3.42
CA ASP H 336 -119.10 -43.76 3.45
C ASP H 336 -118.79 -42.52 2.63
N PRO H 337 -119.61 -42.18 1.64
CA PRO H 337 -119.28 -41.05 0.77
C PRO H 337 -119.29 -39.72 1.48
N THR H 338 -120.15 -39.54 2.48
CA THR H 338 -120.29 -38.22 3.10
C THR H 338 -119.01 -37.76 3.75
N GLN H 339 -118.08 -38.67 4.05
CA GLN H 339 -116.85 -38.30 4.74
C GLN H 339 -115.78 -37.77 3.80
N ILE H 340 -116.01 -37.80 2.49
CA ILE H 340 -114.98 -37.38 1.55
C ILE H 340 -114.59 -35.93 1.79
N VAL H 341 -115.58 -35.07 2.03
CA VAL H 341 -115.29 -33.64 2.18
C VAL H 341 -114.35 -33.42 3.36
N GLN H 342 -114.58 -34.11 4.47
CA GLN H 342 -113.71 -33.96 5.62
C GLN H 342 -112.32 -34.49 5.31
N ILE H 343 -112.24 -35.61 4.59
CA ILE H 343 -110.95 -36.15 4.20
C ILE H 343 -110.16 -35.11 3.40
N VAL H 344 -110.83 -34.48 2.44
CA VAL H 344 -110.16 -33.45 1.64
C VAL H 344 -109.74 -32.29 2.53
N ASN H 345 -110.64 -31.85 3.41
CA ASN H 345 -110.33 -30.70 4.26
C ASN H 345 -109.13 -30.98 5.14
N GLU H 346 -109.10 -32.16 5.77
CA GLU H 346 -107.99 -32.48 6.66
C GLU H 346 -106.69 -32.67 5.88
N CYS H 347 -106.75 -33.45 4.80
CA CYS H 347 -105.54 -33.70 4.04
C CYS H 347 -104.95 -32.43 3.46
N ALA H 348 -105.78 -31.41 3.27
CA ALA H 348 -105.32 -30.12 2.77
C ALA H 348 -104.89 -29.18 3.88
N ASN H 349 -104.84 -29.67 5.12
CA ASN H 349 -104.46 -28.84 6.26
C ASN H 349 -105.33 -27.61 6.37
N ASN H 350 -106.60 -27.75 6.00
CA ASN H 350 -107.60 -26.69 6.06
C ASN H 350 -107.26 -25.51 5.16
N LEU H 351 -106.26 -25.63 4.30
CA LEU H 351 -106.02 -24.59 3.32
C LEU H 351 -107.13 -24.53 2.29
N LEU H 352 -107.93 -25.58 2.17
CA LEU H 352 -109.07 -25.61 1.29
C LEU H 352 -110.31 -26.00 2.09
N ASN H 353 -111.46 -25.79 1.48
CA ASN H 353 -112.72 -26.23 2.06
C ASN H 353 -113.69 -26.45 0.91
N SER H 354 -114.29 -27.64 0.88
CA SER H 354 -115.08 -28.05 -0.27
C SER H 354 -116.42 -28.60 0.18
N THR H 355 -117.34 -28.70 -0.78
CA THR H 355 -118.64 -29.31 -0.54
C THR H 355 -118.97 -30.25 -1.68
N ILE H 356 -119.51 -31.42 -1.34
CA ILE H 356 -119.80 -32.46 -2.33
C ILE H 356 -121.15 -33.08 -2.03
N PRO H 357 -122.21 -32.63 -2.69
CA PRO H 357 -123.53 -33.24 -2.44
C PRO H 357 -123.59 -34.65 -2.99
N ILE H 358 -124.40 -35.48 -2.34
CA ILE H 358 -124.61 -36.85 -2.82
C ILE H 358 -125.96 -37.33 -2.34
N SER H 359 -126.66 -38.04 -3.21
CA SER H 359 -127.92 -38.68 -2.85
C SER H 359 -127.64 -40.00 -2.13
N LEU H 360 -128.43 -40.28 -1.12
CA LEU H 360 -128.24 -41.47 -0.29
C LEU H 360 -129.30 -42.49 -0.65
N ARG H 361 -128.91 -43.50 -1.39
CA ARG H 361 -129.80 -44.59 -1.75
C ARG H 361 -129.46 -45.83 -0.94
N PRO H 362 -130.40 -46.75 -0.78
CA PRO H 362 -130.14 -47.90 0.10
C PRO H 362 -128.96 -48.76 -0.32
N THR H 363 -128.71 -48.91 -1.62
CA THR H 363 -127.67 -49.81 -2.12
C THR H 363 -126.53 -49.04 -2.74
N ILE H 364 -126.13 -47.94 -2.11
CA ILE H 364 -124.94 -47.23 -2.54
C ILE H 364 -123.71 -48.07 -2.23
N LEU H 365 -122.68 -47.92 -3.05
CA LEU H 365 -121.47 -48.72 -2.89
C LEU H 365 -120.28 -47.94 -3.40
N CYS H 366 -119.31 -47.69 -2.53
CA CYS H 366 -118.11 -46.92 -2.87
C CYS H 366 -116.89 -47.63 -2.28
N PRO H 367 -116.38 -48.63 -2.97
CA PRO H 367 -115.26 -49.43 -2.46
C PRO H 367 -113.92 -48.71 -2.54
N TRP H 368 -113.69 -47.80 -1.58
CA TRP H 368 -112.49 -47.00 -1.58
C TRP H 368 -111.70 -47.08 -0.27
N PHE H 369 -112.24 -47.74 0.75
CA PHE H 369 -111.59 -47.77 2.05
C PHE H 369 -110.53 -48.86 2.11
N ALA H 370 -109.55 -48.65 2.98
CA ALA H 370 -108.55 -49.68 3.28
C ALA H 370 -108.02 -49.42 4.67
N SER H 371 -108.01 -50.47 5.51
CA SER H 371 -107.55 -50.32 6.88
C SER H 371 -106.04 -50.13 6.91
N SER H 372 -105.54 -49.70 8.08
CA SER H 372 -104.12 -49.45 8.22
C SER H 372 -103.30 -50.73 8.02
N GLU H 373 -103.83 -51.86 8.47
CA GLU H 373 -103.11 -53.11 8.31
C GLU H 373 -102.87 -53.41 6.85
N ASP H 374 -103.88 -53.18 6.00
CA ASP H 374 -103.70 -53.41 4.57
C ASP H 374 -102.58 -52.55 4.02
N LEU H 375 -102.59 -51.26 4.33
CA LEU H 375 -101.54 -50.37 3.84
C LEU H 375 -100.19 -50.79 4.40
N ARG H 376 -100.13 -51.11 5.68
CA ARG H 376 -98.87 -51.53 6.28
C ARG H 376 -98.32 -52.77 5.59
N LEU H 377 -99.18 -53.76 5.38
CA LEU H 377 -98.75 -54.96 4.67
C LEU H 377 -98.33 -54.61 3.25
N GLN H 378 -99.10 -53.75 2.59
CA GLN H 378 -98.74 -53.31 1.25
C GLN H 378 -97.37 -52.65 1.26
N GLN H 379 -97.11 -51.83 2.27
CA GLN H 379 -95.84 -51.11 2.33
C GLN H 379 -94.67 -52.08 2.41
N VAL H 380 -94.78 -53.08 3.28
CA VAL H 380 -93.71 -54.06 3.42
C VAL H 380 -93.51 -54.80 2.10
N MET H 381 -94.61 -55.19 1.46
CA MET H 381 -94.51 -55.93 0.21
C MET H 381 -93.69 -55.18 -0.82
N HIS H 382 -93.72 -53.85 -0.79
CA HIS H 382 -92.93 -53.07 -1.72
C HIS H 382 -91.44 -53.39 -1.60
N LEU H 383 -90.87 -53.13 -0.43
CA LEU H 383 -89.43 -53.34 -0.29
C LEU H 383 -89.05 -54.80 -0.45
N VAL H 384 -90.02 -55.71 -0.35
CA VAL H 384 -89.75 -57.09 -0.73
C VAL H 384 -89.49 -57.17 -2.23
N ASN H 385 -90.36 -56.54 -3.03
CA ASN H 385 -90.25 -56.68 -4.48
C ASN H 385 -89.00 -56.03 -5.02
N ILE H 386 -88.56 -54.91 -4.44
CA ILE H 386 -87.36 -54.23 -4.92
C ILE H 386 -86.07 -54.79 -4.36
N SER H 387 -86.16 -55.82 -3.51
CA SER H 387 -84.98 -56.25 -2.77
C SER H 387 -83.85 -56.69 -3.69
N SER H 388 -84.17 -57.17 -4.89
CA SER H 388 -83.12 -57.60 -5.80
C SER H 388 -82.36 -56.44 -6.41
N ASN H 389 -82.98 -55.27 -6.52
CA ASN H 389 -82.30 -54.11 -7.10
C ASN H 389 -82.80 -52.88 -6.34
N THR H 390 -82.03 -52.49 -5.31
CA THR H 390 -82.48 -51.43 -4.42
C THR H 390 -82.54 -50.09 -5.12
N ALA H 391 -81.76 -49.92 -6.19
CA ALA H 391 -81.74 -48.63 -6.89
C ALA H 391 -83.08 -48.31 -7.53
N ALA H 392 -83.98 -49.28 -7.64
CA ALA H 392 -85.27 -49.05 -8.28
C ALA H 392 -86.13 -48.05 -7.52
N ALA H 393 -85.79 -47.72 -6.27
CA ALA H 393 -86.59 -46.78 -5.51
C ALA H 393 -86.37 -45.35 -5.95
N LEU H 394 -85.28 -45.06 -6.66
CA LEU H 394 -84.95 -43.67 -6.97
C LEU H 394 -86.06 -42.91 -7.69
N PRO H 395 -86.77 -43.47 -8.67
CA PRO H 395 -87.82 -42.68 -9.34
C PRO H 395 -88.82 -42.06 -8.39
N LEU H 396 -89.02 -42.65 -7.21
CA LEU H 396 -89.95 -42.06 -6.26
C LEU H 396 -89.57 -40.64 -5.91
N VAL H 397 -88.31 -40.43 -5.50
CA VAL H 397 -87.90 -39.08 -5.14
C VAL H 397 -87.91 -38.17 -6.37
N GLU H 398 -87.71 -38.74 -7.55
CA GLU H 398 -87.79 -37.94 -8.77
C GLU H 398 -89.18 -37.35 -8.92
N ALA H 399 -90.20 -38.19 -8.84
CA ALA H 399 -91.57 -37.69 -8.98
C ALA H 399 -91.90 -36.71 -7.87
N LEU H 400 -91.53 -37.04 -6.64
CA LEU H 400 -91.86 -36.17 -5.52
C LEU H 400 -91.18 -34.81 -5.69
N SER H 401 -89.90 -34.81 -6.08
CA SER H 401 -89.21 -33.55 -6.31
C SER H 401 -89.87 -32.76 -7.42
N THR H 402 -90.26 -33.44 -8.49
CA THR H 402 -90.93 -32.76 -9.59
C THR H 402 -92.22 -32.12 -9.12
N LEU H 403 -92.99 -32.84 -8.30
CA LEU H 403 -94.19 -32.25 -7.72
C LEU H 403 -93.85 -31.06 -6.84
N LEU H 404 -92.78 -31.18 -6.05
CA LEU H 404 -92.44 -30.12 -5.13
C LEU H 404 -92.13 -28.82 -5.86
N ARG H 405 -91.39 -28.91 -6.95
CA ARG H 405 -91.00 -27.70 -7.67
C ARG H 405 -92.11 -27.26 -8.61
N SER H 406 -93.33 -27.70 -8.34
CA SER H 406 -94.49 -27.28 -9.11
C SER H 406 -95.54 -26.56 -8.28
N VAL H 407 -95.42 -26.56 -6.97
CA VAL H 407 -96.40 -25.89 -6.11
C VAL H 407 -95.77 -24.89 -5.16
N THR H 408 -94.46 -24.94 -4.95
CA THR H 408 -93.85 -24.06 -3.96
C THR H 408 -93.91 -22.61 -4.43
N PRO H 409 -94.13 -21.68 -3.51
CA PRO H 409 -93.99 -20.26 -3.86
C PRO H 409 -92.54 -19.84 -3.96
N LEU H 410 -91.62 -20.63 -3.44
CA LEU H 410 -90.21 -20.26 -3.44
C LEU H 410 -89.67 -20.20 -4.87
N VAL H 411 -88.78 -19.25 -5.10
CA VAL H 411 -88.12 -19.10 -6.40
C VAL H 411 -86.64 -18.90 -6.16
N LEU H 412 -85.82 -19.60 -6.94
CA LEU H 412 -84.37 -19.56 -6.79
C LEU H 412 -83.78 -18.68 -7.87
N ASP H 413 -83.01 -17.69 -7.46
CA ASP H 413 -82.39 -16.76 -8.40
C ASP H 413 -81.08 -16.24 -7.83
N PRO H 414 -79.96 -16.51 -8.48
CA PRO H 414 -78.66 -16.08 -7.95
C PRO H 414 -78.22 -14.68 -8.35
N THR H 415 -79.12 -13.86 -8.90
CA THR H 415 -78.69 -12.57 -9.42
C THR H 415 -78.15 -11.68 -8.30
N VAL H 416 -78.81 -11.67 -7.14
CA VAL H 416 -78.36 -10.82 -6.05
C VAL H 416 -76.99 -11.27 -5.58
N LEU H 417 -76.83 -12.56 -5.34
CA LEU H 417 -75.54 -13.08 -4.90
C LEU H 417 -74.45 -12.76 -5.91
N THR H 418 -74.80 -12.81 -7.20
CA THR H 418 -73.82 -12.48 -8.23
C THR H 418 -73.33 -11.05 -8.08
N ASN H 419 -74.24 -10.12 -7.84
CA ASN H 419 -73.83 -8.72 -7.68
C ASN H 419 -72.92 -8.57 -6.47
N ALA H 420 -73.28 -9.19 -5.35
CA ALA H 420 -72.47 -9.05 -4.15
C ALA H 420 -71.07 -9.58 -4.37
N ILE H 421 -70.95 -10.74 -5.01
CA ILE H 421 -69.64 -11.32 -5.24
C ILE H 421 -68.83 -10.45 -6.18
N THR H 422 -69.44 -9.97 -7.26
CA THR H 422 -68.70 -9.20 -8.25
C THR H 422 -68.15 -7.91 -7.65
N THR H 423 -68.95 -7.25 -6.80
CA THR H 423 -68.54 -5.97 -6.23
C THR H 423 -67.28 -6.07 -5.41
N ILE H 424 -66.93 -7.26 -4.93
CA ILE H 424 -65.71 -7.47 -4.17
C ILE H 424 -64.68 -8.24 -4.96
N SER H 425 -65.10 -9.19 -5.78
CA SER H 425 -64.17 -9.99 -6.56
C SER H 425 -63.50 -9.12 -7.60
N GLU H 426 -62.53 -9.73 -8.31
CA GLU H 426 -61.91 -9.05 -9.43
C GLU H 426 -62.92 -8.76 -10.54
N SER H 427 -64.05 -9.45 -10.54
CA SER H 427 -65.14 -9.28 -11.50
C SER H 427 -64.68 -9.51 -12.93
N THR H 428 -63.50 -10.10 -13.13
CA THR H 428 -63.02 -10.44 -14.46
C THR H 428 -62.92 -11.93 -14.70
N THR H 429 -62.69 -12.72 -13.65
CA THR H 429 -62.57 -14.18 -13.75
C THR H 429 -61.54 -14.59 -14.79
N GLN H 430 -60.51 -13.74 -14.99
CA GLN H 430 -59.49 -14.02 -15.97
C GLN H 430 -58.43 -15.00 -15.47
N THR H 431 -58.41 -15.28 -14.17
CA THR H 431 -57.61 -16.37 -13.64
C THR H 431 -58.35 -16.97 -12.46
N ILE H 432 -58.13 -18.28 -12.24
CA ILE H 432 -58.99 -19.02 -11.32
C ILE H 432 -58.57 -18.84 -9.87
N SER H 433 -57.26 -18.74 -9.60
CA SER H 433 -56.74 -18.91 -8.25
C SER H 433 -57.38 -18.00 -7.21
N PRO H 434 -57.50 -16.68 -7.41
CA PRO H 434 -57.90 -15.82 -6.28
C PRO H 434 -59.25 -16.18 -5.68
N ILE H 435 -60.22 -16.56 -6.51
CA ILE H 435 -61.55 -16.90 -6.02
C ILE H 435 -61.93 -18.35 -6.28
N SER H 436 -61.32 -19.00 -7.27
CA SER H 436 -61.36 -20.46 -7.42
C SER H 436 -62.81 -20.92 -7.55
N GLU H 437 -63.30 -21.80 -6.68
CA GLU H 437 -64.60 -22.44 -6.88
C GLU H 437 -65.73 -21.43 -6.87
N ILE H 438 -65.52 -20.26 -6.26
CA ILE H 438 -66.62 -19.31 -6.11
C ILE H 438 -67.18 -18.93 -7.47
N LEU H 439 -66.29 -18.53 -8.39
CA LEU H 439 -66.74 -18.26 -9.74
C LEU H 439 -67.31 -19.52 -10.38
N ARG H 440 -66.69 -20.66 -10.12
CA ARG H 440 -67.17 -21.92 -10.65
C ARG H 440 -68.56 -22.24 -10.11
N LEU H 441 -68.74 -22.08 -8.80
CA LEU H 441 -70.05 -22.29 -8.21
C LEU H 441 -71.05 -21.26 -8.71
N LEU H 442 -70.64 -20.00 -8.80
CA LEU H 442 -71.53 -18.92 -9.18
C LEU H 442 -71.98 -19.01 -10.62
N GLN H 443 -71.49 -19.98 -11.39
CA GLN H 443 -71.84 -20.08 -12.79
C GLN H 443 -73.35 -20.16 -12.94
N PRO H 444 -73.95 -19.38 -13.85
CA PRO H 444 -75.42 -19.35 -13.94
C PRO H 444 -76.03 -20.66 -14.38
N MET H 445 -75.25 -21.55 -14.98
CA MET H 445 -75.78 -22.83 -15.44
C MET H 445 -76.28 -23.65 -14.25
N GLY H 446 -77.38 -24.36 -14.46
CA GLY H 446 -77.94 -25.19 -13.42
C GLY H 446 -79.19 -25.92 -13.87
N ASN H 447 -79.33 -27.18 -13.45
CA ASN H 447 -80.47 -28.00 -13.85
C ASN H 447 -81.67 -27.71 -12.97
N ASP H 448 -82.05 -26.44 -12.85
CA ASP H 448 -83.13 -26.03 -11.97
C ASP H 448 -82.84 -26.41 -10.51
N TYR H 449 -81.57 -26.58 -10.18
CA TYR H 449 -81.15 -26.95 -8.83
C TYR H 449 -81.86 -28.23 -8.36
N ALA H 450 -81.68 -29.27 -9.18
CA ALA H 450 -82.36 -30.54 -8.91
C ALA H 450 -81.91 -31.13 -7.57
N ALA H 451 -80.63 -31.01 -7.25
CA ALA H 451 -80.11 -31.62 -6.04
C ALA H 451 -80.83 -31.10 -4.81
N PHE H 452 -81.12 -29.79 -4.77
CA PHE H 452 -81.78 -29.23 -3.62
C PHE H 452 -83.14 -29.88 -3.38
N TRP H 453 -83.96 -29.96 -4.43
CA TRP H 453 -85.27 -30.56 -4.27
C TRP H 453 -85.16 -32.04 -3.95
N LYS H 454 -84.18 -32.72 -4.55
CA LYS H 454 -84.00 -34.14 -4.25
C LYS H 454 -83.69 -34.34 -2.78
N CYS H 455 -82.85 -33.49 -2.20
CA CYS H 455 -82.53 -33.61 -0.78
C CYS H 455 -83.78 -33.47 0.06
N ILE H 456 -84.63 -32.49 -0.27
CA ILE H 456 -85.87 -32.30 0.47
C ILE H 456 -86.76 -33.52 0.33
N ALA H 457 -86.90 -34.02 -0.91
CA ALA H 457 -87.77 -35.16 -1.15
C ALA H 457 -87.26 -36.39 -0.41
N SER H 458 -85.95 -36.58 -0.38
CA SER H 458 -85.39 -37.76 0.27
C SER H 458 -85.80 -37.86 1.73
N TRP H 459 -86.11 -36.72 2.36
CA TRP H 459 -86.48 -36.74 3.77
C TRP H 459 -87.72 -37.60 3.99
N ALA H 460 -88.71 -37.48 3.11
CA ALA H 460 -89.91 -38.27 3.25
C ALA H 460 -89.69 -39.75 2.99
N TYR H 461 -88.55 -40.13 2.40
CA TYR H 461 -88.31 -41.53 2.07
C TYR H 461 -86.99 -42.03 2.64
N ASN H 462 -86.52 -41.45 3.73
CA ASN H 462 -85.35 -42.01 4.39
C ASN H 462 -85.70 -43.39 4.94
N GLY H 463 -84.68 -44.22 5.06
CA GLY H 463 -84.91 -45.63 5.30
C GLY H 463 -85.21 -46.41 4.06
N LEU H 464 -85.46 -45.74 2.95
CA LEU H 464 -85.54 -46.36 1.64
C LEU H 464 -84.50 -45.82 0.68
N VAL H 465 -84.24 -44.52 0.75
CA VAL H 465 -83.17 -43.88 0.00
C VAL H 465 -82.48 -42.90 0.95
N THR H 466 -81.16 -42.86 0.91
CA THR H 466 -80.38 -41.90 1.68
C THR H 466 -79.54 -41.08 0.72
N THR H 467 -79.76 -39.78 0.70
CA THR H 467 -78.94 -38.89 -0.10
C THR H 467 -77.63 -38.62 0.61
N VAL H 468 -76.53 -38.69 -0.14
CA VAL H 468 -75.20 -38.56 0.43
C VAL H 468 -74.40 -37.56 -0.39
N LEU H 469 -73.38 -36.99 0.25
CA LEU H 469 -72.48 -36.09 -0.44
C LEU H 469 -71.59 -36.87 -1.40
N SER H 470 -71.40 -36.34 -2.60
CA SER H 470 -70.58 -37.03 -3.58
C SER H 470 -69.15 -37.17 -3.07
N GLU H 471 -68.54 -38.32 -3.35
CA GLU H 471 -67.18 -38.55 -2.89
C GLU H 471 -66.22 -37.54 -3.47
N ASP H 472 -66.38 -37.22 -4.76
CA ASP H 472 -65.49 -36.27 -5.40
C ASP H 472 -65.63 -34.87 -4.82
N ALA H 473 -66.74 -34.57 -4.14
CA ALA H 473 -66.87 -33.26 -3.52
C ALA H 473 -65.86 -33.07 -2.39
N PHE H 474 -65.41 -34.15 -1.78
CA PHE H 474 -64.46 -34.04 -0.69
C PHE H 474 -63.09 -33.61 -1.22
N PRO H 475 -62.33 -32.88 -0.43
CA PRO H 475 -60.95 -32.56 -0.81
C PRO H 475 -60.07 -33.79 -0.72
N ASP H 476 -58.95 -33.74 -1.43
CA ASP H 476 -57.98 -34.82 -1.36
C ASP H 476 -57.48 -34.96 0.07
N SER H 477 -57.38 -36.21 0.52
CA SER H 477 -56.91 -36.45 1.89
C SER H 477 -55.47 -35.99 2.07
N SER H 478 -54.61 -36.28 1.08
CA SER H 478 -53.21 -35.87 1.19
C SER H 478 -53.04 -34.37 1.13
N GLN H 479 -54.06 -33.64 0.68
CA GLN H 479 -53.95 -32.20 0.53
C GLN H 479 -53.85 -31.52 1.89
N SER H 480 -53.41 -30.27 1.87
CA SER H 480 -53.25 -29.49 3.09
C SER H 480 -54.25 -28.33 3.10
N ILE H 481 -54.47 -27.79 4.30
CA ILE H 481 -55.42 -26.70 4.47
C ILE H 481 -55.03 -25.48 3.65
N THR H 482 -53.72 -25.29 3.43
CA THR H 482 -53.27 -24.13 2.69
C THR H 482 -53.74 -24.13 1.24
N HIS H 483 -54.04 -25.30 0.69
CA HIS H 483 -54.47 -25.39 -0.70
C HIS H 483 -55.87 -24.81 -0.82
N LEU H 484 -55.94 -23.56 -1.29
CA LEU H 484 -57.18 -22.80 -1.26
C LEU H 484 -58.36 -23.51 -1.91
N PRO H 485 -58.25 -24.10 -3.10
CA PRO H 485 -59.41 -24.78 -3.67
C PRO H 485 -59.97 -25.84 -2.75
N SER H 486 -59.10 -26.62 -2.11
CA SER H 486 -59.57 -27.60 -1.14
C SER H 486 -60.25 -26.92 0.03
N MET H 487 -59.70 -25.79 0.47
CA MET H 487 -60.28 -25.09 1.61
C MET H 487 -61.71 -24.67 1.32
N TRP H 488 -61.96 -24.18 0.10
CA TRP H 488 -63.32 -23.79 -0.26
C TRP H 488 -64.25 -24.98 -0.21
N LYS H 489 -63.78 -26.16 -0.64
CA LYS H 489 -64.65 -27.33 -0.69
C LYS H 489 -65.25 -27.62 0.67
N CYS H 490 -64.44 -27.55 1.73
CA CYS H 490 -64.94 -27.84 3.06
C CYS H 490 -66.04 -26.86 3.45
N LEU H 491 -65.91 -25.60 3.06
CA LEU H 491 -66.94 -24.62 3.36
C LEU H 491 -68.27 -25.05 2.77
N PHE H 492 -68.29 -25.36 1.47
CA PHE H 492 -69.51 -25.86 0.85
C PHE H 492 -69.92 -27.18 1.48
N LEU H 493 -68.95 -28.06 1.71
CA LEU H 493 -69.26 -29.35 2.31
C LEU H 493 -69.92 -29.17 3.67
N THR H 494 -69.47 -28.18 4.44
CA THR H 494 -70.06 -27.93 5.74
C THR H 494 -71.45 -27.32 5.61
N LEU H 495 -71.60 -26.35 4.72
CA LEU H 495 -72.87 -25.66 4.61
C LEU H 495 -73.99 -26.61 4.23
N ALA H 496 -73.74 -27.48 3.26
CA ALA H 496 -74.76 -28.38 2.78
C ALA H 496 -74.92 -29.62 3.65
N GLY H 497 -74.10 -29.75 4.70
CA GLY H 497 -74.14 -30.92 5.56
C GLY H 497 -75.52 -31.32 6.00
N PRO H 498 -76.20 -30.45 6.76
CA PRO H 498 -77.48 -30.85 7.36
C PRO H 498 -78.55 -31.20 6.36
N MET H 499 -78.42 -30.77 5.11
CA MET H 499 -79.46 -31.05 4.12
C MET H 499 -79.60 -32.54 3.85
N THR H 500 -78.48 -33.25 3.77
CA THR H 500 -78.54 -34.67 3.44
C THR H 500 -79.19 -35.46 4.56
N SER H 501 -79.78 -36.60 4.19
CA SER H 501 -80.42 -37.49 5.14
C SER H 501 -79.47 -38.52 5.72
N ASP H 502 -78.22 -38.54 5.27
CA ASP H 502 -77.26 -39.51 5.78
C ASP H 502 -77.04 -39.28 7.27
N PRO H 503 -77.26 -40.29 8.11
CA PRO H 503 -76.99 -40.11 9.55
C PRO H 503 -75.54 -39.86 9.86
N HIS H 504 -74.62 -40.29 9.00
CA HIS H 504 -73.21 -40.10 9.25
C HIS H 504 -72.68 -38.75 8.79
N SER H 505 -73.54 -37.91 8.22
CA SER H 505 -73.10 -36.63 7.69
C SER H 505 -72.30 -35.78 8.70
N PRO H 506 -72.74 -35.63 9.95
CA PRO H 506 -71.94 -34.81 10.88
C PRO H 506 -70.51 -35.29 11.03
N VAL H 507 -70.31 -36.60 11.17
CA VAL H 507 -68.96 -37.13 11.33
C VAL H 507 -68.15 -36.86 10.07
N LYS H 508 -68.75 -37.14 8.90
CA LYS H 508 -68.04 -36.88 7.65
C LYS H 508 -67.64 -35.42 7.55
N VAL H 509 -68.55 -34.52 7.90
CA VAL H 509 -68.22 -33.10 7.85
C VAL H 509 -67.06 -32.80 8.79
N PHE H 510 -67.11 -33.31 10.01
CA PHE H 510 -66.04 -33.05 10.96
C PHE H 510 -64.72 -33.59 10.45
N MET H 511 -64.72 -34.83 9.95
CA MET H 511 -63.48 -35.45 9.54
C MET H 511 -62.91 -34.78 8.30
N ALA H 512 -63.77 -34.24 7.43
CA ALA H 512 -63.29 -33.58 6.22
C ALA H 512 -62.32 -32.47 6.57
N LEU H 513 -62.70 -31.62 7.51
CA LEU H 513 -61.78 -30.59 7.98
C LEU H 513 -60.58 -31.23 8.66
N ALA H 514 -60.80 -32.28 9.45
CA ALA H 514 -59.71 -32.92 10.16
C ALA H 514 -58.63 -33.42 9.21
N ASN H 515 -59.02 -33.86 8.01
CA ASN H 515 -58.03 -34.32 7.06
C ASN H 515 -57.07 -33.19 6.67
N LEU H 516 -57.59 -31.99 6.44
CA LEU H 516 -56.74 -30.90 6.00
C LEU H 516 -55.83 -30.38 7.09
N LEU H 517 -56.16 -30.64 8.36
CA LEU H 517 -55.37 -30.14 9.48
C LEU H 517 -54.46 -31.20 10.07
N ALA H 518 -54.16 -32.24 9.31
CA ALA H 518 -53.34 -33.33 9.84
C ALA H 518 -51.97 -32.82 10.26
N GLN H 519 -51.35 -32.01 9.42
CA GLN H 519 -50.02 -31.50 9.76
C GLN H 519 -50.10 -30.44 10.84
N PRO H 520 -50.81 -29.33 10.63
CA PRO H 520 -50.76 -28.26 11.63
C PRO H 520 -51.38 -28.63 12.97
N GLU H 521 -52.39 -29.48 12.98
CA GLU H 521 -53.09 -29.87 14.21
C GLU H 521 -53.20 -31.38 14.26
N PRO H 522 -52.16 -32.06 14.68
CA PRO H 522 -52.19 -33.53 14.70
C PRO H 522 -53.00 -34.10 15.85
N ILE H 523 -54.31 -34.22 15.66
CA ILE H 523 -55.15 -34.84 16.68
C ILE H 523 -54.99 -36.35 16.63
N ALA H 524 -55.25 -37.00 17.76
CA ALA H 524 -55.21 -38.46 17.85
C ALA H 524 -56.62 -39.01 17.80
N ILE H 525 -56.84 -40.01 16.96
CA ILE H 525 -58.14 -40.62 16.77
C ILE H 525 -58.16 -41.95 17.51
N GLY H 526 -59.10 -42.11 18.43
CA GLY H 526 -59.14 -43.29 19.26
C GLY H 526 -59.85 -44.47 18.63
N VAL H 527 -59.83 -44.55 17.31
CA VAL H 527 -60.46 -45.65 16.60
C VAL H 527 -59.36 -46.52 16.00
N PRO H 528 -59.18 -47.74 16.47
CA PRO H 528 -58.15 -48.61 15.87
C PRO H 528 -58.47 -48.89 14.41
N GLY H 529 -57.41 -49.04 13.62
CA GLY H 529 -57.57 -49.27 12.20
C GLY H 529 -57.83 -48.04 11.37
N MET H 530 -57.91 -46.86 12.00
CA MET H 530 -58.16 -45.62 11.29
C MET H 530 -57.09 -44.62 11.68
N HIS H 531 -56.87 -43.64 10.79
CA HIS H 531 -55.92 -42.58 11.05
C HIS H 531 -56.54 -41.26 10.60
N GLN H 532 -55.97 -40.16 11.12
CA GLN H 532 -56.49 -38.85 10.78
C GLN H 532 -56.47 -38.61 9.28
N THR H 533 -55.54 -39.24 8.56
CA THR H 533 -55.45 -39.04 7.13
C THR H 533 -56.38 -39.93 6.33
N THR H 534 -57.15 -40.79 7.00
CA THR H 534 -58.12 -41.60 6.29
C THR H 534 -59.13 -40.69 5.59
N PRO H 535 -59.48 -40.97 4.34
CA PRO H 535 -60.45 -40.12 3.63
C PRO H 535 -61.73 -39.98 4.43
N ALA H 536 -62.21 -38.75 4.51
CA ALA H 536 -63.38 -38.48 5.33
C ALA H 536 -64.65 -39.10 4.77
N SER H 537 -64.67 -39.39 3.47
CA SER H 537 -65.85 -39.96 2.85
C SER H 537 -66.02 -41.44 3.17
N GLN H 538 -65.29 -41.96 4.14
CA GLN H 538 -65.37 -43.37 4.48
C GLN H 538 -65.98 -43.64 5.84
N PHE H 539 -65.97 -42.66 6.74
CA PHE H 539 -66.53 -42.85 8.06
C PHE H 539 -68.03 -42.96 7.93
N SER H 540 -68.54 -44.19 7.83
CA SER H 540 -69.95 -44.39 7.55
C SER H 540 -70.55 -45.48 8.42
N HIS H 541 -69.96 -45.74 9.58
CA HIS H 541 -70.50 -46.71 10.50
C HIS H 541 -70.39 -46.14 11.90
N PRO H 542 -71.39 -46.35 12.75
CA PRO H 542 -71.36 -45.73 14.08
C PRO H 542 -70.14 -46.12 14.89
N GLY H 543 -69.63 -47.32 14.71
CA GLY H 543 -68.49 -47.78 15.49
C GLY H 543 -67.23 -47.00 15.25
N VAL H 544 -67.09 -46.35 14.10
CA VAL H 544 -65.88 -45.63 13.76
C VAL H 544 -66.01 -44.13 14.02
N TRP H 545 -66.95 -43.73 14.85
CA TRP H 545 -67.02 -42.33 15.24
C TRP H 545 -65.89 -42.01 16.21
N PRO H 546 -65.06 -41.02 15.93
CA PRO H 546 -63.93 -40.72 16.81
C PRO H 546 -64.41 -40.33 18.19
N PRO H 547 -63.78 -40.84 19.23
CA PRO H 547 -64.19 -40.47 20.60
C PRO H 547 -64.11 -38.98 20.86
N GLY H 548 -63.10 -38.31 20.29
CA GLY H 548 -63.01 -36.88 20.45
C GLY H 548 -64.23 -36.16 19.89
N PHE H 549 -64.75 -36.65 18.78
CA PHE H 549 -65.98 -36.09 18.23
C PHE H 549 -67.15 -36.33 19.17
N LEU H 550 -67.22 -37.51 19.77
CA LEU H 550 -68.28 -37.79 20.73
C LEU H 550 -68.18 -36.85 21.93
N ASN H 551 -66.98 -36.69 22.48
CA ASN H 551 -66.75 -35.81 23.62
C ASN H 551 -65.64 -34.84 23.24
N PRO H 552 -65.98 -33.60 22.87
CA PRO H 552 -64.94 -32.66 22.43
C PRO H 552 -63.94 -32.31 23.50
N GLN H 553 -64.21 -32.60 24.77
CA GLN H 553 -63.26 -32.27 25.82
C GLN H 553 -61.97 -33.04 25.71
N LEU H 554 -61.92 -34.08 24.89
CA LEU H 554 -60.69 -34.84 24.71
C LEU H 554 -59.69 -34.14 23.81
N ILE H 555 -60.03 -32.97 23.29
CA ILE H 555 -59.15 -32.21 22.40
C ILE H 555 -58.60 -31.04 23.20
N ASN H 556 -57.28 -30.97 23.31
CA ASN H 556 -56.66 -29.88 24.05
C ASN H 556 -56.85 -28.57 23.30
N PRO H 557 -57.42 -27.54 23.94
CA PRO H 557 -57.61 -26.28 23.23
C PRO H 557 -56.32 -25.67 22.71
N GLN H 558 -55.24 -25.78 23.47
CA GLN H 558 -53.98 -25.19 23.02
C GLN H 558 -53.35 -26.01 21.90
N GLN H 559 -53.39 -27.32 22.02
CA GLN H 559 -52.73 -28.17 21.03
C GLN H 559 -53.44 -28.12 19.68
N ALA H 560 -54.74 -27.90 19.68
CA ALA H 560 -55.49 -27.89 18.43
C ALA H 560 -56.77 -27.06 18.58
N PRO H 561 -56.65 -25.75 18.65
CA PRO H 561 -57.84 -24.93 18.93
C PRO H 561 -58.93 -25.06 17.88
N LEU H 562 -58.57 -25.11 16.60
CA LEU H 562 -59.59 -25.09 15.56
C LEU H 562 -60.48 -26.32 15.64
N LEU H 563 -59.88 -27.50 15.72
CA LEU H 563 -60.66 -28.71 15.72
C LEU H 563 -61.62 -28.76 16.90
N ARG H 564 -61.15 -28.40 18.08
CA ARG H 564 -62.03 -28.38 19.24
C ARG H 564 -63.15 -27.37 19.05
N ALA H 565 -62.82 -26.19 18.55
CA ALA H 565 -63.86 -25.20 18.28
C ALA H 565 -64.83 -25.70 17.23
N PHE H 566 -64.31 -26.32 16.18
CA PHE H 566 -65.18 -26.83 15.12
C PHE H 566 -66.11 -27.91 15.65
N ALA H 567 -65.59 -28.82 16.46
CA ALA H 567 -66.42 -29.87 17.02
C ALA H 567 -67.51 -29.29 17.89
N GLU H 568 -67.16 -28.34 18.77
CA GLU H 568 -68.16 -27.73 19.61
C GLU H 568 -69.21 -27.01 18.78
N HIS H 569 -68.77 -26.36 17.70
CA HIS H 569 -69.71 -25.68 16.82
C HIS H 569 -70.73 -26.66 16.27
N ILE H 570 -70.30 -27.86 15.89
CA ILE H 570 -71.21 -28.84 15.33
C ILE H 570 -72.24 -29.28 16.37
N ARG H 571 -71.76 -29.68 17.55
CA ARG H 571 -72.68 -30.17 18.57
C ARG H 571 -73.64 -29.08 19.02
N ALA H 572 -73.21 -27.83 18.97
CA ALA H 572 -74.03 -26.73 19.46
C ALA H 572 -75.00 -26.20 18.43
N ASN H 573 -74.77 -26.43 17.14
CA ASN H 573 -75.55 -25.78 16.11
C ASN H 573 -76.22 -26.72 15.13
N TRP H 574 -75.84 -27.99 15.08
CA TRP H 574 -76.51 -28.91 14.17
C TRP H 574 -77.97 -29.01 14.56
N PRO H 575 -78.89 -28.92 13.61
CA PRO H 575 -80.30 -28.72 13.96
C PRO H 575 -80.88 -29.90 14.73
N GLN H 576 -82.04 -29.65 15.31
CA GLN H 576 -82.80 -30.62 16.08
C GLN H 576 -83.97 -31.14 15.26
N PRO H 577 -84.11 -32.44 15.10
CA PRO H 577 -85.25 -32.97 14.36
C PRO H 577 -86.55 -32.77 15.11
N SER H 578 -87.64 -32.78 14.36
CA SER H 578 -88.97 -32.65 14.93
C SER H 578 -89.93 -33.48 14.10
N GLU H 579 -91.23 -33.31 14.35
CA GLU H 579 -92.24 -34.08 13.64
C GLU H 579 -93.49 -33.22 13.47
N PHE H 580 -94.37 -33.68 12.60
CA PHE H 580 -95.64 -33.01 12.37
C PHE H 580 -96.64 -34.01 11.80
N GLY H 581 -97.92 -33.66 11.91
CA GLY H 581 -98.98 -34.52 11.43
C GLY H 581 -99.24 -34.32 9.95
N TYR H 582 -100.11 -35.17 9.42
CA TYR H 582 -100.51 -35.11 8.01
C TYR H 582 -101.68 -36.06 7.82
N GLY H 583 -102.22 -36.05 6.61
CA GLY H 583 -103.30 -36.95 6.27
C GLY H 583 -104.56 -36.65 7.06
N SER H 584 -105.48 -37.61 6.97
CA SER H 584 -106.74 -37.54 7.70
C SER H 584 -106.87 -38.75 8.61
N THR H 585 -107.39 -38.52 9.81
CA THR H 585 -107.56 -39.61 10.76
C THR H 585 -108.67 -40.58 10.36
N LEU H 586 -109.37 -40.32 9.26
CA LEU H 586 -110.43 -41.19 8.78
C LEU H 586 -109.93 -42.19 7.73
N GLN H 587 -108.62 -42.38 7.63
CA GLN H 587 -108.05 -43.28 6.64
C GLN H 587 -106.99 -44.14 7.30
N GLY H 588 -106.43 -45.05 6.51
CA GLY H 588 -105.36 -45.88 7.02
C GLY H 588 -104.08 -45.09 7.22
N SER H 589 -103.16 -45.68 7.99
CA SER H 589 -101.94 -44.98 8.36
C SER H 589 -100.82 -45.21 7.35
N ALA H 590 -100.52 -46.47 7.06
CA ALA H 590 -99.43 -46.93 6.20
C ALA H 590 -98.06 -46.69 6.83
N ASN H 591 -97.99 -46.07 8.00
CA ASN H 591 -96.72 -45.89 8.67
C ASN H 591 -96.26 -47.21 9.28
N LEU H 592 -94.94 -47.38 9.36
CA LEU H 592 -94.37 -48.60 9.89
C LEU H 592 -93.60 -48.37 11.19
N PHE H 593 -92.61 -47.48 11.17
CA PHE H 593 -91.75 -47.29 12.33
C PHE H 593 -92.04 -46.00 13.08
N ILE H 594 -93.05 -45.25 12.66
CA ILE H 594 -93.41 -44.00 13.35
C ILE H 594 -94.91 -44.04 13.63
N PRO H 595 -95.36 -43.26 14.60
CA PRO H 595 -96.78 -43.29 14.95
C PRO H 595 -97.63 -42.93 13.75
N PRO H 596 -98.86 -43.43 13.69
CA PRO H 596 -99.71 -43.18 12.52
C PRO H 596 -99.97 -41.69 12.32
N ASN H 597 -100.09 -41.31 11.06
CA ASN H 597 -100.39 -39.93 10.67
C ASN H 597 -99.36 -38.96 11.25
N ARG H 598 -98.10 -39.32 11.11
CA ARG H 598 -97.00 -38.50 11.60
C ARG H 598 -95.85 -38.58 10.61
N MET H 599 -94.99 -37.57 10.65
CA MET H 599 -93.80 -37.52 9.81
C MET H 599 -92.69 -36.85 10.57
N VAL H 600 -91.49 -37.44 10.51
CA VAL H 600 -90.32 -36.84 11.13
C VAL H 600 -89.80 -35.73 10.22
N TYR H 601 -88.91 -34.91 10.73
CA TYR H 601 -88.40 -33.79 9.96
C TYR H 601 -87.03 -33.37 10.50
N PRO H 602 -86.02 -33.27 9.65
CA PRO H 602 -84.67 -32.98 10.14
C PRO H 602 -84.57 -31.66 10.88
N TRP H 603 -85.39 -30.69 10.52
CA TRP H 603 -85.32 -29.37 11.12
C TRP H 603 -86.52 -29.13 12.03
N PRO H 604 -86.41 -28.21 12.98
CA PRO H 604 -87.60 -27.79 13.73
C PRO H 604 -88.56 -27.07 12.80
N ASN H 605 -89.84 -27.23 13.10
CA ASN H 605 -90.90 -26.65 12.27
C ASN H 605 -91.89 -25.92 13.15
N GLN H 606 -92.41 -24.82 12.64
CA GLN H 606 -93.33 -23.96 13.38
C GLN H 606 -94.40 -23.46 12.44
N PRO H 607 -95.56 -23.07 12.96
CA PRO H 607 -96.64 -22.59 12.09
C PRO H 607 -96.22 -21.33 11.35
N LEU H 608 -96.84 -21.12 10.19
CA LEU H 608 -96.47 -20.01 9.33
C LEU H 608 -96.87 -18.68 9.95
N PRO H 609 -95.92 -17.80 10.26
CA PRO H 609 -96.28 -16.51 10.83
C PRO H 609 -96.45 -15.43 9.77
N ARG H 610 -96.73 -14.21 10.22
CA ARG H 610 -96.64 -13.05 9.33
C ARG H 610 -95.20 -12.87 8.88
N LEU H 611 -95.01 -12.50 7.62
CA LEU H 611 -93.67 -12.45 7.06
C LEU H 611 -92.94 -11.17 7.42
N THR H 612 -92.82 -10.88 8.71
CA THR H 612 -92.08 -9.69 9.14
C THR H 612 -90.58 -9.99 9.13
N VAL H 613 -89.80 -9.00 9.57
CA VAL H 613 -88.35 -9.10 9.48
C VAL H 613 -87.81 -10.15 10.45
N ALA H 614 -88.36 -10.18 11.67
CA ALA H 614 -87.79 -11.03 12.70
C ALA H 614 -87.77 -12.51 12.32
N PRO H 615 -88.86 -13.12 11.86
CA PRO H 615 -88.79 -14.53 11.47
C PRO H 615 -87.90 -14.77 10.27
N THR H 616 -87.58 -13.73 9.51
CA THR H 616 -86.73 -13.91 8.34
C THR H 616 -85.33 -14.37 8.72
N TYR H 617 -84.89 -14.05 9.93
CA TYR H 617 -83.50 -14.27 10.30
C TYR H 617 -83.30 -15.20 11.49
N ASP H 618 -84.35 -15.57 12.20
CA ASP H 618 -84.20 -16.42 13.38
C ASP H 618 -84.34 -17.90 13.07
N SER H 619 -84.35 -18.28 11.80
CA SER H 619 -84.57 -19.67 11.44
C SER H 619 -83.38 -20.52 11.87
N ALA H 620 -83.65 -21.80 12.10
CA ALA H 620 -82.59 -22.72 12.49
C ALA H 620 -81.50 -22.78 11.42
N MET H 621 -81.90 -22.87 10.15
CA MET H 621 -80.92 -22.91 9.09
C MET H 621 -80.10 -21.63 9.05
N SER H 622 -80.77 -20.49 9.19
CA SER H 622 -80.05 -19.22 9.17
C SER H 622 -79.00 -19.17 10.26
N ASN H 623 -79.34 -19.66 11.45
CA ASN H 623 -78.34 -19.76 12.51
C ASN H 623 -77.19 -20.66 12.09
N TRP H 624 -77.51 -21.79 11.45
CA TRP H 624 -76.46 -22.69 11.00
C TRP H 624 -75.53 -22.01 10.01
N ILE H 625 -76.10 -21.25 9.08
CA ILE H 625 -75.28 -20.56 8.09
C ILE H 625 -74.40 -19.52 8.77
N SER H 626 -74.98 -18.71 9.65
CA SER H 626 -74.26 -17.61 10.26
C SER H 626 -73.06 -18.13 11.05
N THR H 627 -73.28 -19.12 11.91
CA THR H 627 -72.21 -19.65 12.72
C THR H 627 -71.12 -20.28 11.85
N THR H 628 -71.53 -21.04 10.83
CA THR H 628 -70.57 -21.74 10.00
C THR H 628 -69.62 -20.78 9.31
N ILE H 629 -70.18 -19.78 8.61
CA ILE H 629 -69.34 -18.82 7.92
C ILE H 629 -68.48 -18.06 8.92
N ALA H 630 -69.06 -17.69 10.05
CA ALA H 630 -68.31 -17.00 11.08
C ALA H 630 -67.08 -17.82 11.48
N PHE H 631 -67.26 -19.12 11.64
CA PHE H 631 -66.14 -19.97 12.01
C PHE H 631 -65.06 -19.98 10.92
N PHE H 632 -65.48 -20.18 9.67
CA PHE H 632 -64.50 -20.27 8.60
C PHE H 632 -63.73 -18.97 8.44
N ILE H 633 -64.39 -17.84 8.68
CA ILE H 633 -63.68 -16.57 8.66
C ILE H 633 -62.56 -16.58 9.68
N ARG H 634 -62.83 -17.12 10.87
CA ARG H 634 -61.76 -17.27 11.85
C ARG H 634 -60.66 -18.16 11.30
N VAL H 635 -61.03 -19.18 10.54
CA VAL H 635 -60.03 -20.12 10.03
C VAL H 635 -59.08 -19.43 9.08
N VAL H 636 -59.62 -18.75 8.07
CA VAL H 636 -58.80 -18.22 7.00
C VAL H 636 -57.82 -17.17 7.51
N ASN H 637 -58.12 -16.55 8.64
CA ASN H 637 -57.22 -15.55 9.20
C ASN H 637 -56.18 -16.13 10.14
N SER H 638 -56.19 -17.46 10.34
CA SER H 638 -55.18 -18.07 11.18
C SER H 638 -53.80 -17.92 10.56
N VAL H 639 -52.77 -17.98 11.42
CA VAL H 639 -51.40 -17.82 10.96
C VAL H 639 -50.97 -18.94 10.04
N ASN H 640 -51.62 -20.10 10.12
CA ASN H 640 -51.18 -21.25 9.34
C ASN H 640 -51.26 -20.98 7.86
N MET H 641 -52.22 -20.18 7.41
CA MET H 641 -52.42 -19.94 5.99
C MET H 641 -51.36 -19.04 5.38
N THR H 642 -50.44 -18.51 6.19
CA THR H 642 -49.51 -17.50 5.69
C THR H 642 -48.62 -18.02 4.57
N ALA H 643 -48.50 -19.34 4.43
CA ALA H 643 -47.64 -19.88 3.38
C ALA H 643 -48.13 -19.52 1.99
N THR H 644 -49.43 -19.28 1.82
CA THR H 644 -49.96 -19.00 0.50
C THR H 644 -51.03 -17.94 0.48
N VAL H 645 -51.23 -17.19 1.57
CA VAL H 645 -52.28 -16.18 1.66
C VAL H 645 -51.63 -14.89 2.14
N ASN H 646 -51.29 -14.01 1.20
CA ASN H 646 -50.83 -12.69 1.59
C ASN H 646 -52.02 -11.87 2.09
N ASP H 647 -51.72 -10.66 2.57
CA ASP H 647 -52.74 -9.84 3.19
C ASP H 647 -53.87 -9.55 2.20
N LEU H 648 -53.52 -9.15 0.98
CA LEU H 648 -54.55 -8.81 0.00
C LEU H 648 -55.47 -9.99 -0.25
N THR H 649 -54.88 -11.17 -0.41
CA THR H 649 -55.69 -12.37 -0.58
C THR H 649 -56.56 -12.59 0.66
N ARG H 650 -55.98 -12.41 1.84
CA ARG H 650 -56.72 -12.66 3.06
C ARG H 650 -57.98 -11.81 3.14
N ARG H 651 -57.84 -10.51 2.88
CA ARG H 651 -58.99 -9.63 2.93
C ARG H 651 -59.99 -9.98 1.84
N THR H 652 -59.50 -10.28 0.64
CA THR H 652 -60.38 -10.59 -0.47
C THR H 652 -61.29 -11.76 -0.14
N MET H 653 -60.71 -12.85 0.33
CA MET H 653 -61.51 -14.02 0.69
C MET H 653 -62.43 -13.69 1.86
N THR H 654 -61.95 -12.89 2.81
CA THR H 654 -62.79 -12.48 3.93
C THR H 654 -64.02 -11.73 3.43
N GLY H 655 -63.82 -10.79 2.50
CA GLY H 655 -64.95 -10.07 1.96
C GLY H 655 -65.92 -10.99 1.25
N VAL H 656 -65.39 -11.98 0.52
CA VAL H 656 -66.25 -12.92 -0.18
C VAL H 656 -67.13 -13.67 0.81
N MET H 657 -66.52 -14.18 1.87
CA MET H 657 -67.27 -14.96 2.84
C MET H 657 -68.36 -14.11 3.50
N THR H 658 -67.98 -12.95 4.02
CA THR H 658 -68.96 -12.11 4.70
C THR H 658 -70.04 -11.67 3.74
N ALA H 659 -69.72 -11.54 2.45
CA ALA H 659 -70.74 -11.24 1.47
C ALA H 659 -71.77 -12.34 1.41
N MET H 660 -71.32 -13.60 1.37
CA MET H 660 -72.25 -14.71 1.36
C MET H 660 -73.11 -14.73 2.61
N ARG H 661 -72.50 -14.42 3.75
CA ARG H 661 -73.24 -14.44 5.01
C ARG H 661 -74.31 -13.36 5.05
N GLN H 662 -74.08 -12.23 4.39
CA GLN H 662 -74.95 -11.09 4.57
C GLN H 662 -76.18 -11.14 3.67
N VAL H 663 -76.08 -11.73 2.48
CA VAL H 663 -77.16 -11.64 1.52
C VAL H 663 -78.42 -12.27 2.08
N LYS H 664 -79.56 -11.65 1.80
CA LYS H 664 -80.83 -12.15 2.30
C LYS H 664 -81.33 -13.27 1.41
N THR H 665 -81.88 -14.31 2.05
CA THR H 665 -82.46 -15.42 1.32
C THR H 665 -83.64 -15.97 2.12
N MET H 666 -84.71 -16.32 1.41
CA MET H 666 -85.90 -16.83 2.09
C MET H 666 -85.83 -18.31 2.39
N THR H 667 -84.83 -19.01 1.86
CA THR H 667 -84.76 -20.46 2.03
C THR H 667 -84.88 -20.91 3.48
N PRO H 668 -84.13 -20.36 4.44
CA PRO H 668 -84.32 -20.82 5.82
C PRO H 668 -85.73 -20.63 6.33
N PHE H 669 -86.36 -19.51 5.98
CA PHE H 669 -87.74 -19.29 6.39
C PHE H 669 -88.66 -20.32 5.76
N TYR H 670 -88.45 -20.60 4.48
CA TYR H 670 -89.31 -21.55 3.78
C TYR H 670 -89.21 -22.93 4.40
N ILE H 671 -87.99 -23.35 4.73
CA ILE H 671 -87.80 -24.68 5.30
C ILE H 671 -88.52 -24.79 6.63
N GLN H 672 -88.39 -23.77 7.48
CA GLN H 672 -88.91 -23.89 8.84
C GLN H 672 -90.42 -23.75 8.90
N HIS H 673 -91.03 -23.01 7.98
CA HIS H 673 -92.45 -22.70 8.10
C HIS H 673 -93.29 -23.25 6.97
N MET H 674 -92.92 -22.99 5.72
CA MET H 674 -93.79 -23.36 4.61
C MET H 674 -93.58 -24.78 4.13
N CYS H 675 -92.32 -25.21 4.02
CA CYS H 675 -92.03 -26.53 3.46
C CYS H 675 -92.78 -27.66 4.14
N PRO H 676 -92.82 -27.78 5.47
CA PRO H 676 -93.54 -28.92 6.07
C PRO H 676 -95.00 -28.97 5.68
N THR H 677 -95.63 -27.82 5.49
CA THR H 677 -97.03 -27.82 5.06
C THR H 677 -97.18 -28.50 3.70
N GLU H 678 -96.29 -28.16 2.76
CA GLU H 678 -96.37 -28.76 1.44
C GLU H 678 -96.13 -30.26 1.49
N LEU H 679 -95.14 -30.68 2.27
CA LEU H 679 -94.86 -32.10 2.39
C LEU H 679 -96.06 -32.85 2.94
N SER H 680 -96.66 -32.31 4.00
CA SER H 680 -97.80 -32.99 4.61
C SER H 680 -98.94 -33.15 3.62
N VAL H 681 -99.22 -32.10 2.86
CA VAL H 681 -100.28 -32.19 1.85
C VAL H 681 -99.89 -33.20 0.78
N LEU H 682 -98.66 -33.10 0.27
CA LEU H 682 -98.25 -33.96 -0.83
C LEU H 682 -98.24 -35.43 -0.41
N ALA H 683 -97.81 -35.70 0.82
CA ALA H 683 -97.72 -37.08 1.27
C ALA H 683 -99.06 -37.79 1.26
N SER H 684 -100.16 -37.03 1.27
CA SER H 684 -101.49 -37.62 1.35
C SER H 684 -102.07 -38.01 0.00
N VAL H 685 -101.35 -37.77 -1.09
CA VAL H 685 -101.92 -38.02 -2.41
C VAL H 685 -100.98 -38.86 -3.27
N THR H 686 -99.74 -39.00 -2.85
CA THR H 686 -98.80 -39.80 -3.63
C THR H 686 -99.25 -41.26 -3.65
N VAL H 687 -99.00 -41.90 -4.78
CA VAL H 687 -99.38 -43.31 -4.93
C VAL H 687 -98.62 -44.17 -3.92
N THR H 688 -97.38 -43.81 -3.63
CA THR H 688 -96.62 -44.51 -2.60
C THR H 688 -96.56 -43.66 -1.35
N PRO H 689 -97.15 -44.08 -0.25
CA PRO H 689 -97.09 -43.30 0.98
C PRO H 689 -95.66 -43.23 1.49
N PRO H 690 -95.33 -42.21 2.28
CA PRO H 690 -93.94 -42.05 2.71
C PRO H 690 -93.47 -43.21 3.56
N PHE H 691 -92.19 -43.51 3.44
CA PHE H 691 -91.53 -44.56 4.20
C PHE H 691 -90.37 -43.93 4.95
N GLN H 692 -90.43 -43.93 6.27
CA GLN H 692 -89.49 -43.16 7.06
C GLN H 692 -88.96 -43.96 8.22
N VAL H 693 -87.77 -43.56 8.69
CA VAL H 693 -87.18 -44.06 9.93
C VAL H 693 -86.78 -42.83 10.74
N PRO H 694 -86.74 -42.90 12.06
CA PRO H 694 -86.51 -41.69 12.85
C PRO H 694 -85.12 -41.13 12.65
N PHE H 695 -85.04 -39.81 12.58
CA PHE H 695 -83.76 -39.13 12.60
C PHE H 695 -83.20 -39.17 14.02
N THR H 696 -81.86 -39.17 14.12
CA THR H 696 -81.20 -39.41 15.39
C THR H 696 -80.17 -38.36 15.80
N ARG H 697 -79.83 -37.41 14.92
CA ARG H 697 -78.82 -36.41 15.21
C ARG H 697 -77.50 -37.04 15.62
N LEU H 698 -77.12 -36.88 16.90
CA LEU H 698 -75.78 -37.24 17.34
C LEU H 698 -75.75 -38.34 18.39
N VAL H 699 -76.89 -38.92 18.75
CA VAL H 699 -76.91 -39.97 19.76
C VAL H 699 -76.36 -41.24 19.12
N GLN H 700 -75.13 -41.60 19.49
CA GLN H 700 -74.45 -42.69 18.80
C GLN H 700 -75.19 -44.01 18.97
N ASN H 701 -75.68 -44.29 20.17
CA ASN H 701 -76.30 -45.58 20.43
C ASN H 701 -77.55 -45.80 19.60
N ASP H 702 -78.16 -44.74 19.08
CA ASP H 702 -79.41 -44.87 18.34
C ASP H 702 -79.22 -44.91 16.83
N VAL H 703 -77.98 -44.79 16.34
CA VAL H 703 -77.79 -44.75 14.90
C VAL H 703 -78.18 -46.09 14.30
N ILE H 704 -78.96 -46.05 13.23
CA ILE H 704 -79.43 -47.26 12.58
C ILE H 704 -78.30 -47.83 11.71
N THR H 705 -78.07 -49.13 11.84
CA THR H 705 -77.07 -49.79 11.02
C THR H 705 -77.64 -50.58 9.87
N ASN H 706 -78.83 -51.16 10.03
CA ASN H 706 -79.41 -51.98 8.98
C ASN H 706 -80.93 -51.89 9.05
N VAL H 707 -81.56 -52.09 7.90
CA VAL H 707 -83.01 -52.20 7.81
C VAL H 707 -83.30 -53.47 7.02
N LEU H 708 -83.99 -54.42 7.65
CA LEU H 708 -84.17 -55.73 7.07
C LEU H 708 -85.61 -56.17 7.17
N VAL H 709 -86.03 -56.99 6.23
CA VAL H 709 -87.36 -57.58 6.22
C VAL H 709 -87.21 -59.08 6.47
N ALA H 710 -88.07 -59.62 7.33
CA ALA H 710 -87.99 -61.02 7.72
C ALA H 710 -89.28 -61.73 7.31
N ARG H 711 -89.13 -62.82 6.56
CA ARG H 711 -90.28 -63.65 6.24
C ARG H 711 -90.67 -64.55 7.40
N VAL H 712 -89.69 -64.99 8.18
CA VAL H 712 -89.94 -65.77 9.38
C VAL H 712 -89.07 -65.18 10.48
N ASP H 713 -89.62 -65.06 11.68
CA ASP H 713 -88.86 -64.55 12.79
C ASP H 713 -87.65 -65.45 13.03
N PRO H 714 -86.51 -64.90 13.42
CA PRO H 714 -85.28 -65.69 13.49
C PRO H 714 -85.39 -66.89 14.41
N ALA H 715 -86.17 -66.79 15.49
CA ALA H 715 -86.33 -67.94 16.38
C ALA H 715 -86.95 -69.11 15.64
N GLN H 716 -87.97 -68.85 14.83
CA GLN H 716 -88.61 -69.93 14.08
C GLN H 716 -87.89 -70.24 12.78
N ARG H 717 -87.04 -69.34 12.32
CA ARG H 717 -86.29 -69.59 11.09
C ARG H 717 -85.34 -70.76 11.29
N GLY H 718 -85.18 -71.56 10.25
CA GLY H 718 -84.29 -72.70 10.34
C GLY H 718 -82.84 -72.27 10.41
N ASP H 719 -82.33 -71.74 9.31
CA ASP H 719 -80.96 -71.24 9.24
C ASP H 719 -80.96 -69.72 9.29
N ALA H 720 -79.79 -69.13 9.12
CA ALA H 720 -79.67 -67.67 9.17
C ALA H 720 -80.50 -67.02 8.08
N ALA H 721 -80.11 -67.24 6.83
CA ALA H 721 -80.92 -66.86 5.66
C ALA H 721 -81.39 -65.41 5.76
N VAL H 722 -80.49 -64.53 6.16
CA VAL H 722 -80.86 -63.13 6.41
C VAL H 722 -81.09 -62.42 5.09
N ASP H 723 -81.66 -61.22 5.17
CA ASP H 723 -81.97 -60.43 3.98
C ASP H 723 -80.70 -60.13 3.20
N ILE H 724 -80.80 -60.23 1.88
CA ILE H 724 -79.68 -59.87 1.00
C ILE H 724 -79.29 -58.41 1.21
N ARG H 725 -80.25 -57.58 1.62
CA ARG H 725 -79.99 -56.17 1.80
C ARG H 725 -78.85 -55.93 2.79
N ALA H 726 -78.63 -56.87 3.70
CA ALA H 726 -77.56 -56.73 4.68
C ALA H 726 -76.18 -56.78 4.05
N THR H 727 -76.06 -57.20 2.80
CA THR H 727 -74.75 -57.30 2.17
C THR H 727 -74.16 -55.93 1.87
N HIS H 728 -75.01 -54.94 1.64
CA HIS H 728 -74.53 -53.63 1.20
C HIS H 728 -73.89 -52.87 2.34
N ALA H 729 -72.98 -51.96 1.99
CA ALA H 729 -72.29 -51.17 2.99
C ALA H 729 -73.25 -50.26 3.74
N THR H 730 -74.18 -49.64 3.02
CA THR H 730 -75.16 -48.76 3.63
C THR H 730 -76.51 -49.45 3.69
N PHE H 731 -77.34 -49.03 4.64
CA PHE H 731 -78.62 -49.68 4.87
C PHE H 731 -79.69 -49.23 3.88
N ALA H 732 -79.42 -48.25 3.05
CA ALA H 732 -80.41 -47.78 2.10
C ALA H 732 -79.70 -47.33 0.83
N ALA H 733 -80.47 -47.23 -0.25
CA ALA H 733 -79.91 -46.87 -1.54
C ALA H 733 -79.23 -45.50 -1.47
N ALA H 734 -78.02 -45.43 -2.01
CA ALA H 734 -77.26 -44.19 -1.98
C ALA H 734 -77.64 -43.30 -3.14
N LEU H 735 -77.79 -42.00 -2.86
CA LEU H 735 -78.15 -41.02 -3.88
C LEU H 735 -77.18 -39.85 -3.76
N PRO H 736 -76.05 -39.92 -4.45
CA PRO H 736 -75.06 -38.84 -4.35
C PRO H 736 -75.62 -37.53 -4.87
N VAL H 737 -75.21 -36.44 -4.23
CA VAL H 737 -75.62 -35.11 -4.61
C VAL H 737 -74.41 -34.18 -4.57
N ASP H 738 -74.54 -33.05 -5.25
CA ASP H 738 -73.45 -32.09 -5.34
C ASP H 738 -73.69 -30.97 -4.33
N PRO H 739 -72.79 -30.77 -3.37
CA PRO H 739 -73.00 -29.69 -2.40
C PRO H 739 -73.08 -28.31 -3.03
N ALA H 740 -72.38 -28.10 -4.14
CA ALA H 740 -72.38 -26.77 -4.75
C ALA H 740 -73.78 -26.31 -5.09
N ALA H 741 -74.56 -27.17 -5.74
CA ALA H 741 -75.92 -26.80 -6.10
C ALA H 741 -76.74 -26.53 -4.85
N ILE H 742 -76.59 -27.36 -3.82
CA ILE H 742 -77.34 -27.17 -2.59
C ILE H 742 -77.01 -25.82 -1.98
N VAL H 743 -75.72 -25.45 -1.97
CA VAL H 743 -75.33 -24.17 -1.40
C VAL H 743 -75.97 -23.04 -2.17
N VAL H 744 -75.94 -23.11 -3.49
CA VAL H 744 -76.53 -22.06 -4.31
C VAL H 744 -78.00 -21.90 -3.98
N ALA H 745 -78.72 -23.01 -3.91
CA ALA H 745 -80.14 -22.94 -3.59
C ALA H 745 -80.34 -22.34 -2.21
N MET H 746 -79.51 -22.72 -1.24
CA MET H 746 -79.69 -22.21 0.11
C MET H 746 -79.53 -20.70 0.16
N LEU H 747 -78.61 -20.16 -0.64
CA LEU H 747 -78.27 -18.76 -0.58
C LEU H 747 -79.07 -17.89 -1.55
N CYS H 748 -80.02 -18.46 -2.27
CA CYS H 748 -80.73 -17.69 -3.29
C CYS H 748 -82.22 -17.92 -3.20
N GLY H 749 -82.77 -17.84 -1.99
CA GLY H 749 -84.20 -18.03 -1.83
C GLY H 749 -84.97 -16.74 -2.01
N GLN H 750 -85.50 -16.53 -3.21
CA GLN H 750 -86.31 -15.36 -3.48
C GLN H 750 -87.79 -15.69 -3.36
N THR H 751 -88.60 -14.65 -3.32
CA THR H 751 -90.04 -14.83 -3.24
C THR H 751 -90.72 -13.73 -4.03
N GLU H 752 -91.99 -13.96 -4.35
CA GLU H 752 -92.72 -13.09 -5.25
C GLU H 752 -93.37 -11.93 -4.50
N THR H 753 -93.65 -10.87 -5.24
CA THR H 753 -94.47 -9.79 -4.73
C THR H 753 -95.93 -10.24 -4.65
N ASN H 754 -96.66 -9.67 -3.70
CA ASN H 754 -98.08 -9.98 -3.51
C ASN H 754 -98.29 -11.45 -3.16
N LEU H 755 -97.29 -12.07 -2.53
CA LEU H 755 -97.42 -13.46 -2.14
C LEU H 755 -98.44 -13.56 -1.01
N ILE H 756 -99.59 -14.16 -1.29
CA ILE H 756 -100.60 -14.45 -0.29
C ILE H 756 -100.64 -15.96 -0.11
N PRO H 757 -100.14 -16.50 1.01
CA PRO H 757 -100.04 -17.95 1.15
C PRO H 757 -101.37 -18.66 0.98
N SER H 758 -102.46 -18.09 1.51
CA SER H 758 -103.75 -18.72 1.36
C SER H 758 -104.13 -18.86 -0.11
N HIS H 759 -104.02 -17.77 -0.86
CA HIS H 759 -104.36 -17.82 -2.28
C HIS H 759 -103.44 -18.77 -3.03
N HIS H 760 -102.14 -18.69 -2.76
CA HIS H 760 -101.17 -19.45 -3.55
C HIS H 760 -101.39 -20.94 -3.40
N TYR H 761 -101.48 -21.41 -2.15
CA TYR H 761 -101.62 -22.84 -1.93
C TYR H 761 -102.94 -23.36 -2.45
N GLY H 762 -104.01 -22.59 -2.29
CA GLY H 762 -105.31 -23.04 -2.77
C GLY H 762 -105.29 -23.33 -4.26
N LYS H 763 -104.73 -22.41 -5.05
CA LYS H 763 -104.59 -22.67 -6.47
C LYS H 763 -103.65 -23.84 -6.73
N ALA H 764 -102.55 -23.91 -5.98
CA ALA H 764 -101.58 -24.98 -6.21
C ALA H 764 -102.16 -26.35 -5.88
N PHE H 765 -102.90 -26.46 -4.78
CA PHE H 765 -103.36 -27.75 -4.32
C PHE H 765 -104.69 -28.17 -4.94
N ALA H 766 -105.43 -27.24 -5.52
CA ALA H 766 -106.72 -27.59 -6.11
C ALA H 766 -106.61 -28.70 -7.15
N PRO H 767 -105.71 -28.65 -8.13
CA PRO H 767 -105.69 -29.72 -9.13
C PRO H 767 -105.36 -31.08 -8.56
N LEU H 768 -104.57 -31.12 -7.48
CA LEU H 768 -104.07 -32.39 -6.99
C LEU H 768 -105.20 -33.31 -6.56
N PHE H 769 -106.22 -32.77 -5.92
CA PHE H 769 -107.30 -33.61 -5.43
C PHE H 769 -108.23 -34.08 -6.54
N ALA H 770 -108.07 -33.58 -7.76
CA ALA H 770 -108.88 -34.06 -8.87
C ALA H 770 -108.51 -35.47 -9.28
N SER H 771 -107.42 -36.03 -8.77
CA SER H 771 -106.99 -37.36 -9.16
C SER H 771 -107.81 -38.42 -8.43
N ASN H 772 -107.67 -39.66 -8.91
CA ASN H 772 -108.31 -40.81 -8.30
C ASN H 772 -107.32 -41.88 -7.88
N ALA H 773 -106.01 -41.64 -8.06
CA ALA H 773 -105.02 -42.67 -7.77
C ALA H 773 -105.06 -43.09 -6.32
N MET H 774 -105.42 -42.17 -5.42
CA MET H 774 -105.44 -42.49 -4.00
C MET H 774 -106.32 -43.70 -3.71
N PHE H 775 -107.47 -43.77 -4.36
CA PHE H 775 -108.39 -44.88 -4.11
C PHE H 775 -107.91 -46.17 -4.74
N THR H 776 -107.43 -46.10 -5.99
CA THR H 776 -106.90 -47.29 -6.64
C THR H 776 -105.77 -47.88 -5.81
N ARG H 777 -104.99 -47.02 -5.14
CA ARG H 777 -103.97 -47.52 -4.23
C ARG H 777 -104.59 -48.42 -3.18
N ASN H 778 -105.68 -47.95 -2.56
CA ASN H 778 -106.33 -48.74 -1.53
C ASN H 778 -106.85 -50.05 -2.10
N GLN H 779 -107.49 -50.01 -3.27
CA GLN H 779 -108.04 -51.22 -3.86
C GLN H 779 -106.94 -52.22 -4.16
N ARG H 780 -105.84 -51.76 -4.75
CA ARG H 780 -104.74 -52.66 -5.05
C ARG H 780 -104.16 -53.27 -3.78
N ALA H 781 -104.08 -52.46 -2.71
CA ALA H 781 -103.56 -52.98 -1.45
C ALA H 781 -104.44 -54.09 -0.92
N VAL H 782 -105.76 -53.92 -0.98
CA VAL H 782 -106.66 -54.92 -0.44
C VAL H 782 -106.50 -56.23 -1.19
N ILE H 783 -106.49 -56.16 -2.52
CA ILE H 783 -106.29 -57.36 -3.32
C ILE H 783 -104.95 -57.99 -2.99
N THR H 784 -103.93 -57.16 -2.78
CA THR H 784 -102.62 -57.68 -2.39
C THR H 784 -102.73 -58.52 -1.13
N ARG H 785 -103.51 -58.06 -0.15
CA ARG H 785 -103.67 -58.81 1.08
C ARG H 785 -104.25 -60.18 0.83
N GLU H 786 -105.38 -60.23 0.11
CA GLU H 786 -106.05 -61.50 -0.12
C GLU H 786 -105.14 -62.46 -0.87
N ALA H 787 -104.45 -61.96 -1.89
CA ALA H 787 -103.52 -62.79 -2.63
C ALA H 787 -102.45 -63.34 -1.71
N PHE H 788 -101.92 -62.48 -0.84
CA PHE H 788 -100.89 -62.93 0.10
C PHE H 788 -101.42 -64.03 1.00
N VAL H 789 -102.60 -63.82 1.59
CA VAL H 789 -103.13 -64.79 2.54
C VAL H 789 -103.33 -66.14 1.87
N CYS H 790 -103.92 -66.13 0.68
CA CYS H 790 -104.14 -67.37 -0.04
C CYS H 790 -102.82 -68.06 -0.36
N ALA H 791 -101.84 -67.29 -0.83
CA ALA H 791 -100.56 -67.88 -1.19
C ALA H 791 -99.89 -68.53 0.02
N ARG H 792 -99.88 -67.82 1.14
CA ARG H 792 -99.25 -68.37 2.34
C ARG H 792 -99.93 -69.66 2.76
N SER H 793 -101.26 -69.65 2.74
CA SER H 793 -101.99 -70.85 3.15
C SER H 793 -101.67 -72.03 2.24
N ALA H 794 -101.62 -71.79 0.94
CA ALA H 794 -101.41 -72.89 0.00
C ALA H 794 -100.06 -73.55 0.24
N VAL H 795 -99.00 -72.75 0.33
CA VAL H 795 -97.67 -73.32 0.53
C VAL H 795 -97.61 -74.09 1.83
N ALA H 796 -98.23 -73.55 2.88
CA ALA H 796 -98.18 -74.22 4.17
C ALA H 796 -98.79 -75.60 4.09
N GLN H 797 -99.92 -75.74 3.39
CA GLN H 797 -100.59 -77.02 3.31
C GLN H 797 -99.82 -78.05 2.51
N CYS H 798 -98.78 -77.64 1.79
CA CYS H 798 -98.00 -78.56 0.98
C CYS H 798 -96.74 -79.04 1.68
N GLN H 799 -96.60 -78.77 2.98
CA GLN H 799 -95.47 -79.27 3.72
C GLN H 799 -95.96 -79.76 5.07
N ASP H 800 -95.18 -80.67 5.67
CA ASP H 800 -95.60 -81.31 6.90
C ASP H 800 -95.67 -80.31 8.05
N ALA H 801 -94.53 -79.72 8.39
CA ALA H 801 -94.52 -78.61 9.34
C ALA H 801 -94.66 -77.30 8.57
N GLY H 802 -94.71 -76.21 9.29
CA GLY H 802 -94.78 -74.90 8.67
C GLY H 802 -95.74 -74.00 9.42
N PHE H 803 -96.14 -72.93 8.74
CA PHE H 803 -97.08 -72.00 9.34
C PHE H 803 -98.40 -72.70 9.64
N LEU H 804 -99.01 -72.33 10.75
CA LEU H 804 -100.16 -73.05 11.26
C LEU H 804 -101.43 -72.65 10.51
N VAL H 805 -102.08 -73.63 9.89
CA VAL H 805 -103.31 -73.43 9.15
C VAL H 805 -104.14 -74.71 9.21
N PRO H 806 -105.44 -74.67 8.94
CA PRO H 806 -106.20 -75.91 8.81
C PRO H 806 -105.73 -76.72 7.61
N ARG H 807 -105.88 -78.04 7.71
CA ARG H 807 -105.40 -78.97 6.70
C ARG H 807 -106.50 -79.94 6.31
N PRO H 808 -107.53 -79.46 5.61
CA PRO H 808 -108.57 -80.38 5.14
C PRO H 808 -108.05 -81.42 4.17
N LEU H 809 -107.07 -81.08 3.35
CA LEU H 809 -106.56 -81.98 2.33
C LEU H 809 -105.35 -82.78 2.80
N ASP H 810 -105.18 -82.94 4.11
CA ASP H 810 -104.00 -83.64 4.59
C ASP H 810 -103.99 -85.10 4.18
N ALA H 811 -105.15 -85.67 3.87
CA ALA H 811 -105.19 -87.09 3.50
C ALA H 811 -104.63 -87.32 2.10
N LEU H 812 -104.56 -86.30 1.26
CA LEU H 812 -104.04 -86.47 -0.08
C LEU H 812 -102.52 -86.56 -0.07
N ARG H 813 -101.99 -87.47 -0.87
CA ARG H 813 -100.55 -87.68 -0.90
C ARG H 813 -99.84 -86.48 -1.50
N GLN H 814 -98.71 -86.12 -0.91
CA GLN H 814 -97.95 -84.97 -1.36
C GLN H 814 -96.55 -85.06 -0.78
N PHE H 815 -95.54 -85.12 -1.63
CA PHE H 815 -94.17 -85.07 -1.13
C PHE H 815 -93.91 -83.68 -0.56
N ASP H 816 -93.17 -83.63 0.54
CA ASP H 816 -92.91 -82.36 1.19
C ASP H 816 -92.11 -81.45 0.27
N VAL H 817 -92.51 -80.19 0.21
CA VAL H 817 -91.97 -79.27 -0.77
C VAL H 817 -90.71 -78.61 -0.23
N THR H 818 -89.66 -78.62 -1.04
CA THR H 818 -88.49 -77.82 -0.73
C THR H 818 -88.74 -76.36 -1.11
N SER H 819 -87.75 -75.51 -0.84
CA SER H 819 -87.89 -74.10 -1.14
C SER H 819 -88.08 -73.88 -2.63
N ALA H 820 -87.34 -74.59 -3.46
CA ALA H 820 -87.47 -74.43 -4.90
C ALA H 820 -88.87 -74.80 -5.38
N ALA H 821 -89.41 -75.91 -4.87
CA ALA H 821 -90.74 -76.32 -5.28
C ALA H 821 -91.78 -75.28 -4.89
N ALA H 822 -91.65 -74.71 -3.69
CA ALA H 822 -92.63 -73.74 -3.22
C ALA H 822 -92.73 -72.56 -4.17
N ALA H 823 -91.63 -72.21 -4.82
CA ALA H 823 -91.65 -71.07 -5.74
C ALA H 823 -92.69 -71.28 -6.83
N GLU H 824 -92.80 -72.50 -7.35
CA GLU H 824 -93.79 -72.78 -8.38
C GLU H 824 -95.20 -72.52 -7.85
N ILE H 825 -95.51 -73.04 -6.67
CA ILE H 825 -96.82 -72.81 -6.08
C ILE H 825 -97.06 -71.32 -5.91
N MET H 826 -96.04 -70.59 -5.46
CA MET H 826 -96.19 -69.15 -5.32
C MET H 826 -96.49 -68.50 -6.67
N HIS H 827 -95.75 -68.89 -7.70
CA HIS H 827 -95.99 -68.32 -9.02
C HIS H 827 -97.40 -68.60 -9.51
N ALA H 828 -97.84 -69.85 -9.37
CA ALA H 828 -99.15 -70.23 -9.88
C ALA H 828 -100.25 -69.41 -9.23
N VAL H 829 -100.19 -69.28 -7.91
CA VAL H 829 -101.17 -68.44 -7.21
C VAL H 829 -101.05 -67.00 -7.70
N ASN H 830 -99.82 -66.50 -7.80
CA ASN H 830 -99.62 -65.11 -8.19
C ASN H 830 -100.19 -64.85 -9.59
N ASP H 831 -99.93 -65.76 -10.52
CA ASP H 831 -100.48 -65.61 -11.86
C ASP H 831 -101.99 -65.67 -11.84
N ALA H 832 -102.56 -66.60 -11.06
CA ALA H 832 -104.00 -66.76 -11.04
C ALA H 832 -104.69 -65.47 -10.62
N PHE H 833 -104.19 -64.84 -9.55
CA PHE H 833 -104.78 -63.59 -9.10
C PHE H 833 -104.64 -62.50 -10.15
N LYS H 834 -103.46 -62.38 -10.74
CA LYS H 834 -103.25 -61.34 -11.74
C LYS H 834 -104.21 -61.50 -12.90
N THR H 835 -104.36 -62.73 -13.39
CA THR H 835 -105.31 -62.98 -14.47
C THR H 835 -106.74 -62.69 -14.02
N ALA H 836 -107.08 -63.12 -12.81
CA ALA H 836 -108.46 -62.99 -12.34
C ALA H 836 -108.87 -61.53 -12.27
N PHE H 837 -108.07 -60.70 -11.62
CA PHE H 837 -108.41 -59.30 -11.44
C PHE H 837 -107.80 -58.40 -12.50
N ASP H 838 -107.11 -58.97 -13.48
CA ASP H 838 -106.50 -58.19 -14.56
C ASP H 838 -105.57 -57.12 -14.00
N LEU H 839 -104.62 -57.56 -13.20
CA LEU H 839 -103.69 -56.67 -12.52
C LEU H 839 -102.32 -56.75 -13.17
N ASP H 840 -101.74 -55.61 -13.46
CA ASP H 840 -100.38 -55.52 -13.93
C ASP H 840 -99.44 -55.20 -12.77
N GLY H 841 -98.16 -55.35 -13.01
CA GLY H 841 -97.17 -55.01 -12.00
C GLY H 841 -96.69 -56.20 -11.20
N ALA H 842 -96.13 -55.89 -10.03
CA ALA H 842 -95.41 -56.89 -9.25
C ALA H 842 -96.36 -57.80 -8.48
N LEU H 843 -97.20 -57.23 -7.62
CA LEU H 843 -98.02 -58.00 -6.71
C LEU H 843 -97.14 -58.85 -5.79
N LEU H 844 -97.10 -60.17 -6.00
CA LEU H 844 -96.40 -61.07 -5.10
C LEU H 844 -95.07 -61.57 -5.65
N ASP H 845 -94.55 -60.94 -6.69
CA ASP H 845 -93.42 -61.52 -7.42
C ASP H 845 -92.21 -61.74 -6.52
N GLY H 846 -91.91 -60.77 -5.66
CA GLY H 846 -90.68 -60.84 -4.89
C GLY H 846 -90.62 -62.07 -4.01
N LEU H 847 -91.75 -62.47 -3.44
CA LEU H 847 -91.76 -63.63 -2.56
C LEU H 847 -91.33 -64.89 -3.27
N ALA H 848 -91.59 -64.98 -4.57
CA ALA H 848 -91.21 -66.17 -5.32
C ALA H 848 -89.79 -66.09 -5.85
N LEU H 849 -89.38 -64.93 -6.35
CA LEU H 849 -88.11 -64.83 -7.04
C LEU H 849 -86.93 -64.80 -6.08
N TYR H 850 -87.08 -64.22 -4.90
CA TYR H 850 -85.99 -64.07 -3.96
C TYR H 850 -86.38 -64.65 -2.61
N GLY H 851 -85.40 -65.13 -1.88
CA GLY H 851 -85.64 -65.66 -0.56
C GLY H 851 -86.47 -66.92 -0.56
N ASP H 852 -86.73 -67.47 0.61
CA ASP H 852 -87.50 -68.70 0.72
C ASP H 852 -88.99 -68.39 0.58
N PRO H 853 -89.68 -68.96 -0.40
CA PRO H 853 -91.13 -68.73 -0.50
C PRO H 853 -91.91 -69.17 0.71
N ARG H 854 -91.44 -70.19 1.43
CA ARG H 854 -92.10 -70.56 2.69
C ARG H 854 -92.02 -69.40 3.65
N ILE H 855 -93.18 -68.83 3.99
CA ILE H 855 -93.25 -67.66 4.86
C ILE H 855 -94.29 -67.91 5.93
N ALA H 856 -94.12 -67.24 7.07
CA ALA H 856 -95.03 -67.39 8.19
C ALA H 856 -95.77 -66.10 8.51
N ASP H 857 -95.06 -65.02 8.81
CA ASP H 857 -95.70 -63.77 9.19
C ASP H 857 -94.69 -62.66 9.00
N LEU H 858 -94.94 -61.79 8.03
CA LEU H 858 -93.94 -60.81 7.63
C LEU H 858 -93.68 -59.79 8.74
N SER H 859 -92.44 -59.33 8.80
CA SER H 859 -92.06 -58.28 9.72
C SER H 859 -90.81 -57.59 9.19
N ALA H 860 -90.64 -56.34 9.56
CA ALA H 860 -89.45 -55.58 9.23
C ALA H 860 -88.89 -54.97 10.50
N ALA H 861 -87.56 -54.84 10.54
CA ALA H 861 -86.91 -54.30 11.72
C ALA H 861 -85.67 -53.53 11.29
N TYR H 862 -85.29 -52.56 12.12
CA TYR H 862 -84.05 -51.83 11.93
C TYR H 862 -83.20 -51.97 13.18
N LEU H 863 -81.89 -52.09 12.98
CA LEU H 863 -80.96 -52.36 14.06
C LEU H 863 -80.21 -51.09 14.42
N GLN H 864 -80.13 -50.81 15.72
CA GLN H 864 -79.40 -49.66 16.21
C GLN H 864 -78.04 -50.10 16.76
N TYR H 865 -77.08 -49.18 16.67
CA TYR H 865 -75.72 -49.50 17.10
C TYR H 865 -75.67 -49.88 18.57
N GLY H 866 -76.61 -49.36 19.36
CA GLY H 866 -76.63 -49.67 20.78
C GLY H 866 -77.12 -51.07 21.08
N GLY H 867 -77.17 -51.92 20.06
CA GLY H 867 -77.63 -53.28 20.23
C GLY H 867 -79.10 -53.33 20.57
N ASN H 868 -79.95 -52.90 19.64
CA ASN H 868 -81.39 -52.88 19.86
C ASN H 868 -82.08 -53.04 18.53
N VAL H 869 -83.14 -53.85 18.52
CA VAL H 869 -83.89 -54.16 17.32
C VAL H 869 -85.33 -53.69 17.51
N VAL H 870 -85.85 -52.97 16.52
CA VAL H 870 -87.23 -52.52 16.54
C VAL H 870 -88.00 -53.27 15.47
N ARG H 871 -88.66 -54.35 15.85
CA ARG H 871 -89.36 -55.19 14.89
C ARG H 871 -90.83 -54.80 14.82
N GLU H 872 -91.32 -54.65 13.60
CA GLU H 872 -92.71 -54.30 13.33
C GLU H 872 -93.35 -55.44 12.56
N HIS H 873 -94.25 -56.17 13.20
CA HIS H 873 -94.96 -57.23 12.51
C HIS H 873 -96.14 -56.66 11.74
N VAL H 874 -96.50 -57.34 10.66
CA VAL H 874 -97.65 -56.93 9.86
C VAL H 874 -98.55 -58.13 9.63
N PRO H 875 -99.19 -58.66 10.66
CA PRO H 875 -100.15 -59.73 10.46
C PRO H 875 -101.30 -59.24 9.61
N PRO H 876 -101.72 -60.02 8.62
CA PRO H 876 -102.80 -59.57 7.74
C PRO H 876 -104.11 -59.46 8.49
N GLY H 877 -104.97 -58.57 7.99
CA GLY H 877 -106.26 -58.37 8.60
C GLY H 877 -107.21 -59.50 8.28
N PRO H 878 -108.50 -59.32 8.55
CA PRO H 878 -109.48 -60.36 8.28
C PRO H 878 -109.62 -60.59 6.79
N SER H 879 -109.27 -61.80 6.34
CA SER H 879 -109.45 -62.16 4.95
C SER H 879 -110.82 -62.78 4.74
N HIS H 880 -111.27 -62.77 3.50
CA HIS H 880 -112.53 -63.40 3.13
C HIS H 880 -112.35 -64.53 2.14
N ILE H 881 -111.55 -64.33 1.10
CA ILE H 881 -111.36 -65.35 0.09
C ILE H 881 -110.81 -66.62 0.71
N HIS H 882 -109.81 -66.47 1.60
CA HIS H 882 -109.27 -67.61 2.29
C HIS H 882 -110.36 -68.37 3.04
N ARG H 883 -111.25 -67.63 3.71
CA ARG H 883 -112.25 -68.26 4.55
C ARG H 883 -113.14 -69.20 3.75
N THR H 884 -113.61 -68.75 2.58
CA THR H 884 -114.44 -69.62 1.76
C THR H 884 -113.62 -70.69 1.05
N LEU H 885 -112.36 -70.40 0.74
CA LEU H 885 -111.52 -71.40 0.10
C LEU H 885 -111.38 -72.62 1.00
N GLN H 886 -111.23 -72.39 2.31
CA GLN H 886 -111.22 -73.51 3.24
C GLN H 886 -112.50 -74.32 3.15
N GLN H 887 -113.63 -73.64 3.02
CA GLN H 887 -114.89 -74.35 2.87
C GLN H 887 -114.87 -75.23 1.62
N VAL H 888 -114.32 -74.70 0.53
CA VAL H 888 -114.26 -75.45 -0.72
C VAL H 888 -113.44 -76.73 -0.52
N GLU H 889 -112.28 -76.59 0.13
CA GLU H 889 -111.45 -77.78 0.34
C GLU H 889 -112.17 -78.78 1.23
N SER H 890 -112.82 -78.30 2.29
CA SER H 890 -113.49 -79.20 3.21
C SER H 890 -114.56 -80.02 2.50
N THR H 891 -115.36 -79.36 1.67
CA THR H 891 -116.42 -80.08 0.98
C THR H 891 -115.89 -80.95 -0.14
N PHE H 892 -114.70 -80.66 -0.66
CA PHE H 892 -114.16 -81.48 -1.74
C PHE H 892 -113.96 -82.92 -1.29
N MET H 893 -113.42 -83.10 -0.09
CA MET H 893 -113.12 -84.44 0.39
C MET H 893 -114.35 -85.31 0.47
N ALA H 894 -115.53 -84.71 0.53
CA ALA H 894 -116.77 -85.47 0.54
C ALA H 894 -117.38 -85.63 -0.85
N GLU H 895 -116.98 -84.80 -1.81
CA GLU H 895 -117.59 -84.83 -3.13
C GLU H 895 -116.55 -85.00 -4.23
N MET H 896 -115.41 -85.63 -3.93
CA MET H 896 -114.34 -85.73 -4.91
C MET H 896 -114.77 -86.49 -6.16
N ASN H 897 -115.72 -87.42 -6.01
CA ASN H 897 -116.19 -88.17 -7.18
C ASN H 897 -116.73 -87.26 -8.25
N LEU H 898 -117.32 -86.13 -7.85
CA LEU H 898 -117.82 -85.18 -8.83
C LEU H 898 -116.70 -84.58 -9.67
N PHE H 899 -115.46 -84.68 -9.21
CA PHE H 899 -114.31 -84.18 -9.95
C PHE H 899 -113.51 -85.31 -10.57
N ASN H 900 -114.15 -86.45 -10.85
CA ASN H 900 -113.50 -87.59 -11.48
C ASN H 900 -112.31 -88.07 -10.65
N VAL H 901 -112.48 -88.08 -9.33
CA VAL H 901 -111.45 -88.56 -8.41
C VAL H 901 -112.07 -89.61 -7.50
N ALA H 902 -111.37 -90.72 -7.33
CA ALA H 902 -111.85 -91.82 -6.50
C ALA H 902 -110.89 -92.07 -5.35
N ARG H 903 -111.42 -92.61 -4.27
CA ARG H 903 -110.65 -92.92 -3.08
C ARG H 903 -110.57 -94.43 -2.88
N GLY H 904 -109.57 -94.85 -2.11
CA GLY H 904 -109.41 -96.25 -1.79
C GLY H 904 -108.49 -96.98 -2.73
N ASN H 905 -108.26 -98.25 -2.41
CA ASN H 905 -107.33 -99.08 -3.16
C ASN H 905 -108.01 -99.60 -4.42
N LEU H 906 -107.35 -100.53 -5.10
CA LEU H 906 -107.86 -101.12 -6.33
C LEU H 906 -107.54 -102.61 -6.35
N TYR H 907 -108.51 -103.40 -6.80
CA TYR H 907 -108.34 -104.83 -6.95
C TYR H 907 -108.18 -105.19 -8.41
N LEU H 908 -107.58 -106.35 -8.66
CA LEU H 908 -107.36 -106.87 -10.00
C LEU H 908 -107.74 -108.34 -10.06
N VAL H 909 -108.90 -108.67 -9.53
CA VAL H 909 -109.36 -110.05 -9.55
C VAL H 909 -109.98 -110.35 -10.90
N GLN H 910 -109.62 -111.48 -11.48
CA GLN H 910 -110.20 -111.91 -12.75
C GLN H 910 -111.60 -112.43 -12.48
N THR H 911 -112.59 -111.77 -13.05
CA THR H 911 -113.99 -112.14 -12.87
C THR H 911 -114.65 -112.31 -14.23
N ALA H 912 -115.29 -113.46 -14.43
CA ALA H 912 -115.94 -113.76 -15.69
C ALA H 912 -117.43 -113.99 -15.48
N THR H 913 -118.07 -113.10 -14.74
CA THR H 913 -119.48 -113.27 -14.41
C THR H 913 -120.35 -113.07 -15.64
N ASN H 914 -121.66 -113.12 -15.42
CA ASN H 914 -122.62 -112.96 -16.50
C ASN H 914 -123.78 -112.06 -16.14
N GLY H 915 -123.84 -111.53 -14.91
CA GLY H 915 -124.96 -110.71 -14.50
C GLY H 915 -124.60 -109.27 -14.23
N ASN H 916 -125.16 -108.68 -13.18
CA ASN H 916 -124.90 -107.30 -12.85
C ASN H 916 -123.42 -107.09 -12.54
N TRP H 917 -122.97 -105.85 -12.67
CA TRP H 917 -121.59 -105.50 -12.41
C TRP H 917 -121.53 -104.02 -12.08
N SER H 918 -121.13 -103.69 -10.87
CA SER H 918 -121.09 -102.30 -10.40
C SER H 918 -119.72 -102.03 -9.76
N PRO H 919 -118.70 -101.86 -10.58
CA PRO H 919 -117.34 -101.75 -10.03
C PRO H 919 -117.17 -100.57 -9.10
N MET H 920 -117.86 -99.47 -9.34
CA MET H 920 -117.70 -98.28 -8.52
C MET H 920 -118.34 -98.40 -7.15
N ALA H 921 -119.09 -99.47 -6.90
CA ALA H 921 -119.68 -99.69 -5.59
C ALA H 921 -119.94 -101.18 -5.41
N PRO H 922 -118.89 -101.99 -5.28
CA PRO H 922 -119.10 -103.43 -5.14
C PRO H 922 -119.89 -103.75 -3.89
N VAL H 923 -120.76 -104.76 -4.00
CA VAL H 923 -121.61 -105.14 -2.88
C VAL H 923 -121.03 -106.35 -2.19
N ALA H 924 -120.35 -107.21 -2.95
CA ALA H 924 -119.77 -108.41 -2.38
C ALA H 924 -118.58 -108.07 -1.49
N ALA H 925 -118.25 -108.99 -0.60
CA ALA H 925 -117.16 -108.78 0.35
C ALA H 925 -115.83 -108.66 -0.39
N PRO H 926 -114.87 -107.95 0.20
CA PRO H 926 -113.57 -107.81 -0.46
C PRO H 926 -112.88 -109.16 -0.53
N PRO H 927 -112.04 -109.38 -1.53
CA PRO H 927 -111.34 -110.67 -1.62
C PRO H 927 -110.41 -110.91 -0.44
N PHE H 928 -109.69 -109.89 -0.01
CA PHE H 928 -108.75 -110.03 1.11
C PHE H 928 -108.34 -108.64 1.55
N VAL H 929 -107.58 -108.60 2.66
CA VAL H 929 -107.10 -107.37 3.25
C VAL H 929 -105.60 -107.51 3.48
N ARG H 930 -104.94 -106.36 3.70
CA ARG H 930 -103.50 -106.37 3.88
C ARG H 930 -103.06 -107.25 5.04
N GLY H 931 -103.89 -107.36 6.07
CA GLY H 931 -103.57 -108.19 7.21
C GLY H 931 -104.12 -109.60 7.16
N GLY H 932 -104.76 -109.99 6.07
CA GLY H 932 -105.41 -111.28 5.99
C GLY H 932 -104.43 -112.42 5.92
N PRO H 933 -104.89 -113.63 6.20
CA PRO H 933 -104.02 -114.80 6.11
C PRO H 933 -103.55 -115.06 4.69
N ASN H 934 -102.33 -115.56 4.57
CA ASN H 934 -101.76 -115.95 3.28
C ASN H 934 -101.75 -114.79 2.30
N VAL H 935 -101.46 -113.59 2.78
CA VAL H 935 -101.42 -112.40 1.95
C VAL H 935 -100.00 -111.88 1.96
N ARG H 936 -99.28 -112.07 0.86
CA ARG H 936 -97.92 -111.59 0.77
C ARG H 936 -97.90 -110.13 0.34
N VAL H 937 -96.78 -109.46 0.63
CA VAL H 937 -96.56 -108.08 0.24
C VAL H 937 -95.24 -108.00 -0.49
N VAL H 938 -95.25 -107.39 -1.68
CA VAL H 938 -94.05 -107.34 -2.50
C VAL H 938 -93.04 -106.37 -1.88
N GLY H 939 -91.75 -106.63 -2.13
CA GLY H 939 -90.69 -105.84 -1.57
C GLY H 939 -90.55 -104.48 -2.24
N ARG H 940 -89.54 -103.74 -1.76
CA ARG H 940 -89.33 -102.38 -2.25
C ARG H 940 -89.14 -102.35 -3.75
N PHE H 941 -88.40 -103.30 -4.29
CA PHE H 941 -88.25 -103.46 -5.72
C PHE H 941 -89.09 -104.64 -6.18
N GLY H 942 -89.68 -104.52 -7.37
CA GLY H 942 -90.50 -105.59 -7.89
C GLY H 942 -89.68 -106.68 -8.53
N THR H 943 -88.54 -107.01 -7.93
CA THR H 943 -87.63 -107.96 -8.53
C THR H 943 -88.20 -109.38 -8.46
N ILE H 944 -88.05 -110.12 -9.55
CA ILE H 944 -88.42 -111.52 -9.60
C ILE H 944 -87.16 -112.36 -9.67
N VAL H 945 -87.30 -113.64 -9.37
CA VAL H 945 -86.19 -114.57 -9.29
C VAL H 945 -86.47 -115.73 -10.23
N PRO H 946 -85.95 -115.69 -11.44
CA PRO H 946 -85.98 -116.89 -12.29
C PRO H 946 -85.12 -117.98 -11.70
N ARG H 947 -85.51 -119.23 -11.94
CA ARG H 947 -84.79 -120.35 -11.38
C ARG H 947 -84.52 -121.39 -12.44
N PRO H 948 -83.39 -122.09 -12.36
CA PRO H 948 -82.98 -122.98 -13.45
C PRO H 948 -83.83 -124.23 -13.52
N ASP H 949 -83.86 -124.82 -14.71
CA ASP H 949 -84.55 -126.07 -15.05
C ASP H 949 -86.00 -125.99 -14.55
N GLY H 950 -86.51 -127.01 -13.86
CA GLY H 950 -87.95 -127.22 -13.82
C GLY H 950 -88.73 -126.13 -13.11
N LEU H 951 -88.28 -125.73 -11.92
CA LEU H 951 -89.13 -124.92 -11.06
C LEU H 951 -89.31 -123.51 -11.62
N GLU H 952 -90.43 -122.91 -11.26
CA GLU H 952 -90.91 -121.66 -11.84
C GLU H 952 -90.35 -120.46 -11.10
N PRO H 953 -90.44 -119.27 -11.70
CA PRO H 953 -89.89 -118.08 -11.05
C PRO H 953 -90.61 -117.75 -9.76
N GLN H 954 -90.04 -116.78 -9.03
CA GLN H 954 -90.56 -116.37 -7.74
C GLN H 954 -90.44 -114.86 -7.59
N LEU H 955 -91.24 -114.31 -6.68
CA LEU H 955 -91.28 -112.89 -6.42
C LEU H 955 -90.75 -112.62 -5.02
N ILE H 956 -90.07 -111.48 -4.87
CA ILE H 956 -89.42 -111.13 -3.62
C ILE H 956 -90.44 -110.59 -2.64
N ASP H 957 -90.69 -111.33 -1.57
CA ASP H 957 -91.52 -110.81 -0.49
C ASP H 957 -90.80 -109.64 0.18
N ASP H 958 -91.58 -108.76 0.81
CA ASP H 958 -90.99 -107.59 1.46
C ASP H 958 -90.03 -107.95 2.58
N GLY H 959 -89.99 -109.22 3.00
CA GLY H 959 -88.99 -109.66 3.94
C GLY H 959 -87.78 -110.21 3.21
N ASN H 960 -87.66 -109.86 1.93
CA ASN H 960 -86.55 -110.32 1.08
C ASN H 960 -86.51 -111.83 0.98
N VAL H 961 -87.68 -112.45 0.90
CA VAL H 961 -87.82 -113.89 0.78
C VAL H 961 -88.55 -114.19 -0.52
N PRO H 962 -87.93 -114.84 -1.48
CA PRO H 962 -88.64 -115.19 -2.72
C PRO H 962 -89.83 -116.08 -2.42
N ARG H 963 -90.94 -115.82 -3.10
CA ARG H 963 -92.17 -116.56 -2.89
C ARG H 963 -92.84 -116.83 -4.22
N ASP H 964 -93.73 -117.80 -4.23
CA ASP H 964 -94.42 -118.18 -5.45
C ASP H 964 -95.43 -117.10 -5.86
N ILE H 965 -95.64 -117.00 -7.17
CA ILE H 965 -96.52 -115.96 -7.70
C ILE H 965 -97.96 -116.21 -7.33
N ALA H 966 -98.38 -117.47 -7.35
CA ALA H 966 -99.78 -117.79 -7.13
C ALA H 966 -100.21 -117.35 -5.73
N GLY H 967 -101.48 -116.97 -5.60
CA GLY H 967 -102.02 -116.53 -4.34
C GLY H 967 -102.43 -115.08 -4.34
N ASP H 968 -102.36 -114.44 -3.18
CA ASP H 968 -102.74 -113.04 -3.04
C ASP H 968 -101.50 -112.18 -2.80
N TRP H 969 -101.59 -110.92 -3.22
CA TRP H 969 -100.44 -110.03 -3.14
C TRP H 969 -100.94 -108.61 -2.95
N VAL H 970 -100.06 -107.77 -2.41
CA VAL H 970 -100.35 -106.35 -2.18
C VAL H 970 -99.27 -105.53 -2.84
N TYR H 971 -99.67 -104.67 -3.77
CA TYR H 971 -98.73 -103.82 -4.49
C TYR H 971 -98.90 -102.39 -4.04
N PRO H 972 -97.97 -101.83 -3.27
CA PRO H 972 -97.94 -100.38 -3.09
C PRO H 972 -97.76 -99.71 -4.44
N SER H 973 -98.33 -98.51 -4.57
CA SER H 973 -98.29 -97.82 -5.85
C SER H 973 -96.85 -97.63 -6.33
N ASP H 974 -95.96 -97.27 -5.42
CA ASP H 974 -94.60 -96.92 -5.81
C ASP H 974 -93.89 -98.08 -6.46
N VAL H 975 -93.93 -99.26 -5.83
CA VAL H 975 -93.22 -100.41 -6.38
C VAL H 975 -93.80 -100.80 -7.73
N LEU H 976 -95.10 -100.61 -7.91
CA LEU H 976 -95.69 -100.89 -9.21
C LEU H 976 -95.12 -99.99 -10.29
N GLN H 977 -94.98 -98.69 -10.00
CA GLN H 977 -94.54 -97.76 -11.02
C GLN H 977 -93.12 -98.01 -11.49
N VAL H 978 -92.33 -98.76 -10.72
CA VAL H 978 -90.93 -99.02 -11.06
C VAL H 978 -90.72 -100.43 -11.57
N SER H 979 -91.76 -101.23 -11.67
CA SER H 979 -91.60 -102.62 -12.11
C SER H 979 -92.73 -103.05 -13.02
N VAL H 980 -93.31 -102.11 -13.76
CA VAL H 980 -94.46 -102.44 -14.58
C VAL H 980 -94.11 -103.47 -15.63
N ALA H 981 -92.92 -103.35 -16.22
CA ALA H 981 -92.54 -104.25 -17.31
C ALA H 981 -92.52 -105.69 -16.84
N VAL H 982 -91.78 -105.97 -15.78
CA VAL H 982 -91.70 -107.34 -15.29
C VAL H 982 -93.05 -107.79 -14.77
N PHE H 983 -93.80 -106.88 -14.16
CA PHE H 983 -95.13 -107.22 -13.69
C PHE H 983 -96.02 -107.67 -14.84
N CYS H 984 -96.05 -106.88 -15.91
CA CYS H 984 -96.86 -107.24 -17.07
C CYS H 984 -96.43 -108.55 -17.70
N ASP H 985 -95.18 -108.94 -17.52
CA ASP H 985 -94.67 -110.13 -18.19
C ASP H 985 -94.79 -111.39 -17.36
N TYR H 986 -94.87 -111.27 -16.04
CA TYR H 986 -94.83 -112.47 -15.22
C TYR H 986 -95.99 -112.56 -14.24
N VAL H 987 -96.49 -111.42 -13.78
CA VAL H 987 -97.54 -111.43 -12.77
C VAL H 987 -98.90 -111.29 -13.43
N TRP H 988 -99.05 -110.25 -14.25
CA TRP H 988 -100.32 -110.01 -14.93
C TRP H 988 -100.86 -111.24 -15.64
N PRO H 989 -100.08 -112.01 -16.39
CA PRO H 989 -100.63 -113.23 -16.98
C PRO H 989 -101.22 -114.17 -15.95
N MET H 990 -100.49 -114.43 -14.85
CA MET H 990 -101.03 -115.28 -13.81
C MET H 990 -102.32 -114.71 -13.23
N VAL H 991 -102.49 -113.39 -13.30
CA VAL H 991 -103.74 -112.78 -12.89
C VAL H 991 -104.83 -113.07 -13.90
N LYS H 992 -104.51 -113.00 -15.19
CA LYS H 992 -105.52 -113.22 -16.20
C LYS H 992 -106.10 -114.63 -16.08
N ALA H 993 -105.25 -115.61 -15.84
CA ALA H 993 -105.76 -116.91 -15.43
C ALA H 993 -106.22 -116.83 -13.99
N GLY H 994 -107.19 -117.67 -13.64
CA GLY H 994 -107.74 -117.64 -12.30
C GLY H 994 -106.80 -118.22 -11.27
N ARG H 995 -105.65 -117.59 -11.10
CA ARG H 995 -104.65 -118.09 -10.15
C ARG H 995 -104.03 -117.04 -9.26
N THR H 996 -104.23 -115.76 -9.51
CA THR H 996 -103.59 -114.72 -8.72
C THR H 996 -104.52 -113.53 -8.56
N ARG H 997 -104.54 -112.95 -7.37
CA ARG H 997 -105.32 -111.77 -7.08
C ARG H 997 -104.41 -110.68 -6.53
N VAL H 998 -104.61 -109.46 -7.00
CA VAL H 998 -103.70 -108.36 -6.72
C VAL H 998 -104.48 -107.20 -6.12
N LEU H 999 -103.93 -106.63 -5.05
CA LEU H 999 -104.46 -105.42 -4.44
C LEU H 999 -103.46 -104.30 -4.65
N VAL H 1000 -103.88 -103.23 -5.32
CA VAL H 1000 -103.02 -102.09 -5.59
C VAL H 1000 -103.40 -100.97 -4.63
N GLU H 1001 -102.43 -100.50 -3.85
CA GLU H 1001 -102.68 -99.50 -2.85
C GLU H 1001 -102.53 -98.11 -3.48
N LEU H 1002 -103.65 -97.41 -3.60
CA LEU H 1002 -103.67 -96.04 -4.09
C LEU H 1002 -104.48 -95.20 -3.11
N GLY H 1003 -103.91 -94.07 -2.70
CA GLY H 1003 -104.66 -93.17 -1.85
C GLY H 1003 -105.86 -92.61 -2.57
N HIS H 1004 -105.60 -91.82 -3.61
CA HIS H 1004 -106.65 -91.29 -4.46
C HIS H 1004 -106.12 -91.23 -5.88
N TYR H 1005 -107.02 -91.24 -6.85
CA TYR H 1005 -106.59 -91.31 -8.23
C TYR H 1005 -107.70 -90.81 -9.14
N VAL H 1006 -107.32 -90.52 -10.38
CA VAL H 1006 -108.25 -90.11 -11.41
C VAL H 1006 -108.76 -91.36 -12.12
N TYR H 1007 -110.07 -91.45 -12.28
CA TYR H 1007 -110.67 -92.63 -12.88
C TYR H 1007 -111.46 -92.23 -14.13
N THR H 1008 -111.39 -93.08 -15.14
CA THR H 1008 -112.29 -93.00 -16.28
C THR H 1008 -113.00 -94.34 -16.43
N LEU H 1009 -114.12 -94.32 -17.13
CA LEU H 1009 -114.92 -95.54 -17.27
C LEU H 1009 -115.52 -95.60 -18.67
N HIS H 1010 -115.78 -96.82 -19.10
CA HIS H 1010 -116.38 -97.08 -20.41
C HIS H 1010 -117.69 -97.81 -20.23
N TYR H 1011 -118.72 -97.35 -20.92
CA TYR H 1011 -120.01 -98.00 -20.89
C TYR H 1011 -120.12 -98.94 -22.09
N TYR H 1012 -120.55 -100.17 -21.83
CA TYR H 1012 -120.66 -101.17 -22.87
C TYR H 1012 -122.08 -101.72 -22.93
N ASP H 1013 -122.36 -102.39 -24.02
CA ASP H 1013 -123.64 -103.03 -24.23
C ASP H 1013 -123.65 -104.39 -23.55
N PRO H 1014 -124.65 -104.66 -22.71
CA PRO H 1014 -124.68 -105.96 -22.01
C PRO H 1014 -124.83 -107.16 -22.91
N GLN H 1015 -125.29 -106.99 -24.14
CA GLN H 1015 -125.56 -108.14 -25.02
C GLN H 1015 -124.40 -108.45 -25.94
N ILE H 1016 -123.17 -108.20 -25.52
CA ILE H 1016 -122.00 -108.45 -26.36
C ILE H 1016 -120.92 -109.09 -25.51
N SER H 1017 -120.59 -110.34 -25.80
CA SER H 1017 -119.50 -111.01 -25.11
C SER H 1017 -118.18 -110.36 -25.47
N LEU H 1018 -117.32 -110.18 -24.46
CA LEU H 1018 -116.07 -109.48 -24.67
C LEU H 1018 -115.15 -109.75 -23.49
N ASP H 1019 -113.86 -109.69 -23.75
CA ASP H 1019 -112.84 -109.74 -22.71
C ASP H 1019 -112.20 -108.36 -22.60
N GLU H 1020 -112.11 -107.86 -21.38
CA GLU H 1020 -111.66 -106.49 -21.14
C GLU H 1020 -110.16 -106.41 -20.87
N ALA H 1021 -109.44 -107.53 -21.00
CA ALA H 1021 -108.00 -107.52 -20.78
C ALA H 1021 -107.25 -106.46 -21.58
N PRO H 1022 -107.52 -106.24 -22.86
CA PRO H 1022 -106.73 -105.23 -23.60
C PRO H 1022 -106.78 -103.86 -22.96
N ILE H 1023 -107.92 -103.48 -22.39
CA ILE H 1023 -108.02 -102.16 -21.77
C ILE H 1023 -107.00 -102.02 -20.65
N LEU H 1024 -106.95 -103.02 -19.77
CA LEU H 1024 -105.98 -102.96 -18.67
C LEU H 1024 -104.56 -102.98 -19.19
N GLU H 1025 -104.28 -103.81 -20.19
CA GLU H 1025 -102.93 -103.90 -20.72
C GLU H 1025 -102.50 -102.56 -21.28
N GLU H 1026 -103.38 -101.87 -22.00
CA GLU H 1026 -103.05 -100.54 -22.46
C GLU H 1026 -102.81 -99.61 -21.28
N TRP H 1027 -103.63 -99.71 -20.24
CA TRP H 1027 -103.42 -98.88 -19.06
C TRP H 1027 -102.07 -99.15 -18.44
N LEU H 1028 -101.68 -100.43 -18.35
CA LEU H 1028 -100.36 -100.75 -17.84
C LEU H 1028 -99.26 -100.24 -18.75
N SER H 1029 -99.54 -100.13 -20.05
CA SER H 1029 -98.52 -99.79 -21.01
C SER H 1029 -98.00 -98.37 -20.86
N LYS H 1030 -98.64 -97.53 -20.05
CA LYS H 1030 -98.26 -96.14 -19.92
C LYS H 1030 -98.00 -95.78 -18.47
N ILE H 1031 -97.26 -96.63 -17.76
CA ILE H 1031 -96.95 -96.42 -16.36
C ILE H 1031 -95.45 -96.37 -16.19
N ASN H 1032 -94.96 -95.39 -15.44
CA ASN H 1032 -93.54 -95.24 -15.18
C ASN H 1032 -93.39 -94.49 -13.86
N PRO H 1033 -92.18 -94.45 -13.29
CA PRO H 1033 -92.01 -93.76 -12.01
C PRO H 1033 -92.43 -92.31 -12.02
N ALA H 1034 -92.67 -91.71 -13.19
CA ALA H 1034 -93.08 -90.33 -13.23
C ALA H 1034 -94.57 -90.18 -12.92
N GLY H 1035 -95.41 -90.93 -13.62
CA GLY H 1035 -96.84 -90.79 -13.42
C GLY H 1035 -97.59 -91.94 -14.04
N ILE H 1036 -98.90 -91.93 -13.83
CA ILE H 1036 -99.76 -93.02 -14.32
C ILE H 1036 -100.97 -92.39 -15.00
N PRO H 1037 -101.60 -93.14 -15.90
CA PRO H 1037 -102.81 -92.65 -16.54
C PRO H 1037 -104.04 -92.97 -15.70
N PRO H 1038 -105.19 -92.40 -16.02
CA PRO H 1038 -106.39 -92.66 -15.22
C PRO H 1038 -106.77 -94.12 -15.22
N VAL H 1039 -107.33 -94.57 -14.11
CA VAL H 1039 -107.73 -95.97 -13.98
C VAL H 1039 -109.00 -96.19 -14.78
N PRO H 1040 -109.04 -97.17 -15.67
CA PRO H 1040 -110.26 -97.44 -16.44
C PRO H 1040 -111.21 -98.38 -15.72
N PHE H 1041 -112.48 -98.28 -16.10
CA PHE H 1041 -113.51 -99.18 -15.62
C PHE H 1041 -114.50 -99.45 -16.74
N CYS H 1042 -115.21 -100.56 -16.63
CA CYS H 1042 -116.20 -100.96 -17.62
C CYS H 1042 -117.54 -101.15 -16.92
N ILE H 1043 -118.58 -100.53 -17.46
CA ILE H 1043 -119.90 -100.57 -16.84
C ILE H 1043 -120.95 -100.91 -17.88
N PRO H 1044 -121.84 -101.84 -17.61
CA PRO H 1044 -122.91 -102.14 -18.57
C PRO H 1044 -123.90 -101.00 -18.65
N ILE H 1045 -124.40 -100.76 -19.85
CA ILE H 1045 -125.46 -99.75 -20.03
C ILE H 1045 -126.78 -100.31 -19.53
N PRO H 1046 -127.48 -99.62 -18.64
CA PRO H 1046 -128.73 -100.15 -18.11
C PRO H 1046 -129.78 -100.27 -19.21
N GLN H 1047 -130.72 -101.20 -19.00
CA GLN H 1047 -131.67 -101.59 -20.02
C GLN H 1047 -133.09 -101.39 -19.54
N VAL H 1048 -133.96 -100.94 -20.44
CA VAL H 1048 -135.36 -100.75 -20.12
C VAL H 1048 -136.12 -102.07 -20.20
N TYR H 1049 -135.89 -102.81 -21.21
CA TYR H 1049 -136.59 -104.07 -21.35
C TYR H 1049 -135.70 -105.23 -20.92
N PRO H 1050 -136.28 -106.32 -20.45
CA PRO H 1050 -135.47 -107.50 -20.13
C PRO H 1050 -134.78 -108.02 -21.36
N CYS H 1051 -133.60 -108.61 -21.16
CA CYS H 1051 -132.79 -109.06 -22.28
C CYS H 1051 -131.92 -110.21 -21.80
N ILE H 1052 -131.14 -110.75 -22.74
CA ILE H 1052 -130.22 -111.86 -22.46
C ILE H 1052 -128.82 -111.29 -22.43
N THR H 1053 -128.16 -111.42 -21.29
CA THR H 1053 -126.80 -110.91 -21.17
C THR H 1053 -125.83 -111.82 -21.91
N ALA H 1054 -124.58 -111.38 -21.98
CA ALA H 1054 -123.53 -112.12 -22.64
C ALA H 1054 -122.36 -112.29 -21.67
N ARG H 1055 -121.62 -113.38 -21.84
CA ARG H 1055 -120.48 -113.63 -20.98
C ARG H 1055 -119.50 -112.48 -21.07
N ARG H 1056 -119.09 -111.96 -19.91
CA ARG H 1056 -118.22 -110.80 -19.86
C ARG H 1056 -117.17 -111.02 -18.79
N VAL H 1057 -115.94 -110.59 -19.06
CA VAL H 1057 -114.82 -110.76 -18.15
C VAL H 1057 -114.40 -109.41 -17.64
N HIS H 1058 -114.47 -109.23 -16.32
CA HIS H 1058 -114.03 -108.00 -15.67
C HIS H 1058 -112.77 -108.27 -14.86
N TYR H 1059 -111.99 -107.23 -14.67
CA TYR H 1059 -110.75 -107.37 -13.92
C TYR H 1059 -110.60 -106.36 -12.80
N ALA H 1060 -111.06 -105.13 -12.98
CA ALA H 1060 -110.79 -104.05 -12.05
C ALA H 1060 -112.07 -103.57 -11.39
N PHE H 1061 -111.97 -103.24 -10.11
CA PHE H 1061 -113.07 -102.65 -9.36
C PHE H 1061 -112.51 -102.10 -8.06
N THR H 1062 -113.12 -101.02 -7.58
CA THR H 1062 -112.60 -100.30 -6.42
C THR H 1062 -112.93 -101.08 -5.14
N SER H 1063 -112.68 -100.45 -3.99
CA SER H 1063 -112.84 -101.10 -2.71
C SER H 1063 -113.90 -100.46 -1.83
N GLU H 1064 -114.54 -99.38 -2.27
CA GLU H 1064 -115.63 -98.76 -1.52
C GLU H 1064 -116.43 -97.88 -2.46
N ASN H 1065 -117.49 -97.29 -1.92
CA ASN H 1065 -118.41 -96.50 -2.73
C ASN H 1065 -117.67 -95.34 -3.38
N ASN H 1066 -117.82 -95.22 -4.70
CA ASN H 1066 -117.19 -94.12 -5.41
C ASN H 1066 -118.04 -93.57 -6.55
N ASN H 1067 -119.36 -93.75 -6.51
CA ASN H 1067 -120.21 -93.30 -7.61
C ASN H 1067 -121.22 -92.26 -7.12
N ASP H 1068 -120.76 -91.32 -6.31
CA ASP H 1068 -121.64 -90.23 -5.88
C ASP H 1068 -122.02 -89.32 -7.03
N SER H 1069 -121.23 -89.29 -8.10
CA SER H 1069 -121.52 -88.42 -9.22
C SER H 1069 -122.65 -88.92 -10.10
N LEU H 1070 -123.13 -90.14 -9.88
CA LEU H 1070 -124.27 -90.64 -10.64
C LEU H 1070 -125.54 -89.93 -10.20
N PHE H 1071 -126.29 -89.41 -11.16
CA PHE H 1071 -127.50 -88.65 -10.86
C PHE H 1071 -128.76 -89.48 -11.02
N SER H 1072 -128.99 -90.03 -12.21
CA SER H 1072 -130.16 -90.84 -12.47
C SER H 1072 -129.92 -91.65 -13.72
N THR H 1073 -130.74 -92.68 -13.91
CA THR H 1073 -130.59 -93.58 -15.03
C THR H 1073 -131.96 -93.92 -15.61
N ASN H 1074 -132.01 -94.04 -16.94
CA ASN H 1074 -133.27 -94.30 -17.64
C ASN H 1074 -134.35 -93.33 -17.21
N ALA H 1075 -133.98 -92.05 -17.13
CA ALA H 1075 -134.89 -91.04 -16.59
C ALA H 1075 -136.18 -90.98 -17.39
N ALA H 1076 -136.09 -91.14 -18.71
CA ALA H 1076 -137.26 -91.07 -19.56
C ALA H 1076 -138.17 -92.29 -19.40
N SER H 1077 -137.75 -93.30 -18.67
CA SER H 1077 -138.57 -94.49 -18.48
C SER H 1077 -139.30 -94.44 -17.15
N ILE H 1078 -140.28 -95.33 -17.02
CA ILE H 1078 -140.93 -95.53 -15.72
C ILE H 1078 -139.98 -96.24 -14.76
N ASP H 1079 -139.25 -97.23 -15.24
CA ASP H 1079 -138.39 -98.04 -14.39
C ASP H 1079 -137.22 -98.54 -15.23
N THR H 1080 -136.53 -99.57 -14.74
CA THR H 1080 -135.48 -100.21 -15.53
C THR H 1080 -135.54 -101.71 -15.26
N ALA H 1081 -135.05 -102.48 -16.23
CA ALA H 1081 -135.09 -103.94 -16.14
C ALA H 1081 -133.75 -104.56 -15.77
N PHE H 1082 -132.67 -104.10 -16.37
CA PHE H 1082 -131.36 -104.65 -16.10
C PHE H 1082 -130.35 -103.52 -15.97
N GLY H 1083 -129.31 -103.77 -15.20
CA GLY H 1083 -128.31 -102.76 -14.94
C GLY H 1083 -128.58 -102.04 -13.63
N GLU H 1084 -127.84 -100.96 -13.43
CA GLU H 1084 -127.97 -100.20 -12.21
C GLU H 1084 -129.19 -99.29 -12.25
N ASN H 1085 -129.93 -99.26 -11.16
CA ASN H 1085 -131.12 -98.45 -11.03
C ASN H 1085 -130.88 -97.34 -10.02
N ALA H 1086 -131.30 -96.13 -10.35
CA ALA H 1086 -131.05 -94.99 -9.48
C ALA H 1086 -132.08 -93.91 -9.79
N ALA H 1087 -132.99 -93.67 -8.87
CA ALA H 1087 -133.94 -92.58 -8.99
C ALA H 1087 -133.30 -91.29 -8.51
N VAL H 1088 -134.04 -90.19 -8.62
CA VAL H 1088 -133.53 -88.89 -8.20
C VAL H 1088 -133.61 -88.79 -6.68
N SER H 1089 -132.49 -88.46 -6.06
CA SER H 1089 -132.44 -88.39 -4.61
C SER H 1089 -132.96 -87.05 -4.12
N PRO H 1090 -133.87 -87.03 -3.16
CA PRO H 1090 -134.30 -85.75 -2.57
C PRO H 1090 -133.20 -85.04 -1.82
N LEU H 1091 -132.15 -85.74 -1.41
CA LEU H 1091 -131.16 -85.16 -0.52
C LEU H 1091 -130.52 -83.91 -1.09
N ARG H 1092 -130.32 -83.88 -2.40
CA ARG H 1092 -129.75 -82.69 -3.03
C ARG H 1092 -130.80 -81.64 -3.35
N TRP H 1093 -132.06 -81.90 -3.01
CA TRP H 1093 -133.10 -80.92 -3.27
C TRP H 1093 -134.02 -80.68 -2.08
N PRO H 1094 -133.50 -80.53 -0.84
CA PRO H 1094 -134.42 -80.30 0.27
C PRO H 1094 -135.11 -78.96 0.17
N GLY H 1095 -134.43 -77.94 -0.35
CA GLY H 1095 -135.04 -76.64 -0.50
C GLY H 1095 -136.20 -76.62 -1.46
N LEU H 1096 -136.33 -77.66 -2.29
CA LEU H 1096 -137.42 -77.73 -3.25
C LEU H 1096 -138.54 -78.67 -2.81
N VAL H 1097 -138.24 -79.68 -1.99
CA VAL H 1097 -139.25 -80.67 -1.65
C VAL H 1097 -139.43 -80.87 -0.16
N ASP H 1098 -138.49 -80.47 0.69
CA ASP H 1098 -138.62 -80.75 2.12
C ASP H 1098 -139.55 -79.73 2.76
N PRO H 1099 -140.65 -80.15 3.39
CA PRO H 1099 -141.49 -79.19 4.11
C PRO H 1099 -140.79 -78.49 5.24
N ASN H 1100 -139.75 -79.11 5.82
CA ASN H 1100 -139.07 -78.56 6.97
C ASN H 1100 -137.88 -77.69 6.60
N TYR H 1101 -137.68 -77.44 5.31
CA TYR H 1101 -136.54 -76.64 4.88
C TYR H 1101 -136.57 -75.26 5.52
N ARG H 1102 -135.40 -74.79 5.93
CA ARG H 1102 -135.23 -73.45 6.47
C ARG H 1102 -134.46 -72.60 5.46
N VAL H 1103 -134.91 -71.36 5.29
CA VAL H 1103 -134.31 -70.50 4.28
C VAL H 1103 -132.85 -70.26 4.59
N GLY H 1104 -131.98 -70.49 3.61
CA GLY H 1104 -130.57 -70.20 3.72
C GLY H 1104 -129.73 -71.33 4.28
N THR H 1105 -130.34 -72.35 4.85
CA THR H 1105 -129.57 -73.43 5.45
C THR H 1105 -129.05 -74.39 4.39
N ASN H 1106 -128.02 -75.14 4.76
CA ASN H 1106 -127.45 -76.16 3.89
C ASN H 1106 -126.57 -77.06 4.72
N ASP H 1107 -126.19 -78.20 4.14
CA ASP H 1107 -125.27 -79.14 4.74
C ASP H 1107 -123.93 -79.11 3.99
N LEU H 1108 -123.51 -77.89 3.66
CA LEU H 1108 -122.40 -77.69 2.73
C LEU H 1108 -121.14 -78.49 3.02
N PRO H 1109 -120.67 -78.62 4.27
CA PRO H 1109 -119.44 -79.39 4.48
C PRO H 1109 -119.52 -80.81 4.00
N ASN H 1110 -120.72 -81.41 3.97
CA ASN H 1110 -120.87 -82.81 3.61
C ASN H 1110 -121.42 -83.00 2.20
N ARG H 1111 -122.49 -82.30 1.85
CA ARG H 1111 -123.17 -82.53 0.59
C ARG H 1111 -123.58 -81.21 -0.03
N ILE H 1112 -123.65 -81.20 -1.36
CA ILE H 1112 -124.02 -80.01 -2.11
C ILE H 1112 -125.48 -80.13 -2.50
N THR H 1113 -126.28 -79.15 -2.11
CA THR H 1113 -127.63 -79.03 -2.62
C THR H 1113 -127.61 -78.19 -3.89
N LEU H 1114 -128.64 -78.37 -4.72
CA LEU H 1114 -128.68 -77.75 -6.02
C LEU H 1114 -129.74 -76.67 -6.15
N TYR H 1115 -130.67 -76.58 -5.22
CA TYR H 1115 -131.75 -75.61 -5.28
C TYR H 1115 -131.86 -74.92 -3.94
N ASN H 1116 -131.61 -73.61 -3.92
CA ASN H 1116 -131.47 -72.91 -2.65
C ASN H 1116 -132.01 -71.50 -2.78
N SER H 1117 -132.12 -70.83 -1.64
CA SER H 1117 -132.46 -69.41 -1.59
C SER H 1117 -131.19 -68.57 -1.71
N LEU H 1118 -131.36 -67.36 -2.23
CA LEU H 1118 -130.23 -66.45 -2.38
C LEU H 1118 -130.76 -65.03 -2.48
N TYR H 1119 -129.85 -64.08 -2.57
CA TYR H 1119 -130.19 -62.67 -2.67
C TYR H 1119 -129.63 -62.07 -3.95
N ARG H 1120 -130.46 -61.27 -4.61
CA ARG H 1120 -130.05 -60.49 -5.77
C ARG H 1120 -129.90 -59.04 -5.35
N TYR H 1121 -128.88 -58.38 -5.87
CA TYR H 1121 -128.57 -57.01 -5.49
C TYR H 1121 -128.54 -56.11 -6.70
N ASN H 1122 -128.90 -54.84 -6.50
CA ASN H 1122 -128.78 -53.80 -7.50
C ASN H 1122 -128.08 -52.62 -6.84
N PHE H 1123 -126.75 -52.67 -6.84
CA PHE H 1123 -125.99 -51.60 -6.23
C PHE H 1123 -125.86 -50.42 -7.19
N THR H 1124 -125.52 -49.28 -6.62
CA THR H 1124 -125.27 -48.06 -7.38
C THR H 1124 -123.85 -47.58 -7.09
N TYR H 1125 -123.26 -46.92 -8.09
CA TYR H 1125 -121.86 -46.51 -8.02
C TYR H 1125 -121.79 -45.03 -8.33
N PRO H 1126 -121.97 -44.18 -7.32
CA PRO H 1126 -122.08 -42.75 -7.57
C PRO H 1126 -120.76 -42.15 -8.05
N THR H 1127 -120.87 -41.06 -8.78
CA THR H 1127 -119.75 -40.23 -9.16
C THR H 1127 -119.86 -38.89 -8.45
N LEU H 1128 -118.72 -38.31 -8.09
CA LEU H 1128 -118.69 -37.14 -7.24
C LEU H 1128 -118.27 -35.91 -8.05
N ASP H 1129 -119.06 -34.86 -7.93
CA ASP H 1129 -118.72 -33.54 -8.45
C ASP H 1129 -118.70 -32.57 -7.26
N GLY H 1130 -117.57 -31.90 -7.08
CA GLY H 1130 -117.37 -31.09 -5.90
C GLY H 1130 -116.98 -29.67 -6.23
N ILE H 1131 -117.18 -28.79 -5.26
CA ILE H 1131 -116.79 -27.39 -5.35
C ILE H 1131 -115.94 -27.06 -4.14
N MET H 1132 -114.76 -26.50 -4.38
CA MET H 1132 -113.83 -26.20 -3.31
C MET H 1132 -113.62 -24.70 -3.20
N TYR H 1133 -113.49 -24.22 -1.97
CA TYR H 1133 -113.27 -22.81 -1.69
C TYR H 1133 -111.88 -22.62 -1.09
N VAL H 1134 -111.36 -21.41 -1.24
CA VAL H 1134 -110.02 -21.07 -0.80
C VAL H 1134 -110.11 -20.17 0.42
N ARG H 1135 -109.19 -20.36 1.35
CA ARG H 1135 -109.15 -19.54 2.55
C ARG H 1135 -108.85 -18.09 2.21
N SER H 1136 -109.45 -17.19 2.97
CA SER H 1136 -109.27 -15.77 2.70
C SER H 1136 -107.82 -15.35 2.99
N ALA H 1137 -107.45 -14.20 2.42
CA ALA H 1137 -106.08 -13.72 2.59
C ALA H 1137 -105.78 -13.42 4.06
N THR H 1138 -106.71 -12.76 4.74
CA THR H 1138 -106.55 -12.50 6.16
C THR H 1138 -106.88 -13.74 6.96
N SER I 40 -57.78 -8.35 -41.93
CA SER I 40 -57.00 -7.29 -41.32
C SER I 40 -55.75 -7.85 -40.66
N TYR I 41 -55.41 -7.33 -39.48
CA TYR I 41 -54.28 -7.85 -38.74
C TYR I 41 -54.54 -9.28 -38.26
N VAL I 42 -53.47 -10.05 -38.13
CA VAL I 42 -53.59 -11.47 -37.81
C VAL I 42 -52.37 -11.92 -37.02
N CYS I 43 -52.55 -12.95 -36.22
CA CYS I 43 -51.45 -13.56 -35.45
C CYS I 43 -51.01 -14.84 -36.14
N ASN I 44 -49.69 -14.99 -36.32
CA ASN I 44 -49.17 -16.12 -37.07
C ASN I 44 -49.31 -17.44 -36.32
N VAL I 45 -49.53 -17.40 -35.01
CA VAL I 45 -49.56 -18.63 -34.24
C VAL I 45 -50.95 -19.27 -34.23
N CYS I 46 -52.01 -18.47 -34.15
CA CYS I 46 -53.35 -19.00 -34.04
C CYS I 46 -54.31 -18.47 -35.08
N ASN I 47 -53.86 -17.62 -36.00
CA ASN I 47 -54.67 -17.07 -37.08
C ASN I 47 -55.83 -16.22 -36.57
N ALA I 48 -55.76 -15.77 -35.32
CA ALA I 48 -56.75 -14.83 -34.83
C ALA I 48 -56.59 -13.50 -35.54
N ARG I 49 -57.71 -12.91 -35.92
CA ARG I 49 -57.73 -11.69 -36.73
C ARG I 49 -58.35 -10.55 -35.95
N PHE I 50 -57.79 -9.35 -36.12
CA PHE I 50 -58.13 -8.21 -35.28
C PHE I 50 -58.37 -6.97 -36.13
N SER I 51 -59.40 -6.21 -35.74
CA SER I 51 -59.73 -4.98 -36.45
C SER I 51 -58.75 -3.87 -36.11
N THR I 52 -58.34 -3.76 -34.84
CA THR I 52 -57.46 -2.70 -34.39
C THR I 52 -56.14 -3.29 -33.91
N MET I 53 -55.07 -2.51 -34.03
CA MET I 53 -53.75 -3.00 -33.66
C MET I 53 -53.61 -3.16 -32.16
N SER I 54 -54.27 -2.32 -31.38
CA SER I 54 -54.18 -2.44 -29.93
C SER I 54 -54.69 -3.80 -29.46
N ALA I 55 -55.79 -4.26 -30.04
CA ALA I 55 -56.28 -5.60 -29.72
C ALA I 55 -55.27 -6.67 -30.11
N LEU I 56 -54.61 -6.49 -31.26
CA LEU I 56 -53.58 -7.43 -31.67
C LEU I 56 -52.45 -7.48 -30.65
N SER I 57 -52.01 -6.31 -30.18
CA SER I 57 -50.90 -6.26 -29.25
C SER I 57 -51.23 -6.98 -27.94
N GLU I 58 -52.37 -6.64 -27.34
CA GLU I 58 -52.72 -7.25 -26.06
C GLU I 58 -52.91 -8.76 -26.19
N HIS I 59 -53.52 -9.19 -27.29
CA HIS I 59 -53.65 -10.63 -27.52
C HIS I 59 -52.30 -11.28 -27.71
N LEU I 60 -51.46 -10.68 -28.55
CA LEU I 60 -50.17 -11.28 -28.88
C LEU I 60 -49.31 -11.43 -27.63
N ARG I 61 -49.33 -10.44 -26.74
CA ARG I 61 -48.49 -10.49 -25.56
C ARG I 61 -49.01 -11.47 -24.52
N SER I 62 -50.32 -11.71 -24.47
CA SER I 62 -50.91 -12.47 -23.39
C SER I 62 -51.38 -13.86 -23.77
N ASP I 63 -51.67 -14.11 -25.05
CA ASP I 63 -52.27 -15.37 -25.47
C ASP I 63 -51.28 -16.36 -26.05
N HIS I 64 -50.03 -15.99 -26.21
CA HIS I 64 -49.02 -16.87 -26.80
C HIS I 64 -47.78 -16.85 -25.94
N ARG I 65 -47.46 -17.99 -25.35
CA ARG I 65 -46.30 -18.13 -24.47
C ARG I 65 -45.60 -19.46 -24.70
N SER I 99 -40.30 -39.26 -15.49
CA SER I 99 -41.66 -39.57 -15.86
C SER I 99 -42.45 -40.14 -14.68
N SER I 100 -43.51 -39.43 -14.27
CA SER I 100 -44.34 -39.91 -13.18
C SER I 100 -45.00 -41.24 -13.53
N LYS I 101 -45.53 -41.34 -14.74
CA LYS I 101 -46.20 -42.57 -15.16
C LYS I 101 -45.22 -43.72 -15.39
N HIS I 102 -43.91 -43.44 -15.44
CA HIS I 102 -42.96 -44.51 -15.65
C HIS I 102 -43.08 -45.58 -14.57
N LEU I 103 -43.37 -45.17 -13.34
CA LEU I 103 -43.54 -46.14 -12.27
C LEU I 103 -44.67 -47.10 -12.57
N SER I 104 -45.83 -46.56 -12.94
CA SER I 104 -46.94 -47.43 -13.30
C SER I 104 -46.56 -48.32 -14.47
N ALA I 105 -45.85 -47.76 -15.45
CA ALA I 105 -45.33 -48.58 -16.55
C ALA I 105 -44.42 -49.68 -16.05
N TYR I 106 -43.70 -49.43 -14.95
CA TYR I 106 -42.88 -50.49 -14.36
C TYR I 106 -43.75 -51.51 -13.64
N LEU I 107 -44.74 -51.05 -12.88
CA LEU I 107 -45.54 -51.96 -12.07
C LEU I 107 -46.29 -52.95 -12.94
N ASP I 108 -47.04 -52.45 -13.92
CA ASP I 108 -47.83 -53.33 -14.77
C ASP I 108 -46.98 -54.20 -15.68
N SER I 109 -45.70 -53.86 -15.84
CA SER I 109 -44.81 -54.64 -16.70
C SER I 109 -44.03 -55.70 -15.96
N ALA I 110 -43.71 -55.46 -14.69
CA ALA I 110 -42.89 -56.40 -13.93
C ALA I 110 -43.68 -57.59 -13.39
N VAL I 111 -45.01 -57.55 -13.45
CA VAL I 111 -45.80 -58.64 -12.91
C VAL I 111 -45.54 -59.92 -13.69
N ALA I 112 -45.32 -61.01 -12.97
CA ALA I 112 -45.06 -62.30 -13.58
C ALA I 112 -46.36 -63.06 -13.79
N ASN I 113 -46.24 -64.29 -14.30
CA ASN I 113 -47.42 -65.10 -14.56
C ASN I 113 -48.15 -65.46 -13.26
N GLY I 114 -47.40 -65.88 -12.24
CA GLY I 114 -47.99 -66.33 -11.01
C GLY I 114 -48.57 -67.72 -11.15
N PRO I 115 -48.45 -68.53 -10.11
CA PRO I 115 -48.96 -69.90 -10.17
C PRO I 115 -50.47 -69.92 -10.27
N GLU I 116 -50.98 -71.00 -10.86
CA GLU I 116 -52.42 -71.19 -11.03
C GLU I 116 -52.93 -72.00 -9.84
N LEU I 117 -53.53 -71.32 -8.87
CA LEU I 117 -54.00 -71.99 -7.67
C LEU I 117 -55.44 -72.47 -7.81
N ILE I 118 -56.35 -71.58 -8.16
CA ILE I 118 -57.77 -71.91 -8.16
C ILE I 118 -58.07 -72.85 -9.31
N VAL I 119 -58.44 -74.09 -8.99
CA VAL I 119 -58.89 -75.07 -9.96
C VAL I 119 -60.12 -75.74 -9.38
N GLU I 120 -61.28 -75.49 -9.97
CA GLU I 120 -62.55 -75.96 -9.43
C GLU I 120 -63.10 -77.07 -10.31
N ASP I 121 -63.49 -78.17 -9.68
CA ASP I 121 -64.07 -79.31 -10.37
C ASP I 121 -65.46 -79.58 -9.81
N THR I 122 -66.45 -79.57 -10.70
CA THR I 122 -67.82 -79.84 -10.32
C THR I 122 -68.24 -81.27 -10.62
N GLY I 123 -67.33 -82.10 -11.10
CA GLY I 123 -67.67 -83.47 -11.41
C GLY I 123 -67.75 -84.35 -10.17
N LEU I 124 -67.27 -85.58 -10.27
CA LEU I 124 -67.25 -86.51 -9.16
C LEU I 124 -65.85 -86.64 -8.61
N CYS I 125 -65.73 -86.57 -7.29
CA CYS I 125 -64.43 -86.67 -6.62
C CYS I 125 -64.06 -88.14 -6.52
N THR I 126 -63.52 -88.67 -7.61
CA THR I 126 -63.07 -90.05 -7.64
C THR I 126 -61.89 -90.17 -8.59
N SER I 127 -61.13 -91.25 -8.40
CA SER I 127 -59.97 -91.51 -9.24
C SER I 127 -59.90 -92.94 -9.73
N PHE I 128 -60.69 -93.85 -9.19
CA PHE I 128 -60.72 -95.24 -9.62
C PHE I 128 -62.02 -95.51 -10.34
N MET I 129 -61.93 -96.24 -11.45
CA MET I 129 -63.06 -96.49 -12.32
C MET I 129 -63.38 -97.97 -12.33
N LEU I 130 -64.65 -98.30 -12.18
CA LEU I 130 -65.12 -99.68 -12.33
C LEU I 130 -65.21 -99.98 -13.81
N LEU I 131 -64.39 -100.90 -14.28
CA LEU I 131 -64.25 -101.17 -15.70
C LEU I 131 -64.72 -102.56 -16.03
N ASP I 132 -65.51 -102.68 -17.10
CA ASP I 132 -65.95 -103.97 -17.60
C ASP I 132 -64.85 -104.52 -18.52
N ASN I 133 -64.10 -105.49 -18.03
CA ASN I 133 -62.96 -105.99 -18.78
C ASN I 133 -63.40 -106.99 -19.84
N ILE I 134 -64.02 -108.09 -19.43
CA ILE I 134 -64.47 -109.13 -20.34
C ILE I 134 -66.00 -109.06 -20.40
N PRO I 135 -66.58 -108.70 -21.54
CA PRO I 135 -68.03 -108.60 -21.63
C PRO I 135 -68.68 -109.96 -21.57
N SER I 136 -69.94 -109.96 -21.15
CA SER I 136 -70.73 -111.18 -21.14
C SER I 136 -71.17 -111.52 -22.55
N ALA I 137 -71.86 -112.66 -22.68
CA ALA I 137 -72.27 -113.17 -23.98
C ALA I 137 -73.78 -113.02 -24.15
N HIS I 138 -74.18 -112.57 -25.34
CA HIS I 138 -75.60 -112.40 -25.66
C HIS I 138 -76.12 -113.70 -26.23
N LEU I 139 -76.60 -114.57 -25.34
CA LEU I 139 -77.15 -115.84 -25.77
C LEU I 139 -78.59 -115.67 -26.22
N THR I 140 -78.94 -116.31 -27.32
CA THR I 140 -80.29 -116.19 -27.87
C THR I 140 -80.90 -117.50 -28.32
N LYS I 141 -80.18 -118.62 -28.25
CA LYS I 141 -80.73 -119.92 -28.62
C LYS I 141 -80.87 -120.86 -27.44
N GLU I 142 -79.80 -121.08 -26.69
CA GLU I 142 -79.83 -121.90 -25.49
C GLU I 142 -79.38 -121.04 -24.31
N LEU I 143 -79.80 -121.45 -23.12
CA LEU I 143 -79.48 -120.73 -21.88
C LEU I 143 -80.12 -119.37 -21.85
N ILE I 144 -81.34 -119.27 -22.39
CA ILE I 144 -82.05 -118.01 -22.41
C ILE I 144 -82.55 -117.69 -21.00
N GLY I 145 -82.28 -116.47 -20.54
CA GLY I 145 -82.69 -116.03 -19.24
C GLY I 145 -81.59 -116.01 -18.20
N PHE I 146 -80.45 -116.62 -18.48
CA PHE I 146 -79.35 -116.60 -17.52
C PHE I 146 -78.72 -115.22 -17.41
N THR I 147 -78.89 -114.37 -18.40
CA THR I 147 -78.24 -113.06 -18.44
C THR I 147 -79.27 -112.00 -18.77
N TRP I 148 -79.13 -110.85 -18.11
CA TRP I 148 -80.05 -109.73 -18.31
C TRP I 148 -79.26 -108.44 -18.37
N PHE I 149 -79.60 -107.59 -19.33
CA PHE I 149 -78.96 -106.29 -19.49
C PHE I 149 -79.96 -105.19 -19.19
N MET I 150 -79.50 -104.15 -18.48
CA MET I 150 -80.35 -102.99 -18.27
C MET I 150 -80.69 -102.29 -19.58
N GLN I 151 -79.93 -102.56 -20.63
CA GLN I 151 -80.18 -101.90 -21.91
C GLN I 151 -81.56 -102.25 -22.44
N MET I 152 -81.98 -103.50 -22.28
CA MET I 152 -83.30 -103.89 -22.78
C MET I 152 -84.40 -103.08 -22.12
N TYR I 153 -84.14 -102.55 -20.93
CA TYR I 153 -85.04 -101.62 -20.28
C TYR I 153 -84.66 -100.17 -20.54
N GLN I 154 -83.63 -99.94 -21.37
CA GLN I 154 -83.15 -98.59 -21.69
C GLN I 154 -82.72 -97.86 -20.40
N MET I 155 -81.70 -98.44 -19.78
CA MET I 155 -81.13 -97.87 -18.56
C MET I 155 -79.62 -98.02 -18.59
N THR I 156 -78.94 -97.07 -17.96
CA THR I 156 -77.50 -97.16 -17.79
C THR I 156 -77.23 -97.81 -16.45
N PRO I 157 -76.64 -99.01 -16.43
CA PRO I 157 -76.42 -99.69 -15.16
C PRO I 157 -75.49 -98.89 -14.27
N PRO I 158 -75.76 -98.84 -12.96
CA PRO I 158 -74.84 -98.13 -12.06
C PRO I 158 -73.54 -98.85 -11.85
N LEU I 159 -73.48 -100.14 -12.14
CA LEU I 159 -72.27 -100.94 -11.98
C LEU I 159 -71.96 -101.65 -13.28
N PRO I 160 -70.69 -101.93 -13.55
CA PRO I 160 -70.35 -102.65 -14.77
C PRO I 160 -70.98 -104.03 -14.78
N GLU I 161 -71.34 -104.48 -15.97
CA GLU I 161 -71.99 -105.78 -16.16
C GLU I 161 -71.21 -106.54 -17.21
N GLY I 162 -70.41 -107.50 -16.77
CA GLY I 162 -69.61 -108.29 -17.68
C GLY I 162 -69.17 -109.56 -17.01
N ALA I 163 -68.44 -110.38 -17.77
CA ALA I 163 -67.94 -111.62 -17.21
C ALA I 163 -67.04 -111.36 -16.01
N VAL I 164 -66.12 -110.42 -16.15
CA VAL I 164 -65.25 -110.00 -15.06
C VAL I 164 -65.17 -108.49 -15.07
N ASN I 165 -65.03 -107.91 -13.89
CA ASN I 165 -64.93 -106.46 -13.75
C ASN I 165 -63.80 -106.13 -12.79
N ARG I 166 -63.04 -105.08 -13.11
CA ARG I 166 -61.86 -104.72 -12.36
C ARG I 166 -61.95 -103.28 -11.90
N ILE I 167 -61.09 -102.93 -10.94
CA ILE I 167 -60.90 -101.56 -10.49
C ILE I 167 -59.56 -101.09 -11.01
N VAL I 168 -59.56 -99.96 -11.71
CA VAL I 168 -58.33 -99.40 -12.27
C VAL I 168 -58.26 -97.93 -11.90
N CYS I 169 -57.04 -97.39 -11.97
CA CYS I 169 -56.77 -96.02 -11.62
C CYS I 169 -56.81 -95.16 -12.88
N MET I 170 -57.74 -94.22 -12.93
CA MET I 170 -57.87 -93.28 -14.04
C MET I 170 -58.21 -91.92 -13.43
N THR I 171 -57.19 -91.10 -13.22
CA THR I 171 -57.38 -89.82 -12.55
C THR I 171 -58.35 -88.94 -13.34
N ASN I 172 -59.27 -88.33 -12.62
CA ASN I 172 -60.19 -87.34 -13.18
C ASN I 172 -60.99 -87.90 -14.35
N TRP I 173 -61.35 -89.18 -14.26
CA TRP I 173 -62.17 -89.77 -15.31
C TRP I 173 -63.58 -89.19 -15.29
N ALA I 174 -64.17 -89.08 -14.11
CA ALA I 174 -65.49 -88.47 -13.97
C ALA I 174 -65.36 -87.00 -13.54
N SER I 175 -64.66 -86.23 -14.36
CA SER I 175 -64.41 -84.83 -14.06
C SER I 175 -65.31 -83.94 -14.93
N LEU I 176 -65.76 -82.84 -14.34
CA LEU I 176 -66.59 -81.88 -15.06
C LEU I 176 -66.20 -80.45 -14.75
N GLY I 177 -64.91 -80.22 -14.47
CA GLY I 177 -64.45 -78.89 -14.14
C GLY I 177 -64.00 -78.10 -15.34
N ASP I 178 -62.73 -77.72 -15.39
CA ASP I 178 -62.21 -76.93 -16.49
C ASP I 178 -60.71 -77.21 -16.65
N GLU I 179 -60.36 -77.91 -17.72
CA GLU I 179 -58.99 -77.98 -18.22
C GLU I 179 -58.07 -78.81 -17.33
N GLY I 180 -58.55 -79.19 -16.14
CA GLY I 180 -57.72 -79.95 -15.22
C GLY I 180 -56.38 -79.30 -14.96
N ARG I 181 -55.39 -80.12 -14.59
CA ARG I 181 -54.04 -79.60 -14.34
C ARG I 181 -53.17 -79.70 -15.58
N GLY I 182 -53.11 -80.87 -16.20
CA GLY I 182 -52.30 -81.06 -17.39
C GLY I 182 -51.51 -82.34 -17.38
N LEU I 183 -51.59 -83.10 -16.29
CA LEU I 183 -50.91 -84.37 -16.18
C LEU I 183 -51.83 -85.36 -15.50
N GLU I 184 -51.96 -86.55 -16.10
CA GLU I 184 -52.90 -87.54 -15.61
C GLU I 184 -52.19 -88.87 -15.43
N VAL I 185 -52.89 -89.82 -14.81
CA VAL I 185 -52.40 -91.17 -14.60
C VAL I 185 -53.52 -92.11 -15.00
N ARG I 186 -53.47 -92.61 -16.23
CA ARG I 186 -54.47 -93.53 -16.75
C ARG I 186 -53.82 -94.88 -16.95
N LEU I 187 -54.37 -95.91 -16.35
CA LEU I 187 -53.83 -97.25 -16.49
C LEU I 187 -54.76 -98.11 -17.30
N PRO I 188 -54.25 -98.87 -18.26
CA PRO I 188 -55.10 -99.80 -19.00
C PRO I 188 -55.50 -100.95 -18.10
N PRO I 189 -56.53 -101.70 -18.47
CA PRO I 189 -56.93 -102.86 -17.68
C PRO I 189 -55.80 -103.88 -17.61
N PRO I 190 -55.82 -104.78 -16.65
CA PRO I 190 -54.69 -105.69 -16.45
C PRO I 190 -54.47 -106.65 -17.59
N THR I 191 -55.23 -106.52 -18.66
CA THR I 191 -55.06 -107.35 -19.84
C THR I 191 -54.15 -106.71 -20.88
N ASP I 192 -53.43 -105.65 -20.51
CA ASP I 192 -52.58 -104.93 -21.45
C ASP I 192 -51.19 -104.76 -20.84
N SER I 193 -50.34 -104.04 -21.57
CA SER I 193 -48.96 -103.86 -21.15
C SER I 193 -48.89 -103.13 -19.82
N SER I 194 -49.40 -101.89 -19.79
CA SER I 194 -49.41 -101.04 -18.60
C SER I 194 -48.01 -100.70 -18.11
N VAL I 195 -46.98 -100.92 -18.92
CA VAL I 195 -45.62 -100.62 -18.49
C VAL I 195 -45.20 -99.20 -18.83
N HIS I 196 -45.90 -98.56 -19.76
CA HIS I 196 -45.55 -97.19 -20.14
C HIS I 196 -45.67 -96.24 -18.96
N ALA I 197 -46.47 -96.57 -17.95
CA ALA I 197 -46.67 -95.68 -16.82
C ALA I 197 -45.54 -95.76 -15.81
N TYR I 198 -44.60 -96.69 -15.96
CA TYR I 198 -43.49 -96.83 -15.03
C TYR I 198 -42.15 -96.59 -15.69
N LYS I 199 -42.14 -95.87 -16.81
CA LYS I 199 -40.91 -95.51 -17.49
C LYS I 199 -40.61 -94.01 -17.34
N THR I 200 -40.96 -93.45 -16.20
CA THR I 200 -40.78 -92.03 -15.99
C THR I 200 -39.30 -91.65 -15.98
N VAL I 201 -38.42 -92.58 -15.60
CA VAL I 201 -37.02 -92.26 -15.41
C VAL I 201 -36.22 -93.54 -15.53
N LEU I 202 -34.93 -93.40 -15.85
CA LEU I 202 -33.97 -94.50 -15.87
C LEU I 202 -34.32 -95.57 -16.89
N SER I 203 -35.20 -95.27 -17.84
CA SER I 203 -35.61 -96.29 -18.80
C SER I 203 -35.78 -95.75 -20.20
N ARG I 204 -35.32 -94.53 -20.49
CA ARG I 204 -35.55 -93.93 -21.79
C ARG I 204 -34.93 -94.73 -22.91
N GLY I 205 -33.61 -94.85 -22.91
CA GLY I 205 -32.93 -95.58 -23.96
C GLY I 205 -32.17 -96.77 -23.43
N TYR I 206 -32.59 -97.27 -22.28
CA TYR I 206 -31.87 -98.37 -21.64
C TYR I 206 -32.58 -99.71 -21.72
N ILE I 207 -33.90 -99.73 -21.88
CA ILE I 207 -34.65 -100.96 -21.97
C ILE I 207 -35.58 -100.91 -23.17
N ASP I 208 -36.06 -102.08 -23.56
CA ASP I 208 -36.95 -102.18 -24.69
C ASP I 208 -38.33 -101.60 -24.35
N ASN I 209 -39.07 -101.25 -25.40
CA ASN I 209 -40.39 -100.68 -25.22
C ASN I 209 -41.35 -101.63 -24.51
N ALA I 210 -41.07 -102.93 -24.53
CA ALA I 210 -41.95 -103.89 -23.90
C ALA I 210 -41.52 -104.30 -22.50
N GLN I 211 -40.34 -103.89 -22.05
CA GLN I 211 -39.85 -104.27 -20.74
C GLN I 211 -40.15 -103.20 -19.71
N PHE I 212 -39.81 -103.49 -18.46
CA PHE I 212 -39.74 -102.48 -17.42
C PHE I 212 -38.50 -102.75 -16.59
N ASN I 213 -37.97 -101.71 -15.98
CA ASN I 213 -36.74 -101.82 -15.21
C ASN I 213 -37.05 -102.29 -13.80
N PRO I 214 -36.78 -103.55 -13.48
CA PRO I 214 -37.06 -104.02 -12.11
C PRO I 214 -36.13 -103.41 -11.07
N LEU I 215 -34.98 -102.88 -11.48
CA LEU I 215 -34.03 -102.36 -10.52
C LEU I 215 -34.25 -100.89 -10.19
N ALA I 216 -35.16 -100.23 -10.90
CA ALA I 216 -35.47 -98.83 -10.64
C ALA I 216 -36.96 -98.66 -10.32
N LEU I 217 -37.57 -99.73 -9.83
CA LEU I 217 -39.02 -99.73 -9.65
C LEU I 217 -39.45 -98.69 -8.64
N ARG I 218 -38.72 -98.57 -7.53
CA ARG I 218 -39.14 -97.68 -6.46
C ARG I 218 -39.24 -96.24 -6.95
N SER I 219 -38.23 -95.80 -7.70
CA SER I 219 -38.23 -94.43 -8.19
C SER I 219 -39.43 -94.18 -9.11
N ASN I 220 -39.65 -95.07 -10.07
CA ASN I 220 -40.73 -94.88 -11.03
C ASN I 220 -42.08 -94.87 -10.32
N VAL I 221 -42.29 -95.80 -9.40
CA VAL I 221 -43.54 -95.82 -8.64
C VAL I 221 -43.71 -94.52 -7.89
N LEU I 222 -42.64 -94.06 -7.24
CA LEU I 222 -42.72 -92.83 -6.47
C LEU I 222 -43.13 -91.66 -7.34
N LEU I 223 -42.50 -91.54 -8.51
CA LEU I 223 -42.86 -90.44 -9.41
C LEU I 223 -44.29 -90.57 -9.87
N MET I 224 -44.74 -91.78 -10.17
CA MET I 224 -46.11 -91.98 -10.63
C MET I 224 -47.10 -91.50 -9.58
N LEU I 225 -46.87 -91.86 -8.32
CA LEU I 225 -47.75 -91.40 -7.26
C LEU I 225 -47.70 -89.88 -7.13
N LEU I 226 -46.52 -89.30 -7.28
CA LEU I 226 -46.41 -87.85 -7.20
C LEU I 226 -47.26 -87.19 -8.27
N GLN I 227 -47.22 -87.71 -9.49
CA GLN I 227 -48.08 -87.20 -10.54
C GLN I 227 -49.55 -87.41 -10.16
N PHE I 228 -49.86 -88.55 -9.56
CA PHE I 228 -51.21 -88.79 -9.09
C PHE I 228 -51.65 -87.70 -8.13
N THR I 229 -50.80 -87.38 -7.16
CA THR I 229 -51.16 -86.39 -6.16
C THR I 229 -51.36 -85.02 -6.78
N LEU I 230 -50.43 -84.60 -7.64
CA LEU I 230 -50.55 -83.30 -8.27
C LEU I 230 -51.81 -83.23 -9.12
N SER I 231 -52.15 -84.33 -9.79
CA SER I 231 -53.32 -84.32 -10.66
C SER I 231 -54.60 -84.08 -9.88
N ASN I 232 -54.66 -84.54 -8.63
CA ASN I 232 -55.88 -84.46 -7.84
C ASN I 232 -55.94 -83.22 -6.96
N LEU I 233 -55.22 -82.17 -7.30
CA LEU I 233 -55.23 -80.93 -6.52
C LEU I 233 -56.29 -80.00 -7.08
N LYS I 234 -57.52 -80.15 -6.61
CA LYS I 234 -58.63 -79.34 -7.08
C LYS I 234 -59.53 -78.99 -5.91
N ILE I 235 -60.52 -78.17 -6.18
CA ILE I 235 -61.52 -77.75 -5.21
C ILE I 235 -62.84 -78.40 -5.55
N ASN I 236 -63.43 -79.08 -4.58
CA ASN I 236 -64.72 -79.73 -4.79
C ASN I 236 -65.81 -78.67 -4.77
N LYS I 237 -65.99 -78.01 -5.90
CA LYS I 237 -67.03 -77.01 -6.01
C LYS I 237 -68.40 -77.68 -5.96
N SER I 238 -69.35 -76.97 -5.36
CA SER I 238 -70.72 -77.47 -5.31
C SER I 238 -71.39 -77.27 -6.67
N SER I 239 -72.67 -77.60 -6.73
CA SER I 239 -73.46 -77.42 -7.94
C SER I 239 -74.89 -77.13 -7.52
N THR I 240 -75.81 -77.27 -8.46
CA THR I 240 -77.22 -77.08 -8.17
C THR I 240 -77.82 -78.40 -7.69
N PHE I 241 -78.49 -78.35 -6.55
CA PHE I 241 -79.22 -79.49 -6.04
C PHE I 241 -80.70 -79.34 -6.38
N THR I 242 -81.40 -80.47 -6.37
CA THR I 242 -82.82 -80.45 -6.63
C THR I 242 -83.46 -81.66 -5.99
N SER I 243 -84.74 -81.54 -5.69
CA SER I 243 -85.54 -82.70 -5.34
C SER I 243 -85.89 -83.47 -6.61
N ASP I 244 -86.31 -84.71 -6.43
CA ASP I 244 -86.81 -85.52 -7.53
C ASP I 244 -88.24 -85.95 -7.21
N VAL I 245 -89.06 -86.01 -8.23
CA VAL I 245 -90.50 -86.19 -8.03
C VAL I 245 -90.93 -87.53 -8.61
N THR I 246 -90.03 -88.50 -8.62
CA THR I 246 -90.34 -89.85 -9.05
C THR I 246 -90.42 -90.77 -7.84
N THR I 247 -91.09 -91.91 -8.01
CA THR I 247 -91.38 -92.78 -6.89
C THR I 247 -90.11 -93.35 -6.25
N ILE I 248 -88.98 -93.29 -6.94
CA ILE I 248 -87.74 -93.81 -6.37
C ILE I 248 -87.08 -92.77 -5.49
N THR I 249 -87.79 -91.68 -5.23
CA THR I 249 -87.23 -90.63 -4.39
C THR I 249 -87.03 -91.11 -2.97
N SER I 250 -86.03 -90.52 -2.31
CA SER I 250 -85.77 -90.78 -0.90
C SER I 250 -86.02 -89.56 -0.03
N GLY I 251 -86.65 -88.54 -0.58
CA GLY I 251 -86.91 -87.29 0.12
C GLY I 251 -85.79 -86.29 0.04
N ARG I 252 -84.56 -86.76 0.14
CA ARG I 252 -83.42 -85.86 0.10
C ARG I 252 -83.19 -85.33 -1.31
N MET I 253 -82.67 -84.10 -1.38
CA MET I 253 -82.34 -83.50 -2.67
C MET I 253 -81.01 -84.04 -3.18
N ILE I 254 -80.90 -84.14 -4.50
CA ILE I 254 -79.72 -84.73 -5.13
C ILE I 254 -79.13 -83.72 -6.11
N ARG I 255 -77.90 -84.01 -6.53
CA ARG I 255 -77.16 -83.15 -7.42
C ARG I 255 -77.40 -83.60 -8.85
N ALA I 256 -78.11 -82.77 -9.62
CA ALA I 256 -78.51 -83.13 -10.98
C ALA I 256 -77.44 -82.65 -11.95
N PHE I 257 -76.62 -83.59 -12.41
CA PHE I 257 -75.60 -83.24 -13.40
C PHE I 257 -76.24 -82.94 -14.74
N GLU I 258 -75.73 -81.91 -15.41
CA GLU I 258 -76.26 -81.57 -16.73
C GLU I 258 -75.14 -81.37 -17.74
N GLY I 259 -73.95 -80.96 -17.28
CA GLY I 259 -72.82 -80.89 -18.17
C GLY I 259 -72.39 -82.23 -18.70
N ARG I 260 -72.75 -83.31 -18.01
CA ARG I 260 -72.48 -84.67 -18.47
C ARG I 260 -73.58 -85.55 -17.92
N PRO I 261 -74.76 -85.52 -18.54
CA PRO I 261 -75.96 -86.09 -17.91
C PRO I 261 -75.92 -87.60 -17.70
N GLU I 262 -74.91 -88.28 -18.25
CA GLU I 262 -74.81 -89.71 -17.98
C GLU I 262 -74.18 -90.00 -16.63
N LEU I 263 -73.55 -89.01 -16.01
CA LEU I 263 -72.97 -89.22 -14.68
C LEU I 263 -74.04 -89.48 -13.64
N LEU I 264 -75.28 -89.10 -13.91
CA LEU I 264 -76.32 -89.21 -12.90
C LEU I 264 -76.52 -90.65 -12.46
N ALA I 265 -76.54 -91.58 -13.42
CA ALA I 265 -76.69 -92.98 -13.05
C ALA I 265 -75.51 -93.46 -12.22
N LEU I 266 -74.30 -93.04 -12.57
CA LEU I 266 -73.12 -93.51 -11.86
C LEU I 266 -73.04 -92.91 -10.46
N ALA I 267 -73.48 -91.67 -10.29
CA ALA I 267 -73.28 -90.98 -9.03
C ALA I 267 -73.99 -91.67 -7.88
N TYR I 268 -75.23 -92.11 -8.11
CA TYR I 268 -76.08 -92.64 -7.04
C TYR I 268 -76.54 -94.04 -7.41
N PRO I 269 -75.78 -95.07 -7.04
CA PRO I 269 -76.22 -96.45 -7.31
C PRO I 269 -77.53 -96.79 -6.62
N GLY I 270 -77.88 -96.10 -5.54
CA GLY I 270 -79.09 -96.43 -4.81
C GLY I 270 -80.37 -96.21 -5.58
N ARG I 271 -80.32 -95.44 -6.66
CA ARG I 271 -81.52 -95.11 -7.43
C ARG I 271 -81.78 -96.10 -8.56
N ALA I 272 -81.13 -97.26 -8.53
CA ALA I 272 -81.28 -98.19 -9.63
C ALA I 272 -82.65 -98.86 -9.60
N VAL I 273 -83.01 -99.45 -10.73
CA VAL I 273 -84.20 -100.28 -10.85
C VAL I 273 -83.75 -101.72 -11.10
N LEU I 274 -84.39 -102.66 -10.41
CA LEU I 274 -83.91 -104.04 -10.35
C LEU I 274 -85.01 -104.99 -10.79
N PRO I 275 -85.15 -105.22 -12.09
CA PRO I 275 -86.16 -106.18 -12.55
C PRO I 275 -85.88 -107.61 -12.13
N THR I 276 -84.67 -108.10 -12.33
CA THR I 276 -84.34 -109.49 -12.08
C THR I 276 -83.19 -109.59 -11.09
N GLN I 277 -83.21 -110.68 -10.30
CA GLN I 277 -82.27 -110.85 -9.20
C GLN I 277 -80.92 -111.35 -9.74
N THR I 278 -80.20 -110.42 -10.35
CA THR I 278 -78.83 -110.70 -10.76
C THR I 278 -77.89 -110.48 -9.59
N LYS I 279 -76.61 -110.80 -9.79
CA LYS I 279 -75.63 -110.57 -8.75
C LYS I 279 -75.54 -109.09 -8.40
N ASN I 280 -75.54 -108.23 -9.42
CA ASN I 280 -75.60 -106.80 -9.17
C ASN I 280 -76.86 -106.44 -8.39
N ALA I 281 -78.00 -107.03 -8.79
CA ALA I 281 -79.23 -106.77 -8.06
C ALA I 281 -79.13 -107.26 -6.63
N GLN I 282 -78.54 -108.43 -6.42
CA GLN I 282 -78.42 -108.98 -5.08
C GLN I 282 -77.68 -108.02 -4.17
N PHE I 283 -76.67 -107.33 -4.68
CA PHE I 283 -75.93 -106.39 -3.86
C PHE I 283 -76.69 -105.08 -3.71
N LEU I 284 -77.15 -104.51 -4.81
CA LEU I 284 -77.80 -103.20 -4.74
C LEU I 284 -79.08 -103.25 -3.94
N SER I 285 -79.74 -104.40 -3.90
CA SER I 285 -80.99 -104.51 -3.13
C SER I 285 -80.78 -104.26 -1.65
N THR I 286 -79.54 -104.29 -1.18
CA THR I 286 -79.23 -104.08 0.22
C THR I 286 -78.93 -102.63 0.56
N ALA I 287 -79.01 -101.72 -0.41
CA ALA I 287 -78.65 -100.34 -0.17
C ALA I 287 -79.65 -99.67 0.77
N ILE I 288 -79.13 -98.86 1.69
CA ILE I 288 -79.97 -98.09 2.59
C ILE I 288 -80.58 -96.92 1.85
N ALA I 289 -81.87 -96.67 2.08
CA ALA I 289 -82.60 -95.73 1.25
C ALA I 289 -82.09 -94.30 1.42
N ASP I 290 -81.96 -93.84 2.65
CA ASP I 290 -81.74 -92.42 2.92
C ASP I 290 -80.27 -92.05 3.01
N ARG I 291 -79.40 -92.78 2.33
CA ARG I 291 -77.96 -92.51 2.33
C ARG I 291 -77.53 -91.81 1.06
N ILE I 292 -78.31 -90.85 0.57
CA ILE I 292 -78.08 -90.26 -0.73
C ILE I 292 -78.37 -88.76 -0.68
N GLY I 293 -77.62 -88.00 -1.47
CA GLY I 293 -77.94 -86.61 -1.68
C GLY I 293 -77.44 -85.69 -0.59
N ARG I 294 -77.98 -84.48 -0.60
CA ARG I 294 -77.58 -83.46 0.35
C ARG I 294 -77.91 -83.88 1.77
N LEU I 295 -76.97 -83.65 2.68
CA LEU I 295 -77.17 -83.90 4.10
C LEU I 295 -77.41 -82.62 4.87
N ASP I 296 -76.55 -81.62 4.69
CA ASP I 296 -76.70 -80.35 5.38
C ASP I 296 -76.02 -79.27 4.56
N ARG I 297 -76.47 -78.04 4.75
CA ARG I 297 -75.98 -76.90 3.99
C ARG I 297 -75.82 -75.70 4.91
N ALA I 298 -74.93 -74.79 4.53
CA ALA I 298 -74.75 -73.53 5.21
C ALA I 298 -75.45 -72.46 4.38
N ASN I 299 -76.62 -72.04 4.84
CA ASN I 299 -77.45 -71.09 4.11
C ASN I 299 -77.42 -69.76 4.86
N LEU I 300 -76.48 -68.90 4.48
CA LEU I 300 -76.28 -67.65 5.21
C LEU I 300 -77.25 -66.58 4.75
N ILE I 301 -77.31 -66.32 3.46
CA ILE I 301 -78.07 -65.21 2.90
C ILE I 301 -79.30 -65.77 2.21
N GLY I 302 -80.47 -65.25 2.57
CA GLY I 302 -81.70 -65.70 1.97
C GLY I 302 -81.72 -65.52 0.46
N GLY I 303 -82.07 -66.56 -0.27
CA GLY I 303 -82.11 -66.52 -1.70
C GLY I 303 -80.80 -66.83 -2.39
N GLU I 304 -79.71 -66.90 -1.65
CA GLU I 304 -78.41 -67.21 -2.23
C GLU I 304 -78.11 -68.69 -2.13
N VAL I 305 -77.16 -69.14 -2.96
CA VAL I 305 -76.73 -70.52 -2.88
C VAL I 305 -75.98 -70.75 -1.58
N SER I 306 -76.02 -71.99 -1.11
CA SER I 306 -75.35 -72.31 0.15
C SER I 306 -73.85 -72.09 0.01
N ALA I 307 -73.25 -71.50 1.04
CA ALA I 307 -71.82 -71.25 1.02
C ALA I 307 -71.03 -72.55 1.00
N MET I 308 -71.46 -73.53 1.79
CA MET I 308 -70.77 -74.81 1.88
C MET I 308 -71.78 -75.88 2.24
N VAL I 309 -71.87 -76.91 1.39
CA VAL I 309 -72.87 -77.95 1.55
C VAL I 309 -72.16 -79.28 1.77
N GLU I 310 -72.87 -80.20 2.41
CA GLU I 310 -72.33 -81.52 2.69
C GLU I 310 -73.28 -82.58 2.15
N CYS I 311 -72.74 -83.51 1.38
CA CYS I 311 -73.53 -84.56 0.77
C CYS I 311 -72.68 -85.82 0.64
N MET I 312 -73.34 -86.95 0.43
CA MET I 312 -72.66 -88.20 0.19
C MET I 312 -73.03 -88.73 -1.18
N GLU I 313 -72.04 -89.20 -1.92
CA GLU I 313 -72.23 -89.70 -3.27
C GLU I 313 -71.05 -90.59 -3.61
N LEU I 314 -70.96 -91.00 -4.87
CA LEU I 314 -69.83 -91.81 -5.30
C LEU I 314 -68.55 -91.03 -5.16
N CYS I 315 -67.68 -91.44 -4.23
CA CYS I 315 -66.46 -90.72 -3.97
C CYS I 315 -65.52 -91.60 -3.16
N ASP I 316 -64.29 -91.74 -3.64
CA ASP I 316 -63.30 -92.50 -2.90
C ASP I 316 -62.69 -91.65 -1.80
N ALA I 317 -62.16 -92.34 -0.78
CA ALA I 317 -61.58 -91.63 0.35
C ALA I 317 -60.26 -90.96 -0.03
N LEU I 318 -59.43 -91.65 -0.82
CA LEU I 318 -58.09 -91.16 -1.07
C LEU I 318 -58.10 -89.81 -1.77
N THR I 319 -58.85 -89.71 -2.87
CA THR I 319 -58.94 -88.43 -3.56
C THR I 319 -59.57 -87.38 -2.65
N LEU I 320 -60.58 -87.78 -1.87
CA LEU I 320 -61.21 -86.85 -0.94
C LEU I 320 -60.18 -86.31 0.05
N HIS I 321 -59.35 -87.19 0.61
CA HIS I 321 -58.36 -86.74 1.57
C HIS I 321 -57.40 -85.76 0.93
N ILE I 322 -57.01 -86.01 -0.31
CA ILE I 322 -56.08 -85.12 -0.99
C ILE I 322 -56.68 -83.73 -1.12
N ARG I 323 -57.90 -83.65 -1.64
CA ARG I 323 -58.47 -82.34 -1.96
C ARG I 323 -58.74 -81.54 -0.70
N GLU I 324 -59.19 -82.19 0.36
CA GLU I 324 -59.41 -81.47 1.61
C GLU I 324 -58.12 -80.87 2.12
N THR I 325 -57.02 -81.62 2.02
CA THR I 325 -55.72 -81.06 2.38
C THR I 325 -55.40 -79.85 1.51
N TYR I 326 -55.69 -79.94 0.22
CA TYR I 326 -55.41 -78.83 -0.67
C TYR I 326 -56.18 -77.59 -0.24
N VAL I 327 -57.45 -77.75 0.09
CA VAL I 327 -58.24 -76.62 0.58
C VAL I 327 -57.63 -76.10 1.88
N MET I 328 -57.28 -77.00 2.78
CA MET I 328 -56.66 -76.61 4.04
C MET I 328 -55.43 -75.76 3.78
N LEU I 329 -54.65 -76.13 2.76
CA LEU I 329 -53.49 -75.33 2.40
C LEU I 329 -53.92 -73.93 1.97
N LEU I 330 -54.94 -73.84 1.13
CA LEU I 330 -55.35 -72.54 0.62
C LEU I 330 -55.81 -71.63 1.75
N ARG I 331 -56.57 -72.17 2.71
CA ARG I 331 -56.99 -71.37 3.84
C ARG I 331 -55.78 -70.82 4.59
N SER I 332 -54.70 -71.61 4.65
CA SER I 332 -53.55 -71.22 5.44
C SER I 332 -52.91 -69.93 4.93
N MET I 333 -53.07 -69.65 3.64
CA MET I 333 -52.45 -68.48 3.04
C MET I 333 -53.46 -67.38 2.74
N HIS I 334 -54.51 -67.30 3.54
CA HIS I 334 -55.57 -66.32 3.36
C HIS I 334 -55.74 -65.50 4.63
N GLN I 335 -56.11 -64.24 4.47
CA GLN I 335 -56.35 -63.36 5.59
C GLN I 335 -57.57 -62.49 5.33
N ASP I 336 -58.23 -62.06 6.40
CA ASP I 336 -59.42 -61.26 6.28
C ASP I 336 -59.07 -59.84 5.84
N PRO I 337 -60.07 -59.08 5.36
CA PRO I 337 -59.77 -57.73 4.84
C PRO I 337 -59.06 -56.82 5.83
N THR I 338 -59.44 -56.85 7.10
CA THR I 338 -58.84 -55.93 8.07
C THR I 338 -57.33 -56.07 8.10
N GLN I 339 -56.85 -57.31 8.05
CA GLN I 339 -55.42 -57.54 7.94
C GLN I 339 -54.90 -57.00 6.62
N ILE I 340 -55.63 -57.25 5.53
CA ILE I 340 -55.15 -56.86 4.21
C ILE I 340 -54.97 -55.36 4.13
N VAL I 341 -56.00 -54.60 4.54
CA VAL I 341 -55.91 -53.15 4.46
C VAL I 341 -54.78 -52.64 5.34
N GLN I 342 -54.60 -53.25 6.50
CA GLN I 342 -53.51 -52.84 7.37
C GLN I 342 -52.17 -53.07 6.71
N ILE I 343 -52.01 -54.22 6.03
CA ILE I 343 -50.76 -54.51 5.37
C ILE I 343 -50.47 -53.48 4.28
N VAL I 344 -51.46 -53.18 3.46
CA VAL I 344 -51.25 -52.24 2.37
C VAL I 344 -50.88 -50.87 2.92
N ASN I 345 -51.59 -50.42 3.96
CA ASN I 345 -51.28 -49.13 4.54
C ASN I 345 -49.86 -49.10 5.10
N GLU I 346 -49.45 -50.17 5.79
CA GLU I 346 -48.10 -50.21 6.34
C GLU I 346 -47.06 -50.17 5.23
N CYS I 347 -47.30 -50.92 4.15
CA CYS I 347 -46.33 -50.95 3.07
C CYS I 347 -46.09 -49.58 2.46
N ALA I 348 -47.04 -48.65 2.63
CA ALA I 348 -46.88 -47.29 2.17
C ALA I 348 -46.47 -46.34 3.28
N ASN I 349 -45.91 -46.87 4.37
CA ASN I 349 -45.51 -46.05 5.52
C ASN I 349 -46.67 -45.18 5.98
N ASN I 350 -47.85 -45.78 6.01
CA ASN I 350 -49.09 -45.12 6.44
C ASN I 350 -49.45 -43.91 5.61
N LEU I 351 -48.81 -43.71 4.47
CA LEU I 351 -49.31 -42.75 3.50
C LEU I 351 -50.49 -43.38 2.76
N LEU I 352 -51.51 -42.57 2.49
CA LEU I 352 -52.74 -43.04 1.85
C LEU I 352 -53.40 -44.14 2.69
N ASN I 353 -53.74 -43.76 3.92
CA ASN I 353 -54.44 -44.68 4.81
C ASN I 353 -55.83 -44.94 4.26
N SER I 354 -56.06 -46.15 3.75
CA SER I 354 -57.37 -46.52 3.24
C SER I 354 -58.11 -47.35 4.28
N THR I 355 -59.35 -47.72 3.96
CA THR I 355 -60.17 -48.51 4.87
C THR I 355 -61.03 -49.46 4.07
N ILE I 356 -61.96 -50.12 4.76
CA ILE I 356 -62.76 -51.18 4.17
C ILE I 356 -64.22 -50.93 4.52
N PRO I 357 -65.15 -51.50 3.76
CA PRO I 357 -66.56 -51.44 4.15
C PRO I 357 -66.80 -52.34 5.35
N ILE I 358 -68.00 -52.19 5.92
CA ILE I 358 -68.42 -53.00 7.06
C ILE I 358 -69.74 -53.64 6.69
N SER I 359 -69.68 -54.87 6.18
CA SER I 359 -70.88 -55.61 5.82
C SER I 359 -70.50 -57.07 5.65
N LEU I 360 -71.52 -57.90 5.46
CA LEU I 360 -71.29 -59.33 5.33
C LEU I 360 -70.57 -59.64 4.03
N ARG I 361 -69.48 -60.40 4.13
CA ARG I 361 -68.74 -60.90 2.97
C ARG I 361 -68.74 -62.42 3.11
N PRO I 362 -69.74 -63.09 2.55
CA PRO I 362 -70.00 -64.48 2.96
C PRO I 362 -68.87 -65.45 2.64
N THR I 363 -68.41 -65.49 1.39
CA THR I 363 -67.60 -66.61 0.93
C THR I 363 -66.38 -66.14 0.14
N ILE I 364 -65.66 -65.19 0.70
CA ILE I 364 -64.48 -64.66 0.04
C ILE I 364 -63.29 -65.55 0.37
N LEU I 365 -62.25 -65.43 -0.44
CA LEU I 365 -61.01 -66.19 -0.24
C LEU I 365 -59.90 -65.51 -1.04
N CYS I 366 -58.83 -65.12 -0.36
CA CYS I 366 -57.73 -64.38 -0.98
C CYS I 366 -56.41 -65.03 -0.59
N PRO I 367 -56.02 -66.08 -1.28
CA PRO I 367 -54.75 -66.76 -0.97
C PRO I 367 -53.54 -65.97 -1.48
N TRP I 368 -53.12 -64.99 -0.70
CA TRP I 368 -52.13 -64.03 -1.15
C TRP I 368 -50.91 -63.89 -0.25
N PHE I 369 -50.82 -64.63 0.85
CA PHE I 369 -49.82 -64.34 1.85
C PHE I 369 -49.08 -65.61 2.26
N ALA I 370 -47.76 -65.52 2.31
CA ALA I 370 -46.89 -66.59 2.78
C ALA I 370 -46.24 -66.18 4.09
N SER I 371 -45.36 -67.03 4.59
CA SER I 371 -44.63 -66.76 5.82
C SER I 371 -43.24 -66.23 5.49
N SER I 372 -42.58 -65.72 6.53
CA SER I 372 -41.23 -65.19 6.34
C SER I 372 -40.28 -66.26 5.84
N GLU I 373 -40.43 -67.49 6.35
CA GLU I 373 -39.56 -68.58 5.91
C GLU I 373 -39.66 -68.78 4.42
N ASP I 374 -40.89 -68.75 3.89
CA ASP I 374 -41.07 -68.91 2.45
C ASP I 374 -40.37 -67.79 1.69
N LEU I 375 -40.55 -66.55 2.16
CA LEU I 375 -39.90 -65.43 1.51
C LEU I 375 -38.38 -65.58 1.54
N ARG I 376 -37.85 -65.98 2.69
CA ARG I 376 -36.42 -66.20 2.79
C ARG I 376 -35.99 -67.31 1.83
N LEU I 377 -36.76 -68.39 1.76
CA LEU I 377 -36.39 -69.49 0.90
C LEU I 377 -36.39 -69.08 -0.56
N GLN I 378 -37.41 -68.33 -1.00
CA GLN I 378 -37.42 -67.87 -2.38
C GLN I 378 -36.27 -66.93 -2.64
N GLN I 379 -36.00 -66.02 -1.71
CA GLN I 379 -34.94 -65.03 -1.91
C GLN I 379 -33.60 -65.71 -2.17
N VAL I 380 -33.21 -66.64 -1.30
CA VAL I 380 -31.94 -67.33 -1.50
C VAL I 380 -31.98 -68.16 -2.76
N MET I 381 -33.12 -68.80 -3.04
CA MET I 381 -33.23 -69.59 -4.26
C MET I 381 -33.05 -68.72 -5.48
N HIS I 382 -33.64 -67.53 -5.47
CA HIS I 382 -33.43 -66.61 -6.58
C HIS I 382 -31.99 -66.16 -6.67
N LEU I 383 -31.37 -65.88 -5.52
CA LEU I 383 -29.98 -65.44 -5.52
C LEU I 383 -29.07 -66.51 -6.11
N VAL I 384 -29.26 -67.75 -5.69
CA VAL I 384 -28.37 -68.80 -6.15
C VAL I 384 -28.59 -69.10 -7.62
N ASN I 385 -29.82 -68.92 -8.11
CA ASN I 385 -30.11 -69.20 -9.51
C ASN I 385 -29.35 -68.27 -10.44
N ILE I 386 -29.33 -66.98 -10.12
CA ILE I 386 -28.71 -66.00 -10.99
C ILE I 386 -27.19 -66.10 -10.87
N SER I 387 -26.48 -65.46 -11.79
CA SER I 387 -25.04 -65.38 -11.71
C SER I 387 -24.63 -64.56 -10.50
N SER I 388 -23.37 -64.71 -10.11
CA SER I 388 -22.82 -64.02 -8.95
C SER I 388 -21.73 -63.04 -9.36
N ASN I 389 -21.92 -62.40 -10.51
CA ASN I 389 -20.97 -61.44 -11.02
C ASN I 389 -21.66 -60.09 -11.20
N THR I 390 -20.89 -59.10 -11.64
CA THR I 390 -21.43 -57.75 -11.80
C THR I 390 -22.53 -57.71 -12.85
N ALA I 391 -22.51 -58.65 -13.79
CA ALA I 391 -23.53 -58.64 -14.85
C ALA I 391 -24.91 -58.82 -14.28
N ALA I 392 -25.08 -59.74 -13.33
CA ALA I 392 -26.40 -60.00 -12.77
C ALA I 392 -26.86 -58.93 -11.80
N ALA I 393 -25.96 -58.09 -11.31
CA ALA I 393 -26.32 -57.08 -10.33
C ALA I 393 -26.46 -55.69 -10.91
N LEU I 394 -25.77 -55.40 -12.00
CA LEU I 394 -25.81 -54.05 -12.57
C LEU I 394 -27.23 -53.63 -12.92
N PRO I 395 -28.01 -54.39 -13.69
CA PRO I 395 -29.39 -53.96 -13.93
C PRO I 395 -30.20 -53.89 -12.67
N LEU I 396 -29.93 -54.76 -11.71
CA LEU I 396 -30.67 -54.74 -10.46
C LEU I 396 -30.53 -53.41 -9.75
N VAL I 397 -29.39 -52.75 -9.92
CA VAL I 397 -29.20 -51.43 -9.33
C VAL I 397 -29.88 -50.37 -10.18
N GLU I 398 -29.76 -50.50 -11.50
CA GLU I 398 -30.38 -49.51 -12.38
C GLU I 398 -31.87 -49.39 -12.11
N ALA I 399 -32.54 -50.52 -11.92
CA ALA I 399 -33.97 -50.50 -11.69
C ALA I 399 -34.32 -49.62 -10.50
N LEU I 400 -33.68 -49.86 -9.37
CA LEU I 400 -33.97 -49.07 -8.18
C LEU I 400 -33.63 -47.60 -8.40
N SER I 401 -32.51 -47.34 -9.09
CA SER I 401 -32.11 -45.95 -9.32
C SER I 401 -33.18 -45.20 -10.10
N THR I 402 -33.68 -45.80 -11.18
CA THR I 402 -34.71 -45.16 -11.97
C THR I 402 -35.97 -44.95 -11.14
N LEU I 403 -36.35 -45.95 -10.34
CA LEU I 403 -37.51 -45.79 -9.48
C LEU I 403 -37.32 -44.61 -8.54
N LEU I 404 -36.14 -44.51 -7.94
CA LEU I 404 -35.86 -43.38 -7.05
C LEU I 404 -35.99 -42.07 -7.79
N ARG I 405 -35.34 -41.96 -8.96
CA ARG I 405 -35.41 -40.73 -9.72
C ARG I 405 -36.83 -40.43 -10.15
N SER I 406 -37.64 -41.47 -10.35
CA SER I 406 -39.02 -41.25 -10.80
C SER I 406 -39.80 -40.42 -9.79
N VAL I 407 -39.78 -40.85 -8.53
CA VAL I 407 -40.54 -40.19 -7.48
C VAL I 407 -39.55 -39.60 -6.49
N THR I 408 -39.32 -38.30 -6.62
CA THR I 408 -38.48 -37.59 -5.66
C THR I 408 -38.70 -36.10 -5.79
N PRO I 409 -38.95 -35.41 -4.68
CA PRO I 409 -39.08 -33.95 -4.75
C PRO I 409 -37.76 -33.26 -4.96
N LEU I 410 -36.64 -33.95 -4.76
CA LEU I 410 -35.35 -33.32 -4.87
C LEU I 410 -35.01 -33.02 -6.32
N VAL I 411 -34.41 -31.85 -6.55
CA VAL I 411 -33.99 -31.42 -7.88
C VAL I 411 -32.54 -30.98 -7.81
N LEU I 412 -31.74 -31.45 -8.76
CA LEU I 412 -30.32 -31.10 -8.84
C LEU I 412 -30.13 -30.04 -9.91
N ASP I 413 -29.66 -28.86 -9.51
CA ASP I 413 -29.42 -27.77 -10.44
C ASP I 413 -27.94 -27.39 -10.42
N PRO I 414 -27.18 -27.74 -11.44
CA PRO I 414 -25.75 -27.40 -11.44
C PRO I 414 -25.47 -25.92 -11.44
N THR I 415 -26.40 -25.09 -11.92
CA THR I 415 -26.13 -23.67 -12.09
C THR I 415 -25.80 -23.00 -10.76
N VAL I 416 -26.43 -23.46 -9.69
CA VAL I 416 -26.30 -22.77 -8.40
C VAL I 416 -24.84 -22.76 -7.97
N LEU I 417 -24.12 -23.85 -8.22
CA LEU I 417 -22.72 -23.91 -7.81
C LEU I 417 -21.87 -22.97 -8.63
N THR I 418 -22.07 -22.98 -9.95
CA THR I 418 -21.28 -22.12 -10.82
C THR I 418 -21.51 -20.66 -10.47
N ASN I 419 -22.76 -20.27 -10.25
CA ASN I 419 -23.07 -18.90 -9.88
C ASN I 419 -22.35 -18.53 -8.59
N ALA I 420 -22.39 -19.41 -7.60
CA ALA I 420 -21.72 -19.12 -6.34
C ALA I 420 -20.22 -18.97 -6.53
N ILE I 421 -19.65 -19.63 -7.53
CA ILE I 421 -18.21 -19.64 -7.71
C ILE I 421 -17.77 -18.48 -8.60
N THR I 422 -18.34 -18.41 -9.80
CA THR I 422 -17.85 -17.48 -10.81
C THR I 422 -17.87 -16.04 -10.32
N THR I 423 -18.80 -15.70 -9.42
CA THR I 423 -18.94 -14.31 -9.01
C THR I 423 -17.83 -13.83 -8.10
N ILE I 424 -16.85 -14.67 -7.78
CA ILE I 424 -15.77 -14.24 -6.91
C ILE I 424 -14.79 -13.38 -7.70
N SER I 425 -14.49 -12.19 -7.17
CA SER I 425 -13.54 -11.30 -7.81
C SER I 425 -12.13 -11.86 -7.74
N GLU I 426 -11.33 -11.57 -8.76
CA GLU I 426 -9.92 -11.90 -8.73
C GLU I 426 -9.16 -10.98 -9.66
N SER I 427 -7.86 -10.87 -9.43
CA SER I 427 -7.02 -10.11 -10.32
C SER I 427 -6.81 -10.86 -11.62
N THR I 428 -6.83 -10.14 -12.73
CA THR I 428 -6.68 -10.73 -14.05
C THR I 428 -5.22 -10.84 -14.47
N THR I 429 -4.29 -10.38 -13.66
CA THR I 429 -2.88 -10.35 -14.02
C THR I 429 -2.11 -11.58 -13.56
N GLN I 430 -2.74 -12.46 -12.80
CA GLN I 430 -2.07 -13.68 -12.38
C GLN I 430 -2.06 -14.69 -13.51
N THR I 431 -1.02 -15.51 -13.55
CA THR I 431 -0.88 -16.49 -14.60
C THR I 431 -1.72 -17.73 -14.40
N ILE I 432 -2.20 -17.98 -13.18
CA ILE I 432 -3.07 -19.12 -12.91
C ILE I 432 -4.27 -18.63 -12.11
N SER I 433 -5.47 -18.94 -12.60
CA SER I 433 -6.70 -18.61 -11.89
C SER I 433 -7.32 -19.89 -11.36
N PRO I 434 -7.37 -20.07 -10.03
CA PRO I 434 -7.97 -21.30 -9.51
C PRO I 434 -9.40 -21.50 -9.94
N ILE I 435 -10.15 -20.43 -10.18
CA ILE I 435 -11.54 -20.54 -10.57
C ILE I 435 -11.67 -21.34 -11.85
N SER I 436 -10.85 -21.01 -12.85
CA SER I 436 -10.93 -21.71 -14.12
C SER I 436 -10.62 -23.18 -13.94
N GLU I 437 -9.62 -23.49 -13.11
CA GLU I 437 -9.23 -24.88 -12.93
C GLU I 437 -10.35 -25.69 -12.30
N ILE I 438 -10.91 -25.19 -11.20
CA ILE I 438 -11.93 -25.96 -10.50
C ILE I 438 -13.16 -26.13 -11.37
N LEU I 439 -13.48 -25.11 -12.18
CA LEU I 439 -14.55 -25.27 -13.17
C LEU I 439 -14.19 -26.37 -14.15
N ARG I 440 -12.95 -26.36 -14.65
CA ARG I 440 -12.52 -27.37 -15.60
C ARG I 440 -12.54 -28.77 -15.00
N LEU I 441 -12.49 -28.87 -13.68
CA LEU I 441 -12.44 -30.20 -13.06
C LEU I 441 -13.81 -30.84 -12.99
N LEU I 442 -14.84 -30.08 -12.61
CA LEU I 442 -16.16 -30.64 -12.42
C LEU I 442 -17.09 -30.40 -13.61
N GLN I 443 -16.68 -29.59 -14.57
CA GLN I 443 -17.48 -29.37 -15.77
C GLN I 443 -17.68 -30.63 -16.61
N PRO I 444 -16.65 -31.46 -16.85
CA PRO I 444 -16.82 -32.60 -17.75
C PRO I 444 -17.96 -33.50 -17.32
N MET I 445 -18.72 -33.97 -18.32
CA MET I 445 -19.94 -34.74 -18.11
C MET I 445 -20.86 -34.02 -17.13
N GLY I 446 -21.28 -32.81 -17.53
CA GLY I 446 -22.11 -31.99 -16.66
C GLY I 446 -23.61 -32.16 -16.80
N ASN I 447 -24.05 -33.27 -17.35
CA ASN I 447 -25.48 -33.56 -17.39
C ASN I 447 -25.75 -35.05 -17.20
N ASP I 448 -25.07 -35.67 -16.24
CA ASP I 448 -25.29 -37.09 -15.96
C ASP I 448 -25.97 -37.31 -14.61
N TYR I 449 -25.34 -36.88 -13.51
CA TYR I 449 -25.95 -36.91 -12.19
C TYR I 449 -26.56 -38.26 -11.86
N ALA I 450 -26.03 -39.32 -12.43
CA ALA I 450 -26.56 -40.66 -12.21
C ALA I 450 -25.82 -41.41 -11.12
N ALA I 451 -24.53 -41.11 -10.93
CA ALA I 451 -23.77 -41.79 -9.89
C ALA I 451 -24.41 -41.59 -8.53
N PHE I 452 -24.99 -40.42 -8.30
CA PHE I 452 -25.63 -40.14 -7.03
C PHE I 452 -26.71 -41.16 -6.72
N TRP I 453 -27.59 -41.40 -7.68
CA TRP I 453 -28.67 -42.37 -7.46
C TRP I 453 -28.12 -43.78 -7.37
N LYS I 454 -27.07 -44.08 -8.14
CA LYS I 454 -26.48 -45.41 -8.07
C LYS I 454 -25.95 -45.68 -6.66
N CYS I 455 -25.27 -44.69 -6.08
CA CYS I 455 -24.75 -44.86 -4.73
C CYS I 455 -25.87 -45.11 -3.74
N ILE I 456 -26.96 -44.35 -3.85
CA ILE I 456 -28.07 -44.53 -2.93
C ILE I 456 -28.68 -45.92 -3.10
N ALA I 457 -28.91 -46.32 -4.35
CA ALA I 457 -29.54 -47.61 -4.59
C ALA I 457 -28.68 -48.75 -4.10
N SER I 458 -27.35 -48.64 -4.28
CA SER I 458 -26.46 -49.72 -3.88
C SER I 458 -26.61 -50.05 -2.40
N TRP I 459 -26.94 -49.06 -1.58
CA TRP I 459 -27.11 -49.32 -0.16
C TRP I 459 -28.17 -50.38 0.10
N ALA I 460 -29.16 -50.46 -0.77
CA ALA I 460 -30.19 -51.49 -0.62
C ALA I 460 -29.70 -52.87 -1.02
N TYR I 461 -28.51 -52.98 -1.60
CA TYR I 461 -28.01 -54.27 -2.03
C TYR I 461 -26.52 -54.42 -1.73
N ASN I 462 -26.05 -53.79 -0.65
CA ASN I 462 -24.64 -53.87 -0.32
C ASN I 462 -24.18 -55.30 -0.12
N GLY I 463 -25.11 -56.22 0.19
CA GLY I 463 -24.75 -57.62 0.27
C GLY I 463 -24.37 -58.24 -1.06
N LEU I 464 -24.79 -57.62 -2.17
CA LEU I 464 -24.45 -58.12 -3.50
C LEU I 464 -23.30 -57.34 -4.12
N VAL I 465 -23.45 -56.03 -4.23
CA VAL I 465 -22.50 -55.20 -4.96
C VAL I 465 -22.09 -54.05 -4.07
N THR I 466 -20.89 -53.54 -4.29
CA THR I 466 -20.37 -52.40 -3.56
C THR I 466 -19.92 -51.33 -4.54
N THR I 467 -20.16 -50.08 -4.19
CA THR I 467 -19.71 -48.95 -4.99
C THR I 467 -18.31 -48.55 -4.56
N VAL I 468 -17.46 -48.27 -5.54
CA VAL I 468 -16.08 -47.89 -5.29
C VAL I 468 -15.76 -46.62 -6.05
N LEU I 469 -14.85 -45.83 -5.49
CA LEU I 469 -14.39 -44.64 -6.18
C LEU I 469 -13.57 -45.04 -7.39
N SER I 470 -13.92 -44.50 -8.55
CA SER I 470 -13.20 -44.84 -9.77
C SER I 470 -11.75 -44.39 -9.65
N GLU I 471 -10.83 -45.32 -9.94
CA GLU I 471 -9.41 -45.03 -9.79
C GLU I 471 -8.95 -43.92 -10.71
N ASP I 472 -9.71 -43.62 -11.77
CA ASP I 472 -9.36 -42.51 -12.64
C ASP I 472 -9.38 -41.19 -11.88
N ALA I 473 -10.37 -41.00 -11.02
CA ALA I 473 -10.49 -39.76 -10.27
C ALA I 473 -9.64 -39.79 -9.00
N PHE I 474 -8.35 -40.08 -9.18
CA PHE I 474 -7.41 -40.05 -8.07
C PHE I 474 -6.22 -39.18 -8.47
N PRO I 475 -5.71 -38.38 -7.54
CA PRO I 475 -4.50 -37.62 -7.84
C PRO I 475 -3.33 -38.55 -8.13
N ASP I 476 -2.51 -38.16 -9.10
CA ASP I 476 -1.32 -38.94 -9.40
C ASP I 476 -0.36 -38.88 -8.22
N SER I 477 0.02 -40.06 -7.72
CA SER I 477 0.90 -40.12 -6.56
C SER I 477 2.27 -39.49 -6.84
N SER I 478 2.63 -39.34 -8.12
CA SER I 478 3.88 -38.70 -8.46
C SER I 478 3.86 -37.20 -8.19
N GLN I 479 2.70 -36.61 -7.98
CA GLN I 479 2.56 -35.17 -7.88
C GLN I 479 2.81 -34.68 -6.47
N SER I 480 3.06 -33.39 -6.36
CA SER I 480 3.19 -32.73 -5.07
C SER I 480 1.85 -32.14 -4.64
N ILE I 481 1.81 -31.67 -3.39
CA ILE I 481 0.59 -31.04 -2.90
C ILE I 481 0.32 -29.73 -3.63
N THR I 482 1.38 -29.06 -4.08
CA THR I 482 1.22 -27.74 -4.68
C THR I 482 0.57 -27.78 -6.05
N HIS I 483 0.58 -28.94 -6.71
CA HIS I 483 -0.05 -29.06 -8.02
C HIS I 483 -1.55 -28.95 -7.86
N LEU I 484 -2.09 -27.77 -8.12
CA LEU I 484 -3.48 -27.46 -7.79
C LEU I 484 -4.49 -28.46 -8.33
N PRO I 485 -4.44 -28.88 -9.59
CA PRO I 485 -5.44 -29.86 -10.05
C PRO I 485 -5.45 -31.12 -9.21
N SER I 486 -4.28 -31.58 -8.77
CA SER I 486 -4.25 -32.71 -7.84
C SER I 486 -4.94 -32.35 -6.54
N MET I 487 -4.69 -31.14 -6.04
CA MET I 487 -5.25 -30.74 -4.75
C MET I 487 -6.77 -30.75 -4.79
N TRP I 488 -7.35 -30.20 -5.86
CA TRP I 488 -8.81 -30.18 -5.96
C TRP I 488 -9.38 -31.58 -5.97
N LYS I 489 -8.78 -32.49 -6.75
CA LYS I 489 -9.29 -33.84 -6.81
C LYS I 489 -9.22 -34.51 -5.44
N CYS I 490 -8.16 -34.24 -4.69
CA CYS I 490 -8.08 -34.76 -3.33
C CYS I 490 -9.24 -34.28 -2.49
N LEU I 491 -9.61 -33.01 -2.66
CA LEU I 491 -10.76 -32.48 -1.92
C LEU I 491 -12.04 -33.21 -2.30
N PHE I 492 -12.28 -33.39 -3.60
CA PHE I 492 -13.51 -34.03 -4.04
C PHE I 492 -13.59 -35.46 -3.52
N LEU I 493 -12.47 -36.18 -3.56
CA LEU I 493 -12.46 -37.53 -2.99
C LEU I 493 -12.91 -37.50 -1.55
N THR I 494 -12.40 -36.54 -0.78
CA THR I 494 -12.78 -36.43 0.62
C THR I 494 -14.27 -36.16 0.77
N LEU I 495 -14.81 -35.24 -0.03
CA LEU I 495 -16.21 -34.90 0.11
C LEU I 495 -17.11 -36.07 -0.24
N ALA I 496 -16.79 -36.78 -1.31
CA ALA I 496 -17.65 -37.85 -1.81
C ALA I 496 -17.38 -39.19 -1.14
N GLY I 497 -16.43 -39.24 -0.22
CA GLY I 497 -16.06 -40.48 0.43
C GLY I 497 -17.22 -41.24 1.04
N PRO I 498 -17.90 -40.65 2.02
CA PRO I 498 -18.93 -41.39 2.75
C PRO I 498 -20.06 -41.90 1.88
N MET I 499 -20.31 -41.29 0.74
CA MET I 499 -21.43 -41.71 -0.08
C MET I 499 -21.24 -43.05 -0.72
N THR I 500 -20.17 -43.80 -0.48
CA THR I 500 -19.96 -45.10 -1.09
C THR I 500 -20.07 -46.19 -0.04
N SER I 501 -20.33 -47.40 -0.52
CA SER I 501 -20.49 -48.56 0.36
C SER I 501 -19.18 -49.30 0.59
N ASP I 502 -18.09 -48.87 -0.01
CA ASP I 502 -16.83 -49.58 0.11
C ASP I 502 -16.28 -49.40 1.52
N PRO I 503 -16.06 -50.49 2.26
CA PRO I 503 -15.45 -50.33 3.59
C PRO I 503 -14.08 -49.69 3.56
N HIS I 504 -13.35 -49.83 2.45
CA HIS I 504 -12.02 -49.26 2.34
C HIS I 504 -12.04 -47.81 1.92
N SER I 505 -13.22 -47.19 1.82
CA SER I 505 -13.27 -45.79 1.44
C SER I 505 -12.47 -44.89 2.37
N PRO I 506 -12.58 -44.98 3.69
CA PRO I 506 -11.84 -44.03 4.53
C PRO I 506 -10.34 -44.11 4.32
N VAL I 507 -9.75 -45.31 4.43
CA VAL I 507 -8.30 -45.43 4.31
C VAL I 507 -7.84 -44.95 2.95
N LYS I 508 -8.63 -45.22 1.90
CA LYS I 508 -8.28 -44.73 0.57
C LYS I 508 -8.23 -43.21 0.55
N VAL I 509 -9.24 -42.58 1.16
CA VAL I 509 -9.24 -41.12 1.22
C VAL I 509 -8.00 -40.63 1.97
N PHE I 510 -7.67 -41.28 3.08
CA PHE I 510 -6.52 -40.85 3.86
C PHE I 510 -5.24 -40.95 3.04
N MET I 511 -5.02 -42.08 2.37
CA MET I 511 -3.79 -42.25 1.61
C MET I 511 -3.71 -41.29 0.45
N ALA I 512 -4.85 -40.89 -0.11
CA ALA I 512 -4.84 -39.97 -1.24
C ALA I 512 -4.10 -38.70 -0.88
N LEU I 513 -4.41 -38.13 0.27
CA LEU I 513 -3.67 -36.96 0.73
C LEU I 513 -2.24 -37.34 1.10
N ALA I 514 -2.06 -38.49 1.75
CA ALA I 514 -0.74 -38.89 2.20
C ALA I 514 0.23 -39.01 1.04
N ASN I 515 -0.25 -39.40 -0.14
CA ASN I 515 0.62 -39.45 -1.30
C ASN I 515 1.18 -38.08 -1.63
N LEU I 516 0.35 -37.05 -1.53
CA LEU I 516 0.79 -35.71 -1.87
C LEU I 516 1.74 -35.12 -0.85
N LEU I 517 1.71 -35.61 0.39
CA LEU I 517 2.54 -35.08 1.45
C LEU I 517 3.69 -36.00 1.80
N ALA I 518 4.01 -36.96 0.93
CA ALA I 518 5.09 -37.90 1.21
C ALA I 518 6.41 -37.18 1.39
N GLN I 519 6.58 -36.03 0.73
CA GLN I 519 7.85 -35.31 0.86
C GLN I 519 7.99 -34.64 2.23
N PRO I 520 7.09 -33.73 2.63
CA PRO I 520 7.34 -33.01 3.88
C PRO I 520 6.93 -33.78 5.14
N GLU I 521 5.88 -34.60 5.04
CA GLU I 521 5.31 -35.25 6.21
C GLU I 521 5.26 -36.75 6.00
N PRO I 522 6.29 -37.47 6.45
CA PRO I 522 6.31 -38.93 6.33
C PRO I 522 5.58 -39.62 7.47
N ILE I 523 5.01 -40.79 7.14
CA ILE I 523 4.34 -41.64 8.12
C ILE I 523 4.75 -43.08 7.85
N ALA I 524 4.43 -43.95 8.81
CA ALA I 524 4.80 -45.35 8.72
C ALA I 524 3.72 -46.15 8.02
N ILE I 525 4.15 -47.09 7.18
CA ILE I 525 3.25 -48.02 6.50
C ILE I 525 3.59 -49.42 6.99
N GLY I 526 2.58 -50.13 7.48
CA GLY I 526 2.82 -51.38 8.16
C GLY I 526 3.42 -52.47 7.30
N VAL I 527 2.66 -52.99 6.35
CA VAL I 527 3.12 -54.16 5.58
C VAL I 527 4.33 -53.77 4.74
N PRO I 528 5.37 -54.58 4.68
CA PRO I 528 6.50 -54.27 3.81
C PRO I 528 6.10 -54.32 2.35
N GLY I 529 6.89 -53.63 1.53
CA GLY I 529 6.62 -53.54 0.12
C GLY I 529 5.64 -52.48 -0.29
N MET I 530 5.13 -51.69 0.66
CA MET I 530 4.24 -50.59 0.36
C MET I 530 4.81 -49.31 0.93
N HIS I 531 4.73 -48.23 0.16
CA HIS I 531 5.33 -46.96 0.55
C HIS I 531 4.28 -45.87 0.49
N GLN I 532 4.62 -44.74 1.11
CA GLN I 532 3.68 -43.62 1.17
C GLN I 532 3.31 -43.11 -0.20
N THR I 533 4.11 -43.40 -1.22
CA THR I 533 3.81 -42.98 -2.58
C THR I 533 3.09 -44.04 -3.38
N THR I 534 2.75 -45.16 -2.78
CA THR I 534 1.99 -46.18 -3.47
C THR I 534 0.64 -45.59 -3.88
N PRO I 535 0.14 -45.91 -5.08
CA PRO I 535 -1.19 -45.42 -5.47
C PRO I 535 -2.25 -45.75 -4.43
N ALA I 536 -2.95 -44.71 -3.96
CA ALA I 536 -3.86 -44.89 -2.84
C ALA I 536 -4.93 -45.91 -3.14
N SER I 537 -5.30 -46.06 -4.42
CA SER I 537 -6.36 -46.99 -4.78
C SER I 537 -5.99 -48.43 -4.52
N GLN I 538 -4.72 -48.72 -4.26
CA GLN I 538 -4.32 -50.10 -4.00
C GLN I 538 -4.62 -50.56 -2.59
N PHE I 539 -4.86 -49.65 -1.66
CA PHE I 539 -5.14 -50.01 -0.27
C PHE I 539 -6.56 -50.55 -0.20
N SER I 540 -6.69 -51.83 -0.54
CA SER I 540 -7.98 -52.50 -0.59
C SER I 540 -7.93 -53.82 0.16
N HIS I 541 -7.39 -53.79 1.37
CA HIS I 541 -7.28 -54.97 2.17
C HIS I 541 -7.21 -54.55 3.63
N PRO I 542 -8.00 -55.16 4.50
CA PRO I 542 -8.01 -54.72 5.91
C PRO I 542 -6.64 -54.82 6.55
N GLY I 543 -5.80 -55.72 6.09
CA GLY I 543 -4.49 -55.88 6.68
C GLY I 543 -3.45 -54.87 6.29
N VAL I 544 -3.78 -53.92 5.42
CA VAL I 544 -2.82 -52.92 4.98
C VAL I 544 -3.11 -51.55 5.55
N TRP I 545 -4.06 -51.45 6.46
CA TRP I 545 -4.39 -50.16 7.03
C TRP I 545 -3.20 -49.62 7.82
N PRO I 546 -2.74 -48.41 7.54
CA PRO I 546 -1.56 -47.89 8.22
C PRO I 546 -1.78 -47.80 9.72
N PRO I 547 -0.76 -48.13 10.50
CA PRO I 547 -0.92 -48.09 11.96
C PRO I 547 -1.34 -46.72 12.46
N GLY I 548 -0.78 -45.66 11.87
CA GLY I 548 -1.18 -44.33 12.29
C GLY I 548 -2.65 -44.06 12.07
N PHE I 549 -3.19 -44.56 10.96
CA PHE I 549 -4.61 -44.40 10.69
C PHE I 549 -5.45 -45.12 11.74
N LEU I 550 -4.95 -46.24 12.26
CA LEU I 550 -5.68 -46.93 13.31
C LEU I 550 -5.59 -46.18 14.64
N ASN I 551 -4.47 -45.53 14.90
CA ASN I 551 -4.25 -44.82 16.15
C ASN I 551 -3.51 -43.53 15.85
N PRO I 552 -4.21 -42.40 15.75
CA PRO I 552 -3.55 -41.15 15.36
C PRO I 552 -2.48 -40.71 16.33
N GLN I 553 -2.49 -41.19 17.57
CA GLN I 553 -1.49 -40.76 18.53
C GLN I 553 -0.09 -41.18 18.14
N LEU I 554 0.05 -42.18 17.27
CA LEU I 554 1.38 -42.58 16.83
C LEU I 554 2.04 -41.49 15.99
N ILE I 555 1.25 -40.72 15.26
CA ILE I 555 1.81 -39.67 14.41
C ILE I 555 2.24 -38.52 15.30
N ASN I 556 3.52 -38.22 15.29
CA ASN I 556 4.02 -37.11 16.08
C ASN I 556 3.55 -35.79 15.50
N PRO I 557 2.97 -34.90 16.30
CA PRO I 557 2.48 -33.63 15.74
C PRO I 557 3.55 -32.82 15.07
N GLN I 558 4.76 -32.79 15.63
CA GLN I 558 5.81 -31.94 15.11
C GLN I 558 6.42 -32.45 13.82
N GLN I 559 6.14 -33.69 13.44
CA GLN I 559 6.65 -34.23 12.19
C GLN I 559 5.62 -34.17 11.07
N ALA I 560 4.37 -34.52 11.35
CA ALA I 560 3.32 -34.53 10.34
C ALA I 560 2.06 -33.87 10.92
N PRO I 561 2.09 -32.56 11.10
CA PRO I 561 0.91 -31.89 11.69
C PRO I 561 -0.36 -32.12 10.91
N LEU I 562 -0.31 -31.98 9.58
CA LEU I 562 -1.52 -32.07 8.78
C LEU I 562 -2.08 -33.48 8.80
N LEU I 563 -1.22 -34.48 8.56
CA LEU I 563 -1.72 -35.84 8.46
C LEU I 563 -2.36 -36.30 9.75
N ARG I 564 -1.76 -35.95 10.88
CA ARG I 564 -2.40 -36.27 12.16
C ARG I 564 -3.75 -35.58 12.26
N ALA I 565 -3.83 -34.31 11.87
CA ALA I 565 -5.10 -33.61 11.89
C ALA I 565 -6.10 -34.28 10.94
N PHE I 566 -5.64 -34.68 9.77
CA PHE I 566 -6.53 -35.32 8.81
C PHE I 566 -7.08 -36.63 9.38
N ALA I 567 -6.22 -37.43 9.97
CA ALA I 567 -6.66 -38.71 10.53
C ALA I 567 -7.68 -38.50 11.64
N GLU I 568 -7.41 -37.53 12.52
CA GLU I 568 -8.37 -37.24 13.58
C GLU I 568 -9.69 -36.77 12.99
N HIS I 569 -9.63 -35.93 11.97
CA HIS I 569 -10.86 -35.42 11.36
C HIS I 569 -11.70 -36.57 10.81
N ILE I 570 -11.05 -37.51 10.12
CA ILE I 570 -11.78 -38.61 9.53
C ILE I 570 -12.40 -39.50 10.60
N ARG I 571 -11.60 -39.90 11.59
CA ARG I 571 -12.11 -40.78 12.62
C ARG I 571 -13.21 -40.13 13.44
N ALA I 572 -13.25 -38.81 13.49
CA ALA I 572 -14.23 -38.14 14.32
C ALA I 572 -15.51 -37.79 13.58
N ASN I 573 -15.42 -37.50 12.29
CA ASN I 573 -16.57 -36.96 11.56
C ASN I 573 -17.17 -37.91 10.55
N TRP I 574 -16.65 -39.12 10.43
CA TRP I 574 -17.26 -40.06 9.50
C TRP I 574 -18.65 -40.42 10.00
N PRO I 575 -19.66 -40.44 9.13
CA PRO I 575 -21.04 -40.60 9.60
C PRO I 575 -21.27 -41.91 10.34
N GLN I 576 -22.37 -41.96 11.06
CA GLN I 576 -22.72 -43.11 11.88
C GLN I 576 -23.85 -43.89 11.24
N PRO I 577 -23.69 -45.17 10.98
CA PRO I 577 -24.78 -45.96 10.42
C PRO I 577 -25.99 -45.99 11.34
N SER I 578 -27.16 -46.10 10.74
CA SER I 578 -28.41 -46.12 11.48
C SER I 578 -29.33 -47.15 10.84
N GLU I 579 -30.62 -47.10 11.19
CA GLU I 579 -31.52 -48.19 10.84
C GLU I 579 -32.94 -47.64 10.77
N PHE I 580 -33.80 -48.38 10.07
CA PHE I 580 -35.22 -48.07 10.03
C PHE I 580 -35.97 -49.31 9.56
N GLY I 581 -37.29 -49.27 9.75
CA GLY I 581 -38.16 -50.37 9.38
C GLY I 581 -38.82 -50.17 8.02
N TYR I 582 -39.38 -51.26 7.51
CA TYR I 582 -40.04 -51.24 6.21
C TYR I 582 -40.98 -52.42 6.12
N GLY I 583 -41.88 -52.37 5.14
CA GLY I 583 -42.78 -53.47 4.92
C GLY I 583 -43.77 -53.62 6.06
N SER I 584 -44.35 -54.81 6.15
CA SER I 584 -45.33 -55.12 7.17
C SER I 584 -44.98 -56.43 7.83
N THR I 585 -44.98 -56.44 9.17
CA THR I 585 -44.72 -57.68 9.90
C THR I 585 -45.79 -58.73 9.61
N LEU I 586 -47.02 -58.30 9.39
CA LEU I 586 -48.09 -59.25 9.09
C LEU I 586 -47.78 -60.02 7.81
N GLN I 587 -47.06 -59.41 6.88
CA GLN I 587 -46.73 -60.07 5.63
C GLN I 587 -45.43 -60.85 5.70
N GLY I 588 -44.57 -60.56 6.67
CA GLY I 588 -43.26 -61.17 6.72
C GLY I 588 -42.25 -60.40 5.90
N SER I 589 -41.03 -60.91 5.89
CA SER I 589 -39.95 -60.26 5.17
C SER I 589 -38.96 -61.30 4.68
N ALA I 590 -38.20 -60.92 3.66
CA ALA I 590 -37.20 -61.80 3.06
C ALA I 590 -35.79 -61.49 3.54
N ASN I 591 -35.65 -60.70 4.60
CA ASN I 591 -34.33 -60.38 5.13
C ASN I 591 -33.62 -61.66 5.56
N LEU I 592 -32.35 -61.77 5.20
CA LEU I 592 -31.53 -62.89 5.65
C LEU I 592 -30.73 -62.56 6.90
N PHE I 593 -29.80 -61.61 6.80
CA PHE I 593 -28.95 -61.33 7.94
C PHE I 593 -29.55 -60.25 8.84
N ILE I 594 -30.11 -59.21 8.25
CA ILE I 594 -30.78 -58.16 9.02
C ILE I 594 -32.06 -58.74 9.60
N PRO I 595 -32.47 -58.33 10.80
CA PRO I 595 -33.76 -58.78 11.31
C PRO I 595 -34.88 -58.37 10.38
N PRO I 596 -35.95 -59.15 10.32
CA PRO I 596 -36.98 -58.93 9.29
C PRO I 596 -37.62 -57.56 9.41
N ASN I 597 -38.04 -57.05 8.26
CA ASN I 597 -38.75 -55.77 8.14
C ASN I 597 -37.91 -54.59 8.61
N ARG I 598 -36.60 -54.76 8.67
CA ARG I 598 -35.70 -53.68 9.03
C ARG I 598 -34.69 -53.45 7.92
N MET I 599 -34.15 -52.25 7.85
CA MET I 599 -33.12 -51.91 6.90
C MET I 599 -32.05 -51.06 7.58
N VAL I 600 -30.81 -51.28 7.17
CA VAL I 600 -29.69 -50.52 7.70
C VAL I 600 -29.40 -49.37 6.77
N TYR I 601 -28.70 -48.36 7.28
CA TYR I 601 -28.55 -47.12 6.59
C TYR I 601 -27.22 -46.48 6.97
N PRO I 602 -26.39 -46.11 5.98
CA PRO I 602 -25.05 -45.60 6.31
C PRO I 602 -25.05 -44.32 7.13
N TRP I 603 -26.05 -43.47 6.94
CA TRP I 603 -26.15 -42.20 7.64
C TRP I 603 -27.13 -42.30 8.79
N PRO I 604 -27.09 -41.36 9.72
CA PRO I 604 -28.19 -41.24 10.69
C PRO I 604 -29.46 -40.82 9.96
N ASN I 605 -30.59 -41.21 10.55
CA ASN I 605 -31.88 -40.96 9.92
C ASN I 605 -32.88 -40.48 10.96
N GLN I 606 -33.96 -39.90 10.47
CA GLN I 606 -35.01 -39.33 11.30
C GLN I 606 -36.35 -39.66 10.68
N PRO I 607 -37.42 -39.63 11.47
CA PRO I 607 -38.76 -39.77 10.89
C PRO I 607 -39.09 -38.60 9.99
N LEU I 608 -40.07 -38.80 9.13
CA LEU I 608 -40.45 -37.78 8.17
C LEU I 608 -40.91 -36.52 8.91
N PRO I 609 -40.46 -35.35 8.49
CA PRO I 609 -40.86 -34.12 9.18
C PRO I 609 -42.35 -33.86 9.02
N ARG I 610 -42.85 -32.94 9.84
CA ARG I 610 -44.28 -32.69 9.89
C ARG I 610 -44.71 -31.57 8.94
N LEU I 611 -44.20 -30.37 9.14
CA LEU I 611 -44.59 -29.22 8.33
C LEU I 611 -43.59 -29.05 7.19
N THR I 612 -43.60 -27.88 6.55
CA THR I 612 -42.76 -27.62 5.39
C THR I 612 -41.29 -27.84 5.72
N VAL I 613 -40.53 -28.25 4.70
CA VAL I 613 -39.09 -28.44 4.83
C VAL I 613 -38.36 -27.14 4.63
N ALA I 614 -37.08 -27.12 4.96
CA ALA I 614 -36.19 -25.99 4.72
C ALA I 614 -34.75 -26.48 4.86
N PRO I 615 -33.80 -25.84 4.19
CA PRO I 615 -32.40 -26.23 4.37
C PRO I 615 -31.98 -26.08 5.82
N THR I 616 -31.19 -27.03 6.30
CA THR I 616 -30.70 -27.00 7.67
C THR I 616 -29.19 -27.19 7.65
N TYR I 617 -28.59 -27.11 8.84
CA TYR I 617 -27.13 -27.10 8.92
C TYR I 617 -26.60 -27.95 10.06
N ASP I 618 -27.42 -28.79 10.68
CA ASP I 618 -26.96 -29.66 11.74
C ASP I 618 -26.97 -31.12 11.36
N SER I 619 -27.32 -31.44 10.11
CA SER I 619 -27.30 -32.81 9.66
C SER I 619 -25.87 -33.34 9.64
N ALA I 620 -25.76 -34.67 9.64
CA ALA I 620 -24.44 -35.29 9.62
C ALA I 620 -23.67 -34.87 8.39
N MET I 621 -24.31 -34.91 7.22
CA MET I 621 -23.61 -34.59 5.99
C MET I 621 -23.12 -33.16 5.99
N SER I 622 -23.99 -32.23 6.40
CA SER I 622 -23.59 -30.83 6.43
C SER I 622 -22.39 -30.63 7.36
N ASN I 623 -22.41 -31.30 8.52
CA ASN I 623 -21.27 -31.25 9.41
C ASN I 623 -20.02 -31.80 8.73
N TRP I 624 -20.17 -32.92 8.04
CA TRP I 624 -19.03 -33.51 7.34
C TRP I 624 -18.48 -32.54 6.31
N ILE I 625 -19.36 -31.86 5.59
CA ILE I 625 -18.91 -30.92 4.57
C ILE I 625 -18.14 -29.79 5.22
N SER I 626 -18.70 -29.18 6.26
CA SER I 626 -18.09 -28.00 6.86
C SER I 626 -16.70 -28.31 7.39
N THR I 627 -16.57 -29.40 8.14
CA THR I 627 -15.28 -29.73 8.73
C THR I 627 -14.24 -30.02 7.65
N THR I 628 -14.64 -30.77 6.62
CA THR I 628 -13.72 -31.08 5.54
C THR I 628 -13.20 -29.80 4.90
N ILE I 629 -14.10 -28.87 4.57
CA ILE I 629 -13.68 -27.61 3.98
C ILE I 629 -12.75 -26.87 4.92
N ALA I 630 -13.13 -26.81 6.21
CA ALA I 630 -12.30 -26.11 7.18
C ALA I 630 -10.91 -26.70 7.23
N PHE I 631 -10.80 -28.03 7.18
CA PHE I 631 -9.51 -28.66 7.21
C PHE I 631 -8.68 -28.28 5.99
N PHE I 632 -9.27 -28.39 4.80
CA PHE I 632 -8.52 -28.07 3.59
C PHE I 632 -8.09 -26.62 3.58
N ILE I 633 -8.92 -25.73 4.12
CA ILE I 633 -8.52 -24.34 4.25
C ILE I 633 -7.28 -24.23 5.12
N ARG I 634 -7.25 -24.99 6.22
CA ARG I 634 -6.04 -25.02 7.04
C ARG I 634 -4.86 -25.52 6.23
N VAL I 635 -5.08 -26.47 5.33
CA VAL I 635 -3.99 -26.98 4.51
C VAL I 635 -3.45 -25.90 3.59
N VAL I 636 -4.34 -25.20 2.89
CA VAL I 636 -3.88 -24.21 1.92
C VAL I 636 -3.17 -23.07 2.62
N ASN I 637 -3.44 -22.85 3.90
CA ASN I 637 -2.72 -21.85 4.67
C ASN I 637 -1.48 -22.42 5.34
N SER I 638 -1.22 -23.71 5.20
CA SER I 638 -0.05 -24.30 5.83
C SER I 638 1.22 -23.75 5.20
N VAL I 639 2.32 -23.87 5.95
CA VAL I 639 3.59 -23.29 5.52
C VAL I 639 4.05 -23.89 4.20
N ASN I 640 3.66 -25.14 3.93
CA ASN I 640 4.13 -25.80 2.73
C ASN I 640 3.67 -25.07 1.47
N MET I 641 2.42 -24.59 1.46
CA MET I 641 1.93 -23.86 0.31
C MET I 641 2.51 -22.47 0.23
N THR I 642 2.71 -21.82 1.39
CA THR I 642 3.11 -20.42 1.42
C THR I 642 4.42 -20.21 0.67
N ALA I 643 5.32 -21.19 0.70
CA ALA I 643 6.64 -21.00 0.11
C ALA I 643 6.55 -20.75 -1.39
N THR I 644 5.67 -21.47 -2.08
CA THR I 644 5.67 -21.47 -3.54
C THR I 644 4.36 -21.04 -4.15
N VAL I 645 3.42 -20.51 -3.36
CA VAL I 645 2.14 -20.06 -3.87
C VAL I 645 1.97 -18.59 -3.57
N ASN I 646 1.75 -17.80 -4.61
CA ASN I 646 1.47 -16.38 -4.42
C ASN I 646 0.21 -16.22 -3.60
N ASP I 647 0.28 -15.36 -2.57
CA ASP I 647 -0.80 -15.28 -1.60
C ASP I 647 -2.11 -14.84 -2.23
N LEU I 648 -2.05 -14.03 -3.29
CA LEU I 648 -3.27 -13.63 -3.97
C LEU I 648 -4.05 -14.85 -4.40
N THR I 649 -3.40 -15.77 -5.10
CA THR I 649 -4.05 -17.02 -5.47
C THR I 649 -4.48 -17.78 -4.23
N ARG I 650 -3.60 -17.84 -3.23
CA ARG I 650 -3.96 -18.48 -1.96
C ARG I 650 -5.21 -17.85 -1.38
N ARG I 651 -5.27 -16.51 -1.41
CA ARG I 651 -6.47 -15.83 -0.96
C ARG I 651 -7.67 -16.23 -1.80
N THR I 652 -7.47 -16.43 -3.09
CA THR I 652 -8.57 -16.85 -3.94
C THR I 652 -9.03 -18.25 -3.60
N MET I 653 -8.07 -19.18 -3.43
CA MET I 653 -8.44 -20.57 -3.19
C MET I 653 -9.25 -20.70 -1.91
N THR I 654 -8.80 -20.08 -0.83
CA THR I 654 -9.57 -20.13 0.40
C THR I 654 -10.92 -19.44 0.23
N GLY I 655 -11.00 -18.47 -0.66
CA GLY I 655 -12.26 -17.83 -0.93
C GLY I 655 -13.26 -18.79 -1.55
N VAL I 656 -12.87 -19.47 -2.61
CA VAL I 656 -13.81 -20.33 -3.32
C VAL I 656 -14.22 -21.50 -2.44
N MET I 657 -13.29 -22.02 -1.65
CA MET I 657 -13.65 -23.08 -0.71
C MET I 657 -14.65 -22.56 0.31
N THR I 658 -14.46 -21.33 0.78
CA THR I 658 -15.43 -20.74 1.69
C THR I 658 -16.80 -20.64 1.03
N ALA I 659 -16.83 -20.25 -0.25
CA ALA I 659 -18.09 -20.08 -0.93
C ALA I 659 -18.87 -21.39 -0.96
N MET I 660 -18.20 -22.49 -1.25
CA MET I 660 -18.87 -23.78 -1.29
C MET I 660 -19.48 -24.12 0.06
N ARG I 661 -18.74 -23.86 1.15
CA ARG I 661 -19.25 -24.19 2.46
C ARG I 661 -20.49 -23.39 2.82
N GLN I 662 -20.75 -22.29 2.13
CA GLN I 662 -21.88 -21.43 2.47
C GLN I 662 -23.09 -21.64 1.59
N VAL I 663 -23.01 -22.53 0.59
CA VAL I 663 -24.17 -22.77 -0.27
C VAL I 663 -25.25 -23.46 0.54
N LYS I 664 -26.47 -22.93 0.45
CA LYS I 664 -27.60 -23.49 1.20
C LYS I 664 -28.25 -24.61 0.40
N THR I 665 -27.52 -25.72 0.32
CA THR I 665 -28.01 -26.89 -0.39
C THR I 665 -29.08 -27.61 0.42
N MET I 666 -29.93 -28.34 -0.29
CA MET I 666 -31.00 -29.11 0.34
C MET I 666 -30.64 -30.57 0.57
N THR I 667 -29.66 -31.08 -0.17
CA THR I 667 -29.33 -32.50 -0.12
C THR I 667 -29.11 -33.05 1.29
N PRO I 668 -28.31 -32.43 2.15
CA PRO I 668 -28.08 -33.05 3.47
C PRO I 668 -29.35 -33.28 4.25
N PHE I 669 -30.31 -32.34 4.18
CA PHE I 669 -31.58 -32.56 4.84
C PHE I 669 -32.31 -33.73 4.23
N TYR I 670 -32.31 -33.81 2.90
CA TYR I 670 -33.03 -34.87 2.22
C TYR I 670 -32.49 -36.24 2.60
N ILE I 671 -31.16 -36.34 2.72
CA ILE I 671 -30.56 -37.62 3.09
C ILE I 671 -31.05 -38.07 4.45
N GLN I 672 -31.09 -37.15 5.41
CA GLN I 672 -31.38 -37.54 6.78
C GLN I 672 -32.86 -37.80 7.01
N HIS I 673 -33.74 -37.10 6.32
CA HIS I 673 -35.16 -37.12 6.66
C HIS I 673 -36.05 -37.78 5.64
N MET I 674 -35.78 -37.60 4.36
CA MET I 674 -36.73 -37.98 3.32
C MET I 674 -36.32 -39.20 2.53
N CYS I 675 -35.04 -39.33 2.19
CA CYS I 675 -34.58 -40.50 1.46
C CYS I 675 -34.94 -41.81 2.12
N PRO I 676 -34.80 -41.99 3.45
CA PRO I 676 -35.18 -43.28 4.03
C PRO I 676 -36.60 -43.70 3.73
N THR I 677 -37.54 -42.74 3.74
CA THR I 677 -38.92 -43.09 3.42
C THR I 677 -39.04 -43.62 2.01
N GLU I 678 -38.38 -42.96 1.06
CA GLU I 678 -38.45 -43.41 -0.32
C GLU I 678 -37.92 -44.83 -0.46
N LEU I 679 -36.80 -45.13 0.19
CA LEU I 679 -36.29 -46.49 0.17
C LEU I 679 -37.26 -47.46 0.81
N SER I 680 -37.81 -47.08 1.96
CA SER I 680 -38.68 -47.99 2.69
C SER I 680 -39.88 -48.38 1.87
N VAL I 681 -40.47 -47.43 1.15
CA VAL I 681 -41.62 -47.74 0.31
C VAL I 681 -41.20 -48.59 -0.88
N LEU I 682 -40.15 -48.16 -1.59
CA LEU I 682 -39.77 -48.85 -2.81
C LEU I 682 -39.32 -50.28 -2.56
N ALA I 683 -38.87 -50.58 -1.35
CA ALA I 683 -38.42 -51.93 -1.04
C ALA I 683 -39.53 -52.95 -1.28
N SER I 684 -40.79 -52.53 -1.13
CA SER I 684 -41.91 -53.42 -1.36
C SER I 684 -42.30 -53.51 -2.83
N VAL I 685 -41.62 -52.79 -3.70
CA VAL I 685 -42.03 -52.66 -5.09
C VAL I 685 -41.11 -53.42 -6.03
N THR I 686 -39.79 -53.35 -5.81
CA THR I 686 -38.86 -53.97 -6.72
C THR I 686 -39.08 -55.47 -6.79
N VAL I 687 -38.85 -56.03 -7.98
CA VAL I 687 -39.04 -57.46 -8.17
C VAL I 687 -38.13 -58.27 -7.27
N THR I 688 -37.02 -57.68 -6.83
CA THR I 688 -36.09 -58.36 -5.94
C THR I 688 -36.06 -57.60 -4.61
N PRO I 689 -36.41 -58.24 -3.51
CA PRO I 689 -36.38 -57.55 -2.22
C PRO I 689 -34.97 -57.13 -1.86
N PRO I 690 -34.82 -56.12 -1.00
CA PRO I 690 -33.49 -55.66 -0.63
C PRO I 690 -32.69 -56.77 0.04
N PHE I 691 -31.38 -56.69 -0.12
CA PHE I 691 -30.47 -57.73 0.37
C PHE I 691 -29.27 -57.02 1.00
N GLN I 692 -29.29 -56.90 2.33
CA GLN I 692 -28.35 -56.04 3.03
C GLN I 692 -27.48 -56.84 3.99
N VAL I 693 -26.38 -56.22 4.39
CA VAL I 693 -25.44 -56.77 5.35
C VAL I 693 -24.95 -55.59 6.18
N PRO I 694 -24.67 -55.76 7.47
CA PRO I 694 -24.48 -54.59 8.34
C PRO I 694 -23.39 -53.64 7.84
N PHE I 695 -23.66 -52.35 7.98
CA PHE I 695 -22.68 -51.32 7.68
C PHE I 695 -21.70 -51.20 8.84
N THR I 696 -20.49 -51.68 8.65
CA THR I 696 -19.44 -51.43 9.63
C THR I 696 -18.78 -50.09 9.34
N ARG I 697 -18.12 -49.57 10.36
CA ARG I 697 -17.54 -48.22 10.28
C ARG I 697 -16.22 -48.21 11.02
N LEU I 698 -15.12 -48.20 10.28
CA LEU I 698 -13.77 -47.96 10.80
C LEU I 698 -13.32 -49.02 11.79
N VAL I 699 -14.08 -50.10 11.96
CA VAL I 699 -13.67 -51.18 12.85
C VAL I 699 -12.93 -52.21 12.01
N GLN I 700 -11.60 -52.28 12.19
CA GLN I 700 -10.79 -53.12 11.32
C GLN I 700 -11.19 -54.58 11.42
N ASN I 701 -11.42 -55.07 12.64
CA ASN I 701 -11.77 -56.47 12.80
C ASN I 701 -13.15 -56.80 12.29
N ASP I 702 -14.00 -55.82 12.04
CA ASP I 702 -15.37 -56.07 11.61
C ASP I 702 -15.58 -55.87 10.13
N VAL I 703 -14.54 -55.53 9.38
CA VAL I 703 -14.69 -55.36 7.93
C VAL I 703 -15.13 -56.69 7.35
N ILE I 704 -16.27 -56.67 6.65
CA ILE I 704 -16.83 -57.88 6.06
C ILE I 704 -16.10 -58.14 4.76
N THR I 705 -15.29 -59.19 4.73
CA THR I 705 -14.54 -59.49 3.51
C THR I 705 -15.41 -60.17 2.47
N ASN I 706 -16.21 -61.15 2.88
CA ASN I 706 -16.94 -61.97 1.92
C ASN I 706 -18.36 -62.21 2.39
N VAL I 707 -19.29 -62.21 1.44
CA VAL I 707 -20.66 -62.66 1.66
C VAL I 707 -20.83 -63.97 0.91
N LEU I 708 -21.33 -64.99 1.59
CA LEU I 708 -21.22 -66.36 1.12
C LEU I 708 -22.57 -67.06 1.12
N VAL I 709 -22.72 -68.00 0.19
CA VAL I 709 -23.90 -68.84 0.07
C VAL I 709 -23.45 -70.20 -0.43
N ALA I 710 -24.14 -71.24 0.00
CA ALA I 710 -23.80 -72.61 -0.36
C ALA I 710 -25.03 -73.38 -0.80
N ARG I 711 -24.84 -74.24 -1.80
CA ARG I 711 -25.89 -75.15 -2.25
C ARG I 711 -25.83 -76.49 -1.57
N VAL I 712 -24.72 -76.81 -0.92
CA VAL I 712 -24.43 -78.16 -0.45
C VAL I 712 -24.21 -78.11 1.05
N ASP I 713 -24.88 -79.01 1.77
CA ASP I 713 -24.61 -79.17 3.19
C ASP I 713 -23.17 -79.60 3.38
N PRO I 714 -22.33 -78.74 3.96
CA PRO I 714 -20.92 -79.10 4.13
C PRO I 714 -20.69 -80.22 5.10
N ALA I 715 -21.70 -80.61 5.88
CA ALA I 715 -21.49 -81.64 6.88
C ALA I 715 -21.40 -83.03 6.23
N GLN I 716 -22.22 -83.29 5.22
CA GLN I 716 -22.26 -84.62 4.63
C GLN I 716 -20.90 -85.01 4.08
N ARG I 717 -20.40 -84.26 3.11
CA ARG I 717 -19.01 -84.40 2.73
C ARG I 717 -18.14 -83.95 3.90
N GLY I 718 -16.92 -84.47 3.96
CA GLY I 718 -16.08 -84.20 5.10
C GLY I 718 -15.56 -82.78 5.14
N ASP I 719 -16.46 -81.82 5.29
CA ASP I 719 -16.12 -80.40 5.28
C ASP I 719 -16.65 -79.72 6.53
N ALA I 720 -16.40 -80.32 7.69
CA ALA I 720 -16.86 -79.72 8.94
C ALA I 720 -15.99 -78.56 9.36
N ALA I 721 -14.70 -78.79 9.55
CA ALA I 721 -13.78 -77.78 10.04
C ALA I 721 -13.12 -76.98 8.93
N VAL I 722 -13.51 -77.22 7.68
CA VAL I 722 -12.91 -76.50 6.57
C VAL I 722 -13.24 -75.01 6.68
N ASP I 723 -12.35 -74.18 6.14
CA ASP I 723 -12.62 -72.75 6.09
C ASP I 723 -13.92 -72.48 5.35
N ILE I 724 -14.64 -71.46 5.83
CA ILE I 724 -15.94 -71.15 5.26
C ILE I 724 -15.81 -70.80 3.78
N ARG I 725 -14.74 -70.11 3.42
CA ARG I 725 -14.58 -69.67 2.04
C ARG I 725 -14.47 -70.86 1.08
N ALA I 726 -13.95 -71.97 1.55
CA ALA I 726 -13.85 -73.15 0.70
C ALA I 726 -15.15 -73.93 0.62
N THR I 727 -16.15 -73.59 1.44
CA THR I 727 -17.38 -74.34 1.48
C THR I 727 -18.58 -73.58 0.94
N HIS I 728 -18.43 -72.30 0.63
CA HIS I 728 -19.53 -71.50 0.13
C HIS I 728 -19.09 -70.70 -1.08
N ALA I 729 -20.05 -70.28 -1.88
CA ALA I 729 -19.79 -69.43 -3.02
C ALA I 729 -19.77 -67.97 -2.59
N THR I 730 -18.98 -67.17 -3.29
CA THR I 730 -18.79 -65.76 -2.95
C THR I 730 -19.36 -64.87 -4.04
N PHE I 731 -19.88 -63.73 -3.62
CA PHE I 731 -20.34 -62.71 -4.56
C PHE I 731 -19.18 -61.80 -4.96
N ALA I 732 -19.28 -61.25 -6.15
CA ALA I 732 -18.23 -60.38 -6.68
C ALA I 732 -18.87 -59.40 -7.65
N ALA I 733 -19.00 -58.14 -7.24
CA ALA I 733 -19.58 -57.12 -8.08
C ALA I 733 -19.23 -55.76 -7.51
N ALA I 734 -18.83 -54.84 -8.39
CA ALA I 734 -18.44 -53.50 -7.98
C ALA I 734 -18.86 -52.51 -9.04
N LEU I 735 -19.05 -51.26 -8.63
CA LEU I 735 -19.47 -50.19 -9.52
C LEU I 735 -18.57 -48.98 -9.33
N PRO I 736 -17.79 -48.60 -10.33
CA PRO I 736 -16.87 -47.47 -10.19
C PRO I 736 -17.54 -46.12 -10.39
N VAL I 737 -18.12 -45.56 -9.34
CA VAL I 737 -18.77 -44.26 -9.43
C VAL I 737 -17.73 -43.17 -9.60
N ASP I 738 -18.17 -41.97 -9.98
CA ASP I 738 -17.31 -40.82 -10.22
C ASP I 738 -17.48 -39.81 -9.12
N PRO I 739 -16.42 -39.46 -8.39
CA PRO I 739 -16.56 -38.47 -7.31
C PRO I 739 -17.13 -37.14 -7.76
N ALA I 740 -16.72 -36.66 -8.94
CA ALA I 740 -17.09 -35.31 -9.36
C ALA I 740 -18.60 -35.16 -9.43
N ALA I 741 -19.28 -36.13 -10.05
CA ALA I 741 -20.72 -36.07 -10.12
C ALA I 741 -21.35 -36.11 -8.74
N ILE I 742 -20.79 -36.93 -7.85
CA ILE I 742 -21.33 -37.04 -6.50
C ILE I 742 -21.27 -35.69 -5.79
N VAL I 743 -20.14 -35.00 -5.92
CA VAL I 743 -19.97 -33.72 -5.24
C VAL I 743 -21.02 -32.72 -5.70
N VAL I 744 -21.25 -32.66 -7.02
CA VAL I 744 -22.24 -31.72 -7.55
C VAL I 744 -23.60 -31.98 -6.95
N ALA I 745 -23.99 -33.26 -6.87
CA ALA I 745 -25.30 -33.59 -6.34
C ALA I 745 -25.43 -33.13 -4.89
N MET I 746 -24.36 -33.30 -4.10
CA MET I 746 -24.44 -32.89 -2.71
C MET I 746 -24.67 -31.39 -2.59
N LEU I 747 -24.04 -30.61 -3.45
CA LEU I 747 -24.06 -29.17 -3.30
C LEU I 747 -25.17 -28.49 -4.07
N CYS I 748 -25.89 -29.21 -4.93
CA CYS I 748 -26.89 -28.58 -5.79
C CYS I 748 -28.32 -29.03 -5.48
N GLY I 749 -28.52 -29.73 -4.37
CA GLY I 749 -29.87 -30.17 -4.03
C GLY I 749 -30.75 -28.98 -3.66
N GLN I 750 -31.92 -28.93 -4.26
CA GLN I 750 -32.89 -27.90 -3.93
C GLN I 750 -34.27 -28.38 -4.33
N THR I 751 -35.30 -27.76 -3.74
CA THR I 751 -36.67 -28.21 -3.91
C THR I 751 -37.57 -27.00 -4.12
N GLU I 752 -38.87 -27.26 -4.16
CA GLU I 752 -39.84 -26.17 -4.13
C GLU I 752 -39.81 -25.50 -2.76
N THR I 753 -40.32 -24.28 -2.72
CA THR I 753 -40.18 -23.46 -1.52
C THR I 753 -41.03 -23.93 -0.36
N ASN I 754 -42.22 -24.44 -0.63
CA ASN I 754 -43.17 -24.80 0.42
C ASN I 754 -43.62 -26.23 0.25
N LEU I 755 -42.66 -27.13 0.09
CA LEU I 755 -42.95 -28.53 -0.13
C LEU I 755 -43.47 -29.17 1.15
N ILE I 756 -44.62 -29.82 1.05
CA ILE I 756 -45.12 -30.67 2.14
C ILE I 756 -44.77 -32.09 1.78
N PRO I 757 -43.78 -32.70 2.43
CA PRO I 757 -43.30 -34.01 1.96
C PRO I 757 -44.38 -35.07 1.94
N SER I 758 -45.24 -35.10 2.96
CA SER I 758 -46.28 -36.10 3.03
C SER I 758 -47.20 -36.00 1.83
N HIS I 759 -47.60 -34.78 1.48
CA HIS I 759 -48.48 -34.60 0.34
C HIS I 759 -47.82 -35.03 -0.95
N HIS I 760 -46.58 -34.59 -1.18
CA HIS I 760 -45.91 -34.92 -2.43
C HIS I 760 -45.75 -36.42 -2.57
N TYR I 761 -45.24 -37.08 -1.53
CA TYR I 761 -45.11 -38.53 -1.59
C TYR I 761 -46.48 -39.19 -1.73
N GLY I 762 -47.48 -38.65 -1.02
CA GLY I 762 -48.81 -39.22 -1.14
C GLY I 762 -49.33 -39.20 -2.55
N LYS I 763 -49.20 -38.06 -3.22
CA LYS I 763 -49.59 -37.99 -4.62
C LYS I 763 -48.67 -38.86 -5.48
N ALA I 764 -47.39 -38.94 -5.12
CA ALA I 764 -46.46 -39.74 -5.91
C ALA I 764 -46.78 -41.22 -5.80
N PHE I 765 -47.03 -41.70 -4.59
CA PHE I 765 -47.22 -43.12 -4.37
C PHE I 765 -48.65 -43.58 -4.64
N ALA I 766 -49.49 -42.71 -5.21
CA ALA I 766 -50.87 -43.10 -5.44
C ALA I 766 -51.01 -44.34 -6.32
N PRO I 767 -50.36 -44.45 -7.47
CA PRO I 767 -50.54 -45.64 -8.30
C PRO I 767 -49.79 -46.86 -7.79
N LEU I 768 -49.05 -46.72 -6.70
CA LEU I 768 -48.20 -47.80 -6.22
C LEU I 768 -49.03 -49.01 -5.81
N PHE I 769 -50.10 -48.77 -5.06
CA PHE I 769 -50.87 -49.87 -4.49
C PHE I 769 -52.29 -49.79 -5.03
N ALA I 770 -52.44 -50.32 -6.24
CA ALA I 770 -53.74 -50.58 -6.84
C ALA I 770 -53.82 -51.93 -7.53
N SER I 771 -52.69 -52.57 -7.80
CA SER I 771 -52.62 -53.90 -8.37
C SER I 771 -52.17 -54.89 -7.30
N ASN I 772 -51.99 -56.14 -7.70
CA ASN I 772 -51.63 -57.22 -6.78
C ASN I 772 -50.29 -57.81 -7.15
N ALA I 773 -49.37 -56.97 -7.63
CA ALA I 773 -48.04 -57.46 -7.98
C ALA I 773 -47.32 -58.04 -6.77
N MET I 774 -47.57 -57.47 -5.59
CA MET I 774 -46.86 -57.92 -4.40
C MET I 774 -47.30 -59.30 -3.96
N PHE I 775 -48.45 -59.78 -4.44
CA PHE I 775 -48.99 -61.04 -3.94
C PHE I 775 -48.59 -62.24 -4.78
N THR I 776 -48.41 -62.04 -6.09
CA THR I 776 -48.00 -63.16 -6.95
C THR I 776 -46.70 -63.76 -6.46
N ARG I 777 -45.75 -62.91 -6.06
CA ARG I 777 -44.48 -63.44 -5.58
C ARG I 777 -44.68 -64.25 -4.31
N ASN I 778 -45.61 -63.83 -3.45
CA ASN I 778 -45.91 -64.64 -2.27
C ASN I 778 -46.40 -66.01 -2.66
N GLN I 779 -47.32 -66.06 -3.62
CA GLN I 779 -47.81 -67.35 -4.09
C GLN I 779 -46.69 -68.16 -4.71
N ARG I 780 -45.83 -67.51 -5.49
CA ARG I 780 -44.69 -68.21 -6.07
C ARG I 780 -43.79 -68.78 -4.99
N ALA I 781 -43.66 -68.08 -3.87
CA ALA I 781 -42.86 -68.59 -2.77
C ALA I 781 -43.43 -69.88 -2.24
N VAL I 782 -44.75 -69.92 -2.02
CA VAL I 782 -45.38 -71.09 -1.43
C VAL I 782 -45.14 -72.31 -2.31
N ILE I 783 -45.36 -72.15 -3.61
CA ILE I 783 -45.12 -73.25 -4.54
C ILE I 783 -43.66 -73.66 -4.48
N THR I 784 -42.76 -72.68 -4.39
CA THR I 784 -41.34 -72.99 -4.33
C THR I 784 -41.03 -73.87 -3.13
N ARG I 785 -41.62 -73.55 -1.98
CA ARG I 785 -41.37 -74.36 -0.79
C ARG I 785 -41.84 -75.79 -1.00
N GLU I 786 -43.08 -75.95 -1.45
CA GLU I 786 -43.62 -77.30 -1.61
C GLU I 786 -42.81 -78.10 -2.60
N ALA I 787 -42.43 -77.48 -3.72
CA ALA I 787 -41.59 -78.18 -4.69
C ALA I 787 -40.27 -78.60 -4.06
N PHE I 788 -39.66 -77.69 -3.30
CA PHE I 788 -38.38 -78.00 -2.68
C PHE I 788 -38.51 -79.18 -1.73
N VAL I 789 -39.50 -79.15 -0.85
CA VAL I 789 -39.64 -80.20 0.15
C VAL I 789 -39.90 -81.53 -0.53
N CYS I 790 -40.82 -81.56 -1.48
CA CYS I 790 -41.13 -82.81 -2.16
C CYS I 790 -39.90 -83.36 -2.88
N ALA I 791 -39.17 -82.49 -3.55
CA ALA I 791 -37.98 -82.93 -4.27
C ALA I 791 -36.98 -83.58 -3.32
N ARG I 792 -36.72 -82.92 -2.19
CA ARG I 792 -35.81 -83.50 -1.20
C ARG I 792 -36.34 -84.83 -0.71
N SER I 793 -37.64 -84.89 -0.42
CA SER I 793 -38.23 -86.13 0.06
C SER I 793 -38.06 -87.25 -0.95
N ALA I 794 -38.31 -86.95 -2.23
CA ALA I 794 -38.19 -87.98 -3.25
C ALA I 794 -36.78 -88.49 -3.35
N VAL I 795 -35.81 -87.58 -3.45
CA VAL I 795 -34.42 -87.98 -3.64
C VAL I 795 -33.95 -88.81 -2.44
N ALA I 796 -34.31 -88.39 -1.24
CA ALA I 796 -33.88 -89.10 -0.04
C ALA I 796 -34.39 -90.53 -0.04
N GLN I 797 -35.67 -90.71 -0.38
CA GLN I 797 -36.25 -92.05 -0.32
C GLN I 797 -35.61 -93.00 -1.31
N CYS I 798 -35.09 -92.49 -2.42
CA CYS I 798 -34.38 -93.36 -3.35
C CYS I 798 -33.01 -93.74 -2.82
N GLN I 799 -32.42 -92.89 -1.96
CA GLN I 799 -31.20 -93.28 -1.28
C GLN I 799 -31.50 -94.28 -0.18
N ASP I 800 -30.45 -94.90 0.33
CA ASP I 800 -30.63 -95.88 1.40
C ASP I 800 -31.04 -95.22 2.71
N ALA I 801 -30.62 -93.98 2.94
CA ALA I 801 -31.00 -93.24 4.13
C ALA I 801 -30.64 -91.78 3.93
N GLY I 802 -31.16 -90.93 4.80
CA GLY I 802 -30.78 -89.53 4.80
C GLY I 802 -31.93 -88.61 5.17
N PHE I 803 -31.57 -87.47 5.76
CA PHE I 803 -32.45 -86.34 6.02
C PHE I 803 -33.64 -86.70 6.91
N LEU I 804 -33.64 -87.88 7.52
CA LEU I 804 -34.69 -88.27 8.45
C LEU I 804 -36.07 -88.19 7.82
N VAL I 805 -36.21 -88.69 6.60
CA VAL I 805 -37.52 -88.76 5.96
C VAL I 805 -38.09 -90.16 6.21
N PRO I 806 -39.39 -90.29 6.38
CA PRO I 806 -39.98 -91.63 6.48
C PRO I 806 -39.85 -92.38 5.17
N ARG I 807 -39.79 -93.70 5.27
CA ARG I 807 -39.50 -94.57 4.14
C ARG I 807 -40.54 -95.68 4.06
N PRO I 808 -41.76 -95.35 3.63
CA PRO I 808 -42.77 -96.42 3.53
C PRO I 808 -42.54 -97.34 2.35
N LEU I 809 -42.04 -96.82 1.23
CA LEU I 809 -41.83 -97.63 0.05
C LEU I 809 -40.51 -98.38 0.06
N ASP I 810 -39.88 -98.50 1.23
CA ASP I 810 -38.54 -99.07 1.30
C ASP I 810 -38.51 -100.51 0.80
N ALA I 811 -39.65 -101.19 0.77
CA ALA I 811 -39.67 -102.58 0.32
C ALA I 811 -39.23 -102.71 -1.13
N LEU I 812 -39.62 -101.76 -1.97
CA LEU I 812 -39.31 -101.84 -3.39
C LEU I 812 -37.81 -101.76 -3.62
N ARG I 813 -37.36 -102.37 -4.71
CA ARG I 813 -35.95 -102.35 -5.06
C ARG I 813 -35.57 -101.06 -5.74
N GLN I 814 -34.36 -100.58 -5.44
CA GLN I 814 -33.81 -99.41 -6.10
C GLN I 814 -32.29 -99.57 -6.07
N PHE I 815 -31.73 -100.08 -7.17
CA PHE I 815 -30.31 -100.42 -7.15
C PHE I 815 -29.43 -99.19 -7.31
N ASP I 816 -29.71 -98.37 -8.32
CA ASP I 816 -28.83 -97.23 -8.61
C ASP I 816 -29.06 -96.12 -7.59
N VAL I 817 -27.97 -95.60 -7.06
CA VAL I 817 -28.03 -94.49 -6.10
C VAL I 817 -27.03 -93.42 -6.52
N THR I 818 -26.56 -93.49 -7.75
CA THR I 818 -25.56 -92.54 -8.21
C THR I 818 -26.15 -91.13 -8.28
N SER I 819 -25.25 -90.15 -8.34
CA SER I 819 -25.69 -88.77 -8.43
C SER I 819 -26.49 -88.52 -9.69
N ALA I 820 -26.15 -89.21 -10.79
CA ALA I 820 -26.88 -89.02 -12.03
C ALA I 820 -28.35 -89.38 -11.86
N ALA I 821 -28.62 -90.48 -11.15
CA ALA I 821 -29.99 -90.86 -10.88
C ALA I 821 -30.71 -89.78 -10.10
N ALA I 822 -30.04 -89.22 -9.08
CA ALA I 822 -30.65 -88.14 -8.31
C ALA I 822 -30.97 -86.96 -9.20
N ALA I 823 -30.06 -86.60 -10.10
CA ALA I 823 -30.29 -85.46 -10.98
C ALA I 823 -31.53 -85.69 -11.83
N GLU I 824 -31.66 -86.89 -12.40
CA GLU I 824 -32.83 -87.18 -13.23
C GLU I 824 -34.11 -87.10 -12.41
N ILE I 825 -34.09 -87.65 -11.21
CA ILE I 825 -35.28 -87.62 -10.37
C ILE I 825 -35.65 -86.17 -10.05
N MET I 826 -34.67 -85.36 -9.69
CA MET I 826 -34.96 -83.97 -9.36
C MET I 826 -35.55 -83.24 -10.54
N HIS I 827 -35.00 -83.44 -11.74
CA HIS I 827 -35.55 -82.82 -12.92
C HIS I 827 -36.99 -83.25 -13.14
N ALA I 828 -37.26 -84.54 -12.95
CA ALA I 828 -38.62 -85.04 -13.12
C ALA I 828 -39.57 -84.34 -12.16
N VAL I 829 -39.16 -84.20 -10.90
CA VAL I 829 -40.01 -83.53 -9.92
C VAL I 829 -40.22 -82.08 -10.33
N ASN I 830 -39.13 -81.40 -10.68
CA ASN I 830 -39.25 -79.99 -11.06
C ASN I 830 -40.15 -79.83 -12.27
N ASP I 831 -39.97 -80.70 -13.26
CA ASP I 831 -40.82 -80.65 -14.44
C ASP I 831 -42.28 -80.85 -14.05
N ALA I 832 -42.54 -81.84 -13.20
CA ALA I 832 -43.91 -82.14 -12.82
C ALA I 832 -44.57 -80.94 -12.15
N PHE I 833 -43.85 -80.30 -11.23
CA PHE I 833 -44.40 -79.13 -10.56
C PHE I 833 -44.65 -78.00 -11.54
N LYS I 834 -43.70 -77.75 -12.45
CA LYS I 834 -43.87 -76.69 -13.41
C LYS I 834 -45.13 -76.89 -14.24
N THR I 835 -45.32 -78.10 -14.74
CA THR I 835 -46.52 -78.40 -15.52
C THR I 835 -47.78 -78.26 -14.67
N ALA I 836 -47.72 -78.78 -13.45
CA ALA I 836 -48.94 -78.83 -12.63
C ALA I 836 -49.45 -77.43 -12.30
N PHE I 837 -48.55 -76.51 -11.98
CA PHE I 837 -48.96 -75.18 -11.53
C PHE I 837 -48.76 -74.12 -12.59
N ASP I 838 -48.45 -74.50 -13.82
CA ASP I 838 -48.34 -73.56 -14.93
C ASP I 838 -47.33 -72.46 -14.62
N LEU I 839 -46.07 -72.87 -14.47
CA LEU I 839 -44.98 -71.95 -14.24
C LEU I 839 -44.03 -71.98 -15.43
N ASP I 840 -43.35 -70.86 -15.64
CA ASP I 840 -42.45 -70.72 -16.77
C ASP I 840 -41.03 -70.36 -16.36
N GLY I 841 -40.87 -69.54 -15.33
CA GLY I 841 -39.55 -69.12 -14.90
C GLY I 841 -38.81 -70.26 -14.23
N ALA I 842 -37.67 -69.89 -13.65
CA ALA I 842 -36.85 -70.88 -12.95
C ALA I 842 -37.58 -71.37 -11.70
N LEU I 843 -37.34 -72.64 -11.39
CA LEU I 843 -37.94 -73.26 -10.20
C LEU I 843 -37.09 -74.45 -9.83
N LEU I 844 -36.48 -74.41 -8.64
CA LEU I 844 -35.59 -75.44 -8.14
C LEU I 844 -34.39 -75.66 -9.03
N ASP I 845 -34.16 -74.78 -10.01
CA ASP I 845 -32.97 -74.88 -10.83
C ASP I 845 -31.75 -74.41 -10.02
N GLY I 846 -30.57 -74.65 -10.58
CA GLY I 846 -29.35 -74.28 -9.94
C GLY I 846 -28.95 -75.13 -8.76
N LEU I 847 -29.89 -75.85 -8.15
CA LEU I 847 -29.52 -76.79 -7.11
C LEU I 847 -28.58 -77.86 -7.65
N ALA I 848 -28.88 -78.37 -8.85
CA ALA I 848 -28.04 -79.36 -9.48
C ALA I 848 -26.86 -78.75 -10.24
N LEU I 849 -26.53 -77.49 -9.96
CA LEU I 849 -25.42 -76.86 -10.66
C LEU I 849 -24.12 -77.62 -10.42
N TYR I 850 -23.88 -78.00 -9.17
CA TYR I 850 -22.71 -78.82 -8.88
C TYR I 850 -22.91 -80.27 -9.24
N GLY I 851 -24.13 -80.68 -9.57
CA GLY I 851 -24.36 -82.01 -10.07
C GLY I 851 -24.44 -83.09 -9.02
N ASP I 852 -24.96 -82.78 -7.83
CA ASP I 852 -25.20 -83.80 -6.80
C ASP I 852 -26.33 -83.34 -5.91
N PRO I 853 -27.57 -83.55 -6.33
CA PRO I 853 -28.71 -83.14 -5.49
C PRO I 853 -28.78 -83.88 -4.18
N ARG I 854 -28.09 -85.00 -4.04
CA ARG I 854 -28.18 -85.78 -2.81
C ARG I 854 -27.75 -84.99 -1.60
N ILE I 855 -26.97 -83.93 -1.77
CA ILE I 855 -26.48 -83.11 -0.68
C ILE I 855 -27.05 -81.69 -0.75
N ALA I 856 -28.22 -81.52 -1.34
CA ALA I 856 -28.76 -80.20 -1.55
C ALA I 856 -29.25 -79.62 -0.22
N ASP I 857 -28.65 -78.50 0.18
CA ASP I 857 -29.11 -77.77 1.35
C ASP I 857 -28.61 -76.33 1.25
N LEU I 858 -29.44 -75.39 1.69
CA LEU I 858 -29.14 -73.98 1.55
C LEU I 858 -28.60 -73.39 2.84
N SER I 859 -27.66 -72.47 2.70
CA SER I 859 -27.10 -71.75 3.83
C SER I 859 -26.39 -70.51 3.32
N ALA I 860 -26.43 -69.45 4.12
CA ALA I 860 -25.77 -68.20 3.79
C ALA I 860 -24.96 -67.73 4.99
N ALA I 861 -23.86 -67.04 4.71
CA ALA I 861 -22.99 -66.54 5.76
C ALA I 861 -22.14 -65.42 5.22
N TYR I 862 -21.57 -64.65 6.15
CA TYR I 862 -20.56 -63.66 5.80
C TYR I 862 -19.42 -63.75 6.80
N LEU I 863 -18.25 -63.30 6.36
CA LEU I 863 -17.02 -63.45 7.11
C LEU I 863 -16.43 -62.09 7.40
N GLN I 864 -16.09 -61.85 8.66
CA GLN I 864 -15.45 -60.61 9.07
C GLN I 864 -13.96 -60.82 9.17
N TYR I 865 -13.21 -59.73 8.97
CA TYR I 865 -11.75 -59.82 8.98
C TYR I 865 -11.23 -60.35 10.30
N GLY I 866 -11.96 -60.12 11.39
CA GLY I 866 -11.56 -60.67 12.66
C GLY I 866 -11.76 -62.15 12.80
N GLY I 867 -12.16 -62.84 11.74
CA GLY I 867 -12.39 -64.26 11.79
C GLY I 867 -13.76 -64.67 12.27
N ASN I 868 -14.64 -63.71 12.53
CA ASN I 868 -15.99 -64.04 12.99
C ASN I 868 -16.88 -64.43 11.82
N VAL I 869 -17.80 -65.36 12.07
CA VAL I 869 -18.70 -65.88 11.06
C VAL I 869 -20.10 -65.94 11.65
N VAL I 870 -21.10 -65.85 10.79
CA VAL I 870 -22.50 -65.88 11.20
C VAL I 870 -23.15 -67.23 10.92
N ARG I 871 -23.07 -67.70 9.67
CA ARG I 871 -23.53 -69.04 9.30
C ARG I 871 -25.00 -69.25 9.61
N GLU I 872 -25.84 -68.53 8.88
CA GLU I 872 -27.28 -68.63 9.03
C GLU I 872 -27.83 -69.74 8.15
N HIS I 873 -28.71 -70.57 8.71
CA HIS I 873 -29.33 -71.67 8.00
C HIS I 873 -30.70 -71.26 7.47
N VAL I 874 -31.14 -71.94 6.41
CA VAL I 874 -32.43 -71.68 5.79
C VAL I 874 -33.19 -72.99 5.61
N PRO I 875 -33.78 -73.54 6.66
CA PRO I 875 -34.54 -74.76 6.51
C PRO I 875 -35.91 -74.48 5.94
N PRO I 876 -36.54 -75.45 5.28
CA PRO I 876 -37.88 -75.24 4.74
C PRO I 876 -38.91 -75.17 5.85
N GLY I 877 -40.08 -74.63 5.50
CA GLY I 877 -41.18 -74.54 6.42
C GLY I 877 -42.02 -75.80 6.42
N PRO I 878 -43.06 -75.83 7.25
CA PRO I 878 -43.92 -77.01 7.29
C PRO I 878 -44.83 -77.10 6.08
N SER I 879 -44.53 -78.03 5.18
CA SER I 879 -45.30 -78.16 3.95
C SER I 879 -46.60 -78.93 4.21
N HIS I 880 -47.44 -78.98 3.18
CA HIS I 880 -48.68 -79.73 3.22
C HIS I 880 -48.67 -80.94 2.31
N ILE I 881 -48.18 -80.77 1.07
CA ILE I 881 -48.20 -81.87 0.11
C ILE I 881 -47.36 -83.02 0.61
N HIS I 882 -46.21 -82.71 1.21
CA HIS I 882 -45.33 -83.74 1.75
C HIS I 882 -46.10 -84.69 2.67
N ARG I 883 -46.95 -84.13 3.53
CA ARG I 883 -47.82 -84.96 4.35
C ARG I 883 -48.69 -85.84 3.47
N THR I 884 -49.35 -85.25 2.48
CA THR I 884 -50.25 -86.00 1.63
C THR I 884 -49.52 -87.10 0.88
N LEU I 885 -48.39 -86.76 0.28
CA LEU I 885 -47.65 -87.75 -0.49
C LEU I 885 -47.25 -88.93 0.38
N GLN I 886 -46.84 -88.66 1.61
CA GLN I 886 -46.54 -89.73 2.54
C GLN I 886 -47.75 -90.62 2.75
N GLN I 887 -48.93 -90.01 2.91
CA GLN I 887 -50.13 -90.80 3.08
C GLN I 887 -50.40 -91.65 1.85
N VAL I 888 -50.21 -91.09 0.66
CA VAL I 888 -50.45 -91.84 -0.56
C VAL I 888 -49.51 -93.03 -0.65
N GLU I 889 -48.23 -92.80 -0.36
CA GLU I 889 -47.27 -93.88 -0.41
C GLU I 889 -47.67 -95.01 0.51
N SER I 890 -47.99 -94.68 1.77
CA SER I 890 -48.37 -95.70 2.73
C SER I 890 -49.59 -96.47 2.25
N THR I 891 -50.55 -95.77 1.66
CA THR I 891 -51.74 -96.43 1.16
C THR I 891 -51.40 -97.36 0.00
N PHE I 892 -50.51 -96.94 -0.89
CA PHE I 892 -50.20 -97.74 -2.07
C PHE I 892 -49.67 -99.12 -1.70
N MET I 893 -48.94 -99.22 -0.58
CA MET I 893 -48.41 -100.51 -0.17
C MET I 893 -49.51 -101.51 0.15
N ALA I 894 -50.73 -101.03 0.38
CA ALA I 894 -51.84 -101.93 0.64
C ALA I 894 -52.66 -102.26 -0.60
N GLU I 895 -52.73 -101.34 -1.56
CA GLU I 895 -53.59 -101.50 -2.72
C GLU I 895 -52.79 -101.49 -4.03
N MET I 896 -51.58 -102.02 -4.00
CA MET I 896 -50.76 -102.02 -5.20
C MET I 896 -51.37 -102.81 -6.33
N ASN I 897 -52.27 -103.75 -6.03
CA ASN I 897 -52.93 -104.51 -7.08
C ASN I 897 -53.71 -103.60 -8.02
N LEU I 898 -54.27 -102.52 -7.48
CA LEU I 898 -55.04 -101.60 -8.30
C LEU I 898 -54.19 -100.89 -9.34
N PHE I 899 -52.87 -100.95 -9.22
CA PHE I 899 -51.97 -100.31 -10.17
C PHE I 899 -51.24 -101.34 -11.02
N ASN I 900 -51.85 -102.51 -11.21
CA ASN I 900 -51.26 -103.60 -11.98
C ASN I 900 -49.89 -103.98 -11.43
N VAL I 901 -49.76 -103.97 -10.11
CA VAL I 901 -48.52 -104.32 -9.44
C VAL I 901 -48.83 -105.39 -8.41
N ALA I 902 -48.03 -106.46 -8.41
CA ALA I 902 -48.19 -107.55 -7.48
C ALA I 902 -46.95 -107.67 -6.61
N ARG I 903 -47.09 -108.42 -5.52
CA ARG I 903 -46.01 -108.65 -4.58
C ARG I 903 -45.87 -110.14 -4.33
N GLY I 904 -44.65 -110.56 -4.06
CA GLY I 904 -44.36 -111.96 -3.80
C GLY I 904 -43.61 -112.61 -4.95
N ASN I 905 -43.23 -113.85 -4.74
CA ASN I 905 -42.43 -114.57 -5.70
C ASN I 905 -43.33 -115.23 -6.75
N LEU I 906 -42.71 -115.93 -7.68
CA LEU I 906 -43.40 -116.59 -8.77
C LEU I 906 -42.99 -118.06 -8.83
N TYR I 907 -43.97 -118.92 -9.06
CA TYR I 907 -43.73 -120.35 -9.19
C TYR I 907 -43.90 -120.79 -10.64
N LEU I 908 -43.27 -121.92 -10.96
CA LEU I 908 -43.38 -122.53 -12.28
C LEU I 908 -43.49 -124.04 -12.07
N VAL I 909 -44.72 -124.54 -12.03
CA VAL I 909 -44.97 -125.95 -11.79
C VAL I 909 -45.99 -126.44 -12.81
N GLN I 910 -45.68 -127.55 -13.46
CA GLN I 910 -46.66 -128.18 -14.34
C GLN I 910 -47.88 -128.59 -13.54
N THR I 911 -49.06 -128.24 -14.04
CA THR I 911 -50.31 -128.50 -13.33
C THR I 911 -51.37 -128.86 -14.37
N ALA I 912 -51.60 -130.15 -14.57
CA ALA I 912 -52.58 -130.63 -15.52
C ALA I 912 -53.97 -130.64 -14.90
N THR I 913 -54.43 -129.45 -14.53
CA THR I 913 -55.72 -129.33 -13.87
C THR I 913 -56.86 -129.48 -14.87
N ASN I 914 -58.05 -129.67 -14.34
CA ASN I 914 -59.25 -129.77 -15.15
C ASN I 914 -60.40 -128.90 -14.65
N GLY I 915 -60.40 -128.52 -13.38
CA GLY I 915 -61.45 -127.70 -12.81
C GLY I 915 -61.08 -126.24 -12.75
N ASN I 916 -61.51 -125.57 -11.69
CA ASN I 916 -61.21 -124.16 -11.51
C ASN I 916 -59.71 -123.96 -11.29
N TRP I 917 -59.22 -122.78 -11.69
CA TRP I 917 -57.80 -122.48 -11.61
C TRP I 917 -57.63 -120.99 -11.41
N SER I 918 -57.19 -120.57 -10.23
CA SER I 918 -57.03 -119.16 -9.88
C SER I 918 -55.57 -118.91 -9.53
N PRO I 919 -54.76 -118.52 -10.50
CA PRO I 919 -53.33 -118.32 -10.20
C PRO I 919 -53.06 -117.12 -9.32
N MET I 920 -53.89 -116.09 -9.39
CA MET I 920 -53.64 -114.87 -8.64
C MET I 920 -54.11 -114.95 -7.20
N ALA I 921 -54.72 -116.07 -6.79
CA ALA I 921 -55.22 -116.24 -5.43
C ALA I 921 -55.17 -117.71 -5.08
N PRO I 922 -53.98 -118.21 -4.74
CA PRO I 922 -53.85 -119.63 -4.45
C PRO I 922 -54.67 -120.02 -3.23
N VAL I 923 -55.18 -121.25 -3.26
CA VAL I 923 -55.97 -121.77 -2.16
C VAL I 923 -55.14 -122.62 -1.20
N ALA I 924 -54.01 -123.15 -1.64
CA ALA I 924 -53.16 -123.98 -0.82
C ALA I 924 -51.82 -123.29 -0.57
N ALA I 925 -51.12 -123.75 0.45
CA ALA I 925 -49.84 -123.17 0.78
C ALA I 925 -48.85 -123.43 -0.35
N PRO I 926 -47.95 -122.49 -0.65
CA PRO I 926 -46.99 -122.71 -1.72
C PRO I 926 -46.02 -123.82 -1.33
N PRO I 927 -45.53 -124.58 -2.30
CA PRO I 927 -44.58 -125.64 -1.99
C PRO I 927 -43.15 -125.13 -1.91
N PHE I 928 -42.33 -125.89 -1.20
CA PHE I 928 -40.88 -125.70 -1.09
C PHE I 928 -40.50 -124.22 -0.98
N VAL I 929 -40.95 -123.60 0.11
CA VAL I 929 -40.49 -122.24 0.38
C VAL I 929 -38.97 -122.24 0.52
N ARG I 930 -38.38 -121.07 0.32
CA ARG I 930 -36.91 -120.97 0.32
C ARG I 930 -36.35 -121.41 1.66
N GLY I 931 -35.25 -122.15 1.60
CA GLY I 931 -34.63 -122.69 2.78
C GLY I 931 -35.23 -123.98 3.29
N GLY I 932 -36.22 -124.53 2.58
CA GLY I 932 -36.82 -125.78 2.98
C GLY I 932 -35.96 -126.96 2.62
N PRO I 933 -36.43 -128.15 2.98
CA PRO I 933 -35.67 -129.36 2.70
C PRO I 933 -35.44 -129.55 1.22
N ASN I 934 -34.23 -129.99 0.87
CA ASN I 934 -33.84 -130.34 -0.50
C ASN I 934 -33.97 -129.18 -1.47
N VAL I 935 -34.17 -127.97 -0.99
CA VAL I 935 -34.34 -126.82 -1.86
C VAL I 935 -32.96 -126.25 -2.20
N ARG I 936 -32.63 -126.24 -3.48
CA ARG I 936 -31.35 -125.72 -3.95
C ARG I 936 -31.52 -124.29 -4.43
N VAL I 937 -30.45 -123.50 -4.31
CA VAL I 937 -30.42 -122.12 -4.76
C VAL I 937 -29.28 -121.96 -5.74
N VAL I 938 -29.58 -121.39 -6.91
CA VAL I 938 -28.58 -121.24 -7.96
C VAL I 938 -27.56 -120.17 -7.56
N GLY I 939 -26.32 -120.36 -8.01
CA GLY I 939 -25.27 -119.40 -7.71
C GLY I 939 -25.39 -118.11 -8.51
N ARG I 940 -24.59 -117.13 -8.10
CA ARG I 940 -24.68 -115.79 -8.68
C ARG I 940 -24.27 -115.74 -10.15
N PHE I 941 -23.63 -116.78 -10.67
CA PHE I 941 -23.31 -116.82 -12.09
C PHE I 941 -24.31 -117.60 -12.92
N GLY I 942 -25.03 -118.53 -12.31
CA GLY I 942 -25.95 -119.35 -13.06
C GLY I 942 -25.31 -120.31 -14.03
N THR I 943 -24.01 -120.57 -13.86
CA THR I 943 -23.31 -121.44 -14.79
C THR I 943 -23.76 -122.89 -14.64
N ILE I 944 -23.63 -123.64 -15.72
CA ILE I 944 -24.00 -125.04 -15.77
C ILE I 944 -22.82 -125.82 -16.34
N VAL I 945 -22.60 -127.03 -15.83
CA VAL I 945 -21.45 -127.83 -16.17
C VAL I 945 -21.91 -129.09 -16.88
N PRO I 946 -21.32 -129.46 -18.01
CA PRO I 946 -21.67 -130.71 -18.68
C PRO I 946 -20.88 -131.87 -18.10
N ARG I 947 -21.34 -133.07 -18.40
CA ARG I 947 -20.70 -134.31 -17.98
C ARG I 947 -20.65 -135.28 -19.15
N PRO I 948 -19.70 -136.19 -19.17
CA PRO I 948 -19.55 -137.09 -20.32
C PRO I 948 -20.37 -138.37 -20.21
N ASP I 949 -20.62 -138.95 -21.37
CA ASP I 949 -21.09 -140.33 -21.52
C ASP I 949 -22.31 -140.61 -20.64
N GLY I 950 -23.39 -139.92 -20.98
CA GLY I 950 -24.69 -140.21 -20.40
C GLY I 950 -24.99 -139.48 -19.11
N LEU I 951 -23.98 -138.96 -18.43
CA LEU I 951 -24.22 -138.18 -17.22
C LEU I 951 -24.79 -136.83 -17.62
N GLU I 952 -26.06 -136.59 -17.29
CA GLU I 952 -26.68 -135.33 -17.65
C GLU I 952 -26.07 -134.20 -16.83
N PRO I 953 -26.09 -132.97 -17.36
CA PRO I 953 -25.35 -131.88 -16.74
C PRO I 953 -25.80 -131.59 -15.31
N GLN I 954 -25.03 -130.74 -14.65
CA GLN I 954 -25.32 -130.31 -13.29
C GLN I 954 -25.26 -128.79 -13.22
N LEU I 955 -25.92 -128.24 -12.22
CA LEU I 955 -26.04 -126.81 -12.03
C LEU I 955 -25.31 -126.39 -10.77
N ILE I 956 -24.58 -125.27 -10.87
CA ILE I 956 -23.80 -124.78 -9.75
C ILE I 956 -24.73 -124.04 -8.79
N ASP I 957 -24.73 -124.44 -7.53
CA ASP I 957 -25.56 -123.78 -6.54
C ASP I 957 -24.87 -122.55 -5.99
N ASP I 958 -25.53 -121.87 -5.05
CA ASP I 958 -24.92 -120.73 -4.40
C ASP I 958 -23.70 -121.13 -3.57
N GLY I 959 -23.60 -122.40 -3.19
CA GLY I 959 -22.45 -122.90 -2.49
C GLY I 959 -21.29 -123.26 -3.37
N ASN I 960 -21.35 -122.88 -4.65
CA ASN I 960 -20.32 -123.21 -5.63
C ASN I 960 -20.12 -124.71 -5.71
N VAL I 961 -21.23 -125.43 -5.78
CA VAL I 961 -21.22 -126.88 -5.91
C VAL I 961 -22.18 -127.29 -7.03
N PRO I 962 -21.77 -128.12 -7.96
CA PRO I 962 -22.72 -128.61 -8.97
C PRO I 962 -23.76 -129.52 -8.35
N ARG I 963 -25.00 -129.34 -8.76
CA ARG I 963 -26.11 -130.11 -8.22
C ARG I 963 -26.94 -130.69 -9.34
N ASP I 964 -27.69 -131.73 -9.02
CA ASP I 964 -28.56 -132.36 -9.99
C ASP I 964 -29.75 -131.46 -10.29
N ILE I 965 -30.15 -131.43 -11.57
CA ILE I 965 -31.19 -130.50 -11.99
C ILE I 965 -32.54 -130.89 -11.42
N ALA I 966 -32.82 -132.19 -11.37
CA ALA I 966 -34.13 -132.64 -10.92
C ALA I 966 -34.39 -132.19 -9.49
N GLY I 967 -35.65 -131.90 -9.20
CA GLY I 967 -36.03 -131.48 -7.87
C GLY I 967 -36.53 -130.05 -7.81
N ASP I 968 -36.29 -129.39 -6.68
CA ASP I 968 -36.77 -128.04 -6.45
C ASP I 968 -35.61 -127.06 -6.49
N TRP I 969 -35.88 -125.85 -6.96
CA TRP I 969 -34.85 -124.86 -7.13
C TRP I 969 -35.41 -123.46 -6.88
N VAL I 970 -34.52 -122.56 -6.47
CA VAL I 970 -34.87 -121.16 -6.23
C VAL I 970 -34.03 -120.30 -7.15
N TYR I 971 -34.68 -119.39 -7.87
CA TYR I 971 -34.03 -118.58 -8.89
C TYR I 971 -34.16 -117.10 -8.55
N PRO I 972 -33.12 -116.46 -8.03
CA PRO I 972 -33.15 -115.00 -7.92
C PRO I 972 -33.23 -114.37 -9.30
N SER I 973 -34.21 -113.48 -9.47
CA SER I 973 -34.46 -112.91 -10.79
C SER I 973 -33.23 -112.21 -11.34
N ASP I 974 -32.38 -111.68 -10.46
CA ASP I 974 -31.14 -111.07 -10.89
C ASP I 974 -30.31 -112.06 -11.70
N VAL I 975 -30.20 -113.29 -11.20
CA VAL I 975 -29.47 -114.33 -11.92
C VAL I 975 -30.15 -114.62 -13.25
N LEU I 976 -31.48 -114.70 -13.24
CA LEU I 976 -32.20 -115.12 -14.43
C LEU I 976 -31.95 -114.17 -15.60
N GLN I 977 -31.88 -112.87 -15.32
CA GLN I 977 -31.67 -111.90 -16.39
C GLN I 977 -30.33 -112.09 -17.07
N VAL I 978 -29.42 -112.83 -16.47
CA VAL I 978 -28.09 -113.02 -17.03
C VAL I 978 -28.00 -114.37 -17.71
N SER I 979 -28.75 -115.35 -17.22
CA SER I 979 -28.58 -116.74 -17.62
C SER I 979 -29.82 -117.32 -18.29
N VAL I 980 -30.67 -116.48 -18.86
CA VAL I 980 -31.95 -116.96 -19.37
C VAL I 980 -31.73 -118.02 -20.45
N ALA I 981 -30.71 -117.83 -21.28
CA ALA I 981 -30.45 -118.78 -22.35
C ALA I 981 -30.22 -120.18 -21.80
N VAL I 982 -29.38 -120.29 -20.78
CA VAL I 982 -29.15 -121.59 -20.15
C VAL I 982 -30.44 -122.13 -19.57
N PHE I 983 -31.20 -121.26 -18.90
CA PHE I 983 -32.42 -121.71 -18.24
C PHE I 983 -33.38 -122.36 -19.22
N CYS I 984 -33.68 -121.66 -20.32
CA CYS I 984 -34.62 -122.20 -21.29
C CYS I 984 -34.06 -123.40 -22.04
N ASP I 985 -32.75 -123.57 -22.02
CA ASP I 985 -32.15 -124.69 -22.75
C ASP I 985 -32.01 -125.95 -21.92
N TYR I 986 -31.87 -125.82 -20.61
CA TYR I 986 -31.68 -126.99 -19.77
C TYR I 986 -32.75 -127.12 -18.69
N VAL I 987 -33.00 -126.07 -17.94
CA VAL I 987 -33.94 -126.17 -16.82
C VAL I 987 -35.37 -126.27 -17.33
N TRP I 988 -35.74 -125.37 -18.23
CA TRP I 988 -37.12 -125.29 -18.68
C TRP I 988 -37.67 -126.61 -19.20
N PRO I 989 -36.97 -127.38 -20.01
CA PRO I 989 -37.54 -128.67 -20.44
C PRO I 989 -37.90 -129.58 -19.28
N MET I 990 -37.03 -129.68 -18.28
CA MET I 990 -37.34 -130.52 -17.14
C MET I 990 -38.59 -130.03 -16.42
N VAL I 991 -38.80 -128.72 -16.39
CA VAL I 991 -40.03 -128.18 -15.84
C VAL I 991 -41.22 -128.68 -16.65
N LYS I 992 -41.15 -128.53 -17.98
CA LYS I 992 -42.22 -129.03 -18.82
C LYS I 992 -42.36 -130.54 -18.72
N ALA I 993 -41.34 -131.24 -18.25
CA ALA I 993 -41.41 -132.67 -18.02
C ALA I 993 -42.02 -133.01 -16.67
N GLY I 994 -42.32 -132.02 -15.84
CA GLY I 994 -42.88 -132.31 -14.54
C GLY I 994 -41.90 -132.94 -13.58
N ARG I 995 -40.60 -132.75 -13.79
CA ARG I 995 -39.59 -133.30 -12.91
C ARG I 995 -38.83 -132.25 -12.13
N THR I 996 -39.12 -130.98 -12.36
CA THR I 996 -38.50 -129.90 -11.62
C THR I 996 -39.55 -128.84 -11.29
N ARG I 997 -39.31 -128.14 -10.19
CA ARG I 997 -40.18 -127.04 -9.76
C ARG I 997 -39.29 -125.85 -9.41
N VAL I 998 -39.63 -124.69 -9.97
CA VAL I 998 -38.76 -123.52 -9.89
C VAL I 998 -39.51 -122.40 -9.19
N LEU I 999 -38.84 -121.79 -8.22
CA LEU I 999 -39.34 -120.61 -7.54
C LEU I 999 -38.50 -119.43 -7.99
N VAL I 1000 -39.15 -118.41 -8.56
CA VAL I 1000 -38.46 -117.22 -9.03
C VAL I 1000 -38.67 -116.13 -8.01
N GLU I 1001 -37.58 -115.67 -7.41
CA GLU I 1001 -37.65 -114.66 -6.36
C GLU I 1001 -37.57 -113.27 -6.97
N LEU I 1002 -38.63 -112.51 -6.79
CA LEU I 1002 -38.65 -111.11 -7.20
C LEU I 1002 -39.73 -110.43 -6.37
N GLY I 1003 -39.35 -109.39 -5.64
CA GLY I 1003 -40.24 -108.77 -4.67
C GLY I 1003 -41.56 -108.29 -5.23
N HIS I 1004 -41.49 -107.31 -6.13
CA HIS I 1004 -42.67 -106.73 -6.74
C HIS I 1004 -42.45 -106.63 -8.24
N TYR I 1005 -43.55 -106.64 -9.00
CA TYR I 1005 -43.44 -106.65 -10.44
C TYR I 1005 -44.78 -106.27 -11.05
N VAL I 1006 -44.75 -105.98 -12.34
CA VAL I 1006 -45.95 -105.69 -13.11
C VAL I 1006 -46.46 -106.99 -13.72
N TYR I 1007 -47.76 -107.20 -13.63
CA TYR I 1007 -48.38 -108.42 -14.14
C TYR I 1007 -49.38 -108.08 -15.22
N THR I 1008 -49.61 -109.04 -16.11
CA THR I 1008 -50.63 -108.92 -17.14
C THR I 1008 -51.43 -110.20 -17.19
N LEU I 1009 -52.70 -110.08 -17.56
CA LEU I 1009 -53.62 -111.19 -17.56
C LEU I 1009 -54.04 -111.53 -18.98
N HIS I 1010 -54.53 -112.76 -19.14
CA HIS I 1010 -55.02 -113.23 -20.43
C HIS I 1010 -56.07 -114.28 -20.18
N TYR I 1011 -57.34 -113.93 -20.38
CA TYR I 1011 -58.41 -114.87 -20.15
C TYR I 1011 -58.56 -115.82 -21.33
N TYR I 1012 -59.32 -116.89 -21.10
CA TYR I 1012 -59.52 -117.90 -22.13
C TYR I 1012 -60.83 -118.64 -21.86
N ASP I 1013 -61.34 -119.28 -22.89
CA ASP I 1013 -62.53 -120.10 -22.75
C ASP I 1013 -62.15 -121.46 -22.18
N PRO I 1014 -62.67 -121.85 -21.02
CA PRO I 1014 -62.33 -123.15 -20.45
C PRO I 1014 -62.99 -124.34 -21.12
N GLN I 1015 -63.68 -124.15 -22.24
CA GLN I 1015 -64.31 -125.27 -22.93
C GLN I 1015 -63.41 -125.90 -23.97
N ILE I 1016 -62.26 -125.31 -24.26
CA ILE I 1016 -61.41 -125.78 -25.35
C ILE I 1016 -60.01 -126.03 -24.82
N SER I 1017 -59.27 -126.86 -25.55
CA SER I 1017 -57.92 -127.22 -25.13
C SER I 1017 -57.01 -126.00 -25.15
N LEU I 1018 -56.04 -126.00 -24.24
CA LEU I 1018 -55.11 -124.90 -24.14
C LEU I 1018 -53.84 -125.39 -23.45
N ASP I 1019 -52.71 -124.85 -23.87
CA ASP I 1019 -51.43 -125.11 -23.22
C ASP I 1019 -50.73 -123.78 -22.99
N GLU I 1020 -50.24 -123.57 -21.78
CA GLU I 1020 -49.65 -122.29 -21.41
C GLU I 1020 -48.20 -122.17 -21.80
N ALA I 1021 -47.59 -123.24 -22.31
CA ALA I 1021 -46.16 -123.22 -22.61
C ALA I 1021 -45.76 -122.10 -23.56
N PRO I 1022 -46.43 -121.88 -24.71
CA PRO I 1022 -45.93 -120.87 -25.64
C PRO I 1022 -45.86 -119.48 -25.04
N ILE I 1023 -46.84 -119.11 -24.21
CA ILE I 1023 -46.84 -117.78 -23.63
C ILE I 1023 -45.62 -117.58 -22.74
N LEU I 1024 -45.36 -118.56 -21.87
CA LEU I 1024 -44.21 -118.46 -20.98
C LEU I 1024 -42.91 -118.41 -21.78
N GLU I 1025 -42.79 -119.27 -22.79
CA GLU I 1025 -41.57 -119.32 -23.56
C GLU I 1025 -41.31 -117.98 -24.25
N GLU I 1026 -42.36 -117.35 -24.76
CA GLU I 1026 -42.19 -115.99 -25.28
C GLU I 1026 -41.76 -115.03 -24.19
N TRP I 1027 -42.40 -115.12 -23.02
CA TRP I 1027 -42.02 -114.25 -21.92
C TRP I 1027 -40.56 -114.43 -21.55
N LEU I 1028 -40.08 -115.68 -21.59
CA LEU I 1028 -38.67 -115.92 -21.35
C LEU I 1028 -37.80 -115.25 -22.41
N SER I 1029 -38.23 -115.32 -23.66
CA SER I 1029 -37.38 -114.86 -24.76
C SER I 1029 -37.07 -113.37 -24.68
N LYS I 1030 -37.92 -112.59 -24.02
CA LYS I 1030 -37.71 -111.15 -23.98
C LYS I 1030 -36.98 -110.68 -22.73
N ILE I 1031 -36.61 -111.59 -21.84
CA ILE I 1031 -35.80 -111.22 -20.69
C ILE I 1031 -34.36 -111.04 -21.13
N ASN I 1032 -33.74 -109.95 -20.68
CA ASN I 1032 -32.35 -109.69 -20.96
C ASN I 1032 -31.73 -109.06 -19.73
N PRO I 1033 -30.41 -108.86 -19.73
CA PRO I 1033 -29.79 -108.21 -18.55
C PRO I 1033 -30.36 -106.84 -18.25
N ALA I 1034 -30.97 -106.16 -19.22
CA ALA I 1034 -31.45 -104.81 -18.98
C ALA I 1034 -32.78 -104.78 -18.22
N GLY I 1035 -33.73 -105.64 -18.59
CA GLY I 1035 -35.04 -105.57 -17.97
C GLY I 1035 -35.88 -106.75 -18.40
N ILE I 1036 -37.12 -106.77 -17.91
CA ILE I 1036 -38.03 -107.88 -18.16
C ILE I 1036 -39.40 -107.34 -18.53
N PRO I 1037 -40.18 -108.13 -19.26
CA PRO I 1037 -41.56 -107.77 -19.53
C PRO I 1037 -42.44 -108.18 -18.38
N PRO I 1038 -43.67 -107.66 -18.31
CA PRO I 1038 -44.55 -108.02 -17.19
C PRO I 1038 -44.89 -109.51 -17.21
N VAL I 1039 -45.11 -110.05 -16.02
CA VAL I 1039 -45.39 -111.48 -15.88
C VAL I 1039 -46.79 -111.76 -16.42
N PRO I 1040 -46.97 -112.78 -17.26
CA PRO I 1040 -48.30 -113.13 -17.74
C PRO I 1040 -48.98 -114.17 -16.87
N PHE I 1041 -50.31 -114.22 -17.01
CA PHE I 1041 -51.11 -115.25 -16.36
C PHE I 1041 -52.29 -115.58 -17.25
N CYS I 1042 -52.78 -116.82 -17.13
CA CYS I 1042 -53.94 -117.28 -17.87
C CYS I 1042 -55.04 -117.62 -16.88
N ILE I 1043 -56.23 -117.10 -17.11
CA ILE I 1043 -57.35 -117.28 -16.19
C ILE I 1043 -58.59 -117.70 -16.97
N PRO I 1044 -59.25 -118.79 -16.60
CA PRO I 1044 -60.48 -119.15 -17.29
C PRO I 1044 -61.58 -118.14 -17.03
N ILE I 1045 -62.45 -117.99 -18.01
CA ILE I 1045 -63.58 -117.07 -17.94
C ILE I 1045 -64.72 -117.79 -17.21
N PRO I 1046 -65.25 -117.23 -16.13
CA PRO I 1046 -66.33 -117.91 -15.40
C PRO I 1046 -67.56 -118.11 -16.29
N GLN I 1047 -68.22 -119.24 -16.11
CA GLN I 1047 -69.35 -119.62 -16.93
C GLN I 1047 -70.62 -119.64 -16.11
N VAL I 1048 -71.74 -119.30 -16.77
CA VAL I 1048 -73.03 -119.21 -16.08
C VAL I 1048 -73.74 -120.55 -16.01
N TYR I 1049 -73.23 -121.58 -16.66
CA TYR I 1049 -73.87 -122.89 -16.67
C TYR I 1049 -72.82 -123.96 -16.44
N PRO I 1050 -73.20 -125.08 -15.84
CA PRO I 1050 -72.22 -126.15 -15.60
C PRO I 1050 -71.77 -126.76 -16.91
N CYS I 1051 -70.54 -126.46 -17.31
CA CYS I 1051 -70.02 -126.87 -18.60
C CYS I 1051 -69.01 -128.00 -18.44
N ILE I 1052 -68.60 -128.55 -19.56
CA ILE I 1052 -67.56 -129.56 -19.61
C ILE I 1052 -66.26 -128.87 -19.98
N THR I 1053 -65.27 -128.98 -19.10
CA THR I 1053 -64.02 -128.27 -19.25
C THR I 1053 -62.94 -129.21 -19.75
N ALA I 1054 -62.24 -128.80 -20.80
CA ALA I 1054 -61.10 -129.57 -21.28
C ALA I 1054 -59.97 -129.49 -20.26
N ARG I 1055 -59.29 -130.61 -20.07
CA ARG I 1055 -58.15 -130.62 -19.16
C ARG I 1055 -57.06 -129.73 -19.71
N ARG I 1056 -56.53 -128.84 -18.87
CA ARG I 1056 -55.57 -127.84 -19.30
C ARG I 1056 -54.25 -128.04 -18.58
N VAL I 1057 -53.21 -127.41 -19.12
CA VAL I 1057 -51.87 -127.48 -18.57
C VAL I 1057 -51.43 -126.07 -18.22
N HIS I 1058 -51.25 -125.80 -16.93
CA HIS I 1058 -50.81 -124.51 -16.45
C HIS I 1058 -49.45 -124.62 -15.80
N TYR I 1059 -48.74 -123.52 -15.79
CA TYR I 1059 -47.39 -123.50 -15.21
C TYR I 1059 -47.18 -122.39 -14.19
N ALA I 1060 -47.76 -121.22 -14.41
CA ALA I 1060 -47.42 -120.04 -13.63
C ALA I 1060 -48.53 -119.70 -12.64
N PHE I 1061 -48.13 -119.36 -11.42
CA PHE I 1061 -49.04 -118.89 -10.39
C PHE I 1061 -48.21 -118.26 -9.29
N THR I 1062 -48.83 -117.31 -8.58
CA THR I 1062 -48.10 -116.55 -7.57
C THR I 1062 -48.14 -117.26 -6.23
N SER I 1063 -47.57 -116.61 -5.22
CA SER I 1063 -47.50 -117.15 -3.86
C SER I 1063 -48.40 -116.43 -2.88
N GLU I 1064 -48.67 -115.15 -3.10
CA GLU I 1064 -49.57 -114.39 -2.24
C GLU I 1064 -50.92 -114.22 -2.93
N ASN I 1065 -51.81 -113.49 -2.27
CA ASN I 1065 -53.15 -113.25 -2.79
C ASN I 1065 -53.19 -111.86 -3.39
N ASN I 1066 -52.72 -111.76 -4.63
CA ASN I 1066 -52.73 -110.49 -5.37
C ASN I 1066 -53.96 -110.45 -6.26
N ASN I 1067 -55.13 -110.39 -5.63
CA ASN I 1067 -56.40 -110.48 -6.34
C ASN I 1067 -57.34 -109.33 -6.01
N ASP I 1068 -56.86 -108.30 -5.31
CA ASP I 1068 -57.76 -107.29 -4.78
C ASP I 1068 -58.41 -106.44 -5.86
N SER I 1069 -57.77 -106.28 -7.01
CA SER I 1069 -58.33 -105.42 -8.05
C SER I 1069 -59.55 -106.04 -8.72
N LEU I 1070 -59.85 -107.30 -8.46
CA LEU I 1070 -61.05 -107.92 -9.02
C LEU I 1070 -62.28 -107.37 -8.33
N PHE I 1071 -63.24 -106.92 -9.12
CA PHE I 1071 -64.45 -106.33 -8.54
C PHE I 1071 -65.56 -107.36 -8.39
N SER I 1072 -65.98 -107.98 -9.48
CA SER I 1072 -67.05 -108.96 -9.45
C SER I 1072 -67.01 -109.76 -10.73
N THR I 1073 -67.77 -110.86 -10.75
CA THR I 1073 -67.82 -111.76 -11.88
C THR I 1073 -69.26 -112.05 -12.27
N ASN I 1074 -69.51 -112.20 -13.57
CA ASN I 1074 -70.82 -112.54 -14.09
C ASN I 1074 -71.88 -111.59 -13.54
N ALA I 1075 -71.55 -110.31 -13.51
CA ALA I 1075 -72.42 -109.35 -12.84
C ALA I 1075 -73.81 -109.30 -13.48
N ALA I 1076 -73.87 -109.34 -14.81
CA ALA I 1076 -75.14 -109.24 -15.49
C ALA I 1076 -75.97 -110.52 -15.41
N SER I 1077 -75.39 -111.61 -14.94
CA SER I 1077 -76.08 -112.89 -14.92
C SER I 1077 -76.70 -113.13 -13.55
N ILE I 1078 -77.36 -114.28 -13.42
CA ILE I 1078 -78.03 -114.60 -12.17
C ILE I 1078 -77.10 -115.29 -11.18
N ASP I 1079 -76.12 -116.05 -11.67
CA ASP I 1079 -75.22 -116.77 -10.77
C ASP I 1079 -74.02 -117.28 -11.57
N THR I 1080 -72.94 -117.55 -10.86
CA THR I 1080 -71.72 -118.10 -11.45
C THR I 1080 -71.70 -119.61 -11.23
N ALA I 1081 -71.68 -120.36 -12.32
CA ALA I 1081 -71.83 -121.81 -12.20
C ALA I 1081 -70.49 -122.49 -11.95
N PHE I 1082 -69.53 -122.32 -12.86
CA PHE I 1082 -68.27 -123.06 -12.79
C PHE I 1082 -67.11 -122.20 -12.33
N GLY I 1083 -66.84 -121.10 -13.02
CA GLY I 1083 -65.60 -120.37 -12.81
C GLY I 1083 -65.49 -119.66 -11.47
N GLU I 1084 -64.58 -118.70 -11.41
CA GLU I 1084 -64.39 -117.93 -10.18
C GLU I 1084 -65.66 -117.16 -9.84
N ASN I 1085 -66.19 -117.40 -8.64
CA ASN I 1085 -67.40 -116.75 -8.18
C ASN I 1085 -67.03 -115.65 -7.21
N ALA I 1086 -67.42 -114.42 -7.51
CA ALA I 1086 -67.05 -113.28 -6.68
C ALA I 1086 -68.19 -112.26 -6.73
N ALA I 1087 -68.96 -112.20 -5.66
CA ALA I 1087 -69.95 -111.15 -5.50
C ALA I 1087 -69.28 -109.86 -5.05
N VAL I 1088 -70.02 -108.76 -5.14
CA VAL I 1088 -69.49 -107.48 -4.71
C VAL I 1088 -69.24 -107.50 -3.21
N SER I 1089 -68.03 -107.12 -2.81
CA SER I 1089 -67.68 -107.14 -1.41
C SER I 1089 -68.23 -105.89 -0.73
N PRO I 1090 -69.07 -106.03 0.30
CA PRO I 1090 -69.59 -104.83 0.98
C PRO I 1090 -68.52 -104.01 1.66
N LEU I 1091 -67.34 -104.57 1.90
CA LEU I 1091 -66.32 -103.86 2.65
C LEU I 1091 -65.97 -102.52 2.02
N ARG I 1092 -66.02 -102.44 0.69
CA ARG I 1092 -65.70 -101.18 0.03
C ARG I 1092 -66.88 -100.23 -0.03
N TRP I 1093 -68.05 -100.63 0.47
CA TRP I 1093 -69.23 -99.78 0.45
C TRP I 1093 -69.89 -99.67 1.82
N PRO I 1094 -69.12 -99.39 2.86
CA PRO I 1094 -69.74 -99.31 4.19
C PRO I 1094 -70.77 -98.21 4.30
N GLY I 1095 -70.58 -97.10 3.60
CA GLY I 1095 -71.48 -95.99 3.66
C GLY I 1095 -72.71 -96.13 2.80
N LEU I 1096 -72.91 -97.29 2.20
CA LEU I 1096 -74.07 -97.53 1.36
C LEU I 1096 -74.91 -98.71 1.82
N VAL I 1097 -74.31 -99.70 2.48
CA VAL I 1097 -75.06 -100.88 2.91
C VAL I 1097 -74.96 -101.15 4.40
N ASP I 1098 -73.95 -100.66 5.09
CA ASP I 1098 -73.80 -100.98 6.50
C ASP I 1098 -74.76 -100.13 7.32
N PRO I 1099 -75.68 -100.73 8.07
CA PRO I 1099 -76.53 -99.93 8.95
C PRO I 1099 -75.77 -99.17 10.00
N ASN I 1100 -74.66 -99.72 10.49
CA ASN I 1100 -73.92 -99.11 11.58
C ASN I 1100 -72.95 -98.04 11.11
N TYR I 1101 -72.86 -97.79 9.81
CA TYR I 1101 -71.97 -96.77 9.30
C TYR I 1101 -72.31 -95.42 9.90
N ARG I 1102 -71.33 -94.77 10.50
CA ARG I 1102 -71.48 -93.42 11.01
C ARG I 1102 -70.79 -92.45 10.06
N VAL I 1103 -71.42 -91.29 9.86
CA VAL I 1103 -70.84 -90.28 9.00
C VAL I 1103 -69.50 -89.82 9.58
N GLY I 1104 -68.52 -89.63 8.71
CA GLY I 1104 -67.22 -89.13 9.13
C GLY I 1104 -66.18 -90.19 9.42
N THR I 1105 -66.42 -91.44 9.03
CA THR I 1105 -65.49 -92.52 9.26
C THR I 1105 -64.90 -93.00 7.95
N ASN I 1106 -63.77 -93.70 8.03
CA ASN I 1106 -63.14 -94.29 6.87
C ASN I 1106 -62.11 -95.32 7.34
N ASP I 1107 -61.59 -96.07 6.39
CA ASP I 1107 -60.52 -97.03 6.64
C ASP I 1107 -59.34 -96.68 5.76
N LEU I 1108 -59.00 -95.39 5.70
CA LEU I 1108 -58.11 -94.90 4.67
C LEU I 1108 -56.76 -95.59 4.62
N PRO I 1109 -56.00 -95.71 5.71
CA PRO I 1109 -54.64 -96.27 5.58
C PRO I 1109 -54.62 -97.72 5.17
N ASN I 1110 -55.73 -98.44 5.28
CA ASN I 1110 -55.75 -99.86 4.99
C ASN I 1110 -56.65 -100.26 3.83
N ARG I 1111 -57.67 -99.46 3.52
CA ARG I 1111 -58.60 -99.80 2.45
C ARG I 1111 -59.15 -98.52 1.86
N ILE I 1112 -59.60 -98.60 0.63
CA ILE I 1112 -60.17 -97.46 -0.08
C ILE I 1112 -61.64 -97.73 -0.28
N THR I 1113 -62.49 -96.99 0.43
CA THR I 1113 -63.92 -97.06 0.18
C THR I 1113 -64.25 -96.27 -1.09
N LEU I 1114 -65.48 -96.43 -1.55
CA LEU I 1114 -65.90 -95.81 -2.80
C LEU I 1114 -67.12 -94.92 -2.67
N TYR I 1115 -67.78 -94.90 -1.52
CA TYR I 1115 -69.04 -94.17 -1.36
C TYR I 1115 -69.03 -93.54 0.02
N ASN I 1116 -68.67 -92.26 0.08
CA ASN I 1116 -68.55 -91.58 1.37
C ASN I 1116 -69.28 -90.25 1.34
N SER I 1117 -69.13 -89.46 2.40
CA SER I 1117 -69.73 -88.14 2.50
C SER I 1117 -68.63 -87.10 2.48
N LEU I 1118 -68.88 -85.98 1.80
CA LEU I 1118 -67.86 -84.95 1.64
C LEU I 1118 -68.52 -83.59 1.66
N TYR I 1119 -67.69 -82.55 1.60
CA TYR I 1119 -68.16 -81.18 1.54
C TYR I 1119 -67.91 -80.59 0.17
N ARG I 1120 -68.63 -79.52 -0.13
CA ARG I 1120 -68.45 -78.77 -1.36
C ARG I 1120 -68.59 -77.28 -1.06
N TYR I 1121 -67.88 -76.47 -1.82
CA TYR I 1121 -67.72 -75.05 -1.52
C TYR I 1121 -68.14 -74.18 -2.69
N ASN I 1122 -68.32 -72.90 -2.39
CA ASN I 1122 -68.67 -71.88 -3.38
C ASN I 1122 -67.85 -70.62 -3.15
N PHE I 1123 -66.53 -70.78 -3.04
CA PHE I 1123 -65.68 -69.63 -2.77
C PHE I 1123 -65.77 -68.60 -3.89
N THR I 1124 -65.56 -67.34 -3.52
CA THR I 1124 -65.47 -66.24 -4.46
C THR I 1124 -64.14 -65.54 -4.26
N TYR I 1125 -63.66 -64.88 -5.32
CA TYR I 1125 -62.30 -64.39 -5.38
C TYR I 1125 -62.30 -62.90 -5.73
N PRO I 1126 -62.63 -62.06 -4.76
CA PRO I 1126 -62.61 -60.62 -5.00
C PRO I 1126 -61.21 -60.14 -5.33
N THR I 1127 -61.13 -59.13 -6.18
CA THR I 1127 -59.84 -58.55 -6.48
C THR I 1127 -59.51 -57.57 -5.39
N LEU I 1128 -58.32 -56.98 -5.45
CA LEU I 1128 -57.88 -56.07 -4.40
C LEU I 1128 -58.82 -54.88 -4.29
N ASP I 1129 -59.18 -54.29 -5.42
CA ASP I 1129 -60.08 -53.15 -5.40
C ASP I 1129 -61.45 -53.53 -4.85
N GLY I 1130 -61.89 -54.77 -5.09
CA GLY I 1130 -63.14 -55.21 -4.53
C GLY I 1130 -63.09 -55.39 -3.03
N ILE I 1131 -61.89 -55.46 -2.45
CA ILE I 1131 -61.74 -55.65 -1.02
C ILE I 1131 -61.83 -54.34 -0.27
N MET I 1132 -61.08 -53.33 -0.72
CA MET I 1132 -60.89 -52.12 0.06
C MET I 1132 -61.41 -50.91 -0.70
N TYR I 1133 -61.52 -49.80 0.02
CA TYR I 1133 -61.97 -48.53 -0.53
C TYR I 1133 -60.80 -47.88 -1.25
N VAL I 1134 -60.68 -48.12 -2.55
CA VAL I 1134 -59.62 -47.53 -3.35
C VAL I 1134 -60.25 -46.80 -4.52
N ARG I 1135 -59.94 -45.52 -4.65
CA ARG I 1135 -60.35 -44.73 -5.80
C ARG I 1135 -59.20 -43.79 -6.17
N SER I 1136 -59.40 -43.07 -7.27
CA SER I 1136 -58.42 -42.09 -7.69
C SER I 1136 -58.35 -40.95 -6.66
N ALA I 1137 -57.28 -40.17 -6.77
CA ALA I 1137 -57.08 -39.05 -5.87
C ALA I 1137 -57.78 -37.80 -6.39
N ASP J 9 -62.59 -160.54 -51.44
CA ASP J 9 -63.92 -161.05 -51.76
C ASP J 9 -64.96 -160.46 -50.82
N SER J 10 -65.84 -161.32 -50.31
CA SER J 10 -66.85 -160.86 -49.37
C SER J 10 -66.23 -160.41 -48.05
N ILE J 11 -65.11 -161.02 -47.66
CA ILE J 11 -64.49 -160.70 -46.38
C ILE J 11 -64.08 -159.23 -46.36
N ALA J 12 -63.48 -158.74 -47.45
CA ALA J 12 -63.08 -157.36 -47.50
C ALA J 12 -64.27 -156.42 -47.30
N ALA J 13 -65.44 -156.83 -47.79
CA ALA J 13 -66.63 -156.01 -47.61
C ALA J 13 -66.93 -155.81 -46.13
N VAL J 14 -66.86 -156.89 -45.35
CA VAL J 14 -67.05 -156.77 -43.91
C VAL J 14 -65.95 -155.93 -43.29
N ALA J 15 -64.71 -156.17 -43.72
CA ALA J 15 -63.58 -155.46 -43.14
C ALA J 15 -63.70 -153.96 -43.34
N ASN J 16 -63.93 -153.53 -44.57
CA ASN J 16 -64.00 -152.10 -44.85
C ASN J 16 -65.19 -151.44 -44.16
N ALA J 17 -66.24 -152.21 -43.91
CA ALA J 17 -67.42 -151.65 -43.27
C ALA J 17 -67.15 -151.22 -41.84
N THR J 18 -66.04 -151.67 -41.25
CA THR J 18 -65.69 -151.36 -39.87
C THR J 18 -64.29 -150.74 -39.86
N LYS J 19 -64.22 -149.44 -40.06
CA LYS J 19 -62.94 -148.72 -40.07
C LYS J 19 -63.14 -147.34 -39.47
N PRO J 20 -63.19 -147.24 -38.14
CA PRO J 20 -63.32 -145.92 -37.51
C PRO J 20 -62.11 -145.05 -37.82
N ALA J 21 -62.36 -143.75 -37.92
CA ALA J 21 -61.29 -142.82 -38.22
C ALA J 21 -60.27 -142.80 -37.09
N ALA J 22 -58.99 -142.87 -37.45
CA ALA J 22 -57.93 -142.91 -36.46
C ALA J 22 -57.63 -141.54 -35.87
N VAL J 23 -58.02 -140.46 -36.55
CA VAL J 23 -57.74 -139.10 -36.08
C VAL J 23 -58.99 -138.27 -36.30
N VAL J 24 -59.57 -137.76 -35.23
CA VAL J 24 -60.73 -136.88 -35.30
C VAL J 24 -60.32 -135.51 -34.80
N SER J 25 -61.25 -134.55 -34.83
CA SER J 25 -60.97 -133.18 -34.45
C SER J 25 -62.06 -132.73 -33.47
N ASP J 26 -61.72 -132.69 -32.19
CA ASP J 26 -62.63 -132.17 -31.18
C ASP J 26 -61.91 -131.11 -30.36
N PRO J 27 -62.63 -130.05 -29.95
CA PRO J 27 -61.96 -128.94 -29.27
C PRO J 27 -61.37 -129.32 -27.92
N GLN J 28 -61.83 -130.40 -27.31
CA GLN J 28 -61.37 -130.81 -25.98
C GLN J 28 -60.44 -132.00 -26.19
N SER J 29 -59.15 -131.70 -26.34
CA SER J 29 -58.21 -132.72 -26.77
C SER J 29 -56.94 -132.81 -25.94
N MET J 30 -56.79 -131.98 -24.90
CA MET J 30 -55.62 -132.03 -24.02
C MET J 30 -54.33 -131.79 -24.82
N LYS J 31 -54.22 -130.59 -25.36
CA LYS J 31 -53.05 -130.23 -26.13
C LYS J 31 -51.83 -130.15 -25.23
N VAL J 32 -50.72 -130.72 -25.70
CA VAL J 32 -49.46 -130.73 -24.97
C VAL J 32 -48.33 -130.44 -25.95
N THR J 33 -47.62 -129.34 -25.74
CA THR J 33 -46.53 -128.96 -26.63
C THR J 33 -45.35 -129.90 -26.44
N PRO J 34 -44.45 -129.99 -27.42
CA PRO J 34 -43.26 -130.84 -27.27
C PRO J 34 -42.40 -130.38 -26.11
N ILE J 35 -41.73 -131.35 -25.49
CA ILE J 35 -40.87 -131.04 -24.35
C ILE J 35 -39.68 -130.21 -24.78
N VAL J 36 -38.99 -130.65 -25.83
CA VAL J 36 -37.84 -129.94 -26.37
C VAL J 36 -38.27 -129.17 -27.59
N ASN J 37 -37.77 -127.95 -27.73
CA ASN J 37 -38.15 -127.13 -28.88
C ASN J 37 -37.68 -127.81 -30.15
N PRO J 38 -38.57 -128.15 -31.08
CA PRO J 38 -38.17 -128.89 -32.28
C PRO J 38 -37.60 -128.03 -33.38
N SER J 39 -37.61 -126.70 -33.22
CA SER J 39 -37.15 -125.81 -34.28
C SER J 39 -35.66 -125.55 -34.21
N SER J 40 -35.19 -125.02 -33.08
CA SER J 40 -33.79 -124.67 -32.93
C SER J 40 -33.01 -125.88 -32.45
N TYR J 41 -31.91 -126.17 -33.14
CA TYR J 41 -31.01 -127.25 -32.77
C TYR J 41 -29.73 -126.64 -32.23
N VAL J 42 -29.30 -127.08 -31.05
CA VAL J 42 -28.21 -126.45 -30.31
C VAL J 42 -27.09 -127.45 -30.10
N CYS J 43 -25.87 -127.04 -30.44
CA CYS J 43 -24.71 -127.86 -30.14
C CYS J 43 -24.46 -127.90 -28.64
N ASN J 44 -23.72 -128.92 -28.21
CA ASN J 44 -23.46 -129.09 -26.78
C ASN J 44 -22.03 -128.78 -26.37
N VAL J 45 -21.09 -128.74 -27.31
CA VAL J 45 -19.71 -128.42 -26.95
C VAL J 45 -19.44 -126.96 -27.24
N CYS J 46 -19.50 -126.57 -28.51
CA CYS J 46 -19.35 -125.17 -28.87
C CYS J 46 -20.61 -124.37 -28.59
N ASN J 47 -21.72 -125.06 -28.38
CA ASN J 47 -23.01 -124.46 -28.06
C ASN J 47 -23.49 -123.52 -29.16
N ALA J 48 -23.00 -123.70 -30.38
CA ALA J 48 -23.63 -123.05 -31.51
C ALA J 48 -24.99 -123.68 -31.77
N ARG J 49 -25.81 -122.99 -32.56
CA ARG J 49 -27.13 -123.50 -32.85
C ARG J 49 -27.44 -123.29 -34.33
N PHE J 50 -28.37 -124.10 -34.84
CA PHE J 50 -28.66 -124.13 -36.26
C PHE J 50 -30.15 -124.39 -36.47
N SER J 51 -30.62 -124.03 -37.65
CA SER J 51 -32.03 -124.17 -37.97
C SER J 51 -32.42 -125.63 -38.23
N THR J 52 -31.61 -126.35 -38.99
CA THR J 52 -31.93 -127.71 -39.40
C THR J 52 -31.02 -128.72 -38.70
N MET J 53 -31.57 -129.91 -38.47
CA MET J 53 -30.83 -130.94 -37.75
C MET J 53 -29.58 -131.36 -38.52
N SER J 54 -29.69 -131.47 -39.84
CA SER J 54 -28.55 -131.91 -40.64
C SER J 54 -27.37 -130.97 -40.49
N ALA J 55 -27.62 -129.67 -40.49
CA ALA J 55 -26.54 -128.71 -40.35
C ALA J 55 -25.82 -128.87 -39.03
N LEU J 56 -26.58 -129.04 -37.95
CA LEU J 56 -25.97 -129.27 -36.64
C LEU J 56 -25.17 -130.56 -36.66
N SER J 57 -25.73 -131.62 -37.25
CA SER J 57 -25.03 -132.90 -37.30
C SER J 57 -23.69 -132.75 -38.00
N GLU J 58 -23.69 -132.12 -39.17
CA GLU J 58 -22.45 -131.94 -39.90
C GLU J 58 -21.47 -131.08 -39.14
N HIS J 59 -21.98 -130.02 -38.50
CA HIS J 59 -21.09 -129.10 -37.80
C HIS J 59 -20.31 -129.82 -36.70
N LEU J 60 -21.02 -130.53 -35.83
CA LEU J 60 -20.33 -131.27 -34.79
C LEU J 60 -19.53 -132.43 -35.34
N ARG J 61 -19.94 -132.99 -36.49
CA ARG J 61 -19.20 -134.07 -37.10
C ARG J 61 -18.00 -133.58 -37.88
N SER J 62 -17.83 -132.28 -38.04
CA SER J 62 -16.67 -131.73 -38.71
C SER J 62 -15.87 -130.79 -37.83
N ASP J 63 -16.53 -129.91 -37.07
CA ASP J 63 -15.80 -128.95 -36.25
C ASP J 63 -15.11 -129.63 -35.08
N HIS J 64 -15.84 -130.47 -34.35
CA HIS J 64 -15.31 -131.13 -33.16
C HIS J 64 -14.96 -132.57 -33.55
N ARG J 65 -13.69 -132.82 -33.78
CA ARG J 65 -13.22 -134.13 -34.25
C ARG J 65 -11.97 -134.53 -33.51
N ASP J 66 -12.04 -135.62 -32.75
CA ASP J 66 -10.87 -136.25 -32.16
C ASP J 66 -10.66 -137.67 -32.65
N ASP J 67 -11.68 -138.52 -32.51
CA ASP J 67 -11.59 -139.89 -33.03
C ASP J 67 -11.73 -139.87 -34.54
N ALA J 68 -10.80 -140.53 -35.23
CA ALA J 68 -10.83 -140.64 -36.68
C ALA J 68 -9.81 -141.69 -37.10
N SER J 69 -9.93 -142.15 -38.35
CA SER J 69 -8.90 -143.00 -38.91
C SER J 69 -7.57 -142.25 -38.93
N THR J 70 -6.50 -142.99 -39.21
CA THR J 70 -5.15 -142.49 -38.96
C THR J 70 -4.90 -141.13 -39.59
N LEU J 71 -4.39 -140.20 -38.79
CA LEU J 71 -4.04 -138.87 -39.24
C LEU J 71 -2.53 -138.77 -39.34
N LEU J 72 -2.04 -138.31 -40.49
CA LEU J 72 -0.61 -138.37 -40.79
C LEU J 72 -0.11 -137.03 -41.33
N ALA J 73 0.90 -136.48 -40.66
CA ALA J 73 1.68 -135.35 -41.17
C ALA J 73 0.83 -134.15 -41.52
N THR J 74 -0.25 -133.92 -40.76
CA THR J 74 -1.11 -132.78 -41.04
C THR J 74 -0.42 -131.49 -40.62
N PRO J 75 -0.33 -130.49 -41.50
CA PRO J 75 0.30 -129.22 -41.12
C PRO J 75 -0.62 -128.31 -40.33
N MET J 76 -1.89 -128.66 -40.17
CA MET J 76 -2.82 -127.81 -39.43
C MET J 76 -2.43 -127.77 -37.96
N ILE J 77 -2.10 -126.59 -37.48
CA ILE J 77 -1.80 -126.37 -36.07
C ILE J 77 -2.43 -125.07 -35.64
N ASN J 78 -2.97 -125.04 -34.42
CA ASN J 78 -3.73 -123.90 -33.95
C ASN J 78 -3.30 -123.55 -32.54
N ASN J 79 -3.57 -122.29 -32.16
CA ASN J 79 -3.30 -121.86 -30.80
C ASN J 79 -4.44 -122.33 -29.89
N ALA J 80 -4.30 -122.02 -28.60
CA ALA J 80 -5.17 -122.61 -27.59
C ALA J 80 -6.63 -122.24 -27.84
N ILE J 81 -6.94 -120.97 -27.76
CA ILE J 81 -8.33 -120.51 -27.79
C ILE J 81 -8.77 -120.35 -29.23
N ARG J 82 -9.89 -120.98 -29.58
CA ARG J 82 -10.50 -120.78 -30.88
C ARG J 82 -11.64 -119.76 -30.85
N SER J 83 -12.56 -119.91 -29.91
CA SER J 83 -13.70 -119.00 -29.85
C SER J 83 -14.29 -119.03 -28.46
N PHE J 84 -15.18 -118.08 -28.20
CA PHE J 84 -15.90 -118.00 -26.94
C PHE J 84 -17.35 -117.63 -27.20
N LEU J 85 -18.19 -117.95 -26.23
CA LEU J 85 -19.62 -117.64 -26.30
C LEU J 85 -20.01 -116.90 -25.03
N THR J 86 -20.56 -115.71 -25.18
CA THR J 86 -21.05 -114.93 -24.04
C THR J 86 -22.47 -115.39 -23.74
N ALA J 87 -22.64 -116.00 -22.57
CA ALA J 87 -23.92 -116.63 -22.26
C ALA J 87 -25.05 -115.62 -22.13
N TRP J 88 -24.74 -114.40 -21.69
CA TRP J 88 -25.80 -113.44 -21.43
C TRP J 88 -26.43 -112.89 -22.70
N ASP J 89 -25.79 -113.06 -23.85
CA ASP J 89 -26.39 -112.61 -25.10
C ASP J 89 -26.20 -113.58 -26.25
N GLY J 90 -25.48 -114.68 -26.06
CA GLY J 90 -25.30 -115.63 -27.14
C GLY J 90 -24.44 -115.14 -28.28
N ILE J 91 -23.59 -114.15 -28.04
CA ILE J 91 -22.73 -113.64 -29.09
C ILE J 91 -21.48 -114.51 -29.19
N ARG J 92 -21.19 -114.99 -30.39
CA ARG J 92 -19.98 -115.75 -30.64
C ARG J 92 -18.82 -114.79 -30.83
N ILE J 93 -17.71 -115.04 -30.13
CA ILE J 93 -16.50 -114.27 -30.29
C ILE J 93 -15.41 -115.21 -30.79
N LEU J 94 -14.89 -114.93 -31.97
CA LEU J 94 -13.78 -115.69 -32.52
C LEU J 94 -12.47 -115.07 -32.08
N SER J 95 -11.48 -115.92 -31.85
CA SER J 95 -10.14 -115.41 -31.57
C SER J 95 -9.70 -114.56 -32.77
N PRO J 96 -9.00 -113.45 -32.52
CA PRO J 96 -8.60 -112.59 -33.64
C PRO J 96 -7.88 -113.36 -34.73
N ASP J 97 -7.06 -114.34 -34.35
CA ASP J 97 -6.59 -115.35 -35.28
C ASP J 97 -6.06 -116.53 -34.47
N VAL J 98 -6.62 -117.71 -34.70
CA VAL J 98 -6.13 -118.91 -34.03
C VAL J 98 -4.73 -119.25 -34.51
N SER J 99 -4.38 -118.80 -35.71
CA SER J 99 -3.07 -119.03 -36.30
C SER J 99 -2.52 -117.66 -36.69
N SER J 100 -1.50 -117.65 -37.55
CA SER J 100 -0.85 -116.43 -38.00
C SER J 100 -0.20 -115.71 -36.81
N LYS J 101 0.80 -116.39 -36.24
CA LYS J 101 1.46 -115.94 -35.03
C LYS J 101 1.96 -114.51 -35.19
N HIS J 102 1.54 -113.65 -34.27
CA HIS J 102 1.79 -112.22 -34.34
C HIS J 102 1.71 -111.67 -32.93
N LEU J 103 2.37 -110.54 -32.68
CA LEU J 103 2.50 -110.00 -31.33
C LEU J 103 2.24 -108.51 -31.34
N SER J 104 1.02 -108.13 -30.97
CA SER J 104 0.69 -106.72 -30.81
C SER J 104 1.39 -106.14 -29.59
N ALA J 105 1.89 -104.91 -29.74
CA ALA J 105 2.50 -104.15 -28.65
C ALA J 105 3.77 -104.81 -28.11
N TYR J 106 4.47 -105.56 -28.95
CA TYR J 106 5.75 -106.11 -28.53
C TYR J 106 6.77 -104.97 -28.38
N LEU J 107 7.78 -105.21 -27.55
CA LEU J 107 8.67 -104.14 -27.13
C LEU J 107 9.43 -103.52 -28.29
N ASP J 108 10.30 -104.29 -28.95
CA ASP J 108 11.07 -103.76 -30.06
C ASP J 108 10.15 -103.24 -31.16
N SER J 109 9.34 -104.12 -31.72
CA SER J 109 8.27 -103.74 -32.62
C SER J 109 7.22 -104.84 -32.59
N ALA J 110 5.99 -104.47 -32.96
CA ALA J 110 4.89 -105.45 -32.98
C ALA J 110 5.08 -106.51 -34.04
N VAL J 111 6.19 -106.48 -34.78
CA VAL J 111 6.46 -107.46 -35.82
C VAL J 111 6.69 -108.85 -35.25
N ALA J 112 6.93 -108.96 -33.95
CA ALA J 112 7.31 -110.24 -33.36
C ALA J 112 6.19 -111.27 -33.48
N ASN J 113 6.57 -112.53 -33.33
CA ASN J 113 5.65 -113.64 -33.57
C ASN J 113 6.03 -114.81 -32.69
N GLY J 114 5.16 -115.82 -32.66
CA GLY J 114 5.44 -117.04 -31.95
C GLY J 114 6.32 -117.96 -32.77
N PRO J 115 7.08 -118.81 -32.10
CA PRO J 115 7.99 -119.71 -32.81
C PRO J 115 7.27 -120.86 -33.46
N GLU J 116 7.91 -121.42 -34.49
CA GLU J 116 7.44 -122.64 -35.13
C GLU J 116 8.11 -123.81 -34.42
N LEU J 117 7.35 -124.52 -33.59
CA LEU J 117 7.93 -125.53 -32.72
C LEU J 117 7.20 -126.86 -32.81
N ILE J 118 6.38 -127.06 -33.83
CA ILE J 118 5.73 -128.35 -34.08
C ILE J 118 6.14 -128.77 -35.47
N VAL J 119 7.23 -129.53 -35.56
CA VAL J 119 7.71 -130.08 -36.81
C VAL J 119 7.98 -131.56 -36.60
N GLU J 120 7.40 -132.39 -37.46
CA GLU J 120 7.51 -133.83 -37.31
C GLU J 120 7.79 -134.45 -38.67
N ASP J 121 8.52 -135.56 -38.65
CA ASP J 121 8.83 -136.30 -39.86
C ASP J 121 8.49 -137.77 -39.65
N THR J 122 8.27 -138.46 -40.76
CA THR J 122 8.06 -139.89 -40.74
C THR J 122 9.22 -140.66 -41.36
N GLY J 123 10.27 -139.96 -41.77
CA GLY J 123 11.41 -140.62 -42.37
C GLY J 123 12.28 -141.31 -41.35
N LEU J 124 13.50 -141.67 -41.73
CA LEU J 124 14.42 -142.33 -40.83
C LEU J 124 15.13 -141.32 -39.96
N CYS J 125 15.27 -141.66 -38.68
CA CYS J 125 15.91 -140.76 -37.71
C CYS J 125 17.43 -140.94 -37.75
N THR J 126 17.98 -140.71 -38.94
CA THR J 126 19.42 -140.83 -39.15
C THR J 126 19.92 -139.62 -39.92
N SER J 127 21.21 -139.35 -39.76
CA SER J 127 21.83 -138.23 -40.46
C SER J 127 23.20 -138.60 -41.03
N PHE J 128 23.57 -139.88 -41.03
CA PHE J 128 24.83 -140.33 -41.60
C PHE J 128 24.54 -141.28 -42.74
N MET J 129 25.03 -140.94 -43.93
CA MET J 129 24.76 -141.69 -45.13
C MET J 129 25.93 -142.62 -45.44
N LEU J 130 25.61 -143.82 -45.90
CA LEU J 130 26.61 -144.81 -46.26
C LEU J 130 26.64 -144.90 -47.78
N LEU J 131 27.56 -144.16 -48.38
CA LEU J 131 27.69 -144.13 -49.83
C LEU J 131 29.03 -144.69 -50.25
N ASP J 132 29.09 -145.18 -51.48
CA ASP J 132 30.33 -145.70 -52.05
C ASP J 132 31.08 -144.55 -52.69
N ASN J 133 32.28 -144.28 -52.19
CA ASN J 133 33.07 -143.20 -52.77
C ASN J 133 33.64 -143.58 -54.12
N ILE J 134 34.00 -144.84 -54.32
CA ILE J 134 34.60 -145.32 -55.55
C ILE J 134 33.69 -146.39 -56.12
N PRO J 135 33.30 -146.30 -57.39
CA PRO J 135 32.40 -147.31 -57.95
C PRO J 135 33.06 -148.68 -58.00
N SER J 136 32.25 -149.68 -58.31
CA SER J 136 32.72 -151.05 -58.41
C SER J 136 33.41 -151.27 -59.75
N ALA J 137 33.69 -152.52 -60.10
CA ALA J 137 34.37 -152.86 -61.33
C ALA J 137 33.53 -153.73 -62.24
N HIS J 138 32.21 -153.74 -62.05
CA HIS J 138 31.28 -154.47 -62.92
C HIS J 138 31.62 -155.96 -62.97
N LEU J 139 31.44 -156.60 -61.82
CA LEU J 139 31.71 -158.03 -61.70
C LEU J 139 30.46 -158.83 -62.00
N THR J 140 30.68 -160.07 -62.43
CA THR J 140 29.57 -160.97 -62.72
C THR J 140 28.84 -161.32 -61.43
N LYS J 141 27.54 -161.64 -61.57
CA LYS J 141 26.69 -161.81 -60.40
C LYS J 141 26.85 -163.18 -59.76
N GLU J 142 26.66 -164.24 -60.54
CA GLU J 142 26.72 -165.64 -60.14
C GLU J 142 25.47 -166.04 -59.34
N LEU J 143 24.60 -165.10 -58.99
CA LEU J 143 23.33 -165.38 -58.33
C LEU J 143 22.46 -164.14 -58.40
N ILE J 144 21.22 -164.27 -58.88
CA ILE J 144 20.47 -163.11 -59.35
C ILE J 144 19.21 -162.82 -58.55
N GLY J 145 18.67 -163.75 -57.79
CA GLY J 145 17.52 -163.42 -56.96
C GLY J 145 16.70 -164.63 -56.59
N PHE J 146 15.61 -164.35 -55.88
CA PHE J 146 14.73 -165.38 -55.38
C PHE J 146 13.75 -165.82 -56.46
N THR J 147 13.20 -167.01 -56.28
CA THR J 147 12.29 -167.60 -57.24
C THR J 147 11.02 -168.06 -56.54
N TRP J 148 9.89 -167.89 -57.24
CA TRP J 148 8.59 -168.15 -56.63
C TRP J 148 7.63 -168.51 -57.77
N PHE J 149 7.40 -169.80 -57.96
CA PHE J 149 6.51 -170.30 -59.02
C PHE J 149 6.88 -169.72 -60.38
N MET J 150 8.17 -169.83 -60.72
CA MET J 150 8.76 -169.32 -61.95
C MET J 150 8.74 -167.80 -62.03
N GLN J 151 8.20 -167.10 -61.04
CA GLN J 151 8.46 -165.68 -60.93
C GLN J 151 9.78 -165.46 -60.21
N MET J 152 10.37 -164.30 -60.46
CA MET J 152 11.64 -163.94 -59.84
C MET J 152 11.52 -162.59 -59.15
N TYR J 153 12.07 -162.51 -57.95
CA TYR J 153 12.15 -161.26 -57.22
C TYR J 153 13.61 -160.95 -56.91
N GLN J 154 13.90 -159.67 -56.72
CA GLN J 154 15.25 -159.25 -56.36
C GLN J 154 15.17 -157.93 -55.61
N MET J 155 15.48 -157.96 -54.33
CA MET J 155 15.50 -156.76 -53.52
C MET J 155 16.76 -155.95 -53.79
N THR J 156 16.64 -154.64 -53.72
CA THR J 156 17.82 -153.79 -53.78
C THR J 156 18.60 -153.92 -52.48
N PRO J 157 19.93 -154.00 -52.56
CA PRO J 157 20.71 -154.31 -51.35
C PRO J 157 20.64 -153.16 -50.36
N PRO J 158 20.72 -153.45 -49.07
CA PRO J 158 20.63 -152.39 -48.06
C PRO J 158 21.93 -151.62 -47.92
N LEU J 159 23.03 -152.28 -48.05
CA LEU J 159 24.29 -151.61 -47.82
C LEU J 159 24.95 -151.21 -49.13
N PRO J 160 25.74 -150.14 -49.13
CA PRO J 160 26.38 -149.71 -50.37
C PRO J 160 27.33 -150.78 -50.90
N GLU J 161 27.45 -150.82 -52.22
CA GLU J 161 28.30 -151.80 -52.91
C GLU J 161 29.24 -151.04 -53.83
N GLY J 162 30.44 -150.78 -53.34
CA GLY J 162 31.43 -150.08 -54.14
C GLY J 162 32.82 -150.52 -53.73
N ALA J 163 33.81 -150.04 -54.48
CA ALA J 163 35.19 -150.36 -54.16
C ALA J 163 35.55 -149.82 -52.78
N VAL J 164 35.16 -148.58 -52.48
CA VAL J 164 35.40 -147.97 -51.18
C VAL J 164 34.10 -147.34 -50.72
N ASN J 165 33.71 -147.64 -49.48
CA ASN J 165 32.49 -147.12 -48.90
C ASN J 165 32.82 -146.38 -47.62
N ARG J 166 32.28 -145.18 -47.47
CA ARG J 166 32.56 -144.34 -46.32
C ARG J 166 31.26 -143.86 -45.69
N ILE J 167 31.41 -143.09 -44.62
CA ILE J 167 30.29 -142.51 -43.90
C ILE J 167 30.44 -141.00 -43.94
N VAL J 168 29.38 -140.31 -44.35
CA VAL J 168 29.41 -138.86 -44.45
C VAL J 168 28.23 -138.28 -43.67
N CYS J 169 28.37 -137.02 -43.29
CA CYS J 169 27.36 -136.32 -42.51
C CYS J 169 26.46 -135.54 -43.45
N MET J 170 25.23 -136.03 -43.64
CA MET J 170 24.24 -135.35 -44.48
C MET J 170 22.92 -135.40 -43.73
N THR J 171 22.59 -134.31 -43.04
CA THR J 171 21.40 -134.26 -42.22
C THR J 171 20.15 -134.42 -43.08
N ASN J 172 19.13 -135.04 -42.50
CA ASN J 172 17.82 -135.17 -43.11
C ASN J 172 17.87 -135.83 -44.47
N TRP J 173 18.94 -136.57 -44.77
CA TRP J 173 19.07 -137.20 -46.08
C TRP J 173 17.98 -138.24 -46.31
N ALA J 174 17.36 -138.72 -45.24
CA ALA J 174 16.24 -139.67 -45.34
C ALA J 174 14.97 -139.07 -44.75
N SER J 175 14.83 -137.76 -44.82
CA SER J 175 13.63 -137.11 -44.31
C SER J 175 12.44 -137.36 -45.21
N LEU J 176 11.25 -137.41 -44.60
CA LEU J 176 10.04 -137.70 -45.36
C LEU J 176 8.87 -136.79 -45.05
N GLY J 177 8.82 -136.13 -43.90
CA GLY J 177 7.65 -135.35 -43.53
C GLY J 177 7.70 -133.91 -44.03
N ASP J 178 7.54 -132.96 -43.11
CA ASP J 178 7.51 -131.55 -43.48
C ASP J 178 8.87 -131.11 -44.02
N GLU J 179 8.89 -129.89 -44.54
CA GLU J 179 10.14 -129.35 -45.09
C GLU J 179 11.20 -129.17 -44.01
N GLY J 180 10.78 -128.96 -42.77
CA GLY J 180 11.73 -128.83 -41.68
C GLY J 180 12.38 -127.47 -41.63
N ARG J 181 13.26 -127.31 -40.65
CA ARG J 181 13.95 -126.04 -40.46
C ARG J 181 14.79 -125.71 -41.69
N GLY J 182 14.85 -124.43 -42.03
CA GLY J 182 15.66 -123.99 -43.13
C GLY J 182 17.14 -123.95 -42.78
N LEU J 183 17.67 -125.04 -42.25
CA LEU J 183 19.05 -125.11 -41.85
C LEU J 183 19.58 -126.50 -42.19
N GLU J 184 20.77 -126.57 -42.77
CA GLU J 184 21.25 -127.81 -43.33
C GLU J 184 22.75 -127.94 -43.17
N VAL J 185 23.22 -129.17 -42.98
CA VAL J 185 24.64 -129.48 -42.91
C VAL J 185 24.88 -130.74 -43.73
N ARG J 186 25.62 -130.60 -44.83
CA ARG J 186 25.90 -131.75 -45.71
C ARG J 186 27.33 -131.62 -46.23
N LEU J 187 28.23 -132.37 -45.63
CA LEU J 187 29.60 -132.36 -46.10
C LEU J 187 29.75 -133.26 -47.32
N PRO J 188 30.69 -132.95 -48.21
CA PRO J 188 30.97 -133.84 -49.32
C PRO J 188 31.84 -135.01 -48.87
N PRO J 189 31.98 -136.04 -49.68
CA PRO J 189 32.89 -137.13 -49.33
C PRO J 189 34.32 -136.64 -49.29
N PRO J 190 35.21 -137.37 -48.62
CA PRO J 190 36.57 -136.86 -48.41
C PRO J 190 37.33 -136.60 -49.69
N THR J 191 36.88 -137.14 -50.82
CA THR J 191 37.55 -136.87 -52.08
C THR J 191 37.43 -135.43 -52.53
N ASP J 192 36.56 -134.64 -51.88
CA ASP J 192 36.38 -133.24 -52.22
C ASP J 192 36.85 -132.38 -51.04
N SER J 193 36.78 -131.07 -51.23
CA SER J 193 37.23 -130.10 -50.25
C SER J 193 36.03 -129.59 -49.46
N SER J 194 35.98 -129.91 -48.17
CA SER J 194 34.89 -129.48 -47.31
C SER J 194 35.20 -128.21 -46.56
N VAL J 195 36.06 -127.34 -47.11
CA VAL J 195 36.44 -126.12 -46.43
C VAL J 195 35.22 -125.23 -46.21
N HIS J 196 34.36 -125.13 -47.22
CA HIS J 196 33.24 -124.20 -47.17
C HIS J 196 32.37 -124.40 -45.93
N ALA J 197 32.48 -125.53 -45.26
CA ALA J 197 31.70 -125.78 -44.07
C ALA J 197 32.34 -125.26 -42.79
N TYR J 198 33.58 -124.79 -42.86
CA TYR J 198 34.30 -124.36 -41.66
C TYR J 198 34.69 -122.89 -41.74
N LYS J 199 33.92 -122.08 -42.44
CA LYS J 199 34.19 -120.66 -42.58
C LYS J 199 32.99 -119.85 -42.15
N THR J 200 32.39 -120.23 -41.03
CA THR J 200 31.17 -119.57 -40.60
C THR J 200 31.47 -118.17 -40.06
N VAL J 201 32.50 -118.04 -39.23
CA VAL J 201 32.83 -116.77 -38.61
C VAL J 201 34.33 -116.53 -38.71
N LEU J 202 34.70 -115.27 -38.59
CA LEU J 202 36.09 -114.82 -38.53
C LEU J 202 36.90 -115.24 -39.74
N SER J 203 36.25 -115.69 -40.80
CA SER J 203 36.93 -116.15 -42.00
C SER J 203 36.54 -115.36 -43.24
N ARG J 204 35.25 -115.21 -43.49
CA ARG J 204 34.79 -114.63 -44.73
C ARG J 204 35.15 -113.14 -44.79
N GLY J 205 35.66 -112.71 -45.94
CA GLY J 205 36.12 -111.35 -46.15
C GLY J 205 37.59 -111.25 -46.49
N TYR J 206 38.39 -112.18 -45.98
CA TYR J 206 39.81 -112.23 -46.28
C TYR J 206 40.32 -113.62 -46.63
N ILE J 207 39.65 -114.67 -46.20
CA ILE J 207 40.15 -116.01 -46.44
C ILE J 207 39.98 -116.36 -47.91
N ASP J 208 40.88 -117.18 -48.42
CA ASP J 208 40.77 -117.64 -49.79
C ASP J 208 39.65 -118.66 -49.92
N ASN J 209 39.15 -118.81 -51.15
CA ASN J 209 38.07 -119.73 -51.43
C ASN J 209 38.47 -121.19 -51.24
N ALA J 210 39.73 -121.47 -50.90
CA ALA J 210 40.16 -122.85 -50.73
C ALA J 210 40.99 -123.04 -49.47
N GLN J 211 40.85 -122.17 -48.48
CA GLN J 211 41.62 -122.26 -47.26
C GLN J 211 40.70 -122.15 -46.06
N PHE J 212 41.13 -122.76 -44.96
CA PHE J 212 40.47 -122.60 -43.67
C PHE J 212 41.46 -122.05 -42.67
N ASN J 213 41.00 -121.13 -41.83
CA ASN J 213 41.90 -120.52 -40.87
C ASN J 213 42.13 -121.47 -39.71
N PRO J 214 43.35 -121.96 -39.51
CA PRO J 214 43.60 -122.89 -38.42
C PRO J 214 43.44 -122.28 -37.04
N LEU J 215 43.56 -120.96 -36.92
CA LEU J 215 43.48 -120.34 -35.60
C LEU J 215 42.05 -120.26 -35.07
N ALA J 216 41.06 -120.24 -35.95
CA ALA J 216 39.67 -120.15 -35.55
C ALA J 216 38.97 -121.50 -35.57
N LEU J 217 39.73 -122.58 -35.44
CA LEU J 217 39.17 -123.90 -35.65
C LEU J 217 38.11 -124.23 -34.61
N ARG J 218 38.39 -123.96 -33.33
CA ARG J 218 37.47 -124.37 -32.28
C ARG J 218 36.10 -123.73 -32.46
N SER J 219 36.07 -122.44 -32.78
CA SER J 219 34.80 -121.74 -32.90
C SER J 219 34.02 -122.22 -34.13
N ASN J 220 34.68 -122.29 -35.29
CA ASN J 220 33.99 -122.69 -36.50
C ASN J 220 33.42 -124.09 -36.38
N VAL J 221 34.19 -125.00 -35.78
CA VAL J 221 33.67 -126.34 -35.52
C VAL J 221 32.42 -126.25 -34.64
N LEU J 222 32.48 -125.41 -33.61
CA LEU J 222 31.37 -125.33 -32.67
C LEU J 222 30.09 -124.90 -33.38
N LEU J 223 30.18 -123.87 -34.21
CA LEU J 223 29.00 -123.40 -34.91
C LEU J 223 28.45 -124.46 -35.86
N MET J 224 29.35 -125.18 -36.54
CA MET J 224 28.88 -126.23 -37.45
C MET J 224 28.10 -127.27 -36.68
N LEU J 225 28.59 -127.67 -35.51
CA LEU J 225 27.83 -128.59 -34.68
C LEU J 225 26.48 -128.00 -34.31
N LEU J 226 26.47 -126.71 -33.95
CA LEU J 226 25.22 -126.07 -33.56
C LEU J 226 24.21 -126.12 -34.70
N GLN J 227 24.66 -125.80 -35.91
CA GLN J 227 23.78 -125.94 -37.06
C GLN J 227 23.34 -127.38 -37.22
N PHE J 228 24.26 -128.32 -37.05
CA PHE J 228 23.91 -129.73 -37.13
C PHE J 228 22.84 -130.08 -36.11
N THR J 229 22.96 -129.54 -34.90
CA THR J 229 21.99 -129.84 -33.86
C THR J 229 20.61 -129.28 -34.21
N LEU J 230 20.56 -127.99 -34.56
CA LEU J 230 19.28 -127.36 -34.82
C LEU J 230 18.57 -128.01 -35.99
N SER J 231 19.32 -128.45 -36.99
CA SER J 231 18.71 -129.05 -38.17
C SER J 231 18.05 -130.38 -37.88
N ASN J 232 18.03 -130.84 -36.63
CA ASN J 232 17.41 -132.10 -36.29
C ASN J 232 16.32 -132.00 -35.24
N LEU J 233 16.00 -130.80 -34.77
CA LEU J 233 14.99 -130.62 -33.74
C LEU J 233 13.61 -130.84 -34.36
N LYS J 234 13.12 -132.07 -34.26
CA LYS J 234 11.82 -132.40 -34.83
C LYS J 234 11.30 -133.67 -34.15
N ILE J 235 10.02 -133.91 -34.32
CA ILE J 235 9.35 -135.03 -33.67
C ILE J 235 9.42 -136.25 -34.58
N ASN J 236 9.49 -137.43 -33.97
CA ASN J 236 9.48 -138.69 -34.70
C ASN J 236 8.04 -139.19 -34.74
N LYS J 237 7.27 -138.65 -35.67
CA LYS J 237 5.90 -139.09 -35.85
C LYS J 237 5.86 -140.56 -36.22
N SER J 238 4.87 -141.27 -35.70
CA SER J 238 4.65 -142.64 -36.12
C SER J 238 4.04 -142.66 -37.51
N SER J 239 3.73 -143.84 -38.01
CA SER J 239 3.20 -143.96 -39.36
C SER J 239 2.43 -145.26 -39.48
N THR J 240 1.96 -145.53 -40.68
CA THR J 240 1.27 -146.79 -40.95
C THR J 240 2.24 -147.95 -40.90
N PHE J 241 1.69 -149.15 -40.75
CA PHE J 241 2.47 -150.37 -40.67
C PHE J 241 1.88 -151.41 -41.60
N THR J 242 2.65 -152.47 -41.82
CA THR J 242 2.15 -153.64 -42.51
C THR J 242 2.82 -154.86 -41.93
N SER J 243 2.12 -155.99 -42.00
CA SER J 243 2.67 -157.24 -41.49
C SER J 243 3.53 -157.89 -42.54
N ASP J 244 4.73 -158.30 -42.14
CA ASP J 244 5.65 -158.95 -43.06
C ASP J 244 5.39 -160.43 -43.09
N VAL J 245 5.41 -161.00 -44.31
CA VAL J 245 5.25 -162.42 -44.52
C VAL J 245 6.43 -163.02 -45.28
N THR J 246 7.53 -162.28 -45.39
CA THR J 246 8.68 -162.75 -46.13
C THR J 246 9.33 -163.93 -45.39
N THR J 247 10.40 -164.45 -45.97
CA THR J 247 10.85 -165.81 -45.64
C THR J 247 11.17 -165.97 -44.16
N ILE J 248 11.91 -165.04 -43.58
CA ILE J 248 12.42 -165.21 -42.24
C ILE J 248 11.79 -164.24 -41.24
N THR J 249 11.41 -163.05 -41.68
CA THR J 249 10.82 -162.07 -40.80
C THR J 249 9.31 -162.16 -40.74
N SER J 250 8.74 -163.26 -41.22
CA SER J 250 7.29 -163.42 -41.21
C SER J 250 6.76 -163.27 -39.80
N GLY J 251 5.72 -162.47 -39.64
CA GLY J 251 5.12 -162.20 -38.36
C GLY J 251 5.51 -160.87 -37.75
N ARG J 252 6.65 -160.31 -38.15
CA ARG J 252 7.01 -158.99 -37.63
C ARG J 252 6.20 -157.92 -38.35
N MET J 253 6.14 -156.75 -37.74
CA MET J 253 5.45 -155.60 -38.29
C MET J 253 6.44 -154.50 -38.61
N ILE J 254 6.32 -153.92 -39.81
CA ILE J 254 7.26 -152.91 -40.28
C ILE J 254 6.47 -151.73 -40.82
N ARG J 255 7.18 -150.61 -40.99
CA ARG J 255 6.57 -149.36 -41.38
C ARG J 255 6.41 -149.29 -42.90
N ALA J 256 5.82 -148.21 -43.38
CA ALA J 256 5.33 -148.13 -44.77
C ALA J 256 6.28 -147.35 -45.69
N PHE J 257 6.55 -146.08 -45.37
CA PHE J 257 7.37 -145.22 -46.20
C PHE J 257 6.82 -145.10 -47.61
N GLU J 258 5.50 -144.96 -47.72
CA GLU J 258 4.88 -144.83 -49.03
C GLU J 258 5.24 -143.51 -49.70
N GLY J 259 5.77 -142.54 -48.96
CA GLY J 259 6.21 -141.30 -49.57
C GLY J 259 7.28 -141.54 -50.63
N ARG J 260 8.29 -142.34 -50.27
CA ARG J 260 9.23 -142.85 -51.26
C ARG J 260 9.65 -144.25 -50.84
N PRO J 261 9.19 -145.27 -51.54
CA PRO J 261 9.27 -146.64 -51.01
C PRO J 261 10.68 -147.18 -50.87
N GLU J 262 11.67 -146.62 -51.58
CA GLU J 262 13.01 -147.18 -51.52
C GLU J 262 13.57 -147.14 -50.10
N LEU J 263 13.04 -146.26 -49.26
CA LEU J 263 13.46 -146.24 -47.86
C LEU J 263 13.22 -147.59 -47.20
N LEU J 264 12.18 -148.29 -47.63
CA LEU J 264 11.85 -149.57 -47.02
C LEU J 264 13.02 -150.53 -47.07
N ALA J 265 13.72 -150.56 -48.20
CA ALA J 265 14.91 -151.41 -48.28
C ALA J 265 15.98 -150.96 -47.30
N LEU J 266 16.17 -149.65 -47.16
CA LEU J 266 17.21 -149.15 -46.28
C LEU J 266 16.82 -149.29 -44.81
N ALA J 267 15.52 -149.23 -44.52
CA ALA J 267 15.09 -149.11 -43.12
C ALA J 267 15.47 -150.33 -42.31
N TYR J 268 15.33 -151.53 -42.88
CA TYR J 268 15.51 -152.78 -42.15
C TYR J 268 16.54 -153.63 -42.86
N PRO J 269 17.83 -153.28 -42.73
CA PRO J 269 18.87 -154.13 -43.31
C PRO J 269 18.92 -155.45 -42.59
N GLY J 270 18.73 -156.53 -43.35
CA GLY J 270 18.75 -157.85 -42.76
C GLY J 270 17.60 -158.72 -43.20
N ARG J 271 16.45 -158.12 -43.49
CA ARG J 271 15.32 -158.88 -43.94
C ARG J 271 15.51 -159.27 -45.40
N ALA J 272 15.27 -160.55 -45.72
CA ALA J 272 15.31 -161.04 -47.09
C ALA J 272 16.64 -160.72 -47.76
N VAL J 273 17.70 -161.32 -47.21
CA VAL J 273 19.05 -161.14 -47.71
C VAL J 273 19.39 -162.30 -48.63
N LEU J 274 20.05 -162.00 -49.74
CA LEU J 274 20.47 -163.04 -50.64
C LEU J 274 21.50 -163.95 -49.97
N PRO J 275 21.43 -165.24 -50.18
CA PRO J 275 22.44 -166.14 -49.60
C PRO J 275 23.79 -166.04 -50.31
N THR J 276 23.93 -165.06 -51.21
CA THR J 276 25.18 -164.85 -51.92
C THR J 276 26.33 -164.66 -50.94
N GLN J 277 27.56 -164.81 -51.42
CA GLN J 277 28.73 -164.75 -50.57
C GLN J 277 29.51 -163.48 -50.90
N THR J 278 29.13 -162.39 -50.25
CA THR J 278 29.88 -161.14 -50.33
C THR J 278 30.05 -160.60 -48.91
N LYS J 279 30.92 -159.61 -48.78
CA LYS J 279 31.25 -159.09 -47.45
C LYS J 279 30.00 -158.64 -46.71
N ASN J 280 29.21 -157.78 -47.34
CA ASN J 280 28.00 -157.31 -46.67
C ASN J 280 27.02 -158.46 -46.48
N ALA J 281 26.92 -159.35 -47.45
CA ALA J 281 26.00 -160.48 -47.33
C ALA J 281 26.36 -161.34 -46.12
N GLN J 282 27.65 -161.62 -45.95
CA GLN J 282 28.08 -162.40 -44.80
C GLN J 282 27.72 -161.69 -43.50
N PHE J 283 27.95 -160.38 -43.45
CA PHE J 283 27.61 -159.63 -42.25
C PHE J 283 26.11 -159.69 -41.96
N LEU J 284 25.30 -159.44 -42.99
CA LEU J 284 23.85 -159.42 -42.79
C LEU J 284 23.32 -160.79 -42.41
N SER J 285 24.02 -161.85 -42.80
CA SER J 285 23.56 -163.19 -42.49
C SER J 285 23.46 -163.43 -40.99
N THR J 286 24.12 -162.61 -40.18
CA THR J 286 24.13 -162.75 -38.74
C THR J 286 23.07 -161.92 -38.05
N ALA J 287 22.22 -161.24 -38.81
CA ALA J 287 21.22 -160.36 -38.20
C ALA J 287 20.23 -161.16 -37.36
N ILE J 288 19.76 -160.53 -36.28
CA ILE J 288 18.80 -161.14 -35.38
C ILE J 288 17.39 -160.82 -35.88
N ALA J 289 16.57 -161.86 -36.06
CA ALA J 289 15.25 -161.65 -36.61
C ALA J 289 14.36 -160.85 -35.66
N ASP J 290 14.52 -161.07 -34.35
CA ASP J 290 13.60 -160.48 -33.38
C ASP J 290 13.75 -158.98 -33.23
N ARG J 291 14.63 -158.34 -33.99
CA ARG J 291 14.89 -156.92 -33.81
C ARG J 291 14.55 -156.13 -35.07
N ILE J 292 13.57 -156.61 -35.83
CA ILE J 292 13.07 -155.90 -37.00
C ILE J 292 11.69 -155.37 -36.67
N GLY J 293 11.47 -154.09 -36.92
CA GLY J 293 10.15 -153.52 -36.72
C GLY J 293 9.88 -153.17 -35.27
N ARG J 294 8.60 -153.17 -34.91
CA ARG J 294 8.20 -152.78 -33.58
C ARG J 294 8.38 -153.91 -32.59
N LEU J 295 8.61 -153.55 -31.34
CA LEU J 295 8.87 -154.52 -30.28
C LEU J 295 7.65 -154.74 -29.39
N ASP J 296 6.89 -153.69 -29.13
CA ASP J 296 5.76 -153.76 -28.23
C ASP J 296 4.54 -154.36 -28.93
N ARG J 297 3.52 -154.66 -28.13
CA ARG J 297 2.19 -154.84 -28.67
C ARG J 297 1.48 -153.49 -28.70
N ALA J 298 0.35 -153.43 -29.38
CA ALA J 298 -0.38 -152.19 -29.49
C ALA J 298 -0.81 -151.70 -28.10
N ASN J 299 -0.64 -150.41 -27.87
CA ASN J 299 -0.94 -149.80 -26.59
C ASN J 299 -1.76 -148.54 -26.78
N LEU J 300 -2.64 -148.26 -25.83
CA LEU J 300 -3.37 -147.00 -25.75
C LEU J 300 -4.00 -146.66 -27.10
N ILE J 301 -4.78 -147.61 -27.62
CA ILE J 301 -5.28 -147.50 -28.97
C ILE J 301 -6.38 -146.45 -29.04
N GLY J 302 -6.23 -145.49 -29.94
CA GLY J 302 -7.27 -144.53 -30.22
C GLY J 302 -8.14 -144.94 -31.39
N GLY J 303 -8.86 -146.05 -31.25
CA GLY J 303 -9.68 -146.54 -32.34
C GLY J 303 -8.93 -147.37 -33.34
N GLU J 304 -8.14 -146.71 -34.20
CA GLU J 304 -7.28 -147.40 -35.15
C GLU J 304 -5.81 -147.30 -34.79
N VAL J 305 -5.34 -146.14 -34.41
CA VAL J 305 -3.93 -145.90 -34.17
C VAL J 305 -3.58 -146.16 -32.71
N SER J 306 -2.30 -146.33 -32.46
CA SER J 306 -1.76 -146.42 -31.11
C SER J 306 -1.17 -145.08 -30.69
N ALA J 307 -1.13 -144.86 -29.38
CA ALA J 307 -0.63 -143.59 -28.86
C ALA J 307 0.84 -143.39 -29.20
N MET J 308 1.68 -144.36 -28.85
CA MET J 308 3.10 -144.30 -29.14
C MET J 308 3.60 -145.71 -29.39
N VAL J 309 4.62 -145.82 -30.23
CA VAL J 309 5.13 -147.11 -30.67
C VAL J 309 6.59 -147.21 -30.30
N GLU J 310 6.96 -148.35 -29.70
CA GLU J 310 8.34 -148.68 -29.41
C GLU J 310 8.83 -149.61 -30.51
N CYS J 311 9.67 -149.08 -31.40
CA CYS J 311 10.12 -149.83 -32.56
C CYS J 311 11.63 -149.68 -32.69
N MET J 312 12.21 -150.57 -33.50
CA MET J 312 13.64 -150.59 -33.73
C MET J 312 13.88 -150.58 -35.23
N GLU J 313 14.74 -149.67 -35.68
CA GLU J 313 15.00 -149.50 -37.10
C GLU J 313 16.32 -148.77 -37.26
N LEU J 314 16.73 -148.58 -38.51
CA LEU J 314 17.97 -147.90 -38.80
C LEU J 314 17.93 -146.46 -38.32
N CYS J 315 18.74 -146.12 -37.33
CA CYS J 315 18.83 -144.75 -36.86
C CYS J 315 20.12 -144.61 -36.04
N ASP J 316 20.85 -143.53 -36.28
CA ASP J 316 22.06 -143.28 -35.52
C ASP J 316 21.71 -142.82 -34.11
N ALA J 317 22.59 -143.13 -33.16
CA ALA J 317 22.34 -142.75 -31.78
C ALA J 317 22.29 -141.25 -31.63
N LEU J 318 23.19 -140.53 -32.30
CA LEU J 318 23.31 -139.10 -32.08
C LEU J 318 22.02 -138.37 -32.43
N THR J 319 21.49 -138.61 -33.64
CA THR J 319 20.25 -137.96 -34.02
C THR J 319 19.12 -138.34 -33.07
N LEU J 320 19.05 -139.62 -32.69
CA LEU J 320 18.04 -140.04 -31.76
C LEU J 320 18.16 -139.28 -30.44
N HIS J 321 19.38 -139.17 -29.93
CA HIS J 321 19.57 -138.46 -28.67
C HIS J 321 19.08 -137.02 -28.77
N ILE J 322 19.35 -136.37 -29.89
CA ILE J 322 18.91 -134.98 -30.05
C ILE J 322 17.40 -134.90 -29.98
N ARG J 323 16.72 -135.68 -30.80
CA ARG J 323 15.26 -135.58 -30.85
C ARG J 323 14.64 -136.04 -29.55
N GLU J 324 15.30 -136.94 -28.83
CA GLU J 324 14.84 -137.27 -27.49
C GLU J 324 14.88 -136.04 -26.60
N THR J 325 15.94 -135.24 -26.70
CA THR J 325 16.00 -134.01 -25.93
C THR J 325 14.89 -133.06 -26.36
N TYR J 326 14.66 -132.94 -27.67
CA TYR J 326 13.70 -131.98 -28.18
C TYR J 326 12.30 -132.28 -27.65
N VAL J 327 11.89 -133.54 -27.72
CA VAL J 327 10.56 -133.90 -27.25
C VAL J 327 10.47 -133.67 -25.75
N MET J 328 11.57 -133.92 -25.03
CA MET J 328 11.57 -133.60 -23.60
C MET J 328 11.33 -132.12 -23.38
N LEU J 329 11.97 -131.28 -24.18
CA LEU J 329 11.75 -129.85 -24.06
C LEU J 329 10.29 -129.49 -24.27
N LEU J 330 9.69 -130.03 -25.32
CA LEU J 330 8.28 -129.73 -25.58
C LEU J 330 7.41 -130.18 -24.43
N ARG J 331 7.66 -131.38 -23.91
CA ARG J 331 6.87 -131.86 -22.79
C ARG J 331 7.04 -130.96 -21.57
N SER J 332 8.24 -130.41 -21.39
CA SER J 332 8.43 -129.47 -20.30
C SER J 332 7.56 -128.23 -20.47
N MET J 333 7.32 -127.82 -21.71
CA MET J 333 6.46 -126.68 -21.95
C MET J 333 4.99 -127.02 -21.79
N HIS J 334 4.66 -128.25 -21.43
CA HIS J 334 3.26 -128.66 -21.43
C HIS J 334 2.46 -127.89 -20.39
N GLN J 335 1.18 -127.73 -20.67
CA GLN J 335 0.26 -127.05 -19.78
C GLN J 335 -1.01 -127.88 -19.70
N ASP J 336 -1.38 -128.30 -18.50
CA ASP J 336 -2.60 -129.08 -18.36
C ASP J 336 -3.80 -128.23 -18.72
N PRO J 337 -4.60 -128.64 -19.71
CA PRO J 337 -5.70 -127.78 -20.15
C PRO J 337 -6.77 -127.56 -19.09
N THR J 338 -6.99 -128.54 -18.21
CA THR J 338 -8.08 -128.43 -17.26
C THR J 338 -7.94 -127.22 -16.34
N GLN J 339 -6.72 -126.70 -16.19
CA GLN J 339 -6.50 -125.56 -15.31
C GLN J 339 -6.84 -124.23 -15.97
N ILE J 340 -7.14 -124.22 -17.27
CA ILE J 340 -7.34 -122.95 -17.97
C ILE J 340 -8.51 -122.18 -17.37
N VAL J 341 -9.61 -122.87 -17.09
CA VAL J 341 -10.80 -122.19 -16.61
C VAL J 341 -10.51 -121.45 -15.32
N GLN J 342 -9.74 -122.06 -14.43
CA GLN J 342 -9.34 -121.37 -13.21
C GLN J 342 -8.46 -120.18 -13.51
N ILE J 343 -7.56 -120.33 -14.49
CA ILE J 343 -6.70 -119.21 -14.88
C ILE J 343 -7.53 -118.03 -15.30
N VAL J 344 -8.52 -118.27 -16.16
CA VAL J 344 -9.38 -117.19 -16.63
C VAL J 344 -10.14 -116.57 -15.46
N ASN J 345 -10.69 -117.42 -14.59
CA ASN J 345 -11.43 -116.90 -13.45
C ASN J 345 -10.55 -116.04 -12.57
N GLU J 346 -9.32 -116.48 -12.32
CA GLU J 346 -8.42 -115.71 -11.48
C GLU J 346 -8.03 -114.40 -12.13
N CYS J 347 -7.63 -114.46 -13.40
CA CYS J 347 -7.19 -113.23 -14.07
C CYS J 347 -8.30 -112.21 -14.14
N ALA J 348 -9.54 -112.66 -14.31
CA ALA J 348 -10.67 -111.76 -14.39
C ALA J 348 -11.19 -111.33 -13.03
N ASN J 349 -10.45 -111.61 -11.95
CA ASN J 349 -10.85 -111.23 -10.61
C ASN J 349 -12.25 -111.74 -10.28
N ASN J 350 -12.59 -112.90 -10.84
CA ASN J 350 -13.89 -113.55 -10.67
C ASN J 350 -15.03 -112.70 -11.18
N LEU J 351 -14.76 -111.64 -11.95
CA LEU J 351 -15.82 -110.95 -12.65
C LEU J 351 -16.44 -111.82 -13.73
N LEU J 352 -15.72 -112.84 -14.18
CA LEU J 352 -16.21 -113.79 -15.17
C LEU J 352 -16.04 -115.20 -14.66
N ASN J 353 -16.99 -116.05 -14.96
CA ASN J 353 -16.89 -117.47 -14.68
C ASN J 353 -17.15 -118.22 -15.98
N SER J 354 -16.35 -119.27 -16.22
CA SER J 354 -16.33 -119.89 -17.54
C SER J 354 -16.22 -121.40 -17.42
N THR J 355 -16.59 -122.07 -18.50
CA THR J 355 -16.45 -123.52 -18.62
C THR J 355 -15.83 -123.84 -19.97
N ILE J 356 -14.87 -124.75 -19.96
CA ILE J 356 -14.20 -125.17 -21.20
C ILE J 356 -14.06 -126.68 -21.19
N PRO J 357 -15.01 -127.42 -21.76
CA PRO J 357 -14.90 -128.87 -21.79
C PRO J 357 -13.76 -129.30 -22.70
N ILE J 358 -13.14 -130.43 -22.36
CA ILE J 358 -12.06 -130.97 -23.17
C ILE J 358 -11.97 -132.47 -22.93
N SER J 359 -11.72 -133.21 -23.99
CA SER J 359 -11.49 -134.64 -23.89
C SER J 359 -10.04 -134.92 -23.50
N LEU J 360 -9.85 -135.93 -22.66
CA LEU J 360 -8.54 -136.28 -22.14
C LEU J 360 -8.05 -137.54 -22.85
N ARG J 361 -7.13 -137.38 -23.76
CA ARG J 361 -6.50 -138.48 -24.46
C ARG J 361 -5.09 -138.70 -23.93
N PRO J 362 -4.52 -139.88 -24.12
CA PRO J 362 -3.18 -140.15 -23.58
C PRO J 362 -2.13 -139.16 -24.09
N THR J 363 -1.95 -139.10 -25.41
CA THR J 363 -0.94 -138.22 -26.00
C THR J 363 -1.59 -136.89 -26.34
N ILE J 364 -1.60 -135.99 -25.37
CA ILE J 364 -2.16 -134.67 -25.53
C ILE J 364 -1.06 -133.65 -25.25
N LEU J 365 -0.93 -132.65 -26.12
CA LEU J 365 0.16 -131.70 -26.04
C LEU J 365 -0.38 -130.28 -26.10
N CYS J 366 0.04 -129.45 -25.16
CA CYS J 366 -0.40 -128.05 -25.10
C CYS J 366 0.76 -127.20 -24.62
N PRO J 367 1.70 -126.89 -25.49
CA PRO J 367 2.88 -126.15 -25.06
C PRO J 367 2.59 -124.69 -24.78
N TRP J 368 2.01 -124.41 -23.62
CA TRP J 368 1.62 -123.05 -23.29
C TRP J 368 2.20 -122.56 -21.97
N PHE J 369 2.95 -123.38 -21.26
CA PHE J 369 3.41 -123.04 -19.92
C PHE J 369 4.85 -122.56 -19.95
N ALA J 370 5.16 -121.60 -19.09
CA ALA J 370 6.51 -121.08 -18.94
C ALA J 370 6.72 -120.68 -17.49
N SER J 371 7.81 -121.17 -16.90
CA SER J 371 8.06 -120.92 -15.49
C SER J 371 8.45 -119.46 -15.27
N SER J 372 8.44 -119.06 -13.99
CA SER J 372 8.75 -117.67 -13.65
C SER J 372 10.16 -117.31 -14.07
N GLU J 373 11.11 -118.25 -13.94
CA GLU J 373 12.48 -117.97 -14.31
C GLU J 373 12.57 -117.51 -15.75
N ASP J 374 11.86 -118.19 -16.64
CA ASP J 374 11.87 -117.83 -18.05
C ASP J 374 11.33 -116.41 -18.25
N LEU J 375 10.21 -116.11 -17.60
CA LEU J 375 9.64 -114.78 -17.74
C LEU J 375 10.58 -113.72 -17.21
N ARG J 376 11.17 -113.97 -16.04
CA ARG J 376 12.11 -113.01 -15.47
C ARG J 376 13.28 -112.79 -16.40
N LEU J 377 13.84 -113.88 -16.93
CA LEU J 377 14.92 -113.75 -17.89
C LEU J 377 14.45 -112.99 -19.12
N GLN J 378 13.24 -113.27 -19.59
CA GLN J 378 12.71 -112.55 -20.73
C GLN J 378 12.61 -111.06 -20.45
N GLN J 379 12.18 -110.70 -19.24
CA GLN J 379 12.06 -109.29 -18.90
C GLN J 379 13.39 -108.57 -18.98
N VAL J 380 14.45 -109.19 -18.45
CA VAL J 380 15.76 -108.55 -18.49
C VAL J 380 16.21 -108.36 -19.93
N MET J 381 16.00 -109.37 -20.77
CA MET J 381 16.37 -109.24 -22.18
C MET J 381 15.65 -108.07 -22.82
N HIS J 382 14.37 -107.91 -22.51
CA HIS J 382 13.65 -106.72 -22.95
C HIS J 382 14.38 -105.47 -22.52
N LEU J 383 14.79 -105.42 -21.26
CA LEU J 383 15.50 -104.26 -20.76
C LEU J 383 16.81 -104.06 -21.50
N VAL J 384 17.47 -105.15 -21.87
CA VAL J 384 18.76 -105.04 -22.55
C VAL J 384 18.59 -104.48 -23.95
N ASN J 385 17.62 -105.00 -24.69
CA ASN J 385 17.53 -104.68 -26.12
C ASN J 385 17.26 -103.21 -26.38
N ILE J 386 16.76 -102.48 -25.40
CA ILE J 386 16.48 -101.06 -25.56
C ILE J 386 17.53 -100.21 -24.85
N SER J 387 18.71 -100.78 -24.58
CA SER J 387 19.71 -100.07 -23.81
C SER J 387 20.17 -98.80 -24.50
N SER J 388 20.17 -98.78 -25.82
CA SER J 388 20.64 -97.61 -26.56
C SER J 388 19.52 -96.59 -26.75
N ASN J 389 18.45 -97.00 -27.42
CA ASN J 389 17.37 -96.06 -27.72
C ASN J 389 16.72 -95.54 -26.45
N THR J 390 16.48 -96.42 -25.47
CA THR J 390 15.86 -96.10 -24.18
C THR J 390 14.64 -95.21 -24.33
N ALA J 391 14.01 -95.23 -25.50
CA ALA J 391 12.79 -94.50 -25.74
C ALA J 391 11.74 -95.34 -26.45
N ALA J 392 12.09 -96.55 -26.89
CA ALA J 392 11.14 -97.44 -27.52
C ALA J 392 10.12 -98.01 -26.53
N ALA J 393 10.19 -97.62 -25.27
CA ALA J 393 9.21 -98.08 -24.29
C ALA J 393 7.91 -97.31 -24.37
N LEU J 394 7.91 -96.14 -25.02
CA LEU J 394 6.69 -95.35 -25.10
C LEU J 394 5.52 -96.11 -25.71
N PRO J 395 5.67 -96.88 -26.79
CA PRO J 395 4.52 -97.61 -27.33
C PRO J 395 3.83 -98.48 -26.30
N LEU J 396 4.58 -99.05 -25.36
CA LEU J 396 3.96 -99.80 -24.28
C LEU J 396 2.92 -98.95 -23.57
N VAL J 397 3.30 -97.72 -23.21
CA VAL J 397 2.36 -96.83 -22.56
C VAL J 397 1.19 -96.52 -23.48
N GLU J 398 1.48 -96.27 -24.76
CA GLU J 398 0.42 -95.95 -25.71
C GLU J 398 -0.60 -97.08 -25.80
N ALA J 399 -0.11 -98.31 -25.98
CA ALA J 399 -1.02 -99.44 -26.08
C ALA J 399 -1.82 -99.59 -24.79
N LEU J 400 -1.15 -99.53 -23.65
CA LEU J 400 -1.84 -99.71 -22.38
C LEU J 400 -2.89 -98.64 -22.18
N SER J 401 -2.54 -97.39 -22.51
CA SER J 401 -3.51 -96.31 -22.38
C SER J 401 -4.72 -96.57 -23.28
N THR J 402 -4.47 -97.00 -24.51
CA THR J 402 -5.56 -97.23 -25.45
C THR J 402 -6.51 -98.30 -24.91
N LEU J 403 -5.97 -99.44 -24.50
CA LEU J 403 -6.82 -100.50 -23.95
C LEU J 403 -7.57 -100.00 -22.73
N LEU J 404 -6.87 -99.31 -21.84
CA LEU J 404 -7.50 -98.84 -20.61
C LEU J 404 -8.64 -97.88 -20.92
N ARG J 405 -8.43 -96.97 -21.86
CA ARG J 405 -9.48 -96.03 -22.22
C ARG J 405 -10.64 -96.74 -22.88
N SER J 406 -10.36 -97.79 -23.65
CA SER J 406 -11.42 -98.56 -24.26
C SER J 406 -12.07 -99.52 -23.27
N VAL J 407 -11.60 -99.53 -22.03
CA VAL J 407 -12.14 -100.49 -21.07
C VAL J 407 -12.73 -99.82 -19.84
N THR J 408 -12.40 -98.56 -19.63
CA THR J 408 -12.87 -97.85 -18.44
C THR J 408 -14.30 -97.36 -18.58
N PRO J 409 -15.11 -97.56 -17.54
CA PRO J 409 -16.47 -97.02 -17.58
C PRO J 409 -16.45 -95.54 -17.28
N LEU J 410 -15.34 -95.06 -16.71
CA LEU J 410 -15.23 -93.65 -16.37
C LEU J 410 -15.38 -92.76 -17.60
N VAL J 411 -16.23 -91.74 -17.49
CA VAL J 411 -16.43 -90.81 -18.60
C VAL J 411 -15.90 -89.43 -18.26
N LEU J 412 -15.32 -88.75 -19.24
CA LEU J 412 -14.80 -87.40 -19.02
C LEU J 412 -15.62 -86.38 -19.77
N ASP J 413 -16.09 -85.35 -19.06
CA ASP J 413 -16.93 -84.32 -19.67
C ASP J 413 -16.84 -83.03 -18.88
N PRO J 414 -16.29 -81.97 -19.47
CA PRO J 414 -16.13 -80.71 -18.74
C PRO J 414 -17.38 -79.84 -18.69
N THR J 415 -18.55 -80.39 -19.02
CA THR J 415 -19.75 -79.56 -19.13
C THR J 415 -20.08 -78.87 -17.82
N VAL J 416 -20.30 -79.67 -16.76
CA VAL J 416 -20.74 -79.10 -15.49
C VAL J 416 -19.71 -78.12 -14.96
N LEU J 417 -18.42 -78.44 -15.14
CA LEU J 417 -17.37 -77.53 -14.71
C LEU J 417 -17.46 -76.21 -15.46
N THR J 418 -17.74 -76.28 -16.76
CA THR J 418 -17.84 -75.05 -17.55
C THR J 418 -18.94 -74.15 -17.01
N ASN J 419 -20.11 -74.73 -16.71
CA ASN J 419 -21.21 -73.93 -16.18
C ASN J 419 -20.83 -73.29 -14.87
N ALA J 420 -20.18 -74.07 -13.98
CA ALA J 420 -19.81 -73.55 -12.68
C ALA J 420 -18.80 -72.41 -12.79
N ILE J 421 -18.06 -72.35 -13.89
CA ILE J 421 -17.08 -71.27 -14.04
C ILE J 421 -17.74 -70.04 -14.63
N THR J 422 -18.52 -70.20 -15.70
CA THR J 422 -19.08 -69.05 -16.40
C THR J 422 -20.02 -68.26 -15.50
N THR J 423 -20.68 -68.91 -14.55
CA THR J 423 -21.57 -68.20 -13.64
C THR J 423 -20.81 -67.25 -12.73
N ILE J 424 -19.48 -67.35 -12.67
CA ILE J 424 -18.66 -66.45 -11.89
C ILE J 424 -18.10 -65.33 -12.73
N SER J 425 -17.59 -65.65 -13.91
CA SER J 425 -17.03 -64.65 -14.80
C SER J 425 -17.12 -65.15 -16.23
N GLU J 426 -16.96 -64.22 -17.17
CA GLU J 426 -17.08 -64.53 -18.59
C GLU J 426 -15.89 -64.03 -19.40
N SER J 427 -14.82 -63.57 -18.75
CA SER J 427 -13.64 -63.05 -19.42
C SER J 427 -14.03 -61.97 -20.44
N THR J 428 -14.66 -60.93 -19.91
CA THR J 428 -15.17 -59.86 -20.78
C THR J 428 -14.05 -59.12 -21.49
N THR J 429 -12.91 -58.93 -20.83
CA THR J 429 -11.78 -58.23 -21.43
C THR J 429 -10.80 -59.16 -22.13
N GLN J 430 -10.96 -60.48 -21.98
CA GLN J 430 -10.02 -61.48 -22.48
C GLN J 430 -8.61 -61.28 -21.93
N THR J 431 -8.47 -60.49 -20.88
CA THR J 431 -7.19 -60.28 -20.22
C THR J 431 -7.24 -60.39 -18.70
N ILE J 432 -8.43 -60.31 -18.10
CA ILE J 432 -8.52 -60.41 -16.65
C ILE J 432 -8.07 -61.81 -16.21
N SER J 433 -7.83 -61.93 -14.91
CA SER J 433 -7.19 -63.13 -14.36
C SER J 433 -7.78 -64.46 -14.82
N PRO J 434 -9.11 -64.65 -14.92
CA PRO J 434 -9.62 -65.98 -15.28
C PRO J 434 -9.23 -66.46 -16.67
N ILE J 435 -8.40 -65.69 -17.37
CA ILE J 435 -7.97 -66.10 -18.70
C ILE J 435 -7.33 -67.47 -18.66
N SER J 436 -6.52 -67.74 -17.62
CA SER J 436 -5.85 -69.03 -17.53
C SER J 436 -6.84 -70.18 -17.56
N GLU J 437 -7.89 -70.08 -16.75
CA GLU J 437 -8.92 -71.12 -16.76
C GLU J 437 -9.57 -71.21 -18.13
N ILE J 438 -9.97 -70.06 -18.68
CA ILE J 438 -10.59 -70.04 -19.99
C ILE J 438 -9.63 -70.57 -21.04
N LEU J 439 -8.39 -70.08 -21.02
CA LEU J 439 -7.44 -70.47 -22.05
C LEU J 439 -7.04 -71.93 -21.92
N ARG J 440 -6.82 -72.39 -20.69
CA ARG J 440 -6.28 -73.73 -20.53
C ARG J 440 -7.37 -74.77 -20.30
N LEU J 441 -8.29 -74.50 -19.40
CA LEU J 441 -9.23 -75.54 -18.97
C LEU J 441 -10.47 -75.57 -19.85
N LEU J 442 -11.23 -74.47 -19.85
CA LEU J 442 -12.51 -74.47 -20.55
C LEU J 442 -12.31 -74.68 -22.04
N GLN J 443 -11.25 -74.09 -22.61
CA GLN J 443 -10.86 -74.30 -23.98
C GLN J 443 -10.80 -75.79 -24.28
N PRO J 444 -11.74 -76.32 -25.05
CA PRO J 444 -11.87 -77.78 -25.18
C PRO J 444 -10.81 -78.36 -26.12
N MET J 445 -9.94 -79.19 -25.57
CA MET J 445 -9.01 -79.92 -26.43
C MET J 445 -9.71 -81.02 -27.19
N GLY J 446 -10.73 -81.63 -26.59
CA GLY J 446 -11.33 -82.82 -27.18
C GLY J 446 -10.35 -83.94 -27.37
N ASN J 447 -9.25 -83.93 -26.62
CA ASN J 447 -8.11 -84.81 -26.84
C ASN J 447 -8.38 -86.25 -26.42
N ASP J 448 -9.50 -86.50 -25.75
CA ASP J 448 -9.70 -87.70 -24.94
C ASP J 448 -8.71 -87.75 -23.78
N TYR J 449 -8.07 -86.61 -23.51
CA TYR J 449 -7.23 -86.44 -22.33
C TYR J 449 -6.16 -87.51 -22.27
N ALA J 450 -5.42 -87.65 -23.37
CA ALA J 450 -4.37 -88.66 -23.44
C ALA J 450 -3.37 -88.51 -22.31
N ALA J 451 -3.15 -87.28 -21.84
CA ALA J 451 -2.24 -87.06 -20.73
C ALA J 451 -2.68 -87.84 -19.50
N PHE J 452 -3.97 -87.80 -19.19
CA PHE J 452 -4.46 -88.51 -18.01
C PHE J 452 -4.22 -90.00 -18.14
N TRP J 453 -4.64 -90.59 -19.25
CA TRP J 453 -4.49 -92.03 -19.41
C TRP J 453 -3.03 -92.43 -19.49
N LYS J 454 -2.20 -91.59 -20.11
CA LYS J 454 -0.78 -91.89 -20.15
C LYS J 454 -0.19 -91.97 -18.75
N CYS J 455 -0.57 -91.02 -17.90
CA CYS J 455 -0.08 -91.04 -16.53
C CYS J 455 -0.52 -92.32 -15.82
N ILE J 456 -1.78 -92.71 -16.01
CA ILE J 456 -2.27 -93.94 -15.38
C ILE J 456 -1.47 -95.13 -15.87
N ALA J 457 -1.28 -95.23 -17.19
CA ALA J 457 -0.59 -96.37 -17.75
C ALA J 457 0.85 -96.42 -17.27
N SER J 458 1.48 -95.26 -17.09
CA SER J 458 2.87 -95.22 -16.69
C SER J 458 3.09 -95.90 -15.34
N TRP J 459 2.04 -95.98 -14.52
CA TRP J 459 2.20 -96.60 -13.21
C TRP J 459 2.60 -98.06 -13.33
N ALA J 460 2.04 -98.76 -14.31
CA ALA J 460 2.38 -100.16 -14.51
C ALA J 460 3.76 -100.34 -15.12
N TYR J 461 4.42 -99.27 -15.54
CA TYR J 461 5.72 -99.37 -16.19
C TYR J 461 6.75 -98.43 -15.59
N ASN J 462 6.52 -97.95 -14.36
CA ASN J 462 7.52 -97.13 -13.72
C ASN J 462 8.81 -97.93 -13.54
N GLY J 463 9.93 -97.23 -13.60
CA GLY J 463 11.21 -97.88 -13.68
C GLY J 463 11.60 -98.27 -15.08
N LEU J 464 10.67 -98.29 -16.01
CA LEU J 464 10.97 -98.43 -17.42
C LEU J 464 10.80 -97.12 -18.18
N VAL J 465 9.75 -96.38 -17.85
CA VAL J 465 9.54 -95.05 -18.40
C VAL J 465 8.85 -94.20 -17.34
N THR J 466 9.43 -93.07 -17.01
CA THR J 466 8.85 -92.19 -16.00
C THR J 466 8.14 -91.02 -16.68
N THR J 467 7.07 -90.57 -16.05
CA THR J 467 6.31 -89.44 -16.54
C THR J 467 6.55 -88.25 -15.63
N VAL J 468 7.05 -87.16 -16.21
CA VAL J 468 7.35 -85.96 -15.46
C VAL J 468 6.44 -84.84 -15.94
N LEU J 469 6.30 -83.83 -15.10
CA LEU J 469 5.56 -82.64 -15.50
C LEU J 469 6.30 -81.91 -16.61
N SER J 470 5.53 -81.34 -17.53
CA SER J 470 6.12 -80.59 -18.63
C SER J 470 6.97 -79.45 -18.09
N GLU J 471 8.19 -79.34 -18.59
CA GLU J 471 9.10 -78.31 -18.08
C GLU J 471 8.54 -76.92 -18.33
N ASP J 472 7.95 -76.70 -19.50
CA ASP J 472 7.39 -75.39 -19.81
C ASP J 472 6.21 -75.05 -18.91
N ALA J 473 5.58 -76.04 -18.28
CA ALA J 473 4.45 -75.76 -17.41
C ALA J 473 4.85 -75.00 -16.17
N PHE J 474 6.10 -75.10 -15.75
CA PHE J 474 6.54 -74.39 -14.56
C PHE J 474 6.51 -72.88 -14.80
N PRO J 475 6.19 -72.10 -13.78
CA PRO J 475 6.28 -70.65 -13.90
C PRO J 475 7.72 -70.22 -14.01
N ASP J 476 7.92 -69.04 -14.60
CA ASP J 476 9.26 -68.48 -14.70
C ASP J 476 9.84 -68.27 -13.30
N SER J 477 11.07 -68.74 -13.11
CA SER J 477 11.67 -68.71 -11.78
C SER J 477 11.91 -67.29 -11.28
N SER J 478 12.02 -66.31 -12.17
CA SER J 478 12.23 -64.94 -11.76
C SER J 478 10.93 -64.18 -11.54
N GLN J 479 9.79 -64.76 -11.89
CA GLN J 479 8.53 -64.05 -11.77
C GLN J 479 8.10 -63.96 -10.31
N SER J 480 7.37 -62.91 -9.99
CA SER J 480 6.84 -62.72 -8.65
C SER J 480 5.50 -63.43 -8.50
N ILE J 481 5.13 -63.69 -7.25
CA ILE J 481 3.87 -64.34 -6.95
C ILE J 481 2.69 -63.50 -7.42
N THR J 482 2.86 -62.18 -7.44
CA THR J 482 1.75 -61.30 -7.82
C THR J 482 1.37 -61.44 -9.27
N HIS J 483 2.18 -62.08 -10.10
CA HIS J 483 1.86 -62.27 -11.50
C HIS J 483 0.87 -63.42 -11.61
N LEU J 484 -0.40 -63.08 -11.77
CA LEU J 484 -1.47 -64.09 -11.64
C LEU J 484 -1.31 -65.28 -12.55
N PRO J 485 -1.02 -65.13 -13.86
CA PRO J 485 -0.89 -66.33 -14.69
C PRO J 485 0.15 -67.30 -14.17
N SER J 486 1.26 -66.79 -13.64
CA SER J 486 2.23 -67.66 -13.01
C SER J 486 1.63 -68.34 -11.79
N MET J 487 0.84 -67.60 -11.01
CA MET J 487 0.24 -68.18 -9.82
C MET J 487 -0.71 -69.32 -10.19
N TRP J 488 -1.50 -69.14 -11.24
CA TRP J 488 -2.41 -70.19 -11.67
C TRP J 488 -1.63 -71.45 -12.04
N LYS J 489 -0.52 -71.29 -12.77
CA LYS J 489 0.30 -72.43 -13.13
C LYS J 489 0.68 -73.23 -11.90
N CYS J 490 1.09 -72.54 -10.84
CA CYS J 490 1.50 -73.23 -9.63
C CYS J 490 0.37 -74.06 -9.06
N LEU J 491 -0.85 -73.51 -9.07
CA LEU J 491 -1.99 -74.27 -8.57
C LEU J 491 -2.20 -75.53 -9.39
N PHE J 492 -2.26 -75.39 -10.71
CA PHE J 492 -2.45 -76.55 -11.57
C PHE J 492 -1.31 -77.53 -11.39
N LEU J 493 -0.08 -77.03 -11.27
CA LEU J 493 1.05 -77.91 -11.05
C LEU J 493 0.88 -78.69 -9.76
N THR J 494 0.44 -78.02 -8.70
CA THR J 494 0.28 -78.70 -7.42
C THR J 494 -0.81 -79.76 -7.50
N LEU J 495 -1.92 -79.45 -8.18
CA LEU J 495 -3.03 -80.39 -8.22
C LEU J 495 -2.63 -81.70 -8.89
N ALA J 496 -1.90 -81.61 -9.99
CA ALA J 496 -1.55 -82.79 -10.77
C ALA J 496 -0.30 -83.49 -10.26
N GLY J 497 0.32 -82.97 -9.21
CA GLY J 497 1.55 -83.52 -8.69
C GLY J 497 1.53 -85.01 -8.47
N PRO J 498 0.66 -85.48 -7.57
CA PRO J 498 0.67 -86.90 -7.23
C PRO J 498 0.36 -87.81 -8.40
N MET J 499 -0.27 -87.28 -9.45
CA MET J 499 -0.62 -88.14 -10.57
C MET J 499 0.62 -88.70 -11.26
N THR J 500 1.67 -87.90 -11.36
CA THR J 500 2.88 -88.33 -12.05
C THR J 500 3.59 -89.42 -11.24
N SER J 501 4.42 -90.19 -11.96
CA SER J 501 5.20 -91.26 -11.35
C SER J 501 6.59 -90.83 -10.95
N ASP J 502 6.99 -89.60 -11.26
CA ASP J 502 8.32 -89.13 -10.90
C ASP J 502 8.44 -89.05 -9.38
N PRO J 503 9.41 -89.73 -8.78
CA PRO J 503 9.60 -89.61 -7.33
C PRO J 503 9.93 -88.20 -6.88
N HIS J 504 10.45 -87.35 -7.76
CA HIS J 504 10.87 -86.02 -7.38
C HIS J 504 9.78 -84.98 -7.51
N SER J 505 8.57 -85.40 -7.88
CA SER J 505 7.48 -84.44 -8.03
C SER J 505 7.25 -83.60 -6.77
N PRO J 506 7.17 -84.17 -5.56
CA PRO J 506 6.88 -83.32 -4.40
C PRO J 506 7.89 -82.19 -4.22
N VAL J 507 9.17 -82.47 -4.40
CA VAL J 507 10.17 -81.42 -4.25
C VAL J 507 9.98 -80.35 -5.31
N LYS J 508 9.76 -80.78 -6.55
CA LYS J 508 9.56 -79.82 -7.63
C LYS J 508 8.35 -78.96 -7.35
N VAL J 509 7.26 -79.57 -6.87
CA VAL J 509 6.06 -78.80 -6.56
C VAL J 509 6.36 -77.77 -5.49
N PHE J 510 7.03 -78.19 -4.41
CA PHE J 510 7.33 -77.28 -3.33
C PHE J 510 8.21 -76.13 -3.81
N MET J 511 9.24 -76.46 -4.59
CA MET J 511 10.15 -75.42 -5.05
C MET J 511 9.45 -74.43 -5.96
N ALA J 512 8.47 -74.91 -6.74
CA ALA J 512 7.76 -74.02 -7.64
C ALA J 512 7.14 -72.86 -6.88
N LEU J 513 6.42 -73.15 -5.81
CA LEU J 513 5.90 -72.08 -4.97
C LEU J 513 7.02 -71.29 -4.32
N ALA J 514 8.08 -71.98 -3.90
CA ALA J 514 9.20 -71.30 -3.26
C ALA J 514 9.79 -70.24 -4.18
N ASN J 515 9.86 -70.54 -5.47
CA ASN J 515 10.38 -69.56 -6.43
C ASN J 515 9.50 -68.31 -6.45
N LEU J 516 8.19 -68.50 -6.54
CA LEU J 516 7.30 -67.35 -6.63
C LEU J 516 7.32 -66.51 -5.36
N LEU J 517 7.63 -67.13 -4.23
CA LEU J 517 7.67 -66.44 -2.96
C LEU J 517 9.07 -66.02 -2.55
N ALA J 518 10.01 -66.04 -3.49
CA ALA J 518 11.40 -65.74 -3.14
C ALA J 518 11.54 -64.37 -2.49
N GLN J 519 10.78 -63.39 -2.96
CA GLN J 519 10.89 -62.06 -2.38
C GLN J 519 10.17 -61.95 -1.05
N PRO J 520 8.87 -62.25 -0.96
CA PRO J 520 8.17 -62.01 0.30
C PRO J 520 8.60 -62.93 1.42
N GLU J 521 8.98 -64.16 1.13
CA GLU J 521 9.36 -65.14 2.15
C GLU J 521 10.69 -65.78 1.78
N PRO J 522 11.80 -65.08 1.97
CA PRO J 522 13.10 -65.72 1.76
C PRO J 522 13.33 -66.83 2.76
N ILE J 523 14.04 -67.85 2.32
CA ILE J 523 14.36 -68.99 3.17
C ILE J 523 15.73 -69.52 2.77
N ALA J 524 16.51 -69.94 3.75
CA ALA J 524 17.86 -70.46 3.50
C ALA J 524 17.76 -71.91 3.05
N ILE J 525 17.98 -72.13 1.76
CA ILE J 525 18.01 -73.49 1.23
C ILE J 525 19.35 -74.11 1.63
N GLY J 526 19.31 -75.06 2.55
CA GLY J 526 20.53 -75.63 3.08
C GLY J 526 21.20 -76.62 2.15
N VAL J 527 21.33 -76.26 0.88
CA VAL J 527 22.00 -77.09 -0.12
C VAL J 527 23.06 -76.25 -0.80
N PRO J 528 24.33 -76.63 -0.75
CA PRO J 528 25.36 -75.84 -1.42
C PRO J 528 25.12 -75.78 -2.92
N GLY J 529 25.38 -74.62 -3.51
CA GLY J 529 25.22 -74.47 -4.94
C GLY J 529 23.79 -74.39 -5.42
N MET J 530 22.85 -74.07 -4.54
CA MET J 530 21.45 -73.94 -4.93
C MET J 530 20.88 -72.67 -4.32
N HIS J 531 19.83 -72.15 -4.94
CA HIS J 531 19.22 -70.92 -4.50
C HIS J 531 17.71 -71.01 -4.67
N GLN J 532 17.01 -70.16 -3.91
CA GLN J 532 15.55 -70.15 -3.97
C GLN J 532 15.02 -69.76 -5.34
N THR J 533 15.85 -69.17 -6.19
CA THR J 533 15.43 -68.81 -7.54
C THR J 533 15.88 -69.82 -8.58
N THR J 534 16.52 -70.91 -8.17
CA THR J 534 16.88 -71.94 -9.12
C THR J 534 15.62 -72.54 -9.73
N PRO J 535 15.59 -72.77 -11.04
CA PRO J 535 14.39 -73.35 -11.66
C PRO J 535 13.97 -74.66 -11.02
N ALA J 536 12.72 -74.71 -10.57
CA ALA J 536 12.25 -75.86 -9.80
C ALA J 536 12.35 -77.14 -10.60
N SER J 537 12.13 -77.07 -11.91
CA SER J 537 12.14 -78.27 -12.73
C SER J 537 13.47 -79.00 -12.65
N GLN J 538 14.55 -78.29 -12.34
CA GLN J 538 15.86 -78.90 -12.33
C GLN J 538 16.20 -79.59 -11.03
N PHE J 539 15.32 -79.53 -10.02
CA PHE J 539 15.52 -80.32 -8.81
C PHE J 539 15.21 -81.77 -9.11
N SER J 540 16.21 -82.54 -9.51
CA SER J 540 16.00 -83.91 -9.96
C SER J 540 17.02 -84.86 -9.35
N HIS J 541 17.25 -84.74 -8.03
CA HIS J 541 18.15 -85.67 -7.35
C HIS J 541 17.79 -85.67 -5.89
N PRO J 542 17.78 -86.82 -5.22
CA PRO J 542 17.59 -86.81 -3.76
C PRO J 542 18.58 -85.92 -3.04
N GLY J 543 19.81 -85.86 -3.54
CA GLY J 543 20.85 -85.13 -2.82
C GLY J 543 20.60 -83.64 -2.71
N VAL J 544 19.67 -83.11 -3.49
CA VAL J 544 19.42 -81.68 -3.49
C VAL J 544 18.06 -81.36 -2.86
N TRP J 545 17.48 -82.30 -2.14
CA TRP J 545 16.25 -81.99 -1.43
C TRP J 545 16.55 -81.03 -0.28
N PRO J 546 15.92 -79.87 -0.23
CA PRO J 546 16.23 -78.90 0.82
C PRO J 546 15.96 -79.48 2.19
N PRO J 547 16.85 -79.23 3.15
CA PRO J 547 16.61 -79.76 4.50
C PRO J 547 15.32 -79.26 5.11
N GLY J 548 14.96 -78.00 4.84
CA GLY J 548 13.71 -77.49 5.38
C GLY J 548 12.52 -78.27 4.88
N PHE J 549 12.54 -78.68 3.61
CA PHE J 549 11.45 -79.49 3.09
C PHE J 549 11.37 -80.83 3.80
N LEU J 550 12.53 -81.44 4.05
CA LEU J 550 12.54 -82.71 4.79
C LEU J 550 12.01 -82.52 6.21
N ASN J 551 12.47 -81.46 6.88
CA ASN J 551 12.03 -81.16 8.23
C ASN J 551 11.39 -79.77 8.26
N PRO J 552 10.06 -79.70 8.19
CA PRO J 552 9.41 -78.37 8.15
C PRO J 552 9.56 -77.57 9.42
N GLN J 553 10.11 -78.16 10.49
CA GLN J 553 10.32 -77.41 11.72
C GLN J 553 11.35 -76.30 11.55
N LEU J 554 12.18 -76.37 10.52
CA LEU J 554 13.25 -75.39 10.36
C LEU J 554 12.76 -74.09 9.73
N ILE J 555 11.51 -74.04 9.29
CA ILE J 555 10.96 -72.83 8.69
C ILE J 555 10.21 -72.08 9.78
N ASN J 556 10.67 -70.88 10.09
CA ASN J 556 10.03 -70.09 11.14
C ASN J 556 8.63 -69.72 10.69
N PRO J 557 7.60 -69.99 11.49
CA PRO J 557 6.24 -69.65 11.07
C PRO J 557 6.05 -68.16 10.81
N GLN J 558 6.47 -67.30 11.74
CA GLN J 558 6.25 -65.88 11.55
C GLN J 558 7.04 -65.36 10.35
N GLN J 559 8.28 -65.81 10.18
CA GLN J 559 9.12 -65.28 9.11
C GLN J 559 8.60 -65.71 7.75
N ALA J 560 8.11 -66.94 7.62
CA ALA J 560 7.64 -67.47 6.34
C ALA J 560 6.46 -68.38 6.58
N PRO J 561 5.28 -67.82 6.88
CA PRO J 561 4.14 -68.68 7.21
C PRO J 561 3.65 -69.53 6.05
N LEU J 562 3.52 -68.93 4.86
CA LEU J 562 2.95 -69.66 3.74
C LEU J 562 3.79 -70.88 3.40
N LEU J 563 5.10 -70.72 3.33
CA LEU J 563 5.96 -71.84 2.97
C LEU J 563 5.84 -72.96 3.98
N ARG J 564 5.88 -72.61 5.27
CA ARG J 564 5.75 -73.64 6.30
C ARG J 564 4.43 -74.37 6.19
N ALA J 565 3.34 -73.62 5.98
CA ALA J 565 2.04 -74.26 5.79
C ALA J 565 2.06 -75.15 4.57
N PHE J 566 2.65 -74.69 3.48
CA PHE J 566 2.71 -75.49 2.27
C PHE J 566 3.48 -76.79 2.52
N ALA J 567 4.61 -76.69 3.22
CA ALA J 567 5.39 -77.88 3.52
C ALA J 567 4.59 -78.84 4.38
N GLU J 568 3.89 -78.32 5.39
CA GLU J 568 3.06 -79.18 6.21
C GLU J 568 1.96 -79.82 5.38
N HIS J 569 1.37 -79.05 4.48
CA HIS J 569 0.33 -79.58 3.62
C HIS J 569 0.84 -80.77 2.81
N ILE J 570 2.02 -80.62 2.21
CA ILE J 570 2.56 -81.69 1.38
C ILE J 570 2.87 -82.92 2.21
N ARG J 571 3.54 -82.73 3.35
CA ARG J 571 3.91 -83.88 4.17
C ARG J 571 2.69 -84.60 4.70
N ALA J 572 1.60 -83.88 4.95
CA ALA J 572 0.44 -84.48 5.59
C ALA J 572 -0.53 -85.11 4.61
N ASN J 573 -0.60 -84.61 3.38
CA ASN J 573 -1.67 -84.98 2.48
C ASN J 573 -1.21 -85.70 1.22
N TRP J 574 0.08 -85.94 1.07
CA TRP J 574 0.52 -86.69 -0.10
C TRP J 574 0.04 -88.14 0.03
N PRO J 575 -0.50 -88.72 -1.04
CA PRO J 575 -1.09 -90.05 -0.92
C PRO J 575 -0.07 -91.11 -0.54
N GLN J 576 -0.54 -92.11 0.17
CA GLN J 576 0.29 -93.24 0.58
C GLN J 576 0.24 -94.33 -0.48
N PRO J 577 1.38 -94.87 -0.88
CA PRO J 577 1.38 -95.95 -1.86
C PRO J 577 0.75 -97.22 -1.31
N SER J 578 0.24 -98.04 -2.23
CA SER J 578 -0.44 -99.27 -1.86
C SER J 578 -0.04 -100.37 -2.84
N GLU J 579 -0.62 -101.56 -2.64
CA GLU J 579 -0.31 -102.69 -3.49
C GLU J 579 -1.53 -103.59 -3.58
N PHE J 580 -1.53 -104.47 -4.58
CA PHE J 580 -2.60 -105.42 -4.76
C PHE J 580 -2.14 -106.54 -5.68
N GLY J 581 -2.73 -107.72 -5.48
CA GLY J 581 -2.37 -108.86 -6.29
C GLY J 581 -3.00 -108.82 -7.67
N TYR J 582 -2.48 -109.65 -8.56
CA TYR J 582 -2.98 -109.72 -9.92
C TYR J 582 -2.57 -111.04 -10.54
N GLY J 583 -3.23 -111.39 -11.62
CA GLY J 583 -2.92 -112.61 -12.33
C GLY J 583 -3.32 -113.84 -11.53
N SER J 584 -2.94 -115.00 -12.07
CA SER J 584 -3.23 -116.27 -11.45
C SER J 584 -2.00 -116.80 -10.72
N THR J 585 -2.22 -117.79 -9.86
CA THR J 585 -1.14 -118.43 -9.14
C THR J 585 -0.54 -119.61 -9.89
N LEU J 586 -1.14 -120.02 -11.01
CA LEU J 586 -0.65 -121.14 -11.78
C LEU J 586 0.18 -120.69 -12.99
N GLN J 587 0.80 -119.52 -12.89
CA GLN J 587 1.58 -118.98 -14.00
C GLN J 587 2.83 -118.30 -13.45
N GLY J 588 3.71 -117.94 -14.37
CA GLY J 588 4.92 -117.25 -14.00
C GLY J 588 4.65 -115.87 -13.46
N SER J 589 5.66 -115.30 -12.81
CA SER J 589 5.55 -114.01 -12.15
C SER J 589 6.00 -112.86 -13.02
N ALA J 590 7.15 -113.00 -13.69
CA ALA J 590 7.75 -111.96 -14.52
C ALA J 590 8.03 -110.69 -13.72
N ASN J 591 8.12 -110.78 -12.41
CA ASN J 591 8.42 -109.65 -11.56
C ASN J 591 9.87 -109.71 -11.12
N LEU J 592 10.56 -108.59 -11.23
CA LEU J 592 11.97 -108.53 -10.88
C LEU J 592 12.18 -108.15 -9.42
N PHE J 593 11.62 -107.03 -9.00
CA PHE J 593 11.85 -106.50 -7.67
C PHE J 593 10.68 -106.71 -6.72
N ILE J 594 9.48 -106.33 -7.14
CA ILE J 594 8.30 -106.48 -6.31
C ILE J 594 8.00 -107.97 -6.16
N PRO J 595 7.30 -108.39 -5.10
CA PRO J 595 7.02 -109.80 -4.91
C PRO J 595 6.19 -110.36 -6.04
N PRO J 596 6.27 -111.66 -6.30
CA PRO J 596 5.55 -112.25 -7.43
C PRO J 596 4.05 -112.11 -7.26
N ASN J 597 3.36 -111.99 -8.39
CA ASN J 597 1.90 -111.84 -8.44
C ASN J 597 1.46 -110.67 -7.57
N ARG J 598 2.03 -109.51 -7.86
CA ARG J 598 1.78 -108.33 -7.06
C ARG J 598 2.07 -107.10 -7.90
N MET J 599 1.43 -105.99 -7.53
CA MET J 599 1.68 -104.71 -8.17
C MET J 599 1.62 -103.62 -7.11
N VAL J 600 2.32 -102.52 -7.37
CA VAL J 600 2.33 -101.38 -6.47
C VAL J 600 1.47 -100.29 -7.06
N TYR J 601 0.93 -99.43 -6.19
CA TYR J 601 -0.03 -98.45 -6.60
C TYR J 601 0.21 -97.15 -5.86
N PRO J 602 0.32 -96.02 -6.56
CA PRO J 602 0.60 -94.76 -5.87
C PRO J 602 -0.44 -94.39 -4.84
N TRP J 603 -1.69 -94.68 -5.10
CA TRP J 603 -2.76 -94.31 -4.20
C TRP J 603 -3.22 -95.52 -3.41
N PRO J 604 -3.87 -95.31 -2.27
CA PRO J 604 -4.50 -96.43 -1.57
C PRO J 604 -5.65 -97.00 -2.38
N ASN J 605 -5.85 -98.31 -2.23
CA ASN J 605 -6.89 -99.01 -2.97
C ASN J 605 -7.78 -99.76 -2.00
N GLN J 606 -9.04 -99.90 -2.35
CA GLN J 606 -10.02 -100.57 -1.51
C GLN J 606 -11.00 -101.32 -2.40
N PRO J 607 -11.67 -102.34 -1.86
CA PRO J 607 -12.71 -103.02 -2.64
C PRO J 607 -13.80 -102.06 -3.07
N LEU J 608 -14.58 -102.50 -4.04
CA LEU J 608 -15.62 -101.66 -4.62
C LEU J 608 -16.88 -101.69 -3.74
N PRO J 609 -17.26 -100.56 -3.16
CA PRO J 609 -18.46 -100.54 -2.32
C PRO J 609 -19.70 -100.18 -3.09
N ARG J 610 -20.84 -100.19 -2.43
CA ARG J 610 -22.06 -99.64 -3.01
C ARG J 610 -21.93 -98.14 -3.11
N LEU J 611 -22.32 -97.58 -4.26
CA LEU J 611 -21.95 -96.21 -4.60
C LEU J 611 -22.82 -95.18 -3.90
N THR J 612 -22.89 -95.24 -2.58
CA THR J 612 -23.63 -94.22 -1.84
C THR J 612 -22.78 -92.95 -1.73
N VAL J 613 -23.32 -91.97 -1.01
CA VAL J 613 -22.71 -90.65 -1.01
C VAL J 613 -21.38 -90.64 -0.27
N ALA J 614 -21.29 -91.37 0.84
CA ALA J 614 -20.11 -91.27 1.69
C ALA J 614 -18.82 -91.64 0.96
N PRO J 615 -18.71 -92.79 0.28
CA PRO J 615 -17.47 -93.09 -0.43
C PRO J 615 -17.18 -92.14 -1.56
N THR J 616 -18.20 -91.42 -2.05
CA THR J 616 -17.98 -90.48 -3.14
C THR J 616 -16.99 -89.39 -2.76
N TYR J 617 -16.94 -89.04 -1.47
CA TYR J 617 -16.15 -87.90 -1.04
C TYR J 617 -15.02 -88.22 -0.09
N ASP J 618 -15.00 -89.41 0.50
CA ASP J 618 -13.97 -89.74 1.49
C ASP J 618 -12.67 -90.19 0.85
N SER J 619 -12.59 -90.23 -0.46
CA SER J 619 -11.40 -90.76 -1.12
C SER J 619 -10.19 -89.87 -0.83
N ALA J 620 -9.01 -90.50 -0.82
CA ALA J 620 -7.79 -89.75 -0.54
C ALA J 620 -7.56 -88.66 -1.57
N MET J 621 -7.79 -88.98 -2.85
CA MET J 621 -7.58 -87.98 -3.89
C MET J 621 -8.49 -86.79 -3.68
N SER J 622 -9.75 -87.03 -3.36
CA SER J 622 -10.65 -85.92 -3.06
C SER J 622 -10.13 -85.10 -1.89
N ASN J 623 -9.63 -85.76 -0.86
CA ASN J 623 -9.03 -85.05 0.26
C ASN J 623 -7.89 -84.17 -0.23
N TRP J 624 -7.03 -84.72 -1.08
CA TRP J 624 -5.92 -83.94 -1.61
C TRP J 624 -6.42 -82.70 -2.33
N ILE J 625 -7.43 -82.86 -3.18
CA ILE J 625 -7.93 -81.73 -3.94
C ILE J 625 -8.52 -80.69 -3.02
N SER J 626 -9.34 -81.12 -2.06
CA SER J 626 -10.02 -80.17 -1.18
C SER J 626 -9.02 -79.36 -0.38
N THR J 627 -8.06 -80.04 0.25
CA THR J 627 -7.08 -79.34 1.07
C THR J 627 -6.23 -78.40 0.23
N THR J 628 -5.81 -78.86 -0.95
CA THR J 628 -4.96 -78.04 -1.80
C THR J 628 -5.65 -76.74 -2.19
N ILE J 629 -6.88 -76.84 -2.69
CA ILE J 629 -7.60 -75.64 -3.08
C ILE J 629 -7.81 -74.73 -1.89
N ALA J 630 -8.09 -75.32 -0.73
CA ALA J 630 -8.24 -74.52 0.47
C ALA J 630 -6.98 -73.72 0.76
N PHE J 631 -5.83 -74.37 0.61
CA PHE J 631 -4.56 -73.68 0.86
C PHE J 631 -4.38 -72.50 -0.09
N PHE J 632 -4.63 -72.73 -1.38
CA PHE J 632 -4.43 -71.66 -2.35
C PHE J 632 -5.41 -70.52 -2.12
N ILE J 633 -6.63 -70.84 -1.71
CA ILE J 633 -7.58 -69.79 -1.35
C ILE J 633 -6.98 -68.92 -0.24
N ARG J 634 -6.37 -69.55 0.75
CA ARG J 634 -5.66 -68.80 1.77
C ARG J 634 -4.55 -67.98 1.16
N VAL J 635 -3.87 -68.53 0.15
CA VAL J 635 -2.76 -67.82 -0.47
C VAL J 635 -3.25 -66.57 -1.17
N VAL J 636 -4.27 -66.70 -2.02
CA VAL J 636 -4.71 -65.57 -2.82
C VAL J 636 -5.29 -64.46 -1.96
N ASN J 637 -5.76 -64.78 -0.77
CA ASN J 637 -6.25 -63.76 0.14
C ASN J 637 -5.13 -63.13 0.96
N SER J 638 -3.89 -63.54 0.76
CA SER J 638 -2.80 -63.00 1.54
C SER J 638 -2.63 -61.51 1.30
N VAL J 639 -2.05 -60.83 2.29
CA VAL J 639 -1.83 -59.40 2.22
C VAL J 639 -0.85 -59.05 1.11
N ASN J 640 -0.02 -59.98 0.68
CA ASN J 640 1.02 -59.68 -0.30
C ASN J 640 0.43 -59.32 -1.65
N MET J 641 -0.70 -59.89 -2.02
CA MET J 641 -1.22 -59.77 -3.37
C MET J 641 -1.77 -58.39 -3.69
N THR J 642 -1.76 -57.47 -2.73
CA THR J 642 -2.46 -56.20 -2.94
C THR J 642 -1.88 -55.38 -4.08
N ALA J 643 -0.66 -55.70 -4.52
CA ALA J 643 -0.05 -54.93 -5.60
C ALA J 643 -0.83 -55.08 -6.90
N THR J 644 -1.49 -56.23 -7.09
CA THR J 644 -2.20 -56.48 -8.34
C THR J 644 -3.59 -57.04 -8.16
N VAL J 645 -4.07 -57.21 -6.93
CA VAL J 645 -5.33 -57.88 -6.67
C VAL J 645 -6.17 -56.95 -5.80
N ASN J 646 -7.01 -56.14 -6.43
CA ASN J 646 -7.96 -55.35 -5.66
C ASN J 646 -9.04 -56.26 -5.07
N ASP J 647 -9.93 -55.65 -4.30
CA ASP J 647 -10.95 -56.43 -3.63
C ASP J 647 -11.80 -57.20 -4.62
N LEU J 648 -12.28 -56.53 -5.66
CA LEU J 648 -13.15 -57.19 -6.63
C LEU J 648 -12.47 -58.41 -7.23
N THR J 649 -11.21 -58.24 -7.64
CA THR J 649 -10.46 -59.37 -8.18
C THR J 649 -10.31 -60.47 -7.13
N ARG J 650 -9.99 -60.08 -5.90
CA ARG J 650 -9.75 -61.06 -4.85
C ARG J 650 -10.95 -61.96 -4.67
N ARG J 651 -12.15 -61.37 -4.64
CA ARG J 651 -13.35 -62.19 -4.52
C ARG J 651 -13.54 -63.06 -5.76
N THR J 652 -13.28 -62.50 -6.94
CA THR J 652 -13.47 -63.27 -8.16
C THR J 652 -12.60 -64.51 -8.16
N MET J 653 -11.33 -64.37 -7.82
CA MET J 653 -10.44 -65.52 -7.75
C MET J 653 -10.98 -66.54 -6.76
N THR J 654 -11.41 -66.08 -5.59
CA THR J 654 -11.93 -66.99 -4.59
C THR J 654 -13.14 -67.74 -5.12
N GLY J 655 -14.06 -67.03 -5.75
CA GLY J 655 -15.23 -67.68 -6.30
C GLY J 655 -14.88 -68.76 -7.31
N VAL J 656 -13.89 -68.47 -8.16
CA VAL J 656 -13.47 -69.46 -9.15
C VAL J 656 -12.89 -70.68 -8.44
N MET J 657 -12.02 -70.44 -7.46
CA MET J 657 -11.39 -71.56 -6.78
C MET J 657 -12.42 -72.43 -6.08
N THR J 658 -13.31 -71.82 -5.30
CA THR J 658 -14.30 -72.61 -4.59
C THR J 658 -15.23 -73.33 -5.56
N ALA J 659 -15.52 -72.72 -6.71
CA ALA J 659 -16.32 -73.40 -7.71
C ALA J 659 -15.62 -74.65 -8.19
N MET J 660 -14.31 -74.56 -8.46
CA MET J 660 -13.55 -75.74 -8.85
C MET J 660 -13.55 -76.78 -7.75
N ARG J 661 -13.59 -76.35 -6.49
CA ARG J 661 -13.54 -77.30 -5.40
C ARG J 661 -14.88 -78.00 -5.20
N GLN J 662 -15.99 -77.28 -5.40
CA GLN J 662 -17.29 -77.82 -5.04
C GLN J 662 -17.85 -78.76 -6.10
N VAL J 663 -17.41 -78.63 -7.35
CA VAL J 663 -17.98 -79.44 -8.41
C VAL J 663 -17.77 -80.91 -8.11
N LYS J 664 -18.78 -81.72 -8.42
CA LYS J 664 -18.74 -83.15 -8.14
C LYS J 664 -18.16 -83.90 -9.33
N THR J 665 -17.12 -84.69 -9.09
CA THR J 665 -16.51 -85.51 -10.11
C THR J 665 -16.21 -86.89 -9.53
N MET J 666 -16.40 -87.92 -10.35
CA MET J 666 -16.20 -89.29 -9.89
C MET J 666 -14.77 -89.77 -10.06
N THR J 667 -13.91 -88.97 -10.68
CA THR J 667 -12.53 -89.39 -10.89
C THR J 667 -11.84 -89.86 -9.63
N PRO J 668 -11.92 -89.16 -8.50
CA PRO J 668 -11.26 -89.69 -7.29
C PRO J 668 -11.77 -91.05 -6.89
N PHE J 669 -13.09 -91.24 -6.91
CA PHE J 669 -13.64 -92.55 -6.55
C PHE J 669 -13.16 -93.62 -7.51
N TYR J 670 -13.13 -93.31 -8.79
CA TYR J 670 -12.70 -94.28 -9.79
C TYR J 670 -11.27 -94.72 -9.53
N ILE J 671 -10.40 -93.77 -9.21
CA ILE J 671 -8.99 -94.10 -8.96
C ILE J 671 -8.87 -95.00 -7.75
N GLN J 672 -9.60 -94.68 -6.68
CA GLN J 672 -9.40 -95.41 -5.43
C GLN J 672 -10.02 -96.79 -5.45
N HIS J 673 -11.14 -96.97 -6.13
CA HIS J 673 -11.89 -98.21 -6.01
C HIS J 673 -11.97 -99.04 -7.28
N MET J 674 -12.04 -98.42 -8.45
CA MET J 674 -12.31 -99.16 -9.68
C MET J 674 -11.09 -99.36 -10.56
N CYS J 675 -10.26 -98.32 -10.69
CA CYS J 675 -9.07 -98.41 -11.55
C CYS J 675 -8.18 -99.60 -11.24
N PRO J 676 -7.83 -99.90 -9.99
CA PRO J 676 -6.92 -101.03 -9.75
C PRO J 676 -7.44 -102.35 -10.29
N THR J 677 -8.76 -102.55 -10.24
CA THR J 677 -9.31 -103.78 -10.81
C THR J 677 -8.97 -103.88 -12.29
N GLU J 678 -9.18 -102.79 -13.04
CA GLU J 678 -8.90 -102.83 -14.46
C GLU J 678 -7.41 -103.05 -14.72
N LEU J 679 -6.56 -102.39 -13.94
CA LEU J 679 -5.13 -102.56 -14.12
C LEU J 679 -4.72 -104.01 -13.92
N SER J 680 -5.23 -104.63 -12.85
CA SER J 680 -4.89 -106.02 -12.58
C SER J 680 -5.32 -106.92 -13.73
N VAL J 681 -6.53 -106.69 -14.25
CA VAL J 681 -7.02 -107.49 -15.36
C VAL J 681 -6.14 -107.31 -16.58
N LEU J 682 -5.83 -106.05 -16.92
CA LEU J 682 -5.05 -105.80 -18.12
C LEU J 682 -3.64 -106.34 -17.98
N ALA J 683 -3.07 -106.28 -16.78
CA ALA J 683 -1.69 -106.73 -16.60
C ALA J 683 -1.52 -108.20 -16.91
N SER J 684 -2.60 -108.97 -16.93
CA SER J 684 -2.51 -110.41 -17.15
C SER J 684 -2.59 -110.80 -18.62
N VAL J 685 -2.76 -109.84 -19.52
CA VAL J 685 -2.95 -110.18 -20.93
C VAL J 685 -1.99 -109.45 -21.86
N THR J 686 -1.35 -108.35 -21.44
CA THR J 686 -0.42 -107.67 -22.32
C THR J 686 0.77 -108.57 -22.64
N VAL J 687 1.28 -108.43 -23.86
CA VAL J 687 2.43 -109.23 -24.26
C VAL J 687 3.64 -108.91 -23.39
N THR J 688 3.72 -107.69 -22.88
CA THR J 688 4.81 -107.31 -21.98
C THR J 688 4.24 -107.11 -20.60
N PRO J 689 4.48 -108.01 -19.66
CA PRO J 689 3.95 -107.86 -18.32
C PRO J 689 4.52 -106.63 -17.65
N PRO J 690 3.83 -106.06 -16.68
CA PRO J 690 4.27 -104.81 -16.07
C PRO J 690 5.65 -104.94 -15.45
N PHE J 691 6.42 -103.87 -15.56
CA PHE J 691 7.77 -103.79 -15.02
C PHE J 691 7.81 -102.60 -14.06
N GLN J 692 7.97 -102.86 -12.77
CA GLN J 692 7.79 -101.83 -11.76
C GLN J 692 8.94 -101.84 -10.78
N VAL J 693 9.09 -100.70 -10.09
CA VAL J 693 10.02 -100.56 -8.98
C VAL J 693 9.22 -99.99 -7.81
N PRO J 694 9.62 -100.23 -6.57
CA PRO J 694 8.79 -99.80 -5.44
C PRO J 694 8.59 -98.30 -5.43
N PHE J 695 7.39 -97.88 -5.04
CA PHE J 695 7.06 -96.46 -4.90
C PHE J 695 7.50 -95.97 -3.54
N THR J 696 8.23 -94.87 -3.52
CA THR J 696 8.65 -94.21 -2.29
C THR J 696 7.91 -92.89 -2.13
N ARG J 697 7.83 -92.43 -0.89
CA ARG J 697 7.03 -91.24 -0.56
C ARG J 697 7.79 -90.43 0.48
N LEU J 698 8.54 -89.44 0.02
CA LEU J 698 9.23 -88.47 0.87
C LEU J 698 10.28 -89.12 1.76
N VAL J 699 10.63 -90.37 1.53
CA VAL J 699 11.68 -91.05 2.28
C VAL J 699 12.97 -90.90 1.48
N GLN J 700 13.82 -89.97 1.89
CA GLN J 700 14.97 -89.61 1.09
C GLN J 700 15.90 -90.79 0.87
N ASN J 701 16.17 -91.56 1.93
CA ASN J 701 17.14 -92.64 1.82
C ASN J 701 16.68 -93.74 0.87
N ASP J 702 15.38 -93.86 0.64
CA ASP J 702 14.87 -94.93 -0.20
C ASP J 702 14.69 -94.53 -1.65
N VAL J 703 14.90 -93.27 -2.00
CA VAL J 703 14.68 -92.83 -3.37
C VAL J 703 15.67 -93.54 -4.29
N ILE J 704 15.19 -93.96 -5.43
CA ILE J 704 16.00 -94.68 -6.41
C ILE J 704 16.76 -93.67 -7.25
N THR J 705 18.04 -93.95 -7.47
CA THR J 705 18.88 -93.11 -8.31
C THR J 705 19.11 -93.68 -9.69
N ASN J 706 19.41 -94.97 -9.78
CA ASN J 706 19.74 -95.59 -11.06
C ASN J 706 19.11 -96.96 -11.13
N VAL J 707 18.84 -97.40 -12.36
CA VAL J 707 18.41 -98.77 -12.63
C VAL J 707 19.38 -99.31 -13.67
N LEU J 708 20.18 -100.30 -13.27
CA LEU J 708 21.26 -100.79 -14.10
C LEU J 708 21.14 -102.29 -14.29
N VAL J 709 21.49 -102.76 -15.48
CA VAL J 709 21.54 -104.17 -15.80
C VAL J 709 23.00 -104.56 -15.95
N ALA J 710 23.39 -105.64 -15.28
CA ALA J 710 24.77 -106.07 -15.23
C ALA J 710 24.93 -107.41 -15.94
N ARG J 711 25.87 -107.50 -16.87
CA ARG J 711 26.11 -108.78 -17.51
C ARG J 711 27.00 -109.61 -16.59
N VAL J 712 27.85 -108.93 -15.82
CA VAL J 712 28.75 -109.63 -14.90
C VAL J 712 28.83 -108.85 -13.59
N ASP J 713 28.80 -109.55 -12.46
CA ASP J 713 28.87 -108.89 -11.17
C ASP J 713 30.09 -107.98 -11.13
N PRO J 714 29.99 -106.82 -10.49
CA PRO J 714 31.14 -105.90 -10.46
C PRO J 714 32.37 -106.53 -9.84
N ALA J 715 32.19 -107.47 -8.90
CA ALA J 715 33.34 -108.14 -8.31
C ALA J 715 34.14 -108.89 -9.37
N GLN J 716 33.45 -109.60 -10.26
CA GLN J 716 34.12 -110.39 -11.29
C GLN J 716 34.34 -109.62 -12.58
N ARG J 717 33.81 -108.41 -12.69
CA ARG J 717 33.92 -107.67 -13.92
C ARG J 717 35.36 -107.26 -14.16
N GLY J 718 35.78 -107.30 -15.43
CA GLY J 718 37.15 -106.93 -15.77
C GLY J 718 37.44 -105.47 -15.52
N ASP J 719 36.49 -104.60 -15.84
CA ASP J 719 36.64 -103.17 -15.60
C ASP J 719 35.29 -102.62 -15.17
N ALA J 720 35.18 -101.30 -15.07
CA ALA J 720 33.91 -100.70 -14.70
C ALA J 720 32.85 -101.05 -15.73
N ALA J 721 33.06 -100.62 -16.97
CA ALA J 721 32.11 -100.92 -18.04
C ALA J 721 30.68 -100.95 -17.53
N VAL J 722 30.27 -99.88 -16.86
CA VAL J 722 28.92 -99.82 -16.30
C VAL J 722 27.88 -99.61 -17.39
N ASP J 723 26.61 -99.84 -17.07
CA ASP J 723 25.56 -99.68 -18.07
C ASP J 723 25.49 -98.25 -18.56
N ILE J 724 25.12 -98.10 -19.83
CA ILE J 724 25.10 -96.79 -20.46
C ILE J 724 24.07 -95.87 -19.80
N ARG J 725 23.03 -96.43 -19.20
CA ARG J 725 21.99 -95.61 -18.61
C ARG J 725 22.52 -94.65 -17.58
N ALA J 726 23.65 -94.96 -16.96
CA ALA J 726 24.23 -94.08 -15.95
C ALA J 726 24.55 -92.70 -16.50
N THR J 727 24.70 -92.57 -17.81
CA THR J 727 24.98 -91.28 -18.44
C THR J 727 23.72 -90.48 -18.70
N HIS J 728 22.62 -90.78 -18.02
CA HIS J 728 21.37 -90.07 -18.21
C HIS J 728 20.97 -89.38 -16.91
N ALA J 729 20.39 -88.19 -17.04
CA ALA J 729 19.98 -87.44 -15.86
C ALA J 729 18.95 -88.22 -15.05
N THR J 730 17.88 -88.67 -15.70
CA THR J 730 16.88 -89.49 -15.06
C THR J 730 17.28 -90.95 -15.12
N PHE J 731 16.57 -91.78 -14.37
CA PHE J 731 16.81 -93.21 -14.37
C PHE J 731 15.87 -93.98 -15.28
N ALA J 732 14.99 -93.28 -15.99
CA ALA J 732 14.06 -93.94 -16.91
C ALA J 732 13.67 -92.93 -17.97
N ALA J 733 13.06 -93.44 -19.04
CA ALA J 733 12.62 -92.59 -20.13
C ALA J 733 11.64 -91.54 -19.61
N ALA J 734 11.87 -90.29 -19.97
CA ALA J 734 11.05 -89.18 -19.50
C ALA J 734 9.92 -88.93 -20.48
N LEU J 735 8.69 -88.87 -19.96
CA LEU J 735 7.50 -88.61 -20.77
C LEU J 735 6.80 -87.40 -20.19
N PRO J 736 7.06 -86.20 -20.72
CA PRO J 736 6.43 -85.00 -20.19
C PRO J 736 4.93 -85.00 -20.43
N VAL J 737 4.20 -84.41 -19.48
CA VAL J 737 2.74 -84.32 -19.56
C VAL J 737 2.33 -82.92 -19.13
N ASP J 738 1.16 -82.51 -19.62
CA ASP J 738 0.64 -81.19 -19.32
C ASP J 738 -0.23 -81.25 -18.07
N PRO J 739 0.08 -80.51 -17.01
CA PRO J 739 -0.79 -80.54 -15.83
C PRO J 739 -2.21 -80.10 -16.11
N ALA J 740 -2.41 -79.16 -17.02
CA ALA J 740 -3.74 -78.64 -17.26
C ALA J 740 -4.68 -79.73 -17.73
N ALA J 741 -4.22 -80.56 -18.66
CA ALA J 741 -5.05 -81.67 -19.13
C ALA J 741 -5.38 -82.63 -18.00
N ILE J 742 -4.38 -82.93 -17.17
CA ILE J 742 -4.61 -83.82 -16.04
C ILE J 742 -5.66 -83.24 -15.10
N VAL J 743 -5.52 -81.95 -14.78
CA VAL J 743 -6.46 -81.31 -13.86
C VAL J 743 -7.87 -81.40 -14.40
N VAL J 744 -8.04 -81.10 -15.70
CA VAL J 744 -9.36 -81.17 -16.30
C VAL J 744 -9.94 -82.57 -16.13
N ALA J 745 -9.16 -83.59 -16.45
CA ALA J 745 -9.63 -84.96 -16.29
C ALA J 745 -10.00 -85.25 -14.85
N MET J 746 -9.22 -84.71 -13.91
CA MET J 746 -9.52 -84.94 -12.50
C MET J 746 -10.85 -84.33 -12.11
N LEU J 747 -11.13 -83.12 -12.59
CA LEU J 747 -12.25 -82.34 -12.09
C LEU J 747 -13.54 -82.56 -12.87
N CYS J 748 -13.63 -83.61 -13.67
CA CYS J 748 -14.90 -83.95 -14.31
C CYS J 748 -14.89 -85.45 -14.61
N GLY J 749 -15.57 -86.22 -13.76
CA GLY J 749 -15.58 -87.66 -13.89
C GLY J 749 -16.97 -88.24 -14.01
N GLN J 750 -17.84 -87.58 -14.78
CA GLN J 750 -19.21 -88.05 -14.93
C GLN J 750 -19.25 -89.52 -15.31
N THR J 751 -20.29 -90.21 -14.85
CA THR J 751 -20.46 -91.62 -15.13
C THR J 751 -21.84 -91.86 -15.72
N GLU J 752 -21.96 -92.95 -16.48
CA GLU J 752 -23.21 -93.25 -17.15
C GLU J 752 -24.31 -93.53 -16.13
N THR J 753 -25.54 -93.23 -16.52
CA THR J 753 -26.68 -93.33 -15.64
C THR J 753 -26.93 -94.75 -15.13
N ASN J 754 -27.33 -95.66 -16.03
CA ASN J 754 -27.71 -97.02 -15.64
C ASN J 754 -26.47 -97.90 -15.64
N LEU J 755 -25.67 -97.77 -14.58
CA LEU J 755 -24.40 -98.46 -14.49
C LEU J 755 -24.49 -99.61 -13.50
N ILE J 756 -24.08 -100.79 -13.95
CA ILE J 756 -23.89 -101.94 -13.07
C ILE J 756 -22.47 -102.42 -13.24
N PRO J 757 -21.61 -102.30 -12.23
CA PRO J 757 -20.19 -102.62 -12.43
C PRO J 757 -19.96 -104.02 -12.94
N SER J 758 -20.68 -105.00 -12.42
CA SER J 758 -20.48 -106.38 -12.86
C SER J 758 -20.79 -106.52 -14.34
N HIS J 759 -21.95 -106.01 -14.77
CA HIS J 759 -22.34 -106.14 -16.17
C HIS J 759 -21.33 -105.46 -17.07
N HIS J 760 -20.96 -104.23 -16.74
CA HIS J 760 -20.07 -103.46 -17.61
C HIS J 760 -18.72 -104.14 -17.74
N TYR J 761 -18.14 -104.57 -16.63
CA TYR J 761 -16.80 -105.14 -16.68
C TYR J 761 -16.79 -106.47 -17.43
N GLY J 762 -17.70 -107.38 -17.07
CA GLY J 762 -17.74 -108.66 -17.73
C GLY J 762 -17.94 -108.52 -19.23
N LYS J 763 -18.85 -107.64 -19.63
CA LYS J 763 -19.07 -107.41 -21.05
C LYS J 763 -17.82 -106.85 -21.70
N ALA J 764 -17.13 -105.94 -21.02
CA ALA J 764 -15.95 -105.33 -21.61
C ALA J 764 -14.76 -106.28 -21.63
N PHE J 765 -14.58 -107.07 -20.58
CA PHE J 765 -13.41 -107.92 -20.49
C PHE J 765 -13.51 -109.17 -21.36
N ALA J 766 -14.72 -109.60 -21.69
CA ALA J 766 -14.88 -110.86 -22.41
C ALA J 766 -14.08 -110.93 -23.70
N PRO J 767 -14.10 -109.93 -24.59
CA PRO J 767 -13.33 -110.07 -25.84
C PRO J 767 -11.85 -110.26 -25.61
N LEU J 768 -11.29 -109.72 -24.52
CA LEU J 768 -9.86 -109.76 -24.33
C LEU J 768 -9.34 -111.19 -24.26
N PHE J 769 -10.03 -112.05 -23.53
CA PHE J 769 -9.52 -113.40 -23.33
C PHE J 769 -9.59 -114.25 -24.58
N ALA J 770 -10.25 -113.77 -25.64
CA ALA J 770 -10.25 -114.51 -26.89
C ALA J 770 -8.88 -114.52 -27.57
N SER J 771 -7.94 -113.70 -27.12
CA SER J 771 -6.63 -113.66 -27.73
C SER J 771 -5.76 -114.80 -27.23
N ASN J 772 -4.82 -115.22 -28.07
CA ASN J 772 -3.84 -116.23 -27.71
C ASN J 772 -2.46 -115.61 -27.45
N ALA J 773 -2.38 -114.29 -27.31
CA ALA J 773 -1.09 -113.63 -27.27
C ALA J 773 -0.25 -114.12 -26.11
N MET J 774 -0.85 -114.32 -24.94
CA MET J 774 -0.09 -114.69 -23.77
C MET J 774 0.67 -115.99 -23.99
N PHE J 775 0.04 -116.97 -24.63
CA PHE J 775 0.70 -118.24 -24.85
C PHE J 775 1.88 -118.08 -25.80
N THR J 776 1.71 -117.31 -26.87
CA THR J 776 2.83 -117.02 -27.74
C THR J 776 3.93 -116.31 -26.97
N ARG J 777 3.55 -115.43 -26.04
CA ARG J 777 4.55 -114.76 -25.22
C ARG J 777 5.35 -115.77 -24.42
N ASN J 778 4.68 -116.77 -23.84
CA ASN J 778 5.39 -117.81 -23.11
C ASN J 778 6.35 -118.55 -24.02
N GLN J 779 5.90 -118.90 -25.23
CA GLN J 779 6.74 -119.69 -26.13
C GLN J 779 8.00 -118.92 -26.50
N ARG J 780 7.88 -117.63 -26.78
CA ARG J 780 9.06 -116.84 -27.07
C ARG J 780 10.02 -116.84 -25.88
N ALA J 781 9.49 -116.69 -24.67
CA ALA J 781 10.33 -116.67 -23.50
C ALA J 781 11.14 -117.95 -23.37
N VAL J 782 10.48 -119.10 -23.57
CA VAL J 782 11.18 -120.37 -23.47
C VAL J 782 12.28 -120.45 -24.51
N ILE J 783 11.96 -120.11 -25.75
CA ILE J 783 12.97 -120.11 -26.81
C ILE J 783 14.10 -119.16 -26.46
N THR J 784 13.75 -117.99 -25.94
CA THR J 784 14.76 -117.03 -25.53
C THR J 784 15.72 -117.66 -24.54
N ARG J 785 15.20 -118.42 -23.58
CA ARG J 785 16.06 -119.04 -22.58
C ARG J 785 17.05 -120.00 -23.22
N GLU J 786 16.55 -120.92 -24.03
CA GLU J 786 17.44 -121.92 -24.63
C GLU J 786 18.48 -121.25 -25.52
N ALA J 787 18.07 -120.26 -26.30
CA ALA J 787 19.04 -119.54 -27.11
C ALA J 787 20.09 -118.86 -26.24
N PHE J 788 19.67 -118.27 -25.12
CA PHE J 788 20.62 -117.60 -24.25
C PHE J 788 21.67 -118.57 -23.72
N VAL J 789 21.21 -119.70 -23.18
CA VAL J 789 22.13 -120.62 -22.51
C VAL J 789 23.17 -121.12 -23.50
N CYS J 790 22.73 -121.52 -24.69
CA CYS J 790 23.67 -122.01 -25.69
C CYS J 790 24.65 -120.91 -26.08
N ALA J 791 24.15 -119.71 -26.29
CA ALA J 791 25.03 -118.61 -26.69
C ALA J 791 26.06 -118.32 -25.61
N ARG J 792 25.64 -118.31 -24.35
CA ARG J 792 26.59 -118.04 -23.27
C ARG J 792 27.68 -119.10 -23.24
N SER J 793 27.29 -120.36 -23.27
CA SER J 793 28.28 -121.44 -23.23
C SER J 793 29.19 -121.38 -24.44
N ALA J 794 28.62 -121.10 -25.61
CA ALA J 794 29.43 -121.06 -26.83
C ALA J 794 30.55 -120.03 -26.70
N VAL J 795 30.20 -118.81 -26.32
CA VAL J 795 31.20 -117.77 -26.16
C VAL J 795 32.19 -118.16 -25.06
N ALA J 796 31.67 -118.68 -23.96
CA ALA J 796 32.55 -119.03 -22.85
C ALA J 796 33.56 -120.07 -23.26
N GLN J 797 33.17 -121.02 -24.10
CA GLN J 797 34.10 -122.06 -24.52
C GLN J 797 35.24 -121.50 -25.37
N CYS J 798 35.00 -120.41 -26.11
CA CYS J 798 36.04 -119.88 -26.97
C CYS J 798 37.10 -119.12 -26.19
N GLN J 799 36.72 -118.38 -25.16
CA GLN J 799 37.71 -117.77 -24.30
C GLN J 799 38.20 -118.80 -23.28
N ASP J 800 39.47 -118.65 -22.87
CA ASP J 800 40.09 -119.59 -21.97
C ASP J 800 39.96 -119.16 -20.51
N ALA J 801 39.07 -118.21 -20.24
CA ALA J 801 38.67 -117.85 -18.88
C ALA J 801 37.17 -117.58 -18.93
N GLY J 802 36.65 -116.95 -17.90
CA GLY J 802 35.26 -116.55 -17.92
C GLY J 802 34.31 -117.55 -17.31
N PHE J 803 33.09 -117.60 -17.82
CA PHE J 803 32.05 -118.41 -17.20
C PHE J 803 32.43 -119.88 -17.23
N LEU J 804 32.04 -120.59 -16.18
CA LEU J 804 32.47 -121.97 -15.96
C LEU J 804 31.48 -122.93 -16.60
N VAL J 805 31.94 -123.64 -17.63
CA VAL J 805 31.14 -124.66 -18.31
C VAL J 805 32.04 -125.82 -18.68
N PRO J 806 31.52 -127.01 -18.95
CA PRO J 806 32.36 -128.07 -19.49
C PRO J 806 32.96 -127.65 -20.82
N ARG J 807 34.22 -128.04 -21.04
CA ARG J 807 34.99 -127.59 -22.20
C ARG J 807 35.58 -128.80 -22.90
N PRO J 808 34.75 -129.59 -23.58
CA PRO J 808 35.27 -130.79 -24.26
C PRO J 808 36.13 -130.49 -25.47
N LEU J 809 36.07 -129.28 -26.01
CA LEU J 809 36.73 -128.99 -27.27
C LEU J 809 38.00 -128.17 -27.14
N ASP J 810 38.34 -127.70 -25.93
CA ASP J 810 39.48 -126.79 -25.88
C ASP J 810 40.79 -127.46 -26.20
N ALA J 811 40.80 -128.76 -26.54
CA ALA J 811 41.99 -129.35 -27.14
C ALA J 811 42.23 -128.81 -28.53
N LEU J 812 41.22 -128.20 -29.15
CA LEU J 812 41.36 -127.59 -30.47
C LEU J 812 41.95 -126.19 -30.33
N ARG J 813 42.73 -125.81 -31.33
CA ARG J 813 43.38 -124.51 -31.29
C ARG J 813 42.38 -123.39 -31.45
N GLN J 814 42.60 -122.30 -30.71
CA GLN J 814 41.74 -121.14 -30.74
C GLN J 814 42.44 -120.00 -30.02
N PHE J 815 42.42 -118.82 -30.62
CA PHE J 815 42.94 -117.64 -29.96
C PHE J 815 41.88 -117.08 -29.03
N ASP J 816 42.29 -116.64 -27.85
CA ASP J 816 41.34 -116.13 -26.87
C ASP J 816 40.55 -114.98 -27.48
N VAL J 817 39.23 -115.07 -27.37
CA VAL J 817 38.33 -114.25 -28.14
C VAL J 817 38.13 -112.92 -27.43
N THR J 818 38.37 -111.82 -28.15
CA THR J 818 38.09 -110.50 -27.62
C THR J 818 36.64 -110.13 -27.88
N SER J 819 36.25 -108.94 -27.43
CA SER J 819 34.85 -108.56 -27.45
C SER J 819 34.30 -108.55 -28.86
N ALA J 820 35.04 -107.96 -29.80
CA ALA J 820 34.54 -107.84 -31.17
C ALA J 820 34.28 -109.22 -31.77
N ALA J 821 35.23 -110.14 -31.63
CA ALA J 821 35.03 -111.48 -32.16
C ALA J 821 33.88 -112.17 -31.47
N ALA J 822 33.75 -111.98 -30.15
CA ALA J 822 32.65 -112.59 -29.43
C ALA J 822 31.32 -112.14 -29.99
N ALA J 823 31.20 -110.85 -30.31
CA ALA J 823 29.96 -110.34 -30.88
C ALA J 823 29.63 -111.05 -32.19
N GLU J 824 30.64 -111.25 -33.04
CA GLU J 824 30.40 -111.97 -34.29
C GLU J 824 29.92 -113.39 -34.01
N ILE J 825 30.51 -114.06 -33.03
CA ILE J 825 30.09 -115.40 -32.70
C ILE J 825 28.64 -115.41 -32.26
N MET J 826 28.28 -114.48 -31.37
CA MET J 826 26.90 -114.45 -30.89
C MET J 826 25.94 -114.13 -32.02
N HIS J 827 26.33 -113.22 -32.92
CA HIS J 827 25.50 -112.93 -34.08
C HIS J 827 25.18 -114.19 -34.85
N ALA J 828 26.20 -115.02 -35.12
CA ALA J 828 25.98 -116.26 -35.83
C ALA J 828 25.01 -117.15 -35.08
N VAL J 829 25.20 -117.27 -33.76
CA VAL J 829 24.29 -118.07 -32.96
C VAL J 829 22.88 -117.50 -33.03
N ASN J 830 22.76 -116.19 -32.84
CA ASN J 830 21.44 -115.57 -32.84
C ASN J 830 20.75 -115.76 -34.19
N ASP J 831 21.49 -115.58 -35.27
CA ASP J 831 20.90 -115.78 -36.60
C ASP J 831 20.48 -117.22 -36.79
N ALA J 832 21.30 -118.17 -36.34
CA ALA J 832 20.96 -119.57 -36.52
C ALA J 832 19.66 -119.91 -35.82
N PHE J 833 19.47 -119.42 -34.60
CA PHE J 833 18.25 -119.71 -33.87
C PHE J 833 17.04 -119.12 -34.58
N LYS J 834 17.12 -117.85 -34.95
CA LYS J 834 15.96 -117.20 -35.55
C LYS J 834 15.58 -117.89 -36.85
N THR J 835 16.57 -118.26 -37.66
CA THR J 835 16.27 -119.03 -38.86
C THR J 835 15.63 -120.37 -38.50
N ALA J 836 16.14 -121.01 -37.45
CA ALA J 836 15.63 -122.32 -37.09
C ALA J 836 14.19 -122.27 -36.62
N PHE J 837 13.78 -121.17 -36.01
CA PHE J 837 12.43 -121.06 -35.48
C PHE J 837 11.58 -120.00 -36.15
N ASP J 838 12.09 -119.34 -37.19
CA ASP J 838 11.35 -118.31 -37.92
C ASP J 838 10.87 -117.21 -36.99
N LEU J 839 11.73 -116.80 -36.08
CA LEU J 839 11.38 -115.72 -35.16
C LEU J 839 11.51 -114.37 -35.83
N ASP J 840 10.60 -113.48 -35.52
CA ASP J 840 10.73 -112.06 -35.82
C ASP J 840 11.13 -111.32 -34.55
N GLY J 841 11.81 -110.19 -34.73
CA GLY J 841 12.17 -109.38 -33.60
C GLY J 841 13.63 -109.49 -33.20
N ALA J 842 13.90 -109.27 -31.91
CA ALA J 842 15.26 -109.08 -31.44
C ALA J 842 15.91 -110.38 -30.95
N LEU J 843 15.21 -111.13 -30.11
CA LEU J 843 15.78 -112.29 -29.44
C LEU J 843 16.99 -111.87 -28.61
N LEU J 844 18.21 -112.14 -29.09
CA LEU J 844 19.41 -111.90 -28.32
C LEU J 844 20.24 -110.73 -28.82
N ASP J 845 19.69 -109.88 -29.69
CA ASP J 845 20.50 -108.91 -30.40
C ASP J 845 21.26 -108.00 -29.45
N GLY J 846 20.58 -107.43 -28.46
CA GLY J 846 21.19 -106.40 -27.63
C GLY J 846 22.49 -106.85 -27.01
N LEU J 847 22.60 -108.14 -26.66
CA LEU J 847 23.85 -108.65 -26.11
C LEU J 847 24.99 -108.49 -27.09
N ALA J 848 24.73 -108.66 -28.38
CA ALA J 848 25.77 -108.54 -29.39
C ALA J 848 26.02 -107.11 -29.83
N LEU J 849 24.96 -106.28 -29.88
CA LEU J 849 25.14 -104.93 -30.38
C LEU J 849 25.88 -104.05 -29.37
N TYR J 850 25.50 -104.14 -28.10
CA TYR J 850 26.02 -103.24 -27.09
C TYR J 850 26.77 -104.02 -26.02
N GLY J 851 27.59 -103.30 -25.27
CA GLY J 851 28.29 -103.88 -24.16
C GLY J 851 29.28 -104.97 -24.56
N ASP J 852 29.70 -105.73 -23.56
CA ASP J 852 30.64 -106.82 -23.76
C ASP J 852 29.88 -108.12 -23.87
N PRO J 853 30.01 -108.85 -24.98
CA PRO J 853 29.30 -110.13 -25.11
C PRO J 853 29.75 -111.20 -24.13
N ARG J 854 30.91 -111.06 -23.49
CA ARG J 854 31.38 -112.11 -22.60
C ARG J 854 30.56 -112.13 -21.32
N ILE J 855 29.30 -112.50 -21.43
CA ILE J 855 28.39 -112.47 -20.28
C ILE J 855 28.61 -113.69 -19.40
N ALA J 856 28.27 -113.55 -18.13
CA ALA J 856 28.36 -114.67 -17.19
C ALA J 856 27.02 -115.06 -16.61
N ASP J 857 26.33 -114.13 -15.94
CA ASP J 857 25.08 -114.47 -15.26
C ASP J 857 24.31 -113.16 -15.08
N LEU J 858 23.27 -112.97 -15.90
CA LEU J 858 22.60 -111.69 -15.97
C LEU J 858 21.95 -111.33 -14.64
N SER J 859 21.95 -110.05 -14.33
CA SER J 859 21.29 -109.54 -13.15
C SER J 859 20.98 -108.08 -13.35
N ALA J 860 19.87 -107.64 -12.78
CA ALA J 860 19.46 -106.25 -12.81
C ALA J 860 19.41 -105.71 -11.39
N ALA J 861 19.71 -104.43 -11.24
CA ALA J 861 19.78 -103.84 -9.91
C ALA J 861 19.43 -102.36 -10.00
N TYR J 862 18.90 -101.84 -8.90
CA TYR J 862 18.62 -100.41 -8.78
C TYR J 862 19.27 -99.90 -7.49
N LEU J 863 19.79 -98.69 -7.55
CA LEU J 863 20.48 -98.09 -6.43
C LEU J 863 19.55 -97.15 -5.67
N GLN J 864 19.95 -96.83 -4.44
CA GLN J 864 19.18 -95.93 -3.60
C GLN J 864 20.10 -94.89 -2.99
N TYR J 865 19.55 -93.69 -2.80
CA TYR J 865 20.35 -92.60 -2.25
C TYR J 865 20.93 -92.95 -0.89
N GLY J 866 20.25 -93.82 -0.15
CA GLY J 866 20.79 -94.26 1.12
C GLY J 866 21.99 -95.15 1.00
N GLY J 867 22.39 -95.52 -0.21
CA GLY J 867 23.52 -96.36 -0.43
C GLY J 867 23.21 -97.84 -0.54
N ASN J 868 21.99 -98.24 -0.19
CA ASN J 868 21.61 -99.63 -0.35
C ASN J 868 21.46 -99.98 -1.83
N VAL J 869 21.81 -101.22 -2.17
CA VAL J 869 21.72 -101.72 -3.52
C VAL J 869 20.89 -102.99 -3.52
N VAL J 870 19.86 -103.02 -4.34
CA VAL J 870 18.99 -104.19 -4.49
C VAL J 870 19.34 -104.83 -5.81
N ARG J 871 19.91 -106.03 -5.76
CA ARG J 871 20.34 -106.74 -6.95
C ARG J 871 19.49 -108.00 -7.13
N GLU J 872 19.07 -108.24 -8.37
CA GLU J 872 18.21 -109.36 -8.71
C GLU J 872 18.89 -110.20 -9.78
N HIS J 873 19.25 -111.43 -9.42
CA HIS J 873 19.83 -112.34 -10.39
C HIS J 873 18.73 -113.10 -11.11
N VAL J 874 19.01 -113.45 -12.37
CA VAL J 874 18.08 -114.24 -13.15
C VAL J 874 18.82 -115.43 -13.76
N PRO J 875 19.34 -116.35 -12.94
CA PRO J 875 20.01 -117.50 -13.48
C PRO J 875 19.03 -118.34 -14.28
N PRO J 876 19.41 -118.79 -15.46
CA PRO J 876 18.46 -119.54 -16.30
C PRO J 876 18.07 -120.85 -15.66
N GLY J 877 16.85 -121.28 -15.94
CA GLY J 877 16.35 -122.54 -15.44
C GLY J 877 17.05 -123.70 -16.10
N PRO J 878 16.53 -124.90 -15.89
CA PRO J 878 17.15 -126.08 -16.52
C PRO J 878 16.96 -126.07 -18.02
N SER J 879 18.04 -125.84 -18.76
CA SER J 879 17.99 -125.90 -20.21
C SER J 879 18.12 -127.34 -20.68
N HIS J 880 17.58 -127.61 -21.86
CA HIS J 880 17.66 -128.92 -22.46
C HIS J 880 18.62 -128.97 -23.64
N ILE J 881 18.56 -127.98 -24.54
CA ILE J 881 19.41 -128.01 -25.72
C ILE J 881 20.86 -128.00 -25.34
N HIS J 882 21.21 -127.22 -24.31
CA HIS J 882 22.61 -127.17 -23.87
C HIS J 882 23.11 -128.56 -23.50
N ARG J 883 22.27 -129.35 -22.83
CA ARG J 883 22.69 -130.68 -22.41
C ARG J 883 23.11 -131.51 -23.61
N THR J 884 22.22 -131.62 -24.60
CA THR J 884 22.53 -132.48 -25.74
C THR J 884 23.67 -131.91 -26.57
N LEU J 885 23.82 -130.58 -26.58
CA LEU J 885 24.93 -130.00 -27.31
C LEU J 885 26.26 -130.44 -26.72
N GLN J 886 26.36 -130.47 -25.40
CA GLN J 886 27.55 -131.02 -24.75
C GLN J 886 27.80 -132.44 -25.23
N GLN J 887 26.73 -133.23 -25.32
CA GLN J 887 26.87 -134.60 -25.77
C GLN J 887 27.44 -134.66 -27.18
N VAL J 888 26.97 -133.75 -28.04
CA VAL J 888 27.47 -133.73 -29.41
C VAL J 888 28.96 -133.39 -29.43
N GLU J 889 29.36 -132.36 -28.71
CA GLU J 889 30.75 -131.95 -28.71
C GLU J 889 31.64 -133.08 -28.20
N SER J 890 31.26 -133.68 -27.08
CA SER J 890 32.08 -134.71 -26.47
C SER J 890 32.29 -135.87 -27.43
N THR J 891 31.25 -136.24 -28.17
CA THR J 891 31.40 -137.36 -29.09
C THR J 891 32.08 -136.95 -30.38
N PHE J 892 32.08 -135.67 -30.72
CA PHE J 892 32.78 -135.24 -31.92
C PHE J 892 34.27 -135.53 -31.82
N MET J 893 34.83 -135.37 -30.62
CA MET J 893 36.25 -135.61 -30.41
C MET J 893 36.62 -137.06 -30.64
N ALA J 894 35.64 -137.96 -30.71
CA ALA J 894 35.90 -139.35 -31.01
C ALA J 894 35.61 -139.74 -32.44
N GLU J 895 34.87 -138.92 -33.18
CA GLU J 895 34.47 -139.27 -34.54
C GLU J 895 34.76 -138.13 -35.51
N MET J 896 35.80 -137.35 -35.24
CA MET J 896 36.10 -136.20 -36.08
C MET J 896 36.41 -136.60 -37.51
N ASN J 897 36.83 -137.84 -37.73
CA ASN J 897 37.13 -138.29 -39.09
C ASN J 897 35.89 -138.22 -39.97
N LEU J 898 34.73 -138.58 -39.42
CA LEU J 898 33.50 -138.54 -40.20
C LEU J 898 33.19 -137.13 -40.70
N PHE J 899 33.74 -136.11 -40.07
CA PHE J 899 33.56 -134.74 -40.50
C PHE J 899 34.76 -134.24 -41.29
N ASN J 900 35.53 -135.14 -41.88
CA ASN J 900 36.70 -134.78 -42.68
C ASN J 900 37.71 -133.99 -41.87
N VAL J 901 37.93 -134.40 -40.63
CA VAL J 901 38.90 -133.75 -39.75
C VAL J 901 39.81 -134.83 -39.18
N ALA J 902 41.11 -134.56 -39.19
CA ALA J 902 42.11 -135.51 -38.70
C ALA J 902 42.91 -134.89 -37.57
N ARG J 903 43.43 -135.75 -36.71
CA ARG J 903 44.22 -135.34 -35.56
C ARG J 903 45.66 -135.78 -35.73
N GLY J 904 46.55 -135.10 -35.02
CA GLY J 904 47.96 -135.47 -35.03
C GLY J 904 48.77 -134.73 -36.07
N ASN J 905 50.07 -134.98 -36.03
CA ASN J 905 51.01 -134.28 -36.88
C ASN J 905 51.15 -134.99 -38.22
N LEU J 906 51.94 -134.39 -39.11
CA LEU J 906 52.11 -134.88 -40.46
C LEU J 906 53.59 -135.03 -40.79
N TYR J 907 53.92 -136.11 -41.47
CA TYR J 907 55.29 -136.37 -41.93
C TYR J 907 55.40 -136.12 -43.42
N LEU J 908 56.63 -135.87 -43.86
CA LEU J 908 56.92 -135.57 -45.26
C LEU J 908 58.14 -136.35 -45.72
N VAL J 909 58.17 -137.63 -45.43
CA VAL J 909 59.27 -138.48 -45.89
C VAL J 909 59.04 -138.88 -47.33
N GLN J 910 60.09 -138.84 -48.13
CA GLN J 910 60.02 -139.20 -49.54
C GLN J 910 60.14 -140.72 -49.64
N THR J 911 59.02 -141.39 -49.83
CA THR J 911 58.97 -142.84 -49.94
C THR J 911 58.67 -143.24 -51.37
N ALA J 912 59.47 -144.17 -51.90
CA ALA J 912 59.29 -144.63 -53.27
C ALA J 912 59.03 -146.13 -53.31
N THR J 913 58.12 -146.60 -52.46
CA THR J 913 57.86 -148.03 -52.33
C THR J 913 57.09 -148.53 -53.56
N ASN J 914 56.69 -149.80 -53.50
CA ASN J 914 55.94 -150.42 -54.57
C ASN J 914 54.80 -151.28 -54.06
N GLY J 915 54.62 -151.40 -52.75
CA GLY J 915 53.57 -152.24 -52.21
C GLY J 915 52.39 -151.48 -51.65
N ASN J 916 51.77 -152.01 -50.61
CA ASN J 916 50.61 -151.36 -50.01
C ASN J 916 51.01 -150.03 -49.38
N TRP J 917 50.03 -149.15 -49.25
CA TRP J 917 50.28 -147.81 -48.76
C TRP J 917 48.99 -147.28 -48.15
N SER J 918 48.95 -147.14 -46.84
CA SER J 918 47.76 -146.70 -46.12
C SER J 918 48.14 -145.51 -45.25
N PRO J 919 48.29 -144.33 -45.85
CA PRO J 919 48.75 -143.17 -45.07
C PRO J 919 47.83 -142.81 -43.93
N MET J 920 46.53 -143.01 -44.08
CA MET J 920 45.60 -142.67 -43.02
C MET J 920 45.79 -143.52 -41.77
N ALA J 921 46.52 -144.63 -41.86
CA ALA J 921 46.78 -145.49 -40.71
C ALA J 921 48.08 -146.24 -40.95
N PRO J 922 49.21 -145.55 -40.81
CA PRO J 922 50.51 -146.20 -41.04
C PRO J 922 50.79 -147.26 -40.00
N VAL J 923 51.51 -148.29 -40.42
CA VAL J 923 51.93 -149.36 -39.53
C VAL J 923 53.38 -149.21 -39.10
N ALA J 924 54.25 -148.80 -40.02
CA ALA J 924 55.65 -148.65 -39.71
C ALA J 924 55.83 -147.57 -38.64
N ALA J 925 56.86 -147.77 -37.81
CA ALA J 925 57.13 -146.81 -36.75
C ALA J 925 57.46 -145.46 -37.34
N PRO J 926 57.07 -144.37 -36.67
CA PRO J 926 57.35 -143.04 -37.20
C PRO J 926 58.84 -142.82 -37.33
N PRO J 927 59.28 -142.10 -38.36
CA PRO J 927 60.73 -141.96 -38.58
C PRO J 927 61.44 -141.31 -37.42
N PHE J 928 60.82 -140.33 -36.77
CA PHE J 928 61.45 -139.63 -35.67
C PHE J 928 60.39 -138.85 -34.91
N VAL J 929 60.76 -138.38 -33.73
CA VAL J 929 59.89 -137.60 -32.87
C VAL J 929 60.60 -136.32 -32.48
N ARG J 930 59.87 -135.44 -31.78
CA ARG J 930 60.41 -134.12 -31.48
C ARG J 930 61.65 -134.21 -30.59
N GLY J 931 61.61 -135.06 -29.57
CA GLY J 931 62.73 -135.19 -28.67
C GLY J 931 63.82 -136.13 -29.12
N GLY J 932 63.72 -136.66 -30.33
CA GLY J 932 64.65 -137.65 -30.80
C GLY J 932 66.04 -137.09 -31.05
N PRO J 933 67.03 -137.97 -31.13
CA PRO J 933 68.41 -137.51 -31.40
C PRO J 933 68.51 -136.86 -32.77
N ASN J 934 69.37 -135.86 -32.84
CA ASN J 934 69.71 -135.17 -34.09
C ASN J 934 68.49 -134.52 -34.74
N VAL J 935 67.42 -134.33 -33.99
CA VAL J 935 66.20 -133.75 -34.52
C VAL J 935 66.26 -132.25 -34.28
N ARG J 936 66.48 -131.50 -35.35
CA ARG J 936 66.55 -130.05 -35.25
C ARG J 936 65.14 -129.46 -35.28
N VAL J 937 65.00 -128.28 -34.68
CA VAL J 937 63.73 -127.56 -34.64
C VAL J 937 63.95 -126.17 -35.20
N VAL J 938 63.09 -125.77 -36.12
CA VAL J 938 63.24 -124.49 -36.80
C VAL J 938 62.90 -123.36 -35.84
N GLY J 939 63.49 -122.19 -36.08
CA GLY J 939 63.28 -121.04 -35.23
C GLY J 939 61.95 -120.36 -35.49
N ARG J 940 61.75 -119.24 -34.76
CA ARG J 940 60.47 -118.53 -34.84
C ARG J 940 60.17 -118.09 -36.26
N PHE J 941 61.17 -117.60 -36.97
CA PHE J 941 61.06 -117.28 -38.38
C PHE J 941 61.77 -118.35 -39.19
N GLY J 942 61.22 -118.69 -40.34
CA GLY J 942 61.83 -119.70 -41.18
C GLY J 942 62.97 -119.16 -42.00
N THR J 943 63.84 -118.38 -41.38
CA THR J 943 64.90 -117.68 -42.10
C THR J 943 66.05 -118.64 -42.44
N ILE J 944 66.65 -118.43 -43.61
CA ILE J 944 67.80 -119.19 -44.04
C ILE J 944 68.97 -118.25 -44.26
N VAL J 945 70.17 -118.82 -44.21
CA VAL J 945 71.39 -118.05 -44.40
C VAL J 945 72.13 -118.56 -45.63
N PRO J 946 72.19 -117.81 -46.72
CA PRO J 946 73.10 -118.15 -47.80
C PRO J 946 74.53 -117.78 -47.43
N ARG J 947 75.47 -118.47 -48.05
CA ARG J 947 76.88 -118.24 -47.76
C ARG J 947 77.66 -118.12 -49.06
N PRO J 948 78.67 -117.25 -49.09
CA PRO J 948 79.22 -116.80 -50.37
C PRO J 948 80.11 -117.82 -51.07
N ASP J 949 81.00 -118.46 -50.33
CA ASP J 949 82.10 -119.20 -50.95
C ASP J 949 81.73 -120.64 -51.24
N GLY J 950 80.65 -120.85 -51.96
CA GLY J 950 80.26 -122.20 -52.36
C GLY J 950 79.93 -123.11 -51.21
N LEU J 951 79.19 -122.62 -50.22
CA LEU J 951 78.74 -123.43 -49.10
C LEU J 951 77.23 -123.48 -49.11
N GLU J 952 76.68 -124.62 -48.71
CA GLU J 952 75.24 -124.80 -48.77
C GLU J 952 74.57 -123.83 -47.80
N PRO J 953 73.37 -123.38 -48.11
CA PRO J 953 72.63 -122.51 -47.18
C PRO J 953 72.35 -123.24 -45.89
N GLN J 954 71.97 -122.47 -44.88
CA GLN J 954 71.73 -123.05 -43.57
C GLN J 954 70.43 -122.49 -42.98
N LEU J 955 69.77 -123.31 -42.18
CA LEU J 955 68.54 -122.94 -41.51
C LEU J 955 68.81 -122.46 -40.10
N ILE J 956 67.99 -121.52 -39.64
CA ILE J 956 68.15 -120.95 -38.32
C ILE J 956 67.47 -121.87 -37.31
N ASP J 957 68.27 -122.56 -36.51
CA ASP J 957 67.72 -123.36 -35.43
C ASP J 957 67.01 -122.45 -34.42
N ASP J 958 66.09 -123.04 -33.65
CA ASP J 958 65.39 -122.28 -32.63
C ASP J 958 66.35 -121.72 -31.58
N GLY J 959 67.61 -122.13 -31.58
CA GLY J 959 68.59 -121.54 -30.70
C GLY J 959 69.36 -120.43 -31.38
N ASN J 960 68.79 -119.91 -32.47
CA ASN J 960 69.41 -118.83 -33.25
C ASN J 960 70.76 -119.26 -33.81
N VAL J 961 70.95 -120.56 -33.99
CA VAL J 961 72.20 -121.11 -34.51
C VAL J 961 71.92 -121.66 -35.90
N PRO J 962 72.56 -121.14 -36.94
CA PRO J 962 72.35 -121.71 -38.28
C PRO J 962 72.78 -123.17 -38.31
N ARG J 963 72.02 -123.97 -39.05
CA ARG J 963 72.26 -125.40 -39.11
C ARG J 963 72.08 -125.89 -40.54
N ASP J 964 72.67 -127.04 -40.82
CA ASP J 964 72.53 -127.63 -42.14
C ASP J 964 71.10 -128.07 -42.41
N ILE J 965 70.72 -128.03 -43.68
CA ILE J 965 69.37 -128.41 -44.07
C ILE J 965 69.17 -129.91 -43.92
N ALA J 966 70.19 -130.70 -44.27
CA ALA J 966 70.05 -132.15 -44.29
C ALA J 966 69.71 -132.68 -42.90
N GLY J 967 69.04 -133.83 -42.89
CA GLY J 967 68.67 -134.46 -41.64
C GLY J 967 67.18 -134.40 -41.38
N ASP J 968 66.81 -134.38 -40.11
CA ASP J 968 65.42 -134.29 -39.69
C ASP J 968 65.14 -132.92 -39.10
N TRP J 969 63.90 -132.47 -39.27
CA TRP J 969 63.50 -131.15 -38.81
C TRP J 969 62.06 -131.18 -38.35
N VAL J 970 61.73 -130.28 -37.43
CA VAL J 970 60.38 -130.14 -36.89
C VAL J 970 59.88 -128.75 -37.21
N TYR J 971 58.72 -128.67 -37.85
CA TYR J 971 58.14 -127.40 -38.24
C TYR J 971 56.87 -127.14 -37.45
N PRO J 972 56.84 -126.17 -36.55
CA PRO J 972 55.55 -125.66 -36.09
C PRO J 972 54.80 -125.09 -37.27
N SER J 973 53.50 -125.39 -37.34
CA SER J 973 52.71 -125.00 -38.50
C SER J 973 52.77 -123.50 -38.75
N ASP J 974 52.92 -122.72 -37.69
CA ASP J 974 53.00 -121.27 -37.84
C ASP J 974 54.21 -120.88 -38.66
N VAL J 975 55.37 -121.50 -38.37
CA VAL J 975 56.58 -121.17 -39.10
C VAL J 975 56.39 -121.47 -40.58
N LEU J 976 55.77 -122.60 -40.90
CA LEU J 976 55.55 -122.95 -42.30
C LEU J 976 54.66 -121.92 -42.98
N GLN J 977 53.60 -121.47 -42.29
CA GLN J 977 52.72 -120.48 -42.89
C GLN J 977 53.46 -119.18 -43.18
N VAL J 978 54.46 -118.86 -42.38
CA VAL J 978 55.16 -117.59 -42.54
C VAL J 978 56.23 -117.65 -43.61
N SER J 979 56.89 -118.79 -43.77
CA SER J 979 58.06 -118.89 -44.64
C SER J 979 57.86 -119.96 -45.71
N VAL J 980 56.66 -120.01 -46.30
CA VAL J 980 56.37 -121.06 -47.26
C VAL J 980 57.27 -120.94 -48.48
N ALA J 981 57.48 -119.71 -48.95
CA ALA J 981 58.25 -119.53 -50.18
C ALA J 981 59.67 -120.03 -50.03
N VAL J 982 60.34 -119.64 -48.94
CA VAL J 982 61.70 -120.13 -48.71
C VAL J 982 61.69 -121.65 -48.58
N PHE J 983 60.70 -122.18 -47.86
CA PHE J 983 60.62 -123.62 -47.68
C PHE J 983 60.50 -124.33 -49.01
N CYS J 984 59.62 -123.84 -49.88
CA CYS J 984 59.42 -124.48 -51.17
C CYS J 984 60.67 -124.42 -52.04
N ASP J 985 61.51 -123.41 -51.83
CA ASP J 985 62.65 -123.21 -52.70
C ASP J 985 63.95 -123.81 -52.16
N TYR J 986 64.03 -124.08 -50.86
CA TYR J 986 65.28 -124.54 -50.29
C TYR J 986 65.16 -125.79 -49.44
N VAL J 987 63.99 -126.10 -48.91
CA VAL J 987 63.81 -127.30 -48.11
C VAL J 987 63.10 -128.38 -48.88
N TRP J 988 61.97 -128.04 -49.49
CA TRP J 988 61.20 -129.01 -50.25
C TRP J 988 62.01 -129.76 -51.30
N PRO J 989 62.88 -129.12 -52.10
CA PRO J 989 63.71 -129.91 -53.01
C PRO J 989 64.56 -130.93 -52.29
N MET J 990 65.16 -130.55 -51.16
CA MET J 990 65.93 -131.52 -50.39
C MET J 990 65.05 -132.64 -49.89
N VAL J 991 63.76 -132.36 -49.68
CA VAL J 991 62.84 -133.40 -49.27
C VAL J 991 62.56 -134.33 -50.44
N LYS J 992 62.35 -133.78 -51.62
CA LYS J 992 62.08 -134.63 -52.78
C LYS J 992 63.24 -135.56 -53.05
N ALA J 993 64.46 -135.09 -52.86
CA ALA J 993 65.60 -135.98 -52.82
C ALA J 993 65.61 -136.72 -51.49
N GLY J 994 66.16 -137.93 -51.50
CA GLY J 994 66.20 -138.71 -50.29
C GLY J 994 67.25 -138.22 -49.31
N ARG J 995 67.12 -136.97 -48.87
CA ARG J 995 68.13 -136.40 -47.99
C ARG J 995 67.58 -135.63 -46.80
N THR J 996 66.27 -135.39 -46.73
CA THR J 996 65.72 -134.62 -45.63
C THR J 996 64.32 -135.13 -45.31
N ARG J 997 64.01 -135.20 -44.03
CA ARG J 997 62.69 -135.62 -43.56
C ARG J 997 62.12 -134.54 -42.65
N VAL J 998 60.83 -134.28 -42.80
CA VAL J 998 60.18 -133.15 -42.16
C VAL J 998 58.97 -133.62 -41.38
N LEU J 999 58.82 -133.10 -40.16
CA LEU J 999 57.64 -133.31 -39.34
C LEU J 999 56.94 -131.97 -39.15
N VAL J 1000 55.65 -131.92 -39.46
CA VAL J 1000 54.87 -130.70 -39.36
C VAL J 1000 53.89 -130.86 -38.21
N GLU J 1001 53.96 -129.92 -37.27
CA GLU J 1001 53.12 -129.98 -36.07
C GLU J 1001 51.80 -129.29 -36.36
N LEU J 1002 50.77 -130.10 -36.64
CA LEU J 1002 49.42 -129.61 -36.81
C LEU J 1002 48.54 -130.29 -35.78
N GLY J 1003 47.79 -129.50 -35.02
CA GLY J 1003 46.89 -130.07 -34.05
C GLY J 1003 45.79 -130.86 -34.72
N HIS J 1004 45.01 -130.19 -35.54
CA HIS J 1004 43.96 -130.83 -36.32
C HIS J 1004 43.83 -130.08 -37.63
N TYR J 1005 43.20 -130.73 -38.61
CA TYR J 1005 43.11 -130.11 -39.93
C TYR J 1005 42.07 -130.84 -40.75
N VAL J 1006 41.62 -130.18 -41.81
CA VAL J 1006 40.75 -130.78 -42.81
C VAL J 1006 41.63 -131.49 -43.82
N TYR J 1007 41.30 -132.74 -44.11
CA TYR J 1007 42.10 -133.57 -44.98
C TYR J 1007 41.28 -134.03 -46.17
N THR J 1008 41.88 -134.00 -47.34
CA THR J 1008 41.30 -134.58 -48.53
C THR J 1008 42.24 -135.66 -49.05
N LEU J 1009 41.72 -136.52 -49.93
CA LEU J 1009 42.51 -137.63 -50.41
C LEU J 1009 42.09 -138.00 -51.83
N HIS J 1010 43.00 -138.64 -52.54
CA HIS J 1010 42.78 -139.07 -53.90
C HIS J 1010 43.06 -140.56 -54.01
N TYR J 1011 42.31 -141.22 -54.89
CA TYR J 1011 42.49 -142.63 -55.14
C TYR J 1011 43.15 -142.81 -56.50
N TYR J 1012 44.19 -143.64 -56.53
CA TYR J 1012 44.95 -143.88 -57.75
C TYR J 1012 44.93 -145.35 -58.10
N ASP J 1013 44.97 -145.63 -59.38
CA ASP J 1013 45.04 -147.01 -59.84
C ASP J 1013 46.40 -147.60 -59.47
N PRO J 1014 46.45 -148.77 -58.86
CA PRO J 1014 47.74 -149.34 -58.46
C PRO J 1014 48.68 -149.65 -59.62
N GLN J 1015 48.16 -149.82 -60.83
CA GLN J 1015 48.99 -150.22 -61.96
C GLN J 1015 49.43 -149.04 -62.81
N ILE J 1016 49.63 -147.87 -62.21
CA ILE J 1016 50.04 -146.69 -62.94
C ILE J 1016 51.15 -146.01 -62.15
N SER J 1017 52.38 -146.08 -62.65
CA SER J 1017 53.49 -145.42 -61.98
C SER J 1017 53.31 -143.91 -62.04
N LEU J 1018 53.66 -143.24 -60.95
CA LEU J 1018 53.46 -141.80 -60.87
C LEU J 1018 54.35 -141.23 -59.77
N ASP J 1019 54.58 -139.92 -59.85
CA ASP J 1019 55.21 -139.16 -58.79
C ASP J 1019 54.20 -138.15 -58.29
N GLU J 1020 53.94 -138.18 -56.99
CA GLU J 1020 52.90 -137.36 -56.38
C GLU J 1020 53.42 -136.00 -55.95
N ALA J 1021 54.64 -135.65 -56.33
CA ALA J 1021 55.19 -134.34 -55.96
C ALA J 1021 54.31 -133.17 -56.37
N PRO J 1022 53.75 -133.12 -57.58
CA PRO J 1022 52.97 -131.92 -57.95
C PRO J 1022 51.82 -131.64 -57.01
N ILE J 1023 51.19 -132.68 -56.46
CA ILE J 1023 50.07 -132.46 -55.54
C ILE J 1023 50.53 -131.67 -54.33
N LEU J 1024 51.63 -132.09 -53.72
CA LEU J 1024 52.15 -131.34 -52.58
C LEU J 1024 52.60 -129.96 -53.01
N GLU J 1025 53.25 -129.86 -54.17
CA GLU J 1025 53.74 -128.57 -54.63
C GLU J 1025 52.60 -127.56 -54.74
N GLU J 1026 51.54 -127.94 -55.44
CA GLU J 1026 50.41 -127.03 -55.56
C GLU J 1026 49.76 -126.78 -54.21
N TRP J 1027 49.80 -127.77 -53.31
CA TRP J 1027 49.30 -127.55 -51.97
C TRP J 1027 50.10 -126.46 -51.28
N LEU J 1028 51.42 -126.50 -51.41
CA LEU J 1028 52.24 -125.43 -50.86
C LEU J 1028 51.95 -124.11 -51.55
N SER J 1029 51.52 -124.15 -52.81
CA SER J 1029 51.28 -122.92 -53.55
C SER J 1029 50.06 -122.16 -53.06
N LYS J 1030 49.39 -122.62 -52.02
CA LYS J 1030 48.19 -121.96 -51.52
C LYS J 1030 48.25 -121.69 -50.03
N ILE J 1031 49.44 -121.74 -49.44
CA ILE J 1031 49.61 -121.53 -48.01
C ILE J 1031 50.10 -120.12 -47.77
N ASN J 1032 49.40 -119.39 -46.93
CA ASN J 1032 49.75 -118.03 -46.56
C ASN J 1032 49.45 -117.86 -45.09
N PRO J 1033 50.00 -116.84 -44.45
CA PRO J 1033 49.78 -116.68 -43.00
C PRO J 1033 48.31 -116.58 -42.63
N ALA J 1034 47.45 -116.29 -43.60
CA ALA J 1034 46.01 -116.22 -43.31
C ALA J 1034 45.43 -117.59 -43.05
N GLY J 1035 45.76 -118.58 -43.88
CA GLY J 1035 45.17 -119.90 -43.74
C GLY J 1035 45.78 -120.86 -44.73
N ILE J 1036 45.36 -122.11 -44.63
CA ILE J 1036 45.94 -123.18 -45.43
C ILE J 1036 44.82 -124.00 -46.06
N PRO J 1037 45.10 -124.65 -47.18
CA PRO J 1037 44.12 -125.54 -47.79
C PRO J 1037 44.16 -126.91 -47.14
N PRO J 1038 43.21 -127.79 -47.44
CA PRO J 1038 43.22 -129.13 -46.84
C PRO J 1038 44.44 -129.91 -47.26
N VAL J 1039 44.86 -130.81 -46.39
CA VAL J 1039 45.99 -131.68 -46.70
C VAL J 1039 45.55 -132.76 -47.68
N PRO J 1040 46.30 -133.01 -48.75
CA PRO J 1040 45.96 -134.08 -49.68
C PRO J 1040 46.62 -135.40 -49.29
N PHE J 1041 46.05 -136.48 -49.83
CA PHE J 1041 46.62 -137.80 -49.67
C PHE J 1041 46.30 -138.63 -50.90
N CYS J 1042 47.08 -139.69 -51.10
CA CYS J 1042 46.88 -140.61 -52.20
C CYS J 1042 46.73 -142.02 -51.64
N ILE J 1043 45.73 -142.74 -52.13
CA ILE J 1043 45.44 -144.08 -51.62
C ILE J 1043 45.19 -145.02 -52.79
N PRO J 1044 45.83 -146.19 -52.82
CA PRO J 1044 45.55 -147.14 -53.89
C PRO J 1044 44.13 -147.67 -53.77
N ILE J 1045 43.55 -148.00 -54.92
CA ILE J 1045 42.20 -148.54 -55.00
C ILE J 1045 42.28 -150.05 -54.79
N PRO J 1046 41.56 -150.60 -53.82
CA PRO J 1046 41.64 -152.05 -53.59
C PRO J 1046 41.18 -152.83 -54.82
N GLN J 1047 41.84 -153.95 -55.05
CA GLN J 1047 41.59 -154.76 -56.24
C GLN J 1047 41.01 -156.11 -55.84
N VAL J 1048 40.15 -156.64 -56.72
CA VAL J 1048 39.55 -157.94 -56.47
C VAL J 1048 40.39 -159.08 -57.05
N TYR J 1049 41.23 -158.81 -58.05
CA TYR J 1049 42.08 -159.83 -58.60
C TYR J 1049 43.54 -159.44 -58.44
N PRO J 1050 44.44 -160.41 -58.33
CA PRO J 1050 45.86 -160.07 -58.21
C PRO J 1050 46.34 -159.30 -59.42
N CYS J 1051 47.25 -158.36 -59.18
CA CYS J 1051 47.76 -157.50 -60.22
C CYS J 1051 49.23 -157.21 -59.96
N ILE J 1052 49.85 -156.52 -60.90
CA ILE J 1052 51.25 -156.11 -60.80
C ILE J 1052 51.27 -154.63 -60.50
N THR J 1053 51.73 -154.25 -59.32
CA THR J 1053 51.79 -152.86 -58.95
C THR J 1053 52.91 -152.15 -59.70
N ALA J 1054 52.84 -150.83 -59.72
CA ALA J 1054 53.84 -150.00 -60.37
C ALA J 1054 54.57 -149.16 -59.34
N ARG J 1055 55.82 -148.86 -59.61
CA ARG J 1055 56.61 -148.03 -58.70
C ARG J 1055 55.93 -146.70 -58.50
N ARG J 1056 55.71 -146.34 -57.23
CA ARG J 1056 54.97 -145.14 -56.89
C ARG J 1056 55.71 -144.41 -55.79
N VAL J 1057 55.61 -143.08 -55.81
CA VAL J 1057 56.31 -142.22 -54.87
C VAL J 1057 55.27 -141.48 -54.03
N HIS J 1058 55.37 -141.59 -52.72
CA HIS J 1058 54.50 -140.89 -51.80
C HIS J 1058 55.33 -139.98 -50.91
N TYR J 1059 54.68 -138.98 -50.35
CA TYR J 1059 55.38 -138.06 -49.48
C TYR J 1059 54.70 -137.85 -48.14
N ALA J 1060 53.37 -137.86 -48.08
CA ALA J 1060 52.64 -137.46 -46.90
C ALA J 1060 51.91 -138.64 -46.28
N PHE J 1061 51.84 -138.63 -44.95
CA PHE J 1061 51.07 -139.62 -44.20
C PHE J 1061 50.96 -139.14 -42.75
N THR J 1062 49.81 -139.41 -42.14
CA THR J 1062 49.56 -138.91 -40.80
C THR J 1062 50.37 -139.67 -39.76
N SER J 1063 50.46 -139.07 -38.58
CA SER J 1063 51.26 -139.61 -37.48
C SER J 1063 50.47 -140.56 -36.59
N GLU J 1064 49.17 -140.71 -36.81
CA GLU J 1064 48.37 -141.58 -35.96
C GLU J 1064 47.11 -141.97 -36.72
N ASN J 1065 46.43 -142.99 -36.21
CA ASN J 1065 45.28 -143.55 -36.90
C ASN J 1065 44.20 -142.50 -37.08
N ASN J 1066 43.71 -142.39 -38.32
CA ASN J 1066 42.63 -141.45 -38.62
C ASN J 1066 41.63 -141.99 -39.63
N ASN J 1067 41.66 -143.29 -39.95
CA ASN J 1067 40.80 -143.83 -41.01
C ASN J 1067 39.52 -144.44 -40.44
N ASP J 1068 39.02 -143.90 -39.34
CA ASP J 1068 37.81 -144.45 -38.73
C ASP J 1068 36.56 -144.21 -39.55
N SER J 1069 36.62 -143.37 -40.57
CA SER J 1069 35.45 -143.11 -41.40
C SER J 1069 35.26 -144.15 -42.49
N LEU J 1070 36.17 -145.10 -42.61
CA LEU J 1070 36.06 -146.13 -43.63
C LEU J 1070 35.06 -147.19 -43.20
N PHE J 1071 34.12 -147.52 -44.10
CA PHE J 1071 33.10 -148.50 -43.79
C PHE J 1071 33.48 -149.89 -44.28
N SER J 1072 33.68 -150.04 -45.59
CA SER J 1072 34.02 -151.35 -46.15
C SER J 1072 34.64 -151.15 -47.52
N THR J 1073 35.34 -152.19 -47.98
CA THR J 1073 36.01 -152.17 -49.27
C THR J 1073 35.60 -153.39 -50.07
N ASN J 1074 35.23 -153.17 -51.33
CA ASN J 1074 34.78 -154.23 -52.22
C ASN J 1074 33.65 -155.03 -51.59
N ALA J 1075 32.57 -154.32 -51.27
CA ALA J 1075 31.44 -154.95 -50.61
C ALA J 1075 30.73 -155.93 -51.53
N ALA J 1076 30.95 -155.86 -52.84
CA ALA J 1076 30.25 -156.69 -53.80
C ALA J 1076 31.06 -157.91 -54.21
N SER J 1077 32.16 -158.20 -53.54
CA SER J 1077 32.98 -159.35 -53.85
C SER J 1077 33.13 -160.20 -52.61
N ILE J 1078 33.86 -161.31 -52.75
CA ILE J 1078 34.05 -162.19 -51.61
C ILE J 1078 35.20 -161.71 -50.74
N ASP J 1079 36.23 -161.12 -51.34
CA ASP J 1079 37.38 -160.61 -50.58
C ASP J 1079 38.21 -159.74 -51.50
N THR J 1080 39.10 -158.96 -50.90
CA THR J 1080 40.04 -158.15 -51.66
C THR J 1080 41.28 -158.96 -52.00
N ALA J 1081 41.96 -158.54 -53.06
CA ALA J 1081 43.16 -159.22 -53.53
C ALA J 1081 44.43 -158.54 -53.05
N PHE J 1082 44.59 -157.26 -53.36
CA PHE J 1082 45.83 -156.56 -53.07
C PHE J 1082 45.65 -155.41 -52.09
N GLY J 1083 44.71 -154.51 -52.34
CA GLY J 1083 44.63 -153.27 -51.60
C GLY J 1083 44.21 -153.41 -50.15
N GLU J 1084 43.68 -152.33 -49.59
CA GLU J 1084 43.29 -152.32 -48.19
C GLU J 1084 41.99 -153.07 -48.00
N ASN J 1085 41.98 -154.01 -47.06
CA ASN J 1085 40.80 -154.81 -46.77
C ASN J 1085 40.13 -154.29 -45.50
N ALA J 1086 38.81 -154.21 -45.54
CA ALA J 1086 38.05 -153.73 -44.39
C ALA J 1086 36.64 -154.33 -44.46
N ALA J 1087 36.41 -155.33 -43.62
CA ALA J 1087 35.08 -155.92 -43.53
C ALA J 1087 34.17 -155.05 -42.69
N VAL J 1088 32.88 -155.37 -42.71
CA VAL J 1088 31.90 -154.61 -41.94
C VAL J 1088 32.05 -154.95 -40.47
N SER J 1089 32.29 -153.94 -39.65
CA SER J 1089 32.55 -154.17 -38.23
C SER J 1089 31.24 -154.24 -37.47
N PRO J 1090 30.99 -155.31 -36.72
CA PRO J 1090 29.77 -155.37 -35.89
C PRO J 1090 29.74 -154.30 -34.81
N LEU J 1091 30.87 -153.69 -34.49
CA LEU J 1091 30.93 -152.73 -33.40
C LEU J 1091 29.93 -151.60 -33.58
N ARG J 1092 29.63 -151.24 -34.81
CA ARG J 1092 28.66 -150.19 -35.08
C ARG J 1092 27.23 -150.72 -35.15
N TRP J 1093 27.03 -152.02 -34.97
CA TRP J 1093 25.69 -152.57 -35.08
C TRP J 1093 25.33 -153.45 -33.88
N PRO J 1094 25.58 -153.01 -32.65
CA PRO J 1094 25.24 -153.87 -31.51
C PRO J 1094 23.76 -154.14 -31.42
N GLY J 1095 22.93 -153.18 -31.78
CA GLY J 1095 21.50 -153.36 -31.66
C GLY J 1095 20.89 -154.26 -32.71
N LEU J 1096 21.71 -154.80 -33.60
CA LEU J 1096 21.21 -155.64 -34.68
C LEU J 1096 21.78 -157.06 -34.67
N VAL J 1097 22.98 -157.26 -34.13
CA VAL J 1097 23.62 -158.57 -34.17
C VAL J 1097 24.11 -159.03 -32.81
N ASP J 1098 23.95 -158.24 -31.76
CA ASP J 1098 24.45 -158.62 -30.44
C ASP J 1098 23.35 -159.28 -29.65
N PRO J 1099 23.50 -160.54 -29.23
CA PRO J 1099 22.46 -161.19 -28.42
C PRO J 1099 22.28 -160.53 -27.06
N ASN J 1100 23.21 -159.69 -26.62
CA ASN J 1100 23.13 -159.08 -25.30
C ASN J 1100 22.81 -157.60 -25.36
N TYR J 1101 22.31 -157.10 -26.47
CA TYR J 1101 21.98 -155.69 -26.58
C TYR J 1101 20.74 -155.39 -25.73
N ARG J 1102 20.89 -154.46 -24.79
CA ARG J 1102 19.75 -154.00 -24.01
C ARG J 1102 19.08 -152.83 -24.71
N VAL J 1103 17.75 -152.80 -24.64
CA VAL J 1103 16.99 -151.81 -25.39
C VAL J 1103 17.36 -150.42 -24.91
N GLY J 1104 17.66 -149.53 -25.86
CA GLY J 1104 17.92 -148.15 -25.56
C GLY J 1104 19.34 -147.81 -25.15
N THR J 1105 20.22 -148.80 -25.05
CA THR J 1105 21.58 -148.56 -24.62
C THR J 1105 22.49 -148.26 -25.81
N ASN J 1106 23.56 -147.52 -25.55
CA ASN J 1106 24.54 -147.18 -26.57
C ASN J 1106 25.75 -146.55 -25.90
N ASP J 1107 26.88 -146.62 -26.59
CA ASP J 1107 28.11 -145.96 -26.15
C ASP J 1107 28.29 -144.66 -26.91
N LEU J 1108 27.40 -143.72 -26.62
CA LEU J 1108 27.38 -142.47 -27.37
C LEU J 1108 28.69 -141.68 -27.29
N PRO J 1109 29.31 -141.47 -26.13
CA PRO J 1109 30.52 -140.64 -26.09
C PRO J 1109 31.70 -141.25 -26.83
N ASN J 1110 31.66 -142.53 -27.18
CA ASN J 1110 32.79 -143.20 -27.80
C ASN J 1110 32.56 -143.58 -29.25
N ARG J 1111 31.37 -144.06 -29.60
CA ARG J 1111 31.11 -144.50 -30.97
C ARG J 1111 29.65 -144.24 -31.29
N ILE J 1112 29.36 -144.26 -32.58
CA ILE J 1112 28.01 -143.99 -33.08
C ILE J 1112 27.47 -145.29 -33.65
N THR J 1113 26.57 -145.94 -32.94
CA THR J 1113 25.88 -147.09 -33.49
C THR J 1113 24.82 -146.62 -34.48
N LEU J 1114 24.53 -147.48 -35.45
CA LEU J 1114 23.64 -147.09 -36.54
C LEU J 1114 22.26 -147.70 -36.45
N TYR J 1115 22.06 -148.71 -35.62
CA TYR J 1115 20.78 -149.40 -35.52
C TYR J 1115 20.36 -149.40 -34.06
N ASN J 1116 19.27 -148.72 -33.74
CA ASN J 1116 18.85 -148.55 -32.37
C ASN J 1116 17.34 -148.65 -32.27
N SER J 1117 16.85 -148.65 -31.04
CA SER J 1117 15.43 -148.68 -30.74
C SER J 1117 14.98 -147.29 -30.32
N LEU J 1118 13.79 -146.90 -30.76
CA LEU J 1118 13.30 -145.56 -30.50
C LEU J 1118 11.79 -145.57 -30.34
N TYR J 1119 11.25 -144.43 -29.93
CA TYR J 1119 9.82 -144.25 -29.75
C TYR J 1119 9.29 -143.24 -30.75
N ARG J 1120 8.14 -143.54 -31.33
CA ARG J 1120 7.45 -142.63 -32.21
C ARG J 1120 6.11 -142.29 -31.59
N TYR J 1121 5.69 -141.04 -31.73
CA TYR J 1121 4.56 -140.51 -30.98
C TYR J 1121 3.49 -140.01 -31.93
N ASN J 1122 2.25 -139.97 -31.43
CA ASN J 1122 1.11 -139.41 -32.13
C ASN J 1122 0.45 -138.42 -31.19
N PHE J 1123 0.93 -137.18 -31.21
CA PHE J 1123 0.42 -136.16 -30.31
C PHE J 1123 -0.79 -135.46 -30.92
N THR J 1124 -1.70 -135.06 -30.05
CA THR J 1124 -2.88 -134.29 -30.44
C THR J 1124 -2.73 -132.87 -29.95
N TYR J 1125 -3.38 -131.94 -30.65
CA TYR J 1125 -3.23 -130.51 -30.40
C TYR J 1125 -4.61 -129.91 -30.24
N PRO J 1126 -5.17 -129.97 -29.04
CA PRO J 1126 -6.55 -129.53 -28.85
C PRO J 1126 -6.71 -128.03 -29.08
N THR J 1127 -7.91 -127.65 -29.48
CA THR J 1127 -8.33 -126.26 -29.53
C THR J 1127 -9.52 -126.08 -28.62
N LEU J 1128 -9.60 -124.94 -27.95
CA LEU J 1128 -10.58 -124.72 -26.90
C LEU J 1128 -11.66 -123.77 -27.39
N ASP J 1129 -12.91 -124.16 -27.18
CA ASP J 1129 -14.07 -123.30 -27.40
C ASP J 1129 -14.85 -123.25 -26.10
N GLY J 1130 -15.04 -122.04 -25.57
CA GLY J 1130 -15.57 -121.92 -24.23
C GLY J 1130 -16.80 -121.04 -24.10
N ILE J 1131 -17.45 -121.18 -22.95
CA ILE J 1131 -18.60 -120.36 -22.59
C ILE J 1131 -18.29 -119.67 -21.28
N MET J 1132 -18.67 -118.41 -21.16
CA MET J 1132 -18.39 -117.65 -19.95
C MET J 1132 -19.65 -116.93 -19.50
N TYR J 1133 -19.69 -116.65 -18.20
CA TYR J 1133 -20.84 -116.03 -17.56
C TYR J 1133 -20.37 -114.85 -16.72
N VAL J 1134 -21.20 -113.83 -16.64
CA VAL J 1134 -20.91 -112.65 -15.86
C VAL J 1134 -21.71 -112.70 -14.57
N ARG J 1135 -21.12 -112.20 -13.49
CA ARG J 1135 -21.78 -112.21 -12.20
C ARG J 1135 -23.04 -111.34 -12.23
N SER J 1136 -24.08 -111.79 -11.54
CA SER J 1136 -25.32 -111.03 -11.47
C SER J 1136 -25.09 -109.73 -10.70
N ALA J 1137 -26.04 -108.81 -10.86
CA ALA J 1137 -25.92 -107.51 -10.20
C ALA J 1137 -25.82 -107.68 -8.69
N THR J 1138 -26.85 -108.25 -8.08
CA THR J 1138 -26.77 -108.61 -6.68
C THR J 1138 -26.28 -110.05 -6.57
N SER K 40 -25.10 -38.62 -47.06
CA SER K 40 -24.84 -38.28 -45.66
C SER K 40 -23.67 -37.32 -45.55
N TYR K 41 -23.62 -36.59 -44.44
CA TYR K 41 -22.59 -35.58 -44.21
C TYR K 41 -21.35 -36.22 -43.60
N VAL K 42 -20.18 -35.71 -44.00
CA VAL K 42 -18.91 -36.36 -43.69
C VAL K 42 -17.93 -35.34 -43.11
N CYS K 43 -16.94 -35.85 -42.40
CA CYS K 43 -15.82 -35.06 -41.92
C CYS K 43 -14.71 -35.02 -42.97
N ASN K 44 -13.70 -34.19 -42.69
CA ASN K 44 -12.53 -34.11 -43.55
C ASN K 44 -11.24 -34.54 -42.86
N VAL K 45 -11.29 -34.85 -41.56
CA VAL K 45 -10.07 -35.17 -40.83
C VAL K 45 -10.07 -36.65 -40.48
N CYS K 46 -11.00 -37.05 -39.62
CA CYS K 46 -11.24 -38.47 -39.41
C CYS K 46 -12.21 -39.03 -40.43
N ASN K 47 -12.89 -38.17 -41.18
CA ASN K 47 -13.74 -38.56 -42.30
C ASN K 47 -14.86 -39.49 -41.87
N ALA K 48 -15.31 -39.34 -40.63
CA ALA K 48 -16.52 -40.02 -40.21
C ALA K 48 -17.73 -39.41 -40.90
N ARG K 49 -18.85 -40.12 -40.86
CA ARG K 49 -20.06 -39.70 -41.54
C ARG K 49 -21.19 -39.48 -40.54
N PHE K 50 -22.06 -38.53 -40.86
CA PHE K 50 -23.11 -38.11 -39.95
C PHE K 50 -24.43 -37.99 -40.71
N SER K 51 -25.53 -38.29 -40.01
CA SER K 51 -26.84 -38.30 -40.65
C SER K 51 -27.42 -36.89 -40.82
N THR K 52 -26.93 -35.91 -40.08
CA THR K 52 -27.42 -34.54 -40.20
C THR K 52 -26.25 -33.58 -40.11
N MET K 53 -26.40 -32.43 -40.78
CA MET K 53 -25.32 -31.44 -40.80
C MET K 53 -25.02 -30.93 -39.40
N SER K 54 -26.05 -30.79 -38.56
CA SER K 54 -25.83 -30.31 -37.21
C SER K 54 -24.91 -31.23 -36.43
N ALA K 55 -25.09 -32.54 -36.57
CA ALA K 55 -24.23 -33.48 -35.88
C ALA K 55 -22.78 -33.33 -36.35
N LEU K 56 -22.59 -33.11 -37.64
CA LEU K 56 -21.25 -32.89 -38.15
C LEU K 56 -20.63 -31.65 -37.53
N SER K 57 -21.40 -30.56 -37.42
CA SER K 57 -20.86 -29.30 -36.93
C SER K 57 -20.30 -29.45 -35.53
N GLU K 58 -21.06 -30.08 -34.63
CA GLU K 58 -20.59 -30.23 -33.27
C GLU K 58 -19.37 -31.15 -33.20
N HIS K 59 -19.31 -32.17 -34.05
CA HIS K 59 -18.13 -33.01 -34.12
C HIS K 59 -16.91 -32.20 -34.51
N LEU K 60 -17.07 -31.36 -35.54
CA LEU K 60 -15.96 -30.50 -35.95
C LEU K 60 -15.55 -29.54 -34.85
N ARG K 61 -16.50 -29.17 -33.99
CA ARG K 61 -16.20 -28.29 -32.86
C ARG K 61 -15.68 -29.04 -31.64
N SER K 62 -15.56 -30.34 -31.71
CA SER K 62 -15.17 -31.08 -30.51
C SER K 62 -13.99 -32.03 -30.71
N ASP K 63 -13.92 -32.73 -31.84
CA ASP K 63 -12.90 -33.76 -32.00
C ASP K 63 -11.58 -33.17 -32.45
N HIS K 64 -11.56 -32.58 -33.65
CA HIS K 64 -10.33 -32.11 -34.26
C HIS K 64 -9.98 -30.69 -33.85
N ARG K 65 -10.56 -30.19 -32.76
CA ARG K 65 -10.24 -28.87 -32.23
C ARG K 65 -8.94 -28.93 -31.45
N ASP K 66 -8.60 -27.82 -30.79
CA ASP K 66 -7.43 -27.80 -29.94
C ASP K 66 -7.66 -28.60 -28.66
N ASP K 67 -6.56 -29.05 -28.06
CA ASP K 67 -6.63 -29.83 -26.85
C ASP K 67 -6.96 -28.93 -25.64
N ALA K 68 -7.43 -29.57 -24.57
CA ALA K 68 -7.78 -28.83 -23.36
C ALA K 68 -6.53 -28.40 -22.60
N SER K 69 -5.43 -29.14 -22.72
CA SER K 69 -4.22 -28.83 -21.98
C SER K 69 -3.62 -27.48 -22.38
N THR K 70 -3.97 -26.97 -23.56
CA THR K 70 -3.47 -25.67 -23.99
C THR K 70 -3.95 -24.56 -23.05
N LEU K 71 -5.12 -24.75 -22.43
CA LEU K 71 -5.71 -23.73 -21.58
C LEU K 71 -5.08 -23.68 -20.19
N LEU K 72 -4.07 -24.52 -19.93
CA LEU K 72 -3.48 -24.55 -18.59
C LEU K 72 -2.72 -23.28 -18.27
N ALA K 73 -2.20 -22.57 -19.27
CA ALA K 73 -1.32 -21.44 -19.01
C ALA K 73 -1.43 -20.43 -20.14
N THR K 74 -0.74 -19.30 -19.97
CA THR K 74 -0.75 -18.23 -20.95
C THR K 74 0.06 -18.63 -22.17
N PRO K 75 -0.28 -18.08 -23.35
CA PRO K 75 0.54 -18.38 -24.54
C PRO K 75 2.00 -17.99 -24.38
N MET K 76 2.28 -16.89 -23.68
CA MET K 76 3.66 -16.47 -23.49
C MET K 76 4.48 -17.53 -22.78
N ILE K 77 3.82 -18.45 -22.06
CA ILE K 77 4.50 -19.58 -21.46
C ILE K 77 4.41 -20.82 -22.33
N ASN K 78 3.24 -21.05 -22.93
CA ASN K 78 3.02 -22.28 -23.69
C ASN K 78 4.04 -22.41 -24.83
N ASN K 79 4.31 -21.30 -25.52
CA ASN K 79 5.33 -21.34 -26.57
C ASN K 79 6.68 -21.75 -25.99
N ALA K 80 7.04 -21.18 -24.83
CA ALA K 80 8.29 -21.57 -24.19
C ALA K 80 8.28 -23.04 -23.82
N ILE K 81 7.16 -23.53 -23.31
CA ILE K 81 7.04 -24.94 -22.98
C ILE K 81 7.26 -25.80 -24.22
N ARG K 82 6.59 -25.44 -25.32
CA ARG K 82 6.73 -26.21 -26.55
C ARG K 82 8.18 -26.22 -27.01
N SER K 83 8.84 -25.06 -26.96
CA SER K 83 10.24 -25.01 -27.36
C SER K 83 11.09 -25.94 -26.50
N PHE K 84 10.84 -25.94 -25.20
CA PHE K 84 11.62 -26.78 -24.30
C PHE K 84 11.47 -28.25 -24.66
N LEU K 85 10.23 -28.71 -24.82
CA LEU K 85 10.00 -30.12 -25.10
C LEU K 85 10.65 -30.51 -26.43
N THR K 86 10.51 -29.67 -27.44
CA THR K 86 11.13 -29.95 -28.73
C THR K 86 12.65 -30.02 -28.59
N ALA K 87 13.22 -29.11 -27.80
CA ALA K 87 14.67 -29.08 -27.66
C ALA K 87 15.19 -30.38 -27.05
N TRP K 88 14.47 -30.93 -26.08
CA TRP K 88 14.92 -32.10 -25.36
C TRP K 88 14.41 -33.39 -25.94
N ASP K 89 13.89 -33.37 -27.17
CA ASP K 89 13.37 -34.60 -27.74
C ASP K 89 14.47 -35.63 -28.00
N GLY K 90 15.72 -35.21 -28.10
CA GLY K 90 16.81 -36.15 -28.32
C GLY K 90 17.00 -37.12 -27.18
N ILE K 91 16.44 -36.82 -26.02
CA ILE K 91 16.59 -37.67 -24.84
C ILE K 91 15.49 -38.73 -24.85
N ARG K 92 14.77 -38.83 -25.97
CA ARG K 92 13.63 -39.72 -26.06
C ARG K 92 14.02 -41.15 -25.73
N ILE K 93 13.23 -41.80 -24.88
CA ILE K 93 13.51 -43.17 -24.48
C ILE K 93 13.25 -44.10 -25.65
N LEU K 94 14.21 -44.99 -25.92
CA LEU K 94 14.07 -45.93 -27.01
C LEU K 94 13.02 -46.99 -26.68
N SER K 95 12.41 -47.53 -27.72
CA SER K 95 11.43 -48.59 -27.55
C SER K 95 12.11 -49.87 -27.07
N PRO K 96 11.41 -50.70 -26.29
CA PRO K 96 12.02 -51.94 -25.80
C PRO K 96 12.07 -53.04 -26.85
N ASP K 97 12.43 -52.67 -28.07
CA ASP K 97 12.67 -53.61 -29.15
C ASP K 97 14.06 -53.49 -29.73
N VAL K 98 14.53 -52.26 -29.96
CA VAL K 98 15.90 -52.06 -30.43
C VAL K 98 16.88 -52.48 -29.35
N SER K 99 16.57 -52.19 -28.09
CA SER K 99 17.45 -52.58 -27.00
C SER K 99 17.57 -54.09 -26.92
N SER K 100 16.43 -54.80 -27.01
CA SER K 100 16.44 -56.24 -26.85
C SER K 100 17.33 -56.91 -27.90
N LYS K 101 17.19 -56.49 -29.15
CA LYS K 101 18.05 -57.04 -30.20
C LYS K 101 19.48 -56.54 -30.04
N HIS K 102 19.64 -55.29 -29.60
CA HIS K 102 20.97 -54.68 -29.53
C HIS K 102 21.86 -55.44 -28.55
N LEU K 103 21.31 -55.88 -27.42
CA LEU K 103 22.10 -56.62 -26.45
C LEU K 103 22.73 -57.85 -27.08
N SER K 104 21.92 -58.69 -27.70
CA SER K 104 22.45 -59.87 -28.37
C SER K 104 23.34 -59.47 -29.53
N ALA K 105 22.98 -58.40 -30.24
CA ALA K 105 23.77 -57.94 -31.36
C ALA K 105 25.19 -57.60 -30.92
N TYR K 106 25.33 -56.95 -29.77
CA TYR K 106 26.66 -56.65 -29.26
C TYR K 106 27.43 -57.92 -29.01
N LEU K 107 26.79 -58.92 -28.39
CA LEU K 107 27.48 -60.17 -28.10
C LEU K 107 27.89 -60.88 -29.39
N ASP K 108 26.99 -60.91 -30.37
CA ASP K 108 27.29 -61.61 -31.61
C ASP K 108 28.48 -60.97 -32.32
N SER K 109 28.51 -59.64 -32.36
CA SER K 109 29.60 -58.95 -33.03
C SER K 109 30.87 -58.90 -32.20
N ALA K 110 30.79 -59.19 -30.90
CA ALA K 110 31.97 -59.03 -30.04
C ALA K 110 32.92 -60.22 -30.13
N VAL K 111 32.38 -61.43 -30.29
CA VAL K 111 33.20 -62.63 -30.19
C VAL K 111 34.25 -62.62 -31.31
N ALA K 112 35.50 -62.86 -30.92
CA ALA K 112 36.61 -62.84 -31.85
C ALA K 112 36.80 -64.22 -32.48
N ASN K 113 37.92 -64.40 -33.18
CA ASN K 113 38.20 -65.68 -33.82
C ASN K 113 38.44 -66.78 -32.79
N GLY K 114 39.22 -66.47 -31.76
CA GLY K 114 39.59 -67.47 -30.77
C GLY K 114 40.71 -68.35 -31.27
N PRO K 115 41.71 -68.58 -30.42
CA PRO K 115 42.85 -69.41 -30.83
C PRO K 115 42.42 -70.84 -31.08
N GLU K 116 43.12 -71.48 -32.00
CA GLU K 116 42.84 -72.88 -32.37
C GLU K 116 43.61 -73.78 -31.42
N LEU K 117 42.91 -74.34 -30.43
CA LEU K 117 43.56 -75.14 -29.42
C LEU K 117 43.51 -76.63 -29.72
N ILE K 118 42.33 -77.13 -30.09
CA ILE K 118 42.15 -78.56 -30.28
C ILE K 118 42.67 -78.94 -31.65
N VAL K 119 43.75 -79.72 -31.67
CA VAL K 119 44.29 -80.29 -32.90
C VAL K 119 44.56 -81.76 -32.61
N GLU K 120 43.74 -82.64 -33.19
CA GLU K 120 43.82 -84.06 -32.91
C GLU K 120 44.59 -84.77 -34.00
N ASP K 121 45.43 -85.72 -33.59
CA ASP K 121 46.22 -86.50 -34.52
C ASP K 121 45.96 -87.98 -34.28
N THR K 122 45.70 -88.71 -35.37
CA THR K 122 45.49 -90.14 -35.31
C THR K 122 46.59 -90.92 -36.03
N GLY K 123 47.67 -90.24 -36.43
CA GLY K 123 48.74 -90.91 -37.11
C GLY K 123 49.73 -91.53 -36.14
N LEU K 124 51.01 -91.21 -36.30
CA LEU K 124 52.06 -91.72 -35.43
C LEU K 124 52.78 -90.55 -34.77
N CYS K 125 53.02 -90.67 -33.48
CA CYS K 125 53.71 -89.63 -32.72
C CYS K 125 55.20 -89.75 -32.98
N THR K 126 55.61 -89.24 -34.14
CA THR K 126 57.02 -89.23 -34.49
C THR K 126 57.30 -88.07 -35.42
N SER K 127 58.57 -87.68 -35.47
CA SER K 127 58.99 -86.60 -36.34
C SER K 127 60.28 -86.89 -37.08
N PHE K 128 60.90 -88.05 -36.87
CA PHE K 128 62.11 -88.44 -37.56
C PHE K 128 61.81 -89.65 -38.42
N MET K 129 62.11 -89.55 -39.71
CA MET K 129 61.81 -90.61 -40.66
C MET K 129 63.11 -91.30 -41.06
N LEU K 130 63.10 -92.62 -41.03
CA LEU K 130 64.23 -93.41 -41.51
C LEU K 130 64.23 -93.32 -43.03
N LEU K 131 65.14 -92.52 -43.57
CA LEU K 131 65.18 -92.24 -44.99
C LEU K 131 66.29 -93.04 -45.65
N ASP K 132 65.98 -93.65 -46.78
CA ASP K 132 66.97 -94.28 -47.62
C ASP K 132 67.60 -93.21 -48.51
N ASN K 133 68.92 -93.10 -48.46
CA ASN K 133 69.62 -92.07 -49.21
C ASN K 133 70.20 -92.61 -50.51
N ILE K 134 71.06 -93.63 -50.43
CA ILE K 134 71.67 -94.21 -51.61
C ILE K 134 71.06 -95.59 -51.82
N PRO K 135 70.27 -95.79 -52.87
CA PRO K 135 69.64 -97.09 -53.08
C PRO K 135 70.66 -98.17 -53.39
N SER K 136 70.36 -99.38 -52.94
CA SER K 136 71.21 -100.52 -53.24
C SER K 136 71.06 -100.93 -54.70
N ALA K 137 72.10 -101.55 -55.23
CA ALA K 137 72.13 -101.91 -56.64
C ALA K 137 71.26 -103.13 -56.91
N HIS K 138 70.88 -103.28 -58.17
CA HIS K 138 70.08 -104.41 -58.64
C HIS K 138 70.99 -105.32 -59.47
N LEU K 139 71.58 -106.30 -58.81
CA LEU K 139 72.45 -107.25 -59.48
C LEU K 139 71.63 -108.41 -60.00
N THR K 140 71.80 -108.73 -61.29
CA THR K 140 71.03 -109.80 -61.89
C THR K 140 71.91 -110.76 -62.68
N LYS K 141 73.02 -110.28 -63.20
CA LYS K 141 73.89 -111.11 -64.01
C LYS K 141 74.99 -111.78 -63.21
N GLU K 142 75.63 -111.02 -62.32
CA GLU K 142 76.70 -111.55 -61.47
C GLU K 142 76.43 -111.12 -60.04
N LEU K 143 76.93 -111.93 -59.10
CA LEU K 143 76.71 -111.71 -57.67
C LEU K 143 75.22 -111.79 -57.35
N ILE K 144 74.64 -112.93 -57.64
CA ILE K 144 73.24 -113.18 -57.38
C ILE K 144 73.10 -113.79 -55.99
N GLY K 145 72.19 -113.25 -55.19
CA GLY K 145 71.93 -113.74 -53.86
C GLY K 145 72.49 -112.87 -52.76
N PHE K 146 73.29 -111.85 -53.08
CA PHE K 146 73.81 -110.98 -52.05
C PHE K 146 72.80 -109.97 -51.56
N THR K 147 71.71 -109.75 -52.29
CA THR K 147 70.73 -108.74 -51.92
C THR K 147 69.34 -109.34 -52.09
N TRP K 148 68.43 -108.95 -51.19
CA TRP K 148 67.10 -109.54 -51.12
C TRP K 148 66.08 -108.44 -50.83
N PHE K 149 65.49 -107.91 -51.88
CA PHE K 149 64.46 -106.89 -51.73
C PHE K 149 63.13 -107.55 -51.35
N MET K 150 62.43 -106.92 -50.41
CA MET K 150 61.11 -107.42 -50.02
C MET K 150 60.09 -107.31 -51.13
N GLN K 151 60.40 -106.56 -52.20
CA GLN K 151 59.47 -106.42 -53.30
C GLN K 151 59.14 -107.76 -53.92
N MET K 152 60.16 -108.62 -54.07
CA MET K 152 59.95 -109.92 -54.70
C MET K 152 58.92 -110.76 -53.96
N TYR K 153 58.70 -110.49 -52.68
CA TYR K 153 57.67 -111.17 -51.91
C TYR K 153 56.40 -110.34 -51.81
N GLN K 154 56.33 -109.21 -52.50
CA GLN K 154 55.16 -108.34 -52.48
C GLN K 154 54.83 -107.90 -51.05
N MET K 155 55.88 -107.63 -50.27
CA MET K 155 55.72 -107.19 -48.90
C MET K 155 56.48 -105.89 -48.71
N THR K 156 55.85 -104.96 -47.99
CA THR K 156 56.48 -103.67 -47.73
C THR K 156 57.50 -103.82 -46.61
N PRO K 157 58.76 -103.45 -46.82
CA PRO K 157 59.76 -103.58 -45.76
C PRO K 157 59.47 -102.61 -44.63
N PRO K 158 59.74 -103.01 -43.39
CA PRO K 158 59.53 -102.09 -42.27
C PRO K 158 60.64 -101.08 -42.10
N LEU K 159 61.83 -101.33 -42.65
CA LEU K 159 62.96 -100.45 -42.50
C LEU K 159 63.54 -100.10 -43.87
N PRO K 160 64.18 -98.95 -43.99
CA PRO K 160 64.85 -98.62 -45.25
C PRO K 160 65.92 -99.64 -45.57
N GLU K 161 66.08 -99.93 -46.85
CA GLU K 161 66.98 -101.00 -47.28
C GLU K 161 67.88 -100.54 -48.41
N GLY K 162 68.41 -99.33 -48.30
CA GLY K 162 69.35 -98.82 -49.29
C GLY K 162 70.78 -99.12 -48.90
N ALA K 163 71.70 -98.65 -49.77
CA ALA K 163 73.11 -98.82 -49.48
C ALA K 163 73.50 -98.09 -48.20
N VAL K 164 73.00 -96.87 -48.03
CA VAL K 164 73.16 -96.13 -46.78
C VAL K 164 71.79 -95.57 -46.40
N ASN K 165 71.52 -95.56 -45.11
CA ASN K 165 70.25 -95.09 -44.59
C ASN K 165 70.50 -94.15 -43.43
N ARG K 166 69.70 -93.10 -43.33
CA ARG K 166 69.95 -92.05 -42.35
C ARG K 166 68.65 -91.60 -41.72
N ILE K 167 68.79 -90.93 -40.59
CA ILE K 167 67.67 -90.34 -39.86
C ILE K 167 67.66 -88.85 -40.15
N VAL K 168 66.48 -88.32 -40.48
CA VAL K 168 66.32 -86.91 -40.76
C VAL K 168 65.10 -86.39 -40.01
N CYS K 169 65.04 -85.07 -39.86
CA CYS K 169 63.97 -84.40 -39.15
C CYS K 169 62.92 -83.93 -40.15
N MET K 170 61.75 -84.55 -40.11
CA MET K 170 60.62 -84.15 -40.96
C MET K 170 59.36 -84.25 -40.11
N THR K 171 58.91 -83.12 -39.59
CA THR K 171 57.81 -83.10 -38.65
C THR K 171 56.52 -83.56 -39.32
N ASN K 172 55.73 -84.34 -38.58
CA ASN K 172 54.41 -84.78 -39.02
C ASN K 172 54.47 -85.54 -40.32
N TRP K 173 55.59 -86.19 -40.59
CA TRP K 173 55.73 -86.96 -41.82
C TRP K 173 54.79 -88.15 -41.85
N ALA K 174 54.20 -88.52 -40.72
CA ALA K 174 53.25 -89.62 -40.65
C ALA K 174 51.96 -89.18 -39.98
N SER K 175 51.65 -87.89 -40.05
CA SER K 175 50.43 -87.38 -39.43
C SER K 175 49.19 -87.87 -40.18
N LEU K 176 48.10 -88.04 -39.44
CA LEU K 176 46.85 -88.48 -40.05
C LEU K 176 45.62 -87.79 -39.47
N GLY K 177 45.78 -86.80 -38.62
CA GLY K 177 44.63 -86.20 -37.97
C GLY K 177 44.06 -85.02 -38.75
N ASP K 178 43.94 -83.88 -38.09
CA ASP K 178 43.44 -82.68 -38.72
C ASP K 178 44.49 -82.11 -39.67
N GLU K 179 44.19 -80.94 -40.23
CA GLU K 179 45.05 -80.32 -41.24
C GLU K 179 46.41 -79.89 -40.68
N GLY K 180 46.57 -79.83 -39.37
CA GLY K 180 47.84 -79.45 -38.79
C GLY K 180 47.97 -77.95 -38.56
N ARG K 181 49.04 -77.60 -37.85
CA ARG K 181 49.23 -76.21 -37.45
C ARG K 181 49.43 -75.30 -38.66
N GLY K 182 50.36 -75.64 -39.54
CA GLY K 182 50.58 -74.83 -40.71
C GLY K 182 52.05 -74.54 -40.99
N LEU K 183 52.91 -74.77 -40.01
CA LEU K 183 54.34 -74.56 -40.18
C LEU K 183 55.06 -75.85 -39.81
N GLU K 184 55.98 -76.27 -40.67
CA GLU K 184 56.66 -77.55 -40.52
C GLU K 184 58.17 -77.34 -40.66
N VAL K 185 58.91 -78.42 -40.44
CA VAL K 185 60.36 -78.42 -40.59
C VAL K 185 60.74 -79.70 -41.31
N ARG K 186 61.14 -79.59 -42.58
CA ARG K 186 61.49 -80.73 -43.40
C ARG K 186 62.94 -80.59 -43.84
N LEU K 187 63.80 -81.36 -43.24
CA LEU K 187 65.21 -81.32 -43.60
C LEU K 187 65.50 -82.31 -44.72
N PRO K 188 66.10 -81.87 -45.82
CA PRO K 188 66.49 -82.81 -46.86
C PRO K 188 67.65 -83.67 -46.40
N PRO K 189 67.91 -84.79 -47.07
CA PRO K 189 69.04 -85.62 -46.68
C PRO K 189 70.34 -84.87 -46.84
N PRO K 190 71.36 -85.22 -46.09
CA PRO K 190 72.60 -84.43 -46.08
C PRO K 190 73.35 -84.45 -47.41
N THR K 191 72.79 -85.10 -48.41
CA THR K 191 73.35 -85.05 -49.75
C THR K 191 72.95 -83.79 -50.49
N ASP K 192 72.15 -82.93 -49.89
CA ASP K 192 71.68 -81.71 -50.51
C ASP K 192 72.16 -80.50 -49.70
N SER K 193 71.67 -79.32 -50.09
CA SER K 193 72.10 -78.09 -49.44
C SER K 193 71.64 -78.04 -47.98
N SER K 194 70.33 -78.09 -47.76
CA SER K 194 69.70 -78.03 -46.45
C SER K 194 69.99 -76.72 -45.72
N VAL K 195 70.47 -75.70 -46.43
CA VAL K 195 70.73 -74.42 -45.79
C VAL K 195 69.51 -73.52 -45.78
N HIS K 196 68.53 -73.78 -46.65
CA HIS K 196 67.34 -72.95 -46.69
C HIS K 196 66.55 -73.00 -45.39
N ALA K 197 66.81 -74.01 -44.55
CA ALA K 197 66.12 -74.14 -43.28
C ALA K 197 66.76 -73.31 -42.18
N TYR K 198 67.84 -72.59 -42.46
CA TYR K 198 68.50 -71.77 -41.47
C TYR K 198 68.62 -70.31 -41.90
N LYS K 199 67.74 -69.86 -42.79
CA LYS K 199 67.71 -68.47 -43.22
C LYS K 199 66.49 -67.76 -42.66
N THR K 200 66.11 -68.11 -41.43
CA THR K 200 64.92 -67.51 -40.84
C THR K 200 65.10 -66.03 -40.57
N VAL K 201 66.32 -65.59 -40.26
CA VAL K 201 66.55 -64.23 -39.82
C VAL K 201 67.99 -63.85 -40.12
N LEU K 202 68.22 -62.57 -40.33
CA LEU K 202 69.54 -61.97 -40.52
C LEU K 202 70.23 -62.44 -41.79
N SER K 203 69.53 -63.14 -42.66
CA SER K 203 70.16 -63.62 -43.89
C SER K 203 69.24 -63.46 -45.09
N ARG K 204 68.26 -62.57 -45.01
CA ARG K 204 67.32 -62.38 -46.11
C ARG K 204 68.01 -61.92 -47.37
N GLY K 205 68.59 -60.72 -47.33
CA GLY K 205 69.24 -60.18 -48.51
C GLY K 205 70.67 -59.79 -48.24
N TYR K 206 71.30 -60.47 -47.29
CA TYR K 206 72.67 -60.17 -46.91
C TYR K 206 73.67 -61.20 -47.38
N ILE K 207 73.26 -62.46 -47.55
CA ILE K 207 74.15 -63.52 -47.98
C ILE K 207 73.69 -64.06 -49.31
N ASP K 208 74.54 -64.87 -49.92
CA ASP K 208 74.19 -65.50 -51.18
C ASP K 208 73.12 -66.55 -50.95
N ASN K 209 72.45 -66.94 -52.04
CA ASN K 209 71.39 -67.93 -51.98
C ASN K 209 71.89 -69.29 -51.54
N ALA K 210 73.17 -69.61 -51.76
CA ALA K 210 73.68 -70.95 -51.49
C ALA K 210 74.60 -70.99 -50.28
N GLN K 211 74.51 -69.99 -49.40
CA GLN K 211 75.35 -69.93 -48.21
C GLN K 211 74.49 -69.94 -46.97
N PHE K 212 75.15 -69.82 -45.82
CA PHE K 212 74.46 -69.66 -44.54
C PHE K 212 75.30 -68.74 -43.67
N ASN K 213 74.65 -67.83 -42.98
CA ASN K 213 75.36 -66.87 -42.16
C ASN K 213 76.04 -67.59 -41.00
N PRO K 214 77.37 -67.66 -40.97
CA PRO K 214 78.03 -68.35 -39.87
C PRO K 214 78.11 -67.54 -38.60
N LEU K 215 77.81 -66.25 -38.64
CA LEU K 215 77.91 -65.41 -37.47
C LEU K 215 76.57 -65.23 -36.76
N ALA K 216 75.51 -65.80 -37.28
CA ALA K 216 74.19 -65.72 -36.66
C ALA K 216 73.56 -67.09 -36.56
N LEU K 217 74.41 -68.11 -36.33
CA LEU K 217 73.92 -69.47 -36.30
C LEU K 217 72.98 -69.71 -35.14
N ARG K 218 73.30 -69.15 -33.96
CA ARG K 218 72.53 -69.45 -32.76
C ARG K 218 71.08 -69.02 -32.93
N SER K 219 70.86 -67.83 -33.45
CA SER K 219 69.49 -67.34 -33.62
C SER K 219 68.72 -68.22 -34.59
N ASN K 220 69.32 -68.54 -35.73
CA ASN K 220 68.63 -69.34 -36.73
C ASN K 220 68.28 -70.72 -36.19
N VAL K 221 69.23 -71.36 -35.52
CA VAL K 221 68.95 -72.66 -34.91
C VAL K 221 67.82 -72.53 -33.91
N LEU K 222 67.86 -71.49 -33.09
CA LEU K 222 66.84 -71.30 -32.08
C LEU K 222 65.46 -71.20 -32.69
N LEU K 223 65.33 -70.38 -33.73
CA LEU K 223 64.03 -70.22 -34.38
C LEU K 223 63.58 -71.52 -35.01
N MET K 224 64.51 -72.26 -35.63
CA MET K 224 64.15 -73.52 -36.25
C MET K 224 63.60 -74.48 -35.22
N LEU K 225 64.26 -74.57 -34.06
CA LEU K 225 63.74 -75.42 -33.00
C LEU K 225 62.38 -74.95 -32.52
N LEU K 226 62.20 -73.63 -32.43
CA LEU K 226 60.91 -73.10 -32.00
C LEU K 226 59.81 -73.55 -32.94
N GLN K 227 60.05 -73.44 -34.25
CA GLN K 227 59.07 -73.93 -35.21
C GLN K 227 58.86 -75.42 -35.04
N PHE K 228 59.93 -76.17 -34.83
CA PHE K 228 59.81 -77.60 -34.59
C PHE K 228 58.88 -77.87 -33.42
N THR K 229 59.03 -77.10 -32.35
CA THR K 229 58.16 -77.27 -31.19
C THR K 229 56.72 -76.95 -31.53
N LEU K 230 56.50 -75.77 -32.14
CA LEU K 230 55.13 -75.34 -32.41
C LEU K 230 54.42 -76.29 -33.35
N SER K 231 55.17 -76.99 -34.19
CA SER K 231 54.57 -77.90 -35.16
C SER K 231 54.11 -79.20 -34.55
N ASN K 232 54.32 -79.42 -33.25
CA ASN K 232 53.96 -80.68 -32.62
C ASN K 232 52.95 -80.52 -31.49
N LEU K 233 52.40 -79.33 -31.30
CA LEU K 233 51.42 -79.11 -30.23
C LEU K 233 50.10 -79.72 -30.69
N LYS K 234 49.96 -81.02 -30.47
CA LYS K 234 48.77 -81.76 -30.88
C LYS K 234 48.39 -82.75 -29.79
N ILE K 235 47.21 -83.33 -29.94
CA ILE K 235 46.69 -84.34 -29.02
C ILE K 235 46.74 -85.69 -29.71
N ASN K 236 47.39 -86.66 -29.05
CA ASN K 236 47.50 -88.00 -29.60
C ASN K 236 46.18 -88.73 -29.42
N LYS K 237 45.28 -88.50 -30.36
CA LYS K 237 43.98 -89.17 -30.31
C LYS K 237 44.14 -90.64 -30.67
N SER K 238 43.34 -91.47 -30.02
CA SER K 238 43.36 -92.90 -30.28
C SER K 238 42.49 -93.25 -31.47
N SER K 239 42.67 -94.46 -31.98
CA SER K 239 41.89 -94.99 -33.08
C SER K 239 41.36 -96.37 -32.70
N THR K 240 40.65 -96.98 -33.63
CA THR K 240 40.09 -98.30 -33.38
C THR K 240 41.20 -99.34 -33.30
N PHE K 241 41.06 -100.27 -32.36
CA PHE K 241 42.01 -101.34 -32.17
C PHE K 241 41.43 -102.66 -32.64
N THR K 242 42.32 -103.57 -33.03
CA THR K 242 41.90 -104.83 -33.61
C THR K 242 42.88 -105.92 -33.23
N SER K 243 42.36 -107.12 -33.05
CA SER K 243 43.16 -108.31 -32.80
C SER K 243 43.32 -109.06 -34.11
N ASP K 244 44.53 -109.07 -34.65
CA ASP K 244 44.77 -109.77 -35.90
C ASP K 244 44.67 -111.27 -35.70
N VAL K 245 44.09 -111.95 -36.68
CA VAL K 245 43.96 -113.40 -36.64
C VAL K 245 45.02 -114.08 -37.51
N THR K 246 46.00 -113.33 -38.00
CA THR K 246 47.09 -113.90 -38.75
C THR K 246 48.02 -114.66 -37.82
N THR K 247 48.71 -115.66 -38.37
CA THR K 247 49.54 -116.53 -37.55
C THR K 247 50.70 -115.79 -36.89
N ILE K 248 51.00 -114.57 -37.34
CA ILE K 248 52.11 -113.82 -36.77
C ILE K 248 51.63 -113.04 -35.55
N THR K 249 50.41 -113.30 -35.11
CA THR K 249 49.86 -112.56 -33.99
C THR K 249 50.63 -112.87 -32.71
N SER K 250 50.58 -111.92 -31.78
CA SER K 250 51.22 -112.07 -30.48
C SER K 250 50.22 -112.12 -29.34
N GLY K 251 48.93 -112.12 -29.63
CA GLY K 251 47.92 -112.13 -28.60
C GLY K 251 47.52 -110.78 -28.08
N ARG K 252 48.06 -109.70 -28.64
CA ARG K 252 47.72 -108.35 -28.23
C ARG K 252 47.02 -107.62 -29.37
N MET K 253 45.95 -106.91 -29.05
CA MET K 253 45.26 -106.12 -30.06
C MET K 253 46.16 -105.02 -30.58
N ILE K 254 46.11 -104.79 -31.89
CA ILE K 254 46.93 -103.76 -32.51
C ILE K 254 46.02 -102.72 -33.16
N ARG K 255 46.62 -101.72 -33.77
CA ARG K 255 45.89 -100.60 -34.35
C ARG K 255 45.89 -100.75 -35.87
N ALA K 256 44.71 -100.97 -36.45
CA ALA K 256 44.57 -101.17 -37.88
C ALA K 256 44.34 -99.82 -38.54
N PHE K 257 45.39 -99.25 -39.09
CA PHE K 257 45.28 -97.95 -39.74
C PHE K 257 44.41 -98.06 -40.99
N GLU K 258 43.65 -97.02 -41.25
CA GLU K 258 42.75 -96.99 -42.40
C GLU K 258 43.05 -95.84 -43.35
N GLY K 259 43.32 -94.64 -42.82
CA GLY K 259 43.62 -93.52 -43.68
C GLY K 259 44.84 -93.74 -44.55
N ARG K 260 45.81 -94.48 -44.05
CA ARG K 260 47.00 -94.84 -44.83
C ARG K 260 47.43 -96.23 -44.42
N PRO K 261 46.95 -97.25 -45.13
CA PRO K 261 47.27 -98.63 -44.72
C PRO K 261 48.76 -98.94 -44.71
N GLU K 262 49.54 -98.29 -45.57
CA GLU K 262 50.98 -98.56 -45.59
C GLU K 262 51.63 -98.22 -44.27
N LEU K 263 51.02 -97.31 -43.49
CA LEU K 263 51.57 -96.99 -42.17
C LEU K 263 51.61 -98.21 -41.28
N LEU K 264 50.75 -99.18 -41.52
CA LEU K 264 50.74 -100.38 -40.70
C LEU K 264 52.08 -101.10 -40.77
N ALA K 265 52.65 -101.21 -41.96
CA ALA K 265 53.93 -101.87 -42.10
C ALA K 265 55.05 -101.14 -41.37
N LEU K 266 54.87 -99.85 -41.08
CA LEU K 266 55.89 -99.06 -40.41
C LEU K 266 55.70 -98.99 -38.91
N ALA K 267 54.46 -98.88 -38.44
CA ALA K 267 54.24 -98.69 -37.01
C ALA K 267 54.64 -99.90 -36.18
N TYR K 268 54.66 -101.08 -36.79
CA TYR K 268 54.89 -102.33 -36.06
C TYR K 268 55.99 -103.12 -36.75
N PRO K 269 57.25 -102.73 -36.52
CA PRO K 269 58.35 -103.51 -37.10
C PRO K 269 58.36 -104.95 -36.64
N GLY K 270 57.85 -105.23 -35.44
CA GLY K 270 57.90 -106.58 -34.91
C GLY K 270 57.15 -107.59 -35.74
N ARG K 271 56.17 -107.16 -36.53
CA ARG K 271 55.36 -108.07 -37.32
C ARG K 271 55.99 -108.41 -38.67
N ALA K 272 57.30 -108.17 -38.81
CA ALA K 272 57.92 -108.35 -40.11
C ALA K 272 58.06 -109.82 -40.46
N VAL K 273 58.21 -110.09 -41.75
CA VAL K 273 58.48 -111.42 -42.29
C VAL K 273 59.92 -111.45 -42.75
N LEU K 274 60.66 -112.47 -42.34
CA LEU K 274 62.11 -112.52 -42.48
C LEU K 274 62.52 -113.76 -43.27
N PRO K 275 62.42 -113.72 -44.60
CA PRO K 275 62.86 -114.89 -45.38
C PRO K 275 64.36 -115.14 -45.29
N THR K 276 65.17 -114.12 -45.54
CA THR K 276 66.60 -114.29 -45.64
C THR K 276 67.32 -113.43 -44.60
N GLN K 277 68.41 -113.95 -44.08
CA GLN K 277 69.15 -113.29 -43.01
C GLN K 277 69.97 -112.14 -43.58
N THR K 278 69.27 -111.05 -43.90
CA THR K 278 69.96 -109.82 -44.26
C THR K 278 70.39 -109.10 -42.99
N LYS K 279 71.09 -107.98 -43.16
CA LYS K 279 71.46 -107.18 -41.99
C LYS K 279 70.22 -106.66 -41.29
N ASN K 280 69.19 -106.30 -42.04
CA ASN K 280 67.92 -105.94 -41.42
C ASN K 280 67.36 -107.11 -40.63
N ALA K 281 67.40 -108.31 -41.21
CA ALA K 281 66.88 -109.48 -40.52
C ALA K 281 67.66 -109.75 -39.24
N GLN K 282 68.99 -109.60 -39.30
CA GLN K 282 69.81 -109.84 -38.12
C GLN K 282 69.36 -108.99 -36.95
N PHE K 283 68.84 -107.79 -37.22
CA PHE K 283 68.35 -106.96 -36.14
C PHE K 283 66.91 -107.31 -35.78
N LEU K 284 66.03 -107.34 -36.77
CA LEU K 284 64.61 -107.55 -36.51
C LEU K 284 64.35 -108.88 -35.82
N SER K 285 65.19 -109.89 -36.09
CA SER K 285 64.99 -111.20 -35.49
C SER K 285 65.12 -111.18 -33.98
N THR K 286 65.68 -110.11 -33.41
CA THR K 286 65.86 -110.01 -31.97
C THR K 286 64.67 -109.37 -31.27
N ALA K 287 63.67 -108.91 -32.01
CA ALA K 287 62.57 -108.18 -31.41
C ALA K 287 61.77 -109.07 -30.47
N ILE K 288 61.42 -108.54 -29.31
CA ILE K 288 60.62 -109.28 -28.35
C ILE K 288 59.18 -109.35 -28.85
N ALA K 289 58.58 -110.54 -28.74
CA ALA K 289 57.31 -110.80 -29.41
C ALA K 289 56.18 -109.92 -28.86
N ASP K 290 56.11 -109.77 -27.54
CA ASP K 290 54.95 -109.16 -26.89
C ASP K 290 55.16 -107.69 -26.58
N ARG K 291 55.85 -106.97 -27.45
CA ARG K 291 56.12 -105.55 -27.21
C ARG K 291 55.36 -104.70 -28.21
N ILE K 292 54.09 -105.03 -28.44
CA ILE K 292 53.34 -104.40 -29.52
C ILE K 292 51.89 -104.24 -29.09
N GLY K 293 51.25 -103.22 -29.64
CA GLY K 293 49.81 -103.09 -29.51
C GLY K 293 49.37 -102.48 -28.19
N ARG K 294 48.06 -102.56 -27.97
CA ARG K 294 47.46 -102.03 -26.75
C ARG K 294 48.03 -102.74 -25.53
N LEU K 295 48.37 -101.96 -24.52
CA LEU K 295 48.82 -102.49 -23.24
C LEU K 295 47.71 -102.49 -22.20
N ASP K 296 47.05 -101.36 -22.01
CA ASP K 296 45.96 -101.26 -21.06
C ASP K 296 45.04 -100.13 -21.48
N ARG K 297 43.77 -100.24 -21.09
CA ARG K 297 42.78 -99.24 -21.42
C ARG K 297 41.92 -98.94 -20.21
N ALA K 298 41.43 -97.71 -20.14
CA ALA K 298 40.45 -97.31 -19.15
C ALA K 298 39.06 -97.50 -19.75
N ASN K 299 38.33 -98.49 -19.27
CA ASN K 299 37.05 -98.88 -19.84
C ASN K 299 35.96 -98.53 -18.82
N LEU K 300 35.30 -97.39 -19.04
CA LEU K 300 34.34 -96.87 -18.07
C LEU K 300 32.92 -97.36 -18.35
N ILE K 301 32.43 -97.12 -19.56
CA ILE K 301 31.05 -97.39 -19.92
C ILE K 301 31.04 -98.59 -20.87
N GLY K 302 30.27 -99.61 -20.52
CA GLY K 302 30.15 -100.77 -21.36
C GLY K 302 29.65 -100.43 -22.75
N GLY K 303 30.35 -100.91 -23.78
CA GLY K 303 29.96 -100.65 -25.14
C GLY K 303 30.54 -99.39 -25.74
N GLU K 304 31.02 -98.47 -24.91
CA GLU K 304 31.62 -97.25 -25.42
C GLU K 304 33.09 -97.47 -25.75
N VAL K 305 33.62 -96.57 -26.58
CA VAL K 305 35.05 -96.59 -26.83
C VAL K 305 35.80 -96.27 -25.55
N SER K 306 37.04 -96.73 -25.46
CA SER K 306 37.82 -96.53 -24.25
C SER K 306 38.05 -95.05 -24.01
N ALA K 307 37.97 -94.64 -22.74
CA ALA K 307 38.20 -93.25 -22.41
C ALA K 307 39.64 -92.85 -22.72
N MET K 308 40.59 -93.72 -22.41
CA MET K 308 42.01 -93.41 -22.59
C MET K 308 42.77 -94.71 -22.59
N VAL K 309 43.57 -94.92 -23.63
CA VAL K 309 44.26 -96.19 -23.84
C VAL K 309 45.75 -95.94 -23.84
N GLU K 310 46.50 -96.99 -23.51
CA GLU K 310 47.95 -96.95 -23.52
C GLU K 310 48.49 -98.08 -24.37
N CYS K 311 49.32 -97.74 -25.36
CA CYS K 311 49.91 -98.72 -26.25
C CYS K 311 51.35 -98.34 -26.52
N MET K 312 52.08 -99.25 -27.15
CA MET K 312 53.44 -98.98 -27.58
C MET K 312 53.55 -99.25 -29.06
N GLU K 313 54.23 -98.35 -29.76
CA GLU K 313 54.39 -98.44 -31.20
C GLU K 313 55.55 -97.53 -31.60
N LEU K 314 55.71 -97.32 -32.90
CA LEU K 314 56.76 -96.44 -33.38
C LEU K 314 56.52 -95.03 -32.91
N CYS K 315 57.45 -94.49 -32.13
CA CYS K 315 57.31 -93.15 -31.57
C CYS K 315 58.64 -92.73 -30.97
N ASP K 316 58.99 -91.46 -31.15
CA ASP K 316 60.21 -90.92 -30.56
C ASP K 316 59.88 -90.22 -29.26
N ALA K 317 60.81 -90.28 -28.31
CA ALA K 317 60.57 -89.73 -26.98
C ALA K 317 60.36 -88.22 -27.04
N LEU K 318 61.12 -87.54 -27.89
CA LEU K 318 61.08 -86.08 -27.89
C LEU K 318 59.69 -85.56 -28.24
N THR K 319 59.12 -86.04 -29.35
CA THR K 319 57.78 -85.62 -29.71
C THR K 319 56.80 -86.02 -28.62
N LEU K 320 56.97 -87.21 -28.06
CA LEU K 320 56.10 -87.65 -26.98
C LEU K 320 56.13 -86.68 -25.82
N HIS K 321 57.33 -86.25 -25.42
CA HIS K 321 57.44 -85.31 -24.32
C HIS K 321 56.74 -84.01 -24.63
N ILE K 322 56.84 -83.54 -25.88
CA ILE K 322 56.19 -82.31 -26.27
C ILE K 322 54.69 -82.43 -26.10
N ARG K 323 54.11 -83.49 -26.66
CA ARG K 323 52.65 -83.58 -26.72
C ARG K 323 52.05 -83.81 -25.35
N GLU K 324 52.69 -84.64 -24.52
CA GLU K 324 52.20 -84.84 -23.17
C GLU K 324 52.22 -83.53 -22.39
N THR K 325 53.26 -82.73 -22.59
CA THR K 325 53.29 -81.41 -21.99
C THR K 325 52.13 -80.57 -22.49
N TYR K 326 51.84 -80.66 -23.79
CA TYR K 326 50.75 -79.88 -24.35
C TYR K 326 49.43 -80.25 -23.70
N VAL K 327 49.18 -81.55 -23.53
CA VAL K 327 47.98 -81.99 -22.85
C VAL K 327 47.95 -81.46 -21.43
N MET K 328 49.09 -81.57 -20.74
CA MET K 328 49.19 -81.07 -19.38
C MET K 328 48.77 -79.62 -19.31
N LEU K 329 49.14 -78.83 -20.31
CA LEU K 329 48.72 -77.44 -20.34
C LEU K 329 47.21 -77.32 -20.43
N LEU K 330 46.59 -78.10 -21.31
CA LEU K 330 45.16 -77.99 -21.51
C LEU K 330 44.40 -78.34 -20.25
N ARG K 331 44.81 -79.39 -19.55
CA ARG K 331 44.16 -79.74 -18.29
C ARG K 331 44.23 -78.58 -17.31
N SER K 332 45.33 -77.83 -17.34
CA SER K 332 45.52 -76.76 -16.39
C SER K 332 44.47 -75.66 -16.53
N MET K 333 43.83 -75.56 -17.69
CA MET K 333 42.85 -74.51 -17.93
C MET K 333 41.44 -75.06 -18.04
N HIS K 334 41.19 -76.19 -17.40
CA HIS K 334 39.88 -76.84 -17.41
C HIS K 334 39.34 -76.94 -16.00
N GLN K 335 38.03 -76.85 -15.87
CA GLN K 335 37.36 -77.01 -14.59
C GLN K 335 36.08 -77.81 -14.76
N ASP K 336 35.67 -78.47 -13.69
CA ASP K 336 34.49 -79.31 -13.73
C ASP K 336 33.23 -78.46 -13.80
N PRO K 337 32.10 -79.04 -14.21
CA PRO K 337 30.88 -78.23 -14.37
C PRO K 337 30.45 -77.48 -13.13
N THR K 338 30.58 -78.09 -11.96
CA THR K 338 30.12 -77.43 -10.74
C THR K 338 30.78 -76.07 -10.58
N GLN K 339 32.08 -76.01 -10.84
CA GLN K 339 32.76 -74.72 -10.85
C GLN K 339 32.21 -73.83 -11.94
N ILE K 340 31.99 -74.39 -13.13
CA ILE K 340 31.57 -73.57 -14.27
C ILE K 340 30.23 -72.91 -13.98
N VAL K 341 29.25 -73.70 -13.55
CA VAL K 341 27.92 -73.16 -13.34
C VAL K 341 27.94 -72.13 -12.22
N GLN K 342 28.76 -72.36 -11.20
CA GLN K 342 28.90 -71.37 -10.14
C GLN K 342 29.49 -70.08 -10.68
N ILE K 343 30.47 -70.19 -11.57
CA ILE K 343 31.08 -68.99 -12.13
C ILE K 343 30.05 -68.16 -12.88
N VAL K 344 29.25 -68.82 -13.72
CA VAL K 344 28.27 -68.10 -14.51
C VAL K 344 27.24 -67.43 -13.60
N ASN K 345 26.75 -68.17 -12.61
CA ASN K 345 25.79 -67.58 -11.67
C ASN K 345 26.39 -66.37 -10.98
N GLU K 346 27.67 -66.47 -10.60
CA GLU K 346 28.33 -65.35 -9.94
C GLU K 346 28.41 -64.14 -10.85
N CYS K 347 28.78 -64.35 -12.11
CA CYS K 347 28.89 -63.23 -13.03
C CYS K 347 27.57 -62.49 -13.19
N ALA K 348 26.46 -63.19 -13.01
CA ALA K 348 25.14 -62.59 -13.06
C ALA K 348 24.65 -62.13 -11.71
N ASN K 349 25.55 -62.00 -10.74
CA ASN K 349 25.19 -61.59 -9.37
C ASN K 349 24.10 -62.48 -8.81
N ASN K 350 24.14 -63.76 -9.19
CA ASN K 350 23.19 -64.77 -8.76
C ASN K 350 21.76 -64.46 -9.16
N LEU K 351 21.56 -63.45 -10.00
CA LEU K 351 20.35 -63.45 -10.82
C LEU K 351 20.49 -64.57 -11.84
N LEU K 352 19.34 -65.13 -12.24
CA LEU K 352 19.32 -66.21 -13.23
C LEU K 352 20.16 -67.39 -12.78
N ASN K 353 19.96 -67.81 -11.53
CA ASN K 353 20.66 -68.99 -11.03
C ASN K 353 20.24 -70.22 -11.82
N SER K 354 21.22 -71.04 -12.17
CA SER K 354 20.97 -72.29 -12.86
C SER K 354 21.87 -73.37 -12.27
N THR K 355 21.55 -74.62 -12.59
CA THR K 355 22.36 -75.73 -12.10
C THR K 355 22.60 -76.76 -13.19
N ILE K 356 23.10 -77.92 -12.81
CA ILE K 356 23.58 -78.92 -13.77
C ILE K 356 22.95 -80.26 -13.44
N PRO K 357 22.85 -81.15 -14.43
CA PRO K 357 22.44 -82.52 -14.14
C PRO K 357 23.52 -83.27 -13.37
N ILE K 358 23.12 -84.39 -12.79
CA ILE K 358 24.04 -85.20 -12.01
C ILE K 358 24.07 -86.58 -12.65
N SER K 359 25.16 -86.87 -13.35
CA SER K 359 25.35 -88.14 -14.02
C SER K 359 26.81 -88.24 -14.44
N LEU K 360 27.17 -89.39 -14.99
CA LEU K 360 28.54 -89.59 -15.42
C LEU K 360 28.82 -88.79 -16.68
N ARG K 361 29.95 -88.06 -16.67
CA ARG K 361 30.43 -87.31 -17.82
C ARG K 361 31.84 -87.79 -18.09
N PRO K 362 31.99 -88.85 -18.86
CA PRO K 362 33.28 -89.56 -18.90
C PRO K 362 34.48 -88.72 -19.31
N THR K 363 34.46 -88.12 -20.50
CA THR K 363 35.67 -87.58 -21.11
C THR K 363 35.46 -86.16 -21.58
N ILE K 364 34.91 -85.31 -20.73
CA ILE K 364 34.71 -83.92 -21.11
C ILE K 364 36.01 -83.14 -20.91
N LEU K 365 36.12 -82.03 -21.62
CA LEU K 365 37.29 -81.16 -21.50
C LEU K 365 36.89 -79.77 -21.99
N CYS K 366 37.03 -78.77 -21.12
CA CYS K 366 36.59 -77.41 -21.43
C CYS K 366 37.72 -76.45 -21.09
N PRO K 367 38.69 -76.31 -21.98
CA PRO K 367 39.81 -75.40 -21.70
C PRO K 367 39.40 -73.95 -21.83
N TRP K 368 38.82 -73.38 -20.78
CA TRP K 368 38.18 -72.08 -20.88
C TRP K 368 38.65 -71.03 -19.88
N PHE K 369 39.66 -71.31 -19.08
CA PHE K 369 39.96 -70.45 -17.96
C PHE K 369 41.44 -70.16 -17.84
N ALA K 370 41.76 -69.02 -17.23
CA ALA K 370 43.12 -68.57 -17.03
C ALA K 370 43.24 -67.93 -15.65
N SER K 371 44.46 -67.80 -15.18
CA SER K 371 44.68 -67.14 -13.91
C SER K 371 44.50 -65.64 -14.05
N SER K 372 44.44 -64.96 -12.90
CA SER K 372 44.34 -63.51 -12.93
C SER K 372 45.54 -62.89 -13.64
N GLU K 373 46.73 -63.42 -13.37
CA GLU K 373 47.95 -62.87 -13.95
C GLU K 373 47.85 -62.80 -15.47
N ASP K 374 47.33 -63.85 -16.09
CA ASP K 374 47.12 -63.84 -17.52
C ASP K 374 46.22 -62.70 -17.92
N LEU K 375 45.12 -62.51 -17.19
CA LEU K 375 44.22 -61.42 -17.50
C LEU K 375 44.93 -60.07 -17.34
N ARG K 376 45.66 -59.90 -16.24
CA ARG K 376 46.39 -58.66 -16.03
C ARG K 376 47.38 -58.43 -17.15
N LEU K 377 48.13 -59.47 -17.52
CA LEU K 377 49.10 -59.33 -18.60
C LEU K 377 48.40 -58.95 -19.89
N GLN K 378 47.31 -59.65 -20.23
CA GLN K 378 46.59 -59.34 -21.46
C GLN K 378 46.05 -57.93 -21.44
N GLN K 379 45.50 -57.51 -20.30
CA GLN K 379 44.97 -56.16 -20.20
C GLN K 379 46.03 -55.13 -20.50
N VAL K 380 47.20 -55.28 -19.91
CA VAL K 380 48.28 -54.32 -20.14
C VAL K 380 48.68 -54.33 -21.60
N MET K 381 48.88 -55.52 -22.17
CA MET K 381 49.28 -55.62 -23.57
C MET K 381 48.27 -54.93 -24.47
N HIS K 382 46.98 -55.09 -24.17
CA HIS K 382 45.97 -54.42 -24.96
C HIS K 382 46.10 -52.91 -24.82
N LEU K 383 46.37 -52.42 -23.62
CA LEU K 383 46.47 -50.98 -23.41
C LEU K 383 47.62 -50.39 -24.21
N VAL K 384 48.79 -51.03 -24.18
CA VAL K 384 49.92 -50.47 -24.89
C VAL K 384 49.71 -50.58 -26.40
N ASN K 385 48.99 -51.61 -26.85
CA ASN K 385 48.79 -51.78 -28.28
C ASN K 385 47.99 -50.63 -28.87
N ILE K 386 46.93 -50.20 -28.19
CA ILE K 386 46.05 -49.17 -28.73
C ILE K 386 46.69 -47.80 -28.52
N SER K 387 46.13 -46.80 -29.19
CA SER K 387 46.55 -45.42 -28.95
C SER K 387 46.16 -45.00 -27.54
N SER K 388 46.84 -43.97 -27.05
CA SER K 388 46.61 -43.46 -25.71
C SER K 388 45.80 -42.17 -25.69
N ASN K 389 45.43 -41.64 -26.85
CA ASN K 389 44.75 -40.35 -26.89
C ASN K 389 43.26 -40.52 -26.68
N THR K 390 42.53 -39.40 -26.75
CA THR K 390 41.09 -39.43 -26.50
C THR K 390 40.35 -40.21 -27.60
N ALA K 391 40.88 -40.19 -28.82
CA ALA K 391 40.18 -40.85 -29.92
C ALA K 391 40.05 -42.34 -29.68
N ALA K 392 41.06 -42.97 -29.09
CA ALA K 392 40.98 -44.40 -28.80
C ALA K 392 40.10 -44.72 -27.61
N ALA K 393 39.74 -43.74 -26.80
CA ALA K 393 38.93 -43.97 -25.62
C ALA K 393 37.46 -43.70 -25.82
N LEU K 394 37.11 -42.76 -26.69
CA LEU K 394 35.71 -42.41 -26.87
C LEU K 394 34.85 -43.59 -27.26
N PRO K 395 35.19 -44.39 -28.28
CA PRO K 395 34.36 -45.56 -28.57
C PRO K 395 34.28 -46.55 -27.43
N LEU K 396 35.34 -46.62 -26.62
CA LEU K 396 35.32 -47.53 -25.47
C LEU K 396 34.19 -47.18 -24.52
N VAL K 397 34.04 -45.88 -24.21
CA VAL K 397 32.96 -45.45 -23.33
C VAL K 397 31.62 -45.58 -24.03
N GLU K 398 31.57 -45.28 -25.33
CA GLU K 398 30.30 -45.25 -26.04
C GLU K 398 29.59 -46.60 -25.94
N ALA K 399 30.33 -47.69 -26.15
CA ALA K 399 29.71 -49.00 -26.12
C ALA K 399 29.04 -49.27 -24.79
N LEU K 400 29.74 -48.99 -23.69
CA LEU K 400 29.16 -49.22 -22.38
C LEU K 400 27.94 -48.33 -22.17
N SER K 401 28.02 -47.07 -22.60
CA SER K 401 26.90 -46.17 -22.43
C SER K 401 25.66 -46.69 -23.15
N THR K 402 25.83 -47.17 -24.39
CA THR K 402 24.71 -47.74 -25.11
C THR K 402 24.15 -48.95 -24.40
N LEU K 403 25.03 -49.81 -23.88
CA LEU K 403 24.57 -50.99 -23.17
C LEU K 403 23.73 -50.59 -21.96
N LEU K 404 24.20 -49.62 -21.18
CA LEU K 404 23.45 -49.17 -20.03
C LEU K 404 22.08 -48.66 -20.44
N ARG K 405 22.04 -47.84 -21.48
CA ARG K 405 20.76 -47.34 -21.96
C ARG K 405 19.87 -48.48 -22.41
N SER K 406 20.45 -49.48 -23.08
CA SER K 406 19.66 -50.58 -23.60
C SER K 406 18.96 -51.33 -22.49
N VAL K 407 19.66 -51.60 -21.39
CA VAL K 407 19.10 -52.35 -20.29
C VAL K 407 19.12 -51.46 -19.05
N THR K 408 17.97 -50.91 -18.71
CA THR K 408 17.77 -50.23 -17.44
C THR K 408 16.29 -49.91 -17.28
N PRO K 409 15.76 -49.97 -16.06
CA PRO K 409 14.36 -49.61 -15.86
C PRO K 409 14.11 -48.13 -15.71
N LEU K 410 15.17 -47.34 -15.56
CA LEU K 410 15.00 -45.90 -15.38
C LEU K 410 14.53 -45.25 -16.66
N VAL K 411 13.64 -44.26 -16.53
CA VAL K 411 13.09 -43.54 -17.67
C VAL K 411 13.12 -42.05 -17.36
N LEU K 412 13.50 -41.25 -18.35
CA LEU K 412 13.60 -39.80 -18.20
C LEU K 412 12.46 -39.14 -18.96
N ASP K 413 11.72 -38.28 -18.28
CA ASP K 413 10.58 -37.58 -18.86
C ASP K 413 10.71 -36.09 -18.61
N PRO K 414 11.07 -35.32 -19.64
CA PRO K 414 11.18 -33.86 -19.43
C PRO K 414 9.87 -33.22 -19.01
N THR K 415 8.73 -33.84 -19.34
CA THR K 415 7.45 -33.25 -19.03
C THR K 415 7.28 -33.03 -17.54
N VAL K 416 7.81 -33.94 -16.72
CA VAL K 416 7.61 -33.85 -15.29
C VAL K 416 8.17 -32.54 -14.76
N LEU K 417 9.29 -32.09 -15.32
CA LEU K 417 9.88 -30.84 -14.86
C LEU K 417 9.02 -29.65 -15.27
N THR K 418 8.53 -29.65 -16.50
CA THR K 418 7.68 -28.55 -16.96
C THR K 418 6.42 -28.46 -16.13
N ASN K 419 5.80 -29.60 -15.83
CA ASN K 419 4.59 -29.60 -15.03
C ASN K 419 4.84 -28.96 -13.67
N ALA K 420 5.93 -29.35 -13.01
CA ALA K 420 6.22 -28.81 -11.70
C ALA K 420 6.43 -27.30 -11.77
N ILE K 421 7.21 -26.83 -12.73
CA ILE K 421 7.55 -25.42 -12.80
C ILE K 421 6.31 -24.58 -13.07
N THR K 422 5.50 -25.01 -14.02
CA THR K 422 4.37 -24.19 -14.45
C THR K 422 3.27 -24.09 -13.41
N THR K 423 3.41 -24.74 -12.27
CA THR K 423 2.40 -24.59 -11.22
C THR K 423 2.45 -23.22 -10.56
N ILE K 424 3.51 -22.47 -10.77
CA ILE K 424 3.73 -21.23 -10.03
C ILE K 424 3.08 -20.08 -10.75
N SER K 425 2.40 -19.22 -9.99
CA SER K 425 1.77 -18.03 -10.52
C SER K 425 2.67 -16.83 -10.31
N GLU K 426 2.59 -15.88 -11.25
CA GLU K 426 3.28 -14.61 -11.10
C GLU K 426 2.58 -13.57 -11.96
N SER K 427 2.85 -12.31 -11.65
CA SER K 427 2.23 -11.22 -12.38
C SER K 427 2.69 -11.20 -13.83
N THR K 428 1.77 -10.92 -14.73
CA THR K 428 2.10 -10.77 -16.14
C THR K 428 2.59 -9.37 -16.47
N THR K 429 2.71 -8.49 -15.47
CA THR K 429 3.10 -7.11 -15.70
C THR K 429 4.61 -6.90 -15.59
N GLN K 430 5.37 -7.89 -15.14
CA GLN K 430 6.80 -7.74 -15.04
C GLN K 430 7.45 -7.88 -16.41
N THR K 431 8.52 -7.11 -16.61
CA THR K 431 9.22 -7.17 -17.89
C THR K 431 9.97 -8.48 -18.05
N ILE K 432 10.38 -9.11 -16.95
CA ILE K 432 11.21 -10.30 -16.97
C ILE K 432 10.50 -11.41 -16.22
N SER K 433 10.35 -12.56 -16.87
CA SER K 433 9.72 -13.72 -16.25
C SER K 433 10.76 -14.80 -16.02
N PRO K 434 11.07 -15.14 -14.77
CA PRO K 434 12.08 -16.19 -14.54
C PRO K 434 11.71 -17.52 -15.16
N ILE K 435 10.41 -17.86 -15.17
CA ILE K 435 10.00 -19.17 -15.69
C ILE K 435 10.40 -19.32 -17.14
N SER K 436 10.12 -18.31 -17.96
CA SER K 436 10.58 -18.34 -19.34
C SER K 436 12.09 -18.37 -19.40
N GLU K 437 12.75 -17.66 -18.49
CA GLU K 437 14.20 -17.59 -18.53
C GLU K 437 14.83 -18.96 -18.33
N ILE K 438 14.43 -19.66 -17.27
CA ILE K 438 15.06 -20.94 -16.96
C ILE K 438 14.78 -21.95 -18.06
N LEU K 439 13.54 -21.97 -18.58
CA LEU K 439 13.23 -22.89 -19.66
C LEU K 439 14.10 -22.63 -20.88
N ARG K 440 14.46 -21.37 -21.12
CA ARG K 440 15.34 -21.08 -22.23
C ARG K 440 16.76 -21.54 -21.94
N LEU K 441 17.19 -21.40 -20.70
CA LEU K 441 18.53 -21.82 -20.31
C LEU K 441 18.68 -23.34 -20.29
N LEU K 442 17.71 -24.04 -19.71
CA LEU K 442 17.80 -25.50 -19.58
C LEU K 442 18.19 -26.25 -20.85
N GLN K 443 17.78 -25.73 -22.01
CA GLN K 443 18.07 -26.43 -23.27
C GLN K 443 19.54 -26.79 -23.45
N PRO K 444 19.82 -27.90 -24.14
CA PRO K 444 21.20 -28.35 -24.34
C PRO K 444 21.89 -27.61 -25.47
N MET K 445 23.13 -27.24 -25.23
CA MET K 445 23.97 -26.71 -26.30
C MET K 445 24.53 -27.87 -27.11
N GLY K 446 24.46 -27.75 -28.43
CA GLY K 446 24.87 -28.85 -29.26
C GLY K 446 23.90 -30.02 -29.13
N ASN K 447 24.35 -31.18 -29.59
CA ASN K 447 23.57 -32.41 -29.55
C ASN K 447 24.27 -33.38 -28.62
N ASP K 448 23.95 -33.29 -27.33
CA ASP K 448 24.53 -34.17 -26.32
C ASP K 448 23.42 -34.47 -25.32
N TYR K 449 22.73 -35.59 -25.52
CA TYR K 449 21.64 -35.97 -24.65
C TYR K 449 21.98 -37.11 -23.70
N ALA K 450 22.92 -37.97 -24.09
CA ALA K 450 23.31 -39.10 -23.26
C ALA K 450 24.43 -38.75 -22.29
N ALA K 451 24.62 -37.47 -22.00
CA ALA K 451 25.70 -37.06 -21.11
C ALA K 451 25.59 -37.77 -19.77
N PHE K 452 24.37 -37.91 -19.26
CA PHE K 452 24.17 -38.61 -18.00
C PHE K 452 24.74 -40.02 -18.07
N TRP K 453 24.43 -40.73 -19.15
CA TRP K 453 24.94 -42.09 -19.29
C TRP K 453 26.44 -42.10 -19.51
N LYS K 454 26.96 -41.12 -20.24
CA LYS K 454 28.40 -41.05 -20.44
C LYS K 454 29.12 -40.86 -19.11
N CYS K 455 28.59 -40.02 -18.24
CA CYS K 455 29.21 -39.82 -16.94
C CYS K 455 29.27 -41.11 -16.16
N ILE K 456 28.19 -41.88 -16.17
CA ILE K 456 28.18 -43.16 -15.47
C ILE K 456 29.22 -44.10 -16.06
N ALA K 457 29.19 -44.25 -17.39
CA ALA K 457 30.09 -45.21 -18.03
C ALA K 457 31.54 -44.85 -17.82
N SER K 458 31.84 -43.55 -17.70
CA SER K 458 33.22 -43.14 -17.51
C SER K 458 33.80 -43.68 -16.21
N TRP K 459 32.95 -43.88 -15.20
CA TRP K 459 33.45 -44.36 -13.91
C TRP K 459 34.15 -45.70 -14.06
N ALA K 460 33.66 -46.55 -14.95
CA ALA K 460 34.29 -47.84 -15.17
C ALA K 460 35.65 -47.72 -15.84
N TYR K 461 35.99 -46.55 -16.36
CA TYR K 461 37.26 -46.39 -17.04
C TYR K 461 37.94 -45.10 -16.64
N ASN K 462 37.75 -44.66 -15.40
CA ASN K 462 38.34 -43.40 -14.96
C ASN K 462 39.85 -43.42 -15.08
N GLY K 463 40.47 -44.60 -15.08
CA GLY K 463 41.90 -44.67 -15.28
C GLY K 463 42.33 -44.11 -16.62
N LEU K 464 41.59 -44.43 -17.68
CA LEU K 464 41.94 -43.95 -19.00
C LEU K 464 41.44 -42.54 -19.25
N VAL K 465 40.13 -42.35 -19.20
CA VAL K 465 39.51 -41.09 -19.57
C VAL K 465 38.85 -40.49 -18.32
N THR K 466 38.65 -39.19 -18.36
CA THR K 466 37.94 -38.47 -17.32
C THR K 466 36.91 -37.56 -17.95
N THR K 467 35.81 -37.33 -17.24
CA THR K 467 34.77 -36.43 -17.68
C THR K 467 34.97 -35.07 -17.03
N VAL K 468 34.94 -34.02 -17.85
CA VAL K 468 35.10 -32.66 -17.36
C VAL K 468 33.91 -31.83 -17.80
N LEU K 469 33.54 -30.86 -16.96
CA LEU K 469 32.44 -29.98 -17.30
C LEU K 469 32.81 -29.14 -18.53
N SER K 470 31.87 -29.03 -19.45
CA SER K 470 32.12 -28.27 -20.67
C SER K 470 32.44 -26.82 -20.34
N GLU K 471 33.50 -26.30 -20.94
CA GLU K 471 33.93 -24.94 -20.64
C GLU K 471 32.87 -23.93 -21.02
N ASP K 472 32.10 -24.21 -22.06
CA ASP K 472 31.06 -23.28 -22.50
C ASP K 472 29.97 -23.10 -21.46
N ALA K 473 29.80 -24.07 -20.57
CA ALA K 473 28.71 -24.00 -19.60
C ALA K 473 28.99 -23.05 -18.45
N PHE K 474 30.23 -22.67 -18.24
CA PHE K 474 30.55 -21.79 -17.12
C PHE K 474 29.98 -20.40 -17.36
N PRO K 475 29.53 -19.73 -16.31
CA PRO K 475 29.07 -18.35 -16.46
C PRO K 475 30.24 -17.44 -16.81
N ASP K 476 29.93 -16.37 -17.52
CA ASP K 476 30.97 -15.42 -17.89
C ASP K 476 31.53 -14.74 -16.66
N SER K 477 32.85 -14.76 -16.52
CA SER K 477 33.50 -14.12 -15.39
C SER K 477 33.26 -12.62 -15.36
N SER K 478 32.97 -12.02 -16.52
CA SER K 478 32.70 -10.59 -16.56
C SER K 478 31.39 -10.23 -15.90
N GLN K 479 30.51 -11.20 -15.67
CA GLN K 479 29.17 -10.92 -15.18
C GLN K 479 29.17 -10.74 -13.67
N SER K 480 28.05 -10.24 -13.16
CA SER K 480 27.84 -10.06 -11.73
C SER K 480 26.72 -10.97 -11.25
N ILE K 481 26.66 -11.17 -9.94
CA ILE K 481 25.68 -12.08 -9.37
C ILE K 481 24.27 -11.62 -9.68
N THR K 482 24.07 -10.31 -9.85
CA THR K 482 22.74 -9.80 -10.15
C THR K 482 22.24 -10.26 -11.51
N HIS K 483 23.14 -10.58 -12.43
CA HIS K 483 22.74 -11.04 -13.75
C HIS K 483 22.17 -12.44 -13.61
N LEU K 484 20.85 -12.54 -13.58
CA LEU K 484 20.16 -13.79 -13.27
C LEU K 484 20.60 -14.97 -14.14
N PRO K 485 20.72 -14.84 -15.46
CA PRO K 485 21.13 -16.02 -16.25
C PRO K 485 22.44 -16.62 -15.78
N SER K 486 23.39 -15.78 -15.38
CA SER K 486 24.63 -16.30 -14.84
C SER K 486 24.38 -17.10 -13.57
N MET K 487 23.52 -16.60 -12.70
CA MET K 487 23.22 -17.31 -11.46
C MET K 487 22.63 -18.68 -11.75
N TRP K 488 21.71 -18.75 -12.72
CA TRP K 488 21.13 -20.04 -13.08
C TRP K 488 22.20 -21.00 -13.56
N LYS K 489 23.11 -20.50 -14.41
CA LYS K 489 24.21 -21.35 -14.88
C LYS K 489 25.01 -21.88 -13.72
N CYS K 490 25.32 -21.00 -12.76
CA CYS K 490 26.07 -21.43 -11.59
C CYS K 490 25.31 -22.50 -10.82
N LEU K 491 24.00 -22.34 -10.69
CA LEU K 491 23.19 -23.34 -10.00
C LEU K 491 23.28 -24.68 -10.71
N PHE K 492 23.07 -24.69 -12.03
CA PHE K 492 23.14 -25.95 -12.76
C PHE K 492 24.52 -26.56 -12.67
N LEU K 493 25.56 -25.74 -12.77
CA LEU K 493 26.92 -26.23 -12.67
C LEU K 493 27.14 -26.93 -11.34
N THR K 494 26.67 -26.32 -10.25
CA THR K 494 26.84 -26.91 -8.94
C THR K 494 26.11 -28.23 -8.81
N LEU K 495 24.89 -28.30 -9.34
CA LEU K 495 24.13 -29.54 -9.23
C LEU K 495 24.81 -30.68 -9.96
N ALA K 496 25.32 -30.42 -11.17
CA ALA K 496 25.90 -31.47 -11.98
C ALA K 496 27.32 -31.82 -11.58
N GLY K 497 27.94 -31.04 -10.70
CA GLY K 497 29.31 -31.23 -10.31
C GLY K 497 29.69 -32.65 -9.93
N PRO K 498 29.03 -33.20 -8.91
CA PRO K 498 29.45 -34.51 -8.39
C PRO K 498 29.40 -35.62 -9.42
N MET K 499 28.59 -35.50 -10.47
CA MET K 499 28.47 -36.59 -11.42
C MET K 499 29.70 -36.77 -12.29
N THR K 500 30.68 -35.88 -12.22
CA THR K 500 31.86 -35.96 -13.06
C THR K 500 33.01 -36.61 -12.32
N SER K 501 33.89 -37.27 -13.07
CA SER K 501 35.04 -37.95 -12.51
C SER K 501 36.25 -37.06 -12.34
N ASP K 502 36.17 -35.81 -12.77
CA ASP K 502 37.31 -34.92 -12.70
C ASP K 502 37.62 -34.58 -11.24
N PRO K 503 38.84 -34.85 -10.75
CA PRO K 503 39.15 -34.47 -9.38
C PRO K 503 39.05 -32.98 -9.12
N HIS K 504 39.26 -32.15 -10.14
CA HIS K 504 39.19 -30.71 -9.96
C HIS K 504 37.78 -30.17 -10.03
N SER K 505 36.78 -31.03 -10.14
CA SER K 505 35.40 -30.54 -10.22
C SER K 505 35.02 -29.68 -9.03
N PRO K 506 35.27 -30.07 -7.78
CA PRO K 506 34.80 -29.22 -6.67
C PRO K 506 35.34 -27.81 -6.71
N VAL K 507 36.66 -27.64 -6.83
CA VAL K 507 37.23 -26.31 -6.80
C VAL K 507 36.70 -25.48 -7.96
N LYS K 508 36.50 -26.10 -9.11
CA LYS K 508 35.89 -25.40 -10.23
C LYS K 508 34.50 -24.90 -9.86
N VAL K 509 33.70 -25.77 -9.25
CA VAL K 509 32.37 -25.36 -8.82
C VAL K 509 32.47 -24.21 -7.84
N PHE K 510 33.39 -24.30 -6.89
CA PHE K 510 33.55 -23.24 -5.90
C PHE K 510 33.94 -21.93 -6.56
N MET K 511 34.89 -21.98 -7.49
CA MET K 511 35.34 -20.75 -8.12
C MET K 511 34.27 -20.15 -9.02
N ALA K 512 33.38 -20.99 -9.56
CA ALA K 512 32.33 -20.47 -10.44
C ALA K 512 31.51 -19.43 -9.73
N LEU K 513 31.11 -19.70 -8.49
CA LEU K 513 30.40 -18.70 -7.71
C LEU K 513 31.32 -17.56 -7.33
N ALA K 514 32.58 -17.87 -7.01
CA ALA K 514 33.51 -16.84 -6.54
C ALA K 514 33.69 -15.75 -7.59
N ASN K 515 33.65 -16.10 -8.87
CA ASN K 515 33.76 -15.09 -9.90
C ASN K 515 32.64 -14.07 -9.80
N LEU K 516 31.42 -14.54 -9.58
CA LEU K 516 30.29 -13.63 -9.55
C LEU K 516 30.29 -12.75 -8.32
N LEU K 517 30.93 -13.18 -7.24
CA LEU K 517 30.94 -12.42 -5.99
C LEU K 517 32.26 -11.70 -5.77
N ALA K 518 33.06 -11.53 -6.81
CA ALA K 518 34.34 -10.86 -6.64
C ALA K 518 34.16 -9.43 -6.17
N GLN K 519 33.06 -8.79 -6.52
CA GLN K 519 32.85 -7.41 -6.12
C GLN K 519 32.52 -7.30 -4.64
N PRO K 520 31.46 -7.96 -4.14
CA PRO K 520 31.08 -7.73 -2.74
C PRO K 520 31.87 -8.57 -1.74
N GLU K 521 32.30 -9.77 -2.13
CA GLU K 521 32.94 -10.69 -1.19
C GLU K 521 34.28 -11.15 -1.74
N PRO K 522 35.38 -10.52 -1.32
CA PRO K 522 36.70 -10.93 -1.78
C PRO K 522 37.31 -12.03 -0.92
N ILE K 523 38.12 -12.87 -1.58
CA ILE K 523 38.87 -13.92 -0.91
C ILE K 523 40.28 -13.95 -1.49
N ALA K 524 41.15 -14.69 -0.82
CA ALA K 524 42.56 -14.76 -1.20
C ALA K 524 42.80 -15.92 -2.17
N ILE K 525 43.63 -15.66 -3.18
CA ILE K 525 44.05 -16.68 -4.14
C ILE K 525 45.54 -16.90 -3.95
N GLY K 526 45.93 -18.17 -3.76
CA GLY K 526 47.30 -18.48 -3.38
C GLY K 526 48.36 -18.11 -4.39
N VAL K 527 48.39 -18.81 -5.52
CA VAL K 527 49.48 -18.61 -6.48
C VAL K 527 49.39 -17.21 -7.08
N PRO K 528 50.50 -16.49 -7.22
CA PRO K 528 50.45 -15.19 -7.87
C PRO K 528 50.09 -15.32 -9.33
N GLY K 529 49.51 -14.25 -9.87
CA GLY K 529 49.07 -14.23 -11.25
C GLY K 529 47.67 -14.71 -11.49
N MET K 530 46.95 -15.12 -10.45
CA MET K 530 45.57 -15.55 -10.58
C MET K 530 44.70 -14.71 -9.66
N HIS K 531 43.55 -14.30 -10.17
CA HIS K 531 42.67 -13.41 -9.44
C HIS K 531 41.29 -14.04 -9.31
N GLN K 532 40.48 -13.48 -8.43
CA GLN K 532 39.15 -14.02 -8.18
C GLN K 532 38.28 -13.94 -9.42
N THR K 533 38.63 -13.12 -10.40
CA THR K 533 37.89 -13.02 -11.64
C THR K 533 38.46 -13.89 -12.74
N THR K 534 39.48 -14.69 -12.44
CA THR K 534 40.00 -15.62 -13.43
C THR K 534 38.91 -16.61 -13.81
N PRO K 535 38.81 -16.99 -15.09
CA PRO K 535 37.81 -17.99 -15.47
C PRO K 535 37.97 -19.26 -14.66
N ALA K 536 36.87 -19.68 -14.03
CA ALA K 536 36.94 -20.79 -13.09
C ALA K 536 37.45 -22.06 -13.75
N SER K 537 37.21 -22.23 -15.04
CA SER K 537 37.64 -23.44 -15.71
C SER K 537 39.15 -23.59 -15.77
N GLN K 538 39.90 -22.53 -15.49
CA GLN K 538 41.35 -22.63 -15.52
C GLN K 538 41.93 -23.30 -14.28
N PHE K 539 41.17 -23.38 -13.20
CA PHE K 539 41.66 -23.99 -11.96
C PHE K 539 41.70 -25.51 -12.15
N SER K 540 42.76 -25.97 -12.80
CA SER K 540 42.91 -27.38 -13.13
C SER K 540 44.30 -27.87 -12.72
N HIS K 541 44.69 -27.55 -11.49
CA HIS K 541 45.97 -27.97 -10.98
C HIS K 541 45.91 -28.02 -9.47
N PRO K 542 46.34 -29.12 -8.85
CA PRO K 542 46.19 -29.24 -7.39
C PRO K 542 46.90 -28.14 -6.64
N GLY K 543 47.93 -27.56 -7.22
CA GLY K 543 48.66 -26.51 -6.53
C GLY K 543 48.02 -25.15 -6.55
N VAL K 544 46.88 -24.98 -7.19
CA VAL K 544 46.24 -23.67 -7.30
C VAL K 544 44.93 -23.63 -6.53
N TRP K 545 44.66 -24.61 -5.69
CA TRP K 545 43.44 -24.56 -4.89
C TRP K 545 43.52 -23.41 -3.89
N PRO K 546 42.50 -22.57 -3.81
CA PRO K 546 42.56 -21.42 -2.91
C PRO K 546 42.69 -21.87 -1.47
N PRO K 547 43.49 -21.16 -0.67
CA PRO K 547 43.66 -21.57 0.73
C PRO K 547 42.35 -21.59 1.49
N GLY K 548 41.46 -20.63 1.23
CA GLY K 548 40.18 -20.63 1.90
C GLY K 548 39.38 -21.88 1.60
N PHE K 549 39.45 -22.37 0.37
CA PHE K 549 38.76 -23.60 0.02
C PHE K 549 39.34 -24.79 0.77
N LEU K 550 40.64 -24.76 1.06
CA LEU K 550 41.23 -25.84 1.84
C LEU K 550 40.83 -25.75 3.31
N ASN K 551 40.68 -24.54 3.83
CA ASN K 551 40.33 -24.33 5.23
C ASN K 551 39.34 -23.18 5.30
N PRO K 552 38.05 -23.46 5.42
CA PRO K 552 37.06 -22.38 5.41
C PRO K 552 37.22 -21.39 6.54
N GLN K 553 37.90 -21.77 7.62
CA GLN K 553 38.04 -20.87 8.75
C GLN K 553 38.84 -19.63 8.41
N LEU K 554 39.62 -19.67 7.34
CA LEU K 554 40.36 -18.48 6.93
C LEU K 554 39.43 -17.37 6.47
N ILE K 555 38.30 -17.72 5.88
CA ILE K 555 37.37 -16.73 5.36
C ILE K 555 36.60 -16.12 6.53
N ASN K 556 36.78 -14.83 6.74
CA ASN K 556 36.07 -14.15 7.81
C ASN K 556 34.58 -14.09 7.50
N PRO K 557 33.71 -14.50 8.42
CA PRO K 557 32.27 -14.46 8.14
C PRO K 557 31.77 -13.08 7.80
N GLN K 558 32.29 -12.05 8.46
CA GLN K 558 31.78 -10.70 8.27
C GLN K 558 32.26 -10.07 6.98
N GLN K 559 33.19 -10.70 6.27
CA GLN K 559 33.65 -10.18 4.99
C GLN K 559 33.05 -10.91 3.80
N ALA K 560 32.97 -12.23 3.86
CA ALA K 560 32.41 -13.04 2.77
C ALA K 560 31.48 -14.09 3.35
N PRO K 561 30.30 -13.67 3.83
CA PRO K 561 29.40 -14.65 4.46
C PRO K 561 29.03 -15.79 3.52
N LEU K 562 28.61 -15.48 2.29
CA LEU K 562 28.14 -16.51 1.39
C LEU K 562 29.26 -17.47 1.02
N LEU K 563 30.42 -16.94 0.63
CA LEU K 563 31.49 -17.79 0.16
C LEU K 563 31.93 -18.76 1.25
N ARG K 564 32.05 -18.29 2.49
CA ARG K 564 32.37 -19.20 3.57
C ARG K 564 31.29 -20.26 3.72
N ALA K 565 30.02 -19.86 3.63
CA ALA K 565 28.94 -20.84 3.69
C ALA K 565 29.03 -21.83 2.54
N PHE K 566 29.33 -21.32 1.34
CA PHE K 566 29.41 -22.20 0.18
C PHE K 566 30.51 -23.24 0.36
N ALA K 567 31.68 -22.79 0.80
CA ALA K 567 32.79 -23.71 0.99
C ALA K 567 32.45 -24.77 2.01
N GLU K 568 31.84 -24.37 3.12
CA GLU K 568 31.44 -25.34 4.13
C GLU K 568 30.43 -26.32 3.56
N HIS K 569 29.49 -25.83 2.76
CA HIS K 569 28.51 -26.72 2.16
C HIS K 569 29.18 -27.77 1.29
N ILE K 570 30.15 -27.35 0.48
CA ILE K 570 30.80 -28.28 -0.43
C ILE K 570 31.60 -29.31 0.34
N ARG K 571 32.43 -28.86 1.29
CA ARG K 571 33.26 -29.80 2.03
C ARG K 571 32.44 -30.75 2.88
N ALA K 572 31.20 -30.40 3.18
CA ALA K 572 30.38 -31.23 4.06
C ALA K 572 29.47 -32.19 3.31
N ASN K 573 28.99 -31.81 2.14
CA ASN K 573 27.96 -32.60 1.47
C ASN K 573 28.44 -33.25 0.18
N TRP K 574 29.70 -33.11 -0.17
CA TRP K 574 30.20 -33.79 -1.36
C TRP K 574 30.17 -35.29 -1.11
N PRO K 575 29.71 -36.10 -2.06
CA PRO K 575 29.46 -37.52 -1.79
C PRO K 575 30.73 -38.26 -1.40
N GLN K 576 30.53 -39.45 -0.84
CA GLN K 576 31.60 -40.28 -0.34
C GLN K 576 31.81 -41.48 -1.25
N PRO K 577 33.01 -41.68 -1.78
CA PRO K 577 33.25 -42.86 -2.61
C PRO K 577 33.03 -44.15 -1.84
N SER K 578 32.59 -45.17 -2.56
CA SER K 578 32.33 -46.47 -1.96
C SER K 578 32.82 -47.55 -2.92
N GLU K 579 32.40 -48.79 -2.69
CA GLU K 579 33.01 -49.93 -3.36
C GLU K 579 31.99 -51.05 -3.46
N PHE K 580 32.23 -51.96 -4.39
CA PHE K 580 31.45 -53.19 -4.48
C PHE K 580 32.25 -54.21 -5.29
N GLY K 581 31.80 -55.45 -5.26
CA GLY K 581 32.44 -56.54 -5.96
C GLY K 581 31.77 -56.85 -7.29
N TYR K 582 32.48 -57.64 -8.10
CA TYR K 582 31.96 -58.04 -9.40
C TYR K 582 32.72 -59.28 -9.86
N GLY K 583 32.15 -59.94 -10.85
CA GLY K 583 32.81 -61.11 -11.41
C GLY K 583 32.81 -62.27 -10.42
N SER K 584 33.70 -63.22 -10.67
CA SER K 584 33.85 -64.39 -9.83
C SER K 584 35.33 -64.59 -9.50
N THR K 585 35.60 -64.84 -8.22
CA THR K 585 36.99 -65.10 -7.82
C THR K 585 37.51 -66.37 -8.44
N LEU K 586 36.64 -67.35 -8.69
CA LEU K 586 37.09 -68.59 -9.31
C LEU K 586 37.66 -68.34 -10.70
N GLN K 587 37.18 -67.30 -11.37
CA GLN K 587 37.67 -66.98 -12.71
C GLN K 587 38.86 -66.03 -12.69
N GLY K 588 39.06 -65.31 -11.60
CA GLY K 588 40.09 -64.29 -11.57
C GLY K 588 39.57 -62.96 -12.07
N SER K 589 40.48 -61.98 -12.11
CA SER K 589 40.11 -60.64 -12.52
C SER K 589 41.31 -59.97 -13.15
N ALA K 590 41.03 -58.94 -13.94
CA ALA K 590 42.05 -58.18 -14.63
C ALA K 590 42.34 -56.84 -13.96
N ASN K 591 41.88 -56.65 -12.74
CA ASN K 591 42.15 -55.40 -12.03
C ASN K 591 43.65 -55.20 -11.83
N LEU K 592 44.12 -53.99 -12.09
CA LEU K 592 45.52 -53.66 -11.89
C LEU K 592 45.78 -53.02 -10.54
N PHE K 593 45.18 -51.85 -10.29
CA PHE K 593 45.42 -51.17 -9.02
C PHE K 593 44.41 -51.55 -7.97
N ILE K 594 43.13 -51.64 -8.35
CA ILE K 594 42.08 -52.07 -7.43
C ILE K 594 42.30 -53.55 -7.12
N PRO K 595 41.99 -54.01 -5.91
CA PRO K 595 42.06 -55.45 -5.66
C PRO K 595 41.14 -56.19 -6.60
N PRO K 596 41.50 -57.42 -6.97
CA PRO K 596 40.74 -58.12 -8.01
C PRO K 596 39.28 -58.34 -7.64
N ASN K 597 38.43 -58.33 -8.66
CA ASN K 597 37.00 -58.57 -8.54
C ASN K 597 36.30 -57.51 -7.70
N ARG K 598 36.90 -56.34 -7.56
CA ARG K 598 36.27 -55.24 -6.84
C ARG K 598 36.22 -54.02 -7.76
N MET K 599 35.26 -53.14 -7.48
CA MET K 599 35.13 -51.90 -8.23
C MET K 599 34.86 -50.75 -7.27
N VAL K 600 35.42 -49.60 -7.57
CA VAL K 600 35.21 -48.41 -6.77
C VAL K 600 34.05 -47.63 -7.36
N TYR K 601 33.45 -46.77 -6.54
CA TYR K 601 32.23 -46.11 -6.91
C TYR K 601 32.19 -44.73 -6.28
N PRO K 602 31.92 -43.68 -7.04
CA PRO K 602 32.00 -42.33 -6.48
C PRO K 602 30.97 -42.05 -5.40
N TRP K 603 29.82 -42.68 -5.45
CA TRP K 603 28.75 -42.48 -4.49
C TRP K 603 28.71 -43.62 -3.50
N PRO K 604 28.04 -43.44 -2.37
CA PRO K 604 27.72 -44.59 -1.52
C PRO K 604 26.75 -45.52 -2.24
N ASN K 605 26.84 -46.80 -1.89
CA ASN K 605 26.05 -47.82 -2.57
C ASN K 605 25.47 -48.78 -1.56
N GLN K 606 24.47 -49.53 -2.01
CA GLN K 606 23.76 -50.49 -1.18
C GLN K 606 23.50 -51.74 -2.00
N PRO K 607 23.26 -52.87 -1.35
CA PRO K 607 22.82 -54.06 -2.08
C PRO K 607 21.45 -53.83 -2.69
N LEU K 608 21.11 -54.69 -3.65
CA LEU K 608 19.87 -54.54 -4.36
C LEU K 608 18.69 -54.70 -3.41
N PRO K 609 17.67 -53.86 -3.50
CA PRO K 609 16.52 -53.96 -2.60
C PRO K 609 15.73 -55.23 -2.85
N ARG K 610 14.92 -55.59 -1.85
CA ARG K 610 14.20 -56.85 -1.89
C ARG K 610 12.83 -56.72 -2.57
N LEU K 611 11.96 -55.91 -2.01
CA LEU K 611 10.61 -55.75 -2.54
C LEU K 611 10.58 -54.57 -3.51
N THR K 612 9.37 -54.10 -3.86
CA THR K 612 9.22 -53.03 -4.84
C THR K 612 9.96 -51.77 -4.41
N VAL K 613 10.44 -51.04 -5.41
CA VAL K 613 11.17 -49.79 -5.20
C VAL K 613 10.19 -48.65 -5.00
N ALA K 614 10.70 -47.50 -4.56
CA ALA K 614 9.91 -46.28 -4.42
C ALA K 614 10.86 -45.10 -4.30
N PRO K 615 10.44 -43.90 -4.67
CA PRO K 615 11.29 -42.73 -4.46
C PRO K 615 11.60 -42.56 -2.98
N THR K 616 12.83 -42.15 -2.69
CA THR K 616 13.28 -41.95 -1.32
C THR K 616 13.93 -40.59 -1.22
N TYR K 617 14.26 -40.21 0.03
CA TYR K 617 14.73 -38.86 0.27
C TYR K 617 15.90 -38.81 1.23
N ASP K 618 16.57 -39.93 1.46
CA ASP K 618 17.72 -39.96 2.33
C ASP K 618 18.99 -40.40 1.61
N SER K 619 18.93 -40.61 0.30
CA SER K 619 20.13 -40.95 -0.43
C SER K 619 21.09 -39.77 -0.45
N ALA K 620 22.35 -40.08 -0.76
CA ALA K 620 23.37 -39.03 -0.80
C ALA K 620 23.00 -37.96 -1.81
N MET K 621 22.60 -38.37 -3.01
CA MET K 621 22.32 -37.40 -4.06
C MET K 621 21.16 -36.51 -3.68
N SER K 622 20.08 -37.09 -3.18
CA SER K 622 18.94 -36.29 -2.75
C SER K 622 19.35 -35.29 -1.69
N ASN K 623 20.18 -35.73 -0.74
CA ASN K 623 20.69 -34.80 0.25
C ASN K 623 21.50 -33.70 -0.40
N TRP K 624 22.35 -34.06 -1.35
CA TRP K 624 23.16 -33.04 -2.03
C TRP K 624 22.27 -32.04 -2.74
N ILE K 625 21.22 -32.52 -3.38
CA ILE K 625 20.33 -31.63 -4.12
C ILE K 625 19.66 -30.64 -3.16
N SER K 626 19.10 -31.15 -2.07
CA SER K 626 18.32 -30.30 -1.16
C SER K 626 19.20 -29.20 -0.58
N THR K 627 20.38 -29.56 -0.10
CA THR K 627 21.26 -28.57 0.52
C THR K 627 21.68 -27.51 -0.50
N THR K 628 22.03 -27.94 -1.71
CA THR K 628 22.43 -26.99 -2.73
C THR K 628 21.29 -26.01 -3.03
N ILE K 629 20.08 -26.53 -3.19
CA ILE K 629 18.93 -25.65 -3.42
C ILE K 629 18.75 -24.72 -2.24
N ALA K 630 18.83 -25.25 -1.02
CA ALA K 630 18.66 -24.42 0.16
C ALA K 630 19.68 -23.30 0.19
N PHE K 631 20.93 -23.61 -0.15
CA PHE K 631 21.96 -22.59 -0.14
C PHE K 631 21.66 -21.49 -1.14
N PHE K 632 21.35 -21.85 -2.37
CA PHE K 632 21.10 -20.84 -3.39
C PHE K 632 19.90 -19.97 -3.01
N ILE K 633 18.89 -20.58 -2.38
CA ILE K 633 17.77 -19.80 -1.88
C ILE K 633 18.26 -18.76 -0.88
N ARG K 634 19.18 -19.15 -0.01
CA ARG K 634 19.78 -18.18 0.89
C ARG K 634 20.51 -17.09 0.12
N VAL K 635 21.14 -17.45 -0.99
CA VAL K 635 21.90 -16.47 -1.77
C VAL K 635 20.96 -15.44 -2.39
N VAL K 636 19.90 -15.90 -3.04
CA VAL K 636 19.03 -14.98 -3.74
C VAL K 636 18.34 -14.05 -2.76
N ASN K 637 18.10 -14.50 -1.54
CA ASN K 637 17.52 -13.66 -0.51
C ASN K 637 18.55 -12.83 0.23
N SER K 638 19.82 -12.95 -0.14
CA SER K 638 20.85 -12.15 0.52
C SER K 638 20.70 -10.68 0.16
N VAL K 639 21.32 -9.83 0.96
CA VAL K 639 21.21 -8.38 0.77
C VAL K 639 21.74 -7.97 -0.60
N ASN K 640 22.72 -8.71 -1.13
CA ASN K 640 23.34 -8.31 -2.38
C ASN K 640 22.33 -8.29 -3.53
N MET K 641 21.27 -9.09 -3.43
CA MET K 641 20.26 -9.13 -4.48
C MET K 641 19.07 -8.26 -4.19
N THR K 642 18.74 -8.03 -2.91
CA THR K 642 17.57 -7.24 -2.58
C THR K 642 17.70 -5.81 -3.08
N ALA K 643 18.93 -5.31 -3.19
CA ALA K 643 19.12 -3.93 -3.59
C ALA K 643 18.63 -3.68 -5.01
N THR K 644 18.88 -4.61 -5.92
CA THR K 644 18.61 -4.39 -7.33
C THR K 644 17.53 -5.29 -7.91
N VAL K 645 17.26 -6.43 -7.31
CA VAL K 645 16.28 -7.36 -7.86
C VAL K 645 14.92 -7.07 -7.22
N ASN K 646 13.89 -6.97 -8.07
CA ASN K 646 12.55 -6.71 -7.58
C ASN K 646 12.09 -7.86 -6.67
N ASP K 647 11.31 -7.50 -5.66
CA ASP K 647 10.88 -8.49 -4.69
C ASP K 647 10.00 -9.56 -5.34
N LEU K 648 9.11 -9.16 -6.25
CA LEU K 648 8.24 -10.12 -6.90
C LEU K 648 9.05 -11.16 -7.66
N THR K 649 10.01 -10.71 -8.45
CA THR K 649 10.90 -11.65 -9.12
C THR K 649 11.65 -12.49 -8.11
N ARG K 650 12.14 -11.85 -7.04
CA ARG K 650 12.81 -12.60 -5.99
C ARG K 650 11.87 -13.64 -5.39
N ARG K 651 10.62 -13.25 -5.17
CA ARG K 651 9.63 -14.22 -4.70
C ARG K 651 9.42 -15.33 -5.72
N THR K 652 9.38 -14.98 -7.00
CA THR K 652 9.16 -16.00 -8.02
C THR K 652 10.33 -16.95 -8.10
N MET K 653 11.56 -16.43 -8.10
CA MET K 653 12.72 -17.28 -8.30
C MET K 653 12.88 -18.26 -7.14
N THR K 654 12.67 -17.81 -5.91
CA THR K 654 12.74 -18.76 -4.81
C THR K 654 11.65 -19.80 -4.91
N GLY K 655 10.52 -19.45 -5.54
CA GLY K 655 9.46 -20.41 -5.73
C GLY K 655 9.89 -21.56 -6.63
N VAL K 656 10.42 -21.24 -7.81
CA VAL K 656 10.74 -22.27 -8.77
C VAL K 656 11.83 -23.17 -8.22
N MET K 657 12.81 -22.60 -7.52
CA MET K 657 13.82 -23.42 -6.87
C MET K 657 13.18 -24.36 -5.85
N THR K 658 12.22 -23.85 -5.08
CA THR K 658 11.51 -24.70 -4.15
C THR K 658 10.79 -25.82 -4.87
N ALA K 659 10.17 -25.49 -6.02
CA ALA K 659 9.45 -26.50 -6.78
C ALA K 659 10.39 -27.63 -7.19
N MET K 660 11.58 -27.28 -7.68
CA MET K 660 12.52 -28.30 -8.09
C MET K 660 12.94 -29.17 -6.91
N ARG K 661 13.12 -28.56 -5.74
CA ARG K 661 13.55 -29.32 -4.59
C ARG K 661 12.49 -30.29 -4.09
N GLN K 662 11.26 -30.18 -4.57
CA GLN K 662 10.18 -31.05 -4.13
C GLN K 662 9.79 -32.11 -5.15
N VAL K 663 10.44 -32.14 -6.32
CA VAL K 663 10.10 -33.14 -7.32
C VAL K 663 10.50 -34.52 -6.81
N LYS K 664 9.58 -35.46 -6.87
CA LYS K 664 9.82 -36.82 -6.40
C LYS K 664 10.48 -37.64 -7.50
N THR K 665 11.74 -37.30 -7.78
CA THR K 665 12.50 -37.98 -8.80
C THR K 665 12.95 -39.35 -8.31
N MET K 666 13.14 -40.27 -9.25
CA MET K 666 13.59 -41.62 -8.93
C MET K 666 15.10 -41.76 -8.98
N THR K 667 15.78 -40.89 -9.72
CA THR K 667 17.21 -41.06 -9.99
C THR K 667 18.06 -41.27 -8.74
N PRO K 668 17.93 -40.47 -7.68
CA PRO K 668 18.83 -40.68 -6.53
C PRO K 668 18.75 -42.08 -5.97
N PHE K 669 17.55 -42.65 -5.91
CA PHE K 669 17.43 -44.03 -5.45
C PHE K 669 18.15 -44.97 -6.40
N TYR K 670 17.97 -44.76 -7.71
CA TYR K 670 18.58 -45.64 -8.69
C TYR K 670 20.09 -45.63 -8.57
N ILE K 671 20.67 -44.46 -8.34
CA ILE K 671 22.12 -44.35 -8.23
C ILE K 671 22.62 -45.19 -7.06
N GLN K 672 21.95 -45.10 -5.93
CA GLN K 672 22.48 -45.73 -4.73
C GLN K 672 22.27 -47.23 -4.70
N HIS K 673 21.20 -47.73 -5.31
CA HIS K 673 20.82 -49.11 -5.12
C HIS K 673 20.89 -49.97 -6.37
N MET K 674 20.54 -49.44 -7.53
CA MET K 674 20.36 -50.25 -8.72
C MET K 674 21.49 -50.12 -9.72
N CYS K 675 21.98 -48.90 -9.95
CA CYS K 675 23.07 -48.70 -10.90
C CYS K 675 24.28 -49.58 -10.62
N PRO K 676 24.75 -49.74 -9.37
CA PRO K 676 25.93 -50.59 -9.17
C PRO K 676 25.75 -52.01 -9.68
N THR K 677 24.55 -52.57 -9.54
CA THR K 677 24.32 -53.92 -10.04
C THR K 677 24.51 -53.97 -11.55
N GLU K 678 23.96 -52.99 -12.26
CA GLU K 678 24.09 -52.97 -13.70
C GLU K 678 25.55 -52.91 -14.11
N LEU K 679 26.33 -52.07 -13.44
CA LEU K 679 27.76 -52.01 -13.73
C LEU K 679 28.43 -53.35 -13.44
N SER K 680 28.13 -53.93 -12.28
CA SER K 680 28.79 -55.16 -11.88
C SER K 680 28.58 -56.26 -12.90
N VAL K 681 27.38 -56.34 -13.45
CA VAL K 681 27.09 -57.37 -14.44
C VAL K 681 27.78 -57.06 -15.76
N LEU K 682 27.62 -55.82 -16.25
CA LEU K 682 28.16 -55.49 -17.57
C LEU K 682 29.67 -55.56 -17.61
N ALA K 683 30.34 -55.45 -16.46
CA ALA K 683 31.79 -55.52 -16.45
C ALA K 683 32.29 -56.84 -17.02
N SER K 684 31.51 -57.90 -16.89
CA SER K 684 31.90 -59.20 -17.41
C SER K 684 31.55 -59.36 -18.89
N VAL K 685 30.94 -58.34 -19.49
CA VAL K 685 30.43 -58.46 -20.85
C VAL K 685 31.26 -57.66 -21.85
N THR K 686 31.67 -56.45 -21.48
CA THR K 686 32.38 -55.59 -22.42
C THR K 686 33.68 -56.25 -22.86
N VAL K 687 34.06 -55.99 -24.12
CA VAL K 687 35.26 -56.57 -24.67
C VAL K 687 36.50 -56.12 -23.91
N THR K 688 36.43 -54.98 -23.23
CA THR K 688 37.54 -54.48 -22.45
C THR K 688 37.13 -54.43 -20.99
N PRO K 689 37.80 -55.14 -20.10
CA PRO K 689 37.40 -55.15 -18.70
C PRO K 689 37.56 -53.77 -18.09
N PRO K 690 36.87 -53.49 -16.99
CA PRO K 690 36.99 -52.17 -16.37
C PRO K 690 38.41 -51.91 -15.92
N PHE K 691 38.78 -50.62 -15.91
CA PHE K 691 40.14 -50.20 -15.61
C PHE K 691 40.04 -48.96 -14.74
N GLN K 692 40.15 -49.15 -13.43
CA GLN K 692 39.84 -48.10 -12.47
C GLN K 692 41.07 -47.70 -11.66
N VAL K 693 40.92 -46.59 -10.95
CA VAL K 693 41.95 -46.05 -10.08
C VAL K 693 41.20 -45.33 -8.97
N PRO K 694 41.69 -45.33 -7.72
CA PRO K 694 40.84 -44.92 -6.59
C PRO K 694 40.25 -43.53 -6.75
N PHE K 695 38.99 -43.39 -6.34
CA PHE K 695 38.31 -42.11 -6.31
C PHE K 695 38.76 -41.34 -5.08
N THR K 696 39.59 -40.34 -5.26
CA THR K 696 39.93 -39.46 -4.17
C THR K 696 38.89 -38.35 -4.05
N ARG K 697 38.80 -37.77 -2.86
CA ARG K 697 37.75 -36.80 -2.56
C ARG K 697 38.33 -35.69 -1.70
N LEU K 698 38.56 -34.53 -2.32
CA LEU K 698 38.91 -33.29 -1.62
C LEU K 698 40.23 -33.37 -0.87
N VAL K 699 40.99 -34.45 -1.02
CA VAL K 699 42.29 -34.57 -0.39
C VAL K 699 43.33 -34.05 -1.38
N GLN K 700 43.91 -32.89 -1.07
CA GLN K 700 44.81 -32.25 -2.03
C GLN K 700 46.03 -33.11 -2.31
N ASN K 701 46.62 -33.70 -1.28
CA ASN K 701 47.83 -34.48 -1.49
C ASN K 701 47.56 -35.79 -2.21
N ASP K 702 46.31 -36.24 -2.29
CA ASP K 702 45.99 -37.51 -2.90
C ASP K 702 45.45 -37.38 -4.31
N VAL K 703 45.33 -36.17 -4.84
CA VAL K 703 44.86 -36.01 -6.21
C VAL K 703 45.80 -36.72 -7.15
N ILE K 704 45.24 -37.55 -8.02
CA ILE K 704 46.04 -38.33 -8.96
C ILE K 704 46.28 -37.49 -10.21
N THR K 705 47.53 -37.15 -10.45
CA THR K 705 47.87 -36.34 -11.61
C THR K 705 48.09 -37.16 -12.86
N ASN K 706 48.57 -38.39 -12.74
CA ASN K 706 48.95 -39.16 -13.90
C ASN K 706 48.73 -40.64 -13.65
N VAL K 707 48.35 -41.36 -14.71
CA VAL K 707 48.33 -42.80 -14.73
C VAL K 707 49.32 -43.26 -15.78
N LEU K 708 50.21 -44.17 -15.40
CA LEU K 708 51.42 -44.39 -16.16
C LEU K 708 51.59 -45.86 -16.51
N VAL K 709 52.16 -46.10 -17.69
CA VAL K 709 52.52 -47.42 -18.18
C VAL K 709 53.93 -47.34 -18.75
N ALA K 710 54.69 -48.42 -18.59
CA ALA K 710 56.04 -48.51 -19.13
C ALA K 710 56.19 -49.78 -19.94
N ARG K 711 56.68 -49.65 -21.17
CA ARG K 711 57.03 -50.79 -22.00
C ARG K 711 58.45 -51.28 -21.74
N VAL K 712 59.23 -50.57 -20.93
CA VAL K 712 60.64 -50.82 -20.78
C VAL K 712 61.00 -50.86 -19.30
N ASP K 713 61.81 -51.82 -18.93
CA ASP K 713 62.36 -51.86 -17.57
C ASP K 713 63.26 -50.65 -17.36
N PRO K 714 62.90 -49.70 -16.52
CA PRO K 714 63.77 -48.52 -16.33
C PRO K 714 65.10 -48.84 -15.71
N ALA K 715 65.25 -50.00 -15.08
CA ALA K 715 66.51 -50.33 -14.42
C ALA K 715 67.60 -50.65 -15.42
N GLN K 716 67.25 -51.28 -16.54
CA GLN K 716 68.26 -51.66 -17.52
C GLN K 716 69.04 -50.44 -18.00
N ARG K 717 68.35 -49.50 -18.63
CA ARG K 717 68.98 -48.22 -18.90
C ARG K 717 69.18 -47.47 -17.59
N GLY K 718 70.05 -46.46 -17.63
CA GLY K 718 70.41 -45.77 -16.41
C GLY K 718 69.32 -44.86 -15.89
N ASP K 719 68.18 -45.44 -15.52
CA ASP K 719 67.04 -44.69 -15.03
C ASP K 719 66.52 -45.30 -13.73
N ALA K 720 67.44 -45.58 -12.81
CA ALA K 720 67.07 -46.24 -11.58
C ALA K 720 66.17 -45.36 -10.71
N ALA K 721 66.50 -44.08 -10.57
CA ALA K 721 65.86 -43.21 -9.60
C ALA K 721 65.46 -41.89 -10.23
N VAL K 722 64.79 -41.96 -11.37
CA VAL K 722 64.33 -40.77 -12.07
C VAL K 722 62.87 -40.55 -11.74
N ASP K 723 62.39 -39.34 -12.01
CA ASP K 723 60.97 -39.03 -11.91
C ASP K 723 60.17 -40.05 -12.70
N ILE K 724 59.09 -40.53 -12.10
CA ILE K 724 58.31 -41.59 -12.72
C ILE K 724 57.72 -41.12 -14.04
N ARG K 725 57.34 -39.83 -14.11
CA ARG K 725 56.78 -39.31 -15.35
C ARG K 725 57.78 -39.36 -16.49
N ALA K 726 59.07 -39.30 -16.18
CA ALA K 726 60.08 -39.36 -17.22
C ALA K 726 60.33 -40.78 -17.70
N THR K 727 59.82 -41.79 -17.01
CA THR K 727 60.13 -43.18 -17.33
C THR K 727 58.91 -43.97 -17.80
N HIS K 728 57.72 -43.42 -17.69
CA HIS K 728 56.51 -44.13 -18.08
C HIS K 728 55.66 -43.25 -18.99
N ALA K 729 54.99 -43.88 -19.93
CA ALA K 729 54.02 -43.17 -20.75
C ALA K 729 52.78 -42.86 -19.92
N THR K 730 52.11 -41.77 -20.28
CA THR K 730 50.92 -41.33 -19.56
C THR K 730 49.72 -41.34 -20.49
N PHE K 731 48.55 -41.56 -19.90
CA PHE K 731 47.32 -41.46 -20.66
C PHE K 731 46.84 -40.02 -20.70
N ALA K 732 46.03 -39.72 -21.71
CA ALA K 732 45.50 -38.37 -21.88
C ALA K 732 44.19 -38.47 -22.65
N ALA K 733 43.07 -38.19 -21.99
CA ALA K 733 41.77 -38.26 -22.62
C ALA K 733 40.76 -37.56 -21.72
N ALA K 734 39.79 -36.90 -22.35
CA ALA K 734 38.78 -36.17 -21.60
C ALA K 734 37.52 -36.06 -22.43
N LEU K 735 36.39 -35.99 -21.75
CA LEU K 735 35.09 -35.85 -22.40
C LEU K 735 34.39 -34.63 -21.82
N PRO K 736 34.14 -33.60 -22.60
CA PRO K 736 33.40 -32.46 -22.09
C PRO K 736 31.90 -32.72 -22.04
N VAL K 737 31.36 -32.88 -20.84
CA VAL K 737 29.94 -33.15 -20.68
C VAL K 737 29.20 -31.85 -20.43
N ASP K 738 27.90 -31.87 -20.72
CA ASP K 738 27.06 -30.69 -20.61
C ASP K 738 26.26 -30.75 -19.33
N PRO K 739 26.40 -29.79 -18.42
CA PRO K 739 25.63 -29.83 -17.17
C PRO K 739 24.12 -29.88 -17.40
N ALA K 740 23.62 -29.18 -18.43
CA ALA K 740 22.19 -29.09 -18.64
C ALA K 740 21.58 -30.48 -18.78
N ALA K 741 22.19 -31.33 -19.59
CA ALA K 741 21.69 -32.69 -19.73
C ALA K 741 21.76 -33.44 -18.41
N ILE K 742 22.84 -33.23 -17.65
CA ILE K 742 22.99 -33.91 -16.38
C ILE K 742 21.87 -33.51 -15.43
N VAL K 743 21.57 -32.22 -15.36
CA VAL K 743 20.57 -31.75 -14.41
C VAL K 743 19.21 -32.34 -14.75
N VAL K 744 18.84 -32.32 -16.04
CA VAL K 744 17.54 -32.83 -16.45
C VAL K 744 17.40 -34.28 -16.06
N ALA K 745 18.43 -35.08 -16.30
CA ALA K 745 18.36 -36.50 -15.95
C ALA K 745 18.19 -36.67 -14.44
N MET K 746 18.85 -35.83 -13.65
CA MET K 746 18.76 -35.97 -12.21
C MET K 746 17.33 -35.76 -11.72
N LEU K 747 16.63 -34.80 -12.31
CA LEU K 747 15.32 -34.43 -11.82
C LEU K 747 14.18 -35.18 -12.50
N CYS K 748 14.37 -35.63 -13.73
CA CYS K 748 13.29 -36.22 -14.50
C CYS K 748 13.32 -37.75 -14.49
N GLY K 749 13.96 -38.34 -13.49
CA GLY K 749 14.04 -39.79 -13.42
C GLY K 749 12.80 -40.38 -12.79
N GLN K 750 12.19 -41.35 -13.48
CA GLN K 750 11.02 -42.04 -12.96
C GLN K 750 10.94 -43.40 -13.64
N THR K 751 10.06 -44.25 -13.11
CA THR K 751 9.93 -45.61 -13.62
C THR K 751 8.56 -46.14 -13.27
N GLU K 752 8.33 -47.40 -13.61
CA GLU K 752 7.04 -48.04 -13.37
C GLU K 752 6.75 -48.11 -11.88
N THR K 753 5.47 -48.02 -11.54
CA THR K 753 5.06 -47.84 -10.16
C THR K 753 5.34 -49.04 -9.27
N ASN K 754 5.36 -50.25 -9.81
CA ASN K 754 5.50 -51.45 -9.00
C ASN K 754 6.61 -52.33 -9.53
N LEU K 755 7.76 -51.71 -9.77
CA LEU K 755 8.89 -52.44 -10.35
C LEU K 755 9.53 -53.34 -9.32
N ILE K 756 9.72 -54.61 -9.68
CA ILE K 756 10.55 -55.54 -8.91
C ILE K 756 11.89 -55.63 -9.61
N PRO K 757 12.97 -55.09 -9.04
CA PRO K 757 14.24 -55.05 -9.79
C PRO K 757 14.72 -56.41 -10.22
N SER K 758 14.55 -57.43 -9.38
CA SER K 758 15.07 -58.74 -9.70
C SER K 758 14.45 -59.28 -10.98
N HIS K 759 13.12 -59.20 -11.08
CA HIS K 759 12.47 -59.71 -12.27
C HIS K 759 12.87 -58.93 -13.50
N HIS K 760 12.93 -57.60 -13.40
CA HIS K 760 13.28 -56.79 -14.56
C HIS K 760 14.65 -57.14 -15.08
N TYR K 761 15.64 -57.19 -14.19
CA TYR K 761 16.98 -57.54 -14.62
C TYR K 761 17.06 -58.97 -15.09
N GLY K 762 16.35 -59.88 -14.41
CA GLY K 762 16.36 -61.27 -14.83
C GLY K 762 15.90 -61.42 -16.27
N LYS K 763 14.81 -60.74 -16.62
CA LYS K 763 14.38 -60.73 -18.01
C LYS K 763 15.45 -60.11 -18.91
N ALA K 764 16.06 -59.02 -18.46
CA ALA K 764 16.93 -58.25 -19.32
C ALA K 764 18.24 -58.98 -19.59
N PHE K 765 18.82 -59.61 -18.57
CA PHE K 765 20.15 -60.19 -18.70
C PHE K 765 20.13 -61.60 -19.28
N ALA K 766 18.95 -62.18 -19.50
CA ALA K 766 18.88 -63.56 -19.98
C ALA K 766 19.70 -63.82 -21.24
N PRO K 767 19.62 -63.01 -22.30
CA PRO K 767 20.39 -63.35 -23.51
C PRO K 767 21.88 -63.24 -23.32
N LEU K 768 22.35 -62.64 -22.24
CA LEU K 768 23.76 -62.31 -22.11
C LEU K 768 24.63 -63.49 -21.71
N PHE K 769 24.05 -64.63 -21.36
CA PHE K 769 24.84 -65.69 -20.75
C PHE K 769 24.48 -67.05 -21.33
N ALA K 770 24.49 -67.14 -22.65
CA ALA K 770 24.39 -68.42 -23.35
C ALA K 770 25.40 -68.44 -24.49
N SER K 771 26.62 -67.99 -24.22
CA SER K 771 27.63 -67.88 -25.26
C SER K 771 29.01 -68.11 -24.66
N ASN K 772 29.94 -68.53 -25.52
CA ASN K 772 31.33 -68.74 -25.12
C ASN K 772 32.15 -67.46 -25.17
N ALA K 773 31.53 -66.33 -25.51
CA ALA K 773 32.29 -65.11 -25.79
C ALA K 773 33.23 -64.76 -24.66
N MET K 774 32.75 -64.88 -23.42
CA MET K 774 33.59 -64.54 -22.28
C MET K 774 34.82 -65.45 -22.21
N PHE K 775 34.63 -66.74 -22.43
CA PHE K 775 35.73 -67.68 -22.27
C PHE K 775 36.79 -67.50 -23.35
N THR K 776 36.39 -67.05 -24.53
CA THR K 776 37.34 -66.94 -25.63
C THR K 776 38.49 -66.01 -25.25
N ARG K 777 38.17 -64.86 -24.66
CA ARG K 777 39.23 -63.92 -24.31
C ARG K 777 40.18 -64.52 -23.28
N ASN K 778 39.69 -65.45 -22.44
CA ASN K 778 40.59 -66.16 -21.56
C ASN K 778 41.65 -66.92 -22.34
N GLN K 779 41.20 -67.67 -23.35
CA GLN K 779 42.13 -68.46 -24.14
C GLN K 779 43.16 -67.58 -24.84
N ARG K 780 42.70 -66.46 -25.39
CA ARG K 780 43.64 -65.54 -26.03
C ARG K 780 44.67 -65.04 -25.02
N ALA K 781 44.23 -64.80 -23.79
CA ALA K 781 45.18 -64.36 -22.76
C ALA K 781 46.25 -65.40 -22.52
N VAL K 782 45.86 -66.68 -22.47
CA VAL K 782 46.84 -67.74 -22.21
C VAL K 782 47.89 -67.76 -23.30
N ILE K 783 47.45 -67.76 -24.56
CA ILE K 783 48.39 -67.73 -25.67
C ILE K 783 49.28 -66.51 -25.56
N THR K 784 48.70 -65.38 -25.17
CA THR K 784 49.50 -64.16 -25.02
C THR K 784 50.62 -64.38 -24.02
N ARG K 785 50.32 -65.06 -22.90
CA ARG K 785 51.36 -65.32 -21.92
C ARG K 785 52.46 -66.18 -22.51
N GLU K 786 52.09 -67.29 -23.15
CA GLU K 786 53.08 -68.20 -23.69
C GLU K 786 53.94 -67.51 -24.74
N ALA K 787 53.30 -66.77 -25.64
CA ALA K 787 54.05 -66.07 -26.67
C ALA K 787 55.02 -65.07 -26.06
N PHE K 788 54.56 -64.32 -25.06
CA PHE K 788 55.42 -63.32 -24.43
C PHE K 788 56.64 -63.97 -23.80
N VAL K 789 56.42 -65.05 -23.03
CA VAL K 789 57.53 -65.67 -22.33
C VAL K 789 58.55 -66.22 -23.32
N CYS K 790 58.08 -66.91 -24.34
CA CYS K 790 59.00 -67.46 -25.34
C CYS K 790 59.77 -66.35 -26.02
N ALA K 791 59.09 -65.26 -26.38
CA ALA K 791 59.75 -64.16 -27.05
C ALA K 791 60.88 -63.59 -26.19
N ARG K 792 60.58 -63.32 -24.93
CA ARG K 792 61.63 -62.84 -24.03
C ARG K 792 62.73 -63.87 -23.91
N SER K 793 62.37 -65.14 -23.79
CA SER K 793 63.37 -66.19 -23.66
C SER K 793 64.31 -66.20 -24.85
N ALA K 794 63.75 -66.16 -26.05
CA ALA K 794 64.59 -66.22 -27.25
C ALA K 794 65.49 -65.01 -27.35
N VAL K 795 64.92 -63.82 -27.17
CA VAL K 795 65.70 -62.60 -27.31
C VAL K 795 66.84 -62.58 -26.32
N ALA K 796 66.56 -62.97 -25.08
CA ALA K 796 67.61 -62.98 -24.06
C ALA K 796 68.72 -63.95 -24.42
N GLN K 797 68.36 -65.13 -24.91
CA GLN K 797 69.37 -66.12 -25.24
C GLN K 797 70.28 -65.66 -26.37
N CYS K 798 69.79 -64.79 -27.24
CA CYS K 798 70.62 -64.29 -28.32
C CYS K 798 71.56 -63.19 -27.88
N GLN K 799 71.39 -62.65 -26.69
CA GLN K 799 72.33 -61.67 -26.16
C GLN K 799 73.46 -62.39 -25.43
N ASP K 800 74.47 -61.62 -25.02
CA ASP K 800 75.54 -62.18 -24.21
C ASP K 800 75.00 -62.67 -22.88
N ALA K 801 74.15 -61.87 -22.25
CA ALA K 801 73.47 -62.24 -21.01
C ALA K 801 72.29 -61.33 -20.83
N GLY K 802 71.30 -61.79 -20.08
CA GLY K 802 70.10 -61.00 -19.86
C GLY K 802 69.05 -61.73 -19.06
N PHE K 803 68.35 -60.97 -18.21
CA PHE K 803 67.38 -61.54 -17.28
C PHE K 803 67.99 -62.75 -16.58
N LEU K 804 67.22 -63.82 -16.42
CA LEU K 804 67.71 -65.02 -15.75
C LEU K 804 67.28 -66.26 -16.52
N VAL K 805 67.52 -66.26 -17.83
CA VAL K 805 67.14 -67.39 -18.65
C VAL K 805 68.31 -68.37 -18.75
N PRO K 806 68.06 -69.67 -18.79
CA PRO K 806 69.14 -70.62 -19.05
C PRO K 806 69.63 -70.49 -20.48
N ARG K 807 70.89 -70.86 -20.68
CA ARG K 807 71.58 -70.67 -21.96
C ARG K 807 72.25 -71.97 -22.38
N PRO K 808 71.49 -72.92 -22.89
CA PRO K 808 72.09 -74.20 -23.28
C PRO K 808 72.83 -74.12 -24.60
N LEU K 809 72.36 -73.28 -25.51
CA LEU K 809 72.98 -73.12 -26.82
C LEU K 809 74.13 -72.14 -26.81
N ASP K 810 74.70 -71.86 -25.63
CA ASP K 810 75.68 -70.79 -25.53
C ASP K 810 76.90 -71.05 -26.40
N ALA K 811 77.18 -72.32 -26.70
CA ALA K 811 78.35 -72.63 -27.52
C ALA K 811 78.22 -72.09 -28.94
N LEU K 812 77.00 -71.98 -29.44
CA LEU K 812 76.80 -71.50 -30.80
C LEU K 812 77.16 -70.02 -30.91
N ARG K 813 77.71 -69.66 -32.05
CA ARG K 813 78.12 -68.28 -32.29
C ARG K 813 76.92 -67.40 -32.58
N GLN K 814 76.95 -66.20 -32.01
CA GLN K 814 75.98 -65.16 -32.36
C GLN K 814 76.71 -63.83 -32.19
N PHE K 815 77.31 -63.36 -33.28
CA PHE K 815 78.15 -62.17 -33.19
C PHE K 815 77.32 -60.92 -32.99
N ASP K 816 76.27 -60.76 -33.78
CA ASP K 816 75.51 -59.52 -33.79
C ASP K 816 74.47 -59.54 -32.68
N VAL K 817 74.54 -58.55 -31.80
CA VAL K 817 73.62 -58.42 -30.68
C VAL K 817 72.89 -57.07 -30.72
N THR K 818 72.85 -56.44 -31.88
CA THR K 818 72.26 -55.11 -31.97
C THR K 818 70.75 -55.18 -31.75
N SER K 819 70.17 -54.02 -31.46
CA SER K 819 68.74 -53.93 -31.23
C SER K 819 67.97 -54.34 -32.47
N ALA K 820 68.49 -54.02 -33.65
CA ALA K 820 67.79 -54.37 -34.88
C ALA K 820 67.63 -55.88 -34.99
N ALA K 821 68.68 -56.64 -34.65
CA ALA K 821 68.57 -58.09 -34.67
C ALA K 821 67.49 -58.55 -33.71
N ALA K 822 67.45 -57.98 -32.51
CA ALA K 822 66.44 -58.36 -31.54
C ALA K 822 65.05 -58.11 -32.06
N ALA K 823 64.84 -56.94 -32.67
CA ALA K 823 63.53 -56.61 -33.21
C ALA K 823 63.12 -57.63 -34.27
N GLU K 824 64.05 -57.98 -35.16
CA GLU K 824 63.73 -58.95 -36.19
C GLU K 824 63.40 -60.31 -35.59
N ILE K 825 64.16 -60.70 -34.56
CA ILE K 825 63.89 -61.98 -33.91
C ILE K 825 62.51 -61.97 -33.29
N MET K 826 62.17 -60.89 -32.58
CA MET K 826 60.86 -60.84 -31.94
C MET K 826 59.74 -60.91 -32.97
N HIS K 827 59.91 -60.22 -34.09
CA HIS K 827 58.90 -60.29 -35.14
C HIS K 827 58.73 -61.72 -35.63
N ALA K 828 59.83 -62.42 -35.83
CA ALA K 828 59.74 -63.80 -36.30
C ALA K 828 58.97 -64.66 -35.31
N VAL K 829 59.25 -64.50 -34.03
CA VAL K 829 58.55 -65.27 -33.01
C VAL K 829 57.07 -64.94 -33.04
N ASN K 830 56.75 -63.64 -33.11
CA ASN K 830 55.36 -63.23 -33.12
C ASN K 830 54.62 -63.82 -34.31
N ASP K 831 55.25 -63.77 -35.49
CA ASP K 831 54.62 -64.34 -36.67
C ASP K 831 54.44 -65.85 -36.52
N ALA K 832 55.42 -66.52 -35.92
CA ALA K 832 55.32 -67.96 -35.74
C ALA K 832 54.09 -68.32 -34.91
N PHE K 833 53.91 -67.64 -33.79
CA PHE K 833 52.76 -67.94 -32.93
C PHE K 833 51.45 -67.63 -33.64
N LYS K 834 51.37 -66.48 -34.32
CA LYS K 834 50.14 -66.13 -35.00
C LYS K 834 49.78 -67.17 -36.04
N THR K 835 50.76 -67.63 -36.81
CA THR K 835 50.51 -68.70 -37.75
C THR K 835 50.12 -69.98 -37.04
N ALA K 836 50.80 -70.29 -35.93
CA ALA K 836 50.60 -71.57 -35.27
C ALA K 836 49.17 -71.70 -34.76
N PHE K 837 48.70 -70.71 -34.01
CA PHE K 837 47.39 -70.78 -33.38
C PHE K 837 46.32 -70.07 -34.19
N ASP K 838 46.65 -69.60 -35.39
CA ASP K 838 45.68 -69.00 -36.29
C ASP K 838 45.00 -67.80 -35.63
N LEU K 839 45.80 -66.78 -35.36
CA LEU K 839 45.30 -65.52 -34.83
C LEU K 839 45.44 -64.44 -35.89
N ASP K 840 44.57 -63.44 -35.79
CA ASP K 840 44.58 -62.33 -36.73
C ASP K 840 44.78 -60.98 -36.07
N GLY K 841 44.40 -60.82 -34.81
CA GLY K 841 44.54 -59.55 -34.15
C GLY K 841 45.99 -59.24 -33.86
N ALA K 842 46.20 -58.14 -33.15
CA ALA K 842 47.53 -57.69 -32.79
C ALA K 842 47.97 -58.48 -31.56
N LEU K 843 48.98 -59.34 -31.75
CA LEU K 843 49.54 -60.13 -30.66
C LEU K 843 50.99 -59.74 -30.46
N LEU K 844 51.36 -59.44 -29.21
CA LEU K 844 52.74 -59.18 -28.83
C LEU K 844 53.28 -57.92 -29.50
N ASP K 845 52.45 -57.24 -30.27
CA ASP K 845 52.89 -56.03 -30.94
C ASP K 845 52.96 -54.87 -29.95
N GLY K 846 53.49 -53.75 -30.41
CA GLY K 846 53.57 -52.58 -29.57
C GLY K 846 54.75 -52.60 -28.63
N LEU K 847 55.21 -53.80 -28.27
CA LEU K 847 56.41 -53.88 -27.43
C LEU K 847 57.61 -53.30 -28.14
N ALA K 848 57.69 -53.49 -29.45
CA ALA K 848 58.76 -52.91 -30.24
C ALA K 848 58.50 -51.48 -30.66
N LEU K 849 57.58 -50.79 -29.97
CA LEU K 849 57.29 -49.41 -30.32
C LEU K 849 58.53 -48.53 -30.22
N TYR K 850 59.26 -48.65 -29.12
CA TYR K 850 60.49 -47.90 -28.96
C TYR K 850 61.66 -48.53 -29.72
N GLY K 851 61.50 -49.75 -30.20
CA GLY K 851 62.50 -50.36 -31.05
C GLY K 851 63.62 -51.08 -30.33
N ASP K 852 63.50 -51.33 -29.03
CA ASP K 852 64.52 -52.06 -28.28
C ASP K 852 63.85 -53.14 -27.45
N PRO K 853 63.54 -54.29 -28.06
CA PRO K 853 62.96 -55.40 -27.28
C PRO K 853 63.90 -55.95 -26.24
N ARG K 854 65.19 -55.66 -26.31
CA ARG K 854 66.15 -56.26 -25.40
C ARG K 854 65.87 -55.94 -23.95
N ILE K 855 65.08 -54.90 -23.68
CA ILE K 855 64.80 -54.50 -22.31
C ILE K 855 63.30 -54.41 -22.10
N ALA K 856 62.55 -55.18 -22.88
CA ALA K 856 61.10 -55.12 -22.81
C ALA K 856 60.60 -55.63 -21.47
N ASP K 857 59.81 -54.82 -20.78
CA ASP K 857 59.17 -55.24 -19.54
C ASP K 857 57.97 -54.33 -19.28
N LEU K 858 56.96 -54.89 -18.63
CA LEU K 858 55.69 -54.21 -18.44
C LEU K 858 55.51 -53.79 -16.99
N SER K 859 55.08 -52.55 -16.80
CA SER K 859 54.82 -52.03 -15.46
C SER K 859 53.80 -50.91 -15.56
N ALA K 860 53.03 -50.74 -14.50
CA ALA K 860 52.00 -49.71 -14.43
C ALA K 860 52.11 -48.97 -13.11
N ALA K 861 51.71 -47.71 -13.12
CA ALA K 861 51.82 -46.88 -11.94
C ALA K 861 50.93 -45.67 -12.08
N TYR K 862 50.68 -45.01 -10.94
CA TYR K 862 50.01 -43.71 -10.96
C TYR K 862 50.63 -42.83 -9.88
N LEU K 863 50.56 -41.53 -10.11
CA LEU K 863 51.25 -40.54 -9.30
C LEU K 863 50.25 -39.64 -8.61
N GLN K 864 50.43 -39.46 -7.30
CA GLN K 864 49.59 -38.55 -6.53
C GLN K 864 50.33 -37.24 -6.31
N TYR K 865 49.55 -36.16 -6.17
CA TYR K 865 50.13 -34.83 -6.06
C TYR K 865 51.06 -34.71 -4.87
N GLY K 866 50.80 -35.47 -3.81
CA GLY K 866 51.64 -35.41 -2.63
C GLY K 866 52.97 -36.10 -2.83
N GLY K 867 53.36 -36.34 -4.08
CA GLY K 867 54.60 -36.99 -4.38
C GLY K 867 54.59 -38.49 -4.22
N ASN K 868 53.64 -39.04 -3.48
CA ASN K 868 53.56 -40.49 -3.33
C ASN K 868 53.21 -41.14 -4.66
N VAL K 869 53.84 -42.28 -4.93
CA VAL K 869 53.66 -42.99 -6.19
C VAL K 869 53.33 -44.44 -5.89
N VAL K 870 52.32 -44.96 -6.57
CA VAL K 870 51.95 -46.36 -6.49
C VAL K 870 52.35 -47.02 -7.80
N ARG K 871 53.13 -48.09 -7.71
CA ARG K 871 53.60 -48.79 -8.89
C ARG K 871 53.52 -50.28 -8.64
N GLU K 872 53.50 -51.05 -9.73
CA GLU K 872 53.49 -52.49 -9.61
C GLU K 872 53.96 -53.10 -10.92
N HIS K 873 54.66 -54.22 -10.81
CA HIS K 873 55.11 -54.96 -11.99
C HIS K 873 54.04 -55.92 -12.44
N VAL K 874 54.14 -56.37 -13.68
CA VAL K 874 53.23 -57.37 -14.21
C VAL K 874 54.08 -58.51 -14.77
N PRO K 875 54.71 -59.30 -13.90
CA PRO K 875 55.54 -60.39 -14.40
C PRO K 875 54.68 -61.47 -15.03
N PRO K 876 55.21 -62.23 -15.97
CA PRO K 876 54.43 -63.31 -16.57
C PRO K 876 54.24 -64.47 -15.61
N GLY K 877 53.29 -65.33 -15.94
CA GLY K 877 53.01 -66.50 -15.16
C GLY K 877 53.90 -67.66 -15.50
N PRO K 878 53.68 -68.79 -14.86
CA PRO K 878 54.52 -69.98 -15.12
C PRO K 878 54.13 -70.69 -16.40
N SER K 879 54.68 -70.24 -17.53
CA SER K 879 54.35 -70.85 -18.81
C SER K 879 54.83 -72.29 -18.88
N HIS K 880 54.25 -73.04 -19.81
CA HIS K 880 54.62 -74.43 -20.06
C HIS K 880 55.58 -74.58 -21.22
N ILE K 881 55.25 -73.96 -22.36
CA ILE K 881 56.03 -74.15 -23.58
C ILE K 881 57.49 -73.78 -23.35
N HIS K 882 57.73 -72.77 -22.50
CA HIS K 882 59.09 -72.36 -22.19
C HIS K 882 59.91 -73.53 -21.68
N ARG K 883 59.33 -74.34 -20.80
CA ARG K 883 60.02 -75.54 -20.34
C ARG K 883 60.34 -76.46 -21.50
N THR K 884 59.34 -76.72 -22.34
CA THR K 884 59.52 -77.67 -23.43
C THR K 884 60.62 -77.21 -24.37
N LEU K 885 60.60 -75.92 -24.72
CA LEU K 885 61.64 -75.40 -25.60
C LEU K 885 63.02 -75.60 -25.00
N GLN K 886 63.13 -75.43 -23.69
CA GLN K 886 64.42 -75.67 -23.04
C GLN K 886 64.87 -77.10 -23.23
N GLN K 887 63.97 -78.06 -23.04
CA GLN K 887 64.33 -79.45 -23.23
C GLN K 887 64.75 -79.73 -24.66
N VAL K 888 64.03 -79.15 -25.62
CA VAL K 888 64.40 -79.33 -27.02
C VAL K 888 65.80 -78.81 -27.26
N GLU K 889 66.10 -77.63 -26.73
CA GLU K 889 67.44 -77.06 -26.90
C GLU K 889 68.50 -77.99 -26.32
N SER K 890 68.27 -78.48 -25.10
CA SER K 890 69.23 -79.38 -24.48
C SER K 890 69.42 -80.63 -25.33
N THR K 891 68.32 -81.15 -25.88
CA THR K 891 68.41 -82.33 -26.73
C THR K 891 69.22 -82.04 -27.99
N PHE K 892 69.02 -80.85 -28.57
CA PHE K 892 69.67 -80.55 -29.84
C PHE K 892 71.18 -80.61 -29.73
N MET K 893 71.73 -80.13 -28.62
CA MET K 893 73.17 -80.16 -28.44
C MET K 893 73.71 -81.58 -28.37
N ALA K 894 72.85 -82.57 -28.20
CA ALA K 894 73.27 -83.96 -28.20
C ALA K 894 73.05 -84.65 -29.54
N GLU K 895 72.04 -84.25 -30.30
CA GLU K 895 71.68 -84.93 -31.53
C GLU K 895 71.74 -84.00 -32.74
N MET K 896 72.69 -83.04 -32.71
CA MET K 896 72.72 -82.03 -33.76
C MET K 896 72.98 -82.63 -35.13
N ASN K 897 73.62 -83.79 -35.19
CA ASN K 897 73.90 -84.40 -36.49
C ASN K 897 72.62 -84.71 -37.24
N LEU K 898 71.54 -85.01 -36.53
CA LEU K 898 70.28 -85.31 -37.18
C LEU K 898 69.69 -84.12 -37.92
N PHE K 899 70.22 -82.92 -37.67
CA PHE K 899 69.78 -81.72 -38.36
C PHE K 899 70.81 -81.23 -39.36
N ASN K 900 71.66 -82.13 -39.85
CA ASN K 900 72.69 -81.77 -40.82
C ASN K 900 73.62 -80.70 -40.28
N VAL K 901 73.86 -80.70 -38.98
CA VAL K 901 74.75 -79.76 -38.32
C VAL K 901 75.82 -80.55 -37.58
N ALA K 902 77.07 -80.17 -37.78
CA ALA K 902 78.21 -80.84 -37.17
C ALA K 902 78.88 -79.93 -36.17
N ARG K 903 79.81 -80.50 -35.43
CA ARG K 903 80.60 -79.76 -34.45
C ARG K 903 82.07 -80.14 -34.60
N GLY K 904 82.94 -79.19 -34.33
CA GLY K 904 84.37 -79.40 -34.41
C GLY K 904 84.99 -78.64 -35.58
N ASN K 905 86.31 -78.75 -35.65
CA ASN K 905 87.07 -78.02 -36.66
C ASN K 905 87.22 -78.87 -37.92
N LEU K 906 87.90 -78.30 -38.91
CA LEU K 906 88.08 -78.92 -40.21
C LEU K 906 89.56 -79.10 -40.48
N TYR K 907 89.91 -80.24 -41.05
CA TYR K 907 91.28 -80.56 -41.42
C TYR K 907 91.42 -80.66 -42.92
N LEU K 908 92.49 -80.09 -43.45
CA LEU K 908 92.82 -80.15 -44.87
C LEU K 908 94.22 -80.75 -45.00
N VAL K 909 94.29 -82.04 -45.27
CA VAL K 909 95.57 -82.72 -45.46
C VAL K 909 95.46 -83.60 -46.69
N GLN K 910 96.44 -83.51 -47.58
CA GLN K 910 96.46 -84.35 -48.77
C GLN K 910 96.69 -85.80 -48.35
N THR K 911 95.64 -86.60 -48.41
CA THR K 911 95.72 -88.00 -48.05
C THR K 911 95.39 -88.84 -49.29
N ALA K 912 96.30 -89.71 -49.67
CA ALA K 912 96.15 -90.58 -50.82
C ALA K 912 95.92 -92.00 -50.31
N THR K 913 94.66 -92.33 -50.07
CA THR K 913 94.32 -93.64 -49.51
C THR K 913 93.86 -94.59 -50.61
N ASN K 914 93.85 -95.87 -50.26
CA ASN K 914 93.41 -96.91 -51.17
C ASN K 914 92.38 -97.83 -50.56
N GLY K 915 92.15 -97.77 -49.25
CA GLY K 915 91.16 -98.59 -48.59
C GLY K 915 89.96 -97.80 -48.14
N ASN K 916 89.42 -98.13 -46.97
CA ASN K 916 88.27 -97.42 -46.46
C ASN K 916 88.64 -96.01 -46.05
N TRP K 917 87.65 -95.13 -46.04
CA TRP K 917 87.87 -93.72 -45.75
C TRP K 917 86.58 -93.13 -45.19
N SER K 918 86.61 -92.72 -43.93
CA SER K 918 85.44 -92.20 -43.23
C SER K 918 85.77 -90.82 -42.67
N PRO K 919 85.60 -89.76 -43.45
CA PRO K 919 85.93 -88.42 -42.95
C PRO K 919 85.11 -88.01 -41.75
N MET K 920 83.85 -88.45 -41.66
CA MET K 920 82.99 -88.04 -40.57
C MET K 920 83.23 -88.83 -39.30
N ALA K 921 83.94 -89.95 -39.37
CA ALA K 921 84.24 -90.76 -38.21
C ALA K 921 85.74 -91.09 -38.21
N PRO K 922 86.58 -90.11 -37.92
CA PRO K 922 88.01 -90.38 -37.89
C PRO K 922 88.35 -91.42 -36.85
N VAL K 923 89.32 -92.27 -37.17
CA VAL K 923 89.75 -93.33 -36.27
C VAL K 923 90.97 -92.94 -35.46
N ALA K 924 91.93 -92.27 -36.08
CA ALA K 924 93.16 -91.87 -35.40
C ALA K 924 92.98 -90.49 -34.76
N ALA K 925 93.88 -90.18 -33.84
CA ALA K 925 93.86 -88.88 -33.20
C ALA K 925 94.16 -87.79 -34.22
N PRO K 926 93.53 -86.62 -34.07
CA PRO K 926 93.79 -85.54 -35.02
C PRO K 926 95.23 -85.06 -34.91
N PRO K 927 95.84 -84.66 -36.01
CA PRO K 927 97.20 -84.12 -35.95
C PRO K 927 97.21 -82.65 -35.57
N PHE K 928 98.36 -82.24 -35.03
CA PHE K 928 98.70 -80.86 -34.71
C PHE K 928 97.52 -80.06 -34.14
N VAL K 929 97.02 -80.49 -32.98
CA VAL K 929 96.02 -79.68 -32.29
C VAL K 929 96.57 -78.27 -32.06
N ARG K 930 95.67 -77.30 -31.96
CA ARG K 930 96.09 -75.91 -31.82
C ARG K 930 96.96 -75.75 -30.58
N GLY K 931 98.02 -74.95 -30.74
CA GLY K 931 98.98 -74.77 -29.68
C GLY K 931 100.04 -75.83 -29.59
N GLY K 932 100.01 -76.83 -30.46
CA GLY K 932 101.01 -77.87 -30.45
C GLY K 932 102.34 -77.37 -30.97
N PRO K 933 103.34 -78.24 -30.94
CA PRO K 933 104.68 -77.84 -31.39
C PRO K 933 104.67 -77.45 -32.85
N ASN K 934 105.40 -76.39 -33.17
CA ASN K 934 105.60 -75.94 -34.55
C ASN K 934 104.28 -75.70 -35.26
N VAL K 935 103.31 -75.15 -34.55
CA VAL K 935 102.01 -74.82 -35.13
C VAL K 935 101.86 -73.31 -35.09
N ARG K 936 101.63 -72.71 -36.25
CA ARG K 936 101.52 -71.27 -36.37
C ARG K 936 100.07 -70.89 -36.60
N VAL K 937 99.63 -69.83 -35.94
CA VAL K 937 98.27 -69.31 -36.09
C VAL K 937 98.33 -68.11 -37.00
N VAL K 938 97.48 -68.12 -38.04
CA VAL K 938 97.50 -67.04 -39.00
C VAL K 938 97.13 -65.72 -38.33
N GLY K 939 97.62 -64.62 -38.89
CA GLY K 939 97.38 -63.32 -38.32
C GLY K 939 95.93 -62.91 -38.39
N ARG K 940 95.63 -61.81 -37.70
CA ARG K 940 94.27 -61.30 -37.67
C ARG K 940 93.83 -60.78 -39.03
N PHE K 941 94.75 -60.22 -39.80
CA PHE K 941 94.42 -59.69 -41.12
C PHE K 941 94.49 -60.73 -42.22
N GLY K 942 95.32 -61.76 -42.06
CA GLY K 942 95.53 -62.71 -43.13
C GLY K 942 96.42 -62.20 -44.24
N THR K 943 97.15 -61.11 -44.02
CA THR K 943 97.99 -60.54 -45.05
C THR K 943 99.19 -61.43 -45.32
N ILE K 944 99.76 -61.26 -46.52
CA ILE K 944 100.92 -62.02 -46.97
C ILE K 944 101.93 -61.04 -47.53
N VAL K 945 103.20 -61.45 -47.52
CA VAL K 945 104.28 -60.59 -48.00
C VAL K 945 105.21 -61.36 -48.92
N PRO K 946 105.57 -60.80 -50.06
CA PRO K 946 106.50 -61.48 -50.96
C PRO K 946 107.94 -61.08 -50.71
N ARG K 947 108.85 -61.92 -51.20
CA ARG K 947 110.27 -61.68 -51.09
C ARG K 947 110.92 -61.74 -52.47
N PRO K 948 112.02 -61.02 -52.67
CA PRO K 948 112.62 -60.94 -54.01
C PRO K 948 113.66 -62.03 -54.26
N ASP K 949 113.84 -62.31 -55.55
CA ASP K 949 114.97 -63.11 -56.04
C ASP K 949 115.02 -64.49 -55.38
N GLY K 950 113.99 -65.27 -55.67
CA GLY K 950 113.96 -66.67 -55.28
C GLY K 950 113.31 -66.96 -53.94
N LEU K 951 113.50 -66.09 -52.96
CA LEU K 951 112.89 -66.31 -51.65
C LEU K 951 111.38 -66.32 -51.79
N GLU K 952 110.75 -67.36 -51.27
CA GLU K 952 109.32 -67.50 -51.44
C GLU K 952 108.58 -66.73 -50.37
N PRO K 953 107.33 -66.35 -50.63
CA PRO K 953 106.60 -65.46 -49.72
C PRO K 953 106.45 -66.04 -48.33
N GLN K 954 106.02 -65.17 -47.41
CA GLN K 954 105.82 -65.53 -46.03
C GLN K 954 104.48 -64.99 -45.55
N LEU K 955 103.95 -65.61 -44.50
CA LEU K 955 102.63 -65.31 -43.99
C LEU K 955 102.72 -64.70 -42.60
N ILE K 956 101.93 -63.67 -42.36
CA ILE K 956 101.94 -62.97 -41.08
C ILE K 956 101.12 -63.78 -40.08
N ASP K 957 101.73 -64.11 -38.94
CA ASP K 957 101.05 -64.88 -37.92
C ASP K 957 100.34 -63.93 -36.95
N ASP K 958 99.73 -64.51 -35.91
CA ASP K 958 99.11 -63.70 -34.88
C ASP K 958 100.12 -62.81 -34.17
N GLY K 959 101.38 -63.22 -34.14
CA GLY K 959 102.41 -62.41 -33.54
C GLY K 959 102.88 -61.25 -34.40
N ASN K 960 102.24 -61.03 -35.54
CA ASN K 960 102.58 -59.95 -36.44
C ASN K 960 104.02 -60.07 -36.93
N VAL K 961 104.46 -61.30 -37.14
CA VAL K 961 105.79 -61.55 -37.71
C VAL K 961 105.64 -62.58 -38.82
N PRO K 962 106.13 -62.30 -40.03
CA PRO K 962 105.96 -63.25 -41.13
C PRO K 962 106.63 -64.57 -40.83
N ARG K 963 105.98 -65.65 -41.26
CA ARG K 963 106.48 -67.00 -41.08
C ARG K 963 106.36 -67.76 -42.38
N ASP K 964 107.07 -68.88 -42.45
CA ASP K 964 107.07 -69.69 -43.66
C ASP K 964 105.75 -70.41 -43.83
N ILE K 965 105.46 -70.79 -45.08
CA ILE K 965 104.21 -71.44 -45.39
C ILE K 965 104.26 -72.93 -45.07
N ALA K 966 105.34 -73.58 -45.50
CA ALA K 966 105.45 -75.02 -45.30
C ALA K 966 105.37 -75.36 -43.83
N GLY K 967 104.52 -76.33 -43.50
CA GLY K 967 104.33 -76.71 -42.12
C GLY K 967 102.87 -76.83 -41.75
N ASP K 968 102.51 -76.43 -40.54
CA ASP K 968 101.15 -76.50 -40.05
C ASP K 968 100.63 -75.10 -39.75
N TRP K 969 99.33 -74.94 -39.88
CA TRP K 969 98.71 -73.63 -39.72
C TRP K 969 97.30 -73.79 -39.18
N VAL K 970 96.79 -72.71 -38.60
CA VAL K 970 95.45 -72.66 -38.05
C VAL K 970 94.74 -71.44 -38.61
N TYR K 971 93.60 -71.66 -39.25
CA TYR K 971 92.84 -70.59 -39.87
C TYR K 971 91.52 -70.40 -39.14
N PRO K 972 91.34 -69.33 -38.37
CA PRO K 972 89.99 -68.97 -37.95
C PRO K 972 89.12 -68.70 -39.16
N SER K 973 87.87 -69.15 -39.09
CA SER K 973 86.99 -69.02 -40.25
C SER K 973 86.81 -67.56 -40.64
N ASP K 974 86.75 -66.67 -39.65
CA ASP K 974 86.57 -65.25 -39.93
C ASP K 974 87.72 -64.72 -40.77
N VAL K 975 88.95 -65.07 -40.40
CA VAL K 975 90.10 -64.65 -41.20
C VAL K 975 89.98 -65.18 -42.62
N LEU K 976 89.53 -66.41 -42.76
CA LEU K 976 89.39 -66.99 -44.08
C LEU K 976 88.38 -66.21 -44.91
N GLN K 977 87.27 -65.80 -44.30
CA GLN K 977 86.22 -65.13 -45.05
C GLN K 977 86.68 -63.80 -45.65
N VAL K 978 87.72 -63.18 -45.10
CA VAL K 978 88.21 -61.91 -45.60
C VAL K 978 89.49 -62.04 -46.38
N SER K 979 90.01 -63.26 -46.52
CA SER K 979 91.28 -63.44 -47.23
C SER K 979 91.31 -64.69 -48.09
N VAL K 980 90.16 -65.23 -48.48
CA VAL K 980 90.17 -66.50 -49.20
C VAL K 980 90.96 -66.38 -50.50
N ALA K 981 90.99 -65.19 -51.09
CA ALA K 981 91.67 -65.02 -52.36
C ALA K 981 93.14 -65.37 -52.25
N VAL K 982 93.84 -64.78 -51.28
CA VAL K 982 95.25 -65.08 -51.14
C VAL K 982 95.44 -66.54 -50.71
N PHE K 983 94.53 -67.05 -49.89
CA PHE K 983 94.65 -68.43 -49.43
C PHE K 983 94.67 -69.39 -50.61
N CYS K 984 93.70 -69.27 -51.50
CA CYS K 984 93.62 -70.21 -52.61
C CYS K 984 94.65 -69.97 -53.64
N ASP K 985 95.56 -69.02 -53.43
CA ASP K 985 96.63 -68.76 -54.38
C ASP K 985 98.02 -69.03 -53.84
N TYR K 986 98.19 -69.07 -52.55
CA TYR K 986 99.50 -69.38 -52.01
C TYR K 986 99.49 -70.56 -51.06
N VAL K 987 98.52 -70.63 -50.17
CA VAL K 987 98.47 -71.72 -49.21
C VAL K 987 97.92 -72.98 -49.88
N TRP K 988 96.76 -72.86 -50.51
CA TRP K 988 96.09 -74.02 -51.09
C TRP K 988 96.97 -74.81 -52.04
N PRO K 989 97.68 -74.20 -52.99
CA PRO K 989 98.54 -75.03 -53.85
C PRO K 989 99.60 -75.79 -53.06
N MET K 990 100.17 -75.16 -52.05
CA MET K 990 101.18 -75.85 -51.25
C MET K 990 100.57 -77.03 -50.51
N VAL K 991 99.30 -76.94 -50.15
CA VAL K 991 98.61 -78.08 -49.56
C VAL K 991 98.53 -79.22 -50.57
N LYS K 992 98.09 -78.91 -51.79
CA LYS K 992 97.98 -79.93 -52.82
C LYS K 992 99.33 -80.57 -53.11
N ALA K 993 100.41 -79.86 -52.84
CA ALA K 993 101.73 -80.45 -52.93
C ALA K 993 102.04 -81.39 -51.78
N GLY K 994 101.18 -81.45 -50.78
CA GLY K 994 101.46 -82.26 -49.61
C GLY K 994 102.65 -81.79 -48.83
N ARG K 995 102.86 -80.48 -48.75
CA ARG K 995 103.95 -79.93 -47.99
C ARG K 995 103.48 -79.03 -46.86
N THR K 996 102.17 -78.88 -46.67
CA THR K 996 101.64 -78.12 -45.56
C THR K 996 100.25 -78.62 -45.23
N ARG K 997 99.90 -78.53 -43.95
CA ARG K 997 98.62 -79.00 -43.45
C ARG K 997 97.91 -77.86 -42.75
N VAL K 998 96.61 -77.73 -43.03
CA VAL K 998 95.83 -76.58 -42.58
C VAL K 998 94.69 -77.07 -41.70
N LEU K 999 94.42 -76.32 -40.63
CA LEU K 999 93.29 -76.56 -39.77
C LEU K 999 92.40 -75.33 -39.80
N VAL K 1000 91.12 -75.53 -40.10
CA VAL K 1000 90.15 -74.45 -40.15
C VAL K 1000 89.29 -74.54 -38.91
N GLU K 1001 89.25 -73.45 -38.15
CA GLU K 1001 88.53 -73.42 -36.87
C GLU K 1001 87.15 -72.83 -37.07
N LEU K 1002 86.13 -73.61 -36.72
CA LEU K 1002 84.75 -73.13 -36.70
C LEU K 1002 83.96 -74.11 -35.83
N GLY K 1003 83.34 -73.61 -34.78
CA GLY K 1003 82.75 -74.49 -33.79
C GLY K 1003 81.70 -75.43 -34.34
N HIS K 1004 80.72 -74.88 -35.05
CA HIS K 1004 79.66 -75.67 -35.65
C HIS K 1004 79.37 -75.13 -37.02
N TYR K 1005 78.80 -75.98 -37.87
CA TYR K 1005 78.57 -75.63 -39.26
C TYR K 1005 77.60 -76.64 -39.86
N VAL K 1006 77.29 -76.44 -41.14
CA VAL K 1006 76.39 -77.29 -41.89
C VAL K 1006 77.20 -78.08 -42.90
N TYR K 1007 77.04 -79.40 -42.88
CA TYR K 1007 77.84 -80.27 -43.73
C TYR K 1007 77.00 -80.81 -44.87
N THR K 1008 77.70 -81.29 -45.90
CA THR K 1008 77.07 -81.90 -47.05
C THR K 1008 77.93 -83.08 -47.49
N LEU K 1009 77.28 -84.13 -47.98
CA LEU K 1009 77.95 -85.36 -48.36
C LEU K 1009 77.79 -85.60 -49.85
N HIS K 1010 78.80 -86.23 -50.45
CA HIS K 1010 78.77 -86.59 -51.86
C HIS K 1010 79.37 -87.98 -51.99
N TYR K 1011 78.50 -88.98 -52.12
CA TYR K 1011 78.98 -90.35 -52.23
C TYR K 1011 79.54 -90.62 -53.62
N TYR K 1012 80.32 -91.69 -53.73
CA TYR K 1012 80.98 -92.00 -54.99
C TYR K 1012 81.29 -93.49 -55.03
N ASP K 1013 81.56 -93.97 -56.24
CA ASP K 1013 81.95 -95.36 -56.43
C ASP K 1013 83.40 -95.54 -56.04
N PRO K 1014 83.72 -96.45 -55.11
CA PRO K 1014 85.11 -96.67 -54.72
C PRO K 1014 85.93 -97.50 -55.70
N GLN K 1015 85.42 -97.74 -56.91
CA GLN K 1015 86.13 -98.58 -57.89
C GLN K 1015 86.83 -97.79 -58.97
N ILE K 1016 86.53 -96.49 -59.09
CA ILE K 1016 87.06 -95.69 -60.17
C ILE K 1016 87.88 -94.56 -59.59
N SER K 1017 88.74 -93.99 -60.42
CA SER K 1017 89.62 -92.92 -59.97
C SER K 1017 88.79 -91.70 -59.57
N LEU K 1018 89.29 -90.96 -58.59
CA LEU K 1018 88.58 -89.79 -58.10
C LEU K 1018 89.55 -88.85 -57.41
N ASP K 1019 89.39 -87.56 -57.66
CA ASP K 1019 90.15 -86.53 -56.97
C ASP K 1019 89.17 -85.56 -56.33
N GLU K 1020 89.35 -85.29 -55.04
CA GLU K 1020 88.45 -84.41 -54.33
C GLU K 1020 88.78 -82.94 -54.51
N ALA K 1021 89.97 -82.63 -55.03
CA ALA K 1021 90.40 -81.24 -55.13
C ALA K 1021 89.41 -80.33 -55.84
N PRO K 1022 88.84 -80.69 -57.00
CA PRO K 1022 87.93 -79.74 -57.66
C PRO K 1022 86.76 -79.34 -56.78
N ILE K 1023 86.24 -80.27 -55.99
CA ILE K 1023 85.10 -79.95 -55.14
C ILE K 1023 85.48 -78.91 -54.11
N LEU K 1024 86.63 -79.08 -53.47
CA LEU K 1024 87.07 -78.12 -52.46
C LEU K 1024 87.32 -76.77 -53.07
N GLU K 1025 87.99 -76.73 -54.22
CA GLU K 1025 88.25 -75.46 -54.88
C GLU K 1025 86.95 -74.77 -55.23
N GLU K 1026 85.97 -75.52 -55.73
CA GLU K 1026 84.66 -74.95 -55.99
C GLU K 1026 84.04 -74.44 -54.70
N TRP K 1027 84.23 -75.16 -53.60
CA TRP K 1027 83.72 -74.69 -52.32
C TRP K 1027 84.39 -73.39 -51.91
N LEU K 1028 85.71 -73.31 -52.10
CA LEU K 1028 86.42 -72.10 -51.72
C LEU K 1028 85.94 -70.90 -52.51
N SER K 1029 85.62 -71.11 -53.79
CA SER K 1029 85.30 -70.00 -54.67
C SER K 1029 84.04 -69.25 -54.26
N LYS K 1030 83.23 -69.82 -53.37
CA LYS K 1030 81.97 -69.21 -52.97
C LYS K 1030 81.98 -68.73 -51.53
N ILE K 1031 83.14 -68.31 -51.03
CA ILE K 1031 83.25 -67.81 -49.67
C ILE K 1031 83.32 -66.29 -49.73
N ASN K 1032 82.39 -65.64 -49.04
CA ASN K 1032 82.30 -64.20 -48.97
C ASN K 1032 82.77 -63.71 -47.62
N PRO K 1033 82.98 -62.40 -47.49
CA PRO K 1033 83.04 -61.81 -46.14
C PRO K 1033 81.73 -61.96 -45.40
N ALA K 1034 80.63 -62.23 -46.10
CA ALA K 1034 79.33 -62.34 -45.49
C ALA K 1034 79.06 -63.75 -44.97
N GLY K 1035 79.07 -64.74 -45.85
CA GLY K 1035 78.70 -66.09 -45.46
C GLY K 1035 79.46 -67.12 -46.28
N ILE K 1036 79.24 -68.38 -45.93
CA ILE K 1036 79.95 -69.49 -46.57
C ILE K 1036 78.94 -70.57 -46.90
N PRO K 1037 79.24 -71.40 -47.90
CA PRO K 1037 78.38 -72.53 -48.22
C PRO K 1037 78.65 -73.69 -47.28
N PRO K 1038 77.78 -74.69 -47.24
CA PRO K 1038 78.00 -75.82 -46.35
C PRO K 1038 79.25 -76.59 -46.71
N VAL K 1039 79.84 -77.24 -45.72
CA VAL K 1039 81.08 -77.97 -45.92
C VAL K 1039 80.78 -79.27 -46.65
N PRO K 1040 81.51 -79.60 -47.71
CA PRO K 1040 81.30 -80.86 -48.41
C PRO K 1040 82.18 -81.98 -47.90
N PHE K 1041 81.78 -83.21 -48.24
CA PHE K 1041 82.57 -84.39 -47.95
C PHE K 1041 82.29 -85.44 -49.02
N CYS K 1042 83.29 -86.29 -49.27
CA CYS K 1042 83.16 -87.40 -50.19
C CYS K 1042 83.29 -88.71 -49.43
N ILE K 1043 82.34 -89.62 -49.65
CA ILE K 1043 82.32 -90.88 -48.93
C ILE K 1043 82.14 -92.02 -49.92
N PRO K 1044 83.00 -93.04 -49.90
CA PRO K 1044 82.81 -94.18 -50.78
C PRO K 1044 81.57 -94.98 -50.39
N ILE K 1045 80.88 -95.49 -51.39
CA ILE K 1045 79.67 -96.27 -51.16
C ILE K 1045 80.06 -97.69 -50.76
N PRO K 1046 79.58 -98.20 -49.64
CA PRO K 1046 79.98 -99.54 -49.21
C PRO K 1046 79.54 -100.60 -50.21
N GLN K 1047 80.31 -101.68 -50.28
CA GLN K 1047 80.11 -102.72 -51.26
C GLN K 1047 79.91 -104.07 -50.59
N VAL K 1048 79.12 -104.92 -51.23
CA VAL K 1048 78.82 -106.25 -50.68
C VAL K 1048 79.87 -107.28 -51.01
N TYR K 1049 80.77 -106.98 -51.95
CA TYR K 1049 81.76 -107.96 -52.39
C TYR K 1049 83.14 -107.35 -52.32
N PRO K 1050 84.16 -108.17 -52.10
CA PRO K 1050 85.52 -107.61 -52.04
C PRO K 1050 85.96 -107.12 -53.40
N CYS K 1051 86.04 -105.80 -53.54
CA CYS K 1051 86.37 -105.18 -54.80
C CYS K 1051 87.84 -104.80 -54.84
N ILE K 1052 88.26 -104.27 -55.99
CA ILE K 1052 89.62 -103.76 -56.15
C ILE K 1052 89.53 -102.25 -56.29
N THR K 1053 89.68 -101.53 -55.18
CA THR K 1053 89.49 -100.10 -55.19
C THR K 1053 90.61 -99.40 -55.94
N ALA K 1054 90.31 -98.21 -56.42
CA ALA K 1054 91.31 -97.35 -57.04
C ALA K 1054 91.88 -96.39 -56.01
N ARG K 1055 93.15 -96.03 -56.21
CA ARG K 1055 93.79 -95.09 -55.30
C ARG K 1055 93.17 -93.71 -55.47
N ARG K 1056 92.80 -93.10 -54.36
CA ARG K 1056 92.09 -91.82 -54.36
C ARG K 1056 92.82 -90.84 -53.45
N VAL K 1057 92.58 -89.56 -53.69
CA VAL K 1057 93.15 -88.48 -52.90
C VAL K 1057 92.02 -87.72 -52.22
N HIS K 1058 92.14 -87.56 -50.90
CA HIS K 1058 91.15 -86.84 -50.12
C HIS K 1058 91.83 -85.75 -49.31
N TYR K 1059 91.05 -84.76 -48.95
CA TYR K 1059 91.60 -83.64 -48.19
C TYR K 1059 90.82 -83.32 -46.93
N ALA K 1060 89.50 -83.48 -46.94
CA ALA K 1060 88.65 -82.98 -45.86
C ALA K 1060 88.24 -84.11 -44.93
N PHE K 1061 88.35 -83.87 -43.64
CA PHE K 1061 87.83 -84.77 -42.63
C PHE K 1061 87.70 -84.02 -41.32
N THR K 1062 86.70 -84.39 -40.53
CA THR K 1062 86.38 -83.67 -39.32
C THR K 1062 87.37 -84.00 -38.21
N SER K 1063 87.18 -83.33 -37.07
CA SER K 1063 88.00 -83.59 -35.89
C SER K 1063 87.29 -84.44 -34.86
N GLU K 1064 85.97 -84.46 -34.85
CA GLU K 1064 85.18 -85.26 -33.92
C GLU K 1064 84.41 -86.32 -34.69
N ASN K 1065 83.55 -87.04 -33.98
CA ASN K 1065 82.73 -88.10 -34.58
C ASN K 1065 81.33 -87.54 -34.83
N ASN K 1066 81.18 -86.88 -35.97
CA ASN K 1066 79.88 -86.34 -36.37
C ASN K 1066 79.19 -87.33 -37.30
N ASN K 1067 78.85 -88.49 -36.74
CA ASN K 1067 78.31 -89.59 -37.53
C ASN K 1067 77.03 -90.15 -36.93
N ASP K 1068 76.33 -89.38 -36.11
CA ASP K 1068 75.19 -89.92 -35.37
C ASP K 1068 73.96 -90.12 -36.24
N SER K 1069 73.88 -89.44 -37.39
CA SER K 1069 72.69 -89.56 -38.22
C SER K 1069 72.72 -90.79 -39.12
N LEU K 1070 73.79 -91.56 -39.09
CA LEU K 1070 73.87 -92.76 -39.90
C LEU K 1070 73.06 -93.88 -39.26
N PHE K 1071 72.17 -94.48 -40.05
CA PHE K 1071 71.30 -95.52 -39.51
C PHE K 1071 71.86 -96.92 -39.76
N SER K 1072 72.11 -97.26 -41.02
CA SER K 1072 72.63 -98.57 -41.37
C SER K 1072 73.16 -98.52 -42.79
N THR K 1073 73.94 -99.53 -43.16
CA THR K 1073 74.56 -99.60 -44.47
C THR K 1073 74.19 -100.92 -45.15
N ASN K 1074 73.81 -100.82 -46.42
CA ASN K 1074 73.41 -101.95 -47.26
C ASN K 1074 72.59 -102.95 -46.46
N ALA K 1075 71.49 -102.44 -45.90
CA ALA K 1075 70.66 -103.24 -45.01
C ALA K 1075 70.03 -104.43 -45.73
N ALA K 1076 69.77 -104.29 -47.02
CA ALA K 1076 69.11 -105.36 -47.77
C ALA K 1076 70.05 -106.48 -48.16
N SER K 1077 71.32 -106.39 -47.79
CA SER K 1077 72.31 -107.38 -48.17
C SER K 1077 72.63 -108.29 -47.00
N ILE K 1078 73.43 -109.31 -47.28
CA ILE K 1078 73.81 -110.27 -46.25
C ILE K 1078 75.04 -109.83 -45.47
N ASP K 1079 75.83 -108.90 -46.00
CA ASP K 1079 77.04 -108.47 -45.33
C ASP K 1079 77.60 -107.25 -46.06
N THR K 1080 78.60 -106.63 -45.44
CA THR K 1080 79.38 -105.57 -46.08
C THR K 1080 80.81 -106.05 -46.18
N ALA K 1081 81.34 -106.07 -47.40
CA ALA K 1081 82.68 -106.63 -47.61
C ALA K 1081 83.77 -105.59 -47.40
N PHE K 1082 83.74 -104.51 -48.17
CA PHE K 1082 84.81 -103.53 -48.15
C PHE K 1082 84.45 -102.24 -47.43
N GLY K 1083 83.31 -101.64 -47.78
CA GLY K 1083 83.00 -100.31 -47.31
C GLY K 1083 82.77 -100.25 -45.81
N GLU K 1084 82.33 -99.08 -45.38
CA GLU K 1084 82.03 -98.84 -43.97
C GLU K 1084 80.86 -99.73 -43.55
N ASN K 1085 81.11 -100.63 -42.62
CA ASN K 1085 80.11 -101.59 -42.17
C ASN K 1085 79.48 -101.11 -40.87
N ALA K 1086 78.18 -100.83 -40.92
CA ALA K 1086 77.43 -100.42 -39.75
C ALA K 1086 76.14 -101.21 -39.68
N ALA K 1087 75.74 -101.56 -38.46
CA ALA K 1087 74.50 -102.29 -38.23
C ALA K 1087 73.61 -101.48 -37.31
N VAL K 1088 72.31 -101.79 -37.35
CA VAL K 1088 71.35 -101.06 -36.55
C VAL K 1088 71.69 -101.20 -35.08
N SER K 1089 71.77 -100.08 -34.39
CA SER K 1089 72.21 -100.09 -33.00
C SER K 1089 71.06 -100.49 -32.08
N PRO K 1090 71.31 -101.40 -31.15
CA PRO K 1090 70.32 -101.66 -30.10
C PRO K 1090 70.21 -100.52 -29.11
N LEU K 1091 71.11 -99.54 -29.15
CA LEU K 1091 71.07 -98.46 -28.18
C LEU K 1091 69.79 -97.65 -28.30
N ARG K 1092 69.39 -97.32 -29.53
CA ARG K 1092 68.06 -96.79 -29.70
C ARG K 1092 67.05 -97.92 -29.53
N TRP K 1093 65.77 -97.54 -29.40
CA TRP K 1093 64.62 -98.42 -29.18
C TRP K 1093 64.96 -99.68 -28.40
N PRO K 1094 65.43 -99.58 -27.17
CA PRO K 1094 65.54 -100.77 -26.32
C PRO K 1094 64.19 -101.39 -26.04
N GLY K 1095 63.13 -100.58 -26.04
CA GLY K 1095 61.80 -101.11 -25.76
C GLY K 1095 61.35 -102.12 -26.78
N LEU K 1096 62.02 -102.20 -27.92
CA LEU K 1096 61.72 -103.23 -28.91
C LEU K 1096 62.56 -104.47 -28.75
N VAL K 1097 63.77 -104.35 -28.20
CA VAL K 1097 64.70 -105.47 -28.18
C VAL K 1097 65.28 -105.76 -26.81
N ASP K 1098 65.26 -104.84 -25.86
CA ASP K 1098 65.95 -105.07 -24.59
C ASP K 1098 65.12 -105.97 -23.69
N PRO K 1099 65.65 -107.10 -23.23
CA PRO K 1099 64.93 -107.90 -22.23
C PRO K 1099 64.69 -107.15 -20.93
N ASN K 1100 65.60 -106.25 -20.55
CA ASN K 1100 65.53 -105.57 -19.28
C ASN K 1100 64.76 -104.26 -19.34
N TYR K 1101 64.17 -103.95 -20.49
CA TYR K 1101 63.43 -102.71 -20.63
C TYR K 1101 62.23 -102.71 -19.71
N ARG K 1102 62.01 -101.60 -19.02
CA ARG K 1102 60.82 -101.38 -18.21
C ARG K 1102 59.97 -100.29 -18.83
N VAL K 1103 58.67 -100.51 -18.88
CA VAL K 1103 57.76 -99.52 -19.42
C VAL K 1103 57.85 -98.25 -18.58
N GLY K 1104 57.92 -97.11 -19.26
CA GLY K 1104 57.99 -95.83 -18.59
C GLY K 1104 59.36 -95.23 -18.45
N THR K 1105 60.33 -95.68 -19.23
CA THR K 1105 61.70 -95.19 -19.15
C THR K 1105 62.12 -94.60 -20.49
N ASN K 1106 63.12 -93.72 -20.44
CA ASN K 1106 63.65 -93.12 -21.66
C ASN K 1106 65.02 -92.54 -21.35
N ASP K 1107 65.74 -92.17 -22.41
CA ASP K 1107 67.05 -91.53 -22.31
C ASP K 1107 66.99 -90.10 -22.86
N LEU K 1108 65.88 -89.41 -22.62
CA LEU K 1108 65.54 -88.23 -23.39
C LEU K 1108 66.62 -87.16 -23.44
N PRO K 1109 67.19 -86.71 -22.33
CA PRO K 1109 68.16 -85.60 -22.43
C PRO K 1109 69.41 -85.96 -23.18
N ASN K 1110 69.70 -87.25 -23.36
CA ASN K 1110 70.95 -87.68 -23.96
C ASN K 1110 70.80 -88.43 -25.26
N ARG K 1111 69.72 -89.17 -25.44
CA ARG K 1111 69.56 -89.99 -26.64
C ARG K 1111 68.08 -90.15 -26.96
N ILE K 1112 67.75 -90.06 -28.23
CA ILE K 1112 66.38 -90.26 -28.68
C ILE K 1112 66.18 -91.73 -29.03
N THR K 1113 65.18 -92.34 -28.43
CA THR K 1113 64.73 -93.67 -28.82
C THR K 1113 63.54 -93.55 -29.75
N LEU K 1114 63.27 -94.62 -30.48
CA LEU K 1114 62.31 -94.56 -31.59
C LEU K 1114 61.15 -95.54 -31.44
N TYR K 1115 60.99 -96.17 -30.30
CA TYR K 1115 59.90 -97.13 -30.12
C TYR K 1115 59.56 -97.18 -28.64
N ASN K 1116 58.51 -96.46 -28.26
CA ASN K 1116 58.18 -96.27 -26.86
C ASN K 1116 56.71 -96.62 -26.63
N SER K 1117 56.28 -96.50 -25.39
CA SER K 1117 54.89 -96.69 -25.00
C SER K 1117 54.31 -95.32 -24.65
N LEU K 1118 53.10 -95.06 -25.13
CA LEU K 1118 52.49 -93.76 -24.96
C LEU K 1118 50.99 -93.92 -24.72
N TYR K 1119 50.40 -92.88 -24.18
CA TYR K 1119 48.96 -92.82 -23.97
C TYR K 1119 48.28 -92.13 -25.15
N ARG K 1120 47.05 -92.52 -25.41
CA ARG K 1120 46.23 -91.87 -26.43
C ARG K 1120 44.87 -91.55 -25.82
N TYR K 1121 44.37 -90.35 -26.10
CA TYR K 1121 43.20 -89.82 -25.43
C TYR K 1121 41.99 -89.81 -26.35
N ASN K 1122 40.83 -89.66 -25.74
CA ASN K 1122 39.55 -89.73 -26.45
C ASN K 1122 38.60 -88.67 -25.93
N PHE K 1123 39.07 -87.44 -25.79
CA PHE K 1123 38.28 -86.40 -25.16
C PHE K 1123 37.06 -86.04 -26.00
N THR K 1124 36.12 -85.38 -25.34
CA THR K 1124 34.98 -84.75 -25.98
C THR K 1124 34.86 -83.33 -25.47
N TYR K 1125 34.29 -82.46 -26.29
CA TYR K 1125 34.30 -81.01 -26.05
C TYR K 1125 32.87 -80.49 -26.05
N PRO K 1126 32.14 -80.68 -24.95
CA PRO K 1126 30.79 -80.15 -24.88
C PRO K 1126 30.79 -78.64 -24.91
N THR K 1127 29.73 -78.08 -25.47
CA THR K 1127 29.54 -76.64 -25.45
C THR K 1127 28.84 -76.24 -24.17
N LEU K 1128 28.81 -74.93 -23.91
CA LEU K 1128 28.23 -74.42 -22.67
C LEU K 1128 26.79 -74.88 -22.51
N ASP K 1129 26.04 -74.92 -23.62
CA ASP K 1129 24.65 -75.36 -23.55
C ASP K 1129 24.56 -76.80 -23.05
N GLY K 1130 25.41 -77.67 -23.56
CA GLY K 1130 25.37 -79.05 -23.16
C GLY K 1130 25.82 -79.32 -21.74
N ILE K 1131 26.10 -78.27 -20.97
CA ILE K 1131 26.65 -78.42 -19.64
C ILE K 1131 25.60 -78.17 -18.57
N MET K 1132 24.87 -77.06 -18.66
CA MET K 1132 24.30 -76.47 -17.46
C MET K 1132 22.86 -76.02 -17.64
N TYR K 1133 22.03 -76.86 -18.27
CA TYR K 1133 20.57 -76.65 -18.25
C TYR K 1133 20.16 -75.26 -18.74
N VAL K 1134 21.02 -74.54 -19.46
CA VAL K 1134 20.69 -73.17 -19.81
C VAL K 1134 19.65 -73.20 -20.93
N ARG K 1135 18.43 -72.78 -20.62
CA ARG K 1135 17.36 -72.76 -21.60
C ARG K 1135 16.44 -71.58 -21.32
N SER K 1136 15.61 -71.26 -22.31
CA SER K 1136 14.40 -70.53 -22.01
C SER K 1136 13.63 -71.30 -20.95
N ALA K 1137 13.40 -70.64 -19.82
CA ALA K 1137 13.03 -71.32 -18.58
C ALA K 1137 14.15 -72.29 -18.19
N ASP L 1 124.74 -82.26 -96.24
CA ASP L 1 124.61 -83.62 -96.77
C ASP L 1 124.21 -84.60 -95.67
N ILE L 2 123.00 -85.15 -95.77
CA ILE L 2 122.44 -86.06 -94.77
C ILE L 2 122.02 -87.35 -95.47
N ILE L 3 122.14 -88.46 -94.75
CA ILE L 3 121.89 -89.79 -95.30
C ILE L 3 120.96 -90.55 -94.37
N THR L 4 120.03 -91.31 -94.95
CA THR L 4 119.23 -92.29 -94.21
C THR L 4 119.09 -93.54 -95.07
N ARG L 5 120.03 -94.47 -94.92
CA ARG L 5 119.87 -95.78 -95.52
C ARG L 5 118.77 -96.51 -94.75
N PRO L 6 117.57 -96.69 -95.29
CA PRO L 6 116.50 -97.31 -94.52
C PRO L 6 116.85 -98.75 -94.18
N THR L 7 116.41 -99.19 -93.00
CA THR L 7 116.75 -100.51 -92.51
C THR L 7 116.04 -101.58 -93.32
N SER L 8 116.52 -102.81 -93.18
CA SER L 8 115.92 -103.94 -93.89
C SER L 8 114.49 -104.14 -93.42
N ASP L 9 113.61 -104.49 -94.37
CA ASP L 9 112.22 -104.70 -94.04
C ASP L 9 112.04 -105.81 -93.01
N SER L 10 112.97 -106.76 -92.97
CA SER L 10 112.92 -107.79 -91.93
C SER L 10 112.95 -107.17 -90.55
N ILE L 11 113.93 -106.30 -90.30
CA ILE L 11 114.04 -105.66 -89.00
C ILE L 11 112.84 -104.79 -88.73
N ALA L 12 112.36 -104.08 -89.75
CA ALA L 12 111.18 -103.23 -89.57
C ALA L 12 109.97 -104.06 -89.18
N ALA L 13 109.81 -105.23 -89.79
CA ALA L 13 108.67 -106.08 -89.48
C ALA L 13 108.69 -106.50 -88.02
N VAL L 14 109.85 -106.93 -87.54
CA VAL L 14 109.95 -107.37 -86.15
C VAL L 14 109.66 -106.20 -85.21
N ALA L 15 110.24 -105.05 -85.50
CA ALA L 15 110.06 -103.89 -84.63
C ALA L 15 108.60 -103.50 -84.53
N ASN L 16 107.94 -103.36 -85.69
CA ASN L 16 106.55 -102.92 -85.68
C ASN L 16 105.63 -103.94 -85.04
N ALA L 17 106.03 -105.21 -84.99
CA ALA L 17 105.20 -106.21 -84.35
C ALA L 17 105.16 -106.04 -82.83
N THR L 18 106.12 -105.32 -82.26
CA THR L 18 106.20 -105.13 -80.81
C THR L 18 106.11 -103.64 -80.54
N LYS L 19 104.87 -103.14 -80.41
CA LYS L 19 104.63 -101.74 -80.12
C LYS L 19 103.36 -101.60 -79.30
N PRO L 20 103.44 -101.88 -78.00
CA PRO L 20 102.26 -101.72 -77.15
C PRO L 20 101.84 -100.28 -77.07
N ALA L 21 100.55 -100.06 -76.82
CA ALA L 21 100.03 -98.71 -76.71
C ALA L 21 100.66 -98.00 -75.54
N ALA L 22 101.03 -96.73 -75.75
CA ALA L 22 101.65 -95.94 -74.71
C ALA L 22 100.65 -95.26 -73.79
N VAL L 23 99.41 -95.09 -74.24
CA VAL L 23 98.37 -94.47 -73.43
C VAL L 23 97.09 -95.28 -73.54
N VAL L 24 96.75 -96.00 -72.48
CA VAL L 24 95.53 -96.80 -72.45
C VAL L 24 94.56 -96.15 -71.47
N SER L 25 93.31 -96.52 -71.61
CA SER L 25 92.23 -95.96 -70.79
C SER L 25 91.73 -97.04 -69.84
N ASP L 26 91.95 -96.85 -68.55
CA ASP L 26 91.40 -97.73 -67.54
C ASP L 26 90.81 -96.90 -66.42
N PRO L 27 89.72 -97.36 -65.80
CA PRO L 27 89.05 -96.55 -64.77
C PRO L 27 89.89 -96.33 -63.53
N GLN L 28 90.88 -97.18 -63.28
CA GLN L 28 91.66 -97.12 -62.05
C GLN L 28 93.07 -96.69 -62.41
N SER L 29 93.29 -95.38 -62.42
CA SER L 29 94.57 -94.86 -62.89
C SER L 29 95.16 -93.79 -61.97
N MET L 30 94.61 -93.58 -60.77
CA MET L 30 95.16 -92.65 -59.79
C MET L 30 95.26 -91.25 -60.39
N LYS L 31 94.11 -90.68 -60.71
CA LYS L 31 94.08 -89.36 -61.31
C LYS L 31 94.44 -88.30 -60.26
N VAL L 32 95.23 -87.32 -60.68
CA VAL L 32 95.67 -86.23 -59.82
C VAL L 32 95.54 -84.92 -60.58
N THR L 33 94.87 -83.96 -59.96
CA THR L 33 94.70 -82.65 -60.57
C THR L 33 96.00 -81.85 -60.49
N PRO L 34 96.15 -80.84 -61.35
CA PRO L 34 97.38 -80.04 -61.31
C PRO L 34 97.55 -79.32 -60.00
N ILE L 35 98.82 -79.11 -59.61
CA ILE L 35 99.12 -78.44 -58.36
C ILE L 35 98.71 -76.97 -58.43
N VAL L 36 99.12 -76.28 -59.49
CA VAL L 36 98.83 -74.87 -59.67
C VAL L 36 97.70 -74.73 -60.67
N ASN L 37 96.77 -73.82 -60.39
CA ASN L 37 95.62 -73.65 -61.26
C ASN L 37 96.09 -73.14 -62.62
N PRO L 38 95.83 -73.88 -63.70
CA PRO L 38 96.27 -73.44 -65.03
C PRO L 38 95.28 -72.53 -65.73
N SER L 39 94.09 -72.34 -65.17
CA SER L 39 93.04 -71.60 -65.86
C SER L 39 93.18 -70.09 -65.72
N SER L 40 94.01 -69.62 -64.80
CA SER L 40 94.14 -68.18 -64.58
C SER L 40 95.53 -67.86 -64.08
N TYR L 41 96.17 -66.89 -64.73
CA TYR L 41 97.51 -66.44 -64.36
C TYR L 41 97.43 -65.05 -63.76
N VAL L 42 98.13 -64.85 -62.65
CA VAL L 42 98.03 -63.63 -61.86
C VAL L 42 99.41 -62.99 -61.75
N CYS L 43 99.47 -61.69 -62.03
CA CYS L 43 100.71 -60.95 -61.82
C CYS L 43 101.08 -60.96 -60.34
N ASN L 44 102.37 -61.12 -60.06
CA ASN L 44 102.79 -61.28 -58.68
C ASN L 44 103.16 -59.96 -58.00
N VAL L 45 103.15 -58.85 -58.71
CA VAL L 45 103.46 -57.57 -58.10
C VAL L 45 102.24 -56.65 -58.03
N CYS L 46 101.25 -56.82 -58.89
CA CYS L 46 100.01 -56.07 -58.80
C CYS L 46 98.79 -56.95 -58.60
N ASN L 47 98.95 -58.26 -58.63
CA ASN L 47 97.88 -59.25 -58.42
C ASN L 47 96.77 -59.17 -59.44
N ALA L 48 96.95 -58.44 -60.53
CA ALA L 48 96.01 -58.52 -61.63
C ALA L 48 96.17 -59.86 -62.32
N ARG L 49 95.05 -60.52 -62.61
CA ARG L 49 95.08 -61.84 -63.19
C ARG L 49 94.60 -61.81 -64.64
N PHE L 50 94.98 -62.84 -65.38
CA PHE L 50 94.74 -62.89 -66.81
C PHE L 50 94.39 -64.31 -67.23
N SER L 51 93.73 -64.42 -68.38
CA SER L 51 93.31 -65.71 -68.90
C SER L 51 94.43 -66.46 -69.62
N THR L 52 95.42 -65.75 -70.15
CA THR L 52 96.47 -66.37 -70.93
C THR L 52 97.84 -65.90 -70.43
N MET L 53 98.84 -66.75 -70.62
CA MET L 53 100.19 -66.39 -70.23
C MET L 53 100.69 -65.19 -71.02
N SER L 54 100.40 -65.15 -72.33
CA SER L 54 100.90 -64.08 -73.17
C SER L 54 100.43 -62.73 -72.66
N ALA L 55 99.14 -62.63 -72.32
CA ALA L 55 98.61 -61.38 -71.79
C ALA L 55 99.33 -60.98 -70.51
N LEU L 56 99.53 -61.93 -69.60
CA LEU L 56 100.24 -61.63 -68.37
C LEU L 56 101.66 -61.19 -68.65
N SER L 57 102.35 -61.91 -69.54
CA SER L 57 103.73 -61.58 -69.84
C SER L 57 103.84 -60.17 -70.41
N GLU L 58 102.93 -59.81 -71.31
CA GLU L 58 102.94 -58.46 -71.85
C GLU L 58 102.66 -57.43 -70.75
N HIS L 59 101.72 -57.73 -69.87
CA HIS L 59 101.36 -56.79 -68.82
C HIS L 59 102.56 -56.49 -67.93
N LEU L 60 103.19 -57.54 -67.39
CA LEU L 60 104.33 -57.32 -66.52
C LEU L 60 105.48 -56.67 -67.27
N ARG L 61 105.62 -56.98 -68.55
CA ARG L 61 106.69 -56.38 -69.35
C ARG L 61 106.47 -54.89 -69.53
N SER L 62 105.21 -54.47 -69.68
CA SER L 62 104.88 -53.07 -69.92
C SER L 62 104.40 -52.36 -68.66
N ASP L 63 103.39 -52.93 -67.97
CA ASP L 63 102.86 -52.29 -66.78
C ASP L 63 103.89 -52.22 -65.67
N HIS L 64 104.82 -53.15 -65.63
CA HIS L 64 105.85 -53.19 -64.60
C HIS L 64 107.23 -53.18 -65.22
N ARG L 65 107.44 -52.38 -66.26
CA ARG L 65 108.74 -52.26 -66.89
C ARG L 65 109.62 -51.37 -66.02
N ASP L 66 110.40 -51.99 -65.15
CA ASP L 66 111.31 -51.22 -64.30
C ASP L 66 112.47 -50.68 -65.12
N ASP L 67 112.86 -49.44 -64.82
CA ASP L 67 114.09 -48.85 -65.35
C ASP L 67 114.04 -48.70 -66.87
N ALA L 68 112.96 -48.11 -67.37
CA ALA L 68 112.94 -47.72 -68.78
C ALA L 68 114.01 -46.68 -69.07
N SER L 69 114.01 -45.60 -68.28
CA SER L 69 115.11 -44.64 -68.20
C SER L 69 115.70 -44.30 -69.57
N THR L 70 114.84 -43.86 -70.48
CA THR L 70 115.32 -43.33 -71.74
C THR L 70 116.26 -42.15 -71.46
N LEU L 71 117.41 -42.15 -72.12
CA LEU L 71 118.39 -41.10 -71.86
C LEU L 71 117.82 -39.72 -72.16
N LEU L 72 117.01 -39.61 -73.21
CA LEU L 72 116.31 -38.37 -73.47
C LEU L 72 115.31 -38.09 -72.35
N ALA L 73 115.11 -36.81 -72.06
CA ALA L 73 114.26 -36.42 -70.94
C ALA L 73 112.85 -36.97 -71.13
N THR L 74 112.35 -37.62 -70.10
CA THR L 74 111.02 -38.22 -70.18
C THR L 74 109.95 -37.15 -70.01
N PRO L 75 108.97 -37.07 -70.92
CA PRO L 75 107.91 -36.08 -70.76
C PRO L 75 106.85 -36.48 -69.76
N MET L 76 106.76 -37.75 -69.39
CA MET L 76 105.71 -38.25 -68.54
C MET L 76 106.20 -38.40 -67.11
N ILE L 77 105.42 -37.90 -66.16
CA ILE L 77 105.67 -38.10 -64.73
C ILE L 77 104.34 -38.39 -64.07
N ASN L 78 104.30 -39.41 -63.23
CA ASN L 78 103.08 -39.81 -62.57
C ASN L 78 103.19 -39.60 -61.07
N ASN L 79 102.04 -39.59 -60.40
CA ASN L 79 101.98 -39.38 -58.96
C ASN L 79 102.43 -40.64 -58.23
N ALA L 80 102.40 -40.59 -56.91
CA ALA L 80 102.93 -41.68 -56.10
C ALA L 80 102.09 -42.94 -56.26
N ILE L 81 100.78 -42.84 -56.11
CA ILE L 81 99.90 -44.00 -56.09
C ILE L 81 99.25 -44.15 -57.44
N ARG L 82 99.32 -45.35 -57.99
CA ARG L 82 98.64 -45.64 -59.24
C ARG L 82 97.34 -46.41 -59.03
N SER L 83 97.37 -47.49 -58.28
CA SER L 83 96.15 -48.27 -58.06
C SER L 83 96.28 -49.07 -56.78
N PHE L 84 95.13 -49.51 -56.28
CA PHE L 84 95.05 -50.38 -55.12
C PHE L 84 94.12 -51.53 -55.41
N LEU L 85 94.40 -52.68 -54.79
CA LEU L 85 93.57 -53.86 -54.92
C LEU L 85 93.08 -54.28 -53.54
N THR L 86 91.76 -54.42 -53.42
CA THR L 86 91.18 -54.86 -52.18
C THR L 86 91.20 -56.37 -52.21
N ALA L 87 91.75 -56.99 -51.18
CA ALA L 87 91.93 -58.44 -51.20
C ALA L 87 90.61 -59.18 -51.05
N TRP L 88 89.64 -58.60 -50.35
CA TRP L 88 88.44 -59.34 -50.01
C TRP L 88 87.43 -59.42 -51.14
N ASP L 89 87.62 -58.67 -52.22
CA ASP L 89 86.68 -58.75 -53.34
C ASP L 89 87.35 -58.70 -54.70
N GLY L 90 88.68 -58.65 -54.77
CA GLY L 90 89.35 -58.65 -56.06
C GLY L 90 89.05 -57.45 -56.92
N ILE L 91 88.59 -56.35 -56.33
CA ILE L 91 88.26 -55.15 -57.08
C ILE L 91 89.46 -54.23 -57.05
N ARG L 92 89.96 -53.87 -58.23
CA ARG L 92 91.09 -52.96 -58.33
C ARG L 92 90.59 -51.53 -58.39
N ILE L 93 91.15 -50.68 -57.54
CA ILE L 93 90.76 -49.28 -57.47
C ILE L 93 91.85 -48.46 -58.15
N LEU L 94 91.47 -47.70 -59.17
CA LEU L 94 92.40 -46.84 -59.87
C LEU L 94 92.40 -45.46 -59.23
N SER L 95 93.58 -44.87 -59.13
CA SER L 95 93.68 -43.54 -58.56
C SER L 95 92.85 -42.56 -59.40
N PRO L 96 92.07 -41.69 -58.76
CA PRO L 96 91.27 -40.74 -59.55
C PRO L 96 92.10 -39.88 -60.47
N ASP L 97 93.32 -39.56 -60.07
CA ASP L 97 94.23 -38.78 -60.90
C ASP L 97 95.65 -39.22 -60.61
N VAL L 98 96.31 -39.77 -61.63
CA VAL L 98 97.68 -40.22 -61.50
C VAL L 98 98.67 -39.32 -62.25
N SER L 99 98.20 -38.53 -63.21
CA SER L 99 99.06 -37.68 -64.02
C SER L 99 98.88 -36.20 -63.71
N SER L 100 97.66 -35.68 -63.82
CA SER L 100 97.42 -34.29 -63.51
C SER L 100 97.32 -34.09 -62.00
N LYS L 101 97.28 -32.82 -61.58
CA LYS L 101 97.40 -32.49 -60.17
C LYS L 101 96.38 -31.43 -59.76
N HIS L 102 95.13 -31.62 -60.15
CA HIS L 102 94.08 -30.76 -59.63
C HIS L 102 93.91 -31.00 -58.12
N LEU L 103 93.41 -29.99 -57.42
CA LEU L 103 93.17 -30.09 -55.99
C LEU L 103 91.67 -30.03 -55.71
N SER L 104 91.16 -31.06 -55.05
CA SER L 104 89.81 -31.04 -54.52
C SER L 104 89.83 -30.48 -53.10
N ALA L 105 88.78 -29.78 -52.74
CA ALA L 105 88.58 -29.28 -51.38
C ALA L 105 89.69 -28.33 -50.94
N TYR L 106 90.30 -27.63 -51.89
CA TYR L 106 91.27 -26.61 -51.51
C TYR L 106 90.54 -25.43 -50.87
N LEU L 107 91.32 -24.53 -50.27
CA LEU L 107 90.75 -23.37 -49.59
C LEU L 107 90.22 -22.43 -50.68
N ASP L 108 88.99 -22.72 -51.12
CA ASP L 108 88.38 -22.04 -52.25
C ASP L 108 89.35 -22.06 -53.42
N SER L 109 89.41 -20.97 -54.18
CA SER L 109 90.46 -20.73 -55.17
C SER L 109 90.50 -21.81 -56.26
N ALA L 110 89.44 -22.61 -56.39
CA ALA L 110 89.23 -23.50 -57.53
C ALA L 110 90.35 -24.55 -57.58
N VAL L 111 91.18 -24.57 -58.63
CA VAL L 111 92.01 -25.74 -58.90
C VAL L 111 93.23 -25.78 -57.99
N ALA L 112 94.05 -24.73 -58.02
CA ALA L 112 95.25 -24.63 -57.18
C ALA L 112 96.15 -25.84 -57.35
N ASN L 113 96.42 -26.18 -58.60
CA ASN L 113 97.13 -27.41 -58.96
C ASN L 113 98.47 -27.56 -58.27
N GLY L 114 99.00 -28.79 -58.25
CA GLY L 114 100.30 -29.06 -57.70
C GLY L 114 101.40 -28.50 -58.59
N PRO L 115 102.58 -28.27 -58.01
CA PRO L 115 103.65 -27.63 -58.76
C PRO L 115 104.32 -28.60 -59.72
N GLU L 116 104.93 -28.01 -60.75
CA GLU L 116 105.78 -28.75 -61.68
C GLU L 116 107.22 -28.56 -61.27
N LEU L 117 107.91 -29.67 -61.00
CA LEU L 117 109.27 -29.58 -60.50
C LEU L 117 110.26 -30.53 -61.16
N ILE L 118 109.79 -31.53 -61.89
CA ILE L 118 110.68 -32.47 -62.57
C ILE L 118 110.97 -31.87 -63.93
N VAL L 119 112.01 -31.05 -64.00
CA VAL L 119 112.48 -30.46 -65.24
C VAL L 119 113.95 -30.81 -65.40
N GLU L 120 114.28 -31.46 -66.49
CA GLU L 120 115.63 -31.96 -66.71
C GLU L 120 116.09 -31.60 -68.11
N ASP L 121 117.37 -31.23 -68.22
CA ASP L 121 117.95 -30.85 -69.50
C ASP L 121 119.22 -31.64 -69.74
N THR L 122 119.45 -31.99 -71.00
CA THR L 122 120.66 -32.67 -71.42
C THR L 122 121.65 -31.73 -72.10
N GLY L 123 121.24 -30.51 -72.40
CA GLY L 123 122.13 -29.57 -73.04
C GLY L 123 123.19 -29.06 -72.08
N LEU L 124 123.98 -28.12 -72.58
CA LEU L 124 125.04 -27.53 -71.77
C LEU L 124 124.45 -26.72 -70.63
N CYS L 125 125.10 -26.80 -69.47
CA CYS L 125 124.68 -26.03 -68.30
C CYS L 125 125.44 -24.71 -68.29
N THR L 126 124.91 -23.75 -69.02
CA THR L 126 125.50 -22.41 -69.05
C THR L 126 124.43 -21.40 -69.40
N SER L 127 124.64 -20.18 -68.94
CA SER L 127 123.74 -19.07 -69.23
C SER L 127 124.47 -17.86 -69.78
N PHE L 128 125.75 -18.00 -70.12
CA PHE L 128 126.52 -16.94 -70.72
C PHE L 128 127.04 -17.40 -72.08
N MET L 129 127.08 -16.48 -73.03
CA MET L 129 127.44 -16.80 -74.40
C MET L 129 128.51 -15.83 -74.89
N LEU L 130 129.38 -16.35 -75.75
CA LEU L 130 130.43 -15.55 -76.37
C LEU L 130 130.02 -15.29 -77.82
N LEU L 131 129.92 -14.01 -78.17
CA LEU L 131 129.55 -13.63 -79.53
C LEU L 131 130.52 -12.58 -80.03
N ASP L 132 130.67 -12.55 -81.35
CA ASP L 132 131.51 -11.54 -82.00
C ASP L 132 130.66 -10.29 -82.20
N ASN L 133 130.81 -9.33 -81.29
CA ASN L 133 130.01 -8.11 -81.39
C ASN L 133 130.28 -7.39 -82.70
N ILE L 134 131.53 -7.35 -83.13
CA ILE L 134 131.93 -6.73 -84.38
C ILE L 134 132.49 -7.82 -85.28
N PRO L 135 132.03 -7.94 -86.52
CA PRO L 135 132.53 -9.01 -87.39
C PRO L 135 134.01 -8.86 -87.70
N SER L 136 134.57 -9.86 -88.39
CA SER L 136 135.97 -9.84 -88.77
C SER L 136 136.15 -8.98 -90.02
N ALA L 137 137.35 -9.05 -90.60
CA ALA L 137 137.67 -8.28 -91.80
C ALA L 137 138.00 -9.17 -92.99
N HIS L 138 137.60 -10.45 -92.94
CA HIS L 138 137.76 -11.38 -94.05
C HIS L 138 139.22 -11.52 -94.46
N LEU L 139 139.99 -12.10 -93.56
CA LEU L 139 141.41 -12.32 -93.78
C LEU L 139 141.64 -13.70 -94.39
N THR L 140 142.74 -13.84 -95.12
CA THR L 140 143.12 -15.12 -95.69
C THR L 140 143.50 -16.10 -94.60
N LYS L 141 143.33 -17.39 -94.88
CA LYS L 141 143.43 -18.40 -93.83
C LYS L 141 144.87 -18.81 -93.55
N GLU L 142 145.65 -19.07 -94.60
CA GLU L 142 147.04 -19.55 -94.55
C GLU L 142 147.14 -20.97 -94.01
N LEU L 143 146.03 -21.58 -93.60
CA LEU L 143 146.01 -22.98 -93.16
C LEU L 143 144.57 -23.46 -93.09
N ILE L 144 144.28 -24.63 -93.66
CA ILE L 144 142.89 -24.99 -93.91
C ILE L 144 142.37 -25.97 -92.89
N GLY L 145 142.97 -27.16 -92.81
CA GLY L 145 142.45 -28.16 -91.90
C GLY L 145 143.32 -29.40 -91.88
N PHE L 146 142.79 -30.43 -91.24
CA PHE L 146 143.49 -31.69 -91.09
C PHE L 146 143.32 -32.55 -92.32
N THR L 147 144.31 -33.40 -92.58
CA THR L 147 144.30 -34.32 -93.72
C THR L 147 144.50 -35.73 -93.21
N TRP L 148 143.61 -36.64 -93.61
CA TRP L 148 143.61 -38.00 -93.08
C TRP L 148 144.41 -38.94 -93.96
N PHE L 149 143.93 -39.20 -95.17
CA PHE L 149 144.75 -39.74 -96.25
C PHE L 149 144.72 -38.82 -97.46
N MET L 150 143.52 -38.54 -97.97
CA MET L 150 143.30 -37.60 -99.05
C MET L 150 142.14 -36.70 -98.66
N GLN L 151 141.27 -37.23 -97.79
CA GLN L 151 140.19 -36.42 -97.27
C GLN L 151 140.74 -35.28 -96.43
N MET L 152 139.97 -34.20 -96.33
CA MET L 152 140.30 -33.09 -95.47
C MET L 152 139.19 -32.92 -94.45
N TYR L 153 139.57 -32.82 -93.18
CA TYR L 153 138.64 -32.55 -92.11
C TYR L 153 138.87 -31.15 -91.57
N GLN L 154 137.80 -30.52 -91.11
CA GLN L 154 137.91 -29.20 -90.51
C GLN L 154 136.78 -29.01 -89.52
N MET L 155 137.12 -28.43 -88.37
CA MET L 155 136.18 -28.21 -87.29
C MET L 155 135.82 -26.73 -87.21
N THR L 156 134.57 -26.45 -86.92
CA THR L 156 134.20 -25.08 -86.61
C THR L 156 134.87 -24.68 -85.29
N PRO L 157 135.53 -23.54 -85.22
CA PRO L 157 136.29 -23.21 -84.02
C PRO L 157 135.37 -23.05 -82.83
N PRO L 158 135.83 -23.43 -81.63
CA PRO L 158 134.95 -23.32 -80.47
C PRO L 158 134.74 -21.90 -80.01
N LEU L 159 135.75 -21.09 -80.07
CA LEU L 159 135.67 -19.73 -79.59
C LEU L 159 135.29 -18.79 -80.73
N PRO L 160 134.67 -17.65 -80.42
CA PRO L 160 134.24 -16.73 -81.48
C PRO L 160 135.41 -16.04 -82.15
N GLU L 161 135.16 -15.58 -83.37
CA GLU L 161 136.13 -14.82 -84.14
C GLU L 161 135.51 -13.52 -84.57
N GLY L 162 136.28 -12.44 -84.50
CA GLY L 162 135.79 -11.15 -84.89
C GLY L 162 136.66 -10.06 -84.30
N ALA L 163 136.37 -8.84 -84.73
CA ALA L 163 137.12 -7.69 -84.22
C ALA L 163 136.95 -7.56 -82.72
N VAL L 164 135.73 -7.70 -82.22
CA VAL L 164 135.43 -7.58 -80.80
C VAL L 164 134.53 -8.73 -80.39
N ASN L 165 134.84 -9.35 -79.26
CA ASN L 165 134.05 -10.44 -78.72
C ASN L 165 133.73 -10.13 -77.26
N ARG L 166 132.48 -10.31 -76.87
CA ARG L 166 132.03 -9.97 -75.54
C ARG L 166 131.25 -11.11 -74.93
N ILE L 167 131.09 -11.04 -73.62
CA ILE L 167 130.26 -11.98 -72.86
C ILE L 167 128.91 -11.33 -72.64
N VAL L 168 127.84 -12.09 -72.89
CA VAL L 168 126.48 -11.61 -72.71
C VAL L 168 125.73 -12.61 -71.83
N CYS L 169 124.52 -12.21 -71.44
CA CYS L 169 123.67 -13.03 -70.58
C CYS L 169 122.46 -13.47 -71.40
N MET L 170 122.47 -14.73 -71.84
CA MET L 170 121.34 -15.33 -72.52
C MET L 170 121.05 -16.66 -71.84
N THR L 171 120.03 -16.67 -70.99
CA THR L 171 119.69 -17.88 -70.26
C THR L 171 119.23 -18.96 -71.21
N ASN L 172 119.67 -20.19 -70.96
CA ASN L 172 119.26 -21.36 -71.72
C ASN L 172 119.58 -21.20 -73.20
N TRP L 173 120.65 -20.47 -73.53
CA TRP L 173 121.02 -20.31 -74.92
C TRP L 173 121.53 -21.61 -75.53
N ALA L 174 121.83 -22.61 -74.71
CA ALA L 174 122.29 -23.90 -75.21
C ALA L 174 121.47 -25.06 -74.65
N SER L 175 120.27 -24.77 -74.12
CA SER L 175 119.43 -25.83 -73.60
C SER L 175 118.98 -26.76 -74.72
N LEU L 176 118.86 -28.04 -74.39
CA LEU L 176 118.47 -29.04 -75.37
C LEU L 176 117.37 -29.98 -74.90
N GLY L 177 117.16 -30.14 -73.60
CA GLY L 177 116.21 -31.11 -73.11
C GLY L 177 114.79 -30.60 -73.12
N ASP L 178 114.11 -30.69 -71.97
CA ASP L 178 112.72 -30.29 -71.87
C ASP L 178 112.56 -28.80 -72.18
N GLU L 179 111.30 -28.39 -72.34
CA GLU L 179 111.00 -27.01 -72.69
C GLU L 179 111.45 -26.05 -71.60
N GLY L 180 111.24 -26.41 -70.35
CA GLY L 180 111.70 -25.59 -69.25
C GLY L 180 110.69 -24.51 -68.85
N ARG L 181 111.06 -23.79 -67.81
CA ARG L 181 110.19 -22.77 -67.25
C ARG L 181 109.94 -21.69 -68.29
N GLY L 182 108.69 -21.25 -68.39
CA GLY L 182 108.35 -20.21 -69.33
C GLY L 182 108.81 -18.86 -68.86
N LEU L 183 110.13 -18.69 -68.73
CA LEU L 183 110.70 -17.47 -68.19
C LEU L 183 112.15 -17.38 -68.63
N GLU L 184 112.53 -16.27 -69.25
CA GLU L 184 113.86 -16.14 -69.82
C GLU L 184 114.41 -14.75 -69.58
N VAL L 185 115.73 -14.63 -69.70
CA VAL L 185 116.44 -13.36 -69.60
C VAL L 185 117.49 -13.35 -70.71
N ARG L 186 117.27 -12.50 -71.72
CA ARG L 186 118.16 -12.43 -72.88
C ARG L 186 118.58 -10.98 -73.07
N LEU L 187 119.72 -10.62 -72.54
CA LEU L 187 120.18 -9.26 -72.74
C LEU L 187 120.83 -9.12 -74.11
N PRO L 188 120.60 -8.03 -74.82
CA PRO L 188 121.26 -7.81 -76.09
C PRO L 188 122.71 -7.41 -75.88
N PRO L 189 123.55 -7.47 -76.90
CA PRO L 189 124.92 -7.04 -76.75
C PRO L 189 124.98 -5.56 -76.43
N PRO L 190 126.03 -5.11 -75.74
CA PRO L 190 126.06 -3.71 -75.27
C PRO L 190 125.95 -2.68 -76.37
N THR L 191 126.06 -3.09 -77.64
CA THR L 191 125.90 -2.15 -78.73
C THR L 191 124.46 -1.67 -78.89
N ASP L 192 123.53 -2.28 -78.17
CA ASP L 192 122.12 -1.87 -78.21
C ASP L 192 121.70 -1.36 -76.84
N SER L 193 120.43 -0.99 -76.74
CA SER L 193 119.88 -0.41 -75.52
C SER L 193 119.24 -1.52 -74.69
N SER L 194 120.05 -2.11 -73.81
CA SER L 194 119.56 -3.15 -72.91
C SER L 194 118.87 -2.51 -71.70
N VAL L 195 117.91 -1.64 -72.01
CA VAL L 195 117.20 -0.91 -70.97
C VAL L 195 115.82 -1.51 -70.69
N HIS L 196 115.28 -2.31 -71.59
CA HIS L 196 113.98 -2.92 -71.38
C HIS L 196 114.00 -3.96 -70.26
N ALA L 197 115.18 -4.38 -69.81
CA ALA L 197 115.28 -5.42 -68.80
C ALA L 197 115.28 -4.88 -67.38
N TYR L 198 115.12 -3.57 -67.20
CA TYR L 198 115.15 -2.98 -65.87
C TYR L 198 113.91 -2.17 -65.55
N LYS L 199 112.81 -2.45 -66.23
CA LYS L 199 111.54 -1.76 -66.00
C LYS L 199 110.51 -2.73 -65.44
N THR L 200 110.96 -3.66 -64.58
CA THR L 200 110.06 -4.67 -64.06
C THR L 200 108.96 -4.07 -63.21
N VAL L 201 109.31 -3.14 -62.32
CA VAL L 201 108.34 -2.54 -61.42
C VAL L 201 108.58 -1.04 -61.33
N LEU L 202 107.55 -0.33 -60.88
CA LEU L 202 107.62 1.09 -60.58
C LEU L 202 108.10 1.91 -61.77
N SER L 203 107.97 1.39 -62.97
CA SER L 203 108.44 2.12 -64.14
C SER L 203 107.36 2.26 -65.20
N ARG L 204 106.58 1.22 -65.44
CA ARG L 204 105.57 1.26 -66.49
C ARG L 204 104.53 2.33 -66.19
N GLY L 205 104.05 2.96 -67.27
CA GLY L 205 103.01 3.95 -67.19
C GLY L 205 103.50 5.38 -67.26
N TYR L 206 104.76 5.63 -66.90
CA TYR L 206 105.27 6.99 -66.97
C TYR L 206 106.63 7.03 -67.66
N ILE L 207 107.41 5.97 -67.51
CA ILE L 207 108.75 5.97 -68.09
C ILE L 207 108.65 5.83 -69.60
N ASP L 208 109.69 6.32 -70.28
CA ASP L 208 109.79 6.17 -71.72
C ASP L 208 110.52 4.87 -72.05
N ASN L 209 110.28 4.37 -73.27
CA ASN L 209 110.93 3.14 -73.72
C ASN L 209 112.44 3.23 -73.58
N ALA L 210 113.02 4.37 -73.90
CA ALA L 210 114.46 4.51 -73.91
C ALA L 210 115.06 4.81 -72.54
N GLN L 211 114.24 5.01 -71.52
CA GLN L 211 114.72 5.46 -70.22
C GLN L 211 114.68 4.34 -69.20
N PHE L 212 115.38 4.57 -68.09
CA PHE L 212 115.23 3.79 -66.88
C PHE L 212 115.31 4.75 -65.70
N ASN L 213 114.71 4.36 -64.58
CA ASN L 213 114.66 5.24 -63.43
C ASN L 213 115.76 4.86 -62.45
N PRO L 214 116.78 5.69 -62.27
CA PRO L 214 117.82 5.37 -61.28
C PRO L 214 117.29 5.26 -59.87
N LEU L 215 116.23 5.99 -59.53
CA LEU L 215 115.77 5.99 -58.14
C LEU L 215 115.29 4.62 -57.71
N ALA L 216 114.78 3.81 -58.64
CA ALA L 216 114.29 2.48 -58.33
C ALA L 216 115.22 1.40 -58.89
N LEU L 217 116.50 1.70 -58.99
CA LEU L 217 117.42 0.80 -59.67
C LEU L 217 117.57 -0.52 -58.93
N ARG L 218 117.84 -0.46 -57.63
CA ARG L 218 118.19 -1.67 -56.89
C ARG L 218 117.06 -2.69 -56.96
N SER L 219 115.82 -2.25 -56.77
CA SER L 219 114.70 -3.17 -56.81
C SER L 219 114.60 -3.87 -58.17
N ASN L 220 114.65 -3.09 -59.25
CA ASN L 220 114.53 -3.69 -60.57
C ASN L 220 115.68 -4.64 -60.85
N VAL L 221 116.89 -4.27 -60.44
CA VAL L 221 118.03 -5.18 -60.60
C VAL L 221 117.78 -6.47 -59.84
N LEU L 222 117.26 -6.34 -58.61
CA LEU L 222 116.99 -7.53 -57.81
C LEU L 222 116.03 -8.45 -58.53
N LEU L 223 114.93 -7.89 -59.06
CA LEU L 223 113.95 -8.73 -59.73
C LEU L 223 114.54 -9.39 -60.96
N MET L 224 115.35 -8.67 -61.72
CA MET L 224 115.98 -9.25 -62.88
C MET L 224 116.85 -10.45 -62.49
N LEU L 225 117.61 -10.30 -61.41
CA LEU L 225 118.41 -11.42 -60.93
C LEU L 225 117.50 -12.58 -60.50
N LEU L 226 116.38 -12.26 -59.85
CA LEU L 226 115.46 -13.30 -59.43
C LEU L 226 114.95 -14.08 -60.63
N GLN L 227 114.56 -13.37 -61.69
CA GLN L 227 114.13 -14.06 -62.90
C GLN L 227 115.26 -14.89 -63.49
N PHE L 228 116.48 -14.35 -63.48
CA PHE L 228 117.62 -15.13 -63.94
C PHE L 228 117.75 -16.42 -63.15
N THR L 229 117.58 -16.35 -61.83
CA THR L 229 117.68 -17.55 -61.01
C THR L 229 116.57 -18.53 -61.33
N LEU L 230 115.33 -18.04 -61.36
CA LEU L 230 114.19 -18.94 -61.59
C LEU L 230 114.28 -19.60 -62.94
N SER L 231 114.89 -18.95 -63.91
CA SER L 231 114.97 -19.49 -65.27
C SER L 231 116.03 -20.57 -65.40
N ASN L 232 116.53 -21.12 -64.30
CA ASN L 232 117.56 -22.15 -64.36
C ASN L 232 117.30 -23.33 -63.44
N LEU L 233 116.17 -23.33 -62.73
CA LEU L 233 115.89 -24.43 -61.80
C LEU L 233 115.52 -25.69 -62.58
N LYS L 234 116.50 -26.54 -62.85
CA LYS L 234 116.26 -27.77 -63.59
C LYS L 234 117.39 -28.73 -63.31
N ILE L 235 117.16 -29.98 -63.61
CA ILE L 235 118.09 -31.06 -63.31
C ILE L 235 119.03 -31.26 -64.49
N ASN L 236 120.28 -31.58 -64.18
CA ASN L 236 121.28 -31.86 -65.22
C ASN L 236 121.22 -33.34 -65.57
N LYS L 237 120.37 -33.66 -66.54
CA LYS L 237 120.25 -35.03 -67.00
C LYS L 237 121.55 -35.46 -67.69
N SER L 238 121.85 -36.75 -67.58
CA SER L 238 122.98 -37.32 -68.30
C SER L 238 122.49 -37.86 -69.64
N SER L 239 123.38 -37.88 -70.62
CA SER L 239 123.05 -38.32 -71.97
C SER L 239 123.95 -39.50 -72.35
N THR L 240 123.85 -39.90 -73.61
CA THR L 240 124.71 -40.96 -74.11
C THR L 240 126.13 -40.46 -74.30
N PHE L 241 127.06 -41.39 -74.47
CA PHE L 241 128.47 -41.07 -74.61
C PHE L 241 129.05 -41.80 -75.80
N THR L 242 130.17 -41.26 -76.29
CA THR L 242 130.96 -41.90 -77.32
C THR L 242 132.42 -41.83 -76.93
N SER L 243 133.14 -42.92 -77.13
CA SER L 243 134.58 -42.90 -76.94
C SER L 243 135.23 -42.12 -78.06
N ASP L 244 136.25 -41.33 -77.71
CA ASP L 244 136.94 -40.51 -78.69
C ASP L 244 138.23 -41.18 -79.14
N VAL L 245 138.56 -41.01 -80.42
CA VAL L 245 139.78 -41.52 -81.00
C VAL L 245 140.58 -40.42 -81.67
N THR L 246 140.27 -39.16 -81.39
CA THR L 246 140.84 -38.04 -82.13
C THR L 246 142.06 -37.50 -81.39
N THR L 247 143.24 -37.86 -81.88
CA THR L 247 144.52 -37.25 -81.51
C THR L 247 144.69 -37.27 -80.00
N ILE L 248 145.07 -36.16 -79.37
CA ILE L 248 145.47 -36.17 -77.97
C ILE L 248 144.32 -36.56 -77.06
N THR L 249 143.10 -36.31 -77.46
CA THR L 249 141.94 -36.64 -76.65
C THR L 249 141.47 -38.06 -76.85
N SER L 250 142.16 -38.84 -77.68
CA SER L 250 141.80 -40.24 -77.86
C SER L 250 141.83 -40.97 -76.53
N GLY L 251 140.84 -41.81 -76.30
CA GLY L 251 140.68 -42.53 -75.06
C GLY L 251 139.73 -41.88 -74.08
N ARG L 252 139.45 -40.60 -74.23
CA ARG L 252 138.47 -39.94 -73.38
C ARG L 252 137.07 -40.30 -73.85
N MET L 253 136.09 -40.03 -72.99
CA MET L 253 134.69 -40.25 -73.30
C MET L 253 133.94 -38.93 -73.21
N ILE L 254 133.09 -38.66 -74.20
CA ILE L 254 132.41 -37.39 -74.33
C ILE L 254 130.92 -37.63 -74.57
N ARG L 255 130.13 -36.60 -74.30
CA ARG L 255 128.69 -36.73 -74.46
C ARG L 255 128.32 -36.56 -75.94
N ALA L 256 127.06 -36.85 -76.25
CA ALA L 256 126.61 -37.01 -77.63
C ALA L 256 126.05 -35.73 -78.24
N PHE L 257 125.02 -35.16 -77.61
CA PHE L 257 124.31 -33.99 -78.16
C PHE L 257 123.72 -34.31 -79.54
N GLU L 258 122.93 -35.38 -79.58
CA GLU L 258 122.30 -35.77 -80.83
C GLU L 258 121.29 -34.73 -81.30
N GLY L 259 120.62 -34.06 -80.37
CA GLY L 259 119.56 -33.14 -80.76
C GLY L 259 120.08 -31.95 -81.54
N ARG L 260 121.15 -31.33 -81.06
CA ARG L 260 121.77 -30.19 -81.72
C ARG L 260 123.24 -30.52 -81.94
N PRO L 261 123.59 -31.04 -83.12
CA PRO L 261 124.95 -31.56 -83.31
C PRO L 261 126.05 -30.55 -83.11
N GLU L 262 125.83 -29.28 -83.46
CA GLU L 262 126.91 -28.31 -83.38
C GLU L 262 127.35 -28.04 -81.94
N LEU L 263 126.55 -28.42 -80.96
CA LEU L 263 126.95 -28.22 -79.57
C LEU L 263 128.24 -28.96 -79.25
N LEU L 264 128.49 -30.08 -79.93
CA LEU L 264 129.69 -30.85 -79.67
C LEU L 264 130.94 -30.01 -79.83
N ALA L 265 130.94 -29.12 -80.83
CA ALA L 265 132.09 -28.24 -81.02
C ALA L 265 132.26 -27.31 -79.84
N LEU L 266 131.16 -26.80 -79.30
CA LEU L 266 131.25 -25.86 -78.19
C LEU L 266 131.55 -26.55 -76.87
N ALA L 267 131.10 -27.79 -76.71
CA ALA L 267 131.14 -28.43 -75.39
C ALA L 267 132.55 -28.64 -74.89
N TYR L 268 133.48 -28.98 -75.77
CA TYR L 268 134.84 -29.34 -75.37
C TYR L 268 135.85 -28.52 -76.16
N PRO L 269 136.03 -27.26 -75.82
CA PRO L 269 137.14 -26.50 -76.39
C PRO L 269 138.45 -27.16 -76.04
N GLY L 270 139.38 -27.13 -76.99
CA GLY L 270 140.63 -27.83 -76.87
C GLY L 270 140.66 -29.17 -77.57
N ARG L 271 139.50 -29.73 -77.88
CA ARG L 271 139.45 -30.92 -78.70
C ARG L 271 139.94 -30.58 -80.11
N ALA L 272 140.87 -31.40 -80.60
CA ALA L 272 141.32 -31.38 -82.00
C ALA L 272 141.46 -29.95 -82.53
N VAL L 273 142.28 -29.17 -81.85
CA VAL L 273 142.47 -27.78 -82.22
C VAL L 273 143.47 -27.69 -83.35
N LEU L 274 143.19 -26.84 -84.33
CA LEU L 274 144.14 -26.61 -85.40
C LEU L 274 145.39 -25.93 -84.86
N PRO L 275 146.57 -26.36 -85.26
CA PRO L 275 147.78 -25.72 -84.75
C PRO L 275 148.11 -24.45 -85.52
N THR L 276 147.09 -23.62 -85.76
CA THR L 276 147.31 -22.36 -86.44
C THR L 276 147.79 -21.31 -85.46
N GLN L 277 148.23 -20.17 -86.00
CA GLN L 277 148.76 -19.09 -85.18
C GLN L 277 147.71 -17.98 -85.08
N THR L 278 146.77 -18.17 -84.17
CA THR L 278 145.80 -17.14 -83.83
C THR L 278 145.70 -17.05 -82.31
N LYS L 279 145.18 -15.92 -81.85
CA LYS L 279 145.13 -15.66 -80.42
C LYS L 279 144.46 -16.81 -79.67
N ASN L 280 143.25 -17.18 -80.09
CA ASN L 280 142.56 -18.26 -79.40
C ASN L 280 143.24 -19.60 -79.62
N ALA L 281 143.83 -19.80 -80.80
CA ALA L 281 144.58 -21.03 -81.04
C ALA L 281 145.75 -21.14 -80.08
N GLN L 282 146.47 -20.03 -79.87
CA GLN L 282 147.55 -20.05 -78.91
C GLN L 282 147.05 -20.39 -77.52
N PHE L 283 145.92 -19.80 -77.12
CA PHE L 283 145.35 -20.09 -75.82
C PHE L 283 144.94 -21.55 -75.73
N LEU L 284 144.23 -22.05 -76.75
CA LEU L 284 143.71 -23.40 -76.69
C LEU L 284 144.82 -24.43 -76.67
N SER L 285 145.98 -24.12 -77.23
CA SER L 285 147.07 -25.09 -77.27
C SER L 285 147.57 -25.44 -75.89
N THR L 286 147.19 -24.69 -74.87
CA THR L 286 147.60 -24.96 -73.50
C THR L 286 146.60 -25.79 -72.72
N ALA L 287 145.53 -26.25 -73.37
CA ALA L 287 144.52 -27.02 -72.67
C ALA L 287 145.07 -28.36 -72.18
N ILE L 288 144.54 -28.83 -71.06
CA ILE L 288 144.94 -30.11 -70.49
C ILE L 288 144.06 -31.19 -71.06
N ALA L 289 144.68 -32.20 -71.69
CA ALA L 289 143.90 -33.24 -72.36
C ALA L 289 143.08 -34.04 -71.37
N ASP L 290 143.63 -34.31 -70.19
CA ASP L 290 142.99 -35.20 -69.23
C ASP L 290 141.82 -34.58 -68.52
N ARG L 291 141.33 -33.43 -68.97
CA ARG L 291 140.17 -32.80 -68.36
C ARG L 291 139.05 -32.61 -69.37
N ILE L 292 138.93 -33.54 -70.31
CA ILE L 292 137.87 -33.54 -71.31
C ILE L 292 136.94 -34.71 -71.02
N GLY L 293 135.64 -34.42 -70.96
CA GLY L 293 134.67 -35.48 -70.78
C GLY L 293 134.56 -35.96 -69.35
N ARG L 294 134.13 -37.20 -69.19
CA ARG L 294 133.90 -37.74 -67.86
C ARG L 294 135.22 -38.02 -67.16
N LEU L 295 135.21 -37.88 -65.84
CA LEU L 295 136.40 -38.08 -65.03
C LEU L 295 136.41 -39.41 -64.30
N ASP L 296 135.24 -39.93 -63.96
CA ASP L 296 135.14 -41.12 -63.14
C ASP L 296 135.18 -42.38 -64.00
N ARG L 297 135.25 -43.52 -63.33
CA ARG L 297 134.85 -44.78 -63.93
C ARG L 297 133.37 -45.00 -63.66
N ALA L 298 132.77 -45.88 -64.46
CA ALA L 298 131.34 -46.13 -64.33
C ALA L 298 131.01 -46.64 -62.93
N ASN L 299 129.94 -46.09 -62.35
CA ASN L 299 129.52 -46.45 -61.01
C ASN L 299 128.03 -46.75 -61.00
N LEU L 300 127.64 -47.64 -60.10
CA LEU L 300 126.22 -47.91 -59.82
C LEU L 300 125.46 -48.15 -61.11
N ILE L 301 125.90 -49.15 -61.82
CA ILE L 301 125.45 -49.38 -63.19
C ILE L 301 124.18 -50.22 -63.19
N GLY L 302 123.28 -49.88 -64.11
CA GLY L 302 122.21 -50.79 -64.49
C GLY L 302 122.16 -50.92 -65.98
N GLY L 303 122.43 -52.10 -66.50
CA GLY L 303 122.43 -52.30 -67.94
C GLY L 303 123.43 -51.39 -68.62
N GLU L 304 122.95 -50.63 -69.61
CA GLU L 304 123.81 -49.68 -70.30
C GLU L 304 124.32 -48.60 -69.34
N VAL L 305 123.46 -48.12 -68.46
CA VAL L 305 123.59 -46.79 -67.89
C VAL L 305 124.11 -46.84 -66.47
N SER L 306 124.74 -45.73 -66.07
CA SER L 306 125.16 -45.49 -64.70
C SER L 306 124.15 -44.59 -64.01
N ALA L 307 124.06 -44.71 -62.69
CA ALA L 307 123.11 -43.90 -61.94
C ALA L 307 123.45 -42.41 -62.04
N MET L 308 124.72 -42.06 -61.87
CA MET L 308 125.17 -40.70 -62.00
C MET L 308 126.61 -40.70 -62.46
N VAL L 309 127.01 -39.60 -63.11
CA VAL L 309 128.33 -39.52 -63.73
C VAL L 309 128.94 -38.16 -63.40
N GLU L 310 130.24 -38.16 -63.15
CA GLU L 310 131.00 -36.95 -62.90
C GLU L 310 131.81 -36.62 -64.15
N CYS L 311 131.63 -35.42 -64.68
CA CYS L 311 132.26 -35.08 -65.95
C CYS L 311 132.71 -33.62 -65.92
N MET L 312 133.59 -33.29 -66.84
CA MET L 312 134.13 -31.94 -66.99
C MET L 312 133.78 -31.43 -68.37
N GLU L 313 133.08 -30.31 -68.43
CA GLU L 313 132.65 -29.75 -69.71
C GLU L 313 132.36 -28.27 -69.51
N LEU L 314 132.09 -27.59 -70.62
CA LEU L 314 131.78 -26.17 -70.58
C LEU L 314 130.60 -25.91 -69.67
N CYS L 315 130.83 -25.15 -68.60
CA CYS L 315 129.78 -24.87 -67.64
C CYS L 315 130.21 -23.70 -66.77
N ASP L 316 129.37 -22.67 -66.70
CA ASP L 316 129.66 -21.54 -65.84
C ASP L 316 129.36 -21.90 -64.38
N ALA L 317 130.13 -21.30 -63.48
CA ALA L 317 129.98 -21.63 -62.06
C ALA L 317 128.60 -21.25 -61.55
N LEU L 318 128.10 -20.08 -61.95
CA LEU L 318 126.88 -19.55 -61.35
C LEU L 318 125.70 -20.47 -61.62
N THR L 319 125.48 -20.83 -62.89
CA THR L 319 124.37 -21.70 -63.22
C THR L 319 124.52 -23.05 -62.53
N LEU L 320 125.74 -23.58 -62.51
CA LEU L 320 125.98 -24.83 -61.82
C LEU L 320 125.60 -24.74 -60.36
N HIS L 321 125.99 -23.63 -59.72
CA HIS L 321 125.63 -23.46 -58.31
C HIS L 321 124.11 -23.44 -58.14
N ILE L 322 123.41 -22.75 -59.04
CA ILE L 322 121.96 -22.69 -58.95
C ILE L 322 121.37 -24.09 -59.07
N ARG L 323 121.76 -24.82 -60.10
CA ARG L 323 121.15 -26.11 -60.36
C ARG L 323 121.52 -27.12 -59.27
N GLU L 324 122.70 -27.01 -58.69
CA GLU L 324 123.05 -27.87 -57.58
C GLU L 324 122.14 -27.63 -56.39
N THR L 325 121.88 -26.35 -56.08
CA THR L 325 120.96 -26.05 -54.99
C THR L 325 119.59 -26.62 -55.26
N TYR L 326 119.13 -26.52 -56.51
CA TYR L 326 117.82 -27.05 -56.87
C TYR L 326 117.75 -28.54 -56.59
N VAL L 327 118.80 -29.27 -56.94
CA VAL L 327 118.85 -30.70 -56.64
C VAL L 327 118.81 -30.91 -55.13
N MET L 328 119.60 -30.13 -54.40
CA MET L 328 119.57 -30.24 -52.94
C MET L 328 118.17 -30.02 -52.41
N LEU L 329 117.46 -29.04 -52.98
CA LEU L 329 116.09 -28.80 -52.56
C LEU L 329 115.22 -30.03 -52.81
N LEU L 330 115.33 -30.61 -54.00
CA LEU L 330 114.50 -31.77 -54.33
C LEU L 330 114.80 -32.92 -53.38
N ARG L 331 116.08 -33.17 -53.10
CA ARG L 331 116.42 -34.27 -52.21
C ARG L 331 115.87 -34.02 -50.82
N SER L 332 115.78 -32.76 -50.41
CA SER L 332 115.18 -32.46 -49.12
C SER L 332 113.72 -32.87 -49.08
N MET L 333 113.01 -32.72 -50.19
CA MET L 333 111.63 -33.16 -50.26
C MET L 333 111.49 -34.67 -50.34
N HIS L 334 112.59 -35.39 -50.48
CA HIS L 334 112.53 -36.82 -50.73
C HIS L 334 111.82 -37.54 -49.59
N GLN L 335 111.19 -38.66 -49.93
CA GLN L 335 110.48 -39.49 -48.98
C GLN L 335 110.82 -40.93 -49.25
N ASP L 336 111.22 -41.67 -48.22
CA ASP L 336 111.53 -43.09 -48.38
C ASP L 336 110.26 -43.87 -48.62
N PRO L 337 110.16 -44.55 -49.79
CA PRO L 337 108.90 -45.23 -50.09
C PRO L 337 108.54 -46.34 -49.13
N THR L 338 109.53 -46.98 -48.50
CA THR L 338 109.22 -48.13 -47.65
C THR L 338 108.32 -47.75 -46.48
N GLN L 339 108.32 -46.48 -46.08
CA GLN L 339 107.52 -46.06 -44.94
C GLN L 339 106.06 -45.84 -45.29
N ILE L 340 105.69 -45.89 -46.57
CA ILE L 340 104.33 -45.57 -46.97
C ILE L 340 103.34 -46.52 -46.31
N VAL L 341 103.67 -47.81 -46.25
CA VAL L 341 102.73 -48.78 -45.71
C VAL L 341 102.42 -48.47 -44.26
N GLN L 342 103.44 -48.13 -43.46
CA GLN L 342 103.18 -47.75 -42.08
C GLN L 342 102.38 -46.47 -42.03
N ILE L 343 102.68 -45.52 -42.92
CA ILE L 343 101.89 -44.30 -43.00
C ILE L 343 100.43 -44.63 -43.24
N VAL L 344 100.17 -45.49 -44.23
CA VAL L 344 98.79 -45.87 -44.53
C VAL L 344 98.18 -46.61 -43.33
N ASN L 345 98.93 -47.55 -42.76
CA ASN L 345 98.39 -48.33 -41.65
C ASN L 345 98.07 -47.44 -40.46
N GLU L 346 98.96 -46.50 -40.14
CA GLU L 346 98.70 -45.62 -39.01
C GLU L 346 97.55 -44.67 -39.30
N CYS L 347 97.55 -44.06 -40.49
CA CYS L 347 96.51 -43.09 -40.82
C CYS L 347 95.13 -43.73 -40.76
N ALA L 348 95.03 -45.01 -41.10
CA ALA L 348 93.76 -45.72 -41.09
C ALA L 348 93.41 -46.28 -39.72
N ASN L 349 94.12 -45.85 -38.68
CA ASN L 349 93.88 -46.35 -37.33
C ASN L 349 93.96 -47.87 -37.28
N ASN L 350 94.86 -48.43 -38.07
CA ASN L 350 95.10 -49.87 -38.13
C ASN L 350 93.86 -50.65 -38.54
N LEU L 351 92.89 -49.98 -39.16
CA LEU L 351 91.76 -50.69 -39.73
C LEU L 351 92.08 -51.29 -41.08
N LEU L 352 93.21 -50.93 -41.67
CA LEU L 352 93.64 -51.50 -42.94
C LEU L 352 95.11 -51.86 -42.85
N ASN L 353 95.45 -53.06 -43.31
CA ASN L 353 96.83 -53.50 -43.41
C ASN L 353 97.16 -53.65 -44.88
N SER L 354 98.26 -53.04 -45.31
CA SER L 354 98.59 -52.95 -46.72
C SER L 354 100.03 -53.38 -46.96
N THR L 355 100.29 -53.73 -48.23
CA THR L 355 101.63 -54.10 -48.67
C THR L 355 101.91 -53.45 -50.00
N ILE L 356 103.04 -52.74 -50.09
CA ILE L 356 103.41 -52.07 -51.33
C ILE L 356 104.85 -52.43 -51.66
N PRO L 357 105.08 -53.49 -52.41
CA PRO L 357 106.46 -53.85 -52.77
C PRO L 357 107.08 -52.77 -53.64
N ILE L 358 108.39 -52.59 -53.48
CA ILE L 358 109.11 -51.61 -54.28
C ILE L 358 110.57 -52.03 -54.38
N SER L 359 111.15 -51.83 -55.57
CA SER L 359 112.56 -52.07 -55.77
C SER L 359 113.38 -50.89 -55.30
N LEU L 360 114.53 -51.17 -54.70
CA LEU L 360 115.41 -50.15 -54.15
C LEU L 360 116.59 -49.97 -55.10
N ARG L 361 116.56 -48.89 -55.86
CA ARG L 361 117.64 -48.53 -56.75
C ARG L 361 118.42 -47.36 -56.20
N PRO L 362 119.64 -47.13 -56.66
CA PRO L 362 120.44 -46.03 -56.10
C PRO L 362 119.80 -44.66 -56.28
N THR L 363 119.46 -44.29 -57.51
CA THR L 363 118.90 -42.97 -57.78
C THR L 363 117.39 -43.10 -57.90
N ILE L 364 116.73 -43.08 -56.75
CA ILE L 364 115.28 -43.15 -56.66
C ILE L 364 114.80 -41.87 -56.00
N LEU L 365 113.82 -41.21 -56.61
CA LEU L 365 113.34 -39.91 -56.16
C LEU L 365 111.85 -39.97 -55.92
N CYS L 366 111.42 -39.61 -54.70
CA CYS L 366 110.01 -39.60 -54.34
C CYS L 366 109.73 -38.37 -53.49
N PRO L 367 109.66 -37.21 -54.12
CA PRO L 367 109.50 -35.94 -53.38
C PRO L 367 108.09 -35.73 -52.85
N TRP L 368 107.77 -36.42 -51.75
CA TRP L 368 106.43 -36.36 -51.20
C TRP L 368 106.43 -36.03 -49.71
N PHE L 369 107.47 -35.35 -49.23
CA PHE L 369 107.63 -35.12 -47.80
C PHE L 369 107.74 -33.64 -47.50
N ALA L 370 107.17 -33.22 -46.39
CA ALA L 370 107.26 -31.85 -45.92
C ALA L 370 107.32 -31.86 -44.40
N SER L 371 108.13 -30.96 -43.84
CA SER L 371 108.27 -30.89 -42.40
C SER L 371 107.09 -30.15 -41.78
N SER L 372 106.99 -30.27 -40.45
CA SER L 372 105.90 -29.59 -39.74
C SER L 372 105.97 -28.09 -39.93
N GLU L 373 107.18 -27.54 -39.94
CA GLU L 373 107.34 -26.09 -40.07
C GLU L 373 106.71 -25.60 -41.38
N ASP L 374 106.97 -26.31 -42.47
CA ASP L 374 106.40 -25.92 -43.75
C ASP L 374 104.88 -25.97 -43.71
N LEU L 375 104.33 -27.04 -43.13
CA LEU L 375 102.88 -27.12 -43.03
C LEU L 375 102.33 -26.00 -42.17
N ARG L 376 102.96 -25.75 -41.03
CA ARG L 376 102.50 -24.67 -40.16
C ARG L 376 102.53 -23.34 -40.90
N LEU L 377 103.61 -23.08 -41.63
CA LEU L 377 103.66 -21.88 -42.44
C LEU L 377 102.56 -21.90 -43.49
N GLN L 378 102.35 -23.03 -44.14
CA GLN L 378 101.28 -23.14 -45.12
C GLN L 378 99.93 -22.85 -44.47
N GLN L 379 99.73 -23.37 -43.25
CA GLN L 379 98.45 -23.19 -42.58
C GLN L 379 98.16 -21.71 -42.34
N VAL L 380 99.17 -20.97 -41.90
CA VAL L 380 98.98 -19.54 -41.67
C VAL L 380 98.68 -18.83 -42.97
N MET L 381 99.39 -19.21 -44.04
CA MET L 381 99.17 -18.57 -45.33
C MET L 381 97.73 -18.76 -45.78
N HIS L 382 97.17 -19.94 -45.56
CA HIS L 382 95.74 -20.12 -45.78
C HIS L 382 94.95 -19.08 -45.00
N LEU L 383 95.29 -18.92 -43.72
CA LEU L 383 94.51 -18.04 -42.86
C LEU L 383 94.59 -16.60 -43.35
N VAL L 384 95.77 -16.15 -43.75
CA VAL L 384 95.90 -14.75 -44.18
C VAL L 384 95.24 -14.52 -45.53
N ASN L 385 95.25 -15.53 -46.41
CA ASN L 385 94.73 -15.33 -47.75
C ASN L 385 93.22 -15.10 -47.79
N ILE L 386 92.52 -15.32 -46.68
CA ILE L 386 91.09 -15.14 -46.64
C ILE L 386 90.70 -14.02 -45.68
N SER L 387 91.66 -13.19 -45.28
CA SER L 387 91.39 -12.16 -44.29
C SER L 387 90.36 -11.15 -44.77
N SER L 388 90.15 -11.01 -46.07
CA SER L 388 89.18 -10.06 -46.58
C SER L 388 87.76 -10.60 -46.45
N ASN L 389 87.48 -11.71 -47.13
CA ASN L 389 86.12 -12.24 -47.13
C ASN L 389 85.82 -12.98 -45.84
N THR L 390 86.69 -13.93 -45.47
CA THR L 390 86.57 -14.73 -44.26
C THR L 390 85.36 -15.66 -44.31
N ALA L 391 84.55 -15.55 -45.35
CA ALA L 391 83.45 -16.46 -45.57
C ALA L 391 83.80 -17.57 -46.55
N ALA L 392 85.04 -17.59 -47.03
CA ALA L 392 85.47 -18.61 -47.97
C ALA L 392 85.79 -19.93 -47.30
N ALA L 393 85.71 -20.00 -45.97
CA ALA L 393 86.01 -21.24 -45.28
C ALA L 393 84.85 -22.23 -45.33
N LEU L 394 83.64 -21.75 -45.60
CA LEU L 394 82.48 -22.65 -45.61
C LEU L 394 82.63 -23.86 -46.52
N PRO L 395 83.19 -23.75 -47.73
CA PRO L 395 83.36 -24.96 -48.55
C PRO L 395 84.11 -26.07 -47.84
N LEU L 396 85.08 -25.72 -46.99
CA LEU L 396 85.78 -26.75 -46.22
C LEU L 396 84.80 -27.58 -45.42
N VAL L 397 83.91 -26.92 -44.68
CA VAL L 397 82.92 -27.64 -43.91
C VAL L 397 82.01 -28.43 -44.84
N GLU L 398 81.61 -27.84 -45.96
CA GLU L 398 80.75 -28.54 -46.90
C GLU L 398 81.40 -29.82 -47.38
N ALA L 399 82.66 -29.73 -47.81
CA ALA L 399 83.34 -30.92 -48.32
C ALA L 399 83.44 -31.99 -47.25
N LEU L 400 83.87 -31.59 -46.05
CA LEU L 400 84.04 -32.58 -44.98
C LEU L 400 82.72 -33.22 -44.61
N SER L 401 81.64 -32.44 -44.58
CA SER L 401 80.34 -32.98 -44.22
C SER L 401 79.93 -34.09 -45.17
N THR L 402 80.11 -33.87 -46.48
CA THR L 402 79.75 -34.88 -47.45
C THR L 402 80.57 -36.15 -47.26
N LEU L 403 81.86 -36.00 -46.97
CA LEU L 403 82.69 -37.17 -46.76
C LEU L 403 82.17 -37.99 -45.58
N LEU L 404 81.88 -37.32 -44.47
CA LEU L 404 81.25 -38.01 -43.35
C LEU L 404 79.96 -38.68 -43.78
N ARG L 405 79.19 -38.00 -44.63
CA ARG L 405 77.90 -38.55 -45.04
C ARG L 405 78.07 -39.89 -45.73
N SER L 406 79.05 -39.99 -46.63
CA SER L 406 79.22 -41.22 -47.40
C SER L 406 79.85 -42.33 -46.57
N VAL L 407 80.70 -41.99 -45.61
CA VAL L 407 81.50 -43.00 -44.94
C VAL L 407 80.73 -43.64 -43.78
N THR L 408 79.96 -42.86 -43.06
CA THR L 408 79.42 -43.31 -41.79
C THR L 408 78.48 -44.50 -41.98
N PRO L 409 78.45 -45.42 -41.01
CA PRO L 409 77.43 -46.47 -41.02
C PRO L 409 76.12 -46.03 -40.41
N LEU L 410 76.07 -44.87 -39.78
CA LEU L 410 74.85 -44.41 -39.14
C LEU L 410 73.78 -44.13 -40.18
N VAL L 411 72.54 -44.44 -39.83
CA VAL L 411 71.40 -44.20 -40.70
C VAL L 411 70.39 -43.34 -39.94
N LEU L 412 69.95 -42.27 -40.58
CA LEU L 412 68.98 -41.37 -39.99
C LEU L 412 67.60 -41.65 -40.57
N ASP L 413 66.63 -41.91 -39.70
CA ASP L 413 65.27 -42.23 -40.12
C ASP L 413 64.28 -41.89 -39.01
N PRO L 414 63.36 -40.96 -39.26
CA PRO L 414 62.41 -40.55 -38.23
C PRO L 414 61.20 -41.46 -38.08
N THR L 415 61.23 -42.65 -38.65
CA THR L 415 60.03 -43.48 -38.69
C THR L 415 59.56 -43.85 -37.30
N VAL L 416 60.46 -44.43 -36.49
CA VAL L 416 60.05 -44.90 -35.17
C VAL L 416 59.59 -43.74 -34.31
N LEU L 417 60.29 -42.61 -34.41
CA LEU L 417 59.88 -41.44 -33.66
C LEU L 417 58.49 -40.99 -34.08
N THR L 418 58.20 -41.04 -35.38
CA THR L 418 56.91 -40.61 -35.87
C THR L 418 55.78 -41.44 -35.25
N ASN L 419 55.96 -42.76 -35.22
CA ASN L 419 54.93 -43.62 -34.64
C ASN L 419 54.74 -43.30 -33.17
N ALA L 420 55.84 -43.13 -32.44
CA ALA L 420 55.74 -42.84 -31.02
C ALA L 420 55.02 -41.53 -30.74
N ILE L 421 54.99 -40.62 -31.71
CA ILE L 421 54.31 -39.35 -31.49
C ILE L 421 52.84 -39.48 -31.83
N THR L 422 52.52 -40.06 -32.99
CA THR L 422 51.14 -40.12 -33.45
C THR L 422 50.26 -40.89 -32.47
N THR L 423 50.82 -41.88 -31.78
CA THR L 423 50.04 -42.62 -30.80
C THR L 423 49.65 -41.77 -29.60
N ILE L 424 50.23 -40.58 -29.46
CA ILE L 424 49.87 -39.66 -28.39
C ILE L 424 48.85 -38.63 -28.87
N SER L 425 49.06 -38.08 -30.05
CA SER L 425 48.14 -37.09 -30.59
C SER L 425 48.27 -37.09 -32.11
N GLU L 426 47.30 -36.45 -32.76
CA GLU L 426 47.27 -36.40 -34.22
C GLU L 426 47.03 -34.99 -34.74
N SER L 427 47.11 -33.97 -33.90
CA SER L 427 46.90 -32.58 -34.29
C SER L 427 45.59 -32.41 -35.06
N THR L 428 44.50 -32.80 -34.39
CA THR L 428 43.19 -32.79 -35.03
C THR L 428 42.76 -31.39 -35.42
N THR L 429 43.11 -30.38 -34.61
CA THR L 429 42.74 -29.00 -34.90
C THR L 429 43.79 -28.27 -35.73
N GLN L 430 44.96 -28.86 -35.93
CA GLN L 430 46.11 -28.21 -36.57
C GLN L 430 46.52 -26.93 -35.84
N THR L 431 46.07 -26.76 -34.60
CA THR L 431 46.42 -25.61 -33.79
C THR L 431 46.83 -25.94 -32.36
N ILE L 432 46.49 -27.12 -31.86
CA ILE L 432 46.81 -27.50 -30.49
C ILE L 432 48.33 -27.57 -30.35
N SER L 433 48.80 -27.62 -29.11
CA SER L 433 50.22 -27.48 -28.84
C SER L 433 51.15 -28.37 -29.66
N PRO L 434 50.85 -29.65 -29.94
CA PRO L 434 51.82 -30.48 -30.67
C PRO L 434 52.12 -30.00 -32.08
N ILE L 435 51.58 -28.84 -32.47
CA ILE L 435 51.82 -28.31 -33.81
C ILE L 435 53.32 -28.24 -34.09
N SER L 436 54.08 -27.75 -33.11
CA SER L 436 55.52 -27.56 -33.32
C SER L 436 56.20 -28.86 -33.70
N GLU L 437 55.91 -29.93 -32.97
CA GLU L 437 56.47 -31.23 -33.32
C GLU L 437 56.04 -31.64 -34.71
N ILE L 438 54.75 -31.53 -34.98
CA ILE L 438 54.24 -31.86 -36.31
C ILE L 438 54.86 -30.95 -37.35
N LEU L 439 54.87 -29.65 -37.08
CA LEU L 439 55.34 -28.69 -38.07
C LEU L 439 56.85 -28.80 -38.25
N ARG L 440 57.60 -28.95 -37.17
CA ARG L 440 59.04 -28.89 -37.29
C ARG L 440 59.66 -30.27 -37.43
N LEU L 441 59.29 -31.21 -36.57
CA LEU L 441 60.01 -32.48 -36.51
C LEU L 441 59.44 -33.50 -37.47
N LEU L 442 58.16 -33.85 -37.30
CA LEU L 442 57.58 -34.92 -38.09
C LEU L 442 57.56 -34.54 -39.57
N GLN L 443 57.27 -33.29 -39.86
CA GLN L 443 57.31 -32.75 -41.21
C GLN L 443 58.64 -33.10 -41.84
N PRO L 444 58.66 -34.02 -42.82
CA PRO L 444 59.93 -34.56 -43.30
C PRO L 444 60.64 -33.59 -44.23
N MET L 445 61.81 -33.12 -43.81
CA MET L 445 62.64 -32.34 -44.72
C MET L 445 63.26 -33.21 -45.79
N GLY L 446 63.60 -34.46 -45.45
CA GLY L 446 64.36 -35.28 -46.38
C GLY L 446 65.69 -34.68 -46.74
N ASN L 447 66.17 -33.74 -45.92
CA ASN L 447 67.31 -32.90 -46.25
C ASN L 447 68.63 -33.64 -46.23
N ASP L 448 68.65 -34.89 -45.76
CA ASP L 448 69.86 -35.59 -45.34
C ASP L 448 70.49 -34.93 -44.13
N TYR L 449 69.77 -33.98 -43.51
CA TYR L 449 70.14 -33.40 -42.23
C TYR L 449 71.53 -32.78 -42.29
N ALA L 450 71.73 -31.92 -43.29
CA ALA L 450 73.03 -31.28 -43.47
C ALA L 450 73.43 -30.50 -42.24
N ALA L 451 72.46 -29.87 -41.57
CA ALA L 451 72.76 -29.10 -40.38
C ALA L 451 73.46 -29.95 -39.34
N PHE L 452 72.97 -31.19 -39.15
CA PHE L 452 73.61 -32.08 -38.20
C PHE L 452 75.06 -32.34 -38.58
N TRP L 453 75.29 -32.73 -39.83
CA TRP L 453 76.65 -33.06 -40.25
C TRP L 453 77.55 -31.84 -40.22
N LYS L 454 77.01 -30.67 -40.54
CA LYS L 454 77.82 -29.47 -40.52
C LYS L 454 78.32 -29.16 -39.12
N CYS L 455 77.52 -29.46 -38.09
CA CYS L 455 78.00 -29.28 -36.73
C CYS L 455 79.23 -30.12 -36.46
N ILE L 456 79.15 -31.40 -36.82
CA ILE L 456 80.29 -32.29 -36.60
C ILE L 456 81.49 -31.82 -37.42
N ALA L 457 81.25 -31.44 -38.68
CA ALA L 457 82.35 -30.99 -39.53
C ALA L 457 83.03 -29.76 -38.94
N SER L 458 82.24 -28.85 -38.37
CA SER L 458 82.82 -27.63 -37.83
C SER L 458 83.81 -27.93 -36.72
N TRP L 459 83.60 -29.02 -35.99
CA TRP L 459 84.49 -29.33 -34.87
C TRP L 459 85.94 -29.43 -35.33
N ALA L 460 86.17 -29.93 -36.54
CA ALA L 460 87.52 -29.99 -37.07
C ALA L 460 88.05 -28.64 -37.50
N TYR L 461 87.19 -27.62 -37.58
CA TYR L 461 87.63 -26.31 -38.06
C TYR L 461 87.17 -25.19 -37.15
N ASN L 462 86.92 -25.46 -35.87
CA ASN L 462 86.65 -24.37 -34.96
C ASN L 462 87.87 -23.48 -34.83
N GLY L 463 87.64 -22.22 -34.50
CA GLY L 463 88.67 -21.23 -34.65
C GLY L 463 88.83 -20.74 -36.07
N LEU L 464 88.17 -21.36 -37.02
CA LEU L 464 88.06 -20.88 -38.38
C LEU L 464 86.62 -20.69 -38.81
N VAL L 465 85.73 -21.58 -38.36
CA VAL L 465 84.29 -21.43 -38.52
C VAL L 465 83.64 -21.86 -37.23
N THR L 466 82.60 -21.14 -36.81
CA THR L 466 81.85 -21.52 -35.63
C THR L 466 80.38 -21.65 -36.00
N THR L 467 79.80 -22.80 -35.69
CA THR L 467 78.36 -22.99 -35.86
C THR L 467 77.63 -22.33 -34.70
N VAL L 468 76.66 -21.47 -35.02
CA VAL L 468 75.83 -20.85 -34.02
C VAL L 468 74.39 -21.24 -34.29
N LEU L 469 73.62 -21.36 -33.22
CA LEU L 469 72.20 -21.63 -33.36
C LEU L 469 71.56 -20.54 -34.19
N SER L 470 70.72 -20.93 -35.14
CA SER L 470 70.05 -19.96 -35.99
C SER L 470 69.29 -18.96 -35.14
N GLU L 471 69.55 -17.68 -35.38
CA GLU L 471 69.02 -16.65 -34.50
C GLU L 471 67.50 -16.65 -34.49
N ASP L 472 66.89 -16.85 -35.65
CA ASP L 472 65.44 -16.87 -35.72
C ASP L 472 64.82 -17.99 -34.93
N ALA L 473 65.60 -19.02 -34.57
CA ALA L 473 65.04 -20.12 -33.80
C ALA L 473 64.76 -19.75 -32.36
N PHE L 474 65.33 -18.65 -31.88
CA PHE L 474 65.08 -18.23 -30.51
C PHE L 474 63.64 -17.77 -30.35
N PRO L 475 63.05 -17.99 -29.17
CA PRO L 475 61.74 -17.42 -28.89
C PRO L 475 61.84 -15.90 -28.78
N ASP L 476 60.71 -15.25 -29.04
CA ASP L 476 60.67 -13.80 -28.93
C ASP L 476 60.91 -13.36 -27.50
N SER L 477 61.80 -12.38 -27.32
CA SER L 477 62.12 -11.92 -25.98
C SER L 477 60.92 -11.28 -25.30
N SER L 478 60.02 -10.67 -26.08
CA SER L 478 58.83 -10.09 -25.51
C SER L 478 57.83 -11.14 -25.05
N GLN L 479 57.99 -12.38 -25.50
CA GLN L 479 57.00 -13.41 -25.24
C GLN L 479 57.01 -13.81 -23.77
N SER L 480 55.99 -14.58 -23.39
CA SER L 480 55.87 -15.14 -22.06
C SER L 480 56.00 -16.66 -22.13
N ILE L 481 56.30 -17.26 -20.98
CA ILE L 481 56.49 -18.70 -20.93
C ILE L 481 55.22 -19.44 -21.30
N THR L 482 54.06 -18.83 -21.07
CA THR L 482 52.79 -19.51 -21.36
C THR L 482 52.61 -19.77 -22.84
N HIS L 483 53.26 -19.01 -23.70
CA HIS L 483 53.11 -19.19 -25.15
C HIS L 483 53.79 -20.49 -25.55
N LEU L 484 53.01 -21.55 -25.66
CA LEU L 484 53.56 -22.89 -25.86
C LEU L 484 54.51 -23.01 -27.03
N PRO L 485 54.25 -22.45 -28.21
CA PRO L 485 55.23 -22.60 -29.30
C PRO L 485 56.60 -22.10 -28.91
N SER L 486 56.68 -21.01 -28.16
CA SER L 486 57.98 -20.56 -27.66
C SER L 486 58.59 -21.58 -26.73
N MET L 487 57.76 -22.22 -25.90
CA MET L 487 58.28 -23.21 -24.98
C MET L 487 58.94 -24.36 -25.73
N TRP L 488 58.32 -24.81 -26.82
CA TRP L 488 58.95 -25.86 -27.63
C TRP L 488 60.26 -25.38 -28.21
N LYS L 489 60.31 -24.14 -28.69
CA LYS L 489 61.55 -23.60 -29.22
C LYS L 489 62.65 -23.67 -28.18
N CYS L 490 62.32 -23.34 -26.93
CA CYS L 490 63.33 -23.40 -25.87
C CYS L 490 63.82 -24.83 -25.68
N LEU L 491 62.92 -25.81 -25.72
CA LEU L 491 63.33 -27.19 -25.55
C LEU L 491 64.28 -27.62 -26.64
N PHE L 492 63.91 -27.40 -27.91
CA PHE L 492 64.79 -27.78 -29.00
C PHE L 492 66.12 -27.04 -28.91
N LEU L 493 66.07 -25.76 -28.55
CA LEU L 493 67.30 -25.00 -28.41
C LEU L 493 68.19 -25.62 -27.35
N THR L 494 67.61 -25.99 -26.22
CA THR L 494 68.40 -26.61 -25.16
C THR L 494 68.96 -27.94 -25.60
N LEU L 495 68.16 -28.76 -26.27
CA LEU L 495 68.60 -30.10 -26.65
C LEU L 495 69.81 -30.03 -27.57
N ALA L 496 69.70 -29.25 -28.65
CA ALA L 496 70.80 -29.16 -29.60
C ALA L 496 71.73 -28.01 -29.26
N GLY L 497 72.15 -27.95 -28.00
CA GLY L 497 73.07 -26.94 -27.56
C GLY L 497 74.51 -27.36 -27.72
N PRO L 498 74.91 -28.46 -27.05
CA PRO L 498 76.31 -28.87 -27.09
C PRO L 498 76.79 -29.31 -28.45
N MET L 499 75.92 -29.43 -29.44
CA MET L 499 76.36 -29.82 -30.77
C MET L 499 77.08 -28.68 -31.48
N THR L 500 76.79 -27.43 -31.15
CA THR L 500 77.41 -26.31 -31.83
C THR L 500 78.81 -26.04 -31.29
N SER L 501 79.60 -25.35 -32.09
CA SER L 501 80.96 -25.00 -31.73
C SER L 501 81.08 -23.64 -31.07
N ASP L 502 79.99 -22.92 -30.92
CA ASP L 502 80.02 -21.60 -30.32
C ASP L 502 80.38 -21.73 -28.84
N PRO L 503 81.45 -21.08 -28.37
CA PRO L 503 81.75 -21.12 -26.94
C PRO L 503 80.68 -20.49 -26.08
N HIS L 504 79.86 -19.62 -26.63
CA HIS L 504 78.84 -18.93 -25.85
C HIS L 504 77.51 -19.68 -25.80
N SER L 505 77.45 -20.87 -26.39
CA SER L 505 76.20 -21.63 -26.43
C SER L 505 75.55 -21.81 -25.07
N PRO L 506 76.26 -22.23 -24.01
CA PRO L 506 75.56 -22.43 -22.73
C PRO L 506 74.87 -21.18 -22.22
N VAL L 507 75.53 -20.04 -22.30
CA VAL L 507 74.91 -18.80 -21.83
C VAL L 507 73.68 -18.48 -22.66
N LYS L 508 73.81 -18.61 -23.97
CA LYS L 508 72.67 -18.33 -24.84
C LYS L 508 71.50 -19.25 -24.50
N VAL L 509 71.78 -20.52 -24.27
CA VAL L 509 70.72 -21.45 -23.87
C VAL L 509 70.10 -21.00 -22.56
N PHE L 510 70.94 -20.64 -21.60
CA PHE L 510 70.44 -20.24 -20.29
C PHE L 510 69.54 -19.01 -20.40
N MET L 511 70.02 -17.98 -21.08
CA MET L 511 69.23 -16.75 -21.17
C MET L 511 67.94 -16.97 -21.93
N ALA L 512 67.93 -17.91 -22.88
CA ALA L 512 66.72 -18.18 -23.65
C ALA L 512 65.57 -18.52 -22.72
N LEU L 513 65.82 -19.38 -21.74
CA LEU L 513 64.80 -19.67 -20.74
C LEU L 513 64.59 -18.47 -19.83
N ALA L 514 65.67 -17.77 -19.49
CA ALA L 514 65.55 -16.65 -18.57
C ALA L 514 64.60 -15.59 -19.10
N ASN L 515 64.64 -15.35 -20.42
CA ASN L 515 63.75 -14.36 -21.00
C ASN L 515 62.30 -14.75 -20.79
N LEU L 516 61.96 -16.02 -21.00
CA LEU L 516 60.58 -16.45 -20.86
C LEU L 516 60.10 -16.31 -19.43
N LEU L 517 60.96 -16.61 -18.47
CA LEU L 517 60.58 -16.56 -17.06
C LEU L 517 60.76 -15.18 -16.45
N ALA L 518 60.89 -14.14 -17.27
CA ALA L 518 61.12 -12.80 -16.73
C ALA L 518 59.97 -12.35 -15.85
N GLN L 519 58.73 -12.58 -16.30
CA GLN L 519 57.58 -12.18 -15.49
C GLN L 519 57.44 -13.05 -14.25
N PRO L 520 57.31 -14.37 -14.34
CA PRO L 520 57.03 -15.14 -13.13
C PRO L 520 58.19 -15.21 -12.17
N GLU L 521 59.43 -15.24 -12.67
CA GLU L 521 60.61 -15.41 -11.84
C GLU L 521 61.63 -14.33 -12.17
N PRO L 522 61.47 -13.13 -11.65
CA PRO L 522 62.51 -12.10 -11.81
C PRO L 522 63.79 -12.52 -11.12
N ILE L 523 64.91 -12.11 -11.70
CA ILE L 523 66.22 -12.40 -11.13
C ILE L 523 67.17 -11.28 -11.49
N ALA L 524 68.04 -10.94 -10.57
CA ALA L 524 69.00 -9.86 -10.79
C ALA L 524 70.12 -10.33 -11.70
N ILE L 525 70.44 -9.52 -12.70
CA ILE L 525 71.56 -9.77 -13.61
C ILE L 525 72.59 -8.69 -13.35
N GLY L 526 73.76 -9.09 -12.86
CA GLY L 526 74.75 -8.13 -12.40
C GLY L 526 75.44 -7.35 -13.50
N VAL L 527 75.31 -7.78 -14.75
CA VAL L 527 76.00 -7.11 -15.83
C VAL L 527 75.34 -5.75 -16.08
N PRO L 528 76.07 -4.65 -15.97
CA PRO L 528 75.49 -3.35 -16.27
C PRO L 528 75.11 -3.25 -17.73
N GLY L 529 74.03 -2.53 -18.00
CA GLY L 529 73.56 -2.38 -19.36
C GLY L 529 72.92 -3.61 -19.95
N MET L 530 72.48 -4.54 -19.10
CA MET L 530 71.83 -5.75 -19.57
C MET L 530 70.59 -6.00 -18.72
N HIS L 531 69.65 -6.75 -19.27
CA HIS L 531 68.41 -7.03 -18.57
C HIS L 531 67.92 -8.42 -18.94
N GLN L 532 67.07 -8.97 -18.07
CA GLN L 532 66.51 -10.28 -18.32
C GLN L 532 65.68 -10.31 -19.59
N THR L 533 65.25 -9.15 -20.08
CA THR L 533 64.48 -9.08 -21.31
C THR L 533 65.37 -8.96 -22.55
N THR L 534 66.68 -8.87 -22.38
CA THR L 534 67.55 -8.72 -23.53
C THR L 534 67.50 -9.99 -24.38
N PRO L 535 67.46 -9.87 -25.70
CA PRO L 535 67.44 -11.06 -26.55
C PRO L 535 68.63 -11.96 -26.27
N ALA L 536 68.32 -13.24 -26.03
CA ALA L 536 69.35 -14.16 -25.59
C ALA L 536 70.45 -14.33 -26.62
N SER L 537 70.08 -14.34 -27.90
CA SER L 537 71.07 -14.56 -28.95
C SER L 537 72.16 -13.52 -28.92
N GLN L 538 71.87 -12.33 -28.41
CA GLN L 538 72.85 -11.26 -28.42
C GLN L 538 73.93 -11.43 -27.36
N PHE L 539 73.74 -12.33 -26.39
CA PHE L 539 74.79 -12.62 -25.43
C PHE L 539 75.91 -13.34 -26.16
N SER L 540 76.96 -12.62 -26.50
CA SER L 540 77.99 -13.18 -27.37
C SER L 540 79.39 -12.79 -26.94
N HIS L 541 79.61 -12.56 -25.64
CA HIS L 541 80.92 -12.15 -25.20
C HIS L 541 81.13 -12.59 -23.77
N PRO L 542 82.34 -13.01 -23.40
CA PRO L 542 82.55 -13.48 -22.03
C PRO L 542 82.21 -12.42 -20.98
N GLY L 543 82.41 -11.16 -21.30
CA GLY L 543 82.19 -10.10 -20.33
C GLY L 543 80.76 -9.95 -19.87
N VAL L 544 79.81 -10.44 -20.66
CA VAL L 544 78.39 -10.25 -20.35
C VAL L 544 77.77 -11.51 -19.76
N TRP L 545 78.58 -12.45 -19.31
CA TRP L 545 78.03 -13.63 -18.67
C TRP L 545 77.49 -13.25 -17.29
N PRO L 546 76.22 -13.55 -17.01
CA PRO L 546 75.64 -13.17 -15.72
C PRO L 546 76.39 -13.84 -14.58
N PRO L 547 76.64 -13.11 -13.48
CA PRO L 547 77.32 -13.73 -12.34
C PRO L 547 76.56 -14.91 -11.78
N GLY L 548 75.24 -14.83 -11.73
CA GLY L 548 74.46 -15.94 -11.20
C GLY L 548 74.64 -17.21 -12.01
N PHE L 549 74.79 -17.06 -13.33
CA PHE L 549 75.07 -18.22 -14.16
C PHE L 549 76.41 -18.83 -13.79
N LEU L 550 77.41 -17.99 -13.51
CA LEU L 550 78.71 -18.52 -13.11
C LEU L 550 78.65 -19.15 -11.73
N ASN L 551 77.80 -18.65 -10.84
CA ASN L 551 77.67 -19.19 -9.49
C ASN L 551 76.19 -19.28 -9.14
N PRO L 552 75.60 -20.47 -9.25
CA PRO L 552 74.15 -20.59 -9.00
C PRO L 552 73.74 -20.26 -7.58
N GLN L 553 74.68 -20.25 -6.63
CA GLN L 553 74.32 -19.91 -5.25
C GLN L 553 73.67 -18.54 -5.16
N LEU L 554 73.97 -17.65 -6.11
CA LEU L 554 73.41 -16.31 -6.08
C LEU L 554 71.92 -16.28 -6.37
N ILE L 555 71.34 -17.40 -6.79
CA ILE L 555 69.92 -17.47 -7.11
C ILE L 555 69.21 -18.12 -5.94
N ASN L 556 68.24 -17.41 -5.36
CA ASN L 556 67.52 -17.96 -4.22
C ASN L 556 66.62 -19.10 -4.69
N PRO L 557 66.71 -20.28 -4.08
CA PRO L 557 65.89 -21.40 -4.54
C PRO L 557 64.39 -21.12 -4.47
N GLN L 558 63.92 -20.56 -3.34
CA GLN L 558 62.50 -20.29 -3.23
C GLN L 558 62.07 -19.22 -4.23
N GLN L 559 62.91 -18.20 -4.42
CA GLN L 559 62.53 -17.09 -5.29
C GLN L 559 62.34 -17.56 -6.73
N ALA L 560 63.35 -18.25 -7.27
CA ALA L 560 63.33 -18.67 -8.67
C ALA L 560 63.80 -20.11 -8.78
N PRO L 561 62.98 -21.06 -8.32
CA PRO L 561 63.42 -22.47 -8.32
C PRO L 561 63.79 -22.99 -9.69
N LEU L 562 63.01 -22.66 -10.72
CA LEU L 562 63.26 -23.21 -12.04
C LEU L 562 64.63 -22.78 -12.56
N LEU L 563 64.91 -21.47 -12.48
CA LEU L 563 66.20 -20.99 -12.94
C LEU L 563 67.33 -21.60 -12.12
N ARG L 564 67.15 -21.69 -10.81
CA ARG L 564 68.17 -22.30 -9.96
C ARG L 564 68.46 -23.71 -10.42
N ALA L 565 67.41 -24.50 -10.66
CA ALA L 565 67.62 -25.86 -11.15
C ALA L 565 68.25 -25.86 -12.54
N PHE L 566 67.76 -24.98 -13.42
CA PHE L 566 68.25 -24.98 -14.80
C PHE L 566 69.75 -24.71 -14.85
N ALA L 567 70.21 -23.72 -14.07
CA ALA L 567 71.62 -23.42 -14.06
C ALA L 567 72.42 -24.61 -13.55
N GLU L 568 71.98 -25.22 -12.45
CA GLU L 568 72.70 -26.36 -11.90
C GLU L 568 72.71 -27.50 -12.88
N HIS L 569 71.59 -27.74 -13.56
CA HIS L 569 71.54 -28.78 -14.58
C HIS L 569 72.59 -28.54 -15.65
N ILE L 570 72.68 -27.30 -16.13
CA ILE L 570 73.64 -26.98 -17.18
C ILE L 570 75.06 -27.17 -16.68
N ARG L 571 75.35 -26.66 -15.48
CA ARG L 571 76.70 -26.77 -14.97
C ARG L 571 77.10 -28.21 -14.73
N ALA L 572 76.13 -29.07 -14.43
CA ALA L 572 76.46 -30.44 -14.05
C ALA L 572 76.44 -31.40 -15.22
N ASN L 573 75.68 -31.12 -16.27
CA ASN L 573 75.47 -32.09 -17.33
C ASN L 573 76.01 -31.67 -18.68
N TRP L 574 76.61 -30.49 -18.80
CA TRP L 574 77.22 -30.12 -20.06
C TRP L 574 78.41 -31.03 -20.32
N PRO L 575 78.54 -31.57 -21.54
CA PRO L 575 79.56 -32.58 -21.78
C PRO L 575 80.98 -32.05 -21.58
N GLN L 576 81.86 -32.95 -21.17
CA GLN L 576 83.27 -32.62 -20.99
C GLN L 576 84.03 -32.81 -22.29
N PRO L 577 84.86 -31.86 -22.69
CA PRO L 577 85.65 -32.04 -23.91
C PRO L 577 86.75 -33.07 -23.69
N SER L 578 87.18 -33.66 -24.79
CA SER L 578 88.24 -34.65 -24.76
C SER L 578 89.10 -34.48 -26.01
N GLU L 579 89.96 -35.46 -26.26
CA GLU L 579 90.84 -35.41 -27.43
C GLU L 579 91.15 -36.82 -27.88
N PHE L 580 91.84 -36.90 -29.02
CA PHE L 580 92.31 -38.18 -29.54
C PHE L 580 93.42 -37.92 -30.55
N GLY L 581 94.27 -38.91 -30.74
CA GLY L 581 95.31 -38.79 -31.73
C GLY L 581 94.81 -39.07 -33.13
N TYR L 582 95.58 -38.59 -34.11
CA TYR L 582 95.22 -38.79 -35.51
C TYR L 582 96.48 -38.70 -36.34
N GLY L 583 96.38 -39.21 -37.57
CA GLY L 583 97.49 -39.15 -38.51
C GLY L 583 98.68 -39.97 -38.07
N SER L 584 99.71 -40.01 -38.92
CA SER L 584 100.90 -40.77 -38.60
C SER L 584 101.94 -39.90 -37.92
N THR L 585 102.94 -40.54 -37.35
CA THR L 585 104.04 -39.85 -36.69
C THR L 585 105.21 -39.60 -37.62
N LEU L 586 105.12 -40.03 -38.88
CA LEU L 586 106.18 -39.83 -39.86
C LEU L 586 105.84 -38.72 -40.84
N GLN L 587 105.01 -37.77 -40.41
CA GLN L 587 104.60 -36.66 -41.26
C GLN L 587 104.60 -35.39 -40.46
N GLY L 588 104.75 -34.26 -41.15
CA GLY L 588 104.59 -32.98 -40.50
C GLY L 588 103.18 -32.83 -39.96
N SER L 589 103.06 -32.19 -38.81
CA SER L 589 101.77 -31.95 -38.18
C SER L 589 101.45 -30.47 -38.29
N ALA L 590 100.35 -30.16 -38.97
CA ALA L 590 99.96 -28.78 -39.22
C ALA L 590 99.31 -28.13 -38.01
N ASN L 591 99.32 -28.78 -36.86
CA ASN L 591 98.72 -28.19 -35.67
C ASN L 591 99.43 -26.89 -35.30
N LEU L 592 98.65 -25.85 -35.03
CA LEU L 592 99.21 -24.58 -34.58
C LEU L 592 99.17 -24.47 -33.06
N PHE L 593 97.99 -24.55 -32.47
CA PHE L 593 97.83 -24.30 -31.05
C PHE L 593 97.80 -25.58 -30.21
N ILE L 594 97.15 -26.62 -30.70
CA ILE L 594 97.09 -27.88 -29.97
C ILE L 594 98.34 -28.69 -30.30
N PRO L 595 98.70 -29.67 -29.47
CA PRO L 595 99.91 -30.46 -29.74
C PRO L 595 99.83 -31.18 -31.07
N PRO L 596 100.96 -31.60 -31.62
CA PRO L 596 100.95 -32.28 -32.92
C PRO L 596 100.29 -33.64 -32.86
N ASN L 597 99.75 -34.05 -34.01
CA ASN L 597 99.09 -35.35 -34.15
C ASN L 597 98.02 -35.54 -33.07
N ARG L 598 97.13 -34.56 -33.01
CA ARG L 598 96.22 -34.46 -31.88
C ARG L 598 95.02 -33.64 -32.32
N MET L 599 93.85 -33.97 -31.75
CA MET L 599 92.64 -33.25 -32.07
C MET L 599 91.76 -33.16 -30.83
N VAL L 600 91.22 -31.99 -30.58
CA VAL L 600 90.27 -31.80 -29.48
C VAL L 600 88.88 -32.19 -29.95
N TYR L 601 88.00 -32.45 -28.98
CA TYR L 601 86.71 -33.01 -29.29
C TYR L 601 85.71 -32.57 -28.24
N PRO L 602 84.55 -32.04 -28.65
CA PRO L 602 83.61 -31.48 -27.66
C PRO L 602 83.12 -32.51 -26.65
N TRP L 603 82.98 -33.75 -27.05
CA TRP L 603 82.46 -34.77 -26.17
C TRP L 603 83.58 -35.70 -25.72
N PRO L 604 83.35 -36.51 -24.69
CA PRO L 604 84.30 -37.58 -24.38
C PRO L 604 84.27 -38.66 -25.44
N ASN L 605 85.34 -39.43 -25.52
CA ASN L 605 85.45 -40.48 -26.51
C ASN L 605 86.06 -41.73 -25.89
N GLN L 606 85.69 -42.88 -26.43
CA GLN L 606 86.17 -44.17 -25.98
C GLN L 606 86.42 -45.06 -27.19
N PRO L 607 87.16 -46.15 -27.02
CA PRO L 607 87.23 -47.16 -28.08
C PRO L 607 85.87 -47.76 -28.36
N LEU L 608 85.81 -48.61 -29.38
CA LEU L 608 84.54 -49.15 -29.86
C LEU L 608 84.21 -50.43 -29.11
N PRO L 609 83.14 -50.47 -28.32
CA PRO L 609 82.80 -51.69 -27.59
C PRO L 609 81.99 -52.69 -28.41
N ARG L 610 81.49 -53.72 -27.72
CA ARG L 610 80.82 -54.87 -28.31
C ARG L 610 79.42 -54.56 -28.84
N LEU L 611 78.87 -53.38 -28.56
CA LEU L 611 77.51 -53.00 -28.94
C LEU L 611 76.47 -53.70 -28.07
N THR L 612 76.81 -54.04 -26.84
CA THR L 612 75.83 -54.56 -25.92
C THR L 612 74.88 -53.44 -25.50
N VAL L 613 73.86 -53.80 -24.71
CA VAL L 613 72.79 -52.85 -24.41
C VAL L 613 73.31 -51.69 -23.58
N ALA L 614 74.12 -51.98 -22.56
CA ALA L 614 74.54 -50.94 -21.62
C ALA L 614 75.26 -49.78 -22.31
N PRO L 615 76.24 -50.01 -23.19
CA PRO L 615 76.87 -48.86 -23.85
C PRO L 615 75.90 -48.03 -24.65
N THR L 616 74.80 -48.60 -25.12
CA THR L 616 73.87 -47.84 -25.93
C THR L 616 73.07 -46.83 -25.11
N TYR L 617 73.16 -46.86 -23.78
CA TYR L 617 72.39 -45.95 -22.96
C TYR L 617 73.23 -45.12 -22.00
N ASP L 618 74.48 -45.47 -21.78
CA ASP L 618 75.33 -44.74 -20.83
C ASP L 618 76.12 -43.63 -21.48
N SER L 619 75.86 -43.32 -22.74
CA SER L 619 76.61 -42.30 -23.44
C SER L 619 76.37 -40.93 -22.83
N ALA L 620 77.36 -40.05 -22.97
CA ALA L 620 77.25 -38.70 -22.42
C ALA L 620 76.07 -37.97 -23.03
N MET L 621 75.93 -38.02 -24.35
CA MET L 621 74.81 -37.36 -25.00
C MET L 621 73.49 -37.93 -24.50
N SER L 622 73.40 -39.25 -24.36
CA SER L 622 72.20 -39.86 -23.83
C SER L 622 71.85 -39.29 -22.46
N ASN L 623 72.86 -39.16 -21.59
CA ASN L 623 72.63 -38.57 -20.29
C ASN L 623 72.16 -37.13 -20.42
N TRP L 624 72.75 -36.38 -21.33
CA TRP L 624 72.34 -34.99 -21.53
C TRP L 624 70.88 -34.91 -21.95
N ILE L 625 70.48 -35.78 -22.87
CA ILE L 625 69.10 -35.75 -23.35
C ILE L 625 68.14 -36.10 -22.22
N SER L 626 68.44 -37.17 -21.49
CA SER L 626 67.53 -37.63 -20.45
C SER L 626 67.33 -36.55 -19.39
N THR L 627 68.43 -35.96 -18.92
CA THR L 627 68.31 -34.93 -17.90
C THR L 627 67.55 -33.72 -18.44
N THR L 628 67.83 -33.32 -19.67
CA THR L 628 67.19 -32.14 -20.23
C THR L 628 65.68 -32.32 -20.29
N ILE L 629 65.22 -33.42 -20.86
CA ILE L 629 63.78 -33.66 -20.97
C ILE L 629 63.17 -33.76 -19.59
N ALA L 630 63.84 -34.46 -18.67
CA ALA L 630 63.34 -34.56 -17.31
C ALA L 630 63.10 -33.19 -16.72
N PHE L 631 64.05 -32.28 -16.90
CA PHE L 631 63.89 -30.93 -16.37
C PHE L 631 62.70 -30.24 -17.02
N PHE L 632 62.64 -30.27 -18.35
CA PHE L 632 61.55 -29.59 -19.04
C PHE L 632 60.20 -30.16 -18.67
N ILE L 633 60.14 -31.46 -18.38
CA ILE L 633 58.90 -32.06 -17.90
C ILE L 633 58.48 -31.41 -16.60
N ARG L 634 59.43 -31.20 -15.70
CA ARG L 634 59.11 -30.51 -14.46
C ARG L 634 58.62 -29.10 -14.75
N VAL L 635 59.16 -28.47 -15.80
CA VAL L 635 58.76 -27.12 -16.14
C VAL L 635 57.30 -27.09 -16.58
N VAL L 636 56.93 -27.96 -17.52
CA VAL L 636 55.59 -27.90 -18.08
C VAL L 636 54.54 -28.22 -17.03
N ASN L 637 54.90 -29.03 -16.04
CA ASN L 637 53.95 -29.37 -15.00
C ASN L 637 53.89 -28.34 -13.89
N SER L 638 54.65 -27.26 -13.98
CA SER L 638 54.62 -26.24 -12.94
C SER L 638 53.25 -25.56 -12.91
N VAL L 639 53.05 -24.76 -11.87
CA VAL L 639 51.77 -24.08 -11.70
C VAL L 639 51.64 -22.85 -12.57
N ASN L 640 52.75 -22.34 -13.11
CA ASN L 640 52.68 -21.12 -13.90
C ASN L 640 51.93 -21.36 -15.21
N MET L 641 52.05 -22.54 -15.79
CA MET L 641 51.47 -22.80 -17.10
C MET L 641 49.96 -22.92 -17.08
N THR L 642 49.33 -22.91 -15.90
CA THR L 642 47.90 -23.14 -15.82
C THR L 642 47.09 -22.10 -16.57
N ALA L 643 47.68 -20.94 -16.85
CA ALA L 643 46.93 -19.89 -17.55
C ALA L 643 46.49 -20.34 -18.93
N THR L 644 47.20 -21.29 -19.54
CA THR L 644 46.82 -21.75 -20.87
C THR L 644 46.98 -23.25 -21.04
N VAL L 645 47.27 -24.00 -19.99
CA VAL L 645 47.50 -25.43 -20.09
C VAL L 645 46.52 -26.11 -19.13
N ASN L 646 45.38 -26.54 -19.64
CA ASN L 646 44.46 -27.32 -18.84
C ASN L 646 45.04 -28.72 -18.62
N ASP L 647 44.31 -29.52 -17.84
CA ASP L 647 44.83 -30.83 -17.46
C ASP L 647 45.07 -31.72 -18.68
N LEU L 648 44.11 -31.73 -19.61
CA LEU L 648 44.27 -32.58 -20.79
C LEU L 648 45.49 -32.18 -21.58
N THR L 649 45.70 -30.88 -21.76
CA THR L 649 46.91 -30.42 -22.42
C THR L 649 48.14 -30.86 -21.66
N ARG L 650 48.11 -30.70 -20.34
CA ARG L 650 49.29 -30.98 -19.52
C ARG L 650 49.72 -32.43 -19.69
N ARG L 651 48.76 -33.36 -19.63
CA ARG L 651 49.09 -34.76 -19.86
C ARG L 651 49.62 -34.97 -21.27
N THR L 652 48.97 -34.34 -22.26
CA THR L 652 49.38 -34.52 -23.64
C THR L 652 50.83 -34.10 -23.84
N MET L 653 51.18 -32.92 -23.33
CA MET L 653 52.56 -32.46 -23.42
C MET L 653 53.50 -33.46 -22.77
N THR L 654 53.14 -33.92 -21.58
CA THR L 654 54.00 -34.88 -20.88
C THR L 654 54.19 -36.14 -21.72
N GLY L 655 53.11 -36.66 -22.28
CA GLY L 655 53.23 -37.86 -23.08
C GLY L 655 54.14 -37.67 -24.28
N VAL L 656 53.99 -36.53 -24.95
CA VAL L 656 54.85 -36.26 -26.10
C VAL L 656 56.31 -36.21 -25.67
N MET L 657 56.58 -35.50 -24.59
CA MET L 657 57.97 -35.31 -24.17
C MET L 657 58.59 -36.62 -23.74
N THR L 658 57.89 -37.39 -22.91
CA THR L 658 58.46 -38.66 -22.47
C THR L 658 58.65 -39.61 -23.64
N ALA L 659 57.80 -39.51 -24.66
CA ALA L 659 57.98 -40.33 -25.84
C ALA L 659 59.30 -40.01 -26.51
N MET L 660 59.61 -38.72 -26.66
CA MET L 660 60.90 -38.33 -27.21
C MET L 660 62.03 -38.86 -26.33
N ARG L 661 61.81 -38.95 -25.02
CA ARG L 661 62.86 -39.42 -24.13
C ARG L 661 63.05 -40.93 -24.23
N GLN L 662 62.00 -41.67 -24.52
CA GLN L 662 62.06 -43.12 -24.41
C GLN L 662 62.62 -43.78 -25.67
N VAL L 663 62.40 -43.19 -26.84
CA VAL L 663 62.73 -43.88 -28.09
C VAL L 663 64.23 -44.13 -28.17
N LYS L 664 64.58 -45.29 -28.70
CA LYS L 664 65.98 -45.65 -28.88
C LYS L 664 66.58 -44.90 -30.06
N THR L 665 67.82 -44.48 -29.90
CA THR L 665 68.56 -43.87 -31.00
C THR L 665 70.04 -44.21 -30.87
N MET L 666 70.65 -44.57 -31.99
CA MET L 666 72.07 -44.91 -31.98
C MET L 666 72.97 -43.69 -32.03
N THR L 667 72.42 -42.51 -32.28
CA THR L 667 73.24 -41.32 -32.44
C THR L 667 74.19 -41.07 -31.27
N PRO L 668 73.77 -41.10 -30.01
CA PRO L 668 74.73 -40.86 -28.93
C PRO L 668 75.87 -41.85 -28.93
N PHE L 669 75.57 -43.13 -29.15
CA PHE L 669 76.63 -44.12 -29.18
C PHE L 669 77.61 -43.83 -30.30
N TYR L 670 77.08 -43.47 -31.48
CA TYR L 670 77.94 -43.21 -32.61
C TYR L 670 78.89 -42.06 -32.32
N ILE L 671 78.39 -40.99 -31.72
CA ILE L 671 79.22 -39.84 -31.43
C ILE L 671 80.33 -40.20 -30.45
N GLN L 672 79.99 -40.98 -29.43
CA GLN L 672 80.96 -41.27 -28.38
C GLN L 672 82.02 -42.27 -28.82
N HIS L 673 81.68 -43.18 -29.72
CA HIS L 673 82.60 -44.26 -30.06
C HIS L 673 83.01 -44.29 -31.51
N MET L 674 82.05 -44.21 -32.44
CA MET L 674 82.40 -44.39 -33.85
C MET L 674 82.94 -43.10 -34.48
N CYS L 675 82.24 -42.00 -34.27
CA CYS L 675 82.56 -40.75 -34.95
C CYS L 675 84.01 -40.32 -34.82
N PRO L 676 84.64 -40.32 -33.64
CA PRO L 676 86.02 -39.85 -33.56
C PRO L 676 86.96 -40.62 -34.46
N THR L 677 86.73 -41.93 -34.61
CA THR L 677 87.56 -42.72 -35.52
C THR L 677 87.47 -42.18 -36.93
N GLU L 678 86.25 -41.90 -37.40
CA GLU L 678 86.07 -41.39 -38.75
C GLU L 678 86.77 -40.05 -38.93
N LEU L 679 86.61 -39.16 -37.96
CA LEU L 679 87.27 -37.86 -38.05
C LEU L 679 88.78 -38.02 -38.12
N SER L 680 89.34 -38.90 -37.28
CA SER L 680 90.78 -39.09 -37.28
C SER L 680 91.27 -39.56 -38.64
N VAL L 681 90.55 -40.49 -39.26
CA VAL L 681 90.96 -40.98 -40.56
C VAL L 681 90.82 -39.88 -41.61
N LEU L 682 89.67 -39.21 -41.64
CA LEU L 682 89.42 -38.22 -42.68
C LEU L 682 90.40 -37.06 -42.58
N ALA L 683 90.68 -36.60 -41.37
CA ALA L 683 91.56 -35.46 -41.19
C ALA L 683 92.95 -35.71 -41.75
N SER L 684 93.36 -36.97 -41.83
CA SER L 684 94.70 -37.29 -42.30
C SER L 684 94.81 -37.29 -43.83
N VAL L 685 93.69 -37.23 -44.54
CA VAL L 685 93.73 -37.30 -45.99
C VAL L 685 93.17 -36.06 -46.68
N THR L 686 92.46 -35.20 -45.97
CA THR L 686 91.97 -33.98 -46.59
C THR L 686 93.14 -33.08 -46.98
N VAL L 687 92.99 -32.40 -48.11
CA VAL L 687 94.05 -31.52 -48.57
C VAL L 687 94.24 -30.33 -47.63
N THR L 688 93.24 -29.98 -46.85
CA THR L 688 93.36 -28.90 -45.88
C THR L 688 93.31 -29.51 -44.48
N PRO L 689 94.44 -29.60 -43.79
CA PRO L 689 94.47 -30.23 -42.48
C PRO L 689 93.60 -29.48 -41.50
N PRO L 690 93.13 -30.14 -40.45
CA PRO L 690 92.20 -29.49 -39.53
C PRO L 690 92.83 -28.30 -38.83
N PHE L 691 91.97 -27.40 -38.38
CA PHE L 691 92.38 -26.15 -37.74
C PHE L 691 91.53 -25.99 -36.49
N GLN L 692 92.14 -26.08 -35.32
CA GLN L 692 91.39 -26.13 -34.09
C GLN L 692 91.96 -25.18 -33.04
N VAL L 693 91.09 -24.76 -32.14
CA VAL L 693 91.47 -24.06 -30.92
C VAL L 693 90.81 -24.81 -29.77
N PRO L 694 91.38 -24.80 -28.57
CA PRO L 694 90.86 -25.66 -27.51
C PRO L 694 89.42 -25.32 -27.14
N PHE L 695 88.62 -26.35 -26.91
CA PHE L 695 87.29 -26.17 -26.36
C PHE L 695 87.38 -25.89 -24.88
N THR L 696 86.63 -24.90 -24.42
CA THR L 696 86.62 -24.51 -23.02
C THR L 696 85.19 -24.61 -22.50
N ARG L 697 84.99 -25.43 -21.48
CA ARG L 697 83.67 -25.71 -20.94
C ARG L 697 83.45 -24.84 -19.71
N LEU L 698 82.75 -23.73 -19.89
CA LEU L 698 82.27 -22.87 -18.82
C LEU L 698 83.39 -22.22 -18.01
N VAL L 699 84.64 -22.31 -18.47
CA VAL L 699 85.75 -21.63 -17.81
C VAL L 699 85.81 -20.22 -18.40
N GLN L 700 85.29 -19.25 -17.66
CA GLN L 700 85.11 -17.91 -18.23
C GLN L 700 86.44 -17.28 -18.61
N ASN L 701 87.45 -17.43 -17.76
CA ASN L 701 88.72 -16.76 -18.02
C ASN L 701 89.43 -17.32 -19.25
N ASP L 702 89.10 -18.54 -19.66
CA ASP L 702 89.77 -19.17 -20.79
C ASP L 702 89.02 -19.00 -22.10
N VAL L 703 87.86 -18.35 -22.10
CA VAL L 703 87.13 -18.17 -23.34
C VAL L 703 87.94 -17.32 -24.29
N ILE L 704 87.87 -17.66 -25.57
CA ILE L 704 88.62 -16.97 -26.61
C ILE L 704 87.80 -15.81 -27.12
N THR L 705 88.42 -14.64 -27.22
CA THR L 705 87.76 -13.45 -27.74
C THR L 705 88.09 -13.17 -29.20
N ASN L 706 89.35 -13.32 -29.59
CA ASN L 706 89.74 -13.03 -30.96
C ASN L 706 90.83 -13.99 -31.38
N VAL L 707 90.90 -14.23 -32.69
CA VAL L 707 92.00 -14.98 -33.31
C VAL L 707 92.61 -14.07 -34.35
N LEU L 708 93.89 -13.73 -34.17
CA LEU L 708 94.52 -12.71 -34.97
C LEU L 708 95.85 -13.21 -35.51
N VAL L 709 96.15 -12.83 -36.74
CA VAL L 709 97.43 -13.12 -37.37
C VAL L 709 98.25 -11.84 -37.39
N ALA L 710 99.52 -11.96 -37.02
CA ALA L 710 100.41 -10.81 -36.92
C ALA L 710 101.56 -10.98 -37.91
N ARG L 711 101.72 -10.00 -38.79
CA ARG L 711 102.87 -10.00 -39.69
C ARG L 711 104.13 -9.56 -38.97
N VAL L 712 103.99 -8.72 -37.94
CA VAL L 712 105.11 -8.28 -37.12
C VAL L 712 104.65 -8.30 -35.67
N ASP L 713 105.55 -8.64 -34.77
CA ASP L 713 105.22 -8.60 -33.36
C ASP L 713 104.81 -7.19 -32.98
N PRO L 714 103.83 -7.03 -32.09
CA PRO L 714 103.40 -5.68 -31.72
C PRO L 714 104.51 -4.83 -31.15
N ALA L 715 105.50 -5.44 -30.50
CA ALA L 715 106.62 -4.69 -29.97
C ALA L 715 107.38 -4.00 -31.09
N GLN L 716 107.63 -4.70 -32.20
CA GLN L 716 108.37 -4.14 -33.31
C GLN L 716 107.49 -3.47 -34.34
N ARG L 717 106.18 -3.57 -34.21
CA ARG L 717 105.29 -3.02 -35.22
C ARG L 717 105.35 -1.50 -35.20
N GLY L 718 105.28 -0.90 -36.40
CA GLY L 718 105.36 0.55 -36.49
C GLY L 718 104.16 1.23 -35.87
N ASP L 719 102.98 0.68 -36.05
CA ASP L 719 101.76 1.22 -35.47
C ASP L 719 100.88 0.05 -35.05
N ALA L 720 99.66 0.35 -34.62
CA ALA L 720 98.74 -0.69 -34.20
C ALA L 720 98.48 -1.67 -35.33
N ALA L 721 97.83 -1.21 -36.39
CA ALA L 721 97.66 -1.97 -37.63
C ALA L 721 97.26 -3.42 -37.35
N VAL L 722 96.23 -3.58 -36.53
CA VAL L 722 95.83 -4.91 -36.10
C VAL L 722 95.06 -5.62 -37.22
N ASP L 723 94.85 -6.92 -37.04
CA ASP L 723 94.11 -7.69 -38.02
C ASP L 723 92.69 -7.18 -38.16
N ILE L 724 92.17 -7.24 -39.38
CA ILE L 724 90.81 -6.79 -39.66
C ILE L 724 89.80 -7.62 -38.89
N ARG L 725 90.19 -8.83 -38.50
CA ARG L 725 89.30 -9.73 -37.76
C ARG L 725 88.69 -9.04 -36.56
N ALA L 726 89.46 -8.16 -35.91
CA ALA L 726 89.02 -7.52 -34.69
C ALA L 726 87.74 -6.72 -34.87
N THR L 727 87.42 -6.32 -36.10
CA THR L 727 86.21 -5.55 -36.33
C THR L 727 84.96 -6.42 -36.24
N HIS L 728 85.08 -7.71 -36.53
CA HIS L 728 83.92 -8.58 -36.55
C HIS L 728 83.44 -8.86 -35.13
N ALA L 729 82.15 -9.21 -35.03
CA ALA L 729 81.57 -9.50 -33.73
C ALA L 729 82.22 -10.71 -33.08
N THR L 730 82.30 -11.81 -33.82
CA THR L 730 82.93 -13.03 -33.33
C THR L 730 84.26 -13.23 -34.02
N PHE L 731 85.01 -14.22 -33.54
CA PHE L 731 86.35 -14.48 -34.02
C PHE L 731 86.39 -15.47 -35.18
N ALA L 732 85.23 -15.88 -35.70
CA ALA L 732 85.22 -16.81 -36.82
C ALA L 732 83.93 -16.60 -37.60
N ALA L 733 83.92 -17.11 -38.83
CA ALA L 733 82.75 -17.00 -39.66
C ALA L 733 81.58 -17.73 -39.03
N ALA L 734 80.45 -17.03 -38.91
CA ALA L 734 79.27 -17.61 -38.30
C ALA L 734 78.55 -18.50 -39.30
N LEU L 735 78.14 -19.69 -38.84
CA LEU L 735 77.38 -20.63 -39.66
C LEU L 735 76.09 -20.95 -38.93
N PRO L 736 75.02 -20.22 -39.19
CA PRO L 736 73.76 -20.50 -38.51
C PRO L 736 73.23 -21.87 -38.87
N VAL L 737 72.61 -22.53 -37.88
CA VAL L 737 72.03 -23.85 -38.07
C VAL L 737 70.72 -23.93 -37.31
N ASP L 738 69.76 -24.64 -37.87
CA ASP L 738 68.46 -24.81 -37.25
C ASP L 738 68.52 -25.93 -36.22
N PRO L 739 68.26 -25.65 -34.94
CA PRO L 739 68.25 -26.73 -33.96
C PRO L 739 67.25 -27.82 -34.26
N ALA L 740 66.13 -27.47 -34.88
CA ALA L 740 65.09 -28.47 -35.13
C ALA L 740 65.63 -29.63 -35.95
N ALA L 741 66.41 -29.32 -36.98
CA ALA L 741 67.03 -30.39 -37.77
C ALA L 741 67.96 -31.22 -36.90
N ILE L 742 68.77 -30.55 -36.08
CA ILE L 742 69.74 -31.26 -35.25
C ILE L 742 69.04 -32.18 -34.28
N VAL L 743 67.95 -31.70 -33.67
CA VAL L 743 67.23 -32.50 -32.69
C VAL L 743 66.76 -33.80 -33.32
N VAL L 744 66.20 -33.72 -34.52
CA VAL L 744 65.71 -34.92 -35.20
C VAL L 744 66.85 -35.91 -35.38
N ALA L 745 67.98 -35.44 -35.90
CA ALA L 745 69.11 -36.33 -36.13
C ALA L 745 69.56 -37.00 -34.84
N MET L 746 69.52 -36.26 -33.73
CA MET L 746 69.92 -36.84 -32.46
C MET L 746 69.00 -37.99 -32.07
N LEU L 747 67.71 -37.84 -32.30
CA LEU L 747 66.74 -38.73 -31.69
C LEU L 747 66.39 -39.96 -32.51
N CYS L 748 66.82 -40.05 -33.77
CA CYS L 748 66.38 -41.17 -34.60
C CYS L 748 67.52 -41.74 -35.43
N GLY L 749 68.66 -42.04 -34.77
CA GLY L 749 69.77 -42.66 -35.45
C GLY L 749 69.67 -44.17 -35.40
N GLN L 750 69.71 -44.80 -36.59
CA GLN L 750 69.62 -46.24 -36.73
C GLN L 750 70.89 -46.79 -37.38
N THR L 751 70.98 -48.12 -37.40
CA THR L 751 72.06 -48.81 -38.07
C THR L 751 71.48 -49.94 -38.92
N GLU L 752 72.30 -50.46 -39.82
CA GLU L 752 71.89 -51.63 -40.59
C GLU L 752 71.81 -52.85 -39.68
N THR L 753 71.28 -53.93 -40.24
CA THR L 753 71.11 -55.13 -39.43
C THR L 753 72.43 -55.89 -39.29
N ASN L 754 73.10 -56.19 -40.39
CA ASN L 754 74.36 -56.92 -40.34
C ASN L 754 75.53 -55.94 -40.43
N LEU L 755 75.73 -55.22 -39.34
CA LEU L 755 76.78 -54.21 -39.27
C LEU L 755 77.99 -54.82 -38.56
N ILE L 756 79.08 -54.98 -39.30
CA ILE L 756 80.38 -55.36 -38.75
C ILE L 756 81.31 -54.16 -38.92
N PRO L 757 81.71 -53.50 -37.83
CA PRO L 757 82.45 -52.24 -37.97
C PRO L 757 83.72 -52.38 -38.79
N SER L 758 84.46 -53.47 -38.60
CA SER L 758 85.70 -53.65 -39.33
C SER L 758 85.44 -53.72 -40.83
N HIS L 759 84.51 -54.58 -41.22
CA HIS L 759 84.19 -54.72 -42.64
C HIS L 759 83.70 -53.40 -43.22
N HIS L 760 82.80 -52.72 -42.51
CA HIS L 760 82.22 -51.51 -43.04
C HIS L 760 83.27 -50.44 -43.26
N TYR L 761 84.07 -50.15 -42.23
CA TYR L 761 85.05 -49.08 -42.35
C TYR L 761 86.13 -49.43 -43.36
N GLY L 762 86.55 -50.69 -43.41
CA GLY L 762 87.56 -51.08 -44.37
C GLY L 762 87.11 -50.80 -45.79
N LYS L 763 85.90 -51.22 -46.13
CA LYS L 763 85.39 -50.95 -47.46
C LYS L 763 85.13 -49.47 -47.67
N ALA L 764 84.82 -48.74 -46.61
CA ALA L 764 84.58 -47.32 -46.74
C ALA L 764 85.87 -46.54 -46.97
N PHE L 765 86.93 -46.89 -46.24
CA PHE L 765 88.16 -46.11 -46.29
C PHE L 765 89.05 -46.47 -47.47
N ALA L 766 88.90 -47.66 -48.03
CA ALA L 766 89.78 -48.09 -49.12
C ALA L 766 89.86 -47.09 -50.27
N PRO L 767 88.76 -46.58 -50.81
CA PRO L 767 88.89 -45.64 -51.93
C PRO L 767 89.65 -44.39 -51.60
N LEU L 768 89.57 -43.93 -50.34
CA LEU L 768 90.13 -42.63 -50.01
C LEU L 768 91.63 -42.57 -50.25
N PHE L 769 92.35 -43.63 -49.90
CA PHE L 769 93.80 -43.61 -49.99
C PHE L 769 94.30 -43.75 -51.42
N ALA L 770 93.42 -43.97 -52.39
CA ALA L 770 93.85 -44.08 -53.78
C ALA L 770 94.26 -42.74 -54.37
N SER L 771 93.84 -41.63 -53.78
CA SER L 771 94.19 -40.33 -54.33
C SER L 771 95.61 -39.95 -53.96
N ASN L 772 96.13 -38.94 -54.65
CA ASN L 772 97.47 -38.42 -54.39
C ASN L 772 97.45 -37.01 -53.87
N ALA L 773 96.30 -36.50 -53.45
CA ALA L 773 96.22 -35.12 -52.98
C ALA L 773 97.11 -34.89 -51.78
N MET L 774 97.28 -35.90 -50.93
CA MET L 774 98.09 -35.72 -49.73
C MET L 774 99.52 -35.31 -50.06
N PHE L 775 100.03 -35.74 -51.21
CA PHE L 775 101.41 -35.43 -51.58
C PHE L 775 101.52 -34.09 -52.29
N THR L 776 100.59 -33.79 -53.20
CA THR L 776 100.57 -32.47 -53.83
C THR L 776 100.47 -31.40 -52.77
N ARG L 777 99.73 -31.67 -51.69
CA ARG L 777 99.65 -30.74 -50.58
C ARG L 777 101.03 -30.42 -50.04
N ASN L 778 101.82 -31.46 -49.78
CA ASN L 778 103.18 -31.24 -49.28
C ASN L 778 103.99 -30.46 -50.29
N GLN L 779 103.92 -30.84 -51.56
CA GLN L 779 104.71 -30.17 -52.58
C GLN L 779 104.34 -28.69 -52.67
N ARG L 780 103.04 -28.41 -52.69
CA ARG L 780 102.60 -27.02 -52.75
C ARG L 780 103.08 -26.25 -51.52
N ALA L 781 103.07 -26.90 -50.36
CA ALA L 781 103.54 -26.24 -49.15
C ALA L 781 105.01 -25.87 -49.26
N VAL L 782 105.84 -26.78 -49.78
CA VAL L 782 107.27 -26.52 -49.86
C VAL L 782 107.53 -25.32 -50.74
N ILE L 783 106.87 -25.27 -51.90
CA ILE L 783 107.04 -24.14 -52.80
C ILE L 783 106.60 -22.86 -52.12
N THR L 784 105.50 -22.91 -51.37
CA THR L 784 105.05 -21.76 -50.63
C THR L 784 106.15 -21.23 -49.72
N ARG L 785 106.83 -22.14 -49.02
CA ARG L 785 107.91 -21.72 -48.14
C ARG L 785 109.00 -21.00 -48.92
N GLU L 786 109.45 -21.59 -50.02
CA GLU L 786 110.53 -20.97 -50.79
C GLU L 786 110.09 -19.61 -51.33
N ALA L 787 108.87 -19.52 -51.83
CA ALA L 787 108.38 -18.23 -52.30
C ALA L 787 108.33 -17.22 -51.18
N PHE L 788 107.87 -17.64 -50.01
CA PHE L 788 107.78 -16.71 -48.88
C PHE L 788 109.13 -16.14 -48.52
N VAL L 789 110.13 -17.01 -48.38
CA VAL L 789 111.45 -16.56 -47.95
C VAL L 789 112.03 -15.59 -48.95
N CYS L 790 111.95 -15.93 -50.24
CA CYS L 790 112.47 -15.04 -51.26
C CYS L 790 111.74 -13.71 -51.25
N ALA L 791 110.42 -13.74 -51.13
CA ALA L 791 109.65 -12.50 -51.13
C ALA L 791 110.03 -11.63 -49.95
N ARG L 792 110.12 -12.23 -48.76
CA ARG L 792 110.46 -11.45 -47.57
C ARG L 792 111.83 -10.81 -47.72
N SER L 793 112.80 -11.56 -48.23
CA SER L 793 114.14 -11.02 -48.37
C SER L 793 114.16 -9.85 -49.32
N ALA L 794 113.42 -9.94 -50.43
CA ALA L 794 113.45 -8.86 -51.41
C ALA L 794 112.97 -7.55 -50.83
N VAL L 795 111.81 -7.58 -50.16
CA VAL L 795 111.26 -6.35 -49.58
C VAL L 795 112.21 -5.79 -48.55
N ALA L 796 112.76 -6.65 -47.69
CA ALA L 796 113.66 -6.18 -46.64
C ALA L 796 114.85 -5.44 -47.22
N GLN L 797 115.37 -5.92 -48.35
CA GLN L 797 116.55 -5.30 -48.94
C GLN L 797 116.25 -3.98 -49.62
N CYS L 798 114.98 -3.59 -49.74
CA CYS L 798 114.62 -2.36 -50.43
C CYS L 798 114.31 -1.22 -49.46
N GLN L 799 114.59 -1.39 -48.18
CA GLN L 799 114.36 -0.34 -47.21
C GLN L 799 115.58 -0.18 -46.32
N ASP L 800 115.73 1.02 -45.76
CA ASP L 800 116.91 1.33 -44.96
C ASP L 800 117.02 0.43 -43.75
N ALA L 801 115.89 0.06 -43.16
CA ALA L 801 115.86 -0.86 -42.04
C ALA L 801 114.66 -1.77 -42.18
N GLY L 802 114.69 -2.87 -41.44
CA GLY L 802 113.62 -3.85 -41.50
C GLY L 802 114.09 -5.19 -41.01
N PHE L 803 113.44 -6.24 -41.51
CA PHE L 803 113.82 -7.59 -41.14
C PHE L 803 115.28 -7.84 -41.51
N LEU L 804 116.01 -8.45 -40.58
CA LEU L 804 117.46 -8.54 -40.71
C LEU L 804 117.84 -9.60 -41.73
N VAL L 805 118.53 -9.19 -42.79
CA VAL L 805 119.00 -10.09 -43.84
C VAL L 805 120.34 -9.56 -44.36
N PRO L 806 121.13 -10.38 -45.03
CA PRO L 806 122.32 -9.84 -45.73
C PRO L 806 121.88 -8.88 -46.82
N ARG L 807 122.71 -7.86 -47.06
CA ARG L 807 122.39 -6.79 -47.99
C ARG L 807 123.55 -6.56 -48.96
N PRO L 808 123.78 -7.51 -49.86
CA PRO L 808 124.90 -7.34 -50.81
C PRO L 808 124.71 -6.17 -51.76
N LEU L 809 123.48 -5.89 -52.18
CA LEU L 809 123.22 -4.83 -53.14
C LEU L 809 122.99 -3.49 -52.49
N ASP L 810 123.47 -3.30 -51.26
CA ASP L 810 123.21 -2.06 -50.55
C ASP L 810 123.82 -0.85 -51.26
N ALA L 811 124.84 -1.07 -52.09
CA ALA L 811 125.49 0.06 -52.76
C ALA L 811 124.56 0.69 -53.80
N LEU L 812 123.67 -0.09 -54.41
CA LEU L 812 122.81 0.43 -55.44
C LEU L 812 121.82 1.44 -54.88
N ARG L 813 121.52 2.45 -55.69
CA ARG L 813 120.57 3.47 -55.28
C ARG L 813 119.16 2.90 -55.21
N GLN L 814 118.44 3.28 -54.16
CA GLN L 814 117.05 2.88 -54.01
C GLN L 814 116.35 3.76 -52.99
N PHE L 815 115.30 4.46 -53.39
CA PHE L 815 114.53 5.21 -52.42
C PHE L 815 113.82 4.23 -51.49
N ASP L 816 113.76 4.58 -50.22
CA ASP L 816 113.18 3.67 -49.24
C ASP L 816 111.74 3.37 -49.60
N VAL L 817 111.39 2.09 -49.55
CA VAL L 817 110.12 1.63 -50.09
C VAL L 817 109.03 1.84 -49.05
N THR L 818 108.00 2.58 -49.43
CA THR L 818 106.82 2.70 -48.58
C THR L 818 105.97 1.44 -48.71
N SER L 819 105.02 1.30 -47.78
CA SER L 819 104.15 0.13 -47.80
C SER L 819 103.42 0.02 -49.12
N ALA L 820 102.90 1.15 -49.62
CA ALA L 820 102.17 1.12 -50.89
C ALA L 820 103.06 0.68 -52.04
N ALA L 821 104.36 0.90 -51.94
CA ALA L 821 105.27 0.49 -53.01
C ALA L 821 105.78 -0.93 -52.84
N ALA L 822 105.82 -1.42 -51.60
CA ALA L 822 106.33 -2.78 -51.38
C ALA L 822 105.41 -3.81 -52.02
N ALA L 823 104.12 -3.51 -52.14
CA ALA L 823 103.19 -4.49 -52.67
C ALA L 823 103.59 -4.92 -54.07
N GLU L 824 103.95 -3.96 -54.92
CA GLU L 824 104.29 -4.28 -56.30
C GLU L 824 105.48 -5.22 -56.35
N ILE L 825 106.49 -4.97 -55.52
CA ILE L 825 107.62 -5.87 -55.44
C ILE L 825 107.15 -7.26 -55.09
N MET L 826 106.29 -7.38 -54.08
CA MET L 826 105.77 -8.68 -53.72
C MET L 826 104.93 -9.27 -54.85
N HIS L 827 104.13 -8.43 -55.51
CA HIS L 827 103.33 -8.91 -56.64
C HIS L 827 104.24 -9.52 -57.71
N ALA L 828 105.31 -8.82 -58.06
CA ALA L 828 106.20 -9.32 -59.10
C ALA L 828 106.80 -10.66 -58.69
N VAL L 829 107.25 -10.77 -57.45
CA VAL L 829 107.80 -12.04 -56.97
C VAL L 829 106.74 -13.13 -57.05
N ASN L 830 105.54 -12.82 -56.58
CA ASN L 830 104.48 -13.82 -56.58
C ASN L 830 104.17 -14.26 -58.00
N ASP L 831 104.09 -13.32 -58.92
CA ASP L 831 103.83 -13.67 -60.31
C ASP L 831 104.96 -14.51 -60.89
N ALA L 832 106.21 -14.14 -60.58
CA ALA L 832 107.34 -14.87 -61.13
C ALA L 832 107.32 -16.33 -60.68
N PHE L 833 107.06 -16.56 -59.40
CA PHE L 833 107.04 -17.93 -58.89
C PHE L 833 105.94 -18.74 -59.55
N LYS L 834 104.73 -18.18 -59.63
CA LYS L 834 103.62 -18.92 -60.22
C LYS L 834 103.90 -19.25 -61.67
N THR L 835 104.50 -18.32 -62.40
CA THR L 835 104.89 -18.62 -63.78
C THR L 835 105.93 -19.73 -63.81
N ALA L 836 106.92 -19.68 -62.92
CA ALA L 836 107.99 -20.66 -62.94
C ALA L 836 107.47 -22.06 -62.65
N PHE L 837 106.73 -22.21 -61.57
CA PHE L 837 106.26 -23.53 -61.16
C PHE L 837 104.86 -23.84 -61.66
N ASP L 838 104.27 -22.96 -62.47
CA ASP L 838 103.01 -23.24 -63.15
C ASP L 838 101.92 -23.57 -62.13
N LEU L 839 101.73 -22.65 -61.19
CA LEU L 839 100.81 -22.85 -60.09
C LEU L 839 99.57 -21.98 -60.26
N ASP L 840 98.41 -22.59 -60.02
CA ASP L 840 97.19 -21.84 -59.82
C ASP L 840 96.94 -21.66 -58.33
N GLY L 841 96.12 -20.69 -58.00
CA GLY L 841 95.78 -20.44 -56.61
C GLY L 841 96.43 -19.20 -56.05
N ALA L 842 96.19 -18.98 -54.76
CA ALA L 842 96.58 -17.73 -54.14
C ALA L 842 98.09 -17.60 -53.99
N LEU L 843 98.74 -18.65 -53.47
CA LEU L 843 100.14 -18.57 -53.07
C LEU L 843 100.36 -17.44 -52.08
N LEU L 844 100.88 -16.30 -52.53
CA LEU L 844 101.23 -15.20 -51.64
C LEU L 844 100.34 -13.97 -51.83
N ASP L 845 99.16 -14.14 -52.42
CA ASP L 845 98.35 -12.99 -52.81
C ASP L 845 97.96 -12.14 -51.61
N GLY L 846 97.51 -12.78 -50.53
CA GLY L 846 96.97 -12.04 -49.40
C GLY L 846 97.96 -11.06 -48.81
N LEU L 847 99.23 -11.45 -48.77
CA LEU L 847 100.25 -10.58 -48.19
C LEU L 847 100.33 -9.26 -48.95
N ALA L 848 100.15 -9.29 -50.26
CA ALA L 848 100.24 -8.06 -51.03
C ALA L 848 98.91 -7.32 -51.07
N LEU L 849 97.80 -8.05 -51.09
CA LEU L 849 96.51 -7.40 -51.25
C LEU L 849 96.04 -6.72 -49.97
N TYR L 850 96.37 -7.28 -48.81
CA TYR L 850 95.90 -6.75 -47.55
C TYR L 850 97.08 -6.47 -46.64
N GLY L 851 96.89 -5.52 -45.73
CA GLY L 851 97.90 -5.24 -44.73
C GLY L 851 99.20 -4.71 -45.27
N ASP L 852 100.18 -4.56 -44.41
CA ASP L 852 101.49 -4.06 -44.82
C ASP L 852 102.33 -5.20 -45.38
N PRO L 853 102.85 -5.05 -46.60
CA PRO L 853 103.74 -6.10 -47.13
C PRO L 853 105.07 -6.20 -46.40
N ARG L 854 105.47 -5.20 -45.62
CA ARG L 854 106.77 -5.27 -44.95
C ARG L 854 106.73 -6.26 -43.80
N ILE L 855 106.57 -7.55 -44.13
CA ILE L 855 106.48 -8.57 -43.10
C ILE L 855 107.86 -8.85 -42.50
N ALA L 856 107.86 -9.35 -41.27
CA ALA L 856 109.11 -9.76 -40.63
C ALA L 856 109.13 -11.25 -40.31
N ASP L 857 108.20 -11.74 -39.50
CA ASP L 857 108.19 -13.14 -39.09
C ASP L 857 106.79 -13.45 -38.59
N LEU L 858 106.07 -14.27 -39.34
CA LEU L 858 104.64 -14.45 -39.09
C LEU L 858 104.38 -15.17 -37.78
N SER L 859 103.25 -14.84 -37.17
CA SER L 859 102.79 -15.53 -35.98
C SER L 859 101.28 -15.35 -35.88
N ALA L 860 100.61 -16.36 -35.36
CA ALA L 860 99.19 -16.33 -35.12
C ALA L 860 98.93 -16.43 -33.62
N ALA L 861 97.90 -15.74 -33.16
CA ALA L 861 97.61 -15.70 -31.74
C ALA L 861 96.12 -15.61 -31.50
N TYR L 862 95.68 -16.14 -30.37
CA TYR L 862 94.32 -15.97 -29.91
C TYR L 862 94.33 -15.40 -28.51
N LEU L 863 93.34 -14.56 -28.22
CA LEU L 863 93.28 -13.85 -26.95
C LEU L 863 92.19 -14.45 -26.08
N GLN L 864 92.46 -14.52 -24.78
CA GLN L 864 91.51 -15.07 -23.82
C GLN L 864 90.98 -13.95 -22.93
N TYR L 865 89.71 -14.06 -22.55
CA TYR L 865 89.08 -13.06 -21.70
C TYR L 865 89.80 -12.93 -20.36
N GLY L 866 90.51 -13.95 -19.94
CA GLY L 866 91.26 -13.88 -18.70
C GLY L 866 92.58 -13.14 -18.86
N GLY L 867 92.63 -12.22 -19.81
CA GLY L 867 93.81 -11.39 -20.00
C GLY L 867 95.05 -12.19 -20.33
N ASN L 868 94.93 -13.13 -21.27
CA ASN L 868 96.07 -13.95 -21.66
C ASN L 868 96.11 -14.05 -23.18
N VAL L 869 97.32 -14.16 -23.71
CA VAL L 869 97.54 -14.28 -25.14
C VAL L 869 98.41 -15.50 -25.40
N VAL L 870 98.01 -16.30 -26.39
CA VAL L 870 98.77 -17.47 -26.82
C VAL L 870 99.24 -17.20 -28.24
N ARG L 871 100.55 -17.10 -28.42
CA ARG L 871 101.13 -16.73 -29.71
C ARG L 871 101.95 -17.89 -30.26
N GLU L 872 101.76 -18.17 -31.55
CA GLU L 872 102.47 -19.24 -32.23
C GLU L 872 103.28 -18.65 -33.37
N HIS L 873 104.59 -18.57 -33.19
CA HIS L 873 105.46 -18.13 -34.27
C HIS L 873 105.68 -19.26 -35.26
N VAL L 874 105.84 -18.90 -36.52
CA VAL L 874 106.09 -19.90 -37.56
C VAL L 874 107.31 -19.47 -38.38
N PRO L 875 108.50 -19.45 -37.80
CA PRO L 875 109.68 -19.13 -38.58
C PRO L 875 109.88 -20.19 -39.67
N PRO L 876 110.22 -19.77 -40.87
CA PRO L 876 110.39 -20.73 -41.96
C PRO L 876 111.59 -21.62 -41.73
N GLY L 877 111.54 -22.81 -42.33
CA GLY L 877 112.59 -23.78 -42.20
C GLY L 877 113.80 -23.41 -43.05
N PRO L 878 114.70 -24.37 -43.23
CA PRO L 878 115.89 -24.09 -44.05
C PRO L 878 115.55 -23.98 -45.53
N SER L 879 115.58 -22.77 -46.05
CA SER L 879 115.32 -22.58 -47.47
C SER L 879 116.57 -22.84 -48.29
N HIS L 880 116.38 -23.00 -49.58
CA HIS L 880 117.50 -23.19 -50.50
C HIS L 880 117.58 -22.12 -51.57
N ILE L 881 116.44 -21.74 -52.16
CA ILE L 881 116.46 -20.73 -53.21
C ILE L 881 117.04 -19.43 -52.67
N HIS L 882 116.79 -19.13 -51.40
CA HIS L 882 117.31 -17.90 -50.82
C HIS L 882 118.84 -17.87 -50.89
N ARG L 883 119.48 -18.96 -50.49
CA ARG L 883 120.94 -18.95 -50.39
C ARG L 883 121.57 -18.70 -51.74
N THR L 884 121.12 -19.43 -52.76
CA THR L 884 121.71 -19.24 -54.08
C THR L 884 121.43 -17.85 -54.61
N LEU L 885 120.28 -17.27 -54.26
CA LEU L 885 120.00 -15.90 -54.66
C LEU L 885 121.00 -14.95 -54.03
N GLN L 886 121.29 -15.14 -52.74
CA GLN L 886 122.29 -14.32 -52.08
C GLN L 886 123.63 -14.44 -52.79
N GLN L 887 123.98 -15.65 -53.20
CA GLN L 887 125.22 -15.84 -53.94
C GLN L 887 125.19 -15.09 -55.27
N VAL L 888 124.05 -15.14 -55.96
CA VAL L 888 123.93 -14.44 -57.24
C VAL L 888 124.10 -12.95 -57.04
N GLU L 889 123.44 -12.40 -56.02
CA GLU L 889 123.56 -10.97 -55.77
C GLU L 889 124.99 -10.59 -55.44
N SER L 890 125.65 -11.40 -54.62
CA SER L 890 127.02 -11.09 -54.22
C SER L 890 127.93 -11.03 -55.43
N THR L 891 127.81 -12.01 -56.32
CA THR L 891 128.70 -12.03 -57.48
C THR L 891 128.32 -10.98 -58.51
N PHE L 892 127.07 -10.50 -58.51
CA PHE L 892 126.69 -9.49 -59.48
C PHE L 892 127.50 -8.22 -59.29
N MET L 893 127.67 -7.79 -58.04
CA MET L 893 128.42 -6.58 -57.78
C MET L 893 129.85 -6.66 -58.29
N ALA L 894 130.38 -7.87 -58.45
CA ALA L 894 131.71 -8.03 -58.99
C ALA L 894 131.76 -8.12 -60.50
N GLU L 895 130.63 -8.42 -61.14
CA GLU L 895 130.61 -8.61 -62.59
C GLU L 895 129.41 -7.92 -63.20
N MET L 896 129.10 -6.71 -62.73
CA MET L 896 127.95 -5.99 -63.27
C MET L 896 128.13 -5.67 -64.74
N ASN L 897 129.37 -5.53 -65.20
CA ASN L 897 129.61 -5.16 -66.58
C ASN L 897 128.99 -6.15 -67.55
N LEU L 898 128.95 -7.43 -67.17
CA LEU L 898 128.36 -8.43 -68.06
C LEU L 898 126.88 -8.20 -68.27
N PHE L 899 126.25 -7.37 -67.44
CA PHE L 899 124.84 -7.03 -67.60
C PHE L 899 124.65 -5.60 -68.10
N ASN L 900 125.66 -5.05 -68.77
CA ASN L 900 125.59 -3.71 -69.33
C ASN L 900 125.34 -2.66 -68.25
N VAL L 901 125.98 -2.84 -67.10
CA VAL L 901 125.89 -1.91 -65.99
C VAL L 901 127.30 -1.53 -65.56
N ALA L 902 127.55 -0.24 -65.41
CA ALA L 902 128.85 0.28 -65.05
C ALA L 902 128.76 1.11 -63.78
N ARG L 903 129.84 1.09 -63.01
CA ARG L 903 129.95 1.85 -61.77
C ARG L 903 130.82 3.07 -61.99
N GLY L 904 130.82 3.96 -60.99
CA GLY L 904 131.61 5.16 -61.05
C GLY L 904 130.90 6.31 -61.72
N ASN L 905 131.59 7.45 -61.73
CA ASN L 905 131.02 8.68 -62.27
C ASN L 905 131.34 8.82 -63.75
N LEU L 906 130.87 9.91 -64.34
CA LEU L 906 131.06 10.19 -65.75
C LEU L 906 131.71 11.54 -65.93
N TYR L 907 132.69 11.62 -66.82
CA TYR L 907 133.36 12.86 -67.15
C TYR L 907 132.90 13.35 -68.51
N LEU L 908 133.06 14.66 -68.73
CA LEU L 908 132.64 15.30 -69.96
C LEU L 908 133.71 16.27 -70.45
N VAL L 909 134.95 15.80 -70.49
CA VAL L 909 136.03 16.63 -70.99
C VAL L 909 136.06 16.56 -72.51
N GLN L 910 136.19 17.71 -73.15
CA GLN L 910 136.25 17.79 -74.60
C GLN L 910 137.66 17.45 -75.05
N THR L 911 137.82 16.29 -75.67
CA THR L 911 139.12 15.80 -76.11
C THR L 911 139.08 15.57 -77.62
N ALA L 912 140.11 16.06 -78.31
CA ALA L 912 140.20 15.94 -79.75
C ALA L 912 141.45 15.18 -80.16
N THR L 913 141.71 14.06 -79.50
CA THR L 913 142.94 13.31 -79.74
C THR L 913 142.95 12.71 -81.14
N ASN L 914 144.04 12.02 -81.46
CA ASN L 914 144.18 11.34 -82.72
C ASN L 914 144.59 9.89 -82.57
N GLY L 915 145.01 9.45 -81.40
CA GLY L 915 145.50 8.11 -81.17
C GLY L 915 144.45 7.20 -80.55
N ASN L 916 144.91 6.28 -79.72
CA ASN L 916 144.00 5.33 -79.09
C ASN L 916 143.04 6.04 -78.15
N TRP L 917 141.95 5.35 -77.83
CA TRP L 917 140.92 5.92 -76.98
C TRP L 917 140.11 4.78 -76.39
N SER L 918 140.19 4.59 -75.08
CA SER L 918 139.50 3.51 -74.38
C SER L 918 138.72 4.10 -73.21
N PRO L 919 137.54 4.66 -73.47
CA PRO L 919 136.78 5.29 -72.38
C PRO L 919 136.41 4.34 -71.28
N MET L 920 136.21 3.06 -71.58
CA MET L 920 135.81 2.10 -70.56
C MET L 920 136.92 1.78 -69.58
N ALA L 921 138.16 2.15 -69.88
CA ALA L 921 139.29 1.91 -68.98
C ALA L 921 140.35 2.98 -69.23
N PRO L 922 140.08 4.21 -68.84
CA PRO L 922 141.05 5.28 -69.08
C PRO L 922 142.31 5.06 -68.25
N VAL L 923 143.45 5.25 -68.91
CA VAL L 923 144.73 5.11 -68.21
C VAL L 923 145.21 6.44 -67.67
N ALA L 924 144.91 7.54 -68.35
CA ALA L 924 145.34 8.85 -67.90
C ALA L 924 144.65 9.22 -66.59
N ALA L 925 145.32 10.07 -65.82
CA ALA L 925 144.78 10.47 -64.53
C ALA L 925 143.48 11.25 -64.74
N PRO L 926 142.50 11.08 -63.85
CA PRO L 926 141.27 11.84 -63.98
C PRO L 926 141.54 13.33 -63.89
N PRO L 927 140.80 14.15 -64.63
CA PRO L 927 141.10 15.58 -64.66
C PRO L 927 141.01 16.26 -63.30
N PHE L 928 140.06 15.85 -62.48
CA PHE L 928 139.88 16.47 -61.17
C PHE L 928 138.91 15.61 -60.37
N VAL L 929 138.76 15.94 -59.10
CA VAL L 929 137.88 15.24 -58.18
C VAL L 929 137.06 16.25 -57.41
N ARG L 930 136.13 15.74 -56.58
CA ARG L 930 135.22 16.62 -55.88
C ARG L 930 135.95 17.54 -54.91
N GLY L 931 136.93 17.01 -54.18
CA GLY L 931 137.65 17.82 -53.23
C GLY L 931 138.77 18.64 -53.79
N GLY L 932 139.00 18.60 -55.10
CA GLY L 932 140.12 19.28 -55.70
C GLY L 932 139.98 20.78 -55.65
N PRO L 933 141.09 21.48 -55.83
CA PRO L 933 141.06 22.95 -55.84
C PRO L 933 140.25 23.47 -57.02
N ASN L 934 139.62 24.62 -56.81
CA ASN L 934 138.87 25.34 -57.83
C ASN L 934 137.70 24.53 -58.38
N VAL L 935 137.31 23.47 -57.71
CA VAL L 935 136.24 22.61 -58.19
C VAL L 935 134.93 23.09 -57.57
N ARG L 936 134.09 23.72 -58.39
CA ARG L 936 132.81 24.21 -57.94
C ARG L 936 131.77 23.10 -57.99
N VAL L 937 130.77 23.19 -57.12
CA VAL L 937 129.70 22.21 -57.04
C VAL L 937 128.37 22.95 -57.22
N VAL L 938 127.53 22.44 -58.11
CA VAL L 938 126.30 23.10 -58.47
C VAL L 938 125.30 23.00 -57.33
N GLY L 939 124.36 23.94 -57.27
CA GLY L 939 123.36 23.97 -56.23
C GLY L 939 122.24 22.98 -56.46
N ARG L 940 121.29 22.97 -55.52
CA ARG L 940 120.19 22.01 -55.57
C ARG L 940 119.40 22.15 -56.86
N PHE L 941 119.10 23.37 -57.26
CA PHE L 941 118.52 23.65 -58.55
C PHE L 941 119.62 24.09 -59.49
N GLY L 942 119.51 23.68 -60.75
CA GLY L 942 120.52 24.06 -61.72
C GLY L 942 120.29 25.45 -62.26
N THR L 943 119.83 26.36 -61.40
CA THR L 943 119.44 27.68 -61.84
C THR L 943 120.66 28.48 -62.28
N ILE L 944 120.50 29.21 -63.38
CA ILE L 944 121.51 30.15 -63.84
C ILE L 944 120.93 31.55 -63.73
N VAL L 945 121.82 32.53 -63.62
CA VAL L 945 121.39 33.92 -63.52
C VAL L 945 122.00 34.72 -64.66
N PRO L 946 121.20 35.21 -65.60
CA PRO L 946 121.71 36.16 -66.60
C PRO L 946 121.91 37.53 -65.98
N ARG L 947 122.76 38.31 -66.63
CA ARG L 947 123.07 39.64 -66.12
C ARG L 947 122.95 40.66 -67.24
N PRO L 948 122.54 41.88 -66.92
CA PRO L 948 122.02 42.78 -67.96
C PRO L 948 123.07 43.38 -68.87
N ASP L 949 124.16 43.87 -68.30
CA ASP L 949 125.05 44.78 -69.02
C ASP L 949 126.27 44.05 -69.57
N GLY L 950 126.02 43.18 -70.55
CA GLY L 950 127.10 42.50 -71.24
C GLY L 950 127.85 41.48 -70.42
N LEU L 951 127.65 41.43 -69.11
CA LEU L 951 128.25 40.37 -68.31
C LEU L 951 127.65 39.03 -68.71
N GLU L 952 128.50 38.00 -68.72
CA GLU L 952 128.02 36.67 -69.06
C GLU L 952 127.27 36.06 -67.88
N PRO L 953 126.38 35.11 -68.15
CA PRO L 953 125.60 34.51 -67.07
C PRO L 953 126.47 33.79 -66.06
N GLN L 954 125.85 33.38 -64.97
CA GLN L 954 126.55 32.69 -63.90
C GLN L 954 125.69 31.58 -63.35
N LEU L 955 126.34 30.61 -62.72
CA LEU L 955 125.69 29.43 -62.17
C LEU L 955 125.68 29.53 -60.65
N ILE L 956 124.60 29.02 -60.06
CA ILE L 956 124.42 29.09 -58.61
C ILE L 956 125.25 27.99 -57.97
N ASP L 957 126.34 28.36 -57.31
CA ASP L 957 127.09 27.41 -56.52
C ASP L 957 126.23 26.87 -55.39
N ASP L 958 126.53 25.66 -54.94
CA ASP L 958 125.78 25.07 -53.84
C ASP L 958 125.80 25.91 -52.57
N GLY L 959 126.66 26.93 -52.51
CA GLY L 959 126.63 27.87 -51.41
C GLY L 959 125.79 29.08 -51.73
N ASN L 960 124.92 28.95 -52.74
CA ASN L 960 124.03 30.03 -53.16
C ASN L 960 124.82 31.26 -53.60
N VAL L 961 125.95 31.02 -54.25
CA VAL L 961 126.81 32.09 -54.74
C VAL L 961 126.94 31.93 -56.26
N PRO L 962 126.51 32.91 -57.05
CA PRO L 962 126.71 32.80 -58.50
C PRO L 962 128.18 32.70 -58.83
N ARG L 963 128.49 31.86 -59.81
CA ARG L 963 129.87 31.62 -60.22
C ARG L 963 129.95 31.58 -61.73
N ASP L 964 131.14 31.82 -62.24
CA ASP L 964 131.36 31.80 -63.68
C ASP L 964 131.30 30.37 -64.21
N ILE L 965 130.81 30.23 -65.44
CA ILE L 965 130.67 28.91 -66.04
C ILE L 965 132.02 28.27 -66.28
N ALA L 966 132.99 29.05 -66.77
CA ALA L 966 134.29 28.50 -67.11
C ALA L 966 134.96 27.88 -65.89
N GLY L 967 135.55 26.72 -66.08
CA GLY L 967 136.22 26.03 -65.00
C GLY L 967 135.82 24.57 -64.89
N ASP L 968 135.81 24.05 -63.67
CA ASP L 968 135.43 22.67 -63.41
C ASP L 968 134.23 22.64 -62.48
N TRP L 969 133.31 21.72 -62.75
CA TRP L 969 132.07 21.66 -62.01
C TRP L 969 131.71 20.21 -61.72
N VAL L 970 130.92 20.03 -60.67
CA VAL L 970 130.45 18.71 -60.26
C VAL L 970 128.93 18.73 -60.27
N TYR L 971 128.35 17.79 -60.99
CA TYR L 971 126.90 17.72 -61.14
C TYR L 971 126.37 16.45 -60.48
N PRO L 972 125.67 16.54 -59.35
CA PRO L 972 124.90 15.38 -58.89
C PRO L 972 123.86 15.01 -59.94
N SER L 973 123.67 13.71 -60.11
CA SER L 973 122.79 13.23 -61.17
C SER L 973 121.38 13.79 -61.01
N ASP L 974 120.96 14.04 -59.79
CA ASP L 974 119.64 14.63 -59.57
C ASP L 974 119.54 16.00 -60.21
N VAL L 975 120.56 16.84 -60.01
CA VAL L 975 120.49 18.21 -60.50
C VAL L 975 120.37 18.22 -62.02
N LEU L 976 121.11 17.36 -62.69
CA LEU L 976 121.06 17.33 -64.14
C LEU L 976 119.66 16.99 -64.63
N GLN L 977 119.01 16.02 -63.99
CA GLN L 977 117.70 15.59 -64.45
C GLN L 977 116.65 16.67 -64.35
N VAL L 978 116.86 17.69 -63.52
CA VAL L 978 115.89 18.75 -63.33
C VAL L 978 116.28 20.04 -63.99
N SER L 979 117.43 20.08 -64.67
CA SER L 979 117.87 21.30 -65.33
C SER L 979 118.50 21.00 -66.68
N VAL L 980 118.05 19.95 -67.35
CA VAL L 980 118.71 19.51 -68.57
C VAL L 980 118.66 20.59 -69.63
N ALA L 981 117.50 21.25 -69.78
CA ALA L 981 117.33 22.21 -70.86
C ALA L 981 118.31 23.36 -70.73
N VAL L 982 118.33 23.99 -69.56
CA VAL L 982 119.23 25.12 -69.36
C VAL L 982 120.68 24.67 -69.47
N PHE L 983 120.97 23.46 -68.98
CA PHE L 983 122.31 22.93 -69.09
C PHE L 983 122.72 22.78 -70.55
N CYS L 984 121.83 22.24 -71.38
CA CYS L 984 122.14 22.05 -72.78
C CYS L 984 122.33 23.39 -73.49
N ASP L 985 121.69 24.44 -73.00
CA ASP L 985 121.73 25.73 -73.67
C ASP L 985 122.83 26.65 -73.15
N TYR L 986 123.37 26.37 -71.99
CA TYR L 986 124.36 27.31 -71.46
C TYR L 986 125.66 26.65 -71.04
N VAL L 987 125.60 25.45 -70.49
CA VAL L 987 126.81 24.78 -70.03
C VAL L 987 127.41 23.91 -71.11
N TRP L 988 126.57 23.09 -71.74
CA TRP L 988 127.05 22.18 -72.78
C TRP L 988 127.85 22.87 -73.87
N PRO L 989 127.45 24.03 -74.40
CA PRO L 989 128.32 24.71 -75.36
C PRO L 989 129.68 25.03 -74.79
N MET L 990 129.73 25.60 -73.58
CA MET L 990 131.01 25.91 -72.97
C MET L 990 131.85 24.66 -72.79
N VAL L 991 131.20 23.51 -72.68
CA VAL L 991 131.94 22.25 -72.65
C VAL L 991 132.46 21.90 -74.04
N LYS L 992 131.62 22.08 -75.05
CA LYS L 992 132.05 21.76 -76.41
C LYS L 992 133.28 22.59 -76.79
N ALA L 993 133.27 23.87 -76.46
CA ALA L 993 134.50 24.63 -76.51
C ALA L 993 135.42 24.20 -75.38
N GLY L 994 136.72 24.30 -75.62
CA GLY L 994 137.67 23.87 -74.63
C GLY L 994 137.77 24.82 -73.47
N ARG L 995 136.68 25.00 -72.73
CA ARG L 995 136.66 25.94 -71.63
C ARG L 995 136.01 25.41 -70.37
N THR L 996 135.47 24.20 -70.38
CA THR L 996 134.76 23.69 -69.21
C THR L 996 134.91 22.17 -69.15
N ARG L 997 135.01 21.66 -67.93
CA ARG L 997 135.05 20.22 -67.69
C ARG L 997 134.04 19.89 -66.60
N VAL L 998 133.20 18.90 -66.88
CA VAL L 998 132.06 18.59 -66.02
C VAL L 998 132.17 17.15 -65.54
N LEU L 999 131.89 16.94 -64.26
CA LEU L 999 131.86 15.62 -63.65
C LEU L 999 130.44 15.31 -63.21
N VAL L 1000 129.85 14.27 -63.78
CA VAL L 1000 128.50 13.86 -63.44
C VAL L 1000 128.59 12.68 -62.47
N GLU L 1001 128.00 12.83 -61.29
CA GLU L 1001 128.10 11.83 -60.24
C GLU L 1001 126.96 10.83 -60.42
N LEU L 1002 127.28 9.67 -60.97
CA LEU L 1002 126.36 8.56 -61.07
C LEU L 1002 126.87 7.40 -60.23
N GLY L 1003 125.97 6.76 -59.51
CA GLY L 1003 126.36 5.57 -58.79
C GLY L 1003 126.59 4.41 -59.74
N HIS L 1004 125.53 3.99 -60.40
CA HIS L 1004 125.60 2.94 -61.41
C HIS L 1004 124.61 3.28 -62.50
N TYR L 1005 124.85 2.75 -63.69
CA TYR L 1005 124.02 3.13 -64.82
C TYR L 1005 124.16 2.11 -65.95
N VAL L 1006 123.14 2.08 -66.79
CA VAL L 1006 123.18 1.30 -68.01
C VAL L 1006 124.02 2.06 -69.04
N TYR L 1007 124.93 1.36 -69.70
CA TYR L 1007 125.80 1.98 -70.67
C TYR L 1007 125.66 1.28 -72.01
N THR L 1008 125.68 2.06 -73.08
CA THR L 1008 125.75 1.53 -74.43
C THR L 1008 126.93 2.18 -75.13
N LEU L 1009 127.39 1.54 -76.21
CA LEU L 1009 128.60 1.99 -76.86
C LEU L 1009 128.50 1.75 -78.37
N HIS L 1010 129.21 2.58 -79.11
CA HIS L 1010 129.26 2.50 -80.57
C HIS L 1010 130.69 2.31 -81.02
N TYR L 1011 130.88 1.46 -82.03
CA TYR L 1011 132.19 1.22 -82.59
C TYR L 1011 132.32 1.97 -83.91
N TYR L 1012 133.39 2.74 -84.04
CA TYR L 1012 133.64 3.52 -85.23
C TYR L 1012 134.92 3.04 -85.90
N ASP L 1013 135.18 3.60 -87.06
CA ASP L 1013 136.39 3.33 -87.83
C ASP L 1013 137.43 4.38 -87.52
N PRO L 1014 138.65 3.98 -87.17
CA PRO L 1014 139.70 4.96 -86.88
C PRO L 1014 140.07 5.84 -88.07
N GLN L 1015 139.77 5.43 -89.29
CA GLN L 1015 140.16 6.19 -90.46
C GLN L 1015 139.15 7.28 -90.83
N ILE L 1016 138.09 7.45 -90.07
CA ILE L 1016 137.04 8.40 -90.40
C ILE L 1016 137.01 9.47 -89.32
N SER L 1017 137.35 10.70 -89.70
CA SER L 1017 137.26 11.82 -88.79
C SER L 1017 135.79 12.15 -88.52
N LEU L 1018 135.51 12.57 -87.29
CA LEU L 1018 134.13 12.85 -86.91
C LEU L 1018 134.14 13.65 -85.62
N ASP L 1019 133.03 14.35 -85.38
CA ASP L 1019 132.75 15.00 -84.10
C ASP L 1019 131.57 14.29 -83.46
N GLU L 1020 131.73 13.87 -82.22
CA GLU L 1020 130.74 13.04 -81.54
C GLU L 1020 129.75 13.85 -80.72
N ALA L 1021 129.74 15.16 -80.86
CA ALA L 1021 128.76 15.98 -80.16
C ALA L 1021 127.31 15.56 -80.40
N PRO L 1022 126.87 15.24 -81.63
CA PRO L 1022 125.45 14.89 -81.80
C PRO L 1022 124.99 13.74 -80.93
N ILE L 1023 125.84 12.75 -80.71
CA ILE L 1023 125.45 11.61 -79.89
C ILE L 1023 125.10 12.07 -78.48
N LEU L 1024 125.95 12.91 -77.90
CA LEU L 1024 125.68 13.40 -76.55
C LEU L 1024 124.42 14.25 -76.54
N GLU L 1025 124.26 15.13 -77.53
CA GLU L 1025 123.08 15.98 -77.57
C GLU L 1025 121.81 15.16 -77.65
N GLU L 1026 121.82 14.10 -78.46
CA GLU L 1026 120.68 13.20 -78.48
C GLU L 1026 120.47 12.58 -77.12
N TRP L 1027 121.55 12.15 -76.46
CA TRP L 1027 121.42 11.58 -75.14
C TRP L 1027 120.83 12.57 -74.16
N LEU L 1028 121.28 13.83 -74.24
CA LEU L 1028 120.72 14.85 -73.37
C LEU L 1028 119.26 15.12 -73.68
N SER L 1029 118.86 14.93 -74.94
CA SER L 1029 117.51 15.28 -75.36
C SER L 1029 116.45 14.40 -74.73
N LYS L 1030 116.83 13.30 -74.07
CA LYS L 1030 115.85 12.38 -73.52
C LYS L 1030 116.00 12.21 -72.01
N ILE L 1031 116.69 13.12 -71.35
CA ILE L 1031 116.82 13.09 -69.90
C ILE L 1031 115.69 13.93 -69.31
N ASN L 1032 115.06 13.42 -68.26
CA ASN L 1032 114.02 14.16 -67.57
C ASN L 1032 114.05 13.74 -66.10
N PRO L 1033 113.32 14.45 -65.24
CA PRO L 1033 113.30 14.08 -63.83
C PRO L 1033 112.79 12.68 -63.55
N ALA L 1034 112.21 12.01 -64.55
CA ALA L 1034 111.71 10.66 -64.33
C ALA L 1034 112.76 9.59 -64.57
N GLY L 1035 113.64 9.79 -65.53
CA GLY L 1035 114.64 8.78 -65.83
C GLY L 1035 115.56 9.25 -66.93
N ILE L 1036 116.53 8.40 -67.26
CA ILE L 1036 117.54 8.74 -68.26
C ILE L 1036 117.74 7.57 -69.20
N PRO L 1037 118.17 7.86 -70.42
CA PRO L 1037 118.56 6.80 -71.33
C PRO L 1037 119.96 6.32 -71.02
N PRO L 1038 120.39 5.19 -71.58
CA PRO L 1038 121.73 4.69 -71.29
C PRO L 1038 122.80 5.65 -71.78
N VAL L 1039 123.92 5.65 -71.08
CA VAL L 1039 125.04 6.50 -71.47
C VAL L 1039 125.70 5.93 -72.72
N PRO L 1040 125.96 6.75 -73.74
CA PRO L 1040 126.63 6.26 -74.94
C PRO L 1040 128.14 6.43 -74.85
N PHE L 1041 128.83 5.64 -75.67
CA PHE L 1041 130.28 5.72 -75.76
C PHE L 1041 130.71 5.38 -77.18
N CYS L 1042 131.91 5.82 -77.53
CA CYS L 1042 132.48 5.56 -78.84
C CYS L 1042 133.84 4.91 -78.68
N ILE L 1043 134.05 3.80 -79.38
CA ILE L 1043 135.29 3.04 -79.27
C ILE L 1043 135.80 2.69 -80.66
N PRO L 1044 137.05 2.95 -80.97
CA PRO L 1044 137.57 2.57 -82.29
C PRO L 1044 137.61 1.07 -82.45
N ILE L 1045 137.37 0.63 -83.67
CA ILE L 1045 137.47 -0.80 -84.00
C ILE L 1045 138.96 -1.15 -84.15
N PRO L 1046 139.44 -2.16 -83.43
CA PRO L 1046 140.86 -2.52 -83.54
C PRO L 1046 141.21 -2.95 -84.96
N GLN L 1047 142.44 -2.67 -85.35
CA GLN L 1047 142.92 -2.93 -86.69
C GLN L 1047 144.02 -3.98 -86.67
N VAL L 1048 144.16 -4.69 -87.79
CA VAL L 1048 145.13 -5.78 -87.90
C VAL L 1048 146.40 -5.26 -88.56
N TYR L 1049 146.26 -4.34 -89.48
CA TYR L 1049 147.42 -3.78 -90.14
C TYR L 1049 147.64 -2.34 -89.70
N PRO L 1050 148.87 -1.85 -89.74
CA PRO L 1050 149.11 -0.44 -89.42
C PRO L 1050 148.33 0.46 -90.37
N CYS L 1051 147.81 1.56 -89.83
CA CYS L 1051 146.94 2.43 -90.59
C CYS L 1051 147.12 3.86 -90.13
N ILE L 1052 146.58 4.79 -90.90
CA ILE L 1052 146.65 6.21 -90.60
C ILE L 1052 145.35 6.62 -89.96
N THR L 1053 145.42 7.04 -88.70
CA THR L 1053 144.23 7.47 -87.99
C THR L 1053 143.79 8.86 -88.46
N ALA L 1054 142.57 9.22 -88.10
CA ALA L 1054 142.01 10.52 -88.45
C ALA L 1054 141.69 11.29 -87.16
N ARG L 1055 141.68 12.61 -87.28
CA ARG L 1055 141.34 13.44 -86.14
C ARG L 1055 139.95 13.11 -85.65
N ARG L 1056 139.82 12.86 -84.34
CA ARG L 1056 138.55 12.49 -83.77
C ARG L 1056 138.35 13.28 -82.48
N VAL L 1057 137.09 13.58 -82.18
CA VAL L 1057 136.73 14.37 -81.00
C VAL L 1057 135.90 13.49 -80.06
N HIS L 1058 136.34 13.39 -78.82
CA HIS L 1058 135.67 12.59 -77.81
C HIS L 1058 135.26 13.47 -76.64
N TYR L 1059 134.22 13.05 -75.95
CA TYR L 1059 133.71 13.84 -74.84
C TYR L 1059 133.55 13.05 -73.55
N ALA L 1060 133.16 11.78 -73.63
CA ALA L 1060 132.74 11.02 -72.46
C ALA L 1060 133.71 9.89 -72.15
N PHE L 1061 133.97 9.67 -70.87
CA PHE L 1061 134.73 8.53 -70.41
C PHE L 1061 134.45 8.32 -68.93
N THR L 1062 134.54 7.07 -68.50
CA THR L 1062 134.20 6.72 -67.13
C THR L 1062 135.38 7.02 -66.20
N SER L 1063 135.09 6.95 -64.90
CA SER L 1063 136.07 7.26 -63.88
C SER L 1063 136.86 6.05 -63.40
N GLU L 1064 136.52 4.85 -63.85
CA GLU L 1064 137.24 3.66 -63.41
C GLU L 1064 136.93 2.52 -64.37
N ASN L 1065 137.66 1.42 -64.19
CA ASN L 1065 137.55 0.29 -65.11
C ASN L 1065 136.14 -0.27 -65.13
N ASN L 1066 135.61 -0.46 -66.32
CA ASN L 1066 134.30 -1.10 -66.47
C ASN L 1066 134.21 -2.02 -67.68
N ASN L 1067 135.33 -2.39 -68.30
CA ASN L 1067 135.31 -3.18 -69.52
C ASN L 1067 135.49 -4.67 -69.26
N ASP L 1068 135.04 -5.13 -68.10
CA ASP L 1068 135.24 -6.53 -67.75
C ASP L 1068 134.55 -7.48 -68.71
N SER L 1069 133.51 -7.03 -69.40
CA SER L 1069 132.79 -7.90 -70.33
C SER L 1069 133.58 -8.20 -71.58
N LEU L 1070 134.65 -7.45 -71.85
CA LEU L 1070 135.44 -7.70 -73.05
C LEU L 1070 136.11 -9.06 -72.97
N PHE L 1071 136.04 -9.80 -74.07
CA PHE L 1071 136.58 -11.15 -74.12
C PHE L 1071 137.87 -11.23 -74.92
N SER L 1072 137.85 -10.82 -76.19
CA SER L 1072 139.04 -10.90 -77.03
C SER L 1072 138.86 -9.95 -78.21
N THR L 1073 139.99 -9.63 -78.84
CA THR L 1073 140.02 -8.72 -79.97
C THR L 1073 140.81 -9.34 -81.10
N ASN L 1074 140.23 -9.34 -82.30
CA ASN L 1074 140.88 -9.90 -83.48
C ASN L 1074 141.37 -11.31 -83.22
N ALA L 1075 140.48 -12.14 -82.66
CA ALA L 1075 140.85 -13.51 -82.34
C ALA L 1075 141.30 -14.27 -83.57
N ALA L 1076 140.72 -13.95 -84.73
CA ALA L 1076 141.10 -14.64 -85.96
C ALA L 1076 142.50 -14.30 -86.43
N SER L 1077 143.12 -13.26 -85.89
CA SER L 1077 144.44 -12.85 -86.30
C SER L 1077 145.48 -13.31 -85.29
N ILE L 1078 146.73 -12.90 -85.51
CA ILE L 1078 147.81 -13.24 -84.59
C ILE L 1078 148.09 -12.10 -83.59
N ASP L 1079 147.78 -10.86 -83.95
CA ASP L 1079 147.96 -9.73 -83.06
C ASP L 1079 147.26 -8.52 -83.66
N THR L 1080 147.02 -7.53 -82.81
CA THR L 1080 146.45 -6.28 -83.27
C THR L 1080 147.56 -5.33 -83.72
N ALA L 1081 147.16 -4.26 -84.38
CA ALA L 1081 148.08 -3.25 -84.88
C ALA L 1081 147.93 -1.91 -84.18
N PHE L 1082 146.73 -1.36 -84.17
CA PHE L 1082 146.51 -0.02 -83.61
C PHE L 1082 145.57 -0.02 -82.41
N GLY L 1083 144.41 -0.64 -82.53
CA GLY L 1083 143.39 -0.50 -81.52
C GLY L 1083 143.68 -1.19 -80.21
N GLU L 1084 142.62 -1.52 -79.47
CA GLU L 1084 142.77 -2.16 -78.18
C GLU L 1084 143.12 -3.63 -78.36
N ASN L 1085 144.13 -4.08 -77.65
CA ASN L 1085 144.56 -5.47 -77.69
C ASN L 1085 144.10 -6.17 -76.42
N ALA L 1086 143.53 -7.37 -76.58
CA ALA L 1086 143.04 -8.13 -75.44
C ALA L 1086 143.07 -9.60 -75.80
N ALA L 1087 144.01 -10.33 -75.23
CA ALA L 1087 144.11 -11.77 -75.46
C ALA L 1087 143.14 -12.51 -74.53
N VAL L 1088 143.12 -13.83 -74.66
CA VAL L 1088 142.24 -14.66 -73.84
C VAL L 1088 142.87 -14.84 -72.47
N SER L 1089 142.21 -14.34 -71.45
CA SER L 1089 142.75 -14.42 -70.10
C SER L 1089 142.49 -15.80 -69.52
N PRO L 1090 143.52 -16.51 -69.06
CA PRO L 1090 143.30 -17.82 -68.43
C PRO L 1090 142.54 -17.74 -67.12
N LEU L 1091 142.37 -16.55 -66.55
CA LEU L 1091 141.73 -16.43 -65.25
C LEU L 1091 140.34 -17.04 -65.24
N ARG L 1092 139.63 -16.97 -66.36
CA ARG L 1092 138.30 -17.53 -66.44
C ARG L 1092 138.30 -19.00 -66.81
N TRP L 1093 139.46 -19.61 -66.99
CA TRP L 1093 139.49 -21.00 -67.41
C TRP L 1093 140.44 -21.83 -66.54
N PRO L 1094 140.36 -21.72 -65.21
CA PRO L 1094 141.29 -22.49 -64.38
C PRO L 1094 141.12 -23.98 -64.54
N GLY L 1095 139.89 -24.44 -64.71
CA GLY L 1095 139.66 -25.87 -64.81
C GLY L 1095 140.13 -26.48 -66.11
N LEU L 1096 140.51 -25.65 -67.08
CA LEU L 1096 140.94 -26.15 -68.38
C LEU L 1096 142.44 -26.05 -68.60
N VAL L 1097 143.12 -25.13 -67.92
CA VAL L 1097 144.55 -24.94 -68.16
C VAL L 1097 145.38 -24.98 -66.88
N ASP L 1098 144.81 -24.79 -65.71
CA ASP L 1098 145.61 -24.74 -64.50
C ASP L 1098 145.96 -26.14 -64.05
N PRO L 1099 147.25 -26.50 -63.99
CA PRO L 1099 147.62 -27.83 -63.50
C PRO L 1099 147.17 -28.08 -62.08
N ASN L 1100 147.13 -27.06 -61.24
CA ASN L 1100 146.79 -27.21 -59.83
C ASN L 1100 145.30 -27.06 -59.57
N TYR L 1101 144.48 -27.13 -60.61
CA TYR L 1101 143.04 -27.00 -60.42
C TYR L 1101 142.51 -28.13 -59.56
N ARG L 1102 141.58 -27.80 -58.68
CA ARG L 1102 140.95 -28.78 -57.80
C ARG L 1102 139.50 -28.96 -58.19
N VAL L 1103 139.05 -30.21 -58.17
CA VAL L 1103 137.70 -30.52 -58.63
C VAL L 1103 136.68 -29.83 -57.75
N GLY L 1104 135.77 -29.10 -58.38
CA GLY L 1104 134.69 -28.44 -57.67
C GLY L 1104 134.99 -27.06 -57.15
N THR L 1105 136.26 -26.65 -57.13
CA THR L 1105 136.61 -25.34 -56.61
C THR L 1105 136.26 -24.25 -57.62
N ASN L 1106 135.95 -23.07 -57.10
CA ASN L 1106 135.60 -21.93 -57.95
C ASN L 1106 135.62 -20.67 -57.11
N ASP L 1107 136.17 -19.60 -57.67
CA ASP L 1107 136.16 -18.30 -57.01
C ASP L 1107 134.90 -17.52 -57.34
N LEU L 1108 133.76 -18.17 -57.12
CA LEU L 1108 132.49 -17.60 -57.55
C LEU L 1108 132.21 -16.21 -56.99
N PRO L 1109 132.45 -15.90 -55.71
CA PRO L 1109 132.09 -14.56 -55.23
C PRO L 1109 132.79 -13.44 -55.96
N ASN L 1110 133.96 -13.68 -56.54
CA ASN L 1110 134.72 -12.65 -57.22
C ASN L 1110 134.63 -12.73 -58.73
N ARG L 1111 134.88 -13.90 -59.31
CA ARG L 1111 134.95 -14.05 -60.75
C ARG L 1111 134.11 -15.26 -61.15
N ILE L 1112 133.89 -15.38 -62.46
CA ILE L 1112 133.07 -16.44 -63.03
C ILE L 1112 133.95 -17.26 -63.95
N THR L 1113 134.01 -18.57 -63.70
CA THR L 1113 134.75 -19.50 -64.53
C THR L 1113 133.78 -20.20 -65.47
N LEU L 1114 134.23 -20.40 -66.71
CA LEU L 1114 133.35 -20.88 -67.77
C LEU L 1114 133.47 -22.38 -68.02
N TYR L 1115 134.31 -23.09 -67.28
CA TYR L 1115 134.57 -24.48 -67.59
C TYR L 1115 134.88 -25.21 -66.29
N ASN L 1116 133.88 -25.86 -65.72
CA ASN L 1116 134.00 -26.49 -64.41
C ASN L 1116 133.67 -27.97 -64.53
N SER L 1117 133.65 -28.64 -63.38
CA SER L 1117 133.27 -30.03 -63.27
C SER L 1117 131.93 -30.14 -62.56
N LEU L 1118 131.14 -31.15 -62.94
CA LEU L 1118 129.80 -31.27 -62.40
C LEU L 1118 129.36 -32.73 -62.46
N TYR L 1119 128.22 -32.98 -61.84
CA TYR L 1119 127.57 -34.29 -61.89
C TYR L 1119 126.30 -34.21 -62.72
N ARG L 1120 125.99 -35.30 -63.39
CA ARG L 1120 124.72 -35.48 -64.07
C ARG L 1120 124.06 -36.73 -63.53
N TYR L 1121 122.74 -36.67 -63.37
CA TYR L 1121 122.01 -37.72 -62.68
C TYR L 1121 120.99 -38.36 -63.61
N ASN L 1122 120.57 -39.56 -63.22
CA ASN L 1122 119.48 -40.28 -63.87
C ASN L 1122 118.56 -40.77 -62.76
N PHE L 1123 117.62 -39.93 -62.37
CA PHE L 1123 116.70 -40.30 -61.31
C PHE L 1123 115.52 -41.08 -61.87
N THR L 1124 115.01 -42.00 -61.06
CA THR L 1124 113.84 -42.78 -61.41
C THR L 1124 112.67 -42.35 -60.53
N TYR L 1125 111.46 -42.50 -61.07
CA TYR L 1125 110.24 -42.02 -60.42
C TYR L 1125 109.27 -43.18 -60.27
N PRO L 1126 109.33 -43.89 -59.15
CA PRO L 1126 108.48 -45.07 -58.99
C PRO L 1126 107.01 -44.70 -58.93
N THR L 1127 106.17 -45.63 -59.39
CA THR L 1127 104.73 -45.58 -59.21
C THR L 1127 104.30 -46.81 -58.46
N LEU L 1128 103.39 -46.62 -57.51
CA LEU L 1128 103.09 -47.65 -56.51
C LEU L 1128 101.75 -48.30 -56.80
N ASP L 1129 101.73 -49.63 -56.79
CA ASP L 1129 100.52 -50.42 -56.85
C ASP L 1129 100.51 -51.33 -55.63
N GLY L 1130 99.46 -51.26 -54.81
CA GLY L 1130 99.44 -51.92 -53.54
C GLY L 1130 98.18 -52.75 -53.34
N ILE L 1131 98.24 -53.58 -52.31
CA ILE L 1131 97.13 -54.41 -51.88
C ILE L 1131 96.89 -54.15 -50.40
N MET L 1132 95.63 -54.04 -50.02
CA MET L 1132 95.28 -53.76 -48.63
C MET L 1132 94.32 -54.82 -48.12
N TYR L 1133 94.42 -55.10 -46.83
CA TYR L 1133 93.60 -56.11 -46.18
C TYR L 1133 92.80 -55.49 -45.05
N VAL L 1134 91.67 -56.10 -44.75
CA VAL L 1134 90.75 -55.61 -43.72
C VAL L 1134 90.73 -56.62 -42.57
N ARG L 1135 90.72 -56.11 -41.35
CA ARG L 1135 90.71 -56.98 -40.18
C ARG L 1135 89.45 -57.82 -40.14
N SER L 1136 89.61 -59.08 -39.75
CA SER L 1136 88.48 -60.00 -39.67
C SER L 1136 87.50 -59.54 -38.60
N ALA L 1137 86.31 -60.14 -38.63
CA ALA L 1137 85.28 -59.76 -37.66
C ALA L 1137 85.73 -60.04 -36.24
N THR L 1138 86.36 -61.18 -36.01
CA THR L 1138 86.90 -61.51 -34.71
C THR L 1138 88.23 -62.23 -34.86
N THR M 1 53.60 71.08 -55.05
CA THR M 1 54.21 71.01 -53.72
C THR M 1 53.72 72.16 -52.84
N ALA M 2 54.27 73.35 -53.07
CA ALA M 2 53.91 74.53 -52.28
C ALA M 2 52.61 75.13 -52.83
N SER M 3 51.53 74.43 -52.55
CA SER M 3 50.23 74.87 -53.05
C SER M 3 49.77 76.11 -52.31
N PRO M 4 49.53 77.22 -53.00
CA PRO M 4 49.04 78.42 -52.30
C PRO M 4 47.70 78.22 -51.65
N ALA M 5 46.85 77.37 -52.22
CA ALA M 5 45.52 77.15 -51.67
C ALA M 5 45.59 76.60 -50.26
N ASP M 6 46.70 75.98 -49.88
CA ASP M 6 46.88 75.45 -48.53
C ASP M 6 47.69 76.38 -47.66
N THR M 7 47.99 77.59 -48.12
CA THR M 7 48.85 78.49 -47.36
C THR M 7 48.19 79.85 -47.19
N ASN M 8 47.36 80.26 -48.14
CA ASN M 8 46.73 81.58 -48.13
C ASN M 8 45.26 81.51 -47.72
N VAL M 9 44.91 80.59 -46.83
CA VAL M 9 43.53 80.44 -46.41
C VAL M 9 43.15 81.57 -45.47
N VAL M 10 42.13 82.33 -45.85
CA VAL M 10 41.59 83.40 -45.00
C VAL M 10 40.08 83.39 -45.11
N PRO M 11 39.39 83.95 -44.12
CA PRO M 11 37.93 83.99 -44.18
C PRO M 11 37.44 84.71 -45.43
N ALA M 12 36.41 84.16 -46.05
CA ALA M 12 35.85 84.77 -47.24
C ALA M 12 35.02 85.99 -46.87
N LYS M 13 34.66 86.77 -47.89
CA LYS M 13 33.81 87.92 -47.66
C LYS M 13 32.43 87.48 -47.18
N ASP M 14 31.82 88.30 -46.33
CA ASP M 14 30.51 88.01 -45.74
C ASP M 14 30.52 86.70 -44.97
N ALA M 15 31.68 86.29 -44.46
CA ALA M 15 31.79 85.02 -43.76
C ALA M 15 30.84 84.88 -42.58
N PRO M 16 30.72 85.86 -41.67
CA PRO M 16 30.01 85.57 -40.41
C PRO M 16 28.55 85.24 -40.59
N THR M 17 27.94 85.56 -41.73
CA THR M 17 26.50 85.40 -41.86
C THR M 17 26.08 84.82 -43.20
N THR M 18 27.01 84.28 -44.00
CA THR M 18 26.69 83.91 -45.37
C THR M 18 25.66 82.80 -45.43
N ASN M 19 25.73 81.83 -44.52
CA ASN M 19 24.88 80.66 -44.62
C ASN M 19 23.48 80.87 -44.07
N SER M 20 23.17 82.05 -43.56
CA SER M 20 21.91 82.24 -42.87
C SER M 20 20.74 82.09 -43.84
N PRO M 21 19.79 81.20 -43.56
CA PRO M 21 18.64 81.07 -44.45
C PRO M 21 17.70 82.25 -44.26
N PRO M 22 16.91 82.58 -45.28
CA PRO M 22 15.94 83.68 -45.13
C PRO M 22 14.71 83.25 -44.36
N SER M 23 14.60 83.70 -43.11
CA SER M 23 13.44 83.37 -42.28
C SER M 23 13.26 84.44 -41.23
N THR M 24 12.09 84.43 -40.60
CA THR M 24 11.79 85.36 -39.53
C THR M 24 11.55 84.71 -38.19
N THR M 25 11.43 83.39 -38.14
CA THR M 25 11.02 82.72 -36.91
C THR M 25 12.10 82.77 -35.84
N SER M 26 13.22 82.10 -36.08
CA SER M 26 14.33 82.05 -35.14
C SER M 26 15.62 82.16 -35.93
N PRO M 27 15.90 83.33 -36.50
CA PRO M 27 17.01 83.43 -37.46
C PRO M 27 18.34 83.00 -36.90
N ASN M 28 18.61 83.30 -35.64
CA ASN M 28 19.93 83.00 -35.09
C ASN M 28 20.13 81.50 -34.92
N GLN M 29 19.12 80.80 -34.41
CA GLN M 29 19.23 79.35 -34.30
C GLN M 29 19.31 78.71 -35.68
N ALA M 30 18.47 79.18 -36.60
CA ALA M 30 18.48 78.63 -37.95
C ALA M 30 19.84 78.83 -38.60
N ALA M 31 20.39 80.04 -38.47
CA ALA M 31 21.72 80.30 -39.04
C ALA M 31 22.75 79.39 -38.41
N ALA M 32 22.68 79.20 -37.09
CA ALA M 32 23.63 78.32 -36.42
C ALA M 32 23.54 76.91 -36.97
N ASP M 33 22.32 76.40 -37.15
CA ASP M 33 22.16 75.07 -37.69
C ASP M 33 22.72 74.99 -39.10
N ALA M 34 22.48 76.02 -39.91
CA ALA M 34 22.98 76.01 -41.29
C ALA M 34 24.50 75.93 -41.30
N ASN M 35 25.16 76.72 -40.44
CA ASN M 35 26.61 76.65 -40.35
C ASN M 35 27.05 75.24 -39.99
N GLN M 36 26.40 74.64 -39.00
CA GLN M 36 26.79 73.32 -38.55
C GLN M 36 26.64 72.31 -39.68
N GLN M 37 25.49 72.33 -40.36
CA GLN M 37 25.29 71.40 -41.46
C GLN M 37 26.21 71.71 -42.63
N GLN M 38 26.46 72.99 -42.89
CA GLN M 38 27.36 73.36 -43.98
C GLN M 38 28.76 72.83 -43.73
N ALA M 39 29.22 72.90 -42.48
CA ALA M 39 30.57 72.47 -42.16
C ALA M 39 30.78 70.97 -42.30
N GLY M 40 29.74 70.21 -42.61
CA GLY M 40 29.86 68.77 -42.74
C GLY M 40 29.61 67.99 -41.47
N ILE M 41 29.44 68.67 -40.34
CA ILE M 41 29.10 67.98 -39.10
C ILE M 41 27.66 67.52 -39.14
N VAL M 42 27.42 66.31 -38.67
CA VAL M 42 26.07 65.77 -38.56
C VAL M 42 25.64 65.82 -37.11
N SER M 43 24.34 66.06 -36.89
CA SER M 43 23.83 66.25 -35.54
C SER M 43 24.10 65.03 -34.66
N SER M 44 24.02 63.83 -35.23
CA SER M 44 24.23 62.62 -34.44
C SER M 44 25.64 62.54 -33.87
N GLN M 45 26.58 63.30 -34.42
CA GLN M 45 27.94 63.29 -33.90
C GLN M 45 28.27 64.51 -33.05
N SER M 46 27.55 65.62 -33.23
CA SER M 46 27.76 66.78 -32.38
C SER M 46 27.11 66.61 -31.01
N GLY M 47 26.07 65.79 -30.92
CA GLY M 47 25.42 65.53 -29.66
C GLY M 47 24.80 66.77 -29.04
N PRO M 48 24.97 66.92 -27.72
CA PRO M 48 24.31 68.03 -27.02
C PRO M 48 24.76 69.40 -27.47
N ASN M 49 25.90 69.50 -28.16
CA ASN M 49 26.43 70.80 -28.54
C ASN M 49 25.55 71.56 -29.52
N ALA M 50 24.57 70.90 -30.14
CA ALA M 50 23.78 71.51 -31.20
C ALA M 50 22.52 72.21 -30.72
N VAL M 51 22.17 72.08 -29.45
CA VAL M 51 20.81 72.45 -29.03
C VAL M 51 20.67 73.94 -28.73
N GLY M 52 21.63 74.54 -28.03
CA GLY M 52 21.42 75.89 -27.56
C GLY M 52 22.11 76.97 -28.37
N ASP M 53 22.97 76.59 -29.30
CA ASP M 53 23.82 77.55 -29.98
C ASP M 53 23.00 78.46 -30.89
N SER M 54 23.57 79.63 -31.19
CA SER M 54 22.97 80.57 -32.13
C SER M 54 24.08 81.36 -32.80
N ALA M 55 23.80 81.84 -34.00
CA ALA M 55 24.79 82.49 -34.85
C ALA M 55 24.17 83.72 -35.49
N PRO M 56 24.98 84.69 -35.91
CA PRO M 56 24.43 85.89 -36.56
C PRO M 56 23.77 85.56 -37.88
N SER M 57 22.75 86.34 -38.21
CA SER M 57 21.98 86.12 -39.43
C SER M 57 21.68 87.45 -40.09
N THR M 58 21.47 87.40 -41.41
CA THR M 58 21.14 88.62 -42.15
C THR M 58 19.75 89.13 -41.80
N SER M 59 18.84 88.23 -41.39
CA SER M 59 17.49 88.65 -41.07
C SER M 59 17.42 89.51 -39.82
N VAL M 60 18.52 89.63 -39.07
CA VAL M 60 18.56 90.37 -37.83
C VAL M 60 19.24 91.71 -38.07
N ASN M 61 18.58 92.78 -37.67
CA ASN M 61 19.14 94.11 -37.79
C ASN M 61 20.26 94.32 -36.78
N ASN M 62 21.14 95.29 -37.08
CA ASN M 62 22.16 95.66 -36.12
C ASN M 62 21.55 96.16 -34.82
N ASP M 63 20.40 96.82 -34.90
CA ASP M 63 19.71 97.24 -33.69
C ASP M 63 19.09 96.07 -32.95
N GLY M 64 18.97 94.92 -33.59
CA GLY M 64 18.39 93.76 -32.94
C GLY M 64 16.94 93.57 -33.28
N ASP M 65 16.59 93.77 -34.54
CA ASP M 65 15.22 93.62 -35.01
C ASP M 65 15.17 92.66 -36.19
N ILE M 66 13.98 92.11 -36.42
CA ILE M 66 13.75 91.19 -37.52
C ILE M 66 13.49 92.03 -38.76
N ILE M 67 14.37 91.92 -39.74
CA ILE M 67 14.26 92.70 -40.97
C ILE M 67 14.03 91.76 -42.14
N THR M 68 13.25 92.21 -43.11
CA THR M 68 12.94 91.44 -44.30
C THR M 68 13.48 92.07 -45.58
N ARG M 69 14.09 93.25 -45.49
CA ARG M 69 14.66 93.92 -46.65
C ARG M 69 15.82 94.77 -46.17
N PRO M 70 16.72 95.17 -47.07
CA PRO M 70 17.86 96.00 -46.65
C PRO M 70 17.39 97.28 -45.97
N THR M 71 18.14 97.68 -44.94
CA THR M 71 17.68 98.76 -44.07
C THR M 71 17.47 100.07 -44.84
N SER M 72 18.26 100.30 -45.88
CA SER M 72 18.08 101.50 -46.68
C SER M 72 16.67 101.57 -47.24
N ASP M 73 16.17 100.43 -47.73
CA ASP M 73 14.81 100.40 -48.25
C ASP M 73 13.79 100.74 -47.17
N SER M 74 14.01 100.24 -45.95
CA SER M 74 13.13 100.62 -44.86
C SER M 74 13.15 102.12 -44.65
N ILE M 75 14.34 102.73 -44.70
CA ILE M 75 14.42 104.18 -44.63
C ILE M 75 13.69 104.80 -45.81
N ALA M 76 13.89 104.24 -47.00
CA ALA M 76 13.21 104.77 -48.18
C ALA M 76 11.70 104.66 -48.03
N ALA M 77 11.23 103.53 -47.50
CA ALA M 77 9.80 103.32 -47.38
C ALA M 77 9.15 104.40 -46.53
N VAL M 78 9.71 104.65 -45.34
CA VAL M 78 9.10 105.64 -44.46
C VAL M 78 9.22 107.03 -45.07
N ALA M 79 10.32 107.31 -45.76
CA ALA M 79 10.48 108.62 -46.39
C ALA M 79 9.43 108.83 -47.46
N ASN M 80 9.19 107.82 -48.30
CA ASN M 80 8.22 107.97 -49.36
C ASN M 80 6.80 108.08 -48.85
N ALA M 81 6.54 107.61 -47.63
CA ALA M 81 5.19 107.68 -47.09
C ALA M 81 4.76 109.10 -46.74
N THR M 82 5.69 110.05 -46.79
CA THR M 82 5.40 111.44 -46.41
C THR M 82 6.05 112.36 -47.44
N LYS M 83 5.29 112.72 -48.47
CA LYS M 83 5.76 113.65 -49.49
C LYS M 83 4.61 114.54 -49.91
N PRO M 84 4.36 115.62 -49.19
CA PRO M 84 3.29 116.54 -49.58
C PRO M 84 3.58 117.17 -50.93
N ALA M 85 2.51 117.47 -51.66
CA ALA M 85 2.65 118.08 -52.97
C ALA M 85 3.34 119.44 -52.85
N ALA M 86 4.30 119.69 -53.74
CA ALA M 86 5.05 120.94 -53.66
C ALA M 86 4.21 122.11 -54.11
N VAL M 87 3.51 121.98 -55.24
CA VAL M 87 2.67 123.05 -55.77
C VAL M 87 1.24 122.54 -55.82
N VAL M 88 0.35 123.26 -55.16
CA VAL M 88 -1.05 122.90 -55.11
C VAL M 88 -1.85 123.99 -55.82
N SER M 89 -3.07 123.65 -56.20
CA SER M 89 -3.95 124.56 -56.92
C SER M 89 -5.14 124.89 -56.05
N ASP M 90 -5.19 126.12 -55.55
CA ASP M 90 -6.35 126.61 -54.83
C ASP M 90 -6.75 127.97 -55.38
N PRO M 91 -8.04 128.28 -55.34
CA PRO M 91 -8.51 129.53 -55.96
C PRO M 91 -7.90 130.78 -55.35
N GLN M 92 -7.61 130.77 -54.05
CA GLN M 92 -7.14 131.96 -53.35
C GLN M 92 -5.64 131.84 -53.19
N SER M 93 -4.91 132.38 -54.16
CA SER M 93 -3.46 132.22 -54.17
C SER M 93 -2.67 133.49 -54.42
N MET M 94 -3.30 134.59 -54.82
CA MET M 94 -2.62 135.86 -55.06
C MET M 94 -1.63 135.81 -56.23
N ASP N 65 -100.76 71.33 -29.65
CA ASP N 65 -101.74 70.36 -29.20
C ASP N 65 -101.62 70.13 -27.70
N ILE N 66 -102.59 69.44 -27.12
CA ILE N 66 -102.59 69.15 -25.69
C ILE N 66 -101.77 67.89 -25.44
N ILE N 67 -101.12 67.83 -24.29
CA ILE N 67 -100.18 66.76 -23.99
C ILE N 67 -100.93 65.57 -23.40
N THR N 68 -100.63 64.38 -23.91
CA THR N 68 -101.07 63.13 -23.31
C THR N 68 -99.92 62.13 -23.39
N ARG N 69 -99.95 61.15 -22.51
CA ARG N 69 -99.02 60.04 -22.61
C ARG N 69 -99.73 58.76 -22.18
N PRO N 70 -99.37 57.63 -22.77
CA PRO N 70 -100.00 56.37 -22.37
C PRO N 70 -99.67 56.01 -20.94
N THR N 71 -100.60 55.36 -20.27
CA THR N 71 -100.31 54.79 -18.97
C THR N 71 -99.40 53.59 -19.10
N SER N 72 -98.83 53.16 -17.99
CA SER N 72 -98.04 51.94 -17.98
C SER N 72 -98.92 50.74 -18.33
N ASP N 73 -98.32 49.75 -18.98
CA ASP N 73 -99.08 48.61 -19.47
C ASP N 73 -99.85 47.92 -18.35
N SER N 74 -99.22 47.81 -17.18
CA SER N 74 -99.87 47.12 -16.06
C SER N 74 -101.17 47.81 -15.68
N ILE N 75 -101.16 49.14 -15.64
CA ILE N 75 -102.39 49.88 -15.36
C ILE N 75 -103.45 49.53 -16.38
N ALA N 76 -103.08 49.58 -17.67
CA ALA N 76 -104.04 49.32 -18.72
C ALA N 76 -104.56 47.89 -18.65
N ALA N 77 -103.68 46.94 -18.36
CA ALA N 77 -104.09 45.54 -18.33
C ALA N 77 -105.19 45.32 -17.31
N VAL N 78 -105.02 45.88 -16.11
CA VAL N 78 -106.03 45.71 -15.07
C VAL N 78 -107.32 46.38 -15.49
N ALA N 79 -107.23 47.61 -16.01
CA ALA N 79 -108.41 48.35 -16.39
C ALA N 79 -109.18 47.60 -17.47
N ASN N 80 -108.49 47.14 -18.51
CA ASN N 80 -109.15 46.43 -19.59
C ASN N 80 -109.72 45.10 -19.11
N ALA N 81 -109.12 44.50 -18.09
CA ALA N 81 -109.59 43.22 -17.60
C ALA N 81 -110.96 43.32 -16.97
N THR N 82 -111.41 44.51 -16.59
CA THR N 82 -112.68 44.71 -15.91
C THR N 82 -113.49 45.73 -16.68
N LYS N 83 -114.30 45.27 -17.62
CA LYS N 83 -115.20 46.13 -18.41
C LYS N 83 -116.45 45.35 -18.74
N PRO N 84 -117.41 45.30 -17.83
CA PRO N 84 -118.67 44.63 -18.13
C PRO N 84 -119.42 45.34 -19.24
N ALA N 85 -120.22 44.57 -19.98
CA ALA N 85 -120.99 45.12 -21.08
C ALA N 85 -122.02 46.11 -20.58
N ALA N 86 -122.16 47.22 -21.29
CA ALA N 86 -123.10 48.25 -20.88
C ALA N 86 -124.54 47.84 -21.17
N VAL N 87 -124.78 47.20 -22.30
CA VAL N 87 -126.12 46.76 -22.69
C VAL N 87 -126.08 45.25 -22.86
N VAL N 88 -127.00 44.56 -22.19
CA VAL N 88 -127.10 43.12 -22.26
C VAL N 88 -128.54 42.76 -22.61
N SER N 89 -128.70 41.82 -23.54
CA SER N 89 -130.02 41.44 -24.02
C SER N 89 -130.56 40.30 -23.17
N ASP N 90 -131.61 40.59 -22.41
CA ASP N 90 -132.33 39.57 -21.67
C ASP N 90 -133.83 39.73 -21.92
N PRO N 91 -134.58 38.63 -21.89
CA PRO N 91 -135.99 38.70 -22.28
C PRO N 91 -136.87 39.46 -21.30
N GLN N 92 -136.43 39.65 -20.06
CA GLN N 92 -137.24 40.27 -19.02
C GLN N 92 -136.65 41.64 -18.72
N SER N 93 -137.10 42.64 -19.46
CA SER N 93 -136.58 44.00 -19.34
C SER N 93 -137.70 45.02 -19.40
N MET N 94 -138.82 44.73 -18.75
CA MET N 94 -139.99 45.61 -18.72
C MET N 94 -140.46 45.96 -20.13
N ALA O 1 -102.30 119.35 -13.48
CA ALA O 1 -100.91 119.38 -13.04
C ALA O 1 -100.61 120.65 -12.26
N GLN O 2 -99.53 120.63 -11.49
CA GLN O 2 -99.17 121.79 -10.68
C GLN O 2 -98.77 122.95 -11.58
N ARG O 3 -99.29 124.14 -11.28
CA ARG O 3 -99.11 125.29 -12.15
C ARG O 3 -98.31 126.42 -11.52
N GLN O 4 -97.85 126.28 -10.29
CA GLN O 4 -97.06 127.32 -9.64
C GLN O 4 -96.02 126.67 -8.73
N PHE O 5 -94.86 127.32 -8.63
CA PHE O 5 -93.82 126.86 -7.72
C PHE O 5 -93.14 128.06 -7.08
N PHE O 6 -92.41 127.78 -6.00
CA PHE O 6 -91.65 128.80 -5.28
C PHE O 6 -90.23 128.29 -5.09
N GLY O 7 -89.32 129.21 -4.80
CA GLY O 7 -87.94 128.82 -4.67
C GLY O 7 -87.10 129.88 -4.01
N LEU O 8 -85.82 129.55 -3.85
CA LEU O 8 -84.85 130.42 -3.20
C LEU O 8 -83.47 130.17 -3.76
N THR O 9 -82.71 131.24 -3.97
CA THR O 9 -81.36 131.11 -4.52
C THR O 9 -80.36 130.78 -3.43
N TYR O 10 -79.15 130.46 -3.86
CA TYR O 10 -78.09 130.10 -2.94
C TYR O 10 -77.65 131.30 -2.12
N ASN O 11 -76.78 131.04 -1.15
CA ASN O 11 -76.24 132.06 -0.27
C ASN O 11 -74.73 132.15 -0.47
N PHE O 12 -74.24 133.36 -0.74
CA PHE O 12 -72.80 133.55 -0.82
C PHE O 12 -72.21 133.33 0.56
N TYR O 13 -71.12 132.57 0.63
CA TYR O 13 -70.44 132.35 1.90
C TYR O 13 -69.45 133.49 2.14
N GLY O 14 -70.02 134.67 2.35
CA GLY O 14 -69.24 135.87 2.56
C GLY O 14 -68.63 136.46 1.30
N GLN O 15 -68.55 135.70 0.22
CA GLN O 15 -68.02 136.23 -1.03
C GLN O 15 -69.02 137.20 -1.65
N PRO O 16 -68.55 138.12 -2.49
CA PRO O 16 -69.42 139.16 -3.02
C PRO O 16 -70.21 138.79 -4.27
N ALA O 17 -69.98 137.63 -4.87
CA ALA O 17 -70.59 137.30 -6.14
C ALA O 17 -70.85 135.80 -6.18
N PRO O 18 -71.76 135.35 -7.04
CA PRO O 18 -71.98 133.90 -7.17
C PRO O 18 -70.72 133.19 -7.60
N LEU O 19 -70.54 131.98 -7.08
CA LEU O 19 -69.26 131.29 -7.14
C LEU O 19 -69.24 130.32 -8.31
N PHE O 20 -69.02 130.86 -9.51
CA PHE O 20 -68.79 130.07 -10.70
C PHE O 20 -68.10 130.94 -11.72
N ASP O 21 -67.52 130.31 -12.73
CA ASP O 21 -66.86 131.03 -13.81
C ASP O 21 -67.45 130.60 -15.15
N LEU O 22 -67.02 131.30 -16.19
CA LEU O 22 -67.57 131.05 -17.51
C LEU O 22 -67.24 129.66 -18.02
N ASN O 23 -66.05 129.14 -17.71
CA ASN O 23 -65.70 127.80 -18.18
C ASN O 23 -66.68 126.78 -17.63
N ASP O 24 -67.03 126.89 -16.35
CA ASP O 24 -68.09 126.06 -15.80
C ASP O 24 -69.33 126.17 -16.66
N LEU O 25 -69.70 127.39 -17.02
CA LEU O 25 -70.85 127.61 -17.88
C LEU O 25 -70.64 127.02 -19.27
N GLN O 26 -69.39 126.73 -19.64
CA GLN O 26 -69.11 126.20 -20.96
C GLN O 26 -68.96 124.68 -20.97
N GLU O 27 -68.81 124.05 -19.82
CA GLU O 27 -68.46 122.63 -19.76
C GLU O 27 -69.55 121.80 -19.09
N LEU O 28 -70.81 122.22 -19.18
CA LEU O 28 -71.88 121.38 -18.67
C LEU O 28 -71.98 120.10 -19.49
N ALA O 29 -72.41 119.04 -18.82
CA ALA O 29 -72.43 117.72 -19.45
C ALA O 29 -73.57 117.53 -20.44
N GLY O 30 -74.63 118.33 -20.34
CA GLY O 30 -75.79 118.17 -21.19
C GLY O 30 -75.64 118.86 -22.53
N CYS O 31 -76.76 119.38 -23.04
CA CYS O 31 -76.70 120.19 -24.23
C CYS O 31 -75.93 121.47 -23.95
N TYR O 32 -75.42 122.08 -25.01
CA TYR O 32 -74.50 123.21 -24.86
C TYR O 32 -75.14 124.33 -24.06
N ALA O 33 -74.53 124.64 -22.91
CA ALA O 33 -74.83 125.85 -22.15
C ALA O 33 -76.27 125.90 -21.66
N ARG O 34 -76.88 124.75 -21.40
CA ARG O 34 -78.19 124.75 -20.78
C ARG O 34 -78.12 123.97 -19.47
N PRO O 35 -78.62 124.51 -18.37
CA PRO O 35 -78.54 123.79 -17.10
C PRO O 35 -79.67 122.82 -16.87
N TRP O 36 -80.77 122.97 -17.59
CA TRP O 36 -81.94 122.13 -17.36
C TRP O 36 -81.64 120.68 -17.70
N THR O 37 -82.32 119.78 -16.99
CA THR O 37 -82.26 118.32 -17.19
C THR O 37 -80.85 117.86 -17.55
N SER O 38 -79.90 118.23 -16.70
CA SER O 38 -78.51 117.91 -16.94
C SER O 38 -77.82 117.28 -15.73
N ARG O 39 -78.52 117.09 -14.62
CA ARG O 39 -77.88 116.68 -13.39
C ARG O 39 -77.36 115.25 -13.44
N PHE O 40 -77.69 114.49 -14.47
CA PHE O 40 -77.18 113.14 -14.62
C PHE O 40 -76.45 112.91 -15.93
N SER O 41 -76.37 113.93 -16.78
CA SER O 41 -75.79 113.74 -18.11
C SER O 41 -74.36 113.26 -18.03
N HIS O 42 -73.66 113.57 -16.95
CA HIS O 42 -72.26 113.16 -16.84
C HIS O 42 -72.11 111.67 -16.58
N LEU O 43 -73.19 110.92 -16.37
CA LEU O 43 -73.05 109.49 -16.18
C LEU O 43 -74.14 108.70 -16.89
N ALA O 44 -74.71 109.25 -17.96
CA ALA O 44 -75.72 108.52 -18.70
C ALA O 44 -75.17 107.21 -19.26
N ILE O 45 -73.96 107.26 -19.80
CA ILE O 45 -73.22 106.07 -20.19
C ILE O 45 -72.18 105.81 -19.13
N SER O 46 -72.07 104.57 -18.68
CA SER O 46 -71.18 104.25 -17.58
C SER O 46 -70.45 102.96 -17.86
N THR O 47 -69.31 102.80 -17.17
CA THR O 47 -68.61 101.53 -17.14
C THR O 47 -67.97 101.41 -15.76
N GLY O 48 -68.05 100.22 -15.18
CA GLY O 48 -67.51 100.04 -13.85
C GLY O 48 -68.34 100.71 -12.79
N SER O 49 -67.77 100.76 -11.59
CA SER O 49 -68.43 101.35 -10.44
C SER O 49 -67.68 102.53 -9.85
N LEU O 50 -66.55 102.91 -10.42
CA LEU O 50 -65.77 103.99 -9.86
C LEU O 50 -66.54 105.31 -9.97
N PRO O 51 -66.54 106.12 -8.92
CA PRO O 51 -67.18 107.43 -9.01
C PRO O 51 -66.47 108.30 -10.03
N VAL O 52 -67.23 109.20 -10.65
CA VAL O 52 -66.73 110.05 -11.71
C VAL O 52 -66.49 111.45 -11.15
N TRP O 53 -65.24 111.91 -11.22
CA TRP O 53 -64.91 113.24 -10.77
C TRP O 53 -63.61 113.67 -11.45
N SER O 54 -63.34 114.97 -11.44
CA SER O 54 -62.24 115.53 -12.20
C SER O 54 -61.58 116.63 -11.38
N ALA O 55 -60.55 117.24 -11.97
CA ALA O 55 -59.74 118.19 -11.23
C ALA O 55 -60.57 119.38 -10.77
N ARG O 56 -61.37 119.95 -11.65
CA ARG O 56 -62.22 121.08 -11.29
C ARG O 56 -63.65 120.65 -10.97
N TYR O 57 -63.91 119.35 -10.96
CA TYR O 57 -65.16 118.79 -10.43
C TYR O 57 -64.78 117.61 -9.56
N PRO O 58 -64.21 117.87 -8.39
CA PRO O 58 -63.54 116.81 -7.63
C PRO O 58 -64.41 116.02 -6.66
N SER O 59 -65.72 116.22 -6.65
CA SER O 59 -66.60 115.45 -5.80
C SER O 59 -67.88 115.13 -6.57
N VAL O 60 -68.54 114.05 -6.15
CA VAL O 60 -69.73 113.62 -6.86
C VAL O 60 -70.80 114.70 -6.84
N ALA O 61 -70.86 115.47 -5.76
CA ALA O 61 -71.84 116.54 -5.67
C ALA O 61 -71.38 117.80 -6.36
N SER O 62 -70.11 117.88 -6.78
CA SER O 62 -69.55 119.14 -7.23
C SER O 62 -70.33 119.70 -8.42
N ARG O 63 -70.63 118.87 -9.40
CA ARG O 63 -71.30 119.37 -10.59
C ARG O 63 -72.67 119.96 -10.26
N ASN O 64 -73.44 119.28 -9.43
CA ASN O 64 -74.75 119.81 -9.06
C ASN O 64 -74.61 121.11 -8.29
N ILE O 65 -73.62 121.20 -7.41
CA ILE O 65 -73.41 122.43 -6.65
C ILE O 65 -73.14 123.58 -7.60
N ILE O 66 -72.25 123.36 -8.58
CA ILE O 66 -71.93 124.40 -9.54
C ILE O 66 -73.17 124.82 -10.30
N VAL O 67 -73.96 123.84 -10.74
CA VAL O 67 -75.19 124.14 -11.46
C VAL O 67 -76.11 125.00 -10.59
N ASN O 68 -76.23 124.65 -9.32
CA ASN O 68 -77.07 125.43 -8.42
C ASN O 68 -76.59 126.87 -8.33
N THR O 69 -75.28 127.04 -8.12
CA THR O 69 -74.73 128.39 -8.05
C THR O 69 -74.94 129.13 -9.36
N LEU O 70 -74.75 128.43 -10.47
CA LEU O 70 -74.94 129.05 -11.78
C LEU O 70 -76.36 129.59 -11.93
N LEU O 71 -77.35 128.80 -11.55
CA LEU O 71 -78.73 129.22 -11.70
C LEU O 71 -79.02 130.46 -10.86
N GLY O 72 -78.32 130.62 -9.74
CA GLY O 72 -78.60 131.73 -8.85
C GLY O 72 -78.44 133.08 -9.51
N ALA O 73 -77.65 133.17 -10.57
CA ALA O 73 -77.39 134.45 -11.21
C ALA O 73 -78.36 134.78 -12.33
N HIS O 74 -79.19 133.84 -12.76
CA HIS O 74 -80.00 134.05 -13.96
C HIS O 74 -81.48 133.82 -13.74
N LEU O 75 -81.92 133.56 -12.51
CA LEU O 75 -83.33 133.31 -12.25
C LEU O 75 -84.09 134.59 -11.92
N ASN O 76 -83.61 135.74 -12.38
CA ASN O 76 -84.30 136.99 -12.12
C ASN O 76 -85.77 137.01 -12.57
N PRO O 77 -86.15 136.45 -13.72
CA PRO O 77 -87.55 136.55 -14.14
C PRO O 77 -88.54 136.08 -13.10
N PHE O 78 -88.19 135.08 -12.30
CA PHE O 78 -89.09 134.62 -11.26
C PHE O 78 -89.01 135.48 -10.01
N ALA O 79 -88.18 136.51 -10.01
CA ALA O 79 -88.15 137.48 -8.93
C ALA O 79 -88.52 138.87 -9.41
N GLY O 80 -87.85 139.37 -10.45
CA GLY O 80 -88.13 140.69 -10.98
C GLY O 80 -89.05 140.71 -12.18
N GLY O 81 -89.50 139.55 -12.64
CA GLY O 81 -90.41 139.52 -13.76
C GLY O 81 -89.79 139.83 -15.10
N GLN O 82 -88.47 139.95 -15.16
CA GLN O 82 -87.79 140.28 -16.41
C GLN O 82 -86.52 139.46 -16.54
N VAL O 83 -86.19 139.15 -17.80
CA VAL O 83 -84.90 138.52 -18.08
C VAL O 83 -83.81 139.58 -17.99
N THR O 84 -82.67 139.20 -17.43
CA THR O 84 -81.53 140.08 -17.29
C THR O 84 -80.29 139.39 -17.84
N SER O 85 -79.17 140.09 -17.80
CA SER O 85 -77.90 139.55 -18.25
C SER O 85 -76.86 139.73 -17.16
N HIS O 86 -75.90 138.82 -17.14
CA HIS O 86 -74.80 138.88 -16.17
C HIS O 86 -73.51 138.60 -16.92
N GLN O 87 -72.59 139.56 -16.87
CA GLN O 87 -71.31 139.45 -17.54
C GLN O 87 -71.51 139.14 -19.02
N GLY O 88 -72.49 139.79 -19.63
CA GLY O 88 -72.70 139.68 -21.05
C GLY O 88 -73.31 138.38 -21.52
N ILE O 89 -73.94 137.62 -20.62
CA ILE O 89 -74.55 136.35 -20.98
C ILE O 89 -75.97 136.32 -20.47
N THR O 90 -76.89 135.83 -21.30
CA THR O 90 -78.30 135.75 -20.95
C THR O 90 -78.93 134.61 -21.72
N TRP O 91 -80.25 134.51 -21.64
CA TRP O 91 -80.98 133.43 -22.29
C TRP O 91 -81.18 133.73 -23.77
N ARG O 92 -81.31 132.68 -24.56
CA ARG O 92 -81.57 132.85 -25.99
C ARG O 92 -82.97 133.40 -26.23
N ASP O 93 -83.93 133.01 -25.41
CA ASP O 93 -85.34 133.26 -25.70
C ASP O 93 -86.11 133.31 -24.39
N PRO O 94 -87.30 133.89 -24.38
CA PRO O 94 -88.09 133.91 -23.14
C PRO O 94 -88.41 132.53 -22.62
N VAL O 95 -88.43 131.51 -23.48
CA VAL O 95 -88.62 130.14 -23.02
C VAL O 95 -87.43 129.64 -22.23
N LEU O 96 -86.30 130.36 -22.26
CA LEU O 96 -85.11 130.00 -21.50
C LEU O 96 -84.55 128.66 -21.95
N SER O 97 -84.44 128.48 -23.26
CA SER O 97 -83.90 127.24 -23.80
C SER O 97 -82.47 127.02 -23.34
N SER O 98 -81.63 128.05 -23.48
CA SER O 98 -80.23 127.94 -23.11
C SER O 98 -79.66 129.34 -22.97
N LEU O 99 -78.43 129.40 -22.48
CA LEU O 99 -77.71 130.65 -22.29
C LEU O 99 -76.82 130.95 -23.49
N ALA O 100 -76.60 132.23 -23.73
CA ALA O 100 -75.82 132.68 -24.88
C ALA O 100 -75.33 134.08 -24.61
N PRO O 101 -74.27 134.51 -25.30
CA PRO O 101 -73.81 135.89 -25.14
C PRO O 101 -74.89 136.87 -25.58
N VAL O 102 -74.92 138.02 -24.92
CA VAL O 102 -75.98 139.00 -25.19
C VAL O 102 -75.86 139.50 -26.62
N PRO O 103 -76.95 139.59 -27.38
CA PRO O 103 -76.88 140.19 -28.71
C PRO O 103 -76.81 141.70 -28.63
N ALA O 104 -76.21 142.29 -29.65
CA ALA O 104 -76.06 143.75 -29.71
C ALA O 104 -77.20 144.39 -30.48
N ILE O 105 -78.43 144.05 -30.11
CA ILE O 105 -79.60 144.65 -30.74
C ILE O 105 -80.47 145.28 -29.67
N GLN O 106 -80.99 144.45 -28.77
CA GLN O 106 -81.81 144.90 -27.65
C GLN O 106 -81.26 144.28 -26.37
N PRO O 107 -80.14 144.78 -25.89
CA PRO O 107 -79.51 144.19 -24.70
C PRO O 107 -80.42 144.31 -23.49
N PRO O 108 -80.68 143.22 -22.80
CA PRO O 108 -81.50 143.28 -21.59
C PRO O 108 -80.76 144.00 -20.48
N PRO O 109 -81.46 144.50 -19.48
CA PRO O 109 -80.80 145.21 -18.39
C PRO O 109 -79.85 144.30 -17.62
N VAL O 110 -78.79 144.89 -17.08
CA VAL O 110 -77.80 144.13 -16.33
C VAL O 110 -78.39 143.70 -14.99
N TRP O 111 -78.17 142.44 -14.65
CA TRP O 111 -78.69 141.93 -13.39
C TRP O 111 -77.98 142.56 -12.20
N ALA O 112 -78.74 142.88 -11.17
CA ALA O 112 -78.19 143.37 -9.91
C ALA O 112 -77.88 142.20 -9.00
N VAL O 113 -76.64 142.13 -8.53
CA VAL O 113 -76.20 140.97 -7.77
C VAL O 113 -76.86 140.97 -6.40
N ALA O 114 -77.42 139.81 -6.02
CA ALA O 114 -78.00 139.62 -4.71
C ALA O 114 -78.01 138.12 -4.43
N GLU O 115 -78.33 137.77 -3.20
CA GLU O 115 -78.35 136.38 -2.77
C GLU O 115 -79.64 136.07 -2.01
N ASN O 116 -80.01 134.79 -2.04
CA ASN O 116 -81.16 134.31 -1.27
C ASN O 116 -82.42 135.07 -1.62
N VAL O 117 -82.63 135.33 -2.90
CA VAL O 117 -83.84 136.03 -3.34
C VAL O 117 -84.98 135.01 -3.44
N PRO O 118 -86.11 135.26 -2.80
CA PRO O 118 -87.24 134.33 -2.94
C PRO O 118 -87.79 134.34 -4.36
N LEU O 119 -88.33 133.21 -4.78
CA LEU O 119 -88.79 133.04 -6.15
C LEU O 119 -90.27 132.68 -6.18
N ASP O 120 -90.95 133.17 -7.20
CA ASP O 120 -92.36 132.85 -7.42
C ASP O 120 -92.61 132.80 -8.91
N SER O 121 -93.12 131.67 -9.39
CA SER O 121 -93.35 131.49 -10.82
C SER O 121 -94.37 132.48 -11.34
N ASN O 122 -95.27 132.95 -10.49
CA ASN O 122 -96.31 133.88 -10.95
C ASN O 122 -95.75 135.23 -11.33
N ASN O 123 -94.50 135.52 -11.02
CA ASN O 123 -93.89 136.77 -11.45
C ASN O 123 -93.58 136.79 -12.94
N TYR O 124 -93.66 135.66 -13.61
CA TYR O 124 -93.24 135.52 -15.01
C TYR O 124 -94.36 134.84 -15.79
N PRO O 125 -95.34 135.61 -16.26
CA PRO O 125 -96.55 134.99 -16.81
C PRO O 125 -96.30 134.07 -17.98
N THR O 126 -95.27 134.33 -18.79
CA THR O 126 -95.05 133.50 -19.97
C THR O 126 -94.80 132.04 -19.62
N TYR O 127 -94.34 131.77 -18.40
CA TYR O 127 -94.13 130.39 -17.99
C TYR O 127 -95.44 129.60 -18.03
N VAL O 128 -96.52 130.20 -17.53
CA VAL O 128 -97.80 129.53 -17.53
C VAL O 128 -98.23 129.20 -18.96
N LEU O 129 -98.05 130.16 -19.87
CA LEU O 129 -98.45 129.95 -21.25
C LEU O 129 -97.64 128.83 -21.91
N ASN O 130 -96.34 128.80 -21.65
CA ASN O 130 -95.46 127.81 -22.25
C ASN O 130 -95.14 126.66 -21.31
N LEU O 131 -96.11 126.29 -20.47
CA LEU O 131 -95.86 125.27 -19.45
C LEU O 131 -95.42 123.96 -20.08
N SER O 132 -96.02 123.59 -21.21
CA SER O 132 -95.73 122.30 -21.82
C SER O 132 -94.28 122.17 -22.23
N SER O 133 -93.58 123.27 -22.46
CA SER O 133 -92.18 123.22 -22.86
C SER O 133 -91.23 123.73 -21.79
N MET O 134 -91.72 124.47 -20.80
CA MET O 134 -90.88 124.96 -19.72
C MET O 134 -90.99 124.11 -18.47
N TRP O 135 -91.65 122.95 -18.57
CA TRP O 135 -91.85 122.09 -17.40
C TRP O 135 -90.57 121.72 -16.67
N PRO O 136 -89.47 121.32 -17.32
CA PRO O 136 -88.29 120.91 -16.55
C PRO O 136 -87.75 121.98 -15.64
N ILE O 137 -88.01 123.26 -15.92
CA ILE O 137 -87.57 124.31 -15.02
C ILE O 137 -88.14 124.09 -13.63
N ASN O 138 -89.40 123.64 -13.56
CA ASN O 138 -90.03 123.39 -12.27
C ASN O 138 -89.20 122.44 -11.43
N GLN O 139 -88.79 121.32 -12.01
CA GLN O 139 -88.03 120.34 -11.24
C GLN O 139 -86.70 120.90 -10.77
N ASP O 140 -85.94 121.49 -11.70
CA ASP O 140 -84.60 121.93 -11.35
C ASP O 140 -84.63 123.04 -10.31
N VAL O 141 -85.54 124.00 -10.46
CA VAL O 141 -85.63 125.08 -9.48
C VAL O 141 -85.94 124.54 -8.11
N HIS O 142 -86.88 123.59 -8.04
CA HIS O 142 -87.21 122.98 -6.75
C HIS O 142 -85.98 122.30 -6.15
N ILE O 143 -85.23 121.57 -6.99
CA ILE O 143 -84.03 120.90 -6.50
C ILE O 143 -83.05 121.91 -5.94
N MET O 144 -82.82 123.00 -6.68
CA MET O 144 -81.89 124.01 -6.21
C MET O 144 -82.34 124.56 -4.86
N THR O 145 -83.64 124.83 -4.73
CA THR O 145 -84.15 125.35 -3.48
C THR O 145 -83.90 124.38 -2.34
N MET O 146 -84.16 123.09 -2.57
CA MET O 146 -84.01 122.11 -1.52
C MET O 146 -82.58 121.99 -1.04
N TRP O 147 -81.60 122.33 -1.88
CA TRP O 147 -80.22 122.33 -1.43
C TRP O 147 -79.83 123.65 -0.81
N ALA O 148 -80.34 124.77 -1.36
CA ALA O 148 -79.93 126.08 -0.86
C ALA O 148 -80.34 126.28 0.58
N LEU O 149 -81.44 125.64 1.02
CA LEU O 149 -81.94 125.87 2.36
C LEU O 149 -81.05 125.29 3.44
N SER O 150 -80.07 124.48 3.09
CA SER O 150 -79.24 123.79 4.08
C SER O 150 -77.79 124.20 3.93
N ASP O 151 -77.12 124.34 5.06
CA ASP O 151 -75.70 124.63 5.09
C ASP O 151 -74.85 123.38 5.14
N GLN O 152 -75.46 122.20 5.27
CA GLN O 152 -74.71 120.99 5.53
C GLN O 152 -75.07 119.82 4.64
N GLY O 153 -76.28 119.75 4.11
CA GLY O 153 -76.67 118.65 3.26
C GLY O 153 -78.08 118.82 2.78
N PRO O 154 -78.38 118.32 1.58
CA PRO O 154 -79.69 118.58 0.97
C PRO O 154 -80.83 118.07 1.84
N ILE O 155 -81.93 118.79 1.80
CA ILE O 155 -83.12 118.45 2.57
C ILE O 155 -84.09 117.70 1.67
N TYR O 156 -84.74 116.68 2.22
CA TYR O 156 -85.76 115.94 1.47
C TYR O 156 -86.79 115.39 2.44
N HIS O 157 -87.86 114.85 1.89
CA HIS O 157 -89.10 114.57 2.61
C HIS O 157 -89.42 113.08 2.55
N LEU O 158 -89.94 112.56 3.65
CA LEU O 158 -90.41 111.19 3.75
C LEU O 158 -91.84 111.18 4.25
N GLU O 159 -92.61 110.17 3.82
CA GLU O 159 -93.95 109.98 4.37
C GLU O 159 -94.40 108.57 4.09
N VAL O 160 -95.29 108.07 4.94
CA VAL O 160 -95.93 106.77 4.76
C VAL O 160 -97.38 106.87 5.20
N PRO O 161 -98.33 106.47 4.38
CA PRO O 161 -99.75 106.55 4.77
C PRO O 161 -100.15 105.36 5.63
N VAL O 162 -101.36 105.46 6.18
CA VAL O 162 -101.87 104.39 7.03
C VAL O 162 -102.33 103.19 6.21
N ASP O 163 -102.76 103.41 4.99
CA ASP O 163 -103.21 102.32 4.14
C ASP O 163 -102.02 101.51 3.65
N PRO O 164 -102.24 100.24 3.33
CA PRO O 164 -101.19 99.46 2.69
C PRO O 164 -100.93 99.97 1.28
N MET O 165 -99.81 99.55 0.74
CA MET O 165 -99.39 99.99 -0.59
C MET O 165 -100.45 99.63 -1.62
N PRO O 166 -100.97 100.59 -2.36
CA PRO O 166 -102.04 100.28 -3.32
C PRO O 166 -101.57 99.35 -4.42
N ALA O 167 -102.52 98.56 -4.93
CA ALA O 167 -102.17 97.51 -5.88
C ALA O 167 -101.54 98.09 -7.14
N ALA O 168 -102.08 99.20 -7.63
CA ALA O 168 -101.57 99.78 -8.87
C ALA O 168 -100.09 100.09 -8.76
N THR O 169 -99.66 100.65 -7.62
CA THR O 169 -98.24 100.92 -7.43
C THR O 169 -97.43 99.64 -7.46
N THR O 170 -97.92 98.58 -6.82
CA THR O 170 -97.21 97.31 -6.82
C THR O 170 -96.95 96.84 -8.24
N ALA O 171 -97.93 97.03 -9.12
CA ALA O 171 -97.74 96.66 -10.52
C ALA O 171 -96.60 97.44 -11.14
N ALA O 172 -96.52 98.74 -10.84
CA ALA O 172 -95.45 99.55 -11.40
C ALA O 172 -94.10 99.22 -10.75
N LEU O 173 -94.12 98.90 -9.45
CA LEU O 173 -92.88 98.71 -8.72
C LEU O 173 -92.07 97.54 -9.28
N MET O 174 -92.75 96.45 -9.63
CA MET O 174 -92.04 95.24 -10.01
C MET O 174 -91.16 95.44 -11.22
N ALA O 175 -91.37 96.52 -11.99
CA ALA O 175 -90.48 96.80 -13.10
C ALA O 175 -89.07 97.09 -12.65
N TYR O 176 -88.86 97.39 -11.37
CA TYR O 176 -87.58 97.85 -10.88
C TYR O 176 -86.95 96.88 -9.88
N ILE O 177 -87.14 95.59 -10.09
CA ILE O 177 -86.43 94.61 -9.28
C ILE O 177 -84.98 94.58 -9.71
N GLY O 178 -84.08 94.48 -8.74
CA GLY O 178 -82.68 94.27 -9.04
C GLY O 178 -81.98 95.40 -9.76
N VAL O 179 -82.33 96.63 -9.44
CA VAL O 179 -81.66 97.78 -10.03
C VAL O 179 -81.08 98.61 -8.90
N PRO O 180 -79.82 99.07 -9.01
CA PRO O 180 -79.22 99.81 -7.90
C PRO O 180 -79.88 101.16 -7.72
N ILE O 181 -79.64 101.73 -6.53
CA ILE O 181 -80.32 102.96 -6.14
C ILE O 181 -79.95 104.10 -7.07
N ALA O 182 -78.68 104.18 -7.47
CA ALA O 182 -78.25 105.29 -8.29
C ALA O 182 -79.00 105.33 -9.62
N HIS O 183 -79.16 104.17 -10.25
CA HIS O 183 -79.93 104.10 -11.48
C HIS O 183 -81.35 104.57 -11.25
N LEU O 184 -81.96 104.13 -10.14
CA LEU O 184 -83.32 104.52 -9.84
C LEU O 184 -83.43 106.02 -9.73
N ALA O 185 -82.50 106.66 -9.03
CA ALA O 185 -82.52 108.11 -8.92
C ALA O 185 -82.46 108.75 -10.29
N GLN O 186 -81.60 108.23 -11.17
CA GLN O 186 -81.52 108.76 -12.52
C GLN O 186 -82.85 108.63 -13.23
N THR O 187 -83.51 107.47 -13.08
CA THR O 187 -84.82 107.30 -13.70
C THR O 187 -85.82 108.28 -13.11
N ALA O 188 -85.82 108.42 -11.78
CA ALA O 188 -86.78 109.32 -11.15
C ALA O 188 -86.57 110.74 -11.63
N TYR O 189 -85.33 111.16 -11.80
CA TYR O 189 -85.06 112.50 -12.31
C TYR O 189 -85.63 112.68 -13.70
N ARG O 190 -85.44 111.68 -14.57
CA ARG O 190 -85.94 111.80 -15.93
C ARG O 190 -87.47 111.88 -15.94
N PHE O 191 -88.13 111.08 -15.11
CA PHE O 191 -89.58 111.04 -15.12
C PHE O 191 -90.17 112.44 -14.89
N ALA O 192 -89.88 113.02 -13.74
CA ALA O 192 -90.41 114.33 -13.44
C ALA O 192 -89.79 115.44 -14.27
N GLY O 193 -88.89 115.11 -15.19
CA GLY O 193 -88.16 116.13 -15.90
C GLY O 193 -88.79 116.61 -17.19
N GLN O 194 -89.27 115.69 -18.03
CA GLN O 194 -89.59 116.05 -19.40
C GLN O 194 -90.96 116.71 -19.55
N LEU O 195 -92.02 116.00 -19.19
CA LEU O 195 -93.36 116.53 -19.46
C LEU O 195 -94.10 116.81 -18.15
N PRO O 196 -95.06 117.74 -18.15
CA PRO O 196 -95.83 117.98 -16.94
C PRO O 196 -96.65 116.77 -16.55
N GLN O 197 -96.77 116.56 -15.24
CA GLN O 197 -97.47 115.41 -14.69
C GLN O 197 -98.45 115.87 -13.62
N SER O 198 -99.54 115.12 -13.51
CA SER O 198 -100.50 115.40 -12.45
C SER O 198 -99.93 114.95 -11.10
N PRO O 199 -100.19 115.70 -10.03
CA PRO O 199 -99.70 115.25 -8.72
C PRO O 199 -100.22 113.89 -8.34
N ASP O 200 -101.47 113.61 -8.69
CA ASP O 200 -102.01 112.27 -8.57
C ASP O 200 -101.57 111.45 -9.78
N SER O 201 -100.84 110.37 -9.53
CA SER O 201 -100.38 109.50 -10.60
C SER O 201 -99.82 108.24 -9.99
N THR O 202 -100.01 107.11 -10.70
CA THR O 202 -99.43 105.86 -10.25
C THR O 202 -97.92 105.99 -10.13
N MET O 203 -97.30 106.61 -11.13
CA MET O 203 -95.85 106.77 -11.10
C MET O 203 -95.41 107.62 -9.92
N VAL O 204 -96.12 108.71 -9.67
CA VAL O 204 -95.75 109.59 -8.57
C VAL O 204 -95.81 108.84 -7.25
N SER O 205 -96.95 108.19 -7.00
CA SER O 205 -97.09 107.43 -5.76
C SER O 205 -96.06 106.32 -5.69
N THR O 206 -95.72 105.73 -6.83
CA THR O 206 -94.72 104.67 -6.85
C THR O 206 -93.38 105.17 -6.34
N ILE O 207 -92.91 106.29 -6.86
CA ILE O 207 -91.61 106.81 -6.45
C ILE O 207 -91.64 107.20 -4.99
N ARG O 208 -92.76 107.75 -4.53
CA ARG O 208 -92.86 108.14 -3.13
C ARG O 208 -92.61 106.95 -2.22
N TRP O 209 -93.24 105.81 -2.54
CA TRP O 209 -93.00 104.61 -1.76
C TRP O 209 -91.54 104.19 -1.82
N LEU O 210 -90.94 104.26 -3.01
CA LEU O 210 -89.54 103.90 -3.16
C LEU O 210 -88.68 104.69 -2.19
N SER O 211 -88.91 106.00 -2.10
CA SER O 211 -88.15 106.83 -1.18
C SER O 211 -88.30 106.33 0.25
N ALA O 212 -89.53 106.02 0.65
CA ALA O 212 -89.77 105.54 1.99
C ALA O 212 -89.07 104.20 2.22
N ILE O 213 -89.18 103.30 1.23
CA ILE O 213 -88.62 101.96 1.40
C ILE O 213 -87.12 102.03 1.58
N TRP O 214 -86.45 102.84 0.76
CA TRP O 214 -85.00 102.90 0.84
C TRP O 214 -84.54 103.40 2.21
N PHE O 215 -85.21 104.41 2.74
CA PHE O 215 -84.88 104.88 4.08
C PHE O 215 -85.08 103.79 5.11
N GLY O 216 -86.19 103.05 5.00
CA GLY O 216 -86.42 101.95 5.92
C GLY O 216 -85.31 100.92 5.87
N SER O 217 -84.83 100.62 4.66
CA SER O 217 -83.69 99.73 4.54
C SER O 217 -82.41 100.41 5.00
N LEU O 218 -82.31 101.72 4.82
CA LEU O 218 -81.09 102.42 5.21
C LEU O 218 -80.83 102.27 6.70
N THR O 219 -81.88 102.40 7.51
CA THR O 219 -81.75 102.19 8.94
C THR O 219 -81.60 100.72 9.29
N GLY O 220 -81.77 99.82 8.33
CA GLY O 220 -81.79 98.41 8.61
C GLY O 220 -83.10 97.90 9.16
N ARG O 221 -84.05 98.79 9.42
CA ARG O 221 -85.36 98.35 9.90
C ARG O 221 -86.02 97.43 8.88
N LEU O 222 -85.92 97.76 7.61
CA LEU O 222 -86.39 96.90 6.53
C LEU O 222 -85.22 96.05 6.04
N ASN O 223 -85.45 94.75 5.99
CA ASN O 223 -84.43 93.82 5.51
C ASN O 223 -85.15 92.57 5.02
N ARG O 224 -84.38 91.58 4.56
CA ARG O 224 -84.99 90.42 3.95
C ARG O 224 -85.81 89.60 4.94
N SER O 225 -85.67 89.83 6.24
CA SER O 225 -86.55 89.21 7.21
C SER O 225 -87.80 90.02 7.48
N ARG O 226 -87.85 91.28 7.03
CA ARG O 226 -89.01 92.12 7.27
C ARG O 226 -89.12 93.09 6.09
N THR O 227 -89.98 92.76 5.14
CA THR O 227 -90.15 93.56 3.95
C THR O 227 -91.30 94.54 4.11
N CYS O 228 -91.30 95.57 3.25
CA CYS O 228 -92.43 96.50 3.23
C CYS O 228 -93.67 95.83 2.64
N ASN O 229 -93.58 95.41 1.40
CA ASN O 229 -94.65 94.65 0.76
C ASN O 229 -94.04 93.54 -0.07
N GLY O 230 -93.05 92.85 0.50
CA GLY O 230 -92.19 91.99 -0.25
C GLY O 230 -90.94 92.67 -0.74
N PHE O 231 -90.93 94.00 -0.77
CA PHE O 231 -89.79 94.75 -1.25
C PHE O 231 -88.85 95.13 -0.12
N TYR O 232 -87.58 95.28 -0.45
CA TYR O 232 -86.56 95.78 0.46
C TYR O 232 -85.30 95.99 -0.37
N PHE O 233 -84.32 96.64 0.24
CA PHE O 233 -83.06 96.94 -0.42
C PHE O 233 -81.96 96.05 0.12
N GLU O 234 -81.23 95.40 -0.77
CA GLU O 234 -80.10 94.57 -0.42
C GLU O 234 -78.84 95.43 -0.31
N PHE O 235 -77.88 94.94 0.48
CA PHE O 235 -76.65 95.66 0.71
C PHE O 235 -75.44 94.75 0.51
N ALA O 236 -74.39 95.31 -0.08
CA ALA O 236 -73.12 94.62 -0.20
C ALA O 236 -72.22 94.96 0.98
N LYS O 237 -71.15 94.19 1.13
CA LYS O 237 -70.21 94.43 2.21
C LYS O 237 -69.58 95.81 2.03
N PRO O 238 -69.52 96.64 3.06
CA PRO O 238 -68.97 97.99 2.89
C PRO O 238 -67.52 98.02 2.49
N ALA O 239 -66.77 96.95 2.74
CA ALA O 239 -65.37 96.91 2.37
C ALA O 239 -65.14 96.96 0.87
N LEU O 240 -66.18 96.72 0.07
CA LEU O 240 -66.06 96.71 -1.38
C LEU O 240 -67.46 96.81 -1.98
N ASN O 241 -67.61 97.69 -2.95
CA ASN O 241 -68.92 98.08 -3.47
C ASN O 241 -69.82 98.55 -2.32
N PRO O 242 -69.39 99.55 -1.54
CA PRO O 242 -70.19 99.97 -0.38
C PRO O 242 -71.48 100.67 -0.77
N ASP O 243 -71.70 100.90 -2.06
CA ASP O 243 -72.81 101.70 -2.52
C ASP O 243 -73.75 100.97 -3.47
N GLN O 244 -73.45 99.72 -3.81
CA GLN O 244 -74.27 98.99 -4.78
C GLN O 244 -75.44 98.30 -4.09
N ALA O 245 -76.23 99.10 -3.40
CA ALA O 245 -77.48 98.62 -2.83
C ALA O 245 -78.54 98.56 -3.92
N VAL O 246 -79.22 97.43 -4.03
CA VAL O 246 -80.21 97.23 -5.07
C VAL O 246 -81.53 96.84 -4.43
N LEU O 247 -82.60 96.94 -5.21
CA LEU O 247 -83.93 96.62 -4.76
C LEU O 247 -84.22 95.14 -4.98
N LYS O 248 -84.84 94.51 -3.99
CA LYS O 248 -85.19 93.10 -4.06
C LYS O 248 -86.63 92.91 -3.61
N TRP O 249 -87.29 91.93 -4.21
CA TRP O 249 -88.60 91.48 -3.77
C TRP O 249 -88.48 90.09 -3.18
N ASN O 250 -89.27 89.83 -2.14
CA ASN O 250 -89.14 88.59 -1.40
C ASN O 250 -90.51 88.16 -0.89
N ASP O 251 -90.64 86.87 -0.65
CA ASP O 251 -91.90 86.29 -0.20
C ASP O 251 -91.98 86.14 1.31
N GLY O 252 -91.11 86.83 2.05
CA GLY O 252 -91.07 86.71 3.49
C GLY O 252 -92.10 87.59 4.18
N ALA O 253 -91.87 87.79 5.47
CA ALA O 253 -92.81 88.54 6.30
C ALA O 253 -92.86 90.00 5.88
N ARG O 254 -93.98 90.64 6.20
CA ARG O 254 -94.21 92.04 5.88
C ARG O 254 -94.43 92.83 7.15
N ALA O 255 -93.88 94.03 7.21
CA ALA O 255 -94.13 94.91 8.34
C ALA O 255 -95.55 95.42 8.30
N ALA O 256 -96.17 95.52 9.46
CA ALA O 256 -97.53 96.02 9.52
C ALA O 256 -97.54 97.54 9.36
N PRO O 257 -98.63 98.10 8.86
CA PRO O 257 -98.68 99.54 8.62
C PRO O 257 -98.64 100.32 9.93
N PRO O 258 -98.22 101.58 9.89
CA PRO O 258 -98.11 102.36 11.12
C PRO O 258 -99.48 102.69 11.69
N ALA O 259 -99.48 103.03 12.99
CA ALA O 259 -100.72 103.40 13.64
C ALA O 259 -101.32 104.66 13.02
N ALA O 260 -100.49 105.65 12.73
CA ALA O 260 -100.95 106.90 12.14
C ALA O 260 -100.01 107.27 11.01
N ALA O 261 -100.44 108.25 10.21
CA ALA O 261 -99.62 108.70 9.09
C ALA O 261 -98.32 109.30 9.60
N GLN O 262 -97.21 108.92 8.95
CA GLN O 262 -95.89 109.40 9.31
C GLN O 262 -95.32 110.23 8.19
N SER O 263 -94.61 111.29 8.54
CA SER O 263 -93.98 112.15 7.56
C SER O 263 -92.99 113.06 8.26
N SER O 264 -91.87 113.32 7.59
CA SER O 264 -90.86 114.20 8.15
C SER O 264 -89.90 114.62 7.04
N TYR O 265 -89.15 115.67 7.33
CA TYR O 265 -88.07 116.10 6.45
C TYR O 265 -86.74 115.57 6.96
N MET O 266 -85.85 115.26 6.03
CA MET O 266 -84.59 114.61 6.34
C MET O 266 -83.43 115.39 5.77
N ARG O 267 -82.27 115.20 6.37
CA ARG O 267 -81.06 115.90 5.99
C ARG O 267 -79.86 115.12 6.49
N CYS O 268 -78.76 115.19 5.74
CA CYS O 268 -77.49 114.67 6.21
C CYS O 268 -76.73 115.75 6.93
N ILE O 269 -76.28 115.45 8.15
CA ILE O 269 -75.69 116.46 9.02
C ILE O 269 -74.18 116.47 8.96
N SER O 270 -73.57 115.67 8.09
CA SER O 270 -72.12 115.60 8.03
C SER O 270 -71.65 115.78 6.60
N PRO O 271 -70.46 116.33 6.38
CA PRO O 271 -70.01 116.61 5.02
C PRO O 271 -69.81 115.38 4.16
N HIS O 272 -69.95 114.17 4.72
CA HIS O 272 -69.68 112.97 3.94
C HIS O 272 -70.49 112.90 2.66
N TRP O 273 -71.68 113.49 2.67
CA TRP O 273 -72.58 113.36 1.53
C TRP O 273 -71.95 113.90 0.25
N GLN O 274 -71.06 114.88 0.37
CA GLN O 274 -70.53 115.54 -0.82
C GLN O 274 -69.76 114.59 -1.72
N HIS O 275 -69.33 113.44 -1.20
CA HIS O 275 -68.60 112.48 -2.01
C HIS O 275 -69.14 111.06 -1.85
N GLN O 276 -70.38 110.92 -1.39
CA GLN O 276 -71.01 109.62 -1.23
C GLN O 276 -72.26 109.58 -2.09
N ILE O 277 -72.28 108.67 -3.07
CA ILE O 277 -73.28 108.73 -4.13
C ILE O 277 -74.68 108.50 -3.57
N VAL O 278 -74.82 107.58 -2.61
CA VAL O 278 -76.14 107.15 -2.21
C VAL O 278 -76.91 108.29 -1.56
N GLU O 279 -76.23 109.18 -0.84
CA GLU O 279 -76.90 110.34 -0.27
C GLU O 279 -77.48 111.22 -1.37
N VAL O 280 -76.69 111.48 -2.40
CA VAL O 280 -77.17 112.29 -3.52
C VAL O 280 -78.36 111.61 -4.18
N ALA O 281 -78.24 110.31 -4.43
CA ALA O 281 -79.31 109.59 -5.09
C ALA O 281 -80.60 109.64 -4.28
N GLY O 282 -80.51 109.33 -2.98
CA GLY O 282 -81.70 109.35 -2.15
C GLY O 282 -82.33 110.73 -2.08
N ALA O 283 -81.49 111.75 -1.92
CA ALA O 283 -82.01 113.11 -1.82
C ALA O 283 -82.71 113.51 -3.12
N LEU O 284 -82.05 113.30 -4.25
CA LEU O 284 -82.64 113.68 -5.52
C LEU O 284 -83.94 112.93 -5.77
N MET O 285 -83.96 111.63 -5.47
CA MET O 285 -85.16 110.85 -5.68
C MET O 285 -86.34 111.41 -4.91
N SER O 286 -86.14 111.66 -3.61
CA SER O 286 -87.21 112.23 -2.80
C SER O 286 -87.59 113.62 -3.30
N GLN O 287 -86.59 114.44 -3.63
CA GLN O 287 -86.88 115.78 -4.10
C GLN O 287 -87.67 115.76 -5.39
N SER O 288 -87.45 114.75 -6.23
CA SER O 288 -88.20 114.65 -7.48
C SER O 288 -89.70 114.54 -7.22
N VAL O 289 -90.08 113.73 -6.23
CA VAL O 289 -91.49 113.59 -5.88
C VAL O 289 -92.05 114.94 -5.42
N THR O 290 -91.35 115.59 -4.50
CA THR O 290 -91.82 116.88 -4.01
C THR O 290 -91.88 117.91 -5.12
N ALA O 291 -91.04 117.77 -6.14
CA ALA O 291 -91.05 118.73 -7.24
C ALA O 291 -92.39 118.72 -7.97
N VAL O 292 -92.91 117.53 -8.27
CA VAL O 292 -94.15 117.47 -9.03
C VAL O 292 -95.35 117.73 -8.12
N THR O 293 -95.29 117.30 -6.86
CA THR O 293 -96.43 117.45 -5.96
C THR O 293 -96.34 118.70 -5.11
N GLY O 294 -95.25 119.45 -5.17
CA GLY O 294 -95.08 120.59 -4.30
C GLY O 294 -94.74 120.15 -2.90
N LEU O 295 -94.50 121.14 -2.05
CA LEU O 295 -94.19 120.84 -0.65
C LEU O 295 -95.47 120.54 0.11
N PRO O 296 -95.56 119.39 0.77
CA PRO O 296 -96.77 119.11 1.58
C PRO O 296 -97.01 120.12 2.68
N ALA O 297 -95.95 120.62 3.31
CA ALA O 297 -96.10 121.58 4.40
C ALA O 297 -94.78 122.30 4.61
N LEU O 298 -94.85 123.39 5.36
CA LEU O 298 -93.66 124.18 5.64
C LEU O 298 -92.69 123.41 6.52
N ILE O 299 -91.43 123.76 6.42
CA ILE O 299 -90.36 123.11 7.16
C ILE O 299 -90.09 123.89 8.43
N ASP O 300 -89.67 123.16 9.48
CA ASP O 300 -89.34 123.79 10.75
C ASP O 300 -88.03 124.55 10.65
N GLU O 301 -88.05 125.82 11.03
CA GLU O 301 -86.85 126.65 10.94
C GLU O 301 -85.84 126.33 12.03
N ALA O 302 -86.25 125.59 13.06
CA ALA O 302 -85.50 125.59 14.32
C ALA O 302 -84.06 125.17 14.13
N THR O 303 -83.81 124.15 13.31
CA THR O 303 -82.48 123.58 13.16
C THR O 303 -81.74 124.06 11.92
N LEU O 304 -82.31 124.99 11.19
CA LEU O 304 -81.74 125.41 9.92
C LEU O 304 -80.79 126.59 10.10
N PRO O 305 -79.91 126.85 9.12
CA PRO O 305 -79.01 128.00 9.23
C PRO O 305 -79.73 129.33 9.22
N ALA O 306 -78.98 130.41 9.36
CA ALA O 306 -79.58 131.72 9.62
C ALA O 306 -80.39 132.20 8.43
N TRP O 307 -79.83 132.13 7.22
CA TRP O 307 -80.51 132.71 6.07
C TRP O 307 -81.82 131.97 5.76
N SER O 308 -81.99 130.78 6.28
CA SER O 308 -83.18 129.98 6.04
C SER O 308 -84.30 130.25 7.04
N GLN O 309 -84.11 131.19 7.95
CA GLN O 309 -85.08 131.44 9.00
C GLN O 309 -86.24 132.26 8.44
N GLY O 310 -87.39 131.60 8.27
CA GLY O 310 -88.60 132.31 7.91
C GLY O 310 -88.77 132.62 6.43
N VAL O 311 -88.38 131.69 5.56
CA VAL O 311 -88.59 131.89 4.14
C VAL O 311 -90.07 131.81 3.82
N ALA O 312 -90.55 132.69 2.94
CA ALA O 312 -91.98 132.94 2.77
C ALA O 312 -92.77 131.65 2.56
N ASN O 313 -92.48 130.94 1.47
CA ASN O 313 -93.25 129.75 1.13
C ASN O 313 -92.52 128.47 1.47
N LEU O 314 -91.45 128.54 2.27
CA LEU O 314 -90.62 127.37 2.50
C LEU O 314 -90.55 126.97 3.97
N THR O 315 -90.26 127.91 4.87
CA THR O 315 -89.99 127.59 6.25
C THR O 315 -90.93 128.37 7.17
N GLY O 316 -91.17 127.80 8.34
CA GLY O 316 -92.06 128.44 9.30
C GLY O 316 -91.89 127.82 10.67
N ASN O 317 -92.65 128.36 11.62
CA ASN O 317 -92.63 127.86 12.99
C ASN O 317 -94.02 127.74 13.58
N GLY O 318 -95.06 127.78 12.74
CA GLY O 318 -96.42 127.72 13.21
C GLY O 318 -96.87 126.32 13.57
N GLN O 319 -98.17 126.08 13.40
CA GLN O 319 -98.74 124.80 13.78
C GLN O 319 -98.45 123.71 12.75
N GLY O 320 -98.97 123.88 11.54
CA GLY O 320 -98.78 122.89 10.51
C GLY O 320 -97.38 122.94 9.92
N VAL O 321 -96.38 122.64 10.73
CA VAL O 321 -94.99 122.72 10.32
C VAL O 321 -94.35 121.36 10.58
N VAL O 322 -93.97 120.67 9.52
CA VAL O 322 -93.34 119.36 9.68
C VAL O 322 -91.92 119.54 10.19
N PRO O 323 -91.51 118.82 11.23
CA PRO O 323 -90.13 118.92 11.70
C PRO O 323 -89.18 118.27 10.71
N CYS O 324 -87.90 118.61 10.86
CA CYS O 324 -86.84 118.07 10.03
C CYS O 324 -85.81 117.37 10.90
N LEU O 325 -85.50 116.13 10.57
CA LEU O 325 -84.47 115.37 11.26
C LEU O 325 -83.20 115.33 10.43
N ASP O 326 -82.09 115.11 11.12
CA ASP O 326 -80.79 114.98 10.46
C ASP O 326 -80.02 113.86 11.13
N TYR O 327 -79.06 113.30 10.39
CA TYR O 327 -78.35 112.13 10.87
C TYR O 327 -76.94 112.13 10.31
N ASN O 328 -76.10 111.28 10.87
CA ASN O 328 -74.75 111.05 10.43
C ASN O 328 -74.62 109.63 9.92
N PRO O 329 -74.00 109.42 8.75
CA PRO O 329 -73.96 108.06 8.20
C PRO O 329 -73.31 107.03 9.10
N VAL O 330 -72.24 107.39 9.80
CA VAL O 330 -71.49 106.40 10.57
C VAL O 330 -72.36 105.83 11.69
N PRO O 331 -72.95 106.63 12.58
CA PRO O 331 -73.86 106.03 13.58
C PRO O 331 -75.02 105.33 12.92
N MET O 332 -75.49 105.84 11.78
CA MET O 332 -76.57 105.18 11.06
C MET O 332 -76.16 103.76 10.68
N ALA O 333 -74.95 103.61 10.16
CA ALA O 333 -74.46 102.28 9.81
C ALA O 333 -74.40 101.39 11.05
N ALA O 334 -73.96 101.94 12.17
CA ALA O 334 -73.92 101.17 13.40
C ALA O 334 -75.32 100.68 13.76
N ALA O 335 -76.31 101.56 13.68
CA ALA O 335 -77.67 101.15 13.97
C ALA O 335 -78.14 100.08 12.99
N ARG O 336 -77.82 100.25 11.71
CA ARG O 336 -78.24 99.27 10.71
C ARG O 336 -77.66 97.90 11.02
N HIS O 337 -76.37 97.86 11.36
CA HIS O 337 -75.74 96.59 11.71
C HIS O 337 -76.41 95.99 12.95
N LEU O 338 -76.71 96.83 13.93
CA LEU O 338 -77.34 96.32 15.14
C LEU O 338 -78.68 95.69 14.84
N GLN O 339 -79.47 96.31 13.97
CA GLN O 339 -80.74 95.71 13.57
C GLN O 339 -80.52 94.35 12.94
N TRP O 340 -79.49 94.22 12.11
CA TRP O 340 -79.26 92.96 11.42
C TRP O 340 -78.97 91.83 12.41
N ARG O 341 -78.13 92.09 13.41
CA ARG O 341 -77.86 91.02 14.37
C ARG O 341 -79.05 90.77 15.28
N GLN O 342 -79.80 91.81 15.62
CA GLN O 342 -81.02 91.59 16.40
C GLN O 342 -82.02 90.74 15.62
N ASP O 343 -82.19 91.03 14.34
CA ASP O 343 -83.04 90.20 13.51
C ASP O 343 -82.36 88.87 13.17
N GLY O 344 -81.10 88.70 13.52
CA GLY O 344 -80.44 87.43 13.35
C GLY O 344 -79.81 87.19 12.01
N LEU O 345 -79.73 88.21 11.15
CA LEU O 345 -79.06 88.03 9.87
C LEU O 345 -77.56 87.80 10.04
N ILE O 346 -76.97 88.31 11.12
CA ILE O 346 -75.52 88.23 11.34
C ILE O 346 -75.25 87.92 12.80
N THR O 347 -74.04 87.48 13.07
CA THR O 347 -73.58 87.29 14.43
C THR O 347 -72.87 88.54 14.92
N ALA O 348 -72.77 88.66 16.24
CA ALA O 348 -72.17 89.86 16.83
C ALA O 348 -70.74 90.05 16.37
N ALA O 349 -70.01 88.96 16.15
CA ALA O 349 -68.64 89.07 15.67
C ALA O 349 -68.59 89.79 14.34
N GLN O 350 -69.49 89.44 13.43
CA GLN O 350 -69.57 90.15 12.16
C GLN O 350 -69.92 91.61 12.36
N GLU O 351 -70.86 91.88 13.27
CA GLU O 351 -71.31 93.25 13.48
C GLU O 351 -70.14 94.14 13.90
N ALA O 352 -69.28 93.62 14.78
CA ALA O 352 -68.08 94.38 15.15
C ALA O 352 -67.21 94.65 13.93
N GLN O 353 -67.03 93.63 13.09
CA GLN O 353 -66.19 93.80 11.91
C GLN O 353 -66.79 94.83 10.97
N LEU O 354 -68.10 94.77 10.74
CA LEU O 354 -68.73 95.70 9.80
C LEU O 354 -68.55 97.13 10.24
N ASN O 355 -68.69 97.40 11.54
CA ASN O 355 -68.49 98.76 12.02
C ASN O 355 -67.07 99.22 11.78
N ASN O 356 -66.09 98.35 12.02
CA ASN O 356 -64.70 98.71 11.76
C ASN O 356 -64.50 99.03 10.28
N ASP O 357 -65.04 98.18 9.41
CA ASP O 357 -64.87 98.41 7.98
C ASP O 357 -65.49 99.74 7.56
N TYR O 358 -66.73 99.98 7.98
CA TYR O 358 -67.42 101.18 7.55
C TYR O 358 -66.71 102.43 8.08
N THR O 359 -66.30 102.40 9.34
CA THR O 359 -65.59 103.55 9.90
C THR O 359 -64.33 103.84 9.12
N ALA O 360 -63.58 102.80 8.78
CA ALA O 360 -62.39 102.98 7.96
C ALA O 360 -62.76 103.58 6.61
N TYR O 361 -63.82 103.06 6.00
CA TYR O 361 -64.26 103.58 4.71
C TYR O 361 -64.66 105.04 4.82
N ALA O 362 -65.44 105.38 5.86
CA ALA O 362 -65.87 106.77 6.02
C ALA O 362 -64.69 107.69 6.23
N LEU O 363 -63.65 107.21 6.91
CA LEU O 363 -62.49 108.05 7.18
C LEU O 363 -61.84 108.51 5.90
N THR O 364 -61.76 107.63 4.90
CA THR O 364 -61.19 108.02 3.61
C THR O 364 -62.01 109.14 2.98
N ILE O 365 -63.33 109.07 3.08
CA ILE O 365 -64.17 110.12 2.54
C ILE O 365 -63.83 111.45 3.17
N GLU O 366 -63.72 111.47 4.50
CA GLU O 366 -63.34 112.69 5.19
C GLU O 366 -61.96 113.14 4.74
N ARG O 367 -61.01 112.21 4.69
CA ARG O 367 -59.65 112.56 4.33
C ARG O 367 -59.59 113.12 2.91
N HIS O 368 -60.35 112.51 1.99
CA HIS O 368 -60.38 113.01 0.62
C HIS O 368 -60.94 114.42 0.56
N LEU O 369 -62.09 114.64 1.22
CA LEU O 369 -62.76 115.93 1.11
C LEU O 369 -61.92 117.03 1.74
N THR O 370 -61.39 116.79 2.93
CA THR O 370 -60.65 117.84 3.61
C THR O 370 -59.43 118.26 2.81
N ALA O 371 -58.75 117.30 2.20
CA ALA O 371 -57.64 117.64 1.33
C ALA O 371 -58.11 118.35 0.08
N MET O 372 -59.31 118.02 -0.40
CA MET O 372 -59.80 118.66 -1.60
C MET O 372 -60.23 120.10 -1.35
N LEU O 373 -60.67 120.40 -0.13
CA LEU O 373 -61.13 121.75 0.16
C LEU O 373 -60.00 122.76 0.03
N VAL O 374 -58.84 122.45 0.60
CA VAL O 374 -57.73 123.37 0.54
C VAL O 374 -57.24 123.53 -0.88
N ALA O 375 -57.44 122.52 -1.72
CA ALA O 375 -57.07 122.64 -3.11
C ALA O 375 -57.98 123.58 -3.89
N ASN O 376 -59.18 123.84 -3.38
CA ASN O 376 -60.15 124.71 -4.03
C ASN O 376 -60.70 125.69 -3.02
N PRO O 377 -59.90 126.65 -2.58
CA PRO O 377 -60.39 127.64 -1.62
C PRO O 377 -61.56 128.42 -2.22
N ILE O 378 -62.54 128.71 -1.36
CA ILE O 378 -63.76 129.36 -1.83
C ILE O 378 -63.46 130.76 -2.35
N ALA O 379 -62.41 131.40 -1.82
CA ALA O 379 -62.06 132.73 -2.26
C ALA O 379 -61.52 132.76 -3.68
N ALA O 380 -61.25 131.60 -4.28
CA ALA O 380 -60.75 131.58 -5.65
C ALA O 380 -61.74 132.17 -6.62
N GLY O 381 -63.03 131.91 -6.42
CA GLY O 381 -64.05 132.47 -7.28
C GLY O 381 -65.17 131.50 -7.61
N ARG O 382 -64.91 130.21 -7.45
CA ARG O 382 -65.90 129.18 -7.69
C ARG O 382 -65.90 128.23 -6.51
N MET O 383 -67.03 127.56 -6.28
CA MET O 383 -67.23 126.68 -5.13
C MET O 383 -67.56 125.29 -5.63
N PRO O 384 -66.55 124.54 -6.07
CA PRO O 384 -66.82 123.14 -6.46
C PRO O 384 -67.32 122.29 -5.31
N ILE O 385 -66.87 122.54 -4.08
CA ILE O 385 -67.35 121.81 -2.92
C ILE O 385 -67.72 122.78 -1.83
N GLN O 386 -68.71 122.40 -1.03
CA GLN O 386 -69.24 123.25 0.01
C GLN O 386 -68.30 123.30 1.21
N PRO O 387 -68.06 124.47 1.78
CA PRO O 387 -67.12 124.58 2.89
C PRO O 387 -67.65 123.90 4.14
N PHE O 388 -66.72 123.53 5.02
CA PHE O 388 -67.07 122.86 6.26
C PHE O 388 -65.91 123.01 7.25
N ASN O 389 -66.13 122.51 8.45
CA ASN O 389 -65.12 122.48 9.49
C ASN O 389 -64.86 121.03 9.89
N ALA O 390 -63.68 120.79 10.45
CA ALA O 390 -63.28 119.43 10.77
C ALA O 390 -64.24 118.78 11.76
N ALA O 391 -64.75 119.57 12.71
CA ALA O 391 -65.67 119.02 13.70
C ALA O 391 -66.95 118.50 13.08
N ASP O 392 -67.29 118.98 11.88
CA ASP O 392 -68.55 118.57 11.24
C ASP O 392 -68.59 117.08 10.92
N PHE O 393 -67.43 116.42 10.87
CA PHE O 393 -67.42 114.99 10.60
C PHE O 393 -67.79 114.16 11.82
N GLY O 394 -67.77 114.75 13.01
CA GLY O 394 -68.08 114.02 14.23
C GLY O 394 -69.46 114.24 14.80
N GLN O 395 -70.27 115.12 14.20
CA GLN O 395 -71.57 115.43 14.77
C GLN O 395 -72.52 114.24 14.62
N ALA O 396 -73.17 113.88 15.70
CA ALA O 396 -74.16 112.81 15.66
C ALA O 396 -75.53 113.29 15.21
N GLY O 397 -75.84 114.57 15.42
CA GLY O 397 -77.12 115.09 14.99
C GLY O 397 -78.27 114.42 15.71
N GLN O 398 -79.38 114.31 15.01
CA GLN O 398 -80.59 113.67 15.52
C GLN O 398 -80.69 112.22 15.08
N THR O 399 -79.55 111.55 14.93
CA THR O 399 -79.56 110.19 14.37
C THR O 399 -80.43 109.26 15.19
N ALA O 400 -80.38 109.39 16.52
CA ALA O 400 -81.20 108.55 17.36
C ALA O 400 -82.69 108.72 17.07
N ALA O 401 -83.12 109.97 16.88
CA ALA O 401 -84.51 110.21 16.52
C ALA O 401 -84.83 109.62 15.17
N ALA O 402 -83.87 109.65 14.24
CA ALA O 402 -84.11 109.17 12.89
C ALA O 402 -84.48 107.70 12.90
N VAL O 403 -83.67 106.86 13.54
CA VAL O 403 -83.98 105.43 13.57
C VAL O 403 -85.28 105.19 14.33
N ALA O 404 -85.55 106.01 15.34
CA ALA O 404 -86.83 105.89 16.04
C ALA O 404 -87.99 106.11 15.08
N LEU O 405 -87.86 107.08 14.18
CA LEU O 405 -88.92 107.33 13.21
C LEU O 405 -89.13 106.11 12.32
N ALA O 406 -88.04 105.53 11.82
CA ALA O 406 -88.17 104.38 10.95
C ALA O 406 -88.86 103.23 11.67
N GLN O 407 -88.50 102.99 12.92
CA GLN O 407 -89.15 101.96 13.70
C GLN O 407 -90.64 102.26 13.87
N ALA O 408 -90.97 103.53 14.10
CA ALA O 408 -92.37 103.93 14.13
C ALA O 408 -93.00 103.92 12.75
N MET O 409 -92.20 104.05 11.70
CA MET O 409 -92.74 104.11 10.35
C MET O 409 -93.09 102.73 9.82
N PHE O 410 -92.17 101.78 9.95
CA PHE O 410 -92.41 100.40 9.54
C PHE O 410 -92.53 99.56 10.81
N VAL O 411 -93.70 98.99 11.03
CA VAL O 411 -93.95 98.29 12.28
C VAL O 411 -94.87 97.10 12.01
N ALA P 1 10.54 68.73 3.44
CA ALA P 1 9.71 69.93 3.42
C ALA P 1 9.91 70.73 4.70
N GLN P 2 8.82 71.31 5.21
CA GLN P 2 8.89 72.16 6.39
C GLN P 2 7.53 72.09 7.08
N ARG P 3 7.47 71.38 8.21
CA ARG P 3 6.20 70.98 8.80
C ARG P 3 5.65 72.01 9.79
N GLN P 4 6.16 73.23 9.82
CA GLN P 4 5.70 74.16 10.84
C GLN P 4 5.95 75.59 10.39
N PHE P 5 5.07 76.49 10.82
CA PHE P 5 5.27 77.91 10.60
C PHE P 5 4.69 78.70 11.76
N PHE P 6 5.11 79.96 11.85
CA PHE P 6 4.59 80.89 12.83
C PHE P 6 4.20 82.18 12.13
N GLY P 7 3.21 82.86 12.69
CA GLY P 7 2.68 84.04 12.04
C GLY P 7 2.12 85.05 13.02
N LEU P 8 1.75 86.21 12.47
CA LEU P 8 1.22 87.31 13.27
C LEU P 8 0.23 88.09 12.42
N THR P 9 -0.97 88.32 12.97
CA THR P 9 -1.98 89.05 12.23
C THR P 9 -1.67 90.54 12.23
N TYR P 10 -2.46 91.29 11.46
CA TYR P 10 -2.20 92.70 11.27
C TYR P 10 -2.53 93.49 12.52
N ASN P 11 -2.21 94.77 12.48
CA ASN P 11 -2.52 95.72 13.54
C ASN P 11 -3.62 96.67 13.06
N PHE P 12 -4.55 96.97 13.96
CA PHE P 12 -5.55 97.99 13.69
C PHE P 12 -4.97 99.34 14.07
N TYR P 13 -5.01 100.29 13.13
CA TYR P 13 -4.50 101.63 13.40
C TYR P 13 -5.56 102.41 14.18
N GLY P 14 -5.75 102.00 15.43
CA GLY P 14 -6.74 102.59 16.28
C GLY P 14 -8.17 102.28 15.92
N GLN P 15 -8.42 101.65 14.78
CA GLN P 15 -9.77 101.32 14.38
C GLN P 15 -10.25 100.08 15.12
N PRO P 16 -11.57 99.95 15.30
CA PRO P 16 -12.08 98.85 16.13
C PRO P 16 -12.18 97.52 15.43
N ALA P 17 -12.13 97.48 14.11
CA ALA P 17 -12.43 96.27 13.36
C ALA P 17 -11.42 96.12 12.23
N PRO P 18 -11.25 94.90 11.71
CA PRO P 18 -10.41 94.72 10.53
C PRO P 18 -10.91 95.55 9.38
N LEU P 19 -9.98 96.12 8.63
CA LEU P 19 -10.30 97.18 7.66
C LEU P 19 -10.40 96.59 6.26
N PHE P 20 -11.57 96.03 5.96
CA PHE P 20 -11.85 95.61 4.60
C PHE P 20 -13.36 95.57 4.40
N ASP P 21 -13.77 95.77 3.16
CA ASP P 21 -15.17 95.77 2.79
C ASP P 21 -15.60 94.39 2.36
N LEU P 22 -16.89 94.10 2.55
CA LEU P 22 -17.45 92.87 2.00
C LEU P 22 -17.23 92.79 0.50
N ASN P 23 -17.40 93.91 -0.19
CA ASN P 23 -17.14 93.93 -1.63
C ASN P 23 -15.69 93.56 -1.92
N ASP P 24 -14.76 94.05 -1.10
CA ASP P 24 -13.36 93.67 -1.28
C ASP P 24 -13.20 92.16 -1.20
N LEU P 25 -13.80 91.54 -0.20
CA LEU P 25 -13.77 90.09 -0.10
C LEU P 25 -14.42 89.46 -1.33
N GLN P 26 -15.64 89.88 -1.64
CA GLN P 26 -16.34 89.34 -2.79
C GLN P 26 -15.56 89.60 -4.07
N GLU P 27 -14.84 90.71 -4.12
CA GLU P 27 -14.04 91.01 -5.30
C GLU P 27 -12.76 90.20 -5.32
N LEU P 28 -11.98 90.27 -4.24
CA LEU P 28 -10.61 89.77 -4.27
C LEU P 28 -10.50 88.31 -3.89
N ALA P 29 -11.52 87.72 -3.26
CA ALA P 29 -11.42 86.31 -2.87
C ALA P 29 -12.72 85.55 -3.04
N GLY P 30 -13.68 86.08 -3.80
CA GLY P 30 -14.99 85.46 -3.93
C GLY P 30 -15.01 84.31 -4.91
N CYS P 31 -16.17 84.10 -5.51
CA CYS P 31 -16.41 83.11 -6.55
C CYS P 31 -16.22 81.68 -6.06
N TYR P 32 -16.18 81.47 -4.74
CA TYR P 32 -15.91 80.17 -4.14
C TYR P 32 -14.58 79.59 -4.61
N ALA P 33 -13.70 80.42 -5.15
CA ALA P 33 -12.43 79.94 -5.66
C ALA P 33 -11.39 79.89 -4.54
N ARG P 34 -10.28 79.23 -4.84
CA ARG P 34 -9.19 79.17 -3.88
C ARG P 34 -8.44 80.49 -3.88
N PRO P 35 -8.30 81.15 -2.73
CA PRO P 35 -7.61 82.44 -2.68
C PRO P 35 -6.11 82.35 -2.44
N TRP P 36 -5.54 81.15 -2.44
CA TRP P 36 -4.23 80.94 -1.84
C TRP P 36 -3.06 81.24 -2.77
N THR P 37 -3.30 81.64 -4.01
CA THR P 37 -2.16 82.01 -4.86
C THR P 37 -2.50 83.19 -5.76
N SER P 38 -3.37 84.08 -5.30
CA SER P 38 -3.91 85.13 -6.15
C SER P 38 -3.08 86.41 -6.11
N ARG P 39 -1.98 86.44 -5.36
CA ARG P 39 -1.29 87.70 -5.14
C ARG P 39 -0.75 88.30 -6.43
N PHE P 40 -0.48 87.48 -7.43
CA PHE P 40 0.05 87.98 -8.68
C PHE P 40 -0.99 88.08 -9.79
N SER P 41 -2.20 87.56 -9.58
CA SER P 41 -3.20 87.57 -10.63
C SER P 41 -3.61 88.98 -11.02
N HIS P 42 -3.29 89.98 -10.21
CA HIS P 42 -3.66 91.36 -10.47
C HIS P 42 -2.44 92.26 -10.56
N LEU P 43 -1.31 91.69 -10.97
CA LEU P 43 -0.10 92.44 -11.22
C LEU P 43 0.35 92.22 -12.66
N ALA P 44 1.11 93.17 -13.18
CA ALA P 44 1.58 93.08 -14.55
C ALA P 44 2.98 93.67 -14.63
N ILE P 45 3.45 93.89 -15.85
CA ILE P 45 4.84 94.29 -16.04
C ILE P 45 5.09 95.71 -15.51
N SER P 46 4.11 96.61 -15.65
CA SER P 46 4.34 97.99 -15.26
C SER P 46 3.03 98.64 -14.87
N THR P 47 3.16 99.77 -14.17
CA THR P 47 1.98 100.50 -13.71
C THR P 47 1.16 101.02 -14.87
N GLY P 48 1.78 101.24 -16.03
CA GLY P 48 1.06 101.81 -17.15
C GLY P 48 -0.10 100.95 -17.59
N SER P 49 -0.04 99.65 -17.34
CA SER P 49 -1.06 98.72 -17.78
C SER P 49 -2.04 98.34 -16.69
N LEU P 50 -1.97 99.00 -15.53
CA LEU P 50 -2.76 98.53 -14.41
C LEU P 50 -3.68 99.62 -13.89
N PRO P 51 -4.84 99.25 -13.35
CA PRO P 51 -5.78 100.25 -12.87
C PRO P 51 -5.47 100.72 -11.46
N VAL P 52 -4.20 101.04 -11.19
CA VAL P 52 -3.80 101.44 -9.85
C VAL P 52 -3.90 102.94 -9.63
N TRP P 53 -4.39 103.70 -10.60
CA TRP P 53 -4.33 105.15 -10.52
C TRP P 53 -5.59 105.81 -10.01
N SER P 54 -6.68 105.06 -9.80
CA SER P 54 -7.92 105.70 -9.40
C SER P 54 -8.85 104.68 -8.78
N ALA P 55 -9.95 105.19 -8.22
CA ALA P 55 -11.03 104.38 -7.67
C ALA P 55 -10.52 103.47 -6.57
N ARG P 56 -11.24 102.37 -6.34
CA ARG P 56 -10.80 101.41 -5.34
C ARG P 56 -9.46 100.83 -5.74
N TYR P 57 -8.70 100.39 -4.74
CA TYR P 57 -7.35 99.88 -4.92
C TYR P 57 -6.48 100.84 -5.74
N PRO P 58 -6.37 102.11 -5.33
CA PRO P 58 -5.62 103.10 -6.11
C PRO P 58 -4.15 103.15 -5.73
N SER P 59 -3.51 101.98 -5.67
CA SER P 59 -2.09 101.91 -5.40
C SER P 59 -1.61 100.52 -5.77
N VAL P 60 -0.30 100.41 -6.00
CA VAL P 60 0.28 99.13 -6.39
C VAL P 60 0.09 98.11 -5.27
N ALA P 61 0.38 98.50 -4.05
CA ALA P 61 0.31 97.56 -2.92
C ALA P 61 -1.09 97.37 -2.40
N SER P 62 -2.06 98.17 -2.86
CA SER P 62 -3.36 98.22 -2.22
C SER P 62 -4.00 96.84 -2.11
N ARG P 63 -4.02 96.10 -3.22
CA ARG P 63 -4.71 94.81 -3.23
C ARG P 63 -4.09 93.85 -2.23
N ASN P 64 -2.77 93.73 -2.24
CA ASN P 64 -2.12 92.79 -1.33
C ASN P 64 -2.33 93.21 0.13
N ILE P 65 -2.31 94.51 0.40
CA ILE P 65 -2.57 94.97 1.75
C ILE P 65 -3.95 94.51 2.21
N ILE P 66 -4.95 94.73 1.36
CA ILE P 66 -6.31 94.34 1.71
C ILE P 66 -6.38 92.83 1.94
N VAL P 67 -5.67 92.07 1.10
CA VAL P 67 -5.64 90.62 1.27
C VAL P 67 -5.15 90.27 2.66
N ASN P 68 -4.06 90.89 3.09
CA ASN P 68 -3.49 90.59 4.39
C ASN P 68 -4.50 90.89 5.49
N THR P 69 -5.17 92.05 5.40
CA THR P 69 -6.17 92.38 6.40
C THR P 69 -7.30 91.37 6.38
N LEU P 70 -7.70 90.92 5.19
CA LEU P 70 -8.78 89.95 5.09
C LEU P 70 -8.43 88.66 5.82
N LEU P 71 -7.22 88.15 5.60
CA LEU P 71 -6.84 86.89 6.24
C LEU P 71 -6.84 87.02 7.75
N GLY P 72 -6.51 88.20 8.27
CA GLY P 72 -6.44 88.38 9.71
C GLY P 72 -7.74 88.07 10.42
N ALA P 73 -8.85 88.09 9.70
CA ALA P 73 -10.15 87.80 10.31
C ALA P 73 -10.52 86.34 10.23
N HIS P 74 -9.74 85.49 9.56
CA HIS P 74 -10.15 84.12 9.34
C HIS P 74 -9.06 83.10 9.65
N LEU P 75 -7.94 83.51 10.22
CA LEU P 75 -6.88 82.58 10.56
C LEU P 75 -6.98 82.07 11.98
N ASN P 76 -8.16 82.12 12.57
CA ASN P 76 -8.33 81.69 13.95
C ASN P 76 -7.85 80.27 14.23
N PRO P 77 -8.05 79.28 13.35
CA PRO P 77 -7.60 77.92 13.70
C PRO P 77 -6.14 77.83 14.10
N PHE P 78 -5.28 78.67 13.52
CA PHE P 78 -3.89 78.68 13.95
C PHE P 78 -3.67 79.50 15.20
N ALA P 79 -4.72 80.06 15.76
CA ALA P 79 -4.64 80.78 17.03
C ALA P 79 -5.44 80.12 18.14
N GLY P 80 -6.60 79.55 17.81
CA GLY P 80 -7.43 78.93 18.82
C GLY P 80 -7.85 77.53 18.45
N GLY P 81 -7.33 77.01 17.34
CA GLY P 81 -7.62 75.65 16.96
C GLY P 81 -9.02 75.40 16.46
N GLN P 82 -9.78 76.44 16.15
CA GLN P 82 -11.14 76.26 15.69
C GLN P 82 -11.44 77.20 14.54
N VAL P 83 -12.21 76.70 13.58
CA VAL P 83 -12.73 77.54 12.51
C VAL P 83 -13.87 78.39 13.06
N THR P 84 -13.91 79.65 12.65
CA THR P 84 -14.94 80.57 13.13
C THR P 84 -15.53 81.31 11.95
N SER P 85 -16.54 82.12 12.24
CA SER P 85 -17.19 82.94 11.24
C SER P 85 -17.04 84.40 11.61
N HIS P 86 -17.04 85.25 10.59
CA HIS P 86 -16.96 86.69 10.79
C HIS P 86 -17.86 87.36 9.77
N GLN P 87 -18.83 88.13 10.28
CA GLN P 87 -19.80 88.80 9.43
C GLN P 87 -20.48 87.82 8.48
N GLY P 88 -20.80 86.63 9.00
CA GLY P 88 -21.59 85.67 8.26
C GLY P 88 -20.84 84.86 7.23
N ILE P 89 -19.51 84.91 7.22
CA ILE P 89 -18.72 84.19 6.23
C ILE P 89 -17.68 83.34 6.95
N THR P 90 -17.42 82.16 6.41
CA THR P 90 -16.47 81.24 7.01
C THR P 90 -15.94 80.31 5.93
N TRP P 91 -15.03 79.43 6.34
CA TRP P 91 -14.48 78.43 5.43
C TRP P 91 -15.51 77.36 5.11
N ARG P 92 -15.38 76.78 3.92
CA ARG P 92 -16.30 75.72 3.52
C ARG P 92 -16.00 74.38 4.18
N ASP P 93 -14.78 74.15 4.62
CA ASP P 93 -14.36 72.82 5.04
C ASP P 93 -13.17 72.96 5.98
N PRO P 94 -12.86 71.91 6.75
CA PRO P 94 -11.70 71.99 7.65
C PRO P 94 -10.39 72.19 6.90
N VAL P 95 -10.34 71.88 5.61
CA VAL P 95 -9.12 72.09 4.82
C VAL P 95 -8.93 73.55 4.45
N LEU P 96 -9.90 74.41 4.74
CA LEU P 96 -9.81 75.84 4.43
C LEU P 96 -9.61 76.06 2.94
N SER P 97 -10.33 75.30 2.13
CA SER P 97 -10.19 75.42 0.68
C SER P 97 -10.69 76.76 0.18
N SER P 98 -11.84 77.23 0.68
CA SER P 98 -12.45 78.44 0.16
C SER P 98 -13.45 78.97 1.18
N LEU P 99 -13.95 80.17 0.90
CA LEU P 99 -14.88 80.87 1.77
C LEU P 99 -16.29 80.82 1.22
N ALA P 100 -17.25 80.96 2.11
CA ALA P 100 -18.66 80.91 1.76
C ALA P 100 -19.47 81.47 2.92
N PRO P 101 -20.71 81.88 2.67
CA PRO P 101 -21.57 82.30 3.78
C PRO P 101 -21.91 81.12 4.67
N VAL P 102 -22.19 81.42 5.94
CA VAL P 102 -22.38 80.40 6.96
C VAL P 102 -23.65 79.60 6.67
N PRO P 103 -23.67 78.32 7.00
CA PRO P 103 -24.91 77.54 6.88
C PRO P 103 -25.91 77.96 7.94
N ALA P 104 -27.18 77.67 7.65
CA ALA P 104 -28.26 78.09 8.53
C ALA P 104 -28.55 77.08 9.64
N ILE P 105 -28.05 75.86 9.54
CA ILE P 105 -28.44 74.81 10.48
C ILE P 105 -27.46 74.72 11.65
N GLN P 106 -26.16 74.67 11.37
CA GLN P 106 -25.15 74.56 12.42
C GLN P 106 -24.04 75.55 12.16
N PRO P 107 -24.26 76.83 12.46
CA PRO P 107 -23.23 77.83 12.25
C PRO P 107 -22.04 77.58 13.16
N PRO P 108 -20.83 77.88 12.71
CA PRO P 108 -19.67 77.82 13.59
C PRO P 108 -19.67 79.01 14.54
N PRO P 109 -18.88 78.95 15.61
CA PRO P 109 -18.86 80.08 16.55
C PRO P 109 -18.36 81.35 15.89
N VAL P 110 -18.87 82.48 16.36
CA VAL P 110 -18.51 83.78 15.82
C VAL P 110 -17.14 84.19 16.36
N TRP P 111 -16.30 84.69 15.47
CA TRP P 111 -14.95 85.08 15.87
C TRP P 111 -14.99 86.33 16.73
N ALA P 112 -14.26 86.30 17.85
CA ALA P 112 -14.09 87.49 18.67
C ALA P 112 -12.91 88.28 18.11
N VAL P 113 -13.15 89.55 17.79
CA VAL P 113 -12.17 90.32 17.05
C VAL P 113 -10.97 90.65 17.93
N ALA P 114 -9.79 90.66 17.32
CA ALA P 114 -8.55 91.02 17.98
C ALA P 114 -7.53 91.36 16.92
N GLU P 115 -6.40 91.90 17.35
CA GLU P 115 -5.35 92.33 16.43
C GLU P 115 -4.01 91.79 16.89
N ASN P 116 -3.09 91.66 15.94
CA ASN P 116 -1.73 91.22 16.21
C ASN P 116 -1.72 89.88 16.94
N VAL P 117 -2.50 88.95 16.42
CA VAL P 117 -2.64 87.63 17.04
C VAL P 117 -1.49 86.75 16.62
N PRO P 118 -0.71 86.22 17.56
CA PRO P 118 0.33 85.25 17.19
C PRO P 118 -0.28 83.95 16.72
N LEU P 119 0.42 83.30 15.79
CA LEU P 119 -0.10 82.11 15.12
C LEU P 119 0.92 80.99 15.13
N ASP P 120 0.46 79.78 15.44
CA ASP P 120 1.28 78.58 15.39
C ASP P 120 0.59 77.54 14.54
N SER P 121 1.38 76.80 13.76
CA SER P 121 0.82 75.69 12.99
C SER P 121 0.33 74.57 13.91
N ASN P 122 1.03 74.35 15.03
CA ASN P 122 0.73 73.22 15.89
C ASN P 122 -0.64 73.32 16.53
N ASN P 123 -1.23 74.51 16.58
CA ASN P 123 -2.56 74.66 17.17
C ASN P 123 -3.65 73.98 16.35
N TYR P 124 -3.37 73.58 15.11
CA TYR P 124 -4.37 73.03 14.21
C TYR P 124 -3.82 71.76 13.60
N PRO P 125 -3.95 70.63 14.30
CA PRO P 125 -3.27 69.40 13.86
C PRO P 125 -3.64 68.97 12.47
N THR P 126 -4.87 69.19 12.03
CA THR P 126 -5.30 68.70 10.73
C THR P 126 -4.44 69.28 9.61
N TYR P 127 -3.82 70.44 9.84
CA TYR P 127 -2.98 71.02 8.81
C TYR P 127 -1.83 70.10 8.45
N VAL P 128 -1.07 69.66 9.46
CA VAL P 128 0.07 68.80 9.19
C VAL P 128 -0.39 67.49 8.59
N LEU P 129 -1.49 66.94 9.11
CA LEU P 129 -2.02 65.70 8.57
C LEU P 129 -2.44 65.83 7.12
N ASN P 130 -2.71 67.05 6.65
CA ASN P 130 -3.03 67.29 5.25
C ASN P 130 -2.04 68.26 4.64
N LEU P 131 -0.78 68.15 5.04
CA LEU P 131 0.23 69.10 4.61
C LEU P 131 0.33 69.15 3.09
N SER P 132 0.20 68.00 2.44
CA SER P 132 0.40 67.94 0.99
C SER P 132 -0.59 68.82 0.26
N SER P 133 -1.79 68.99 0.78
CA SER P 133 -2.80 69.82 0.13
C SER P 133 -2.91 71.21 0.72
N MET P 134 -2.62 71.38 2.00
CA MET P 134 -2.72 72.69 2.64
C MET P 134 -1.42 73.47 2.57
N TRP P 135 -0.44 73.00 1.82
CA TRP P 135 0.83 73.69 1.70
C TRP P 135 0.74 75.15 1.31
N PRO P 136 -0.09 75.57 0.36
CA PRO P 136 -0.07 76.99 -0.05
C PRO P 136 -0.33 77.96 1.07
N ILE P 137 -1.07 77.55 2.10
CA ILE P 137 -1.34 78.45 3.21
C ILE P 137 -0.04 78.92 3.83
N ASN P 138 0.95 78.03 3.90
CA ASN P 138 2.23 78.37 4.52
C ASN P 138 2.81 79.64 3.91
N GLN P 139 2.86 79.71 2.58
CA GLN P 139 3.49 80.86 1.94
C GLN P 139 2.74 82.15 2.27
N ASP P 140 1.42 82.15 2.07
CA ASP P 140 0.66 83.38 2.26
C ASP P 140 0.71 83.87 3.68
N VAL P 141 0.56 82.95 4.64
CA VAL P 141 0.63 83.35 6.05
C VAL P 141 1.97 83.99 6.33
N HIS P 142 3.05 83.39 5.83
CA HIS P 142 4.36 83.98 6.02
C HIS P 142 4.42 85.38 5.43
N ILE P 143 3.92 85.53 4.21
CA ILE P 143 3.95 86.83 3.54
C ILE P 143 3.17 87.85 4.37
N MET P 144 1.98 87.47 4.81
CA MET P 144 1.17 88.37 5.62
C MET P 144 1.93 88.79 6.87
N THR P 145 2.58 87.82 7.53
CA THR P 145 3.35 88.13 8.72
C THR P 145 4.49 89.08 8.40
N MET P 146 5.22 88.81 7.33
CA MET P 146 6.36 89.65 6.98
C MET P 146 5.92 91.08 6.73
N TRP P 147 4.70 91.29 6.27
CA TRP P 147 4.22 92.65 6.08
C TRP P 147 3.68 93.23 7.38
N ALA P 148 2.92 92.43 8.13
CA ALA P 148 2.30 92.94 9.35
C ALA P 148 3.33 93.43 10.35
N LEU P 149 4.53 92.85 10.33
CA LEU P 149 5.53 93.17 11.32
C LEU P 149 6.03 94.60 11.23
N SER P 150 5.80 95.29 10.13
CA SER P 150 6.44 96.58 9.93
C SER P 150 5.46 97.61 9.42
N ASP P 151 5.61 98.84 9.91
CA ASP P 151 5.05 99.98 9.21
C ASP P 151 5.93 100.31 8.01
N GLN P 152 5.38 101.13 7.11
CA GLN P 152 6.02 101.46 5.83
C GLN P 152 6.29 100.13 5.12
N GLY P 153 7.47 99.92 4.55
CA GLY P 153 7.72 98.78 3.71
C GLY P 153 7.75 97.47 4.46
N PRO P 154 7.40 96.39 3.77
CA PRO P 154 7.49 95.06 4.37
C PRO P 154 8.93 94.66 4.59
N ILE P 155 9.11 93.61 5.37
CA ILE P 155 10.42 93.11 5.75
C ILE P 155 10.75 91.89 4.91
N TYR P 156 12.01 91.76 4.52
CA TYR P 156 12.50 90.58 3.82
C TYR P 156 13.97 90.38 4.18
N HIS P 157 14.48 89.21 3.81
CA HIS P 157 15.78 88.75 4.28
C HIS P 157 16.75 88.56 3.12
N LEU P 158 18.02 88.83 3.40
CA LEU P 158 19.09 88.69 2.44
C LEU P 158 20.19 87.82 3.00
N GLU P 159 20.90 87.13 2.12
CA GLU P 159 22.07 86.36 2.53
C GLU P 159 22.91 86.02 1.30
N VAL P 160 24.21 85.87 1.54
CA VAL P 160 25.15 85.45 0.49
C VAL P 160 26.13 84.46 1.09
N PRO P 161 26.29 83.29 0.50
CA PRO P 161 27.24 82.31 1.02
C PRO P 161 28.66 82.66 0.60
N VAL P 162 29.60 81.91 1.17
CA VAL P 162 31.01 82.07 0.81
C VAL P 162 31.39 81.30 -0.44
N ASP P 163 30.54 80.38 -0.88
CA ASP P 163 30.81 79.55 -2.03
C ASP P 163 30.38 80.24 -3.32
N PRO P 164 30.89 79.80 -4.45
CA PRO P 164 30.37 80.27 -5.74
C PRO P 164 29.01 79.66 -6.04
N MET P 165 28.35 80.23 -7.03
CA MET P 165 27.05 79.70 -7.42
C MET P 165 27.22 78.30 -7.99
N PRO P 166 26.30 77.39 -7.70
CA PRO P 166 26.32 76.08 -8.35
C PRO P 166 25.91 76.21 -9.80
N ALA P 167 26.32 75.20 -10.59
CA ALA P 167 26.06 75.25 -12.02
C ALA P 167 24.58 75.33 -12.32
N ALA P 168 23.76 74.61 -11.55
CA ALA P 168 22.33 74.58 -11.80
C ALA P 168 21.75 76.00 -11.80
N THR P 169 22.07 76.77 -10.77
CA THR P 169 21.61 78.15 -10.73
C THR P 169 22.14 78.94 -11.91
N THR P 170 23.41 78.72 -12.26
CA THR P 170 23.99 79.41 -13.40
C THR P 170 23.20 79.13 -14.66
N ALA P 171 22.91 77.86 -14.92
CA ALA P 171 22.11 77.52 -16.09
C ALA P 171 20.73 78.14 -16.00
N ALA P 172 20.10 78.09 -14.83
CA ALA P 172 18.77 78.63 -14.68
C ALA P 172 18.75 80.13 -14.96
N LEU P 173 19.72 80.85 -14.41
CA LEU P 173 19.75 82.29 -14.61
C LEU P 173 20.02 82.64 -16.07
N MET P 174 20.85 81.84 -16.74
CA MET P 174 21.13 82.10 -18.14
C MET P 174 19.89 81.97 -19.02
N ALA P 175 18.82 81.37 -18.51
CA ALA P 175 17.57 81.32 -19.24
C ALA P 175 16.63 82.47 -18.91
N TYR P 176 16.89 83.20 -17.83
CA TYR P 176 16.04 84.31 -17.41
C TYR P 176 16.66 85.66 -17.72
N ILE P 177 17.49 85.73 -18.75
CA ILE P 177 18.30 86.93 -18.97
C ILE P 177 17.42 88.16 -19.19
N GLY P 178 16.63 88.15 -20.24
CA GLY P 178 15.91 89.35 -20.61
C GLY P 178 14.64 89.61 -19.86
N VAL P 179 14.36 88.88 -18.79
CA VAL P 179 13.07 88.94 -18.11
C VAL P 179 13.02 90.15 -17.18
N PRO P 180 11.92 90.89 -17.15
CA PRO P 180 11.76 91.94 -16.15
C PRO P 180 11.52 91.35 -14.77
N ILE P 181 11.72 92.19 -13.77
CA ILE P 181 11.69 91.71 -12.39
C ILE P 181 10.30 91.19 -12.03
N ALA P 182 9.26 91.84 -12.54
CA ALA P 182 7.90 91.48 -12.16
C ALA P 182 7.60 90.03 -12.56
N HIS P 183 7.97 89.65 -13.78
CA HIS P 183 7.75 88.28 -14.20
C HIS P 183 8.54 87.31 -13.34
N LEU P 184 9.78 87.67 -13.01
CA LEU P 184 10.59 86.80 -12.15
C LEU P 184 9.93 86.59 -10.82
N ALA P 185 9.38 87.66 -10.23
CA ALA P 185 8.75 87.54 -8.92
C ALA P 185 7.58 86.56 -8.98
N GLN P 186 6.83 86.57 -10.09
CA GLN P 186 5.71 85.64 -10.20
C GLN P 186 6.19 84.21 -10.12
N THR P 187 7.24 83.86 -10.86
CA THR P 187 7.71 82.49 -10.88
C THR P 187 8.13 82.03 -9.48
N ALA P 188 8.85 82.89 -8.77
CA ALA P 188 9.25 82.54 -7.41
C ALA P 188 8.03 82.31 -6.54
N TYR P 189 7.05 83.21 -6.62
CA TYR P 189 5.82 83.03 -5.87
C TYR P 189 5.10 81.77 -6.32
N ARG P 190 5.04 81.55 -7.64
CA ARG P 190 4.39 80.35 -8.16
C ARG P 190 5.10 79.11 -7.70
N PHE P 191 6.43 79.13 -7.67
CA PHE P 191 7.19 77.94 -7.33
C PHE P 191 6.88 77.48 -5.91
N ALA P 192 7.17 78.32 -4.92
CA ALA P 192 7.03 77.91 -3.53
C ALA P 192 5.58 77.74 -3.12
N GLY P 193 4.63 78.19 -3.93
CA GLY P 193 3.27 78.26 -3.47
C GLY P 193 2.45 76.98 -3.55
N GLN P 194 2.67 76.15 -4.55
CA GLN P 194 1.65 75.18 -4.91
C GLN P 194 1.92 73.77 -4.42
N LEU P 195 3.12 73.46 -3.93
CA LEU P 195 3.37 72.10 -3.43
C LEU P 195 4.60 72.14 -2.55
N PRO P 196 4.67 71.28 -1.53
CA PRO P 196 5.81 71.33 -0.61
C PRO P 196 7.13 71.07 -1.32
N GLN P 197 8.17 71.74 -0.85
CA GLN P 197 9.50 71.59 -1.40
C GLN P 197 10.53 71.57 -0.27
N SER P 198 11.61 70.94 -0.53
CA SER P 198 12.66 70.95 0.48
C SER P 198 13.56 72.16 0.28
N PRO P 199 14.13 72.69 1.37
CA PRO P 199 15.06 73.83 1.22
C PRO P 199 16.29 73.49 0.42
N ASP P 200 16.64 72.21 0.33
CA ASP P 200 17.79 71.79 -0.47
C ASP P 200 17.36 71.49 -1.90
N SER P 201 16.74 72.49 -2.52
CA SER P 201 16.28 72.39 -3.90
C SER P 201 16.91 73.50 -4.71
N THR P 202 17.16 73.22 -5.99
CA THR P 202 17.91 74.14 -6.83
C THR P 202 17.22 75.48 -6.93
N MET P 203 15.90 75.49 -7.11
CA MET P 203 15.19 76.75 -7.25
C MET P 203 15.36 77.61 -6.01
N VAL P 204 15.34 77.00 -4.84
CA VAL P 204 15.48 77.75 -3.59
C VAL P 204 16.78 78.53 -3.60
N SER P 205 17.88 77.85 -3.91
CA SER P 205 19.16 78.53 -4.01
C SER P 205 19.13 79.57 -5.12
N THR P 206 18.48 79.26 -6.23
CA THR P 206 18.42 80.19 -7.34
C THR P 206 17.76 81.50 -6.92
N ILE P 207 16.57 81.42 -6.31
CA ILE P 207 15.88 82.62 -5.91
C ILE P 207 16.68 83.36 -4.84
N ARG P 208 17.34 82.61 -3.95
CA ARG P 208 18.16 83.24 -2.94
C ARG P 208 19.21 84.14 -3.57
N TRP P 209 19.88 83.65 -4.61
CA TRP P 209 20.86 84.47 -5.31
C TRP P 209 20.22 85.69 -5.95
N LEU P 210 19.03 85.52 -6.54
CA LEU P 210 18.38 86.63 -7.23
C LEU P 210 18.17 87.80 -6.28
N SER P 211 17.62 87.52 -5.09
CA SER P 211 17.40 88.59 -4.13
C SER P 211 18.70 89.29 -3.80
N ALA P 212 19.78 88.52 -3.64
CA ALA P 212 21.07 89.13 -3.36
C ALA P 212 21.50 90.04 -4.51
N ILE P 213 21.44 89.52 -5.74
CA ILE P 213 21.88 90.30 -6.89
C ILE P 213 21.03 91.55 -7.03
N TRP P 214 19.73 91.42 -6.87
CA TRP P 214 18.85 92.58 -7.00
C TRP P 214 19.27 93.68 -6.03
N PHE P 215 19.47 93.33 -4.76
CA PHE P 215 19.87 94.33 -3.80
C PHE P 215 21.22 94.92 -4.14
N GLY P 216 22.18 94.07 -4.52
CA GLY P 216 23.50 94.57 -4.85
C GLY P 216 23.47 95.56 -5.99
N SER P 217 22.69 95.27 -7.02
CA SER P 217 22.52 96.22 -8.11
C SER P 217 21.71 97.43 -7.66
N LEU P 218 20.73 97.21 -6.78
CA LEU P 218 19.94 98.34 -6.29
C LEU P 218 20.82 99.37 -5.61
N THR P 219 21.76 98.90 -4.80
CA THR P 219 22.73 99.79 -4.18
C THR P 219 23.75 100.31 -5.17
N GLY P 220 23.76 99.80 -6.39
CA GLY P 220 24.70 100.25 -7.39
C GLY P 220 26.07 99.63 -7.29
N ARG P 221 26.31 98.76 -6.32
CA ARG P 221 27.59 98.08 -6.25
C ARG P 221 27.78 97.14 -7.44
N LEU P 222 26.72 96.47 -7.86
CA LEU P 222 26.77 95.58 -9.02
C LEU P 222 26.38 96.36 -10.26
N ASN P 223 27.25 96.41 -11.24
CA ASN P 223 27.04 97.23 -12.43
C ASN P 223 27.57 96.50 -13.65
N ARG P 224 27.51 97.18 -14.79
CA ARG P 224 28.19 96.69 -15.98
C ARG P 224 29.68 96.51 -15.71
N SER P 225 30.26 97.37 -14.87
CA SER P 225 31.67 97.27 -14.57
C SER P 225 31.96 96.09 -13.65
N ARG P 226 31.11 95.87 -12.65
CA ARG P 226 31.36 94.88 -11.63
C ARG P 226 30.10 94.06 -11.41
N THR P 227 30.24 92.74 -11.45
CA THR P 227 29.09 91.85 -11.46
C THR P 227 29.32 90.66 -10.55
N CYS P 228 28.23 89.97 -10.25
CA CYS P 228 28.28 88.71 -9.53
C CYS P 228 28.23 87.58 -10.56
N ASN P 229 29.37 86.93 -10.78
CA ASN P 229 29.47 85.80 -11.70
C ASN P 229 28.95 86.14 -13.09
N GLY P 230 28.96 87.42 -13.46
CA GLY P 230 28.51 87.84 -14.76
C GLY P 230 27.12 88.43 -14.78
N PHE P 231 26.34 88.27 -13.71
CA PHE P 231 24.97 88.73 -13.67
C PHE P 231 24.86 90.05 -12.93
N TYR P 232 23.84 90.82 -13.29
CA TYR P 232 23.51 92.09 -12.64
C TYR P 232 22.21 92.58 -13.24
N PHE P 233 21.56 93.49 -12.52
CA PHE P 233 20.30 94.07 -12.97
C PHE P 233 20.54 95.42 -13.61
N GLU P 234 19.65 95.81 -14.51
CA GLU P 234 19.69 97.10 -15.15
C GLU P 234 18.39 97.85 -14.88
N PHE P 235 18.52 99.12 -14.49
CA PHE P 235 17.37 99.94 -14.13
C PHE P 235 17.05 100.92 -15.24
N ALA P 236 15.75 101.19 -15.40
CA ALA P 236 15.30 102.09 -16.44
C ALA P 236 15.69 103.53 -16.12
N LYS P 237 15.56 104.39 -17.13
CA LYS P 237 15.95 105.78 -16.97
C LYS P 237 15.00 106.50 -16.03
N PRO P 238 15.51 107.29 -15.08
CA PRO P 238 14.62 108.10 -14.26
C PRO P 238 13.89 109.15 -15.07
N ALA P 239 14.42 109.52 -16.23
CA ALA P 239 13.76 110.54 -17.05
C ALA P 239 12.42 110.08 -17.57
N LEU P 240 12.19 108.78 -17.68
CA LEU P 240 10.91 108.28 -18.15
C LEU P 240 10.15 107.52 -17.07
N ASN P 241 10.70 106.42 -16.58
CA ASN P 241 10.07 105.65 -15.53
C ASN P 241 11.08 104.72 -14.88
N PRO P 242 11.74 105.13 -13.80
CA PRO P 242 12.75 104.27 -13.19
C PRO P 242 12.18 103.04 -12.50
N ASP P 243 10.86 102.93 -12.36
CA ASP P 243 10.26 101.81 -11.63
C ASP P 243 10.21 100.56 -12.50
N GLN P 244 11.39 100.10 -12.91
CA GLN P 244 11.50 98.93 -13.77
C GLN P 244 12.95 98.48 -13.80
N ALA P 245 13.16 97.17 -13.81
CA ALA P 245 14.50 96.61 -13.89
C ALA P 245 14.43 95.23 -14.53
N VAL P 246 15.49 94.88 -15.25
CA VAL P 246 15.60 93.59 -15.91
C VAL P 246 16.97 92.99 -15.62
N LEU P 247 17.08 91.69 -15.83
CA LEU P 247 18.32 90.97 -15.59
C LEU P 247 19.26 91.13 -16.78
N LYS P 248 20.55 91.05 -16.50
CA LYS P 248 21.57 91.15 -17.55
C LYS P 248 22.75 90.26 -17.19
N TRP P 249 23.49 89.85 -18.22
CA TRP P 249 24.72 89.10 -18.05
C TRP P 249 25.79 89.71 -18.94
N ASN P 250 27.03 89.73 -18.46
CA ASN P 250 27.99 90.65 -19.04
C ASN P 250 29.41 90.14 -18.86
N ASP P 251 30.32 90.74 -19.62
CA ASP P 251 31.76 90.46 -19.55
C ASP P 251 32.42 91.05 -18.31
N GLY P 252 31.72 91.87 -17.55
CA GLY P 252 32.38 92.67 -16.53
C GLY P 252 33.13 91.84 -15.52
N ALA P 253 34.07 92.51 -14.86
CA ALA P 253 34.86 91.85 -13.83
C ALA P 253 33.95 91.28 -12.75
N ARG P 254 34.23 90.05 -12.33
CA ARG P 254 33.39 89.36 -11.38
C ARG P 254 33.82 89.71 -9.96
N ALA P 255 32.84 90.05 -9.12
CA ALA P 255 33.13 90.38 -7.73
C ALA P 255 33.58 89.14 -6.97
N ALA P 256 34.48 89.36 -6.02
CA ALA P 256 34.99 88.27 -5.20
C ALA P 256 34.00 87.92 -4.10
N PRO P 257 34.01 86.66 -3.63
CA PRO P 257 33.09 86.28 -2.57
C PRO P 257 33.47 86.95 -1.26
N PRO P 258 32.52 87.14 -0.36
CA PRO P 258 32.82 87.81 0.90
C PRO P 258 33.71 86.96 1.78
N ALA P 259 34.41 87.64 2.70
CA ALA P 259 35.29 86.94 3.62
C ALA P 259 34.51 85.98 4.51
N ALA P 260 33.30 86.35 4.90
CA ALA P 260 32.45 85.47 5.68
C ALA P 260 31.01 85.66 5.21
N ALA P 261 30.20 84.64 5.47
CA ALA P 261 28.80 84.68 5.01
C ALA P 261 28.09 85.90 5.57
N GLN P 262 27.37 86.59 4.71
CA GLN P 262 26.66 87.80 5.05
C GLN P 262 25.16 87.58 4.97
N SER P 263 24.43 88.21 5.88
CA SER P 263 22.98 88.10 5.89
C SER P 263 22.40 89.22 6.75
N SER P 264 21.19 89.64 6.41
CA SER P 264 20.48 90.65 7.18
C SER P 264 19.03 90.70 6.72
N TYR P 265 18.23 91.43 7.48
CA TYR P 265 16.85 91.74 7.11
C TYR P 265 16.75 93.15 6.59
N MET P 266 15.77 93.39 5.73
CA MET P 266 15.64 94.65 5.03
C MET P 266 14.20 95.10 5.01
N ARG P 267 14.00 96.40 4.83
CA ARG P 267 12.68 96.98 4.59
C ARG P 267 12.87 98.39 4.08
N CYS P 268 11.86 98.89 3.38
CA CYS P 268 11.87 100.28 2.94
C CYS P 268 11.29 101.16 4.04
N ILE P 269 12.02 102.22 4.38
CA ILE P 269 11.64 103.06 5.51
C ILE P 269 10.68 104.17 5.13
N SER P 270 10.36 104.33 3.84
CA SER P 270 9.58 105.46 3.39
C SER P 270 8.33 104.98 2.66
N PRO P 271 7.25 105.78 2.66
CA PRO P 271 5.99 105.31 2.08
C PRO P 271 6.02 105.08 0.58
N HIS P 272 7.12 105.42 -0.10
CA HIS P 272 7.14 105.28 -1.56
C HIS P 272 6.87 103.85 -2.00
N TRP P 273 7.18 102.87 -1.16
CA TRP P 273 7.06 101.49 -1.56
C TRP P 273 5.62 101.13 -1.94
N GLN P 274 4.63 101.80 -1.34
CA GLN P 274 3.25 101.42 -1.57
C GLN P 274 2.85 101.55 -3.04
N HIS P 275 3.57 102.32 -3.82
CA HIS P 275 3.22 102.57 -5.22
C HIS P 275 4.44 102.43 -6.09
N GLN P 276 5.24 101.41 -5.86
CA GLN P 276 6.50 101.25 -6.58
C GLN P 276 6.73 99.76 -6.80
N ILE P 277 6.64 99.33 -8.05
CA ILE P 277 6.50 97.90 -8.33
C ILE P 277 7.79 97.15 -7.99
N VAL P 278 8.95 97.78 -8.21
CA VAL P 278 10.20 97.06 -7.98
C VAL P 278 10.35 96.70 -6.51
N GLU P 279 9.86 97.58 -5.63
CA GLU P 279 9.90 97.26 -4.20
C GLU P 279 8.99 96.10 -3.89
N VAL P 280 7.75 96.14 -4.39
CA VAL P 280 6.80 95.08 -4.09
C VAL P 280 7.31 93.76 -4.64
N ALA P 281 7.75 93.74 -5.89
CA ALA P 281 8.23 92.51 -6.49
C ALA P 281 9.46 92.00 -5.74
N GLY P 282 10.40 92.88 -5.44
CA GLY P 282 11.60 92.46 -4.74
C GLY P 282 11.28 91.85 -3.39
N ALA P 283 10.39 92.49 -2.63
CA ALA P 283 10.03 91.96 -1.32
C ALA P 283 9.36 90.60 -1.46
N LEU P 284 8.37 90.50 -2.34
CA LEU P 284 7.66 89.22 -2.50
C LEU P 284 8.61 88.12 -2.94
N MET P 285 9.50 88.43 -3.89
CA MET P 285 10.47 87.44 -4.32
C MET P 285 11.33 86.97 -3.15
N SER P 286 11.88 87.91 -2.39
CA SER P 286 12.74 87.54 -1.27
C SER P 286 11.95 86.80 -0.20
N GLN P 287 10.73 87.27 0.10
CA GLN P 287 9.94 86.62 1.13
C GLN P 287 9.61 85.19 0.75
N SER P 288 9.58 84.89 -0.55
CA SER P 288 9.27 83.54 -0.99
C SER P 288 10.31 82.56 -0.48
N VAL P 289 11.59 82.95 -0.48
CA VAL P 289 12.64 82.07 0.00
C VAL P 289 12.41 81.71 1.47
N THR P 290 12.19 82.73 2.30
CA THR P 290 11.98 82.47 3.71
C THR P 290 10.74 81.64 3.94
N ALA P 291 9.75 81.73 3.05
CA ALA P 291 8.54 80.93 3.21
C ALA P 291 8.85 79.44 3.16
N VAL P 292 9.72 79.03 2.24
CA VAL P 292 9.98 77.61 2.09
C VAL P 292 11.04 77.14 3.09
N THR P 293 11.96 78.01 3.47
CA THR P 293 13.05 77.61 4.36
C THR P 293 12.86 78.05 5.79
N GLY P 294 11.84 78.86 6.08
CA GLY P 294 11.65 79.38 7.41
C GLY P 294 12.61 80.51 7.72
N LEU P 295 12.38 81.14 8.87
CA LEU P 295 13.22 82.26 9.28
C LEU P 295 14.56 81.74 9.78
N PRO P 296 15.67 82.18 9.21
CA PRO P 296 16.97 81.73 9.73
C PRO P 296 17.22 82.13 11.17
N ALA P 297 16.75 83.31 11.59
CA ALA P 297 17.00 83.76 12.94
C ALA P 297 15.99 84.84 13.30
N LEU P 298 15.89 85.11 14.59
CA LEU P 298 14.97 86.13 15.08
C LEU P 298 15.39 87.51 14.58
N ILE P 299 14.40 88.33 14.32
CA ILE P 299 14.61 89.68 13.83
C ILE P 299 14.84 90.61 15.01
N ASP P 300 15.73 91.58 14.82
CA ASP P 300 16.03 92.54 15.87
C ASP P 300 14.83 93.45 16.12
N GLU P 301 14.44 93.57 17.39
CA GLU P 301 13.30 94.41 17.74
C GLU P 301 13.64 95.89 17.74
N ALA P 302 14.92 96.24 17.61
CA ALA P 302 15.37 97.58 18.00
C ALA P 302 14.71 98.69 17.21
N THR P 303 14.28 98.43 15.98
CA THR P 303 13.80 99.49 15.09
C THR P 303 12.46 99.11 14.48
N LEU P 304 11.54 98.64 15.30
CA LEU P 304 10.25 98.16 14.83
C LEU P 304 9.14 98.84 15.60
N PRO P 305 7.93 98.89 15.03
CA PRO P 305 6.79 99.49 15.74
C PRO P 305 6.54 98.77 17.07
N ALA P 306 5.70 99.42 17.88
CA ALA P 306 5.51 98.96 19.25
C ALA P 306 4.96 97.55 19.31
N TRP P 307 3.99 97.23 18.44
CA TRP P 307 3.37 95.92 18.52
C TRP P 307 4.32 94.80 18.13
N SER P 308 5.41 95.12 17.44
CA SER P 308 6.37 94.10 17.02
C SER P 308 7.40 93.76 18.08
N GLN P 309 7.35 94.40 19.24
CA GLN P 309 8.37 94.21 20.26
C GLN P 309 8.19 92.85 20.92
N GLY P 310 9.16 91.98 20.74
CA GLY P 310 9.17 90.70 21.44
C GLY P 310 8.08 89.74 21.04
N VAL P 311 7.81 89.62 19.74
CA VAL P 311 6.84 88.63 19.27
C VAL P 311 7.48 87.26 19.28
N ALA P 312 6.79 86.29 19.90
CA ALA P 312 7.34 84.96 20.03
C ALA P 312 7.64 84.35 18.68
N ASN P 313 8.79 83.68 18.58
CA ASN P 313 9.26 82.98 17.39
C ASN P 313 9.56 83.92 16.23
N LEU P 314 9.38 85.22 16.39
CA LEU P 314 9.61 86.14 15.28
C LEU P 314 10.64 87.20 15.60
N THR P 315 10.52 87.88 16.74
CA THR P 315 11.41 88.99 17.07
C THR P 315 12.10 88.70 18.38
N GLY P 316 13.29 89.29 18.54
CA GLY P 316 14.06 89.09 19.74
C GLY P 316 15.11 90.17 19.88
N ASN P 317 15.76 90.16 21.05
CA ASN P 317 16.85 91.09 21.32
C ASN P 317 18.07 90.38 21.91
N GLY P 318 18.09 89.05 21.88
CA GLY P 318 19.18 88.30 22.47
C GLY P 318 20.37 88.18 21.55
N GLN P 319 21.20 87.18 21.84
CA GLN P 319 22.43 86.99 21.08
C GLN P 319 22.15 86.49 19.66
N GLY P 320 21.29 85.49 19.53
CA GLY P 320 21.00 84.93 18.23
C GLY P 320 20.01 85.75 17.44
N VAL P 321 20.35 87.02 17.18
CA VAL P 321 19.45 87.97 16.56
C VAL P 321 20.15 88.62 15.39
N VAL P 322 19.47 88.67 14.25
CA VAL P 322 20.00 89.28 13.03
C VAL P 322 19.47 90.70 12.94
N PRO P 323 20.31 91.70 12.73
CA PRO P 323 19.82 93.07 12.60
C PRO P 323 19.04 93.26 11.32
N CYS P 324 18.15 94.25 11.34
CA CYS P 324 17.36 94.62 10.18
C CYS P 324 17.71 96.05 9.78
N LEU P 325 18.04 96.24 8.50
CA LEU P 325 18.36 97.55 7.98
C LEU P 325 17.19 98.09 7.17
N ASP P 326 17.27 99.37 6.86
CA ASP P 326 16.22 100.05 6.11
C ASP P 326 16.82 101.21 5.35
N TYR P 327 16.07 101.68 4.35
CA TYR P 327 16.59 102.70 3.47
C TYR P 327 15.44 103.51 2.89
N ASN P 328 15.79 104.67 2.36
CA ASN P 328 14.88 105.51 1.60
C ASN P 328 15.32 105.50 0.15
N PRO P 329 14.38 105.33 -0.79
CA PRO P 329 14.80 105.20 -2.19
C PRO P 329 15.60 106.39 -2.71
N VAL P 330 15.25 107.61 -2.32
CA VAL P 330 15.90 108.78 -2.88
C VAL P 330 17.38 108.81 -2.48
N PRO P 331 17.73 108.76 -1.19
CA PRO P 331 19.16 108.67 -0.86
C PRO P 331 19.81 107.44 -1.47
N MET P 332 19.07 106.34 -1.53
CA MET P 332 19.61 105.14 -2.17
C MET P 332 19.95 105.41 -3.62
N ALA P 333 19.07 106.11 -4.33
CA ALA P 333 19.33 106.44 -5.72
C ALA P 333 20.58 107.29 -5.84
N ALA P 334 20.73 108.27 -4.97
CA ALA P 334 21.92 109.12 -5.00
C ALA P 334 23.17 108.29 -4.81
N ALA P 335 23.14 107.35 -3.85
CA ALA P 335 24.28 106.49 -3.64
C ALA P 335 24.57 105.65 -4.88
N ARG P 336 23.53 105.10 -5.50
CA ARG P 336 23.73 104.28 -6.68
C ARG P 336 24.37 105.09 -7.80
N HIS P 337 23.90 106.32 -7.99
CA HIS P 337 24.48 107.17 -9.01
C HIS P 337 25.93 107.49 -8.68
N LEU P 338 26.22 107.77 -7.42
CA LEU P 338 27.59 108.07 -7.03
C LEU P 338 28.52 106.90 -7.33
N GLN P 339 28.08 105.69 -7.01
CA GLN P 339 28.90 104.52 -7.30
C GLN P 339 29.15 104.40 -8.80
N TRP P 340 28.15 104.73 -9.61
CA TRP P 340 28.33 104.66 -11.05
C TRP P 340 29.43 105.61 -11.51
N ARG P 341 29.45 106.83 -10.98
CA ARG P 341 30.49 107.77 -11.38
C ARG P 341 31.86 107.27 -10.95
N GLN P 342 31.95 106.76 -9.72
CA GLN P 342 33.24 106.26 -9.25
C GLN P 342 33.70 105.07 -10.07
N ASP P 343 32.76 104.21 -10.47
CA ASP P 343 33.10 103.14 -11.40
C ASP P 343 33.42 103.66 -12.79
N GLY P 344 33.14 104.94 -13.06
CA GLY P 344 33.43 105.49 -14.36
C GLY P 344 32.38 105.27 -15.40
N LEU P 345 31.21 104.75 -15.03
CA LEU P 345 30.15 104.55 -16.01
C LEU P 345 29.59 105.87 -16.51
N ILE P 346 29.60 106.91 -15.68
CA ILE P 346 28.98 108.19 -16.01
C ILE P 346 29.91 109.32 -15.59
N THR P 347 29.60 110.51 -16.08
CA THR P 347 30.32 111.72 -15.70
C THR P 347 29.62 112.41 -14.54
N ALA P 348 30.34 113.36 -13.93
CA ALA P 348 29.76 114.11 -12.81
C ALA P 348 28.54 114.89 -13.25
N ALA P 349 28.58 115.46 -14.46
CA ALA P 349 27.43 116.21 -14.96
C ALA P 349 26.19 115.33 -15.03
N GLN P 350 26.35 114.11 -15.53
CA GLN P 350 25.22 113.20 -15.62
C GLN P 350 24.70 112.84 -14.23
N GLU P 351 25.59 112.61 -13.28
CA GLU P 351 25.16 112.22 -11.94
C GLU P 351 24.26 113.29 -11.34
N ALA P 352 24.62 114.56 -11.50
CA ALA P 352 23.76 115.62 -11.03
C ALA P 352 22.41 115.58 -11.73
N GLN P 353 22.42 115.35 -13.04
CA GLN P 353 21.17 115.28 -13.77
C GLN P 353 20.31 114.13 -13.29
N LEU P 354 20.92 112.96 -13.06
CA LEU P 354 20.15 111.80 -12.62
C LEU P 354 19.49 112.07 -11.28
N ASN P 355 20.21 112.70 -10.35
CA ASN P 355 19.62 113.02 -9.06
C ASN P 355 18.40 113.92 -9.23
N ASN P 356 18.51 114.92 -10.11
CA ASN P 356 17.38 115.81 -10.32
C ASN P 356 16.18 115.06 -10.86
N ASP P 357 16.39 114.17 -11.83
CA ASP P 357 15.29 113.43 -12.42
C ASP P 357 14.63 112.53 -11.39
N TYR P 358 15.43 111.74 -10.68
CA TYR P 358 14.84 110.79 -9.74
C TYR P 358 14.07 111.52 -8.64
N THR P 359 14.63 112.60 -8.12
CA THR P 359 13.93 113.37 -7.11
C THR P 359 12.61 113.88 -7.65
N ALA P 360 12.61 114.39 -8.87
CA ALA P 360 11.36 114.83 -9.48
C ALA P 360 10.38 113.68 -9.60
N TYR P 361 10.88 112.52 -10.04
CA TYR P 361 10.01 111.35 -10.18
C TYR P 361 9.41 110.96 -8.83
N ALA P 362 10.25 110.87 -7.80
CA ALA P 362 9.76 110.47 -6.48
C ALA P 362 8.73 111.46 -5.97
N LEU P 363 8.90 112.74 -6.29
CA LEU P 363 7.96 113.75 -5.81
C LEU P 363 6.55 113.45 -6.28
N THR P 364 6.40 113.02 -7.54
CA THR P 364 5.09 112.67 -8.05
C THR P 364 4.48 111.54 -7.24
N ILE P 365 5.28 110.51 -6.94
CA ILE P 365 4.78 109.39 -6.15
C ILE P 365 4.27 109.89 -4.80
N GLU P 366 5.08 110.68 -4.11
CA GLU P 366 4.64 111.24 -2.85
C GLU P 366 3.38 112.06 -3.03
N ARG P 367 3.36 112.92 -4.05
CA ARG P 367 2.20 113.77 -4.28
C ARG P 367 0.96 112.94 -4.55
N HIS P 368 1.10 111.88 -5.34
CA HIS P 368 -0.05 111.02 -5.63
C HIS P 368 -0.55 110.33 -4.37
N LEU P 369 0.36 109.74 -3.60
CA LEU P 369 -0.06 108.97 -2.43
C LEU P 369 -0.71 109.87 -1.39
N THR P 370 -0.08 111.01 -1.08
CA THR P 370 -0.62 111.86 -0.02
C THR P 370 -2.01 112.35 -0.38
N ALA P 371 -2.25 112.65 -1.65
CA ALA P 371 -3.60 113.00 -2.08
C ALA P 371 -4.52 111.80 -2.00
N MET P 372 -3.99 110.60 -2.22
CA MET P 372 -4.83 109.42 -2.19
C MET P 372 -5.30 109.09 -0.78
N LEU P 373 -4.47 109.36 0.22
CA LEU P 373 -4.84 109.02 1.59
C LEU P 373 -6.06 109.80 2.04
N VAL P 374 -6.06 111.11 1.83
CA VAL P 374 -7.20 111.92 2.23
C VAL P 374 -8.44 111.51 1.43
N ALA P 375 -8.24 110.94 0.25
CA ALA P 375 -9.37 110.41 -0.49
C ALA P 375 -9.91 109.12 0.11
N ASN P 376 -9.12 108.43 0.92
CA ASN P 376 -9.53 107.17 1.53
C ASN P 376 -9.13 107.18 3.00
N PRO P 377 -9.78 108.01 3.81
CA PRO P 377 -9.45 108.04 5.23
C PRO P 377 -9.70 106.68 5.87
N ILE P 378 -8.80 106.31 6.77
CA ILE P 378 -8.88 104.98 7.38
C ILE P 378 -10.11 104.83 8.24
N ALA P 379 -10.71 105.94 8.68
CA ALA P 379 -11.93 105.86 9.46
C ALA P 379 -13.11 105.35 8.63
N ALA P 380 -12.97 105.27 7.31
CA ALA P 380 -14.03 104.77 6.47
C ALA P 380 -14.27 103.28 6.62
N GLY P 381 -13.40 102.56 7.33
CA GLY P 381 -13.60 101.17 7.61
C GLY P 381 -12.80 100.22 6.73
N ARG P 382 -12.14 100.72 5.70
CA ARG P 382 -11.28 99.89 4.87
C ARG P 382 -9.98 100.64 4.64
N MET P 383 -8.87 99.91 4.55
CA MET P 383 -7.56 100.50 4.40
C MET P 383 -6.98 100.12 3.06
N PRO P 384 -7.20 100.90 2.01
CA PRO P 384 -6.55 100.59 0.73
C PRO P 384 -5.08 100.94 0.72
N ILE P 385 -4.65 101.93 1.52
CA ILE P 385 -3.24 102.29 1.61
C ILE P 385 -2.88 102.48 3.07
N GLN P 386 -1.68 102.07 3.43
CA GLN P 386 -1.22 102.19 4.81
C GLN P 386 -1.07 103.66 5.18
N PRO P 387 -1.53 104.05 6.37
CA PRO P 387 -1.43 105.46 6.78
C PRO P 387 0.01 105.87 7.00
N PHE P 388 0.24 107.17 6.91
CA PHE P 388 1.56 107.74 7.10
C PHE P 388 1.43 109.23 7.37
N ASN P 389 2.55 109.84 7.74
CA ASN P 389 2.63 111.28 7.93
C ASN P 389 3.54 111.89 6.88
N ALA P 390 3.39 113.19 6.67
CA ALA P 390 4.12 113.86 5.60
C ALA P 390 5.63 113.74 5.80
N ALA P 391 6.08 113.82 7.04
CA ALA P 391 7.51 113.75 7.31
C ALA P 391 8.11 112.40 6.95
N ASP P 392 7.29 111.36 6.82
CA ASP P 392 7.80 110.03 6.55
C ASP P 392 8.53 109.94 5.21
N PHE P 393 8.26 110.86 4.29
CA PHE P 393 8.95 110.84 3.01
C PHE P 393 10.37 111.36 3.11
N GLY P 394 10.72 112.03 4.20
CA GLY P 394 12.04 112.62 4.34
C GLY P 394 13.03 111.83 5.15
N GLN P 395 12.64 110.70 5.72
CA GLN P 395 13.55 109.94 6.57
C GLN P 395 14.65 109.32 5.73
N ALA P 396 15.90 109.49 6.18
CA ALA P 396 17.02 108.82 5.54
C ALA P 396 17.20 107.39 6.03
N GLY P 397 16.69 107.08 7.22
CA GLY P 397 16.79 105.73 7.74
C GLY P 397 18.23 105.30 7.90
N GLN P 398 18.45 103.99 7.74
CA GLN P 398 19.78 103.41 7.85
C GLN P 398 20.44 103.25 6.49
N THR P 399 20.17 104.15 5.56
CA THR P 399 20.63 103.96 4.18
C THR P 399 22.14 103.80 4.11
N ALA P 400 22.87 104.61 4.89
CA ALA P 400 24.32 104.52 4.88
C ALA P 400 24.79 103.12 5.27
N ALA P 401 24.17 102.54 6.30
CA ALA P 401 24.52 101.18 6.68
C ALA P 401 24.20 100.20 5.57
N ALA P 402 23.09 100.43 4.87
CA ALA P 402 22.66 99.49 3.82
C ALA P 402 23.71 99.38 2.74
N VAL P 403 24.16 100.51 2.20
CA VAL P 403 25.17 100.45 1.14
C VAL P 403 26.47 99.87 1.68
N ALA P 404 26.77 100.10 2.96
CA ALA P 404 27.94 99.48 3.56
C ALA P 404 27.82 97.96 3.54
N LEU P 405 26.62 97.44 3.79
CA LEU P 405 26.43 96.00 3.74
C LEU P 405 26.72 95.46 2.35
N ALA P 406 26.18 96.12 1.32
CA ALA P 406 26.48 95.70 -0.05
C ALA P 406 27.97 95.81 -0.33
N GLN P 407 28.61 96.83 0.24
CA GLN P 407 30.06 96.95 0.12
C GLN P 407 30.74 95.70 0.63
N ALA P 408 30.33 95.23 1.80
CA ALA P 408 30.89 94.00 2.36
C ALA P 408 30.34 92.75 1.71
N MET P 409 29.15 92.85 1.11
CA MET P 409 28.53 91.65 0.53
C MET P 409 29.15 91.27 -0.81
N PHE P 410 29.55 92.23 -1.61
CA PHE P 410 30.16 91.97 -2.93
C PHE P 410 31.49 92.69 -2.94
N VAL P 411 32.52 92.01 -2.45
CA VAL P 411 33.86 92.58 -2.41
C VAL P 411 34.54 92.35 -3.75
N ALA Q 1 79.60 126.13 -54.37
CA ALA Q 1 80.23 124.97 -53.76
C ALA Q 1 81.56 125.34 -53.12
N GLN Q 2 81.97 124.56 -52.13
CA GLN Q 2 83.22 124.83 -51.43
C GLN Q 2 84.38 124.56 -52.36
N ARG Q 3 85.28 125.55 -52.52
CA ARG Q 3 86.32 125.49 -53.52
C ARG Q 3 87.71 125.25 -52.97
N GLN Q 4 87.86 125.11 -51.66
CA GLN Q 4 89.17 124.87 -51.07
C GLN Q 4 89.03 123.96 -49.86
N PHE Q 5 90.03 123.10 -49.66
CA PHE Q 5 90.05 122.24 -48.50
C PHE Q 5 91.48 122.13 -47.98
N PHE Q 6 91.59 121.63 -46.75
CA PHE Q 6 92.87 121.41 -46.09
C PHE Q 6 92.91 119.98 -45.58
N GLY Q 7 94.11 119.51 -45.23
CA GLY Q 7 94.21 118.14 -44.78
C GLY Q 7 95.54 117.87 -44.11
N LEU Q 8 95.69 116.64 -43.64
CA LEU Q 8 96.89 116.21 -42.95
C LEU Q 8 97.08 114.71 -43.19
N THR Q 9 98.32 114.30 -43.40
CA THR Q 9 98.60 112.91 -43.67
C THR Q 9 98.78 112.12 -42.38
N TYR Q 10 98.87 110.81 -42.52
CA TYR Q 10 98.97 109.92 -41.37
C TYR Q 10 100.32 110.08 -40.69
N ASN Q 11 100.43 109.49 -39.50
CA ASN Q 11 101.64 109.52 -38.70
C ASN Q 11 102.22 108.12 -38.63
N PHE Q 12 103.49 107.98 -38.99
CA PHE Q 12 104.17 106.71 -38.82
C PHE Q 12 104.35 106.43 -37.34
N TYR Q 13 103.95 105.24 -36.91
CA TYR Q 13 104.09 104.86 -35.50
C TYR Q 13 105.51 104.36 -35.28
N GLY Q 14 106.45 105.28 -35.42
CA GLY Q 14 107.86 104.98 -35.28
C GLY Q 14 108.50 104.30 -36.46
N GLN Q 15 107.71 103.72 -37.36
CA GLN Q 15 108.25 103.09 -38.54
C GLN Q 15 108.78 104.15 -39.51
N PRO Q 16 109.70 103.79 -40.39
CA PRO Q 16 110.34 104.78 -41.27
C PRO Q 16 109.61 105.07 -42.57
N ALA Q 17 108.55 104.35 -42.91
CA ALA Q 17 107.90 104.51 -44.21
C ALA Q 17 106.42 104.26 -44.04
N PRO Q 18 105.59 104.77 -44.95
CA PRO Q 18 104.15 104.49 -44.87
C PRO Q 18 103.88 103.00 -44.95
N LEU Q 19 102.88 102.56 -44.20
CA LEU Q 19 102.68 101.14 -43.91
C LEU Q 19 101.65 100.56 -44.87
N PHE Q 20 102.09 100.24 -46.07
CA PHE Q 20 101.30 99.49 -47.03
C PHE Q 20 102.24 98.82 -48.02
N ASP Q 21 101.72 97.86 -48.76
CA ASP Q 21 102.52 97.18 -49.77
C ASP Q 21 101.82 97.31 -51.12
N LEU Q 22 102.54 96.90 -52.16
CA LEU Q 22 102.00 97.01 -53.52
C LEU Q 22 100.77 96.16 -53.71
N ASN Q 23 100.70 95.00 -53.04
CA ASN Q 23 99.52 94.15 -53.17
C ASN Q 23 98.28 94.87 -52.68
N ASP Q 24 98.37 95.53 -51.52
CA ASP Q 24 97.27 96.37 -51.07
C ASP Q 24 96.87 97.36 -52.15
N LEU Q 25 97.88 97.98 -52.77
CA LEU Q 25 97.63 98.89 -53.88
C LEU Q 25 97.03 98.16 -55.08
N GLN Q 26 97.14 96.84 -55.14
CA GLN Q 26 96.64 96.10 -56.27
C GLN Q 26 95.25 95.51 -56.04
N GLU Q 27 94.81 95.39 -54.80
CA GLU Q 27 93.59 94.66 -54.49
C GLU Q 27 92.51 95.57 -53.89
N LEU Q 28 92.48 96.84 -54.28
CA LEU Q 28 91.40 97.70 -53.85
C LEU Q 28 90.08 97.21 -54.42
N ALA Q 29 89.01 97.41 -53.66
CA ALA Q 29 87.71 96.85 -54.04
C ALA Q 29 87.03 97.61 -55.16
N GLY Q 30 87.44 98.84 -55.45
CA GLY Q 30 86.80 99.66 -56.45
C GLY Q 30 87.33 99.41 -57.84
N CYS Q 31 87.35 100.47 -58.64
CA CYS Q 31 88.01 100.39 -59.93
C CYS Q 31 89.51 100.19 -59.73
N TYR Q 32 90.16 99.65 -60.75
CA TYR Q 32 91.54 99.20 -60.61
C TYR Q 32 92.45 100.33 -60.17
N ALA Q 33 93.08 100.16 -59.00
CA ALA Q 33 94.17 101.00 -58.55
C ALA Q 33 93.77 102.46 -58.39
N ARG Q 34 92.51 102.72 -58.05
CA ARG Q 34 92.12 104.06 -57.70
C ARG Q 34 91.55 104.08 -56.29
N PRO Q 35 92.02 104.97 -55.43
CA PRO Q 35 91.51 104.98 -54.05
C PRO Q 35 90.20 105.72 -53.90
N TRP Q 36 89.87 106.62 -54.81
CA TRP Q 36 88.72 107.48 -54.63
C TRP Q 36 87.43 106.67 -54.66
N THR Q 37 86.42 107.18 -53.95
CA THR Q 37 85.07 106.61 -53.89
C THR Q 37 85.09 105.09 -53.87
N SER Q 38 85.87 104.54 -52.95
CA SER Q 38 86.03 103.10 -52.84
C SER Q 38 85.79 102.58 -51.44
N ARG Q 39 85.46 103.44 -50.48
CA ARG Q 39 85.41 103.04 -49.08
C ARG Q 39 84.26 102.12 -48.76
N PHE Q 40 83.32 101.93 -49.68
CA PHE Q 40 82.23 100.99 -49.48
C PHE Q 40 82.15 99.94 -50.58
N SER Q 41 83.07 99.96 -51.54
CA SER Q 41 82.96 99.04 -52.68
C SER Q 41 82.95 97.59 -52.24
N HIS Q 42 83.64 97.28 -51.15
CA HIS Q 42 83.72 95.89 -50.73
C HIS Q 42 82.41 95.35 -50.18
N LEU Q 43 81.38 96.17 -50.05
CA LEU Q 43 80.10 95.65 -49.57
C LEU Q 43 78.92 96.28 -50.30
N ALA Q 44 79.12 96.72 -51.55
CA ALA Q 44 78.01 97.26 -52.31
C ALA Q 44 76.93 96.20 -52.53
N ILE Q 45 77.34 94.98 -52.83
CA ILE Q 45 76.45 93.83 -52.85
C ILE Q 45 76.71 93.02 -51.60
N SER Q 46 75.64 92.62 -50.92
CA SER Q 46 75.78 91.95 -49.64
C SER Q 46 74.77 90.82 -49.53
N THR Q 47 75.09 89.88 -48.65
CA THR Q 47 74.15 88.84 -48.26
C THR Q 47 74.37 88.58 -46.78
N GLY Q 48 73.27 88.42 -46.05
CA GLY Q 48 73.39 88.19 -44.63
C GLY Q 48 73.85 89.45 -43.89
N SER Q 49 74.24 89.22 -42.64
CA SER Q 49 74.65 90.29 -41.75
C SER Q 49 76.06 90.12 -41.20
N LEU Q 50 76.75 89.05 -41.56
CA LEU Q 50 78.07 88.81 -41.02
C LEU Q 50 79.03 89.88 -41.50
N PRO Q 51 79.91 90.38 -40.64
CA PRO Q 51 80.89 91.38 -41.07
C PRO Q 51 81.85 90.77 -42.07
N VAL Q 52 82.33 91.60 -42.98
CA VAL Q 52 83.21 91.17 -44.07
C VAL Q 52 84.64 91.52 -43.70
N TRP Q 53 85.49 90.50 -43.65
CA TRP Q 53 86.91 90.70 -43.39
C TRP Q 53 87.65 89.47 -43.84
N SER Q 54 88.97 89.61 -44.02
CA SER Q 54 89.76 88.54 -44.60
C SER Q 54 91.12 88.50 -43.91
N ALA Q 55 92.00 87.64 -44.43
CA ALA Q 55 93.26 87.38 -43.76
C ALA Q 55 94.11 88.65 -43.67
N ARG Q 56 94.32 89.32 -44.80
CA ARG Q 56 95.12 90.53 -44.81
C ARG Q 56 94.27 91.78 -44.68
N TYR Q 57 92.97 91.62 -44.46
CA TYR Q 57 92.10 92.73 -44.06
C TYR Q 57 91.20 92.22 -42.95
N PRO Q 58 91.75 92.05 -41.75
CA PRO Q 58 91.07 91.26 -40.71
C PRO Q 58 90.08 92.02 -39.84
N SER Q 59 89.83 93.30 -40.11
CA SER Q 59 88.88 94.06 -39.33
C SER Q 59 88.02 94.91 -40.25
N VAL Q 60 86.83 95.25 -39.78
CA VAL Q 60 85.91 96.03 -40.60
C VAL Q 60 86.54 97.38 -40.97
N ALA Q 61 87.41 97.90 -40.11
CA ALA Q 61 88.06 99.16 -40.40
C ALA Q 61 89.35 98.99 -41.18
N SER Q 62 89.83 97.76 -41.36
CA SER Q 62 91.17 97.55 -41.88
C SER Q 62 91.33 98.16 -43.26
N ARG Q 63 90.36 97.95 -44.16
CA ARG Q 63 90.49 98.44 -45.51
C ARG Q 63 90.61 99.96 -45.54
N ASN Q 64 89.75 100.65 -44.80
CA ASN Q 64 89.81 102.11 -44.80
C ASN Q 64 91.12 102.60 -44.22
N ILE Q 65 91.60 101.95 -43.16
CA ILE Q 65 92.87 102.35 -42.57
C ILE Q 65 93.98 102.24 -43.60
N ILE Q 66 94.02 101.12 -44.33
CA ILE Q 66 95.05 100.93 -45.34
C ILE Q 66 94.98 102.03 -46.38
N VAL Q 67 93.77 102.35 -46.82
CA VAL Q 67 93.59 103.39 -47.84
C VAL Q 67 94.18 104.70 -47.34
N ASN Q 68 93.91 105.05 -46.09
CA ASN Q 68 94.44 106.30 -45.55
C ASN Q 68 95.96 106.30 -45.58
N THR Q 69 96.58 105.21 -45.14
CA THR Q 69 98.03 105.12 -45.20
C THR Q 69 98.51 105.22 -46.63
N LEU Q 70 97.82 104.56 -47.55
CA LEU Q 70 98.21 104.58 -48.94
C LEU Q 70 98.22 105.99 -49.49
N LEU Q 71 97.15 106.75 -49.25
CA LEU Q 71 97.06 108.10 -49.76
C LEU Q 71 98.17 108.98 -49.23
N GLY Q 72 98.66 108.68 -48.03
CA GLY Q 72 99.67 109.53 -47.41
C GLY Q 72 100.95 109.64 -48.22
N ALA Q 73 101.19 108.70 -49.12
CA ALA Q 73 102.43 108.72 -49.89
C ALA Q 73 102.31 109.46 -51.21
N HIS Q 74 101.11 109.73 -51.68
CA HIS Q 74 100.93 110.27 -53.02
C HIS Q 74 100.22 111.61 -53.08
N LEU Q 75 99.91 112.22 -51.93
CA LEU Q 75 99.21 113.49 -51.93
C LEU Q 75 100.16 114.68 -51.98
N ASN Q 76 101.36 114.48 -52.51
CA ASN Q 76 102.31 115.58 -52.61
C ASN Q 76 101.79 116.81 -53.35
N PRO Q 77 101.02 116.70 -54.43
CA PRO Q 77 100.58 117.91 -55.14
C PRO Q 77 99.91 118.93 -54.25
N PHE Q 78 99.17 118.50 -53.24
CA PHE Q 78 98.54 119.45 -52.33
C PHE Q 78 99.49 119.95 -51.26
N ALA Q 79 100.73 119.46 -51.26
CA ALA Q 79 101.76 119.98 -50.37
C ALA Q 79 102.90 120.63 -51.13
N GLY Q 80 103.50 119.91 -52.07
CA GLY Q 80 104.58 120.45 -52.86
C GLY Q 80 104.17 121.07 -54.17
N GLY Q 81 102.89 120.99 -54.53
CA GLY Q 81 102.45 121.57 -55.79
C GLY Q 81 102.80 120.76 -57.01
N GLN Q 82 103.37 119.56 -56.84
CA GLN Q 82 103.77 118.75 -57.98
C GLN Q 82 103.43 117.30 -57.73
N VAL Q 83 103.17 116.59 -58.81
CA VAL Q 83 102.98 115.14 -58.75
C VAL Q 83 104.35 114.49 -58.64
N THR Q 84 104.44 113.45 -57.84
CA THR Q 84 105.68 112.71 -57.64
C THR Q 84 105.40 111.22 -57.80
N SER Q 85 106.44 110.42 -57.62
CA SER Q 85 106.32 108.98 -57.71
C SER Q 85 106.99 108.35 -56.50
N HIS Q 86 106.47 107.19 -56.10
CA HIS Q 86 107.01 106.45 -54.97
C HIS Q 86 107.11 104.99 -55.36
N GLN Q 87 108.33 104.45 -55.30
CA GLN Q 87 108.59 103.07 -55.69
C GLN Q 87 108.08 102.79 -57.11
N GLY Q 88 108.29 103.76 -57.98
CA GLY Q 88 107.97 103.57 -59.39
C GLY Q 88 106.50 103.59 -59.74
N ILE Q 89 105.66 104.18 -58.91
CA ILE Q 89 104.22 104.25 -59.17
C ILE Q 89 103.77 105.68 -58.96
N THR Q 90 102.89 106.16 -59.84
CA THR Q 90 102.37 107.51 -59.75
C THR Q 90 101.00 107.56 -60.42
N TRP Q 91 100.46 108.75 -60.55
CA TRP Q 91 99.16 108.94 -61.16
C TRP Q 91 99.23 108.87 -62.68
N ARG Q 92 98.11 108.47 -63.29
CA ARG Q 92 98.05 108.45 -64.74
C ARG Q 92 98.07 109.84 -65.33
N ASP Q 93 97.38 110.78 -64.69
CA ASP Q 93 97.12 112.08 -65.30
C ASP Q 93 97.05 113.12 -64.19
N PRO Q 94 97.18 114.41 -64.53
CA PRO Q 94 97.04 115.44 -63.50
C PRO Q 94 95.69 115.42 -62.81
N VAL Q 95 94.66 114.88 -63.46
CA VAL Q 95 93.37 114.71 -62.82
C VAL Q 95 93.41 113.64 -61.73
N LEU Q 96 94.48 112.86 -61.67
CA LEU Q 96 94.65 111.83 -60.64
C LEU Q 96 93.53 110.79 -60.73
N SER Q 97 93.27 110.33 -61.96
CA SER Q 97 92.23 109.34 -62.17
C SER Q 97 92.54 108.04 -61.43
N SER Q 98 93.77 107.56 -61.55
CA SER Q 98 94.18 106.32 -60.91
C SER Q 98 95.70 106.27 -60.88
N LEU Q 99 96.22 105.29 -60.14
CA LEU Q 99 97.65 105.09 -60.04
C LEU Q 99 98.11 104.07 -61.07
N ALA Q 100 99.37 104.20 -61.48
CA ALA Q 100 99.93 103.35 -62.52
C ALA Q 100 101.44 103.38 -62.41
N PRO Q 101 102.13 102.38 -62.96
CA PRO Q 101 103.59 102.43 -62.96
C PRO Q 101 104.10 103.62 -63.75
N VAL Q 102 105.23 104.16 -63.31
CA VAL Q 102 105.76 105.37 -63.92
C VAL Q 102 106.15 105.08 -65.37
N PRO Q 103 105.75 105.91 -66.32
CA PRO Q 103 106.21 105.73 -67.70
C PRO Q 103 107.66 106.16 -67.86
N ALA Q 104 108.32 105.52 -68.83
CA ALA Q 104 109.72 105.82 -69.10
C ALA Q 104 109.88 106.89 -70.17
N ILE Q 105 109.18 108.01 -70.00
CA ILE Q 105 109.29 109.12 -70.94
C ILE Q 105 109.67 110.38 -70.17
N GLN Q 106 108.80 110.80 -69.26
CA GLN Q 106 109.04 111.96 -68.41
C GLN Q 106 108.80 111.56 -66.97
N PRO Q 107 109.69 110.79 -66.37
CA PRO Q 107 109.49 110.33 -65.01
C PRO Q 107 109.42 111.50 -64.04
N PRO Q 108 108.36 111.60 -63.26
CA PRO Q 108 108.27 112.66 -62.27
C PRO Q 108 109.31 112.47 -61.18
N PRO Q 109 109.64 113.51 -60.44
CA PRO Q 109 110.64 113.38 -59.37
C PRO Q 109 110.15 112.43 -58.29
N VAL Q 110 111.11 111.78 -57.63
CA VAL Q 110 110.81 110.81 -56.59
C VAL Q 110 110.34 111.54 -55.34
N TRP Q 111 109.26 111.06 -54.74
CA TRP Q 111 108.73 111.66 -53.54
C TRP Q 111 109.70 111.47 -52.37
N ALA Q 112 109.86 112.52 -51.58
CA ALA Q 112 110.63 112.45 -50.35
C ALA Q 112 109.70 112.02 -49.22
N VAL Q 113 110.11 110.99 -48.49
CA VAL Q 113 109.23 110.40 -47.48
C VAL Q 113 109.13 111.34 -46.29
N ALA Q 114 107.91 111.59 -45.84
CA ALA Q 114 107.65 112.37 -44.64
C ALA Q 114 106.26 112.00 -44.13
N GLU Q 115 105.95 112.49 -42.94
CA GLU Q 115 104.68 112.17 -42.29
C GLU Q 115 104.02 113.43 -41.75
N ASN Q 116 102.70 113.38 -41.62
CA ASN Q 116 101.93 114.48 -41.04
C ASN Q 116 102.18 115.79 -41.76
N VAL Q 117 102.26 115.74 -43.08
CA VAL Q 117 102.46 116.96 -43.85
C VAL Q 117 101.11 117.67 -44.01
N PRO Q 118 101.03 118.96 -43.69
CA PRO Q 118 99.77 119.68 -43.90
C PRO Q 118 99.47 119.82 -45.38
N LEU Q 119 98.18 119.86 -45.69
CA LEU Q 119 97.71 119.88 -47.07
C LEU Q 119 96.85 121.10 -47.32
N ASP Q 120 96.96 121.65 -48.53
CA ASP Q 120 96.15 122.78 -48.96
C ASP Q 120 95.88 122.63 -50.44
N SER Q 121 94.59 122.62 -50.81
CA SER Q 121 94.23 122.44 -52.21
C SER Q 121 94.74 123.58 -53.08
N ASN Q 122 94.94 124.75 -52.49
CA ASN Q 122 95.40 125.89 -53.29
C ASN Q 122 96.83 125.74 -53.77
N ASN Q 123 97.58 124.76 -53.28
CA ASN Q 123 98.91 124.51 -53.80
C ASN Q 123 98.89 123.90 -55.19
N TYR Q 124 97.75 123.41 -55.64
CA TYR Q 124 97.65 122.64 -56.88
C TYR Q 124 96.55 123.27 -57.74
N PRO Q 125 96.89 124.28 -58.54
CA PRO Q 125 95.85 125.07 -59.20
C PRO Q 125 94.93 124.27 -60.09
N THR Q 126 95.43 123.21 -60.73
CA THR Q 126 94.61 122.47 -61.69
C THR Q 126 93.36 121.88 -61.04
N TYR Q 127 93.38 121.66 -59.73
CA TYR Q 127 92.20 121.13 -59.06
C TYR Q 127 91.01 122.06 -59.22
N VAL Q 128 91.25 123.37 -59.03
CA VAL Q 128 90.18 124.34 -59.17
C VAL Q 128 89.61 124.29 -60.58
N LEU Q 129 90.49 124.20 -61.58
CA LEU Q 129 90.02 124.17 -62.96
C LEU Q 129 89.18 122.93 -63.23
N ASN Q 130 89.61 121.77 -62.74
CA ASN Q 130 88.92 120.52 -62.98
C ASN Q 130 88.07 120.09 -61.79
N LEU Q 131 87.49 121.06 -61.09
CA LEU Q 131 86.71 120.76 -59.89
C LEU Q 131 85.57 119.80 -60.19
N SER Q 132 84.94 119.96 -61.35
CA SER Q 132 83.77 119.14 -61.67
C SER Q 132 84.08 117.67 -61.75
N SER Q 133 85.33 117.29 -62.02
CA SER Q 133 85.71 115.89 -62.10
C SER Q 133 86.60 115.43 -60.95
N MET Q 134 87.23 116.36 -60.23
CA MET Q 134 88.09 116.01 -59.11
C MET Q 134 87.38 116.16 -57.78
N TRP Q 135 86.08 116.39 -57.79
CA TRP Q 135 85.32 116.59 -56.56
C TRP Q 135 85.49 115.48 -55.54
N PRO Q 136 85.44 114.19 -55.90
CA PRO Q 136 85.55 113.15 -54.86
C PRO Q 136 86.83 113.20 -54.07
N ILE Q 137 87.90 113.79 -54.62
CA ILE Q 137 89.12 113.94 -53.84
C ILE Q 137 88.84 114.74 -52.58
N ASN Q 138 88.00 115.76 -52.70
CA ASN Q 138 87.66 116.58 -51.54
C ASN Q 138 87.12 115.73 -50.40
N GLN Q 139 86.15 114.85 -50.70
CA GLN Q 139 85.54 114.05 -49.65
C GLN Q 139 86.56 113.11 -49.03
N ASP Q 140 87.30 112.37 -49.86
CA ASP Q 140 88.21 111.35 -49.35
C ASP Q 140 89.33 111.98 -48.53
N VAL Q 141 89.91 113.07 -49.00
CA VAL Q 141 91.00 113.70 -48.26
C VAL Q 141 90.51 114.15 -46.90
N HIS Q 142 89.32 114.75 -46.84
CA HIS Q 142 88.77 115.17 -45.56
C HIS Q 142 88.59 113.98 -44.64
N ILE Q 143 88.11 112.85 -45.19
CA ILE Q 143 87.95 111.65 -44.38
C ILE Q 143 89.28 111.22 -43.80
N MET Q 144 90.32 111.19 -44.64
CA MET Q 144 91.63 110.77 -44.18
C MET Q 144 92.13 111.67 -43.07
N THR Q 145 91.94 112.99 -43.23
CA THR Q 145 92.38 113.92 -42.20
C THR Q 145 91.65 113.67 -40.90
N MET Q 146 90.34 113.47 -40.97
CA MET Q 146 89.55 113.25 -39.75
C MET Q 146 89.98 112.00 -39.01
N TRP Q 147 90.60 111.05 -39.69
CA TRP Q 147 91.12 109.87 -38.99
C TRP Q 147 92.56 110.09 -38.53
N ALA Q 148 93.35 110.79 -39.34
CA ALA Q 148 94.76 110.94 -39.01
C ALA Q 148 94.96 111.71 -37.71
N LEU Q 149 94.03 112.60 -37.38
CA LEU Q 149 94.21 113.46 -36.21
C LEU Q 149 94.10 112.71 -34.90
N SER Q 150 93.63 111.47 -34.90
CA SER Q 150 93.36 110.74 -33.67
C SER Q 150 94.19 109.48 -33.60
N ASP Q 151 94.67 109.18 -32.40
CA ASP Q 151 95.41 107.95 -32.14
C ASP Q 151 94.53 106.78 -31.75
N GLN Q 152 93.23 107.01 -31.54
CA GLN Q 152 92.37 105.97 -31.00
C GLN Q 152 91.04 105.79 -31.71
N GLY Q 153 90.60 106.74 -32.52
CA GLY Q 153 89.32 106.62 -33.19
C GLY Q 153 88.96 107.86 -33.94
N PRO Q 154 88.29 107.70 -35.08
CA PRO Q 154 88.03 108.85 -35.96
C PRO Q 154 87.22 109.93 -35.25
N ILE Q 155 87.50 111.17 -35.64
CA ILE Q 155 86.84 112.34 -35.07
C ILE Q 155 85.72 112.77 -36.01
N TYR Q 156 84.58 113.15 -35.44
CA TYR Q 156 83.48 113.66 -36.24
C TYR Q 156 82.71 114.69 -35.41
N HIS Q 157 81.80 115.37 -36.09
CA HIS Q 157 81.18 116.59 -35.57
C HIS Q 157 79.69 116.38 -35.34
N LEU Q 158 79.17 117.02 -34.29
CA LEU Q 158 77.75 117.04 -33.99
C LEU Q 158 77.29 118.48 -33.83
N GLU Q 159 76.04 118.75 -34.17
CA GLU Q 159 75.46 120.06 -33.91
C GLU Q 159 73.94 119.98 -34.05
N VAL Q 160 73.26 120.84 -33.30
CA VAL Q 160 71.80 120.99 -33.38
C VAL Q 160 71.45 122.46 -33.24
N PRO Q 161 70.68 123.02 -34.16
CA PRO Q 161 70.31 124.43 -34.06
C PRO Q 161 69.15 124.63 -33.09
N VAL Q 162 68.82 125.90 -32.85
CA VAL Q 162 67.72 126.22 -31.94
C VAL Q 162 66.36 126.10 -32.62
N ASP Q 163 66.30 126.24 -33.93
CA ASP Q 163 65.04 126.13 -34.63
C ASP Q 163 64.63 124.68 -34.78
N PRO Q 164 63.33 124.41 -34.90
CA PRO Q 164 62.89 123.04 -35.17
C PRO Q 164 63.32 122.61 -36.56
N MET Q 165 63.23 121.31 -36.79
CA MET Q 165 63.65 120.73 -38.05
C MET Q 165 62.86 121.36 -39.19
N PRO Q 166 63.51 122.01 -40.16
CA PRO Q 166 62.76 122.68 -41.22
C PRO Q 166 61.99 121.68 -42.08
N ALA Q 167 60.85 122.15 -42.60
CA ALA Q 167 59.92 121.24 -43.26
C ALA Q 167 60.56 120.56 -44.46
N ALA Q 168 61.41 121.29 -45.20
CA ALA Q 168 62.00 120.72 -46.39
C ALA Q 168 62.79 119.46 -46.07
N THR Q 169 63.58 119.49 -45.01
CA THR Q 169 64.33 118.30 -44.62
C THR Q 169 63.41 117.14 -44.27
N THR Q 170 62.33 117.43 -43.55
CA THR Q 170 61.39 116.38 -43.18
C THR Q 170 60.87 115.67 -44.42
N ALA Q 171 60.61 116.42 -45.48
CA ALA Q 171 60.18 115.80 -46.73
C ALA Q 171 61.22 114.82 -47.25
N ALA Q 172 62.50 115.13 -47.07
CA ALA Q 172 63.54 114.21 -47.51
C ALA Q 172 63.67 113.03 -46.56
N LEU Q 173 63.49 113.26 -45.26
CA LEU Q 173 63.77 112.21 -44.29
C LEU Q 173 62.82 111.03 -44.46
N MET Q 174 61.57 111.29 -44.81
CA MET Q 174 60.61 110.19 -44.92
C MET Q 174 61.05 109.18 -45.97
N ALA Q 175 61.97 109.56 -46.86
CA ALA Q 175 62.51 108.61 -47.81
C ALA Q 175 63.42 107.58 -47.16
N TYR Q 176 63.78 107.75 -45.90
CA TYR Q 176 64.76 106.89 -45.25
C TYR Q 176 64.18 106.23 -44.01
N ILE Q 177 62.94 105.81 -44.08
CA ILE Q 177 62.34 105.08 -42.98
C ILE Q 177 62.78 103.63 -43.07
N GLY Q 178 63.08 103.03 -41.92
CA GLY Q 178 63.33 101.61 -41.85
C GLY Q 178 64.56 101.14 -42.61
N VAL Q 179 65.59 101.95 -42.69
CA VAL Q 179 66.85 101.58 -43.33
C VAL Q 179 67.94 101.58 -42.27
N PRO Q 180 68.78 100.56 -42.19
CA PRO Q 180 69.77 100.50 -41.13
C PRO Q 180 70.84 101.57 -41.29
N ILE Q 181 71.57 101.79 -40.20
CA ILE Q 181 72.54 102.87 -40.16
C ILE Q 181 73.64 102.64 -41.19
N ALA Q 182 74.10 101.40 -41.31
CA ALA Q 182 75.19 101.11 -42.24
C ALA Q 182 74.82 101.48 -43.66
N HIS Q 183 73.62 101.10 -44.08
CA HIS Q 183 73.16 101.50 -45.41
C HIS Q 183 73.12 103.01 -45.53
N LEU Q 184 72.63 103.68 -44.50
CA LEU Q 184 72.56 105.13 -44.52
C LEU Q 184 73.94 105.73 -44.72
N ALA Q 185 74.93 105.21 -43.99
CA ALA Q 185 76.28 105.71 -44.16
C ALA Q 185 76.75 105.55 -45.59
N GLN Q 186 76.48 104.39 -46.18
CA GLN Q 186 76.87 104.16 -47.57
C GLN Q 186 76.20 105.17 -48.48
N THR Q 187 74.91 105.44 -48.27
CA THR Q 187 74.23 106.44 -49.06
C THR Q 187 74.84 107.81 -48.87
N ALA Q 188 75.11 108.17 -47.61
CA ALA Q 188 75.69 109.47 -47.33
C ALA Q 188 77.04 109.62 -48.01
N TYR Q 189 77.84 108.55 -48.00
CA TYR Q 189 79.14 108.62 -48.64
C TYR Q 189 79.01 108.86 -50.13
N ARG Q 190 78.08 108.18 -50.78
CA ARG Q 190 77.90 108.35 -52.22
C ARG Q 190 77.45 109.76 -52.56
N PHE Q 191 76.53 110.32 -51.76
CA PHE Q 191 75.98 111.63 -52.08
C PHE Q 191 77.08 112.67 -52.19
N ALA Q 192 77.85 112.86 -51.13
CA ALA Q 192 78.92 113.85 -51.16
C ALA Q 192 80.08 113.41 -52.03
N GLY Q 193 80.01 112.26 -52.66
CA GLY Q 193 81.15 111.73 -53.38
C GLY Q 193 81.25 112.12 -54.83
N GLN Q 194 80.14 112.09 -55.55
CA GLN Q 194 80.21 112.13 -57.01
C GLN Q 194 80.38 113.56 -57.56
N LEU Q 195 79.42 114.43 -57.30
CA LEU Q 195 79.42 115.75 -57.88
C LEU Q 195 79.55 116.83 -56.81
N PRO Q 196 80.07 118.00 -57.17
CA PRO Q 196 80.13 119.09 -56.19
C PRO Q 196 78.74 119.55 -55.77
N GLN Q 197 78.62 119.92 -54.50
CA GLN Q 197 77.35 120.33 -53.92
C GLN Q 197 77.54 121.63 -53.15
N SER Q 198 76.44 122.38 -53.04
CA SER Q 198 76.53 123.60 -52.27
C SER Q 198 76.39 123.29 -50.78
N PRO Q 199 77.09 124.03 -49.92
CA PRO Q 199 76.91 123.82 -48.47
C PRO Q 199 75.48 124.03 -48.04
N ASP Q 200 74.81 125.01 -48.62
CA ASP Q 200 73.39 125.22 -48.37
C ASP Q 200 72.63 124.30 -49.32
N SER Q 201 72.11 123.20 -48.78
CA SER Q 201 71.34 122.27 -49.59
C SER Q 201 70.45 121.45 -48.68
N THR Q 202 69.27 121.11 -49.18
CA THR Q 202 68.34 120.31 -48.38
C THR Q 202 68.95 118.98 -48.01
N MET Q 203 69.62 118.33 -48.97
CA MET Q 203 70.21 117.03 -48.69
C MET Q 203 71.27 117.14 -47.62
N VAL Q 204 72.08 118.19 -47.66
CA VAL Q 204 73.16 118.35 -46.69
C VAL Q 204 72.59 118.45 -45.28
N SER Q 205 71.66 119.39 -45.08
CA SER Q 205 71.07 119.56 -43.77
C SER Q 205 70.36 118.29 -43.33
N THR Q 206 69.79 117.56 -44.28
CA THR Q 206 69.14 116.29 -43.95
C THR Q 206 70.12 115.34 -43.27
N ILE Q 207 71.28 115.15 -43.88
CA ILE Q 207 72.26 114.24 -43.31
C ILE Q 207 72.75 114.76 -41.97
N ARG Q 208 72.89 116.08 -41.86
CA ARG Q 208 73.34 116.66 -40.59
C ARG Q 208 72.40 116.27 -39.47
N TRP Q 209 71.10 116.41 -39.69
CA TRP Q 209 70.13 115.98 -38.69
C TRP Q 209 70.22 114.49 -38.43
N LEU Q 210 70.39 113.70 -39.48
CA LEU Q 210 70.53 112.26 -39.32
C LEU Q 210 71.64 111.93 -38.34
N SER Q 211 72.79 112.60 -38.50
CA SER Q 211 73.90 112.38 -37.58
C SER Q 211 73.49 112.71 -36.16
N ALA Q 212 72.83 113.84 -35.96
CA ALA Q 212 72.43 114.23 -34.62
C ALA Q 212 71.43 113.23 -34.04
N ILE Q 213 70.44 112.83 -34.84
CA ILE Q 213 69.40 111.94 -34.33
C ILE Q 213 69.99 110.62 -33.90
N TRP Q 214 70.90 110.06 -34.72
CA TRP Q 214 71.48 108.77 -34.37
C TRP Q 214 72.23 108.85 -33.05
N PHE Q 215 72.99 109.92 -32.83
CA PHE Q 215 73.69 110.07 -31.57
C PHE Q 215 72.71 110.15 -30.42
N GLY Q 216 71.64 110.92 -30.59
CA GLY Q 216 70.64 111.00 -29.53
C GLY Q 216 70.05 109.65 -29.18
N SER Q 217 69.80 108.83 -30.20
CA SER Q 217 69.36 107.47 -29.94
C SER Q 217 70.48 106.62 -29.36
N LEU Q 218 71.73 106.94 -29.72
CA LEU Q 218 72.85 106.14 -29.22
C LEU Q 218 72.93 106.19 -27.70
N THR Q 219 72.76 107.38 -27.13
CA THR Q 219 72.72 107.52 -25.68
C THR Q 219 71.43 107.01 -25.08
N GLY Q 220 70.44 106.67 -25.91
CA GLY Q 220 69.14 106.32 -25.43
C GLY Q 220 68.27 107.50 -25.07
N ARG Q 221 68.81 108.73 -25.19
CA ARG Q 221 68.00 109.91 -24.91
C ARG Q 221 66.81 110.00 -25.85
N LEU Q 222 67.02 109.65 -27.11
CA LEU Q 222 65.94 109.55 -28.07
C LEU Q 222 65.50 108.09 -28.17
N ASN Q 223 64.20 107.86 -28.06
CA ASN Q 223 63.65 106.53 -28.16
C ASN Q 223 62.19 106.66 -28.57
N ARG Q 224 61.51 105.52 -28.67
CA ARG Q 224 60.14 105.55 -29.17
C ARG Q 224 59.19 106.28 -28.25
N SER Q 225 59.59 106.58 -27.02
CA SER Q 225 58.79 107.43 -26.16
C SER Q 225 59.14 108.91 -26.28
N ARG Q 226 60.30 109.23 -26.85
CA ARG Q 226 60.73 110.63 -27.00
C ARG Q 226 61.47 110.75 -28.33
N THR Q 227 60.77 111.22 -29.35
CA THR Q 227 61.33 111.35 -30.68
C THR Q 227 61.86 112.76 -30.90
N CYS Q 228 62.70 112.89 -31.94
CA CYS Q 228 63.17 114.21 -32.33
C CYS Q 228 62.07 114.98 -33.05
N ASN Q 229 61.59 114.44 -34.17
CA ASN Q 229 60.47 115.01 -34.88
C ASN Q 229 59.57 113.88 -35.37
N GLY Q 230 59.32 112.93 -34.48
CA GLY Q 230 58.76 111.66 -34.86
C GLY Q 230 59.81 110.62 -35.23
N PHE Q 231 61.04 111.06 -35.48
CA PHE Q 231 62.12 110.17 -35.87
C PHE Q 231 62.90 109.72 -34.65
N TYR Q 232 63.47 108.52 -34.76
CA TYR Q 232 64.34 107.92 -33.75
C TYR Q 232 64.89 106.65 -34.35
N PHE Q 233 65.85 106.05 -33.66
CA PHE Q 233 66.46 104.80 -34.09
C PHE Q 233 66.04 103.65 -33.20
N GLU Q 234 65.66 102.55 -33.81
CA GLU Q 234 65.23 101.35 -33.10
C GLU Q 234 66.39 100.38 -33.01
N PHE Q 235 66.50 99.70 -31.86
CA PHE Q 235 67.60 98.79 -31.61
C PHE Q 235 67.10 97.36 -31.42
N ALA Q 236 67.94 96.41 -31.80
CA ALA Q 236 67.71 95.00 -31.55
C ALA Q 236 68.47 94.57 -30.30
N LYS Q 237 68.12 93.41 -29.79
CA LYS Q 237 68.79 92.88 -28.61
C LYS Q 237 70.27 92.67 -28.91
N PRO Q 238 71.17 93.12 -28.05
CA PRO Q 238 72.60 92.98 -28.36
C PRO Q 238 73.07 91.55 -28.45
N ALA Q 239 72.33 90.60 -27.88
CA ALA Q 239 72.74 89.20 -27.95
C ALA Q 239 72.73 88.66 -29.36
N LEU Q 240 72.05 89.33 -30.28
CA LEU Q 240 71.96 88.86 -31.66
C LEU Q 240 71.53 90.04 -32.52
N ASN Q 241 72.19 90.21 -33.65
CA ASN Q 241 72.06 91.41 -34.47
C ASN Q 241 72.33 92.66 -33.62
N PRO Q 242 73.50 92.76 -32.99
CA PRO Q 242 73.75 93.90 -32.09
C PRO Q 242 73.93 95.21 -32.81
N ASP Q 243 73.93 95.21 -34.14
CA ASP Q 243 74.23 96.39 -34.93
C ASP Q 243 73.10 96.80 -35.86
N GLN Q 244 72.01 96.04 -35.92
CA GLN Q 244 70.95 96.32 -36.88
C GLN Q 244 69.99 97.39 -36.33
N ALA Q 245 70.56 98.56 -36.06
CA ALA Q 245 69.75 99.70 -35.67
C ALA Q 245 69.22 100.38 -36.92
N VAL Q 246 67.91 100.64 -36.95
CA VAL Q 246 67.26 101.23 -38.11
C VAL Q 246 66.51 102.47 -37.68
N LEU Q 247 66.12 103.26 -38.66
CA LEU Q 247 65.40 104.51 -38.43
C LEU Q 247 63.91 104.25 -38.45
N LYS Q 248 63.20 104.87 -37.52
CA LYS Q 248 61.75 104.72 -37.41
C LYS Q 248 61.11 106.08 -37.21
N TRP Q 249 59.89 106.22 -37.73
CA TRP Q 249 59.07 107.40 -37.49
C TRP Q 249 57.88 107.03 -36.61
N ASN Q 250 57.51 107.94 -35.73
CA ASN Q 250 56.51 107.65 -34.73
C ASN Q 250 55.66 108.88 -34.48
N ASP Q 251 54.45 108.64 -33.99
CA ASP Q 251 53.49 109.70 -33.73
C ASP Q 251 53.53 110.21 -32.30
N GLY Q 252 54.44 109.68 -31.47
CA GLY Q 252 54.44 110.03 -30.06
C GLY Q 252 54.99 111.41 -29.76
N ALA Q 253 55.42 111.60 -28.52
CA ALA Q 253 55.90 112.90 -28.08
C ALA Q 253 57.21 113.26 -28.77
N ARG Q 254 57.49 114.56 -28.81
CA ARG Q 254 58.69 115.09 -29.44
C ARG Q 254 59.49 115.86 -28.40
N ALA Q 255 60.81 115.68 -28.44
CA ALA Q 255 61.69 116.45 -27.56
C ALA Q 255 61.67 117.91 -27.95
N ALA Q 256 61.65 118.79 -26.96
CA ALA Q 256 61.63 120.22 -27.24
C ALA Q 256 63.02 120.68 -27.66
N PRO Q 257 63.10 121.76 -28.44
CA PRO Q 257 64.40 122.23 -28.94
C PRO Q 257 65.27 122.72 -27.81
N PRO Q 258 66.59 122.72 -28.00
CA PRO Q 258 67.49 123.16 -26.93
C PRO Q 258 67.38 124.65 -26.68
N ALA Q 259 67.84 125.06 -25.50
CA ALA Q 259 67.84 126.47 -25.16
C ALA Q 259 68.74 127.27 -26.08
N ALA Q 260 69.93 126.75 -26.36
CA ALA Q 260 70.89 127.41 -27.23
C ALA Q 260 71.46 126.40 -28.20
N ALA Q 261 72.13 126.90 -29.23
CA ALA Q 261 72.73 126.02 -30.23
C ALA Q 261 73.79 125.14 -29.60
N GLN Q 262 73.77 123.87 -29.94
CA GLN Q 262 74.71 122.89 -29.41
C GLN Q 262 75.57 122.36 -30.55
N SER Q 263 76.85 122.12 -30.24
CA SER Q 263 77.77 121.56 -31.22
C SER Q 263 79.03 121.11 -30.50
N SER Q 264 79.60 120.00 -30.97
CA SER Q 264 80.83 119.48 -30.40
C SER Q 264 81.42 118.46 -31.35
N TYR Q 265 82.67 118.09 -31.09
CA TYR Q 265 83.34 117.02 -31.80
C TYR Q 265 83.33 115.75 -30.96
N MET Q 266 83.25 114.61 -31.64
CA MET Q 266 83.10 113.32 -30.98
C MET Q 266 84.18 112.37 -31.45
N ARG Q 267 84.45 111.38 -30.60
CA ARG Q 267 85.49 110.40 -30.87
C ARG Q 267 85.25 109.17 -30.01
N CYS Q 268 85.64 108.01 -30.53
CA CYS Q 268 85.65 106.79 -29.75
C CYS Q 268 87.04 106.62 -29.13
N ILE Q 269 87.08 106.43 -27.82
CA ILE Q 269 88.34 106.42 -27.08
C ILE Q 269 88.82 105.01 -26.79
N SER Q 270 88.14 104.00 -27.32
CA SER Q 270 88.53 102.62 -27.07
C SER Q 270 88.71 101.90 -28.38
N PRO Q 271 89.60 100.91 -28.44
CA PRO Q 271 89.87 100.24 -29.72
C PRO Q 271 88.69 99.48 -30.29
N HIS Q 272 87.57 99.38 -29.56
CA HIS Q 272 86.46 98.58 -30.02
C HIS Q 272 86.03 98.94 -31.43
N TRP Q 273 86.17 100.21 -31.80
CA TRP Q 273 85.59 100.68 -33.05
C TRP Q 273 86.19 99.97 -34.25
N GLN Q 274 87.44 99.53 -34.17
CA GLN Q 274 88.10 98.97 -35.34
C GLN Q 274 87.40 97.73 -35.87
N HIS Q 275 86.57 97.08 -35.05
CA HIS Q 275 85.83 95.91 -35.50
C HIS Q 275 84.35 96.05 -35.18
N GLN Q 276 83.85 97.28 -35.12
CA GLN Q 276 82.44 97.54 -34.82
C GLN Q 276 81.90 98.47 -35.90
N ILE Q 277 80.95 97.97 -36.68
CA ILE Q 277 80.54 98.66 -37.89
C ILE Q 277 79.86 99.98 -37.57
N VAL Q 278 79.05 100.01 -36.52
CA VAL Q 278 78.21 101.18 -36.28
C VAL Q 278 79.07 102.41 -35.98
N GLU Q 279 80.19 102.22 -35.29
CA GLU Q 279 81.11 103.35 -35.08
C GLU Q 279 81.63 103.88 -36.40
N VAL Q 280 82.04 102.98 -37.28
CA VAL Q 280 82.52 103.41 -38.59
C VAL Q 280 81.42 104.14 -39.34
N ALA Q 281 80.22 103.56 -39.34
CA ALA Q 281 79.12 104.16 -40.07
C ALA Q 281 78.81 105.56 -39.55
N GLY Q 282 78.68 105.70 -38.23
CA GLY Q 282 78.37 106.99 -37.67
C GLY Q 282 79.45 108.01 -37.97
N ALA Q 283 80.71 107.62 -37.83
CA ALA Q 283 81.80 108.54 -38.07
C ALA Q 283 81.80 109.01 -39.52
N LEU Q 284 81.70 108.07 -40.46
CA LEU Q 284 81.74 108.44 -41.86
C LEU Q 284 80.58 109.36 -42.22
N MET Q 285 79.38 109.05 -41.73
CA MET Q 285 78.22 109.86 -42.06
C MET Q 285 78.43 111.30 -41.62
N SER Q 286 78.83 111.51 -40.37
CA SER Q 286 79.09 112.86 -39.91
C SER Q 286 80.23 113.50 -40.70
N GLN Q 287 81.29 112.74 -40.94
CA GLN Q 287 82.42 113.28 -41.67
C GLN Q 287 82.01 113.70 -43.07
N SER Q 288 81.07 112.98 -43.68
CA SER Q 288 80.62 113.34 -45.01
C SER Q 288 80.02 114.74 -45.03
N VAL Q 289 79.22 115.07 -44.01
CA VAL Q 289 78.65 116.41 -43.93
C VAL Q 289 79.74 117.45 -43.81
N THR Q 290 80.70 117.22 -42.92
CA THR Q 290 81.78 118.18 -42.74
C THR Q 290 82.60 118.33 -44.02
N ALA Q 291 82.67 117.26 -44.83
CA ALA Q 291 83.45 117.34 -46.05
C ALA Q 291 82.90 118.39 -47.00
N VAL Q 292 81.58 118.36 -47.24
CA VAL Q 292 81.00 119.28 -48.21
C VAL Q 292 80.99 120.71 -47.65
N THR Q 293 80.71 120.85 -46.35
CA THR Q 293 80.57 122.18 -45.77
C THR Q 293 81.85 122.70 -45.14
N GLY Q 294 82.89 121.89 -45.06
CA GLY Q 294 84.10 122.32 -44.37
C GLY Q 294 83.93 122.24 -42.87
N LEU Q 295 85.02 122.51 -42.17
CA LEU Q 295 84.98 122.47 -40.71
C LEU Q 295 84.31 123.72 -40.17
N PRO Q 296 83.29 123.58 -39.33
CA PRO Q 296 82.69 124.77 -38.71
C PRO Q 296 83.68 125.59 -37.91
N ALA Q 297 84.59 124.93 -37.20
CA ALA Q 297 85.55 125.62 -36.36
C ALA Q 297 86.68 124.68 -36.02
N LEU Q 298 87.75 125.24 -35.44
CA LEU Q 298 88.91 124.45 -35.07
C LEU Q 298 88.60 123.53 -33.90
N ILE Q 299 89.36 122.46 -33.81
CA ILE Q 299 89.18 121.46 -32.78
C ILE Q 299 90.12 121.77 -31.62
N ASP Q 300 89.68 121.45 -30.40
CA ASP Q 300 90.49 121.68 -29.22
C ASP Q 300 91.64 120.68 -29.17
N GLU Q 301 92.85 121.19 -28.99
CA GLU Q 301 94.03 120.33 -28.98
C GLU Q 301 94.17 119.53 -27.69
N ALA Q 302 93.48 119.94 -26.63
CA ALA Q 302 93.86 119.52 -25.29
C ALA Q 302 93.92 118.01 -25.14
N THR Q 303 92.98 117.30 -25.74
CA THR Q 303 92.87 115.86 -25.54
C THR Q 303 93.41 115.05 -26.71
N LEU Q 304 94.07 115.68 -27.66
CA LEU Q 304 94.53 115.01 -28.85
C LEU Q 304 95.96 114.53 -28.70
N PRO Q 305 96.41 113.58 -29.55
CA PRO Q 305 97.79 113.13 -29.46
C PRO Q 305 98.81 114.21 -29.82
N ALA Q 306 100.09 113.86 -29.72
CA ALA Q 306 101.14 114.85 -29.82
C ALA Q 306 101.22 115.48 -31.20
N TRP Q 307 101.26 114.64 -32.24
CA TRP Q 307 101.44 115.17 -33.59
C TRP Q 307 100.28 116.05 -34.02
N SER Q 308 99.14 115.94 -33.35
CA SER Q 308 97.97 116.74 -33.68
C SER Q 308 97.93 118.08 -32.95
N GLN Q 309 98.95 118.41 -32.18
CA GLN Q 309 98.95 119.63 -31.40
C GLN Q 309 99.28 120.82 -32.29
N GLY Q 310 98.28 121.64 -32.59
CA GLY Q 310 98.51 122.87 -33.29
C GLY Q 310 98.61 122.75 -34.79
N VAL Q 311 97.74 121.97 -35.41
CA VAL Q 311 97.72 121.87 -36.86
C VAL Q 311 97.09 123.14 -37.43
N ALA Q 312 97.65 123.62 -38.54
CA ALA Q 312 97.38 124.97 -39.03
C ALA Q 312 95.88 125.24 -39.16
N ASN Q 313 95.20 124.51 -40.03
CA ASN Q 313 93.80 124.76 -40.31
C ASN Q 313 92.87 123.77 -39.62
N LEU Q 314 93.38 123.00 -38.66
CA LEU Q 314 92.60 121.94 -38.05
C LEU Q 314 92.41 122.11 -36.56
N THR Q 315 93.48 122.35 -35.81
CA THR Q 315 93.41 122.35 -34.36
C THR Q 315 93.91 123.68 -33.82
N GLY Q 316 93.45 124.01 -32.62
CA GLY Q 316 93.85 125.25 -31.99
C GLY Q 316 93.45 125.24 -30.52
N ASN Q 317 93.80 126.34 -29.85
CA ASN Q 317 93.45 126.51 -28.45
C ASN Q 317 92.92 127.90 -28.14
N GLY Q 318 92.49 128.64 -29.15
CA GLY Q 318 92.02 130.00 -28.97
C GLY Q 318 90.60 130.07 -28.46
N GLN Q 319 89.90 131.14 -28.86
CA GLN Q 319 88.55 131.36 -28.36
C GLN Q 319 87.54 130.50 -29.12
N GLY Q 320 87.40 130.72 -30.42
CA GLY Q 320 86.44 129.98 -31.21
C GLY Q 320 86.92 128.56 -31.50
N VAL Q 321 87.05 127.75 -30.47
CA VAL Q 321 87.56 126.40 -30.60
C VAL Q 321 86.54 125.45 -29.98
N VAL Q 322 85.91 124.64 -30.80
CA VAL Q 322 84.90 123.69 -30.29
C VAL Q 322 85.62 122.56 -29.55
N PRO Q 323 85.19 122.22 -28.34
CA PRO Q 323 85.81 121.09 -27.64
C PRO Q 323 85.44 119.77 -28.29
N CYS Q 324 86.21 118.74 -27.95
CA CYS Q 324 85.99 117.40 -28.46
C CYS Q 324 85.76 116.45 -27.30
N LEU Q 325 84.67 115.70 -27.36
CA LEU Q 325 84.37 114.68 -26.38
C LEU Q 325 84.68 113.30 -26.94
N ASP Q 326 84.94 112.36 -26.04
CA ASP Q 326 85.17 110.98 -26.42
C ASP Q 326 84.54 110.07 -25.39
N TYR Q 327 84.24 108.84 -25.81
CA TYR Q 327 83.45 107.94 -24.99
C TYR Q 327 83.88 106.51 -25.24
N ASN Q 328 83.38 105.63 -24.38
CA ASN Q 328 83.59 104.20 -24.51
C ASN Q 328 82.24 103.52 -24.73
N PRO Q 329 82.15 102.58 -25.67
CA PRO Q 329 80.84 101.98 -25.96
C PRO Q 329 80.20 101.29 -24.76
N VAL Q 330 80.99 100.63 -23.92
CA VAL Q 330 80.42 99.83 -22.84
C VAL Q 330 79.67 100.72 -21.85
N PRO Q 331 80.29 101.75 -21.26
CA PRO Q 331 79.50 102.62 -20.39
C PRO Q 331 78.37 103.30 -21.13
N MET Q 332 78.58 103.62 -22.41
CA MET Q 332 77.53 104.23 -23.20
C MET Q 332 76.29 103.33 -23.25
N ALA Q 333 76.50 102.04 -23.49
CA ALA Q 333 75.38 101.12 -23.51
C ALA Q 333 74.68 101.08 -22.17
N ALA Q 334 75.45 101.11 -21.08
CA ALA Q 334 74.84 101.12 -19.76
C ALA Q 334 73.94 102.34 -19.60
N ALA Q 335 74.43 103.51 -19.99
CA ALA Q 335 73.62 104.71 -19.91
C ALA Q 335 72.38 104.58 -20.78
N ARG Q 336 72.53 104.04 -21.98
CA ARG Q 336 71.38 103.85 -22.85
C ARG Q 336 70.35 102.93 -22.21
N HIS Q 337 70.82 101.83 -21.61
CA HIS Q 337 69.91 100.95 -20.89
C HIS Q 337 69.25 101.68 -19.74
N LEU Q 338 70.02 102.48 -19.00
CA LEU Q 338 69.47 103.20 -17.87
C LEU Q 338 68.36 104.13 -18.32
N GLN Q 339 68.56 104.83 -19.44
CA GLN Q 339 67.51 105.69 -19.96
C GLN Q 339 66.26 104.91 -20.27
N TRP Q 340 66.41 103.71 -20.84
CA TRP Q 340 65.26 102.94 -21.25
C TRP Q 340 64.37 102.56 -20.07
N ARG Q 341 64.98 102.14 -18.96
CA ARG Q 341 64.17 101.79 -17.80
C ARG Q 341 63.61 103.02 -17.13
N GLN Q 342 64.35 104.13 -17.13
CA GLN Q 342 63.82 105.37 -16.57
C GLN Q 342 62.63 105.85 -17.37
N ASP Q 343 62.70 105.77 -18.70
CA ASP Q 343 61.54 106.07 -19.51
C ASP Q 343 60.51 104.96 -19.48
N GLY Q 344 60.81 103.84 -18.83
CA GLY Q 344 59.83 102.80 -18.65
C GLY Q 344 59.72 101.81 -19.79
N LEU Q 345 60.62 101.86 -20.77
CA LEU Q 345 60.56 100.89 -21.85
C LEU Q 345 60.87 99.48 -21.35
N ILE Q 346 61.70 99.37 -20.31
CA ILE Q 346 62.12 98.08 -19.80
C ILE Q 346 62.10 98.10 -18.28
N THR Q 347 62.11 96.91 -17.69
CA THR Q 347 62.21 96.76 -16.25
C THR Q 347 63.67 96.57 -15.86
N ALA Q 348 63.94 96.80 -14.56
CA ALA Q 348 65.32 96.76 -14.08
C ALA Q 348 65.94 95.39 -14.29
N ALA Q 349 65.15 94.33 -14.16
CA ALA Q 349 65.67 92.99 -14.40
C ALA Q 349 66.20 92.85 -15.81
N GLN Q 350 65.45 93.37 -16.79
CA GLN Q 350 65.94 93.36 -18.16
C GLN Q 350 67.20 94.20 -18.30
N GLU Q 351 67.24 95.36 -17.65
CA GLU Q 351 68.38 96.24 -17.78
C GLU Q 351 69.66 95.55 -17.31
N ALA Q 352 69.57 94.83 -16.20
CA ALA Q 352 70.73 94.08 -15.72
C ALA Q 352 71.17 93.06 -16.76
N GLN Q 353 70.20 92.35 -17.35
CA GLN Q 353 70.55 91.35 -18.37
C GLN Q 353 71.19 91.99 -19.58
N LEU Q 354 70.67 93.14 -20.02
CA LEU Q 354 71.20 93.79 -21.21
C LEU Q 354 72.66 94.16 -21.02
N ASN Q 355 73.01 94.69 -19.84
CA ASN Q 355 74.40 95.05 -19.59
C ASN Q 355 75.29 93.81 -19.65
N ASN Q 356 74.84 92.71 -19.05
CA ASN Q 356 75.63 91.48 -19.11
C ASN Q 356 75.83 91.03 -20.55
N ASP Q 357 74.76 91.05 -21.34
CA ASP Q 357 74.87 90.62 -22.72
C ASP Q 357 75.86 91.49 -23.48
N TYR Q 358 75.74 92.80 -23.33
CA TYR Q 358 76.59 93.70 -24.09
C TYR Q 358 78.05 93.57 -23.68
N THR Q 359 78.30 93.50 -22.38
CA THR Q 359 79.67 93.38 -21.90
C THR Q 359 80.32 92.11 -22.45
N ALA Q 360 79.58 91.00 -22.44
CA ALA Q 360 80.10 89.78 -23.03
C ALA Q 360 80.38 89.98 -24.51
N TYR Q 361 79.45 90.63 -25.21
CA TYR Q 361 79.65 90.90 -26.64
C TYR Q 361 80.89 91.74 -26.86
N ALA Q 362 81.04 92.80 -26.08
CA ALA Q 362 82.20 93.66 -26.24
C ALA Q 362 83.48 92.90 -25.95
N LEU Q 363 83.43 91.97 -25.01
CA LEU Q 363 84.63 91.22 -24.66
C LEU Q 363 85.17 90.45 -25.87
N THR Q 364 84.28 89.87 -26.66
CA THR Q 364 84.72 89.17 -27.86
C THR Q 364 85.42 90.12 -28.82
N ILE Q 365 84.90 91.34 -28.96
CA ILE Q 365 85.52 92.32 -29.84
C ILE Q 365 86.96 92.57 -29.40
N GLU Q 366 87.16 92.81 -28.11
CA GLU Q 366 88.50 93.00 -27.60
C GLU Q 366 89.35 91.76 -27.83
N ARG Q 367 88.79 90.59 -27.52
CA ARG Q 367 89.54 89.36 -27.65
C ARG Q 367 89.94 89.11 -29.10
N HIS Q 368 89.04 89.40 -30.03
CA HIS Q 368 89.37 89.24 -31.44
C HIS Q 368 90.50 90.17 -31.84
N LEU Q 369 90.37 91.46 -31.51
CA LEU Q 369 91.34 92.44 -31.97
C LEU Q 369 92.73 92.16 -31.39
N THR Q 370 92.79 91.89 -30.09
CA THR Q 370 94.10 91.69 -29.46
C THR Q 370 94.80 90.48 -30.06
N ALA Q 371 94.05 89.42 -30.34
CA ALA Q 371 94.64 88.27 -31.03
C ALA Q 371 95.05 88.64 -32.44
N MET Q 372 94.28 89.51 -33.09
CA MET Q 372 94.59 89.87 -34.46
C MET Q 372 95.80 90.78 -34.55
N LEU Q 373 96.05 91.56 -33.50
CA LEU Q 373 97.17 92.50 -33.54
C LEU Q 373 98.50 91.77 -33.63
N VAL Q 374 98.69 90.75 -32.80
CA VAL Q 374 99.95 90.02 -32.81
C VAL Q 374 100.14 89.29 -34.13
N ALA Q 375 99.04 88.90 -34.76
CA ALA Q 375 99.14 88.25 -36.06
C ALA Q 375 99.63 89.19 -37.15
N ASN Q 376 99.47 90.50 -36.96
CA ASN Q 376 99.89 91.50 -37.94
C ASN Q 376 100.71 92.57 -37.23
N PRO Q 377 101.93 92.24 -36.82
CA PRO Q 377 102.77 93.23 -36.17
C PRO Q 377 103.05 94.39 -37.09
N ILE Q 378 103.08 95.59 -36.52
CA ILE Q 378 103.21 96.80 -37.33
C ILE Q 378 104.58 96.85 -38.00
N ALA Q 379 105.58 96.19 -37.40
CA ALA Q 379 106.91 96.19 -37.98
C ALA Q 379 106.99 95.36 -39.26
N ALA Q 380 105.93 94.60 -39.58
CA ALA Q 380 105.97 93.77 -40.78
C ALA Q 380 106.08 94.63 -42.03
N GLY Q 381 105.41 95.78 -42.05
CA GLY Q 381 105.50 96.66 -43.20
C GLY Q 381 104.20 97.34 -43.57
N ARG Q 382 103.08 96.74 -43.18
CA ARG Q 382 101.77 97.31 -43.43
C ARG Q 382 100.97 97.33 -42.14
N MET Q 383 100.07 98.29 -42.03
CA MET Q 383 99.28 98.43 -40.81
C MET Q 383 97.82 98.17 -41.09
N PRO Q 384 97.40 96.91 -41.16
CA PRO Q 384 95.97 96.62 -41.34
C PRO Q 384 95.12 97.09 -40.18
N ILE Q 385 95.66 97.08 -38.95
CA ILE Q 385 94.91 97.55 -37.80
C ILE Q 385 95.81 98.48 -36.98
N GLN Q 386 95.18 99.45 -36.34
CA GLN Q 386 95.89 100.46 -35.58
C GLN Q 386 96.35 99.89 -34.24
N PRO Q 387 97.58 100.15 -33.83
CA PRO Q 387 98.09 99.59 -32.58
C PRO Q 387 97.40 100.18 -31.36
N PHE Q 388 97.48 99.44 -30.26
CA PHE Q 388 96.84 99.84 -29.02
C PHE Q 388 97.47 99.08 -27.86
N ASN Q 389 97.01 99.39 -26.66
CA ASN Q 389 97.42 98.68 -25.46
C ASN Q 389 96.19 98.10 -24.78
N ALA Q 390 96.41 97.04 -24.00
CA ALA Q 390 95.30 96.33 -23.38
C ALA Q 390 94.48 97.26 -22.49
N ALA Q 391 95.14 98.20 -21.81
CA ALA Q 391 94.43 99.12 -20.92
C ALA Q 391 93.44 99.99 -21.68
N ASP Q 392 93.65 100.18 -22.97
CA ASP Q 392 92.77 101.07 -23.74
C ASP Q 392 91.35 100.55 -23.81
N PHE Q 393 91.14 99.27 -23.59
CA PHE Q 393 89.78 98.73 -23.59
C PHE Q 393 89.01 99.09 -22.33
N GLY Q 394 89.69 99.55 -21.28
CA GLY Q 394 89.05 99.89 -20.03
C GLY Q 394 88.85 101.37 -19.77
N GLN Q 395 89.27 102.24 -20.67
CA GLN Q 395 89.18 103.67 -20.43
C GLN Q 395 87.73 104.14 -20.56
N ALA Q 396 87.27 104.87 -19.55
CA ALA Q 396 85.92 105.44 -19.60
C ALA Q 396 85.88 106.74 -20.38
N GLY Q 397 86.99 107.47 -20.46
CA GLY Q 397 87.02 108.70 -21.20
C GLY Q 397 86.06 109.72 -20.62
N GLN Q 398 85.48 110.53 -21.51
CA GLN Q 398 84.54 111.57 -21.14
C GLN Q 398 83.09 111.14 -21.32
N THR Q 399 82.81 109.83 -21.17
CA THR Q 399 81.49 109.31 -21.49
C THR Q 399 80.41 110.02 -20.68
N ALA Q 400 80.71 110.37 -19.43
CA ALA Q 400 79.73 111.07 -18.62
C ALA Q 400 79.34 112.39 -19.24
N ALA Q 401 80.34 113.14 -19.73
CA ALA Q 401 80.03 114.41 -20.39
C ALA Q 401 79.25 114.17 -21.66
N ALA Q 402 79.52 113.06 -22.35
CA ALA Q 402 78.84 112.79 -23.61
C ALA Q 402 77.33 112.68 -23.41
N VAL Q 403 76.90 111.84 -22.47
CA VAL Q 403 75.47 111.69 -22.24
C VAL Q 403 74.89 112.99 -21.71
N ALA Q 404 75.69 113.76 -20.98
CA ALA Q 404 75.22 115.06 -20.52
C ALA Q 404 74.91 115.97 -21.70
N LEU Q 405 75.77 115.94 -22.72
CA LEU Q 405 75.54 116.77 -23.90
C LEU Q 405 74.24 116.38 -24.59
N ALA Q 406 74.02 115.08 -24.78
CA ALA Q 406 72.81 114.63 -25.46
C ALA Q 406 71.57 115.07 -24.70
N GLN Q 407 71.60 114.95 -23.37
CA GLN Q 407 70.47 115.41 -22.58
C GLN Q 407 70.27 116.91 -22.74
N ALA Q 408 71.38 117.67 -22.81
CA ALA Q 408 71.27 119.09 -23.10
C ALA Q 408 70.91 119.34 -24.55
N MET Q 409 71.17 118.39 -25.44
CA MET Q 409 70.92 118.60 -26.85
C MET Q 409 69.46 118.36 -27.21
N PHE Q 410 68.89 117.26 -26.73
CA PHE Q 410 67.49 116.94 -26.93
C PHE Q 410 66.78 117.09 -25.60
N VAL Q 411 65.89 118.06 -25.52
CA VAL Q 411 65.25 118.38 -24.26
C VAL Q 411 63.82 118.85 -24.50
N ALA R 1 -54.01 -1.14 51.31
CA ALA R 1 -53.19 -0.06 50.78
C ALA R 1 -52.20 -0.59 49.74
N ALA R 2 -52.72 -1.14 48.66
CA ALA R 2 -51.89 -1.67 47.60
C ALA R 2 -52.57 -1.43 46.26
N VAL R 3 -51.77 -1.10 45.26
CA VAL R 3 -52.26 -0.83 43.92
C VAL R 3 -51.50 -1.74 42.96
N PHE R 4 -52.22 -2.65 42.31
CA PHE R 4 -51.59 -3.69 41.50
C PHE R 4 -50.47 -4.35 42.29
N GLY R 5 -49.23 -4.16 41.87
CA GLY R 5 -48.08 -4.70 42.56
C GLY R 5 -47.35 -3.72 43.45
N ILE R 6 -47.91 -2.54 43.69
CA ILE R 6 -47.24 -1.51 44.46
C ILE R 6 -47.79 -1.51 45.88
N GLN R 7 -46.89 -1.43 46.86
CA GLN R 7 -47.24 -1.48 48.26
C GLN R 7 -47.09 -0.10 48.88
N LEU R 8 -48.08 0.32 49.67
CA LEU R 8 -48.12 1.66 50.23
C LEU R 8 -48.35 1.60 51.73
N VAL R 9 -47.66 2.47 52.46
CA VAL R 9 -47.82 2.59 53.90
C VAL R 9 -49.05 3.44 54.19
N PRO R 10 -49.66 3.33 55.37
CA PRO R 10 -50.91 4.04 55.63
C PRO R 10 -50.75 5.49 56.05
N LYS R 11 -49.56 6.08 55.96
CA LYS R 11 -49.33 7.45 56.39
C LYS R 11 -49.05 8.36 55.22
N LEU R 12 -49.63 9.56 55.26
CA LEU R 12 -49.48 10.54 54.21
C LEU R 12 -48.49 11.61 54.64
N ASN R 13 -47.67 12.07 53.69
CA ASN R 13 -46.71 13.12 53.97
C ASN R 13 -46.40 13.89 52.69
N THR R 14 -46.33 15.21 52.82
CA THR R 14 -45.88 16.07 51.73
C THR R 14 -45.54 17.44 52.29
N SER R 15 -44.76 18.19 51.52
CA SER R 15 -44.36 19.53 51.95
C SER R 15 -45.57 20.47 51.92
N THR R 16 -45.36 21.69 52.42
CA THR R 16 -46.46 22.58 52.70
C THR R 16 -46.37 23.96 52.07
N THR R 17 -45.29 24.28 51.37
CA THR R 17 -45.17 25.61 50.78
C THR R 17 -44.35 25.55 49.50
N ARG R 18 -44.72 26.38 48.54
CA ARG R 18 -44.12 26.39 47.22
C ARG R 18 -43.10 27.51 47.11
N ARG R 19 -41.93 27.19 46.55
CA ARG R 19 -40.92 28.20 46.30
C ARG R 19 -41.28 28.98 45.03
N THR R 20 -41.27 30.30 45.13
CA THR R 20 -41.60 31.12 43.98
C THR R 20 -40.43 31.15 42.99
N PHE R 21 -40.77 31.29 41.72
CA PHE R 21 -39.76 31.38 40.68
C PHE R 21 -39.17 32.77 40.63
N LEU R 22 -37.87 32.84 40.30
CA LEU R 22 -37.20 34.10 40.10
C LEU R 22 -36.30 33.95 38.89
N PRO R 23 -36.34 34.88 37.95
CA PRO R 23 -35.50 34.78 36.76
C PRO R 23 -34.04 35.07 37.09
N LEU R 24 -33.19 34.70 36.15
CA LEU R 24 -31.75 34.82 36.33
C LEU R 24 -31.28 36.19 35.90
N ARG R 25 -30.52 36.85 36.77
CA ARG R 25 -29.92 38.13 36.44
C ARG R 25 -28.82 37.94 35.39
N PHE R 26 -28.59 38.99 34.61
CA PHE R 26 -27.62 38.89 33.53
C PHE R 26 -26.22 38.62 34.05
N ASP R 27 -25.83 39.30 35.12
CA ASP R 27 -24.49 39.10 35.67
C ASP R 27 -24.33 37.67 36.19
N LEU R 28 -25.35 37.17 36.89
CA LEU R 28 -25.26 35.83 37.45
C LEU R 28 -25.10 34.79 36.35
N LEU R 29 -25.77 34.99 35.22
CA LEU R 29 -25.62 34.08 34.11
C LEU R 29 -24.17 33.99 33.66
N LEU R 30 -23.52 35.14 33.51
CA LEU R 30 -22.13 35.13 33.09
C LEU R 30 -21.25 34.39 34.09
N ASP R 31 -21.56 34.55 35.37
CA ASP R 31 -20.76 33.87 36.39
C ASP R 31 -20.82 32.36 36.23
N ARG R 32 -22.03 31.82 36.04
CA ARG R 32 -22.17 30.37 35.87
C ARG R 32 -21.39 29.90 34.66
N LEU R 33 -21.50 30.63 33.54
CA LEU R 33 -20.79 30.22 32.33
C LEU R 33 -19.29 30.39 32.48
N GLN R 34 -18.85 31.37 33.25
CA GLN R 34 -17.43 31.61 33.44
C GLN R 34 -16.83 30.79 34.56
N SER R 35 -17.61 29.90 35.17
CA SER R 35 -17.10 29.08 36.26
C SER R 35 -15.86 28.32 35.81
N THR R 36 -14.83 28.31 36.65
CA THR R 36 -13.57 27.68 36.28
C THR R 36 -13.75 26.20 35.98
N ASN R 37 -14.71 25.55 36.64
CA ASN R 37 -15.10 24.19 36.32
C ASN R 37 -16.60 24.14 36.21
N LEU R 38 -17.09 23.55 35.12
CA LEU R 38 -18.52 23.52 34.86
C LEU R 38 -19.19 22.25 35.37
N HIS R 39 -18.41 21.21 35.65
CA HIS R 39 -18.99 20.02 36.25
C HIS R 39 -19.57 20.37 37.62
N GLY R 40 -20.77 19.88 37.87
CA GLY R 40 -21.47 20.24 39.09
C GLY R 40 -22.08 21.61 39.08
N VAL R 41 -21.86 22.40 38.02
CA VAL R 41 -22.46 23.71 37.87
C VAL R 41 -23.38 23.76 36.66
N LEU R 42 -22.93 23.25 35.52
CA LEU R 42 -23.74 23.19 34.32
C LEU R 42 -24.14 21.78 33.95
N TYR R 43 -23.40 20.78 34.39
CA TYR R 43 -23.73 19.39 34.14
C TYR R 43 -23.11 18.55 35.24
N ARG R 44 -23.59 17.32 35.35
CA ARG R 44 -23.08 16.40 36.34
C ARG R 44 -23.02 15.01 35.76
N ALA R 45 -21.94 14.30 36.06
CA ALA R 45 -21.77 12.93 35.59
C ALA R 45 -22.37 11.99 36.62
N LEU R 46 -23.28 11.13 36.17
CA LEU R 46 -23.90 10.14 37.03
C LEU R 46 -23.12 8.83 37.05
N ASP R 47 -21.99 8.76 36.35
CA ASP R 47 -21.40 7.47 36.03
C ASP R 47 -19.88 7.48 36.11
N PHE R 48 -19.29 8.46 36.78
CA PHE R 48 -17.84 8.62 36.69
C PHE R 48 -17.11 7.44 37.32
N ASN R 49 -16.12 6.92 36.60
CA ASN R 49 -15.25 5.89 37.13
C ASN R 49 -13.91 6.51 37.47
N PRO R 50 -13.60 6.73 38.74
CA PRO R 50 -12.33 7.40 39.08
C PRO R 50 -11.10 6.58 38.75
N VAL R 51 -11.23 5.26 38.61
CA VAL R 51 -10.09 4.45 38.19
C VAL R 51 -9.61 4.91 36.83
N ASP R 52 -10.54 5.12 35.90
CA ASP R 52 -10.25 5.77 34.64
C ASP R 52 -10.53 7.27 34.81
N ARG R 53 -10.59 7.98 33.68
CA ARG R 53 -11.00 9.37 33.71
C ARG R 53 -12.26 9.51 32.86
N SER R 54 -13.21 8.61 33.04
CA SER R 54 -14.32 8.49 32.11
C SER R 54 -15.64 8.34 32.85
N ALA R 55 -16.70 8.81 32.18
CA ALA R 55 -18.07 8.52 32.54
C ALA R 55 -18.82 8.23 31.26
N THR R 56 -20.11 7.91 31.37
CA THR R 56 -20.88 7.57 30.18
C THR R 56 -22.23 8.26 30.10
N VAL R 57 -22.82 8.69 31.21
CA VAL R 57 -24.11 9.35 31.19
C VAL R 57 -23.97 10.68 31.93
N ILE R 58 -24.48 11.75 31.33
CA ILE R 58 -24.38 13.09 31.88
C ILE R 58 -25.78 13.64 32.08
N GLN R 59 -25.97 14.33 33.18
CA GLN R 59 -27.21 15.06 33.44
C GLN R 59 -26.95 16.55 33.30
N THR R 60 -27.84 17.24 32.61
CA THR R 60 -27.67 18.65 32.27
C THR R 60 -28.51 19.52 33.19
N TYR R 61 -28.23 20.83 33.13
CA TYR R 61 -28.78 21.82 34.04
C TYR R 61 -29.30 23.00 33.23
N PRO R 62 -30.14 23.84 33.84
CA PRO R 62 -31.06 24.71 33.06
C PRO R 62 -30.42 25.37 31.86
N PRO R 63 -29.29 26.06 32.00
CA PRO R 63 -28.75 26.78 30.83
C PRO R 63 -28.42 25.85 29.68
N LEU R 64 -28.13 24.58 29.97
CA LEU R 64 -27.74 23.62 28.95
C LEU R 64 -28.84 22.63 28.59
N ASN R 65 -29.70 22.27 29.54
CA ASN R 65 -30.64 21.18 29.31
C ASN R 65 -31.68 21.50 28.24
N ALA R 66 -31.70 22.73 27.71
CA ALA R 66 -32.58 23.03 26.59
C ALA R 66 -32.00 22.57 25.27
N TRP R 67 -30.76 22.10 25.25
CA TRP R 67 -30.10 21.76 23.99
C TRP R 67 -30.69 20.50 23.38
N SER R 68 -30.83 20.52 22.06
CA SER R 68 -31.16 19.33 21.29
C SER R 68 -30.05 19.11 20.27
N PRO R 69 -29.14 18.16 20.51
CA PRO R 69 -27.99 18.00 19.62
C PRO R 69 -28.40 17.62 18.21
N HIS R 70 -27.65 18.11 17.24
CA HIS R 70 -27.84 17.71 15.87
C HIS R 70 -27.42 16.24 15.70
N PRO R 71 -28.04 15.53 14.75
CA PRO R 71 -27.85 14.06 14.71
C PRO R 71 -26.41 13.63 14.51
N ALA R 72 -25.59 14.43 13.83
CA ALA R 72 -24.20 14.06 13.64
C ALA R 72 -23.52 13.80 14.97
N PHE R 73 -23.87 14.57 15.99
CA PHE R 73 -23.34 14.32 17.32
C PHE R 73 -23.87 13.01 17.89
N ILE R 74 -25.16 12.76 17.73
CA ILE R 74 -25.78 11.60 18.35
C ILE R 74 -25.21 10.31 17.77
N GLU R 75 -25.13 10.23 16.44
CA GLU R 75 -24.70 8.99 15.79
C GLU R 75 -23.23 8.69 16.00
N ASN R 76 -22.45 9.62 16.55
CA ASN R 76 -21.02 9.42 16.75
C ASN R 76 -20.60 10.16 18.02
N PRO R 77 -20.95 9.62 19.17
CA PRO R 77 -20.65 10.32 20.43
C PRO R 77 -19.16 10.37 20.70
N LEU R 78 -18.76 11.38 21.45
CA LEU R 78 -17.39 11.51 21.91
C LEU R 78 -17.27 11.02 23.35
N ASP R 79 -16.04 10.95 23.84
CA ASP R 79 -15.78 10.44 25.17
C ASP R 79 -15.83 11.56 26.20
N TYR R 80 -15.68 11.19 27.47
CA TYR R 80 -15.80 12.16 28.54
C TYR R 80 -14.72 13.23 28.45
N ARG R 81 -13.48 12.83 28.17
CA ARG R 81 -12.39 13.81 28.14
C ARG R 81 -12.60 14.82 27.03
N ASP R 82 -13.10 14.37 25.87
CA ASP R 82 -13.46 15.33 24.83
C ASP R 82 -14.62 16.20 25.27
N TRP R 83 -15.59 15.61 25.97
CA TRP R 83 -16.77 16.36 26.37
C TRP R 83 -16.41 17.55 27.23
N THR R 84 -15.61 17.32 28.28
CA THR R 84 -15.26 18.42 29.18
C THR R 84 -14.49 19.49 28.43
N GLU R 85 -13.64 19.09 27.49
CA GLU R 85 -12.95 20.07 26.67
C GLU R 85 -13.93 20.82 25.78
N PHE R 86 -14.85 20.10 25.15
CA PHE R 86 -15.76 20.73 24.20
C PHE R 86 -16.63 21.77 24.89
N ILE R 87 -17.16 21.44 26.07
CA ILE R 87 -18.06 22.36 26.75
C ILE R 87 -17.33 23.62 27.17
N HIS R 88 -16.15 23.47 27.78
CA HIS R 88 -15.42 24.63 28.27
C HIS R 88 -15.10 25.59 27.13
N ASP R 89 -14.83 25.06 25.94
CA ASP R 89 -14.62 25.92 24.79
C ASP R 89 -15.89 26.68 24.42
N ARG R 90 -17.00 25.95 24.26
CA ARG R 90 -18.22 26.59 23.80
C ARG R 90 -18.74 27.60 24.80
N ALA R 91 -18.66 27.27 26.09
CA ALA R 91 -19.15 28.17 27.12
C ALA R 91 -18.44 29.51 27.03
N LEU R 92 -17.12 29.49 26.93
CA LEU R 92 -16.36 30.73 26.85
C LEU R 92 -16.71 31.50 25.58
N ALA R 93 -16.80 30.80 24.46
CA ALA R 93 -17.15 31.47 23.21
C ALA R 93 -18.53 32.09 23.31
N PHE R 94 -19.48 31.37 23.89
CA PHE R 94 -20.83 31.91 24.03
C PHE R 94 -20.83 33.17 24.90
N VAL R 95 -19.99 33.19 25.93
CA VAL R 95 -19.90 34.37 26.77
C VAL R 95 -19.42 35.57 25.95
N GLY R 96 -18.39 35.36 25.14
CA GLY R 96 -17.86 36.47 24.36
C GLY R 96 -18.90 37.09 23.47
N VAL R 97 -19.73 36.27 22.83
CA VAL R 97 -20.82 36.79 22.02
C VAL R 97 -21.78 37.60 22.89
N LEU R 98 -22.16 37.04 24.03
CA LEU R 98 -23.12 37.71 24.88
C LEU R 98 -22.58 39.02 25.42
N THR R 99 -21.26 39.16 25.51
CA THR R 99 -20.67 40.38 26.03
C THR R 99 -20.21 41.34 24.95
N GLN R 100 -19.97 40.85 23.73
CA GLN R 100 -19.70 41.77 22.64
C GLN R 100 -20.87 42.71 22.43
N ARG R 101 -22.09 42.17 22.45
CA ARG R 101 -23.28 42.97 22.64
C ARG R 101 -23.54 43.10 24.14
N TYR R 102 -24.39 44.06 24.50
CA TYR R 102 -24.81 44.23 25.88
C TYR R 102 -23.63 44.29 26.83
N PRO R 103 -22.87 45.37 26.85
CA PRO R 103 -21.77 45.48 27.82
C PRO R 103 -22.29 45.35 29.23
N LEU R 104 -21.49 44.72 30.09
CA LEU R 104 -21.96 44.26 31.38
C LEU R 104 -22.41 45.43 32.26
N THR R 105 -21.60 46.49 32.31
CA THR R 105 -21.87 47.56 33.27
C THR R 105 -23.21 48.24 33.02
N GLN R 106 -23.77 48.11 31.83
CA GLN R 106 -25.06 48.71 31.53
C GLN R 106 -26.20 47.71 31.59
N ASN R 107 -25.92 46.44 31.86
CA ASN R 107 -26.94 45.42 31.73
C ASN R 107 -26.96 44.39 32.85
N ALA R 108 -26.13 44.55 33.89
CA ALA R 108 -26.03 43.52 34.91
C ALA R 108 -27.35 43.29 35.63
N GLN R 109 -28.18 44.33 35.74
CA GLN R 109 -29.42 44.23 36.50
C GLN R 109 -30.55 43.57 35.73
N ARG R 110 -30.43 43.45 34.41
CA ARG R 110 -31.54 42.95 33.61
C ARG R 110 -31.71 41.46 33.79
N TYR R 111 -32.94 41.00 33.63
CA TYR R 111 -33.31 39.60 33.79
C TYR R 111 -33.39 38.94 32.42
N THR R 112 -32.79 37.76 32.30
CA THR R 112 -32.82 37.03 31.06
C THR R 112 -34.08 36.21 30.94
N ASN R 113 -34.65 36.16 29.75
CA ASN R 113 -35.76 35.26 29.51
C ASN R 113 -35.23 33.85 29.41
N PRO R 114 -35.62 32.95 30.30
CA PRO R 114 -35.06 31.59 30.26
C PRO R 114 -35.36 30.86 28.97
N LEU R 115 -36.55 31.05 28.42
CA LEU R 115 -36.89 30.36 27.17
C LEU R 115 -35.98 30.82 26.05
N VAL R 116 -35.83 32.13 25.88
CA VAL R 116 -34.96 32.64 24.83
C VAL R 116 -33.53 32.20 25.08
N LEU R 117 -33.09 32.27 26.33
CA LEU R 117 -31.71 31.89 26.65
C LEU R 117 -31.45 30.44 26.29
N GLY R 118 -32.38 29.55 26.64
CA GLY R 118 -32.20 28.15 26.33
C GLY R 118 -32.13 27.91 24.83
N ALA R 119 -33.04 28.52 24.08
CA ALA R 119 -33.06 28.31 22.63
C ALA R 119 -31.79 28.86 21.99
N ALA R 120 -31.39 30.07 22.37
CA ALA R 120 -30.22 30.69 21.76
C ALA R 120 -28.97 29.87 22.03
N PHE R 121 -28.78 29.47 23.28
CA PHE R 121 -27.60 28.68 23.62
C PHE R 121 -27.60 27.36 22.88
N GLY R 122 -28.77 26.71 22.81
CA GLY R 122 -28.84 25.42 22.14
C GLY R 122 -28.46 25.50 20.68
N ASP R 123 -28.93 26.55 19.99
CA ASP R 123 -28.54 26.72 18.60
C ASP R 123 -27.04 27.00 18.48
N PHE R 124 -26.48 27.70 19.46
CA PHE R 124 -25.10 28.14 19.35
C PHE R 124 -24.15 26.95 19.23
N LEU R 125 -24.26 26.00 20.15
CA LEU R 125 -23.39 24.84 20.08
C LEU R 125 -23.85 23.83 19.05
N ASN R 126 -25.01 24.06 18.42
CA ASN R 126 -25.36 23.34 17.21
C ASN R 126 -24.80 24.03 15.97
N ALA R 127 -23.90 24.98 16.14
CA ALA R 127 -23.25 25.69 15.03
C ALA R 127 -24.28 26.36 14.12
N ARG R 128 -25.27 27.00 14.73
CA ARG R 128 -26.31 27.70 14.00
C ARG R 128 -26.42 29.11 14.53
N SER R 129 -26.63 30.07 13.63
CA SER R 129 -26.61 31.48 14.01
C SER R 129 -27.73 31.80 14.99
N ILE R 130 -27.48 32.80 15.84
CA ILE R 130 -28.37 33.07 16.96
C ILE R 130 -28.74 34.54 17.03
N ASP R 131 -28.43 35.29 15.96
CA ASP R 131 -28.60 36.74 16.01
C ASP R 131 -30.03 37.12 16.33
N ILE R 132 -31.00 36.40 15.77
CA ILE R 132 -32.40 36.74 15.97
C ILE R 132 -32.76 36.74 17.45
N PHE R 133 -32.14 35.87 18.23
CA PHE R 133 -32.50 35.75 19.64
C PHE R 133 -31.94 36.90 20.46
N LEU R 134 -30.75 37.38 20.13
CA LEU R 134 -30.06 38.32 20.99
C LEU R 134 -30.86 39.60 21.20
N ASP R 135 -31.69 39.97 20.22
CA ASP R 135 -32.49 41.17 20.37
C ASP R 135 -33.50 41.07 21.50
N ARG R 136 -33.86 39.87 21.90
CA ARG R 136 -34.94 39.68 22.87
C ARG R 136 -34.50 38.80 24.02
N LEU R 137 -33.28 39.01 24.50
CA LEU R 137 -32.76 38.20 25.58
C LEU R 137 -33.35 38.57 26.94
N PHE R 138 -33.81 39.80 27.11
CA PHE R 138 -34.25 40.27 28.41
C PHE R 138 -35.76 40.49 28.42
N TYR R 139 -36.30 40.61 29.63
CA TYR R 139 -37.70 40.93 29.81
C TYR R 139 -37.90 41.50 31.21
N GLY R 140 -38.96 42.29 31.36
CA GLY R 140 -39.28 42.89 32.63
C GLY R 140 -40.30 42.07 33.39
N PRO R 141 -39.83 41.29 34.36
CA PRO R 141 -40.73 40.34 35.03
C PRO R 141 -41.89 40.99 35.73
N THR R 142 -41.74 42.25 36.17
CA THR R 142 -42.85 42.92 36.83
C THR R 142 -43.94 43.30 35.86
N GLN R 143 -43.68 43.27 34.55
CA GLN R 143 -44.65 43.72 33.57
C GLN R 143 -45.27 42.60 32.75
N GLU R 144 -44.60 41.45 32.64
CA GLU R 144 -45.15 40.33 31.89
C GLU R 144 -44.37 39.07 32.24
N SER R 145 -44.83 37.96 31.71
CA SER R 145 -44.24 36.65 31.87
C SER R 145 -43.19 36.40 30.80
N PRO R 146 -42.29 35.43 31.01
CA PRO R 146 -41.37 35.07 29.93
C PRO R 146 -42.08 34.60 28.68
N ILE R 147 -43.30 34.09 28.80
CA ILE R 147 -44.07 33.72 27.62
C ILE R 147 -44.57 34.95 26.89
N THR R 148 -45.37 35.76 27.58
CA THR R 148 -46.00 36.90 26.94
C THR R 148 -44.99 37.88 26.37
N SER R 149 -43.81 37.94 26.98
CA SER R 149 -42.75 38.78 26.43
C SER R 149 -42.37 38.34 25.03
N ILE R 150 -42.54 37.06 24.72
CA ILE R 150 -42.17 36.55 23.40
C ILE R 150 -43.31 36.71 22.40
N THR R 151 -44.55 36.53 22.85
CA THR R 151 -45.70 36.55 21.95
C THR R 151 -45.90 37.93 21.33
N LYS R 152 -45.07 38.89 21.70
CA LYS R 152 -45.08 40.18 21.02
C LYS R 152 -44.65 40.07 19.56
N PHE R 153 -44.06 38.95 19.17
CA PHE R 153 -43.52 38.77 17.81
C PHE R 153 -44.04 37.46 17.25
N PRO R 154 -45.32 37.40 16.94
CA PRO R 154 -45.97 36.13 16.55
C PRO R 154 -45.66 35.72 15.11
N TYR R 155 -44.51 35.08 14.93
CA TYR R 155 -44.15 34.53 13.64
C TYR R 155 -43.05 33.50 13.83
N GLN R 156 -42.77 32.75 12.78
CA GLN R 156 -41.76 31.71 12.82
C GLN R 156 -40.39 32.38 12.94
N TRP R 157 -39.86 32.46 14.15
CA TRP R 157 -38.54 33.03 14.34
C TRP R 157 -37.49 32.20 13.61
N THR R 158 -37.48 30.90 13.86
CA THR R 158 -36.58 30.01 13.16
C THR R 158 -37.25 28.65 13.05
N ILE R 159 -36.61 27.76 12.29
CA ILE R 159 -37.24 26.51 11.91
C ILE R 159 -37.57 25.65 13.12
N ASP R 160 -36.92 25.89 14.25
CA ASP R 160 -37.17 25.13 15.47
C ASP R 160 -37.75 25.98 16.59
N PHE R 161 -38.16 27.21 16.29
CA PHE R 161 -38.72 28.08 17.31
C PHE R 161 -39.83 28.88 16.66
N ASN R 162 -41.07 28.41 16.83
CA ASN R 162 -42.23 29.00 16.18
C ASN R 162 -43.18 29.53 17.25
N VAL R 163 -43.58 30.78 17.11
CA VAL R 163 -44.42 31.45 18.11
C VAL R 163 -45.61 32.09 17.42
N THR R 164 -46.80 31.86 17.98
CA THR R 164 -48.03 32.47 17.52
C THR R 164 -48.40 33.63 18.43
N ALA R 165 -49.59 34.18 18.23
CA ALA R 165 -50.06 35.27 19.08
C ALA R 165 -50.33 34.82 20.50
N ASP R 166 -50.37 33.52 20.77
CA ASP R 166 -50.73 33.05 22.09
C ASP R 166 -49.87 31.90 22.59
N SER R 167 -48.94 31.39 21.80
CA SER R 167 -48.27 30.16 22.17
C SER R 167 -46.92 30.08 21.47
N VAL R 168 -46.06 29.22 22.01
CA VAL R 168 -44.73 28.99 21.48
C VAL R 168 -44.50 27.49 21.36
N ARG R 169 -43.91 27.07 20.23
CA ARG R 169 -43.60 25.68 19.98
C ARG R 169 -42.11 25.52 19.78
N THR R 170 -41.52 24.52 20.44
CA THR R 170 -40.10 24.24 20.31
C THR R 170 -39.83 22.81 20.77
N PRO R 171 -38.82 22.14 20.22
CA PRO R 171 -38.49 20.79 20.69
C PRO R 171 -38.01 20.82 22.13
N ALA R 172 -38.35 19.78 22.86
CA ALA R 172 -37.90 19.66 24.25
C ALA R 172 -36.41 19.34 24.28
N GLY R 173 -35.70 20.00 25.19
CA GLY R 173 -34.28 19.76 25.33
C GLY R 173 -34.00 18.40 25.95
N CYS R 174 -32.76 17.95 25.77
CA CYS R 174 -32.33 16.66 26.28
C CYS R 174 -31.83 16.82 27.70
N LYS R 175 -32.49 16.15 28.65
CA LYS R 175 -32.09 16.23 30.04
C LYS R 175 -30.88 15.34 30.34
N TYR R 176 -30.59 14.37 29.49
CA TYR R 176 -29.44 13.51 29.66
C TYR R 176 -28.66 13.43 28.37
N ILE R 177 -27.36 13.22 28.49
CA ILE R 177 -26.48 13.05 27.34
C ILE R 177 -25.67 11.78 27.56
N THR R 178 -25.66 10.91 26.56
CA THR R 178 -24.92 9.66 26.62
C THR R 178 -23.62 9.81 25.85
N LEU R 179 -22.51 9.52 26.51
CA LEU R 179 -21.21 9.65 25.89
C LEU R 179 -20.84 8.34 25.20
N TYR R 180 -19.61 8.29 24.68
CA TYR R 180 -19.13 7.09 24.02
C TYR R 180 -19.12 5.92 24.98
N GLY R 181 -19.48 4.74 24.47
CA GLY R 181 -19.52 3.54 25.28
C GLY R 181 -20.81 3.30 26.03
N TYR R 182 -21.87 4.02 25.70
CA TYR R 182 -23.14 3.84 26.39
C TYR R 182 -23.76 2.50 26.04
N ASP R 183 -24.40 1.88 27.03
CA ASP R 183 -24.98 0.55 26.86
C ASP R 183 -26.18 0.39 27.79
N PRO R 184 -27.40 0.51 27.26
CA PRO R 184 -28.58 0.27 28.10
C PRO R 184 -28.67 -1.15 28.63
N SER R 185 -28.12 -2.13 27.92
CA SER R 185 -28.26 -3.51 28.35
C SER R 185 -27.61 -3.75 29.70
N ARG R 186 -26.55 -3.02 30.01
CA ARG R 186 -25.91 -3.13 31.31
C ARG R 186 -26.90 -2.70 32.38
N PRO R 187 -27.37 -3.61 33.23
CA PRO R 187 -28.45 -3.27 34.16
C PRO R 187 -28.07 -2.22 35.17
N SER R 188 -26.78 -2.02 35.42
CA SER R 188 -26.33 -1.06 36.42
C SER R 188 -26.21 0.36 35.88
N THR R 189 -26.40 0.56 34.59
CA THR R 189 -26.30 1.91 34.04
C THR R 189 -27.47 2.76 34.53
N PRO R 190 -27.24 4.06 34.73
CA PRO R 190 -28.33 4.94 35.15
C PRO R 190 -29.41 5.00 34.08
N ALA R 191 -30.65 5.15 34.54
CA ALA R 191 -31.78 5.27 33.64
C ALA R 191 -31.89 6.69 33.10
N THR R 192 -32.31 6.81 31.84
CA THR R 192 -32.53 8.10 31.24
C THR R 192 -33.92 8.27 30.66
N TYR R 193 -34.74 7.22 30.63
CA TYR R 193 -36.11 7.28 30.13
C TYR R 193 -36.17 7.79 28.70
N GLY R 194 -35.09 7.64 27.94
CA GLY R 194 -35.07 8.03 26.56
C GLY R 194 -34.88 9.51 26.32
N LYS R 195 -34.73 10.32 27.37
CA LYS R 195 -34.59 11.75 27.18
C LYS R 195 -33.28 12.12 26.50
N HIS R 196 -32.35 11.17 26.35
CA HIS R 196 -31.12 11.46 25.64
C HIS R 196 -31.32 11.63 24.15
N ARG R 197 -32.35 11.00 23.58
CA ARG R 197 -32.62 11.16 22.17
C ARG R 197 -32.97 12.61 21.87
N PRO R 198 -32.55 13.13 20.72
CA PRO R 198 -32.70 14.58 20.47
C PRO R 198 -34.14 15.03 20.33
N THR R 199 -35.06 14.15 19.94
CA THR R 199 -36.42 14.56 19.60
C THR R 199 -37.44 13.65 20.28
N TYR R 200 -37.26 13.42 21.57
CA TYR R 200 -38.17 12.52 22.27
C TYR R 200 -39.54 13.13 22.51
N ALA R 201 -39.69 14.43 22.38
CA ALA R 201 -40.97 15.08 22.66
C ALA R 201 -40.94 16.48 22.07
N THR R 202 -41.99 17.25 22.35
CA THR R 202 -42.12 18.63 21.91
C THR R 202 -43.03 19.35 22.88
N VAL R 203 -42.69 20.59 23.22
CA VAL R 203 -43.41 21.36 24.21
C VAL R 203 -44.14 22.51 23.53
N PHE R 204 -45.31 22.85 24.05
CA PHE R 204 -46.12 23.97 23.58
C PHE R 204 -46.45 24.85 24.77
N TYR R 205 -45.78 25.98 24.90
CA TYR R 205 -46.12 26.94 25.94
C TYR R 205 -47.30 27.78 25.50
N TYR R 206 -48.20 28.06 26.43
CA TYR R 206 -49.39 28.83 26.13
C TYR R 206 -49.62 29.87 27.22
N SER R 207 -50.19 31.00 26.83
CA SER R 207 -50.37 32.12 27.73
C SER R 207 -51.70 32.09 28.47
N THR R 208 -52.73 31.52 27.87
CA THR R 208 -54.06 31.59 28.47
C THR R 208 -54.85 30.33 28.13
N LEU R 209 -55.88 30.10 28.92
CA LEU R 209 -56.67 28.87 28.77
C LEU R 209 -57.26 28.71 27.37
N PRO R 210 -57.89 29.72 26.77
CA PRO R 210 -58.41 29.52 25.40
C PRO R 210 -57.34 29.07 24.43
N ALA R 211 -56.12 29.57 24.59
CA ALA R 211 -55.02 29.07 23.76
C ALA R 211 -54.79 27.60 24.03
N ARG R 212 -54.85 27.18 25.29
CA ARG R 212 -54.69 25.76 25.61
C ARG R 212 -55.75 24.94 24.91
N SER R 213 -56.99 25.42 24.91
CA SER R 213 -58.05 24.71 24.21
C SER R 213 -57.75 24.61 22.73
N ARG R 214 -57.26 25.70 22.14
CA ARG R 214 -56.96 25.69 20.71
C ARG R 214 -55.89 24.66 20.38
N LEU R 215 -54.85 24.59 21.20
CA LEU R 215 -53.76 23.65 20.93
C LEU R 215 -54.26 22.21 21.00
N LEU R 216 -55.04 21.89 22.02
CA LEU R 216 -55.48 20.51 22.20
C LEU R 216 -56.30 20.04 21.01
N ALA R 217 -57.09 20.94 20.42
CA ALA R 217 -57.89 20.56 19.26
C ALA R 217 -57.01 20.08 18.12
N ASN R 218 -55.82 20.64 17.97
CA ASN R 218 -54.93 20.19 16.91
C ASN R 218 -54.30 18.85 17.23
N LEU R 219 -53.95 18.62 18.49
CA LEU R 219 -53.19 17.45 18.88
C LEU R 219 -54.05 16.23 19.14
N ALA R 220 -55.38 16.36 19.04
CA ALA R 220 -56.26 15.29 19.49
C ALA R 220 -56.04 13.98 18.74
N ALA R 221 -55.52 14.03 17.52
CA ALA R 221 -55.43 12.84 16.69
C ALA R 221 -54.15 12.04 16.91
N GLY R 222 -53.15 12.60 17.57
CA GLY R 222 -51.87 11.94 17.70
C GLY R 222 -51.74 11.16 18.99
N PRO R 223 -50.51 11.03 19.48
CA PRO R 223 -50.29 10.33 20.75
C PRO R 223 -50.86 11.09 21.94
N THR R 224 -50.68 10.55 23.14
CA THR R 224 -51.28 11.14 24.33
C THR R 224 -50.49 12.35 24.78
N VAL R 225 -51.19 13.46 25.00
CA VAL R 225 -50.56 14.69 25.47
C VAL R 225 -50.51 14.67 26.99
N LEU R 226 -49.42 15.21 27.55
CA LEU R 226 -49.21 15.25 28.99
C LEU R 226 -49.00 16.68 29.45
N GLU R 227 -49.32 16.92 30.71
CA GLU R 227 -49.18 18.26 31.27
C GLU R 227 -49.04 18.18 32.78
N HIS R 228 -48.29 19.13 33.34
CA HIS R 228 -48.26 19.37 34.77
C HIS R 228 -49.25 20.47 35.10
N PHE R 229 -50.04 20.26 36.15
CA PHE R 229 -50.97 21.29 36.59
C PHE R 229 -50.43 22.13 37.73
N ASP R 230 -49.49 21.61 38.53
CA ASP R 230 -49.12 22.28 39.76
C ASP R 230 -48.26 23.51 39.49
N SER R 231 -47.09 23.32 38.92
CA SER R 231 -46.14 24.40 38.70
C SER R 231 -45.36 24.10 37.43
N PRO R 232 -45.73 24.70 36.32
CA PRO R 232 -45.18 24.31 35.01
C PRO R 232 -43.86 25.00 34.68
N THR R 233 -42.93 25.01 35.64
CA THR R 233 -41.62 25.62 35.46
C THR R 233 -41.75 27.03 34.90
N TYR R 234 -41.24 27.26 33.69
CA TYR R 234 -41.24 28.59 33.13
C TYR R 234 -42.63 29.11 32.80
N GLY R 235 -43.60 28.21 32.64
CA GLY R 235 -44.95 28.64 32.35
C GLY R 235 -45.82 27.50 31.86
N PRO R 236 -47.14 27.74 31.83
CA PRO R 236 -48.07 26.69 31.43
C PRO R 236 -47.75 26.18 30.03
N HIS R 237 -47.64 24.86 29.91
CA HIS R 237 -47.23 24.28 28.64
C HIS R 237 -47.66 22.83 28.58
N LEU R 238 -48.09 22.40 27.40
CA LEU R 238 -48.27 21.00 27.11
C LEU R 238 -46.97 20.41 26.60
N LEU R 239 -46.90 19.09 26.53
CA LEU R 239 -45.81 18.43 25.85
C LEU R 239 -46.32 17.20 25.13
N LEU R 240 -45.84 17.00 23.91
CA LEU R 240 -46.25 15.89 23.07
C LEU R 240 -45.11 14.90 22.95
N PRO R 241 -45.20 13.73 23.55
CA PRO R 241 -44.11 12.76 23.46
C PRO R 241 -44.02 12.16 22.07
N GLN R 242 -42.82 11.71 21.72
CA GLN R 242 -42.63 10.97 20.49
C GLN R 242 -43.44 9.68 20.52
N THR R 243 -44.02 9.31 19.39
CA THR R 243 -44.98 8.21 19.33
C THR R 243 -44.34 6.84 19.41
N GLY R 244 -43.02 6.74 19.39
CA GLY R 244 -42.33 5.47 19.42
C GLY R 244 -42.15 4.95 20.83
N ASP R 245 -41.30 3.93 20.95
CA ASP R 245 -40.98 3.28 22.21
C ASP R 245 -39.48 3.39 22.47
N VAL R 246 -39.06 2.87 23.62
CA VAL R 246 -37.66 2.89 24.01
C VAL R 246 -37.25 1.48 24.42
N LEU R 247 -36.04 1.09 24.05
CA LEU R 247 -35.56 -0.27 24.24
C LEU R 247 -34.95 -0.46 25.62
N GLY R 248 -35.02 -1.69 26.11
CA GLY R 248 -34.26 -2.12 27.26
C GLY R 248 -34.93 -1.94 28.60
N TYR R 249 -36.04 -1.21 28.67
CA TYR R 249 -36.63 -0.92 29.96
C TYR R 249 -37.58 -1.99 30.46
N SER R 250 -38.06 -2.87 29.59
CA SER R 250 -38.99 -3.91 29.98
C SER R 250 -39.10 -4.89 28.82
N SER R 251 -40.04 -5.83 28.92
CA SER R 251 -40.34 -6.77 27.85
C SER R 251 -41.27 -6.12 26.83
N SER R 252 -40.80 -5.00 26.27
CA SER R 252 -41.51 -4.26 25.22
C SER R 252 -42.90 -3.83 25.65
N LEU R 253 -43.07 -3.58 26.95
CA LEU R 253 -44.36 -3.16 27.50
C LEU R 253 -44.53 -1.66 27.49
N ILE R 254 -43.77 -0.94 26.67
CA ILE R 254 -43.55 0.49 26.90
C ILE R 254 -43.68 1.26 25.59
N SER R 255 -44.32 2.43 25.69
CA SER R 255 -44.20 3.49 24.70
C SER R 255 -43.62 4.71 25.40
N GLN R 256 -43.22 5.70 24.60
CA GLN R 256 -42.52 6.85 25.15
C GLN R 256 -43.38 7.58 26.18
N ALA R 257 -44.67 7.73 25.90
CA ALA R 257 -45.55 8.43 26.82
C ALA R 257 -45.58 7.73 28.18
N ALA R 258 -45.66 6.40 28.17
CA ALA R 258 -45.68 5.67 29.43
C ALA R 258 -44.43 5.93 30.24
N LEU R 259 -43.27 5.99 29.58
CA LEU R 259 -42.02 6.20 30.30
C LEU R 259 -42.04 7.53 31.03
N LEU R 260 -42.52 8.59 30.37
CA LEU R 260 -42.58 9.88 31.02
C LEU R 260 -43.46 9.83 32.25
N MET R 261 -44.60 9.15 32.15
CA MET R 261 -45.50 9.04 33.29
C MET R 261 -44.83 8.29 34.44
N VAL R 262 -44.28 7.11 34.15
CA VAL R 262 -43.82 6.24 35.24
C VAL R 262 -42.68 6.90 35.98
N GLU R 263 -41.75 7.52 35.26
CA GLU R 263 -40.66 8.20 35.96
C GLU R 263 -41.15 9.41 36.72
N SER R 264 -42.15 10.10 36.18
CA SER R 264 -42.76 11.20 36.93
C SER R 264 -43.37 10.70 38.22
N VAL R 265 -44.06 9.56 38.15
CA VAL R 265 -44.68 9.00 39.34
C VAL R 265 -43.61 8.67 40.38
N MET R 266 -42.49 8.10 39.94
CA MET R 266 -41.44 7.76 40.88
C MET R 266 -40.93 9.01 41.59
N ASP R 267 -40.74 10.10 40.87
CA ASP R 267 -40.29 11.33 41.50
C ASP R 267 -41.31 11.80 42.53
N ALA R 268 -42.59 11.69 42.22
CA ALA R 268 -43.62 12.08 43.17
C ALA R 268 -43.52 11.25 44.45
N LEU R 269 -43.32 9.94 44.29
CA LEU R 269 -43.17 9.08 45.45
C LEU R 269 -41.93 9.43 46.24
N ARG R 270 -40.81 9.69 45.56
CA ARG R 270 -39.59 10.00 46.27
C ARG R 270 -39.75 11.29 47.08
N ASP R 271 -40.37 12.30 46.49
CA ASP R 271 -40.55 13.56 47.20
C ASP R 271 -41.44 13.39 48.42
N ASN R 272 -42.54 12.66 48.28
CA ASN R 272 -43.38 12.36 49.42
C ASN R 272 -42.59 11.66 50.51
N ALA R 273 -41.64 10.81 50.10
CA ALA R 273 -40.88 10.03 51.07
C ALA R 273 -39.95 10.88 51.91
N ASN R 274 -39.61 12.09 51.45
CA ASN R 274 -38.65 12.89 52.21
C ASN R 274 -39.05 14.36 52.30
N ALA R 275 -40.31 14.70 52.06
CA ALA R 275 -40.74 16.06 52.25
C ALA R 275 -40.77 16.40 53.73
N SER R 276 -40.63 17.69 54.03
CA SER R 276 -40.61 18.15 55.41
C SER R 276 -41.33 19.49 55.50
N ALA R 277 -41.79 19.80 56.71
CA ALA R 277 -42.53 21.04 56.91
C ALA R 277 -41.63 22.26 56.80
N SER R 278 -40.37 22.14 57.17
CA SER R 278 -39.48 23.29 57.25
C SER R 278 -38.91 23.72 55.90
N THR R 279 -39.20 22.99 54.83
CA THR R 279 -38.54 23.22 53.55
C THR R 279 -39.58 23.48 52.48
N ALA R 280 -39.45 24.59 51.78
CA ALA R 280 -40.27 24.85 50.62
C ALA R 280 -39.76 24.06 49.42
N VAL R 281 -40.64 23.85 48.44
CA VAL R 281 -40.30 23.10 47.24
C VAL R 281 -40.91 23.82 46.05
N THR R 282 -40.35 23.55 44.87
CA THR R 282 -40.86 24.18 43.65
C THR R 282 -42.23 23.68 43.26
N ARG R 283 -42.62 22.48 43.70
CA ARG R 283 -43.84 21.86 43.19
C ARG R 283 -44.25 20.74 44.12
N LEU R 284 -45.53 20.73 44.52
CA LEU R 284 -46.00 19.66 45.39
C LEU R 284 -46.30 18.40 44.61
N ASP R 285 -46.91 18.53 43.44
CA ASP R 285 -47.38 17.40 42.65
C ASP R 285 -46.45 17.21 41.46
N GLN R 286 -45.61 16.19 41.51
CA GLN R 286 -44.67 15.93 40.43
C GLN R 286 -45.28 15.13 39.29
N SER R 287 -46.54 14.71 39.42
CA SER R 287 -47.12 13.82 38.44
C SER R 287 -47.47 14.55 37.15
N TYR R 288 -47.34 13.83 36.03
CA TYR R 288 -47.94 14.27 34.80
C TYR R 288 -49.42 13.90 34.78
N HIS R 289 -50.13 14.40 33.77
CA HIS R 289 -51.52 14.06 33.65
C HIS R 289 -51.89 14.00 32.19
N PRO R 290 -52.44 12.88 31.72
CA PRO R 290 -52.83 12.79 30.31
C PRO R 290 -54.10 13.57 30.05
N VAL R 291 -54.15 14.19 28.87
CA VAL R 291 -55.27 15.06 28.50
C VAL R 291 -55.86 14.74 27.14
N THR R 292 -55.29 13.77 26.40
CA THR R 292 -55.82 13.39 25.11
C THR R 292 -55.73 11.89 24.94
N SER R 293 -56.62 11.35 24.11
CA SER R 293 -56.57 9.98 23.62
C SER R 293 -56.27 8.99 24.76
N PHE R 294 -57.22 8.92 25.68
CA PHE R 294 -57.02 8.16 26.89
C PHE R 294 -58.31 7.45 27.28
N ASP R 295 -58.15 6.27 27.89
CA ASP R 295 -59.30 5.49 28.33
C ASP R 295 -59.38 5.49 29.84
N PRO R 296 -60.39 6.12 30.44
CA PRO R 296 -60.58 5.99 31.89
C PRO R 296 -61.22 4.68 32.32
N SER R 297 -61.65 3.85 31.37
CA SER R 297 -62.43 2.67 31.68
C SER R 297 -61.61 1.39 31.81
N THR R 298 -60.33 1.42 31.48
CA THR R 298 -59.56 0.19 31.36
C THR R 298 -58.21 0.36 32.05
N PHE R 299 -57.64 -0.76 32.48
CA PHE R 299 -56.37 -0.75 33.19
C PHE R 299 -55.48 -1.89 32.73
N ASN R 300 -55.46 -2.15 31.43
CA ASN R 300 -54.65 -3.24 30.90
C ASN R 300 -53.48 -2.76 30.05
N THR R 301 -53.05 -1.51 30.25
CA THR R 301 -51.82 -1.03 29.66
C THR R 301 -51.11 -0.14 30.67
N LEU R 302 -49.79 -0.03 30.51
CA LEU R 302 -48.98 0.67 31.49
C LEU R 302 -49.47 2.09 31.71
N LEU R 303 -49.73 2.80 30.61
CA LEU R 303 -50.12 4.19 30.73
C LEU R 303 -51.37 4.35 31.59
N GLN R 304 -52.35 3.46 31.41
CA GLN R 304 -53.54 3.52 32.25
C GLN R 304 -53.19 3.32 33.71
N ARG R 305 -52.40 2.29 34.00
CA ARG R 305 -52.10 1.97 35.39
C ARG R 305 -51.31 3.10 36.04
N ALA R 306 -50.32 3.63 35.34
CA ALA R 306 -49.53 4.72 35.91
C ALA R 306 -50.41 5.91 36.24
N THR R 307 -51.34 6.24 35.34
CA THR R 307 -52.28 7.31 35.62
C THR R 307 -53.11 7.00 36.85
N ASN R 308 -53.58 5.76 36.95
CA ASN R 308 -54.40 5.37 38.09
C ASN R 308 -53.63 5.52 39.40
N LEU R 309 -52.34 5.24 39.38
CA LEU R 309 -51.52 5.44 40.58
C LEU R 309 -51.25 6.92 40.83
N ALA R 310 -51.00 7.67 39.76
CA ALA R 310 -50.67 9.08 39.92
C ALA R 310 -51.82 9.84 40.59
N LEU R 311 -53.05 9.54 40.19
CA LEU R 311 -54.20 10.19 40.80
C LEU R 311 -54.22 9.98 42.30
N LEU R 312 -53.68 8.86 42.77
CA LEU R 312 -53.61 8.60 44.19
C LEU R 312 -52.35 9.18 44.82
N ALA R 313 -51.24 9.21 44.09
CA ALA R 313 -49.99 9.67 44.67
C ALA R 313 -50.06 11.13 45.08
N VAL R 314 -50.84 11.94 44.36
CA VAL R 314 -50.91 13.37 44.65
C VAL R 314 -51.43 13.61 46.06
N GLN R 315 -52.18 12.68 46.62
CA GLN R 315 -52.69 12.85 47.97
C GLN R 315 -51.58 12.83 49.01
N GLY R 316 -50.37 12.44 48.64
CA GLY R 316 -49.27 12.39 49.57
C GLY R 316 -48.90 11.00 50.03
N VAL R 317 -49.08 10.00 49.19
CA VAL R 317 -48.82 8.62 49.61
C VAL R 317 -47.34 8.31 49.49
N GLN R 318 -46.90 7.28 50.20
CA GLN R 318 -45.52 6.84 50.20
C GLN R 318 -45.43 5.35 49.94
N SER R 319 -44.35 4.94 49.29
CA SER R 319 -44.11 3.53 49.04
C SER R 319 -43.48 2.87 50.26
N GLU R 320 -43.70 1.57 50.39
CA GLU R 320 -43.16 0.86 51.55
C GLU R 320 -41.65 0.76 51.50
N SER R 321 -41.05 0.83 50.32
CA SER R 321 -39.61 0.71 50.15
C SER R 321 -39.08 1.95 49.47
N ALA R 322 -37.89 2.38 49.88
CA ALA R 322 -37.28 3.57 49.32
C ALA R 322 -36.88 3.35 47.87
N ILE R 323 -36.93 4.42 47.09
CA ILE R 323 -36.55 4.37 45.69
C ILE R 323 -35.27 5.18 45.49
N PRO R 324 -34.36 4.73 44.64
CA PRO R 324 -33.04 5.37 44.58
C PRO R 324 -33.11 6.81 44.10
N ALA R 325 -32.16 7.61 44.56
CA ALA R 325 -32.05 8.98 44.07
C ALA R 325 -31.62 9.02 42.61
N ILE R 326 -30.79 8.07 42.19
CA ILE R 326 -30.36 7.99 40.80
C ILE R 326 -30.66 6.57 40.32
N PRO R 327 -31.88 6.29 39.91
CA PRO R 327 -32.26 4.92 39.57
C PRO R 327 -31.45 4.38 38.40
N THR R 328 -31.14 3.10 38.46
CA THR R 328 -30.52 2.39 37.35
C THR R 328 -31.59 1.63 36.57
N MET R 329 -31.17 1.06 35.43
CA MET R 329 -32.10 0.33 34.59
C MET R 329 -32.80 -0.77 35.37
N SER R 330 -32.06 -1.47 36.22
CA SER R 330 -32.66 -2.53 37.03
C SER R 330 -33.75 -1.98 37.94
N ASP R 331 -33.50 -0.83 38.55
CA ASP R 331 -34.47 -0.25 39.46
C ASP R 331 -35.78 0.04 38.75
N VAL R 332 -35.71 0.67 37.58
CA VAL R 332 -36.91 0.99 36.83
C VAL R 332 -37.65 -0.28 36.44
N ARG R 333 -36.91 -1.29 35.99
CA ARG R 333 -37.52 -2.54 35.58
C ARG R 333 -38.34 -3.13 36.72
N SER R 334 -37.78 -3.15 37.92
CA SER R 334 -38.52 -3.66 39.06
C SER R 334 -39.80 -2.87 39.29
N PHE R 335 -39.72 -1.55 39.13
CA PHE R 335 -40.90 -0.72 39.33
C PHE R 335 -41.98 -1.06 38.30
N VAL R 336 -41.60 -1.12 37.03
CA VAL R 336 -42.57 -1.42 35.98
C VAL R 336 -43.17 -2.80 36.20
N ALA R 337 -42.33 -3.78 36.53
CA ALA R 337 -42.80 -5.14 36.71
C ALA R 337 -43.89 -5.19 37.77
N ARG R 338 -43.66 -4.53 38.90
CA ARG R 338 -44.69 -4.47 39.93
C ARG R 338 -45.93 -3.76 39.43
N LEU R 339 -45.75 -2.67 38.71
CA LEU R 339 -46.90 -1.91 38.23
C LEU R 339 -47.76 -2.74 37.28
N MET R 340 -47.14 -3.64 36.53
CA MET R 340 -47.86 -4.47 35.59
C MET R 340 -48.35 -5.78 36.19
N ALA R 341 -48.12 -6.00 37.48
CA ALA R 341 -48.57 -7.22 38.11
C ALA R 341 -50.09 -7.25 38.20
N GLU R 342 -50.62 -8.46 38.36
CA GLU R 342 -52.06 -8.62 38.53
C GLU R 342 -52.50 -8.04 39.87
N GLY R 343 -53.63 -7.36 39.87
CA GLY R 343 -54.14 -6.77 41.09
C GLY R 343 -55.23 -5.77 40.77
N ASP R 344 -55.81 -5.25 41.83
CA ASP R 344 -56.88 -4.29 41.66
C ASP R 344 -56.35 -2.89 41.42
N PRO R 345 -57.01 -2.11 40.60
CA PRO R 345 -56.73 -0.67 40.55
C PRO R 345 -57.49 0.04 41.65
N GLN R 346 -56.86 1.04 42.24
CA GLN R 346 -57.56 1.85 43.23
C GLN R 346 -58.69 2.61 42.56
N GLN R 347 -59.78 2.80 43.29
CA GLN R 347 -60.91 3.56 42.77
C GLN R 347 -61.45 4.49 43.83
N TRP R 348 -60.56 5.05 44.65
CA TRP R 348 -61.00 6.07 45.59
C TRP R 348 -61.31 7.37 44.85
N PHE R 349 -60.44 7.77 43.92
CA PHE R 349 -60.59 9.02 43.19
C PHE R 349 -60.74 8.72 41.71
N PRO R 350 -61.81 9.15 41.07
CA PRO R 350 -61.96 8.89 39.64
C PRO R 350 -61.14 9.85 38.80
N TYR R 351 -60.72 9.36 37.63
CA TYR R 351 -60.01 10.21 36.68
C TYR R 351 -60.97 11.21 36.07
N ARG R 352 -60.49 12.45 35.93
CA ARG R 352 -61.25 13.48 35.22
C ARG R 352 -60.29 14.21 34.29
N VAL R 353 -60.82 14.61 33.13
CA VAL R 353 -59.96 14.84 31.97
C VAL R 353 -58.95 15.95 32.24
N ASP R 354 -59.41 17.08 32.78
CA ASP R 354 -58.49 18.18 33.07
C ASP R 354 -58.85 18.83 34.39
N GLN R 355 -59.13 18.01 35.40
CA GLN R 355 -59.24 18.49 36.77
C GLN R 355 -58.90 17.36 37.72
N ILE R 356 -58.20 17.70 38.79
CA ILE R 356 -57.68 16.70 39.72
C ILE R 356 -58.33 16.89 41.08
N LEU R 357 -58.75 15.79 41.69
CA LEU R 357 -59.45 15.80 42.95
C LEU R 357 -58.49 15.49 44.09
N TYR R 358 -58.63 16.24 45.18
CA TYR R 358 -57.76 16.06 46.34
C TYR R 358 -58.60 15.88 47.60
N TRP R 359 -58.07 15.10 48.53
CA TRP R 359 -58.74 14.86 49.80
C TRP R 359 -58.50 16.04 50.74
N PRO R 360 -59.55 16.66 51.27
CA PRO R 360 -59.33 17.81 52.15
C PRO R 360 -58.47 17.49 53.36
N GLU R 361 -58.52 16.26 53.86
CA GLU R 361 -57.69 15.91 55.01
C GLU R 361 -56.23 15.68 54.63
N SER R 362 -55.92 15.61 53.35
CA SER R 362 -54.54 15.40 52.95
C SER R 362 -53.69 16.61 53.31
N PRO R 363 -52.38 16.41 53.55
CA PRO R 363 -51.49 17.56 53.76
C PRO R 363 -51.33 18.42 52.52
N PHE R 364 -51.78 17.96 51.37
CA PHE R 364 -51.62 18.71 50.13
C PHE R 364 -52.36 20.04 50.21
N VAL R 365 -51.78 21.07 49.61
CA VAL R 365 -52.39 22.39 49.54
C VAL R 365 -52.55 22.75 48.07
N PRO R 366 -53.77 23.03 47.60
CA PRO R 366 -53.96 23.30 46.18
C PRO R 366 -53.37 24.65 45.80
N PRO R 367 -52.96 24.81 44.56
CA PRO R 367 -52.59 26.15 44.06
C PRO R 367 -53.82 26.97 43.74
N ILE R 368 -53.62 28.15 43.14
CA ILE R 368 -54.74 29.05 42.89
C ILE R 368 -55.55 28.65 41.66
N GLY R 369 -54.97 27.91 40.72
CA GLY R 369 -55.63 27.60 39.48
C GLY R 369 -56.88 26.75 39.66
N PRO R 370 -57.68 26.65 38.59
CA PRO R 370 -58.92 25.88 38.66
C PRO R 370 -58.75 24.38 38.43
N PHE R 371 -57.53 23.88 38.34
CA PHE R 371 -57.32 22.48 37.98
C PHE R 371 -57.50 21.51 39.14
N TYR R 372 -57.70 22.01 40.36
CA TYR R 372 -57.81 21.16 41.52
C TYR R 372 -59.12 21.43 42.24
N ALA R 373 -59.65 20.39 42.89
CA ALA R 373 -60.92 20.49 43.58
C ALA R 373 -60.97 19.46 44.70
N PRO R 374 -61.52 19.81 45.86
CA PRO R 374 -61.60 18.85 46.96
C PRO R 374 -62.61 17.76 46.66
N PHE R 375 -62.40 16.60 47.27
CA PHE R 375 -63.28 15.46 47.07
C PHE R 375 -63.29 14.57 48.30
N ARG R 376 -64.38 13.85 48.50
CA ARG R 376 -64.61 13.03 49.69
C ARG R 376 -64.81 11.57 49.30
N PRO R 377 -63.76 10.76 49.34
CA PRO R 377 -63.95 9.32 49.22
C PRO R 377 -64.70 8.78 50.43
N VAL R 378 -65.37 7.64 50.22
CA VAL R 378 -66.25 7.14 51.26
C VAL R 378 -65.49 6.37 52.34
N ASN R 379 -64.44 5.66 51.98
CA ASN R 379 -63.80 4.74 52.92
C ASN R 379 -62.28 4.82 52.81
N PHE R 380 -61.76 6.03 52.78
CA PHE R 380 -60.31 6.20 52.65
C PHE R 380 -59.60 5.76 53.92
N PRO R 381 -58.61 4.87 53.84
CA PRO R 381 -58.00 4.32 55.05
C PRO R 381 -56.76 5.04 55.56
N PHE R 382 -56.24 6.03 54.84
CA PHE R 382 -54.96 6.62 55.19
C PHE R 382 -55.11 7.71 56.24
N THR R 383 -53.98 8.10 56.81
CA THR R 383 -53.92 9.20 57.77
C THR R 383 -52.65 9.99 57.52
N THR R 384 -52.66 11.25 57.94
CA THR R 384 -51.47 12.08 57.84
C THR R 384 -50.42 11.59 58.83
N GLY R 385 -49.15 11.71 58.44
CA GLY R 385 -48.08 11.32 59.32
C GLY R 385 -46.80 10.97 58.59
N SER R 386 -45.66 11.17 59.23
CA SER R 386 -44.39 10.85 58.63
C SER R 386 -44.03 9.39 58.86
N TYR R 387 -43.13 8.87 58.02
CA TYR R 387 -42.70 7.49 58.12
C TYR R 387 -41.26 7.40 57.65
N THR R 388 -40.39 6.86 58.50
CA THR R 388 -38.99 6.68 58.15
C THR R 388 -38.76 5.26 57.67
N VAL R 389 -37.61 5.06 57.00
CA VAL R 389 -37.26 3.79 56.40
C VAL R 389 -36.05 3.22 57.13
N VAL R 390 -36.08 1.93 57.40
CA VAL R 390 -35.03 1.25 58.15
C VAL R 390 -34.11 0.52 57.18
N PRO R 391 -32.80 0.55 57.40
CA PRO R 391 -31.89 -0.21 56.54
C PRO R 391 -32.13 -1.71 56.63
N ASP R 392 -31.73 -2.41 55.58
CA ASP R 392 -31.94 -3.84 55.50
C ASP R 392 -31.09 -4.58 56.52
N ALA R 393 -31.49 -5.82 56.80
CA ALA R 393 -30.86 -6.65 57.82
C ALA R 393 -30.03 -7.74 57.17
N SER R 394 -28.84 -7.97 57.72
CA SER R 394 -27.95 -9.02 57.23
C SER R 394 -28.28 -10.38 57.80
N ARG R 395 -29.27 -10.49 58.69
CA ARG R 395 -29.58 -11.73 59.37
C ARG R 395 -31.07 -12.00 59.25
N PRO R 396 -31.47 -13.27 59.15
CA PRO R 396 -32.89 -13.60 59.29
C PRO R 396 -33.39 -13.19 60.66
N LEU R 397 -34.58 -12.62 60.70
CA LEU R 397 -35.12 -12.06 61.92
C LEU R 397 -35.86 -13.11 62.74
N ARG R 398 -35.99 -12.86 64.03
CA ARG R 398 -36.74 -13.70 64.94
C ARG R 398 -37.85 -12.88 65.59
N LEU R 399 -39.01 -13.49 65.77
CA LEU R 399 -40.13 -12.82 66.40
C LEU R 399 -40.63 -13.65 67.57
N LEU R 400 -41.36 -12.99 68.46
CA LEU R 400 -41.95 -13.63 69.62
C LEU R 400 -43.47 -13.52 69.52
N PRO R 401 -44.19 -14.64 69.57
CA PRO R 401 -45.64 -14.58 69.32
C PRO R 401 -46.38 -13.73 70.33
N GLN R 402 -47.38 -13.00 69.84
CA GLN R 402 -48.32 -12.25 70.65
C GLN R 402 -49.67 -12.37 69.99
N TYR R 403 -50.70 -12.67 70.78
CA TYR R 403 -51.96 -13.16 70.24
C TYR R 403 -53.08 -12.12 70.39
N ARG R 404 -54.01 -12.16 69.44
CA ARG R 404 -55.26 -11.45 69.54
C ARG R 404 -56.29 -12.34 70.26
N ASN R 405 -57.50 -11.82 70.41
CA ASN R 405 -58.56 -12.61 71.00
C ASN R 405 -59.20 -13.59 70.02
N ALA R 406 -58.90 -13.46 68.73
CA ALA R 406 -59.49 -14.35 67.73
C ALA R 406 -58.78 -15.69 67.72
N THR R 407 -59.53 -16.73 67.39
CA THR R 407 -59.00 -18.08 67.30
C THR R 407 -59.65 -18.81 66.15
N ILE R 408 -59.02 -19.89 65.73
CA ILE R 408 -59.40 -20.60 64.51
C ILE R 408 -59.40 -22.10 64.77
N THR R 409 -60.36 -22.79 64.16
CA THR R 409 -60.46 -24.24 64.29
C THR R 409 -59.25 -24.92 63.66
N VAL R 410 -59.00 -26.16 64.09
CA VAL R 410 -57.81 -26.89 63.67
C VAL R 410 -57.84 -27.13 62.17
N GLN R 411 -59.00 -27.55 61.64
CA GLN R 411 -59.07 -27.90 60.23
C GLN R 411 -58.71 -26.70 59.35
N GLN R 412 -59.27 -25.53 59.67
CA GLN R 412 -58.90 -24.34 58.93
C GLN R 412 -57.41 -24.07 59.03
N ALA R 413 -56.83 -24.25 60.22
CA ALA R 413 -55.40 -24.05 60.38
C ALA R 413 -54.62 -25.00 59.48
N ASP R 414 -55.04 -26.26 59.44
CA ASP R 414 -54.30 -27.24 58.64
C ASP R 414 -54.41 -26.94 57.15
N ASP R 415 -55.63 -26.75 56.65
CA ASP R 415 -55.78 -26.52 55.22
C ASP R 415 -55.15 -25.21 54.80
N ALA R 416 -55.16 -24.21 55.68
CA ALA R 416 -54.42 -22.99 55.39
C ALA R 416 -52.93 -23.24 55.35
N TYR R 417 -52.45 -24.25 56.09
CA TYR R 417 -51.03 -24.55 56.10
C TYR R 417 -50.63 -25.36 54.87
N GLU R 418 -51.41 -26.37 54.52
CA GLU R 418 -51.01 -27.35 53.52
C GLU R 418 -50.88 -26.76 52.12
N ASP R 419 -51.44 -25.58 51.86
CA ASP R 419 -51.33 -24.95 50.56
C ASP R 419 -50.42 -23.74 50.57
N THR R 420 -49.75 -23.47 51.69
CA THR R 420 -48.77 -22.41 51.77
C THR R 420 -47.42 -22.88 52.25
N ALA R 421 -47.30 -24.16 52.60
CA ALA R 421 -46.08 -24.68 53.18
C ALA R 421 -45.17 -25.26 52.10
N LEU R 422 -43.87 -25.21 52.37
CA LEU R 422 -42.88 -25.92 51.55
C LEU R 422 -42.76 -27.35 52.09
N SER R 423 -43.80 -28.13 51.82
CA SER R 423 -43.99 -29.39 52.53
C SER R 423 -42.81 -30.35 52.40
N PRO R 424 -42.32 -30.67 51.20
CA PRO R 424 -41.02 -31.34 51.12
C PRO R 424 -39.91 -30.30 51.03
N LEU R 425 -38.88 -30.49 51.84
CA LEU R 425 -37.88 -29.46 52.02
C LEU R 425 -36.49 -30.06 52.09
N ILE R 426 -35.51 -29.26 51.68
CA ILE R 426 -34.10 -29.64 51.75
C ILE R 426 -33.47 -28.90 52.91
N THR R 427 -32.78 -29.63 53.80
CA THR R 427 -32.24 -29.05 55.01
C THR R 427 -30.80 -29.50 55.18
N THR R 428 -30.12 -28.88 56.14
CA THR R 428 -28.78 -29.26 56.54
C THR R 428 -28.76 -29.55 58.03
N HIS R 429 -27.93 -30.52 58.42
CA HIS R 429 -27.89 -30.92 59.82
C HIS R 429 -27.03 -29.99 60.65
N GLY R 430 -25.87 -29.59 60.14
CA GLY R 430 -24.88 -28.97 60.98
C GLY R 430 -24.20 -30.02 61.83
N PHE R 431 -23.64 -29.58 62.96
CA PHE R 431 -22.96 -30.48 63.88
C PHE R 431 -23.65 -30.44 65.23
N CYS R 432 -23.98 -31.62 65.76
CA CYS R 432 -24.64 -31.70 67.04
C CYS R 432 -23.66 -31.61 68.20
N VAL R 433 -22.52 -32.28 68.09
CA VAL R 433 -21.49 -32.27 69.12
C VAL R 433 -20.35 -31.40 68.66
N THR R 434 -20.08 -30.32 69.39
CA THR R 434 -19.04 -29.38 69.00
C THR R 434 -17.65 -29.83 69.43
N GLY R 435 -17.54 -30.63 70.48
CA GLY R 435 -16.25 -31.09 70.94
C GLY R 435 -16.29 -31.48 72.41
N GLY R 436 -15.11 -31.72 72.95
CA GLY R 436 -14.98 -32.13 74.33
C GLY R 436 -15.26 -33.61 74.51
N VAL R 437 -15.08 -34.07 75.75
CA VAL R 437 -15.30 -35.46 76.10
C VAL R 437 -15.94 -35.53 77.47
N SER R 438 -16.76 -36.55 77.67
CA SER R 438 -17.17 -36.99 79.01
C SER R 438 -16.41 -38.27 79.30
N THR R 439 -15.46 -38.19 80.21
CA THR R 439 -14.59 -39.31 80.50
C THR R 439 -14.79 -39.78 81.93
N SER R 440 -14.71 -41.09 82.14
CA SER R 440 -14.88 -41.69 83.45
C SER R 440 -13.85 -42.78 83.64
N ILE R 441 -13.40 -42.94 84.89
CA ILE R 441 -12.35 -43.88 85.23
C ILE R 441 -12.82 -44.75 86.37
N TYR R 442 -12.51 -46.05 86.30
CA TYR R 442 -12.93 -47.00 87.32
C TYR R 442 -11.72 -47.82 87.74
N ASP R 443 -11.30 -47.66 89.00
CA ASP R 443 -10.31 -48.56 89.55
C ASP R 443 -10.98 -49.88 89.88
N ILE R 444 -10.39 -50.97 89.40
CA ILE R 444 -10.94 -52.30 89.59
C ILE R 444 -10.25 -53.04 90.74
N SER R 445 -8.92 -52.97 90.78
CA SER R 445 -8.20 -53.68 91.84
C SER R 445 -8.52 -53.11 93.21
N GLY R 446 -8.91 -51.83 93.28
CA GLY R 446 -9.20 -51.23 94.56
C GLY R 446 -10.38 -51.87 95.27
N ASP R 447 -11.36 -52.36 94.52
CA ASP R 447 -12.54 -52.98 95.10
C ASP R 447 -12.19 -54.39 95.57
N PRO R 448 -12.33 -54.70 96.86
CA PRO R 448 -12.06 -56.06 97.33
C PRO R 448 -13.21 -57.02 97.15
N THR R 449 -14.39 -56.54 96.77
CA THR R 449 -15.58 -57.38 96.72
C THR R 449 -15.50 -58.31 95.52
N ALA R 450 -15.04 -59.53 95.76
CA ALA R 450 -14.94 -60.51 94.68
C ALA R 450 -16.30 -60.78 94.06
N TYR R 451 -16.34 -60.83 92.74
CA TYR R 451 -17.58 -61.00 92.01
C TYR R 451 -17.36 -62.00 90.88
N PRO R 452 -18.15 -63.07 90.80
CA PRO R 452 -17.90 -64.11 89.80
C PRO R 452 -18.11 -63.57 88.40
N PRO R 453 -17.18 -63.87 87.48
CA PRO R 453 -17.30 -63.30 86.12
C PRO R 453 -18.53 -63.75 85.37
N ALA R 454 -19.01 -64.97 85.63
CA ALA R 454 -20.17 -65.47 84.90
C ALA R 454 -21.41 -64.63 85.14
N GLN R 455 -21.47 -63.89 86.24
CA GLN R 455 -22.62 -63.08 86.57
C GLN R 455 -22.51 -61.66 86.05
N LEU R 456 -21.49 -61.37 85.25
CA LEU R 456 -21.36 -60.03 84.69
C LEU R 456 -22.47 -59.77 83.67
N VAL R 457 -22.90 -58.51 83.60
CA VAL R 457 -23.83 -58.11 82.56
C VAL R 457 -23.14 -58.24 81.21
N ASP R 458 -23.93 -58.52 80.17
CA ASP R 458 -23.39 -58.74 78.84
C ASP R 458 -23.98 -57.72 77.87
N THR R 459 -23.52 -57.81 76.63
CA THR R 459 -23.97 -56.86 75.62
C THR R 459 -25.46 -57.00 75.38
N PRO R 460 -26.17 -55.89 75.17
CA PRO R 460 -27.60 -55.97 74.90
C PRO R 460 -27.89 -56.77 73.64
N ASN R 461 -29.03 -57.45 73.64
CA ASN R 461 -29.35 -58.37 72.55
C ASN R 461 -29.48 -57.63 71.23
N ASP R 462 -30.05 -56.44 71.25
CA ASP R 462 -30.28 -55.68 70.03
C ASP R 462 -29.08 -54.86 69.60
N TYR R 463 -27.95 -55.01 70.30
CA TYR R 463 -26.85 -54.07 70.10
C TYR R 463 -26.37 -54.02 68.66
N PHE R 464 -26.49 -55.13 67.94
CA PHE R 464 -26.05 -55.18 66.55
C PHE R 464 -27.21 -55.20 65.57
N ASP R 465 -28.39 -54.77 66.00
CA ASP R 465 -29.48 -54.57 65.06
C ASP R 465 -29.14 -53.42 64.12
N ARG R 466 -29.67 -53.51 62.90
CA ARG R 466 -29.37 -52.51 61.88
C ARG R 466 -29.68 -51.10 62.37
N GLU R 467 -30.85 -50.92 62.99
CA GLU R 467 -31.29 -49.58 63.36
C GLU R 467 -30.33 -48.96 64.37
N ARG R 468 -29.99 -49.69 65.42
CA ARG R 468 -29.05 -49.14 66.39
C ARG R 468 -27.70 -48.88 65.75
N MET R 469 -27.26 -49.79 64.89
CA MET R 469 -26.01 -49.56 64.16
C MET R 469 -26.11 -48.31 63.30
N ALA R 470 -27.22 -48.14 62.61
CA ALA R 470 -27.39 -46.97 61.75
C ALA R 470 -27.31 -45.69 62.57
N ARG R 471 -28.05 -45.62 63.67
CA ARG R 471 -28.01 -44.43 64.52
C ARG R 471 -26.61 -44.23 65.06
N ARG R 472 -25.94 -45.32 65.41
CA ARG R 472 -24.57 -45.23 65.90
C ARG R 472 -23.67 -44.56 64.88
N ASP R 473 -23.79 -44.96 63.61
CA ASP R 473 -23.02 -44.30 62.57
C ASP R 473 -23.49 -42.86 62.37
N LEU R 474 -24.80 -42.64 62.41
CA LEU R 474 -25.32 -41.29 62.22
C LEU R 474 -24.74 -40.34 63.25
N PHE R 475 -24.63 -40.80 64.50
CA PHE R 475 -24.02 -39.98 65.53
C PHE R 475 -22.57 -39.67 65.19
N ARG R 476 -21.86 -40.65 64.63
CA ARG R 476 -20.46 -40.45 64.30
C ARG R 476 -20.28 -39.28 63.35
N ARG R 477 -21.19 -39.14 62.38
CA ARG R 477 -21.10 -38.03 61.45
C ARG R 477 -21.36 -36.70 62.13
N LEU R 478 -22.29 -36.67 63.09
CA LEU R 478 -22.79 -35.41 63.61
C LEU R 478 -21.76 -34.69 64.48
N ARG R 479 -20.75 -35.38 64.97
CA ARG R 479 -19.73 -34.71 65.74
C ARG R 479 -18.93 -33.78 64.84
N ALA R 480 -18.53 -32.63 65.39
CA ALA R 480 -17.73 -31.69 64.62
C ALA R 480 -16.43 -32.35 64.20
N PRO R 481 -15.93 -32.03 63.01
CA PRO R 481 -14.75 -32.74 62.48
C PRO R 481 -13.50 -32.38 63.26
N ALA R 482 -12.74 -33.39 63.63
CA ALA R 482 -11.47 -33.25 64.33
C ALA R 482 -10.78 -34.61 64.31
N ASP R 483 -9.62 -34.69 64.96
CA ASP R 483 -8.90 -35.94 65.08
C ASP R 483 -9.42 -36.69 66.30
N ARG R 484 -10.20 -37.74 66.05
CA ARG R 484 -10.79 -38.51 67.15
C ARG R 484 -9.70 -39.15 68.01
N SER R 485 -8.70 -39.75 67.37
CA SER R 485 -7.67 -40.47 68.12
C SER R 485 -6.85 -39.52 68.97
N ALA R 486 -6.55 -38.32 68.45
CA ALA R 486 -5.74 -37.37 69.18
C ALA R 486 -6.36 -37.06 70.53
N ILE R 487 -7.65 -36.71 70.54
CA ILE R 487 -8.33 -36.44 71.79
C ILE R 487 -8.38 -37.68 72.65
N LYS R 488 -8.69 -38.83 72.05
CA LYS R 488 -8.82 -40.07 72.80
C LYS R 488 -7.49 -40.43 73.48
N ASP R 489 -6.39 -40.36 72.72
CA ASP R 489 -5.09 -40.68 73.30
C ASP R 489 -4.72 -39.70 74.39
N ARG R 490 -4.96 -38.41 74.15
CA ARG R 490 -4.59 -37.39 75.12
C ARG R 490 -5.26 -37.66 76.46
N ALA R 491 -6.53 -38.08 76.44
CA ALA R 491 -7.22 -38.37 77.68
C ALA R 491 -6.54 -39.50 78.44
N VAL R 492 -6.13 -40.55 77.73
CA VAL R 492 -5.52 -41.70 78.38
C VAL R 492 -4.19 -41.31 79.00
N PHE R 493 -3.34 -40.63 78.22
CA PHE R 493 -2.02 -40.28 78.73
C PHE R 493 -2.10 -39.30 79.88
N ASP R 494 -3.15 -38.48 79.93
CA ASP R 494 -3.36 -37.64 81.11
C ASP R 494 -3.50 -38.49 82.36
N PHE R 495 -4.22 -39.61 82.25
CA PHE R 495 -4.33 -40.52 83.37
C PHE R 495 -2.99 -41.17 83.69
N LEU R 496 -2.26 -41.60 82.66
CA LEU R 496 -1.01 -42.31 82.88
C LEU R 496 0.00 -41.44 83.61
N ALA R 497 0.04 -40.15 83.26
CA ALA R 497 0.99 -39.25 83.90
C ALA R 497 0.75 -39.18 85.41
N SER R 498 -0.48 -39.43 85.84
CA SER R 498 -0.81 -39.42 87.26
C SER R 498 -0.69 -40.78 87.91
N LEU R 499 -0.44 -41.84 87.14
CA LEU R 499 -0.41 -43.17 87.71
C LEU R 499 0.79 -43.35 88.62
N VAL R 500 0.54 -43.83 89.83
CA VAL R 500 1.57 -43.95 90.86
C VAL R 500 1.42 -45.32 91.52
N ASN R 501 2.54 -45.98 91.77
CA ASN R 501 2.50 -47.31 92.35
C ASN R 501 1.95 -47.24 93.78
N PRO R 502 1.15 -48.22 94.19
CA PRO R 502 0.51 -48.14 95.50
C PRO R 502 1.45 -48.46 96.66
N THR R 503 2.43 -49.32 96.40
CA THR R 503 3.27 -49.81 97.48
C THR R 503 4.26 -48.76 97.98
N THR R 504 4.85 -47.99 97.07
CA THR R 504 5.89 -47.04 97.43
C THR R 504 5.55 -45.60 97.02
N ALA R 505 4.36 -45.37 96.48
CA ALA R 505 3.86 -44.02 96.22
C ALA R 505 4.83 -43.22 95.35
N ASN R 506 5.37 -43.84 94.31
CA ASN R 506 6.16 -43.13 93.33
C ASN R 506 5.58 -43.38 91.94
N PRO R 507 5.72 -42.43 91.02
CA PRO R 507 5.08 -42.59 89.71
C PRO R 507 5.59 -43.82 88.99
N VAL R 508 4.66 -44.51 88.32
CA VAL R 508 5.02 -45.73 87.61
C VAL R 508 5.96 -45.43 86.46
N LEU R 509 5.68 -44.36 85.71
CA LEU R 509 6.55 -43.98 84.62
C LEU R 509 7.75 -43.18 85.14
N ASP R 510 8.73 -43.00 84.28
CA ASP R 510 9.95 -42.30 84.64
C ASP R 510 10.55 -41.69 83.38
N THR R 511 11.39 -40.68 83.57
CA THR R 511 12.12 -40.10 82.44
C THR R 511 12.94 -41.19 81.74
N SER R 512 13.10 -41.02 80.44
CA SER R 512 13.84 -41.93 79.57
C SER R 512 13.21 -43.31 79.48
N PHE R 513 11.94 -43.46 79.84
CA PHE R 513 11.32 -44.77 79.76
C PHE R 513 11.17 -45.20 78.31
N SER R 514 11.21 -46.50 78.10
CA SER R 514 11.12 -47.07 76.75
C SER R 514 9.66 -47.35 76.44
N MET R 515 9.22 -46.90 75.26
CA MET R 515 7.82 -47.00 74.86
C MET R 515 7.71 -47.61 73.49
N ALA R 516 6.69 -48.45 73.32
CA ALA R 516 6.31 -48.99 72.01
C ALA R 516 4.86 -48.63 71.76
N TYR R 517 4.62 -47.77 70.77
CA TYR R 517 3.25 -47.51 70.37
C TYR R 517 2.74 -48.71 69.61
N LEU R 518 2.45 -49.79 70.34
CA LEU R 518 2.05 -51.03 69.71
C LEU R 518 0.79 -50.86 68.89
N GLY R 519 -0.06 -49.91 69.27
CA GLY R 519 -1.22 -49.58 68.49
C GLY R 519 -0.82 -49.22 67.06
N ALA R 520 -1.75 -49.37 66.14
CA ALA R 520 -1.43 -49.19 64.73
C ALA R 520 -1.20 -47.72 64.45
N SER R 521 0.08 -47.32 64.42
CA SER R 521 0.44 -46.05 63.81
C SER R 521 -0.02 -46.07 62.37
N SER R 522 -0.87 -45.12 61.99
CA SER R 522 -1.64 -45.30 60.76
C SER R 522 -1.63 -44.07 59.88
N ALA R 523 -0.61 -43.23 59.97
CA ALA R 523 -0.52 -42.01 59.17
C ALA R 523 -1.83 -41.22 59.24
N HIS R 524 -2.24 -40.93 60.46
CA HIS R 524 -3.54 -40.32 60.70
C HIS R 524 -3.63 -38.96 60.05
N ALA R 525 -4.71 -38.73 59.30
CA ALA R 525 -5.00 -37.44 58.68
C ALA R 525 -3.82 -36.92 57.87
N ASN R 526 -3.32 -35.74 58.25
CA ASN R 526 -2.25 -35.09 57.51
C ASN R 526 -0.86 -35.59 57.88
N ALA R 527 -0.73 -36.31 58.98
CA ALA R 527 0.58 -36.76 59.46
C ALA R 527 0.84 -38.19 59.05
N ASP R 528 2.11 -38.60 59.20
CA ASP R 528 2.52 -39.97 58.93
C ASP R 528 2.53 -40.84 60.17
N GLU R 529 2.31 -40.26 61.34
CA GLU R 529 2.29 -41.00 62.60
C GLU R 529 1.23 -40.36 63.49
N PRO R 530 0.74 -41.08 64.49
CA PRO R 530 -0.25 -40.49 65.39
C PRO R 530 0.30 -39.21 66.00
N VAL R 531 -0.54 -38.16 65.98
CA VAL R 531 -0.07 -36.82 66.31
C VAL R 531 0.35 -36.74 67.76
N ILE R 532 -0.20 -37.60 68.63
CA ILE R 532 0.11 -37.54 70.05
C ILE R 532 1.60 -37.69 70.31
N LEU R 533 2.32 -38.33 69.38
CA LEU R 533 3.75 -38.54 69.58
C LEU R 533 4.49 -37.21 69.66
N ALA R 534 4.07 -36.23 68.86
CA ALA R 534 4.72 -34.93 68.89
C ALA R 534 4.63 -34.31 70.28
N ASP R 535 3.45 -34.38 70.90
CA ASP R 535 3.31 -33.89 72.27
C ASP R 535 4.19 -34.68 73.22
N ILE R 536 4.26 -35.99 73.03
CA ILE R 536 5.03 -36.83 73.94
C ILE R 536 6.51 -36.52 73.83
N ARG R 537 7.03 -36.43 72.61
CA ARG R 537 8.45 -36.14 72.44
C ARG R 537 8.80 -34.76 72.97
N SER R 538 7.86 -33.82 72.92
CA SER R 538 8.11 -32.45 73.33
C SER R 538 7.81 -32.20 74.79
N GLY R 539 7.29 -33.19 75.51
CA GLY R 539 6.88 -32.95 76.87
C GLY R 539 5.69 -32.04 77.00
N SER R 540 4.87 -31.94 75.96
CA SER R 540 3.72 -31.05 75.99
C SER R 540 2.73 -31.44 77.06
N ILE R 541 2.58 -32.73 77.32
CA ILE R 541 1.62 -33.21 78.31
C ILE R 541 2.14 -32.93 79.70
N PRO R 542 1.42 -32.18 80.52
CA PRO R 542 1.92 -31.86 81.86
C PRO R 542 2.03 -33.11 82.72
N GLY R 543 3.11 -33.17 83.50
CA GLY R 543 3.33 -34.27 84.42
C GLY R 543 3.82 -35.54 83.77
N LEU R 544 3.94 -35.58 82.47
CA LEU R 544 4.38 -36.79 81.79
C LEU R 544 5.87 -36.71 81.49
N PRO R 545 6.66 -37.68 81.93
CA PRO R 545 8.10 -37.65 81.66
C PRO R 545 8.38 -37.91 80.18
N ILE R 546 9.60 -37.58 79.79
CA ILE R 546 10.04 -37.74 78.40
C ILE R 546 10.51 -39.18 78.20
N PRO R 547 10.00 -39.91 77.22
CA PRO R 547 10.54 -41.23 76.91
C PRO R 547 11.89 -41.12 76.23
N ARG R 548 12.69 -42.16 76.39
CA ARG R 548 13.99 -42.21 75.72
C ARG R 548 13.82 -42.47 74.23
N ARG R 549 12.92 -43.38 73.86
CA ARG R 549 12.67 -43.69 72.46
C ARG R 549 11.28 -44.30 72.33
N ILE R 550 10.73 -44.18 71.12
CA ILE R 550 9.40 -44.68 70.82
C ILE R 550 9.48 -45.54 69.57
N VAL R 551 8.84 -46.71 69.62
CA VAL R 551 8.81 -47.64 68.49
C VAL R 551 7.36 -47.89 68.12
N GLN R 552 7.13 -48.16 66.84
CA GLN R 552 5.78 -48.26 66.31
C GLN R 552 5.60 -49.60 65.62
N PHE R 553 4.38 -50.11 65.68
CA PHE R 553 4.05 -51.41 65.11
C PHE R 553 2.60 -51.42 64.66
N GLY R 554 2.26 -52.39 63.83
CA GLY R 554 0.92 -52.58 63.33
C GLY R 554 0.92 -52.89 61.86
N TYR R 555 -0.24 -52.68 61.24
CA TYR R 555 -0.40 -52.93 59.81
C TYR R 555 -0.12 -51.69 58.96
N ASP R 556 -0.44 -50.50 59.48
CA ASP R 556 -0.38 -49.28 58.69
C ASP R 556 0.82 -48.41 59.04
N VAL R 557 1.88 -49.01 59.57
CA VAL R 557 3.03 -48.23 60.00
C VAL R 557 3.81 -47.72 58.79
N VAL R 558 4.58 -46.68 59.01
CA VAL R 558 5.59 -46.25 58.04
C VAL R 558 6.94 -46.17 58.76
N HIS R 559 6.98 -45.48 59.89
CA HIS R 559 8.21 -45.36 60.67
C HIS R 559 8.31 -46.45 61.72
N GLY R 560 8.27 -47.71 61.27
CA GLY R 560 8.35 -48.83 62.17
C GLY R 560 8.42 -50.15 61.43
N SER R 561 7.68 -51.15 61.90
CA SER R 561 7.71 -52.47 61.30
C SER R 561 6.31 -53.05 61.25
N LEU R 562 6.08 -53.91 60.27
CA LEU R 562 4.79 -54.56 60.09
C LEU R 562 4.81 -55.93 60.72
N LEU R 563 3.70 -56.28 61.39
CA LEU R 563 3.55 -57.61 61.96
C LEU R 563 2.12 -57.77 62.45
N ASP R 564 1.73 -59.03 62.66
CA ASP R 564 0.43 -59.36 63.22
C ASP R 564 0.59 -59.56 64.71
N LEU R 565 -0.25 -58.88 65.49
CA LEU R 565 -0.18 -58.97 66.94
C LEU R 565 -0.88 -60.20 67.49
N SER R 566 -1.49 -61.01 66.63
CA SER R 566 -2.19 -62.20 67.09
C SER R 566 -1.25 -63.37 67.37
N ARG R 567 -0.01 -63.32 66.89
CA ARG R 567 0.94 -64.40 67.06
C ARG R 567 2.10 -63.97 67.93
N ALA R 568 3.05 -64.89 68.11
CA ALA R 568 4.30 -64.56 68.77
C ALA R 568 5.07 -63.56 67.91
N VAL R 569 5.84 -62.71 68.57
CA VAL R 569 6.53 -61.63 67.87
C VAL R 569 8.01 -61.64 68.20
N PRO R 570 8.88 -61.42 67.23
CA PRO R 570 10.34 -61.32 67.49
C PRO R 570 10.75 -59.89 67.85
N THR R 571 10.50 -59.51 69.10
CA THR R 571 10.74 -58.15 69.54
C THR R 571 11.49 -58.16 70.87
N GLY R 572 11.96 -56.98 71.25
CA GLY R 572 12.48 -56.79 72.59
C GLY R 572 11.35 -56.56 73.57
N THR R 573 11.51 -55.63 74.49
CA THR R 573 10.46 -55.31 75.44
C THR R 573 10.62 -53.88 75.90
N PHE R 574 9.56 -53.34 76.48
CA PHE R 574 9.48 -51.91 76.73
C PHE R 574 8.84 -51.65 78.08
N GLY R 575 9.12 -50.47 78.63
CA GLY R 575 8.48 -50.06 79.87
C GLY R 575 7.00 -49.81 79.69
N LEU R 576 6.63 -49.17 78.58
CA LEU R 576 5.24 -48.88 78.28
C LEU R 576 4.88 -49.49 76.93
N VAL R 577 3.76 -50.21 76.90
CA VAL R 577 3.19 -50.73 75.66
C VAL R 577 1.81 -50.13 75.52
N TYR R 578 1.64 -49.29 74.50
CA TYR R 578 0.37 -48.63 74.23
C TYR R 578 -0.27 -49.35 73.05
N ALA R 579 -1.22 -50.24 73.36
CA ALA R 579 -1.81 -51.11 72.35
C ALA R 579 -3.18 -50.55 71.94
N ASP R 580 -3.14 -49.58 71.03
CA ASP R 580 -4.35 -49.03 70.43
C ASP R 580 -4.64 -49.83 69.16
N LEU R 581 -5.21 -51.01 69.35
CA LEU R 581 -5.56 -51.89 68.25
C LEU R 581 -7.08 -52.04 68.17
N ASP R 582 -7.59 -51.96 66.95
CA ASP R 582 -8.98 -52.31 66.72
C ASP R 582 -9.11 -53.83 66.62
N GLN R 583 -10.30 -54.32 66.94
CA GLN R 583 -10.66 -55.70 66.69
C GLN R 583 -11.69 -55.86 65.59
N VAL R 584 -12.44 -54.81 65.28
CA VAL R 584 -13.58 -54.92 64.38
C VAL R 584 -13.16 -55.12 62.93
N GLU R 585 -11.92 -54.78 62.59
CA GLU R 585 -11.51 -54.75 61.18
C GLU R 585 -11.59 -56.12 60.52
N ASP R 586 -11.69 -57.21 61.29
CA ASP R 586 -11.89 -58.52 60.71
C ASP R 586 -13.04 -59.28 61.39
N ALA R 587 -13.85 -58.58 62.18
CA ALA R 587 -15.01 -59.20 62.81
C ALA R 587 -16.07 -58.12 62.98
N GLY R 588 -17.01 -58.06 62.05
CA GLY R 588 -18.04 -57.04 62.12
C GLY R 588 -18.97 -57.24 63.31
N THR R 589 -19.54 -58.44 63.44
CA THR R 589 -20.39 -58.76 64.57
C THR R 589 -20.12 -60.14 65.13
N ASP R 590 -19.11 -60.85 64.62
CA ASP R 590 -18.81 -62.20 65.06
C ASP R 590 -18.10 -62.13 66.41
N MET R 591 -18.89 -62.13 67.48
CA MET R 591 -18.34 -61.93 68.81
C MET R 591 -17.27 -62.95 69.19
N PRO R 592 -17.47 -64.25 69.03
CA PRO R 592 -16.39 -65.18 69.43
C PRO R 592 -15.10 -64.93 68.69
N ALA R 593 -15.17 -64.56 67.41
CA ALA R 593 -13.96 -64.20 66.68
C ALA R 593 -13.33 -62.96 67.28
N ALA R 594 -14.14 -61.95 67.60
CA ALA R 594 -13.61 -60.76 68.23
C ALA R 594 -12.99 -61.07 69.59
N ASN R 595 -13.62 -61.96 70.34
CA ASN R 595 -13.09 -62.32 71.66
C ASN R 595 -11.71 -62.96 71.53
N ARG R 596 -11.54 -63.86 70.58
CA ARG R 596 -10.24 -64.50 70.40
C ARG R 596 -9.18 -63.47 70.04
N ALA R 597 -9.51 -62.55 69.14
CA ALA R 597 -8.56 -61.52 68.76
C ALA R 597 -8.17 -60.66 69.96
N ALA R 598 -9.16 -60.25 70.74
CA ALA R 598 -8.87 -59.41 71.91
C ALA R 598 -7.99 -60.15 72.90
N ILE R 599 -8.33 -61.40 73.20
CA ILE R 599 -7.54 -62.17 74.15
C ILE R 599 -6.12 -62.34 73.65
N ALA R 600 -5.97 -62.67 72.36
CA ALA R 600 -4.64 -62.87 71.81
C ALA R 600 -3.80 -61.61 71.92
N MET R 601 -4.35 -60.47 71.50
CA MET R 601 -3.60 -59.23 71.53
C MET R 601 -3.22 -58.86 72.95
N LEU R 602 -4.14 -59.08 73.90
CA LEU R 602 -3.85 -58.77 75.29
C LEU R 602 -2.64 -59.57 75.77
N GLY R 603 -2.59 -60.86 75.43
CA GLY R 603 -1.48 -61.68 75.87
C GLY R 603 -0.15 -61.18 75.32
N THR R 604 -0.10 -60.89 74.02
CA THR R 604 1.14 -60.40 73.44
C THR R 604 1.53 -59.06 74.03
N ALA R 605 0.55 -58.19 74.27
CA ALA R 605 0.85 -56.89 74.85
C ALA R 605 1.51 -57.03 76.20
N LEU R 606 1.00 -57.93 77.03
CA LEU R 606 1.64 -58.20 78.31
C LEU R 606 3.04 -58.75 78.11
N GLN R 607 3.20 -59.64 77.13
CA GLN R 607 4.48 -60.29 76.91
C GLN R 607 5.56 -59.31 76.49
N MET R 608 5.20 -58.16 75.95
CA MET R 608 6.17 -57.20 75.47
C MET R 608 6.58 -56.18 76.52
N THR R 609 6.06 -56.28 77.73
CA THR R 609 6.38 -55.33 78.79
C THR R 609 7.44 -55.91 79.71
N THR R 610 8.35 -55.06 80.15
CA THR R 610 9.34 -55.44 81.14
C THR R 610 8.67 -55.58 82.51
N ALA R 611 9.40 -56.20 83.44
CA ALA R 611 8.93 -56.30 84.81
C ALA R 611 8.74 -54.90 85.38
N GLY R 612 7.67 -54.72 86.14
CA GLY R 612 7.33 -53.41 86.65
C GLY R 612 6.83 -52.45 85.60
N GLY R 613 6.63 -52.90 84.36
CA GLY R 613 6.16 -52.05 83.30
C GLY R 613 4.66 -51.86 83.38
N VAL R 614 4.14 -51.15 82.37
CA VAL R 614 2.72 -50.83 82.29
C VAL R 614 2.27 -51.01 80.85
N SER R 615 1.09 -51.59 80.67
CA SER R 615 0.52 -51.82 79.35
C SER R 615 -0.95 -51.47 79.35
N VAL R 616 -1.41 -50.86 78.26
CA VAL R 616 -2.81 -50.52 78.08
C VAL R 616 -3.29 -51.15 76.78
N LEU R 617 -4.58 -51.41 76.73
CA LEU R 617 -5.19 -52.03 75.56
C LEU R 617 -6.60 -51.50 75.36
N LYS R 618 -6.92 -51.18 74.11
CA LYS R 618 -8.27 -50.78 73.74
C LYS R 618 -9.06 -52.02 73.36
N VAL R 619 -10.24 -52.17 73.96
CA VAL R 619 -11.13 -53.29 73.68
C VAL R 619 -12.43 -52.75 73.12
N ASN R 620 -12.85 -53.29 71.97
CA ASN R 620 -14.07 -52.81 71.35
C ASN R 620 -15.31 -53.27 72.11
N PHE R 621 -15.32 -54.52 72.58
CA PHE R 621 -16.50 -55.12 73.16
C PHE R 621 -16.16 -55.81 74.47
N PRO R 622 -16.36 -55.16 75.59
CA PRO R 622 -16.15 -55.81 76.87
C PRO R 622 -17.21 -56.86 77.16
N THR R 623 -17.07 -58.02 76.54
CA THR R 623 -18.04 -59.09 76.64
C THR R 623 -17.72 -59.99 77.84
N ARG R 624 -18.78 -60.49 78.48
CA ARG R 624 -18.58 -61.33 79.66
C ARG R 624 -17.75 -62.57 79.32
N ALA R 625 -17.87 -63.07 78.10
CA ALA R 625 -16.97 -64.13 77.66
C ALA R 625 -15.53 -63.65 77.66
N PHE R 626 -15.31 -62.44 77.13
CA PHE R 626 -13.97 -61.88 77.12
C PHE R 626 -13.42 -61.74 78.53
N TRP R 627 -14.24 -61.20 79.43
CA TRP R 627 -13.81 -61.04 80.81
C TRP R 627 -13.48 -62.38 81.45
N THR R 628 -14.27 -63.41 81.12
CA THR R 628 -14.02 -64.74 81.67
C THR R 628 -12.60 -65.19 81.37
N GLN R 629 -12.19 -65.08 80.11
CA GLN R 629 -10.86 -65.55 79.74
C GLN R 629 -9.77 -64.68 80.36
N VAL R 630 -10.04 -63.39 80.54
CA VAL R 630 -9.04 -62.48 81.09
C VAL R 630 -8.57 -62.99 82.45
N PHE R 631 -9.52 -63.27 83.33
CA PHE R 631 -9.15 -63.75 84.65
C PHE R 631 -8.79 -65.23 84.65
N ASN R 632 -9.08 -65.94 83.56
CA ASN R 632 -8.64 -67.32 83.47
C ASN R 632 -7.15 -67.41 83.15
N LEU R 633 -6.60 -66.42 82.46
CA LEU R 633 -5.24 -66.52 81.94
C LEU R 633 -4.28 -65.54 82.59
N TYR R 634 -4.56 -64.24 82.51
CA TYR R 634 -3.57 -63.23 82.85
C TYR R 634 -3.72 -62.72 84.27
N ALA R 635 -4.37 -63.48 85.14
CA ALA R 635 -4.72 -62.97 86.46
C ALA R 635 -3.50 -62.65 87.31
N THR R 636 -2.32 -63.15 86.95
CA THR R 636 -1.13 -62.99 87.77
C THR R 636 -0.07 -62.10 87.13
N HIS R 637 -0.35 -61.51 85.98
CA HIS R 637 0.69 -60.84 85.23
C HIS R 637 0.88 -59.36 85.61
N ALA R 638 0.04 -58.82 86.48
CA ALA R 638 0.17 -57.42 86.85
C ALA R 638 -0.38 -57.22 88.26
N THR R 639 -0.04 -56.08 88.84
CA THR R 639 -0.44 -55.76 90.19
C THR R 639 -1.82 -55.10 90.26
N THR R 640 -2.11 -54.19 89.35
CA THR R 640 -3.32 -53.39 89.44
C THR R 640 -3.94 -53.22 88.06
N LEU R 641 -5.22 -52.85 88.05
CA LEU R 641 -5.97 -52.71 86.82
C LEU R 641 -7.05 -51.66 86.99
N HIS R 642 -7.21 -50.81 85.97
CA HIS R 642 -8.26 -49.81 85.95
C HIS R 642 -8.97 -49.87 84.60
N LEU R 643 -10.04 -49.10 84.49
CA LEU R 643 -10.76 -48.93 83.23
C LEU R 643 -10.86 -47.45 82.93
N VAL R 644 -10.35 -47.03 81.78
CA VAL R 644 -10.44 -45.66 81.31
C VAL R 644 -11.41 -45.62 80.15
N LYS R 645 -12.43 -44.77 80.26
CA LYS R 645 -13.51 -44.71 79.27
C LYS R 645 -13.72 -43.28 78.83
N PRO R 646 -13.04 -42.83 77.79
CA PRO R 646 -13.42 -41.58 77.14
C PRO R 646 -14.64 -41.80 76.26
N THR R 647 -15.48 -40.77 76.19
CA THR R 647 -16.63 -40.77 75.31
C THR R 647 -16.44 -39.66 74.28
N ILE R 648 -16.26 -40.05 73.03
CA ILE R 648 -16.19 -39.12 71.92
C ILE R 648 -17.39 -39.28 70.99
N VAL R 649 -17.73 -40.52 70.66
CA VAL R 649 -18.99 -40.84 70.00
C VAL R 649 -19.56 -42.07 70.69
N ASN R 650 -20.82 -42.36 70.41
CA ASN R 650 -21.51 -43.46 71.09
C ASN R 650 -20.87 -44.78 70.70
N SER R 651 -20.10 -45.35 71.61
CA SER R 651 -19.42 -46.62 71.35
C SER R 651 -19.23 -47.35 72.67
N SER R 652 -19.10 -48.67 72.57
CA SER R 652 -18.94 -49.52 73.74
C SER R 652 -17.49 -49.83 74.05
N GLU R 653 -16.55 -49.24 73.33
CA GLU R 653 -15.14 -49.56 73.54
C GLU R 653 -14.64 -49.00 74.86
N VAL R 654 -13.62 -49.65 75.41
CA VAL R 654 -13.01 -49.25 76.67
C VAL R 654 -11.50 -49.42 76.56
N PHE R 655 -10.80 -48.86 77.53
CA PHE R 655 -9.35 -48.98 77.63
C PHE R 655 -8.99 -49.71 78.91
N LEU R 656 -8.33 -50.85 78.78
CA LEU R 656 -7.74 -51.52 79.92
C LEU R 656 -6.37 -50.94 80.21
N VAL R 657 -5.96 -51.03 81.47
CA VAL R 657 -4.62 -50.57 81.86
C VAL R 657 -4.09 -51.44 82.97
N PHE R 658 -3.02 -52.18 82.68
CA PHE R 658 -2.41 -53.09 83.64
C PHE R 658 -1.16 -52.45 84.21
N GLY R 659 -1.15 -52.21 85.51
CA GLY R 659 -0.02 -51.61 86.18
C GLY R 659 0.80 -52.64 86.93
N GLY R 660 2.10 -52.40 87.00
CA GLY R 660 3.00 -53.28 87.71
C GLY R 660 3.12 -54.64 87.07
N ARG R 661 3.69 -54.68 85.87
CA ARG R 661 3.92 -55.95 85.19
C ARG R 661 4.82 -56.83 86.05
N GLN R 662 4.29 -57.97 86.48
CA GLN R 662 5.04 -58.88 87.32
C GLN R 662 4.49 -60.29 87.09
N SER R 663 5.02 -61.25 87.85
CA SER R 663 4.68 -62.64 87.63
C SER R 663 3.59 -63.15 88.56
N ASN R 664 3.44 -62.57 89.74
CA ASN R 664 2.60 -63.18 90.77
C ASN R 664 1.47 -62.25 91.21
N GLY R 665 0.76 -61.66 90.26
CA GLY R 665 -0.40 -60.86 90.58
C GLY R 665 -1.58 -61.72 90.99
N ALA R 666 -2.62 -61.06 91.48
CA ALA R 666 -3.81 -61.73 91.98
C ALA R 666 -5.08 -61.01 91.57
N LEU R 667 -5.17 -60.63 90.29
CA LEU R 667 -6.33 -59.90 89.81
C LEU R 667 -7.58 -60.79 89.80
N ARG R 668 -8.72 -60.19 90.14
CA ARG R 668 -9.99 -60.90 90.21
C ARG R 668 -11.09 -60.04 89.61
N SER R 669 -12.17 -60.70 89.20
CA SER R 669 -13.38 -59.97 88.84
C SER R 669 -14.08 -59.50 90.10
N THR R 670 -14.40 -58.21 90.16
CA THR R 670 -14.96 -57.62 91.36
C THR R 670 -16.11 -56.70 91.00
N THR R 671 -16.90 -56.34 92.01
CA THR R 671 -18.13 -55.59 91.78
C THR R 671 -17.89 -54.27 91.08
N ALA R 672 -16.68 -53.70 91.22
CA ALA R 672 -16.37 -52.47 90.51
C ALA R 672 -16.55 -52.66 89.02
N LEU R 673 -16.10 -53.80 88.50
CA LEU R 673 -16.29 -54.08 87.08
C LEU R 673 -17.76 -54.10 86.71
N GLN R 674 -18.58 -54.74 87.54
CA GLN R 674 -20.01 -54.81 87.24
C GLN R 674 -20.62 -53.42 87.24
N ARG R 675 -20.23 -52.58 88.20
CA ARG R 675 -20.76 -51.22 88.24
C ARG R 675 -20.41 -50.46 86.97
N ALA R 676 -19.16 -50.57 86.53
CA ALA R 676 -18.73 -49.81 85.35
C ALA R 676 -19.52 -50.22 84.11
N LEU R 677 -19.68 -51.53 83.90
CA LEU R 677 -20.39 -52.00 82.72
C LEU R 677 -21.82 -51.48 82.71
N LEU R 678 -22.50 -51.58 83.85
CA LEU R 678 -23.88 -51.13 83.93
C LEU R 678 -23.98 -49.65 83.59
N SER R 679 -23.10 -48.83 84.14
CA SER R 679 -23.08 -47.42 83.81
C SER R 679 -22.81 -47.22 82.32
N LEU R 680 -21.91 -48.03 81.77
CA LEU R 680 -21.55 -47.90 80.36
C LEU R 680 -22.78 -48.09 79.48
N TYR R 681 -23.42 -49.25 79.56
CA TYR R 681 -24.55 -49.52 78.70
C TYR R 681 -25.69 -48.55 78.96
N ALA R 682 -25.81 -48.05 80.19
CA ALA R 682 -26.83 -47.06 80.49
C ALA R 682 -26.64 -45.81 79.63
N ARG R 683 -25.40 -45.31 79.57
CA ARG R 683 -25.13 -44.16 78.72
C ARG R 683 -25.42 -44.48 77.27
N ASN R 684 -24.98 -45.64 76.81
CA ASN R 684 -25.17 -46.00 75.40
C ASN R 684 -26.65 -46.03 75.06
N ALA R 685 -27.46 -46.65 75.92
CA ALA R 685 -28.89 -46.67 75.67
C ALA R 685 -29.47 -45.26 75.67
N ALA R 686 -29.03 -44.44 76.61
CA ALA R 686 -29.54 -43.07 76.69
C ALA R 686 -29.24 -42.30 75.43
N ILE R 687 -28.01 -42.41 74.92
CA ILE R 687 -27.65 -41.71 73.70
C ILE R 687 -28.50 -42.20 72.54
N ASP R 688 -28.70 -43.51 72.45
CA ASP R 688 -29.47 -44.05 71.34
C ASP R 688 -30.88 -43.50 71.33
N ARG R 689 -31.51 -43.39 72.51
CA ARG R 689 -32.85 -42.84 72.58
C ARG R 689 -32.89 -41.42 72.03
N ALA R 690 -31.90 -40.60 72.37
CA ALA R 690 -31.88 -39.23 71.90
C ALA R 690 -31.77 -39.17 70.38
N VAL R 691 -30.94 -40.04 69.79
CA VAL R 691 -30.69 -39.98 68.36
C VAL R 691 -31.94 -40.27 67.57
N THR R 692 -32.87 -41.05 68.13
CA THR R 692 -34.03 -41.51 67.37
C THR R 692 -34.81 -40.36 66.76
N HIS R 693 -34.80 -39.19 67.39
CA HIS R 693 -35.56 -38.07 66.88
C HIS R 693 -34.95 -37.47 65.63
N ILE R 694 -33.72 -37.83 65.28
CA ILE R 694 -32.98 -37.16 64.23
C ILE R 694 -33.20 -37.86 62.89
N PRO R 695 -33.45 -37.12 61.82
CA PRO R 695 -33.55 -37.74 60.50
C PRO R 695 -32.18 -38.01 59.90
N PHE R 696 -32.16 -38.91 58.93
CA PHE R 696 -30.91 -39.24 58.25
C PHE R 696 -30.54 -38.14 57.27
N PHE R 697 -29.45 -38.36 56.53
CA PHE R 697 -28.83 -37.27 55.79
C PHE R 697 -29.57 -36.94 54.50
N GLY R 698 -29.65 -37.89 53.57
CA GLY R 698 -30.10 -37.56 52.23
C GLY R 698 -31.58 -37.29 52.09
N VAL R 699 -32.38 -37.65 53.09
CA VAL R 699 -33.84 -37.61 52.94
C VAL R 699 -34.30 -36.16 53.01
N PRO R 700 -35.11 -35.70 52.06
CA PRO R 700 -35.77 -34.40 52.23
C PRO R 700 -36.83 -34.47 53.31
N ASP R 701 -37.08 -33.32 53.94
CA ASP R 701 -37.89 -33.28 55.15
C ASP R 701 -39.38 -33.25 54.78
N ASP R 702 -39.88 -34.41 54.38
CA ASP R 702 -41.31 -34.65 54.45
C ASP R 702 -41.67 -34.87 55.92
N GLY R 703 -42.77 -34.28 56.36
CA GLY R 703 -42.99 -34.11 57.78
C GLY R 703 -43.26 -35.37 58.56
N THR R 704 -42.32 -36.31 58.55
CA THR R 704 -42.42 -37.51 59.38
C THR R 704 -41.42 -37.53 60.52
N SER R 705 -40.33 -36.77 60.42
CA SER R 705 -39.32 -36.77 61.47
C SER R 705 -39.77 -35.91 62.64
N ASP R 706 -39.23 -36.21 63.82
CA ASP R 706 -39.55 -35.45 65.01
C ASP R 706 -38.85 -34.10 65.02
N LEU R 707 -37.62 -34.04 64.52
CA LEU R 707 -36.79 -32.85 64.61
C LEU R 707 -36.76 -32.06 63.31
N GLY R 708 -37.81 -32.15 62.52
CA GLY R 708 -37.84 -31.49 61.23
C GLY R 708 -38.08 -30.00 61.33
N ILE R 709 -38.16 -29.37 60.15
CA ILE R 709 -38.40 -27.94 60.03
C ILE R 709 -39.69 -27.75 59.26
N ASP R 710 -40.51 -26.80 59.71
CA ASP R 710 -41.72 -26.40 59.01
C ASP R 710 -41.57 -24.98 58.53
N ALA R 711 -42.00 -24.72 57.29
CA ALA R 711 -41.84 -23.41 56.68
C ALA R 711 -43.08 -23.07 55.87
N VAL R 712 -43.36 -21.77 55.77
CA VAL R 712 -44.46 -21.26 54.96
C VAL R 712 -43.96 -20.05 54.18
N ARG R 713 -44.30 -20.00 52.90
CA ARG R 713 -43.89 -18.93 52.02
C ARG R 713 -45.10 -18.18 51.49
N LEU R 714 -45.02 -16.85 51.52
CA LEU R 714 -46.08 -15.99 51.02
C LEU R 714 -45.46 -14.89 50.18
N PHE R 715 -46.21 -14.45 49.17
CA PHE R 715 -45.77 -13.39 48.28
C PHE R 715 -46.64 -12.16 48.50
N ASP R 716 -45.98 -11.04 48.79
CA ASP R 716 -46.65 -9.77 49.08
C ASP R 716 -47.85 -9.94 50.02
N PRO R 717 -47.66 -10.58 51.17
CA PRO R 717 -48.80 -10.84 52.05
C PRO R 717 -49.35 -9.55 52.63
N MET R 718 -50.66 -9.56 52.88
CA MET R 718 -51.35 -8.44 53.49
C MET R 718 -52.04 -8.97 54.75
N PHE R 719 -51.29 -8.99 55.85
CA PHE R 719 -51.85 -9.45 57.12
C PHE R 719 -52.85 -8.43 57.64
N SER R 720 -53.94 -8.94 58.22
CA SER R 720 -54.95 -8.08 58.81
C SER R 720 -55.79 -8.92 59.76
N ASP R 721 -56.51 -8.23 60.64
CA ASP R 721 -57.44 -8.89 61.54
C ASP R 721 -58.73 -9.28 60.86
N ALA R 722 -58.82 -9.10 59.54
CA ALA R 722 -60.01 -9.52 58.81
C ALA R 722 -60.16 -11.03 58.84
N VAL R 723 -61.41 -11.48 58.90
CA VAL R 723 -61.69 -12.90 58.97
C VAL R 723 -61.25 -13.59 57.67
N ALA R 724 -60.81 -14.83 57.79
CA ALA R 724 -60.42 -15.67 56.67
C ALA R 724 -59.26 -15.09 55.87
N ASN R 725 -58.53 -14.13 56.43
CA ASN R 725 -57.34 -13.61 55.77
C ASN R 725 -56.31 -14.71 55.70
N LEU R 726 -56.12 -15.28 54.52
CA LEU R 726 -55.25 -16.45 54.36
C LEU R 726 -53.85 -16.24 54.93
N PRO R 727 -53.14 -15.14 54.68
CA PRO R 727 -51.83 -14.97 55.31
C PRO R 727 -51.88 -15.05 56.81
N SER R 728 -52.91 -14.47 57.44
CA SER R 728 -53.04 -14.57 58.88
C SER R 728 -53.29 -16.01 59.29
N ASN R 729 -54.15 -16.72 58.57
CA ASN R 729 -54.46 -18.10 58.91
C ASN R 729 -53.22 -18.97 58.83
N ALA R 730 -52.49 -18.88 57.72
CA ALA R 730 -51.27 -19.67 57.58
C ALA R 730 -50.28 -19.31 58.67
N LEU R 731 -50.14 -18.02 58.96
CA LEU R 731 -49.22 -17.59 60.00
C LEU R 731 -49.54 -18.25 61.33
N ALA R 732 -50.81 -18.17 61.75
CA ALA R 732 -51.18 -18.76 63.03
C ALA R 732 -50.95 -20.26 63.03
N SER R 733 -51.24 -20.92 61.91
CA SER R 733 -51.10 -22.37 61.85
C SER R 733 -49.65 -22.78 62.05
N LEU R 734 -48.74 -22.16 61.31
CA LEU R 734 -47.33 -22.54 61.42
C LEU R 734 -46.81 -22.28 62.82
N VAL R 735 -47.17 -21.13 63.40
CA VAL R 735 -46.71 -20.81 64.75
C VAL R 735 -47.13 -21.90 65.72
N SER R 736 -48.37 -22.37 65.61
CA SER R 736 -48.86 -23.39 66.53
C SER R 736 -48.04 -24.67 66.47
N ARG R 737 -47.32 -24.89 65.38
CA ARG R 737 -46.52 -26.09 65.22
C ARG R 737 -45.08 -25.92 65.71
N VAL R 738 -44.71 -24.73 66.20
CA VAL R 738 -43.32 -24.46 66.53
C VAL R 738 -43.13 -23.86 67.92
N VAL R 739 -44.17 -23.34 68.55
CA VAL R 739 -44.10 -22.37 69.64
C VAL R 739 -42.92 -22.56 70.60
N PRO R 740 -42.67 -23.75 71.15
CA PRO R 740 -41.56 -23.87 72.10
C PRO R 740 -40.21 -23.47 71.52
N SER R 741 -40.03 -23.56 70.21
CA SER R 741 -38.78 -23.18 69.58
C SER R 741 -38.87 -21.77 69.01
N SER R 742 -37.75 -21.28 68.49
CA SER R 742 -37.71 -19.95 67.92
C SER R 742 -38.43 -19.92 66.57
N ILE R 743 -38.85 -18.73 66.18
CA ILE R 743 -39.56 -18.51 64.93
C ILE R 743 -38.77 -17.51 64.10
N MET R 744 -38.42 -17.88 62.89
CA MET R 744 -37.60 -17.06 62.01
C MET R 744 -38.44 -16.41 60.93
N PHE R 745 -37.91 -15.32 60.37
CA PHE R 745 -38.67 -14.50 59.42
C PHE R 745 -37.71 -13.84 58.45
N THR R 746 -38.07 -13.87 57.16
CA THR R 746 -37.24 -13.29 56.12
C THR R 746 -38.11 -12.64 55.06
N ARG R 747 -37.60 -11.56 54.47
CA ARG R 747 -38.20 -10.91 53.32
C ARG R 747 -37.13 -10.75 52.25
N VAL R 748 -37.30 -11.44 51.13
CA VAL R 748 -36.34 -11.41 50.03
C VAL R 748 -37.02 -10.77 48.83
N PRO R 749 -36.47 -9.68 48.28
CA PRO R 749 -37.10 -9.04 47.13
C PRO R 749 -36.67 -9.71 45.84
N SER R 750 -37.64 -10.18 45.06
CA SER R 750 -37.36 -10.68 43.73
C SER R 750 -37.34 -9.50 42.76
N ASN R 751 -37.25 -9.79 41.46
CA ASN R 751 -37.34 -8.71 40.48
C ASN R 751 -38.74 -8.10 40.47
N GLY R 752 -39.75 -8.87 40.84
CA GLY R 752 -41.10 -8.38 40.93
C GLY R 752 -41.56 -8.30 42.37
N PRO R 753 -42.35 -9.28 42.79
CA PRO R 753 -42.84 -9.29 44.17
C PRO R 753 -41.73 -9.61 45.16
N VAL R 754 -42.05 -9.43 46.43
CA VAL R 754 -41.15 -9.80 47.52
C VAL R 754 -41.68 -11.08 48.15
N SER R 755 -40.81 -12.07 48.29
CA SER R 755 -41.17 -13.35 48.87
C SER R 755 -40.84 -13.34 50.35
N THR R 756 -41.83 -13.70 51.17
CA THR R 756 -41.66 -13.77 52.61
C THR R 756 -41.74 -15.22 53.05
N THR R 757 -40.89 -15.59 53.99
CA THR R 757 -40.84 -16.96 54.47
C THR R 757 -40.74 -16.97 55.99
N ILE R 758 -41.56 -17.79 56.61
CA ILE R 758 -41.59 -17.95 58.06
C ILE R 758 -41.39 -19.42 58.38
N TYR R 759 -40.47 -19.71 59.31
CA TYR R 759 -40.13 -21.10 59.54
C TYR R 759 -39.56 -21.27 60.93
N GLY R 760 -39.50 -22.52 61.37
CA GLY R 760 -38.95 -22.89 62.65
C GLY R 760 -38.86 -24.39 62.77
N LYS R 761 -38.16 -24.83 63.80
CA LYS R 761 -37.97 -26.26 64.03
C LYS R 761 -39.16 -26.84 64.77
N ARG R 762 -39.63 -28.01 64.33
CA ARG R 762 -40.65 -28.74 65.07
C ARG R 762 -39.99 -29.76 65.96
N THR R 763 -40.54 -29.92 67.16
CA THR R 763 -39.99 -30.87 68.14
C THR R 763 -41.15 -31.62 68.78
N PHE R 764 -40.80 -32.72 69.47
CA PHE R 764 -41.82 -33.44 70.21
C PHE R 764 -42.45 -32.56 71.28
N LEU R 765 -41.69 -31.60 71.81
CA LEU R 765 -42.27 -30.64 72.74
C LEU R 765 -43.38 -29.86 72.08
N SER R 766 -43.15 -29.39 70.86
CA SER R 766 -44.18 -28.65 70.15
C SER R 766 -45.41 -29.51 69.93
N ASN R 767 -45.21 -30.81 69.69
CA ASN R 767 -46.34 -31.71 69.54
C ASN R 767 -47.17 -31.76 70.80
N ARG R 768 -46.53 -31.85 71.96
CA ARG R 768 -47.26 -31.88 73.21
C ARG R 768 -48.07 -30.60 73.40
N ARG R 769 -47.45 -29.45 73.12
CA ARG R 769 -48.18 -28.20 73.23
C ARG R 769 -49.35 -28.15 72.27
N ARG R 770 -49.12 -28.58 71.03
CA ARG R 770 -50.19 -28.56 70.05
C ARG R 770 -51.32 -29.49 70.47
N ALA R 771 -50.99 -30.59 71.15
CA ALA R 771 -52.03 -31.48 71.64
C ALA R 771 -52.88 -30.82 72.71
N ARG R 772 -52.30 -29.91 73.49
CA ARG R 772 -53.04 -29.22 74.53
C ARG R 772 -54.06 -28.25 73.97
N LEU R 773 -53.84 -27.74 72.76
CA LEU R 773 -54.75 -26.76 72.18
C LEU R 773 -56.09 -27.39 71.85
N ARG R 774 -57.15 -26.58 71.96
CA ARG R 774 -58.44 -26.91 71.39
C ARG R 774 -58.76 -26.05 70.17
N ASP R 775 -58.13 -24.89 70.04
CA ASP R 775 -58.26 -24.04 68.87
C ASP R 775 -56.95 -23.28 68.69
N VAL R 776 -56.72 -22.79 67.49
CA VAL R 776 -55.48 -22.12 67.13
C VAL R 776 -55.66 -20.62 67.33
N PRO R 777 -54.91 -19.99 68.20
CA PRO R 777 -55.06 -18.53 68.40
C PRO R 777 -54.48 -17.74 67.25
N MET R 778 -55.05 -16.56 67.04
CA MET R 778 -54.57 -15.63 66.04
C MET R 778 -53.53 -14.70 66.63
N LEU R 779 -52.59 -14.28 65.79
CA LEU R 779 -51.48 -13.46 66.24
C LEU R 779 -51.78 -11.97 66.06
N ILE R 780 -51.02 -11.16 66.78
CA ILE R 780 -51.03 -9.72 66.59
C ILE R 780 -50.13 -9.37 65.42
N THR R 781 -50.68 -8.69 64.43
CA THR R 781 -50.00 -8.49 63.16
C THR R 781 -49.11 -7.26 63.11
N THR R 782 -49.17 -6.41 64.13
CA THR R 782 -48.46 -5.13 64.06
C THR R 782 -46.97 -5.34 63.88
N THR R 783 -46.41 -6.28 64.63
CA THR R 783 -44.96 -6.52 64.55
C THR R 783 -44.55 -6.90 63.13
N LEU R 784 -45.33 -7.76 62.48
CA LEU R 784 -44.97 -8.22 61.14
C LEU R 784 -45.25 -7.16 60.09
N VAL R 785 -46.47 -6.61 60.08
CA VAL R 785 -46.83 -5.64 59.07
C VAL R 785 -45.94 -4.42 59.14
N HIS R 786 -45.33 -4.18 60.30
CA HIS R 786 -44.39 -3.07 60.42
C HIS R 786 -43.07 -3.36 59.73
N GLN R 787 -42.75 -4.64 59.49
CA GLN R 787 -41.47 -5.00 58.90
C GLN R 787 -41.50 -4.73 57.41
N ARG R 788 -40.74 -3.73 56.98
CA ARG R 788 -40.63 -3.41 55.56
C ARG R 788 -39.18 -3.41 55.09
N ARG R 789 -38.27 -3.98 55.87
CA ARG R 789 -36.89 -4.13 55.43
C ARG R 789 -36.79 -5.31 54.46
N PHE R 790 -35.56 -5.56 54.03
CA PHE R 790 -35.21 -6.79 53.32
C PHE R 790 -34.15 -7.52 54.11
N THR R 791 -34.13 -8.84 53.96
CA THR R 791 -33.26 -9.69 54.76
C THR R 791 -32.49 -10.65 53.88
N THR R 792 -31.52 -11.32 54.47
CA THR R 792 -30.84 -12.42 53.83
C THR R 792 -31.79 -13.60 53.73
N PRO R 793 -31.57 -14.49 52.75
CA PRO R 793 -32.48 -15.62 52.55
C PRO R 793 -32.39 -16.60 53.70
N PRO R 794 -33.39 -17.48 53.84
CA PRO R 794 -33.39 -18.44 54.95
C PRO R 794 -32.20 -19.40 54.85
N THR R 795 -32.04 -20.19 55.91
CA THR R 795 -30.91 -21.10 56.02
C THR R 795 -31.33 -22.56 56.12
N PHE R 796 -32.32 -22.88 56.96
CA PHE R 796 -32.83 -24.24 57.08
C PHE R 796 -31.74 -25.22 57.53
N THR R 797 -31.21 -24.96 58.72
CA THR R 797 -30.26 -25.87 59.34
C THR R 797 -30.80 -26.33 60.67
N LEU R 798 -30.51 -27.58 61.04
CA LEU R 798 -31.11 -28.16 62.23
C LEU R 798 -30.42 -27.68 63.49
N PHE R 799 -29.10 -27.75 63.53
CA PHE R 799 -28.35 -27.46 64.75
C PHE R 799 -27.64 -26.11 64.62
N SER R 800 -27.68 -25.33 65.69
CA SER R 800 -27.07 -24.02 65.70
C SER R 800 -25.55 -24.16 65.63
N SER R 801 -24.87 -23.02 65.57
CA SER R 801 -23.43 -22.99 65.40
C SER R 801 -22.66 -23.01 66.72
N GLU R 802 -23.33 -22.76 67.84
CA GLU R 802 -22.64 -22.57 69.11
C GLU R 802 -23.27 -23.43 70.19
N ALA R 803 -22.43 -24.11 70.97
CA ALA R 803 -22.91 -24.98 72.03
C ALA R 803 -23.60 -24.17 73.11
N VAL R 804 -24.61 -24.79 73.72
CA VAL R 804 -25.43 -24.13 74.73
C VAL R 804 -24.63 -23.96 76.02
N PRO R 805 -24.94 -22.97 76.84
CA PRO R 805 -24.25 -22.83 78.12
C PRO R 805 -24.72 -23.85 79.14
N VAL R 806 -23.95 -23.95 80.22
CA VAL R 806 -24.18 -25.01 81.21
C VAL R 806 -25.58 -24.91 81.80
N THR R 807 -26.03 -23.68 82.11
CA THR R 807 -27.30 -23.50 82.77
C THR R 807 -28.43 -24.17 82.01
N THR R 808 -28.40 -24.09 80.69
CA THR R 808 -29.45 -24.69 79.88
C THR R 808 -29.50 -26.20 80.08
N LEU R 809 -28.33 -26.83 80.22
CA LEU R 809 -28.29 -28.28 80.44
C LEU R 809 -29.04 -28.64 81.70
N VAL R 810 -28.80 -27.92 82.78
CA VAL R 810 -29.50 -28.19 84.03
C VAL R 810 -31.00 -28.02 83.85
N ALA R 811 -31.40 -26.96 83.14
CA ALA R 811 -32.82 -26.73 82.91
C ALA R 811 -33.43 -27.89 82.16
N ALA R 812 -32.76 -28.37 81.12
CA ALA R 812 -33.29 -29.49 80.35
C ALA R 812 -33.40 -30.74 81.22
N GLY R 813 -32.38 -31.01 82.03
CA GLY R 813 -32.44 -32.20 82.88
C GLY R 813 -33.63 -32.17 83.81
N TYR R 814 -33.87 -31.03 84.44
CA TYR R 814 -35.03 -30.92 85.32
C TYR R 814 -36.33 -31.01 84.53
N ASN R 815 -36.34 -30.45 83.31
CA ASN R 815 -37.49 -30.63 82.43
C ASN R 815 -37.74 -32.11 82.18
N SER R 816 -36.67 -32.85 81.90
CA SER R 816 -36.82 -34.29 81.71
C SER R 816 -37.38 -34.95 82.96
N PHE R 817 -36.88 -34.56 84.12
CA PHE R 817 -37.37 -35.13 85.37
C PHE R 817 -38.85 -34.84 85.57
N ILE R 818 -39.23 -33.57 85.40
CA ILE R 818 -40.63 -33.20 85.59
C ILE R 818 -41.50 -33.91 84.57
N SER R 819 -41.05 -33.96 83.32
CA SER R 819 -41.83 -34.62 82.28
C SER R 819 -42.11 -36.07 82.66
N GLU R 820 -41.11 -36.76 83.22
CA GLU R 820 -41.32 -38.13 83.64
C GLU R 820 -42.26 -38.20 84.85
N GLN R 821 -42.02 -37.34 85.85
CA GLN R 821 -42.78 -37.43 87.09
C GLN R 821 -44.27 -37.23 86.84
N THR R 822 -44.62 -36.29 85.96
CA THR R 822 -46.01 -35.96 85.72
C THR R 822 -46.79 -37.06 85.03
N ARG R 823 -46.16 -38.20 84.75
CA ARG R 823 -46.87 -39.31 84.11
C ARG R 823 -47.56 -40.22 85.12
N ASN R 824 -47.45 -39.94 86.41
CA ASN R 824 -48.10 -40.78 87.40
C ASN R 824 -49.60 -40.76 87.20
N PRO R 825 -50.24 -41.92 87.05
CA PRO R 825 -51.69 -41.93 86.77
C PRO R 825 -52.53 -41.44 87.93
N ASN R 826 -51.97 -41.39 89.13
CA ASN R 826 -52.72 -41.03 90.33
C ASN R 826 -52.69 -39.54 90.62
N LEU R 827 -52.52 -38.72 89.60
CA LEU R 827 -52.54 -37.26 89.75
C LEU R 827 -53.75 -36.70 89.03
N ALA R 828 -54.56 -35.92 89.74
CA ALA R 828 -55.76 -35.33 89.17
C ALA R 828 -55.64 -33.84 88.90
N HIS R 829 -54.68 -33.16 89.52
CA HIS R 829 -54.56 -31.71 89.37
C HIS R 829 -53.11 -31.35 89.63
N LEU R 830 -52.77 -30.11 89.32
CA LEU R 830 -51.42 -29.64 89.58
C LEU R 830 -51.40 -28.13 89.65
N LEU R 831 -50.63 -27.61 90.60
CA LEU R 831 -50.41 -26.18 90.74
C LEU R 831 -48.95 -25.87 90.52
N ASP R 832 -48.67 -24.91 89.65
CA ASP R 832 -47.31 -24.45 89.40
C ASP R 832 -47.14 -23.05 89.94
N LEU R 833 -46.01 -22.81 90.59
CA LEU R 833 -45.70 -21.52 91.19
C LEU R 833 -44.59 -20.85 90.39
N GLY R 834 -44.79 -19.58 90.06
CA GLY R 834 -43.81 -18.84 89.30
C GLY R 834 -43.58 -19.41 87.92
N THR R 835 -44.67 -19.72 87.23
CA THR R 835 -44.58 -20.36 85.92
C THR R 835 -43.91 -19.49 84.88
N GLY R 836 -43.94 -18.17 85.04
CA GLY R 836 -43.51 -17.27 83.99
C GLY R 836 -44.66 -17.01 83.06
N PRO R 837 -44.69 -15.83 82.43
CA PRO R 837 -45.81 -15.51 81.54
C PRO R 837 -45.94 -16.51 80.40
N GLU R 838 -44.82 -16.99 79.89
CA GLU R 838 -44.80 -18.07 78.92
C GLU R 838 -45.02 -19.38 79.65
N CYS R 839 -46.18 -20.00 79.42
CA CYS R 839 -46.55 -21.20 80.15
C CYS R 839 -45.86 -22.43 79.55
N ARG R 840 -44.53 -22.46 79.70
CA ARG R 840 -43.73 -23.52 79.10
C ARG R 840 -44.07 -24.88 79.66
N ILE R 841 -44.58 -24.94 80.89
CA ILE R 841 -44.88 -26.21 81.52
C ILE R 841 -45.87 -27.01 80.69
N LEU R 842 -46.73 -26.32 79.95
CA LEU R 842 -47.72 -26.99 79.12
C LEU R 842 -47.06 -27.96 78.14
N SER R 843 -45.85 -27.64 77.67
CA SER R 843 -45.18 -28.49 76.71
C SER R 843 -44.63 -29.76 77.32
N LEU R 844 -44.57 -29.86 78.65
CA LEU R 844 -43.98 -31.02 79.30
C LEU R 844 -45.01 -32.01 79.82
N ILE R 845 -46.24 -31.57 80.05
CA ILE R 845 -47.21 -32.36 80.79
C ILE R 845 -48.16 -33.05 79.83
N PRO R 846 -48.55 -34.30 80.09
CA PRO R 846 -49.54 -34.95 79.26
C PRO R 846 -50.83 -34.14 79.21
N PRO R 847 -51.49 -34.09 78.06
CA PRO R 847 -52.61 -33.15 77.89
C PRO R 847 -53.82 -33.46 78.76
N THR R 848 -53.85 -34.62 79.40
CA THR R 848 -55.03 -35.03 80.16
C THR R 848 -55.02 -34.52 81.60
N LEU R 849 -53.95 -33.88 82.04
CA LEU R 849 -53.82 -33.47 83.43
C LEU R 849 -54.30 -32.03 83.61
N GLN R 850 -55.13 -31.80 84.62
CA GLN R 850 -55.52 -30.45 84.96
C GLN R 850 -54.33 -29.69 85.53
N VAL R 851 -54.17 -28.44 85.08
CA VAL R 851 -53.02 -27.63 85.45
C VAL R 851 -53.49 -26.23 85.83
N THR R 852 -52.89 -25.69 86.88
CA THR R 852 -53.07 -24.29 87.24
C THR R 852 -51.70 -23.67 87.43
N MET R 853 -51.48 -22.51 86.80
CA MET R 853 -50.19 -21.86 86.80
C MET R 853 -50.34 -20.41 87.23
N SER R 854 -49.26 -19.85 87.76
CA SER R 854 -49.35 -18.58 88.44
C SER R 854 -48.12 -17.72 88.16
N ASP R 855 -48.31 -16.41 88.25
CA ASP R 855 -47.24 -15.43 88.18
C ASP R 855 -47.82 -14.07 88.50
N ALA R 856 -46.94 -13.15 88.91
CA ALA R 856 -47.36 -11.77 89.12
C ALA R 856 -47.69 -11.08 87.81
N ARG R 857 -47.16 -11.54 86.70
CA ARG R 857 -47.38 -10.96 85.40
C ARG R 857 -48.51 -11.66 84.68
N PRO R 858 -49.16 -10.99 83.73
CA PRO R 858 -50.20 -11.66 82.95
C PRO R 858 -49.62 -12.75 82.08
N CYS R 859 -50.45 -13.74 81.77
CA CYS R 859 -50.02 -14.80 80.88
C CYS R 859 -49.75 -14.26 79.49
N ALA R 860 -48.82 -14.88 78.79
CA ALA R 860 -48.44 -14.46 77.47
C ALA R 860 -49.22 -15.18 76.37
N GLU R 861 -50.19 -16.01 76.72
CA GLU R 861 -50.87 -16.85 75.75
C GLU R 861 -52.37 -16.72 75.90
N LEU R 862 -53.07 -16.83 74.77
CA LEU R 862 -54.53 -16.70 74.73
C LEU R 862 -55.16 -17.89 75.43
N MET R 863 -55.64 -17.67 76.66
CA MET R 863 -56.24 -18.76 77.43
C MET R 863 -57.51 -19.29 76.80
N ALA R 864 -58.15 -18.51 75.92
CA ALA R 864 -59.35 -18.98 75.25
C ALA R 864 -59.08 -20.14 74.31
N SER R 865 -57.81 -20.41 73.99
CA SER R 865 -57.46 -21.50 73.09
C SER R 865 -57.45 -22.86 73.76
N PHE R 866 -57.60 -22.92 75.07
CA PHE R 866 -57.55 -24.18 75.79
C PHE R 866 -58.91 -24.49 76.43
N ASP R 867 -59.06 -25.73 76.84
CA ASP R 867 -60.22 -26.12 77.63
C ASP R 867 -60.06 -25.51 79.02
N PRO R 868 -60.99 -24.66 79.47
CA PRO R 868 -60.85 -24.05 80.79
C PRO R 868 -60.83 -25.06 81.92
N ALA R 869 -61.46 -26.22 81.75
CA ALA R 869 -61.43 -27.23 82.79
C ALA R 869 -60.05 -27.86 82.95
N LEU R 870 -59.23 -27.81 81.91
CA LEU R 870 -57.93 -28.46 81.95
C LEU R 870 -56.79 -27.50 82.27
N THR R 871 -56.92 -26.22 81.95
CA THR R 871 -55.88 -25.25 82.17
C THR R 871 -56.45 -24.02 82.86
N ALA R 872 -55.67 -23.43 83.75
CA ALA R 872 -56.06 -22.21 84.44
C ALA R 872 -54.81 -21.41 84.77
N TYR R 873 -54.92 -20.09 84.64
CA TYR R 873 -53.82 -19.18 84.93
C TYR R 873 -54.28 -18.17 85.95
N VAL R 874 -53.58 -18.09 87.07
CA VAL R 874 -53.93 -17.18 88.16
C VAL R 874 -52.81 -16.17 88.29
N GLN R 875 -53.13 -14.89 88.11
CA GLN R 875 -52.16 -13.83 88.26
C GLN R 875 -52.10 -13.40 89.72
N GLY R 876 -50.92 -13.48 90.31
CA GLY R 876 -50.77 -13.10 91.70
C GLY R 876 -49.39 -13.46 92.20
N ASP R 877 -49.15 -13.14 93.46
CA ASP R 877 -47.89 -13.39 94.13
C ASP R 877 -48.12 -14.44 95.21
N TYR R 878 -47.54 -15.62 95.01
CA TYR R 878 -47.68 -16.69 95.99
C TYR R 878 -46.78 -16.51 97.20
N SER R 879 -46.06 -15.39 97.31
CA SER R 879 -45.38 -15.09 98.56
C SER R 879 -46.37 -14.64 99.61
N THR R 880 -47.48 -14.03 99.19
CA THR R 880 -48.45 -13.47 100.10
C THR R 880 -49.44 -14.52 100.56
N ALA R 881 -49.92 -14.35 101.80
CA ALA R 881 -50.97 -15.24 102.31
C ALA R 881 -52.27 -15.04 101.56
N ALA R 882 -52.54 -13.83 101.09
CA ALA R 882 -53.77 -13.57 100.35
C ALA R 882 -53.84 -14.37 99.07
N PHE R 883 -52.72 -14.89 98.60
CA PHE R 883 -52.70 -15.68 97.38
C PHE R 883 -53.58 -16.92 97.51
N TRP R 884 -53.62 -17.52 98.70
CA TRP R 884 -54.38 -18.75 98.90
C TRP R 884 -55.79 -18.41 99.34
N ASN R 885 -56.65 -18.23 98.35
CA ASN R 885 -58.08 -18.09 98.59
C ASN R 885 -58.80 -18.84 97.48
N GLY R 886 -59.42 -19.97 97.83
CA GLY R 886 -60.03 -20.82 96.83
C GLY R 886 -59.08 -21.69 96.06
N ILE R 887 -57.81 -21.72 96.44
CA ILE R 887 -56.81 -22.50 95.72
C ILE R 887 -56.91 -23.95 96.16
N ARG R 888 -57.27 -24.83 95.23
CA ARG R 888 -57.41 -26.25 95.51
C ARG R 888 -56.57 -27.04 94.52
N CYS R 889 -55.88 -28.07 95.02
CA CYS R 889 -55.08 -28.95 94.19
C CYS R 889 -54.70 -30.16 95.03
N ASP R 890 -54.08 -31.15 94.39
CA ASP R 890 -53.55 -32.32 95.08
C ASP R 890 -52.04 -32.38 95.04
N SER R 891 -51.39 -31.57 94.21
CA SER R 891 -49.95 -31.58 94.07
C SER R 891 -49.50 -30.23 93.54
N ALA R 892 -48.22 -29.94 93.72
CA ALA R 892 -47.68 -28.64 93.33
C ALA R 892 -46.20 -28.79 93.02
N THR R 893 -45.64 -27.73 92.44
CA THR R 893 -44.21 -27.70 92.16
C THR R 893 -43.75 -26.25 92.06
N ALA R 894 -42.45 -26.06 92.24
CA ALA R 894 -41.84 -24.75 92.15
C ALA R 894 -40.38 -24.94 91.76
N ILE R 895 -40.05 -24.56 90.53
CA ILE R 895 -38.72 -24.81 89.96
C ILE R 895 -38.13 -23.48 89.52
N PHE R 896 -36.90 -23.21 89.95
CA PHE R 896 -36.17 -22.00 89.60
C PHE R 896 -36.91 -20.75 90.04
N THR R 897 -37.73 -20.85 91.09
CA THR R 897 -38.51 -19.74 91.57
C THR R 897 -38.34 -19.46 93.06
N LEU R 898 -38.05 -20.48 93.86
CA LEU R 898 -38.05 -20.33 95.31
C LEU R 898 -37.01 -19.31 95.75
N GLY R 899 -35.76 -19.51 95.33
CA GLY R 899 -34.70 -18.63 95.79
C GLY R 899 -34.92 -17.20 95.39
N ALA R 900 -35.37 -16.98 94.15
CA ALA R 900 -35.67 -15.62 93.70
C ALA R 900 -36.78 -15.00 94.55
N ALA R 901 -37.85 -15.75 94.79
CA ALA R 901 -38.94 -15.24 95.60
C ALA R 901 -38.47 -14.93 97.02
N ALA R 902 -37.66 -15.82 97.58
CA ALA R 902 -37.12 -15.57 98.92
C ALA R 902 -36.26 -14.31 98.92
N ALA R 903 -35.43 -14.13 97.88
CA ALA R 903 -34.64 -12.92 97.78
C ALA R 903 -35.52 -11.69 97.67
N ALA R 904 -36.58 -11.77 96.85
CA ALA R 904 -37.51 -10.64 96.74
C ALA R 904 -38.19 -10.37 98.07
N ALA R 905 -38.53 -11.41 98.81
CA ALA R 905 -39.11 -11.25 100.13
C ALA R 905 -38.09 -10.83 101.17
N GLY R 906 -36.81 -10.77 100.81
CA GLY R 906 -35.79 -10.35 101.74
C GLY R 906 -35.67 -11.29 102.93
N THR R 907 -35.63 -12.59 102.65
CA THR R 907 -35.62 -13.58 103.72
C THR R 907 -34.77 -14.77 103.30
N ASP R 908 -34.40 -15.57 104.29
CA ASP R 908 -33.70 -16.82 104.04
C ASP R 908 -34.68 -17.86 103.52
N LEU R 909 -34.11 -18.99 103.07
CA LEU R 909 -34.94 -20.09 102.57
C LEU R 909 -35.78 -20.70 103.68
N ILE R 910 -35.15 -20.97 104.83
CA ILE R 910 -35.82 -21.74 105.88
C ILE R 910 -37.09 -21.03 106.32
N ALA R 911 -36.99 -19.74 106.60
CA ALA R 911 -38.19 -18.98 106.97
C ALA R 911 -39.18 -18.96 105.83
N PHE R 912 -38.70 -18.84 104.59
CA PHE R 912 -39.59 -18.73 103.44
C PHE R 912 -40.42 -19.98 103.28
N VAL R 913 -39.78 -21.16 103.35
CA VAL R 913 -40.51 -22.39 103.14
C VAL R 913 -41.44 -22.68 104.31
N GLN R 914 -41.05 -22.30 105.52
CA GLN R 914 -41.83 -22.65 106.71
C GLN R 914 -43.23 -22.05 106.65
N GLN R 915 -43.38 -20.88 106.05
CA GLN R 915 -44.69 -20.27 105.90
C GLN R 915 -45.33 -20.60 104.56
N LEU R 916 -44.65 -21.36 103.70
CA LEU R 916 -45.17 -21.72 102.39
C LEU R 916 -45.81 -23.10 102.39
N ILE R 917 -45.05 -24.11 102.81
CA ILE R 917 -45.55 -25.49 102.77
C ILE R 917 -46.89 -25.65 103.48
N PRO R 918 -47.11 -25.09 104.67
CA PRO R 918 -48.43 -25.25 105.31
C PRO R 918 -49.57 -24.77 104.43
N ARG R 919 -49.36 -23.69 103.68
CA ARG R 919 -50.40 -23.23 102.77
C ARG R 919 -50.70 -24.27 101.70
N ILE R 920 -49.65 -24.91 101.18
CA ILE R 920 -49.86 -25.96 100.18
C ILE R 920 -50.64 -27.12 100.80
N VAL R 921 -50.28 -27.50 102.01
CA VAL R 921 -51.02 -28.54 102.70
C VAL R 921 -52.46 -28.11 102.91
N ALA R 922 -52.66 -26.86 103.31
CA ALA R 922 -54.02 -26.35 103.46
C ALA R 922 -54.78 -26.37 102.15
N ALA R 923 -54.10 -26.20 101.03
CA ALA R 923 -54.75 -26.22 99.73
C ALA R 923 -55.13 -27.61 99.29
N GLY R 924 -54.97 -28.61 100.15
CA GLY R 924 -55.28 -29.98 99.78
C GLY R 924 -54.17 -30.69 99.03
N GLY R 925 -53.04 -30.04 98.79
CA GLY R 925 -51.94 -30.69 98.11
C GLY R 925 -51.33 -31.79 98.96
N THR R 926 -50.79 -32.80 98.28
CA THR R 926 -50.24 -33.97 98.95
C THR R 926 -48.74 -34.14 98.71
N ARG R 927 -48.27 -33.89 97.49
CA ARG R 927 -46.86 -34.07 97.17
C ARG R 927 -46.40 -32.90 96.33
N MET R 928 -45.12 -32.58 96.44
CA MET R 928 -44.57 -31.46 95.69
C MET R 928 -43.11 -31.70 95.38
N TRP R 929 -42.64 -31.08 94.31
CA TRP R 929 -41.23 -31.07 93.93
C TRP R 929 -40.73 -29.64 94.01
N LEU R 930 -39.70 -29.42 94.81
CA LEU R 930 -39.20 -28.08 95.08
C LEU R 930 -37.73 -28.00 94.73
N GLN R 931 -37.34 -26.95 94.02
CA GLN R 931 -35.97 -26.77 93.56
C GLN R 931 -35.25 -25.86 94.54
N LEU R 932 -34.72 -26.45 95.60
CA LEU R 932 -33.93 -25.71 96.57
C LEU R 932 -32.47 -25.69 96.14
N ASN R 933 -31.86 -24.52 96.28
CA ASN R 933 -30.43 -24.38 96.02
C ASN R 933 -29.66 -24.63 97.31
N THR R 934 -28.87 -25.70 97.33
CA THR R 934 -28.16 -26.08 98.54
C THR R 934 -27.03 -27.02 98.17
N PRO R 935 -25.88 -26.95 98.82
CA PRO R 935 -24.79 -27.89 98.53
C PRO R 935 -25.05 -29.23 99.17
N LEU R 936 -25.45 -30.21 98.36
CA LEU R 936 -25.69 -31.55 98.90
C LEU R 936 -24.39 -32.29 99.16
N TYR R 937 -23.43 -32.20 98.26
CA TYR R 937 -22.24 -33.03 98.35
C TYR R 937 -21.11 -32.32 99.08
N GLU R 938 -20.82 -31.07 98.74
CA GLU R 938 -19.86 -30.28 99.49
C GLU R 938 -20.01 -28.82 99.11
N VAL R 939 -19.45 -27.96 99.95
CA VAL R 939 -19.42 -26.53 99.67
C VAL R 939 -18.21 -26.28 98.77
N SER R 940 -18.48 -25.88 97.53
CA SER R 940 -17.42 -25.58 96.58
C SER R 940 -18.00 -24.73 95.46
N SER R 941 -17.46 -23.52 95.28
CA SER R 941 -17.97 -22.62 94.27
C SER R 941 -17.50 -23.03 92.88
N LEU R 942 -18.41 -22.95 91.91
CA LEU R 942 -18.03 -23.11 90.51
C LEU R 942 -17.45 -21.80 90.01
N PRO R 943 -16.27 -21.82 89.39
CA PRO R 943 -15.47 -20.60 89.26
C PRO R 943 -16.21 -19.38 88.77
N ASP R 944 -17.17 -19.54 87.85
CA ASP R 944 -17.90 -18.37 87.39
C ASP R 944 -19.41 -18.57 87.49
N LEU R 945 -19.86 -19.81 87.33
CA LEU R 945 -21.29 -20.07 87.28
C LEU R 945 -21.96 -19.75 88.61
N ILE R 946 -21.44 -20.30 89.70
CA ILE R 946 -22.01 -20.10 91.02
C ILE R 946 -20.89 -19.85 92.01
N ASP R 947 -21.01 -18.76 92.76
CA ASP R 947 -20.09 -18.45 93.85
C ASP R 947 -20.86 -18.48 95.16
N ILE R 948 -20.35 -19.26 96.12
CA ILE R 948 -21.02 -19.46 97.39
C ILE R 948 -20.50 -18.45 98.38
N ASP R 949 -21.39 -17.66 98.96
CA ASP R 949 -21.05 -16.75 100.02
C ASP R 949 -21.24 -17.42 101.38
N LEU R 950 -20.36 -17.11 102.31
CA LEU R 950 -20.40 -17.71 103.64
C LEU R 950 -20.61 -16.70 104.74
N ARG R 951 -20.02 -15.50 104.63
CA ARG R 951 -20.31 -14.45 105.60
C ARG R 951 -21.80 -14.12 105.62
N ASP R 952 -22.50 -14.43 104.54
CA ASP R 952 -23.94 -14.59 104.57
C ASP R 952 -24.29 -15.66 103.55
N ARG R 953 -25.41 -16.34 103.79
CA ARG R 953 -25.75 -17.54 103.03
C ARG R 953 -26.42 -17.12 101.73
N VAL R 954 -25.62 -16.95 100.69
CA VAL R 954 -26.14 -16.49 99.40
C VAL R 954 -25.30 -17.08 98.29
N TYR R 955 -25.95 -17.37 97.16
CA TYR R 955 -25.25 -17.73 95.93
C TYR R 955 -25.08 -16.49 95.05
N ARG R 956 -23.99 -16.48 94.29
CA ARG R 956 -23.78 -15.51 93.22
C ARG R 956 -23.84 -16.25 91.90
N PHE R 957 -24.61 -15.73 90.95
CA PHE R 957 -24.80 -16.38 89.66
C PHE R 957 -24.17 -15.55 88.56
N ASN R 958 -23.43 -16.23 87.68
CA ASN R 958 -22.83 -15.62 86.50
C ASN R 958 -22.01 -14.39 86.87
N GLY R 959 -21.21 -14.54 87.92
CA GLY R 959 -20.43 -13.42 88.37
C GLY R 959 -21.23 -12.36 89.07
N GLY R 960 -22.46 -12.66 89.46
CA GLY R 960 -23.27 -11.74 90.21
C GLY R 960 -24.45 -11.14 89.50
N GLU R 961 -24.79 -11.61 88.30
CA GLU R 961 -26.00 -11.11 87.65
C GLU R 961 -27.25 -11.51 88.40
N ARG R 962 -27.18 -12.56 89.20
CA ARG R 962 -28.30 -13.00 90.03
C ARG R 962 -27.76 -13.43 91.38
N VAL R 963 -28.47 -13.07 92.43
CA VAL R 963 -28.05 -13.33 93.81
C VAL R 963 -29.23 -13.89 94.58
N GLU R 964 -29.06 -15.05 95.20
CA GLU R 964 -30.13 -15.70 95.93
C GLU R 964 -29.59 -16.36 97.19
N PRO R 965 -30.41 -16.50 98.22
CA PRO R 965 -29.97 -17.19 99.43
C PRO R 965 -29.96 -18.69 99.23
N TYR R 966 -29.27 -19.37 100.15
CA TYR R 966 -29.25 -20.82 100.18
C TYR R 966 -29.30 -21.28 101.62
N ALA R 967 -29.44 -22.59 101.80
CA ALA R 967 -29.50 -23.19 103.12
C ALA R 967 -28.66 -24.46 103.14
N ASP R 968 -28.22 -24.82 104.33
CA ASP R 968 -27.48 -26.08 104.46
C ASP R 968 -28.45 -27.25 104.45
N PRO R 969 -28.06 -28.38 103.88
CA PRO R 969 -29.03 -29.48 103.70
C PRO R 969 -29.54 -30.06 105.01
N VAL R 970 -28.64 -30.42 105.92
CA VAL R 970 -29.06 -31.07 107.17
C VAL R 970 -30.01 -30.19 107.97
N PRO R 971 -29.69 -28.93 108.28
CA PRO R 971 -30.67 -28.11 109.01
C PRO R 971 -31.99 -27.98 108.27
N LEU R 972 -31.93 -27.91 106.94
CA LEU R 972 -33.15 -27.79 106.16
C LEU R 972 -34.03 -29.02 106.31
N GLN R 973 -33.43 -30.21 106.18
CA GLN R 973 -34.19 -31.44 106.31
C GLN R 973 -34.80 -31.55 107.71
N GLN R 974 -34.03 -31.19 108.73
CA GLN R 974 -34.58 -31.19 110.08
C GLN R 974 -35.75 -30.23 110.20
N ALA R 975 -35.63 -29.05 109.59
CA ALA R 975 -36.74 -28.11 109.60
C ALA R 975 -37.95 -28.69 108.88
N ILE R 976 -37.73 -29.34 107.73
CA ILE R 976 -38.83 -29.93 106.98
C ILE R 976 -39.50 -31.02 107.81
N ALA R 977 -38.70 -31.87 108.43
CA ALA R 977 -39.26 -32.93 109.26
C ALA R 977 -40.11 -32.35 110.38
N ALA R 978 -39.70 -31.20 110.94
CA ALA R 978 -40.48 -30.56 111.98
C ALA R 978 -41.85 -30.15 111.46
N LEU R 979 -41.90 -29.56 110.26
CA LEU R 979 -43.19 -29.18 109.69
C LEU R 979 -44.04 -30.40 109.41
N LEU R 980 -43.49 -31.38 108.71
CA LEU R 980 -44.21 -32.60 108.37
C LEU R 980 -43.46 -33.79 108.93
N PRO R 981 -43.94 -34.43 109.99
CA PRO R 981 -43.21 -35.56 110.56
C PRO R 981 -43.45 -36.87 109.84
N ALA R 982 -44.56 -37.01 109.11
CA ALA R 982 -44.97 -38.29 108.55
C ALA R 982 -44.84 -38.34 107.03
N ALA R 983 -44.01 -37.49 106.44
CA ALA R 983 -43.86 -37.41 105.00
C ALA R 983 -42.49 -37.90 104.58
N ALA R 984 -42.42 -38.49 103.39
CA ALA R 984 -41.17 -39.00 102.85
C ALA R 984 -40.44 -37.91 102.07
N LEU R 985 -39.12 -37.96 102.13
CA LEU R 985 -38.27 -36.98 101.47
C LEU R 985 -37.26 -37.69 100.56
N SER R 986 -36.95 -37.06 99.44
CA SER R 986 -35.95 -37.58 98.53
C SER R 986 -35.35 -36.44 97.72
N TRP R 987 -34.14 -36.68 97.22
CA TRP R 987 -33.39 -35.69 96.46
C TRP R 987 -33.17 -36.20 95.04
N HIS R 988 -33.02 -35.26 94.11
CA HIS R 988 -32.80 -35.60 92.71
C HIS R 988 -31.85 -34.59 92.09
N THR R 989 -30.90 -35.09 91.30
CA THR R 989 -29.96 -34.26 90.57
C THR R 989 -29.78 -34.83 89.18
N LEU R 990 -29.02 -34.12 88.36
CA LEU R 990 -28.75 -34.59 87.01
C LEU R 990 -28.02 -35.92 87.05
N SER R 991 -28.48 -36.85 86.24
CA SER R 991 -27.90 -38.19 86.25
C SER R 991 -26.59 -38.19 85.47
N PRO R 992 -25.58 -38.92 85.94
CA PRO R 992 -24.39 -39.16 85.12
C PRO R 992 -24.62 -40.12 83.99
N THR R 993 -25.82 -40.68 83.88
CA THR R 993 -26.18 -41.60 82.81
C THR R 993 -26.72 -40.88 81.59
N CYS R 994 -26.92 -39.56 81.67
CA CYS R 994 -27.24 -38.74 80.50
C CYS R 994 -28.58 -39.11 79.88
N ASP R 995 -29.50 -39.65 80.67
CA ASP R 995 -30.81 -40.00 80.15
C ASP R 995 -31.61 -38.78 79.71
N TRP R 996 -31.22 -37.59 80.13
CA TRP R 996 -31.92 -36.36 79.82
C TRP R 996 -31.49 -35.76 78.48
N LEU R 997 -30.59 -36.42 77.77
CA LEU R 997 -30.09 -35.91 76.51
C LEU R 997 -31.18 -35.57 75.49
N PRO R 998 -32.22 -36.38 75.27
CA PRO R 998 -33.21 -36.04 74.24
C PRO R 998 -33.82 -34.66 74.40
N TYR R 999 -33.76 -34.11 75.61
CA TYR R 999 -34.24 -32.76 75.82
C TYR R 999 -33.23 -31.70 75.43
N ILE R 1000 -32.03 -32.11 75.03
CA ILE R 1000 -31.02 -31.21 74.49
C ILE R 1000 -30.83 -31.43 72.99
N ILE R 1001 -30.55 -32.67 72.61
CA ILE R 1001 -30.36 -32.98 71.20
C ILE R 1001 -31.71 -33.01 70.47
N GLY R 1002 -32.69 -33.68 71.04
CA GLY R 1002 -33.99 -33.79 70.40
C GLY R 1002 -34.70 -32.47 70.23
N VAL R 1003 -34.20 -31.41 70.85
CA VAL R 1003 -34.72 -30.07 70.64
C VAL R 1003 -33.86 -29.27 69.68
N GLY R 1004 -32.80 -29.87 69.15
CA GLY R 1004 -32.01 -29.23 68.11
C GLY R 1004 -30.95 -28.26 68.59
N SER R 1005 -30.44 -28.44 69.80
CA SER R 1005 -29.41 -27.55 70.32
C SER R 1005 -28.09 -28.29 70.42
N PRO R 1006 -26.99 -27.69 69.96
CA PRO R 1006 -25.70 -28.37 69.98
C PRO R 1006 -25.11 -28.40 71.38
N LEU R 1007 -24.02 -29.17 71.52
CA LEU R 1007 -23.50 -29.52 72.83
C LEU R 1007 -21.99 -29.69 72.77
N ASN R 1008 -21.34 -29.44 73.91
CA ASN R 1008 -19.94 -29.77 74.13
C ASN R 1008 -19.85 -30.74 75.30
N LEU R 1009 -19.17 -31.86 75.08
CA LEU R 1009 -19.20 -32.95 76.07
C LEU R 1009 -18.48 -32.57 77.35
N SER R 1010 -17.40 -31.78 77.26
CA SER R 1010 -16.60 -31.50 78.45
C SER R 1010 -17.38 -30.73 79.50
N ASP R 1011 -18.50 -30.12 79.14
CA ASP R 1011 -19.27 -29.34 80.10
C ASP R 1011 -20.09 -30.20 81.05
N ILE R 1012 -20.26 -31.48 80.74
CA ILE R 1012 -21.24 -32.29 81.47
C ILE R 1012 -20.88 -32.39 82.94
N ASN R 1013 -19.60 -32.59 83.24
CA ASN R 1013 -19.19 -32.69 84.63
C ASN R 1013 -19.55 -31.45 85.41
N THR R 1014 -19.33 -30.28 84.81
CA THR R 1014 -19.74 -29.04 85.46
C THR R 1014 -21.24 -29.00 85.66
N ALA R 1015 -22.00 -29.44 84.65
CA ALA R 1015 -23.45 -29.42 84.75
C ALA R 1015 -23.91 -30.27 85.92
N ILE R 1016 -23.34 -31.45 86.07
CA ILE R 1016 -23.66 -32.30 87.21
C ILE R 1016 -23.35 -31.56 88.51
N SER R 1017 -22.15 -30.98 88.60
CA SER R 1017 -21.79 -30.23 89.78
C SER R 1017 -22.75 -29.07 90.01
N TYR R 1018 -23.15 -28.41 88.93
CA TYR R 1018 -24.14 -27.35 89.04
C TYR R 1018 -25.42 -27.87 89.66
N SER R 1019 -25.88 -29.04 89.20
CA SER R 1019 -27.09 -29.63 89.78
C SER R 1019 -26.88 -29.99 91.24
N ARG R 1020 -25.71 -30.51 91.58
CA ARG R 1020 -25.41 -30.86 92.96
C ARG R 1020 -25.60 -29.67 93.89
N LEU R 1021 -25.35 -28.46 93.40
CA LEU R 1021 -25.57 -27.27 94.19
C LEU R 1021 -27.02 -26.81 94.17
N THR R 1022 -27.82 -27.29 93.23
CA THR R 1022 -29.21 -26.86 93.08
C THR R 1022 -30.11 -28.09 92.92
N PRO R 1023 -30.22 -28.91 93.94
CA PRO R 1023 -31.01 -30.14 93.81
C PRO R 1023 -32.49 -29.84 93.80
N ILE R 1024 -33.27 -30.89 93.55
CA ILE R 1024 -34.73 -30.85 93.65
C ILE R 1024 -35.14 -31.73 94.82
N LEU R 1025 -35.90 -31.17 95.73
CA LEU R 1025 -36.42 -31.91 96.87
C LEU R 1025 -37.82 -32.39 96.54
N HIS R 1026 -38.02 -33.70 96.66
CA HIS R 1026 -39.32 -34.32 96.43
C HIS R 1026 -39.94 -34.67 97.77
N ILE R 1027 -41.07 -34.06 98.07
CA ILE R 1027 -41.80 -34.29 99.31
C ILE R 1027 -43.06 -35.05 99.00
N ASP R 1028 -43.34 -36.09 99.78
CA ASP R 1028 -44.52 -36.91 99.58
C ASP R 1028 -45.13 -37.23 100.93
N THR R 1029 -46.38 -36.81 101.14
CA THR R 1029 -47.04 -37.01 102.42
C THR R 1029 -47.90 -38.27 102.46
N THR R 1030 -48.17 -38.90 101.31
CA THR R 1030 -49.05 -40.05 101.28
C THR R 1030 -48.31 -41.36 101.50
N THR R 1031 -47.15 -41.33 102.17
CA THR R 1031 -46.43 -42.55 102.45
C THR R 1031 -45.53 -42.32 103.66
N PRO R 1032 -45.35 -43.32 104.52
CA PRO R 1032 -44.50 -43.12 105.70
C PRO R 1032 -43.04 -42.98 105.29
N PRO R 1033 -42.25 -42.26 106.07
CA PRO R 1033 -40.87 -41.98 105.68
C PRO R 1033 -39.92 -43.13 105.99
N LEU R 1034 -38.69 -42.98 105.50
CA LEU R 1034 -37.61 -43.92 105.70
C LEU R 1034 -36.92 -43.65 107.04
N ARG R 1035 -36.17 -44.65 107.51
CA ARG R 1035 -35.44 -44.49 108.76
C ARG R 1035 -34.24 -45.43 108.79
N VAL R 1036 -33.21 -45.02 109.53
CA VAL R 1036 -31.96 -45.76 109.64
C VAL R 1036 -31.40 -45.55 111.04
N ASN R 1037 -30.75 -46.58 111.59
CA ASN R 1037 -30.31 -46.51 112.97
C ASN R 1037 -29.12 -45.56 113.15
N PRO R 1038 -27.95 -45.78 112.51
CA PRO R 1038 -26.85 -44.83 112.70
C PRO R 1038 -27.00 -43.60 111.81
N VAL R 1039 -27.74 -42.60 112.29
CA VAL R 1039 -28.09 -41.42 111.52
C VAL R 1039 -26.87 -40.78 110.86
N PRO R 1040 -25.70 -40.67 111.53
CA PRO R 1040 -24.51 -40.18 110.82
C PRO R 1040 -24.13 -41.02 109.62
N THR R 1041 -24.56 -42.28 109.55
CA THR R 1041 -24.33 -43.19 108.43
C THR R 1041 -22.87 -43.19 107.98
N PRO R 1042 -21.95 -43.65 108.81
CA PRO R 1042 -20.55 -43.72 108.41
C PRO R 1042 -20.32 -44.85 107.40
N LEU R 1043 -19.24 -44.68 106.64
CA LEU R 1043 -18.91 -45.61 105.57
C LEU R 1043 -18.37 -46.92 106.12
N ASN R 1044 -18.54 -47.98 105.33
CA ASN R 1044 -17.92 -49.30 105.57
C ASN R 1044 -18.40 -49.94 106.86
N GLN R 1045 -19.57 -49.56 107.36
CA GLN R 1045 -20.03 -50.06 108.64
C GLN R 1045 -21.49 -50.52 108.53
N GLN R 1046 -21.82 -51.54 109.30
CA GLN R 1046 -23.15 -52.12 109.25
C GLN R 1046 -24.20 -51.11 109.71
N CYS R 1047 -25.32 -51.07 109.00
CA CYS R 1047 -26.41 -50.17 109.34
C CYS R 1047 -27.74 -50.86 109.03
N ALA R 1048 -28.72 -50.61 109.88
CA ALA R 1048 -30.05 -51.18 109.72
C ALA R 1048 -31.00 -50.13 109.19
N ILE R 1049 -31.79 -50.50 108.19
CA ILE R 1049 -32.72 -49.59 107.53
C ILE R 1049 -34.11 -50.24 107.54
N ARG R 1050 -35.10 -49.47 107.95
CA ARG R 1050 -36.48 -49.95 108.05
C ARG R 1050 -37.32 -49.31 106.96
N ILE R 1051 -38.10 -50.11 106.25
CA ILE R 1051 -39.06 -49.64 105.26
C ILE R 1051 -40.39 -50.28 105.62
N THR R 1052 -41.21 -49.56 106.38
CA THR R 1052 -42.52 -50.09 106.76
C THR R 1052 -43.36 -50.30 105.51
N SER R 1053 -44.01 -51.46 105.45
CA SER R 1053 -44.70 -51.90 104.24
C SER R 1053 -45.62 -53.05 104.59
N LEU R 1054 -46.65 -53.25 103.77
CA LEU R 1054 -47.69 -54.20 104.09
C LEU R 1054 -47.56 -55.52 103.35
N ASP R 1055 -46.81 -55.56 102.25
CA ASP R 1055 -46.76 -56.75 101.41
C ASP R 1055 -45.38 -57.37 101.44
N PRO R 1056 -45.22 -58.59 101.97
CA PRO R 1056 -43.95 -59.30 101.79
C PRO R 1056 -43.71 -59.73 100.35
N ALA R 1057 -44.72 -59.65 99.50
CA ALA R 1057 -44.57 -60.03 98.09
C ALA R 1057 -43.93 -58.95 97.24
N ALA R 1058 -43.72 -57.76 97.79
CA ALA R 1058 -43.15 -56.67 97.01
C ALA R 1058 -41.68 -56.92 96.72
N VAL R 1059 -41.13 -56.12 95.80
CA VAL R 1059 -39.74 -56.24 95.39
C VAL R 1059 -39.08 -54.88 95.56
N LEU R 1060 -37.77 -54.91 95.85
CA LEU R 1060 -37.02 -53.74 96.25
C LEU R 1060 -35.88 -53.46 95.27
N SER R 1061 -35.50 -52.20 95.17
CA SER R 1061 -34.34 -51.80 94.41
C SER R 1061 -33.77 -50.52 95.00
N VAL R 1062 -32.45 -50.40 94.98
CA VAL R 1062 -31.73 -49.22 95.43
C VAL R 1062 -30.81 -48.75 94.32
N GLN R 1063 -30.76 -47.45 94.10
CA GLN R 1063 -29.98 -46.89 93.01
C GLN R 1063 -28.93 -45.92 93.54
N HIS R 1064 -27.86 -45.78 92.77
CA HIS R 1064 -26.77 -44.88 93.10
C HIS R 1064 -26.12 -44.41 91.82
N ASN R 1065 -25.88 -43.10 91.71
CA ASN R 1065 -25.37 -42.50 90.49
C ASN R 1065 -26.26 -42.84 89.30
N GLY R 1066 -27.57 -42.88 89.55
CA GLY R 1066 -28.51 -43.12 88.47
C GLY R 1066 -28.50 -44.53 87.94
N VAL R 1067 -28.07 -45.51 88.73
CA VAL R 1067 -28.11 -46.90 88.32
C VAL R 1067 -28.39 -47.77 89.56
N GLU R 1068 -29.15 -48.83 89.35
CA GLU R 1068 -29.49 -49.73 90.44
C GLU R 1068 -28.24 -50.41 90.98
N VAL R 1069 -28.15 -50.51 92.30
CA VAL R 1069 -26.97 -51.06 92.94
C VAL R 1069 -27.36 -52.23 93.85
N ILE R 1070 -28.57 -52.19 94.38
CA ILE R 1070 -29.11 -53.26 95.20
C ILE R 1070 -30.53 -53.54 94.74
N GLY R 1071 -30.88 -54.82 94.65
CA GLY R 1071 -32.22 -55.20 94.29
C GLY R 1071 -32.48 -56.67 94.57
N GLY R 1072 -33.74 -57.02 94.81
CA GLY R 1072 -34.08 -58.41 95.03
C GLY R 1072 -35.28 -58.53 95.95
N THR R 1073 -35.32 -59.64 96.68
CA THR R 1073 -36.42 -60.03 97.54
C THR R 1073 -35.88 -60.40 98.90
N PRO R 1074 -36.73 -60.46 99.93
CA PRO R 1074 -36.25 -60.94 101.23
C PRO R 1074 -35.67 -62.33 101.16
N GLY R 1075 -36.17 -63.17 100.25
CA GLY R 1075 -35.56 -64.49 100.07
C GLY R 1075 -34.13 -64.40 99.54
N ASN R 1076 -33.91 -63.57 98.53
CA ASN R 1076 -32.59 -63.43 97.95
C ASN R 1076 -32.43 -62.02 97.40
N VAL R 1077 -31.23 -61.46 97.54
CA VAL R 1077 -30.95 -60.11 97.13
C VAL R 1077 -29.53 -60.06 96.57
N ILE R 1078 -29.31 -59.15 95.63
CA ILE R 1078 -28.01 -58.98 95.01
C ILE R 1078 -27.56 -57.53 95.21
N SER R 1079 -26.27 -57.35 95.48
CA SER R 1079 -25.69 -56.05 95.72
C SER R 1079 -24.33 -55.94 95.06
N VAL R 1080 -23.96 -54.71 94.70
CA VAL R 1080 -22.63 -54.43 94.20
C VAL R 1080 -22.05 -53.27 95.00
N ALA R 1081 -22.48 -53.14 96.27
CA ALA R 1081 -21.98 -52.07 97.12
C ALA R 1081 -21.69 -52.56 98.54
N GLY R 1082 -21.56 -53.87 98.74
CA GLY R 1082 -21.29 -54.43 100.04
C GLY R 1082 -22.35 -55.45 100.44
N ALA R 1083 -22.13 -56.02 101.63
CA ALA R 1083 -23.03 -57.05 102.13
C ALA R 1083 -24.42 -56.46 102.39
N ALA R 1084 -25.44 -57.17 101.96
CA ALA R 1084 -26.82 -56.74 102.15
C ALA R 1084 -27.68 -57.95 102.53
N ALA R 1085 -28.50 -57.78 103.56
CA ALA R 1085 -29.42 -58.82 104.01
C ALA R 1085 -30.81 -58.22 104.05
N LEU R 1086 -31.75 -58.85 103.34
CA LEU R 1086 -33.11 -58.37 103.26
C LEU R 1086 -34.03 -59.33 103.99
N GLN R 1087 -34.86 -58.79 104.87
CA GLN R 1087 -35.82 -59.57 105.62
C GLN R 1087 -37.09 -58.76 105.80
N TYR R 1088 -38.22 -59.45 105.86
CA TYR R 1088 -39.51 -58.82 106.12
C TYR R 1088 -39.98 -59.24 107.51
N ILE R 1089 -40.21 -58.26 108.38
CA ILE R 1089 -40.71 -58.51 109.73
C ILE R 1089 -42.20 -58.21 109.69
N LEU R 1090 -43.01 -59.27 109.61
CA LEU R 1090 -44.45 -59.09 109.52
C LEU R 1090 -45.02 -58.45 110.78
N ALA R 1091 -44.46 -58.81 111.94
CA ALA R 1091 -44.96 -58.27 113.20
C ALA R 1091 -44.88 -56.75 113.22
N ASN R 1092 -43.90 -56.16 112.54
CA ASN R 1092 -43.80 -54.72 112.43
C ASN R 1092 -44.25 -54.21 111.08
N GLN R 1093 -44.59 -55.10 110.14
CA GLN R 1093 -44.94 -54.72 108.78
C GLN R 1093 -43.85 -53.84 108.17
N GLU R 1094 -42.63 -54.36 108.20
CA GLU R 1094 -41.48 -53.64 107.67
C GLU R 1094 -40.60 -54.59 106.87
N PHE R 1095 -39.90 -54.03 105.91
CA PHE R 1095 -38.73 -54.70 105.34
C PHE R 1095 -37.50 -54.24 106.08
N LEU R 1096 -36.72 -55.19 106.57
CA LEU R 1096 -35.47 -54.89 107.25
C LEU R 1096 -34.31 -55.10 106.29
N LEU R 1097 -33.49 -54.07 106.13
CA LEU R 1097 -32.29 -54.15 105.32
C LEU R 1097 -31.08 -53.89 106.21
N GLN R 1098 -30.17 -54.84 106.24
CA GLN R 1098 -28.88 -54.69 106.91
C GLN R 1098 -27.80 -54.60 105.85
N PHE R 1099 -26.98 -53.57 105.95
CA PHE R 1099 -26.15 -53.16 104.82
C PHE R 1099 -24.84 -52.58 105.32
N THR R 1100 -23.78 -52.82 104.55
CA THR R 1100 -22.44 -52.31 104.84
C THR R 1100 -21.94 -51.59 103.60
N PRO R 1101 -22.28 -50.31 103.44
CA PRO R 1101 -21.92 -49.59 102.22
C PRO R 1101 -20.41 -49.55 102.01
N THR R 1102 -20.00 -49.71 100.76
CA THR R 1102 -18.59 -49.65 100.38
C THR R 1102 -18.25 -48.40 99.60
N LEU R 1103 -19.18 -47.45 99.48
CA LEU R 1103 -18.92 -46.21 98.77
C LEU R 1103 -19.91 -45.17 99.28
N PRO R 1104 -19.52 -43.90 99.31
CA PRO R 1104 -20.41 -42.87 99.86
C PRO R 1104 -21.38 -42.33 98.83
N GLY R 1105 -22.15 -41.34 99.21
CA GLY R 1105 -23.03 -40.64 98.30
C GLY R 1105 -24.49 -40.88 98.61
N ILE R 1106 -25.33 -40.37 97.71
CA ILE R 1106 -26.77 -40.49 97.85
C ILE R 1106 -27.22 -41.87 97.38
N PHE R 1107 -28.10 -42.49 98.15
CA PHE R 1107 -28.77 -43.72 97.74
C PHE R 1107 -30.25 -43.54 97.92
N ASP R 1108 -31.03 -43.88 96.90
CA ASP R 1108 -32.48 -43.82 96.96
C ASP R 1108 -33.05 -45.21 96.73
N VAL R 1109 -34.20 -45.47 97.34
CA VAL R 1109 -34.74 -46.81 97.45
C VAL R 1109 -36.17 -46.82 96.93
N PHE R 1110 -36.54 -47.94 96.31
CA PHE R 1110 -37.87 -48.09 95.73
C PHE R 1110 -38.46 -49.44 96.12
N LEU R 1111 -39.79 -49.49 96.14
CA LEU R 1111 -40.53 -50.72 96.31
C LEU R 1111 -41.50 -50.87 95.16
N THR R 1112 -41.75 -52.13 94.78
CA THR R 1112 -42.61 -52.40 93.64
C THR R 1112 -43.34 -53.70 93.88
N THR R 1113 -44.56 -53.79 93.35
CA THR R 1113 -45.32 -55.03 93.30
C THR R 1113 -45.76 -55.26 91.87
N LEU R 1114 -46.15 -56.50 91.58
CA LEU R 1114 -46.25 -56.97 90.20
C LEU R 1114 -47.20 -56.13 89.36
N GLY R 1115 -48.28 -55.62 89.95
CA GLY R 1115 -49.27 -54.92 89.17
C GLY R 1115 -49.17 -53.41 89.24
N GLN R 1116 -48.02 -52.88 89.62
CA GLN R 1116 -47.89 -51.46 89.89
C GLN R 1116 -46.56 -50.95 89.37
N PRO R 1117 -46.45 -49.64 89.14
CA PRO R 1117 -45.15 -49.02 88.89
C PRO R 1117 -44.33 -48.99 90.16
N PRO R 1118 -43.02 -48.82 90.06
CA PRO R 1118 -42.19 -48.70 91.27
C PRO R 1118 -42.56 -47.46 92.07
N VAL R 1119 -42.42 -47.56 93.37
CA VAL R 1119 -42.80 -46.50 94.30
C VAL R 1119 -41.54 -46.02 95.00
N PRO R 1120 -41.20 -44.74 94.90
CA PRO R 1120 -40.07 -44.22 95.68
C PRO R 1120 -40.40 -44.22 97.16
N ARG R 1121 -39.40 -44.57 97.97
CA ARG R 1121 -39.57 -44.64 99.41
C ARG R 1121 -38.46 -43.88 100.11
N GLY R 1122 -38.10 -42.71 99.58
CA GLY R 1122 -37.10 -41.89 100.20
C GLY R 1122 -35.70 -42.21 99.75
N SER R 1123 -34.74 -41.61 100.45
CA SER R 1123 -33.33 -41.74 100.10
C SER R 1123 -32.50 -41.53 101.35
N PHE R 1124 -31.24 -41.94 101.28
CA PHE R 1124 -30.32 -41.76 102.39
C PHE R 1124 -28.92 -41.49 101.87
N THR R 1125 -28.10 -40.92 102.74
CA THR R 1125 -26.74 -40.53 102.41
C THR R 1125 -25.75 -41.36 103.23
N ILE R 1126 -24.61 -41.70 102.63
CA ILE R 1126 -23.52 -42.38 103.30
C ILE R 1126 -22.35 -41.42 103.38
N THR R 1127 -21.80 -41.24 104.56
CA THR R 1127 -20.76 -40.25 104.75
C THR R 1127 -19.38 -40.89 104.67
N PRO R 1128 -18.39 -40.16 104.17
CA PRO R 1128 -17.03 -40.67 104.13
C PRO R 1128 -16.40 -40.66 105.52
N PRO R 1129 -15.32 -41.42 105.72
CA PRO R 1129 -14.63 -41.41 107.01
C PRO R 1129 -13.97 -40.06 107.26
N PRO R 1130 -13.69 -39.73 108.52
CA PRO R 1130 -13.15 -38.40 108.84
C PRO R 1130 -11.75 -38.21 108.29
N THR R 1131 -11.39 -36.94 108.13
CA THR R 1131 -10.11 -36.52 107.55
C THR R 1131 -9.06 -36.19 108.59
N THR R 1132 -9.30 -36.51 109.86
CA THR R 1132 -8.47 -36.03 110.96
C THR R 1132 -7.27 -36.94 111.15
N VAL R 1133 -6.15 -36.54 110.56
CA VAL R 1133 -4.85 -37.14 110.85
C VAL R 1133 -4.15 -36.29 111.90
N VAL R 1134 -3.48 -36.95 112.84
CA VAL R 1134 -2.81 -36.26 113.93
C VAL R 1134 -1.42 -36.86 114.12
N LEU R 1135 -0.44 -36.00 114.38
CA LEU R 1135 0.94 -36.40 114.60
C LEU R 1135 1.35 -36.04 116.03
N ASN R 1136 2.26 -36.85 116.59
CA ASN R 1136 2.72 -36.68 117.96
C ASN R 1136 4.24 -36.59 117.96
N MET R 1137 4.78 -35.60 118.65
CA MET R 1137 6.15 -35.15 118.47
C MET R 1137 7.01 -35.38 119.70
N PRO R 1138 8.33 -35.46 119.53
CA PRO R 1138 9.23 -35.58 120.67
C PRO R 1138 9.55 -34.22 121.26
N PRO R 1139 10.12 -34.17 122.47
CA PRO R 1139 10.51 -32.89 123.06
C PRO R 1139 11.71 -32.29 122.34
N PRO R 1140 12.04 -31.02 122.61
CA PRO R 1140 13.22 -30.43 121.95
C PRO R 1140 14.51 -31.17 122.22
N GLY R 1141 14.64 -31.79 123.41
CA GLY R 1141 15.80 -32.62 123.67
C GLY R 1141 15.89 -33.81 122.73
N GLN R 1142 14.75 -34.25 122.20
CA GLN R 1142 14.71 -35.34 121.24
C GLN R 1142 14.51 -34.83 119.82
N LEU R 1143 14.56 -33.52 119.60
CA LEU R 1143 14.71 -32.98 118.26
C LEU R 1143 16.11 -33.35 117.77
N ASP R 1144 16.20 -34.30 116.86
CA ASP R 1144 17.46 -34.94 116.51
C ASP R 1144 18.06 -34.23 115.30
N PHE R 1145 18.91 -33.24 115.58
CA PHE R 1145 19.70 -32.59 114.54
C PHE R 1145 20.90 -33.43 114.14
N THR R 1146 21.16 -34.52 114.87
CA THR R 1146 22.17 -35.48 114.48
C THR R 1146 21.79 -36.16 113.17
N ASP R 1147 22.71 -36.99 112.66
CA ASP R 1147 22.45 -37.69 111.41
C ASP R 1147 21.23 -38.60 111.54
N VAL R 1148 21.10 -39.29 112.66
CA VAL R 1148 19.94 -40.14 112.90
C VAL R 1148 18.80 -39.27 113.43
N GLY R 1149 17.90 -38.86 112.53
CA GLY R 1149 16.67 -38.22 112.94
C GLY R 1149 15.77 -39.23 113.63
N ASN R 1150 14.57 -38.84 114.07
CA ASN R 1150 13.84 -39.76 114.93
C ASN R 1150 12.35 -39.74 114.65
N ASP R 1151 11.63 -40.42 115.53
CA ASP R 1151 10.26 -40.86 115.29
C ASP R 1151 9.25 -39.85 115.82
N ALA R 1152 8.18 -39.68 115.07
CA ALA R 1152 6.97 -39.02 115.52
C ALA R 1152 5.79 -39.93 115.22
N ARG R 1153 4.92 -40.14 116.20
CA ARG R 1153 3.85 -41.11 116.07
C ARG R 1153 2.65 -40.50 115.37
N ILE R 1154 2.13 -41.21 114.38
CA ILE R 1154 0.97 -40.77 113.60
C ILE R 1154 -0.27 -41.46 114.15
N THR R 1155 -1.33 -40.69 114.33
CA THR R 1155 -2.63 -41.21 114.75
C THR R 1155 -3.64 -40.89 113.66
N CYS R 1156 -4.10 -41.92 112.95
CA CYS R 1156 -4.98 -41.73 111.82
C CYS R 1156 -5.69 -43.05 111.52
N ASP R 1157 -6.75 -42.96 110.73
CA ASP R 1157 -7.46 -44.14 110.29
C ASP R 1157 -6.61 -44.95 109.32
N PRO R 1158 -6.77 -46.28 109.30
CA PRO R 1158 -6.05 -47.08 108.29
C PRO R 1158 -6.58 -46.87 106.88
N TYR R 1159 -7.76 -46.28 106.73
CA TYR R 1159 -8.35 -46.10 105.41
C TYR R 1159 -7.50 -45.19 104.53
N TYR R 1160 -6.76 -44.26 105.14
CA TYR R 1160 -5.88 -43.36 104.40
C TYR R 1160 -4.44 -43.82 104.57
N GLN R 1161 -3.86 -44.36 103.50
CA GLN R 1161 -2.42 -44.59 103.45
C GLN R 1161 -1.73 -43.27 103.18
N LEU R 1162 -0.56 -43.08 103.80
CA LEU R 1162 0.09 -41.78 103.83
C LEU R 1162 1.53 -41.87 103.35
N ALA R 1163 2.02 -40.73 102.89
CA ALA R 1163 3.42 -40.56 102.53
C ALA R 1163 3.75 -39.07 102.61
N VAL R 1164 5.04 -38.77 102.74
CA VAL R 1164 5.51 -37.40 102.91
C VAL R 1164 5.82 -36.82 101.54
N CYS R 1165 5.26 -35.65 101.26
CA CYS R 1165 5.33 -35.06 99.93
C CYS R 1165 5.51 -33.55 100.03
N ILE R 1166 5.85 -32.94 98.89
CA ILE R 1166 6.10 -31.50 98.80
C ILE R 1166 5.16 -30.91 97.76
N PHE R 1167 4.43 -29.87 98.15
CA PHE R 1167 3.50 -29.17 97.27
C PHE R 1167 4.30 -28.23 96.37
N LYS R 1168 5.03 -28.84 95.43
CA LYS R 1168 6.03 -28.11 94.67
C LYS R 1168 5.42 -27.11 93.71
N ASP R 1169 4.44 -27.54 92.92
CA ASP R 1169 3.98 -26.75 91.78
C ASP R 1169 2.46 -26.76 91.66
N GLY R 1170 1.75 -26.84 92.78
CA GLY R 1170 0.35 -27.16 92.75
C GLY R 1170 0.05 -28.63 92.84
N GLN R 1171 1.07 -29.48 92.82
CA GLN R 1171 0.92 -30.91 93.04
C GLN R 1171 1.98 -31.39 94.01
N TYR R 1172 1.59 -32.29 94.90
CA TYR R 1172 2.51 -32.87 95.86
C TYR R 1172 3.43 -33.87 95.17
N VAL R 1173 4.73 -33.79 95.47
CA VAL R 1173 5.71 -34.72 94.96
C VAL R 1173 6.33 -35.44 96.15
N ARG R 1174 6.44 -36.76 96.06
CA ARG R 1174 6.89 -37.57 97.18
C ARG R 1174 8.36 -37.31 97.48
N VAL R 1175 8.66 -37.08 98.75
CA VAL R 1175 10.02 -36.79 99.18
C VAL R 1175 10.80 -38.10 99.29
N ASN R 1176 12.12 -38.01 99.13
CA ASN R 1176 12.96 -39.18 99.33
C ASN R 1176 12.90 -39.61 100.79
N PRO R 1177 13.05 -40.90 101.07
CA PRO R 1177 12.82 -41.39 102.43
C PRO R 1177 13.84 -40.90 103.44
N GLU R 1178 15.04 -40.53 103.01
CA GLU R 1178 16.12 -40.28 103.93
C GLU R 1178 16.05 -38.92 104.61
N LYS R 1179 15.03 -38.12 104.31
CA LYS R 1179 14.74 -36.93 105.10
C LYS R 1179 13.44 -37.05 105.90
N ALA R 1180 12.48 -37.83 105.42
CA ALA R 1180 11.24 -38.07 106.13
C ALA R 1180 10.60 -39.34 105.58
N SER R 1181 9.92 -40.07 106.45
CA SER R 1181 9.27 -41.31 106.06
C SER R 1181 8.17 -41.66 107.05
N VAL R 1182 7.03 -42.10 106.52
CA VAL R 1182 6.00 -42.71 107.36
C VAL R 1182 6.44 -44.11 107.74
N VAL R 1183 6.40 -44.41 109.03
CA VAL R 1183 6.94 -45.66 109.56
C VAL R 1183 5.80 -46.65 109.72
N THR R 1184 5.99 -47.86 109.17
CA THR R 1184 4.99 -48.91 109.25
C THR R 1184 5.16 -49.73 110.53
N ASN R 1185 5.04 -49.03 111.65
CA ASN R 1185 5.07 -49.71 112.95
C ASN R 1185 3.82 -50.58 113.10
N ALA R 1186 3.99 -51.71 113.80
CA ALA R 1186 2.93 -52.71 113.84
C ALA R 1186 1.61 -52.18 114.40
N PRO R 1187 1.57 -51.50 115.54
CA PRO R 1187 0.26 -51.03 116.04
C PRO R 1187 -0.30 -49.87 115.24
N ASN R 1188 0.55 -48.98 114.73
CA ASN R 1188 0.09 -47.78 114.06
C ASN R 1188 1.21 -47.24 113.20
N ARG R 1189 0.87 -46.28 112.35
CA ARG R 1189 1.87 -45.59 111.55
C ARG R 1189 2.60 -44.56 112.40
N ASP R 1190 3.90 -44.45 112.19
CA ASP R 1190 4.73 -43.43 112.80
C ASP R 1190 5.45 -42.66 111.71
N LEU R 1191 6.27 -41.68 112.11
CA LEU R 1191 6.91 -40.78 111.16
C LEU R 1191 8.33 -40.52 111.61
N HIS R 1192 9.29 -41.02 110.84
CA HIS R 1192 10.69 -40.69 111.05
C HIS R 1192 11.10 -39.57 110.09
N PHE R 1193 11.97 -38.69 110.59
CA PHE R 1193 12.44 -37.58 109.78
C PHE R 1193 13.75 -37.06 110.37
N VAL R 1194 14.51 -36.35 109.53
CA VAL R 1194 15.81 -35.80 109.91
C VAL R 1194 15.78 -34.30 109.65
N LEU R 1195 16.51 -33.57 110.48
CA LEU R 1195 16.46 -32.11 110.48
C LEU R 1195 17.53 -31.52 109.57
N ASP R 1196 17.21 -30.36 109.00
CA ASP R 1196 18.10 -29.67 108.08
C ASP R 1196 17.78 -28.18 108.11
N LEU R 1197 18.79 -27.36 107.84
CA LEU R 1197 18.63 -25.92 107.96
C LEU R 1197 17.72 -25.32 106.90
N ALA R 1198 17.20 -26.11 105.96
CA ALA R 1198 16.20 -25.62 105.02
C ALA R 1198 14.78 -25.75 105.54
N ASP R 1199 14.59 -26.45 106.67
CA ASP R 1199 13.26 -26.88 107.09
C ASP R 1199 12.39 -25.75 107.63
N ASN R 1200 12.95 -24.58 107.91
CA ASN R 1200 12.15 -23.45 108.35
C ASN R 1200 11.68 -22.59 107.18
N HIS R 1201 12.00 -22.98 105.95
CA HIS R 1201 11.60 -22.24 104.77
C HIS R 1201 10.69 -23.04 103.84
N VAL R 1202 10.86 -24.36 103.79
CA VAL R 1202 10.10 -25.21 102.89
C VAL R 1202 9.14 -26.07 103.70
N LEU R 1203 7.91 -26.18 103.22
CA LEU R 1203 6.89 -26.96 103.89
C LEU R 1203 6.82 -28.37 103.30
N LEU R 1204 6.03 -29.23 103.95
CA LEU R 1204 5.84 -30.60 103.50
C LEU R 1204 4.54 -31.12 104.08
N TYR R 1205 3.98 -32.13 103.44
CA TYR R 1205 2.62 -32.58 103.74
C TYR R 1205 2.57 -34.09 103.88
N LEU R 1206 1.77 -34.55 104.84
CA LEU R 1206 1.35 -35.94 104.89
C LEU R 1206 0.18 -36.09 103.91
N CYS R 1207 0.39 -36.85 102.84
CA CYS R 1207 -0.52 -36.88 101.72
C CYS R 1207 -1.22 -38.22 101.60
N ASP R 1208 -2.49 -38.18 101.22
CA ASP R 1208 -3.24 -39.40 100.94
C ASP R 1208 -2.61 -40.15 99.77
N VAL R 1209 -2.58 -41.47 99.87
CA VAL R 1209 -1.94 -42.32 98.88
C VAL R 1209 -3.02 -43.14 98.18
N THR R 1210 -3.20 -42.89 96.89
CA THR R 1210 -4.02 -43.71 96.01
C THR R 1210 -3.27 -43.89 94.70
N PRO R 1211 -3.45 -45.02 94.03
CA PRO R 1211 -2.82 -45.18 92.71
C PRO R 1211 -3.30 -44.17 91.69
N SER R 1212 -4.49 -43.60 91.89
CA SER R 1212 -4.99 -42.57 90.99
C SER R 1212 -4.28 -41.24 91.20
N GLY R 1213 -3.96 -40.90 92.45
CA GLY R 1213 -3.33 -39.64 92.73
C GLY R 1213 -2.78 -39.59 94.13
N LEU R 1214 -1.90 -38.62 94.36
CA LEU R 1214 -1.17 -38.48 95.61
C LEU R 1214 -1.68 -37.23 96.34
N GLY R 1215 -2.14 -37.42 97.58
CA GLY R 1215 -2.66 -36.31 98.35
C GLY R 1215 -3.99 -35.80 97.89
N ASP R 1216 -4.75 -36.60 97.14
CA ASP R 1216 -6.03 -36.13 96.60
C ASP R 1216 -7.03 -35.87 97.72
N ARG R 1217 -7.34 -36.91 98.51
CA ARG R 1217 -8.40 -36.81 99.50
C ARG R 1217 -7.99 -35.94 100.67
N ILE R 1218 -6.78 -36.11 101.19
CA ILE R 1218 -6.28 -35.31 102.31
C ILE R 1218 -4.83 -34.96 102.07
N ALA R 1219 -4.41 -33.84 102.65
CA ALA R 1219 -3.02 -33.40 102.61
C ALA R 1219 -2.76 -32.53 103.83
N PHE R 1220 -1.90 -33.00 104.72
CA PHE R 1220 -1.74 -32.42 106.05
C PHE R 1220 -0.38 -31.75 106.18
N PRO R 1221 -0.30 -30.42 106.19
CA PRO R 1221 1.00 -29.77 106.37
C PRO R 1221 1.57 -30.08 107.75
N ILE R 1222 2.84 -30.47 107.78
CA ILE R 1222 3.52 -30.84 109.02
C ILE R 1222 4.18 -29.57 109.54
N VAL R 1223 3.38 -28.77 110.25
CA VAL R 1223 3.87 -27.49 110.74
C VAL R 1223 4.86 -27.67 111.88
N ASP R 1224 4.69 -28.73 112.69
CA ASP R 1224 5.59 -28.96 113.81
C ASP R 1224 7.04 -29.01 113.36
N ILE R 1225 7.32 -29.78 112.32
CA ILE R 1225 8.67 -29.83 111.76
C ILE R 1225 9.04 -28.50 111.15
N TYR R 1226 8.08 -27.85 110.47
CA TYR R 1226 8.37 -26.61 109.77
C TYR R 1226 8.81 -25.50 110.70
N ARG R 1227 8.49 -25.58 111.98
CA ARG R 1227 8.82 -24.53 112.95
C ARG R 1227 9.87 -24.98 113.96
N ILE R 1228 10.71 -25.95 113.59
CA ILE R 1228 11.74 -26.44 114.50
C ILE R 1228 12.89 -25.46 114.53
N ALA R 1229 13.31 -25.06 115.74
CA ALA R 1229 14.48 -24.22 115.92
C ALA R 1229 15.73 -25.10 116.02
N PHE R 1230 16.87 -24.52 115.66
CA PHE R 1230 18.13 -25.26 115.60
C PHE R 1230 19.11 -24.72 116.63
N PRO R 1231 19.73 -25.59 117.42
CA PRO R 1231 20.64 -25.14 118.49
C PRO R 1231 22.00 -24.76 117.91
N ARG R 1232 22.43 -23.52 118.18
CA ARG R 1232 23.67 -23.01 117.64
C ARG R 1232 24.89 -23.76 118.15
N ASN R 1233 24.79 -24.39 119.32
CA ASN R 1233 25.93 -24.99 120.00
C ASN R 1233 26.23 -26.42 119.54
N THR R 1234 25.60 -26.88 118.48
CA THR R 1234 25.73 -28.27 118.04
C THR R 1234 26.02 -28.33 116.55
N PRO R 1235 26.62 -29.42 116.09
CA PRO R 1235 26.73 -29.63 114.64
C PRO R 1235 25.36 -29.70 114.00
N VAL R 1236 25.25 -29.11 112.81
CA VAL R 1236 23.97 -28.98 112.11
C VAL R 1236 24.15 -29.45 110.67
N ARG R 1237 23.05 -29.41 109.92
CA ARG R 1237 22.98 -30.01 108.60
C ARG R 1237 22.33 -29.05 107.61
N ALA R 1238 22.81 -29.10 106.36
CA ALA R 1238 22.30 -28.21 105.33
C ALA R 1238 22.39 -28.91 103.97
N SER R 1239 21.46 -28.57 103.08
CA SER R 1239 21.44 -29.09 101.72
C SER R 1239 20.50 -28.23 100.90
N LEU R 1240 20.46 -28.52 99.59
CA LEU R 1240 19.60 -27.75 98.69
C LEU R 1240 18.14 -28.15 98.87
N PRO R 1241 17.21 -27.19 98.76
CA PRO R 1241 15.81 -27.48 99.09
C PRO R 1241 14.99 -28.08 97.96
N TYR R 1242 15.39 -27.92 96.70
CA TYR R 1242 14.58 -28.40 95.58
C TYR R 1242 15.43 -29.28 94.66
N THR R 1243 14.78 -29.83 93.64
CA THR R 1243 15.49 -30.63 92.64
C THR R 1243 16.51 -29.79 91.90
N GLY R 1244 16.18 -28.54 91.62
CA GLY R 1244 17.14 -27.59 91.06
C GLY R 1244 17.25 -26.36 91.95
N GLY R 1245 17.12 -26.59 93.26
CA GLY R 1245 17.03 -25.51 94.23
C GLY R 1245 18.36 -24.93 94.66
N GLY R 1246 18.93 -24.07 93.82
CA GLY R 1246 20.17 -23.41 94.21
C GLY R 1246 19.99 -22.60 95.48
N ALA R 1247 21.01 -22.63 96.34
CA ALA R 1247 20.95 -21.95 97.62
C ALA R 1247 22.34 -21.53 98.05
N HIS R 1248 22.37 -20.56 98.96
CA HIS R 1248 23.62 -20.03 99.51
C HIS R 1248 23.40 -19.73 100.99
N LEU R 1249 24.47 -19.81 101.76
CA LEU R 1249 24.39 -19.70 103.21
C LEU R 1249 25.11 -18.45 103.71
N THR R 1250 24.56 -17.86 104.77
CA THR R 1250 25.11 -16.66 105.39
C THR R 1250 25.20 -16.90 106.89
N SER R 1251 26.42 -17.10 107.38
CA SER R 1251 26.66 -17.46 108.78
C SER R 1251 26.61 -16.20 109.64
N GLY R 1252 25.50 -16.03 110.37
CA GLY R 1252 25.40 -14.91 111.29
C GLY R 1252 25.59 -13.56 110.62
N GLY R 1253 25.04 -13.39 109.42
CA GLY R 1253 25.22 -12.20 108.65
C GLY R 1253 26.45 -12.18 107.77
N ASN R 1254 27.40 -13.08 108.03
CA ASN R 1254 28.59 -13.20 107.20
C ASN R 1254 28.33 -14.22 106.09
N PRO R 1255 28.57 -13.87 104.83
CA PRO R 1255 28.38 -14.84 103.74
C PRO R 1255 29.22 -16.08 104.01
N PHE R 1256 28.60 -17.24 103.82
CA PHE R 1256 29.22 -18.49 104.26
C PHE R 1256 29.57 -19.41 103.10
N MET R 1257 28.59 -19.81 102.28
CA MET R 1257 28.86 -20.81 101.26
C MET R 1257 27.77 -20.80 100.21
N SER R 1258 28.17 -20.96 98.95
CA SER R 1258 27.24 -21.33 97.88
C SER R 1258 27.05 -22.84 97.95
N LEU R 1259 25.97 -23.27 98.61
CA LEU R 1259 25.77 -24.70 98.83
C LEU R 1259 25.63 -25.47 97.53
N THR R 1260 25.22 -24.80 96.45
CA THR R 1260 25.20 -25.45 95.14
C THR R 1260 26.61 -25.83 94.71
N THR R 1261 27.55 -24.92 94.86
CA THR R 1261 28.93 -25.11 94.43
C THR R 1261 29.83 -24.80 95.62
N PRO R 1262 29.99 -25.73 96.54
CA PRO R 1262 30.87 -25.50 97.67
C PRO R 1262 32.28 -25.23 97.20
N PRO R 1263 33.03 -24.39 97.90
CA PRO R 1263 34.39 -24.08 97.47
C PRO R 1263 35.23 -25.35 97.42
N ALA R 1264 36.16 -25.37 96.45
CA ALA R 1264 36.99 -26.56 96.25
C ALA R 1264 37.71 -26.95 97.53
N VAL R 1265 38.01 -25.98 98.38
CA VAL R 1265 38.43 -26.23 99.76
C VAL R 1265 37.29 -25.77 100.66
N LEU R 1266 36.71 -26.70 101.41
CA LEU R 1266 35.57 -26.38 102.25
C LEU R 1266 35.99 -25.41 103.35
N PRO R 1267 35.07 -24.58 103.83
CA PRO R 1267 35.37 -23.76 105.00
C PRO R 1267 35.67 -24.64 106.19
N ALA R 1268 36.53 -24.15 107.07
CA ALA R 1268 37.04 -24.95 108.18
C ALA R 1268 35.90 -25.45 109.06
N GLY R 1269 35.93 -26.73 109.39
CA GLY R 1269 34.97 -27.34 110.28
C GLY R 1269 33.81 -28.04 109.60
N VAL R 1270 33.43 -27.62 108.40
CA VAL R 1270 32.33 -28.26 107.70
C VAL R 1270 32.84 -29.48 106.94
N ALA R 1271 31.91 -30.37 106.61
CA ALA R 1271 32.25 -31.58 105.89
C ALA R 1271 31.04 -32.06 105.12
N LEU R 1272 31.31 -32.92 104.13
CA LEU R 1272 30.24 -33.54 103.36
C LEU R 1272 29.66 -34.70 104.16
N ALA R 1273 28.35 -34.63 104.43
CA ALA R 1273 27.72 -35.65 105.24
C ALA R 1273 27.62 -36.97 104.48
N ALA R 1274 27.42 -38.05 105.24
CA ALA R 1274 27.35 -39.38 104.65
C ALA R 1274 26.00 -39.62 103.97
N LEU R 1275 24.93 -39.58 104.75
CA LEU R 1275 23.59 -39.80 104.21
C LEU R 1275 23.13 -38.59 103.42
N SER R 1276 22.38 -38.84 102.34
CA SER R 1276 21.90 -37.77 101.49
C SER R 1276 21.05 -36.76 102.26
N THR R 1277 19.89 -37.21 102.75
CA THR R 1277 19.00 -36.42 103.61
C THR R 1277 18.55 -35.11 102.95
N SER R 1278 18.82 -34.93 101.67
CA SER R 1278 18.37 -33.74 100.95
C SER R 1278 16.90 -33.91 100.59
N VAL R 1279 16.36 -32.95 99.83
CA VAL R 1279 15.01 -33.11 99.31
C VAL R 1279 14.95 -34.31 98.38
N ALA R 1280 15.96 -34.46 97.52
CA ALA R 1280 16.09 -35.59 96.63
C ALA R 1280 17.48 -36.20 96.83
N THR R 1281 17.55 -37.52 96.73
CA THR R 1281 18.76 -38.25 97.13
C THR R 1281 20.00 -37.81 96.36
N GLN R 1282 19.84 -37.25 95.17
CA GLN R 1282 21.00 -36.86 94.38
C GLN R 1282 21.85 -35.81 95.10
N TYR R 1283 21.21 -34.83 95.73
CA TYR R 1283 21.98 -33.84 96.47
C TYR R 1283 22.48 -34.45 97.78
N PRO R 1284 23.70 -34.12 98.18
CA PRO R 1284 24.19 -34.51 99.51
C PRO R 1284 23.90 -33.41 100.53
N THR R 1285 24.07 -33.77 101.79
CA THR R 1285 24.04 -32.80 102.88
C THR R 1285 25.45 -32.42 103.28
N TYR R 1286 25.60 -31.21 103.78
CA TYR R 1286 26.85 -30.71 104.31
C TYR R 1286 26.65 -30.40 105.79
N THR R 1287 27.49 -30.96 106.65
CA THR R 1287 27.36 -30.76 108.08
C THR R 1287 28.21 -29.58 108.53
N LEU R 1288 27.61 -28.69 109.30
CA LEU R 1288 28.29 -27.52 109.81
C LEU R 1288 28.58 -27.69 111.30
N PRO R 1289 29.79 -27.34 111.75
CA PRO R 1289 30.16 -27.66 113.13
C PRO R 1289 29.30 -26.96 114.17
N ALA R 1290 28.88 -25.73 113.93
CA ALA R 1290 28.09 -24.96 114.89
C ALA R 1290 27.56 -23.73 114.16
N GLY R 1291 27.00 -22.80 114.91
CA GLY R 1291 26.63 -21.51 114.35
C GLY R 1291 25.19 -21.42 113.91
N VAL R 1292 24.84 -20.23 113.42
CA VAL R 1292 23.51 -19.92 112.92
C VAL R 1292 23.66 -19.31 111.53
N TYR R 1293 22.81 -19.74 110.60
CA TYR R 1293 23.00 -19.44 109.19
C TYR R 1293 21.69 -19.02 108.55
N GLU R 1294 21.80 -18.33 107.43
CA GLU R 1294 20.67 -17.95 106.60
C GLU R 1294 20.56 -18.89 105.40
N TYR R 1295 19.43 -18.77 104.70
CA TYR R 1295 19.17 -19.53 103.49
C TYR R 1295 18.68 -18.57 102.42
N VAL R 1296 19.54 -18.22 101.47
CA VAL R 1296 19.13 -17.53 100.26
C VAL R 1296 19.04 -18.56 99.15
N ILE R 1297 17.87 -18.62 98.52
CA ILE R 1297 17.56 -19.71 97.60
C ILE R 1297 17.34 -19.16 96.19
N ALA S 1 -10.37 60.09 38.36
CA ALA S 1 -9.12 59.55 37.84
C ALA S 1 -9.35 58.22 37.13
N ALA S 2 -10.11 58.26 36.05
CA ALA S 2 -10.39 57.06 35.27
C ALA S 2 -10.52 57.44 33.80
N VAL S 3 -10.03 56.57 32.93
CA VAL S 3 -10.08 56.78 31.49
C VAL S 3 -10.77 55.57 30.88
N PHE S 4 -11.92 55.80 30.26
CA PHE S 4 -12.77 54.72 29.77
C PHE S 4 -12.94 53.67 30.87
N GLY S 5 -12.36 52.49 30.68
CA GLY S 5 -12.42 51.44 31.67
C GLY S 5 -11.16 51.26 32.49
N ILE S 6 -10.22 52.19 32.42
CA ILE S 6 -8.96 52.08 33.13
C ILE S 6 -9.02 52.92 34.39
N GLN S 7 -8.57 52.35 35.50
CA GLN S 7 -8.59 53.01 36.81
C GLN S 7 -7.18 53.43 37.18
N LEU S 8 -7.04 54.65 37.68
CA LEU S 8 -5.73 55.23 37.97
C LEU S 8 -5.70 55.78 39.38
N VAL S 9 -4.57 55.63 40.05
CA VAL S 9 -4.36 56.15 41.39
C VAL S 9 -3.98 57.62 41.29
N PRO S 10 -4.20 58.43 42.33
CA PRO S 10 -3.95 59.86 42.23
C PRO S 10 -2.50 60.29 42.39
N LYS S 11 -1.55 59.36 42.45
CA LYS S 11 -0.16 59.69 42.69
C LYS S 11 0.69 59.45 41.44
N LEU S 12 1.61 60.37 41.19
CA LEU S 12 2.49 60.30 40.04
C LEU S 12 3.87 59.81 40.45
N ASN S 13 4.50 59.02 39.60
CA ASN S 13 5.83 58.51 39.90
C ASN S 13 6.52 58.12 38.60
N THR S 14 7.79 58.49 38.49
CA THR S 14 8.63 58.08 37.37
C THR S 14 10.09 58.33 37.72
N SER S 15 10.97 57.67 36.99
CA SER S 15 12.40 57.82 37.22
C SER S 15 12.87 59.20 36.77
N THR S 16 14.11 59.52 37.11
CA THR S 16 14.59 60.89 37.00
C THR S 16 15.93 61.04 36.29
N THR S 17 16.47 59.98 35.70
CA THR S 17 17.73 60.13 34.98
C THR S 17 17.84 59.06 33.91
N ARG S 18 18.39 59.45 32.76
CA ARG S 18 18.46 58.60 31.59
C ARG S 18 19.86 57.99 31.48
N ARG S 19 19.91 56.68 31.26
CA ARG S 19 21.18 56.01 31.03
C ARG S 19 21.64 56.28 29.60
N THR S 20 22.90 56.69 29.44
CA THR S 20 23.42 56.96 28.12
C THR S 20 23.74 55.66 27.39
N PHE S 21 23.66 55.70 26.07
CA PHE S 21 24.00 54.55 25.26
C PHE S 21 25.50 54.41 25.11
N LEU S 22 25.96 53.17 25.02
CA LEU S 22 27.36 52.89 24.75
C LEU S 22 27.42 51.72 23.78
N PRO S 23 28.20 51.82 22.72
CA PRO S 23 28.27 50.73 21.75
C PRO S 23 29.06 49.55 22.30
N LEU S 24 28.86 48.41 21.66
CA LEU S 24 29.48 47.16 22.09
C LEU S 24 30.89 47.04 21.52
N ARG S 25 31.86 46.78 22.39
CA ARG S 25 33.23 46.55 21.94
C ARG S 25 33.32 45.24 21.18
N PHE S 26 34.32 45.16 20.31
CA PHE S 26 34.46 43.97 19.46
C PHE S 26 34.73 42.73 20.29
N ASP S 27 35.61 42.83 21.28
CA ASP S 27 35.92 41.66 22.10
C ASP S 27 34.69 41.21 22.88
N LEU S 28 33.96 42.15 23.45
CA LEU S 28 32.78 41.79 24.24
C LEU S 28 31.77 41.05 23.38
N LEU S 29 31.62 41.46 22.13
CA LEU S 29 30.72 40.77 21.23
C LEU S 29 31.09 39.30 21.11
N LEU S 30 32.37 39.02 20.89
CA LEU S 30 32.81 37.64 20.76
C LEU S 30 32.53 36.86 22.03
N ASP S 31 32.66 37.51 23.19
CA ASP S 31 32.40 36.82 24.45
C ASP S 31 30.95 36.38 24.54
N ARG S 32 30.02 37.27 24.19
CA ARG S 32 28.61 36.90 24.25
C ARG S 32 28.32 35.74 23.32
N LEU S 33 28.85 35.78 22.11
CA LEU S 33 28.58 34.72 21.15
C LEU S 33 29.27 33.42 21.56
N GLN S 34 30.42 33.50 22.22
CA GLN S 34 31.14 32.32 22.64
C GLN S 34 30.67 31.78 23.98
N SER S 35 29.63 32.35 24.56
CA SER S 35 29.15 31.89 25.85
C SER S 35 28.79 30.41 25.78
N THR S 36 29.23 29.65 26.79
CA THR S 36 29.03 28.21 26.77
C THR S 36 27.56 27.86 26.71
N ASN S 37 26.69 28.69 27.28
CA ASN S 37 25.26 28.56 27.11
C ASN S 37 24.69 29.90 26.72
N LEU S 38 23.85 29.90 25.69
CA LEU S 38 23.30 31.15 25.18
C LEU S 38 21.93 31.47 25.75
N HIS S 39 21.25 30.51 26.36
CA HIS S 39 20.01 30.81 27.04
C HIS S 39 20.27 31.80 28.17
N GLY S 40 19.45 32.84 28.24
CA GLY S 40 19.66 33.90 29.19
C GLY S 40 20.72 34.89 28.82
N VAL S 41 21.46 34.65 27.74
CA VAL S 41 22.47 35.55 27.24
C VAL S 41 22.08 36.14 25.90
N LEU S 42 21.63 35.28 24.98
CA LEU S 42 21.18 35.71 23.67
C LEU S 42 19.69 35.56 23.48
N TYR S 43 19.05 34.66 24.22
CA TYR S 43 17.62 34.47 24.15
C TYR S 43 17.14 33.91 25.48
N ARG S 44 15.84 33.99 25.70
CA ARG S 44 15.25 33.46 26.92
C ARG S 44 13.91 32.81 26.59
N ALA S 45 13.65 31.68 27.23
CA ALA S 45 12.40 30.96 27.05
C ALA S 45 11.39 31.46 28.08
N LEU S 46 10.27 31.98 27.60
CA LEU S 46 9.22 32.46 28.48
C LEU S 46 8.26 31.35 28.90
N ASP S 47 8.49 30.13 28.43
CA ASP S 47 7.45 29.11 28.47
C ASP S 47 7.98 27.72 28.83
N PHE S 48 9.14 27.63 29.46
CA PHE S 48 9.79 26.34 29.62
C PHE S 48 9.00 25.46 30.58
N ASN S 49 8.76 24.22 30.17
CA ASN S 49 8.15 23.23 31.04
C ASN S 49 9.22 22.26 31.50
N PRO S 50 9.68 22.35 32.75
CA PRO S 50 10.76 21.47 33.20
C PRO S 50 10.39 20.00 33.25
N VAL S 51 9.10 19.67 33.31
CA VAL S 51 8.70 18.27 33.28
C VAL S 51 9.17 17.64 31.98
N ASP S 52 8.94 18.33 30.86
CA ASP S 52 9.56 17.97 29.60
C ASP S 52 10.86 18.74 29.46
N ARG S 53 11.41 18.76 28.26
CA ARG S 53 12.55 19.62 27.97
C ARG S 53 12.16 20.61 26.90
N SER S 54 10.98 21.21 27.04
CA SER S 54 10.36 21.94 25.94
C SER S 54 9.87 23.30 26.40
N ALA S 55 9.94 24.25 25.48
CA ALA S 55 9.28 25.54 25.58
C ALA S 55 8.68 25.86 24.22
N THR S 56 7.88 26.92 24.16
CA THR S 56 7.18 27.24 22.93
C THR S 56 7.31 28.69 22.47
N VAL S 57 7.63 29.62 23.37
CA VAL S 57 7.82 31.01 22.99
C VAL S 57 9.17 31.47 23.51
N ILE S 58 9.94 32.11 22.65
CA ILE S 58 11.29 32.55 22.96
C ILE S 58 11.36 34.06 22.78
N GLN S 59 12.05 34.73 23.70
CA GLN S 59 12.34 36.15 23.58
C GLN S 59 13.80 36.34 23.24
N THR S 60 14.07 37.21 22.28
CA THR S 60 15.40 37.41 21.73
C THR S 60 16.02 38.67 22.31
N TYR S 61 17.32 38.81 22.07
CA TYR S 61 18.15 39.85 22.66
C TYR S 61 19.00 40.51 21.58
N PRO S 62 19.55 41.69 21.85
CA PRO S 62 19.96 42.62 20.78
C PRO S 62 20.70 41.96 19.63
N PRO S 63 21.75 41.17 19.89
CA PRO S 63 22.48 40.61 18.74
C PRO S 63 21.61 39.75 17.84
N LEU S 64 20.58 39.13 18.40
CA LEU S 64 19.71 38.23 17.65
C LEU S 64 18.38 38.84 17.26
N ASN S 65 17.84 39.74 18.07
CA ASN S 65 16.48 40.21 17.83
C ASN S 65 16.33 41.00 16.53
N ALA S 66 17.42 41.27 15.82
CA ALA S 66 17.33 41.91 14.53
C ALA S 66 16.98 40.93 13.42
N TRP S 67 16.91 39.64 13.72
CA TRP S 67 16.70 38.64 12.69
C TRP S 67 15.26 38.65 12.20
N SER S 68 15.10 38.46 10.89
CA SER S 68 13.79 38.20 10.29
C SER S 68 13.85 36.87 9.56
N PRO S 69 13.31 35.81 10.15
CA PRO S 69 13.45 34.48 9.55
C PRO S 69 12.81 34.41 8.16
N HIS S 70 13.45 33.64 7.28
CA HIS S 70 12.86 33.35 5.99
C HIS S 70 11.62 32.48 6.19
N PRO S 71 10.63 32.61 5.31
CA PRO S 71 9.33 31.97 5.57
C PRO S 71 9.40 30.47 5.72
N ALA S 72 10.34 29.80 5.04
CA ALA S 72 10.45 28.36 5.18
C ALA S 72 10.62 27.95 6.63
N PHE S 73 11.30 28.77 7.42
CA PHE S 73 11.39 28.52 8.85
C PHE S 73 10.03 28.71 9.51
N ILE S 74 9.31 29.78 9.14
CA ILE S 74 8.08 30.12 9.83
C ILE S 74 7.02 29.05 9.63
N GLU S 75 6.81 28.64 8.38
CA GLU S 75 5.74 27.71 8.09
C GLU S 75 6.00 26.32 8.63
N ASN S 76 7.21 26.03 9.08
CA ASN S 76 7.56 24.70 9.59
C ASN S 76 8.49 24.85 10.78
N PRO S 77 7.95 25.29 11.92
CA PRO S 77 8.80 25.52 13.09
C PRO S 77 9.39 24.24 13.63
N LEU S 78 10.55 24.37 14.26
CA LEU S 78 11.19 23.27 14.95
C LEU S 78 10.91 23.35 16.45
N ASP S 79 11.34 22.31 17.17
CA ASP S 79 11.09 22.24 18.59
C ASP S 79 12.23 22.90 19.37
N TYR S 80 12.07 22.92 20.70
CA TYR S 80 13.05 23.58 21.54
C TYR S 80 14.41 22.90 21.47
N ARG S 81 14.43 21.57 21.51
CA ARG S 81 15.71 20.86 21.51
C ARG S 81 16.47 21.11 20.22
N ASP S 82 15.76 21.15 19.10
CA ASP S 82 16.42 21.52 17.85
C ASP S 82 16.88 22.96 17.89
N TRP S 83 16.07 23.84 18.48
CA TRP S 83 16.42 25.26 18.51
C TRP S 83 17.74 25.49 19.21
N THR S 84 17.89 24.94 20.42
CA THR S 84 19.12 25.16 21.17
C THR S 84 20.32 24.60 20.44
N GLU S 85 20.14 23.47 19.75
CA GLU S 85 21.22 22.94 18.93
C GLU S 85 21.50 23.85 17.74
N PHE S 86 20.44 24.32 17.07
CA PHE S 86 20.63 25.12 15.87
C PHE S 86 21.38 26.41 16.18
N ILE S 87 21.01 27.08 17.28
CA ILE S 87 21.62 28.36 17.59
C ILE S 87 23.10 28.19 17.92
N HIS S 88 23.42 27.23 18.78
CA HIS S 88 24.81 27.05 19.19
C HIS S 88 25.69 26.78 17.99
N ASP S 89 25.19 26.06 16.99
CA ASP S 89 25.94 25.84 15.77
C ASP S 89 26.17 27.17 15.04
N ARG S 90 25.10 27.91 14.79
CA ARG S 90 25.21 29.12 14.00
C ARG S 90 26.07 30.16 14.71
N ALA S 91 25.93 30.27 16.03
CA ALA S 91 26.70 31.26 16.76
C ALA S 91 28.19 31.03 16.58
N LEU S 92 28.63 29.78 16.77
CA LEU S 92 30.05 29.48 16.63
C LEU S 92 30.53 29.74 15.21
N ALA S 93 29.75 29.34 14.21
CA ALA S 93 30.14 29.56 12.83
C ALA S 93 30.26 31.04 12.54
N PHE S 94 29.32 31.83 13.02
CA PHE S 94 29.36 33.27 12.80
C PHE S 94 30.60 33.88 13.43
N VAL S 95 31.00 33.36 14.59
CA VAL S 95 32.24 33.83 15.22
C VAL S 95 33.43 33.55 14.33
N GLY S 96 33.48 32.36 13.75
CA GLY S 96 34.60 32.02 12.89
C GLY S 96 34.76 32.98 11.74
N VAL S 97 33.65 33.34 11.10
CA VAL S 97 33.69 34.31 10.00
C VAL S 97 34.21 35.64 10.51
N LEU S 98 33.65 36.10 11.63
CA LEU S 98 34.03 37.41 12.15
C LEU S 98 35.50 37.45 12.52
N THR S 99 36.08 36.32 12.87
CA THR S 99 37.47 36.27 13.29
C THR S 99 38.42 35.88 12.17
N GLN S 100 37.93 35.21 11.13
CA GLN S 100 38.77 34.97 9.97
C GLN S 100 39.24 36.29 9.37
N ARG S 101 38.34 37.24 9.25
CA ARG S 101 38.70 38.63 9.06
C ARG S 101 38.87 39.29 10.42
N TYR S 102 39.53 40.45 10.43
CA TYR S 102 39.68 41.22 11.65
C TYR S 102 40.23 40.39 12.80
N PRO S 103 41.51 40.03 12.78
CA PRO S 103 42.08 39.30 13.90
C PRO S 103 41.90 40.07 15.20
N LEU S 104 41.65 39.33 16.27
CA LEU S 104 41.18 39.94 17.51
C LEU S 104 42.21 40.91 18.08
N THR S 105 43.48 40.51 18.10
CA THR S 105 44.50 41.30 18.79
C THR S 105 44.66 42.68 18.18
N GLN S 106 44.21 42.89 16.95
CA GLN S 106 44.30 44.19 16.31
C GLN S 106 42.98 44.95 16.31
N ASN S 107 41.91 44.36 16.84
CA ASN S 107 40.60 44.96 16.70
C ASN S 107 39.74 44.91 17.95
N ALA S 108 40.27 44.47 19.09
CA ALA S 108 39.42 44.30 20.27
C ALA S 108 38.84 45.62 20.75
N GLN S 109 39.53 46.73 20.50
CA GLN S 109 39.09 48.02 21.02
C GLN S 109 38.02 48.68 20.18
N ARG S 110 37.81 48.23 18.96
CA ARG S 110 36.91 48.92 18.04
C ARG S 110 35.46 48.66 18.43
N TYR S 111 34.60 49.62 18.11
CA TYR S 111 33.19 49.54 18.43
C TYR S 111 32.41 49.10 17.21
N THR S 112 31.56 48.11 17.38
CA THR S 112 30.73 47.62 16.30
C THR S 112 29.51 48.50 16.10
N ASN S 113 29.14 48.70 14.86
CA ASN S 113 27.89 49.39 14.58
C ASN S 113 26.74 48.44 14.85
N PRO S 114 25.85 48.75 15.79
CA PRO S 114 24.77 47.81 16.10
C PRO S 114 23.87 47.54 14.91
N LEU S 115 23.60 48.55 14.10
CA LEU S 115 22.73 48.34 12.94
C LEU S 115 23.36 47.37 11.96
N VAL S 116 24.62 47.59 11.62
CA VAL S 116 25.30 46.70 10.68
C VAL S 116 25.39 45.30 11.26
N LEU S 117 25.75 45.20 12.54
CA LEU S 117 25.88 43.90 13.17
C LEU S 117 24.56 43.15 13.12
N GLY S 118 23.47 43.81 13.45
CA GLY S 118 22.18 43.15 13.45
C GLY S 118 21.81 42.64 12.07
N ALA S 119 21.97 43.49 11.05
CA ALA S 119 21.64 43.08 9.70
C ALA S 119 22.54 41.93 9.25
N ALA S 120 23.84 42.04 9.50
CA ALA S 120 24.76 41.02 9.05
C ALA S 120 24.44 39.67 9.68
N PHE S 121 24.23 39.67 11.00
CA PHE S 121 23.92 38.42 11.68
C PHE S 121 22.61 37.84 11.17
N GLY S 122 21.61 38.68 10.96
CA GLY S 122 20.32 38.19 10.50
C GLY S 122 20.40 37.51 9.15
N ASP S 123 21.17 38.08 8.23
CA ASP S 123 21.35 37.44 6.94
C ASP S 123 22.08 36.11 7.07
N PHE S 124 23.02 36.05 8.00
CA PHE S 124 23.89 34.87 8.09
C PHE S 124 23.08 33.61 8.37
N LEU S 125 22.26 33.64 9.42
CA LEU S 125 21.47 32.46 9.72
C LEU S 125 20.27 32.34 8.80
N ASN S 126 20.01 33.33 7.96
CA ASN S 126 19.12 33.15 6.83
C ASN S 126 19.81 32.54 5.64
N ALA S 127 21.05 32.05 5.82
CA ALA S 127 21.81 31.40 4.76
C ALA S 127 22.01 32.32 3.56
N ARG S 128 22.29 33.58 3.84
CA ARG S 128 22.52 34.58 2.81
C ARG S 128 23.88 35.24 3.05
N SER S 129 24.60 35.51 1.96
CA SER S 129 25.96 36.01 2.08
C SER S 129 25.98 37.38 2.75
N ILE S 130 27.09 37.67 3.44
CA ILE S 130 27.16 38.84 4.30
C ILE S 130 28.41 39.66 4.03
N ASP S 131 29.11 39.35 2.94
CA ASP S 131 30.41 39.97 2.72
C ASP S 131 30.32 41.49 2.67
N ILE S 132 29.23 42.01 2.08
CA ILE S 132 29.10 43.46 1.93
C ILE S 132 29.12 44.15 3.28
N PHE S 133 28.59 43.52 4.31
CA PHE S 133 28.50 44.17 5.61
C PHE S 133 29.85 44.20 6.32
N LEU S 134 30.66 43.16 6.16
CA LEU S 134 31.88 43.02 6.95
C LEU S 134 32.80 44.21 6.78
N ASP S 135 32.77 44.84 5.60
CA ASP S 135 33.63 45.99 5.37
C ASP S 135 33.31 47.16 6.28
N ARG S 136 32.11 47.21 6.84
CA ARG S 136 31.66 48.36 7.59
C ARG S 136 31.12 47.96 8.96
N LEU S 137 31.79 47.01 9.61
CA LEU S 137 31.33 46.55 10.90
C LEU S 137 31.61 47.53 12.03
N PHE S 138 32.57 48.42 11.86
CA PHE S 138 33.01 49.29 12.95
C PHE S 138 32.73 50.75 12.63
N TYR S 139 32.73 51.56 13.67
CA TYR S 139 32.57 53.00 13.52
C TYR S 139 33.17 53.69 14.73
N GLY S 140 33.58 54.94 14.54
CA GLY S 140 34.14 55.73 15.61
C GLY S 140 33.10 56.59 16.28
N PRO S 141 32.62 56.15 17.45
CA PRO S 141 31.48 56.83 18.07
C PRO S 141 31.76 58.27 18.43
N THR S 142 33.01 58.65 18.63
CA THR S 142 33.32 60.04 18.93
C THR S 142 33.22 60.94 17.71
N GLN S 143 33.14 60.37 16.51
CA GLN S 143 33.12 61.17 15.30
C GLN S 143 31.79 61.16 14.56
N GLU S 144 30.96 60.16 14.79
CA GLU S 144 29.67 60.09 14.11
C GLU S 144 28.78 59.09 14.85
N SER S 145 27.53 59.05 14.44
CA SER S 145 26.52 58.14 14.95
C SER S 145 26.53 56.85 14.17
N PRO S 146 25.95 55.77 14.71
CA PRO S 146 25.81 54.55 13.93
C PRO S 146 25.00 54.76 12.66
N ILE S 147 24.12 55.75 12.62
CA ILE S 147 23.40 56.05 11.38
C ILE S 147 24.33 56.74 10.38
N THR S 148 24.87 57.89 10.77
CA THR S 148 25.66 58.69 9.84
C THR S 148 26.86 57.93 9.32
N SER S 149 27.40 57.01 10.12
CA SER S 149 28.48 56.16 9.64
C SER S 149 28.04 55.35 8.44
N ILE S 150 26.76 55.00 8.35
CA ILE S 150 26.26 54.20 7.25
C ILE S 150 25.93 55.05 6.04
N THR S 151 25.37 56.24 6.25
CA THR S 151 24.96 57.09 5.15
C THR S 151 26.12 57.55 4.29
N LYS S 152 27.35 57.16 4.60
CA LYS S 152 28.47 57.43 3.71
C LYS S 152 28.36 56.65 2.41
N PHE S 153 27.48 55.65 2.33
CA PHE S 153 27.37 54.77 1.17
C PHE S 153 25.92 54.72 0.72
N PRO S 154 25.41 55.80 0.18
CA PRO S 154 23.96 55.91 -0.11
C PRO S 154 23.53 55.14 -1.35
N TYR S 155 23.29 53.85 -1.17
CA TYR S 155 22.77 53.02 -2.25
C TYR S 155 22.19 51.76 -1.65
N GLN S 156 21.47 51.02 -2.48
CA GLN S 156 20.86 49.77 -2.05
C GLN S 156 21.96 48.75 -1.83
N TRP S 157 22.36 48.56 -0.56
CA TRP S 157 23.38 47.57 -0.25
C TRP S 157 22.89 46.18 -0.63
N THR S 158 21.71 45.82 -0.14
CA THR S 158 21.10 44.54 -0.49
C THR S 158 19.60 44.71 -0.49
N ILE S 159 18.90 43.65 -0.91
CA ILE S 159 17.48 43.74 -1.18
C ILE S 159 16.69 44.08 0.09
N ASP S 160 17.24 43.80 1.26
CA ASP S 160 16.56 44.08 2.52
C ASP S 160 17.26 45.18 3.32
N PHE S 161 18.22 45.87 2.73
CA PHE S 161 18.96 46.90 3.45
C PHE S 161 19.27 48.01 2.46
N ASN S 162 18.44 49.05 2.46
CA ASN S 162 18.54 50.15 1.52
C ASN S 162 18.81 51.44 2.28
N VAL S 163 19.85 52.16 1.89
CA VAL S 163 20.29 53.36 2.59
C VAL S 163 20.43 54.49 1.59
N THR S 164 19.81 55.63 1.91
CA THR S 164 19.90 56.84 1.11
C THR S 164 20.93 57.77 1.70
N ALA S 165 21.00 59.00 1.18
CA ALA S 165 21.93 59.98 1.70
C ALA S 165 21.58 60.43 3.11
N ASP S 166 20.37 60.14 3.59
CA ASP S 166 19.94 60.62 4.89
C ASP S 166 19.22 59.58 5.72
N SER S 167 18.98 58.38 5.20
CA SER S 167 18.09 57.47 5.89
C SER S 167 18.42 56.03 5.50
N VAL S 168 17.97 55.11 6.34
CA VAL S 168 18.17 53.68 6.13
C VAL S 168 16.84 52.98 6.32
N ARG S 169 16.53 52.05 5.42
CA ARG S 169 15.30 51.27 5.49
C ARG S 169 15.65 49.79 5.62
N THR S 170 14.96 49.12 6.54
CA THR S 170 15.17 47.70 6.76
C THR S 170 13.99 47.11 7.53
N PRO S 171 13.66 45.84 7.32
CA PRO S 171 12.58 45.24 8.09
C PRO S 171 12.93 45.17 9.57
N ALA S 172 11.91 45.34 10.41
CA ALA S 172 12.10 45.22 11.84
C ALA S 172 12.30 43.76 12.23
N GLY S 173 13.23 43.53 13.14
CA GLY S 173 13.50 42.17 13.58
C GLY S 173 12.38 41.61 14.43
N CYS S 174 12.39 40.29 14.58
CA CYS S 174 11.38 39.59 15.37
C CYS S 174 11.82 39.51 16.81
N LYS S 175 11.08 40.16 17.70
CA LYS S 175 11.42 40.15 19.11
C LYS S 175 11.05 38.85 19.79
N TYR S 176 10.15 38.07 19.21
CA TYR S 176 9.76 36.78 19.76
C TYR S 176 9.82 35.73 18.67
N ILE S 177 10.06 34.50 19.10
CA ILE S 177 10.07 33.35 18.19
C ILE S 177 9.19 32.26 18.78
N THR S 178 8.28 31.75 17.99
CA THR S 178 7.37 30.69 18.41
C THR S 178 7.88 29.36 17.87
N LEU S 179 8.06 28.40 18.76
CA LEU S 179 8.57 27.10 18.36
C LEU S 179 7.41 26.18 17.99
N TYR S 180 7.73 24.91 17.75
CA TYR S 180 6.70 23.94 17.41
C TYR S 180 5.72 23.78 18.57
N GLY S 181 4.43 23.72 18.23
CA GLY S 181 3.40 23.58 19.24
C GLY S 181 2.80 24.87 19.73
N TYR S 182 3.08 25.99 19.09
CA TYR S 182 2.54 27.27 19.52
C TYR S 182 1.04 27.33 19.29
N ASP S 183 0.33 27.95 20.23
CA ASP S 183 -1.12 28.03 20.16
C ASP S 183 -1.59 29.30 20.86
N PRO S 184 -1.96 30.33 20.08
CA PRO S 184 -2.53 31.53 20.69
C PRO S 184 -3.82 31.30 21.44
N SER S 185 -4.63 30.33 21.00
CA SER S 185 -5.93 30.12 21.62
C SER S 185 -5.80 29.77 23.10
N ARG S 186 -4.73 29.10 23.48
CA ARG S 186 -4.48 28.80 24.88
C ARG S 186 -4.30 30.10 25.64
N PRO S 187 -5.23 30.45 26.53
CA PRO S 187 -5.18 31.78 27.17
C PRO S 187 -3.96 31.99 28.03
N SER S 188 -3.30 30.94 28.49
CA SER S 188 -2.16 31.07 29.38
C SER S 188 -0.85 31.26 28.65
N THR S 189 -0.84 31.22 27.32
CA THR S 189 0.39 31.40 26.58
C THR S 189 0.86 32.86 26.68
N PRO S 190 2.17 33.09 26.69
CA PRO S 190 2.67 34.46 26.73
C PRO S 190 2.26 35.23 25.48
N ALA S 191 1.98 36.51 25.66
CA ALA S 191 1.63 37.37 24.54
C ALA S 191 2.87 37.77 23.76
N THR S 192 2.70 37.93 22.45
CA THR S 192 3.77 38.38 21.59
C THR S 192 3.42 39.59 20.75
N TYR S 193 2.15 40.00 20.73
CA TYR S 193 1.72 41.18 19.99
C TYR S 193 2.04 41.03 18.51
N GLY S 194 2.12 39.81 18.02
CA GLY S 194 2.35 39.55 16.62
C GLY S 194 3.78 39.76 16.16
N LYS S 195 4.68 40.11 17.06
CA LYS S 195 6.06 40.37 16.66
C LYS S 195 6.80 39.12 16.20
N HIS S 196 6.19 37.93 16.36
CA HIS S 196 6.81 36.73 15.87
C HIS S 196 6.74 36.60 14.35
N ARG S 197 5.79 37.25 13.71
CA ARG S 197 5.74 37.21 12.25
C ARG S 197 6.95 37.91 11.67
N PRO S 198 7.51 37.40 10.57
CA PRO S 198 8.77 37.95 10.06
C PRO S 198 8.67 39.40 9.62
N THR S 199 7.51 39.85 9.16
CA THR S 199 7.38 41.15 8.51
C THR S 199 6.24 41.94 9.11
N TYR S 200 6.20 42.03 10.43
CA TYR S 200 5.11 42.75 11.08
C TYR S 200 5.25 44.26 10.94
N ALA S 201 6.41 44.76 10.57
CA ALA S 201 6.60 46.21 10.48
C ALA S 201 7.86 46.49 9.67
N THR S 202 8.20 47.77 9.58
CA THR S 202 9.39 48.22 8.86
C THR S 202 9.86 49.52 9.50
N VAL S 203 11.16 49.66 9.69
CA VAL S 203 11.75 50.80 10.38
C VAL S 203 12.49 51.66 9.36
N PHE S 204 12.49 52.97 9.60
CA PHE S 204 13.21 53.94 8.79
C PHE S 204 14.03 54.82 9.71
N TYR S 205 15.34 54.58 9.76
CA TYR S 205 16.22 55.44 10.53
C TYR S 205 16.55 56.69 9.73
N TYR S 206 16.61 57.83 10.41
CA TYR S 206 16.90 59.10 9.77
C TYR S 206 17.89 59.87 10.60
N SER S 207 18.72 60.67 9.91
CA SER S 207 19.79 61.40 10.57
C SER S 207 19.40 62.80 11.01
N THR S 208 18.43 63.42 10.34
CA THR S 208 18.10 64.80 10.66
C THR S 208 16.63 65.05 10.38
N LEU S 209 16.12 66.13 10.97
CA LEU S 209 14.70 66.44 10.88
C LEU S 209 14.20 66.59 9.44
N PRO S 210 14.88 67.31 8.55
CA PRO S 210 14.37 67.39 7.17
C PRO S 210 14.20 66.03 6.53
N ALA S 211 15.10 65.09 6.82
CA ALA S 211 14.92 63.73 6.34
C ALA S 211 13.64 63.13 6.91
N ARG S 212 13.38 63.38 8.19
CA ARG S 212 12.14 62.89 8.80
C ARG S 212 10.93 63.42 8.05
N SER S 213 10.95 64.71 7.72
CA SER S 213 9.87 65.28 6.95
C SER S 213 9.75 64.59 5.59
N ARG S 214 10.87 64.35 4.94
CA ARG S 214 10.83 63.71 3.63
C ARG S 214 10.21 62.33 3.71
N LEU S 215 10.58 61.56 4.72
CA LEU S 215 10.03 60.21 4.86
C LEU S 215 8.53 60.24 5.06
N LEU S 216 8.06 61.14 5.91
CA LEU S 216 6.63 61.18 6.24
C LEU S 216 5.80 61.49 5.01
N ALA S 217 6.31 62.36 4.13
CA ALA S 217 5.58 62.69 2.92
C ALA S 217 5.30 61.45 2.08
N ASN S 218 6.23 60.50 2.05
CA ASN S 218 6.01 59.29 1.28
C ASN S 218 5.00 58.37 1.94
N LEU S 219 5.03 58.30 3.27
CA LEU S 219 4.23 57.33 3.99
C LEU S 219 2.82 57.80 4.28
N ALA S 220 2.46 59.03 3.88
CA ALA S 220 1.21 59.62 4.30
C ALA S 220 0.00 58.82 3.84
N ALA S 221 0.11 58.07 2.75
CA ALA S 221 -1.06 57.38 2.21
C ALA S 221 -1.31 56.02 2.83
N GLY S 222 -0.36 55.46 3.55
CA GLY S 222 -0.49 54.12 4.07
C GLY S 222 -1.07 54.06 5.46
N PRO S 223 -0.76 53.00 6.19
CA PRO S 223 -1.23 52.88 7.57
C PRO S 223 -0.60 53.93 8.47
N THR S 224 -0.98 53.92 9.74
CA THR S 224 -0.49 54.92 10.68
C THR S 224 0.95 54.65 11.07
N VAL S 225 1.79 55.67 11.01
CA VAL S 225 3.19 55.56 11.37
C VAL S 225 3.35 55.88 12.84
N LEU S 226 4.26 55.17 13.50
CA LEU S 226 4.51 55.34 14.92
C LEU S 226 5.97 55.71 15.15
N GLU S 227 6.23 56.36 16.29
CA GLU S 227 7.58 56.79 16.61
C GLU S 227 7.71 56.97 18.11
N HIS S 228 8.94 56.76 18.61
CA HIS S 228 9.32 57.15 19.96
C HIS S 228 10.03 58.49 19.90
N PHE S 229 9.66 59.40 20.79
CA PHE S 229 10.35 60.68 20.85
C PHE S 229 11.44 60.73 21.89
N ASP S 230 11.32 59.93 22.96
CA ASP S 230 12.20 60.11 24.11
C ASP S 230 13.61 59.64 23.81
N SER S 231 13.79 58.36 23.52
CA SER S 231 15.11 57.78 23.32
C SER S 231 14.99 56.65 22.31
N PRO S 232 15.29 56.92 21.06
CA PRO S 232 14.97 55.97 19.98
C PRO S 232 16.03 54.88 19.79
N THR S 233 16.45 54.25 20.88
CA THR S 233 17.44 53.19 20.85
C THR S 233 18.67 53.61 20.05
N TYR S 234 18.96 52.91 18.96
CA TYR S 234 20.17 53.19 18.20
C TYR S 234 20.13 54.55 17.50
N GLY S 235 18.94 55.13 17.32
CA GLY S 235 18.84 56.42 16.68
C GLY S 235 17.43 56.74 16.25
N PRO S 236 17.20 58.01 15.93
CA PRO S 236 15.85 58.44 15.53
C PRO S 236 15.36 57.65 14.34
N HIS S 237 14.15 57.13 14.44
CA HIS S 237 13.63 56.25 13.40
C HIS S 237 12.13 56.17 13.51
N LEU S 238 11.46 56.19 12.36
CA LEU S 238 10.06 55.85 12.29
C LEU S 238 9.91 54.33 12.16
N LEU S 239 8.69 53.85 12.32
CA LEU S 239 8.39 52.48 12.00
C LEU S 239 6.99 52.38 11.42
N LEU S 240 6.86 51.58 10.37
CA LEU S 240 5.60 51.40 9.66
C LEU S 240 5.05 50.01 9.93
N PRO S 241 3.97 49.88 10.70
CA PRO S 241 3.43 48.56 10.99
C PRO S 241 2.77 47.93 9.76
N GLN S 242 2.70 46.61 9.79
CA GLN S 242 1.93 45.90 8.78
C GLN S 242 0.46 46.28 8.87
N THR S 243 -0.19 46.43 7.71
CA THR S 243 -1.54 46.97 7.66
C THR S 243 -2.61 45.97 8.08
N GLY S 244 -2.26 44.72 8.34
CA GLY S 244 -3.22 43.71 8.72
C GLY S 244 -3.48 43.69 10.21
N ASP S 245 -4.13 42.63 10.65
CA ASP S 245 -4.48 42.42 12.05
C ASP S 245 -3.84 41.13 12.56
N VAL S 246 -4.04 40.86 13.84
CA VAL S 246 -3.51 39.67 14.50
C VAL S 246 -4.64 38.96 15.22
N LEU S 247 -4.63 37.64 15.15
CA LEU S 247 -5.73 36.84 15.67
C LEU S 247 -5.57 36.56 17.17
N GLY S 248 -6.70 36.35 17.83
CA GLY S 248 -6.74 35.81 19.16
C GLY S 248 -6.70 36.82 20.28
N TYR S 249 -6.38 38.07 20.00
CA TYR S 249 -6.19 39.04 21.08
C TYR S 249 -7.48 39.69 21.55
N SER S 250 -8.54 39.65 20.76
CA SER S 250 -9.80 40.27 21.14
C SER S 250 -10.87 39.78 20.18
N SER S 251 -12.06 40.35 20.28
CA SER S 251 -13.14 40.09 19.34
C SER S 251 -12.93 40.91 18.07
N SER S 252 -11.77 40.69 17.44
CA SER S 252 -11.40 41.33 16.18
C SER S 252 -11.45 42.85 16.27
N LEU S 253 -11.15 43.40 17.44
CA LEU S 253 -11.16 44.83 17.66
C LEU S 253 -9.83 45.48 17.34
N ILE S 254 -8.99 44.84 16.53
CA ILE S 254 -7.56 45.13 16.52
C ILE S 254 -7.03 45.19 15.10
N SER S 255 -6.14 46.15 14.87
CA SER S 255 -5.21 46.14 13.75
C SER S 255 -3.80 46.15 14.32
N GLN S 256 -2.82 45.87 13.46
CA GLN S 256 -1.45 45.70 13.95
C GLN S 256 -0.95 46.95 14.65
N ALA S 257 -1.26 48.12 14.11
CA ALA S 257 -0.80 49.36 14.72
C ALA S 257 -1.33 49.52 16.15
N ALA S 258 -2.61 49.18 16.35
CA ALA S 258 -3.18 49.28 17.70
C ALA S 258 -2.43 48.40 18.67
N LEU S 259 -2.06 47.19 18.24
CA LEU S 259 -1.34 46.28 19.12
C LEU S 259 -0.03 46.89 19.59
N LEU S 260 0.71 47.51 18.67
CA LEU S 260 1.96 48.13 19.06
C LEU S 260 1.74 49.21 20.10
N MET S 261 0.70 50.02 19.90
CA MET S 261 0.39 51.07 20.86
C MET S 261 0.06 50.48 22.22
N VAL S 262 -0.88 49.54 22.25
CA VAL S 262 -1.44 49.11 23.53
C VAL S 262 -0.37 48.44 24.38
N GLU S 263 0.48 47.61 23.77
CA GLU S 263 1.53 46.98 24.53
C GLU S 263 2.57 48.01 24.97
N SER S 264 2.83 49.01 24.13
CA SER S 264 3.73 50.07 24.53
C SER S 264 3.17 50.82 25.73
N VAL S 265 1.87 51.08 25.73
CA VAL S 265 1.25 51.76 26.87
C VAL S 265 1.40 50.93 28.13
N MET S 266 1.20 49.62 28.02
CA MET S 266 1.33 48.77 29.20
C MET S 266 2.73 48.86 29.78
N ASP S 267 3.75 48.84 28.93
CA ASP S 267 5.12 48.98 29.42
C ASP S 267 5.30 50.30 30.14
N ALA S 268 4.75 51.38 29.58
CA ALA S 268 4.85 52.67 30.22
C ALA S 268 4.23 52.63 31.61
N LEU S 269 3.06 52.00 31.73
CA LEU S 269 2.43 51.88 33.03
C LEU S 269 3.28 51.06 33.99
N ARG S 270 3.84 49.95 33.50
CA ARG S 270 4.62 49.09 34.37
C ARG S 270 5.83 49.83 34.92
N ASP S 271 6.50 50.60 34.07
CA ASP S 271 7.68 51.33 34.53
C ASP S 271 7.33 52.37 35.57
N ASN S 272 6.27 53.15 35.32
CA ASN S 272 5.83 54.12 36.30
C ASN S 272 5.53 53.45 37.63
N ALA S 273 5.01 52.24 37.58
CA ALA S 273 4.62 51.55 38.80
C ALA S 273 5.81 51.11 39.64
N ASN S 274 7.01 51.06 39.07
CA ASN S 274 8.15 50.57 39.84
C ASN S 274 9.41 51.38 39.59
N ALA S 275 9.31 52.56 39.00
CA ALA S 275 10.48 53.42 38.86
C ALA S 275 10.92 53.92 40.23
N SER S 276 12.22 54.19 40.35
CA SER S 276 12.79 54.66 41.60
C SER S 276 13.81 55.74 41.31
N ALA S 277 14.00 56.62 42.30
CA ALA S 277 14.90 57.76 42.12
C ALA S 277 16.35 57.32 41.98
N SER S 278 16.72 56.20 42.60
CA SER S 278 18.11 55.78 42.65
C SER S 278 18.55 55.05 41.39
N THR S 279 17.67 54.84 40.43
CA THR S 279 17.97 53.98 39.29
C THR S 279 17.77 54.75 37.99
N ALA S 280 18.83 54.83 37.19
CA ALA S 280 18.71 55.38 35.86
C ALA S 280 18.06 54.36 34.93
N VAL S 281 17.52 54.86 33.82
CA VAL S 281 16.81 54.02 32.87
C VAL S 281 17.08 54.56 31.46
N THR S 282 16.92 53.68 30.47
CA THR S 282 17.19 54.07 29.10
C THR S 282 16.17 55.07 28.56
N ARG S 283 14.97 55.12 29.12
CA ARG S 283 13.91 55.93 28.53
C ARG S 283 12.84 56.19 29.57
N LEU S 284 12.39 57.44 29.65
CA LEU S 284 11.31 57.76 30.59
C LEU S 284 9.95 57.47 30.00
N ASP S 285 9.76 57.77 28.73
CA ASP S 285 8.45 57.67 28.07
C ASP S 285 8.49 56.48 27.12
N GLN S 286 7.88 55.38 27.52
CA GLN S 286 7.87 54.18 26.69
C GLN S 286 6.77 54.20 25.63
N SER S 287 5.94 55.22 25.61
CA SER S 287 4.79 55.22 24.70
C SER S 287 5.21 55.55 23.28
N TYR S 288 4.55 54.91 22.32
CA TYR S 288 4.66 55.34 20.94
C TYR S 288 3.80 56.58 20.73
N HIS S 289 3.85 57.10 19.50
CA HIS S 289 3.04 58.25 19.19
C HIS S 289 2.72 58.23 17.72
N PRO S 290 1.45 58.29 17.34
CA PRO S 290 1.10 58.28 15.92
C PRO S 290 1.40 59.62 15.27
N VAL S 291 1.85 59.56 14.01
CA VAL S 291 2.25 60.75 13.28
C VAL S 291 1.60 60.87 11.91
N THR S 292 0.81 59.88 11.49
CA THR S 292 0.13 59.93 10.22
C THR S 292 -1.26 59.36 10.35
N SER S 293 -2.15 59.79 9.46
CA SER S 293 -3.46 59.17 9.24
C SER S 293 -4.16 58.88 10.57
N PHE S 294 -4.49 59.96 11.26
CA PHE S 294 -5.01 59.83 12.61
C PHE S 294 -6.07 60.90 12.86
N ASP S 295 -7.06 60.54 13.68
CA ASP S 295 -8.14 61.44 14.02
C ASP S 295 -8.01 61.90 15.46
N PRO S 296 -7.71 63.17 15.72
CA PRO S 296 -7.73 63.66 17.10
C PRO S 296 -9.14 63.95 17.61
N SER S 297 -10.15 63.82 16.78
CA SER S 297 -11.50 64.27 17.12
C SER S 297 -12.40 63.17 17.64
N THR S 298 -11.99 61.91 17.53
CA THR S 298 -12.89 60.80 17.79
C THR S 298 -12.20 59.77 18.66
N PHE S 299 -13.00 58.98 19.37
CA PHE S 299 -12.49 57.99 20.31
C PHE S 299 -13.29 56.71 20.23
N ASN S 300 -13.66 56.29 19.02
CA ASN S 300 -14.43 55.08 18.84
C ASN S 300 -13.65 53.98 18.15
N THR S 301 -12.32 53.99 18.28
CA THR S 301 -11.51 52.86 17.86
C THR S 301 -10.35 52.73 18.82
N LEU S 302 -9.80 51.51 18.89
CA LEU S 302 -8.78 51.21 19.88
C LEU S 302 -7.60 52.15 19.75
N LEU S 303 -7.14 52.37 18.53
CA LEU S 303 -5.95 53.19 18.31
C LEU S 303 -6.15 54.59 18.88
N GLN S 304 -7.33 55.18 18.65
CA GLN S 304 -7.61 56.48 19.23
C GLN S 304 -7.55 56.45 20.75
N ARG S 305 -8.22 55.45 21.34
CA ARG S 305 -8.29 55.40 22.79
C ARG S 305 -6.92 55.19 23.40
N ALA S 306 -6.13 54.28 22.83
CA ALA S 306 -4.79 54.04 23.35
C ALA S 306 -3.96 55.30 23.31
N THR S 307 -4.03 56.05 22.21
CA THR S 307 -3.30 57.30 22.12
C THR S 307 -3.75 58.28 23.19
N ASN S 308 -5.06 58.40 23.37
CA ASN S 308 -5.58 59.32 24.37
C ASN S 308 -5.08 58.99 25.75
N LEU S 309 -4.91 57.70 26.05
CA LEU S 309 -4.35 57.31 27.33
C LEU S 309 -2.85 57.57 27.38
N ALA S 310 -2.15 57.31 26.27
CA ALA S 310 -0.70 57.47 26.26
C ALA S 310 -0.32 58.91 26.55
N LEU S 311 -1.04 59.86 25.96
CA LEU S 311 -0.76 61.27 26.22
C LEU S 311 -0.82 61.58 27.70
N LEU S 312 -1.65 60.86 28.45
CA LEU S 312 -1.71 61.06 29.89
C LEU S 312 -0.68 60.23 30.63
N ALA S 313 -0.35 59.04 30.12
CA ALA S 313 0.56 58.16 30.84
C ALA S 313 1.95 58.76 30.97
N VAL S 314 2.37 59.56 29.99
CA VAL S 314 3.70 60.15 30.02
C VAL S 314 3.88 61.04 31.23
N GLN S 315 2.80 61.56 31.79
CA GLN S 315 2.91 62.41 32.97
C GLN S 315 3.37 61.64 34.21
N GLY S 316 3.40 60.32 34.15
CA GLY S 316 3.81 59.51 35.27
C GLY S 316 2.68 58.86 36.04
N VAL S 317 1.59 58.52 35.39
CA VAL S 317 0.44 57.96 36.08
C VAL S 317 0.65 56.45 36.28
N GLN S 318 -0.10 55.89 37.23
CA GLN S 318 -0.04 54.48 37.54
C GLN S 318 -1.43 53.89 37.57
N SER S 319 -1.52 52.60 37.23
CA SER S 319 -2.79 51.89 37.28
C SER S 319 -3.05 51.41 38.70
N GLU S 320 -4.34 51.26 39.04
CA GLU S 320 -4.69 50.82 40.37
C GLU S 320 -4.30 49.38 40.63
N SER S 321 -4.12 48.57 39.59
CA SER S 321 -3.75 47.18 39.72
C SER S 321 -2.47 46.91 38.95
N ALA S 322 -1.62 46.05 39.52
CA ALA S 322 -0.35 45.74 38.88
C ALA S 322 -0.57 44.95 37.60
N ILE S 323 0.37 45.11 36.68
CA ILE S 323 0.31 44.40 35.40
C ILE S 323 1.48 43.43 35.34
N PRO S 324 1.30 42.24 34.77
CA PRO S 324 2.34 41.20 34.86
C PRO S 324 3.60 41.60 34.13
N ALA S 325 4.73 41.09 34.62
CA ALA S 325 6.00 41.29 33.93
C ALA S 325 6.01 40.57 32.59
N ILE S 326 5.38 39.40 32.50
CA ILE S 326 5.29 38.64 31.26
C ILE S 326 3.83 38.37 30.99
N PRO S 327 3.10 39.31 30.40
CA PRO S 327 1.66 39.13 30.22
C PRO S 327 1.32 37.95 29.34
N THR S 328 0.23 37.28 29.66
CA THR S 328 -0.32 36.23 28.82
C THR S 328 -1.46 36.80 27.99
N MET S 329 -1.97 35.96 27.08
CA MET S 329 -3.05 36.39 26.21
C MET S 329 -4.24 36.88 27.01
N SER S 330 -4.57 36.17 28.08
CA SER S 330 -5.69 36.58 28.93
C SER S 330 -5.45 37.96 29.52
N ASP S 331 -4.23 38.23 29.97
CA ASP S 331 -3.92 39.53 30.56
C ASP S 331 -4.16 40.65 29.55
N VAL S 332 -3.67 40.47 28.34
CA VAL S 332 -3.84 41.50 27.32
C VAL S 332 -5.33 41.68 27.02
N ARG S 333 -6.06 40.58 26.92
CA ARG S 333 -7.49 40.67 26.63
C ARG S 333 -8.22 41.50 27.67
N SER S 334 -7.90 41.29 28.94
CA SER S 334 -8.52 42.09 29.99
C SER S 334 -8.19 43.57 29.81
N PHE S 335 -6.95 43.87 29.45
CA PHE S 335 -6.55 45.26 29.28
C PHE S 335 -7.33 45.89 28.13
N VAL S 336 -7.38 45.21 26.98
CA VAL S 336 -8.09 45.75 25.84
C VAL S 336 -9.57 45.92 26.17
N ALA S 337 -10.16 44.93 26.82
CA ALA S 337 -11.57 44.99 27.14
C ALA S 337 -11.89 46.22 27.96
N ARG S 338 -11.08 46.48 28.99
CA ARG S 338 -11.28 47.69 29.77
C ARG S 338 -11.09 48.93 28.93
N LEU S 339 -10.09 48.94 28.06
CA LEU S 339 -9.82 50.13 27.25
C LEU S 339 -10.97 50.43 26.30
N MET S 340 -11.70 49.41 25.88
CA MET S 340 -12.82 49.61 24.95
C MET S 340 -14.15 49.79 25.67
N ALA S 341 -14.16 49.82 26.99
CA ALA S 341 -15.40 50.00 27.72
C ALA S 341 -15.94 51.41 27.52
N GLU S 342 -17.24 51.57 27.76
CA GLU S 342 -17.85 52.89 27.67
C GLU S 342 -17.33 53.79 28.78
N GLY S 343 -17.09 55.04 28.44
CA GLY S 343 -16.59 55.98 29.42
C GLY S 343 -16.04 57.21 28.74
N ASP S 344 -15.71 58.19 29.56
CA ASP S 344 -15.20 59.43 29.02
C ASP S 344 -13.73 59.31 28.67
N PRO S 345 -13.30 59.96 27.59
CA PRO S 345 -11.86 60.11 27.35
C PRO S 345 -11.32 61.30 28.14
N GLN S 346 -10.11 61.16 28.65
CA GLN S 346 -9.49 62.29 29.33
C GLN S 346 -9.22 63.40 28.33
N GLN S 347 -9.34 64.63 28.78
CA GLN S 347 -9.07 65.77 27.93
C GLN S 347 -8.29 66.83 28.69
N TRP S 348 -7.41 66.39 29.58
CA TRP S 348 -6.49 67.34 30.23
C TRP S 348 -5.45 67.85 29.24
N PHE S 349 -4.90 66.96 28.43
CA PHE S 349 -3.85 67.31 27.48
C PHE S 349 -4.33 67.01 26.06
N PRO S 350 -4.35 67.99 25.16
CA PRO S 350 -4.77 67.71 23.79
C PRO S 350 -3.67 67.02 22.99
N TYR S 351 -4.11 66.22 22.03
CA TYR S 351 -3.18 65.61 21.10
C TYR S 351 -2.59 66.66 20.18
N ARG S 352 -1.30 66.56 19.91
CA ARG S 352 -0.66 67.39 18.90
C ARG S 352 0.24 66.51 18.06
N VAL S 353 0.35 66.86 16.78
CA VAL S 353 0.75 65.87 15.77
C VAL S 353 2.15 65.36 16.03
N ASP S 354 3.11 66.26 16.26
CA ASP S 354 4.48 65.83 16.52
C ASP S 354 5.10 66.69 17.62
N GLN S 355 4.34 66.91 18.69
CA GLN S 355 4.90 67.51 19.90
C GLN S 355 4.05 67.05 21.07
N ILE S 356 4.72 66.78 22.19
CA ILE S 356 4.06 66.21 23.36
C ILE S 356 4.13 67.21 24.51
N LEU S 357 3.02 67.39 25.19
CA LEU S 357 2.90 68.33 26.30
C LEU S 357 3.07 67.62 27.62
N TYR S 358 3.79 68.25 28.54
CA TYR S 358 4.03 67.67 29.87
C TYR S 358 3.70 68.69 30.94
N TRP S 359 3.24 68.19 32.07
CA TRP S 359 2.91 69.04 33.21
C TRP S 359 4.20 69.42 33.95
N PRO S 360 4.46 70.70 34.16
CA PRO S 360 5.71 71.07 34.86
C PRO S 360 5.82 70.47 36.24
N GLU S 361 4.70 70.27 36.95
CA GLU S 361 4.77 69.66 38.26
C GLU S 361 5.04 68.16 38.21
N SER S 362 4.96 67.54 37.04
CA SER S 362 5.19 66.12 36.94
C SER S 362 6.65 65.80 37.25
N PRO S 363 6.94 64.62 37.80
CA PRO S 363 8.33 64.20 37.98
C PRO S 363 9.08 64.02 36.68
N PHE S 364 8.38 63.99 35.55
CA PHE S 364 9.03 63.79 34.27
C PHE S 364 10.01 64.90 33.97
N VAL S 365 11.12 64.56 33.33
CA VAL S 365 12.13 65.50 32.92
C VAL S 365 12.29 65.41 31.41
N PRO S 366 12.08 66.50 30.67
CA PRO S 366 12.12 66.41 29.21
C PRO S 366 13.55 66.21 28.72
N PRO S 367 13.73 65.58 27.58
CA PRO S 367 15.06 65.54 26.95
C PRO S 367 15.36 66.84 26.24
N ILE S 368 16.46 66.88 25.49
CA ILE S 368 16.89 68.12 24.86
C ILE S 368 16.13 68.42 23.57
N GLY S 369 15.52 67.42 22.94
CA GLY S 369 14.87 67.61 21.67
C GLY S 369 13.69 68.55 21.75
N PRO S 370 13.24 69.04 20.60
CA PRO S 370 12.11 69.97 20.57
C PRO S 370 10.75 69.31 20.69
N PHE S 371 10.69 67.98 20.83
CA PHE S 371 9.43 67.28 20.76
C PHE S 371 8.57 67.44 22.01
N TYR S 372 9.09 68.04 23.07
CA TYR S 372 8.36 68.16 24.31
C TYR S 372 8.22 69.63 24.71
N ALA S 373 7.12 69.94 25.40
CA ALA S 373 6.84 71.30 25.80
C ALA S 373 5.96 71.30 27.03
N PRO S 374 6.20 72.19 27.99
CA PRO S 374 5.37 72.23 29.20
C PRO S 374 3.97 72.75 28.90
N PHE S 375 3.02 72.36 29.75
CA PHE S 375 1.64 72.77 29.57
C PHE S 375 0.93 72.77 30.91
N ARG S 376 -0.12 73.59 31.01
CA ARG S 376 -0.85 73.80 32.25
C ARG S 376 -2.32 73.42 32.11
N PRO S 377 -2.72 72.22 32.49
CA PRO S 377 -4.15 71.93 32.59
C PRO S 377 -4.77 72.74 33.71
N VAL S 378 -6.07 72.99 33.59
CA VAL S 378 -6.73 73.90 34.52
C VAL S 378 -7.06 73.22 35.85
N ASN S 379 -7.43 71.95 35.83
CA ASN S 379 -7.98 71.31 37.03
C ASN S 379 -7.39 69.90 37.20
N PHE S 380 -6.07 69.80 37.07
CA PHE S 380 -5.42 68.51 37.18
C PHE S 380 -5.46 68.02 38.62
N PRO S 381 -5.95 66.80 38.87
CA PRO S 381 -6.13 66.34 40.25
C PRO S 381 -4.98 65.55 40.84
N PHE S 382 -3.95 65.23 40.08
CA PHE S 382 -2.93 64.32 40.55
C PHE S 382 -1.85 65.05 41.34
N THR S 383 -1.05 64.26 42.05
CA THR S 383 0.08 64.76 42.83
C THR S 383 1.23 63.77 42.71
N THR S 384 2.43 64.27 42.95
CA THR S 384 3.61 63.40 42.94
C THR S 384 3.63 62.53 44.18
N GLY S 385 4.13 61.32 44.03
CA GLY S 385 4.24 60.41 45.16
C GLY S 385 4.23 58.98 44.71
N SER S 386 4.87 58.13 45.51
CA SER S 386 4.92 56.71 45.23
C SER S 386 3.71 56.00 45.78
N TYR S 387 3.44 54.82 45.24
CA TYR S 387 2.30 54.01 45.66
C TYR S 387 2.66 52.54 45.50
N THR S 388 2.54 51.78 46.57
CA THR S 388 2.82 50.35 46.54
C THR S 388 1.52 49.57 46.39
N VAL S 389 1.67 48.31 45.98
CA VAL S 389 0.53 47.43 45.70
C VAL S 389 0.50 46.32 46.75
N VAL S 390 -0.70 46.00 47.20
CA VAL S 390 -0.90 45.01 48.27
C VAL S 390 -1.38 43.70 47.66
N PRO S 391 -0.86 42.56 48.09
CA PRO S 391 -1.33 41.28 47.56
C PRO S 391 -2.79 41.05 47.88
N ASP S 392 -3.42 40.21 47.07
CA ASP S 392 -4.84 39.94 47.20
C ASP S 392 -5.14 39.16 48.47
N ALA S 393 -6.40 39.20 48.89
CA ALA S 393 -6.85 38.61 50.14
C ALA S 393 -7.66 37.35 49.87
N SER S 394 -7.42 36.32 50.67
CA SER S 394 -8.14 35.07 50.55
C SER S 394 -9.49 35.09 51.27
N ARG S 395 -9.82 36.17 51.95
CA ARG S 395 -11.03 36.25 52.76
C ARG S 395 -11.79 37.51 52.41
N PRO S 396 -13.12 37.45 52.44
CA PRO S 396 -13.90 38.70 52.36
C PRO S 396 -13.54 39.62 53.52
N LEU S 397 -13.47 40.91 53.23
CA LEU S 397 -13.00 41.88 54.19
C LEU S 397 -14.14 42.42 55.04
N ARG S 398 -13.80 42.93 56.21
CA ARG S 398 -14.74 43.58 57.11
C ARG S 398 -14.26 45.00 57.37
N LEU S 399 -15.22 45.94 57.41
CA LEU S 399 -14.91 47.33 57.67
C LEU S 399 -15.73 47.83 58.85
N LEU S 400 -15.27 48.92 59.44
CA LEU S 400 -15.95 49.56 60.57
C LEU S 400 -16.39 50.95 60.15
N PRO S 401 -17.68 51.28 60.29
CA PRO S 401 -18.17 52.56 59.75
C PRO S 401 -17.52 53.76 60.43
N GLN S 402 -17.27 54.79 59.62
CA GLN S 402 -16.82 56.09 60.09
C GLN S 402 -17.44 57.14 59.17
N TYR S 403 -17.95 58.21 59.75
CA TYR S 403 -18.88 59.09 59.04
C TYR S 403 -18.31 60.47 58.82
N ARG S 404 -18.74 61.09 57.72
CA ARG S 404 -18.52 62.50 57.47
C ARG S 404 -19.65 63.30 58.11
N ASN S 405 -19.59 64.63 57.97
CA ASN S 405 -20.65 65.47 58.49
C ASN S 405 -21.88 65.50 57.60
N ALA S 406 -21.78 64.99 56.38
CA ALA S 406 -22.91 65.00 55.47
C ALA S 406 -23.93 63.95 55.85
N THR S 407 -25.18 64.21 55.49
CA THR S 407 -26.26 63.26 55.76
C THR S 407 -27.29 63.36 54.65
N ILE S 408 -28.10 62.31 54.54
CA ILE S 408 -29.03 62.16 53.42
C ILE S 408 -30.38 61.72 53.95
N THR S 409 -31.46 62.23 53.37
CA THR S 409 -32.79 61.85 53.82
C THR S 409 -33.10 60.42 53.46
N VAL S 410 -34.02 59.82 54.19
CA VAL S 410 -34.35 58.42 53.96
C VAL S 410 -34.77 58.11 52.53
N GLN S 411 -35.64 58.92 51.94
CA GLN S 411 -36.12 58.56 50.62
C GLN S 411 -34.97 58.41 49.63
N GLN S 412 -34.03 59.35 49.64
CA GLN S 412 -32.86 59.22 48.78
C GLN S 412 -32.09 57.95 49.12
N ALA S 413 -31.97 57.64 50.41
CA ALA S 413 -31.28 56.43 50.80
C ALA S 413 -31.98 55.20 50.23
N ASP S 414 -33.31 55.16 50.33
CA ASP S 414 -34.05 53.98 49.88
C ASP S 414 -33.95 53.81 48.37
N ASP S 415 -34.25 54.86 47.61
CA ASP S 415 -34.23 54.72 46.17
C ASP S 415 -32.82 54.43 45.66
N ALA S 416 -31.80 54.97 46.34
CA ALA S 416 -30.44 54.60 45.99
C ALA S 416 -30.17 53.13 46.28
N TYR S 417 -30.81 52.60 47.31
CA TYR S 417 -30.63 51.19 47.64
C TYR S 417 -31.38 50.28 46.67
N GLU S 418 -32.62 50.63 46.34
CA GLU S 418 -33.50 49.71 45.65
C GLU S 418 -33.06 49.43 44.22
N ASP S 419 -32.19 50.24 43.64
CA ASP S 419 -31.69 50.00 42.30
C ASP S 419 -30.25 49.52 42.28
N THR S 420 -29.65 49.29 43.44
CA THR S 420 -28.30 48.75 43.52
C THR S 420 -28.25 47.47 44.35
N ALA S 421 -29.36 47.06 44.93
CA ALA S 421 -29.39 45.91 45.81
C ALA S 421 -29.69 44.63 45.05
N LEU S 422 -29.20 43.52 45.58
CA LEU S 422 -29.60 42.19 45.11
C LEU S 422 -30.85 41.76 45.88
N SER S 423 -31.97 42.41 45.53
CA SER S 423 -33.15 42.37 46.40
C SER S 423 -33.64 40.95 46.66
N PRO S 424 -33.90 40.11 45.66
CA PRO S 424 -34.08 38.70 45.95
C PRO S 424 -32.73 37.99 45.92
N LEU S 425 -32.48 37.17 46.93
CA LEU S 425 -31.14 36.63 47.12
C LEU S 425 -31.21 35.18 47.56
N ILE S 426 -30.18 34.43 47.20
CA ILE S 426 -30.03 33.03 47.59
C ILE S 426 -28.99 32.95 48.71
N THR S 427 -29.35 32.29 49.80
CA THR S 427 -28.50 32.25 50.98
C THR S 427 -28.44 30.83 51.50
N THR S 428 -27.56 30.62 52.48
CA THR S 428 -27.45 29.36 53.20
C THR S 428 -27.56 29.63 54.70
N HIS S 429 -28.13 28.67 55.41
CA HIS S 429 -28.34 28.85 56.84
C HIS S 429 -27.08 28.54 57.65
N GLY S 430 -26.37 27.48 57.28
CA GLY S 430 -25.35 27.01 58.19
C GLY S 430 -26.02 26.27 59.34
N PHE S 431 -25.28 26.13 60.42
CA PHE S 431 -25.77 25.43 61.61
C PHE S 431 -25.81 26.39 62.78
N CYS S 432 -26.95 26.44 63.46
CA CYS S 432 -27.11 27.31 64.61
C CYS S 432 -26.55 26.67 65.88
N VAL S 433 -27.06 25.49 66.23
CA VAL S 433 -26.57 24.76 67.39
C VAL S 433 -25.39 23.90 66.95
N THR S 434 -24.23 24.13 67.55
CA THR S 434 -23.03 23.40 67.20
C THR S 434 -22.89 22.08 67.94
N GLY S 435 -23.46 21.97 69.13
CA GLY S 435 -23.37 20.74 69.90
C GLY S 435 -23.63 21.01 71.36
N GLY S 436 -23.41 19.97 72.16
CA GLY S 436 -23.62 20.06 73.59
C GLY S 436 -25.08 19.92 73.95
N VAL S 437 -25.33 19.89 75.26
CA VAL S 437 -26.67 19.76 75.80
C VAL S 437 -26.82 20.65 77.02
N SER S 438 -28.07 21.04 77.28
CA SER S 438 -28.41 21.77 78.50
C SER S 438 -29.35 20.78 79.19
N THR S 439 -28.88 20.10 80.22
CA THR S 439 -29.60 19.01 80.85
C THR S 439 -29.95 19.40 82.28
N SER S 440 -31.13 18.96 82.72
CA SER S 440 -31.60 19.23 84.07
C SER S 440 -32.22 17.97 84.63
N ILE S 441 -32.12 17.83 85.95
CA ILE S 441 -32.58 16.64 86.67
C ILE S 441 -33.46 17.08 87.83
N TYR S 442 -34.57 16.38 88.03
CA TYR S 442 -35.50 16.70 89.10
C TYR S 442 -35.81 15.43 89.89
N ASP S 443 -35.38 15.39 91.14
CA ASP S 443 -35.82 14.33 92.03
C ASP S 443 -37.26 14.60 92.45
N ILE S 444 -38.13 13.63 92.19
CA ILE S 444 -39.54 13.80 92.53
C ILE S 444 -39.86 13.21 93.89
N SER S 445 -39.34 12.02 94.18
CA SER S 445 -39.65 11.38 95.45
C SER S 445 -39.14 12.19 96.63
N GLY S 446 -38.09 12.98 96.42
CA GLY S 446 -37.56 13.80 97.49
C GLY S 446 -38.62 14.71 98.07
N ASP S 447 -39.31 15.45 97.20
CA ASP S 447 -40.32 16.40 97.66
C ASP S 447 -41.42 15.75 98.50
N PRO S 448 -41.54 16.16 99.77
CA PRO S 448 -42.65 15.63 100.56
C PRO S 448 -43.97 16.32 100.32
N THR S 449 -43.99 17.40 99.55
CA THR S 449 -45.19 18.23 99.39
C THR S 449 -46.12 17.56 98.41
N ALA S 450 -47.07 16.79 98.93
CA ALA S 450 -48.06 16.13 98.07
C ALA S 450 -48.83 17.16 97.26
N TYR S 451 -49.06 16.84 96.00
CA TYR S 451 -49.73 17.76 95.08
C TYR S 451 -50.65 16.96 94.17
N PRO S 452 -51.96 17.23 94.19
CA PRO S 452 -52.90 16.41 93.43
C PRO S 452 -52.61 16.49 91.93
N PRO S 453 -52.67 15.35 91.24
CA PRO S 453 -52.34 15.36 89.81
C PRO S 453 -53.27 16.19 88.97
N ALA S 454 -54.54 16.30 89.37
CA ALA S 454 -55.50 17.06 88.57
C ALA S 454 -55.11 18.52 88.42
N GLN S 455 -54.32 19.05 89.34
CA GLN S 455 -53.91 20.44 89.32
C GLN S 455 -52.61 20.66 88.56
N LEU S 456 -52.08 19.63 87.91
CA LEU S 456 -50.85 19.78 87.16
C LEU S 456 -51.07 20.62 85.91
N VAL S 457 -50.04 21.38 85.55
CA VAL S 457 -50.08 22.11 84.29
C VAL S 457 -50.11 21.10 83.14
N ASP S 458 -50.72 21.52 82.03
CA ASP S 458 -50.88 20.64 80.88
C ASP S 458 -50.25 21.28 79.65
N THR S 459 -50.29 20.54 78.55
CA THR S 459 -49.66 21.00 77.32
C THR S 459 -50.31 22.28 76.84
N PRO S 460 -49.53 23.22 76.31
CA PRO S 460 -50.13 24.47 75.80
C PRO S 460 -51.10 24.18 74.67
N ASN S 461 -52.13 25.03 74.58
CA ASN S 461 -53.21 24.78 73.63
C ASN S 461 -52.71 24.80 72.20
N ASP S 462 -51.74 25.63 71.90
CA ASP S 462 -51.23 25.78 70.53
C ASP S 462 -50.08 24.85 70.24
N TYR S 463 -49.76 23.93 71.13
CA TYR S 463 -48.53 23.17 71.00
C TYR S 463 -48.48 22.38 69.70
N PHE S 464 -49.63 22.00 69.15
CA PHE S 464 -49.68 21.27 67.89
C PHE S 464 -50.16 22.15 66.75
N ASP S 465 -50.11 23.46 66.91
CA ASP S 465 -50.31 24.35 65.78
C ASP S 465 -49.23 24.10 64.75
N ARG S 466 -49.62 24.19 63.47
CA ARG S 466 -48.68 23.96 62.38
C ARG S 466 -47.46 24.86 62.52
N GLU S 467 -47.69 26.14 62.84
CA GLU S 467 -46.59 27.09 62.88
C GLU S 467 -45.54 26.68 63.90
N ARG S 468 -45.98 26.39 65.13
CA ARG S 468 -45.02 25.96 66.14
C ARG S 468 -44.36 24.66 65.73
N MET S 469 -45.14 23.73 65.18
CA MET S 469 -44.55 22.49 64.69
C MET S 469 -43.54 22.78 63.59
N ALA S 470 -43.86 23.70 62.69
CA ALA S 470 -42.93 24.05 61.63
C ALA S 470 -41.63 24.58 62.19
N ARG S 471 -41.72 25.51 63.15
CA ARG S 471 -40.51 26.00 63.80
C ARG S 471 -39.80 24.88 64.53
N ARG S 472 -40.57 23.99 65.17
CA ARG S 472 -39.98 22.86 65.86
C ARG S 472 -39.14 22.02 64.91
N ASP S 473 -39.69 21.71 63.74
CA ASP S 473 -38.93 20.96 62.75
C ASP S 473 -37.74 21.76 62.24
N LEU S 474 -37.95 23.06 61.98
CA LEU S 474 -36.86 23.89 61.47
C LEU S 474 -35.68 23.89 62.43
N PHE S 475 -35.95 24.00 63.73
CA PHE S 475 -34.88 23.94 64.70
C PHE S 475 -34.18 22.59 64.67
N ARG S 476 -34.94 21.51 64.42
CA ARG S 476 -34.34 20.19 64.35
C ARG S 476 -33.29 20.13 63.25
N ARG S 477 -33.58 20.75 62.10
CA ARG S 477 -32.59 20.77 61.02
C ARG S 477 -31.37 21.59 61.41
N LEU S 478 -31.57 22.70 62.11
CA LEU S 478 -30.51 23.67 62.29
C LEU S 478 -29.38 23.16 63.18
N ARG S 479 -29.59 22.12 63.96
CA ARG S 479 -28.52 21.60 64.79
C ARG S 479 -27.47 20.94 63.91
N ALA S 480 -26.21 21.07 64.32
CA ALA S 480 -25.12 20.44 63.60
C ALA S 480 -25.32 18.94 63.55
N PRO S 481 -24.97 18.29 62.44
CA PRO S 481 -25.28 16.86 62.28
C PRO S 481 -24.42 16.01 63.20
N ALA S 482 -25.08 15.09 63.90
CA ALA S 482 -24.42 14.11 64.77
C ALA S 482 -25.47 13.07 65.14
N ASP S 483 -25.10 12.13 65.99
CA ASP S 483 -26.04 11.10 66.48
C ASP S 483 -26.77 11.68 67.69
N ARG S 484 -28.04 12.02 67.50
CA ARG S 484 -28.82 12.57 68.60
C ARG S 484 -28.96 11.56 69.74
N SER S 485 -29.28 10.31 69.40
CA SER S 485 -29.53 9.32 70.43
C SER S 485 -28.27 9.02 71.23
N ALA S 486 -27.11 9.02 70.58
CA ALA S 486 -25.86 8.76 71.27
C ALA S 486 -25.66 9.75 72.42
N ILE S 487 -25.77 11.04 72.12
CA ILE S 487 -25.63 12.04 73.16
C ILE S 487 -26.74 11.89 74.19
N LYS S 488 -27.96 11.69 73.73
CA LYS S 488 -29.10 11.59 74.64
C LYS S 488 -28.93 10.43 75.61
N ASP S 489 -28.59 9.25 75.09
CA ASP S 489 -28.40 8.10 75.95
C ASP S 489 -27.24 8.31 76.91
N ARG S 490 -26.14 8.88 76.41
CA ARG S 490 -24.97 9.06 77.25
C ARG S 490 -25.29 9.92 78.46
N ALA S 491 -26.11 10.96 78.27
CA ALA S 491 -26.48 11.81 79.39
C ALA S 491 -27.23 11.01 80.45
N VAL S 492 -28.16 10.16 80.03
CA VAL S 492 -28.95 9.39 80.99
C VAL S 492 -28.07 8.43 81.76
N PHE S 493 -27.22 7.69 81.05
CA PHE S 493 -26.38 6.71 81.71
C PHE S 493 -25.39 7.36 82.65
N ASP S 494 -24.97 8.59 82.35
CA ASP S 494 -24.15 9.32 83.31
C ASP S 494 -24.87 9.47 84.63
N PHE S 495 -26.16 9.81 84.58
CA PHE S 495 -26.94 9.89 85.80
C PHE S 495 -27.07 8.53 86.47
N LEU S 496 -27.34 7.49 85.69
CA LEU S 496 -27.56 6.17 86.26
C LEU S 496 -26.32 5.67 86.97
N ALA S 497 -25.13 5.97 86.43
CA ALA S 497 -23.90 5.54 87.07
C ALA S 497 -23.77 6.13 88.46
N SER S 498 -24.41 7.26 88.72
CA SER S 498 -24.37 7.90 90.03
C SER S 498 -25.52 7.50 90.93
N LEU S 499 -26.49 6.75 90.43
CA LEU S 499 -27.68 6.45 91.21
C LEU S 499 -27.34 5.52 92.37
N VAL S 500 -27.75 5.90 93.57
CA VAL S 500 -27.43 5.18 94.79
C VAL S 500 -28.69 5.06 95.63
N ASN S 501 -28.91 3.87 96.20
CA ASN S 501 -30.12 3.67 96.98
C ASN S 501 -30.10 4.54 98.23
N PRO S 502 -31.25 5.08 98.63
CA PRO S 502 -31.24 6.00 99.78
C PRO S 502 -31.12 5.30 101.10
N THR S 503 -31.63 4.07 101.21
CA THR S 503 -31.69 3.41 102.51
C THR S 503 -30.32 2.95 102.98
N THR S 504 -29.49 2.42 102.09
CA THR S 504 -28.21 1.85 102.47
C THR S 504 -27.03 2.48 101.77
N ALA S 505 -27.26 3.53 100.97
CA ALA S 505 -26.19 4.34 100.40
C ALA S 505 -25.17 3.49 99.63
N ASN S 506 -25.68 2.57 98.82
CA ASN S 506 -24.85 1.83 97.90
C ASN S 506 -25.42 1.95 96.50
N PRO S 507 -24.58 1.90 95.47
CA PRO S 507 -25.07 2.11 94.11
C PRO S 507 -26.13 1.08 93.74
N VAL S 508 -27.15 1.55 93.02
CA VAL S 508 -28.23 0.66 92.61
C VAL S 508 -27.72 -0.37 91.62
N LEU S 509 -26.90 0.05 90.67
CA LEU S 509 -26.34 -0.89 89.71
C LEU S 509 -25.12 -1.59 90.32
N ASP S 510 -24.69 -2.66 89.66
CA ASP S 510 -23.58 -3.46 90.15
C ASP S 510 -22.90 -4.11 88.95
N THR S 511 -21.66 -4.53 89.15
CA THR S 511 -20.95 -5.30 88.15
C THR S 511 -21.74 -6.54 87.77
N SER S 512 -21.65 -6.92 86.50
CA SER S 512 -22.32 -8.08 85.95
C SER S 512 -23.84 -7.95 85.98
N PHE S 513 -24.36 -6.75 86.10
CA PHE S 513 -25.81 -6.59 86.13
C PHE S 513 -26.41 -6.96 84.79
N SER S 514 -27.65 -7.44 84.82
CA SER S 514 -28.35 -7.86 83.62
C SER S 514 -29.16 -6.70 83.07
N MET S 515 -28.98 -6.42 81.78
CA MET S 515 -29.58 -5.26 81.14
C MET S 515 -30.32 -5.67 79.88
N ALA S 516 -31.48 -5.06 79.68
CA ALA S 516 -32.24 -5.21 78.44
C ALA S 516 -32.44 -3.83 77.83
N TYR S 517 -31.89 -3.61 76.64
CA TYR S 517 -32.15 -2.38 75.90
C TYR S 517 -33.53 -2.49 75.26
N LEU S 518 -34.54 -2.39 76.12
CA LEU S 518 -35.92 -2.56 75.66
C LEU S 518 -36.27 -1.53 74.62
N GLY S 519 -35.62 -0.38 74.64
CA GLY S 519 -35.81 0.62 73.62
C GLY S 519 -35.47 0.04 72.26
N ALA S 520 -36.01 0.64 71.21
CA ALA S 520 -35.89 0.07 69.87
C ALA S 520 -34.44 0.21 69.41
N SER S 521 -33.68 -0.86 69.54
CA SER S 521 -32.42 -0.97 68.82
C SER S 521 -32.72 -0.91 67.33
N SER S 522 -32.17 0.08 66.64
CA SER S 522 -32.73 0.44 65.34
C SER S 522 -31.66 0.62 64.27
N ALA S 523 -30.51 -0.03 64.43
CA ALA S 523 -29.42 0.05 63.45
C ALA S 523 -29.12 1.51 63.12
N HIS S 524 -28.85 2.28 64.17
CA HIS S 524 -28.73 3.72 64.04
C HIS S 524 -27.54 4.09 63.17
N ALA S 525 -27.79 4.96 62.19
CA ALA S 525 -26.76 5.48 61.31
C ALA S 525 -25.93 4.36 60.68
N ASN S 526 -24.62 4.39 60.92
CA ASN S 526 -23.72 3.43 60.30
C ASN S 526 -23.69 2.09 61.01
N ALA S 527 -24.17 2.01 62.23
CA ALA S 527 -24.09 0.79 63.01
C ALA S 527 -25.38 -0.01 62.90
N ASP S 528 -25.31 -1.26 63.37
CA ASP S 528 -26.47 -2.14 63.43
C ASP S 528 -27.16 -2.13 64.79
N GLU S 529 -26.58 -1.46 65.78
CA GLU S 529 -27.14 -1.38 67.12
C GLU S 529 -26.83 0.01 67.66
N PRO S 530 -27.58 0.46 68.66
CA PRO S 530 -27.28 1.78 69.24
C PRO S 530 -25.84 1.85 69.71
N VAL S 531 -25.17 2.94 69.33
CA VAL S 531 -23.72 3.03 69.51
C VAL S 531 -23.36 3.03 70.99
N ILE S 532 -24.28 3.48 71.85
CA ILE S 532 -23.99 3.54 73.28
C ILE S 532 -23.63 2.17 73.84
N LEU S 533 -24.06 1.09 73.18
CA LEU S 533 -23.76 -0.25 73.67
C LEU S 533 -22.26 -0.51 73.67
N ALA S 534 -21.55 0.01 72.66
CA ALA S 534 -20.11 -0.20 72.60
C ALA S 534 -19.42 0.39 73.83
N ASP S 535 -19.81 1.60 74.22
CA ASP S 535 -19.25 2.21 75.42
C ASP S 535 -19.59 1.39 76.66
N ILE S 536 -20.83 0.91 76.74
CA ILE S 536 -21.26 0.18 77.91
C ILE S 536 -20.48 -1.13 78.04
N ARG S 537 -20.35 -1.87 76.93
CA ARG S 537 -19.61 -3.12 76.99
C ARG S 537 -18.15 -2.89 77.34
N SER S 538 -17.60 -1.76 76.94
CA SER S 538 -16.18 -1.47 77.13
C SER S 538 -15.90 -0.73 78.43
N GLY S 539 -16.91 -0.41 79.22
CA GLY S 539 -16.66 0.37 80.41
C GLY S 539 -16.19 1.77 80.15
N SER S 540 -16.49 2.31 78.97
CA SER S 540 -16.04 3.66 78.63
C SER S 540 -16.66 4.69 79.56
N ILE S 541 -17.91 4.49 79.95
CA ILE S 541 -18.60 5.45 80.81
C ILE S 541 -18.00 5.38 82.21
N PRO S 542 -17.47 6.48 82.73
CA PRO S 542 -16.87 6.44 84.06
C PRO S 542 -17.91 6.18 85.12
N GLY S 543 -17.54 5.35 86.10
CA GLY S 543 -18.41 5.03 87.21
C GLY S 543 -19.49 4.03 86.91
N LEU S 544 -19.62 3.60 85.67
CA LEU S 544 -20.67 2.64 85.33
C LEU S 544 -20.11 1.24 85.34
N PRO S 545 -20.72 0.30 86.07
CA PRO S 545 -20.21 -1.07 86.08
C PRO S 545 -20.51 -1.79 84.77
N ILE S 546 -19.79 -2.88 84.56
CA ILE S 546 -19.93 -3.66 83.34
C ILE S 546 -21.13 -4.59 83.48
N PRO S 547 -22.08 -4.58 82.54
CA PRO S 547 -23.16 -5.57 82.57
C PRO S 547 -22.68 -6.94 82.16
N ARG S 548 -23.34 -7.96 82.70
CA ARG S 548 -23.02 -9.32 82.31
C ARG S 548 -23.46 -9.61 80.88
N ARG S 549 -24.64 -9.12 80.49
CA ARG S 549 -25.15 -9.34 79.15
C ARG S 549 -26.20 -8.29 78.85
N ILE S 550 -26.42 -8.06 77.55
CA ILE S 550 -27.36 -7.06 77.07
C ILE S 550 -28.28 -7.71 76.05
N VAL S 551 -29.58 -7.46 76.18
CA VAL S 551 -30.57 -8.00 75.27
C VAL S 551 -31.34 -6.84 74.65
N GLN S 552 -31.79 -7.03 73.42
CA GLN S 552 -32.40 -5.96 72.64
C GLN S 552 -33.79 -6.37 72.18
N PHE S 553 -34.68 -5.39 72.08
CA PHE S 553 -36.05 -5.63 71.69
C PHE S 553 -36.59 -4.40 70.99
N GLY S 554 -37.71 -4.60 70.27
CA GLY S 554 -38.39 -3.53 69.58
C GLY S 554 -38.85 -3.98 68.21
N TYR S 555 -39.09 -2.99 67.35
CA TYR S 555 -39.52 -3.27 65.98
C TYR S 555 -38.36 -3.35 65.01
N ASP S 556 -37.31 -2.56 65.22
CA ASP S 556 -36.23 -2.41 64.25
C ASP S 556 -34.96 -3.15 64.67
N VAL S 557 -35.10 -4.18 65.51
CA VAL S 557 -33.92 -4.88 66.01
C VAL S 557 -33.32 -5.75 64.92
N VAL S 558 -32.05 -6.09 65.10
CA VAL S 558 -31.41 -7.13 64.30
C VAL S 558 -30.83 -8.18 65.23
N HIS S 559 -30.04 -7.75 66.21
CA HIS S 559 -29.43 -8.66 67.17
C HIS S 559 -30.31 -8.84 68.40
N GLY S 560 -31.55 -9.26 68.18
CA GLY S 560 -32.48 -9.46 69.26
C GLY S 560 -33.77 -10.10 68.81
N SER S 561 -34.90 -9.61 69.32
CA SER S 561 -36.18 -10.19 68.98
C SER S 561 -37.20 -9.09 68.74
N LEU S 562 -38.16 -9.37 67.86
CA LEU S 562 -39.21 -8.43 67.53
C LEU S 562 -40.44 -8.71 68.37
N LEU S 563 -41.06 -7.65 68.87
CA LEU S 563 -42.30 -7.77 69.62
C LEU S 563 -42.88 -6.40 69.87
N ASP S 564 -44.17 -6.36 70.17
CA ASP S 564 -44.85 -5.13 70.54
C ASP S 564 -44.86 -5.01 72.05
N LEU S 565 -44.35 -3.90 72.56
CA LEU S 565 -44.29 -3.68 73.99
C LEU S 565 -45.62 -3.28 74.59
N SER S 566 -46.65 -3.11 73.76
CA SER S 566 -47.96 -2.73 74.28
C SER S 566 -48.68 -3.88 74.96
N ARG S 567 -48.33 -5.12 74.63
CA ARG S 567 -48.99 -6.28 75.19
C ARG S 567 -48.07 -7.00 76.18
N ALA S 568 -48.59 -8.07 76.76
CA ALA S 568 -47.76 -8.93 77.59
C ALA S 568 -46.68 -9.57 76.74
N VAL S 569 -45.57 -9.93 77.38
CA VAL S 569 -44.41 -10.44 76.65
C VAL S 569 -43.94 -11.75 77.25
N PRO S 570 -43.48 -12.69 76.44
CA PRO S 570 -42.93 -13.96 76.94
C PRO S 570 -41.41 -13.87 77.18
N THR S 571 -41.02 -13.19 78.24
CA THR S 571 -39.62 -12.90 78.50
C THR S 571 -39.28 -13.22 79.94
N GLY S 572 -37.99 -13.21 80.23
CA GLY S 572 -37.51 -13.30 81.60
C GLY S 572 -37.58 -11.94 82.27
N THR S 573 -36.53 -11.57 82.99
CA THR S 573 -36.49 -10.28 83.66
C THR S 573 -35.05 -9.85 83.87
N PHE S 574 -34.86 -8.57 84.16
CA PHE S 574 -33.54 -7.97 84.15
C PHE S 574 -33.38 -7.01 85.31
N GLY S 575 -32.13 -6.61 85.55
CA GLY S 575 -31.83 -5.62 86.56
C GLY S 575 -32.08 -4.23 86.07
N LEU S 576 -31.62 -3.92 84.86
CA LEU S 576 -31.84 -2.63 84.24
C LEU S 576 -32.65 -2.81 82.96
N VAL S 577 -33.74 -2.07 82.86
CA VAL S 577 -34.55 -2.03 81.65
C VAL S 577 -34.51 -0.61 81.11
N TYR S 578 -33.97 -0.45 79.92
CA TYR S 578 -33.81 0.86 79.29
C TYR S 578 -34.82 0.96 78.15
N ALA S 579 -35.94 1.62 78.40
CA ALA S 579 -37.06 1.66 77.47
C ALA S 579 -37.04 2.97 76.71
N ASP S 580 -36.20 3.01 75.67
CA ASP S 580 -36.18 4.15 74.74
C ASP S 580 -37.17 3.86 73.61
N LEU S 581 -38.44 4.08 73.92
CA LEU S 581 -39.52 3.87 72.96
C LEU S 581 -40.17 5.20 72.60
N ASP S 582 -40.41 5.40 71.31
CA ASP S 582 -41.23 6.51 70.88
C ASP S 582 -42.70 6.13 71.00
N GLN S 583 -43.54 7.15 71.16
CA GLN S 583 -44.99 6.98 71.08
C GLN S 583 -45.60 7.62 69.85
N VAL S 584 -44.89 8.57 69.22
CA VAL S 584 -45.46 9.35 68.13
C VAL S 584 -45.65 8.54 66.86
N GLU S 585 -44.94 7.43 66.73
CA GLU S 585 -44.93 6.71 65.45
C GLU S 585 -46.30 6.18 65.05
N ASP S 586 -47.25 6.12 65.98
CA ASP S 586 -48.62 5.75 65.62
C ASP S 586 -49.63 6.75 66.16
N ALA S 587 -49.18 7.91 66.63
CA ALA S 587 -50.09 8.94 67.12
C ALA S 587 -49.41 10.29 66.87
N GLY S 588 -49.76 10.94 65.76
CA GLY S 588 -49.15 12.23 65.45
C GLY S 588 -49.55 13.31 66.44
N THR S 589 -50.85 13.47 66.66
CA THR S 589 -51.34 14.45 67.63
C THR S 589 -52.48 13.90 68.48
N ASP S 590 -52.82 12.62 68.34
CA ASP S 590 -53.95 12.03 69.06
C ASP S 590 -53.51 11.75 70.49
N MET S 591 -53.71 12.72 71.36
CA MET S 591 -53.20 12.62 72.72
C MET S 591 -53.74 11.42 73.48
N PRO S 592 -55.06 11.15 73.53
CA PRO S 592 -55.51 9.97 74.28
C PRO S 592 -54.90 8.68 73.78
N ALA S 593 -54.72 8.55 72.46
CA ALA S 593 -54.02 7.40 71.92
C ALA S 593 -52.58 7.35 72.41
N ALA S 594 -51.90 8.51 72.42
CA ALA S 594 -50.55 8.55 72.91
C ALA S 594 -50.49 8.19 74.39
N ASN S 595 -51.46 8.64 75.16
CA ASN S 595 -51.48 8.34 76.59
C ASN S 595 -51.60 6.84 76.83
N ARG S 596 -52.49 6.18 76.10
CA ARG S 596 -52.65 4.75 76.27
C ARG S 596 -51.36 4.01 75.95
N ALA S 597 -50.71 4.40 74.86
CA ALA S 597 -49.45 3.76 74.49
C ALA S 597 -48.40 3.94 75.58
N ALA S 598 -48.27 5.16 76.09
CA ALA S 598 -47.27 5.43 77.12
C ALA S 598 -47.54 4.62 78.37
N ILE S 599 -48.79 4.60 78.81
CA ILE S 599 -49.14 3.87 80.04
C ILE S 599 -48.86 2.38 79.85
N ALA S 600 -49.27 1.83 78.72
CA ALA S 600 -49.09 0.41 78.48
C ALA S 600 -47.61 0.04 78.48
N MET S 601 -46.80 0.82 77.77
CA MET S 601 -45.37 0.54 77.73
C MET S 601 -44.76 0.66 79.12
N LEU S 602 -45.21 1.65 79.89
CA LEU S 602 -44.70 1.81 81.25
C LEU S 602 -44.95 0.56 82.07
N GLY S 603 -46.16 0.02 81.99
CA GLY S 603 -46.47 -1.16 82.77
C GLY S 603 -45.61 -2.34 82.40
N THR S 604 -45.47 -2.60 81.10
CA THR S 604 -44.65 -3.73 80.68
C THR S 604 -43.20 -3.54 81.08
N ALA S 605 -42.69 -2.32 80.95
CA ALA S 605 -41.30 -2.06 81.34
C ALA S 605 -41.09 -2.37 82.82
N LEU S 606 -42.03 -1.97 83.67
CA LEU S 606 -41.93 -2.31 85.08
C LEU S 606 -41.96 -3.81 85.28
N GLN S 607 -42.81 -4.51 84.54
CA GLN S 607 -42.96 -5.95 84.71
C GLN S 607 -41.69 -6.71 84.37
N MET S 608 -40.82 -6.14 83.54
CA MET S 608 -39.62 -6.84 83.13
C MET S 608 -38.44 -6.65 84.08
N THR S 609 -38.59 -5.81 85.11
CA THR S 609 -37.52 -5.59 86.06
C THR S 609 -37.62 -6.56 87.22
N THR S 610 -36.49 -7.05 87.69
CA THR S 610 -36.45 -7.85 88.90
C THR S 610 -36.69 -6.96 90.11
N ALA S 611 -36.87 -7.60 91.27
CA ALA S 611 -36.97 -6.86 92.51
C ALA S 611 -35.68 -6.09 92.77
N GLY S 612 -35.82 -4.85 93.21
CA GLY S 612 -34.67 -4.01 93.45
C GLY S 612 -34.01 -3.47 92.20
N GLY S 613 -34.57 -3.76 91.03
CA GLY S 613 -34.00 -3.26 89.79
C GLY S 613 -34.40 -1.83 89.53
N VAL S 614 -34.04 -1.35 88.35
CA VAL S 614 -34.30 0.02 87.93
C VAL S 614 -34.74 0.01 86.48
N SER S 615 -35.75 0.82 86.17
CA SER S 615 -36.25 0.95 84.80
C SER S 615 -36.39 2.42 84.46
N VAL S 616 -36.11 2.75 83.21
CA VAL S 616 -36.27 4.11 82.70
C VAL S 616 -37.16 4.06 81.47
N LEU S 617 -37.87 5.15 81.23
CA LEU S 617 -38.79 5.23 80.11
C LEU S 617 -38.77 6.63 79.54
N LYS S 618 -38.73 6.72 78.21
CA LYS S 618 -38.84 8.00 77.53
C LYS S 618 -40.30 8.27 77.20
N VAL S 619 -40.78 9.45 77.58
CA VAL S 619 -42.16 9.84 77.34
C VAL S 619 -42.16 11.08 76.44
N ASN S 620 -42.91 10.99 75.34
CA ASN S 620 -42.96 12.10 74.40
C ASN S 620 -43.73 13.27 74.97
N PHE S 621 -44.86 13.01 75.64
CA PHE S 621 -45.76 14.07 76.09
C PHE S 621 -46.17 13.84 77.53
N PRO S 622 -45.51 14.51 78.47
CA PRO S 622 -45.92 14.43 79.87
C PRO S 622 -47.23 15.17 80.09
N THR S 623 -48.34 14.53 79.76
CA THR S 623 -49.67 15.12 79.87
C THR S 623 -50.27 14.81 81.23
N ARG S 624 -51.03 15.79 81.76
CA ARG S 624 -51.62 15.60 83.08
C ARG S 624 -52.52 14.38 83.11
N ALA S 625 -53.18 14.06 82.00
CA ALA S 625 -53.93 12.81 81.93
C ALA S 625 -52.99 11.63 82.11
N PHE S 626 -51.84 11.66 81.44
CA PHE S 626 -50.86 10.60 81.60
C PHE S 626 -50.41 10.48 83.05
N TRP S 627 -50.08 11.62 83.67
CA TRP S 627 -49.64 11.59 85.06
C TRP S 627 -50.72 11.05 85.96
N THR S 628 -51.98 11.35 85.66
CA THR S 628 -53.08 10.87 86.49
C THR S 628 -53.08 9.35 86.56
N GLN S 629 -52.91 8.70 85.41
CA GLN S 629 -52.93 7.24 85.39
C GLN S 629 -51.67 6.65 86.01
N VAL S 630 -50.55 7.36 85.91
CA VAL S 630 -49.30 6.83 86.44
C VAL S 630 -49.44 6.54 87.93
N PHE S 631 -49.93 7.52 88.68
CA PHE S 631 -50.12 7.32 90.11
C PHE S 631 -51.37 6.53 90.42
N ASN S 632 -52.28 6.39 89.46
CA ASN S 632 -53.45 5.56 89.68
C ASN S 632 -53.08 4.08 89.67
N LEU S 633 -52.03 3.70 88.94
CA LEU S 633 -51.71 2.30 88.72
C LEU S 633 -50.40 1.87 89.35
N TYR S 634 -49.29 2.50 88.98
CA TYR S 634 -47.97 2.00 89.33
C TYR S 634 -47.40 2.62 90.59
N ALA S 635 -48.25 3.21 91.42
CA ALA S 635 -47.75 4.01 92.54
C ALA S 635 -46.96 3.19 93.55
N THR S 636 -47.09 1.87 93.54
CA THR S 636 -46.45 1.03 94.54
C THR S 636 -45.33 0.16 93.98
N HIS S 637 -44.99 0.33 92.71
CA HIS S 637 -44.08 -0.61 92.06
C HIS S 637 -42.62 -0.26 92.23
N ALA S 638 -42.29 0.88 92.84
CA ALA S 638 -40.90 1.27 92.98
C ALA S 638 -40.75 2.19 94.18
N THR S 639 -39.51 2.39 94.60
CA THR S 639 -39.23 3.19 95.77
C THR S 639 -39.08 4.67 95.45
N THR S 640 -38.41 5.01 94.36
CA THR S 640 -38.07 6.39 94.07
C THR S 640 -38.28 6.70 92.60
N LEU S 641 -38.33 8.00 92.30
CA LEU S 641 -38.59 8.46 90.94
C LEU S 641 -37.93 9.80 90.72
N HIS S 642 -37.33 9.97 89.54
CA HIS S 642 -36.72 11.22 89.13
C HIS S 642 -37.13 11.54 87.71
N LEU S 643 -36.80 12.74 87.27
CA LEU S 643 -36.99 13.16 85.89
C LEU S 643 -35.67 13.66 85.34
N VAL S 644 -35.23 13.04 84.25
CA VAL S 644 -34.01 13.43 83.55
C VAL S 644 -34.41 14.05 82.23
N LYS S 645 -33.97 15.29 81.99
CA LYS S 645 -34.37 16.04 80.81
C LYS S 645 -33.14 16.58 80.09
N PRO S 646 -32.60 15.84 79.14
CA PRO S 646 -31.62 16.41 78.23
C PRO S 646 -32.32 17.25 77.17
N THR S 647 -31.64 18.31 76.75
CA THR S 647 -32.13 19.16 75.67
C THR S 647 -31.12 19.12 74.53
N ILE S 648 -31.50 18.49 73.43
CA ILE S 648 -30.69 18.47 72.22
C ILE S 648 -31.32 19.32 71.13
N VAL S 649 -32.62 19.18 70.92
CA VAL S 649 -33.41 20.09 70.12
C VAL S 649 -34.69 20.38 70.89
N ASN S 650 -35.42 21.40 70.45
CA ASN S 650 -36.62 21.83 71.17
C ASN S 650 -37.67 20.74 71.15
N SER S 651 -37.87 20.07 72.29
CA SER S 651 -38.87 19.02 72.38
C SER S 651 -39.35 18.92 73.82
N SER S 652 -40.56 18.40 73.99
CA SER S 652 -41.19 18.27 75.29
C SER S 652 -41.00 16.90 75.91
N GLU S 653 -40.21 16.03 75.28
CA GLU S 653 -40.04 14.68 75.80
C GLU S 653 -39.18 14.70 77.05
N VAL S 654 -39.38 13.67 77.89
CA VAL S 654 -38.67 13.53 79.16
C VAL S 654 -38.34 12.07 79.38
N PHE S 655 -37.48 11.82 80.36
CA PHE S 655 -37.11 10.48 80.77
C PHE S 655 -37.54 10.25 82.22
N LEU S 656 -38.41 9.26 82.41
CA LEU S 656 -38.72 8.80 83.75
C LEU S 656 -37.68 7.77 84.19
N VAL S 657 -37.47 7.66 85.50
CA VAL S 657 -36.58 6.65 86.03
C VAL S 657 -37.11 6.15 87.36
N PHE S 658 -37.48 4.87 87.41
CA PHE S 658 -38.02 4.26 88.61
C PHE S 658 -36.94 3.44 89.27
N GLY S 659 -36.57 3.82 90.48
CA GLY S 659 -35.55 3.12 91.24
C GLY S 659 -36.15 2.24 92.32
N GLY S 660 -35.49 1.12 92.58
CA GLY S 660 -35.93 0.22 93.61
C GLY S 660 -37.23 -0.47 93.27
N ARG S 661 -37.21 -1.32 92.25
CA ARG S 661 -38.40 -2.08 91.88
C ARG S 661 -38.83 -2.96 93.04
N GLN S 662 -40.05 -2.74 93.52
CA GLN S 662 -40.57 -3.52 94.63
C GLN S 662 -42.09 -3.49 94.55
N SER S 663 -42.73 -4.11 95.53
CA SER S 663 -44.18 -4.26 95.48
C SER S 663 -44.92 -3.19 96.27
N ASN S 664 -44.30 -2.59 97.28
CA ASN S 664 -45.03 -1.76 98.22
C ASN S 664 -44.51 -0.33 98.26
N GLY S 665 -44.32 0.27 97.08
CA GLY S 665 -43.93 1.66 97.02
C GLY S 665 -45.09 2.59 97.35
N ALA S 666 -44.76 3.87 97.52
CA ALA S 666 -45.74 4.88 97.89
C ALA S 666 -45.51 6.17 97.13
N LEU S 667 -45.29 6.06 95.81
CA LEU S 667 -45.04 7.24 95.01
C LEU S 667 -46.29 8.11 94.88
N ARG S 668 -46.10 9.42 94.92
CA ARG S 668 -47.19 10.38 94.81
C ARG S 668 -46.77 11.55 93.93
N SER S 669 -47.76 12.21 93.36
CA SER S 669 -47.52 13.46 92.65
C SER S 669 -47.21 14.56 93.66
N THR S 670 -46.12 15.29 93.44
CA THR S 670 -45.67 16.28 94.40
C THR S 670 -45.21 17.53 93.67
N THR S 671 -45.03 18.62 94.44
CA THR S 671 -44.78 19.92 93.85
C THR S 671 -43.53 19.94 92.99
N ALA S 672 -42.57 19.04 93.26
CA ALA S 672 -41.40 18.96 92.40
C ALA S 672 -41.80 18.70 90.97
N LEU S 673 -42.80 17.83 90.76
CA LEU S 673 -43.28 17.57 89.42
C LEU S 673 -43.84 18.84 88.78
N GLN S 674 -44.65 19.59 89.54
CA GLN S 674 -45.21 20.81 88.99
C GLN S 674 -44.13 21.81 88.64
N ARG S 675 -43.11 21.92 89.47
CA ARG S 675 -42.02 22.80 89.16
C ARG S 675 -41.34 22.39 87.87
N ALA S 676 -41.06 21.10 87.73
CA ALA S 676 -40.33 20.62 86.57
C ALA S 676 -41.10 20.93 85.28
N LEU S 677 -42.39 20.64 85.27
CA LEU S 677 -43.18 20.88 84.06
C LEU S 677 -43.20 22.36 83.70
N LEU S 678 -43.38 23.23 84.69
CA LEU S 678 -43.40 24.66 84.43
C LEU S 678 -42.10 25.10 83.79
N SER S 679 -40.98 24.66 84.34
CA SER S 679 -39.68 25.01 83.77
C SER S 679 -39.55 24.48 82.36
N LEU S 680 -40.03 23.26 82.12
CA LEU S 680 -39.90 22.66 80.80
C LEU S 680 -40.62 23.49 79.74
N TYR S 681 -41.90 23.77 79.97
CA TYR S 681 -42.66 24.51 78.98
C TYR S 681 -42.09 25.91 78.80
N ALA S 682 -41.56 26.50 79.87
CA ALA S 682 -40.98 27.83 79.77
C ALA S 682 -39.85 27.84 78.77
N ARG S 683 -38.94 26.87 78.85
CA ARG S 683 -37.87 26.78 77.88
C ARG S 683 -38.42 26.60 76.47
N ASN S 684 -39.40 25.72 76.31
CA ASN S 684 -39.94 25.43 74.99
C ASN S 684 -40.52 26.69 74.37
N ALA S 685 -41.29 27.46 75.15
CA ALA S 685 -41.81 28.71 74.66
C ALA S 685 -40.69 29.68 74.30
N ALA S 686 -39.66 29.74 75.16
CA ALA S 686 -38.55 30.66 74.90
C ALA S 686 -37.85 30.31 73.60
N ILE S 687 -37.58 29.02 73.38
CA ILE S 687 -36.92 28.61 72.15
C ILE S 687 -37.78 28.97 70.95
N ASP S 688 -39.08 28.73 71.04
CA ASP S 688 -39.96 29.01 69.91
C ASP S 688 -39.91 30.49 69.54
N ARG S 689 -39.89 31.37 70.54
CA ARG S 689 -39.83 32.80 70.25
C ARG S 689 -38.57 33.14 69.48
N ALA S 690 -37.44 32.53 69.86
CA ALA S 690 -36.19 32.83 69.17
C ALA S 690 -36.24 32.39 67.71
N VAL S 691 -36.79 31.20 67.45
CA VAL S 691 -36.80 30.67 66.09
C VAL S 691 -37.63 31.54 65.15
N THR S 692 -38.60 32.29 65.68
CA THR S 692 -39.52 33.03 64.83
C THR S 692 -38.78 33.96 63.87
N HIS S 693 -37.62 34.45 64.26
CA HIS S 693 -36.88 35.37 63.40
C HIS S 693 -36.22 34.68 62.22
N ILE S 694 -36.15 33.36 62.20
CA ILE S 694 -35.38 32.64 61.20
C ILE S 694 -36.26 32.28 60.01
N PRO S 695 -35.82 32.52 58.78
CA PRO S 695 -36.58 32.08 57.61
C PRO S 695 -36.39 30.58 57.36
N PHE S 696 -37.32 30.03 56.59
CA PHE S 696 -37.25 28.63 56.22
C PHE S 696 -36.20 28.42 55.13
N PHE S 697 -36.07 27.19 54.66
CA PHE S 697 -34.92 26.83 53.85
C PHE S 697 -35.03 27.31 52.41
N GLY S 698 -36.02 26.82 51.67
CA GLY S 698 -36.02 27.01 50.23
C GLY S 698 -36.28 28.42 49.77
N VAL S 699 -36.82 29.27 50.65
CA VAL S 699 -37.27 30.59 50.21
C VAL S 699 -36.08 31.48 49.93
N PRO S 700 -36.01 32.14 48.77
CA PRO S 700 -35.02 33.18 48.57
C PRO S 700 -35.33 34.40 49.43
N ASP S 701 -34.30 35.15 49.78
CA ASP S 701 -34.42 36.21 50.77
C ASP S 701 -34.95 37.49 50.14
N ASP S 702 -36.24 37.47 49.83
CA ASP S 702 -36.96 38.73 49.69
C ASP S 702 -37.12 39.35 51.07
N GLY S 703 -36.89 40.65 51.18
CA GLY S 703 -36.66 41.25 52.47
C GLY S 703 -37.85 41.29 53.40
N THR S 704 -38.43 40.14 53.71
CA THR S 704 -39.50 40.05 54.69
C THR S 704 -39.06 39.43 56.00
N SER S 705 -38.02 38.62 56.00
CA SER S 705 -37.57 37.97 57.22
C SER S 705 -36.80 38.95 58.10
N ASP S 706 -36.76 38.63 59.39
CA ASP S 706 -36.03 39.47 60.33
C ASP S 706 -34.53 39.26 60.22
N LEU S 707 -34.10 38.02 59.99
CA LEU S 707 -32.69 37.64 60.03
C LEU S 707 -32.07 37.55 58.65
N GLY S 708 -32.63 38.24 57.67
CA GLY S 708 -32.13 38.13 56.31
C GLY S 708 -30.81 38.86 56.11
N ILE S 709 -30.38 38.87 54.86
CA ILE S 709 -29.14 39.50 54.44
C ILE S 709 -29.46 40.57 53.40
N ASP S 710 -28.82 41.72 53.54
CA ASP S 710 -28.93 42.80 52.55
C ASP S 710 -27.58 43.01 51.89
N ALA S 711 -27.60 43.19 50.57
CA ALA S 711 -26.37 43.32 49.81
C ALA S 711 -26.55 44.35 48.72
N VAL S 712 -25.45 44.98 48.33
CA VAL S 712 -25.41 45.95 47.25
C VAL S 712 -24.19 45.66 46.39
N ARG S 713 -24.38 45.68 45.07
CA ARG S 713 -23.31 45.41 44.13
C ARG S 713 -23.07 46.62 43.25
N LEU S 714 -21.80 46.97 43.05
CA LEU S 714 -21.42 48.10 42.22
C LEU S 714 -20.26 47.68 41.32
N PHE S 715 -20.23 48.22 40.11
CA PHE S 715 -19.18 47.91 39.14
C PHE S 715 -18.31 49.15 38.98
N ASP S 716 -17.01 48.98 39.22
CA ASP S 716 -16.03 50.05 39.15
C ASP S 716 -16.52 51.32 39.87
N PRO S 717 -16.92 51.22 41.12
CA PRO S 717 -17.46 52.40 41.81
C PRO S 717 -16.39 53.45 42.03
N MET S 718 -16.82 54.70 42.04
CA MET S 718 -15.96 55.85 42.28
C MET S 718 -16.54 56.63 43.46
N PHE S 719 -16.19 56.21 44.67
CA PHE S 719 -16.69 56.89 45.85
C PHE S 719 -16.02 58.25 45.98
N SER S 720 -16.80 59.23 46.45
CA SER S 720 -16.30 60.57 46.66
C SER S 720 -17.26 61.31 47.56
N ASP S 721 -16.80 62.44 48.09
CA ASP S 721 -17.65 63.30 48.90
C ASP S 721 -18.54 64.19 48.06
N ALA S 722 -18.56 64.02 46.75
CA ALA S 722 -19.42 64.80 45.89
C ALA S 722 -20.88 64.46 46.17
N VAL S 723 -21.74 65.48 46.04
CA VAL S 723 -23.16 65.30 46.30
C VAL S 723 -23.76 64.37 45.25
N ALA S 724 -24.76 63.60 45.67
CA ALA S 724 -25.53 62.71 44.80
C ALA S 724 -24.66 61.65 44.15
N ASN S 725 -23.47 61.39 44.69
CA ASN S 725 -22.65 60.30 44.19
C ASN S 725 -23.34 58.99 44.51
N LEU S 726 -23.90 58.35 43.49
CA LEU S 726 -24.70 57.15 43.70
C LEU S 726 -24.00 56.07 44.49
N PRO S 727 -22.73 55.70 44.21
CA PRO S 727 -22.09 54.70 45.06
C PRO S 727 -22.04 55.10 46.53
N SER S 728 -21.78 56.37 46.81
CA SER S 728 -21.78 56.82 48.19
C SER S 728 -23.17 56.72 48.81
N ASN S 729 -24.19 57.12 48.06
CA ASN S 729 -25.55 57.06 48.59
C ASN S 729 -25.95 55.62 48.89
N ALA S 730 -25.70 54.72 47.95
CA ALA S 730 -26.06 53.32 48.18
C ALA S 730 -25.28 52.76 49.36
N LEU S 731 -24.00 53.10 49.45
CA LEU S 731 -23.18 52.62 50.56
C LEU S 731 -23.78 53.05 51.89
N ALA S 732 -24.08 54.34 52.04
CA ALA S 732 -24.63 54.82 53.30
C ALA S 732 -25.96 54.15 53.60
N SER S 733 -26.78 53.95 52.57
CA SER S 733 -28.10 53.35 52.78
C SER S 733 -27.96 51.94 53.32
N LEU S 734 -27.12 51.12 52.69
CA LEU S 734 -26.98 49.74 53.12
C LEU S 734 -26.43 49.66 54.54
N VAL S 735 -25.43 50.49 54.84
CA VAL S 735 -24.87 50.49 56.18
C VAL S 735 -25.93 50.76 57.21
N SER S 736 -26.80 51.73 56.94
CA SER S 736 -27.84 52.09 57.90
C SER S 736 -28.76 50.93 58.23
N ARG S 737 -28.83 49.93 57.36
CA ARG S 737 -29.68 48.77 57.58
C ARG S 737 -28.98 47.64 58.32
N VAL S 738 -27.69 47.78 58.63
CA VAL S 738 -26.91 46.67 59.16
C VAL S 738 -26.13 47.03 60.42
N VAL S 739 -25.95 48.31 60.73
CA VAL S 739 -24.91 48.84 61.62
C VAL S 739 -24.56 47.92 62.80
N PRO S 740 -25.52 47.47 63.62
CA PRO S 740 -25.11 46.66 64.79
C PRO S 740 -24.33 45.42 64.41
N SER S 741 -24.56 44.87 63.22
CA SER S 741 -23.84 43.67 62.79
C SER S 741 -22.58 44.06 62.03
N SER S 742 -21.79 43.05 61.64
CA SER S 742 -20.59 43.29 60.87
C SER S 742 -20.92 43.61 59.43
N ILE S 743 -20.00 44.30 58.77
CA ILE S 743 -20.18 44.73 57.38
C ILE S 743 -19.07 44.09 56.56
N MET S 744 -19.44 43.35 55.52
CA MET S 744 -18.51 42.62 54.69
C MET S 744 -18.31 43.34 53.36
N PHE S 745 -17.15 43.07 52.74
CA PHE S 745 -16.75 43.79 51.55
C PHE S 745 -15.90 42.89 50.67
N THR S 746 -16.17 42.92 49.36
CA THR S 746 -15.44 42.08 48.42
C THR S 746 -15.23 42.82 47.11
N ARG S 747 -14.12 42.51 46.44
CA ARG S 747 -13.85 42.99 45.09
C ARG S 747 -13.43 41.80 44.25
N VAL S 748 -14.21 41.50 43.22
CA VAL S 748 -13.96 40.36 42.35
C VAL S 748 -13.71 40.88 40.94
N PRO S 749 -12.56 40.58 40.33
CA PRO S 749 -12.27 41.07 38.98
C PRO S 749 -12.89 40.17 37.93
N SER S 750 -13.76 40.73 37.09
CA SER S 750 -14.25 40.02 35.93
C SER S 750 -13.23 40.14 34.81
N ASN S 751 -13.56 39.64 33.62
CA ASN S 751 -12.67 39.82 32.49
C ASN S 751 -12.59 41.29 32.08
N GLY S 752 -13.61 42.07 32.38
CA GLY S 752 -13.59 43.49 32.12
C GLY S 752 -13.53 44.30 33.39
N PRO S 753 -14.67 44.82 33.81
CA PRO S 753 -14.71 45.61 35.05
C PRO S 753 -14.54 44.73 36.27
N VAL S 754 -14.43 45.38 37.42
CA VAL S 754 -14.36 44.70 38.70
C VAL S 754 -15.69 44.92 39.43
N SER S 755 -16.26 43.84 39.93
CA SER S 755 -17.53 43.89 40.64
C SER S 755 -17.28 43.94 42.13
N THR S 756 -17.84 44.95 42.78
CA THR S 756 -17.72 45.12 44.22
C THR S 756 -19.05 44.83 44.88
N THR S 757 -19.01 44.16 46.03
CA THR S 757 -20.23 43.81 46.75
C THR S 757 -20.04 44.11 48.22
N ILE S 758 -21.03 44.74 48.82
CA ILE S 758 -21.04 45.09 50.23
C ILE S 758 -22.32 44.52 50.84
N TYR S 759 -22.18 43.83 51.96
CA TYR S 759 -23.34 43.13 52.50
C TYR S 759 -23.15 42.87 53.99
N GLY S 760 -24.27 42.58 54.65
CA GLY S 760 -24.29 42.27 56.06
C GLY S 760 -25.66 41.75 56.46
N LYS S 761 -25.73 41.20 57.66
CA LYS S 761 -26.97 40.63 58.15
C LYS S 761 -27.86 41.72 58.73
N ARG S 762 -29.15 41.66 58.41
CA ARG S 762 -30.12 42.54 59.04
C ARG S 762 -30.76 41.84 60.22
N THR S 763 -30.99 42.58 61.29
CA THR S 763 -31.55 42.04 62.52
C THR S 763 -32.59 43.02 63.05
N PHE S 764 -33.42 42.53 63.97
CA PHE S 764 -34.39 43.42 64.61
C PHE S 764 -33.69 44.53 65.37
N LEU S 765 -32.47 44.27 65.87
CA LEU S 765 -31.70 45.33 66.49
C LEU S 765 -31.41 46.44 65.49
N SER S 766 -30.99 46.06 64.28
CA SER S 766 -30.74 47.06 63.25
C SER S 766 -32.00 47.85 62.94
N ASN S 767 -33.16 47.18 62.96
CA ASN S 767 -34.41 47.89 62.75
C ASN S 767 -34.64 48.94 63.82
N ARG S 768 -34.39 48.59 65.07
CA ARG S 768 -34.55 49.56 66.15
C ARG S 768 -33.62 50.74 65.96
N ARG S 769 -32.36 50.47 65.62
CA ARG S 769 -31.41 51.55 65.39
C ARG S 769 -31.87 52.42 64.23
N ARG S 770 -32.28 51.79 63.13
CA ARG S 770 -32.73 52.56 61.98
C ARG S 770 -33.94 53.40 62.31
N ALA S 771 -34.81 52.91 63.21
CA ALA S 771 -35.95 53.71 63.63
C ALA S 771 -35.51 54.95 64.38
N ARG S 772 -34.39 54.88 65.10
CA ARG S 772 -33.91 56.04 65.84
C ARG S 772 -33.42 57.15 64.93
N LEU S 773 -32.96 56.81 63.72
CA LEU S 773 -32.42 57.81 62.82
C LEU S 773 -33.49 58.77 62.34
N ARG S 774 -33.07 60.02 62.11
CA ARG S 774 -33.88 60.97 61.35
C ARG S 774 -33.32 61.22 59.96
N ASP S 775 -32.01 61.01 59.77
CA ASP S 775 -31.37 61.12 58.47
C ASP S 775 -30.22 60.12 58.43
N VAL S 776 -29.84 59.73 57.22
CA VAL S 776 -28.82 58.70 57.02
C VAL S 776 -27.47 59.39 56.92
N PRO S 777 -26.51 59.07 57.78
CA PRO S 777 -25.19 59.71 57.70
C PRO S 777 -24.35 59.14 56.57
N MET S 778 -23.50 60.00 56.02
CA MET S 778 -22.57 59.61 54.98
C MET S 778 -21.28 59.08 55.61
N LEU S 779 -20.66 58.13 54.93
CA LEU S 779 -19.46 57.50 55.44
C LEU S 779 -18.21 58.21 54.96
N ILE S 780 -17.10 57.92 55.65
CA ILE S 780 -15.79 58.36 55.20
C ILE S 780 -15.27 57.36 54.18
N THR S 781 -14.91 57.85 53.00
CA THR S 781 -14.62 56.96 51.88
C THR S 781 -13.17 56.54 51.78
N THR S 782 -12.28 57.08 52.61
CA THR S 782 -10.86 56.81 52.46
C THR S 782 -10.56 55.34 52.60
N THR S 783 -11.16 54.69 53.59
CA THR S 783 -10.89 53.28 53.84
C THR S 783 -11.25 52.43 52.62
N LEU S 784 -12.39 52.73 51.99
CA LEU S 784 -12.83 51.93 50.86
C LEU S 784 -12.03 52.26 49.61
N VAL S 785 -11.95 53.55 49.26
CA VAL S 785 -11.27 53.96 48.04
C VAL S 785 -9.83 53.52 48.06
N HIS S 786 -9.26 53.30 49.25
CA HIS S 786 -7.90 52.82 49.35
C HIS S 786 -7.77 51.35 49.00
N GLN S 787 -8.86 50.59 49.05
CA GLN S 787 -8.82 49.16 48.81
C GLN S 787 -8.72 48.90 47.32
N ARG S 788 -7.57 48.41 46.87
CA ARG S 788 -7.36 48.07 45.48
C ARG S 788 -6.91 46.63 45.31
N ARG S 789 -7.05 45.80 46.34
CA ARG S 789 -6.77 44.38 46.21
C ARG S 789 -7.92 43.69 45.50
N PHE S 790 -7.82 42.37 45.40
CA PHE S 790 -8.92 41.52 44.99
C PHE S 790 -9.18 40.50 46.09
N THR S 791 -10.42 40.02 46.16
CA THR S 791 -10.86 39.17 47.24
C THR S 791 -11.58 37.95 46.69
N THR S 792 -11.79 36.98 47.57
CA THR S 792 -12.65 35.86 47.27
C THR S 792 -14.10 36.34 47.18
N PRO S 793 -14.95 35.63 46.45
CA PRO S 793 -16.33 36.07 46.28
C PRO S 793 -17.11 35.97 47.57
N PRO S 794 -18.23 36.67 47.68
CA PRO S 794 -19.03 36.64 48.92
C PRO S 794 -19.52 35.23 49.23
N THR S 795 -20.09 35.09 50.42
CA THR S 795 -20.55 33.80 50.92
C THR S 795 -22.05 33.73 51.17
N PHE S 796 -22.61 34.75 51.82
CA PHE S 796 -24.06 34.83 52.07
C PHE S 796 -24.56 33.64 52.89
N THR S 797 -24.02 33.52 54.09
CA THR S 797 -24.47 32.50 55.03
C THR S 797 -24.94 33.17 56.30
N LEU S 798 -25.98 32.60 56.91
CA LEU S 798 -26.62 33.26 58.04
C LEU S 798 -25.81 33.08 59.33
N PHE S 799 -25.46 31.84 59.65
CA PHE S 799 -24.79 31.54 60.90
C PHE S 799 -23.31 31.30 60.68
N SER S 800 -22.50 31.83 61.59
CA SER S 800 -21.06 31.68 61.49
C SER S 800 -20.66 30.23 61.72
N SER S 801 -19.37 29.96 61.61
CA SER S 801 -18.85 28.60 61.71
C SER S 801 -18.44 28.20 63.11
N GLU S 802 -18.39 29.14 64.06
CA GLU S 802 -17.86 28.86 65.38
C GLU S 802 -18.77 29.43 66.45
N ALA S 803 -19.04 28.62 67.47
CA ALA S 803 -19.92 29.04 68.56
C ALA S 803 -19.29 30.19 69.34
N VAL S 804 -20.14 31.08 69.84
CA VAL S 804 -19.71 32.29 70.53
C VAL S 804 -19.16 31.94 71.90
N PRO S 805 -18.26 32.74 72.47
CA PRO S 805 -17.77 32.48 73.82
C PRO S 805 -18.80 32.82 74.88
N VAL S 806 -18.52 32.36 76.10
CA VAL S 806 -19.47 32.48 77.19
C VAL S 806 -19.80 33.94 77.47
N THR S 807 -18.78 34.79 77.49
CA THR S 807 -18.98 36.19 77.83
C THR S 807 -20.05 36.83 76.98
N THR S 808 -20.08 36.50 75.69
CA THR S 808 -21.08 37.06 74.81
C THR S 808 -22.48 36.68 75.25
N LEU S 809 -22.65 35.43 75.72
CA LEU S 809 -23.96 35.00 76.19
C LEU S 809 -24.43 35.90 77.33
N VAL S 810 -23.55 36.18 78.28
CA VAL S 810 -23.91 37.04 79.40
C VAL S 810 -24.30 38.42 78.90
N ALA S 811 -23.52 38.97 77.97
CA ALA S 811 -23.83 40.29 77.44
C ALA S 811 -25.20 40.30 76.79
N ALA S 812 -25.50 39.29 75.99
CA ALA S 812 -26.80 39.22 75.34
C ALA S 812 -27.93 39.14 76.36
N GLY S 813 -27.75 38.31 77.40
CA GLY S 813 -28.78 38.19 78.41
C GLY S 813 -29.10 39.52 79.06
N TYR S 814 -28.06 40.27 79.42
CA TYR S 814 -28.27 41.57 80.03
C TYR S 814 -28.89 42.54 79.04
N ASN S 815 -28.50 42.44 77.77
CA ASN S 815 -29.15 43.25 76.74
C ASN S 815 -30.64 42.95 76.70
N SER S 816 -30.99 41.67 76.75
CA SER S 816 -32.40 41.29 76.79
C SER S 816 -33.08 41.88 78.01
N PHE S 817 -32.42 41.83 79.16
CA PHE S 817 -32.99 42.39 80.38
C PHE S 817 -33.23 43.88 80.23
N ILE S 818 -32.21 44.61 79.77
CA ILE S 818 -32.33 46.06 79.63
C ILE S 818 -33.39 46.40 78.61
N SER S 819 -33.38 45.70 77.46
CA SER S 819 -34.35 45.96 76.42
C SER S 819 -35.77 45.85 76.96
N GLU S 820 -36.01 44.85 77.80
CA GLU S 820 -37.33 44.72 78.40
C GLU S 820 -37.58 45.83 79.41
N GLN S 821 -36.60 46.12 80.26
CA GLN S 821 -36.81 47.08 81.33
C GLN S 821 -37.15 48.46 80.79
N THR S 822 -36.48 48.87 79.72
CA THR S 822 -36.69 50.21 79.17
C THR S 822 -38.05 50.39 78.52
N ARG S 823 -38.92 49.40 78.58
CA ARG S 823 -40.27 49.53 78.04
C ARG S 823 -41.26 50.11 79.03
N ASN S 824 -40.82 50.43 80.24
CA ASN S 824 -41.72 51.00 81.22
C ASN S 824 -42.25 52.35 80.73
N PRO S 825 -43.56 52.54 80.64
CA PRO S 825 -44.09 53.79 80.09
C PRO S 825 -43.84 54.99 80.98
N ASN S 826 -43.48 54.79 82.24
CA ASN S 826 -43.30 55.88 83.19
C ASN S 826 -41.87 56.40 83.22
N LEU S 827 -41.12 56.24 82.13
CA LEU S 827 -39.77 56.75 82.04
C LEU S 827 -39.72 57.86 81.00
N ALA S 828 -39.19 59.02 81.40
CA ALA S 828 -39.12 60.17 80.51
C ALA S 828 -37.72 60.46 80.01
N HIS S 829 -36.69 59.96 80.68
CA HIS S 829 -35.32 60.26 80.31
C HIS S 829 -34.45 59.10 80.77
N LEU S 830 -33.19 59.12 80.35
CA LEU S 830 -32.26 58.10 80.78
C LEU S 830 -30.83 58.60 80.62
N LEU S 831 -30.01 58.31 81.62
CA LEU S 831 -28.59 58.60 81.58
C LEU S 831 -27.81 57.29 81.56
N ASP S 832 -26.92 57.14 80.60
CA ASP S 832 -26.08 55.96 80.50
C ASP S 832 -24.63 56.34 80.75
N LEU S 833 -23.96 55.56 81.59
CA LEU S 833 -22.58 55.83 81.98
C LEU S 833 -21.68 54.78 81.37
N GLY S 834 -20.53 55.23 80.84
CA GLY S 834 -19.59 54.32 80.22
C GLY S 834 -20.16 53.67 78.99
N THR S 835 -20.79 54.48 78.13
CA THR S 835 -21.47 53.95 76.95
C THR S 835 -20.51 53.23 76.02
N GLY S 836 -19.30 53.75 75.87
CA GLY S 836 -18.43 53.32 74.81
C GLY S 836 -18.70 54.18 73.59
N PRO S 837 -17.68 54.40 72.77
CA PRO S 837 -17.87 55.30 71.61
C PRO S 837 -18.98 54.84 70.69
N GLU S 838 -19.11 53.53 70.52
CA GLU S 838 -20.23 52.95 69.79
C GLU S 838 -21.43 52.91 70.71
N CYS S 839 -22.45 53.70 70.38
CA CYS S 839 -23.62 53.85 71.25
C CYS S 839 -24.59 52.70 71.00
N ARG S 840 -24.15 51.51 71.43
CA ARG S 840 -24.93 50.29 71.18
C ARG S 840 -26.29 50.34 71.87
N ILE S 841 -26.39 51.09 72.97
CA ILE S 841 -27.64 51.14 73.72
C ILE S 841 -28.78 51.63 72.83
N LEU S 842 -28.45 52.44 71.83
CA LEU S 842 -29.47 52.95 70.92
C LEU S 842 -30.23 51.82 70.23
N SER S 843 -29.60 50.65 70.10
CA SER S 843 -30.26 49.53 69.46
C SER S 843 -31.24 48.80 70.38
N LEU S 844 -31.20 49.07 71.68
CA LEU S 844 -32.01 48.34 72.63
C LEU S 844 -33.24 49.10 73.09
N ILE S 845 -33.24 50.42 72.96
CA ILE S 845 -34.24 51.26 73.61
C ILE S 845 -35.30 51.66 72.60
N PRO S 846 -36.57 51.71 73.00
CA PRO S 846 -37.61 52.21 72.10
C PRO S 846 -37.28 53.63 71.66
N PRO S 847 -37.56 53.97 70.40
CA PRO S 847 -37.07 55.25 69.85
C PRO S 847 -37.70 56.46 70.50
N THR S 848 -38.77 56.31 71.26
CA THR S 848 -39.46 57.45 71.83
C THR S 848 -38.83 57.94 73.13
N LEU S 849 -37.83 57.25 73.65
CA LEU S 849 -37.26 57.59 74.95
C LEU S 849 -36.07 58.51 74.78
N GLN S 850 -36.04 59.60 75.55
CA GLN S 850 -34.87 60.46 75.58
C GLN S 850 -33.71 59.75 76.25
N VAL S 851 -32.53 59.87 75.66
CA VAL S 851 -31.34 59.17 76.13
C VAL S 851 -30.17 60.14 76.17
N THR S 852 -29.39 60.07 77.24
CA THR S 852 -28.10 60.74 77.33
C THR S 852 -27.04 59.68 77.59
N MET S 853 -25.98 59.71 76.79
CA MET S 853 -24.92 58.71 76.89
C MET S 853 -23.59 59.43 77.06
N SER S 854 -22.64 58.73 77.66
CA SER S 854 -21.41 59.39 78.09
C SER S 854 -20.23 58.43 78.02
N ASP S 855 -19.05 59.01 77.83
CA ASP S 855 -17.79 58.31 77.89
C ASP S 855 -16.67 59.34 77.79
N ALA S 856 -15.47 58.93 78.19
CA ALA S 856 -14.31 59.82 78.07
C ALA S 856 -13.89 60.01 76.62
N ARG S 857 -14.24 59.09 75.74
CA ARG S 857 -13.86 59.14 74.34
C ARG S 857 -14.96 59.76 73.50
N PRO S 858 -14.62 60.33 72.35
CA PRO S 858 -15.65 60.86 71.46
C PRO S 858 -16.54 59.74 70.94
N CYS S 859 -17.79 60.10 70.67
CA CYS S 859 -18.69 59.12 70.07
C CYS S 859 -18.23 58.76 68.67
N ALA S 860 -18.60 57.57 68.24
CA ALA S 860 -18.24 57.08 66.92
C ALA S 860 -19.30 57.36 65.87
N GLU S 861 -20.37 58.08 66.23
CA GLU S 861 -21.51 58.23 65.33
C GLU S 861 -21.84 59.71 65.15
N LEU S 862 -22.26 60.05 63.95
CA LEU S 862 -22.63 61.42 63.59
C LEU S 862 -23.90 61.79 64.35
N MET S 863 -23.75 62.62 65.39
CA MET S 863 -24.89 63.01 66.19
C MET S 863 -25.90 63.82 65.42
N ALA S 864 -25.51 64.44 64.31
CA ALA S 864 -26.44 65.21 63.51
C ALA S 864 -27.52 64.35 62.88
N SER S 865 -27.35 63.03 62.86
CA SER S 865 -28.32 62.14 62.24
C SER S 865 -29.53 61.87 63.12
N PHE S 866 -29.51 62.28 64.38
CA PHE S 866 -30.61 62.03 65.29
C PHE S 866 -31.31 63.33 65.66
N ASP S 867 -32.46 63.18 66.29
CA ASP S 867 -33.13 64.32 66.89
C ASP S 867 -32.38 64.70 68.16
N PRO S 868 -31.85 65.92 68.26
CA PRO S 868 -31.11 66.30 69.47
C PRO S 868 -31.95 66.26 70.73
N ALA S 869 -33.27 66.46 70.62
CA ALA S 869 -34.11 66.38 71.81
C ALA S 869 -34.19 64.97 72.34
N LEU S 870 -34.03 63.97 71.48
CA LEU S 870 -34.18 62.58 71.88
C LEU S 870 -32.86 61.91 72.28
N THR S 871 -31.74 62.36 71.73
CA THR S 871 -30.46 61.75 72.00
C THR S 871 -29.44 62.83 72.33
N ALA S 872 -28.50 62.49 73.21
CA ALA S 872 -27.43 63.40 73.58
C ALA S 872 -26.23 62.59 74.02
N TYR S 873 -25.05 63.06 73.66
CA TYR S 873 -23.79 62.41 74.01
C TYR S 873 -22.92 63.41 74.75
N VAL S 874 -22.46 63.04 75.94
CA VAL S 874 -21.64 63.91 76.77
C VAL S 874 -20.29 63.24 76.96
N GLN S 875 -19.24 63.88 76.47
CA GLN S 875 -17.89 63.35 76.62
C GLN S 875 -17.34 63.80 77.97
N GLY S 876 -16.94 62.84 78.79
CA GLY S 876 -16.41 63.15 80.10
C GLY S 876 -16.18 61.89 80.90
N ASP S 877 -15.72 62.09 82.13
CA ASP S 877 -15.43 61.00 83.05
C ASP S 877 -16.40 61.11 84.22
N TYR S 878 -17.33 60.16 84.31
CA TYR S 878 -18.29 60.16 85.40
C TYR S 878 -17.68 59.71 86.71
N SER S 879 -16.38 59.44 86.76
CA SER S 879 -15.74 59.21 88.06
C SER S 879 -15.54 60.52 88.80
N THR S 880 -15.42 61.63 88.08
CA THR S 880 -15.13 62.91 88.68
C THR S 880 -16.41 63.62 89.11
N ALA S 881 -16.30 64.43 90.16
CA ALA S 881 -17.43 65.24 90.59
C ALA S 881 -17.75 66.32 89.59
N ALA S 882 -16.73 66.85 88.90
CA ALA S 882 -16.96 67.88 87.90
C ALA S 882 -17.84 67.39 86.76
N PHE S 883 -17.96 66.07 86.59
CA PHE S 883 -18.83 65.52 85.57
C PHE S 883 -20.27 65.96 85.76
N TRP S 884 -20.71 66.09 87.01
CA TRP S 884 -22.09 66.44 87.30
C TRP S 884 -22.22 67.96 87.36
N ASN S 885 -22.55 68.55 86.22
CA ASN S 885 -22.90 69.96 86.15
C ASN S 885 -23.96 70.10 85.07
N GLY S 886 -25.18 70.40 85.47
CA GLY S 886 -26.28 70.46 84.54
C GLY S 886 -26.84 69.10 84.15
N ILE S 887 -26.38 68.03 84.78
CA ILE S 887 -26.84 66.69 84.44
C ILE S 887 -28.19 66.45 85.09
N ARG S 888 -29.22 66.27 84.27
CA ARG S 888 -30.57 66.02 84.75
C ARG S 888 -31.11 64.76 84.08
N CYS S 889 -31.78 63.93 84.88
CA CYS S 889 -32.44 62.73 84.37
C CYS S 889 -33.35 62.21 85.47
N ASP S 890 -34.15 61.20 85.12
CA ASP S 890 -34.99 60.51 86.09
C ASP S 890 -34.53 59.08 86.36
N SER S 891 -33.59 58.57 85.57
CA SER S 891 -33.14 57.20 85.70
C SER S 891 -31.76 57.08 85.07
N ALA S 892 -31.03 56.04 85.45
CA ALA S 892 -29.66 55.87 84.99
C ALA S 892 -29.31 54.39 85.00
N THR S 893 -28.19 54.08 84.35
CA THR S 893 -27.70 52.71 84.33
C THR S 893 -26.21 52.72 84.04
N ALA S 894 -25.55 51.62 84.43
CA ALA S 894 -24.12 51.45 84.20
C ALA S 894 -23.85 49.96 84.17
N ILE S 895 -23.51 49.44 82.99
CA ILE S 895 -23.36 48.00 82.78
C ILE S 895 -21.97 47.74 82.25
N PHE S 896 -21.27 46.77 82.85
CA PHE S 896 -19.92 46.39 82.45
C PHE S 896 -18.96 47.55 82.51
N THR S 897 -19.20 48.51 83.41
CA THR S 897 -18.37 49.69 83.47
C THR S 897 -17.89 49.96 84.89
N LEU S 898 -18.71 49.59 85.88
CA LEU S 898 -18.45 49.99 87.26
C LEU S 898 -17.11 49.45 87.74
N GLY S 899 -16.90 48.14 87.59
CA GLY S 899 -15.66 47.55 88.08
C GLY S 899 -14.44 48.12 87.40
N ALA S 900 -14.53 48.33 86.08
CA ALA S 900 -13.40 48.92 85.36
C ALA S 900 -13.11 50.33 85.87
N ALA S 901 -14.16 51.14 86.01
CA ALA S 901 -13.96 52.51 86.49
C ALA S 901 -13.37 52.52 87.89
N ALA S 902 -13.86 51.65 88.76
CA ALA S 902 -13.30 51.56 90.11
C ALA S 902 -11.83 51.16 90.07
N ALA S 903 -11.49 50.18 89.22
CA ALA S 903 -10.09 49.79 89.08
C ALA S 903 -9.25 50.96 88.58
N ALA S 904 -9.76 51.69 87.59
CA ALA S 904 -9.05 52.86 87.12
C ALA S 904 -8.91 53.90 88.23
N ALA S 905 -9.95 54.07 89.03
CA ALA S 905 -9.88 54.96 90.18
C ALA S 905 -9.02 54.41 91.30
N GLY S 906 -8.59 53.16 91.20
CA GLY S 906 -7.75 52.57 92.23
C GLY S 906 -8.44 52.48 93.57
N THR S 907 -9.68 51.97 93.56
CA THR S 907 -10.47 51.90 94.77
C THR S 907 -11.33 50.65 94.75
N ASP S 908 -11.83 50.29 95.92
CA ASP S 908 -12.78 49.19 96.03
C ASP S 908 -14.15 49.63 95.52
N LEU S 909 -15.04 48.65 95.38
CA LEU S 909 -16.39 48.95 94.91
C LEU S 909 -17.15 49.82 95.90
N ILE S 910 -17.08 49.48 97.19
CA ILE S 910 -17.94 50.12 98.18
C ILE S 910 -17.69 51.62 98.22
N ALA S 911 -16.41 52.01 98.29
CA ALA S 911 -16.09 53.43 98.29
C ALA S 911 -16.54 54.08 96.99
N PHE S 912 -16.35 53.39 95.87
CA PHE S 912 -16.67 53.97 94.57
C PHE S 912 -18.15 54.30 94.47
N VAL S 913 -19.01 53.35 94.82
CA VAL S 913 -20.45 53.58 94.71
C VAL S 913 -20.92 54.62 95.71
N GLN S 914 -20.29 54.67 96.89
CA GLN S 914 -20.78 55.54 97.94
C GLN S 914 -20.70 57.01 97.53
N GLN S 915 -19.71 57.38 96.73
CA GLN S 915 -19.62 58.73 96.22
C GLN S 915 -20.28 58.90 94.86
N LEU S 916 -20.85 57.83 94.31
CA LEU S 916 -21.47 57.89 93.00
C LEU S 916 -22.98 58.08 93.10
N ILE S 917 -23.65 57.16 93.80
CA ILE S 917 -25.10 57.14 93.92
C ILE S 917 -25.65 58.49 94.36
N PRO S 918 -25.07 59.15 95.37
CA PRO S 918 -25.61 60.47 95.76
C PRO S 918 -25.66 61.46 94.59
N ARG S 919 -24.66 61.43 93.72
CA ARG S 919 -24.68 62.32 92.57
C ARG S 919 -25.87 62.01 91.66
N ILE S 920 -26.14 60.73 91.44
CA ILE S 920 -27.29 60.34 90.63
C ILE S 920 -28.58 60.86 91.26
N VAL S 921 -28.70 60.69 92.58
CA VAL S 921 -29.84 61.22 93.29
C VAL S 921 -29.89 62.73 93.13
N ALA S 922 -28.74 63.39 93.24
CA ALA S 922 -28.69 64.83 93.05
C ALA S 922 -29.12 65.23 91.66
N ALA S 923 -28.88 64.38 90.67
CA ALA S 923 -29.26 64.66 89.29
C ALA S 923 -30.75 64.46 89.03
N GLY S 924 -31.53 64.19 90.07
CA GLY S 924 -32.94 63.96 89.92
C GLY S 924 -33.31 62.53 89.54
N GLY S 925 -32.34 61.64 89.41
CA GLY S 925 -32.65 60.26 89.08
C GLY S 925 -33.38 59.56 90.22
N THR S 926 -34.18 58.58 89.86
CA THR S 926 -35.00 57.86 90.82
C THR S 926 -34.66 56.38 90.91
N ARG S 927 -34.45 55.72 89.78
CA ARG S 927 -34.16 54.29 89.76
C ARG S 927 -32.98 54.03 88.84
N MET S 928 -32.24 52.97 89.13
CA MET S 928 -31.08 52.64 88.32
C MET S 928 -30.83 51.14 88.35
N TRP S 929 -30.20 50.65 87.30
CA TRP S 929 -29.72 49.28 87.22
C TRP S 929 -28.21 49.32 87.13
N LEU S 930 -27.54 48.61 88.04
CA LEU S 930 -26.10 48.67 88.15
C LEU S 930 -25.53 47.27 88.12
N GLN S 931 -24.51 47.07 87.30
CA GLN S 931 -23.90 45.74 87.11
C GLN S 931 -22.70 45.63 88.05
N LEU S 932 -22.99 45.20 89.28
CA LEU S 932 -21.95 44.93 90.24
C LEU S 932 -21.46 43.51 90.11
N ASN S 933 -20.14 43.32 90.22
CA ASN S 933 -19.56 41.99 90.20
C ASN S 933 -19.37 41.53 91.64
N THR S 934 -20.05 40.44 91.99
CA THR S 934 -20.03 39.94 93.35
C THR S 934 -20.60 38.53 93.39
N PRO S 935 -20.09 37.66 94.25
CA PRO S 935 -20.64 36.29 94.36
C PRO S 935 -21.92 36.29 95.16
N LEU S 936 -23.05 36.13 94.45
CA LEU S 936 -24.33 36.07 95.14
C LEU S 936 -24.57 34.70 95.76
N TYR S 937 -24.27 33.63 95.03
CA TYR S 937 -24.63 32.29 95.48
C TYR S 937 -23.51 31.64 96.30
N GLU S 938 -22.29 31.68 95.79
CA GLU S 938 -21.14 31.22 96.56
C GLU S 938 -19.87 31.74 95.92
N VAL S 939 -18.79 31.68 96.67
CA VAL S 939 -17.47 32.02 96.16
C VAL S 939 -16.89 30.78 95.49
N SER S 940 -16.72 30.83 94.18
CA SER S 940 -16.17 29.70 93.43
C SER S 940 -15.69 30.21 92.09
N SER S 941 -14.41 30.05 91.80
CA SER S 941 -13.84 30.56 90.56
C SER S 941 -14.21 29.68 89.39
N LEU S 942 -14.52 30.31 88.27
CA LEU S 942 -14.68 29.59 87.01
C LEU S 942 -13.31 29.36 86.41
N PRO S 943 -12.97 28.11 86.06
CA PRO S 943 -11.55 27.73 85.91
C PRO S 943 -10.69 28.70 85.10
N ASP S 944 -11.23 29.31 84.05
CA ASP S 944 -10.42 30.25 83.30
C ASP S 944 -11.13 31.58 83.10
N LEU S 945 -12.45 31.55 83.05
CA LEU S 945 -13.20 32.77 82.77
C LEU S 945 -13.00 33.80 83.87
N ILE S 946 -13.21 33.40 85.12
CA ILE S 946 -13.10 34.32 86.24
C ILE S 946 -12.33 33.63 87.35
N ASP S 947 -11.28 34.28 87.83
CA ASP S 947 -10.54 33.84 89.01
C ASP S 947 -10.75 34.84 90.13
N ILE S 948 -11.19 34.36 91.27
CA ILE S 948 -11.48 35.21 92.41
C ILE S 948 -10.26 35.28 93.31
N ASP S 949 -9.80 36.50 93.59
CA ASP S 949 -8.72 36.72 94.54
C ASP S 949 -9.31 37.04 95.90
N LEU S 950 -8.66 36.55 96.94
CA LEU S 950 -9.11 36.75 98.31
C LEU S 950 -8.13 37.50 99.17
N ARG S 951 -6.83 37.36 98.92
CA ARG S 951 -5.86 38.22 99.60
C ARG S 951 -6.08 39.68 99.25
N ASP S 952 -6.73 39.95 98.12
CA ASP S 952 -7.34 41.23 97.83
C ASP S 952 -8.57 40.97 96.98
N ARG S 953 -9.62 41.74 97.22
CA ARG S 953 -10.93 41.44 96.65
C ARG S 953 -10.93 41.85 95.18
N VAL S 954 -10.50 40.92 94.33
CA VAL S 954 -10.29 41.22 92.91
C VAL S 954 -10.67 40.00 92.07
N TYR S 955 -11.28 40.26 90.92
CA TYR S 955 -11.50 39.24 89.91
C TYR S 955 -10.37 39.27 88.87
N ARG S 956 -10.08 38.11 88.31
CA ARG S 956 -9.21 37.99 87.14
C ARG S 956 -10.04 37.46 85.98
N PHE S 957 -9.96 38.14 84.84
CA PHE S 957 -10.75 37.77 83.68
C PHE S 957 -9.87 37.19 82.59
N ASN S 958 -10.35 36.10 81.99
CA ASN S 958 -9.66 35.42 80.90
C ASN S 958 -8.22 35.10 81.28
N GLY S 959 -8.06 34.56 82.49
CA GLY S 959 -6.74 34.27 82.98
C GLY S 959 -5.87 35.48 83.18
N GLY S 960 -6.47 36.60 83.60
CA GLY S 960 -5.71 37.79 83.88
C GLY S 960 -5.67 38.82 82.78
N GLU S 961 -6.46 38.67 81.72
CA GLU S 961 -6.52 39.70 80.70
C GLU S 961 -7.05 41.00 81.29
N ARG S 962 -8.05 40.91 82.16
CA ARG S 962 -8.62 42.08 82.80
C ARG S 962 -8.78 41.79 84.27
N VAL S 963 -8.59 42.82 85.09
CA VAL S 963 -8.53 42.69 86.54
C VAL S 963 -9.34 43.80 87.17
N GLU S 964 -10.30 43.42 88.02
CA GLU S 964 -11.22 44.38 88.63
C GLU S 964 -11.52 43.97 90.06
N PRO S 965 -11.85 44.93 90.93
CA PRO S 965 -12.20 44.60 92.31
C PRO S 965 -13.63 44.07 92.40
N TYR S 966 -13.94 43.50 93.56
CA TYR S 966 -15.29 43.04 93.84
C TYR S 966 -15.57 43.22 95.32
N ALA S 967 -16.83 43.04 95.69
CA ALA S 967 -17.26 43.18 97.07
C ALA S 967 -18.22 42.05 97.42
N ASP S 968 -18.39 41.82 98.71
CA ASP S 968 -19.32 40.79 99.16
C ASP S 968 -20.74 41.33 99.16
N PRO S 969 -21.74 40.48 98.86
CA PRO S 969 -23.10 41.01 98.68
C PRO S 969 -23.70 41.59 99.95
N VAL S 970 -23.65 40.84 101.07
CA VAL S 970 -24.28 41.32 102.29
C VAL S 970 -23.71 42.65 102.77
N PRO S 971 -22.38 42.81 102.91
CA PRO S 971 -21.89 44.13 103.29
C PRO S 971 -22.28 45.21 102.30
N LEU S 972 -22.29 44.87 101.01
CA LEU S 972 -22.66 45.85 100.00
C LEU S 972 -24.10 46.30 100.18
N GLN S 973 -25.01 45.35 100.37
CA GLN S 973 -26.42 45.71 100.55
C GLN S 973 -26.61 46.55 101.80
N GLN S 974 -25.89 46.21 102.88
CA GLN S 974 -25.94 47.03 104.08
C GLN S 974 -25.44 48.44 103.80
N ALA S 975 -24.34 48.55 103.04
CA ALA S 975 -23.84 49.87 102.67
C ALA S 975 -24.86 50.63 101.85
N ILE S 976 -25.50 49.96 100.89
CA ILE S 976 -26.51 50.61 100.06
C ILE S 976 -27.68 51.07 100.92
N ALA S 977 -28.14 50.20 101.82
CA ALA S 977 -29.24 50.56 102.70
C ALA S 977 -28.87 51.79 103.53
N ALA S 978 -27.62 51.89 103.95
CA ALA S 978 -27.19 53.07 104.68
C ALA S 978 -27.33 54.33 103.84
N LEU S 979 -26.93 54.27 102.57
CA LEU S 979 -27.07 55.41 101.69
C LEU S 979 -28.53 55.77 101.47
N LEU S 980 -29.33 54.80 101.05
CA LEU S 980 -30.75 55.01 100.79
C LEU S 980 -31.56 54.09 101.69
N PRO S 981 -32.19 54.60 102.74
CA PRO S 981 -32.96 53.71 103.63
C PRO S 981 -34.34 53.36 103.11
N ALA S 982 -34.91 54.15 102.20
CA ALA S 982 -36.30 53.98 101.80
C ALA S 982 -36.45 53.52 100.35
N ALA S 983 -35.43 52.87 99.80
CA ALA S 983 -35.46 52.43 98.42
C ALA S 983 -35.46 50.90 98.36
N ALA S 984 -36.10 50.37 97.33
CA ALA S 984 -36.20 48.93 97.14
C ALA S 984 -34.99 48.41 96.37
N LEU S 985 -34.57 47.19 96.70
CA LEU S 985 -33.44 46.55 96.08
C LEU S 985 -33.84 45.19 95.52
N SER S 986 -33.25 44.83 94.39
CA SER S 986 -33.50 43.52 93.79
C SER S 986 -32.30 43.12 92.96
N TRP S 987 -32.19 41.82 92.70
CA TRP S 987 -31.10 41.25 91.95
C TRP S 987 -31.63 40.56 90.71
N HIS S 988 -30.79 40.49 89.68
CA HIS S 988 -31.17 39.84 88.43
C HIS S 988 -29.96 39.13 87.84
N THR S 989 -30.18 37.91 87.36
CA THR S 989 -29.15 37.13 86.71
C THR S 989 -29.76 36.44 85.50
N LEU S 990 -28.92 35.75 84.73
CA LEU S 990 -29.41 35.03 83.56
C LEU S 990 -30.40 33.95 83.97
N SER S 991 -31.52 33.90 83.28
CA SER S 991 -32.55 32.94 83.63
C SER S 991 -32.19 31.55 83.12
N PRO S 992 -32.45 30.50 83.90
CA PRO S 992 -32.33 29.15 83.36
C PRO S 992 -33.44 28.79 82.39
N THR S 993 -34.40 29.67 82.17
CA THR S 993 -35.46 29.46 81.20
C THR S 993 -35.07 29.90 79.80
N CYS S 994 -33.91 30.55 79.65
CA CYS S 994 -33.34 30.85 78.34
C CYS S 994 -34.22 31.77 77.51
N ASP S 995 -34.98 32.64 78.17
CA ASP S 995 -35.81 33.59 77.44
C ASP S 995 -34.99 34.61 76.65
N TRP S 996 -33.70 34.71 76.93
CA TRP S 996 -32.82 35.67 76.28
C TRP S 996 -32.24 35.14 74.98
N LEU S 997 -32.62 33.94 74.58
CA LEU S 997 -32.07 33.35 73.35
C LEU S 997 -32.23 34.21 72.11
N PRO S 998 -33.37 34.88 71.84
CA PRO S 998 -33.49 35.64 70.60
C PRO S 998 -32.40 36.67 70.41
N TYR S 999 -31.74 37.07 71.49
CA TYR S 999 -30.63 37.99 71.37
C TYR S 999 -29.33 37.28 71.03
N ILE S 1000 -29.35 35.96 70.90
CA ILE S 1000 -28.21 35.19 70.43
C ILE S 1000 -28.50 34.60 69.06
N ILE S 1001 -29.57 33.82 68.95
CA ILE S 1001 -29.92 33.22 67.67
C ILE S 1001 -30.48 34.26 66.72
N GLY S 1002 -31.41 35.08 67.20
CA GLY S 1002 -32.03 36.08 66.35
C GLY S 1002 -31.07 37.11 65.82
N VAL S 1003 -29.85 37.18 66.35
CA VAL S 1003 -28.81 38.02 65.81
C VAL S 1003 -27.85 37.26 64.92
N GLY S 1004 -28.08 35.96 64.71
CA GLY S 1004 -27.30 35.20 63.77
C GLY S 1004 -25.99 34.65 64.29
N SER S 1005 -25.89 34.41 65.60
CA SER S 1005 -24.67 33.88 66.19
C SER S 1005 -24.89 32.46 66.65
N PRO S 1006 -24.02 31.52 66.26
CA PRO S 1006 -24.22 30.12 66.65
C PRO S 1006 -23.89 29.91 68.13
N LEU S 1007 -24.19 28.69 68.59
CA LEU S 1007 -24.21 28.40 70.01
C LEU S 1007 -23.83 26.94 70.26
N ASN S 1008 -23.28 26.69 71.44
CA ASN S 1008 -23.12 25.34 71.97
C ASN S 1008 -23.90 25.24 73.27
N LEU S 1009 -24.73 24.21 73.38
CA LEU S 1009 -25.66 24.12 74.52
C LEU S 1009 -24.93 23.90 75.83
N SER S 1010 -23.84 23.14 75.83
CA SER S 1010 -23.18 22.79 77.09
C SER S 1010 -22.66 24.00 77.84
N ASP S 1011 -22.46 25.12 77.16
CA ASP S 1011 -21.89 26.30 77.81
C ASP S 1011 -22.89 27.03 78.69
N ILE S 1012 -24.18 26.71 78.57
CA ILE S 1012 -25.21 27.52 79.22
C ILE S 1012 -25.05 27.51 80.72
N ASN S 1013 -24.77 26.34 81.30
CA ASN S 1013 -24.61 26.26 82.75
C ASN S 1013 -23.50 27.19 83.23
N THR S 1014 -22.37 27.20 82.50
CA THR S 1014 -21.29 28.10 82.85
C THR S 1014 -21.74 29.55 82.75
N ALA S 1015 -22.50 29.89 81.70
CA ALA S 1015 -22.95 31.25 81.52
C ALA S 1015 -23.80 31.71 82.70
N ILE S 1016 -24.69 30.84 83.15
CA ILE S 1016 -25.49 31.16 84.33
C ILE S 1016 -24.57 31.39 85.52
N SER S 1017 -23.62 30.48 85.73
CA SER S 1017 -22.69 30.65 86.84
C SER S 1017 -21.93 31.95 86.70
N TYR S 1018 -21.51 32.28 85.48
CA TYR S 1018 -20.85 33.55 85.23
C TYR S 1018 -21.73 34.71 85.67
N SER S 1019 -23.01 34.68 85.29
CA SER S 1019 -23.92 35.73 85.69
C SER S 1019 -24.07 35.76 87.20
N ARG S 1020 -24.12 34.59 87.83
CA ARG S 1020 -24.21 34.54 89.29
C ARG S 1020 -23.07 35.31 89.94
N LEU S 1021 -21.91 35.34 89.30
CA LEU S 1021 -20.79 36.10 89.83
C LEU S 1021 -20.85 37.58 89.47
N THR S 1022 -21.67 37.95 88.49
CA THR S 1022 -21.74 39.33 88.00
C THR S 1022 -23.19 39.76 87.89
N PRO S 1023 -23.90 39.88 89.00
CA PRO S 1023 -25.32 40.19 88.94
C PRO S 1023 -25.56 41.65 88.59
N ILE S 1024 -26.82 41.97 88.35
CA ILE S 1024 -27.28 43.33 88.16
C ILE S 1024 -28.12 43.71 89.37
N LEU S 1025 -27.78 44.83 90.00
CA LEU S 1025 -28.53 45.33 91.14
C LEU S 1025 -29.50 46.40 90.65
N HIS S 1026 -30.77 46.21 90.95
CA HIS S 1026 -31.83 47.15 90.56
C HIS S 1026 -32.26 47.93 91.79
N ILE S 1027 -32.02 49.24 91.77
CA ILE S 1027 -32.37 50.13 92.86
C ILE S 1027 -33.55 50.97 92.42
N ASP S 1028 -34.54 51.09 93.31
CA ASP S 1028 -35.75 51.86 93.01
C ASP S 1028 -36.13 52.65 94.26
N THR S 1029 -36.15 53.97 94.13
CA THR S 1029 -36.44 54.84 95.26
C THR S 1029 -37.90 55.26 95.35
N THR S 1030 -38.69 55.02 94.30
CA THR S 1030 -40.08 55.46 94.29
C THR S 1030 -41.02 54.42 94.88
N THR S 1031 -40.51 53.52 95.72
CA THR S 1031 -41.37 52.52 96.36
C THR S 1031 -40.73 52.07 97.66
N PRO S 1032 -41.52 51.82 98.70
CA PRO S 1032 -40.95 51.38 99.97
C PRO S 1032 -40.33 50.00 99.83
N PRO S 1033 -39.33 49.69 100.66
CA PRO S 1033 -38.61 48.42 100.51
C PRO S 1033 -39.32 47.27 101.20
N LEU S 1034 -38.82 46.07 100.90
CA LEU S 1034 -39.31 44.82 101.48
C LEU S 1034 -38.70 44.61 102.87
N ARG S 1035 -39.33 43.73 103.64
CA ARG S 1035 -38.80 43.39 104.95
C ARG S 1035 -39.27 42.01 105.36
N VAL S 1036 -38.47 41.37 106.21
CA VAL S 1036 -38.74 40.01 106.67
C VAL S 1036 -38.21 39.89 108.10
N ASN S 1037 -38.91 39.10 108.93
CA ASN S 1037 -38.56 39.05 110.35
C ASN S 1037 -37.27 38.29 110.60
N PRO S 1038 -37.14 37.00 110.25
CA PRO S 1038 -35.87 36.31 110.50
C PRO S 1038 -34.85 36.61 109.40
N VAL S 1039 -34.12 37.72 109.55
CA VAL S 1039 -33.19 38.21 108.53
C VAL S 1039 -32.24 37.12 108.03
N PRO S 1040 -31.68 36.26 108.88
CA PRO S 1040 -30.87 35.15 108.35
C PRO S 1040 -31.63 34.23 107.43
N THR S 1041 -32.97 34.21 107.50
CA THR S 1041 -33.84 33.43 106.61
C THR S 1041 -33.37 31.99 106.49
N PRO S 1042 -33.43 31.21 107.56
CA PRO S 1042 -33.05 29.80 107.47
C PRO S 1042 -34.09 28.98 106.72
N LEU S 1043 -33.64 27.87 106.17
CA LEU S 1043 -34.48 27.02 105.34
C LEU S 1043 -35.48 26.23 106.19
N ASN S 1044 -36.62 25.90 105.57
CA ASN S 1044 -37.62 25.00 106.13
C ASN S 1044 -38.25 25.55 107.42
N GLN S 1045 -38.29 26.86 107.57
CA GLN S 1045 -38.79 27.47 108.79
C GLN S 1045 -39.74 28.62 108.47
N GLN S 1046 -40.73 28.79 109.33
CA GLN S 1046 -41.72 29.84 109.13
C GLN S 1046 -41.07 31.21 109.17
N CYS S 1047 -41.48 32.07 108.24
CA CYS S 1047 -40.98 33.43 108.18
C CYS S 1047 -42.09 34.36 107.75
N ALA S 1048 -42.14 35.55 108.35
CA ALA S 1048 -43.13 36.55 108.03
C ALA S 1048 -42.51 37.64 107.17
N ILE S 1049 -43.23 38.02 106.11
CA ILE S 1049 -42.76 39.01 105.16
C ILE S 1049 -43.82 40.08 105.01
N ARG S 1050 -43.41 41.33 105.07
CA ARG S 1050 -44.32 42.47 104.99
C ARG S 1050 -44.12 43.18 103.66
N ILE S 1051 -45.23 43.47 102.98
CA ILE S 1051 -45.23 44.25 101.75
C ILE S 1051 -46.25 45.36 101.94
N THR S 1052 -45.79 46.53 102.37
CA THR S 1052 -46.70 47.64 102.57
C THR S 1052 -47.31 48.05 101.24
N SER S 1053 -48.63 48.27 101.24
CA SER S 1053 -49.38 48.49 100.02
C SER S 1053 -50.73 49.08 100.37
N LEU S 1054 -51.35 49.73 99.40
CA LEU S 1054 -52.57 50.47 99.64
C LEU S 1054 -53.83 49.75 99.17
N ASP S 1055 -53.71 48.78 98.28
CA ASP S 1055 -54.88 48.16 97.68
C ASP S 1055 -55.00 46.70 98.09
N PRO S 1056 -56.00 46.33 98.88
CA PRO S 1056 -56.26 44.90 99.10
C PRO S 1056 -56.69 44.18 97.83
N ALA S 1057 -57.12 44.92 96.81
CA ALA S 1057 -57.56 44.33 95.55
C ALA S 1057 -56.39 43.88 94.67
N ALA S 1058 -55.16 44.21 95.05
CA ALA S 1058 -54.01 43.84 94.23
C ALA S 1058 -53.78 42.33 94.27
N VAL S 1059 -52.94 41.87 93.34
CA VAL S 1059 -52.61 40.45 93.23
C VAL S 1059 -51.09 40.31 93.31
N LEU S 1060 -50.65 39.17 93.82
CA LEU S 1060 -49.25 38.94 94.16
C LEU S 1060 -48.70 37.75 93.40
N SER S 1061 -47.38 37.78 93.16
CA SER S 1061 -46.68 36.64 92.59
C SER S 1061 -45.24 36.65 93.07
N VAL S 1062 -44.69 35.45 93.23
CA VAL S 1062 -43.30 35.27 93.62
C VAL S 1062 -42.65 34.31 92.64
N GLN S 1063 -41.43 34.63 92.22
CA GLN S 1063 -40.73 33.84 91.22
C GLN S 1063 -39.41 33.31 91.78
N HIS S 1064 -38.97 32.20 91.21
CA HIS S 1064 -37.71 31.56 91.58
C HIS S 1064 -37.20 30.81 90.38
N ASN S 1065 -35.91 30.94 90.11
CA ASN S 1065 -35.29 30.36 88.91
C ASN S 1065 -36.04 30.82 87.65
N GLY S 1066 -36.52 32.05 87.68
CA GLY S 1066 -37.20 32.61 86.52
C GLY S 1066 -38.57 32.05 86.25
N VAL S 1067 -39.22 31.46 87.25
CA VAL S 1067 -40.58 30.95 87.09
C VAL S 1067 -41.36 31.23 88.37
N GLU S 1068 -42.64 31.54 88.21
CA GLU S 1068 -43.48 31.83 89.35
C GLU S 1068 -43.64 30.62 90.24
N VAL S 1069 -43.57 30.84 91.56
CA VAL S 1069 -43.58 29.75 92.51
C VAL S 1069 -44.71 29.96 93.52
N ILE S 1070 -45.07 31.21 93.77
CA ILE S 1070 -46.19 31.56 94.62
C ILE S 1070 -46.98 32.67 93.95
N GLY S 1071 -48.30 32.56 94.01
CA GLY S 1071 -49.16 33.60 93.47
C GLY S 1071 -50.57 33.47 93.96
N GLY S 1072 -51.31 34.56 94.00
CA GLY S 1072 -52.69 34.50 94.40
C GLY S 1072 -53.11 35.80 95.08
N THR S 1073 -54.10 35.67 95.95
CA THR S 1073 -54.78 36.76 96.61
C THR S 1073 -54.82 36.48 98.10
N PRO S 1074 -55.07 37.49 98.93
CA PRO S 1074 -55.23 37.22 100.37
C PRO S 1074 -56.34 36.22 100.65
N GLY S 1075 -57.38 36.17 99.82
CA GLY S 1075 -58.40 35.16 99.99
C GLY S 1075 -57.88 33.76 99.76
N ASN S 1076 -57.13 33.57 98.67
CA ASN S 1076 -56.60 32.26 98.33
C ASN S 1076 -55.28 32.44 97.58
N VAL S 1077 -54.35 31.52 97.85
CA VAL S 1077 -53.02 31.60 97.28
C VAL S 1077 -52.53 30.18 97.01
N ILE S 1078 -51.71 30.03 95.98
CA ILE S 1078 -51.16 28.73 95.60
C ILE S 1078 -49.64 28.83 95.62
N SER S 1079 -49.00 27.79 96.13
CA SER S 1079 -47.55 27.75 96.24
C SER S 1079 -47.04 26.36 95.86
N VAL S 1080 -45.80 26.32 95.37
CA VAL S 1080 -45.14 25.06 95.08
C VAL S 1080 -43.80 25.03 95.79
N ALA S 1081 -43.69 25.77 96.90
CA ALA S 1081 -42.44 25.81 97.65
C ALA S 1081 -42.66 25.75 99.15
N GLY S 1082 -43.80 25.24 99.61
CA GLY S 1082 -44.11 25.17 101.01
C GLY S 1082 -45.37 25.94 101.36
N ALA S 1083 -45.73 25.86 102.64
CA ALA S 1083 -46.94 26.50 103.11
C ALA S 1083 -46.83 28.01 102.98
N ALA S 1084 -47.91 28.63 102.51
CA ALA S 1084 -47.96 30.06 102.33
C ALA S 1084 -49.34 30.57 102.72
N ALA S 1085 -49.37 31.62 103.55
CA ALA S 1085 -50.62 32.25 103.97
C ALA S 1085 -50.54 33.72 103.63
N LEU S 1086 -51.51 34.21 102.87
CA LEU S 1086 -51.55 35.60 102.43
C LEU S 1086 -52.69 36.32 103.14
N GLN S 1087 -52.37 37.46 103.73
CA GLN S 1087 -53.37 38.27 104.42
C GLN S 1087 -53.02 39.74 104.22
N TYR S 1088 -54.04 40.58 104.14
CA TYR S 1088 -53.86 42.02 104.05
C TYR S 1088 -54.28 42.64 105.37
N ILE S 1089 -53.36 43.36 106.00
CA ILE S 1089 -53.64 44.07 107.23
C ILE S 1089 -53.87 45.54 106.85
N LEU S 1090 -55.14 45.93 106.81
CA LEU S 1090 -55.48 47.29 106.41
C LEU S 1090 -54.95 48.31 107.40
N ALA S 1091 -54.98 47.97 108.69
CA ALA S 1091 -54.52 48.91 109.71
C ALA S 1091 -53.08 49.33 109.48
N ASN S 1092 -52.24 48.44 108.95
CA ASN S 1092 -50.88 48.77 108.60
C ASN S 1092 -50.69 49.02 107.12
N GLN S 1093 -51.74 48.84 106.31
CA GLN S 1093 -51.66 48.95 104.86
C GLN S 1093 -50.53 48.08 104.32
N GLU S 1094 -50.60 46.79 104.67
CA GLU S 1094 -49.60 45.83 104.26
C GLU S 1094 -50.27 44.53 103.84
N PHE S 1095 -49.60 43.81 102.97
CA PHE S 1095 -49.88 42.39 102.78
C PHE S 1095 -48.94 41.61 103.68
N LEU S 1096 -49.49 40.69 104.46
CA LEU S 1096 -48.70 39.81 105.30
C LEU S 1096 -48.61 38.44 104.65
N LEU S 1097 -47.38 37.97 104.45
CA LEU S 1097 -47.13 36.64 103.93
C LEU S 1097 -46.39 35.84 104.98
N GLN S 1098 -46.95 34.69 105.34
CA GLN S 1098 -46.30 33.73 106.21
C GLN S 1098 -45.93 32.50 105.39
N PHE S 1099 -44.67 32.12 105.43
CA PHE S 1099 -44.12 31.21 104.43
C PHE S 1099 -43.11 30.29 105.07
N THR S 1100 -43.06 29.06 104.56
CA THR S 1100 -42.12 28.04 105.01
C THR S 1100 -41.40 27.50 103.78
N PRO S 1101 -40.32 28.17 103.35
CA PRO S 1101 -39.64 27.76 102.13
C PRO S 1101 -39.10 26.35 102.22
N THR S 1102 -39.22 25.61 101.11
CA THR S 1102 -38.73 24.25 101.02
C THR S 1102 -37.50 24.11 100.14
N LEU S 1103 -36.94 25.23 99.69
CA LEU S 1103 -35.75 25.20 98.84
C LEU S 1103 -35.06 26.55 98.94
N PRO S 1104 -33.75 26.59 98.79
CA PRO S 1104 -33.03 27.87 98.96
C PRO S 1104 -32.95 28.68 97.69
N GLY S 1105 -32.25 29.80 97.74
CA GLY S 1105 -31.99 30.61 96.57
C GLY S 1105 -32.68 31.96 96.64
N ILE S 1106 -32.60 32.66 95.52
CA ILE S 1106 -33.18 34.00 95.40
C ILE S 1106 -34.68 33.87 95.10
N PHE S 1107 -35.48 34.69 95.77
CA PHE S 1107 -36.89 34.82 95.47
C PHE S 1107 -37.21 36.30 95.32
N ASP S 1108 -37.90 36.65 94.24
CA ASP S 1108 -38.32 38.02 94.00
C ASP S 1108 -39.84 38.06 93.92
N VAL S 1109 -40.41 39.20 94.31
CA VAL S 1109 -41.83 39.33 94.54
C VAL S 1109 -42.38 40.50 93.75
N PHE S 1110 -43.62 40.37 93.30
CA PHE S 1110 -44.28 41.38 92.49
C PHE S 1110 -45.70 41.60 92.99
N LEU S 1111 -46.20 42.81 92.74
CA LEU S 1111 -47.59 43.14 92.98
C LEU S 1111 -48.19 43.69 91.71
N THR S 1112 -49.49 43.43 91.50
CA THR S 1112 -50.16 43.85 90.30
C THR S 1112 -51.60 44.19 90.61
N THR S 1113 -52.16 45.12 89.84
CA THR S 1113 -53.58 45.40 89.85
C THR S 1113 -54.09 45.38 88.42
N LEU S 1114 -55.42 45.32 88.30
CA LEU S 1114 -56.03 44.93 87.03
C LEU S 1114 -55.66 45.88 85.90
N GLY S 1115 -55.48 47.16 86.18
CA GLY S 1115 -55.23 48.11 85.12
C GLY S 1115 -53.77 48.50 84.95
N GLN S 1116 -52.86 47.70 85.47
CA GLN S 1116 -51.46 48.07 85.51
C GLN S 1116 -50.58 46.87 85.20
N PRO S 1117 -49.35 47.12 84.77
CA PRO S 1117 -48.36 46.05 84.67
C PRO S 1117 -47.94 45.59 86.06
N PRO S 1118 -47.31 44.42 86.17
CA PRO S 1118 -46.80 44.00 87.47
C PRO S 1118 -45.68 44.91 87.94
N VAL S 1119 -45.62 45.11 89.25
CA VAL S 1119 -44.67 46.01 89.87
C VAL S 1119 -43.71 45.19 90.73
N PRO S 1120 -42.42 45.21 90.47
CA PRO S 1120 -41.47 44.54 91.36
C PRO S 1120 -41.45 45.21 92.71
N ARG S 1121 -41.31 44.40 93.76
CA ARG S 1121 -41.30 44.90 95.13
C ARG S 1121 -40.15 44.29 95.90
N GLY S 1122 -38.98 44.19 95.27
CA GLY S 1122 -37.81 43.68 95.95
C GLY S 1122 -37.68 42.17 95.85
N SER S 1123 -36.67 41.67 96.56
CA SER S 1123 -36.36 40.25 96.52
C SER S 1123 -35.73 39.85 97.85
N PHE S 1124 -35.74 38.54 98.12
CA PHE S 1124 -35.16 38.01 99.33
C PHE S 1124 -34.48 36.69 99.04
N THR S 1125 -33.60 36.29 99.96
CA THR S 1125 -32.81 35.08 99.83
C THR S 1125 -33.15 34.12 100.96
N ILE S 1126 -33.12 32.82 100.65
CA ILE S 1126 -33.30 31.77 101.64
C ILE S 1126 -31.98 31.00 101.76
N THR S 1127 -31.52 30.83 102.98
CA THR S 1127 -30.21 30.25 103.22
C THR S 1127 -30.33 28.77 103.54
N PRO S 1128 -29.34 27.98 103.13
CA PRO S 1128 -29.35 26.54 103.43
C PRO S 1128 -29.03 26.28 104.88
N PRO S 1129 -29.36 25.10 105.40
CA PRO S 1129 -29.00 24.75 106.77
C PRO S 1129 -27.49 24.64 106.93
N PRO S 1130 -26.98 24.76 108.15
CA PRO S 1130 -25.53 24.75 108.35
C PRO S 1130 -24.92 23.39 108.04
N THR S 1131 -23.62 23.43 107.71
CA THR S 1131 -22.86 22.26 107.32
C THR S 1131 -22.07 21.65 108.47
N THR S 1132 -22.33 22.07 109.71
CA THR S 1132 -21.49 21.71 110.85
C THR S 1132 -21.93 20.35 111.40
N VAL S 1133 -21.25 19.31 110.97
CA VAL S 1133 -21.39 17.99 111.58
C VAL S 1133 -20.21 17.79 112.53
N VAL S 1134 -20.50 17.26 113.72
CA VAL S 1134 -19.50 17.12 114.77
C VAL S 1134 -19.57 15.73 115.36
N LEU S 1135 -18.40 15.15 115.67
CA LEU S 1135 -18.28 13.82 116.23
C LEU S 1135 -17.67 13.90 117.62
N ASN S 1136 -18.08 12.97 118.48
CA ASN S 1136 -17.65 12.95 119.88
C ASN S 1136 -17.04 11.59 120.19
N MET S 1137 -15.86 11.59 120.81
CA MET S 1137 -14.96 10.45 120.82
C MET S 1137 -14.78 9.87 122.22
N PRO S 1138 -14.38 8.60 122.30
CA PRO S 1138 -14.07 7.99 123.60
C PRO S 1138 -12.63 8.28 124.01
N PRO S 1139 -12.28 8.02 125.26
CA PRO S 1139 -10.88 8.19 125.70
C PRO S 1139 -10.00 7.10 125.14
N PRO S 1140 -8.67 7.23 125.25
CA PRO S 1140 -7.79 6.17 124.75
C PRO S 1140 -8.03 4.83 125.40
N GLY S 1141 -8.45 4.80 126.66
CA GLY S 1141 -8.81 3.54 127.28
C GLY S 1141 -9.97 2.86 126.60
N GLN S 1142 -10.82 3.64 125.93
CA GLN S 1142 -11.94 3.10 125.17
C GLN S 1142 -11.67 3.10 123.67
N LEU S 1143 -10.45 3.41 123.26
CA LEU S 1143 -10.02 3.10 121.90
C LEU S 1143 -9.96 1.59 121.76
N ASP S 1144 -10.94 1.01 121.05
CA ASP S 1144 -11.14 -0.43 121.05
C ASP S 1144 -10.39 -1.05 119.88
N PHE S 1145 -9.14 -1.43 120.15
CA PHE S 1145 -8.36 -2.22 119.21
C PHE S 1145 -8.78 -3.67 119.20
N THR S 1146 -9.64 -4.07 120.14
CA THR S 1146 -10.23 -5.40 120.14
C THR S 1146 -11.13 -5.57 118.92
N ASP S 1147 -11.63 -6.80 118.76
CA ASP S 1147 -12.49 -7.09 117.62
C ASP S 1147 -13.74 -6.23 117.66
N VAL S 1148 -14.34 -6.05 118.84
CA VAL S 1148 -15.48 -5.18 118.99
C VAL S 1148 -14.97 -3.74 119.06
N GLY S 1149 -14.94 -3.07 117.92
CA GLY S 1149 -14.52 -1.68 117.88
C GLY S 1149 -15.47 -0.78 118.66
N ASN S 1150 -15.02 0.44 118.91
CA ASN S 1150 -15.79 1.30 119.79
C ASN S 1150 -16.78 2.15 119.01
N ASP S 1151 -17.38 3.11 119.71
CA ASP S 1151 -18.51 3.87 119.21
C ASP S 1151 -18.30 5.34 119.54
N ALA S 1152 -18.77 6.21 118.65
CA ALA S 1152 -18.62 7.65 118.81
C ALA S 1152 -19.95 8.32 118.48
N ARG S 1153 -20.28 9.38 119.22
CA ARG S 1153 -21.56 10.06 119.07
C ARG S 1153 -21.44 11.17 118.04
N ILE S 1154 -22.39 11.20 117.10
CA ILE S 1154 -22.44 12.23 116.08
C ILE S 1154 -23.45 13.28 116.49
N THR S 1155 -23.08 14.55 116.31
CA THR S 1155 -23.98 15.68 116.53
C THR S 1155 -24.14 16.42 115.21
N CYS S 1156 -25.34 16.37 114.65
CA CYS S 1156 -25.58 16.94 113.33
C CYS S 1156 -27.08 17.13 113.14
N ASP S 1157 -27.42 17.93 112.14
CA ASP S 1157 -28.82 18.12 111.78
C ASP S 1157 -29.39 16.83 111.18
N PRO S 1158 -30.70 16.59 111.34
CA PRO S 1158 -31.31 15.44 110.67
C PRO S 1158 -31.46 15.64 109.17
N TYR S 1159 -31.29 16.88 108.68
CA TYR S 1159 -31.45 17.16 107.26
C TYR S 1159 -30.39 16.44 106.43
N TYR S 1160 -29.21 16.21 107.00
CA TYR S 1160 -28.15 15.48 106.31
C TYR S 1160 -28.09 14.06 106.84
N GLN S 1161 -28.46 13.09 105.99
CA GLN S 1161 -28.20 11.69 106.27
C GLN S 1161 -26.75 11.38 105.93
N LEU S 1162 -26.12 10.52 106.74
CA LEU S 1162 -24.68 10.33 106.68
C LEU S 1162 -24.32 8.87 106.50
N ALA S 1163 -23.13 8.65 105.91
CA ALA S 1163 -22.53 7.34 105.80
C ALA S 1163 -21.03 7.51 105.69
N VAL S 1164 -20.30 6.44 106.00
CA VAL S 1164 -18.84 6.47 106.02
C VAL S 1164 -18.32 6.07 104.65
N CYS S 1165 -17.43 6.88 104.09
CA CYS S 1165 -16.98 6.72 102.71
C CYS S 1165 -15.49 7.01 102.60
N ILE S 1166 -14.92 6.64 101.46
CA ILE S 1166 -13.50 6.83 101.18
C ILE S 1166 -13.36 7.61 99.88
N PHE S 1167 -12.59 8.70 99.94
CA PHE S 1167 -12.34 9.56 98.77
C PHE S 1167 -11.28 8.90 97.89
N LYS S 1168 -11.71 7.82 97.23
CA LYS S 1168 -10.76 6.93 96.56
C LYS S 1168 -10.13 7.57 95.34
N ASP S 1169 -10.95 8.16 94.47
CA ASP S 1169 -10.48 8.54 93.13
C ASP S 1169 -11.01 9.89 92.70
N GLY S 1170 -11.22 10.80 93.65
CA GLY S 1170 -12.00 11.98 93.40
C GLY S 1170 -13.47 11.82 93.69
N GLN S 1171 -13.91 10.61 94.04
CA GLN S 1171 -15.27 10.36 94.47
C GLN S 1171 -15.25 9.47 95.70
N TYR S 1172 -16.16 9.75 96.62
CA TYR S 1172 -16.28 8.98 97.85
C TYR S 1172 -16.99 7.66 97.58
N VAL S 1173 -16.44 6.57 98.09
CA VAL S 1173 -17.02 5.25 97.96
C VAL S 1173 -17.38 4.75 99.36
N ARG S 1174 -18.59 4.23 99.51
CA ARG S 1174 -19.08 3.83 100.82
C ARG S 1174 -18.29 2.63 101.35
N VAL S 1175 -17.85 2.74 102.60
CA VAL S 1175 -17.07 1.68 103.22
C VAL S 1175 -18.01 0.58 103.70
N ASN S 1176 -17.48 -0.64 103.79
CA ASN S 1176 -18.25 -1.73 104.36
C ASN S 1176 -18.54 -1.44 105.83
N PRO S 1177 -19.69 -1.93 106.34
CA PRO S 1177 -20.08 -1.54 107.70
C PRO S 1177 -19.18 -2.09 108.79
N GLU S 1178 -18.48 -3.20 108.54
CA GLU S 1178 -17.81 -3.91 109.62
C GLU S 1178 -16.49 -3.26 110.04
N LYS S 1179 -16.11 -2.15 109.43
CA LYS S 1179 -15.04 -1.32 109.95
C LYS S 1179 -15.51 0.01 110.50
N ALA S 1180 -16.58 0.57 109.95
CA ALA S 1180 -17.16 1.80 110.45
C ALA S 1180 -18.62 1.86 110.00
N SER S 1181 -19.44 2.52 110.82
CA SER S 1181 -20.86 2.62 110.51
C SER S 1181 -21.48 3.77 111.30
N VAL S 1182 -22.33 4.54 110.64
CA VAL S 1182 -23.19 5.49 111.34
C VAL S 1182 -24.32 4.72 112.01
N VAL S 1183 -24.50 4.97 113.30
CA VAL S 1183 -25.43 4.19 114.12
C VAL S 1183 -26.74 4.95 114.25
N THR S 1184 -27.85 4.27 113.97
CA THR S 1184 -29.18 4.88 114.02
C THR S 1184 -29.75 4.76 115.44
N ASN S 1185 -29.05 5.37 116.39
CA ASN S 1185 -29.56 5.45 117.75
C ASN S 1185 -30.77 6.36 117.79
N ALA S 1186 -31.69 6.05 118.71
CA ALA S 1186 -32.99 6.73 118.73
C ALA S 1186 -32.88 8.24 118.91
N PRO S 1187 -32.14 8.78 119.88
CA PRO S 1187 -32.09 10.24 120.02
C PRO S 1187 -31.27 10.92 118.94
N ASN S 1188 -30.20 10.29 118.48
CA ASN S 1188 -29.29 10.92 117.53
C ASN S 1188 -28.49 9.84 116.82
N ARG S 1189 -27.79 10.26 115.77
CA ARG S 1189 -26.88 9.36 115.07
C ARG S 1189 -25.58 9.22 115.86
N ASP S 1190 -25.06 8.00 115.91
CA ASP S 1190 -23.76 7.72 116.49
C ASP S 1190 -22.88 7.07 115.42
N LEU S 1191 -21.66 6.71 115.79
CA LEU S 1191 -20.69 6.19 114.84
C LEU S 1191 -19.90 5.07 115.49
N HIS S 1192 -20.17 3.83 115.08
CA HIS S 1192 -19.35 2.70 115.48
C HIS S 1192 -18.25 2.47 114.47
N PHE S 1193 -17.09 2.06 114.96
CA PHE S 1193 -15.94 1.83 114.08
C PHE S 1193 -14.94 0.95 114.81
N VAL S 1194 -14.06 0.32 114.04
CA VAL S 1194 -13.06 -0.60 114.55
C VAL S 1194 -11.68 -0.13 114.08
N LEU S 1195 -10.66 -0.48 114.84
CA LEU S 1195 -9.31 0.03 114.63
C LEU S 1195 -8.44 -1.01 113.94
N ASP S 1196 -7.63 -0.53 112.99
CA ASP S 1196 -6.75 -1.39 112.20
C ASP S 1196 -5.49 -0.63 111.87
N LEU S 1197 -4.39 -1.37 111.67
CA LEU S 1197 -3.09 -0.74 111.49
C LEU S 1197 -2.96 0.05 110.20
N ALA S 1198 -3.96 0.05 109.33
CA ALA S 1198 -3.95 0.88 108.13
C ALA S 1198 -4.54 2.27 108.37
N ASP S 1199 -5.11 2.51 109.54
CA ASP S 1199 -6.00 3.66 109.72
C ASP S 1199 -5.25 4.99 109.66
N ASN S 1200 -3.98 5.02 110.08
CA ASN S 1200 -3.27 6.30 110.08
C ASN S 1200 -2.98 6.80 108.68
N HIS S 1201 -2.76 5.88 107.73
CA HIS S 1201 -2.43 6.28 106.36
C HIS S 1201 -3.65 6.46 105.49
N VAL S 1202 -4.72 5.69 105.74
CA VAL S 1202 -5.91 5.74 104.89
C VAL S 1202 -6.71 6.99 105.20
N LEU S 1203 -7.67 7.31 104.34
CA LEU S 1203 -8.47 8.52 104.47
C LEU S 1203 -9.94 8.16 104.35
N LEU S 1204 -10.77 8.73 105.23
CA LEU S 1204 -12.17 8.39 105.29
C LEU S 1204 -12.97 9.61 105.75
N TYR S 1205 -14.23 9.67 105.31
CA TYR S 1205 -15.04 10.86 105.47
C TYR S 1205 -16.46 10.47 105.86
N LEU S 1206 -17.11 11.34 106.63
CA LEU S 1206 -18.54 11.29 106.77
C LEU S 1206 -19.17 12.08 105.63
N CYS S 1207 -20.09 11.45 104.91
CA CYS S 1207 -20.55 11.98 103.64
C CYS S 1207 -22.06 12.18 103.64
N ASP S 1208 -22.50 13.26 103.02
CA ASP S 1208 -23.92 13.49 102.82
C ASP S 1208 -24.50 12.43 101.89
N VAL S 1209 -25.68 11.93 102.26
CA VAL S 1209 -26.33 10.85 101.53
C VAL S 1209 -27.53 11.41 100.79
N THR S 1210 -27.49 11.34 99.47
CA THR S 1210 -28.62 11.62 98.59
C THR S 1210 -28.66 10.56 97.51
N PRO S 1211 -29.85 10.21 97.03
CA PRO S 1211 -29.92 9.26 95.90
C PRO S 1211 -29.24 9.78 94.66
N SER S 1212 -29.13 11.10 94.51
CA SER S 1212 -28.43 11.67 93.36
C SER S 1212 -26.92 11.47 93.48
N GLY S 1213 -26.38 11.58 94.69
CA GLY S 1213 -24.95 11.43 94.86
C GLY S 1213 -24.59 11.30 96.32
N LEU S 1214 -23.35 10.85 96.55
CA LEU S 1214 -22.85 10.53 97.88
C LEU S 1214 -21.78 11.56 98.26
N GLY S 1215 -21.97 12.18 99.42
CA GLY S 1215 -21.03 13.20 99.86
C GLY S 1215 -21.11 14.49 99.09
N ASP S 1216 -22.24 14.75 98.43
CA ASP S 1216 -22.36 15.93 97.59
C ASP S 1216 -22.25 17.21 98.41
N ARG S 1217 -23.21 17.42 99.31
CA ARG S 1217 -23.29 18.69 100.02
C ARG S 1217 -22.22 18.82 101.09
N ILE S 1218 -21.94 17.76 101.84
CA ILE S 1218 -20.89 17.76 102.84
C ILE S 1218 -20.12 16.46 102.76
N ALA S 1219 -18.80 16.55 102.97
CA ALA S 1219 -17.93 15.38 103.02
C ALA S 1219 -16.82 15.70 104.00
N PHE S 1220 -16.98 15.22 105.24
CA PHE S 1220 -16.16 15.66 106.36
C PHE S 1220 -15.20 14.58 106.79
N PRO S 1221 -13.89 14.81 106.70
CA PRO S 1221 -12.93 13.80 107.17
C PRO S 1221 -12.94 13.72 108.69
N ILE S 1222 -12.97 12.49 109.20
CA ILE S 1222 -12.94 12.25 110.65
C ILE S 1222 -11.48 12.06 111.02
N VAL S 1223 -10.81 13.17 111.31
CA VAL S 1223 -9.35 13.22 111.39
C VAL S 1223 -8.81 12.33 112.50
N ASP S 1224 -9.57 12.12 113.57
CA ASP S 1224 -9.05 11.44 114.75
C ASP S 1224 -8.46 10.09 114.42
N ILE S 1225 -9.19 9.27 113.66
CA ILE S 1225 -8.72 7.94 113.33
C ILE S 1225 -7.51 7.99 112.38
N TYR S 1226 -7.31 9.09 111.67
CA TYR S 1226 -6.08 9.26 110.91
C TYR S 1226 -4.86 9.33 111.81
N ARG S 1227 -5.05 9.61 113.10
CA ARG S 1227 -3.95 9.84 114.02
C ARG S 1227 -3.90 8.87 115.19
N ILE S 1228 -4.83 7.91 115.26
CA ILE S 1228 -4.91 7.04 116.42
C ILE S 1228 -3.66 6.18 116.53
N ALA S 1229 -3.04 6.19 117.71
CA ALA S 1229 -1.91 5.33 117.99
C ALA S 1229 -2.39 3.96 118.44
N PHE S 1230 -1.51 2.97 118.29
CA PHE S 1230 -1.86 1.59 118.59
C PHE S 1230 -0.96 1.05 119.69
N PRO S 1231 -1.53 0.49 120.76
CA PRO S 1231 -0.71 0.06 121.90
C PRO S 1231 0.06 -1.20 121.56
N ARG S 1232 1.39 -1.12 121.69
CA ARG S 1232 2.26 -2.23 121.32
C ARG S 1232 2.02 -3.45 122.20
N ASN S 1233 1.56 -3.25 123.43
CA ASN S 1233 1.44 -4.32 124.41
C ASN S 1233 0.16 -5.14 124.27
N THR S 1234 -0.60 -4.98 123.19
CA THR S 1234 -1.90 -5.62 123.04
C THR S 1234 -1.99 -6.27 121.67
N PRO S 1235 -2.85 -7.26 121.51
CA PRO S 1235 -3.14 -7.77 120.16
C PRO S 1235 -3.74 -6.68 119.28
N VAL S 1236 -3.36 -6.68 118.01
CA VAL S 1236 -3.75 -5.66 117.06
C VAL S 1236 -4.25 -6.32 115.78
N ARG S 1237 -4.63 -5.49 114.82
CA ARG S 1237 -5.34 -5.94 113.62
C ARG S 1237 -4.74 -5.29 112.38
N ALA S 1238 -4.76 -6.03 111.28
CA ALA S 1238 -4.20 -5.55 110.02
C ALA S 1238 -4.96 -6.15 108.86
N SER S 1239 -5.08 -5.38 107.77
CA SER S 1239 -5.70 -5.84 106.54
C SER S 1239 -5.30 -4.91 105.42
N LEU S 1240 -5.72 -5.27 104.20
CA LEU S 1240 -5.38 -4.47 103.02
C LEU S 1240 -6.23 -3.21 102.98
N PRO S 1241 -5.67 -2.09 102.50
CA PRO S 1241 -6.38 -0.80 102.60
C PRO S 1241 -7.35 -0.50 101.47
N TYR S 1242 -7.16 -1.11 100.30
CA TYR S 1242 -8.00 -0.81 99.15
C TYR S 1242 -8.60 -2.08 98.58
N THR S 1243 -9.49 -1.90 97.59
CA THR S 1243 -10.09 -3.03 96.91
C THR S 1243 -9.03 -3.90 96.24
N GLY S 1244 -7.99 -3.26 95.69
CA GLY S 1244 -6.84 -3.98 95.18
C GLY S 1244 -5.58 -3.50 95.86
N GLY S 1245 -5.71 -3.15 97.14
CA GLY S 1245 -4.64 -2.51 97.90
C GLY S 1245 -3.61 -3.45 98.46
N GLY S 1246 -2.67 -3.90 97.61
CA GLY S 1246 -1.59 -4.73 98.11
C GLY S 1246 -0.78 -4.01 99.18
N ALA S 1247 -0.41 -4.75 100.21
CA ALA S 1247 0.32 -4.18 101.33
C ALA S 1247 1.26 -5.22 101.94
N HIS S 1248 2.28 -4.72 102.63
CA HIS S 1248 3.25 -5.56 103.31
C HIS S 1248 3.61 -4.92 104.64
N LEU S 1249 3.97 -5.74 105.62
CA LEU S 1249 4.20 -5.28 106.98
C LEU S 1249 5.65 -5.44 107.39
N THR S 1250 6.13 -4.50 108.19
CA THR S 1250 7.50 -4.49 108.69
C THR S 1250 7.46 -4.28 110.19
N SER S 1251 7.75 -5.33 110.95
CA SER S 1251 7.64 -5.30 112.41
C SER S 1251 8.87 -4.65 113.01
N GLY S 1252 8.74 -3.40 113.45
CA GLY S 1252 9.85 -2.75 114.14
C GLY S 1252 11.11 -2.67 113.32
N GLY S 1253 10.98 -2.40 112.02
CA GLY S 1253 12.10 -2.39 111.11
C GLY S 1253 12.44 -3.73 110.50
N ASN S 1254 11.97 -4.81 111.09
CA ASN S 1254 12.15 -6.15 110.55
C ASN S 1254 11.01 -6.49 109.61
N PRO S 1255 11.28 -6.90 108.37
CA PRO S 1255 10.19 -7.30 107.48
C PRO S 1255 9.35 -8.38 108.11
N PHE S 1256 8.03 -8.23 108.02
CA PHE S 1256 7.12 -9.08 108.78
C PHE S 1256 6.28 -9.99 107.90
N MET S 1257 5.52 -9.44 106.96
CA MET S 1257 4.64 -10.29 106.16
C MET S 1257 4.10 -9.51 104.98
N SER S 1258 3.97 -10.20 103.84
CA SER S 1258 3.17 -9.70 102.72
C SER S 1258 1.71 -10.00 103.03
N LEU S 1259 0.98 -8.98 103.46
CA LEU S 1259 -0.41 -9.19 103.85
C LEU S 1259 -1.28 -9.62 102.68
N THR S 1260 -0.87 -9.31 101.45
CA THR S 1260 -1.59 -9.83 100.29
C THR S 1260 -1.45 -11.34 100.19
N THR S 1261 -0.24 -11.85 100.33
CA THR S 1261 0.07 -13.27 100.19
C THR S 1261 0.83 -13.71 101.43
N PRO S 1262 0.12 -14.03 102.51
CA PRO S 1262 0.79 -14.49 103.71
C PRO S 1262 1.53 -15.78 103.45
N PRO S 1263 2.60 -16.04 104.19
CA PRO S 1263 3.32 -17.31 104.01
C PRO S 1263 2.40 -18.49 104.26
N ALA S 1264 2.70 -19.60 103.57
CA ALA S 1264 1.86 -20.79 103.65
C ALA S 1264 1.52 -21.16 105.09
N VAL S 1265 2.46 -20.91 106.01
CA VAL S 1265 2.19 -20.93 107.44
C VAL S 1265 2.39 -19.52 107.95
N LEU S 1266 1.39 -19.00 108.66
CA LEU S 1266 1.45 -17.63 109.13
C LEU S 1266 2.66 -17.45 110.06
N PRO S 1267 3.22 -16.25 110.12
CA PRO S 1267 4.31 -16.00 111.07
C PRO S 1267 3.83 -16.26 112.48
N ALA S 1268 4.77 -16.70 113.33
CA ALA S 1268 4.44 -17.22 114.64
C ALA S 1268 3.60 -16.24 115.44
N GLY S 1269 2.50 -16.74 116.01
CA GLY S 1269 1.64 -15.98 116.87
C GLY S 1269 0.45 -15.34 116.19
N VAL S 1270 0.62 -14.87 114.95
CA VAL S 1270 -0.48 -14.19 114.27
C VAL S 1270 -1.49 -15.21 113.77
N ALA S 1271 -2.71 -14.73 113.52
CA ALA S 1271 -3.79 -15.58 113.05
C ALA S 1271 -4.75 -14.74 112.22
N LEU S 1272 -5.58 -15.43 111.45
CA LEU S 1272 -6.59 -14.77 110.64
C LEU S 1272 -7.81 -14.46 111.50
N ALA S 1273 -8.24 -13.20 111.47
CA ALA S 1273 -9.35 -12.76 112.31
C ALA S 1273 -10.67 -13.27 111.76
N ALA S 1274 -11.70 -13.24 112.61
CA ALA S 1274 -13.02 -13.72 112.22
C ALA S 1274 -13.77 -12.67 111.41
N LEU S 1275 -14.04 -11.51 112.00
CA LEU S 1275 -14.74 -10.45 111.29
C LEU S 1275 -13.85 -9.86 110.21
N SER S 1276 -14.45 -9.54 109.06
CA SER S 1276 -13.69 -8.99 107.94
C SER S 1276 -12.96 -7.72 108.35
N THR S 1277 -13.72 -6.67 108.68
CA THR S 1277 -13.19 -5.40 109.18
C THR S 1277 -12.17 -4.76 108.24
N SER S 1278 -12.08 -5.23 107.01
CA SER S 1278 -11.17 -4.59 106.07
C SER S 1278 -11.87 -3.42 105.42
N VAL S 1279 -11.24 -2.82 104.40
CA VAL S 1279 -11.91 -1.76 103.65
C VAL S 1279 -13.14 -2.30 102.95
N ALA S 1280 -13.01 -3.48 102.35
CA ALA S 1280 -14.11 -4.17 101.70
C ALA S 1280 -14.18 -5.58 102.27
N THR S 1281 -15.40 -6.10 102.39
CA THR S 1281 -15.64 -7.33 103.13
C THR S 1281 -14.85 -8.52 102.57
N GLN S 1282 -14.47 -8.47 101.29
CA GLN S 1282 -13.77 -9.61 100.70
C GLN S 1282 -12.43 -9.87 101.38
N TYR S 1283 -11.70 -8.81 101.71
CA TYR S 1283 -10.43 -9.04 102.40
C TYR S 1283 -10.68 -9.39 103.87
N PRO S 1284 -9.91 -10.32 104.42
CA PRO S 1284 -9.96 -10.59 105.86
C PRO S 1284 -8.96 -9.72 106.60
N THR S 1285 -9.13 -9.69 107.92
CA THR S 1285 -8.15 -9.07 108.80
C THR S 1285 -7.26 -10.14 109.42
N TYR S 1286 -6.02 -9.77 109.70
CA TYR S 1286 -5.06 -10.62 110.38
C TYR S 1286 -4.78 -10.00 111.74
N THR S 1287 -4.85 -10.79 112.80
CA THR S 1287 -4.59 -10.30 114.14
C THR S 1287 -3.15 -10.61 114.52
N LEU S 1288 -2.46 -9.61 115.05
CA LEU S 1288 -1.08 -9.80 115.48
C LEU S 1288 -0.99 -9.73 116.99
N PRO S 1289 -0.35 -10.74 117.62
CA PRO S 1289 -0.37 -10.76 119.09
C PRO S 1289 0.02 -9.43 119.75
N ALA S 1290 1.01 -8.74 119.20
CA ALA S 1290 1.47 -7.47 119.77
C ALA S 1290 2.67 -6.96 118.99
N GLY S 1291 3.10 -5.74 119.31
CA GLY S 1291 4.27 -5.18 118.65
C GLY S 1291 3.93 -4.00 117.76
N VAL S 1292 4.94 -3.44 117.11
CA VAL S 1292 4.73 -2.30 116.23
C VAL S 1292 5.05 -2.69 114.80
N TYR S 1293 4.40 -2.07 113.82
CA TYR S 1293 4.60 -2.48 112.44
C TYR S 1293 4.48 -1.28 111.51
N GLU S 1294 5.04 -1.44 110.32
CA GLU S 1294 4.90 -0.47 109.25
C GLU S 1294 3.87 -0.94 108.22
N TYR S 1295 3.55 -0.04 107.30
CA TYR S 1295 2.60 -0.32 106.23
C TYR S 1295 3.21 0.18 104.91
N VAL S 1296 3.77 -0.73 104.13
CA VAL S 1296 4.15 -0.44 102.75
C VAL S 1296 3.05 -0.95 101.85
N ILE S 1297 2.54 -0.09 100.99
CA ILE S 1297 1.33 -0.36 100.23
C ILE S 1297 1.64 -0.35 98.74
N ALA T 1 72.37 10.93 -7.30
CA ALA T 1 73.21 12.07 -7.69
C ALA T 1 74.16 12.44 -6.56
N GLN T 2 74.38 13.74 -6.39
CA GLN T 2 75.33 14.22 -5.38
C GLN T 2 74.87 15.62 -4.98
N ARG T 3 74.27 15.74 -3.79
CA ARG T 3 73.54 16.94 -3.41
C ARG T 3 74.41 17.99 -2.73
N GLN T 4 75.73 17.90 -2.82
CA GLN T 4 76.55 18.83 -2.07
C GLN T 4 77.93 18.94 -2.70
N PHE T 5 78.53 20.12 -2.60
CA PHE T 5 79.90 20.32 -3.02
C PHE T 5 80.56 21.37 -2.14
N PHE T 6 81.88 21.40 -2.20
CA PHE T 6 82.67 22.40 -1.49
C PHE T 6 83.67 23.01 -2.48
N GLY T 7 84.03 24.26 -2.24
CA GLY T 7 84.88 24.96 -3.17
C GLY T 7 85.72 26.03 -2.51
N LEU T 8 86.64 26.58 -3.30
CA LEU T 8 87.56 27.61 -2.83
C LEU T 8 87.88 28.55 -3.98
N THR T 9 87.77 29.85 -3.72
CA THR T 9 88.03 30.84 -4.75
C THR T 9 89.53 31.03 -4.95
N TYR T 10 89.87 31.84 -5.94
CA TYR T 10 91.27 32.02 -6.31
C TYR T 10 92.01 32.85 -5.28
N ASN T 11 93.32 32.94 -5.49
CA ASN T 11 94.19 33.79 -4.68
C ASN T 11 94.65 34.98 -5.50
N PHE T 12 94.65 36.15 -4.88
CA PHE T 12 95.23 37.33 -5.50
C PHE T 12 96.72 37.31 -5.26
N TYR T 13 97.50 37.39 -6.33
CA TYR T 13 98.96 37.38 -6.21
C TYR T 13 99.43 38.78 -5.81
N GLY T 14 99.15 39.12 -4.55
CA GLY T 14 99.49 40.42 -4.02
C GLY T 14 98.64 41.57 -4.52
N GLN T 15 97.87 41.36 -5.58
CA GLN T 15 97.03 42.41 -6.11
C GLN T 15 95.80 42.59 -5.23
N PRO T 16 95.18 43.78 -5.26
CA PRO T 16 94.05 44.05 -4.37
C PRO T 16 92.68 43.61 -4.87
N ALA T 17 92.56 43.22 -6.14
CA ALA T 17 91.25 42.93 -6.70
C ALA T 17 91.36 41.75 -7.64
N PRO T 18 90.26 41.04 -7.91
CA PRO T 18 90.31 39.94 -8.88
C PRO T 18 90.73 40.45 -10.26
N LEU T 19 91.42 39.58 -10.99
CA LEU T 19 92.20 39.98 -12.16
C LEU T 19 91.45 39.63 -13.44
N PHE T 20 90.60 40.55 -13.88
CA PHE T 20 89.96 40.48 -15.19
C PHE T 20 89.31 41.82 -15.45
N ASP T 21 89.31 42.23 -16.72
CA ASP T 21 88.68 43.49 -17.10
C ASP T 21 87.29 43.22 -17.63
N LEU T 22 86.60 44.30 -17.99
CA LEU T 22 85.24 44.18 -18.51
C LEU T 22 85.23 43.37 -19.80
N ASN T 23 86.19 43.61 -20.68
CA ASN T 23 86.20 42.92 -21.96
C ASN T 23 86.33 41.42 -21.78
N ASP T 24 87.14 40.99 -20.81
CA ASP T 24 87.24 39.57 -20.51
C ASP T 24 85.87 38.98 -20.23
N LEU T 25 85.13 39.60 -19.31
CA LEU T 25 83.77 39.15 -19.03
C LEU T 25 82.90 39.26 -20.27
N GLN T 26 82.98 40.42 -20.95
CA GLN T 26 82.09 40.66 -22.08
C GLN T 26 82.32 39.66 -23.19
N GLU T 27 83.54 39.19 -23.36
CA GLU T 27 83.82 38.21 -24.40
C GLU T 27 83.59 36.78 -23.91
N LEU T 28 84.12 36.44 -22.75
CA LEU T 28 84.12 35.06 -22.29
C LEU T 28 82.82 34.62 -21.66
N ALA T 29 81.99 35.57 -21.21
CA ALA T 29 80.71 35.18 -20.61
C ALA T 29 79.58 36.12 -20.99
N GLY T 30 79.71 36.86 -22.07
CA GLY T 30 78.73 37.87 -22.43
C GLY T 30 77.53 37.31 -23.15
N CYS T 31 76.87 38.18 -23.91
CA CYS T 31 75.74 37.82 -24.76
C CYS T 31 74.54 37.31 -23.97
N TYR T 32 74.51 37.58 -22.66
CA TYR T 32 73.46 37.10 -21.77
C TYR T 32 73.32 35.58 -21.81
N ALA T 33 74.34 34.88 -22.27
CA ALA T 33 74.25 33.44 -22.44
C ALA T 33 74.69 32.72 -21.16
N ARG T 34 74.38 31.44 -21.11
CA ARG T 34 74.81 30.62 -19.98
C ARG T 34 76.30 30.36 -20.08
N PRO T 35 77.09 30.68 -19.05
CA PRO T 35 78.53 30.43 -19.09
C PRO T 35 78.96 29.09 -18.55
N TRP T 36 78.04 28.19 -18.26
CA TRP T 36 78.31 27.06 -17.38
C TRP T 36 78.87 25.83 -18.09
N THR T 37 79.01 25.85 -19.41
CA THR T 37 79.64 24.71 -20.07
C THR T 37 80.51 25.18 -21.23
N SER T 38 81.11 26.36 -21.11
CA SER T 38 81.79 26.99 -22.22
C SER T 38 83.26 26.61 -22.33
N ARG T 39 83.78 25.82 -21.39
CA ARG T 39 85.22 25.66 -21.28
C ARG T 39 85.84 25.10 -22.55
N PHE T 40 85.13 24.23 -23.26
CA PHE T 40 85.66 23.65 -24.48
C PHE T 40 85.25 24.40 -25.74
N SER T 41 84.41 25.42 -25.62
CA SER T 41 83.96 26.15 -26.80
C SER T 41 85.09 26.86 -27.50
N HIS T 42 86.23 27.04 -26.83
CA HIS T 42 87.39 27.72 -27.39
C HIS T 42 88.61 26.82 -27.29
N LEU T 43 88.45 25.55 -27.62
CA LEU T 43 89.54 24.60 -27.68
C LEU T 43 89.38 23.77 -28.95
N ALA T 44 90.49 23.20 -29.40
CA ALA T 44 90.48 22.45 -30.65
C ALA T 44 91.52 21.34 -30.55
N ILE T 45 91.75 20.67 -31.68
CA ILE T 45 92.57 19.46 -31.70
C ILE T 45 94.02 19.77 -31.40
N SER T 46 94.50 20.95 -31.77
CA SER T 46 95.92 21.26 -31.59
C SER T 46 96.09 22.77 -31.55
N THR T 47 97.28 23.18 -31.09
CA THR T 47 97.59 24.60 -30.99
C THR T 47 97.63 25.27 -32.35
N GLY T 48 97.94 24.50 -33.41
CA GLY T 48 98.09 25.10 -34.71
C GLY T 48 96.83 25.79 -35.21
N SER T 49 95.67 25.34 -34.75
CA SER T 49 94.40 25.88 -35.18
C SER T 49 93.84 26.92 -34.21
N LEU T 50 94.61 27.34 -33.22
CA LEU T 50 94.05 28.19 -32.19
C LEU T 50 94.82 29.50 -32.09
N PRO T 51 94.15 30.58 -31.71
CA PRO T 51 94.82 31.87 -31.60
C PRO T 51 95.49 32.07 -30.26
N VAL T 52 96.25 31.05 -29.81
CA VAL T 52 96.88 31.13 -28.50
C VAL T 52 98.27 31.72 -28.54
N TRP T 53 98.72 32.18 -29.70
CA TRP T 53 100.12 32.55 -29.87
C TRP T 53 100.38 34.05 -29.74
N SER T 54 99.35 34.87 -29.55
CA SER T 54 99.57 36.30 -29.50
C SER T 54 98.35 37.00 -28.91
N ALA T 55 98.47 38.31 -28.74
CA ALA T 55 97.39 39.17 -28.28
C ALA T 55 96.83 38.71 -26.94
N ARG T 56 95.61 39.12 -26.63
CA ARG T 56 94.97 38.66 -25.40
C ARG T 56 94.79 37.16 -25.44
N TYR T 57 94.73 36.56 -24.26
CA TYR T 57 94.68 35.12 -24.09
C TYR T 57 95.78 34.40 -24.89
N PRO T 58 97.04 34.78 -24.68
CA PRO T 58 98.14 34.19 -25.46
C PRO T 58 98.72 32.93 -24.83
N SER T 59 97.84 32.00 -24.46
CA SER T 59 98.28 30.72 -23.92
C SER T 59 97.10 29.77 -23.95
N VAL T 60 97.41 28.48 -23.92
CA VAL T 60 96.36 27.46 -23.98
C VAL T 60 95.45 27.58 -22.76
N ALA T 61 96.05 27.71 -21.58
CA ALA T 61 95.26 27.76 -20.36
C ALA T 61 94.66 29.12 -20.08
N SER T 62 95.05 30.14 -20.85
CA SER T 62 94.73 31.52 -20.48
C SER T 62 93.24 31.72 -20.27
N ARG T 63 92.42 31.26 -21.21
CA ARG T 63 90.98 31.51 -21.11
C ARG T 63 90.40 30.88 -19.86
N ASN T 64 90.69 29.60 -19.63
CA ASN T 64 90.13 28.93 -18.46
C ASN T 64 90.62 29.55 -17.17
N ILE T 65 91.86 30.04 -17.15
CA ILE T 65 92.35 30.75 -15.97
C ILE T 65 91.48 31.97 -15.70
N ILE T 66 91.25 32.78 -16.73
CA ILE T 66 90.47 33.99 -16.56
C ILE T 66 89.05 33.65 -16.13
N VAL T 67 88.50 32.57 -16.68
CA VAL T 67 87.17 32.13 -16.27
C VAL T 67 87.15 31.89 -14.76
N ASN T 68 88.16 31.19 -14.25
CA ASN T 68 88.21 30.89 -12.83
C ASN T 68 88.24 32.16 -12.00
N THR T 69 89.09 33.11 -12.40
CA THR T 69 89.14 34.37 -11.69
C THR T 69 87.80 35.10 -11.76
N LEU T 70 87.17 35.04 -12.93
CA LEU T 70 85.88 35.68 -13.09
C LEU T 70 84.85 35.13 -12.11
N LEU T 71 84.79 33.80 -11.99
CA LEU T 71 83.83 33.20 -11.08
C LEU T 71 84.10 33.60 -9.64
N GLY T 72 85.37 33.85 -9.30
CA GLY T 72 85.70 34.22 -7.94
C GLY T 72 84.99 35.47 -7.46
N ALA T 73 84.51 36.30 -8.38
CA ALA T 73 83.85 37.53 -8.01
C ALA T 73 82.33 37.39 -7.92
N HIS T 74 81.77 36.22 -8.21
CA HIS T 74 80.33 36.11 -8.29
C HIS T 74 79.78 34.87 -7.59
N LEU T 75 80.61 34.11 -6.88
CA LEU T 75 80.16 32.92 -6.19
C LEU T 75 79.77 33.20 -4.74
N ASN T 76 79.47 34.45 -4.41
CA ASN T 76 79.13 34.79 -3.04
C ASN T 76 77.99 33.96 -2.44
N PRO T 77 76.92 33.64 -3.17
CA PRO T 77 75.82 32.88 -2.53
C PRO T 77 76.29 31.62 -1.84
N PHE T 78 77.29 30.93 -2.37
CA PHE T 78 77.82 29.77 -1.68
C PHE T 78 78.78 30.13 -0.57
N ALA T 79 78.99 31.41 -0.33
CA ALA T 79 79.82 31.88 0.77
C ALA T 79 79.02 32.65 1.82
N GLY T 80 78.10 33.50 1.40
CA GLY T 80 77.33 34.31 2.34
C GLY T 80 75.85 34.14 2.16
N GLY T 81 75.45 33.28 1.24
CA GLY T 81 74.04 33.00 1.03
C GLY T 81 73.28 34.08 0.30
N GLN T 82 73.95 35.06 -0.29
CA GLN T 82 73.26 36.14 -0.98
C GLN T 82 73.92 36.43 -2.30
N VAL T 83 73.10 36.73 -3.31
CA VAL T 83 73.60 37.24 -4.57
C VAL T 83 74.08 38.68 -4.38
N THR T 84 75.18 39.03 -5.03
CA THR T 84 75.74 40.37 -4.92
C THR T 84 76.09 40.87 -6.31
N SER T 85 76.56 42.10 -6.36
CA SER T 85 77.02 42.71 -7.60
C SER T 85 78.48 43.10 -7.45
N HIS T 86 79.19 43.10 -8.57
CA HIS T 86 80.59 43.52 -8.60
C HIS T 86 80.81 44.35 -9.84
N GLN T 87 81.20 45.61 -9.66
CA GLN T 87 81.42 46.52 -10.76
C GLN T 87 80.21 46.58 -11.68
N GLY T 88 79.03 46.63 -11.07
CA GLY T 88 77.80 46.87 -11.80
C GLY T 88 77.21 45.69 -12.52
N ILE T 89 77.68 44.48 -12.25
CA ILE T 89 77.20 43.29 -12.94
C ILE T 89 76.84 42.23 -11.91
N THR T 90 75.76 41.50 -12.19
CA THR T 90 75.27 40.50 -11.25
C THR T 90 74.45 39.47 -12.02
N TRP T 91 74.07 38.41 -11.31
CA TRP T 91 73.22 37.39 -11.90
C TRP T 91 71.83 37.93 -12.17
N ARG T 92 71.17 37.38 -13.18
CA ARG T 92 69.84 37.84 -13.55
C ARG T 92 68.74 37.28 -12.66
N ASP T 93 68.99 36.19 -11.96
CA ASP T 93 67.93 35.47 -11.28
C ASP T 93 68.53 34.64 -10.16
N PRO T 94 67.71 34.21 -9.18
CA PRO T 94 68.25 33.35 -8.12
C PRO T 94 68.82 32.05 -8.63
N VAL T 95 68.41 31.60 -9.82
CA VAL T 95 68.95 30.38 -10.40
C VAL T 95 70.35 30.56 -10.96
N LEU T 96 70.85 31.79 -11.00
CA LEU T 96 72.19 32.08 -11.50
C LEU T 96 72.35 31.62 -12.94
N SER T 97 71.33 31.91 -13.76
CA SER T 97 71.36 31.44 -15.15
C SER T 97 72.41 32.20 -15.96
N SER T 98 72.51 33.51 -15.77
CA SER T 98 73.40 34.32 -16.59
C SER T 98 73.63 35.66 -15.89
N LEU T 99 74.57 36.42 -16.44
CA LEU T 99 74.95 37.70 -15.88
C LEU T 99 74.31 38.84 -16.66
N ALA T 100 74.29 40.01 -16.05
CA ALA T 100 73.72 41.20 -16.64
C ALA T 100 74.10 42.40 -15.79
N PRO T 101 74.05 43.61 -16.34
CA PRO T 101 74.22 44.80 -15.51
C PRO T 101 73.08 44.94 -14.52
N VAL T 102 73.39 45.57 -13.39
CA VAL T 102 72.45 45.66 -12.27
C VAL T 102 71.25 46.51 -12.67
N PRO T 103 70.06 46.20 -12.16
CA PRO T 103 68.91 47.08 -12.40
C PRO T 103 69.05 48.37 -11.62
N ALA T 104 68.34 49.40 -12.10
CA ALA T 104 68.44 50.72 -11.52
C ALA T 104 67.53 50.92 -10.32
N ILE T 105 66.52 50.07 -10.14
CA ILE T 105 65.51 50.33 -9.12
C ILE T 105 65.88 49.69 -7.80
N GLN T 106 66.24 48.41 -7.80
CA GLN T 106 66.58 47.69 -6.57
C GLN T 106 67.86 46.92 -6.77
N PRO T 107 69.01 47.61 -6.74
CA PRO T 107 70.28 46.91 -6.93
C PRO T 107 70.56 45.96 -5.79
N PRO T 108 71.22 44.84 -6.05
CA PRO T 108 71.64 43.96 -4.98
C PRO T 108 72.82 44.56 -4.24
N PRO T 109 73.13 44.07 -3.03
CA PRO T 109 74.28 44.61 -2.30
C PRO T 109 75.58 44.38 -3.05
N VAL T 110 76.48 45.32 -2.91
CA VAL T 110 77.79 45.25 -3.57
C VAL T 110 78.66 44.25 -2.85
N TRP T 111 79.33 43.39 -3.61
CA TRP T 111 80.19 42.38 -3.03
C TRP T 111 81.43 43.00 -2.42
N ALA T 112 81.75 42.60 -1.20
CA ALA T 112 83.01 42.99 -0.57
C ALA T 112 84.10 42.03 -1.04
N VAL T 113 85.18 42.59 -1.59
CA VAL T 113 86.19 41.76 -2.24
C VAL T 113 86.98 40.97 -1.21
N ALA T 114 87.33 39.75 -1.57
CA ALA T 114 88.15 38.88 -0.74
C ALA T 114 88.71 37.78 -1.63
N GLU T 115 89.65 37.01 -1.08
CA GLU T 115 90.31 35.96 -1.84
C GLU T 115 90.33 34.67 -1.04
N ASN T 116 90.43 33.56 -1.77
CA ASN T 116 90.51 32.23 -1.18
C ASN T 116 89.33 31.98 -0.25
N VAL T 117 88.14 32.28 -0.74
CA VAL T 117 86.92 32.13 0.05
C VAL T 117 86.45 30.69 -0.02
N PRO T 118 86.32 30.02 1.13
CA PRO T 118 85.73 28.67 1.11
C PRO T 118 84.26 28.73 0.77
N LEU T 119 83.78 27.68 0.12
CA LEU T 119 82.42 27.65 -0.40
C LEU T 119 81.71 26.37 0.01
N ASP T 120 80.45 26.52 0.42
CA ASP T 120 79.59 25.40 0.78
C ASP T 120 78.30 25.50 -0.01
N SER T 121 77.83 24.34 -0.50
CA SER T 121 76.53 24.31 -1.16
C SER T 121 75.40 24.61 -0.18
N ASN T 122 75.55 24.18 1.07
CA ASN T 122 74.48 24.32 2.04
C ASN T 122 74.16 25.78 2.37
N ASN T 123 75.08 26.70 2.06
CA ASN T 123 74.83 28.10 2.34
C ASN T 123 73.76 28.71 1.46
N TYR T 124 73.34 28.02 0.40
CA TYR T 124 72.39 28.56 -0.57
C TYR T 124 71.32 27.52 -0.83
N PRO T 125 70.30 27.46 0.02
CA PRO T 125 69.34 26.34 -0.06
C PRO T 125 68.65 26.22 -1.40
N THR T 126 68.43 27.32 -2.09
CA THR T 126 67.69 27.24 -3.36
C THR T 126 68.42 26.36 -4.37
N TYR T 127 69.73 26.20 -4.23
CA TYR T 127 70.47 25.38 -5.16
C TYR T 127 69.97 23.94 -5.13
N VAL T 128 69.93 23.34 -3.94
CA VAL T 128 69.48 21.95 -3.84
C VAL T 128 68.04 21.83 -4.30
N LEU T 129 67.21 22.80 -3.91
CA LEU T 129 65.81 22.77 -4.31
C LEU T 129 65.65 22.86 -5.82
N ASN T 130 66.65 23.37 -6.52
CA ASN T 130 66.63 23.43 -7.98
C ASN T 130 67.80 22.68 -8.57
N LEU T 131 68.20 21.60 -7.91
CA LEU T 131 69.38 20.85 -8.32
C LEU T 131 69.28 20.42 -9.77
N SER T 132 68.09 20.05 -10.22
CA SER T 132 67.92 19.51 -11.56
C SER T 132 68.36 20.49 -12.63
N SER T 133 68.24 21.79 -12.38
CA SER T 133 68.60 22.79 -13.36
C SER T 133 69.92 23.48 -13.07
N MET T 134 70.30 23.59 -11.80
CA MET T 134 71.55 24.24 -11.43
C MET T 134 72.70 23.26 -11.36
N TRP T 135 72.49 22.01 -11.78
CA TRP T 135 73.55 21.01 -11.75
C TRP T 135 74.85 21.44 -12.43
N PRO T 136 74.85 22.12 -13.58
CA PRO T 136 76.12 22.45 -14.21
C PRO T 136 77.05 23.27 -13.33
N ILE T 137 76.51 24.04 -12.39
CA ILE T 137 77.35 24.83 -11.52
C ILE T 137 78.32 23.91 -10.77
N ASN T 138 77.84 22.74 -10.37
CA ASN T 138 78.64 21.82 -9.59
C ASN T 138 79.98 21.53 -10.26
N GLN T 139 79.94 21.20 -11.55
CA GLN T 139 81.16 20.82 -12.24
C GLN T 139 82.16 21.97 -12.28
N ASP T 140 81.71 23.14 -12.73
CA ASP T 140 82.65 24.25 -12.92
C ASP T 140 83.25 24.70 -11.60
N VAL T 141 82.44 24.80 -10.55
CA VAL T 141 82.96 25.19 -9.25
C VAL T 141 84.04 24.21 -8.81
N HIS T 142 83.78 22.92 -9.00
CA HIS T 142 84.78 21.92 -8.68
C HIS T 142 86.06 22.17 -9.47
N ILE T 143 85.92 22.41 -10.77
CA ILE T 143 87.09 22.64 -11.61
C ILE T 143 87.84 23.87 -11.12
N MET T 144 87.12 24.95 -10.85
CA MET T 144 87.78 26.16 -10.38
C MET T 144 88.56 25.89 -9.12
N THR T 145 87.96 25.14 -8.19
CA THR T 145 88.65 24.82 -6.94
C THR T 145 89.89 23.99 -7.20
N MET T 146 89.78 22.97 -8.06
CA MET T 146 90.91 22.10 -8.30
C MET T 146 92.10 22.86 -8.87
N TRP T 147 91.84 23.94 -9.60
CA TRP T 147 92.94 24.76 -10.09
C TRP T 147 93.41 25.74 -9.02
N ALA T 148 92.48 26.36 -8.32
CA ALA T 148 92.84 27.38 -7.33
C ALA T 148 93.73 26.82 -6.25
N LEU T 149 93.61 25.53 -5.95
CA LEU T 149 94.33 24.95 -4.83
C LEU T 149 95.83 24.88 -5.06
N SER T 150 96.31 25.08 -6.29
CA SER T 150 97.70 24.84 -6.58
C SER T 150 98.28 25.95 -7.45
N ASP T 151 99.51 26.33 -7.16
CA ASP T 151 100.32 27.03 -8.12
C ASP T 151 100.83 26.03 -9.15
N GLN T 152 101.34 26.56 -10.27
CA GLN T 152 101.75 25.75 -11.43
C GLN T 152 100.52 24.94 -11.86
N GLY T 153 100.67 23.65 -12.15
CA GLY T 153 99.60 22.89 -12.74
C GLY T 153 98.45 22.62 -11.79
N PRO T 154 97.26 22.43 -12.35
CA PRO T 154 96.10 22.08 -11.53
C PRO T 154 96.22 20.68 -10.98
N ILE T 155 95.42 20.42 -9.96
CA ILE T 155 95.42 19.14 -9.25
C ILE T 155 94.32 18.26 -9.81
N TYR T 156 94.57 16.96 -9.90
CA TYR T 156 93.57 16.00 -10.30
C TYR T 156 93.88 14.67 -9.64
N HIS T 157 92.93 13.75 -9.72
CA HIS T 157 92.97 12.52 -8.95
C HIS T 157 93.01 11.30 -9.86
N LEU T 158 93.73 10.28 -9.42
CA LEU T 158 93.87 9.02 -10.14
C LEU T 158 93.50 7.87 -9.23
N GLU T 159 93.03 6.78 -9.82
CA GLU T 159 92.75 5.57 -9.07
C GLU T 159 92.59 4.39 -10.01
N VAL T 160 92.93 3.21 -9.52
CA VAL T 160 92.74 1.98 -10.28
C VAL T 160 92.19 0.90 -9.34
N PRO T 161 91.10 0.24 -9.68
CA PRO T 161 90.56 -0.80 -8.82
C PRO T 161 91.30 -2.12 -9.03
N VAL T 162 91.04 -3.06 -8.12
CA VAL T 162 91.63 -4.39 -8.21
C VAL T 162 90.91 -5.26 -9.23
N ASP T 163 89.72 -4.87 -9.65
CA ASP T 163 88.91 -5.64 -10.58
C ASP T 163 89.31 -5.36 -12.02
N PRO T 164 88.97 -6.24 -12.94
CA PRO T 164 89.14 -5.94 -14.37
C PRO T 164 88.07 -4.97 -14.84
N MET T 165 88.27 -4.48 -16.06
CA MET T 165 87.30 -3.55 -16.63
C MET T 165 85.96 -4.23 -16.85
N PRO T 166 84.86 -3.54 -16.63
CA PRO T 166 83.56 -4.09 -17.02
C PRO T 166 83.39 -4.06 -18.53
N ALA T 167 82.50 -4.92 -19.00
CA ALA T 167 82.31 -5.06 -20.44
C ALA T 167 81.83 -3.76 -21.06
N ALA T 168 80.94 -3.05 -20.38
CA ALA T 168 80.37 -1.83 -20.94
C ALA T 168 81.46 -0.82 -21.28
N THR T 169 82.38 -0.60 -20.35
CA THR T 169 83.49 0.31 -20.63
C THR T 169 84.32 -0.18 -21.80
N THR T 170 84.54 -1.50 -21.87
CA THR T 170 85.32 -2.05 -22.97
C THR T 170 84.71 -1.71 -24.30
N ALA T 171 83.40 -1.93 -24.44
CA ALA T 171 82.73 -1.62 -25.70
C ALA T 171 82.82 -0.13 -25.99
N ALA T 172 82.62 0.70 -24.98
CA ALA T 172 82.68 2.15 -25.20
C ALA T 172 84.06 2.56 -25.68
N LEU T 173 85.11 2.08 -25.02
CA LEU T 173 86.46 2.46 -25.41
C LEU T 173 86.79 1.96 -26.81
N MET T 174 86.24 0.80 -27.19
CA MET T 174 86.48 0.28 -28.52
C MET T 174 85.90 1.17 -29.61
N ALA T 175 85.05 2.13 -29.25
CA ALA T 175 84.52 3.08 -30.22
C ALA T 175 85.26 4.41 -30.22
N TYR T 176 86.14 4.65 -29.26
CA TYR T 176 86.91 5.89 -29.20
C TYR T 176 88.35 5.69 -29.62
N ILE T 177 88.62 4.74 -30.50
CA ILE T 177 90.00 4.32 -30.75
C ILE T 177 90.82 5.46 -31.31
N GLY T 178 90.46 5.91 -32.51
CA GLY T 178 91.32 6.86 -33.19
C GLY T 178 91.19 8.30 -32.75
N VAL T 179 90.44 8.55 -31.68
CA VAL T 179 90.12 9.91 -31.25
C VAL T 179 91.32 10.54 -30.53
N PRO T 180 91.65 11.79 -30.81
CA PRO T 180 92.67 12.48 -30.02
C PRO T 180 92.17 12.84 -28.64
N ILE T 181 93.13 13.12 -27.76
CA ILE T 181 92.81 13.35 -26.35
C ILE T 181 91.84 14.52 -26.20
N ALA T 182 92.02 15.56 -27.00
CA ALA T 182 91.21 16.77 -26.85
C ALA T 182 89.74 16.46 -26.99
N HIS T 183 89.37 15.73 -28.04
CA HIS T 183 87.96 15.40 -28.25
C HIS T 183 87.43 14.55 -27.10
N LEU T 184 88.23 13.60 -26.63
CA LEU T 184 87.78 12.77 -25.51
C LEU T 184 87.50 13.62 -24.29
N ALA T 185 88.41 14.54 -23.97
CA ALA T 185 88.21 15.40 -22.80
C ALA T 185 86.92 16.18 -22.92
N GLN T 186 86.57 16.60 -24.13
CA GLN T 186 85.31 17.32 -24.31
C GLN T 186 84.13 16.48 -23.86
N THR T 187 84.05 15.25 -24.35
CA THR T 187 82.91 14.40 -24.03
C THR T 187 82.78 14.20 -22.52
N ALA T 188 83.90 13.95 -21.85
CA ALA T 188 83.87 13.81 -20.40
C ALA T 188 83.32 15.09 -19.76
N TYR T 189 83.81 16.24 -20.20
CA TYR T 189 83.28 17.50 -19.70
C TYR T 189 81.81 17.65 -20.05
N ARG T 190 81.45 17.31 -21.29
CA ARG T 190 80.06 17.41 -21.70
C ARG T 190 79.17 16.50 -20.88
N PHE T 191 79.63 15.28 -20.63
CA PHE T 191 78.79 14.31 -19.94
C PHE T 191 78.41 14.80 -18.55
N ALA T 192 79.40 15.01 -17.69
CA ALA T 192 79.12 15.36 -16.31
C ALA T 192 78.52 16.75 -16.17
N GLY T 193 78.52 17.55 -17.22
CA GLY T 193 78.16 18.94 -17.08
C GLY T 193 76.67 19.25 -17.06
N GLN T 194 75.89 18.57 -17.89
CA GLN T 194 74.58 19.10 -18.25
C GLN T 194 73.40 18.53 -17.49
N LEU T 195 73.58 17.45 -16.73
CA LEU T 195 72.46 16.91 -15.97
C LEU T 195 72.98 16.00 -14.88
N PRO T 196 72.30 15.92 -13.74
CA PRO T 196 72.82 15.11 -12.63
C PRO T 196 72.96 13.64 -13.01
N GLN T 197 73.99 13.01 -12.46
CA GLN T 197 74.25 11.60 -12.71
C GLN T 197 74.69 10.91 -11.43
N SER T 198 74.44 9.65 -11.37
CA SER T 198 74.93 8.94 -10.19
C SER T 198 76.36 8.47 -10.43
N PRO T 199 77.17 8.39 -9.37
CA PRO T 199 78.52 7.85 -9.54
C PRO T 199 78.53 6.41 -10.01
N ASP T 200 77.48 5.66 -9.74
CA ASP T 200 77.38 4.28 -10.22
C ASP T 200 76.83 4.22 -11.63
N SER T 201 77.46 4.95 -12.54
CA SER T 201 77.04 4.99 -13.92
C SER T 201 78.20 4.56 -14.81
N THR T 202 77.87 3.98 -15.96
CA THR T 202 78.87 3.37 -16.82
C THR T 202 79.91 4.38 -17.27
N MET T 203 79.48 5.58 -17.66
CA MET T 203 80.41 6.59 -18.12
C MET T 203 81.40 6.96 -17.04
N VAL T 204 80.94 7.08 -15.80
CA VAL T 204 81.83 7.47 -14.71
C VAL T 204 82.99 6.51 -14.60
N SER T 205 82.69 5.21 -14.60
CA SER T 205 83.75 4.21 -14.58
C SER T 205 84.61 4.32 -15.82
N THR T 206 83.99 4.59 -16.97
CA THR T 206 84.75 4.69 -18.21
C THR T 206 85.81 5.76 -18.13
N ILE T 207 85.41 6.97 -17.76
CA ILE T 207 86.36 8.08 -17.71
C ILE T 207 87.43 7.81 -16.66
N ARG T 208 87.04 7.19 -15.54
CA ARG T 208 88.01 6.83 -14.52
C ARG T 208 89.12 5.99 -15.11
N TRP T 209 88.77 5.02 -15.95
CA TRP T 209 89.78 4.20 -16.59
C TRP T 209 90.66 5.03 -17.51
N LEU T 210 90.06 5.94 -18.28
CA LEU T 210 90.83 6.73 -19.23
C LEU T 210 91.92 7.51 -18.52
N SER T 211 91.57 8.21 -17.44
CA SER T 211 92.57 8.96 -16.70
C SER T 211 93.69 8.05 -16.25
N ALA T 212 93.35 6.85 -15.78
CA ALA T 212 94.38 5.90 -15.39
C ALA T 212 95.26 5.53 -16.57
N ILE T 213 94.65 5.16 -17.69
CA ILE T 213 95.42 4.74 -18.85
C ILE T 213 96.30 5.87 -19.35
N TRP T 214 95.75 7.08 -19.40
CA TRP T 214 96.52 8.23 -19.86
C TRP T 214 97.79 8.39 -19.04
N PHE T 215 97.67 8.37 -17.72
CA PHE T 215 98.85 8.52 -16.88
C PHE T 215 99.81 7.36 -17.08
N GLY T 216 99.29 6.14 -17.13
CA GLY T 216 100.16 4.99 -17.29
C GLY T 216 100.98 5.05 -18.57
N SER T 217 100.35 5.45 -19.66
CA SER T 217 101.09 5.65 -20.90
C SER T 217 101.98 6.88 -20.82
N LEU T 218 101.54 7.92 -20.12
CA LEU T 218 102.36 9.12 -19.99
C LEU T 218 103.69 8.78 -19.33
N THR T 219 103.66 7.97 -18.27
CA THR T 219 104.89 7.51 -17.64
C THR T 219 105.63 6.49 -18.49
N GLY T 220 105.03 6.01 -19.57
CA GLY T 220 105.68 5.04 -20.41
C GLY T 220 105.57 3.61 -19.95
N ARG T 221 104.92 3.36 -18.82
CA ARG T 221 104.71 1.98 -18.39
C ARG T 221 103.77 1.25 -19.36
N LEU T 222 102.76 1.94 -19.87
CA LEU T 222 101.82 1.36 -20.82
C LEU T 222 102.30 1.68 -22.23
N ASN T 223 102.59 0.64 -23.01
CA ASN T 223 103.15 0.81 -24.35
C ASN T 223 102.56 -0.25 -25.26
N ARG T 224 103.05 -0.27 -26.50
CA ARG T 224 102.68 -1.35 -27.41
C ARG T 224 103.08 -2.70 -26.86
N SER T 225 104.16 -2.74 -26.07
CA SER T 225 104.59 -3.99 -25.46
C SER T 225 103.67 -4.41 -24.32
N ARG T 226 103.19 -3.44 -23.54
CA ARG T 226 102.46 -3.73 -22.31
C ARG T 226 101.27 -2.79 -22.24
N THR T 227 100.08 -3.35 -22.17
CA THR T 227 98.87 -2.55 -22.30
C THR T 227 97.84 -2.92 -21.25
N CYS T 228 96.95 -1.99 -20.96
CA CYS T 228 95.86 -2.20 -20.02
C CYS T 228 94.68 -2.76 -20.79
N ASN T 229 94.45 -4.06 -20.65
CA ASN T 229 93.33 -4.75 -21.30
C ASN T 229 93.33 -4.53 -22.81
N GLY T 230 94.48 -4.20 -23.38
CA GLY T 230 94.59 -3.97 -24.80
C GLY T 230 94.66 -2.51 -25.22
N PHE T 231 94.39 -1.58 -24.30
CA PHE T 231 94.40 -0.17 -24.63
C PHE T 231 95.68 0.50 -24.15
N TYR T 232 95.99 1.63 -24.78
CA TYR T 232 97.11 2.48 -24.40
C TYR T 232 97.07 3.72 -25.28
N PHE T 233 97.76 4.76 -24.83
CA PHE T 233 97.84 6.00 -25.57
C PHE T 233 99.12 6.07 -26.38
N GLU T 234 99.06 6.76 -27.51
CA GLU T 234 100.21 6.97 -28.37
C GLU T 234 100.51 8.45 -28.46
N PHE T 235 101.77 8.82 -28.26
CA PHE T 235 102.19 10.20 -28.29
C PHE T 235 102.89 10.54 -29.60
N ALA T 236 102.72 11.77 -30.05
CA ALA T 236 103.31 12.21 -31.30
C ALA T 236 104.82 12.33 -31.17
N LYS T 237 105.47 12.45 -32.32
CA LYS T 237 106.93 12.55 -32.34
C LYS T 237 107.37 13.87 -31.72
N PRO T 238 108.36 13.86 -30.83
CA PRO T 238 108.90 15.13 -30.33
C PRO T 238 109.56 15.95 -31.41
N ALA T 239 110.01 15.32 -32.49
CA ALA T 239 110.67 16.05 -33.55
C ALA T 239 109.75 17.05 -34.23
N LEU T 240 108.43 16.84 -34.18
CA LEU T 240 107.50 17.76 -34.82
C LEU T 240 106.62 18.49 -33.81
N ASN T 241 105.84 17.77 -33.03
CA ASN T 241 104.98 18.37 -32.02
C ASN T 241 104.49 17.32 -31.03
N PRO T 242 105.24 17.06 -29.96
CA PRO T 242 104.82 16.01 -29.03
C PRO T 242 103.52 16.29 -28.31
N ASP T 243 102.99 17.51 -28.39
CA ASP T 243 101.79 17.88 -27.65
C ASP T 243 100.54 17.31 -28.32
N GLN T 244 100.48 15.98 -28.40
CA GLN T 244 99.36 15.30 -29.00
C GLN T 244 99.38 13.84 -28.61
N ALA T 245 98.20 13.29 -28.31
CA ALA T 245 98.09 11.88 -27.95
C ALA T 245 96.75 11.35 -28.43
N VAL T 246 96.75 10.08 -28.84
CA VAL T 246 95.54 9.41 -29.30
C VAL T 246 95.46 8.04 -28.66
N LEU T 247 94.25 7.49 -28.65
CA LEU T 247 93.98 6.19 -28.06
C LEU T 247 94.34 5.09 -29.05
N LYS T 248 94.72 3.93 -28.51
CA LYS T 248 95.09 2.80 -29.35
C LYS T 248 94.67 1.51 -28.68
N TRP T 249 94.48 0.47 -29.50
CA TRP T 249 94.19 -0.87 -29.01
C TRP T 249 95.05 -1.86 -29.78
N ASN T 250 95.52 -2.90 -29.10
CA ASN T 250 96.66 -3.66 -29.61
C ASN T 250 96.65 -5.06 -29.04
N ASP T 251 97.48 -5.92 -29.64
CA ASP T 251 97.65 -7.31 -29.24
C ASP T 251 98.67 -7.48 -28.12
N GLY T 252 99.25 -6.41 -27.60
CA GLY T 252 100.33 -6.54 -26.65
C GLY T 252 99.91 -7.23 -25.37
N ALA T 253 100.92 -7.66 -24.62
CA ALA T 253 100.67 -8.32 -23.35
C ALA T 253 99.88 -7.40 -22.42
N ARG T 254 98.95 -7.98 -21.67
CA ARG T 254 98.09 -7.21 -20.80
C ARG T 254 98.65 -7.20 -19.39
N ALA T 255 98.74 -6.01 -18.80
CA ALA T 255 99.27 -5.89 -17.46
C ALA T 255 98.32 -6.50 -16.43
N ALA T 256 98.89 -7.08 -15.39
CA ALA T 256 98.10 -7.64 -14.32
C ALA T 256 97.56 -6.54 -13.41
N PRO T 257 96.41 -6.76 -12.79
CA PRO T 257 95.87 -5.77 -11.85
C PRO T 257 96.76 -5.65 -10.63
N PRO T 258 96.73 -4.51 -9.94
CA PRO T 258 97.61 -4.33 -8.78
C PRO T 258 97.18 -5.21 -7.63
N ALA T 259 98.13 -5.44 -6.72
CA ALA T 259 97.84 -6.24 -5.53
C ALA T 259 96.75 -5.62 -4.69
N ALA T 260 96.69 -4.28 -4.64
CA ALA T 260 95.64 -3.59 -3.92
C ALA T 260 95.31 -2.31 -4.67
N ALA T 261 94.12 -1.79 -4.40
CA ALA T 261 93.65 -0.59 -5.08
C ALA T 261 94.64 0.55 -4.90
N GLN T 262 94.93 1.25 -5.98
CA GLN T 262 95.86 2.35 -5.99
C GLN T 262 95.13 3.65 -6.32
N SER T 263 95.59 4.74 -5.71
CA SER T 263 94.99 6.05 -5.96
C SER T 263 95.94 7.12 -5.44
N SER T 264 95.84 8.31 -6.05
CA SER T 264 96.63 9.45 -5.61
C SER T 264 96.13 10.69 -6.32
N TYR T 265 96.60 11.83 -5.85
CA TYR T 265 96.39 13.11 -6.51
C TYR T 265 97.65 13.52 -7.27
N MET T 266 97.45 14.30 -8.33
CA MET T 266 98.52 14.63 -9.25
C MET T 266 98.44 16.10 -9.64
N ARG T 267 99.59 16.63 -10.05
CA ARG T 267 99.65 17.96 -10.65
C ARG T 267 101.01 18.10 -11.34
N CYS T 268 101.08 19.04 -12.28
CA CYS T 268 102.33 19.35 -12.95
C CYS T 268 103.08 20.42 -12.16
N ILE T 269 104.33 20.13 -11.83
CA ILE T 269 105.11 21.01 -10.97
C ILE T 269 105.75 22.18 -11.71
N SER T 270 105.73 22.17 -13.03
CA SER T 270 106.46 23.15 -13.79
C SER T 270 105.52 23.99 -14.66
N PRO T 271 105.89 25.23 -14.98
CA PRO T 271 104.97 26.10 -15.71
C PRO T 271 104.60 25.64 -17.11
N HIS T 272 105.24 24.60 -17.65
CA HIS T 272 104.97 24.20 -19.02
C HIS T 272 103.51 23.90 -19.25
N TRP T 273 102.80 23.48 -18.20
CA TRP T 273 101.41 23.07 -18.35
C TRP T 273 100.56 24.17 -18.95
N GLN T 274 100.92 25.43 -18.71
CA GLN T 274 100.07 26.53 -19.16
C GLN T 274 99.91 26.58 -20.66
N HIS T 275 100.80 25.95 -21.41
CA HIS T 275 100.78 26.02 -22.86
C HIS T 275 101.02 24.65 -23.47
N GLN T 276 100.35 23.64 -22.92
CA GLN T 276 100.55 22.26 -23.37
C GLN T 276 99.22 21.54 -23.27
N ILE T 277 98.61 21.26 -24.42
CA ILE T 277 97.19 20.89 -24.44
C ILE T 277 96.97 19.55 -23.75
N VAL T 278 97.92 18.63 -23.86
CA VAL T 278 97.72 17.31 -23.26
C VAL T 278 97.58 17.44 -21.75
N GLU T 279 98.33 18.37 -21.15
CA GLU T 279 98.19 18.59 -19.72
C GLU T 279 96.81 19.12 -19.39
N VAL T 280 96.34 20.11 -20.16
CA VAL T 280 95.05 20.72 -19.87
C VAL T 280 93.93 19.69 -20.04
N ALA T 281 93.96 18.97 -21.15
CA ALA T 281 92.90 17.99 -21.41
C ALA T 281 92.91 16.91 -20.36
N GLY T 282 94.09 16.39 -20.03
CA GLY T 282 94.17 15.33 -19.03
C GLY T 282 93.63 15.76 -17.69
N ALA T 283 93.99 16.97 -17.26
CA ALA T 283 93.50 17.47 -15.98
C ALA T 283 92.00 17.63 -16.00
N LEU T 284 91.47 18.28 -17.05
CA LEU T 284 90.03 18.50 -17.12
C LEU T 284 89.28 17.18 -17.13
N MET T 285 89.73 16.24 -17.95
CA MET T 285 89.08 14.93 -18.01
C MET T 285 89.06 14.28 -16.63
N SER T 286 90.21 14.24 -15.96
CA SER T 286 90.27 13.63 -14.64
C SER T 286 89.40 14.38 -13.65
N GLN T 287 89.45 15.71 -13.69
CA GLN T 287 88.65 16.49 -12.75
C GLN T 287 87.16 16.25 -12.94
N SER T 288 86.75 15.87 -14.15
CA SER T 288 85.34 15.62 -14.40
C SER T 288 84.83 14.49 -13.52
N VAL T 289 85.63 13.43 -13.37
CA VAL T 289 85.20 12.29 -12.56
C VAL T 289 84.95 12.72 -11.12
N THR T 290 85.92 13.41 -10.53
CA THR T 290 85.74 13.85 -9.15
C THR T 290 84.57 14.81 -9.03
N ALA T 291 84.26 15.54 -10.10
CA ALA T 291 83.15 16.47 -10.05
C ALA T 291 81.83 15.75 -9.79
N VAL T 292 81.63 14.60 -10.44
CA VAL T 292 80.36 13.90 -10.26
C VAL T 292 80.39 13.01 -9.02
N THR T 293 81.57 12.53 -8.62
CA THR T 293 81.65 11.61 -7.50
C THR T 293 82.16 12.25 -6.22
N GLY T 294 82.60 13.51 -6.27
CA GLY T 294 83.15 14.15 -5.10
C GLY T 294 84.55 13.70 -4.80
N LEU T 295 85.17 14.37 -3.85
CA LEU T 295 86.54 14.05 -3.47
C LEU T 295 86.56 12.77 -2.64
N PRO T 296 87.30 11.74 -3.05
CA PRO T 296 87.38 10.54 -2.22
C PRO T 296 87.97 10.78 -0.85
N ALA T 297 88.92 11.71 -0.72
CA ALA T 297 89.54 11.94 0.57
C ALA T 297 90.21 13.31 0.54
N LEU T 298 90.58 13.78 1.72
CA LEU T 298 91.29 15.05 1.84
C LEU T 298 92.66 14.96 1.20
N ILE T 299 93.08 16.05 0.59
CA ILE T 299 94.38 16.11 -0.07
C ILE T 299 95.45 16.48 0.94
N ASP T 300 96.64 15.92 0.76
CA ASP T 300 97.74 16.19 1.67
C ASP T 300 98.21 17.63 1.52
N GLU T 301 98.30 18.35 2.64
CA GLU T 301 98.75 19.73 2.61
C GLU T 301 100.25 19.87 2.41
N ALA T 302 100.99 18.76 2.50
CA ALA T 302 102.43 18.84 2.73
C ALA T 302 103.18 19.60 1.63
N THR T 303 102.65 19.63 0.41
CA THR T 303 103.38 20.21 -0.71
C THR T 303 102.51 21.18 -1.49
N LEU T 304 101.85 22.08 -0.77
CA LEU T 304 100.90 23.00 -1.37
C LEU T 304 101.22 24.42 -0.96
N PRO T 305 100.79 25.41 -1.75
CA PRO T 305 101.03 26.81 -1.37
C PRO T 305 100.43 27.15 -0.03
N ALA T 306 100.82 28.31 0.48
CA ALA T 306 100.46 28.69 1.84
C ALA T 306 98.95 28.77 2.02
N TRP T 307 98.25 29.34 1.05
CA TRP T 307 96.81 29.51 1.22
C TRP T 307 96.07 28.19 1.20
N SER T 308 96.71 27.11 0.75
CA SER T 308 96.06 25.81 0.67
C SER T 308 96.24 25.00 1.95
N GLN T 309 96.87 25.55 2.98
CA GLN T 309 97.13 24.80 4.19
C GLN T 309 95.86 24.69 5.03
N GLY T 310 95.36 23.47 5.16
CA GLY T 310 94.23 23.21 6.04
C GLY T 310 92.91 23.81 5.62
N VAL T 311 92.60 23.75 4.33
CA VAL T 311 91.31 24.24 3.85
C VAL T 311 90.24 23.22 4.21
N ALA T 312 89.16 23.70 4.82
CA ALA T 312 88.10 22.81 5.29
C ALA T 312 87.52 22.03 4.13
N ASN T 313 87.25 20.74 4.37
CA ASN T 313 86.64 19.82 3.43
C ASN T 313 87.49 19.56 2.21
N LEU T 314 88.67 20.16 2.11
CA LEU T 314 89.51 19.97 0.93
C LEU T 314 90.88 19.40 1.26
N THR T 315 91.59 19.99 2.22
CA THR T 315 92.94 19.58 2.54
C THR T 315 93.05 19.19 4.00
N GLY T 316 94.02 18.33 4.29
CA GLY T 316 94.24 17.88 5.64
C GLY T 316 95.61 17.26 5.79
N ASN T 317 95.97 17.00 7.04
CA ASN T 317 97.22 16.33 7.36
C ASN T 317 97.02 15.14 8.29
N GLY T 318 95.78 14.69 8.47
CA GLY T 318 95.49 13.62 9.39
C GLY T 318 95.69 12.26 8.76
N GLN T 319 95.07 11.26 9.38
CA GLN T 319 95.24 9.88 8.92
C GLN T 319 94.55 9.64 7.58
N GLY T 320 93.30 10.07 7.46
CA GLY T 320 92.54 9.83 6.25
C GLY T 320 92.89 10.80 5.14
N VAL T 321 94.16 10.81 4.74
CA VAL T 321 94.67 11.79 3.79
C VAL T 321 95.38 11.05 2.67
N VAL T 322 95.11 11.46 1.43
CA VAL T 322 95.74 10.88 0.25
C VAL T 322 96.88 11.79 -0.19
N PRO T 323 98.08 11.27 -0.42
CA PRO T 323 99.18 12.12 -0.87
C PRO T 323 98.95 12.60 -2.29
N CYS T 324 99.57 13.74 -2.59
CA CYS T 324 99.55 14.31 -3.93
C CYS T 324 100.96 14.33 -4.49
N LEU T 325 101.12 13.76 -5.69
CA LEU T 325 102.40 13.73 -6.35
C LEU T 325 102.44 14.76 -7.47
N ASP T 326 103.65 15.04 -7.95
CA ASP T 326 103.86 16.02 -8.99
C ASP T 326 105.07 15.63 -9.80
N TYR T 327 105.20 16.25 -10.97
CA TYR T 327 106.24 15.86 -11.91
C TYR T 327 106.55 17.03 -12.82
N ASN T 328 107.70 16.94 -13.47
CA ASN T 328 108.11 17.86 -14.52
C ASN T 328 108.13 17.13 -15.84
N PRO T 329 107.57 17.71 -16.89
CA PRO T 329 107.47 16.98 -18.16
C PRO T 329 108.80 16.48 -18.70
N VAL T 330 109.86 17.27 -18.59
CA VAL T 330 111.13 16.90 -19.19
C VAL T 330 111.68 15.65 -18.51
N PRO T 331 111.88 15.62 -17.19
CA PRO T 331 112.31 14.35 -16.58
C PRO T 331 111.32 13.24 -16.81
N MET T 332 110.02 13.57 -16.82
CA MET T 332 109.01 12.56 -17.09
C MET T 332 109.22 11.94 -18.47
N ALA T 333 109.49 12.78 -19.47
CA ALA T 333 109.77 12.26 -20.80
C ALA T 333 110.95 11.31 -20.75
N ALA T 334 112.08 11.77 -20.20
CA ALA T 334 113.28 10.96 -20.14
C ALA T 334 112.98 9.60 -19.54
N ALA T 335 112.17 9.57 -18.48
CA ALA T 335 111.76 8.31 -17.90
C ALA T 335 110.96 7.48 -18.89
N ARG T 336 110.02 8.11 -19.60
CA ARG T 336 109.19 7.37 -20.53
C ARG T 336 110.03 6.73 -21.62
N HIS T 337 110.98 7.49 -22.18
CA HIS T 337 111.83 6.94 -23.23
C HIS T 337 112.69 5.81 -22.69
N LEU T 338 113.21 5.97 -21.48
CA LEU T 338 114.02 4.91 -20.90
C LEU T 338 113.22 3.62 -20.78
N GLN T 339 111.97 3.72 -20.34
CA GLN T 339 111.12 2.54 -20.26
C GLN T 339 110.94 1.92 -21.64
N TRP T 340 110.82 2.75 -22.67
CA TRP T 340 110.68 2.22 -24.02
C TRP T 340 111.89 1.39 -24.42
N ARG T 341 113.10 1.88 -24.12
CA ARG T 341 114.29 1.11 -24.45
C ARG T 341 114.33 -0.19 -23.67
N GLN T 342 114.01 -0.14 -22.38
CA GLN T 342 114.01 -1.35 -21.59
C GLN T 342 112.97 -2.33 -22.09
N ASP T 343 111.83 -1.84 -22.56
CA ASP T 343 110.85 -2.70 -23.19
C ASP T 343 111.29 -3.16 -24.57
N GLY T 344 112.37 -2.60 -25.11
CA GLY T 344 112.87 -3.02 -26.39
C GLY T 344 112.18 -2.39 -27.58
N LEU T 345 111.38 -1.35 -27.37
CA LEU T 345 110.74 -0.70 -28.51
C LEU T 345 111.73 0.13 -29.32
N ILE T 346 112.76 0.67 -28.67
CA ILE T 346 113.72 1.55 -29.32
C ILE T 346 115.13 1.14 -28.92
N THR T 347 116.11 1.68 -29.63
CA THR T 347 117.51 1.48 -29.32
C THR T 347 118.03 2.60 -28.43
N ALA T 348 119.23 2.38 -27.88
CA ALA T 348 119.84 3.42 -27.05
C ALA T 348 120.10 4.68 -27.84
N ALA T 349 120.52 4.54 -29.10
CA ALA T 349 120.79 5.72 -29.92
C ALA T 349 119.53 6.57 -30.07
N GLN T 350 118.39 5.91 -30.33
CA GLN T 350 117.15 6.65 -30.46
C GLN T 350 116.78 7.34 -29.16
N GLU T 351 116.98 6.66 -28.03
CA GLU T 351 116.62 7.25 -26.74
C GLU T 351 117.37 8.55 -26.52
N ALA T 352 118.67 8.58 -26.83
CA ALA T 352 119.43 9.81 -26.71
C ALA T 352 118.87 10.88 -27.64
N GLN T 353 118.55 10.51 -28.87
CA GLN T 353 118.04 11.47 -29.83
C GLN T 353 116.71 12.05 -29.36
N LEU T 354 115.82 11.19 -28.88
CA LEU T 354 114.50 11.64 -28.45
C LEU T 354 114.62 12.62 -27.30
N ASN T 355 115.52 12.35 -26.35
CA ASN T 355 115.72 13.27 -25.25
C ASN T 355 116.14 14.64 -25.74
N ASN T 356 117.05 14.69 -26.72
CA ASN T 356 117.48 15.96 -27.26
C ASN T 356 116.30 16.70 -27.88
N ASP T 357 115.47 16.01 -28.65
CA ASP T 357 114.36 16.66 -29.30
C ASP T 357 113.37 17.22 -28.30
N TYR T 358 112.97 16.41 -27.32
CA TYR T 358 111.97 16.86 -26.37
C TYR T 358 112.49 18.05 -25.56
N THR T 359 113.75 17.99 -25.15
CA THR T 359 114.33 19.13 -24.44
C THR T 359 114.29 20.38 -25.30
N ALA T 360 114.64 20.24 -26.58
CA ALA T 360 114.58 21.39 -27.48
C ALA T 360 113.15 21.91 -27.59
N TYR T 361 112.19 20.99 -27.72
CA TYR T 361 110.79 21.40 -27.79
C TYR T 361 110.38 22.13 -26.52
N ALA T 362 110.71 21.56 -25.36
CA ALA T 362 110.32 22.18 -24.10
C ALA T 362 110.93 23.56 -23.96
N LEU T 363 112.15 23.74 -24.47
CA LEU T 363 112.80 25.03 -24.36
C LEU T 363 111.98 26.12 -25.05
N THR T 364 111.42 25.81 -26.21
CA THR T 364 110.60 26.80 -26.91
C THR T 364 109.40 27.20 -26.08
N ILE T 365 108.73 26.24 -25.45
CA ILE T 365 107.57 26.55 -24.64
C ILE T 365 107.96 27.49 -23.51
N GLU T 366 109.05 27.17 -22.83
CA GLU T 366 109.54 28.05 -21.76
C GLU T 366 109.86 29.43 -22.31
N ARG T 367 110.58 29.47 -23.42
CA ARG T 367 110.98 30.74 -24.00
C ARG T 367 109.76 31.58 -24.37
N HIS T 368 108.74 30.93 -24.94
CA HIS T 368 107.53 31.65 -25.29
C HIS T 368 106.84 32.19 -24.05
N LEU T 369 106.65 31.33 -23.05
CA LEU T 369 105.89 31.73 -21.87
C LEU T 369 106.59 32.85 -21.12
N THR T 370 107.90 32.70 -20.88
CA THR T 370 108.60 33.71 -20.11
C THR T 370 108.56 35.06 -20.81
N ALA T 371 108.65 35.06 -22.14
CA ALA T 371 108.50 36.31 -22.87
C ALA T 371 107.06 36.82 -22.79
N MET T 372 106.10 35.90 -22.71
CA MET T 372 104.71 36.34 -22.65
C MET T 372 104.38 37.00 -21.32
N LEU T 373 105.03 36.56 -20.24
CA LEU T 373 104.71 37.12 -18.93
C LEU T 373 105.05 38.60 -18.86
N VAL T 374 106.26 38.97 -19.28
CA VAL T 374 106.64 40.37 -19.26
C VAL T 374 105.76 41.18 -20.18
N ALA T 375 105.19 40.55 -21.20
CA ALA T 375 104.24 41.25 -22.05
C ALA T 375 102.92 41.50 -21.37
N ASN T 376 102.61 40.73 -20.32
CA ASN T 376 101.34 40.89 -19.59
C ASN T 376 101.63 40.87 -18.10
N PRO T 377 102.28 41.91 -17.60
CA PRO T 377 102.57 41.96 -16.15
C PRO T 377 101.27 41.93 -15.35
N ILE T 378 101.31 41.21 -14.24
CA ILE T 378 100.09 41.01 -13.46
C ILE T 378 99.61 42.31 -12.84
N ALA T 379 100.49 43.31 -12.72
CA ALA T 379 100.07 44.61 -12.20
C ALA T 379 99.09 45.30 -13.14
N ALA T 380 98.95 44.83 -14.38
CA ALA T 380 98.03 45.45 -15.33
C ALA T 380 96.57 45.26 -14.94
N GLY T 381 96.27 44.41 -13.97
CA GLY T 381 94.92 44.23 -13.50
C GLY T 381 94.21 43.00 -14.03
N ARG T 382 94.82 42.29 -14.98
CA ARG T 382 94.26 41.04 -15.47
C ARG T 382 95.39 40.03 -15.60
N MET T 383 95.08 38.76 -15.32
CA MET T 383 96.08 37.71 -15.31
C MET T 383 95.77 36.72 -16.42
N PRO T 384 96.32 36.89 -17.62
CA PRO T 384 96.13 35.88 -18.66
C PRO T 384 96.96 34.64 -18.42
N ILE T 385 98.11 34.75 -17.77
CA ILE T 385 98.95 33.60 -17.47
C ILE T 385 99.40 33.67 -16.01
N GLN T 386 99.46 32.51 -15.37
CA GLN T 386 99.84 32.46 -13.97
C GLN T 386 101.30 32.87 -13.81
N PRO T 387 101.61 33.70 -12.82
CA PRO T 387 102.99 34.14 -12.63
C PRO T 387 103.89 32.98 -12.19
N PHE T 388 105.18 33.13 -12.46
CA PHE T 388 106.16 32.12 -12.14
C PHE T 388 107.53 32.77 -12.14
N ASN T 389 108.52 32.01 -11.68
CA ASN T 389 109.91 32.43 -11.71
C ASN T 389 110.69 31.55 -12.68
N ALA T 390 111.83 32.06 -13.11
CA ALA T 390 112.63 31.36 -14.12
C ALA T 390 113.06 29.99 -13.63
N ALA T 391 113.40 29.88 -12.34
CA ALA T 391 113.86 28.60 -11.81
C ALA T 391 112.76 27.54 -11.82
N ASP T 392 111.50 27.95 -11.92
CA ASP T 392 110.40 27.00 -11.85
C ASP T 392 110.43 25.98 -12.98
N PHE T 393 111.11 26.30 -14.08
CA PHE T 393 111.19 25.35 -15.19
C PHE T 393 112.15 24.21 -14.90
N GLY T 394 113.03 24.36 -13.92
CA GLY T 394 114.04 23.36 -13.64
C GLY T 394 113.72 22.40 -12.53
N GLN T 395 112.59 22.55 -11.86
CA GLN T 395 112.27 21.68 -10.73
C GLN T 395 111.97 20.27 -11.22
N ALA T 396 112.59 19.28 -10.57
CA ALA T 396 112.28 17.90 -10.87
C ALA T 396 111.04 17.41 -10.13
N GLY T 397 110.70 18.04 -9.02
CA GLY T 397 109.52 17.66 -8.28
C GLY T 397 109.63 16.24 -7.75
N GLN T 398 108.48 15.58 -7.64
CA GLN T 398 108.40 14.20 -7.18
C GLN T 398 108.35 13.21 -8.34
N THR T 399 109.03 13.51 -9.45
CA THR T 399 108.87 12.70 -10.65
C THR T 399 109.24 11.25 -10.41
N ALA T 400 110.31 11.00 -9.63
CA ALA T 400 110.72 9.63 -9.36
C ALA T 400 109.60 8.85 -8.68
N ALA T 401 108.94 9.47 -7.70
CA ALA T 401 107.83 8.80 -7.05
C ALA T 401 106.69 8.57 -8.01
N ALA T 402 106.49 9.51 -8.94
CA ALA T 402 105.37 9.40 -9.87
C ALA T 402 105.48 8.14 -10.72
N VAL T 403 106.63 7.92 -11.34
CA VAL T 403 106.80 6.73 -12.15
C VAL T 403 106.75 5.48 -11.27
N ALA T 404 107.21 5.59 -10.04
CA ALA T 404 107.10 4.47 -9.12
C ALA T 404 105.63 4.10 -8.90
N LEU T 405 104.76 5.10 -8.80
CA LEU T 405 103.34 4.82 -8.63
C LEU T 405 102.80 4.05 -9.82
N ALA T 406 103.11 4.50 -11.03
CA ALA T 406 102.68 3.77 -12.22
C ALA T 406 103.26 2.37 -12.23
N GLN T 407 104.50 2.23 -11.76
CA GLN T 407 105.11 0.91 -11.64
C GLN T 407 104.23 -0.01 -10.82
N ALA T 408 103.79 0.46 -9.65
CA ALA T 408 102.90 -0.33 -8.82
C ALA T 408 101.47 -0.37 -9.36
N MET T 409 101.08 0.64 -10.14
CA MET T 409 99.70 0.71 -10.60
C MET T 409 99.41 -0.31 -11.69
N PHE T 410 100.35 -0.51 -12.61
CA PHE T 410 100.20 -1.48 -13.69
C PHE T 410 101.32 -2.50 -13.55
N VAL T 411 101.09 -3.52 -12.74
CA VAL T 411 102.08 -4.55 -12.53
C VAL T 411 101.97 -5.59 -13.63
N ALA AA 1 144.08 -48.76 -59.57
CA ALA AA 1 143.26 -49.55 -58.66
C ALA AA 1 144.11 -50.48 -57.82
N GLN AA 2 143.61 -50.85 -56.65
CA GLN AA 2 144.33 -51.75 -55.76
C GLN AA 2 144.38 -53.14 -56.37
N ARG AA 3 145.60 -53.67 -56.56
CA ARG AA 3 145.78 -54.90 -57.31
C ARG AA 3 146.10 -56.11 -56.45
N GLN AA 4 146.19 -55.96 -55.14
CA GLN AA 4 146.46 -57.09 -54.26
C GLN AA 4 145.65 -56.95 -52.99
N PHE AA 5 145.24 -58.08 -52.43
CA PHE AA 5 144.53 -58.09 -51.17
C PHE AA 5 144.97 -59.30 -50.35
N PHE AA 6 144.60 -59.28 -49.07
CA PHE AA 6 144.90 -60.36 -48.15
C PHE AA 6 143.64 -60.73 -47.41
N GLY AA 7 143.63 -61.93 -46.82
CA GLY AA 7 142.43 -62.38 -46.14
C GLY AA 7 142.71 -63.50 -45.16
N LEU AA 8 141.65 -63.89 -44.47
CA LEU AA 8 141.71 -64.96 -43.48
C LEU AA 8 140.36 -65.64 -43.41
N THR AA 9 140.37 -66.97 -43.30
CA THR AA 9 139.14 -67.73 -43.25
C THR AA 9 138.61 -67.81 -41.82
N TYR AA 10 137.36 -68.29 -41.72
CA TYR AA 10 136.71 -68.38 -40.43
C TYR AA 10 137.39 -69.41 -39.54
N ASN AA 11 136.98 -69.42 -38.28
CA ASN AA 11 137.50 -70.33 -37.27
C ASN AA 11 136.41 -71.29 -36.84
N PHE AA 12 136.68 -72.59 -36.91
CA PHE AA 12 135.74 -73.57 -36.41
C PHE AA 12 135.66 -73.46 -34.90
N TYR AA 13 134.45 -73.35 -34.37
CA TYR AA 13 134.26 -73.25 -32.93
C TYR AA 13 134.31 -74.65 -32.33
N GLY AA 14 135.48 -75.27 -32.43
CA GLY AA 14 135.69 -76.62 -31.97
C GLY AA 14 135.17 -77.69 -32.89
N GLN AA 15 134.28 -77.35 -33.81
CA GLN AA 15 133.76 -78.33 -34.75
C GLN AA 15 134.84 -78.72 -35.75
N PRO AA 16 134.73 -79.90 -36.36
CA PRO AA 16 135.80 -80.38 -37.24
C PRO AA 16 135.71 -79.93 -38.69
N ALA AA 17 134.62 -79.30 -39.11
CA ALA AA 17 134.44 -78.97 -40.52
C ALA AA 17 133.71 -77.64 -40.61
N PRO AA 18 133.82 -76.94 -41.74
CA PRO AA 18 133.10 -75.68 -41.90
C PRO AA 18 131.60 -75.88 -41.75
N LEU AA 19 130.95 -74.90 -41.13
CA LEU AA 19 129.60 -75.06 -40.60
C LEU AA 19 128.58 -74.55 -41.60
N PHE AA 20 128.33 -75.35 -42.63
CA PHE AA 20 127.27 -75.09 -43.58
C PHE AA 20 126.94 -76.40 -44.28
N ASP AA 21 125.78 -76.43 -44.93
CA ASP AA 21 125.34 -77.61 -45.66
C ASP AA 21 125.02 -77.24 -47.10
N LEU AA 22 124.75 -78.26 -47.90
CA LEU AA 22 124.57 -78.05 -49.32
C LEU AA 22 123.32 -77.24 -49.63
N ASN AA 23 122.27 -77.40 -48.84
CA ASN AA 23 121.06 -76.62 -49.09
C ASN AA 23 121.35 -75.13 -48.93
N ASP AA 24 122.11 -74.76 -47.91
CA ASP AA 24 122.58 -73.38 -47.81
C ASP AA 24 123.26 -72.96 -49.10
N LEU AA 25 124.12 -73.84 -49.63
CA LEU AA 25 124.78 -73.58 -50.90
C LEU AA 25 123.80 -73.51 -52.05
N GLN AA 26 122.59 -74.02 -51.86
CA GLN AA 26 121.61 -74.05 -52.94
C GLN AA 26 120.60 -72.91 -52.85
N GLU AA 27 120.46 -72.28 -51.69
CA GLU AA 27 119.37 -71.35 -51.45
C GLU AA 27 119.87 -69.91 -51.31
N LEU AA 28 121.00 -69.58 -51.92
CA LEU AA 28 121.48 -68.21 -51.88
C LEU AA 28 120.51 -67.30 -52.62
N ALA AA 29 120.40 -66.06 -52.14
CA ALA AA 29 119.42 -65.12 -52.67
C ALA AA 29 119.82 -64.52 -54.02
N GLY AA 30 121.09 -64.60 -54.41
CA GLY AA 30 121.52 -63.98 -55.63
C GLY AA 30 121.36 -64.88 -56.84
N CYS AA 31 122.32 -64.80 -57.78
CA CYS AA 31 122.33 -65.73 -58.89
C CYS AA 31 122.67 -67.13 -58.39
N TYR AA 32 122.28 -68.13 -59.17
CA TYR AA 32 122.35 -69.51 -58.72
C TYR AA 32 123.75 -69.89 -58.31
N ALA AA 33 123.91 -70.22 -57.03
CA ALA AA 33 125.12 -70.85 -56.51
C ALA AA 33 126.35 -69.99 -56.70
N ARG AA 34 126.22 -68.68 -56.62
CA ARG AA 34 127.39 -67.82 -56.59
C ARG AA 34 127.33 -66.94 -55.35
N PRO AA 35 128.39 -66.88 -54.56
CA PRO AA 35 128.36 -66.07 -53.34
C PRO AA 35 128.62 -64.60 -53.60
N TRP AA 36 129.26 -64.27 -54.71
CA TRP AA 36 129.68 -62.89 -54.94
C TRP AA 36 128.48 -61.98 -55.09
N THR AA 37 128.68 -60.72 -54.71
CA THR AA 37 127.68 -59.64 -54.79
C THR AA 37 126.27 -60.15 -54.50
N SER AA 38 126.12 -60.74 -53.31
CA SER AA 38 124.86 -61.31 -52.91
C SER AA 38 124.42 -60.91 -51.51
N ARG AA 39 125.24 -60.16 -50.78
CA ARG AA 39 124.96 -59.88 -49.38
C ARG AA 39 123.76 -58.99 -49.16
N PHE AA 40 123.19 -58.42 -50.22
CA PHE AA 40 121.96 -57.65 -50.11
C PHE AA 40 120.85 -58.14 -51.00
N SER AA 41 121.07 -59.22 -51.75
CA SER AA 41 120.06 -59.68 -52.69
C SER AA 41 118.76 -60.05 -51.98
N HIS AA 42 118.84 -60.49 -50.74
CA HIS AA 42 117.63 -60.93 -50.06
C HIS AA 42 116.70 -59.80 -49.68
N LEU AA 43 117.11 -58.55 -49.87
CA LEU AA 43 116.22 -57.43 -49.58
C LEU AA 43 116.27 -56.35 -50.66
N ALA AA 44 116.60 -56.74 -51.89
CA ALA AA 44 116.66 -55.76 -52.97
C ALA AA 44 115.30 -55.10 -53.20
N ILE AA 45 114.23 -55.90 -53.14
CA ILE AA 45 112.87 -55.39 -53.16
C ILE AA 45 112.30 -55.57 -51.77
N SER AA 46 111.69 -54.52 -51.24
CA SER AA 46 111.24 -54.54 -49.86
C SER AA 46 109.85 -53.94 -49.76
N THR AA 47 109.17 -54.29 -48.68
CA THR AA 47 107.92 -53.65 -48.29
C THR AA 47 107.85 -53.64 -46.78
N GLY AA 48 107.47 -52.50 -46.20
CA GLY AA 48 107.40 -52.39 -44.77
C GLY AA 48 108.79 -52.31 -44.13
N SER AA 49 108.78 -52.23 -42.80
CA SER AA 49 110.02 -52.12 -42.04
C SER AA 49 110.41 -53.40 -41.34
N LEU AA 50 109.60 -54.46 -41.45
CA LEU AA 50 109.87 -55.66 -40.69
C LEU AA 50 111.18 -56.30 -41.15
N PRO AA 51 112.04 -56.73 -40.23
CA PRO AA 51 113.25 -57.43 -40.64
C PRO AA 51 112.92 -58.75 -41.30
N VAL AA 52 113.82 -59.19 -42.18
CA VAL AA 52 113.60 -60.39 -42.98
C VAL AA 52 114.44 -61.52 -42.42
N TRP AA 53 113.78 -62.58 -41.97
CA TRP AA 53 114.48 -63.75 -41.47
C TRP AA 53 113.55 -64.94 -41.60
N SER AA 54 114.14 -66.14 -41.51
CA SER AA 54 113.38 -67.36 -41.77
C SER AA 54 113.84 -68.44 -40.80
N ALA AA 55 113.23 -69.62 -40.94
CA ALA AA 55 113.46 -70.70 -39.99
C ALA AA 55 114.92 -71.11 -39.94
N ARG AA 56 115.54 -71.28 -41.11
CA ARG AA 56 116.96 -71.62 -41.17
C ARG AA 56 117.83 -70.41 -41.44
N TYR AA 57 117.26 -69.21 -41.45
CA TYR AA 57 118.02 -67.96 -41.45
C TYR AA 57 117.36 -67.02 -40.45
N PRO AA 58 117.49 -67.31 -39.16
CA PRO AA 58 116.66 -66.66 -38.15
C PRO AA 58 117.17 -65.33 -37.64
N SER AA 59 118.22 -64.76 -38.22
CA SER AA 59 118.70 -63.45 -37.79
C SER AA 59 119.13 -62.67 -39.02
N VAL AA 60 119.12 -61.34 -38.87
CA VAL AA 60 119.49 -60.49 -40.00
C VAL AA 60 120.91 -60.74 -40.44
N ALA AA 61 121.78 -61.14 -39.50
CA ALA AA 61 123.15 -61.44 -39.85
C ALA AA 61 123.33 -62.88 -40.33
N SER AA 62 122.31 -63.72 -40.21
CA SER AA 62 122.49 -65.14 -40.42
C SER AA 62 122.99 -65.45 -41.83
N ARG AA 63 122.39 -64.82 -42.84
CA ARG AA 63 122.77 -65.13 -44.22
C ARG AA 63 124.22 -64.80 -44.47
N ASN AA 64 124.68 -63.63 -44.02
CA ASN AA 64 126.07 -63.27 -44.25
C ASN AA 64 127.01 -64.22 -43.53
N ILE AA 65 126.66 -64.61 -42.31
CA ILE AA 65 127.50 -65.55 -41.58
C ILE AA 65 127.64 -66.84 -42.36
N ILE AA 66 126.52 -67.36 -42.87
CA ILE AA 66 126.56 -68.59 -43.66
C ILE AA 66 127.45 -68.41 -44.88
N VAL AA 67 127.28 -67.28 -45.57
CA VAL AA 67 128.09 -67.01 -46.75
C VAL AA 67 129.57 -67.01 -46.38
N ASN AA 68 129.90 -66.35 -45.27
CA ASN AA 68 131.30 -66.30 -44.84
C ASN AA 68 131.83 -67.71 -44.59
N THR AA 69 131.08 -68.51 -43.85
CA THR AA 69 131.51 -69.87 -43.61
C THR AA 69 131.62 -70.65 -44.90
N LEU AA 70 130.69 -70.43 -45.83
CA LEU AA 70 130.72 -71.12 -47.10
C LEU AA 70 132.00 -70.83 -47.86
N LEU AA 71 132.38 -69.54 -47.92
CA LEU AA 71 133.59 -69.18 -48.65
C LEU AA 71 134.82 -69.81 -48.05
N GLY AA 72 134.81 -70.07 -46.74
CA GLY AA 72 135.98 -70.59 -46.08
C GLY AA 72 136.46 -71.92 -46.64
N ALA AA 73 135.57 -72.65 -47.31
CA ALA AA 73 135.93 -73.96 -47.82
C ALA AA 73 136.45 -73.95 -49.25
N HIS AA 74 136.27 -72.86 -49.98
CA HIS AA 74 136.56 -72.85 -51.40
C HIS AA 74 137.59 -71.81 -51.83
N LEU AA 75 138.16 -71.05 -50.90
CA LEU AA 75 139.13 -70.02 -51.26
C LEU AA 75 140.55 -70.54 -51.34
N ASN AA 76 140.71 -71.84 -51.58
CA ASN AA 76 142.05 -72.41 -51.66
C ASN AA 76 142.97 -71.74 -52.66
N PRO AA 77 142.52 -71.31 -53.85
CA PRO AA 77 143.47 -70.70 -54.80
C PRO AA 77 144.28 -69.55 -54.23
N PHE AA 78 143.71 -68.78 -53.32
CA PHE AA 78 144.46 -67.67 -52.74
C PHE AA 78 145.36 -68.10 -51.60
N ALA AA 79 145.38 -69.39 -51.28
CA ALA AA 79 146.32 -69.94 -50.31
C ALA AA 79 147.24 -70.97 -50.93
N GLY AA 80 146.69 -71.95 -51.63
CA GLY AA 80 147.46 -72.97 -52.28
C GLY AA 80 147.74 -72.73 -53.74
N GLY AA 81 147.20 -71.65 -54.30
CA GLY AA 81 147.45 -71.37 -55.69
C GLY AA 81 146.69 -72.23 -56.67
N GLN AA 82 145.77 -73.07 -56.18
CA GLN AA 82 145.04 -73.98 -57.05
C GLN AA 82 143.59 -74.06 -56.63
N VAL AA 83 142.74 -74.39 -57.60
CA VAL AA 83 141.33 -74.63 -57.34
C VAL AA 83 141.16 -76.07 -56.87
N THR AA 84 140.32 -76.26 -55.87
CA THR AA 84 140.05 -77.57 -55.30
C THR AA 84 138.55 -77.82 -55.30
N SER AA 85 138.16 -78.98 -54.78
CA SER AA 85 136.76 -79.34 -54.64
C SER AA 85 136.52 -79.85 -53.23
N HIS AA 86 135.30 -79.64 -52.74
CA HIS AA 86 134.91 -80.09 -51.42
C HIS AA 86 133.55 -80.74 -51.52
N GLN AA 87 133.46 -82.00 -51.11
CA GLN AA 87 132.22 -82.76 -51.17
C GLN AA 87 131.65 -82.75 -52.59
N GLY AA 88 132.53 -82.86 -53.58
CA GLY AA 88 132.10 -82.99 -54.95
C GLY AA 88 131.58 -81.73 -55.59
N ILE AA 89 131.92 -80.56 -55.07
CA ILE AA 89 131.49 -79.29 -55.64
C ILE AA 89 132.70 -78.38 -55.78
N THR AA 90 132.76 -77.64 -56.88
CA THR AA 90 133.86 -76.73 -57.12
C THR AA 90 133.38 -75.61 -58.05
N TRP AA 91 134.32 -74.76 -58.45
CA TRP AA 91 134.01 -73.64 -59.31
C TRP AA 91 133.83 -74.09 -60.75
N ARG AA 92 133.00 -73.34 -61.48
CA ARG AA 92 132.80 -73.65 -62.90
C ARG AA 92 134.05 -73.37 -63.71
N ASP AA 93 134.76 -72.29 -63.41
CA ASP AA 93 135.81 -71.78 -64.27
C ASP AA 93 136.88 -71.13 -63.40
N PRO AA 94 138.09 -70.95 -63.93
CA PRO AA 94 139.12 -70.26 -63.14
C PRO AA 94 138.72 -68.86 -62.73
N VAL AA 95 137.79 -68.24 -63.46
CA VAL AA 95 137.25 -66.95 -63.05
C VAL AA 95 136.36 -67.06 -61.82
N LEU AA 96 136.02 -68.28 -61.40
CA LEU AA 96 135.21 -68.50 -60.20
C LEU AA 96 133.84 -67.84 -60.34
N SER AA 97 133.23 -68.00 -61.51
CA SER AA 97 131.92 -67.39 -61.75
C SER AA 97 130.89 -67.92 -60.78
N SER AA 98 130.84 -69.24 -60.59
CA SER AA 98 129.89 -69.84 -59.69
C SER AA 98 130.35 -71.25 -59.36
N LEU AA 99 129.73 -71.83 -58.34
CA LEU AA 99 130.02 -73.19 -57.93
C LEU AA 99 129.11 -74.16 -58.66
N ALA AA 100 129.61 -75.37 -58.86
CA ALA AA 100 128.89 -76.39 -59.60
C ALA AA 100 129.43 -77.75 -59.22
N PRO AA 101 128.66 -78.83 -59.44
CA PRO AA 101 129.19 -80.16 -59.18
C PRO AA 101 130.41 -80.45 -60.03
N VAL AA 102 131.33 -81.21 -59.45
CA VAL AA 102 132.60 -81.47 -60.15
C VAL AA 102 132.33 -82.27 -61.42
N PRO AA 103 132.87 -81.86 -62.56
CA PRO AA 103 132.72 -82.67 -63.77
C PRO AA 103 133.61 -83.90 -63.72
N ALA AA 104 133.15 -84.95 -64.39
CA ALA AA 104 133.89 -86.21 -64.41
C ALA AA 104 134.86 -86.29 -65.59
N ILE AA 105 135.66 -85.24 -65.75
CA ILE AA 105 136.65 -85.22 -66.82
C ILE AA 105 138.04 -84.99 -66.23
N GLN AA 106 138.22 -83.84 -65.58
CA GLN AA 106 139.48 -83.49 -64.93
C GLN AA 106 139.15 -83.04 -63.52
N PRO AA 107 138.86 -83.97 -62.62
CA PRO AA 107 138.49 -83.61 -61.26
C PRO AA 107 139.66 -82.94 -60.55
N PRO AA 108 139.45 -81.75 -60.01
CA PRO AA 108 140.50 -81.09 -59.24
C PRO AA 108 140.76 -81.84 -57.96
N PRO AA 109 141.94 -81.66 -57.35
CA PRO AA 109 142.24 -82.36 -56.10
C PRO AA 109 141.28 -81.96 -54.99
N VAL AA 110 141.06 -82.88 -54.07
CA VAL AA 110 140.15 -82.65 -52.96
C VAL AA 110 140.78 -81.71 -51.96
N TRP AA 111 140.01 -80.72 -51.51
CA TRP AA 111 140.50 -79.74 -50.57
C TRP AA 111 140.77 -80.38 -49.21
N ALA AA 112 141.89 -80.02 -48.61
CA ALA AA 112 142.22 -80.45 -47.26
C ALA AA 112 141.62 -79.47 -46.27
N VAL AA 113 140.85 -79.99 -45.31
CA VAL AA 113 140.11 -79.14 -44.39
C VAL AA 113 141.08 -78.44 -43.44
N ALA AA 114 140.92 -77.13 -43.30
CA ALA AA 114 141.70 -76.34 -42.37
C ALA AA 114 140.92 -75.08 -42.05
N GLU AA 115 141.36 -74.35 -41.03
CA GLU AA 115 140.69 -73.15 -40.59
C GLU AA 115 141.70 -72.02 -40.41
N ASN AA 116 141.21 -70.79 -40.56
CA ASN AA 116 142.02 -69.59 -40.33
C ASN AA 116 143.27 -69.60 -41.20
N VAL AA 117 143.11 -69.99 -42.46
CA VAL AA 117 144.26 -69.99 -43.38
C VAL AA 117 144.46 -68.58 -43.91
N PRO AA 118 145.66 -68.03 -43.83
CA PRO AA 118 145.91 -66.70 -44.41
C PRO AA 118 145.80 -66.74 -45.92
N LEU AA 119 145.35 -65.63 -46.49
CA LEU AA 119 145.08 -65.55 -47.92
C LEU AA 119 145.91 -64.43 -48.55
N ASP AA 120 146.34 -64.67 -49.78
CA ASP AA 120 147.10 -63.68 -50.54
C ASP AA 120 146.71 -63.81 -52.00
N SER AA 121 146.25 -62.71 -52.60
CA SER AA 121 145.79 -62.74 -53.97
C SER AA 121 146.93 -63.06 -54.93
N ASN AA 122 148.16 -62.74 -54.57
CA ASN AA 122 149.29 -63.01 -55.45
C ASN AA 122 149.58 -64.49 -55.61
N ASN AA 123 149.01 -65.35 -54.76
CA ASN AA 123 149.17 -66.78 -54.94
C ASN AA 123 148.47 -67.30 -56.18
N TYR AA 124 147.58 -66.51 -56.78
CA TYR AA 124 146.71 -66.97 -57.86
C TYR AA 124 146.83 -65.98 -59.01
N PRO AA 125 147.80 -66.17 -59.90
CA PRO AA 125 148.13 -65.12 -60.88
C PRO AA 125 146.96 -64.73 -61.77
N THR AA 126 146.07 -65.66 -62.11
CA THR AA 126 145.02 -65.36 -63.07
C THR AA 126 144.11 -64.25 -62.60
N TYR AA 127 144.02 -64.02 -61.29
CA TYR AA 127 143.17 -62.93 -60.80
C TYR AA 127 143.64 -61.59 -61.33
N VAL AA 128 144.95 -61.37 -61.34
CA VAL AA 128 145.48 -60.11 -61.83
C VAL AA 128 145.12 -59.93 -63.29
N LEU AA 129 145.23 -61.00 -64.08
CA LEU AA 129 144.94 -60.89 -65.51
C LEU AA 129 143.48 -60.56 -65.75
N ASN AA 130 142.57 -61.19 -65.01
CA ASN AA 130 141.14 -60.98 -65.18
C ASN AA 130 140.57 -60.04 -64.14
N LEU AA 131 141.36 -59.07 -63.70
CA LEU AA 131 140.92 -58.18 -62.64
C LEU AA 131 139.62 -57.48 -62.98
N SER AA 132 139.43 -57.15 -64.26
CA SER AA 132 138.23 -56.41 -64.66
C SER AA 132 136.95 -57.17 -64.39
N SER AA 133 137.00 -58.51 -64.34
CA SER AA 133 135.80 -59.29 -64.10
C SER AA 133 135.78 -59.98 -62.75
N MET AA 134 136.93 -60.12 -62.09
CA MET AA 134 136.99 -60.74 -60.78
C MET AA 134 136.96 -59.71 -59.66
N TRP AA 135 136.76 -58.44 -59.99
CA TRP AA 135 136.79 -57.38 -58.99
C TRP AA 135 135.91 -57.62 -57.77
N PRO AA 136 134.66 -58.09 -57.90
CA PRO AA 136 133.84 -58.27 -56.69
C PRO AA 136 134.44 -59.22 -55.68
N ILE AA 137 135.30 -60.14 -56.11
CA ILE AA 137 135.94 -61.03 -55.15
C ILE AA 137 136.71 -60.24 -54.13
N ASN AA 138 137.36 -59.16 -54.57
CA ASN AA 138 138.11 -58.31 -53.65
C ASN AA 138 137.24 -57.83 -52.50
N GLN AA 139 136.07 -57.30 -52.82
CA GLN AA 139 135.19 -56.77 -51.77
C GLN AA 139 134.76 -57.88 -50.82
N ASP AA 140 134.25 -58.98 -51.36
CA ASP AA 140 133.69 -60.03 -50.51
C ASP AA 140 134.74 -60.65 -49.61
N VAL AA 141 135.92 -60.93 -50.15
CA VAL AA 141 136.97 -61.52 -49.33
C VAL AA 141 137.33 -60.59 -48.19
N HIS AA 142 137.45 -59.30 -48.49
CA HIS AA 142 137.75 -58.33 -47.42
C HIS AA 142 136.67 -58.34 -46.36
N ILE AA 143 135.40 -58.38 -46.80
CA ILE AA 143 134.29 -58.41 -45.84
C ILE AA 143 134.39 -59.64 -44.96
N MET AA 144 134.63 -60.80 -45.56
CA MET AA 144 134.74 -62.03 -44.79
C MET AA 144 135.85 -61.92 -43.76
N THR AA 145 137.00 -61.38 -44.18
CA THR AA 145 138.12 -61.24 -43.26
C THR AA 145 137.76 -60.34 -42.10
N MET AA 146 137.11 -59.21 -42.38
CA MET AA 146 136.76 -58.28 -41.33
C MET AA 146 135.79 -58.87 -40.32
N TRP AA 147 135.08 -59.92 -40.69
CA TRP AA 147 134.21 -60.60 -39.74
C TRP AA 147 134.94 -61.75 -39.04
N ALA AA 148 135.79 -62.46 -39.77
CA ALA AA 148 136.46 -63.61 -39.19
C ALA AA 148 137.37 -63.22 -38.04
N LEU AA 149 137.85 -61.98 -38.03
CA LEU AA 149 138.82 -61.57 -37.03
C LEU AA 149 138.22 -61.35 -35.65
N SER AA 150 136.91 -61.39 -35.50
CA SER AA 150 136.27 -61.09 -34.24
C SER AA 150 135.38 -62.24 -33.78
N ASP AA 151 135.46 -62.54 -32.49
CA ASP AA 151 134.60 -63.55 -31.89
C ASP AA 151 133.26 -62.99 -31.45
N GLN AA 152 133.07 -61.67 -31.55
CA GLN AA 152 131.90 -61.04 -30.95
C GLN AA 152 131.17 -60.09 -31.87
N GLY AA 153 131.80 -59.53 -32.90
CA GLY AA 153 131.14 -58.59 -33.78
C GLY AA 153 132.10 -58.01 -34.79
N PRO AA 154 131.60 -57.69 -35.98
CA PRO AA 154 132.48 -57.31 -37.08
C PRO AA 154 133.31 -56.08 -36.77
N ILE AA 155 134.52 -56.04 -37.32
CA ILE AA 155 135.45 -54.93 -37.14
C ILE AA 155 135.37 -54.04 -38.35
N TYR AA 156 135.39 -52.72 -38.12
CA TYR AA 156 135.42 -51.76 -39.20
C TYR AA 156 136.24 -50.55 -38.76
N HIS AA 157 136.41 -49.61 -39.67
CA HIS AA 157 137.39 -48.54 -39.52
C HIS AA 157 136.74 -47.17 -39.61
N LEU AA 158 137.21 -46.25 -38.77
CA LEU AA 158 136.78 -44.86 -38.77
C LEU AA 158 137.99 -43.96 -38.93
N GLU AA 159 137.79 -42.81 -39.56
CA GLU AA 159 138.84 -41.81 -39.61
C GLU AA 159 138.25 -40.47 -40.04
N VAL AA 160 138.90 -39.40 -39.59
CA VAL AA 160 138.53 -38.04 -39.98
C VAL AA 160 139.81 -37.22 -40.17
N PRO AA 161 139.97 -36.53 -41.28
CA PRO AA 161 141.17 -35.73 -41.51
C PRO AA 161 141.07 -34.36 -40.83
N VAL AA 162 142.19 -33.63 -40.87
CA VAL AA 162 142.23 -32.33 -40.26
C VAL AA 162 141.56 -31.28 -41.13
N ASP AA 163 141.57 -31.45 -42.43
CA ASP AA 163 140.96 -30.50 -43.33
C ASP AA 163 139.44 -30.60 -43.28
N PRO AA 164 138.73 -29.53 -43.61
CA PRO AA 164 137.28 -29.62 -43.73
C PRO AA 164 136.89 -30.49 -44.91
N MET AA 165 135.62 -30.85 -44.93
CA MET AA 165 135.10 -31.73 -45.98
C MET AA 165 135.32 -31.09 -47.35
N PRO AA 166 136.01 -31.76 -48.26
CA PRO AA 166 136.29 -31.15 -49.56
C PRO AA 166 135.03 -30.92 -50.36
N ALA AA 167 135.07 -29.88 -51.19
CA ALA AA 167 133.87 -29.42 -51.89
C ALA AA 167 133.30 -30.50 -52.79
N ALA AA 168 134.15 -31.22 -53.50
CA ALA AA 168 133.67 -32.23 -54.44
C ALA AA 168 132.82 -33.26 -53.73
N THR AA 169 133.26 -33.71 -52.55
CA THR AA 169 132.48 -34.67 -51.80
C THR AA 169 131.11 -34.10 -51.44
N THR AA 170 131.08 -32.84 -51.03
CA THR AA 170 129.80 -32.21 -50.68
C THR AA 170 128.85 -32.26 -51.85
N ALA AA 171 129.37 -32.11 -53.07
CA ALA AA 171 128.51 -32.21 -54.25
C ALA AA 171 127.87 -33.58 -54.35
N ALA AA 172 128.61 -34.63 -54.00
CA ALA AA 172 128.06 -35.97 -54.06
C ALA AA 172 127.07 -36.22 -52.93
N LEU AA 173 127.36 -35.68 -51.74
CA LEU AA 173 126.56 -36.02 -50.57
C LEU AA 173 125.12 -35.58 -50.73
N MET AA 174 124.89 -34.44 -51.35
CA MET AA 174 123.53 -33.93 -51.47
C MET AA 174 122.64 -34.89 -52.24
N ALA AA 175 123.22 -35.83 -52.98
CA ALA AA 175 122.42 -36.84 -53.65
C ALA AA 175 121.80 -37.84 -52.69
N TYR AA 176 122.19 -37.83 -51.41
CA TYR AA 176 121.75 -38.83 -50.46
C TYR AA 176 121.06 -38.22 -49.26
N ILE AA 177 120.27 -37.18 -49.50
CA ILE AA 177 119.47 -36.60 -48.43
C ILE AA 177 118.26 -37.48 -48.17
N GLY AA 178 117.92 -37.65 -46.91
CA GLY AA 178 116.67 -38.32 -46.55
C GLY AA 178 116.57 -39.76 -46.99
N VAL AA 179 117.65 -40.52 -46.83
CA VAL AA 179 117.63 -41.95 -47.15
C VAL AA 179 118.14 -42.70 -45.94
N PRO AA 180 117.49 -43.80 -45.53
CA PRO AA 180 117.91 -44.47 -44.31
C PRO AA 180 119.27 -45.14 -44.45
N ILE AA 181 119.86 -45.42 -43.28
CA ILE AA 181 121.21 -45.96 -43.24
C ILE AA 181 121.28 -47.29 -43.97
N ALA AA 182 120.25 -48.12 -43.82
CA ALA AA 182 120.26 -49.43 -44.45
C ALA AA 182 120.35 -49.31 -45.96
N HIS AA 183 119.56 -48.43 -46.56
CA HIS AA 183 119.64 -48.23 -47.99
C HIS AA 183 121.02 -47.73 -48.39
N LEU AA 184 121.57 -46.81 -47.61
CA LEU AA 184 122.91 -46.30 -47.89
C LEU AA 184 123.92 -47.43 -47.92
N ALA AA 185 123.84 -48.31 -46.92
CA ALA AA 185 124.78 -49.44 -46.88
C ALA AA 185 124.65 -50.29 -48.13
N GLN AA 186 123.42 -50.54 -48.57
CA GLN AA 186 123.21 -51.31 -49.78
C GLN AA 186 123.86 -50.63 -50.97
N THR AA 187 123.71 -49.31 -51.07
CA THR AA 187 124.33 -48.59 -52.17
C THR AA 187 125.85 -48.68 -52.09
N ALA AA 188 126.40 -48.50 -50.89
CA ALA AA 188 127.85 -48.56 -50.74
C ALA AA 188 128.38 -49.92 -51.15
N TYR AA 189 127.66 -50.99 -50.78
CA TYR AA 189 128.08 -52.32 -51.18
C TYR AA 189 128.09 -52.46 -52.69
N ARG AA 190 127.06 -51.93 -53.35
CA ARG AA 190 126.99 -52.04 -54.81
C ARG AA 190 128.13 -51.29 -55.47
N PHE AA 191 128.43 -50.08 -54.98
CA PHE AA 191 129.43 -49.25 -55.65
C PHE AA 191 130.78 -49.95 -55.71
N ALA AA 192 131.27 -50.41 -54.56
CA ALA AA 192 132.56 -51.08 -54.56
C ALA AA 192 132.47 -52.49 -55.09
N GLY AA 193 131.30 -52.94 -55.50
CA GLY AA 193 131.11 -54.33 -55.85
C GLY AA 193 131.43 -54.70 -57.29
N GLN AA 194 130.98 -53.89 -58.24
CA GLN AA 194 130.98 -54.36 -59.62
C GLN AA 194 132.30 -54.14 -60.34
N LEU AA 195 132.81 -52.92 -60.37
CA LEU AA 195 133.96 -52.59 -61.20
C LEU AA 195 135.12 -52.07 -60.36
N PRO AA 196 136.35 -52.25 -60.83
CA PRO AA 196 137.50 -51.74 -60.08
C PRO AA 196 137.49 -50.22 -60.04
N GLN AA 197 137.96 -49.68 -58.91
CA GLN AA 197 137.97 -48.25 -58.66
C GLN AA 197 139.32 -47.84 -58.11
N SER AA 198 139.64 -46.57 -58.29
CA SER AA 198 140.90 -46.08 -57.72
C SER AA 198 140.69 -45.73 -56.25
N PRO AA 199 141.71 -45.93 -55.41
CA PRO AA 199 141.57 -45.50 -54.02
C PRO AA 199 141.31 -44.02 -53.91
N ASP AA 200 141.93 -43.23 -54.77
CA ASP AA 200 141.65 -41.81 -54.86
C ASP AA 200 140.45 -41.62 -55.78
N SER AA 201 139.29 -41.32 -55.19
CA SER AA 201 138.09 -41.09 -55.97
C SER AA 201 137.09 -40.33 -55.11
N THR AA 202 136.29 -39.48 -55.77
CA THR AA 202 135.31 -38.69 -55.04
C THR AA 202 134.33 -39.58 -54.31
N MET AA 203 133.85 -40.62 -54.98
CA MET AA 203 132.88 -41.50 -54.36
C MET AA 203 133.45 -42.18 -53.13
N VAL AA 204 134.72 -42.59 -53.19
CA VAL AA 204 135.33 -43.29 -52.07
C VAL AA 204 135.36 -42.41 -50.83
N SER AA 205 135.90 -41.20 -50.98
CA SER AA 205 135.97 -40.29 -49.84
C SER AA 205 134.58 -39.93 -49.35
N THR AA 206 133.61 -39.84 -50.25
CA THR AA 206 132.24 -39.55 -49.85
C THR AA 206 131.75 -40.57 -48.85
N ILE AA 207 131.89 -41.86 -49.18
CA ILE AA 207 131.42 -42.90 -48.28
C ILE AA 207 132.21 -42.87 -46.98
N ARG AA 208 133.50 -42.56 -47.07
CA ARG AA 208 134.32 -42.48 -45.87
C ARG AA 208 133.75 -41.44 -44.90
N TRP AA 209 133.39 -40.27 -45.42
CA TRP AA 209 132.76 -39.27 -44.58
C TRP AA 209 131.43 -39.77 -44.02
N LEU AA 210 130.64 -40.45 -44.85
CA LEU AA 210 129.37 -40.99 -44.39
C LEU AA 210 129.57 -41.88 -43.18
N SER AA 211 130.54 -42.79 -43.25
CA SER AA 211 130.81 -43.66 -42.12
C SER AA 211 131.14 -42.86 -40.89
N ALA AA 212 132.00 -41.84 -41.04
CA ALA AA 212 132.35 -40.99 -39.90
C ALA AA 212 131.13 -40.26 -39.36
N ILE AA 213 130.32 -39.70 -40.26
CA ILE AA 213 129.17 -38.92 -39.83
C ILE AA 213 128.20 -39.78 -39.05
N TRP AA 214 127.92 -40.98 -39.55
CA TRP AA 214 126.96 -41.84 -38.89
C TRP AA 214 127.42 -42.18 -37.47
N PHE AA 215 128.70 -42.47 -37.30
CA PHE AA 215 129.20 -42.75 -35.96
C PHE AA 215 129.05 -41.54 -35.06
N GLY AA 216 129.35 -40.35 -35.58
CA GLY AA 216 129.19 -39.15 -34.78
C GLY AA 216 127.76 -38.96 -34.32
N SER AA 217 126.81 -39.24 -35.20
CA SER AA 217 125.41 -39.20 -34.80
C SER AA 217 125.07 -40.34 -33.86
N LEU AA 218 125.72 -41.49 -34.02
CA LEU AA 218 125.40 -42.64 -33.18
C LEU AA 218 125.65 -42.33 -31.73
N THR AA 219 126.77 -41.67 -31.43
CA THR AA 219 127.04 -41.21 -30.08
C THR AA 219 126.16 -40.02 -29.69
N GLY AA 220 125.45 -39.43 -30.64
CA GLY AA 220 124.72 -38.22 -30.38
C GLY AA 220 125.57 -36.98 -30.39
N ARG AA 221 126.89 -37.11 -30.56
CA ARG AA 221 127.76 -35.95 -30.63
C ARG AA 221 127.35 -35.04 -31.79
N LEU AA 222 126.97 -35.64 -32.91
CA LEU AA 222 126.41 -34.92 -34.03
C LEU AA 222 124.90 -34.99 -33.96
N ASN AA 223 124.25 -33.84 -34.07
CA ASN AA 223 122.80 -33.77 -34.04
C ASN AA 223 122.38 -32.49 -34.76
N ARG AA 224 121.08 -32.24 -34.79
CA ARG AA 224 120.59 -31.11 -35.57
C ARG AA 224 121.05 -29.77 -35.01
N SER AA 225 121.59 -29.74 -33.79
CA SER AA 225 122.18 -28.53 -33.27
C SER AA 225 123.67 -28.42 -33.59
N ARG AA 226 124.32 -29.54 -33.90
CA ARG AA 226 125.75 -29.56 -34.18
C ARG AA 226 125.98 -30.51 -35.34
N THR AA 227 126.02 -29.97 -36.55
CA THR AA 227 126.19 -30.78 -37.75
C THR AA 227 127.66 -30.89 -38.13
N CYS AA 228 127.95 -31.87 -38.97
CA CYS AA 228 129.31 -32.02 -39.50
C CYS AA 228 129.60 -30.94 -40.53
N ASN AA 229 128.85 -30.93 -41.61
CA ASN AA 229 128.94 -29.88 -42.62
C ASN AA 229 127.53 -29.51 -43.06
N GLY AA 230 126.65 -29.35 -42.09
CA GLY AA 230 125.23 -29.29 -42.35
C GLY AA 230 124.56 -30.64 -42.34
N PHE AA 231 125.33 -31.72 -42.45
CA PHE AA 231 124.79 -33.06 -42.46
C PHE AA 231 124.75 -33.64 -41.06
N TYR AA 232 123.82 -34.57 -40.86
CA TYR AA 232 123.67 -35.31 -39.62
C TYR AA 232 122.58 -36.36 -39.86
N PHE AA 233 122.46 -37.27 -38.91
CA PHE AA 233 121.48 -38.34 -38.99
C PHE AA 233 120.36 -38.10 -37.99
N GLU AA 234 119.13 -38.23 -38.45
CA GLU AA 234 117.94 -38.05 -37.63
C GLU AA 234 117.42 -39.40 -37.17
N PHE AA 235 116.96 -39.46 -35.93
CA PHE AA 235 116.51 -40.70 -35.33
C PHE AA 235 115.04 -40.64 -34.97
N ALA AA 236 114.38 -41.80 -35.02
CA ALA AA 236 113.02 -41.96 -34.57
C ALA AA 236 113.00 -42.48 -33.13
N LYS AA 237 111.84 -42.41 -32.52
CA LYS AA 237 111.71 -42.89 -31.15
C LYS AA 237 111.99 -44.38 -31.10
N PRO AA 238 112.81 -44.86 -30.17
CA PRO AA 238 113.16 -46.28 -30.16
C PRO AA 238 111.98 -47.19 -29.94
N ALA AA 239 110.91 -46.69 -29.32
CA ALA AA 239 109.75 -47.54 -29.05
C ALA AA 239 109.09 -48.03 -30.32
N LEU AA 240 109.34 -47.38 -31.45
CA LEU AA 240 108.72 -47.76 -32.72
C LEU AA 240 109.60 -47.24 -33.84
N ASN AA 241 109.90 -48.10 -34.80
CA ASN AA 241 110.89 -47.82 -35.84
C ASN AA 241 112.22 -47.44 -35.18
N PRO AA 242 112.80 -48.33 -34.37
CA PRO AA 242 114.03 -47.97 -33.66
C PRO AA 242 115.24 -47.88 -34.56
N ASP AA 243 115.10 -48.20 -35.85
CA ASP AA 243 116.23 -48.30 -36.75
C ASP AA 243 116.14 -47.39 -37.96
N GLN AA 244 115.05 -46.64 -38.11
CA GLN AA 244 114.87 -45.81 -39.29
C GLN AA 244 115.56 -44.46 -39.12
N ALA AA 245 116.88 -44.53 -39.00
CA ALA AA 245 117.71 -43.33 -38.98
C ALA AA 245 118.07 -42.96 -40.40
N VAL AA 246 117.83 -41.70 -40.78
CA VAL AA 246 118.07 -41.22 -42.12
C VAL AA 246 119.01 -40.03 -42.05
N LEU AA 247 119.51 -39.64 -43.22
CA LEU AA 247 120.44 -38.53 -43.34
C LEU AA 247 119.69 -37.24 -43.58
N LYS AA 248 120.15 -36.16 -42.95
CA LYS AA 248 119.52 -34.85 -43.07
C LYS AA 248 120.58 -33.79 -43.27
N TRP AA 249 120.20 -32.71 -43.94
CA TRP AA 249 121.04 -31.54 -44.08
C TRP AA 249 120.37 -30.34 -43.43
N ASN AA 250 121.17 -29.49 -42.81
CA ASN AA 250 120.64 -28.41 -41.99
C ASN AA 250 121.55 -27.20 -42.10
N ASP AA 251 121.00 -26.04 -41.80
CA ASP AA 251 121.72 -24.79 -41.91
C ASP AA 251 122.34 -24.33 -40.59
N GLY AA 252 122.25 -25.13 -39.54
CA GLY AA 252 122.70 -24.74 -38.23
C GLY AA 252 124.22 -24.73 -38.09
N ALA AA 253 124.67 -24.77 -36.85
CA ALA AA 253 126.09 -24.69 -36.55
C ALA AA 253 126.81 -25.95 -37.02
N ARG AA 254 128.12 -25.81 -37.20
CA ARG AA 254 128.98 -26.89 -37.66
C ARG AA 254 130.08 -27.14 -36.63
N ALA AA 255 130.36 -28.42 -36.40
CA ALA AA 255 131.47 -28.77 -35.52
C ALA AA 255 132.79 -28.40 -36.17
N ALA AA 256 133.71 -27.86 -35.38
CA ALA AA 256 135.00 -27.49 -35.90
C ALA AA 256 135.84 -28.75 -36.15
N PRO AA 257 136.78 -28.68 -37.08
CA PRO AA 257 137.62 -29.84 -37.38
C PRO AA 257 138.51 -30.19 -36.21
N PRO AA 258 138.95 -31.44 -36.10
CA PRO AA 258 139.77 -31.85 -34.96
C PRO AA 258 141.15 -31.22 -35.01
N ALA AA 259 141.80 -31.20 -33.85
CA ALA AA 259 143.15 -30.66 -33.77
C ALA AA 259 144.11 -31.48 -34.63
N ALA AA 260 144.00 -32.79 -34.58
CA ALA AA 260 144.84 -33.68 -35.37
C ALA AA 260 143.97 -34.75 -36.01
N ALA AA 261 144.57 -35.46 -36.96
CA ALA AA 261 143.84 -36.52 -37.65
C ALA AA 261 143.45 -37.62 -36.69
N GLN AA 262 142.20 -38.08 -36.80
CA GLN AA 262 141.67 -39.12 -35.94
C GLN AA 262 141.35 -40.35 -36.75
N SER AA 263 141.58 -41.52 -36.16
CA SER AA 263 141.28 -42.79 -36.82
C SER AA 263 141.35 -43.90 -35.79
N SER AA 264 140.48 -44.90 -35.95
CA SER AA 264 140.48 -46.05 -35.07
C SER AA 264 139.62 -47.14 -35.69
N TYR AA 265 139.73 -48.34 -35.12
CA TYR AA 265 138.89 -49.47 -35.49
C TYR AA 265 137.79 -49.66 -34.47
N MET AA 266 136.63 -50.09 -34.96
CA MET AA 266 135.44 -50.21 -34.12
C MET AA 266 134.89 -51.62 -34.20
N ARG AA 267 134.14 -51.99 -33.16
CA ARG AA 267 133.60 -53.33 -33.05
C ARG AA 267 132.44 -53.30 -32.06
N CYS AA 268 131.44 -54.13 -32.30
CA CYS AA 268 130.35 -54.31 -31.36
C CYS AA 268 130.73 -55.45 -30.40
N ILE AA 269 130.71 -55.16 -29.10
CA ILE AA 269 131.21 -56.09 -28.11
C ILE AA 269 130.10 -56.93 -27.49
N SER AA 270 128.88 -56.83 -28.01
CA SER AA 270 127.75 -57.56 -27.47
C SER AA 270 127.05 -58.30 -28.59
N PRO AA 271 126.43 -59.44 -28.29
CA PRO AA 271 125.75 -60.21 -29.35
C PRO AA 271 124.57 -59.49 -29.97
N HIS AA 272 124.21 -58.30 -29.48
CA HIS AA 272 123.03 -57.59 -29.99
C HIS AA 272 123.08 -57.43 -31.49
N TRP AA 273 124.28 -57.28 -32.06
CA TRP AA 273 124.39 -56.91 -33.45
C TRP AA 273 123.80 -57.95 -34.39
N GLN AA 274 123.81 -59.22 -34.00
CA GLN AA 274 123.43 -60.27 -34.92
C GLN AA 274 121.99 -60.14 -35.40
N HIS AA 275 121.15 -59.38 -34.68
CA HIS AA 275 119.77 -59.19 -35.11
C HIS AA 275 119.39 -57.72 -35.13
N GLN AA 276 120.37 -56.82 -35.11
CA GLN AA 276 120.11 -55.38 -35.18
C GLN AA 276 120.69 -54.87 -36.49
N ILE AA 277 119.82 -54.33 -37.34
CA ILE AA 277 120.20 -54.07 -38.72
C ILE AA 277 121.25 -52.97 -38.80
N VAL AA 278 121.13 -51.94 -37.97
CA VAL AA 278 121.97 -50.76 -38.12
C VAL AA 278 123.44 -51.10 -37.89
N GLU AA 279 123.71 -52.02 -36.96
CA GLU AA 279 125.09 -52.45 -36.76
C GLU AA 279 125.65 -53.08 -38.02
N VAL AA 280 124.88 -53.96 -38.66
CA VAL AA 280 125.32 -54.60 -39.88
C VAL AA 280 125.54 -53.56 -40.97
N ALA AA 281 124.60 -52.63 -41.11
CA ALA AA 281 124.73 -51.61 -42.14
C ALA AA 281 125.98 -50.77 -41.93
N GLY AA 282 126.18 -50.29 -40.69
CA GLY AA 282 127.34 -49.46 -40.43
C GLY AA 282 128.64 -50.20 -40.67
N ALA AA 283 128.72 -51.45 -40.23
CA ALA AA 283 129.94 -52.23 -40.41
C ALA AA 283 130.22 -52.44 -41.90
N LEU AA 284 129.21 -52.86 -42.66
CA LEU AA 284 129.41 -53.12 -44.08
C LEU AA 284 129.85 -51.87 -44.82
N MET AA 285 129.19 -50.74 -44.54
CA MET AA 285 129.52 -49.51 -45.22
C MET AA 285 130.99 -49.14 -45.01
N SER AA 286 131.43 -49.13 -43.76
CA SER AA 286 132.83 -48.84 -43.48
C SER AA 286 133.74 -49.88 -44.11
N GLN AA 287 133.36 -51.16 -43.99
CA GLN AA 287 134.17 -52.22 -44.57
C GLN AA 287 134.27 -52.06 -46.08
N SER AA 288 133.23 -51.52 -46.72
CA SER AA 288 133.30 -51.31 -48.16
C SER AA 288 134.41 -50.34 -48.53
N VAL AA 289 134.54 -49.25 -47.76
CA VAL AA 289 135.60 -48.29 -48.04
C VAL AA 289 136.96 -48.94 -47.89
N THR AA 290 137.17 -49.65 -46.77
CA THR AA 290 138.45 -50.29 -46.55
C THR AA 290 138.75 -51.32 -47.64
N ALA AA 291 137.71 -51.94 -48.20
CA ALA AA 291 137.92 -52.95 -49.22
C ALA AA 291 138.60 -52.37 -50.45
N VAL AA 292 138.12 -51.23 -50.93
CA VAL AA 292 138.71 -50.65 -52.13
C VAL AA 292 140.08 -50.04 -51.84
N THR AA 293 140.25 -49.39 -50.68
CA THR AA 293 141.50 -48.72 -50.38
C THR AA 293 142.49 -49.59 -49.62
N GLY AA 294 142.09 -50.77 -49.18
CA GLY AA 294 142.96 -51.59 -48.35
C GLY AA 294 142.99 -51.09 -46.92
N LEU AA 295 143.67 -51.84 -46.07
CA LEU AA 295 143.78 -51.46 -44.68
C LEU AA 295 144.79 -50.34 -44.53
N PRO AA 296 144.41 -49.22 -43.91
CA PRO AA 296 145.40 -48.16 -43.66
C PRO AA 296 146.55 -48.62 -42.80
N ALA AA 297 146.29 -49.48 -41.82
CA ALA AA 297 147.34 -49.94 -40.92
C ALA AA 297 146.87 -51.21 -40.22
N LEU AA 298 147.81 -51.87 -39.54
CA LEU AA 298 147.50 -53.09 -38.82
C LEU AA 298 146.65 -52.79 -37.59
N ILE AA 299 145.96 -53.82 -37.13
CA ILE AA 299 145.05 -53.71 -35.99
C ILE AA 299 145.76 -54.20 -34.75
N ASP AA 300 145.41 -53.60 -33.61
CA ASP AA 300 145.99 -53.99 -32.34
C ASP AA 300 145.43 -55.35 -31.90
N GLU AA 301 146.33 -56.29 -31.64
CA GLU AA 301 145.91 -57.64 -31.26
C GLU AA 301 145.34 -57.70 -29.85
N ALA AA 302 145.66 -56.70 -29.01
CA ALA AA 302 145.53 -56.86 -27.57
C ALA AA 302 144.14 -57.31 -27.15
N THR AA 303 143.10 -56.81 -27.81
CA THR AA 303 141.73 -57.08 -27.41
C THR AA 303 141.04 -58.11 -28.29
N LEU AA 304 141.77 -58.78 -29.16
CA LEU AA 304 141.17 -59.69 -30.11
C LEU AA 304 141.23 -61.13 -29.60
N PRO AA 305 140.41 -62.03 -30.16
CA PRO AA 305 140.47 -63.44 -29.74
C PRO AA 305 141.79 -64.11 -30.07
N ALA AA 306 141.93 -65.37 -29.65
CA ALA AA 306 143.23 -66.03 -29.70
C ALA AA 306 143.69 -66.26 -31.14
N TRP AA 307 142.81 -66.77 -31.99
CA TRP AA 307 143.23 -67.09 -33.35
C TRP AA 307 143.60 -65.86 -34.15
N SER AA 308 143.19 -64.68 -33.71
CA SER AA 308 143.50 -63.44 -34.39
C SER AA 308 144.81 -62.81 -33.93
N GLN AA 309 145.53 -63.47 -33.03
CA GLN AA 309 146.75 -62.88 -32.48
C GLN AA 309 147.88 -63.04 -33.49
N GLY AA 310 148.34 -61.91 -34.05
CA GLY AA 310 149.51 -61.92 -34.89
C GLY AA 310 149.30 -62.41 -36.31
N VAL AA 311 148.16 -62.08 -36.90
CA VAL AA 311 147.94 -62.45 -38.30
C VAL AA 311 148.85 -61.61 -39.18
N ALA AA 312 149.33 -62.22 -40.27
CA ALA AA 312 150.44 -61.68 -41.04
C ALA AA 312 150.18 -60.25 -41.50
N ASN AA 313 149.17 -60.06 -42.33
CA ASN AA 313 148.91 -58.75 -42.93
C ASN AA 313 147.74 -58.04 -42.28
N LEU AA 314 147.29 -58.51 -41.12
CA LEU AA 314 146.09 -57.96 -40.50
C LEU AA 314 146.34 -57.37 -39.12
N THR AA 315 147.00 -58.12 -38.23
CA THR AA 315 147.14 -57.71 -36.85
C THR AA 315 148.60 -57.63 -36.47
N GLY AA 316 148.89 -56.78 -35.49
CA GLY AA 316 150.25 -56.60 -35.03
C GLY AA 316 150.26 -55.90 -33.69
N ASN AA 317 151.46 -55.75 -33.15
CA ASN AA 317 151.62 -55.04 -31.89
C ASN AA 317 152.76 -54.04 -31.94
N GLY AA 318 153.21 -53.68 -33.13
CA GLY AA 318 154.33 -52.77 -33.30
C GLY AA 318 153.95 -51.32 -33.08
N GLN AA 319 154.69 -50.44 -33.74
CA GLN AA 319 154.48 -49.01 -33.55
C GLN AA 319 153.26 -48.52 -34.33
N GLY AA 320 153.31 -48.64 -35.66
CA GLY AA 320 152.22 -48.16 -36.49
C GLY AA 320 151.03 -49.09 -36.47
N VAL AA 321 150.40 -49.23 -35.31
CA VAL AA 321 149.27 -50.13 -35.13
C VAL AA 321 148.11 -49.32 -34.55
N VAL AA 322 147.03 -49.23 -35.31
CA VAL AA 322 145.86 -48.47 -34.86
C VAL AA 322 145.12 -49.29 -33.82
N PRO AA 323 144.77 -48.72 -32.67
CA PRO AA 323 143.98 -49.45 -31.68
C PRO AA 323 142.56 -49.68 -32.17
N CYS AA 324 141.89 -50.63 -31.52
CA CYS AA 324 140.51 -50.95 -31.83
C CYS AA 324 139.65 -50.75 -30.59
N LEU AA 325 138.57 -50.00 -30.75
CA LEU AA 325 137.61 -49.80 -29.67
C LEU AA 325 136.38 -50.66 -29.91
N ASP AA 326 135.69 -50.97 -28.82
CA ASP AA 326 134.45 -51.73 -28.88
C ASP AA 326 133.47 -51.16 -27.88
N TYR AA 327 132.18 -51.43 -28.10
CA TYR AA 327 131.14 -50.77 -27.33
C TYR AA 327 129.91 -51.66 -27.27
N ASN AA 328 129.03 -51.32 -26.34
CA ASN AA 328 127.75 -51.96 -26.17
C ASN AA 328 126.64 -50.99 -26.52
N PRO AA 329 125.65 -51.39 -27.31
CA PRO AA 329 124.62 -50.44 -27.74
C PRO AA 329 123.86 -49.78 -26.61
N VAL AA 330 123.55 -50.52 -25.54
CA VAL AA 330 122.72 -49.96 -24.49
C VAL AA 330 123.41 -48.78 -23.81
N PRO AA 331 124.65 -48.91 -23.32
CA PRO AA 331 125.31 -47.71 -22.79
C PRO AA 331 125.48 -46.64 -23.84
N MET AA 332 125.68 -47.03 -25.10
CA MET AA 332 125.82 -46.07 -26.17
C MET AA 332 124.57 -45.20 -26.29
N ALA AA 333 123.40 -45.83 -26.26
CA ALA AA 333 122.16 -45.08 -26.33
C ALA AA 333 122.03 -44.13 -25.15
N ALA AA 334 122.42 -44.59 -23.96
CA ALA AA 334 122.36 -43.73 -22.79
C ALA AA 334 123.23 -42.50 -23.00
N ALA AA 335 124.43 -42.68 -23.52
CA ALA AA 335 125.29 -41.54 -23.81
C ALA AA 335 124.65 -40.64 -24.86
N ARG AA 336 124.06 -41.24 -25.90
CA ARG AA 336 123.42 -40.43 -26.94
C ARG AA 336 122.31 -39.58 -26.36
N HIS AA 337 121.44 -40.18 -25.55
CA HIS AA 337 120.37 -39.43 -24.92
C HIS AA 337 120.95 -38.33 -24.03
N LEU AA 338 121.99 -38.64 -23.27
CA LEU AA 338 122.60 -37.65 -22.41
C LEU AA 338 123.10 -36.46 -23.21
N GLN AA 339 123.69 -36.72 -24.38
CA GLN AA 339 124.12 -35.62 -25.24
C GLN AA 339 122.94 -34.75 -25.64
N TRP AA 340 121.81 -35.39 -25.98
CA TRP AA 340 120.66 -34.62 -26.45
C TRP AA 340 120.15 -33.68 -25.36
N ARG AA 341 120.02 -34.16 -24.13
CA ARG AA 341 119.55 -33.28 -23.07
C ARG AA 341 120.59 -32.22 -22.73
N GLN AA 342 121.87 -32.55 -22.83
CA GLN AA 342 122.90 -31.54 -22.62
C GLN AA 342 122.85 -30.48 -23.70
N ASP AA 343 122.62 -30.89 -24.94
CA ASP AA 343 122.45 -29.93 -26.02
C ASP AA 343 121.05 -29.32 -26.03
N GLY AA 344 120.17 -29.74 -25.13
CA GLY AA 344 118.88 -29.11 -24.99
C GLY AA 344 117.82 -29.57 -25.95
N LEU AA 345 118.04 -30.66 -26.68
CA LEU AA 345 117.00 -31.16 -27.56
C LEU AA 345 115.85 -31.78 -26.80
N ILE AA 346 116.10 -32.29 -25.58
CA ILE AA 346 115.08 -32.97 -24.79
C ILE AA 346 115.23 -32.54 -23.34
N THR AA 347 114.19 -32.84 -22.56
CA THR AA 347 114.23 -32.63 -21.12
C THR AA 347 114.63 -33.93 -20.42
N ALA AA 348 115.14 -33.77 -19.20
CA ALA AA 348 115.61 -34.93 -18.44
C ALA AA 348 114.50 -35.96 -18.27
N ALA AA 349 113.25 -35.51 -18.16
CA ALA AA 349 112.14 -36.44 -18.06
C ALA AA 349 112.06 -37.33 -19.29
N GLN AA 350 112.25 -36.74 -20.48
CA GLN AA 350 112.27 -37.53 -21.69
C GLN AA 350 113.45 -38.48 -21.73
N GLU AA 351 114.62 -38.02 -21.27
CA GLU AA 351 115.82 -38.85 -21.32
C GLU AA 351 115.62 -40.12 -20.51
N ALA AA 352 115.02 -40.01 -19.32
CA ALA AA 352 114.75 -41.20 -18.52
C ALA AA 352 113.82 -42.14 -19.26
N GLN AA 353 112.79 -41.60 -19.91
CA GLN AA 353 111.87 -42.46 -20.66
C GLN AA 353 112.58 -43.17 -21.79
N LEU AA 354 113.44 -42.45 -22.52
CA LEU AA 354 114.10 -43.05 -23.67
C LEU AA 354 114.97 -44.23 -23.26
N ASN AA 355 115.72 -44.08 -22.17
CA ASN AA 355 116.54 -45.19 -21.70
C ASN AA 355 115.68 -46.38 -21.34
N ASN AA 356 114.55 -46.14 -20.67
CA ASN AA 356 113.65 -47.23 -20.34
C ASN AA 356 113.14 -47.91 -21.60
N ASP AA 357 112.74 -47.12 -22.59
CA ASP AA 357 112.24 -47.69 -23.84
C ASP AA 357 113.31 -48.51 -24.53
N TYR AA 358 114.51 -47.96 -24.66
CA TYR AA 358 115.56 -48.66 -25.39
C TYR AA 358 115.97 -49.94 -24.67
N THR AA 359 116.13 -49.86 -23.35
CA THR AA 359 116.53 -51.04 -22.60
C THR AA 359 115.51 -52.16 -22.77
N ALA AA 360 114.23 -51.82 -22.71
CA ALA AA 360 113.21 -52.81 -22.95
C ALA AA 360 113.33 -53.39 -24.35
N TYR AA 361 113.55 -52.52 -25.34
CA TYR AA 361 113.70 -52.99 -26.71
C TYR AA 361 114.89 -53.92 -26.84
N ALA AA 362 116.03 -53.53 -26.25
CA ALA AA 362 117.21 -54.37 -26.35
C ALA AA 362 116.99 -55.71 -25.68
N LEU AA 363 116.22 -55.73 -24.60
CA LEU AA 363 115.95 -56.98 -23.90
C LEU AA 363 115.30 -57.99 -24.82
N THR AA 364 114.39 -57.54 -25.68
CA THR AA 364 113.75 -58.44 -26.63
C THR AA 364 114.79 -59.05 -27.57
N ILE AA 365 115.75 -58.24 -28.03
CA ILE AA 365 116.78 -58.75 -28.92
C ILE AA 365 117.53 -59.89 -28.24
N GLU AA 366 117.98 -59.67 -27.01
CA GLU AA 366 118.67 -60.71 -26.27
C GLU AA 366 117.77 -61.93 -26.10
N ARG AA 367 116.53 -61.70 -25.70
CA ARG AA 367 115.61 -62.81 -25.48
C ARG AA 367 115.37 -63.60 -26.76
N HIS AA 368 115.29 -62.90 -27.89
CA HIS AA 368 115.09 -63.58 -29.16
C HIS AA 368 116.30 -64.44 -29.52
N LEU AA 369 117.49 -63.85 -29.45
CA LEU AA 369 118.69 -64.55 -29.89
C LEU AA 369 118.96 -65.76 -29.01
N THR AA 370 118.86 -65.59 -27.68
CA THR AA 370 119.19 -66.68 -26.78
C THR AA 370 118.26 -67.86 -27.01
N ALA AA 371 116.98 -67.59 -27.26
CA ALA AA 371 116.06 -68.66 -27.60
C ALA AA 371 116.38 -69.26 -28.95
N MET AA 372 116.89 -68.44 -29.87
CA MET AA 372 117.19 -68.95 -31.20
C MET AA 372 118.44 -69.82 -31.20
N LEU AA 373 119.39 -69.54 -30.31
CA LEU AA 373 120.63 -70.30 -30.30
C LEU AA 373 120.38 -71.76 -29.99
N VAL AA 374 119.59 -72.04 -28.95
CA VAL AA 374 119.31 -73.42 -28.59
C VAL AA 374 118.53 -74.12 -29.69
N ALA AA 375 117.78 -73.36 -30.48
CA ALA AA 375 117.07 -73.94 -31.60
C ALA AA 375 118.02 -74.38 -32.71
N ASN AA 376 119.21 -73.80 -32.77
CA ASN AA 376 120.19 -74.11 -33.81
C ASN AA 376 121.53 -74.39 -33.16
N PRO AA 377 121.67 -75.53 -32.49
CA PRO AA 377 122.96 -75.85 -31.88
C PRO AA 377 124.05 -75.93 -32.93
N ILE AA 378 125.23 -75.43 -32.58
CA ILE AA 378 126.32 -75.37 -33.55
C ILE AA 378 126.78 -76.77 -33.94
N ALA AA 379 126.61 -77.74 -33.03
CA ALA AA 379 127.01 -79.11 -33.33
C ALA AA 379 126.13 -79.76 -34.40
N ALA AA 380 125.01 -79.12 -34.76
CA ALA AA 380 124.13 -79.70 -35.76
C ALA AA 380 124.83 -79.83 -37.11
N GLY AA 381 125.64 -78.85 -37.47
CA GLY AA 381 126.39 -78.93 -38.71
C GLY AA 381 126.53 -77.60 -39.43
N ARG AA 382 125.66 -76.66 -39.12
CA ARG AA 382 125.71 -75.33 -39.71
C ARG AA 382 125.59 -74.29 -38.60
N MET AA 383 126.09 -73.08 -38.87
CA MET AA 383 126.13 -72.02 -37.89
C MET AA 383 125.34 -70.83 -38.42
N PRO AA 384 124.02 -70.88 -38.34
CA PRO AA 384 123.23 -69.69 -38.74
C PRO AA 384 123.50 -68.50 -37.86
N ILE AA 385 123.79 -68.69 -36.58
CA ILE AA 385 124.11 -67.58 -35.69
C ILE AA 385 125.35 -67.93 -34.88
N GLN AA 386 126.12 -66.89 -34.54
CA GLN AA 386 127.38 -67.06 -33.84
C GLN AA 386 127.13 -67.34 -32.36
N PRO AA 387 127.83 -68.30 -31.78
CA PRO AA 387 127.60 -68.65 -30.37
C PRO AA 387 128.05 -67.53 -29.44
N PHE AA 388 127.51 -67.56 -28.23
CA PHE AA 388 127.81 -66.55 -27.21
C PHE AA 388 127.41 -67.10 -25.85
N ASN AA 389 127.64 -66.30 -24.82
CA ASN AA 389 127.22 -66.61 -23.47
C ASN AA 389 126.33 -65.50 -22.94
N ALA AA 390 125.49 -65.83 -21.97
CA ALA AA 390 124.52 -64.87 -21.46
C ALA AA 390 125.21 -63.62 -20.93
N ALA AA 391 126.37 -63.78 -20.29
CA ALA AA 391 127.07 -62.63 -19.74
C ALA AA 391 127.48 -61.63 -20.80
N ASP AA 392 127.60 -62.07 -22.07
CA ASP AA 392 128.05 -61.19 -23.12
C ASP AA 392 127.09 -60.03 -23.37
N PHE AA 393 125.82 -60.19 -23.03
CA PHE AA 393 124.88 -59.10 -23.23
C PHE AA 393 125.10 -57.95 -22.25
N GLY AA 394 125.82 -58.19 -21.15
CA GLY AA 394 126.03 -57.18 -20.15
C GLY AA 394 127.37 -56.48 -20.19
N GLN AA 395 128.26 -56.86 -21.09
CA GLN AA 395 129.58 -56.26 -21.13
C GLN AA 395 129.50 -54.83 -21.62
N ALA AA 396 130.10 -53.91 -20.86
CA ALA AA 396 130.17 -52.52 -21.27
C ALA AA 396 131.27 -52.26 -22.27
N GLY AA 397 132.32 -53.08 -22.27
CA GLY AA 397 133.41 -52.90 -23.21
C GLY AA 397 134.11 -51.57 -22.99
N GLN AA 398 134.59 -50.99 -24.10
CA GLN AA 398 135.26 -49.71 -24.08
C GLN AA 398 134.34 -48.57 -24.50
N THR AA 399 133.05 -48.68 -24.16
CA THR AA 399 132.08 -47.69 -24.62
C THR AA 399 132.47 -46.28 -24.18
N ALA AA 400 132.95 -46.14 -22.95
CA ALA AA 400 133.36 -44.84 -22.47
C ALA AA 400 134.43 -44.24 -23.35
N ALA AA 401 135.41 -45.06 -23.75
CA ALA AA 401 136.43 -44.59 -24.67
C ALA AA 401 135.84 -44.25 -26.02
N ALA AA 402 134.81 -44.97 -26.44
CA ALA AA 402 134.22 -44.74 -27.75
C ALA AA 402 133.64 -43.34 -27.85
N VAL AA 403 132.79 -42.96 -26.90
CA VAL AA 403 132.18 -41.63 -26.94
C VAL AA 403 133.24 -40.56 -26.79
N ALA AA 404 134.28 -40.84 -26.00
CA ALA AA 404 135.36 -39.89 -25.86
C ALA AA 404 136.02 -39.62 -27.21
N LEU AA 405 136.21 -40.67 -28.01
CA LEU AA 405 136.78 -40.49 -29.34
C LEU AA 405 135.90 -39.59 -30.20
N ALA AA 406 134.60 -39.84 -30.18
CA ALA AA 406 133.69 -39.02 -30.99
C ALA AA 406 133.76 -37.56 -30.58
N GLN AA 407 133.80 -37.31 -29.27
CA GLN AA 407 133.94 -35.94 -28.79
C GLN AA 407 135.25 -35.34 -29.27
N ALA AA 408 136.33 -36.12 -29.26
CA ALA AA 408 137.59 -35.66 -29.80
C ALA AA 408 137.58 -35.60 -31.32
N MET AA 409 136.69 -36.34 -31.97
CA MET AA 409 136.66 -36.39 -33.43
C MET AA 409 135.90 -35.21 -34.01
N PHE AA 410 134.75 -34.88 -33.44
CA PHE AA 410 133.96 -33.72 -33.85
C PHE AA 410 133.98 -32.73 -32.71
N VAL AA 411 134.60 -31.57 -32.94
CA VAL AA 411 134.78 -30.60 -31.88
C VAL AA 411 134.64 -29.20 -32.45
N ALA HA 1 60.66 35.82 23.80
CA ALA HA 1 60.53 34.38 23.61
C ALA HA 1 59.14 34.02 23.11
N ALA HA 2 58.80 34.49 21.92
CA ALA HA 2 57.50 34.20 21.33
C ALA HA 2 57.67 34.09 19.82
N VAL HA 3 56.93 33.16 19.21
CA VAL HA 3 56.95 32.94 17.78
C VAL HA 3 55.53 33.04 17.27
N PHE HA 4 55.26 34.02 16.42
CA PHE HA 4 53.91 34.32 15.97
C PHE HA 4 52.99 34.42 17.18
N GLY HA 5 52.05 33.48 17.29
CA GLY HA 5 51.14 33.44 18.42
C GLY HA 5 51.50 32.41 19.48
N ILE HA 6 52.71 31.86 19.47
CA ILE HA 6 53.11 30.83 20.41
C ILE HA 6 54.00 31.46 21.47
N GLN HA 7 53.73 31.14 22.73
CA GLN HA 7 54.46 31.67 23.87
C GLN HA 7 55.38 30.60 24.44
N LEU HA 8 56.62 30.97 24.72
CA LEU HA 8 57.64 30.03 25.16
C LEU HA 8 58.31 30.51 26.43
N VAL HA 9 58.59 29.58 27.33
CA VAL HA 9 59.28 29.88 28.57
C VAL HA 9 60.78 29.94 28.28
N PRO HA 10 61.56 30.66 29.08
CA PRO HA 10 62.99 30.84 28.78
C PRO HA 10 63.89 29.69 29.17
N LYS HA 11 63.35 28.53 29.56
CA LYS HA 11 64.17 27.42 30.02
C LYS HA 11 64.11 26.28 29.02
N LEU HA 12 65.25 25.61 28.85
CA LEU HA 12 65.38 24.51 27.91
C LEU HA 12 65.47 23.17 28.66
N ASN HA 13 64.85 22.14 28.08
CA ASN HA 13 64.90 20.82 28.69
C ASN HA 13 64.63 19.77 27.62
N THR HA 14 65.38 18.67 27.68
CA THR HA 14 65.15 17.53 26.82
C THR HA 14 65.90 16.34 27.38
N SER HA 15 65.50 15.14 26.95
CA SER HA 15 66.12 13.92 27.44
C SER HA 15 67.55 13.81 26.90
N THR HA 16 68.29 12.84 27.44
CA THR HA 16 69.72 12.81 27.23
C THR HA 16 70.27 11.50 26.70
N THR HA 17 69.44 10.49 26.43
CA THR HA 17 69.97 9.25 25.89
C THR HA 17 68.90 8.56 25.06
N ARG HA 18 69.35 7.92 23.98
CA ARG HA 18 68.44 7.29 23.03
C ARG HA 18 68.34 5.80 23.31
N ARG HA 19 67.11 5.29 23.38
CA ARG HA 19 66.91 3.87 23.52
C ARG HA 19 67.16 3.16 22.19
N THR HA 20 67.96 2.11 22.23
CA THR HA 20 68.26 1.37 21.01
C THR HA 20 67.07 0.51 20.60
N PHE HA 21 67.00 0.23 19.31
CA PHE HA 21 65.93 -0.62 18.78
C PHE HA 21 66.31 -2.09 18.94
N LEU HA 22 65.28 -2.91 19.18
CA LEU HA 22 65.46 -4.35 19.22
C LEU HA 22 64.27 -4.97 18.50
N PRO HA 23 64.52 -5.91 17.58
CA PRO HA 23 63.41 -6.53 16.85
C PRO HA 23 62.65 -7.51 17.73
N LEU HA 24 61.47 -7.88 17.26
CA LEU HA 24 60.56 -8.74 18.01
C LEU HA 24 60.88 -10.20 17.76
N ARG HA 25 61.07 -10.95 18.85
CA ARG HA 25 61.28 -12.39 18.72
C ARG HA 25 60.01 -13.07 18.24
N PHE HA 26 60.19 -14.23 17.60
CA PHE HA 26 59.06 -14.93 17.02
C PHE HA 26 58.05 -15.34 18.09
N ASP HA 27 58.53 -15.89 19.21
CA ASP HA 27 57.64 -16.33 20.26
C ASP HA 27 56.86 -15.16 20.85
N LEU HA 28 57.56 -14.06 21.12
CA LEU HA 28 56.90 -12.90 21.71
C LEU HA 28 55.78 -12.40 20.82
N LEU HA 29 55.99 -12.44 19.50
CA LEU HA 29 54.94 -12.03 18.58
C LEU HA 29 53.69 -12.86 18.78
N LEU HA 30 53.84 -14.18 18.89
CA LEU HA 30 52.69 -15.05 19.08
C LEU HA 30 51.97 -14.73 20.38
N ASP HA 31 52.73 -14.43 21.43
CA ASP HA 31 52.11 -14.09 22.71
C ASP HA 31 51.24 -12.84 22.57
N ARG HA 32 51.73 -11.82 21.89
CA ARG HA 32 50.94 -10.61 21.72
C ARG HA 32 49.66 -10.90 20.96
N LEU HA 33 49.74 -11.70 19.90
CA LEU HA 33 48.55 -11.99 19.12
C LEU HA 33 47.60 -12.93 19.86
N GLN HA 34 48.13 -13.77 20.73
CA GLN HA 34 47.30 -14.71 21.47
C GLN HA 34 46.77 -14.13 22.76
N SER HA 35 47.02 -12.85 23.04
CA SER HA 35 46.54 -12.25 24.27
C SER HA 35 45.03 -12.41 24.39
N THR HA 36 44.57 -12.81 25.57
CA THR HA 36 43.15 -13.06 25.76
C THR HA 36 42.31 -11.83 25.48
N ASN HA 37 42.86 -10.65 25.72
CA ASN HA 37 42.24 -9.40 25.33
C ASN HA 37 43.27 -8.56 24.60
N LEU HA 38 42.89 -8.05 23.43
CA LEU HA 38 43.82 -7.27 22.62
C LEU HA 38 43.72 -5.78 22.87
N HIS HA 39 42.62 -5.31 23.46
CA HIS HA 39 42.53 -3.91 23.82
C HIS HA 39 43.64 -3.57 24.80
N GLY HA 40 44.31 -2.45 24.55
CA GLY HA 40 45.46 -2.09 25.35
C GLY HA 40 46.71 -2.86 25.03
N VAL HA 41 46.64 -3.84 24.15
CA VAL HA 41 47.80 -4.61 23.71
C VAL HA 41 48.08 -4.39 22.24
N LEU HA 42 47.05 -4.46 21.40
CA LEU HA 42 47.18 -4.24 19.98
C LEU HA 42 46.50 -2.97 19.51
N TYR HA 43 45.51 -2.48 20.25
CA TYR HA 43 44.83 -1.24 19.92
C TYR HA 43 44.28 -0.66 21.21
N ARG HA 44 43.95 0.63 21.16
CA ARG HA 44 43.38 1.30 22.31
C ARG HA 44 42.29 2.25 21.86
N ALA HA 45 41.20 2.29 22.63
CA ALA HA 45 40.09 3.17 22.34
C ALA HA 45 40.30 4.49 23.06
N LEU HA 46 40.34 5.58 22.29
CA LEU HA 46 40.50 6.91 22.86
C LEU HA 46 39.18 7.54 23.24
N ASP HA 47 38.07 6.82 23.07
CA ASP HA 47 36.76 7.47 23.06
C ASP HA 47 35.70 6.64 23.77
N PHE HA 48 36.08 5.68 24.60
CA PHE HA 48 35.11 4.72 25.10
C PHE HA 48 34.10 5.38 26.02
N ASN HA 49 32.82 5.11 25.78
CA ASN HA 49 31.76 5.57 26.66
C ASN HA 49 31.29 4.40 27.49
N PRO HA 50 31.62 4.33 28.78
CA PRO HA 50 31.22 3.17 29.57
C PRO HA 50 29.73 3.07 29.81
N VAL HA 51 28.98 4.16 29.69
CA VAL HA 51 27.54 4.08 29.82
C VAL HA 51 26.96 3.17 28.75
N ASP HA 52 27.43 3.32 27.52
CA ASP HA 52 27.18 2.35 26.47
C ASP HA 52 28.32 1.35 26.47
N ARG HA 53 28.42 0.55 25.40
CA ARG HA 53 29.56 -0.31 25.21
C ARG HA 53 30.27 0.08 23.92
N SER HA 54 30.44 1.38 23.71
CA SER HA 54 30.84 1.88 22.41
C SER HA 54 32.00 2.86 22.51
N ALA HA 55 32.81 2.87 21.46
CA ALA HA 55 33.80 3.90 21.22
C ALA HA 55 33.75 4.23 19.73
N THR HA 56 34.44 5.29 19.34
CA THR HA 56 34.38 5.75 17.95
C THR HA 56 35.72 5.97 17.30
N VAL HA 57 36.79 6.19 18.05
CA VAL HA 57 38.12 6.37 17.49
C VAL HA 57 39.08 5.40 18.16
N ILE HA 58 39.84 4.67 17.35
CA ILE HA 58 40.75 3.65 17.84
C ILE HA 58 42.17 4.01 17.43
N GLN HA 59 43.11 3.85 18.35
CA GLN HA 59 44.52 4.00 18.06
C GLN HA 59 45.16 2.63 17.97
N THR HA 60 46.01 2.44 16.96
CA THR HA 60 46.60 1.14 16.66
C THR HA 60 48.06 1.09 17.10
N TYR HA 61 48.59 -0.11 17.12
CA TYR HA 61 49.91 -0.41 17.68
C TYR HA 61 50.71 -1.23 16.68
N PRO HA 62 52.03 -1.30 16.86
CA PRO HA 62 52.93 -1.64 15.73
C PRO HA 62 52.45 -2.80 14.88
N PRO HA 63 52.12 -3.96 15.44
CA PRO HA 63 51.76 -5.09 14.57
C PRO HA 63 50.58 -4.78 13.68
N LEU HA 64 49.68 -3.92 14.11
CA LEU HA 64 48.48 -3.58 13.37
C LEU HA 64 48.57 -2.27 12.62
N ASN HA 65 49.28 -1.28 13.17
CA ASN HA 65 49.23 0.07 12.60
C ASN HA 65 49.82 0.15 11.20
N ALA HA 66 50.35 -0.93 10.65
CA ALA HA 66 50.78 -0.93 9.27
C ALA HA 66 49.63 -1.20 8.31
N TRP HA 67 48.45 -1.52 8.82
CA TRP HA 67 47.33 -1.89 7.97
C TRP HA 67 46.80 -0.68 7.20
N SER HA 68 46.42 -0.92 5.95
CA SER HA 68 45.68 0.06 5.16
C SER HA 68 44.38 -0.59 4.71
N PRO HA 69 43.25 -0.27 5.33
CA PRO HA 69 42.00 -0.96 5.01
C PRO HA 69 41.58 -0.73 3.57
N HIS HA 70 40.96 -1.74 2.98
CA HIS HA 70 40.35 -1.60 1.67
C HIS HA 70 39.13 -0.69 1.75
N PRO HA 71 38.80 0.02 0.67
CA PRO HA 71 37.77 1.06 0.76
C PRO HA 71 36.42 0.56 1.21
N ALA HA 72 36.07 -0.69 0.90
CA ALA HA 72 34.78 -1.22 1.33
C ALA HA 72 34.61 -1.11 2.83
N PHE HA 73 35.69 -1.27 3.58
CA PHE HA 73 35.63 -1.06 5.02
C PHE HA 73 35.43 0.40 5.34
N ILE HA 74 36.16 1.28 4.65
CA ILE HA 74 36.14 2.70 4.99
C ILE HA 74 34.77 3.31 4.76
N GLU HA 75 34.19 3.03 3.60
CA GLU HA 75 32.91 3.64 3.25
C GLU HA 75 31.75 3.12 4.07
N ASN HA 76 31.95 2.04 4.83
CA ASN HA 76 30.88 1.44 5.62
C ASN HA 76 31.46 0.90 6.91
N PRO HA 77 31.81 1.78 7.85
CA PRO HA 77 32.45 1.34 9.08
C PRO HA 77 31.49 0.53 9.93
N LEU HA 78 32.07 -0.34 10.75
CA LEU HA 78 31.32 -1.10 11.73
C LEU HA 78 31.46 -0.46 13.11
N ASP HA 79 30.69 -0.99 14.06
CA ASP HA 79 30.67 -0.43 15.40
C ASP HA 79 31.74 -1.09 16.26
N TYR HA 80 31.87 -0.60 17.49
CA TYR HA 80 32.90 -1.09 18.40
C TYR HA 80 32.71 -2.56 18.71
N ARG HA 81 31.46 -2.97 18.98
CA ARG HA 81 31.22 -4.35 19.35
C ARG HA 81 31.59 -5.30 18.21
N ASP HA 82 31.30 -4.90 16.98
CA ASP HA 82 31.74 -5.71 15.84
C ASP HA 82 33.25 -5.67 15.70
N TRP HA 83 33.85 -4.52 15.98
CA TRP HA 83 35.29 -4.39 15.84
C TRP HA 83 36.02 -5.37 16.73
N THR HA 84 35.69 -5.39 18.02
CA THR HA 84 36.39 -6.27 18.94
C THR HA 84 36.20 -7.72 18.56
N GLU HA 85 35.02 -8.07 18.06
CA GLU HA 85 34.81 -9.42 17.57
C GLU HA 85 35.64 -9.69 16.33
N PHE HA 86 35.68 -8.73 15.40
CA PHE HA 86 36.39 -8.94 14.14
C PHE HA 86 37.88 -9.16 14.38
N ILE HA 87 38.47 -8.33 15.24
CA ILE HA 87 39.92 -8.41 15.45
C ILE HA 87 40.30 -9.73 16.09
N HIS HA 88 39.60 -10.10 17.16
CA HIS HA 88 39.93 -11.33 17.85
C HIS HA 88 39.85 -12.53 16.92
N ASP HA 89 38.91 -12.52 15.98
CA ASP HA 89 38.87 -13.57 14.99
C ASP HA 89 40.10 -13.56 14.11
N ARG HA 90 40.41 -12.40 13.51
CA ARG HA 90 41.50 -12.34 12.55
C ARG HA 90 42.83 -12.65 13.21
N ALA HA 91 43.06 -12.15 14.42
CA ALA HA 91 44.33 -12.39 15.09
C ALA HA 91 44.58 -13.87 15.26
N LEU HA 92 43.58 -14.60 15.76
CA LEU HA 92 43.75 -16.03 15.96
C LEU HA 92 43.99 -16.73 14.64
N ALA HA 93 43.24 -16.37 13.61
CA ALA HA 93 43.43 -16.98 12.29
C ALA HA 93 44.83 -16.70 11.78
N PHE HA 94 45.31 -15.47 11.94
CA PHE HA 94 46.64 -15.13 11.47
C PHE HA 94 47.69 -15.95 12.21
N VAL HA 95 47.48 -16.18 13.51
CA VAL HA 95 48.42 -17.00 14.27
C VAL HA 95 48.48 -18.40 13.68
N GLY HA 96 47.32 -18.98 13.36
CA GLY HA 96 47.32 -20.33 12.81
C GLY HA 96 48.15 -20.45 11.56
N VAL HA 97 48.03 -19.47 10.66
CA VAL HA 97 48.82 -19.49 9.44
C VAL HA 97 50.30 -19.42 9.78
N LEU HA 98 50.67 -18.49 10.66
CA LEU HA 98 52.08 -18.33 11.00
C LEU HA 98 52.64 -19.57 11.65
N THR HA 99 51.80 -20.36 12.32
CA THR HA 99 52.26 -21.56 13.00
C THR HA 99 52.07 -22.82 12.17
N GLN HA 100 51.19 -22.80 11.17
CA GLN HA 100 51.12 -23.93 10.26
C GLN HA 100 52.45 -24.13 9.56
N ARG HA 101 53.06 -23.03 9.13
CA ARG HA 101 54.46 -23.03 8.76
C ARG HA 101 55.28 -22.65 10.00
N TYR HA 102 56.58 -22.88 9.94
CA TYR HA 102 57.49 -22.46 11.00
C TYR HA 102 57.02 -22.95 12.36
N PRO HA 103 57.13 -24.24 12.65
CA PRO HA 103 56.74 -24.72 13.98
C PRO HA 103 57.53 -23.99 15.06
N LEU HA 104 56.84 -23.71 16.17
CA LEU HA 104 57.39 -22.79 17.17
C LEU HA 104 58.69 -23.30 17.76
N THR HA 105 58.75 -24.60 18.08
CA THR HA 105 59.89 -25.13 18.80
C THR HA 105 61.19 -25.00 18.03
N GLN HA 106 61.12 -24.80 16.71
CA GLN HA 106 62.31 -24.64 15.89
C GLN HA 106 62.59 -23.19 15.52
N ASN HA 107 61.72 -22.26 15.91
CA ASN HA 107 61.84 -20.90 15.40
C ASN HA 107 61.60 -19.82 16.44
N ALA HA 108 61.46 -20.16 17.72
CA ALA HA 108 61.11 -19.15 18.71
C ALA HA 108 62.19 -18.09 18.83
N GLN HA 109 63.44 -18.46 18.59
CA GLN HA 109 64.56 -17.54 18.79
C GLN HA 109 64.75 -16.56 17.65
N ARG HA 110 64.14 -16.81 16.50
CA ARG HA 110 64.39 -15.98 15.33
C ARG HA 110 63.69 -14.65 15.45
N TYR HA 111 64.25 -13.64 14.79
CA TYR HA 111 63.73 -12.28 14.83
C TYR HA 111 62.93 -12.00 13.58
N THR HA 112 61.73 -11.46 13.76
CA THR HA 112 60.87 -11.11 12.64
C THR HA 112 61.27 -9.76 12.07
N ASN HA 113 61.21 -9.65 10.75
CA ASN HA 113 61.41 -8.36 10.12
C ASN HA 113 60.15 -7.52 10.31
N PRO HA 114 60.23 -6.38 10.98
CA PRO HA 114 59.01 -5.61 11.23
C PRO HA 114 58.29 -5.17 9.97
N LEU HA 115 59.05 -4.80 8.94
CA LEU HA 115 58.43 -4.35 7.69
C LEU HA 115 57.64 -5.47 7.05
N VAL HA 116 58.25 -6.66 6.93
CA VAL HA 116 57.56 -7.79 6.33
C VAL HA 116 56.34 -8.15 7.16
N LEU HA 117 56.50 -8.18 8.48
CA LEU HA 117 55.39 -8.55 9.34
C LEU HA 117 54.22 -7.59 9.15
N GLY HA 118 54.50 -6.30 9.12
CA GLY HA 118 53.43 -5.34 8.96
C GLY HA 118 52.70 -5.51 7.64
N ALA HA 119 53.46 -5.63 6.56
CA ALA HA 119 52.83 -5.79 5.25
C ALA HA 119 52.03 -7.08 5.18
N ALA HA 120 52.60 -8.17 5.65
CA ALA HA 120 51.91 -9.45 5.58
C ALA HA 120 50.61 -9.41 6.38
N PHE HA 121 50.67 -8.90 7.60
CA PHE HA 121 49.47 -8.83 8.42
C PHE HA 121 48.43 -7.93 7.78
N GLY HA 122 48.87 -6.79 7.23
CA GLY HA 122 47.93 -5.86 6.62
C GLY HA 122 47.17 -6.48 5.47
N ASP HA 123 47.86 -7.24 4.62
CA ASP HA 123 47.17 -7.90 3.51
C ASP HA 123 46.21 -8.96 4.03
N PHE HA 124 46.60 -9.66 5.09
CA PHE HA 124 45.79 -10.79 5.55
C PHE HA 124 44.38 -10.35 5.91
N LEU HA 125 44.25 -9.34 6.75
CA LEU HA 125 42.92 -8.87 7.10
C LEU HA 125 42.30 -8.02 6.00
N ASN HA 126 43.07 -7.69 4.96
CA ASN HA 126 42.49 -7.19 3.73
C ASN HA 126 42.02 -8.31 2.83
N ALA HA 127 42.01 -9.55 3.33
CA ALA HA 127 41.54 -10.71 2.57
C ALA HA 127 42.32 -10.89 1.28
N ARG HA 128 43.63 -10.70 1.36
CA ARG HA 128 44.52 -10.86 0.23
C ARG HA 128 45.64 -11.81 0.61
N SER HA 129 46.06 -12.65 -0.35
CA SER HA 129 46.99 -13.71 -0.06
C SER HA 129 48.35 -13.15 0.36
N ILE HA 130 49.05 -13.91 1.21
CA ILE HA 130 50.26 -13.40 1.86
C ILE HA 130 51.42 -14.38 1.70
N ASP HA 131 51.26 -15.37 0.83
CA ASP HA 131 52.24 -16.45 0.76
C ASP HA 131 53.63 -15.92 0.47
N ILE HA 132 53.73 -14.90 -0.39
CA ILE HA 132 55.04 -14.39 -0.78
C ILE HA 132 55.83 -13.91 0.44
N PHE HA 133 55.14 -13.28 1.38
CA PHE HA 133 55.85 -12.68 2.51
C PHE HA 133 56.38 -13.75 3.45
N LEU HA 134 55.67 -14.86 3.60
CA LEU HA 134 56.02 -15.83 4.63
C LEU HA 134 57.43 -16.38 4.45
N ASP HA 135 57.93 -16.38 3.22
CA ASP HA 135 59.28 -16.90 2.99
C ASP HA 135 60.33 -16.03 3.64
N ARG HA 136 60.04 -14.75 3.86
CA ARG HA 136 61.04 -13.80 4.30
C ARG HA 136 60.60 -13.09 5.56
N LEU HA 137 60.01 -13.83 6.49
CA LEU HA 137 59.55 -13.24 7.73
C LEU HA 137 60.68 -12.93 8.70
N PHE HA 138 61.82 -13.62 8.58
CA PHE HA 138 62.90 -13.50 9.55
C PHE HA 138 64.12 -12.86 8.93
N TYR HA 139 64.99 -12.35 9.79
CA TYR HA 139 66.27 -11.79 9.36
C TYR HA 139 67.24 -11.84 10.53
N GLY HA 140 68.53 -11.84 10.21
CA GLY HA 140 69.56 -11.87 11.21
C GLY HA 140 70.07 -10.48 11.51
N PRO HA 141 69.59 -9.88 12.61
CA PRO HA 141 69.90 -8.48 12.89
C PRO HA 141 71.38 -8.20 13.03
N THR HA 142 72.16 -9.18 13.48
CA THR HA 142 73.59 -8.97 13.59
C THR HA 142 74.27 -8.89 12.23
N GLN HA 143 73.60 -9.34 11.17
CA GLN HA 143 74.20 -9.38 9.86
C GLN HA 143 73.64 -8.36 8.88
N GLU HA 144 72.41 -7.90 9.08
CA GLU HA 144 71.85 -6.91 8.18
C GLU HA 144 70.71 -6.19 8.87
N SER HA 145 70.35 -5.04 8.30
CA SER HA 145 69.21 -4.27 8.76
C SER HA 145 67.91 -4.89 8.23
N PRO HA 146 66.78 -4.55 8.83
CA PRO HA 146 65.51 -5.01 8.28
C PRO HA 146 65.26 -4.53 6.87
N ILE HA 147 65.95 -3.48 6.42
CA ILE HA 147 65.82 -2.99 5.06
C ILE HA 147 66.68 -3.84 4.14
N THR HA 148 67.98 -3.89 4.43
CA THR HA 148 68.91 -4.59 3.54
C THR HA 148 68.56 -6.05 3.39
N SER HA 149 67.98 -6.66 4.43
CA SER HA 149 67.51 -8.03 4.32
C SER HA 149 66.50 -8.18 3.19
N ILE HA 150 65.73 -7.14 2.93
CA ILE HA 150 64.69 -7.20 1.91
C ILE HA 150 65.26 -6.92 0.53
N THR HA 151 66.22 -6.00 0.43
CA THR HA 151 66.75 -5.59 -0.87
C THR HA 151 67.43 -6.73 -1.60
N LYS HA 152 67.56 -7.88 -0.95
CA LYS HA 152 68.10 -9.05 -1.62
C LYS HA 152 67.21 -9.55 -2.74
N PHE HA 153 65.97 -9.08 -2.82
CA PHE HA 153 65.00 -9.56 -3.79
C PHE HA 153 64.39 -8.35 -4.51
N PRO HA 154 65.18 -7.68 -5.34
CA PRO HA 154 64.75 -6.39 -5.90
C PRO HA 154 63.77 -6.52 -7.05
N TYR HA 155 62.49 -6.65 -6.75
CA TYR HA 155 61.46 -6.66 -7.78
C TYR HA 155 60.13 -6.35 -7.14
N GLN HA 156 59.12 -6.17 -7.98
CA GLN HA 156 57.78 -5.87 -7.48
C GLN HA 156 57.19 -7.10 -6.83
N TRP HA 157 57.32 -7.22 -5.51
CA TRP HA 157 56.75 -8.37 -4.80
C TRP HA 157 55.25 -8.41 -5.01
N THR HA 158 54.57 -7.30 -4.76
CA THR HA 158 53.14 -7.22 -5.00
C THR HA 158 52.79 -5.76 -5.28
N ILE HA 159 51.53 -5.55 -5.63
CA ILE HA 159 51.10 -4.27 -6.17
C ILE HA 159 51.27 -3.14 -5.16
N ASP HA 160 51.24 -3.46 -3.87
CA ASP HA 160 51.38 -2.46 -2.83
C ASP HA 160 52.71 -2.57 -2.09
N PHE HA 161 53.63 -3.39 -2.59
CA PHE HA 161 54.90 -3.59 -1.90
C PHE HA 161 55.95 -3.81 -2.99
N ASN HA 162 56.65 -2.74 -3.35
CA ASN HA 162 57.61 -2.74 -4.44
C ASN HA 162 58.99 -2.40 -3.89
N VAL HA 163 59.99 -3.19 -4.25
CA VAL HA 163 61.33 -3.04 -3.72
C VAL HA 163 62.32 -3.02 -4.87
N THR HA 164 63.22 -2.03 -4.86
CA THR HA 164 64.29 -1.91 -5.81
C THR HA 164 65.56 -2.54 -5.23
N ALA HA 165 66.69 -2.31 -5.90
CA ALA HA 165 67.97 -2.77 -5.36
C ALA HA 165 68.40 -1.98 -4.13
N ASP HA 166 67.76 -0.86 -3.84
CA ASP HA 166 68.20 0.02 -2.76
C ASP HA 166 67.08 0.55 -1.89
N SER HA 167 65.81 0.36 -2.25
CA SER HA 167 64.74 1.05 -1.56
C SER HA 167 63.46 0.24 -1.65
N VAL HA 168 62.53 0.55 -0.75
CA VAL HA 168 61.23 -0.11 -0.70
C VAL HA 168 60.15 0.96 -0.66
N ARG HA 169 59.07 0.72 -1.39
CA ARG HA 169 57.93 1.62 -1.43
C ARG HA 169 56.67 0.88 -0.98
N THR HA 170 55.90 1.52 -0.12
CA THR HA 170 54.67 0.93 0.38
C THR HA 170 53.81 2.04 0.98
N PRO HA 171 52.49 1.90 0.94
CA PRO HA 171 51.63 2.90 1.59
C PRO HA 171 51.81 2.91 3.09
N ALA HA 172 51.69 4.10 3.67
CA ALA HA 172 51.79 4.23 5.11
C ALA HA 172 50.54 3.68 5.79
N GLY HA 173 50.74 2.94 6.87
CA GLY HA 173 49.63 2.38 7.60
C GLY HA 173 48.83 3.43 8.33
N CYS HA 174 47.60 3.07 8.69
CA CYS HA 174 46.69 3.98 9.38
C CYS HA 174 46.92 3.86 10.89
N LYS HA 175 47.34 4.95 11.50
CA LYS HA 175 47.56 4.96 12.94
C LYS HA 175 46.27 5.06 13.72
N TYR HA 176 45.19 5.51 13.10
CA TYR HA 176 43.90 5.63 13.76
C TYR HA 176 42.83 4.98 12.90
N ILE HA 177 41.79 4.49 13.56
CA ILE HA 177 40.65 3.90 12.88
C ILE HA 177 39.39 4.50 13.46
N THR HA 178 38.51 4.99 12.60
CA THR HA 178 37.25 5.58 13.01
C THR HA 178 36.14 4.57 12.82
N LEU HA 179 35.39 4.30 13.88
CA LEU HA 179 34.32 3.33 13.83
C LEU HA 179 33.03 4.02 13.39
N TYR HA 180 31.92 3.30 13.49
CA TYR HA 180 30.63 3.87 13.13
C TYR HA 180 30.28 5.03 14.06
N GLY HA 181 29.69 6.07 13.49
CA GLY HA 181 29.30 7.23 14.26
C GLY HA 181 30.36 8.30 14.42
N TYR HA 182 31.43 8.24 13.65
CA TYR HA 182 32.49 9.23 13.76
C TYR HA 182 32.03 10.58 13.22
N ASP HA 183 32.47 11.65 13.88
CA ASP HA 183 32.05 13.00 13.53
C ASP HA 183 33.13 13.99 13.89
N PRO HA 184 33.91 14.46 12.92
CA PRO HA 184 34.90 15.51 13.20
C PRO HA 184 34.29 16.81 13.68
N SER HA 185 33.05 17.11 13.29
CA SER HA 185 32.46 18.39 13.67
C SER HA 185 32.33 18.52 15.18
N ARG HA 186 32.15 17.41 15.87
CA ARG HA 186 32.09 17.44 17.33
C ARG HA 186 33.45 17.88 17.87
N PRO HA 187 33.53 19.06 18.47
CA PRO HA 187 34.85 19.59 18.87
C PRO HA 187 35.56 18.74 19.91
N SER HA 188 34.83 17.93 20.66
CA SER HA 188 35.42 17.14 21.73
C SER HA 188 35.99 15.81 21.24
N THR HA 189 35.79 15.46 19.98
CA THR HA 189 36.32 14.20 19.48
C THR HA 189 37.84 14.25 19.42
N PRO HA 190 38.51 13.13 19.65
CA PRO HA 190 39.96 13.11 19.54
C PRO HA 190 40.41 13.42 18.13
N ALA HA 191 41.53 14.11 18.02
CA ALA HA 191 42.09 14.44 16.72
C ALA HA 191 42.83 13.25 16.14
N THR HA 192 42.81 13.13 14.82
CA THR HA 192 43.51 12.07 14.13
C THR HA 192 44.44 12.56 13.03
N TYR HA 193 44.41 13.85 12.70
CA TYR HA 193 45.28 14.44 11.68
C TYR HA 193 45.10 13.77 10.33
N GLY HA 194 43.95 13.13 10.10
CA GLY HA 194 43.67 12.52 8.83
C GLY HA 194 44.30 11.17 8.61
N LYS HA 195 45.05 10.66 9.57
CA LYS HA 195 45.72 9.37 9.37
C LYS HA 195 44.74 8.21 9.27
N HIS HA 196 43.47 8.43 9.59
CA HIS HA 196 42.49 7.36 9.45
C HIS HA 196 42.22 7.03 7.99
N ARG HA 197 42.40 7.98 7.09
CA ARG HA 197 42.18 7.70 5.68
C ARG HA 197 43.17 6.65 5.21
N PRO HA 198 42.77 5.74 4.33
CA PRO HA 198 43.64 4.59 3.99
C PRO HA 198 44.91 4.98 3.27
N THR HA 199 44.94 6.10 2.56
CA THR HA 199 46.04 6.44 1.68
C THR HA 199 46.48 7.88 1.89
N TYR HA 200 46.67 8.26 3.15
CA TYR HA 200 47.04 9.63 3.45
C TYR HA 200 48.48 9.95 3.06
N ALA HA 201 49.32 8.95 2.86
CA ALA HA 201 50.72 9.21 2.54
C ALA HA 201 51.34 7.95 1.95
N THR HA 202 52.64 7.99 1.71
CA THR HA 202 53.39 6.87 1.18
C THR HA 202 54.83 6.99 1.64
N VAL HA 203 55.42 5.89 2.08
CA VAL HA 203 56.75 5.88 2.67
C VAL HA 203 57.73 5.21 1.71
N PHE HA 204 58.95 5.72 1.68
CA PHE HA 204 60.03 5.16 0.88
C PHE HA 204 61.22 4.91 1.79
N TYR HA 205 61.44 3.65 2.16
CA TYR HA 205 62.63 3.29 2.91
C TYR HA 205 63.81 3.18 1.96
N TYR HA 206 64.97 3.65 2.41
CA TYR HA 206 66.18 3.62 1.61
C TYR HA 206 67.34 3.11 2.44
N SER HA 207 68.29 2.47 1.77
CA SER HA 207 69.41 1.83 2.45
C SER HA 207 70.63 2.71 2.59
N THR HA 208 70.80 3.71 1.72
CA THR HA 208 72.02 4.50 1.74
C THR HA 208 71.73 5.87 1.17
N LEU HA 209 72.64 6.81 1.46
CA LEU HA 209 72.43 8.20 1.05
C LEU HA 209 72.27 8.35 -0.45
N PRO HA 210 73.09 7.74 -1.32
CA PRO HA 210 72.85 7.90 -2.76
C PRO HA 210 71.46 7.48 -3.17
N ALA HA 211 70.92 6.42 -2.56
CA ALA HA 211 69.55 6.05 -2.83
C ALA HA 211 68.59 7.16 -2.44
N ARG HA 212 68.85 7.80 -1.30
CA ARG HA 212 68.01 8.91 -0.88
C ARG HA 212 68.03 10.01 -1.92
N SER HA 213 69.21 10.32 -2.46
CA SER HA 213 69.29 11.33 -3.52
C SER HA 213 68.48 10.90 -4.73
N ARG HA 214 68.58 9.63 -5.11
CA ARG HA 214 67.85 9.15 -6.28
C ARG HA 214 66.35 9.30 -6.10
N LEU HA 215 65.85 8.96 -4.92
CA LEU HA 215 64.42 9.07 -4.67
C LEU HA 215 63.96 10.53 -4.76
N LEU HA 216 64.72 11.44 -4.15
CA LEU HA 216 64.31 12.83 -4.12
C LEU HA 216 64.21 13.40 -5.53
N ALA HA 217 65.09 12.94 -6.43
CA ALA HA 217 65.04 13.43 -7.80
C ALA HA 217 63.70 13.14 -8.44
N ASN HA 218 63.10 12.00 -8.13
CA ASN HA 218 61.81 11.66 -8.73
C ASN HA 218 60.69 12.47 -8.10
N LEU HA 219 60.74 12.68 -6.79
CA LEU HA 219 59.63 13.29 -6.08
C LEU HA 219 59.62 14.81 -6.16
N ALA HA 220 60.61 15.41 -6.81
CA ALA HA 220 60.78 16.86 -6.76
C ALA HA 220 59.57 17.61 -7.30
N ALA HA 221 58.80 17.00 -8.20
CA ALA HA 221 57.70 17.69 -8.84
C ALA HA 221 56.39 17.66 -8.07
N GLY HA 222 56.29 16.81 -7.05
CA GLY HA 222 55.03 16.63 -6.35
C GLY HA 222 54.91 17.48 -5.11
N PRO HA 223 54.12 17.02 -4.15
CA PRO HA 223 53.99 17.74 -2.87
C PRO HA 223 55.28 17.74 -2.08
N THR HA 224 55.26 18.38 -0.92
CA THR HA 224 56.45 18.49 -0.10
C THR HA 224 56.74 17.16 0.59
N VAL HA 225 57.99 16.71 0.51
CA VAL HA 225 58.41 15.48 1.15
C VAL HA 225 58.91 15.79 2.55
N LEU HA 226 58.61 14.91 3.50
CA LEU HA 226 58.99 15.07 4.89
C LEU HA 226 59.85 13.90 5.33
N GLU HA 227 60.67 14.14 6.36
CA GLU HA 227 61.56 13.11 6.85
C GLU HA 227 61.93 13.41 8.30
N HIS HA 228 62.17 12.34 9.05
CA HIS HA 228 62.80 12.40 10.36
C HIS HA 228 64.29 12.15 10.22
N PHE HA 229 65.10 12.98 10.85
CA PHE HA 229 66.53 12.77 10.83
C PHE HA 229 67.05 12.04 12.07
N ASP HA 230 66.39 12.18 13.20
CA ASP HA 230 66.94 11.69 14.46
C ASP HA 230 66.95 10.17 14.51
N SER HA 231 65.78 9.56 14.46
CA SER HA 231 65.66 8.11 14.60
C SER HA 231 64.46 7.66 13.79
N PRO HA 232 64.68 7.15 12.60
CA PRO HA 232 63.59 6.87 11.65
C PRO HA 232 62.92 5.52 11.87
N THR HA 233 62.58 5.22 13.12
CA THR HA 233 61.91 3.96 13.47
C THR HA 233 62.64 2.76 12.87
N TYR HA 234 61.97 2.04 11.97
CA TYR HA 234 62.56 0.82 11.42
C TYR HA 234 63.77 1.09 10.53
N GLY HA 235 63.90 2.31 10.01
CA GLY HA 235 65.02 2.63 9.17
C GLY HA 235 64.82 3.93 8.42
N PRO HA 236 65.90 4.44 7.83
CA PRO HA 236 65.80 5.71 7.10
C PRO HA 236 64.76 5.64 5.99
N HIS HA 237 63.89 6.63 5.96
CA HIS HA 237 62.78 6.59 5.01
C HIS HA 237 62.21 7.98 4.82
N LEU HA 238 61.86 8.30 3.59
CA LEU HA 238 61.05 9.46 3.30
C LEU HA 238 59.57 9.09 3.39
N LEU HA 239 58.73 10.11 3.44
CA LEU HA 239 57.29 9.89 3.30
C LEU HA 239 56.69 11.01 2.48
N LEU HA 240 55.79 10.65 1.59
CA LEU HA 240 55.13 11.60 0.69
C LEU HA 240 53.67 11.75 1.09
N PRO HA 241 53.27 12.88 1.63
CA PRO HA 241 51.86 13.05 2.02
C PRO HA 241 50.96 13.14 0.80
N GLN HA 242 49.71 12.75 0.99
CA GLN HA 242 48.69 12.98 -0.03
C GLN HA 242 48.52 14.48 -0.25
N THR HA 243 48.32 14.86 -1.51
CA THR HA 243 48.36 16.27 -1.88
C THR HA 243 47.09 17.04 -1.52
N GLY HA 244 46.11 16.40 -0.89
CA GLY HA 244 44.87 17.06 -0.55
C GLY HA 244 44.90 17.72 0.81
N ASP HA 245 43.71 18.01 1.32
CA ASP HA 245 43.51 18.62 2.63
C ASP HA 245 42.56 17.76 3.45
N VAL HA 246 42.38 18.15 4.71
CA VAL HA 246 41.52 17.44 5.64
C VAL HA 246 40.53 18.43 6.24
N LEU HA 247 39.28 18.00 6.38
CA LEU HA 247 38.21 18.88 6.80
C LEU HA 247 38.15 19.02 8.31
N GLY HA 248 37.65 20.17 8.76
CA GLY HA 248 37.27 20.37 10.14
C GLY HA 248 38.36 20.90 11.04
N TYR HA 249 39.61 20.91 10.60
CA TYR HA 249 40.70 21.27 11.50
C TYR HA 249 40.95 22.77 11.60
N SER HA 250 40.46 23.56 10.65
CA SER HA 250 40.64 25.00 10.68
C SER HA 250 39.72 25.61 9.62
N SER HA 251 39.84 26.91 9.42
CA SER HA 251 39.13 27.60 8.35
C SER HA 251 39.85 27.37 7.03
N SER HA 252 39.97 26.09 6.68
CA SER HA 252 40.58 25.65 5.41
C SER HA 252 41.98 26.19 5.23
N LEU HA 253 42.71 26.34 6.34
CA LEU HA 253 44.08 26.85 6.30
C LEU HA 253 45.11 25.74 6.15
N ILE HA 254 44.71 24.58 5.65
CA ILE HA 254 45.46 23.36 5.87
C ILE HA 254 45.55 22.54 4.59
N SER HA 255 46.73 21.96 4.36
CA SER HA 255 46.91 20.83 3.46
C SER HA 255 47.49 19.68 4.28
N GLN HA 256 47.47 18.49 3.68
CA GLN HA 256 47.84 17.29 4.43
C GLN HA 256 49.25 17.40 5.00
N ALA HA 257 50.19 17.92 4.22
CA ALA HA 257 51.56 18.03 4.68
C ALA HA 257 51.64 18.90 5.92
N ALA HA 258 50.90 20.02 5.94
CA ALA HA 258 50.93 20.89 7.10
C ALA HA 258 50.46 20.16 8.35
N LEU HA 259 49.43 19.33 8.21
CA LEU HA 259 48.91 18.61 9.36
C LEU HA 259 49.98 17.72 9.98
N LEU HA 260 50.72 17.00 9.14
CA LEU HA 260 51.77 16.14 9.66
C LEU HA 260 52.80 16.94 10.43
N MET HA 261 53.20 18.09 9.89
CA MET HA 261 54.18 18.93 10.57
C MET HA 261 53.64 19.40 11.91
N VAL HA 262 52.45 19.99 11.92
CA VAL HA 262 51.98 20.68 13.11
C VAL HA 262 51.78 19.68 14.26
N GLU HA 263 51.24 18.51 13.95
CA GLU HA 263 51.09 17.51 15.00
C GLU HA 263 52.44 16.99 15.45
N SER HA 264 53.39 16.86 14.52
CA SER HA 264 54.74 16.48 14.91
C SER HA 264 55.36 17.50 15.83
N VAL HA 265 55.16 18.78 15.53
CA VAL HA 265 55.69 19.84 16.39
C VAL HA 265 55.08 19.74 17.78
N MET HA 266 53.78 19.48 17.86
CA MET HA 266 53.13 19.37 19.16
C MET HA 266 53.76 18.25 19.97
N ASP HA 267 54.02 17.11 19.34
CA ASP HA 267 54.67 16.01 20.05
C ASP HA 267 56.05 16.43 20.57
N ALA HA 268 56.80 17.15 19.75
CA ALA HA 268 58.11 17.61 20.18
C ALA HA 268 58.00 18.49 21.41
N LEU HA 269 57.02 19.39 21.40
CA LEU HA 269 56.84 20.26 22.55
C LEU HA 269 56.43 19.45 23.78
N ARG HA 270 55.55 18.47 23.60
CA ARG HA 270 55.11 17.69 24.75
C ARG HA 270 56.27 16.94 25.38
N ASP HA 271 57.14 16.35 24.56
CA ASP HA 271 58.28 15.61 25.09
C ASP HA 271 59.22 16.53 25.85
N ASN HA 272 59.54 17.68 25.25
CA ASN HA 272 60.39 18.65 25.94
C ASN HA 272 59.81 19.03 27.29
N ALA HA 273 58.49 19.08 27.37
CA ALA HA 273 57.83 19.50 28.60
C ALA HA 273 57.93 18.46 29.70
N ASN HA 274 58.27 17.22 29.38
CA ASN HA 274 58.26 16.19 30.40
C ASN HA 274 59.45 15.23 30.31
N ALA HA 275 60.47 15.54 29.50
CA ALA HA 275 61.63 14.68 29.46
C ALA HA 275 62.40 14.76 30.77
N SER HA 276 63.02 13.64 31.13
CA SER HA 276 63.80 13.55 32.36
C SER HA 276 65.15 12.93 32.07
N ALA HA 277 66.13 13.28 32.90
CA ALA HA 277 67.48 12.76 32.70
C ALA HA 277 67.56 11.26 32.93
N SER HA 278 66.70 10.73 33.78
CA SER HA 278 66.77 9.33 34.17
C SER HA 278 66.12 8.39 33.18
N THR HA 279 65.54 8.91 32.10
CA THR HA 279 64.74 8.09 31.19
C THR HA 279 65.31 8.17 29.79
N ALA HA 280 65.56 7.02 29.19
CA ALA HA 280 65.92 6.96 27.78
C ALA HA 280 64.66 7.08 26.92
N VAL HA 281 64.85 7.51 25.68
CA VAL HA 281 63.74 7.70 24.75
C VAL HA 281 64.18 7.24 23.37
N THR HA 282 63.20 6.93 22.53
CA THR HA 282 63.51 6.46 21.18
C THR HA 282 64.04 7.55 20.28
N ARG HA 283 63.75 8.82 20.57
CA ARG HA 283 64.07 9.89 19.64
C ARG HA 283 64.05 11.22 20.36
N LEU HA 284 65.14 11.98 20.26
CA LEU HA 284 65.18 13.29 20.90
C LEU HA 284 64.35 14.31 20.14
N ASP HA 285 64.41 14.28 18.81
CA ASP HA 285 63.78 15.29 17.97
C ASP HA 285 62.59 14.66 17.25
N GLN HA 286 61.39 14.96 17.71
CA GLN HA 286 60.18 14.42 17.12
C GLN HA 286 59.76 15.15 15.84
N SER HA 287 60.43 16.23 15.49
CA SER HA 287 59.97 17.07 14.39
C SER HA 287 60.19 16.39 13.05
N TYR HA 288 59.30 16.67 12.11
CA TYR HA 288 59.57 16.38 10.71
C TYR HA 288 60.42 17.50 10.12
N HIS HA 289 60.86 17.28 8.88
CA HIS HA 289 61.63 18.30 8.22
C HIS HA 289 61.34 18.24 6.73
N PRO HA 290 60.93 19.34 6.11
CA PRO HA 290 60.65 19.34 4.68
C PRO HA 290 61.94 19.34 3.87
N VAL HA 291 61.92 18.62 2.75
CA VAL HA 291 63.10 18.45 1.92
C VAL HA 291 62.85 18.75 0.45
N THR HA 292 61.62 19.05 0.06
CA THR HA 292 61.33 19.39 -1.33
C THR HA 292 60.30 20.50 -1.38
N SER HA 293 60.33 21.25 -2.48
CA SER HA 293 59.28 22.20 -2.83
C SER HA 293 58.90 23.07 -1.65
N PHE HA 294 59.87 23.88 -1.21
CA PHE HA 294 59.69 24.65 0.01
C PHE HA 294 60.33 26.02 -0.16
N ASP HA 295 59.73 27.01 0.50
CA ASP HA 295 60.25 28.37 0.45
C ASP HA 295 60.83 28.75 1.80
N PRO HA 296 62.16 28.92 1.91
CA PRO HA 296 62.74 29.42 3.14
C PRO HA 296 62.56 30.92 3.33
N SER HA 297 62.06 31.62 2.31
CA SER HA 297 62.03 33.07 2.31
C SER HA 297 60.74 33.66 2.83
N THR HA 298 59.72 32.86 3.06
CA THR HA 298 58.40 33.39 3.33
C THR HA 298 57.76 32.66 4.50
N PHE HA 299 56.82 33.34 5.16
CA PHE HA 299 56.17 32.79 6.33
C PHE HA 299 54.69 33.10 6.33
N ASN HA 300 54.05 33.02 5.16
CA ASN HA 300 52.63 33.34 5.05
C ASN HA 300 51.79 32.11 4.73
N THR HA 301 52.30 30.92 5.04
CA THR HA 301 51.48 29.72 4.98
C THR HA 301 51.84 28.83 6.16
N LEU HA 302 50.89 27.99 6.55
CA LEU HA 302 51.04 27.20 7.76
C LEU HA 302 52.31 26.37 7.72
N LEU HA 303 52.57 25.73 6.58
CA LEU HA 303 53.72 24.84 6.48
C LEU HA 303 55.02 25.58 6.77
N GLN HA 304 55.16 26.79 6.22
CA GLN HA 304 56.36 27.57 6.50
C GLN HA 304 56.48 27.89 7.97
N ARG HA 305 55.40 28.37 8.58
CA ARG HA 305 55.45 28.77 9.98
C ARG HA 305 55.78 27.58 10.87
N ALA HA 306 55.12 26.45 10.64
CA ALA HA 306 55.39 25.26 11.43
C ALA HA 306 56.86 24.87 11.33
N THR HA 307 57.42 24.94 10.12
CA THR HA 307 58.83 24.64 9.94
C THR HA 307 59.69 25.59 10.76
N ASN HA 308 59.40 26.88 10.68
CA ASN HA 308 60.21 27.85 11.41
C ASN HA 308 60.15 27.59 12.90
N LEU HA 309 59.02 27.11 13.41
CA LEU HA 309 58.94 26.75 14.82
C LEU HA 309 59.69 25.47 15.10
N ALA HA 310 59.59 24.49 14.20
CA ALA HA 310 60.25 23.21 14.43
C ALA HA 310 61.75 23.38 14.54
N LEU HA 311 62.34 24.21 13.68
CA LEU HA 311 63.77 24.46 13.75
C LEU HA 311 64.19 24.98 15.11
N LEU HA 312 63.30 25.68 15.80
CA LEU HA 312 63.59 26.15 17.13
C LEU HA 312 63.27 25.12 18.20
N ALA HA 313 62.25 24.30 17.97
CA ALA HA 313 61.81 23.36 18.99
C ALA HA 313 62.88 22.31 19.29
N VAL HA 314 63.68 21.95 18.28
CA VAL HA 314 64.69 20.92 18.47
C VAL HA 314 65.70 21.32 19.54
N GLN HA 315 65.87 22.61 19.78
CA GLN HA 315 66.80 23.06 20.81
C GLN HA 315 66.34 22.69 22.21
N GLY HA 316 65.09 22.25 22.37
CA GLY HA 316 64.57 21.88 23.66
C GLY HA 316 63.69 22.93 24.32
N VAL HA 317 62.90 23.66 23.54
CA VAL HA 317 62.07 24.71 24.07
C VAL HA 317 60.76 24.13 24.58
N GLN HA 318 60.10 24.87 25.47
CA GLN HA 318 58.83 24.45 26.05
C GLN HA 318 57.81 25.57 25.93
N SER HA 319 56.55 25.17 25.79
CA SER HA 319 55.46 26.13 25.71
C SER HA 319 55.03 26.55 27.11
N GLU HA 320 54.48 27.75 27.21
CA GLU HA 320 54.06 28.26 28.51
C GLU HA 320 52.87 27.50 29.07
N SER HA 321 52.09 26.84 28.21
CA SER HA 321 50.92 26.09 28.64
C SER HA 321 51.04 24.65 28.18
N ALA HA 322 50.63 23.72 29.04
CA ALA HA 322 50.72 22.31 28.71
C ALA HA 322 49.76 21.96 27.58
N ILE HA 323 50.12 20.94 26.83
CA ILE HA 323 49.28 20.47 25.71
C ILE HA 323 48.78 19.07 26.04
N PRO HA 324 47.56 18.73 25.67
CA PRO HA 324 46.97 17.47 26.13
C PRO HA 324 47.70 16.25 25.61
N ALA HA 325 47.65 15.17 26.40
CA ALA HA 325 48.21 13.91 25.94
C ALA HA 325 47.41 13.33 24.79
N ILE HA 326 46.11 13.55 24.76
CA ILE HA 326 45.25 13.09 23.68
C ILE HA 326 44.47 14.28 23.16
N PRO HA 327 45.05 15.08 22.27
CA PRO HA 327 44.40 16.32 21.84
C PRO HA 327 43.08 16.05 21.14
N THR HA 328 42.12 16.93 21.37
CA THR HA 328 40.86 16.92 20.65
C THR HA 328 40.90 17.96 19.54
N MET HA 329 39.87 17.92 18.69
CA MET HA 329 39.80 18.84 17.57
C MET HA 329 39.90 20.28 18.03
N SER HA 330 39.23 20.60 19.13
CA SER HA 330 39.29 21.96 19.66
C SER HA 330 40.72 22.33 20.03
N ASP HA 331 41.45 21.40 20.66
CA ASP HA 331 42.82 21.68 21.07
C ASP HA 331 43.69 22.01 19.86
N VAL HA 332 43.58 21.20 18.81
CA VAL HA 332 44.39 21.43 17.63
C VAL HA 332 44.05 22.78 17.00
N ARG HA 333 42.76 23.09 16.91
CA ARG HA 333 42.34 24.35 16.33
C ARG HA 333 42.97 25.53 17.05
N SER HA 334 42.96 25.49 18.38
CA SER HA 334 43.59 26.56 19.15
C SER HA 334 45.07 26.67 18.81
N PHE HA 335 45.74 25.55 18.65
CA PHE HA 335 47.16 25.57 18.34
C PHE HA 335 47.40 26.21 16.98
N VAL HA 336 46.64 25.77 15.97
CA VAL HA 336 46.81 26.33 14.63
C VAL HA 336 46.48 27.81 14.64
N ALA HA 337 45.39 28.18 15.31
CA ALA HA 337 44.99 29.57 15.35
C ALA HA 337 46.12 30.46 15.87
N ARG HA 338 46.74 30.04 16.97
CA ARG HA 338 47.88 30.79 17.48
C ARG HA 338 49.02 30.80 16.48
N LEU HA 339 49.27 29.66 15.83
CA LEU HA 339 50.38 29.58 14.89
C LEU HA 339 50.18 30.51 13.71
N MET HA 340 48.94 30.76 13.32
CA MET HA 340 48.66 31.63 12.19
C MET HA 340 48.46 33.08 12.58
N ALA HA 341 48.62 33.41 13.86
CA ALA HA 341 48.42 34.78 14.28
C ALA HA 341 49.53 35.68 13.74
N GLU HA 342 49.25 36.97 13.69
CA GLU HA 342 50.27 37.93 13.27
C GLU HA 342 51.38 37.99 14.29
N GLY HA 343 52.61 38.06 13.81
CA GLY HA 343 53.76 38.11 14.69
C GLY HA 343 55.03 37.87 13.91
N ASP HA 344 56.13 38.04 14.60
CA ASP HA 344 57.40 37.86 13.94
C ASP HA 344 57.78 36.39 13.86
N PRO HA 345 58.45 35.99 12.78
CA PRO HA 345 59.05 34.66 12.74
C PRO HA 345 60.40 34.68 13.43
N GLN HA 346 60.70 33.61 14.15
CA GLN HA 346 62.02 33.50 14.75
C GLN HA 346 63.07 33.41 13.66
N GLN HA 347 64.24 33.97 13.94
CA GLN HA 347 65.34 33.89 12.98
C GLN HA 347 66.66 33.68 13.68
N TRP HA 348 66.65 32.99 14.82
CA TRP HA 348 67.91 32.61 15.46
C TRP HA 348 68.65 31.58 14.63
N PHE HA 349 67.93 30.58 14.13
CA PHE HA 349 68.52 29.52 13.32
C PHE HA 349 67.93 29.53 11.93
N PRO HA 350 68.75 29.63 10.89
CA PRO HA 350 68.21 29.61 9.53
C PRO HA 350 67.88 28.20 9.07
N TYR HA 351 66.89 28.12 8.19
CA TYR HA 351 66.55 26.84 7.58
C TYR HA 351 67.63 26.42 6.60
N ARG HA 352 67.95 25.13 6.61
CA ARG HA 352 68.84 24.55 5.61
C ARG HA 352 68.23 23.25 5.14
N VAL HA 353 68.45 22.95 3.85
CA VAL HA 353 67.57 22.03 3.13
C VAL HA 353 67.61 20.64 3.75
N ASP HA 354 68.81 20.11 4.01
CA ASP HA 354 68.92 18.79 4.61
C ASP HA 354 70.06 18.76 5.63
N GLN HA 355 70.11 19.78 6.49
CA GLN HA 355 70.96 19.73 7.67
C GLN HA 355 70.36 20.65 8.72
N ILE HA 356 70.43 20.22 9.97
CA ILE HA 356 69.80 20.91 11.08
C ILE HA 356 70.88 21.43 12.02
N LEU HA 357 70.72 22.67 12.46
CA LEU HA 357 71.68 23.34 13.33
C LEU HA 357 71.21 23.28 14.77
N TYR HA 358 72.13 23.00 15.69
CA TYR HA 358 71.82 22.92 17.10
C TYR HA 358 72.75 23.79 17.90
N TRP HA 359 72.23 24.36 18.98
CA TRP HA 359 73.01 25.19 19.87
C TRP HA 359 73.87 24.32 20.77
N PRO HA 360 75.18 24.51 20.82
CA PRO HA 360 76.01 23.65 21.67
C PRO HA 360 75.63 23.70 23.13
N GLU HA 361 75.12 24.82 23.62
CA GLU HA 361 74.70 24.89 25.01
C GLU HA 361 73.38 24.18 25.27
N SER HA 362 72.66 23.80 24.23
CA SER HA 362 71.39 23.12 24.44
C SER HA 362 71.64 21.75 25.08
N PRO HA 363 70.67 21.25 25.85
CA PRO HA 363 70.79 19.88 26.37
C PRO HA 363 70.74 18.83 25.28
N PHE HA 364 70.41 19.21 24.05
CA PHE HA 364 70.32 18.25 22.97
C PHE HA 364 71.67 17.62 22.69
N VAL HA 365 71.64 16.33 22.34
CA VAL HA 365 72.83 15.57 21.98
C VAL HA 365 72.64 15.05 20.57
N PRO HA 366 73.53 15.37 19.63
CA PRO HA 366 73.32 14.96 18.26
C PRO HA 366 73.57 13.46 18.09
N PRO HA 367 72.92 12.83 17.13
CA PRO HA 367 73.25 11.45 16.78
C PRO HA 367 74.51 11.40 15.94
N ILE HA 368 74.84 10.21 15.41
CA ILE HA 368 76.09 10.06 14.68
C ILE HA 368 76.00 10.53 13.24
N GLY HA 369 74.80 10.64 12.68
CA GLY HA 369 74.63 10.99 11.29
C GLY HA 369 75.12 12.40 10.96
N PRO HA 370 75.28 12.69 9.68
CA PRO HA 370 75.78 14.00 9.26
C PRO HA 370 74.71 15.07 9.17
N PHE HA 371 73.47 14.77 9.57
CA PHE HA 371 72.38 15.71 9.36
C PHE HA 371 72.35 16.83 10.38
N TYR HA 372 73.20 16.79 11.40
CA TYR HA 372 73.18 17.79 12.45
C TYR HA 372 74.54 18.47 12.55
N ALA HA 373 74.53 19.74 12.96
CA ALA HA 373 75.75 20.52 13.06
C ALA HA 373 75.57 21.62 14.10
N PRO HA 374 76.59 21.90 14.90
CA PRO HA 374 76.47 22.96 15.90
C PRO HA 374 76.46 24.34 15.25
N PHE HA 375 75.87 25.30 15.97
CA PHE HA 375 75.73 26.65 15.45
C PHE HA 375 75.63 27.63 16.61
N ARG HA 376 76.02 28.88 16.35
CA ARG HA 376 76.11 29.92 17.37
C ARG HA 376 75.25 31.11 17.01
N PRO HA 377 74.02 31.18 17.50
CA PRO HA 377 73.26 32.43 17.39
C PRO HA 377 73.91 33.52 18.22
N VAL HA 378 73.67 34.77 17.81
CA VAL HA 378 74.38 35.88 18.43
C VAL HA 378 73.75 36.30 19.75
N ASN HA 379 72.43 36.23 19.87
CA ASN HA 379 71.74 36.80 21.02
C ASN HA 379 70.64 35.87 21.52
N PHE HA 380 70.98 34.60 21.66
CA PHE HA 380 69.99 33.62 22.12
C PHE HA 380 69.69 33.85 23.60
N PRO HA 381 68.41 34.02 23.98
CA PRO HA 381 68.09 34.37 25.35
C PRO HA 381 67.80 33.22 26.30
N PHE HA 382 67.76 31.98 25.81
CA PHE HA 382 67.31 30.87 26.63
C PHE HA 382 68.44 30.29 27.48
N THR HA 383 68.05 29.46 28.44
CA THR HA 383 68.98 28.76 29.31
C THR HA 383 68.43 27.36 29.58
N THR HA 384 69.34 26.47 29.97
CA THR HA 384 68.92 25.12 30.35
C THR HA 384 68.21 25.16 31.69
N GLY HA 385 67.26 24.24 31.86
CA GLY HA 385 66.55 24.14 33.12
C GLY HA 385 65.15 23.58 32.98
N SER HA 386 64.66 22.93 34.02
CA SER HA 386 63.33 22.36 34.00
C SER HA 386 62.29 23.40 34.36
N TYR HA 387 61.05 23.15 33.95
CA TYR HA 387 59.95 24.04 34.27
C TYR HA 387 58.70 23.21 34.47
N THR HA 388 58.06 23.37 35.62
CA THR HA 388 56.82 22.68 35.92
C THR HA 388 55.63 23.59 35.65
N VAL HA 389 54.46 22.98 35.52
CA VAL HA 389 53.22 23.68 35.19
C VAL HA 389 52.29 23.61 36.38
N VAL HA 390 51.63 24.73 36.65
CA VAL HA 390 50.73 24.84 37.81
C VAL HA 390 49.29 24.73 37.34
N PRO HA 391 48.44 24.02 38.06
CA PRO HA 391 47.03 23.94 37.67
C PRO HA 391 46.34 25.30 37.72
N ASP HA 392 45.27 25.42 36.97
CA ASP HA 392 44.55 26.69 36.87
C ASP HA 392 43.86 27.03 38.19
N ALA HA 393 43.49 28.30 38.33
CA ALA HA 393 42.91 28.83 39.54
C ALA HA 393 41.43 29.11 39.34
N SER HA 394 40.64 28.75 40.35
CA SER HA 394 39.20 29.00 40.32
C SER HA 394 38.83 30.42 40.73
N ARG HA 395 39.80 31.21 41.17
CA ARG HA 395 39.54 32.54 41.70
C ARG HA 395 40.42 33.56 40.98
N PRO HA 396 39.92 34.77 40.76
CA PRO HA 396 40.81 35.84 40.31
C PRO HA 396 41.91 36.08 41.34
N LEU HA 397 43.11 36.34 40.85
CA LEU HA 397 44.27 36.44 41.72
C LEU HA 397 44.48 37.86 42.21
N ARG HA 398 45.18 37.98 43.33
CA ARG HA 398 45.57 39.26 43.89
C ARG HA 398 47.08 39.34 43.99
N LEU HA 399 47.63 40.51 43.70
CA LEU HA 399 49.06 40.73 43.77
C LEU HA 399 49.36 41.92 44.65
N LEU HA 400 50.59 41.96 45.15
CA LEU HA 400 51.07 43.05 45.99
C LEU HA 400 52.19 43.78 45.27
N PRO HA 401 52.06 45.08 45.04
CA PRO HA 401 53.05 45.79 44.21
C PRO HA 401 54.45 45.75 44.79
N GLN HA 402 55.43 45.60 43.90
CA GLN HA 402 56.84 45.74 44.22
C GLN HA 402 57.52 46.43 43.05
N TYR HA 403 58.39 47.39 43.36
CA TYR HA 403 58.82 48.36 42.37
C TYR HA 403 60.28 48.19 41.99
N ARG HA 404 60.58 48.50 40.73
CA ARG HA 404 61.94 48.67 40.26
C ARG HA 404 62.37 50.12 40.51
N ASN HA 405 63.61 50.44 40.15
CA ASN HA 405 64.09 51.81 40.30
C ASN HA 405 63.63 52.72 39.19
N ALA HA 406 63.02 52.19 38.14
CA ALA HA 406 62.56 53.01 37.04
C ALA HA 406 61.26 53.71 37.38
N THR HA 407 61.06 54.87 36.77
CA THR HA 407 59.83 55.63 36.97
C THR HA 407 59.47 56.33 35.66
N ILE HA 408 58.23 56.78 35.59
CA ILE HA 408 57.67 57.30 34.35
C ILE HA 408 56.87 58.56 34.64
N THR HA 409 56.95 59.52 33.72
CA THR HA 409 56.21 60.77 33.85
C THR HA 409 54.71 60.51 33.79
N VAL HA 410 53.95 61.43 34.38
CA VAL HA 410 52.50 61.26 34.50
C VAL HA 410 51.85 61.15 33.13
N GLN HA 411 52.27 62.01 32.19
CA GLN HA 411 51.63 62.04 30.89
C GLN HA 411 51.74 60.69 30.20
N GLN HA 412 52.93 60.09 30.23
CA GLN HA 412 53.09 58.77 29.65
C GLN HA 412 52.19 57.76 30.35
N ALA HA 413 52.07 57.85 31.67
CA ALA HA 413 51.21 56.95 32.40
C ALA HA 413 49.76 57.08 31.94
N ASP HA 414 49.30 58.32 31.77
CA ASP HA 414 47.91 58.53 31.39
C ASP HA 414 47.64 58.01 29.98
N ASP HA 415 48.46 58.42 29.01
CA ASP HA 415 48.20 58.00 27.64
C ASP HA 415 48.36 56.50 27.48
N ALA HA 416 49.30 55.89 28.21
CA ALA HA 416 49.39 54.44 28.21
C ALA HA 416 48.15 53.81 28.80
N TYR HA 417 47.50 54.50 29.74
CA TYR HA 417 46.28 53.98 30.35
C TYR HA 417 45.09 54.15 29.43
N GLU HA 418 44.95 55.33 28.82
CA GLU HA 418 43.73 55.68 28.13
C GLU HA 418 43.46 54.82 26.91
N ASP HA 419 44.48 54.17 26.36
CA ASP HA 419 44.30 53.33 25.19
C ASP HA 419 44.34 51.84 25.54
N THR HA 420 44.41 51.50 26.82
CA THR HA 420 44.38 50.12 27.25
C THR HA 420 43.30 49.86 28.28
N ALA HA 421 42.58 50.90 28.72
CA ALA HA 421 41.59 50.76 29.77
C ALA HA 421 40.22 50.46 29.18
N LEU HA 422 39.39 49.78 29.98
CA LEU HA 422 37.98 49.61 29.66
C LEU HA 422 37.21 50.80 30.23
N SER HA 423 37.39 51.95 29.57
CA SER HA 423 37.04 53.23 30.17
C SER HA 423 35.57 53.30 30.57
N PRO HA 424 34.60 53.04 29.69
CA PRO HA 424 33.24 52.85 30.19
C PRO HA 424 33.03 51.38 30.53
N LEU HA 425 32.48 51.14 31.71
CA LEU HA 425 32.45 49.78 32.24
C LEU HA 425 31.11 49.50 32.90
N ILE HA 426 30.73 48.23 32.89
CA ILE HA 426 29.52 47.76 33.54
C ILE HA 426 29.92 47.06 34.83
N THR HA 427 29.30 47.46 35.93
CA THR HA 427 29.67 46.95 37.24
C THR HA 427 28.41 46.60 38.02
N THR HA 428 28.61 45.92 39.14
CA THR HA 428 27.54 45.61 40.07
C THR HA 428 27.89 46.15 41.45
N HIS HA 429 26.87 46.55 42.19
CA HIS HA 429 27.12 47.15 43.50
C HIS HA 429 27.34 46.10 44.58
N GLY HA 430 26.53 45.04 44.57
CA GLY HA 430 26.49 44.17 45.72
C GLY HA 430 25.67 44.81 46.82
N PHE HA 431 25.93 44.37 48.05
CA PHE HA 431 25.24 44.90 49.21
C PHE HA 431 26.24 45.54 50.16
N CYS HA 432 25.95 46.78 50.57
CA CYS HA 432 26.84 47.50 51.46
C CYS HA 432 26.60 47.10 52.92
N VAL HA 433 25.35 47.15 53.36
CA VAL HA 433 24.98 46.77 54.71
C VAL HA 433 24.51 45.33 54.68
N THR HA 434 25.15 44.47 55.47
CA THR HA 434 24.82 43.06 55.50
C THR HA 434 23.70 42.72 56.46
N GLY HA 435 23.53 43.51 57.51
CA GLY HA 435 22.48 43.23 58.49
C GLY HA 435 22.79 43.91 59.81
N GLY HA 436 21.97 43.59 60.79
CA GLY HA 436 22.13 44.15 62.11
C GLY HA 436 21.55 45.54 62.22
N VAL HA 437 21.57 46.06 63.44
CA VAL HA 437 21.03 47.39 63.73
C VAL HA 437 21.94 48.09 64.72
N SER HA 438 22.05 49.40 64.58
CA SER HA 438 22.56 50.26 65.64
C SER HA 438 21.35 50.94 66.27
N THR HA 439 21.03 50.55 67.50
CA THR HA 439 19.83 51.02 68.17
C THR HA 439 20.20 51.79 69.42
N SER HA 440 19.45 52.85 69.69
CA SER HA 440 19.67 53.69 70.85
C SER HA 440 18.34 54.02 71.50
N ILE HA 441 18.38 54.19 72.82
CA ILE HA 441 17.17 54.44 73.61
C ILE HA 441 17.41 55.66 74.48
N TYR HA 442 16.39 56.50 74.61
CA TYR HA 442 16.49 57.71 75.41
C TYR HA 442 15.26 57.80 76.31
N ASP HA 443 15.47 57.68 77.61
CA ASP HA 443 14.42 58.00 78.56
C ASP HA 443 14.24 59.51 78.61
N ILE HA 444 13.01 59.96 78.45
CA ILE HA 444 12.71 61.38 78.45
C ILE HA 444 12.15 61.83 79.80
N SER HA 445 11.23 61.07 80.37
CA SER HA 445 10.65 61.44 81.65
C SER HA 445 11.69 61.48 82.75
N GLY HA 446 12.78 60.72 82.61
CA GLY HA 446 13.81 60.69 83.63
C GLY HA 446 14.50 62.03 83.83
N ASP HA 447 14.66 62.79 82.76
CA ASP HA 447 15.38 64.06 82.84
C ASP HA 447 14.50 65.11 83.51
N PRO HA 448 14.91 65.70 84.63
CA PRO HA 448 14.10 66.75 85.26
C PRO HA 448 14.27 68.12 84.63
N THR HA 449 15.26 68.30 83.76
CA THR HA 449 15.61 69.62 83.25
C THR HA 449 14.59 70.05 82.21
N ALA HA 450 13.67 70.93 82.59
CA ALA HA 450 12.67 71.42 81.67
C ALA HA 450 13.33 72.17 80.52
N TYR HA 451 12.77 72.00 79.33
CA TYR HA 451 13.30 72.63 78.13
C TYR HA 451 12.14 73.00 77.21
N PRO HA 452 11.94 74.28 76.93
CA PRO HA 452 10.76 74.71 76.18
C PRO HA 452 10.74 74.09 74.79
N PRO HA 453 9.59 73.61 74.34
CA PRO HA 453 9.53 72.95 73.03
C PRO HA 453 9.89 73.86 71.88
N ALA HA 454 9.61 75.16 71.99
CA ALA HA 454 9.90 76.06 70.89
C ALA HA 454 11.37 76.14 70.56
N GLN HA 455 12.24 75.79 71.50
CA GLN HA 455 13.68 75.86 71.30
C GLN HA 455 14.27 74.54 70.80
N LEU HA 456 13.45 73.56 70.51
CA LEU HA 456 13.95 72.29 69.99
C LEU HA 456 14.54 72.47 68.60
N VAL HA 457 15.56 71.67 68.31
CA VAL HA 457 16.10 71.63 66.96
C VAL HA 457 15.06 71.05 66.01
N ASP HA 458 15.09 71.49 64.76
CA ASP HA 458 14.10 71.08 63.78
C ASP HA 458 14.78 70.41 62.60
N THR HA 459 13.95 69.94 61.67
CA THR HA 459 14.47 69.22 60.51
C THR HA 459 15.39 70.14 59.70
N PRO HA 460 16.50 69.61 59.20
CA PRO HA 460 17.39 70.44 58.38
C PRO HA 460 16.68 70.92 57.12
N ASN HA 461 17.07 72.11 56.67
CA ASN HA 461 16.36 72.77 55.57
C ASN HA 461 16.45 71.95 54.29
N ASP HA 462 17.55 71.23 54.08
CA ASP HA 462 17.75 70.49 52.86
C ASP HA 462 17.24 69.06 52.95
N TYR HA 463 16.58 68.69 54.05
CA TYR HA 463 16.26 67.29 54.27
C TYR HA 463 15.40 66.69 53.17
N PHE HA 464 14.67 67.51 52.43
CA PHE HA 464 13.88 67.03 51.31
C PHE HA 464 14.43 67.52 49.98
N ASP HA 465 15.71 67.86 49.93
CA ASP HA 465 16.36 68.08 48.64
C ASP HA 465 16.39 66.78 47.85
N ARG HA 466 16.25 66.90 46.53
CA ARG HA 466 16.21 65.71 45.68
C ARG HA 466 17.44 64.85 45.89
N GLU HA 467 18.62 65.47 45.90
CA GLU HA 467 19.86 64.70 45.98
C GLU HA 467 19.93 63.90 47.27
N ARG HA 468 19.69 64.55 48.40
CA ARG HA 468 19.70 63.83 49.66
C ARG HA 468 18.63 62.75 49.67
N MET HA 469 17.44 63.07 49.16
CA MET HA 469 16.40 62.06 49.04
C MET HA 469 16.85 60.93 48.13
N ALA HA 470 17.51 61.26 47.02
CA ALA HA 470 18.00 60.22 46.13
C ALA HA 470 18.99 59.30 46.83
N ARG HA 471 19.95 59.90 47.55
CA ARG HA 471 20.90 59.09 48.29
C ARG HA 471 20.20 58.27 49.35
N ARG HA 472 19.21 58.86 50.01
CA ARG HA 472 18.42 58.12 50.99
C ARG HA 472 17.81 56.88 50.38
N ASP HA 473 17.24 57.02 49.18
CA ASP HA 473 16.69 55.86 48.50
C ASP HA 473 17.79 54.90 48.08
N LEU HA 474 18.91 55.42 47.58
CA LEU HA 474 19.99 54.55 47.15
C LEU HA 474 20.50 53.69 48.30
N PHE HA 475 20.62 54.29 49.48
CA PHE HA 475 21.05 53.53 50.65
C PHE HA 475 20.04 52.44 50.99
N ARG HA 476 18.76 52.74 50.80
CA ARG HA 476 17.73 51.74 51.09
C ARG HA 476 17.93 50.49 50.25
N ARG HA 477 18.28 50.67 48.97
CA ARG HA 477 18.54 49.51 48.12
C ARG HA 477 19.75 48.73 48.61
N LEU HA 478 20.79 49.43 49.04
CA LEU HA 478 22.08 48.80 49.28
C LEU HA 478 22.08 47.85 50.46
N ARG HA 479 21.09 47.92 51.35
CA ARG HA 479 21.04 46.96 52.44
C ARG HA 479 20.70 45.58 51.90
N ALA HA 480 21.28 44.55 52.53
CA ALA HA 480 20.99 43.19 52.13
C ALA HA 480 19.49 42.90 52.31
N PRO HA 481 18.91 42.10 51.43
CA PRO HA 481 17.46 41.91 51.48
C PRO HA 481 17.04 41.08 52.69
N ALA HA 482 16.01 41.57 53.38
CA ALA HA 482 15.41 40.89 54.52
C ALA HA 482 14.11 41.62 54.85
N ASP HA 483 13.45 41.18 55.91
CA ASP HA 483 12.22 41.82 56.37
C ASP HA 483 12.61 42.97 57.29
N ARG HA 484 12.48 44.19 56.78
CA ARG HA 484 12.83 45.36 57.58
C ARG HA 484 11.94 45.47 58.81
N SER HA 485 10.63 45.26 58.63
CA SER HA 485 9.70 45.42 59.74
C SER HA 485 9.95 44.38 60.83
N ALA HA 486 10.30 43.16 60.43
CA ALA HA 486 10.53 42.10 61.41
C ALA HA 486 11.63 42.51 62.39
N ILE HA 487 12.77 42.92 61.86
CA ILE HA 487 13.88 43.35 62.73
C ILE HA 487 13.46 44.57 63.53
N LYS HA 488 12.81 45.54 62.87
CA LYS HA 488 12.43 46.76 63.55
C LYS HA 488 11.50 46.48 64.71
N ASP HA 489 10.46 45.68 64.47
CA ASP HA 489 9.54 45.33 65.55
C ASP HA 489 10.24 44.56 66.65
N ARG HA 490 11.12 43.63 66.28
CA ARG HA 490 11.80 42.81 67.29
C ARG HA 490 12.58 43.68 68.26
N ALA HA 491 13.26 44.71 67.75
CA ALA HA 491 14.02 45.59 68.62
C ALA HA 491 13.12 46.28 69.64
N VAL HA 492 11.96 46.78 69.19
CA VAL HA 492 11.08 47.49 70.09
C VAL HA 492 10.53 46.56 71.16
N PHE HA 493 10.05 45.39 70.75
CA PHE HA 493 9.49 44.46 71.72
C PHE HA 493 10.54 43.96 72.69
N ASP HA 494 11.81 43.92 72.28
CA ASP HA 494 12.87 43.62 73.22
C ASP HA 494 12.90 44.64 74.35
N PHE HA 495 12.74 45.92 74.01
CA PHE HA 495 12.68 46.95 75.03
C PHE HA 495 11.43 46.80 75.88
N LEU HA 496 10.29 46.53 75.26
CA LEU HA 496 9.04 46.46 75.99
C LEU HA 496 9.06 45.35 77.03
N ALA HA 497 9.69 44.22 76.69
CA ALA HA 497 9.77 43.12 77.64
C ALA HA 497 10.51 43.51 78.91
N SER HA 498 11.38 44.51 78.85
CA SER HA 498 12.11 44.98 80.01
C SER HA 498 11.46 46.15 80.72
N LEU HA 499 10.40 46.72 80.14
CA LEU HA 499 9.80 47.91 80.72
C LEU HA 499 9.14 47.58 82.06
N VAL HA 500 9.48 48.34 83.08
CA VAL HA 500 9.02 48.10 84.45
C VAL HA 500 8.56 49.43 85.04
N ASN HA 501 7.43 49.39 85.74
CA ASN HA 501 6.89 50.62 86.30
C ASN HA 501 7.83 51.17 87.37
N PRO HA 502 7.97 52.49 87.45
CA PRO HA 502 8.95 53.07 88.39
C PRO HA 502 8.47 53.06 89.83
N THR HA 503 7.16 53.17 90.02
CA THR HA 503 6.63 53.34 91.37
C THR HA 503 6.71 52.05 92.18
N THR HA 504 6.40 50.91 91.57
CA THR HA 504 6.34 49.65 92.30
C THR HA 504 7.26 48.58 91.72
N ALA HA 505 8.08 48.92 90.73
CA ALA HA 505 9.15 48.05 90.27
C ALA HA 505 8.63 46.68 89.84
N ASN HA 506 7.53 46.66 89.10
CA ASN HA 506 7.04 45.43 88.50
C ASN HA 506 6.82 45.67 87.01
N PRO HA 507 6.96 44.62 86.19
CA PRO HA 507 6.85 44.81 84.74
C PRO HA 507 5.50 45.36 84.35
N VAL HA 508 5.51 46.29 83.39
CA VAL HA 508 4.27 46.90 82.94
C VAL HA 508 3.37 45.86 82.26
N LEU HA 509 3.96 45.01 81.43
CA LEU HA 509 3.21 43.95 80.79
C LEU HA 509 3.04 42.77 81.73
N ASP HA 510 2.12 41.88 81.38
CA ASP HA 510 1.83 40.71 82.19
C ASP HA 510 1.27 39.63 81.27
N THR HA 511 1.33 38.38 81.76
CA THR HA 511 0.74 37.27 81.04
C THR HA 511 -0.73 37.53 80.78
N SER HA 512 -1.21 37.05 79.64
CA SER HA 512 -2.59 37.19 79.18
C SER HA 512 -2.97 38.63 78.90
N PHE HA 513 -2.01 39.52 78.71
CA PHE HA 513 -2.35 40.90 78.44
C PHE HA 513 -3.03 41.02 77.08
N SER HA 514 -3.87 42.04 76.95
CA SER HA 514 -4.63 42.27 75.73
C SER HA 514 -3.86 43.22 74.83
N MET HA 515 -3.67 42.84 73.58
CA MET HA 515 -2.85 43.58 72.64
C MET HA 515 -3.61 43.84 71.35
N ALA HA 516 -3.43 45.04 70.81
CA ALA HA 516 -3.97 45.40 69.50
C ALA HA 516 -2.81 45.88 68.63
N TYR HA 517 -2.51 45.12 67.57
CA TYR HA 517 -1.51 45.57 66.60
C TYR HA 517 -2.16 46.65 65.73
N LEU HA 518 -2.31 47.83 66.34
CA LEU HA 518 -2.99 48.92 65.66
C LEU HA 518 -2.27 49.32 64.39
N GLY HA 519 -0.96 49.07 64.33
CA GLY HA 519 -0.23 49.30 63.11
C GLY HA 519 -0.79 48.49 61.97
N ALA HA 520 -0.54 48.93 60.74
CA ALA HA 520 -1.16 48.30 59.58
C ALA HA 520 -0.57 46.91 59.38
N SER HA 521 -1.27 45.90 59.87
CA SER HA 521 -0.99 44.54 59.42
C SER HA 521 -1.18 44.49 57.91
N SER HA 522 -0.12 44.11 57.19
CA SER HA 522 -0.10 44.42 55.76
C SER HA 522 0.32 43.22 54.92
N ALA HA 523 0.09 42.01 55.40
CA ALA HA 523 0.45 40.80 54.67
C ALA HA 523 1.89 40.88 54.16
N HIS HA 524 2.78 41.14 55.10
CA HIS HA 524 4.17 41.43 54.76
C HIS HA 524 4.83 40.26 54.08
N ALA HA 525 5.47 40.52 52.95
CA ALA HA 525 6.23 39.52 52.21
C ALA HA 525 5.41 38.27 51.93
N ASN HA 526 5.88 37.13 52.43
CA ASN HA 526 5.23 35.85 52.17
C ASN HA 526 4.06 35.56 53.09
N ALA HA 527 3.91 36.30 54.18
CA ALA HA 527 2.87 36.03 55.16
C ALA HA 527 1.67 36.94 54.94
N ASP HA 528 0.57 36.61 55.62
CA ASP HA 528 -0.65 37.40 55.60
C ASP HA 528 -0.74 38.36 56.78
N GLU HA 529 0.18 38.27 57.73
CA GLU HA 529 0.21 39.16 58.88
C GLU HA 529 1.66 39.42 59.24
N PRO HA 530 1.94 40.49 59.98
CA PRO HA 530 3.33 40.76 60.35
C PRO HA 530 3.94 39.57 61.08
N VAL HA 531 5.14 39.20 60.67
CA VAL HA 531 5.74 37.94 61.12
C VAL HA 531 6.01 37.96 62.62
N ILE HA 532 6.20 39.14 63.20
CA ILE HA 532 6.53 39.23 64.62
C ILE HA 532 5.44 38.59 65.46
N LEU HA 533 4.20 38.53 64.95
CA LEU HA 533 3.11 37.96 65.71
C LEU HA 533 3.38 36.49 66.02
N ALA HA 534 4.00 35.77 65.10
CA ALA HA 534 4.31 34.37 65.34
C ALA HA 534 5.21 34.20 66.55
N ASP HA 535 6.24 35.04 66.66
CA ASP HA 535 7.11 34.99 67.82
C ASP HA 535 6.35 35.35 69.09
N ILE HA 536 5.50 36.37 69.01
CA ILE HA 536 4.77 36.81 70.20
C ILE HA 536 3.83 35.72 70.68
N ARG HA 537 3.06 35.12 69.78
CA ARG HA 537 2.14 34.07 70.18
C ARG HA 537 2.87 32.88 70.76
N SER HA 538 4.09 32.63 70.29
CA SER HA 538 4.85 31.46 70.71
C SER HA 538 5.77 31.73 71.90
N GLY HA 539 5.80 32.96 72.39
CA GLY HA 539 6.73 33.28 73.45
C GLY HA 539 8.18 33.20 73.06
N SER HA 540 8.47 33.34 71.75
CA SER HA 540 9.85 33.26 71.30
C SER HA 540 10.71 34.37 71.88
N ILE HA 541 10.13 35.54 72.10
CA ILE HA 541 10.87 36.68 72.62
C ILE HA 541 11.15 36.46 74.10
N PRO HA 542 12.41 36.44 74.52
CA PRO HA 542 12.71 36.20 75.93
C PRO HA 542 12.22 37.34 76.81
N GLY HA 543 11.65 36.97 77.96
CA GLY HA 543 11.16 37.94 78.92
C GLY HA 543 9.83 38.56 78.57
N LEU HA 544 9.27 38.25 77.42
CA LEU HA 544 7.99 38.83 77.05
C LEU HA 544 6.85 37.86 77.39
N PRO HA 545 5.87 38.30 78.17
CA PRO HA 545 4.76 37.41 78.52
C PRO HA 545 3.86 37.15 77.30
N ILE HA 546 3.05 36.12 77.43
CA ILE HA 546 2.13 35.72 76.37
C ILE HA 546 0.86 36.56 76.44
N PRO HA 547 0.45 37.20 75.35
CA PRO HA 547 -0.84 37.90 75.35
C PRO HA 547 -2.01 36.93 75.26
N ARG HA 548 -3.12 37.36 75.83
CA ARG HA 548 -4.33 36.55 75.76
C ARG HA 548 -4.90 36.52 74.35
N ARG HA 549 -4.86 37.65 73.65
CA ARG HA 549 -5.36 37.72 72.28
C ARG HA 549 -4.74 38.92 71.60
N ILE HA 550 -4.75 38.89 70.28
CA ILE HA 550 -4.17 39.95 69.44
C ILE HA 550 -5.19 40.35 68.41
N VAL HA 551 -5.39 41.65 68.24
CA VAL HA 551 -6.31 42.19 67.24
C VAL HA 551 -5.53 43.12 66.32
N GLN HA 552 -5.95 43.16 65.06
CA GLN HA 552 -5.22 43.87 64.03
C GLN HA 552 -6.12 44.90 63.36
N PHE HA 553 -5.51 46.01 62.94
CA PHE HA 553 -6.25 47.10 62.33
C PHE HA 553 -5.36 47.80 61.31
N GLY HA 554 -6.00 48.60 60.46
CA GLY HA 554 -5.30 49.39 59.48
C GLY HA 554 -6.00 49.31 58.14
N TYR HA 555 -5.25 49.65 57.09
CA TYR HA 555 -5.79 49.64 55.73
C TYR HA 555 -5.56 48.31 55.03
N ASP HA 556 -4.47 47.62 55.32
CA ASP HA 556 -4.06 46.45 54.55
C ASP HA 556 -4.27 45.15 55.32
N VAL HA 557 -5.15 45.16 56.32
CA VAL HA 557 -5.34 43.97 57.13
C VAL HA 557 -6.08 42.90 56.34
N VAL HA 558 -5.96 41.66 56.80
CA VAL HA 558 -6.82 40.58 56.33
C VAL HA 558 -7.50 39.94 57.54
N HIS HA 559 -6.74 39.62 58.56
CA HIS HA 559 -7.28 38.99 59.77
C HIS HA 559 -7.63 40.05 60.82
N GLY HA 560 -8.46 41.01 60.44
CA GLY HA 560 -8.84 42.07 61.34
C GLY HA 560 -9.96 42.92 60.79
N SER HA 561 -9.86 44.23 60.95
CA SER HA 561 -10.88 45.14 60.48
C SER HA 561 -10.24 46.38 59.87
N LEU HA 562 -10.90 46.92 58.86
CA LEU HA 562 -10.41 48.11 58.19
C LEU HA 562 -11.01 49.35 58.84
N LEU HA 563 -10.18 50.38 59.00
CA LEU HA 563 -10.65 51.66 59.51
C LEU HA 563 -9.53 52.68 59.39
N ASP HA 564 -9.93 53.95 59.41
CA ASP HA 564 -8.99 55.06 59.40
C ASP HA 564 -8.69 55.45 60.84
N LEU HA 565 -7.41 55.49 61.18
CA LEU HA 565 -6.99 55.81 62.54
C LEU HA 565 -6.98 57.31 62.81
N SER HA 566 -7.26 58.13 61.81
CA SER HA 566 -7.30 59.57 62.00
C SER HA 566 -8.58 60.05 62.66
N ARG HA 567 -9.60 59.22 62.74
CA ARG HA 567 -10.89 59.60 63.28
C ARG HA 567 -11.19 58.82 64.55
N ALA HA 568 -12.34 59.13 65.14
CA ALA HA 568 -12.83 58.32 66.25
C ALA HA 568 -13.10 56.90 65.77
N VAL HA 569 -12.95 55.94 66.67
CA VAL HA 569 -13.04 54.54 66.30
C VAL HA 569 -14.02 53.79 67.20
N PRO HA 570 -14.85 52.93 66.64
CA PRO HA 570 -15.76 52.10 67.45
C PRO HA 570 -15.09 50.81 67.91
N THR HA 571 -14.28 50.91 68.95
CA THR HA 571 -13.49 49.77 69.40
C THR HA 571 -13.57 49.67 70.93
N GLY HA 572 -13.10 48.52 71.43
CA GLY HA 572 -12.90 48.35 72.85
C GLY HA 572 -11.61 49.01 73.27
N THR HA 573 -10.87 48.36 74.17
CA THR HA 573 -9.60 48.92 74.63
C THR HA 573 -8.69 47.77 75.05
N PHE HA 574 -7.39 48.06 75.08
CA PHE HA 574 -6.38 47.02 75.20
C PHE HA 574 -5.30 47.44 76.18
N GLY HA 575 -4.56 46.44 76.66
CA GLY HA 575 -3.41 46.68 77.50
C GLY HA 575 -2.24 47.28 76.75
N LEU HA 576 -1.95 46.72 75.58
CA LEU HA 576 -0.87 47.20 74.73
C LEU HA 576 -1.44 47.59 73.38
N VAL HA 577 -1.14 48.80 72.94
CA VAL HA 577 -1.52 49.27 71.61
C VAL HA 577 -0.23 49.55 70.86
N TYR HA 578 0.02 48.78 69.81
CA TYR HA 578 1.23 48.89 69.00
C TYR HA 578 0.85 49.57 67.68
N ALA HA 579 1.14 50.86 67.59
CA ALA HA 579 0.71 51.67 66.45
C ALA HA 579 1.88 51.89 65.51
N ASP HA 580 2.09 50.90 64.63
CA ASP HA 580 3.07 51.02 63.55
C ASP HA 580 2.36 51.54 62.31
N LEU HA 581 2.13 52.85 62.30
CA LEU HA 581 1.48 53.51 61.19
C LEU HA 581 2.45 54.44 60.48
N ASP HA 582 2.45 54.38 59.15
CA ASP HA 582 3.16 55.38 58.37
C ASP HA 582 2.33 56.65 58.30
N GLN HA 583 3.02 57.79 58.11
CA GLN HA 583 2.36 59.04 57.82
C GLN HA 583 2.61 59.53 56.40
N VAL HA 584 3.65 59.03 55.73
CA VAL HA 584 4.07 59.58 54.45
C VAL HA 584 3.15 59.17 53.32
N GLU HA 585 2.35 58.12 53.50
CA GLU HA 585 1.58 57.57 52.40
C GLU HA 585 0.58 58.56 51.82
N ASP HA 586 0.27 59.63 52.53
CA ASP HA 586 -0.57 60.69 52.00
C ASP HA 586 0.06 62.07 52.16
N ALA HA 587 1.34 62.15 52.52
CA ALA HA 587 2.03 63.43 52.63
C ALA HA 587 3.49 63.19 52.30
N GLY HA 588 3.87 63.46 51.05
CA GLY HA 588 5.25 63.22 50.65
C GLY HA 588 6.23 64.14 51.36
N THR HA 589 5.99 65.46 51.27
CA THR HA 589 6.82 66.44 51.95
C THR HA 589 6.00 67.52 52.62
N ASP HA 590 4.68 67.39 52.67
CA ASP HA 590 3.81 68.41 53.25
C ASP HA 590 3.82 68.25 54.76
N MET HA 591 4.75 68.94 55.41
CA MET HA 591 4.95 68.76 56.85
C MET HA 591 3.71 69.06 57.68
N PRO HA 592 3.03 70.20 57.51
CA PRO HA 592 1.84 70.43 58.35
C PRO HA 592 0.78 69.36 58.18
N ALA HA 593 0.60 68.85 56.96
CA ALA HA 593 -0.29 67.71 56.78
C ALA HA 593 0.22 66.49 57.55
N ALA HA 594 1.52 66.24 57.48
CA ALA HA 594 2.08 65.11 58.22
C ALA HA 594 1.90 65.30 59.72
N ASN HA 595 2.09 66.53 60.20
CA ASN HA 595 1.94 66.79 61.63
C ASN HA 595 0.53 66.51 62.09
N ARG HA 596 -0.47 66.97 61.34
CA ARG HA 596 -1.85 66.71 61.73
C ARG HA 596 -2.13 65.21 61.78
N ALA HA 597 -1.63 64.47 60.78
CA ALA HA 597 -1.83 63.03 60.76
C ALA HA 597 -1.19 62.39 61.99
N ALA HA 598 0.04 62.78 62.31
CA ALA HA 598 0.71 62.20 63.45
C ALA HA 598 -0.04 62.48 64.75
N ILE HA 599 -0.44 63.73 64.95
CA ILE HA 599 -1.13 64.10 66.18
C ILE HA 599 -2.44 63.34 66.33
N ALA HA 600 -3.21 63.27 65.24
CA ALA HA 600 -4.49 62.58 65.31
C ALA HA 600 -4.32 61.11 65.65
N MET HA 601 -3.38 60.45 64.98
CA MET HA 601 -3.15 59.03 65.26
C MET HA 601 -2.68 58.83 66.69
N LEU HA 602 -1.83 59.73 67.18
CA LEU HA 602 -1.38 59.65 68.56
C LEU HA 602 -2.56 59.70 69.52
N GLY HA 603 -3.48 60.64 69.29
CA GLY HA 603 -4.62 60.78 70.18
C GLY HA 603 -5.47 59.53 70.20
N THR HA 604 -5.79 58.99 69.02
CA THR HA 604 -6.60 57.79 68.96
C THR HA 604 -5.88 56.61 69.62
N ALA HA 605 -4.57 56.50 69.40
CA ALA HA 605 -3.82 55.40 69.99
C ALA HA 605 -3.89 55.43 71.50
N LEU HA 606 -3.76 56.61 72.09
CA LEU HA 606 -3.91 56.74 73.54
C LEU HA 606 -5.30 56.33 73.98
N GLN HA 607 -6.31 56.72 73.21
CA GLN HA 607 -7.70 56.47 73.60
C GLN HA 607 -8.02 54.98 73.61
N MET HA 608 -7.23 54.15 72.95
CA MET HA 608 -7.51 52.72 72.90
C MET HA 608 -6.81 51.93 74.00
N THR HA 609 -5.96 52.56 74.79
CA THR HA 609 -5.29 51.87 75.88
C THR HA 609 -6.12 51.94 77.15
N THR HA 610 -6.16 50.84 77.89
CA THR HA 610 -6.80 50.86 79.19
C THR HA 610 -5.97 51.66 80.17
N ALA HA 611 -6.56 51.94 81.32
CA ALA HA 611 -5.82 52.58 82.39
C ALA HA 611 -4.62 51.73 82.78
N GLY HA 612 -3.48 52.37 82.99
CA GLY HA 612 -2.28 51.64 83.31
C GLY HA 612 -1.68 50.88 82.15
N GLY HA 613 -2.21 51.04 80.95
CA GLY HA 613 -1.69 50.36 79.78
C GLY HA 613 -0.48 51.08 79.22
N VAL HA 614 -0.01 50.58 78.09
CA VAL HA 614 1.15 51.13 77.41
C VAL HA 614 0.87 51.18 75.91
N SER HA 615 1.26 52.29 75.28
CA SER HA 615 1.07 52.47 73.85
C SER HA 615 2.36 52.97 73.24
N VAL HA 616 2.64 52.54 72.01
CA VAL HA 616 3.79 53.00 71.25
C VAL HA 616 3.32 53.49 69.90
N LEU HA 617 4.08 54.41 69.32
CA LEU HA 617 3.73 54.99 68.03
C LEU HA 617 4.99 55.29 67.25
N LYS HA 618 4.98 54.95 65.97
CA LYS HA 618 6.08 55.29 65.07
C LYS HA 618 5.80 56.64 64.45
N VAL HA 619 6.78 57.54 64.52
CA VAL HA 619 6.67 58.88 63.96
C VAL HA 619 7.72 59.04 62.87
N ASN HA 620 7.27 59.42 61.67
CA ASN HA 620 8.19 59.58 60.56
C ASN HA 620 9.08 60.80 60.74
N PHE HA 621 8.50 61.91 61.18
CA PHE HA 621 9.21 63.19 61.23
C PHE HA 621 9.03 63.86 62.58
N PRO HA 622 9.98 63.69 63.47
CA PRO HA 622 9.92 64.38 64.76
C PRO HA 622 10.17 65.87 64.62
N THR HA 623 9.14 66.61 64.22
CA THR HA 623 9.23 68.04 63.97
C THR HA 623 8.89 68.82 65.23
N ARG HA 624 9.57 69.95 65.42
CA ARG HA 624 9.32 70.76 66.61
C ARG HA 624 7.87 71.21 66.67
N ALA HA 625 7.23 71.42 65.52
CA ALA HA 625 5.80 71.68 65.51
C ALA HA 625 5.04 70.49 66.07
N PHE HA 626 5.43 69.29 65.66
CA PHE HA 626 4.80 68.09 66.20
C PHE HA 626 4.98 68.01 67.71
N TRP HA 627 6.21 68.24 68.17
CA TRP HA 627 6.47 68.17 69.61
C TRP HA 627 5.65 69.20 70.37
N THR HA 628 5.52 70.40 69.80
CA THR HA 628 4.76 71.45 70.47
C THR HA 628 3.34 70.97 70.76
N GLN HA 629 2.69 70.36 69.78
CA GLN HA 629 1.31 69.92 69.98
C GLN HA 629 1.23 68.75 70.95
N VAL HA 630 2.26 67.90 70.97
CA VAL HA 630 2.23 66.73 71.85
C VAL HA 630 2.07 67.16 73.29
N PHE HA 631 2.89 68.10 73.73
CA PHE HA 631 2.79 68.58 75.10
C PHE HA 631 1.64 69.56 75.28
N ASN HA 632 1.09 70.09 74.19
CA ASN HA 632 -0.09 70.93 74.32
C ASN HA 632 -1.33 70.11 74.66
N LEU HA 633 -1.39 68.86 74.20
CA LEU HA 633 -2.61 68.07 74.29
C LEU HA 633 -2.49 66.89 75.23
N TYR HA 634 -1.54 65.98 74.98
CA TYR HA 634 -1.52 64.69 75.65
C TYR HA 634 -0.63 64.68 76.88
N ALA HA 635 -0.31 65.85 77.43
CA ALA HA 635 0.70 65.93 78.48
C ALA HA 635 0.33 65.13 79.73
N THR HA 636 -0.96 64.88 79.96
CA THR HA 636 -1.40 64.25 81.20
C THR HA 636 -1.86 62.82 81.01
N HIS HA 637 -1.74 62.25 79.81
CA HIS HA 637 -2.37 60.98 79.52
C HIS HA 637 -1.53 59.77 79.91
N ALA HA 638 -0.30 59.97 80.38
CA ALA HA 638 0.55 58.84 80.72
C ALA HA 638 1.57 59.28 81.78
N THR HA 639 2.22 58.30 82.36
CA THR HA 639 3.18 58.54 83.43
C THR HA 639 4.59 58.79 82.92
N THR HA 640 5.03 58.04 81.91
CA THR HA 640 6.41 58.09 81.46
C THR HA 640 6.49 58.01 79.95
N LEU HA 641 7.67 58.35 79.43
CA LEU HA 641 7.88 58.41 77.99
C LEU HA 641 9.34 58.14 77.67
N HIS HA 642 9.57 57.38 76.61
CA HIS HA 642 10.92 57.12 76.12
C HIS HA 642 10.92 57.27 74.60
N LEU HA 643 12.13 57.24 74.04
CA LEU HA 643 12.33 57.22 72.60
C LEU HA 643 13.19 56.02 72.24
N VAL HA 644 12.66 55.16 71.38
CA VAL HA 644 13.38 54.01 70.87
C VAL HA 644 13.67 54.27 69.40
N LYS HA 645 14.94 54.18 69.03
CA LYS HA 645 15.40 54.51 67.68
C LYS HA 645 16.27 53.39 67.14
N PRO HA 646 15.67 52.40 66.49
CA PRO HA 646 16.46 51.46 65.70
C PRO HA 646 16.90 52.11 64.40
N THR HA 647 18.07 51.71 63.91
CA THR HA 647 18.57 52.16 62.63
C THR HA 647 18.78 50.95 61.75
N ILE HA 648 17.93 50.80 60.74
CA ILE HA 648 18.08 49.76 59.74
C ILE HA 648 18.58 50.33 58.42
N VAL HA 649 18.00 51.43 57.97
CA VAL HA 649 18.55 52.26 56.91
C VAL HA 649 18.46 53.70 57.36
N ASN HA 650 19.08 54.59 56.59
CA ASN HA 650 19.17 55.99 56.98
C ASN HA 650 17.80 56.62 56.96
N SER HA 651 17.21 56.83 58.13
CA SER HA 651 15.90 57.45 58.24
C SER HA 651 15.78 58.17 59.57
N SER HA 652 14.93 59.20 59.59
CA SER HA 652 14.74 60.03 60.76
C SER HA 652 13.53 59.62 61.59
N GLU HA 653 12.89 58.51 61.26
CA GLU HA 653 11.73 58.07 62.01
C GLU HA 653 12.13 57.57 63.38
N VAL HA 654 11.19 57.63 64.33
CA VAL HA 654 11.42 57.24 65.71
C VAL HA 654 10.18 56.53 66.25
N PHE HA 655 10.34 55.93 67.43
CA PHE HA 655 9.27 55.24 68.11
C PHE HA 655 9.03 55.91 69.46
N LEU HA 656 7.86 56.49 69.63
CA LEU HA 656 7.42 56.94 70.94
C LEU HA 656 6.86 55.75 71.72
N VAL HA 657 6.95 55.84 73.04
CA VAL HA 657 6.40 54.80 73.91
C VAL HA 657 5.90 55.48 75.18
N PHE HA 658 4.59 55.42 75.40
CA PHE HA 658 3.97 56.02 76.56
C PHE HA 658 3.62 54.92 77.56
N GLY HA 659 4.18 55.02 78.75
CA GLY HA 659 3.93 54.06 79.80
C GLY HA 659 3.02 54.60 80.88
N GLY HA 660 2.21 53.70 81.44
CA GLY HA 660 1.31 54.09 82.51
C GLY HA 660 0.18 54.99 82.04
N ARG HA 661 -0.70 54.44 81.20
CA ARG HA 661 -1.84 55.20 80.73
C ARG HA 661 -2.70 55.62 81.92
N GLN HA 662 -2.85 56.92 82.10
CA GLN HA 662 -3.63 57.44 83.22
C GLN HA 662 -4.12 58.84 82.84
N SER HA 663 -4.89 59.44 83.75
CA SER HA 663 -5.52 60.71 83.44
C SER HA 663 -4.69 61.92 83.86
N ASN HA 664 -3.83 61.77 84.86
CA ASN HA 664 -3.21 62.94 85.47
C ASN HA 664 -1.70 62.92 85.38
N GLY HA 665 -1.16 62.63 84.19
CA GLY HA 665 0.27 62.69 83.97
C GLY HA 665 0.78 64.11 83.91
N ALA HA 666 2.10 64.25 83.93
CA ALA HA 666 2.74 65.56 83.95
C ALA HA 666 3.96 65.58 83.04
N LEU HA 667 3.83 65.05 81.84
CA LEU HA 667 4.95 64.99 80.92
C LEU HA 667 5.37 66.39 80.47
N ARG HA 668 6.67 66.57 80.28
CA ARG HA 668 7.23 67.84 79.87
C ARG HA 668 8.28 67.64 78.79
N SER HA 669 8.48 68.68 77.98
CA SER HA 669 9.63 68.71 77.09
C SER HA 669 10.89 69.00 77.91
N THR HA 670 11.90 68.15 77.77
CA THR HA 670 13.08 68.24 78.61
C THR HA 670 14.33 68.05 77.77
N THR HA 671 15.47 68.40 78.36
CA THR HA 671 16.73 68.43 77.62
C THR HA 671 17.09 67.06 77.06
N ALA HA 672 16.59 65.99 77.66
CA ALA HA 672 16.83 64.67 77.10
C ALA HA 672 16.34 64.59 75.67
N LEU HA 673 15.18 65.19 75.39
CA LEU HA 673 14.68 65.22 74.03
C LEU HA 673 15.64 65.95 73.10
N GLN HA 674 16.15 67.09 73.54
CA GLN HA 674 17.05 67.87 72.70
C GLN HA 674 18.32 67.08 72.41
N ARG HA 675 18.87 66.40 73.41
CA ARG HA 675 20.07 65.61 73.19
C ARG HA 675 19.81 64.51 72.14
N ALA HA 676 18.69 63.81 72.27
CA ALA HA 676 18.40 62.73 71.34
C ALA HA 676 18.28 63.24 69.91
N LEU HA 677 17.54 64.33 69.72
CA LEU HA 677 17.34 64.86 68.37
C LEU HA 677 18.66 65.27 67.74
N LEU HA 678 19.51 65.96 68.51
CA LEU HA 678 20.80 66.39 67.99
C LEU HA 678 21.63 65.19 67.55
N SER HA 679 21.67 64.16 68.39
CA SER HA 679 22.37 62.94 68.01
C SER HA 679 21.76 62.31 66.77
N LEU HA 680 20.43 62.30 66.70
CA LEU HA 680 19.76 61.66 65.57
C LEU HA 680 20.14 62.32 64.25
N TYR HA 681 19.99 63.64 64.16
CA TYR HA 681 20.30 64.32 62.93
C TYR HA 681 21.78 64.22 62.59
N ALA HA 682 22.63 64.14 63.62
CA ALA HA 682 24.06 63.99 63.37
C ALA HA 682 24.35 62.72 62.60
N ARG HA 683 23.72 61.62 62.99
CA ARG HA 683 23.94 60.36 62.28
C ARG HA 683 23.48 60.45 60.84
N ASN HA 684 22.30 61.02 60.61
CA ASN HA 684 21.76 61.09 59.26
C ASN HA 684 22.67 61.90 58.36
N ALA HA 685 23.16 63.03 58.85
CA ALA HA 685 24.11 63.82 58.07
C ALA HA 685 25.37 63.02 57.80
N ALA HA 686 25.86 62.31 58.82
CA ALA HA 686 27.07 61.51 58.65
C ALA HA 686 26.87 60.44 57.58
N ILE HA 687 25.74 59.73 57.63
CA ILE HA 687 25.47 58.68 56.66
C ILE HA 687 25.38 59.28 55.26
N ASP HA 688 24.69 60.41 55.14
CA ASP HA 688 24.54 61.04 53.83
C ASP HA 688 25.89 61.38 53.22
N ARG HA 689 26.80 61.90 54.05
CA ARG HA 689 28.14 62.22 53.54
C ARG HA 689 28.83 60.97 52.99
N ALA HA 690 28.68 59.83 53.67
CA ALA HA 690 29.29 58.61 53.20
C ALA HA 690 28.74 58.18 51.85
N VAL HA 691 27.42 58.27 51.69
CA VAL HA 691 26.79 57.78 50.47
C VAL HA 691 27.20 58.59 49.25
N THR HA 692 27.64 59.84 49.44
CA THR HA 692 27.93 60.70 48.30
C THR HA 692 28.98 60.09 47.38
N HIS HA 693 29.85 59.23 47.90
CA HIS HA 693 30.89 58.64 47.06
C HIS HA 693 30.37 57.53 46.15
N ILE HA 694 29.18 57.01 46.41
CA ILE HA 694 28.69 55.83 45.70
C ILE HA 694 27.97 56.23 44.43
N PRO HA 695 28.25 55.59 43.30
CA PRO HA 695 27.48 55.86 42.08
C PRO HA 695 26.11 55.20 42.12
N PHE HA 696 25.21 55.75 41.32
CA PHE HA 696 23.87 55.19 41.23
C PHE HA 696 23.91 53.90 40.41
N PHE HA 697 22.73 53.31 40.20
CA PHE HA 697 22.68 51.93 39.72
C PHE HA 697 22.95 51.81 38.23
N GLY HA 698 22.09 52.38 37.39
CA GLY HA 698 22.15 52.06 35.97
C GLY HA 698 23.32 52.66 35.23
N VAL HA 699 24.03 53.60 35.83
CA VAL HA 699 25.06 54.35 35.11
C VAL HA 699 26.27 53.46 34.90
N PRO HA 700 26.77 53.31 33.67
CA PRO HA 700 28.06 52.67 33.47
C PRO HA 700 29.17 53.55 34.03
N ASP HA 701 30.26 52.89 34.44
CA ASP HA 701 31.31 53.58 35.19
C ASP HA 701 32.26 54.31 34.25
N ASP HA 702 31.78 55.44 33.73
CA ASP HA 702 32.71 56.43 33.21
C ASP HA 702 33.35 57.13 34.40
N GLY HA 703 34.66 57.35 34.33
CA GLY HA 703 35.43 57.63 35.52
C GLY HA 703 35.15 58.97 36.18
N THR HA 704 33.91 59.20 36.58
CA THR HA 704 33.57 60.39 37.34
C THR HA 704 33.25 60.10 38.80
N SER HA 705 32.83 58.88 39.12
CA SER HA 705 32.48 58.54 40.49
C SER HA 705 33.74 58.37 41.34
N ASP HA 706 33.58 58.57 42.65
CA ASP HA 706 34.70 58.39 43.56
C ASP HA 706 35.02 56.92 43.77
N LEU HA 707 33.99 56.08 43.86
CA LEU HA 707 34.16 54.69 44.26
C LEU HA 707 34.19 53.74 43.06
N GLY HA 708 34.56 54.24 41.88
CA GLY HA 708 34.50 53.44 40.69
C GLY HA 708 35.60 52.39 40.64
N ILE HA 709 35.61 51.66 39.53
CA ILE HA 709 36.57 50.60 39.26
C ILE HA 709 37.36 50.98 38.02
N ASP HA 710 38.66 50.77 38.06
CA ASP HA 710 39.53 50.96 36.90
C ASP HA 710 40.13 49.64 36.48
N ALA HA 711 40.16 49.40 35.17
CA ALA HA 711 40.61 48.12 34.64
C ALA HA 711 41.40 48.36 33.37
N VAL HA 712 42.34 47.46 33.10
CA VAL HA 712 43.14 47.47 31.89
C VAL HA 712 43.21 46.05 31.35
N ARG HA 713 42.99 45.91 30.04
CA ARG HA 713 43.02 44.61 29.37
C ARG HA 713 44.15 44.57 28.37
N LEU HA 714 44.89 43.46 28.37
CA LEU HA 714 45.99 43.26 27.44
C LEU HA 714 45.90 41.85 26.88
N PHE HA 715 46.32 41.69 25.62
CA PHE HA 715 46.30 40.41 24.94
C PHE HA 715 47.73 39.93 24.74
N ASP HA 716 48.03 38.73 25.24
CA ASP HA 716 49.36 38.16 25.18
C ASP HA 716 50.46 39.16 25.53
N PRO HA 717 50.36 39.81 26.69
CA PRO HA 717 51.34 40.85 27.02
C PRO HA 717 52.71 40.26 27.26
N MET HA 718 53.74 41.05 26.96
CA MET HA 718 55.13 40.67 27.18
C MET HA 718 55.76 41.75 28.06
N PHE HA 719 55.61 41.58 29.38
CA PHE HA 719 56.19 42.53 30.30
C PHE HA 719 57.70 42.38 30.34
N SER HA 720 58.39 43.51 30.46
CA SER HA 720 59.83 43.51 30.56
C SER HA 720 60.27 44.85 31.12
N ASP HA 721 61.52 44.91 31.57
CA ASP HA 721 62.11 46.15 32.05
C ASP HA 721 62.60 47.03 30.90
N ALA HA 722 62.32 46.65 29.66
CA ALA HA 722 62.70 47.47 28.53
C ALA HA 722 61.89 48.77 28.52
N VAL HA 723 62.53 49.85 28.10
CA VAL HA 723 61.90 51.16 28.11
C VAL HA 723 60.73 51.17 27.13
N ALA HA 724 59.70 51.94 27.47
CA ALA HA 724 58.53 52.16 26.63
C ALA HA 724 57.76 50.88 26.35
N ASN HA 725 58.00 49.82 27.12
CA ASN HA 725 57.23 48.60 26.98
C ASN HA 725 55.78 48.90 27.40
N LEU HA 726 54.90 49.00 26.42
CA LEU HA 726 53.52 49.42 26.68
C LEU HA 726 52.84 48.62 27.77
N PRO HA 727 52.89 47.27 27.79
CA PRO HA 727 52.25 46.56 28.91
C PRO HA 727 52.77 47.00 30.26
N SER HA 728 54.07 47.22 30.38
CA SER HA 728 54.62 47.68 31.65
C SER HA 728 54.09 49.07 31.99
N ASN HA 729 54.07 49.97 31.00
CA ASN HA 729 53.60 51.33 31.27
C ASN HA 729 52.16 51.33 31.72
N ALA HA 730 51.30 50.61 31.01
CA ALA HA 730 49.89 50.55 31.41
C ALA HA 730 49.75 49.95 32.79
N LEU HA 731 50.52 48.90 33.07
CA LEU HA 731 50.46 48.27 34.38
C LEU HA 731 50.78 49.27 35.48
N ALA HA 732 51.90 49.98 35.34
CA ALA HA 732 52.28 50.93 36.37
C ALA HA 732 51.24 52.03 36.52
N SER HA 733 50.69 52.49 35.41
CA SER HA 733 49.70 53.56 35.47
C SER HA 733 48.47 53.12 36.26
N LEU HA 734 47.93 51.95 35.93
CA LEU HA 734 46.73 51.48 36.61
C LEU HA 734 46.99 51.29 38.09
N VAL HA 735 48.13 50.70 38.43
CA VAL HA 735 48.46 50.49 39.84
C VAL HA 735 48.45 51.81 40.59
N SER HA 736 49.03 52.84 39.98
CA SER HA 736 49.12 54.14 40.64
C SER HA 736 47.74 54.69 40.98
N ARG HA 737 46.71 54.23 40.30
CA ARG HA 737 45.35 54.72 40.53
C ARG HA 737 44.60 53.90 41.58
N VAL HA 738 45.20 52.86 42.12
CA VAL HA 738 44.49 51.93 42.99
C VAL HA 738 45.18 51.65 44.31
N VAL HA 739 46.47 51.97 44.44
CA VAL HA 739 47.38 51.39 45.42
C VAL HA 739 46.76 51.08 46.78
N PRO HA 740 46.07 52.00 47.45
CA PRO HA 740 45.54 51.66 48.78
C PRO HA 740 44.59 50.47 48.77
N SER HA 741 43.93 50.21 47.65
CA SER HA 741 43.02 49.08 47.55
C SER HA 741 43.76 47.85 47.02
N SER HA 742 43.05 46.72 46.99
CA SER HA 742 43.63 45.50 46.44
C SER HA 742 43.67 45.55 44.92
N ILE HA 743 44.57 44.75 44.35
CA ILE HA 743 44.78 44.70 42.91
C ILE HA 743 44.47 43.29 42.44
N MET HA 744 43.54 43.16 41.51
CA MET HA 744 43.12 41.86 41.01
C MET HA 744 43.74 41.58 39.65
N PHE HA 745 43.79 40.30 39.30
CA PHE HA 745 44.49 39.86 38.10
C PHE HA 745 43.84 38.59 37.57
N THR HA 746 43.66 38.52 36.25
CA THR HA 746 43.03 37.37 35.62
C THR HA 746 43.68 37.08 34.28
N ARG HA 747 43.68 35.80 33.89
CA ARG HA 747 44.10 35.37 32.57
C ARG HA 747 43.06 34.41 32.04
N VAL HA 748 42.41 34.80 30.94
CA VAL HA 748 41.35 34.01 30.33
C VAL HA 748 41.79 33.59 28.93
N PRO HA 749 41.85 32.30 28.63
CA PRO HA 749 42.29 31.86 27.30
C PRO HA 749 41.11 31.88 26.33
N SER HA 750 41.26 32.65 25.25
CA SER HA 750 40.30 32.62 24.16
C SER HA 750 40.66 31.44 23.25
N ASN HA 751 39.96 31.33 22.12
CA ASN HA 751 40.33 30.30 21.15
C ASN HA 751 41.69 30.57 20.54
N GLY HA 752 42.12 31.83 20.50
CA GLY HA 752 43.43 32.17 19.99
C GLY HA 752 44.33 32.68 21.10
N PRO HA 753 44.47 34.00 21.18
CA PRO HA 753 45.31 34.60 22.23
C PRO HA 753 44.65 34.46 23.59
N VAL HA 754 45.40 34.83 24.62
CA VAL HA 754 44.91 34.85 25.99
C VAL HA 754 44.75 36.30 26.41
N SER HA 755 43.59 36.63 26.96
CA SER HA 755 43.28 37.98 27.40
C SER HA 755 43.59 38.11 28.89
N THR HA 756 44.38 39.11 29.24
CA THR HA 756 44.74 39.39 30.61
C THR HA 756 44.10 40.71 31.04
N THR HA 757 43.55 40.73 32.26
CA THR HA 757 42.89 41.91 32.78
C THR HA 757 43.37 42.18 34.19
N ILE HA 758 43.66 43.45 34.48
CA ILE HA 758 44.12 43.89 35.78
C ILE HA 758 43.23 45.03 36.22
N TYR HA 759 42.71 44.96 37.45
CA TYR HA 759 41.71 45.92 37.86
C TYR HA 759 41.70 46.04 39.38
N GLY HA 760 41.06 47.11 39.85
CA GLY HA 760 40.90 47.38 41.26
C GLY HA 760 39.98 48.55 41.46
N LYS HA 761 39.66 48.81 42.72
CA LYS HA 761 38.74 49.88 43.07
C LYS HA 761 39.50 51.18 43.28
N ARG HA 762 39.01 52.26 42.67
CA ARG HA 762 39.56 53.57 42.94
C ARG HA 762 38.76 54.23 44.06
N THR HA 763 39.48 54.89 44.96
CA THR HA 763 38.87 55.55 46.11
C THR HA 763 39.47 56.93 46.27
N PHE HA 764 38.83 57.75 47.09
CA PHE HA 764 39.38 59.08 47.36
C PHE HA 764 40.72 58.98 48.06
N LEU HA 765 40.96 57.89 48.80
CA LEU HA 765 42.29 57.66 49.36
C LEU HA 765 43.32 57.52 48.27
N SER HA 766 42.99 56.75 47.22
CA SER HA 766 43.91 56.58 46.11
C SER HA 766 44.18 57.92 45.44
N ASN HA 767 43.16 58.77 45.34
CA ASN HA 767 43.37 60.09 44.77
C ASN HA 767 44.38 60.89 45.58
N ARG HA 768 44.27 60.83 46.91
CA ARG HA 768 45.23 61.54 47.75
C ARG HA 768 46.64 61.01 47.53
N ARG HA 769 46.79 59.70 47.48
CA ARG HA 769 48.11 59.12 47.26
C ARG HA 769 48.64 59.52 45.89
N ARG HA 770 47.81 59.43 44.86
CA ARG HA 770 48.26 59.80 43.53
C ARG HA 770 48.65 61.25 43.47
N ALA HA 771 47.99 62.11 44.23
CA ALA HA 771 48.37 63.51 44.29
C ALA HA 771 49.74 63.68 44.91
N ARG HA 772 50.13 62.80 45.82
CA ARG HA 772 51.44 62.90 46.44
C ARG HA 772 52.57 62.56 45.48
N LEU HA 773 52.29 61.74 44.46
CA LEU HA 773 53.32 61.32 43.52
C LEU HA 773 53.82 62.50 42.68
N ARG HA 774 55.10 62.45 42.33
CA ARG HA 774 55.63 63.30 41.28
C ARG HA 774 55.94 62.52 40.02
N ASP HA 775 56.16 61.22 40.12
CA ASP HA 775 56.36 60.34 38.98
C ASP HA 775 55.82 58.97 39.35
N VAL HA 776 55.47 58.20 38.32
CA VAL HA 776 54.84 56.89 38.50
C VAL HA 776 55.93 55.84 38.54
N PRO HA 777 56.09 55.09 39.62
CA PRO HA 777 57.12 54.06 39.67
C PRO HA 777 56.76 52.85 38.83
N MET HA 778 57.79 52.18 38.35
CA MET HA 778 57.61 50.95 37.59
C MET HA 778 57.62 49.75 38.53
N LEU HA 779 56.92 48.70 38.11
CA LEU HA 779 56.78 47.51 38.95
C LEU HA 779 57.81 46.46 38.59
N ILE HA 780 58.03 45.55 39.53
CA ILE HA 780 58.84 44.37 39.28
C ILE HA 780 57.97 43.33 38.57
N THR HA 781 58.42 42.87 37.42
CA THR HA 781 57.59 42.06 36.54
C THR HA 781 57.66 40.57 36.81
N THR HA 782 58.58 40.12 37.68
CA THR HA 782 58.79 38.69 37.83
C THR HA 782 57.52 37.98 38.31
N THR HA 783 56.83 38.58 39.27
CA THR HA 783 55.62 37.95 39.80
C THR HA 783 54.59 37.75 38.70
N LEU HA 784 54.42 38.74 37.85
CA LEU HA 784 53.40 38.65 36.79
C LEU HA 784 53.85 37.73 35.67
N VAL HA 785 55.06 37.96 35.14
CA VAL HA 785 55.55 37.16 34.02
C VAL HA 785 55.63 35.70 34.40
N HIS HA 786 55.74 35.40 35.69
CA HIS HA 786 55.76 34.02 36.13
C HIS HA 786 54.39 33.35 36.07
N GLN HA 787 53.32 34.14 36.04
CA GLN HA 787 51.97 33.59 36.06
C GLN HA 787 51.62 33.08 34.68
N ARG HA 788 51.46 31.77 34.56
CA ARG HA 788 51.07 31.14 33.31
C ARG HA 788 49.85 30.24 33.48
N ARG HA 789 49.16 30.32 34.61
CA ARG HA 789 47.92 29.60 34.79
C ARG HA 789 46.80 30.28 34.01
N PHE HA 790 45.60 29.75 34.15
CA PHE HA 790 44.38 30.39 33.68
C PHE HA 790 43.46 30.58 34.87
N THR HA 791 42.61 31.60 34.78
CA THR HA 791 41.76 31.99 35.89
C THR HA 791 40.33 32.15 35.43
N THR HA 792 39.43 32.25 36.40
CA THR HA 792 38.06 32.62 36.12
C THR HA 792 38.02 34.09 35.67
N PRO HA 793 36.99 34.46 34.92
CA PRO HA 793 36.90 35.83 34.41
C PRO HA 793 36.67 36.82 35.55
N PRO HA 794 36.95 38.10 35.32
CA PRO HA 794 36.76 39.10 36.37
C PRO HA 794 35.32 39.19 36.82
N THR HA 795 35.11 39.97 37.89
CA THR HA 795 33.80 40.12 38.50
C THR HA 795 33.27 41.54 38.47
N PHE HA 796 34.10 42.52 38.82
CA PHE HA 796 33.72 43.93 38.77
C PHE HA 796 32.52 44.23 39.66
N THR HA 797 32.69 43.98 40.95
CA THR HA 797 31.68 44.31 41.94
C THR HA 797 32.26 45.26 42.97
N LEU HA 798 31.43 46.22 43.41
CA LEU HA 798 31.94 47.28 44.27
C LEU HA 798 32.16 46.79 45.69
N PHE HA 799 31.17 46.11 46.28
CA PHE HA 799 31.24 45.71 47.67
C PHE HA 799 31.49 44.22 47.78
N SER HA 800 32.33 43.85 48.74
CA SER HA 800 32.66 42.45 48.96
C SER HA 800 31.44 41.71 49.50
N SER HA 801 31.60 40.40 49.69
CA SER HA 801 30.51 39.54 50.11
C SER HA 801 30.41 39.39 51.61
N GLU HA 802 31.42 39.81 52.37
CA GLU HA 802 31.46 39.55 53.80
C GLU HA 802 31.82 40.81 54.57
N ALA HA 803 31.08 41.05 55.65
CA ALA HA 803 31.29 42.24 56.45
C ALA HA 803 32.67 42.20 57.12
N VAL HA 804 33.25 43.38 57.29
CA VAL HA 804 34.59 43.53 57.85
C VAL HA 804 34.57 43.25 59.34
N PRO HA 805 35.68 42.82 59.92
CA PRO HA 805 35.71 42.59 61.37
C PRO HA 805 35.80 43.91 62.14
N VAL HA 806 35.57 43.79 63.45
CA VAL HA 806 35.47 44.97 64.30
C VAL HA 806 36.75 45.79 64.26
N THR HA 807 37.91 45.11 64.28
CA THR HA 807 39.17 45.81 64.33
C THR HA 807 39.30 46.82 63.21
N THR HA 808 38.87 46.45 62.00
CA THR HA 808 38.98 47.36 60.87
C THR HA 808 38.18 48.63 61.10
N LEU HA 809 37.01 48.51 61.73
CA LEU HA 809 36.20 49.69 62.02
C LEU HA 809 36.98 50.68 62.87
N VAL HA 810 37.65 50.19 63.90
CA VAL HA 810 38.44 51.07 64.76
C VAL HA 810 39.55 51.72 63.95
N ALA HA 811 40.22 50.95 63.11
CA ALA HA 811 41.30 51.50 62.30
C ALA HA 811 40.79 52.62 61.41
N ALA HA 812 39.65 52.40 60.77
CA ALA HA 812 39.08 53.43 59.90
C ALA HA 812 38.74 54.68 60.69
N GLY HA 813 38.14 54.50 61.87
CA GLY HA 813 37.78 55.65 62.67
C GLY HA 813 38.99 56.50 63.02
N TYR HA 814 40.08 55.86 63.42
CA TYR HA 814 41.28 56.62 63.74
C TYR HA 814 41.90 57.25 62.51
N ASN HA 815 41.82 56.57 61.36
CA ASN HA 815 42.25 57.18 60.11
C ASN HA 815 41.43 58.42 59.84
N SER HA 816 40.11 58.34 60.05
CA SER HA 816 39.27 59.52 59.89
C SER HA 816 39.71 60.64 60.82
N PHE HA 817 40.01 60.30 62.07
CA PHE HA 817 40.45 61.32 63.03
C PHE HA 817 41.75 61.97 62.57
N ILE HA 818 42.74 61.15 62.22
CA ILE HA 818 44.04 61.68 61.81
C ILE HA 818 43.88 62.52 60.56
N SER HA 819 43.13 62.01 59.58
CA SER HA 819 42.93 62.74 58.34
C SER HA 819 42.40 64.13 58.60
N GLU HA 820 41.47 64.26 59.55
CA GLU HA 820 40.95 65.58 59.90
C GLU HA 820 42.01 66.39 60.63
N GLN HA 821 42.70 65.78 61.58
CA GLN HA 821 43.64 66.51 62.42
C GLN HA 821 44.76 67.13 61.60
N THR HA 822 45.27 66.38 60.62
CA THR HA 822 46.39 66.85 59.81
C THR HA 822 46.03 68.00 58.89
N ARG HA 823 44.79 68.48 58.92
CA ARG HA 823 44.41 69.62 58.10
C ARG HA 823 44.71 70.96 58.76
N ASN HA 824 45.26 70.95 59.98
CA ASN HA 824 45.58 72.20 60.65
C ASN HA 824 46.61 72.98 59.83
N PRO HA 825 46.33 74.23 59.49
CA PRO HA 825 47.26 74.98 58.64
C PRO HA 825 48.56 75.33 59.33
N ASN HA 826 48.62 75.25 60.66
CA ASN HA 826 49.80 75.65 61.41
C ASN HA 826 50.77 74.50 61.66
N LEU HA 827 50.79 73.50 60.78
CA LEU HA 827 51.73 72.40 60.86
C LEU HA 827 52.68 72.48 59.68
N ALA HA 828 53.98 72.41 59.94
CA ALA HA 828 54.99 72.51 58.89
C ALA HA 828 55.71 71.20 58.63
N HIS HA 829 55.65 70.24 59.56
CA HIS HA 829 56.36 68.99 59.40
C HIS HA 829 55.64 67.93 60.22
N LEU HA 830 56.05 66.68 60.03
CA LEU HA 830 55.47 65.60 60.83
C LEU HA 830 56.44 64.43 60.86
N LEU HA 831 56.57 63.82 62.02
CA LEU HA 831 57.31 62.59 62.19
C LEU HA 831 56.33 61.48 62.57
N ASP HA 832 56.34 60.41 61.78
CA ASP HA 832 55.51 59.26 62.08
C ASP HA 832 56.38 58.16 62.62
N LEU HA 833 55.93 57.52 63.69
CA LEU HA 833 56.67 56.46 64.33
C LEU HA 833 56.01 55.13 64.06
N GLY HA 834 56.82 54.11 63.76
CA GLY HA 834 56.29 52.78 63.54
C GLY HA 834 55.41 52.64 62.33
N THR HA 835 55.74 53.36 61.25
CA THR HA 835 55.01 53.16 60.01
C THR HA 835 55.22 51.75 59.49
N GLY HA 836 54.20 51.21 58.84
CA GLY HA 836 54.40 49.99 58.09
C GLY HA 836 55.32 50.26 56.94
N PRO HA 837 56.00 49.23 56.44
CA PRO HA 837 56.84 49.43 55.25
C PRO HA 837 56.03 50.00 54.11
N GLU HA 838 54.77 49.61 54.01
CA GLU HA 838 53.79 50.35 53.22
C GLU HA 838 53.44 51.64 53.95
N CYS HA 839 53.78 52.77 53.35
CA CYS HA 839 53.60 54.08 54.01
C CYS HA 839 52.17 54.56 53.81
N ARG HA 840 51.25 53.90 54.52
CA ARG HA 840 49.83 54.18 54.35
C ARG HA 840 49.48 55.61 54.76
N ILE HA 841 50.27 56.21 55.64
CA ILE HA 841 49.97 57.55 56.13
C ILE HA 841 49.89 58.54 54.97
N LEU HA 842 50.65 58.26 53.90
CA LEU HA 842 50.63 59.15 52.74
C LEU HA 842 49.23 59.32 52.17
N SER HA 843 48.38 58.31 52.32
CA SER HA 843 47.03 58.40 51.79
C SER HA 843 46.13 59.32 52.60
N LEU HA 844 46.49 59.61 53.84
CA LEU HA 844 45.62 60.38 54.72
C LEU HA 844 45.96 61.86 54.76
N ILE HA 845 47.19 62.24 54.43
CA ILE HA 845 47.69 63.58 54.69
C ILE HA 845 47.57 64.44 53.44
N PRO HA 846 47.22 65.71 53.56
CA PRO HA 846 47.25 66.59 52.41
C PRO HA 846 48.63 66.63 51.80
N PRO HA 847 48.73 66.70 50.47
CA PRO HA 847 50.03 66.53 49.82
C PRO HA 847 51.03 67.63 50.14
N THR HA 848 50.59 68.75 50.68
CA THR HA 848 51.49 69.88 50.91
C THR HA 848 52.28 69.77 52.20
N LEU HA 849 52.02 68.77 53.04
CA LEU HA 849 52.66 68.69 54.34
C LEU HA 849 53.90 67.81 54.27
N GLN HA 850 55.01 68.32 54.81
CA GLN HA 850 56.22 67.52 54.91
C GLN HA 850 56.01 66.37 55.89
N VAL HA 851 56.49 65.20 55.52
CA VAL HA 851 56.30 63.99 56.32
C VAL HA 851 57.62 63.23 56.40
N THR HA 852 57.94 62.75 57.58
CA THR HA 852 59.00 61.78 57.78
C THR HA 852 58.43 60.57 58.49
N MET HA 853 58.64 59.39 57.92
CA MET HA 853 58.10 58.15 58.44
C MET HA 853 59.24 57.18 58.72
N SER HA 854 58.98 56.24 59.61
CA SER HA 854 60.05 55.40 60.12
C SER HA 854 59.56 53.99 60.39
N ASP HA 855 60.49 53.04 60.34
CA ASP HA 855 60.25 51.66 60.72
C ASP HA 855 61.59 50.94 60.76
N ALA HA 856 61.62 49.84 61.50
CA ALA HA 856 62.81 48.99 61.48
C ALA HA 856 62.99 48.33 60.12
N ARG HA 857 61.90 47.97 59.46
CA ARG HA 857 61.96 47.34 58.16
C ARG HA 857 62.18 48.38 57.06
N PRO HA 858 62.74 47.97 55.93
CA PRO HA 858 62.86 48.89 54.80
C PRO HA 858 61.50 49.24 54.23
N CYS HA 859 61.42 50.42 53.63
CA CYS HA 859 60.17 50.84 53.02
C CYS HA 859 59.83 49.96 51.83
N ALA HA 860 58.53 49.87 51.55
CA ALA HA 860 58.05 49.06 50.45
C ALA HA 860 57.84 49.85 49.17
N GLU HA 861 58.13 51.14 49.17
CA GLU HA 861 57.78 51.99 48.04
C GLU HA 861 59.01 52.73 47.53
N LEU HA 862 59.05 52.93 46.22
CA LEU HA 862 60.17 53.61 45.58
C LEU HA 862 60.17 55.07 45.99
N MET HA 863 61.10 55.44 46.87
CA MET HA 863 61.15 56.80 47.37
C MET HA 863 61.49 57.80 46.28
N ALA HA 864 62.09 57.35 45.17
CA ALA HA 864 62.42 58.26 44.09
C ALA HA 864 61.18 58.85 43.42
N SER HA 865 60.00 58.27 43.65
CA SER HA 865 58.78 58.76 43.02
C SER HA 865 58.23 60.00 43.68
N PHE HA 866 58.74 60.40 44.82
CA PHE HA 866 58.23 61.55 45.56
C PHE HA 866 59.24 62.68 45.57
N ASP HA 867 58.75 63.86 45.90
CA ASP HA 867 59.64 64.98 46.15
C ASP HA 867 60.36 64.73 47.46
N PRO HA 868 61.70 64.65 47.48
CA PRO HA 868 62.40 64.38 48.73
C PRO HA 868 62.19 65.45 49.79
N ALA HA 869 61.89 66.69 49.38
CA ALA HA 869 61.64 67.72 50.37
C ALA HA 869 60.36 67.48 51.14
N LEU HA 870 59.39 66.82 50.53
CA LEU HA 870 58.09 66.64 51.15
C LEU HA 870 57.96 65.31 51.88
N THR HA 871 58.72 64.30 51.49
CA THR HA 871 58.63 62.99 52.09
C THR HA 871 60.01 62.47 52.43
N ALA HA 872 60.11 61.72 53.52
CA ALA HA 872 61.37 61.12 53.93
C ALA HA 872 61.07 59.86 54.72
N TYR HA 873 61.91 58.84 54.52
CA TYR HA 873 61.78 57.57 55.20
C TYR HA 873 63.07 57.26 55.91
N VAL HA 874 63.00 56.98 57.21
CA VAL HA 874 64.16 56.68 58.01
C VAL HA 874 63.99 55.27 58.58
N GLN HA 875 64.93 54.40 58.26
CA GLN HA 875 64.89 53.02 58.75
C GLN HA 875 65.62 52.94 60.08
N GLY HA 876 64.94 52.47 61.11
CA GLY HA 876 65.53 52.38 62.42
C GLY HA 876 64.49 52.03 63.46
N ASP HA 877 64.95 51.94 64.69
CA ASP HA 877 64.10 51.60 65.83
C ASP HA 877 64.00 52.81 66.74
N TYR HA 878 62.82 53.41 66.81
CA TYR HA 878 62.62 54.54 67.70
C TYR HA 878 62.51 54.14 69.15
N SER HA 879 62.71 52.86 69.49
CA SER HA 879 62.84 52.50 70.89
C SER HA 879 64.20 52.91 71.43
N THR HA 880 65.21 52.93 70.58
CA THR HA 880 66.57 53.23 71.00
C THR HA 880 66.82 54.74 71.04
N ALA HA 881 67.70 55.15 71.94
CA ALA HA 881 68.10 56.55 71.99
C ALA HA 881 68.91 56.94 70.76
N ALA HA 882 69.67 56.01 70.20
CA ALA HA 882 70.47 56.31 69.02
C ALA HA 882 69.60 56.70 67.84
N PHE HA 883 68.32 56.35 67.87
CA PHE HA 883 67.42 56.72 66.79
C PHE HA 883 67.35 58.23 66.61
N TRP HA 884 67.42 58.98 67.71
CA TRP HA 884 67.30 60.43 67.65
C TRP HA 884 68.68 61.04 67.44
N ASN HA 885 69.03 61.23 66.17
CA ASN HA 885 70.23 61.97 65.81
C ASN HA 885 69.91 62.73 64.53
N GLY HA 886 69.80 64.05 64.64
CA GLY HA 886 69.39 64.87 63.53
C GLY HA 886 67.89 64.87 63.26
N ILE HA 887 67.10 64.26 64.14
CA ILE HA 887 65.66 64.18 63.94
C ILE HA 887 65.04 65.50 64.35
N ARG HA 888 64.42 66.19 63.38
CA ARG HA 888 63.78 67.48 63.62
C ARG HA 888 62.35 67.43 63.10
N CYS HA 889 61.42 67.98 63.89
CA CYS HA 889 60.03 68.08 63.50
C CYS HA 889 59.33 69.02 64.47
N ASP HA 890 58.08 69.34 64.16
CA ASP HA 890 57.25 70.14 65.05
C ASP HA 890 56.12 69.34 65.67
N SER HA 891 55.88 68.12 65.18
CA SER HA 891 54.79 67.29 65.68
C SER HA 891 55.10 65.84 65.33
N ALA HA 892 54.45 64.94 66.02
CA ALA HA 892 54.71 63.51 65.84
C ALA HA 892 53.45 62.72 66.15
N THR HA 893 53.48 61.43 65.81
CA THR HA 893 52.36 60.56 66.10
C THR HA 893 52.84 59.11 66.14
N ALA HA 894 52.05 58.28 66.81
CA ALA HA 894 52.34 56.86 66.90
C ALA HA 894 51.01 56.15 67.16
N ILE HA 895 50.55 55.38 66.19
CA ILE HA 895 49.23 54.76 66.24
C ILE HA 895 49.39 53.27 66.03
N PHE HA 896 48.79 52.47 66.92
CA PHE HA 896 48.86 51.01 66.86
C PHE HA 896 50.30 50.50 66.90
N THR HA 897 51.19 51.26 67.51
CA THR HA 897 52.59 50.89 67.58
C THR HA 897 53.15 50.90 68.99
N LEU HA 898 52.66 51.78 69.87
CA LEU HA 898 53.27 51.97 71.18
C LEU HA 898 53.24 50.68 71.99
N GLY HA 899 52.06 50.08 72.12
CA GLY HA 899 51.95 48.87 72.93
C GLY HA 899 52.82 47.75 72.41
N ALA HA 900 52.85 47.57 71.09
CA ALA HA 900 53.71 46.56 70.50
C ALA HA 900 55.18 46.86 70.79
N ALA HA 901 55.58 48.11 70.61
CA ALA HA 901 56.97 48.47 70.88
C ALA HA 901 57.31 48.26 72.34
N ALA HA 902 56.40 48.62 73.24
CA ALA HA 902 56.63 48.38 74.66
C ALA HA 902 56.76 46.90 74.95
N ALA HA 903 55.91 46.09 74.33
CA ALA HA 903 56.00 44.64 74.52
C ALA HA 903 57.34 44.11 74.04
N ALA HA 904 57.80 44.57 72.88
CA ALA HA 904 59.09 44.16 72.37
C ALA HA 904 60.20 44.60 73.31
N ALA HA 905 60.09 45.81 73.86
CA ALA HA 905 61.06 46.30 74.82
C ALA HA 905 60.96 45.62 76.17
N GLY HA 906 59.93 44.80 76.40
CA GLY HA 906 59.78 44.13 77.66
C GLY HA 906 59.59 45.07 78.83
N THR HA 907 58.70 46.04 78.67
CA THR HA 907 58.48 47.04 79.71
C THR HA 907 57.01 47.43 79.71
N ASP HA 908 56.61 48.11 80.79
CA ASP HA 908 55.27 48.67 80.89
C ASP HA 908 55.17 49.95 80.06
N LEU HA 909 53.93 50.41 79.88
CA LEU HA 909 53.70 51.63 79.13
C LEU HA 909 54.34 52.84 79.82
N ILE HA 910 54.13 52.95 81.13
CA ILE HA 910 54.53 54.17 81.84
C ILE HA 910 56.03 54.40 81.68
N ALA HA 911 56.84 53.36 81.93
CA ALA HA 911 58.27 53.49 81.74
C ALA HA 911 58.60 53.79 80.30
N PHE HA 912 57.90 53.14 79.37
CA PHE HA 912 58.22 53.29 77.95
C PHE HA 912 58.02 54.72 77.49
N VAL HA 913 56.87 55.31 77.82
CA VAL HA 913 56.59 56.67 77.37
C VAL HA 913 57.48 57.68 78.08
N GLN HA 914 57.84 57.40 79.32
CA GLN HA 914 58.60 58.38 80.10
C GLN HA 914 59.96 58.69 79.47
N GLN HA 915 60.57 57.70 78.84
CA GLN HA 915 61.83 57.91 78.16
C GLN HA 915 61.66 58.27 76.69
N LEU HA 916 60.42 58.29 76.19
CA LEU HA 916 60.16 58.56 74.79
C LEU HA 916 59.80 60.02 74.55
N ILE HA 917 58.78 60.51 75.24
CA ILE HA 917 58.26 61.86 75.07
C ILE HA 917 59.36 62.91 75.17
N PRO HA 918 60.28 62.83 76.15
CA PRO HA 918 61.35 63.84 76.18
C PRO HA 918 62.14 63.92 74.90
N ARG HA 919 62.38 62.78 74.25
CA ARG HA 919 63.11 62.80 72.98
C ARG HA 919 62.34 63.58 71.92
N ILE HA 920 61.02 63.37 71.86
CA ILE HA 920 60.19 64.12 70.92
C ILE HA 920 60.28 65.61 71.21
N VAL HA 921 60.20 65.97 72.48
CA VAL HA 921 60.37 67.37 72.85
C VAL HA 921 61.74 67.86 72.44
N ALA HA 922 62.77 67.03 72.67
CA ALA HA 922 64.12 67.39 72.25
C ALA HA 922 64.19 67.57 70.74
N ALA HA 923 63.39 66.83 69.99
CA ALA HA 923 63.39 66.96 68.54
C ALA HA 923 62.68 68.19 68.05
N GLY HA 924 62.27 69.08 68.94
CA GLY HA 924 61.52 70.26 68.55
C GLY HA 924 60.05 70.05 68.38
N GLY HA 925 59.54 68.85 68.60
CA GLY HA 925 58.13 68.60 68.47
C GLY HA 925 57.33 69.35 69.52
N THR HA 926 56.10 69.70 69.17
CA THR HA 926 55.22 70.47 70.05
C THR HA 926 53.97 69.71 70.45
N ARG HA 927 53.32 69.03 69.52
CA ARG HA 927 52.10 68.31 69.81
C ARG HA 927 52.18 66.93 69.19
N MET HA 928 51.45 65.98 69.79
CA MET HA 928 51.48 64.61 69.29
C MET HA 928 50.16 63.93 69.63
N TRP HA 929 49.80 62.96 68.80
CA TRP HA 929 48.68 62.08 69.04
C TRP HA 929 49.22 60.68 69.26
N LEU HA 930 48.87 60.08 70.40
CA LEU HA 930 49.42 58.80 70.80
C LEU HA 930 48.29 57.83 71.11
N GLN HA 931 48.38 56.62 70.56
CA GLN HA 931 47.35 55.61 70.72
C GLN HA 931 47.76 54.70 71.87
N LEU HA 932 47.42 55.12 73.08
CA LEU HA 932 47.64 54.29 74.26
C LEU HA 932 46.44 53.36 74.47
N ASN HA 933 46.73 52.14 74.89
CA ASN HA 933 45.68 51.18 75.22
C ASN HA 933 45.44 51.22 76.72
N THR HA 934 44.23 51.61 77.11
CA THR HA 934 43.87 51.75 78.51
C THR HA 934 42.37 51.85 78.66
N PRO HA 935 41.79 51.30 79.72
CA PRO HA 935 40.34 51.40 79.92
C PRO HA 935 39.96 52.77 80.46
N LEU HA 936 39.37 53.60 79.60
CA LEU HA 936 38.95 54.92 80.05
C LEU HA 936 37.66 54.84 80.84
N TYR HA 937 36.68 54.09 80.36
CA TYR HA 937 35.36 54.12 80.95
C TYR HA 937 35.21 53.09 82.06
N GLU HA 938 35.61 51.84 81.81
CA GLU HA 938 35.64 50.84 82.86
C GLU HA 938 36.49 49.68 82.39
N VAL HA 939 36.90 48.85 83.35
CA VAL HA 939 37.63 47.62 83.05
C VAL HA 939 36.61 46.53 82.73
N SER HA 940 36.57 46.11 81.48
CA SER HA 940 35.62 45.08 81.05
C SER HA 940 36.13 44.46 79.76
N SER HA 941 36.41 43.16 79.78
CA SER HA 941 36.97 42.50 78.62
C SER HA 941 35.91 42.25 77.57
N LEU HA 942 36.25 42.50 76.32
CA LEU HA 942 35.41 42.10 75.20
C LEU HA 942 35.59 40.62 74.93
N PRO HA 943 34.51 39.84 74.86
CA PRO HA 943 34.61 38.38 75.06
C PRO HA 943 35.70 37.70 74.27
N ASP HA 944 36.00 38.14 73.05
CA ASP HA 944 37.06 37.47 72.30
C ASP HA 944 38.07 38.47 71.74
N LEU HA 945 37.62 39.69 71.45
CA LEU HA 945 38.52 40.67 70.84
C LEU HA 945 39.66 41.02 71.78
N ILE HA 946 39.33 41.40 73.01
CA ILE HA 946 40.34 41.84 73.97
C ILE HA 946 40.06 41.19 75.31
N ASP HA 947 41.07 40.52 75.86
CA ASP HA 947 41.01 39.99 77.21
C ASP HA 947 41.96 40.80 78.09
N ILE HA 948 41.45 41.33 79.19
CA ILE HA 948 42.23 42.16 80.09
C ILE HA 948 42.86 41.25 81.15
N ASP HA 949 44.18 41.30 81.25
CA ASP HA 949 44.89 40.59 82.29
C ASP HA 949 45.11 41.51 83.49
N LEU HA 950 45.03 40.93 84.67
CA LEU HA 950 45.11 41.71 85.90
C LEU HA 950 46.33 41.37 86.75
N ARG HA 951 46.66 40.09 86.89
CA ARG HA 951 47.86 39.73 87.63
C ARG HA 951 49.10 40.34 86.99
N ASP HA 952 49.04 40.63 85.70
CA ASP HA 952 49.96 41.56 85.05
C ASP HA 952 49.16 42.42 84.10
N ARG HA 953 49.56 43.67 83.97
CA ARG HA 953 48.78 44.65 83.21
C ARG HA 953 49.01 44.42 81.72
N VAL HA 954 48.20 43.55 81.14
CA VAL HA 954 48.40 43.10 79.77
C VAL HA 954 47.05 42.90 79.09
N TYR HA 955 46.97 43.24 77.81
CA TYR HA 955 45.84 42.89 76.96
C TYR HA 955 46.14 41.62 76.17
N ARG HA 956 45.09 40.85 75.91
CA ARG HA 956 45.15 39.72 75.00
C ARG HA 956 44.26 40.01 73.80
N PHE HA 957 44.82 39.93 72.60
CA PHE HA 957 44.09 40.23 71.38
C PHE HA 957 43.73 38.96 70.64
N ASN HA 958 42.48 38.88 70.19
CA ASN HA 958 42.00 37.78 69.37
C ASN HA 958 42.27 36.43 70.05
N GLY HA 959 41.89 36.35 71.32
CA GLY HA 959 42.17 35.15 72.08
C GLY HA 959 43.64 34.87 72.24
N GLY HA 960 44.46 35.90 72.34
CA GLY HA 960 45.87 35.73 72.57
C GLY HA 960 46.74 35.69 71.35
N GLU HA 961 46.22 36.08 70.18
CA GLU HA 961 47.08 36.18 69.00
C GLU HA 961 48.19 37.20 69.23
N ARG HA 962 47.88 38.30 69.89
CA ARG HA 962 48.84 39.34 70.18
C ARG HA 962 48.68 39.76 71.63
N VAL HA 963 49.79 40.12 72.26
CA VAL HA 963 49.84 40.37 73.69
C VAL HA 963 50.63 41.64 73.95
N GLU HA 964 50.02 42.59 74.67
CA GLU HA 964 50.64 43.89 74.90
C GLU HA 964 50.32 44.35 76.31
N PRO HA 965 51.19 45.17 76.90
CA PRO HA 965 50.89 45.73 78.23
C PRO HA 965 49.90 46.88 78.14
N TYR HA 966 49.41 47.29 79.30
CA TYR HA 966 48.55 48.46 79.39
C TYR HA 966 48.77 49.14 80.73
N ALA HA 967 48.18 50.32 80.88
CA ALA HA 967 48.26 51.09 82.11
C ALA HA 967 46.89 51.67 82.43
N ASP HA 968 46.76 52.17 83.64
CA ASP HA 968 45.49 52.77 84.02
C ASP HA 968 45.49 54.26 83.72
N PRO HA 969 44.33 54.82 83.36
CA PRO HA 969 44.32 56.20 82.86
C PRO HA 969 44.77 57.23 83.87
N VAL HA 970 44.24 57.18 85.09
CA VAL HA 970 44.56 58.19 86.10
C VAL HA 970 46.05 58.18 86.43
N PRO HA 971 46.66 57.03 86.76
CA PRO HA 971 48.12 57.06 87.00
C PRO HA 971 48.89 57.55 85.79
N LEU HA 972 48.45 57.18 84.60
CA LEU HA 972 49.15 57.59 83.38
C LEU HA 972 49.10 59.10 83.22
N GLN HA 973 47.90 59.69 83.37
CA GLN HA 973 47.77 61.14 83.22
C GLN HA 973 48.63 61.88 84.23
N GLN HA 974 48.66 61.38 85.47
CA GLN HA 974 49.52 61.99 86.48
C GLN HA 974 50.98 61.87 86.07
N ALA HA 975 51.38 60.72 85.51
CA ALA HA 975 52.74 60.56 85.04
C ALA HA 975 53.05 61.55 83.91
N ILE HA 976 52.11 61.69 82.98
CA ILE HA 976 52.32 62.62 81.86
C ILE HA 976 52.43 64.04 82.39
N ALA HA 977 51.53 64.41 83.30
CA ALA HA 977 51.58 65.75 83.88
C ALA HA 977 52.92 66.01 84.54
N ALA HA 978 53.49 64.99 85.19
CA ALA HA 978 54.81 65.14 85.78
C ALA HA 978 55.85 65.46 84.73
N LEU HA 979 55.79 64.78 83.59
CA LEU HA 979 56.75 65.06 82.52
C LEU HA 979 56.54 66.46 81.95
N LEU HA 980 55.31 66.78 81.59
CA LEU HA 980 54.99 68.10 81.02
C LEU HA 980 53.93 68.77 81.88
N PRO HA 981 54.29 69.77 82.67
CA PRO HA 981 53.27 70.43 83.51
C PRO HA 981 52.45 71.47 82.80
N ALA HA 982 52.91 72.00 81.66
CA ALA HA 982 52.27 73.13 81.01
C ALA HA 982 51.61 72.76 79.69
N ALA HA 983 51.33 71.48 79.47
CA ALA HA 983 50.75 71.02 78.23
C ALA HA 983 49.32 70.55 78.44
N ALA HA 984 48.49 70.73 77.43
CA ALA HA 984 47.10 70.31 77.47
C ALA HA 984 46.96 68.86 77.04
N LEU HA 985 45.99 68.18 77.63
CA LEU HA 985 45.72 66.78 77.34
C LEU HA 985 44.26 66.60 76.95
N SER HA 986 44.02 65.65 76.06
CA SER HA 986 42.66 65.33 75.66
C SER HA 986 42.61 63.89 75.16
N TRP HA 987 41.41 63.34 75.15
CA TRP HA 987 41.18 61.97 74.74
C TRP HA 987 40.22 61.93 73.55
N HIS HA 988 40.36 60.91 72.72
CA HIS HA 988 39.52 60.75 71.55
C HIS HA 988 39.20 59.29 71.33
N THR HA 989 37.92 59.00 71.06
CA THR HA 989 37.46 57.65 70.77
C THR HA 989 36.49 57.72 69.60
N LEU HA 990 36.05 56.54 69.15
CA LEU HA 990 35.09 56.47 68.06
C LEU HA 990 33.80 57.17 68.44
N SER HA 991 33.31 58.01 67.55
CA SER HA 991 32.11 58.75 67.83
C SER HA 991 30.88 57.87 67.65
N PRO HA 992 29.89 57.98 68.54
CA PRO HA 992 28.60 57.32 68.30
C PRO HA 992 27.79 57.97 67.21
N THR HA 993 28.24 59.10 66.67
CA THR HA 993 27.58 59.75 65.55
C THR HA 993 27.99 59.17 64.21
N CYS HA 994 28.97 58.28 64.19
CA CYS HA 994 29.35 57.53 63.00
C CYS HA 994 29.85 58.42 61.87
N ASP HA 995 30.46 59.55 62.22
CA ASP HA 995 31.01 60.44 61.20
C ASP HA 995 32.16 59.82 60.42
N TRP HA 996 32.72 58.73 60.93
CA TRP HA 996 33.86 58.05 60.31
C TRP HA 996 33.44 57.06 59.25
N LEU HA 997 32.15 56.92 58.99
CA LEU HA 997 31.66 55.95 58.01
C LEU HA 997 32.29 56.06 56.64
N PRO HA 998 32.48 57.26 56.05
CA PRO HA 998 33.01 57.32 54.68
C PRO HA 998 34.33 56.58 54.52
N TYR HA 999 35.05 56.34 55.61
CA TYR HA 999 36.27 55.57 55.54
C TYR HA 999 36.01 54.07 55.56
N ILE HA 1000 34.76 53.65 55.69
CA ILE HA 1000 34.37 52.25 55.58
C ILE HA 1000 33.57 52.01 54.32
N ILE HA 1001 32.48 52.75 54.14
CA ILE HA 1001 31.66 52.60 52.94
C ILE HA 1001 32.37 53.21 51.74
N GLY HA 1002 32.87 54.43 51.89
CA GLY HA 1002 33.51 55.10 50.78
C GLY HA 1002 34.76 54.40 50.28
N VAL HA 1003 35.25 53.41 51.02
CA VAL HA 1003 36.36 52.59 50.56
C VAL HA 1003 35.87 51.25 50.01
N GLY HA 1004 34.56 51.04 49.96
CA GLY HA 1004 34.02 49.86 49.32
C GLY HA 1004 34.01 48.61 50.16
N SER HA 1005 33.97 48.75 51.47
CA SER HA 1005 33.96 47.59 52.36
C SER HA 1005 32.59 47.46 53.02
N PRO HA 1006 32.01 46.27 53.03
CA PRO HA 1006 30.68 46.09 53.61
C PRO HA 1006 30.73 46.10 55.14
N LEU HA 1007 29.54 46.11 55.74
CA LEU HA 1007 29.41 46.37 57.16
C LEU HA 1007 28.19 45.66 57.72
N ASN HA 1008 28.24 45.36 59.02
CA ASN HA 1008 27.08 44.93 59.78
C ASN HA 1008 26.84 45.92 60.91
N LEU HA 1009 25.62 46.42 61.00
CA LEU HA 1009 25.33 47.50 61.94
C LEU HA 1009 25.47 47.06 63.39
N SER HA 1010 25.15 45.81 63.70
CA SER HA 1010 25.15 45.38 65.09
C SER HA 1010 26.53 45.40 65.72
N ASP HA 1011 27.59 45.50 64.90
CA ASP HA 1011 28.94 45.50 65.45
C ASP HA 1011 29.36 46.85 66.00
N ILE HA 1012 28.61 47.91 65.68
CA ILE HA 1012 29.08 49.26 65.97
C ILE HA 1012 29.28 49.47 67.46
N ASN HA 1013 28.33 48.99 68.27
CA ASN HA 1013 28.47 49.16 69.72
C ASN HA 1013 29.75 48.53 70.22
N THR HA 1014 30.08 47.34 69.73
CA THR HA 1014 31.34 46.70 70.12
C THR HA 1014 32.53 47.53 69.69
N ALA HA 1015 32.48 48.07 68.47
CA ALA HA 1015 33.60 48.86 67.98
C ALA HA 1015 33.84 50.08 68.87
N ILE HA 1016 32.77 50.75 69.27
CA ILE HA 1016 32.91 51.87 70.20
C ILE HA 1016 33.55 51.40 71.50
N SER HA 1017 33.06 50.29 72.05
CA SER HA 1017 33.63 49.75 73.27
C SER HA 1017 35.09 49.40 73.07
N TYR HA 1018 35.41 48.81 71.92
CA TYR HA 1018 36.80 48.54 71.58
C TYR HA 1018 37.63 49.80 71.63
N SER HA 1019 37.13 50.88 71.04
CA SER HA 1019 37.84 52.15 71.07
C SER HA 1019 37.98 52.67 72.49
N ARG HA 1020 36.93 52.49 73.30
CA ARG HA 1020 37.00 52.92 74.69
C ARG HA 1020 38.16 52.27 75.42
N LEU HA 1021 38.56 51.06 75.01
CA LEU HA 1021 39.70 50.40 75.61
C LEU HA 1021 41.03 50.84 75.01
N THR HA 1022 41.01 51.46 73.84
CA THR HA 1022 42.23 51.85 73.14
C THR HA 1022 42.11 53.29 72.69
N PRO HA 1023 42.12 54.24 73.61
CA PRO HA 1023 41.92 55.64 73.25
C PRO HA 1023 43.14 56.21 72.56
N ILE HA 1024 42.95 57.40 72.00
CA ILE HA 1024 44.05 58.21 71.47
C ILE HA 1024 44.22 59.40 72.40
N LEU HA 1025 45.44 59.59 72.89
CA LEU HA 1025 45.75 60.72 73.76
C LEU HA 1025 46.37 61.82 72.91
N HIS HA 1026 45.78 63.01 72.97
CA HIS HA 1026 46.28 64.17 72.26
C HIS HA 1026 46.98 65.08 73.24
N ILE HA 1027 48.28 65.29 73.00
CA ILE HA 1027 49.11 66.14 73.85
C ILE HA 1027 49.47 67.38 73.05
N ASP HA 1028 49.33 68.54 73.69
CA ASP HA 1028 49.63 69.81 73.04
C ASP HA 1028 50.36 70.71 74.02
N THR HA 1029 51.58 71.11 73.68
CA THR HA 1029 52.39 71.91 74.57
C THR HA 1029 52.28 73.41 74.30
N THR HA 1030 51.67 73.82 73.19
CA THR HA 1030 51.60 75.23 72.84
C THR HA 1030 50.35 75.91 73.41
N THR HA 1031 49.77 75.36 74.48
CA THR HA 1031 48.63 76.00 75.09
C THR HA 1031 48.54 75.59 76.55
N PRO HA 1032 48.14 76.49 77.45
CA PRO HA 1032 48.06 76.13 78.86
C PRO HA 1032 46.96 75.12 79.10
N PRO HA 1033 47.07 74.30 80.13
CA PRO HA 1033 46.12 73.21 80.34
C PRO HA 1033 44.87 73.65 81.07
N LEU HA 1034 43.89 72.75 81.09
CA LEU HA 1034 42.62 72.93 81.76
C LEU HA 1034 42.75 72.64 83.25
N ARG HA 1035 41.79 73.13 84.02
CA ARG HA 1035 41.78 72.87 85.46
C ARG HA 1035 40.37 72.96 86.01
N VAL HA 1036 40.13 72.21 87.08
CA VAL HA 1036 38.82 72.15 87.73
C VAL HA 1036 39.04 71.98 89.22
N ASN HA 1037 38.15 72.57 90.03
CA ASN HA 1037 38.37 72.57 91.48
C ASN HA 1037 38.13 71.19 92.08
N PRO HA 1038 36.92 70.60 92.02
CA PRO HA 1038 36.74 69.28 92.61
C PRO HA 1038 37.26 68.17 91.71
N VAL HA 1039 38.54 67.89 91.79
CA VAL HA 1039 39.23 66.95 90.89
C VAL HA 1039 38.49 65.62 90.76
N PRO HA 1040 37.97 65.03 91.83
CA PRO HA 1040 37.17 63.81 91.65
C PRO HA 1040 35.94 64.01 90.77
N THR HA 1041 35.46 65.24 90.62
CA THR HA 1041 34.34 65.59 89.74
C THR HA 1041 33.14 64.67 89.95
N PRO HA 1042 32.47 64.75 91.10
CA PRO HA 1042 31.29 63.93 91.32
C PRO HA 1042 30.09 64.48 90.55
N LEU HA 1043 29.14 63.57 90.28
CA LEU HA 1043 28.00 63.92 89.47
C LEU HA 1043 27.04 64.84 90.23
N ASN HA 1044 26.24 65.59 89.45
CA ASN HA 1044 25.12 66.36 89.97
C ASN HA 1044 25.54 67.41 90.98
N GLN HA 1045 26.76 67.91 90.89
CA GLN HA 1045 27.28 68.84 91.87
C GLN HA 1045 27.99 69.99 91.19
N GLN HA 1046 27.90 71.16 91.82
CA GLN HA 1046 28.51 72.37 91.26
C GLN HA 1046 30.03 72.21 91.18
N CYS HA 1047 30.59 72.61 90.05
CA CYS HA 1047 32.03 72.56 89.84
C CYS HA 1047 32.46 73.77 89.03
N ALA HA 1048 33.60 74.34 89.41
CA ALA HA 1048 34.16 75.49 88.72
C ALA HA 1048 35.31 75.04 87.83
N ILE HA 1049 35.32 75.57 86.61
CA ILE HA 1049 36.33 75.21 85.61
C ILE HA 1049 36.96 76.49 85.08
N ARG HA 1050 38.28 76.52 85.03
CA ARG HA 1050 39.04 77.68 84.58
C ARG HA 1050 39.66 77.40 83.22
N ILE HA 1051 39.48 78.34 82.29
CA ILE HA 1051 40.10 78.28 80.98
C ILE HA 1051 40.80 79.61 80.77
N THR HA 1052 42.10 79.65 81.06
CA THR HA 1052 42.85 80.88 80.89
C THR HA 1052 42.91 81.26 79.42
N SER HA 1053 42.66 82.54 79.14
CA SER HA 1053 42.49 83.00 77.78
C SER HA 1053 42.64 84.52 77.76
N LEU HA 1054 42.89 85.06 76.58
CA LEU HA 1054 43.18 86.47 76.44
C LEU HA 1054 42.03 87.29 75.87
N ASP HA 1055 41.08 86.67 75.20
CA ASP HA 1055 40.04 87.41 74.50
C ASP HA 1055 38.67 87.14 75.12
N PRO HA 1056 38.05 88.12 75.76
CA PRO HA 1056 36.64 87.96 76.14
C PRO HA 1056 35.71 87.82 74.96
N ALA HA 1057 36.16 88.21 73.76
CA ALA HA 1057 35.34 88.11 72.56
C ALA HA 1057 35.23 86.69 72.02
N ALA HA 1058 36.00 85.75 72.57
CA ALA HA 1058 35.98 84.39 72.06
C ALA HA 1058 34.64 83.72 72.39
N VAL HA 1059 34.38 82.60 71.73
CA VAL HA 1059 33.16 81.83 71.93
C VAL HA 1059 33.55 80.41 72.32
N LEU HA 1060 32.70 79.79 73.14
CA LEU HA 1060 33.00 78.51 73.78
C LEU HA 1060 32.00 77.44 73.36
N SER HA 1061 32.45 76.20 73.38
CA SER HA 1061 31.58 75.06 73.17
C SER HA 1061 32.15 73.85 73.89
N VAL HA 1062 31.27 72.99 74.37
CA VAL HA 1062 31.63 71.74 75.04
C VAL HA 1062 30.86 70.60 74.39
N GLN HA 1063 31.53 69.48 74.17
CA GLN HA 1063 30.93 68.35 73.48
C GLN HA 1063 30.95 67.11 74.35
N HIS HA 1064 29.99 66.24 74.09
CA HIS HA 1064 29.86 64.98 74.80
C HIS HA 1064 29.19 63.98 73.88
N ASN HA 1065 29.75 62.77 73.81
CA ASN HA 1065 29.29 61.75 72.87
C ASN HA 1065 29.30 62.29 71.44
N GLY HA 1066 30.30 63.10 71.13
CA GLY HA 1066 30.45 63.59 69.78
C GLY HA 1066 29.44 64.64 69.36
N VAL HA 1067 28.81 65.33 70.30
CA VAL HA 1067 27.87 66.40 69.97
C VAL HA 1067 28.00 67.50 71.02
N GLU HA 1068 27.84 68.74 70.57
CA GLU HA 1068 27.93 69.87 71.49
C GLU HA 1068 26.83 69.79 72.53
N VAL HA 1069 27.19 70.12 73.77
CA VAL HA 1069 26.24 70.02 74.88
C VAL HA 1069 26.15 71.36 75.59
N ILE HA 1070 27.23 72.13 75.53
CA ILE HA 1070 27.25 73.49 76.09
C ILE HA 1070 27.94 74.39 75.07
N GLY HA 1071 27.41 75.60 74.90
CA GLY HA 1071 28.03 76.58 74.03
C GLY HA 1071 27.46 77.96 74.23
N GLY HA 1072 28.24 78.97 73.94
CA GLY HA 1072 27.75 80.33 74.03
C GLY HA 1072 28.87 81.29 74.41
N THR HA 1073 28.47 82.38 75.05
CA THR HA 1073 29.32 83.51 75.40
C THR HA 1073 29.17 83.79 76.88
N PRO HA 1074 30.11 84.54 77.47
CA PRO HA 1074 29.92 84.94 78.87
C PRO HA 1074 28.63 85.71 79.08
N GLY HA 1075 28.17 86.46 78.09
CA GLY HA 1075 26.90 87.14 78.22
C GLY HA 1075 25.73 86.17 78.33
N ASN HA 1076 25.72 85.15 77.46
CA ASN HA 1076 24.64 84.17 77.48
C ASN HA 1076 25.18 82.84 76.99
N VAL HA 1077 24.68 81.77 77.60
CA VAL HA 1077 25.14 80.42 77.30
C VAL HA 1077 23.95 79.48 77.36
N ILE HA 1078 23.99 78.43 76.55
CA ILE HA 1078 22.94 77.41 76.52
C ILE HA 1078 23.56 76.06 76.81
N SER HA 1079 22.86 75.25 77.60
CA SER HA 1079 23.35 73.94 77.99
C SER HA 1079 22.21 72.93 77.99
N VAL HA 1080 22.55 71.67 77.78
CA VAL HA 1080 21.60 70.58 77.89
C VAL HA 1080 22.17 69.52 78.81
N ALA HA 1081 23.02 69.93 79.76
CA ALA HA 1081 23.59 69.01 80.72
C ALA HA 1081 23.55 69.53 82.15
N GLY HA 1082 22.74 70.55 82.42
CA GLY HA 1082 22.66 71.14 83.73
C GLY HA 1082 22.96 72.63 83.71
N ALA HA 1083 22.81 73.23 84.89
CA ALA HA 1083 23.03 74.66 85.03
C ALA HA 1083 24.46 75.02 84.66
N ALA HA 1084 24.62 76.07 83.85
CA ALA HA 1084 25.92 76.52 83.41
C ALA HA 1084 25.97 78.03 83.45
N ALA HA 1085 27.02 78.57 84.06
CA ALA HA 1085 27.24 80.01 84.11
C ALA HA 1085 28.61 80.31 83.56
N LEU HA 1086 28.67 81.19 82.56
CA LEU HA 1086 29.91 81.55 81.89
C LEU HA 1086 30.26 82.99 82.20
N GLN HA 1087 31.50 83.21 82.65
CA GLN HA 1087 31.99 84.53 82.96
C GLN HA 1087 33.45 84.62 82.58
N TYR HA 1088 33.88 85.81 82.18
CA TYR HA 1088 35.27 86.08 81.87
C TYR HA 1088 35.85 86.98 82.95
N ILE HA 1089 36.91 86.50 83.61
CA ILE HA 1089 37.59 87.28 84.63
C ILE HA 1089 38.85 87.85 83.96
N LEU HA 1090 38.77 89.13 83.59
CA LEU HA 1090 39.88 89.77 82.91
C LEU HA 1090 41.11 89.85 83.80
N ALA HA 1091 40.91 90.11 85.10
CA ALA HA 1091 42.04 90.22 86.02
C ALA HA 1091 42.90 88.96 86.02
N ASN HA 1092 42.28 87.80 85.80
CA ASN HA 1092 43.01 86.56 85.70
C ASN HA 1092 43.18 86.09 84.26
N GLN HA 1093 42.59 86.80 83.31
CA GLN HA 1093 42.61 86.38 81.91
C GLN HA 1093 42.10 84.95 81.77
N GLU HA 1094 40.91 84.72 82.30
CA GLU HA 1094 40.31 83.40 82.28
C GLU HA 1094 38.83 83.50 81.95
N PHE HA 1095 38.31 82.45 81.34
CA PHE HA 1095 36.88 82.20 81.33
C PHE HA 1095 36.55 81.31 82.51
N LEU HA 1096 35.57 81.71 83.30
CA LEU HA 1096 35.10 80.92 84.43
C LEU HA 1096 33.79 80.24 84.05
N LEU HA 1097 33.74 78.92 84.19
CA LEU HA 1097 32.54 78.16 83.94
C LEU HA 1097 32.14 77.45 85.23
N GLN HA 1098 30.93 77.74 85.70
CA GLN HA 1098 30.34 77.06 86.84
C GLN HA 1098 29.24 76.14 86.32
N PHE HA 1099 29.30 74.87 86.73
CA PHE HA 1099 28.55 73.84 86.03
C PHE HA 1099 28.09 72.78 87.02
N THR HA 1100 26.91 72.24 86.74
CA THR HA 1100 26.32 71.16 87.55
C THR HA 1100 25.96 70.03 86.59
N PRO HA 1101 26.92 69.16 86.27
CA PRO HA 1101 26.66 68.12 85.28
C PRO HA 1101 25.52 67.21 85.71
N THR HA 1102 24.69 66.83 84.74
CA THR HA 1102 23.56 65.95 84.97
C THR HA 1102 23.76 64.56 84.37
N LEU HA 1103 24.95 64.28 83.85
CA LEU HA 1103 25.24 62.98 83.27
C LEU HA 1103 26.75 62.78 83.26
N PRO HA 1104 27.22 61.55 83.37
CA PRO HA 1104 28.67 61.32 83.47
C PRO HA 1104 29.34 61.19 82.11
N GLY HA 1105 30.62 60.89 82.11
CA GLY HA 1105 31.35 60.62 80.90
C GLY HA 1105 32.38 61.68 80.59
N ILE HA 1106 32.94 61.57 79.38
CA ILE HA 1106 33.97 62.49 78.93
C ILE HA 1106 33.32 63.75 78.38
N PHE HA 1107 33.90 64.90 78.72
CA PHE HA 1107 33.52 66.17 78.13
C PHE HA 1107 34.77 66.89 77.68
N ASP HA 1108 34.77 67.35 76.44
CA ASP HA 1108 35.88 68.12 75.89
C ASP HA 1108 35.39 69.50 75.49
N VAL HA 1109 36.28 70.48 75.58
CA VAL HA 1109 35.91 71.88 75.50
C VAL HA 1109 36.78 72.58 74.46
N PHE HA 1110 36.19 73.57 73.79
CA PHE HA 1110 36.86 74.29 72.72
C PHE HA 1110 36.64 75.78 72.89
N LEU HA 1111 37.57 76.56 72.33
CA LEU HA 1111 37.42 78.00 72.24
C LEU HA 1111 37.60 78.41 70.79
N THR HA 1112 36.91 79.50 70.41
CA THR HA 1112 36.95 79.96 69.04
C THR HA 1112 36.79 81.46 69.01
N THR HA 1113 37.39 82.09 68.01
CA THR HA 1113 37.17 83.48 67.70
C THR HA 1113 36.84 83.62 66.22
N LEU HA 1114 36.31 84.78 65.85
CA LEU HA 1114 35.61 84.92 64.58
C LEU HA 1114 36.50 84.59 63.38
N GLY HA 1115 37.79 84.88 63.47
CA GLY HA 1115 38.65 84.68 62.32
C GLY HA 1115 39.50 83.43 62.37
N GLN HA 1116 39.11 82.45 63.17
CA GLN HA 1116 39.95 81.29 63.42
C GLN HA 1116 39.10 80.03 63.49
N PRO HA 1117 39.71 78.87 63.26
CA PRO HA 1117 39.03 77.60 63.54
C PRO HA 1117 38.91 77.39 65.03
N PRO HA 1118 38.03 76.49 65.47
CA PRO HA 1118 37.95 76.18 66.90
C PRO HA 1118 39.24 75.55 67.41
N VAL HA 1119 39.57 75.87 68.65
CA VAL HA 1119 40.81 75.42 69.28
C VAL HA 1119 40.46 74.50 70.44
N PRO HA 1120 40.92 73.25 70.44
CA PRO HA 1120 40.70 72.39 71.60
C PRO HA 1120 41.48 72.90 72.80
N ARG HA 1121 40.87 72.77 73.97
CA ARG HA 1121 41.46 73.24 75.21
C ARG HA 1121 41.36 72.19 76.30
N GLY HA 1122 41.55 70.93 75.94
CA GLY HA 1122 41.54 69.87 76.91
C GLY HA 1122 40.16 69.26 77.11
N SER HA 1123 40.09 68.37 78.09
CA SER HA 1123 38.87 67.63 78.37
C SER HA 1123 38.85 67.25 79.84
N PHE HA 1124 37.65 66.92 80.33
CA PHE HA 1124 37.48 66.52 81.71
C PHE HA 1124 36.45 65.41 81.79
N THR HA 1125 36.48 64.68 82.90
CA THR HA 1125 35.61 63.54 83.15
C THR HA 1125 34.68 63.82 84.32
N ILE HA 1126 33.46 63.34 84.22
CA ILE HA 1126 32.49 63.41 85.30
C ILE HA 1126 32.22 62.00 85.81
N THR HA 1127 32.31 61.81 87.11
CA THR HA 1127 32.23 60.48 87.69
C THR HA 1127 30.83 60.21 88.24
N PRO HA 1128 30.39 58.96 88.17
CA PRO HA 1128 29.07 58.60 88.70
C PRO HA 1128 29.09 58.57 90.23
N PRO HA 1129 27.93 58.62 90.86
CA PRO HA 1129 27.88 58.52 92.32
C PRO HA 1129 28.31 57.14 92.79
N PRO HA 1130 28.74 57.00 94.04
CA PRO HA 1130 29.24 55.72 94.52
C PRO HA 1130 28.15 54.65 94.60
N THR HA 1131 28.59 53.41 94.53
CA THR HA 1131 27.71 52.24 94.50
C THR HA 1131 27.53 51.61 95.87
N THR HA 1132 27.96 52.27 96.94
CA THR HA 1132 28.03 51.65 98.26
C THR HA 1132 26.68 51.77 98.96
N VAL HA 1133 25.89 50.72 98.85
CA VAL HA 1133 24.69 50.56 99.68
C VAL HA 1133 25.07 49.71 100.88
N VAL HA 1134 24.52 50.06 102.04
CA VAL HA 1134 24.84 49.36 103.29
C VAL HA 1134 23.54 49.09 104.05
N LEU HA 1135 23.47 47.91 104.66
CA LEU HA 1135 22.32 47.48 105.43
C LEU HA 1135 22.72 47.32 106.90
N ASN HA 1136 21.76 47.58 107.79
CA ASN HA 1136 21.99 47.54 109.23
C ASN HA 1136 20.95 46.63 109.87
N MET HA 1137 21.40 45.70 110.71
CA MET HA 1137 20.64 44.53 111.08
C MET HA 1137 20.30 44.50 112.57
N PRO HA 1138 19.26 43.77 112.95
CA PRO HA 1138 18.92 43.61 114.37
C PRO HA 1138 19.71 42.47 114.99
N PRO HA 1139 19.74 42.40 116.32
CA PRO HA 1139 20.41 41.27 117.00
C PRO HA 1139 19.63 39.98 116.81
N PRO HA 1140 20.23 38.83 117.13
CA PRO HA 1140 19.49 37.56 116.98
C PRO HA 1140 18.22 37.51 117.81
N GLY HA 1141 18.18 38.18 118.96
CA GLY HA 1141 16.95 38.26 119.71
C GLY HA 1141 15.84 38.95 118.94
N GLN HA 1142 16.20 39.84 118.02
CA GLN HA 1142 15.24 40.52 117.16
C GLN HA 1142 15.17 39.90 115.77
N LEU HA 1143 15.80 38.76 115.55
CA LEU HA 1143 15.54 37.95 114.36
C LEU HA 1143 14.13 37.40 114.49
N ASP HA 1144 13.18 37.98 113.75
CA ASP HA 1144 11.77 37.72 113.94
C ASP HA 1144 11.34 36.55 113.07
N PHE HA 1145 11.46 35.34 113.62
CA PHE HA 1145 10.91 34.16 112.98
C PHE HA 1145 9.39 34.10 113.11
N THR HA 1146 8.81 34.98 113.93
CA THR HA 1146 7.37 35.08 114.04
C THR HA 1146 6.77 35.58 112.73
N ASP HA 1147 5.43 35.64 112.70
CA ASP HA 1147 4.74 36.09 111.50
C ASP HA 1147 5.13 37.52 111.14
N VAL HA 1148 5.22 38.39 112.14
CA VAL HA 1148 5.66 39.75 111.91
C VAL HA 1148 7.19 39.76 111.86
N GLY HA 1149 7.74 39.64 110.66
CA GLY HA 1149 9.18 39.63 110.48
C GLY HA 1149 9.79 40.95 110.88
N ASN HA 1150 11.12 41.00 110.97
CA ASN HA 1150 11.75 42.19 111.51
C ASN HA 1150 12.12 43.18 110.41
N ASP HA 1151 12.88 44.21 110.80
CA ASP HA 1151 13.13 45.38 109.97
C ASP HA 1151 14.60 45.74 110.08
N ALA HA 1152 15.16 46.23 108.97
CA ALA HA 1152 16.57 46.58 108.91
C ALA HA 1152 16.72 47.93 108.21
N ARG HA 1153 17.63 48.75 108.69
CA ARG HA 1153 17.81 50.10 108.17
C ARG HA 1153 18.79 50.09 107.00
N ILE HA 1154 18.42 50.77 105.92
CA ILE HA 1154 19.26 50.87 104.74
C ILE HA 1154 19.93 52.24 104.74
N THR HA 1155 21.23 52.24 104.44
CA THR HA 1155 22.00 53.47 104.31
C THR HA 1155 22.53 53.54 102.89
N CYS HA 1156 22.02 54.48 102.11
CA CYS HA 1156 22.35 54.57 100.70
C CYS HA 1156 22.02 55.96 100.20
N ASP HA 1157 22.54 56.27 99.01
CA ASP HA 1157 22.19 57.53 98.36
C ASP HA 1157 20.74 57.48 97.86
N PRO HA 1158 20.06 58.63 97.83
CA PRO HA 1158 18.72 58.66 97.24
C PRO HA 1158 18.73 58.49 95.73
N TYR HA 1159 19.89 58.60 95.09
CA TYR HA 1159 19.97 58.47 93.64
C TYR HA 1159 19.59 57.08 93.16
N TYR HA 1160 19.81 56.06 93.99
CA TYR HA 1160 19.46 54.68 93.65
C TYR HA 1160 18.19 54.28 94.41
N GLN HA 1161 17.09 54.19 93.68
CA GLN HA 1161 15.89 53.57 94.23
C GLN HA 1161 16.08 52.05 94.25
N LEU HA 1162 15.56 51.41 95.29
CA LEU HA 1162 15.88 50.01 95.54
C LEU HA 1162 14.62 49.18 95.73
N ALA HA 1163 14.76 47.88 95.44
CA ALA HA 1163 13.72 46.89 95.69
C ALA HA 1163 14.39 45.53 95.83
N VAL HA 1164 13.68 44.61 96.47
CA VAL HA 1164 14.22 43.28 96.75
C VAL HA 1164 13.88 42.34 95.59
N CYS HA 1165 14.89 41.65 95.08
CA CYS HA 1165 14.75 40.86 93.87
C CYS HA 1165 15.54 39.56 93.99
N ILE HA 1166 15.26 38.63 93.09
CA ILE HA 1166 15.90 37.32 93.06
C ILE HA 1166 16.55 37.12 91.70
N PHE HA 1167 17.83 36.77 91.71
CA PHE HA 1167 18.60 36.51 90.48
C PHE HA 1167 18.26 35.13 89.95
N LYS HA 1168 17.04 35.02 89.42
CA LYS HA 1168 16.47 33.70 89.12
C LYS HA 1168 17.17 33.04 87.93
N ASP HA 1169 17.34 33.78 86.83
CA ASP HA 1169 17.73 33.16 85.58
C ASP HA 1169 18.77 33.98 84.83
N GLY HA 1170 19.64 34.67 85.57
CA GLY HA 1170 20.46 35.69 84.97
C GLY HA 1170 19.85 37.07 84.98
N GLN HA 1171 18.60 37.18 85.43
CA GLN HA 1171 17.95 38.47 85.62
C GLN HA 1171 17.22 38.47 86.96
N TYR HA 1172 17.26 39.61 87.64
CA TYR HA 1172 16.60 39.76 88.92
C TYR HA 1172 15.10 39.92 88.71
N VAL HA 1173 14.31 39.20 89.50
CA VAL HA 1173 12.86 39.31 89.49
C VAL HA 1173 12.40 39.79 90.87
N ARG HA 1174 11.53 40.79 90.87
CA ARG HA 1174 11.12 41.42 92.13
C ARG HA 1174 10.34 40.45 92.99
N VAL HA 1175 10.68 40.38 94.26
CA VAL HA 1175 10.01 39.49 95.21
C VAL HA 1175 8.71 40.14 95.67
N ASN HA 1176 7.76 39.30 96.06
CA ASN HA 1176 6.53 39.81 96.63
C ASN HA 1176 6.83 40.50 97.95
N PRO HA 1177 6.05 41.54 98.30
CA PRO HA 1177 6.42 42.35 99.47
C PRO HA 1177 6.31 41.62 100.80
N GLU HA 1178 5.47 40.60 100.88
CA GLU HA 1178 5.16 40.00 102.18
C GLU HA 1178 6.26 39.09 102.71
N LYS HA 1179 7.38 38.98 102.01
CA LYS HA 1179 8.56 38.35 102.56
C LYS HA 1179 9.71 39.33 102.78
N ALA HA 1180 9.80 40.38 101.97
CA ALA HA 1180 10.79 41.42 102.15
C ALA HA 1180 10.32 42.66 101.42
N SER HA 1181 10.70 43.83 101.94
CA SER HA 1181 10.28 45.08 101.33
C SER HA 1181 11.22 46.20 101.77
N VAL HA 1182 11.62 47.03 100.81
CA VAL HA 1182 12.30 48.29 101.16
C VAL HA 1182 11.27 49.25 101.71
N VAL HA 1183 11.56 49.83 102.88
CA VAL HA 1183 10.60 50.65 103.61
C VAL HA 1183 10.89 52.11 103.34
N THR HA 1184 9.85 52.86 102.99
CA THR HA 1184 9.98 54.29 102.70
C THR HA 1184 9.80 55.12 103.97
N ASN HA 1185 10.70 54.87 104.93
CA ASN HA 1185 10.72 55.68 106.13
C ASN HA 1185 11.15 57.11 105.80
N ALA HA 1186 10.63 58.06 106.56
CA ALA HA 1186 10.81 59.47 106.22
C ALA HA 1186 12.28 59.90 106.16
N PRO HA 1187 13.13 59.61 107.15
CA PRO HA 1187 14.52 60.06 107.03
C PRO HA 1187 15.33 59.26 106.03
N ASN HA 1188 15.06 57.97 105.88
CA ASN HA 1188 15.87 57.11 105.03
C ASN HA 1188 15.08 55.87 104.69
N ARG HA 1189 15.59 55.10 103.74
CA ARG HA 1189 14.99 53.82 103.40
C ARG HA 1189 15.38 52.77 104.42
N ASP HA 1190 14.44 51.91 104.76
CA ASP HA 1190 14.68 50.76 105.62
C ASP HA 1190 14.26 49.49 104.89
N LEU HA 1191 14.35 48.36 105.58
CA LEU HA 1191 14.13 47.07 104.93
C LEU HA 1191 13.44 46.13 105.91
N HIS HA 1192 12.14 45.90 105.70
CA HIS HA 1192 11.42 44.90 106.45
C HIS HA 1192 11.47 43.57 105.72
N PHE HA 1193 11.54 42.48 106.49
CA PHE HA 1193 11.62 41.15 105.91
C PHE HA 1193 11.21 40.13 106.96
N VAL HA 1194 10.86 38.94 106.48
CA VAL HA 1194 10.40 37.85 107.34
C VAL HA 1194 11.26 36.63 107.04
N LEU HA 1195 11.39 35.76 108.03
CA LEU HA 1195 12.30 34.63 107.97
C LEU HA 1195 11.55 33.34 107.63
N ASP HA 1196 12.15 32.55 106.75
CA ASP HA 1196 11.56 31.29 106.30
C ASP HA 1196 12.67 30.27 106.11
N LEU HA 1197 12.33 28.99 106.31
CA LEU HA 1197 13.33 27.93 106.29
C LEU HA 1197 13.95 27.70 104.92
N ALA HA 1198 13.53 28.42 103.89
CA ALA HA 1198 14.16 28.33 102.58
C ALA HA 1198 15.30 29.33 102.40
N ASP HA 1199 15.46 30.26 103.33
CA ASP HA 1199 16.28 31.44 103.07
C ASP HA 1199 17.76 31.10 102.91
N ASN HA 1200 18.26 30.14 103.69
CA ASN HA 1200 19.68 29.84 103.64
C ASN HA 1200 20.12 29.25 102.31
N HIS HA 1201 19.20 28.66 101.55
CA HIS HA 1201 19.53 27.99 100.30
C HIS HA 1201 19.32 28.88 99.08
N VAL HA 1202 18.96 30.14 99.27
CA VAL HA 1202 18.63 31.02 98.16
C VAL HA 1202 19.38 32.34 98.31
N LEU HA 1203 19.46 33.08 97.21
CA LEU HA 1203 20.11 34.38 97.19
C LEU HA 1203 19.14 35.44 96.70
N LEU HA 1204 19.15 36.58 97.39
CA LEU HA 1204 18.30 37.71 97.05
C LEU HA 1204 19.14 38.98 97.11
N TYR HA 1205 18.72 39.99 96.35
CA TYR HA 1205 19.55 41.16 96.13
C TYR HA 1205 18.74 42.44 96.26
N LEU HA 1206 19.36 43.47 96.84
CA LEU HA 1206 18.85 44.83 96.71
C LEU HA 1206 19.26 45.35 95.34
N CYS HA 1207 18.28 45.69 94.52
CA CYS HA 1207 18.51 45.97 93.12
C CYS HA 1207 18.16 47.43 92.80
N ASP HA 1208 18.97 48.02 91.93
CA ASP HA 1208 18.67 49.37 91.44
C ASP HA 1208 17.38 49.36 90.65
N VAL HA 1209 16.60 50.42 90.81
CA VAL HA 1209 15.28 50.53 90.19
C VAL HA 1209 15.33 51.63 89.12
N THR HA 1210 15.15 51.23 87.87
CA THR HA 1210 14.95 52.14 86.76
C THR HA 1210 13.83 51.58 85.89
N PRO HA 1211 13.06 52.45 85.23
CA PRO HA 1211 12.04 51.95 84.30
C PRO HA 1211 12.63 51.16 83.15
N SER HA 1212 13.89 51.43 82.80
CA SER HA 1212 14.55 50.68 81.74
C SER HA 1212 14.89 49.26 82.17
N GLY HA 1213 15.28 49.07 83.43
CA GLY HA 1213 15.67 47.75 83.89
C GLY HA 1213 15.80 47.73 85.41
N LEU HA 1214 15.82 46.51 85.93
CA LEU HA 1214 15.83 46.26 87.37
C LEU HA 1214 17.18 45.71 87.76
N GLY HA 1215 17.84 46.36 88.72
CA GLY HA 1215 19.15 45.94 89.16
C GLY HA 1215 20.26 46.19 88.17
N ASP HA 1216 20.06 47.10 87.22
CA ASP HA 1216 21.06 47.35 86.20
C ASP HA 1216 22.33 47.93 86.79
N ARG HA 1217 22.22 49.10 87.41
CA ARG HA 1217 23.42 49.82 87.85
C ARG HA 1217 24.06 49.16 89.06
N ILE HA 1218 23.26 48.76 90.05
CA ILE HA 1218 23.77 48.08 91.22
C ILE HA 1218 22.85 46.92 91.58
N ALA HA 1219 23.44 45.89 92.16
CA ALA HA 1219 22.68 44.73 92.65
C ALA HA 1219 23.48 44.14 93.81
N PHE HA 1220 22.97 44.35 95.03
CA PHE HA 1220 23.72 44.06 96.24
C PHE HA 1220 23.19 42.81 96.92
N PRO HA 1221 24.01 41.78 97.09
CA PRO HA 1221 23.52 40.55 97.75
C PRO HA 1221 23.22 40.81 99.23
N ILE HA 1222 22.05 40.36 99.65
CA ILE HA 1222 21.64 40.49 101.07
C ILE HA 1222 22.15 39.24 101.78
N VAL HA 1223 23.43 39.28 102.15
CA VAL HA 1223 24.16 38.06 102.47
C VAL HA 1223 23.67 37.45 103.78
N ASP HA 1224 23.29 38.29 104.74
CA ASP HA 1224 22.96 37.79 106.08
C ASP HA 1224 21.87 36.72 106.01
N ILE HA 1225 20.81 36.99 105.25
CA ILE HA 1225 19.70 36.05 105.14
C ILE HA 1225 20.16 34.74 104.52
N TYR HA 1226 21.20 34.76 103.70
CA TYR HA 1226 21.72 33.53 103.13
C TYR HA 1226 22.27 32.60 104.19
N ARG HA 1227 22.61 33.13 105.36
CA ARG HA 1227 23.36 32.40 106.38
C ARG HA 1227 22.83 32.69 107.78
N ILE HA 1228 21.50 32.64 107.95
CA ILE HA 1228 20.89 32.82 109.25
C ILE HA 1228 20.21 31.52 109.67
N ALA HA 1229 20.56 31.05 110.86
CA ALA HA 1229 20.01 29.81 111.40
C ALA HA 1229 18.68 30.07 112.11
N PHE HA 1230 17.94 28.99 112.33
CA PHE HA 1230 16.61 29.06 112.90
C PHE HA 1230 16.57 28.34 114.24
N PRO HA 1231 15.98 28.95 115.27
CA PRO HA 1231 15.98 28.34 116.61
C PRO HA 1231 15.03 27.15 116.66
N ARG HA 1232 15.57 26.00 117.07
CA ARG HA 1232 14.77 24.78 117.11
C ARG HA 1232 13.63 24.87 118.12
N ASN HA 1233 13.80 25.71 119.15
CA ASN HA 1233 12.86 25.79 120.26
C ASN HA 1233 11.68 26.70 120.00
N THR HA 1234 11.40 27.08 118.76
CA THR HA 1234 10.39 28.06 118.46
C THR HA 1234 9.54 27.60 117.28
N PRO HA 1235 8.32 28.12 117.14
CA PRO HA 1235 7.58 27.91 115.89
C PRO HA 1235 8.29 28.59 114.73
N VAL HA 1236 8.33 27.89 113.60
CA VAL HA 1236 9.08 28.34 112.44
C VAL HA 1236 8.17 28.30 111.21
N ARG HA 1237 8.72 28.70 110.07
CA ARG HA 1237 7.94 28.93 108.86
C ARG HA 1237 8.63 28.28 107.67
N ALA HA 1238 7.82 27.80 106.73
CA ALA HA 1238 8.35 27.14 105.53
C ALA HA 1238 7.40 27.34 104.36
N SER HA 1239 7.98 27.41 103.16
CA SER HA 1239 7.21 27.53 101.93
C SER HA 1239 8.12 27.18 100.75
N LEU HA 1240 7.52 27.15 99.56
CA LEU HA 1240 8.28 26.83 98.37
C LEU HA 1240 9.17 28.00 97.96
N PRO HA 1241 10.35 27.72 97.41
CA PRO HA 1241 11.32 28.80 97.13
C PRO HA 1241 11.16 29.50 95.80
N TYR HA 1242 10.51 28.86 94.82
CA TYR HA 1242 10.40 29.45 93.49
C TYR HA 1242 8.94 29.45 93.04
N THR HA 1243 8.70 30.08 91.89
CA THR HA 1243 7.37 30.10 91.30
C THR HA 1243 6.87 28.70 91.01
N GLY HA 1244 7.77 27.82 90.59
CA GLY HA 1244 7.44 26.41 90.43
C GLY HA 1244 8.40 25.56 91.24
N GLY HA 1245 8.83 26.09 92.38
CA GLY HA 1245 9.87 25.49 93.19
C GLY HA 1245 9.39 24.37 94.10
N GLY HA 1246 9.18 23.18 93.54
CA GLY HA 1246 8.81 22.04 94.36
C GLY HA 1246 9.86 21.77 95.42
N ALA HA 1247 9.39 21.45 96.63
CA ALA HA 1247 10.29 21.23 97.76
C ALA HA 1247 9.69 20.20 98.70
N HIS HA 1248 10.58 19.60 99.50
CA HIS HA 1248 10.21 18.60 100.49
C HIS HA 1248 11.07 18.80 101.73
N LEU HA 1249 10.54 18.43 102.89
CA LEU HA 1249 11.18 18.71 104.17
C LEU HA 1249 11.57 17.41 104.87
N THR HA 1250 12.70 17.47 105.57
CA THR HA 1250 13.23 16.33 106.31
C THR HA 1250 13.56 16.81 107.72
N SER HA 1251 12.72 16.42 108.68
CA SER HA 1251 12.85 16.88 110.06
C SER HA 1251 13.95 16.09 110.76
N GLY HA 1252 15.11 16.70 110.94
CA GLY HA 1252 16.17 16.05 111.70
C GLY HA 1252 16.58 14.71 111.14
N GLY HA 1253 16.67 14.60 109.82
CA GLY HA 1253 16.97 13.34 109.17
C GLY HA 1253 15.78 12.47 108.89
N ASN HA 1254 14.65 12.73 109.54
CA ASN HA 1254 13.41 12.01 109.30
C ASN HA 1254 12.59 12.73 108.24
N PRO HA 1255 12.18 12.04 107.17
CA PRO HA 1255 11.36 12.71 106.16
C PRO HA 1255 10.11 13.29 106.78
N PHE HA 1256 9.78 14.52 106.40
CA PHE HA 1256 8.72 15.27 107.08
C PHE HA 1256 7.52 15.52 106.18
N MET HA 1257 7.69 16.22 105.06
CA MET HA 1257 6.56 16.61 104.23
C MET HA 1257 7.05 16.96 102.83
N SER HA 1258 6.24 16.59 101.84
CA SER HA 1258 6.35 17.18 100.51
C SER HA 1258 5.63 18.52 100.57
N LEU HA 1259 6.39 19.60 100.72
CA LEU HA 1259 5.77 20.91 100.92
C LEU HA 1259 4.90 21.32 99.74
N THR HA 1260 5.13 20.74 98.57
CA THR HA 1260 4.24 20.96 97.44
C THR HA 1260 2.88 20.31 97.67
N THR HA 1261 2.88 19.05 98.11
CA THR HA 1261 1.66 18.29 98.35
C THR HA 1261 1.74 17.65 99.72
N PRO HA 1262 1.60 18.44 100.78
CA PRO HA 1262 1.73 17.91 102.13
C PRO HA 1262 0.61 16.93 102.43
N PRO HA 1263 0.78 16.08 103.45
CA PRO HA 1263 -0.26 15.09 103.76
C PRO HA 1263 -1.61 15.75 103.97
N ALA HA 1264 -2.65 15.14 103.40
CA ALA HA 1264 -3.99 15.72 103.49
C ALA HA 1264 -4.39 15.94 104.93
N VAL HA 1265 -4.11 14.97 105.80
CA VAL HA 1265 -4.10 15.20 107.23
C VAL HA 1265 -2.65 15.51 107.60
N LEU HA 1266 -2.39 16.76 107.94
CA LEU HA 1266 -1.03 17.23 108.12
C LEU HA 1266 -0.40 16.55 109.33
N PRO HA 1267 0.94 16.48 109.37
CA PRO HA 1267 1.60 16.01 110.58
C PRO HA 1267 1.25 16.88 111.77
N ALA HA 1268 1.19 16.26 112.94
CA ALA HA 1268 0.69 16.94 114.13
C ALA HA 1268 1.49 18.19 114.43
N GLY HA 1269 0.78 19.28 114.74
CA GLY HA 1269 1.37 20.51 115.16
C GLY HA 1269 1.61 21.53 114.05
N VAL HA 1270 1.76 21.09 112.81
CA VAL HA 1270 1.97 22.01 111.71
C VAL HA 1270 0.63 22.55 111.25
N ALA HA 1271 0.65 23.75 110.69
CA ALA HA 1271 -0.58 24.39 110.25
C ALA HA 1271 -0.27 25.32 109.08
N LEU HA 1272 -1.31 25.66 108.33
CA LEU HA 1272 -1.18 26.59 107.22
C LEU HA 1272 -1.15 28.01 107.77
N ALA HA 1273 -0.09 28.75 107.45
CA ALA HA 1273 0.07 30.09 107.96
C ALA HA 1273 -0.90 31.05 107.27
N ALA HA 1274 -1.14 32.19 107.92
CA ALA HA 1274 -2.08 33.17 107.40
C ALA HA 1274 -1.46 33.99 106.28
N LEU HA 1275 -0.40 34.73 106.59
CA LEU HA 1275 0.27 35.55 105.58
C LEU HA 1275 1.04 34.65 104.60
N SER HA 1276 1.02 35.05 103.32
CA SER HA 1276 1.67 34.26 102.29
C SER HA 1276 3.15 34.07 102.58
N THR HA 1277 3.92 35.16 102.56
CA THR HA 1277 5.33 35.19 102.93
C THR HA 1277 6.19 34.24 102.11
N SER HA 1278 5.66 33.67 101.05
CA SER HA 1278 6.48 32.82 100.19
C SER HA 1278 7.27 33.68 99.22
N VAL HA 1279 7.96 33.05 98.27
CA VAL HA 1279 8.65 33.82 97.25
C VAL HA 1279 7.64 34.61 96.41
N ALA HA 1280 6.54 33.96 96.05
CA ALA HA 1280 5.44 34.61 95.33
C ALA HA 1280 4.16 34.37 96.12
N THR HA 1281 3.30 35.37 96.13
CA THR HA 1281 2.15 35.38 97.03
C THR HA 1281 1.24 34.17 96.82
N GLN HA 1282 1.26 33.57 95.63
CA GLN HA 1282 0.39 32.42 95.36
C GLN HA 1282 0.68 31.27 96.30
N TYR HA 1283 1.95 31.01 96.59
CA TYR HA 1283 2.24 29.96 97.55
C TYR HA 1283 1.96 30.44 98.98
N PRO HA 1284 1.37 29.61 99.82
CA PRO HA 1284 1.27 29.92 101.24
C PRO HA 1284 2.48 29.40 102.01
N THR HA 1285 2.59 29.87 103.24
CA THR HA 1285 3.59 29.34 104.16
C THR HA 1285 2.94 28.33 105.10
N TYR HA 1286 3.75 27.40 105.58
CA TYR HA 1286 3.33 26.41 106.55
C TYR HA 1286 4.17 26.61 107.80
N THR HA 1287 3.51 26.74 108.96
CA THR HA 1287 4.21 26.98 110.20
C THR HA 1287 4.45 25.65 110.91
N LEU HA 1288 5.68 25.45 111.38
CA LEU HA 1288 6.06 24.25 112.08
C LEU HA 1288 6.28 24.54 113.55
N PRO HA 1289 5.75 23.70 114.45
CA PRO HA 1289 5.80 24.05 115.88
C PRO HA 1289 7.20 24.19 116.44
N ALA HA 1290 8.13 23.37 116.01
CA ALA HA 1290 9.50 23.36 116.53
C ALA HA 1290 10.33 22.48 115.62
N GLY HA 1291 11.57 22.21 116.01
CA GLY HA 1291 12.39 21.25 115.32
C GLY HA 1291 13.34 21.86 114.31
N VAL HA 1292 14.12 20.97 113.69
CA VAL HA 1292 15.09 21.34 112.67
C VAL HA 1292 14.82 20.48 111.43
N TYR HA 1293 14.87 21.12 110.26
CA TYR HA 1293 14.41 20.49 109.04
C TYR HA 1293 15.40 20.76 107.91
N GLU HA 1294 15.33 19.91 106.88
CA GLU HA 1294 16.11 20.09 105.67
C GLU HA 1294 15.22 20.63 104.55
N TYR HA 1295 15.86 21.03 103.46
CA TYR HA 1295 15.20 21.54 102.27
C TYR HA 1295 15.74 20.80 101.06
N VAL HA 1296 14.98 19.84 100.56
CA VAL HA 1296 15.24 19.25 99.25
C VAL HA 1296 14.28 19.88 98.26
N ILE HA 1297 14.84 20.45 97.19
CA ILE HA 1297 14.08 21.29 96.28
C ILE HA 1297 14.08 20.67 94.88
N ALA IA 1 38.42 -66.57 4.20
CA ALA IA 1 39.74 -67.06 3.79
C ALA IA 1 40.53 -67.53 5.00
N GLN IA 2 41.84 -67.28 4.97
CA GLN IA 2 42.74 -67.72 6.03
C GLN IA 2 43.92 -66.76 6.07
N ARG IA 3 43.95 -65.89 7.08
CA ARG IA 3 44.85 -64.75 7.09
C ARG IA 3 46.20 -65.04 7.74
N GLN IA 4 46.55 -66.30 7.97
CA GLN IA 4 47.78 -66.58 8.68
C GLN IA 4 48.29 -67.96 8.32
N PHE IA 5 49.62 -68.11 8.35
CA PHE IA 5 50.23 -69.41 8.16
C PHE IA 5 51.53 -69.47 8.94
N PHE IA 6 52.02 -70.69 9.15
CA PHE IA 6 53.28 -70.94 9.81
C PHE IA 6 54.10 -71.89 8.96
N GLY IA 7 55.42 -71.78 9.06
CA GLY IA 7 56.28 -72.57 8.20
C GLY IA 7 57.61 -72.88 8.84
N LEU IA 8 58.35 -73.76 8.18
CA LEU IA 8 59.67 -74.19 8.64
C LEU IA 8 60.55 -74.44 7.42
N THR IA 9 61.76 -73.88 7.44
CA THR IA 9 62.67 -74.06 6.31
C THR IA 9 63.35 -75.41 6.38
N TYR IA 10 64.11 -75.71 5.34
CA TYR IA 10 64.71 -77.03 5.19
C TYR IA 10 65.85 -77.21 6.19
N ASN IA 11 66.35 -78.44 6.24
CA ASN IA 11 67.50 -78.79 7.05
C ASN IA 11 68.71 -79.06 6.15
N PHE IA 12 69.86 -78.53 6.54
CA PHE IA 12 71.09 -78.87 5.86
C PHE IA 12 71.58 -80.21 6.39
N TYR IA 13 71.82 -81.15 5.48
CA TYR IA 13 72.33 -82.47 5.88
C TYR IA 13 73.83 -82.36 6.13
N GLY IA 14 74.17 -81.70 7.23
CA GLY IA 14 75.55 -81.46 7.57
C GLY IA 14 76.28 -80.46 6.72
N GLN IA 15 75.73 -80.07 5.58
CA GLN IA 15 76.36 -79.09 4.73
C GLN IA 15 76.22 -77.69 5.32
N PRO IA 16 77.11 -76.77 4.95
CA PRO IA 16 77.07 -75.43 5.55
C PRO IA 16 76.17 -74.43 4.88
N ALA IA 17 75.65 -74.71 3.70
CA ALA IA 17 74.90 -73.72 2.94
C ALA IA 17 73.75 -74.40 2.24
N PRO IA 18 72.70 -73.66 1.87
CA PRO IA 18 71.59 -74.26 1.13
C PRO IA 18 72.07 -74.86 -0.18
N LEU IA 19 71.42 -75.95 -0.58
CA LEU IA 19 71.94 -76.83 -1.62
C LEU IA 19 71.23 -76.57 -2.94
N PHE IA 20 71.77 -75.62 -3.70
CA PHE IA 20 71.36 -75.38 -5.08
C PHE IA 20 72.36 -74.42 -5.69
N ASP IA 21 72.63 -74.60 -6.98
CA ASP IA 21 73.54 -73.72 -7.69
C ASP IA 21 72.76 -72.65 -8.42
N LEU IA 22 73.50 -71.76 -9.10
CA LEU IA 22 72.86 -70.69 -9.84
C LEU IA 22 71.97 -71.24 -10.95
N ASN IA 23 72.45 -72.25 -11.66
CA ASN IA 23 71.70 -72.78 -12.80
C ASN IA 23 70.36 -73.33 -12.34
N ASP IA 24 70.30 -73.96 -11.17
CA ASP IA 24 69.04 -74.43 -10.64
C ASP IA 24 68.05 -73.27 -10.52
N LEU IA 25 68.47 -72.19 -9.87
CA LEU IA 25 67.60 -71.03 -9.76
C LEU IA 25 67.27 -70.47 -11.13
N GLN IA 26 68.29 -70.35 -11.98
CA GLN IA 26 68.08 -69.73 -13.28
C GLN IA 26 67.10 -70.54 -14.11
N GLU IA 27 67.18 -71.86 -14.03
CA GLU IA 27 66.27 -72.69 -14.80
C GLU IA 27 64.90 -72.78 -14.14
N LEU IA 28 64.86 -73.08 -12.85
CA LEU IA 28 63.62 -73.41 -12.19
C LEU IA 28 62.81 -72.20 -11.76
N ALA IA 29 63.44 -71.02 -11.65
CA ALA IA 29 62.69 -69.85 -11.24
C ALA IA 29 63.12 -68.58 -11.96
N GLY IA 30 63.72 -68.70 -13.15
CA GLY IA 30 64.29 -67.56 -13.84
C GLY IA 30 63.29 -66.81 -14.69
N CYS IA 31 63.82 -66.10 -15.68
CA CYS IA 31 63.05 -65.35 -16.67
C CYS IA 31 62.25 -64.21 -16.07
N TYR IA 32 62.56 -63.81 -14.84
CA TYR IA 32 61.80 -62.76 -14.14
C TYR IA 32 60.33 -63.12 -14.02
N ALA IA 33 60.02 -64.41 -13.99
CA ALA IA 33 58.64 -64.86 -13.91
C ALA IA 33 58.24 -65.17 -12.48
N ARG IA 34 56.94 -65.28 -12.26
CA ARG IA 34 56.44 -65.65 -10.95
C ARG IA 34 56.69 -67.13 -10.71
N PRO IA 35 57.38 -67.50 -9.64
CA PRO IA 35 57.63 -68.93 -9.36
C PRO IA 35 56.56 -69.60 -8.52
N TRP IA 36 55.44 -68.95 -8.25
CA TRP IA 36 54.56 -69.35 -7.17
C TRP IA 36 53.53 -70.39 -7.56
N THR IA 37 53.51 -70.86 -8.81
CA THR IA 37 52.62 -71.95 -9.17
C THR IA 37 53.28 -72.90 -10.15
N SER IA 38 54.60 -73.03 -10.08
CA SER IA 38 55.34 -73.78 -11.09
C SER IA 38 55.46 -75.25 -10.78
N ARG IA 39 54.96 -75.73 -9.64
CA ARG IA 39 55.28 -77.07 -9.19
C ARG IA 39 54.81 -78.13 -10.17
N PHE IA 40 53.68 -77.91 -10.84
CA PHE IA 40 53.18 -78.88 -11.81
C PHE IA 40 53.58 -78.56 -13.23
N SER IA 41 54.24 -77.43 -13.47
CA SER IA 41 54.61 -77.08 -14.84
C SER IA 41 55.65 -78.01 -15.42
N HIS IA 42 56.25 -78.88 -14.62
CA HIS IA 42 57.24 -79.83 -15.08
C HIS IA 42 56.86 -81.24 -14.65
N LEU IA 43 55.58 -81.57 -14.75
CA LEU IA 43 55.09 -82.90 -14.48
C LEU IA 43 54.11 -83.30 -15.57
N ALA IA 44 53.90 -84.59 -15.72
CA ALA IA 44 53.03 -85.10 -16.77
C ALA IA 44 52.35 -86.37 -16.28
N ILE IA 45 51.74 -87.10 -17.21
CA ILE IA 45 50.91 -88.25 -16.83
C ILE IA 45 51.76 -89.39 -16.29
N SER IA 46 52.96 -89.59 -16.84
CA SER IA 46 53.75 -90.75 -16.43
C SER IA 46 55.22 -90.45 -16.62
N THR IA 47 56.05 -91.29 -15.97
CA THR IA 47 57.49 -91.12 -16.06
C THR IA 47 58.00 -91.33 -17.48
N GLY IA 48 57.29 -92.13 -18.27
CA GLY IA 48 57.76 -92.43 -19.61
C GLY IA 48 57.91 -91.20 -20.48
N SER IA 49 57.17 -90.14 -20.17
CA SER IA 49 57.19 -88.92 -20.97
C SER IA 49 58.06 -87.83 -20.36
N LEU IA 50 58.82 -88.13 -19.31
CA LEU IA 50 59.51 -87.06 -18.61
C LEU IA 50 61.01 -87.32 -18.57
N PRO IA 51 61.82 -86.26 -18.53
CA PRO IA 51 63.28 -86.45 -18.52
C PRO IA 51 63.82 -86.69 -17.12
N VAL IA 52 63.21 -87.61 -16.37
CA VAL IA 52 63.62 -87.85 -15.00
C VAL IA 52 64.65 -88.96 -14.88
N TRP IA 53 65.10 -89.53 -15.99
CA TRP IA 53 65.91 -90.73 -15.92
C TRP IA 53 67.40 -90.46 -15.98
N SER IA 54 67.84 -89.23 -16.18
CA SER IA 54 69.26 -88.95 -16.34
C SER IA 54 69.53 -87.48 -16.12
N ALA IA 55 70.83 -87.13 -16.15
CA ALA IA 55 71.29 -85.75 -16.06
C ALA IA 55 70.81 -85.07 -14.79
N ARG IA 56 70.83 -83.75 -14.79
CA ARG IA 56 70.32 -83.00 -13.64
C ARG IA 56 68.84 -83.29 -13.46
N TYR IA 57 68.37 -83.15 -12.23
CA TYR IA 57 67.01 -83.52 -11.84
C TYR IA 57 66.64 -84.94 -12.28
N PRO IA 58 67.45 -85.94 -11.92
CA PRO IA 58 67.19 -87.32 -12.37
C PRO IA 58 66.26 -88.09 -11.42
N SER IA 59 65.15 -87.47 -11.06
CA SER IA 59 64.15 -88.14 -10.24
C SER IA 59 62.84 -87.38 -10.34
N VAL IA 60 61.75 -88.07 -10.01
CA VAL IA 60 60.44 -87.45 -10.08
C VAL IA 60 60.36 -86.28 -9.11
N ALA IA 61 60.84 -86.48 -7.90
CA ALA IA 61 60.73 -85.46 -6.87
C ALA IA 61 61.84 -84.43 -6.93
N SER IA 62 62.85 -84.64 -7.77
CA SER IA 62 64.06 -83.83 -7.71
C SER IA 62 63.75 -82.33 -7.82
N ARG IA 63 62.94 -81.97 -8.82
CA ARG IA 63 62.68 -80.56 -9.07
C ARG IA 63 62.00 -79.90 -7.87
N ASN IA 64 60.95 -80.53 -7.34
CA ASN IA 64 60.24 -79.93 -6.22
C ASN IA 64 61.14 -79.84 -5.00
N ILE IA 65 62.00 -80.83 -4.79
CA ILE IA 65 62.94 -80.77 -3.68
C ILE IA 65 63.82 -79.53 -3.80
N ILE IA 66 64.40 -79.32 -4.97
CA ILE IA 66 65.29 -78.19 -5.17
C ILE IA 66 64.53 -76.89 -4.97
N VAL IA 67 63.29 -76.82 -5.46
CA VAL IA 67 62.47 -75.63 -5.25
C VAL IA 67 62.36 -75.33 -3.76
N ASN IA 68 62.08 -76.37 -2.97
CA ASN IA 68 61.94 -76.17 -1.53
C ASN IA 68 63.23 -75.62 -0.94
N THR IA 69 64.37 -76.20 -1.32
CA THR IA 69 65.64 -75.68 -0.84
C THR IA 69 65.85 -74.25 -1.28
N LEU IA 70 65.45 -73.93 -2.52
CA LEU IA 70 65.62 -72.58 -3.03
C LEU IA 70 64.86 -71.57 -2.18
N LEU IA 71 63.61 -71.88 -1.85
CA LEU IA 71 62.82 -70.94 -1.06
C LEU IA 71 63.43 -70.72 0.31
N GLY IA 72 64.11 -71.73 0.86
CA GLY IA 72 64.68 -71.58 2.18
C GLY IA 72 65.67 -70.45 2.30
N ALA IA 73 66.21 -69.99 1.18
CA ALA IA 73 67.19 -68.90 1.19
C ALA IA 73 66.57 -67.54 0.99
N HIS IA 74 65.25 -67.45 0.83
CA HIS IA 74 64.63 -66.17 0.51
C HIS IA 74 63.36 -65.88 1.29
N LEU IA 75 62.95 -66.75 2.21
CA LEU IA 75 61.75 -66.51 3.00
C LEU IA 75 62.04 -65.73 4.27
N ASN IA 76 63.14 -64.99 4.30
CA ASN IA 76 63.50 -64.24 5.50
C ASN IA 76 62.41 -63.30 6.01
N PRO IA 77 61.65 -62.60 5.17
CA PRO IA 77 60.63 -61.68 5.72
C PRO IA 77 59.68 -62.35 6.71
N PHE IA 78 59.32 -63.60 6.48
CA PHE IA 78 58.47 -64.29 7.44
C PHE IA 78 59.25 -64.82 8.63
N ALA IA 79 60.53 -64.52 8.70
CA ALA IA 79 61.36 -64.86 9.86
C ALA IA 79 61.91 -63.64 10.56
N GLY IA 80 62.33 -62.62 9.82
CA GLY IA 80 62.92 -61.44 10.41
C GLY IA 80 62.24 -60.16 9.98
N GLY IA 81 61.21 -60.28 9.16
CA GLY IA 81 60.45 -59.11 8.75
C GLY IA 81 61.12 -58.25 7.71
N GLN IA 82 62.20 -58.70 7.10
CA GLN IA 82 62.91 -57.90 6.12
C GLN IA 82 63.28 -58.74 4.91
N VAL IA 83 63.21 -58.12 3.74
CA VAL IA 83 63.73 -58.74 2.52
C VAL IA 83 65.25 -58.67 2.55
N THR IA 84 65.89 -59.74 2.10
CA THR IA 84 67.34 -59.83 2.10
C THR IA 84 67.81 -60.32 0.75
N SER IA 85 69.13 -60.43 0.61
CA SER IA 85 69.75 -60.92 -0.61
C SER IA 85 70.63 -62.11 -0.28
N HIS IA 86 70.78 -63.00 -1.25
CA HIS IA 86 71.64 -64.17 -1.09
C HIS IA 86 72.36 -64.42 -2.40
N GLN IA 87 73.69 -64.34 -2.36
CA GLN IA 87 74.52 -64.54 -3.54
C GLN IA 87 74.07 -63.63 -4.68
N GLY IA 88 73.74 -62.39 -4.34
CA GLY IA 88 73.47 -61.37 -5.33
C GLY IA 88 72.10 -61.39 -5.96
N ILE IA 89 71.15 -62.10 -5.38
CA ILE IA 89 69.81 -62.20 -5.93
C ILE IA 89 68.80 -61.95 -4.82
N THR IA 90 67.72 -61.24 -5.17
CA THR IA 90 66.70 -60.89 -4.18
C THR IA 90 65.38 -60.66 -4.90
N TRP IA 91 64.34 -60.43 -4.09
CA TRP IA 91 63.03 -60.10 -4.62
C TRP IA 91 63.02 -58.72 -5.24
N ARG IA 92 62.18 -58.54 -6.25
CA ARG IA 92 62.12 -57.26 -6.94
C ARG IA 92 61.32 -56.20 -6.21
N ASP IA 93 60.43 -56.61 -5.31
CA ASP IA 93 59.45 -55.69 -4.74
C ASP IA 93 58.99 -56.23 -3.39
N PRO IA 94 58.40 -55.40 -2.54
CA PRO IA 94 57.89 -55.90 -1.26
C PRO IA 94 56.81 -56.95 -1.43
N VAL IA 95 56.16 -57.00 -2.59
CA VAL IA 95 55.15 -58.03 -2.84
C VAL IA 95 55.76 -59.39 -3.11
N LEU IA 96 57.08 -59.47 -3.28
CA LEU IA 96 57.77 -60.73 -3.55
C LEU IA 96 57.24 -61.36 -4.84
N SER IA 97 57.07 -60.54 -5.87
CA SER IA 97 56.51 -61.04 -7.11
C SER IA 97 57.48 -61.96 -7.84
N SER IA 98 58.76 -61.62 -7.85
CA SER IA 98 59.73 -62.37 -8.63
C SER IA 98 61.13 -62.03 -8.13
N LEU IA 99 62.10 -62.79 -8.62
CA LEU IA 99 63.50 -62.62 -8.24
C LEU IA 99 64.26 -61.90 -9.33
N ALA IA 100 65.38 -61.29 -8.93
CA ALA IA 100 66.24 -60.56 -9.85
C ALA IA 100 67.57 -60.29 -9.14
N PRO IA 101 68.62 -59.99 -9.90
CA PRO IA 101 69.88 -59.60 -9.28
C PRO IA 101 69.74 -58.29 -8.53
N VAL IA 102 70.55 -58.12 -7.49
CA VAL IA 102 70.47 -56.98 -6.61
C VAL IA 102 70.80 -55.70 -7.37
N PRO IA 103 70.16 -54.58 -7.07
CA PRO IA 103 70.56 -53.31 -7.67
C PRO IA 103 71.90 -52.85 -7.11
N ALA IA 104 72.56 -51.99 -7.87
CA ALA IA 104 73.89 -51.53 -7.51
C ALA IA 104 73.90 -50.32 -6.59
N ILE IA 105 72.76 -49.64 -6.42
CA ILE IA 105 72.75 -48.38 -5.69
C ILE IA 105 72.39 -48.59 -4.23
N GLN IA 106 71.31 -49.31 -3.94
CA GLN IA 106 70.88 -49.55 -2.57
C GLN IA 106 70.58 -51.03 -2.38
N PRO IA 107 71.61 -51.86 -2.26
CA PRO IA 107 71.39 -53.28 -2.08
C PRO IA 107 70.73 -53.56 -0.73
N PRO IA 108 69.87 -54.55 -0.64
CA PRO IA 108 69.32 -54.96 0.64
C PRO IA 108 70.37 -55.69 1.46
N PRO IA 109 70.15 -55.85 2.76
CA PRO IA 109 71.13 -56.56 3.59
C PRO IA 109 71.28 -58.01 3.14
N VAL IA 110 72.48 -58.53 3.33
CA VAL IA 110 72.79 -59.91 2.95
C VAL IA 110 72.21 -60.86 3.99
N TRP IA 111 71.58 -61.93 3.52
CA TRP IA 111 70.98 -62.89 4.42
C TRP IA 111 72.03 -63.69 5.16
N ALA IA 112 71.85 -63.82 6.47
CA ALA IA 112 72.71 -64.71 7.26
C ALA IA 112 72.14 -66.11 7.19
N VAL IA 113 72.96 -67.07 6.75
CA VAL IA 113 72.46 -68.40 6.45
C VAL IA 113 72.09 -69.13 7.73
N ALA IA 114 71.03 -69.92 7.66
CA ALA IA 114 70.58 -70.75 8.77
C ALA IA 114 69.67 -71.83 8.21
N GLU IA 115 69.33 -72.79 9.06
CA GLU IA 115 68.50 -73.91 8.63
C GLU IA 115 67.37 -74.12 9.63
N ASN IA 116 66.30 -74.75 9.17
CA ASN IA 116 65.15 -75.09 9.99
C ASN IA 116 64.61 -73.85 10.69
N VAL IA 117 64.44 -72.79 9.92
CA VAL IA 117 63.98 -71.52 10.47
C VAL IA 117 62.45 -71.52 10.58
N PRO IA 118 61.90 -71.33 11.77
CA PRO IA 118 60.44 -71.20 11.88
C PRO IA 118 59.97 -69.91 11.25
N LEU IA 119 58.76 -69.95 10.70
CA LEU IA 119 58.23 -68.84 9.93
C LEU IA 119 56.82 -68.49 10.39
N ASP IA 120 56.56 -67.18 10.52
CA ASP IA 120 55.26 -66.67 10.89
C ASP IA 120 54.82 -65.64 9.86
N SER IA 121 53.54 -65.69 9.49
CA SER IA 121 53.00 -64.68 8.61
C SER IA 121 52.99 -63.32 9.28
N ASN IA 122 52.71 -63.28 10.59
CA ASN IA 122 52.57 -62.02 11.29
C ASN IA 122 53.86 -61.21 11.32
N ASN IA 123 55.00 -61.83 11.04
CA ASN IA 123 56.26 -61.10 11.04
C ASN IA 123 56.37 -60.13 9.88
N TYR IA 124 55.49 -60.21 8.89
CA TYR IA 124 55.58 -59.40 7.68
C TYR IA 124 54.21 -58.82 7.38
N PRO IA 125 53.89 -57.68 7.99
CA PRO IA 125 52.50 -57.19 7.92
C PRO IA 125 52.01 -56.93 6.52
N THR IA 126 52.90 -56.54 5.60
CA THR IA 126 52.45 -56.19 4.26
C THR IA 126 51.78 -57.37 3.58
N TYR IA 127 52.11 -58.59 3.99
CA TYR IA 127 51.49 -59.76 3.38
C TYR IA 127 49.98 -59.74 3.57
N VAL IA 128 49.53 -59.60 4.82
CA VAL IA 128 48.10 -59.59 5.07
C VAL IA 128 47.45 -58.40 4.38
N LEU IA 129 48.10 -57.23 4.44
CA LEU IA 129 47.57 -56.06 3.77
C LEU IA 129 47.45 -56.25 2.27
N ASN IA 130 48.20 -57.18 1.71
CA ASN IA 130 48.11 -57.49 0.29
C ASN IA 130 47.75 -58.95 0.08
N LEU IA 131 46.93 -59.49 0.98
CA LEU IA 131 46.59 -60.91 0.93
C LEU IA 131 45.98 -61.29 -0.41
N SER IA 132 45.20 -60.39 -0.99
CA SER IA 132 44.50 -60.73 -2.22
C SER IA 132 45.45 -61.08 -3.35
N SER IA 133 46.65 -60.50 -3.35
CA SER IA 133 47.62 -60.76 -4.41
C SER IA 133 48.74 -61.69 -3.99
N MET IA 134 49.08 -61.73 -2.71
CA MET IA 134 50.16 -62.57 -2.23
C MET IA 134 49.67 -63.94 -1.79
N TRP IA 135 48.39 -64.24 -2.02
CA TRP IA 135 47.84 -65.53 -1.61
C TRP IA 135 48.63 -66.74 -2.07
N PRO IA 136 49.14 -66.81 -3.30
CA PRO IA 136 49.85 -68.03 -3.72
C PRO IA 136 51.02 -68.40 -2.84
N ILE IA 137 51.63 -67.43 -2.16
CA ILE IA 137 52.74 -67.75 -1.27
C ILE IA 137 52.29 -68.74 -0.21
N ASN IA 138 51.06 -68.58 0.29
CA ASN IA 138 50.55 -69.42 1.36
C ASN IA 138 50.67 -70.89 1.00
N GLN IA 139 50.22 -71.26 -0.20
CA GLN IA 139 50.22 -72.66 -0.57
C GLN IA 139 51.64 -73.23 -0.61
N ASP IA 140 52.53 -72.56 -1.34
CA ASP IA 140 53.88 -73.11 -1.52
C ASP IA 140 54.63 -73.21 -0.21
N VAL IA 141 54.54 -72.18 0.64
CA VAL IA 141 55.21 -72.23 1.93
C VAL IA 141 54.71 -73.41 2.73
N HIS IA 142 53.39 -73.64 2.71
CA HIS IA 142 52.84 -74.79 3.39
C HIS IA 142 53.43 -76.08 2.83
N ILE IA 143 53.48 -76.18 1.50
CA ILE IA 143 54.01 -77.38 0.87
C ILE IA 143 55.45 -77.61 1.28
N MET IA 144 56.26 -76.54 1.24
CA MET IA 144 57.66 -76.67 1.63
C MET IA 144 57.77 -77.18 3.06
N THR IA 145 56.96 -76.62 3.95
CA THR IA 145 57.02 -77.04 5.35
C THR IA 145 56.63 -78.51 5.48
N MET IA 146 55.55 -78.91 4.82
CA MET IA 146 55.09 -80.28 4.94
C MET IA 146 56.15 -81.27 4.47
N TRP IA 147 57.02 -80.84 3.55
CA TRP IA 147 58.12 -81.70 3.14
C TRP IA 147 59.31 -81.57 4.07
N ALA IA 148 59.62 -80.34 4.49
CA ALA IA 148 60.80 -80.12 5.31
C ALA IA 148 60.70 -80.85 6.65
N LEU IA 149 59.48 -81.10 7.12
CA LEU IA 149 59.30 -81.69 8.44
C LEU IA 149 59.75 -83.13 8.52
N SER IA 150 59.96 -83.81 7.40
CA SER IA 150 60.18 -85.25 7.43
C SER IA 150 61.33 -85.64 6.51
N ASP IA 151 62.12 -86.60 6.98
CA ASP IA 151 62.95 -87.37 6.06
C ASP IA 151 62.09 -88.39 5.34
N GLN IA 152 62.65 -88.94 4.26
CA GLN IA 152 61.91 -89.84 3.35
C GLN IA 152 60.69 -89.08 2.85
N GLY IA 153 59.51 -89.68 2.85
CA GLY IA 153 58.35 -89.08 2.21
C GLY IA 153 57.82 -87.87 2.94
N PRO IA 154 57.19 -86.97 2.19
CA PRO IA 154 56.55 -85.81 2.80
C PRO IA 154 55.33 -86.22 3.61
N ILE IA 155 54.89 -85.31 4.47
CA ILE IA 155 53.77 -85.55 5.36
C ILE IA 155 52.52 -84.93 4.78
N TYR IA 156 51.39 -85.61 4.95
CA TYR IA 156 50.10 -85.09 4.54
C TYR IA 156 49.03 -85.64 5.47
N HIS IA 157 47.83 -85.08 5.36
CA HIS IA 157 46.77 -85.32 6.33
C HIS IA 157 45.55 -85.94 5.67
N LEU IA 158 44.88 -86.80 6.42
CA LEU IA 158 43.69 -87.50 5.96
C LEU IA 158 42.57 -87.29 6.98
N GLU IA 159 41.33 -87.33 6.49
CA GLU IA 159 40.17 -87.27 7.38
C GLU IA 159 38.93 -87.70 6.64
N VAL IA 160 38.00 -88.29 7.38
CA VAL IA 160 36.70 -88.69 6.84
C VAL IA 160 35.61 -88.30 7.83
N PRO IA 161 34.59 -87.57 7.41
CA PRO IA 161 33.52 -87.19 8.32
C PRO IA 161 32.54 -88.34 8.53
N VAL IA 162 31.62 -88.12 9.46
CA VAL IA 162 30.56 -89.10 9.72
C VAL IA 162 29.40 -88.96 8.76
N ASP IA 163 29.35 -87.87 8.01
CA ASP IA 163 28.26 -87.58 7.09
C ASP IA 163 28.51 -88.20 5.73
N PRO IA 164 27.48 -88.38 4.92
CA PRO IA 164 27.67 -88.79 3.53
C PRO IA 164 28.17 -87.64 2.69
N MET IA 165 28.59 -87.97 1.47
CA MET IA 165 29.10 -86.95 0.58
C MET IA 165 27.98 -85.98 0.21
N PRO IA 166 28.27 -84.69 0.10
CA PRO IA 166 27.28 -83.76 -0.42
C PRO IA 166 27.09 -83.94 -1.92
N ALA IA 167 25.94 -83.48 -2.40
CA ALA IA 167 25.59 -83.67 -3.80
C ALA IA 167 26.59 -83.00 -4.72
N ALA IA 168 27.03 -81.80 -4.37
CA ALA IA 168 27.93 -81.06 -5.25
C ALA IA 168 29.20 -81.84 -5.52
N THR IA 169 29.82 -82.39 -4.47
CA THR IA 169 31.01 -83.18 -4.66
C THR IA 169 30.72 -84.40 -5.52
N THR IA 170 29.55 -85.02 -5.33
CA THR IA 170 29.18 -86.17 -6.14
C THR IA 170 29.16 -85.80 -7.61
N ALA IA 171 28.52 -84.68 -7.95
CA ALA IA 171 28.46 -84.27 -9.34
C ALA IA 171 29.84 -83.99 -9.89
N ALA IA 172 30.67 -83.30 -9.11
CA ALA IA 172 32.02 -82.96 -9.58
C ALA IA 172 32.83 -84.21 -9.85
N LEU IA 173 32.79 -85.17 -8.93
CA LEU IA 173 33.57 -86.40 -9.12
C LEU IA 173 33.06 -87.18 -10.32
N MET IA 174 31.75 -87.12 -10.57
CA MET IA 174 31.20 -87.84 -11.72
C MET IA 174 31.73 -87.33 -13.04
N ALA IA 175 32.39 -86.18 -13.05
CA ALA IA 175 32.99 -85.65 -14.26
C ALA IA 175 34.49 -85.89 -14.34
N TYR IA 176 35.11 -86.41 -13.28
CA TYR IA 176 36.54 -86.70 -13.26
C TYR IA 176 36.82 -88.19 -13.35
N ILE IA 177 35.93 -88.95 -13.99
CA ILE IA 177 36.00 -90.40 -13.90
C ILE IA 177 37.30 -90.92 -14.49
N GLY IA 178 37.49 -90.74 -15.78
CA GLY IA 178 38.61 -91.38 -16.44
C GLY IA 178 39.95 -90.73 -16.24
N VAL IA 179 40.01 -89.66 -15.46
CA VAL IA 179 41.22 -88.86 -15.32
C VAL IA 179 42.27 -89.61 -14.51
N PRO IA 180 43.54 -89.54 -14.90
CA PRO IA 180 44.60 -90.10 -14.06
C PRO IA 180 44.89 -89.20 -12.87
N ILE IA 181 45.58 -89.78 -11.89
CA ILE IA 181 45.82 -89.10 -10.63
C ILE IA 181 46.61 -87.82 -10.86
N ALA IA 182 47.59 -87.86 -11.77
CA ALA IA 182 48.47 -86.71 -11.95
C ALA IA 182 47.69 -85.48 -12.36
N HIS IA 183 46.80 -85.62 -13.33
CA HIS IA 183 46.00 -84.47 -13.75
C HIS IA 183 45.13 -83.96 -12.61
N LEU IA 184 44.54 -84.87 -11.85
CA LEU IA 184 43.71 -84.46 -10.72
C LEU IA 184 44.51 -83.63 -9.74
N ALA IA 185 45.70 -84.10 -9.40
CA ALA IA 185 46.53 -83.38 -8.44
C ALA IA 185 46.81 -81.97 -8.92
N GLN IA 186 46.97 -81.79 -10.23
CA GLN IA 186 47.22 -80.45 -10.76
C GLN IA 186 46.08 -79.52 -10.42
N THR IA 187 44.85 -79.93 -10.73
CA THR IA 187 43.71 -79.05 -10.52
C THR IA 187 43.60 -78.65 -9.05
N ALA IA 188 43.79 -79.62 -8.15
CA ALA IA 188 43.78 -79.30 -6.73
C ALA IA 188 44.83 -78.25 -6.42
N TYR IA 189 46.04 -78.43 -6.95
CA TYR IA 189 47.08 -77.42 -6.77
C TYR IA 189 46.68 -76.11 -7.43
N ARG IA 190 46.13 -76.19 -8.64
CA ARG IA 190 45.72 -74.98 -9.34
C ARG IA 190 44.64 -74.25 -8.57
N PHE IA 191 43.68 -74.98 -8.02
CA PHE IA 191 42.56 -74.35 -7.35
C PHE IA 191 43.02 -73.52 -6.17
N ALA IA 192 43.64 -74.16 -5.19
CA ALA IA 192 44.01 -73.47 -3.96
C ALA IA 192 45.14 -72.47 -4.18
N GLY IA 193 45.78 -72.47 -5.34
CA GLY IA 193 47.00 -71.71 -5.50
C GLY IA 193 46.80 -70.25 -5.85
N GLN IA 194 45.80 -69.91 -6.65
CA GLN IA 194 45.82 -68.64 -7.34
C GLN IA 194 44.93 -67.55 -6.75
N LEU IA 195 44.07 -67.85 -5.78
CA LEU IA 195 43.25 -66.81 -5.19
C LEU IA 195 42.67 -67.32 -3.88
N PRO IA 196 42.46 -66.44 -2.90
CA PRO IA 196 41.98 -66.90 -1.59
C PRO IA 196 40.63 -67.56 -1.69
N GLN IA 197 40.42 -68.56 -0.83
CA GLN IA 197 39.17 -69.30 -0.78
C GLN IA 197 38.81 -69.61 0.66
N SER IA 198 37.55 -69.75 0.92
CA SER IA 198 37.16 -70.13 2.25
C SER IA 198 37.17 -71.65 2.40
N PRO IA 199 37.47 -72.16 3.59
CA PRO IA 199 37.41 -73.61 3.79
C PRO IA 199 36.02 -74.18 3.57
N ASP IA 200 34.98 -73.37 3.71
CA ASP IA 200 33.61 -73.82 3.47
C ASP IA 200 33.25 -73.61 2.00
N SER IA 201 34.05 -74.24 1.14
CA SER IA 201 33.83 -74.18 -0.29
C SER IA 201 33.75 -75.59 -0.85
N THR IA 202 32.99 -75.75 -1.93
CA THR IA 202 32.69 -77.07 -2.46
C THR IA 202 33.95 -77.83 -2.84
N MET IA 203 34.88 -77.16 -3.51
CA MET IA 203 36.10 -77.83 -3.95
C MET IA 203 36.88 -78.36 -2.76
N VAL IA 204 36.94 -77.61 -1.68
CA VAL IA 204 37.70 -78.04 -0.51
C VAL IA 204 37.19 -79.38 -0.02
N SER IA 205 35.87 -79.51 0.12
CA SER IA 205 35.30 -80.79 0.50
C SER IA 205 35.59 -81.84 -0.55
N THR IA 206 35.53 -81.47 -1.83
CA THR IA 206 35.77 -82.42 -2.90
C THR IA 206 37.15 -83.03 -2.78
N ILE IA 207 38.18 -82.19 -2.71
CA ILE IA 207 39.54 -82.70 -2.65
C ILE IA 207 39.74 -83.51 -1.38
N ARG IA 208 39.13 -83.08 -0.29
CA ARG IA 208 39.25 -83.82 0.96
C ARG IA 208 38.79 -85.25 0.78
N TRP IA 209 37.68 -85.45 0.07
CA TRP IA 209 37.21 -86.80 -0.20
C TRP IA 209 38.20 -87.57 -1.07
N LEU IA 210 38.77 -86.91 -2.07
CA LEU IA 210 39.68 -87.60 -2.98
C LEU IA 210 40.85 -88.19 -2.24
N SER IA 211 41.48 -87.40 -1.37
CA SER IA 211 42.59 -87.91 -0.58
C SER IA 211 42.16 -89.14 0.21
N ALA IA 212 40.98 -89.07 0.81
CA ALA IA 212 40.47 -90.22 1.56
C ALA IA 212 40.30 -91.43 0.65
N ILE IA 213 39.63 -91.24 -0.49
CA ILE IA 213 39.37 -92.35 -1.38
C ILE IA 213 40.67 -92.94 -1.90
N TRP IA 214 41.62 -92.08 -2.27
CA TRP IA 214 42.90 -92.56 -2.78
C TRP IA 214 43.57 -93.47 -1.78
N PHE IA 215 43.67 -93.04 -0.52
CA PHE IA 215 44.30 -93.87 0.49
C PHE IA 215 43.51 -95.15 0.71
N GLY IA 216 42.18 -95.04 0.78
CA GLY IA 216 41.37 -96.23 1.00
C GLY IA 216 41.58 -97.26 -0.09
N SER IA 217 41.66 -96.81 -1.34
CA SER IA 217 41.97 -97.72 -2.42
C SER IA 217 43.42 -98.16 -2.39
N LEU IA 218 44.33 -97.28 -1.96
CA LEU IA 218 45.74 -97.65 -1.88
C LEU IA 218 45.93 -98.84 -0.94
N THR IA 219 45.26 -98.81 0.21
CA THR IA 219 45.31 -99.93 1.13
C THR IA 219 44.54 -101.15 0.63
N GLY IA 220 43.78 -101.01 -0.44
CA GLY IA 220 43.01 -102.12 -0.96
C GLY IA 220 41.67 -102.31 -0.29
N ARG IA 221 41.35 -101.52 0.72
CA ARG IA 221 40.02 -101.62 1.33
C ARG IA 221 38.94 -101.24 0.34
N LEU IA 222 39.18 -100.23 -0.49
CA LEU IA 222 38.21 -99.81 -1.50
C LEU IA 222 38.55 -100.48 -2.82
N ASN IA 223 37.59 -101.24 -3.35
CA ASN IA 223 37.81 -102.02 -4.56
C ASN IA 223 36.54 -102.01 -5.40
N ARG IA 224 36.56 -102.79 -6.47
CA ARG IA 224 35.33 -103.01 -7.23
C ARG IA 224 34.27 -103.66 -6.36
N SER IA 225 34.69 -104.47 -5.39
CA SER IA 225 33.74 -105.12 -4.49
C SER IA 225 33.14 -104.13 -3.49
N ARG IA 226 33.97 -103.21 -3.00
CA ARG IA 226 33.56 -102.32 -1.92
C ARG IA 226 34.05 -100.92 -2.26
N THR IA 227 33.13 -99.97 -2.30
CA THR IA 227 33.44 -98.65 -2.81
C THR IA 227 32.84 -97.56 -1.93
N CYS IA 228 33.43 -96.37 -2.01
CA CYS IA 228 32.95 -95.21 -1.27
C CYS IA 228 31.95 -94.48 -2.15
N ASN IA 229 30.67 -94.63 -1.82
CA ASN IA 229 29.59 -93.98 -2.54
C ASN IA 229 29.62 -94.28 -4.04
N GLY IA 230 30.29 -95.37 -4.42
CA GLY IA 230 30.42 -95.74 -5.81
C GLY IA 230 31.76 -95.42 -6.43
N PHE IA 231 32.63 -94.70 -5.74
CA PHE IA 231 33.92 -94.32 -6.28
C PHE IA 231 35.05 -95.16 -5.69
N TYR IA 232 36.13 -95.26 -6.44
CA TYR IA 232 37.35 -95.93 -6.02
C TYR IA 232 38.40 -95.72 -7.10
N PHE IA 233 39.65 -95.96 -6.74
CA PHE IA 233 40.77 -95.82 -7.66
C PHE IA 233 41.20 -97.18 -8.18
N GLU IA 234 41.66 -97.20 -9.42
CA GLU IA 234 42.17 -98.40 -10.06
C GLU IA 234 43.65 -98.24 -10.35
N PHE IA 235 44.44 -99.23 -9.98
CA PHE IA 235 45.89 -99.19 -10.13
C PHE IA 235 46.33 -100.04 -11.30
N ALA IA 236 47.38 -99.59 -11.97
CA ALA IA 236 47.87 -100.29 -13.15
C ALA IA 236 48.56 -101.59 -12.76
N LYS IA 237 48.77 -102.44 -13.77
CA LYS IA 237 49.33 -103.76 -13.52
C LYS IA 237 50.78 -103.64 -13.08
N PRO IA 238 51.19 -104.33 -12.03
CA PRO IA 238 52.61 -104.31 -11.64
C PRO IA 238 53.51 -104.92 -12.70
N ALA IA 239 52.97 -105.80 -13.54
CA ALA IA 239 53.79 -106.44 -14.56
C ALA IA 239 54.31 -105.44 -15.57
N LEU IA 240 53.66 -104.30 -15.73
CA LEU IA 240 54.12 -103.30 -16.68
C LEU IA 240 54.60 -102.03 -15.99
N ASN IA 241 53.71 -101.34 -15.28
CA ASN IA 241 54.08 -100.13 -14.57
C ASN IA 241 53.02 -99.81 -13.53
N PRO IA 242 53.19 -100.25 -12.28
CA PRO IA 242 52.16 -99.98 -11.27
C PRO IA 242 52.07 -98.52 -10.86
N ASP IA 243 52.98 -97.66 -11.30
CA ASP IA 243 53.01 -96.27 -10.86
C ASP IA 243 51.99 -95.44 -11.64
N GLN IA 244 50.72 -95.80 -11.48
CA GLN IA 244 49.65 -95.08 -12.17
C GLN IA 244 48.32 -95.49 -11.55
N ALA IA 245 47.42 -94.52 -11.43
CA ALA IA 245 46.09 -94.79 -10.89
C ALA IA 245 45.10 -93.81 -11.52
N VAL IA 246 43.87 -94.29 -11.71
CA VAL IA 246 42.80 -93.48 -12.27
C VAL IA 246 41.54 -93.68 -11.43
N LEU IA 247 40.63 -92.72 -11.56
CA LEU IA 247 39.37 -92.75 -10.84
C LEU IA 247 38.38 -93.67 -11.54
N LYS IA 248 37.45 -94.22 -10.76
CA LYS IA 248 36.45 -95.12 -11.30
C LYS IA 248 35.15 -94.96 -10.52
N TRP IA 249 34.05 -95.31 -11.16
CA TRP IA 249 32.76 -95.35 -10.50
C TRP IA 249 32.06 -96.65 -10.88
N ASN IA 250 31.35 -97.24 -9.92
CA ASN IA 250 30.97 -98.64 -10.06
C ASN IA 250 29.73 -98.93 -9.23
N ASP IA 251 29.12 -100.07 -9.52
CA ASP IA 251 27.92 -100.54 -8.85
C ASP IA 251 28.21 -101.37 -7.60
N GLY IA 252 29.47 -101.49 -7.19
CA GLY IA 252 29.79 -102.29 -6.03
C GLY IA 252 29.09 -101.80 -4.77
N ALA IA 253 29.11 -102.67 -3.76
CA ALA IA 253 28.50 -102.32 -2.48
C ALA IA 253 29.20 -101.10 -1.89
N ARG IA 254 28.42 -100.24 -1.25
CA ARG IA 254 28.93 -98.99 -0.72
C ARG IA 254 29.28 -99.17 0.76
N ALA IA 255 30.48 -98.73 1.13
CA ALA IA 255 30.91 -98.86 2.51
C ALA IA 255 30.12 -97.92 3.41
N ALA IA 256 29.91 -98.36 4.64
CA ALA IA 256 29.21 -97.56 5.63
C ALA IA 256 30.15 -96.50 6.21
N PRO IA 257 29.61 -95.36 6.63
CA PRO IA 257 30.44 -94.33 7.25
C PRO IA 257 30.98 -94.80 8.58
N PRO IA 258 32.10 -94.26 9.03
CA PRO IA 258 32.68 -94.71 10.29
C PRO IA 258 31.82 -94.32 11.49
N ALA IA 259 32.02 -95.06 12.58
CA ALA IA 259 31.28 -94.78 13.81
C ALA IA 259 31.57 -93.37 14.31
N ALA IA 260 32.82 -92.92 14.17
CA ALA IA 260 33.19 -91.56 14.55
C ALA IA 260 34.17 -91.04 13.52
N ALA IA 261 34.27 -89.71 13.46
CA ALA IA 261 35.15 -89.08 12.48
C ALA IA 261 36.58 -89.56 12.66
N GLN IA 262 37.21 -89.91 11.54
CA GLN IA 262 38.56 -90.43 11.53
C GLN IA 262 39.49 -89.44 10.84
N SER IA 263 40.72 -89.37 11.33
CA SER IA 263 41.72 -88.47 10.74
C SER IA 263 43.09 -88.88 11.24
N SER IA 264 44.11 -88.56 10.44
CA SER IA 264 45.49 -88.82 10.81
C SER IA 264 46.41 -88.16 9.79
N TYR IA 265 47.69 -88.14 10.12
CA TYR IA 265 48.74 -87.70 9.22
C TYR IA 265 49.48 -88.92 8.66
N MET IA 266 50.03 -88.75 7.46
CA MET IA 266 50.63 -89.86 6.75
C MET IA 266 51.94 -89.43 6.10
N ARG IA 267 52.79 -90.42 5.85
CA ARG IA 267 54.00 -90.21 5.05
C ARG IA 267 54.52 -91.58 4.62
N CYS IA 268 55.34 -91.58 3.58
CA CYS IA 268 56.01 -92.78 3.13
C CYS IA 268 57.34 -92.92 3.86
N ILE IA 269 57.54 -94.08 4.48
CA ILE IA 269 58.72 -94.27 5.33
C ILE IA 269 59.96 -94.67 4.54
N SER IA 270 59.83 -94.94 3.25
CA SER IA 270 60.91 -95.50 2.47
C SER IA 270 61.28 -94.59 1.31
N PRO IA 271 62.52 -94.64 0.84
CA PRO IA 271 62.96 -93.71 -0.21
C PRO IA 271 62.26 -93.88 -1.54
N HIS IA 272 61.45 -94.93 -1.73
CA HIS IA 272 60.84 -95.16 -3.03
C HIS IA 272 60.04 -93.97 -3.51
N TRP IA 273 59.51 -93.18 -2.58
CA TRP IA 273 58.64 -92.08 -2.95
C TRP IA 273 59.33 -91.09 -3.87
N GLN IA 274 60.65 -90.97 -3.77
CA GLN IA 274 61.36 -89.95 -4.55
C GLN IA 274 61.21 -90.15 -6.05
N HIS IA 275 60.88 -91.35 -6.49
CA HIS IA 275 60.79 -91.66 -7.91
C HIS IA 275 59.51 -92.40 -8.21
N GLN IA 276 58.39 -91.93 -7.63
CA GLN IA 276 57.12 -92.65 -7.75
C GLN IA 276 56.01 -91.61 -7.81
N ILE IA 277 55.40 -91.46 -8.98
CA ILE IA 277 54.54 -90.31 -9.23
C ILE IA 277 53.27 -90.37 -8.38
N VAL IA 278 52.75 -91.57 -8.12
CA VAL IA 278 51.51 -91.66 -7.36
C VAL IA 278 51.73 -91.15 -5.95
N GLU IA 279 52.90 -91.38 -5.38
CA GLU IA 279 53.20 -90.83 -4.07
C GLU IA 279 53.27 -89.31 -4.12
N VAL IA 280 53.96 -88.77 -5.11
CA VAL IA 280 54.14 -87.32 -5.20
C VAL IA 280 52.80 -86.64 -5.39
N ALA IA 281 52.02 -87.12 -6.36
CA ALA IA 281 50.74 -86.48 -6.65
C ALA IA 281 49.80 -86.57 -5.46
N GLY IA 282 49.72 -87.76 -4.85
CA GLY IA 282 48.83 -87.93 -3.71
C GLY IA 282 49.19 -87.00 -2.57
N ALA IA 283 50.49 -86.88 -2.28
CA ALA IA 283 50.92 -85.98 -1.21
C ALA IA 283 50.55 -84.54 -1.54
N LEU IA 284 50.89 -84.09 -2.75
CA LEU IA 284 50.61 -82.71 -3.12
C LEU IA 284 49.13 -82.44 -3.07
N MET IA 285 48.32 -83.35 -3.62
CA MET IA 285 46.88 -83.17 -3.60
C MET IA 285 46.38 -83.02 -2.17
N SER IA 286 46.80 -83.92 -1.29
CA SER IA 286 46.34 -83.86 0.10
C SER IA 286 46.85 -82.59 0.78
N GLN IA 287 48.11 -82.23 0.53
CA GLN IA 287 48.66 -81.04 1.16
C GLN IA 287 47.93 -79.78 0.74
N SER IA 288 47.32 -79.79 -0.44
CA SER IA 288 46.60 -78.62 -0.90
C SER IA 288 45.43 -78.30 0.02
N VAL IA 289 44.72 -79.32 0.48
CA VAL IA 289 43.59 -79.10 1.38
C VAL IA 289 44.06 -78.40 2.64
N THR IA 290 45.09 -78.94 3.28
CA THR IA 290 45.60 -78.32 4.50
C THR IA 290 46.11 -76.91 4.23
N ALA IA 291 46.56 -76.65 3.01
CA ALA IA 291 47.04 -75.32 2.68
C ALA IA 291 45.93 -74.29 2.79
N VAL IA 292 44.73 -74.62 2.34
CA VAL IA 292 43.65 -73.64 2.36
C VAL IA 292 42.95 -73.63 3.72
N THR IA 293 42.93 -74.76 4.43
CA THR IA 293 42.22 -74.84 5.69
C THR IA 293 43.13 -74.79 6.90
N GLY IA 294 44.44 -74.83 6.72
CA GLY IA 294 45.35 -74.85 7.84
C GLY IA 294 45.42 -76.21 8.49
N LEU IA 295 46.38 -76.36 9.39
CA LEU IA 295 46.57 -77.62 10.09
C LEU IA 295 45.46 -77.81 11.13
N PRO IA 296 44.70 -78.90 11.07
CA PRO IA 296 43.69 -79.13 12.11
C PRO IA 296 44.27 -79.24 13.51
N ALA IA 297 45.45 -79.82 13.65
CA ALA IA 297 46.03 -80.02 14.97
C ALA IA 297 47.52 -80.25 14.83
N LEU IA 298 48.22 -80.14 15.96
CA LEU IA 298 49.65 -80.38 15.97
C LEU IA 298 49.96 -81.84 15.65
N ILE IA 299 51.08 -82.04 14.99
CA ILE IA 299 51.51 -83.36 14.58
C ILE IA 299 52.32 -83.99 15.70
N ASP IA 300 52.19 -85.31 15.85
CA ASP IA 300 52.91 -86.01 16.90
C ASP IA 300 54.41 -86.04 16.61
N GLU IA 301 55.20 -85.64 17.61
CA GLU IA 301 56.65 -85.63 17.44
C GLU IA 301 57.27 -87.01 17.52
N ALA IA 302 56.50 -88.02 17.93
CA ALA IA 302 57.08 -89.27 18.40
C ALA IA 302 57.93 -89.97 17.36
N THR IA 303 57.69 -89.75 16.07
CA THR IA 303 58.34 -90.51 15.02
C THR IA 303 58.87 -89.60 13.93
N LEU IA 304 59.56 -88.54 14.33
CA LEU IA 304 60.02 -87.52 13.40
C LEU IA 304 61.51 -87.26 13.61
N PRO IA 305 62.19 -86.74 12.59
CA PRO IA 305 63.62 -86.43 12.74
C PRO IA 305 63.86 -85.44 13.86
N ALA IA 306 65.13 -85.33 14.24
CA ALA IA 306 65.49 -84.57 15.42
C ALA IA 306 65.08 -83.11 15.30
N TRP IA 307 65.31 -82.51 14.14
CA TRP IA 307 64.99 -81.10 13.99
C TRP IA 307 63.50 -80.82 14.05
N SER IA 308 62.67 -81.85 13.87
CA SER IA 308 61.22 -81.67 13.90
C SER IA 308 60.65 -81.77 15.31
N GLN IA 309 61.49 -81.97 16.32
CA GLN IA 309 60.99 -82.16 17.68
C GLN IA 309 60.53 -80.83 18.24
N GLY IA 310 59.23 -80.72 18.52
CA GLY IA 310 58.70 -79.56 19.20
C GLY IA 310 58.77 -78.25 18.43
N VAL IA 311 58.50 -78.29 17.13
CA VAL IA 311 58.48 -77.07 16.34
C VAL IA 311 57.20 -76.29 16.65
N ALA IA 312 57.36 -75.01 16.96
CA ALA IA 312 56.22 -74.19 17.34
C ALA IA 312 55.17 -74.16 16.25
N ASN IA 313 53.91 -74.27 16.66
CA ASN IA 313 52.72 -74.22 15.81
C ASN IA 313 52.63 -75.40 14.85
N LEU IA 314 53.58 -76.33 14.86
CA LEU IA 314 53.55 -77.44 13.93
C LEU IA 314 53.53 -78.80 14.63
N THR IA 315 54.42 -79.03 15.57
CA THR IA 315 54.55 -80.33 16.22
C THR IA 315 54.34 -80.19 17.72
N GLY IA 316 53.86 -81.28 18.32
CA GLY IA 316 53.63 -81.28 19.75
C GLY IA 316 53.55 -82.69 20.26
N ASN IA 317 53.53 -82.80 21.60
CA ASN IA 317 53.38 -84.09 22.25
C ASN IA 317 52.28 -84.06 23.31
N GLY IA 318 51.47 -83.01 23.34
CA GLY IA 318 50.45 -82.86 24.34
C GLY IA 318 49.20 -83.64 24.02
N GLN IA 319 48.10 -83.23 24.65
CA GLN IA 319 46.83 -83.93 24.48
C GLN IA 319 46.25 -83.69 23.09
N GLY IA 320 46.22 -82.44 22.65
CA GLY IA 320 45.61 -82.10 21.38
C GLY IA 320 46.53 -82.39 20.21
N VAL IA 321 46.93 -83.65 20.06
CA VAL IA 321 47.92 -84.04 19.07
C VAL IA 321 47.38 -85.21 18.27
N VAL IA 322 47.53 -85.14 16.95
CA VAL IA 322 47.09 -86.20 16.05
C VAL IA 322 48.29 -87.05 15.69
N PRO IA 323 48.21 -88.38 15.82
CA PRO IA 323 49.35 -89.22 15.46
C PRO IA 323 49.57 -89.22 13.95
N CYS IA 324 50.81 -89.50 13.58
CA CYS IA 324 51.21 -89.62 12.19
C CYS IA 324 51.64 -91.04 11.91
N LEU IA 325 51.06 -91.65 10.88
CA LEU IA 325 51.41 -93.01 10.48
C LEU IA 325 52.30 -92.97 9.25
N ASP IA 326 52.90 -94.13 8.97
CA ASP IA 326 53.79 -94.25 7.83
C ASP IA 326 53.79 -95.69 7.35
N TYR IA 327 54.29 -95.89 6.14
CA TYR IA 327 54.18 -97.18 5.50
C TYR IA 327 55.30 -97.33 4.48
N ASN IA 328 55.52 -98.58 4.09
CA ASN IA 328 56.42 -98.91 2.99
C ASN IA 328 55.61 -99.49 1.86
N PRO IA 329 55.84 -99.04 0.63
CA PRO IA 329 54.96 -99.49 -0.48
C PRO IA 329 54.92 -100.99 -0.65
N VAL IA 330 56.03 -101.69 -0.49
CA VAL IA 330 56.07 -103.12 -0.75
C VAL IA 330 55.17 -103.85 0.24
N PRO IA 331 55.33 -103.69 1.56
CA PRO IA 331 54.37 -104.32 2.46
C PRO IA 331 52.95 -103.84 2.20
N MET IA 332 52.80 -102.57 1.85
CA MET IA 332 51.48 -102.04 1.53
C MET IA 332 50.87 -102.79 0.35
N ALA IA 333 51.66 -103.00 -0.69
CA ALA IA 333 51.16 -103.71 -1.86
C ALA IA 333 50.72 -105.12 -1.50
N ALA IA 334 51.52 -105.81 -0.68
CA ALA IA 334 51.14 -107.15 -0.25
C ALA IA 334 49.81 -107.12 0.48
N ALA IA 335 49.63 -106.14 1.36
CA ALA IA 335 48.36 -106.02 2.06
C ALA IA 335 47.22 -105.77 1.09
N ARG IA 336 47.43 -104.89 0.11
CA ARG IA 336 46.39 -104.61 -0.86
C ARG IA 336 46.01 -105.86 -1.64
N HIS IA 337 47.01 -106.62 -2.07
CA HIS IA 337 46.74 -107.85 -2.79
C HIS IA 337 45.98 -108.84 -1.92
N LEU IA 338 46.38 -108.96 -0.64
CA LEU IA 338 45.70 -109.87 0.25
C LEU IA 338 44.24 -109.50 0.39
N GLN IA 339 43.95 -108.22 0.54
CA GLN IA 339 42.55 -107.79 0.64
C GLN IA 339 41.78 -108.17 -0.61
N TRP IA 340 42.42 -108.06 -1.78
CA TRP IA 340 41.74 -108.43 -3.01
C TRP IA 340 41.34 -109.90 -3.02
N ARG IA 341 42.24 -110.78 -2.57
CA ARG IA 341 41.89 -112.20 -2.54
C ARG IA 341 40.76 -112.45 -1.55
N GLN IA 342 40.82 -111.81 -0.37
CA GLN IA 342 39.76 -111.99 0.61
C GLN IA 342 38.44 -111.47 0.07
N ASP IA 343 38.47 -110.33 -0.63
CA ASP IA 343 37.26 -109.87 -1.30
C ASP IA 343 36.86 -110.76 -2.47
N GLY IA 344 37.72 -111.69 -2.89
CA GLY IA 344 37.38 -112.58 -3.96
C GLY IA 344 37.65 -112.05 -5.35
N LEU IA 345 38.36 -110.93 -5.48
CA LEU IA 345 38.66 -110.41 -6.79
C LEU IA 345 39.67 -111.28 -7.53
N ILE IA 346 40.56 -111.93 -6.80
CA ILE IA 346 41.65 -112.71 -7.39
C ILE IA 346 41.78 -114.03 -6.66
N THR IA 347 42.53 -114.94 -7.27
CA THR IA 347 42.85 -116.21 -6.66
C THR IA 347 44.19 -116.14 -5.92
N ALA IA 348 44.43 -117.15 -5.09
CA ALA IA 348 45.68 -117.19 -4.34
C ALA IA 348 46.88 -117.23 -5.27
N ALA IA 349 46.77 -117.98 -6.36
CA ALA IA 349 47.88 -118.05 -7.31
C ALA IA 349 48.21 -116.67 -7.87
N GLN IA 350 47.17 -115.90 -8.22
CA GLN IA 350 47.40 -114.55 -8.70
C GLN IA 350 48.05 -113.69 -7.64
N GLU IA 351 47.61 -113.81 -6.40
CA GLU IA 351 48.15 -112.98 -5.32
C GLU IA 351 49.65 -113.21 -5.18
N ALA IA 352 50.08 -114.46 -5.23
CA ALA IA 352 51.51 -114.75 -5.16
C ALA IA 352 52.25 -114.10 -6.32
N GLN IA 353 51.67 -114.18 -7.52
CA GLN IA 353 52.33 -113.61 -8.68
C GLN IA 353 52.43 -112.10 -8.57
N LEU IA 354 51.36 -111.45 -8.11
CA LEU IA 354 51.39 -110.00 -8.00
C LEU IA 354 52.49 -109.54 -7.05
N ASN IA 355 52.68 -110.23 -5.93
CA ASN IA 355 53.74 -109.87 -5.02
C ASN IA 355 55.10 -109.98 -5.70
N ASN IA 356 55.31 -111.05 -6.47
CA ASN IA 356 56.59 -111.20 -7.16
C ASN IA 356 56.82 -110.06 -8.13
N ASP IA 357 55.80 -109.70 -8.91
CA ASP IA 357 55.96 -108.63 -9.87
C ASP IA 357 56.25 -107.31 -9.19
N TYR IA 358 55.46 -106.97 -8.17
CA TYR IA 358 55.63 -105.68 -7.52
C TYR IA 358 57.00 -105.58 -6.87
N THR IA 359 57.42 -106.64 -6.18
CA THR IA 359 58.75 -106.63 -5.58
C THR IA 359 59.83 -106.43 -6.62
N ALA IA 360 59.68 -107.10 -7.77
CA ALA IA 360 60.63 -106.90 -8.86
C ALA IA 360 60.61 -105.46 -9.32
N TYR IA 361 59.42 -104.88 -9.46
CA TYR IA 361 59.32 -103.49 -9.87
C TYR IA 361 60.01 -102.57 -8.89
N ALA IA 362 59.71 -102.74 -7.59
CA ALA IA 362 60.30 -101.87 -6.59
C ALA IA 362 61.82 -101.98 -6.58
N LEU IA 363 62.33 -103.17 -6.86
CA LEU IA 363 63.77 -103.37 -6.87
C LEU IA 363 64.44 -102.45 -7.88
N THR IA 364 63.83 -102.30 -9.06
CA THR IA 364 64.40 -101.40 -10.06
C THR IA 364 64.45 -99.98 -9.55
N ILE IA 365 63.38 -99.52 -8.90
CA ILE IA 365 63.36 -98.16 -8.36
C ILE IA 365 64.49 -97.98 -7.36
N GLU IA 366 64.63 -98.93 -6.45
CA GLU IA 366 65.72 -98.86 -5.47
C GLU IA 366 67.06 -98.84 -6.17
N ARG IA 367 67.25 -99.74 -7.13
CA ARG IA 367 68.53 -99.82 -7.83
C ARG IA 367 68.84 -98.53 -8.57
N HIS IA 368 67.83 -97.94 -9.19
CA HIS IA 368 68.04 -96.68 -9.89
C HIS IA 368 68.44 -95.58 -8.93
N LEU IA 369 67.69 -95.42 -7.84
CA LEU IA 369 67.94 -94.33 -6.92
C LEU IA 369 69.30 -94.46 -6.26
N THR IA 370 69.62 -95.65 -5.75
CA THR IA 370 70.87 -95.82 -5.05
C THR IA 370 72.06 -95.54 -5.96
N ALA IA 371 71.95 -95.93 -7.23
CA ALA IA 371 72.98 -95.57 -8.18
C ALA IA 371 72.98 -94.08 -8.46
N MET IA 372 71.80 -93.45 -8.41
CA MET IA 372 71.74 -92.03 -8.71
C MET IA 372 72.37 -91.20 -7.60
N LEU IA 373 72.31 -91.67 -6.35
CA LEU IA 373 72.84 -90.88 -5.25
C LEU IA 373 74.35 -90.72 -5.36
N VAL IA 374 75.07 -91.83 -5.58
CA VAL IA 374 76.51 -91.75 -5.73
C VAL IA 374 76.87 -90.92 -6.94
N ALA IA 375 75.98 -90.81 -7.92
CA ALA IA 375 76.23 -89.93 -9.05
C ALA IA 375 76.08 -88.46 -8.67
N ASN IA 376 75.36 -88.16 -7.61
CA ASN IA 376 75.14 -86.78 -7.17
C ASN IA 376 75.37 -86.69 -5.67
N PRO IA 377 76.63 -86.83 -5.24
CA PRO IA 377 76.91 -86.73 -3.80
C PRO IA 377 76.53 -85.36 -3.28
N ILE IA 378 75.97 -85.34 -2.07
CA ILE IA 378 75.44 -84.10 -1.52
C ILE IA 378 76.55 -83.10 -1.24
N ALA IA 379 77.80 -83.57 -1.13
CA ALA IA 379 78.91 -82.66 -0.94
C ALA IA 379 79.14 -81.78 -2.16
N ALA IA 380 78.52 -82.09 -3.30
CA ALA IA 380 78.69 -81.28 -4.49
C ALA IA 380 78.05 -79.91 -4.37
N GLY IA 381 77.24 -79.66 -3.34
CA GLY IA 381 76.66 -78.36 -3.12
C GLY IA 381 75.22 -78.23 -3.55
N ARG IA 382 74.66 -79.21 -4.23
CA ARG IA 382 73.25 -79.22 -4.59
C ARG IA 382 72.69 -80.60 -4.33
N MET IA 383 71.43 -80.65 -3.90
CA MET IA 383 70.78 -81.91 -3.52
C MET IA 383 69.65 -82.20 -4.48
N PRO IA 384 69.91 -82.93 -5.57
CA PRO IA 384 68.80 -83.32 -6.44
C PRO IA 384 67.94 -84.41 -5.85
N ILE IA 385 68.49 -85.27 -5.00
CA ILE IA 385 67.72 -86.32 -4.34
C ILE IA 385 68.09 -86.36 -2.87
N GLN IA 386 67.09 -86.62 -2.03
CA GLN IA 386 67.31 -86.65 -0.59
C GLN IA 386 68.20 -87.83 -0.23
N PRO IA 387 69.18 -87.63 0.64
CA PRO IA 387 70.08 -88.72 1.01
C PRO IA 387 69.35 -89.80 1.80
N PHE IA 388 69.92 -90.99 1.77
CA PHE IA 388 69.34 -92.14 2.47
C PHE IA 388 70.42 -93.20 2.63
N ASN IA 389 70.07 -94.25 3.36
CA ASN IA 389 70.93 -95.41 3.52
C ASN IA 389 70.26 -96.63 2.91
N ALA IA 390 71.07 -97.64 2.63
CA ALA IA 390 70.57 -98.82 1.93
C ALA IA 390 69.48 -99.51 2.74
N ALA IA 391 69.62 -99.56 4.06
CA ALA IA 391 68.64 -100.24 4.88
C ALA IA 391 67.27 -99.55 4.85
N ASP IA 392 67.22 -98.30 4.41
CA ASP IA 392 65.96 -97.56 4.42
C ASP IA 392 64.91 -98.19 3.52
N PHE IA 393 65.33 -98.95 2.51
CA PHE IA 393 64.36 -99.58 1.63
C PHE IA 393 63.65 -100.75 2.31
N GLY IA 394 64.21 -101.30 3.37
CA GLY IA 394 63.65 -102.45 4.03
C GLY IA 394 62.76 -102.18 5.21
N GLN IA 395 62.56 -100.92 5.60
CA GLN IA 395 61.76 -100.62 6.77
C GLN IA 395 60.30 -100.90 6.51
N ALA IA 396 59.66 -101.63 7.42
CA ALA IA 396 58.23 -101.88 7.32
C ALA IA 396 57.41 -100.73 7.88
N GLY IA 397 58.00 -99.91 8.74
CA GLY IA 397 57.29 -98.77 9.29
C GLY IA 397 56.07 -99.20 10.08
N GLN IA 398 55.07 -98.32 10.08
CA GLN IA 398 53.81 -98.58 10.75
C GLN IA 398 52.75 -99.11 9.81
N THR IA 399 53.16 -99.88 8.78
CA THR IA 399 52.23 -100.29 7.74
C THR IA 399 51.02 -101.02 8.31
N ALA IA 400 51.25 -101.87 9.30
CA ALA IA 400 50.15 -102.62 9.90
C ALA IA 400 49.11 -101.68 10.49
N ALA IA 401 49.57 -100.66 11.20
CA ALA IA 401 48.63 -99.69 11.75
C ALA IA 401 47.92 -98.93 10.63
N ALA IA 402 48.63 -98.66 9.54
CA ALA IA 402 48.04 -97.89 8.44
C ALA IA 402 46.82 -98.58 7.88
N VAL IA 403 46.96 -99.86 7.53
CA VAL IA 403 45.81 -100.59 6.98
C VAL IA 403 44.72 -100.72 8.03
N ALA IA 404 45.10 -100.81 9.31
CA ALA IA 404 44.10 -100.84 10.36
C ALA IA 404 43.27 -99.56 10.35
N LEU IA 405 43.90 -98.42 10.08
CA LEU IA 405 43.17 -97.16 10.01
C LEU IA 405 42.14 -97.21 8.88
N ALA IA 406 42.57 -97.65 7.70
CA ALA IA 406 41.63 -97.78 6.59
C ALA IA 406 40.53 -98.76 6.94
N GLN IA 407 40.86 -99.82 7.66
CA GLN IA 407 39.85 -100.75 8.14
C GLN IA 407 38.78 -100.02 8.93
N ALA IA 408 39.21 -99.15 9.85
CA ALA IA 408 38.26 -98.36 10.62
C ALA IA 408 37.69 -97.19 9.84
N MET IA 409 38.35 -96.77 8.77
CA MET IA 409 37.91 -95.59 8.05
C MET IA 409 36.75 -95.88 7.11
N PHE IA 410 36.74 -97.04 6.46
CA PHE IA 410 35.67 -97.44 5.56
C PHE IA 410 35.11 -98.76 6.07
N VAL IA 411 34.16 -98.67 6.99
CA VAL IA 411 33.55 -99.86 7.55
C VAL IA 411 32.45 -100.33 6.63
N ALA JA 1 2.11 -163.49 -21.96
CA ALA JA 1 1.16 -162.78 -21.12
C ALA JA 1 0.65 -163.67 -20.00
N GLN JA 2 0.23 -163.05 -18.89
CA GLN JA 2 -0.27 -163.79 -17.76
C GLN JA 2 -1.62 -164.42 -18.12
N ARG JA 3 -1.74 -165.73 -17.93
CA ARG JA 3 -2.90 -166.46 -18.40
C ARG JA 3 -3.84 -166.91 -17.30
N GLN JA 4 -3.54 -166.62 -16.05
CA GLN JA 4 -4.41 -167.03 -14.95
C GLN JA 4 -4.43 -165.93 -13.90
N PHE JA 5 -5.59 -165.75 -13.26
CA PHE JA 5 -5.71 -164.80 -12.18
C PHE JA 5 -6.63 -165.37 -11.09
N PHE JA 6 -6.55 -164.75 -9.92
CA PHE JA 6 -7.34 -165.14 -8.77
C PHE JA 6 -8.04 -163.91 -8.22
N GLY JA 7 -9.11 -164.13 -7.44
CA GLY JA 7 -9.84 -163.00 -6.93
C GLY JA 7 -10.73 -163.37 -5.76
N LEU JA 8 -11.38 -162.35 -5.21
CA LEU JA 8 -12.27 -162.51 -4.07
C LEU JA 8 -13.36 -161.46 -4.15
N THR JA 9 -14.59 -161.87 -3.84
CA THR JA 9 -15.72 -160.95 -3.90
C THR JA 9 -15.83 -160.13 -2.63
N TYR JA 10 -16.72 -159.15 -2.67
CA TYR JA 10 -16.91 -158.25 -1.55
C TYR JA 10 -17.55 -158.98 -0.37
N ASN JA 11 -17.59 -158.28 0.76
CA ASN JA 11 -18.17 -158.81 1.98
C ASN JA 11 -19.40 -157.99 2.35
N PHE JA 12 -20.51 -158.68 2.55
CA PHE JA 12 -21.71 -157.99 3.04
C PHE JA 12 -21.47 -157.52 4.46
N TYR JA 13 -21.78 -156.25 4.72
CA TYR JA 13 -21.63 -155.71 6.06
C TYR JA 13 -22.89 -156.04 6.87
N GLY JA 14 -23.05 -157.32 7.14
CA GLY JA 14 -24.20 -157.82 7.85
C GLY JA 14 -25.47 -157.89 7.04
N GLN JA 15 -25.55 -157.18 5.92
CA GLN JA 15 -26.73 -157.23 5.08
C GLN JA 15 -26.81 -158.59 4.39
N PRO JA 16 -28.01 -158.99 3.98
CA PRO JA 16 -28.19 -160.33 3.41
C PRO JA 16 -27.90 -160.47 1.93
N ALA JA 17 -27.76 -159.37 1.19
CA ALA JA 17 -27.64 -159.44 -0.26
C ALA JA 17 -26.63 -158.39 -0.70
N PRO JA 18 -26.05 -158.55 -1.90
CA PRO JA 18 -25.13 -157.53 -2.40
C PRO JA 18 -25.82 -156.18 -2.52
N LEU JA 19 -25.06 -155.13 -2.22
CA LEU JA 19 -25.64 -153.80 -1.98
C LEU JA 19 -25.58 -152.98 -3.27
N PHE JA 20 -26.55 -153.23 -4.14
CA PHE JA 20 -26.77 -152.40 -5.31
C PHE JA 20 -28.18 -152.65 -5.80
N ASP JA 21 -28.67 -151.76 -6.65
CA ASP JA 21 -29.99 -151.89 -7.21
C ASP JA 21 -29.91 -151.86 -8.73
N LEU JA 22 -31.05 -152.13 -9.37
CA LEU JA 22 -31.08 -152.23 -10.82
C LEU JA 22 -30.75 -150.91 -11.49
N ASN JA 23 -31.19 -149.79 -10.91
CA ASN JA 23 -30.87 -148.49 -11.52
C ASN JA 23 -29.38 -148.28 -11.58
N ASP JA 24 -28.66 -148.62 -10.51
CA ASP JA 24 -27.21 -148.61 -10.55
C ASP JA 24 -26.71 -149.40 -11.75
N LEU JA 25 -27.28 -150.59 -11.95
CA LEU JA 25 -26.94 -151.41 -13.10
C LEU JA 25 -27.34 -150.77 -14.42
N GLN JA 26 -28.20 -149.76 -14.37
CA GLN JA 26 -28.67 -149.11 -15.59
C GLN JA 26 -27.95 -147.81 -15.89
N GLU JA 27 -27.23 -147.24 -14.93
CA GLU JA 27 -26.70 -145.90 -15.07
C GLU JA 27 -25.17 -145.87 -15.05
N LEU JA 28 -24.54 -146.96 -15.46
CA LEU JA 28 -23.08 -146.95 -15.57
C LEU JA 28 -22.65 -145.95 -16.63
N ALA JA 29 -21.47 -145.37 -16.43
CA ALA JA 29 -21.00 -144.29 -17.29
C ALA JA 29 -20.46 -144.77 -18.63
N GLY JA 30 -20.16 -146.05 -18.77
CA GLY JA 30 -19.57 -146.58 -19.99
C GLY JA 30 -20.60 -147.02 -21.00
N CYS JA 31 -20.26 -148.08 -21.73
CA CYS JA 31 -21.23 -148.68 -22.64
C CYS JA 31 -22.38 -149.28 -21.82
N TYR JA 32 -23.52 -149.42 -22.48
CA TYR JA 32 -24.74 -149.80 -21.78
C TYR JA 32 -24.57 -151.12 -21.03
N ALA JA 33 -24.72 -151.05 -19.72
CA ALA JA 33 -24.86 -152.23 -18.87
C ALA JA 33 -23.65 -153.15 -18.93
N ARG JA 34 -22.46 -152.60 -19.16
CA ARG JA 34 -21.25 -153.39 -19.04
C ARG JA 34 -20.34 -152.75 -18.00
N PRO JA 35 -19.82 -153.52 -17.04
CA PRO JA 35 -18.96 -152.92 -16.02
C PRO JA 35 -17.51 -152.79 -16.45
N TRP JA 36 -17.08 -153.54 -17.45
CA TRP JA 36 -15.68 -153.56 -17.81
C TRP JA 36 -15.24 -152.21 -18.35
N THR JA 37 -13.96 -151.91 -18.15
CA THR JA 37 -13.29 -150.70 -18.63
C THR JA 37 -14.20 -149.48 -18.55
N SER JA 38 -14.72 -149.24 -17.34
CA SER JA 38 -15.64 -148.15 -17.11
C SER JA 38 -15.28 -147.28 -15.93
N ARG JA 39 -14.20 -147.60 -15.20
CA ARG JA 39 -13.91 -146.95 -13.94
C ARG JA 39 -13.50 -145.49 -14.10
N PHE JA 40 -13.26 -145.03 -15.32
CA PHE JA 40 -12.96 -143.63 -15.56
C PHE JA 40 -13.91 -142.97 -16.54
N SER JA 41 -14.90 -143.70 -17.06
CA SER JA 41 -15.76 -143.15 -18.09
C SER JA 41 -16.47 -141.90 -17.62
N HIS JA 42 -16.77 -141.79 -16.33
CA HIS JA 42 -17.50 -140.65 -15.84
C HIS JA 42 -16.70 -139.37 -15.84
N LEU JA 43 -15.41 -139.40 -16.20
CA LEU JA 43 -14.64 -138.17 -16.29
C LEU JA 43 -13.71 -138.16 -17.49
N ALA JA 44 -14.06 -138.88 -18.55
CA ALA JA 44 -13.22 -138.88 -19.74
C ALA JA 44 -13.11 -137.48 -20.34
N ILE JA 45 -14.23 -136.77 -20.38
CA ILE JA 45 -14.25 -135.36 -20.75
C ILE JA 45 -14.47 -134.55 -19.49
N SER JA 46 -13.63 -133.55 -19.28
CA SER JA 46 -13.67 -132.80 -18.03
C SER JA 46 -13.59 -131.31 -18.30
N THR JA 47 -14.05 -130.54 -17.32
CA THR JA 47 -13.84 -129.11 -17.30
C THR JA 47 -13.72 -128.68 -15.84
N GLY JA 48 -12.77 -127.81 -15.56
CA GLY JA 48 -12.54 -127.38 -14.19
C GLY JA 48 -11.91 -128.46 -13.35
N SER JA 49 -11.70 -128.11 -12.08
CA SER JA 49 -11.07 -129.02 -11.13
C SER JA 49 -12.06 -129.61 -10.14
N LEU JA 50 -13.33 -129.22 -10.19
CA LEU JA 50 -14.27 -129.67 -9.18
C LEU JA 50 -14.47 -131.18 -9.28
N PRO JA 51 -14.48 -131.89 -8.16
CA PRO JA 51 -14.76 -133.33 -8.22
C PRO JA 51 -16.17 -133.59 -8.70
N VAL JA 52 -16.36 -134.74 -9.31
CA VAL JA 52 -17.64 -135.10 -9.92
C VAL JA 52 -18.35 -136.09 -9.01
N TRP JA 53 -19.53 -135.70 -8.54
CA TRP JA 53 -20.34 -136.59 -7.72
C TRP JA 53 -21.78 -136.12 -7.79
N SER JA 54 -22.69 -137.02 -7.40
CA SER JA 54 -24.11 -136.78 -7.57
C SER JA 54 -24.87 -137.30 -6.35
N ALA JA 55 -26.20 -137.16 -6.39
CA ALA JA 55 -27.01 -137.48 -5.22
C ALA JA 55 -26.88 -138.95 -4.85
N ARG JA 56 -26.98 -139.85 -5.81
CA ARG JA 56 -26.82 -141.28 -5.54
C ARG JA 56 -25.43 -141.78 -5.82
N TYR JA 57 -24.51 -140.89 -6.19
CA TYR JA 57 -23.08 -141.19 -6.25
C TYR JA 57 -22.33 -140.06 -5.60
N PRO JA 58 -22.41 -139.95 -4.27
CA PRO JA 58 -21.99 -138.73 -3.57
C PRO JA 58 -20.52 -138.66 -3.20
N SER JA 59 -19.69 -139.60 -3.60
CA SER JA 59 -18.27 -139.54 -3.32
C SER JA 59 -17.50 -139.98 -4.55
N VAL JA 60 -16.25 -139.52 -4.64
CA VAL JA 60 -15.44 -139.85 -5.80
C VAL JA 60 -15.26 -141.36 -5.91
N ALA JA 61 -15.25 -142.06 -4.78
CA ALA JA 61 -15.09 -143.50 -4.81
C ALA JA 61 -16.42 -144.23 -4.98
N SER JA 62 -17.55 -143.52 -4.92
CA SER JA 62 -18.84 -144.19 -4.86
C SER JA 62 -19.07 -145.06 -6.09
N ARG JA 63 -18.77 -144.53 -7.27
CA ARG JA 63 -19.04 -145.29 -8.49
C ARG JA 63 -18.26 -146.59 -8.51
N ASN JA 64 -16.97 -146.53 -8.17
CA ASN JA 64 -16.18 -147.74 -8.17
C ASN JA 64 -16.67 -148.74 -7.15
N ILE JA 65 -17.05 -148.26 -5.96
CA ILE JA 65 -17.56 -149.16 -4.94
C ILE JA 65 -18.78 -149.90 -5.45
N ILE JA 66 -19.70 -149.17 -6.07
CA ILE JA 66 -20.91 -149.79 -6.60
C ILE JA 66 -20.55 -150.84 -7.64
N VAL JA 67 -19.63 -150.50 -8.54
CA VAL JA 67 -19.21 -151.45 -9.57
C VAL JA 67 -18.67 -152.72 -8.92
N ASN JA 68 -17.85 -152.56 -7.89
CA ASN JA 68 -17.29 -153.72 -7.21
C ASN JA 68 -18.39 -154.59 -6.62
N THR JA 69 -19.33 -153.97 -5.92
CA THR JA 69 -20.45 -154.73 -5.37
C THR JA 69 -21.26 -155.38 -6.48
N LEU JA 70 -21.48 -154.65 -7.57
CA LEU JA 70 -22.24 -155.19 -8.68
C LEU JA 70 -21.58 -156.45 -9.22
N LEU JA 71 -20.26 -156.41 -9.41
CA LEU JA 71 -19.56 -157.57 -9.94
C LEU JA 71 -19.69 -158.77 -9.02
N GLY JA 72 -19.81 -158.53 -7.71
CA GLY JA 72 -19.83 -159.63 -6.77
C GLY JA 72 -20.96 -160.61 -7.01
N ALA JA 73 -22.01 -160.19 -7.70
CA ALA JA 73 -23.17 -161.04 -7.90
C ALA JA 73 -23.10 -161.85 -9.18
N HIS JA 74 -22.18 -161.54 -10.10
CA HIS JA 74 -22.22 -162.14 -11.42
C HIS JA 74 -20.93 -162.85 -11.80
N LEU JA 75 -19.97 -162.97 -10.89
CA LEU JA 75 -18.70 -163.62 -11.21
C LEU JA 75 -18.73 -165.11 -10.91
N ASN JA 76 -19.92 -165.72 -10.88
CA ASN JA 76 -20.01 -167.15 -10.60
C ASN JA 76 -19.17 -168.02 -11.53
N PRO JA 77 -19.05 -167.74 -12.83
CA PRO JA 77 -18.25 -168.63 -13.69
C PRO JA 77 -16.85 -168.89 -13.17
N PHE JA 78 -16.22 -167.90 -12.55
CA PHE JA 78 -14.89 -168.11 -12.01
C PHE JA 78 -14.89 -168.79 -10.66
N ALA JA 79 -16.06 -169.13 -10.15
CA ALA JA 79 -16.16 -169.92 -8.94
C ALA JA 79 -16.87 -171.25 -9.17
N GLY JA 80 -18.03 -171.23 -9.82
CA GLY JA 80 -18.77 -172.43 -10.12
C GLY JA 80 -18.58 -172.95 -11.52
N GLY JA 81 -17.81 -172.26 -12.35
CA GLY JA 81 -17.61 -172.73 -13.70
C GLY JA 81 -18.79 -172.54 -14.62
N GLN JA 82 -19.83 -171.84 -14.18
CA GLN JA 82 -21.02 -171.66 -14.99
C GLN JA 82 -21.54 -170.24 -14.86
N VAL JA 83 -22.18 -169.77 -15.92
CA VAL JA 83 -22.88 -168.49 -15.88
C VAL JA 83 -24.21 -168.68 -15.19
N THR JA 84 -24.60 -167.72 -14.37
CA THR JA 84 -25.85 -167.77 -13.64
C THR JA 84 -26.60 -166.46 -13.86
N SER JA 85 -27.78 -166.36 -13.26
CA SER JA 85 -28.60 -165.17 -13.35
C SER JA 85 -29.01 -164.75 -11.95
N HIS JA 86 -29.18 -163.44 -11.77
CA HIS JA 86 -29.60 -162.90 -10.49
C HIS JA 86 -30.68 -161.86 -10.75
N GLN JA 87 -31.86 -162.06 -10.16
CA GLN JA 87 -32.99 -161.17 -10.36
C GLN JA 87 -33.31 -161.00 -11.84
N GLY JA 88 -33.20 -162.09 -12.58
CA GLY JA 88 -33.59 -162.08 -13.98
C GLY JA 88 -32.64 -161.36 -14.91
N ILE JA 89 -31.39 -161.18 -14.52
CA ILE JA 89 -30.40 -160.51 -15.36
C ILE JA 89 -29.14 -161.37 -15.40
N THR JA 90 -28.54 -161.47 -16.57
CA THR JA 90 -27.32 -162.25 -16.76
C THR JA 90 -26.54 -161.68 -17.93
N TRP JA 91 -25.48 -162.37 -18.32
CA TRP JA 91 -24.64 -161.92 -19.41
C TRP JA 91 -25.27 -162.25 -20.75
N ARG JA 92 -24.94 -161.42 -21.75
CA ARG JA 92 -25.43 -161.68 -23.11
C ARG JA 92 -24.83 -162.95 -23.67
N ASP JA 93 -23.56 -163.20 -23.41
CA ASP JA 93 -22.81 -164.22 -24.11
C ASP JA 93 -21.75 -164.78 -23.18
N PRO JA 94 -21.20 -165.96 -23.48
CA PRO JA 94 -20.13 -166.50 -22.65
C PRO JA 94 -18.91 -165.60 -22.58
N VAL JA 95 -18.71 -164.74 -23.59
CA VAL JA 95 -17.63 -163.77 -23.54
C VAL JA 95 -17.88 -162.68 -22.50
N LEU JA 96 -19.10 -162.59 -21.97
CA LEU JA 96 -19.44 -161.62 -20.94
C LEU JA 96 -19.29 -160.19 -21.46
N SER JA 97 -19.84 -159.95 -22.66
CA SER JA 97 -19.76 -158.62 -23.24
C SER JA 97 -20.50 -157.60 -22.39
N SER JA 98 -21.72 -157.94 -21.97
CA SER JA 98 -22.53 -157.02 -21.18
C SER JA 98 -23.65 -157.81 -20.51
N LEU JA 99 -24.37 -157.13 -19.63
CA LEU JA 99 -25.49 -157.72 -18.91
C LEU JA 99 -26.80 -157.37 -19.59
N ALA JA 100 -27.77 -158.27 -19.47
CA ALA JA 100 -29.04 -158.12 -20.16
C ALA JA 100 -30.07 -158.97 -19.44
N PRO JA 101 -31.36 -158.68 -19.62
CA PRO JA 101 -32.40 -159.53 -19.03
C PRO JA 101 -32.31 -160.95 -19.58
N VAL JA 102 -32.64 -161.91 -18.73
CA VAL JA 102 -32.51 -163.32 -19.12
C VAL JA 102 -33.49 -163.62 -20.26
N PRO JA 103 -33.05 -164.28 -21.32
CA PRO JA 103 -33.99 -164.68 -22.37
C PRO JA 103 -34.84 -165.85 -21.93
N ALA JA 104 -36.04 -165.92 -22.50
CA ALA JA 104 -36.98 -166.99 -22.19
C ALA JA 104 -36.83 -168.17 -23.15
N ILE JA 105 -35.59 -168.64 -23.33
CA ILE JA 105 -35.32 -169.78 -24.18
C ILE JA 105 -34.59 -170.84 -23.38
N GLN JA 106 -33.38 -170.51 -22.91
CA GLN JA 106 -32.58 -171.39 -22.08
C GLN JA 106 -32.10 -170.61 -20.86
N PRO JA 107 -33.00 -170.37 -19.91
CA PRO JA 107 -32.64 -169.57 -18.74
C PRO JA 107 -31.55 -170.27 -17.94
N PRO JA 108 -30.46 -169.57 -17.63
CA PRO JA 108 -29.41 -170.16 -16.81
C PRO JA 108 -29.89 -170.35 -15.39
N PRO JA 109 -29.25 -171.22 -14.62
CA PRO JA 109 -29.68 -171.44 -13.24
C PRO JA 109 -29.51 -170.18 -12.39
N VAL JA 110 -30.36 -170.06 -11.39
CA VAL JA 110 -30.36 -168.88 -10.53
C VAL JA 110 -29.14 -168.93 -9.62
N TRP JA 111 -28.46 -167.79 -9.51
CA TRP JA 111 -27.29 -167.72 -8.65
C TRP JA 111 -27.67 -167.86 -7.19
N ALA JA 112 -26.85 -168.59 -6.43
CA ALA JA 112 -27.02 -168.71 -5.00
C ALA JA 112 -26.23 -167.59 -4.33
N VAL JA 113 -26.89 -166.84 -3.45
CA VAL JA 113 -26.28 -165.67 -2.86
C VAL JA 113 -25.22 -166.10 -1.85
N ALA JA 114 -24.02 -165.51 -1.98
CA ALA JA 114 -22.94 -165.76 -1.05
C ALA JA 114 -21.98 -164.58 -1.13
N GLU JA 115 -21.05 -164.51 -0.17
CA GLU JA 115 -20.10 -163.41 -0.09
C GLU JA 115 -18.69 -163.96 0.08
N ASN JA 116 -17.72 -163.17 -0.36
CA ASN JA 116 -16.30 -163.49 -0.21
C ASN JA 116 -15.95 -164.86 -0.79
N VAL JA 117 -16.49 -165.13 -1.96
CA VAL JA 117 -16.17 -166.40 -2.63
C VAL JA 117 -14.83 -166.25 -3.34
N PRO JA 118 -13.88 -167.17 -3.12
CA PRO JA 118 -12.62 -167.10 -3.85
C PRO JA 118 -12.83 -167.36 -5.33
N LEU JA 119 -11.99 -166.74 -6.15
CA LEU JA 119 -12.11 -166.81 -7.59
C LEU JA 119 -10.85 -167.38 -8.22
N ASP JA 120 -11.04 -168.12 -9.31
CA ASP JA 120 -9.93 -168.68 -10.06
C ASP JA 120 -10.34 -168.77 -11.52
N SER JA 121 -9.53 -168.16 -12.39
CA SER JA 121 -9.86 -168.12 -13.81
C SER JA 121 -9.87 -169.49 -14.45
N ASN JA 122 -9.14 -170.45 -13.89
CA ASN JA 122 -9.11 -171.79 -14.48
C ASN JA 122 -10.42 -172.54 -14.32
N ASN JA 123 -11.34 -172.04 -13.50
CA ASN JA 123 -12.66 -172.65 -13.40
C ASN JA 123 -13.50 -172.44 -14.64
N TYR JA 124 -13.10 -171.54 -15.54
CA TYR JA 124 -13.92 -171.15 -16.69
C TYR JA 124 -13.07 -171.26 -17.94
N PRO JA 125 -13.01 -172.43 -18.57
CA PRO JA 125 -12.02 -172.65 -19.63
C PRO JA 125 -12.16 -171.68 -20.80
N THR JA 126 -13.36 -171.25 -21.13
CA THR JA 126 -13.55 -170.41 -22.30
C THR JA 126 -12.77 -169.10 -22.22
N TYR JA 127 -12.45 -168.65 -21.00
CA TYR JA 127 -11.67 -167.43 -20.86
C TYR JA 127 -10.31 -167.56 -21.53
N VAL JA 128 -9.65 -168.70 -21.32
CA VAL JA 128 -8.34 -168.91 -21.93
C VAL JA 128 -8.44 -168.88 -23.43
N LEU JA 129 -9.48 -169.50 -23.99
CA LEU JA 129 -9.65 -169.52 -25.43
C LEU JA 129 -9.89 -168.12 -25.99
N ASN JA 130 -10.71 -167.33 -25.31
CA ASN JA 130 -11.05 -165.99 -25.77
C ASN JA 130 -10.26 -164.92 -25.03
N LEU JA 131 -9.01 -165.23 -24.68
CA LEU JA 131 -8.21 -164.30 -23.89
C LEU JA 131 -8.06 -162.96 -24.59
N SER JA 132 -7.91 -162.98 -25.91
CA SER JA 132 -7.64 -161.75 -26.65
C SER JA 132 -8.77 -160.74 -26.50
N SER JA 133 -10.00 -161.20 -26.28
CA SER JA 133 -11.13 -160.30 -26.15
C SER JA 133 -11.68 -160.21 -24.73
N MET JA 134 -11.30 -161.11 -23.84
CA MET JA 134 -11.73 -161.05 -22.45
C MET JA 134 -10.65 -160.48 -21.55
N TRP JA 135 -9.57 -159.95 -22.11
CA TRP JA 135 -8.48 -159.42 -21.32
C TRP JA 135 -8.90 -158.38 -20.28
N PRO JA 136 -9.76 -157.41 -20.59
CA PRO JA 136 -10.10 -156.40 -19.56
C PRO JA 136 -10.69 -156.99 -18.30
N ILE JA 137 -11.30 -158.17 -18.38
CA ILE JA 137 -11.83 -158.80 -17.17
C ILE JA 137 -10.71 -159.00 -16.16
N ASN JA 138 -9.53 -159.38 -16.64
CA ASN JA 138 -8.39 -159.59 -15.75
C ASN JA 138 -8.13 -158.36 -14.90
N GLN JA 139 -8.07 -157.18 -15.53
CA GLN JA 139 -7.76 -155.97 -14.79
C GLN JA 139 -8.84 -155.66 -13.77
N ASP JA 140 -10.11 -155.67 -14.20
CA ASP JA 140 -11.18 -155.25 -13.32
C ASP JA 140 -11.33 -156.19 -12.13
N VAL JA 141 -11.25 -157.50 -12.36
CA VAL JA 141 -11.38 -158.44 -11.26
C VAL JA 141 -10.28 -158.20 -10.23
N HIS JA 142 -9.06 -158.01 -10.71
CA HIS JA 142 -7.95 -157.76 -9.80
C HIS JA 142 -8.21 -156.50 -8.98
N ILE JA 143 -8.71 -155.45 -9.62
CA ILE JA 143 -9.00 -154.22 -8.92
C ILE JA 143 -10.05 -154.46 -7.84
N MET JA 144 -11.10 -155.20 -8.18
CA MET JA 144 -12.14 -155.48 -7.21
C MET JA 144 -11.56 -156.24 -6.01
N THR JA 145 -10.71 -157.22 -6.28
CA THR JA 145 -10.13 -157.99 -5.20
C THR JA 145 -9.28 -157.13 -4.30
N MET JA 146 -8.47 -156.24 -4.89
CA MET JA 146 -7.59 -155.40 -4.09
C MET JA 146 -8.38 -154.48 -3.18
N TRP JA 147 -9.62 -154.17 -3.55
CA TRP JA 147 -10.45 -153.36 -2.67
C TRP JA 147 -11.22 -154.20 -1.68
N ALA JA 148 -11.66 -155.38 -2.10
CA ALA JA 148 -12.47 -156.22 -1.22
C ALA JA 148 -11.68 -156.66 0.00
N LEU JA 149 -10.35 -156.76 -0.12
CA LEU JA 149 -9.54 -157.28 0.97
C LEU JA 149 -9.43 -156.33 2.14
N SER JA 150 -9.88 -155.08 2.00
CA SER JA 150 -9.69 -154.08 3.03
C SER JA 150 -11.03 -153.53 3.50
N ASP JA 151 -11.14 -153.35 4.81
CA ASP JA 151 -12.30 -152.73 5.42
C ASP JA 151 -12.18 -151.22 5.49
N GLN JA 152 -11.04 -150.65 5.13
CA GLN JA 152 -10.76 -149.26 5.39
C GLN JA 152 -10.24 -148.49 4.18
N GLY JA 153 -9.56 -149.13 3.25
CA GLY JA 153 -9.01 -148.45 2.10
C GLY JA 153 -8.27 -149.39 1.19
N PRO JA 154 -8.27 -149.10 -0.11
CA PRO JA 154 -7.73 -150.06 -1.09
C PRO JA 154 -6.27 -150.37 -0.83
N ILE JA 155 -5.91 -151.62 -1.11
CA ILE JA 155 -4.55 -152.11 -0.92
C ILE JA 155 -3.83 -152.07 -2.25
N TYR JA 156 -2.59 -151.58 -2.24
CA TYR JA 156 -1.75 -151.59 -3.44
C TYR JA 156 -0.31 -151.85 -3.02
N HIS JA 157 0.55 -151.97 -4.02
CA HIS JA 157 1.89 -152.51 -3.84
C HIS JA 157 2.95 -151.55 -4.34
N LEU JA 158 4.09 -151.53 -3.65
CA LEU JA 158 5.22 -150.70 -3.99
C LEU JA 158 6.47 -151.55 -4.06
N GLU JA 159 7.42 -151.15 -4.89
CA GLU JA 159 8.74 -151.77 -4.90
C GLU JA 159 9.72 -150.89 -5.65
N VAL JA 160 10.99 -151.03 -5.29
CA VAL JA 160 12.09 -150.36 -5.97
C VAL JA 160 13.28 -151.31 -6.06
N PRO JA 161 13.85 -151.51 -7.23
CA PRO JA 161 14.99 -152.43 -7.36
C PRO JA 161 16.29 -151.76 -6.97
N VAL JA 162 17.34 -152.58 -6.88
CA VAL JA 162 18.65 -152.06 -6.52
C VAL JA 162 19.31 -151.33 -7.68
N ASP JA 163 19.00 -151.72 -8.90
CA ASP JA 163 19.59 -151.08 -10.06
C ASP JA 163 18.99 -149.71 -10.29
N PRO JA 164 19.71 -148.81 -10.95
CA PRO JA 164 19.14 -147.53 -11.32
C PRO JA 164 18.07 -147.72 -12.39
N MET JA 165 17.30 -146.67 -12.60
CA MET JA 165 16.20 -146.72 -13.55
C MET JA 165 16.73 -147.04 -14.94
N PRO JA 166 16.29 -148.12 -15.57
CA PRO JA 166 16.82 -148.48 -16.88
C PRO JA 166 16.50 -147.43 -17.93
N ALA JA 167 17.39 -147.31 -18.91
CA ALA JA 167 17.31 -146.22 -19.87
C ALA JA 167 16.02 -146.27 -20.66
N ALA JA 168 15.59 -147.46 -21.08
CA ALA JA 168 14.39 -147.58 -21.88
C ALA JA 168 13.20 -146.96 -21.19
N THR JA 169 13.06 -147.19 -19.88
CA THR JA 169 11.97 -146.58 -19.14
C THR JA 169 12.08 -145.07 -19.16
N THR JA 170 13.30 -144.55 -19.00
CA THR JA 170 13.49 -143.10 -19.03
C THR JA 170 12.99 -142.51 -20.34
N ALA JA 171 13.19 -143.24 -21.44
CA ALA JA 171 12.70 -142.78 -22.73
C ALA JA 171 11.19 -142.64 -22.72
N ALA JA 172 10.50 -143.57 -22.07
CA ALA JA 172 9.05 -143.50 -22.02
C ALA JA 172 8.57 -142.43 -21.05
N LEU JA 173 9.30 -142.22 -19.95
CA LEU JA 173 8.82 -141.33 -18.91
C LEU JA 173 8.72 -139.89 -19.40
N MET JA 174 9.65 -139.47 -20.27
CA MET JA 174 9.65 -138.09 -20.70
C MET JA 174 8.39 -137.74 -21.47
N ALA JA 175 7.62 -138.74 -21.90
CA ALA JA 175 6.34 -138.47 -22.53
C ALA JA 175 5.30 -137.98 -21.55
N TYR JA 176 5.56 -138.04 -20.25
CA TYR JA 176 4.56 -137.73 -19.24
C TYR JA 176 5.02 -136.62 -18.31
N ILE JA 177 5.69 -135.64 -18.86
CA ILE JA 177 6.08 -134.47 -18.09
C ILE JA 177 4.88 -133.55 -17.93
N GLY JA 178 4.74 -132.96 -16.75
CA GLY JA 178 3.73 -131.93 -16.56
C GLY JA 178 2.31 -132.41 -16.75
N VAL JA 179 1.97 -133.56 -16.20
CA VAL JA 179 0.61 -134.06 -16.27
C VAL JA 179 0.18 -134.47 -14.86
N PRO JA 180 -1.03 -134.13 -14.43
CA PRO JA 180 -1.42 -134.44 -13.05
C PRO JA 180 -1.58 -135.93 -12.82
N ILE JA 181 -1.52 -136.29 -11.54
CA ILE JA 181 -1.55 -137.70 -11.17
C ILE JA 181 -2.85 -138.35 -11.63
N ALA JA 182 -3.96 -137.62 -11.54
CA ALA JA 182 -5.26 -138.18 -11.90
C ALA JA 182 -5.27 -138.60 -13.36
N HIS JA 183 -4.76 -137.75 -14.25
CA HIS JA 183 -4.67 -138.12 -15.65
C HIS JA 183 -3.79 -139.34 -15.83
N LEU JA 184 -2.67 -139.40 -15.12
CA LEU JA 184 -1.77 -140.54 -15.24
C LEU JA 184 -2.49 -141.82 -14.86
N ALA JA 185 -3.26 -141.79 -13.78
CA ALA JA 185 -4.00 -142.98 -13.38
C ALA JA 185 -4.95 -143.42 -14.47
N GLN JA 186 -5.65 -142.46 -15.08
CA GLN JA 186 -6.55 -142.80 -16.18
C GLN JA 186 -5.78 -143.45 -17.32
N THR JA 187 -4.62 -142.91 -17.67
CA THR JA 187 -3.81 -143.51 -18.72
C THR JA 187 -3.37 -144.91 -18.32
N ALA JA 188 -2.92 -145.08 -17.08
CA ALA JA 188 -2.47 -146.39 -16.64
C ALA JA 188 -3.60 -147.39 -16.70
N TYR JA 189 -4.81 -146.98 -16.30
CA TYR JA 189 -5.95 -147.88 -16.36
C TYR JA 189 -6.22 -148.31 -17.80
N ARG JA 190 -6.16 -147.37 -18.73
CA ARG JA 190 -6.43 -147.70 -20.12
C ARG JA 190 -5.39 -148.67 -20.68
N PHE JA 191 -4.12 -148.45 -20.34
CA PHE JA 191 -3.06 -149.27 -20.90
C PHE JA 191 -3.29 -150.75 -20.61
N ALA JA 192 -3.38 -151.10 -19.34
CA ALA JA 192 -3.61 -152.49 -18.98
C ALA JA 192 -5.02 -152.95 -19.28
N GLY JA 193 -5.86 -152.09 -19.83
CA GLY JA 193 -7.27 -152.40 -19.99
C GLY JA 193 -7.64 -153.15 -21.25
N GLN JA 194 -7.13 -152.72 -22.39
CA GLN JA 194 -7.69 -153.20 -23.64
C GLN JA 194 -7.07 -154.51 -24.13
N LEU JA 195 -5.75 -154.57 -24.27
CA LEU JA 195 -5.18 -155.76 -24.88
C LEU JA 195 -4.21 -156.45 -23.93
N PRO JA 196 -4.05 -157.78 -24.07
CA PRO JA 196 -3.11 -158.48 -23.19
C PRO JA 196 -1.68 -158.03 -23.42
N GLN JA 197 -0.92 -157.97 -22.33
CA GLN JA 197 0.45 -157.48 -22.35
C GLN JA 197 1.36 -158.46 -21.63
N SER JA 198 2.64 -158.40 -21.97
CA SER JA 198 3.58 -159.27 -21.28
C SER JA 198 4.00 -158.63 -19.95
N PRO JA 199 4.24 -159.44 -18.92
CA PRO JA 199 4.75 -158.87 -17.67
C PRO JA 199 6.06 -158.15 -17.86
N ASP JA 200 6.92 -158.68 -18.72
CA ASP JA 200 8.15 -157.99 -19.11
C ASP JA 200 7.80 -157.04 -20.24
N SER JA 201 7.79 -155.74 -19.95
CA SER JA 201 7.50 -154.74 -20.97
C SER JA 201 7.95 -153.39 -20.47
N THR JA 202 8.44 -152.56 -21.39
CA THR JA 202 8.92 -151.23 -21.01
C THR JA 202 7.81 -150.44 -20.34
N MET JA 203 6.61 -150.48 -20.90
CA MET JA 203 5.51 -149.72 -20.35
C MET JA 203 5.19 -150.17 -18.93
N VAL JA 204 5.22 -151.47 -18.68
CA VAL JA 204 4.87 -151.99 -17.36
C VAL JA 204 5.85 -151.46 -16.32
N SER JA 205 7.14 -151.61 -16.58
CA SER JA 205 8.13 -151.12 -15.63
C SER JA 205 8.03 -149.61 -15.50
N THR JA 206 7.67 -148.91 -16.57
CA THR JA 206 7.51 -147.47 -16.50
C THR JA 206 6.48 -147.09 -15.45
N ILE JA 207 5.30 -147.68 -15.51
CA ILE JA 207 4.26 -147.35 -14.55
C ILE JA 207 4.69 -147.77 -13.16
N ARG JA 208 5.41 -148.89 -13.05
CA ARG JA 208 5.89 -149.32 -11.75
C ARG JA 208 6.74 -148.25 -11.10
N TRP JA 209 7.66 -147.65 -11.87
CA TRP JA 209 8.47 -146.56 -11.34
C TRP JA 209 7.60 -145.37 -10.98
N LEU JA 210 6.61 -145.05 -11.82
CA LEU JA 210 5.73 -143.93 -11.53
C LEU JA 210 5.09 -144.09 -10.17
N SER JA 211 4.56 -145.28 -9.89
CA SER JA 211 3.95 -145.51 -8.59
C SER JA 211 4.94 -145.27 -7.47
N ALA JA 212 6.16 -145.78 -7.63
CA ALA JA 212 7.18 -145.57 -6.61
C ALA JA 212 7.50 -144.10 -6.46
N ILE JA 213 7.68 -143.40 -7.57
CA ILE JA 213 8.07 -142.00 -7.52
C ILE JA 213 7.02 -141.18 -6.81
N TRP JA 214 5.74 -141.40 -7.15
CA TRP JA 214 4.69 -140.62 -6.53
C TRP JA 214 4.67 -140.80 -5.03
N PHE JA 215 4.83 -142.04 -4.57
CA PHE JA 215 4.89 -142.26 -3.13
C PHE JA 215 6.06 -141.55 -2.50
N GLY JA 216 7.22 -141.60 -3.15
CA GLY JA 216 8.37 -140.88 -2.62
C GLY JA 216 8.11 -139.40 -2.47
N SER JA 217 7.44 -138.81 -3.46
CA SER JA 217 7.05 -137.41 -3.34
C SER JA 217 5.95 -137.24 -2.31
N LEU JA 218 5.07 -138.24 -2.16
CA LEU JA 218 3.96 -138.10 -1.22
C LEU JA 218 4.48 -137.88 0.19
N THR JA 219 5.48 -138.64 0.59
CA THR JA 219 6.12 -138.41 1.89
C THR JA 219 6.97 -137.14 1.88
N GLY JA 220 7.19 -136.54 0.72
CA GLY JA 220 8.11 -135.44 0.62
C GLY JA 220 9.56 -135.84 0.56
N ARG JA 221 9.86 -137.13 0.67
CA ARG JA 221 11.24 -137.58 0.58
C ARG JA 221 11.85 -137.21 -0.76
N LEU JA 222 11.06 -137.32 -1.82
CA LEU JA 222 11.45 -136.84 -3.15
C LEU JA 222 10.85 -135.46 -3.36
N ASN JA 223 11.69 -134.52 -3.79
CA ASN JA 223 11.26 -133.16 -4.05
C ASN JA 223 12.23 -132.55 -5.04
N ARG JA 224 12.00 -131.27 -5.38
CA ARG JA 224 12.81 -130.65 -6.41
C ARG JA 224 14.27 -130.50 -6.01
N SER JA 225 14.60 -130.70 -4.73
CA SER JA 225 15.99 -130.75 -4.33
C SER JA 225 16.57 -132.15 -4.38
N ARG JA 226 15.73 -133.17 -4.41
CA ARG JA 226 16.19 -134.56 -4.40
C ARG JA 226 15.25 -135.35 -5.31
N THR JA 227 15.67 -135.55 -6.55
CA THR JA 227 14.86 -136.24 -7.54
C THR JA 227 15.23 -137.72 -7.60
N CYS JA 228 14.32 -138.51 -8.16
CA CYS JA 228 14.60 -139.91 -8.38
C CYS JA 228 15.61 -140.10 -9.49
N ASN JA 229 15.25 -139.67 -10.70
CA ASN JA 229 16.16 -139.69 -11.83
C ASN JA 229 16.00 -138.40 -12.61
N GLY JA 230 15.95 -137.29 -11.87
CA GLY JA 230 15.51 -136.03 -12.41
C GLY JA 230 14.02 -135.82 -12.30
N PHE JA 231 13.26 -136.88 -12.05
CA PHE JA 231 11.82 -136.79 -11.94
C PHE JA 231 11.41 -136.59 -10.48
N TYR JA 232 10.22 -136.01 -10.32
CA TYR JA 232 9.59 -135.82 -9.02
C TYR JA 232 8.20 -135.23 -9.29
N PHE JA 233 7.41 -135.13 -8.23
CA PHE JA 233 6.06 -134.58 -8.32
C PHE JA 233 6.01 -133.24 -7.62
N GLU JA 234 5.43 -132.25 -8.31
CA GLU JA 234 5.28 -130.91 -7.78
C GLU JA 234 3.89 -130.75 -7.19
N PHE JA 235 3.80 -130.03 -6.07
CA PHE JA 235 2.55 -129.87 -5.35
C PHE JA 235 2.12 -128.40 -5.33
N ALA JA 236 0.82 -128.19 -5.23
CA ALA JA 236 0.25 -126.88 -5.04
C ALA JA 236 -0.11 -126.65 -3.58
N LYS JA 237 -0.36 -125.41 -3.23
CA LYS JA 237 -0.73 -125.08 -1.87
C LYS JA 237 -2.04 -125.77 -1.51
N PRO JA 238 -2.12 -126.45 -0.38
CA PRO JA 238 -3.34 -127.22 -0.06
C PRO JA 238 -4.56 -126.34 0.10
N ALA JA 239 -4.40 -125.04 0.35
CA ALA JA 239 -5.53 -124.16 0.52
C ALA JA 239 -6.35 -124.01 -0.75
N LEU JA 240 -5.80 -124.39 -1.90
CA LEU JA 240 -6.50 -124.25 -3.17
C LEU JA 240 -5.83 -125.17 -4.18
N ASN JA 241 -6.63 -125.95 -4.89
CA ASN JA 241 -6.12 -127.02 -5.73
C ASN JA 241 -5.24 -127.96 -4.90
N PRO JA 242 -5.78 -128.56 -3.83
CA PRO JA 242 -4.94 -129.40 -2.98
C PRO JA 242 -4.55 -130.72 -3.63
N ASP JA 243 -5.04 -130.99 -4.83
CA ASP JA 243 -4.85 -132.28 -5.46
C ASP JA 243 -4.13 -132.20 -6.81
N GLN JA 244 -3.81 -131.00 -7.29
CA GLN JA 244 -3.21 -130.85 -8.61
C GLN JA 244 -1.70 -131.00 -8.51
N ALA JA 245 -1.29 -132.22 -8.19
CA ALA JA 245 0.12 -132.58 -8.20
C ALA JA 245 0.47 -133.15 -9.57
N VAL JA 246 1.51 -132.62 -10.19
CA VAL JA 246 1.92 -133.04 -11.52
C VAL JA 246 3.36 -133.52 -11.47
N LEU JA 247 3.78 -134.16 -12.56
CA LEU JA 247 5.12 -134.69 -12.66
C LEU JA 247 6.06 -133.66 -13.28
N LYS JA 248 7.27 -133.58 -12.76
CA LYS JA 248 8.26 -132.64 -13.23
C LYS JA 248 9.61 -133.33 -13.36
N TRP JA 249 10.41 -132.85 -14.31
CA TRP JA 249 11.77 -133.29 -14.48
C TRP JA 249 12.72 -132.13 -14.18
N ASN JA 250 13.85 -132.46 -13.56
CA ASN JA 250 14.75 -131.44 -13.06
C ASN JA 250 16.18 -131.93 -13.19
N ASP JA 251 17.12 -130.98 -13.22
CA ASP JA 251 18.52 -131.28 -13.42
C ASP JA 251 19.30 -131.39 -12.11
N GLY JA 252 18.65 -131.29 -10.96
CA GLY JA 252 19.33 -131.27 -9.69
C GLY JA 252 19.86 -132.62 -9.26
N ALA JA 253 20.10 -132.75 -7.96
CA ALA JA 253 20.68 -133.96 -7.41
C ALA JA 253 19.70 -135.12 -7.51
N ARG JA 254 20.25 -136.33 -7.47
CA ARG JA 254 19.46 -137.55 -7.55
C ARG JA 254 19.71 -138.40 -6.32
N ALA JA 255 18.65 -139.00 -5.79
CA ALA JA 255 18.78 -139.90 -4.67
C ALA JA 255 19.52 -141.16 -5.10
N ALA JA 256 20.40 -141.65 -4.23
CA ALA JA 256 21.15 -142.85 -4.55
C ALA JA 256 20.25 -144.08 -4.39
N PRO JA 257 20.54 -145.15 -5.12
CA PRO JA 257 19.70 -146.36 -5.05
C PRO JA 257 19.78 -146.99 -3.68
N PRO JA 258 18.77 -147.76 -3.29
CA PRO JA 258 18.78 -148.38 -1.97
C PRO JA 258 19.83 -149.47 -1.85
N ALA JA 259 20.17 -149.78 -0.61
CA ALA JA 259 21.14 -150.85 -0.37
C ALA JA 259 20.61 -152.19 -0.86
N ALA JA 260 19.34 -152.47 -0.61
CA ALA JA 260 18.73 -153.71 -1.04
C ALA JA 260 17.37 -153.40 -1.65
N ALA JA 261 16.80 -154.39 -2.33
CA ALA JA 261 15.50 -154.21 -2.95
C ALA JA 261 14.45 -153.95 -1.89
N GLN JA 262 13.58 -152.97 -2.17
CA GLN JA 262 12.52 -152.59 -1.25
C GLN JA 262 11.17 -152.91 -1.89
N SER JA 263 10.22 -153.34 -1.07
CA SER JA 263 8.88 -153.64 -1.54
C SER JA 263 7.96 -153.77 -0.34
N SER JA 264 6.73 -153.32 -0.50
CA SER JA 264 5.71 -153.45 0.54
C SER JA 264 4.35 -153.20 -0.05
N TYR JA 265 3.32 -153.58 0.70
CA TYR JA 265 1.95 -153.26 0.37
C TYR JA 265 1.51 -152.05 1.17
N MET JA 266 0.64 -151.24 0.57
CA MET JA 266 0.22 -149.97 1.16
C MET JA 266 -1.29 -149.89 1.22
N ARG JA 267 -1.77 -149.06 2.15
CA ARG JA 267 -3.19 -148.91 2.39
C ARG JA 267 -3.42 -147.58 3.10
N CYS JA 268 -4.58 -146.98 2.86
CA CYS JA 268 -5.00 -145.81 3.60
C CYS JA 268 -5.86 -146.25 4.78
N ILE JA 269 -5.49 -145.81 5.98
CA ILE JA 269 -6.10 -146.32 7.20
C ILE JA 269 -7.24 -145.44 7.69
N SER JA 270 -7.59 -144.41 6.93
CA SER JA 270 -8.64 -143.49 7.36
C SER JA 270 -9.67 -143.31 6.26
N PRO JA 271 -10.92 -143.04 6.61
CA PRO JA 271 -11.97 -142.94 5.58
C PRO JA 271 -11.78 -141.78 4.62
N HIS JA 272 -10.76 -140.93 4.82
CA HIS JA 272 -10.62 -139.75 3.97
C HIS JA 272 -10.51 -140.11 2.50
N TRP JA 273 -10.03 -141.31 2.20
CA TRP JA 273 -9.76 -141.67 0.81
C TRP JA 273 -11.03 -141.67 -0.02
N GLN JA 274 -12.18 -141.94 0.59
CA GLN JA 274 -13.40 -142.11 -0.18
C GLN JA 274 -13.81 -140.86 -0.93
N HIS JA 275 -13.28 -139.70 -0.56
CA HIS JA 275 -13.60 -138.46 -1.25
C HIS JA 275 -12.36 -137.66 -1.61
N GLN JA 276 -11.20 -138.30 -1.63
CA GLN JA 276 -9.94 -137.63 -1.98
C GLN JA 276 -9.38 -138.32 -3.22
N ILE JA 277 -9.29 -137.58 -4.32
CA ILE JA 277 -9.03 -138.19 -5.61
C ILE JA 277 -7.66 -138.84 -5.64
N VAL JA 278 -6.66 -138.21 -5.02
CA VAL JA 278 -5.29 -138.66 -5.19
C VAL JA 278 -5.08 -140.06 -4.64
N GLU JA 279 -5.76 -140.39 -3.54
CA GLU JA 279 -5.68 -141.75 -3.03
C GLU JA 279 -6.22 -142.74 -4.05
N VAL JA 280 -7.36 -142.42 -4.65
CA VAL JA 280 -7.95 -143.31 -5.65
C VAL JA 280 -7.01 -143.45 -6.83
N ALA JA 281 -6.46 -142.33 -7.30
CA ALA JA 281 -5.55 -142.38 -8.44
C ALA JA 281 -4.33 -143.24 -8.13
N GLY JA 282 -3.70 -142.99 -6.98
CA GLY JA 282 -2.50 -143.73 -6.64
C GLY JA 282 -2.77 -145.21 -6.50
N ALA JA 283 -3.85 -145.57 -5.83
CA ALA JA 283 -4.17 -146.98 -5.65
C ALA JA 283 -4.44 -147.65 -6.98
N LEU JA 284 -5.24 -147.02 -7.84
CA LEU JA 284 -5.57 -147.63 -9.11
C LEU JA 284 -4.32 -147.81 -9.98
N MET JA 285 -3.45 -146.80 -9.99
CA MET JA 285 -2.25 -146.90 -10.80
C MET JA 285 -1.40 -148.08 -10.37
N SER JA 286 -1.11 -148.19 -9.08
CA SER JA 286 -0.33 -149.32 -8.59
C SER JA 286 -1.04 -150.63 -8.87
N GLN JA 287 -2.35 -150.68 -8.61
CA GLN JA 287 -3.10 -151.90 -8.85
C GLN JA 287 -3.05 -152.31 -10.30
N SER JA 288 -2.99 -151.34 -11.22
CA SER JA 288 -2.92 -151.67 -12.63
C SER JA 288 -1.65 -152.46 -12.93
N VAL JA 289 -0.53 -152.07 -12.35
CA VAL JA 289 0.72 -152.80 -12.56
C VAL JA 289 0.59 -154.22 -12.04
N THR JA 290 0.10 -154.37 -10.82
CA THR JA 290 -0.06 -155.69 -10.25
C THR JA 290 -1.01 -156.53 -11.06
N ALA JA 291 -1.98 -155.89 -11.72
CA ALA JA 291 -2.95 -156.64 -12.51
C ALA JA 291 -2.28 -157.39 -13.65
N VAL JA 292 -1.44 -156.70 -14.42
CA VAL JA 292 -0.81 -157.35 -15.56
C VAL JA 292 0.23 -158.36 -15.10
N THR JA 293 0.97 -158.03 -14.05
CA THR JA 293 2.06 -158.90 -13.63
C THR JA 293 1.67 -159.88 -12.53
N GLY JA 294 0.48 -159.76 -11.98
CA GLY JA 294 0.10 -160.63 -10.88
C GLY JA 294 0.72 -160.17 -9.58
N LEU JA 295 0.33 -160.84 -8.50
CA LEU JA 295 0.85 -160.48 -7.19
C LEU JA 295 2.28 -160.98 -7.04
N PRO JA 296 3.22 -160.10 -6.69
CA PRO JA 296 4.59 -160.59 -6.41
C PRO JA 296 4.65 -161.60 -5.29
N ALA JA 297 3.84 -161.42 -4.24
CA ALA JA 297 3.87 -162.33 -3.10
C ALA JA 297 2.60 -162.13 -2.30
N LEU JA 298 2.37 -163.07 -1.39
CA LEU JA 298 1.19 -163.02 -0.54
C LEU JA 298 1.28 -161.85 0.44
N ILE JA 299 0.12 -161.40 0.89
CA ILE JA 299 0.02 -160.26 1.79
C ILE JA 299 -0.10 -160.77 3.22
N ASP JA 300 0.47 -160.01 4.15
CA ASP JA 300 0.41 -160.38 5.56
C ASP JA 300 -1.00 -160.21 6.10
N GLU JA 301 -1.51 -161.25 6.75
CA GLU JA 301 -2.87 -161.20 7.28
C GLU JA 301 -2.97 -160.36 8.54
N ALA JA 302 -1.83 -160.04 9.18
CA ALA JA 302 -1.85 -159.62 10.57
C ALA JA 302 -2.74 -158.41 10.81
N THR JA 303 -2.73 -157.45 9.89
CA THR JA 303 -3.43 -156.19 10.09
C THR JA 303 -4.75 -156.11 9.31
N LEU JA 304 -5.15 -157.18 8.67
CA LEU JA 304 -6.31 -157.15 7.80
C LEU JA 304 -7.58 -157.53 8.56
N PRO JA 305 -8.75 -157.19 8.01
CA PRO JA 305 -10.01 -157.58 8.67
C PRO JA 305 -10.21 -159.10 8.71
N ALA JA 306 -11.29 -159.52 9.35
CA ALA JA 306 -11.48 -160.93 9.65
C ALA JA 306 -11.66 -161.76 8.39
N TRP JA 307 -12.53 -161.31 7.48
CA TRP JA 307 -12.82 -162.12 6.30
C TRP JA 307 -11.61 -162.30 5.40
N SER JA 308 -10.61 -161.45 5.55
CA SER JA 308 -9.41 -161.51 4.73
C SER JA 308 -8.34 -162.42 5.31
N GLN JA 309 -8.61 -163.06 6.44
CA GLN JA 309 -7.60 -163.88 7.11
C GLN JA 309 -7.45 -165.20 6.38
N GLY JA 310 -6.30 -165.40 5.74
CA GLY JA 310 -6.00 -166.69 5.14
C GLY JA 310 -6.66 -166.97 3.81
N VAL JA 311 -6.77 -165.96 2.95
CA VAL JA 311 -7.33 -166.18 1.62
C VAL JA 311 -6.33 -166.97 0.79
N ALA JA 312 -6.86 -167.92 0.00
CA ALA JA 312 -6.03 -168.97 -0.60
C ALA JA 312 -4.84 -168.40 -1.34
N ASN JA 313 -5.08 -167.63 -2.40
CA ASN JA 313 -4.01 -167.11 -3.24
C ASN JA 313 -3.70 -165.65 -2.98
N LEU JA 314 -4.19 -165.10 -1.87
CA LEU JA 314 -4.04 -163.67 -1.61
C LEU JA 314 -3.29 -163.37 -0.34
N THR JA 315 -3.65 -163.99 0.77
CA THR JA 315 -3.10 -163.65 2.07
C THR JA 315 -2.47 -164.88 2.72
N GLY JA 316 -1.54 -164.61 3.63
CA GLY JA 316 -0.86 -165.68 4.32
C GLY JA 316 -0.07 -165.14 5.48
N ASN JA 317 0.58 -166.05 6.21
CA ASN JA 317 1.42 -165.67 7.34
C ASN JA 317 2.74 -166.43 7.34
N GLY JA 318 3.13 -167.01 6.21
CA GLY JA 318 4.34 -167.82 6.13
C GLY JA 318 5.59 -166.99 6.01
N GLN JA 319 6.59 -167.56 5.32
CA GLN JA 319 7.88 -166.89 5.21
C GLN JA 319 7.86 -165.81 4.14
N GLY JA 320 7.64 -166.20 2.89
CA GLY JA 320 7.66 -165.23 1.81
C GLY JA 320 6.39 -164.42 1.75
N VAL JA 321 6.15 -163.62 2.78
CA VAL JA 321 4.93 -162.82 2.89
C VAL JA 321 5.34 -161.37 3.06
N VAL JA 322 5.02 -160.55 2.10
CA VAL JA 322 5.36 -159.12 2.18
C VAL JA 322 4.44 -158.44 3.19
N PRO JA 323 4.97 -157.66 4.11
CA PRO JA 323 4.11 -156.93 5.05
C PRO JA 323 3.38 -155.80 4.34
N CYS JA 324 2.33 -155.33 5.00
CA CYS JA 324 1.51 -154.24 4.50
C CYS JA 324 1.50 -153.09 5.49
N LEU JA 325 1.82 -151.89 5.01
CA LEU JA 325 1.77 -150.70 5.83
C LEU JA 325 0.53 -149.88 5.49
N ASP JA 326 0.09 -149.09 6.46
CA ASP JA 326 -1.04 -148.20 6.28
C ASP JA 326 -0.73 -146.87 6.96
N TYR JA 327 -1.40 -145.82 6.51
CA TYR JA 327 -1.07 -144.48 6.96
C TYR JA 327 -2.32 -143.62 6.95
N ASN JA 328 -2.20 -142.46 7.59
CA ASN JA 328 -3.24 -141.46 7.64
C ASN JA 328 -2.76 -140.21 6.91
N PRO JA 329 -3.58 -139.63 6.03
CA PRO JA 329 -3.11 -138.49 5.24
C PRO JA 329 -2.63 -137.31 6.06
N VAL JA 330 -3.31 -137.00 7.17
CA VAL JA 330 -2.97 -135.80 7.92
C VAL JA 330 -1.57 -135.90 8.50
N PRO JA 331 -1.21 -136.94 9.25
CA PRO JA 331 0.20 -137.04 9.69
C PRO JA 331 1.15 -137.12 8.52
N MET JA 332 0.73 -137.74 7.42
CA MET JA 332 1.57 -137.82 6.24
C MET JA 332 1.91 -136.43 5.72
N ALA JA 333 0.91 -135.56 5.66
CA ALA JA 333 1.16 -134.19 5.23
C ALA JA 333 2.13 -133.49 6.16
N ALA JA 334 1.98 -133.70 7.47
CA ALA JA 334 2.89 -133.11 8.42
C ALA JA 334 4.32 -133.56 8.15
N ALA JA 335 4.50 -134.86 7.93
CA ALA JA 335 5.83 -135.35 7.62
C ALA JA 335 6.35 -134.75 6.33
N ARG JA 336 5.50 -134.63 5.31
CA ARG JA 336 5.92 -134.05 4.05
C ARG JA 336 6.38 -132.61 4.25
N HIS JA 337 5.61 -131.82 5.00
CA HIS JA 337 6.02 -130.45 5.27
C HIS JA 337 7.33 -130.42 6.04
N LEU JA 338 7.49 -131.31 7.01
CA LEU JA 338 8.72 -131.33 7.79
C LEU JA 338 9.91 -131.61 6.90
N GLN JA 339 9.77 -132.52 5.95
CA GLN JA 339 10.85 -132.78 5.01
C GLN JA 339 11.20 -131.53 4.23
N TRP JA 340 10.18 -130.77 3.81
CA TRP JA 340 10.43 -129.59 2.99
C TRP JA 340 11.26 -128.56 3.74
N ARG JA 341 10.92 -128.28 5.00
CA ARG JA 341 11.70 -127.30 5.75
C ARG JA 341 13.08 -127.84 6.09
N GLN JA 342 13.19 -129.15 6.35
CA GLN JA 342 14.50 -129.73 6.59
C GLN JA 342 15.37 -129.63 5.35
N ASP JA 343 14.82 -129.92 4.18
CA ASP JA 343 15.57 -129.72 2.96
C ASP JA 343 15.67 -128.26 2.57
N GLY JA 344 15.03 -127.36 3.32
CA GLY JA 344 15.19 -125.95 3.11
C GLY JA 344 14.29 -125.32 2.07
N LEU JA 345 13.29 -126.05 1.59
CA LEU JA 345 12.37 -125.46 0.62
C LEU JA 345 11.50 -124.38 1.25
N ILE JA 346 11.21 -124.51 2.54
CA ILE JA 346 10.30 -123.59 3.24
C ILE JA 346 10.88 -123.25 4.60
N THR JA 347 10.34 -122.19 5.19
CA THR JA 347 10.69 -121.81 6.55
C THR JA 347 9.68 -122.40 7.53
N ALA JA 348 10.09 -122.48 8.79
CA ALA JA 348 9.24 -123.09 9.81
C ALA JA 348 7.91 -122.36 9.93
N ALA JA 349 7.92 -121.05 9.71
CA ALA JA 349 6.66 -120.30 9.75
C ALA JA 349 5.69 -120.81 8.69
N GLN JA 350 6.19 -121.06 7.49
CA GLN JA 350 5.33 -121.62 6.46
C GLN JA 350 4.87 -123.02 6.83
N GLU JA 351 5.76 -123.84 7.40
CA GLU JA 351 5.39 -125.20 7.73
C GLU JA 351 4.22 -125.24 8.70
N ALA JA 352 4.24 -124.35 9.70
CA ALA JA 352 3.12 -124.27 10.62
C ALA JA 352 1.84 -123.92 9.88
N GLN JA 353 1.92 -122.96 8.96
CA GLN JA 353 0.73 -122.56 8.20
C GLN JA 353 0.19 -123.71 7.38
N LEU JA 354 1.08 -124.44 6.70
CA LEU JA 354 0.63 -125.53 5.83
C LEU JA 354 -0.13 -126.58 6.60
N ASN JA 355 0.38 -126.95 7.78
CA ASN JA 355 -0.32 -127.94 8.59
C ASN JA 355 -1.71 -127.44 8.97
N ASN JA 356 -1.81 -126.17 9.34
CA ASN JA 356 -3.12 -125.61 9.69
C ASN JA 356 -4.05 -125.67 8.49
N ASP JA 357 -3.56 -125.29 7.31
CA ASP JA 357 -4.40 -125.32 6.12
C ASP JA 357 -4.85 -126.74 5.81
N TYR JA 358 -3.91 -127.69 5.81
CA TYR JA 358 -4.27 -129.05 5.44
C TYR JA 358 -5.24 -129.66 6.43
N THR JA 359 -5.01 -129.45 7.72
CA THR JA 359 -5.90 -130.00 8.73
C THR JA 359 -7.32 -129.47 8.54
N ALA JA 360 -7.44 -128.17 8.29
CA ALA JA 360 -8.75 -127.59 8.03
C ALA JA 360 -9.38 -128.22 6.79
N TYR JA 361 -8.58 -128.40 5.74
CA TYR JA 361 -9.09 -129.03 4.53
C TYR JA 361 -9.54 -130.45 4.81
N ALA JA 362 -8.73 -131.22 5.54
CA ALA JA 362 -9.09 -132.59 5.85
C ALA JA 362 -10.37 -132.64 6.68
N LEU JA 363 -10.57 -131.64 7.54
CA LEU JA 363 -11.77 -131.63 8.37
C LEU JA 363 -13.02 -131.58 7.52
N THR JA 364 -12.99 -130.80 6.44
CA THR JA 364 -14.14 -130.72 5.55
C THR JA 364 -14.46 -132.09 4.95
N ILE JA 365 -13.42 -132.82 4.56
CA ILE JA 365 -13.63 -134.16 4.00
C ILE JA 365 -14.37 -135.03 5.00
N GLU JA 366 -13.89 -135.05 6.24
CA GLU JA 366 -14.56 -135.82 7.27
C GLU JA 366 -15.99 -135.35 7.47
N ARG JA 367 -16.17 -134.03 7.54
CA ARG JA 367 -17.51 -133.48 7.77
C ARG JA 367 -18.44 -133.84 6.63
N HIS JA 368 -17.95 -133.79 5.39
CA HIS JA 368 -18.78 -134.14 4.26
C HIS JA 368 -19.18 -135.62 4.30
N LEU JA 369 -18.20 -136.50 4.51
CA LEU JA 369 -18.48 -137.93 4.47
C LEU JA 369 -19.44 -138.33 5.59
N THR JA 370 -19.19 -137.87 6.81
CA THR JA 370 -20.02 -138.28 7.92
C THR JA 370 -21.46 -137.84 7.72
N ALA JA 371 -21.65 -136.64 7.16
CA ALA JA 371 -23.00 -136.20 6.82
C ALA JA 371 -23.57 -137.03 5.69
N MET JA 372 -22.72 -137.47 4.77
CA MET JA 372 -23.23 -138.23 3.63
C MET JA 372 -23.61 -139.65 4.03
N LEU JA 373 -22.95 -140.20 5.04
CA LEU JA 373 -23.23 -141.58 5.43
C LEU JA 373 -24.65 -141.73 5.94
N VAL JA 374 -25.09 -140.82 6.82
CA VAL JA 374 -26.42 -140.91 7.37
C VAL JA 374 -27.46 -140.70 6.28
N ALA JA 375 -27.11 -139.96 5.23
CA ALA JA 375 -28.02 -139.79 4.11
C ALA JA 375 -28.20 -141.06 3.31
N ASN JA 376 -27.26 -141.99 3.38
CA ASN JA 376 -27.30 -143.24 2.63
C ASN JA 376 -27.04 -144.40 3.57
N PRO JA 377 -27.98 -144.71 4.45
CA PRO JA 377 -27.78 -145.84 5.36
C PRO JA 377 -27.61 -147.13 4.57
N ILE JA 378 -26.70 -147.98 5.06
CA ILE JA 378 -26.38 -149.21 4.33
C ILE JA 378 -27.58 -150.15 4.31
N ALA JA 379 -28.48 -150.03 5.28
CA ALA JA 379 -29.66 -150.89 5.30
C ALA JA 379 -30.64 -150.54 4.21
N ALA JA 380 -30.44 -149.43 3.50
CA ALA JA 380 -31.37 -149.05 2.44
C ALA JA 380 -31.37 -150.08 1.32
N GLY JA 381 -30.21 -150.63 0.98
CA GLY JA 381 -30.14 -151.65 -0.04
C GLY JA 381 -28.93 -151.52 -0.95
N ARG JA 382 -28.33 -150.34 -0.99
CA ARG JA 382 -27.13 -150.11 -1.77
C ARG JA 382 -26.12 -149.39 -0.90
N MET JA 383 -24.84 -149.52 -1.25
CA MET JA 383 -23.73 -148.98 -0.46
C MET JA 383 -22.94 -148.02 -1.34
N PRO JA 384 -23.44 -146.80 -1.54
CA PRO JA 384 -22.65 -145.82 -2.29
C PRO JA 384 -21.34 -145.47 -1.61
N ILE JA 385 -21.29 -145.48 -0.28
CA ILE JA 385 -20.06 -145.21 0.44
C ILE JA 385 -19.87 -146.26 1.52
N GLN JA 386 -18.62 -146.58 1.80
CA GLN JA 386 -18.30 -147.61 2.76
C GLN JA 386 -18.49 -147.11 4.18
N PRO JA 387 -19.10 -147.91 5.05
CA PRO JA 387 -19.36 -147.46 6.43
C PRO JA 387 -18.08 -147.30 7.22
N PHE JA 388 -18.17 -146.52 8.28
CA PHE JA 388 -17.03 -146.25 9.16
C PHE JA 388 -17.54 -145.72 10.48
N ASN JA 389 -16.61 -145.51 11.40
CA ASN JA 389 -16.91 -144.90 12.69
C ASN JA 389 -16.14 -143.59 12.81
N ALA JA 390 -16.65 -142.70 13.66
CA ALA JA 390 -16.04 -141.38 13.80
C ALA JA 390 -14.58 -141.48 14.25
N ALA JA 391 -14.26 -142.47 15.09
CA ALA JA 391 -12.88 -142.61 15.56
C ALA JA 391 -11.93 -142.94 14.42
N ASP JA 392 -12.43 -143.45 13.31
CA ASP JA 392 -11.55 -143.87 12.22
C ASP JA 392 -10.83 -142.70 11.58
N PHE JA 393 -11.32 -141.47 11.75
CA PHE JA 393 -10.62 -140.32 11.20
C PHE JA 393 -9.39 -139.94 11.98
N GLY JA 394 -9.25 -140.41 13.22
CA GLY JA 394 -8.14 -140.05 14.06
C GLY JA 394 -7.02 -141.06 14.13
N GLN JA 395 -7.17 -142.22 13.51
CA GLN JA 395 -6.16 -143.25 13.62
C GLN JA 395 -4.90 -142.84 12.87
N ALA JA 396 -3.76 -142.92 13.55
CA ALA JA 396 -2.48 -142.64 12.91
C ALA JA 396 -1.94 -143.82 12.14
N GLY JA 397 -2.36 -145.03 12.48
CA GLY JA 397 -1.91 -146.21 11.76
C GLY JA 397 -0.41 -146.40 11.88
N GLN JA 398 0.18 -146.95 10.83
CA GLN JA 398 1.61 -147.17 10.75
C GLN JA 398 2.33 -146.07 9.98
N THR JA 399 1.81 -144.83 10.06
CA THR JA 399 2.36 -143.75 9.25
C THR JA 399 3.85 -143.55 9.52
N ALA JA 400 4.27 -143.68 10.78
CA ALA JA 400 5.67 -143.51 11.10
C ALA JA 400 6.52 -144.52 10.34
N ALA JA 401 6.08 -145.78 10.30
CA ALA JA 401 6.81 -146.77 9.52
C ALA JA 401 6.79 -146.43 8.04
N ALA JA 402 5.70 -145.85 7.55
CA ALA JA 402 5.60 -145.54 6.13
C ALA JA 402 6.68 -144.58 5.69
N VAL JA 403 6.83 -143.45 6.39
CA VAL JA 403 7.86 -142.49 6.02
C VAL JA 403 9.24 -143.10 6.20
N ALA JA 404 9.39 -143.98 7.19
CA ALA JA 404 10.67 -144.67 7.34
C ALA JA 404 11.00 -145.49 6.10
N LEU JA 405 9.99 -146.16 5.54
CA LEU JA 405 10.23 -146.96 4.34
C LEU JA 405 10.68 -146.08 3.19
N ALA JA 406 10.00 -144.95 2.99
CA ALA JA 406 10.37 -144.07 1.90
C ALA JA 406 11.79 -143.57 2.06
N GLN JA 407 12.17 -143.21 3.29
CA GLN JA 407 13.54 -142.81 3.55
C GLN JA 407 14.51 -143.95 3.24
N ALA JA 408 14.15 -145.17 3.62
CA ALA JA 408 14.96 -146.32 3.25
C ALA JA 408 14.86 -146.62 1.77
N MET JA 409 13.78 -146.21 1.10
CA MET JA 409 13.60 -146.54 -0.31
C MET JA 409 14.43 -145.63 -1.20
N PHE JA 410 14.35 -144.32 -0.98
CA PHE JA 410 15.14 -143.34 -1.72
C PHE JA 410 16.20 -142.80 -0.79
N VAL JA 411 17.46 -143.06 -1.11
CA VAL JA 411 18.54 -142.70 -0.22
C VAL JA 411 19.77 -142.32 -1.05
N ALA KA 1 60.65 -40.52 27.65
CA ALA KA 1 59.24 -40.86 27.70
C ALA KA 1 58.39 -39.83 26.98
N ALA KA 2 58.68 -39.61 25.70
CA ALA KA 2 57.94 -38.65 24.91
C ALA KA 2 57.74 -39.21 23.51
N VAL KA 3 56.56 -38.97 22.95
CA VAL KA 3 56.21 -39.42 21.61
C VAL KA 3 55.75 -38.21 20.84
N PHE KA 4 56.51 -37.85 19.80
CA PHE KA 4 56.27 -36.61 19.06
C PHE KA 4 56.14 -35.45 20.03
N GLY KA 5 54.97 -34.86 20.12
CA GLY KA 5 54.72 -33.76 21.04
C GLY KA 5 53.99 -34.15 22.31
N ILE KA 6 53.89 -35.43 22.62
CA ILE KA 6 53.16 -35.89 23.80
C ILE KA 6 54.16 -36.27 24.88
N GLN KA 7 53.91 -35.82 26.09
CA GLN KA 7 54.78 -36.06 27.23
C GLN KA 7 54.15 -37.11 28.15
N LEU KA 8 54.95 -38.07 28.59
CA LEU KA 8 54.46 -39.20 29.36
C LEU KA 8 55.25 -39.35 30.64
N VAL KA 9 54.56 -39.68 31.72
CA VAL KA 9 55.20 -39.94 33.01
C VAL KA 9 55.74 -41.37 32.99
N PRO KA 10 56.76 -41.68 33.80
CA PRO KA 10 57.36 -43.02 33.74
C PRO KA 10 56.62 -44.11 34.49
N LYS KA 11 55.43 -43.83 35.03
CA LYS KA 11 54.71 -44.81 35.82
C LYS KA 11 53.51 -45.35 35.03
N LEU KA 12 53.28 -46.65 35.17
CA LEU KA 12 52.20 -47.33 34.48
C LEU KA 12 51.06 -47.63 35.44
N ASN KA 13 49.83 -47.50 34.94
CA ASN KA 13 48.66 -47.78 35.75
C ASN KA 13 47.50 -48.14 34.85
N THR KA 14 46.75 -49.17 35.25
CA THR KA 14 45.50 -49.54 34.58
C THR KA 14 44.73 -50.48 35.48
N SER KA 15 43.42 -50.57 35.22
CA SER KA 15 42.57 -51.43 36.02
C SER KA 15 42.90 -52.90 35.77
N THR KA 16 42.33 -53.77 36.60
CA THR KA 16 42.78 -55.16 36.65
C THR KA 16 41.65 -56.18 36.54
N THR KA 17 40.43 -55.76 36.22
CA THR KA 17 39.36 -56.74 36.06
C THR KA 17 38.27 -56.17 35.17
N ARG KA 18 37.69 -57.05 34.35
CA ARG KA 18 36.71 -56.65 33.34
C ARG KA 18 35.31 -56.97 33.82
N ARG KA 19 34.41 -55.99 33.71
CA ARG KA 19 33.02 -56.20 34.07
C ARG KA 19 32.33 -56.99 32.96
N THR KA 20 31.59 -58.01 33.34
CA THR KA 20 30.87 -58.82 32.37
C THR KA 20 29.63 -58.09 31.88
N PHE KA 21 29.22 -58.39 30.66
CA PHE KA 21 28.02 -57.81 30.09
C PHE KA 21 26.80 -58.57 30.57
N LEU KA 22 25.69 -57.84 30.71
CA LEU KA 22 24.41 -58.46 31.04
C LEU KA 22 23.34 -57.74 30.23
N PRO KA 23 22.46 -58.47 29.58
CA PRO KA 23 21.41 -57.84 28.77
C PRO KA 23 20.33 -57.22 29.65
N LEU KA 24 19.53 -56.37 29.02
CA LEU KA 24 18.49 -55.62 29.71
C LEU KA 24 17.21 -56.44 29.78
N ARG KA 25 16.68 -56.59 30.98
CA ARG KA 25 15.40 -57.26 31.15
C ARG KA 25 14.28 -56.41 30.56
N PHE KA 26 13.20 -57.09 30.17
CA PHE KA 26 12.10 -56.41 29.51
C PHE KA 26 11.48 -55.35 30.44
N ASP KA 27 11.26 -55.70 31.70
CA ASP KA 27 10.64 -54.76 32.63
C ASP KA 27 11.54 -53.55 32.86
N LEU KA 28 12.84 -53.78 33.04
CA LEU KA 28 13.75 -52.67 33.29
C LEU KA 28 13.76 -51.71 32.13
N LEU KA 29 13.64 -52.23 30.90
CA LEU KA 29 13.56 -51.36 29.73
C LEU KA 29 12.39 -50.41 29.85
N LEU KA 30 11.22 -50.94 30.20
CA LEU KA 30 10.04 -50.10 30.31
C LEU KA 30 10.24 -49.03 31.38
N ASP KA 31 10.93 -49.37 32.47
CA ASP KA 31 11.17 -48.41 33.53
C ASP KA 31 11.98 -47.22 33.01
N ARG KA 32 13.05 -47.50 32.26
CA ARG KA 32 13.86 -46.41 31.75
C ARG KA 32 13.06 -45.52 30.82
N LEU KA 33 12.26 -46.11 29.94
CA LEU KA 33 11.48 -45.32 29.02
C LEU KA 33 10.35 -44.57 29.73
N GLN KA 34 9.84 -45.13 30.82
CA GLN KA 34 8.75 -44.49 31.55
C GLN KA 34 9.24 -43.52 32.60
N SER KA 35 10.54 -43.27 32.68
CA SER KA 35 11.06 -42.33 33.67
C SER KA 35 10.39 -40.98 33.52
N THR KA 36 10.00 -40.39 34.65
CA THR KA 36 9.30 -39.11 34.62
C THR KA 36 10.13 -38.03 33.94
N ASN KA 37 11.44 -38.07 34.10
CA ASN KA 37 12.36 -37.20 33.37
C ASN KA 37 13.41 -38.08 32.71
N LEU KA 38 13.65 -37.82 31.43
CA LEU KA 38 14.59 -38.62 30.67
C LEU KA 38 15.98 -38.03 30.61
N HIS KA 39 16.12 -36.74 30.89
CA HIS KA 39 17.45 -36.15 30.99
C HIS KA 39 18.23 -36.83 32.09
N GLY KA 40 19.48 -37.18 31.80
CA GLY KA 40 20.29 -37.94 32.72
C GLY KA 40 19.95 -39.41 32.78
N VAL KA 41 18.90 -39.84 32.10
CA VAL KA 41 18.52 -41.25 32.03
C VAL KA 41 18.69 -41.80 30.63
N LEU KA 42 18.20 -41.06 29.63
CA LEU KA 42 18.33 -41.45 28.24
C LEU KA 42 19.24 -40.54 27.45
N TYR KA 43 19.44 -39.31 27.89
CA TYR KA 43 20.34 -38.39 27.23
C TYR KA 43 20.82 -37.38 28.26
N ARG KA 44 21.90 -36.68 27.92
CA ARG KA 44 22.43 -35.66 28.80
C ARG KA 44 22.89 -34.47 27.98
N ALA KA 45 22.65 -33.27 28.50
CA ALA KA 45 23.07 -32.04 27.86
C ALA KA 45 24.45 -31.67 28.36
N LEU KA 46 25.41 -31.57 27.44
CA LEU KA 46 26.76 -31.16 27.80
C LEU KA 46 26.93 -29.66 27.82
N ASP KA 47 25.86 -28.91 27.55
CA ASP KA 47 26.02 -27.51 27.19
C ASP KA 47 24.95 -26.61 27.80
N PHE KA 48 24.27 -27.05 28.86
CA PHE KA 48 23.10 -26.34 29.31
C PHE KA 48 23.47 -24.99 29.92
N ASN KA 49 22.78 -23.94 29.47
CA ASN KA 49 22.94 -22.61 30.06
C ASN KA 49 21.75 -22.35 30.95
N PRO KA 50 21.90 -22.41 32.28
CA PRO KA 50 20.75 -22.20 33.15
C PRO KA 50 20.19 -20.81 33.10
N VAL KA 51 20.95 -19.81 32.65
CA VAL KA 51 20.41 -18.47 32.50
C VAL KA 51 19.26 -18.49 31.52
N ASP KA 52 19.44 -19.17 30.40
CA ASP KA 52 18.34 -19.48 29.50
C ASP KA 52 17.79 -20.85 29.88
N ARG KA 53 16.98 -21.42 29.01
CA ARG KA 53 16.52 -22.79 29.19
C ARG KA 53 17.02 -23.61 28.01
N SER KA 54 18.28 -23.43 27.64
CA SER KA 54 18.76 -23.94 26.37
C SER KA 54 20.11 -24.65 26.53
N ALA KA 55 20.30 -25.66 25.69
CA ALA KA 55 21.59 -26.29 25.46
C ALA KA 55 21.74 -26.48 23.96
N THR KA 56 22.91 -26.93 23.53
CA THR KA 56 23.17 -27.06 22.10
C THR KA 56 23.75 -28.40 21.68
N VAL KA 57 24.38 -29.15 22.58
CA VAL KA 57 24.93 -30.46 22.25
C VAL KA 57 24.40 -31.46 23.25
N ILE KA 58 23.90 -32.58 22.76
CA ILE KA 58 23.31 -33.63 23.59
C ILE KA 58 24.10 -34.91 23.39
N GLN KA 59 24.36 -35.61 24.49
CA GLN KA 59 24.96 -36.93 24.46
C GLN KA 59 23.90 -37.97 24.76
N THR KA 60 23.89 -39.05 23.98
CA THR KA 60 22.85 -40.05 24.04
C THR KA 60 23.35 -41.31 24.75
N TYR KA 61 22.42 -42.18 25.07
CA TYR KA 61 22.64 -43.35 25.90
C TYR KA 61 22.03 -44.58 25.23
N PRO KA 62 22.42 -45.78 25.65
CA PRO KA 62 22.30 -46.98 24.79
C PRO KA 62 20.96 -47.09 24.07
N PRO KA 63 19.82 -47.00 24.76
CA PRO KA 63 18.56 -47.21 24.03
C PRO KA 63 18.35 -46.23 22.90
N LEU KA 64 18.95 -45.05 23.00
CA LEU KA 64 18.76 -44.00 22.00
C LEU KA 64 19.95 -43.83 21.07
N ASN KA 65 21.17 -44.09 21.54
CA ASN KA 65 22.34 -43.75 20.76
C ASN KA 65 22.46 -44.55 19.47
N ALA KA 66 21.64 -45.59 19.29
CA ALA KA 66 21.63 -46.31 18.03
C ALA KA 66 20.89 -45.56 16.93
N TRP KA 67 20.19 -44.49 17.26
CA TRP KA 67 19.39 -43.78 16.28
C TRP KA 67 20.26 -43.09 15.24
N SER KA 68 19.81 -43.12 14.00
CA SER KA 68 20.40 -42.31 12.92
C SER KA 68 19.30 -41.41 12.36
N PRO KA 69 19.30 -40.13 12.69
CA PRO KA 69 18.21 -39.26 12.24
C PRO KA 69 18.14 -39.15 10.73
N HIS KA 70 16.93 -39.01 10.22
CA HIS KA 70 16.74 -38.75 8.80
C HIS KA 70 17.20 -37.33 8.48
N PRO KA 71 17.60 -37.07 7.24
CA PRO KA 71 18.23 -35.77 6.93
C PRO KA 71 17.33 -34.58 7.20
N ALA KA 72 16.01 -34.74 7.08
CA ALA KA 72 15.11 -33.62 7.32
C ALA KA 72 15.32 -33.03 8.71
N PHE KA 73 15.58 -33.90 9.70
CA PHE KA 73 15.90 -33.41 11.03
C PHE KA 73 17.24 -32.70 11.05
N ILE KA 74 18.24 -33.26 10.37
CA ILE KA 74 19.60 -32.73 10.47
C ILE KA 74 19.67 -31.34 9.86
N GLU KA 75 19.10 -31.17 8.67
CA GLU KA 75 19.21 -29.90 7.97
C GLU KA 75 18.39 -28.79 8.61
N ASN KA 76 17.52 -29.13 9.57
CA ASN KA 76 16.67 -28.13 10.21
C ASN KA 76 16.50 -28.51 11.67
N PRO KA 77 17.53 -28.31 12.49
CA PRO KA 77 17.46 -28.74 13.89
C PRO KA 77 16.45 -27.91 14.67
N LEU KA 78 15.95 -28.51 15.73
CA LEU KA 78 15.06 -27.84 16.67
C LEU KA 78 15.84 -27.43 17.91
N ASP KA 79 15.19 -26.66 18.77
CA ASP KA 79 15.83 -26.15 19.97
C ASP KA 79 15.66 -27.13 21.13
N TYR KA 80 16.27 -26.78 22.26
CA TYR KA 80 16.26 -27.67 23.41
C TYR KA 80 14.85 -27.89 23.94
N ARG KA 81 14.07 -26.82 24.04
CA ARG KA 81 12.73 -26.94 24.58
C ARG KA 81 11.86 -27.84 23.71
N ASP KA 82 12.02 -27.75 22.39
CA ASP KA 82 11.32 -28.68 21.52
C ASP KA 82 11.85 -30.09 21.68
N TRP KA 83 13.16 -30.23 21.86
CA TRP KA 83 13.76 -31.55 21.97
C TRP KA 83 13.18 -32.31 23.15
N THR KA 84 13.17 -31.68 24.33
CA THR KA 84 12.68 -32.38 25.51
C THR KA 84 11.22 -32.76 25.35
N GLU KA 85 10.43 -31.89 24.71
CA GLU KA 85 9.06 -32.25 24.42
C GLU KA 85 8.98 -33.40 23.42
N PHE KA 86 9.80 -33.34 22.37
CA PHE KA 86 9.73 -34.36 21.33
C PHE KA 86 10.06 -35.74 21.86
N ILE KA 87 11.11 -35.84 22.68
CA ILE KA 87 11.54 -37.14 23.17
C ILE KA 87 10.49 -37.74 24.09
N HIS KA 88 10.00 -36.94 25.05
CA HIS KA 88 9.03 -37.48 26.00
C HIS KA 88 7.80 -38.00 25.30
N ASP KA 89 7.41 -37.39 24.18
CA ASP KA 89 6.29 -37.91 23.41
C ASP KA 89 6.63 -39.26 22.79
N ARG KA 90 7.75 -39.33 22.08
CA ARG KA 90 8.09 -40.55 21.35
C ARG KA 90 8.30 -41.71 22.30
N ALA KA 91 8.97 -41.47 23.42
CA ALA KA 91 9.24 -42.54 24.37
C ALA KA 91 7.94 -43.18 24.85
N LEU KA 92 6.97 -42.36 25.24
CA LEU KA 92 5.70 -42.90 25.70
C LEU KA 92 5.00 -43.67 24.59
N ALA KA 93 5.00 -43.11 23.38
CA ALA KA 93 4.36 -43.79 22.25
C ALA KA 93 5.03 -45.12 21.99
N PHE KA 94 6.36 -45.15 22.02
CA PHE KA 94 7.08 -46.39 21.76
C PHE KA 94 6.77 -47.44 22.81
N VAL KA 95 6.63 -47.01 24.07
CA VAL KA 95 6.26 -47.95 25.12
C VAL KA 95 4.92 -48.57 24.83
N GLY KA 96 3.95 -47.76 24.39
CA GLY KA 96 2.63 -48.29 24.10
C GLY KA 96 2.68 -49.39 23.06
N VAL KA 97 3.47 -49.19 22.01
CA VAL KA 97 3.62 -50.23 20.99
C VAL KA 97 4.22 -51.48 21.60
N LEU KA 98 5.30 -51.32 22.36
CA LEU KA 98 5.97 -52.47 22.93
C LEU KA 98 5.05 -53.23 23.90
N THR KA 99 4.10 -52.54 24.50
CA THR KA 99 3.21 -53.17 25.46
C THR KA 99 1.89 -53.61 24.85
N GLN KA 100 1.50 -53.05 23.71
CA GLN KA 100 0.34 -53.56 23.01
C GLN KA 100 0.55 -55.03 22.62
N ARG KA 101 1.74 -55.34 22.14
CA ARG KA 101 2.21 -56.71 22.07
C ARG KA 101 2.95 -57.05 23.36
N TYR KA 102 3.16 -58.33 23.60
CA TYR KA 102 3.95 -58.79 24.73
C TYR KA 102 3.46 -58.18 26.04
N PRO KA 103 2.32 -58.61 26.56
CA PRO KA 103 1.87 -58.08 27.85
C PRO KA 103 2.92 -58.32 28.92
N LEU KA 104 3.07 -57.33 29.81
CA LEU KA 104 4.21 -57.31 30.71
C LEU KA 104 4.24 -58.52 31.63
N THR KA 105 3.09 -58.89 32.18
CA THR KA 105 3.05 -59.94 33.19
C THR KA 105 3.53 -61.28 32.64
N GLN KA 106 3.54 -61.46 31.33
CA GLN KA 106 4.02 -62.70 30.73
C GLN KA 106 5.41 -62.57 30.15
N ASN KA 107 6.03 -61.39 30.24
CA ASN KA 107 7.28 -61.17 29.53
C ASN KA 107 8.33 -60.39 30.31
N ALA KA 108 8.07 -60.05 31.57
CA ALA KA 108 9.02 -59.21 32.30
C ALA KA 108 10.38 -59.86 32.44
N GLN KA 109 10.42 -61.20 32.47
CA GLN KA 109 11.67 -61.90 32.73
C GLN KA 109 12.55 -62.02 31.49
N ARG KA 110 12.01 -61.78 30.31
CA ARG KA 110 12.74 -62.04 29.08
C ARG KA 110 13.77 -60.94 28.84
N TYR KA 111 14.84 -61.30 28.15
CA TYR KA 111 15.93 -60.39 27.85
C TYR KA 111 15.81 -59.86 26.43
N THR KA 112 15.92 -58.56 26.28
CA THR KA 112 15.85 -57.93 24.97
C THR KA 112 17.19 -58.03 24.27
N ASN KA 113 17.14 -58.22 22.96
CA ASN KA 113 18.36 -58.16 22.16
C ASN KA 113 18.72 -56.70 21.95
N PRO KA 114 19.88 -56.26 22.43
CA PRO KA 114 20.22 -54.83 22.29
C PRO KA 114 20.28 -54.36 20.86
N LEU KA 115 20.79 -55.19 19.95
CA LEU KA 115 20.89 -54.77 18.56
C LEU KA 115 19.51 -54.54 17.96
N VAL KA 116 18.60 -55.51 18.14
CA VAL KA 116 17.26 -55.36 17.60
C VAL KA 116 16.57 -54.18 18.26
N LEU KA 117 16.71 -54.05 19.57
CA LEU KA 117 16.06 -52.95 20.28
C LEU KA 117 16.55 -51.61 19.74
N GLY KA 118 17.86 -51.48 19.55
CA GLY KA 118 18.38 -50.24 19.02
C GLY KA 118 17.84 -49.92 17.65
N ALA KA 119 17.86 -50.90 16.76
CA ALA KA 119 17.39 -50.67 15.39
C ALA KA 119 15.91 -50.33 15.38
N ALA KA 120 15.10 -51.09 16.12
CA ALA KA 120 13.67 -50.86 16.11
C ALA KA 120 13.33 -49.48 16.63
N PHE KA 121 13.95 -49.08 17.75
CA PHE KA 121 13.68 -47.77 18.30
C PHE KA 121 14.12 -46.67 17.34
N GLY KA 122 15.28 -46.85 16.71
CA GLY KA 122 15.76 -45.85 15.78
C GLY KA 122 14.81 -45.62 14.62
N ASP KA 123 14.26 -46.70 14.07
CA ASP KA 123 13.29 -46.54 13.00
C ASP KA 123 12.03 -45.86 13.49
N PHE KA 124 11.61 -46.17 14.70
CA PHE KA 124 10.32 -45.67 15.20
C PHE KA 124 10.28 -44.14 15.17
N LEU KA 125 11.28 -43.50 15.77
CA LEU KA 125 11.28 -42.05 15.76
C LEU KA 125 11.78 -41.49 14.45
N ASN KA 126 12.22 -42.33 13.53
CA ASN KA 126 12.35 -41.92 12.13
C ASN KA 126 11.05 -42.05 11.37
N ALA KA 127 9.95 -42.32 12.08
CA ALA KA 127 8.63 -42.45 11.47
C ALA KA 127 8.61 -43.54 10.41
N ARG KA 128 9.23 -44.67 10.72
CA ARG KA 128 9.28 -45.81 9.82
C ARG KA 128 8.78 -47.04 10.57
N SER KA 129 8.06 -47.90 9.85
CA SER KA 129 7.43 -49.05 10.49
C SER KA 129 8.48 -50.00 11.06
N ILE KA 130 8.10 -50.69 12.14
CA ILE KA 130 9.06 -51.48 12.89
C ILE KA 130 8.54 -52.89 13.14
N ASP KA 131 7.46 -53.27 12.46
CA ASP KA 131 6.79 -54.53 12.77
C ASP KA 131 7.73 -55.71 12.65
N ILE KA 132 8.63 -55.67 11.66
CA ILE KA 132 9.52 -56.81 11.41
C ILE KA 132 10.38 -57.10 12.63
N PHE KA 133 10.77 -56.06 13.37
CA PHE KA 133 11.66 -56.27 14.50
C PHE KA 133 10.93 -56.87 15.69
N LEU KA 134 9.66 -56.52 15.88
CA LEU KA 134 8.98 -56.90 17.11
C LEU KA 134 8.93 -58.41 17.30
N ASP KA 135 8.97 -59.17 16.21
CA ASP KA 135 8.93 -60.62 16.34
C ASP KA 135 10.19 -61.16 17.00
N ARG KA 136 11.28 -60.42 16.98
CA ARG KA 136 12.56 -60.94 17.42
C ARG KA 136 13.21 -60.02 18.43
N LEU KA 137 12.41 -59.47 19.34
CA LEU KA 137 12.96 -58.56 20.33
C LEU KA 137 13.73 -59.26 21.43
N PHE KA 138 13.44 -60.54 21.69
CA PHE KA 138 14.04 -61.25 22.80
C PHE KA 138 15.01 -62.31 22.32
N TYR KA 139 15.85 -62.77 23.23
CA TYR KA 139 16.76 -63.88 22.96
C TYR KA 139 17.16 -64.51 24.29
N GLY KA 140 17.57 -65.78 24.22
CA GLY KA 140 17.98 -66.50 25.40
C GLY KA 140 19.48 -66.47 25.56
N PRO KA 141 19.97 -65.58 26.43
CA PRO KA 141 21.42 -65.36 26.52
C PRO KA 141 22.20 -66.59 26.92
N THR KA 142 21.58 -67.53 27.64
CA THR KA 142 22.28 -68.75 28.01
C THR KA 142 22.48 -69.69 26.82
N GLN KA 143 21.75 -69.48 25.74
CA GLN KA 143 21.80 -70.38 24.60
C GLN KA 143 22.49 -69.80 23.38
N GLU KA 144 22.59 -68.48 23.28
CA GLU KA 144 23.22 -67.86 22.12
C GLU KA 144 23.58 -66.43 22.47
N SER KA 145 24.26 -65.78 21.55
CA SER KA 145 24.66 -64.39 21.64
C SER KA 145 23.62 -63.50 20.97
N PRO KA 146 23.61 -62.21 21.28
CA PRO KA 146 22.72 -61.30 20.54
C PRO KA 146 22.96 -61.30 19.06
N ILE KA 147 24.15 -61.64 18.60
CA ILE KA 147 24.41 -61.74 17.17
C ILE KA 147 23.80 -63.02 16.60
N THR KA 148 24.23 -64.16 17.12
CA THR KA 148 23.79 -65.44 16.57
C THR KA 148 22.28 -65.60 16.63
N SER KA 149 21.64 -64.99 17.63
CA SER KA 149 20.19 -65.01 17.67
C SER KA 149 19.59 -64.38 16.44
N ILE KA 150 20.29 -63.42 15.84
CA ILE KA 150 19.78 -62.72 14.67
C ILE KA 150 20.09 -63.49 13.40
N THR KA 151 21.28 -64.08 13.31
CA THR KA 151 21.68 -64.76 12.09
C THR KA 151 20.83 -65.98 11.76
N LYS KA 152 19.82 -66.29 12.58
CA LYS KA 152 18.87 -67.32 12.21
C LYS KA 152 18.01 -66.93 11.01
N PHE KA 153 18.03 -65.66 10.62
CA PHE KA 153 17.19 -65.14 9.55
C PHE KA 153 18.04 -64.38 8.56
N PRO KA 154 18.88 -65.07 7.80
CA PRO KA 154 19.89 -64.41 6.95
C PRO KA 154 19.32 -63.84 5.66
N TYR KA 155 18.76 -62.63 5.76
CA TYR KA 155 18.26 -61.93 4.59
C TYR KA 155 18.12 -60.46 4.93
N GLN KA 156 17.88 -59.66 3.90
CA GLN KA 156 17.75 -58.21 4.09
C GLN KA 156 16.44 -57.94 4.81
N TRP KA 157 16.50 -57.77 6.13
CA TRP KA 157 15.30 -57.43 6.89
C TRP KA 157 14.71 -56.12 6.40
N THR KA 158 15.53 -55.08 6.36
CA THR KA 158 15.10 -53.79 5.85
C THR KA 158 16.30 -53.11 5.23
N ILE KA 159 16.04 -51.96 4.60
CA ILE KA 159 17.04 -51.32 3.78
C ILE KA 159 18.25 -50.87 4.58
N ASP KA 160 18.10 -50.68 5.89
CA ASP KA 160 19.19 -50.26 6.75
C ASP KA 160 19.61 -51.34 7.72
N PHE KA 161 19.09 -52.55 7.60
CA PHE KA 161 19.42 -53.65 8.50
C PHE KA 161 19.49 -54.91 7.66
N ASN KA 162 20.71 -55.30 7.29
CA ASN KA 162 20.94 -56.44 6.42
C ASN KA 162 21.77 -57.47 7.15
N VAL KA 163 21.32 -58.72 7.14
CA VAL KA 163 21.96 -59.79 7.90
C VAL KA 163 22.23 -60.96 6.97
N THR KA 164 23.45 -61.48 7.03
CA THR KA 164 23.85 -62.67 6.28
C THR KA 164 23.84 -63.88 7.21
N ALA KA 165 24.35 -65.00 6.72
CA ALA KA 165 24.45 -66.19 7.55
C ALA KA 165 25.45 -66.04 8.69
N ASP KA 166 26.32 -65.04 8.65
CA ASP KA 166 27.37 -64.91 9.64
C ASP KA 166 27.58 -63.48 10.13
N SER KA 167 26.87 -62.50 9.60
CA SER KA 167 27.21 -61.11 9.90
C SER KA 167 25.97 -60.24 9.72
N VAL KA 168 26.02 -59.08 10.38
CA VAL KA 168 24.95 -58.09 10.30
C VAL KA 168 25.57 -56.74 9.97
N ARG KA 169 24.93 -56.00 9.08
CA ARG KA 169 25.39 -54.69 8.66
C ARG KA 169 24.32 -53.65 8.96
N THR KA 170 24.73 -52.52 9.53
CA THR KA 170 23.82 -51.45 9.86
C THR KA 170 24.62 -50.17 10.06
N PRO KA 171 24.03 -49.01 9.79
CA PRO KA 171 24.75 -47.76 10.06
C PRO KA 171 24.96 -47.56 11.55
N ALA KA 172 26.09 -46.94 11.89
CA ALA KA 172 26.36 -46.63 13.28
C ALA KA 172 25.47 -45.50 13.77
N GLY KA 173 24.98 -45.63 14.98
CA GLY KA 173 24.14 -44.59 15.55
C GLY KA 173 24.93 -43.35 15.93
N CYS KA 174 24.21 -42.26 16.11
CA CYS KA 174 24.82 -40.99 16.46
C CYS KA 174 24.96 -40.89 17.97
N LYS KA 175 26.20 -40.77 18.45
CA LYS KA 175 26.44 -40.64 19.87
C LYS KA 175 26.17 -39.24 20.39
N TYR KA 176 26.12 -38.25 19.52
CA TYR KA 176 25.82 -36.89 19.91
C TYR KA 176 24.77 -36.31 18.98
N ILE KA 177 24.02 -35.35 19.50
CA ILE KA 177 23.01 -34.64 18.73
C ILE KA 177 23.21 -33.15 18.94
N THR KA 178 23.27 -32.39 17.84
CA THR KA 178 23.44 -30.96 17.89
C THR KA 178 22.11 -30.29 17.65
N LEU KA 179 21.71 -29.41 18.58
CA LEU KA 179 20.43 -28.74 18.49
C LEU KA 179 20.59 -27.43 17.72
N TYR KA 180 19.54 -26.63 17.71
CA TYR KA 180 19.60 -25.35 17.02
C TYR KA 180 20.63 -24.44 17.64
N GLY KA 181 21.38 -23.74 16.80
CA GLY KA 181 22.40 -22.82 17.26
C GLY KA 181 23.78 -23.41 17.42
N TYR KA 182 24.00 -24.63 16.92
CA TYR KA 182 25.31 -25.26 17.07
C TYR KA 182 26.36 -24.53 16.24
N ASP KA 183 27.57 -24.45 16.78
CA ASP KA 183 28.65 -23.70 16.14
C ASP KA 183 29.99 -24.32 16.52
N PRO KA 184 30.58 -25.11 15.64
CA PRO KA 184 31.93 -25.64 15.92
C PRO KA 184 32.99 -24.57 16.06
N SER KA 185 32.85 -23.44 15.37
CA SER KA 185 33.89 -22.42 15.40
C SER KA 185 34.12 -21.89 16.81
N ARG KA 186 33.08 -21.85 17.62
CA ARG KA 186 33.22 -21.44 19.02
C ARG KA 186 34.13 -22.44 19.73
N PRO KA 187 35.33 -22.02 20.15
CA PRO KA 187 36.29 -22.98 20.71
C PRO KA 187 35.83 -23.63 21.99
N SER KA 188 34.88 -23.03 22.70
CA SER KA 188 34.44 -23.56 23.98
C SER KA 188 33.33 -24.59 23.84
N THR KA 189 32.83 -24.83 22.64
CA THR KA 189 31.80 -25.83 22.46
C THR KA 189 32.37 -27.23 22.68
N PRO KA 190 31.55 -28.15 23.20
CA PRO KA 190 32.04 -29.53 23.38
C PRO KA 190 32.36 -30.16 22.04
N ALA KA 191 33.40 -31.00 22.04
CA ALA KA 191 33.76 -31.72 20.85
C ALA KA 191 32.84 -32.91 20.64
N THR KA 192 32.60 -33.24 19.37
CA THR KA 192 31.77 -34.38 19.03
C THR KA 192 32.43 -35.35 18.06
N TYR KA 193 33.59 -35.02 17.50
CA TYR KA 193 34.33 -35.90 16.61
C TYR KA 193 33.48 -36.30 15.40
N GLY KA 194 32.50 -35.47 15.04
CA GLY KA 194 31.70 -35.71 13.86
C GLY KA 194 30.64 -36.78 14.01
N LYS KA 195 30.52 -37.37 15.20
CA LYS KA 195 29.53 -38.44 15.38
C LYS KA 195 28.10 -37.93 15.31
N HIS KA 196 27.90 -36.61 15.29
CA HIS KA 196 26.55 -36.07 15.17
C HIS KA 196 25.99 -36.24 13.76
N ARG KA 197 26.84 -36.33 12.75
CA ARG KA 197 26.35 -36.56 11.40
C ARG KA 197 25.67 -37.93 11.33
N PRO KA 198 24.59 -38.05 10.56
CA PRO KA 198 23.81 -39.30 10.60
C PRO KA 198 24.54 -40.51 10.06
N THR KA 199 25.55 -40.32 9.21
CA THR KA 199 26.16 -41.44 8.50
C THR KA 199 27.68 -41.35 8.57
N TYR KA 200 28.21 -41.12 9.76
CA TYR KA 200 29.66 -40.96 9.88
C TYR KA 200 30.41 -42.27 9.73
N ALA KA 201 29.75 -43.41 9.82
CA ALA KA 201 30.43 -44.70 9.75
C ALA KA 201 29.40 -45.79 9.52
N THR KA 202 29.86 -47.04 9.53
CA THR KA 202 29.02 -48.21 9.40
C THR KA 202 29.69 -49.37 10.11
N VAL KA 203 28.90 -50.17 10.81
CA VAL KA 203 29.42 -51.28 11.62
C VAL KA 203 29.04 -52.60 10.99
N PHE KA 204 29.90 -53.59 11.16
CA PHE KA 204 29.67 -54.95 10.67
C PHE KA 204 29.91 -55.91 11.82
N TYR KA 205 28.83 -56.39 12.44
CA TYR KA 205 28.96 -57.43 13.45
C TYR KA 205 29.19 -58.77 12.79
N TYR KA 206 30.05 -59.59 13.39
CA TYR KA 206 30.35 -60.91 12.86
C TYR KA 206 30.38 -61.92 13.99
N SER KA 207 30.01 -63.15 13.66
CA SER KA 207 29.89 -64.20 14.66
C SER KA 207 31.16 -64.99 14.87
N THR KA 208 32.00 -65.11 13.85
CA THR KA 208 33.17 -65.97 13.95
C THR KA 208 34.30 -65.41 13.10
N LEU KA 209 35.52 -65.87 13.41
CA LEU KA 209 36.69 -65.35 12.73
C LEU KA 209 36.65 -65.52 11.22
N PRO KA 210 36.27 -66.67 10.66
CA PRO KA 210 36.20 -66.77 9.20
C PRO KA 210 35.29 -65.72 8.59
N ALA KA 211 34.19 -65.38 9.27
CA ALA KA 211 33.35 -64.31 8.80
C ALA KA 211 34.11 -62.98 8.79
N ARG KA 212 34.90 -62.74 9.83
CA ARG KA 212 35.70 -61.52 9.87
C ARG KA 212 36.64 -61.46 8.68
N SER KA 213 37.27 -62.59 8.34
CA SER KA 213 38.12 -62.62 7.16
C SER KA 213 37.34 -62.29 5.90
N ARG KA 214 36.14 -62.86 5.77
CA ARG KA 214 35.35 -62.62 4.57
C ARG KA 214 34.99 -61.16 4.44
N LEU KA 215 34.60 -60.52 5.54
CA LEU KA 215 34.24 -59.11 5.48
C LEU KA 215 35.43 -58.25 5.06
N LEU KA 216 36.59 -58.51 5.65
CA LEU KA 216 37.75 -57.67 5.37
C LEU KA 216 38.13 -57.73 3.91
N ALA KA 217 37.94 -58.90 3.28
CA ALA KA 217 38.25 -59.02 1.87
C ALA KA 217 37.44 -58.03 1.03
N ASN KA 218 36.17 -57.80 1.40
CA ASN KA 218 35.36 -56.87 0.64
C ASN KA 218 35.79 -55.43 0.87
N LEU KA 219 36.15 -55.09 2.11
CA LEU KA 219 36.42 -53.71 2.48
C LEU KA 219 37.82 -53.25 2.14
N ALA KA 220 38.67 -54.15 1.62
CA ALA KA 220 40.09 -53.83 1.49
C ALA KA 220 40.35 -52.63 0.59
N ALA KA 221 39.44 -52.31 -0.31
CA ALA KA 221 39.70 -51.24 -1.28
C ALA KA 221 39.28 -49.86 -0.78
N GLY KA 222 38.49 -49.78 0.28
CA GLY KA 222 37.96 -48.51 0.72
C GLY KA 222 38.82 -47.85 1.78
N PRO KA 223 38.21 -47.02 2.61
CA PRO KA 223 38.95 -46.36 3.69
C PRO KA 223 39.46 -47.35 4.73
N THR KA 224 40.16 -46.85 5.74
CA THR KA 224 40.76 -47.71 6.75
C THR KA 224 39.70 -48.23 7.71
N VAL KA 225 39.69 -49.53 7.92
CA VAL KA 225 38.75 -50.17 8.83
C VAL KA 225 39.36 -50.22 10.22
N LEU KA 226 38.53 -50.01 11.23
CA LEU KA 226 38.96 -50.00 12.62
C LEU KA 226 38.21 -51.05 13.41
N GLU KA 227 38.80 -51.46 14.53
CA GLU KA 227 38.18 -52.48 15.36
C GLU KA 227 38.74 -52.41 16.77
N HIS KA 228 37.88 -52.69 17.75
CA HIS KA 228 38.30 -52.93 19.12
C HIS KA 228 38.55 -54.41 19.30
N PHE KA 229 39.68 -54.74 19.94
CA PHE KA 229 39.97 -56.13 20.23
C PHE KA 229 39.59 -56.55 21.64
N ASP KA 230 39.58 -55.61 22.59
CA ASP KA 230 39.43 -55.99 24.00
C ASP KA 230 38.01 -56.45 24.29
N SER KA 231 37.04 -55.57 24.15
CA SER KA 231 35.66 -55.88 24.51
C SER KA 231 34.75 -55.11 23.56
N PRO KA 232 34.23 -55.76 22.54
CA PRO KA 232 33.50 -55.07 21.48
C PRO KA 232 32.02 -54.83 21.78
N THR KA 233 31.74 -54.34 22.99
CA THR KA 233 30.38 -54.05 23.41
C THR KA 233 29.45 -55.23 23.17
N TYR KA 234 28.46 -55.06 22.30
CA TYR KA 234 27.47 -56.11 22.09
C TYR KA 234 28.04 -57.32 21.39
N GLY KA 235 29.18 -57.20 20.72
CA GLY KA 235 29.78 -58.33 20.07
C GLY KA 235 30.86 -57.92 19.10
N PRO KA 236 31.66 -58.89 18.66
CA PRO KA 236 32.74 -58.59 17.72
C PRO KA 236 32.21 -57.93 16.46
N HIS KA 237 32.83 -56.81 16.08
CA HIS KA 237 32.32 -56.06 14.95
C HIS KA 237 33.42 -55.14 14.43
N LEU KA 238 33.49 -55.02 13.11
CA LEU KA 238 34.28 -53.99 12.47
C LEU KA 238 33.44 -52.73 12.34
N LEU KA 239 34.10 -51.62 12.05
CA LEU KA 239 33.39 -50.40 11.68
C LEU KA 239 34.15 -49.70 10.57
N LEU KA 240 33.41 -49.21 9.59
CA LEU KA 240 33.98 -48.53 8.44
C LEU KA 240 33.64 -47.05 8.51
N PRO KA 241 34.59 -46.17 8.75
CA PRO KA 241 34.29 -44.73 8.82
C PRO KA 241 33.97 -44.17 7.45
N GLN KA 242 33.21 -43.08 7.47
CA GLN KA 242 32.99 -42.31 6.26
C GLN KA 242 34.31 -41.76 5.75
N THR KA 243 34.48 -41.75 4.43
CA THR KA 243 35.77 -41.44 3.83
C THR KA 243 36.10 -39.96 3.80
N GLY KA 244 35.22 -39.10 4.31
CA GLY KA 244 35.43 -37.67 4.29
C GLY KA 244 36.18 -37.17 5.50
N ASP KA 245 36.13 -35.86 5.70
CA ASP KA 245 36.77 -35.17 6.81
C ASP KA 245 35.73 -34.37 7.59
N VAL KA 246 36.17 -33.76 8.68
CA VAL KA 246 35.30 -32.95 9.52
C VAL KA 246 35.95 -31.60 9.75
N LEU KA 247 35.14 -30.55 9.75
CA LEU KA 247 35.63 -29.19 9.81
C LEU KA 247 35.85 -28.72 11.24
N GLY KA 248 36.78 -27.78 11.39
CA GLY KA 248 36.95 -27.04 12.63
C GLY KA 248 37.92 -27.65 13.63
N TYR KA 249 38.33 -28.89 13.44
CA TYR KA 249 39.14 -29.56 14.44
C TYR KA 249 40.63 -29.28 14.32
N SER KA 250 41.10 -28.84 13.16
CA SER KA 250 42.52 -28.54 12.97
C SER KA 250 42.65 -27.80 11.65
N SER KA 251 43.90 -27.58 11.23
CA SER KA 251 44.19 -26.98 9.93
C SER KA 251 44.10 -28.04 8.83
N SER KA 252 42.91 -28.64 8.73
CA SER KA 252 42.59 -29.62 7.70
C SER KA 252 43.57 -30.81 7.73
N LEU KA 253 44.06 -31.14 8.92
CA LEU KA 253 44.99 -32.24 9.08
C LEU KA 253 44.29 -33.56 9.33
N ILE KA 254 43.02 -33.68 8.95
CA ILE KA 254 42.14 -34.70 9.52
C ILE KA 254 41.29 -35.34 8.45
N SER KA 255 41.14 -36.67 8.55
CA SER KA 255 40.06 -37.40 7.92
C SER KA 255 39.26 -38.09 9.02
N GLN KA 256 38.07 -38.57 8.65
CA GLN KA 256 37.16 -39.10 9.66
C GLN KA 256 37.79 -40.23 10.46
N ALA KA 257 38.52 -41.12 9.80
CA ALA KA 257 39.13 -42.24 10.49
C ALA KA 257 40.11 -41.75 11.55
N ALA KA 258 40.91 -40.75 11.23
CA ALA KA 258 41.87 -40.22 12.20
C ALA KA 258 41.15 -39.70 13.43
N LEU KA 259 40.02 -39.03 13.25
CA LEU KA 259 39.28 -38.50 14.38
C LEU KA 259 38.85 -39.61 15.32
N LEU KA 260 38.35 -40.70 14.78
CA LEU KA 260 37.94 -41.82 15.63
C LEU KA 260 39.12 -42.35 16.42
N MET KA 261 40.28 -42.47 15.78
CA MET KA 261 41.47 -42.94 16.47
C MET KA 261 41.85 -41.99 17.61
N VAL KA 262 41.98 -40.70 17.29
CA VAL KA 262 42.57 -39.78 18.25
C VAL KA 262 41.71 -39.66 19.49
N GLU KA 263 40.39 -39.57 19.31
CA GLU KA 263 39.52 -39.47 20.48
C GLU KA 263 39.53 -40.77 21.26
N SER KA 264 39.64 -41.90 20.56
CA SER KA 264 39.78 -43.18 21.24
C SER KA 264 41.05 -43.20 22.07
N VAL KA 265 42.14 -42.66 21.53
CA VAL KA 265 43.40 -42.61 22.27
C VAL KA 265 43.23 -41.77 23.53
N MET KA 266 42.57 -40.63 23.42
CA MET KA 266 42.38 -39.77 24.58
C MET KA 266 41.62 -40.51 25.67
N ASP KA 267 40.58 -41.25 25.31
CA ASP KA 267 39.85 -42.02 26.30
C ASP KA 267 40.75 -43.04 26.98
N ALA KA 268 41.60 -43.71 26.20
CA ALA KA 268 42.54 -44.65 26.78
C ALA KA 268 43.43 -43.97 27.79
N LEU KA 269 43.94 -42.79 27.45
CA LEU KA 269 44.79 -42.06 28.38
C LEU KA 269 44.02 -41.66 29.62
N ARG KA 270 42.78 -41.20 29.46
CA ARG KA 270 42.01 -40.78 30.63
C ARG KA 270 41.78 -41.94 31.57
N ASP KA 271 41.49 -43.13 31.03
CA ASP KA 271 41.23 -44.27 31.88
C ASP KA 271 42.46 -44.67 32.68
N ASN KA 272 43.61 -44.76 32.00
CA ASN KA 272 44.84 -45.09 32.71
C ASN KA 272 45.13 -44.08 33.80
N ALA KA 273 44.74 -42.82 33.59
CA ALA KA 273 45.02 -41.78 34.56
C ALA KA 273 44.23 -41.95 35.85
N ASN KA 274 43.12 -42.68 35.82
CA ASN KA 274 42.28 -42.75 37.01
C ASN KA 274 41.78 -44.16 37.30
N ALA KA 275 42.42 -45.18 36.75
CA ALA KA 275 42.02 -46.54 37.05
C ALA KA 275 42.43 -46.92 38.47
N SER KA 276 41.67 -47.81 39.08
CA SER KA 276 41.96 -48.29 40.42
C SER KA 276 41.79 -49.80 40.46
N ALA KA 277 42.54 -50.43 41.36
CA ALA KA 277 42.45 -51.87 41.52
C ALA KA 277 41.08 -52.29 42.04
N SER KA 278 40.44 -51.44 42.83
CA SER KA 278 39.19 -51.79 43.46
C SER KA 278 37.99 -51.76 42.53
N THR KA 279 38.17 -51.27 41.29
CA THR KA 279 37.05 -51.00 40.41
C THR KA 279 37.17 -51.85 39.14
N ALA KA 280 36.13 -52.60 38.83
CA ALA KA 280 36.05 -53.28 37.55
C ALA KA 280 35.63 -52.29 36.46
N VAL KA 281 35.92 -52.64 35.22
CA VAL KA 281 35.60 -51.79 34.09
C VAL KA 281 35.20 -52.67 32.92
N THR KA 282 34.48 -52.08 31.96
CA THR KA 282 34.01 -52.85 30.81
C THR KA 282 35.13 -53.23 29.86
N ARG KA 283 36.25 -52.49 29.87
CA ARG KA 283 37.26 -52.69 28.84
C ARG KA 283 38.57 -52.09 29.32
N LEU KA 284 39.65 -52.85 29.20
CA LEU KA 284 40.96 -52.32 29.59
C LEU KA 284 41.56 -51.43 28.52
N ASP KA 285 41.43 -51.82 27.25
CA ASP KA 285 42.07 -51.13 26.14
C ASP KA 285 41.01 -50.41 25.32
N GLN KA 286 40.96 -49.10 25.46
CA GLN KA 286 39.97 -48.30 24.74
C GLN KA 286 40.39 -47.94 23.32
N SER KA 287 41.60 -48.30 22.90
CA SER KA 287 42.12 -47.84 21.63
C SER KA 287 41.55 -48.65 20.47
N TYR KA 288 41.24 -47.95 19.38
CA TYR KA 288 40.93 -48.63 18.13
C TYR KA 288 42.21 -49.17 17.52
N HIS KA 289 42.06 -49.98 16.47
CA HIS KA 289 43.21 -50.54 15.80
C HIS KA 289 42.89 -50.66 14.30
N PRO KA 290 43.72 -50.09 13.44
CA PRO KA 290 43.47 -50.19 12.00
C PRO KA 290 43.84 -51.56 11.49
N VAL KA 291 43.06 -52.05 10.52
CA VAL KA 291 43.24 -53.39 9.97
C VAL KA 291 43.28 -53.41 8.46
N THR KA 292 43.09 -52.29 7.78
CA THR KA 292 43.16 -52.23 6.33
C THR KA 292 43.84 -50.94 5.89
N SER KA 293 44.45 -51.00 4.71
CA SER KA 293 44.95 -49.81 4.01
C SER KA 293 45.75 -48.91 4.94
N PHE KA 294 46.88 -49.44 5.39
CA PHE KA 294 47.65 -48.76 6.43
C PHE KA 294 49.14 -48.97 6.17
N ASP KA 295 49.93 -47.98 6.55
CA ASP KA 295 51.38 -48.04 6.36
C ASP KA 295 52.07 -48.16 7.71
N PRO KA 296 52.71 -49.29 8.00
CA PRO KA 296 53.54 -49.37 9.22
C PRO KA 296 54.88 -48.70 9.07
N SER KA 297 55.23 -48.24 7.88
CA SER KA 297 56.59 -47.77 7.59
C SER KA 297 56.75 -46.26 7.74
N THR KA 298 55.67 -45.51 7.92
CA THR KA 298 55.75 -44.06 7.84
C THR KA 298 54.95 -43.43 8.97
N PHE KA 299 55.33 -42.21 9.32
CA PHE KA 299 54.69 -41.50 10.43
C PHE KA 299 54.49 -40.04 10.08
N ASN KA 300 54.04 -39.76 8.86
CA ASN KA 300 53.83 -38.39 8.42
C ASN KA 300 52.36 -38.10 8.12
N THR KA 301 51.46 -38.83 8.77
CA THR KA 301 50.05 -38.45 8.76
C THR KA 301 49.45 -38.78 10.12
N LEU KA 302 48.38 -38.07 10.45
CA LEU KA 302 47.80 -38.18 11.79
C LEU KA 302 47.46 -39.61 12.12
N LEU KA 303 46.84 -40.32 11.18
CA LEU KA 303 46.40 -41.69 11.44
C LEU KA 303 47.57 -42.57 11.85
N GLN KA 304 48.71 -42.43 11.16
CA GLN KA 304 49.87 -43.23 11.52
C GLN KA 304 50.34 -42.89 12.93
N ARG KA 305 50.46 -41.61 13.24
CA ARG KA 305 51.00 -41.21 14.53
C ARG KA 305 50.10 -41.67 15.67
N ALA KA 306 48.79 -41.50 15.51
CA ALA KA 306 47.87 -41.93 16.55
C ALA KA 306 48.00 -43.42 16.80
N THR KA 307 48.11 -44.20 15.73
CA THR KA 307 48.31 -45.63 15.88
C THR KA 307 49.60 -45.92 16.64
N ASN KA 308 50.68 -45.22 16.27
CA ASN KA 308 51.95 -45.45 16.94
C ASN KA 308 51.84 -45.15 18.43
N LEU KA 309 51.04 -44.16 18.80
CA LEU KA 309 50.83 -43.88 20.22
C LEU KA 309 49.93 -44.93 20.85
N ALA KA 310 48.88 -45.35 20.13
CA ALA KA 310 47.93 -46.30 20.71
C ALA KA 310 48.62 -47.60 21.08
N LEU KA 311 49.49 -48.10 20.21
CA LEU KA 311 50.22 -49.33 20.51
C LEU KA 311 50.98 -49.21 21.83
N LEU KA 312 51.44 -48.00 22.16
CA LEU KA 312 52.09 -47.81 23.44
C LEU KA 312 51.08 -47.58 24.56
N ALA KA 313 49.96 -46.94 24.24
CA ALA KA 313 49.00 -46.59 25.27
C ALA KA 313 48.44 -47.83 25.97
N VAL KA 314 48.29 -48.92 25.24
CA VAL KA 314 47.70 -50.13 25.80
C VAL KA 314 48.52 -50.65 26.97
N GLN KA 315 49.81 -50.33 27.02
CA GLN KA 315 50.64 -50.78 28.13
C GLN KA 315 50.27 -50.11 29.44
N GLY KA 316 49.43 -49.08 29.41
CA GLY KA 316 49.00 -48.44 30.63
C GLY KA 316 49.77 -47.18 30.94
N VAL KA 317 50.08 -46.40 29.90
CA VAL KA 317 50.85 -45.18 30.07
C VAL KA 317 49.90 -44.03 30.38
N GLN KA 318 50.45 -42.98 31.00
CA GLN KA 318 49.69 -41.81 31.38
C GLN KA 318 50.35 -40.56 30.85
N SER KA 319 49.54 -39.54 30.57
CA SER KA 319 50.03 -38.25 30.12
C SER KA 319 50.43 -37.40 31.30
N GLU KA 320 51.39 -36.49 31.08
CA GLU KA 320 51.86 -35.66 32.17
C GLU KA 320 50.81 -34.67 32.62
N SER KA 321 49.85 -34.33 31.77
CA SER KA 321 48.81 -33.38 32.10
C SER KA 321 47.45 -34.04 31.95
N ALA KA 322 46.53 -33.69 32.85
CA ALA KA 322 45.20 -34.27 32.81
C ALA KA 322 44.45 -33.82 31.56
N ILE KA 323 43.53 -34.67 31.09
CA ILE KA 323 42.72 -34.34 29.93
C ILE KA 323 41.26 -34.25 30.39
N PRO KA 324 40.49 -33.31 29.85
CA PRO KA 324 39.16 -33.04 30.40
C PRO KA 324 38.22 -34.22 30.25
N ALA KA 325 37.27 -34.32 31.18
CA ALA KA 325 36.24 -35.34 31.08
C ALA KA 325 35.32 -35.06 29.89
N ILE KA 326 35.05 -33.79 29.60
CA ILE KA 326 34.22 -33.42 28.45
C ILE KA 326 35.02 -32.44 27.61
N PRO KA 327 35.86 -32.92 26.71
CA PRO KA 327 36.74 -32.02 25.96
C PRO KA 327 35.97 -31.06 25.08
N THR KA 328 36.49 -29.84 24.96
CA THR KA 328 35.98 -28.87 24.01
C THR KA 328 36.85 -28.86 22.77
N MET KA 329 36.41 -28.10 21.77
CA MET KA 329 37.14 -28.04 20.51
C MET KA 329 38.58 -27.59 20.73
N SER KA 330 38.77 -26.61 21.61
CA SER KA 330 40.12 -26.14 21.89
C SER KA 330 40.98 -27.26 22.47
N ASP KA 331 40.40 -28.06 23.36
CA ASP KA 331 41.17 -29.14 23.97
C ASP KA 331 41.66 -30.12 22.92
N VAL KA 332 40.78 -30.54 22.02
CA VAL KA 332 41.16 -31.49 21.00
C VAL KA 332 42.22 -30.90 20.09
N ARG KA 333 42.06 -29.63 19.72
CA ARG KA 333 43.04 -28.98 18.86
C ARG KA 333 44.42 -29.03 19.48
N SER KA 334 44.52 -28.75 20.78
CA SER KA 334 45.81 -28.80 21.45
C SER KA 334 46.39 -30.20 21.38
N PHE KA 335 45.55 -31.22 21.55
CA PHE KA 335 46.04 -32.59 21.50
C PHE KA 335 46.57 -32.92 20.12
N VAL KA 336 45.79 -32.61 19.09
CA VAL KA 336 46.22 -32.90 17.72
C VAL KA 336 47.50 -32.14 17.40
N ALA KA 337 47.55 -30.86 17.79
CA ALA KA 337 48.72 -30.04 17.51
C ALA KA 337 49.98 -30.69 18.07
N ARG KA 338 49.91 -31.13 19.32
CA ARG KA 338 51.05 -31.81 19.91
C ARG KA 338 51.36 -33.11 19.16
N LEU KA 339 50.31 -33.85 18.79
CA LEU KA 339 50.54 -35.12 18.12
C LEU KA 339 51.22 -34.94 16.78
N MET KA 340 50.99 -33.81 16.12
CA MET KA 340 51.59 -33.55 14.82
C MET KA 340 52.93 -32.83 14.91
N ALA KA 341 53.43 -32.57 16.12
CA ALA KA 341 54.70 -31.88 16.26
C ALA KA 341 55.84 -32.76 15.79
N GLU KA 342 56.96 -32.12 15.48
CA GLU KA 342 58.16 -32.85 15.09
C GLU KA 342 58.71 -33.61 16.28
N GLY KA 343 59.15 -34.83 16.02
CA GLY KA 343 59.70 -35.67 17.07
C GLY KA 343 59.79 -37.10 16.63
N ASP KA 344 60.42 -37.90 17.46
CA ASP KA 344 60.60 -39.30 17.14
C ASP KA 344 59.32 -40.09 17.42
N PRO KA 345 59.03 -41.08 16.59
CA PRO KA 345 57.99 -42.05 16.95
C PRO KA 345 58.58 -43.14 17.83
N GLN KA 346 57.79 -43.59 18.79
CA GLN KA 346 58.24 -44.68 19.64
C GLN KA 346 58.36 -45.95 18.81
N GLN KA 347 59.34 -46.77 19.17
CA GLN KA 347 59.54 -48.02 18.46
C GLN KA 347 59.85 -49.16 19.42
N TRP KA 348 59.32 -49.10 20.64
CA TRP KA 348 59.45 -50.22 21.55
C TRP KA 348 58.65 -51.42 21.06
N PHE KA 349 57.43 -51.17 20.61
CA PHE KA 349 56.54 -52.22 20.13
C PHE KA 349 56.22 -51.98 18.67
N PRO KA 350 56.49 -52.95 17.79
CA PRO KA 350 56.15 -52.77 16.38
C PRO KA 350 54.68 -53.02 16.12
N TYR KA 351 54.18 -52.34 15.09
CA TYR KA 351 52.81 -52.57 14.66
C TYR KA 351 52.69 -53.93 14.01
N ARG KA 352 51.60 -54.63 14.30
CA ARG KA 352 51.26 -55.86 13.61
C ARG KA 352 49.78 -55.83 13.27
N VAL KA 353 49.44 -56.44 12.13
CA VAL KA 353 48.21 -56.08 11.44
C VAL KA 353 46.99 -56.40 12.28
N ASP KA 354 46.92 -57.60 12.85
CA ASP KA 354 45.78 -57.97 13.68
C ASP KA 354 46.24 -58.77 14.89
N GLN KA 355 47.30 -58.30 15.54
CA GLN KA 355 47.68 -58.81 16.85
C GLN KA 355 48.43 -57.72 17.58
N ILE KA 356 48.17 -57.61 18.89
CA ILE KA 356 48.73 -56.55 19.70
C ILE KA 356 49.65 -57.14 20.75
N LEU KA 357 50.81 -56.53 20.93
CA LEU KA 357 51.82 -57.01 21.85
C LEU KA 357 51.75 -56.26 23.16
N TYR KA 358 51.93 -56.98 24.27
CA TYR KA 358 51.88 -56.38 25.59
C TYR KA 358 53.10 -56.78 26.38
N TRP KA 359 53.56 -55.85 27.22
CA TRP KA 359 54.70 -56.12 28.08
C TRP KA 359 54.26 -56.95 29.28
N PRO KA 360 54.87 -58.09 29.54
CA PRO KA 360 54.42 -58.92 30.67
C PRO KA 360 54.48 -58.21 32.00
N GLU KA 361 55.38 -57.24 32.17
CA GLU KA 361 55.43 -56.50 33.42
C GLU KA 361 54.34 -55.45 33.53
N SER KA 362 53.62 -55.17 32.46
CA SER KA 362 52.57 -54.18 32.53
C SER KA 362 51.45 -54.66 33.44
N PRO KA 363 50.73 -53.72 34.08
CA PRO KA 363 49.54 -54.11 34.84
C PRO KA 363 48.43 -54.66 33.96
N PHE KA 364 48.55 -54.51 32.64
CA PHE KA 364 47.52 -55.00 31.74
C PHE KA 364 47.36 -56.51 31.84
N VAL KA 365 46.13 -56.97 31.73
CA VAL KA 365 45.80 -58.38 31.74
C VAL KA 365 45.11 -58.72 30.43
N PRO KA 366 45.63 -59.67 29.65
CA PRO KA 366 45.04 -59.93 28.34
C PRO KA 366 43.71 -60.65 28.48
N PRO KA 367 42.81 -60.48 27.53
CA PRO KA 367 41.59 -61.31 27.51
C PRO KA 367 41.89 -62.70 26.96
N ILE KA 368 40.85 -63.49 26.72
CA ILE KA 368 41.05 -64.87 26.29
C ILE KA 368 41.33 -64.99 24.79
N GLY KA 369 41.00 -63.97 24.00
CA GLY KA 369 41.11 -64.06 22.57
C GLY KA 369 42.54 -64.17 22.08
N PRO KA 370 42.72 -64.51 20.81
CA PRO KA 370 44.06 -64.66 20.25
C PRO KA 370 44.71 -63.37 19.78
N PHE KA 371 44.07 -62.22 20.00
CA PHE KA 371 44.55 -60.97 19.43
C PHE KA 371 45.69 -60.36 20.22
N TYR KA 372 46.04 -60.91 21.37
CA TYR KA 372 47.08 -60.34 22.22
C TYR KA 372 48.17 -61.35 22.49
N ALA KA 373 49.40 -60.86 22.62
CA ALA KA 373 50.55 -61.71 22.84
C ALA KA 373 51.63 -60.96 23.59
N PRO KA 374 52.30 -61.60 24.54
CA PRO KA 374 53.34 -60.90 25.29
C PRO KA 374 54.57 -60.62 24.43
N PHE KA 375 55.32 -59.60 24.84
CA PHE KA 375 56.50 -59.20 24.09
C PHE KA 375 57.49 -58.52 25.03
N ARG KA 376 58.76 -58.59 24.66
CA ARG KA 376 59.86 -58.08 25.48
C ARG KA 376 60.64 -57.01 24.75
N PRO KA 377 60.36 -55.73 24.96
CA PRO KA 377 61.25 -54.68 24.47
C PRO KA 377 62.58 -54.75 25.21
N VAL KA 378 63.62 -54.22 24.56
CA VAL KA 378 64.96 -54.38 25.10
C VAL KA 378 65.27 -53.36 26.19
N ASN KA 379 64.76 -52.14 26.08
CA ASN KA 379 65.19 -51.07 26.97
C ASN KA 379 64.00 -50.23 27.43
N PHE KA 380 62.93 -50.90 27.83
CA PHE KA 380 61.73 -50.19 28.26
C PHE KA 380 61.99 -49.47 29.58
N PRO KA 381 61.72 -48.16 29.66
CA PRO KA 381 62.07 -47.40 30.86
C PRO KA 381 60.97 -47.26 31.90
N PHE KA 382 59.77 -47.76 31.65
CA PHE KA 382 58.65 -47.49 32.53
C PHE KA 382 58.57 -48.50 33.67
N THR KA 383 57.77 -48.16 34.68
CA THR KA 383 57.51 -49.02 35.82
C THR KA 383 56.05 -48.89 36.21
N THR KA 384 55.55 -49.90 36.91
CA THR KA 384 54.20 -49.84 37.44
C THR KA 384 54.14 -48.88 38.61
N GLY KA 385 53.02 -48.18 38.73
CA GLY KA 385 52.83 -47.25 39.82
C GLY KA 385 51.81 -46.18 39.51
N SER KA 386 51.11 -45.72 40.53
CA SER KA 386 50.11 -44.68 40.33
C SER KA 386 50.76 -43.31 40.33
N TYR KA 387 50.06 -42.34 39.76
CA TYR KA 387 50.55 -40.96 39.70
C TYR KA 387 49.37 -40.02 39.78
N THR KA 388 49.41 -39.12 40.74
CA THR KA 388 48.36 -38.12 40.91
C THR KA 388 48.78 -36.81 40.24
N VAL KA 389 47.80 -35.95 40.00
CA VAL KA 389 48.00 -34.69 39.31
C VAL KA 389 47.74 -33.55 40.28
N VAL KA 390 48.59 -32.53 40.22
CA VAL KA 390 48.51 -31.39 41.13
C VAL KA 390 47.86 -30.22 40.41
N PRO KA 391 46.96 -29.49 41.06
CA PRO KA 391 46.36 -28.31 40.43
C PRO KA 391 47.43 -27.27 40.13
N ASP KA 392 47.10 -26.40 39.16
CA ASP KA 392 48.04 -25.39 38.72
C ASP KA 392 48.25 -24.33 39.79
N ALA KA 393 49.33 -23.58 39.66
CA ALA KA 393 49.73 -22.58 40.62
C ALA KA 393 49.45 -21.18 40.09
N SER KA 394 48.95 -20.32 40.97
CA SER KA 394 48.67 -18.93 40.62
C SER KA 394 49.89 -18.04 40.70
N ARG KA 395 51.03 -18.57 41.13
CA ARG KA 395 52.23 -17.79 41.37
C ARG KA 395 53.41 -18.45 40.67
N PRO KA 396 54.35 -17.66 40.18
CA PRO KA 396 55.63 -18.25 39.74
C PRO KA 396 56.30 -18.95 40.91
N LEU KA 397 56.92 -20.09 40.62
CA LEU KA 397 57.50 -20.92 41.66
C LEU KA 397 58.95 -20.54 41.91
N ARG KA 398 59.42 -20.86 43.11
CA ARG KA 398 60.81 -20.66 43.51
C ARG KA 398 61.41 -22.00 43.89
N LEU KA 399 62.66 -22.22 43.50
CA LEU KA 399 63.36 -23.45 43.80
C LEU KA 399 64.66 -23.15 44.51
N LEU KA 400 65.19 -24.16 45.20
CA LEU KA 400 66.45 -24.05 45.90
C LEU KA 400 67.44 -25.02 45.28
N PRO KA 401 68.63 -24.56 44.91
CA PRO KA 401 69.57 -25.43 44.18
C PRO KA 401 70.05 -26.60 45.02
N GLN KA 402 70.18 -27.75 44.37
CA GLN KA 402 70.79 -28.95 44.93
C GLN KA 402 71.55 -29.63 43.80
N TYR KA 403 72.76 -30.09 44.10
CA TYR KA 403 73.71 -30.43 43.05
C TYR KA 403 74.03 -31.91 43.02
N ARG KA 404 74.29 -32.40 41.82
CA ARG KA 404 74.87 -33.72 41.62
C ARG KA 404 76.39 -33.62 41.71
N ASN KA 405 77.07 -34.74 41.48
CA ASN KA 405 78.52 -34.74 41.51
C ASN KA 405 79.13 -34.30 40.19
N ALA KA 406 78.33 -34.16 39.14
CA ALA KA 406 78.85 -33.76 37.84
C ALA KA 406 79.08 -32.25 37.79
N THR KA 407 80.04 -31.84 36.97
CA THR KA 407 80.33 -30.43 36.80
C THR KA 407 80.74 -30.19 35.35
N ILE KA 408 80.72 -28.92 34.95
CA ILE KA 408 80.89 -28.54 33.56
C ILE KA 408 81.82 -27.34 33.47
N THR KA 409 82.64 -27.32 32.43
CA THR KA 409 83.56 -26.22 32.19
C THR KA 409 82.80 -24.93 31.89
N VAL KA 410 83.47 -23.80 32.13
CA VAL KA 410 82.83 -22.51 32.01
C VAL KA 410 82.36 -22.27 30.58
N GLN KA 411 83.20 -22.61 29.60
CA GLN KA 411 82.88 -22.31 28.21
C GLN KA 411 81.58 -23.01 27.81
N GLN KA 412 81.45 -24.29 28.17
CA GLN KA 412 80.21 -25.00 27.88
C GLN KA 412 79.04 -24.32 28.56
N ALA KA 413 79.22 -23.88 29.80
CA ALA KA 413 78.14 -23.20 30.49
C ALA KA 413 77.74 -21.94 29.73
N ASP KA 414 78.71 -21.16 29.27
CA ASP KA 414 78.39 -19.91 28.61
C ASP KA 414 77.67 -20.14 27.28
N ASP KA 415 78.23 -21.01 26.43
CA ASP KA 415 77.62 -21.23 25.12
C ASP KA 415 76.25 -21.86 25.27
N ALA KA 416 76.08 -22.76 26.24
CA ALA KA 416 74.75 -23.30 26.50
C ALA KA 416 73.79 -22.20 26.95
N TYR KA 417 74.32 -21.16 27.57
CA TYR KA 417 73.47 -20.05 28.01
C TYR KA 417 73.14 -19.12 26.86
N GLU KA 418 74.14 -18.77 26.05
CA GLU KA 418 73.97 -17.71 25.08
C GLU KA 418 72.97 -18.05 23.97
N ASP KA 419 72.63 -19.32 23.79
CA ASP KA 419 71.66 -19.72 22.77
C ASP KA 419 70.34 -20.13 23.37
N THR KA 420 70.17 -19.99 24.68
CA THR KA 420 68.91 -20.27 25.33
C THR KA 420 68.40 -19.10 26.16
N ALA KA 421 69.15 -18.01 26.22
CA ALA KA 421 68.78 -16.89 27.07
C ALA KA 421 67.99 -15.85 26.29
N LEU KA 422 67.14 -15.12 27.02
CA LEU KA 422 66.48 -13.94 26.48
C LEU KA 422 67.41 -12.74 26.69
N SER KA 423 68.48 -12.72 25.90
CA SER KA 423 69.62 -11.86 26.22
C SER KA 423 69.25 -10.39 26.33
N PRO KA 424 68.60 -9.77 25.34
CA PRO KA 424 67.99 -8.46 25.60
C PRO KA 424 66.59 -8.64 26.12
N LEU KA 425 66.27 -7.92 27.19
CA LEU KA 425 65.05 -8.18 27.93
C LEU KA 425 64.39 -6.86 28.34
N ILE KA 426 63.06 -6.91 28.47
CA ILE KA 426 62.27 -5.79 28.95
C ILE KA 426 61.87 -6.06 30.39
N THR KA 427 62.15 -5.11 31.27
CA THR KA 427 61.92 -5.28 32.70
C THR KA 427 61.23 -4.05 33.25
N THR KA 428 60.80 -4.18 34.51
CA THR KA 428 60.21 -3.09 35.26
C THR KA 428 60.99 -2.91 36.56
N HIS KA 429 61.08 -1.67 37.02
CA HIS KA 429 61.84 -1.40 38.23
C HIS KA 429 61.02 -1.66 39.48
N GLY KA 430 59.77 -1.26 39.49
CA GLY KA 430 59.03 -1.20 40.74
C GLY KA 430 59.48 0.02 41.53
N PHE KA 431 59.28 -0.06 42.84
CA PHE KA 431 59.67 1.03 43.74
C PHE KA 431 60.69 0.52 44.73
N CYS KA 432 61.78 1.28 44.89
CA CYS KA 432 62.84 0.88 45.79
C CYS KA 432 62.56 1.33 47.21
N VAL KA 433 62.18 2.59 47.39
CA VAL KA 433 61.85 3.13 48.71
C VAL KA 433 60.33 3.14 48.85
N THR KA 434 59.83 2.43 49.85
CA THR KA 434 58.40 2.31 50.06
C THR KA 434 57.80 3.47 50.85
N GLY KA 435 58.60 4.14 51.66
CA GLY KA 435 58.09 5.26 52.43
C GLY KA 435 58.94 5.50 53.65
N GLY KA 436 58.44 6.37 54.52
CA GLY KA 436 59.14 6.71 55.74
C GLY KA 436 60.26 7.70 55.50
N VAL KA 437 60.90 8.12 56.59
CA VAL KA 437 62.01 9.05 56.46
C VAL KA 437 63.01 8.79 57.58
N SER KA 438 64.28 8.97 57.30
CA SER KA 438 65.28 8.84 58.34
C SER KA 438 65.84 10.21 58.62
N THR KA 439 65.19 10.96 59.48
CA THR KA 439 65.60 12.34 59.72
C THR KA 439 66.64 12.52 60.83
N SER KA 440 67.09 13.75 61.02
CA SER KA 440 68.07 14.07 62.03
C SER KA 440 68.00 15.55 62.35
N ILE KA 441 68.30 15.89 63.60
CA ILE KA 441 68.19 17.25 64.09
C ILE KA 441 69.49 17.62 64.79
N TYR KA 442 69.96 18.84 64.54
CA TYR KA 442 71.20 19.33 65.12
C TYR KA 442 70.93 20.68 65.78
N ASP KA 443 71.12 20.73 67.09
CA ASP KA 443 71.11 22.01 67.78
C ASP KA 443 72.46 22.68 67.57
N ILE KA 444 72.43 23.89 66.99
CA ILE KA 444 73.66 24.60 66.70
C ILE KA 444 74.02 25.57 67.82
N SER KA 445 73.04 26.33 68.30
CA SER KA 445 73.31 27.31 69.34
C SER KA 445 73.81 26.64 70.62
N GLY KA 446 73.44 25.38 70.84
CA GLY KA 446 73.86 24.70 72.05
C GLY KA 446 75.36 24.50 72.14
N ASP KA 447 76.02 24.33 71.00
CA ASP KA 447 77.46 24.09 70.99
C ASP KA 447 78.19 25.38 71.32
N PRO KA 448 78.99 25.41 72.39
CA PRO KA 448 79.74 26.64 72.71
C PRO KA 448 81.05 26.78 71.97
N THR KA 449 81.46 25.77 71.20
CA THR KA 449 82.78 25.75 70.58
C THR KA 449 82.73 26.58 69.30
N ALA KA 450 83.26 27.79 69.37
CA ALA KA 450 83.28 28.66 68.19
C ALA KA 450 84.11 28.02 67.08
N TYR KA 451 83.67 28.20 65.85
CA TYR KA 451 84.34 27.62 64.71
C TYR KA 451 84.22 28.59 63.53
N PRO KA 452 85.34 29.07 62.99
CA PRO KA 452 85.28 30.10 61.95
C PRO KA 452 84.59 29.58 60.71
N PRO KA 453 83.68 30.38 60.13
CA PRO KA 453 82.90 29.88 58.98
C PRO KA 453 83.74 29.54 57.77
N ALA KA 454 84.85 30.25 57.56
CA ALA KA 454 85.65 30.03 56.37
C ALA KA 454 86.19 28.60 56.29
N GLN KA 455 86.30 27.92 57.42
CA GLN KA 455 86.85 26.58 57.48
C GLN KA 455 85.79 25.49 57.33
N LEU KA 456 84.54 25.87 57.08
CA LEU KA 456 83.49 24.87 56.90
C LEU KA 456 83.73 24.07 55.63
N VAL KA 457 83.31 22.81 55.67
CA VAL KA 457 83.34 21.98 54.48
C VAL KA 457 82.33 22.52 53.47
N ASP KA 458 82.62 22.34 52.19
CA ASP KA 458 81.79 22.89 51.13
C ASP KA 458 81.27 21.77 50.24
N THR KA 459 80.46 22.17 49.26
CA THR KA 459 79.83 21.20 48.37
C THR KA 459 80.91 20.43 47.60
N PRO KA 460 80.74 19.12 47.41
CA PRO KA 460 81.73 18.35 46.66
C PRO KA 460 81.84 18.86 45.22
N ASN KA 461 83.04 18.72 44.67
CA ASN KA 461 83.32 19.29 43.35
C ASN KA 461 82.44 18.68 42.28
N ASP KA 462 82.21 17.38 42.34
CA ASP KA 462 81.43 16.68 41.33
C ASP KA 462 79.94 16.72 41.60
N TYR KA 463 79.50 17.46 42.61
CA TYR KA 463 78.11 17.38 43.02
C TYR KA 463 77.14 17.72 41.90
N PHE KA 464 77.58 18.55 40.95
CA PHE KA 464 76.75 18.90 39.81
C PHE KA 464 77.22 18.23 38.53
N ASP KA 465 77.95 17.12 38.64
CA ASP KA 465 78.26 16.32 37.47
C ASP KA 465 76.99 15.69 36.91
N ARG KA 466 76.98 15.49 35.59
CA ARG KA 466 75.79 14.96 34.94
C ARG KA 466 75.39 13.62 35.54
N GLU KA 467 76.36 12.73 35.75
CA GLU KA 467 76.05 11.38 36.21
C GLU KA 467 75.42 11.42 37.60
N ARG KA 468 76.05 12.13 38.53
CA ARG KA 468 75.50 12.20 39.87
C ARG KA 468 74.12 12.83 39.86
N MET KA 469 73.94 13.88 39.06
CA MET KA 469 72.61 14.47 38.90
C MET KA 469 71.63 13.46 38.33
N ALA KA 470 72.08 12.69 37.34
CA ALA KA 470 71.21 11.68 36.75
C ALA KA 470 70.78 10.65 37.79
N ARG KA 471 71.73 10.15 38.58
CA ARG KA 471 71.38 9.20 39.63
C ARG KA 471 70.46 9.84 40.65
N ARG KA 472 70.71 11.11 40.96
CA ARG KA 472 69.84 11.83 41.89
C ARG KA 472 68.41 11.85 41.38
N ASP KA 473 68.23 12.15 40.09
CA ASP KA 473 66.89 12.10 39.52
C ASP KA 473 66.33 10.69 39.51
N LEU KA 474 67.18 9.71 39.17
CA LEU KA 474 66.72 8.33 39.12
C LEU KA 474 66.19 7.89 40.47
N PHE KA 475 66.89 8.25 41.54
CA PHE KA 475 66.42 7.91 42.88
C PHE KA 475 65.08 8.57 43.17
N ARG KA 476 64.90 9.79 42.69
CA ARG KA 476 63.64 10.49 42.92
C ARG KA 476 62.46 9.71 42.37
N ARG KA 477 62.63 9.11 41.19
CA ARG KA 477 61.57 8.30 40.61
C ARG KA 477 61.32 7.03 41.40
N LEU KA 478 62.37 6.46 41.97
CA LEU KA 478 62.26 5.12 42.55
C LEU KA 478 61.43 5.09 43.82
N ARG KA 479 61.28 6.22 44.51
CA ARG KA 479 60.46 6.22 45.72
C ARG KA 479 59.00 6.01 45.36
N ALA KA 480 58.28 5.31 46.24
CA ALA KA 480 56.87 5.08 46.02
C ALA KA 480 56.14 6.42 45.94
N PRO KA 481 55.10 6.50 45.11
CA PRO KA 481 54.43 7.80 44.90
C PRO KA 481 53.63 8.21 46.12
N ALA KA 482 53.80 9.46 46.51
CA ALA KA 482 53.06 10.08 47.61
C ALA KA 482 53.31 11.57 47.55
N ASP KA 483 52.79 12.31 48.53
CA ASP KA 483 53.03 13.74 48.62
C ASP KA 483 54.32 13.96 49.41
N ARG KA 484 55.39 14.33 48.70
CA ARG KA 484 56.67 14.54 49.36
C ARG KA 484 56.59 15.67 50.37
N SER KA 485 55.97 16.78 49.97
CA SER KA 485 55.92 17.96 50.84
C SER KA 485 55.12 17.67 52.11
N ALA KA 486 54.04 16.89 51.98
CA ALA KA 486 53.22 16.57 53.15
C ALA KA 486 54.06 15.91 54.23
N ILE KA 487 54.83 14.88 53.85
CA ILE KA 487 55.68 14.21 54.82
C ILE KA 487 56.76 15.16 55.31
N LYS KA 488 57.37 15.91 54.40
CA LYS KA 488 58.45 16.81 54.78
C LYS KA 488 57.97 17.86 55.77
N ASP KA 489 56.84 18.50 55.47
CA ASP KA 489 56.31 19.51 56.39
C ASP KA 489 55.94 18.90 57.73
N ARG KA 490 55.31 17.72 57.71
CA ARG KA 490 54.87 17.11 58.95
C ARG KA 490 56.04 16.87 59.89
N ALA KA 491 57.17 16.45 59.35
CA ALA KA 491 58.34 16.22 60.19
C ALA KA 491 58.78 17.50 60.87
N VAL KA 492 58.82 18.61 60.14
CA VAL KA 492 59.29 19.87 60.70
C VAL KA 492 58.35 20.32 61.81
N PHE KA 493 57.04 20.33 61.53
CA PHE KA 493 56.09 20.79 62.53
C PHE KA 493 56.08 19.90 63.76
N ASP KA 494 56.41 18.62 63.60
CA ASP KA 494 56.56 17.77 64.76
C ASP KA 494 57.66 18.31 65.67
N PHE KA 495 58.77 18.77 65.09
CA PHE KA 495 59.81 19.40 65.88
C PHE KA 495 59.32 20.70 66.51
N LEU KA 496 58.65 21.52 65.71
CA LEU KA 496 58.24 22.83 66.20
C LEU KA 496 57.30 22.72 67.39
N ALA KA 497 56.41 21.72 67.36
CA ALA KA 497 55.49 21.53 68.48
C ALA KA 497 56.24 21.26 69.78
N SER KA 498 57.47 20.76 69.70
CA SER KA 498 58.27 20.49 70.88
C SER KA 498 59.21 21.63 71.25
N LEU KA 499 59.30 22.67 70.42
CA LEU KA 499 60.26 23.73 70.67
C LEU KA 499 59.84 24.55 71.88
N VAL KA 500 60.77 24.71 72.82
CA VAL KA 500 60.52 25.38 74.09
C VAL KA 500 61.66 26.37 74.35
N ASN KA 501 61.31 27.57 74.82
CA ASN KA 501 62.32 28.58 75.02
C ASN KA 501 63.27 28.16 76.15
N PRO KA 502 64.56 28.47 76.03
CA PRO KA 502 65.52 27.98 77.01
C PRO KA 502 65.52 28.75 78.31
N THR KA 503 65.17 30.03 78.25
CA THR KA 503 65.28 30.89 79.42
C THR KA 503 64.19 30.60 80.45
N THR KA 504 62.96 30.38 79.98
CA THR KA 504 61.83 30.22 80.90
C THR KA 504 61.10 28.90 80.71
N ALA KA 505 61.60 28.02 79.86
CA ALA KA 505 61.09 26.64 79.76
C ALA KA 505 59.60 26.60 79.48
N ASN KA 506 59.15 27.41 78.53
CA ASN KA 506 57.78 27.34 78.05
C ASN KA 506 57.78 27.25 76.54
N PRO KA 507 56.77 26.62 75.95
CA PRO KA 507 56.77 26.43 74.49
C PRO KA 507 56.78 27.77 73.77
N VAL KA 508 57.54 27.81 72.67
CA VAL KA 508 57.65 29.04 71.90
C VAL KA 508 56.32 29.39 71.26
N LEU KA 509 55.62 28.40 70.73
CA LEU KA 509 54.30 28.64 70.15
C LEU KA 509 53.22 28.65 71.23
N ASP KA 510 52.04 29.10 70.84
CA ASP KA 510 50.92 29.16 71.76
C ASP KA 510 49.63 29.15 70.94
N THR KA 511 48.53 28.79 71.59
CA THR KA 511 47.24 28.81 70.92
C THR KA 511 46.94 30.22 70.42
N SER KA 512 46.27 30.29 69.27
CA SER KA 512 45.89 31.51 68.58
C SER KA 512 47.09 32.25 68.00
N PHE KA 513 48.25 31.60 67.90
CA PHE KA 513 49.39 32.27 67.31
C PHE KA 513 49.14 32.56 65.85
N SER KA 514 49.77 33.62 65.35
CA SER KA 514 49.60 34.06 63.97
C SER KA 514 50.68 33.42 63.10
N MET KA 515 50.26 32.81 62.01
CA MET KA 515 51.16 32.08 61.13
C MET KA 515 50.99 32.54 59.69
N ALA KA 516 52.11 32.63 58.98
CA ALA KA 516 52.11 32.88 57.55
C ALA KA 516 52.87 31.76 56.87
N TYR KA 517 52.16 30.97 56.05
CA TYR KA 517 52.84 29.97 55.25
C TYR KA 517 53.56 30.68 54.12
N LEU KA 518 54.66 31.35 54.44
CA LEU KA 518 55.36 32.15 53.45
C LEU KA 518 55.85 31.30 52.29
N GLY KA 519 56.05 30.00 52.54
CA GLY KA 519 56.40 29.10 51.46
C GLY KA 519 55.34 29.10 50.39
N ALA KA 520 55.72 28.69 49.19
CA ALA KA 520 54.81 28.79 48.05
C ALA KA 520 53.68 27.78 48.21
N SER KA 521 52.54 28.26 48.70
CA SER KA 521 51.32 27.49 48.57
C SER KA 521 51.05 27.27 47.09
N SER KA 522 50.99 26.01 46.67
CA SER KA 522 51.16 25.73 45.25
C SER KA 522 50.10 24.78 44.70
N ALA KA 523 48.94 24.71 45.33
CA ALA KA 523 47.85 23.83 44.89
C ALA KA 523 48.38 22.42 44.65
N HIS KA 524 49.02 21.88 45.69
CA HIS KA 524 49.74 20.62 45.56
C HIS KA 524 48.79 19.47 45.26
N ALA KA 525 49.13 18.69 44.25
CA ALA KA 525 48.38 17.51 43.86
C ALA KA 525 46.90 17.81 43.66
N ASN KA 526 46.04 17.15 44.44
CA ASN KA 526 44.60 17.29 44.29
C ASN KA 526 44.03 18.51 45.00
N ALA KA 527 44.78 19.13 45.90
CA ALA KA 527 44.28 20.24 46.69
C ALA KA 527 44.72 21.57 46.08
N ASP KA 528 44.10 22.64 46.57
CA ASP KA 528 44.44 24.00 46.18
C ASP KA 528 45.43 24.66 47.12
N GLU KA 529 45.77 24.01 48.22
CA GLU KA 529 46.71 24.54 49.20
C GLU KA 529 47.50 23.38 49.77
N PRO KA 530 48.67 23.63 50.36
CA PRO KA 530 49.44 22.53 50.95
C PRO KA 530 48.61 21.78 51.98
N VAL KA 531 48.64 20.45 51.89
CA VAL KA 531 47.70 19.62 52.65
C VAL KA 531 47.93 19.74 54.14
N ILE KA 532 49.16 20.09 54.55
CA ILE KA 532 49.46 20.17 55.97
C ILE KA 532 48.58 21.17 56.69
N LEU KA 533 48.05 22.16 55.96
CA LEU KA 533 47.21 23.17 56.58
C LEU KA 533 45.94 22.55 57.18
N ALA KA 534 45.38 21.53 56.54
CA ALA KA 534 44.21 20.88 57.10
C ALA KA 534 44.49 20.30 58.46
N ASP KA 535 45.63 19.62 58.61
CA ASP KA 535 46.01 19.08 59.90
C ASP KA 535 46.22 20.18 60.92
N ILE KA 536 46.86 21.27 60.52
CA ILE KA 536 47.13 22.36 61.44
C ILE KA 536 45.84 23.00 61.91
N ARG KA 537 44.93 23.28 60.98
CA ARG KA 537 43.66 23.90 61.36
C ARG KA 537 42.86 22.98 62.28
N SER KA 538 43.00 21.67 62.11
CA SER KA 538 42.22 20.70 62.86
C SER KA 538 42.91 20.24 64.14
N GLY KA 539 44.10 20.73 64.43
CA GLY KA 539 44.82 20.24 65.58
C GLY KA 539 45.24 18.79 65.48
N SER KA 540 45.34 18.28 64.26
CA SER KA 540 45.68 16.87 64.07
C SER KA 540 47.07 16.56 64.62
N ILE KA 541 48.00 17.50 64.52
CA ILE KA 541 49.37 17.28 64.97
C ILE KA 541 49.42 17.32 66.48
N PRO KA 542 49.87 16.25 67.14
CA PRO KA 542 49.89 16.24 68.60
C PRO KA 542 50.88 17.26 69.15
N GLY KA 543 50.47 17.94 70.22
CA GLY KA 543 51.30 18.92 70.87
C GLY KA 543 51.37 20.26 70.18
N LEU KA 544 50.78 20.40 69.02
CA LEU KA 544 50.84 21.67 68.30
C LEU KA 544 49.58 22.48 68.59
N PRO KA 545 49.72 23.71 69.06
CA PRO KA 545 48.54 24.53 69.33
C PRO KA 545 47.87 24.99 68.04
N ILE KA 546 46.64 25.46 68.17
CA ILE KA 546 45.85 25.93 67.04
C ILE KA 546 46.20 27.38 66.72
N PRO KA 547 46.58 27.70 65.48
CA PRO KA 547 46.79 29.09 65.12
C PRO KA 547 45.48 29.84 65.00
N ARG KA 548 45.53 31.15 65.23
CA ARG KA 548 44.34 31.98 65.08
C ARG KA 548 43.99 32.15 63.61
N ARG KA 549 44.99 32.30 62.75
CA ARG KA 549 44.75 32.47 61.32
C ARG KA 549 46.03 32.10 60.57
N ILE KA 550 45.85 31.79 59.30
CA ILE KA 550 46.95 31.38 58.43
C ILE KA 550 46.88 32.18 57.14
N VAL KA 551 48.03 32.72 56.71
CA VAL KA 551 48.12 33.50 55.49
C VAL KA 551 49.15 32.86 54.58
N GLN KA 552 48.93 32.96 53.28
CA GLN KA 552 49.75 32.27 52.29
C GLN KA 552 50.33 33.25 51.31
N PHE KA 553 51.54 32.94 50.82
CA PHE KA 553 52.26 33.81 49.91
C PHE KA 553 53.11 32.96 48.98
N GLY KA 554 53.57 33.59 47.90
CA GLY KA 554 54.45 32.95 46.95
C GLY KA 554 54.03 33.27 45.52
N TYR KA 555 54.45 32.41 44.61
CA TYR KA 555 54.13 32.57 43.19
C TYR KA 555 52.89 31.79 42.77
N ASP KA 556 52.65 30.63 43.39
CA ASP KA 556 51.61 29.71 42.93
C ASP KA 556 50.40 29.69 43.85
N VAL KA 557 50.21 30.75 44.63
CA VAL KA 557 49.10 30.76 45.58
C VAL KA 557 47.77 30.92 44.85
N VAL KA 558 46.71 30.52 45.53
CA VAL KA 558 45.37 30.85 45.10
C VAL KA 558 44.64 31.57 46.24
N HIS KA 559 44.70 31.01 47.44
CA HIS KA 559 44.06 31.61 48.60
C HIS KA 559 45.03 32.51 49.38
N GLY KA 560 45.62 33.46 48.67
CA GLY KA 560 46.59 34.35 49.30
C GLY KA 560 46.94 35.51 48.41
N SER KA 561 48.22 35.86 48.36
CA SER KA 561 48.68 36.99 47.57
C SER KA 561 49.97 36.63 46.86
N LEU KA 562 50.15 37.23 45.68
CA LEU KA 562 51.34 37.01 44.88
C LEU KA 562 52.38 38.09 45.17
N LEU KA 563 53.63 37.66 45.34
CA LEU KA 563 54.72 38.59 45.54
C LEU KA 563 56.03 37.84 45.46
N ASP KA 564 57.10 38.59 45.22
CA ASP KA 564 58.45 38.05 45.20
C ASP KA 564 59.09 38.28 46.56
N LEU KA 565 59.64 37.23 47.14
CA LEU KA 565 60.22 37.30 48.47
C LEU KA 565 61.63 37.87 48.46
N SER KA 566 62.16 38.19 47.30
CA SER KA 566 63.53 38.71 47.20
C SER KA 566 63.62 40.20 47.50
N ARG KA 567 62.52 40.92 47.52
CA ARG KA 567 62.52 42.35 47.79
C ARG KA 567 61.76 42.64 49.08
N ALA KA 568 61.68 43.92 49.41
CA ALA KA 568 60.88 44.35 50.55
C ALA KA 568 59.41 44.05 50.30
N VAL KA 569 58.67 43.85 51.39
CA VAL KA 569 57.29 43.40 51.27
C VAL KA 569 56.37 44.21 52.17
N PRO KA 570 55.20 44.63 51.69
CA PRO KA 570 54.23 45.35 52.53
C PRO KA 570 53.24 44.39 53.19
N THR KA 571 53.72 43.57 54.11
CA THR KA 571 52.96 42.40 54.54
C THR KA 571 52.63 42.36 56.02
N GLY KA 572 53.06 43.33 56.81
CA GLY KA 572 52.82 43.23 58.24
C GLY KA 572 53.77 42.25 58.89
N THR KA 573 53.30 41.46 59.86
CA THR KA 573 54.18 40.56 60.58
C THR KA 573 53.37 39.43 61.19
N PHE KA 574 54.09 38.40 61.64
CA PHE KA 574 53.46 37.19 62.16
C PHE KA 574 54.31 36.60 63.26
N GLY KA 575 53.71 35.68 64.00
CA GLY KA 575 54.41 34.96 65.04
C GLY KA 575 55.23 33.81 64.49
N LEU KA 576 54.65 33.06 63.55
CA LEU KA 576 55.33 31.97 62.89
C LEU KA 576 55.41 32.26 61.40
N VAL KA 577 56.62 32.19 60.85
CA VAL KA 577 56.85 32.35 59.42
C VAL KA 577 57.45 31.05 58.92
N TYR KA 578 56.70 30.34 58.08
CA TYR KA 578 57.14 29.06 57.52
C TYR KA 578 57.50 29.32 56.06
N ALA KA 579 58.80 29.43 55.78
CA ALA KA 579 59.29 29.82 54.47
C ALA KA 579 59.79 28.58 53.73
N ASP KA 580 58.85 27.86 53.11
CA ASP KA 580 59.19 26.73 52.25
C ASP KA 580 59.33 27.25 50.82
N LEU KA 581 60.47 27.87 50.56
CA LEU KA 581 60.76 28.42 49.24
C LEU KA 581 61.90 27.65 48.59
N ASP KA 582 61.72 27.31 47.32
CA ASP KA 582 62.82 26.77 46.54
C ASP KA 582 63.71 27.92 46.06
N GLN KA 583 64.98 27.57 45.80
CA GLN KA 583 65.90 28.50 45.16
C GLN KA 583 66.30 28.09 43.76
N VAL KA 584 66.14 26.79 43.43
CA VAL KA 584 66.66 26.27 42.17
C VAL KA 584 65.86 26.74 40.97
N GLU KA 585 64.62 27.20 41.17
CA GLU KA 585 63.74 27.46 40.05
C GLU KA 585 64.26 28.56 39.13
N ASP KA 586 65.23 29.36 39.57
CA ASP KA 586 65.87 30.33 38.69
C ASP KA 586 67.39 30.22 38.74
N ALA KA 587 67.91 29.14 39.31
CA ALA KA 587 69.36 28.92 39.36
C ALA KA 587 69.59 27.42 39.39
N GLY KA 588 69.89 26.85 38.23
CA GLY KA 588 70.13 25.42 38.14
C GLY KA 588 71.40 25.00 38.86
N THR KA 589 72.53 25.57 38.46
CA THR KA 589 73.79 25.28 39.13
C THR KA 589 74.59 26.55 39.41
N ASP KA 590 74.02 27.72 39.19
CA ASP KA 590 74.72 28.99 39.39
C ASP KA 590 74.73 29.29 40.88
N MET KA 591 75.75 28.79 41.57
CA MET KA 591 75.77 28.89 43.03
C MET KA 591 75.72 30.33 43.54
N PRO KA 592 76.54 31.27 43.04
CA PRO KA 592 76.44 32.63 43.59
C PRO KA 592 75.06 33.24 43.43
N ALA KA 593 74.39 32.95 42.32
CA ALA KA 593 73.01 33.40 42.16
C ALA KA 593 72.11 32.75 43.21
N ALA KA 594 72.29 31.45 43.42
CA ALA KA 594 71.50 30.76 44.44
C ALA KA 594 71.76 31.34 45.82
N ASN KA 595 73.01 31.66 46.11
CA ASN KA 595 73.35 32.22 47.41
C ASN KA 595 72.65 33.54 47.65
N ARG KA 596 72.65 34.42 46.65
CA ARG KA 596 71.99 35.71 46.79
C ARG KA 596 70.51 35.52 47.05
N ALA KA 597 69.87 34.61 46.32
CA ALA KA 597 68.45 34.35 46.54
C ALA KA 597 68.21 33.86 47.95
N ALA KA 598 69.04 32.92 48.41
CA ALA KA 598 68.85 32.37 49.75
C ALA KA 598 69.00 33.45 50.80
N ILE KA 599 70.06 34.25 50.70
CA ILE KA 599 70.29 35.29 51.69
C ILE KA 599 69.14 36.29 51.68
N ALA KA 600 68.71 36.71 50.50
CA ALA KA 600 67.62 37.68 50.41
C ALA KA 600 66.35 37.14 51.05
N MET KA 601 65.98 35.90 50.70
CA MET KA 601 64.77 35.33 51.26
C MET KA 601 64.87 35.18 52.77
N LEU KA 602 66.05 34.81 53.26
CA LEU KA 602 66.25 34.71 54.70
C LEU KA 602 65.99 36.05 55.38
N GLY KA 603 66.52 37.13 54.81
CA GLY KA 603 66.34 38.42 55.43
C GLY KA 603 64.88 38.84 55.52
N THR KA 604 64.14 38.69 54.42
CA THR KA 604 62.74 39.05 54.44
C THR KA 604 61.95 38.18 55.41
N ALA KA 605 62.28 36.90 55.46
CA ALA KA 605 61.58 36.00 56.37
C ALA KA 605 61.73 36.45 57.81
N LEU KA 606 62.95 36.84 58.19
CA LEU KA 606 63.16 37.35 59.54
C LEU KA 606 62.36 38.62 59.76
N GLN KA 607 62.33 39.51 58.76
CA GLN KA 607 61.66 40.79 58.93
C GLN KA 607 60.16 40.64 59.15
N MET KA 608 59.58 39.52 58.72
CA MET KA 608 58.15 39.32 58.89
C MET KA 608 57.78 38.70 60.22
N THR KA 609 58.77 38.36 61.05
CA THR KA 609 58.50 37.76 62.35
C THR KA 609 58.38 38.83 63.42
N THR KA 610 57.38 38.69 64.27
CA THR KA 610 57.27 39.56 65.44
C THR KA 610 58.40 39.24 66.42
N ALA KA 611 58.59 40.15 67.37
CA ALA KA 611 59.55 39.91 68.43
C ALA KA 611 59.18 38.65 69.19
N GLY KA 612 60.18 37.85 69.52
CA GLY KA 612 59.93 36.59 70.18
C GLY KA 612 59.32 35.52 69.29
N GLY KA 613 59.17 35.81 68.00
CA GLY KA 613 58.61 34.84 67.08
C GLY KA 613 59.64 33.82 66.64
N VAL KA 614 59.23 32.99 65.69
CA VAL KA 614 60.07 31.92 65.16
C VAL KA 614 59.86 31.83 63.67
N SER KA 615 60.94 31.63 62.92
CA SER KA 615 60.89 31.52 61.49
C SER KA 615 61.76 30.35 61.03
N VAL KA 616 61.29 29.64 60.01
CA VAL KA 616 62.04 28.53 59.42
C VAL KA 616 62.21 28.80 57.95
N LEU KA 617 63.28 28.27 57.39
CA LEU KA 617 63.61 28.48 55.98
C LEU KA 617 64.25 27.22 55.42
N LYS KA 618 63.78 26.78 54.26
CA LYS KA 618 64.40 25.68 53.54
C LYS KA 618 65.51 26.22 52.66
N VAL KA 619 66.67 25.58 52.72
CA VAL KA 619 67.84 25.98 51.93
C VAL KA 619 68.24 24.81 51.06
N ASN KA 620 68.33 25.04 49.75
CA ASN KA 620 68.69 23.97 48.83
C ASN KA 620 70.15 23.57 48.97
N PHE KA 621 71.04 24.55 49.12
CA PHE KA 621 72.48 24.29 49.09
C PHE KA 621 73.16 24.99 50.26
N PRO KA 622 73.44 24.28 51.33
CA PRO KA 622 74.18 24.88 52.45
C PRO KA 622 75.64 25.08 52.09
N THR KA 623 75.93 26.14 51.35
CA THR KA 623 77.27 26.44 50.88
C THR KA 623 78.00 27.31 51.90
N ARG KA 624 79.31 27.08 52.02
CA ARG KA 624 80.08 27.84 53.00
C ARG KA 624 80.01 29.34 52.72
N ALA KA 625 79.90 29.72 51.45
CA ALA KA 625 79.67 31.12 51.14
C ALA KA 625 78.35 31.59 51.72
N PHE KA 626 77.31 30.78 51.60
CA PHE KA 626 76.02 31.12 52.19
C PHE KA 626 76.14 31.27 53.70
N TRP KA 627 76.82 30.33 54.35
CA TRP KA 627 76.98 30.40 55.79
C TRP KA 627 77.76 31.65 56.20
N THR KA 628 78.75 32.03 55.41
CA THR KA 628 79.54 33.22 55.70
C THR KA 628 78.63 34.44 55.82
N GLN KA 629 77.77 34.65 54.83
CA GLN KA 629 76.90 35.82 54.85
C GLN KA 629 75.88 35.74 55.96
N VAL KA 630 75.45 34.53 56.32
CA VAL KA 630 74.44 34.38 57.36
C VAL KA 630 74.92 35.01 58.66
N PHE KA 631 76.13 34.68 59.07
CA PHE KA 631 76.66 35.24 60.30
C PHE KA 631 77.20 36.65 60.10
N ASN KA 632 77.41 37.08 58.85
CA ASN KA 632 77.81 38.45 58.63
C ASN KA 632 76.65 39.41 58.85
N LEU KA 633 75.42 38.96 58.62
CA LEU KA 633 74.28 39.87 58.60
C LEU KA 633 73.30 39.60 59.73
N TYR KA 634 72.76 38.39 59.81
CA TYR KA 634 71.62 38.11 60.68
C TYR KA 634 72.02 37.58 62.04
N ALA KA 635 73.28 37.77 62.44
CA ALA KA 635 73.78 37.12 63.63
C ALA KA 635 73.05 37.53 64.90
N THR KA 636 72.39 38.69 64.90
CA THR KA 636 71.77 39.21 66.11
C THR KA 636 70.26 39.16 66.09
N HIS KA 637 69.66 38.57 65.06
CA HIS KA 637 68.22 38.68 64.90
C HIS KA 637 67.41 37.62 65.63
N ALA KA 638 68.07 36.64 66.26
CA ALA KA 638 67.35 35.59 66.95
C ALA KA 638 68.21 35.05 68.08
N THR KA 639 67.56 34.30 68.97
CA THR KA 639 68.23 33.76 70.15
C THR KA 639 68.88 32.41 69.88
N THR KA 640 68.22 31.53 69.13
CA THR KA 640 68.69 30.16 68.98
C THR KA 640 68.50 29.70 67.55
N LEU KA 641 69.18 28.60 67.20
CA LEU KA 641 69.16 28.08 65.85
C LEU KA 641 69.42 26.59 65.86
N HIS KA 642 68.69 25.86 65.03
CA HIS KA 642 68.88 24.43 64.85
C HIS KA 642 68.86 24.12 63.36
N LEU KA 643 69.15 22.85 63.05
CA LEU KA 643 69.04 22.34 61.69
C LEU KA 643 68.18 21.09 61.70
N VAL KA 644 67.10 21.11 60.93
CA VAL KA 644 66.21 19.96 60.77
C VAL KA 644 66.42 19.41 59.37
N LYS KA 645 66.75 18.12 59.28
CA LYS KA 645 67.07 17.49 58.01
C LYS KA 645 66.25 16.22 57.84
N PRO KA 646 65.07 16.33 57.24
CA PRO KA 646 64.37 15.14 56.79
C PRO KA 646 65.02 14.61 55.51
N THR KA 647 64.98 13.29 55.36
CA THR KA 647 65.47 12.64 54.15
C THR KA 647 64.33 11.85 53.54
N ILE KA 648 63.79 12.35 52.43
CA ILE KA 648 62.78 11.65 51.67
C ILE KA 648 63.37 11.05 50.40
N VAL KA 649 64.17 11.83 49.68
CA VAL KA 649 65.03 11.34 48.61
C VAL KA 649 66.40 11.96 48.82
N ASN KA 650 67.38 11.46 48.07
CA ASN KA 650 68.75 11.94 48.23
C ASN KA 650 68.82 13.40 47.80
N SER KA 651 69.01 14.28 48.77
CA SER KA 651 69.12 15.71 48.49
C SER KA 651 69.92 16.38 49.59
N SER KA 652 70.56 17.49 49.24
CA SER KA 652 71.38 18.24 50.18
C SER KA 652 70.64 19.38 50.86
N GLU KA 653 69.35 19.51 50.61
CA GLU KA 653 68.59 20.61 51.19
C GLU KA 653 68.41 20.41 52.70
N VAL KA 654 68.26 21.52 53.41
CA VAL KA 654 68.12 21.52 54.87
C VAL KA 654 67.07 22.55 55.26
N PHE KA 655 66.67 22.49 56.54
CA PHE KA 655 65.74 23.45 57.11
C PHE KA 655 66.41 24.19 58.25
N LEU KA 656 66.55 25.50 58.11
CA LEU KA 656 66.95 26.34 59.22
C LEU KA 656 65.75 26.68 60.08
N VAL KA 657 66.00 26.95 61.35
CA VAL KA 657 64.93 27.33 62.27
C VAL KA 657 65.51 28.33 63.27
N PHE KA 658 65.03 29.57 63.22
CA PHE KA 658 65.49 30.61 64.12
C PHE KA 658 64.44 30.83 65.19
N GLY KA 659 64.83 30.64 66.45
CA GLY KA 659 63.93 30.80 67.57
C GLY KA 659 64.24 32.09 68.33
N GLY KA 660 63.18 32.69 68.87
CA GLY KA 660 63.33 33.90 69.65
C GLY KA 660 63.74 35.08 68.81
N ARG KA 661 62.86 35.52 67.92
CA ARG KA 661 63.13 36.69 67.10
C ARG KA 661 63.32 37.90 67.99
N GLN KA 662 64.52 38.46 67.96
CA GLN KA 662 64.84 39.61 68.81
C GLN KA 662 65.93 40.41 68.12
N SER KA 663 66.34 41.50 68.76
CA SER KA 663 67.27 42.44 68.13
C SER KA 663 68.72 42.15 68.47
N ASN KA 664 68.99 41.56 69.62
CA ASN KA 664 70.36 41.50 70.14
C ASN KA 664 70.85 40.08 70.33
N GLY KA 665 70.63 39.21 69.35
CA GLY KA 665 71.15 37.86 69.41
C GLY KA 665 72.66 37.82 69.18
N ALA KA 666 73.23 36.65 69.44
CA ALA KA 666 74.68 36.45 69.35
C ALA KA 666 75.02 35.11 68.71
N LEU KA 667 74.37 34.77 67.61
CA LEU KA 667 74.61 33.50 66.95
C LEU KA 667 75.99 33.49 66.28
N ARG KA 668 76.65 32.34 66.34
CA ARG KA 668 77.96 32.16 65.74
C ARG KA 668 78.05 30.80 65.06
N SER KA 669 78.96 30.70 64.10
CA SER KA 669 79.29 29.40 63.52
C SER KA 669 80.06 28.57 64.54
N THR KA 670 79.64 27.33 64.74
CA THR KA 670 80.23 26.49 65.77
C THR KA 670 80.43 25.09 65.23
N THR KA 671 81.20 24.30 65.98
CA THR KA 671 81.61 22.98 65.51
C THR KA 671 80.42 22.07 65.25
N ALA KA 672 79.28 22.33 65.89
CA ALA KA 672 78.09 21.54 65.59
C ALA KA 672 77.73 21.65 64.13
N LEU KA 673 77.83 22.85 63.56
CA LEU KA 673 77.55 23.04 62.14
C LEU KA 673 78.47 22.17 61.30
N GLN KA 674 79.76 22.17 61.63
CA GLN KA 674 80.71 21.36 60.85
C GLN KA 674 80.38 19.89 60.95
N ARG KA 675 80.02 19.41 62.14
CA ARG KA 675 79.65 18.02 62.29
C ARG KA 675 78.45 17.67 61.43
N ALA KA 676 77.43 18.53 61.45
CA ALA KA 676 76.22 18.24 60.70
C ALA KA 676 76.51 18.16 59.20
N LEU KA 677 77.28 19.13 58.69
CA LEU KA 677 77.59 19.14 57.27
C LEU KA 677 78.34 17.88 56.86
N LEU KA 678 79.34 17.50 57.65
CA LEU KA 678 80.12 16.31 57.33
C LEU KA 678 79.23 15.08 57.27
N SER KA 679 78.36 14.93 58.26
CA SER KA 679 77.44 13.80 58.26
C SER KA 679 76.52 13.85 57.06
N LEU KA 680 76.07 15.06 56.69
CA LEU KA 680 75.13 15.18 55.58
C LEU KA 680 75.74 14.71 54.28
N TYR KA 681 76.91 15.26 53.93
CA TYR KA 681 77.54 14.87 52.66
C TYR KA 681 77.90 13.40 52.65
N ALA KA 682 78.22 12.83 53.82
CA ALA KA 682 78.53 11.42 53.89
C ALA KA 682 77.37 10.57 53.42
N ARG KA 683 76.17 10.87 53.91
CA ARG KA 683 74.98 10.14 53.48
C ARG KA 683 74.76 10.31 51.98
N ASN KA 684 74.89 11.54 51.49
CA ASN KA 684 74.65 11.81 50.08
C ASN KA 684 75.58 10.98 49.22
N ALA KA 685 76.86 10.94 49.58
CA ALA KA 685 77.80 10.10 48.84
C ALA KA 685 77.41 8.63 48.97
N ALA KA 686 77.02 8.20 50.17
CA ALA KA 686 76.69 6.80 50.38
C ALA KA 686 75.53 6.38 49.50
N ILE KA 687 74.49 7.20 49.44
CA ILE KA 687 73.33 6.86 48.61
C ILE KA 687 73.73 6.78 47.15
N ASP KA 688 74.54 7.75 46.69
CA ASP KA 688 74.94 7.77 45.29
C ASP KA 688 75.67 6.50 44.91
N ARG KA 689 76.55 6.02 45.77
CA ARG KA 689 77.26 4.76 45.49
C ARG KA 689 76.29 3.62 45.30
N ALA KA 690 75.24 3.57 46.13
CA ALA KA 690 74.25 2.50 45.99
C ALA KA 690 73.53 2.58 44.66
N VAL KA 691 73.17 3.79 44.23
CA VAL KA 691 72.38 3.95 43.02
C VAL KA 691 73.14 3.49 41.79
N THR KA 692 74.47 3.52 41.83
CA THR KA 692 75.26 3.23 40.63
C THR KA 692 74.95 1.86 40.05
N HIS KA 693 74.48 0.93 40.88
CA HIS KA 693 74.21 -0.42 40.40
C HIS KA 693 72.93 -0.51 39.59
N ILE KA 694 72.03 0.46 39.72
CA ILE KA 694 70.71 0.38 39.11
C ILE KA 694 70.75 0.85 37.67
N PRO KA 695 70.09 0.17 36.74
CA PRO KA 695 69.98 0.69 35.38
C PRO KA 695 68.90 1.75 35.27
N PHE KA 696 69.02 2.57 34.23
CA PHE KA 696 68.02 3.59 33.98
C PHE KA 696 66.75 2.95 33.41
N PHE KA 697 65.75 3.79 33.15
CA PHE KA 697 64.41 3.27 32.91
C PHE KA 697 64.26 2.64 31.53
N GLY KA 698 64.43 3.43 30.47
CA GLY KA 698 64.04 2.96 29.15
C GLY KA 698 64.87 1.83 28.59
N VAL KA 699 66.09 1.65 29.10
CA VAL KA 699 67.04 0.76 28.43
C VAL KA 699 66.60 -0.69 28.62
N PRO KA 700 66.54 -1.49 27.56
CA PRO KA 700 66.37 -2.93 27.74
C PRO KA 700 67.61 -3.55 28.35
N ASP KA 701 67.40 -4.65 29.08
CA ASP KA 701 68.47 -5.22 29.89
C ASP KA 701 69.36 -6.12 29.04
N ASP KA 702 70.18 -5.48 28.22
CA ASP KA 702 71.38 -6.15 27.75
C ASP KA 702 72.36 -6.24 28.92
N GLY KA 703 73.00 -7.39 29.06
CA GLY KA 703 73.65 -7.71 30.31
C GLY KA 703 74.87 -6.89 30.66
N THR KA 704 74.71 -5.58 30.77
CA THR KA 704 75.80 -4.72 31.22
C THR KA 704 75.56 -4.14 32.62
N SER KA 705 74.32 -4.07 33.06
CA SER KA 705 74.03 -3.52 34.38
C SER KA 705 74.36 -4.53 35.47
N ASP KA 706 74.62 -4.01 36.68
CA ASP KA 706 74.92 -4.88 37.81
C ASP KA 706 73.68 -5.57 38.34
N LEU KA 707 72.55 -4.85 38.38
CA LEU KA 707 71.34 -5.33 39.02
C LEU KA 707 70.35 -5.92 38.03
N GLY KA 708 70.82 -6.42 36.90
CA GLY KA 708 69.94 -6.91 35.86
C GLY KA 708 69.32 -8.25 36.19
N ILE KA 709 68.54 -8.75 35.24
CA ILE KA 709 67.86 -10.04 35.34
C ILE KA 709 68.37 -10.94 34.23
N ASP KA 710 68.62 -12.20 34.58
CA ASP KA 710 68.98 -13.20 33.60
C ASP KA 710 67.89 -14.25 33.52
N ALA KA 711 67.56 -14.68 32.30
CA ALA KA 711 66.47 -15.61 32.09
C ALA KA 711 66.83 -16.58 30.97
N VAL KA 712 66.27 -17.78 31.06
CA VAL KA 712 66.44 -18.81 30.04
C VAL KA 712 65.09 -19.43 29.76
N ARG KA 713 64.77 -19.62 28.49
CA ARG KA 713 63.51 -20.21 28.06
C ARG KA 713 63.77 -21.51 27.33
N LEU KA 714 62.97 -22.52 27.66
CA LEU KA 714 63.06 -23.83 27.03
C LEU KA 714 61.67 -24.33 26.71
N PHE KA 715 61.56 -25.06 25.61
CA PHE KA 715 60.28 -25.62 25.15
C PHE KA 715 60.32 -27.13 25.31
N ASP KA 716 59.35 -27.66 26.05
CA ASP KA 716 59.26 -29.08 26.34
C ASP KA 716 60.63 -29.68 26.73
N PRO KA 717 61.30 -29.11 27.71
CA PRO KA 717 62.63 -29.61 28.06
C PRO KA 717 62.56 -31.00 28.67
N MET KA 718 63.62 -31.77 28.45
CA MET KA 718 63.75 -33.10 29.02
C MET KA 718 65.05 -33.14 29.81
N PHE KA 719 64.97 -32.71 31.07
CA PHE KA 719 66.14 -32.74 31.93
C PHE KA 719 66.50 -34.16 32.28
N SER KA 720 67.80 -34.43 32.36
CA SER KA 720 68.30 -35.75 32.72
C SER KA 720 69.76 -35.60 33.12
N ASP KA 721 70.29 -36.62 33.77
CA ASP KA 721 71.70 -36.65 34.13
C ASP KA 721 72.58 -37.07 32.97
N ALA KA 722 72.00 -37.29 31.79
CA ALA KA 722 72.80 -37.65 30.63
C ALA KA 722 73.72 -36.50 30.25
N VAL KA 723 74.91 -36.86 29.76
CA VAL KA 723 75.91 -35.86 29.41
C VAL KA 723 75.42 -35.03 28.23
N ALA KA 724 75.85 -33.76 28.21
CA ALA KA 724 75.56 -32.83 27.13
C ALA KA 724 74.07 -32.58 26.94
N ASN KA 725 73.26 -32.92 27.92
CA ASN KA 725 71.84 -32.60 27.87
C ASN KA 725 71.69 -31.09 27.93
N LEU KA 726 71.37 -30.48 26.80
CA LEU KA 726 71.34 -29.02 26.72
C LEU KA 726 70.46 -28.38 27.78
N PRO KA 727 69.23 -28.84 28.04
CA PRO KA 727 68.45 -28.22 29.12
C PRO KA 727 69.17 -28.25 30.46
N SER KA 728 69.84 -29.36 30.76
CA SER KA 728 70.60 -29.41 32.00
C SER KA 728 71.76 -28.43 31.99
N ASN KA 729 72.46 -28.32 30.86
CA ASN KA 729 73.59 -27.40 30.78
C ASN KA 729 73.14 -25.96 30.96
N ALA KA 730 72.10 -25.56 30.23
CA ALA KA 730 71.61 -24.19 30.36
C ALA KA 730 71.13 -23.93 31.78
N LEU KA 731 70.42 -24.89 32.38
CA LEU KA 731 69.96 -24.73 33.74
C LEU KA 731 71.12 -24.46 34.68
N ALA KA 732 72.16 -25.28 34.62
CA ALA KA 732 73.29 -25.10 35.52
C ALA KA 732 73.97 -23.76 35.28
N SER KA 733 74.08 -23.35 34.02
CA SER KA 733 74.75 -22.09 33.72
C SER KA 733 74.00 -20.92 34.32
N LEU KA 734 72.69 -20.86 34.10
CA LEU KA 734 71.91 -19.74 34.62
C LEU KA 734 71.97 -19.69 36.14
N VAL KA 735 71.85 -20.84 36.78
CA VAL KA 735 71.88 -20.88 38.25
C VAL KA 735 73.18 -20.29 38.74
N SER KA 736 74.30 -20.64 38.11
CA SER KA 736 75.60 -20.15 38.54
C SER KA 736 75.68 -18.64 38.51
N ARG KA 737 74.82 -17.98 37.73
CA ARG KA 737 74.85 -16.53 37.62
C ARG KA 737 73.93 -15.83 38.59
N VAL KA 738 73.20 -16.57 39.43
CA VAL KA 738 72.18 -15.98 40.28
C VAL KA 738 72.29 -16.40 41.75
N VAL KA 739 73.02 -17.46 42.06
CA VAL KA 739 72.89 -18.25 43.29
C VAL KA 739 72.51 -17.46 44.53
N PRO KA 740 73.22 -16.38 44.90
CA PRO KA 740 72.84 -15.67 46.14
C PRO KA 740 71.41 -15.19 46.14
N SER KA 741 70.82 -14.92 44.98
CA SER KA 741 69.45 -14.47 44.90
C SER KA 741 68.50 -15.65 44.70
N SER KA 742 67.20 -15.36 44.73
CA SER KA 742 66.20 -16.39 44.52
C SER KA 742 66.14 -16.79 43.05
N ILE KA 743 65.63 -17.99 42.81
CA ILE KA 743 65.51 -18.54 41.47
C ILE KA 743 64.05 -18.82 41.19
N MET KA 744 63.51 -18.20 40.15
CA MET KA 744 62.11 -18.33 39.80
C MET KA 744 61.92 -19.31 38.64
N PHE KA 745 60.72 -19.85 38.55
CA PHE KA 745 60.43 -20.93 37.61
C PHE KA 745 58.97 -20.87 37.20
N THR KA 746 58.71 -21.02 35.90
CA THR KA 746 57.35 -20.96 35.37
C THR KA 746 57.18 -21.94 34.23
N ARG KA 747 55.97 -22.47 34.10
CA ARG KA 747 55.58 -23.31 32.97
C ARG KA 747 54.28 -22.76 32.41
N VAL KA 748 54.32 -22.28 31.18
CA VAL KA 748 53.16 -21.70 30.52
C VAL KA 748 52.79 -22.57 29.34
N PRO KA 749 51.59 -23.14 29.30
CA PRO KA 749 51.19 -24.00 28.17
C PRO KA 749 50.70 -23.15 27.00
N SER KA 750 51.34 -23.32 25.84
CA SER KA 750 50.83 -22.74 24.62
C SER KA 750 49.79 -23.66 24.00
N ASN KA 751 49.32 -23.31 22.81
CA ASN KA 751 48.39 -24.20 22.12
C ASN KA 751 49.06 -25.51 21.74
N GLY KA 752 50.37 -25.50 21.56
CA GLY KA 752 51.12 -26.69 21.26
C GLY KA 752 52.02 -27.09 22.41
N PRO KA 753 53.31 -26.76 22.29
CA PRO KA 753 54.26 -27.08 23.36
C PRO KA 753 54.04 -26.19 24.57
N VAL KA 754 54.70 -26.55 25.65
CA VAL KA 754 54.69 -25.75 26.87
C VAL KA 754 56.04 -25.04 27.00
N SER KA 755 56.00 -23.74 27.21
CA SER KA 755 57.21 -22.93 27.34
C SER KA 755 57.57 -22.80 28.81
N THR KA 756 58.79 -23.16 29.16
CA THR KA 756 59.30 -23.04 30.50
C THR KA 756 60.34 -21.93 30.55
N THR KA 757 60.35 -21.19 31.66
CA THR KA 757 61.30 -20.09 31.81
C THR KA 757 61.85 -20.09 33.23
N ILE KA 758 63.15 -19.90 33.34
CA ILE KA 758 63.85 -19.87 34.61
C ILE KA 758 64.65 -18.59 34.68
N TYR KA 759 64.51 -17.85 35.77
CA TYR KA 759 65.13 -16.53 35.83
C TYR KA 759 65.39 -16.13 37.27
N GLY KA 760 66.24 -15.11 37.42
CA GLY KA 760 66.57 -14.54 38.71
C GLY KA 760 67.37 -13.28 38.51
N LYS KA 761 67.58 -12.57 39.62
CA LYS KA 761 68.30 -11.31 39.59
C LYS KA 761 69.80 -11.56 39.72
N ARG KA 762 70.58 -10.94 38.84
CA ARG KA 762 72.03 -10.96 38.96
C ARG KA 762 72.48 -9.76 39.78
N THR KA 763 73.44 -9.99 40.67
CA THR KA 763 73.96 -8.94 41.53
C THR KA 763 75.48 -9.03 41.55
N PHE KA 764 76.11 -7.98 42.08
CA PHE KA 764 77.55 -8.03 42.25
C PHE KA 764 77.97 -9.13 43.20
N LEU KA 765 77.10 -9.49 44.14
CA LEU KA 765 77.38 -10.64 45.00
C LEU KA 765 77.48 -11.91 44.18
N SER KA 766 76.56 -12.10 43.23
CA SER KA 766 76.62 -13.27 42.37
C SER KA 766 77.90 -13.28 41.55
N ASN KA 767 78.35 -12.11 41.11
CA ASN KA 767 79.60 -12.04 40.37
C ASN KA 767 80.77 -12.52 41.20
N ARG KA 768 80.83 -12.11 42.47
CA ARG KA 768 81.90 -12.58 43.33
C ARG KA 768 81.87 -14.08 43.49
N ARG KA 769 80.67 -14.65 43.71
CA ARG KA 769 80.56 -16.09 43.84
C ARG KA 769 80.99 -16.79 42.56
N ARG KA 770 80.53 -16.29 41.42
CA ARG KA 770 80.88 -16.91 40.16
C ARG KA 770 82.39 -16.83 39.92
N ALA KA 771 83.03 -15.76 40.40
CA ALA KA 771 84.47 -15.68 40.29
C ALA KA 771 85.16 -16.74 41.13
N ARG KA 772 84.54 -17.16 42.22
CA ARG KA 772 85.15 -18.18 43.08
C ARG KA 772 85.14 -19.55 42.40
N LEU KA 773 84.17 -19.79 41.52
CA LEU KA 773 84.05 -21.09 40.89
C LEU KA 773 85.23 -21.38 39.96
N ARG KA 774 85.58 -22.66 39.87
CA ARG KA 774 86.45 -23.13 38.81
C ARG KA 774 85.72 -23.95 37.77
N ASP KA 775 84.56 -24.53 38.14
CA ASP KA 775 83.69 -25.24 37.22
C ASP KA 775 82.26 -25.08 37.70
N VAL KA 776 81.32 -25.27 36.79
CA VAL KA 776 79.91 -25.06 37.07
C VAL KA 776 79.31 -26.40 37.50
N PRO KA 777 78.78 -26.51 38.72
CA PRO KA 777 78.18 -27.77 39.15
C PRO KA 777 76.84 -28.03 38.48
N MET KA 778 76.51 -29.30 38.33
CA MET KA 778 75.24 -29.72 37.78
C MET KA 778 74.19 -29.87 38.88
N LEU KA 779 72.94 -29.61 38.53
CA LEU KA 779 71.86 -29.65 39.50
C LEU KA 779 71.20 -31.01 39.54
N ILE KA 780 70.53 -31.28 40.66
CA ILE KA 780 69.66 -32.44 40.78
C ILE KA 780 68.33 -32.12 40.12
N THR KA 781 67.93 -32.95 39.16
CA THR KA 781 66.81 -32.63 38.30
C THR KA 781 65.46 -33.08 38.85
N THR KA 782 65.44 -33.85 39.94
CA THR KA 782 64.19 -34.46 40.38
C THR KA 782 63.15 -33.39 40.70
N THR KA 783 63.56 -32.33 41.39
CA THR KA 783 62.61 -31.29 41.77
C THR KA 783 61.97 -30.66 40.54
N LEU KA 784 62.74 -30.46 39.49
CA LEU KA 784 62.20 -29.82 38.29
C LEU KA 784 61.37 -30.79 37.47
N VAL KA 785 61.94 -31.95 37.14
CA VAL KA 785 61.24 -32.91 36.31
C VAL KA 785 59.94 -33.35 36.96
N HIS KA 786 59.85 -33.24 38.28
CA HIS KA 786 58.62 -33.58 38.97
C HIS KA 786 57.53 -32.55 38.73
N GLN KA 787 57.89 -31.32 38.37
CA GLN KA 787 56.91 -30.26 38.21
C GLN KA 787 56.17 -30.45 36.89
N ARG KA 788 54.88 -30.75 36.97
CA ARG KA 788 54.05 -30.88 35.79
C ARG KA 788 52.81 -30.00 35.87
N ARG KA 789 52.77 -29.06 36.80
CA ARG KA 789 51.70 -28.09 36.86
C ARG KA 789 51.88 -27.04 35.76
N PHE KA 790 50.97 -26.07 35.75
CA PHE KA 790 51.12 -24.86 34.95
C PHE KA 790 51.11 -23.67 35.88
N THR KA 791 51.75 -22.59 35.45
CA THR KA 791 51.95 -21.43 36.29
C THR KA 791 51.56 -20.16 35.55
N THR KA 792 51.42 -19.09 36.31
CA THR KA 792 51.25 -17.77 35.73
C THR KA 792 52.56 -17.35 35.04
N PRO KA 793 52.48 -16.49 34.05
CA PRO KA 793 53.67 -16.10 33.29
C PRO KA 793 54.64 -15.31 34.16
N PRO KA 794 55.91 -15.23 33.76
CA PRO KA 794 56.89 -14.50 34.57
C PRO KA 794 56.54 -13.03 34.69
N THR KA 795 57.29 -12.34 35.55
CA THR KA 795 57.04 -10.93 35.85
C THR KA 795 58.20 -10.01 35.47
N PHE KA 796 59.43 -10.38 35.82
CA PHE KA 796 60.62 -9.61 35.45
C PHE KA 796 60.58 -8.20 36.04
N THR KA 797 60.53 -8.12 37.36
CA THR KA 797 60.61 -6.85 38.06
C THR KA 797 61.81 -6.85 38.98
N LEU KA 798 62.44 -5.69 39.13
CA LEU KA 798 63.70 -5.62 39.87
C LEU KA 798 63.45 -5.62 41.38
N PHE KA 799 62.52 -4.82 41.85
CA PHE KA 799 62.30 -4.64 43.28
C PHE KA 799 61.00 -5.30 43.69
N SER KA 800 61.03 -5.97 44.85
CA SER KA 800 59.86 -6.66 45.36
C SER KA 800 58.80 -5.65 45.79
N SER KA 801 57.66 -6.18 46.22
CA SER KA 801 56.52 -5.35 46.58
C SER KA 801 56.51 -4.94 48.03
N GLU KA 802 57.32 -5.56 48.88
CA GLU KA 802 57.25 -5.33 50.31
C GLU KA 802 58.63 -5.05 50.88
N ALA KA 803 58.72 -4.03 51.73
CA ALA KA 803 60.00 -3.67 52.33
C ALA KA 803 60.49 -4.77 53.25
N VAL KA 804 61.81 -4.89 53.33
CA VAL KA 804 62.46 -5.95 54.09
C VAL KA 804 62.32 -5.68 55.59
N PRO KA 805 62.36 -6.70 56.43
CA PRO KA 805 62.31 -6.46 57.88
C PRO KA 805 63.63 -5.94 58.41
N VAL KA 806 63.57 -5.45 59.65
CA VAL KA 806 64.72 -4.77 60.25
C VAL KA 806 65.92 -5.71 60.33
N THR KA 807 65.68 -6.97 60.71
CA THR KA 807 66.78 -7.91 60.90
C THR KA 807 67.66 -8.00 59.66
N THR KA 808 67.03 -8.02 58.49
CA THR KA 808 67.80 -8.11 57.24
C THR KA 808 68.72 -6.92 57.09
N LEU KA 809 68.26 -5.74 57.48
CA LEU KA 809 69.12 -4.55 57.39
C LEU KA 809 70.39 -4.76 58.20
N VAL KA 810 70.26 -5.26 59.43
CA VAL KA 810 71.43 -5.48 60.26
C VAL KA 810 72.35 -6.50 59.60
N ALA KA 811 71.77 -7.57 59.06
CA ALA KA 811 72.59 -8.58 58.41
C ALA KA 811 73.38 -7.98 57.26
N ALA KA 812 72.72 -7.16 56.43
CA ALA KA 812 73.41 -6.56 55.30
C ALA KA 812 74.53 -5.65 55.76
N GLY KA 813 74.29 -4.85 56.80
CA GLY KA 813 75.33 -3.97 57.29
C GLY KA 813 76.56 -4.73 57.71
N TYR KA 814 76.36 -5.82 58.45
CA TYR KA 814 77.50 -6.62 58.88
C TYR KA 814 78.17 -7.28 57.69
N ASN KA 815 77.38 -7.70 56.69
CA ASN KA 815 77.99 -8.20 55.46
C ASN KA 815 78.87 -7.14 54.82
N SER KA 816 78.38 -5.91 54.78
CA SER KA 816 79.18 -4.81 54.23
C SER KA 816 80.46 -4.65 55.04
N PHE KA 817 80.37 -4.73 56.36
CA PHE KA 817 81.55 -4.59 57.19
C PHE KA 817 82.55 -5.69 56.92
N ILE KA 818 82.10 -6.94 56.90
CA ILE KA 818 83.00 -8.06 56.67
C ILE KA 818 83.60 -7.98 55.28
N SER KA 819 82.76 -7.68 54.29
CA SER KA 819 83.25 -7.57 52.92
C SER KA 819 84.39 -6.58 52.84
N GLU KA 820 84.28 -5.45 53.54
CA GLU KA 820 85.36 -4.49 53.55
C GLU KA 820 86.57 -5.02 54.33
N GLN KA 821 86.32 -5.62 55.49
CA GLN KA 821 87.42 -6.05 56.34
C GLN KA 821 88.29 -7.09 55.65
N THR KA 822 87.67 -8.03 54.94
CA THR KA 822 88.40 -9.10 54.29
C THR KA 822 89.27 -8.64 53.14
N ARG KA 823 89.30 -7.34 52.84
CA ARG KA 823 90.16 -6.84 51.79
C ARG KA 823 91.58 -6.57 52.26
N ASN KA 824 91.88 -6.77 53.54
CA ASN KA 824 93.21 -6.51 54.04
C ASN KA 824 94.22 -7.40 53.32
N PRO KA 825 95.25 -6.84 52.71
CA PRO KA 825 96.20 -7.67 51.94
C PRO KA 825 97.03 -8.60 52.80
N ASN KA 826 97.11 -8.35 54.10
CA ASN KA 826 97.97 -9.12 54.99
C ASN KA 826 97.27 -10.32 55.61
N LEU KA 827 96.24 -10.85 54.96
CA LEU KA 827 95.54 -12.04 55.42
C LEU KA 827 95.80 -13.17 54.44
N ALA KA 828 96.25 -14.32 54.97
CA ALA KA 828 96.56 -15.47 54.13
C ALA KA 828 95.54 -16.59 54.24
N HIS KA 829 94.71 -16.59 55.28
CA HIS KA 829 93.76 -17.67 55.49
C HIS KA 829 92.62 -17.13 56.34
N LEU KA 830 91.56 -17.93 56.43
CA LEU KA 830 90.43 -17.52 57.26
C LEU KA 830 89.63 -18.75 57.66
N LEU KA 831 89.23 -18.77 58.92
CA LEU KA 831 88.35 -19.80 59.45
C LEU KA 831 87.04 -19.17 59.85
N ASP KA 832 85.95 -19.69 59.30
CA ASP KA 832 84.64 -19.20 59.67
C ASP KA 832 83.97 -20.24 60.53
N LEU KA 833 83.36 -19.79 61.61
CA LEU KA 833 82.69 -20.69 62.55
C LEU KA 833 81.19 -20.55 62.40
N GLY KA 834 80.50 -21.69 62.35
CA GLY KA 834 79.05 -21.67 62.27
C GLY KA 834 78.51 -21.18 60.95
N THR KA 835 79.23 -21.40 59.86
CA THR KA 835 78.69 -21.07 58.54
C THR KA 835 77.43 -21.89 58.29
N GLY KA 836 76.46 -21.29 57.64
CA GLY KA 836 75.30 -22.02 57.20
C GLY KA 836 75.72 -23.06 56.19
N PRO KA 837 74.93 -24.12 56.03
CA PRO KA 837 75.26 -25.11 55.00
C PRO KA 837 75.37 -24.47 53.64
N GLU KA 838 74.53 -23.47 53.37
CA GLU KA 838 74.78 -22.53 52.29
C GLU KA 838 75.97 -21.65 52.66
N CYS KA 839 77.05 -21.77 51.89
CA CYS KA 839 78.29 -21.09 52.22
C CYS KA 839 78.25 -19.65 51.68
N ARG KA 840 77.38 -18.86 52.31
CA ARG KA 840 77.17 -17.48 51.85
C ARG KA 840 78.42 -16.64 51.95
N ILE KA 841 79.32 -16.99 52.88
CA ILE KA 841 80.52 -16.19 53.09
C ILE KA 841 81.33 -16.07 51.82
N LEU KA 842 81.26 -17.09 50.95
CA LEU KA 842 82.02 -17.06 49.72
C LEU KA 842 81.69 -15.84 48.87
N SER KA 843 80.43 -15.39 48.90
CA SER KA 843 80.03 -14.25 48.10
C SER KA 843 80.59 -12.93 48.61
N LEU KA 844 81.10 -12.89 49.84
CA LEU KA 844 81.59 -11.65 50.42
C LEU KA 844 83.09 -11.48 50.32
N ILE KA 845 83.82 -12.55 50.03
CA ILE KA 845 85.27 -12.56 50.18
C ILE KA 845 85.94 -12.49 48.81
N PRO KA 846 87.01 -11.73 48.65
CA PRO KA 846 87.76 -11.74 47.40
C PRO KA 846 88.22 -13.15 47.07
N PRO KA 847 88.18 -13.54 45.80
CA PRO KA 847 88.40 -14.95 45.45
C PRO KA 847 89.79 -15.45 45.76
N THR KA 848 90.76 -14.57 46.02
CA THR KA 848 92.13 -14.99 46.23
C THR KA 848 92.42 -15.46 47.64
N LEU KA 849 91.47 -15.32 48.56
CA LEU KA 849 91.72 -15.62 49.96
C LEU KA 849 91.33 -17.06 50.28
N GLN KA 850 92.21 -17.78 50.94
CA GLN KA 850 91.89 -19.12 51.42
C GLN KA 850 90.87 -19.06 52.53
N VAL KA 851 89.89 -19.95 52.48
CA VAL KA 851 88.78 -19.95 53.42
C VAL KA 851 88.51 -21.36 53.91
N THR KA 852 88.24 -21.50 55.21
CA THR KA 852 87.74 -22.73 55.78
C THR KA 852 86.46 -22.43 56.53
N MET KA 853 85.42 -23.20 56.25
CA MET KA 853 84.11 -22.97 56.84
C MET KA 853 83.60 -24.25 57.49
N SER KA 854 82.65 -24.08 58.40
CA SER KA 854 82.28 -25.18 59.28
C SER KA 854 80.81 -25.11 59.66
N ASP KA 855 80.25 -26.28 59.94
CA ASP KA 855 78.92 -26.42 60.54
C ASP KA 855 78.72 -27.89 60.90
N ALA KA 856 77.80 -28.13 61.82
CA ALA KA 856 77.44 -29.50 62.16
C ALA KA 856 76.74 -30.21 61.01
N ARG KA 857 76.17 -29.47 60.09
CA ARG KA 857 75.45 -30.02 58.97
C ARG KA 857 76.35 -30.10 57.75
N PRO KA 858 76.04 -30.98 56.80
CA PRO KA 858 76.83 -31.04 55.57
C PRO KA 858 76.66 -29.77 54.75
N CYS KA 859 77.69 -29.46 53.97
CA CYS KA 859 77.60 -28.30 53.09
C CYS KA 859 76.56 -28.54 52.01
N ALA KA 860 75.91 -27.46 51.59
CA ALA KA 860 74.87 -27.54 50.58
C ALA KA 860 75.41 -27.41 49.16
N GLU KA 861 76.72 -27.24 49.00
CA GLU KA 861 77.29 -26.91 47.70
C GLU KA 861 78.35 -27.93 47.32
N LEU KA 862 78.43 -28.24 46.03
CA LEU KA 862 79.37 -29.23 45.51
C LEU KA 862 80.78 -28.69 45.67
N MET KA 863 81.52 -29.24 46.64
CA MET KA 863 82.86 -28.76 46.92
C MET KA 863 83.81 -29.03 45.76
N ALA KA 864 83.49 -29.97 44.88
CA ALA KA 864 84.35 -30.24 43.74
C ALA KA 864 84.40 -29.08 42.74
N SER KA 865 83.50 -28.11 42.87
CA SER KA 865 83.45 -27.00 41.93
C SER KA 865 84.49 -25.92 42.23
N PHE KA 866 85.15 -25.97 43.38
CA PHE KA 866 86.13 -24.97 43.75
C PHE KA 866 87.53 -25.55 43.75
N ASP KA 867 88.51 -24.67 43.82
CA ASP KA 867 89.88 -25.09 44.05
C ASP KA 867 90.01 -25.54 45.50
N PRO KA 868 90.41 -26.77 45.76
CA PRO KA 868 90.53 -27.23 47.17
C PRO KA 868 91.53 -26.42 47.96
N ALA KA 869 92.56 -25.87 47.31
CA ALA KA 869 93.55 -25.09 48.04
C ALA KA 869 92.95 -23.79 48.57
N LEU KA 870 91.92 -23.27 47.90
CA LEU KA 870 91.34 -21.99 48.28
C LEU KA 870 90.13 -22.11 49.18
N THR KA 871 89.39 -23.21 49.12
CA THR KA 871 88.18 -23.39 49.90
C THR KA 871 88.22 -24.75 50.60
N ALA KA 872 87.65 -24.79 51.80
CA ALA KA 872 87.56 -26.02 52.55
C ALA KA 872 86.36 -25.95 53.48
N TYR KA 873 85.67 -27.07 53.62
CA TYR KA 873 84.50 -27.17 54.48
C TYR KA 873 84.72 -28.31 55.46
N VAL KA 874 84.60 -28.01 56.75
CA VAL KA 874 84.79 -28.98 57.80
C VAL KA 874 83.48 -29.15 58.55
N GLN KA 875 82.95 -30.36 58.58
CA GLN KA 875 81.71 -30.64 59.27
C GLN KA 875 82.02 -31.02 60.71
N GLY KA 876 81.44 -30.28 61.66
CA GLY KA 876 81.68 -30.56 63.05
C GLY KA 876 81.08 -29.46 63.91
N ASP KA 877 81.29 -29.59 65.21
CA ASP KA 877 80.78 -28.66 66.21
C ASP KA 877 81.97 -27.98 66.87
N TYR KA 878 82.11 -26.68 66.63
CA TYR KA 878 83.21 -25.93 67.23
C TYR KA 878 82.96 -25.60 68.71
N SER KA 879 81.83 -26.03 69.28
CA SER KA 879 81.70 -25.92 70.72
C SER KA 879 82.58 -26.94 71.43
N THR KA 880 82.90 -28.03 70.77
CA THR KA 880 83.66 -29.12 71.37
C THR KA 880 85.15 -28.89 71.21
N ALA KA 881 85.91 -29.39 72.18
CA ALA KA 881 87.37 -29.32 72.09
C ALA KA 881 87.89 -30.23 70.99
N ALA KA 882 87.24 -31.37 70.76
CA ALA KA 882 87.68 -32.28 69.72
C ALA KA 882 87.64 -31.64 68.34
N PHE KA 883 86.89 -30.56 68.19
CA PHE KA 883 86.82 -29.88 66.89
C PHE KA 883 88.20 -29.40 66.45
N TRP KA 884 89.03 -28.97 67.39
CA TRP KA 884 90.36 -28.45 67.06
C TRP KA 884 91.35 -29.59 67.03
N ASN KA 885 91.56 -30.14 65.85
CA ASN KA 885 92.62 -31.12 65.61
C ASN KA 885 93.09 -30.91 64.18
N GLY KA 886 94.26 -30.33 64.02
CA GLY KA 886 94.76 -29.97 62.71
C GLY KA 886 94.23 -28.66 62.17
N ILE KA 887 93.47 -27.92 62.95
CA ILE KA 887 92.88 -26.66 62.48
C ILE KA 887 93.95 -25.57 62.53
N ARG KA 888 94.29 -25.04 61.36
CA ARG KA 888 95.30 -24.00 61.26
C ARG KA 888 94.73 -22.82 60.48
N CYS KA 889 95.01 -21.61 60.97
CA CYS KA 889 94.59 -20.38 60.31
C CYS KA 889 95.33 -19.23 60.96
N ASP KA 890 95.17 -18.04 60.38
CA ASP KA 890 95.72 -16.82 60.95
C ASP KA 890 94.64 -15.87 61.44
N SER KA 891 93.38 -16.13 61.13
CA SER KA 891 92.28 -15.27 61.52
C SER KA 891 90.99 -16.08 61.49
N ALA KA 892 89.98 -15.56 62.18
CA ALA KA 892 88.72 -16.29 62.32
C ALA KA 892 87.59 -15.31 62.51
N THR KA 893 86.36 -15.82 62.43
CA THR KA 893 85.19 -14.99 62.65
C THR KA 893 84.01 -15.87 63.03
N ALA KA 894 83.02 -15.25 63.66
CA ALA KA 894 81.79 -15.93 64.05
C ALA KA 894 80.70 -14.88 64.16
N ILE KA 895 79.74 -14.92 63.24
CA ILE KA 895 78.71 -13.90 63.13
C ILE KA 895 77.35 -14.58 63.22
N PHE KA 896 76.49 -14.06 64.10
CA PHE KA 896 75.14 -14.59 64.31
C PHE KA 896 75.17 -16.06 64.71
N THR KA 897 76.23 -16.49 65.36
CA THR KA 897 76.36 -17.87 65.79
C THR KA 897 76.70 -18.04 67.26
N LEU KA 898 77.42 -17.09 67.85
CA LEU KA 898 77.94 -17.27 69.20
C LEU KA 898 76.80 -17.46 70.20
N GLY KA 899 75.84 -16.54 70.20
CA GLY KA 899 74.75 -16.63 71.16
C GLY KA 899 73.95 -17.91 71.01
N ALA KA 900 73.70 -18.32 69.78
CA ALA KA 900 73.00 -19.58 69.54
C ALA KA 900 73.80 -20.75 70.06
N ALA KA 901 75.10 -20.79 69.74
CA ALA KA 901 75.94 -21.89 70.21
C ALA KA 901 76.00 -21.92 71.74
N ALA KA 902 76.12 -20.74 72.36
CA ALA KA 902 76.14 -20.69 73.82
C ALA KA 902 74.83 -21.19 74.39
N ALA KA 903 73.70 -20.81 73.79
CA ALA KA 903 72.41 -21.29 74.26
C ALA KA 903 72.31 -22.80 74.11
N ALA KA 904 72.79 -23.35 73.00
CA ALA KA 904 72.80 -24.78 72.83
C ALA KA 904 73.68 -25.45 73.87
N ALA KA 905 74.82 -24.85 74.18
CA ALA KA 905 75.70 -25.37 75.22
C ALA KA 905 75.16 -25.16 76.63
N GLY KA 906 74.08 -24.40 76.77
CA GLY KA 906 73.50 -24.17 78.08
C GLY KA 906 74.44 -23.42 79.01
N THR KA 907 75.04 -22.35 78.51
CA THR KA 907 76.01 -21.60 79.28
C THR KA 907 75.87 -20.12 78.96
N ASP KA 908 76.47 -19.30 79.82
CA ASP KA 908 76.55 -17.87 79.58
C ASP KA 908 77.60 -17.57 78.51
N LEU KA 909 77.57 -16.34 78.01
CA LEU KA 909 78.55 -15.92 77.02
C LEU KA 909 79.96 -15.96 77.59
N ILE KA 910 80.13 -15.41 78.80
CA ILE KA 910 81.47 -15.22 79.35
C ILE KA 910 82.19 -16.56 79.46
N ALA KA 911 81.53 -17.56 80.02
CA ALA KA 911 82.13 -18.88 80.10
C ALA KA 911 82.37 -19.44 78.71
N PHE KA 912 81.43 -19.23 77.80
CA PHE KA 912 81.55 -19.81 76.47
C PHE KA 912 82.78 -19.29 75.75
N VAL KA 913 82.97 -17.97 75.74
CA VAL KA 913 84.10 -17.39 75.03
C VAL KA 913 85.40 -17.75 75.71
N GLN KA 914 85.40 -17.86 77.03
CA GLN KA 914 86.65 -18.08 77.77
C GLN KA 914 87.32 -19.38 77.36
N GLN KA 915 86.54 -20.40 77.01
CA GLN KA 915 87.11 -21.66 76.55
C GLN KA 915 87.20 -21.73 75.03
N LEU KA 916 86.78 -20.67 74.33
CA LEU KA 916 86.79 -20.65 72.88
C LEU KA 916 88.03 -19.95 72.33
N ILE KA 917 88.23 -18.70 72.72
CA ILE KA 917 89.32 -17.86 72.23
C ILE KA 917 90.67 -18.55 72.38
N PRO KA 918 91.00 -19.17 73.52
CA PRO KA 918 92.29 -19.85 73.61
C PRO KA 918 92.51 -20.89 72.52
N ARG KA 919 91.46 -21.60 72.13
CA ARG KA 919 91.59 -22.56 71.04
C ARG KA 919 91.94 -21.85 69.73
N ILE KA 920 91.30 -20.71 69.48
CA ILE KA 920 91.62 -19.94 68.27
C ILE KA 920 93.07 -19.51 68.30
N VAL KA 921 93.54 -19.02 69.45
CA VAL KA 921 94.94 -18.64 69.58
C VAL KA 921 95.83 -19.85 69.33
N ALA KA 922 95.46 -21.00 69.91
CA ALA KA 922 96.23 -22.22 69.69
C ALA KA 922 96.28 -22.59 68.22
N ALA KA 923 95.23 -22.27 67.47
CA ALA KA 923 95.18 -22.60 66.05
C ALA KA 923 96.03 -21.67 65.20
N GLY KA 924 96.81 -20.80 65.82
CA GLY KA 924 97.62 -19.84 65.09
C GLY KA 924 96.90 -18.60 64.65
N GLY KA 925 95.61 -18.46 64.98
CA GLY KA 925 94.90 -17.25 64.61
C GLY KA 925 95.43 -16.04 65.35
N THR KA 926 95.31 -14.88 64.71
CA THR KA 926 95.82 -13.64 65.25
C THR KA 926 94.73 -12.62 65.54
N ARG KA 927 93.77 -12.47 64.64
CA ARG KA 927 92.72 -11.49 64.82
C ARG KA 927 91.38 -12.13 64.47
N MET KA 928 90.32 -11.62 65.09
CA MET KA 928 89.00 -12.17 64.84
C MET KA 928 87.94 -11.09 65.03
N TRP KA 929 86.81 -11.30 64.37
CA TRP KA 929 85.64 -10.46 64.54
C TRP KA 929 84.52 -11.33 65.09
N LEU KA 930 83.96 -10.93 66.22
CA LEU KA 930 82.98 -11.74 66.92
C LEU KA 930 81.73 -10.91 67.16
N GLN KA 931 80.57 -11.49 66.84
CA GLN KA 931 79.29 -10.81 66.97
C GLN KA 931 78.67 -11.18 68.31
N LEU KA 932 79.07 -10.45 69.34
CA LEU KA 932 78.48 -10.61 70.66
C LEU KA 932 77.23 -9.77 70.76
N ASN KA 933 76.21 -10.31 71.44
CA ASN KA 933 74.99 -9.57 71.72
C ASN KA 933 75.10 -8.99 73.13
N THR KA 934 75.10 -7.67 73.21
CA THR KA 934 75.29 -6.98 74.49
C THR KA 934 74.89 -5.52 74.35
N PRO KA 935 74.32 -4.93 75.40
CA PRO KA 935 73.94 -3.52 75.34
C PRO KA 935 75.16 -2.62 75.52
N LEU KA 936 75.58 -1.98 74.43
CA LEU KA 936 76.71 -1.06 74.51
C LEU KA 936 76.27 0.30 75.03
N TYR KA 937 75.19 0.83 74.49
CA TYR KA 937 74.81 2.21 74.80
C TYR KA 937 73.90 2.28 76.01
N GLU KA 938 72.83 1.48 76.05
CA GLU KA 938 72.01 1.39 77.24
C GLU KA 938 71.17 0.12 77.16
N VAL KA 939 70.65 -0.28 78.31
CA VAL KA 939 69.72 -1.40 78.38
C VAL KA 939 68.33 -0.89 78.05
N SER KA 940 67.81 -1.30 76.90
CA SER KA 940 66.47 -0.87 76.48
C SER KA 940 65.96 -1.85 75.43
N SER KA 941 64.86 -2.52 75.74
CA SER KA 941 64.29 -3.50 74.83
C SER KA 941 63.64 -2.83 73.63
N LEU KA 942 63.81 -3.42 72.47
CA LEU KA 942 63.06 -3.01 71.29
C LEU KA 942 61.70 -3.68 71.32
N PRO KA 943 60.60 -2.93 71.21
CA PRO KA 943 59.29 -3.42 71.65
C PRO KA 943 58.93 -4.84 71.24
N ASP KA 944 59.35 -5.27 70.05
CA ASP KA 944 59.04 -6.63 69.65
C ASP KA 944 60.26 -7.39 69.15
N LEU KA 945 61.22 -6.68 68.55
CA LEU KA 945 62.36 -7.35 67.97
C LEU KA 945 63.20 -8.04 69.03
N ILE KA 946 63.58 -7.32 70.07
CA ILE KA 946 64.42 -7.87 71.13
C ILE KA 946 63.87 -7.44 72.48
N ASP KA 947 63.66 -8.41 73.36
CA ASP KA 947 63.30 -8.15 74.75
C ASP KA 947 64.43 -8.60 75.64
N ILE KA 948 64.92 -7.70 76.48
CA ILE KA 948 66.05 -7.98 77.35
C ILE KA 948 65.51 -8.55 78.66
N ASP KA 949 65.89 -9.78 78.97
CA ASP KA 949 65.53 -10.38 80.24
C ASP KA 949 66.57 -10.03 81.30
N LEU KA 950 66.11 -9.89 82.53
CA LEU KA 950 66.97 -9.42 83.60
C LEU KA 950 67.18 -10.43 84.71
N ARG KA 951 66.13 -11.11 85.16
CA ARG KA 951 66.32 -12.14 86.17
C ARG KA 951 67.25 -13.24 85.69
N ASP KA 952 67.35 -13.42 84.37
CA ASP KA 952 68.44 -14.14 83.75
C ASP KA 952 68.88 -13.36 82.52
N ARG KA 953 70.18 -13.37 82.27
CA ARG KA 953 70.76 -12.55 81.20
C ARG KA 953 70.47 -13.22 79.87
N VAL KA 954 69.33 -12.86 79.27
CA VAL KA 954 68.85 -13.53 78.07
C VAL KA 954 68.12 -12.51 77.19
N TYR KA 955 68.32 -12.62 75.88
CA TYR KA 955 67.53 -11.90 74.91
C TYR KA 955 66.36 -12.75 74.42
N ARG KA 956 65.24 -12.10 74.11
CA ARG KA 956 64.13 -12.73 73.43
C ARG KA 956 64.00 -12.11 72.05
N PHE KA 957 64.05 -12.94 71.02
CA PHE KA 957 63.99 -12.47 69.64
C PHE KA 957 62.60 -12.71 69.08
N ASN KA 958 62.05 -11.67 68.44
CA ASN KA 958 60.77 -11.76 67.74
C ASN KA 958 59.69 -12.35 68.66
N GLY KA 959 59.52 -11.70 69.81
CA GLY KA 959 58.55 -12.20 70.77
C GLY KA 959 58.90 -13.55 71.33
N GLY KA 960 60.16 -13.96 71.23
CA GLY KA 960 60.60 -15.22 71.80
C GLY KA 960 60.73 -16.37 70.84
N GLU KA 961 60.70 -16.14 69.53
CA GLU KA 961 60.93 -17.24 68.60
C GLU KA 961 62.35 -17.77 68.73
N ARG KA 962 63.27 -16.96 69.23
CA ARG KA 962 64.64 -17.38 69.45
C ARG KA 962 65.13 -16.73 70.74
N VAL KA 963 65.87 -17.50 71.54
CA VAL KA 963 66.27 -17.07 72.87
C VAL KA 963 67.74 -17.36 73.07
N GLU KA 964 68.50 -16.36 73.48
CA GLU KA 964 69.94 -16.47 73.64
C GLU KA 964 70.39 -15.69 74.85
N PRO KA 965 71.51 -16.07 75.45
CA PRO KA 965 72.05 -15.30 76.58
C PRO KA 965 72.79 -14.06 76.11
N TYR KA 966 73.10 -13.19 77.06
CA TYR KA 966 73.90 -12.01 76.78
C TYR KA 966 74.75 -11.69 78.00
N ALA KA 967 75.69 -10.77 77.82
CA ALA KA 967 76.58 -10.33 78.89
C ALA KA 967 76.71 -8.82 78.84
N ASP KA 968 77.13 -8.24 79.94
CA ASP KA 968 77.31 -6.80 80.00
C ASP KA 968 78.66 -6.42 79.39
N PRO KA 969 78.76 -5.24 78.77
CA PRO KA 969 79.98 -4.90 78.03
C PRO KA 969 81.22 -4.77 78.91
N VAL KA 970 81.13 -4.00 80.00
CA VAL KA 970 82.29 -3.74 80.84
C VAL KA 970 82.84 -5.04 81.43
N PRO KA 971 82.02 -5.87 82.09
CA PRO KA 971 82.59 -7.13 82.61
C PRO KA 971 83.17 -8.00 81.52
N LEU KA 972 82.53 -8.01 80.35
CA LEU KA 972 83.03 -8.82 79.24
C LEU KA 972 84.40 -8.34 78.80
N GLN KA 973 84.55 -7.02 78.62
CA GLN KA 973 85.84 -6.49 78.19
C GLN KA 973 86.92 -6.79 79.22
N GLN KA 974 86.59 -6.68 80.51
CA GLN KA 974 87.53 -7.06 81.55
C GLN KA 974 87.89 -8.53 81.43
N ALA KA 975 86.89 -9.39 81.19
CA ALA KA 975 87.16 -10.81 81.00
C ALA KA 975 88.06 -11.03 79.80
N ILE KA 976 87.79 -10.34 78.69
CA ILE KA 976 88.62 -10.48 77.50
C ILE KA 976 90.05 -10.04 77.78
N ALA KA 977 90.18 -8.89 78.44
CA ALA KA 977 91.51 -8.38 78.77
C ALA KA 977 92.28 -9.37 79.62
N ALA KA 978 91.58 -10.07 80.52
CA ALA KA 978 92.24 -11.09 81.33
C ALA KA 978 92.78 -12.20 80.45
N LEU KA 979 92.01 -12.63 79.45
CA LEU KA 979 92.48 -13.68 78.55
C LEU KA 979 93.66 -13.21 77.73
N LEU KA 980 93.53 -12.06 77.09
CA LEU KA 980 94.58 -11.50 76.25
C LEU KA 980 94.95 -10.12 76.75
N PRO KA 981 96.09 -9.95 77.43
CA PRO KA 981 96.44 -8.63 77.94
C PRO KA 981 97.06 -7.70 76.90
N ALA KA 982 97.59 -8.23 75.81
CA ALA KA 982 98.37 -7.42 74.87
C ALA KA 982 97.68 -7.26 73.52
N ALA KA 983 96.36 -7.42 73.47
CA ALA KA 983 95.62 -7.34 72.23
C ALA KA 983 94.71 -6.12 72.24
N ALA KA 984 94.50 -5.54 71.06
CA ALA KA 984 93.64 -4.38 70.90
C ALA KA 984 92.19 -4.81 70.71
N LEU KA 985 91.27 -3.99 71.22
CA LEU KA 985 89.85 -4.25 71.13
C LEU KA 985 89.15 -3.05 70.50
N SER KA 986 88.08 -3.33 69.76
CA SER KA 986 87.28 -2.27 69.17
C SER KA 986 85.88 -2.81 68.92
N TRP KA 987 84.94 -1.89 68.77
CA TRP KA 987 83.54 -2.23 68.55
C TRP KA 987 83.08 -1.66 67.22
N HIS KA 988 82.07 -2.30 66.64
CA HIS KA 988 81.53 -1.84 65.37
C HIS KA 988 80.02 -2.07 65.33
N THR KA 989 79.30 -1.05 64.87
CA THR KA 989 77.85 -1.13 64.73
C THR KA 989 77.48 -0.49 63.40
N LEU KA 990 76.19 -0.55 63.07
CA LEU KA 990 75.72 0.06 61.84
C LEU KA 990 75.96 1.56 61.86
N SER KA 991 76.48 2.06 60.76
CA SER KA 991 76.80 3.47 60.69
C SER KA 991 75.54 4.29 60.44
N PRO KA 992 75.40 5.45 61.09
CA PRO KA 992 74.32 6.37 60.72
C PRO KA 992 74.54 7.07 59.39
N THR KA 993 75.68 6.83 58.74
CA THR KA 993 75.96 7.38 57.43
C THR KA 993 75.44 6.49 56.30
N CYS KA 994 74.91 5.31 56.63
CA CYS KA 994 74.21 4.47 55.67
C CYS KA 994 75.10 4.00 54.53
N ASP KA 995 76.40 3.87 54.79
CA ASP KA 995 77.32 3.42 53.76
C ASP KA 995 77.05 1.98 53.33
N TRP KA 996 76.30 1.22 54.11
CA TRP KA 996 76.00 -0.17 53.84
C TRP KA 996 74.83 -0.35 52.89
N LEU KA 997 74.23 0.74 52.44
CA LEU KA 997 73.06 0.65 51.57
C LEU KA 997 73.25 -0.21 50.33
N PRO KA 998 74.38 -0.17 49.60
CA PRO KA 998 74.50 -0.98 48.39
C PRO KA 998 74.24 -2.46 48.61
N TYR KA 999 74.35 -2.93 49.84
CA TYR KA 999 74.02 -4.31 50.14
C TYR KA 999 72.54 -4.52 50.38
N ILE KA 1000 71.74 -3.46 50.31
CA ILE KA 1000 70.29 -3.56 50.37
C ILE KA 1000 69.66 -3.20 49.02
N ILE KA 1001 69.97 -2.02 48.51
CA ILE KA 1001 69.44 -1.60 47.23
C ILE KA 1001 70.13 -2.33 46.09
N GLY KA 1002 71.46 -2.42 46.15
CA GLY KA 1002 72.21 -3.07 45.09
C GLY KA 1002 71.91 -4.54 44.95
N VAL KA 1003 71.20 -5.13 45.91
CA VAL KA 1003 70.75 -6.51 45.81
C VAL KA 1003 69.29 -6.61 45.42
N GLY KA 1004 68.62 -5.50 45.17
CA GLY KA 1004 67.27 -5.52 44.67
C GLY KA 1004 66.18 -5.68 45.70
N SER KA 1005 66.41 -5.25 46.92
CA SER KA 1005 65.42 -5.37 47.97
C SER KA 1005 64.90 -4.00 48.36
N PRO KA 1006 63.59 -3.82 48.46
CA PRO KA 1006 63.03 -2.51 48.80
C PRO KA 1006 63.21 -2.20 50.29
N LEU KA 1007 62.89 -0.96 50.64
CA LEU KA 1007 63.24 -0.42 51.95
C LEU KA 1007 62.22 0.62 52.38
N ASN KA 1008 62.06 0.76 53.69
CA ASN KA 1008 61.34 1.86 54.31
C ASN KA 1008 62.31 2.65 55.18
N LEU KA 1009 62.37 3.96 54.96
CA LEU KA 1009 63.38 4.76 55.62
C LEU KA 1009 63.17 4.84 57.13
N SER KA 1010 61.92 4.85 57.58
CA SER KA 1010 61.67 5.04 59.00
C SER KA 1010 62.24 3.92 59.86
N ASP KA 1011 62.55 2.78 59.27
CA ASP KA 1011 63.08 1.66 60.04
C ASP KA 1011 64.55 1.83 60.40
N ILE KA 1012 65.26 2.78 59.79
CA ILE KA 1012 66.70 2.85 59.92
C ILE KA 1012 67.10 3.09 61.37
N ASN KA 1013 66.41 3.99 62.05
CA ASN KA 1013 66.75 4.28 63.45
C ASN KA 1013 66.65 3.03 64.30
N THR KA 1014 65.59 2.24 64.10
CA THR KA 1014 65.46 0.99 64.83
C THR KA 1014 66.60 0.05 64.49
N ALA KA 1015 66.96 -0.04 63.21
CA ALA KA 1015 68.04 -0.93 62.81
C ALA KA 1015 69.34 -0.55 63.50
N ILE KA 1016 69.63 0.75 63.58
CA ILE KA 1016 70.81 1.19 64.32
C ILE KA 1016 70.72 0.75 65.76
N SER KA 1017 69.57 0.99 66.39
CA SER KA 1017 69.37 0.57 67.77
C SER KA 1017 69.55 -0.93 67.90
N TYR KA 1018 69.01 -1.69 66.94
CA TYR KA 1018 69.19 -3.13 66.95
C TYR KA 1018 70.67 -3.48 66.95
N SER KA 1019 71.45 -2.84 66.09
CA SER KA 1019 72.88 -3.10 66.04
C SER KA 1019 73.55 -2.72 67.36
N ARG KA 1020 73.10 -1.61 67.96
CA ARG KA 1020 73.66 -1.20 69.25
C ARG KA 1020 73.53 -2.30 70.28
N LEU KA 1021 72.47 -3.10 70.20
CA LEU KA 1021 72.30 -4.21 71.12
C LEU KA 1021 73.08 -5.45 70.71
N THR KA 1022 73.55 -5.52 69.47
CA THR KA 1022 74.24 -6.69 68.95
C THR KA 1022 75.50 -6.27 68.23
N PRO KA 1023 76.48 -5.74 68.96
CA PRO KA 1023 77.68 -5.21 68.30
C PRO KA 1023 78.57 -6.33 67.80
N ILE KA 1024 79.59 -5.93 67.05
CA ILE KA 1024 80.67 -6.81 66.62
C ILE KA 1024 81.94 -6.39 67.33
N LEU KA 1025 82.57 -7.34 68.02
CA LEU KA 1025 83.81 -7.08 68.73
C LEU KA 1025 84.96 -7.49 67.83
N HIS KA 1026 85.87 -6.55 67.58
CA HIS KA 1026 87.06 -6.81 66.78
C HIS KA 1026 88.25 -6.97 67.72
N ILE KA 1027 88.87 -8.14 67.68
CA ILE KA 1027 90.03 -8.45 68.50
C ILE KA 1027 91.25 -8.58 67.60
N ASP KA 1028 92.34 -7.95 67.99
CA ASP KA 1028 93.57 -7.97 67.21
C ASP KA 1028 94.75 -8.09 68.15
N THR KA 1029 95.52 -9.17 68.00
CA THR KA 1029 96.64 -9.44 68.89
C THR KA 1029 97.97 -8.94 68.35
N THR KA 1030 98.05 -8.56 67.08
CA THR KA 1030 99.30 -8.14 66.48
C THR KA 1030 99.57 -6.66 66.68
N THR KA 1031 98.96 -6.03 67.68
CA THR KA 1031 99.23 -4.62 67.94
C THR KA 1031 98.95 -4.34 69.41
N PRO KA 1032 99.75 -3.48 70.05
CA PRO KA 1032 99.51 -3.19 71.46
C PRO KA 1032 98.21 -2.42 71.64
N PRO KA 1033 97.58 -2.53 72.80
CA PRO KA 1033 96.26 -1.94 73.00
C PRO KA 1033 96.34 -0.46 73.36
N LEU KA 1034 95.17 0.18 73.34
CA LEU KA 1034 94.98 1.56 73.72
C LEU KA 1034 94.88 1.70 75.23
N ARG KA 1035 95.09 2.91 75.72
CA ARG KA 1035 94.97 3.18 77.15
C ARG KA 1035 94.62 4.64 77.39
N VAL KA 1036 93.98 4.89 78.53
CA VAL KA 1036 93.52 6.22 78.91
C VAL KA 1036 93.60 6.33 80.42
N ASN KA 1037 93.95 7.53 80.92
CA ASN KA 1037 94.14 7.68 82.36
C ASN KA 1037 92.83 7.63 83.13
N PRO KA 1038 91.86 8.54 82.90
CA PRO KA 1038 90.60 8.43 83.67
C PRO KA 1038 89.68 7.39 83.07
N VAL KA 1039 89.85 6.14 83.47
CA VAL KA 1039 89.12 5.00 82.90
C VAL KA 1039 87.61 5.24 82.87
N PRO KA 1040 86.99 5.82 83.90
CA PRO KA 1040 85.56 6.14 83.78
C PRO KA 1040 85.24 7.10 82.65
N THR KA 1041 86.22 7.88 82.17
CA THR KA 1041 86.07 8.80 81.04
C THR KA 1041 84.83 9.66 81.17
N PRO KA 1042 84.77 10.55 82.16
CA PRO KA 1042 83.61 11.45 82.27
C PRO KA 1042 83.64 12.52 81.20
N LEU KA 1043 82.46 13.04 80.90
CA LEU KA 1043 82.30 14.02 79.84
C LEU KA 1043 82.90 15.37 80.24
N ASN KA 1044 83.23 16.15 79.21
CA ASN KA 1044 83.62 17.55 79.34
C ASN KA 1044 84.86 17.75 80.22
N GLN KA 1045 85.71 16.74 80.33
CA GLN KA 1045 86.86 16.83 81.22
C GLN KA 1045 88.11 16.34 80.51
N GLN KA 1046 89.24 16.95 80.87
CA GLN KA 1046 90.50 16.64 80.24
C GLN KA 1046 90.88 15.18 80.48
N CYS KA 1047 91.36 14.52 79.43
CA CYS KA 1047 91.79 13.13 79.53
C CYS KA 1047 92.98 12.91 78.62
N ALA KA 1048 93.94 12.13 79.12
CA ALA KA 1048 95.15 11.83 78.37
C ALA KA 1048 95.05 10.41 77.81
N ILE KA 1049 95.40 10.27 76.54
CA ILE KA 1049 95.32 8.99 75.83
C ILE KA 1049 96.68 8.68 75.23
N ARG KA 1050 97.16 7.46 75.44
CA ARG KA 1050 98.45 7.03 74.96
C ARG KA 1050 98.27 6.04 73.81
N ILE KA 1051 99.00 6.25 72.73
CA ILE KA 1051 99.02 5.35 71.58
C ILE KA 1051 100.48 5.06 71.29
N THR KA 1052 100.99 3.95 71.82
CA THR KA 1052 102.38 3.60 71.57
C THR KA 1052 102.60 3.31 70.09
N SER KA 1053 103.69 3.85 69.55
CA SER KA 1053 103.93 3.82 68.12
C SER KA 1053 105.39 4.15 67.88
N LEU KA 1054 105.86 3.80 66.68
CA LEU KA 1054 107.28 3.94 66.37
C LEU KA 1054 107.60 5.12 65.47
N ASP KA 1055 106.61 5.64 64.74
CA ASP KA 1055 106.89 6.68 63.74
C ASP KA 1055 106.24 7.99 64.13
N PRO KA 1056 107.02 9.02 64.45
CA PRO KA 1056 106.43 10.37 64.59
C PRO KA 1056 105.87 10.91 63.29
N ALA KA 1057 106.26 10.32 62.15
CA ALA KA 1057 105.78 10.77 60.85
C ALA KA 1057 104.36 10.30 60.55
N ALA KA 1058 103.79 9.43 61.38
CA ALA KA 1058 102.46 8.90 61.11
C ALA KA 1058 101.41 10.00 61.30
N VAL KA 1059 100.21 9.71 60.80
CA VAL KA 1059 99.08 10.63 60.90
C VAL KA 1059 97.93 9.92 61.59
N LEU KA 1060 97.12 10.70 62.30
CA LEU KA 1060 96.09 10.17 63.20
C LEU KA 1060 94.72 10.67 62.78
N SER KA 1061 93.70 9.88 63.10
CA SER KA 1061 92.32 10.28 62.92
C SER KA 1061 91.45 9.56 63.94
N VAL KA 1062 90.39 10.24 64.38
CA VAL KA 1062 89.42 9.68 65.31
C VAL KA 1062 88.03 9.88 64.71
N GLN KA 1063 87.19 8.87 64.83
CA GLN KA 1063 85.86 8.90 64.24
C GLN KA 1063 84.80 8.72 65.31
N HIS KA 1064 83.62 9.25 65.02
CA HIS KA 1064 82.47 9.16 65.91
C HIS KA 1064 81.21 9.23 65.07
N ASN KA 1065 80.27 8.32 65.33
CA ASN KA 1065 79.07 8.19 64.50
C ASN KA 1065 79.44 7.99 63.04
N GLY KA 1066 80.52 7.25 62.81
CA GLY KA 1066 80.92 6.93 61.45
C GLY KA 1066 81.49 8.08 60.66
N VAL KA 1067 81.99 9.12 61.32
CA VAL KA 1067 82.62 10.23 60.64
C VAL KA 1067 83.80 10.72 61.48
N GLU KA 1068 84.87 11.13 60.79
CA GLU KA 1068 86.05 11.62 61.48
C GLU KA 1068 85.73 12.87 62.28
N VAL KA 1069 86.26 12.95 63.49
CA VAL KA 1069 85.96 14.06 64.38
C VAL KA 1069 87.26 14.73 64.81
N ILE KA 1070 88.35 13.97 64.85
CA ILE KA 1070 89.66 14.50 65.17
C ILE KA 1070 90.66 13.92 64.18
N GLY KA 1071 91.59 14.74 63.71
CA GLY KA 1071 92.64 14.25 62.85
C GLY KA 1071 93.75 15.27 62.69
N GLY KA 1072 94.94 14.81 62.38
CA GLY KA 1072 96.05 15.71 62.15
C GLY KA 1072 97.37 15.06 62.50
N THR KA 1073 98.31 15.90 62.87
CA THR KA 1073 99.69 15.54 63.17
C THR KA 1073 100.07 16.13 64.52
N PRO KA 1074 101.13 15.63 65.15
CA PRO KA 1074 101.59 16.26 66.40
C PRO KA 1074 101.90 17.73 66.24
N GLY KA 1075 102.34 18.15 65.05
CA GLY KA 1075 102.54 19.58 64.81
C GLY KA 1075 101.24 20.36 64.87
N ASN KA 1076 100.22 19.86 64.19
CA ASN KA 1076 98.93 20.54 64.16
C ASN KA 1076 97.82 19.51 64.03
N VAL KA 1077 96.72 19.76 64.73
CA VAL KA 1077 95.59 18.84 64.75
C VAL KA 1077 94.31 19.66 64.77
N ILE KA 1078 93.25 19.11 64.19
CA ILE KA 1078 91.96 19.76 64.12
C ILE KA 1078 90.92 18.85 64.75
N SER KA 1079 90.00 19.44 65.51
CA SER KA 1079 88.97 18.68 66.21
C SER KA 1079 87.65 19.44 66.14
N VAL KA 1080 86.55 18.67 66.21
CA VAL KA 1080 85.23 19.25 66.33
C VAL KA 1080 84.53 18.60 67.51
N ALA KA 1081 85.32 18.19 68.51
CA ALA KA 1081 84.76 17.58 69.71
C ALA KA 1081 85.37 18.14 70.99
N GLY KA 1082 85.99 19.31 70.93
CA GLY KA 1082 86.63 19.91 72.08
C GLY KA 1082 88.12 20.04 71.87
N ALA KA 1083 88.77 20.61 72.89
CA ALA KA 1083 90.20 20.88 72.80
C ALA KA 1083 90.98 19.58 72.66
N ALA KA 1084 91.93 19.58 71.73
CA ALA KA 1084 92.75 18.41 71.47
C ALA KA 1084 94.19 18.85 71.23
N ALA KA 1085 95.12 18.21 71.93
CA ALA KA 1085 96.54 18.49 71.76
C ALA KA 1085 97.25 17.17 71.46
N LEU KA 1086 97.99 17.14 70.36
CA LEU KA 1086 98.67 15.95 69.90
C LEU KA 1086 100.18 16.15 70.03
N GLN KA 1087 100.85 15.20 70.68
CA GLN KA 1087 102.29 15.24 70.84
C GLN KA 1087 102.83 13.82 70.74
N TYR KA 1088 104.05 13.71 70.23
CA TYR KA 1088 104.74 12.43 70.16
C TYR KA 1088 105.89 12.44 71.17
N ILE KA 1089 105.89 11.46 72.06
CA ILE KA 1089 106.94 11.31 73.06
C ILE KA 1089 107.84 10.18 72.57
N LEU KA 1090 108.98 10.54 71.98
CA LEU KA 1090 109.89 9.54 71.43
C LEU KA 1090 110.47 8.66 72.53
N ALA KA 1091 110.74 9.24 73.70
CA ALA KA 1091 111.34 8.46 74.78
C ALA KA 1091 110.47 7.29 75.17
N ASN KA 1092 109.15 7.43 75.05
CA ASN KA 1092 108.23 6.33 75.29
C ASN KA 1092 107.70 5.69 74.02
N GLN KA 1093 108.05 6.24 72.85
CA GLN KA 1093 107.53 5.78 71.58
C GLN KA 1093 106.00 5.76 71.59
N GLU KA 1094 105.43 6.91 71.93
CA GLU KA 1094 103.98 7.05 72.01
C GLU KA 1094 103.56 8.38 71.39
N PHE KA 1095 102.34 8.40 70.88
CA PHE KA 1095 101.64 9.66 70.63
C PHE KA 1095 100.80 9.96 71.86
N LEU KA 1096 100.96 11.17 72.39
CA LEU KA 1096 100.17 11.62 73.52
C LEU KA 1096 99.04 12.50 73.00
N LEU KA 1097 97.81 12.17 73.37
CA LEU KA 1097 96.65 12.96 73.04
C LEU KA 1097 95.99 13.42 74.33
N GLN KA 1098 95.85 14.73 74.47
CA GLN KA 1098 95.11 15.34 75.57
C GLN KA 1098 93.84 15.93 75.02
N PHE KA 1099 92.71 15.57 75.63
CA PHE KA 1099 91.42 15.77 74.98
C PHE KA 1099 90.36 16.11 76.01
N THR KA 1100 89.41 16.95 75.60
CA THR KA 1100 88.28 17.36 76.43
C THR KA 1100 87.01 17.11 75.63
N PRO KA 1101 86.51 15.88 75.65
CA PRO KA 1101 85.34 15.56 74.83
C PRO KA 1101 84.14 16.41 75.18
N THR KA 1102 83.45 16.88 74.15
CA THR KA 1102 82.24 17.67 74.31
C THR KA 1102 80.98 16.88 74.00
N LEU KA 1103 81.10 15.58 73.75
CA LEU KA 1103 79.94 14.76 73.46
C LEU KA 1103 80.27 13.32 73.82
N PRO KA 1104 79.29 12.54 74.24
CA PRO KA 1104 79.56 11.16 74.66
C PRO KA 1104 79.54 10.18 73.51
N GLY KA 1105 79.67 8.90 73.83
CA GLY KA 1105 79.54 7.84 72.85
C GLY KA 1105 80.85 7.16 72.56
N ILE KA 1106 80.82 6.32 71.53
CA ILE KA 1106 81.99 5.55 71.12
C ILE KA 1106 82.89 6.41 70.25
N PHE KA 1107 84.18 6.36 70.52
CA PHE KA 1107 85.19 6.96 69.66
C PHE KA 1107 86.24 5.92 69.34
N ASP KA 1108 86.56 5.78 68.05
CA ASP KA 1108 87.59 4.86 67.61
C ASP KA 1108 88.69 5.62 66.90
N VAL KA 1109 89.92 5.11 66.99
CA VAL KA 1109 91.10 5.84 66.62
C VAL KA 1109 91.93 5.03 65.63
N PHE KA 1110 92.56 5.73 64.69
CA PHE KA 1110 93.36 5.10 63.65
C PHE KA 1110 94.69 5.82 63.51
N LEU KA 1111 95.68 5.09 63.01
CA LEU KA 1111 96.96 5.66 62.65
C LEU KA 1111 97.28 5.26 61.22
N THR KA 1112 98.01 6.13 60.52
CA THR KA 1112 98.33 5.87 59.13
C THR KA 1112 99.69 6.49 58.82
N THR KA 1113 100.39 5.88 57.86
CA THR KA 1113 101.60 6.44 57.29
C THR KA 1113 101.46 6.42 55.77
N LEU KA 1114 102.34 7.17 55.11
CA LEU KA 1114 102.11 7.55 53.72
C LEU KA 1114 101.97 6.36 52.79
N GLY KA 1115 102.69 5.28 53.06
CA GLY KA 1115 102.67 4.15 52.14
C GLY KA 1115 101.79 2.99 52.57
N GLN KA 1116 100.83 3.24 53.45
CA GLN KA 1116 100.06 2.17 54.05
C GLN KA 1116 98.61 2.57 54.18
N PRO KA 1117 97.70 1.59 54.28
CA PRO KA 1117 96.32 1.89 54.65
C PRO KA 1117 96.23 2.31 56.11
N PRO KA 1118 95.14 2.95 56.51
CA PRO KA 1118 94.97 3.29 57.93
C PRO KA 1118 94.87 2.04 58.78
N VAL KA 1119 95.43 2.13 59.99
CA VAL KA 1119 95.50 1.01 60.92
C VAL KA 1119 94.61 1.32 62.11
N PRO KA 1120 93.61 0.50 62.42
CA PRO KA 1120 92.84 0.71 63.63
C PRO KA 1120 93.69 0.44 64.87
N ARG KA 1121 93.47 1.25 65.91
CA ARG KA 1121 94.23 1.15 67.14
C ARG KA 1121 93.30 1.18 68.34
N GLY KA 1122 92.15 0.53 68.23
CA GLY KA 1122 91.23 0.45 69.34
C GLY KA 1122 90.23 1.58 69.38
N SER KA 1123 89.45 1.58 70.45
CA SER KA 1123 88.38 2.54 70.62
C SER KA 1123 88.15 2.79 72.10
N PHE KA 1124 87.49 3.91 72.40
CA PHE KA 1124 87.19 4.27 73.77
C PHE KA 1124 85.81 4.89 73.84
N THR KA 1125 85.26 4.92 75.04
CA THR KA 1125 83.91 5.43 75.30
C THR KA 1125 84.00 6.65 76.20
N ILE KA 1126 83.08 7.60 75.99
CA ILE KA 1126 82.94 8.77 76.85
C ILE KA 1126 81.59 8.70 77.52
N THR KA 1127 81.58 8.85 78.83
CA THR KA 1127 80.34 8.66 79.58
C THR KA 1127 79.68 10.00 79.88
N PRO KA 1128 78.35 10.02 79.95
CA PRO KA 1128 77.64 11.25 80.27
C PRO KA 1128 77.75 11.57 81.76
N PRO KA 1129 77.50 12.81 82.15
CA PRO KA 1129 77.52 13.17 83.57
C PRO KA 1129 76.40 12.46 84.32
N PRO KA 1130 76.53 12.33 85.63
CA PRO KA 1130 75.54 11.56 86.40
C PRO KA 1130 74.18 12.25 86.43
N THR KA 1131 73.16 11.43 86.67
CA THR KA 1131 71.77 11.87 86.69
C THR KA 1131 71.25 12.17 88.09
N THR KA 1132 72.13 12.31 89.08
CA THR KA 1132 71.72 12.37 90.48
C THR KA 1132 71.43 13.81 90.89
N VAL KA 1133 70.17 14.19 90.81
CA VAL KA 1133 69.70 15.43 91.41
C VAL KA 1133 69.16 15.10 92.80
N VAL KA 1134 69.38 16.00 93.74
CA VAL KA 1134 68.96 15.80 95.13
C VAL KA 1134 68.35 17.08 95.65
N LEU KA 1135 67.28 16.95 96.44
CA LEU KA 1135 66.58 18.07 97.03
C LEU KA 1135 66.69 17.99 98.55
N ASN KA 1136 66.68 19.15 99.20
CA ASN KA 1136 66.85 19.26 100.64
C ASN KA 1136 65.72 20.10 101.21
N MET KA 1137 65.07 19.59 102.26
CA MET KA 1137 63.75 20.04 102.68
C MET KA 1137 63.78 20.71 104.04
N PRO KA 1138 62.78 21.54 104.33
CA PRO KA 1138 62.66 22.14 105.67
C PRO KA 1138 61.92 21.22 106.61
N PRO KA 1139 61.99 21.48 107.92
CA PRO KA 1139 61.23 20.67 108.89
C PRO KA 1139 59.74 20.93 108.76
N PRO KA 1140 58.90 20.08 109.37
CA PRO KA 1140 57.45 20.32 109.30
C PRO KA 1140 57.03 21.67 109.85
N GLY KA 1141 57.75 22.19 110.85
CA GLY KA 1141 57.46 23.55 111.31
C GLY KA 1141 57.65 24.59 110.23
N GLN KA 1142 58.55 24.32 109.27
CA GLN KA 1142 58.78 25.20 108.15
C GLN KA 1142 58.05 24.74 106.89
N LEU KA 1143 57.20 23.71 107.00
CA LEU KA 1143 56.24 23.42 105.95
C LEU KA 1143 55.24 24.57 105.90
N ASP KA 1144 55.37 25.43 104.90
CA ASP KA 1144 54.66 26.71 104.88
C ASP KA 1144 53.34 26.54 104.14
N PHE KA 1145 52.30 26.19 104.89
CA PHE KA 1145 50.94 26.17 104.37
C PHE KA 1145 50.36 27.58 104.26
N THR KA 1146 51.07 28.58 104.77
CA THR KA 1146 50.71 29.97 104.58
C THR KA 1146 50.86 30.36 103.11
N ASP KA 1147 50.47 31.59 102.79
CA ASP KA 1147 50.55 32.06 101.41
C ASP KA 1147 51.99 32.06 100.92
N VAL KA 1148 52.92 32.53 101.74
CA VAL KA 1148 54.33 32.52 101.40
C VAL KA 1148 54.84 31.09 101.60
N GLY KA 1149 54.90 30.32 100.52
CA GLY KA 1149 55.32 28.94 100.62
C GLY KA 1149 56.79 28.82 101.00
N ASN KA 1150 57.17 27.59 101.34
CA ASN KA 1150 58.50 27.32 101.85
C ASN KA 1150 59.50 27.17 100.70
N ASP KA 1151 60.76 26.95 101.06
CA ASP KA 1151 61.85 26.91 100.10
C ASP KA 1151 62.75 25.71 100.42
N ALA KA 1152 63.27 25.09 99.36
CA ALA KA 1152 64.09 23.89 99.49
C ALA KA 1152 65.32 24.03 98.62
N ARG KA 1153 66.43 23.47 99.08
CA ARG KA 1153 67.71 23.60 98.39
C ARG KA 1153 67.93 22.42 97.45
N ILE KA 1154 68.29 22.71 96.21
CA ILE KA 1154 68.58 21.71 95.20
C ILE KA 1154 70.09 21.51 95.11
N THR KA 1155 70.51 20.26 95.05
CA THR KA 1155 71.91 19.91 94.85
C THR KA 1155 72.01 19.08 93.57
N CYS KA 1156 72.64 19.65 92.55
CA CYS KA 1156 72.71 19.01 91.24
C CYS KA 1156 73.85 19.64 90.44
N ASP KA 1157 74.20 18.97 89.36
CA ASP KA 1157 75.19 19.52 88.44
C ASP KA 1157 74.61 20.71 87.69
N PRO KA 1158 75.46 21.69 87.34
CA PRO KA 1158 74.97 22.80 86.50
C PRO KA 1158 74.68 22.38 85.07
N TYR KA 1159 75.13 21.20 84.66
CA TYR KA 1159 74.91 20.75 83.29
C TYR KA 1159 73.42 20.56 82.99
N TYR KA 1160 72.62 20.23 84.00
CA TYR KA 1160 71.20 20.04 83.84
C TYR KA 1160 70.46 21.25 84.40
N GLN KA 1161 69.92 22.08 83.51
CA GLN KA 1161 68.97 23.10 83.92
C GLN KA 1161 67.62 22.47 84.21
N LEU KA 1162 66.93 22.99 85.22
CA LEU KA 1162 65.76 22.34 85.77
C LEU KA 1162 64.56 23.28 85.82
N ALA KA 1163 63.38 22.68 85.80
CA ALA KA 1163 62.12 23.38 86.00
C ALA KA 1163 61.10 22.38 86.51
N VAL KA 1164 60.06 22.90 87.17
CA VAL KA 1164 59.04 22.06 87.78
C VAL KA 1164 57.93 21.82 86.77
N CYS KA 1165 57.57 20.55 86.57
CA CYS KA 1165 56.65 20.16 85.51
C CYS KA 1165 55.72 19.07 86.01
N ILE KA 1166 54.66 18.81 85.23
CA ILE KA 1166 53.65 17.82 85.55
C ILE KA 1166 53.55 16.83 84.40
N PHE KA 1167 53.67 15.54 84.72
CA PHE KA 1167 53.58 14.46 83.74
C PHE KA 1167 52.10 14.21 83.40
N LYS KA 1168 51.53 15.16 82.67
CA LYS KA 1168 50.08 15.20 82.48
C LYS KA 1168 49.59 14.06 81.60
N ASP KA 1169 50.23 13.86 80.45
CA ASP KA 1169 49.65 13.00 79.42
C ASP KA 1169 50.71 12.12 78.76
N GLY KA 1170 51.73 11.72 79.50
CA GLY KA 1170 52.90 11.14 78.90
C GLY KA 1170 53.97 12.15 78.56
N GLN KA 1171 53.70 13.43 78.75
CA GLN KA 1171 54.70 14.48 78.58
C GLN KA 1171 54.57 15.47 79.73
N TYR KA 1172 55.72 15.92 80.22
CA TYR KA 1172 55.75 16.89 81.30
C TYR KA 1172 55.37 18.28 80.78
N VAL KA 1173 54.51 18.97 81.53
CA VAL KA 1173 54.12 20.34 81.23
C VAL KA 1173 54.57 21.23 82.38
N ARG KA 1174 55.21 22.34 82.05
CA ARG KA 1174 55.79 23.22 83.06
C ARG KA 1174 54.69 23.85 83.90
N VAL KA 1175 54.88 23.80 85.22
CA VAL KA 1175 53.91 24.37 86.15
C VAL KA 1175 54.11 25.87 86.23
N ASN KA 1176 53.03 26.58 86.57
CA ASN KA 1176 53.15 28.01 86.80
C ASN KA 1176 54.06 28.26 88.00
N PRO KA 1177 54.78 29.38 88.00
CA PRO KA 1177 55.78 29.58 89.06
C PRO KA 1177 55.19 29.79 90.44
N GLU KA 1178 53.94 30.24 90.53
CA GLU KA 1178 53.40 30.66 91.81
C GLU KA 1178 52.96 29.50 92.70
N LYS KA 1179 53.16 28.26 92.26
CA LYS KA 1179 53.04 27.12 93.15
C LYS KA 1179 54.36 26.41 93.41
N ALA KA 1180 55.29 26.47 92.46
CA ALA KA 1180 56.63 25.91 92.65
C ALA KA 1180 57.56 26.54 91.63
N SER KA 1181 58.81 26.72 92.02
CA SER KA 1181 59.79 27.33 91.14
C SER KA 1181 61.20 26.92 91.58
N VAL KA 1182 62.04 26.61 90.59
CA VAL KA 1182 63.46 26.46 90.86
C VAL KA 1182 64.07 27.85 91.03
N VAL KA 1183 64.80 28.04 92.12
CA VAL KA 1183 65.30 29.34 92.52
C VAL KA 1183 66.74 29.48 92.04
N THR KA 1184 67.04 30.57 91.35
CA THR KA 1184 68.38 30.82 90.82
C THR KA 1184 69.24 31.52 91.87
N ASN KA 1185 69.39 30.85 93.01
CA ASN KA 1185 70.27 31.35 94.05
C ASN KA 1185 71.72 31.30 93.57
N ALA KA 1186 72.52 32.26 94.03
CA ALA KA 1186 73.86 32.44 93.47
C ALA KA 1186 74.75 31.21 93.62
N PRO KA 1187 74.88 30.58 94.80
CA PRO KA 1187 75.78 29.42 94.88
C PRO KA 1187 75.21 28.18 94.22
N ASN KA 1188 73.90 28.00 94.25
CA ASN KA 1188 73.28 26.79 93.75
C ASN KA 1188 71.81 27.06 93.48
N ARG KA 1189 71.17 26.13 92.77
CA ARG KA 1189 69.74 26.20 92.56
C ARG KA 1189 69.00 25.77 93.82
N ASP KA 1190 67.90 26.45 94.11
CA ASP KA 1190 67.00 26.09 95.19
C ASP KA 1190 65.60 25.92 94.62
N LEU KA 1191 64.64 25.60 95.48
CA LEU KA 1191 63.28 25.28 95.04
C LEU KA 1191 62.28 25.89 96.00
N HIS KA 1192 61.60 26.95 95.57
CA HIS KA 1192 60.49 27.50 96.32
C HIS KA 1192 59.19 26.86 95.86
N PHE KA 1193 58.29 26.65 96.81
CA PHE KA 1193 57.01 26.01 96.51
C PHE KA 1193 56.03 26.31 97.63
N VAL KA 1194 54.74 26.16 97.31
CA VAL KA 1194 53.66 26.43 98.24
C VAL KA 1194 52.79 25.19 98.34
N LEU KA 1195 52.08 25.06 99.45
CA LEU KA 1195 51.35 23.86 99.78
C LEU KA 1195 49.85 24.04 99.56
N ASP KA 1196 49.22 23.03 98.97
CA ASP KA 1196 47.81 23.08 98.64
C ASP KA 1196 47.22 21.69 98.82
N LEU KA 1197 45.92 21.65 99.16
CA LEU KA 1197 45.26 20.39 99.53
C LEU KA 1197 45.13 19.41 98.37
N ALA KA 1198 45.61 19.75 97.17
CA ALA KA 1198 45.63 18.81 96.05
C ALA KA 1198 46.96 18.07 95.93
N ASP KA 1199 47.96 18.45 96.73
CA ASP KA 1199 49.33 18.04 96.46
C ASP KA 1199 49.59 16.57 96.80
N ASN KA 1200 48.83 15.99 97.74
CA ASN KA 1200 49.09 14.60 98.10
C ASN KA 1200 48.64 13.63 97.00
N HIS KA 1201 47.63 14.00 96.23
CA HIS KA 1201 47.14 13.14 95.17
C HIS KA 1201 47.94 13.29 93.88
N VAL KA 1202 48.39 14.49 93.57
CA VAL KA 1202 49.06 14.79 92.30
C VAL KA 1202 50.53 14.41 92.37
N LEU KA 1203 51.20 14.43 91.21
CA LEU KA 1203 52.64 14.22 91.13
C LEU KA 1203 53.27 15.30 90.27
N LEU KA 1204 54.51 15.65 90.60
CA LEU KA 1204 55.27 16.64 89.84
C LEU KA 1204 56.72 16.19 89.78
N TYR KA 1205 57.47 16.79 88.85
CA TYR KA 1205 58.83 16.34 88.58
C TYR KA 1205 59.74 17.53 88.33
N LEU KA 1206 60.97 17.44 88.85
CA LEU KA 1206 62.05 18.33 88.43
C LEU KA 1206 62.58 17.80 87.11
N CYS KA 1207 62.42 18.58 86.05
CA CYS KA 1207 62.65 18.10 84.69
C CYS KA 1207 63.85 18.80 84.06
N ASP KA 1208 64.61 18.03 83.28
CA ASP KA 1208 65.72 18.61 82.53
C ASP KA 1208 65.19 19.58 81.48
N VAL KA 1209 65.90 20.67 81.29
CA VAL KA 1209 65.48 21.76 80.41
C VAL KA 1209 66.42 21.82 79.22
N THR KA 1210 65.88 21.57 78.03
CA THR KA 1210 66.55 21.78 76.76
C THR KA 1210 65.57 22.41 75.81
N PRO KA 1211 66.04 23.23 74.87
CA PRO KA 1211 65.12 23.77 73.85
C PRO KA 1211 64.49 22.70 73.00
N SER KA 1212 65.14 21.55 72.86
CA SER KA 1212 64.56 20.44 72.10
C SER KA 1212 63.37 19.83 72.84
N GLY KA 1213 63.47 19.67 74.15
CA GLY KA 1213 62.41 19.05 74.90
C GLY KA 1213 62.57 19.26 76.39
N LEU KA 1214 61.50 19.00 77.11
CA LEU KA 1214 61.41 19.25 78.54
C LEU KA 1214 61.38 17.92 79.28
N GLY KA 1215 62.31 17.76 80.23
CA GLY KA 1215 62.39 16.53 80.98
C GLY KA 1215 62.90 15.34 80.19
N ASP KA 1216 63.60 15.59 79.09
CA ASP KA 1216 64.07 14.49 78.24
C ASP KA 1216 65.11 13.65 78.95
N ARG KA 1217 66.23 14.26 79.34
CA ARG KA 1217 67.33 13.48 79.89
C ARG KA 1217 67.02 12.98 81.29
N ILE KA 1218 66.48 13.84 82.16
CA ILE KA 1218 66.14 13.45 83.51
C ILE KA 1218 64.80 14.07 83.91
N ALA KA 1219 64.10 13.40 84.82
CA ALA KA 1219 62.86 13.92 85.39
C ALA KA 1219 62.66 13.22 86.73
N PHE KA 1220 62.78 13.98 87.82
CA PHE KA 1220 62.81 13.42 89.16
C PHE KA 1220 61.57 13.82 89.93
N PRO KA 1221 60.77 12.88 90.43
CA PRO KA 1221 59.59 13.25 91.20
C PRO KA 1221 59.96 13.82 92.57
N ILE KA 1222 59.22 14.85 92.98
CA ILE KA 1222 59.39 15.42 94.32
C ILE KA 1222 58.43 14.66 95.22
N VAL KA 1223 58.90 13.51 95.70
CA VAL KA 1223 58.03 12.60 96.45
C VAL KA 1223 57.63 13.19 97.79
N ASP KA 1224 58.47 14.06 98.36
CA ASP KA 1224 58.19 14.62 99.68
C ASP KA 1224 56.85 15.36 99.68
N ILE KA 1225 56.59 16.13 98.62
CA ILE KA 1225 55.34 16.87 98.54
C ILE KA 1225 54.14 15.92 98.50
N TYR KA 1226 54.31 14.75 97.89
CA TYR KA 1226 53.20 13.79 97.83
C TYR KA 1226 52.83 13.24 99.19
N ARG KA 1227 53.67 13.44 100.21
CA ARG KA 1227 53.46 12.89 101.54
C ARG KA 1227 53.21 13.95 102.60
N ILE KA 1228 53.11 15.23 102.22
CA ILE KA 1228 53.01 16.30 103.20
C ILE KA 1228 51.68 16.20 103.94
N ALA KA 1229 51.74 16.30 105.27
CA ALA KA 1229 50.55 16.28 106.10
C ALA KA 1229 50.11 17.72 106.40
N PHE KA 1230 48.83 18.01 106.18
CA PHE KA 1230 48.31 19.35 106.36
C PHE KA 1230 47.76 19.52 107.77
N PRO KA 1231 48.23 20.50 108.54
CA PRO KA 1231 47.77 20.66 109.92
C PRO KA 1231 46.34 21.19 109.96
N ARG KA 1232 45.45 20.42 110.60
CA ARG KA 1232 44.05 20.78 110.65
C ARG KA 1232 43.82 22.11 111.35
N ASN KA 1233 44.62 22.39 112.38
CA ASN KA 1233 44.44 23.55 113.25
C ASN KA 1233 44.84 24.87 112.59
N THR KA 1234 45.13 24.96 111.30
CA THR KA 1234 45.61 26.17 110.67
C THR KA 1234 44.80 26.45 109.40
N PRO KA 1235 44.78 27.71 108.95
CA PRO KA 1235 44.21 27.98 107.62
C PRO KA 1235 44.99 27.25 106.54
N VAL KA 1236 44.25 26.74 105.55
CA VAL KA 1236 44.82 25.91 104.49
C VAL KA 1236 44.35 26.45 103.14
N ARG KA 1237 44.81 25.79 102.08
CA ARG KA 1237 44.68 26.28 100.72
C ARG KA 1237 44.20 25.16 99.80
N ALA KA 1238 43.35 25.51 98.84
CA ALA KA 1238 42.80 24.54 97.91
C ALA KA 1238 42.58 25.19 96.56
N SER KA 1239 42.69 24.39 95.50
CA SER KA 1239 42.43 24.84 94.14
C SER KA 1239 42.27 23.61 93.25
N LEU KA 1240 41.92 23.88 91.99
CA LEU KA 1240 41.75 22.80 91.04
C LEU KA 1240 43.11 22.24 90.61
N PRO KA 1241 43.20 20.93 90.37
CA PRO KA 1241 44.52 20.33 90.11
C PRO KA 1241 44.97 20.38 88.66
N TYR KA 1242 44.08 20.52 87.68
CA TYR KA 1242 44.46 20.49 86.27
C TYR KA 1242 43.94 21.72 85.56
N THR KA 1243 44.32 21.84 84.29
CA THR KA 1243 43.84 22.95 83.47
C THR KA 1243 42.32 22.90 83.32
N GLY KA 1244 41.75 21.70 83.24
CA GLY KA 1244 40.32 21.52 83.27
C GLY KA 1244 39.92 20.58 84.37
N GLY KA 1245 40.66 20.64 85.48
CA GLY KA 1245 40.52 19.69 86.56
C GLY KA 1245 39.40 20.01 87.54
N GLY KA 1246 38.16 19.71 87.16
CA GLY KA 1246 37.06 19.89 88.08
C GLY KA 1246 37.25 19.09 89.35
N ALA KA 1247 36.90 19.71 90.48
CA ALA KA 1247 37.13 19.08 91.78
C ALA KA 1247 36.04 19.52 92.76
N HIS KA 1248 35.87 18.72 93.80
CA HIS KA 1248 34.91 18.99 94.86
C HIS KA 1248 35.52 18.55 96.19
N LEU KA 1249 35.10 19.21 97.26
CA LEU KA 1249 35.69 19.01 98.58
C LEU KA 1249 34.69 18.41 99.55
N THR KA 1250 35.21 17.58 100.46
CA THR KA 1250 34.40 16.92 101.48
C THR KA 1250 35.10 17.11 102.82
N SER KA 1251 34.52 17.96 103.67
CA SER KA 1251 35.13 18.32 104.94
C SER KA 1251 34.83 17.23 105.97
N GLY KA 1252 35.83 16.40 106.26
CA GLY KA 1252 35.68 15.38 107.29
C GLY KA 1252 34.52 14.44 107.04
N GLY KA 1253 34.30 14.05 105.79
CA GLY KA 1253 33.17 13.25 105.43
C GLY KA 1253 31.92 14.02 105.07
N ASN KA 1254 31.82 15.28 105.51
CA ASN KA 1254 30.70 16.12 105.14
C ASN KA 1254 31.00 16.82 103.82
N PRO KA 1255 30.11 16.73 102.83
CA PRO KA 1255 30.35 17.44 101.57
C PRO KA 1255 30.56 18.92 101.81
N PHE KA 1256 31.56 19.48 101.16
CA PHE KA 1256 32.00 20.84 101.47
C PHE KA 1256 31.73 21.83 100.35
N MET KA 1257 32.30 21.61 99.16
CA MET KA 1257 32.19 22.60 98.10
C MET KA 1257 32.57 21.95 96.77
N SER KA 1258 31.87 22.38 95.72
CA SER KA 1258 32.34 22.17 94.35
C SER KA 1258 33.36 23.27 94.08
N LEU KA 1259 34.64 22.94 94.21
CA LEU KA 1259 35.68 23.97 94.11
C LEU KA 1259 35.71 24.62 92.75
N THR KA 1260 35.20 23.95 91.72
CA THR KA 1260 35.04 24.60 90.42
C THR KA 1260 34.06 25.76 90.52
N THR KA 1261 32.93 25.54 91.17
CA THR KA 1261 31.86 26.54 91.28
C THR KA 1261 31.42 26.61 92.73
N PRO KA 1262 32.23 27.20 93.60
CA PRO KA 1262 31.85 27.28 95.01
C PRO KA 1262 30.58 28.09 95.17
N PRO KA 1263 29.76 27.75 96.16
CA PRO KA 1263 28.47 28.43 96.31
C PRO KA 1263 28.64 29.93 96.53
N ALA KA 1264 27.72 30.70 95.95
CA ALA KA 1264 27.81 32.15 96.06
C ALA KA 1264 27.75 32.61 97.51
N VAL KA 1265 26.97 31.91 98.34
CA VAL KA 1265 27.04 32.08 99.79
C VAL KA 1265 28.09 31.08 100.26
N LEU KA 1266 29.34 31.56 100.34
CA LEU KA 1266 30.45 30.68 100.67
C LEU KA 1266 30.28 30.10 102.07
N PRO KA 1267 30.78 28.89 102.31
CA PRO KA 1267 30.76 28.36 103.67
C PRO KA 1267 31.56 29.27 104.60
N ALA KA 1268 31.08 29.36 105.84
CA ALA KA 1268 31.59 30.35 106.78
C ALA KA 1268 33.10 30.18 106.97
N GLY KA 1269 33.82 31.30 106.89
CA GLY KA 1269 35.24 31.33 107.12
C GLY KA 1269 36.10 31.17 105.87
N VAL KA 1270 35.59 30.48 104.85
CA VAL KA 1270 36.37 30.31 103.63
C VAL KA 1270 36.41 31.62 102.86
N ALA KA 1271 37.44 31.76 102.03
CA ALA KA 1271 37.62 32.99 101.26
C ALA KA 1271 38.42 32.69 100.01
N LEU KA 1272 38.35 33.62 99.07
CA LEU KA 1272 39.12 33.53 97.83
C LEU KA 1272 40.52 34.09 98.08
N ALA KA 1273 41.54 33.28 97.82
CA ALA KA 1273 42.90 33.67 98.12
C ALA KA 1273 43.41 34.70 97.12
N ALA KA 1274 44.42 35.47 97.54
CA ALA KA 1274 44.97 36.52 96.69
C ALA KA 1274 45.86 35.94 95.60
N LEU KA 1275 46.94 35.26 96.00
CA LEU KA 1275 47.85 34.67 95.03
C LEU KA 1275 47.20 33.44 94.40
N SER KA 1276 47.44 33.26 93.09
CA SER KA 1276 46.79 32.19 92.35
C SER KA 1276 47.18 30.82 92.89
N THR KA 1277 48.46 30.46 92.78
CA THR KA 1277 49.02 29.25 93.38
C THR KA 1277 48.34 27.97 92.91
N SER KA 1278 47.51 28.02 91.88
CA SER KA 1278 46.92 26.79 91.38
C SER KA 1278 47.90 26.09 90.47
N VAL KA 1279 47.45 25.04 89.78
CA VAL KA 1279 48.30 24.38 88.80
C VAL KA 1279 48.62 25.33 87.66
N ALA KA 1280 47.61 26.07 87.19
CA ALA KA 1280 47.78 27.11 86.19
C ALA KA 1280 47.19 28.39 86.75
N THR KA 1281 47.84 29.52 86.46
CA THR KA 1281 47.52 30.77 87.13
C THR KA 1281 46.07 31.19 86.90
N GLN KA 1282 45.42 30.66 85.87
CA GLN KA 1282 44.03 31.03 85.61
C GLN KA 1282 43.13 30.66 86.78
N TYR KA 1283 43.34 29.48 87.37
CA TYR KA 1283 42.53 29.15 88.54
C TYR KA 1283 43.03 29.89 89.77
N PRO KA 1284 42.12 30.40 90.60
CA PRO KA 1284 42.51 30.94 91.90
C PRO KA 1284 42.49 29.85 92.97
N THR KA 1285 43.12 30.18 94.09
CA THR KA 1285 43.05 29.34 95.27
C THR KA 1285 41.98 29.86 96.22
N TYR KA 1286 41.43 28.96 97.02
CA TYR KA 1286 40.47 29.29 98.05
C TYR KA 1286 41.04 28.84 99.39
N THR KA 1287 41.09 29.75 100.35
CA THR KA 1287 41.67 29.46 101.66
C THR KA 1287 40.58 28.98 102.61
N LEU KA 1288 40.85 27.87 103.29
CA LEU KA 1288 39.92 27.34 104.27
C LEU KA 1288 40.45 27.59 105.68
N PRO KA 1289 39.59 28.04 106.59
CA PRO KA 1289 40.08 28.47 107.91
C PRO KA 1289 40.74 27.37 108.71
N ALA KA 1290 40.26 26.13 108.60
CA ALA KA 1290 40.78 25.00 109.37
C ALA KA 1290 40.16 23.74 108.79
N GLY KA 1291 40.38 22.62 109.46
CA GLY KA 1291 39.69 21.38 109.13
C GLY KA 1291 40.47 20.47 108.21
N VAL KA 1292 39.87 19.31 107.95
CA VAL KA 1292 40.42 18.30 107.06
C VAL KA 1292 39.39 18.01 105.98
N TYR KA 1293 39.87 17.83 104.75
CA TYR KA 1293 38.99 17.76 103.60
C TYR KA 1293 39.45 16.67 102.64
N GLU KA 1294 38.53 16.22 101.80
CA GLU KA 1294 38.83 15.29 100.73
C GLU KA 1294 38.93 16.01 99.40
N TYR KA 1295 39.41 15.27 98.40
CA TYR KA 1295 39.53 15.77 97.03
C TYR KA 1295 38.92 14.74 96.08
N VAL KA 1296 37.69 14.99 95.64
CA VAL KA 1296 37.10 14.24 94.54
C VAL KA 1296 37.27 15.07 93.28
N ILE KA 1297 37.86 14.46 92.26
CA ILE KA 1297 38.32 15.19 91.08
C ILE KA 1297 37.59 14.67 89.84
N ALA LA 1 -44.34 -56.57 22.22
CA ALA LA 1 -44.43 -58.02 22.17
C ALA LA 1 -44.47 -58.61 23.58
N GLN LA 2 -43.82 -59.76 23.75
CA GLN LA 2 -43.82 -60.46 25.03
C GLN LA 2 -42.52 -61.24 25.13
N ARG LA 3 -41.61 -60.75 25.96
CA ARG LA 3 -40.22 -61.23 25.96
C ARG LA 3 -39.97 -62.38 26.91
N GLN LA 4 -41.01 -63.06 27.38
CA GLN LA 4 -40.79 -64.10 28.37
C GLN LA 4 -41.93 -65.09 28.35
N PHE LA 5 -41.63 -66.33 28.71
CA PHE LA 5 -42.67 -67.34 28.89
C PHE LA 5 -42.20 -68.37 29.91
N PHE LA 6 -43.15 -69.16 30.39
CA PHE LA 6 -42.88 -70.23 31.31
C PHE LA 6 -43.57 -71.50 30.81
N GLY LA 7 -42.99 -72.65 31.14
CA GLY LA 7 -43.50 -73.90 30.60
C GLY LA 7 -43.26 -75.07 31.54
N LEU LA 8 -43.89 -76.18 31.19
CA LEU LA 8 -43.80 -77.42 31.96
C LEU LA 8 -43.86 -78.59 31.00
N THR LA 9 -42.92 -79.53 31.15
CA THR LA 9 -42.89 -80.69 30.28
C THR LA 9 -43.92 -81.72 30.70
N TYR LA 10 -44.05 -82.77 29.91
CA TYR LA 10 -45.09 -83.76 30.12
C TYR LA 10 -44.77 -84.63 31.33
N ASN LA 11 -45.76 -85.43 31.72
CA ASN LA 11 -45.61 -86.41 32.78
C ASN LA 11 -45.53 -87.80 32.17
N PHE LA 12 -44.64 -88.62 32.71
CA PHE LA 12 -44.60 -90.02 32.34
C PHE LA 12 -45.62 -90.77 33.18
N TYR LA 13 -46.51 -91.50 32.51
CA TYR LA 13 -47.52 -92.28 33.22
C TYR LA 13 -46.88 -93.58 33.71
N GLY LA 14 -46.02 -93.43 34.71
CA GLY LA 14 -45.29 -94.54 35.28
C GLY LA 14 -44.18 -95.10 34.41
N GLN LA 15 -44.14 -94.75 33.15
CA GLN LA 15 -43.09 -95.24 32.27
C GLN LA 15 -41.77 -94.52 32.57
N PRO LA 16 -40.64 -95.14 32.22
CA PRO LA 16 -39.34 -94.56 32.59
C PRO LA 16 -38.76 -93.58 31.58
N ALA LA 17 -39.34 -93.44 30.39
CA ALA LA 17 -38.74 -92.61 29.36
C ALA LA 17 -39.87 -91.94 28.58
N PRO LA 18 -39.58 -90.82 27.89
CA PRO LA 18 -40.61 -90.18 27.08
C PRO LA 18 -41.13 -91.13 26.00
N LEU LA 19 -42.42 -90.96 25.69
CA LEU LA 19 -43.17 -91.97 24.93
C LEU LA 19 -43.30 -91.57 23.47
N PHE LA 20 -42.28 -91.92 22.69
CA PHE LA 20 -42.33 -91.80 21.24
C PHE LA 20 -41.14 -92.57 20.67
N ASP LA 21 -41.34 -93.15 19.49
CA ASP LA 21 -40.27 -93.88 18.85
C ASP LA 21 -39.61 -93.01 17.78
N LEU LA 22 -38.60 -93.56 17.12
CA LEU LA 22 -37.89 -92.82 16.10
C LEU LA 22 -38.80 -92.45 14.94
N ASN LA 23 -39.63 -93.39 14.51
CA ASN LA 23 -40.50 -93.13 13.37
C ASN LA 23 -41.44 -91.97 13.63
N ASP LA 24 -41.94 -91.87 14.87
CA ASP LA 24 -42.77 -90.73 15.24
C ASP LA 24 -42.03 -89.43 14.95
N LEU LA 25 -40.81 -89.32 15.46
CA LEU LA 25 -40.01 -88.13 15.19
C LEU LA 25 -39.73 -88.00 13.70
N GLN LA 26 -39.36 -89.11 13.06
CA GLN LA 26 -38.95 -89.05 11.67
C GLN LA 26 -40.10 -88.60 10.78
N GLU LA 27 -41.32 -88.96 11.13
CA GLU LA 27 -42.46 -88.54 10.33
C GLU LA 27 -42.95 -87.17 10.74
N LEU LA 28 -43.15 -86.96 12.04
CA LEU LA 28 -43.82 -85.74 12.50
C LEU LA 28 -42.92 -84.53 12.53
N ALA LA 29 -41.59 -84.72 12.59
CA ALA LA 29 -40.70 -83.57 12.63
C ALA LA 29 -39.44 -83.75 11.81
N GLY LA 30 -39.44 -84.66 10.84
CA GLY LA 30 -38.26 -84.99 10.09
C GLY LA 30 -37.99 -84.05 8.93
N CYS LA 31 -37.28 -84.56 7.93
CA CYS LA 31 -36.98 -83.84 6.69
C CYS LA 31 -36.13 -82.60 6.92
N TYR LA 32 -35.48 -82.50 8.09
CA TYR LA 32 -34.70 -81.32 8.46
C TYR LA 32 -35.53 -80.04 8.42
N ALA LA 33 -36.84 -80.14 8.47
CA ALA LA 33 -37.70 -78.99 8.36
C ALA LA 33 -37.97 -78.37 9.73
N ARG LA 34 -38.48 -77.15 9.72
CA ARG LA 34 -38.85 -76.49 10.96
C ARG LA 34 -40.13 -77.12 11.49
N PRO LA 35 -40.15 -77.59 12.73
CA PRO LA 35 -41.36 -78.20 13.29
C PRO LA 35 -42.29 -77.23 13.99
N TRP LA 36 -42.03 -75.94 13.91
CA TRP LA 36 -42.60 -74.99 14.85
C TRP LA 36 -43.97 -74.45 14.47
N THR LA 37 -44.52 -74.84 13.33
CA THR LA 37 -45.89 -74.43 13.02
C THR LA 37 -46.64 -75.54 12.31
N SER LA 38 -46.31 -76.79 12.61
CA SER LA 38 -46.85 -77.92 11.87
C SER LA 38 -48.17 -78.43 12.43
N ARG LA 39 -48.64 -77.89 13.55
CA ARG LA 39 -49.74 -78.53 14.27
C ARG LA 39 -50.98 -78.67 13.41
N PHE LA 40 -51.23 -77.73 12.50
CA PHE LA 40 -52.41 -77.82 11.66
C PHE LA 40 -52.15 -78.47 10.32
N SER LA 41 -50.90 -78.81 10.01
CA SER LA 41 -50.59 -79.38 8.70
C SER LA 41 -51.25 -80.75 8.51
N HIS LA 42 -51.72 -81.37 9.58
CA HIS LA 42 -52.35 -82.68 9.52
C HIS LA 42 -53.73 -82.64 10.14
N LEU LA 43 -54.47 -81.56 9.88
CA LEU LA 43 -55.85 -81.44 10.29
C LEU LA 43 -56.66 -80.93 9.11
N ALA LA 44 -57.96 -81.17 9.15
CA ALA LA 44 -58.83 -80.77 8.05
C ALA LA 44 -60.21 -80.44 8.59
N ILE LA 45 -61.17 -80.32 7.68
CA ILE LA 45 -62.49 -79.83 8.06
C ILE LA 45 -63.21 -80.83 8.96
N SER LA 46 -63.02 -82.12 8.75
CA SER LA 46 -63.76 -83.12 9.51
C SER LA 46 -63.00 -84.43 9.53
N THR LA 47 -63.43 -85.32 10.42
CA THR LA 47 -62.77 -86.60 10.58
C THR LA 47 -62.89 -87.45 9.33
N GLY LA 48 -63.97 -87.29 8.57
CA GLY LA 48 -64.18 -88.14 7.41
C GLY LA 48 -63.05 -88.09 6.41
N SER LA 49 -62.33 -86.98 6.37
CA SER LA 49 -61.23 -86.81 5.44
C SER LA 49 -59.87 -87.13 6.05
N LEU LA 50 -59.85 -87.71 7.24
CA LEU LA 50 -58.58 -87.89 7.92
C LEU LA 50 -58.33 -89.36 8.24
N PRO LA 51 -57.08 -89.77 8.33
CA PRO LA 51 -56.77 -91.19 8.58
C PRO LA 51 -56.83 -91.58 10.04
N VAL LA 52 -57.50 -90.77 10.85
CA VAL LA 52 -57.46 -90.91 12.31
C VAL LA 52 -58.14 -92.17 12.80
N TRP LA 53 -58.66 -92.99 11.90
CA TRP LA 53 -59.50 -94.10 12.33
C TRP LA 53 -58.76 -95.42 12.51
N SER LA 54 -57.47 -95.50 12.17
CA SER LA 54 -56.79 -96.78 12.25
C SER LA 54 -55.28 -96.56 12.28
N ALA LA 55 -54.56 -97.67 12.45
CA ALA LA 55 -53.10 -97.69 12.41
C ALA LA 55 -52.48 -96.73 13.42
N ARG LA 56 -51.25 -96.31 13.18
CA ARG LA 56 -50.63 -95.33 14.05
C ARG LA 56 -51.39 -94.01 13.99
N TYR LA 57 -51.29 -93.25 15.07
CA TYR LA 57 -52.05 -92.02 15.24
C TYR LA 57 -53.56 -92.23 15.01
N PRO LA 58 -54.17 -93.18 15.71
CA PRO LA 58 -55.59 -93.50 15.49
C PRO LA 58 -56.53 -92.66 16.35
N SER LA 59 -56.31 -91.35 16.36
CA SER LA 59 -57.21 -90.44 17.06
C SER LA 59 -56.92 -89.03 16.58
N VAL LA 60 -57.90 -88.15 16.76
CA VAL LA 60 -57.76 -86.77 16.30
C VAL LA 60 -56.61 -86.09 17.03
N ALA LA 61 -56.55 -86.25 18.34
CA ALA LA 61 -55.53 -85.59 19.13
C ALA LA 61 -54.19 -86.30 19.11
N SER LA 62 -54.12 -87.50 18.52
CA SER LA 62 -52.96 -88.36 18.68
C SER LA 62 -51.68 -87.66 18.26
N ARG LA 63 -51.69 -87.05 17.07
CA ARG LA 63 -50.47 -86.44 16.55
C ARG LA 63 -49.96 -85.33 17.46
N ASN LA 64 -50.85 -84.43 17.86
CA ASN LA 64 -50.42 -83.32 18.70
C ASN LA 64 -49.94 -83.81 20.06
N ILE LA 65 -50.55 -84.86 20.58
CA ILE LA 65 -50.09 -85.43 21.84
C ILE LA 65 -48.64 -85.89 21.69
N ILE LA 66 -48.36 -86.62 20.62
CA ILE LA 66 -47.01 -87.12 20.42
C ILE LA 66 -46.02 -85.98 20.27
N VAL LA 67 -46.43 -84.93 19.56
CA VAL LA 67 -45.57 -83.77 19.40
C VAL LA 67 -45.18 -83.20 20.74
N ASN LA 68 -46.16 -83.06 21.63
CA ASN LA 68 -45.89 -82.53 22.96
C ASN LA 68 -44.87 -83.40 23.69
N THR LA 69 -45.07 -84.71 23.65
CA THR LA 69 -44.11 -85.61 24.26
C THR LA 69 -42.74 -85.46 23.63
N LEU LA 70 -42.70 -85.30 22.31
CA LEU LA 70 -41.42 -85.16 21.62
C LEU LA 70 -40.67 -83.93 22.10
N LEU LA 71 -41.36 -82.80 22.23
CA LEU LA 71 -40.69 -81.59 22.67
C LEU LA 71 -40.13 -81.74 24.07
N GLY LA 72 -40.79 -82.52 24.92
CA GLY LA 72 -40.34 -82.67 26.28
C GLY LA 72 -38.93 -83.22 26.39
N ALA LA 73 -38.44 -83.88 25.34
CA ALA LA 73 -37.09 -84.43 25.36
C ALA LA 73 -36.04 -83.46 24.83
N HIS LA 74 -36.44 -82.30 24.33
CA HIS LA 74 -35.48 -81.41 23.69
C HIS LA 74 -35.54 -79.97 24.15
N LEU LA 75 -36.38 -79.64 25.11
CA LEU LA 75 -36.50 -78.27 25.59
C LEU LA 75 -35.55 -77.98 26.74
N ASN LA 76 -34.46 -78.74 26.85
CA ASN LA 76 -33.53 -78.55 27.97
C ASN LA 76 -32.98 -77.13 28.09
N PRO LA 77 -32.65 -76.41 27.01
CA PRO LA 77 -32.09 -75.06 27.18
C PRO LA 77 -32.92 -74.15 28.06
N PHE LA 78 -34.24 -74.25 28.00
CA PHE LA 78 -35.07 -73.45 28.89
C PHE LA 78 -35.19 -74.06 30.27
N ALA LA 79 -34.52 -75.18 30.52
CA ALA LA 79 -34.45 -75.78 31.84
C ALA LA 79 -33.06 -75.76 32.43
N GLY LA 80 -32.04 -76.00 31.63
CA GLY LA 80 -30.68 -76.03 32.14
C GLY LA 80 -29.75 -75.11 31.38
N GLY LA 81 -30.29 -74.37 30.41
CA GLY LA 81 -29.48 -73.42 29.69
C GLY LA 81 -28.57 -73.99 28.64
N GLN LA 82 -28.67 -75.29 28.34
CA GLN LA 82 -27.79 -75.91 27.38
C GLN LA 82 -28.59 -76.79 26.42
N VAL LA 83 -28.10 -76.87 25.20
CA VAL LA 83 -28.63 -77.81 24.22
C VAL LA 83 -28.03 -79.18 24.50
N THR LA 84 -28.85 -80.22 24.36
CA THR LA 84 -28.42 -81.58 24.65
C THR LA 84 -28.86 -82.49 23.51
N SER LA 85 -28.51 -83.76 23.64
CA SER LA 85 -28.90 -84.78 22.68
C SER LA 85 -29.68 -85.88 23.38
N HIS LA 86 -30.60 -86.49 22.66
CA HIS LA 86 -31.39 -87.59 23.19
C HIS LA 86 -31.49 -88.66 22.12
N GLN LA 87 -30.98 -89.85 22.41
CA GLN LA 87 -30.99 -90.97 21.48
C GLN LA 87 -30.40 -90.56 20.14
N GLY LA 88 -29.31 -89.80 20.18
CA GLY LA 88 -28.53 -89.49 19.01
C GLY LA 88 -29.05 -88.36 18.15
N ILE LA 89 -30.02 -87.58 18.62
CA ILE LA 89 -30.58 -86.50 17.83
C ILE LA 89 -30.58 -85.22 18.67
N THR LA 90 -30.30 -84.10 18.00
CA THR LA 90 -30.24 -82.82 18.68
C THR LA 90 -30.51 -81.71 17.68
N TRP LA 91 -30.63 -80.49 18.21
CA TRP LA 91 -30.84 -79.32 17.37
C TRP LA 91 -29.60 -79.03 16.53
N ARG LA 92 -29.83 -78.43 15.37
CA ARG LA 92 -28.73 -78.14 14.45
C ARG LA 92 -27.96 -76.87 14.82
N ASP LA 93 -28.53 -75.99 15.63
CA ASP LA 93 -27.95 -74.67 15.83
C ASP LA 93 -28.49 -74.11 17.14
N PRO LA 94 -27.82 -73.11 17.71
CA PRO LA 94 -28.35 -72.49 18.93
C PRO LA 94 -29.71 -71.86 18.74
N VAL LA 95 -30.10 -71.56 17.50
CA VAL LA 95 -31.42 -71.00 17.22
C VAL LA 95 -32.52 -72.05 17.28
N LEU LA 96 -32.16 -73.33 17.41
CA LEU LA 96 -33.13 -74.42 17.50
C LEU LA 96 -34.03 -74.44 16.28
N SER LA 97 -33.44 -74.25 15.10
CA SER LA 97 -34.21 -74.20 13.88
C SER LA 97 -34.81 -75.57 13.53
N SER LA 98 -34.03 -76.64 13.71
CA SER LA 98 -34.48 -77.95 13.29
C SER LA 98 -33.63 -79.01 13.99
N LEU LA 99 -34.05 -80.26 13.84
CA LEU LA 99 -33.39 -81.40 14.45
C LEU LA 99 -32.56 -82.16 13.43
N ALA LA 100 -31.57 -82.88 13.93
CA ALA LA 100 -30.68 -83.67 13.09
C ALA LA 100 -29.92 -84.64 13.99
N PRO LA 101 -29.36 -85.70 13.41
CA PRO LA 101 -28.49 -86.58 14.18
C PRO LA 101 -27.24 -85.85 14.64
N VAL LA 102 -26.70 -86.29 15.76
CA VAL LA 102 -25.55 -85.64 16.38
C VAL LA 102 -24.33 -85.72 15.49
N PRO LA 103 -23.47 -84.71 15.47
CA PRO LA 103 -22.22 -84.82 14.74
C PRO LA 103 -21.26 -85.76 15.45
N ALA LA 104 -20.31 -86.29 14.67
CA ALA LA 104 -19.39 -87.29 15.19
C ALA LA 104 -18.16 -86.69 15.87
N ILE LA 105 -17.91 -85.40 15.73
CA ILE LA 105 -16.67 -84.82 16.23
C ILE LA 105 -16.84 -84.21 17.61
N GLN LA 106 -17.87 -83.39 17.81
CA GLN LA 106 -18.10 -82.73 19.09
C GLN LA 106 -19.56 -82.87 19.48
N PRO LA 107 -19.97 -84.05 19.95
CA PRO LA 107 -21.36 -84.22 20.35
C PRO LA 107 -21.69 -83.36 21.55
N PRO LA 108 -22.92 -82.86 21.63
CA PRO LA 108 -23.35 -82.17 22.84
C PRO LA 108 -23.61 -83.17 23.95
N PRO LA 109 -23.71 -82.70 25.19
CA PRO LA 109 -23.96 -83.64 26.29
C PRO LA 109 -25.30 -84.34 26.15
N VAL LA 110 -25.36 -85.57 26.64
CA VAL LA 110 -26.57 -86.36 26.56
C VAL LA 110 -27.56 -85.88 27.62
N TRP LA 111 -28.82 -85.75 27.22
CA TRP LA 111 -29.84 -85.27 28.15
C TRP LA 111 -30.16 -86.32 29.20
N ALA LA 112 -30.19 -85.89 30.45
CA ALA LA 112 -30.65 -86.75 31.53
C ALA LA 112 -32.16 -86.70 31.59
N VAL LA 113 -32.81 -87.86 31.49
CA VAL LA 113 -34.25 -87.90 31.35
C VAL LA 113 -34.93 -87.45 32.64
N ALA LA 114 -36.03 -86.74 32.50
CA ALA LA 114 -36.83 -86.29 33.63
C ALA LA 114 -38.22 -85.93 33.11
N GLU LA 115 -39.16 -85.74 34.02
CA GLU LA 115 -40.53 -85.45 33.66
C GLU LA 115 -41.02 -84.24 34.43
N ASN LA 116 -42.03 -83.57 33.86
CA ASN LA 116 -42.66 -82.42 34.49
C ASN LA 116 -41.63 -81.35 34.85
N VAL LA 117 -40.77 -81.05 33.89
CA VAL LA 117 -39.69 -80.10 34.11
C VAL LA 117 -40.21 -78.67 33.93
N PRO LA 118 -40.08 -77.82 34.93
CA PRO LA 118 -40.44 -76.41 34.75
C PRO LA 118 -39.46 -75.72 33.81
N LEU LA 119 -39.98 -74.74 33.07
CA LEU LA 119 -39.22 -74.08 32.02
C LEU LA 119 -39.33 -72.57 32.15
N ASP LA 120 -38.20 -71.88 32.00
CA ASP LA 120 -38.14 -70.43 31.98
C ASP LA 120 -37.41 -69.98 30.72
N SER LA 121 -37.91 -68.90 30.12
CA SER LA 121 -37.21 -68.32 28.98
C SER LA 121 -35.87 -67.72 29.39
N ASN LA 122 -35.80 -67.17 30.60
CA ASN LA 122 -34.60 -66.47 31.04
C ASN LA 122 -33.40 -67.41 31.16
N ASN LA 123 -33.62 -68.71 31.26
CA ASN LA 123 -32.51 -69.64 31.38
C ASN LA 123 -31.66 -69.71 30.13
N TYR LA 124 -32.14 -69.17 29.01
CA TYR LA 124 -31.46 -69.29 27.73
C TYR LA 124 -31.42 -67.93 27.07
N PRO LA 125 -30.42 -67.11 27.40
CA PRO LA 125 -30.43 -65.71 26.97
C PRO LA 125 -30.51 -65.50 25.47
N THR LA 126 -29.94 -66.42 24.69
CA THR LA 126 -29.89 -66.20 23.24
C THR LA 126 -31.29 -66.12 22.64
N TYR LA 127 -32.29 -66.70 23.31
CA TYR LA 127 -33.64 -66.64 22.78
C TYR LA 127 -34.13 -65.21 22.67
N VAL LA 128 -34.03 -64.45 23.76
CA VAL LA 128 -34.48 -63.07 23.74
C VAL LA 128 -33.66 -62.27 22.74
N LEU LA 129 -32.34 -62.49 22.72
CA LEU LA 129 -31.49 -61.79 21.78
C LEU LA 129 -31.84 -62.08 20.34
N ASN LA 130 -32.54 -63.18 20.08
CA ASN LA 130 -33.00 -63.51 18.75
C ASN LA 130 -34.51 -63.70 18.71
N LEU LA 131 -35.22 -62.91 19.52
CA LEU LA 131 -36.66 -63.08 19.66
C LEU LA 131 -37.36 -62.98 18.31
N SER LA 132 -36.85 -62.12 17.43
CA SER LA 132 -37.51 -61.89 16.16
C SER LA 132 -37.63 -63.15 15.32
N SER LA 133 -36.70 -64.08 15.47
CA SER LA 133 -36.72 -65.31 14.69
C SER LA 133 -37.15 -66.54 15.48
N MET LA 134 -36.93 -66.56 16.80
CA MET LA 134 -37.31 -67.70 17.61
C MET LA 134 -38.72 -67.56 18.17
N TRP LA 135 -39.44 -66.53 17.75
CA TRP LA 135 -40.79 -66.30 18.28
C TRP LA 135 -41.71 -67.52 18.19
N PRO LA 136 -41.72 -68.31 17.12
CA PRO LA 136 -42.67 -69.44 17.07
C PRO LA 136 -42.54 -70.40 18.22
N ILE LA 137 -41.36 -70.51 18.83
CA ILE LA 137 -41.20 -71.42 19.96
C ILE LA 137 -42.17 -71.06 21.07
N ASN LA 138 -42.37 -69.76 21.28
CA ASN LA 138 -43.24 -69.31 22.37
C ASN LA 138 -44.61 -69.96 22.29
N GLN LA 139 -45.22 -69.94 21.11
CA GLN LA 139 -46.58 -70.47 20.99
C GLN LA 139 -46.62 -71.95 21.32
N ASP LA 140 -45.77 -72.74 20.69
CA ASP LA 140 -45.84 -74.19 20.87
C ASP LA 140 -45.54 -74.59 22.30
N VAL LA 141 -44.53 -73.97 22.92
CA VAL LA 141 -44.22 -74.30 24.30
C VAL LA 141 -45.42 -74.01 25.18
N HIS LA 142 -46.07 -72.87 24.96
CA HIS LA 142 -47.28 -72.56 25.71
C HIS LA 142 -48.33 -73.63 25.50
N ILE LA 143 -48.56 -74.01 24.24
CA ILE LA 143 -49.55 -75.04 23.95
C ILE LA 143 -49.18 -76.34 24.65
N MET LA 144 -47.92 -76.73 24.56
CA MET LA 144 -47.49 -77.96 25.22
C MET LA 144 -47.77 -77.89 26.70
N THR LA 145 -47.46 -76.75 27.32
CA THR LA 145 -47.72 -76.59 28.74
C THR LA 145 -49.21 -76.70 29.05
N MET LA 146 -50.03 -75.99 28.28
CA MET LA 146 -51.46 -75.97 28.55
C MET LA 146 -52.06 -77.36 28.46
N TRP LA 147 -51.46 -78.25 27.68
CA TRP LA 147 -51.94 -79.63 27.66
C TRP LA 147 -51.32 -80.45 28.78
N ALA LA 148 -50.03 -80.27 29.02
CA ALA LA 148 -49.34 -81.09 30.00
C ALA LA 148 -49.92 -80.92 31.40
N LEU LA 149 -50.51 -79.76 31.67
CA LEU LA 149 -50.99 -79.47 33.01
C LEU LA 149 -52.18 -80.31 33.41
N SER LA 150 -52.85 -80.98 32.48
CA SER LA 150 -54.11 -81.62 32.79
C SER LA 150 -54.16 -83.03 32.21
N ASP LA 151 -54.73 -83.94 32.99
CA ASP LA 151 -55.25 -85.17 32.42
C ASP LA 151 -56.57 -84.88 31.72
N GLN LA 152 -57.01 -85.82 30.90
CA GLN LA 152 -58.18 -85.64 30.04
C GLN LA 152 -57.94 -84.40 29.18
N GLY LA 153 -58.90 -83.49 29.06
CA GLY LA 153 -58.80 -82.39 28.12
C GLY LA 153 -57.77 -81.35 28.49
N PRO LA 154 -57.27 -80.64 27.49
CA PRO LA 154 -56.35 -79.53 27.77
C PRO LA 154 -57.07 -78.36 28.39
N ILE LA 155 -56.28 -77.47 28.96
CA ILE LA 155 -56.79 -76.29 29.65
C ILE LA 155 -56.71 -75.10 28.73
N TYR LA 156 -57.71 -74.22 28.78
CA TYR LA 156 -57.69 -72.98 28.03
C TYR LA 156 -58.47 -71.94 28.80
N HIS LA 157 -58.32 -70.68 28.39
CA HIS LA 157 -58.81 -69.55 29.15
C HIS LA 157 -59.91 -68.81 28.39
N LEU LA 158 -60.87 -68.30 29.15
CA LEU LA 158 -61.99 -67.54 28.62
C LEU LA 158 -62.08 -66.21 29.34
N GLU LA 159 -62.61 -65.20 28.64
CA GLU LA 159 -62.85 -63.90 29.26
C GLU LA 159 -63.76 -63.08 28.37
N VAL LA 160 -64.52 -62.19 28.99
CA VAL LA 160 -65.39 -61.26 28.28
C VAL LA 160 -65.29 -59.90 28.95
N PRO LA 161 -65.05 -58.83 28.20
CA PRO LA 161 -64.98 -57.50 28.80
C PRO LA 161 -66.38 -56.93 29.01
N VAL LA 162 -66.42 -55.80 29.72
CA VAL LA 162 -67.67 -55.09 29.93
C VAL LA 162 -68.04 -54.21 28.74
N ASP LA 163 -67.10 -53.95 27.85
CA ASP LA 163 -67.28 -53.07 26.71
C ASP LA 163 -67.91 -53.81 25.54
N PRO LA 164 -68.51 -53.09 24.60
CA PRO LA 164 -68.96 -53.73 23.36
C PRO LA 164 -67.78 -54.03 22.45
N MET LA 165 -68.07 -54.82 21.41
CA MET LA 165 -67.02 -55.17 20.47
C MET LA 165 -66.53 -53.94 19.74
N PRO LA 166 -65.24 -53.84 19.45
CA PRO LA 166 -64.75 -52.78 18.57
C PRO LA 166 -65.17 -53.03 17.13
N ALA LA 167 -65.17 -51.94 16.36
CA ALA LA 167 -65.64 -52.03 14.97
C ALA LA 167 -64.76 -52.97 14.16
N ALA LA 168 -63.44 -52.91 14.38
CA ALA LA 168 -62.52 -53.72 13.57
C ALA LA 168 -62.85 -55.20 13.70
N THR LA 169 -63.03 -55.69 14.92
CA THR LA 169 -63.39 -57.08 15.10
C THR LA 169 -64.71 -57.40 14.41
N THR LA 170 -65.66 -56.48 14.49
CA THR LA 170 -66.94 -56.69 13.83
C THR LA 170 -66.76 -56.91 12.35
N ALA LA 171 -65.97 -56.05 11.71
CA ALA LA 171 -65.74 -56.20 10.28
C ALA LA 171 -65.05 -57.53 9.97
N ALA LA 172 -64.05 -57.89 10.78
CA ALA LA 172 -63.32 -59.13 10.54
C ALA LA 172 -64.26 -60.33 10.63
N LEU LA 173 -65.06 -60.39 11.70
CA LEU LA 173 -65.96 -61.51 11.87
C LEU LA 173 -66.99 -61.57 10.75
N MET LA 174 -67.39 -60.41 10.24
CA MET LA 174 -68.34 -60.39 9.14
C MET LA 174 -67.76 -61.01 7.87
N ALA LA 175 -66.46 -61.22 7.82
CA ALA LA 175 -65.83 -61.91 6.70
C ALA LA 175 -65.64 -63.40 6.95
N TYR LA 176 -65.78 -63.87 8.18
CA TYR LA 176 -65.59 -65.28 8.50
C TYR LA 176 -66.90 -66.01 8.75
N ILE LA 177 -67.98 -65.56 8.11
CA ILE LA 177 -69.30 -66.06 8.46
C ILE LA 177 -69.41 -67.56 8.18
N GLY LA 178 -69.30 -67.95 6.93
CA GLY LA 178 -69.57 -69.32 6.55
C GLY LA 178 -68.40 -70.26 6.72
N VAL LA 179 -67.58 -70.03 7.74
CA VAL LA 179 -66.35 -70.81 7.90
C VAL LA 179 -66.52 -71.82 9.03
N PRO LA 180 -66.10 -73.07 8.84
CA PRO LA 180 -66.12 -74.03 9.93
C PRO LA 180 -65.07 -73.70 10.98
N ILE LA 181 -65.25 -74.29 12.16
CA ILE LA 181 -64.39 -73.98 13.29
C ILE LA 181 -62.95 -74.35 12.98
N ALA LA 182 -62.74 -75.46 12.27
CA ALA LA 182 -61.39 -75.96 12.03
C ALA LA 182 -60.55 -74.94 11.28
N HIS LA 183 -61.10 -74.37 10.21
CA HIS LA 183 -60.36 -73.38 9.45
C HIS LA 183 -60.06 -72.15 10.29
N LEU LA 184 -61.02 -71.72 11.09
CA LEU LA 184 -60.80 -70.56 11.95
C LEU LA 184 -59.64 -70.82 12.91
N ALA LA 185 -59.64 -71.99 13.54
CA ALA LA 185 -58.59 -72.31 14.50
C ALA LA 185 -57.22 -72.23 13.85
N GLN LA 186 -57.13 -72.65 12.59
CA GLN LA 186 -55.86 -72.58 11.89
C GLN LA 186 -55.35 -71.15 11.83
N THR LA 187 -56.20 -70.23 11.38
CA THR LA 187 -55.78 -68.85 11.23
C THR LA 187 -55.30 -68.27 12.55
N ALA LA 188 -56.02 -68.57 13.63
CA ALA LA 188 -55.58 -68.12 14.94
C ALA LA 188 -54.21 -68.69 15.26
N TYR LA 189 -54.00 -69.98 14.99
CA TYR LA 189 -52.69 -70.58 15.21
C TYR LA 189 -51.66 -69.96 14.28
N ARG LA 190 -52.03 -69.77 13.02
CA ARG LA 190 -51.10 -69.20 12.05
C ARG LA 190 -50.70 -67.78 12.46
N PHE LA 191 -51.67 -66.99 12.92
CA PHE LA 191 -51.41 -65.60 13.23
C PHE LA 191 -50.36 -65.47 14.32
N ALA LA 192 -50.65 -65.99 15.50
CA ALA LA 192 -49.75 -65.81 16.63
C ALA LA 192 -48.44 -66.57 16.47
N GLY LA 193 -48.35 -67.46 15.48
CA GLY LA 193 -47.22 -68.36 15.44
C GLY LA 193 -45.96 -67.81 14.81
N GLN LA 194 -46.09 -66.97 13.78
CA GLN LA 194 -44.96 -66.77 12.89
C GLN LA 194 -44.19 -65.48 13.11
N LEU LA 195 -44.66 -64.55 13.94
CA LEU LA 195 -43.92 -63.32 14.17
C LEU LA 195 -44.44 -62.66 15.43
N PRO LA 196 -43.60 -61.94 16.17
CA PRO LA 196 -44.06 -61.32 17.42
C PRO LA 196 -45.17 -60.31 17.17
N GLN LA 197 -46.09 -60.22 18.12
CA GLN LA 197 -47.21 -59.30 18.04
C GLN LA 197 -47.49 -58.72 19.43
N SER LA 198 -48.02 -57.53 19.44
CA SER LA 198 -48.39 -56.96 20.72
C SER LA 198 -49.79 -57.43 21.12
N PRO LA 199 -50.04 -57.57 22.43
CA PRO LA 199 -51.40 -57.93 22.85
C PRO LA 199 -52.42 -56.89 22.46
N ASP LA 200 -52.02 -55.64 22.31
CA ASP LA 200 -52.91 -54.58 21.86
C ASP LA 200 -53.03 -54.56 20.34
N SER LA 201 -53.37 -55.71 19.77
CA SER LA 201 -53.55 -55.83 18.33
C SER LA 201 -54.95 -56.34 18.04
N THR LA 202 -55.47 -55.93 16.87
CA THR LA 202 -56.87 -56.19 16.55
C THR LA 202 -57.17 -57.68 16.53
N MET LA 203 -56.29 -58.47 15.94
CA MET LA 203 -56.54 -59.90 15.87
C MET LA 203 -56.66 -60.51 17.25
N VAL LA 204 -55.82 -60.08 18.19
CA VAL LA 204 -55.84 -60.64 19.53
C VAL LA 204 -57.22 -60.47 20.14
N SER LA 205 -57.77 -59.26 20.05
CA SER LA 205 -59.12 -59.04 20.54
C SER LA 205 -60.12 -59.87 19.76
N THR LA 206 -59.90 -60.00 18.45
CA THR LA 206 -60.81 -60.77 17.62
C THR LA 206 -60.92 -62.20 18.11
N ILE LA 207 -59.78 -62.89 18.26
CA ILE LA 207 -59.81 -64.28 18.66
C ILE LA 207 -60.37 -64.42 20.06
N ARG LA 208 -60.07 -63.45 20.93
CA ARG LA 208 -60.61 -63.48 22.28
C ARG LA 208 -62.13 -63.55 22.25
N TRP LA 209 -62.75 -62.74 21.39
CA TRP LA 209 -64.20 -62.80 21.26
C TRP LA 209 -64.66 -64.15 20.74
N LEU LA 210 -63.94 -64.71 19.76
CA LEU LA 210 -64.35 -65.98 19.17
C LEU LA 210 -64.44 -67.07 20.23
N SER LA 211 -63.39 -67.19 21.06
CA SER LA 211 -63.43 -68.19 22.11
C SER LA 211 -64.64 -67.99 23.01
N ALA LA 212 -64.93 -66.72 23.34
CA ALA LA 212 -66.09 -66.44 24.16
C ALA LA 212 -67.37 -66.88 23.46
N ILE LA 213 -67.52 -66.50 22.19
CA ILE LA 213 -68.73 -66.84 21.46
C ILE LA 213 -68.87 -68.35 21.34
N TRP LA 214 -67.76 -69.03 21.04
CA TRP LA 214 -67.80 -70.48 20.90
C TRP LA 214 -68.35 -71.13 22.17
N PHE LA 215 -67.83 -70.74 23.32
CA PHE LA 215 -68.30 -71.34 24.56
C PHE LA 215 -69.75 -71.00 24.82
N GLY LA 216 -70.14 -69.74 24.60
CA GLY LA 216 -71.50 -69.34 24.86
C GLY LA 216 -72.50 -70.13 24.04
N SER LA 217 -72.18 -70.36 22.77
CA SER LA 217 -73.03 -71.20 21.94
C SER LA 217 -72.92 -72.66 22.34
N LEU LA 218 -71.73 -73.10 22.76
CA LEU LA 218 -71.57 -74.48 23.19
C LEU LA 218 -72.50 -74.80 24.35
N THR LA 219 -72.59 -73.88 25.32
CA THR LA 219 -73.52 -74.04 26.41
C THR LA 219 -74.96 -73.82 25.98
N GLY LA 220 -75.19 -73.33 24.76
CA GLY LA 220 -76.53 -73.08 24.29
C GLY LA 220 -77.12 -71.77 24.73
N ARG LA 221 -76.41 -70.97 25.51
CA ARG LA 221 -76.92 -69.65 25.86
C ARG LA 221 -77.03 -68.76 24.64
N LEU LA 222 -76.09 -68.86 23.72
CA LEU LA 222 -76.12 -68.09 22.48
C LEU LA 222 -76.77 -68.92 21.39
N ASN LA 223 -77.85 -68.41 20.82
CA ASN LA 223 -78.63 -69.14 19.83
C ASN LA 223 -79.12 -68.18 18.77
N ARG LA 224 -79.94 -68.70 17.85
CA ARG LA 224 -80.64 -67.82 16.92
C ARG LA 224 -81.55 -66.86 17.67
N SER LA 225 -82.05 -67.26 18.83
CA SER LA 225 -82.91 -66.38 19.61
C SER LA 225 -82.11 -65.28 20.28
N ARG LA 226 -80.92 -65.61 20.77
CA ARG LA 226 -80.14 -64.69 21.58
C ARG LA 226 -78.70 -64.77 21.13
N THR LA 227 -78.13 -63.64 20.72
CA THR LA 227 -76.84 -63.65 20.05
C THR LA 227 -75.94 -62.56 20.62
N CYS LA 228 -74.63 -62.76 20.43
CA CYS LA 228 -73.62 -61.80 20.85
C CYS LA 228 -73.36 -60.85 19.69
N ASN LA 229 -73.91 -59.66 19.79
CA ASN LA 229 -73.75 -58.63 18.76
C ASN LA 229 -74.15 -59.11 17.38
N GLY LA 230 -74.99 -60.15 17.32
CA GLY LA 230 -75.41 -60.71 16.06
C GLY LA 230 -74.74 -62.01 15.68
N PHE LA 231 -73.66 -62.39 16.36
CA PHE LA 231 -72.92 -63.59 16.03
C PHE LA 231 -73.27 -64.73 16.98
N TYR LA 232 -73.05 -65.96 16.49
CA TYR LA 232 -73.23 -67.18 17.27
C TYR LA 232 -72.76 -68.33 16.39
N PHE LA 233 -72.56 -69.49 17.01
CA PHE LA 233 -72.16 -70.69 16.31
C PHE LA 233 -73.34 -71.63 16.12
N GLU LA 234 -73.29 -72.39 15.04
CA GLU LA 234 -74.31 -73.39 14.74
C GLU LA 234 -73.66 -74.76 14.71
N PHE LA 235 -74.29 -75.72 15.37
CA PHE LA 235 -73.76 -77.08 15.49
C PHE LA 235 -74.53 -78.03 14.60
N ALA LA 236 -73.82 -79.02 14.06
CA ALA LA 236 -74.43 -79.96 13.14
C ALA LA 236 -75.38 -80.90 13.89
N LYS LA 237 -76.20 -81.60 13.11
CA LYS LA 237 -77.20 -82.48 13.69
C LYS LA 237 -76.53 -83.66 14.38
N PRO LA 238 -76.93 -83.99 15.61
CA PRO LA 238 -76.40 -85.21 16.24
C PRO LA 238 -76.80 -86.46 15.49
N ALA LA 239 -77.89 -86.42 14.72
CA ALA LA 239 -78.32 -87.61 13.99
C ALA LA 239 -77.30 -88.04 12.96
N LEU LA 240 -76.45 -87.13 12.47
CA LEU LA 240 -75.46 -87.47 11.47
C LEU LA 240 -74.03 -87.35 12.01
N ASN LA 241 -73.62 -86.16 12.41
CA ASN LA 241 -72.29 -85.96 12.98
C ASN LA 241 -72.24 -84.63 13.70
N PRO LA 242 -72.50 -84.61 15.02
CA PRO LA 242 -72.50 -83.34 15.74
C PRO LA 242 -71.14 -82.70 15.90
N ASP LA 243 -70.07 -83.37 15.48
CA ASP LA 243 -68.71 -82.85 15.67
C ASP LA 243 -68.36 -81.85 14.58
N GLN LA 244 -69.12 -80.76 14.52
CA GLN LA 244 -68.90 -79.73 13.52
C GLN LA 244 -69.66 -78.48 13.91
N ALA LA 245 -69.03 -77.32 13.70
CA ALA LA 245 -69.66 -76.05 14.02
C ALA LA 245 -69.17 -75.00 13.03
N VAL LA 246 -70.06 -74.06 12.71
CA VAL LA 246 -69.75 -72.95 11.83
C VAL LA 246 -70.27 -71.66 12.44
N LEU LA 247 -69.72 -70.55 11.97
CA LEU LA 247 -70.10 -69.23 12.44
C LEU LA 247 -71.35 -68.75 11.74
N LYS LA 248 -72.12 -67.90 12.41
CA LYS LA 248 -73.35 -67.37 11.86
C LYS LA 248 -73.55 -65.94 12.34
N TRP LA 249 -74.36 -65.19 11.59
CA TRP LA 249 -74.77 -63.86 11.98
C TRP LA 249 -76.25 -63.70 11.68
N ASN LA 250 -76.96 -62.99 12.55
CA ASN LA 250 -78.42 -63.13 12.57
C ASN LA 250 -79.06 -61.88 13.15
N ASP LA 251 -80.37 -61.78 12.93
CA ASP LA 251 -81.19 -60.68 13.44
C ASP LA 251 -81.61 -60.85 14.89
N GLY LA 252 -81.27 -61.96 15.52
CA GLY LA 252 -81.78 -62.25 16.85
C GLY LA 252 -81.41 -61.18 17.86
N ALA LA 253 -82.13 -61.21 18.98
CA ALA LA 253 -81.90 -60.25 20.04
C ALA LA 253 -80.46 -60.36 20.54
N ARG LA 254 -79.87 -59.22 20.85
CA ARG LA 254 -78.47 -59.16 21.24
C ARG LA 254 -78.37 -59.19 22.76
N ALA LA 255 -77.47 -60.04 23.26
CA ALA LA 255 -77.30 -60.16 24.71
C ALA LA 255 -76.64 -58.91 25.27
N ALA LA 256 -77.01 -58.58 26.50
CA ALA LA 256 -76.42 -57.44 27.18
C ALA LA 256 -75.06 -57.80 27.74
N PRO LA 257 -74.15 -56.83 27.87
CA PRO LA 257 -72.84 -57.10 28.44
C PRO LA 257 -72.95 -57.43 29.91
N PRO LA 258 -71.99 -58.17 30.46
CA PRO LA 258 -72.07 -58.56 31.87
C PRO LA 258 -71.90 -57.36 32.80
N ALA LA 259 -72.42 -57.52 34.02
CA ALA LA 259 -72.29 -56.47 35.01
C ALA LA 259 -70.84 -56.17 35.33
N ALA LA 260 -69.99 -57.20 35.32
CA ALA LA 260 -68.56 -57.01 35.52
C ALA LA 260 -67.82 -58.01 34.65
N ALA LA 261 -66.55 -57.71 34.38
CA ALA LA 261 -65.76 -58.56 33.51
C ALA LA 261 -65.70 -59.99 34.05
N GLN LA 262 -65.89 -60.95 33.16
CA GLN LA 262 -65.90 -62.35 33.50
C GLN LA 262 -64.73 -63.07 32.85
N SER LA 263 -64.20 -64.06 33.56
CA SER LA 263 -63.08 -64.83 33.03
C SER LA 263 -62.92 -66.10 33.86
N SER LA 264 -62.39 -67.14 33.23
CA SER LA 264 -62.12 -68.40 33.90
C SER LA 264 -61.32 -69.30 32.96
N TYR LA 265 -60.81 -70.39 33.52
CA TYR LA 265 -60.15 -71.43 32.76
C TYR LA 265 -61.09 -72.62 32.58
N MET LA 266 -60.85 -73.36 31.50
CA MET LA 266 -61.75 -74.43 31.10
C MET LA 266 -60.95 -75.65 30.69
N ARG LA 267 -61.60 -76.82 30.78
CA ARG LA 267 -61.06 -78.05 30.22
C ARG LA 267 -62.19 -79.06 30.14
N CYS LA 268 -62.00 -80.07 29.30
CA CYS LA 268 -62.94 -81.17 29.19
C CYS LA 268 -62.56 -82.25 30.19
N ILE LA 269 -63.52 -82.64 31.02
CA ILE LA 269 -63.23 -83.58 32.09
C ILE LA 269 -63.27 -85.03 31.64
N SER LA 270 -63.69 -85.30 30.41
CA SER LA 270 -63.94 -86.65 29.96
C SER LA 270 -63.06 -86.99 28.76
N PRO LA 271 -62.74 -88.27 28.55
CA PRO LA 271 -61.82 -88.63 27.47
C PRO LA 271 -62.36 -88.35 26.08
N HIS LA 272 -63.63 -87.97 25.93
CA HIS LA 272 -64.19 -87.79 24.59
C HIS LA 272 -63.41 -86.78 23.77
N TRP LA 273 -62.73 -85.86 24.43
CA TRP LA 273 -62.03 -84.80 23.71
C TRP LA 273 -60.98 -85.35 22.76
N GLN LA 274 -60.40 -86.52 23.08
CA GLN LA 274 -59.29 -87.03 22.29
C GLN LA 274 -59.70 -87.32 20.85
N HIS LA 275 -60.98 -87.45 20.57
CA HIS LA 275 -61.44 -87.81 19.24
C HIS LA 275 -62.61 -86.95 18.82
N GLN LA 276 -62.53 -85.65 19.10
CA GLN LA 276 -63.64 -84.74 18.83
C GLN LA 276 -63.05 -83.41 18.39
N ILE LA 277 -63.19 -83.09 17.11
CA ILE LA 277 -62.41 -82.00 16.52
C ILE LA 277 -62.82 -80.65 17.11
N VAL LA 278 -64.09 -80.47 17.43
CA VAL LA 278 -64.53 -79.18 17.93
C VAL LA 278 -63.84 -78.86 19.25
N GLU LA 279 -63.59 -79.88 20.07
CA GLU LA 279 -62.87 -79.67 21.31
C GLU LA 279 -61.43 -79.26 21.03
N VAL LA 280 -60.77 -79.98 20.13
CA VAL LA 280 -59.37 -79.70 19.84
C VAL LA 280 -59.20 -78.31 19.27
N ALA LA 281 -60.01 -77.99 18.25
CA ALA LA 281 -59.89 -76.68 17.62
C ALA LA 281 -60.21 -75.58 18.61
N GLY LA 282 -61.28 -75.75 19.39
CA GLY LA 282 -61.64 -74.73 20.36
C GLY LA 282 -60.53 -74.49 21.36
N ALA LA 283 -59.94 -75.56 21.87
CA ALA LA 283 -58.84 -75.41 22.81
C ALA LA 283 -57.66 -74.70 22.18
N LEU LA 284 -57.25 -75.17 20.99
CA LEU LA 284 -56.11 -74.56 20.33
C LEU LA 284 -56.35 -73.09 20.05
N MET LA 285 -57.53 -72.75 19.54
CA MET LA 285 -57.85 -71.36 19.26
C MET LA 285 -57.73 -70.51 20.51
N SER LA 286 -58.35 -70.96 21.60
CA SER LA 286 -58.28 -70.21 22.84
C SER LA 286 -56.85 -70.13 23.36
N GLN LA 287 -56.12 -71.25 23.30
CA GLN LA 287 -54.76 -71.25 23.80
C GLN LA 287 -53.88 -70.28 23.02
N SER LA 288 -54.23 -70.00 21.77
CA SER LA 288 -53.43 -69.08 20.98
C SER LA 288 -53.41 -67.69 21.59
N VAL LA 289 -54.56 -67.23 22.09
CA VAL LA 289 -54.62 -65.89 22.68
C VAL LA 289 -53.68 -65.80 23.88
N THR LA 290 -53.76 -66.77 24.79
CA THR LA 290 -52.89 -66.75 25.95
C THR LA 290 -51.43 -66.86 25.54
N ALA LA 291 -51.16 -67.48 24.39
CA ALA LA 291 -49.78 -67.61 23.94
C ALA LA 291 -49.17 -66.25 23.66
N VAL LA 292 -49.93 -65.34 23.06
CA VAL LA 292 -49.39 -64.05 22.72
C VAL LA 292 -49.50 -63.06 23.89
N THR LA 293 -50.50 -63.20 24.74
CA THR LA 293 -50.69 -62.26 25.83
C THR LA 293 -50.22 -62.79 27.18
N GLY LA 294 -49.83 -64.05 27.28
CA GLY LA 294 -49.42 -64.63 28.53
C GLY LA 294 -50.61 -64.95 29.41
N LEU LA 295 -50.32 -65.64 30.51
CA LEU LA 295 -51.37 -66.04 31.44
C LEU LA 295 -51.82 -64.83 32.25
N PRO LA 296 -53.11 -64.50 32.24
CA PRO LA 296 -53.58 -63.38 33.07
C PRO LA 296 -53.35 -63.62 34.55
N ALA LA 297 -53.46 -64.85 35.03
CA ALA LA 297 -53.31 -65.13 36.45
C ALA LA 297 -53.04 -66.61 36.64
N LEU LA 298 -52.60 -66.96 37.84
CA LEU LA 298 -52.33 -68.35 38.17
C LEU LA 298 -53.61 -69.17 38.17
N ILE LA 299 -53.46 -70.43 37.81
CA ILE LA 299 -54.58 -71.36 37.73
C ILE LA 299 -54.78 -72.01 39.09
N ASP LA 300 -56.04 -72.25 39.44
CA ASP LA 300 -56.36 -72.88 40.71
C ASP LA 300 -55.90 -74.33 40.72
N GLU LA 301 -55.17 -74.71 41.77
CA GLU LA 301 -54.67 -76.08 41.89
C GLU LA 301 -55.74 -77.06 42.33
N ALA LA 302 -56.92 -76.58 42.74
CA ALA LA 302 -57.83 -77.41 43.52
C ALA LA 302 -58.27 -78.66 42.79
N THR LA 303 -58.33 -78.64 41.47
CA THR LA 303 -58.92 -79.72 40.70
C THR LA 303 -57.97 -80.17 39.59
N LEU LA 304 -56.70 -80.38 39.94
CA LEU LA 304 -55.69 -80.72 38.96
C LEU LA 304 -54.94 -81.96 39.41
N PRO LA 305 -54.30 -82.66 38.46
CA PRO LA 305 -53.53 -83.85 38.83
C PRO LA 305 -52.42 -83.51 39.80
N ALA LA 306 -51.85 -84.57 40.39
CA ALA LA 306 -50.90 -84.39 41.48
C ALA LA 306 -49.69 -83.59 41.03
N TRP LA 307 -49.17 -83.86 39.83
CA TRP LA 307 -47.97 -83.16 39.38
C TRP LA 307 -48.22 -81.69 39.11
N SER LA 308 -49.48 -81.28 38.97
CA SER LA 308 -49.79 -79.89 38.68
C SER LA 308 -49.94 -79.05 39.95
N GLN LA 309 -49.75 -79.64 41.13
CA GLN LA 309 -49.98 -78.93 42.38
C GLN LA 309 -48.82 -77.97 42.63
N GLY LA 310 -49.12 -76.68 42.61
CA GLY LA 310 -48.14 -75.66 42.96
C GLY LA 310 -46.98 -75.51 42.00
N VAL LA 311 -47.24 -75.55 40.70
CA VAL LA 311 -46.19 -75.34 39.72
C VAL LA 311 -45.89 -73.85 39.63
N ALA LA 312 -44.61 -73.49 39.72
CA ALA LA 312 -44.22 -72.10 39.74
C ALA LA 312 -44.66 -71.40 38.46
N ASN LA 313 -45.13 -70.17 38.62
CA ASN LA 313 -45.57 -69.28 37.55
C ASN LA 313 -46.79 -69.80 36.80
N LEU LA 314 -47.33 -70.95 37.18
CA LEU LA 314 -48.47 -71.50 36.47
C LEU LA 314 -49.67 -71.74 37.37
N THR LA 315 -49.49 -72.40 38.51
CA THR LA 315 -50.59 -72.78 39.37
C THR LA 315 -50.40 -72.17 40.75
N GLY LA 316 -51.51 -71.94 41.43
CA GLY LA 316 -51.46 -71.37 42.76
C GLY LA 316 -52.76 -71.62 43.50
N ASN LA 317 -52.73 -71.33 44.79
CA ASN LA 317 -53.91 -71.41 45.64
C ASN LA 317 -54.14 -70.14 46.43
N GLY LA 318 -53.44 -69.07 46.10
CA GLY LA 318 -53.53 -67.83 46.85
C GLY LA 318 -54.71 -66.99 46.39
N GLN LA 319 -54.65 -65.71 46.74
CA GLN LA 319 -55.76 -64.80 46.45
C GLN LA 319 -55.88 -64.53 44.95
N GLY LA 320 -54.76 -64.20 44.31
CA GLY LA 320 -54.80 -63.86 42.89
C GLY LA 320 -54.85 -65.08 41.99
N VAL LA 321 -55.90 -65.89 42.18
CA VAL LA 321 -56.01 -67.17 41.48
C VAL LA 321 -57.37 -67.26 40.81
N VAL LA 322 -57.38 -67.68 39.56
CA VAL LA 322 -58.61 -67.82 38.78
C VAL LA 322 -59.04 -69.29 38.83
N PRO LA 323 -60.29 -69.57 39.16
CA PRO LA 323 -60.74 -70.97 39.18
C PRO LA 323 -60.80 -71.54 37.78
N CYS LA 324 -60.69 -72.86 37.70
CA CYS LA 324 -60.82 -73.59 36.46
C CYS LA 324 -62.04 -74.49 36.52
N LEU LA 325 -62.88 -74.40 35.50
CA LEU LA 325 -64.07 -75.22 35.41
C LEU LA 325 -63.86 -76.32 34.38
N ASP LA 326 -64.75 -77.32 34.43
CA ASP LA 326 -64.67 -78.45 33.52
C ASP LA 326 -66.07 -78.99 33.30
N TYR LA 327 -66.19 -79.81 32.26
CA TYR LA 327 -67.51 -80.28 31.85
C TYR LA 327 -67.36 -81.59 31.10
N ASN LA 328 -68.47 -82.30 31.01
CA ASN LA 328 -68.58 -83.48 30.18
C ASN LA 328 -69.50 -83.18 29.02
N PRO LA 329 -69.13 -83.54 27.80
CA PRO LA 329 -69.95 -83.16 26.64
C PRO LA 329 -71.40 -83.63 26.72
N VAL LA 330 -71.64 -84.83 27.22
CA VAL LA 330 -73.00 -85.37 27.22
C VAL LA 330 -73.91 -84.53 28.12
N PRO LA 331 -73.58 -84.30 29.40
CA PRO LA 331 -74.42 -83.38 30.18
C PRO LA 331 -74.47 -81.99 29.57
N MET LA 332 -73.36 -81.56 28.97
CA MET LA 332 -73.35 -80.26 28.31
C MET LA 332 -74.38 -80.22 27.19
N ALA LA 333 -74.42 -81.27 26.37
CA ALA LA 333 -75.38 -81.30 25.27
C ALA LA 333 -76.81 -81.26 25.79
N ALA LA 334 -77.09 -82.00 26.87
CA ALA LA 334 -78.43 -81.97 27.44
C ALA LA 334 -78.79 -80.56 27.88
N ALA LA 335 -77.86 -79.87 28.52
CA ALA LA 335 -78.13 -78.49 28.93
C ALA LA 335 -78.39 -77.61 27.73
N ARG LA 336 -77.57 -77.75 26.68
CA ARG LA 336 -77.76 -76.94 25.49
C ARG LA 336 -79.13 -77.17 24.88
N HIS LA 337 -79.54 -78.43 24.77
CA HIS LA 337 -80.86 -78.73 24.23
C HIS LA 337 -81.94 -78.14 25.13
N LEU LA 338 -81.78 -78.26 26.44
CA LEU LA 338 -82.78 -77.73 27.34
C LEU LA 338 -82.93 -76.22 27.15
N GLN LA 339 -81.81 -75.52 27.02
CA GLN LA 339 -81.89 -74.09 26.78
C GLN LA 339 -82.62 -73.79 25.48
N TRP LA 340 -82.41 -74.61 24.47
CA TRP LA 340 -83.11 -74.40 23.20
C TRP LA 340 -84.62 -74.50 23.38
N ARG LA 341 -85.08 -75.49 24.13
CA ARG LA 341 -86.51 -75.60 24.36
C ARG LA 341 -87.03 -74.41 25.13
N GLN LA 342 -86.31 -73.97 26.16
CA GLN LA 342 -86.76 -72.81 26.92
C GLN LA 342 -86.76 -71.55 26.07
N ASP LA 343 -85.81 -71.42 25.16
CA ASP LA 343 -85.86 -70.33 24.21
C ASP LA 343 -86.95 -70.52 23.17
N GLY LA 344 -87.58 -71.69 23.12
CA GLY LA 344 -88.63 -71.94 22.16
C GLY LA 344 -88.16 -72.36 20.80
N LEU LA 345 -86.88 -72.66 20.63
CA LEU LA 345 -86.39 -73.10 19.33
C LEU LA 345 -86.93 -74.46 18.96
N ILE LA 346 -87.17 -75.33 19.94
CA ILE LA 346 -87.60 -76.70 19.69
C ILE LA 346 -88.71 -77.06 20.65
N THR LA 347 -89.36 -78.18 20.37
CA THR LA 347 -90.39 -78.73 21.23
C THR LA 347 -89.78 -79.74 22.19
N ALA LA 348 -90.55 -80.09 23.22
CA ALA LA 348 -90.08 -81.07 24.19
C ALA LA 348 -89.82 -82.41 23.53
N ALA LA 349 -90.65 -82.78 22.55
CA ALA LA 349 -90.45 -84.03 21.86
C ALA LA 349 -89.10 -84.06 21.15
N GLN LA 350 -88.74 -82.96 20.49
CA GLN LA 350 -87.45 -82.89 19.83
C GLN LA 350 -86.31 -82.97 20.83
N GLU LA 351 -86.45 -82.29 21.98
CA GLU LA 351 -85.38 -82.29 22.96
C GLU LA 351 -85.07 -83.70 23.43
N ALA LA 352 -86.10 -84.49 23.68
CA ALA LA 352 -85.88 -85.88 24.06
C ALA LA 352 -85.15 -86.63 22.96
N GLN LA 353 -85.54 -86.39 21.70
CA GLN LA 353 -84.89 -87.07 20.60
C GLN LA 353 -83.43 -86.68 20.49
N LEU LA 354 -83.14 -85.38 20.65
CA LEU LA 354 -81.76 -84.91 20.53
C LEU LA 354 -80.87 -85.56 21.56
N ASN LA 355 -81.36 -85.68 22.80
CA ASN LA 355 -80.56 -86.32 23.83
C ASN LA 355 -80.26 -87.77 23.46
N ASN LA 356 -81.25 -88.49 22.94
CA ASN LA 356 -81.03 -89.88 22.55
C ASN LA 356 -79.97 -89.97 21.46
N ASP LA 357 -80.06 -89.11 20.45
CA ASP LA 357 -79.10 -89.16 19.36
C ASP LA 357 -77.70 -88.86 19.85
N TYR LA 358 -77.55 -87.80 20.62
CA TYR LA 358 -76.21 -87.40 21.06
C TYR LA 358 -75.58 -88.47 21.95
N THR LA 359 -76.37 -89.03 22.87
CA THR LA 359 -75.85 -90.09 23.70
C THR LA 359 -75.39 -91.27 22.85
N ALA LA 360 -76.18 -91.63 21.85
CA ALA LA 360 -75.78 -92.71 20.96
C ALA LA 360 -74.48 -92.36 20.25
N TYR LA 361 -74.38 -91.12 19.76
CA TYR LA 361 -73.14 -90.70 19.10
C TYR LA 361 -71.96 -90.78 20.03
N ALA LA 362 -72.11 -90.26 21.24
CA ALA LA 362 -71.00 -90.27 22.19
C ALA LA 362 -70.57 -91.69 22.51
N LEU LA 363 -71.54 -92.61 22.58
CA LEU LA 363 -71.22 -93.99 22.90
C LEU LA 363 -70.24 -94.57 21.89
N THR LA 364 -70.40 -94.24 20.62
CA THR LA 364 -69.48 -94.72 19.60
C THR LA 364 -68.07 -94.21 19.87
N ILE LA 365 -67.94 -92.92 20.20
CA ILE LA 365 -66.63 -92.36 20.45
C ILE LA 365 -65.95 -93.09 21.60
N GLU LA 366 -66.68 -93.28 22.70
CA GLU LA 366 -66.14 -94.02 23.82
C GLU LA 366 -65.76 -95.43 23.41
N ARG LA 367 -66.66 -96.11 22.70
CA ARG LA 367 -66.40 -97.48 22.28
C ARG LA 367 -65.16 -97.56 21.39
N HIS LA 368 -65.00 -96.59 20.48
CA HIS LA 368 -63.83 -96.57 19.63
C HIS LA 368 -62.56 -96.36 20.43
N LEU LA 369 -62.56 -95.36 21.31
CA LEU LA 369 -61.35 -95.03 22.05
C LEU LA 369 -60.94 -96.18 22.98
N THR LA 370 -61.89 -96.70 23.75
CA THR LA 370 -61.53 -97.74 24.71
C THR LA 370 -60.97 -98.96 24.02
N ALA LA 371 -61.51 -99.31 22.84
CA ALA LA 371 -60.90 -100.37 22.06
C ALA LA 371 -59.55 -99.96 21.52
N MET LA 372 -59.37 -98.68 21.25
CA MET LA 372 -58.09 -98.23 20.69
C MET LA 372 -56.98 -98.28 21.73
N LEU LA 373 -57.32 -98.06 23.01
CA LEU LA 373 -56.29 -98.03 24.04
C LEU LA 373 -55.63 -99.41 24.19
N VAL LA 374 -56.44 -100.46 24.32
CA VAL LA 374 -55.88 -101.79 24.46
C VAL LA 374 -55.09 -102.17 23.22
N ALA LA 375 -55.39 -101.56 22.08
CA ALA LA 375 -54.60 -101.80 20.88
C ALA LA 375 -53.25 -101.10 20.95
N ASN LA 376 -53.11 -100.08 21.78
CA ASN LA 376 -51.85 -99.34 21.92
C ASN LA 376 -51.52 -99.17 23.38
N PRO LA 377 -51.20 -100.24 24.08
CA PRO LA 377 -50.87 -100.13 25.50
C PRO LA 377 -49.67 -99.22 25.70
N ILE LA 378 -49.74 -98.41 26.76
CA ILE LA 378 -48.70 -97.42 26.99
C ILE LA 378 -47.36 -98.06 27.30
N ALA LA 379 -47.37 -99.32 27.73
CA ALA LA 379 -46.10 -100.01 27.97
C ALA LA 379 -45.32 -100.25 26.69
N ALA LA 380 -45.94 -100.06 25.53
CA ALA LA 380 -45.25 -100.26 24.27
C ALA LA 380 -44.17 -99.23 24.00
N GLY LA 381 -44.12 -98.16 24.78
CA GLY LA 381 -43.08 -97.16 24.63
C GLY LA 381 -43.48 -95.91 23.89
N ARG LA 382 -44.69 -95.85 23.35
CA ARG LA 382 -45.20 -94.64 22.72
C ARG LA 382 -46.66 -94.47 23.10
N MET LA 383 -47.08 -93.23 23.26
CA MET LA 383 -48.43 -92.92 23.73
C MET LA 383 -49.19 -92.20 22.63
N PRO LA 384 -49.92 -92.90 21.78
CA PRO LA 384 -50.72 -92.21 20.77
C PRO LA 384 -51.98 -91.62 21.37
N ILE LA 385 -52.50 -92.20 22.45
CA ILE LA 385 -53.67 -91.68 23.13
C ILE LA 385 -53.41 -91.68 24.63
N GLN LA 386 -53.90 -90.64 25.30
CA GLN LA 386 -53.72 -90.53 26.73
C GLN LA 386 -54.50 -91.61 27.45
N PRO LA 387 -53.91 -92.25 28.47
CA PRO LA 387 -54.61 -93.31 29.19
C PRO LA 387 -55.80 -92.78 29.97
N PHE LA 388 -56.72 -93.68 30.26
CA PHE LA 388 -57.93 -93.35 31.01
C PHE LA 388 -58.53 -94.63 31.56
N ASN LA 389 -59.55 -94.46 32.40
CA ASN LA 389 -60.32 -95.57 32.94
C ASN LA 389 -61.74 -95.49 32.42
N ALA LA 390 -62.42 -96.64 32.46
CA ALA LA 390 -63.77 -96.72 31.91
C ALA LA 390 -64.71 -95.74 32.59
N ALA LA 391 -64.55 -95.56 33.91
CA ALA LA 391 -65.45 -94.67 34.63
C ALA LA 391 -65.29 -93.22 34.22
N ASP LA 392 -64.19 -92.87 33.56
CA ASP LA 392 -63.94 -91.47 33.21
C ASP LA 392 -64.97 -90.93 32.24
N PHE LA 393 -65.65 -91.79 31.48
CA PHE LA 393 -66.66 -91.30 30.56
C PHE LA 393 -67.94 -90.88 31.28
N GLY LA 394 -68.12 -91.29 32.53
CA GLY LA 394 -69.33 -91.00 33.26
C GLY LA 394 -69.28 -89.80 34.17
N GLN LA 395 -68.14 -89.13 34.27
CA GLN LA 395 -68.02 -88.01 35.20
C GLN LA 395 -68.80 -86.82 34.69
N ALA LA 396 -69.63 -86.25 35.56
CA ALA LA 396 -70.34 -85.03 35.22
C ALA LA 396 -69.48 -83.79 35.39
N GLY LA 397 -68.44 -83.87 36.21
CA GLY LA 397 -67.56 -82.74 36.42
C GLY LA 397 -68.30 -81.56 37.00
N GLN LA 398 -67.81 -80.36 36.66
CA GLN LA 398 -68.42 -79.12 37.10
C GLN LA 398 -69.37 -78.53 36.07
N THR LA 399 -70.05 -79.39 35.29
CA THR LA 399 -70.84 -78.91 34.17
C THR LA 399 -71.89 -77.90 34.62
N ALA LA 400 -72.51 -78.15 35.78
CA ALA LA 400 -73.53 -77.22 36.26
C ALA LA 400 -72.95 -75.84 36.48
N ALA LA 401 -71.75 -75.77 37.06
CA ALA LA 401 -71.10 -74.48 37.24
C ALA LA 401 -70.79 -73.85 35.89
N ALA LA 402 -70.40 -74.66 34.92
CA ALA LA 402 -70.00 -74.12 33.62
C ALA LA 402 -71.14 -73.35 32.97
N VAL LA 403 -72.32 -73.98 32.86
CA VAL LA 403 -73.45 -73.29 32.25
C VAL LA 403 -73.84 -72.07 33.06
N ALA LA 404 -73.66 -72.15 34.38
CA ALA LA 404 -73.93 -70.97 35.21
C ALA LA 404 -73.02 -69.82 34.81
N LEU LA 405 -71.76 -70.12 34.48
CA LEU LA 405 -70.85 -69.06 34.07
C LEU LA 405 -71.33 -68.40 32.79
N ALA LA 406 -71.69 -69.20 31.78
CA ALA LA 406 -72.21 -68.62 30.56
C ALA LA 406 -73.49 -67.83 30.83
N GLN LA 407 -74.29 -68.31 31.77
CA GLN LA 407 -75.48 -67.57 32.18
C GLN LA 407 -75.11 -66.16 32.61
N ALA LA 408 -74.09 -66.04 33.46
CA ALA LA 408 -73.61 -64.74 33.89
C ALA LA 408 -72.79 -64.03 32.82
N MET LA 409 -72.21 -64.78 31.90
CA MET LA 409 -71.32 -64.18 30.92
C MET LA 409 -72.09 -63.43 29.82
N PHE LA 410 -73.22 -63.96 29.40
CA PHE LA 410 -74.05 -63.32 28.38
C PHE LA 410 -75.43 -63.11 28.98
N VAL LA 411 -75.60 -61.99 29.68
CA VAL LA 411 -76.86 -61.67 30.31
C VAL LA 411 -77.78 -61.01 29.29
N ALA MA 1 -150.03 -59.70 6.61
CA ALA MA 1 -149.58 -58.41 7.12
C ALA MA 1 -150.46 -57.95 8.27
N GLN MA 2 -149.92 -57.07 9.11
CA GLN MA 2 -150.67 -56.57 10.26
C GLN MA 2 -151.75 -55.62 9.78
N ARG MA 3 -153.00 -55.88 10.15
CA ARG MA 3 -154.14 -55.17 9.60
C ARG MA 3 -154.78 -54.16 10.55
N GLN MA 4 -154.27 -54.03 11.77
CA GLN MA 4 -154.83 -53.08 12.71
C GLN MA 4 -153.72 -52.47 13.55
N PHE MA 5 -153.89 -51.20 13.91
CA PHE MA 5 -152.94 -50.53 14.78
C PHE MA 5 -153.68 -49.62 15.74
N PHE MA 6 -152.98 -49.20 16.79
CA PHE MA 6 -153.50 -48.31 17.80
C PHE MA 6 -152.52 -47.17 18.00
N GLY MA 7 -153.00 -46.10 18.63
CA GLY MA 7 -152.12 -44.95 18.81
C GLY MA 7 -152.67 -43.97 19.81
N LEU MA 8 -151.91 -42.89 20.01
CA LEU MA 8 -152.25 -41.85 20.96
C LEU MA 8 -151.67 -40.53 20.49
N THR MA 9 -152.45 -39.47 20.61
CA THR MA 9 -152.00 -38.15 20.18
C THR MA 9 -151.15 -37.48 21.25
N TYR MA 10 -150.49 -36.40 20.85
CA TYR MA 10 -149.61 -35.67 21.75
C TYR MA 10 -150.39 -35.03 22.89
N ASN MA 11 -149.65 -34.49 23.85
CA ASN MA 11 -150.21 -33.82 25.00
C ASN MA 11 -149.84 -32.35 24.97
N PHE MA 12 -150.84 -31.48 25.04
CA PHE MA 12 -150.55 -30.06 25.16
C PHE MA 12 -149.88 -29.80 26.50
N TYR MA 13 -148.81 -29.01 26.49
CA TYR MA 13 -148.11 -28.67 27.72
C TYR MA 13 -148.76 -27.43 28.32
N GLY MA 14 -150.01 -27.60 28.75
CA GLY MA 14 -150.79 -26.53 29.32
C GLY MA 14 -151.38 -25.58 28.31
N GLN MA 15 -150.87 -25.56 27.09
CA GLN MA 15 -151.42 -24.69 26.06
C GLN MA 15 -152.77 -25.22 25.61
N PRO MA 16 -153.63 -24.35 25.06
CA PRO MA 16 -154.99 -24.75 24.70
C PRO MA 16 -155.15 -25.37 23.33
N ALA MA 17 -154.12 -25.42 22.50
CA ALA MA 17 -154.27 -25.88 21.13
C ALA MA 17 -152.99 -26.58 20.70
N PRO MA 18 -153.06 -27.44 19.68
CA PRO MA 18 -151.83 -28.08 19.18
C PRO MA 18 -150.84 -27.04 18.70
N LEU MA 19 -149.57 -27.33 18.91
CA LEU MA 19 -148.51 -26.32 18.81
C LEU MA 19 -147.84 -26.39 17.44
N PHE MA 20 -148.47 -25.73 16.48
CA PHE MA 20 -147.88 -25.54 15.16
C PHE MA 20 -148.65 -24.45 14.45
N ASP MA 21 -148.05 -23.91 13.40
CA ASP MA 21 -148.69 -22.89 12.59
C ASP MA 21 -148.73 -23.34 11.13
N LEU MA 22 -149.46 -22.57 10.33
CA LEU MA 22 -149.70 -22.98 8.95
C LEU MA 22 -148.42 -23.03 8.15
N ASN MA 23 -147.47 -22.13 8.43
CA ASN MA 23 -146.22 -22.16 7.67
C ASN MA 23 -145.50 -23.47 7.87
N ASP MA 24 -145.47 -23.99 9.10
CA ASP MA 24 -144.96 -25.33 9.33
C ASP MA 24 -145.68 -26.32 8.44
N LEU MA 25 -147.00 -26.21 8.36
CA LEU MA 25 -147.78 -27.05 7.48
C LEU MA 25 -147.45 -26.79 6.01
N GLN MA 26 -146.80 -25.68 5.71
CA GLN MA 26 -146.50 -25.34 4.33
C GLN MA 26 -145.07 -25.68 3.93
N GLU MA 27 -144.18 -25.91 4.88
CA GLU MA 27 -142.76 -26.06 4.58
C GLU MA 27 -142.22 -27.44 4.94
N LEU MA 28 -143.06 -28.47 4.84
CA LEU MA 28 -142.55 -29.82 5.03
C LEU MA 28 -141.57 -30.17 3.92
N ALA MA 29 -140.60 -31.01 4.25
CA ALA MA 29 -139.52 -31.33 3.32
C ALA MA 29 -139.93 -32.29 2.22
N GLY MA 30 -140.99 -33.05 2.40
CA GLY MA 30 -141.41 -34.05 1.43
C GLY MA 30 -142.25 -33.47 0.32
N CYS MA 31 -143.20 -34.26 -0.15
CA CYS MA 31 -144.17 -33.75 -1.10
C CYS MA 31 -145.03 -32.69 -0.44
N TYR MA 32 -145.65 -31.86 -1.26
CA TYR MA 32 -146.34 -30.68 -0.76
C TYR MA 32 -147.43 -31.07 0.23
N ALA MA 33 -147.29 -30.59 1.46
CA ALA MA 33 -148.35 -30.62 2.47
C ALA MA 33 -148.78 -32.04 2.84
N ARG MA 34 -147.91 -33.02 2.71
CA ARG MA 34 -148.24 -34.34 3.20
C ARG MA 34 -147.24 -34.76 4.27
N PRO MA 35 -147.71 -35.21 5.43
CA PRO MA 35 -146.77 -35.57 6.49
C PRO MA 35 -146.17 -36.96 6.34
N TRP MA 36 -146.82 -37.83 5.57
CA TRP MA 36 -146.40 -39.21 5.50
C TRP MA 36 -145.04 -39.33 4.85
N THR MA 37 -144.31 -40.38 5.24
CA THR MA 37 -142.99 -40.74 4.69
C THR MA 37 -142.15 -39.50 4.38
N SER MA 38 -142.02 -38.64 5.37
CA SER MA 38 -141.28 -37.39 5.21
C SER MA 38 -140.24 -37.16 6.28
N ARG MA 39 -140.11 -38.06 7.25
CA ARG MA 39 -139.26 -37.82 8.41
C ARG MA 39 -137.78 -37.77 8.07
N PHE MA 40 -137.38 -38.16 6.86
CA PHE MA 40 -135.99 -38.06 6.46
C PHE MA 40 -135.80 -37.24 5.20
N SER MA 41 -136.86 -36.68 4.64
CA SER MA 41 -136.75 -35.99 3.35
C SER MA 41 -135.77 -34.83 3.43
N HIS MA 42 -135.62 -34.23 4.61
CA HIS MA 42 -134.74 -33.08 4.72
C HIS MA 42 -133.27 -33.44 4.64
N LEU MA 43 -132.92 -34.72 4.57
CA LEU MA 43 -131.50 -35.07 4.43
C LEU MA 43 -131.30 -36.24 3.47
N ALA MA 44 -132.21 -36.43 2.52
CA ALA MA 44 -132.02 -37.49 1.53
C ALA MA 44 -130.75 -37.26 0.73
N ILE MA 45 -130.50 -36.03 0.32
CA ILE MA 45 -129.24 -35.63 -0.27
C ILE MA 45 -128.46 -34.87 0.79
N SER MA 46 -127.19 -35.21 0.96
CA SER MA 46 -126.41 -34.62 2.03
C SER MA 46 -124.99 -34.37 1.57
N THR MA 47 -124.33 -33.45 2.27
CA THR MA 47 -122.90 -33.22 2.10
C THR MA 47 -122.33 -32.87 3.46
N GLY MA 48 -121.14 -33.38 3.75
CA GLY MA 48 -120.51 -33.13 5.03
C GLY MA 48 -121.23 -33.85 6.16
N SER MA 49 -120.74 -33.59 7.37
CA SER MA 49 -121.26 -34.22 8.57
C SER MA 49 -122.03 -33.26 9.45
N LEU MA 50 -122.11 -31.99 9.08
CA LEU MA 50 -122.74 -31.01 9.96
C LEU MA 50 -124.24 -31.30 10.11
N PRO MA 51 -124.77 -31.21 11.32
CA PRO MA 51 -126.21 -31.40 11.51
C PRO MA 51 -126.99 -30.32 10.78
N VAL MA 52 -128.18 -30.67 10.33
CA VAL MA 52 -129.02 -29.79 9.54
C VAL MA 52 -130.12 -29.23 10.43
N TRP MA 53 -130.13 -27.91 10.59
CA TRP MA 53 -131.15 -27.25 11.37
C TRP MA 53 -131.18 -25.77 10.97
N SER MA 54 -132.25 -25.09 11.34
CA SER MA 54 -132.48 -23.73 10.89
C SER MA 54 -133.15 -22.94 11.99
N ALA MA 55 -133.53 -21.70 11.66
CA ALA MA 55 -134.04 -20.78 12.66
C ALA MA 55 -135.31 -21.31 13.31
N ARG MA 56 -136.30 -21.67 12.50
CA ARG MA 56 -137.55 -22.20 13.03
C ARG MA 56 -137.56 -23.72 13.08
N TYR MA 57 -136.44 -24.35 12.77
CA TYR MA 57 -136.23 -25.78 13.04
C TYR MA 57 -134.85 -25.93 13.64
N PRO MA 58 -134.69 -25.53 14.90
CA PRO MA 58 -133.35 -25.33 15.48
C PRO MA 58 -132.72 -26.55 16.12
N SER MA 59 -133.32 -27.73 16.03
CA SER MA 59 -132.71 -28.92 16.59
C SER MA 59 -132.95 -30.07 15.63
N VAL MA 60 -132.08 -31.08 15.71
CA VAL MA 60 -132.18 -32.20 14.79
C VAL MA 60 -133.51 -32.91 14.94
N ALA MA 61 -134.11 -32.84 16.13
CA ALA MA 61 -135.40 -33.46 16.35
C ALA MA 61 -136.57 -32.54 16.06
N SER MA 62 -136.30 -31.25 15.80
CA SER MA 62 -137.37 -30.26 15.74
C SER MA 62 -138.41 -30.62 14.68
N ARG MA 63 -137.95 -30.98 13.49
CA ARG MA 63 -138.89 -31.26 12.40
C ARG MA 63 -139.82 -32.41 12.76
N ASN MA 64 -139.27 -33.49 13.31
CA ASN MA 64 -140.12 -34.63 13.66
C ASN MA 64 -141.10 -34.26 14.76
N ILE MA 65 -140.65 -33.48 15.73
CA ILE MA 65 -141.55 -33.04 16.80
C ILE MA 65 -142.71 -32.25 16.23
N ILE MA 66 -142.41 -31.33 15.31
CA ILE MA 66 -143.46 -30.52 14.70
C ILE MA 66 -144.45 -31.42 13.98
N VAL MA 67 -143.94 -32.38 13.21
CA VAL MA 67 -144.82 -33.29 12.48
C VAL MA 67 -145.76 -34.00 13.44
N ASN MA 68 -145.23 -34.48 14.57
CA ASN MA 68 -146.06 -35.19 15.52
C ASN MA 68 -147.19 -34.31 16.04
N THR MA 69 -146.86 -33.08 16.44
CA THR MA 69 -147.88 -32.16 16.91
C THR MA 69 -148.90 -31.89 15.80
N LEU MA 70 -148.41 -31.71 14.58
CA LEU MA 70 -149.31 -31.44 13.46
C LEU MA 70 -150.31 -32.58 13.28
N LEU MA 71 -149.83 -33.81 13.30
CA LEU MA 71 -150.71 -34.95 13.08
C LEU MA 71 -151.79 -35.03 14.14
N GLY MA 72 -151.50 -34.53 15.35
CA GLY MA 72 -152.47 -34.63 16.43
C GLY MA 72 -153.78 -33.94 16.14
N ALA MA 73 -153.80 -33.00 15.20
CA ALA MA 73 -155.00 -32.25 14.91
C ALA MA 73 -155.87 -32.89 13.84
N HIS MA 74 -155.34 -33.80 13.05
CA HIS MA 74 -156.06 -34.30 11.87
C HIS MA 74 -156.29 -35.80 11.89
N LEU MA 75 -156.01 -36.48 12.99
CA LEU MA 75 -156.19 -37.91 13.06
C LEU MA 75 -157.55 -38.31 13.61
N ASN MA 76 -158.54 -37.43 13.49
CA ASN MA 76 -159.88 -37.75 13.97
C ASN MA 76 -160.47 -39.03 13.38
N PRO MA 77 -160.30 -39.35 12.09
CA PRO MA 77 -160.95 -40.56 11.56
C PRO MA 77 -160.67 -41.82 12.36
N PHE MA 78 -159.46 -41.95 12.91
CA PHE MA 78 -159.16 -43.12 13.72
C PHE MA 78 -159.68 -42.99 15.14
N ALA MA 79 -160.35 -41.89 15.46
CA ALA MA 79 -161.02 -41.73 16.74
C ALA MA 79 -162.51 -41.57 16.59
N GLY MA 80 -162.96 -40.63 15.77
CA GLY MA 80 -164.36 -40.40 15.54
C GLY MA 80 -164.93 -41.06 14.32
N GLY MA 81 -164.11 -41.77 13.55
CA GLY MA 81 -164.61 -42.43 12.37
C GLY MA 81 -164.94 -41.51 11.23
N GLN MA 82 -164.58 -40.23 11.32
CA GLN MA 82 -164.90 -39.27 10.28
C GLN MA 82 -163.74 -38.32 10.08
N VAL MA 83 -163.58 -37.86 8.85
CA VAL MA 83 -162.63 -36.81 8.54
C VAL MA 83 -163.22 -35.48 8.97
N THR MA 84 -162.37 -34.62 9.52
CA THR MA 84 -162.78 -33.30 9.98
C THR MA 84 -161.84 -32.26 9.40
N SER MA 85 -162.10 -31.01 9.74
CA SER MA 85 -161.27 -29.89 9.29
C SER MA 85 -160.89 -29.05 10.48
N HIS MA 86 -159.71 -28.43 10.38
CA HIS MA 86 -159.22 -27.55 11.43
C HIS MA 86 -158.66 -26.30 10.78
N GLN MA 87 -159.21 -25.15 11.13
CA GLN MA 87 -158.80 -23.87 10.56
C GLN MA 87 -158.86 -23.90 9.04
N GLY MA 88 -159.91 -24.53 8.52
CA GLY MA 88 -160.14 -24.52 7.08
C GLY MA 88 -159.24 -25.41 6.26
N ILE MA 89 -158.60 -26.39 6.88
CA ILE MA 89 -157.69 -27.29 6.18
C ILE MA 89 -158.06 -28.72 6.52
N THR MA 90 -158.04 -29.58 5.52
CA THR MA 90 -158.38 -30.99 5.71
C THR MA 90 -157.69 -31.81 4.63
N TRP MA 91 -158.06 -33.08 4.54
CA TRP MA 91 -157.47 -33.99 3.58
C TRP MA 91 -158.12 -33.85 2.22
N ARG MA 92 -157.34 -34.10 1.18
CA ARG MA 92 -157.88 -34.08 -0.18
C ARG MA 92 -158.91 -35.17 -0.39
N ASP MA 93 -158.64 -36.36 0.14
CA ASP MA 93 -159.42 -37.54 -0.20
C ASP MA 93 -159.47 -38.46 1.02
N PRO MA 94 -160.42 -39.39 1.05
CA PRO MA 94 -160.46 -40.32 2.19
C PRO MA 94 -159.21 -41.16 2.33
N VAL MA 95 -158.44 -41.33 1.24
CA VAL MA 95 -157.15 -42.00 1.33
C VAL MA 95 -156.13 -41.19 2.10
N LEU MA 96 -156.41 -39.91 2.34
CA LEU MA 96 -155.52 -39.03 3.10
C LEU MA 96 -154.18 -38.84 2.39
N SER MA 97 -154.24 -38.58 1.08
CA SER MA 97 -153.02 -38.37 0.32
C SER MA 97 -152.25 -37.16 0.83
N SER MA 98 -152.93 -36.04 1.02
CA SER MA 98 -152.28 -34.83 1.47
C SER MA 98 -153.33 -33.87 2.00
N LEU MA 99 -152.87 -32.80 2.63
CA LEU MA 99 -153.75 -31.79 3.19
C LEU MA 99 -153.95 -30.65 2.21
N ALA MA 100 -155.09 -29.98 2.32
CA ALA MA 100 -155.45 -28.92 1.40
C ALA MA 100 -156.51 -28.05 2.06
N PRO MA 101 -156.70 -26.82 1.59
CA PRO MA 101 -157.79 -26.00 2.12
C PRO MA 101 -159.14 -26.64 1.83
N VAL MA 102 -160.08 -26.41 2.73
CA VAL MA 102 -161.40 -27.06 2.62
C VAL MA 102 -162.10 -26.56 1.37
N PRO MA 103 -162.71 -27.42 0.58
CA PRO MA 103 -163.51 -26.95 -0.56
C PRO MA 103 -164.87 -26.45 -0.10
N ALA MA 104 -165.40 -25.50 -0.86
CA ALA MA 104 -166.69 -24.91 -0.53
C ALA MA 104 -167.83 -25.64 -1.24
N ILE MA 105 -167.86 -26.96 -1.12
CA ILE MA 105 -168.93 -27.76 -1.70
C ILE MA 105 -169.60 -28.57 -0.60
N GLN MA 106 -168.84 -29.47 0.02
CA GLN MA 106 -169.32 -30.29 1.12
C GLN MA 106 -168.31 -30.18 2.26
N PRO MA 107 -168.30 -29.06 2.96
CA PRO MA 107 -167.31 -28.85 4.01
C PRO MA 107 -167.50 -29.85 5.14
N PRO MA 108 -166.45 -30.57 5.51
CA PRO MA 108 -166.55 -31.53 6.60
C PRO MA 108 -166.74 -30.82 7.92
N PRO MA 109 -167.24 -31.51 8.94
CA PRO MA 109 -167.45 -30.86 10.24
C PRO MA 109 -166.15 -30.39 10.85
N VAL MA 110 -166.23 -29.31 11.62
CA VAL MA 110 -165.04 -28.75 12.25
C VAL MA 110 -164.57 -29.65 13.37
N TRP MA 111 -163.27 -29.91 13.41
CA TRP MA 111 -162.71 -30.74 14.46
C TRP MA 111 -162.84 -30.07 15.82
N ALA MA 112 -163.19 -30.86 16.82
CA ALA MA 112 -163.21 -30.39 18.20
C ALA MA 112 -161.84 -30.63 18.82
N VAL MA 113 -161.28 -29.58 19.43
CA VAL MA 113 -159.91 -29.66 19.92
C VAL MA 113 -159.86 -30.51 21.17
N ALA MA 114 -158.92 -31.46 21.21
CA ALA MA 114 -158.68 -32.29 22.37
C ALA MA 114 -157.25 -32.82 22.28
N GLU MA 115 -156.81 -33.46 23.36
CA GLU MA 115 -155.45 -33.98 23.41
C GLU MA 115 -155.45 -35.40 23.96
N ASN MA 116 -154.42 -36.16 23.59
CA ASN MA 116 -154.22 -37.51 24.09
C ASN MA 116 -155.42 -38.40 23.81
N VAL MA 117 -155.99 -38.28 22.62
CA VAL MA 117 -157.11 -39.13 22.23
C VAL MA 117 -156.57 -40.48 21.79
N PRO MA 118 -157.06 -41.58 22.35
CA PRO MA 118 -156.63 -42.90 21.87
C PRO MA 118 -157.12 -43.16 20.47
N LEU MA 119 -156.35 -43.93 19.71
CA LEU MA 119 -156.64 -44.19 18.31
C LEU MA 119 -156.80 -45.68 18.05
N ASP MA 120 -157.68 -45.99 17.09
CA ASP MA 120 -157.91 -47.36 16.67
C ASP MA 120 -158.22 -47.35 15.19
N SER MA 121 -157.43 -48.10 14.41
CA SER MA 121 -157.62 -48.12 12.97
C SER MA 121 -158.98 -48.68 12.58
N ASN MA 122 -159.56 -49.53 13.44
CA ASN MA 122 -160.85 -50.12 13.11
C ASN MA 122 -161.99 -49.12 13.12
N ASN MA 123 -161.76 -47.90 13.62
CA ASN MA 123 -162.79 -46.88 13.57
C ASN MA 123 -163.00 -46.33 12.17
N TYR MA 124 -162.11 -46.62 11.24
CA TYR MA 124 -162.12 -46.04 9.89
C TYR MA 124 -162.03 -47.17 8.88
N PRO MA 125 -163.16 -47.77 8.51
CA PRO MA 125 -163.12 -49.00 7.71
C PRO MA 125 -162.39 -48.86 6.40
N THR MA 126 -162.44 -47.68 5.78
CA THR MA 126 -161.85 -47.53 4.45
C THR MA 126 -160.35 -47.81 4.46
N TYR MA 127 -159.70 -47.66 5.61
CA TYR MA 127 -158.27 -47.96 5.70
C TYR MA 127 -158.01 -49.41 5.35
N VAL MA 128 -158.83 -50.32 5.88
CA VAL MA 128 -158.66 -51.74 5.58
C VAL MA 128 -158.81 -51.98 4.09
N LEU MA 129 -159.81 -51.35 3.48
CA LEU MA 129 -160.04 -51.55 2.05
C LEU MA 129 -158.86 -51.03 1.23
N ASN MA 130 -158.32 -49.87 1.59
CA ASN MA 130 -157.23 -49.26 0.85
C ASN MA 130 -155.89 -49.46 1.53
N LEU MA 131 -155.70 -50.61 2.18
CA LEU MA 131 -154.48 -50.87 2.93
C LEU MA 131 -153.25 -50.74 2.04
N SER MA 132 -153.33 -51.27 0.81
CA SER MA 132 -152.16 -51.30 -0.06
C SER MA 132 -151.62 -49.92 -0.37
N SER MA 133 -152.44 -48.88 -0.27
CA SER MA 133 -151.98 -47.52 -0.53
C SER MA 133 -151.93 -46.66 0.73
N MET MA 134 -152.56 -47.07 1.81
CA MET MA 134 -152.52 -46.33 3.05
C MET MA 134 -151.54 -46.92 4.05
N TRP MA 135 -150.72 -47.88 3.62
CA TRP MA 135 -149.78 -48.53 4.53
C TRP MA 135 -148.84 -47.56 5.25
N PRO MA 136 -148.25 -46.55 4.62
CA PRO MA 136 -147.32 -45.69 5.36
C PRO MA 136 -147.94 -45.02 6.57
N ILE MA 137 -149.25 -44.81 6.58
CA ILE MA 137 -149.90 -44.23 7.74
C ILE MA 137 -149.64 -45.09 8.96
N ASN MA 138 -149.62 -46.40 8.79
CA ASN MA 138 -149.35 -47.30 9.90
C ASN MA 138 -148.03 -46.96 10.58
N GLN MA 139 -146.97 -46.82 9.79
CA GLN MA 139 -145.65 -46.57 10.38
C GLN MA 139 -145.63 -45.22 11.09
N ASP MA 140 -146.09 -44.17 10.41
CA ASP MA 140 -145.98 -42.83 10.98
C ASP MA 140 -146.79 -42.69 12.26
N VAL MA 141 -148.02 -43.21 12.27
CA VAL MA 141 -148.84 -43.11 13.47
C VAL MA 141 -148.16 -43.81 14.64
N HIS MA 142 -147.61 -45.00 14.39
CA HIS MA 142 -146.91 -45.71 15.44
C HIS MA 142 -145.73 -44.89 15.96
N ILE MA 143 -145.00 -44.25 15.05
CA ILE MA 143 -143.88 -43.41 15.46
C ILE MA 143 -144.36 -42.29 16.37
N MET MA 144 -145.43 -41.62 15.97
CA MET MA 144 -145.96 -40.52 16.77
C MET MA 144 -146.35 -41.01 18.16
N THR MA 145 -147.00 -42.18 18.21
CA THR MA 145 -147.42 -42.71 19.50
C THR MA 145 -146.22 -43.00 20.38
N MET MA 146 -145.18 -43.60 19.81
CA MET MA 146 -144.01 -43.95 20.61
C MET MA 146 -143.32 -42.72 21.18
N TRP MA 147 -143.52 -41.55 20.56
CA TRP MA 147 -142.96 -40.33 21.13
C TRP MA 147 -143.92 -39.67 22.10
N ALA MA 148 -145.22 -39.69 21.78
CA ALA MA 148 -146.19 -39.00 22.62
C ALA MA 148 -146.23 -39.58 24.02
N LEU MA 149 -145.90 -40.85 24.17
CA LEU MA 149 -146.01 -41.51 25.46
C LEU MA 149 -144.96 -41.05 26.47
N SER MA 150 -143.95 -40.30 26.03
CA SER MA 150 -142.85 -39.91 26.90
C SER MA 150 -142.73 -38.40 26.99
N ASP MA 151 -142.43 -37.92 28.18
CA ASP MA 151 -142.20 -36.51 28.42
C ASP MA 151 -140.74 -36.12 28.26
N GLN MA 152 -139.85 -37.09 28.03
CA GLN MA 152 -138.42 -36.82 28.07
C GLN MA 152 -137.64 -37.36 26.88
N GLY MA 153 -138.12 -38.40 26.21
CA GLY MA 153 -137.42 -38.96 25.08
C GLY MA 153 -138.14 -40.16 24.52
N PRO MA 154 -138.00 -40.40 23.22
CA PRO MA 154 -138.80 -41.44 22.57
C PRO MA 154 -138.56 -42.81 23.16
N ILE MA 155 -139.60 -43.63 23.15
CA ILE MA 155 -139.57 -44.98 23.70
C ILE MA 155 -139.42 -45.97 22.56
N TYR MA 156 -138.55 -46.95 22.75
CA TYR MA 156 -138.37 -48.00 21.75
C TYR MA 156 -138.05 -49.31 22.47
N HIS MA 157 -137.98 -50.38 21.69
CA HIS MA 157 -138.01 -51.75 22.19
C HIS MA 157 -136.77 -52.50 21.73
N LEU MA 158 -136.23 -53.33 22.64
CA LEU MA 158 -135.11 -54.21 22.35
C LEU MA 158 -135.49 -55.64 22.70
N GLU MA 159 -134.90 -56.59 21.98
CA GLU MA 159 -135.08 -57.99 22.33
C GLU MA 159 -133.99 -58.82 21.66
N VAL MA 160 -133.66 -59.94 22.31
CA VAL MA 160 -132.71 -60.90 21.76
C VAL MA 160 -133.21 -62.30 22.07
N PRO MA 161 -133.31 -63.19 21.08
CA PRO MA 161 -133.80 -64.54 21.34
C PRO MA 161 -132.70 -65.44 21.89
N VAL MA 162 -133.10 -66.64 22.29
CA VAL MA 162 -132.14 -67.60 22.81
C VAL MA 162 -131.35 -68.26 21.68
N ASP MA 163 -131.95 -68.39 20.51
CA ASP MA 163 -131.26 -69.01 19.40
C ASP MA 163 -130.22 -68.07 18.82
N PRO MA 164 -129.19 -68.62 18.18
CA PRO MA 164 -128.23 -67.76 17.48
C PRO MA 164 -128.88 -67.12 16.27
N MET MA 165 -128.19 -66.12 15.74
CA MET MA 165 -128.72 -65.37 14.61
C MET MA 165 -128.96 -66.30 13.43
N PRO MA 166 -130.18 -66.37 12.91
CA PRO MA 166 -130.47 -67.29 11.81
C PRO MA 166 -129.68 -66.93 10.56
N ALA MA 167 -129.33 -67.96 9.79
CA ALA MA 167 -128.44 -67.77 8.66
C ALA MA 167 -129.01 -66.81 7.64
N ALA MA 168 -130.32 -66.90 7.39
CA ALA MA 168 -130.94 -66.03 6.38
C ALA MA 168 -130.69 -64.57 6.70
N THR MA 169 -130.83 -64.19 7.97
CA THR MA 169 -130.57 -62.80 8.35
C THR MA 169 -129.11 -62.43 8.09
N THR MA 170 -128.19 -63.34 8.42
CA THR MA 170 -126.78 -63.06 8.19
C THR MA 170 -126.51 -62.71 6.73
N ALA MA 171 -127.22 -63.39 5.81
CA ALA MA 171 -127.07 -63.07 4.41
C ALA MA 171 -127.50 -61.64 4.12
N ALA MA 172 -128.55 -61.18 4.79
CA ALA MA 172 -129.01 -59.81 4.56
C ALA MA 172 -128.11 -58.79 5.22
N LEU MA 173 -127.59 -59.11 6.41
CA LEU MA 173 -126.82 -58.12 7.16
C LEU MA 173 -125.58 -57.68 6.41
N MET MA 174 -124.92 -58.61 5.72
CA MET MA 174 -123.64 -58.29 5.09
C MET MA 174 -123.78 -57.19 4.06
N ALA MA 175 -125.00 -56.92 3.59
CA ALA MA 175 -125.19 -55.82 2.65
C ALA MA 175 -124.94 -54.46 3.29
N TYR MA 176 -124.81 -54.39 4.61
CA TYR MA 176 -124.73 -53.12 5.32
C TYR MA 176 -123.41 -52.97 6.07
N ILE MA 177 -122.34 -53.57 5.57
CA ILE MA 177 -121.04 -53.33 6.17
C ILE MA 177 -120.60 -51.92 5.85
N GLY MA 178 -120.08 -51.22 6.86
CA GLY MA 178 -119.46 -49.94 6.62
C GLY MA 178 -120.40 -48.78 6.34
N VAL MA 179 -121.64 -48.85 6.80
CA VAL MA 179 -122.58 -47.75 6.61
C VAL MA 179 -122.92 -47.18 7.99
N PRO MA 180 -122.94 -45.87 8.16
CA PRO MA 180 -123.17 -45.30 9.49
C PRO MA 180 -124.59 -45.54 9.96
N ILE MA 181 -124.77 -45.35 11.27
CA ILE MA 181 -126.06 -45.63 11.90
C ILE MA 181 -127.16 -44.76 11.30
N ALA MA 182 -126.86 -43.48 11.06
CA ALA MA 182 -127.88 -42.57 10.56
C ALA MA 182 -128.43 -43.05 9.23
N HIS MA 183 -127.56 -43.44 8.31
CA HIS MA 183 -128.02 -43.96 7.03
C HIS MA 183 -128.88 -45.20 7.23
N LEU MA 184 -128.46 -46.09 8.15
CA LEU MA 184 -129.23 -47.29 8.41
C LEU MA 184 -130.64 -46.96 8.83
N ALA MA 185 -130.78 -46.02 9.76
CA ALA MA 185 -132.11 -45.63 10.22
C ALA MA 185 -132.95 -45.14 9.06
N GLN MA 186 -132.35 -44.33 8.18
CA GLN MA 186 -133.06 -43.87 7.01
C GLN MA 186 -133.52 -45.04 6.15
N THR MA 187 -132.64 -46.03 5.96
CA THR MA 187 -133.03 -47.20 5.20
C THR MA 187 -134.17 -47.94 5.90
N ALA MA 188 -134.04 -48.13 7.21
CA ALA MA 188 -135.08 -48.85 7.94
C ALA MA 188 -136.42 -48.13 7.83
N TYR MA 189 -136.40 -46.81 7.91
CA TYR MA 189 -137.64 -46.06 7.78
C TYR MA 189 -138.29 -46.29 6.43
N ARG MA 190 -137.50 -46.27 5.37
CA ARG MA 190 -138.05 -46.47 4.04
C ARG MA 190 -138.65 -47.86 3.89
N PHE MA 191 -137.95 -48.88 4.42
CA PHE MA 191 -138.40 -50.25 4.22
C PHE MA 191 -139.81 -50.46 4.74
N ALA MA 192 -140.04 -50.08 5.99
CA ALA MA 192 -141.37 -50.25 6.56
C ALA MA 192 -142.34 -49.19 6.10
N GLY MA 193 -141.91 -48.28 5.22
CA GLY MA 193 -142.74 -47.15 4.87
C GLY MA 193 -143.67 -47.34 3.69
N GLN MA 194 -143.19 -47.96 2.61
CA GLN MA 194 -143.93 -47.93 1.36
C GLN MA 194 -145.00 -49.01 1.26
N LEU MA 195 -144.61 -50.27 1.31
CA LEU MA 195 -145.58 -51.31 1.05
C LEU MA 195 -145.82 -52.17 2.29
N PRO MA 196 -147.00 -52.75 2.43
CA PRO MA 196 -147.26 -53.63 3.58
C PRO MA 196 -146.34 -54.83 3.57
N GLN MA 197 -145.90 -55.22 4.77
CA GLN MA 197 -144.97 -56.32 4.93
C GLN MA 197 -145.51 -57.29 5.98
N SER MA 198 -145.07 -58.54 5.86
CA SER MA 198 -145.48 -59.51 6.86
C SER MA 198 -144.59 -59.43 8.09
N PRO MA 199 -145.15 -59.61 9.29
CA PRO MA 199 -144.30 -59.60 10.49
C PRO MA 199 -143.21 -60.64 10.44
N ASP MA 200 -143.53 -61.82 9.91
CA ASP MA 200 -142.52 -62.84 9.66
C ASP MA 200 -141.84 -62.52 8.33
N SER MA 201 -140.63 -61.98 8.39
CA SER MA 201 -139.91 -61.64 7.19
C SER MA 201 -138.43 -61.51 7.52
N THR MA 202 -137.59 -61.94 6.58
CA THR MA 202 -136.15 -61.89 6.79
C THR MA 202 -135.70 -60.46 7.06
N MET MA 203 -136.21 -59.52 6.28
CA MET MA 203 -135.81 -58.13 6.46
C MET MA 203 -136.21 -57.63 7.83
N VAL MA 204 -137.40 -58.02 8.31
CA VAL MA 204 -137.87 -57.54 9.61
C VAL MA 204 -136.93 -58.00 10.70
N SER MA 205 -136.66 -59.31 10.75
CA SER MA 205 -135.76 -59.83 11.77
C SER MA 205 -134.37 -59.25 11.62
N THR MA 206 -133.96 -58.94 10.40
CA THR MA 206 -132.66 -58.33 10.18
C THR MA 206 -132.54 -57.02 10.94
N ILE MA 207 -133.52 -56.14 10.76
CA ILE MA 207 -133.46 -54.84 11.43
C ILE MA 207 -133.57 -55.01 12.93
N ARG MA 208 -134.36 -55.99 13.37
CA ARG MA 208 -134.48 -56.24 14.80
C ARG MA 208 -133.12 -56.55 15.41
N TRP MA 209 -132.34 -57.41 14.74
CA TRP MA 209 -131.00 -57.70 15.22
C TRP MA 209 -130.13 -56.45 15.19
N LEU MA 210 -130.25 -55.65 14.14
CA LEU MA 210 -129.49 -54.42 14.05
C LEU MA 210 -129.72 -53.55 15.28
N SER MA 211 -131.00 -53.38 15.64
CA SER MA 211 -131.32 -52.57 16.81
C SER MA 211 -130.64 -53.12 18.05
N ALA MA 212 -130.71 -54.43 18.23
CA ALA MA 212 -130.06 -55.04 19.40
C ALA MA 212 -128.56 -54.85 19.35
N ILE MA 213 -127.96 -55.07 18.18
CA ILE MA 213 -126.50 -54.98 18.08
C ILE MA 213 -126.02 -53.60 18.42
N TRP MA 214 -126.69 -52.58 17.88
CA TRP MA 214 -126.25 -51.21 18.11
C TRP MA 214 -126.29 -50.87 19.59
N PHE MA 215 -127.35 -51.29 20.28
CA PHE MA 215 -127.41 -51.07 21.72
C PHE MA 215 -126.26 -51.77 22.43
N GLY MA 216 -125.98 -53.01 22.02
CA GLY MA 216 -124.87 -53.73 22.62
C GLY MA 216 -123.56 -53.00 22.46
N SER MA 217 -123.33 -52.43 21.28
CA SER MA 217 -122.14 -51.63 21.08
C SER MA 217 -122.25 -50.30 21.82
N LEU MA 218 -123.45 -49.77 21.97
CA LEU MA 218 -123.61 -48.48 22.63
C LEU MA 218 -123.09 -48.53 24.06
N THR MA 219 -123.41 -49.61 24.77
CA THR MA 219 -122.86 -49.80 26.11
C THR MA 219 -121.39 -50.19 26.07
N GLY MA 220 -120.85 -50.48 24.89
CA GLY MA 220 -119.51 -50.99 24.78
C GLY MA 220 -119.37 -52.46 25.07
N ARG MA 221 -120.47 -53.13 25.45
CA ARG MA 221 -120.40 -54.57 25.70
C ARG MA 221 -119.98 -55.32 24.45
N LEU MA 222 -120.49 -54.91 23.30
CA LEU MA 222 -120.05 -55.43 22.02
C LEU MA 222 -118.99 -54.52 21.45
N ASN MA 223 -117.85 -55.10 21.07
CA ASN MA 223 -116.76 -54.35 20.48
C ASN MA 223 -115.95 -55.31 19.62
N ARG MA 224 -114.88 -54.79 19.01
CA ARG MA 224 -114.13 -55.60 18.08
C ARG MA 224 -113.46 -56.79 18.74
N SER MA 225 -113.39 -56.82 20.07
CA SER MA 225 -112.92 -58.01 20.77
C SER MA 225 -114.05 -58.98 21.10
N ARG MA 226 -115.30 -58.53 21.04
CA ARG MA 226 -116.44 -59.37 21.38
C ARG MA 226 -117.59 -58.99 20.46
N THR MA 227 -117.74 -59.73 19.37
CA THR MA 227 -118.76 -59.43 18.37
C THR MA 227 -120.03 -60.22 18.65
N CYS MA 228 -121.12 -59.77 18.02
CA CYS MA 228 -122.38 -60.52 18.11
C CYS MA 228 -122.30 -61.79 17.28
N ASN MA 229 -122.13 -61.64 15.98
CA ASN MA 229 -121.89 -62.77 15.09
C ASN MA 229 -120.82 -62.41 14.09
N GLY MA 230 -119.75 -61.79 14.57
CA GLY MA 230 -118.81 -61.11 13.72
C GLY MA 230 -119.13 -59.65 13.51
N PHE MA 231 -120.37 -59.26 13.75
CA PHE MA 231 -120.81 -57.88 13.58
C PHE MA 231 -120.61 -57.09 14.87
N TYR MA 232 -120.37 -55.80 14.71
CA TYR MA 232 -120.27 -54.86 15.82
C TYR MA 232 -120.18 -53.47 15.21
N PHE MA 233 -120.33 -52.46 16.06
CA PHE MA 233 -120.33 -51.08 15.62
C PHE MA 233 -119.03 -50.41 16.01
N GLU MA 234 -118.41 -49.73 15.06
CA GLU MA 234 -117.18 -48.98 15.28
C GLU MA 234 -117.51 -47.57 15.75
N PHE MA 235 -116.58 -46.96 16.47
CA PHE MA 235 -116.76 -45.62 16.98
C PHE MA 235 -115.53 -44.77 16.70
N ALA MA 236 -115.78 -43.49 16.43
CA ALA MA 236 -114.71 -42.50 16.28
C ALA MA 236 -114.50 -41.77 17.60
N LYS MA 237 -113.40 -41.03 17.67
CA LYS MA 237 -113.10 -40.26 18.86
C LYS MA 237 -114.19 -39.20 19.07
N PRO MA 238 -114.73 -39.07 20.28
CA PRO MA 238 -115.82 -38.10 20.48
C PRO MA 238 -115.41 -36.67 20.23
N ALA MA 239 -114.13 -36.36 20.29
CA ALA MA 239 -113.68 -34.98 20.08
C ALA MA 239 -113.97 -34.50 18.67
N LEU MA 240 -114.22 -35.41 17.72
CA LEU MA 240 -114.45 -35.04 16.34
C LEU MA 240 -115.17 -36.19 15.66
N ASN MA 241 -116.24 -35.88 14.93
CA ASN MA 241 -117.14 -36.87 14.39
C ASN MA 241 -117.66 -37.76 15.53
N PRO MA 242 -118.30 -37.18 16.54
CA PRO MA 242 -118.74 -38.00 17.68
C PRO MA 242 -119.88 -38.94 17.36
N ASP MA 243 -120.40 -38.89 16.14
CA ASP MA 243 -121.61 -39.61 15.78
C ASP MA 243 -121.44 -40.55 14.60
N GLN MA 244 -120.25 -40.65 14.02
CA GLN MA 244 -120.04 -41.46 12.83
C GLN MA 244 -119.71 -42.91 13.21
N ALA MA 245 -120.63 -43.52 13.94
CA ALA MA 245 -120.52 -44.93 14.26
C ALA MA 245 -121.03 -45.76 13.09
N VAL MA 246 -120.22 -46.73 12.66
CA VAL MA 246 -120.55 -47.54 11.49
C VAL MA 246 -120.53 -49.00 11.89
N LEU MA 247 -121.16 -49.82 11.05
CA LEU MA 247 -121.22 -51.25 11.27
C LEU MA 247 -119.99 -51.91 10.67
N LYS MA 248 -119.43 -52.87 11.40
CA LYS MA 248 -118.24 -53.59 10.97
C LYS MA 248 -118.43 -55.08 11.22
N TRP MA 249 -117.78 -55.88 10.38
CA TRP MA 249 -117.75 -57.32 10.54
C TRP MA 249 -116.33 -57.77 10.81
N ASN MA 250 -116.17 -58.77 11.66
CA ASN MA 250 -114.85 -59.18 12.09
C ASN MA 250 -114.86 -60.67 12.39
N ASP MA 251 -113.67 -61.27 12.36
CA ASP MA 251 -113.51 -62.70 12.54
C ASP MA 251 -113.17 -63.07 13.99
N GLY MA 252 -113.30 -62.13 14.92
CA GLY MA 252 -112.92 -62.37 16.29
C GLY MA 252 -113.94 -63.19 17.05
N ALA MA 253 -113.83 -63.14 18.37
CA ALA MA 253 -114.68 -63.93 19.23
C ALA MA 253 -116.13 -63.46 19.14
N ARG MA 254 -117.04 -64.37 19.47
CA ARG MA 254 -118.47 -64.10 19.45
C ARG MA 254 -119.04 -64.28 20.84
N ALA MA 255 -119.89 -63.36 21.26
CA ALA MA 255 -120.57 -63.49 22.53
C ALA MA 255 -121.56 -64.65 22.48
N ALA MA 256 -121.59 -65.43 23.54
CA ALA MA 256 -122.49 -66.58 23.59
C ALA MA 256 -123.93 -66.09 23.80
N PRO MA 257 -124.91 -66.88 23.36
CA PRO MA 257 -126.31 -66.46 23.48
C PRO MA 257 -126.74 -66.38 24.93
N PRO MA 258 -127.77 -65.60 25.24
CA PRO MA 258 -128.22 -65.48 26.62
C PRO MA 258 -128.85 -66.76 27.12
N ALA MA 259 -128.93 -66.87 28.45
CA ALA MA 259 -129.58 -68.02 29.06
C ALA MA 259 -131.06 -68.08 28.71
N ALA MA 260 -131.74 -66.94 28.74
CA ALA MA 260 -133.15 -66.86 28.42
C ALA MA 260 -133.39 -65.67 27.51
N ALA MA 261 -134.57 -65.63 26.90
CA ALA MA 261 -134.91 -64.54 26.01
C ALA MA 261 -134.92 -63.22 26.78
N GLN MA 262 -134.34 -62.20 26.17
CA GLN MA 262 -134.25 -60.87 26.77
C GLN MA 262 -135.05 -59.89 25.94
N SER MA 263 -135.72 -58.96 26.63
CA SER MA 263 -136.49 -57.92 25.96
C SER MA 263 -136.81 -56.83 26.96
N SER MA 264 -136.82 -55.59 26.48
CA SER MA 264 -137.18 -54.46 27.32
C SER MA 264 -137.47 -53.26 26.45
N TYR MA 265 -138.09 -52.25 27.06
CA TYR MA 265 -138.29 -50.96 26.44
C TYR MA 265 -137.24 -49.98 26.94
N MET MA 266 -136.83 -49.07 26.05
CA MET MA 266 -135.74 -48.15 26.33
C MET MA 266 -136.18 -46.72 26.06
N ARG MA 267 -135.48 -45.80 26.71
CA ARG MA 267 -135.79 -44.37 26.59
C ARG MA 267 -134.57 -43.57 27.03
N CYS MA 268 -134.41 -42.40 26.44
CA CYS MA 268 -133.40 -41.45 26.89
C CYS MA 268 -134.00 -40.53 27.94
N ILE MA 269 -133.33 -40.42 29.07
CA ILE MA 269 -133.89 -39.74 30.23
C ILE MA 269 -133.39 -38.30 30.35
N SER MA 270 -132.64 -37.81 29.37
CA SER MA 270 -132.09 -36.47 29.43
C SER MA 270 -132.37 -35.75 28.13
N PRO MA 271 -132.53 -34.43 28.16
CA PRO MA 271 -132.90 -33.69 26.94
C PRO MA 271 -131.86 -33.73 25.85
N HIS MA 272 -130.69 -34.34 26.08
CA HIS MA 272 -129.62 -34.30 25.09
C HIS MA 272 -130.07 -34.86 23.75
N TRP MA 273 -131.05 -35.77 23.75
CA TRP MA 273 -131.43 -36.44 22.52
C TRP MA 273 -131.97 -35.46 21.49
N GLN MA 274 -132.57 -34.35 21.94
CA GLN MA 274 -133.22 -33.44 21.00
C GLN MA 274 -132.25 -32.85 19.98
N HIS MA 275 -130.95 -32.88 20.26
CA HIS MA 275 -129.97 -32.38 19.31
C HIS MA 275 -128.90 -33.41 18.99
N GLN MA 276 -129.06 -34.65 19.43
CA GLN MA 276 -128.07 -35.70 19.20
C GLN MA 276 -128.65 -36.70 18.22
N ILE MA 277 -127.99 -36.85 17.07
CA ILE MA 277 -128.58 -37.58 15.96
C ILE MA 277 -128.73 -39.06 16.29
N VAL MA 278 -127.73 -39.64 16.95
CA VAL MA 278 -127.70 -41.09 17.09
C VAL MA 278 -128.89 -41.58 17.92
N GLU MA 279 -129.32 -40.80 18.91
CA GLU MA 279 -130.51 -41.19 19.66
C GLU MA 279 -131.72 -41.25 18.75
N VAL MA 280 -131.88 -40.25 17.90
CA VAL MA 280 -133.01 -40.23 16.98
C VAL MA 280 -132.95 -41.43 16.06
N ALA MA 281 -131.76 -41.70 15.51
CA ALA MA 281 -131.62 -42.83 14.60
C ALA MA 281 -131.96 -44.14 15.29
N GLY MA 282 -131.38 -44.38 16.46
CA GLY MA 282 -131.62 -45.62 17.16
C GLY MA 282 -133.08 -45.80 17.50
N ALA MA 283 -133.71 -44.74 18.02
CA ALA MA 283 -135.12 -44.81 18.37
C ALA MA 283 -135.97 -45.13 17.14
N LEU MA 284 -135.75 -44.38 16.05
CA LEU MA 284 -136.54 -44.60 14.86
C LEU MA 284 -136.35 -46.00 14.32
N MET MA 285 -135.11 -46.49 14.28
CA MET MA 285 -134.85 -47.81 13.75
C MET MA 285 -135.62 -48.86 14.53
N SER MA 286 -135.53 -48.84 15.86
CA SER MA 286 -136.28 -49.80 16.66
C SER MA 286 -137.77 -49.63 16.47
N GLN MA 287 -138.24 -48.37 16.46
CA GLN MA 287 -139.66 -48.13 16.29
C GLN MA 287 -140.17 -48.66 14.97
N SER MA 288 -139.33 -48.61 13.93
CA SER MA 288 -139.75 -49.12 12.62
C SER MA 288 -140.10 -50.59 12.70
N VAL MA 289 -139.30 -51.37 13.40
CA VAL MA 289 -139.59 -52.80 13.56
C VAL MA 289 -140.91 -52.99 14.29
N THR MA 290 -141.10 -52.27 15.39
CA THR MA 290 -142.33 -52.40 16.14
C THR MA 290 -143.54 -51.99 15.31
N ALA MA 291 -143.34 -51.06 14.39
CA ALA MA 291 -144.45 -50.60 13.57
C ALA MA 291 -145.03 -51.72 12.74
N VAL MA 292 -144.17 -52.49 12.06
CA VAL MA 292 -144.68 -53.54 11.20
C VAL MA 292 -145.20 -54.73 12.00
N THR MA 293 -144.55 -55.06 13.12
CA THR MA 293 -144.92 -56.23 13.89
C THR MA 293 -145.87 -55.90 15.04
N GLY MA 294 -146.14 -54.63 15.31
CA GLY MA 294 -146.95 -54.28 16.46
C GLY MA 294 -146.15 -54.35 17.74
N LEU MA 295 -146.81 -53.96 18.82
CA LEU MA 295 -146.16 -54.02 20.13
C LEU MA 295 -146.16 -55.45 20.65
N PRO MA 296 -145.00 -56.00 21.01
CA PRO MA 296 -145.00 -57.35 21.61
C PRO MA 296 -145.80 -57.43 22.89
N ALA MA 297 -145.78 -56.39 23.71
CA ALA MA 297 -146.50 -56.40 24.98
C ALA MA 297 -146.68 -54.97 25.46
N LEU MA 298 -147.53 -54.82 26.48
CA LEU MA 298 -147.79 -53.50 27.04
C LEU MA 298 -146.56 -52.99 27.79
N ILE MA 299 -146.51 -51.69 27.94
CA ILE MA 299 -145.39 -51.02 28.59
C ILE MA 299 -145.76 -50.73 30.04
N ASP MA 300 -144.75 -50.78 30.91
CA ASP MA 300 -144.96 -50.52 32.32
C ASP MA 300 -145.22 -49.03 32.55
N GLU MA 301 -146.34 -48.72 33.20
CA GLU MA 301 -146.70 -47.33 33.44
C GLU MA 301 -145.85 -46.67 34.50
N ALA MA 302 -145.13 -47.46 35.31
CA ALA MA 302 -144.62 -46.97 36.58
C ALA MA 302 -143.76 -45.72 36.44
N THR MA 303 -142.92 -45.67 35.40
CA THR MA 303 -141.97 -44.58 35.24
C THR MA 303 -142.40 -43.56 34.20
N LEU MA 304 -143.61 -43.63 33.71
CA LEU MA 304 -144.06 -42.76 32.64
C LEU MA 304 -144.79 -41.55 33.18
N PRO MA 305 -144.91 -40.48 32.39
CA PRO MA 305 -145.64 -39.29 32.86
C PRO MA 305 -147.11 -39.55 33.12
N ALA MA 306 -147.81 -38.52 33.61
CA ALA MA 306 -149.16 -38.70 34.11
C ALA MA 306 -150.12 -39.12 33.00
N TRP MA 307 -150.10 -38.41 31.87
CA TRP MA 307 -151.07 -38.68 30.83
C TRP MA 307 -150.90 -40.07 30.23
N SER MA 308 -149.76 -40.70 30.43
CA SER MA 308 -149.48 -42.02 29.88
C SER MA 308 -149.88 -43.15 30.81
N GLN MA 309 -150.51 -42.85 31.93
CA GLN MA 309 -150.85 -43.86 32.92
C GLN MA 309 -152.12 -44.59 32.48
N GLY MA 310 -151.96 -45.81 31.98
CA GLY MA 310 -153.09 -46.66 31.70
C GLY MA 310 -153.74 -46.45 30.35
N VAL MA 311 -152.93 -46.24 29.32
CA VAL MA 311 -153.48 -46.12 27.96
C VAL MA 311 -153.95 -47.49 27.50
N ALA MA 312 -155.08 -47.50 26.78
CA ALA MA 312 -155.84 -48.72 26.55
C ALA MA 312 -154.96 -49.84 25.98
N ASN MA 313 -154.42 -49.64 24.80
CA ASN MA 313 -153.65 -50.69 24.12
C ASN MA 313 -152.16 -50.46 24.20
N LEU MA 314 -151.70 -49.57 25.07
CA LEU MA 314 -150.29 -49.20 25.10
C LEU MA 314 -149.61 -49.51 26.42
N THR MA 315 -150.19 -49.08 27.53
CA THR MA 315 -149.53 -49.17 28.83
C THR MA 315 -150.38 -49.97 29.81
N GLY MA 316 -149.72 -50.57 30.78
CA GLY MA 316 -150.42 -51.35 31.78
C GLY MA 316 -149.52 -51.62 32.97
N ASN MA 317 -150.10 -52.30 33.95
CA ASN MA 317 -149.36 -52.68 35.15
C ASN MA 317 -149.62 -54.12 35.56
N GLY MA 318 -150.16 -54.93 34.65
CA GLY MA 318 -150.51 -56.30 34.96
C GLY MA 318 -149.31 -57.23 34.95
N GLN MA 319 -149.57 -58.49 34.57
CA GLN MA 319 -148.51 -59.50 34.59
C GLN MA 319 -147.61 -59.38 33.37
N GLY MA 320 -148.17 -59.60 32.18
CA GLY MA 320 -147.37 -59.55 30.97
C GLY MA 320 -147.06 -58.14 30.54
N VAL MA 321 -146.29 -57.43 31.35
CA VAL MA 321 -145.98 -56.02 31.10
C VAL MA 321 -144.46 -55.89 31.11
N VAL MA 322 -143.90 -55.61 29.94
CA VAL MA 322 -142.45 -55.45 29.83
C VAL MA 322 -142.03 -54.16 30.52
N PRO MA 323 -141.02 -54.18 31.38
CA PRO MA 323 -140.55 -52.94 32.00
C PRO MA 323 -139.83 -52.06 30.98
N CYS MA 324 -139.69 -50.79 31.35
CA CYS MA 324 -139.00 -49.82 30.51
C CYS MA 324 -137.82 -49.24 31.28
N LEU MA 325 -136.65 -49.26 30.67
CA LEU MA 325 -135.47 -48.66 31.25
C LEU MA 325 -135.17 -47.33 30.56
N ASP MA 326 -134.44 -46.47 31.26
CA ASP MA 326 -134.01 -45.20 30.72
C ASP MA 326 -132.60 -44.92 31.18
N TYR MA 327 -131.90 -44.06 30.43
CA TYR MA 327 -130.48 -43.85 30.66
C TYR MA 327 -130.10 -42.43 30.26
N ASN MA 328 -128.93 -42.02 30.70
CA ASN MA 328 -128.34 -40.75 30.36
C ASN MA 328 -127.09 -40.99 29.52
N PRO MA 329 -126.90 -40.25 28.42
CA PRO MA 329 -125.75 -40.54 27.56
C PRO MA 329 -124.41 -40.42 28.26
N VAL MA 330 -124.25 -39.46 29.15
CA VAL MA 330 -122.93 -39.19 29.75
C VAL MA 330 -122.48 -40.38 30.59
N PRO MA 331 -123.25 -40.86 31.57
CA PRO MA 331 -122.82 -42.07 32.27
C PRO MA 331 -122.70 -43.26 31.36
N MET MA 332 -123.55 -43.33 30.33
CA MET MA 332 -123.45 -44.41 29.36
C MET MA 332 -122.08 -44.41 28.69
N ALA MA 333 -121.61 -43.24 28.27
CA ALA MA 333 -120.30 -43.15 27.66
C ALA MA 333 -119.21 -43.59 28.64
N ALA MA 334 -119.34 -43.18 29.90
CA ALA MA 334 -118.38 -43.60 30.91
C ALA MA 334 -118.32 -45.11 31.01
N ALA MA 335 -119.49 -45.76 31.05
CA ALA MA 335 -119.52 -47.21 31.09
C ALA MA 335 -118.91 -47.81 29.84
N ARG MA 336 -119.20 -47.22 28.68
CA ARG MA 336 -118.64 -47.74 27.43
C ARG MA 336 -117.13 -47.66 27.45
N HIS MA 337 -116.58 -46.53 27.90
CA HIS MA 337 -115.14 -46.40 28.00
C HIS MA 337 -114.57 -47.42 28.98
N LEU MA 338 -115.25 -47.62 30.11
CA LEU MA 338 -114.77 -48.57 31.10
C LEU MA 338 -114.70 -49.97 30.52
N GLN MA 339 -115.71 -50.36 29.73
CA GLN MA 339 -115.67 -51.66 29.09
C GLN MA 339 -114.47 -51.78 28.17
N TRP MA 340 -114.15 -50.71 27.44
CA TRP MA 340 -113.05 -50.78 26.49
C TRP MA 340 -111.72 -51.02 27.19
N ARG MA 341 -111.48 -50.34 28.31
CA ARG MA 341 -110.22 -50.57 29.02
C ARG MA 341 -110.22 -51.93 29.71
N GLN MA 342 -111.37 -52.38 30.22
CA GLN MA 342 -111.43 -53.70 30.80
C GLN MA 342 -111.17 -54.77 29.76
N ASP MA 343 -111.72 -54.61 28.57
CA ASP MA 343 -111.40 -55.51 27.47
C ASP MA 343 -110.03 -55.25 26.87
N GLY MA 344 -109.34 -54.20 27.33
CA GLY MA 344 -107.97 -53.96 26.92
C GLY MA 344 -107.80 -53.20 25.63
N LEU MA 345 -108.87 -52.64 25.07
CA LEU MA 345 -108.71 -51.85 23.86
C LEU MA 345 -107.96 -50.55 24.12
N ILE MA 346 -108.05 -50.02 25.34
CA ILE MA 346 -107.44 -48.73 25.67
C ILE MA 346 -106.80 -48.81 27.05
N THR MA 347 -105.93 -47.85 27.33
CA THR MA 347 -105.34 -47.70 28.64
C THR MA 347 -106.14 -46.72 29.49
N ALA MA 348 -105.96 -46.82 30.80
CA ALA MA 348 -106.73 -45.98 31.72
C ALA MA 348 -106.49 -44.51 31.44
N ALA MA 349 -105.28 -44.15 31.02
CA ALA MA 349 -105.00 -42.76 30.69
C ALA MA 349 -105.91 -42.27 29.57
N GLN MA 350 -106.10 -43.10 28.54
CA GLN MA 350 -107.03 -42.75 27.48
C GLN MA 350 -108.45 -42.66 28.00
N GLU MA 351 -108.84 -43.59 28.87
CA GLU MA 351 -110.21 -43.60 29.37
C GLU MA 351 -110.54 -42.30 30.09
N ALA MA 352 -109.60 -41.81 30.89
CA ALA MA 352 -109.82 -40.53 31.54
C ALA MA 352 -110.00 -39.42 30.52
N GLN MA 353 -109.18 -39.42 29.47
CA GLN MA 353 -109.27 -38.39 28.45
C GLN MA 353 -110.61 -38.46 27.73
N LEU MA 354 -111.05 -39.67 27.39
CA LEU MA 354 -112.31 -39.81 26.65
C LEU MA 354 -113.47 -39.26 27.44
N ASN MA 355 -113.51 -39.54 28.74
CA ASN MA 355 -114.60 -39.01 29.56
C ASN MA 355 -114.59 -37.50 29.56
N ASN MA 356 -113.40 -36.90 29.69
CA ASN MA 356 -113.32 -35.43 29.65
C ASN MA 356 -113.82 -34.90 28.33
N ASP MA 357 -113.40 -35.51 27.22
CA ASP MA 357 -113.84 -35.05 25.91
C ASP MA 357 -115.35 -35.14 25.78
N TYR MA 358 -115.91 -36.29 26.12
CA TYR MA 358 -117.34 -36.49 25.93
C TYR MA 358 -118.15 -35.54 26.80
N THR MA 359 -117.74 -35.37 28.05
CA THR MA 359 -118.46 -34.46 28.93
C THR MA 359 -118.44 -33.05 28.39
N ALA MA 360 -117.28 -32.60 27.89
CA ALA MA 360 -117.21 -31.29 27.26
C ALA MA 360 -118.15 -31.22 26.07
N TYR MA 361 -118.16 -32.26 25.25
CA TYR MA 361 -119.05 -32.29 24.09
C TYR MA 361 -120.50 -32.23 24.53
N ALA MA 362 -120.85 -33.03 25.55
CA ALA MA 362 -122.23 -33.02 26.03
C ALA MA 362 -122.63 -31.66 26.57
N LEU MA 363 -121.68 -30.96 27.18
CA LEU MA 363 -122.00 -29.64 27.73
C LEU MA 363 -122.46 -28.69 26.64
N THR MA 364 -121.81 -28.75 25.48
CA THR MA 364 -122.23 -27.89 24.37
C THR MA 364 -123.67 -28.18 23.97
N ILE MA 365 -124.03 -29.45 23.92
CA ILE MA 365 -125.40 -29.82 23.57
C ILE MA 365 -126.38 -29.16 24.53
N GLU MA 366 -126.12 -29.29 25.82
CA GLU MA 366 -126.98 -28.67 26.81
C GLU MA 366 -127.01 -27.16 26.63
N ARG MA 367 -125.84 -26.56 26.45
CA ARG MA 367 -125.77 -25.10 26.31
C ARG MA 367 -126.53 -24.63 25.09
N HIS MA 368 -126.41 -25.38 23.98
CA HIS MA 368 -127.16 -25.02 22.77
C HIS MA 368 -128.65 -25.10 23.02
N LEU MA 369 -129.12 -26.22 23.57
CA LEU MA 369 -130.55 -26.42 23.74
C LEU MA 369 -131.15 -25.40 24.70
N THR MA 370 -130.50 -25.18 25.83
CA THR MA 370 -131.08 -24.28 26.82
C THR MA 370 -131.19 -22.86 26.27
N ALA MA 371 -130.19 -22.43 25.50
CA ALA MA 371 -130.31 -21.14 24.85
C ALA MA 371 -131.38 -21.15 23.78
N MET MA 372 -131.59 -22.29 23.13
CA MET MA 372 -132.57 -22.34 22.06
C MET MA 372 -134.00 -22.34 22.62
N LEU MA 373 -134.19 -22.84 23.83
CA LEU MA 373 -135.53 -22.92 24.39
C LEU MA 373 -136.11 -21.54 24.62
N VAL MA 374 -135.34 -20.64 25.23
CA VAL MA 374 -135.84 -19.29 25.48
C VAL MA 374 -136.09 -18.56 24.18
N ALA MA 375 -135.34 -18.90 23.13
CA ALA MA 375 -135.59 -18.29 21.83
C ALA MA 375 -136.92 -18.73 21.23
N ASN MA 376 -137.45 -19.87 21.66
CA ASN MA 376 -138.71 -20.40 21.13
C ASN MA 376 -139.61 -20.78 22.30
N PRO MA 377 -140.14 -19.80 23.02
CA PRO MA 377 -141.04 -20.11 24.14
C PRO MA 377 -142.26 -20.87 23.65
N ILE MA 378 -142.70 -21.83 24.45
CA ILE MA 378 -143.80 -22.69 24.03
C ILE MA 378 -145.09 -21.89 23.93
N ALA MA 379 -145.20 -20.79 24.68
CA ALA MA 379 -146.40 -19.97 24.61
C ALA MA 379 -146.53 -19.22 23.31
N ALA MA 380 -145.48 -19.20 22.48
CA ALA MA 380 -145.56 -18.49 21.20
C ALA MA 380 -146.63 -19.07 20.30
N GLY MA 381 -146.76 -20.40 20.29
CA GLY MA 381 -147.79 -21.03 19.49
C GLY MA 381 -147.36 -22.32 18.83
N ARG MA 382 -146.06 -22.50 18.67
CA ARG MA 382 -145.52 -23.72 18.10
C ARG MA 382 -144.41 -24.24 19.00
N MET MA 383 -144.23 -25.56 18.99
CA MET MA 383 -143.24 -26.18 19.86
C MET MA 383 -142.13 -26.80 19.02
N PRO MA 384 -141.18 -26.03 18.52
CA PRO MA 384 -140.07 -26.62 17.78
C PRO MA 384 -139.20 -27.53 18.63
N ILE MA 385 -139.10 -27.29 19.93
CA ILE MA 385 -138.34 -28.16 20.81
C ILE MA 385 -139.15 -28.42 22.08
N GLN MA 386 -139.00 -29.60 22.62
CA GLN MA 386 -139.74 -30.03 23.80
C GLN MA 386 -139.21 -29.32 25.05
N PRO MA 387 -140.10 -28.83 25.90
CA PRO MA 387 -139.64 -28.12 27.10
C PRO MA 387 -138.98 -29.06 28.10
N PHE MA 388 -138.19 -28.49 28.99
CA PHE MA 388 -137.45 -29.23 29.99
C PHE MA 388 -137.02 -28.28 31.10
N ASN MA 389 -136.31 -28.82 32.08
CA ASN MA 389 -135.73 -28.05 33.16
C ASN MA 389 -134.24 -28.32 33.22
N ALA MA 390 -133.49 -27.38 33.80
CA ALA MA 390 -132.04 -27.49 33.81
C ALA MA 390 -131.59 -28.74 34.53
N ALA MA 391 -132.30 -29.13 35.59
CA ALA MA 391 -131.91 -30.32 36.33
C ALA MA 391 -132.01 -31.59 35.50
N ASP MA 392 -132.79 -31.55 34.41
CA ASP MA 392 -132.97 -32.76 33.60
C ASP MA 392 -131.68 -33.21 32.94
N PHE MA 393 -130.70 -32.33 32.80
CA PHE MA 393 -129.43 -32.73 32.20
C PHE MA 393 -128.56 -33.54 33.15
N GLY MA 394 -128.87 -33.53 34.45
CA GLY MA 394 -128.08 -34.25 35.42
C GLY MA 394 -128.64 -35.57 35.88
N GLN MA 395 -129.82 -35.95 35.43
CA GLN MA 395 -130.44 -37.19 35.91
C GLN MA 395 -129.70 -38.40 35.37
N ALA MA 396 -129.35 -39.31 36.27
CA ALA MA 396 -128.71 -40.55 35.85
C ALA MA 396 -129.71 -41.60 35.40
N GLY MA 397 -130.95 -41.54 35.87
CA GLY MA 397 -131.96 -42.48 35.46
C GLY MA 397 -131.61 -43.90 35.89
N GLN MA 398 -132.01 -44.86 35.07
CA GLN MA 398 -131.74 -46.27 35.31
C GLN MA 398 -130.54 -46.75 34.52
N THR MA 399 -129.53 -45.89 34.34
CA THR MA 399 -128.41 -46.22 33.46
C THR MA 399 -127.70 -47.47 33.94
N ALA MA 400 -127.52 -47.62 35.25
CA ALA MA 400 -126.84 -48.80 35.78
C ALA MA 400 -127.58 -50.07 35.40
N ALA MA 401 -128.91 -50.05 35.48
CA ALA MA 401 -129.68 -51.21 35.06
C ALA MA 401 -129.53 -51.45 33.57
N ALA MA 402 -129.42 -50.37 32.79
CA ALA MA 402 -129.32 -50.51 31.34
C ALA MA 402 -128.10 -51.32 30.95
N VAL MA 403 -126.92 -50.92 31.46
CA VAL MA 403 -125.70 -51.65 31.12
C VAL MA 403 -125.77 -53.07 31.67
N ALA MA 404 -126.44 -53.25 32.81
CA ALA MA 404 -126.63 -54.60 33.35
C ALA MA 404 -127.40 -55.47 32.37
N LEU MA 405 -128.43 -54.90 31.73
CA LEU MA 405 -129.21 -55.66 30.77
C LEU MA 405 -128.33 -56.08 29.58
N ALA MA 406 -127.54 -55.15 29.06
CA ALA MA 406 -126.70 -55.48 27.92
C ALA MA 406 -125.72 -56.60 28.26
N GLN MA 407 -125.14 -56.53 29.46
CA GLN MA 407 -124.26 -57.61 29.90
C GLN MA 407 -125.03 -58.92 30.00
N ALA MA 408 -126.25 -58.87 30.52
CA ALA MA 408 -127.10 -60.05 30.52
C ALA MA 408 -127.58 -60.41 29.12
N MET MA 409 -127.62 -59.44 28.21
CA MET MA 409 -128.12 -59.71 26.87
C MET MA 409 -127.07 -60.36 26.00
N PHE MA 410 -125.85 -59.85 26.02
CA PHE MA 410 -124.73 -60.42 25.27
C PHE MA 410 -123.75 -61.01 26.27
N VAL MA 411 -123.61 -62.33 26.24
CA VAL MA 411 -122.80 -63.01 27.23
C VAL MA 411 -122.08 -64.21 26.59
N ALA NA 1 -10.12 -63.28 44.80
CA ALA NA 1 -10.95 -62.11 44.59
C ALA NA 1 -10.32 -61.16 43.58
N ALA NA 2 -10.24 -61.61 42.33
CA ALA NA 2 -9.66 -60.80 41.27
C ALA NA 2 -10.35 -61.13 39.96
N VAL NA 3 -10.61 -60.11 39.15
CA VAL NA 3 -11.26 -60.26 37.86
C VAL NA 3 -10.35 -59.64 36.81
N PHE NA 4 -9.90 -60.47 35.86
CA PHE NA 4 -8.91 -60.05 34.89
C PHE NA 4 -7.75 -59.35 35.60
N GLY NA 5 -7.60 -58.04 35.35
CA GLY NA 5 -6.57 -57.26 35.99
C GLY NA 5 -7.04 -56.41 37.15
N ILE NA 6 -8.24 -56.64 37.66
CA ILE NA 6 -8.79 -55.83 38.74
C ILE NA 6 -8.70 -56.61 40.04
N GLN NA 7 -8.26 -55.92 41.10
CA GLN NA 7 -8.09 -56.51 42.41
C GLN NA 7 -9.19 -56.04 43.34
N LEU NA 8 -9.76 -56.97 44.10
CA LEU NA 8 -10.91 -56.68 44.95
C LEU NA 8 -10.65 -57.16 46.37
N VAL NA 9 -11.11 -56.39 47.35
CA VAL NA 9 -10.99 -56.76 48.74
C VAL NA 9 -12.13 -57.71 49.10
N PRO NA 10 -11.98 -58.56 50.12
CA PRO NA 10 -13.02 -59.55 50.42
C PRO NA 10 -14.23 -59.00 51.14
N LYS NA 11 -14.33 -57.70 51.38
CA LYS NA 11 -15.41 -57.12 52.15
C LYS NA 11 -16.40 -56.39 51.25
N LEU NA 12 -17.68 -56.56 51.55
CA LEU NA 12 -18.75 -55.93 50.79
C LEU NA 12 -19.30 -54.73 51.54
N ASN NA 13 -19.65 -53.68 50.80
CA ASN NA 13 -20.22 -52.50 51.41
C ASN NA 13 -21.03 -51.73 50.38
N THR NA 14 -22.23 -51.30 50.79
CA THR NA 14 -23.06 -50.44 49.97
C THR NA 14 -24.10 -49.78 50.85
N SER NA 15 -24.66 -48.67 50.34
CA SER NA 15 -25.68 -47.96 51.08
C SER NA 15 -26.96 -48.79 51.16
N THR NA 16 -27.88 -48.32 52.00
CA THR NA 16 -29.01 -49.15 52.39
C THR NA 16 -30.38 -48.56 52.06
N THR NA 17 -30.48 -47.28 51.72
CA THR NA 17 -31.79 -46.70 51.46
C THR NA 17 -31.69 -45.74 50.29
N ARG NA 18 -32.79 -45.64 49.55
CA ARG NA 18 -32.85 -44.84 48.33
C ARG NA 18 -33.58 -43.52 48.60
N ARG NA 19 -32.99 -42.43 48.13
CA ARG NA 19 -33.66 -41.13 48.23
C ARG NA 19 -34.75 -41.05 47.16
N THR NA 20 -35.93 -40.62 47.58
CA THR NA 20 -37.03 -40.45 46.63
C THR NA 20 -36.83 -39.19 45.80
N PHE NA 21 -37.36 -39.22 44.58
CA PHE NA 21 -37.28 -38.06 43.71
C PHE NA 21 -38.35 -37.05 44.05
N LEU NA 22 -38.02 -35.76 43.89
CA LEU NA 22 -39.00 -34.70 44.05
C LEU NA 22 -38.77 -33.70 42.93
N PRO NA 23 -39.82 -33.27 42.26
CA PRO NA 23 -39.66 -32.31 41.16
C PRO NA 23 -39.36 -30.92 41.69
N LEU NA 24 -38.91 -30.06 40.78
CA LEU NA 24 -38.49 -28.71 41.11
C LEU NA 24 -39.67 -27.77 41.07
N ARG NA 25 -39.87 -27.02 42.16
CA ARG NA 25 -40.90 -26.01 42.20
C ARG NA 25 -40.56 -24.86 41.25
N PHE NA 26 -41.61 -24.19 40.77
CA PHE NA 26 -41.40 -23.11 39.80
C PHE NA 26 -40.57 -21.99 40.38
N ASP NA 27 -40.87 -21.58 41.62
CA ASP NA 27 -40.12 -20.50 42.24
C ASP NA 27 -38.66 -20.88 42.44
N LEU NA 28 -38.42 -22.10 42.90
CA LEU NA 28 -37.04 -22.53 43.12
C LEU NA 28 -36.26 -22.51 41.82
N LEU NA 29 -36.91 -22.85 40.71
CA LEU NA 29 -36.23 -22.81 39.42
C LEU NA 29 -35.74 -21.40 39.11
N LEU NA 30 -36.59 -20.40 39.31
CA LEU NA 30 -36.19 -19.03 39.05
C LEU NA 30 -35.02 -18.62 39.93
N ASP NA 31 -35.01 -19.10 41.17
CA ASP NA 31 -33.92 -18.75 42.08
C ASP NA 31 -32.59 -19.25 41.55
N ARG NA 32 -32.55 -20.51 41.10
CA ARG NA 32 -31.31 -21.05 40.57
C ARG NA 32 -30.83 -20.27 39.36
N LEU NA 33 -31.75 -19.95 38.45
CA LEU NA 33 -31.37 -19.21 37.26
C LEU NA 33 -30.97 -17.77 37.60
N GLN NA 34 -31.58 -17.19 38.62
CA GLN NA 34 -31.27 -15.81 38.99
C GLN NA 34 -30.08 -15.71 39.92
N SER NA 35 -29.41 -16.81 40.22
CA SER NA 35 -28.27 -16.78 41.13
C SER NA 35 -27.23 -15.80 40.62
N THR NA 36 -26.70 -14.97 41.53
CA THR NA 36 -25.77 -13.93 41.14
C THR NA 36 -24.53 -14.51 40.46
N ASN NA 37 -24.12 -15.71 40.86
CA ASN NA 37 -23.05 -16.43 40.18
C ASN NA 37 -23.54 -17.84 39.92
N LEU NA 38 -23.39 -18.30 38.68
CA LEU NA 38 -23.89 -19.61 38.29
C LEU NA 38 -22.85 -20.70 38.41
N HIS NA 39 -21.56 -20.35 38.48
CA HIS NA 39 -20.55 -21.35 38.72
C HIS NA 39 -20.81 -22.03 40.06
N GLY NA 40 -20.73 -23.36 40.07
CA GLY NA 40 -21.06 -24.11 41.24
C GLY NA 40 -22.54 -24.25 41.51
N VAL NA 41 -23.38 -23.58 40.72
CA VAL NA 41 -24.83 -23.68 40.84
C VAL NA 41 -25.42 -24.35 39.61
N LEU NA 42 -25.04 -23.88 38.43
CA LEU NA 42 -25.51 -24.45 37.18
C LEU NA 42 -24.42 -25.23 36.45
N TYR NA 43 -23.16 -24.91 36.70
CA TYR NA 43 -22.05 -25.60 36.08
C TYR NA 43 -20.85 -25.49 37.01
N ARG NA 44 -19.86 -26.34 36.76
CA ARG NA 44 -18.64 -26.30 37.55
C ARG NA 44 -17.45 -26.55 36.64
N ALA NA 45 -16.38 -25.81 36.87
CA ALA NA 45 -15.14 -25.98 36.12
C ALA NA 45 -14.28 -27.02 36.81
N LEU NA 46 -13.93 -28.07 36.08
CA LEU NA 46 -13.07 -29.12 36.61
C LEU NA 46 -11.60 -28.81 36.41
N ASP NA 47 -11.27 -27.67 35.81
CA ASP NA 47 -9.93 -27.47 35.26
C ASP NA 47 -9.40 -26.06 35.49
N PHE NA 48 -9.97 -25.32 36.44
CA PHE NA 48 -9.64 -23.90 36.54
C PHE NA 48 -8.19 -23.69 36.93
N ASN NA 49 -7.51 -22.80 36.21
CA ASN NA 49 -6.16 -22.40 36.55
C ASN NA 49 -6.21 -21.01 37.15
N PRO NA 50 -6.07 -20.86 38.46
CA PRO NA 50 -6.19 -19.52 39.07
C PRO NA 50 -5.08 -18.57 38.66
N VAL NA 51 -3.92 -19.08 38.21
CA VAL NA 51 -2.87 -18.19 37.73
C VAL NA 51 -3.38 -17.38 36.56
N ASP NA 52 -4.07 -18.02 35.64
CA ASP NA 52 -4.83 -17.33 34.61
C ASP NA 52 -6.26 -17.15 35.11
N ARG NA 53 -7.16 -16.79 34.22
CA ARG NA 53 -8.57 -16.76 34.55
C ARG NA 53 -9.30 -17.75 33.66
N SER NA 54 -8.73 -18.95 33.49
CA SER NA 54 -9.16 -19.84 32.45
C SER NA 54 -9.34 -21.26 32.97
N ALA NA 55 -10.28 -21.97 32.36
CA ALA NA 55 -10.43 -23.41 32.49
C ALA NA 55 -10.67 -23.97 31.10
N THR NA 56 -10.80 -25.29 30.99
CA THR NA 56 -10.98 -25.92 29.69
C THR NA 56 -12.08 -26.96 29.63
N VAL NA 57 -12.48 -27.54 30.75
CA VAL NA 57 -13.53 -28.54 30.77
C VAL NA 57 -14.56 -28.13 31.82
N ILE NA 58 -15.84 -28.16 31.45
CA ILE NA 58 -16.92 -27.75 32.31
C ILE NA 58 -17.87 -28.91 32.50
N GLN NA 59 -18.32 -29.11 33.74
CA GLN NA 59 -19.36 -30.07 34.05
C GLN NA 59 -20.66 -29.34 34.30
N THR NA 60 -21.74 -29.85 33.72
CA THR NA 60 -23.03 -29.19 33.73
C THR NA 60 -23.95 -29.86 34.73
N TYR NA 61 -25.07 -29.21 35.01
CA TYR NA 61 -26.00 -29.58 36.06
C TYR NA 61 -27.42 -29.58 35.52
N PRO NA 62 -28.36 -30.22 36.21
CA PRO NA 62 -29.62 -30.68 35.57
C PRO NA 62 -30.25 -29.65 34.65
N PRO NA 63 -30.50 -28.41 35.09
CA PRO NA 63 -31.21 -27.49 34.19
C PRO NA 63 -30.49 -27.25 32.89
N LEU NA 64 -29.16 -27.41 32.89
CA LEU NA 64 -28.35 -27.16 31.70
C LEU NA 64 -27.89 -28.43 31.01
N ASN NA 65 -27.62 -29.50 31.76
CA ASN NA 65 -26.99 -30.67 31.16
C ASN NA 65 -27.85 -31.35 30.11
N ALA NA 66 -29.09 -30.91 29.91
CA ALA NA 66 -29.91 -31.44 28.84
C ALA NA 66 -29.59 -30.80 27.49
N TRP NA 67 -28.70 -29.81 27.46
CA TRP NA 67 -28.42 -29.08 26.24
C TRP NA 67 -27.60 -29.93 25.28
N SER NA 68 -27.92 -29.81 24.00
CA SER NA 68 -27.11 -30.36 22.91
C SER NA 68 -26.68 -29.22 22.00
N PRO NA 69 -25.47 -28.71 22.13
CA PRO NA 69 -25.07 -27.54 21.34
C PRO NA 69 -25.11 -27.82 19.85
N HIS NA 70 -25.48 -26.80 19.10
CA HIS NA 70 -25.43 -26.90 17.64
C HIS NA 70 -23.97 -26.95 17.19
N PRO NA 71 -23.71 -27.55 16.03
CA PRO NA 71 -22.31 -27.80 15.63
C PRO NA 71 -21.48 -26.54 15.50
N ALA NA 72 -22.09 -25.41 15.15
CA ALA NA 72 -21.34 -24.17 15.01
C ALA NA 72 -20.58 -23.86 16.29
N PHE NA 73 -21.20 -24.10 17.44
CA PHE NA 73 -20.51 -23.92 18.70
C PHE NA 73 -19.38 -24.94 18.85
N ILE NA 74 -19.64 -26.19 18.51
CA ILE NA 74 -18.68 -27.26 18.77
C ILE NA 74 -17.40 -27.03 17.97
N GLU NA 75 -17.55 -26.74 16.68
CA GLU NA 75 -16.39 -26.62 15.81
C GLU NA 75 -15.57 -25.38 16.08
N ASN NA 76 -16.07 -24.45 16.89
CA ASN NA 76 -15.37 -23.21 17.18
C ASN NA 76 -15.64 -22.82 18.63
N PRO NA 77 -15.01 -23.49 19.58
CA PRO NA 77 -15.29 -23.21 20.99
C PRO NA 77 -14.79 -21.84 21.39
N LEU NA 78 -15.43 -21.28 22.41
CA LEU NA 78 -15.00 -20.04 23.02
C LEU NA 78 -14.23 -20.33 24.30
N ASP NA 79 -13.67 -19.29 24.89
CA ASP NA 79 -12.86 -19.44 26.08
C ASP NA 79 -13.71 -19.32 27.34
N TYR NA 80 -13.07 -19.49 28.49
CA TYR NA 80 -13.80 -19.49 29.76
C TYR NA 80 -14.42 -18.13 30.03
N ARG NA 81 -13.68 -17.05 29.79
CA ARG NA 81 -14.21 -15.73 30.08
C ARG NA 81 -15.43 -15.42 29.22
N ASP NA 82 -15.42 -15.84 27.96
CA ASP NA 82 -16.61 -15.68 27.15
C ASP NA 82 -17.73 -16.60 27.63
N TRP NA 83 -17.37 -17.80 28.09
CA TRP NA 83 -18.39 -18.74 28.54
C TRP NA 83 -19.20 -18.17 29.70
N THR NA 84 -18.52 -17.68 30.73
CA THR NA 84 -19.23 -17.17 31.89
C THR NA 84 -20.10 -15.98 31.51
N GLU NA 85 -19.61 -15.15 30.59
CA GLU NA 85 -20.44 -14.05 30.10
C GLU NA 85 -21.64 -14.56 29.32
N PHE NA 86 -21.42 -15.54 28.43
CA PHE NA 86 -22.50 -16.02 27.59
C PHE NA 86 -23.62 -16.64 28.42
N ILE NA 87 -23.26 -17.44 29.42
CA ILE NA 87 -24.28 -18.12 30.21
C ILE NA 87 -25.09 -17.11 31.01
N HIS NA 88 -24.41 -16.18 31.68
CA HIS NA 88 -25.13 -15.21 32.50
C HIS NA 88 -26.11 -14.41 31.68
N ASP NA 89 -25.79 -14.15 30.42
CA ASP NA 89 -26.74 -13.47 29.54
C ASP NA 89 -27.95 -14.35 29.25
N ARG NA 90 -27.70 -15.59 28.81
CA ARG NA 90 -28.81 -16.45 28.40
C ARG NA 90 -29.73 -16.78 29.56
N ALA NA 91 -29.15 -17.03 30.73
CA ALA NA 91 -29.96 -17.38 31.89
C ALA NA 91 -30.99 -16.29 32.20
N LEU NA 92 -30.51 -15.05 32.26
CA LEU NA 92 -31.42 -13.95 32.54
C LEU NA 92 -32.48 -13.81 31.46
N ALA NA 93 -32.06 -13.91 30.19
CA ALA NA 93 -33.02 -13.82 29.10
C ALA NA 93 -34.06 -14.93 29.19
N PHE NA 94 -33.61 -16.14 29.48
CA PHE NA 94 -34.54 -17.27 29.59
C PHE NA 94 -35.52 -17.03 30.73
N VAL NA 95 -35.05 -16.45 31.83
CA VAL NA 95 -35.94 -16.14 32.94
C VAL NA 95 -37.03 -15.19 32.49
N GLY NA 96 -36.66 -14.16 31.75
CA GLY NA 96 -37.64 -13.19 31.30
C GLY NA 96 -38.75 -13.83 30.50
N VAL NA 97 -38.40 -14.76 29.61
CA VAL NA 97 -39.41 -15.47 28.84
C VAL NA 97 -40.32 -16.26 29.76
N LEU NA 98 -39.72 -17.00 30.69
CA LEU NA 98 -40.52 -17.83 31.58
C LEU NA 98 -41.45 -16.99 32.45
N THR NA 99 -41.08 -15.75 32.72
CA THR NA 99 -41.88 -14.90 33.58
C THR NA 99 -42.80 -13.96 32.80
N GLN NA 100 -42.51 -13.71 31.53
CA GLN NA 100 -43.46 -12.97 30.72
C GLN NA 100 -44.79 -13.71 30.63
N ARG NA 101 -44.72 -15.02 30.43
CA ARG NA 101 -45.84 -15.90 30.70
C ARG NA 101 -45.77 -16.36 32.14
N TYR NA 102 -46.87 -16.91 32.64
CA TYR NA 102 -46.89 -17.50 33.98
C TYR NA 102 -46.35 -16.54 35.03
N PRO NA 103 -47.07 -15.49 35.38
CA PRO NA 103 -46.60 -14.60 36.45
C PRO NA 103 -46.37 -15.38 37.73
N LEU NA 104 -45.32 -14.98 38.46
CA LEU NA 104 -44.82 -15.81 39.54
C LEU NA 104 -45.86 -16.01 40.64
N THR NA 105 -46.55 -14.94 41.02
CA THR NA 105 -47.43 -15.02 42.18
C THR NA 105 -48.57 -16.01 41.99
N GLN NA 106 -48.88 -16.37 40.75
CA GLN NA 106 -49.93 -17.34 40.48
C GLN NA 106 -49.39 -18.72 40.17
N ASN NA 107 -48.08 -18.91 40.17
CA ASN NA 107 -47.52 -20.17 39.69
C ASN NA 107 -46.36 -20.71 40.52
N ALA NA 108 -46.01 -20.06 41.64
CA ALA NA 108 -44.83 -20.48 42.39
C ALA NA 108 -44.97 -21.90 42.90
N GLN NA 109 -46.19 -22.35 43.17
CA GLN NA 109 -46.40 -23.66 43.77
C GLN NA 109 -46.35 -24.80 42.76
N ARG NA 110 -46.43 -24.50 41.47
CA ARG NA 110 -46.54 -25.55 40.48
C ARG NA 110 -45.19 -26.22 40.25
N TYR NA 111 -45.24 -27.49 39.87
CA TYR NA 111 -44.04 -28.29 39.65
C TYR NA 111 -43.73 -28.36 38.17
N THR NA 112 -42.48 -28.08 37.82
CA THR NA 112 -42.06 -28.14 36.43
C THR NA 112 -41.74 -29.56 36.02
N ASN NA 113 -42.08 -29.91 34.78
CA ASN NA 113 -41.68 -31.19 34.24
C ASN NA 113 -40.22 -31.13 33.86
N PRO NA 114 -39.36 -31.94 34.46
CA PRO NA 114 -37.92 -31.83 34.17
C PRO NA 114 -37.60 -32.09 32.71
N LEU NA 115 -38.29 -33.04 32.08
CA LEU NA 115 -38.00 -33.33 30.68
C LEU NA 115 -38.31 -32.13 29.80
N VAL NA 116 -39.49 -31.55 29.97
CA VAL NA 116 -39.87 -30.40 29.16
C VAL NA 116 -38.93 -29.24 29.42
N LEU NA 117 -38.61 -29.00 30.69
CA LEU NA 117 -37.74 -27.89 31.03
C LEU NA 117 -36.38 -28.07 30.37
N GLY NA 118 -35.84 -29.29 30.41
CA GLY NA 118 -34.55 -29.52 29.79
C GLY NA 118 -34.59 -29.26 28.30
N ALA NA 119 -35.60 -29.79 27.62
CA ALA NA 119 -35.71 -29.59 26.18
C ALA NA 119 -35.90 -28.12 25.84
N ALA NA 120 -36.80 -27.44 26.55
CA ALA NA 120 -37.08 -26.04 26.24
C ALA NA 120 -35.84 -25.19 26.43
N PHE NA 121 -35.15 -25.36 27.56
CA PHE NA 121 -33.95 -24.57 27.80
C PHE NA 121 -32.89 -24.86 26.76
N GLY NA 122 -32.70 -26.13 26.42
CA GLY NA 122 -31.68 -26.49 25.45
C GLY NA 122 -31.90 -25.84 24.10
N ASP NA 123 -33.14 -25.80 23.64
CA ASP NA 123 -33.43 -25.13 22.38
C ASP NA 123 -33.17 -23.64 22.49
N PHE NA 124 -33.48 -23.04 23.64
CA PHE NA 124 -33.42 -21.59 23.77
C PHE NA 124 -32.02 -21.08 23.47
N LEU NA 125 -31.01 -21.62 24.12
CA LEU NA 125 -29.66 -21.16 23.86
C LEU NA 125 -29.09 -21.73 22.57
N ASN NA 126 -29.80 -22.66 21.93
CA ASN NA 126 -29.50 -23.01 20.55
C ASN NA 126 -30.15 -22.05 19.57
N ALA NA 127 -30.72 -20.96 20.06
CA ALA NA 127 -31.37 -19.95 19.22
C ALA NA 127 -32.49 -20.56 18.39
N ARG NA 128 -33.34 -21.34 19.03
CA ARG NA 128 -34.48 -21.96 18.39
C ARG NA 128 -35.73 -21.69 19.22
N SER NA 129 -36.85 -21.46 18.56
CA SER NA 129 -38.07 -21.07 19.25
C SER NA 129 -38.56 -22.19 20.16
N ILE NA 130 -39.22 -21.80 21.25
CA ILE NA 130 -39.55 -22.75 22.31
C ILE NA 130 -41.02 -22.65 22.70
N ASP NA 131 -41.81 -21.95 21.89
CA ASP NA 131 -43.19 -21.66 22.29
C ASP NA 131 -43.98 -22.94 22.54
N ILE NA 132 -43.75 -23.97 21.74
CA ILE NA 132 -44.51 -25.20 21.87
C ILE NA 132 -44.35 -25.79 23.27
N PHE NA 133 -43.18 -25.64 23.87
CA PHE NA 133 -42.94 -26.25 25.17
C PHE NA 133 -43.62 -25.50 26.30
N LEU NA 134 -43.71 -24.17 26.18
CA LEU NA 134 -44.18 -23.37 27.31
C LEU NA 134 -45.59 -23.76 27.73
N ASP NA 135 -46.38 -24.29 26.80
CA ASP NA 135 -47.74 -24.68 27.15
C ASP NA 135 -47.78 -25.85 28.12
N ARG NA 136 -46.71 -26.64 28.20
CA ARG NA 136 -46.74 -27.86 28.98
C ARG NA 136 -45.57 -27.92 29.95
N LEU NA 137 -45.25 -26.80 30.58
CA LEU NA 137 -44.11 -26.76 31.48
C LEU NA 137 -44.40 -27.43 32.82
N PHE NA 138 -45.65 -27.52 33.22
CA PHE NA 138 -46.01 -28.01 34.54
C PHE NA 138 -46.74 -29.34 34.46
N TYR NA 139 -46.76 -30.04 35.59
CA TYR NA 139 -47.50 -31.29 35.70
C TYR NA 139 -47.81 -31.53 37.17
N GLY NA 140 -48.86 -32.33 37.40
CA GLY NA 140 -49.27 -32.65 38.75
C GLY NA 140 -48.71 -33.99 39.19
N PRO NA 141 -47.63 -33.95 39.97
CA PRO NA 141 -46.92 -35.21 40.28
C PRO NA 141 -47.77 -36.21 41.02
N THR NA 142 -48.77 -35.76 41.78
CA THR NA 142 -49.65 -36.68 42.47
C THR NA 142 -50.57 -37.42 41.52
N GLN NA 143 -50.74 -36.92 40.29
CA GLN NA 143 -51.69 -37.51 39.36
C GLN NA 143 -51.04 -38.26 38.21
N GLU NA 144 -49.77 -37.98 37.91
CA GLU NA 144 -49.09 -38.67 36.81
C GLU NA 144 -47.59 -38.48 36.97
N SER NA 145 -46.85 -39.11 36.09
CA SER NA 145 -45.40 -39.03 36.03
C SER NA 145 -44.98 -37.97 35.03
N PRO NA 146 -43.74 -37.49 35.11
CA PRO NA 146 -43.26 -36.55 34.09
C PRO NA 146 -43.31 -37.13 32.69
N ILE NA 147 -43.26 -38.44 32.55
CA ILE NA 147 -43.40 -39.04 31.22
C ILE NA 147 -44.85 -39.03 30.78
N THR NA 148 -45.72 -39.66 31.58
CA THR NA 148 -47.12 -39.81 31.18
C THR NA 148 -47.79 -38.47 30.95
N SER NA 149 -47.36 -37.43 31.69
CA SER NA 149 -47.88 -36.10 31.43
C SER NA 149 -47.61 -35.66 30.00
N ILE NA 150 -46.53 -36.14 29.41
CA ILE NA 150 -46.18 -35.72 28.07
C ILE NA 150 -46.91 -36.53 27.03
N THR NA 151 -47.08 -37.83 27.27
CA THR NA 151 -47.66 -38.72 26.27
C THR NA 151 -49.12 -38.39 25.98
N LYS NA 152 -49.66 -37.38 26.65
CA LYS NA 152 -50.99 -36.90 26.32
C LYS NA 152 -51.05 -36.28 24.93
N PHE NA 153 -49.91 -35.97 24.33
CA PHE NA 153 -49.85 -35.28 23.04
C PHE NA 153 -48.93 -36.07 22.11
N PRO NA 154 -49.37 -37.24 21.67
CA PRO NA 154 -48.49 -38.17 20.92
C PRO NA 154 -48.28 -37.79 19.47
N TYR NA 155 -47.34 -36.88 19.24
CA TYR NA 155 -46.97 -36.49 17.89
C TYR NA 155 -45.60 -35.82 17.94
N GLN NA 156 -45.04 -35.60 16.76
CA GLN NA 156 -43.72 -34.98 16.67
C GLN NA 156 -43.83 -33.52 17.05
N TRP NA 157 -43.54 -33.20 18.31
CA TRP NA 157 -43.56 -31.81 18.74
C TRP NA 157 -42.58 -30.98 17.92
N THR NA 158 -41.33 -31.43 17.86
CA THR NA 158 -40.34 -30.77 17.05
C THR NA 158 -39.36 -31.81 16.56
N ILE NA 159 -38.45 -31.36 15.69
CA ILE NA 159 -37.57 -32.29 14.99
C ILE NA 159 -36.68 -33.06 15.95
N ASP NA 160 -36.41 -32.51 17.13
CA ASP NA 160 -35.56 -33.16 18.11
C ASP NA 160 -36.32 -33.65 19.33
N PHE NA 161 -37.65 -33.59 19.30
CA PHE NA 161 -38.46 -34.02 20.44
C PHE NA 161 -39.70 -34.70 19.87
N ASN NA 162 -39.68 -36.02 19.82
CA ASN NA 162 -40.74 -36.81 19.23
C ASN NA 162 -41.35 -37.72 20.29
N VAL NA 163 -42.67 -37.69 20.40
CA VAL NA 163 -43.38 -38.43 21.44
C VAL NA 163 -44.48 -39.27 20.80
N THR NA 164 -44.54 -40.54 21.18
CA THR NA 164 -45.58 -41.45 20.75
C THR NA 164 -46.62 -41.59 21.86
N ALA NA 165 -47.54 -42.53 21.69
CA ALA NA 165 -48.53 -42.79 22.72
C ALA NA 165 -47.94 -43.40 23.97
N ASP NA 166 -46.70 -43.88 23.91
CA ASP NA 166 -46.12 -44.58 25.05
C ASP NA 166 -44.66 -44.22 25.32
N SER NA 167 -44.05 -43.38 24.51
CA SER NA 167 -42.61 -43.19 24.63
C SER NA 167 -42.22 -41.82 24.07
N VAL NA 168 -41.05 -41.36 24.49
CA VAL NA 168 -40.50 -40.08 24.05
C VAL NA 168 -39.06 -40.30 23.61
N ARG NA 169 -38.69 -39.69 22.50
CA ARG NA 169 -37.35 -39.79 21.95
C ARG NA 169 -36.71 -38.41 21.85
N THR NA 170 -35.46 -38.31 22.30
CA THR NA 170 -34.73 -37.05 22.26
C THR NA 170 -33.23 -37.32 22.38
N PRO NA 171 -32.39 -36.49 21.80
CA PRO NA 171 -30.94 -36.68 21.98
C PRO NA 171 -30.53 -36.45 23.43
N ALA NA 172 -29.55 -37.24 23.87
CA ALA NA 172 -29.05 -37.09 25.23
C ALA NA 172 -28.23 -35.81 25.35
N GLY NA 173 -28.42 -35.11 26.46
CA GLY NA 173 -27.69 -33.88 26.67
C GLY NA 173 -26.23 -34.12 26.99
N CYS NA 174 -25.43 -33.07 26.78
CA CYS NA 174 -23.99 -33.15 27.01
C CYS NA 174 -23.69 -32.87 28.48
N LYS NA 175 -23.14 -33.87 29.17
CA LYS NA 175 -22.81 -33.69 30.57
C LYS NA 175 -21.54 -32.89 30.76
N TYR NA 176 -20.71 -32.77 29.74
CA TYR NA 176 -19.49 -31.99 29.82
C TYR NA 176 -19.40 -31.06 28.62
N ILE NA 177 -18.70 -29.96 28.80
CA ILE NA 177 -18.46 -28.99 27.74
C ILE NA 177 -16.98 -28.65 27.74
N THR NA 178 -16.37 -28.71 26.56
CA THR NA 178 -14.96 -28.42 26.39
C THR NA 178 -14.81 -27.02 25.79
N LEU NA 179 -14.04 -26.18 26.47
CA LEU NA 179 -13.85 -24.81 26.02
C LEU NA 179 -12.66 -24.76 25.06
N TYR NA 180 -12.26 -23.55 24.69
CA TYR NA 180 -11.13 -23.38 23.79
C TYR NA 180 -9.86 -23.91 24.44
N GLY NA 181 -9.02 -24.56 23.63
CA GLY NA 181 -7.77 -25.09 24.12
C GLY NA 181 -7.84 -26.50 24.68
N TYR NA 182 -8.93 -27.23 24.44
CA TYR NA 182 -9.05 -28.57 24.95
C TYR NA 182 -8.12 -29.52 24.22
N ASP NA 183 -7.56 -30.48 24.96
CA ASP NA 183 -6.58 -31.41 24.40
C ASP NA 183 -6.66 -32.74 25.15
N PRO NA 184 -7.26 -33.76 24.55
CA PRO NA 184 -7.25 -35.08 25.18
C PRO NA 184 -5.87 -35.69 25.32
N SER NA 185 -4.92 -35.31 24.46
CA SER NA 185 -3.60 -35.93 24.52
C SER NA 185 -2.90 -35.66 25.85
N ARG NA 186 -3.16 -34.49 26.44
CA ARG NA 186 -2.60 -34.17 27.74
C ARG NA 186 -3.15 -35.15 28.78
N PRO NA 187 -2.31 -36.03 29.32
CA PRO NA 187 -2.83 -37.09 30.20
C PRO NA 187 -3.47 -36.58 31.47
N SER NA 188 -3.16 -35.36 31.89
CA SER NA 188 -3.69 -34.82 33.13
C SER NA 188 -5.05 -34.16 32.97
N THR NA 189 -5.56 -34.05 31.75
CA THR NA 189 -6.86 -33.43 31.55
C THR NA 189 -7.96 -34.32 32.12
N PRO NA 190 -9.04 -33.71 32.63
CA PRO NA 190 -10.15 -34.51 33.14
C PRO NA 190 -10.80 -35.32 32.02
N ALA NA 191 -11.21 -36.54 32.36
CA ALA NA 191 -11.87 -37.40 31.40
C ALA NA 191 -13.32 -36.96 31.20
N THR NA 192 -13.82 -37.17 29.99
CA THR NA 192 -15.20 -36.86 29.67
C THR NA 192 -15.96 -38.02 29.05
N TYR NA 193 -15.29 -39.11 28.70
CA TYR NA 193 -15.92 -40.28 28.11
C TYR NA 193 -16.68 -39.96 26.85
N GLY NA 194 -16.32 -38.87 26.18
CA GLY NA 194 -16.93 -38.51 24.93
C GLY NA 194 -18.27 -37.83 25.04
N LYS NA 195 -18.78 -37.61 26.24
CA LYS NA 195 -20.09 -37.00 26.40
C LYS NA 195 -20.10 -35.54 25.94
N HIS NA 196 -18.95 -34.95 25.69
CA HIS NA 196 -18.91 -33.57 25.21
C HIS NA 196 -19.42 -33.44 23.79
N ARG NA 197 -19.37 -34.50 22.99
CA ARG NA 197 -19.89 -34.43 21.64
C ARG NA 197 -21.40 -34.23 21.68
N PRO NA 198 -21.95 -33.45 20.75
CA PRO NA 198 -23.38 -33.12 20.83
C PRO NA 198 -24.31 -34.32 20.65
N THR NA 199 -23.87 -35.37 19.99
CA THR NA 199 -24.76 -36.47 19.63
C THR NA 199 -24.12 -37.82 19.96
N TYR NA 200 -23.61 -37.94 21.19
CA TYR NA 200 -22.95 -39.18 21.55
C TYR NA 200 -23.91 -40.32 21.80
N ALA NA 201 -25.20 -40.05 21.97
CA ALA NA 201 -26.17 -41.11 22.28
C ALA NA 201 -27.57 -40.56 22.03
N THR NA 202 -28.57 -41.36 22.38
CA THR NA 202 -29.96 -40.99 22.26
C THR NA 202 -30.75 -41.77 23.30
N VAL NA 203 -31.72 -41.10 23.93
CA VAL NA 203 -32.50 -41.70 25.01
C VAL NA 203 -33.93 -41.91 24.55
N PHE NA 204 -34.53 -42.99 25.03
CA PHE NA 204 -35.93 -43.32 24.77
C PHE NA 204 -36.62 -43.57 26.09
N TYR NA 205 -37.40 -42.61 26.56
CA TYR NA 205 -38.21 -42.81 27.75
C TYR NA 205 -39.46 -43.60 27.38
N TYR NA 206 -39.88 -44.50 28.27
CA TYR NA 206 -41.06 -45.31 28.03
C TYR NA 206 -41.89 -45.37 29.30
N SER NA 207 -43.20 -45.51 29.12
CA SER NA 207 -44.12 -45.47 30.25
C SER NA 207 -44.42 -46.84 30.83
N THR NA 208 -44.34 -47.91 30.03
CA THR NA 208 -44.72 -49.22 30.50
C THR NA 208 -43.89 -50.28 29.82
N LEU NA 209 -43.86 -51.46 30.45
CA LEU NA 209 -43.03 -52.54 29.93
C LEU NA 209 -43.35 -52.93 28.49
N PRO NA 210 -44.62 -53.09 28.10
CA PRO NA 210 -44.88 -53.39 26.67
C PRO NA 210 -44.28 -52.37 25.74
N ALA NA 211 -44.29 -51.10 26.13
CA ALA NA 211 -43.61 -50.09 25.32
C ALA NA 211 -42.12 -50.38 25.22
N ARG NA 212 -41.51 -50.79 26.34
CA ARG NA 212 -40.10 -51.13 26.32
C ARG NA 212 -39.83 -52.25 25.34
N SER NA 213 -40.69 -53.27 25.34
CA SER NA 213 -40.54 -54.35 24.38
C SER NA 213 -40.63 -53.84 22.95
N ARG NA 214 -41.58 -52.93 22.70
CA ARG NA 214 -41.76 -52.41 21.34
C ARG NA 214 -40.52 -51.66 20.87
N LEU NA 215 -39.94 -50.84 21.75
CA LEU NA 215 -38.75 -50.09 21.36
C LEU NA 215 -37.60 -51.02 21.03
N LEU NA 216 -37.37 -52.01 21.89
CA LEU NA 216 -36.23 -52.90 21.69
C LEU NA 216 -36.32 -53.62 20.37
N ALA NA 217 -37.53 -53.97 19.94
CA ALA NA 217 -37.68 -54.63 18.65
C ALA NA 217 -37.16 -53.77 17.52
N ASN NA 218 -37.31 -52.45 17.61
CA ASN NA 218 -36.81 -51.59 16.55
C ASN NA 218 -35.30 -51.47 16.60
N LEU NA 219 -34.73 -51.44 17.79
CA LEU NA 219 -33.30 -51.16 17.94
C LEU NA 219 -32.43 -52.39 17.81
N ALA NA 220 -33.02 -53.56 17.59
CA ALA NA 220 -32.25 -54.80 17.67
C ALA NA 220 -31.12 -54.86 16.66
N ALA NA 221 -31.22 -54.16 15.54
CA ALA NA 221 -30.24 -54.27 14.48
C ALA NA 221 -29.04 -53.36 14.65
N GLY NA 222 -29.09 -52.38 15.54
CA GLY NA 222 -28.04 -51.40 15.66
C GLY NA 222 -27.04 -51.75 16.75
N PRO NA 223 -26.39 -50.72 17.29
CA PRO NA 223 -25.42 -50.95 18.38
C PRO NA 223 -26.08 -51.45 19.65
N THR NA 224 -25.29 -51.70 20.68
CA THR NA 224 -25.79 -52.26 21.92
C THR NA 224 -26.53 -51.21 22.72
N VAL NA 225 -27.74 -51.54 23.15
CA VAL NA 225 -28.56 -50.64 23.95
C VAL NA 225 -28.23 -50.85 25.42
N LEU NA 226 -28.22 -49.76 26.19
CA LEU NA 226 -27.90 -49.80 27.61
C LEU NA 226 -29.07 -49.25 28.42
N GLU NA 227 -29.13 -49.68 29.67
CA GLU NA 227 -30.22 -49.24 30.54
C GLU NA 227 -29.79 -49.34 32.00
N HIS NA 228 -30.33 -48.47 32.82
CA HIS NA 228 -30.26 -48.58 34.27
C HIS NA 228 -31.54 -49.24 34.76
N PHE NA 229 -31.40 -50.23 35.65
CA PHE NA 229 -32.55 -50.88 36.24
C PHE NA 229 -32.94 -50.30 37.59
N ASP NA 230 -31.98 -49.78 38.35
CA ASP NA 230 -32.24 -49.43 39.74
C ASP NA 230 -33.13 -48.18 39.84
N SER NA 231 -32.63 -47.05 39.34
CA SER NA 231 -33.34 -45.78 39.48
C SER NA 231 -33.05 -44.94 38.25
N PRO NA 232 -33.93 -44.92 37.27
CA PRO NA 232 -33.64 -44.31 35.98
C PRO NA 232 -33.91 -42.81 35.94
N THR NA 233 -33.44 -42.09 36.96
CA THR NA 233 -33.60 -40.64 37.05
C THR NA 233 -35.05 -40.23 36.85
N TYR NA 234 -35.32 -39.47 35.80
CA TYR NA 234 -36.67 -38.94 35.59
C TYR NA 234 -37.67 -40.03 35.26
N GLY NA 235 -37.24 -41.18 34.79
CA GLY NA 235 -38.15 -42.25 34.46
C GLY NA 235 -37.47 -43.35 33.66
N PRO NA 236 -38.14 -44.49 33.57
CA PRO NA 236 -37.58 -45.62 32.83
C PRO NA 236 -37.27 -45.22 31.39
N HIS NA 237 -36.06 -45.53 30.96
CA HIS NA 237 -35.64 -45.10 29.63
C HIS NA 237 -34.46 -45.93 29.17
N LEU NA 238 -34.46 -46.28 27.88
CA LEU NA 238 -33.29 -46.83 27.24
C LEU NA 238 -32.39 -45.71 26.75
N LEU NA 239 -31.16 -46.06 26.40
CA LEU NA 239 -30.30 -45.11 25.70
C LEU NA 239 -29.49 -45.87 24.66
N LEU NA 240 -29.37 -45.26 23.48
CA LEU NA 240 -28.66 -45.86 22.36
C LEU NA 240 -27.39 -45.08 22.09
N PRO NA 241 -26.22 -45.64 22.34
CA PRO NA 241 -24.98 -44.91 22.12
C PRO NA 241 -24.67 -44.76 20.64
N GLN NA 242 -23.89 -43.72 20.33
CA GLN NA 242 -23.38 -43.55 18.98
C GLN NA 242 -22.46 -44.70 18.62
N THR NA 243 -22.57 -45.16 17.38
CA THR NA 243 -21.90 -46.40 16.97
C THR NA 243 -20.41 -46.23 16.74
N GLY NA 244 -19.86 -45.03 16.94
CA GLY NA 244 -18.44 -44.79 16.72
C GLY NA 244 -17.61 -45.03 17.97
N ASP NA 245 -16.38 -44.53 17.92
CA ASP NA 245 -15.43 -44.64 19.01
C ASP NA 245 -14.96 -43.24 19.41
N VAL NA 246 -14.12 -43.19 20.44
CA VAL NA 246 -13.58 -41.93 20.95
C VAL NA 246 -12.07 -42.08 21.05
N LEU NA 247 -11.35 -41.01 20.70
CA LEU NA 247 -9.91 -41.06 20.61
C LEU NA 247 -9.25 -40.81 21.97
N GLY NA 248 -8.04 -41.35 22.11
CA GLY NA 248 -7.16 -40.99 23.20
C GLY NA 248 -7.31 -41.81 24.45
N TYR NA 249 -8.39 -42.56 24.60
CA TYR NA 249 -8.64 -43.25 25.86
C TYR NA 249 -7.86 -44.55 26.00
N SER NA 250 -7.39 -45.13 24.91
CA SER NA 250 -6.61 -46.37 24.96
C SER NA 250 -6.01 -46.60 23.59
N SER NA 251 -5.41 -47.77 23.39
CA SER NA 251 -4.88 -48.16 22.10
C SER NA 251 -6.01 -48.68 21.21
N SER NA 252 -7.00 -47.82 20.99
CA SER NA 252 -8.12 -48.08 20.08
C SER NA 252 -8.89 -49.33 20.48
N LEU NA 253 -8.92 -49.63 21.78
CA LEU NA 253 -9.64 -50.80 22.28
C LEU NA 253 -11.10 -50.49 22.60
N ILE NA 254 -11.66 -49.45 22.01
CA ILE NA 254 -12.85 -48.83 22.56
C ILE NA 254 -13.85 -48.49 21.46
N SER NA 255 -15.13 -48.73 21.75
CA SER NA 255 -16.24 -48.10 21.06
C SER NA 255 -17.04 -47.32 22.09
N GLN NA 256 -17.94 -46.46 21.61
CA GLN NA 256 -18.62 -45.53 22.51
C GLN NA 256 -19.38 -46.27 23.60
N ALA NA 257 -20.06 -47.36 23.24
CA ALA NA 257 -20.81 -48.12 24.23
C ALA NA 257 -19.91 -48.61 25.35
N ALA NA 258 -18.71 -49.09 25.01
CA ALA NA 258 -17.80 -49.56 26.03
C ALA NA 258 -17.46 -48.44 27.01
N LEU NA 259 -17.26 -47.23 26.50
CA LEU NA 259 -16.91 -46.11 27.38
C LEU NA 259 -18.01 -45.86 28.41
N LEU NA 260 -19.26 -45.88 27.98
CA LEU NA 260 -20.35 -45.66 28.92
C LEU NA 260 -20.35 -46.72 30.00
N MET NA 261 -20.14 -47.97 29.63
CA MET NA 261 -20.12 -49.04 30.62
C MET NA 261 -18.98 -48.84 31.61
N VAL NA 262 -17.76 -48.65 31.10
CA VAL NA 262 -16.60 -48.68 31.98
C VAL NA 262 -16.66 -47.54 32.99
N GLU NA 263 -17.04 -46.34 32.54
CA GLU NA 263 -17.16 -45.24 33.48
C GLU NA 263 -18.30 -45.46 34.45
N SER NA 264 -19.38 -46.10 34.00
CA SER NA 264 -20.45 -46.45 34.91
C SER NA 264 -19.95 -47.42 35.97
N VAL NA 265 -19.13 -48.39 35.57
CA VAL NA 265 -18.58 -49.34 36.52
C VAL NA 265 -17.74 -48.63 37.56
N MET NA 266 -16.91 -47.69 37.12
CA MET NA 266 -16.06 -46.97 38.05
C MET NA 266 -16.88 -46.24 39.10
N ASP NA 267 -17.96 -45.59 38.67
CA ASP NA 267 -18.82 -44.91 39.64
C ASP NA 267 -19.40 -45.89 40.64
N ALA NA 268 -19.81 -47.07 40.17
CA ALA NA 268 -20.33 -48.08 41.08
C ALA NA 268 -19.27 -48.46 42.10
N LEU NA 269 -18.02 -48.64 41.66
CA LEU NA 269 -16.96 -48.96 42.59
C LEU NA 269 -16.73 -47.83 43.58
N ARG NA 270 -16.73 -46.58 43.10
CA ARG NA 270 -16.48 -45.47 44.00
C ARG NA 270 -17.55 -45.39 45.08
N ASP NA 271 -18.81 -45.57 44.70
CA ASP NA 271 -19.90 -45.50 45.67
C ASP NA 271 -19.78 -46.61 46.71
N ASN NA 272 -19.52 -47.84 46.25
CA ASN NA 272 -19.30 -48.93 47.19
C ASN NA 272 -18.16 -48.62 48.13
N ALA NA 273 -17.15 -47.88 47.66
CA ALA NA 273 -15.99 -47.59 48.48
C ALA NA 273 -16.29 -46.60 49.59
N ASN NA 274 -17.35 -45.79 49.46
CA ASN NA 274 -17.60 -44.78 50.47
C ASN NA 274 -19.07 -44.66 50.84
N ALA NA 275 -19.87 -45.68 50.60
CA ALA NA 275 -21.26 -45.65 51.04
C ALA NA 275 -21.33 -45.84 52.55
N SER NA 276 -22.38 -45.29 53.16
CA SER NA 276 -22.57 -45.39 54.60
C SER NA 276 -24.02 -45.72 54.90
N ALA NA 277 -24.24 -46.35 56.05
CA ALA NA 277 -25.60 -46.67 56.47
C ALA NA 277 -26.41 -45.42 56.76
N SER NA 278 -25.75 -44.34 57.15
CA SER NA 278 -26.47 -43.14 57.60
C SER NA 278 -26.93 -42.26 56.45
N THR NA 279 -26.57 -42.57 55.22
CA THR NA 279 -26.81 -41.68 54.09
C THR NA 279 -27.69 -42.37 53.06
N ALA NA 280 -28.80 -41.73 52.71
CA ALA NA 280 -29.59 -42.18 51.58
C ALA NA 280 -28.95 -41.71 50.28
N VAL NA 281 -29.24 -42.45 49.21
CA VAL NA 281 -28.66 -42.15 47.90
C VAL NA 281 -29.74 -42.34 46.85
N THR NA 282 -29.52 -41.74 45.68
CA THR NA 282 -30.50 -41.81 44.61
C THR NA 282 -30.57 -43.19 43.99
N ARG NA 283 -29.49 -43.97 44.07
CA ARG NA 283 -29.43 -45.22 43.33
C ARG NA 283 -28.36 -46.11 43.93
N LEU NA 284 -28.72 -47.36 44.26
CA LEU NA 284 -27.76 -48.28 44.81
C LEU NA 284 -26.83 -48.85 43.73
N ASP NA 285 -27.37 -49.11 42.55
CA ASP NA 285 -26.64 -49.80 41.48
C ASP NA 285 -26.38 -48.80 40.36
N GLN NA 286 -25.16 -48.30 40.27
CA GLN NA 286 -24.82 -47.32 39.25
C GLN NA 286 -24.48 -47.94 37.91
N SER NA 287 -24.43 -49.26 37.82
CA SER NA 287 -23.98 -49.91 36.60
C SER NA 287 -25.04 -49.83 35.51
N TYR NA 288 -24.58 -49.71 34.27
CA TYR NA 288 -25.44 -49.93 33.12
C TYR NA 288 -25.60 -51.42 32.88
N HIS NA 289 -26.47 -51.75 31.93
CA HIS NA 289 -26.64 -53.14 31.59
C HIS NA 289 -27.00 -53.24 30.12
N PRO NA 290 -26.26 -54.04 29.34
CA PRO NA 290 -26.58 -54.19 27.92
C PRO NA 290 -27.78 -55.10 27.73
N VAL NA 291 -28.61 -54.76 26.73
CA VAL NA 291 -29.85 -55.49 26.49
C VAL NA 291 -30.00 -55.93 25.04
N THR NA 292 -29.09 -55.55 24.14
CA THR NA 292 -29.18 -55.94 22.75
C THR NA 292 -27.80 -56.27 22.22
N SER NA 293 -27.77 -57.15 21.22
CA SER NA 293 -26.58 -57.41 20.42
C SER NA 293 -25.34 -57.64 21.29
N PHE NA 294 -25.40 -58.72 22.06
CA PHE NA 294 -24.39 -58.97 23.07
C PHE NA 294 -24.12 -60.46 23.16
N ASP NA 295 -22.88 -60.80 23.54
CA ASP NA 295 -22.47 -62.20 23.66
C ASP NA 295 -22.22 -62.54 25.12
N PRO NA 296 -23.03 -63.41 25.72
CA PRO NA 296 -22.72 -63.88 27.07
C PRO NA 296 -21.66 -64.97 27.09
N SER NA 297 -21.20 -65.43 25.93
CA SER NA 297 -20.34 -66.60 25.85
C SER NA 297 -18.86 -66.27 25.75
N THR NA 298 -18.50 -65.00 25.59
CA THR NA 298 -17.12 -64.65 25.27
C THR NA 298 -16.69 -63.45 26.10
N PHE NA 299 -15.37 -63.33 26.29
CA PHE NA 299 -14.82 -62.25 27.11
C PHE NA 299 -13.55 -61.69 26.47
N ASN NA 300 -13.58 -61.49 25.15
CA ASN NA 300 -12.40 -60.98 24.45
C ASN NA 300 -12.66 -59.61 23.84
N THR NA 301 -13.58 -58.84 24.42
CA THR NA 301 -13.71 -57.44 24.07
C THR NA 301 -14.09 -56.66 25.32
N LEU NA 302 -13.78 -55.37 25.29
CA LEU NA 302 -13.95 -54.53 26.48
C LEU NA 302 -15.39 -54.60 26.98
N LEU NA 303 -16.36 -54.49 26.06
CA LEU NA 303 -17.75 -54.44 26.47
C LEU NA 303 -18.14 -55.70 27.24
N GLN NA 304 -17.71 -56.86 26.77
CA GLN NA 304 -18.00 -58.09 27.50
C GLN NA 304 -17.37 -58.07 28.87
N ARG NA 305 -16.10 -57.70 28.96
CA ARG NA 305 -15.40 -57.73 30.23
C ARG NA 305 -16.04 -56.77 31.23
N ALA NA 306 -16.35 -55.55 30.78
CA ALA NA 306 -16.98 -54.60 31.66
C ALA NA 306 -18.30 -55.13 32.19
N THR NA 307 -19.08 -55.76 31.32
CA THR NA 307 -20.34 -56.35 31.76
C THR NA 307 -20.09 -57.41 32.82
N ASN NA 308 -19.09 -58.26 32.60
CA ASN NA 308 -18.80 -59.31 33.57
C ASN NA 308 -18.47 -58.71 34.92
N LEU NA 309 -17.72 -57.61 34.93
CA LEU NA 309 -17.40 -56.96 36.19
C LEU NA 309 -18.63 -56.32 36.80
N ALA NA 310 -19.47 -55.71 35.97
CA ALA NA 310 -20.65 -55.02 36.49
C ALA NA 310 -21.57 -55.98 37.24
N LEU NA 311 -21.79 -57.16 36.67
CA LEU NA 311 -22.65 -58.14 37.31
C LEU NA 311 -22.16 -58.48 38.71
N LEU NA 312 -20.85 -58.38 38.93
CA LEU NA 312 -20.30 -58.62 40.25
C LEU NA 312 -20.33 -57.37 41.11
N ALA NA 313 -20.12 -56.20 40.51
CA ALA NA 313 -20.02 -54.97 41.28
C ALA NA 313 -21.30 -54.67 42.03
N VAL NA 314 -22.45 -55.04 41.47
CA VAL NA 314 -23.74 -54.74 42.09
C VAL NA 314 -23.85 -55.38 43.47
N GLN NA 315 -23.13 -56.47 43.70
CA GLN NA 315 -23.19 -57.12 45.00
C GLN NA 315 -22.59 -56.28 46.12
N GLY NA 316 -21.89 -55.20 45.79
CA GLY NA 316 -21.28 -54.35 46.78
C GLY NA 316 -19.79 -54.53 46.94
N VAL NA 317 -19.07 -54.84 45.87
CA VAL NA 317 -17.65 -55.11 45.94
C VAL NA 317 -16.88 -53.80 45.89
N GLN NA 318 -15.66 -53.82 46.41
CA GLN NA 318 -14.79 -52.65 46.42
C GLN NA 318 -13.44 -53.01 45.82
N SER NA 319 -12.82 -52.03 45.18
CA SER NA 319 -11.49 -52.21 44.63
C SER NA 319 -10.44 -52.01 45.71
N GLU NA 320 -9.29 -52.64 45.53
CA GLU NA 320 -8.25 -52.55 46.54
C GLU NA 320 -7.63 -51.17 46.61
N SER NA 321 -7.71 -50.39 45.54
CA SER NA 321 -7.15 -49.05 45.48
C SER NA 321 -8.24 -48.04 45.19
N ALA NA 322 -8.14 -46.87 45.80
CA ALA NA 322 -9.13 -45.84 45.60
C ALA NA 322 -9.07 -45.28 44.18
N ILE NA 323 -10.23 -44.89 43.67
CA ILE NA 323 -10.32 -44.30 42.35
C ILE NA 323 -10.68 -42.83 42.49
N PRO NA 324 -10.13 -41.95 41.64
CA PRO NA 324 -10.27 -40.51 41.87
C PRO NA 324 -11.71 -40.05 41.75
N ALA NA 325 -12.02 -38.98 42.47
CA ALA NA 325 -13.34 -38.37 42.35
C ALA NA 325 -13.52 -37.73 40.99
N ILE NA 326 -12.46 -37.15 40.44
CA ILE NA 326 -12.50 -36.55 39.11
C ILE NA 326 -11.41 -37.18 38.27
N PRO NA 327 -11.68 -38.32 37.64
CA PRO NA 327 -10.62 -39.04 36.93
C PRO NA 327 -10.06 -38.24 35.77
N THR NA 328 -8.76 -38.39 35.55
CA THR NA 328 -8.10 -37.83 34.38
C THR NA 328 -7.89 -38.92 33.35
N MET NA 329 -7.44 -38.51 32.16
CA MET NA 329 -7.24 -39.45 31.07
C MET NA 329 -6.32 -40.59 31.48
N SER NA 330 -5.25 -40.26 32.20
CA SER NA 330 -4.33 -41.30 32.66
C SER NA 330 -5.05 -42.29 33.57
N ASP NA 331 -5.90 -41.78 34.47
CA ASP NA 331 -6.58 -42.67 35.40
C ASP NA 331 -7.44 -43.68 34.67
N VAL NA 332 -8.22 -43.23 33.69
CA VAL NA 332 -9.08 -44.13 32.94
C VAL NA 332 -8.24 -45.14 32.18
N ARG NA 333 -7.13 -44.69 31.59
CA ARG NA 333 -6.28 -45.59 30.83
C ARG NA 333 -5.79 -46.73 31.71
N SER NA 334 -5.36 -46.42 32.93
CA SER NA 334 -4.92 -47.47 33.84
C SER NA 334 -6.03 -48.45 34.12
N PHE NA 335 -7.25 -47.95 34.31
CA PHE NA 335 -8.37 -48.84 34.57
C PHE NA 335 -8.63 -49.76 33.39
N VAL NA 336 -8.68 -49.19 32.18
CA VAL NA 336 -8.92 -50.00 30.99
C VAL NA 336 -7.80 -51.02 30.81
N ALA NA 337 -6.56 -50.57 30.98
CA ALA NA 337 -5.43 -51.47 30.79
C ALA NA 337 -5.55 -52.69 31.68
N ARG NA 338 -5.85 -52.46 32.97
CA ARG NA 338 -6.05 -53.59 33.86
C ARG NA 338 -7.24 -54.43 33.41
N LEU NA 339 -8.32 -53.78 32.98
CA LEU NA 339 -9.50 -54.52 32.58
C LEU NA 339 -9.22 -55.41 31.37
N MET NA 340 -8.28 -55.02 30.52
CA MET NA 340 -7.95 -55.80 29.34
C MET NA 340 -6.81 -56.78 29.57
N ALA NA 341 -6.29 -56.87 30.78
CA ALA NA 341 -5.21 -57.80 31.06
C ALA NA 341 -5.69 -59.24 30.96
N GLU NA 342 -4.74 -60.16 30.80
CA GLU NA 342 -5.07 -61.57 30.80
C GLU NA 342 -5.49 -62.01 32.20
N GLY NA 343 -6.52 -62.84 32.26
CA GLY NA 343 -7.00 -63.32 33.53
C GLY NA 343 -8.34 -63.99 33.37
N ASP NA 344 -8.79 -64.59 34.44
CA ASP NA 344 -10.05 -65.31 34.38
C ASP NA 344 -11.22 -64.33 34.52
N PRO NA 345 -12.31 -64.57 33.81
CA PRO NA 345 -13.54 -63.85 34.08
C PRO NA 345 -14.29 -64.50 35.23
N GLN NA 346 -14.88 -63.67 36.08
CA GLN NA 346 -15.66 -64.23 37.18
C GLN NA 346 -16.88 -64.93 36.63
N GLN NA 347 -17.30 -66.00 37.32
CA GLN NA 347 -18.48 -66.74 36.90
C GLN NA 347 -19.33 -67.14 38.09
N TRP NA 348 -19.33 -66.32 39.14
CA TRP NA 348 -20.24 -66.57 40.25
C TRP NA 348 -21.68 -66.33 39.84
N PHE NA 349 -21.92 -65.22 39.13
CA PHE NA 349 -23.27 -64.85 38.71
C PHE NA 349 -23.32 -64.84 37.19
N PRO NA 350 -24.19 -65.64 36.56
CA PRO NA 350 -24.28 -65.62 35.10
C PRO NA 350 -25.03 -64.40 34.60
N TYR NA 351 -24.70 -64.01 33.38
CA TYR NA 351 -25.41 -62.93 32.72
C TYR NA 351 -26.80 -63.40 32.29
N ARG NA 352 -27.79 -62.54 32.48
CA ARG NA 352 -29.12 -62.78 31.96
C ARG NA 352 -29.65 -61.49 31.34
N VAL NA 353 -30.44 -61.64 30.28
CA VAL NA 353 -30.58 -60.57 29.30
C VAL NA 353 -31.20 -59.33 29.93
N ASP NA 354 -32.29 -59.48 30.68
CA ASP NA 354 -32.91 -58.33 31.32
C ASP NA 354 -33.40 -58.68 32.72
N GLN NA 355 -32.55 -59.39 33.47
CA GLN NA 355 -32.78 -59.57 34.89
C GLN NA 355 -31.44 -59.75 35.57
N ILE NA 356 -31.31 -59.20 36.76
CA ILE NA 356 -30.04 -59.18 37.49
C ILE NA 356 -30.18 -59.99 38.76
N LEU NA 357 -29.18 -60.80 39.06
CA LEU NA 357 -29.19 -61.67 40.22
C LEU NA 357 -28.36 -61.05 41.35
N TYR NA 358 -28.88 -61.13 42.57
CA TYR NA 358 -28.19 -60.57 43.72
C TYR NA 358 -28.07 -61.62 44.81
N TRP NA 359 -26.97 -61.55 45.54
CA TRP NA 359 -26.74 -62.47 46.65
C TRP NA 359 -27.55 -62.04 47.86
N PRO NA 360 -28.39 -62.90 48.42
CA PRO NA 360 -29.20 -62.47 49.56
C PRO NA 360 -28.38 -62.00 50.75
N GLU NA 361 -27.17 -62.50 50.92
CA GLU NA 361 -26.33 -62.04 52.01
C GLU NA 361 -25.68 -60.69 51.73
N SER NA 362 -25.77 -60.19 50.50
CA SER NA 362 -25.19 -58.90 50.20
C SER NA 362 -25.94 -57.79 50.93
N PRO NA 363 -25.26 -56.69 51.26
CA PRO NA 363 -25.98 -55.53 51.82
C PRO NA 363 -26.93 -54.88 50.85
N PHE NA 364 -26.91 -55.27 49.58
CA PHE NA 364 -27.80 -54.70 48.59
C PHE NA 364 -29.24 -54.99 48.92
N VAL NA 365 -30.11 -54.03 48.65
CA VAL NA 365 -31.55 -54.16 48.84
C VAL NA 365 -32.23 -53.95 47.49
N PRO NA 366 -33.01 -54.92 47.01
CA PRO NA 366 -33.60 -54.76 45.68
C PRO NA 366 -34.72 -53.74 45.69
N PRO NA 367 -34.96 -53.09 44.56
CA PRO NA 367 -36.15 -52.24 44.45
C PRO NA 367 -37.40 -53.07 44.22
N ILE NA 368 -38.52 -52.41 43.94
CA ILE NA 368 -39.78 -53.13 43.80
C ILE NA 368 -39.95 -53.78 42.42
N GLY NA 369 -39.23 -53.31 41.42
CA GLY NA 369 -39.39 -53.81 40.08
C GLY NA 369 -39.04 -55.26 39.91
N PRO NA 370 -39.40 -55.85 38.77
CA PRO NA 370 -39.14 -57.27 38.54
C PRO NA 370 -37.76 -57.56 37.97
N PHE NA 371 -36.89 -56.57 37.87
CA PHE NA 371 -35.61 -56.76 37.19
C PHE NA 371 -34.55 -57.44 38.05
N TYR NA 372 -34.84 -57.69 39.33
CA TYR NA 372 -33.86 -58.26 40.23
C TYR NA 372 -34.41 -59.52 40.87
N ALA NA 373 -33.50 -60.46 41.17
CA ALA NA 373 -33.89 -61.72 41.76
C ALA NA 373 -32.74 -62.27 42.59
N PRO NA 374 -33.03 -62.88 43.74
CA PRO NA 374 -31.98 -63.45 44.56
C PRO NA 374 -31.36 -64.68 43.91
N PHE NA 375 -30.12 -64.97 44.28
CA PHE NA 375 -29.41 -66.09 43.70
C PHE NA 375 -28.34 -66.58 44.68
N ARG NA 376 -28.01 -67.86 44.59
CA ARG NA 376 -27.08 -68.52 45.51
C ARG NA 376 -25.89 -69.08 44.77
N PRO NA 377 -24.78 -68.36 44.70
CA PRO NA 377 -23.54 -68.96 44.23
C PRO NA 377 -23.06 -70.02 45.20
N VAL NA 378 -22.29 -70.97 44.67
CA VAL NA 378 -21.93 -72.13 45.47
C VAL NA 378 -20.76 -71.84 46.41
N ASN NA 379 -19.80 -71.02 45.99
CA ASN NA 379 -18.55 -70.87 46.73
C ASN NA 379 -18.14 -69.41 46.79
N PHE NA 380 -19.08 -68.54 47.11
CA PHE NA 380 -18.78 -67.11 47.16
C PHE NA 380 -17.89 -66.80 48.36
N PRO NA 381 -16.76 -66.11 48.16
CA PRO NA 381 -15.80 -65.92 49.25
C PRO NA 381 -15.94 -64.62 50.05
N PHE NA 382 -16.84 -63.73 49.68
CA PHE NA 382 -16.86 -62.41 50.29
C PHE NA 382 -17.73 -62.39 51.54
N THR NA 383 -17.59 -61.30 52.30
CA THR NA 383 -18.40 -61.06 53.49
C THR NA 383 -18.73 -59.58 53.56
N THR NA 384 -19.80 -59.26 54.28
CA THR NA 384 -20.16 -57.88 54.51
C THR NA 384 -19.16 -57.21 55.44
N GLY NA 385 -18.89 -55.94 55.21
CA GLY NA 385 -17.98 -55.22 56.06
C GLY NA 385 -17.36 -54.01 55.39
N SER NA 386 -17.07 -52.97 56.17
CA SER NA 386 -16.45 -51.78 55.62
C SER NA 386 -14.95 -51.95 55.51
N TYR NA 387 -14.34 -51.11 54.68
CA TYR NA 387 -12.90 -51.16 54.47
C TYR NA 387 -12.40 -49.76 54.15
N THR NA 388 -11.46 -49.27 54.94
CA THR NA 388 -10.87 -47.97 54.70
C THR NA 388 -9.57 -48.11 53.92
N VAL NA 389 -9.13 -47.01 53.33
CA VAL NA 389 -7.94 -46.98 52.49
C VAL NA 389 -6.87 -46.17 53.19
N VAL NA 390 -5.63 -46.64 53.12
CA VAL NA 390 -4.50 -46.00 53.79
C VAL NA 390 -3.71 -45.20 52.76
N PRO NA 391 -3.27 -43.99 53.09
CA PRO NA 391 -2.44 -43.23 52.16
C PRO NA 391 -1.12 -43.94 51.88
N ASP NA 392 -0.52 -43.59 50.75
CA ASP NA 392 0.71 -44.23 50.32
C ASP NA 392 1.88 -43.83 51.21
N ALA NA 393 2.95 -44.62 51.11
CA ALA NA 393 4.12 -44.46 51.96
C ALA NA 393 5.28 -43.89 51.16
N SER NA 394 6.01 -42.95 51.79
CA SER NA 394 7.18 -42.34 51.17
C SER NA 394 8.44 -43.17 51.35
N ARG NA 395 8.37 -44.28 52.06
CA ARG NA 395 9.52 -45.10 52.38
C ARG NA 395 9.24 -46.55 52.06
N PRO NA 396 10.24 -47.31 51.63
CA PRO NA 396 10.07 -48.76 51.56
C PRO NA 396 9.76 -49.34 52.94
N LEU NA 397 8.88 -50.32 52.97
CA LEU NA 397 8.41 -50.88 54.22
C LEU NA 397 9.30 -52.04 54.68
N ARG NA 398 9.28 -52.27 55.99
CA ARG NA 398 9.98 -53.39 56.60
C ARG NA 398 8.98 -54.27 57.33
N LEU NA 399 9.15 -55.59 57.21
CA LEU NA 399 8.26 -56.53 57.87
C LEU NA 399 9.07 -57.48 58.74
N LEU NA 400 8.38 -58.10 59.68
CA LEU NA 400 8.98 -59.08 60.59
C LEU NA 400 8.34 -60.43 60.33
N PRO NA 401 9.11 -61.46 60.03
CA PRO NA 401 8.51 -62.76 59.65
C PRO NA 401 7.67 -63.35 60.77
N GLN NA 402 6.56 -63.96 60.38
CA GLN NA 402 5.74 -64.77 61.26
C GLN NA 402 5.26 -65.98 60.45
N TYR NA 403 5.29 -67.15 61.07
CA TYR NA 403 5.21 -68.40 60.32
C TYR NA 403 3.92 -69.16 60.61
N ARG NA 404 3.43 -69.83 59.57
CA ARG NA 404 2.37 -70.83 59.73
C ARG NA 404 2.99 -72.17 60.09
N ASN NA 405 2.13 -73.18 60.27
CA ASN NA 405 2.63 -74.51 60.57
C ASN NA 405 3.14 -75.25 59.35
N ALA NA 406 2.90 -74.72 58.15
CA ALA NA 406 3.33 -75.39 56.94
C ALA NA 406 4.81 -75.16 56.69
N THR NA 407 5.44 -76.11 56.01
CA THR NA 407 6.84 -76.00 55.65
C THR NA 407 7.06 -76.65 54.29
N ILE NA 408 8.19 -76.32 53.67
CA ILE NA 408 8.46 -76.69 52.29
C ILE NA 408 9.89 -77.19 52.16
N THR NA 409 10.10 -78.18 51.30
CA THR NA 409 11.41 -78.74 51.06
C THR NA 409 12.34 -77.71 50.42
N VAL NA 410 13.64 -77.94 50.60
CA VAL NA 410 14.64 -76.97 50.14
C VAL NA 410 14.57 -76.82 48.62
N GLN NA 411 14.44 -77.93 47.90
CA GLN NA 411 14.49 -77.88 46.45
C GLN NA 411 13.35 -77.00 45.92
N GLN NA 412 12.15 -77.19 46.45
CA GLN NA 412 11.03 -76.35 46.04
C GLN NA 412 11.32 -74.89 46.35
N ALA NA 413 11.92 -74.62 47.50
CA ALA NA 413 12.26 -73.24 47.83
C ALA NA 413 13.21 -72.65 46.82
N ASP NA 414 14.24 -73.41 46.44
CA ASP NA 414 15.23 -72.88 45.51
C ASP NA 414 14.64 -72.64 44.13
N ASP NA 415 13.95 -73.64 43.58
CA ASP NA 415 13.40 -73.46 42.24
C ASP NA 415 12.35 -72.37 42.21
N ALA NA 416 11.55 -72.24 43.27
CA ALA NA 416 10.63 -71.13 43.35
C ALA NA 416 11.38 -69.80 43.41
N TYR NA 417 12.57 -69.81 44.01
CA TYR NA 417 13.36 -68.59 44.06
C TYR NA 417 14.00 -68.26 42.71
N GLU NA 418 14.54 -69.28 42.04
CA GLU NA 418 15.40 -69.04 40.89
C GLU NA 418 14.64 -68.50 39.69
N ASP NA 419 13.32 -68.58 39.67
CA ASP NA 419 12.54 -68.05 38.56
C ASP NA 419 11.75 -66.81 38.95
N THR NA 420 11.93 -66.31 40.16
CA THR NA 420 11.29 -65.07 40.59
C THR NA 420 12.29 -64.04 41.08
N ALA NA 421 13.57 -64.38 41.10
CA ALA NA 421 14.59 -63.50 41.65
C ALA NA 421 15.21 -62.65 40.56
N LEU NA 422 15.66 -61.45 40.96
CA LEU NA 422 16.47 -60.61 40.11
C LEU NA 422 17.93 -61.03 40.28
N SER NA 423 18.25 -62.19 39.70
CA SER NA 423 19.48 -62.89 40.08
C SER NA 423 20.73 -62.06 39.85
N PRO NA 424 20.98 -61.49 38.66
CA PRO NA 424 22.02 -60.47 38.57
C PRO NA 424 21.43 -59.11 38.85
N LEU NA 425 22.11 -58.33 39.69
CA LEU NA 425 21.52 -57.12 40.21
C LEU NA 425 22.57 -56.02 40.29
N ILE NA 426 22.10 -54.78 40.18
CA ILE NA 426 22.94 -53.60 40.30
C ILE NA 426 22.70 -52.97 41.66
N THR NA 427 23.78 -52.73 42.41
CA THR NA 427 23.68 -52.23 43.77
C THR NA 427 24.65 -51.09 43.96
N THR NA 428 24.50 -50.41 45.09
CA THR NA 428 25.40 -49.35 45.51
C THR NA 428 25.96 -49.68 46.90
N HIS NA 429 27.20 -49.26 47.13
CA HIS NA 429 27.84 -49.57 48.40
C HIS NA 429 27.45 -48.60 49.50
N GLY NA 430 27.37 -47.32 49.19
CA GLY NA 430 27.29 -46.38 50.28
C GLY NA 430 28.66 -46.23 50.91
N PHE NA 431 28.68 -45.72 52.14
CA PHE NA 431 29.91 -45.52 52.87
C PHE NA 431 29.90 -46.39 54.12
N CYS NA 432 30.96 -47.17 54.31
CA CYS NA 432 31.05 -48.05 55.47
C CYS NA 432 31.52 -47.30 56.69
N VAL NA 433 32.53 -46.44 56.55
CA VAL NA 433 33.06 -45.65 57.65
C VAL NA 433 32.55 -44.23 57.50
N THR NA 434 31.84 -43.75 58.51
CA THR NA 434 31.26 -42.43 58.48
C THR NA 434 32.22 -41.33 58.92
N GLY NA 435 33.20 -41.67 59.75
CA GLY NA 435 34.15 -40.68 60.20
C GLY NA 435 34.78 -41.11 61.51
N GLY NA 436 35.52 -40.17 62.09
CA GLY NA 436 36.20 -40.44 63.34
C GLY NA 436 37.49 -41.21 63.14
N VAL NA 437 38.22 -41.38 64.24
CA VAL NA 437 39.49 -42.08 64.23
C VAL NA 437 39.60 -42.93 65.49
N SER NA 438 40.29 -44.06 65.37
CA SER NA 438 40.81 -44.80 66.52
C SER NA 438 42.30 -44.53 66.57
N THR NA 439 42.74 -43.75 67.54
CA THR NA 439 44.12 -43.34 67.63
C THR NA 439 44.75 -43.91 68.90
N SER NA 440 46.02 -44.29 68.79
CA SER NA 440 46.76 -44.83 69.92
C SER NA 440 48.15 -44.22 69.94
N ILE NA 441 48.69 -44.06 71.14
CA ILE NA 441 49.99 -43.42 71.35
C ILE NA 441 50.85 -44.33 72.20
N TYR NA 442 52.12 -44.45 71.83
CA TYR NA 442 53.06 -45.31 72.53
C TYR NA 442 54.32 -44.52 72.87
N ASP NA 443 54.55 -44.31 74.16
CA ASP NA 443 55.84 -43.78 74.58
C ASP NA 443 56.88 -44.89 74.49
N ILE NA 444 57.99 -44.59 73.84
CA ILE NA 444 59.07 -45.55 73.67
C ILE NA 444 60.18 -45.32 74.69
N SER NA 445 60.61 -44.06 74.84
CA SER NA 445 61.70 -43.76 75.75
C SER NA 445 61.34 -44.10 77.18
N GLY NA 446 60.05 -44.08 77.53
CA GLY NA 446 59.66 -44.40 78.89
C GLY NA 446 60.00 -45.81 79.30
N ASP NA 447 59.93 -46.75 78.36
CA ASP NA 447 60.22 -48.14 78.66
C ASP NA 447 61.71 -48.34 78.83
N PRO NA 448 62.17 -48.82 79.99
CA PRO NA 448 63.61 -49.08 80.15
C PRO NA 448 64.06 -50.44 79.64
N THR NA 449 63.13 -51.30 79.26
CA THR NA 449 63.46 -52.68 78.91
C THR NA 449 64.11 -52.72 77.54
N ALA NA 450 65.44 -52.74 77.52
CA ALA NA 450 66.16 -52.79 76.26
C ALA NA 450 65.79 -54.04 75.48
N TYR NA 451 65.63 -53.89 74.17
CA TYR NA 451 65.20 -54.97 73.30
C TYR NA 451 65.92 -54.85 71.97
N PRO NA 452 66.70 -55.85 71.57
CA PRO NA 452 67.53 -55.72 70.37
C PRO NA 452 66.69 -55.50 69.13
N PRO NA 453 67.10 -54.56 68.27
CA PRO NA 453 66.29 -54.26 67.08
C PRO NA 453 66.16 -55.42 66.13
N ALA NA 454 67.18 -56.28 66.02
CA ALA NA 454 67.12 -57.39 65.08
C ALA NA 454 65.95 -58.32 65.38
N GLN NA 455 65.48 -58.36 66.61
CA GLN NA 455 64.40 -59.25 67.00
C GLN NA 455 63.03 -58.62 66.83
N LEU NA 456 62.95 -57.44 66.23
CA LEU NA 456 61.66 -56.81 66.01
C LEU NA 456 60.85 -57.58 64.99
N VAL NA 457 59.53 -57.62 65.20
CA VAL NA 457 58.64 -58.18 64.20
C VAL NA 457 58.72 -57.35 62.94
N ASP NA 458 58.55 -58.00 61.79
CA ASP NA 458 58.67 -57.31 60.51
C ASP NA 458 57.35 -57.40 59.76
N THR NA 459 57.32 -56.77 58.59
CA THR NA 459 56.11 -56.72 57.80
C THR NA 459 55.67 -58.11 57.40
N PRO NA 460 54.37 -58.40 57.40
CA PRO NA 460 53.91 -59.72 56.98
C PRO NA 460 54.28 -60.00 55.54
N ASN NA 461 54.49 -61.29 55.26
CA ASN NA 461 55.02 -61.68 53.95
C ASN NA 461 54.06 -61.31 52.83
N ASP NA 462 52.76 -61.51 53.04
CA ASP NA 462 51.77 -61.27 52.00
C ASP NA 462 51.31 -59.81 51.94
N TYR NA 463 51.98 -58.92 52.67
CA TYR NA 463 51.45 -57.56 52.82
C TYR NA 463 51.33 -56.86 51.47
N PHE NA 464 52.15 -57.23 50.50
CA PHE NA 464 52.09 -56.62 49.18
C PHE NA 464 51.47 -57.55 48.14
N ASP NA 465 50.76 -58.57 48.57
CA ASP NA 465 49.98 -59.36 47.64
C ASP NA 465 48.87 -58.53 47.03
N ARG NA 466 48.52 -58.85 45.78
CA ARG NA 466 47.51 -58.08 45.07
C ARG NA 466 46.21 -58.00 45.85
N GLU NA 467 45.75 -59.15 46.36
CA GLU NA 467 44.43 -59.18 47.00
C GLU NA 467 44.38 -58.27 48.23
N ARG NA 468 45.38 -58.39 49.11
CA ARG NA 468 45.39 -57.51 50.28
C ARG NA 468 45.50 -56.06 49.85
N MET NA 469 46.32 -55.78 48.84
CA MET NA 469 46.39 -54.42 48.31
C MET NA 469 45.04 -53.99 47.74
N ALA NA 470 44.37 -54.88 47.01
CA ALA NA 470 43.08 -54.54 46.44
C ALA NA 470 42.08 -54.20 47.54
N ARG NA 471 41.98 -55.06 48.55
CA ARG NA 471 41.09 -54.77 49.67
C ARG NA 471 41.52 -53.49 50.37
N ARG NA 472 42.83 -53.27 50.47
CA ARG NA 472 43.32 -52.04 51.07
C ARG NA 472 42.80 -50.82 50.32
N ASP NA 473 42.87 -50.86 49.00
CA ASP NA 473 42.33 -49.75 48.21
C ASP NA 473 40.82 -49.68 48.31
N LEU NA 474 40.15 -50.84 48.27
CA LEU NA 474 38.70 -50.85 48.37
C LEU NA 474 38.24 -50.19 49.66
N PHE NA 475 38.92 -50.49 50.77
CA PHE NA 475 38.57 -49.86 52.03
C PHE NA 475 38.76 -48.35 51.97
N ARG NA 476 39.79 -47.90 51.23
CA ARG NA 476 40.02 -46.47 51.10
C ARG NA 476 38.81 -45.77 50.49
N ARG NA 477 38.19 -46.39 49.49
CA ARG NA 477 37.02 -45.79 48.88
C ARG NA 477 35.83 -45.75 49.83
N LEU NA 478 35.71 -46.75 50.70
CA LEU NA 478 34.49 -46.91 51.48
C LEU NA 478 34.34 -45.88 52.59
N ARG NA 479 35.41 -45.18 52.97
CA ARG NA 479 35.26 -44.14 53.98
C ARG NA 479 34.51 -42.96 53.39
N ALA NA 480 33.69 -42.32 54.23
CA ALA NA 480 32.95 -41.16 53.79
C ALA NA 480 33.92 -40.06 53.36
N PRO NA 481 33.56 -39.29 52.34
CA PRO NA 481 34.51 -38.32 51.78
C PRO NA 481 34.75 -37.15 52.73
N ALA NA 482 36.01 -36.84 52.95
CA ALA NA 482 36.44 -35.72 53.78
C ALA NA 482 37.93 -35.50 53.52
N ASP NA 483 38.53 -34.56 54.23
CA ASP NA 483 39.96 -34.30 54.12
C ASP NA 483 40.69 -35.23 55.08
N ARG NA 484 41.34 -36.26 54.53
CA ARG NA 484 42.05 -37.22 55.37
C ARG NA 484 43.18 -36.54 56.14
N SER NA 485 43.98 -35.73 55.46
CA SER NA 485 45.13 -35.11 56.10
C SER NA 485 44.69 -34.16 57.21
N ALA NA 486 43.59 -33.44 57.00
CA ALA NA 486 43.12 -32.51 58.02
C ALA NA 486 42.88 -33.24 59.34
N ILE NA 487 42.13 -34.35 59.30
CA ILE NA 487 41.90 -35.12 60.50
C ILE NA 487 43.21 -35.68 61.03
N LYS NA 488 44.04 -36.20 60.13
CA LYS NA 488 45.29 -36.83 60.56
C LYS NA 488 46.19 -35.83 61.26
N ASP NA 489 46.37 -34.66 60.66
CA ASP NA 489 47.24 -33.65 61.28
C ASP NA 489 46.66 -33.17 62.60
N ARG NA 490 45.34 -32.96 62.65
CA ARG NA 490 44.73 -32.45 63.87
C ARG NA 490 45.00 -33.38 65.04
N ALA NA 491 44.95 -34.69 64.81
CA ALA NA 491 45.22 -35.64 65.88
C ALA NA 491 46.63 -35.47 66.41
N VAL NA 492 47.61 -35.34 65.51
CA VAL NA 492 49.00 -35.24 65.95
C VAL NA 492 49.22 -33.97 66.74
N PHE NA 493 48.73 -32.84 66.22
CA PHE NA 493 48.95 -31.57 66.92
C PHE NA 493 48.23 -31.55 68.26
N ASP NA 494 47.14 -32.30 68.38
CA ASP NA 494 46.52 -32.44 69.70
C ASP NA 494 47.49 -33.06 70.69
N PHE NA 495 48.25 -34.06 70.24
CA PHE NA 495 49.27 -34.63 71.10
C PHE NA 495 50.38 -33.64 71.38
N LEU NA 496 50.83 -32.92 70.36
CA LEU NA 496 51.95 -32.01 70.52
C LEU NA 496 51.64 -30.92 71.54
N ALA NA 497 50.41 -30.39 71.50
CA ALA NA 497 50.03 -29.34 72.43
C ALA NA 497 50.18 -29.79 73.88
N SER NA 498 50.10 -31.10 74.11
CA SER NA 498 50.23 -31.65 75.46
C SER NA 498 51.65 -32.08 75.78
N LEU NA 499 52.56 -32.05 74.82
CA LEU NA 499 53.91 -32.55 75.06
C LEU NA 499 54.66 -31.63 76.00
N VAL NA 500 55.26 -32.21 77.04
CA VAL NA 500 55.93 -31.46 78.09
C VAL NA 500 57.26 -32.13 78.39
N ASN NA 501 58.30 -31.32 78.59
CA ASN NA 501 59.62 -31.87 78.83
C ASN NA 501 59.65 -32.61 80.15
N PRO NA 502 60.34 -33.74 80.23
CA PRO NA 502 60.31 -34.53 81.47
C PRO NA 502 61.17 -33.96 82.58
N THR NA 503 62.24 -33.24 82.24
CA THR NA 503 63.18 -32.81 83.26
C THR NA 503 62.63 -31.65 84.08
N THR NA 504 61.95 -30.70 83.44
CA THR NA 504 61.51 -29.49 84.12
C THR NA 504 60.00 -29.29 84.03
N ALA NA 505 59.27 -30.23 83.45
CA ALA NA 505 57.80 -30.22 83.48
C ALA NA 505 57.24 -28.91 82.94
N ASN NA 506 57.78 -28.45 81.82
CA ASN NA 506 57.22 -27.31 81.11
C ASN NA 506 56.99 -27.70 79.65
N PRO NA 507 55.98 -27.12 79.01
CA PRO NA 507 55.65 -27.55 77.64
C PRO NA 507 56.82 -27.33 76.70
N VAL NA 508 57.00 -28.28 75.79
CA VAL NA 508 58.09 -28.19 74.83
C VAL NA 508 57.90 -27.02 73.90
N LEU NA 509 56.69 -26.81 73.41
CA LEU NA 509 56.40 -25.68 72.54
C LEU NA 509 56.16 -24.42 73.37
N ASP NA 510 56.17 -23.29 72.69
CA ASP NA 510 55.97 -22.01 73.34
C ASP NA 510 55.36 -21.04 72.34
N THR NA 511 54.72 -20.00 72.86
CA THR NA 511 54.25 -18.91 72.02
C THR NA 511 55.39 -18.40 71.15
N SER NA 512 55.03 -17.97 69.94
CA SER NA 512 55.95 -17.43 68.95
C SER NA 512 56.99 -18.45 68.49
N PHE NA 513 56.75 -19.74 68.71
CA PHE NA 513 57.73 -20.73 68.25
C PHE NA 513 57.79 -20.73 66.73
N SER NA 514 58.97 -21.06 66.21
CA SER NA 514 59.20 -21.08 64.77
C SER NA 514 58.93 -22.47 64.23
N MET NA 515 58.13 -22.55 63.17
CA MET NA 515 57.66 -23.83 62.65
C MET NA 515 57.92 -23.90 61.15
N ALA NA 516 58.32 -25.08 60.68
CA ALA NA 516 58.45 -25.38 59.26
C ALA NA 516 57.59 -26.58 58.95
N TYR NA 517 56.55 -26.39 58.14
CA TYR NA 517 55.74 -27.50 57.65
C TYR NA 517 56.54 -28.19 56.55
N LEU NA 518 57.57 -28.92 56.98
CA LEU NA 518 58.47 -29.57 56.03
C LEU NA 518 57.72 -30.57 55.16
N GLY NA 519 56.61 -31.11 55.68
CA GLY NA 519 55.76 -31.95 54.86
C GLY NA 519 55.31 -31.21 53.62
N ALA NA 520 54.97 -31.96 52.58
CA ALA NA 520 54.66 -31.35 51.30
C ALA NA 520 53.31 -30.63 51.41
N SER NA 521 53.37 -29.32 51.60
CA SER NA 521 52.20 -28.50 51.34
C SER NA 521 51.78 -28.69 49.89
N SER NA 522 50.54 -29.10 49.67
CA SER NA 522 50.20 -29.67 48.37
C SER NA 522 48.90 -29.13 47.81
N ALA NA 523 48.49 -27.94 48.21
CA ALA NA 523 47.25 -27.33 47.75
C ALA NA 523 46.09 -28.32 47.88
N HIS NA 524 45.90 -28.77 49.11
CA HIS NA 524 44.95 -29.85 49.37
C HIS NA 524 43.52 -29.42 49.06
N ALA NA 525 42.83 -30.24 48.28
CA ALA NA 525 41.42 -30.02 47.95
C ALA NA 525 41.19 -28.62 47.39
N ASN NA 526 40.35 -27.85 48.07
CA ASN NA 526 39.98 -26.52 47.60
C ASN NA 526 40.99 -25.45 47.97
N ALA NA 527 41.90 -25.72 48.90
CA ALA NA 527 42.84 -24.71 49.36
C ALA NA 527 44.18 -24.84 48.64
N ASP NA 528 45.02 -23.83 48.83
CA ASP NA 528 46.37 -23.82 48.29
C ASP NA 528 47.42 -24.27 49.29
N GLU NA 529 47.03 -24.51 50.54
CA GLU NA 529 47.94 -24.96 51.57
C GLU NA 529 47.18 -25.92 52.47
N PRO NA 530 47.88 -26.79 53.20
CA PRO NA 530 47.18 -27.70 54.11
C PRO NA 530 46.30 -26.92 55.09
N VAL NA 531 45.06 -27.38 55.22
CA VAL NA 531 44.04 -26.60 55.92
C VAL NA 531 44.39 -26.41 57.39
N ILE NA 532 45.16 -27.34 57.96
CA ILE NA 532 45.48 -27.27 59.38
C ILE NA 532 46.17 -25.97 59.73
N LEU NA 533 46.84 -25.33 58.77
CA LEU NA 533 47.56 -24.10 59.04
C LEU NA 533 46.62 -23.00 59.51
N ALA NA 534 45.40 -22.96 58.95
CA ALA NA 534 44.45 -21.94 59.36
C ALA NA 534 44.13 -22.06 60.85
N ASP NA 535 43.91 -23.29 61.32
CA ASP NA 535 43.67 -23.50 62.74
C ASP NA 535 44.88 -23.08 63.56
N ILE NA 536 46.07 -23.43 63.10
CA ILE NA 536 47.29 -23.11 63.85
C ILE NA 536 47.47 -21.60 63.94
N ARG NA 537 47.33 -20.90 62.82
CA ARG NA 537 47.49 -19.46 62.84
C ARG NA 537 46.45 -18.79 63.72
N SER NA 538 45.25 -19.36 63.79
CA SER NA 538 44.16 -18.77 64.54
C SER NA 538 44.10 -19.25 65.99
N GLY NA 539 45.00 -20.14 66.39
CA GLY NA 539 44.91 -20.69 67.72
C GLY NA 539 43.68 -21.53 67.97
N SER NA 540 43.10 -22.08 66.91
CA SER NA 540 41.89 -22.87 67.05
C SER NA 540 42.13 -24.11 67.90
N ILE NA 541 43.32 -24.69 67.83
CA ILE NA 541 43.64 -25.91 68.57
C ILE NA 541 43.82 -25.56 70.03
N PRO NA 542 43.05 -26.16 70.94
CA PRO NA 542 43.18 -25.84 72.35
C PRO NA 542 44.53 -26.28 72.90
N GLY NA 543 45.13 -25.41 73.71
CA GLY NA 543 46.39 -25.69 74.35
C GLY NA 543 47.61 -25.50 73.48
N LEU NA 544 47.43 -25.24 72.20
CA LEU NA 544 48.58 -25.08 71.31
C LEU NA 544 48.94 -23.61 71.20
N PRO NA 545 50.20 -23.25 71.45
CA PRO NA 545 50.60 -21.84 71.33
C PRO NA 545 50.65 -21.38 69.89
N ILE NA 546 50.63 -20.06 69.72
CA ILE NA 546 50.67 -19.46 68.40
C ILE NA 546 52.12 -19.44 67.90
N PRO NA 547 52.40 -19.94 66.71
CA PRO NA 547 53.75 -19.80 66.14
C PRO NA 547 54.00 -18.39 65.63
N ARG NA 548 55.26 -18.00 65.67
CA ARG NA 548 55.63 -16.68 65.15
C ARG NA 548 55.52 -16.65 63.63
N ARG NA 549 55.94 -17.73 62.97
CA ARG NA 549 55.88 -17.81 61.51
C ARG NA 549 55.92 -19.26 61.10
N ILE NA 550 55.41 -19.53 59.91
CA ILE NA 550 55.34 -20.88 59.36
C ILE NA 550 55.94 -20.86 57.96
N VAL NA 551 56.79 -21.85 57.67
CA VAL NA 551 57.44 -21.97 56.38
C VAL NA 551 57.11 -23.34 55.81
N GLN NA 552 56.99 -23.40 54.48
CA GLN NA 552 56.52 -24.59 53.79
C GLN NA 552 57.55 -25.08 52.78
N PHE NA 553 57.64 -26.39 52.63
CA PHE NA 553 58.59 -26.99 51.71
C PHE NA 553 57.99 -28.27 51.13
N GLY NA 554 58.64 -28.77 50.08
CA GLY NA 554 58.23 -30.00 49.44
C GLY NA 554 58.24 -29.86 47.93
N TYR NA 555 57.52 -30.76 47.27
CA TYR NA 555 57.42 -30.75 45.82
C TYR NA 555 56.23 -29.96 45.31
N ASP NA 556 55.12 -29.96 46.04
CA ASP NA 556 53.87 -29.39 45.55
C ASP NA 556 53.55 -28.05 46.21
N VAL NA 557 54.57 -27.33 46.68
CA VAL NA 557 54.33 -26.10 47.39
C VAL NA 557 53.91 -25.00 46.43
N VAL NA 558 53.25 -23.98 46.97
CA VAL NA 558 53.04 -22.73 46.24
C VAL NA 558 53.57 -21.58 47.09
N HIS NA 559 53.16 -21.51 48.35
CA HIS NA 559 53.61 -20.46 49.26
C HIS NA 559 54.85 -20.89 50.03
N GLY NA 560 55.89 -21.27 49.31
CA GLY NA 560 57.12 -21.72 49.93
C GLY NA 560 58.22 -21.93 48.92
N SER NA 561 58.98 -23.01 49.07
CA SER NA 561 60.09 -23.28 48.17
C SER NA 561 60.12 -24.76 47.82
N LEU NA 562 60.66 -25.06 46.64
CA LEU NA 562 60.78 -26.43 46.17
C LEU NA 562 62.17 -26.96 46.43
N LEU NA 563 62.25 -28.20 46.91
CA LEU NA 563 63.53 -28.85 47.13
C LEU NA 563 63.28 -30.32 47.43
N ASP NA 564 64.31 -31.12 47.21
CA ASP NA 564 64.28 -32.54 47.53
C ASP NA 564 64.79 -32.74 48.95
N LEU NA 565 63.99 -33.40 49.78
CA LEU NA 565 64.34 -33.60 51.17
C LEU NA 565 65.37 -34.71 51.36
N SER NA 566 65.74 -35.41 50.29
CA SER NA 566 66.67 -36.52 50.40
C SER NA 566 68.13 -36.08 50.42
N ARG NA 567 68.42 -34.81 50.19
CA ARG NA 567 69.78 -34.31 50.15
C ARG NA 567 70.00 -33.26 51.23
N ALA NA 568 71.22 -32.75 51.29
CA ALA NA 568 71.51 -31.58 52.10
C ALA NA 568 70.71 -30.40 51.59
N VAL NA 569 70.31 -29.53 52.51
CA VAL NA 569 69.40 -28.44 52.15
C VAL NA 569 70.00 -27.10 52.59
N PRO NA 570 69.88 -26.06 51.77
CA PRO NA 570 70.33 -24.73 52.16
C PRO NA 570 69.24 -23.97 52.92
N THR NA 571 69.07 -24.32 54.19
CA THR NA 571 67.99 -23.77 55.00
C THR NA 571 68.52 -23.33 56.34
N GLY NA 572 67.69 -22.58 57.06
CA GLY NA 572 67.96 -22.27 58.45
C GLY NA 572 67.54 -23.42 59.34
N THR NA 573 66.89 -23.11 60.46
CA THR NA 573 66.42 -24.16 61.35
C THR NA 573 65.26 -23.63 62.16
N PHE NA 574 64.51 -24.55 62.76
CA PHE NA 574 63.22 -24.23 63.34
C PHE NA 574 63.04 -24.96 64.66
N GLY NA 575 62.13 -24.43 65.47
CA GLY NA 575 61.76 -25.08 66.71
C GLY NA 575 60.96 -26.34 66.48
N LEU NA 576 59.97 -26.26 65.59
CA LEU NA 576 59.14 -27.41 65.24
C LEU NA 576 59.28 -27.70 63.77
N VAL NA 577 59.62 -28.95 63.44
CA VAL NA 577 59.69 -29.43 62.08
C VAL NA 577 58.65 -30.52 61.92
N TYR NA 578 57.65 -30.26 61.08
CA TYR NA 578 56.56 -31.20 60.83
C TYR NA 578 56.80 -31.81 59.46
N ALA NA 579 57.35 -33.02 59.44
CA ALA NA 579 57.75 -33.67 58.20
C ALA NA 579 56.69 -34.69 57.79
N ASP NA 580 55.63 -34.20 57.16
CA ASP NA 580 54.60 -35.06 56.58
C ASP NA 580 54.98 -35.34 55.13
N LEU NA 581 55.92 -36.26 54.97
CA LEU NA 581 56.38 -36.66 53.65
C LEU NA 581 55.98 -38.10 53.39
N ASP NA 582 55.49 -38.36 52.19
CA ASP NA 582 55.30 -39.74 51.75
C ASP NA 582 56.62 -40.32 51.27
N GLN NA 583 56.72 -41.65 51.33
CA GLN NA 583 57.83 -42.37 50.75
C GLN NA 583 57.43 -43.20 49.54
N VAL NA 584 56.15 -43.54 49.41
CA VAL NA 584 55.71 -44.47 48.39
C VAL NA 584 55.74 -43.86 46.98
N GLU NA 585 55.77 -42.53 46.87
CA GLU NA 585 55.60 -41.91 45.58
C GLU NA 585 56.70 -42.26 44.59
N ASP NA 586 57.82 -42.81 45.06
CA ASP NA 586 58.86 -43.29 44.17
C ASP NA 586 59.28 -44.72 44.51
N ALA NA 587 58.52 -45.40 45.35
CA ALA NA 587 58.82 -46.79 45.70
C ALA NA 587 57.49 -47.47 46.01
N GLY NA 588 56.96 -48.19 45.03
CA GLY NA 588 55.70 -48.89 45.22
C GLY NA 588 55.80 -50.00 46.25
N THR NA 589 56.68 -50.97 46.00
CA THR NA 589 56.89 -52.05 46.95
C THR NA 589 58.37 -52.33 47.19
N ASP NA 590 59.27 -51.50 46.67
CA ASP NA 590 60.70 -51.74 46.81
C ASP NA 590 61.14 -51.27 48.19
N MET NA 591 61.11 -52.21 49.13
CA MET NA 591 61.37 -51.86 50.53
C MET NA 591 62.74 -51.23 50.76
N PRO NA 592 63.85 -51.80 50.28
CA PRO NA 592 65.15 -51.16 50.55
C PRO NA 592 65.21 -49.73 50.04
N ALA NA 593 64.63 -49.47 48.87
CA ALA NA 593 64.56 -48.10 48.38
C ALA NA 593 63.74 -47.23 49.32
N ALA NA 594 62.60 -47.75 49.78
CA ALA NA 594 61.79 -47.00 50.72
C ALA NA 594 62.54 -46.75 52.01
N ASN NA 595 63.31 -47.73 52.47
CA ASN NA 595 64.08 -47.56 53.70
C ASN NA 595 65.10 -46.44 53.55
N ARG NA 596 65.81 -46.40 52.43
CA ARG NA 596 66.80 -45.35 52.22
C ARG NA 596 66.15 -43.98 52.22
N ALA NA 597 65.00 -43.85 51.56
CA ALA NA 597 64.30 -42.58 51.53
C ALA NA 597 63.91 -42.15 52.94
N ALA NA 598 63.33 -43.06 53.71
CA ALA NA 598 62.89 -42.73 55.05
C ALA NA 598 64.07 -42.30 55.92
N ILE NA 599 65.15 -43.06 55.87
CA ILE NA 599 66.32 -42.73 56.68
C ILE NA 599 66.87 -41.37 56.30
N ALA NA 600 66.97 -41.10 55.00
CA ALA NA 600 67.50 -39.83 54.56
C ALA NA 600 66.64 -38.67 55.04
N MET NA 601 65.33 -38.78 54.84
CA MET NA 601 64.44 -37.69 55.25
C MET NA 601 64.49 -37.49 56.76
N LEU NA 602 64.59 -38.56 57.52
CA LEU NA 602 64.70 -38.44 58.97
C LEU NA 602 65.93 -37.62 59.34
N GLY NA 603 67.06 -37.92 58.72
CA GLY NA 603 68.28 -37.21 59.05
C GLY NA 603 68.17 -35.73 58.77
N THR NA 604 67.67 -35.38 57.58
CA THR NA 604 67.52 -33.97 57.24
C THR NA 604 66.55 -33.28 58.18
N ALA NA 605 65.45 -33.95 58.51
CA ALA NA 605 64.47 -33.34 59.40
C ALA NA 605 65.08 -33.01 60.75
N LEU NA 606 65.88 -33.93 61.29
CA LEU NA 606 66.57 -33.64 62.54
C LEU NA 606 67.54 -32.47 62.38
N GLN NA 607 68.23 -32.42 61.24
CA GLN NA 607 69.21 -31.37 61.03
C GLN NA 607 68.58 -29.98 60.94
N MET NA 608 67.29 -29.90 60.63
CA MET NA 608 66.62 -28.62 60.51
C MET NA 608 66.02 -28.15 61.82
N THR NA 609 66.21 -28.88 62.90
CA THR NA 609 65.65 -28.52 64.20
C THR NA 609 66.72 -27.87 65.06
N THR NA 610 66.34 -26.79 65.73
CA THR NA 610 67.23 -26.14 66.68
C THR NA 610 67.40 -27.02 67.91
N ALA NA 611 68.40 -26.69 68.72
CA ALA NA 611 68.58 -27.37 69.99
C ALA NA 611 67.34 -27.20 70.85
N GLY NA 612 66.95 -28.27 71.52
CA GLY NA 612 65.73 -28.24 72.32
C GLY NA 612 64.46 -28.24 71.51
N GLY NA 613 64.54 -28.35 70.19
CA GLY NA 613 63.36 -28.38 69.36
C GLY NA 613 62.74 -29.76 69.32
N VAL NA 614 61.69 -29.88 68.51
CA VAL NA 614 60.96 -31.12 68.35
C VAL NA 614 60.66 -31.33 66.87
N SER NA 615 60.81 -32.57 66.42
CA SER NA 615 60.54 -32.91 65.04
C SER NA 615 59.70 -34.17 64.97
N VAL NA 616 58.78 -34.21 64.01
CA VAL NA 616 57.95 -35.38 63.78
C VAL NA 616 58.14 -35.81 62.33
N LEU NA 617 57.90 -37.09 62.08
CA LEU NA 617 58.07 -37.65 60.73
C LEU NA 617 57.05 -38.76 60.53
N LYS NA 618 56.39 -38.74 59.37
CA LYS NA 618 55.51 -39.81 58.98
C LYS NA 618 56.31 -40.88 58.25
N VAL NA 619 56.13 -42.13 58.65
CA VAL NA 619 56.82 -43.26 58.04
C VAL NA 619 55.78 -44.21 57.49
N ASN NA 620 55.91 -44.56 56.20
CA ASN NA 620 54.95 -45.44 55.57
C ASN NA 620 55.09 -46.87 56.08
N PHE NA 621 56.32 -47.35 56.24
CA PHE NA 621 56.57 -48.76 56.52
C PHE NA 621 57.54 -48.91 57.68
N PRO NA 622 57.06 -49.16 58.88
CA PRO NA 622 57.97 -49.43 60.01
C PRO NA 622 58.62 -50.79 59.87
N THR NA 623 59.65 -50.87 59.04
CA THR NA 623 60.35 -52.11 58.78
C THR NA 623 61.51 -52.28 59.76
N ARG NA 624 61.77 -53.52 60.16
CA ARG NA 624 62.83 -53.76 61.13
C ARG NA 624 64.18 -53.28 60.60
N ALA NA 625 64.39 -53.36 59.29
CA ALA NA 625 65.60 -52.78 58.71
C ALA NA 625 65.64 -51.28 58.96
N PHE NA 626 64.50 -50.62 58.77
CA PHE NA 626 64.44 -49.18 59.02
C PHE NA 626 64.76 -48.88 60.47
N TRP NA 627 64.18 -49.65 61.39
CA TRP NA 627 64.44 -49.43 62.81
C TRP NA 627 65.91 -49.65 63.13
N THR NA 628 66.53 -50.63 62.48
CA THR NA 628 67.94 -50.90 62.72
C THR NA 628 68.78 -49.66 62.44
N GLN NA 629 68.57 -49.03 61.29
CA GLN NA 629 69.37 -47.86 60.93
C GLN NA 629 69.06 -46.69 61.86
N VAL NA 630 67.82 -46.58 62.31
CA VAL NA 630 67.44 -45.45 63.16
C VAL NA 630 68.32 -45.40 64.39
N PHE NA 631 68.44 -46.53 65.09
CA PHE NA 631 69.27 -46.56 66.28
C PHE NA 631 70.75 -46.66 65.95
N ASN NA 632 71.10 -46.97 64.70
CA ASN NA 632 72.51 -46.96 64.33
C ASN NA 632 73.04 -45.54 64.17
N LEU NA 633 72.17 -44.60 63.78
CA LEU NA 633 72.63 -43.27 63.40
C LEU NA 633 72.16 -42.18 64.35
N TYR NA 634 70.85 -42.04 64.54
CA TYR NA 634 70.30 -40.87 65.20
C TYR NA 634 70.08 -41.08 66.69
N ALA NA 635 70.74 -42.08 67.28
CA ALA NA 635 70.41 -42.47 68.64
C ALA NA 635 70.68 -41.37 69.66
N THR NA 636 71.52 -40.39 69.33
CA THR NA 636 71.92 -39.36 70.28
C THR NA 636 71.33 -37.99 69.97
N HIS NA 637 70.46 -37.89 68.98
CA HIS NA 637 70.04 -36.58 68.50
C HIS NA 637 68.84 -36.00 69.24
N ALA NA 638 68.22 -36.76 70.14
CA ALA NA 638 67.06 -36.26 70.85
C ALA NA 638 66.97 -36.95 72.20
N THR NA 639 66.13 -36.37 73.07
CA THR NA 639 65.97 -36.89 74.43
C THR NA 639 64.91 -37.98 74.52
N THR NA 640 63.79 -37.82 73.83
CA THR NA 640 62.65 -38.71 74.00
C THR NA 640 62.03 -39.02 72.65
N LEU NA 641 61.21 -40.07 72.64
CA LEU NA 641 60.61 -40.56 71.41
C LEU NA 641 59.30 -41.27 71.73
N HIS NA 642 58.28 -41.00 70.91
CA HIS NA 642 56.98 -41.65 71.02
C HIS NA 642 56.53 -42.11 69.65
N LEU NA 643 55.41 -42.80 69.62
CA LEU NA 643 54.76 -43.21 68.37
C LEU NA 643 53.30 -42.82 68.42
N VAL NA 644 52.89 -41.97 67.49
CA VAL NA 644 51.50 -41.54 67.37
C VAL NA 644 50.91 -42.22 66.14
N LYS NA 645 49.82 -42.95 66.33
CA LYS NA 645 49.20 -43.74 65.27
C LYS NA 645 47.72 -43.43 65.18
N PRO NA 646 47.33 -42.49 64.32
CA PRO NA 646 45.92 -42.35 63.98
C PRO NA 646 45.54 -43.40 62.95
N THR NA 647 44.29 -43.85 63.04
CA THR NA 647 43.73 -44.78 62.07
C THR NA 647 42.55 -44.10 61.39
N ILE NA 648 42.71 -43.78 60.10
CA ILE NA 648 41.65 -43.23 59.28
C ILE NA 648 41.18 -44.25 58.25
N VAL NA 649 42.12 -44.90 57.57
CA VAL NA 649 41.85 -46.07 56.76
C VAL NA 649 42.95 -47.08 57.06
N ASN NA 650 42.75 -48.31 56.59
CA ASN NA 650 43.67 -49.38 56.90
C ASN NA 650 45.03 -49.11 56.24
N SER NA 651 46.02 -48.76 57.06
CA SER NA 651 47.36 -48.52 56.56
C SER NA 651 48.35 -48.76 57.69
N SER NA 652 49.58 -49.09 57.31
CA SER NA 652 50.63 -49.42 58.27
C SER NA 652 51.49 -48.21 58.62
N GLU NA 653 51.14 -47.01 58.16
CA GLU NA 653 51.95 -45.85 58.41
C GLU NA 653 51.87 -45.44 59.87
N VAL NA 654 52.93 -44.76 60.33
CA VAL NA 654 53.04 -44.29 61.71
C VAL NA 654 53.67 -42.91 61.71
N PHE NA 655 53.60 -42.24 62.86
CA PHE NA 655 54.24 -40.95 63.07
C PHE NA 655 55.27 -41.07 64.17
N LEU NA 656 56.51 -40.76 63.86
CA LEU NA 656 57.55 -40.62 64.87
C LEU NA 656 57.55 -39.19 65.39
N VAL NA 657 57.97 -39.04 66.64
CA VAL NA 657 58.10 -37.71 67.23
C VAL NA 657 59.32 -37.70 68.13
N PHE NA 658 60.30 -36.86 67.81
CA PHE NA 658 61.52 -36.75 68.58
C PHE NA 658 61.49 -35.47 69.39
N GLY NA 659 61.55 -35.60 70.70
CA GLY NA 659 61.53 -34.46 71.60
C GLY NA 659 62.90 -34.16 72.15
N GLY NA 660 63.12 -32.88 72.43
CA GLY NA 660 64.39 -32.45 73.00
C GLY NA 660 65.55 -32.66 72.06
N ARG NA 661 65.54 -31.95 70.93
CA ARG NA 661 66.64 -32.02 69.99
C ARG NA 661 67.93 -31.61 70.68
N GLN NA 662 68.89 -32.53 70.74
CA GLN NA 662 70.16 -32.26 71.40
C GLN NA 662 71.21 -33.18 70.80
N SER NA 663 72.42 -33.11 71.35
CA SER NA 663 73.54 -33.83 70.76
C SER NA 663 73.83 -35.15 71.46
N ASN NA 664 73.45 -35.30 72.73
CA ASN NA 664 73.92 -36.43 73.51
C ASN NA 664 72.77 -37.27 74.04
N GLY NA 665 71.81 -37.59 73.19
CA GLY NA 665 70.74 -38.50 73.58
C GLY NA 665 71.21 -39.94 73.66
N ALA NA 666 70.34 -40.79 74.21
CA ALA NA 666 70.68 -42.19 74.45
C ALA NA 666 69.50 -43.10 74.10
N LEU NA 667 68.89 -42.86 72.94
CA LEU NA 667 67.72 -43.64 72.56
C LEU NA 667 68.11 -45.06 72.17
N ARG NA 668 67.26 -46.03 72.54
CA ARG NA 668 67.50 -47.43 72.25
C ARG NA 668 66.18 -48.11 71.86
N SER NA 669 66.30 -49.23 71.17
CA SER NA 669 65.14 -50.06 70.89
C SER NA 669 64.70 -50.79 72.16
N THR NA 670 63.41 -50.75 72.44
CA THR NA 670 62.88 -51.30 73.68
C THR NA 670 61.59 -52.04 73.41
N THR NA 671 61.17 -52.84 74.40
CA THR NA 671 60.02 -53.71 74.22
C THR NA 671 58.76 -52.93 73.89
N ALA NA 672 58.68 -51.66 74.31
CA ALA NA 672 57.54 -50.84 73.95
C ALA NA 672 57.36 -50.80 72.44
N LEU NA 673 58.47 -50.69 71.71
CA LEU NA 673 58.40 -50.73 70.26
C LEU NA 673 57.82 -52.05 69.78
N GLN NA 674 58.30 -53.16 70.36
CA GLN NA 674 57.81 -54.46 69.94
C GLN NA 674 56.32 -54.60 70.22
N ARG NA 675 55.87 -54.13 71.37
CA ARG NA 675 54.44 -54.18 71.68
C ARG NA 675 53.63 -53.41 70.66
N ALA NA 676 54.08 -52.20 70.31
CA ALA NA 676 53.32 -51.37 69.41
C ALA NA 676 53.17 -52.02 68.04
N LEU NA 677 54.27 -52.53 67.49
CA LEU NA 677 54.21 -53.12 66.16
C LEU NA 677 53.29 -54.33 66.14
N LEU NA 678 53.38 -55.18 67.16
CA LEU NA 678 52.52 -56.35 67.22
C LEU NA 678 51.06 -55.94 67.23
N SER NA 679 50.70 -54.95 68.04
CA SER NA 679 49.34 -54.45 68.04
C SER NA 679 48.97 -53.88 66.67
N LEU NA 680 49.91 -53.20 66.04
CA LEU NA 680 49.62 -52.56 64.76
C LEU NA 680 49.21 -53.58 63.71
N TYR NA 681 50.07 -54.58 63.47
CA TYR NA 681 49.75 -55.57 62.45
C TYR NA 681 48.51 -56.35 62.82
N ALA NA 682 48.26 -56.55 64.11
CA ALA NA 682 47.05 -57.25 64.53
C ALA NA 682 45.80 -56.52 64.03
N ARG NA 683 45.75 -55.20 64.24
CA ARG NA 683 44.63 -54.43 63.74
C ARG NA 683 44.53 -54.53 62.22
N ASN NA 684 45.67 -54.41 61.54
CA ASN NA 684 45.66 -54.43 60.08
C ASN NA 684 45.13 -55.75 59.57
N ALA NA 685 45.56 -56.86 60.16
CA ALA NA 685 45.04 -58.16 59.78
C ALA NA 685 43.56 -58.26 60.06
N ALA NA 686 43.12 -57.74 61.22
CA ALA NA 686 41.72 -57.82 61.57
C ALA NA 686 40.86 -57.07 60.55
N ILE NA 687 41.28 -55.88 60.17
CA ILE NA 687 40.52 -55.10 59.20
C ILE NA 687 40.43 -55.85 57.87
N ASP NA 688 41.55 -56.41 57.43
CA ASP NA 688 41.57 -57.12 56.15
C ASP NA 688 40.58 -58.27 56.16
N ARG NA 689 40.54 -59.03 57.25
CA ARG NA 689 39.58 -60.13 57.34
C ARG NA 689 38.16 -59.63 57.18
N ALA NA 690 37.84 -58.48 57.78
CA ALA NA 690 36.50 -57.93 57.67
C ALA NA 690 36.17 -57.57 56.23
N VAL NA 691 37.12 -56.95 55.52
CA VAL NA 691 36.87 -56.50 54.16
C VAL NA 691 36.60 -57.65 53.21
N THR NA 692 37.08 -58.85 53.54
CA THR NA 692 36.98 -59.99 52.63
C THR NA 692 35.54 -60.25 52.19
N HIS NA 693 34.57 -59.93 53.05
CA HIS NA 693 33.18 -60.20 52.71
C HIS NA 693 32.59 -59.21 51.72
N ILE NA 694 33.28 -58.10 51.45
CA ILE NA 694 32.70 -57.03 50.63
C ILE NA 694 33.04 -57.25 49.17
N PRO NA 695 32.08 -57.11 48.25
CA PRO NA 695 32.39 -57.18 46.83
C PRO NA 695 32.98 -55.86 46.32
N PHE NA 696 33.63 -55.95 45.17
CA PHE NA 696 34.21 -54.77 44.56
C PHE NA 696 33.12 -53.92 43.90
N PHE NA 697 33.52 -52.83 43.26
CA PHE NA 697 32.56 -51.81 42.87
C PHE NA 697 31.76 -52.19 41.63
N GLY NA 698 32.44 -52.37 40.50
CA GLY NA 698 31.72 -52.45 39.24
C GLY NA 698 30.94 -53.74 39.04
N VAL NA 699 31.21 -54.77 39.83
CA VAL NA 699 30.64 -56.08 39.56
C VAL NA 699 29.16 -56.09 39.92
N PRO NA 700 28.28 -56.53 39.02
CA PRO NA 700 26.90 -56.77 39.42
C PRO NA 700 26.79 -57.95 40.37
N ASP NA 701 25.79 -57.90 41.24
CA ASP NA 701 25.70 -58.87 42.34
C ASP NA 701 25.09 -60.18 41.84
N ASP NA 702 25.92 -60.94 41.14
CA ASP NA 702 25.65 -62.37 41.01
C ASP NA 702 26.03 -63.03 42.33
N GLY NA 703 25.21 -63.97 42.78
CA GLY NA 703 25.24 -64.39 44.16
C GLY NA 703 26.47 -65.16 44.59
N THR NA 704 27.65 -64.56 44.44
CA THR NA 704 28.88 -65.17 44.95
C THR NA 704 29.45 -64.45 46.16
N SER NA 705 29.12 -63.18 46.35
CA SER NA 705 29.67 -62.43 47.47
C SER NA 705 28.93 -62.77 48.76
N ASP NA 706 29.61 -62.53 49.88
CA ASP NA 706 29.00 -62.77 51.18
C ASP NA 706 27.98 -61.71 51.54
N LEU NA 707 28.28 -60.45 51.22
CA LEU NA 707 27.47 -59.32 51.66
C LEU NA 707 26.48 -58.85 50.59
N GLY NA 708 26.06 -59.73 49.70
CA GLY NA 708 25.21 -59.34 48.61
C GLY NA 708 23.77 -59.11 49.03
N ILE NA 709 22.95 -58.78 48.04
CA ILE NA 709 21.53 -58.53 48.23
C ILE NA 709 20.74 -59.54 47.41
N ASP NA 710 19.69 -60.09 48.00
CA ASP NA 710 18.78 -61.00 47.32
C ASP NA 710 17.41 -60.36 47.23
N ALA NA 711 16.79 -60.45 46.06
CA ALA NA 711 15.52 -59.79 45.81
C ALA NA 711 14.63 -60.70 44.97
N VAL NA 712 13.32 -60.53 45.15
CA VAL NA 712 12.32 -61.26 44.39
C VAL NA 712 11.26 -60.27 43.95
N ARG NA 713 10.85 -60.36 42.69
CA ARG NA 713 9.83 -59.48 42.13
C ARG NA 713 8.62 -60.29 41.70
N LEU NA 714 7.44 -59.79 42.05
CA LEU NA 714 6.18 -60.42 41.68
C LEU NA 714 5.22 -59.36 41.18
N PHE NA 715 4.35 -59.76 40.24
CA PHE NA 715 3.36 -58.87 39.66
C PHE NA 715 1.98 -59.33 40.08
N ASP NA 716 1.23 -58.43 40.71
CA ASP NA 716 -0.11 -58.70 41.22
C ASP NA 716 -0.18 -60.04 41.95
N PRO NA 717 0.68 -60.26 42.95
CA PRO NA 717 0.70 -61.56 43.62
C PRO NA 717 -0.57 -61.80 44.42
N MET NA 718 -0.93 -63.06 44.54
CA MET NA 718 -2.07 -63.49 45.34
C MET NA 718 -1.56 -64.49 46.36
N PHE NA 719 -1.09 -63.98 47.49
CA PHE NA 719 -0.62 -64.85 48.55
C PHE NA 719 -1.79 -65.56 49.22
N SER NA 720 -1.59 -66.82 49.57
CA SER NA 720 -2.60 -67.58 50.27
C SER NA 720 -1.94 -68.79 50.91
N ASP NA 721 -2.65 -69.41 51.84
CA ASP NA 721 -2.18 -70.64 52.46
C ASP NA 721 -2.40 -71.86 51.57
N ALA NA 722 -2.87 -71.66 50.35
CA ALA NA 722 -3.05 -72.77 49.43
C ALA NA 722 -1.70 -73.36 49.06
N VAL NA 723 -1.69 -74.69 48.87
CA VAL NA 723 -0.45 -75.40 48.57
C VAL NA 723 0.05 -74.98 47.20
N ALA NA 724 1.38 -74.99 47.04
CA ALA NA 724 2.04 -74.70 45.78
C ALA NA 724 1.75 -73.30 45.25
N ASN NA 725 1.24 -72.42 46.11
CA ASN NA 725 1.04 -71.03 45.71
C ASN NA 725 2.41 -70.40 45.48
N LEU NA 726 2.77 -70.20 44.22
CA LEU NA 726 4.10 -69.72 43.88
C LEU NA 726 4.51 -68.47 44.62
N PRO NA 727 3.70 -67.42 44.72
CA PRO NA 727 4.13 -66.24 45.49
C PRO NA 727 4.49 -66.59 46.92
N SER NA 728 3.72 -67.46 47.56
CA SER NA 728 4.05 -67.86 48.92
C SER NA 728 5.37 -68.62 48.96
N ASN NA 729 5.60 -69.51 48.00
CA ASN NA 729 6.82 -70.29 48.00
C ASN NA 729 8.04 -69.39 47.83
N ALA NA 730 7.99 -68.48 46.85
CA ALA NA 730 9.11 -67.58 46.64
C ALA NA 730 9.34 -66.73 47.88
N LEU NA 731 8.26 -66.23 48.47
CA LEU NA 731 8.38 -65.42 49.67
C LEU NA 731 9.12 -66.18 50.77
N ALA NA 732 8.68 -67.40 51.05
CA ALA NA 732 9.32 -68.19 52.10
C ALA NA 732 10.77 -68.46 51.76
N SER NA 733 11.07 -68.69 50.47
CA SER NA 733 12.43 -68.98 50.08
C SER NA 733 13.35 -67.79 50.34
N LEU NA 734 12.96 -66.61 49.86
CA LEU NA 734 13.81 -65.44 50.04
C LEU NA 734 14.00 -65.12 51.51
N VAL NA 735 12.93 -65.20 52.29
CA VAL NA 735 13.04 -64.93 53.72
C VAL NA 735 14.10 -65.81 54.34
N SER NA 736 14.10 -67.09 53.99
CA SER NA 736 15.05 -68.02 54.58
C SER NA 736 16.50 -67.63 54.32
N ARG NA 737 16.75 -66.82 53.30
CA ARG NA 737 18.10 -66.42 52.96
C ARG NA 737 18.52 -65.11 53.60
N VAL NA 738 17.65 -64.48 54.39
CA VAL NA 738 17.93 -63.15 54.91
C VAL NA 738 17.72 -63.02 56.42
N VAL NA 739 17.02 -63.97 57.04
CA VAL NA 739 16.36 -63.81 58.34
C VAL NA 739 17.11 -62.91 59.32
N PRO NA 740 18.39 -63.15 59.62
CA PRO NA 740 19.06 -62.29 60.61
C PRO NA 740 19.04 -60.82 60.26
N SER NA 741 18.93 -60.47 58.98
CA SER NA 741 18.88 -59.08 58.56
C SER NA 741 17.43 -58.62 58.36
N SER NA 742 17.27 -57.33 58.12
CA SER NA 742 15.96 -56.78 57.89
C SER NA 742 15.43 -57.19 56.52
N ILE NA 743 14.10 -57.16 56.38
CA ILE NA 743 13.42 -57.54 55.16
C ILE NA 743 12.62 -56.34 54.67
N MET NA 744 12.88 -55.92 53.44
CA MET NA 744 12.24 -54.75 52.86
C MET NA 744 11.16 -55.16 51.87
N PHE NA 745 10.21 -54.25 51.65
CA PHE NA 745 9.02 -54.56 50.88
C PHE NA 745 8.52 -53.29 50.19
N THR NA 746 8.18 -53.42 48.91
CA THR NA 746 7.72 -52.27 48.13
C THR NA 746 6.63 -52.70 47.17
N ARG NA 747 5.71 -51.76 46.89
CA ARG NA 747 4.68 -51.93 45.87
C ARG NA 747 4.70 -50.70 44.99
N VAL NA 748 5.02 -50.89 43.72
CA VAL NA 748 5.10 -49.79 42.76
C VAL NA 748 4.05 -50.00 41.69
N PRO NA 749 3.09 -49.07 41.53
CA PRO NA 749 2.05 -49.24 40.50
C PRO NA 749 2.59 -48.82 39.14
N SER NA 750 2.54 -49.75 38.18
CA SER NA 750 2.82 -49.43 36.79
C SER NA 750 1.56 -48.88 36.15
N ASN NA 751 1.59 -48.66 34.84
CA ASN NA 751 0.38 -48.24 34.15
C ASN NA 751 -0.66 -49.35 34.13
N GLY NA 752 -0.23 -50.60 34.22
CA GLY NA 752 -1.12 -51.73 34.28
C GLY NA 752 -1.08 -52.40 35.64
N PRO NA 753 -0.36 -53.51 35.73
CA PRO NA 753 -0.25 -54.21 37.00
C PRO NA 753 0.63 -53.44 37.98
N VAL NA 754 0.67 -53.93 39.21
CA VAL NA 754 1.51 -53.38 40.26
C VAL NA 754 2.64 -54.37 40.51
N SER NA 755 3.88 -53.86 40.51
CA SER NA 755 5.05 -54.68 40.72
C SER NA 755 5.43 -54.65 42.20
N THR NA 756 5.55 -55.82 42.80
CA THR NA 756 5.95 -55.95 44.20
C THR NA 756 7.34 -56.55 44.26
N THR NA 757 8.17 -56.00 45.14
CA THR NA 757 9.53 -56.48 45.30
C THR NA 757 9.85 -56.66 46.77
N ILE NA 758 10.47 -57.78 47.10
CA ILE NA 758 10.88 -58.10 48.46
C ILE NA 758 12.37 -58.42 48.43
N TYR NA 759 13.13 -57.80 49.32
CA TYR NA 759 14.58 -57.94 49.25
C TYR NA 759 15.19 -57.70 50.61
N GLY NA 760 16.43 -58.13 50.75
CA GLY NA 760 17.20 -57.94 51.97
C GLY NA 760 18.63 -58.37 51.74
N LYS NA 761 19.48 -57.99 52.69
CA LYS NA 761 20.90 -58.29 52.61
C LYS NA 761 21.16 -59.72 53.06
N ARG NA 762 21.98 -60.45 52.32
CA ARG NA 762 22.45 -61.75 52.75
C ARG NA 762 23.81 -61.61 53.42
N THR NA 763 24.01 -62.38 54.49
CA THR NA 763 25.26 -62.33 55.24
C THR NA 763 25.69 -63.75 55.58
N PHE NA 764 26.94 -63.88 56.02
CA PHE NA 764 27.41 -65.19 56.47
C PHE NA 764 26.60 -65.69 57.65
N LEU NA 765 26.07 -64.76 58.46
CA LEU NA 765 25.17 -65.16 59.55
C LEU NA 765 23.93 -65.85 58.99
N SER NA 766 23.36 -65.27 57.93
CA SER NA 766 22.19 -65.88 57.31
C SER NA 766 22.52 -67.26 56.77
N ASN NA 767 23.72 -67.42 56.23
CA ASN NA 767 24.14 -68.74 55.75
C ASN NA 767 24.17 -69.75 56.87
N ARG NA 768 24.71 -69.36 58.03
CA ARG NA 768 24.75 -70.27 59.16
C ARG NA 768 23.35 -70.67 59.58
N ARG NA 769 22.43 -69.70 59.64
CA ARG NA 769 21.06 -70.01 60.00
C ARG NA 769 20.43 -70.93 58.96
N ARG NA 770 20.66 -70.65 57.68
CA ARG NA 770 20.08 -71.48 56.63
C ARG NA 770 20.61 -72.90 56.70
N ALA NA 771 21.88 -73.07 57.08
CA ALA NA 771 22.42 -74.41 57.24
C ALA NA 771 21.72 -75.17 58.37
N ARG NA 772 21.27 -74.46 59.40
CA ARG NA 772 20.59 -75.12 60.50
C ARG NA 772 19.24 -75.67 60.07
N LEU NA 773 18.62 -75.09 59.06
CA LEU NA 773 17.30 -75.50 58.64
C LEU NA 773 17.33 -76.90 58.03
N ARG NA 774 16.26 -77.65 58.28
CA ARG NA 774 15.97 -78.86 57.53
C ARG NA 774 14.86 -78.68 56.52
N ASP NA 775 13.97 -77.71 56.74
CA ASP NA 775 12.90 -77.37 55.82
C ASP NA 775 12.60 -75.89 55.97
N VAL NA 776 11.99 -75.32 54.94
CA VAL NA 776 11.73 -73.88 54.88
C VAL NA 776 10.33 -73.63 55.42
N PRO NA 777 10.19 -72.86 56.50
CA PRO NA 777 8.85 -72.58 57.02
C PRO NA 777 8.09 -71.60 56.14
N MET NA 778 6.77 -71.72 56.18
CA MET NA 778 5.89 -70.83 55.44
C MET NA 778 5.44 -69.67 56.33
N LEU NA 779 5.26 -68.51 55.71
CA LEU NA 779 4.93 -67.31 56.45
C LEU NA 779 3.43 -67.13 56.59
N ILE NA 780 3.04 -66.36 57.60
CA ILE NA 780 1.67 -65.89 57.72
C ILE NA 780 1.48 -64.72 56.76
N THR NA 781 0.45 -64.81 55.93
CA THR NA 781 0.29 -63.88 54.82
C THR NA 781 -0.52 -62.65 55.17
N THR NA 782 -1.13 -62.60 56.35
CA THR NA 782 -2.07 -61.52 56.66
C THR NA 782 -1.39 -60.17 56.57
N THR NA 783 -0.18 -60.06 57.11
CA THR NA 783 0.52 -58.78 57.11
C THR NA 783 0.75 -58.28 55.70
N LEU NA 784 1.09 -59.18 54.78
CA LEU NA 784 1.38 -58.75 53.41
C LEU NA 784 0.11 -58.48 52.63
N VAL NA 785 -0.81 -59.46 52.60
CA VAL NA 785 -2.03 -59.31 51.83
C VAL NA 785 -2.82 -58.10 52.28
N HIS NA 786 -2.64 -57.68 53.53
CA HIS NA 786 -3.32 -56.48 54.00
C HIS NA 786 -2.73 -55.22 53.40
N GLN NA 787 -1.49 -55.27 52.93
CA GLN NA 787 -0.83 -54.09 52.40
C GLN NA 787 -1.38 -53.78 51.01
N ARG NA 788 -2.08 -52.66 50.89
CA ARG NA 788 -2.61 -52.21 49.61
C ARG NA 788 -2.20 -50.79 49.29
N ARG NA 789 -1.24 -50.24 50.02
CA ARG NA 789 -0.69 -48.93 49.71
C ARG NA 789 0.23 -49.03 48.50
N PHE NA 790 0.80 -47.89 48.13
CA PHE NA 790 1.89 -47.82 47.18
C PHE NA 790 3.10 -47.21 47.88
N THR NA 791 4.28 -47.58 47.40
CA THR NA 791 5.52 -47.20 48.06
C THR NA 791 6.50 -46.64 47.05
N THR NA 792 7.54 -46.01 47.58
CA THR NA 792 8.67 -45.59 46.76
C THR NA 792 9.42 -46.83 46.26
N PRO NA 793 10.12 -46.72 45.15
CA PRO NA 793 10.81 -47.88 44.58
C PRO NA 793 11.96 -48.32 45.46
N PRO NA 794 12.45 -49.55 45.27
CA PRO NA 794 13.55 -50.05 46.10
C PRO NA 794 14.82 -49.23 45.92
N THR NA 795 15.79 -49.50 46.77
CA THR NA 795 17.04 -48.76 46.79
C THR NA 795 18.26 -49.60 46.49
N PHE NA 796 18.39 -50.77 47.10
CA PHE NA 796 19.49 -51.70 46.84
C PHE NA 796 20.84 -51.06 47.15
N THR NA 797 21.01 -50.68 48.42
CA THR NA 797 22.29 -50.17 48.90
C THR NA 797 22.78 -51.05 50.05
N LEU NA 798 24.09 -51.23 50.10
CA LEU NA 798 24.65 -52.18 51.07
C LEU NA 798 24.71 -51.59 52.47
N PHE NA 799 25.23 -50.38 52.60
CA PHE NA 799 25.46 -49.78 53.91
C PHE NA 799 24.45 -48.67 54.16
N SER NA 800 23.93 -48.64 55.38
CA SER NA 800 22.92 -47.67 55.76
C SER NA 800 23.53 -46.27 55.79
N SER NA 801 22.71 -45.29 56.13
CA SER NA 801 23.14 -43.90 56.12
C SER NA 801 23.68 -43.42 57.45
N GLU NA 802 23.45 -44.15 58.54
CA GLU NA 802 23.77 -43.66 59.86
C GLU NA 802 24.55 -44.72 60.64
N ALA NA 803 25.60 -44.29 61.33
CA ALA NA 803 26.44 -45.19 62.08
C ALA NA 803 25.66 -45.79 63.25
N VAL NA 804 26.00 -47.04 63.59
CA VAL NA 804 25.31 -47.78 64.64
C VAL NA 804 25.68 -47.21 66.00
N PRO NA 805 24.83 -47.35 67.00
CA PRO NA 805 25.17 -46.89 68.35
C PRO NA 805 26.16 -47.82 69.03
N VAL NA 806 26.73 -47.32 70.12
CA VAL NA 806 27.82 -48.03 70.80
C VAL NA 806 27.36 -49.39 71.27
N THR NA 807 26.14 -49.47 71.81
CA THR NA 807 25.64 -50.73 72.37
C THR NA 807 25.73 -51.85 71.36
N THR NA 808 25.43 -51.55 70.09
CA THR NA 808 25.48 -52.57 69.06
C THR NA 808 26.89 -53.12 68.90
N LEU NA 809 27.89 -52.24 68.98
CA LEU NA 809 29.27 -52.70 68.86
C LEU NA 809 29.60 -53.73 69.92
N VAL NA 810 29.21 -53.46 71.16
CA VAL NA 810 29.45 -54.39 72.25
C VAL NA 810 28.76 -55.71 71.98
N ALA NA 811 27.51 -55.64 71.52
CA ALA NA 811 26.77 -56.86 71.21
C ALA NA 811 27.49 -57.67 70.14
N ALA NA 812 27.96 -56.99 69.09
CA ALA NA 812 28.64 -57.70 68.02
C ALA NA 812 29.92 -58.36 68.53
N GLY NA 813 30.68 -57.65 69.35
CA GLY NA 813 31.92 -58.24 69.87
C GLY NA 813 31.66 -59.50 70.64
N TYR NA 814 30.67 -59.48 71.54
CA TYR NA 814 30.34 -60.68 72.29
C TYR NA 814 29.81 -61.77 71.37
N ASN NA 815 29.07 -61.40 70.33
CA ASN NA 815 28.68 -62.39 69.33
C ASN NA 815 29.91 -63.03 68.71
N SER NA 816 30.91 -62.22 68.36
CA SER NA 816 32.14 -62.76 67.81
C SER NA 816 32.79 -63.70 68.81
N PHE NA 817 32.84 -63.31 70.09
CA PHE NA 817 33.45 -64.14 71.11
C PHE NA 817 32.72 -65.48 71.23
N ILE NA 818 31.39 -65.42 71.33
CA ILE NA 818 30.61 -66.65 71.48
C ILE NA 818 30.77 -67.52 70.24
N SER NA 819 30.70 -66.91 69.06
CA SER NA 819 30.83 -67.66 67.82
C SER NA 819 32.15 -68.43 67.80
N GLU NA 820 33.23 -67.81 68.26
CA GLU NA 820 34.51 -68.50 68.31
C GLU NA 820 34.48 -69.59 69.37
N GLN NA 821 33.99 -69.27 70.57
CA GLN NA 821 34.03 -70.22 71.68
C GLN NA 821 33.28 -71.49 71.34
N THR NA 822 32.13 -71.37 70.68
CA THR NA 822 31.29 -72.52 70.38
C THR NA 822 31.93 -73.48 69.39
N ARG NA 823 33.13 -73.20 68.90
CA ARG NA 823 33.79 -74.10 67.96
C ARG NA 823 34.57 -75.20 68.66
N ASN NA 824 34.60 -75.23 69.98
CA ASN NA 824 35.35 -76.25 70.68
C ASN NA 824 34.80 -77.63 70.34
N PRO NA 825 35.63 -78.55 69.86
CA PRO NA 825 35.11 -79.87 69.45
C PRO NA 825 34.61 -80.71 70.61
N ASN NA 826 35.02 -80.41 71.84
CA ASN NA 826 34.65 -81.21 72.99
C ASN NA 826 33.32 -80.78 73.61
N LEU NA 827 32.47 -80.12 72.83
CA LEU NA 827 31.14 -79.72 73.28
C LEU NA 827 30.10 -80.57 72.56
N ALA NA 828 29.18 -81.14 73.33
CA ALA NA 828 28.11 -81.95 72.76
C ALA NA 828 26.73 -81.36 72.94
N HIS NA 829 26.55 -80.38 73.82
CA HIS NA 829 25.26 -79.78 74.05
C HIS NA 829 25.47 -78.32 74.44
N LEU NA 830 24.36 -77.59 74.56
CA LEU NA 830 24.43 -76.22 75.04
C LEU NA 830 23.05 -75.78 75.47
N LEU NA 831 22.96 -75.15 76.63
CA LEU NA 831 21.74 -74.55 77.13
C LEU NA 831 21.93 -73.05 77.17
N ASP NA 832 21.01 -72.34 76.51
CA ASP NA 832 21.04 -70.89 76.52
C ASP NA 832 19.91 -70.38 77.40
N LEU NA 833 20.24 -69.51 78.33
CA LEU NA 833 19.26 -68.96 79.25
C LEU NA 833 18.89 -67.55 78.81
N GLY NA 834 17.60 -67.25 78.79
CA GLY NA 834 17.15 -65.94 78.40
C GLY NA 834 17.29 -65.63 76.93
N THR NA 835 17.16 -66.64 76.08
CA THR NA 835 17.12 -66.39 74.65
C THR NA 835 15.92 -65.53 74.32
N GLY NA 836 16.09 -64.60 73.38
CA GLY NA 836 14.96 -63.89 72.84
C GLY NA 836 14.07 -64.85 72.10
N PRO NA 837 12.79 -64.53 71.98
CA PRO NA 837 11.90 -65.41 71.19
C PRO NA 837 12.43 -65.62 69.79
N GLU NA 838 13.02 -64.58 69.21
CA GLU NA 838 13.89 -64.72 68.06
C GLU NA 838 15.14 -65.47 68.48
N CYS NA 839 15.33 -66.68 67.94
CA CYS NA 839 16.44 -67.53 68.35
C CYS NA 839 17.70 -67.20 67.55
N ARG NA 840 18.20 -65.99 67.78
CA ARG NA 840 19.36 -65.50 67.04
C ARG NA 840 20.61 -66.33 67.29
N ILE NA 841 20.68 -67.04 68.41
CA ILE NA 841 21.86 -67.82 68.72
C ILE NA 841 22.13 -68.85 67.64
N LEU NA 842 21.08 -69.34 66.99
CA LEU NA 842 21.25 -70.34 65.94
C LEU NA 842 22.13 -69.83 64.81
N SER NA 843 22.14 -68.52 64.59
CA SER NA 843 22.96 -67.95 63.52
C SER NA 843 24.45 -67.91 63.86
N LEU NA 844 24.81 -68.14 65.11
CA LEU NA 844 26.21 -68.11 65.51
C LEU NA 844 26.84 -69.48 65.60
N ILE NA 845 26.08 -70.48 66.06
CA ILE NA 845 26.60 -71.78 66.43
C ILE NA 845 26.78 -72.65 65.20
N PRO NA 846 27.84 -73.45 65.13
CA PRO NA 846 27.94 -74.45 64.07
C PRO NA 846 26.75 -75.38 64.08
N PRO NA 847 26.25 -75.79 62.91
CA PRO NA 847 24.97 -76.51 62.87
C PRO NA 847 24.99 -77.87 63.51
N THR NA 848 26.18 -78.42 63.82
CA THR NA 848 26.26 -79.77 64.35
C THR NA 848 26.03 -79.85 65.85
N LEU NA 849 25.93 -78.72 66.54
CA LEU NA 849 25.86 -78.72 67.99
C LEU NA 849 24.41 -78.76 68.47
N GLN NA 850 24.13 -79.63 69.43
CA GLN NA 850 22.82 -79.63 70.06
C GLN NA 850 22.62 -78.36 70.86
N VAL NA 851 21.44 -77.77 70.75
CA VAL NA 851 21.13 -76.48 71.35
C VAL NA 851 19.79 -76.57 72.06
N THR NA 852 19.72 -75.96 73.23
CA THR NA 852 18.45 -75.74 73.92
C THR NA 852 18.38 -74.29 74.36
N MET NA 853 17.27 -73.64 74.07
CA MET NA 853 17.09 -72.21 74.33
C MET NA 853 15.81 -72.00 75.10
N SER NA 854 15.74 -70.86 75.80
CA SER NA 854 14.68 -70.67 76.77
C SER NA 854 14.26 -69.21 76.84
N ASP NA 855 13.02 -69.01 77.27
CA ASP NA 855 12.46 -67.70 77.61
C ASP NA 855 11.09 -67.92 78.21
N ALA NA 856 10.60 -66.91 78.93
CA ALA NA 856 9.23 -66.96 79.42
C ALA NA 856 8.21 -66.81 78.29
N ARG NA 857 8.62 -66.30 77.15
CA ARG NA 857 7.75 -66.08 76.02
C ARG NA 857 7.83 -67.23 75.04
N PRO NA 858 6.81 -67.44 74.21
CA PRO NA 858 6.89 -68.48 73.20
C PRO NA 858 7.93 -68.13 72.15
N CYS NA 859 8.46 -69.17 71.51
CA CYS NA 859 9.42 -68.96 70.44
C CYS NA 859 8.76 -68.25 69.26
N ALA NA 860 9.53 -67.45 68.55
CA ALA NA 860 9.04 -66.73 67.39
C ALA NA 860 9.19 -67.51 66.10
N GLU NA 861 9.78 -68.70 66.15
CA GLU NA 861 10.14 -69.44 64.94
C GLU NA 861 9.51 -70.82 64.97
N LEU NA 862 9.16 -71.32 63.78
CA LEU NA 862 8.53 -72.63 63.63
C LEU NA 862 9.56 -73.70 63.97
N MET NA 863 9.42 -74.29 65.16
CA MET NA 863 10.37 -75.31 65.59
C MET NA 863 10.31 -76.57 64.72
N ALA NA 864 9.21 -76.78 64.00
CA ALA NA 864 9.11 -77.94 63.13
C ALA NA 864 10.08 -77.89 61.95
N SER NA 865 10.70 -76.73 61.69
CA SER NA 865 11.61 -76.59 60.58
C SER NA 865 13.00 -77.13 60.89
N PHE NA 866 13.28 -77.50 62.12
CA PHE NA 866 14.59 -77.98 62.51
C PHE NA 866 14.54 -79.45 62.88
N ASP NA 867 15.73 -80.03 63.01
CA ASP NA 867 15.84 -81.37 63.57
C ASP NA 867 15.61 -81.28 65.07
N PRO NA 868 14.60 -81.96 65.62
CA PRO NA 868 14.37 -81.86 67.06
C PRO NA 868 15.52 -82.35 67.91
N ALA NA 869 16.33 -83.28 67.39
CA ALA NA 869 17.46 -83.76 68.17
C ALA NA 869 18.53 -82.69 68.32
N LEU NA 870 18.58 -81.73 67.40
CA LEU NA 870 19.62 -80.71 67.43
C LEU NA 870 19.18 -79.41 68.08
N THR NA 871 17.89 -79.11 68.08
CA THR NA 871 17.38 -77.86 68.62
C THR NA 871 16.18 -78.14 69.52
N ALA NA 872 16.04 -77.34 70.56
CA ALA NA 872 14.92 -77.45 71.48
C ALA NA 872 14.67 -76.09 72.12
N TYR NA 873 13.41 -75.69 72.16
CA TYR NA 873 13.00 -74.44 72.78
C TYR NA 873 12.15 -74.76 73.99
N VAL NA 874 12.53 -74.22 75.14
CA VAL NA 874 11.83 -74.48 76.40
C VAL NA 874 11.30 -73.16 76.94
N GLN NA 875 9.99 -73.08 77.09
CA GLN NA 875 9.37 -71.86 77.61
C GLN NA 875 9.30 -71.96 79.13
N GLY NA 876 9.88 -70.98 79.81
CA GLY NA 876 9.88 -70.98 81.26
C GLY NA 876 10.78 -69.88 81.78
N ASP NA 877 10.79 -69.77 83.10
CA ASP NA 877 11.58 -68.77 83.80
C ASP NA 877 12.68 -69.48 84.58
N TYR NA 878 13.92 -69.33 84.14
CA TYR NA 878 15.04 -69.94 84.84
C TYR NA 878 15.40 -69.21 86.12
N SER NA 879 14.64 -68.20 86.52
CA SER NA 879 14.84 -67.66 87.86
C SER NA 879 14.28 -68.63 88.90
N THR NA 880 13.29 -69.43 88.53
CA THR NA 880 12.62 -70.33 89.45
C THR NA 880 13.35 -71.66 89.52
N ALA NA 881 13.29 -72.29 90.70
CA ALA NA 881 13.85 -73.62 90.85
C ALA NA 881 13.04 -74.65 90.08
N ALA NA 882 11.72 -74.42 89.93
CA ALA NA 882 10.88 -75.35 89.19
C ALA NA 882 11.30 -75.45 87.74
N PHE NA 883 12.08 -74.49 87.25
CA PHE NA 883 12.54 -74.54 85.87
C PHE NA 883 13.40 -75.77 85.61
N TRP NA 884 14.25 -76.14 86.57
CA TRP NA 884 15.16 -77.26 86.40
C TRP NA 884 14.45 -78.56 86.79
N ASN NA 885 13.81 -79.16 85.81
CA ASN NA 885 13.26 -80.50 85.94
C ASN NA 885 13.47 -81.21 84.62
N GLY NA 886 14.39 -82.18 84.60
CA GLY NA 886 14.75 -82.84 83.38
C GLY NA 886 15.73 -82.10 82.51
N ILE NA 887 16.25 -80.97 82.98
CA ILE NA 887 17.18 -80.16 82.19
C ILE NA 887 18.56 -80.79 82.25
N ARG NA 888 19.07 -81.21 81.10
CA ARG NA 888 20.38 -81.83 81.00
C ARG NA 888 21.20 -81.13 79.93
N CYS NA 889 22.48 -80.92 80.21
CA CYS NA 889 23.41 -80.34 79.25
C CYS NA 889 24.82 -80.46 79.80
N ASP NA 890 25.80 -80.15 78.96
CA ASP NA 890 27.20 -80.13 79.35
C ASP NA 890 27.74 -78.74 79.54
N SER NA 891 27.09 -77.73 78.95
CA SER NA 891 27.57 -76.36 78.99
C SER NA 891 26.38 -75.43 78.85
N ALA NA 892 26.58 -74.18 79.27
CA ALA NA 892 25.48 -73.22 79.28
C ALA NA 892 26.05 -71.82 79.10
N THR NA 893 25.14 -70.87 78.87
CA THR NA 893 25.53 -69.47 78.75
C THR NA 893 24.33 -68.58 79.01
N ALA NA 894 24.63 -67.33 79.35
CA ALA NA 894 23.59 -66.33 79.58
C ALA NA 894 24.20 -64.96 79.32
N ILE NA 895 23.71 -64.28 78.30
CA ILE NA 895 24.29 -63.03 77.82
C ILE NA 895 23.22 -61.97 77.79
N PHE NA 896 23.51 -60.81 78.39
CA PHE NA 896 22.59 -59.67 78.44
C PHE NA 896 21.26 -60.05 79.10
N THR NA 897 21.30 -61.01 80.01
CA THR NA 897 20.09 -61.49 80.67
C THR NA 897 20.19 -61.48 82.18
N LEU NA 898 21.38 -61.67 82.74
CA LEU NA 898 21.51 -61.85 84.18
C LEU NA 898 21.03 -60.62 84.94
N GLY NA 899 21.54 -59.45 84.59
CA GLY NA 899 21.18 -58.25 85.31
C GLY NA 899 19.69 -57.97 85.26
N ALA NA 900 19.08 -58.17 84.10
CA ALA NA 900 17.64 -57.96 83.97
C ALA NA 900 16.87 -58.93 84.86
N ALA NA 901 17.24 -60.21 84.82
CA ALA NA 901 16.54 -61.20 85.63
C ALA NA 901 16.70 -60.91 87.11
N ALA NA 902 17.91 -60.51 87.53
CA ALA NA 902 18.11 -60.14 88.92
C ALA NA 902 17.25 -58.95 89.31
N ALA NA 903 17.17 -57.96 88.42
CA ALA NA 903 16.31 -56.81 88.68
C ALA NA 903 14.86 -57.24 88.79
N ALA NA 904 14.41 -58.12 87.89
CA ALA NA 904 13.05 -58.63 87.97
C ALA NA 904 12.84 -59.40 89.27
N ALA NA 905 13.83 -60.16 89.69
CA ALA NA 905 13.76 -60.89 90.95
C ALA NA 905 13.94 -59.97 92.16
N GLY NA 906 14.28 -58.70 91.94
CA GLY NA 906 14.44 -57.77 93.03
C GLY NA 906 15.57 -58.17 93.97
N THR NA 907 16.71 -58.55 93.41
CA THR NA 907 17.83 -59.01 94.20
C THR NA 907 19.13 -58.52 93.59
N ASP NA 908 20.19 -58.56 94.40
CA ASP NA 908 21.52 -58.24 93.92
C ASP NA 908 22.07 -59.39 93.08
N LEU NA 909 23.20 -59.13 92.42
CA LEU NA 909 23.82 -60.15 91.60
C LEU NA 909 24.30 -61.32 92.45
N ILE NA 910 25.00 -61.03 93.55
CA ILE NA 910 25.65 -62.07 94.32
C ILE NA 910 24.64 -63.11 94.79
N ALA NA 911 23.54 -62.64 95.37
CA ALA NA 911 22.50 -63.57 95.80
C ALA NA 911 21.92 -64.32 94.61
N PHE NA 912 21.73 -63.62 93.50
CA PHE NA 912 21.09 -64.23 92.33
C PHE NA 912 21.94 -65.38 91.79
N VAL NA 913 23.24 -65.14 91.61
CA VAL NA 913 24.10 -66.17 91.03
C VAL NA 913 24.28 -67.32 92.01
N GLN NA 914 24.28 -67.04 93.31
CA GLN NA 914 24.58 -68.08 94.29
C GLN NA 914 23.56 -69.20 94.25
N GLN NA 915 22.31 -68.88 93.95
CA GLN NA 915 21.28 -69.91 93.82
C GLN NA 915 21.09 -70.38 92.39
N LEU NA 916 21.86 -69.82 91.45
CA LEU NA 916 21.73 -70.17 90.04
C LEU NA 916 22.77 -71.21 89.62
N ILE NA 917 24.05 -70.91 89.82
CA ILE NA 917 25.15 -71.76 89.40
C ILE NA 917 25.00 -73.18 89.92
N PRO NA 918 24.64 -73.40 91.19
CA PRO NA 918 24.46 -74.80 91.65
C PRO NA 918 23.46 -75.57 90.81
N ARG NA 919 22.38 -74.93 90.37
CA ARG NA 919 21.41 -75.63 89.53
C ARG NA 919 22.05 -76.06 88.21
N ILE NA 920 22.87 -75.19 87.62
CA ILE NA 920 23.57 -75.56 86.39
C ILE NA 920 24.50 -76.73 86.64
N VAL NA 921 25.23 -76.69 87.76
CA VAL NA 921 26.09 -77.82 88.11
C VAL NA 921 25.26 -79.08 88.26
N ALA NA 922 24.12 -78.98 88.95
CA ALA NA 922 23.25 -80.13 89.10
C ALA NA 922 22.75 -80.64 87.76
N ALA NA 923 22.60 -79.74 86.78
CA ALA NA 923 22.13 -80.12 85.46
C ALA NA 923 23.20 -80.83 84.64
N GLY NA 924 24.34 -81.15 85.23
CA GLY NA 924 25.41 -81.80 84.51
C GLY NA 924 26.30 -80.86 83.70
N GLY NA 925 26.04 -79.56 83.74
CA GLY NA 925 26.90 -78.63 83.04
C GLY NA 925 28.28 -78.55 83.65
N THR NA 926 29.25 -78.21 82.83
CA THR NA 926 30.64 -78.14 83.26
C THR NA 926 31.24 -76.75 83.12
N ARG NA 927 30.95 -76.05 82.04
CA ARG NA 927 31.52 -74.74 81.81
C ARG NA 927 30.42 -73.80 81.34
N MET NA 928 30.60 -72.51 81.62
CA MET NA 928 29.62 -71.52 81.21
C MET NA 928 30.29 -70.19 81.00
N TRP NA 929 29.68 -69.37 80.13
CA TRP NA 929 30.07 -68.00 79.92
C TRP NA 929 28.93 -67.10 80.37
N LEU NA 930 29.22 -66.18 81.28
CA LEU NA 930 28.20 -65.36 81.89
C LEU NA 930 28.57 -63.89 81.74
N GLN NA 931 27.60 -63.06 81.38
CA GLN NA 931 27.83 -61.64 81.16
C GLN NA 931 27.40 -60.88 82.40
N LEU NA 932 28.32 -60.74 83.34
CA LEU NA 932 28.09 -59.96 84.54
C LEU NA 932 28.46 -58.51 84.29
N ASN NA 933 27.62 -57.60 84.76
CA ASN NA 933 27.92 -56.18 84.70
C ASN NA 933 28.67 -55.79 85.97
N THR NA 934 29.94 -55.41 85.81
CA THR NA 934 30.77 -55.09 86.95
C THR NA 934 31.95 -54.27 86.50
N PRO NA 935 32.39 -53.29 87.27
CA PRO NA 935 33.56 -52.49 86.90
C PRO NA 935 34.85 -53.25 87.17
N LEU NA 936 35.49 -53.70 86.09
CA LEU NA 936 36.75 -54.42 86.25
C LEU NA 936 37.92 -53.48 86.45
N TYR NA 937 38.00 -52.44 85.63
CA TYR NA 937 39.18 -51.58 85.63
C TYR NA 937 39.06 -50.43 86.63
N GLU NA 938 37.95 -49.71 86.60
CA GLU NA 938 37.68 -48.70 87.62
C GLU NA 938 36.21 -48.34 87.57
N VAL NA 939 35.75 -47.71 88.65
CA VAL NA 939 34.39 -47.19 88.72
C VAL NA 939 34.37 -45.83 88.05
N SER NA 940 33.72 -45.74 86.89
CA SER NA 940 33.63 -44.48 86.17
C SER NA 940 32.45 -44.56 85.21
N SER NA 941 31.45 -43.72 85.43
CA SER NA 941 30.26 -43.76 84.61
C SER NA 941 30.53 -43.21 83.21
N LEU NA 942 29.93 -43.83 82.22
CA LEU NA 942 29.94 -43.27 80.88
C LEU NA 942 28.85 -42.21 80.76
N PRO NA 943 29.18 -41.02 80.27
CA PRO NA 943 28.32 -39.84 80.51
C PRO NA 943 26.85 -40.05 80.23
N ASP NA 944 26.48 -40.86 79.25
CA ASP NA 944 25.06 -41.10 79.02
C ASP NA 944 24.73 -42.57 78.89
N LEU NA 945 25.69 -43.36 78.43
CA LEU NA 945 25.41 -44.77 78.16
C LEU NA 945 25.15 -45.55 79.44
N ILE NA 946 26.04 -45.40 80.42
CA ILE NA 946 25.92 -46.14 81.68
C ILE NA 946 26.27 -45.20 82.82
N ASP NA 947 25.35 -45.06 83.77
CA ASP NA 947 25.60 -44.33 85.01
C ASP NA 947 25.66 -45.31 86.15
N ILE NA 948 26.71 -45.22 86.95
CA ILE NA 948 26.96 -46.14 88.05
C ILE NA 948 26.40 -45.52 89.32
N ASP NA 949 25.47 -46.21 89.97
CA ASP NA 949 24.95 -45.79 91.25
C ASP NA 949 25.76 -46.41 92.38
N LEU NA 950 25.91 -45.67 93.46
CA LEU NA 950 26.72 -46.12 94.59
C LEU NA 950 25.95 -46.21 95.88
N ARG NA 951 25.02 -45.28 96.14
CA ARG NA 951 24.16 -45.43 97.31
C ARG NA 951 23.35 -46.71 97.24
N ASP NA 952 23.17 -47.26 96.05
CA ASP NA 952 22.80 -48.65 95.87
C ASP NA 952 23.48 -49.14 94.61
N ARG NA 953 23.80 -50.44 94.60
CA ARG NA 953 24.65 -50.99 93.55
C ARG NA 953 23.81 -51.26 92.31
N VAL NA 954 23.75 -50.28 91.41
CA VAL NA 954 22.86 -50.33 90.26
C VAL NA 954 23.48 -49.54 89.11
N TYR NA 955 23.29 -50.03 87.89
CA TYR NA 955 23.60 -49.29 86.68
C TYR NA 955 22.36 -48.62 86.13
N ARG NA 956 22.56 -47.47 85.48
CA ARG NA 956 21.52 -46.79 84.72
C ARG NA 956 21.91 -46.82 83.25
N PHE NA 957 21.03 -47.37 82.41
CA PHE NA 957 21.28 -47.48 80.98
C PHE NA 957 20.51 -46.42 80.22
N ASN NA 958 21.20 -45.76 79.29
CA ASN NA 958 20.60 -44.78 78.40
C ASN NA 958 19.85 -43.71 79.20
N GLY NA 959 20.54 -43.16 80.19
CA GLY NA 959 19.93 -42.16 81.03
C GLY NA 959 18.73 -42.66 81.80
N GLY NA 960 18.73 -43.92 82.20
CA GLY NA 960 17.64 -44.47 82.96
C GLY NA 960 16.60 -45.23 82.17
N GLU NA 961 16.86 -45.52 80.88
CA GLU NA 961 15.93 -46.35 80.14
C GLU NA 961 15.85 -47.74 80.75
N ARG NA 962 16.99 -48.30 81.13
CA ARG NA 962 17.04 -49.61 81.74
C ARG NA 962 17.91 -49.55 82.98
N VAL NA 963 17.52 -50.27 84.02
CA VAL NA 963 18.15 -50.18 85.32
C VAL NA 963 18.42 -51.60 85.84
N GLU NA 964 19.67 -51.89 86.18
CA GLU NA 964 20.07 -53.21 86.61
C GLU NA 964 21.07 -53.10 87.75
N PRO NA 965 21.13 -54.11 88.62
CA PRO NA 965 22.15 -54.12 89.67
C PRO NA 965 23.50 -54.56 89.14
N TYR NA 966 24.53 -54.26 89.93
CA TYR NA 966 25.88 -54.70 89.62
C TYR NA 966 26.56 -55.12 90.91
N ALA NA 967 27.76 -55.69 90.78
CA ALA NA 967 28.53 -56.12 91.92
C ALA NA 967 30.00 -55.79 91.69
N ASP NA 968 30.74 -55.69 92.77
CA ASP NA 968 32.16 -55.42 92.66
C ASP NA 968 32.91 -56.70 92.29
N PRO NA 969 33.97 -56.59 91.48
CA PRO NA 969 34.61 -57.82 90.96
C PRO NA 969 35.25 -58.68 92.03
N VAL NA 970 36.07 -58.09 92.89
CA VAL NA 970 36.79 -58.88 93.89
C VAL NA 970 35.84 -59.64 94.81
N PRO NA 971 34.85 -59.00 95.46
CA PRO NA 971 33.93 -59.78 96.29
C PRO NA 971 33.20 -60.84 95.48
N LEU NA 972 32.86 -60.54 94.24
CA LEU NA 972 32.17 -61.50 93.40
C LEU NA 972 33.03 -62.73 93.16
N GLN NA 973 34.30 -62.52 92.81
CA GLN NA 973 35.19 -63.65 92.57
C GLN NA 973 35.37 -64.48 93.83
N GLN NA 974 35.49 -63.83 94.97
CA GLN NA 974 35.57 -64.56 96.23
C GLN NA 974 34.31 -65.38 96.46
N ALA NA 975 33.14 -64.80 96.16
CA ALA NA 975 31.90 -65.55 96.28
C ALA NA 975 31.88 -66.73 95.34
N ILE NA 976 32.33 -66.53 94.09
CA ILE NA 976 32.35 -67.62 93.13
C ILE NA 976 33.29 -68.71 93.60
N ALA NA 977 34.49 -68.33 94.06
CA ALA NA 977 35.44 -69.30 94.56
C ALA NA 977 34.85 -70.09 95.72
N ALA NA 978 34.04 -69.44 96.55
CA ALA NA 978 33.38 -70.16 97.64
C ALA NA 978 32.42 -71.21 97.09
N LEU NA 979 31.66 -70.87 96.05
CA LEU NA 979 30.74 -71.85 95.47
C LEU NA 979 31.50 -72.99 94.82
N LEU NA 980 32.47 -72.67 93.98
CA LEU NA 980 33.28 -73.69 93.30
C LEU NA 980 34.75 -73.45 93.61
N PRO NA 981 35.37 -74.29 94.43
CA PRO NA 981 36.79 -74.07 94.76
C PRO NA 981 37.75 -74.61 93.73
N ALA NA 982 37.33 -75.55 92.89
CA ALA NA 982 38.25 -76.25 91.99
C ALA NA 982 38.03 -75.91 90.53
N ALA NA 983 37.46 -74.75 90.23
CA ALA NA 983 37.17 -74.35 88.87
C ALA NA 983 37.99 -73.13 88.49
N ALA NA 984 38.32 -73.03 87.20
CA ALA NA 984 39.09 -71.91 86.69
C ALA NA 984 38.17 -70.76 86.30
N LEU NA 985 38.69 -69.55 86.46
CA LEU NA 985 37.95 -68.33 86.14
C LEU NA 985 38.76 -67.48 85.19
N SER NA 986 38.07 -66.80 84.28
CA SER NA 986 38.72 -65.88 83.36
C SER NA 986 37.72 -64.82 82.93
N TRP NA 987 38.25 -63.68 82.49
CA TRP NA 987 37.45 -62.55 82.07
C TRP NA 987 37.70 -62.26 80.60
N HIS NA 988 36.72 -61.64 79.95
CA HIS NA 988 36.84 -61.31 78.54
C HIS NA 988 36.11 -60.00 78.27
N THR NA 989 36.75 -59.15 77.47
CA THR NA 989 36.17 -57.87 77.06
C THR NA 989 36.50 -57.65 75.60
N LEU NA 990 35.95 -56.58 75.04
CA LEU NA 990 36.22 -56.23 73.66
C LEU NA 990 37.71 -55.99 73.46
N SER NA 991 38.26 -56.58 72.43
CA SER NA 991 39.69 -56.44 72.19
C SER NA 991 39.98 -55.09 71.53
N PRO NA 992 41.08 -54.43 71.92
CA PRO NA 992 41.52 -53.24 71.18
C PRO NA 992 42.12 -53.57 69.84
N THR NA 993 42.22 -54.84 69.48
CA THR NA 993 42.73 -55.26 68.18
C THR NA 993 41.64 -55.33 67.13
N CYS NA 994 40.39 -55.13 67.51
CA CYS NA 994 39.28 -54.97 66.55
C CYS NA 994 39.05 -56.23 65.72
N ASP NA 995 39.38 -57.39 66.26
CA ASP NA 995 39.15 -58.64 65.54
C ASP NA 995 37.68 -58.94 65.33
N TRP NA 996 36.79 -58.28 66.07
CA TRP NA 996 35.36 -58.48 65.99
C TRP NA 996 34.70 -57.68 64.88
N LEU NA 997 35.49 -56.93 64.13
CA LEU NA 997 34.93 -56.08 63.07
C LEU NA 997 34.04 -56.80 62.07
N PRO NA 998 34.38 -57.99 61.57
CA PRO NA 998 33.53 -58.61 60.54
C PRO NA 998 32.07 -58.78 60.96
N TYR NA 999 31.81 -58.77 62.26
CA TYR NA 999 30.43 -58.84 62.72
C TYR NA 999 29.74 -57.49 62.70
N ILE NA 1000 30.45 -56.42 62.36
CA ILE NA 1000 29.86 -55.11 62.17
C ILE NA 1000 29.84 -54.73 60.70
N ILE NA 1001 30.98 -54.84 60.02
CA ILE NA 1001 31.04 -54.48 58.62
C ILE NA 1001 30.50 -55.61 57.75
N GLY NA 1002 30.92 -56.84 58.03
CA GLY NA 1002 30.47 -57.98 57.25
C GLY NA 1002 28.97 -58.21 57.33
N VAL NA 1003 28.28 -57.55 58.26
CA VAL NA 1003 26.84 -57.60 58.31
C VAL NA 1003 26.20 -56.38 57.65
N GLY NA 1004 27.00 -55.47 57.11
CA GLY NA 1004 26.46 -54.36 56.36
C GLY NA 1004 26.01 -53.17 57.18
N SER NA 1005 26.68 -52.91 58.30
CA SER NA 1005 26.31 -51.78 59.15
C SER NA 1005 27.45 -50.78 59.20
N PRO NA 1006 27.17 -49.50 59.00
CA PRO NA 1006 28.25 -48.50 58.99
C PRO NA 1006 28.74 -48.21 60.41
N LEU NA 1007 29.85 -47.47 60.47
CA LEU NA 1007 30.58 -47.32 61.70
C LEU NA 1007 31.26 -45.96 61.75
N ASN NA 1008 31.45 -45.45 62.97
CA ASN NA 1008 32.28 -44.28 63.23
C ASN NA 1008 33.42 -44.71 64.14
N LEU NA 1009 34.65 -44.41 63.73
CA LEU NA 1009 35.81 -44.93 64.44
C LEU NA 1009 35.95 -44.33 65.84
N SER NA 1010 35.54 -43.09 66.02
CA SER NA 1010 35.76 -42.42 67.30
C SER NA 1010 34.98 -43.10 68.44
N ASP NA 1011 34.00 -43.93 68.12
CA ASP NA 1011 33.20 -44.56 69.16
C ASP NA 1011 33.89 -45.77 69.79
N ILE NA 1012 34.96 -46.28 69.18
CA ILE NA 1012 35.51 -47.55 69.59
C ILE NA 1012 36.03 -47.49 71.02
N ASN NA 1013 36.71 -46.40 71.38
CA ASN NA 1013 37.23 -46.29 72.74
C ASN NA 1013 36.12 -46.38 73.77
N THR NA 1014 35.00 -45.70 73.51
CA THR NA 1014 33.86 -45.81 74.40
C THR NA 1014 33.35 -47.24 74.46
N ALA NA 1015 33.28 -47.90 73.30
CA ALA NA 1015 32.78 -49.26 73.27
C ALA NA 1015 33.63 -50.18 74.13
N ILE NA 1016 34.95 -50.04 74.03
CA ILE NA 1016 35.84 -50.81 74.89
C ILE NA 1016 35.53 -50.52 76.35
N SER NA 1017 35.45 -49.23 76.70
CA SER NA 1017 35.13 -48.86 78.07
C SER NA 1017 33.78 -49.44 78.48
N TYR NA 1018 32.80 -49.41 77.57
CA TYR NA 1018 31.51 -50.04 77.83
C TYR NA 1018 31.70 -51.50 78.18
N SER NA 1019 32.51 -52.20 77.39
CA SER NA 1019 32.77 -53.62 77.68
C SER NA 1019 33.46 -53.78 79.02
N ARG NA 1020 34.41 -52.89 79.32
CA ARG NA 1020 35.09 -52.96 80.61
C ARG NA 1020 34.11 -52.92 81.77
N LEU NA 1021 33.00 -52.20 81.62
CA LEU NA 1021 31.98 -52.15 82.64
C LEU NA 1021 31.05 -53.35 82.60
N THR NA 1022 31.02 -54.09 81.49
CA THR NA 1022 30.13 -55.23 81.33
C THR NA 1022 30.92 -56.42 80.78
N PRO NA 1023 31.83 -56.96 81.57
CA PRO NA 1023 32.68 -58.05 81.08
C PRO NA 1023 31.91 -59.35 80.95
N ILE NA 1024 32.58 -60.38 80.43
CA ILE NA 1024 32.05 -61.74 80.40
C ILE NA 1024 32.94 -62.60 81.28
N LEU NA 1025 32.32 -63.29 82.23
CA LEU NA 1025 33.04 -64.21 83.10
C LEU NA 1025 32.94 -65.61 82.52
N HIS NA 1026 34.08 -66.23 82.30
CA HIS NA 1026 34.15 -67.60 81.81
C HIS NA 1026 34.52 -68.52 82.96
N ILE NA 1027 33.64 -69.45 83.29
CA ILE NA 1027 33.85 -70.42 84.35
C ILE NA 1027 34.08 -71.78 83.73
N ASP NA 1028 35.06 -72.51 84.24
CA ASP NA 1028 35.38 -73.83 83.73
C ASP NA 1028 35.76 -74.74 84.88
N THR NA 1029 34.99 -75.81 85.07
CA THR NA 1029 35.21 -76.72 86.18
C THR NA 1029 36.07 -77.93 85.83
N THR NA 1030 36.35 -78.16 84.55
CA THR NA 1030 37.11 -79.32 84.14
C THR NA 1030 38.61 -79.06 84.10
N THR NA 1031 39.09 -78.07 84.86
CA THR NA 1031 40.51 -77.81 84.91
C THR NA 1031 40.84 -77.13 86.23
N PRO NA 1032 41.99 -77.44 86.84
CA PRO NA 1032 42.33 -76.80 88.10
C PRO NA 1032 42.63 -75.33 87.90
N PRO NA 1033 42.39 -74.50 88.91
CA PRO NA 1033 42.52 -73.05 88.74
C PRO NA 1033 43.97 -72.58 88.84
N LEU NA 1034 44.15 -71.30 88.51
CA LEU NA 1034 45.42 -70.61 88.60
C LEU NA 1034 45.66 -70.11 90.03
N ARG NA 1035 46.91 -69.80 90.34
CA ARG NA 1035 47.23 -69.24 91.64
C ARG NA 1035 48.51 -68.42 91.57
N VAL NA 1036 48.63 -67.47 92.51
CA VAL NA 1036 49.74 -66.54 92.56
C VAL NA 1036 50.02 -66.22 94.02
N ASN NA 1037 51.31 -66.02 94.35
CA ASN NA 1037 51.66 -65.81 95.75
C ASN NA 1037 51.24 -64.43 96.25
N PRO NA 1038 51.72 -63.32 95.69
CA PRO NA 1038 51.26 -62.02 96.21
C PRO NA 1038 49.92 -61.63 95.63
N VAL NA 1039 48.84 -62.08 96.26
CA VAL NA 1039 47.48 -61.92 95.75
C VAL NA 1039 47.18 -60.46 95.39
N PRO NA 1040 47.59 -59.46 96.17
CA PRO NA 1040 47.39 -58.08 95.71
C PRO NA 1040 48.08 -57.77 94.39
N THR NA 1041 49.10 -58.55 94.00
CA THR NA 1041 49.80 -58.43 92.72
C THR NA 1041 50.23 -57.01 92.43
N PRO NA 1042 51.14 -56.45 93.22
CA PRO NA 1042 51.60 -55.08 92.96
C PRO NA 1042 52.50 -55.00 91.74
N LEU NA 1043 52.55 -53.81 91.16
CA LEU NA 1043 53.30 -53.59 89.94
C LEU NA 1043 54.80 -53.62 90.19
N ASN NA 1044 55.54 -53.95 89.13
CA ASN NA 1044 57.00 -53.85 89.09
C ASN NA 1044 57.68 -54.71 90.13
N GLN NA 1045 57.03 -55.77 90.59
CA GLN NA 1045 57.58 -56.58 91.66
C GLN NA 1045 57.50 -58.05 91.31
N GLN NA 1046 58.49 -58.80 91.78
CA GLN NA 1046 58.58 -60.23 91.48
C GLN NA 1046 57.38 -60.97 92.04
N CYS NA 1047 56.81 -61.86 91.23
CA CYS NA 1047 55.67 -62.66 91.65
C CYS NA 1047 55.80 -64.05 91.06
N ALA NA 1048 55.42 -65.06 91.85
CA ALA NA 1048 55.47 -66.45 91.44
C ALA NA 1048 54.07 -66.92 91.09
N ILE NA 1049 53.93 -67.58 89.94
CA ILE NA 1049 52.65 -68.06 89.45
C ILE NA 1049 52.76 -69.55 89.19
N ARG NA 1050 51.81 -70.31 89.71
CA ARG NA 1050 51.79 -71.77 89.57
C ARG NA 1050 50.71 -72.18 88.59
N ILE NA 1051 51.07 -73.04 87.64
CA ILE NA 1051 50.12 -73.62 86.70
C ILE NA 1051 50.33 -75.13 86.77
N THR NA 1052 49.52 -75.80 87.58
CA THR NA 1052 49.63 -77.25 87.68
C THR NA 1052 49.28 -77.90 86.35
N SER NA 1053 50.11 -78.86 85.95
CA SER NA 1053 50.02 -79.43 84.61
C SER NA 1053 50.81 -80.73 84.60
N LEU NA 1054 50.51 -81.58 83.62
CA LEU NA 1054 51.08 -82.91 83.59
C LEU NA 1054 52.20 -83.08 82.57
N ASP NA 1055 52.29 -82.21 81.57
CA ASP NA 1055 53.24 -82.40 80.48
C ASP NA 1055 54.30 -81.31 80.50
N PRO NA 1056 55.57 -81.63 80.75
CA PRO NA 1056 56.63 -80.65 80.53
C PRO NA 1056 56.82 -80.29 79.07
N ALA NA 1057 56.24 -81.05 78.15
CA ALA NA 1057 56.37 -80.79 76.72
C ALA NA 1057 55.43 -79.71 76.22
N ALA NA 1058 54.52 -79.23 77.05
CA ALA NA 1058 53.56 -78.23 76.61
C ALA NA 1058 54.24 -76.88 76.38
N VAL NA 1059 53.52 -75.97 75.74
CA VAL NA 1059 54.00 -74.63 75.45
C VAL NA 1059 53.01 -73.62 76.02
N LEU NA 1060 53.54 -72.47 76.42
CA LEU NA 1060 52.78 -71.47 77.17
C LEU NA 1060 52.72 -70.17 76.40
N SER NA 1061 51.66 -69.41 76.67
CA SER NA 1061 51.54 -68.05 76.14
C SER NA 1061 50.68 -67.23 77.09
N VAL NA 1062 51.01 -65.95 77.21
CA VAL NA 1062 50.26 -65.00 78.00
C VAL NA 1062 49.92 -63.81 77.12
N GLN NA 1063 48.70 -63.31 77.24
CA GLN NA 1063 48.23 -62.22 76.40
C GLN NA 1063 47.79 -61.03 77.23
N HIS NA 1064 47.90 -59.85 76.64
CA HIS NA 1064 47.52 -58.61 77.30
C HIS NA 1064 47.06 -57.65 76.23
N ASN NA 1065 45.92 -56.99 76.46
CA ASN NA 1065 45.28 -56.13 75.46
C ASN NA 1065 45.06 -56.87 74.16
N GLY NA 1066 44.70 -58.15 74.27
CA GLY NA 1066 44.40 -58.93 73.10
C GLY NA 1066 45.58 -59.32 72.25
N VAL NA 1067 46.79 -59.31 72.81
CA VAL NA 1067 47.98 -59.74 72.07
C VAL NA 1067 48.90 -60.47 73.04
N GLU NA 1068 49.59 -61.48 72.52
CA GLU NA 1068 50.52 -62.25 73.33
C GLU NA 1068 51.68 -61.37 73.79
N VAL NA 1069 52.06 -61.54 75.05
CA VAL NA 1069 53.08 -60.69 75.65
C VAL NA 1069 54.21 -61.57 76.20
N ILE NA 1070 53.87 -62.80 76.58
CA ILE NA 1070 54.85 -63.77 77.05
C ILE NA 1070 54.54 -65.10 76.39
N GLY NA 1071 55.57 -65.81 75.96
CA GLY NA 1071 55.41 -67.12 75.39
C GLY NA 1071 56.73 -67.87 75.29
N GLY NA 1072 56.67 -69.19 75.30
CA GLY NA 1072 57.88 -69.97 75.17
C GLY NA 1072 57.74 -71.29 75.90
N THR NA 1073 58.89 -71.82 76.31
CA THR NA 1073 59.04 -73.11 76.95
C THR NA 1073 59.83 -72.95 78.23
N PRO NA 1074 59.78 -73.94 79.14
CA PRO NA 1074 60.65 -73.86 80.31
C PRO NA 1074 62.12 -73.75 79.95
N GLY NA 1075 62.53 -74.31 78.82
CA GLY NA 1075 63.90 -74.11 78.37
C GLY NA 1075 64.21 -72.67 78.05
N ASN NA 1076 63.31 -72.01 77.31
CA ASN NA 1076 63.53 -70.62 76.92
C ASN NA 1076 62.19 -69.94 76.74
N VAL NA 1077 62.13 -68.67 77.14
CA VAL NA 1077 60.90 -67.90 77.09
C VAL NA 1077 61.23 -66.47 76.71
N ILE NA 1078 60.29 -65.81 76.04
CA ILE NA 1078 60.45 -64.43 75.61
C ILE NA 1078 59.31 -63.61 76.18
N SER NA 1079 59.63 -62.40 76.64
CA SER NA 1079 58.66 -61.52 77.25
C SER NA 1079 58.86 -60.11 76.75
N VAL NA 1080 57.77 -59.33 76.76
CA VAL NA 1080 57.84 -57.90 76.50
C VAL NA 1080 57.14 -57.16 77.63
N ALA NA 1081 57.14 -57.77 78.82
CA ALA NA 1081 56.51 -57.15 79.98
C ALA NA 1081 57.36 -57.24 81.23
N GLY NA 1082 58.66 -57.47 81.10
CA GLY NA 1082 59.55 -57.61 82.24
C GLY NA 1082 60.19 -58.98 82.28
N ALA NA 1083 61.01 -59.17 83.31
CA ALA NA 1083 61.73 -60.41 83.46
C ALA NA 1083 60.76 -61.57 83.69
N ALA NA 1084 61.01 -62.67 82.99
CA ALA NA 1084 60.15 -63.86 83.09
C ALA NA 1084 61.04 -65.10 83.08
N ALA NA 1085 60.81 -65.98 84.05
CA ALA NA 1085 61.54 -67.24 84.16
C ALA NA 1085 60.52 -68.37 84.22
N LEU NA 1086 60.66 -69.32 83.31
CA LEU NA 1086 59.74 -70.45 83.20
C LEU NA 1086 60.46 -71.74 83.58
N GLN NA 1087 59.85 -72.50 84.48
CA GLN NA 1087 60.41 -73.77 84.93
C GLN NA 1087 59.27 -74.73 85.19
N TYR NA 1088 59.52 -76.01 84.94
CA TYR NA 1088 58.56 -77.06 85.23
C TYR NA 1088 59.06 -77.89 86.41
N ILE NA 1089 58.27 -77.92 87.48
CA ILE NA 1089 58.58 -78.71 88.67
C ILE NA 1089 57.77 -80.00 88.57
N LEU NA 1090 58.44 -81.07 88.14
CA LEU NA 1090 57.75 -82.34 87.96
C LEU NA 1090 57.23 -82.88 89.28
N ALA NA 1091 57.96 -82.67 90.37
CA ALA NA 1091 57.54 -83.19 91.67
C ALA NA 1091 56.17 -82.67 92.06
N ASN NA 1092 55.85 -81.44 91.68
CA ASN NA 1092 54.53 -80.87 91.93
C ASN NA 1092 53.64 -80.91 90.69
N GLN NA 1093 54.17 -81.34 89.55
CA GLN NA 1093 53.45 -81.31 88.29
C GLN NA 1093 52.89 -79.92 88.02
N GLU NA 1094 53.78 -78.93 88.04
CA GLU NA 1094 53.42 -77.55 87.81
C GLU NA 1094 54.44 -76.91 86.89
N PHE NA 1095 54.00 -75.90 86.16
CA PHE NA 1095 54.91 -74.93 85.56
C PHE NA 1095 55.03 -73.77 86.52
N LEU NA 1096 56.27 -73.42 86.85
CA LEU NA 1096 56.54 -72.27 87.70
C LEU NA 1096 56.93 -71.09 86.83
N LEU NA 1097 56.21 -69.98 87.00
CA LEU NA 1097 56.52 -68.74 86.30
C LEU NA 1097 56.86 -67.67 87.33
N GLN NA 1098 58.07 -67.12 87.23
CA GLN NA 1098 58.48 -65.98 88.04
C GLN NA 1098 58.55 -64.76 87.15
N PHE NA 1099 57.89 -63.69 87.57
CA PHE NA 1099 57.59 -62.60 86.67
C PHE NA 1099 57.62 -61.28 87.41
N THR NA 1100 58.05 -60.24 86.70
CA THR NA 1100 58.11 -58.87 87.21
C THR NA 1100 57.36 -57.99 86.23
N PRO NA 1101 56.04 -57.87 86.37
CA PRO NA 1101 55.26 -57.09 85.41
C PRO NA 1101 55.70 -55.64 85.36
N THR NA 1102 55.79 -55.11 84.14
CA THR NA 1102 56.14 -53.72 83.92
C THR NA 1102 54.96 -52.89 83.45
N LEU NA 1103 53.75 -53.44 83.53
CA LEU NA 1103 52.56 -52.71 83.14
C LEU NA 1103 51.36 -53.36 83.81
N PRO NA 1104 50.34 -52.60 84.17
CA PRO NA 1104 49.20 -53.18 84.87
C PRO NA 1104 48.18 -53.79 83.91
N GLY NA 1105 47.06 -54.23 84.45
CA GLY NA 1105 45.94 -54.68 83.65
C GLY NA 1105 45.73 -56.18 83.76
N ILE NA 1106 44.77 -56.65 82.96
CA ILE NA 1106 44.42 -58.06 82.93
C ILE NA 1106 45.44 -58.81 82.09
N PHE NA 1107 45.87 -59.96 82.61
CA PHE NA 1107 46.70 -60.90 81.86
C PHE NA 1107 46.05 -62.26 81.92
N ASP NA 1108 45.90 -62.91 80.77
CA ASP NA 1108 45.34 -64.25 80.70
C ASP NA 1108 46.36 -65.19 80.08
N VAL NA 1109 46.29 -66.45 80.50
CA VAL NA 1109 47.36 -67.41 80.25
C VAL NA 1109 46.77 -68.66 79.60
N PHE NA 1110 47.55 -69.25 78.70
CA PHE NA 1110 47.14 -70.43 77.96
C PHE NA 1110 48.25 -71.47 77.96
N LEU NA 1111 47.85 -72.73 77.84
CA LEU NA 1111 48.76 -73.83 77.64
C LEU NA 1111 48.37 -74.58 76.38
N THR NA 1112 49.38 -75.12 75.69
CA THR NA 1112 49.13 -75.81 74.44
C THR NA 1112 50.13 -76.94 74.29
N THR NA 1113 49.69 -78.01 73.62
CA THR NA 1113 50.58 -79.09 73.21
C THR NA 1113 50.36 -79.34 71.72
N LEU NA 1114 51.30 -80.07 71.12
CA LEU NA 1114 51.44 -80.07 69.68
C LEU NA 1114 50.17 -80.55 68.97
N GLY NA 1115 49.45 -81.49 69.55
CA GLY NA 1115 48.31 -82.06 68.86
C GLY NA 1115 46.97 -81.50 69.30
N GLN NA 1116 46.96 -80.33 69.93
CA GLN NA 1116 45.75 -79.82 70.55
C GLN NA 1116 45.64 -78.32 70.32
N PRO NA 1117 44.42 -77.78 70.41
CA PRO NA 1117 44.26 -76.33 70.44
C PRO NA 1117 44.76 -75.76 71.76
N PRO NA 1118 45.02 -74.45 71.82
CA PRO NA 1118 45.41 -73.85 73.11
C PRO NA 1118 44.30 -73.96 74.13
N VAL NA 1119 44.69 -74.14 75.38
CA VAL NA 1119 43.75 -74.32 76.47
C VAL NA 1119 43.88 -73.12 77.41
N PRO NA 1120 42.82 -72.35 77.63
CA PRO NA 1120 42.88 -71.29 78.63
C PRO NA 1120 43.05 -71.87 80.01
N ARG NA 1121 43.82 -71.17 80.84
CA ARG NA 1121 44.10 -71.60 82.20
C ARG NA 1121 43.94 -70.44 83.16
N GLY NA 1122 42.92 -69.63 82.96
CA GLY NA 1122 42.64 -68.54 83.86
C GLY NA 1122 43.33 -67.25 83.47
N SER NA 1123 43.21 -66.28 84.38
CA SER NA 1123 43.75 -64.95 84.16
C SER NA 1123 44.07 -64.31 85.50
N PHE NA 1124 44.90 -63.27 85.45
CA PHE NA 1124 45.27 -62.55 86.66
C PHE NA 1124 45.41 -61.07 86.36
N THR NA 1125 45.33 -60.27 87.41
CA THR NA 1125 45.38 -58.82 87.32
C THR NA 1125 46.63 -58.29 88.01
N ILE NA 1126 47.20 -57.24 87.46
CA ILE NA 1126 48.33 -56.53 88.08
C ILE NA 1126 47.84 -55.14 88.48
N THR NA 1127 48.12 -54.76 89.71
CA THR NA 1127 47.59 -53.51 90.22
C THR NA 1127 48.63 -52.40 90.16
N PRO NA 1128 48.18 -51.17 89.96
CA PRO NA 1128 49.12 -50.04 89.93
C PRO NA 1128 49.60 -49.68 91.32
N PRO NA 1129 50.70 -48.95 91.43
CA PRO NA 1129 51.18 -48.52 92.76
C PRO NA 1129 50.21 -47.53 93.39
N PRO NA 1130 50.25 -47.40 94.72
CA PRO NA 1130 49.28 -46.52 95.40
C PRO NA 1130 49.48 -45.06 95.05
N THR NA 1131 48.39 -44.31 95.18
CA THR NA 1131 48.36 -42.89 94.85
C THR NA 1131 48.60 -41.99 96.05
N THR NA 1132 49.07 -42.54 97.16
CA THR NA 1132 49.13 -41.80 98.42
C THR NA 1132 50.41 -40.98 98.50
N VAL NA 1133 50.32 -39.72 98.14
CA VAL NA 1133 51.37 -38.75 98.40
C VAL NA 1133 51.03 -38.01 99.68
N VAL NA 1134 52.05 -37.74 100.49
CA VAL NA 1134 51.87 -37.09 101.78
C VAL NA 1134 52.91 -36.00 101.94
N LEU NA 1135 52.50 -34.87 102.52
CA LEU NA 1135 53.37 -33.73 102.78
C LEU NA 1135 53.46 -33.49 104.28
N ASN NA 1136 54.61 -32.98 104.71
CA ASN NA 1136 54.89 -32.76 106.12
C ASN NA 1136 55.33 -31.31 106.32
N MET NA 1137 54.70 -30.63 107.28
CA MET NA 1137 54.71 -29.18 107.35
C MET NA 1137 55.46 -28.65 108.56
N PRO NA 1138 55.94 -27.42 108.50
CA PRO NA 1138 56.60 -26.80 109.65
C PRO NA 1138 55.59 -26.18 110.61
N PRO NA 1139 56.02 -25.83 111.82
CA PRO NA 1139 55.10 -25.16 112.76
C PRO NA 1139 54.83 -23.73 112.32
N PRO NA 1140 53.82 -23.07 112.91
CA PRO NA 1140 53.53 -21.68 112.52
C PRO NA 1140 54.71 -20.75 112.72
N GLY NA 1141 55.54 -20.99 113.73
CA GLY NA 1141 56.75 -20.20 113.88
C GLY NA 1141 57.69 -20.33 112.70
N GLN NA 1142 57.61 -21.45 111.99
CA GLN NA 1142 58.40 -21.68 110.79
C GLN NA 1142 57.61 -21.45 109.52
N LEU NA 1143 56.37 -20.95 109.63
CA LEU NA 1143 55.69 -20.39 108.48
C LEU NA 1143 56.45 -19.13 108.06
N ASP NA 1144 57.16 -19.22 106.94
CA ASP NA 1144 58.11 -18.18 106.55
C ASP NA 1144 57.42 -17.19 105.61
N PHE NA 1145 56.84 -16.16 106.21
CA PHE NA 1145 56.32 -15.02 105.46
C PHE NA 1145 57.42 -14.09 104.99
N THR NA 1146 58.65 -14.31 105.46
CA THR NA 1146 59.80 -13.59 104.96
C THR NA 1146 60.05 -13.96 103.50
N ASP NA 1147 61.03 -13.28 102.90
CA ASP NA 1147 61.34 -13.52 101.49
C ASP NA 1147 61.77 -14.97 101.28
N VAL NA 1148 62.61 -15.49 102.18
CA VAL NA 1148 63.00 -16.90 102.11
C VAL NA 1148 61.88 -17.73 102.71
N GLY NA 1149 60.99 -18.23 101.86
CA GLY NA 1149 59.91 -19.08 102.32
C GLY NA 1149 60.44 -20.39 102.87
N ASN NA 1150 59.59 -21.10 103.58
CA ASN NA 1150 60.03 -22.29 104.29
C ASN NA 1150 59.93 -23.52 103.39
N ASP NA 1151 60.12 -24.69 103.99
CA ASP NA 1151 60.29 -25.94 103.28
C ASP NA 1151 59.48 -27.02 103.97
N ALA NA 1152 58.94 -27.94 103.17
CA ALA NA 1152 58.12 -29.03 103.68
C ALA NA 1152 58.58 -30.34 103.06
N ARG NA 1153 58.50 -31.43 103.82
CA ARG NA 1153 59.00 -32.72 103.37
C ARG NA 1153 57.89 -33.52 102.72
N ILE NA 1154 58.19 -34.09 101.56
CA ILE NA 1154 57.25 -34.91 100.80
C ILE NA 1154 57.57 -36.37 101.03
N THR NA 1155 56.54 -37.17 101.28
CA THR NA 1155 56.67 -38.61 101.41
C THR NA 1155 55.80 -39.26 100.33
N CYS NA 1156 56.44 -39.92 99.37
CA CYS NA 1156 55.74 -40.47 98.23
C CYS NA 1156 56.64 -41.50 97.55
N ASP NA 1157 56.05 -42.31 96.69
CA ASP NA 1157 56.81 -43.28 95.93
C ASP NA 1157 57.66 -42.57 94.87
N PRO NA 1158 58.81 -43.14 94.51
CA PRO NA 1158 59.61 -42.55 93.42
C PRO NA 1158 59.00 -42.74 92.05
N TYR NA 1159 58.00 -43.62 91.93
CA TYR NA 1159 57.38 -43.89 90.64
C TYR NA 1159 56.66 -42.65 90.09
N TYR NA 1160 56.18 -41.78 90.97
CA TYR NA 1160 55.50 -40.55 90.56
C TYR NA 1160 56.44 -39.37 90.74
N GLN NA 1161 56.89 -38.80 89.63
CA GLN NA 1161 57.58 -37.51 89.67
C GLN NA 1161 56.56 -36.40 89.83
N LEU NA 1162 56.93 -35.37 90.60
CA LEU NA 1162 55.97 -34.37 91.03
C LEU NA 1162 56.45 -32.96 90.71
N ALA NA 1163 55.48 -32.06 90.53
CA ALA NA 1163 55.73 -30.64 90.38
C ALA NA 1163 54.48 -29.89 90.83
N VAL NA 1164 54.67 -28.61 91.16
CA VAL NA 1164 53.58 -27.79 91.70
C VAL NA 1164 52.88 -27.10 90.54
N CYS NA 1165 51.56 -27.20 90.49
CA CYS NA 1165 50.78 -26.73 89.36
C CYS NA 1165 49.47 -26.12 89.84
N ILE NA 1166 48.81 -25.38 88.94
CA ILE NA 1166 47.56 -24.70 89.23
C ILE NA 1166 46.49 -25.20 88.27
N PHE NA 1167 45.35 -25.60 88.83
CA PHE NA 1167 44.21 -26.10 88.04
C PHE NA 1167 43.45 -24.90 87.47
N LYS NA 1168 44.08 -24.24 86.50
CA LYS NA 1168 43.61 -22.95 86.03
C LYS NA 1168 42.29 -23.07 85.27
N ASP NA 1169 42.22 -23.99 84.31
CA ASP NA 1169 41.13 -23.99 83.35
C ASP NA 1169 40.61 -25.39 83.05
N GLY NA 1170 40.66 -26.27 84.04
CA GLY NA 1170 40.45 -27.68 83.80
C GLY NA 1170 41.72 -28.45 83.53
N GLN NA 1171 42.86 -27.75 83.40
CA GLN NA 1171 44.15 -28.39 83.24
C GLN NA 1171 45.15 -27.70 84.15
N TYR NA 1172 46.02 -28.50 84.77
CA TYR NA 1172 47.06 -27.99 85.65
C TYR NA 1172 48.16 -27.33 84.83
N VAL NA 1173 48.59 -26.14 85.27
CA VAL NA 1173 49.70 -25.43 84.66
C VAL NA 1173 50.79 -25.27 85.70
N ARG NA 1174 52.03 -25.57 85.32
CA ARG NA 1174 53.13 -25.58 86.27
C ARG NA 1174 53.45 -24.18 86.75
N VAL NA 1175 53.58 -24.02 88.07
CA VAL NA 1175 53.87 -22.74 88.67
C VAL NA 1175 55.35 -22.44 88.54
N ASN NA 1176 55.69 -21.14 88.53
CA ASN NA 1176 57.09 -20.75 88.54
C ASN NA 1176 57.74 -21.22 89.83
N PRO NA 1177 59.04 -21.53 89.80
CA PRO NA 1177 59.67 -22.12 90.98
C PRO NA 1177 59.76 -21.18 92.17
N GLU NA 1178 59.77 -19.86 91.94
CA GLU NA 1178 60.11 -18.93 93.01
C GLU NA 1178 58.97 -18.69 93.99
N LYS NA 1179 57.83 -19.36 93.81
CA LYS NA 1179 56.81 -19.39 94.85
C LYS NA 1179 56.64 -20.76 95.49
N ALA NA 1180 56.89 -21.82 94.73
CA ALA NA 1180 56.86 -23.18 95.25
C ALA NA 1180 57.66 -24.08 94.33
N SER NA 1181 58.27 -25.11 94.91
CA SER NA 1181 59.08 -26.03 94.14
C SER NA 1181 59.24 -27.35 94.89
N VAL NA 1182 59.17 -28.46 94.16
CA VAL NA 1182 59.54 -29.74 94.71
C VAL NA 1182 61.06 -29.82 94.79
N VAL NA 1183 61.58 -30.16 95.95
CA VAL NA 1183 63.01 -30.14 96.23
C VAL NA 1183 63.58 -31.54 96.03
N THR NA 1184 64.64 -31.64 95.23
CA THR NA 1184 65.27 -32.92 94.94
C THR NA 1184 66.33 -33.24 96.01
N ASN NA 1185 65.88 -33.34 97.24
CA ASN NA 1185 66.75 -33.76 98.32
C ASN NA 1185 67.15 -35.21 98.14
N ALA NA 1186 68.37 -35.54 98.57
CA ALA NA 1186 68.94 -36.86 98.27
C ALA NA 1186 68.11 -38.02 98.81
N PRO NA 1187 67.68 -38.03 100.08
CA PRO NA 1187 66.90 -39.18 100.55
C PRO NA 1187 65.49 -39.20 100.00
N ASN NA 1188 64.86 -38.03 99.84
CA ASN NA 1188 63.46 -37.97 99.44
C ASN NA 1188 63.19 -36.60 98.84
N ARG NA 1189 62.03 -36.47 98.22
CA ARG NA 1189 61.59 -35.19 97.70
C ARG NA 1189 61.05 -34.33 98.84
N ASP NA 1190 61.34 -33.04 98.78
CA ASP NA 1190 60.81 -32.05 99.70
C ASP NA 1190 60.11 -30.96 98.91
N LEU NA 1191 59.60 -29.96 99.61
CA LEU NA 1191 58.78 -28.93 98.97
C LEU NA 1191 59.08 -27.58 99.61
N HIS NA 1192 59.82 -26.74 98.89
CA HIS NA 1192 60.02 -25.36 99.30
C HIS NA 1192 58.92 -24.49 98.72
N PHE NA 1193 58.51 -23.48 99.49
CA PHE NA 1193 57.45 -22.59 99.05
C PHE NA 1193 57.51 -21.30 99.86
N VAL NA 1194 56.89 -20.26 99.31
CA VAL NA 1194 56.88 -18.94 99.92
C VAL NA 1194 55.42 -18.49 100.07
N LEU NA 1195 55.17 -17.66 101.08
CA LEU NA 1195 53.82 -17.28 101.47
C LEU NA 1195 53.47 -15.90 100.93
N ASP NA 1196 52.25 -15.78 100.41
CA ASP NA 1196 51.77 -14.53 99.83
C ASP NA 1196 50.29 -14.37 100.15
N LEU NA 1197 49.84 -13.12 100.21
CA LEU NA 1197 48.48 -12.82 100.63
C LEU NA 1197 47.42 -13.27 99.64
N ALA NA 1198 47.80 -13.88 98.51
CA ALA NA 1198 46.84 -14.47 97.59
C ALA NA 1198 46.60 -15.95 97.85
N ASP NA 1199 47.34 -16.56 98.77
CA ASP NA 1199 47.41 -18.01 98.84
C ASP NA 1199 46.13 -18.64 99.37
N ASN NA 1200 45.47 -17.99 100.33
CA ASN NA 1200 44.26 -18.58 100.91
C ASN NA 1200 43.12 -18.64 99.91
N HIS NA 1201 43.13 -17.74 98.92
CA HIS NA 1201 42.07 -17.76 97.92
C HIS NA 1201 42.37 -18.74 96.80
N VAL NA 1202 43.64 -18.84 96.40
CA VAL NA 1202 44.03 -19.65 95.25
C VAL NA 1202 44.18 -21.10 95.66
N LEU NA 1203 44.28 -21.99 94.67
CA LEU NA 1203 44.53 -23.40 94.91
C LEU NA 1203 45.65 -23.89 93.99
N LEU NA 1204 46.40 -24.87 94.48
CA LEU NA 1204 47.48 -25.47 93.70
C LEU NA 1204 47.67 -26.91 94.14
N TYR NA 1205 48.25 -27.71 93.24
CA TYR NA 1205 48.28 -29.15 93.41
C TYR NA 1205 49.67 -29.70 93.14
N LEU NA 1206 50.06 -30.72 93.91
CA LEU NA 1206 51.20 -31.56 93.58
C LEU NA 1206 50.76 -32.52 92.49
N CYS NA 1207 51.32 -32.37 91.30
CA CYS NA 1207 50.83 -33.06 90.11
C CYS NA 1207 51.84 -34.09 89.63
N ASP NA 1208 51.33 -35.23 89.17
CA ASP NA 1208 52.18 -36.24 88.55
C ASP NA 1208 52.81 -35.69 87.28
N VAL NA 1209 54.04 -36.08 87.03
CA VAL NA 1209 54.82 -35.58 85.90
C VAL NA 1209 55.04 -36.73 84.93
N THR NA 1210 54.50 -36.58 83.72
CA THR NA 1210 54.78 -37.45 82.59
C THR NA 1210 54.95 -36.58 81.36
N PRO NA 1211 55.80 -36.99 80.41
CA PRO NA 1211 55.91 -36.22 79.17
C PRO NA 1211 54.62 -36.17 78.37
N SER NA 1212 53.73 -37.15 78.57
CA SER NA 1212 52.45 -37.15 77.88
C SER NA 1212 51.52 -36.09 78.48
N GLY NA 1213 51.55 -35.92 79.80
CA GLY NA 1213 50.66 -34.97 80.44
C GLY NA 1213 51.08 -34.69 81.86
N LEU NA 1214 50.55 -33.60 82.39
CA LEU NA 1214 50.91 -33.09 83.71
C LEU NA 1214 49.74 -33.30 84.65
N GLY NA 1215 50.00 -33.99 85.77
CA GLY NA 1215 48.96 -34.27 86.73
C GLY NA 1215 47.94 -35.29 86.29
N ASP NA 1216 48.29 -36.13 85.31
CA ASP NA 1216 47.34 -37.09 84.78
C ASP NA 1216 46.95 -38.13 85.82
N ARG NA 1217 47.94 -38.89 86.30
CA ARG NA 1217 47.64 -40.01 87.18
C ARG NA 1217 47.22 -39.56 88.56
N ILE NA 1218 47.91 -38.57 89.14
CA ILE NA 1218 47.55 -38.05 90.45
C ILE NA 1218 47.70 -36.54 90.45
N ALA NA 1219 46.94 -35.89 91.33
CA ALA NA 1219 47.03 -34.45 91.54
C ALA NA 1219 46.46 -34.14 92.92
N PHE NA 1220 47.33 -33.75 93.85
CA PHE NA 1220 46.95 -33.60 95.25
C PHE NA 1220 47.01 -32.14 95.67
N PRO NA 1221 45.91 -31.56 96.14
CA PRO NA 1221 45.95 -30.16 96.57
C PRO NA 1221 46.75 -29.98 97.84
N ILE NA 1222 47.48 -28.88 97.92
CA ILE NA 1222 48.19 -28.50 99.16
C ILE NA 1222 47.22 -27.61 99.93
N VAL NA 1223 46.33 -28.26 100.67
CA VAL NA 1223 45.23 -27.55 101.31
C VAL NA 1223 45.73 -26.62 102.41
N ASP NA 1224 46.87 -26.95 103.02
CA ASP NA 1224 47.39 -26.13 104.11
C ASP NA 1224 47.61 -24.69 103.65
N ILE NA 1225 48.21 -24.53 102.48
CA ILE NA 1225 48.45 -23.20 101.95
C ILE NA 1225 47.14 -22.47 101.71
N TYR NA 1226 46.07 -23.20 101.41
CA TYR NA 1226 44.76 -22.56 101.26
C TYR NA 1226 44.24 -22.04 102.59
N ARG NA 1227 44.83 -22.47 103.72
CA ARG NA 1227 44.35 -22.11 105.03
C ARG NA 1227 45.38 -21.39 105.89
N ILE NA 1228 46.63 -21.28 105.44
CA ILE NA 1228 47.69 -20.69 106.26
C ILE NA 1228 47.40 -19.21 106.45
N ALA NA 1229 47.39 -18.78 107.71
CA ALA NA 1229 47.13 -17.39 108.06
C ALA NA 1229 48.42 -16.59 108.08
N PHE NA 1230 48.28 -15.26 108.14
CA PHE NA 1230 49.40 -14.35 108.06
C PHE NA 1230 49.42 -13.45 109.29
N PRO NA 1231 50.57 -13.33 109.97
CA PRO NA 1231 50.63 -12.54 111.21
C PRO NA 1231 50.64 -11.05 110.89
N ARG NA 1232 49.66 -10.35 111.46
CA ARG NA 1232 49.47 -8.93 111.15
C ARG NA 1232 50.66 -8.09 111.58
N ASN NA 1233 51.43 -8.56 112.55
CA ASN NA 1233 52.50 -7.80 113.16
C ASN NA 1233 53.83 -7.86 112.40
N THR NA 1234 53.85 -8.43 111.21
CA THR NA 1234 55.08 -8.66 110.48
C THR NA 1234 54.96 -8.14 109.05
N PRO NA 1235 56.08 -7.86 108.39
CA PRO NA 1235 56.01 -7.57 106.95
C PRO NA 1235 55.48 -8.76 106.18
N VAL NA 1236 54.67 -8.47 105.16
CA VAL NA 1236 53.97 -9.49 104.40
C VAL NA 1236 54.18 -9.22 102.91
N ARG NA 1237 53.63 -10.10 102.08
CA ARG NA 1237 53.90 -10.13 100.65
C ARG NA 1237 52.61 -10.24 99.87
N ALA NA 1238 52.57 -9.60 98.69
CA ALA NA 1238 51.38 -9.61 97.86
C ALA NA 1238 51.78 -9.52 96.40
N SER NA 1239 50.98 -10.15 95.54
CA SER NA 1239 51.16 -10.08 94.10
C SER NA 1239 49.89 -10.56 93.42
N LEU NA 1240 49.87 -10.45 92.10
CA LEU NA 1240 48.69 -10.84 91.33
C LEU NA 1240 48.58 -12.37 91.28
N PRO NA 1241 47.36 -12.91 91.29
CA PRO NA 1241 47.22 -14.37 91.40
C PRO NA 1241 47.28 -15.12 90.08
N TYR NA 1242 47.02 -14.50 88.94
CA TYR NA 1242 46.99 -15.20 87.67
C TYR NA 1242 47.89 -14.52 86.66
N THR NA 1243 48.02 -15.14 85.49
CA THR NA 1243 48.82 -14.57 84.41
C THR NA 1243 48.27 -13.21 83.98
N GLY NA 1244 46.95 -13.05 84.01
CA GLY NA 1244 46.32 -11.78 83.79
C GLY NA 1244 45.40 -11.44 84.95
N GLY NA 1245 45.78 -11.87 86.14
CA GLY NA 1245 44.94 -11.78 87.31
C GLY NA 1245 44.93 -10.44 88.00
N GLY NA 1246 44.19 -9.49 87.43
CA GLY NA 1246 44.06 -8.19 88.08
C GLY NA 1246 43.50 -8.32 89.48
N ALA NA 1247 44.07 -7.55 90.41
CA ALA NA 1247 43.67 -7.63 91.81
C ALA NA 1247 43.83 -6.27 92.48
N HIS NA 1248 43.12 -6.11 93.59
CA HIS NA 1248 43.16 -4.87 94.37
C HIS NA 1248 43.11 -5.25 95.85
N LEU NA 1249 43.69 -4.40 96.68
CA LEU NA 1249 43.85 -4.69 98.10
C LEU NA 1249 43.04 -3.71 98.95
N THR NA 1250 42.51 -4.22 100.06
CA THR NA 1250 41.72 -3.43 101.00
C THR NA 1250 42.27 -3.68 102.40
N SER NA 1251 42.97 -2.69 102.95
CA SER NA 1251 43.63 -2.82 104.24
C SER NA 1251 42.63 -2.63 105.36
N GLY NA 1252 42.22 -3.72 105.99
CA GLY NA 1252 41.31 -3.64 107.13
C GLY NA 1252 40.02 -2.94 106.83
N GLY NA 1253 39.45 -3.20 105.65
CA GLY NA 1253 38.25 -2.52 105.21
C GLY NA 1253 38.50 -1.21 104.49
N ASN NA 1254 39.68 -0.65 104.62
CA ASN NA 1254 40.04 0.58 103.92
C ASN NA 1254 40.69 0.23 102.59
N PRO NA 1255 40.20 0.77 101.47
CA PRO NA 1255 40.81 0.47 100.17
C PRO NA 1255 42.30 0.82 100.20
N PHE NA 1256 43.12 -0.09 99.67
CA PHE NA 1256 44.56 0.03 99.83
C PHE NA 1256 45.29 0.24 98.51
N MET NA 1257 45.13 -0.65 97.54
CA MET NA 1257 45.94 -0.55 96.32
C MET NA 1257 45.36 -1.41 95.22
N SER NA 1258 45.40 -0.88 94.00
CA SER NA 1258 45.23 -1.69 92.79
C SER NA 1258 46.58 -2.31 92.49
N LEU NA 1259 46.77 -3.56 92.91
CA LEU NA 1259 48.07 -4.19 92.79
C LEU NA 1259 48.52 -4.34 91.35
N THR NA 1260 47.57 -4.31 90.40
CA THR NA 1260 47.94 -4.30 88.99
C THR NA 1260 48.67 -3.02 88.61
N THR NA 1261 48.14 -1.88 89.06
CA THR NA 1261 48.69 -0.57 88.73
C THR NA 1261 48.82 0.23 90.02
N PRO NA 1262 49.84 -0.06 90.82
CA PRO NA 1262 50.00 0.66 92.08
C PRO NA 1262 50.24 2.14 91.82
N PRO NA 1263 49.89 2.99 92.76
CA PRO NA 1263 50.04 4.44 92.54
C PRO NA 1263 51.50 4.79 92.27
N ALA NA 1264 51.69 5.81 91.43
CA ALA NA 1264 53.02 6.18 90.99
C ALA NA 1264 53.95 6.46 92.17
N VAL NA 1265 53.40 6.94 93.28
CA VAL NA 1265 54.09 6.93 94.56
C VAL NA 1265 53.40 5.88 95.42
N LEU NA 1266 54.16 4.89 95.88
CA LEU NA 1266 53.58 3.77 96.59
C LEU NA 1266 53.02 4.23 97.94
N PRO NA 1267 52.07 3.48 98.50
CA PRO NA 1267 51.60 3.78 99.85
C PRO NA 1267 52.77 3.72 100.84
N ALA NA 1268 52.67 4.56 101.87
CA ALA NA 1268 53.76 4.69 102.83
C ALA NA 1268 54.11 3.35 103.45
N GLY NA 1269 55.40 2.99 103.37
CA GLY NA 1269 55.90 1.80 103.99
C GLY NA 1269 55.93 0.57 103.10
N VAL NA 1270 55.15 0.55 102.03
CA VAL NA 1270 55.16 -0.59 101.12
C VAL NA 1270 56.27 -0.40 100.10
N ALA NA 1271 56.73 -1.50 99.52
CA ALA NA 1271 57.85 -1.45 98.61
C ALA NA 1271 57.75 -2.60 97.61
N LEU NA 1272 58.47 -2.45 96.50
CA LEU NA 1272 58.56 -3.51 95.52
C LEU NA 1272 59.56 -4.56 95.99
N ALA NA 1273 59.13 -5.81 96.08
CA ALA NA 1273 60.00 -6.86 96.57
C ALA NA 1273 61.05 -7.21 95.52
N ALA NA 1274 62.12 -7.88 96.00
CA ALA NA 1274 63.22 -8.25 95.11
C ALA NA 1274 62.88 -9.48 94.29
N LEU NA 1275 62.62 -10.61 94.95
CA LEU NA 1275 62.27 -11.83 94.27
C LEU NA 1275 60.83 -11.74 93.74
N SER NA 1276 60.61 -12.29 92.54
CA SER NA 1276 59.30 -12.22 91.91
C SER NA 1276 58.23 -12.87 92.78
N THR NA 1277 58.34 -14.19 92.99
CA THR NA 1277 57.47 -14.95 93.90
C THR NA 1277 55.99 -14.83 93.54
N SER NA 1278 55.66 -14.33 92.37
CA SER NA 1278 54.24 -14.31 91.99
C SER NA 1278 53.84 -15.65 91.42
N VAL NA 1279 52.64 -15.74 90.86
CA VAL NA 1279 52.22 -16.96 90.19
C VAL NA 1279 53.11 -17.23 88.99
N ALA NA 1280 53.40 -16.18 88.22
CA ALA NA 1280 54.31 -16.25 87.09
C ALA NA 1280 55.38 -15.18 87.27
N THR NA 1281 56.60 -15.50 86.84
CA THR NA 1281 57.75 -14.66 87.15
C THR NA 1281 57.60 -13.24 86.63
N GLN NA 1282 56.76 -13.03 85.62
CA GLN NA 1282 56.60 -11.68 85.07
C GLN NA 1282 56.10 -10.71 86.12
N TYR NA 1283 55.14 -11.12 86.93
CA TYR NA 1283 54.66 -10.21 87.96
C TYR NA 1283 55.65 -10.15 89.13
N PRO NA 1284 55.89 -8.97 89.69
CA PRO NA 1284 56.66 -8.87 90.93
C PRO NA 1284 55.73 -8.95 92.14
N THR NA 1285 56.37 -9.12 93.30
CA THR NA 1285 55.67 -9.02 94.57
C THR NA 1285 55.89 -7.64 95.18
N TYR NA 1286 54.93 -7.21 95.98
CA TYR NA 1286 55.03 -5.97 96.74
C TYR NA 1286 54.94 -6.31 98.21
N THR NA 1287 55.90 -5.85 98.99
CA THR NA 1287 55.96 -6.17 100.41
C THR NA 1287 55.24 -5.09 101.21
N LEU NA 1288 54.38 -5.51 102.13
CA LEU NA 1288 53.65 -4.57 102.97
C LEU NA 1288 54.21 -4.62 104.37
N PRO NA 1289 54.47 -3.45 104.98
CA PRO NA 1289 55.12 -3.51 106.30
C PRO NA 1289 54.43 -4.41 107.31
N ALA NA 1290 53.11 -4.51 107.30
CA ALA NA 1290 52.41 -5.31 108.30
C ALA NA 1290 50.94 -5.36 107.97
N GLY NA 1291 50.03 -5.39 108.93
CA GLY NA 1291 48.60 -5.21 108.75
C GLY NA 1291 47.81 -6.31 108.07
N VAL NA 1292 46.49 -6.16 107.99
CA VAL NA 1292 45.63 -7.15 107.35
C VAL NA 1292 45.03 -6.57 106.08
N TYR NA 1293 44.78 -7.40 105.07
CA TYR NA 1293 44.29 -6.88 103.80
C TYR NA 1293 43.33 -7.88 103.17
N GLU NA 1294 42.51 -7.38 102.26
CA GLU NA 1294 41.63 -8.20 101.45
C GLU NA 1294 42.20 -8.39 100.06
N TYR NA 1295 41.58 -9.30 99.32
CA TYR NA 1295 41.96 -9.59 97.94
C TYR NA 1295 40.70 -9.58 97.08
N VAL NA 1296 40.48 -8.49 96.36
CA VAL NA 1296 39.47 -8.43 95.32
C VAL NA 1296 40.17 -8.63 93.98
N ILE NA 1297 39.70 -9.58 93.21
CA ILE NA 1297 40.41 -10.05 92.03
C ILE NA 1297 39.55 -9.83 90.78
N ASP OA 65 -109.28 -70.49 -21.08
CA ASP OA 65 -108.49 -71.71 -21.00
C ASP OA 65 -107.96 -71.92 -19.58
N ILE OA 66 -106.87 -72.65 -19.45
CA ILE OA 66 -106.26 -72.95 -18.16
C ILE OA 66 -104.77 -72.66 -18.24
N ILE OA 67 -104.18 -72.40 -17.08
CA ILE OA 67 -102.76 -72.10 -16.98
C ILE OA 67 -102.00 -73.36 -16.65
N THR OA 68 -100.79 -73.50 -17.16
CA THR OA 68 -99.98 -74.67 -16.83
C THR OA 68 -98.54 -74.30 -17.04
N ARG OA 69 -97.81 -74.02 -15.97
CA ARG OA 69 -96.46 -73.56 -16.18
C ARG OA 69 -95.48 -74.73 -16.19
N PRO OA 70 -94.44 -74.66 -17.02
CA PRO OA 70 -93.42 -75.71 -16.99
C PRO OA 70 -92.59 -75.63 -15.72
N THR OA 71 -92.08 -76.78 -15.31
CA THR OA 71 -91.25 -76.83 -14.11
C THR OA 71 -89.83 -76.35 -14.43
N SER OA 72 -89.05 -76.14 -13.38
CA SER OA 72 -87.63 -75.89 -13.56
C SER OA 72 -86.99 -77.09 -14.22
N ASP OA 73 -86.25 -76.84 -15.30
CA ASP OA 73 -85.73 -77.93 -16.12
C ASP OA 73 -84.85 -78.86 -15.30
N SER OA 74 -84.24 -78.36 -14.23
CA SER OA 74 -83.45 -79.20 -13.35
C SER OA 74 -84.27 -80.40 -12.88
N ILE OA 75 -85.50 -80.15 -12.45
CA ILE OA 75 -86.38 -81.25 -12.05
C ILE OA 75 -86.68 -82.14 -13.24
N ALA OA 76 -87.03 -81.54 -14.37
CA ALA OA 76 -87.36 -82.34 -15.55
C ALA OA 76 -86.18 -83.18 -15.99
N ALA OA 77 -84.96 -82.65 -15.83
CA ALA OA 77 -83.78 -83.41 -16.20
C ALA OA 77 -83.68 -84.70 -15.41
N VAL OA 78 -83.93 -84.63 -14.11
CA VAL OA 78 -83.88 -85.83 -13.29
C VAL OA 78 -84.99 -86.79 -13.67
N ALA OA 79 -86.21 -86.27 -13.81
CA ALA OA 79 -87.35 -87.12 -14.12
C ALA OA 79 -87.15 -87.85 -15.45
N ASN OA 80 -86.76 -87.10 -16.49
CA ASN OA 80 -86.55 -87.72 -17.78
C ASN OA 80 -85.43 -88.73 -17.77
N ALA OA 81 -84.48 -88.61 -16.84
CA ALA OA 81 -83.39 -89.56 -16.76
C ALA OA 81 -83.83 -90.93 -16.26
N THR OA 82 -85.04 -91.04 -15.71
CA THR OA 82 -85.52 -92.28 -15.08
C THR OA 82 -86.89 -92.63 -15.64
N LYS OA 83 -86.92 -93.36 -16.76
CA LYS OA 83 -88.17 -93.79 -17.37
C LYS OA 83 -87.96 -95.15 -18.01
N PRO OA 84 -88.12 -96.22 -17.25
CA PRO OA 84 -87.97 -97.56 -17.82
C PRO OA 84 -89.07 -97.83 -18.85
N ALA OA 85 -88.74 -98.66 -19.82
CA ALA OA 85 -89.72 -99.04 -20.83
C ALA OA 85 -90.86 -99.82 -20.19
N ALA OA 86 -92.09 -99.43 -20.51
CA ALA OA 86 -93.25 -100.10 -19.94
C ALA OA 86 -93.53 -101.44 -20.59
N VAL OA 87 -93.05 -101.67 -21.82
CA VAL OA 87 -93.27 -102.93 -22.51
C VAL OA 87 -91.97 -103.37 -23.17
N VAL OA 88 -91.34 -104.38 -22.59
CA VAL OA 88 -90.15 -104.95 -23.16
C VAL OA 88 -90.51 -106.25 -23.87
N SER OA 89 -89.59 -106.77 -24.66
CA SER OA 89 -89.81 -107.99 -25.43
C SER OA 89 -88.86 -109.06 -24.93
N ASP OA 90 -89.40 -110.05 -24.22
CA ASP OA 90 -88.60 -111.17 -23.76
C ASP OA 90 -89.28 -112.47 -24.17
N PRO OA 91 -88.50 -113.52 -24.43
CA PRO OA 91 -89.10 -114.75 -24.95
C PRO OA 91 -89.93 -115.50 -23.94
N GLN OA 92 -89.76 -115.25 -22.65
CA GLN OA 92 -90.42 -116.03 -21.60
C GLN OA 92 -91.38 -115.10 -20.87
N SER OA 93 -92.59 -114.95 -21.41
CA SER OA 93 -93.57 -114.07 -20.81
C SER OA 93 -94.97 -114.68 -20.90
N MET OA 94 -95.09 -115.96 -20.61
CA MET OA 94 -96.38 -116.65 -20.62
C MET OA 94 -97.11 -116.49 -21.95
N ASP PA 65 20.84 -124.98 -47.17
CA ASP PA 65 21.86 -123.94 -47.28
C ASP PA 65 22.63 -123.81 -45.97
N ILE PA 66 23.68 -122.99 -45.97
CA ILE PA 66 24.50 -122.77 -44.80
C ILE PA 66 24.64 -121.26 -44.59
N ILE PA 67 25.03 -120.90 -43.37
CA ILE PA 67 25.15 -119.50 -42.97
C ILE PA 67 26.61 -119.10 -42.98
N THR PA 68 26.91 -117.92 -43.52
CA THR PA 68 28.24 -117.34 -43.43
C THR PA 68 28.13 -115.83 -43.55
N ARG PA 69 28.86 -115.12 -42.70
CA ARG PA 69 28.78 -113.67 -42.65
C ARG PA 69 30.17 -113.07 -42.64
N PRO PA 70 30.34 -111.88 -43.19
CA PRO PA 70 31.68 -111.28 -43.26
C PRO PA 70 32.17 -110.85 -41.89
N THR PA 71 33.48 -110.72 -41.78
CA THR PA 71 34.11 -110.28 -40.54
C THR PA 71 34.03 -108.76 -40.46
N SER PA 72 34.65 -108.20 -39.42
CA SER PA 72 34.77 -106.76 -39.33
C SER PA 72 35.76 -106.25 -40.37
N ASP PA 73 35.56 -105.02 -40.82
CA ASP PA 73 36.42 -104.46 -41.85
C ASP PA 73 37.86 -104.36 -41.35
N SER PA 74 38.04 -103.93 -40.10
CA SER PA 74 39.39 -103.78 -39.57
C SER PA 74 40.12 -105.09 -39.57
N ILE PA 75 39.45 -106.17 -39.14
CA ILE PA 75 40.08 -107.48 -39.15
C ILE PA 75 40.47 -107.88 -40.56
N ALA PA 76 39.58 -107.66 -41.51
CA ALA PA 76 39.88 -108.02 -42.89
C ALA PA 76 41.07 -107.22 -43.40
N ALA PA 77 41.12 -105.94 -43.08
CA ALA PA 77 42.20 -105.09 -43.59
C ALA PA 77 43.56 -105.57 -43.11
N VAL PA 78 43.70 -105.78 -41.80
CA VAL PA 78 44.99 -106.18 -41.26
C VAL PA 78 45.37 -107.55 -41.78
N ALA PA 79 44.39 -108.45 -41.93
CA ALA PA 79 44.69 -109.78 -42.45
C ALA PA 79 45.21 -109.70 -43.88
N ASN PA 80 44.55 -108.90 -44.73
CA ASN PA 80 44.98 -108.79 -46.11
C ASN PA 80 46.32 -108.09 -46.22
N ALA PA 81 46.64 -107.22 -45.27
CA ALA PA 81 47.90 -106.50 -45.33
C ALA PA 81 49.12 -107.39 -45.18
N THR PA 82 48.93 -108.63 -44.74
CA THR PA 82 50.02 -109.57 -44.53
C THR PA 82 49.72 -110.83 -45.34
N LYS PA 83 50.15 -110.83 -46.60
CA LYS PA 83 49.97 -111.98 -47.48
C LYS PA 83 51.17 -112.08 -48.40
N PRO PA 84 52.29 -112.59 -47.90
CA PRO PA 84 53.46 -112.76 -48.76
C PRO PA 84 53.18 -113.75 -49.88
N ALA PA 85 53.83 -113.53 -51.01
CA ALA PA 85 53.64 -114.41 -52.16
C ALA PA 85 54.06 -115.84 -51.81
N ALA PA 86 53.23 -116.80 -52.20
CA ALA PA 86 53.54 -118.19 -51.91
C ALA PA 86 54.68 -118.69 -52.78
N VAL PA 87 54.66 -118.36 -54.06
CA VAL PA 87 55.68 -118.81 -55.00
C VAL PA 87 56.34 -117.57 -55.60
N VAL PA 88 57.68 -117.57 -55.61
CA VAL PA 88 58.44 -116.48 -56.18
C VAL PA 88 59.32 -117.03 -57.28
N SER PA 89 60.12 -116.17 -57.91
CA SER PA 89 61.01 -116.55 -58.99
C SER PA 89 62.42 -116.11 -58.63
N ASP PA 90 63.25 -117.05 -58.22
CA ASP PA 90 64.64 -116.76 -57.95
C ASP PA 90 65.52 -117.76 -58.69
N PRO PA 91 66.70 -117.34 -59.14
CA PRO PA 91 67.54 -118.23 -59.95
C PRO PA 91 68.19 -119.36 -59.18
N GLN PA 92 68.04 -119.41 -57.85
CA GLN PA 92 68.71 -120.40 -57.03
C GLN PA 92 67.65 -121.15 -56.23
N SER PA 93 67.15 -122.25 -56.78
CA SER PA 93 66.06 -122.95 -56.14
C SER PA 93 66.21 -124.47 -56.18
N MET PA 94 67.33 -124.98 -56.68
CA MET PA 94 67.58 -126.43 -56.76
C MET PA 94 66.51 -127.14 -57.59
N ASP QA 65 110.04 -12.56 -73.97
CA ASP QA 65 109.08 -12.02 -73.01
C ASP QA 65 109.74 -11.77 -71.66
N ILE QA 66 109.19 -10.84 -70.90
CA ILE QA 66 109.72 -10.47 -69.59
C ILE QA 66 108.56 -10.10 -68.68
N ILE QA 67 108.76 -10.27 -67.39
CA ILE QA 67 107.73 -9.93 -66.42
C ILE QA 67 107.76 -8.42 -66.17
N THR QA 68 106.65 -7.76 -66.44
CA THR QA 68 106.53 -6.33 -66.20
C THR QA 68 105.07 -6.00 -65.91
N ARG QA 69 104.85 -5.07 -64.99
CA ARG QA 69 103.49 -4.73 -64.57
C ARG QA 69 103.36 -3.23 -64.49
N PRO QA 70 102.18 -2.70 -64.82
CA PRO QA 70 101.97 -1.25 -64.73
C PRO QA 70 102.11 -0.77 -63.30
N THR QA 71 102.69 0.41 -63.15
CA THR QA 71 102.81 1.02 -61.83
C THR QA 71 101.43 1.49 -61.36
N SER QA 72 101.32 1.68 -60.05
CA SER QA 72 100.08 2.18 -59.48
C SER QA 72 99.68 3.50 -60.12
N ASP QA 73 98.39 3.66 -60.36
CA ASP QA 73 97.90 4.82 -61.10
C ASP QA 73 98.32 6.12 -60.42
N SER QA 74 98.25 6.18 -59.09
CA SER QA 74 98.59 7.39 -58.38
C SER QA 74 100.02 7.82 -58.69
N ILE QA 75 100.95 6.87 -58.66
CA ILE QA 75 102.34 7.20 -58.92
C ILE QA 75 102.52 7.70 -60.34
N ALA QA 76 101.88 7.04 -61.30
CA ALA QA 76 102.02 7.46 -62.69
C ALA QA 76 101.49 8.88 -62.87
N ALA QA 77 100.37 9.21 -62.24
CA ALA QA 77 99.79 10.53 -62.41
C ALA QA 77 100.74 11.61 -61.94
N VAL QA 78 101.26 11.48 -60.72
CA VAL QA 78 102.14 12.51 -60.19
C VAL QA 78 103.43 12.56 -60.99
N ALA QA 79 103.93 11.40 -61.41
CA ALA QA 79 105.18 11.37 -62.17
C ALA QA 79 105.01 12.12 -63.49
N ASN QA 80 103.90 11.87 -64.19
CA ASN QA 80 103.70 12.54 -65.47
C ASN QA 80 103.46 14.04 -65.30
N ALA QA 81 103.06 14.48 -64.11
CA ALA QA 81 102.83 15.91 -63.91
C ALA QA 81 104.11 16.70 -64.05
N THR QA 82 105.21 16.19 -63.51
CA THR QA 82 106.48 16.91 -63.46
C THR QA 82 107.42 16.33 -64.51
N LYS QA 83 107.29 16.83 -65.74
CA LYS QA 83 108.13 16.38 -66.86
C LYS QA 83 108.44 17.57 -67.74
N PRO QA 84 109.44 18.37 -67.38
CA PRO QA 84 109.77 19.55 -68.18
C PRO QA 84 110.33 19.15 -69.55
N ALA QA 85 110.17 20.07 -70.49
CA ALA QA 85 110.68 19.84 -71.85
C ALA QA 85 112.20 19.77 -71.83
N ALA QA 86 112.75 18.76 -72.50
CA ALA QA 86 114.20 18.59 -72.52
C ALA QA 86 114.88 19.63 -73.38
N VAL QA 87 114.30 19.93 -74.54
CA VAL QA 87 114.86 20.91 -75.48
C VAL QA 87 113.85 22.02 -75.66
N VAL QA 88 114.33 23.27 -75.57
CA VAL QA 88 113.47 24.43 -75.70
C VAL QA 88 114.16 25.45 -76.60
N SER QA 89 113.37 26.32 -77.21
CA SER QA 89 113.88 27.33 -78.12
C SER QA 89 114.34 28.54 -77.32
N ASP QA 90 115.65 28.67 -77.14
CA ASP QA 90 116.24 29.83 -76.51
C ASP QA 90 117.01 30.63 -77.55
N PRO QA 91 116.70 31.90 -77.74
CA PRO QA 91 117.42 32.67 -78.76
C PRO QA 91 118.83 33.05 -78.35
N GLN QA 92 119.34 32.47 -77.27
CA GLN QA 92 120.65 32.84 -76.75
C GLN QA 92 121.46 31.59 -76.43
N SER QA 93 122.69 31.54 -76.95
CA SER QA 93 123.61 30.46 -76.64
C SER QA 93 125.06 30.95 -76.49
N MET QA 94 125.27 32.24 -76.21
CA MET QA 94 126.62 32.83 -76.17
C MET QA 94 127.34 32.54 -74.86
N ALA RA 1 -61.61 27.04 21.79
CA ALA RA 1 -63.00 26.64 21.96
C ALA RA 1 -63.43 26.84 23.41
N GLN RA 2 -64.23 25.91 23.92
CA GLN RA 2 -64.78 26.02 25.26
C GLN RA 2 -65.05 24.60 25.76
N ARG RA 3 -64.22 24.13 26.69
CA ARG RA 3 -64.18 22.72 27.03
C ARG RA 3 -65.10 22.35 28.20
N GLN RA 4 -66.07 23.20 28.53
CA GLN RA 4 -66.87 22.90 29.71
C GLN RA 4 -68.19 23.65 29.65
N PHE RA 5 -69.23 23.04 30.22
CA PHE RA 5 -70.52 23.69 30.35
C PHE RA 5 -71.20 23.20 31.61
N PHE RA 6 -72.20 23.95 32.04
CA PHE RA 6 -73.04 23.60 33.18
C PHE RA 6 -74.50 23.74 32.77
N GLY RA 7 -75.36 22.98 33.42
CA GLY RA 7 -76.75 22.97 33.03
C GLY RA 7 -77.68 22.61 34.17
N LEU RA 8 -78.98 22.70 33.88
CA LEU RA 8 -80.02 22.41 34.86
C LEU RA 8 -81.23 21.85 34.14
N THR RA 9 -81.76 20.73 34.64
CA THR RA 9 -82.91 20.12 34.01
C THR RA 9 -84.19 20.86 34.39
N TYR RA 10 -85.28 20.47 33.74
CA TYR RA 10 -86.55 21.15 33.91
C TYR RA 10 -87.15 20.87 35.29
N ASN RA 11 -88.22 21.58 35.59
CA ASN RA 11 -88.98 21.40 36.82
C ASN RA 11 -90.31 20.73 36.50
N PHE RA 12 -90.72 19.79 37.33
CA PHE RA 12 -92.04 19.21 37.24
C PHE RA 12 -93.01 20.12 37.98
N TYR RA 13 -94.03 20.59 37.27
CA TYR RA 13 -95.03 21.46 37.90
C TYR RA 13 -95.98 20.60 38.73
N GLY RA 14 -95.43 20.06 39.82
CA GLY RA 14 -96.17 19.20 40.71
C GLY RA 14 -96.38 17.80 40.21
N GLN RA 15 -96.19 17.54 38.92
CA GLN RA 15 -96.38 16.21 38.39
C GLN RA 15 -95.22 15.31 38.79
N PRO RA 16 -95.43 13.99 38.81
CA PRO RA 16 -94.40 13.07 39.29
C PRO RA 16 -93.38 12.61 38.27
N ALA RA 17 -93.56 12.91 36.98
CA ALA RA 17 -92.68 12.38 35.96
C ALA RA 17 -92.52 13.42 34.87
N PRO RA 18 -91.47 13.32 34.07
CA PRO RA 18 -91.32 14.26 32.95
C PRO RA 18 -92.48 14.17 31.98
N LEU RA 19 -92.83 15.31 31.40
CA LEU RA 19 -94.10 15.48 30.71
C LEU RA 19 -93.91 15.38 29.19
N PHE RA 20 -93.96 14.15 28.70
CA PHE RA 20 -93.99 13.89 27.27
C PHE RA 20 -94.36 12.43 27.06
N ASP RA 21 -95.10 12.16 26.00
CA ASP RA 21 -95.48 10.79 25.68
C ASP RA 21 -94.53 10.22 24.64
N LEU RA 22 -94.73 8.94 24.32
CA LEU RA 22 -93.88 8.29 23.34
C LEU RA 22 -94.01 8.95 21.98
N ASN RA 23 -95.22 9.34 21.60
CA ASN RA 23 -95.43 9.96 20.29
C ASN RA 23 -94.61 11.23 20.15
N ASP RA 24 -94.55 12.03 21.21
CA ASP RA 24 -93.73 13.24 21.18
C ASP RA 24 -92.28 12.88 20.84
N LEU RA 25 -91.71 11.94 21.58
CA LEU RA 25 -90.35 11.51 21.29
C LEU RA 25 -90.26 10.94 19.89
N GLN RA 26 -91.20 10.07 19.53
CA GLN RA 26 -91.14 9.39 18.25
C GLN RA 26 -91.21 10.38 17.10
N GLU RA 27 -91.98 11.45 17.26
CA GLU RA 27 -92.10 12.43 16.18
C GLU RA 27 -90.98 13.45 16.24
N LEU RA 28 -90.60 13.89 17.42
CA LEU RA 28 -89.67 15.00 17.55
C LEU RA 28 -88.21 14.58 17.58
N ALA RA 29 -87.93 13.30 17.87
CA ALA RA 29 -86.54 12.85 17.82
C ALA RA 29 -86.40 11.44 17.27
N GLY RA 30 -87.33 10.97 16.46
CA GLY RA 30 -87.34 9.60 16.01
C GLY RA 30 -86.44 9.37 14.81
N CYS RA 31 -86.74 8.30 14.08
CA CYS RA 31 -86.06 7.93 12.84
C CYS RA 31 -84.59 7.61 13.04
N TYR RA 32 -84.16 7.40 14.28
CA TYR RA 32 -82.76 7.17 14.61
C TYR RA 32 -81.86 8.31 14.17
N ALA RA 33 -82.43 9.48 13.92
CA ALA RA 33 -81.64 10.61 13.46
C ALA RA 33 -81.05 11.38 14.63
N ARG RA 34 -80.09 12.23 14.33
CA ARG RA 34 -79.48 13.05 15.36
C ARG RA 34 -80.44 14.16 15.76
N PRO RA 35 -80.77 14.28 17.05
CA PRO RA 35 -81.70 15.34 17.47
C PRO RA 35 -81.03 16.66 17.80
N TRP RA 36 -79.73 16.78 17.56
CA TRP RA 36 -78.96 17.82 18.23
C TRP RA 36 -79.00 19.17 17.54
N THR RA 37 -79.61 19.30 16.36
CA THR RA 37 -79.72 20.62 15.75
C THR RA 37 -81.06 20.77 15.07
N SER RA 38 -82.12 20.31 15.70
CA SER RA 38 -83.43 20.24 15.08
C SER RA 38 -84.35 21.39 15.45
N ARG RA 39 -83.89 22.33 16.27
CA ARG RA 39 -84.80 23.31 16.85
C ARG RA 39 -85.44 24.19 15.80
N PHE RA 40 -84.75 24.46 14.70
CA PHE RA 40 -85.31 25.29 13.65
C PHE RA 40 -85.93 24.50 12.50
N SER RA 41 -85.85 23.16 12.55
CA SER RA 41 -86.41 22.37 11.47
C SER RA 41 -87.93 22.46 11.41
N HIS RA 42 -88.56 23.02 12.43
CA HIS RA 42 -90.01 23.16 12.50
C HIS RA 42 -90.39 24.58 12.82
N LEU RA 43 -89.66 25.54 12.25
CA LEU RA 43 -89.99 26.94 12.35
C LEU RA 43 -89.94 27.55 10.95
N ALA RA 44 -90.54 28.72 10.79
CA ALA RA 44 -90.59 29.36 9.49
C ALA RA 44 -90.69 30.86 9.68
N ILE RA 45 -91.00 31.57 8.60
CA ILE RA 45 -90.97 33.02 8.61
C ILE RA 45 -92.08 33.59 9.49
N SER RA 46 -93.23 32.94 9.57
CA SER RA 46 -94.35 33.51 10.29
C SER RA 46 -95.28 32.40 10.76
N THR RA 47 -96.17 32.77 11.68
CA THR RA 47 -97.14 31.81 12.21
C THR RA 47 -98.09 31.31 11.15
N GLY RA 48 -98.45 32.16 10.17
CA GLY RA 48 -99.44 31.77 9.18
C GLY RA 48 -99.05 30.53 8.41
N SER RA 49 -97.75 30.28 8.28
CA SER RA 49 -97.26 29.14 7.53
C SER RA 49 -97.05 27.90 8.40
N LEU RA 50 -97.44 27.96 9.67
CA LEU RA 50 -97.11 26.88 10.58
C LEU RA 50 -98.36 26.28 11.19
N PRO RA 51 -98.33 24.98 11.52
CA PRO RA 51 -99.50 24.34 12.13
C PRO RA 51 -99.52 24.53 13.64
N VAL RA 52 -99.31 25.76 14.10
CA VAL RA 52 -99.20 26.02 15.53
C VAL RA 52 -100.52 26.43 16.16
N TRP RA 53 -101.62 26.33 15.43
CA TRP RA 53 -102.88 26.87 15.91
C TRP RA 53 -103.83 25.82 16.45
N SER RA 54 -103.54 24.54 16.29
CA SER RA 54 -104.48 23.52 16.70
C SER RA 54 -103.74 22.20 16.94
N ALA RA 55 -104.50 21.22 17.40
CA ALA RA 55 -103.99 19.86 17.62
C ALA RA 55 -102.78 19.86 18.56
N ARG RA 56 -101.98 18.80 18.49
CA ARG RA 56 -100.77 18.74 19.30
C ARG RA 56 -99.82 19.85 18.86
N TYR RA 57 -98.97 20.26 19.80
CA TYR RA 57 -98.07 21.40 19.61
C TYR RA 57 -98.83 22.65 19.14
N PRO RA 58 -99.86 23.08 19.85
CA PRO RA 58 -100.66 24.23 19.43
C PRO RA 58 -100.12 25.56 19.92
N SER RA 59 -98.82 25.77 19.77
CA SER RA 59 -98.21 27.04 20.13
C SER RA 59 -96.84 27.12 19.47
N VAL RA 60 -96.35 28.35 19.31
CA VAL RA 60 -95.07 28.57 18.68
C VAL RA 60 -93.96 27.90 19.48
N ALA RA 61 -93.98 28.08 20.79
CA ALA RA 61 -92.93 27.54 21.63
C ALA RA 61 -93.13 26.07 21.96
N SER RA 62 -94.28 25.50 21.59
CA SER RA 62 -94.67 24.19 22.11
C SER RA 62 -93.61 23.13 21.83
N ARG RA 63 -93.15 23.04 20.58
CA ARG RA 63 -92.22 21.97 20.23
C ARG RA 63 -90.92 22.09 21.01
N ASN RA 64 -90.32 23.28 21.03
CA ASN RA 64 -89.06 23.44 21.74
C ASN RA 64 -89.21 23.18 23.23
N ILE RA 65 -90.37 23.50 23.79
CA ILE RA 65 -90.61 23.21 25.20
C ILE RA 65 -90.55 21.71 25.45
N ILE RA 66 -91.28 20.95 24.64
CA ILE RA 66 -91.31 19.50 24.82
C ILE RA 66 -89.92 18.92 24.64
N VAL RA 67 -89.16 19.44 23.68
CA VAL RA 67 -87.80 18.98 23.47
C VAL RA 67 -87.00 19.11 24.76
N ASN RA 68 -87.11 20.27 25.41
CA ASN RA 68 -86.37 20.49 26.65
C ASN RA 68 -86.78 19.46 27.70
N THR RA 69 -88.08 19.23 27.83
CA THR RA 69 -88.54 18.22 28.78
C THR RA 69 -88.00 16.85 28.41
N LEU RA 70 -87.98 16.55 27.11
CA LEU RA 70 -87.49 15.26 26.67
C LEU RA 70 -86.02 15.07 27.05
N LEU RA 71 -85.20 16.10 26.83
CA LEU RA 71 -83.79 15.97 27.15
C LEU RA 71 -83.57 15.73 28.64
N GLY RA 72 -84.42 16.31 29.49
CA GLY RA 72 -84.25 16.15 30.92
C GLY RA 72 -84.26 14.70 31.37
N ALA RA 73 -84.83 13.82 30.57
CA ALA RA 73 -84.92 12.41 30.93
C ALA RA 73 -83.73 11.59 30.47
N HIS RA 74 -82.79 12.19 29.73
CA HIS RA 74 -81.69 11.42 29.18
C HIS RA 74 -80.32 12.06 29.37
N LEU RA 75 -80.23 13.19 30.07
CA LEU RA 75 -78.95 13.83 30.29
C LEU RA 75 -78.25 13.33 31.54
N ASN RA 76 -78.60 12.13 32.00
CA ASN RA 76 -77.99 11.60 33.21
C ASN RA 76 -76.47 11.54 33.18
N PRO RA 77 -75.80 11.18 32.07
CA PRO RA 77 -74.33 11.12 32.12
C PRO RA 77 -73.67 12.39 32.62
N PHE RA 78 -74.22 13.55 32.32
CA PHE RA 78 -73.64 14.78 32.86
C PHE RA 78 -74.07 15.04 34.30
N ALA RA 79 -74.86 14.16 34.88
CA ALA RA 79 -75.24 14.24 36.29
C ALA RA 79 -74.67 13.11 37.11
N GLY RA 80 -74.63 11.90 36.58
CA GLY RA 80 -74.15 10.75 37.32
C GLY RA 80 -73.07 9.97 36.60
N GLY RA 81 -72.66 10.47 35.44
CA GLY RA 81 -71.57 9.83 34.73
C GLY RA 81 -71.92 8.53 34.04
N GLN RA 82 -73.20 8.20 33.90
CA GLN RA 82 -73.58 6.95 33.28
C GLN RA 82 -74.77 7.14 32.37
N VAL RA 83 -74.76 6.45 31.23
CA VAL RA 83 -75.93 6.40 30.38
C VAL RA 83 -76.97 5.51 31.01
N THR RA 84 -78.23 5.90 30.90
CA THR RA 84 -79.34 5.15 31.50
C THR RA 84 -80.43 4.99 30.46
N SER RA 85 -81.51 4.35 30.88
CA SER RA 85 -82.68 4.16 30.05
C SER RA 85 -83.91 4.68 30.78
N HIS RA 86 -84.89 5.14 30.02
CA HIS RA 86 -86.15 5.60 30.58
C HIS RA 86 -87.28 5.12 29.70
N GLN RA 87 -88.18 4.34 30.28
CA GLN RA 87 -89.31 3.77 29.56
C GLN RA 87 -88.85 3.03 28.30
N GLY RA 88 -87.74 2.31 28.45
CA GLY RA 88 -87.28 1.42 27.40
C GLY RA 88 -86.49 2.03 26.28
N ILE RA 89 -86.07 3.28 26.40
CA ILE RA 89 -85.34 3.96 25.35
C ILE RA 89 -84.08 4.58 25.93
N THR RA 90 -82.99 4.51 25.16
CA THR RA 90 -81.70 5.00 25.62
C THR RA 90 -80.87 5.39 24.41
N TRP RA 91 -79.67 5.90 24.68
CA TRP RA 91 -78.74 6.27 23.63
C TRP RA 91 -78.15 5.04 22.96
N ARG RA 92 -77.82 5.17 21.68
CA ARG RA 92 -77.25 4.06 20.93
C ARG RA 92 -75.78 3.82 21.24
N ASP RA 93 -75.08 4.81 21.78
CA ASP RA 93 -73.64 4.73 21.88
C ASP RA 93 -73.17 5.70 22.95
N PRO RA 94 -71.94 5.54 23.46
CA PRO RA 94 -71.43 6.51 24.44
C PRO RA 94 -71.31 7.91 23.89
N VAL RA 95 -71.28 8.08 22.57
CA VAL RA 95 -71.22 9.42 21.99
C VAL RA 95 -72.57 10.11 22.01
N LEU RA 96 -73.64 9.41 22.40
CA LEU RA 96 -74.98 9.99 22.47
C LEU RA 96 -75.43 10.49 21.11
N SER RA 97 -75.13 9.73 20.06
CA SER RA 97 -75.48 10.15 18.71
C SER RA 97 -76.99 10.21 18.52
N SER RA 98 -77.72 9.22 19.02
CA SER RA 98 -79.15 9.14 18.76
C SER RA 98 -79.77 8.18 19.76
N LEU RA 99 -81.09 8.11 19.72
CA LEU RA 99 -81.87 7.29 20.64
C LEU RA 99 -82.37 6.03 19.94
N ALA RA 100 -82.66 5.01 20.75
CA ALA RA 100 -83.17 3.74 20.26
C ALA RA 100 -83.73 2.97 21.43
N PRO RA 101 -84.60 2.00 21.17
CA PRO RA 101 -85.05 1.12 22.25
C PRO RA 101 -83.90 0.32 22.82
N VAL RA 102 -84.00 -0.03 24.09
CA VAL RA 102 -82.92 -0.71 24.80
C VAL RA 102 -82.66 -2.08 24.20
N PRO RA 103 -81.42 -2.54 24.17
CA PRO RA 103 -81.15 -3.91 23.74
C PRO RA 103 -81.65 -4.91 24.76
N ALA RA 104 -81.93 -6.13 24.27
CA ALA RA 104 -82.50 -7.16 25.11
C ALA RA 104 -81.47 -7.95 25.91
N ILE RA 105 -80.19 -7.85 25.56
CA ILE RA 105 -79.19 -8.70 26.18
C ILE RA 105 -78.54 -8.04 27.39
N GLN RA 106 -78.09 -6.79 27.26
CA GLN RA 106 -77.43 -6.08 28.33
C GLN RA 106 -78.01 -4.69 28.47
N PRO RA 107 -79.20 -4.56 29.05
CA PRO RA 107 -79.81 -3.25 29.19
C PRO RA 107 -79.00 -2.38 30.13
N PRO RA 108 -78.96 -1.07 29.89
CA PRO RA 108 -78.35 -0.16 30.84
C PRO RA 108 -79.25 0.02 32.04
N PRO RA 109 -78.73 0.57 33.14
CA PRO RA 109 -79.57 0.78 34.32
C PRO RA 109 -80.70 1.76 34.03
N VAL RA 110 -81.82 1.56 34.71
CA VAL RA 110 -82.99 2.41 34.55
C VAL RA 110 -82.77 3.71 35.30
N TRP RA 111 -83.09 4.82 34.64
CA TRP RA 111 -82.91 6.12 35.26
C TRP RA 111 -83.90 6.33 36.39
N ALA RA 112 -83.40 6.82 37.53
CA ALA RA 112 -84.26 7.21 38.63
C ALA RA 112 -84.71 8.64 38.38
N VAL RA 113 -86.03 8.87 38.39
CA VAL RA 113 -86.56 10.15 37.97
C VAL RA 113 -86.25 11.21 39.03
N ALA RA 114 -85.98 12.43 38.55
CA ALA RA 114 -85.73 13.58 39.40
C ALA RA 114 -85.92 14.83 38.55
N GLU RA 115 -85.99 15.98 39.22
CA GLU RA 115 -86.21 17.25 38.53
C GLU RA 115 -85.18 18.27 38.99
N ASN RA 116 -84.95 19.25 38.12
CA ASN RA 116 -84.02 20.35 38.40
C ASN RA 116 -82.64 19.80 38.77
N VAL RA 117 -82.16 18.89 37.95
CA VAL RA 117 -80.87 18.23 38.21
C VAL RA 117 -79.76 19.12 37.68
N PRO RA 118 -78.80 19.51 38.51
CA PRO RA 118 -77.64 20.25 37.99
C PRO RA 118 -76.74 19.34 37.16
N LEU RA 119 -76.09 19.93 36.16
CA LEU RA 119 -75.31 19.16 35.21
C LEU RA 119 -73.92 19.76 35.07
N ASP RA 120 -72.91 18.88 35.03
CA ASP RA 120 -71.53 19.28 34.80
C ASP RA 120 -70.96 18.46 33.65
N SER RA 121 -70.20 19.13 32.78
CA SER RA 121 -69.53 18.40 31.71
C SER RA 121 -68.46 17.47 32.26
N ASN RA 122 -67.82 17.86 33.35
CA ASN RA 122 -66.71 17.09 33.88
C ASN RA 122 -67.14 15.73 34.39
N ASN RA 123 -68.43 15.53 34.67
CA ASN RA 123 -68.88 14.23 35.15
C ASN RA 123 -68.81 13.15 34.09
N TYR RA 124 -68.59 13.49 32.83
CA TYR RA 124 -68.61 12.54 31.73
C TYR RA 124 -67.37 12.76 30.88
N PRO RA 125 -66.24 12.16 31.26
CA PRO RA 125 -64.97 12.50 30.60
C PRO RA 125 -64.97 12.27 29.10
N THR RA 126 -65.68 11.27 28.61
CA THR RA 126 -65.62 10.96 27.18
C THR RA 126 -66.08 12.13 26.34
N TYR RA 127 -66.90 13.01 26.90
CA TYR RA 127 -67.37 14.17 26.16
C TYR RA 127 -66.20 15.04 25.71
N VAL RA 128 -65.34 15.42 26.64
CA VAL RA 128 -64.20 16.26 26.29
C VAL RA 128 -63.28 15.51 25.34
N LEU RA 129 -63.05 14.23 25.60
CA LEU RA 129 -62.19 13.43 24.72
C LEU RA 129 -62.76 13.32 23.31
N ASN RA 130 -64.05 13.52 23.15
CA ASN RA 130 -64.67 13.52 21.83
C ASN RA 130 -65.35 14.85 21.55
N LEU RA 131 -64.75 15.93 22.05
CA LEU RA 131 -65.36 17.26 21.94
C LEU RA 131 -65.64 17.61 20.50
N SER RA 132 -64.74 17.23 19.59
CA SER RA 132 -64.88 17.64 18.20
C SER RA 132 -66.18 17.15 17.59
N SER RA 133 -66.68 16.00 18.05
CA SER RA 133 -67.92 15.46 17.50
C SER RA 133 -69.13 15.66 18.41
N MET RA 134 -68.92 15.77 19.71
CA MET RA 134 -70.01 15.97 20.65
C MET RA 134 -70.31 17.43 20.91
N TRP RA 135 -69.67 18.32 20.17
CA TRP RA 135 -69.88 19.75 20.35
C TRP RA 135 -71.35 20.18 20.29
N PRO RA 136 -72.19 19.68 19.38
CA PRO RA 136 -73.57 20.18 19.32
C PRO RA 136 -74.33 20.03 20.63
N ILE RA 137 -73.97 19.05 21.45
CA ILE RA 137 -74.65 18.88 22.73
C ILE RA 137 -74.53 20.15 23.56
N ASN RA 138 -73.37 20.80 23.48
CA ASN RA 138 -73.13 22.01 24.28
C ASN RA 138 -74.22 23.04 24.07
N GLN RA 139 -74.53 23.34 22.81
CA GLN RA 139 -75.49 24.40 22.52
C GLN RA 139 -76.86 24.06 23.08
N ASP RA 140 -77.37 22.87 22.77
CA ASP RA 140 -78.73 22.52 23.16
C ASP RA 140 -78.88 22.46 24.67
N VAL RA 141 -77.89 21.89 25.37
CA VAL RA 141 -77.97 21.83 26.83
C VAL RA 141 -78.05 23.24 27.39
N HIS RA 142 -77.23 24.15 26.85
CA HIS RA 142 -77.29 25.54 27.29
C HIS RA 142 -78.67 26.12 27.08
N ILE RA 143 -79.24 25.90 25.88
CA ILE RA 143 -80.56 26.43 25.58
C ILE RA 143 -81.58 25.89 26.55
N MET RA 144 -81.56 24.58 26.78
CA MET RA 144 -82.50 23.98 27.71
C MET RA 144 -82.37 24.61 29.09
N THR RA 145 -81.14 24.81 29.54
CA THR RA 145 -80.91 25.41 30.84
C THR RA 145 -81.47 26.82 30.89
N MET RA 146 -81.15 27.63 29.88
CA MET RA 146 -81.61 29.02 29.88
C MET RA 146 -83.12 29.11 29.91
N TRP RA 147 -83.81 28.12 29.36
CA TRP RA 147 -85.26 28.11 29.46
C TRP RA 147 -85.71 27.57 30.81
N ALA RA 148 -85.08 26.48 31.27
CA ALA RA 148 -85.53 25.84 32.50
C ALA RA 148 -85.42 26.77 33.69
N LEU RA 149 -84.52 27.73 33.64
CA LEU RA 149 -84.25 28.58 34.79
C LEU RA 149 -85.38 29.54 35.10
N SER RA 150 -86.36 29.70 34.23
CA SER RA 150 -87.36 30.72 34.42
C SER RA 150 -88.75 30.22 34.06
N ASP RA 151 -89.74 30.68 34.81
CA ASP RA 151 -91.11 30.62 34.35
C ASP RA 151 -91.36 31.76 33.37
N GLN RA 152 -92.48 31.66 32.64
CA GLN RA 152 -92.81 32.58 31.55
C GLN RA 152 -91.65 32.52 30.56
N GLY RA 153 -91.16 33.66 30.07
CA GLY RA 153 -90.19 33.67 29.01
C GLY RA 153 -88.83 33.14 29.42
N PRO RA 154 -88.07 32.61 28.48
CA PRO RA 154 -86.71 32.17 28.75
C PRO RA 154 -85.80 33.37 29.00
N ILE RA 155 -84.62 33.07 29.51
CA ILE RA 155 -83.64 34.09 29.88
C ILE RA 155 -82.57 34.16 28.79
N TYR RA 156 -82.11 35.37 28.50
CA TYR RA 156 -81.01 35.56 27.57
C TYR RA 156 -80.22 36.78 28.03
N HIS RA 157 -79.05 36.96 27.41
CA HIS RA 157 -78.07 37.94 27.87
C HIS RA 157 -77.81 39.00 26.80
N LEU RA 158 -77.57 40.22 27.26
CA LEU RA 158 -77.29 41.36 26.40
C LEU RA 158 -76.00 42.03 26.85
N GLU RA 159 -75.31 42.66 25.90
CA GLU RA 159 -74.12 43.42 26.22
C GLU RA 159 -73.75 44.31 25.04
N VAL RA 160 -73.16 45.45 25.34
CA VAL RA 160 -72.65 46.37 24.33
C VAL RA 160 -71.28 46.88 24.75
N PRO RA 161 -70.26 46.76 23.90
CA PRO RA 161 -68.94 47.25 24.26
C PRO RA 161 -68.84 48.77 24.06
N VAL RA 162 -67.72 49.31 24.53
CA VAL RA 162 -67.47 50.74 24.36
C VAL RA 162 -66.88 51.06 23.00
N ASP RA 163 -66.44 50.06 22.26
CA ASP RA 163 -65.81 50.24 20.96
C ASP RA 163 -66.86 50.29 19.86
N PRO RA 164 -66.51 50.85 18.70
CA PRO RA 164 -67.38 50.74 17.54
C PRO RA 164 -67.34 49.33 16.95
N MET RA 165 -68.26 49.09 16.03
CA MET RA 165 -68.32 47.78 15.38
C MET RA 165 -67.04 47.57 14.56
N PRO RA 166 -66.51 46.35 14.54
CA PRO RA 166 -65.42 46.04 13.61
C PRO RA 166 -65.95 45.98 12.19
N ALA RA 167 -65.02 46.16 11.24
CA ALA RA 167 -65.41 46.21 9.84
C ALA RA 167 -66.04 44.90 9.41
N ALA RA 168 -65.51 43.77 9.88
CA ALA RA 168 -66.02 42.47 9.45
C ALA RA 168 -67.50 42.33 9.74
N THR RA 169 -67.92 42.68 10.95
CA THR RA 169 -69.34 42.61 11.29
C THR RA 169 -70.15 43.53 10.40
N THR RA 170 -69.63 44.72 10.14
CA THR RA 170 -70.34 45.67 9.28
C THR RA 170 -70.63 45.05 7.92
N ALA RA 171 -69.61 44.47 7.30
CA ALA RA 171 -69.82 43.85 5.99
C ALA RA 171 -70.83 42.71 6.08
N ALA RA 172 -70.72 41.89 7.13
CA ALA RA 172 -71.65 40.77 7.27
C ALA RA 172 -73.08 41.27 7.39
N LEU RA 173 -73.30 42.28 8.22
CA LEU RA 173 -74.65 42.81 8.39
C LEU RA 173 -75.17 43.42 7.11
N MET RA 174 -74.29 44.08 6.34
CA MET RA 174 -74.73 44.69 5.09
C MET RA 174 -75.25 43.67 4.10
N ALA RA 175 -74.98 42.39 4.31
CA ALA RA 175 -75.55 41.34 3.48
C ALA RA 175 -76.80 40.73 4.09
N TYR RA 176 -77.18 41.11 5.30
CA TYR RA 176 -78.36 40.57 5.96
C TYR RA 176 -79.51 41.57 6.02
N ILE RA 177 -79.55 42.51 5.08
CA ILE RA 177 -80.43 43.66 5.22
C ILE RA 177 -81.89 43.23 5.24
N GLY RA 178 -82.36 42.67 4.14
CA GLY RA 178 -83.79 42.42 4.04
C GLY RA 178 -84.28 41.19 4.73
N VAL RA 179 -83.45 40.55 5.54
CA VAL RA 179 -83.76 39.26 6.13
C VAL RA 179 -84.71 39.41 7.32
N PRO RA 180 -85.75 38.60 7.41
CA PRO RA 180 -86.57 38.60 8.63
C PRO RA 180 -85.81 37.98 9.78
N ILE RA 181 -86.34 38.25 10.99
CA ILE RA 181 -85.64 37.84 12.20
C ILE RA 181 -85.50 36.32 12.27
N ALA RA 182 -86.55 35.61 11.87
CA ALA RA 182 -86.55 34.15 12.02
C ALA RA 182 -85.40 33.53 11.25
N HIS RA 183 -85.20 33.95 10.00
CA HIS RA 183 -84.08 33.42 9.23
C HIS RA 183 -82.75 33.75 9.89
N LEU RA 184 -82.61 34.97 10.40
CA LEU RA 184 -81.38 35.34 11.09
C LEU RA 184 -81.13 34.42 12.26
N ALA RA 185 -82.17 34.14 13.05
CA ALA RA 185 -82.01 33.29 14.22
C ALA RA 185 -81.52 31.91 13.82
N GLN RA 186 -82.00 31.39 12.69
CA GLN RA 186 -81.57 30.06 12.26
C GLN RA 186 -80.07 30.03 12.03
N THR RA 187 -79.54 31.02 11.31
CA THR RA 187 -78.12 31.02 10.99
C THR RA 187 -77.29 31.06 12.26
N ALA RA 188 -77.69 31.89 13.23
CA ALA RA 188 -76.96 31.93 14.49
C ALA RA 188 -76.98 30.57 15.17
N TYR RA 189 -78.15 29.94 15.21
CA TYR RA 189 -78.24 28.61 15.79
C TYR RA 189 -77.42 27.62 14.99
N ARG RA 190 -77.52 27.68 13.67
CA ARG RA 190 -76.76 26.76 12.83
C ARG RA 190 -75.27 26.95 13.02
N PHE RA 191 -74.84 28.21 13.15
CA PHE RA 191 -73.40 28.48 13.26
C PHE RA 191 -72.81 27.83 14.49
N ALA RA 192 -73.29 28.22 15.68
CA ALA RA 192 -72.70 27.72 16.90
C ALA RA 192 -72.97 26.24 17.14
N GLY RA 193 -73.87 25.65 16.36
CA GLY RA 193 -74.31 24.31 16.68
C GLY RA 193 -73.43 23.17 16.22
N GLN RA 194 -72.79 23.30 15.06
CA GLN RA 194 -72.30 22.11 14.38
C GLN RA 194 -70.81 21.84 14.55
N LEU RA 195 -70.02 22.79 15.03
CA LEU RA 195 -68.59 22.52 15.21
C LEU RA 195 -68.02 23.53 16.19
N PRO RA 196 -67.02 23.17 16.97
CA PRO RA 196 -66.49 24.09 17.98
C PRO RA 196 -65.94 25.36 17.35
N GLN RA 197 -66.12 26.47 18.07
CA GLN RA 197 -65.62 27.76 17.62
C GLN RA 197 -65.05 28.52 18.81
N SER RA 198 -64.10 29.36 18.53
CA SER RA 198 -63.58 30.17 19.62
C SER RA 198 -64.43 31.42 19.80
N PRO RA 199 -64.54 31.93 21.02
CA PRO RA 199 -65.28 33.18 21.23
C PRO RA 199 -64.70 34.35 20.46
N ASP RA 200 -63.41 34.32 20.17
CA ASP RA 200 -62.78 35.40 19.39
C ASP RA 200 -62.94 35.13 17.91
N SER RA 201 -64.19 35.02 17.48
CA SER RA 201 -64.52 34.77 16.09
C SER RA 201 -65.47 35.86 15.61
N THR RA 202 -65.37 36.15 14.31
CA THR RA 202 -66.13 37.26 13.74
C THR RA 202 -67.62 37.08 13.93
N MET RA 203 -68.13 35.86 13.68
CA MET RA 203 -69.56 35.63 13.82
C MET RA 203 -70.02 35.88 15.24
N VAL RA 204 -69.21 35.48 16.22
CA VAL RA 204 -69.60 35.64 17.62
C VAL RA 204 -69.88 37.10 17.92
N SER RA 205 -68.96 37.98 17.56
CA SER RA 205 -69.19 39.40 17.74
C SER RA 205 -70.39 39.86 16.92
N THR RA 206 -70.53 39.31 15.71
CA THR RA 206 -71.64 39.72 14.85
C THR RA 206 -72.98 39.46 15.53
N ILE RA 207 -73.18 38.23 15.99
CA ILE RA 207 -74.46 37.90 16.61
C ILE RA 207 -74.66 38.69 17.88
N ARG RA 208 -73.58 38.94 18.61
CA ARG RA 208 -73.67 39.74 19.83
C ARG RA 208 -74.28 41.10 19.52
N TRP RA 209 -73.80 41.74 18.46
CA TRP RA 209 -74.36 43.03 18.08
C TRP RA 209 -75.82 42.91 17.70
N LEU RA 210 -76.18 41.86 16.97
CA LEU RA 210 -77.57 41.70 16.52
C LEU RA 210 -78.51 41.68 17.71
N SER RA 211 -78.18 40.91 18.74
CA SER RA 211 -79.00 40.88 19.93
C SER RA 211 -79.15 42.28 20.51
N ALA RA 212 -78.05 43.03 20.57
CA ALA RA 212 -78.11 44.38 21.08
C ALA RA 212 -79.04 45.25 20.24
N ILE RA 213 -78.85 45.21 18.91
CA ILE RA 213 -79.65 46.05 18.03
C ILE RA 213 -81.13 45.68 18.13
N TRP RA 214 -81.42 44.38 18.16
CA TRP RA 214 -82.80 43.94 18.25
C TRP RA 214 -83.48 44.52 19.49
N PHE RA 215 -82.82 44.42 20.64
CA PHE RA 215 -83.41 44.97 21.86
C PHE RA 215 -83.56 46.47 21.78
N GLY RA 216 -82.53 47.16 21.27
CA GLY RA 216 -82.59 48.61 21.20
C GLY RA 216 -83.74 49.08 20.34
N SER RA 217 -83.96 48.42 19.20
CA SER RA 217 -85.12 48.74 18.38
C SER RA 217 -86.41 48.28 19.04
N LEU RA 218 -86.38 47.17 19.76
CA LEU RA 218 -87.58 46.70 20.43
C LEU RA 218 -88.09 47.73 21.42
N THR RA 219 -87.19 48.33 22.18
CA THR RA 219 -87.55 49.40 23.10
C THR RA 219 -87.88 50.69 22.37
N GLY RA 220 -87.66 50.76 21.07
CA GLY RA 220 -87.93 51.96 20.32
C GLY RA 220 -86.85 53.00 20.37
N ARG RA 221 -85.77 52.76 21.12
CA ARG RA 221 -84.68 53.72 21.14
C ARG RA 221 -83.99 53.80 19.77
N LEU RA 222 -83.88 52.68 19.07
CA LEU RA 222 -83.29 52.67 17.74
C LEU RA 222 -84.39 52.74 16.69
N ASN RA 223 -84.35 53.77 15.86
CA ASN RA 223 -85.40 54.03 14.89
C ASN RA 223 -84.78 54.55 13.61
N ARG RA 224 -85.65 54.94 12.67
CA ARG RA 224 -85.17 55.63 11.48
C ARG RA 224 -84.47 56.94 11.85
N SER RA 225 -84.88 57.55 12.96
CA SER RA 225 -84.26 58.79 13.40
C SER RA 225 -82.89 58.55 14.04
N ARG RA 226 -82.72 57.43 14.74
CA ARG RA 226 -81.53 57.19 15.52
C ARG RA 226 -81.16 55.72 15.37
N THR RA 227 -79.93 55.46 14.93
CA THR RA 227 -79.56 54.10 14.57
C THR RA 227 -78.16 53.77 15.08
N CYS RA 228 -77.90 52.48 15.23
CA CYS RA 228 -76.61 51.98 15.65
C CYS RA 228 -75.77 51.73 14.41
N ASN RA 229 -74.81 52.63 14.16
CA ASN RA 229 -73.91 52.53 13.01
C ASN RA 229 -74.67 52.40 11.70
N GLY RA 230 -75.92 52.84 11.66
CA GLY RA 230 -76.73 52.77 10.47
C GLY RA 230 -77.74 51.65 10.46
N PHE RA 231 -77.68 50.73 11.41
CA PHE RA 231 -78.59 49.58 11.44
C PHE RA 231 -79.67 49.77 12.49
N TYR RA 232 -80.79 49.08 12.27
CA TYR RA 232 -81.92 49.04 13.20
C TYR RA 232 -82.92 48.05 12.64
N PHE RA 233 -83.88 47.66 13.48
CA PHE RA 233 -84.93 46.74 13.09
C PHE RA 233 -86.23 47.47 12.86
N GLU RA 234 -87.02 46.94 11.92
CA GLU RA 234 -88.32 47.49 11.60
C GLU RA 234 -89.39 46.47 11.93
N PHE RA 235 -90.44 46.92 12.61
CA PHE RA 235 -91.51 46.04 13.07
C PHE RA 235 -92.75 46.23 12.21
N ALA RA 236 -93.50 45.15 12.04
CA ALA RA 236 -94.69 45.16 11.21
C ALA RA 236 -95.80 45.97 11.88
N LYS RA 237 -96.80 46.31 11.08
CA LYS RA 237 -97.92 47.09 11.59
C LYS RA 237 -98.73 46.28 12.58
N PRO RA 238 -99.09 46.84 13.74
CA PRO RA 238 -99.97 46.12 14.66
C PRO RA 238 -101.34 45.88 14.09
N ALA RA 239 -101.77 46.69 13.12
CA ALA RA 239 -103.11 46.53 12.56
C ALA RA 239 -103.28 45.20 11.84
N LEU RA 240 -102.19 44.59 11.37
CA LEU RA 240 -102.28 43.32 10.68
C LEU RA 240 -101.62 42.19 11.45
N ASN RA 241 -100.32 42.28 11.70
CA ASN RA 241 -99.61 41.27 12.46
C ASN RA 241 -98.28 41.81 12.94
N PRO RA 242 -98.21 42.36 14.15
CA PRO RA 242 -96.95 42.94 14.63
C PRO RA 242 -95.87 41.92 14.94
N ASP RA 243 -96.16 40.62 14.85
CA ASP RA 243 -95.18 39.59 15.20
C ASP RA 243 -94.23 39.34 14.03
N GLN RA 244 -93.48 40.37 13.67
CA GLN RA 244 -92.53 40.25 12.57
C GLN RA 244 -91.57 41.43 12.62
N ALA RA 245 -90.29 41.16 12.33
CA ALA RA 245 -89.30 42.21 12.29
C ALA RA 245 -88.25 41.87 11.25
N VAL RA 246 -87.73 42.91 10.60
CA VAL RA 246 -86.69 42.75 9.59
C VAL RA 246 -85.59 43.76 9.86
N LEU RA 247 -84.41 43.44 9.35
CA LEU RA 247 -83.25 44.30 9.52
C LEU RA 247 -83.30 45.45 8.52
N LYS RA 248 -82.73 46.59 8.91
CA LYS RA 248 -82.69 47.76 8.05
C LYS RA 248 -81.38 48.52 8.28
N TRP RA 249 -80.90 49.15 7.22
CA TRP RA 249 -79.77 50.06 7.31
C TRP RA 249 -80.17 51.39 6.70
N ASN RA 250 -79.72 52.48 7.32
CA ASN RA 250 -80.28 53.78 6.98
C ASN RA 250 -79.25 54.87 7.22
N ASP RA 251 -79.45 56.00 6.56
CA ASP RA 251 -78.60 57.17 6.69
C ASP RA 251 -79.00 58.09 7.83
N GLY RA 252 -79.71 57.58 8.82
CA GLY RA 252 -80.09 58.40 9.95
C GLY RA 252 -78.92 58.67 10.88
N ALA RA 253 -79.16 59.52 11.86
CA ALA RA 253 -78.13 59.85 12.83
C ALA RA 253 -77.71 58.62 13.61
N ARG RA 254 -76.42 58.52 13.88
CA ARG RA 254 -75.84 57.36 14.55
C ARG RA 254 -75.70 57.64 16.04
N ALA RA 255 -76.14 56.68 16.85
CA ALA RA 255 -76.06 56.82 18.30
C ALA RA 255 -74.61 56.71 18.77
N ALA RA 256 -74.31 57.44 19.82
CA ALA RA 256 -72.97 57.42 20.41
C ALA RA 256 -72.79 56.19 21.29
N PRO RA 257 -71.55 55.71 21.43
CA PRO RA 257 -71.29 54.56 22.29
C PRO RA 257 -71.50 54.92 23.75
N PRO RA 258 -71.82 53.93 24.58
CA PRO RA 258 -72.07 54.23 26.00
C PRO RA 258 -70.79 54.65 26.71
N ALA RA 259 -70.98 55.37 27.82
CA ALA RA 259 -69.84 55.80 28.61
C ALA RA 259 -69.06 54.63 29.16
N ALA RA 260 -69.74 53.53 29.49
CA ALA RA 260 -69.08 52.32 29.95
C ALA RA 260 -69.85 51.13 29.42
N ALA RA 261 -69.16 49.99 29.36
CA ALA RA 261 -69.77 48.78 28.82
C ALA RA 261 -71.02 48.42 29.60
N GLN RA 262 -72.08 48.10 28.87
CA GLN RA 262 -73.37 47.76 29.46
C GLN RA 262 -73.68 46.30 29.19
N SER RA 263 -74.33 45.65 30.16
CA SER RA 263 -74.71 44.26 30.00
C SER RA 263 -75.77 43.92 31.05
N SER RA 264 -76.62 42.95 30.71
CA SER RA 264 -77.65 42.48 31.62
C SER RA 264 -78.29 41.23 31.05
N TYR RA 265 -79.09 40.57 31.88
CA TYR RA 265 -79.91 39.45 31.45
C TYR RA 265 -81.35 39.89 31.29
N MET RA 266 -82.08 39.19 30.42
CA MET RA 266 -83.42 39.58 30.04
C MET RA 266 -84.32 38.36 29.99
N ARG RA 267 -85.62 38.61 30.13
CA ARG RA 267 -86.63 37.60 29.90
C ARG RA 267 -87.98 38.30 29.77
N CYS RA 268 -88.92 37.60 29.14
CA CYS RA 268 -90.29 38.09 29.04
C CYS RA 268 -91.07 37.65 30.28
N ILE RA 269 -91.73 38.60 30.93
CA ILE RA 269 -92.41 38.32 32.19
C ILE RA 269 -93.82 37.80 32.00
N SER RA 270 -94.35 37.81 30.77
CA SER RA 270 -95.74 37.49 30.55
C SER RA 270 -95.86 36.29 29.60
N PRO RA 271 -96.94 35.53 29.70
CA PRO RA 271 -97.05 34.30 28.89
C PRO RA 271 -97.12 34.54 27.39
N HIS RA 272 -97.24 35.79 26.93
CA HIS RA 272 -97.40 36.04 25.51
C HIS RA 272 -96.27 35.43 24.69
N TRP RA 273 -95.10 35.32 25.29
CA TRP RA 273 -93.93 34.83 24.56
C TRP RA 273 -94.17 33.46 23.96
N GLN RA 274 -95.02 32.64 24.59
CA GLN RA 274 -95.19 31.27 24.13
C GLN RA 274 -95.75 31.19 22.72
N HIS RA 275 -96.36 32.26 22.23
CA HIS RA 275 -96.98 32.25 20.91
C HIS RA 275 -96.63 33.52 20.15
N GLN RA 276 -95.37 33.92 20.22
CA GLN RA 276 -94.91 35.16 19.59
C GLN RA 276 -93.52 34.92 19.02
N ILE RA 277 -93.42 34.87 17.69
CA ILE RA 277 -92.22 34.34 17.06
C ILE RA 277 -91.02 35.25 17.32
N VAL RA 278 -91.25 36.57 17.39
CA VAL RA 278 -90.11 37.48 17.56
C VAL RA 278 -89.44 37.23 18.91
N GLU RA 279 -90.23 36.92 19.94
CA GLU RA 279 -89.65 36.61 21.23
C GLU RA 279 -88.82 35.34 21.17
N VAL RA 280 -89.36 34.30 20.55
CA VAL RA 280 -88.67 33.03 20.48
C VAL RA 280 -87.36 33.19 19.72
N ALA RA 281 -87.42 33.79 18.53
CA ALA RA 281 -86.22 33.95 17.73
C ALA RA 281 -85.19 34.79 18.44
N GLY RA 282 -85.63 35.92 19.02
CA GLY RA 282 -84.69 36.77 19.70
C GLY RA 282 -83.99 36.07 20.85
N ALA RA 283 -84.75 35.31 21.63
CA ALA RA 283 -84.15 34.58 22.74
C ALA RA 283 -83.15 33.56 22.24
N LEU RA 284 -83.54 32.74 21.27
CA LEU RA 284 -82.65 31.71 20.76
C LEU RA 284 -81.40 32.32 20.17
N MET RA 285 -81.56 33.38 19.39
CA MET RA 285 -80.40 34.05 18.80
C MET RA 285 -79.45 34.53 19.87
N SER RA 286 -79.98 35.21 20.89
CA SER RA 286 -79.13 35.72 21.97
C SER RA 286 -78.48 34.58 22.74
N GLN RA 287 -79.25 33.53 23.02
CA GLN RA 287 -78.71 32.42 23.79
C GLN RA 287 -77.57 31.73 23.04
N SER RA 288 -77.58 31.79 21.71
CA SER RA 288 -76.53 31.13 20.94
C SER RA 288 -75.18 31.73 21.27
N VAL RA 289 -75.12 33.05 21.47
CA VAL RA 289 -73.86 33.69 21.81
C VAL RA 289 -73.32 33.15 23.13
N THR RA 290 -74.16 33.14 24.16
CA THR RA 290 -73.73 32.64 25.45
C THR RA 290 -73.33 31.17 25.37
N ALA RA 291 -73.94 30.42 24.46
CA ALA RA 291 -73.60 29.01 24.34
C ALA RA 291 -72.14 28.82 23.95
N VAL RA 292 -71.65 29.62 23.01
CA VAL RA 292 -70.28 29.42 22.55
C VAL RA 292 -69.29 30.08 23.51
N THR RA 293 -69.68 31.16 24.16
CA THR RA 293 -68.75 31.91 25.00
C THR RA 293 -68.94 31.63 26.49
N GLY RA 294 -69.96 30.89 26.88
CA GLY RA 294 -70.24 30.65 28.28
C GLY RA 294 -70.89 31.85 28.93
N LEU RA 295 -71.34 31.64 30.16
CA LEU RA 295 -72.02 32.71 30.89
C LEU RA 295 -71.00 33.71 31.40
N PRO RA 296 -71.12 34.99 31.07
CA PRO RA 296 -70.15 35.98 31.58
C PRO RA 296 -70.15 36.07 33.09
N ALA RA 297 -71.30 35.91 33.75
CA ALA RA 297 -71.37 36.03 35.19
C ALA RA 297 -72.63 35.36 35.69
N LEU RA 298 -72.66 35.13 37.01
CA LEU RA 298 -73.82 34.52 37.62
C LEU RA 298 -75.04 35.43 37.51
N ILE RA 299 -76.19 34.82 37.37
CA ILE RA 299 -77.45 35.54 37.23
C ILE RA 299 -78.00 35.83 38.61
N ASP RA 300 -78.62 37.00 38.76
CA ASP RA 300 -79.19 37.40 40.03
C ASP RA 300 -80.39 36.52 40.37
N GLU RA 301 -80.41 36.01 41.60
CA GLU RA 301 -81.51 35.15 42.03
C GLU RA 301 -82.75 35.94 42.43
N ALA RA 302 -82.66 37.26 42.51
CA ALA RA 302 -83.65 38.04 43.25
C ALA RA 302 -85.06 37.88 42.70
N THR RA 303 -85.21 37.63 41.40
CA THR RA 303 -86.52 37.64 40.76
C THR RA 303 -86.74 36.37 39.97
N LEU RA 304 -86.44 35.24 40.56
CA LEU RA 304 -86.49 33.95 39.87
C LEU RA 304 -87.35 32.98 40.65
N PRO RA 305 -87.90 31.95 39.98
CA PRO RA 305 -88.70 30.95 40.68
C PRO RA 305 -87.90 30.26 41.77
N ALA RA 306 -88.63 29.55 42.63
CA ALA RA 306 -88.04 28.99 43.83
C ALA RA 306 -86.92 28.01 43.50
N TRP RA 307 -87.13 27.15 42.50
CA TRP RA 307 -86.11 26.17 42.18
C TRP RA 307 -84.85 26.79 41.62
N SER RA 308 -84.91 28.05 41.17
CA SER RA 308 -83.76 28.71 40.60
C SER RA 308 -82.90 29.41 41.64
N GLN RA 309 -83.23 29.29 42.92
CA GLN RA 309 -82.52 30.02 43.96
C GLN RA 309 -81.20 29.32 44.26
N GLY RA 310 -80.09 29.99 43.96
CA GLY RA 310 -78.78 29.49 44.32
C GLY RA 310 -78.32 28.25 43.58
N VAL RA 311 -78.59 28.17 42.29
CA VAL RA 311 -78.11 27.04 41.50
C VAL RA 311 -76.63 27.21 41.24
N ALA RA 312 -75.86 26.15 41.50
CA ALA RA 312 -74.41 26.23 41.36
C ALA RA 312 -74.03 26.55 39.92
N ASN RA 313 -73.02 27.41 39.77
CA ASN RA 313 -72.44 27.82 38.51
C ASN RA 313 -73.42 28.59 37.63
N LEU RA 314 -74.64 28.81 38.09
CA LEU RA 314 -75.64 29.51 37.28
C LEU RA 314 -76.19 30.76 37.94
N THR RA 315 -76.63 30.66 39.19
CA THR RA 315 -77.28 31.77 39.86
C THR RA 315 -76.50 32.12 41.12
N GLY RA 316 -76.63 33.39 41.53
CA GLY RA 316 -75.93 33.85 42.71
C GLY RA 316 -76.55 35.14 43.20
N ASN RA 317 -76.11 35.55 44.39
CA ASN RA 317 -76.53 36.80 44.98
C ASN RA 317 -75.36 37.62 45.50
N GLY RA 318 -74.13 37.24 45.18
CA GLY RA 318 -72.95 37.91 45.68
C GLY RA 318 -72.61 39.14 44.87
N GLN RA 319 -71.36 39.56 44.99
CA GLN RA 319 -70.91 40.78 44.32
C GLN RA 319 -70.83 40.59 42.81
N GLY RA 320 -70.22 39.51 42.36
CA GLY RA 320 -70.05 39.28 40.94
C GLY RA 320 -71.30 38.74 40.28
N VAL RA 321 -72.38 39.51 40.36
CA VAL RA 321 -73.70 39.07 39.91
C VAL RA 321 -74.29 40.12 38.98
N VAL RA 322 -74.79 39.68 37.85
CA VAL RA 322 -75.43 40.56 36.86
C VAL RA 322 -76.93 40.51 37.08
N PRO RA 323 -77.61 41.65 37.20
CA PRO RA 323 -79.06 41.63 37.36
C PRO RA 323 -79.75 41.17 36.08
N CYS RA 324 -80.96 40.66 36.26
CA CYS RA 324 -81.80 40.25 35.14
C CYS RA 324 -83.06 41.09 35.14
N LEU RA 325 -83.37 41.69 34.00
CA LEU RA 325 -84.56 42.49 33.83
C LEU RA 325 -85.62 41.70 33.06
N ASP RA 326 -86.84 42.22 33.09
CA ASP RA 326 -87.96 41.58 32.43
C ASP RA 326 -88.98 42.63 32.05
N TYR RA 327 -89.89 42.24 31.16
CA TYR RA 327 -90.81 43.21 30.60
C TYR RA 327 -92.07 42.49 30.14
N ASN RA 328 -93.11 43.27 29.94
CA ASN RA 328 -94.34 42.81 29.32
C ASN RA 328 -94.48 43.47 27.97
N PRO RA 329 -94.81 42.72 26.92
CA PRO RA 329 -94.85 43.32 25.58
C PRO RA 329 -95.77 44.52 25.46
N VAL RA 330 -96.93 44.48 26.11
CA VAL RA 330 -97.91 45.55 25.94
C VAL RA 330 -97.34 46.86 26.48
N PRO RA 331 -96.88 46.94 27.74
CA PRO RA 331 -96.23 48.19 28.16
C PRO RA 331 -95.02 48.53 27.31
N MET RA 332 -94.27 47.51 26.88
CA MET RA 332 -93.12 47.77 26.02
C MET RA 332 -93.55 48.45 24.73
N ALA RA 333 -94.64 47.96 24.13
CA ALA RA 333 -95.12 48.56 22.89
C ALA RA 333 -95.51 50.02 23.11
N ALA RA 334 -96.19 50.30 24.22
CA ALA RA 334 -96.55 51.68 24.51
C ALA RA 334 -95.30 52.55 24.64
N ALA RA 335 -94.28 52.04 25.31
CA ALA RA 335 -93.04 52.79 25.42
C ALA RA 335 -92.42 53.00 24.05
N ARG RA 336 -92.40 51.96 23.22
CA ARG RA 336 -91.82 52.10 21.90
C ARG RA 336 -92.57 53.15 21.08
N HIS RA 337 -93.90 53.13 21.14
CA HIS RA 337 -94.67 54.11 20.41
C HIS RA 337 -94.39 55.51 20.92
N LEU RA 338 -94.31 55.68 22.25
CA LEU RA 338 -94.05 56.99 22.80
C LEU RA 338 -92.71 57.53 22.32
N GLN RA 339 -91.69 56.68 22.29
CA GLN RA 339 -90.40 57.11 21.80
C GLN RA 339 -90.49 57.58 20.36
N TRP RA 340 -91.30 56.89 19.55
CA TRP RA 340 -91.46 57.29 18.16
C TRP RA 340 -92.04 58.69 18.06
N ARG RA 341 -93.06 59.00 18.87
CA ARG RA 341 -93.64 60.33 18.81
C ARG RA 341 -92.63 61.39 19.23
N GLN RA 342 -91.88 61.11 20.30
CA GLN RA 342 -90.89 62.09 20.74
C GLN RA 342 -89.80 62.29 19.70
N ASP RA 343 -89.43 61.22 18.99
CA ASP RA 343 -88.52 61.39 17.87
C ASP RA 343 -89.19 62.06 16.68
N GLY RA 344 -90.51 62.24 16.71
CA GLY RA 344 -91.20 62.89 15.62
C GLY RA 344 -91.53 61.99 14.46
N LEU RA 345 -91.38 60.67 14.60
CA LEU RA 345 -91.74 59.77 13.52
C LEU RA 345 -93.25 59.69 13.31
N ILE RA 346 -94.04 59.95 14.36
CA ILE RA 346 -95.49 59.85 14.28
C ILE RA 346 -96.11 60.99 15.07
N THR RA 347 -97.39 61.21 14.85
CA THR RA 347 -98.15 62.19 15.60
C THR RA 347 -98.77 61.55 16.84
N ALA RA 348 -99.31 62.39 17.71
CA ALA RA 348 -99.97 61.90 18.91
C ALA RA 348 -101.19 61.06 18.55
N ALA RA 349 -101.94 61.49 17.53
CA ALA RA 349 -103.13 60.74 17.14
C ALA RA 349 -102.75 59.33 16.70
N GLN RA 350 -101.68 59.19 15.93
CA GLN RA 350 -101.22 57.87 15.52
C GLN RA 350 -100.81 57.03 16.72
N GLU RA 351 -100.14 57.65 17.68
CA GLU RA 351 -99.66 56.90 18.84
C GLU RA 351 -100.81 56.27 19.60
N ALA RA 352 -101.89 57.02 19.79
CA ALA RA 352 -103.06 56.45 20.46
C ALA RA 352 -103.61 55.27 19.67
N GLN RA 353 -103.68 55.41 18.34
CA GLN RA 353 -104.21 54.32 17.52
C GLN RA 353 -103.34 53.08 17.62
N LEU RA 354 -102.02 53.27 17.59
CA LEU RA 354 -101.12 52.11 17.67
C LEU RA 354 -101.32 51.35 18.96
N ASN RA 355 -101.48 52.07 20.08
CA ASN RA 355 -101.71 51.40 21.35
C ASN RA 355 -102.99 50.57 21.30
N ASN RA 356 -104.05 51.12 20.74
CA ASN RA 356 -105.30 50.38 20.65
C ASN RA 356 -105.12 49.12 19.80
N ASP RA 357 -104.45 49.26 18.66
CA ASP RA 357 -104.26 48.11 17.78
C ASP RA 357 -103.44 47.03 18.47
N TYR RA 358 -102.33 47.41 19.08
CA TYR RA 358 -101.46 46.42 19.70
C TYR RA 358 -102.17 45.72 20.85
N THR RA 359 -102.88 46.48 21.68
CA THR RA 359 -103.62 45.87 22.78
C THR RA 359 -104.64 44.88 22.25
N ALA RA 360 -105.35 45.25 21.18
CA ALA RA 360 -106.30 44.32 20.57
C ALA RA 360 -105.59 43.07 20.10
N TYR RA 361 -104.45 43.24 19.44
CA TYR RA 361 -103.70 42.08 18.97
C TYR RA 361 -103.28 41.18 20.13
N ALA RA 362 -102.71 41.77 21.17
CA ALA RA 362 -102.24 40.98 22.30
C ALA RA 362 -103.39 40.23 22.95
N LEU RA 363 -104.57 40.85 22.99
CA LEU RA 363 -105.72 40.19 23.60
C LEU RA 363 -106.02 38.88 22.91
N THR RA 364 -105.91 38.84 21.59
CA THR RA 364 -106.14 37.60 20.87
C THR RA 364 -105.15 36.53 21.27
N ILE RA 365 -103.88 36.89 21.40
CA ILE RA 365 -102.86 35.92 21.80
C ILE RA 365 -103.21 35.34 23.16
N GLU RA 366 -103.55 36.21 24.11
CA GLU RA 366 -103.93 35.76 25.43
C GLU RA 366 -105.16 34.86 25.36
N ARG RA 367 -106.18 35.30 24.63
CA ARG RA 367 -107.41 34.52 24.53
C ARG RA 367 -107.15 33.15 23.93
N HIS RA 368 -106.30 33.09 22.92
CA HIS RA 368 -105.95 31.81 22.32
C HIS RA 368 -105.23 30.92 23.32
N LEU RA 369 -104.21 31.46 23.99
CA LEU RA 369 -103.40 30.64 24.88
C LEU RA 369 -104.22 30.12 26.06
N THR RA 370 -104.99 31.01 26.69
CA THR RA 370 -105.74 30.58 27.87
C THR RA 370 -106.75 29.50 27.49
N ALA RA 371 -107.38 29.62 26.33
CA ALA RA 371 -108.25 28.55 25.87
C ALA RA 371 -107.46 27.30 25.54
N MET RA 372 -106.23 27.46 25.07
CA MET RA 372 -105.44 26.29 24.71
C MET RA 372 -105.00 25.51 25.94
N LEU RA 373 -104.80 26.19 27.07
CA LEU RA 373 -104.32 25.49 28.26
C LEU RA 373 -105.36 24.51 28.77
N VAL RA 374 -106.61 24.96 28.92
CA VAL RA 374 -107.65 24.06 29.40
C VAL RA 374 -107.86 22.92 28.42
N ALA RA 375 -107.51 23.13 27.15
CA ALA RA 375 -107.56 22.04 26.18
C ALA RA 375 -106.46 21.02 26.41
N ASN RA 376 -105.36 21.42 27.06
CA ASN RA 376 -104.23 20.53 27.32
C ASN RA 376 -103.82 20.65 28.77
N PRO RA 377 -104.64 20.16 29.69
CA PRO RA 377 -104.28 20.23 31.11
C PRO RA 377 -103.00 19.45 31.38
N ILE RA 378 -102.17 20.00 32.25
CA ILE RA 378 -100.85 19.41 32.48
C ILE RA 378 -100.96 18.06 33.16
N ALA RA 379 -102.09 17.76 33.80
CA ALA RA 379 -102.27 16.45 34.40
C ALA RA 379 -102.36 15.34 33.38
N ALA RA 380 -102.51 15.67 32.10
CA ALA RA 380 -102.60 14.66 31.05
C ALA RA 380 -101.27 13.95 30.81
N GLY RA 381 -100.18 14.42 31.39
CA GLY RA 381 -98.91 13.75 31.27
C GLY RA 381 -97.94 14.33 30.27
N ARG RA 382 -98.37 15.32 29.49
CA ARG RA 382 -97.46 16.02 28.58
C ARG RA 382 -97.79 17.50 28.64
N MET RA 383 -96.75 18.33 28.51
CA MET RA 383 -96.91 19.78 28.64
C MET RA 383 -96.60 20.44 27.31
N PRO RA 384 -97.59 20.66 26.45
CA PRO RA 384 -97.32 21.38 25.21
C PRO RA 384 -97.14 22.87 25.45
N ILE RA 385 -97.75 23.43 26.49
CA ILE RA 385 -97.58 24.85 26.81
C ILE RA 385 -97.36 24.98 28.30
N GLN RA 386 -96.48 25.92 28.67
CA GLN RA 386 -96.16 26.13 30.07
C GLN RA 386 -97.36 26.69 30.82
N PRO RA 387 -97.64 26.21 32.02
CA PRO RA 387 -98.81 26.68 32.76
C PRO RA 387 -98.63 28.12 33.22
N PHE RA 388 -99.78 28.77 33.45
CA PHE RA 388 -99.80 30.16 33.89
C PHE RA 388 -101.14 30.45 34.52
N ASN RA 389 -101.26 31.65 35.08
CA ASN RA 389 -102.51 32.13 35.65
C ASN RA 389 -102.99 33.34 34.87
N ALA RA 390 -104.29 33.63 35.00
CA ALA RA 390 -104.89 34.70 34.21
C ALA RA 390 -104.23 36.04 34.53
N ALA RA 391 -103.88 36.27 35.78
CA ALA RA 391 -103.27 37.54 36.15
C ALA RA 391 -101.91 37.75 35.52
N ASP RA 392 -101.27 36.68 35.07
CA ASP RA 392 -99.91 36.80 34.52
C ASP RA 392 -99.87 37.69 33.29
N PHE RA 393 -100.98 37.82 32.56
CA PHE RA 393 -100.98 38.68 31.39
C PHE RA 393 -100.93 40.15 31.75
N GLY RA 394 -101.25 40.50 32.99
CA GLY RA 394 -101.31 41.89 33.40
C GLY RA 394 -100.08 42.41 34.11
N GLN RA 395 -99.05 41.59 34.29
CA GLN RA 395 -97.87 42.03 35.02
C GLN RA 395 -97.06 43.02 34.19
N ALA RA 396 -96.74 44.16 34.78
CA ALA RA 396 -95.88 45.12 34.12
C ALA RA 396 -94.40 44.78 34.24
N GLY RA 397 -94.03 44.01 35.27
CA GLY RA 397 -92.65 43.62 35.44
C GLY RA 397 -91.75 44.81 35.64
N GLN RA 398 -90.49 44.65 35.23
CA GLN RA 398 -89.50 45.71 35.32
C GLN RA 398 -89.39 46.52 34.04
N THR RA 399 -90.49 46.66 33.30
CA THR RA 399 -90.44 47.27 31.99
C THR RA 399 -89.83 48.66 32.03
N ALA RA 400 -90.12 49.42 33.08
CA ALA RA 400 -89.55 50.76 33.20
C ALA RA 400 -88.03 50.71 33.24
N ALA RA 401 -87.48 49.77 34.01
CA ALA RA 401 -86.04 49.64 34.06
C ALA RA 401 -85.48 49.20 32.72
N ALA RA 402 -86.22 48.36 32.00
CA ALA RA 402 -85.72 47.84 30.72
C ALA RA 402 -85.46 48.97 29.74
N VAL RA 403 -86.45 49.84 29.53
CA VAL RA 403 -86.24 50.95 28.60
C VAL RA 403 -85.17 51.88 29.12
N ALA RA 404 -85.04 52.00 30.44
CA ALA RA 404 -83.97 52.80 31.00
C ALA RA 404 -82.61 52.24 30.60
N LEU RA 405 -82.48 50.91 30.57
CA LEU RA 405 -81.22 50.31 30.17
C LEU RA 405 -80.89 50.66 28.73
N ALA RA 406 -81.86 50.52 27.82
CA ALA RA 406 -81.61 50.88 26.44
C ALA RA 406 -81.27 52.36 26.32
N GLN RA 407 -81.90 53.19 27.15
CA GLN RA 407 -81.57 54.61 27.20
C GLN RA 407 -80.08 54.79 27.45
N ALA RA 408 -79.55 54.07 28.44
CA ALA RA 408 -78.12 54.11 28.73
C ALA RA 408 -77.31 53.31 27.73
N MET RA 409 -77.91 52.31 27.09
CA MET RA 409 -77.15 51.46 26.20
C MET RA 409 -76.83 52.14 24.87
N PHE RA 410 -77.74 52.93 24.34
CA PHE RA 410 -77.53 53.64 23.08
C PHE RA 410 -77.74 55.12 23.36
N VAL RA 411 -76.67 55.80 23.76
CA VAL RA 411 -76.74 57.22 24.06
C VAL RA 411 -76.55 58.02 22.78
#